data_7BW6
#
_entry.id   7BW6
#
_cell.length_a   1.00
_cell.length_b   1.00
_cell.length_c   1.00
_cell.angle_alpha   90.00
_cell.angle_beta   90.00
_cell.angle_gamma   90.00
#
_symmetry.space_group_name_H-M   'P 1'
#
loop_
_entity.id
_entity.type
_entity.pdbx_description
1 polymer 'Major capsid protein'
2 polymer 'Small capsomere-interacting protein'
3 polymer 'Triplex capsid protein 2'
4 polymer 'Triplex capsid protein 1'
#
loop_
_entity_poly.entity_id
_entity_poly.type
_entity_poly.pdbx_seq_one_letter_code
_entity_poly.pdbx_strand_id
1 'polypeptide(L)'
;MTTVSCPANVITTTESDRIAGLFNIPAGIIPTGNVLSTIEVCAHRCIFDFFKQIRSDDNSLYSAQFDILLGTYCNTLNFV
RFLELGLSVACICTKFPELAYVRDGVIQFEVQQPMIARDGPHPVDQPVHNYMVKRIHKRSLSAAFAIASEALSLLSNTYV
DGTEIDSSLRIRAIQQMARNLRTVLDSFERGTADQLLGVLLEKAPPLSLLSPINKFQPEGHLNRVARAALLSDLKRRVCA
DMFFMTRHAREPRLISAYLSDMVSCTQPSVMVSRITHTNTRGRQVDGVLVTTATLKRQLLQGILQIDDTAADVPVTYGEM
VLQGTNLVTALVMGKAVRGMDDVARHLLDITDPNTLNIPSIPPQSNSDSTTAGLPVNARVPADLVIVGDKLVFLEALERR
VYQATRVAYPLIGNIDITFIMPMGVFQANSMDRYTRHAGDFSTVSEQDPRQFPPQGIFFYNKDGILTQLTLRDAMGTICH
SSLLDVEATLVALRQQHLDRQCYFGVYVAEGTEDTLDVQMGRFMETWADMMPHHPHWVNEHLTILQFIAPSNPRLRFELN
PAFDFFVAPGDVDLPGPQRPPEAMPTVNATLRIINGNIPVPLCPISFRDCRGTQLGLGRHTMTPATIKAVKDTFEDRAYP
TIFYMLEAVIHGNERNFCALLRLLTQCIRGYWEQSHRVAFVNNFHMLMYITTYLGNGELPEVCINIYRDLLQHVRALRQT
ITDFTIQGEGHNGETSEALNNILTDDTFIAPILWDCDALIYRDEAARDRLPAIRVSGRNGYQALHFVDMAGHNFQRRDNV
LIHGRPVRGDTGQGIPITPHHDREWGILSKIYYYIVIPAFSRGSCCTMGVRYDRLYPALQAVIVPEIPADEEAPTTPEDP
RHPLHAHQLVPNSLNVYFHNAHLTVDGDALLTLQELMGDMAERTTAILVSSAPDAGAATATTRNMRIYDGALYHGLIMMA
YQAYDETIATGTFFYPVPVNPLFACPEHLASLRGMTNARRVLAKMVPPIPPFLGANHHATIRQPVAYHVTHSKSDFNTLT
YSLLGGYFKFTPISLTHQLRTGFHPGIAFTVVRQDRFATEQLLYAERASESYFVGQIQVHHHDAIGGVNFTLTQPRAHVD
LGVGYTAVCATAALRCPLTDMGNTAQNLFFSRGGVPMLHDNVTESLRRITASGGRLNPTEPLPIFGGLRPATSAGIARGQ
ASVCEFVAMPVSTDLQYFRTACNPRGRASGMLYMGDRDADIEAIMFDHTQSDVAYTDRATLNPWASQKHSYGDRLYNGTY
NLTGASPIYSPCFKFFTPAEVNTNCNTLDRLLMEAKAVASQSSTDTEYQFKRPPGSTEMTQDPCGLFQEAYPPLCSSDAA
MLRTAHAGETGADEVHLAQYLIRDASPLRGCLPLPR
;
A,B,D,F,H,J,L,N,P,R,T,V,X,a,c,e
2 'polypeptide(L)'
;MTQPASSRVVFDPSNPTTFSVEAIAAYTPVALIRLLNASGPLQPGHRVDIADARSIYTVGAAASAARARANHNANTIRRT
AMFAETDPMTWLRPTVGLKRTFNPRIIRPQPPNPSMSLGISGPTILPQKTQSADQSALQQPAALAFSGSSPQHPPPQTTS
ASVGQQQHVVSGSSGQQPQQGAQSSTVQPTTGSPPAAQGVPQSTPPPTQNTPQGGKGQTLSHTGQSGNASRSRRV
;
C,E,G,I,K,M,O,Q,S,U,W,Y,b,d,f
3 'polypeptide(L)'
;MAMPFEIEVLLPGELSPAETSALQKCEGKIITFSTLRHRASLVDIALSSYYINGAPPDTLSLLEAYRMRFAAVITRVIPG
KLLAHAIGVGTPTPGLFIQNTSPVDLCNGDYICLLPPVFGSADSIRLDSVGLEIVFPLTIPQTLMREIIAKVVARAVERT
AAGAQILPHEVLRGADVICYNGRRYELETNLQHRDGSDAAIRTLVLNLMFSINEGCLLLLALIPTLLVQGAHDGYVNLLI
QTANCVRETGQLINIPPMPRIQDGHRRFPIYETISSWISTSSRLGDTLGTRAILRVCVFDGPSTVHPGDRTAVIQV
;
g,h,j,k,m,n,p,q,s,t
4 'polypeptide(L)'
;MGSQPTNSHFTLNEQTLCGTNISLLGNNRFIQIGNGLHMTYAPGFFGNWSRDLTIGPRFGGLNKQPIHVPPKRTETASIQ
VTPRSIVINRMNNIQINPTSIGNPQVTIRLPLNNFKSTTQLIQQVSLTDFFRPDIEHAGSIVLILRHPSDMIGEANTLTQ
AGRDPDVLLEGLRNLFNACTAPWTVGEGGGLRAYVTSLSFIAACRAEEYTDKQAADANRTAIVSAYGCSRMETRLIRFSE
CLRAMVQCHVFPHRFISFFGSLLEYTIQDNLCNITAVAKGPQEAARTDKTSTRRVTANIPACVFWDVDKDLHLSADGLKH
VFLVFVYTQRRQREGVRLHLALSQLNEQCFGRGIGFLLGRIRAENAAWGTEGVANTHQPYNTRALPLVQLSNDPTSPRCS
IGEITGVNWNLARQRLYQWTGDFRGLPTQLSCMYAAYTLIGTIPSESVRYTRRMERFGGYNVPTIWLEGVVWGGTNTWNE
CYY
;
i,l,o,r,w
#
# COMPACT_ATOMS: atom_id res chain seq x y z
N THR A 76 22.19 -74.93 -131.98
CA THR A 76 23.24 -75.09 -130.97
C THR A 76 24.56 -75.50 -131.62
N LEU A 77 25.65 -75.33 -130.89
CA LEU A 77 26.96 -75.71 -131.40
C LEU A 77 27.15 -77.21 -131.31
N ASN A 78 27.96 -77.74 -132.22
CA ASN A 78 28.24 -79.18 -132.24
C ASN A 78 29.17 -79.56 -131.10
N PHE A 79 29.44 -80.86 -130.98
CA PHE A 79 30.31 -81.41 -129.94
C PHE A 79 31.39 -82.23 -130.64
N VAL A 80 32.52 -81.58 -130.94
CA VAL A 80 33.64 -82.28 -131.57
C VAL A 80 34.19 -83.30 -130.58
N ARG A 81 34.65 -84.43 -131.12
CA ARG A 81 35.14 -85.54 -130.31
C ARG A 81 36.55 -85.91 -130.76
N PHE A 82 37.46 -86.01 -129.78
CA PHE A 82 38.86 -86.24 -130.11
C PHE A 82 39.08 -87.60 -130.76
N LEU A 83 38.40 -88.63 -130.25
CA LEU A 83 38.54 -89.96 -130.85
C LEU A 83 38.00 -89.99 -132.26
N GLU A 84 36.93 -89.25 -132.53
CA GLU A 84 36.42 -89.15 -133.89
C GLU A 84 37.35 -88.35 -134.79
N LEU A 85 38.10 -87.40 -134.22
CA LEU A 85 39.12 -86.72 -135.00
C LEU A 85 40.20 -87.70 -135.44
N GLY A 86 40.67 -87.53 -136.68
CA GLY A 86 41.66 -88.43 -137.23
C GLY A 86 43.04 -88.28 -136.61
N LEU A 87 43.28 -87.18 -135.89
CA LEU A 87 44.56 -87.01 -135.20
C LEU A 87 44.76 -88.03 -134.08
N SER A 88 43.70 -88.75 -133.70
CA SER A 88 43.80 -89.74 -132.64
C SER A 88 44.69 -90.93 -133.03
N VAL A 89 45.04 -91.06 -134.31
CA VAL A 89 45.86 -92.19 -134.73
C VAL A 89 47.30 -92.03 -134.26
N ALA A 90 47.73 -90.80 -133.97
CA ALA A 90 49.07 -90.54 -133.47
C ALA A 90 49.12 -90.47 -131.95
N CYS A 91 48.11 -91.00 -131.27
CA CYS A 91 48.04 -90.92 -129.82
C CYS A 91 47.35 -92.16 -129.27
N ILE A 92 47.83 -92.63 -128.12
CA ILE A 92 47.32 -93.83 -127.47
C ILE A 92 46.87 -93.46 -126.07
N CYS A 93 46.27 -92.27 -125.94
CA CYS A 93 45.79 -91.75 -124.66
C CYS A 93 45.08 -92.81 -123.84
N THR A 94 45.39 -92.84 -122.55
CA THR A 94 44.76 -93.77 -121.61
C THR A 94 44.43 -93.04 -120.31
N LYS A 95 43.48 -93.62 -119.58
CA LYS A 95 43.04 -93.06 -118.31
C LYS A 95 44.07 -93.37 -117.23
N PHE A 96 44.30 -92.39 -116.37
CA PHE A 96 45.28 -92.50 -115.29
C PHE A 96 44.86 -91.56 -114.17
N PRO A 97 44.15 -92.06 -113.16
CA PRO A 97 43.65 -91.17 -112.10
C PRO A 97 44.73 -90.65 -111.17
N GLU A 98 45.85 -91.36 -111.04
CA GLU A 98 46.94 -90.96 -110.16
C GLU A 98 47.93 -90.06 -110.86
N LEU A 99 47.53 -89.39 -111.93
CA LEU A 99 48.44 -88.56 -112.71
C LEU A 99 48.99 -87.37 -111.92
N ALA A 100 48.36 -87.02 -110.81
CA ALA A 100 48.80 -85.87 -110.03
C ALA A 100 49.97 -86.18 -109.11
N TYR A 101 50.26 -87.46 -108.85
CA TYR A 101 51.30 -87.85 -107.92
C TYR A 101 52.39 -88.69 -108.57
N VAL A 102 52.61 -88.53 -109.88
CA VAL A 102 53.57 -89.39 -110.57
C VAL A 102 55.00 -89.01 -110.20
N ARG A 103 55.26 -87.72 -109.97
CA ARG A 103 56.58 -87.21 -109.61
C ARG A 103 57.65 -87.68 -110.61
N ASP A 104 57.48 -87.26 -111.86
CA ASP A 104 58.47 -87.45 -112.93
C ASP A 104 58.79 -88.93 -113.15
N GLY A 105 57.77 -89.65 -113.63
CA GLY A 105 57.94 -91.01 -114.04
C GLY A 105 58.87 -91.15 -115.24
N VAL A 106 59.08 -92.40 -115.65
CA VAL A 106 60.02 -92.70 -116.73
C VAL A 106 59.68 -94.08 -117.29
N ILE A 107 60.07 -94.31 -118.54
CA ILE A 107 59.84 -95.58 -119.23
C ILE A 107 61.06 -95.90 -120.08
N GLN A 108 61.24 -97.18 -120.40
CA GLN A 108 62.41 -97.62 -121.13
C GLN A 108 62.10 -98.93 -121.84
N PHE A 109 62.94 -99.24 -122.83
CA PHE A 109 62.85 -100.49 -123.58
C PHE A 109 64.18 -100.70 -124.30
N GLU A 110 64.36 -101.90 -124.85
CA GLU A 110 65.58 -102.26 -125.53
C GLU A 110 65.28 -102.73 -126.95
N VAL A 111 66.13 -102.33 -127.89
CA VAL A 111 66.05 -102.76 -129.28
C VAL A 111 67.36 -103.44 -129.63
N GLN A 112 67.30 -104.35 -130.61
CA GLN A 112 68.47 -105.08 -131.05
C GLN A 112 68.49 -105.16 -132.57
N GLN A 113 69.67 -105.02 -133.15
CA GLN A 113 69.82 -105.11 -134.60
C GLN A 113 70.22 -106.52 -135.02
N PRO A 114 69.55 -107.12 -135.99
CA PRO A 114 69.91 -108.48 -136.43
C PRO A 114 70.88 -108.45 -137.59
N MET A 115 71.77 -109.43 -137.62
CA MET A 115 72.71 -109.59 -138.71
C MET A 115 72.36 -110.82 -139.55
N ILE A 116 72.99 -110.89 -140.71
CA ILE A 116 72.87 -112.03 -141.60
C ILE A 116 74.10 -112.90 -141.45
N ALA A 117 73.97 -114.17 -141.82
CA ALA A 117 75.08 -115.10 -141.70
C ALA A 117 76.22 -114.73 -142.65
N ARG A 118 77.39 -115.29 -142.37
CA ARG A 118 78.59 -115.04 -143.17
C ARG A 118 79.19 -116.37 -143.63
N ASP A 119 80.01 -116.28 -144.66
CA ASP A 119 80.70 -117.45 -145.21
C ASP A 119 82.02 -117.61 -144.47
N GLY A 120 82.04 -118.56 -143.52
CA GLY A 120 83.24 -118.82 -142.75
C GLY A 120 83.34 -117.94 -141.53
N PRO A 121 84.11 -118.36 -140.53
CA PRO A 121 84.27 -117.57 -139.30
C PRO A 121 85.33 -116.51 -139.50
N HIS A 122 84.95 -115.25 -139.32
CA HIS A 122 85.85 -114.13 -139.56
C HIS A 122 86.86 -113.96 -138.42
N PRO A 123 86.44 -113.86 -137.15
CA PRO A 123 85.12 -113.86 -136.52
C PRO A 123 84.53 -112.47 -136.35
N VAL A 124 83.35 -112.39 -135.72
CA VAL A 124 82.68 -111.13 -135.48
C VAL A 124 82.50 -110.93 -133.99
N ASP A 125 81.91 -109.80 -133.59
CA ASP A 125 81.71 -109.44 -132.20
C ASP A 125 80.22 -109.42 -131.87
N GLN A 126 79.93 -109.22 -130.59
CA GLN A 126 78.55 -109.09 -130.16
C GLN A 126 77.95 -107.82 -130.75
N PRO A 127 76.73 -107.88 -131.30
CA PRO A 127 76.25 -106.76 -132.11
C PRO A 127 76.04 -105.46 -131.35
N VAL A 128 75.11 -105.45 -130.40
CA VAL A 128 74.71 -104.20 -129.75
C VAL A 128 73.82 -104.52 -128.56
N HIS A 129 73.76 -103.62 -127.58
CA HIS A 129 72.78 -103.74 -126.50
C HIS A 129 71.56 -102.86 -126.74
N ASN A 130 71.77 -101.56 -126.91
CA ASN A 130 70.71 -100.57 -127.11
C ASN A 130 69.61 -100.69 -126.06
N TYR A 131 69.99 -100.43 -124.81
CA TYR A 131 69.03 -100.29 -123.72
C TYR A 131 68.89 -98.80 -123.44
N MET A 132 67.85 -98.19 -123.99
CA MET A 132 67.63 -96.76 -123.90
C MET A 132 66.43 -96.44 -123.02
N VAL A 133 66.38 -95.19 -122.55
CA VAL A 133 65.37 -94.74 -121.61
C VAL A 133 64.80 -93.41 -122.08
N LYS A 134 63.54 -93.17 -121.73
CA LYS A 134 62.84 -91.94 -122.10
C LYS A 134 61.96 -91.49 -120.94
N ARG A 135 62.00 -90.20 -120.64
CA ARG A 135 61.25 -89.64 -119.53
C ARG A 135 59.95 -89.00 -120.03
N ILE A 136 59.06 -88.72 -119.07
CA ILE A 136 57.74 -88.18 -119.36
C ILE A 136 57.79 -86.67 -119.26
N HIS A 137 56.81 -86.02 -119.87
CA HIS A 137 56.66 -84.57 -119.78
C HIS A 137 55.24 -84.27 -119.32
N LYS A 138 55.13 -83.36 -118.35
CA LYS A 138 53.85 -83.04 -117.73
C LYS A 138 53.28 -81.75 -118.30
N ARG A 139 51.96 -81.62 -118.16
CA ARG A 139 51.23 -80.44 -118.59
C ARG A 139 49.87 -80.46 -117.90
N SER A 140 49.13 -79.37 -118.03
CA SER A 140 47.80 -79.31 -117.43
C SER A 140 46.99 -78.27 -118.17
N LEU A 141 45.67 -78.42 -118.12
CA LEU A 141 44.77 -77.45 -118.73
C LEU A 141 43.58 -77.20 -117.84
N SER A 142 43.10 -75.96 -117.87
CA SER A 142 42.10 -75.46 -116.94
C SER A 142 41.03 -74.66 -117.68
N ALA A 143 39.92 -74.43 -116.99
CA ALA A 143 38.82 -73.64 -117.53
C ALA A 143 37.95 -73.16 -116.38
N ALA A 144 37.67 -71.85 -116.33
CA ALA A 144 36.90 -71.27 -115.25
C ALA A 144 35.41 -71.25 -115.57
N PHE A 145 34.60 -71.01 -114.54
CA PHE A 145 33.15 -71.01 -114.71
C PHE A 145 32.53 -70.28 -113.53
N ALA A 146 31.72 -69.25 -113.82
CA ALA A 146 31.10 -68.41 -112.80
C ALA A 146 29.58 -68.43 -112.96
N ILE A 147 28.87 -68.60 -111.85
CA ILE A 147 27.42 -68.63 -111.81
C ILE A 147 27.00 -67.80 -110.60
N ALA A 148 25.69 -67.78 -110.33
CA ALA A 148 25.08 -67.22 -109.13
C ALA A 148 25.24 -65.71 -109.01
N SER A 149 24.69 -64.97 -109.98
CA SER A 149 24.47 -63.55 -109.81
C SER A 149 23.00 -63.33 -109.50
N GLU A 150 22.63 -63.38 -108.21
CA GLU A 150 21.24 -63.45 -107.78
C GLU A 150 20.54 -64.68 -108.37
N ALA A 151 21.33 -65.71 -108.68
CA ALA A 151 20.83 -66.93 -109.30
C ALA A 151 21.03 -68.17 -108.44
N LEU A 152 21.90 -68.12 -107.42
CA LEU A 152 22.07 -69.27 -106.54
C LEU A 152 20.83 -69.51 -105.70
N SER A 153 19.98 -68.50 -105.54
CA SER A 153 18.75 -68.66 -104.79
C SER A 153 17.80 -69.65 -105.46
N LEU A 154 17.97 -69.89 -106.75
CA LEU A 154 17.14 -70.84 -107.47
C LEU A 154 17.64 -72.27 -107.36
N LEU A 155 18.96 -72.46 -107.32
CA LEU A 155 19.52 -73.79 -107.25
C LEU A 155 19.62 -74.30 -105.81
N SER A 156 19.90 -73.42 -104.85
CA SER A 156 20.06 -73.84 -103.47
C SER A 156 18.73 -74.10 -102.78
N ASN A 157 17.61 -73.66 -103.36
CA ASN A 157 16.31 -73.88 -102.75
C ASN A 157 15.86 -75.32 -102.92
N SER A 168 8.53 -73.39 -112.70
CA SER A 168 9.13 -73.76 -113.98
C SER A 168 10.51 -73.11 -114.13
N LEU A 169 10.71 -72.03 -113.40
CA LEU A 169 12.00 -71.35 -113.39
C LEU A 169 13.12 -72.25 -112.91
N ARG A 170 12.86 -73.11 -111.92
CA ARG A 170 13.86 -74.09 -111.52
C ARG A 170 14.19 -75.04 -112.66
N ILE A 171 13.17 -75.44 -113.43
CA ILE A 171 13.39 -76.37 -114.53
C ILE A 171 14.25 -75.73 -115.60
N ARG A 172 13.94 -74.49 -115.98
CA ARG A 172 14.79 -73.85 -116.97
C ARG A 172 16.14 -73.43 -116.40
N ALA A 173 16.25 -73.31 -115.07
CA ALA A 173 17.56 -73.05 -114.47
C ALA A 173 18.46 -74.27 -114.57
N ILE A 174 17.93 -75.46 -114.26
CA ILE A 174 18.71 -76.66 -114.48
C ILE A 174 18.92 -76.91 -115.97
N GLN A 175 18.01 -76.41 -116.82
CA GLN A 175 18.27 -76.43 -118.26
C GLN A 175 19.50 -75.62 -118.61
N GLN A 176 19.59 -74.40 -118.06
CA GLN A 176 20.78 -73.58 -118.26
C GLN A 176 22.02 -74.28 -117.74
N MET A 177 21.92 -74.90 -116.56
CA MET A 177 23.06 -75.60 -115.99
C MET A 177 23.53 -76.72 -116.92
N ALA A 178 22.60 -77.53 -117.42
CA ALA A 178 22.96 -78.63 -118.30
C ALA A 178 23.54 -78.12 -119.61
N ARG A 179 22.94 -77.07 -120.18
CA ARG A 179 23.39 -76.55 -121.46
C ARG A 179 24.75 -75.86 -121.34
N ASN A 180 25.11 -75.38 -120.16
CA ASN A 180 26.43 -74.78 -119.98
C ASN A 180 27.48 -75.83 -119.64
N LEU A 181 27.12 -76.84 -118.85
CA LEU A 181 28.06 -77.91 -118.55
C LEU A 181 28.37 -78.74 -119.78
N ARG A 182 27.37 -78.99 -120.63
CA ARG A 182 27.62 -79.77 -121.84
C ARG A 182 28.60 -79.07 -122.76
N THR A 183 28.73 -77.75 -122.64
CA THR A 183 29.68 -77.00 -123.43
C THR A 183 31.05 -76.93 -122.76
N VAL A 184 31.07 -76.67 -121.45
CA VAL A 184 32.36 -76.58 -120.76
C VAL A 184 33.05 -77.94 -120.73
N LEU A 185 32.30 -79.03 -120.84
CA LEU A 185 32.91 -80.35 -120.85
C LEU A 185 33.60 -80.62 -122.19
N ASP A 186 32.95 -80.25 -123.30
CA ASP A 186 33.58 -80.44 -124.59
C ASP A 186 34.65 -79.39 -124.85
N SER A 187 34.67 -78.30 -124.07
CA SER A 187 35.78 -77.36 -124.16
C SER A 187 37.10 -78.05 -123.87
N PHE A 188 37.12 -79.00 -122.94
CA PHE A 188 38.34 -79.76 -122.67
C PHE A 188 38.69 -80.69 -123.83
N GLU A 189 37.67 -81.28 -124.46
CA GLU A 189 37.93 -82.12 -125.63
C GLU A 189 38.54 -81.29 -126.75
N ARG A 190 38.09 -80.06 -126.92
CA ARG A 190 38.68 -79.17 -127.90
C ARG A 190 40.10 -78.78 -127.51
N GLY A 191 40.32 -78.50 -126.23
CA GLY A 191 41.66 -78.18 -125.76
C GLY A 191 42.63 -79.34 -125.94
N THR A 192 42.12 -80.57 -125.94
CA THR A 192 42.98 -81.72 -126.18
C THR A 192 43.56 -81.68 -127.59
N ALA A 193 42.69 -81.50 -128.59
CA ALA A 193 43.15 -81.39 -129.97
C ALA A 193 43.89 -80.09 -130.21
N ASP A 194 43.77 -79.11 -129.31
CA ASP A 194 44.61 -77.91 -129.41
C ASP A 194 46.00 -78.16 -128.83
N GLN A 195 46.10 -78.98 -127.79
CA GLN A 195 47.40 -79.42 -127.28
C GLN A 195 48.13 -80.24 -128.34
N LEU A 196 47.45 -81.23 -128.89
CA LEU A 196 47.88 -81.82 -130.15
C LEU A 196 47.87 -80.73 -131.22
N LEU A 197 48.62 -80.97 -132.31
CA LEU A 197 48.85 -79.95 -133.32
C LEU A 197 49.44 -78.70 -132.65
N GLY A 198 50.67 -78.90 -132.17
CA GLY A 198 51.34 -77.92 -131.34
C GLY A 198 52.20 -78.62 -130.31
N VAL A 199 51.87 -79.89 -130.04
CA VAL A 199 52.83 -80.74 -129.34
C VAL A 199 53.82 -81.35 -130.34
N LEU A 200 53.58 -81.20 -131.64
CA LEU A 200 54.46 -81.75 -132.66
C LEU A 200 55.18 -80.68 -133.47
N LEU A 201 54.73 -79.42 -133.40
CA LEU A 201 55.32 -78.38 -134.23
C LEU A 201 56.76 -78.09 -133.82
N GLU A 202 57.05 -78.06 -132.53
CA GLU A 202 58.42 -77.87 -132.07
C GLU A 202 59.21 -79.16 -132.08
N LYS A 203 58.61 -80.28 -132.52
CA LYS A 203 59.32 -81.54 -132.67
C LYS A 203 59.58 -81.90 -134.12
N ALA A 204 58.90 -81.24 -135.07
CA ALA A 204 59.07 -81.55 -136.48
C ALA A 204 60.18 -80.71 -137.08
N PRO A 205 61.23 -81.31 -137.64
CA PRO A 205 62.30 -80.53 -138.26
C PRO A 205 61.97 -80.22 -139.72
N PRO A 206 62.64 -79.23 -140.31
CA PRO A 206 62.35 -78.87 -141.70
C PRO A 206 62.78 -79.95 -142.67
N LEU A 207 61.98 -80.13 -143.72
CA LEU A 207 62.29 -81.14 -144.73
C LEU A 207 63.52 -80.76 -145.54
N SER A 208 63.64 -79.49 -145.91
CA SER A 208 64.80 -79.04 -146.67
C SER A 208 66.10 -79.27 -145.91
N LEU A 209 66.04 -79.36 -144.58
CA LEU A 209 67.20 -79.73 -143.78
C LEU A 209 67.32 -81.24 -143.62
N LEU A 210 66.19 -81.95 -143.52
CA LEU A 210 66.24 -83.36 -143.18
C LEU A 210 66.60 -84.23 -144.38
N SER A 211 65.88 -84.06 -145.49
CA SER A 211 66.03 -85.00 -146.61
C SER A 211 67.45 -85.09 -147.17
N PRO A 212 68.22 -84.00 -147.35
CA PRO A 212 69.59 -84.18 -147.85
C PRO A 212 70.45 -84.99 -146.91
N ILE A 213 70.22 -84.89 -145.60
CA ILE A 213 70.99 -85.70 -144.66
C ILE A 213 70.55 -87.15 -144.74
N ASN A 214 69.26 -87.41 -145.00
CA ASN A 214 68.81 -88.77 -145.18
C ASN A 214 69.41 -89.39 -146.42
N LYS A 215 69.63 -88.59 -147.47
CA LYS A 215 70.39 -89.09 -148.62
C LYS A 215 71.84 -89.35 -148.23
N PHE A 216 72.56 -88.29 -147.85
CA PHE A 216 73.98 -88.40 -147.51
C PHE A 216 74.10 -88.90 -146.08
N GLN A 217 73.98 -90.22 -145.92
CA GLN A 217 74.17 -90.88 -144.64
C GLN A 217 75.06 -92.11 -144.80
N PRO A 218 76.33 -91.91 -145.18
CA PRO A 218 77.25 -93.06 -145.22
C PRO A 218 77.59 -93.56 -143.81
N GLU A 219 78.01 -92.65 -142.94
CA GLU A 219 78.28 -92.99 -141.55
C GLU A 219 77.85 -91.92 -140.56
N GLY A 220 77.22 -90.84 -141.01
CA GLY A 220 76.82 -89.76 -140.12
C GLY A 220 77.85 -88.65 -140.01
N HIS A 221 79.04 -88.97 -139.51
CA HIS A 221 80.09 -87.98 -139.31
C HIS A 221 81.01 -87.93 -140.52
N LEU A 222 81.31 -86.71 -140.97
CA LEU A 222 82.18 -86.48 -142.11
C LEU A 222 83.27 -85.48 -141.73
N ASN A 223 84.27 -85.36 -142.60
CA ASN A 223 85.41 -84.51 -142.34
C ASN A 223 85.07 -83.05 -142.62
N ARG A 224 86.09 -82.19 -142.51
CA ARG A 224 85.87 -80.75 -142.66
C ARG A 224 85.69 -80.34 -144.12
N VAL A 225 86.28 -81.08 -145.05
CA VAL A 225 86.18 -80.69 -146.46
C VAL A 225 84.77 -80.93 -146.98
N ALA A 226 84.04 -81.88 -146.40
CA ALA A 226 82.67 -82.14 -146.82
C ALA A 226 81.67 -81.19 -146.16
N ARG A 227 82.09 -80.43 -145.15
CA ARG A 227 81.18 -79.47 -144.53
C ARG A 227 80.77 -78.38 -145.50
N ALA A 228 81.72 -77.87 -146.29
CA ALA A 228 81.38 -76.88 -147.31
C ALA A 228 80.43 -77.46 -148.35
N ALA A 229 80.64 -78.73 -148.72
CA ALA A 229 79.77 -79.37 -149.70
C ALA A 229 78.35 -79.50 -149.17
N LEU A 230 78.20 -79.97 -147.93
CA LEU A 230 76.87 -80.10 -147.36
C LEU A 230 76.22 -78.73 -147.15
N LEU A 231 77.01 -77.71 -146.83
CA LEU A 231 76.47 -76.36 -146.69
C LEU A 231 75.95 -75.85 -148.03
N SER A 232 76.70 -76.08 -149.11
CA SER A 232 76.23 -75.68 -150.43
C SER A 232 74.96 -76.46 -150.80
N ASP A 233 74.91 -77.74 -150.45
CA ASP A 233 73.71 -78.53 -150.70
C ASP A 233 72.51 -77.94 -149.97
N LEU A 234 72.69 -77.58 -148.69
CA LEU A 234 71.59 -77.02 -147.91
C LEU A 234 71.15 -75.68 -148.48
N LYS A 235 72.10 -74.85 -148.90
CA LYS A 235 71.76 -73.57 -149.51
C LYS A 235 70.95 -73.78 -150.79
N ARG A 236 71.40 -74.70 -151.65
CA ARG A 236 70.68 -74.99 -152.88
C ARG A 236 69.28 -75.51 -152.56
N ARG A 237 69.15 -76.31 -151.49
CA ARG A 237 67.85 -76.87 -151.14
C ARG A 237 66.87 -75.79 -150.67
N VAL A 238 67.33 -74.92 -149.76
CA VAL A 238 66.46 -73.87 -149.27
C VAL A 238 66.16 -72.85 -150.36
N CYS A 239 67.04 -72.71 -151.34
CA CYS A 239 66.75 -71.83 -152.47
C CYS A 239 65.77 -72.48 -153.44
N ALA A 240 65.83 -73.81 -153.58
CA ALA A 240 65.00 -74.49 -154.57
C ALA A 240 63.57 -74.69 -154.06
N ASP A 241 63.42 -75.44 -152.96
CA ASP A 241 62.08 -75.76 -152.47
C ASP A 241 61.73 -74.80 -151.34
N MET A 242 61.01 -73.74 -151.69
CA MET A 242 60.49 -72.78 -150.74
C MET A 242 58.98 -72.71 -150.75
N PHE A 243 58.38 -72.53 -151.92
CA PHE A 243 56.93 -72.46 -152.10
C PHE A 243 56.52 -73.36 -153.25
N PHE A 244 57.00 -74.60 -153.22
CA PHE A 244 56.82 -75.61 -154.26
C PHE A 244 55.41 -75.66 -154.80
N MET A 245 54.41 -75.49 -153.94
CA MET A 245 53.03 -75.58 -154.37
C MET A 245 52.70 -74.52 -155.42
N THR A 246 52.85 -73.25 -155.07
CA THR A 246 52.59 -72.20 -156.04
C THR A 246 53.60 -72.20 -157.18
N ARG A 247 54.84 -72.58 -156.89
CA ARG A 247 55.88 -72.59 -157.92
C ARG A 247 55.51 -73.55 -159.04
N HIS A 248 55.43 -74.83 -158.73
CA HIS A 248 55.02 -75.85 -159.71
C HIS A 248 53.55 -76.17 -159.55
N ALA A 249 52.72 -75.14 -159.66
CA ALA A 249 51.28 -75.32 -159.57
C ALA A 249 50.69 -75.87 -160.86
N ARG A 250 51.32 -75.57 -162.00
CA ARG A 250 50.82 -76.09 -163.27
C ARG A 250 51.13 -77.58 -163.40
N GLU A 251 52.38 -77.97 -163.13
CA GLU A 251 52.78 -79.36 -163.24
C GLU A 251 52.42 -80.12 -161.97
N PRO A 252 51.50 -81.09 -162.05
CA PRO A 252 51.07 -81.83 -160.86
C PRO A 252 51.86 -83.09 -160.55
N ARG A 253 52.95 -83.36 -161.25
CA ARG A 253 53.77 -84.55 -160.99
C ARG A 253 54.92 -84.27 -160.04
N LEU A 254 55.57 -83.11 -160.17
CA LEU A 254 56.61 -82.74 -159.22
C LEU A 254 56.04 -82.62 -157.81
N ILE A 255 54.78 -82.21 -157.68
CA ILE A 255 54.14 -82.13 -156.38
C ILE A 255 54.01 -83.53 -155.77
N SER A 256 53.59 -84.49 -156.58
CA SER A 256 53.50 -85.87 -156.09
C SER A 256 54.87 -86.42 -155.73
N ALA A 257 55.89 -86.04 -156.50
CA ALA A 257 57.25 -86.47 -156.16
C ALA A 257 57.69 -85.90 -154.82
N TYR A 258 57.42 -84.62 -154.59
CA TYR A 258 57.77 -84.00 -153.31
C TYR A 258 56.99 -84.64 -152.16
N LEU A 259 55.73 -85.00 -152.40
CA LEU A 259 54.94 -85.65 -151.36
C LEU A 259 55.49 -87.04 -151.05
N SER A 260 55.90 -87.79 -152.08
CA SER A 260 56.51 -89.09 -151.85
C SER A 260 57.80 -88.95 -151.05
N ASP A 261 58.61 -87.94 -151.39
CA ASP A 261 59.81 -87.67 -150.60
C ASP A 261 59.46 -87.37 -149.15
N MET A 262 58.43 -86.54 -148.93
CA MET A 262 58.05 -86.17 -147.58
C MET A 262 57.61 -87.38 -146.78
N VAL A 263 56.81 -88.27 -147.39
CA VAL A 263 56.29 -89.39 -146.63
C VAL A 263 57.37 -90.45 -146.39
N SER A 264 58.27 -90.64 -147.36
CA SER A 264 59.33 -91.62 -147.20
C SER A 264 60.51 -91.10 -146.39
N CYS A 265 60.54 -89.81 -146.07
CA CYS A 265 61.66 -89.24 -145.34
C CYS A 265 61.69 -89.70 -143.89
N THR A 266 60.53 -89.76 -143.24
CA THR A 266 60.51 -90.04 -141.80
C THR A 266 60.83 -91.52 -141.53
N GLN A 267 61.06 -91.81 -140.26
CA GLN A 267 61.39 -93.16 -139.81
C GLN A 267 60.30 -93.65 -138.86
N PRO A 268 59.65 -94.76 -139.15
CA PRO A 268 58.56 -95.23 -138.28
C PRO A 268 59.09 -95.93 -137.04
N SER A 269 58.22 -95.98 -136.02
CA SER A 269 58.49 -96.74 -134.82
C SER A 269 57.93 -98.15 -134.96
N VAL A 270 58.10 -98.96 -133.94
CA VAL A 270 57.60 -100.32 -133.92
C VAL A 270 56.56 -100.43 -132.81
N MET A 271 55.29 -100.50 -133.20
CA MET A 271 54.18 -100.67 -132.27
C MET A 271 53.19 -101.65 -132.88
N VAL A 272 52.82 -102.66 -132.10
CA VAL A 272 51.99 -103.76 -132.59
C VAL A 272 50.71 -103.84 -131.79
N SER A 273 50.21 -102.68 -131.35
CA SER A 273 49.04 -102.61 -130.48
C SER A 273 47.89 -103.44 -131.02
N ARG A 274 47.06 -103.95 -130.11
CA ARG A 274 46.01 -104.89 -130.49
C ARG A 274 45.03 -104.27 -131.47
N ILE A 275 44.33 -103.22 -131.05
CA ILE A 275 43.37 -102.52 -131.89
C ILE A 275 43.98 -101.19 -132.32
N THR A 276 43.79 -100.84 -133.59
CA THR A 276 44.35 -99.62 -134.14
C THR A 276 43.45 -99.13 -135.26
N HIS A 277 43.80 -97.96 -135.80
CA HIS A 277 43.07 -97.40 -136.93
C HIS A 277 43.44 -98.16 -138.19
N THR A 278 42.43 -98.43 -139.02
CA THR A 278 42.66 -99.13 -140.28
C THR A 278 41.47 -98.90 -141.20
N ASN A 279 41.67 -99.25 -142.46
CA ASN A 279 40.61 -99.12 -143.45
C ASN A 279 39.53 -100.17 -143.21
N THR A 280 38.32 -99.84 -143.64
CA THR A 280 37.20 -100.76 -143.52
C THR A 280 37.33 -101.99 -144.41
N ARG A 281 38.33 -102.02 -145.30
CA ARG A 281 38.49 -103.11 -146.24
C ARG A 281 39.96 -103.52 -146.34
N GLY A 282 40.65 -103.59 -145.20
CA GLY A 282 42.01 -104.06 -145.23
C GLY A 282 43.06 -103.16 -144.64
N ARG A 283 43.91 -102.61 -145.50
CA ARG A 283 45.20 -102.00 -145.17
C ARG A 283 45.17 -101.09 -143.94
N GLN A 284 46.27 -101.10 -143.20
CA GLN A 284 46.42 -100.31 -141.98
C GLN A 284 46.91 -98.91 -142.32
N VAL A 285 46.30 -97.91 -141.70
CA VAL A 285 46.65 -96.51 -141.95
C VAL A 285 47.82 -96.10 -141.07
N ASP A 286 48.68 -95.24 -141.59
CA ASP A 286 49.80 -94.70 -140.82
C ASP A 286 50.13 -93.30 -141.35
N GLY A 287 49.77 -92.28 -140.58
CA GLY A 287 50.15 -90.93 -140.92
C GLY A 287 49.00 -89.97 -141.16
N VAL A 288 49.22 -88.68 -140.89
CA VAL A 288 48.24 -87.64 -141.11
C VAL A 288 48.93 -86.45 -141.76
N LEU A 289 48.18 -85.70 -142.56
CA LEU A 289 48.63 -84.44 -143.12
C LEU A 289 47.55 -83.40 -142.84
N VAL A 290 47.86 -82.43 -141.99
CA VAL A 290 46.94 -81.33 -141.68
C VAL A 290 47.37 -80.11 -142.47
N THR A 291 46.41 -79.44 -143.11
CA THR A 291 46.70 -78.31 -143.98
C THR A 291 45.61 -77.26 -143.82
N THR A 292 45.73 -76.22 -144.64
CA THR A 292 44.63 -75.27 -144.83
C THR A 292 43.64 -75.86 -145.82
N ALA A 293 42.39 -75.38 -145.75
CA ALA A 293 41.35 -75.87 -146.65
C ALA A 293 41.75 -75.69 -148.11
N THR A 294 42.41 -74.57 -148.43
CA THR A 294 42.86 -74.36 -149.80
C THR A 294 43.86 -75.42 -150.24
N LEU A 295 44.81 -75.75 -149.36
CA LEU A 295 45.77 -76.80 -149.68
C LEU A 295 45.08 -78.14 -149.84
N LYS A 296 44.12 -78.46 -148.97
CA LYS A 296 43.39 -79.71 -149.07
C LYS A 296 42.66 -79.80 -150.40
N ARG A 297 41.99 -78.71 -150.80
CA ARG A 297 41.28 -78.71 -152.08
C ARG A 297 42.25 -78.86 -153.24
N GLN A 298 43.36 -78.14 -153.21
CA GLN A 298 44.33 -78.22 -154.30
C GLN A 298 44.93 -79.62 -154.40
N LEU A 299 45.14 -80.29 -153.28
CA LEU A 299 45.70 -81.64 -153.31
C LEU A 299 44.67 -82.67 -153.73
N LEU A 300 43.40 -82.46 -153.37
CA LEU A 300 42.36 -83.41 -153.73
C LEU A 300 41.84 -83.22 -155.15
N GLN A 301 42.12 -82.08 -155.77
CA GLN A 301 41.64 -81.83 -157.12
C GLN A 301 42.18 -82.87 -158.11
N GLY A 302 43.49 -82.88 -158.32
CA GLY A 302 44.07 -83.79 -159.29
C GLY A 302 45.41 -84.37 -158.91
N ILE A 303 45.90 -84.02 -157.71
CA ILE A 303 47.23 -84.46 -157.31
C ILE A 303 47.17 -85.85 -156.69
N LEU A 304 46.20 -86.10 -155.83
CA LEU A 304 46.06 -87.37 -155.15
C LEU A 304 44.78 -88.07 -155.58
N GLN A 305 44.63 -89.31 -155.11
CA GLN A 305 43.46 -90.13 -155.43
C GLN A 305 42.84 -90.63 -154.13
N ILE A 306 41.54 -90.42 -153.99
CA ILE A 306 40.84 -90.78 -152.76
C ILE A 306 40.72 -92.30 -152.69
N ASP A 307 41.00 -92.86 -151.52
CA ASP A 307 40.89 -94.29 -151.29
C ASP A 307 39.55 -94.67 -150.67
N ASP A 308 39.17 -94.02 -149.57
CA ASP A 308 37.93 -94.36 -148.88
C ASP A 308 37.37 -93.10 -148.25
N THR A 309 36.08 -93.14 -147.94
CA THR A 309 35.40 -92.02 -147.31
C THR A 309 35.23 -92.21 -145.80
N ALA A 310 35.29 -93.46 -145.34
CA ALA A 310 35.11 -93.75 -143.92
C ALA A 310 36.01 -94.92 -143.54
N ALA A 311 36.40 -94.95 -142.27
CA ALA A 311 37.24 -96.01 -141.72
C ALA A 311 36.74 -96.35 -140.33
N ASP A 312 37.39 -97.33 -139.70
CA ASP A 312 37.06 -97.77 -138.35
C ASP A 312 38.07 -97.21 -137.36
N VAL A 313 37.58 -96.74 -136.23
CA VAL A 313 38.41 -96.12 -135.20
C VAL A 313 38.03 -96.72 -133.86
N PRO A 314 38.99 -96.96 -132.95
CA PRO A 314 38.64 -97.41 -131.60
C PRO A 314 37.60 -96.48 -130.98
N VAL A 315 36.54 -97.09 -130.43
CA VAL A 315 35.40 -96.30 -129.97
C VAL A 315 35.68 -95.62 -128.65
N THR A 316 36.52 -96.20 -127.79
CA THR A 316 36.79 -95.61 -126.49
C THR A 316 38.19 -96.03 -126.04
N TYR A 317 38.97 -95.05 -125.59
CA TYR A 317 40.31 -95.30 -125.09
C TYR A 317 40.27 -95.63 -123.60
N GLY A 318 41.43 -95.89 -123.03
CA GLY A 318 41.53 -96.15 -121.60
C GLY A 318 42.36 -97.38 -121.26
N GLU A 319 42.93 -97.37 -120.06
CA GLU A 319 43.72 -98.49 -119.58
C GLU A 319 42.88 -99.36 -118.64
N ARG A 379 32.70 -96.90 -136.66
CA ARG A 379 33.21 -96.33 -137.91
C ARG A 379 32.69 -94.92 -138.11
N VAL A 380 33.43 -94.10 -138.85
CA VAL A 380 33.14 -92.67 -138.97
C VAL A 380 33.80 -92.16 -140.25
N PRO A 381 33.15 -91.26 -140.99
CA PRO A 381 33.78 -90.70 -142.19
C PRO A 381 35.09 -90.01 -141.86
N ALA A 382 36.12 -90.31 -142.65
CA ALA A 382 37.47 -89.88 -142.30
C ALA A 382 38.30 -89.31 -143.45
N ASP A 383 37.86 -89.42 -144.70
CA ASP A 383 38.60 -88.91 -145.85
C ASP A 383 39.99 -89.55 -145.95
N LEU A 384 39.98 -90.84 -146.24
CA LEU A 384 41.22 -91.57 -146.48
C LEU A 384 41.76 -91.24 -147.86
N VAL A 385 43.09 -91.26 -147.96
CA VAL A 385 43.76 -90.98 -149.23
C VAL A 385 45.17 -91.56 -149.17
N ILE A 386 45.61 -92.13 -150.29
CA ILE A 386 46.93 -92.74 -150.41
C ILE A 386 47.82 -91.79 -151.20
N VAL A 387 49.07 -91.62 -150.75
CA VAL A 387 49.99 -90.72 -151.45
C VAL A 387 50.88 -91.52 -152.40
N GLY A 388 51.77 -92.35 -151.86
CA GLY A 388 52.45 -93.31 -152.69
C GLY A 388 52.10 -94.74 -152.32
N ASP A 389 52.10 -95.03 -151.03
CA ASP A 389 51.76 -96.36 -150.55
C ASP A 389 51.03 -96.38 -149.22
N LYS A 390 50.70 -95.24 -148.63
CA LYS A 390 50.14 -95.19 -147.29
C LYS A 390 48.84 -94.40 -147.29
N LEU A 391 47.88 -94.87 -146.50
CA LEU A 391 46.53 -94.29 -146.48
C LEU A 391 46.43 -93.12 -145.52
N VAL A 392 47.34 -92.15 -145.64
CA VAL A 392 47.43 -91.10 -144.64
C VAL A 392 46.15 -90.27 -144.63
N PHE A 393 45.77 -89.81 -143.44
CA PHE A 393 44.63 -88.91 -143.31
C PHE A 393 44.95 -87.55 -143.92
N LEU A 394 43.90 -86.85 -144.34
CA LEU A 394 44.00 -85.49 -144.84
C LEU A 394 43.03 -84.62 -144.07
N GLU A 395 43.54 -83.66 -143.30
CA GLU A 395 42.71 -82.87 -142.40
C GLU A 395 42.84 -81.38 -142.69
N ALA A 396 41.76 -80.66 -142.41
CA ALA A 396 41.67 -79.22 -142.61
C ALA A 396 41.02 -78.57 -141.39
N LEU A 397 41.55 -78.87 -140.20
CA LEU A 397 40.88 -78.50 -138.97
C LEU A 397 40.89 -76.99 -138.74
N GLU A 398 39.96 -76.30 -139.37
CA GLU A 398 39.75 -74.88 -139.17
C GLU A 398 38.31 -74.55 -138.79
N ARG A 399 37.34 -75.29 -139.33
CA ARG A 399 35.93 -75.08 -139.01
C ARG A 399 35.47 -75.95 -137.84
N ARG A 400 35.93 -77.19 -137.78
CA ARG A 400 35.57 -78.04 -136.64
C ARG A 400 36.22 -77.53 -135.37
N VAL A 401 37.55 -77.37 -135.39
CA VAL A 401 38.29 -76.78 -134.29
C VAL A 401 38.94 -75.50 -134.81
N TYR A 402 39.24 -74.58 -133.88
CA TYR A 402 39.84 -73.28 -134.16
C TYR A 402 38.87 -72.34 -134.88
N GLN A 403 37.57 -72.63 -134.83
CA GLN A 403 36.56 -71.78 -135.42
C GLN A 403 35.81 -71.04 -134.32
N ALA A 404 35.55 -69.75 -134.54
CA ALA A 404 34.88 -68.90 -133.56
C ALA A 404 35.60 -68.93 -132.21
N THR A 405 36.92 -69.06 -132.25
CA THR A 405 37.75 -69.12 -131.05
C THR A 405 38.91 -68.15 -131.20
N ARG A 406 39.28 -67.51 -130.10
CA ARG A 406 40.34 -66.51 -130.13
C ARG A 406 41.73 -67.14 -130.25
N VAL A 407 41.85 -68.46 -130.09
CA VAL A 407 43.14 -69.10 -130.29
C VAL A 407 43.51 -68.97 -131.76
N ALA A 408 44.76 -68.59 -132.01
CA ALA A 408 45.22 -68.42 -133.39
C ALA A 408 45.55 -69.77 -134.01
N TYR A 409 45.13 -69.93 -135.27
CA TYR A 409 45.41 -71.16 -135.98
C TYR A 409 46.87 -71.20 -136.38
N PRO A 410 47.61 -72.26 -136.05
CA PRO A 410 49.00 -72.37 -136.52
C PRO A 410 49.07 -72.60 -138.01
N LEU A 411 50.28 -72.83 -138.53
CA LEU A 411 50.54 -73.03 -139.95
C LEU A 411 50.27 -71.79 -140.78
N ILE A 412 50.35 -70.60 -140.18
CA ILE A 412 50.22 -69.34 -140.88
C ILE A 412 51.47 -68.52 -140.61
N GLY A 413 52.62 -69.19 -140.55
CA GLY A 413 53.82 -68.55 -140.06
C GLY A 413 54.41 -67.54 -141.03
N ASN A 414 54.92 -66.45 -140.49
CA ASN A 414 55.47 -65.39 -141.32
C ASN A 414 56.92 -65.68 -141.68
N ILE A 415 57.39 -65.01 -142.74
CA ILE A 415 58.73 -65.20 -143.27
C ILE A 415 59.24 -63.84 -143.75
N ASP A 416 60.50 -63.55 -143.41
CA ASP A 416 61.22 -62.36 -143.84
C ASP A 416 62.21 -62.73 -144.94
N ILE A 417 62.32 -61.88 -145.96
CA ILE A 417 63.24 -62.11 -147.07
C ILE A 417 63.84 -60.78 -147.50
N THR A 418 65.15 -60.77 -147.71
CA THR A 418 65.86 -59.58 -148.16
C THR A 418 66.18 -59.66 -149.65
N PHE A 419 66.38 -58.49 -150.25
CA PHE A 419 66.69 -58.37 -151.67
C PHE A 419 67.78 -57.32 -151.85
N ILE A 420 68.62 -57.55 -152.86
CA ILE A 420 69.79 -56.73 -153.11
C ILE A 420 69.86 -56.40 -154.59
N MET A 421 70.18 -55.14 -154.91
CA MET A 421 70.26 -54.73 -156.33
C MET A 421 71.34 -53.67 -156.54
N PRO A 422 72.13 -53.77 -157.60
CA PRO A 422 73.06 -52.68 -157.94
C PRO A 422 72.36 -51.61 -158.75
N MET A 423 72.84 -50.37 -158.60
CA MET A 423 72.18 -49.22 -159.23
C MET A 423 73.03 -48.54 -160.27
N GLY A 424 74.24 -48.11 -159.93
CA GLY A 424 75.03 -47.30 -160.84
C GLY A 424 76.37 -47.88 -161.23
N VAL A 425 76.43 -49.20 -161.41
CA VAL A 425 77.66 -49.86 -161.81
C VAL A 425 77.88 -49.67 -163.31
N PHE A 426 79.14 -49.48 -163.70
CA PHE A 426 79.49 -49.33 -165.11
C PHE A 426 80.70 -50.20 -165.40
N GLN A 427 80.53 -51.20 -166.25
CA GLN A 427 81.65 -52.05 -166.64
C GLN A 427 82.58 -51.26 -167.56
N ALA A 428 83.88 -51.35 -167.27
CA ALA A 428 84.90 -50.61 -168.03
C ALA A 428 85.66 -51.61 -168.91
N ASN A 429 85.14 -51.82 -170.11
CA ASN A 429 85.78 -52.70 -171.08
C ASN A 429 85.38 -52.27 -172.48
N SER A 430 85.97 -52.92 -173.47
CA SER A 430 85.68 -52.62 -174.86
C SER A 430 84.66 -53.59 -175.44
N GLU A 446 71.79 -40.31 -184.39
CA GLU A 446 73.14 -40.44 -184.92
C GLU A 446 74.11 -40.89 -183.84
N GLN A 447 73.71 -40.71 -182.58
CA GLN A 447 74.50 -41.16 -181.44
C GLN A 447 73.61 -42.01 -180.55
N ASP A 448 73.90 -43.30 -180.48
CA ASP A 448 73.06 -44.21 -179.70
C ASP A 448 73.19 -43.91 -178.21
N PRO A 449 72.10 -43.53 -177.53
CA PRO A 449 72.15 -43.25 -176.09
C PRO A 449 72.12 -44.51 -175.23
N ARG A 450 72.97 -45.48 -175.57
CA ARG A 450 73.07 -46.72 -174.81
C ARG A 450 74.50 -47.02 -174.35
N GLN A 451 75.46 -46.19 -174.72
CA GLN A 451 76.84 -46.38 -174.29
C GLN A 451 77.19 -45.59 -173.03
N PHE A 452 76.39 -44.59 -172.68
CA PHE A 452 76.67 -43.81 -171.49
C PHE A 452 76.38 -44.63 -170.24
N PRO A 453 77.10 -44.36 -169.15
CA PRO A 453 76.86 -45.12 -167.91
C PRO A 453 75.48 -44.87 -167.37
N PRO A 454 74.74 -45.93 -167.04
CA PRO A 454 73.38 -45.74 -166.52
C PRO A 454 73.40 -45.19 -165.11
N GLN A 455 72.23 -44.75 -164.66
CA GLN A 455 72.07 -44.16 -163.34
C GLN A 455 70.98 -44.84 -162.51
N GLY A 456 69.87 -45.24 -163.12
CA GLY A 456 68.77 -45.86 -162.42
C GLY A 456 68.69 -47.35 -162.67
N ILE A 457 67.64 -47.95 -162.10
CA ILE A 457 67.38 -49.38 -162.21
C ILE A 457 65.88 -49.60 -162.27
N PHE A 458 65.46 -50.59 -163.04
CA PHE A 458 64.05 -50.93 -163.21
C PHE A 458 63.79 -52.34 -162.70
N PHE A 459 62.62 -52.55 -162.13
CA PHE A 459 62.21 -53.88 -161.69
C PHE A 459 60.69 -53.92 -161.57
N TYR A 460 60.17 -55.04 -161.06
CA TYR A 460 58.74 -55.27 -160.95
C TYR A 460 58.27 -55.04 -159.52
N ASN A 461 57.04 -54.56 -159.39
CA ASN A 461 56.46 -54.24 -158.09
C ASN A 461 55.72 -55.45 -157.55
N LYS A 462 54.90 -55.22 -156.51
CA LYS A 462 54.17 -56.31 -155.86
C LYS A 462 53.16 -56.95 -156.80
N ASP A 463 52.50 -56.16 -157.65
CA ASP A 463 51.48 -56.68 -158.55
C ASP A 463 51.97 -56.82 -159.99
N GLY A 464 53.14 -56.26 -160.30
CA GLY A 464 53.69 -56.37 -161.65
C GLY A 464 53.75 -55.08 -162.43
N ILE A 465 53.81 -53.93 -161.77
CA ILE A 465 53.98 -52.66 -162.45
C ILE A 465 55.44 -52.26 -162.36
N LEU A 466 55.90 -51.50 -163.35
CA LEU A 466 57.29 -51.10 -163.40
C LEU A 466 57.64 -50.17 -162.25
N THR A 467 58.85 -50.34 -161.71
CA THR A 467 59.36 -49.51 -160.63
C THR A 467 60.77 -49.07 -160.98
N GLN A 468 61.04 -47.78 -160.77
CA GLN A 468 62.30 -47.16 -161.16
C GLN A 468 62.97 -46.57 -159.93
N LEU A 469 64.26 -46.83 -159.78
CA LEU A 469 65.08 -46.27 -158.70
C LEU A 469 66.28 -45.57 -159.35
N THR A 470 66.22 -44.26 -159.42
CA THR A 470 67.29 -43.46 -160.01
C THR A 470 68.29 -43.04 -158.94
N LEU A 471 69.18 -42.12 -159.28
CA LEU A 471 70.11 -41.57 -158.30
C LEU A 471 69.54 -40.40 -157.52
N ARG A 472 68.38 -39.87 -157.94
CA ARG A 472 67.82 -38.71 -157.28
C ARG A 472 67.33 -39.04 -155.88
N ASP A 473 66.54 -40.12 -155.74
CA ASP A 473 65.98 -40.47 -154.45
C ASP A 473 67.04 -40.87 -153.42
N ALA A 474 68.27 -41.14 -153.85
CA ALA A 474 69.35 -41.49 -152.94
C ALA A 474 69.99 -40.28 -152.27
N MET A 475 69.41 -39.08 -152.43
CA MET A 475 69.97 -37.89 -151.81
C MET A 475 69.90 -37.92 -150.29
N GLY A 476 68.80 -38.42 -149.72
CA GLY A 476 68.66 -38.48 -148.28
C GLY A 476 69.68 -39.33 -147.57
N THR A 477 70.40 -40.19 -148.30
CA THR A 477 71.43 -41.03 -147.72
C THR A 477 72.83 -40.46 -147.87
N ILE A 478 73.07 -39.64 -148.88
CA ILE A 478 74.40 -39.12 -149.16
C ILE A 478 74.58 -37.67 -148.68
N CYS A 479 73.54 -36.85 -148.75
CA CYS A 479 73.63 -35.44 -148.39
C CYS A 479 73.49 -35.22 -146.90
N HIS A 480 73.70 -36.24 -146.08
CA HIS A 480 73.63 -36.12 -144.65
C HIS A 480 74.98 -35.72 -144.07
N SER A 481 74.95 -35.16 -142.86
CA SER A 481 76.18 -34.78 -142.17
C SER A 481 76.99 -35.98 -141.73
N SER A 482 76.45 -37.19 -141.84
CA SER A 482 77.20 -38.41 -141.50
C SER A 482 78.32 -38.70 -142.48
N LEU A 483 78.55 -37.83 -143.45
CA LEU A 483 79.67 -37.98 -144.37
C LEU A 483 80.95 -37.37 -143.82
N LEU A 484 80.84 -36.51 -142.80
CA LEU A 484 81.96 -35.72 -142.30
C LEU A 484 82.11 -35.88 -140.79
N ASP A 485 82.09 -37.13 -140.33
CA ASP A 485 82.37 -37.42 -138.92
C ASP A 485 83.61 -38.28 -138.83
N VAL A 486 84.65 -37.91 -139.59
CA VAL A 486 85.84 -38.72 -139.79
C VAL A 486 86.74 -38.60 -138.56
N GLU A 487 86.28 -37.87 -137.54
CA GLU A 487 87.10 -37.66 -136.35
C GLU A 487 87.30 -38.96 -135.59
N ALA A 488 86.23 -39.71 -135.36
CA ALA A 488 86.35 -40.98 -134.66
C ALA A 488 87.20 -41.98 -135.43
N THR A 489 87.08 -41.99 -136.77
CA THR A 489 87.91 -42.88 -137.58
C THR A 489 89.37 -42.49 -137.53
N LEU A 490 89.68 -41.19 -137.60
CA LEU A 490 91.06 -40.75 -137.46
C LEU A 490 91.60 -41.12 -136.08
N VAL A 491 90.76 -41.05 -135.06
CA VAL A 491 91.15 -41.48 -133.72
C VAL A 491 91.50 -42.96 -133.73
N ALA A 492 90.65 -43.78 -134.35
CA ALA A 492 90.91 -45.21 -134.42
C ALA A 492 92.21 -45.50 -135.16
N LEU A 493 92.46 -44.79 -136.26
CA LEU A 493 93.70 -44.99 -137.01
C LEU A 493 94.92 -44.54 -136.23
N ARG A 494 94.79 -43.48 -135.43
CA ARG A 494 95.90 -43.04 -134.60
C ARG A 494 96.20 -44.04 -133.49
N GLN A 495 95.17 -44.64 -132.90
CA GLN A 495 95.33 -45.55 -131.78
C GLN A 495 95.68 -46.94 -132.29
N GLN A 496 96.71 -47.00 -133.14
CA GLN A 496 97.30 -48.25 -133.59
C GLN A 496 98.60 -47.91 -134.32
N HIS A 497 99.61 -48.76 -134.20
CA HIS A 497 100.95 -48.39 -134.66
C HIS A 497 101.05 -48.49 -136.17
N LEU A 498 101.31 -47.35 -136.82
CA LEU A 498 101.65 -47.31 -138.24
C LEU A 498 102.75 -46.27 -138.41
N ASP A 499 103.99 -46.72 -138.47
CA ASP A 499 105.10 -45.81 -138.71
C ASP A 499 105.28 -45.59 -140.21
N ARG A 500 105.77 -44.40 -140.55
CA ARG A 500 105.95 -44.04 -141.95
C ARG A 500 107.07 -43.02 -142.07
N GLN A 501 107.72 -43.01 -143.23
CA GLN A 501 108.83 -42.10 -143.49
C GLN A 501 108.64 -41.43 -144.84
N CYS A 502 109.68 -40.73 -145.31
CA CYS A 502 109.67 -40.07 -146.62
C CYS A 502 108.52 -39.07 -146.73
N TYR A 503 108.57 -38.06 -145.85
CA TYR A 503 107.55 -37.02 -145.81
C TYR A 503 107.79 -36.02 -146.93
N PHE A 504 107.55 -36.47 -148.16
CA PHE A 504 107.82 -35.65 -149.32
C PHE A 504 106.70 -34.66 -149.59
N GLY A 505 105.49 -35.16 -149.86
CA GLY A 505 104.39 -34.29 -150.21
C GLY A 505 103.39 -34.09 -149.10
N VAL A 506 103.86 -34.07 -147.86
CA VAL A 506 102.98 -33.90 -146.71
C VAL A 506 103.55 -32.82 -145.80
N TYR A 507 104.53 -32.07 -146.30
CA TYR A 507 105.14 -30.99 -145.54
C TYR A 507 105.09 -29.72 -146.37
N VAL A 508 104.80 -28.60 -145.72
CA VAL A 508 104.68 -27.30 -146.37
C VAL A 508 105.67 -26.34 -145.71
N ALA A 509 106.67 -25.90 -146.47
CA ALA A 509 107.65 -24.96 -145.99
C ALA A 509 107.16 -23.53 -146.24
N GLU A 510 108.05 -22.56 -146.07
CA GLU A 510 107.72 -21.16 -146.29
C GLU A 510 108.88 -20.48 -147.00
N GLY A 511 108.72 -19.18 -147.27
CA GLY A 511 109.72 -18.43 -147.99
C GLY A 511 110.79 -17.87 -147.07
N THR A 512 112.04 -17.94 -147.53
CA THR A 512 113.19 -17.44 -146.78
C THR A 512 113.76 -16.17 -147.40
N GLU A 513 112.90 -15.38 -148.05
CA GLU A 513 113.24 -14.10 -148.65
C GLU A 513 114.25 -14.21 -149.79
N ASP A 514 114.68 -15.42 -150.14
CA ASP A 514 115.44 -15.65 -151.36
C ASP A 514 114.46 -15.76 -152.52
N THR A 515 114.88 -15.31 -153.69
CA THR A 515 113.89 -15.12 -154.75
C THR A 515 113.42 -16.45 -155.33
N LEU A 516 114.26 -17.13 -156.11
CA LEU A 516 113.92 -18.48 -156.56
C LEU A 516 115.08 -19.46 -156.61
N ASP A 517 116.32 -19.00 -156.79
CA ASP A 517 117.35 -19.86 -157.35
C ASP A 517 118.06 -20.67 -156.28
N VAL A 518 118.57 -20.01 -155.24
CA VAL A 518 119.23 -20.74 -154.17
C VAL A 518 118.23 -21.61 -153.44
N GLN A 519 116.99 -21.13 -153.29
CA GLN A 519 115.95 -21.97 -152.70
C GLN A 519 115.64 -23.18 -153.57
N MET A 520 115.61 -22.99 -154.89
CA MET A 520 115.35 -24.11 -155.79
C MET A 520 116.48 -25.13 -155.72
N GLY A 521 117.73 -24.68 -155.65
CA GLY A 521 118.84 -25.61 -155.54
C GLY A 521 118.85 -26.35 -154.21
N ARG A 522 118.55 -25.64 -153.13
CA ARG A 522 118.44 -26.30 -151.83
C ARG A 522 117.34 -27.34 -151.85
N PHE A 523 116.19 -27.00 -152.44
CA PHE A 523 115.11 -27.98 -152.56
C PHE A 523 115.55 -29.18 -153.39
N MET A 524 116.27 -28.93 -154.48
CA MET A 524 116.74 -30.02 -155.33
C MET A 524 117.60 -30.99 -154.52
N GLU A 525 118.60 -30.47 -153.82
CA GLU A 525 119.51 -31.34 -153.06
C GLU A 525 118.77 -32.04 -151.93
N THR A 526 117.95 -31.30 -151.18
CA THR A 526 117.24 -31.89 -150.05
C THR A 526 116.27 -32.98 -150.51
N TRP A 527 115.56 -32.75 -151.60
CA TRP A 527 114.64 -33.76 -152.11
C TRP A 527 115.40 -34.92 -152.74
N ALA A 528 116.62 -34.68 -153.22
CA ALA A 528 117.43 -35.77 -153.73
C ALA A 528 117.87 -36.70 -152.62
N ASP A 529 118.21 -36.15 -151.45
CA ASP A 529 118.73 -36.98 -150.37
C ASP A 529 117.73 -37.21 -149.23
N MET A 530 116.46 -36.83 -149.40
CA MET A 530 115.45 -37.07 -148.37
C MET A 530 114.41 -38.12 -148.79
N MET A 531 114.75 -38.98 -149.76
CA MET A 531 113.79 -39.98 -150.21
C MET A 531 114.22 -41.38 -149.79
N PRO A 532 113.91 -41.81 -148.57
CA PRO A 532 114.26 -43.18 -148.18
C PRO A 532 113.37 -44.22 -148.84
N HIS A 533 112.09 -43.91 -149.05
CA HIS A 533 111.17 -44.85 -149.68
C HIS A 533 110.52 -44.21 -150.89
N HIS A 534 109.53 -44.89 -151.47
CA HIS A 534 108.82 -44.35 -152.60
C HIS A 534 107.41 -43.95 -152.22
N PRO A 535 106.92 -42.81 -152.73
CA PRO A 535 105.55 -42.40 -152.40
C PRO A 535 104.53 -43.39 -152.91
N HIS A 536 103.44 -43.53 -152.15
CA HIS A 536 102.38 -44.47 -152.50
C HIS A 536 101.31 -43.87 -153.39
N TRP A 537 101.39 -42.57 -153.68
CA TRP A 537 100.41 -41.90 -154.54
C TRP A 537 100.86 -41.78 -155.98
N VAL A 538 102.10 -42.17 -156.29
CA VAL A 538 102.61 -42.01 -157.65
C VAL A 538 102.33 -43.22 -158.53
N ASN A 539 102.04 -44.39 -157.95
CA ASN A 539 101.81 -45.60 -158.71
C ASN A 539 100.31 -45.78 -158.94
N GLU A 540 99.76 -44.92 -159.78
CA GLU A 540 98.36 -44.98 -160.17
C GLU A 540 98.15 -45.81 -161.43
N HIS A 541 99.06 -46.72 -161.74
CA HIS A 541 98.98 -47.52 -162.95
C HIS A 541 98.42 -48.91 -162.70
N LEU A 542 98.40 -49.38 -161.46
CA LEU A 542 97.79 -50.66 -161.14
C LEU A 542 96.28 -50.61 -161.42
N THR A 543 95.68 -51.79 -161.56
CA THR A 543 94.25 -51.87 -161.76
C THR A 543 93.55 -52.27 -160.46
N ILE A 544 92.22 -52.30 -160.54
CA ILE A 544 91.39 -52.55 -159.36
C ILE A 544 91.75 -53.89 -158.72
N LEU A 545 92.20 -54.86 -159.53
CA LEU A 545 92.54 -56.17 -158.97
C LEU A 545 93.72 -56.06 -158.00
N GLN A 546 94.82 -55.44 -158.44
CA GLN A 546 95.95 -55.29 -157.55
C GLN A 546 95.68 -54.30 -156.43
N PHE A 547 94.75 -53.35 -156.66
CA PHE A 547 94.37 -52.46 -155.56
C PHE A 547 93.68 -53.23 -154.44
N ILE A 548 92.64 -54.00 -154.79
CA ILE A 548 91.89 -54.78 -153.81
C ILE A 548 92.65 -55.99 -153.29
N ALA A 549 93.75 -56.37 -153.96
CA ALA A 549 94.56 -57.46 -153.45
C ALA A 549 95.11 -57.10 -152.07
N PRO A 550 95.21 -58.06 -151.15
CA PRO A 550 95.68 -57.72 -149.79
C PRO A 550 97.11 -57.21 -149.74
N SER A 551 97.90 -57.38 -150.80
CA SER A 551 99.27 -56.91 -150.81
C SER A 551 99.39 -55.40 -150.90
N ASN A 552 98.30 -54.70 -151.19
CA ASN A 552 98.35 -53.25 -151.34
C ASN A 552 98.58 -52.60 -149.98
N PRO A 553 99.67 -51.84 -149.79
CA PRO A 553 99.88 -51.21 -148.48
C PRO A 553 98.98 -50.02 -148.24
N ARG A 554 98.58 -49.30 -149.29
CA ARG A 554 97.71 -48.15 -149.13
C ARG A 554 96.23 -48.52 -148.99
N LEU A 555 95.91 -49.82 -149.03
CA LEU A 555 94.52 -50.24 -148.91
C LEU A 555 93.93 -49.88 -147.55
N ARG A 556 94.73 -50.02 -146.49
CA ARG A 556 94.23 -49.76 -145.14
C ARG A 556 93.84 -48.31 -144.92
N PHE A 557 94.33 -47.39 -145.75
CA PHE A 557 94.01 -45.98 -145.61
C PHE A 557 92.85 -45.54 -146.48
N GLU A 558 92.36 -46.40 -147.37
CA GLU A 558 91.24 -46.06 -148.24
C GLU A 558 89.95 -46.44 -147.53
N LEU A 559 89.37 -45.48 -146.81
CA LEU A 559 88.15 -45.70 -146.04
C LEU A 559 86.98 -44.88 -146.55
N ASN A 560 87.15 -43.57 -146.71
CA ASN A 560 86.06 -42.73 -147.15
C ASN A 560 86.34 -42.17 -148.54
N PRO A 561 85.32 -42.08 -149.40
CA PRO A 561 85.55 -41.55 -150.75
C PRO A 561 85.78 -40.05 -150.77
N ALA A 562 85.40 -39.32 -149.73
CA ALA A 562 85.58 -37.88 -149.71
C ALA A 562 86.87 -37.45 -149.01
N PHE A 563 87.43 -38.29 -148.15
CA PHE A 563 88.63 -37.95 -147.39
C PHE A 563 89.81 -38.80 -147.86
N ASP A 564 91.01 -38.25 -147.68
CA ASP A 564 92.24 -38.93 -148.04
C ASP A 564 93.10 -39.06 -146.80
N PHE A 565 93.44 -40.29 -146.43
CA PHE A 565 94.19 -40.58 -145.21
C PHE A 565 95.66 -40.78 -145.57
N PHE A 566 96.53 -40.03 -144.88
CA PHE A 566 97.97 -40.08 -145.09
C PHE A 566 98.66 -39.98 -143.73
N VAL A 567 99.97 -40.18 -143.73
CA VAL A 567 100.78 -40.12 -142.51
C VAL A 567 101.76 -38.97 -142.65
N ALA A 568 101.56 -37.93 -141.86
CA ALA A 568 102.42 -36.76 -141.82
C ALA A 568 103.21 -36.73 -140.51
N PRO A 569 104.32 -36.00 -140.47
CA PRO A 569 105.04 -35.84 -139.19
C PRO A 569 104.14 -35.23 -138.14
N GLY A 570 104.34 -35.66 -136.89
CA GLY A 570 103.49 -35.22 -135.80
C GLY A 570 104.03 -33.98 -135.09
N ASP A 571 103.10 -33.22 -134.52
CA ASP A 571 103.42 -32.05 -133.71
C ASP A 571 104.23 -31.02 -134.51
N VAL A 572 103.75 -30.73 -135.73
CA VAL A 572 104.36 -29.72 -136.58
C VAL A 572 103.26 -28.87 -137.18
N ASP A 573 103.51 -27.58 -137.33
CA ASP A 573 102.56 -26.64 -137.90
C ASP A 573 102.93 -26.34 -139.35
N LEU A 574 101.91 -26.19 -140.20
CA LEU A 574 102.10 -25.93 -141.62
C LEU A 574 101.51 -24.58 -141.97
N PRO A 575 102.29 -23.65 -142.55
CA PRO A 575 103.72 -23.87 -142.82
C PRO A 575 104.60 -23.62 -141.60
N GLY A 576 105.85 -24.04 -141.67
CA GLY A 576 106.77 -23.86 -140.58
C GLY A 576 108.17 -23.53 -141.05
N PRO A 577 109.17 -24.21 -140.50
CA PRO A 577 110.56 -23.95 -140.91
C PRO A 577 110.83 -24.46 -142.31
N GLN A 578 112.06 -24.23 -142.81
CA GLN A 578 112.42 -24.70 -144.14
C GLN A 578 112.59 -26.22 -144.15
N ARG A 579 113.05 -26.79 -143.05
CA ARG A 579 113.19 -28.24 -142.94
C ARG A 579 112.31 -28.79 -141.83
N PRO A 580 111.54 -29.84 -142.11
CA PRO A 580 110.64 -30.38 -141.09
C PRO A 580 111.41 -31.07 -139.98
N PRO A 581 111.13 -30.71 -138.73
CA PRO A 581 111.80 -31.40 -137.62
C PRO A 581 111.33 -32.83 -137.50
N GLU A 582 112.18 -33.67 -136.91
CA GLU A 582 111.90 -35.09 -136.81
C GLU A 582 111.06 -35.38 -135.57
N ALA A 583 110.00 -36.16 -135.74
CA ALA A 583 109.10 -36.53 -134.65
C ALA A 583 108.38 -37.82 -135.06
N MET A 584 107.35 -38.18 -134.28
CA MET A 584 106.57 -39.37 -134.58
C MET A 584 105.55 -39.07 -135.67
N PRO A 585 105.57 -39.80 -136.79
CA PRO A 585 104.60 -39.53 -137.85
C PRO A 585 103.19 -39.88 -137.40
N THR A 586 102.29 -38.90 -137.52
CA THR A 586 100.90 -39.05 -137.11
C THR A 586 100.01 -39.03 -138.35
N VAL A 587 99.05 -39.96 -138.40
CA VAL A 587 98.15 -40.04 -139.53
C VAL A 587 97.21 -38.83 -139.53
N ASN A 588 96.99 -38.26 -140.72
CA ASN A 588 96.09 -37.13 -140.89
C ASN A 588 95.19 -37.41 -142.10
N ALA A 589 94.20 -36.54 -142.29
CA ALA A 589 93.22 -36.71 -143.35
C ALA A 589 92.84 -35.35 -143.93
N THR A 590 93.03 -35.18 -145.23
CA THR A 590 92.54 -34.01 -145.94
C THR A 590 91.16 -34.31 -146.51
N LEU A 591 90.69 -33.42 -147.38
CA LEU A 591 89.38 -33.54 -148.00
C LEU A 591 89.56 -33.46 -149.51
N ARG A 592 88.91 -34.37 -150.24
CA ARG A 592 88.91 -34.34 -151.69
C ARG A 592 87.90 -33.30 -152.13
N ILE A 593 88.36 -32.07 -152.34
CA ILE A 593 87.46 -31.00 -152.75
C ILE A 593 86.87 -31.31 -154.13
N ILE A 594 87.66 -31.90 -155.01
CA ILE A 594 87.25 -32.18 -156.38
C ILE A 594 87.06 -33.69 -156.52
N ASN A 595 85.93 -34.08 -157.12
CA ASN A 595 85.65 -35.50 -157.34
C ASN A 595 86.62 -36.14 -158.32
N GLY A 596 87.36 -35.35 -159.09
CA GLY A 596 88.40 -35.90 -159.93
C GLY A 596 89.65 -36.35 -159.21
N ASN A 597 89.76 -36.04 -157.92
CA ASN A 597 90.88 -36.47 -157.11
C ASN A 597 90.79 -37.93 -156.68
N ILE A 598 89.75 -38.64 -157.11
CA ILE A 598 89.66 -40.06 -156.79
C ILE A 598 90.72 -40.83 -157.57
N PRO A 599 91.37 -41.83 -156.98
CA PRO A 599 92.40 -42.57 -157.72
C PRO A 599 91.86 -43.23 -158.97
N VAL A 600 92.71 -43.29 -159.99
CA VAL A 600 92.31 -43.88 -161.27
C VAL A 600 91.96 -45.36 -161.14
N PRO A 601 92.70 -46.19 -160.39
CA PRO A 601 92.24 -47.57 -160.21
C PRO A 601 90.83 -47.67 -159.66
N LEU A 602 90.40 -46.69 -158.87
CA LEU A 602 89.03 -46.68 -158.37
C LEU A 602 88.06 -46.20 -159.45
N CYS A 603 88.33 -45.04 -160.04
CA CYS A 603 87.54 -44.52 -161.15
C CYS A 603 88.33 -44.64 -162.43
N PRO A 604 88.05 -45.63 -163.29
CA PRO A 604 88.88 -45.86 -164.47
C PRO A 604 88.81 -44.68 -165.44
N ILE A 605 89.77 -44.66 -166.36
CA ILE A 605 89.84 -43.58 -167.34
C ILE A 605 88.69 -43.68 -168.34
N SER A 606 88.34 -44.91 -168.73
CA SER A 606 87.28 -45.10 -169.72
C SER A 606 85.96 -44.53 -169.24
N PHE A 607 85.69 -44.63 -167.93
CA PHE A 607 84.49 -44.03 -167.38
C PHE A 607 84.50 -42.52 -167.58
N ARG A 608 85.64 -41.88 -167.31
CA ARG A 608 85.74 -40.44 -167.51
C ARG A 608 85.60 -40.08 -168.98
N ASP A 609 86.13 -40.93 -169.87
CA ASP A 609 86.02 -40.65 -171.31
C ASP A 609 84.57 -40.71 -171.76
N CYS A 610 83.84 -41.76 -171.34
CA CYS A 610 82.44 -41.86 -171.76
C CYS A 610 81.60 -40.76 -171.10
N ARG A 611 81.91 -40.39 -169.87
CA ARG A 611 81.22 -39.26 -169.25
C ARG A 611 81.46 -37.97 -170.03
N GLY A 612 82.71 -37.74 -170.46
CA GLY A 612 83.02 -36.53 -171.19
C GLY A 612 82.34 -36.48 -172.54
N THR A 613 82.29 -37.62 -173.26
CA THR A 613 81.60 -37.62 -174.54
C THR A 613 80.09 -37.60 -174.36
N GLN A 614 79.58 -37.98 -173.18
CA GLN A 614 78.17 -37.79 -172.90
C GLN A 614 77.88 -36.32 -172.57
N LEU A 615 78.85 -35.62 -171.98
CA LEU A 615 78.69 -34.20 -171.76
C LEU A 615 78.69 -33.43 -173.08
N GLY A 616 79.72 -33.65 -173.88
CA GLY A 616 79.83 -32.96 -175.16
C GLY A 616 78.99 -33.56 -176.27
N LEU A 617 77.67 -33.58 -176.09
CA LEU A 617 76.80 -34.16 -177.10
C LEU A 617 76.54 -33.17 -178.24
N GLY A 618 75.92 -32.04 -177.94
CA GLY A 618 75.58 -31.08 -178.97
C GLY A 618 76.13 -29.70 -178.69
N ARG A 619 77.23 -29.62 -177.95
CA ARG A 619 77.86 -28.35 -177.62
C ARG A 619 78.81 -27.94 -178.74
N HIS A 620 79.40 -26.75 -178.60
CA HIS A 620 80.30 -26.24 -179.63
C HIS A 620 81.59 -27.03 -179.65
N THR A 621 82.07 -27.33 -180.85
CA THR A 621 83.33 -28.03 -181.05
C THR A 621 84.23 -27.21 -181.97
N MET A 622 85.43 -27.73 -182.21
CA MET A 622 86.42 -27.05 -183.03
C MET A 622 86.67 -27.83 -184.31
N THR A 623 87.20 -27.12 -185.32
CA THR A 623 87.39 -27.83 -186.57
C THR A 623 88.77 -28.48 -186.63
N PRO A 624 88.90 -29.58 -187.36
CA PRO A 624 90.22 -30.22 -187.49
C PRO A 624 91.29 -29.29 -188.01
N ALA A 625 90.93 -28.27 -188.80
CA ALA A 625 91.91 -27.32 -189.30
C ALA A 625 92.60 -26.58 -188.16
N THR A 626 91.80 -25.90 -187.32
CA THR A 626 92.37 -25.17 -186.20
C THR A 626 93.00 -26.12 -185.19
N ILE A 627 92.44 -27.33 -185.06
CA ILE A 627 93.02 -28.32 -184.16
C ILE A 627 94.44 -28.66 -184.58
N LYS A 628 94.63 -28.98 -185.86
CA LYS A 628 95.95 -29.31 -186.37
C LYS A 628 96.89 -28.12 -186.27
N ALA A 629 96.41 -26.92 -186.59
CA ALA A 629 97.27 -25.75 -186.51
C ALA A 629 97.76 -25.53 -185.07
N VAL A 630 96.84 -25.56 -184.11
CA VAL A 630 97.22 -25.26 -182.74
C VAL A 630 98.08 -26.38 -182.17
N LYS A 631 97.84 -27.63 -182.58
CA LYS A 631 98.70 -28.71 -182.11
C LYS A 631 100.11 -28.58 -182.69
N ASP A 632 100.24 -28.34 -184.00
CA ASP A 632 101.55 -28.07 -184.57
C ASP A 632 102.27 -26.96 -183.79
N THR A 633 101.53 -25.91 -183.42
CA THR A 633 102.12 -24.88 -182.56
C THR A 633 102.63 -25.46 -181.24
N PHE A 634 101.79 -26.26 -180.58
CA PHE A 634 102.16 -26.83 -179.28
C PHE A 634 103.40 -27.72 -179.39
N GLU A 635 103.29 -28.80 -180.15
CA GLU A 635 104.37 -29.76 -180.32
C GLU A 635 105.56 -29.23 -181.13
N ASP A 636 105.48 -28.01 -181.65
CA ASP A 636 106.64 -27.44 -182.34
C ASP A 636 107.77 -27.21 -181.36
N ARG A 637 108.99 -27.56 -181.79
CA ARG A 637 110.19 -27.34 -180.99
C ARG A 637 111.05 -26.20 -181.51
N ALA A 638 110.79 -25.72 -182.73
CA ALA A 638 111.53 -24.59 -183.29
C ALA A 638 110.98 -23.25 -182.84
N TYR A 639 110.25 -23.22 -181.73
CA TYR A 639 109.68 -21.99 -181.21
C TYR A 639 110.81 -21.04 -180.81
N PRO A 640 110.93 -19.87 -181.43
CA PRO A 640 112.05 -18.98 -181.10
C PRO A 640 111.89 -18.33 -179.73
N THR A 641 113.02 -18.20 -179.03
CA THR A 641 113.05 -17.56 -177.72
C THR A 641 112.65 -16.09 -177.76
N ILE A 642 112.72 -15.47 -178.94
CA ILE A 642 112.33 -14.06 -179.06
C ILE A 642 110.89 -13.86 -178.64
N PHE A 643 110.02 -14.84 -178.92
CA PHE A 643 108.62 -14.72 -178.51
C PHE A 643 108.47 -14.71 -177.00
N TYR A 644 109.18 -15.61 -176.31
CA TYR A 644 109.20 -15.57 -174.85
C TYR A 644 109.73 -14.23 -174.35
N MET A 645 110.73 -13.68 -175.05
CA MET A 645 111.27 -12.38 -174.66
C MET A 645 110.22 -11.28 -174.77
N LEU A 646 109.48 -11.27 -175.88
CA LEU A 646 108.41 -10.28 -176.05
C LEU A 646 107.34 -10.46 -174.96
N GLU A 647 106.98 -11.70 -174.66
CA GLU A 647 105.99 -11.94 -173.62
C GLU A 647 106.47 -11.41 -172.28
N ALA A 648 107.73 -11.67 -171.94
CA ALA A 648 108.26 -11.22 -170.66
C ALA A 648 108.34 -9.70 -170.57
N VAL A 649 108.74 -9.05 -171.67
CA VAL A 649 108.89 -7.59 -171.60
C VAL A 649 107.52 -6.91 -171.62
N ILE A 650 106.54 -7.51 -172.30
CA ILE A 650 105.19 -6.94 -172.27
C ILE A 650 104.56 -7.14 -170.90
N HIS A 651 104.79 -8.30 -170.29
CA HIS A 651 104.30 -8.64 -168.94
C HIS A 651 102.81 -8.35 -168.78
N GLY A 652 102.07 -8.40 -169.89
CA GLY A 652 100.63 -8.21 -169.85
C GLY A 652 100.19 -6.82 -169.49
N ASN A 653 100.46 -5.86 -170.37
CA ASN A 653 100.03 -4.48 -170.19
C ASN A 653 99.42 -3.95 -171.47
N GLU A 654 98.23 -3.37 -171.37
CA GLU A 654 97.56 -2.84 -172.55
C GLU A 654 98.32 -1.66 -173.14
N ARG A 655 98.91 -0.82 -172.28
CA ARG A 655 99.68 0.32 -172.77
C ARG A 655 100.89 -0.15 -173.56
N ASN A 656 101.46 -1.31 -173.20
CA ASN A 656 102.56 -1.86 -173.97
C ASN A 656 102.07 -2.53 -175.25
N PHE A 657 100.91 -3.19 -175.17
CA PHE A 657 100.39 -3.90 -176.34
C PHE A 657 100.03 -2.93 -177.46
N CYS A 658 99.28 -1.87 -177.13
CA CYS A 658 98.88 -0.92 -178.16
C CYS A 658 100.08 -0.20 -178.76
N ALA A 659 101.18 -0.09 -178.03
CA ALA A 659 102.38 0.54 -178.57
C ALA A 659 103.17 -0.43 -179.44
N LEU A 660 103.22 -1.71 -179.06
CA LEU A 660 103.95 -2.69 -179.84
C LEU A 660 103.12 -3.28 -180.98
N LEU A 661 101.87 -2.85 -181.16
CA LEU A 661 100.98 -3.42 -182.16
C LEU A 661 101.65 -3.64 -183.51
N ARG A 662 102.50 -2.70 -183.94
CA ARG A 662 103.14 -2.81 -185.25
C ARG A 662 104.04 -4.03 -185.33
N LEU A 663 105.06 -4.09 -184.46
CA LEU A 663 105.99 -5.21 -184.47
C LEU A 663 105.28 -6.53 -184.22
N LEU A 664 104.22 -6.50 -183.39
CA LEU A 664 103.46 -7.72 -183.14
C LEU A 664 102.83 -8.25 -184.42
N THR A 665 102.14 -7.37 -185.16
CA THR A 665 101.55 -7.77 -186.44
C THR A 665 102.64 -8.30 -187.38
N GLN A 666 103.75 -7.59 -187.47
CA GLN A 666 104.81 -8.00 -188.39
C GLN A 666 105.34 -9.39 -188.05
N CYS A 667 105.66 -9.64 -186.78
CA CYS A 667 106.25 -10.92 -186.42
C CYS A 667 105.23 -12.05 -186.49
N ILE A 668 103.96 -11.78 -186.15
CA ILE A 668 102.97 -12.85 -186.23
C ILE A 668 102.71 -13.22 -187.68
N ARG A 669 102.71 -12.22 -188.58
CA ARG A 669 102.56 -12.53 -190.00
C ARG A 669 103.76 -13.32 -190.51
N GLY A 670 104.97 -12.91 -190.11
CA GLY A 670 106.16 -13.63 -190.54
C GLY A 670 106.19 -15.06 -190.04
N TYR A 671 105.72 -15.28 -188.82
CA TYR A 671 105.69 -16.64 -188.26
C TYR A 671 104.60 -17.48 -188.90
N TRP A 672 103.45 -16.89 -189.22
CA TRP A 672 102.37 -17.67 -189.80
C TRP A 672 102.60 -17.97 -191.28
N GLU A 673 103.28 -17.08 -192.00
CA GLU A 673 103.55 -17.29 -193.42
C GLU A 673 104.82 -18.10 -193.66
N GLN A 674 105.35 -18.75 -192.64
CA GLN A 674 106.52 -19.61 -192.79
C GLN A 674 106.23 -21.06 -192.42
N SER A 675 105.39 -21.29 -191.41
CA SER A 675 105.06 -22.65 -191.00
C SER A 675 103.58 -22.86 -190.74
N HIS A 676 102.74 -21.84 -190.93
CA HIS A 676 101.30 -21.94 -190.72
C HIS A 676 100.97 -22.41 -189.30
N ARG A 677 101.56 -21.73 -188.33
CA ARG A 677 101.30 -22.00 -186.92
C ARG A 677 100.98 -20.69 -186.22
N VAL A 678 99.92 -20.70 -185.42
CA VAL A 678 99.50 -19.50 -184.69
C VAL A 678 100.31 -19.42 -183.40
N ALA A 679 101.04 -18.33 -183.23
CA ALA A 679 101.91 -18.15 -182.08
C ALA A 679 101.23 -17.30 -181.01
N PHE A 680 101.98 -17.01 -179.94
CA PHE A 680 101.51 -16.20 -178.82
C PHE A 680 100.29 -16.81 -178.14
N VAL A 681 100.17 -18.14 -178.19
CA VAL A 681 99.13 -18.85 -177.48
C VAL A 681 99.61 -19.40 -176.15
N ASN A 682 100.87 -19.12 -175.79
CA ASN A 682 101.40 -19.55 -174.50
C ASN A 682 100.62 -18.94 -173.35
N ASN A 683 100.61 -17.61 -173.27
CA ASN A 683 99.97 -16.91 -172.17
C ASN A 683 98.54 -16.53 -172.53
N PHE A 684 97.74 -16.33 -171.49
CA PHE A 684 96.34 -15.97 -171.71
C PHE A 684 96.22 -14.55 -172.24
N HIS A 685 96.92 -13.60 -171.63
CA HIS A 685 96.72 -12.19 -171.95
C HIS A 685 97.43 -11.80 -173.24
N MET A 686 97.19 -12.55 -174.30
CA MET A 686 97.62 -12.11 -175.63
C MET A 686 96.51 -12.21 -176.67
N LEU A 687 95.71 -13.28 -176.64
CA LEU A 687 94.82 -13.53 -177.76
C LEU A 687 93.53 -12.73 -177.65
N MET A 688 93.07 -12.41 -176.45
CA MET A 688 91.94 -11.48 -176.35
C MET A 688 92.30 -10.11 -176.89
N TYR A 689 93.51 -9.64 -176.55
CA TYR A 689 93.99 -8.38 -177.12
C TYR A 689 94.09 -8.47 -178.64
N ILE A 690 94.63 -9.60 -179.14
CA ILE A 690 94.71 -9.80 -180.59
C ILE A 690 93.33 -9.68 -181.22
N THR A 691 92.34 -10.35 -180.62
CA THR A 691 91.01 -10.38 -181.22
C THR A 691 90.33 -9.02 -181.14
N THR A 692 90.54 -8.27 -180.06
CA THR A 692 89.81 -7.01 -179.90
C THR A 692 90.46 -5.89 -180.72
N TYR A 693 91.79 -5.83 -180.75
CA TYR A 693 92.46 -4.78 -181.49
C TYR A 693 92.63 -5.16 -182.96
N LEU A 694 93.30 -6.27 -183.21
CA LEU A 694 93.61 -6.71 -184.57
C LEU A 694 92.53 -7.67 -185.06
N GLY A 695 91.39 -7.10 -185.41
CA GLY A 695 90.26 -7.90 -185.86
C GLY A 695 89.48 -7.29 -186.99
N ASN A 696 90.13 -6.44 -187.80
CA ASN A 696 89.46 -5.73 -188.87
C ASN A 696 89.92 -6.16 -190.27
N GLY A 697 90.83 -7.13 -190.37
CA GLY A 697 91.26 -7.62 -191.67
C GLY A 697 92.73 -7.42 -191.94
N GLU A 698 93.46 -6.90 -190.95
CA GLU A 698 94.90 -6.69 -191.10
C GLU A 698 95.65 -8.01 -191.26
N LEU A 699 95.07 -9.11 -190.84
CA LEU A 699 95.68 -10.43 -190.90
C LEU A 699 94.88 -11.33 -191.84
N PRO A 700 95.43 -12.45 -192.28
CA PRO A 700 94.67 -13.38 -193.11
C PRO A 700 93.43 -13.88 -192.39
N GLU A 701 92.55 -14.53 -193.14
CA GLU A 701 91.28 -15.04 -192.64
C GLU A 701 91.39 -16.42 -192.05
N VAL A 702 92.57 -16.80 -191.54
CA VAL A 702 92.81 -18.10 -190.94
C VAL A 702 93.17 -17.98 -189.47
N CYS A 703 94.16 -17.14 -189.16
CA CYS A 703 94.62 -17.02 -187.77
C CYS A 703 93.55 -16.41 -186.88
N ILE A 704 92.88 -15.35 -187.35
CA ILE A 704 91.81 -14.75 -186.57
C ILE A 704 90.67 -15.72 -186.41
N ASN A 705 90.41 -16.56 -187.41
CA ASN A 705 89.37 -17.58 -187.28
C ASN A 705 89.75 -18.61 -186.24
N ILE A 706 91.03 -19.00 -186.21
CA ILE A 706 91.49 -19.92 -185.17
C ILE A 706 91.31 -19.31 -183.79
N TYR A 707 91.69 -18.05 -183.64
CA TYR A 707 91.51 -17.35 -182.36
C TYR A 707 90.04 -17.34 -181.95
N ARG A 708 89.16 -16.98 -182.89
CA ARG A 708 87.74 -16.90 -182.58
C ARG A 708 87.17 -18.27 -182.23
N ASP A 709 87.60 -19.31 -182.94
CA ASP A 709 87.11 -20.65 -182.64
C ASP A 709 87.55 -21.11 -181.25
N LEU A 710 88.81 -20.83 -180.89
CA LEU A 710 89.25 -21.17 -179.54
C LEU A 710 88.44 -20.42 -178.49
N LEU A 711 88.25 -19.11 -178.71
CA LEU A 711 87.50 -18.33 -177.74
C LEU A 711 86.06 -18.83 -177.62
N GLN A 712 85.46 -19.23 -178.73
CA GLN A 712 84.11 -19.77 -178.68
C GLN A 712 84.08 -21.11 -177.98
N HIS A 713 85.12 -21.93 -178.13
CA HIS A 713 85.15 -23.20 -177.41
C HIS A 713 85.24 -22.97 -175.91
N VAL A 714 86.06 -22.02 -175.49
CA VAL A 714 86.20 -21.75 -174.05
C VAL A 714 84.90 -21.17 -173.50
N ARG A 715 84.26 -20.28 -174.27
CA ARG A 715 82.96 -19.75 -173.83
C ARG A 715 81.89 -20.84 -173.83
N ALA A 716 82.00 -21.83 -174.71
CA ALA A 716 81.07 -22.95 -174.68
C ALA A 716 81.29 -23.80 -173.44
N LEU A 717 82.55 -23.97 -173.03
CA LEU A 717 82.82 -24.63 -171.75
C LEU A 717 82.20 -23.86 -170.60
N ARG A 718 82.33 -22.53 -170.61
CA ARG A 718 81.72 -21.71 -169.59
C ARG A 718 80.20 -21.87 -169.57
N GLN A 719 79.59 -21.91 -170.76
CA GLN A 719 78.15 -22.06 -170.85
C GLN A 719 77.71 -23.46 -170.40
N THR A 720 78.52 -24.48 -170.67
CA THR A 720 78.23 -25.81 -170.14
C THR A 720 78.26 -25.79 -168.62
N ILE A 721 79.23 -25.11 -168.04
CA ILE A 721 79.28 -24.96 -166.59
C ILE A 721 78.01 -24.29 -166.08
N THR A 722 77.60 -23.19 -166.74
CA THR A 722 76.46 -22.43 -166.24
C THR A 722 75.16 -23.21 -166.36
N ASP A 723 74.93 -23.89 -167.48
CA ASP A 723 73.65 -24.56 -167.70
C ASP A 723 73.60 -25.95 -167.10
N PHE A 724 74.73 -26.51 -166.68
CA PHE A 724 74.72 -27.80 -166.01
C PHE A 724 74.45 -27.70 -164.51
N THR A 725 73.99 -26.54 -164.04
CA THR A 725 73.68 -26.36 -162.63
C THR A 725 72.39 -25.57 -162.51
N ILE A 726 71.81 -25.60 -161.32
CA ILE A 726 70.58 -24.87 -161.02
C ILE A 726 70.94 -23.60 -160.26
N GLN A 727 70.15 -22.56 -160.48
CA GLN A 727 70.43 -21.23 -159.94
C GLN A 727 69.38 -20.84 -158.91
N GLY A 728 69.71 -19.82 -158.13
CA GLY A 728 68.83 -19.34 -157.09
C GLY A 728 69.16 -19.81 -155.69
N GLU A 729 70.38 -20.28 -155.44
CA GLU A 729 70.79 -20.81 -154.15
C GLU A 729 72.09 -20.12 -153.74
N GLY A 730 72.00 -19.19 -152.80
CA GLY A 730 73.17 -18.50 -152.31
C GLY A 730 73.28 -18.51 -150.80
N HIS A 731 74.34 -19.12 -150.29
CA HIS A 731 74.57 -19.17 -148.85
C HIS A 731 75.42 -17.98 -148.42
N ASN A 732 75.93 -18.02 -147.19
CA ASN A 732 76.77 -16.94 -146.68
C ASN A 732 77.98 -16.69 -147.57
N GLY A 733 78.48 -17.71 -148.26
CA GLY A 733 79.62 -17.55 -149.11
C GLY A 733 79.27 -16.99 -150.48
N GLU A 734 79.75 -17.65 -151.52
CA GLU A 734 79.59 -17.17 -152.88
C GLU A 734 78.31 -17.75 -153.49
N THR A 735 78.15 -17.58 -154.80
CA THR A 735 76.93 -18.03 -155.47
C THR A 735 76.93 -19.55 -155.62
N SER A 736 75.80 -20.05 -156.13
CA SER A 736 75.66 -21.49 -156.36
C SER A 736 76.74 -22.02 -157.30
N GLU A 737 77.17 -21.21 -158.26
CA GLU A 737 78.21 -21.66 -159.19
C GLU A 737 79.52 -21.94 -158.45
N ALA A 738 79.93 -21.01 -157.59
CA ALA A 738 81.15 -21.24 -156.82
C ALA A 738 80.95 -22.35 -155.80
N LEU A 739 79.74 -22.51 -155.28
CA LEU A 739 79.47 -23.60 -154.35
C LEU A 739 79.50 -24.97 -155.03
N ASN A 740 79.24 -25.01 -156.34
CA ASN A 740 79.17 -26.27 -157.07
C ASN A 740 80.47 -26.63 -157.77
N ASN A 741 81.12 -25.68 -158.43
CA ASN A 741 82.34 -25.94 -159.19
C ASN A 741 83.52 -25.25 -158.51
N ILE A 742 84.70 -25.45 -159.09
CA ILE A 742 85.93 -24.85 -158.60
C ILE A 742 86.44 -23.77 -159.53
N LEU A 743 86.29 -23.96 -160.85
CA LEU A 743 86.76 -22.97 -161.81
C LEU A 743 85.96 -21.68 -161.73
N THR A 744 84.75 -21.72 -161.19
CA THR A 744 83.92 -20.53 -161.02
C THR A 744 84.08 -19.90 -159.64
N ASP A 745 84.96 -20.43 -158.81
CA ASP A 745 85.23 -19.88 -157.49
C ASP A 745 86.44 -18.95 -157.56
N ASP A 746 86.36 -17.84 -156.84
CA ASP A 746 87.43 -16.86 -156.83
C ASP A 746 88.55 -17.19 -155.86
N THR A 747 88.37 -18.19 -155.00
CA THR A 747 89.43 -18.57 -154.07
C THR A 747 90.54 -19.36 -154.78
N PHE A 748 90.23 -19.94 -155.94
CA PHE A 748 91.23 -20.65 -156.73
C PHE A 748 91.82 -19.70 -157.76
N ILE A 749 93.15 -19.70 -157.85
CA ILE A 749 93.88 -18.78 -158.72
C ILE A 749 94.71 -19.59 -159.71
N ALA A 750 94.87 -19.03 -160.91
CA ALA A 750 95.72 -19.66 -161.90
C ALA A 750 97.18 -19.63 -161.43
N PRO A 751 98.00 -20.58 -161.89
CA PRO A 751 99.38 -20.66 -161.38
C PRO A 751 100.24 -19.45 -161.74
N ILE A 752 99.90 -18.72 -162.80
CA ILE A 752 100.67 -17.55 -163.23
C ILE A 752 99.79 -16.33 -163.07
N LEU A 753 100.32 -15.30 -162.41
CA LEU A 753 99.60 -14.06 -162.13
C LEU A 753 100.33 -12.90 -162.78
N TRP A 754 99.58 -12.02 -163.43
CA TRP A 754 100.14 -10.84 -164.09
C TRP A 754 99.77 -9.54 -163.39
N ASP A 755 98.54 -9.41 -162.89
CA ASP A 755 98.12 -8.23 -162.16
C ASP A 755 97.50 -8.66 -160.83
N CYS A 756 97.44 -7.71 -159.91
CA CYS A 756 97.02 -7.97 -158.53
C CYS A 756 95.51 -7.89 -158.34
N ASP A 757 94.74 -7.74 -159.43
CA ASP A 757 93.29 -7.70 -159.28
C ASP A 757 92.72 -9.03 -158.82
N ALA A 758 93.36 -10.14 -159.19
CA ALA A 758 92.89 -11.45 -158.75
C ALA A 758 93.06 -11.63 -157.24
N LEU A 759 94.10 -11.04 -156.66
CA LEU A 759 94.26 -11.10 -155.21
C LEU A 759 93.12 -10.37 -154.51
N ILE A 760 92.75 -9.20 -155.03
CA ILE A 760 91.62 -8.46 -154.46
C ILE A 760 90.33 -9.25 -154.62
N TYR A 761 90.14 -9.86 -155.80
CA TYR A 761 88.95 -10.68 -156.02
C TYR A 761 88.89 -11.82 -155.01
N ARG A 762 90.02 -12.49 -154.78
CA ARG A 762 90.05 -13.63 -153.88
C ARG A 762 89.79 -13.19 -152.44
N ASP A 763 90.40 -12.10 -151.99
CA ASP A 763 90.26 -11.73 -150.59
C ASP A 763 88.94 -11.00 -150.33
N GLU A 764 88.25 -10.54 -151.37
CA GLU A 764 86.94 -9.94 -151.19
C GLU A 764 85.80 -10.90 -151.46
N ALA A 765 86.05 -12.02 -152.14
CA ALA A 765 84.96 -12.97 -152.41
C ALA A 765 84.56 -13.71 -151.15
N ALA A 766 85.51 -14.40 -150.52
CA ALA A 766 85.16 -15.26 -149.38
C ALA A 766 84.86 -14.43 -148.14
N ARG A 767 85.87 -13.72 -147.63
CA ARG A 767 85.75 -12.85 -146.45
C ARG A 767 85.34 -13.63 -145.21
N ASP A 768 85.18 -14.94 -145.33
CA ASP A 768 84.83 -15.80 -144.20
C ASP A 768 85.88 -16.88 -143.95
N ARG A 769 86.30 -17.59 -144.99
CA ARG A 769 87.34 -18.59 -144.82
C ARG A 769 88.67 -17.92 -144.54
N LEU A 770 89.35 -18.37 -143.48
CA LEU A 770 90.60 -17.77 -143.04
C LEU A 770 91.66 -17.88 -144.12
N PRO A 771 92.07 -16.77 -144.72
CA PRO A 771 93.08 -16.81 -145.78
C PRO A 771 94.49 -16.71 -145.23
N ALA A 772 95.44 -17.08 -146.09
CA ALA A 772 96.86 -17.05 -145.73
C ALA A 772 97.66 -16.81 -146.98
N ILE A 773 98.42 -15.72 -147.01
CA ILE A 773 99.21 -15.31 -148.17
C ILE A 773 100.67 -15.23 -147.75
N ARG A 774 101.56 -15.81 -148.56
CA ARG A 774 102.99 -15.79 -148.32
C ARG A 774 103.67 -15.15 -149.52
N VAL A 775 103.95 -13.85 -149.43
CA VAL A 775 104.63 -13.11 -150.50
C VAL A 775 106.09 -13.02 -150.09
N SER A 776 106.87 -14.02 -150.51
CA SER A 776 108.33 -14.06 -150.33
C SER A 776 108.74 -13.64 -148.93
N GLY A 777 108.05 -14.18 -147.93
CA GLY A 777 108.35 -13.79 -146.56
C GLY A 777 107.17 -13.19 -145.82
N ARG A 778 107.24 -11.88 -145.57
CA ARG A 778 106.25 -11.17 -144.78
C ARG A 778 104.84 -11.43 -145.31
N ASN A 779 103.89 -11.53 -144.38
CA ASN A 779 102.50 -11.82 -144.71
C ASN A 779 101.82 -10.53 -145.16
N GLY A 780 101.54 -10.43 -146.46
CA GLY A 780 100.90 -9.25 -146.99
C GLY A 780 101.68 -8.62 -148.12
N TYR A 781 101.01 -8.33 -149.23
CA TYR A 781 101.63 -7.77 -150.41
C TYR A 781 101.52 -6.25 -150.41
N GLN A 782 102.32 -5.62 -151.27
CA GLN A 782 102.32 -4.17 -151.44
C GLN A 782 102.32 -3.86 -152.92
N ALA A 783 101.23 -3.29 -153.41
CA ALA A 783 101.06 -3.00 -154.83
C ALA A 783 101.69 -1.66 -155.19
N LEU A 784 102.01 -1.50 -156.47
CA LEU A 784 102.60 -0.28 -156.97
C LEU A 784 102.11 -0.04 -158.39
N HIS A 785 102.21 1.21 -158.82
CA HIS A 785 101.83 1.60 -160.18
C HIS A 785 102.93 1.21 -161.17
N PHE A 786 102.92 1.82 -162.35
CA PHE A 786 104.01 1.63 -163.29
C PHE A 786 105.34 2.02 -162.66
N VAL A 787 106.38 1.24 -162.95
CA VAL A 787 107.72 1.49 -162.42
C VAL A 787 108.51 2.29 -163.45
N ASP A 788 109.17 3.35 -162.99
CA ASP A 788 109.92 4.22 -163.87
C ASP A 788 111.14 3.49 -164.44
N MET A 789 111.71 4.06 -165.50
CA MET A 789 112.85 3.44 -166.18
C MET A 789 114.11 3.53 -165.34
N ALA A 790 114.33 4.66 -164.66
CA ALA A 790 115.55 4.84 -163.88
C ALA A 790 115.63 3.83 -162.75
N GLY A 791 114.68 3.88 -161.82
CA GLY A 791 114.70 3.00 -160.67
C GLY A 791 114.03 1.66 -160.92
N HIS A 792 114.82 0.62 -161.16
CA HIS A 792 114.31 -0.73 -161.37
C HIS A 792 114.41 -1.58 -160.12
N ASN A 793 115.60 -1.63 -159.49
CA ASN A 793 115.82 -2.38 -158.26
C ASN A 793 115.46 -3.86 -158.43
N PHE A 794 116.26 -4.52 -159.28
CA PHE A 794 116.02 -5.93 -159.57
C PHE A 794 116.03 -6.79 -158.30
N GLN A 795 116.68 -6.33 -157.25
CA GLN A 795 116.71 -7.03 -155.97
C GLN A 795 115.69 -6.37 -155.04
N ARG A 796 114.57 -7.05 -154.82
CA ARG A 796 113.50 -6.52 -153.97
C ARG A 796 112.91 -7.64 -153.14
N ARG A 797 112.06 -7.27 -152.19
CA ARG A 797 111.39 -8.22 -151.32
C ARG A 797 110.02 -7.71 -150.96
N ASP A 798 108.99 -8.50 -151.25
CA ASP A 798 107.60 -8.18 -150.91
C ASP A 798 107.18 -6.84 -151.53
N ASN A 799 107.35 -6.75 -152.85
CA ASN A 799 106.99 -5.53 -153.58
C ASN A 799 106.46 -5.97 -154.95
N VAL A 800 105.14 -5.90 -155.12
CA VAL A 800 104.49 -6.32 -156.34
C VAL A 800 103.96 -5.09 -157.07
N LEU A 801 103.80 -5.21 -158.39
CA LEU A 801 103.37 -4.11 -159.23
C LEU A 801 102.15 -4.52 -160.04
N ILE A 802 101.54 -3.53 -160.70
CA ILE A 802 100.40 -3.72 -161.58
C ILE A 802 100.58 -3.03 -162.92
N HIS A 803 101.74 -2.40 -163.15
CA HIS A 803 102.03 -1.66 -164.38
C HIS A 803 101.08 -0.47 -164.53
N GLY A 804 100.73 0.15 -163.40
CA GLY A 804 99.93 1.35 -163.43
C GLY A 804 98.50 1.11 -163.89
N ARG A 805 97.95 2.13 -164.55
CA ARG A 805 96.59 2.08 -165.06
C ARG A 805 96.58 2.56 -166.50
N PRO A 806 95.78 1.94 -167.37
CA PRO A 806 95.70 2.40 -168.76
C PRO A 806 95.02 3.74 -168.92
N VAL A 807 94.31 4.22 -167.90
CA VAL A 807 93.62 5.50 -167.99
C VAL A 807 93.95 6.35 -166.76
N ILE A 817 94.99 1.63 -155.43
CA ILE A 817 95.02 0.60 -156.45
C ILE A 817 93.61 0.09 -156.73
N THR A 818 93.32 -0.18 -158.00
CA THR A 818 92.00 -0.62 -158.43
C THR A 818 92.12 -1.88 -159.27
N PRO A 819 91.12 -2.76 -159.21
CA PRO A 819 91.15 -3.98 -160.04
C PRO A 819 91.24 -3.64 -161.51
N HIS A 820 92.09 -4.38 -162.23
CA HIS A 820 92.27 -4.13 -163.66
C HIS A 820 91.21 -4.83 -164.48
N HIS A 821 91.14 -6.15 -164.40
CA HIS A 821 90.19 -6.94 -165.15
C HIS A 821 88.96 -7.24 -164.29
N ASP A 822 88.10 -8.14 -164.75
CA ASP A 822 86.86 -8.46 -164.09
C ASP A 822 86.82 -9.94 -163.69
N ARG A 823 85.76 -10.28 -162.96
CA ARG A 823 85.61 -11.65 -162.48
C ARG A 823 85.45 -12.62 -163.64
N GLU A 824 84.75 -12.23 -164.70
CA GLU A 824 84.68 -13.07 -165.88
C GLU A 824 86.05 -13.23 -166.53
N TRP A 825 86.88 -12.18 -166.51
CA TRP A 825 88.23 -12.32 -167.05
C TRP A 825 89.02 -13.34 -166.25
N GLY A 826 88.92 -13.28 -164.92
CA GLY A 826 89.62 -14.26 -164.10
C GLY A 826 89.11 -15.67 -164.32
N ILE A 827 87.78 -15.82 -164.42
CA ILE A 827 87.18 -17.13 -164.67
C ILE A 827 87.64 -17.67 -166.01
N LEU A 828 87.72 -16.80 -167.01
CA LEU A 828 88.16 -17.24 -168.33
C LEU A 828 89.62 -17.64 -168.31
N SER A 829 90.45 -16.89 -167.58
CA SER A 829 91.84 -17.28 -167.40
C SER A 829 91.95 -18.66 -166.77
N LYS A 830 91.15 -18.93 -165.74
CA LYS A 830 91.20 -20.22 -165.06
C LYS A 830 90.75 -21.34 -165.99
N ILE A 831 89.58 -21.17 -166.62
CA ILE A 831 89.03 -22.23 -167.46
C ILE A 831 89.81 -22.38 -168.76
N TYR A 832 90.72 -21.45 -169.05
CA TYR A 832 91.67 -21.66 -170.13
C TYR A 832 92.88 -22.45 -169.63
N TYR A 833 93.56 -21.90 -168.62
CA TYR A 833 94.83 -22.46 -168.19
C TYR A 833 94.68 -23.89 -167.65
N TYR A 834 93.55 -24.20 -167.03
CA TYR A 834 93.41 -25.50 -166.37
C TYR A 834 92.78 -26.56 -167.25
N ILE A 835 92.32 -26.22 -168.45
CA ILE A 835 91.67 -27.20 -169.31
C ILE A 835 92.32 -27.21 -170.69
N VAL A 836 92.39 -26.05 -171.34
CA VAL A 836 92.85 -26.01 -172.73
C VAL A 836 94.33 -26.37 -172.82
N ILE A 837 95.16 -25.73 -171.99
CA ILE A 837 96.59 -26.01 -172.01
C ILE A 837 96.90 -27.46 -171.68
N PRO A 838 96.37 -28.06 -170.60
CA PRO A 838 96.70 -29.46 -170.33
C PRO A 838 96.19 -30.42 -171.38
N ALA A 839 94.92 -30.30 -171.79
CA ALA A 839 94.36 -31.25 -172.74
C ALA A 839 95.12 -31.23 -174.07
N PHE A 840 95.82 -30.14 -174.35
CA PHE A 840 96.55 -30.04 -175.62
C PHE A 840 98.00 -30.47 -175.46
N SER A 841 98.69 -29.95 -174.43
CA SER A 841 100.11 -30.22 -174.29
C SER A 841 100.39 -31.61 -173.72
N ARG A 842 99.47 -32.13 -172.90
CA ARG A 842 99.58 -33.47 -172.32
C ARG A 842 100.86 -33.61 -171.49
N GLY A 843 100.98 -32.73 -170.49
CA GLY A 843 102.07 -32.81 -169.55
C GLY A 843 103.43 -32.44 -170.11
N SER A 844 103.48 -31.75 -171.25
CA SER A 844 104.76 -31.38 -171.84
C SER A 844 105.22 -30.00 -171.39
N CYS A 845 104.31 -29.04 -171.30
CA CYS A 845 104.68 -27.69 -170.93
C CYS A 845 104.84 -27.57 -169.42
N CYS A 846 105.51 -26.50 -168.99
CA CYS A 846 105.61 -26.19 -167.58
C CYS A 846 106.02 -24.75 -167.40
N THR A 847 105.84 -24.24 -166.18
CA THR A 847 106.06 -22.84 -165.89
C THR A 847 107.48 -22.60 -165.41
N MET A 848 108.01 -21.43 -165.76
CA MET A 848 109.35 -21.01 -165.42
C MET A 848 109.35 -19.51 -165.12
N GLY A 849 110.47 -19.04 -164.59
CA GLY A 849 110.63 -17.63 -164.32
C GLY A 849 111.69 -16.98 -165.20
N VAL A 850 111.65 -15.67 -165.35
CA VAL A 850 112.56 -14.95 -166.22
C VAL A 850 113.57 -14.20 -165.36
N ARG A 851 114.60 -13.67 -166.03
CA ARG A 851 115.67 -12.92 -165.38
C ARG A 851 115.66 -11.50 -165.95
N TYR A 852 114.92 -10.60 -165.29
CA TYR A 852 114.82 -9.23 -165.77
C TYR A 852 116.16 -8.51 -165.67
N ASP A 853 116.92 -8.79 -164.62
CA ASP A 853 118.25 -8.18 -164.48
C ASP A 853 119.18 -8.60 -165.60
N ARG A 854 119.04 -9.83 -166.09
CA ARG A 854 119.84 -10.33 -167.20
C ARG A 854 119.26 -9.98 -168.57
N LEU A 855 118.00 -9.56 -168.62
CA LEU A 855 117.33 -9.29 -169.89
C LEU A 855 117.28 -7.82 -170.25
N TYR A 856 116.95 -6.94 -169.30
CA TYR A 856 116.75 -5.53 -169.62
C TYR A 856 117.97 -4.88 -170.25
N PRO A 857 119.20 -5.05 -169.74
CA PRO A 857 120.36 -4.52 -170.47
C PRO A 857 120.64 -5.26 -171.77
N ALA A 858 120.17 -6.51 -171.90
CA ALA A 858 120.42 -7.30 -173.09
C ALA A 858 119.48 -6.93 -174.24
N LEU A 859 118.35 -6.32 -173.95
CA LEU A 859 117.37 -5.97 -174.98
C LEU A 859 117.51 -4.54 -175.48
N GLN A 860 118.46 -3.77 -174.94
CA GLN A 860 118.63 -2.38 -175.32
C GLN A 860 119.68 -2.20 -176.42
N ALA A 861 120.03 -3.26 -177.14
CA ALA A 861 120.98 -3.21 -178.25
C ALA A 861 120.19 -3.17 -179.55
N VAL A 862 119.95 -1.95 -180.05
CA VAL A 862 119.14 -1.74 -181.25
C VAL A 862 119.98 -0.96 -182.26
N ILE A 863 120.03 -1.45 -183.50
CA ILE A 863 120.95 -0.93 -184.51
C ILE A 863 120.18 -0.42 -185.72
N VAL A 864 119.01 0.18 -185.49
CA VAL A 864 118.30 0.82 -186.60
C VAL A 864 119.16 1.90 -187.23
N PRO A 865 119.34 1.93 -188.54
CA PRO A 865 120.19 2.94 -189.16
C PRO A 865 119.44 4.27 -189.29
N GLU A 866 120.17 5.28 -189.73
CA GLU A 866 119.61 6.60 -189.98
C GLU A 866 119.04 6.67 -191.38
N ILE A 867 117.86 7.25 -191.51
CA ILE A 867 117.17 7.41 -192.79
C ILE A 867 117.39 8.83 -193.27
N PRO A 868 117.81 9.04 -194.52
CA PRO A 868 118.04 10.40 -195.01
C PRO A 868 116.75 11.20 -195.04
N ALA A 869 116.92 12.52 -195.00
CA ALA A 869 115.78 13.42 -195.02
C ALA A 869 115.07 13.34 -196.36
N ASP A 870 113.73 13.36 -196.32
CA ASP A 870 112.90 13.27 -197.52
C ASP A 870 113.18 12.00 -198.32
N GLU A 871 113.48 10.92 -197.61
CA GLU A 871 113.80 9.64 -198.22
C GLU A 871 112.90 8.56 -197.64
N GLU A 872 113.08 7.34 -198.12
CA GLU A 872 112.22 6.22 -197.77
C GLU A 872 113.02 5.12 -197.10
N ALA A 873 112.45 4.57 -196.02
CA ALA A 873 113.06 3.46 -195.31
C ALA A 873 112.72 2.15 -196.02
N PRO A 874 113.68 1.46 -196.62
CA PRO A 874 113.36 0.30 -197.46
C PRO A 874 112.76 -0.84 -196.65
N THR A 875 112.02 -1.69 -197.36
CA THR A 875 111.34 -2.83 -196.74
C THR A 875 112.04 -4.15 -196.99
N THR A 876 112.92 -4.24 -198.00
CA THR A 876 113.55 -5.52 -198.19
C THR A 876 114.87 -5.60 -197.42
N PRO A 877 115.19 -6.76 -196.84
CA PRO A 877 116.45 -6.90 -196.09
C PRO A 877 117.67 -7.14 -196.96
N GLU A 878 117.55 -7.04 -198.28
CA GLU A 878 118.68 -7.28 -199.18
C GLU A 878 119.53 -6.04 -199.39
N ASP A 879 119.07 -4.86 -198.96
CA ASP A 879 119.87 -3.65 -199.09
C ASP A 879 120.54 -3.32 -197.76
N PRO A 880 121.70 -2.67 -197.80
CA PRO A 880 122.37 -2.31 -196.54
C PRO A 880 121.59 -1.32 -195.69
N ARG A 881 120.68 -0.55 -196.29
CA ARG A 881 119.88 0.40 -195.52
C ARG A 881 118.93 -0.30 -194.57
N HIS A 882 118.66 -1.60 -194.78
CA HIS A 882 117.75 -2.32 -193.92
C HIS A 882 118.46 -2.82 -192.66
N PRO A 883 117.78 -2.82 -191.51
CA PRO A 883 118.42 -3.32 -190.29
C PRO A 883 118.79 -4.79 -190.35
N LEU A 884 118.09 -5.58 -191.15
CA LEU A 884 118.35 -7.01 -191.24
C LEU A 884 119.56 -7.34 -192.10
N HIS A 885 120.20 -6.33 -192.70
CA HIS A 885 121.34 -6.57 -193.57
C HIS A 885 122.61 -6.82 -192.76
N ALA A 886 123.57 -7.49 -193.40
CA ALA A 886 124.84 -7.78 -192.75
C ALA A 886 125.66 -6.52 -192.49
N HIS A 887 125.40 -5.44 -193.22
CA HIS A 887 126.11 -4.19 -192.97
C HIS A 887 125.83 -3.66 -191.57
N GLN A 888 124.64 -3.92 -191.03
CA GLN A 888 124.27 -3.46 -189.70
C GLN A 888 124.01 -4.62 -188.74
N LEU A 889 124.37 -5.85 -189.13
CA LEU A 889 124.23 -7.00 -188.26
C LEU A 889 125.45 -7.08 -187.34
N VAL A 890 125.21 -6.99 -186.04
CA VAL A 890 126.29 -7.07 -185.06
C VAL A 890 125.89 -8.08 -183.99
N PRO A 891 126.81 -8.95 -183.56
CA PRO A 891 126.47 -9.89 -182.48
C PRO A 891 126.17 -9.16 -181.18
N ASN A 892 125.60 -9.90 -180.24
CA ASN A 892 125.16 -9.35 -178.95
C ASN A 892 124.18 -8.21 -179.15
N SER A 893 123.22 -8.43 -180.05
CA SER A 893 122.18 -7.45 -180.32
C SER A 893 120.92 -8.17 -180.78
N LEU A 894 119.84 -7.41 -180.91
CA LEU A 894 118.55 -7.99 -181.29
C LEU A 894 118.47 -8.29 -182.78
N ASN A 895 119.37 -7.73 -183.59
CA ASN A 895 119.34 -8.02 -185.02
C ASN A 895 119.62 -9.50 -185.29
N VAL A 896 120.63 -10.06 -184.63
CA VAL A 896 120.92 -11.48 -184.83
C VAL A 896 119.82 -12.34 -184.23
N TYR A 897 119.16 -11.86 -183.16
CA TYR A 897 118.05 -12.60 -182.59
C TYR A 897 116.89 -12.69 -183.59
N PHE A 898 116.52 -11.57 -184.20
CA PHE A 898 115.46 -11.58 -185.19
C PHE A 898 115.89 -12.34 -186.45
N HIS A 899 117.19 -12.34 -186.76
CA HIS A 899 117.68 -13.13 -187.89
C HIS A 899 117.51 -14.62 -187.63
N ASN A 900 117.87 -15.08 -186.44
CA ASN A 900 117.63 -16.47 -186.06
C ASN A 900 116.13 -16.77 -186.05
N ALA A 901 115.33 -15.79 -185.64
CA ALA A 901 113.88 -15.94 -185.68
C ALA A 901 113.34 -15.98 -187.10
N HIS A 902 114.11 -15.49 -188.08
CA HIS A 902 113.73 -15.51 -189.49
C HIS A 902 112.44 -14.73 -189.72
N LEU A 903 112.49 -13.44 -189.37
CA LEU A 903 111.37 -12.53 -189.52
C LEU A 903 111.80 -11.30 -190.32
N THR A 904 110.87 -10.37 -190.49
CA THR A 904 111.15 -9.11 -191.18
C THR A 904 110.60 -7.97 -190.32
N VAL A 905 111.49 -7.07 -189.91
CA VAL A 905 111.14 -5.96 -189.03
C VAL A 905 111.66 -4.66 -189.63
N ASP A 906 110.89 -3.59 -189.50
CA ASP A 906 111.28 -2.28 -189.99
C ASP A 906 111.95 -1.50 -188.87
N GLY A 907 112.17 -0.21 -189.08
CA GLY A 907 112.84 0.62 -188.12
C GLY A 907 111.97 1.12 -186.98
N ASP A 908 110.73 1.48 -187.31
CA ASP A 908 109.82 2.00 -186.29
C ASP A 908 109.47 0.93 -185.27
N ALA A 909 109.35 -0.34 -185.70
CA ALA A 909 109.03 -1.41 -184.76
C ALA A 909 110.14 -1.59 -183.74
N LEU A 910 111.40 -1.49 -184.17
CA LEU A 910 112.49 -1.58 -183.22
C LEU A 910 112.62 -0.31 -182.39
N LEU A 911 112.20 0.83 -182.94
CA LEU A 911 112.21 2.07 -182.18
C LEU A 911 111.19 2.02 -181.05
N THR A 912 110.08 1.31 -181.27
CA THR A 912 109.03 1.19 -180.24
C THR A 912 109.55 0.63 -178.92
N LEU A 913 110.69 -0.08 -178.93
CA LEU A 913 111.23 -0.64 -177.70
C LEU A 913 111.59 0.45 -176.70
N GLN A 914 111.94 1.65 -177.16
CA GLN A 914 112.40 2.69 -176.25
C GLN A 914 111.25 3.26 -175.43
N GLU A 915 110.08 3.46 -176.02
CA GLU A 915 108.93 3.86 -175.21
C GLU A 915 108.30 2.66 -174.51
N LEU A 916 108.52 1.45 -175.02
CA LEU A 916 108.15 0.26 -174.26
C LEU A 916 108.89 0.21 -172.92
N MET A 917 110.17 0.55 -172.93
CA MET A 917 111.01 0.49 -171.74
C MET A 917 110.58 1.46 -170.63
N GLY A 918 109.52 2.24 -170.83
CA GLY A 918 109.03 3.13 -169.81
C GLY A 918 108.68 2.42 -168.51
N ASP A 919 107.80 1.42 -168.60
CA ASP A 919 107.49 0.59 -167.45
C ASP A 919 108.56 -0.49 -167.27
N MET A 920 108.69 -0.96 -166.04
CA MET A 920 109.72 -1.93 -165.68
C MET A 920 109.10 -3.12 -164.98
N ALA A 921 109.74 -4.27 -165.15
CA ALA A 921 109.36 -5.50 -164.44
C ALA A 921 110.52 -5.92 -163.56
N GLU A 922 110.27 -6.02 -162.26
CA GLU A 922 111.36 -6.20 -161.30
C GLU A 922 111.80 -7.66 -161.22
N ARG A 923 110.90 -8.55 -160.81
CA ARG A 923 111.27 -9.95 -160.60
C ARG A 923 110.01 -10.80 -160.71
N THR A 924 110.19 -12.11 -160.49
CA THR A 924 109.11 -13.09 -160.55
C THR A 924 108.99 -13.73 -159.17
N THR A 925 108.04 -13.24 -158.38
CA THR A 925 107.87 -13.72 -157.02
C THR A 925 106.90 -14.88 -156.95
N ALA A 926 106.79 -15.47 -155.76
CA ALA A 926 105.89 -16.58 -155.49
C ALA A 926 104.90 -16.17 -154.41
N ILE A 927 103.67 -16.66 -154.53
CA ILE A 927 102.60 -16.37 -153.59
C ILE A 927 102.00 -17.69 -153.15
N LEU A 928 102.21 -18.04 -151.88
CA LEU A 928 101.67 -19.28 -151.31
C LEU A 928 100.35 -18.93 -150.64
N VAL A 929 99.25 -19.23 -151.31
CA VAL A 929 97.92 -18.99 -150.78
C VAL A 929 97.46 -20.22 -150.02
N SER A 930 96.59 -20.00 -149.04
CA SER A 930 96.06 -21.09 -148.23
C SER A 930 94.75 -20.63 -147.62
N SER A 931 93.75 -21.51 -147.64
CA SER A 931 92.42 -21.14 -147.19
C SER A 931 91.72 -22.32 -146.54
N ALA A 932 90.69 -22.00 -145.77
CA ALA A 932 89.83 -23.00 -145.15
C ALA A 932 88.85 -23.56 -146.18
N PRO A 933 88.24 -24.71 -145.89
CA PRO A 933 87.26 -25.28 -146.82
C PRO A 933 86.02 -24.41 -146.92
N ASP A 934 85.27 -24.62 -148.01
CA ASP A 934 84.09 -23.83 -148.29
C ASP A 934 82.99 -24.08 -147.25
N ALA A 935 82.06 -23.14 -147.15
CA ALA A 935 80.93 -23.27 -146.25
C ALA A 935 80.03 -24.44 -146.60
N GLY A 936 80.15 -25.00 -147.81
CA GLY A 936 79.35 -26.17 -148.16
C GLY A 936 79.68 -27.38 -147.31
N ALA A 937 80.96 -27.59 -147.02
CA ALA A 937 81.41 -28.69 -146.17
C ALA A 937 82.01 -28.19 -144.87
N ALA A 938 81.83 -26.92 -144.53
CA ALA A 938 82.39 -26.36 -143.31
C ALA A 938 81.61 -26.88 -142.11
N THR A 939 82.24 -27.74 -141.31
CA THR A 939 81.68 -28.25 -140.07
C THR A 939 82.56 -27.84 -138.91
N ALA A 940 82.17 -28.27 -137.71
CA ALA A 940 82.90 -27.90 -136.50
C ALA A 940 84.28 -28.55 -136.41
N THR A 941 84.65 -29.40 -137.38
CA THR A 941 85.93 -30.09 -137.33
C THR A 941 86.74 -29.99 -138.61
N THR A 942 86.13 -29.63 -139.73
CA THR A 942 86.89 -29.45 -140.97
C THR A 942 87.55 -28.08 -141.07
N ARG A 943 87.26 -27.18 -140.12
CA ARG A 943 87.87 -25.85 -140.17
C ARG A 943 89.37 -25.91 -139.92
N ASN A 944 89.82 -26.83 -139.07
CA ASN A 944 91.26 -26.96 -138.83
C ASN A 944 91.98 -27.42 -140.09
N MET A 945 91.32 -28.23 -140.92
CA MET A 945 91.90 -28.63 -142.18
C MET A 945 92.01 -27.43 -143.11
N ARG A 946 93.15 -27.31 -143.78
CA ARG A 946 93.44 -26.15 -144.61
C ARG A 946 94.04 -26.60 -145.94
N ILE A 947 93.75 -25.84 -146.99
CA ILE A 947 94.22 -26.13 -148.34
C ILE A 947 95.31 -25.13 -148.69
N TYR A 948 96.48 -25.64 -149.06
CA TYR A 948 97.65 -24.83 -149.41
C TYR A 948 97.95 -25.02 -150.89
N ASP A 949 98.35 -23.94 -151.56
CA ASP A 949 98.78 -24.04 -152.95
C ASP A 949 99.59 -22.80 -153.30
N GLY A 950 100.57 -22.98 -154.19
CA GLY A 950 101.42 -21.89 -154.59
C GLY A 950 101.17 -21.40 -156.00
N ALA A 951 101.44 -20.12 -156.24
CA ALA A 951 101.28 -19.52 -157.56
C ALA A 951 102.47 -18.61 -157.82
N LEU A 952 102.62 -18.22 -159.09
CA LEU A 952 103.77 -17.44 -159.53
C LEU A 952 103.31 -16.10 -160.08
N TYR A 953 104.16 -15.09 -159.95
CA TYR A 953 103.94 -13.78 -160.54
C TYR A 953 105.01 -13.52 -161.58
N HIS A 954 104.61 -12.86 -162.67
CA HIS A 954 105.52 -12.54 -163.77
C HIS A 954 106.16 -13.79 -164.36
N GLY A 955 105.48 -14.93 -164.28
CA GLY A 955 106.00 -16.17 -164.81
C GLY A 955 105.72 -16.35 -166.29
N LEU A 956 106.16 -17.50 -166.80
CA LEU A 956 105.96 -17.82 -168.21
C LEU A 956 105.73 -19.32 -168.32
N ILE A 957 105.02 -19.71 -169.37
CA ILE A 957 104.76 -21.12 -169.66
C ILE A 957 105.57 -21.50 -170.89
N MET A 958 106.40 -22.53 -170.77
CA MET A 958 107.22 -23.03 -171.87
C MET A 958 106.69 -24.39 -172.30
N MET A 959 106.45 -24.53 -173.61
CA MET A 959 105.83 -25.74 -174.13
C MET A 959 106.80 -26.92 -174.15
N ALA A 960 107.89 -26.79 -174.91
CA ALA A 960 108.83 -27.89 -175.08
C ALA A 960 110.24 -27.31 -175.09
N TYR A 961 110.98 -27.54 -174.01
CA TYR A 961 112.38 -27.14 -173.97
C TYR A 961 113.23 -28.15 -174.71
N GLN A 962 114.14 -27.66 -175.54
CA GLN A 962 115.02 -28.49 -176.34
C GLN A 962 116.46 -28.34 -175.84
N ALA A 963 117.06 -29.47 -175.46
CA ALA A 963 118.47 -29.46 -175.07
C ALA A 963 119.40 -29.48 -176.27
N TYR A 964 118.87 -29.63 -177.49
CA TYR A 964 119.66 -29.62 -178.71
C TYR A 964 119.98 -28.22 -179.19
N ASP A 965 119.34 -27.19 -178.63
CA ASP A 965 119.53 -25.82 -179.06
C ASP A 965 120.71 -25.20 -178.29
N GLU A 966 121.70 -24.71 -179.04
CA GLU A 966 122.90 -24.14 -178.44
C GLU A 966 123.17 -22.70 -178.88
N THR A 967 122.31 -22.09 -179.68
CA THR A 967 122.54 -20.70 -180.07
C THR A 967 122.37 -19.77 -178.88
N ILE A 968 121.60 -20.19 -177.87
CA ILE A 968 121.44 -19.46 -176.62
C ILE A 968 121.86 -20.38 -175.49
N ALA A 969 122.68 -19.87 -174.58
CA ALA A 969 123.17 -20.69 -173.48
C ALA A 969 122.01 -21.23 -172.65
N THR A 970 122.21 -22.43 -172.12
CA THR A 970 121.17 -23.08 -171.32
C THR A 970 120.94 -22.30 -170.03
N GLY A 971 119.72 -21.81 -169.85
CA GLY A 971 119.41 -21.01 -168.68
C GLY A 971 119.90 -19.58 -168.73
N THR A 972 119.92 -18.98 -169.92
CA THR A 972 120.38 -17.60 -170.04
C THR A 972 119.40 -16.63 -169.42
N PHE A 973 118.10 -16.89 -169.55
CA PHE A 973 117.08 -16.01 -168.99
C PHE A 973 115.96 -16.76 -168.29
N PHE A 974 116.00 -18.10 -168.23
CA PHE A 974 114.92 -18.88 -167.66
C PHE A 974 115.44 -19.80 -166.58
N TYR A 975 114.50 -20.36 -165.82
CA TYR A 975 114.78 -21.34 -164.78
C TYR A 975 113.50 -22.09 -164.45
N PRO A 976 113.50 -23.42 -164.51
CA PRO A 976 112.26 -24.18 -164.28
C PRO A 976 111.86 -24.15 -162.81
N VAL A 977 110.68 -23.61 -162.54
CA VAL A 977 110.15 -23.54 -161.18
C VAL A 977 108.69 -24.00 -161.15
N PRO A 978 108.39 -25.22 -161.60
CA PRO A 978 106.98 -25.63 -161.69
C PRO A 978 106.51 -26.24 -160.38
N VAL A 979 105.32 -25.86 -159.94
CA VAL A 979 104.66 -26.47 -158.78
C VAL A 979 103.26 -26.89 -159.23
N ASN A 980 103.15 -28.11 -159.75
CA ASN A 980 101.88 -28.68 -160.16
C ASN A 980 102.10 -30.14 -160.57
N PRO A 981 101.17 -31.04 -160.27
CA PRO A 981 101.20 -32.37 -160.90
C PRO A 981 100.86 -32.31 -162.37
N LEU A 982 100.21 -31.23 -162.82
CA LEU A 982 99.80 -31.05 -164.20
C LEU A 982 100.83 -30.27 -165.01
N PHE A 983 101.42 -29.24 -164.41
CA PHE A 983 102.41 -28.41 -165.08
C PHE A 983 103.84 -28.79 -164.70
N ALA A 984 104.10 -30.08 -164.53
CA ALA A 984 105.44 -30.55 -164.25
C ALA A 984 106.18 -30.89 -165.54
N CYS A 985 107.50 -30.91 -165.46
CA CYS A 985 108.33 -31.20 -166.62
C CYS A 985 109.62 -31.89 -166.19
N PRO A 986 109.81 -33.17 -166.56
CA PRO A 986 111.03 -33.87 -166.13
C PRO A 986 112.26 -33.51 -166.94
N GLU A 987 112.11 -32.87 -168.09
CA GLU A 987 113.25 -32.57 -168.96
C GLU A 987 113.65 -31.10 -168.99
N HIS A 988 112.73 -30.18 -168.66
CA HIS A 988 113.10 -28.77 -168.61
C HIS A 988 114.08 -28.48 -167.49
N LEU A 989 114.19 -29.36 -166.50
CA LEU A 989 115.10 -29.15 -165.38
C LEU A 989 116.56 -29.15 -165.80
N ALA A 990 116.88 -29.68 -166.98
CA ALA A 990 118.25 -29.59 -167.49
C ALA A 990 118.68 -28.14 -167.64
N SER A 991 117.71 -27.23 -167.78
CA SER A 991 118.05 -25.80 -167.82
C SER A 991 118.57 -25.31 -166.48
N LEU A 992 118.15 -25.95 -165.39
CA LEU A 992 118.61 -25.56 -164.07
C LEU A 992 120.02 -26.09 -163.83
N ARG A 993 120.78 -25.35 -163.03
CA ARG A 993 122.15 -25.73 -162.70
C ARG A 993 122.18 -26.85 -161.67
N GLY A 994 123.23 -27.66 -161.73
CA GLY A 994 123.40 -28.75 -160.78
C GLY A 994 122.35 -29.83 -160.92
N MET A 995 122.33 -30.52 -162.04
CA MET A 995 121.37 -31.59 -162.30
C MET A 995 122.13 -32.86 -162.62
N THR A 996 121.98 -33.87 -161.77
CA THR A 996 122.64 -35.15 -161.94
C THR A 996 121.65 -36.19 -162.44
N ASN A 997 122.18 -37.37 -162.77
CA ASN A 997 121.34 -38.45 -163.28
C ASN A 997 120.36 -38.93 -162.23
N ALA A 998 120.79 -38.95 -160.95
CA ALA A 998 119.91 -39.38 -159.88
C ALA A 998 118.74 -38.41 -159.70
N ARG A 999 119.04 -37.11 -159.67
CA ARG A 999 117.98 -36.11 -159.58
C ARG A 999 117.06 -36.18 -160.81
N ARG A 1000 117.64 -36.46 -161.98
CA ARG A 1000 116.83 -36.52 -163.20
C ARG A 1000 115.88 -37.70 -163.18
N VAL A 1001 116.37 -38.88 -162.77
CA VAL A 1001 115.48 -40.04 -162.72
C VAL A 1001 114.46 -39.88 -161.60
N LEU A 1002 114.83 -39.23 -160.49
CA LEU A 1002 113.86 -38.99 -159.42
C LEU A 1002 112.76 -38.03 -159.89
N ALA A 1003 113.12 -37.02 -160.66
CA ALA A 1003 112.13 -36.10 -161.19
C ALA A 1003 111.25 -36.78 -162.24
N LYS A 1004 111.84 -37.65 -163.06
CA LYS A 1004 111.05 -38.39 -164.03
C LYS A 1004 110.04 -39.30 -163.33
N MET A 1005 110.45 -39.93 -162.22
CA MET A 1005 109.53 -40.78 -161.49
C MET A 1005 108.44 -39.97 -160.80
N VAL A 1006 108.83 -39.08 -159.89
CA VAL A 1006 107.87 -38.25 -159.17
C VAL A 1006 108.14 -36.78 -159.52
N PRO A 1007 107.12 -36.00 -159.82
CA PRO A 1007 107.33 -34.59 -160.19
C PRO A 1007 107.95 -33.81 -159.05
N PRO A 1008 109.07 -33.12 -159.31
CA PRO A 1008 109.72 -32.32 -158.25
C PRO A 1008 108.89 -31.09 -157.94
N ILE A 1009 108.50 -30.96 -156.66
CA ILE A 1009 107.65 -29.86 -156.21
C ILE A 1009 108.22 -29.32 -154.91
N PRO A 1010 108.54 -28.03 -154.81
CA PRO A 1010 109.14 -27.52 -153.58
C PRO A 1010 108.14 -27.50 -152.45
N PRO A 1011 108.58 -27.73 -151.21
CA PRO A 1011 107.63 -27.75 -150.09
C PRO A 1011 107.05 -26.39 -149.76
N PHE A 1012 107.82 -25.31 -149.98
CA PHE A 1012 107.31 -23.98 -149.67
C PHE A 1012 106.25 -23.51 -150.66
N LEU A 1013 106.10 -24.19 -151.80
CA LEU A 1013 105.11 -23.83 -152.79
C LEU A 1013 103.86 -24.71 -152.74
N GLY A 1014 103.78 -25.62 -151.78
CA GLY A 1014 102.60 -26.47 -151.63
C GLY A 1014 102.93 -27.94 -151.69
N ALA A 1015 102.10 -28.74 -151.03
CA ALA A 1015 102.24 -30.19 -151.02
C ALA A 1015 101.13 -30.82 -151.86
N ASN A 1016 101.37 -32.06 -152.29
CA ASN A 1016 100.39 -32.75 -153.12
C ASN A 1016 99.09 -33.00 -152.36
N HIS A 1017 99.19 -33.55 -151.15
CA HIS A 1017 97.99 -33.83 -150.36
C HIS A 1017 97.33 -32.58 -149.82
N HIS A 1018 98.03 -31.44 -149.81
CA HIS A 1018 97.45 -30.20 -149.32
C HIS A 1018 96.91 -29.30 -150.43
N ALA A 1019 97.17 -29.65 -151.69
CA ALA A 1019 96.68 -28.85 -152.80
C ALA A 1019 95.40 -29.46 -153.38
N THR A 1020 94.64 -28.63 -154.08
CA THR A 1020 93.41 -29.11 -154.70
C THR A 1020 93.71 -30.06 -155.84
N ILE A 1021 94.48 -29.59 -156.83
CA ILE A 1021 94.84 -30.45 -157.96
C ILE A 1021 95.87 -31.46 -157.48
N ARG A 1022 95.59 -32.74 -157.73
CA ARG A 1022 96.43 -33.83 -157.24
C ARG A 1022 96.85 -34.74 -158.39
N GLN A 1023 97.49 -35.84 -158.03
CA GLN A 1023 98.03 -36.83 -158.96
C GLN A 1023 96.99 -37.54 -159.82
N PRO A 1024 95.78 -37.81 -159.34
CA PRO A 1024 94.80 -38.51 -160.20
C PRO A 1024 94.49 -37.79 -161.50
N VAL A 1025 94.17 -36.50 -161.45
CA VAL A 1025 93.81 -35.79 -162.67
C VAL A 1025 95.01 -35.68 -163.61
N ALA A 1026 96.21 -35.53 -163.04
CA ALA A 1026 97.42 -35.51 -163.87
C ALA A 1026 97.60 -36.83 -164.60
N TYR A 1027 97.46 -37.94 -163.87
CA TYR A 1027 97.56 -39.25 -164.51
C TYR A 1027 96.48 -39.41 -165.58
N HIS A 1028 95.27 -38.92 -165.31
CA HIS A 1028 94.19 -39.05 -166.27
C HIS A 1028 94.51 -38.29 -167.56
N VAL A 1029 95.00 -37.06 -167.43
CA VAL A 1029 95.25 -36.24 -168.60
C VAL A 1029 96.48 -36.75 -169.35
N THR A 1030 97.40 -37.42 -168.64
CA THR A 1030 98.59 -37.92 -169.30
C THR A 1030 98.44 -39.35 -169.79
N HIS A 1031 97.34 -40.03 -169.46
CA HIS A 1031 97.11 -41.39 -169.93
C HIS A 1031 95.81 -41.57 -170.70
N SER A 1032 95.04 -40.49 -170.92
CA SER A 1032 93.80 -40.58 -171.67
C SER A 1032 94.04 -40.14 -173.11
N LYS A 1033 93.91 -41.08 -174.05
CA LYS A 1033 94.15 -40.82 -175.47
C LYS A 1033 92.86 -41.10 -176.23
N SER A 1034 91.97 -40.11 -176.31
CA SER A 1034 90.74 -40.26 -177.08
C SER A 1034 90.60 -39.22 -178.18
N ASP A 1035 90.67 -37.94 -177.84
CA ASP A 1035 90.41 -36.82 -178.74
C ASP A 1035 90.93 -35.55 -178.07
N PHE A 1036 90.49 -34.40 -178.57
CA PHE A 1036 90.73 -33.14 -177.90
C PHE A 1036 89.47 -32.56 -177.26
N ASN A 1037 88.39 -32.46 -178.02
CA ASN A 1037 87.15 -31.89 -177.49
C ASN A 1037 86.60 -32.75 -176.34
N THR A 1038 86.55 -34.07 -176.57
CA THR A 1038 86.02 -34.95 -175.53
C THR A 1038 86.91 -34.98 -174.30
N LEU A 1039 88.24 -34.88 -174.48
CA LEU A 1039 89.09 -34.82 -173.30
C LEU A 1039 88.88 -33.52 -172.53
N THR A 1040 88.74 -32.40 -173.24
CA THR A 1040 88.42 -31.16 -172.55
C THR A 1040 87.12 -31.28 -171.78
N TYR A 1041 86.11 -31.90 -172.37
CA TYR A 1041 84.82 -32.01 -171.70
C TYR A 1041 84.89 -32.99 -170.53
N SER A 1042 85.72 -34.03 -170.63
CA SER A 1042 85.87 -34.95 -169.49
C SER A 1042 86.60 -34.26 -168.34
N LEU A 1043 87.63 -33.47 -168.65
CA LEU A 1043 88.27 -32.66 -167.62
C LEU A 1043 87.27 -31.70 -167.00
N LEU A 1044 86.39 -31.13 -167.81
CA LEU A 1044 85.36 -30.24 -167.30
C LEU A 1044 84.44 -30.97 -166.32
N GLY A 1045 83.96 -32.15 -166.71
CA GLY A 1045 83.12 -32.93 -165.83
C GLY A 1045 83.83 -33.35 -164.55
N GLY A 1046 85.14 -33.61 -164.64
CA GLY A 1046 85.91 -33.91 -163.45
C GLY A 1046 86.14 -32.73 -162.55
N TYR A 1047 86.13 -31.51 -163.11
CA TYR A 1047 86.30 -30.29 -162.31
C TYR A 1047 84.97 -29.93 -161.65
N PHE A 1048 84.63 -30.71 -160.62
CA PHE A 1048 83.40 -30.49 -159.87
C PHE A 1048 83.65 -30.78 -158.40
N LYS A 1049 82.91 -30.08 -157.54
CA LYS A 1049 83.07 -30.26 -156.11
C LYS A 1049 82.36 -31.54 -155.66
N PHE A 1050 82.77 -32.03 -154.49
CA PHE A 1050 82.17 -33.21 -153.88
C PHE A 1050 81.57 -32.91 -152.52
N THR A 1051 81.22 -31.66 -152.26
CA THR A 1051 80.59 -31.34 -150.99
C THR A 1051 79.10 -31.68 -151.04
N PRO A 1052 78.52 -32.12 -149.91
CA PRO A 1052 77.09 -32.49 -149.93
C PRO A 1052 76.16 -31.41 -150.43
N ILE A 1053 76.62 -30.18 -150.56
CA ILE A 1053 75.82 -29.15 -151.21
C ILE A 1053 75.89 -29.29 -152.73
N SER A 1054 77.09 -29.49 -153.28
CA SER A 1054 77.22 -29.69 -154.72
C SER A 1054 76.59 -31.01 -155.16
N LEU A 1055 76.59 -32.01 -154.28
CA LEU A 1055 75.93 -33.27 -154.59
C LEU A 1055 74.46 -33.05 -154.91
N THR A 1056 73.81 -32.14 -154.18
CA THR A 1056 72.39 -31.86 -154.44
C THR A 1056 72.20 -31.31 -155.85
N HIS A 1057 72.99 -30.30 -156.23
CA HIS A 1057 72.87 -29.74 -157.56
C HIS A 1057 73.13 -30.80 -158.63
N GLN A 1058 74.16 -31.62 -158.43
CA GLN A 1058 74.50 -32.63 -159.43
C GLN A 1058 73.39 -33.65 -159.58
N LEU A 1059 72.89 -34.17 -158.46
CA LEU A 1059 71.86 -35.20 -158.53
C LEU A 1059 70.53 -34.64 -159.01
N ARG A 1060 70.28 -33.34 -158.79
CA ARG A 1060 69.03 -32.76 -159.26
C ARG A 1060 69.11 -32.37 -160.73
N THR A 1061 70.29 -32.06 -161.24
CA THR A 1061 70.44 -31.76 -162.66
C THR A 1061 70.68 -33.00 -163.50
N GLY A 1062 71.04 -34.12 -162.90
CA GLY A 1062 71.25 -35.35 -163.62
C GLY A 1062 72.69 -35.73 -163.88
N PHE A 1063 73.62 -35.25 -163.06
CA PHE A 1063 75.03 -35.60 -163.22
C PHE A 1063 75.32 -36.91 -162.52
N HIS A 1064 76.12 -37.77 -163.18
CA HIS A 1064 76.49 -39.05 -162.61
C HIS A 1064 77.93 -38.96 -162.11
N PRO A 1065 78.15 -38.80 -160.80
CA PRO A 1065 79.52 -38.69 -160.29
C PRO A 1065 80.18 -40.06 -160.24
N GLY A 1066 81.41 -40.07 -159.71
CA GLY A 1066 82.18 -41.29 -159.62
C GLY A 1066 81.83 -42.11 -158.39
N ILE A 1067 80.67 -42.78 -158.43
CA ILE A 1067 80.19 -43.57 -157.30
C ILE A 1067 79.09 -44.47 -157.82
N ALA A 1068 78.97 -45.66 -157.23
CA ALA A 1068 77.86 -46.56 -157.51
C ALA A 1068 77.20 -46.94 -156.20
N PHE A 1069 75.96 -47.37 -156.29
CA PHE A 1069 75.18 -47.69 -155.10
C PHE A 1069 74.61 -49.10 -155.20
N THR A 1070 74.36 -49.68 -154.04
CA THR A 1070 73.62 -50.94 -153.95
C THR A 1070 72.49 -50.75 -152.95
N VAL A 1071 71.32 -51.27 -153.29
CA VAL A 1071 70.10 -51.06 -152.52
C VAL A 1071 69.70 -52.39 -151.89
N VAL A 1072 69.34 -52.33 -150.62
CA VAL A 1072 68.85 -53.47 -149.84
C VAL A 1072 67.41 -53.20 -149.45
N ARG A 1073 66.58 -54.24 -149.53
CA ARG A 1073 65.19 -54.16 -149.12
C ARG A 1073 64.83 -55.40 -148.33
N GLN A 1074 63.75 -55.29 -147.56
CA GLN A 1074 63.28 -56.40 -146.75
C GLN A 1074 61.76 -56.48 -146.85
N ASP A 1075 61.24 -57.70 -146.96
CA ASP A 1075 59.81 -57.94 -147.09
C ASP A 1075 59.41 -59.09 -146.18
N ARG A 1076 58.10 -59.21 -145.95
CA ARG A 1076 57.55 -60.23 -145.06
C ARG A 1076 56.22 -60.70 -145.60
N PHE A 1077 55.95 -61.99 -145.42
CA PHE A 1077 54.65 -62.53 -145.83
C PHE A 1077 54.41 -63.87 -145.15
N ALA A 1078 53.15 -64.28 -145.13
CA ALA A 1078 52.72 -65.47 -144.42
C ALA A 1078 52.77 -66.70 -145.33
N THR A 1079 53.04 -67.85 -144.72
CA THR A 1079 53.19 -69.13 -145.43
C THR A 1079 52.60 -70.23 -144.57
N GLU A 1080 52.24 -71.33 -145.23
CA GLU A 1080 51.74 -72.51 -144.54
C GLU A 1080 52.87 -73.48 -144.23
N GLN A 1081 52.56 -74.58 -143.56
CA GLN A 1081 53.59 -75.52 -143.11
C GLN A 1081 53.43 -76.93 -143.67
N LEU A 1082 52.24 -77.52 -143.59
CA LEU A 1082 51.99 -78.85 -144.15
C LEU A 1082 52.91 -79.90 -143.51
N LEU A 1083 52.66 -80.15 -142.23
CA LEU A 1083 53.44 -81.14 -141.50
C LEU A 1083 52.88 -82.55 -141.75
N TYR A 1084 53.61 -83.55 -141.26
CA TYR A 1084 53.21 -84.95 -141.34
C TYR A 1084 53.24 -85.55 -139.94
N ALA A 1085 52.43 -86.60 -139.75
CA ALA A 1085 52.19 -87.14 -138.42
C ALA A 1085 53.08 -88.33 -138.06
N GLU A 1086 53.09 -89.38 -138.88
CA GLU A 1086 53.85 -90.59 -138.60
C GLU A 1086 53.37 -91.23 -137.28
N ARG A 1087 52.19 -91.83 -137.37
CA ARG A 1087 51.47 -92.41 -136.23
C ARG A 1087 52.29 -93.41 -135.44
N ALA A 1088 51.74 -93.90 -134.32
CA ALA A 1088 52.49 -94.57 -133.25
C ALA A 1088 53.51 -93.61 -132.62
N SER A 1089 52.93 -92.63 -131.94
CA SER A 1089 53.66 -91.49 -131.39
C SER A 1089 53.13 -91.23 -129.98
N GLU A 1090 53.39 -90.02 -129.47
CA GLU A 1090 53.16 -89.66 -128.07
C GLU A 1090 51.90 -90.27 -127.48
N SER A 1091 52.03 -90.77 -126.25
CA SER A 1091 50.94 -91.50 -125.60
C SER A 1091 49.86 -90.56 -125.08
N TYR A 1092 50.25 -89.49 -124.39
CA TYR A 1092 49.33 -88.47 -123.89
C TYR A 1092 48.30 -89.07 -122.92
N PHE A 1093 48.82 -89.52 -121.79
CA PHE A 1093 47.96 -89.98 -120.70
C PHE A 1093 47.05 -88.85 -120.22
N VAL A 1094 45.88 -89.20 -119.70
CA VAL A 1094 44.90 -88.22 -119.22
C VAL A 1094 44.08 -88.86 -118.11
N GLY A 1095 43.52 -88.02 -117.24
CA GLY A 1095 42.59 -88.52 -116.26
C GLY A 1095 42.51 -87.62 -115.05
N GLN A 1096 41.50 -87.90 -114.23
CA GLN A 1096 41.28 -87.26 -112.92
C GLN A 1096 41.11 -85.74 -113.07
N ILE A 1097 40.00 -85.37 -113.72
CA ILE A 1097 39.61 -83.97 -113.76
C ILE A 1097 39.26 -83.51 -112.36
N GLN A 1098 39.68 -82.31 -112.01
CA GLN A 1098 39.50 -81.77 -110.66
C GLN A 1098 38.77 -80.44 -110.74
N VAL A 1099 37.74 -80.28 -109.90
CA VAL A 1099 36.99 -79.04 -109.78
C VAL A 1099 37.38 -78.37 -108.48
N HIS A 1100 37.58 -77.05 -108.52
CA HIS A 1100 38.01 -76.28 -107.36
C HIS A 1100 37.13 -75.05 -107.24
N HIS A 1101 36.23 -75.05 -106.26
CA HIS A 1101 35.30 -73.96 -106.05
C HIS A 1101 35.77 -73.06 -104.91
N HIS A 1102 35.48 -71.77 -105.05
CA HIS A 1102 35.86 -70.79 -104.05
C HIS A 1102 34.99 -69.55 -104.24
N ASP A 1103 34.40 -69.07 -103.15
CA ASP A 1103 33.53 -67.91 -103.22
C ASP A 1103 34.36 -66.65 -103.40
N ALA A 1104 33.95 -65.80 -104.33
CA ALA A 1104 34.58 -64.51 -104.57
C ALA A 1104 33.66 -63.35 -104.23
N ILE A 1105 32.47 -63.30 -104.84
CA ILE A 1105 31.50 -62.25 -104.57
C ILE A 1105 30.15 -62.71 -105.08
N GLY A 1106 29.11 -62.43 -104.29
CA GLY A 1106 27.76 -62.74 -104.68
C GLY A 1106 27.44 -64.22 -104.62
N GLY A 1107 28.07 -65.00 -105.50
CA GLY A 1107 27.91 -66.43 -105.56
C GLY A 1107 29.26 -67.13 -105.57
N VAL A 1108 29.27 -68.32 -106.17
CA VAL A 1108 30.47 -69.14 -106.24
C VAL A 1108 30.92 -69.22 -107.69
N ASN A 1109 32.24 -69.11 -107.88
CA ASN A 1109 32.86 -69.35 -109.18
C ASN A 1109 33.97 -70.36 -108.97
N PHE A 1110 34.07 -71.33 -109.88
CA PHE A 1110 35.02 -72.42 -109.73
C PHE A 1110 35.85 -72.58 -110.99
N THR A 1111 36.78 -73.52 -110.93
CA THR A 1111 37.66 -73.82 -112.05
C THR A 1111 37.84 -75.33 -112.14
N LEU A 1112 37.87 -75.83 -113.37
CA LEU A 1112 38.09 -77.24 -113.65
C LEU A 1112 39.48 -77.39 -114.23
N THR A 1113 40.30 -78.23 -113.59
CA THR A 1113 41.68 -78.45 -113.99
C THR A 1113 41.91 -79.93 -114.22
N GLN A 1114 42.82 -80.25 -115.14
CA GLN A 1114 43.25 -81.63 -115.27
C GLN A 1114 44.64 -81.71 -115.87
N PRO A 1115 45.49 -82.59 -115.34
CA PRO A 1115 46.83 -82.77 -115.88
C PRO A 1115 46.91 -83.89 -116.89
N ARG A 1116 47.97 -83.82 -117.71
CA ARG A 1116 48.22 -84.77 -118.79
C ARG A 1116 49.70 -84.89 -119.01
N ALA A 1117 50.18 -86.13 -119.15
CA ALA A 1117 51.59 -86.38 -119.41
C ALA A 1117 51.75 -87.10 -120.75
N HIS A 1118 52.92 -86.91 -121.37
CA HIS A 1118 53.17 -87.52 -122.66
C HIS A 1118 54.64 -87.89 -122.79
N VAL A 1119 54.90 -88.88 -123.65
CA VAL A 1119 56.23 -89.41 -123.90
C VAL A 1119 56.39 -89.60 -125.40
N ASP A 1120 57.59 -89.31 -125.90
CA ASP A 1120 57.92 -89.58 -127.30
C ASP A 1120 58.16 -91.08 -127.45
N LEU A 1121 57.54 -91.68 -128.47
CA LEU A 1121 57.67 -93.11 -128.72
C LEU A 1121 58.51 -93.42 -129.95
N GLY A 1122 59.02 -92.41 -130.66
CA GLY A 1122 59.78 -92.65 -131.85
C GLY A 1122 61.16 -93.22 -131.56
N VAL A 1123 61.75 -93.82 -132.58
CA VAL A 1123 63.09 -94.40 -132.44
C VAL A 1123 64.12 -93.43 -133.01
N GLY A 1124 63.82 -92.84 -134.16
CA GLY A 1124 64.68 -91.83 -134.75
C GLY A 1124 63.98 -90.49 -134.86
N TYR A 1125 63.54 -90.15 -136.07
CA TYR A 1125 62.79 -88.94 -136.33
C TYR A 1125 61.38 -89.34 -136.74
N THR A 1126 60.38 -88.76 -136.08
CA THR A 1126 58.99 -89.13 -136.28
C THR A 1126 58.14 -87.90 -136.59
N ALA A 1127 58.65 -87.04 -137.46
CA ALA A 1127 57.95 -85.81 -137.83
C ALA A 1127 58.71 -85.13 -138.95
N VAL A 1128 58.00 -84.29 -139.70
CA VAL A 1128 58.59 -83.51 -140.79
C VAL A 1128 57.64 -82.39 -141.17
N CYS A 1129 58.20 -81.26 -141.62
CA CYS A 1129 57.37 -80.15 -142.09
C CYS A 1129 58.21 -79.21 -142.95
N ALA A 1130 57.63 -78.72 -144.05
CA ALA A 1130 58.31 -77.75 -144.89
C ALA A 1130 57.26 -76.84 -145.51
N THR A 1131 57.50 -75.53 -145.44
CA THR A 1131 56.54 -74.55 -145.92
C THR A 1131 56.10 -74.85 -147.33
N ALA A 1132 54.83 -75.23 -147.49
CA ALA A 1132 54.33 -75.63 -148.79
C ALA A 1132 54.28 -74.44 -149.74
N ALA A 1133 53.64 -73.35 -149.31
CA ALA A 1133 53.52 -72.17 -150.15
C ALA A 1133 53.14 -70.98 -149.29
N LEU A 1134 52.83 -69.86 -149.95
CA LEU A 1134 52.57 -68.58 -149.31
C LEU A 1134 51.11 -68.18 -149.49
N ARG A 1135 50.67 -67.29 -148.61
CA ARG A 1135 49.29 -66.80 -148.61
C ARG A 1135 49.16 -65.49 -149.38
N CYS A 1136 49.86 -64.45 -148.95
CA CYS A 1136 49.75 -63.14 -149.58
C CYS A 1136 50.95 -62.31 -149.18
N PRO A 1137 51.43 -61.43 -150.05
CA PRO A 1137 52.57 -60.56 -149.72
C PRO A 1137 52.16 -59.43 -148.79
N LEU A 1138 52.21 -59.67 -147.49
CA LEU A 1138 51.81 -58.69 -146.47
C LEU A 1138 52.28 -57.28 -146.80
N THR A 1139 53.58 -57.09 -146.98
CA THR A 1139 54.13 -55.78 -147.26
C THR A 1139 54.17 -55.56 -148.78
N ASP A 1140 54.85 -54.50 -149.21
CA ASP A 1140 54.96 -54.16 -150.62
C ASP A 1140 56.43 -53.98 -150.99
N MET A 1141 56.67 -53.89 -152.30
CA MET A 1141 58.01 -53.69 -152.85
C MET A 1141 58.17 -52.30 -153.46
N GLY A 1142 57.53 -51.30 -152.86
CA GLY A 1142 57.60 -49.96 -153.40
C GLY A 1142 58.97 -49.34 -153.27
N ASN A 1143 59.17 -48.26 -154.04
CA ASN A 1143 60.44 -47.55 -154.06
C ASN A 1143 60.40 -46.41 -153.04
N THR A 1144 60.52 -46.78 -151.78
CA THR A 1144 60.48 -45.83 -150.66
C THR A 1144 61.91 -45.62 -150.18
N ALA A 1145 62.51 -44.52 -150.60
CA ALA A 1145 63.88 -44.22 -150.21
C ALA A 1145 63.96 -43.87 -148.73
N GLN A 1146 65.04 -44.31 -148.09
CA GLN A 1146 65.26 -44.04 -146.68
C GLN A 1146 65.83 -42.65 -146.48
N ASN A 1147 65.22 -41.88 -145.58
CA ASN A 1147 65.70 -40.54 -145.25
C ASN A 1147 66.46 -40.59 -143.94
N LEU A 1148 67.72 -40.14 -143.99
CA LEU A 1148 68.61 -40.19 -142.83
C LEU A 1148 68.47 -38.99 -141.92
N PHE A 1149 67.49 -38.12 -142.18
CA PHE A 1149 67.23 -36.97 -141.33
C PHE A 1149 66.33 -37.30 -140.15
N PHE A 1150 66.04 -38.58 -139.93
CA PHE A 1150 65.29 -39.02 -138.76
C PHE A 1150 66.18 -39.62 -137.69
N SER A 1151 67.45 -39.86 -138.00
CA SER A 1151 68.40 -40.41 -137.04
C SER A 1151 69.33 -39.29 -136.57
N ARG A 1152 69.22 -38.91 -135.30
CA ARG A 1152 70.13 -37.93 -134.75
C ARG A 1152 71.49 -38.56 -134.51
N GLY A 1153 72.53 -37.72 -134.50
CA GLY A 1153 73.87 -38.20 -134.30
C GLY A 1153 74.87 -37.66 -135.30
N GLY A 1154 74.46 -36.67 -136.08
CA GLY A 1154 75.33 -36.05 -137.06
C GLY A 1154 75.85 -34.71 -136.56
N VAL A 1155 77.13 -34.48 -136.76
CA VAL A 1155 77.74 -33.21 -136.41
C VAL A 1155 77.10 -32.12 -137.27
N PRO A 1156 76.34 -31.21 -136.69
CA PRO A 1156 75.64 -30.21 -137.51
C PRO A 1156 76.62 -29.26 -138.19
N MET A 1157 76.15 -28.68 -139.29
CA MET A 1157 76.97 -27.73 -140.03
C MET A 1157 77.18 -26.47 -139.19
N LEU A 1158 78.17 -25.68 -139.61
CA LEU A 1158 78.50 -24.46 -138.88
C LEU A 1158 77.38 -23.44 -138.94
N HIS A 1159 76.51 -23.53 -139.95
CA HIS A 1159 75.41 -22.60 -140.10
C HIS A 1159 74.08 -23.35 -140.14
N ASP A 1160 73.02 -22.62 -139.83
CA ASP A 1160 71.68 -23.22 -139.79
C ASP A 1160 70.97 -23.14 -141.12
N ASN A 1161 71.26 -22.12 -141.93
CA ASN A 1161 70.60 -22.00 -143.23
C ASN A 1161 70.95 -23.18 -144.13
N VAL A 1162 72.22 -23.59 -144.13
CA VAL A 1162 72.64 -24.71 -144.98
C VAL A 1162 71.92 -25.98 -144.58
N THR A 1163 71.82 -26.25 -143.27
CA THR A 1163 71.22 -27.51 -142.84
C THR A 1163 69.70 -27.48 -143.00
N GLU A 1164 69.06 -26.33 -142.82
CA GLU A 1164 67.62 -26.27 -143.02
C GLU A 1164 67.28 -26.41 -144.51
N SER A 1165 68.08 -25.79 -145.38
CA SER A 1165 67.88 -25.98 -146.81
C SER A 1165 68.13 -27.42 -147.21
N LEU A 1166 69.13 -28.07 -146.63
CA LEU A 1166 69.38 -29.48 -146.90
C LEU A 1166 68.18 -30.33 -146.50
N ARG A 1167 67.67 -30.13 -145.29
CA ARG A 1167 66.52 -30.91 -144.85
C ARG A 1167 65.31 -30.65 -145.74
N ARG A 1168 65.11 -29.40 -146.16
CA ARG A 1168 63.99 -29.08 -147.02
C ARG A 1168 64.10 -29.81 -148.35
N ILE A 1169 65.28 -29.77 -148.97
CA ILE A 1169 65.42 -30.35 -150.30
C ILE A 1169 65.43 -31.87 -150.24
N THR A 1170 65.83 -32.45 -149.11
CA THR A 1170 65.70 -33.90 -148.98
C THR A 1170 64.26 -34.33 -148.70
N ALA A 1171 63.50 -33.53 -147.94
CA ALA A 1171 62.11 -33.87 -147.69
C ALA A 1171 61.26 -33.71 -148.95
N SER A 1172 61.56 -32.68 -149.74
CA SER A 1172 60.83 -32.47 -150.99
C SER A 1172 61.30 -33.45 -152.07
N ALA A 1201 54.88 -50.72 -146.60
CA ALA A 1201 55.92 -49.72 -146.83
C ALA A 1201 57.30 -50.27 -146.45
N SER A 1202 58.09 -50.61 -147.46
CA SER A 1202 59.43 -51.15 -147.26
C SER A 1202 60.46 -50.12 -147.66
N VAL A 1203 61.38 -49.81 -146.75
CA VAL A 1203 62.40 -48.81 -147.01
C VAL A 1203 63.52 -49.41 -147.84
N CYS A 1204 64.30 -48.54 -148.48
CA CYS A 1204 65.42 -48.94 -149.32
C CYS A 1204 66.70 -48.39 -148.71
N GLU A 1205 67.63 -49.27 -148.39
CA GLU A 1205 68.91 -48.87 -147.79
C GLU A 1205 69.98 -48.80 -148.87
N PHE A 1206 70.68 -47.67 -148.94
CA PHE A 1206 71.71 -47.44 -149.94
C PHE A 1206 73.09 -47.61 -149.34
N VAL A 1207 73.98 -48.24 -150.09
CA VAL A 1207 75.37 -48.44 -149.69
C VAL A 1207 76.27 -48.06 -150.86
N ALA A 1208 77.29 -47.26 -150.58
CA ALA A 1208 78.19 -46.79 -151.63
C ALA A 1208 79.20 -47.88 -152.02
N MET A 1209 79.76 -47.73 -153.21
CA MET A 1209 80.72 -48.68 -153.76
C MET A 1209 81.41 -48.03 -154.96
N PRO A 1210 82.58 -48.54 -155.35
CA PRO A 1210 83.25 -48.02 -156.55
C PRO A 1210 82.38 -48.16 -157.78
N VAL A 1211 82.78 -47.45 -158.83
CA VAL A 1211 81.99 -47.42 -160.05
C VAL A 1211 82.08 -48.74 -160.79
N SER A 1212 83.30 -49.11 -161.22
CA SER A 1212 83.52 -50.29 -162.04
C SER A 1212 83.89 -51.45 -161.13
N THR A 1213 82.87 -52.06 -160.54
CA THR A 1213 83.05 -53.27 -159.73
C THR A 1213 82.57 -54.49 -160.52
N ASP A 1214 82.80 -55.66 -159.94
CA ASP A 1214 82.43 -56.90 -160.61
C ASP A 1214 80.92 -57.02 -160.70
N LEU A 1215 80.42 -57.22 -161.92
CA LEU A 1215 78.99 -57.39 -162.14
C LEU A 1215 78.54 -58.82 -161.89
N GLN A 1216 79.44 -59.80 -162.00
CA GLN A 1216 79.06 -61.18 -161.79
C GLN A 1216 78.73 -61.45 -160.32
N TYR A 1217 79.29 -60.65 -159.42
CA TYR A 1217 79.11 -60.88 -157.99
C TYR A 1217 77.64 -60.76 -157.59
N PHE A 1218 76.90 -59.87 -158.23
CA PHE A 1218 75.50 -59.66 -157.90
C PHE A 1218 74.55 -60.60 -158.65
N ARG A 1219 75.07 -61.47 -159.50
CA ARG A 1219 74.24 -62.39 -160.27
C ARG A 1219 73.91 -63.65 -159.48
N THR A 1220 74.24 -63.70 -158.19
CA THR A 1220 73.93 -64.84 -157.34
C THR A 1220 73.72 -64.31 -155.93
N ALA A 1221 73.69 -65.23 -154.96
CA ALA A 1221 73.55 -64.85 -153.55
C ALA A 1221 74.81 -64.10 -153.12
N CYS A 1222 74.70 -62.79 -152.94
CA CYS A 1222 75.83 -61.96 -152.57
C CYS A 1222 75.58 -61.35 -151.19
N ASN A 1223 76.67 -60.86 -150.59
CA ASN A 1223 76.62 -60.25 -149.27
C ASN A 1223 76.87 -58.75 -149.38
N PRO A 1224 76.08 -57.92 -148.70
CA PRO A 1224 76.27 -56.47 -148.83
C PRO A 1224 77.58 -55.97 -148.26
N ARG A 1225 78.18 -56.70 -147.32
CA ARG A 1225 79.47 -56.28 -146.77
C ARG A 1225 80.60 -56.42 -147.78
N GLY A 1226 80.39 -57.21 -148.83
CA GLY A 1226 81.43 -57.52 -149.79
C GLY A 1226 82.29 -58.70 -149.40
N ARG A 1227 82.58 -58.85 -148.12
CA ARG A 1227 83.37 -59.96 -147.61
C ARG A 1227 82.43 -60.97 -146.94
N ALA A 1228 82.40 -62.19 -147.46
CA ALA A 1228 81.53 -63.21 -146.90
C ALA A 1228 82.09 -63.69 -145.56
N SER A 1229 81.17 -64.07 -144.66
CA SER A 1229 81.57 -64.53 -143.33
C SER A 1229 81.21 -65.99 -143.13
N ALA A 1239 87.32 -67.11 -131.37
CA ALA A 1239 88.43 -66.29 -131.83
C ALA A 1239 88.33 -66.02 -133.33
N ASP A 1240 88.00 -67.06 -134.10
CA ASP A 1240 87.91 -66.91 -135.54
C ASP A 1240 86.80 -65.96 -135.95
N ILE A 1241 85.75 -65.83 -135.13
CA ILE A 1241 84.63 -64.98 -135.49
C ILE A 1241 85.07 -63.52 -135.56
N GLU A 1242 85.66 -63.01 -134.48
CA GLU A 1242 86.21 -61.68 -134.52
C GLU A 1242 87.42 -61.59 -135.45
N ALA A 1243 88.11 -62.71 -135.67
CA ALA A 1243 89.26 -62.70 -136.56
C ALA A 1243 88.84 -62.34 -137.98
N ILE A 1244 88.04 -63.19 -138.61
CA ILE A 1244 87.56 -62.90 -139.98
C ILE A 1244 86.26 -62.13 -139.84
N MET A 1245 86.40 -60.84 -139.53
CA MET A 1245 85.35 -59.86 -139.78
C MET A 1245 85.86 -58.56 -140.37
N PHE A 1246 87.10 -58.17 -140.08
CA PHE A 1246 87.72 -56.99 -140.66
C PHE A 1246 89.15 -57.20 -141.08
N ASP A 1247 89.78 -58.33 -140.74
CA ASP A 1247 91.16 -58.60 -141.12
C ASP A 1247 91.25 -58.70 -142.63
N HIS A 1248 91.99 -57.77 -143.24
CA HIS A 1248 92.17 -57.72 -144.69
C HIS A 1248 93.59 -58.05 -145.11
N THR A 1249 94.42 -58.56 -144.19
CA THR A 1249 95.76 -58.98 -144.57
C THR A 1249 95.73 -60.25 -145.40
N GLN A 1250 94.77 -61.12 -145.16
CA GLN A 1250 94.60 -62.35 -145.93
C GLN A 1250 93.44 -62.18 -146.91
N SER A 1251 93.18 -63.24 -147.67
CA SER A 1251 92.12 -63.23 -148.67
C SER A 1251 90.78 -63.61 -148.04
N ASP A 1252 89.74 -63.57 -148.87
CA ASP A 1252 88.41 -63.96 -148.42
C ASP A 1252 88.29 -65.48 -148.36
N VAL A 1253 87.25 -65.94 -147.64
CA VAL A 1253 87.04 -67.37 -147.47
C VAL A 1253 86.58 -67.99 -148.79
N ALA A 1254 85.53 -67.43 -149.39
CA ALA A 1254 84.99 -67.99 -150.62
C ALA A 1254 85.94 -67.75 -151.79
N TYR A 1255 86.22 -66.49 -152.09
CA TYR A 1255 87.15 -66.13 -153.16
C TYR A 1255 88.52 -65.90 -152.55
N THR A 1256 89.39 -66.89 -152.69
CA THR A 1256 90.76 -66.79 -152.15
C THR A 1256 91.68 -66.06 -153.12
N ASP A 1257 91.24 -64.89 -153.57
CA ASP A 1257 92.01 -64.05 -154.46
C ASP A 1257 91.98 -62.58 -154.08
N ARG A 1258 91.15 -62.19 -153.12
CA ARG A 1258 91.00 -60.79 -152.75
C ARG A 1258 90.44 -60.71 -151.34
N ALA A 1259 90.69 -59.57 -150.69
CA ALA A 1259 90.21 -59.38 -149.34
C ALA A 1259 88.72 -59.01 -149.32
N THR A 1260 88.38 -57.88 -149.91
CA THR A 1260 86.99 -57.43 -149.95
C THR A 1260 86.56 -57.10 -151.38
N LEU A 1261 85.38 -56.50 -151.52
CA LEU A 1261 84.88 -56.03 -152.80
C LEU A 1261 84.79 -54.52 -152.88
N ASN A 1262 84.55 -53.84 -151.76
CA ASN A 1262 84.57 -52.38 -151.70
C ASN A 1262 85.29 -51.99 -150.41
N PRO A 1263 86.38 -51.22 -150.49
CA PRO A 1263 87.09 -50.81 -149.28
C PRO A 1263 86.43 -49.67 -148.53
N TRP A 1264 85.19 -49.30 -148.86
CA TRP A 1264 84.48 -48.24 -148.17
C TRP A 1264 83.38 -48.74 -147.25
N ALA A 1265 83.09 -50.04 -147.26
CA ALA A 1265 82.03 -50.58 -146.41
C ALA A 1265 82.41 -51.92 -145.79
N SER A 1266 83.70 -52.22 -145.63
CA SER A 1266 84.11 -53.47 -145.02
C SER A 1266 85.26 -53.33 -144.05
N GLN A 1267 85.80 -52.13 -143.84
CA GLN A 1267 86.92 -51.95 -142.93
C GLN A 1267 86.42 -51.90 -141.49
N LYS A 1268 87.36 -51.84 -140.56
CA LYS A 1268 86.99 -51.73 -139.14
C LYS A 1268 86.24 -50.44 -138.87
N HIS A 1269 86.56 -49.37 -139.59
CA HIS A 1269 85.90 -48.09 -139.44
C HIS A 1269 85.60 -47.48 -140.80
N SER A 1270 85.14 -48.32 -141.74
CA SER A 1270 84.81 -47.84 -143.06
C SER A 1270 83.59 -46.91 -143.01
N TYR A 1271 83.25 -46.35 -144.16
CA TYR A 1271 82.14 -45.39 -144.22
C TYR A 1271 80.83 -46.06 -143.85
N GLY A 1272 80.57 -47.25 -144.37
CA GLY A 1272 79.32 -47.94 -144.06
C GLY A 1272 79.24 -48.34 -142.60
N ASP A 1273 80.34 -48.83 -142.04
CA ASP A 1273 80.35 -49.21 -140.63
C ASP A 1273 80.14 -47.99 -139.74
N ARG A 1274 80.73 -46.85 -140.12
CA ARG A 1274 80.51 -45.63 -139.35
C ARG A 1274 79.09 -45.13 -139.49
N LEU A 1275 78.47 -45.33 -140.65
CA LEU A 1275 77.09 -44.93 -140.85
C LEU A 1275 76.16 -45.77 -139.99
N TYR A 1276 76.27 -47.09 -140.08
CA TYR A 1276 75.44 -47.99 -139.29
C TYR A 1276 76.30 -49.13 -138.78
N ASN A 1277 76.35 -49.29 -137.46
CA ASN A 1277 77.02 -50.43 -136.84
C ASN A 1277 76.22 -51.05 -135.72
N GLY A 1278 75.19 -50.40 -135.21
CA GLY A 1278 74.42 -50.91 -134.10
C GLY A 1278 75.06 -50.76 -132.75
N THR A 1279 76.38 -50.66 -132.69
CA THR A 1279 77.11 -50.49 -131.44
C THR A 1279 77.46 -49.04 -131.17
N TYR A 1280 77.16 -48.13 -132.09
CA TYR A 1280 77.49 -46.72 -131.94
C TYR A 1280 76.28 -45.86 -131.61
N ASN A 1281 75.08 -46.42 -131.64
CA ASN A 1281 73.85 -45.67 -131.37
C ASN A 1281 73.70 -44.47 -132.29
N TYR A 1289 63.36 -47.95 -138.47
CA TYR A 1289 63.92 -49.28 -138.66
C TYR A 1289 64.73 -49.35 -139.95
N SER A 1290 65.79 -50.17 -139.94
CA SER A 1290 66.68 -50.32 -141.09
C SER A 1290 66.89 -51.80 -141.35
N PRO A 1291 66.74 -52.25 -142.60
CA PRO A 1291 66.96 -53.69 -142.88
C PRO A 1291 68.42 -54.08 -142.89
N CYS A 1292 69.32 -53.17 -143.20
CA CYS A 1292 70.75 -53.47 -143.27
C CYS A 1292 71.42 -53.52 -141.91
N PHE A 1293 70.68 -53.36 -140.82
CA PHE A 1293 71.28 -53.42 -139.50
C PHE A 1293 71.75 -54.82 -139.15
N LYS A 1294 71.07 -55.85 -139.65
CA LYS A 1294 71.40 -57.23 -139.33
C LYS A 1294 72.64 -57.73 -140.06
N PHE A 1295 73.40 -56.85 -140.71
CA PHE A 1295 74.63 -57.23 -141.38
C PHE A 1295 75.85 -56.57 -140.77
N PHE A 1296 75.82 -55.25 -140.58
CA PHE A 1296 76.96 -54.52 -140.03
C PHE A 1296 76.79 -54.32 -138.52
N THR A 1297 76.73 -55.42 -137.79
CA THR A 1297 76.56 -55.37 -136.34
C THR A 1297 77.19 -56.62 -135.75
N PRO A 1298 78.39 -56.51 -135.18
CA PRO A 1298 79.07 -57.72 -134.68
C PRO A 1298 78.29 -58.43 -133.58
N ALA A 1299 77.64 -57.67 -132.70
CA ALA A 1299 76.96 -58.26 -131.55
C ALA A 1299 75.91 -59.27 -131.96
N GLU A 1300 75.29 -59.09 -133.13
CA GLU A 1300 74.27 -60.02 -133.59
C GLU A 1300 74.76 -61.00 -134.64
N VAL A 1301 75.70 -60.61 -135.51
CA VAL A 1301 76.20 -61.57 -136.49
C VAL A 1301 77.01 -62.64 -135.78
N ASN A 1302 77.64 -62.29 -134.66
CA ASN A 1302 78.35 -63.30 -133.87
C ASN A 1302 77.41 -64.42 -133.43
N THR A 1303 76.29 -64.06 -132.81
CA THR A 1303 75.36 -65.10 -132.36
C THR A 1303 74.64 -65.77 -133.52
N ASN A 1304 74.41 -65.03 -134.62
CA ASN A 1304 73.81 -65.63 -135.81
C ASN A 1304 74.70 -66.75 -136.34
N CYS A 1305 75.97 -66.44 -136.59
CA CYS A 1305 76.89 -67.45 -137.08
C CYS A 1305 77.14 -68.54 -136.04
N ASN A 1306 77.06 -68.21 -134.75
CA ASN A 1306 77.27 -69.22 -133.72
C ASN A 1306 76.14 -70.25 -133.71
N THR A 1307 74.89 -69.79 -133.73
CA THR A 1307 73.79 -70.74 -133.83
C THR A 1307 73.80 -71.45 -135.17
N LEU A 1308 74.30 -70.80 -136.23
CA LEU A 1308 74.51 -71.50 -137.49
C LEU A 1308 75.47 -72.67 -137.30
N ASP A 1309 76.59 -72.44 -136.60
CA ASP A 1309 77.53 -73.52 -136.33
C ASP A 1309 76.88 -74.62 -135.52
N ARG A 1310 76.05 -74.27 -134.53
CA ARG A 1310 75.39 -75.30 -133.73
C ARG A 1310 74.48 -76.15 -134.61
N LEU A 1311 73.75 -75.50 -135.51
CA LEU A 1311 72.94 -76.24 -136.48
C LEU A 1311 73.81 -77.18 -137.32
N LEU A 1312 74.97 -76.69 -137.77
CA LEU A 1312 75.86 -77.54 -138.56
C LEU A 1312 76.34 -78.75 -137.76
N MET A 1313 76.73 -78.54 -136.51
CA MET A 1313 77.21 -79.65 -135.69
C MET A 1313 76.12 -80.66 -135.43
N GLU A 1314 74.88 -80.18 -135.23
CA GLU A 1314 73.77 -81.12 -135.06
C GLU A 1314 73.52 -81.89 -136.34
N ALA A 1315 73.64 -81.23 -137.49
CA ALA A 1315 73.49 -81.93 -138.76
C ALA A 1315 74.56 -82.99 -138.93
N LYS A 1316 75.79 -82.68 -138.54
CA LYS A 1316 76.87 -83.67 -138.61
C LYS A 1316 76.57 -84.84 -137.69
N ALA A 1317 76.11 -84.57 -136.46
CA ALA A 1317 75.83 -85.65 -135.52
C ALA A 1317 74.64 -86.50 -135.99
N VAL A 1318 73.76 -85.93 -136.79
CA VAL A 1318 72.61 -86.67 -137.31
C VAL A 1318 73.07 -87.75 -138.28
N PRO A 1333 64.42 -79.60 -134.22
CA PRO A 1333 65.68 -79.53 -133.47
C PRO A 1333 66.90 -79.52 -134.37
N PRO A 1334 67.88 -78.66 -134.06
CA PRO A 1334 67.84 -77.72 -132.94
C PRO A 1334 67.26 -76.37 -133.33
N GLY A 1335 66.39 -75.84 -132.48
CA GLY A 1335 65.80 -74.53 -132.72
C GLY A 1335 64.55 -74.57 -133.57
N SER A 1336 64.60 -75.34 -134.66
CA SER A 1336 63.48 -75.47 -135.60
C SER A 1336 63.12 -74.13 -136.22
N THR A 1337 63.98 -73.13 -136.03
CA THR A 1337 63.79 -71.79 -136.55
C THR A 1337 65.12 -71.31 -137.11
N GLU A 1338 65.09 -70.15 -137.78
CA GLU A 1338 66.20 -69.57 -138.53
C GLU A 1338 66.41 -70.33 -139.84
N MET A 1339 65.64 -71.40 -140.04
CA MET A 1339 65.40 -71.97 -141.37
C MET A 1339 64.07 -71.52 -141.93
N THR A 1340 63.01 -71.65 -141.15
CA THR A 1340 61.73 -71.02 -141.43
C THR A 1340 61.63 -69.73 -140.62
N GLN A 1341 60.84 -68.79 -141.14
CA GLN A 1341 60.64 -67.45 -140.59
C GLN A 1341 61.89 -66.60 -140.64
N ASP A 1342 63.02 -67.13 -141.10
CA ASP A 1342 64.24 -66.35 -141.23
C ASP A 1342 65.23 -67.06 -142.14
N PRO A 1343 65.01 -67.05 -143.45
CA PRO A 1343 66.05 -67.49 -144.37
C PRO A 1343 67.14 -66.42 -144.47
N CYS A 1344 68.32 -66.88 -144.88
CA CYS A 1344 69.50 -66.02 -145.07
C CYS A 1344 69.82 -65.19 -143.82
N GLY A 1345 69.30 -65.60 -142.66
CA GLY A 1345 69.61 -64.93 -141.42
C GLY A 1345 70.91 -65.45 -140.85
N LEU A 1346 71.04 -66.77 -140.79
CA LEU A 1346 72.29 -67.40 -140.40
C LEU A 1346 73.26 -67.54 -141.57
N PHE A 1347 72.81 -67.25 -142.79
CA PHE A 1347 73.66 -67.37 -143.97
C PHE A 1347 74.37 -66.07 -144.32
N GLN A 1348 73.87 -64.93 -143.86
CA GLN A 1348 74.42 -63.62 -144.21
C GLN A 1348 74.49 -63.45 -145.72
N GLU A 1349 73.36 -63.72 -146.39
CA GLU A 1349 73.27 -63.62 -147.83
C GLU A 1349 72.01 -62.86 -148.21
N ALA A 1350 71.94 -62.48 -149.49
CA ALA A 1350 70.78 -61.79 -150.02
C ALA A 1350 70.51 -62.29 -151.44
N TYR A 1351 69.26 -62.26 -151.84
CA TYR A 1351 68.93 -62.79 -153.15
C TYR A 1351 68.64 -61.66 -154.12
N PRO A 1352 69.24 -61.68 -155.30
CA PRO A 1352 68.97 -60.63 -156.28
C PRO A 1352 67.71 -60.94 -157.06
N PRO A 1353 66.76 -60.01 -157.12
CA PRO A 1353 65.55 -60.23 -157.90
C PRO A 1353 65.75 -59.91 -159.37
N LEU A 1354 64.69 -60.01 -160.17
CA LEU A 1354 64.76 -59.68 -161.58
C LEU A 1354 64.81 -58.16 -161.73
N CYS A 1355 65.91 -57.65 -162.28
CA CYS A 1355 66.07 -56.21 -162.44
C CYS A 1355 66.97 -55.93 -163.62
N SER A 1356 66.80 -54.74 -164.21
CA SER A 1356 67.64 -54.31 -165.31
C SER A 1356 67.66 -52.79 -165.34
N SER A 1357 68.80 -52.23 -165.73
CA SER A 1357 68.94 -50.77 -165.75
C SER A 1357 68.03 -50.13 -166.79
N ASP A 1358 67.70 -50.85 -167.85
CA ASP A 1358 66.80 -50.35 -168.87
C ASP A 1358 65.41 -50.97 -168.70
N ALA A 1359 64.45 -50.40 -169.43
CA ALA A 1359 63.09 -50.92 -169.45
C ALA A 1359 62.74 -51.63 -170.74
N ALA A 1360 63.40 -51.30 -171.86
CA ALA A 1360 63.12 -51.97 -173.12
C ALA A 1360 63.70 -53.38 -173.15
N MET A 1361 64.89 -53.58 -172.56
CA MET A 1361 65.47 -54.90 -172.50
C MET A 1361 64.89 -55.76 -171.38
N LEU A 1362 64.13 -55.16 -170.46
CA LEU A 1362 63.54 -55.94 -169.38
C LEU A 1362 62.47 -56.91 -169.90
N ARG A 1363 61.72 -56.51 -170.91
CA ARG A 1363 60.67 -57.33 -171.49
C ARG A 1363 60.87 -57.42 -172.99
N THR A 1364 60.22 -58.40 -173.61
CA THR A 1364 60.29 -58.61 -175.04
C THR A 1364 58.95 -58.30 -175.70
N ALA A 1365 59.01 -57.76 -176.91
CA ALA A 1365 57.80 -57.35 -177.62
C ALA A 1365 57.25 -58.45 -178.52
N HIS A 1366 57.06 -59.64 -177.96
CA HIS A 1366 56.42 -60.74 -178.68
C HIS A 1366 55.14 -61.21 -178.01
N ALA A 1367 54.60 -60.43 -177.07
CA ALA A 1367 53.40 -60.79 -176.31
C ALA A 1367 53.58 -62.15 -175.62
N GLY A 1368 54.52 -62.18 -174.69
CA GLY A 1368 54.85 -63.40 -173.99
C GLY A 1368 55.89 -63.23 -172.90
N GLU A 1369 56.87 -64.13 -172.87
CA GLU A 1369 57.88 -64.10 -171.83
C GLU A 1369 58.69 -62.81 -171.88
N THR A 1370 59.27 -62.44 -170.74
CA THR A 1370 60.01 -61.20 -170.60
C THR A 1370 61.42 -61.37 -171.15
N GLY A 1371 62.28 -60.38 -170.88
CA GLY A 1371 63.63 -60.41 -171.42
C GLY A 1371 64.50 -61.47 -170.78
N ALA A 1372 65.39 -62.04 -171.60
CA ALA A 1372 66.34 -63.06 -171.16
C ALA A 1372 67.73 -62.79 -171.74
N ASP A 1373 68.15 -61.52 -171.74
CA ASP A 1373 69.45 -61.13 -172.24
C ASP A 1373 70.34 -60.73 -171.06
N GLU A 1374 71.60 -60.42 -171.36
CA GLU A 1374 72.56 -60.02 -170.34
C GLU A 1374 73.09 -58.61 -170.54
N VAL A 1375 73.65 -58.31 -171.72
CA VAL A 1375 74.26 -57.02 -172.00
C VAL A 1375 73.96 -56.66 -173.45
N HIS A 1376 73.51 -55.42 -173.69
CA HIS A 1376 73.37 -54.97 -175.07
C HIS A 1376 74.61 -54.20 -175.52
N LEU A 1377 74.88 -53.05 -174.91
CA LEU A 1377 76.13 -52.33 -175.11
C LEU A 1377 76.90 -52.15 -173.81
N ALA A 1378 76.28 -51.55 -172.80
CA ALA A 1378 76.91 -51.36 -171.50
C ALA A 1378 75.97 -51.63 -170.34
N GLN A 1379 74.68 -51.82 -170.58
CA GLN A 1379 73.71 -52.01 -169.51
C GLN A 1379 73.69 -53.48 -169.10
N TYR A 1380 72.72 -53.87 -168.27
CA TYR A 1380 72.74 -55.22 -167.71
C TYR A 1380 71.31 -55.66 -167.41
N LEU A 1381 71.15 -56.98 -167.33
CA LEU A 1381 69.89 -57.59 -166.91
C LEU A 1381 70.24 -58.76 -166.01
N ILE A 1382 69.94 -58.62 -164.72
CA ILE A 1382 70.23 -59.65 -163.74
C ILE A 1382 68.98 -60.51 -163.58
N ARG A 1383 69.08 -61.77 -164.00
CA ARG A 1383 67.95 -62.68 -163.88
C ARG A 1383 67.65 -62.99 -162.42
N ASP A 1384 66.38 -63.28 -162.14
CA ASP A 1384 65.95 -63.52 -160.77
C ASP A 1384 66.48 -64.86 -160.29
N ALA A 1385 67.20 -64.84 -159.17
CA ALA A 1385 67.72 -66.06 -158.55
C ALA A 1385 67.18 -66.25 -157.15
N SER A 1386 66.14 -65.51 -156.78
CA SER A 1386 65.53 -65.63 -155.47
C SER A 1386 64.59 -66.82 -155.42
N PRO A 1387 64.24 -67.29 -154.21
CA PRO A 1387 63.20 -68.33 -154.12
C PRO A 1387 61.86 -67.90 -154.67
N LEU A 1388 61.64 -66.60 -154.87
CA LEU A 1388 60.39 -66.08 -155.42
C LEU A 1388 60.53 -66.01 -156.93
N ARG A 1389 60.34 -67.16 -157.58
CA ARG A 1389 60.41 -67.24 -159.03
C ARG A 1389 59.11 -67.71 -159.67
N GLY A 1390 58.52 -68.79 -159.16
CA GLY A 1390 57.29 -69.30 -159.73
C GLY A 1390 56.03 -68.74 -159.08
N CYS A 1391 56.12 -67.51 -158.58
CA CYS A 1391 55.01 -66.85 -157.90
C CYS A 1391 54.74 -65.50 -158.58
N LEU A 1392 53.83 -64.74 -157.98
CA LEU A 1392 53.45 -63.42 -158.48
C LEU A 1392 52.94 -63.48 -159.92
N ILE B 19 81.33 -99.75 93.72
CA ILE B 19 80.00 -99.18 93.77
C ILE B 19 78.93 -100.25 93.57
N ALA B 20 78.25 -100.67 94.61
CA ALA B 20 77.11 -101.52 94.33
C ALA B 20 75.84 -100.68 94.26
N GLY B 21 75.36 -100.21 95.41
CA GLY B 21 74.23 -99.29 95.43
C GLY B 21 73.02 -99.74 94.66
N LEU B 22 73.06 -100.91 94.02
CA LEU B 22 72.07 -101.25 93.01
C LEU B 22 71.32 -102.53 93.33
N PHE B 23 71.76 -103.29 94.33
CA PHE B 23 71.00 -104.43 94.81
C PHE B 23 71.15 -104.48 96.32
N ASN B 24 70.09 -104.92 97.00
CA ASN B 24 70.14 -105.03 98.45
C ASN B 24 71.29 -105.95 98.86
N ILE B 25 72.04 -105.52 99.87
CA ILE B 25 73.28 -106.22 100.24
C ILE B 25 72.95 -107.61 100.75
N PRO B 26 72.06 -107.80 101.74
CA PRO B 26 71.67 -109.18 102.09
C PRO B 26 70.91 -109.85 100.95
N ALA B 27 69.86 -109.20 100.45
CA ALA B 27 69.05 -109.72 99.36
C ALA B 27 68.57 -111.15 99.65
N GLY B 28 67.75 -111.26 100.69
CA GLY B 28 67.31 -112.57 101.13
C GLY B 28 66.52 -113.35 100.10
N ILE B 29 67.17 -114.36 99.53
CA ILE B 29 66.56 -115.28 98.57
C ILE B 29 67.15 -116.66 98.81
N ILE B 30 66.68 -117.64 98.04
CA ILE B 30 67.26 -118.97 98.14
C ILE B 30 68.67 -118.92 97.56
N PRO B 31 69.68 -119.36 98.29
CA PRO B 31 71.04 -119.33 97.75
C PRO B 31 71.26 -120.43 96.74
N THR B 32 72.10 -120.12 95.74
CA THR B 32 72.37 -121.10 94.69
C THR B 32 73.18 -122.28 95.24
N GLY B 33 74.33 -121.98 95.84
CA GLY B 33 75.16 -123.02 96.42
C GLY B 33 75.65 -122.61 97.79
N ASN B 34 76.07 -123.62 98.56
CA ASN B 34 76.55 -123.39 99.91
C ASN B 34 78.04 -123.10 99.88
N VAL B 35 78.44 -122.10 100.65
CA VAL B 35 79.85 -121.73 100.76
C VAL B 35 80.55 -122.73 101.67
N LEU B 36 81.86 -122.89 101.47
CA LEU B 36 82.68 -123.75 102.32
C LEU B 36 83.88 -122.99 102.82
N SER B 37 84.81 -123.67 103.48
CA SER B 37 86.07 -123.10 103.93
C SER B 37 85.83 -121.91 104.85
N THR B 38 85.23 -122.21 106.00
CA THR B 38 84.95 -121.18 106.99
C THR B 38 86.25 -120.71 107.64
N ILE B 39 86.76 -119.56 107.20
CA ILE B 39 87.98 -118.97 107.70
C ILE B 39 87.75 -117.49 107.94
N GLU B 40 88.82 -116.79 108.34
CA GLU B 40 88.74 -115.36 108.57
C GLU B 40 88.74 -114.64 107.23
N VAL B 41 87.58 -114.10 106.85
CA VAL B 41 87.45 -113.39 105.58
C VAL B 41 87.89 -111.94 105.68
N CYS B 42 87.87 -111.36 106.87
CA CYS B 42 88.22 -109.95 107.05
C CYS B 42 89.71 -109.70 106.91
N ALA B 43 90.54 -110.71 107.16
CA ALA B 43 91.99 -110.52 107.17
C ALA B 43 92.53 -110.06 105.82
N HIS B 44 91.79 -110.29 104.74
CA HIS B 44 92.23 -109.85 103.41
C HIS B 44 90.97 -109.46 102.63
N ARG B 45 90.66 -108.17 102.62
CA ARG B 45 89.49 -107.66 101.93
C ARG B 45 89.81 -107.16 100.53
N CYS B 46 91.07 -107.23 100.11
CA CYS B 46 91.46 -106.70 98.80
C CYS B 46 91.43 -107.77 97.72
N ILE B 47 90.35 -108.54 97.66
CA ILE B 47 90.12 -109.44 96.53
C ILE B 47 88.71 -109.24 96.01
N PHE B 48 87.84 -108.67 96.83
CA PHE B 48 86.46 -108.46 96.45
C PHE B 48 86.26 -107.04 95.93
N ASP B 49 85.03 -106.71 95.54
CA ASP B 49 84.67 -105.38 95.12
C ASP B 49 84.14 -104.52 96.25
N PHE B 50 83.52 -105.11 97.26
CA PHE B 50 82.96 -104.37 98.39
C PHE B 50 82.80 -105.32 99.55
N PHE B 51 83.30 -104.91 100.72
CA PHE B 51 83.29 -105.77 101.89
C PHE B 51 82.92 -104.96 103.13
N LYS B 52 82.10 -105.56 103.98
CA LYS B 52 81.71 -104.94 105.24
C LYS B 52 81.06 -106.01 106.13
N GLN B 53 81.21 -105.83 107.44
CA GLN B 53 80.60 -106.75 108.39
C GLN B 53 80.18 -105.96 109.63
N ILE B 54 78.98 -106.25 110.12
CA ILE B 54 78.41 -105.56 111.28
C ILE B 54 78.66 -106.41 112.52
N ARG B 55 78.78 -105.74 113.66
CA ARG B 55 79.15 -106.43 114.90
C ARG B 55 78.10 -107.45 115.30
N SER B 56 76.92 -107.00 115.74
CA SER B 56 75.79 -107.89 115.95
C SER B 56 74.59 -107.50 115.10
N ASP B 57 74.09 -106.29 115.29
CA ASP B 57 72.91 -105.80 114.51
C ASP B 57 72.86 -104.27 114.59
N ASP B 58 73.15 -103.57 113.50
CA ASP B 58 73.17 -102.09 113.52
C ASP B 58 72.13 -101.52 112.54
N ASN B 59 70.86 -101.92 112.68
CA ASN B 59 69.76 -101.41 111.83
C ASN B 59 70.17 -101.51 110.35
N SER B 60 70.03 -100.40 109.63
CA SER B 60 70.43 -100.30 108.19
C SER B 60 69.88 -101.46 107.37
N LEU B 61 69.00 -102.30 107.92
CA LEU B 61 68.47 -103.39 107.11
C LEU B 61 66.96 -103.25 107.00
N TYR B 62 66.35 -102.71 108.05
CA TYR B 62 64.91 -102.55 108.12
C TYR B 62 64.51 -101.17 107.58
N SER B 63 64.86 -100.95 106.32
CA SER B 63 64.69 -99.67 105.65
C SER B 63 64.09 -99.84 104.27
N ALA B 64 62.99 -100.59 104.19
CA ALA B 64 62.33 -100.81 102.91
C ALA B 64 61.78 -99.49 102.35
N GLN B 65 62.42 -98.98 101.30
CA GLN B 65 62.01 -97.74 100.65
C GLN B 65 62.06 -97.97 99.15
N PHE B 66 60.89 -97.98 98.52
CA PHE B 66 60.77 -98.29 97.10
C PHE B 66 60.34 -97.05 96.33
N ASP B 67 60.20 -97.21 95.02
CA ASP B 67 59.66 -96.17 94.15
C ASP B 67 58.54 -96.77 93.32
N ILE B 68 57.47 -96.01 93.15
CA ILE B 68 56.28 -96.50 92.46
C ILE B 68 56.04 -95.64 91.23
N LEU B 69 55.55 -96.29 90.17
CA LEU B 69 55.11 -95.61 88.96
C LEU B 69 53.60 -95.57 88.94
N LEU B 70 53.03 -94.39 88.74
CA LEU B 70 51.60 -94.17 88.84
C LEU B 70 50.90 -94.22 87.49
N GLY B 71 51.40 -95.02 86.56
CA GLY B 71 50.79 -95.16 85.26
C GLY B 71 51.17 -94.06 84.31
N THR B 72 50.89 -94.30 83.03
CA THR B 72 51.22 -93.38 81.96
C THR B 72 49.95 -92.90 81.28
N TYR B 73 50.06 -91.78 80.58
CA TYR B 73 48.94 -91.20 79.84
C TYR B 73 49.43 -90.68 78.50
N CYS B 74 48.68 -91.00 77.45
CA CYS B 74 49.05 -90.57 76.10
C CYS B 74 47.86 -89.96 75.39
N ASN B 75 48.02 -89.66 74.10
CA ASN B 75 46.95 -89.06 73.32
C ASN B 75 46.99 -89.60 71.90
N THR B 76 45.83 -89.62 71.26
CA THR B 76 45.70 -90.05 69.87
C THR B 76 45.06 -88.92 69.08
N LEU B 77 45.78 -88.40 68.09
CA LEU B 77 45.24 -87.33 67.27
C LEU B 77 44.23 -87.87 66.27
N ASN B 78 43.38 -86.98 65.77
CA ASN B 78 42.39 -87.30 64.77
C ASN B 78 42.86 -86.84 63.39
N PHE B 79 42.14 -87.28 62.37
CA PHE B 79 42.47 -86.98 60.99
C PHE B 79 41.32 -86.22 60.35
N VAL B 80 41.64 -85.13 59.65
CA VAL B 80 40.66 -84.29 58.99
C VAL B 80 40.72 -84.54 57.49
N ARG B 81 39.55 -84.73 56.87
CA ARG B 81 39.45 -84.96 55.44
C ARG B 81 39.01 -83.68 54.74
N PHE B 82 39.48 -83.50 53.51
CA PHE B 82 39.24 -82.26 52.78
C PHE B 82 37.77 -82.13 52.39
N LEU B 83 37.21 -83.19 51.79
CA LEU B 83 35.83 -83.12 51.34
C LEU B 83 34.86 -82.93 52.50
N GLU B 84 35.22 -83.40 53.69
CA GLU B 84 34.36 -83.22 54.85
C GLU B 84 34.27 -81.75 55.27
N LEU B 85 35.19 -80.91 54.81
CA LEU B 85 35.15 -79.50 55.13
C LEU B 85 34.21 -78.76 54.18
N GLY B 86 33.72 -77.61 54.64
CA GLY B 86 32.87 -76.79 53.80
C GLY B 86 33.61 -76.03 52.73
N LEU B 87 34.93 -76.09 52.72
CA LEU B 87 35.71 -75.39 51.69
C LEU B 87 35.70 -76.11 50.35
N SER B 88 35.29 -77.38 50.31
CA SER B 88 35.28 -78.13 49.07
C SER B 88 34.28 -77.59 48.06
N VAL B 89 33.37 -76.71 48.48
CA VAL B 89 32.36 -76.18 47.58
C VAL B 89 32.86 -74.87 47.00
N ALA B 90 34.15 -74.59 47.16
CA ALA B 90 34.77 -73.41 46.58
C ALA B 90 35.55 -73.72 45.32
N CYS B 91 35.75 -74.99 44.99
CA CYS B 91 36.52 -75.39 43.81
C CYS B 91 36.06 -76.77 43.38
N ILE B 92 36.57 -77.21 42.24
CA ILE B 92 36.32 -78.56 41.73
C ILE B 92 37.66 -79.26 41.61
N CYS B 93 37.89 -80.26 42.46
CA CYS B 93 39.15 -80.97 42.47
C CYS B 93 39.08 -82.20 41.58
N THR B 94 40.22 -82.55 40.99
CA THR B 94 40.31 -83.72 40.12
C THR B 94 41.74 -84.27 40.17
N LYS B 95 41.88 -85.54 39.82
CA LYS B 95 43.14 -86.25 39.87
C LYS B 95 43.66 -86.43 38.45
N PHE B 96 44.94 -86.11 38.25
CA PHE B 96 45.58 -86.21 36.95
C PHE B 96 46.92 -86.89 37.14
N PRO B 97 47.04 -88.19 36.86
CA PRO B 97 48.30 -88.89 37.17
C PRO B 97 49.47 -88.39 36.34
N GLU B 98 49.27 -88.15 35.05
CA GLU B 98 50.35 -87.71 34.19
C GLU B 98 50.43 -86.19 34.15
N LEU B 99 50.51 -85.56 35.32
CA LEU B 99 50.62 -84.12 35.42
C LEU B 99 52.05 -83.63 35.28
N ALA B 100 53.03 -84.50 35.50
CA ALA B 100 54.43 -84.12 35.45
C ALA B 100 54.89 -83.71 34.05
N TYR B 101 53.97 -83.72 33.08
CA TYR B 101 54.32 -83.30 31.70
C TYR B 101 53.18 -82.42 31.17
N VAL B 102 52.60 -81.57 32.01
CA VAL B 102 51.49 -80.75 31.54
C VAL B 102 51.99 -79.66 30.60
N ARG B 103 53.16 -79.08 30.89
CA ARG B 103 53.86 -78.18 29.99
C ARG B 103 52.94 -77.10 29.42
N ASP B 104 52.46 -76.23 30.31
CA ASP B 104 51.64 -75.07 29.94
C ASP B 104 50.33 -75.50 29.27
N GLY B 105 49.47 -76.11 30.08
CA GLY B 105 48.10 -76.35 29.68
C GLY B 105 47.35 -75.05 29.46
N VAL B 106 46.15 -75.11 28.90
CA VAL B 106 45.44 -73.89 28.50
C VAL B 106 43.94 -74.16 28.48
N ILE B 107 43.16 -73.09 28.62
CA ILE B 107 41.71 -73.15 28.58
C ILE B 107 41.22 -71.90 27.85
N GLN B 108 39.97 -71.92 27.37
CA GLN B 108 39.44 -70.79 26.63
C GLN B 108 37.94 -70.64 26.82
N PHE B 109 37.46 -69.42 26.67
CA PHE B 109 36.07 -69.02 26.85
C PHE B 109 35.59 -68.25 25.61
N GLU B 110 34.27 -68.24 25.43
CA GLU B 110 33.66 -67.47 24.35
C GLU B 110 32.28 -67.01 24.79
N VAL B 111 31.98 -65.72 24.57
CA VAL B 111 30.70 -65.14 24.94
C VAL B 111 30.19 -64.26 23.81
N GLN B 112 28.91 -63.90 23.90
CA GLN B 112 28.25 -63.03 22.94
C GLN B 112 27.55 -61.91 23.69
N GLN B 113 27.13 -60.88 22.94
CA GLN B 113 26.44 -59.76 23.55
C GLN B 113 25.19 -59.39 22.77
N PRO B 114 24.07 -59.19 23.45
CA PRO B 114 22.85 -58.76 22.76
C PRO B 114 22.88 -57.27 22.45
N MET B 115 21.99 -56.88 21.54
CA MET B 115 21.93 -55.50 21.07
C MET B 115 20.49 -55.02 21.04
N ILE B 116 20.33 -53.70 20.91
CA ILE B 116 19.03 -53.05 20.93
C ILE B 116 18.81 -52.37 19.58
N ALA B 117 17.54 -52.33 19.16
CA ALA B 117 17.17 -51.74 17.87
C ALA B 117 16.54 -50.38 18.14
N ARG B 118 17.37 -49.35 18.17
CA ARG B 118 16.92 -47.98 18.33
C ARG B 118 17.24 -47.18 17.08
N ASP B 119 16.47 -46.12 16.85
CA ASP B 119 16.64 -45.28 15.69
C ASP B 119 16.60 -43.81 16.08
N GLY B 120 17.02 -42.97 15.15
CA GLY B 120 17.16 -41.55 15.40
C GLY B 120 18.54 -41.07 15.01
N PRO B 121 19.02 -40.03 15.67
CA PRO B 121 20.37 -39.51 15.41
C PRO B 121 21.47 -40.30 16.13
N HIS B 122 21.41 -41.63 16.02
CA HIS B 122 22.40 -42.51 16.61
C HIS B 122 22.89 -43.49 15.55
N PRO B 123 24.17 -43.85 15.60
CA PRO B 123 24.67 -44.88 14.67
C PRO B 123 24.08 -46.23 15.00
N VAL B 124 23.79 -47.00 13.95
CA VAL B 124 23.17 -48.31 14.16
C VAL B 124 24.15 -49.24 14.86
N ASP B 125 23.60 -50.30 15.44
CA ASP B 125 24.37 -51.23 16.24
C ASP B 125 24.68 -52.51 15.47
N GLN B 126 25.54 -53.33 16.06
CA GLN B 126 26.02 -54.56 15.45
C GLN B 126 26.30 -55.57 16.56
N PRO B 127 25.89 -56.83 16.38
CA PRO B 127 26.15 -57.84 17.42
C PRO B 127 27.64 -58.06 17.61
N VAL B 128 28.03 -58.35 18.85
CA VAL B 128 29.44 -58.47 19.23
C VAL B 128 29.66 -59.84 19.85
N HIS B 129 30.82 -60.44 19.53
CA HIS B 129 31.28 -61.67 20.13
C HIS B 129 32.67 -61.47 20.71
N ASN B 130 33.02 -62.29 21.69
CA ASN B 130 34.31 -62.21 22.34
C ASN B 130 34.97 -63.58 22.40
N TYR B 131 36.28 -63.58 22.64
CA TYR B 131 37.05 -64.81 22.77
C TYR B 131 38.17 -64.57 23.77
N MET B 132 38.26 -65.41 24.79
CA MET B 132 39.24 -65.25 25.85
C MET B 132 40.01 -66.55 26.03
N VAL B 133 41.23 -66.42 26.59
CA VAL B 133 42.09 -67.57 26.81
C VAL B 133 42.78 -67.39 28.15
N LYS B 134 43.11 -68.51 28.80
CA LYS B 134 43.75 -68.49 30.10
C LYS B 134 44.73 -69.65 30.18
N ARG B 135 45.78 -69.46 30.96
CA ARG B 135 46.80 -70.48 31.19
C ARG B 135 46.61 -71.10 32.57
N ILE B 136 47.53 -72.00 32.93
CA ILE B 136 47.45 -72.71 34.19
C ILE B 136 48.64 -72.29 35.07
N HIS B 137 48.58 -72.70 36.33
CA HIS B 137 49.63 -72.42 37.30
C HIS B 137 49.92 -73.69 38.08
N LYS B 138 51.20 -74.03 38.18
CA LYS B 138 51.65 -75.26 38.82
C LYS B 138 52.38 -74.94 40.12
N ARG B 139 52.15 -75.77 41.13
CA ARG B 139 52.80 -75.62 42.44
C ARG B 139 52.83 -76.97 43.12
N SER B 140 53.86 -77.22 43.91
CA SER B 140 54.05 -78.51 44.54
C SER B 140 53.85 -78.42 46.05
N LEU B 141 53.83 -79.59 46.69
CA LEU B 141 53.75 -79.70 48.13
C LEU B 141 54.75 -80.77 48.59
N SER B 142 55.39 -80.51 49.72
CA SER B 142 56.48 -81.36 50.19
C SER B 142 56.35 -81.63 51.68
N ALA B 143 56.86 -82.78 52.10
CA ALA B 143 56.89 -83.15 53.51
C ALA B 143 58.09 -84.04 53.76
N ALA B 144 58.57 -84.03 55.00
CA ALA B 144 59.75 -84.78 55.40
C ALA B 144 59.39 -85.90 56.36
N PHE B 145 60.32 -86.85 56.51
CA PHE B 145 60.08 -88.00 57.37
C PHE B 145 61.43 -88.63 57.71
N ALA B 146 61.80 -88.62 58.98
CA ALA B 146 63.12 -89.06 59.41
C ALA B 146 63.09 -90.50 59.91
N ILE B 147 64.21 -91.20 59.74
CA ILE B 147 64.37 -92.56 60.22
C ILE B 147 65.74 -92.69 60.88
N ALA B 148 65.78 -93.28 62.06
CA ALA B 148 67.03 -93.41 62.80
C ALA B 148 67.85 -94.59 62.29
N SER B 149 69.17 -94.44 62.37
CA SER B 149 70.09 -95.45 61.86
C SER B 149 70.02 -96.74 62.66
N GLU B 150 69.84 -96.64 63.98
CA GLU B 150 69.72 -97.85 64.79
C GLU B 150 68.50 -98.66 64.37
N ALA B 151 67.38 -97.99 64.15
CA ALA B 151 66.18 -98.70 63.70
C ALA B 151 66.36 -99.25 62.30
N LEU B 152 67.04 -98.51 61.43
CA LEU B 152 67.31 -99.03 60.09
C LEU B 152 68.14 -100.31 60.16
N SER B 153 69.15 -100.32 61.02
CA SER B 153 69.98 -101.52 61.17
C SER B 153 69.20 -102.67 61.78
N LEU B 154 68.32 -102.37 62.75
CA LEU B 154 67.46 -103.40 63.31
C LEU B 154 66.53 -104.00 62.26
N LEU B 155 66.04 -103.19 61.32
CA LEU B 155 65.15 -103.71 60.29
C LEU B 155 65.88 -104.43 59.17
N SER B 156 67.11 -104.02 58.85
CA SER B 156 67.87 -104.64 57.77
C SER B 156 68.61 -105.90 58.20
N ASN B 157 68.23 -106.50 59.34
CA ASN B 157 68.93 -107.69 59.81
C ASN B 157 68.70 -108.88 58.89
N THR B 158 67.47 -109.02 58.37
CA THR B 158 67.08 -110.10 57.47
C THR B 158 67.33 -111.46 58.12
N TYR B 159 66.67 -111.68 59.25
CA TYR B 159 66.65 -112.97 59.94
C TYR B 159 68.06 -113.47 60.29
N VAL B 160 68.74 -112.67 61.11
CA VAL B 160 70.03 -113.06 61.66
C VAL B 160 69.96 -112.93 63.19
N ASP B 161 68.76 -113.10 63.73
CA ASP B 161 68.48 -112.91 65.15
C ASP B 161 67.42 -113.92 65.56
N GLY B 162 66.76 -113.67 66.68
CA GLY B 162 65.76 -114.58 67.19
C GLY B 162 65.81 -114.79 68.69
N THR B 163 66.58 -113.96 69.39
CA THR B 163 66.55 -113.98 70.86
C THR B 163 65.31 -113.23 71.34
N GLU B 164 65.24 -112.97 72.65
CA GLU B 164 64.04 -112.40 73.24
C GLU B 164 64.05 -110.88 73.32
N ILE B 165 65.21 -110.26 73.50
CA ILE B 165 65.23 -108.82 73.73
C ILE B 165 64.97 -108.07 72.43
N ASP B 166 65.71 -108.40 71.36
CA ASP B 166 65.56 -107.65 70.11
C ASP B 166 64.20 -107.85 69.46
N SER B 167 63.47 -108.90 69.84
CA SER B 167 62.12 -109.07 69.33
C SER B 167 61.24 -107.89 69.71
N SER B 168 61.51 -107.28 70.86
CA SER B 168 60.77 -106.09 71.27
C SER B 168 61.32 -104.82 70.64
N LEU B 169 62.63 -104.74 70.41
CA LEU B 169 63.19 -103.57 69.76
C LEU B 169 62.70 -103.44 68.33
N ARG B 170 62.69 -104.55 67.59
CA ARG B 170 62.13 -104.52 66.25
C ARG B 170 60.66 -104.10 66.26
N ILE B 171 59.91 -104.58 67.25
CA ILE B 171 58.50 -104.22 67.35
C ILE B 171 58.34 -102.73 67.58
N ARG B 172 59.11 -102.17 68.51
CA ARG B 172 59.00 -100.74 68.77
C ARG B 172 59.46 -99.91 67.58
N ALA B 173 60.44 -100.39 66.81
CA ALA B 173 60.85 -99.65 65.62
C ALA B 173 59.75 -99.65 64.57
N ILE B 174 59.19 -100.81 64.26
CA ILE B 174 58.12 -100.88 63.26
C ILE B 174 56.86 -100.19 63.76
N GLN B 175 56.73 -99.97 65.07
CA GLN B 175 55.62 -99.19 65.58
C GLN B 175 55.86 -97.69 65.41
N GLN B 176 57.06 -97.22 65.73
CA GLN B 176 57.40 -95.81 65.50
C GLN B 176 57.26 -95.45 64.02
N MET B 177 57.62 -96.37 63.13
CA MET B 177 57.50 -96.08 61.71
C MET B 177 56.05 -95.80 61.31
N ALA B 178 55.13 -96.66 61.73
CA ALA B 178 53.72 -96.40 61.44
C ALA B 178 53.23 -95.14 62.13
N ARG B 179 53.66 -94.90 63.36
CA ARG B 179 53.27 -93.70 64.08
C ARG B 179 53.68 -92.43 63.36
N ASN B 180 54.83 -92.45 62.68
CA ASN B 180 55.26 -91.28 61.92
C ASN B 180 54.58 -91.20 60.55
N LEU B 181 54.42 -92.34 59.88
CA LEU B 181 53.81 -92.34 58.56
C LEU B 181 52.35 -91.90 58.60
N ARG B 182 51.61 -92.30 59.64
CA ARG B 182 50.22 -91.92 59.73
C ARG B 182 50.05 -90.41 59.76
N THR B 183 50.98 -89.70 60.39
CA THR B 183 50.92 -88.24 60.41
C THR B 183 51.45 -87.62 59.13
N VAL B 184 52.54 -88.15 58.59
CA VAL B 184 53.10 -87.54 57.38
C VAL B 184 52.15 -87.69 56.20
N LEU B 185 51.30 -88.72 56.23
CA LEU B 185 50.33 -88.88 55.16
C LEU B 185 49.17 -87.90 55.32
N ASP B 186 48.68 -87.73 56.55
CA ASP B 186 47.64 -86.75 56.82
C ASP B 186 48.11 -85.33 56.58
N SER B 187 49.42 -85.10 56.58
CA SER B 187 49.93 -83.74 56.43
C SER B 187 49.54 -83.15 55.07
N PHE B 188 49.63 -83.94 53.99
CA PHE B 188 49.26 -83.43 52.68
C PHE B 188 47.77 -83.13 52.60
N GLU B 189 46.96 -84.03 53.15
CA GLU B 189 45.51 -83.85 53.14
C GLU B 189 45.10 -82.63 53.97
N ARG B 190 45.90 -82.27 54.97
CA ARG B 190 45.65 -81.03 55.70
C ARG B 190 46.17 -79.81 54.96
N GLY B 191 47.27 -79.96 54.20
CA GLY B 191 47.87 -78.83 53.53
C GLY B 191 47.20 -78.44 52.23
N THR B 192 46.38 -79.32 51.66
CA THR B 192 45.57 -78.92 50.52
C THR B 192 44.68 -77.73 50.87
N ALA B 193 44.05 -77.77 52.04
CA ALA B 193 43.22 -76.68 52.51
C ALA B 193 44.02 -75.47 52.95
N ASP B 194 45.35 -75.56 52.96
CA ASP B 194 46.19 -74.39 53.16
C ASP B 194 46.64 -73.80 51.83
N GLN B 195 46.80 -74.64 50.81
CA GLN B 195 46.96 -74.14 49.45
C GLN B 195 45.74 -73.32 49.04
N LEU B 196 44.57 -73.94 49.10
CA LEU B 196 43.36 -73.15 49.13
C LEU B 196 43.34 -72.34 50.42
N LEU B 197 42.54 -71.28 50.44
CA LEU B 197 42.58 -70.32 51.56
C LEU B 197 43.99 -69.76 51.70
N GLY B 198 44.36 -69.00 50.68
CA GLY B 198 45.72 -68.53 50.54
C GLY B 198 46.10 -68.46 49.08
N VAL B 199 45.40 -69.22 48.25
CA VAL B 199 45.35 -68.94 46.83
C VAL B 199 44.28 -67.89 46.49
N LEU B 200 43.27 -67.73 47.33
CA LEU B 200 42.19 -66.79 47.07
C LEU B 200 42.43 -65.41 47.66
N LEU B 201 43.33 -65.31 48.64
CA LEU B 201 43.65 -64.00 49.20
C LEU B 201 44.44 -63.16 48.20
N GLU B 202 45.20 -63.79 47.33
CA GLU B 202 45.89 -63.10 46.25
C GLU B 202 44.98 -62.87 45.04
N LYS B 203 43.68 -63.12 45.19
CA LYS B 203 42.72 -62.97 44.10
C LYS B 203 41.55 -62.05 44.48
N ALA B 204 41.22 -61.97 45.76
CA ALA B 204 40.08 -61.17 46.21
C ALA B 204 40.43 -59.71 46.36
N PRO B 205 39.75 -58.79 45.66
CA PRO B 205 40.00 -57.37 45.85
C PRO B 205 39.18 -56.83 47.01
N PRO B 206 39.45 -55.60 47.46
CA PRO B 206 38.70 -55.06 48.60
C PRO B 206 37.24 -54.78 48.26
N LEU B 207 36.38 -55.06 49.24
CA LEU B 207 34.95 -54.84 49.06
C LEU B 207 34.61 -53.37 48.93
N SER B 208 35.27 -52.52 49.73
CA SER B 208 34.99 -51.09 49.68
C SER B 208 35.23 -50.48 48.31
N LEU B 209 36.03 -51.14 47.47
CA LEU B 209 36.24 -50.72 46.10
C LEU B 209 35.38 -51.50 45.11
N LEU B 210 35.18 -52.80 45.35
CA LEU B 210 34.42 -53.60 44.38
C LEU B 210 32.94 -53.26 44.40
N SER B 211 32.42 -52.78 45.54
CA SER B 211 30.97 -52.54 45.61
C SER B 211 30.54 -51.36 44.75
N PRO B 212 31.07 -50.14 44.91
CA PRO B 212 30.56 -49.03 44.09
C PRO B 212 30.94 -49.12 42.64
N ILE B 213 32.08 -49.72 42.32
CA ILE B 213 32.44 -49.95 40.92
C ILE B 213 31.39 -50.81 40.24
N ASN B 214 31.00 -51.90 40.91
CA ASN B 214 29.94 -52.74 40.36
C ASN B 214 28.58 -52.06 40.38
N LYS B 215 28.36 -51.13 41.31
CA LYS B 215 27.09 -50.42 41.35
C LYS B 215 26.96 -49.46 40.17
N PHE B 216 28.05 -48.80 39.80
CA PHE B 216 28.04 -47.85 38.69
C PHE B 216 28.46 -48.58 37.42
N GLN B 217 27.48 -49.19 36.75
CA GLN B 217 27.71 -49.93 35.52
C GLN B 217 26.73 -49.46 34.46
N PRO B 218 26.89 -48.23 33.95
CA PRO B 218 26.04 -47.80 32.83
C PRO B 218 26.46 -48.42 31.51
N GLU B 219 27.77 -48.40 31.23
CA GLU B 219 28.29 -48.95 29.99
C GLU B 219 29.65 -49.62 30.14
N GLY B 220 30.18 -49.73 31.36
CA GLY B 220 31.50 -50.30 31.55
C GLY B 220 32.59 -49.24 31.49
N HIS B 221 32.79 -48.66 30.32
CA HIS B 221 33.75 -47.57 30.15
C HIS B 221 33.07 -46.23 30.40
N LEU B 222 33.70 -45.39 31.20
CA LEU B 222 33.17 -44.10 31.58
C LEU B 222 34.08 -42.99 31.08
N ASN B 223 33.53 -41.79 30.98
CA ASN B 223 34.30 -40.63 30.54
C ASN B 223 35.06 -40.06 31.73
N ARG B 224 35.82 -38.99 31.49
CA ARG B 224 36.69 -38.44 32.53
C ARG B 224 35.88 -37.88 33.69
N VAL B 225 34.76 -37.21 33.40
CA VAL B 225 33.96 -36.59 34.46
C VAL B 225 33.35 -37.65 35.37
N ALA B 226 32.72 -38.66 34.77
CA ALA B 226 32.16 -39.74 35.57
C ALA B 226 33.25 -40.47 36.34
N ARG B 227 34.43 -40.63 35.74
CA ARG B 227 35.52 -41.29 36.44
C ARG B 227 35.97 -40.48 37.65
N ALA B 228 36.04 -39.15 37.52
CA ALA B 228 36.43 -38.32 38.64
C ALA B 228 35.40 -38.39 39.76
N ALA B 229 34.11 -38.33 39.40
CA ALA B 229 33.07 -38.47 40.43
C ALA B 229 33.17 -39.81 41.14
N LEU B 230 33.34 -40.90 40.39
CA LEU B 230 33.47 -42.21 41.01
C LEU B 230 34.72 -42.29 41.86
N LEU B 231 35.77 -41.56 41.49
CA LEU B 231 36.99 -41.57 42.29
C LEU B 231 36.78 -40.87 43.63
N SER B 232 36.08 -39.74 43.62
CA SER B 232 35.74 -39.11 44.89
C SER B 232 34.87 -40.01 45.75
N ASP B 233 33.90 -40.70 45.12
CA ASP B 233 33.11 -41.69 45.84
C ASP B 233 33.99 -42.74 46.49
N LEU B 234 34.91 -43.32 45.72
CA LEU B 234 35.78 -44.36 46.25
C LEU B 234 36.62 -43.84 47.40
N LYS B 235 37.11 -42.61 47.30
CA LYS B 235 37.90 -42.03 48.38
C LYS B 235 37.10 -41.95 49.67
N ARG B 236 35.90 -41.35 49.59
CA ARG B 236 35.05 -41.26 50.78
C ARG B 236 34.75 -42.64 51.35
N ARG B 237 34.44 -43.60 50.47
CA ARG B 237 34.03 -44.93 50.93
C ARG B 237 35.17 -45.65 51.62
N VAL B 238 36.37 -45.61 51.04
CA VAL B 238 37.50 -46.29 51.66
C VAL B 238 37.95 -45.57 52.93
N CYS B 239 37.72 -44.26 53.03
CA CYS B 239 38.07 -43.58 54.27
C CYS B 239 37.09 -43.88 55.39
N ALA B 240 35.81 -44.05 55.05
CA ALA B 240 34.78 -44.27 56.06
C ALA B 240 34.62 -45.72 56.48
N ASP B 241 34.58 -46.65 55.52
CA ASP B 241 34.26 -48.05 55.80
C ASP B 241 35.53 -48.88 55.95
N MET B 242 36.18 -48.75 57.11
CA MET B 242 37.41 -49.49 57.36
C MET B 242 37.18 -50.69 58.27
N PHE B 243 36.56 -50.47 59.42
CA PHE B 243 36.33 -51.54 60.40
C PHE B 243 34.83 -51.56 60.73
N PHE B 244 34.12 -52.53 60.15
CA PHE B 244 32.68 -52.63 60.42
C PHE B 244 32.44 -53.18 61.82
N MET B 245 32.95 -54.38 62.09
CA MET B 245 32.66 -55.06 63.35
C MET B 245 33.18 -54.29 64.56
N THR B 246 34.13 -53.38 64.38
CA THR B 246 34.66 -52.63 65.51
C THR B 246 33.90 -51.33 65.72
N ARG B 247 33.70 -50.54 64.66
CA ARG B 247 32.99 -49.28 64.80
C ARG B 247 31.51 -49.52 65.03
N HIS B 248 30.84 -50.17 64.08
CA HIS B 248 29.41 -50.46 64.18
C HIS B 248 29.16 -51.76 64.90
N ALA B 249 29.74 -51.91 66.10
CA ALA B 249 29.53 -53.13 66.87
C ALA B 249 28.20 -53.11 67.61
N ARG B 250 27.70 -51.93 67.97
CA ARG B 250 26.43 -51.83 68.68
C ARG B 250 25.26 -52.10 67.74
N GLU B 251 25.17 -51.34 66.66
CA GLU B 251 24.08 -51.48 65.72
C GLU B 251 24.19 -52.79 64.96
N PRO B 252 23.27 -53.75 65.17
CA PRO B 252 23.38 -55.06 64.52
C PRO B 252 22.72 -55.17 63.15
N ARG B 253 22.30 -54.07 62.54
CA ARG B 253 21.66 -54.13 61.23
C ARG B 253 22.54 -53.63 60.10
N LEU B 254 23.41 -52.64 60.38
CA LEU B 254 24.38 -52.23 59.38
C LEU B 254 25.29 -53.39 59.00
N ILE B 255 25.61 -54.26 59.96
CA ILE B 255 26.44 -55.41 59.67
C ILE B 255 25.74 -56.36 58.71
N SER B 256 24.44 -56.60 58.93
CA SER B 256 23.68 -57.43 58.00
C SER B 256 23.61 -56.79 56.62
N ALA B 257 23.44 -55.46 56.57
CA ALA B 257 23.45 -54.77 55.28
C ALA B 257 24.78 -54.95 54.57
N TYR B 258 25.89 -54.81 55.29
CA TYR B 258 27.21 -54.98 54.69
C TYR B 258 27.39 -56.40 54.18
N LEU B 259 26.92 -57.40 54.94
CA LEU B 259 27.07 -58.78 54.51
C LEU B 259 26.25 -59.05 53.26
N SER B 260 25.01 -58.56 53.22
CA SER B 260 24.20 -58.72 52.01
C SER B 260 24.85 -58.05 50.82
N ASP B 261 25.41 -56.86 51.02
CA ASP B 261 26.10 -56.16 49.94
C ASP B 261 27.29 -56.98 49.44
N MET B 262 28.11 -57.49 50.37
CA MET B 262 29.26 -58.29 49.98
C MET B 262 28.85 -59.54 49.23
N VAL B 263 27.78 -60.19 49.64
CA VAL B 263 27.32 -61.40 48.96
C VAL B 263 26.85 -61.06 47.56
N SER B 264 25.98 -60.07 47.42
CA SER B 264 25.46 -59.68 46.11
C SER B 264 26.37 -58.66 45.43
N CYS B 265 27.65 -59.00 45.30
CA CYS B 265 28.61 -58.07 44.70
C CYS B 265 29.46 -58.79 43.66
N THR B 266 29.63 -60.10 43.81
CA THR B 266 30.46 -60.87 42.90
C THR B 266 29.62 -61.60 41.88
N GLN B 267 30.25 -61.97 40.77
CA GLN B 267 29.55 -62.65 39.69
C GLN B 267 29.72 -64.16 39.79
N PRO B 268 28.68 -64.92 39.42
CA PRO B 268 28.82 -66.38 39.45
C PRO B 268 29.74 -66.90 38.37
N SER B 269 29.90 -68.22 38.29
CA SER B 269 30.77 -68.83 37.30
C SER B 269 30.02 -69.88 36.49
N VAL B 270 30.74 -70.67 35.70
CA VAL B 270 30.08 -71.70 34.91
C VAL B 270 29.43 -72.71 35.85
N MET B 271 28.34 -73.32 35.38
CA MET B 271 27.50 -74.16 36.22
C MET B 271 27.40 -75.58 35.69
N VAL B 272 28.49 -76.12 35.15
CA VAL B 272 28.51 -77.52 34.73
C VAL B 272 28.83 -78.38 35.95
N SER B 273 27.99 -79.39 36.20
CA SER B 273 28.13 -80.27 37.35
C SER B 273 27.05 -81.34 37.29
N ARG B 274 27.24 -82.39 38.07
CA ARG B 274 26.25 -83.43 38.27
C ARG B 274 25.76 -83.48 39.71
N ILE B 275 26.66 -83.62 40.67
CA ILE B 275 26.33 -83.60 42.08
C ILE B 275 27.13 -82.47 42.73
N THR B 276 26.51 -81.79 43.70
CA THR B 276 27.15 -80.68 44.38
C THR B 276 26.63 -80.60 45.80
N HIS B 277 27.20 -79.69 46.58
CA HIS B 277 26.83 -79.54 47.98
C HIS B 277 25.41 -78.98 48.09
N THR B 278 24.58 -79.62 48.91
CA THR B 278 23.21 -79.20 49.10
C THR B 278 22.79 -79.50 50.54
N ASN B 279 21.72 -78.85 50.97
CA ASN B 279 21.21 -79.03 52.32
C ASN B 279 20.37 -80.30 52.38
N THR B 280 19.69 -80.51 53.51
CA THR B 280 18.88 -81.72 53.66
C THR B 280 17.64 -81.67 52.79
N ARG B 281 17.09 -80.47 52.55
CA ARG B 281 15.91 -80.36 51.69
C ARG B 281 16.26 -80.66 50.24
N GLY B 282 17.30 -80.02 49.72
CA GLY B 282 17.66 -80.18 48.33
C GLY B 282 18.08 -78.87 47.69
N ARG B 283 18.02 -77.79 48.46
CA ARG B 283 18.47 -76.49 47.97
C ARG B 283 19.98 -76.47 47.85
N GLN B 284 20.48 -75.87 46.78
CA GLN B 284 21.91 -75.83 46.54
C GLN B 284 22.57 -74.69 47.30
N VAL B 285 23.81 -74.90 47.73
CA VAL B 285 24.58 -73.84 48.34
C VAL B 285 25.27 -73.02 47.26
N ASP B 286 25.69 -71.82 47.63
CA ASP B 286 26.21 -70.86 46.67
C ASP B 286 27.67 -70.49 46.91
N GLY B 287 28.03 -70.07 48.11
CA GLY B 287 29.38 -69.61 48.38
C GLY B 287 29.85 -70.01 49.76
N VAL B 288 31.04 -69.54 50.10
CA VAL B 288 31.67 -69.82 51.39
C VAL B 288 32.02 -68.49 52.04
N LEU B 289 31.93 -68.45 53.38
CA LEU B 289 32.32 -67.29 54.15
C LEU B 289 33.30 -67.77 55.23
N VAL B 290 34.58 -67.49 55.03
CA VAL B 290 35.63 -67.93 55.93
C VAL B 290 36.03 -66.77 56.83
N THR B 291 36.18 -67.04 58.12
CA THR B 291 36.48 -65.98 59.07
C THR B 291 37.11 -66.60 60.31
N THR B 292 37.37 -65.75 61.31
CA THR B 292 37.92 -66.16 62.59
C THR B 292 36.78 -66.60 63.51
N ALA B 293 37.11 -67.45 64.48
CA ALA B 293 36.09 -67.95 65.40
C ALA B 293 35.41 -66.84 66.18
N THR B 294 36.14 -65.77 66.50
CA THR B 294 35.54 -64.65 67.22
C THR B 294 34.45 -63.99 66.39
N LEU B 295 34.77 -63.62 65.16
CA LEU B 295 33.77 -63.04 64.28
C LEU B 295 32.65 -64.03 63.98
N LYS B 296 32.97 -65.32 63.95
CA LYS B 296 31.94 -66.33 63.73
C LYS B 296 30.93 -66.32 64.86
N ARG B 297 31.41 -66.30 66.10
CA ARG B 297 30.49 -66.23 67.24
C ARG B 297 29.69 -64.93 67.22
N GLN B 298 30.37 -63.80 66.96
CA GLN B 298 29.68 -62.52 66.93
C GLN B 298 28.63 -62.46 65.82
N LEU B 299 28.84 -63.21 64.75
CA LEU B 299 27.89 -63.19 63.64
C LEU B 299 26.74 -64.15 63.89
N LEU B 300 27.02 -65.31 64.50
CA LEU B 300 26.00 -66.31 64.75
C LEU B 300 25.13 -66.00 65.95
N GLN B 301 25.57 -65.12 66.85
CA GLN B 301 24.75 -64.86 68.04
C GLN B 301 23.41 -64.23 67.67
N GLY B 302 23.43 -63.10 66.97
CA GLY B 302 22.18 -62.41 66.68
C GLY B 302 22.08 -61.73 65.33
N ILE B 303 23.13 -61.83 64.52
CA ILE B 303 23.13 -61.11 63.24
C ILE B 303 22.54 -61.97 62.14
N LEU B 304 23.09 -63.15 61.93
CA LEU B 304 22.60 -64.07 60.92
C LEU B 304 21.75 -65.17 61.56
N GLN B 305 21.00 -65.88 60.73
CA GLN B 305 20.15 -66.97 61.18
C GLN B 305 20.61 -68.28 60.54
N ILE B 306 20.84 -69.28 61.38
CA ILE B 306 21.30 -70.58 60.90
C ILE B 306 20.14 -71.29 60.21
N ASP B 307 20.44 -71.91 59.06
CA ASP B 307 19.44 -72.64 58.30
C ASP B 307 19.45 -74.13 58.58
N ASP B 308 20.62 -74.77 58.55
CA ASP B 308 20.72 -76.20 58.77
C ASP B 308 22.03 -76.51 59.48
N THR B 309 22.08 -77.71 60.07
CA THR B 309 23.28 -78.16 60.76
C THR B 309 24.01 -79.27 60.01
N ALA B 310 23.33 -80.01 59.16
CA ALA B 310 23.93 -81.05 58.35
C ALA B 310 23.74 -80.74 56.87
N ALA B 311 24.63 -81.29 56.06
CA ALA B 311 24.60 -81.05 54.62
C ALA B 311 24.99 -82.32 53.89
N ASP B 312 24.77 -82.32 52.58
CA ASP B 312 25.10 -83.44 51.71
C ASP B 312 26.28 -83.05 50.85
N VAL B 313 27.39 -83.79 50.99
CA VAL B 313 28.64 -83.46 50.32
C VAL B 313 29.10 -84.67 49.50
N PRO B 314 29.60 -84.47 48.29
CA PRO B 314 30.18 -85.59 47.55
C PRO B 314 31.40 -86.16 48.25
N VAL B 315 31.70 -87.43 47.94
CA VAL B 315 32.81 -88.14 48.56
C VAL B 315 33.88 -88.55 47.56
N THR B 316 33.55 -88.61 46.27
CA THR B 316 34.51 -89.00 45.25
C THR B 316 35.17 -87.78 44.65
N TYR B 317 36.40 -87.95 44.18
CA TYR B 317 37.14 -86.85 43.56
C TYR B 317 36.73 -86.65 42.11
N GLY B 318 36.87 -87.69 41.29
CA GLY B 318 36.61 -87.58 39.88
C GLY B 318 37.89 -87.27 39.12
N GLU B 319 38.37 -88.23 38.33
CA GLU B 319 39.67 -88.13 37.69
C GLU B 319 39.52 -88.30 36.18
N MET B 320 40.65 -88.17 35.49
CA MET B 320 40.70 -88.34 34.04
C MET B 320 42.09 -88.83 33.66
N VAL B 321 42.12 -89.74 32.68
CA VAL B 321 43.36 -90.33 32.19
C VAL B 321 43.32 -90.35 30.67
N LEU B 322 44.39 -89.89 30.05
CA LEU B 322 44.46 -89.86 28.59
C LEU B 322 44.72 -91.26 28.04
N GLN B 323 43.88 -91.68 27.10
CA GLN B 323 43.99 -92.99 26.48
C GLN B 323 43.49 -92.90 25.06
N GLY B 324 43.44 -94.04 24.38
CA GLY B 324 42.91 -94.09 23.03
C GLY B 324 43.76 -93.25 22.09
N THR B 325 43.11 -92.28 21.43
CA THR B 325 43.81 -91.43 20.50
C THR B 325 44.68 -90.38 21.19
N ASN B 326 44.36 -90.03 22.43
CA ASN B 326 45.19 -89.08 23.16
C ASN B 326 46.60 -89.62 23.35
N LEU B 327 46.73 -90.91 23.66
CA LEU B 327 48.05 -91.49 23.86
C LEU B 327 48.85 -91.47 22.57
N VAL B 328 48.22 -91.80 21.44
CA VAL B 328 48.94 -91.84 20.17
C VAL B 328 49.24 -90.46 19.63
N THR B 329 48.47 -89.45 20.01
CA THR B 329 48.74 -88.08 19.55
C THR B 329 49.62 -87.29 20.50
N ALA B 330 49.80 -87.75 21.73
CA ALA B 330 50.66 -87.05 22.68
C ALA B 330 52.13 -87.37 22.50
N LEU B 331 52.47 -88.36 21.68
CA LEU B 331 53.85 -88.76 21.49
C LEU B 331 54.40 -88.37 20.12
N VAL B 332 53.66 -88.63 19.05
CA VAL B 332 54.15 -88.29 17.72
C VAL B 332 53.90 -86.83 17.36
N MET B 333 52.85 -86.21 17.90
CA MET B 333 52.52 -84.82 17.62
C MET B 333 53.05 -83.88 18.70
N GLY B 334 52.81 -84.20 19.97
CA GLY B 334 53.20 -83.36 21.07
C GLY B 334 52.09 -82.53 21.67
N LYS B 335 50.84 -82.85 21.38
CA LYS B 335 49.71 -82.12 21.92
C LYS B 335 48.63 -83.10 22.34
N ALA B 336 47.66 -82.60 23.09
CA ALA B 336 46.56 -83.43 23.57
C ALA B 336 45.33 -82.56 23.78
N VAL B 337 44.16 -83.19 23.67
CA VAL B 337 42.88 -82.51 23.83
C VAL B 337 41.98 -83.39 24.68
N ARG B 338 41.36 -82.80 25.70
CA ARG B 338 40.47 -83.55 26.57
C ARG B 338 39.24 -84.03 25.80
N GLY B 339 38.73 -85.19 26.22
CA GLY B 339 37.57 -85.77 25.58
C GLY B 339 37.91 -86.61 24.35
N MET B 340 38.23 -85.93 23.24
CA MET B 340 38.55 -86.59 21.98
C MET B 340 37.43 -87.52 21.52
N ASP B 341 36.18 -87.14 21.83
CA ASP B 341 35.01 -87.87 21.37
C ASP B 341 34.12 -87.00 20.48
N ASP B 342 34.69 -85.96 19.89
CA ASP B 342 33.93 -85.00 19.10
C ASP B 342 33.67 -85.57 17.72
N VAL B 343 32.41 -85.92 17.45
CA VAL B 343 32.05 -86.43 16.14
C VAL B 343 31.79 -85.29 15.16
N ALA B 344 31.35 -84.14 15.66
CA ALA B 344 31.09 -82.99 14.81
C ALA B 344 32.40 -82.38 14.31
N ASN B 377 27.58 -88.86 48.10
CA ASN B 377 26.79 -88.11 49.07
C ASN B 377 26.98 -88.66 50.48
N ALA B 378 27.00 -87.77 51.46
CA ALA B 378 27.17 -88.16 52.84
C ALA B 378 26.71 -87.02 53.74
N ARG B 379 25.88 -87.34 54.73
CA ARG B 379 25.42 -86.35 55.68
C ARG B 379 26.58 -85.91 56.55
N VAL B 380 26.99 -84.65 56.42
CA VAL B 380 28.15 -84.11 57.12
C VAL B 380 27.67 -82.96 58.00
N PRO B 381 28.03 -82.92 59.28
CA PRO B 381 27.61 -81.79 60.13
C PRO B 381 28.35 -80.53 59.73
N ALA B 382 27.58 -79.50 59.33
CA ALA B 382 28.17 -78.24 58.91
C ALA B 382 27.09 -77.16 58.98
N ASP B 383 27.44 -76.02 59.57
CA ASP B 383 26.48 -74.93 59.70
C ASP B 383 26.20 -74.28 58.35
N LEU B 384 24.98 -73.79 58.19
CA LEU B 384 24.55 -73.12 56.96
C LEU B 384 23.69 -71.92 57.34
N VAL B 385 24.01 -70.77 56.78
CA VAL B 385 23.28 -69.55 57.09
C VAL B 385 22.59 -69.04 55.82
N ILE B 386 21.68 -68.11 56.01
CA ILE B 386 20.94 -67.49 54.90
C ILE B 386 21.22 -65.99 54.99
N VAL B 387 22.22 -65.54 54.25
CA VAL B 387 22.56 -64.13 54.17
C VAL B 387 22.03 -63.58 52.86
N GLY B 388 21.45 -62.38 52.91
CA GLY B 388 20.85 -61.80 51.73
C GLY B 388 19.70 -62.65 51.22
N ASP B 389 19.92 -63.32 50.09
CA ASP B 389 18.93 -64.22 49.51
C ASP B 389 19.56 -65.52 49.05
N LYS B 390 20.67 -65.91 49.66
CA LYS B 390 21.41 -67.09 49.26
C LYS B 390 21.64 -68.00 50.46
N LEU B 391 22.17 -69.18 50.18
CA LEU B 391 22.49 -70.17 51.21
C LEU B 391 23.98 -70.50 51.09
N VAL B 392 24.77 -70.02 52.04
CA VAL B 392 26.21 -70.14 51.96
C VAL B 392 26.74 -70.90 53.17
N PHE B 393 27.93 -71.49 53.00
CA PHE B 393 28.65 -72.11 54.09
C PHE B 393 29.34 -71.06 54.93
N LEU B 394 29.52 -71.37 56.21
CA LEU B 394 30.25 -70.50 57.13
C LEU B 394 31.33 -71.32 57.81
N GLU B 395 32.58 -70.87 57.72
CA GLU B 395 33.71 -71.64 58.21
C GLU B 395 34.64 -70.75 59.02
N ALA B 396 35.17 -71.31 60.10
CA ALA B 396 36.12 -70.66 60.99
C ALA B 396 37.24 -71.63 61.36
N LEU B 397 37.84 -72.26 60.35
CA LEU B 397 38.78 -73.35 60.60
C LEU B 397 40.02 -72.89 61.35
N GLU B 398 40.06 -73.16 62.65
CA GLU B 398 41.26 -72.96 63.46
C GLU B 398 41.56 -74.12 64.37
N ARG B 399 40.61 -75.02 64.62
CA ARG B 399 40.85 -76.21 65.42
C ARG B 399 41.02 -77.46 64.59
N ARG B 400 40.32 -77.56 63.45
CA ARG B 400 40.55 -78.68 62.56
C ARG B 400 41.91 -78.58 61.88
N VAL B 401 42.29 -77.36 61.47
CA VAL B 401 43.58 -77.09 60.87
C VAL B 401 44.22 -75.95 61.64
N TYR B 402 45.54 -75.86 61.56
CA TYR B 402 46.36 -74.85 62.24
C TYR B 402 46.37 -75.01 63.75
N GLN B 403 45.91 -76.14 64.26
CA GLN B 403 45.86 -76.39 65.69
C GLN B 403 47.07 -77.22 66.10
N ALA B 404 47.80 -76.72 67.11
CA ALA B 404 48.97 -77.41 67.65
C ALA B 404 50.01 -77.68 66.56
N THR B 405 50.18 -76.74 65.66
CA THR B 405 51.22 -76.80 64.64
C THR B 405 52.14 -75.60 64.82
N ARG B 406 53.09 -75.45 63.89
CA ARG B 406 54.05 -74.35 63.94
C ARG B 406 53.77 -73.31 62.87
N VAL B 407 52.58 -73.34 62.25
CA VAL B 407 52.23 -72.41 61.19
C VAL B 407 51.19 -71.44 61.73
N ALA B 408 51.27 -70.21 61.25
CA ALA B 408 50.36 -69.15 61.68
C ALA B 408 49.08 -69.19 60.86
N TYR B 409 47.99 -68.76 61.47
CA TYR B 409 46.71 -68.74 60.79
C TYR B 409 46.61 -67.50 59.90
N PRO B 410 46.31 -67.65 58.62
CA PRO B 410 46.05 -66.47 57.79
C PRO B 410 44.76 -65.78 58.18
N LEU B 411 44.37 -64.76 57.43
CA LEU B 411 43.28 -63.86 57.76
C LEU B 411 43.57 -63.02 59.00
N ILE B 412 44.84 -62.89 59.37
CA ILE B 412 45.25 -62.00 60.45
C ILE B 412 46.25 -61.00 59.87
N GLY B 413 46.03 -60.62 58.61
CA GLY B 413 46.93 -59.71 57.91
C GLY B 413 47.06 -58.36 58.55
N ASN B 414 47.92 -57.52 57.98
CA ASN B 414 48.23 -56.21 58.54
C ASN B 414 47.77 -55.10 57.60
N ILE B 415 47.74 -53.89 58.14
CA ILE B 415 47.32 -52.70 57.39
C ILE B 415 48.27 -51.57 57.74
N ASP B 416 48.86 -50.95 56.72
CA ASP B 416 49.78 -49.84 56.92
C ASP B 416 49.07 -48.52 56.64
N ILE B 417 49.12 -47.60 57.60
CA ILE B 417 48.47 -46.31 57.50
C ILE B 417 49.48 -45.24 57.87
N THR B 418 49.50 -44.15 57.10
CA THR B 418 50.43 -43.05 57.33
C THR B 418 49.70 -41.89 57.99
N PHE B 419 50.45 -41.07 58.72
CA PHE B 419 49.93 -39.90 59.39
C PHE B 419 50.82 -38.70 59.07
N ILE B 420 50.21 -37.52 58.99
CA ILE B 420 50.93 -36.29 58.69
C ILE B 420 50.47 -35.20 59.64
N MET B 421 51.42 -34.40 60.12
CA MET B 421 51.14 -33.35 61.08
C MET B 421 52.07 -32.17 60.82
N PRO B 422 51.55 -30.94 60.75
CA PRO B 422 52.42 -29.76 60.70
C PRO B 422 53.01 -29.48 62.07
N MET B 423 54.17 -28.82 62.07
CA MET B 423 54.90 -28.58 63.31
C MET B 423 54.96 -27.11 63.69
N GLY B 424 55.48 -26.25 62.83
CA GLY B 424 55.73 -24.88 63.24
C GLY B 424 55.16 -23.82 62.33
N VAL B 425 53.98 -24.07 61.77
CA VAL B 425 53.34 -23.08 60.91
C VAL B 425 52.87 -21.90 61.73
N PHE B 426 52.71 -20.75 61.06
CA PHE B 426 52.26 -19.53 61.72
C PHE B 426 51.38 -18.76 60.74
N GLN B 427 50.08 -18.69 61.03
CA GLN B 427 49.14 -18.00 60.16
C GLN B 427 49.38 -16.50 60.23
N ALA B 428 50.06 -15.96 59.23
CA ALA B 428 50.42 -14.54 59.20
C ALA B 428 49.21 -13.75 58.70
N ASN B 429 48.26 -13.52 59.60
CA ASN B 429 47.07 -12.77 59.26
C ASN B 429 46.38 -12.28 60.53
N SER B 430 46.17 -10.96 60.60
CA SER B 430 45.54 -10.37 61.77
C SER B 430 44.07 -10.77 61.91
N MET B 431 43.41 -11.12 60.82
CA MET B 431 42.04 -11.60 60.90
C MET B 431 41.95 -13.06 61.32
N ASP B 432 43.01 -13.84 61.09
CA ASP B 432 43.04 -15.23 61.52
C ASP B 432 43.58 -15.41 62.93
N ARG B 433 44.41 -14.48 63.41
CA ARG B 433 44.90 -14.55 64.78
C ARG B 433 43.91 -13.80 65.69
N TYR B 434 42.80 -14.48 65.98
CA TYR B 434 41.73 -13.93 66.81
C TYR B 434 41.48 -14.85 68.00
N THR B 435 40.43 -14.55 68.76
CA THR B 435 40.02 -15.38 69.89
C THR B 435 38.50 -15.38 69.98
N ARG B 436 37.94 -16.44 70.56
CA ARG B 436 36.51 -16.70 70.44
C ARG B 436 35.68 -16.11 71.57
N HIS B 437 36.27 -15.85 72.73
CA HIS B 437 35.56 -15.19 73.82
C HIS B 437 36.49 -14.14 74.40
N ALA B 438 36.08 -13.53 75.52
CA ALA B 438 36.88 -12.47 76.12
C ALA B 438 37.99 -13.05 76.99
N GLY B 439 37.64 -13.74 78.07
CA GLY B 439 38.62 -14.34 78.94
C GLY B 439 38.87 -15.81 78.65
N ASP B 440 39.38 -16.10 77.45
CA ASP B 440 39.60 -17.49 77.06
C ASP B 440 40.62 -18.18 77.94
N PHE B 441 41.88 -17.74 77.87
CA PHE B 441 42.94 -18.27 78.71
C PHE B 441 43.69 -17.08 79.29
N SER B 442 43.18 -16.55 80.40
CA SER B 442 43.82 -15.41 81.04
C SER B 442 45.07 -15.87 81.77
N THR B 443 46.04 -14.97 81.89
CA THR B 443 47.30 -15.25 82.55
C THR B 443 47.56 -14.17 83.59
N VAL B 444 48.64 -14.34 84.34
CA VAL B 444 49.06 -13.36 85.33
C VAL B 444 50.12 -12.46 84.71
N SER B 445 50.91 -13.03 83.79
CA SER B 445 51.98 -12.28 83.15
C SER B 445 51.41 -11.11 82.34
N GLU B 446 52.24 -10.08 82.18
CA GLU B 446 51.86 -8.91 81.40
C GLU B 446 51.84 -9.18 79.91
N GLN B 447 52.52 -10.24 79.46
CA GLN B 447 52.56 -10.60 78.05
C GLN B 447 52.09 -12.03 77.91
N ASP B 448 50.95 -12.22 77.27
CA ASP B 448 50.39 -13.54 77.08
C ASP B 448 51.30 -14.38 76.20
N PRO B 449 51.88 -15.46 76.70
CA PRO B 449 52.81 -16.29 75.91
C PRO B 449 52.08 -17.24 74.95
N ARG B 450 51.09 -16.71 74.23
CA ARG B 450 50.36 -17.48 73.25
C ARG B 450 50.28 -16.79 71.91
N GLN B 451 50.83 -15.58 71.79
CA GLN B 451 50.86 -14.88 70.51
C GLN B 451 52.11 -15.23 69.71
N PHE B 452 53.19 -15.61 70.37
CA PHE B 452 54.40 -15.98 69.69
C PHE B 452 54.19 -17.25 68.88
N PRO B 453 54.89 -17.42 67.77
CA PRO B 453 54.71 -18.62 66.96
C PRO B 453 55.20 -19.86 67.69
N PRO B 454 54.45 -20.94 67.64
CA PRO B 454 54.84 -22.15 68.39
C PRO B 454 56.03 -22.84 67.73
N GLN B 455 56.51 -23.87 68.41
CA GLN B 455 57.65 -24.65 67.92
C GLN B 455 57.40 -26.14 67.90
N GLY B 456 56.64 -26.67 68.87
CA GLY B 456 56.38 -28.09 68.96
C GLY B 456 54.93 -28.44 68.67
N ILE B 457 54.69 -29.75 68.58
CA ILE B 457 53.36 -30.29 68.36
C ILE B 457 53.10 -31.35 69.41
N PHE B 458 51.83 -31.45 69.83
CA PHE B 458 51.42 -32.39 70.86
C PHE B 458 50.39 -33.34 70.29
N PHE B 459 50.52 -34.63 70.63
CA PHE B 459 49.54 -35.62 70.23
C PHE B 459 49.58 -36.78 71.21
N TYR B 460 48.83 -37.82 70.91
CA TYR B 460 48.65 -38.93 71.82
C TYR B 460 49.52 -40.12 71.42
N ASN B 461 49.93 -40.88 72.42
CA ASN B 461 50.75 -42.06 72.21
C ASN B 461 49.87 -43.24 71.79
N LYS B 462 50.45 -44.43 71.75
CA LYS B 462 49.67 -45.62 71.42
C LYS B 462 48.73 -45.99 72.55
N ASP B 463 49.11 -45.72 73.79
CA ASP B 463 48.30 -46.06 74.96
C ASP B 463 47.61 -44.84 75.57
N GLY B 464 47.63 -43.70 74.89
CA GLY B 464 47.00 -42.52 75.41
C GLY B 464 47.90 -41.59 76.19
N ILE B 465 49.21 -41.71 76.04
CA ILE B 465 50.15 -40.83 76.72
C ILE B 465 50.40 -39.61 75.84
N LEU B 466 50.64 -38.47 76.47
CA LEU B 466 50.97 -37.26 75.74
C LEU B 466 52.40 -37.34 75.23
N THR B 467 52.61 -36.95 73.97
CA THR B 467 53.93 -36.86 73.40
C THR B 467 54.14 -35.47 72.82
N GLN B 468 55.39 -35.14 72.53
CA GLN B 468 55.71 -33.83 71.99
C GLN B 468 56.82 -33.95 70.96
N LEU B 469 56.67 -33.20 69.88
CA LEU B 469 57.69 -33.11 68.82
C LEU B 469 58.03 -31.64 68.65
N THR B 470 59.15 -31.24 69.25
CA THR B 470 59.60 -29.86 69.11
C THR B 470 60.52 -29.72 67.90
N LEU B 471 60.96 -28.50 67.64
CA LEU B 471 61.86 -28.27 66.50
C LEU B 471 63.21 -28.92 66.72
N ARG B 472 63.61 -29.13 67.97
CA ARG B 472 64.91 -29.73 68.25
C ARG B 472 65.01 -31.14 67.69
N ASP B 473 63.88 -31.82 67.51
CA ASP B 473 63.88 -33.18 66.98
C ASP B 473 64.16 -33.23 65.48
N ALA B 474 64.24 -32.08 64.80
CA ALA B 474 64.49 -32.04 63.37
C ALA B 474 65.96 -31.78 63.04
N MET B 475 66.84 -31.91 64.04
CA MET B 475 68.26 -31.62 63.86
C MET B 475 69.01 -32.77 63.19
N GLY B 476 68.31 -33.82 62.79
CA GLY B 476 68.96 -34.97 62.19
C GLY B 476 68.85 -35.01 60.68
N THR B 477 67.96 -34.17 60.13
CA THR B 477 67.73 -34.13 58.69
C THR B 477 68.08 -32.81 58.04
N ILE B 478 68.26 -31.74 58.82
CA ILE B 478 68.57 -30.43 58.25
C ILE B 478 70.05 -30.16 58.39
N CYS B 479 70.64 -30.62 59.49
CA CYS B 479 72.04 -30.35 59.80
C CYS B 479 73.00 -31.31 59.10
N HIS B 480 72.55 -31.97 58.04
CA HIS B 480 73.39 -32.88 57.28
C HIS B 480 74.11 -32.15 56.16
N SER B 481 75.17 -32.77 55.66
CA SER B 481 75.89 -32.21 54.54
C SER B 481 75.08 -32.23 53.24
N SER B 482 73.93 -32.91 53.24
CA SER B 482 73.08 -32.99 52.06
C SER B 482 72.38 -31.67 51.75
N LEU B 483 72.62 -30.62 52.53
CA LEU B 483 72.04 -29.32 52.24
C LEU B 483 72.83 -28.53 51.20
N LEU B 484 74.02 -28.97 50.85
CA LEU B 484 74.94 -28.24 49.97
C LEU B 484 75.49 -29.16 48.89
N ASP B 485 74.61 -29.90 48.23
CA ASP B 485 75.00 -30.81 47.16
C ASP B 485 74.24 -30.45 45.88
N VAL B 486 74.27 -29.17 45.53
CA VAL B 486 73.40 -28.62 44.51
C VAL B 486 74.05 -28.72 43.13
N GLU B 487 75.13 -29.50 43.03
CA GLU B 487 75.82 -29.66 41.76
C GLU B 487 74.92 -30.29 40.70
N ALA B 488 74.23 -31.37 41.07
CA ALA B 488 73.35 -32.04 40.13
C ALA B 488 72.20 -31.12 39.70
N THR B 489 71.65 -30.36 40.66
CA THR B 489 70.58 -29.42 40.31
C THR B 489 71.08 -28.36 39.35
N LEU B 490 72.28 -27.82 39.58
CA LEU B 490 72.83 -26.83 38.67
C LEU B 490 73.07 -27.41 37.28
N VAL B 491 73.55 -28.66 37.22
CA VAL B 491 73.76 -29.29 35.92
C VAL B 491 72.43 -29.46 35.19
N ALA B 492 71.40 -29.93 35.90
CA ALA B 492 70.10 -30.11 35.28
C ALA B 492 69.50 -28.79 34.82
N LEU B 493 69.74 -27.71 35.57
CA LEU B 493 69.22 -26.41 35.16
C LEU B 493 69.96 -25.89 33.94
N ARG B 494 71.29 -26.01 33.92
CA ARG B 494 72.07 -25.57 32.77
C ARG B 494 71.77 -26.40 31.52
N GLN B 495 71.35 -27.65 31.69
CA GLN B 495 71.06 -28.49 30.52
C GLN B 495 69.96 -27.88 29.66
N GLN B 496 68.77 -27.71 30.24
CA GLN B 496 67.66 -27.13 29.50
C GLN B 496 67.96 -25.69 29.09
N HIS B 497 67.35 -25.27 27.98
CA HIS B 497 67.69 -24.01 27.34
C HIS B 497 66.88 -22.87 27.96
N LEU B 498 67.57 -21.94 28.60
CA LEU B 498 66.95 -20.77 29.22
C LEU B 498 67.74 -19.54 28.83
N ASP B 499 67.11 -18.65 28.06
CA ASP B 499 67.70 -17.37 27.71
C ASP B 499 67.24 -16.29 28.68
N ARG B 500 68.03 -15.23 28.79
CA ARG B 500 67.74 -14.15 29.71
C ARG B 500 68.65 -12.97 29.42
N GLN B 501 68.17 -11.78 29.78
CA GLN B 501 68.93 -10.55 29.62
C GLN B 501 68.89 -9.79 30.93
N CYS B 502 69.28 -8.50 30.92
CA CYS B 502 69.24 -7.66 32.10
C CYS B 502 70.15 -8.20 33.20
N TYR B 503 71.45 -8.18 32.90
CA TYR B 503 72.49 -8.68 33.79
C TYR B 503 72.97 -7.62 34.76
N PHE B 504 72.10 -6.67 35.13
CA PHE B 504 72.52 -5.55 35.96
C PHE B 504 72.94 -6.01 37.35
N GLY B 505 72.03 -6.65 38.09
CA GLY B 505 72.29 -6.96 39.48
C GLY B 505 73.04 -8.25 39.74
N VAL B 506 73.80 -8.73 38.76
CA VAL B 506 74.54 -9.98 38.93
C VAL B 506 75.99 -9.80 38.50
N TYR B 507 76.30 -8.66 37.88
CA TYR B 507 77.63 -8.41 37.34
C TYR B 507 78.44 -7.53 38.29
N VAL B 508 79.74 -7.83 38.39
CA VAL B 508 80.66 -7.08 39.23
C VAL B 508 81.76 -6.51 38.35
N ALA B 509 82.27 -5.34 38.71
CA ALA B 509 83.32 -4.69 37.95
C ALA B 509 84.40 -4.13 38.86
N GLU B 510 85.38 -3.43 38.28
CA GLU B 510 86.45 -2.82 39.06
C GLU B 510 86.52 -1.32 38.75
N GLY B 511 87.51 -0.64 39.33
CA GLY B 511 87.63 0.80 39.19
C GLY B 511 88.79 1.19 38.28
N THR B 512 88.63 2.31 37.59
CA THR B 512 89.66 2.84 36.70
C THR B 512 90.44 3.98 37.35
N GLU B 513 90.58 3.95 38.67
CA GLU B 513 91.39 4.89 39.45
C GLU B 513 90.86 6.33 39.38
N ASP B 514 89.72 6.56 38.75
CA ASP B 514 89.09 7.87 38.87
C ASP B 514 88.64 8.08 40.31
N THR B 515 88.27 9.32 40.64
CA THR B 515 88.06 9.57 42.06
C THR B 515 86.73 9.00 42.53
N LEU B 516 85.61 9.65 42.19
CA LEU B 516 84.32 8.99 42.28
C LEU B 516 83.41 9.37 41.13
N ASP B 517 83.49 10.65 40.72
CA ASP B 517 82.41 11.25 39.95
C ASP B 517 82.40 10.76 38.50
N VAL B 518 83.58 10.59 37.90
CA VAL B 518 83.64 10.08 36.53
C VAL B 518 83.02 8.69 36.46
N GLN B 519 83.43 7.82 37.38
CA GLN B 519 82.86 6.47 37.42
C GLN B 519 81.37 6.50 37.73
N MET B 520 80.92 7.43 38.58
CA MET B 520 79.49 7.50 38.89
C MET B 520 78.68 7.92 37.67
N GLY B 521 79.16 8.92 36.91
CA GLY B 521 78.46 9.31 35.70
C GLY B 521 78.46 8.22 34.66
N ARG B 522 79.60 7.54 34.50
CA ARG B 522 79.65 6.41 33.58
C ARG B 522 78.63 5.35 33.96
N PHE B 523 78.56 5.00 35.25
CA PHE B 523 77.60 4.01 35.70
C PHE B 523 76.17 4.48 35.48
N MET B 524 75.91 5.77 35.70
CA MET B 524 74.58 6.30 35.42
C MET B 524 74.20 6.06 33.96
N GLU B 525 75.09 6.44 33.04
CA GLU B 525 74.77 6.28 31.61
C GLU B 525 74.58 4.81 31.25
N THR B 526 75.51 3.95 31.68
CA THR B 526 75.36 2.52 31.39
C THR B 526 74.06 1.98 31.96
N TRP B 527 73.94 1.96 33.29
CA TRP B 527 72.74 1.46 33.93
C TRP B 527 71.46 2.05 33.35
N ALA B 528 71.53 3.24 32.75
CA ALA B 528 70.36 3.76 32.04
C ALA B 528 70.12 3.01 30.73
N ASP B 529 71.15 2.82 29.91
CA ASP B 529 70.94 2.30 28.57
C ASP B 529 71.26 0.80 28.45
N MET B 530 71.45 0.11 29.57
CA MET B 530 71.80 -1.31 29.56
C MET B 530 70.77 -2.18 30.27
N MET B 531 69.56 -1.66 30.49
CA MET B 531 68.50 -2.40 31.15
C MET B 531 67.43 -2.76 30.13
N PRO B 532 67.55 -3.93 29.47
CA PRO B 532 66.54 -4.29 28.47
C PRO B 532 65.19 -4.61 29.09
N HIS B 533 65.17 -5.36 30.17
CA HIS B 533 63.95 -5.75 30.85
C HIS B 533 63.99 -5.27 32.30
N HIS B 534 63.03 -5.69 33.07
CA HIS B 534 63.01 -5.33 34.48
C HIS B 534 63.61 -6.47 35.31
N PRO B 535 64.23 -6.14 36.43
CA PRO B 535 64.77 -7.18 37.31
C PRO B 535 63.66 -8.00 37.94
N HIS B 536 64.00 -9.23 38.30
CA HIS B 536 63.06 -10.15 38.92
C HIS B 536 63.21 -10.23 40.43
N TRP B 537 64.22 -9.58 41.01
CA TRP B 537 64.41 -9.56 42.44
C TRP B 537 63.84 -8.31 43.10
N VAL B 538 63.22 -7.42 42.33
CA VAL B 538 62.71 -6.18 42.88
C VAL B 538 61.22 -6.24 43.20
N ASN B 539 60.49 -7.20 42.63
CA ASN B 539 59.05 -7.31 42.87
C ASN B 539 58.84 -8.27 44.03
N GLU B 540 58.97 -7.74 45.25
CA GLU B 540 58.75 -8.51 46.46
C GLU B 540 57.46 -8.11 47.17
N HIS B 541 56.58 -7.36 46.50
CA HIS B 541 55.30 -6.97 47.06
C HIS B 541 54.21 -8.02 46.87
N LEU B 542 54.50 -9.08 46.11
CA LEU B 542 53.49 -10.10 45.86
C LEU B 542 53.18 -10.87 47.15
N THR B 543 51.94 -11.34 47.24
CA THR B 543 51.54 -12.18 48.35
C THR B 543 51.91 -13.64 48.06
N ILE B 544 51.64 -14.52 49.03
CA ILE B 544 52.01 -15.91 48.86
C ILE B 544 51.20 -16.55 47.74
N LEU B 545 49.94 -16.15 47.57
CA LEU B 545 49.13 -16.71 46.49
C LEU B 545 49.72 -16.33 45.13
N GLN B 546 50.05 -15.05 44.94
CA GLN B 546 50.65 -14.62 43.69
C GLN B 546 52.01 -15.25 43.46
N PHE B 547 52.77 -15.50 44.53
CA PHE B 547 54.08 -16.11 44.37
C PHE B 547 53.95 -17.59 44.00
N ILE B 548 52.89 -18.25 44.48
CA ILE B 548 52.71 -19.67 44.19
C ILE B 548 52.06 -19.90 42.83
N ALA B 549 51.21 -18.98 42.38
CA ALA B 549 50.49 -19.15 41.12
C ALA B 549 51.47 -19.41 39.97
N PRO B 550 51.07 -20.20 38.98
CA PRO B 550 52.00 -20.58 37.90
C PRO B 550 52.45 -19.41 37.03
N SER B 551 51.80 -18.26 37.13
CA SER B 551 52.22 -17.10 36.35
C SER B 551 53.53 -16.51 36.84
N ASN B 552 53.97 -16.86 38.03
CA ASN B 552 55.21 -16.33 38.58
C ASN B 552 56.40 -16.82 37.76
N PRO B 553 57.20 -15.94 37.18
CA PRO B 553 58.32 -16.40 36.36
C PRO B 553 59.49 -16.90 37.19
N ARG B 554 59.71 -16.29 38.35
CA ARG B 554 60.80 -16.66 39.23
C ARG B 554 60.45 -17.81 40.16
N LEU B 555 59.42 -18.60 39.81
CA LEU B 555 59.02 -19.72 40.66
C LEU B 555 59.89 -20.95 40.41
N ARG B 556 60.28 -21.17 39.14
CA ARG B 556 61.02 -22.37 38.79
C ARG B 556 62.40 -22.44 39.46
N PHE B 557 62.93 -21.30 39.90
CA PHE B 557 64.26 -21.27 40.50
C PHE B 557 64.23 -21.36 42.02
N GLU B 558 63.06 -21.35 42.64
CA GLU B 558 62.94 -21.44 44.10
C GLU B 558 62.95 -22.92 44.47
N LEU B 559 64.14 -23.48 44.64
CA LEU B 559 64.28 -24.89 44.95
C LEU B 559 64.86 -25.15 46.34
N ASN B 560 66.02 -24.59 46.64
CA ASN B 560 66.60 -24.79 47.95
C ASN B 560 66.38 -23.57 48.83
N PRO B 561 66.05 -23.77 50.10
CA PRO B 561 65.84 -22.62 50.99
C PRO B 561 67.13 -21.91 51.34
N ALA B 562 68.29 -22.54 51.17
CA ALA B 562 69.57 -21.94 51.53
C ALA B 562 70.39 -21.53 50.32
N PHE B 563 69.78 -21.46 49.14
CA PHE B 563 70.48 -21.07 47.93
C PHE B 563 69.62 -20.12 47.12
N ASP B 564 70.27 -19.38 46.23
CA ASP B 564 69.60 -18.46 45.32
C ASP B 564 70.06 -18.77 43.90
N PHE B 565 69.12 -19.18 43.05
CA PHE B 565 69.42 -19.56 41.68
C PHE B 565 69.05 -18.41 40.75
N PHE B 566 70.03 -17.92 40.01
CA PHE B 566 69.83 -16.82 39.08
C PHE B 566 70.48 -17.17 37.75
N VAL B 567 70.34 -16.26 36.79
CA VAL B 567 70.97 -16.40 35.48
C VAL B 567 71.99 -15.28 35.33
N ALA B 568 73.15 -15.63 34.76
CA ALA B 568 74.24 -14.68 34.62
C ALA B 568 75.01 -14.99 33.35
N PRO B 569 75.69 -13.99 32.79
CA PRO B 569 76.54 -14.27 31.62
C PRO B 569 77.67 -15.21 31.99
N GLY B 570 77.77 -16.29 31.22
CA GLY B 570 78.85 -17.24 31.42
C GLY B 570 80.13 -16.78 30.77
N ASP B 571 81.20 -17.52 31.06
CA ASP B 571 82.52 -17.26 30.49
C ASP B 571 83.01 -15.86 30.87
N VAL B 572 82.87 -15.51 32.15
CA VAL B 572 83.35 -14.24 32.69
C VAL B 572 83.95 -14.48 34.06
N ASP B 573 84.78 -13.54 34.50
CA ASP B 573 85.35 -13.53 35.83
C ASP B 573 84.78 -12.38 36.63
N LEU B 574 84.55 -12.62 37.92
CA LEU B 574 84.07 -11.58 38.83
C LEU B 574 85.13 -11.30 39.88
N PRO B 575 85.66 -10.08 39.96
CA PRO B 575 85.30 -8.95 39.11
C PRO B 575 85.91 -9.05 37.71
N GLY B 576 85.48 -8.18 36.81
CA GLY B 576 85.98 -8.17 35.46
C GLY B 576 86.09 -6.77 34.89
N PRO B 577 85.90 -6.64 33.58
CA PRO B 577 85.98 -5.32 32.95
C PRO B 577 84.82 -4.43 33.38
N GLN B 578 84.96 -3.15 33.05
CA GLN B 578 83.91 -2.20 33.39
C GLN B 578 82.63 -2.48 32.64
N ARG B 579 82.73 -2.83 31.37
CA ARG B 579 81.56 -3.17 30.58
C ARG B 579 81.39 -4.67 30.49
N PRO B 580 80.20 -5.21 30.76
CA PRO B 580 80.01 -6.65 30.69
C PRO B 580 80.14 -7.15 29.27
N PRO B 581 81.06 -8.08 29.02
CA PRO B 581 81.21 -8.60 27.65
C PRO B 581 80.04 -9.51 27.27
N GLU B 582 79.72 -9.50 25.99
CA GLU B 582 78.62 -10.30 25.50
C GLU B 582 79.00 -11.78 25.47
N ALA B 583 78.20 -12.61 26.10
CA ALA B 583 78.44 -14.05 26.17
C ALA B 583 77.13 -14.77 26.39
N MET B 584 77.18 -16.09 26.28
CA MET B 584 75.98 -16.91 26.46
C MET B 584 75.60 -16.93 27.93
N PRO B 585 74.34 -16.64 28.26
CA PRO B 585 73.93 -16.68 29.66
C PRO B 585 73.78 -18.12 30.16
N THR B 586 74.20 -18.33 31.40
CA THR B 586 74.11 -19.64 32.05
C THR B 586 73.51 -19.48 33.43
N VAL B 587 73.31 -20.61 34.11
CA VAL B 587 72.68 -20.62 35.42
C VAL B 587 73.75 -20.75 36.49
N ASN B 588 73.67 -19.91 37.51
CA ASN B 588 74.57 -19.93 38.64
C ASN B 588 73.76 -19.94 39.93
N ALA B 589 74.43 -20.17 41.05
CA ALA B 589 73.77 -20.29 42.34
C ALA B 589 74.68 -19.76 43.43
N THR B 590 74.23 -18.73 44.13
CA THR B 590 74.94 -18.20 45.29
C THR B 590 74.36 -18.81 46.56
N LEU B 591 74.76 -18.27 47.71
CA LEU B 591 74.35 -18.79 49.00
C LEU B 591 73.63 -17.70 49.78
N ARG B 592 72.53 -18.08 50.44
CA ARG B 592 71.79 -17.17 51.32
C ARG B 592 72.47 -17.19 52.68
N ILE B 593 73.31 -16.19 52.95
CA ILE B 593 74.07 -16.19 54.19
C ILE B 593 73.16 -15.90 55.38
N ILE B 594 72.21 -15.00 55.21
CA ILE B 594 71.30 -14.60 56.28
C ILE B 594 69.97 -15.31 56.09
N ASN B 595 69.34 -15.71 57.19
CA ASN B 595 68.00 -16.25 57.11
C ASN B 595 66.98 -15.17 56.80
N GLY B 596 67.35 -13.90 56.94
CA GLY B 596 66.48 -12.82 56.55
C GLY B 596 66.44 -12.54 55.06
N ASN B 597 67.36 -13.14 54.30
CA ASN B 597 67.39 -12.97 52.85
C ASN B 597 66.33 -13.79 52.13
N ILE B 598 65.57 -14.60 52.86
CA ILE B 598 64.47 -15.34 52.23
C ILE B 598 63.45 -14.34 51.70
N PRO B 599 62.90 -14.54 50.50
CA PRO B 599 61.95 -13.56 49.97
C PRO B 599 60.77 -13.32 50.89
N VAL B 600 60.27 -12.08 50.87
CA VAL B 600 59.16 -11.72 51.75
C VAL B 600 57.91 -12.54 51.46
N PRO B 601 57.54 -12.83 50.22
CA PRO B 601 56.37 -13.70 50.01
C PRO B 601 56.47 -15.04 50.73
N LEU B 602 57.67 -15.57 50.93
CA LEU B 602 57.81 -16.82 51.65
C LEU B 602 57.94 -16.60 53.15
N CYS B 603 58.60 -15.52 53.56
CA CYS B 603 58.71 -15.15 54.97
C CYS B 603 58.05 -13.80 55.19
N PRO B 604 56.82 -13.76 55.70
CA PRO B 604 56.11 -12.48 55.78
C PRO B 604 56.70 -11.53 56.81
N ILE B 605 56.11 -10.34 56.93
CA ILE B 605 56.61 -9.33 57.84
C ILE B 605 56.03 -9.49 59.24
N SER B 606 54.74 -9.84 59.32
CA SER B 606 54.11 -9.99 60.63
C SER B 606 54.77 -11.07 61.46
N PHE B 607 55.18 -12.17 60.84
CA PHE B 607 55.90 -13.20 61.58
C PHE B 607 57.22 -12.67 62.10
N ARG B 608 57.93 -11.88 61.29
CA ARG B 608 59.19 -11.31 61.74
C ARG B 608 58.98 -10.37 62.92
N ASP B 609 57.92 -9.56 62.88
CA ASP B 609 57.67 -8.63 63.98
C ASP B 609 57.26 -9.38 65.25
N CYS B 610 56.47 -10.44 65.11
CA CYS B 610 56.10 -11.21 66.29
C CYS B 610 57.31 -11.93 66.88
N ARG B 611 58.21 -12.42 66.02
CA ARG B 611 59.44 -13.03 66.49
C ARG B 611 60.30 -12.01 67.23
N GLY B 612 60.40 -10.79 66.70
CA GLY B 612 61.14 -9.75 67.41
C GLY B 612 60.51 -9.40 68.74
N THR B 613 59.18 -9.41 68.80
CA THR B 613 58.51 -9.16 70.07
C THR B 613 58.83 -10.25 71.08
N GLN B 614 58.80 -11.51 70.65
CA GLN B 614 59.18 -12.60 71.55
C GLN B 614 60.63 -12.49 71.99
N LEU B 615 61.51 -12.04 71.08
CA LEU B 615 62.92 -11.88 71.44
C LEU B 615 63.08 -10.82 72.51
N GLY B 616 62.63 -9.60 72.23
CA GLY B 616 62.74 -8.52 73.20
C GLY B 616 61.66 -8.59 74.25
N LEU B 617 61.67 -9.65 75.07
CA LEU B 617 60.62 -9.85 76.05
C LEU B 617 60.73 -8.84 77.19
N GLY B 618 61.84 -8.88 77.93
CA GLY B 618 62.01 -7.99 79.05
C GLY B 618 63.34 -7.28 79.05
N ARG B 619 63.97 -7.20 77.88
CA ARG B 619 65.27 -6.57 77.78
C ARG B 619 65.13 -5.05 77.79
N HIS B 620 66.28 -4.37 77.70
CA HIS B 620 66.29 -2.92 77.82
C HIS B 620 65.50 -2.26 76.70
N THR B 621 64.75 -1.23 77.06
CA THR B 621 63.99 -0.44 76.10
C THR B 621 64.39 1.02 76.23
N MET B 622 63.89 1.83 75.32
CA MET B 622 64.18 3.26 75.27
C MET B 622 62.94 4.05 75.66
N THR B 623 63.16 5.23 76.22
CA THR B 623 62.06 6.05 76.69
C THR B 623 61.49 6.89 75.55
N PRO B 624 60.18 7.17 75.58
CA PRO B 624 59.57 7.96 74.51
C PRO B 624 60.19 9.32 74.31
N ALA B 625 60.82 9.90 75.33
CA ALA B 625 61.50 11.17 75.15
C ALA B 625 62.61 11.05 74.12
N THR B 626 63.56 10.15 74.35
CA THR B 626 64.64 9.94 73.39
C THR B 626 64.10 9.45 72.05
N ILE B 627 63.07 8.58 72.07
CA ILE B 627 62.51 8.10 70.82
C ILE B 627 62.01 9.27 69.98
N LYS B 628 61.20 10.14 70.57
CA LYS B 628 60.65 11.27 69.83
C LYS B 628 61.74 12.22 69.40
N ALA B 629 62.73 12.48 70.25
CA ALA B 629 63.80 13.40 69.88
C ALA B 629 64.58 12.88 68.68
N VAL B 630 64.98 11.62 68.71
CA VAL B 630 65.76 11.06 67.60
C VAL B 630 64.91 10.99 66.34
N LYS B 631 63.63 10.66 66.47
CA LYS B 631 62.76 10.62 65.29
C LYS B 631 62.62 12.01 64.67
N ASP B 632 62.40 13.03 65.50
CA ASP B 632 62.29 14.39 64.97
C ASP B 632 63.58 14.84 64.33
N THR B 633 64.73 14.48 64.91
CA THR B 633 66.00 14.86 64.30
C THR B 633 66.19 14.18 62.96
N PHE B 634 65.89 12.88 62.89
CA PHE B 634 66.02 12.17 61.62
C PHE B 634 65.07 12.73 60.57
N GLU B 635 63.90 13.18 61.00
CA GLU B 635 62.91 13.68 60.06
C GLU B 635 63.19 15.13 59.64
N ASP B 636 63.88 15.89 60.47
CA ASP B 636 64.09 17.31 60.20
C ASP B 636 64.88 17.51 58.92
N ARG B 637 64.42 18.45 58.09
CA ARG B 637 65.09 18.79 56.85
C ARG B 637 65.90 20.07 56.96
N ALA B 638 65.75 20.84 58.04
CA ALA B 638 66.51 22.06 58.26
C ALA B 638 67.82 21.81 59.01
N TYR B 639 68.34 20.60 58.94
CA TYR B 639 69.62 20.29 59.57
C TYR B 639 70.72 21.12 58.93
N PRO B 640 71.42 21.97 59.69
CA PRO B 640 72.40 22.87 59.07
C PRO B 640 73.58 22.10 58.49
N THR B 641 74.05 22.58 57.33
CA THR B 641 75.19 21.95 56.68
C THR B 641 76.50 22.21 57.41
N ILE B 642 76.51 23.14 58.35
CA ILE B 642 77.71 23.39 59.13
C ILE B 642 78.06 22.16 59.96
N PHE B 643 77.04 21.42 60.41
CA PHE B 643 77.31 20.16 61.12
C PHE B 643 78.00 19.16 60.22
N TYR B 644 77.50 18.97 59.01
CA TYR B 644 78.13 18.04 58.07
C TYR B 644 79.55 18.48 57.75
N MET B 645 79.78 19.78 57.60
CA MET B 645 81.12 20.26 57.28
C MET B 645 82.08 20.00 58.44
N LEU B 646 81.67 20.36 59.66
CA LEU B 646 82.50 20.09 60.82
C LEU B 646 82.80 18.60 60.95
N GLU B 647 81.81 17.76 60.70
CA GLU B 647 82.02 16.32 60.78
C GLU B 647 83.03 15.85 59.73
N ALA B 648 82.84 16.25 58.47
CA ALA B 648 83.75 15.80 57.43
C ALA B 648 85.17 16.30 57.67
N VAL B 649 85.31 17.45 58.31
CA VAL B 649 86.65 17.95 58.59
C VAL B 649 87.27 17.22 59.77
N ILE B 650 86.46 16.86 60.78
CA ILE B 650 86.98 16.12 61.92
C ILE B 650 87.42 14.73 61.49
N HIS B 651 86.64 14.09 60.61
CA HIS B 651 86.95 12.77 60.05
C HIS B 651 87.27 11.73 61.12
N GLY B 652 86.75 11.93 62.33
CA GLY B 652 86.87 10.92 63.36
C GLY B 652 88.27 10.74 63.90
N ASN B 653 88.78 11.74 64.61
CA ASN B 653 90.09 11.64 65.24
C ASN B 653 90.03 12.26 66.63
N GLU B 654 90.56 11.52 67.62
CA GLU B 654 90.55 12.00 68.99
C GLU B 654 91.37 13.27 69.14
N ARG B 655 92.49 13.38 68.42
CA ARG B 655 93.31 14.58 68.51
C ARG B 655 92.56 15.81 68.04
N ASN B 656 91.63 15.65 67.10
CA ASN B 656 90.81 16.76 66.64
C ASN B 656 89.62 17.03 67.56
N PHE B 657 89.00 15.96 68.08
CA PHE B 657 87.87 16.14 68.97
C PHE B 657 88.28 16.82 70.26
N CYS B 658 89.38 16.37 70.87
CA CYS B 658 89.87 16.97 72.09
C CYS B 658 90.25 18.43 71.91
N ALA B 659 90.61 18.84 70.71
CA ALA B 659 90.90 20.23 70.42
C ALA B 659 89.65 21.05 70.16
N LEU B 660 88.65 20.46 69.53
CA LEU B 660 87.40 21.15 69.23
C LEU B 660 86.36 21.00 70.34
N LEU B 661 86.75 20.44 71.49
CA LEU B 661 85.82 20.29 72.60
C LEU B 661 85.14 21.60 72.95
N ARG B 662 85.86 22.72 72.83
CA ARG B 662 85.27 24.00 73.19
C ARG B 662 84.16 24.41 72.24
N LEU B 663 84.39 24.26 70.93
CA LEU B 663 83.41 24.70 69.96
C LEU B 663 82.18 23.80 69.94
N LEU B 664 82.39 22.49 70.06
CA LEU B 664 81.28 21.54 69.92
C LEU B 664 80.28 21.68 71.06
N THR B 665 80.75 21.96 72.27
CA THR B 665 79.82 22.16 73.38
C THR B 665 78.86 23.30 73.08
N GLN B 666 79.40 24.46 72.70
CA GLN B 666 78.56 25.61 72.42
C GLN B 666 77.66 25.37 71.21
N CYS B 667 78.17 24.67 70.20
CA CYS B 667 77.35 24.39 69.02
C CYS B 667 76.17 23.48 69.38
N ILE B 668 76.44 22.40 70.12
CA ILE B 668 75.38 21.48 70.50
C ILE B 668 74.36 22.18 71.39
N ARG B 669 74.82 23.03 72.30
CA ARG B 669 73.87 23.74 73.17
C ARG B 669 73.03 24.72 72.37
N GLY B 670 73.65 25.47 71.46
CA GLY B 670 72.89 26.41 70.65
C GLY B 670 71.89 25.72 69.75
N TYR B 671 72.22 24.50 69.30
CA TYR B 671 71.27 23.78 68.47
C TYR B 671 70.15 23.16 69.29
N TRP B 672 70.45 22.67 70.49
CA TRP B 672 69.42 22.04 71.29
C TRP B 672 68.46 23.04 71.90
N GLU B 673 68.97 24.09 72.54
CA GLU B 673 68.06 25.07 73.14
C GLU B 673 67.53 26.04 72.11
N GLN B 674 67.11 25.50 70.96
CA GLN B 674 66.29 26.20 69.99
C GLN B 674 65.15 25.37 69.43
N SER B 675 65.29 24.04 69.36
CA SER B 675 64.24 23.18 68.83
C SER B 675 64.11 21.86 69.59
N HIS B 676 64.86 21.66 70.67
CA HIS B 676 64.87 20.42 71.44
C HIS B 676 65.14 19.23 70.52
N ARG B 677 66.32 19.25 69.91
CA ARG B 677 66.74 18.19 69.00
C ARG B 677 68.22 17.91 69.22
N VAL B 678 68.57 16.64 69.21
CA VAL B 678 69.96 16.21 69.36
C VAL B 678 70.61 16.24 67.98
N ALA B 679 71.92 16.39 67.96
CA ALA B 679 72.68 16.49 66.71
C ALA B 679 73.82 15.49 66.72
N PHE B 680 74.55 15.44 65.60
CA PHE B 680 75.71 14.58 65.44
C PHE B 680 75.36 13.10 65.62
N VAL B 681 74.26 12.68 65.00
CA VAL B 681 73.88 11.27 65.01
C VAL B 681 74.42 10.54 63.79
N ASN B 682 74.94 11.27 62.80
CA ASN B 682 75.40 10.67 61.55
C ASN B 682 76.44 9.58 61.81
N ASN B 683 77.47 9.89 62.59
CA ASN B 683 78.61 9.00 62.71
C ASN B 683 78.60 8.28 64.06
N PHE B 684 79.17 7.08 64.07
CA PHE B 684 79.33 6.33 65.30
C PHE B 684 80.47 6.86 66.14
N HIS B 685 81.48 7.46 65.52
CA HIS B 685 82.57 8.06 66.29
C HIS B 685 82.25 9.50 66.68
N MET B 686 81.05 9.73 67.16
CA MET B 686 80.75 11.02 67.77
C MET B 686 80.07 10.90 69.12
N LEU B 687 79.12 9.97 69.25
CA LEU B 687 78.40 9.84 70.50
C LEU B 687 79.23 9.16 71.56
N MET B 688 80.12 8.25 71.18
CA MET B 688 81.04 7.68 72.14
C MET B 688 81.99 8.74 72.68
N TYR B 689 82.51 9.59 71.80
CA TYR B 689 83.34 10.71 72.26
C TYR B 689 82.56 11.65 73.17
N ILE B 690 81.32 11.97 72.80
CA ILE B 690 80.52 12.87 73.61
C ILE B 690 80.29 12.27 75.00
N THR B 691 79.95 10.99 75.06
CA THR B 691 79.71 10.35 76.34
C THR B 691 80.98 10.25 77.18
N THR B 692 82.12 9.98 76.54
CA THR B 692 83.35 9.80 77.29
C THR B 692 83.90 11.14 77.80
N TYR B 693 83.66 12.23 77.07
CA TYR B 693 84.23 13.52 77.44
C TYR B 693 83.23 14.41 78.17
N LEU B 694 82.10 14.72 77.55
CA LEU B 694 81.10 15.60 78.14
C LEU B 694 80.07 14.79 78.94
N GLY B 695 80.60 14.00 79.87
CA GLY B 695 79.74 13.18 80.71
C GLY B 695 79.73 13.63 82.15
N ASN B 696 80.48 14.69 82.46
CA ASN B 696 80.55 15.21 83.81
C ASN B 696 79.44 16.19 84.14
N GLY B 697 78.68 16.64 83.15
CA GLY B 697 77.59 17.56 83.38
C GLY B 697 77.72 18.85 82.59
N GLU B 698 78.57 18.83 81.57
CA GLU B 698 78.75 20.02 80.74
C GLU B 698 77.48 20.36 79.97
N LEU B 699 76.79 19.36 79.48
CA LEU B 699 75.53 19.54 78.78
C LEU B 699 74.37 19.34 79.76
N PRO B 700 73.18 19.84 79.43
CA PRO B 700 72.01 19.60 80.28
C PRO B 700 71.73 18.12 80.44
N GLU B 701 70.98 17.79 81.50
CA GLU B 701 70.72 16.41 81.85
C GLU B 701 69.85 15.67 80.85
N VAL B 702 69.48 16.31 79.74
CA VAL B 702 68.58 15.67 78.78
C VAL B 702 69.36 15.03 77.64
N CYS B 703 70.25 15.81 76.99
CA CYS B 703 70.97 15.30 75.84
C CYS B 703 71.90 14.16 76.23
N ILE B 704 72.61 14.30 77.35
CA ILE B 704 73.48 13.22 77.81
C ILE B 704 72.67 11.98 78.11
N ASN B 705 71.47 12.14 78.67
CA ASN B 705 70.62 10.98 78.92
C ASN B 705 70.17 10.32 77.62
N ILE B 706 69.89 11.12 76.60
CA ILE B 706 69.54 10.56 75.29
C ILE B 706 70.69 9.73 74.74
N TYR B 707 71.90 10.30 74.76
CA TYR B 707 73.06 9.58 74.25
C TYR B 707 73.30 8.28 75.03
N ARG B 708 73.20 8.35 76.37
CA ARG B 708 73.40 7.16 77.17
C ARG B 708 72.31 6.12 76.92
N ASP B 709 71.10 6.57 76.65
CA ASP B 709 70.03 5.64 76.31
C ASP B 709 70.33 4.90 75.01
N LEU B 710 70.78 5.62 73.98
CA LEU B 710 71.16 4.98 72.74
C LEU B 710 72.29 3.97 72.96
N LEU B 711 73.30 4.36 73.73
CA LEU B 711 74.41 3.46 74.02
C LEU B 711 73.93 2.20 74.75
N GLN B 712 73.03 2.38 75.72
CA GLN B 712 72.51 1.24 76.46
C GLN B 712 71.72 0.30 75.56
N HIS B 713 70.95 0.87 74.62
CA HIS B 713 70.22 0.02 73.69
C HIS B 713 71.17 -0.79 72.81
N VAL B 714 72.22 -0.14 72.30
CA VAL B 714 73.19 -0.88 71.49
C VAL B 714 73.84 -2.00 72.31
N ARG B 715 74.18 -1.70 73.57
CA ARG B 715 74.79 -2.72 74.41
C ARG B 715 73.81 -3.85 74.73
N ALA B 716 72.52 -3.52 74.87
CA ALA B 716 71.52 -4.55 75.09
C ALA B 716 71.43 -5.49 73.90
N LEU B 717 71.47 -4.95 72.68
CA LEU B 717 71.49 -5.81 71.51
C LEU B 717 72.75 -6.68 71.48
N ARG B 718 73.90 -6.08 71.77
CA ARG B 718 75.15 -6.85 71.79
C ARG B 718 75.08 -7.98 72.80
N GLN B 719 74.43 -7.74 73.95
CA GLN B 719 74.33 -8.78 74.96
C GLN B 719 73.32 -9.85 74.55
N THR B 720 72.24 -9.45 73.89
CA THR B 720 71.27 -10.43 73.39
C THR B 720 71.91 -11.40 72.43
N ILE B 721 72.80 -10.90 71.56
CA ILE B 721 73.49 -11.78 70.63
C ILE B 721 74.20 -12.91 71.36
N THR B 722 74.92 -12.57 72.43
CA THR B 722 75.60 -13.59 73.22
C THR B 722 74.61 -14.47 73.97
N ASP B 723 73.47 -13.89 74.37
CA ASP B 723 72.52 -14.63 75.17
C ASP B 723 71.87 -15.75 74.36
N PHE B 724 71.64 -15.53 73.07
CA PHE B 724 70.94 -16.52 72.26
C PHE B 724 71.88 -17.47 71.53
N THR B 725 73.06 -17.74 72.08
CA THR B 725 73.99 -18.69 71.49
C THR B 725 74.70 -19.46 72.59
N ILE B 726 75.10 -20.69 72.27
CA ILE B 726 75.78 -21.55 73.22
C ILE B 726 77.28 -21.30 73.12
N GLN B 727 77.91 -21.02 74.26
CA GLN B 727 79.32 -20.70 74.31
C GLN B 727 80.13 -21.94 74.66
N GLY B 728 81.35 -22.02 74.13
CA GLY B 728 82.25 -23.09 74.49
C GLY B 728 82.69 -23.96 73.32
N GLU B 729 82.61 -23.42 72.11
CA GLU B 729 83.04 -24.15 70.93
C GLU B 729 83.52 -23.17 69.87
N GLY B 730 84.56 -23.56 69.15
CA GLY B 730 85.13 -22.73 68.11
C GLY B 730 85.99 -23.53 67.16
N HIS B 731 85.79 -23.32 65.86
CA HIS B 731 86.51 -24.08 64.85
C HIS B 731 87.77 -23.33 64.42
N ASN B 732 88.37 -23.77 63.32
CA ASN B 732 89.63 -23.18 62.85
C ASN B 732 89.51 -21.68 62.66
N GLY B 733 88.36 -21.21 62.19
CA GLY B 733 88.15 -19.80 62.01
C GLY B 733 87.77 -19.10 63.29
N GLU B 734 86.73 -18.27 63.25
CA GLU B 734 86.30 -17.55 64.43
C GLU B 734 85.56 -18.48 65.38
N THR B 735 85.05 -17.90 66.47
CA THR B 735 84.39 -18.68 67.50
C THR B 735 82.89 -18.80 67.25
N SER B 736 82.17 -19.31 68.26
CA SER B 736 80.74 -19.55 68.12
C SER B 736 79.97 -18.27 67.80
N GLU B 737 80.42 -17.14 68.31
CA GLU B 737 79.72 -15.88 68.08
C GLU B 737 79.67 -15.54 66.59
N ALA B 738 80.84 -15.40 65.96
CA ALA B 738 80.88 -15.10 64.54
C ALA B 738 80.41 -16.28 63.70
N LEU B 739 80.44 -17.49 64.24
CA LEU B 739 79.89 -18.64 63.54
C LEU B 739 78.37 -18.63 63.52
N ASN B 740 77.74 -18.00 64.51
CA ASN B 740 76.29 -17.93 64.62
C ASN B 740 75.70 -16.68 63.98
N ASN B 741 76.22 -15.51 64.31
CA ASN B 741 75.70 -14.25 63.80
C ASN B 741 76.68 -13.62 62.81
N ILE B 742 76.30 -12.45 62.30
CA ILE B 742 77.14 -11.70 61.41
C ILE B 742 77.61 -10.38 62.01
N LEU B 743 76.78 -9.72 62.82
CA LEU B 743 77.22 -8.49 63.47
C LEU B 743 78.44 -8.70 64.34
N THR B 744 78.67 -9.93 64.81
CA THR B 744 79.87 -10.27 65.57
C THR B 744 80.94 -10.92 64.71
N ASP B 745 80.91 -10.68 63.41
CA ASP B 745 81.92 -11.21 62.50
C ASP B 745 82.92 -10.11 62.13
N ASP B 746 84.17 -10.53 61.93
CA ASP B 746 85.21 -9.59 61.52
C ASP B 746 85.36 -9.49 60.02
N THR B 747 85.00 -10.54 59.28
CA THR B 747 85.02 -10.45 57.83
C THR B 747 84.03 -9.42 57.33
N PHE B 748 82.90 -9.28 58.00
CA PHE B 748 81.95 -8.23 57.67
C PHE B 748 82.50 -6.88 58.09
N ILE B 749 82.14 -5.84 57.33
CA ILE B 749 82.68 -4.50 57.54
C ILE B 749 81.55 -3.49 57.59
N ALA B 750 81.79 -2.39 58.29
CA ALA B 750 80.83 -1.31 58.39
C ALA B 750 80.74 -0.57 57.05
N PRO B 751 79.65 0.15 56.81
CA PRO B 751 79.53 0.89 55.55
C PRO B 751 80.42 2.13 55.47
N ILE B 752 80.90 2.63 56.60
CA ILE B 752 81.75 3.82 56.65
C ILE B 752 82.98 3.49 57.48
N LEU B 753 84.16 3.82 56.96
CA LEU B 753 85.42 3.55 57.64
C LEU B 753 86.19 4.85 57.80
N TRP B 754 86.58 5.15 59.04
CA TRP B 754 87.37 6.34 59.33
C TRP B 754 88.84 6.02 59.57
N ASP B 755 89.16 4.82 60.01
CA ASP B 755 90.54 4.38 60.19
C ASP B 755 90.69 2.98 59.62
N CYS B 756 91.94 2.59 59.36
CA CYS B 756 92.24 1.31 58.72
C CYS B 756 92.45 0.18 59.72
N ASP B 757 91.86 0.27 60.91
CA ASP B 757 91.99 -0.81 61.88
C ASP B 757 91.03 -1.96 61.57
N ALA B 758 89.86 -1.65 61.01
CA ALA B 758 88.94 -2.71 60.62
C ALA B 758 89.53 -3.60 59.55
N LEU B 759 90.31 -3.02 58.63
CA LEU B 759 90.98 -3.84 57.61
C LEU B 759 92.00 -4.77 58.25
N ILE B 760 92.76 -4.26 59.22
CA ILE B 760 93.71 -5.12 59.93
C ILE B 760 92.99 -6.27 60.62
N TYR B 761 91.90 -5.95 61.33
CA TYR B 761 91.14 -6.98 62.01
C TYR B 761 90.58 -8.01 61.03
N ARG B 762 90.09 -7.56 59.88
CA ARG B 762 89.54 -8.49 58.89
C ARG B 762 90.62 -9.39 58.32
N ASP B 763 91.78 -8.82 57.97
CA ASP B 763 92.86 -9.63 57.41
C ASP B 763 93.45 -10.58 58.43
N GLU B 764 93.36 -10.24 59.71
CA GLU B 764 93.92 -11.09 60.76
C GLU B 764 92.95 -12.17 61.22
N ALA B 765 91.65 -11.89 61.23
CA ALA B 765 90.70 -12.82 61.82
C ALA B 765 90.54 -14.07 60.98
N ALA B 766 90.14 -13.91 59.71
CA ALA B 766 89.81 -15.08 58.90
C ALA B 766 91.05 -15.89 58.59
N ARG B 767 91.98 -15.32 57.82
CA ARG B 767 93.27 -15.91 57.50
C ARG B 767 93.16 -17.30 56.87
N ASP B 768 91.94 -17.76 56.59
CA ASP B 768 91.72 -19.05 55.95
C ASP B 768 90.99 -18.93 54.62
N ARG B 769 89.85 -18.25 54.61
CA ARG B 769 89.14 -17.99 53.37
C ARG B 769 89.90 -16.98 52.55
N LEU B 770 90.11 -17.29 51.27
CA LEU B 770 90.90 -16.47 50.37
C LEU B 770 90.35 -15.06 50.26
N PRO B 771 91.03 -14.07 50.83
CA PRO B 771 90.53 -12.70 50.79
C PRO B 771 91.08 -11.93 49.59
N ALA B 772 90.37 -10.88 49.23
CA ALA B 772 90.80 -10.02 48.13
C ALA B 772 90.25 -8.62 48.36
N ILE B 773 91.09 -7.61 48.17
CA ILE B 773 90.72 -6.21 48.35
C ILE B 773 91.13 -5.44 47.11
N ARG B 774 90.26 -4.55 46.65
CA ARG B 774 90.51 -3.71 45.48
C ARG B 774 90.32 -2.26 45.89
N VAL B 775 91.41 -1.60 46.27
CA VAL B 775 91.35 -0.21 46.73
C VAL B 775 91.63 0.67 45.50
N SER B 776 90.56 0.95 44.77
CA SER B 776 90.58 1.90 43.65
C SER B 776 91.71 1.59 42.67
N GLY B 777 91.65 0.39 42.09
CA GLY B 777 92.68 -0.02 41.16
C GLY B 777 93.55 -1.12 41.69
N ARG B 778 94.78 -0.78 42.06
CA ARG B 778 95.72 -1.77 42.56
C ARG B 778 95.15 -2.50 43.78
N ASN B 779 95.55 -3.76 43.93
CA ASN B 779 95.09 -4.59 45.03
C ASN B 779 96.02 -4.40 46.22
N GLY B 780 95.43 -4.13 47.38
CA GLY B 780 96.22 -3.91 48.58
C GLY B 780 96.34 -2.44 48.94
N TYR B 781 95.97 -2.11 50.18
CA TYR B 781 96.01 -0.73 50.64
C TYR B 781 97.37 -0.41 51.26
N GLN B 782 97.71 0.87 51.22
CA GLN B 782 98.96 1.38 51.79
C GLN B 782 98.63 2.41 52.85
N ALA B 783 98.90 2.08 54.11
CA ALA B 783 98.58 2.95 55.22
C ALA B 783 99.77 3.83 55.57
N LEU B 784 99.50 5.07 55.95
CA LEU B 784 100.52 6.00 56.38
C LEU B 784 99.98 6.85 57.52
N HIS B 785 100.88 7.52 58.21
CA HIS B 785 100.52 8.31 59.38
C HIS B 785 99.92 9.64 58.94
N PHE B 786 99.80 10.57 59.88
CA PHE B 786 99.17 11.85 59.59
C PHE B 786 99.87 12.58 58.45
N VAL B 787 99.11 13.42 57.76
CA VAL B 787 99.59 14.19 56.61
C VAL B 787 99.68 15.64 57.03
N ASP B 788 100.80 16.30 56.69
CA ASP B 788 101.02 17.67 57.07
C ASP B 788 100.07 18.61 56.32
N MET B 789 100.19 19.90 56.62
CA MET B 789 99.34 20.90 55.97
C MET B 789 99.90 21.29 54.61
N ALA B 790 101.22 21.32 54.48
CA ALA B 790 101.83 21.76 53.22
C ALA B 790 101.60 20.73 52.12
N GLY B 791 102.11 19.52 52.31
CA GLY B 791 101.95 18.49 51.30
C GLY B 791 100.75 17.60 51.54
N HIS B 792 99.64 17.88 50.87
CA HIS B 792 98.42 17.10 51.00
C HIS B 792 98.12 16.24 49.78
N ASN B 793 98.34 16.78 48.58
CA ASN B 793 98.20 16.02 47.33
C ASN B 793 96.78 15.47 47.18
N PHE B 794 95.84 16.41 47.00
CA PHE B 794 94.43 16.07 46.85
C PHE B 794 94.20 14.93 45.85
N GLN B 795 95.03 14.83 44.83
CA GLN B 795 94.94 13.76 43.83
C GLN B 795 96.00 12.70 44.15
N ARG B 796 95.55 11.52 44.57
CA ARG B 796 96.44 10.43 44.92
C ARG B 796 95.83 9.11 44.44
N ARG B 797 96.55 8.02 44.70
CA ARG B 797 96.11 6.70 44.29
C ARG B 797 96.65 5.66 45.26
N ASP B 798 95.76 4.80 45.76
CA ASP B 798 96.12 3.70 46.66
C ASP B 798 96.84 4.22 47.90
N ASN B 799 96.13 5.04 48.67
CA ASN B 799 96.67 5.59 49.91
C ASN B 799 95.52 5.86 50.87
N VAL B 800 95.62 5.29 52.07
CA VAL B 800 94.62 5.47 53.10
C VAL B 800 95.30 5.97 54.36
N LEU B 801 94.61 6.85 55.09
CA LEU B 801 95.15 7.50 56.26
C LEU B 801 94.64 6.85 57.53
N ILE B 802 95.35 7.10 58.63
CA ILE B 802 94.92 6.70 59.96
C ILE B 802 94.92 7.86 60.95
N HIS B 803 95.26 9.07 60.50
CA HIS B 803 95.24 10.28 61.33
C HIS B 803 96.23 10.18 62.48
N GLY B 804 97.39 9.60 62.21
CA GLY B 804 98.44 9.50 63.21
C GLY B 804 98.00 8.64 64.38
N ARG B 805 98.50 8.98 65.57
CA ARG B 805 98.19 8.28 66.80
C ARG B 805 98.11 9.28 67.94
N PRO B 806 97.21 9.07 68.90
CA PRO B 806 97.13 10.00 70.04
C PRO B 806 98.26 9.84 71.04
N VAL B 807 98.95 8.71 71.04
CA VAL B 807 100.03 8.47 71.99
C VAL B 807 101.31 8.12 71.25
N PRO B 816 105.78 0.76 62.36
CA PRO B 816 104.66 0.16 61.64
C PRO B 816 103.30 0.70 62.09
N ILE B 817 102.25 0.25 61.44
CA ILE B 817 100.90 0.68 61.79
C ILE B 817 100.36 -0.20 62.91
N THR B 818 99.36 0.33 63.62
CA THR B 818 98.73 -0.38 64.72
C THR B 818 97.24 -0.07 64.73
N PRO B 819 96.40 -1.01 65.14
CA PRO B 819 94.97 -0.73 65.25
C PRO B 819 94.71 0.39 66.24
N HIS B 820 93.73 1.22 65.93
CA HIS B 820 93.44 2.40 66.75
C HIS B 820 92.67 2.01 68.01
N HIS B 821 91.47 1.46 67.83
CA HIS B 821 90.61 1.10 68.94
C HIS B 821 90.63 -0.41 69.16
N ASP B 822 89.78 -0.88 70.07
CA ASP B 822 89.70 -2.30 70.39
C ASP B 822 88.87 -3.02 69.33
N ARG B 823 88.54 -4.30 69.59
CA ARG B 823 87.78 -5.08 68.63
C ARG B 823 86.28 -4.91 68.83
N GLU B 824 85.83 -4.82 70.09
CA GLU B 824 84.41 -4.65 70.37
C GLU B 824 83.87 -3.35 69.78
N TRP B 825 84.73 -2.36 69.54
CA TRP B 825 84.30 -1.15 68.86
C TRP B 825 83.72 -1.46 67.49
N GLY B 826 84.33 -2.39 66.76
CA GLY B 826 83.82 -2.76 65.46
C GLY B 826 82.45 -3.41 65.54
N ILE B 827 82.26 -4.29 66.52
CA ILE B 827 80.96 -4.93 66.69
C ILE B 827 79.90 -3.89 67.03
N LEU B 828 80.22 -2.96 67.94
CA LEU B 828 79.27 -1.91 68.27
C LEU B 828 78.94 -1.05 67.07
N SER B 829 79.94 -0.73 66.24
CA SER B 829 79.70 0.09 65.06
C SER B 829 78.80 -0.63 64.07
N LYS B 830 79.05 -1.92 63.85
CA LYS B 830 78.19 -2.68 62.95
C LYS B 830 76.76 -2.71 63.48
N ILE B 831 76.58 -3.04 64.75
CA ILE B 831 75.24 -3.08 65.33
C ILE B 831 74.54 -1.73 65.15
N TYR B 832 75.22 -0.65 65.50
CA TYR B 832 74.63 0.68 65.32
C TYR B 832 74.21 0.90 63.88
N TYR B 833 75.18 0.88 62.95
CA TYR B 833 74.92 1.26 61.58
C TYR B 833 73.89 0.37 60.89
N TYR B 834 73.78 -0.90 61.28
CA TYR B 834 72.87 -1.81 60.60
C TYR B 834 71.59 -2.07 61.36
N ILE B 835 71.39 -1.50 62.54
CA ILE B 835 70.13 -1.69 63.24
C ILE B 835 69.49 -0.34 63.57
N VAL B 836 70.23 0.52 64.27
CA VAL B 836 69.62 1.73 64.82
C VAL B 836 69.35 2.74 63.71
N ILE B 837 70.35 2.97 62.85
CA ILE B 837 70.16 3.93 61.76
C ILE B 837 69.02 3.54 60.82
N PRO B 838 68.96 2.31 60.29
CA PRO B 838 67.83 1.98 59.42
C PRO B 838 66.49 2.00 60.12
N ALA B 839 66.44 1.57 61.38
CA ALA B 839 65.16 1.55 62.10
C ALA B 839 64.58 2.95 62.25
N PHE B 840 65.45 3.96 62.38
CA PHE B 840 64.96 5.33 62.55
C PHE B 840 64.77 6.04 61.24
N SER B 841 65.61 5.76 60.23
CA SER B 841 65.47 6.47 58.97
C SER B 841 64.36 5.90 58.11
N ARG B 842 64.18 4.58 58.13
CA ARG B 842 63.19 3.89 57.30
C ARG B 842 63.43 4.18 55.82
N GLY B 843 64.63 3.84 55.36
CA GLY B 843 64.98 3.96 53.97
C GLY B 843 65.06 5.38 53.46
N SER B 844 65.17 6.37 54.34
CA SER B 844 65.23 7.77 53.92
C SER B 844 66.64 8.34 53.89
N CYS B 845 67.59 7.69 54.54
CA CYS B 845 68.96 8.19 54.57
C CYS B 845 69.73 7.74 53.33
N CYS B 846 70.91 8.33 53.16
CA CYS B 846 71.77 7.96 52.03
C CYS B 846 73.22 8.18 52.42
N THR B 847 74.12 7.56 51.66
CA THR B 847 75.56 7.70 51.86
C THR B 847 76.16 8.44 50.68
N MET B 848 77.03 9.41 50.99
CA MET B 848 77.57 10.29 49.97
C MET B 848 79.05 10.53 50.25
N GLY B 849 79.72 11.11 49.26
CA GLY B 849 81.14 11.44 49.35
C GLY B 849 81.33 12.95 49.35
N VAL B 850 82.50 13.37 49.83
CA VAL B 850 82.79 14.79 50.04
C VAL B 850 83.88 15.22 49.07
N ARG B 851 84.07 16.54 48.98
CA ARG B 851 85.08 17.16 48.12
C ARG B 851 85.96 18.05 49.00
N TYR B 852 87.04 17.47 49.52
CA TYR B 852 87.94 18.23 50.37
C TYR B 852 88.64 19.36 49.61
N ASP B 853 88.91 19.16 48.31
CA ASP B 853 89.51 20.22 47.51
C ASP B 853 88.65 21.47 47.44
N ARG B 854 87.33 21.34 47.62
CA ARG B 854 86.42 22.46 47.67
C ARG B 854 86.05 22.84 49.09
N LEU B 855 86.26 21.95 50.06
CA LEU B 855 85.93 22.21 51.46
C LEU B 855 87.01 22.98 52.19
N TYR B 856 88.28 22.59 52.02
CA TYR B 856 89.36 23.22 52.77
C TYR B 856 89.55 24.68 52.40
N PRO B 857 89.60 25.09 51.13
CA PRO B 857 89.70 26.53 50.84
C PRO B 857 88.49 27.33 51.29
N ALA B 858 87.37 26.68 51.53
CA ALA B 858 86.16 27.39 51.94
C ALA B 858 86.09 27.61 53.44
N LEU B 859 86.83 26.85 54.23
CA LEU B 859 86.78 26.95 55.69
C LEU B 859 87.86 27.87 56.25
N GLN B 860 88.70 28.45 55.41
CA GLN B 860 89.83 29.26 55.86
C GLN B 860 89.52 30.75 55.84
N ALA B 861 88.28 31.12 56.14
CA ALA B 861 87.86 32.52 56.17
C ALA B 861 87.31 32.81 57.56
N VAL B 862 88.10 33.49 58.39
CA VAL B 862 87.71 33.86 59.73
C VAL B 862 87.92 35.36 59.91
N ILE B 863 86.95 36.02 60.54
CA ILE B 863 86.99 37.47 60.71
C ILE B 863 86.92 37.79 62.20
N VAL B 864 87.52 36.94 63.03
CA VAL B 864 87.55 37.23 64.47
C VAL B 864 88.31 38.53 64.70
N PRO B 865 87.79 39.46 65.50
CA PRO B 865 88.46 40.73 65.72
C PRO B 865 89.51 40.64 66.83
N GLU B 866 90.34 41.67 66.90
CA GLU B 866 91.36 41.75 67.94
C GLU B 866 90.74 42.26 69.23
N ILE B 867 91.04 41.59 70.34
CA ILE B 867 90.53 41.98 71.64
C ILE B 867 91.48 43.00 72.25
N PRO B 868 90.97 44.07 72.85
CA PRO B 868 91.86 45.03 73.51
C PRO B 868 92.51 44.42 74.74
N ALA B 869 93.73 44.86 75.02
CA ALA B 869 94.45 44.37 76.18
C ALA B 869 93.77 44.82 77.46
N ASP B 870 93.87 43.98 78.50
CA ASP B 870 93.24 44.24 79.79
C ASP B 870 91.73 44.45 79.65
N GLU B 871 91.12 43.68 78.74
CA GLU B 871 89.70 43.76 78.48
C GLU B 871 89.12 42.35 78.43
N GLU B 872 87.80 42.28 78.31
CA GLU B 872 87.05 41.04 78.28
C GLU B 872 86.42 40.82 76.92
N ALA B 873 86.11 39.55 76.64
CA ALA B 873 85.53 39.21 75.34
C ALA B 873 84.02 39.29 75.41
N PRO B 874 83.37 39.99 74.47
CA PRO B 874 81.91 40.14 74.54
C PRO B 874 81.21 38.82 74.31
N THR B 875 80.08 38.63 75.01
CA THR B 875 79.35 37.37 74.98
C THR B 875 78.25 37.39 73.92
N THR B 876 77.31 38.32 74.06
CA THR B 876 76.20 38.39 73.12
C THR B 876 76.67 38.93 71.77
N PRO B 877 76.07 38.46 70.68
CA PRO B 877 76.38 39.01 69.35
C PRO B 877 75.73 40.34 69.05
N GLU B 878 75.15 41.01 70.05
CA GLU B 878 74.49 42.30 69.83
C GLU B 878 75.47 43.45 69.79
N ASP B 879 76.72 43.25 70.17
CA ASP B 879 77.68 44.33 70.12
C ASP B 879 78.60 44.18 68.92
N PRO B 880 79.14 45.28 68.38
CA PRO B 880 79.99 45.18 67.19
C PRO B 880 81.28 44.43 67.43
N ARG B 881 81.72 44.29 68.68
CA ARG B 881 82.95 43.56 68.96
C ARG B 881 82.79 42.06 68.79
N HIS B 882 81.56 41.56 68.79
CA HIS B 882 81.33 40.13 68.68
C HIS B 882 81.58 39.68 67.24
N PRO B 883 82.13 38.47 67.05
CA PRO B 883 82.36 37.99 65.68
C PRO B 883 81.07 37.81 64.88
N LEU B 884 79.95 37.56 65.54
CA LEU B 884 78.69 37.31 64.86
C LEU B 884 77.89 38.58 64.64
N HIS B 885 78.51 39.74 64.74
CA HIS B 885 77.83 41.00 64.51
C HIS B 885 77.85 41.35 63.02
N ALA B 886 76.90 42.20 62.61
CA ALA B 886 76.83 42.60 61.22
C ALA B 886 78.05 43.40 60.80
N HIS B 887 78.67 44.13 61.74
CA HIS B 887 79.86 44.89 61.41
C HIS B 887 81.01 43.99 60.95
N GLN B 888 81.08 42.78 61.49
CA GLN B 888 82.14 41.84 61.16
C GLN B 888 81.64 40.67 60.31
N LEU B 889 80.52 40.84 59.61
CA LEU B 889 79.95 39.79 58.78
C LEU B 889 80.11 40.18 57.32
N VAL B 890 81.10 39.59 56.66
CA VAL B 890 81.37 39.86 55.25
C VAL B 890 80.94 38.64 54.44
N PRO B 891 80.53 38.80 53.19
CA PRO B 891 80.08 37.65 52.41
C PRO B 891 81.23 36.68 52.12
N ASN B 892 80.84 35.44 51.85
CA ASN B 892 81.80 34.37 51.51
C ASN B 892 82.81 34.16 52.64
N SER B 893 82.29 33.88 53.83
CA SER B 893 83.11 33.65 55.01
C SER B 893 82.45 32.56 55.85
N LEU B 894 82.90 32.42 57.10
CA LEU B 894 82.31 31.45 58.01
C LEU B 894 81.33 32.08 58.98
N ASN B 895 81.47 33.37 59.27
CA ASN B 895 80.49 34.06 60.09
C ASN B 895 79.11 34.02 59.44
N VAL B 896 79.05 34.11 58.12
CA VAL B 896 77.76 34.04 57.43
C VAL B 896 77.17 32.64 57.54
N TYR B 897 78.00 31.61 57.44
CA TYR B 897 77.52 30.24 57.66
C TYR B 897 76.91 30.10 59.05
N PHE B 898 77.65 30.54 60.07
CA PHE B 898 77.18 30.36 61.44
C PHE B 898 75.96 31.22 61.73
N HIS B 899 75.83 32.39 61.08
CA HIS B 899 74.63 33.19 61.28
C HIS B 899 73.43 32.57 60.59
N ASN B 900 73.61 32.08 59.36
CA ASN B 900 72.53 31.39 58.66
C ASN B 900 72.05 30.21 59.48
N ALA B 901 72.96 29.47 60.10
CA ALA B 901 72.57 28.39 60.99
C ALA B 901 72.09 28.88 62.34
N HIS B 902 72.30 30.17 62.65
CA HIS B 902 71.75 30.81 63.86
C HIS B 902 72.36 30.22 65.13
N LEU B 903 73.68 30.30 65.24
CA LEU B 903 74.40 29.91 66.44
C LEU B 903 75.18 31.09 66.99
N THR B 904 75.64 30.94 68.23
CA THR B 904 76.45 31.95 68.92
C THR B 904 77.74 31.31 69.40
N VAL B 905 78.86 31.79 68.88
CA VAL B 905 80.17 31.24 69.23
C VAL B 905 81.09 32.38 69.64
N ASP B 906 82.13 32.03 70.39
CA ASP B 906 83.15 32.99 70.82
C ASP B 906 84.30 33.01 69.83
N GLY B 907 85.41 33.63 70.22
CA GLY B 907 86.56 33.73 69.34
C GLY B 907 87.52 32.55 69.44
N ASP B 908 87.71 32.03 70.65
CA ASP B 908 88.68 30.95 70.84
C ASP B 908 88.25 29.68 70.11
N ALA B 909 86.95 29.39 70.12
CA ALA B 909 86.46 28.22 69.39
C ALA B 909 86.75 28.34 67.90
N LEU B 910 86.51 29.53 67.33
CA LEU B 910 86.81 29.74 65.93
C LEU B 910 88.31 29.74 65.67
N LEU B 911 89.11 30.07 66.68
CA LEU B 911 90.55 30.02 66.53
C LEU B 911 91.09 28.59 66.55
N THR B 912 90.40 27.68 67.24
CA THR B 912 90.84 26.28 67.29
C THR B 912 90.87 25.60 65.93
N LEU B 913 90.24 26.19 64.91
CA LEU B 913 90.26 25.58 63.58
C LEU B 913 91.66 25.54 63.00
N GLN B 914 92.48 26.56 63.27
CA GLN B 914 93.85 26.55 62.77
C GLN B 914 94.65 25.42 63.40
N GLU B 915 94.43 25.16 64.69
CA GLU B 915 95.05 24.00 65.33
C GLU B 915 94.51 22.70 64.76
N LEU B 916 93.24 22.66 64.38
CA LEU B 916 92.74 21.51 63.63
C LEU B 916 93.51 21.31 62.33
N MET B 917 93.87 22.40 61.66
CA MET B 917 94.39 22.34 60.30
C MET B 917 95.67 21.51 60.17
N GLY B 918 96.18 20.99 61.28
CA GLY B 918 97.35 20.13 61.24
C GLY B 918 97.15 18.88 60.40
N ASP B 919 96.25 17.99 60.84
CA ASP B 919 95.93 16.82 60.05
C ASP B 919 95.05 17.21 58.86
N MET B 920 95.05 16.35 57.84
CA MET B 920 94.29 16.62 56.63
C MET B 920 93.58 15.35 56.18
N ALA B 921 92.62 15.53 55.27
CA ALA B 921 91.89 14.43 54.65
C ALA B 921 91.91 14.65 53.15
N GLU B 922 92.57 13.74 52.42
CA GLU B 922 92.75 13.92 51.00
C GLU B 922 91.44 13.77 50.23
N ARG B 923 90.83 12.59 50.30
CA ARG B 923 89.63 12.31 49.53
C ARG B 923 88.93 11.10 50.13
N THR B 924 87.67 10.92 49.76
CA THR B 924 86.90 9.73 50.09
C THR B 924 87.02 8.74 48.94
N THR B 925 87.11 7.45 49.27
CA THR B 925 87.33 6.45 48.23
C THR B 925 86.45 5.24 48.48
N ALA B 926 86.55 4.27 47.58
CA ALA B 926 85.75 3.05 47.63
C ALA B 926 86.65 1.85 47.86
N ILE B 927 86.12 0.87 48.60
CA ILE B 927 86.84 -0.37 48.90
C ILE B 927 85.92 -1.53 48.55
N LEU B 928 86.46 -2.50 47.82
CA LEU B 928 85.72 -3.70 47.42
C LEU B 928 86.47 -4.91 47.99
N VAL B 929 85.89 -5.56 48.98
CA VAL B 929 86.47 -6.73 49.60
C VAL B 929 85.65 -7.96 49.20
N SER B 930 86.31 -9.11 49.22
CA SER B 930 85.67 -10.36 48.85
C SER B 930 86.36 -11.50 49.56
N SER B 931 85.59 -12.55 49.88
CA SER B 931 86.10 -13.70 50.61
C SER B 931 85.21 -14.90 50.36
N ALA B 932 85.69 -16.06 50.77
CA ALA B 932 84.95 -17.31 50.62
C ALA B 932 83.91 -17.43 51.73
N PRO B 933 82.96 -18.36 51.60
CA PRO B 933 82.04 -18.62 52.72
C PRO B 933 82.79 -19.21 53.91
N ASP B 934 82.20 -19.05 55.08
CA ASP B 934 82.84 -19.43 56.33
C ASP B 934 83.01 -20.95 56.42
N ALA B 935 83.77 -21.38 57.43
CA ALA B 935 84.06 -22.79 57.61
C ALA B 935 82.84 -23.60 58.03
N GLY B 936 81.73 -22.95 58.40
CA GLY B 936 80.53 -23.68 58.75
C GLY B 936 79.87 -24.33 57.55
N ALA B 937 79.86 -23.63 56.42
CA ALA B 937 79.25 -24.13 55.20
C ALA B 937 80.26 -24.33 54.08
N ALA B 938 81.55 -24.31 54.40
CA ALA B 938 82.59 -24.49 53.38
C ALA B 938 82.64 -25.95 52.95
N THR B 939 82.24 -26.22 51.71
CA THR B 939 82.35 -27.53 51.12
C THR B 939 83.22 -27.45 49.86
N ALA B 940 83.38 -28.58 49.19
CA ALA B 940 84.23 -28.63 48.01
C ALA B 940 83.68 -27.83 46.84
N THR B 941 82.45 -27.34 46.93
CA THR B 941 81.83 -26.58 45.84
C THR B 941 81.51 -25.15 46.23
N THR B 942 81.08 -24.91 47.46
CA THR B 942 80.78 -23.54 47.88
C THR B 942 82.02 -22.66 47.93
N ARG B 943 83.21 -23.25 47.97
CA ARG B 943 84.43 -22.46 47.99
C ARG B 943 84.59 -21.66 46.70
N ASN B 944 84.04 -22.15 45.59
CA ASN B 944 84.09 -21.39 44.35
C ASN B 944 83.23 -20.15 44.42
N MET B 945 82.14 -20.19 45.19
CA MET B 945 81.30 -19.01 45.37
C MET B 945 82.02 -18.00 46.25
N ARG B 946 81.71 -16.73 46.00
CA ARG B 946 82.36 -15.63 46.71
C ARG B 946 81.34 -14.54 46.97
N ILE B 947 81.54 -13.80 48.07
CA ILE B 947 80.66 -12.72 48.47
C ILE B 947 81.40 -11.40 48.30
N TYR B 948 80.75 -10.44 47.65
CA TYR B 948 81.34 -9.14 47.36
C TYR B 948 80.50 -8.06 48.01
N ASP B 949 81.16 -7.19 48.79
CA ASP B 949 80.48 -6.09 49.44
C ASP B 949 81.42 -4.89 49.51
N GLY B 950 80.89 -3.72 49.16
CA GLY B 950 81.70 -2.52 49.10
C GLY B 950 81.49 -1.57 50.26
N ALA B 951 82.44 -0.67 50.46
CA ALA B 951 82.35 0.30 51.55
C ALA B 951 83.05 1.58 51.13
N LEU B 952 82.84 2.62 51.93
CA LEU B 952 83.39 3.95 51.65
C LEU B 952 84.39 4.35 52.73
N TYR B 953 85.52 4.89 52.31
CA TYR B 953 86.51 5.46 53.20
C TYR B 953 86.37 6.97 53.21
N HIS B 954 86.12 7.53 54.39
CA HIS B 954 85.97 8.96 54.61
C HIS B 954 84.72 9.51 53.93
N GLY B 955 83.66 8.71 53.87
CA GLY B 955 82.38 9.17 53.38
C GLY B 955 81.51 9.71 54.51
N LEU B 956 80.26 10.03 54.15
CA LEU B 956 79.33 10.57 55.13
C LEU B 956 77.94 10.02 54.86
N ILE B 957 77.04 10.22 55.81
CA ILE B 957 75.65 9.78 55.72
C ILE B 957 74.76 10.99 55.93
N MET B 958 73.90 11.27 54.96
CA MET B 958 72.93 12.34 55.06
C MET B 958 71.55 11.77 55.39
N MET B 959 70.88 12.39 56.36
CA MET B 959 69.60 11.87 56.84
C MET B 959 68.49 12.13 55.83
N ALA B 960 68.20 13.39 55.55
CA ALA B 960 67.11 13.77 54.65
C ALA B 960 67.58 14.91 53.76
N TYR B 961 67.73 14.63 52.47
CA TYR B 961 68.19 15.63 51.52
C TYR B 961 67.02 16.49 51.07
N GLN B 962 67.26 17.79 50.93
CA GLN B 962 66.26 18.73 50.44
C GLN B 962 66.85 19.54 49.29
N ALA B 963 66.11 19.59 48.19
CA ALA B 963 66.55 20.31 47.00
C ALA B 963 65.91 21.69 46.89
N TYR B 964 65.18 22.14 47.91
CA TYR B 964 64.52 23.44 47.89
C TYR B 964 65.28 24.48 48.69
N ASP B 965 66.57 24.28 48.91
CA ASP B 965 67.42 25.24 49.62
C ASP B 965 68.29 25.94 48.59
N GLU B 966 67.95 27.19 48.27
CA GLU B 966 68.66 27.96 47.26
C GLU B 966 69.80 28.79 47.84
N THR B 967 70.02 28.74 49.14
CA THR B 967 71.12 29.50 49.72
C THR B 967 72.47 28.92 49.30
N ILE B 968 72.62 27.60 49.40
CA ILE B 968 73.83 26.91 48.96
C ILE B 968 73.49 26.10 47.72
N ALA B 969 74.39 26.13 46.74
CA ALA B 969 74.18 25.38 45.51
C ALA B 969 74.17 23.89 45.80
N THR B 970 73.33 23.17 45.06
CA THR B 970 73.23 21.73 45.25
C THR B 970 74.49 21.04 44.71
N GLY B 971 75.05 20.12 45.51
CA GLY B 971 76.25 19.42 45.11
C GLY B 971 77.52 20.24 45.24
N THR B 972 77.56 21.16 46.20
CA THR B 972 78.75 22.00 46.37
C THR B 972 79.86 21.25 47.09
N PHE B 973 79.52 20.50 48.13
CA PHE B 973 80.50 19.74 48.89
C PHE B 973 80.18 18.26 48.99
N PHE B 974 79.05 17.80 48.46
CA PHE B 974 78.66 16.41 48.58
C PHE B 974 78.06 15.92 47.28
N TYR B 975 78.29 14.64 46.98
CA TYR B 975 77.73 13.99 45.81
C TYR B 975 77.34 12.56 46.21
N PRO B 976 76.19 12.09 45.76
CA PRO B 976 75.69 10.80 46.24
C PRO B 976 76.37 9.63 45.56
N VAL B 977 76.68 8.60 46.35
CA VAL B 977 77.25 7.36 45.85
C VAL B 977 76.95 6.24 46.84
N PRO B 978 75.72 5.75 46.89
CA PRO B 978 75.38 4.70 47.86
C PRO B 978 75.56 3.31 47.28
N VAL B 979 76.07 2.42 48.12
CA VAL B 979 76.15 0.99 47.79
C VAL B 979 75.50 0.23 48.94
N ASN B 980 74.19 0.04 48.85
CA ASN B 980 73.42 -0.82 49.72
C ASN B 980 71.98 -0.85 49.22
N PRO B 981 71.30 -2.00 49.28
CA PRO B 981 69.84 -1.98 49.10
C PRO B 981 69.14 -1.28 50.23
N LEU B 982 69.82 -1.08 51.37
CA LEU B 982 69.26 -0.45 52.56
C LEU B 982 69.59 1.04 52.63
N PHE B 983 70.84 1.42 52.35
CA PHE B 983 71.24 2.81 52.38
C PHE B 983 71.02 3.53 51.07
N ALA B 984 70.20 2.97 50.17
CA ALA B 984 69.93 3.63 48.91
C ALA B 984 69.12 4.90 49.14
N CYS B 985 69.07 5.74 48.12
CA CYS B 985 68.42 7.03 48.22
C CYS B 985 67.83 7.43 46.88
N PRO B 986 66.51 7.35 46.71
CA PRO B 986 65.91 7.71 45.42
C PRO B 986 65.83 9.20 45.20
N GLU B 987 65.94 10.01 46.25
CA GLU B 987 65.80 11.45 46.15
C GLU B 987 67.11 12.21 46.28
N HIS B 988 68.09 11.65 46.99
CA HIS B 988 69.39 12.31 47.12
C HIS B 988 70.10 12.43 45.78
N LEU B 989 69.65 11.71 44.77
CA LEU B 989 70.26 11.77 43.44
C LEU B 989 70.04 13.12 42.76
N ALA B 990 69.13 13.95 43.26
CA ALA B 990 68.91 15.27 42.67
C ALA B 990 70.14 16.14 42.79
N SER B 991 70.98 15.90 43.80
CA SER B 991 72.20 16.68 43.97
C SER B 991 73.28 16.31 42.98
N LEU B 992 73.14 15.20 42.27
CA LEU B 992 74.14 14.80 41.29
C LEU B 992 73.95 15.59 39.99
N ARG B 993 75.06 15.83 39.30
CA ARG B 993 75.01 16.55 38.04
C ARG B 993 74.56 15.63 36.92
N GLY B 994 73.87 16.24 35.95
CA GLY B 994 73.38 15.49 34.80
C GLY B 994 72.30 14.49 35.15
N MET B 995 71.20 14.97 35.71
CA MET B 995 70.09 14.12 36.12
C MET B 995 68.85 14.51 35.32
N THR B 996 68.19 13.49 34.76
CA THR B 996 66.98 13.68 33.96
C THR B 996 65.80 12.98 34.64
N ASN B 997 64.59 13.35 34.21
CA ASN B 997 63.39 12.71 34.73
C ASN B 997 63.39 11.21 34.43
N ALA B 998 63.99 10.83 33.31
CA ALA B 998 64.11 9.41 32.97
C ALA B 998 64.94 8.67 34.00
N ARG B 999 66.14 9.19 34.30
CA ARG B 999 66.99 8.56 35.30
C ARG B 999 66.33 8.58 36.67
N ARG B 1000 65.57 9.63 36.96
CA ARG B 1000 64.86 9.70 38.24
C ARG B 1000 63.84 8.57 38.37
N VAL B 1001 62.98 8.40 37.37
CA VAL B 1001 61.96 7.36 37.48
C VAL B 1001 62.56 5.97 37.38
N LEU B 1002 63.68 5.80 36.66
CA LEU B 1002 64.37 4.51 36.66
C LEU B 1002 64.98 4.19 38.01
N ALA B 1003 65.54 5.18 38.70
CA ALA B 1003 66.08 4.94 40.02
C ALA B 1003 65.01 4.82 41.08
N LYS B 1004 63.79 5.30 40.81
CA LYS B 1004 62.72 5.21 41.79
C LYS B 1004 62.40 3.78 42.16
N MET B 1005 62.42 2.87 41.18
CA MET B 1005 62.03 1.49 41.43
C MET B 1005 63.21 0.59 41.78
N VAL B 1006 64.33 0.77 41.09
CA VAL B 1006 65.52 -0.05 41.29
C VAL B 1006 66.54 0.76 42.09
N PRO B 1007 67.10 0.22 43.15
CA PRO B 1007 68.13 0.95 43.91
C PRO B 1007 69.40 1.10 43.10
N PRO B 1008 69.81 2.33 42.79
CA PRO B 1008 71.00 2.52 41.97
C PRO B 1008 72.29 2.18 42.72
N ILE B 1009 72.96 1.11 42.29
CA ILE B 1009 74.20 0.67 42.91
C ILE B 1009 75.20 0.38 41.79
N PRO B 1010 76.38 1.00 41.79
CA PRO B 1010 77.33 0.77 40.71
C PRO B 1010 77.90 -0.63 40.79
N PRO B 1011 78.22 -1.26 39.65
CA PRO B 1011 78.72 -2.64 39.69
C PRO B 1011 80.09 -2.76 40.31
N PHE B 1012 80.94 -1.73 40.20
CA PHE B 1012 82.26 -1.81 40.80
C PHE B 1012 82.21 -1.73 42.32
N LEU B 1013 81.03 -1.57 42.92
CA LEU B 1013 80.90 -1.52 44.36
C LEU B 1013 80.20 -2.73 44.94
N GLY B 1014 79.64 -3.60 44.09
CA GLY B 1014 79.00 -4.82 44.56
C GLY B 1014 77.62 -5.02 43.93
N ALA B 1015 77.26 -6.29 43.75
CA ALA B 1015 75.97 -6.66 43.18
C ALA B 1015 75.06 -7.20 44.27
N ASN B 1016 73.75 -7.11 44.02
CA ASN B 1016 72.78 -7.51 45.03
C ASN B 1016 72.83 -9.01 45.30
N HIS B 1017 72.79 -9.82 44.24
CA HIS B 1017 72.77 -11.27 44.42
C HIS B 1017 74.05 -11.81 45.04
N HIS B 1018 75.11 -11.00 45.11
CA HIS B 1018 76.36 -11.43 45.72
C HIS B 1018 76.62 -10.78 47.07
N ALA B 1019 75.96 -9.68 47.38
CA ALA B 1019 76.19 -9.01 48.66
C ALA B 1019 75.54 -9.78 49.80
N THR B 1020 75.81 -9.34 51.02
CA THR B 1020 75.22 -9.97 52.19
C THR B 1020 73.81 -9.47 52.44
N ILE B 1021 73.65 -8.18 52.67
CA ILE B 1021 72.33 -7.56 52.82
C ILE B 1021 71.68 -7.47 51.45
N ARG B 1022 70.46 -7.98 51.33
CA ARG B 1022 69.78 -8.05 50.06
C ARG B 1022 68.42 -7.35 50.15
N GLN B 1023 67.64 -7.46 49.08
CA GLN B 1023 66.40 -6.69 48.97
C GLN B 1023 65.32 -7.05 49.98
N PRO B 1024 65.17 -8.30 50.44
CA PRO B 1024 64.11 -8.57 51.42
C PRO B 1024 64.24 -7.77 52.70
N VAL B 1025 65.45 -7.61 53.23
CA VAL B 1025 65.62 -6.85 54.46
C VAL B 1025 65.27 -5.39 54.25
N ALA B 1026 65.66 -4.82 53.12
CA ALA B 1026 65.31 -3.43 52.83
C ALA B 1026 63.81 -3.27 52.70
N TYR B 1027 63.15 -4.19 52.00
CA TYR B 1027 61.69 -4.13 51.91
C TYR B 1027 61.04 -4.23 53.28
N HIS B 1028 61.53 -5.13 54.13
CA HIS B 1028 60.96 -5.29 55.46
C HIS B 1028 61.10 -4.01 56.28
N VAL B 1029 62.29 -3.41 56.29
CA VAL B 1029 62.48 -2.23 57.11
C VAL B 1029 61.70 -1.04 56.54
N THR B 1030 61.54 -0.97 55.22
CA THR B 1030 60.82 0.16 54.63
C THR B 1030 59.31 0.00 54.65
N HIS B 1031 58.81 -1.21 54.86
CA HIS B 1031 57.37 -1.44 54.81
C HIS B 1031 56.74 -1.83 56.14
N SER B 1032 57.53 -2.24 57.13
CA SER B 1032 56.98 -2.63 58.42
C SER B 1032 56.65 -1.39 59.24
N LYS B 1033 55.50 -1.42 59.92
CA LYS B 1033 55.09 -0.36 60.84
C LYS B 1033 54.55 -1.02 62.11
N SER B 1034 55.45 -1.33 63.03
CA SER B 1034 55.04 -1.88 64.33
C SER B 1034 55.45 -0.98 65.48
N ASP B 1035 56.74 -0.71 65.63
CA ASP B 1035 57.27 0.13 66.71
C ASP B 1035 58.74 0.39 66.39
N PHE B 1036 59.46 0.94 67.35
CA PHE B 1036 60.90 1.13 67.22
C PHE B 1036 61.71 0.07 67.94
N ASN B 1037 61.41 -0.18 69.22
CA ASN B 1037 62.11 -1.24 69.94
C ASN B 1037 61.83 -2.60 69.30
N THR B 1038 60.56 -2.87 69.00
CA THR B 1038 60.22 -4.13 68.34
C THR B 1038 60.87 -4.24 66.97
N LEU B 1039 60.95 -3.13 66.23
CA LEU B 1039 61.62 -3.17 64.93
C LEU B 1039 63.09 -3.49 65.07
N THR B 1040 63.77 -2.86 66.03
CA THR B 1040 65.19 -3.13 66.24
C THR B 1040 65.42 -4.58 66.64
N TYR B 1041 64.60 -5.10 67.56
CA TYR B 1041 64.78 -6.47 67.98
C TYR B 1041 64.47 -7.45 66.85
N SER B 1042 63.48 -7.14 66.01
CA SER B 1042 63.17 -8.01 64.89
C SER B 1042 64.30 -8.00 63.86
N LEU B 1043 64.90 -6.84 63.62
CA LEU B 1043 66.05 -6.80 62.73
C LEU B 1043 67.23 -7.58 63.30
N LEU B 1044 67.45 -7.48 64.60
CA LEU B 1044 68.50 -8.29 65.23
C LEU B 1044 68.22 -9.77 65.05
N GLY B 1045 66.99 -10.19 65.28
CA GLY B 1045 66.63 -11.59 65.08
C GLY B 1045 66.76 -12.04 63.65
N GLY B 1046 66.49 -11.14 62.70
CA GLY B 1046 66.68 -11.45 61.29
C GLY B 1046 68.14 -11.53 60.90
N TYR B 1047 69.01 -10.84 61.61
CA TYR B 1047 70.45 -10.90 61.32
C TYR B 1047 71.06 -12.14 61.99
N PHE B 1048 70.75 -13.30 61.40
CA PHE B 1048 71.28 -14.56 61.87
C PHE B 1048 71.68 -15.41 60.68
N LYS B 1049 72.66 -16.28 60.89
CA LYS B 1049 73.15 -17.14 59.82
C LYS B 1049 72.22 -18.33 59.62
N PHE B 1050 72.38 -18.99 58.47
CA PHE B 1050 71.56 -20.14 58.11
C PHE B 1050 72.41 -21.37 57.82
N THR B 1051 73.64 -21.42 58.31
CA THR B 1051 74.50 -22.55 58.06
C THR B 1051 74.09 -23.74 58.92
N PRO B 1052 74.45 -24.96 58.51
CA PRO B 1052 74.17 -26.13 59.34
C PRO B 1052 74.83 -26.10 60.71
N ILE B 1053 75.81 -25.24 60.91
CA ILE B 1053 76.40 -25.10 62.24
C ILE B 1053 75.70 -24.02 63.05
N SER B 1054 75.24 -22.95 62.41
CA SER B 1054 74.44 -21.96 63.13
C SER B 1054 73.10 -22.55 63.56
N LEU B 1055 72.53 -23.44 62.75
CA LEU B 1055 71.32 -24.13 63.17
C LEU B 1055 71.59 -24.99 64.40
N THR B 1056 72.79 -25.55 64.52
CA THR B 1056 73.14 -26.32 65.71
C THR B 1056 72.99 -25.49 66.97
N HIS B 1057 73.31 -24.20 66.89
CA HIS B 1057 73.14 -23.31 68.03
C HIS B 1057 71.68 -22.91 68.20
N GLN B 1058 71.02 -22.54 67.10
CA GLN B 1058 69.66 -22.01 67.20
C GLN B 1058 68.68 -23.05 67.71
N LEU B 1059 68.66 -24.23 67.07
CA LEU B 1059 67.74 -25.29 67.47
C LEU B 1059 67.94 -25.73 68.91
N ARG B 1060 69.17 -25.62 69.43
CA ARG B 1060 69.42 -26.03 70.80
C ARG B 1060 69.06 -24.94 71.79
N THR B 1061 69.31 -23.67 71.45
CA THR B 1061 68.99 -22.58 72.36
C THR B 1061 67.52 -22.19 72.31
N GLY B 1062 66.77 -22.71 71.34
CA GLY B 1062 65.34 -22.44 71.26
C GLY B 1062 64.96 -21.31 70.33
N PHE B 1063 65.92 -20.74 69.60
CA PHE B 1063 65.61 -19.67 68.66
C PHE B 1063 64.89 -20.26 67.45
N HIS B 1064 63.71 -19.73 67.14
CA HIS B 1064 62.93 -20.25 66.03
C HIS B 1064 63.35 -19.57 64.73
N PRO B 1065 63.96 -20.29 63.79
CA PRO B 1065 64.30 -19.70 62.50
C PRO B 1065 63.07 -19.57 61.62
N GLY B 1066 63.28 -18.95 60.46
CA GLY B 1066 62.20 -18.75 59.52
C GLY B 1066 61.96 -19.94 58.63
N ILE B 1067 61.49 -21.04 59.22
CA ILE B 1067 61.24 -22.27 58.49
C ILE B 1067 60.22 -23.10 59.26
N ALA B 1068 59.37 -23.80 58.52
CA ALA B 1068 58.38 -24.70 59.11
C ALA B 1068 58.62 -26.10 58.59
N PHE B 1069 58.04 -27.09 59.28
CA PHE B 1069 58.24 -28.49 58.94
C PHE B 1069 56.92 -29.23 58.97
N THR B 1070 56.88 -30.33 58.23
CA THR B 1070 55.79 -31.29 58.27
C THR B 1070 56.38 -32.67 58.52
N VAL B 1071 55.67 -33.48 59.30
CA VAL B 1071 56.16 -34.79 59.68
C VAL B 1071 55.32 -35.86 59.01
N VAL B 1072 55.94 -37.02 58.78
CA VAL B 1072 55.28 -38.17 58.19
C VAL B 1072 55.64 -39.40 59.02
N ARG B 1073 54.64 -40.22 59.30
CA ARG B 1073 54.83 -41.40 60.13
C ARG B 1073 53.91 -42.51 59.65
N GLN B 1074 54.45 -43.72 59.59
CA GLN B 1074 53.71 -44.88 59.11
C GLN B 1074 53.59 -45.91 60.22
N ASP B 1075 52.38 -46.46 60.40
CA ASP B 1075 52.12 -47.47 61.41
C ASP B 1075 51.46 -48.67 60.77
N ARG B 1076 51.44 -49.78 61.51
CA ARG B 1076 50.80 -51.00 61.05
C ARG B 1076 49.94 -51.57 62.17
N PHE B 1077 48.89 -52.30 61.79
CA PHE B 1077 47.94 -52.84 62.74
C PHE B 1077 47.54 -54.26 62.32
N ALA B 1078 47.41 -55.14 63.30
CA ALA B 1078 46.89 -56.47 63.04
C ALA B 1078 45.37 -56.44 63.00
N THR B 1079 44.80 -57.13 62.02
CA THR B 1079 43.36 -57.09 61.82
C THR B 1079 42.85 -58.46 61.40
N GLU B 1080 41.59 -58.72 61.72
CA GLU B 1080 40.92 -59.95 61.34
C GLU B 1080 40.06 -59.67 60.11
N GLN B 1081 40.33 -60.39 59.03
CA GLN B 1081 39.67 -60.14 57.76
C GLN B 1081 38.45 -61.03 57.60
N LEU B 1082 37.86 -61.01 56.41
CA LEU B 1082 36.70 -61.82 56.09
C LEU B 1082 36.70 -62.06 54.58
N LEU B 1083 36.50 -63.32 54.19
CA LEU B 1083 36.63 -63.73 52.80
C LEU B 1083 35.36 -64.41 52.33
N TYR B 1084 34.96 -64.12 51.10
CA TYR B 1084 33.84 -64.78 50.45
C TYR B 1084 34.26 -65.24 49.07
N ALA B 1085 33.77 -66.43 48.68
CA ALA B 1085 34.13 -67.01 47.40
C ALA B 1085 32.89 -67.61 46.76
N GLU B 1086 32.97 -67.84 45.45
CA GLU B 1086 31.87 -68.40 44.70
C GLU B 1086 31.95 -69.93 44.70
N ARG B 1087 30.90 -70.56 44.15
CA ARG B 1087 30.82 -72.02 44.18
C ARG B 1087 31.96 -72.65 43.38
N ALA B 1088 31.95 -72.45 42.07
CA ALA B 1088 32.97 -73.01 41.19
C ALA B 1088 33.96 -71.90 40.88
N SER B 1089 34.86 -71.65 41.81
CA SER B 1089 35.82 -70.55 41.67
C SER B 1089 37.13 -70.98 41.04
N GLU B 1090 37.49 -72.26 41.13
CA GLU B 1090 38.77 -72.70 40.61
C GLU B 1090 38.72 -74.19 40.25
N SER B 1091 39.42 -74.54 39.19
CA SER B 1091 39.69 -75.92 38.82
C SER B 1091 41.03 -76.30 39.41
N TYR B 1092 41.09 -77.48 40.01
CA TYR B 1092 42.23 -77.93 40.81
C TYR B 1092 42.63 -79.32 40.36
N PHE B 1093 43.90 -79.51 40.01
CA PHE B 1093 44.42 -80.79 39.56
C PHE B 1093 45.49 -81.27 40.52
N VAL B 1094 45.42 -82.54 40.91
CA VAL B 1094 46.38 -83.14 41.82
C VAL B 1094 47.07 -84.30 41.10
N GLY B 1095 48.40 -84.30 41.11
CA GLY B 1095 49.16 -85.39 40.54
C GLY B 1095 49.39 -86.51 41.54
N GLN B 1096 50.36 -87.36 41.23
CA GLN B 1096 50.69 -88.46 42.11
C GLN B 1096 51.97 -88.16 42.89
N ILE B 1097 52.12 -88.86 44.01
CA ILE B 1097 53.16 -88.57 44.97
C ILE B 1097 54.45 -89.27 44.58
N GLN B 1098 55.57 -88.73 45.05
CA GLN B 1098 56.89 -89.27 44.79
C GLN B 1098 57.65 -89.43 46.10
N VAL B 1099 58.58 -90.37 46.12
CA VAL B 1099 59.43 -90.63 47.28
C VAL B 1099 60.87 -90.29 46.90
N HIS B 1100 61.61 -89.75 47.85
CA HIS B 1100 63.01 -89.36 47.63
C HIS B 1100 63.83 -89.77 48.84
N HIS B 1101 64.67 -90.77 48.66
CA HIS B 1101 65.58 -91.19 49.72
C HIS B 1101 66.78 -90.25 49.79
N HIS B 1102 67.27 -90.02 51.00
CA HIS B 1102 68.42 -89.15 51.19
C HIS B 1102 69.01 -89.39 52.56
N ASP B 1103 70.29 -89.01 52.71
CA ASP B 1103 70.99 -89.18 53.96
C ASP B 1103 70.68 -88.03 54.91
N ALA B 1104 71.05 -88.21 56.18
CA ALA B 1104 70.73 -87.25 57.23
C ALA B 1104 71.94 -87.14 58.16
N ILE B 1105 71.71 -86.51 59.32
CA ILE B 1105 72.78 -86.34 60.29
C ILE B 1105 72.93 -87.58 61.17
N GLY B 1106 71.81 -88.22 61.50
CA GLY B 1106 71.85 -89.43 62.30
C GLY B 1106 71.30 -90.63 61.56
N GLY B 1107 70.34 -90.39 60.67
CA GLY B 1107 69.70 -91.46 59.92
C GLY B 1107 69.48 -91.13 58.47
N VAL B 1108 68.24 -91.26 58.00
CA VAL B 1108 67.88 -90.93 56.63
C VAL B 1108 66.64 -90.05 56.63
N ASN B 1109 66.52 -89.23 55.59
CA ASN B 1109 65.42 -88.27 55.45
C ASN B 1109 64.65 -88.59 54.17
N PHE B 1110 63.52 -89.28 54.32
CA PHE B 1110 62.62 -89.46 53.20
C PHE B 1110 61.84 -88.18 52.94
N THR B 1111 61.69 -87.84 51.67
CA THR B 1111 60.98 -86.63 51.26
C THR B 1111 59.86 -87.02 50.31
N LEU B 1112 58.66 -86.52 50.58
CA LEU B 1112 57.49 -86.80 49.78
C LEU B 1112 57.03 -85.53 49.10
N THR B 1113 56.86 -85.58 47.79
CA THR B 1113 56.48 -84.42 47.00
C THR B 1113 55.29 -84.78 46.11
N GLN B 1114 54.44 -83.78 45.86
CA GLN B 1114 53.25 -83.97 45.03
C GLN B 1114 52.94 -82.68 44.28
N PRO B 1115 52.79 -82.74 42.96
CA PRO B 1115 52.48 -81.53 42.20
C PRO B 1115 50.97 -81.31 42.07
N ARG B 1116 50.61 -80.05 41.80
CA ARG B 1116 49.24 -79.64 41.66
C ARG B 1116 49.18 -78.45 40.71
N ALA B 1117 47.98 -78.18 40.21
CA ALA B 1117 47.77 -77.04 39.33
C ALA B 1117 46.41 -76.42 39.63
N HIS B 1118 46.28 -75.13 39.36
CA HIS B 1118 45.04 -74.43 39.66
C HIS B 1118 44.77 -73.38 38.59
N VAL B 1119 43.49 -73.25 38.24
CA VAL B 1119 43.06 -72.28 37.23
C VAL B 1119 41.77 -71.62 37.70
N ASP B 1120 41.69 -70.30 37.57
CA ASP B 1120 40.46 -69.57 37.89
C ASP B 1120 39.63 -69.45 36.62
N LEU B 1121 38.43 -70.04 36.64
CA LEU B 1121 37.52 -69.91 35.50
C LEU B 1121 36.56 -68.73 35.68
N GLY B 1122 37.13 -67.57 36.03
CA GLY B 1122 36.33 -66.39 36.29
C GLY B 1122 36.19 -65.54 35.06
N VAL B 1123 34.94 -65.17 34.75
CA VAL B 1123 34.65 -64.22 33.69
C VAL B 1123 34.56 -62.85 34.34
N GLY B 1124 35.01 -62.78 35.59
CA GLY B 1124 34.94 -61.57 36.40
C GLY B 1124 35.65 -61.80 37.72
N TYR B 1125 35.04 -61.40 38.82
CA TYR B 1125 35.61 -61.62 40.14
C TYR B 1125 34.71 -62.57 40.92
N THR B 1126 35.30 -63.63 41.47
CA THR B 1126 34.55 -64.65 42.19
C THR B 1126 34.94 -64.73 43.66
N ALA B 1127 35.62 -63.70 44.17
CA ALA B 1127 36.05 -63.70 45.56
C ALA B 1127 36.22 -62.26 46.03
N VAL B 1128 35.79 -62.00 47.26
CA VAL B 1128 35.86 -60.66 47.84
C VAL B 1128 36.42 -60.76 49.25
N CYS B 1129 37.34 -59.86 49.57
CA CYS B 1129 37.93 -59.78 50.90
C CYS B 1129 37.63 -58.42 51.52
N ALA B 1130 37.54 -58.39 52.85
CA ALA B 1130 37.25 -57.15 53.56
C ALA B 1130 37.85 -57.22 54.96
N THR B 1131 38.39 -56.11 55.42
CA THR B 1131 38.96 -56.02 56.76
C THR B 1131 37.84 -55.74 57.75
N ALA B 1132 37.45 -56.76 58.52
CA ALA B 1132 36.27 -56.64 59.37
C ALA B 1132 36.58 -55.89 60.65
N ALA B 1133 37.47 -56.43 61.47
CA ALA B 1133 37.73 -55.90 62.80
C ALA B 1133 39.19 -55.46 62.91
N LEU B 1134 39.53 -54.96 64.10
CA LEU B 1134 40.87 -54.48 64.39
C LEU B 1134 41.37 -55.12 65.67
N ARG B 1135 42.58 -55.65 65.64
CA ARG B 1135 43.23 -56.21 66.80
C ARG B 1135 44.23 -55.20 67.37
N CYS B 1136 45.04 -55.64 68.32
CA CYS B 1136 45.95 -54.73 68.98
C CYS B 1136 46.93 -54.13 67.97
N PRO B 1137 47.26 -52.83 68.10
CA PRO B 1137 48.27 -52.24 67.21
C PRO B 1137 49.63 -52.87 67.44
N LEU B 1138 50.45 -52.88 66.39
CA LEU B 1138 51.78 -53.44 66.45
C LEU B 1138 52.84 -52.36 66.62
N THR B 1139 52.86 -51.39 65.71
CA THR B 1139 53.82 -50.30 65.80
C THR B 1139 53.39 -49.30 66.86
N ASP B 1140 54.37 -48.51 67.32
CA ASP B 1140 54.13 -47.50 68.33
C ASP B 1140 54.15 -46.11 67.69
N MET B 1141 53.31 -45.22 68.21
CA MET B 1141 53.21 -43.86 67.69
C MET B 1141 54.07 -42.90 68.52
N GLY B 1142 55.35 -43.22 68.58
CA GLY B 1142 56.30 -42.42 69.35
C GLY B 1142 56.86 -41.27 68.55
N ASN B 1143 57.93 -40.69 69.08
CA ASN B 1143 58.63 -39.58 68.45
C ASN B 1143 60.09 -39.95 68.26
N THR B 1144 60.39 -40.68 67.19
CA THR B 1144 61.74 -41.13 66.87
C THR B 1144 62.15 -40.50 65.55
N ALA B 1145 63.06 -39.53 65.61
CA ALA B 1145 63.51 -38.82 64.43
C ALA B 1145 64.42 -39.70 63.58
N GLN B 1146 64.53 -39.34 62.30
CA GLN B 1146 65.39 -40.06 61.37
C GLN B 1146 66.78 -39.44 61.36
N ASN B 1147 67.79 -40.27 61.58
CA ASN B 1147 69.17 -39.81 61.60
C ASN B 1147 69.78 -40.02 60.22
N LEU B 1148 70.01 -38.93 59.50
CA LEU B 1148 70.54 -39.00 58.14
C LEU B 1148 72.03 -39.29 58.10
N PHE B 1149 72.66 -39.57 59.24
CA PHE B 1149 74.08 -39.88 59.27
C PHE B 1149 74.37 -41.36 59.06
N PHE B 1150 73.37 -42.13 58.66
CA PHE B 1150 73.55 -43.54 58.33
C PHE B 1150 73.85 -43.76 56.86
N SER B 1151 74.06 -42.69 56.10
CA SER B 1151 74.29 -42.79 54.67
C SER B 1151 75.62 -42.13 54.31
N ARG B 1152 76.11 -42.46 53.13
CA ARG B 1152 77.35 -41.89 52.61
C ARG B 1152 77.22 -41.70 51.11
N GLY B 1153 78.02 -40.77 50.58
CA GLY B 1153 78.02 -40.51 49.15
C GLY B 1153 77.98 -39.03 48.81
N GLY B 1154 77.30 -38.24 49.64
CA GLY B 1154 77.25 -36.82 49.40
C GLY B 1154 78.58 -36.14 49.62
N VAL B 1155 78.66 -34.89 49.15
CA VAL B 1155 79.88 -34.11 49.30
C VAL B 1155 80.05 -33.77 50.78
N PRO B 1156 81.24 -33.97 51.34
CA PRO B 1156 81.46 -33.64 52.75
C PRO B 1156 82.03 -32.24 52.92
N MET B 1157 82.15 -31.82 54.18
CA MET B 1157 82.78 -30.56 54.51
C MET B 1157 84.29 -30.67 54.33
N LEU B 1158 84.93 -29.52 54.11
CA LEU B 1158 86.37 -29.51 53.92
C LEU B 1158 87.13 -29.81 55.20
N HIS B 1159 86.48 -29.69 56.36
CA HIS B 1159 87.12 -29.86 57.64
C HIS B 1159 86.52 -31.06 58.37
N ASP B 1160 87.37 -31.98 58.80
CA ASP B 1160 86.89 -33.20 59.43
C ASP B 1160 86.34 -32.94 60.81
N ASN B 1161 86.95 -32.01 61.56
CA ASN B 1161 86.44 -31.70 62.89
C ASN B 1161 85.02 -31.16 62.81
N VAL B 1162 84.71 -30.40 61.77
CA VAL B 1162 83.36 -29.86 61.61
C VAL B 1162 82.34 -30.98 61.55
N THR B 1163 82.50 -31.90 60.61
CA THR B 1163 81.54 -32.99 60.48
C THR B 1163 81.57 -33.94 61.67
N GLU B 1164 82.72 -34.11 62.32
CA GLU B 1164 82.78 -34.98 63.48
C GLU B 1164 81.98 -34.39 64.64
N SER B 1165 82.18 -33.10 64.94
CA SER B 1165 81.38 -32.45 65.97
C SER B 1165 79.91 -32.40 65.57
N LEU B 1166 79.63 -32.27 64.28
CA LEU B 1166 78.25 -32.29 63.81
C LEU B 1166 77.58 -33.61 64.15
N ARG B 1167 78.22 -34.73 63.80
CA ARG B 1167 77.67 -36.03 64.12
C ARG B 1167 77.58 -36.25 65.63
N ARG B 1168 78.55 -35.76 66.39
CA ARG B 1168 78.51 -35.91 67.84
C ARG B 1168 77.31 -35.18 68.43
N ILE B 1169 77.10 -33.92 68.04
CA ILE B 1169 75.99 -33.14 68.57
C ILE B 1169 74.66 -33.77 68.13
N THR B 1170 74.58 -34.23 66.88
CA THR B 1170 73.34 -34.83 66.42
C THR B 1170 73.03 -36.12 67.19
N ALA B 1171 74.07 -36.93 67.45
CA ALA B 1171 73.86 -38.13 68.25
C ALA B 1171 73.42 -37.77 69.65
N SER B 1172 73.95 -36.69 70.20
CA SER B 1172 73.43 -36.18 71.46
C SER B 1172 71.98 -35.74 71.29
N GLY B 1173 71.17 -36.04 72.29
CA GLY B 1173 69.75 -35.70 72.21
C GLY B 1173 68.97 -36.56 71.24
N GLY B 1174 69.28 -37.85 71.16
CA GLY B 1174 68.56 -38.76 70.31
C GLY B 1174 68.63 -40.16 70.88
N ARG B 1175 68.00 -41.11 70.18
CA ARG B 1175 67.98 -42.50 70.61
C ARG B 1175 68.78 -43.41 69.69
N LEU B 1176 68.50 -43.40 68.40
CA LEU B 1176 69.22 -44.23 67.44
C LEU B 1176 70.37 -43.42 66.86
N ASN B 1177 71.58 -43.98 66.92
CA ASN B 1177 72.79 -43.35 66.44
C ASN B 1177 73.75 -44.43 66.00
N PRO B 1178 74.62 -44.14 65.04
CA PRO B 1178 75.67 -45.10 64.68
C PRO B 1178 76.63 -45.29 65.84
N THR B 1179 77.25 -46.47 65.88
CA THR B 1179 78.20 -46.78 66.93
C THR B 1179 79.41 -45.85 66.85
N GLU B 1180 79.99 -45.55 68.01
CA GLU B 1180 81.09 -44.58 68.12
C GLU B 1180 82.30 -44.89 67.24
N PRO B 1181 82.81 -46.14 67.16
CA PRO B 1181 84.00 -46.36 66.32
C PRO B 1181 83.80 -46.05 64.85
N LEU B 1182 82.56 -46.17 64.34
CA LEU B 1182 82.25 -45.91 62.94
C LEU B 1182 83.10 -46.79 62.04
N PRO B 1183 82.82 -48.09 61.99
CA PRO B 1183 83.66 -48.99 61.19
C PRO B 1183 83.56 -48.68 59.70
N ILE B 1184 84.63 -49.01 58.99
CA ILE B 1184 84.69 -48.84 57.54
C ILE B 1184 84.25 -50.14 56.88
N PHE B 1185 83.59 -50.01 55.72
CA PHE B 1185 83.06 -51.15 54.98
C PHE B 1185 82.14 -51.99 55.86
N GLY B 1186 81.04 -51.35 56.29
CA GLY B 1186 80.09 -52.02 57.15
C GLY B 1186 78.64 -51.71 56.81
N GLY B 1187 77.74 -51.97 57.76
CA GLY B 1187 76.34 -51.71 57.55
C GLY B 1187 75.83 -50.52 58.33
N LEU B 1188 76.61 -50.10 59.33
CA LEU B 1188 76.28 -48.95 60.17
C LEU B 1188 74.94 -49.14 60.88
N ARG B 1189 74.90 -50.15 61.73
CA ARG B 1189 73.67 -50.40 62.46
C ARG B 1189 73.77 -49.89 63.89
N PRO B 1190 72.67 -49.42 64.46
CA PRO B 1190 72.72 -48.90 65.83
C PRO B 1190 72.88 -50.01 66.86
N ALA B 1191 73.34 -49.61 68.04
CA ALA B 1191 73.54 -50.57 69.11
C ALA B 1191 72.21 -51.06 69.66
N THR B 1192 72.09 -52.37 69.83
CA THR B 1192 70.86 -52.96 70.34
C THR B 1192 70.67 -52.57 71.80
N SER B 1193 69.44 -52.27 72.18
CA SER B 1193 69.12 -51.85 73.54
C SER B 1193 68.56 -53.04 74.31
N ALA B 1194 68.10 -52.77 75.53
CA ALA B 1194 67.46 -53.80 76.35
C ALA B 1194 66.02 -54.01 75.93
N GLY B 1195 65.23 -54.68 76.77
CA GLY B 1195 63.89 -55.09 76.39
C GLY B 1195 63.03 -53.92 75.93
N ILE B 1196 61.98 -54.28 75.20
CA ILE B 1196 61.08 -53.31 74.58
C ILE B 1196 59.94 -53.01 75.54
N ALA B 1197 59.34 -51.82 75.38
CA ALA B 1197 58.30 -51.36 76.31
C ALA B 1197 56.90 -51.71 75.83
N ARG B 1198 56.48 -51.14 74.70
CA ARG B 1198 55.10 -51.27 74.30
C ARG B 1198 54.90 -51.47 72.79
N GLY B 1199 55.96 -51.79 72.05
CA GLY B 1199 55.85 -52.05 70.63
C GLY B 1199 57.00 -51.45 69.85
N GLN B 1200 57.06 -51.86 68.59
CA GLN B 1200 58.12 -51.41 67.70
C GLN B 1200 57.99 -49.93 67.42
N ALA B 1201 59.06 -49.18 67.69
CA ALA B 1201 59.05 -47.75 67.44
C ALA B 1201 59.05 -47.46 65.95
N SER B 1202 58.41 -46.36 65.57
CA SER B 1202 58.30 -45.95 64.18
C SER B 1202 59.00 -44.62 63.98
N VAL B 1203 59.77 -44.51 62.90
CA VAL B 1203 60.54 -43.30 62.66
C VAL B 1203 59.64 -42.22 62.06
N CYS B 1204 60.11 -40.97 62.15
CA CYS B 1204 59.38 -39.83 61.62
C CYS B 1204 60.31 -39.02 60.72
N GLU B 1205 59.90 -38.83 59.47
CA GLU B 1205 60.67 -38.07 58.51
C GLU B 1205 60.13 -36.65 58.41
N PHE B 1206 61.03 -35.67 58.33
CA PHE B 1206 60.67 -34.26 58.32
C PHE B 1206 60.89 -33.69 56.93
N VAL B 1207 60.00 -32.77 56.54
CA VAL B 1207 60.08 -32.09 55.25
C VAL B 1207 59.95 -30.59 55.51
N ALA B 1208 60.83 -29.80 54.89
CA ALA B 1208 60.79 -28.36 55.08
C ALA B 1208 59.62 -27.75 54.31
N MET B 1209 59.21 -26.57 54.75
CA MET B 1209 58.09 -25.86 54.13
C MET B 1209 58.11 -24.42 54.61
N PRO B 1210 57.57 -23.49 53.82
CA PRO B 1210 57.53 -22.09 54.25
C PRO B 1210 56.73 -21.91 55.53
N VAL B 1211 56.98 -20.79 56.21
CA VAL B 1211 56.37 -20.57 57.52
C VAL B 1211 54.88 -20.37 57.39
N SER B 1212 54.46 -19.33 56.67
CA SER B 1212 53.05 -18.99 56.56
C SER B 1212 52.42 -19.78 55.41
N THR B 1213 52.08 -21.03 55.72
CA THR B 1213 51.43 -21.91 54.78
C THR B 1213 49.99 -22.13 55.19
N ASP B 1214 49.13 -22.38 54.22
CA ASP B 1214 47.71 -22.57 54.48
C ASP B 1214 47.50 -23.73 55.45
N LEU B 1215 47.01 -23.42 56.65
CA LEU B 1215 46.75 -24.44 57.64
C LEU B 1215 45.53 -25.29 57.29
N GLN B 1216 44.56 -24.71 56.57
CA GLN B 1216 43.35 -25.47 56.23
C GLN B 1216 43.65 -26.67 55.36
N TYR B 1217 44.76 -26.65 54.62
CA TYR B 1217 45.14 -27.79 53.80
C TYR B 1217 45.47 -29.02 54.65
N PHE B 1218 45.81 -28.83 55.92
CA PHE B 1218 46.16 -29.92 56.81
C PHE B 1218 44.98 -30.41 57.64
N ARG B 1219 43.76 -30.16 57.20
CA ARG B 1219 42.57 -30.57 57.94
C ARG B 1219 41.80 -31.69 57.25
N THR B 1220 42.28 -32.15 56.09
CA THR B 1220 41.63 -33.22 55.36
C THR B 1220 42.71 -34.20 54.89
N ALA B 1221 42.34 -35.11 54.01
CA ALA B 1221 43.30 -36.05 53.45
C ALA B 1221 44.22 -35.34 52.47
N CYS B 1222 45.35 -34.86 52.96
CA CYS B 1222 46.28 -34.08 52.14
C CYS B 1222 47.43 -34.97 51.68
N ASN B 1223 48.30 -34.41 50.84
CA ASN B 1223 49.40 -35.15 50.26
C ASN B 1223 50.71 -34.53 50.73
N PRO B 1224 51.67 -35.32 51.20
CA PRO B 1224 52.89 -34.75 51.76
C PRO B 1224 53.78 -34.09 50.72
N ARG B 1225 53.71 -34.51 49.45
CA ARG B 1225 54.56 -33.92 48.43
C ARG B 1225 54.26 -32.45 48.21
N GLY B 1226 53.02 -32.03 48.49
CA GLY B 1226 52.60 -30.67 48.25
C GLY B 1226 51.79 -30.50 46.98
N ARG B 1227 51.73 -31.53 46.13
CA ARG B 1227 51.00 -31.47 44.88
C ARG B 1227 50.45 -32.85 44.58
N ALA B 1228 49.20 -32.90 44.12
CA ALA B 1228 48.57 -34.18 43.84
C ALA B 1228 49.16 -34.82 42.60
N SER B 1229 49.37 -36.13 42.66
CA SER B 1229 49.94 -36.88 41.56
C SER B 1229 49.23 -38.22 41.47
N GLY B 1230 49.78 -39.12 40.67
CA GLY B 1230 49.23 -40.45 40.49
C GLY B 1230 48.77 -40.70 39.06
N MET B 1231 48.56 -41.98 38.76
CA MET B 1231 48.11 -42.41 37.46
C MET B 1231 46.60 -42.37 37.32
N LEU B 1232 45.89 -41.96 38.36
CA LEU B 1232 44.43 -41.95 38.35
C LEU B 1232 43.85 -40.73 37.65
N TYR B 1233 44.69 -39.90 37.05
CA TYR B 1233 44.25 -38.72 36.30
C TYR B 1233 44.84 -38.85 34.89
N MET B 1234 44.11 -39.52 34.01
CA MET B 1234 44.58 -39.81 32.66
C MET B 1234 43.37 -39.83 31.74
N GLY B 1235 43.52 -40.43 30.57
CA GLY B 1235 42.40 -40.61 29.68
C GLY B 1235 42.72 -40.50 28.20
N ASP B 1236 43.85 -39.90 27.85
CA ASP B 1236 44.19 -39.74 26.45
C ASP B 1236 45.57 -40.27 26.09
N ARG B 1237 46.57 -40.09 26.94
CA ARG B 1237 47.94 -40.42 26.59
C ARG B 1237 48.63 -41.11 27.75
N ASP B 1238 49.80 -41.66 27.48
CA ASP B 1238 50.61 -42.32 28.49
C ASP B 1238 51.71 -41.43 29.04
N ALA B 1239 52.07 -40.36 28.33
CA ALA B 1239 53.09 -39.43 28.79
C ALA B 1239 52.47 -38.29 29.59
N ASP B 1240 51.65 -38.65 30.57
CA ASP B 1240 51.00 -37.68 31.44
C ASP B 1240 51.27 -37.91 32.92
N ILE B 1241 51.69 -39.10 33.32
CA ILE B 1241 52.14 -39.30 34.68
C ILE B 1241 53.36 -38.43 34.95
N GLU B 1242 54.27 -38.34 33.97
CA GLU B 1242 55.38 -37.40 34.07
C GLU B 1242 54.92 -35.96 33.93
N ALA B 1243 53.85 -35.72 33.17
CA ALA B 1243 53.32 -34.37 33.04
C ALA B 1243 52.88 -33.83 34.39
N ILE B 1244 51.89 -34.47 35.01
CA ILE B 1244 51.50 -34.06 36.35
C ILE B 1244 52.29 -34.84 37.39
N MET B 1245 53.56 -34.51 37.54
CA MET B 1245 54.30 -34.72 38.78
C MET B 1245 55.27 -33.60 39.11
N PHE B 1246 55.78 -32.87 38.12
CA PHE B 1246 56.72 -31.78 38.32
C PHE B 1246 56.42 -30.54 37.49
N ASP B 1247 55.67 -30.66 36.38
CA ASP B 1247 55.39 -29.52 35.53
C ASP B 1247 54.60 -28.45 36.27
N HIS B 1248 55.23 -27.31 36.52
CA HIS B 1248 54.60 -26.22 37.25
C HIS B 1248 54.12 -25.10 36.33
N THR B 1249 53.97 -25.38 35.04
CA THR B 1249 53.40 -24.40 34.13
C THR B 1249 51.88 -24.37 34.20
N GLN B 1250 51.25 -25.40 34.77
CA GLN B 1250 49.81 -25.46 34.91
C GLN B 1250 49.45 -25.66 36.38
N SER B 1251 48.19 -25.36 36.71
CA SER B 1251 47.74 -25.43 38.09
C SER B 1251 47.70 -26.88 38.58
N ASP B 1252 47.64 -27.02 39.90
CA ASP B 1252 47.53 -28.33 40.50
C ASP B 1252 46.22 -28.99 40.11
N VAL B 1253 46.22 -30.33 40.10
CA VAL B 1253 45.03 -31.07 39.74
C VAL B 1253 43.97 -30.95 40.82
N ALA B 1254 44.33 -31.27 42.07
CA ALA B 1254 43.37 -31.23 43.16
C ALA B 1254 42.86 -29.81 43.39
N TYR B 1255 43.76 -28.86 43.59
CA TYR B 1255 43.42 -27.46 43.79
C TYR B 1255 43.82 -26.69 42.54
N THR B 1256 42.84 -26.43 41.67
CA THR B 1256 43.14 -25.77 40.41
C THR B 1256 43.20 -24.27 40.56
N ASP B 1257 43.96 -23.79 41.53
CA ASP B 1257 44.21 -22.36 41.69
C ASP B 1257 45.65 -22.05 42.08
N ARG B 1258 46.52 -23.05 42.14
CA ARG B 1258 47.91 -22.84 42.55
C ARG B 1258 48.73 -23.99 42.01
N ALA B 1259 50.04 -23.76 41.89
CA ALA B 1259 50.92 -24.78 41.33
C ALA B 1259 51.19 -25.88 42.37
N THR B 1260 51.82 -25.52 43.48
CA THR B 1260 52.12 -26.47 44.55
C THR B 1260 51.80 -25.80 45.89
N LEU B 1261 51.80 -26.61 46.94
CA LEU B 1261 51.64 -26.06 48.28
C LEU B 1261 52.93 -25.43 48.77
N ASN B 1262 54.01 -26.20 48.80
CA ASN B 1262 55.33 -25.70 49.16
C ASN B 1262 56.25 -25.84 47.95
N PRO B 1263 56.87 -24.76 47.48
CA PRO B 1263 57.76 -24.86 46.32
C PRO B 1263 59.14 -25.42 46.62
N TRP B 1264 59.35 -26.03 47.78
CA TRP B 1264 60.66 -26.54 48.15
C TRP B 1264 60.77 -28.06 48.09
N ALA B 1265 59.66 -28.77 47.90
CA ALA B 1265 59.71 -30.23 47.87
C ALA B 1265 58.78 -30.80 46.80
N SER B 1266 58.58 -30.08 45.70
CA SER B 1266 57.67 -30.54 44.66
C SER B 1266 58.19 -30.32 43.24
N GLN B 1267 59.36 -29.73 43.06
CA GLN B 1267 59.88 -29.48 41.72
C GLN B 1267 60.65 -30.70 41.22
N LYS B 1268 61.27 -30.55 40.05
CA LYS B 1268 62.04 -31.66 39.49
C LYS B 1268 63.28 -31.94 40.31
N HIS B 1269 63.93 -30.91 40.84
CA HIS B 1269 65.13 -31.09 41.64
C HIS B 1269 65.06 -30.20 42.88
N SER B 1270 63.89 -30.14 43.50
CA SER B 1270 63.77 -29.41 44.75
C SER B 1270 64.53 -30.12 45.85
N TYR B 1271 64.63 -29.46 47.00
CA TYR B 1271 65.40 -30.01 48.12
C TYR B 1271 64.81 -31.34 48.57
N GLY B 1272 63.50 -31.38 48.79
CA GLY B 1272 62.87 -32.62 49.21
C GLY B 1272 62.99 -33.72 48.19
N ASP B 1273 62.93 -33.38 46.90
CA ASP B 1273 63.09 -34.38 45.87
C ASP B 1273 64.51 -34.94 45.82
N ARG B 1274 65.52 -34.07 45.97
CA ARG B 1274 66.89 -34.55 45.98
C ARG B 1274 67.18 -35.38 47.23
N LEU B 1275 66.50 -35.08 48.34
CA LEU B 1275 66.74 -35.84 49.56
C LEU B 1275 66.32 -37.30 49.39
N TYR B 1276 65.15 -37.53 48.81
CA TYR B 1276 64.65 -38.88 48.60
C TYR B 1276 63.82 -38.91 47.32
N ASN B 1277 64.24 -39.74 46.37
CA ASN B 1277 63.46 -39.94 45.16
C ASN B 1277 63.35 -41.43 44.88
N GLY B 1278 64.31 -42.19 45.38
CA GLY B 1278 64.44 -43.59 45.05
C GLY B 1278 65.24 -43.85 43.80
N THR B 1279 65.33 -42.89 42.89
CA THR B 1279 66.14 -43.00 41.69
C THR B 1279 67.46 -42.27 41.83
N TYR B 1280 67.70 -41.57 42.94
CA TYR B 1280 68.98 -40.93 43.19
C TYR B 1280 69.85 -41.73 44.13
N ASN B 1281 69.26 -42.57 44.97
CA ASN B 1281 69.99 -43.47 45.86
C ASN B 1281 70.94 -42.71 46.77
N LEU B 1282 70.36 -41.82 47.57
CA LEU B 1282 71.13 -41.11 48.59
C LEU B 1282 71.22 -41.91 49.88
N THR B 1283 70.14 -42.58 50.26
CA THR B 1283 70.09 -43.38 51.48
C THR B 1283 70.17 -44.87 51.18
N GLY B 1284 70.99 -45.25 50.20
CA GLY B 1284 71.08 -46.66 49.83
C GLY B 1284 71.64 -47.52 50.95
N ALA B 1285 72.68 -47.03 51.63
CA ALA B 1285 73.30 -47.80 52.69
C ALA B 1285 72.57 -47.68 54.02
N SER B 1286 71.57 -46.82 54.12
CA SER B 1286 70.86 -46.65 55.39
C SER B 1286 69.95 -47.83 55.64
N PRO B 1287 70.04 -48.48 56.80
CA PRO B 1287 69.18 -49.64 57.07
C PRO B 1287 67.81 -49.28 57.62
N ILE B 1288 67.58 -48.04 58.02
CA ILE B 1288 66.30 -47.66 58.60
C ILE B 1288 65.29 -47.39 57.51
N TYR B 1289 64.02 -47.60 57.84
CA TYR B 1289 62.94 -47.39 56.89
C TYR B 1289 62.59 -45.91 56.79
N SER B 1290 62.12 -45.52 55.61
CA SER B 1290 61.72 -44.14 55.35
C SER B 1290 60.30 -44.15 54.81
N PRO B 1291 59.32 -43.67 55.58
CA PRO B 1291 57.92 -43.73 55.11
C PRO B 1291 57.64 -42.79 53.95
N CYS B 1292 58.37 -41.68 53.83
CA CYS B 1292 58.15 -40.70 52.78
C CYS B 1292 58.73 -41.11 51.45
N PHE B 1293 59.14 -42.38 51.29
CA PHE B 1293 59.73 -42.79 50.02
C PHE B 1293 58.65 -43.09 48.98
N LYS B 1294 57.52 -43.67 49.41
CA LYS B 1294 56.47 -44.06 48.49
C LYS B 1294 55.73 -42.87 47.90
N PHE B 1295 55.97 -41.65 48.39
CA PHE B 1295 55.28 -40.47 47.91
C PHE B 1295 56.09 -39.65 46.92
N PHE B 1296 57.39 -39.94 46.79
CA PHE B 1296 58.27 -39.16 45.92
C PHE B 1296 58.80 -39.98 44.75
N THR B 1297 58.34 -41.20 44.58
CA THR B 1297 58.81 -42.08 43.52
C THR B 1297 57.82 -42.09 42.38
N PRO B 1298 58.27 -41.93 41.13
CA PRO B 1298 57.32 -41.82 40.02
C PRO B 1298 56.41 -43.04 39.85
N ALA B 1299 56.86 -44.23 40.25
CA ALA B 1299 56.04 -45.45 40.22
C ALA B 1299 55.56 -45.74 38.78
N GLU B 1300 56.54 -46.07 37.94
CA GLU B 1300 56.28 -46.36 36.53
C GLU B 1300 55.15 -47.36 36.36
N VAL B 1301 54.24 -47.06 35.43
CA VAL B 1301 53.11 -47.92 35.12
C VAL B 1301 52.83 -47.85 33.63
N ASN B 1302 52.55 -49.00 33.04
CA ASN B 1302 52.21 -49.12 31.63
C ASN B 1302 50.71 -49.16 31.45
N THR B 1303 50.24 -48.63 30.32
CA THR B 1303 48.82 -48.58 30.01
C THR B 1303 48.44 -49.81 29.19
N ASN B 1304 47.68 -50.70 29.82
CA ASN B 1304 47.16 -51.89 29.16
C ASN B 1304 45.64 -51.96 29.20
N CYS B 1305 45.05 -51.75 30.37
CA CYS B 1305 43.60 -51.70 30.55
C CYS B 1305 43.21 -50.28 30.96
N ASN B 1306 41.93 -50.09 31.24
CA ASN B 1306 41.48 -48.77 31.65
C ASN B 1306 41.85 -48.51 33.10
N THR B 1307 41.69 -47.25 33.51
CA THR B 1307 42.07 -46.84 34.85
C THR B 1307 41.32 -47.62 35.92
N LEU B 1308 40.06 -47.94 35.68
CA LEU B 1308 39.28 -48.67 36.68
C LEU B 1308 39.84 -50.08 36.88
N ASP B 1309 40.16 -50.77 35.78
CA ASP B 1309 40.73 -52.11 35.91
C ASP B 1309 42.09 -52.07 36.58
N ARG B 1310 42.93 -51.09 36.20
CA ARG B 1310 44.24 -50.99 36.85
C ARG B 1310 44.10 -50.71 38.34
N LEU B 1311 43.14 -49.85 38.71
CA LEU B 1311 42.91 -49.56 40.11
C LEU B 1311 42.47 -50.81 40.86
N LEU B 1312 41.49 -51.53 40.32
CA LEU B 1312 41.01 -52.74 40.96
C LEU B 1312 42.07 -53.83 41.02
N MET B 1313 43.04 -53.81 40.11
CA MET B 1313 44.10 -54.81 40.10
C MET B 1313 45.28 -54.44 40.99
N GLU B 1314 45.47 -53.16 41.29
CA GLU B 1314 46.60 -52.77 42.14
C GLU B 1314 46.42 -53.25 43.58
N ALA B 1315 45.23 -53.06 44.15
CA ALA B 1315 44.98 -53.40 45.55
C ALA B 1315 44.88 -54.92 45.68
N LYS B 1316 46.02 -55.55 45.94
CA LYS B 1316 46.07 -57.00 46.07
C LYS B 1316 46.98 -57.44 47.21
N ALA B 1317 47.11 -56.61 48.25
CA ALA B 1317 47.87 -56.94 49.46
C ALA B 1317 49.33 -57.27 49.11
N VAL B 1318 50.03 -56.24 48.64
CA VAL B 1318 51.43 -56.36 48.24
C VAL B 1318 52.29 -56.70 49.45
N ALA B 1319 53.53 -57.11 49.19
CA ALA B 1319 54.43 -57.51 50.26
C ALA B 1319 54.78 -56.33 51.17
N SER B 1320 55.27 -56.66 52.35
CA SER B 1320 55.54 -55.66 53.37
C SER B 1320 56.79 -54.86 53.02
N GLN B 1321 57.08 -53.85 53.85
CA GLN B 1321 58.24 -52.99 53.65
C GLN B 1321 58.92 -52.65 54.96
N SER B 1322 58.86 -53.55 55.93
CA SER B 1322 59.47 -53.33 57.24
C SER B 1322 59.77 -54.69 57.86
N SER B 1323 60.06 -54.68 59.16
CA SER B 1323 60.37 -55.90 59.90
C SER B 1323 59.50 -55.98 61.14
N THR B 1324 59.17 -57.20 61.54
CA THR B 1324 58.32 -57.45 62.70
C THR B 1324 59.12 -58.03 63.87
N ASP B 1325 60.45 -58.02 63.78
CA ASP B 1325 61.29 -58.54 64.84
C ASP B 1325 62.06 -57.44 65.56
N THR B 1326 62.71 -56.54 64.83
CA THR B 1326 63.45 -55.48 65.46
C THR B 1326 62.50 -54.44 66.04
N GLU B 1327 63.09 -53.46 66.74
CA GLU B 1327 62.32 -52.40 67.39
C GLU B 1327 62.57 -51.03 66.77
N TYR B 1328 63.28 -50.98 65.64
CA TYR B 1328 63.61 -49.71 65.00
C TYR B 1328 63.01 -49.59 63.61
N GLN B 1329 62.17 -50.54 63.19
CA GLN B 1329 61.53 -50.52 61.88
C GLN B 1329 62.58 -50.41 60.76
N PHE B 1330 63.42 -51.44 60.69
CA PHE B 1330 64.43 -51.50 59.65
C PHE B 1330 63.79 -51.75 58.29
N LYS B 1331 64.60 -51.75 57.25
CA LYS B 1331 64.11 -52.04 55.91
C LYS B 1331 63.67 -53.50 55.82
N ARG B 1332 62.96 -53.82 54.75
CA ARG B 1332 62.43 -55.15 54.56
C ARG B 1332 63.57 -56.16 54.41
N PRO B 1333 63.63 -57.19 55.24
CA PRO B 1333 64.68 -58.20 55.11
C PRO B 1333 64.50 -58.98 53.82
N PRO B 1334 65.57 -59.16 53.04
CA PRO B 1334 65.45 -59.87 51.76
C PRO B 1334 65.10 -61.34 51.99
N GLY B 1335 63.98 -61.76 51.40
CA GLY B 1335 63.52 -63.12 51.50
C GLY B 1335 62.28 -63.29 52.36
N SER B 1336 62.02 -62.36 53.27
CA SER B 1336 60.84 -62.43 54.12
C SER B 1336 59.59 -62.25 53.26
N THR B 1337 58.70 -63.22 53.30
CA THR B 1337 57.48 -63.21 52.49
C THR B 1337 56.27 -63.09 53.42
N GLU B 1338 55.83 -61.85 53.66
CA GLU B 1338 54.62 -61.59 54.41
C GLU B 1338 53.86 -60.46 53.73
N MET B 1339 52.60 -60.70 53.42
CA MET B 1339 51.77 -59.75 52.70
C MET B 1339 50.98 -58.89 53.68
N THR B 1340 51.05 -57.58 53.51
CA THR B 1340 50.29 -56.64 54.31
C THR B 1340 49.51 -55.73 53.38
N GLN B 1341 48.20 -55.64 53.60
CA GLN B 1341 47.37 -54.77 52.79
C GLN B 1341 47.78 -53.32 53.00
N ASP B 1342 47.92 -52.58 51.90
CA ASP B 1342 48.41 -51.20 51.92
C ASP B 1342 47.37 -50.27 51.33
N PRO B 1343 46.41 -49.81 52.11
CA PRO B 1343 45.53 -48.73 51.66
C PRO B 1343 46.27 -47.40 51.71
N CYS B 1344 45.63 -46.38 51.15
CA CYS B 1344 46.14 -45.00 51.13
C CYS B 1344 47.58 -44.92 50.61
N GLY B 1345 48.01 -45.93 49.86
CA GLY B 1345 49.30 -45.91 49.22
C GLY B 1345 49.12 -45.84 47.71
N LEU B 1346 48.04 -46.47 47.24
CA LEU B 1346 47.64 -46.35 45.85
C LEU B 1346 46.83 -45.10 45.58
N PHE B 1347 46.45 -44.35 46.63
CA PHE B 1347 45.80 -43.05 46.47
C PHE B 1347 46.76 -41.89 46.69
N GLN B 1348 47.93 -42.14 47.29
CA GLN B 1348 48.92 -41.11 47.57
C GLN B 1348 48.34 -40.02 48.47
N GLU B 1349 47.73 -40.45 49.58
CA GLU B 1349 47.12 -39.56 50.53
C GLU B 1349 47.50 -39.98 51.94
N ALA B 1350 47.42 -39.03 52.88
CA ALA B 1350 47.71 -39.29 54.27
C ALA B 1350 46.61 -38.70 55.14
N TYR B 1351 46.40 -39.30 56.30
CA TYR B 1351 45.33 -38.85 57.18
C TYR B 1351 45.90 -38.12 58.38
N PRO B 1352 45.41 -36.93 58.70
CA PRO B 1352 45.90 -36.20 59.86
C PRO B 1352 45.20 -36.66 61.13
N PRO B 1353 45.94 -37.00 62.16
CA PRO B 1353 45.34 -37.43 63.43
C PRO B 1353 44.99 -36.22 64.28
N LEU B 1354 44.34 -36.48 65.42
CA LEU B 1354 44.01 -35.43 66.37
C LEU B 1354 45.30 -34.84 66.92
N CYS B 1355 45.63 -33.62 66.51
CA CYS B 1355 46.86 -32.98 66.94
C CYS B 1355 46.57 -31.57 67.40
N SER B 1356 47.51 -30.99 68.13
CA SER B 1356 47.33 -29.64 68.64
C SER B 1356 48.69 -29.02 68.93
N SER B 1357 48.86 -27.77 68.49
CA SER B 1357 50.09 -27.06 68.78
C SER B 1357 50.26 -26.77 70.27
N ASP B 1358 49.16 -26.69 71.01
CA ASP B 1358 49.19 -26.47 72.44
C ASP B 1358 48.64 -27.68 73.16
N ALA B 1359 48.96 -27.79 74.45
CA ALA B 1359 48.50 -28.90 75.26
C ALA B 1359 47.33 -28.54 76.18
N ALA B 1360 47.14 -27.26 76.49
CA ALA B 1360 46.05 -26.88 77.37
C ALA B 1360 44.71 -26.99 76.67
N MET B 1361 44.64 -26.59 75.41
CA MET B 1361 43.39 -26.62 74.66
C MET B 1361 43.04 -28.01 74.16
N LEU B 1362 43.83 -29.03 74.51
CA LEU B 1362 43.61 -30.37 73.98
C LEU B 1362 42.51 -31.10 74.74
N ARG B 1363 42.40 -30.86 76.05
CA ARG B 1363 41.43 -31.55 76.89
C ARG B 1363 40.60 -30.52 77.65
N THR B 1364 39.28 -30.68 77.62
CA THR B 1364 38.39 -29.81 78.36
C THR B 1364 38.23 -30.29 79.80
N ALA B 1365 37.71 -29.41 80.64
CA ALA B 1365 37.58 -29.68 82.07
C ALA B 1365 36.15 -30.13 82.35
N HIS B 1366 35.85 -31.37 81.98
CA HIS B 1366 34.53 -31.92 82.25
C HIS B 1366 34.58 -33.41 82.64
N ALA B 1367 35.76 -34.01 82.76
CA ALA B 1367 35.90 -35.42 83.09
C ALA B 1367 35.18 -36.29 82.06
N GLY B 1368 35.66 -36.24 80.83
CA GLY B 1368 35.00 -36.91 79.74
C GLY B 1368 35.64 -36.65 78.40
N GLU B 1369 34.83 -36.25 77.44
CA GLU B 1369 35.30 -36.00 76.07
C GLU B 1369 36.41 -34.95 76.06
N THR B 1370 37.06 -34.85 74.91
CA THR B 1370 38.18 -33.93 74.71
C THR B 1370 37.71 -32.65 74.03
N GLY B 1371 38.55 -31.62 74.12
CA GLY B 1371 38.23 -30.36 73.47
C GLY B 1371 38.43 -30.45 71.97
N ALA B 1372 37.65 -29.65 71.24
CA ALA B 1372 37.71 -29.67 69.79
C ALA B 1372 37.61 -28.27 69.22
N ASP B 1373 38.27 -27.31 69.86
CA ASP B 1373 38.35 -25.97 69.31
C ASP B 1373 39.33 -25.95 68.13
N GLU B 1374 39.21 -24.92 67.30
CA GLU B 1374 40.07 -24.80 66.14
C GLU B 1374 41.32 -23.97 66.43
N VAL B 1375 41.14 -22.72 66.83
CA VAL B 1375 42.25 -21.80 67.10
C VAL B 1375 41.87 -20.93 68.29
N HIS B 1376 42.79 -20.78 69.24
CA HIS B 1376 42.51 -19.94 70.41
C HIS B 1376 43.02 -18.51 70.21
N LEU B 1377 44.34 -18.35 70.13
CA LEU B 1377 44.93 -17.05 69.80
C LEU B 1377 45.86 -17.15 68.59
N ALA B 1378 46.86 -18.00 68.64
CA ALA B 1378 47.75 -18.25 67.52
C ALA B 1378 48.08 -19.71 67.34
N GLN B 1379 47.73 -20.58 68.28
CA GLN B 1379 47.96 -22.01 68.18
C GLN B 1379 46.89 -22.62 67.28
N TYR B 1380 46.77 -23.95 67.29
CA TYR B 1380 45.76 -24.61 66.48
C TYR B 1380 45.51 -26.00 67.05
N LEU B 1381 44.37 -26.57 66.67
CA LEU B 1381 44.00 -27.91 67.12
C LEU B 1381 43.29 -28.60 65.94
N ILE B 1382 44.02 -29.44 65.23
CA ILE B 1382 43.45 -30.16 64.09
C ILE B 1382 42.72 -31.39 64.61
N ARG B 1383 41.42 -31.46 64.32
CA ARG B 1383 40.61 -32.59 64.75
C ARG B 1383 40.96 -33.83 63.95
N ASP B 1384 40.72 -34.99 64.56
CA ASP B 1384 41.08 -36.25 63.92
C ASP B 1384 40.14 -36.55 62.76
N ALA B 1385 40.72 -36.97 61.64
CA ALA B 1385 39.96 -37.31 60.44
C ALA B 1385 40.48 -38.62 59.85
N SER B 1386 40.99 -39.49 60.69
CA SER B 1386 41.57 -40.76 60.26
C SER B 1386 40.54 -41.88 60.40
N PRO B 1387 40.75 -42.99 59.71
CA PRO B 1387 39.85 -44.15 59.90
C PRO B 1387 39.86 -44.69 61.31
N LEU B 1388 40.90 -44.42 62.10
CA LEU B 1388 40.97 -44.88 63.48
C LEU B 1388 40.38 -43.79 64.38
N ARG B 1389 39.06 -43.79 64.47
CA ARG B 1389 38.34 -42.82 65.28
C ARG B 1389 37.69 -43.40 66.52
N GLY B 1390 37.18 -44.63 66.44
CA GLY B 1390 36.55 -45.24 67.59
C GLY B 1390 37.43 -46.29 68.25
N CYS B 1391 38.74 -46.05 68.24
CA CYS B 1391 39.70 -46.97 68.84
C CYS B 1391 40.75 -46.12 69.54
N LEU B 1392 41.88 -46.73 69.90
CA LEU B 1392 43.02 -46.04 70.51
C LEU B 1392 42.57 -45.27 71.76
N PRO B 1393 42.35 -45.95 72.88
CA PRO B 1393 41.79 -45.29 74.06
C PRO B 1393 42.58 -44.05 74.47
N LEU B 1394 41.87 -43.12 75.09
CA LEU B 1394 42.45 -41.82 75.44
C LEU B 1394 42.69 -41.71 76.94
N SER C 7 103.01 41.03 43.01
CA SER C 7 101.77 41.16 43.76
C SER C 7 100.82 39.99 43.47
N ARG C 8 99.82 39.83 44.32
CA ARG C 8 98.83 38.76 44.17
C ARG C 8 97.73 39.26 43.25
N VAL C 9 97.83 38.90 41.97
CA VAL C 9 96.84 39.28 40.95
C VAL C 9 96.33 37.98 40.34
N VAL C 10 95.17 37.52 40.81
CA VAL C 10 94.64 36.23 40.38
C VAL C 10 94.30 36.20 38.89
N PHE C 11 94.23 37.36 38.24
CA PHE C 11 93.94 37.39 36.81
C PHE C 11 95.00 36.64 36.01
N ASP C 12 96.26 37.06 36.13
CA ASP C 12 97.36 36.29 35.57
C ASP C 12 97.71 35.18 36.55
N PRO C 13 97.45 33.91 36.18
CA PRO C 13 97.64 32.82 37.16
C PRO C 13 99.05 32.70 37.70
N SER C 14 100.05 33.22 36.99
CA SER C 14 101.41 33.19 37.49
C SER C 14 101.64 34.15 38.64
N ASN C 15 100.76 35.12 38.84
CA ASN C 15 100.93 36.12 39.88
C ASN C 15 100.57 35.59 41.27
N PRO C 16 99.38 35.05 41.51
CA PRO C 16 99.02 34.67 42.88
C PRO C 16 99.80 33.44 43.31
N THR C 17 100.41 33.54 44.49
CA THR C 17 101.23 32.46 45.01
C THR C 17 101.52 32.74 46.48
N THR C 18 101.89 31.67 47.21
CA THR C 18 101.99 31.74 48.66
C THR C 18 103.10 32.67 49.13
N PHE C 19 104.05 33.03 48.26
CA PHE C 19 105.11 33.94 48.66
C PHE C 19 104.55 35.30 49.02
N SER C 20 103.45 35.71 48.39
CA SER C 20 102.83 36.99 48.64
C SER C 20 101.66 36.92 49.60
N VAL C 21 100.95 35.79 49.65
CA VAL C 21 99.77 35.69 50.50
C VAL C 21 100.15 35.83 51.97
N GLU C 22 101.33 35.34 52.35
CA GLU C 22 101.76 35.44 53.74
C GLU C 22 101.85 36.90 54.17
N ALA C 23 102.28 37.77 53.26
CA ALA C 23 102.34 39.20 53.58
C ALA C 23 100.95 39.80 53.71
N ILE C 24 99.99 39.30 52.93
CA ILE C 24 98.63 39.80 53.01
C ILE C 24 98.00 39.35 54.32
N ALA C 25 97.03 40.14 54.80
CA ALA C 25 96.40 39.87 56.09
C ALA C 25 95.37 38.75 55.97
N ALA C 26 94.53 38.61 57.00
CA ALA C 26 93.51 37.56 57.00
C ALA C 26 92.20 38.02 56.39
N TYR C 27 91.78 39.26 56.68
CA TYR C 27 90.49 39.75 56.18
C TYR C 27 90.58 40.32 54.78
N THR C 28 91.64 41.09 54.47
CA THR C 28 91.70 41.77 53.19
C THR C 28 91.77 40.84 51.96
N PRO C 29 92.32 39.62 52.03
CA PRO C 29 92.24 38.77 50.82
C PRO C 29 90.82 38.39 50.47
N VAL C 30 89.96 38.18 51.47
CA VAL C 30 88.55 37.92 51.21
C VAL C 30 87.92 39.11 50.49
N ALA C 31 88.18 40.32 50.99
CA ALA C 31 87.71 41.51 50.31
C ALA C 31 88.39 41.67 48.95
N LEU C 32 89.64 41.25 48.84
CA LEU C 32 90.34 41.34 47.56
C LEU C 32 89.66 40.45 46.51
N ILE C 33 89.46 39.17 46.83
CA ILE C 33 88.85 38.26 45.87
C ILE C 33 87.43 38.70 45.52
N ARG C 34 86.75 39.37 46.44
CA ARG C 34 85.38 39.79 46.19
C ARG C 34 85.30 40.85 45.09
N LEU C 35 86.28 41.76 45.05
CA LEU C 35 86.20 42.88 44.13
C LEU C 35 86.76 42.56 42.74
N LEU C 36 87.58 41.51 42.62
CA LEU C 36 88.17 41.18 41.33
C LEU C 36 87.09 40.72 40.35
N ASN C 37 87.30 41.04 39.08
CA ASN C 37 86.28 40.79 38.07
C ASN C 37 86.39 39.35 37.56
N ALA C 38 85.37 38.93 36.82
CA ALA C 38 85.37 37.59 36.26
C ALA C 38 86.38 37.43 35.13
N SER C 39 86.71 38.54 34.45
CA SER C 39 87.60 38.47 33.31
C SER C 39 88.98 37.96 33.70
N GLY C 40 89.31 36.75 33.28
CA GLY C 40 90.62 36.20 33.49
C GLY C 40 91.32 35.99 32.16
N PRO C 41 92.50 36.60 32.00
CA PRO C 41 93.24 36.43 30.75
C PRO C 41 93.58 34.97 30.51
N LEU C 42 93.01 34.41 29.45
CA LEU C 42 93.18 33.00 29.16
C LEU C 42 94.53 32.68 28.54
N GLN C 43 95.29 33.69 28.10
CA GLN C 43 96.63 33.42 27.59
C GLN C 43 97.58 32.97 28.69
N PRO C 44 97.69 33.66 29.83
CA PRO C 44 98.45 33.07 30.94
C PRO C 44 97.63 32.02 31.66
N GLY C 45 98.28 30.90 31.96
CA GLY C 45 97.62 29.81 32.65
C GLY C 45 98.59 28.71 33.01
N HIS C 46 98.53 28.24 34.25
CA HIS C 46 99.45 27.21 34.73
C HIS C 46 99.15 25.91 33.99
N ARG C 47 100.13 25.44 33.23
CA ARG C 47 100.08 24.10 32.65
C ARG C 47 100.47 23.03 33.66
N VAL C 48 100.41 23.36 34.93
CA VAL C 48 100.90 22.53 36.02
C VAL C 48 99.74 22.10 36.91
N ASP C 49 98.57 21.88 36.31
CA ASP C 49 97.35 21.50 37.05
C ASP C 49 96.94 22.61 38.01
N ILE C 50 96.42 23.69 37.42
CA ILE C 50 96.10 24.96 38.07
C ILE C 50 95.48 24.76 39.45
N ALA C 51 94.81 23.62 39.66
CA ALA C 51 94.39 23.24 41.00
C ALA C 51 95.55 23.27 41.98
N ASP C 52 96.79 23.14 41.50
CA ASP C 52 97.94 23.32 42.38
C ASP C 52 98.02 24.75 42.90
N ALA C 53 97.68 25.72 42.05
CA ALA C 53 97.60 27.11 42.52
C ALA C 53 96.47 27.28 43.53
N ARG C 54 95.38 26.55 43.36
CA ARG C 54 94.32 26.57 44.37
C ARG C 54 94.84 26.06 45.71
N SER C 55 95.59 24.95 45.68
CA SER C 55 96.23 24.47 46.90
C SER C 55 97.27 25.45 47.41
N ILE C 56 97.97 26.12 46.49
CA ILE C 56 98.87 27.20 46.89
C ILE C 56 98.08 28.29 47.59
N TYR C 57 96.88 28.59 47.09
CA TYR C 57 96.03 29.58 47.74
C TYR C 57 95.63 29.15 49.14
N THR C 58 95.44 27.84 49.34
CA THR C 58 95.05 27.35 50.66
C THR C 58 96.20 27.47 51.66
N VAL C 59 97.38 26.96 51.28
CA VAL C 59 98.53 27.03 52.18
C VAL C 59 98.93 28.49 52.43
N GLY C 60 98.65 29.38 51.47
CA GLY C 60 98.86 30.78 51.72
C GLY C 60 97.86 31.34 52.73
N ALA C 61 96.60 30.93 52.61
CA ALA C 61 95.59 31.34 53.59
C ALA C 61 95.90 30.75 54.96
N ALA C 62 96.47 29.55 54.98
CA ALA C 62 96.83 28.93 56.27
C ALA C 62 97.98 29.70 56.93
N ALA C 63 98.92 30.20 56.13
CA ALA C 63 100.01 30.98 56.70
C ALA C 63 99.53 32.31 57.24
N SER C 64 98.60 32.95 56.53
CA SER C 64 98.05 34.22 57.00
C SER C 64 97.25 34.04 58.27
N ALA C 65 96.45 32.97 58.34
CA ALA C 65 95.71 32.68 59.57
C ALA C 65 96.67 32.40 60.72
N ALA C 66 97.78 31.72 60.43
CA ALA C 66 98.78 31.48 61.47
C ALA C 66 99.39 32.78 61.95
N ARG C 67 99.50 33.78 61.06
CA ARG C 67 100.01 35.08 61.48
C ARG C 67 99.07 35.77 62.45
N ALA C 68 97.76 35.68 62.19
CA ALA C 68 96.79 36.31 63.08
C ALA C 68 96.75 35.61 64.43
N ARG C 69 96.93 34.29 64.45
CA ARG C 69 96.94 33.56 65.71
C ARG C 69 98.13 33.95 66.56
N ALA C 70 99.32 34.04 65.96
CA ALA C 70 100.50 34.48 66.69
C ALA C 70 100.29 35.86 67.29
N ASN C 71 99.56 36.73 66.59
CA ASN C 71 99.20 38.01 67.16
C ASN C 71 98.20 37.85 68.30
N HIS C 72 97.21 36.97 68.11
CA HIS C 72 96.24 36.71 69.17
C HIS C 72 96.88 35.96 70.34
N ASN C 73 97.99 35.26 70.09
CA ASN C 73 98.64 34.47 71.12
C ASN C 73 99.29 35.30 72.20
N ALA C 74 99.23 36.64 72.11
CA ALA C 74 99.87 37.47 73.12
C ALA C 74 99.17 37.35 74.47
N ASN C 75 97.87 37.07 74.47
CA ASN C 75 97.09 36.99 75.69
C ASN C 75 96.61 35.58 76.02
N THR C 76 96.79 34.62 75.12
CA THR C 76 96.29 33.28 75.34
C THR C 76 97.15 32.55 76.38
N ILE C 77 96.71 31.37 76.77
CA ILE C 77 97.43 30.50 77.70
C ILE C 77 98.09 29.38 76.90
N ARG C 78 99.30 29.01 77.31
CA ARG C 78 100.02 27.94 76.64
C ARG C 78 99.27 26.62 76.83
N ARG C 79 99.00 25.95 75.72
CA ARG C 79 98.28 24.68 75.77
C ARG C 79 99.23 23.55 76.17
N THR C 80 98.65 22.50 76.75
CA THR C 80 99.39 21.34 77.20
C THR C 80 98.82 20.09 76.52
N ALA C 81 99.37 18.94 76.89
CA ALA C 81 98.93 17.67 76.34
C ALA C 81 97.59 17.28 76.95
N MET C 82 96.65 16.88 76.11
CA MET C 82 95.33 16.48 76.56
C MET C 82 95.22 14.98 76.85
N PHE C 83 96.31 14.24 76.67
CA PHE C 83 96.32 12.80 76.91
C PHE C 83 97.38 12.45 77.94
N ALA C 84 97.26 11.24 78.49
CA ALA C 84 98.21 10.74 79.45
C ALA C 84 99.38 10.09 78.71
N GLU C 85 100.22 9.36 79.43
CA GLU C 85 101.37 8.62 78.92
C GLU C 85 102.41 9.50 78.26
N THR C 86 102.28 10.82 78.35
CA THR C 86 103.18 11.76 77.70
C THR C 86 103.87 12.58 78.78
N ASP C 87 105.02 12.09 79.25
CA ASP C 87 105.75 12.73 80.33
C ASP C 87 107.20 12.29 80.27
N PRO C 88 108.16 13.19 80.53
CA PRO C 88 109.57 12.76 80.48
C PRO C 88 109.91 11.71 81.52
N MET C 89 109.61 11.98 82.79
CA MET C 89 109.87 11.03 83.87
C MET C 89 108.53 10.63 84.49
N THR C 90 107.87 9.65 83.88
CA THR C 90 106.64 9.11 84.43
C THR C 90 106.87 8.30 85.70
N TRP C 91 108.13 7.89 85.95
CA TRP C 91 108.41 7.03 87.08
C TRP C 91 108.23 7.74 88.41
N LEU C 92 108.40 9.06 88.44
CA LEU C 92 108.22 9.79 89.69
C LEU C 92 106.76 9.82 90.10
N ARG C 93 105.88 10.21 89.18
CA ARG C 93 104.46 10.34 89.46
C ARG C 93 103.69 10.12 88.17
N PRO C 94 102.41 9.73 88.26
CA PRO C 94 101.62 9.52 87.04
C PRO C 94 101.36 10.78 86.26
N THR C 95 100.66 10.67 85.13
CA THR C 95 100.40 11.79 84.25
C THR C 95 98.96 11.73 83.76
N VAL C 96 98.31 12.90 83.68
CA VAL C 96 96.94 13.00 83.21
C VAL C 96 96.87 14.03 82.10
N GLY C 97 95.76 14.00 81.36
CA GLY C 97 95.50 14.97 80.32
C GLY C 97 94.86 16.22 80.86
N LEU C 98 94.26 16.99 79.95
CA LEU C 98 93.61 18.23 80.34
C LEU C 98 92.51 18.55 79.33
N LYS C 99 91.31 18.83 79.83
CA LYS C 99 90.18 19.19 78.98
C LYS C 99 90.25 20.68 78.64
N ARG C 100 90.30 21.00 77.36
CA ARG C 100 90.44 22.38 76.90
C ARG C 100 89.06 23.04 76.91
N THR C 101 88.60 23.39 78.10
CA THR C 101 87.31 24.05 78.31
C THR C 101 87.47 25.35 79.08
N PHE C 102 88.52 26.11 78.77
CA PHE C 102 88.82 27.36 79.44
C PHE C 102 88.61 28.53 78.49
N ASN C 103 88.93 29.72 79.00
CA ASN C 103 88.97 30.94 78.21
C ASN C 103 90.40 31.46 78.14
N PRO C 104 90.92 31.73 76.94
CA PRO C 104 92.32 32.16 76.83
C PRO C 104 92.60 33.55 77.37
N ARG C 105 91.58 34.32 77.73
CA ARG C 105 91.81 35.66 78.27
C ARG C 105 92.50 35.57 79.62
N ILE C 106 93.57 36.35 79.78
CA ILE C 106 94.38 36.34 81.00
C ILE C 106 94.21 37.62 81.79
N ILE C 107 94.52 38.76 81.19
CA ILE C 107 94.38 40.05 81.86
C ILE C 107 94.24 41.16 80.83
N ILE D 19 22.04 -73.51 160.11
CA ILE D 19 22.06 -74.04 158.76
C ILE D 19 20.65 -74.52 158.39
N ALA D 20 19.79 -73.56 158.07
CA ALA D 20 18.40 -73.80 157.74
C ALA D 20 18.09 -73.31 156.33
N GLY D 21 16.81 -73.29 155.98
CA GLY D 21 16.36 -72.87 154.67
C GLY D 21 16.44 -73.96 153.61
N LEU D 22 17.43 -74.85 153.74
CA LEU D 22 17.56 -75.94 152.80
C LEU D 22 16.46 -76.98 152.99
N PHE D 23 15.84 -77.00 154.18
CA PHE D 23 14.73 -77.88 154.48
C PHE D 23 13.62 -77.07 155.14
N ASN D 24 12.53 -77.75 155.49
CA ASN D 24 11.36 -77.14 156.12
C ASN D 24 11.39 -77.43 157.61
N ILE D 25 11.28 -76.38 158.42
CA ILE D 25 11.22 -76.54 159.87
C ILE D 25 9.97 -77.27 160.35
N PRO D 26 8.79 -77.10 159.76
CA PRO D 26 7.64 -77.91 160.25
C PRO D 26 7.89 -79.40 160.06
N ALA D 27 8.27 -79.80 158.86
CA ALA D 27 8.57 -81.20 158.54
C ALA D 27 7.42 -82.10 158.98
N GLY D 28 6.26 -81.87 158.38
CA GLY D 28 5.06 -82.58 158.76
C GLY D 28 5.08 -84.03 158.34
N ILE D 29 5.96 -84.81 158.95
CA ILE D 29 6.11 -86.23 158.67
C ILE D 29 6.17 -86.98 159.98
N ILE D 30 6.00 -88.29 159.90
CA ILE D 30 6.05 -89.13 161.11
C ILE D 30 7.44 -89.04 161.71
N PRO D 31 7.57 -88.88 163.03
CA PRO D 31 8.91 -88.78 163.62
C PRO D 31 9.66 -90.10 163.55
N THR D 32 10.98 -89.99 163.40
CA THR D 32 11.91 -91.12 163.41
C THR D 32 12.08 -91.73 164.79
N GLY D 33 11.30 -91.24 165.76
CA GLY D 33 11.38 -91.70 167.13
C GLY D 33 11.14 -90.55 168.09
N ASN D 34 10.23 -90.74 169.04
CA ASN D 34 9.88 -89.67 169.96
C ASN D 34 11.02 -89.41 170.93
N VAL D 35 11.26 -88.13 171.22
CA VAL D 35 12.32 -87.73 172.14
C VAL D 35 11.81 -87.87 173.56
N LEU D 36 12.03 -89.04 174.17
CA LEU D 36 11.55 -89.33 175.51
C LEU D 36 12.51 -88.83 176.57
N SER D 37 12.34 -89.33 177.80
CA SER D 37 13.22 -89.09 178.94
C SER D 37 13.28 -87.64 179.36
N THR D 38 12.13 -87.07 179.73
CA THR D 38 12.06 -85.90 180.61
C THR D 38 12.94 -84.75 180.15
N ILE D 39 12.60 -84.11 179.04
CA ILE D 39 13.28 -82.92 178.56
C ILE D 39 12.34 -81.73 178.80
N GLU D 40 12.68 -80.88 179.77
CA GLU D 40 11.87 -79.70 180.08
C GLU D 40 12.60 -78.39 179.87
N VAL D 41 13.86 -78.29 180.29
CA VAL D 41 14.57 -77.02 180.21
C VAL D 41 14.92 -76.73 178.75
N CYS D 42 14.62 -75.51 178.30
CA CYS D 42 15.04 -75.07 176.97
C CYS D 42 15.20 -73.55 177.01
N ALA D 43 16.42 -73.11 177.32
CA ALA D 43 16.74 -71.68 177.32
C ALA D 43 18.10 -71.37 176.70
N HIS D 44 18.84 -72.38 176.24
CA HIS D 44 20.19 -72.21 175.70
C HIS D 44 20.10 -71.73 174.27
N ARG D 45 20.52 -70.49 174.04
CA ARG D 45 20.82 -70.02 172.69
C ARG D 45 22.18 -70.52 172.20
N CYS D 46 22.91 -71.24 173.04
CA CYS D 46 24.18 -71.86 172.68
C CYS D 46 23.93 -73.15 171.88
N ILE D 47 24.90 -74.06 171.89
CA ILE D 47 25.02 -75.17 170.95
C ILE D 47 23.68 -75.85 170.66
N PHE D 48 23.34 -75.83 169.36
CA PHE D 48 22.08 -76.31 168.78
C PHE D 48 22.22 -76.21 167.27
N ASP D 49 21.12 -76.40 166.55
CA ASP D 49 21.01 -76.02 165.15
C ASP D 49 19.99 -74.90 165.16
N PHE D 50 19.52 -74.52 163.97
CA PHE D 50 18.42 -73.56 163.84
C PHE D 50 17.40 -73.74 164.94
N PHE D 51 17.07 -72.65 165.62
CA PHE D 51 16.19 -72.71 166.79
C PHE D 51 15.12 -71.65 166.65
N LYS D 52 13.91 -72.07 166.25
CA LYS D 52 12.79 -71.17 166.08
C LYS D 52 11.85 -71.30 167.27
N GLN D 53 11.42 -70.16 167.80
CA GLN D 53 10.51 -70.12 168.94
C GLN D 53 9.35 -69.21 168.58
N ILE D 54 8.14 -69.75 168.69
CA ILE D 54 6.91 -69.01 168.40
C ILE D 54 6.15 -68.85 169.70
N ARG D 55 5.61 -67.65 169.93
CA ARG D 55 4.90 -67.37 171.17
C ARG D 55 3.71 -68.30 171.30
N SER D 56 2.70 -68.11 170.45
CA SER D 56 1.59 -69.06 170.35
C SER D 56 1.49 -69.70 168.98
N ASP D 57 1.35 -68.89 167.93
CA ASP D 57 1.19 -69.34 166.55
C ASP D 57 1.34 -68.14 165.63
N ASP D 58 2.22 -68.20 164.64
CA ASP D 58 2.37 -67.10 163.71
C ASP D 58 2.20 -67.58 162.28
N ASN D 59 2.33 -66.64 161.34
CA ASN D 59 2.05 -66.90 159.94
C ASN D 59 3.28 -67.37 159.16
N SER D 60 4.33 -67.82 159.85
CA SER D 60 5.53 -68.30 159.19
C SER D 60 5.59 -69.82 159.10
N LEU D 61 4.45 -70.49 159.29
CA LEU D 61 4.36 -71.93 159.06
C LEU D 61 3.49 -72.29 157.86
N TYR D 62 2.89 -71.30 157.19
CA TYR D 62 1.97 -71.54 156.10
C TYR D 62 2.44 -70.86 154.82
N SER D 63 3.73 -70.93 154.54
CA SER D 63 4.33 -70.33 153.36
C SER D 63 5.16 -71.42 152.67
N ALA D 64 4.53 -72.17 151.77
CA ALA D 64 5.20 -73.22 151.04
C ALA D 64 5.78 -72.66 149.75
N GLN D 65 7.10 -72.74 149.62
CA GLN D 65 7.81 -72.24 148.44
C GLN D 65 8.54 -73.39 147.78
N PHE D 66 8.79 -73.25 146.48
CA PHE D 66 9.50 -74.27 145.72
C PHE D 66 9.93 -73.70 144.40
N ASP D 67 11.07 -74.17 143.90
CA ASP D 67 11.53 -73.85 142.56
C ASP D 67 11.25 -75.02 141.62
N ILE D 68 10.97 -74.69 140.36
CA ILE D 68 10.55 -75.70 139.39
C ILE D 68 11.32 -75.48 138.09
N LEU D 69 11.86 -76.58 137.55
CA LEU D 69 12.46 -76.57 136.24
C LEU D 69 11.40 -76.80 135.18
N LEU D 70 11.55 -76.11 134.05
CA LEU D 70 10.56 -76.16 132.97
C LEU D 70 11.00 -77.03 131.82
N GLY D 71 12.02 -77.86 132.01
CA GLY D 71 12.49 -78.77 130.99
C GLY D 71 13.88 -78.42 130.50
N THR D 72 14.36 -79.21 129.55
CA THR D 72 15.65 -79.01 128.91
C THR D 72 15.51 -79.30 127.43
N TYR D 73 16.18 -78.51 126.60
CA TYR D 73 16.23 -78.75 125.16
C TYR D 73 17.68 -78.78 124.72
N CYS D 74 18.07 -79.83 124.01
CA CYS D 74 19.39 -79.98 123.43
C CYS D 74 19.29 -80.06 121.92
N ASN D 75 20.43 -80.00 121.25
CA ASN D 75 20.50 -80.09 119.80
C ASN D 75 21.35 -81.27 119.40
N THR D 76 21.19 -81.69 118.14
CA THR D 76 21.94 -82.80 117.58
C THR D 76 22.47 -82.40 116.22
N LEU D 77 23.78 -82.31 116.09
CA LEU D 77 24.38 -81.91 114.83
C LEU D 77 24.26 -83.02 113.80
N ASN D 78 24.41 -82.64 112.54
CA ASN D 78 24.37 -83.58 111.42
C ASN D 78 25.78 -83.88 110.94
N PHE D 79 25.88 -84.90 110.09
CA PHE D 79 27.16 -85.32 109.53
C PHE D 79 27.17 -85.04 108.04
N VAL D 80 28.35 -84.76 107.51
CA VAL D 80 28.55 -84.48 106.09
C VAL D 80 29.60 -85.44 105.56
N ARG D 81 29.42 -85.88 104.31
CA ARG D 81 30.37 -86.77 103.66
C ARG D 81 31.12 -85.98 102.58
N PHE D 82 32.08 -86.62 101.94
CA PHE D 82 32.85 -85.97 100.89
C PHE D 82 32.29 -86.24 99.50
N LEU D 83 31.57 -87.34 99.30
CA LEU D 83 31.01 -87.66 98.00
C LEU D 83 29.66 -87.03 97.75
N GLU D 84 28.91 -86.68 98.80
CA GLU D 84 27.64 -86.00 98.62
C GLU D 84 27.81 -84.55 98.21
N LEU D 85 29.00 -84.00 98.34
CA LEU D 85 29.27 -82.63 97.93
C LEU D 85 29.61 -82.58 96.45
N GLY D 86 29.30 -81.45 95.83
CA GLY D 86 29.63 -81.25 94.43
C GLY D 86 31.10 -81.10 94.15
N LEU D 87 31.91 -80.84 95.17
CA LEU D 87 33.34 -80.70 94.99
C LEU D 87 34.03 -82.02 94.61
N SER D 88 33.35 -83.15 94.79
CA SER D 88 33.95 -84.44 94.47
C SER D 88 34.20 -84.63 92.98
N VAL D 89 33.59 -83.79 92.13
CA VAL D 89 33.75 -83.92 90.68
C VAL D 89 34.90 -83.02 90.25
N ALA D 90 35.71 -82.59 91.21
CA ALA D 90 36.91 -81.82 90.92
C ALA D 90 38.18 -82.64 90.97
N CYS D 91 38.12 -83.87 91.49
CA CYS D 91 39.29 -84.73 91.56
C CYS D 91 38.83 -86.18 91.54
N ILE D 92 39.78 -87.10 91.52
CA ILE D 92 39.51 -88.52 91.57
C ILE D 92 40.22 -89.08 92.80
N CYS D 93 39.46 -89.32 93.87
CA CYS D 93 40.04 -89.79 95.11
C CYS D 93 40.36 -91.28 95.02
N THR D 94 41.41 -91.68 95.74
CA THR D 94 41.78 -93.08 95.84
C THR D 94 42.52 -93.30 97.15
N LYS D 95 42.57 -94.55 97.58
CA LYS D 95 43.13 -94.93 98.86
C LYS D 95 44.39 -95.76 98.64
N PHE D 96 45.46 -95.43 99.36
CA PHE D 96 46.75 -96.09 99.22
C PHE D 96 47.29 -96.38 100.61
N PRO D 97 47.13 -97.61 101.10
CA PRO D 97 47.53 -97.90 102.49
C PRO D 97 49.03 -97.87 102.70
N GLU D 98 49.82 -98.39 101.75
CA GLU D 98 51.27 -98.48 101.93
C GLU D 98 51.96 -97.21 101.43
N LEU D 99 51.44 -96.07 101.88
CA LEU D 99 51.93 -94.76 101.46
C LEU D 99 53.08 -94.26 102.31
N ALA D 100 53.21 -94.74 103.56
CA ALA D 100 54.24 -94.22 104.44
C ALA D 100 55.64 -94.48 103.89
N TYR D 101 55.77 -95.47 103.01
CA TYR D 101 57.08 -95.80 102.46
C TYR D 101 57.11 -95.58 100.95
N VAL D 102 56.41 -94.54 100.48
CA VAL D 102 56.28 -94.35 99.04
C VAL D 102 57.57 -93.82 98.43
N ARG D 103 58.27 -92.94 99.14
CA ARG D 103 59.58 -92.43 98.69
C ARG D 103 59.53 -91.89 97.27
N ASP D 104 58.79 -90.81 97.06
CA ASP D 104 58.78 -90.08 95.79
C ASP D 104 58.30 -90.92 94.60
N GLY D 105 57.02 -91.28 94.59
CA GLY D 105 56.42 -91.81 93.39
C GLY D 105 56.43 -90.81 92.25
N VAL D 106 56.16 -91.31 91.05
CA VAL D 106 56.31 -90.49 89.85
C VAL D 106 55.29 -90.91 88.79
N ILE D 107 54.94 -89.96 87.92
CA ILE D 107 53.99 -90.17 86.82
C ILE D 107 54.55 -89.43 85.60
N GLN D 108 54.16 -89.90 84.42
CA GLN D 108 54.71 -89.34 83.18
C GLN D 108 53.65 -89.28 82.10
N PHE D 109 53.94 -88.46 81.09
CA PHE D 109 53.03 -88.17 79.97
C PHE D 109 53.74 -88.45 78.65
N GLU D 110 52.98 -88.42 77.56
CA GLU D 110 53.53 -88.52 76.22
C GLU D 110 52.54 -88.02 75.18
N VAL D 111 52.88 -86.94 74.48
CA VAL D 111 52.02 -86.34 73.48
C VAL D 111 52.81 -86.10 72.20
N GLN D 112 52.10 -86.01 71.08
CA GLN D 112 52.68 -85.70 69.79
C GLN D 112 51.73 -84.78 69.04
N GLN D 113 52.28 -83.86 68.27
CA GLN D 113 51.46 -82.88 67.58
C GLN D 113 51.50 -83.09 66.08
N PRO D 114 50.44 -82.72 65.36
CA PRO D 114 50.41 -82.92 63.92
C PRO D 114 51.25 -81.89 63.17
N MET D 115 51.22 -81.93 61.84
CA MET D 115 52.01 -81.02 61.03
C MET D 115 51.28 -80.74 59.72
N ILE D 116 51.68 -79.67 59.05
CA ILE D 116 51.04 -79.20 57.84
C ILE D 116 52.03 -79.31 56.69
N ALA D 117 51.52 -79.61 55.50
CA ALA D 117 52.36 -79.78 54.30
C ALA D 117 52.26 -78.51 53.47
N ARG D 118 53.32 -77.71 53.50
CA ARG D 118 53.43 -76.54 52.65
C ARG D 118 54.78 -76.55 51.95
N ASP D 119 54.82 -75.89 50.79
CA ASP D 119 56.04 -75.86 49.98
C ASP D 119 56.30 -74.43 49.54
N GLY D 120 57.54 -73.98 49.71
CA GLY D 120 57.92 -72.64 49.33
C GLY D 120 59.38 -72.37 49.63
N PRO D 121 59.71 -71.11 49.89
CA PRO D 121 61.11 -70.72 50.14
C PRO D 121 61.50 -70.86 51.61
N HIS D 122 61.30 -72.05 52.16
CA HIS D 122 61.65 -72.29 53.54
C HIS D 122 61.87 -73.78 53.79
N PRO D 123 62.61 -74.16 54.83
CA PRO D 123 62.84 -75.59 55.09
C PRO D 123 61.54 -76.32 55.40
N VAL D 124 61.59 -77.65 55.22
CA VAL D 124 60.43 -78.51 55.47
C VAL D 124 60.32 -78.77 56.96
N ASP D 125 59.18 -79.29 57.39
CA ASP D 125 58.92 -79.52 58.81
C ASP D 125 59.40 -80.91 59.21
N GLN D 126 59.00 -81.34 60.40
CA GLN D 126 59.32 -82.67 60.90
C GLN D 126 58.39 -82.98 62.07
N PRO D 127 57.78 -84.16 62.10
CA PRO D 127 56.90 -84.50 63.23
C PRO D 127 57.68 -84.61 64.53
N VAL D 128 57.23 -83.87 65.53
CA VAL D 128 57.92 -83.76 66.81
C VAL D 128 57.09 -84.43 67.89
N HIS D 129 57.77 -85.09 68.83
CA HIS D 129 57.14 -85.74 69.96
C HIS D 129 57.59 -85.06 71.25
N ASN D 130 56.80 -85.23 72.30
CA ASN D 130 57.06 -84.60 73.57
C ASN D 130 56.99 -85.62 74.71
N TYR D 131 57.68 -85.32 75.80
CA TYR D 131 57.69 -86.17 76.98
C TYR D 131 57.78 -85.30 78.22
N MET D 132 56.88 -85.55 79.17
CA MET D 132 56.86 -84.83 80.43
C MET D 132 56.93 -85.83 81.58
N VAL D 133 56.98 -85.29 82.80
CA VAL D 133 57.06 -86.10 84.00
C VAL D 133 56.65 -85.23 85.18
N LYS D 134 56.06 -85.85 86.20
CA LYS D 134 55.55 -85.11 87.34
C LYS D 134 55.73 -85.91 88.60
N ARG D 135 55.92 -85.21 89.71
CA ARG D 135 56.15 -85.81 91.02
C ARG D 135 54.88 -85.74 91.86
N ILE D 136 55.01 -86.12 93.13
CA ILE D 136 53.90 -86.11 94.07
C ILE D 136 54.24 -85.16 95.21
N HIS D 137 53.22 -84.81 95.99
CA HIS D 137 53.38 -84.00 97.17
C HIS D 137 52.56 -84.60 98.29
N LYS D 138 53.10 -84.65 99.49
CA LYS D 138 52.47 -85.30 100.62
C LYS D 138 52.11 -84.30 101.70
N ARG D 139 50.95 -84.50 102.32
CA ARG D 139 50.48 -83.67 103.42
C ARG D 139 49.52 -84.50 104.25
N SER D 140 49.47 -84.22 105.55
CA SER D 140 48.68 -85.01 106.48
C SER D 140 47.60 -84.15 107.14
N LEU D 141 46.78 -84.80 107.96
CA LEU D 141 45.74 -84.16 108.72
C LEU D 141 45.77 -84.67 110.15
N SER D 142 45.30 -83.85 111.09
CA SER D 142 45.38 -84.20 112.51
C SER D 142 44.18 -83.62 113.25
N ALA D 143 43.83 -84.30 114.34
CA ALA D 143 42.75 -83.87 115.22
C ALA D 143 43.00 -84.44 116.60
N ALA D 144 42.45 -83.79 117.61
CA ALA D 144 42.70 -84.14 119.00
C ALA D 144 41.47 -84.80 119.62
N PHE D 145 41.69 -85.39 120.80
CA PHE D 145 40.62 -86.10 121.51
C PHE D 145 41.06 -86.22 122.96
N ALA D 146 40.33 -85.59 123.87
CA ALA D 146 40.70 -85.53 125.27
C ALA D 146 39.74 -86.38 126.11
N ILE D 147 40.23 -86.79 127.28
CA ILE D 147 39.45 -87.58 128.22
C ILE D 147 39.87 -87.20 129.63
N ALA D 148 38.91 -87.05 130.53
CA ALA D 148 39.21 -86.61 131.88
C ALA D 148 39.82 -87.76 132.69
N SER D 149 40.29 -87.41 133.90
CA SER D 149 40.97 -88.38 134.75
C SER D 149 39.98 -89.27 135.48
N GLU D 150 38.98 -88.67 136.13
CA GLU D 150 37.98 -89.45 136.84
C GLU D 150 37.23 -90.39 135.91
N ALA D 151 37.09 -90.00 134.64
CA ALA D 151 36.40 -90.85 133.68
C ALA D 151 37.15 -92.16 133.46
N LEU D 152 38.45 -92.07 133.16
CA LEU D 152 39.22 -93.28 132.92
C LEU D 152 39.33 -94.14 134.17
N SER D 153 39.38 -93.51 135.35
CA SER D 153 39.39 -94.26 136.59
C SER D 153 38.11 -95.07 136.76
N LEU D 154 36.98 -94.54 136.28
CA LEU D 154 35.72 -95.27 136.37
C LEU D 154 35.66 -96.45 135.42
N LEU D 155 36.52 -96.48 134.40
CA LEU D 155 36.53 -97.58 133.44
C LEU D 155 37.58 -98.63 133.74
N SER D 156 38.66 -98.26 134.44
CA SER D 156 39.71 -99.20 134.79
C SER D 156 39.42 -99.98 136.06
N ASN D 157 38.17 -99.99 136.53
CA ASN D 157 37.84 -100.73 137.74
C ASN D 157 37.82 -102.23 137.49
N THR D 158 37.36 -102.64 136.31
CA THR D 158 37.34 -104.04 135.89
C THR D 158 36.57 -104.91 136.89
N TYR D 159 35.28 -104.60 137.03
CA TYR D 159 34.33 -105.40 137.80
C TYR D 159 34.78 -105.53 139.26
N VAL D 160 34.95 -104.38 139.91
CA VAL D 160 35.27 -104.32 141.33
C VAL D 160 34.25 -103.39 141.98
N ASP D 161 33.11 -103.23 141.31
CA ASP D 161 32.10 -102.23 141.65
C ASP D 161 30.75 -102.91 141.67
N GLY D 162 29.68 -102.12 141.68
CA GLY D 162 28.34 -102.65 141.68
C GLY D 162 27.33 -101.84 142.47
N THR D 163 27.80 -100.77 143.12
CA THR D 163 26.89 -99.88 143.82
C THR D 163 26.11 -99.03 142.82
N GLU D 164 25.20 -98.20 143.34
CA GLU D 164 24.21 -97.53 142.51
C GLU D 164 24.68 -96.19 141.96
N ILE D 165 25.26 -95.34 142.80
CA ILE D 165 25.50 -93.95 142.40
C ILE D 165 26.54 -93.87 141.29
N ASP D 166 27.58 -94.70 141.37
CA ASP D 166 28.61 -94.68 140.35
C ASP D 166 28.14 -95.29 139.04
N SER D 167 27.16 -96.18 139.08
CA SER D 167 26.62 -96.76 137.86
C SER D 167 26.12 -95.68 136.91
N SER D 168 25.55 -94.61 137.46
CA SER D 168 25.16 -93.46 136.66
C SER D 168 26.35 -92.61 136.24
N LEU D 169 27.38 -92.52 137.08
CA LEU D 169 28.56 -91.76 136.70
C LEU D 169 29.38 -92.50 135.64
N ARG D 170 29.32 -93.82 135.63
CA ARG D 170 30.06 -94.57 134.63
C ARG D 170 29.41 -94.45 133.26
N ILE D 171 28.08 -94.54 133.20
CA ILE D 171 27.41 -94.48 131.89
C ILE D 171 27.50 -93.09 131.30
N ARG D 172 27.52 -92.05 132.15
CA ARG D 172 27.67 -90.70 131.62
C ARG D 172 29.08 -90.43 131.15
N ALA D 173 30.06 -91.19 131.64
CA ALA D 173 31.43 -91.05 131.13
C ALA D 173 31.58 -91.75 129.79
N ILE D 174 30.93 -92.90 129.62
CA ILE D 174 30.99 -93.60 128.34
C ILE D 174 30.28 -92.80 127.26
N GLN D 175 29.13 -92.22 127.60
CA GLN D 175 28.41 -91.40 126.63
C GLN D 175 29.22 -90.19 126.19
N GLN D 176 30.02 -89.62 127.10
CA GLN D 176 30.84 -88.48 126.74
C GLN D 176 31.89 -88.86 125.70
N MET D 177 32.47 -90.04 125.82
CA MET D 177 33.44 -90.49 124.83
C MET D 177 32.77 -90.73 123.48
N ALA D 178 31.57 -91.31 123.49
CA ALA D 178 30.86 -91.55 122.25
C ALA D 178 30.46 -90.24 121.59
N ARG D 179 30.01 -89.25 122.36
CA ARG D 179 29.64 -87.97 121.80
C ARG D 179 30.85 -87.22 121.25
N ASN D 180 32.03 -87.46 121.82
CA ASN D 180 33.24 -86.79 121.35
C ASN D 180 33.87 -87.52 120.17
N LEU D 181 34.04 -88.84 120.27
CA LEU D 181 34.67 -89.59 119.20
C LEU D 181 33.89 -89.52 117.90
N ARG D 182 32.55 -89.40 118.00
CA ARG D 182 31.74 -89.33 116.80
C ARG D 182 32.03 -88.08 116.00
N THR D 183 32.37 -86.97 116.67
CA THR D 183 32.71 -85.74 115.97
C THR D 183 34.15 -85.71 115.50
N VAL D 184 35.06 -86.36 116.23
CA VAL D 184 36.45 -86.38 115.80
C VAL D 184 36.62 -87.16 114.51
N LEU D 185 35.94 -88.31 114.40
CA LEU D 185 36.02 -89.09 113.17
C LEU D 185 35.37 -88.36 112.01
N ASP D 186 34.21 -87.74 112.24
CA ASP D 186 33.59 -86.91 111.22
C ASP D 186 34.47 -85.74 110.83
N SER D 187 35.31 -85.27 111.74
CA SER D 187 36.11 -84.08 111.46
C SER D 187 37.11 -84.33 110.34
N PHE D 188 37.64 -85.55 110.26
CA PHE D 188 38.53 -85.91 109.15
C PHE D 188 37.78 -85.93 107.82
N GLU D 189 36.50 -86.26 107.83
CA GLU D 189 35.72 -86.24 106.60
C GLU D 189 35.43 -84.80 106.16
N ARG D 190 35.11 -83.93 107.12
CA ARG D 190 34.91 -82.52 106.81
C ARG D 190 36.22 -81.84 106.45
N GLY D 191 37.34 -82.32 107.00
CA GLY D 191 38.62 -81.70 106.71
C GLY D 191 39.17 -82.03 105.34
N THR D 192 38.74 -83.15 104.74
CA THR D 192 39.18 -83.47 103.39
C THR D 192 38.74 -82.40 102.40
N ALA D 193 37.51 -81.91 102.55
CA ALA D 193 37.05 -80.82 101.70
C ALA D 193 37.83 -79.53 101.93
N ASP D 194 38.62 -79.45 102.99
CA ASP D 194 39.44 -78.28 103.23
C ASP D 194 40.85 -78.43 102.66
N GLN D 195 41.33 -79.65 102.47
CA GLN D 195 42.57 -79.84 101.74
C GLN D 195 42.43 -79.33 100.32
N LEU D 196 41.50 -79.90 99.56
CA LEU D 196 41.02 -79.22 98.36
C LEU D 196 40.35 -77.91 98.78
N LEU D 197 40.09 -77.05 97.79
CA LEU D 197 39.57 -75.71 98.06
C LEU D 197 40.50 -74.98 99.03
N GLY D 198 41.71 -74.75 98.55
CA GLY D 198 42.80 -74.32 99.39
C GLY D 198 44.09 -74.94 98.90
N VAL D 199 43.96 -75.94 98.03
CA VAL D 199 45.08 -76.40 97.22
C VAL D 199 44.91 -76.01 95.76
N LEU D 200 43.68 -75.83 95.29
CA LEU D 200 43.44 -75.30 93.96
C LEU D 200 43.60 -73.79 93.90
N LEU D 201 43.51 -73.11 95.04
CA LEU D 201 43.63 -71.66 95.04
C LEU D 201 45.01 -71.20 94.61
N GLU D 202 46.05 -71.82 95.17
CA GLU D 202 47.41 -71.53 94.72
C GLU D 202 47.81 -72.43 93.57
N LYS D 203 46.91 -72.54 92.60
CA LYS D 203 47.14 -73.32 91.40
C LYS D 203 46.54 -72.59 90.21
N ALA D 204 45.86 -71.48 90.48
CA ALA D 204 45.06 -70.78 89.49
C ALA D 204 45.54 -69.35 89.33
N PRO D 205 45.91 -68.92 88.13
CA PRO D 205 46.23 -67.52 87.91
C PRO D 205 44.96 -66.69 87.81
N PRO D 206 45.05 -65.38 87.99
CA PRO D 206 43.85 -64.54 87.87
C PRO D 206 43.25 -64.62 86.47
N LEU D 207 41.93 -64.45 86.42
CA LEU D 207 41.23 -64.56 85.13
C LEU D 207 41.65 -63.45 84.18
N SER D 208 41.83 -62.23 84.70
CA SER D 208 42.17 -61.11 83.83
C SER D 208 43.47 -61.31 83.09
N LEU D 209 44.33 -62.22 83.57
CA LEU D 209 45.58 -62.52 82.87
C LEU D 209 45.44 -63.71 81.93
N LEU D 210 44.74 -64.76 82.37
CA LEU D 210 44.67 -65.98 81.58
C LEU D 210 43.79 -65.84 80.35
N SER D 211 42.80 -64.94 80.39
CA SER D 211 41.89 -64.82 79.25
C SER D 211 42.58 -64.29 78.00
N PRO D 212 43.29 -63.15 78.04
CA PRO D 212 43.91 -62.67 76.80
C PRO D 212 45.10 -63.50 76.35
N ILE D 213 45.90 -64.02 77.28
CA ILE D 213 47.06 -64.80 76.89
C ILE D 213 46.63 -66.07 76.16
N ASN D 214 45.48 -66.63 76.54
CA ASN D 214 44.94 -67.76 75.79
C ASN D 214 44.33 -67.34 74.47
N LYS D 215 43.97 -66.07 74.32
CA LYS D 215 43.40 -65.60 73.07
C LYS D 215 44.48 -65.39 72.02
N PHE D 216 45.63 -64.84 72.42
CA PHE D 216 46.72 -64.56 71.49
C PHE D 216 47.68 -65.74 71.53
N GLN D 217 47.34 -66.80 70.82
CA GLN D 217 48.13 -68.03 70.80
C GLN D 217 48.38 -68.46 69.36
N PRO D 218 49.15 -67.68 68.59
CA PRO D 218 49.41 -68.07 67.20
C PRO D 218 50.37 -69.25 67.10
N GLU D 219 51.46 -69.20 67.86
CA GLU D 219 52.44 -70.28 67.85
C GLU D 219 53.02 -70.57 69.23
N GLY D 220 52.48 -69.96 70.29
CA GLY D 220 53.01 -70.17 71.62
C GLY D 220 54.05 -69.14 72.01
N HIS D 221 55.16 -69.10 71.29
CA HIS D 221 56.22 -68.13 71.53
C HIS D 221 56.00 -66.90 70.67
N LEU D 222 56.33 -65.74 71.23
CA LEU D 222 56.15 -64.48 70.54
C LEU D 222 57.48 -63.73 70.48
N ASN D 223 57.64 -62.93 69.42
CA ASN D 223 58.82 -62.10 69.29
C ASN D 223 58.73 -60.90 70.24
N ARG D 224 59.74 -60.04 70.18
CA ARG D 224 59.79 -58.90 71.07
C ARG D 224 58.62 -57.95 70.82
N VAL D 225 58.27 -57.72 69.56
CA VAL D 225 57.24 -56.75 69.23
C VAL D 225 55.86 -57.26 69.64
N ALA D 226 55.50 -58.46 69.19
CA ALA D 226 54.18 -59.00 69.51
C ALA D 226 54.00 -59.17 71.01
N ARG D 227 55.10 -59.38 71.74
CA ARG D 227 55.00 -59.49 73.20
C ARG D 227 54.69 -58.14 73.83
N ALA D 228 55.51 -57.13 73.53
CA ALA D 228 55.33 -55.83 74.15
C ALA D 228 53.95 -55.25 73.86
N ALA D 229 53.41 -55.53 72.67
CA ALA D 229 52.05 -55.10 72.38
C ALA D 229 51.04 -55.81 73.27
N LEU D 230 51.30 -57.08 73.59
CA LEU D 230 50.39 -57.83 74.44
C LEU D 230 50.47 -57.37 75.89
N LEU D 231 51.67 -57.00 76.35
CA LEU D 231 51.81 -56.56 77.73
C LEU D 231 51.03 -55.28 78.01
N SER D 232 50.99 -54.36 77.05
CA SER D 232 50.19 -53.16 77.22
C SER D 232 48.71 -53.49 77.32
N ASP D 233 48.29 -54.58 76.65
CA ASP D 233 46.89 -55.01 76.75
C ASP D 233 46.59 -55.50 78.16
N LEU D 234 47.52 -56.22 78.77
CA LEU D 234 47.29 -56.76 80.11
C LEU D 234 47.14 -55.65 81.13
N LYS D 235 47.93 -54.58 80.99
CA LYS D 235 47.87 -53.50 81.97
C LYS D 235 46.50 -52.83 81.94
N ARG D 236 45.95 -52.58 80.76
CA ARG D 236 44.61 -52.00 80.68
C ARG D 236 43.56 -52.95 81.23
N ARG D 237 43.74 -54.26 81.03
CA ARG D 237 42.73 -55.22 81.41
C ARG D 237 42.63 -55.33 82.93
N VAL D 238 43.76 -55.51 83.60
CA VAL D 238 43.74 -55.65 85.06
C VAL D 238 43.26 -54.37 85.72
N CYS D 239 43.64 -53.21 85.19
CA CYS D 239 43.30 -51.95 85.82
C CYS D 239 41.80 -51.70 85.84
N ALA D 240 41.09 -52.16 84.82
CA ALA D 240 39.65 -51.90 84.71
C ALA D 240 38.79 -53.08 85.14
N ASP D 241 39.25 -54.30 84.94
CA ASP D 241 38.47 -55.50 85.25
C ASP D 241 38.80 -56.02 86.64
N MET D 242 38.65 -55.14 87.63
CA MET D 242 38.96 -55.50 89.01
C MET D 242 37.78 -56.17 89.69
N PHE D 243 36.65 -55.46 89.79
CA PHE D 243 35.43 -55.98 90.39
C PHE D 243 34.32 -55.91 89.35
N PHE D 244 33.75 -57.05 89.00
CA PHE D 244 32.65 -57.07 88.05
C PHE D 244 31.31 -56.93 88.75
N MET D 245 31.09 -57.72 89.81
CA MET D 245 29.80 -57.76 90.46
C MET D 245 29.44 -56.45 91.14
N THR D 246 30.41 -55.58 91.41
CA THR D 246 30.14 -54.28 92.00
C THR D 246 30.11 -53.16 90.97
N ARG D 247 31.08 -53.14 90.06
CA ARG D 247 31.09 -52.13 89.01
C ARG D 247 29.88 -52.28 88.10
N HIS D 248 29.79 -53.40 87.41
CA HIS D 248 28.65 -53.66 86.52
C HIS D 248 27.55 -54.42 87.25
N ALA D 249 27.12 -53.89 88.40
CA ALA D 249 26.09 -54.55 89.17
C ALA D 249 24.71 -54.37 88.54
N ARG D 250 24.43 -53.17 88.02
CA ARG D 250 23.13 -52.92 87.41
C ARG D 250 22.96 -53.72 86.12
N GLU D 251 23.94 -53.63 85.23
CA GLU D 251 23.88 -54.34 83.96
C GLU D 251 24.02 -55.84 84.18
N PRO D 252 23.01 -56.65 83.87
CA PRO D 252 23.08 -58.10 84.11
C PRO D 252 23.55 -58.93 82.94
N ARG D 253 24.00 -58.33 81.84
CA ARG D 253 24.47 -59.11 80.70
C ARG D 253 25.98 -59.20 80.61
N LEU D 254 26.70 -58.14 80.99
CA LEU D 254 28.16 -58.22 81.02
C LEU D 254 28.63 -59.31 81.96
N ILE D 255 27.94 -59.50 83.08
CA ILE D 255 28.30 -60.56 84.01
C ILE D 255 28.18 -61.92 83.36
N SER D 256 27.15 -62.12 82.54
CA SER D 256 27.00 -63.39 81.83
C SER D 256 28.12 -63.58 80.83
N ALA D 257 28.66 -62.49 80.27
CA ALA D 257 29.78 -62.63 79.34
C ALA D 257 31.06 -63.04 80.07
N TYR D 258 31.29 -62.45 81.25
CA TYR D 258 32.51 -62.78 82.00
C TYR D 258 32.50 -64.24 82.44
N LEU D 259 31.34 -64.77 82.81
CA LEU D 259 31.28 -66.17 83.20
C LEU D 259 31.51 -67.09 82.02
N SER D 260 30.91 -66.77 80.86
CA SER D 260 31.14 -67.58 79.67
C SER D 260 32.58 -67.50 79.20
N ASP D 261 33.27 -66.40 79.52
CA ASP D 261 34.67 -66.29 79.15
C ASP D 261 35.57 -67.07 80.10
N MET D 262 35.22 -67.07 81.39
CA MET D 262 36.04 -67.78 82.36
C MET D 262 36.00 -69.28 82.15
N VAL D 263 34.80 -69.83 81.88
CA VAL D 263 34.66 -71.27 81.72
C VAL D 263 35.42 -71.75 80.49
N SER D 264 35.19 -71.11 79.35
CA SER D 264 35.89 -71.48 78.13
C SER D 264 37.24 -70.81 78.05
N CYS D 265 38.05 -70.95 79.10
CA CYS D 265 39.37 -70.36 79.13
C CYS D 265 40.41 -71.39 79.54
N THR D 266 39.99 -72.38 80.32
CA THR D 266 40.88 -73.44 80.75
C THR D 266 40.77 -74.64 79.83
N GLN D 267 41.81 -75.47 79.85
CA GLN D 267 41.86 -76.65 79.00
C GLN D 267 41.56 -77.90 79.81
N PRO D 268 40.90 -78.88 79.21
CA PRO D 268 40.54 -80.09 79.97
C PRO D 268 41.75 -80.95 80.31
N SER D 269 41.49 -82.02 81.07
CA SER D 269 42.51 -82.97 81.51
C SER D 269 42.14 -84.33 80.92
N VAL D 270 42.76 -85.38 81.46
CA VAL D 270 42.49 -86.73 80.95
C VAL D 270 41.03 -87.11 81.19
N MET D 271 40.54 -88.04 80.38
CA MET D 271 39.13 -88.44 80.40
C MET D 271 38.93 -89.91 80.70
N VAL D 272 39.90 -90.59 81.32
CA VAL D 272 39.72 -92.01 81.59
C VAL D 272 38.90 -92.18 82.88
N SER D 273 37.76 -92.86 82.76
CA SER D 273 36.83 -93.03 83.87
C SER D 273 35.79 -94.05 83.48
N ARG D 274 35.00 -94.48 84.46
CA ARG D 274 33.88 -95.39 84.26
C ARG D 274 32.55 -94.76 84.64
N ILE D 275 32.43 -94.24 85.87
CA ILE D 275 31.20 -93.61 86.35
C ILE D 275 31.56 -92.23 86.86
N THR D 276 30.90 -91.21 86.31
CA THR D 276 31.13 -89.83 86.69
C THR D 276 29.82 -89.18 87.09
N HIS D 277 29.89 -87.94 87.55
CA HIS D 277 28.70 -87.21 87.95
C HIS D 277 27.88 -86.84 86.72
N THR D 278 26.57 -87.08 86.79
CA THR D 278 25.67 -86.78 85.69
C THR D 278 24.32 -86.37 86.24
N ASN D 279 23.54 -85.72 85.39
CA ASN D 279 22.20 -85.27 85.76
C ASN D 279 21.22 -86.42 85.64
N THR D 280 19.93 -86.13 85.81
CA THR D 280 18.92 -87.17 85.70
C THR D 280 18.78 -87.65 84.27
N ARG D 281 18.93 -86.77 83.28
CA ARG D 281 18.81 -87.17 81.89
C ARG D 281 19.94 -88.10 81.49
N GLY D 282 21.19 -87.71 81.75
CA GLY D 282 22.33 -88.52 81.37
C GLY D 282 23.51 -87.70 80.89
N ARG D 283 23.33 -86.39 80.75
CA ARG D 283 24.42 -85.52 80.34
C ARG D 283 25.49 -85.48 81.43
N GLN D 284 26.74 -85.39 81.00
CA GLN D 284 27.86 -85.36 81.94
C GLN D 284 28.17 -83.94 82.38
N VAL D 285 28.59 -83.79 83.63
CA VAL D 285 29.01 -82.49 84.13
C VAL D 285 30.48 -82.26 83.82
N ASP D 286 30.89 -81.00 83.86
CA ASP D 286 32.23 -80.62 83.42
C ASP D 286 33.09 -80.04 84.52
N GLY D 287 32.61 -79.03 85.24
CA GLY D 287 33.43 -78.37 86.23
C GLY D 287 32.69 -77.95 87.48
N VAL D 288 33.36 -77.19 88.33
CA VAL D 288 32.80 -76.70 89.59
C VAL D 288 32.94 -75.19 89.64
N LEU D 289 31.99 -74.54 90.29
CA LEU D 289 32.03 -73.08 90.49
C LEU D 289 31.76 -72.83 91.97
N VAL D 290 32.80 -72.49 92.71
CA VAL D 290 32.71 -72.28 94.15
C VAL D 290 32.67 -70.77 94.42
N THR D 291 31.58 -70.30 95.01
CA THR D 291 31.43 -68.88 95.30
C THR D 291 30.99 -68.67 96.75
N THR D 292 30.65 -67.42 97.07
CA THR D 292 30.08 -67.08 98.36
C THR D 292 28.56 -67.09 98.26
N ALA D 293 27.90 -67.48 99.36
CA ALA D 293 26.45 -67.54 99.38
C ALA D 293 25.82 -66.22 98.94
N THR D 294 26.43 -65.10 99.30
CA THR D 294 25.91 -63.81 98.84
C THR D 294 26.02 -63.70 97.33
N LEU D 295 27.17 -64.07 96.78
CA LEU D 295 27.35 -64.05 95.34
C LEU D 295 26.47 -65.08 94.65
N LYS D 296 26.27 -66.24 95.29
CA LYS D 296 25.45 -67.29 94.71
C LYS D 296 24.03 -66.79 94.43
N ARG D 297 23.42 -66.16 95.43
CA ARG D 297 22.07 -65.64 95.24
C ARG D 297 22.03 -64.63 94.09
N GLN D 298 23.00 -63.73 94.06
CA GLN D 298 23.03 -62.72 92.99
C GLN D 298 23.14 -63.35 91.61
N LEU D 299 23.80 -64.51 91.50
CA LEU D 299 23.91 -65.18 90.21
C LEU D 299 22.67 -65.98 89.84
N LEU D 300 21.89 -66.41 90.83
CA LEU D 300 20.75 -67.26 90.53
C LEU D 300 19.48 -66.46 90.24
N GLN D 301 19.45 -65.17 90.58
CA GLN D 301 18.22 -64.41 90.42
C GLN D 301 17.87 -64.22 88.94
N GLY D 302 18.73 -63.55 88.20
CA GLY D 302 18.45 -63.29 86.81
C GLY D 302 19.59 -63.54 85.85
N ILE D 303 20.79 -63.76 86.38
CA ILE D 303 21.96 -63.91 85.53
C ILE D 303 22.01 -65.30 84.90
N LEU D 304 22.11 -66.32 85.74
CA LEU D 304 22.17 -67.70 85.29
C LEU D 304 20.81 -68.36 85.37
N GLN D 305 20.68 -69.52 84.73
CA GLN D 305 19.47 -70.32 84.76
C GLN D 305 19.80 -71.72 85.26
N ILE D 306 18.98 -72.22 86.17
CA ILE D 306 19.21 -73.53 86.76
C ILE D 306 18.68 -74.60 85.81
N ASP D 307 19.45 -75.67 85.66
CA ASP D 307 19.07 -76.78 84.78
C ASP D 307 18.49 -77.96 85.53
N ASP D 308 19.02 -78.30 86.70
CA ASP D 308 18.55 -79.45 87.44
C ASP D 308 18.82 -79.24 88.92
N THR D 309 18.03 -79.92 89.75
CA THR D 309 18.17 -79.85 91.19
C THR D 309 18.79 -81.09 91.81
N ALA D 310 18.70 -82.24 91.14
CA ALA D 310 19.28 -83.48 91.63
C ALA D 310 20.23 -84.04 90.59
N ALA D 311 21.17 -84.87 91.05
CA ALA D 311 22.17 -85.47 90.19
C ALA D 311 22.58 -86.83 90.75
N ASP D 312 23.35 -87.56 89.95
CA ASP D 312 23.82 -88.89 90.31
C ASP D 312 25.32 -88.84 90.57
N VAL D 313 25.76 -89.46 91.64
CA VAL D 313 27.13 -89.33 92.11
C VAL D 313 27.64 -90.71 92.51
N PRO D 314 28.88 -91.04 92.17
CA PRO D 314 29.47 -92.30 92.65
C PRO D 314 29.64 -92.29 94.17
N VAL D 315 29.55 -93.48 94.76
CA VAL D 315 29.51 -93.62 96.21
C VAL D 315 30.59 -94.61 96.64
N THR D 316 31.70 -94.65 95.91
CA THR D 316 32.80 -95.56 96.27
C THR D 316 34.13 -94.90 95.94
N TYR D 317 35.05 -94.92 96.89
CA TYR D 317 36.37 -94.33 96.70
C TYR D 317 37.16 -95.04 95.61
N GLY D 318 37.49 -96.30 95.83
CA GLY D 318 38.32 -97.03 94.90
C GLY D 318 39.78 -97.02 95.33
N GLU D 319 40.28 -98.15 95.79
CA GLU D 319 41.63 -98.23 96.33
C GLU D 319 42.48 -99.22 95.54
N MET D 320 43.76 -99.31 95.90
CA MET D 320 44.68 -100.24 95.27
C MET D 320 45.82 -100.54 96.23
N VAL D 321 46.36 -101.75 96.14
CA VAL D 321 47.44 -102.21 97.00
C VAL D 321 48.42 -103.01 96.15
N LEU D 322 49.66 -103.09 96.63
CA LEU D 322 50.71 -103.84 95.95
C LEU D 322 50.85 -105.20 96.61
N GLN D 323 50.99 -106.25 95.78
CA GLN D 323 51.19 -107.60 96.25
C GLN D 323 51.71 -108.44 95.11
N GLY D 324 52.23 -109.62 95.44
CA GLY D 324 52.74 -110.50 94.42
C GLY D 324 54.07 -110.03 93.89
N THR D 325 54.13 -109.78 92.58
CA THR D 325 55.39 -109.35 91.95
C THR D 325 55.83 -108.00 92.48
N ASN D 326 54.88 -107.11 92.74
CA ASN D 326 55.22 -105.81 93.32
C ASN D 326 55.90 -105.97 94.66
N LEU D 327 55.53 -106.99 95.43
CA LEU D 327 56.15 -107.21 96.73
C LEU D 327 57.62 -107.56 96.59
N VAL D 328 57.94 -108.57 95.78
CA VAL D 328 59.31 -109.06 95.72
C VAL D 328 60.24 -108.02 95.12
N THR D 329 59.77 -107.24 94.14
CA THR D 329 60.60 -106.22 93.53
C THR D 329 60.68 -104.95 94.37
N ALA D 330 59.88 -104.84 95.43
CA ALA D 330 59.93 -103.66 96.29
C ALA D 330 61.00 -103.75 97.36
N LEU D 331 61.58 -104.93 97.58
CA LEU D 331 62.57 -105.12 98.62
C LEU D 331 63.97 -105.37 98.08
N VAL D 332 64.12 -106.23 97.07
CA VAL D 332 65.44 -106.53 96.55
C VAL D 332 65.90 -105.46 95.56
N MET D 333 64.97 -104.85 94.83
CA MET D 333 65.30 -103.87 93.82
C MET D 333 65.07 -102.44 94.28
N GLY D 334 63.87 -102.13 94.78
CA GLY D 334 63.57 -100.80 95.25
C GLY D 334 62.71 -100.00 94.29
N LYS D 335 61.96 -100.70 93.44
CA LYS D 335 61.07 -100.06 92.50
C LYS D 335 59.77 -100.84 92.44
N ALA D 336 58.73 -100.21 91.90
CA ALA D 336 57.43 -100.83 91.80
C ALA D 336 56.64 -100.13 90.70
N VAL D 337 55.75 -100.89 90.06
CA VAL D 337 54.91 -100.37 88.99
C VAL D 337 53.46 -100.80 89.26
N ARG D 338 52.51 -99.92 88.98
CA ARG D 338 51.11 -100.28 89.13
C ARG D 338 50.69 -101.26 88.03
N GLY D 339 49.62 -101.99 88.30
CA GLY D 339 49.09 -102.93 87.34
C GLY D 339 49.79 -104.27 87.34
N MET D 340 51.00 -104.31 86.78
CA MET D 340 51.78 -105.55 86.67
C MET D 340 51.02 -106.63 85.91
N ASP D 341 50.27 -106.22 84.88
CA ASP D 341 49.54 -107.15 84.03
C ASP D 341 49.81 -106.89 82.56
N ASP D 342 50.87 -106.14 82.23
CA ASP D 342 51.20 -105.83 80.86
C ASP D 342 51.82 -107.06 80.19
N VAL D 343 51.18 -107.55 79.13
CA VAL D 343 51.70 -108.71 78.42
C VAL D 343 52.64 -108.31 77.29
N ALA D 344 52.41 -107.17 76.65
CA ALA D 344 53.27 -106.71 75.58
C ALA D 344 54.58 -106.17 76.13
N ASN D 377 26.03 -95.19 92.42
CA ASN D 377 25.22 -94.04 92.06
C ASN D 377 24.16 -93.75 93.11
N ALA D 378 23.73 -92.49 93.18
CA ALA D 378 22.71 -92.09 94.15
C ALA D 378 22.18 -90.72 93.77
N ARG D 379 20.86 -90.57 93.81
CA ARG D 379 20.25 -89.26 93.59
C ARG D 379 20.57 -88.37 94.78
N VAL D 380 21.24 -87.25 94.51
CA VAL D 380 21.66 -86.31 95.55
C VAL D 380 21.22 -84.92 95.12
N PRO D 381 20.57 -84.15 96.00
CA PRO D 381 20.14 -82.80 95.63
C PRO D 381 21.32 -81.87 95.47
N ALA D 382 21.48 -81.33 94.27
CA ALA D 382 22.58 -80.41 93.98
C ALA D 382 22.21 -79.61 92.74
N ASP D 383 22.27 -78.28 92.86
CA ASP D 383 21.90 -77.44 91.74
C ASP D 383 22.90 -77.58 90.60
N LEU D 384 22.42 -77.38 89.39
CA LEU D 384 23.23 -77.46 88.18
C LEU D 384 22.83 -76.35 87.23
N VAL D 385 23.81 -75.63 86.71
CA VAL D 385 23.56 -74.51 85.82
C VAL D 385 24.17 -74.82 84.47
N ILE D 386 23.74 -74.07 83.46
CA ILE D 386 24.25 -74.20 82.11
C ILE D 386 24.94 -72.88 81.77
N VAL D 387 26.24 -72.83 81.98
CA VAL D 387 27.06 -71.67 81.65
C VAL D 387 27.72 -71.91 80.31
N GLY D 388 27.79 -70.87 79.49
CA GLY D 388 28.34 -71.01 78.15
C GLY D 388 27.62 -72.06 77.36
N ASP D 389 28.28 -73.19 77.14
CA ASP D 389 27.67 -74.36 76.51
C ASP D 389 27.89 -75.64 77.31
N LYS D 390 28.33 -75.52 78.57
CA LYS D 390 28.63 -76.66 79.40
C LYS D 390 27.69 -76.74 80.59
N LEU D 391 27.80 -77.83 81.34
CA LEU D 391 26.98 -78.05 82.53
C LEU D 391 27.93 -78.26 83.71
N VAL D 392 27.96 -77.28 84.61
CA VAL D 392 28.90 -77.28 85.71
C VAL D 392 28.13 -77.32 87.04
N PHE D 393 28.84 -77.65 88.10
CA PHE D 393 28.31 -77.59 89.45
C PHE D 393 28.42 -76.17 89.99
N LEU D 394 27.64 -75.87 91.01
CA LEU D 394 27.69 -74.58 91.69
C LEU D 394 27.58 -74.80 93.18
N GLU D 395 28.56 -74.31 93.93
CA GLU D 395 28.64 -74.56 95.36
C GLU D 395 28.96 -73.27 96.10
N ALA D 396 28.27 -73.06 97.22
CA ALA D 396 28.51 -71.94 98.13
C ALA D 396 28.52 -72.46 99.56
N LEU D 397 29.28 -73.52 99.79
CA LEU D 397 29.21 -74.26 101.04
C LEU D 397 29.64 -73.39 102.23
N GLU D 398 28.67 -73.00 103.04
CA GLU D 398 28.93 -72.25 104.26
C GLU D 398 28.17 -72.79 105.46
N ARG D 399 27.08 -73.50 105.28
CA ARG D 399 26.34 -74.11 106.37
C ARG D 399 26.69 -75.58 106.58
N ARG D 400 27.11 -76.27 105.53
CA ARG D 400 27.58 -77.64 105.69
C ARG D 400 28.98 -77.66 106.30
N VAL D 401 29.86 -76.79 105.80
CA VAL D 401 31.22 -76.68 106.30
C VAL D 401 31.46 -75.24 106.72
N TYR D 402 32.41 -75.05 107.64
CA TYR D 402 32.78 -73.75 108.18
C TYR D 402 31.66 -73.09 108.96
N GLN D 403 30.64 -73.84 109.35
CA GLN D 403 29.52 -73.31 110.12
C GLN D 403 29.71 -73.66 111.59
N ALA D 404 29.65 -72.63 112.44
CA ALA D 404 29.78 -72.79 113.88
C ALA D 404 31.10 -73.47 114.26
N THR D 405 32.16 -73.15 113.52
CA THR D 405 33.50 -73.61 113.82
C THR D 405 34.38 -72.40 114.13
N ARG D 406 35.65 -72.67 114.41
CA ARG D 406 36.60 -71.62 114.73
C ARG D 406 37.58 -71.37 113.58
N VAL D 407 37.26 -71.84 112.38
CA VAL D 407 38.11 -71.68 111.21
C VAL D 407 37.47 -70.67 110.28
N ALA D 408 38.29 -69.78 109.71
CA ALA D 408 37.79 -68.79 108.78
C ALA D 408 37.46 -69.44 107.44
N TYR D 409 36.58 -68.80 106.70
CA TYR D 409 36.19 -69.31 105.39
C TYR D 409 37.12 -68.71 104.33
N PRO D 410 37.71 -69.53 103.46
CA PRO D 410 38.49 -68.99 102.34
C PRO D 410 37.61 -68.27 101.34
N LEU D 411 38.19 -67.82 100.23
CA LEU D 411 37.52 -67.00 99.22
C LEU D 411 37.15 -65.62 99.75
N ILE D 412 37.75 -65.20 100.86
CA ILE D 412 37.58 -63.85 101.39
C ILE D 412 38.95 -63.20 101.43
N GLY D 413 39.81 -63.55 100.48
CA GLY D 413 41.16 -63.04 100.46
C GLY D 413 41.20 -61.53 100.29
N ASN D 414 42.41 -61.00 100.44
CA ASN D 414 42.65 -59.56 100.38
C ASN D 414 43.43 -59.21 99.12
N ILE D 415 43.50 -57.90 98.85
CA ILE D 415 44.17 -57.38 97.68
C ILE D 415 44.93 -56.13 98.09
N ASP D 416 46.25 -56.11 97.86
CA ASP D 416 47.07 -54.97 98.19
C ASP D 416 47.14 -54.02 97.01
N ILE D 417 46.95 -52.73 97.27
CA ILE D 417 46.94 -51.69 96.25
C ILE D 417 47.70 -50.49 96.77
N THR D 418 48.61 -49.96 95.95
CA THR D 418 49.42 -48.81 96.33
C THR D 418 48.95 -47.57 95.58
N PHE D 419 49.17 -46.41 96.21
CA PHE D 419 48.82 -45.13 95.62
C PHE D 419 50.04 -44.22 95.66
N ILE D 420 50.00 -43.16 94.86
CA ILE D 420 51.10 -42.20 94.76
C ILE D 420 50.54 -40.84 94.40
N MET D 421 51.05 -39.80 95.06
CA MET D 421 50.59 -38.43 94.85
C MET D 421 51.77 -37.49 94.98
N PRO D 422 51.95 -36.55 94.06
CA PRO D 422 52.95 -35.50 94.26
C PRO D 422 52.48 -34.49 95.30
N MET D 423 53.45 -33.86 95.96
CA MET D 423 53.16 -32.99 97.08
C MET D 423 53.43 -31.51 96.78
N GLY D 424 54.65 -31.17 96.37
CA GLY D 424 54.99 -29.77 96.23
C GLY D 424 55.59 -29.39 94.89
N VAL D 425 55.12 -30.00 93.81
CA VAL D 425 55.63 -29.67 92.49
C VAL D 425 55.16 -28.28 92.08
N PHE D 426 55.79 -27.74 91.05
CA PHE D 426 55.51 -26.37 90.61
C PHE D 426 55.95 -26.27 89.15
N GLN D 427 54.99 -26.09 88.24
CA GLN D 427 55.31 -26.03 86.82
C GLN D 427 55.99 -24.71 86.52
N ALA D 428 57.32 -24.72 86.50
CA ALA D 428 58.09 -23.51 86.25
C ALA D 428 58.03 -23.20 84.75
N ASN D 429 56.90 -22.64 84.33
CA ASN D 429 56.69 -22.29 82.95
C ASN D 429 55.57 -21.28 82.86
N SER D 430 55.74 -20.30 81.98
CA SER D 430 54.74 -19.24 81.83
C SER D 430 53.50 -19.71 81.09
N MET D 431 53.64 -20.65 80.15
CA MET D 431 52.52 -21.08 79.33
C MET D 431 51.59 -22.06 80.05
N ASP D 432 51.97 -22.54 81.23
CA ASP D 432 51.15 -23.49 81.96
C ASP D 432 50.42 -22.90 83.15
N ARG D 433 50.92 -21.79 83.70
CA ARG D 433 50.27 -21.16 84.85
C ARG D 433 49.26 -20.14 84.33
N TYR D 434 48.15 -20.67 83.82
CA TYR D 434 47.08 -19.87 83.25
C TYR D 434 45.80 -20.14 84.01
N THR D 435 44.71 -19.53 83.56
CA THR D 435 43.37 -19.83 84.04
C THR D 435 42.43 -19.96 82.85
N ARG D 436 41.33 -20.68 83.06
CA ARG D 436 40.42 -21.01 81.96
C ARG D 436 39.29 -20.00 81.78
N HIS D 437 39.03 -19.15 82.77
CA HIS D 437 38.02 -18.11 82.64
C HIS D 437 38.54 -16.85 83.29
N ALA D 438 37.89 -15.73 82.98
CA ALA D 438 38.37 -14.45 83.47
C ALA D 438 38.20 -14.33 84.98
N GLY D 439 36.95 -14.35 85.44
CA GLY D 439 36.69 -14.28 86.86
C GLY D 439 36.50 -15.65 87.49
N ASP D 440 37.56 -16.46 87.50
CA ASP D 440 37.43 -17.84 87.99
C ASP D 440 37.29 -17.86 89.51
N PHE D 441 38.33 -17.44 90.22
CA PHE D 441 38.33 -17.38 91.68
C PHE D 441 38.83 -16.00 92.09
N SER D 442 37.92 -15.03 92.14
CA SER D 442 38.32 -13.68 92.50
C SER D 442 38.48 -13.58 94.02
N THR D 443 39.18 -12.53 94.45
CA THR D 443 39.49 -12.35 95.86
C THR D 443 39.62 -10.86 96.14
N VAL D 444 39.20 -10.45 97.34
CA VAL D 444 39.27 -9.04 97.70
C VAL D 444 40.72 -8.60 97.91
N SER D 445 41.61 -9.56 98.14
CA SER D 445 43.01 -9.22 98.37
C SER D 445 43.65 -8.67 97.11
N GLU D 446 44.65 -7.80 97.30
CA GLU D 446 45.36 -7.22 96.18
C GLU D 446 46.25 -8.24 95.47
N GLN D 447 46.74 -9.24 96.19
CA GLN D 447 47.57 -10.30 95.63
C GLN D 447 46.83 -11.62 95.79
N ASP D 448 46.47 -12.23 94.67
CA ASP D 448 45.76 -13.50 94.68
C ASP D 448 46.66 -14.60 95.23
N PRO D 449 46.33 -15.20 96.37
CA PRO D 449 47.16 -16.25 96.95
C PRO D 449 46.99 -17.60 96.25
N ARG D 450 47.01 -17.57 94.92
CA ARG D 450 46.95 -18.78 94.12
C ARG D 450 48.04 -18.80 93.05
N GLN D 451 48.98 -17.86 93.12
CA GLN D 451 50.14 -17.88 92.24
C GLN D 451 51.37 -18.47 92.91
N PHE D 452 51.40 -18.45 94.24
CA PHE D 452 52.56 -18.96 94.96
C PHE D 452 52.58 -20.48 94.91
N PRO D 453 53.76 -21.09 94.97
CA PRO D 453 53.85 -22.55 94.88
C PRO D 453 53.16 -23.22 96.05
N PRO D 454 52.44 -24.31 95.81
CA PRO D 454 51.74 -24.99 96.90
C PRO D 454 52.70 -25.73 97.80
N GLN D 455 52.18 -26.15 98.95
CA GLN D 455 52.96 -26.87 99.94
C GLN D 455 52.31 -28.17 100.40
N GLY D 456 50.98 -28.25 100.35
CA GLY D 456 50.26 -29.43 100.79
C GLY D 456 49.49 -30.10 99.66
N ILE D 457 48.82 -31.19 100.03
CA ILE D 457 47.98 -31.94 99.12
C ILE D 457 46.73 -32.37 99.87
N PHE D 458 45.60 -32.36 99.16
CA PHE D 458 44.31 -32.69 99.74
C PHE D 458 43.73 -33.91 99.03
N PHE D 459 43.12 -34.80 99.81
CA PHE D 459 42.49 -35.99 99.25
C PHE D 459 41.44 -36.48 100.24
N TYR D 460 40.73 -37.53 99.86
CA TYR D 460 39.64 -38.04 100.67
C TYR D 460 40.10 -39.20 101.54
N ASN D 461 39.42 -39.38 102.66
CA ASN D 461 39.73 -40.42 103.62
C ASN D 461 39.04 -41.72 103.22
N LYS D 462 39.04 -42.70 104.12
CA LYS D 462 38.34 -43.95 103.86
C LYS D 462 36.83 -43.76 103.85
N ASP D 463 36.32 -42.84 104.67
CA ASP D 463 34.88 -42.61 104.76
C ASP D 463 34.46 -41.31 104.07
N GLY D 464 35.37 -40.64 103.38
CA GLY D 464 35.04 -39.42 102.68
C GLY D 464 35.37 -38.14 103.41
N ILE D 465 36.26 -38.18 104.37
CA ILE D 465 36.64 -36.98 105.12
C ILE D 465 37.87 -36.36 104.45
N LEU D 466 37.92 -35.03 104.46
CA LEU D 466 39.05 -34.33 103.87
C LEU D 466 40.28 -34.48 104.75
N THR D 467 41.41 -34.76 104.12
CA THR D 467 42.69 -34.86 104.81
C THR D 467 43.69 -33.92 104.15
N GLN D 468 44.85 -33.78 104.79
CA GLN D 468 45.87 -32.89 104.26
C GLN D 468 47.24 -33.45 104.63
N LEU D 469 48.19 -33.33 103.69
CA LEU D 469 49.57 -33.77 103.89
C LEU D 469 50.46 -32.60 103.48
N THR D 470 50.84 -31.78 104.45
CA THR D 470 51.71 -30.65 104.20
C THR D 470 53.16 -31.12 104.11
N LEU D 471 54.07 -30.17 103.86
CA LEU D 471 55.49 -30.50 103.86
C LEU D 471 55.99 -30.80 105.27
N ARG D 472 55.33 -30.23 106.28
CA ARG D 472 55.75 -30.46 107.66
C ARG D 472 55.69 -31.93 108.05
N ASP D 473 54.84 -32.71 107.38
CA ASP D 473 54.73 -34.13 107.70
C ASP D 473 55.90 -34.95 107.20
N ALA D 474 56.83 -34.35 106.45
CA ALA D 474 58.01 -35.05 105.96
C ALA D 474 59.23 -34.83 106.85
N MET D 475 59.03 -34.28 108.05
CA MET D 475 60.12 -33.97 108.96
C MET D 475 60.66 -35.22 109.67
N GLY D 476 60.16 -36.41 109.32
CA GLY D 476 60.65 -37.62 109.94
C GLY D 476 61.56 -38.40 109.03
N THR D 477 61.62 -38.01 107.76
CA THR D 477 62.46 -38.67 106.77
C THR D 477 63.65 -37.84 106.35
N ILE D 478 63.45 -36.54 106.09
CA ILE D 478 64.54 -35.68 105.63
C ILE D 478 65.37 -35.12 106.77
N CYS D 479 64.87 -35.15 108.00
CA CYS D 479 65.58 -34.61 109.16
C CYS D 479 66.29 -35.70 109.95
N HIS D 480 66.75 -36.75 109.29
CA HIS D 480 67.48 -37.82 109.93
C HIS D 480 68.95 -37.72 109.58
N SER D 481 69.78 -38.40 110.38
CA SER D 481 71.21 -38.43 110.11
C SER D 481 71.57 -39.17 108.83
N SER D 482 70.61 -39.84 108.20
CA SER D 482 70.87 -40.57 106.97
C SER D 482 71.23 -39.66 105.80
N LEU D 483 71.00 -38.34 105.92
CA LEU D 483 71.43 -37.42 104.87
C LEU D 483 72.94 -37.36 104.74
N LEU D 484 73.68 -37.76 105.79
CA LEU D 484 75.12 -37.57 105.81
C LEU D 484 75.83 -38.91 105.93
N ASP D 485 75.38 -39.89 105.15
CA ASP D 485 76.00 -41.21 105.12
C ASP D 485 76.51 -41.51 103.71
N VAL D 486 77.20 -40.54 103.10
CA VAL D 486 77.61 -40.62 101.71
C VAL D 486 78.91 -41.39 101.58
N GLU D 487 79.40 -41.96 102.69
CA GLU D 487 80.69 -42.64 102.67
C GLU D 487 80.70 -43.82 101.72
N ALA D 488 79.66 -44.67 101.79
CA ALA D 488 79.60 -45.82 100.91
C ALA D 488 79.48 -45.42 99.45
N THR D 489 78.79 -44.31 99.17
CA THR D 489 78.69 -43.85 97.79
C THR D 489 80.05 -43.38 97.29
N LEU D 490 80.85 -42.74 98.14
CA LEU D 490 82.17 -42.30 97.73
C LEU D 490 83.07 -43.49 97.41
N VAL D 491 82.95 -44.57 98.19
CA VAL D 491 83.78 -45.74 97.95
C VAL D 491 83.42 -46.39 96.63
N ALA D 492 82.12 -46.55 96.36
CA ALA D 492 81.70 -47.18 95.11
C ALA D 492 82.08 -46.34 93.91
N LEU D 493 82.04 -45.01 94.03
CA LEU D 493 82.41 -44.16 92.92
C LEU D 493 83.91 -44.25 92.63
N ARG D 494 84.73 -44.18 93.67
CA ARG D 494 86.18 -44.31 93.49
C ARG D 494 86.56 -45.69 92.98
N GLN D 495 85.69 -46.68 93.11
CA GLN D 495 86.00 -48.04 92.66
C GLN D 495 86.09 -48.09 91.14
N GLN D 496 85.02 -47.74 90.45
CA GLN D 496 85.03 -47.72 89.00
C GLN D 496 86.02 -46.66 88.51
N HIS D 497 86.59 -46.93 87.34
CA HIS D 497 87.60 -46.05 86.76
C HIS D 497 86.94 -44.87 86.08
N LEU D 498 87.54 -43.69 86.23
CA LEU D 498 87.06 -42.48 85.58
C LEU D 498 88.22 -41.50 85.49
N ASP D 499 88.53 -41.07 84.28
CA ASP D 499 89.60 -40.11 84.07
C ASP D 499 89.01 -38.73 83.79
N ARG D 500 89.74 -37.70 84.23
CA ARG D 500 89.27 -36.34 84.04
C ARG D 500 90.44 -35.39 84.24
N GLN D 501 90.33 -34.23 83.61
CA GLN D 501 91.34 -33.19 83.69
C GLN D 501 90.67 -31.87 84.04
N CYS D 502 91.41 -30.76 83.90
CA CYS D 502 90.90 -29.42 84.18
C CYS D 502 90.46 -29.31 85.65
N TYR D 503 91.47 -29.40 86.52
CA TYR D 503 91.28 -29.25 87.95
C TYR D 503 91.31 -27.79 88.39
N PHE D 504 90.95 -26.87 87.48
CA PHE D 504 91.05 -25.45 87.77
C PHE D 504 90.18 -25.05 88.95
N GLY D 505 88.89 -25.38 88.89
CA GLY D 505 87.97 -24.91 89.91
C GLY D 505 87.81 -25.82 91.11
N VAL D 506 88.80 -26.67 91.37
CA VAL D 506 88.74 -27.57 92.52
C VAL D 506 90.05 -27.50 93.29
N TYR D 507 91.03 -26.79 92.77
CA TYR D 507 92.35 -26.69 93.39
C TYR D 507 92.50 -25.34 94.08
N VAL D 508 93.14 -25.36 95.26
CA VAL D 508 93.39 -24.16 96.05
C VAL D 508 94.89 -24.06 96.31
N ALA D 509 95.40 -22.83 96.29
CA ALA D 509 96.83 -22.61 96.51
C ALA D 509 97.07 -21.55 97.59
N GLU D 510 98.31 -21.12 97.74
CA GLU D 510 98.66 -20.09 98.70
C GLU D 510 99.43 -18.96 98.03
N GLY D 511 99.88 -17.99 98.80
CA GLY D 511 100.55 -16.83 98.27
C GLY D 511 102.06 -16.87 98.47
N THR D 512 102.78 -16.25 97.54
CA THR D 512 104.23 -16.18 97.57
C THR D 512 104.76 -14.84 98.05
N GLU D 513 103.98 -14.13 98.86
CA GLU D 513 104.37 -12.86 99.48
C GLU D 513 104.60 -11.75 98.46
N ASP D 514 104.19 -11.95 97.21
CA ASP D 514 104.14 -10.84 96.28
C ASP D 514 103.01 -9.90 96.66
N THR D 515 102.92 -8.76 95.98
CA THR D 515 101.96 -7.75 96.44
C THR D 515 100.54 -8.10 96.01
N LEU D 516 100.23 -7.92 94.72
CA LEU D 516 99.02 -8.52 94.16
C LEU D 516 99.23 -8.92 92.71
N ASP D 517 100.17 -8.27 92.04
CA ASP D 517 100.22 -8.30 90.58
C ASP D 517 101.07 -9.45 90.05
N VAL D 518 102.24 -9.69 90.65
CA VAL D 518 103.08 -10.78 90.20
C VAL D 518 102.34 -12.10 90.29
N GLN D 519 101.59 -12.30 91.37
CA GLN D 519 100.77 -13.49 91.47
C GLN D 519 99.63 -13.47 90.46
N MET D 520 99.04 -12.31 90.21
CA MET D 520 97.97 -12.21 89.22
C MET D 520 98.49 -12.48 87.82
N GLY D 521 99.67 -11.96 87.49
CA GLY D 521 100.27 -12.27 86.20
C GLY D 521 100.62 -13.73 86.07
N ARG D 522 101.07 -14.36 87.16
CA ARG D 522 101.36 -15.78 87.13
C ARG D 522 100.09 -16.59 86.90
N PHE D 523 99.02 -16.24 87.61
CA PHE D 523 97.75 -16.95 87.42
C PHE D 523 97.20 -16.72 86.02
N MET D 524 97.24 -15.49 85.54
CA MET D 524 96.73 -15.20 84.20
C MET D 524 97.51 -15.98 83.15
N GLU D 525 98.81 -16.17 83.37
CA GLU D 525 99.61 -16.95 82.43
C GLU D 525 99.25 -18.43 82.51
N THR D 526 99.28 -18.99 83.72
CA THR D 526 99.04 -20.43 83.88
C THR D 526 97.63 -20.80 83.50
N TRP D 527 96.64 -20.05 83.99
CA TRP D 527 95.24 -20.37 83.72
C TRP D 527 94.93 -20.41 82.23
N ALA D 528 95.71 -19.72 81.40
CA ALA D 528 95.49 -19.76 79.96
C ALA D 528 95.82 -21.12 79.37
N ASP D 529 96.80 -21.83 79.94
CA ASP D 529 97.25 -23.11 79.40
C ASP D 529 97.27 -24.20 80.48
N MET D 530 96.25 -24.22 81.32
CA MET D 530 96.09 -25.33 82.26
C MET D 530 94.66 -25.86 82.26
N MET D 531 93.83 -25.46 81.29
CA MET D 531 92.46 -25.96 81.17
C MET D 531 92.36 -26.86 79.95
N PRO D 532 92.57 -28.16 80.10
CA PRO D 532 92.54 -29.07 78.93
C PRO D 532 91.19 -29.04 78.22
N HIS D 533 90.11 -28.91 78.99
CA HIS D 533 88.78 -28.83 78.41
C HIS D 533 87.98 -27.73 79.08
N HIS D 534 86.68 -27.67 78.82
CA HIS D 534 85.81 -26.68 79.42
C HIS D 534 85.23 -27.25 80.72
N PRO D 535 85.21 -26.48 81.79
CA PRO D 535 84.64 -26.98 83.06
C PRO D 535 83.19 -27.38 82.89
N HIS D 536 82.78 -28.40 83.64
CA HIS D 536 81.42 -28.92 83.55
C HIS D 536 80.44 -28.13 84.41
N TRP D 537 80.91 -27.21 85.24
CA TRP D 537 80.03 -26.44 86.11
C TRP D 537 79.69 -25.06 85.55
N VAL D 538 80.16 -24.73 84.35
CA VAL D 538 79.89 -23.42 83.79
C VAL D 538 78.73 -23.41 82.80
N ASN D 539 78.32 -24.58 82.29
CA ASN D 539 77.21 -24.67 81.36
C ASN D 539 75.94 -25.00 82.15
N GLU D 540 75.34 -23.96 82.72
CA GLU D 540 74.11 -24.11 83.49
C GLU D 540 72.88 -23.66 82.71
N HIS D 541 73.06 -23.24 81.46
CA HIS D 541 71.96 -22.77 80.63
C HIS D 541 71.05 -23.90 80.16
N LEU D 542 71.38 -25.14 80.45
CA LEU D 542 70.57 -26.26 79.99
C LEU D 542 69.21 -26.26 80.67
N THR D 543 68.20 -26.71 79.93
CA THR D 543 66.87 -26.86 80.47
C THR D 543 66.78 -28.15 81.27
N ILE D 544 65.58 -28.45 81.77
CA ILE D 544 65.40 -29.67 82.55
C ILE D 544 65.48 -30.89 81.64
N LEU D 545 65.03 -30.77 80.39
CA LEU D 545 65.03 -31.91 79.49
C LEU D 545 66.44 -32.26 79.05
N GLN D 546 67.26 -31.26 78.73
CA GLN D 546 68.63 -31.53 78.32
C GLN D 546 69.46 -32.10 79.47
N PHE D 547 69.22 -31.62 80.69
CA PHE D 547 69.97 -32.10 81.84
C PHE D 547 69.62 -33.55 82.16
N ILE D 548 68.43 -33.99 81.80
CA ILE D 548 67.99 -35.34 82.11
C ILE D 548 68.41 -36.33 81.02
N ALA D 549 68.51 -35.88 79.78
CA ALA D 549 68.87 -36.76 78.67
C ALA D 549 70.20 -37.45 78.97
N PRO D 550 70.39 -38.70 78.50
CA PRO D 550 71.59 -39.46 78.89
C PRO D 550 72.89 -38.89 78.34
N SER D 551 72.84 -37.93 77.41
CA SER D 551 74.07 -37.36 76.89
C SER D 551 74.75 -36.41 77.88
N ASN D 552 74.07 -36.03 78.95
CA ASN D 552 74.66 -35.12 79.92
C ASN D 552 75.78 -35.81 80.68
N PRO D 553 77.01 -35.30 80.61
CA PRO D 553 78.11 -35.99 81.30
C PRO D 553 78.06 -35.81 82.81
N ARG D 554 77.55 -34.69 83.30
CA ARG D 554 77.49 -34.43 84.74
C ARG D 554 76.22 -34.97 85.38
N LEU D 555 75.56 -35.92 84.73
CA LEU D 555 74.34 -36.49 85.31
C LEU D 555 74.67 -37.56 86.33
N ARG D 556 75.69 -38.37 86.08
CA ARG D 556 76.01 -39.49 86.96
C ARG D 556 76.45 -39.05 88.34
N PHE D 557 76.87 -37.80 88.50
CA PHE D 557 77.34 -37.31 89.79
C PHE D 557 76.26 -36.57 90.57
N GLU D 558 75.04 -36.47 90.04
CA GLU D 558 73.95 -35.82 90.74
C GLU D 558 73.17 -36.90 91.50
N LEU D 559 73.60 -37.16 92.73
CA LEU D 559 73.00 -38.22 93.54
C LEU D 559 72.27 -37.67 94.76
N ASN D 560 72.95 -36.91 95.60
CA ASN D 560 72.30 -36.35 96.77
C ASN D 560 71.95 -34.88 96.54
N PRO D 561 70.81 -34.41 97.05
CA PRO D 561 70.47 -33.00 96.88
C PRO D 561 71.33 -32.06 97.70
N ALA D 562 72.08 -32.56 98.66
CA ALA D 562 72.88 -31.71 99.54
C ALA D 562 74.37 -31.77 99.26
N PHE D 563 74.82 -32.67 98.39
CA PHE D 563 76.24 -32.87 98.15
C PHE D 563 76.57 -32.56 96.70
N ASP D 564 77.86 -32.32 96.45
CA ASP D 564 78.38 -32.03 95.12
C ASP D 564 79.54 -33.00 94.84
N PHE D 565 79.32 -33.92 93.91
CA PHE D 565 80.31 -34.93 93.58
C PHE D 565 81.09 -34.48 92.35
N PHE D 566 82.40 -34.32 92.52
CA PHE D 566 83.29 -33.88 91.46
C PHE D 566 84.52 -34.79 91.44
N VAL D 567 85.46 -34.46 90.55
CA VAL D 567 86.73 -35.17 90.46
C VAL D 567 87.84 -34.22 90.86
N ALA D 568 88.85 -34.74 91.53
CA ALA D 568 89.96 -33.93 92.00
C ALA D 568 91.22 -34.76 92.00
N PRO D 569 92.37 -34.16 91.72
CA PRO D 569 93.64 -34.90 91.79
C PRO D 569 93.91 -35.35 93.21
N GLY D 570 93.99 -36.67 93.39
CA GLY D 570 94.15 -37.23 94.71
C GLY D 570 95.53 -37.00 95.29
N ASP D 571 95.66 -37.33 96.58
CA ASP D 571 96.94 -37.30 97.29
C ASP D 571 97.54 -35.89 97.29
N VAL D 572 96.69 -34.88 97.45
CA VAL D 572 97.14 -33.51 97.62
C VAL D 572 96.42 -32.90 98.82
N ASP D 573 97.02 -31.86 99.38
CA ASP D 573 96.48 -31.14 100.51
C ASP D 573 96.11 -29.74 100.10
N LEU D 574 94.95 -29.27 100.57
CA LEU D 574 94.45 -27.95 100.21
C LEU D 574 94.50 -27.03 101.42
N PRO D 575 95.15 -25.86 101.33
CA PRO D 575 95.83 -25.39 100.12
C PRO D 575 97.18 -26.06 99.90
N GLY D 576 97.74 -25.93 98.70
CA GLY D 576 98.99 -26.56 98.38
C GLY D 576 99.96 -25.61 97.71
N PRO D 577 100.85 -26.15 96.89
CA PRO D 577 101.82 -25.31 96.18
C PRO D 577 101.13 -24.45 95.13
N GLN D 578 101.91 -23.52 94.58
CA GLN D 578 101.36 -22.63 93.56
C GLN D 578 100.94 -23.40 92.32
N ARG D 579 101.75 -24.36 91.90
CA ARG D 579 101.37 -25.17 90.75
C ARG D 579 100.84 -26.52 91.22
N PRO D 580 99.70 -26.98 90.72
CA PRO D 580 99.17 -28.28 91.15
C PRO D 580 100.06 -29.41 90.68
N PRO D 581 100.52 -30.25 91.60
CA PRO D 581 101.36 -31.39 91.21
C PRO D 581 100.55 -32.45 90.50
N GLU D 582 101.21 -33.18 89.60
CA GLU D 582 100.56 -34.26 88.88
C GLU D 582 100.31 -35.43 89.80
N ALA D 583 99.09 -35.97 89.75
CA ALA D 583 98.72 -37.12 90.57
C ALA D 583 97.53 -37.82 89.89
N MET D 584 97.08 -38.90 90.51
CA MET D 584 95.97 -39.65 89.96
C MET D 584 94.65 -39.00 90.35
N PRO D 585 93.71 -38.87 89.41
CA PRO D 585 92.42 -38.23 89.75
C PRO D 585 91.54 -39.17 90.56
N THR D 586 90.82 -38.59 91.51
CA THR D 586 89.87 -39.33 92.34
C THR D 586 88.62 -38.49 92.53
N VAL D 587 87.63 -39.08 93.19
CA VAL D 587 86.34 -38.45 93.41
C VAL D 587 86.28 -37.91 94.83
N ASN D 588 85.75 -36.69 94.96
CA ASN D 588 85.54 -36.06 96.26
C ASN D 588 84.13 -35.50 96.30
N ALA D 589 83.74 -34.98 97.46
CA ALA D 589 82.38 -34.49 97.64
C ALA D 589 82.37 -33.40 98.70
N THR D 590 81.86 -32.24 98.35
CA THR D 590 81.64 -31.15 99.29
C THR D 590 80.14 -30.96 99.52
N LEU D 591 79.83 -30.21 100.57
CA LEU D 591 78.45 -29.99 101.00
C LEU D 591 77.91 -28.71 100.39
N ARG D 592 76.65 -28.76 99.96
CA ARG D 592 75.96 -27.58 99.44
C ARG D 592 75.39 -26.81 100.63
N ILE D 593 76.12 -25.79 101.09
CA ILE D 593 75.71 -25.07 102.29
C ILE D 593 74.43 -24.30 102.04
N ILE D 594 74.30 -23.72 100.85
CA ILE D 594 73.15 -22.90 100.50
C ILE D 594 72.17 -23.74 99.71
N ASN D 595 70.87 -23.57 99.97
CA ASN D 595 69.87 -24.23 99.16
C ASN D 595 69.82 -23.68 97.74
N GLY D 596 70.28 -22.44 97.54
CA GLY D 596 70.36 -21.87 96.21
C GLY D 596 71.48 -22.38 95.35
N ASN D 597 72.42 -23.14 95.94
CA ASN D 597 73.52 -23.72 95.18
C ASN D 597 73.08 -24.88 94.31
N ILE D 598 71.82 -25.30 94.39
CA ILE D 598 71.32 -26.36 93.51
C ILE D 598 71.40 -25.88 92.07
N PRO D 599 71.84 -26.72 91.12
CA PRO D 599 71.91 -26.27 89.72
C PRO D 599 70.57 -25.77 89.23
N VAL D 600 70.63 -24.71 88.41
CA VAL D 600 69.40 -24.07 87.94
C VAL D 600 68.57 -24.98 87.04
N PRO D 601 69.12 -25.96 86.30
CA PRO D 601 68.22 -26.89 85.60
C PRO D 601 67.25 -27.61 86.53
N LEU D 602 67.65 -27.88 87.77
CA LEU D 602 66.76 -28.53 88.72
C LEU D 602 65.88 -27.53 89.43
N CYS D 603 66.43 -26.39 89.83
CA CYS D 603 65.66 -25.32 90.46
C CYS D 603 65.65 -24.12 89.53
N PRO D 604 64.60 -23.92 88.74
CA PRO D 604 64.63 -22.87 87.72
C PRO D 604 64.57 -21.46 88.29
N ILE D 605 64.63 -20.48 87.39
CA ILE D 605 64.60 -19.08 87.79
C ILE D 605 63.19 -18.62 88.12
N SER D 606 62.19 -19.06 87.34
CA SER D 606 60.82 -18.63 87.56
C SER D 606 60.31 -19.08 88.92
N PHE D 607 60.81 -20.21 89.43
CA PHE D 607 60.38 -20.65 90.75
C PHE D 607 60.94 -19.76 91.84
N ARG D 608 62.23 -19.40 91.74
CA ARG D 608 62.84 -18.57 92.76
C ARG D 608 62.21 -17.18 92.79
N ASP D 609 61.92 -16.61 91.63
CA ASP D 609 61.28 -15.30 91.60
C ASP D 609 59.87 -15.35 92.15
N CYS D 610 59.13 -16.42 91.84
CA CYS D 610 57.79 -16.58 92.39
C CYS D 610 57.84 -16.71 93.91
N ARG D 611 58.85 -17.40 94.43
CA ARG D 611 59.01 -17.49 95.88
C ARG D 611 59.36 -16.14 96.49
N GLY D 612 60.13 -15.33 95.77
CA GLY D 612 60.49 -14.02 96.30
C GLY D 612 59.29 -13.12 96.49
N THR D 613 58.33 -13.18 95.58
CA THR D 613 57.12 -12.38 95.74
C THR D 613 56.36 -12.78 96.99
N GLN D 614 56.35 -14.07 97.32
CA GLN D 614 55.62 -14.54 98.49
C GLN D 614 56.28 -14.09 99.78
N LEU D 615 57.60 -14.02 99.81
CA LEU D 615 58.30 -13.55 101.01
C LEU D 615 57.94 -12.11 101.31
N GLY D 616 58.29 -11.20 100.42
CA GLY D 616 57.99 -9.79 100.59
C GLY D 616 56.56 -9.45 100.22
N LEU D 617 55.60 -9.98 100.97
CA LEU D 617 54.20 -9.71 100.66
C LEU D 617 53.86 -8.26 100.93
N GLY D 618 54.02 -7.82 102.18
CA GLY D 618 53.71 -6.44 102.54
C GLY D 618 54.84 -5.78 103.29
N ARG D 619 56.09 -6.08 102.91
CA ARG D 619 57.26 -5.54 103.58
C ARG D 619 57.62 -4.19 102.95
N HIS D 620 58.78 -3.66 103.33
CA HIS D 620 59.20 -2.36 102.82
C HIS D 620 59.60 -2.45 101.35
N THR D 621 59.24 -1.43 100.60
CA THR D 621 59.51 -1.38 99.17
C THR D 621 60.06 0.00 98.81
N MET D 622 61.10 0.02 97.99
CA MET D 622 61.73 1.27 97.61
C MET D 622 60.91 1.99 96.54
N THR D 623 60.82 3.30 96.66
CA THR D 623 60.07 4.09 95.71
C THR D 623 60.77 4.10 94.35
N PRO D 624 60.01 4.27 93.26
CA PRO D 624 60.64 4.27 91.93
C PRO D 624 61.62 5.40 91.72
N ALA D 625 61.52 6.49 92.48
CA ALA D 625 62.49 7.57 92.36
C ALA D 625 63.88 7.11 92.74
N THR D 626 64.00 6.47 93.91
CA THR D 626 65.30 5.96 94.33
C THR D 626 65.80 4.85 93.43
N ILE D 627 64.88 4.01 92.92
CA ILE D 627 65.28 2.94 92.02
C ILE D 627 65.83 3.52 90.73
N LYS D 628 65.25 4.63 90.25
CA LYS D 628 65.72 5.22 89.01
C LYS D 628 67.08 5.89 89.20
N ALA D 629 67.29 6.55 90.33
CA ALA D 629 68.55 7.26 90.55
C ALA D 629 69.71 6.29 90.73
N VAL D 630 69.52 5.26 91.54
CA VAL D 630 70.59 4.30 91.79
C VAL D 630 70.94 3.53 90.51
N LYS D 631 69.92 3.10 89.78
CA LYS D 631 70.16 2.40 88.52
C LYS D 631 70.95 3.27 87.56
N ASP D 632 70.66 4.58 87.53
CA ASP D 632 71.39 5.48 86.66
C ASP D 632 72.87 5.54 87.05
N THR D 633 73.14 5.58 88.36
CA THR D 633 74.53 5.67 88.82
C THR D 633 75.31 4.41 88.47
N PHE D 634 74.74 3.24 88.77
CA PHE D 634 75.45 1.99 88.49
C PHE D 634 75.74 1.83 87.01
N GLU D 635 74.81 2.27 86.15
CA GLU D 635 75.02 2.23 84.72
C GLU D 635 75.92 3.35 84.23
N ASP D 636 76.00 4.46 84.97
CA ASP D 636 76.78 5.60 84.54
C ASP D 636 78.24 5.22 84.34
N ARG D 637 78.76 5.45 83.14
CA ARG D 637 80.14 5.14 82.81
C ARG D 637 81.06 6.35 82.93
N ALA D 638 80.50 7.56 83.03
CA ALA D 638 81.28 8.77 83.23
C ALA D 638 81.54 9.05 84.71
N TYR D 639 81.47 8.04 85.56
CA TYR D 639 81.71 8.22 86.98
C TYR D 639 83.11 8.77 87.21
N PRO D 640 83.26 9.93 87.83
CA PRO D 640 84.58 10.54 87.97
C PRO D 640 85.49 9.69 88.83
N THR D 641 86.71 9.44 88.32
CA THR D 641 87.69 8.68 89.08
C THR D 641 88.11 9.39 90.35
N ILE D 642 87.81 10.69 90.46
CA ILE D 642 88.15 11.43 91.67
C ILE D 642 87.42 10.83 92.88
N PHE D 643 86.17 10.41 92.69
CA PHE D 643 85.41 9.80 93.77
C PHE D 643 86.10 8.52 94.25
N TYR D 644 86.66 7.74 93.31
CA TYR D 644 87.37 6.52 93.70
C TYR D 644 88.63 6.86 94.50
N MET D 645 89.37 7.88 94.06
CA MET D 645 90.57 8.28 94.78
C MET D 645 90.23 8.78 96.18
N LEU D 646 89.18 9.60 96.29
CA LEU D 646 88.76 10.08 97.60
C LEU D 646 88.31 8.93 98.49
N GLU D 647 87.69 7.91 97.90
CA GLU D 647 87.23 6.76 98.68
C GLU D 647 88.40 5.93 99.18
N ALA D 648 89.47 5.84 98.39
CA ALA D 648 90.60 5.00 98.77
C ALA D 648 91.40 5.63 99.91
N VAL D 649 91.60 6.95 99.86
CA VAL D 649 92.44 7.59 100.87
C VAL D 649 91.71 7.65 102.21
N ILE D 650 90.38 7.68 102.20
CA ILE D 650 89.64 7.65 103.46
C ILE D 650 89.72 6.26 104.07
N HIS D 651 89.69 5.23 103.23
CA HIS D 651 89.82 3.82 103.63
C HIS D 651 88.91 3.47 104.82
N GLY D 652 87.78 4.15 104.93
CA GLY D 652 86.81 3.86 105.96
C GLY D 652 87.30 4.11 107.36
N ASN D 653 87.52 5.38 107.70
CA ASN D 653 87.92 5.75 109.05
C ASN D 653 87.14 7.00 109.46
N GLU D 654 86.51 6.94 110.63
CA GLU D 654 85.74 8.09 111.10
C GLU D 654 86.62 9.30 111.37
N ARG D 655 87.89 9.07 111.72
CA ARG D 655 88.80 10.19 111.93
C ARG D 655 89.09 10.95 110.65
N ASN D 656 88.83 10.35 109.49
CA ASN D 656 89.03 11.03 108.22
C ASN D 656 87.74 11.58 107.65
N PHE D 657 86.64 10.82 107.75
CA PHE D 657 85.36 11.31 107.26
C PHE D 657 84.93 12.57 107.98
N CYS D 658 85.23 12.66 109.28
CA CYS D 658 84.89 13.85 110.04
C CYS D 658 85.61 15.08 109.50
N ALA D 659 86.91 14.95 109.22
CA ALA D 659 87.70 16.08 108.77
C ALA D 659 87.33 16.56 107.38
N LEU D 660 86.71 15.70 106.56
CA LEU D 660 86.40 16.04 105.19
C LEU D 660 84.92 16.34 104.96
N LEU D 661 84.15 16.54 106.03
CA LEU D 661 82.74 16.86 105.89
C LEU D 661 82.54 18.14 105.09
N ARG D 662 83.47 19.08 105.18
CA ARG D 662 83.36 20.32 104.43
C ARG D 662 83.49 20.08 102.93
N LEU D 663 84.47 19.26 102.53
CA LEU D 663 84.67 19.00 101.11
C LEU D 663 83.62 18.05 100.56
N LEU D 664 83.25 17.02 101.34
CA LEU D 664 82.32 16.02 100.85
C LEU D 664 80.95 16.61 100.55
N THR D 665 80.46 17.52 101.39
CA THR D 665 79.14 18.10 101.16
C THR D 665 79.14 18.97 99.91
N GLN D 666 80.30 19.41 99.45
CA GLN D 666 80.37 20.28 98.28
C GLN D 666 80.46 19.45 97.00
N CYS D 667 81.23 18.35 97.03
CA CYS D 667 81.36 17.53 95.83
C CYS D 667 80.08 16.73 95.57
N ILE D 668 79.43 16.25 96.63
CA ILE D 668 78.18 15.51 96.46
C ILE D 668 77.10 16.42 95.92
N ARG D 669 76.91 17.59 96.54
CA ARG D 669 75.92 18.54 96.04
C ARG D 669 76.26 18.99 94.62
N GLY D 670 77.54 19.24 94.35
CA GLY D 670 77.93 19.64 93.01
C GLY D 670 77.71 18.56 91.99
N TYR D 671 77.95 17.30 92.36
CA TYR D 671 77.70 16.19 91.45
C TYR D 671 76.22 15.93 91.25
N TRP D 672 75.42 16.13 92.30
CA TRP D 672 73.99 15.82 92.19
C TRP D 672 73.26 16.84 91.34
N GLU D 673 73.51 18.13 91.59
CA GLU D 673 72.82 19.16 90.81
C GLU D 673 73.55 19.43 89.50
N GLN D 674 73.91 18.35 88.81
CA GLN D 674 74.31 18.40 87.41
C GLN D 674 73.68 17.30 86.56
N SER D 675 73.37 16.14 87.14
CA SER D 675 72.70 15.07 86.41
C SER D 675 71.68 14.32 87.26
N HIS D 676 71.45 14.75 88.49
CA HIS D 676 70.52 14.08 89.42
C HIS D 676 70.90 12.61 89.61
N ARG D 677 72.13 12.41 90.09
CA ARG D 677 72.63 11.07 90.34
C ARG D 677 73.29 11.03 91.72
N VAL D 678 73.10 9.92 92.42
CA VAL D 678 73.64 9.73 93.75
C VAL D 678 74.99 9.03 93.65
N ALA D 679 75.97 9.51 94.41
CA ALA D 679 77.32 8.98 94.38
C ALA D 679 77.67 8.34 95.72
N PHE D 680 78.89 7.80 95.78
CA PHE D 680 79.44 7.19 97.00
C PHE D 680 78.61 5.99 97.46
N VAL D 681 78.03 5.26 96.50
CA VAL D 681 77.31 4.04 96.84
C VAL D 681 78.21 2.80 96.81
N ASN D 682 79.49 2.97 96.49
CA ASN D 682 80.39 1.82 96.38
C ASN D 682 80.64 1.21 97.76
N ASN D 683 81.20 1.99 98.68
CA ASN D 683 81.58 1.48 99.99
C ASN D 683 80.41 1.54 100.95
N PHE D 684 80.32 0.51 101.80
CA PHE D 684 79.25 0.49 102.80
C PHE D 684 79.50 1.45 103.94
N HIS D 685 80.76 1.72 104.27
CA HIS D 685 81.06 2.75 105.27
C HIS D 685 81.10 4.13 104.63
N MET D 686 80.11 4.43 103.81
CA MET D 686 79.96 5.76 103.25
C MET D 686 78.56 6.31 103.41
N LEU D 687 77.53 5.48 103.26
CA LEU D 687 76.16 5.95 103.44
C LEU D 687 75.77 5.95 104.91
N MET D 688 76.36 5.07 105.72
CA MET D 688 76.12 5.12 107.15
C MET D 688 76.65 6.42 107.74
N TYR D 689 77.86 6.81 107.37
CA TYR D 689 78.40 8.08 107.84
C TYR D 689 77.61 9.26 107.28
N ILE D 690 77.14 9.15 106.04
CA ILE D 690 76.37 10.23 105.45
C ILE D 690 75.06 10.42 106.19
N THR D 691 74.33 9.33 106.44
CA THR D 691 73.03 9.44 107.09
C THR D 691 73.18 9.88 108.56
N THR D 692 74.28 9.50 109.20
CA THR D 692 74.45 9.85 110.60
C THR D 692 74.87 11.31 110.79
N TYR D 693 75.69 11.84 109.88
CA TYR D 693 76.23 13.19 110.03
C TYR D 693 75.46 14.20 109.19
N LEU D 694 75.29 13.92 107.90
CA LEU D 694 74.55 14.82 107.01
C LEU D 694 73.08 14.45 106.96
N GLY D 695 72.45 14.34 108.13
CA GLY D 695 71.06 13.96 108.19
C GLY D 695 70.19 15.04 108.81
N ASN D 696 70.72 16.24 108.91
CA ASN D 696 69.99 17.35 109.51
C ASN D 696 69.44 18.34 108.48
N GLY D 697 69.92 18.27 107.25
CA GLY D 697 69.42 19.16 106.21
C GLY D 697 70.51 19.81 105.39
N GLU D 698 71.75 19.35 105.56
CA GLU D 698 72.85 19.91 104.79
C GLU D 698 72.67 19.64 103.29
N LEU D 699 72.21 18.46 102.95
CA LEU D 699 71.93 18.11 101.57
C LEU D 699 70.46 18.37 101.25
N PRO D 700 70.11 18.45 99.96
CA PRO D 700 68.69 18.59 99.60
C PRO D 700 67.87 17.42 100.13
N GLU D 701 66.57 17.67 100.26
CA GLU D 701 65.66 16.69 100.83
C GLU D 701 65.56 15.45 99.95
N VAL D 702 66.01 15.56 98.70
CA VAL D 702 65.97 14.43 97.78
C VAL D 702 67.09 13.44 98.05
N CYS D 703 68.30 13.93 98.30
CA CYS D 703 69.44 13.05 98.49
C CYS D 703 69.31 12.23 99.76
N ILE D 704 69.08 12.89 100.90
CA ILE D 704 68.98 12.19 102.18
C ILE D 704 67.85 11.17 102.16
N ASN D 705 66.77 11.47 101.44
CA ASN D 705 65.68 10.51 101.34
C ASN D 705 66.11 9.27 100.57
N ILE D 706 66.92 9.45 99.53
CA ILE D 706 67.42 8.30 98.78
C ILE D 706 68.31 7.43 99.67
N TYR D 707 69.19 8.06 100.44
CA TYR D 707 70.06 7.29 101.32
C TYR D 707 69.26 6.64 102.44
N ARG D 708 68.26 7.35 102.98
CA ARG D 708 67.44 6.76 104.04
C ARG D 708 66.61 5.59 103.51
N ASP D 709 66.19 5.66 102.25
CA ASP D 709 65.40 4.58 101.67
C ASP D 709 66.25 3.32 101.52
N LEU D 710 67.49 3.47 101.07
CA LEU D 710 68.36 2.31 100.94
C LEU D 710 68.67 1.70 102.30
N LEU D 711 68.90 2.54 103.31
CA LEU D 711 69.17 2.03 104.65
C LEU D 711 67.95 1.32 105.21
N GLN D 712 66.75 1.86 104.97
CA GLN D 712 65.54 1.21 105.47
C GLN D 712 65.30 -0.12 104.78
N HIS D 713 65.58 -0.19 103.48
CA HIS D 713 65.38 -1.44 102.75
C HIS D 713 66.32 -2.54 103.25
N VAL D 714 67.51 -2.15 103.70
CA VAL D 714 68.44 -3.15 104.22
C VAL D 714 67.93 -3.70 105.54
N ARG D 715 67.39 -2.84 106.41
CA ARG D 715 66.88 -3.30 107.68
C ARG D 715 65.63 -4.15 107.51
N ALA D 716 64.86 -3.90 106.46
CA ALA D 716 63.69 -4.74 106.20
C ALA D 716 64.10 -6.17 105.86
N LEU D 717 65.21 -6.35 105.16
CA LEU D 717 65.67 -7.70 104.85
C LEU D 717 66.19 -8.40 106.10
N ARG D 718 66.94 -7.68 106.94
CA ARG D 718 67.43 -8.27 108.18
C ARG D 718 66.27 -8.65 109.09
N GLN D 719 65.24 -7.80 109.15
CA GLN D 719 64.06 -8.14 109.95
C GLN D 719 63.34 -9.35 109.40
N THR D 720 63.38 -9.55 108.08
CA THR D 720 62.72 -10.70 107.48
C THR D 720 63.34 -12.01 107.96
N ILE D 721 64.65 -12.03 108.16
CA ILE D 721 65.33 -13.25 108.57
C ILE D 721 64.83 -13.71 109.92
N THR D 722 64.72 -12.78 110.88
CA THR D 722 64.23 -13.13 112.21
C THR D 722 62.80 -13.64 112.15
N ASP D 723 62.03 -13.22 111.15
CA ASP D 723 60.63 -13.63 111.07
C ASP D 723 60.49 -15.09 110.70
N PHE D 724 61.22 -15.53 109.68
CA PHE D 724 61.09 -16.90 109.17
C PHE D 724 61.97 -17.89 109.90
N THR D 725 62.46 -17.56 111.08
CA THR D 725 63.19 -18.49 111.94
C THR D 725 62.52 -18.53 113.30
N ILE D 726 62.58 -19.69 113.94
CA ILE D 726 62.00 -19.87 115.26
C ILE D 726 63.07 -19.57 116.31
N GLN D 727 62.72 -18.72 117.27
CA GLN D 727 63.66 -18.27 118.28
C GLN D 727 63.46 -19.06 119.57
N GLY D 728 64.56 -19.38 120.23
CA GLY D 728 64.48 -20.10 121.49
C GLY D 728 65.33 -21.35 121.57
N GLU D 729 66.33 -21.46 120.70
CA GLU D 729 67.22 -22.61 120.74
C GLU D 729 68.60 -22.19 120.26
N GLY D 730 69.63 -22.70 120.94
CA GLY D 730 71.00 -22.43 120.56
C GLY D 730 71.94 -23.54 121.00
N HIS D 731 72.72 -24.07 120.07
CA HIS D 731 73.64 -25.15 120.38
C HIS D 731 74.97 -24.57 120.88
N ASN D 732 76.00 -25.42 120.93
CA ASN D 732 77.30 -24.99 121.40
C ASN D 732 77.80 -23.76 120.64
N GLY D 733 77.52 -23.71 119.34
CA GLY D 733 77.93 -22.58 118.53
C GLY D 733 76.97 -21.42 118.63
N GLU D 734 76.55 -20.89 117.49
CA GLU D 734 75.63 -19.76 117.47
C GLU D 734 74.22 -20.24 117.78
N THR D 735 73.32 -19.26 117.97
CA THR D 735 71.92 -19.52 118.24
C THR D 735 71.18 -19.85 116.94
N SER D 736 69.86 -19.76 116.97
CA SER D 736 69.06 -20.14 115.81
C SER D 736 69.43 -19.37 114.55
N GLU D 737 69.98 -18.17 114.69
CA GLU D 737 70.08 -17.26 113.54
C GLU D 737 71.08 -17.78 112.51
N ALA D 738 72.36 -17.88 112.87
CA ALA D 738 73.35 -18.34 111.90
C ALA D 738 73.21 -19.83 111.61
N LEU D 739 72.53 -20.56 112.50
CA LEU D 739 72.22 -21.95 112.21
C LEU D 739 71.16 -22.09 111.13
N ASN D 740 70.53 -20.99 110.73
CA ASN D 740 69.49 -20.99 109.70
C ASN D 740 69.91 -20.26 108.43
N ASN D 741 70.52 -19.09 108.57
CA ASN D 741 70.94 -18.29 107.43
C ASN D 741 72.44 -18.07 107.48
N ILE D 742 72.95 -17.36 106.46
CA ILE D 742 74.37 -17.08 106.36
C ILE D 742 74.69 -15.60 106.51
N LEU D 743 73.78 -14.71 106.10
CA LEU D 743 74.02 -13.28 106.28
C LEU D 743 74.05 -12.90 107.75
N THR D 744 73.51 -13.74 108.63
CA THR D 744 73.58 -13.54 110.07
C THR D 744 74.66 -14.40 110.71
N ASP D 745 75.60 -14.92 109.92
CA ASP D 745 76.68 -15.74 110.43
C ASP D 745 77.96 -14.91 110.52
N ASP D 746 78.75 -15.17 111.56
CA ASP D 746 80.01 -14.47 111.75
C ASP D 746 81.19 -15.19 111.11
N THR D 747 81.03 -16.47 110.77
CA THR D 747 82.10 -17.17 110.06
C THR D 747 82.24 -16.65 108.64
N PHE D 748 81.14 -16.22 108.04
CA PHE D 748 81.19 -15.60 106.72
C PHE D 748 81.73 -14.17 106.84
N ILE D 749 82.44 -13.74 105.81
CA ILE D 749 83.05 -12.42 105.80
C ILE D 749 82.68 -11.69 104.52
N ALA D 750 82.62 -10.36 104.60
CA ALA D 750 82.33 -9.54 103.45
C ALA D 750 83.48 -9.61 102.45
N PRO D 751 83.21 -9.35 101.17
CA PRO D 751 84.30 -9.38 100.18
C PRO D 751 85.33 -8.28 100.35
N ILE D 752 85.02 -7.22 101.09
CA ILE D 752 85.92 -6.10 101.29
C ILE D 752 86.00 -5.81 102.78
N LEU D 753 87.22 -5.67 103.30
CA LEU D 753 87.45 -5.41 104.72
C LEU D 753 88.23 -4.12 104.86
N TRP D 754 87.70 -3.20 105.67
CA TRP D 754 88.38 -1.95 105.96
C TRP D 754 89.06 -1.95 107.32
N ASP D 755 88.53 -2.70 108.29
CA ASP D 755 89.13 -2.84 109.60
C ASP D 755 89.12 -4.30 110.01
N CYS D 756 90.05 -4.66 110.87
CA CYS D 756 90.24 -6.05 111.28
C CYS D 756 89.26 -6.49 112.36
N ASP D 757 88.23 -5.69 112.63
CA ASP D 757 87.27 -6.06 113.67
C ASP D 757 86.44 -7.27 113.26
N ALA D 758 86.20 -7.45 111.96
CA ALA D 758 85.45 -8.62 111.50
C ALA D 758 86.19 -9.91 111.79
N LEU D 759 87.52 -9.91 111.66
CA LEU D 759 88.29 -11.11 111.98
C LEU D 759 88.23 -11.41 113.47
N ILE D 760 88.17 -10.37 114.30
CA ILE D 760 88.07 -10.58 115.74
C ILE D 760 86.74 -11.26 116.08
N TYR D 761 85.66 -10.81 115.45
CA TYR D 761 84.36 -11.44 115.67
C TYR D 761 84.35 -12.87 115.13
N ARG D 762 84.98 -13.09 113.98
CA ARG D 762 84.98 -14.42 113.38
C ARG D 762 85.71 -15.43 114.25
N ASP D 763 86.92 -15.08 114.70
CA ASP D 763 87.69 -16.01 115.51
C ASP D 763 87.04 -16.24 116.87
N GLU D 764 86.26 -15.27 117.36
CA GLU D 764 85.62 -15.39 118.65
C GLU D 764 84.27 -16.10 118.59
N ALA D 765 83.55 -15.96 117.47
CA ALA D 765 82.21 -16.51 117.39
C ALA D 765 82.23 -18.03 117.39
N ALA D 766 82.91 -18.63 116.41
CA ALA D 766 82.89 -20.08 116.27
C ALA D 766 83.66 -20.74 117.40
N ARG D 767 84.98 -20.52 117.44
CA ARG D 767 85.88 -21.02 118.47
C ARG D 767 85.84 -22.53 118.61
N ASP D 768 85.11 -23.23 117.74
CA ASP D 768 85.02 -24.68 117.79
C ASP D 768 85.46 -25.33 116.49
N ARG D 769 84.96 -24.85 115.35
CA ARG D 769 85.41 -25.36 114.07
C ARG D 769 86.81 -24.86 113.78
N LEU D 770 87.67 -25.77 113.33
CA LEU D 770 89.09 -25.47 113.12
C LEU D 770 89.27 -24.37 112.08
N PRO D 771 89.70 -23.18 112.50
CA PRO D 771 89.91 -22.09 111.55
C PRO D 771 91.31 -22.11 110.95
N ALA D 772 91.47 -21.31 109.90
CA ALA D 772 92.77 -21.19 109.23
C ALA D 772 92.76 -19.92 108.39
N ILE D 773 93.78 -19.09 108.59
CA ILE D 773 93.91 -17.82 107.89
C ILE D 773 95.31 -17.73 107.31
N ARG D 774 95.39 -17.32 106.04
CA ARG D 774 96.67 -17.15 105.35
C ARG D 774 96.75 -15.72 104.87
N VAL D 775 97.37 -14.84 105.67
CA VAL D 775 97.48 -13.42 105.31
C VAL D 775 98.76 -13.29 104.49
N SER D 776 98.64 -13.57 103.20
CA SER D 776 99.71 -13.38 102.23
C SER D 776 101.02 -14.02 102.70
N GLY D 777 100.97 -15.35 102.83
CA GLY D 777 102.13 -16.08 103.30
C GLY D 777 101.93 -16.69 104.66
N ARG D 778 102.56 -16.09 105.67
CA ARG D 778 102.46 -16.60 107.03
C ARG D 778 101.01 -16.69 107.48
N ASN D 779 100.77 -17.55 108.47
CA ASN D 779 99.43 -17.77 109.02
C ASN D 779 99.25 -16.91 110.25
N GLY D 780 98.20 -16.09 110.27
CA GLY D 780 97.94 -15.23 111.40
C GLY D 780 98.27 -13.78 111.10
N TYR D 781 97.30 -12.89 111.30
CA TYR D 781 97.48 -11.48 111.01
C TYR D 781 98.03 -10.74 112.23
N GLN D 782 98.65 -9.59 111.96
CA GLN D 782 99.20 -8.73 112.99
C GLN D 782 98.58 -7.35 112.87
N ALA D 783 97.84 -6.94 113.89
CA ALA D 783 97.16 -5.66 113.90
C ALA D 783 98.00 -4.61 114.61
N LEU D 784 97.97 -3.38 114.11
CA LEU D 784 98.67 -2.27 114.72
C LEU D 784 97.84 -1.00 114.53
N HIS D 785 98.19 0.02 115.30
CA HIS D 785 97.42 1.26 115.30
C HIS D 785 97.79 2.09 114.07
N PHE D 786 97.37 3.36 114.08
CA PHE D 786 97.57 4.23 112.94
C PHE D 786 99.05 4.36 112.58
N VAL D 787 99.30 4.65 111.31
CA VAL D 787 100.65 4.79 110.77
C VAL D 787 100.90 6.26 110.49
N ASP D 788 102.06 6.75 110.92
CA ASP D 788 102.39 8.15 110.73
C ASP D 788 102.68 8.42 109.26
N MET D 789 102.99 9.68 108.96
CA MET D 789 103.30 10.07 107.60
C MET D 789 104.73 9.72 107.22
N ALA D 790 105.68 9.93 108.14
CA ALA D 790 107.08 9.69 107.83
C ALA D 790 107.34 8.22 107.52
N GLY D 791 107.12 7.35 108.51
CA GLY D 791 107.36 5.94 108.31
C GLY D 791 106.12 5.19 107.86
N HIS D 792 106.01 4.96 106.55
CA HIS D 792 104.86 4.26 105.98
C HIS D 792 105.22 2.88 105.45
N ASN D 793 106.38 2.73 104.81
CA ASN D 793 106.90 1.44 104.37
C ASN D 793 105.91 0.74 103.43
N PHE D 794 105.74 1.35 102.26
CA PHE D 794 104.81 0.83 101.26
C PHE D 794 105.00 -0.66 101.01
N GLN D 795 106.22 -1.16 101.12
CA GLN D 795 106.50 -2.59 100.98
C GLN D 795 106.53 -3.22 102.37
N ARG D 796 105.58 -4.12 102.64
CA ARG D 796 105.47 -4.75 103.94
C ARG D 796 105.02 -6.19 103.75
N ARG D 797 104.89 -6.91 104.86
CA ARG D 797 104.45 -8.30 104.85
C ARG D 797 103.80 -8.64 106.18
N ASP D 798 102.58 -9.18 106.12
CA ASP D 798 101.84 -9.66 107.28
C ASP D 798 101.59 -8.53 108.29
N ASN D 799 100.91 -7.49 107.83
CA ASN D 799 100.57 -6.35 108.68
C ASN D 799 99.26 -5.76 108.20
N VAL D 800 98.29 -5.65 109.10
CA VAL D 800 97.00 -5.08 108.77
C VAL D 800 96.74 -3.88 109.68
N LEU D 801 96.06 -2.89 109.13
CA LEU D 801 95.80 -1.64 109.83
C LEU D 801 94.37 -1.60 110.35
N ILE D 802 94.15 -0.73 111.34
CA ILE D 802 92.82 -0.48 111.87
C ILE D 802 92.50 1.00 111.94
N HIS D 803 93.39 1.87 111.48
CA HIS D 803 93.16 3.31 111.40
C HIS D 803 92.97 3.94 112.77
N GLY D 804 93.74 3.45 113.75
CA GLY D 804 93.69 4.02 115.08
C GLY D 804 92.32 3.86 115.71
N ARG D 805 91.98 4.80 116.57
CA ARG D 805 90.72 4.80 117.29
C ARG D 805 90.20 6.22 117.42
N PRO D 806 88.87 6.41 117.40
CA PRO D 806 88.32 7.76 117.60
C PRO D 806 88.34 8.21 119.05
N VAL D 807 88.37 7.28 120.00
CA VAL D 807 88.35 7.64 121.41
C VAL D 807 89.61 7.13 122.10
N ILE D 815 99.33 -2.24 124.70
CA ILE D 815 97.91 -1.88 124.53
C ILE D 815 97.30 -2.75 123.44
N PRO D 816 96.23 -3.45 123.77
CA PRO D 816 95.65 -4.42 122.83
C PRO D 816 94.68 -3.76 121.84
N ILE D 817 94.30 -4.54 120.83
CA ILE D 817 93.35 -4.08 119.83
C ILE D 817 91.93 -4.30 120.32
N THR D 818 90.99 -3.56 119.72
CA THR D 818 89.59 -3.65 120.11
C THR D 818 88.73 -3.51 118.86
N PRO D 819 87.57 -4.16 118.82
CA PRO D 819 86.68 -3.99 117.66
C PRO D 819 86.23 -2.55 117.52
N HIS D 820 86.15 -2.08 116.28
CA HIS D 820 85.79 -0.69 116.02
C HIS D 820 84.28 -0.49 116.14
N HIS D 821 83.50 -1.22 115.36
CA HIS D 821 82.06 -1.09 115.35
C HIS D 821 81.42 -2.22 116.15
N ASP D 822 80.10 -2.29 116.13
CA ASP D 822 79.36 -3.31 116.85
C ASP D 822 79.23 -4.56 115.99
N ARG D 823 78.41 -5.51 116.44
CA ARG D 823 78.30 -6.79 115.74
C ARG D 823 77.35 -6.68 114.54
N GLU D 824 76.19 -6.05 114.72
CA GLU D 824 75.21 -6.00 113.65
C GLU D 824 75.70 -5.21 112.44
N TRP D 825 76.70 -4.33 112.62
CA TRP D 825 77.31 -3.67 111.48
C TRP D 825 77.86 -4.70 110.49
N GLY D 826 78.45 -5.79 111.02
CA GLY D 826 78.88 -6.86 110.14
C GLY D 826 77.74 -7.49 109.39
N ILE D 827 76.59 -7.65 110.05
CA ILE D 827 75.44 -8.27 109.39
C ILE D 827 74.88 -7.35 108.32
N LEU D 828 74.69 -6.07 108.64
CA LEU D 828 74.16 -5.14 107.66
C LEU D 828 75.08 -4.99 106.45
N SER D 829 76.39 -5.08 106.68
CA SER D 829 77.33 -4.98 105.56
C SER D 829 77.19 -6.17 104.62
N LYS D 830 77.07 -7.37 105.17
CA LYS D 830 76.88 -8.55 104.33
C LYS D 830 75.62 -8.45 103.50
N ILE D 831 74.52 -7.99 104.11
CA ILE D 831 73.27 -7.85 103.38
C ILE D 831 73.44 -6.85 102.23
N TYR D 832 74.15 -5.76 102.48
CA TYR D 832 74.34 -4.75 101.44
C TYR D 832 75.22 -5.28 100.32
N TYR D 833 76.29 -5.99 100.65
CA TYR D 833 77.25 -6.41 99.64
C TYR D 833 76.76 -7.60 98.83
N TYR D 834 75.97 -8.48 99.44
CA TYR D 834 75.57 -9.72 98.79
C TYR D 834 74.16 -9.69 98.21
N ILE D 835 73.39 -8.64 98.46
CA ILE D 835 72.03 -8.58 97.95
C ILE D 835 71.83 -7.32 97.11
N VAL D 836 72.01 -6.16 97.73
CA VAL D 836 71.66 -4.91 97.06
C VAL D 836 72.58 -4.66 95.88
N ILE D 837 73.90 -4.76 96.09
CA ILE D 837 74.84 -4.47 95.01
C ILE D 837 74.68 -5.40 93.82
N PRO D 838 74.65 -6.74 93.99
CA PRO D 838 74.46 -7.59 92.79
C PRO D 838 73.09 -7.44 92.18
N ALA D 839 72.09 -6.99 92.94
CA ALA D 839 70.76 -6.81 92.37
C ALA D 839 70.72 -5.63 91.41
N PHE D 840 71.46 -4.57 91.70
CA PHE D 840 71.47 -3.41 90.83
C PHE D 840 72.53 -3.51 89.74
N SER D 841 73.75 -3.92 90.11
CA SER D 841 74.81 -4.05 89.11
C SER D 841 74.50 -5.15 88.12
N ARG D 842 73.95 -6.26 88.60
CA ARG D 842 73.60 -7.41 87.76
C ARG D 842 74.82 -7.93 86.99
N GLY D 843 75.82 -8.35 87.76
CA GLY D 843 77.01 -8.93 87.18
C GLY D 843 77.86 -8.00 86.36
N SER D 844 77.68 -6.69 86.51
CA SER D 844 78.48 -5.72 85.78
C SER D 844 79.58 -5.10 86.62
N CYS D 845 79.50 -5.18 87.94
CA CYS D 845 80.50 -4.61 88.82
C CYS D 845 81.65 -5.60 89.02
N CYS D 846 82.74 -5.09 89.59
CA CYS D 846 83.93 -5.90 89.82
C CYS D 846 84.77 -5.25 90.91
N THR D 847 85.60 -6.06 91.56
CA THR D 847 86.48 -5.59 92.62
C THR D 847 87.91 -5.53 92.09
N MET D 848 88.65 -4.52 92.54
CA MET D 848 90.00 -4.27 92.05
C MET D 848 90.88 -3.79 93.19
N GLY D 849 92.19 -3.86 92.97
CA GLY D 849 93.16 -3.42 93.95
C GLY D 849 93.81 -2.10 93.56
N VAL D 850 94.23 -1.36 94.58
CA VAL D 850 94.80 -0.03 94.41
C VAL D 850 96.31 -0.09 94.62
N ARG D 851 96.97 1.01 94.29
CA ARG D 851 98.41 1.16 94.46
C ARG D 851 98.66 2.50 95.16
N TYR D 852 98.83 2.44 96.48
CA TYR D 852 99.01 3.67 97.24
C TYR D 852 100.34 4.35 96.96
N ASP D 853 101.30 3.62 96.40
CA ASP D 853 102.58 4.23 96.05
C ASP D 853 102.46 5.18 94.86
N ARG D 854 101.38 5.07 94.09
CA ARG D 854 101.15 5.96 92.96
C ARG D 854 100.05 6.98 93.23
N LEU D 855 99.35 6.86 94.36
CA LEU D 855 98.29 7.79 94.70
C LEU D 855 98.79 8.96 95.56
N TYR D 856 99.45 8.64 96.67
CA TYR D 856 99.93 9.68 97.57
C TYR D 856 100.83 10.70 96.90
N PRO D 857 101.81 10.32 96.07
CA PRO D 857 102.58 11.34 95.35
C PRO D 857 101.76 12.11 94.33
N ALA D 858 100.62 11.57 93.91
CA ALA D 858 99.79 12.24 92.91
C ALA D 858 98.81 13.22 93.53
N LEU D 859 98.44 13.03 94.80
CA LEU D 859 97.48 13.90 95.46
C LEU D 859 98.13 15.03 96.25
N GLN D 860 99.45 15.21 96.13
CA GLN D 860 100.17 16.21 96.90
C GLN D 860 100.53 17.44 96.06
N ALA D 861 99.62 17.86 95.18
CA ALA D 861 99.80 19.04 94.35
C ALA D 861 98.60 19.95 94.55
N VAL D 862 98.77 21.01 95.34
CA VAL D 862 97.70 21.97 95.62
C VAL D 862 98.18 23.36 95.25
N ILE D 863 97.31 24.11 94.56
CA ILE D 863 97.66 25.44 94.08
C ILE D 863 96.69 26.44 94.68
N VAL D 864 96.24 26.19 95.90
CA VAL D 864 95.39 27.18 96.57
C VAL D 864 96.17 28.47 96.76
N PRO D 865 95.63 29.62 96.37
CA PRO D 865 96.38 30.87 96.48
C PRO D 865 96.26 31.46 97.88
N GLU D 866 97.05 32.50 98.11
CA GLU D 866 96.98 33.22 99.38
C GLU D 866 95.87 34.26 99.34
N ILE D 867 95.08 34.31 100.40
CA ILE D 867 93.97 35.26 100.50
C ILE D 867 94.47 36.52 101.18
N PRO D 868 94.12 37.70 100.69
CA PRO D 868 94.52 38.93 101.38
C PRO D 868 93.84 39.06 102.73
N ALA D 869 94.55 39.69 103.66
CA ALA D 869 94.00 39.91 104.99
C ALA D 869 92.83 40.88 104.94
N ASP D 870 91.89 40.69 105.86
CA ASP D 870 90.69 41.53 105.95
C ASP D 870 89.91 41.51 104.64
N GLU D 871 89.92 40.37 103.95
CA GLU D 871 89.26 40.22 102.67
C GLU D 871 88.42 38.95 102.66
N GLU D 872 87.63 38.79 101.60
CA GLU D 872 86.72 37.68 101.45
C GLU D 872 87.21 36.74 100.35
N ALA D 873 87.04 35.44 100.57
CA ALA D 873 87.39 34.41 99.61
C ALA D 873 86.38 34.38 98.47
N PRO D 874 86.84 34.21 97.23
CA PRO D 874 85.91 34.18 96.10
C PRO D 874 85.12 32.89 96.06
N THR D 875 83.87 32.99 95.63
CA THR D 875 82.98 31.83 95.57
C THR D 875 82.97 31.21 94.17
N THR D 876 82.60 31.99 93.16
CA THR D 876 82.52 31.48 91.80
C THR D 876 83.91 31.35 91.19
N PRO D 877 84.13 30.35 90.35
CA PRO D 877 85.45 30.12 89.76
C PRO D 877 85.76 30.99 88.55
N GLU D 878 85.00 32.05 88.29
CA GLU D 878 85.29 32.92 87.17
C GLU D 878 86.42 33.89 87.43
N ASP D 879 86.72 34.17 88.69
CA ASP D 879 87.76 35.13 89.02
C ASP D 879 89.12 34.44 89.16
N PRO D 880 90.21 35.13 88.85
CA PRO D 880 91.53 34.51 89.00
C PRO D 880 91.88 34.16 90.42
N ARG D 881 91.22 34.75 91.42
CA ARG D 881 91.49 34.41 92.81
C ARG D 881 91.01 33.01 93.16
N HIS D 882 90.06 32.47 92.41
CA HIS D 882 89.51 31.17 92.75
C HIS D 882 90.50 30.06 92.42
N PRO D 883 90.55 28.99 93.22
CA PRO D 883 91.48 27.89 92.91
C PRO D 883 91.18 27.21 91.59
N LEU D 884 89.92 27.22 91.14
CA LEU D 884 89.52 26.54 89.93
C LEU D 884 89.64 27.43 88.68
N HIS D 885 90.37 28.53 88.78
CA HIS D 885 90.55 29.41 87.63
C HIS D 885 91.69 28.92 86.75
N ALA D 886 91.71 29.41 85.52
CA ALA D 886 92.74 29.01 84.58
C ALA D 886 94.11 29.55 84.98
N HIS D 887 94.15 30.67 85.70
CA HIS D 887 95.42 31.24 86.14
C HIS D 887 96.12 30.32 87.12
N GLN D 888 95.38 29.67 88.01
CA GLN D 888 95.94 28.80 89.03
C GLN D 888 95.79 27.32 88.68
N LEU D 889 95.49 27.00 87.42
CA LEU D 889 95.35 25.63 86.97
C LEU D 889 96.60 25.25 86.19
N VAL D 890 97.44 24.41 86.79
CA VAL D 890 98.69 23.98 86.15
C VAL D 890 98.59 22.49 85.86
N PRO D 891 99.26 21.99 84.83
CA PRO D 891 99.22 20.55 84.54
C PRO D 891 99.87 19.73 85.64
N ASN D 892 99.45 18.46 85.72
CA ASN D 892 99.96 17.51 86.70
C ASN D 892 99.74 18.03 88.12
N SER D 893 98.49 18.36 88.42
CA SER D 893 98.10 18.89 89.71
C SER D 893 96.76 18.28 90.09
N LEU D 894 96.14 18.82 91.13
CA LEU D 894 94.81 18.38 91.55
C LEU D 894 93.70 19.26 91.02
N ASN D 895 93.98 20.53 90.74
CA ASN D 895 92.96 21.40 90.18
C ASN D 895 92.52 20.91 88.81
N VAL D 896 93.42 20.29 88.05
CA VAL D 896 93.03 19.71 86.78
C VAL D 896 92.09 18.52 87.00
N TYR D 897 92.25 17.80 88.11
CA TYR D 897 91.35 16.69 88.41
C TYR D 897 89.93 17.19 88.64
N PHE D 898 89.76 18.13 89.57
CA PHE D 898 88.43 18.63 89.88
C PHE D 898 87.83 19.41 88.73
N HIS D 899 88.68 20.00 87.86
CA HIS D 899 88.13 20.68 86.69
C HIS D 899 87.54 19.69 85.71
N ASN D 900 88.23 18.57 85.48
CA ASN D 900 87.71 17.56 84.57
C ASN D 900 86.36 17.02 85.04
N ALA D 901 86.16 16.94 86.35
CA ALA D 901 84.89 16.51 86.90
C ALA D 901 83.86 17.63 86.97
N HIS D 902 84.22 18.84 86.54
CA HIS D 902 83.31 19.97 86.51
C HIS D 902 82.75 20.27 87.91
N LEU D 903 83.65 20.31 88.89
CA LEU D 903 83.28 20.54 90.27
C LEU D 903 83.77 21.91 90.72
N THR D 904 83.19 22.40 91.81
CA THR D 904 83.56 23.68 92.39
C THR D 904 83.85 23.47 93.87
N VAL D 905 85.08 23.80 94.28
CA VAL D 905 85.49 23.67 95.67
C VAL D 905 86.22 24.94 96.09
N ASP D 906 86.17 25.23 97.39
CA ASP D 906 86.81 26.41 97.95
C ASP D 906 88.22 26.05 98.41
N GLY D 907 88.85 26.95 99.15
CA GLY D 907 90.21 26.74 99.60
C GLY D 907 90.34 25.80 100.78
N ASP D 908 89.46 25.99 101.78
CA ASP D 908 89.51 25.12 102.96
C ASP D 908 89.30 23.66 102.58
N ALA D 909 88.36 23.39 101.67
CA ALA D 909 88.09 22.02 101.27
C ALA D 909 89.35 21.32 100.78
N LEU D 910 90.15 22.01 99.97
CA LEU D 910 91.40 21.43 99.51
C LEU D 910 92.47 21.46 100.61
N LEU D 911 92.42 22.44 101.50
CA LEU D 911 93.40 22.52 102.58
C LEU D 911 93.23 21.40 103.60
N THR D 912 92.04 20.84 103.73
CA THR D 912 91.80 19.76 104.67
C THR D 912 92.53 18.47 104.28
N LEU D 913 93.05 18.38 103.06
CA LEU D 913 93.70 17.16 102.61
C LEU D 913 94.97 16.88 103.40
N GLN D 914 95.71 17.92 103.79
CA GLN D 914 96.94 17.70 104.53
C GLN D 914 96.67 17.08 105.90
N GLU D 915 95.59 17.51 106.55
CA GLU D 915 95.21 16.92 107.83
C GLU D 915 94.86 15.44 107.69
N LEU D 916 94.43 15.02 106.50
CA LEU D 916 94.15 13.60 106.30
C LEU D 916 95.43 12.78 106.26
N MET D 917 96.56 13.38 105.88
CA MET D 917 97.81 12.65 105.73
C MET D 917 98.35 12.11 107.04
N GLY D 918 97.69 12.37 108.17
CA GLY D 918 98.10 11.80 109.44
C GLY D 918 98.03 10.28 109.41
N ASP D 919 96.88 9.75 109.01
CA ASP D 919 96.75 8.33 108.78
C ASP D 919 97.15 7.99 107.35
N MET D 920 97.67 6.78 107.18
CA MET D 920 98.15 6.34 105.87
C MET D 920 97.65 4.94 105.58
N ALA D 921 97.67 4.58 104.30
CA ALA D 921 97.29 3.25 103.84
C ALA D 921 98.45 2.69 103.04
N GLU D 922 99.02 1.58 103.51
CA GLU D 922 100.22 1.03 102.89
C GLU D 922 99.91 0.39 101.55
N ARG D 923 99.09 -0.66 101.56
CA ARG D 923 98.83 -1.44 100.36
C ARG D 923 97.52 -2.19 100.56
N THR D 924 97.11 -2.92 99.52
CA THR D 924 95.96 -3.81 99.59
C THR D 924 96.47 -5.25 99.52
N THR D 925 95.93 -6.10 100.37
CA THR D 925 96.39 -7.48 100.48
C THR D 925 95.19 -8.43 100.42
N ALA D 926 95.51 -9.71 100.25
CA ALA D 926 94.51 -10.76 100.13
C ALA D 926 94.50 -11.63 101.37
N ILE D 927 93.31 -12.09 101.74
CA ILE D 927 93.12 -12.93 102.91
C ILE D 927 92.29 -14.14 102.51
N LEU D 928 92.58 -15.30 103.10
CA LEU D 928 91.93 -16.56 102.76
C LEU D 928 91.60 -17.30 104.05
N VAL D 929 90.35 -17.22 104.48
CA VAL D 929 89.91 -17.92 105.68
C VAL D 929 89.39 -19.29 105.28
N SER D 930 89.34 -20.19 106.26
CA SER D 930 88.87 -21.55 106.02
C SER D 930 88.47 -22.18 107.34
N SER D 931 87.30 -22.83 107.36
CA SER D 931 86.78 -23.43 108.58
C SER D 931 85.99 -24.68 108.23
N ALA D 932 85.69 -25.46 109.27
CA ALA D 932 84.90 -26.68 109.13
C ALA D 932 83.41 -26.31 109.01
N PRO D 933 82.58 -27.24 108.54
CA PRO D 933 81.14 -26.98 108.51
C PRO D 933 80.57 -26.80 109.90
N ASP D 934 79.44 -26.11 109.97
CA ASP D 934 78.83 -25.75 111.24
C ASP D 934 78.33 -27.00 111.97
N ALA D 935 77.94 -26.79 113.24
CA ALA D 935 77.45 -27.87 114.08
C ALA D 935 76.09 -28.39 113.63
N GLY D 936 75.45 -27.74 112.66
CA GLY D 936 74.16 -28.22 112.19
C GLY D 936 74.27 -29.54 111.45
N ALA D 937 75.33 -29.70 110.65
CA ALA D 937 75.59 -30.94 109.94
C ALA D 937 76.94 -31.54 110.30
N ALA D 938 77.51 -31.15 111.43
CA ALA D 938 78.82 -31.64 111.82
C ALA D 938 78.73 -33.10 112.22
N THR D 939 79.27 -33.98 111.38
CA THR D 939 79.33 -35.40 111.66
C THR D 939 80.77 -35.86 111.65
N ALA D 940 80.98 -37.16 111.87
CA ALA D 940 82.33 -37.71 111.96
C ALA D 940 83.07 -37.70 110.63
N THR D 941 82.41 -37.40 109.53
CA THR D 941 83.04 -37.40 108.22
C THR D 941 83.04 -36.04 107.54
N THR D 942 81.97 -35.25 107.72
CA THR D 942 81.95 -33.92 107.12
C THR D 942 83.01 -33.01 107.71
N ARG D 943 83.52 -33.34 108.89
CA ARG D 943 84.55 -32.50 109.52
C ARG D 943 85.83 -32.47 108.67
N ASN D 944 86.08 -33.51 107.88
CA ASN D 944 87.23 -33.49 107.00
C ASN D 944 87.04 -32.50 105.85
N MET D 945 85.81 -32.28 105.43
CA MET D 945 85.53 -31.27 104.43
C MET D 945 85.73 -29.88 105.01
N ARG D 946 86.18 -28.96 104.17
CA ARG D 946 86.50 -27.60 104.60
C ARG D 946 86.10 -26.63 103.51
N ILE D 947 85.58 -25.47 103.92
CA ILE D 947 85.14 -24.42 103.01
C ILE D 947 86.25 -23.39 102.89
N TYR D 948 86.45 -22.90 101.67
CA TYR D 948 87.53 -21.96 101.38
C TYR D 948 86.95 -20.76 100.66
N ASP D 949 87.14 -19.57 101.23
CA ASP D 949 86.69 -18.33 100.62
C ASP D 949 87.68 -17.22 100.93
N GLY D 950 87.73 -16.23 100.05
CA GLY D 950 88.68 -15.15 100.20
C GLY D 950 88.08 -13.77 100.21
N ALA D 951 88.90 -12.77 100.56
CA ALA D 951 88.47 -11.39 100.55
C ALA D 951 89.69 -10.50 100.39
N LEU D 952 89.44 -9.23 100.10
CA LEU D 952 90.50 -8.26 99.85
C LEU D 952 90.51 -7.22 100.97
N TYR D 953 91.68 -6.98 101.54
CA TYR D 953 91.85 -5.95 102.55
C TYR D 953 92.24 -4.64 101.87
N HIS D 954 91.54 -3.57 102.22
CA HIS D 954 91.76 -2.25 101.64
C HIS D 954 91.61 -2.29 100.12
N GLY D 955 90.59 -3.01 99.66
CA GLY D 955 90.27 -3.10 98.25
C GLY D 955 89.21 -2.12 97.84
N LEU D 956 88.71 -2.29 96.62
CA LEU D 956 87.68 -1.41 96.09
C LEU D 956 86.78 -2.22 95.17
N ILE D 957 85.76 -1.55 94.64
CA ILE D 957 84.81 -2.15 93.70
C ILE D 957 84.45 -1.09 92.66
N MET D 958 84.58 -1.45 91.39
CA MET D 958 84.27 -0.53 90.29
C MET D 958 82.90 -0.89 89.71
N MET D 959 82.11 0.14 89.41
CA MET D 959 80.76 -0.10 88.91
C MET D 959 80.78 -0.52 87.44
N ALA D 960 81.26 0.37 86.56
CA ALA D 960 81.27 0.11 85.14
C ALA D 960 82.57 0.67 84.56
N TYR D 961 83.48 -0.23 84.18
CA TYR D 961 84.78 0.17 83.66
C TYR D 961 84.66 0.52 82.19
N GLN D 962 85.27 1.63 81.80
CA GLN D 962 85.30 2.07 80.41
C GLN D 962 86.74 2.22 79.95
N ALA D 963 87.08 1.53 78.87
CA ALA D 963 88.43 1.57 78.31
C ALA D 963 88.58 2.66 77.25
N TYR D 964 87.60 3.54 77.12
CA TYR D 964 87.63 4.60 76.12
C TYR D 964 87.88 5.97 76.72
N ASP D 965 88.51 6.03 77.89
CA ASP D 965 88.87 7.29 78.53
C ASP D 965 90.39 7.42 78.44
N GLU D 966 90.86 8.28 77.54
CA GLU D 966 92.27 8.43 77.26
C GLU D 966 92.90 9.60 78.01
N THR D 967 92.11 10.38 78.75
CA THR D 967 92.70 11.44 79.57
C THR D 967 93.50 10.86 80.73
N ILE D 968 93.19 9.64 81.14
CA ILE D 968 93.93 8.92 82.17
C ILE D 968 94.33 7.57 81.62
N ALA D 969 95.56 7.16 81.93
CA ALA D 969 96.05 5.88 81.43
C ALA D 969 95.33 4.73 82.12
N THR D 970 95.10 3.65 81.38
CA THR D 970 94.43 2.48 81.94
C THR D 970 95.34 1.80 82.95
N GLY D 971 94.78 1.48 84.12
CA GLY D 971 95.56 0.87 85.17
C GLY D 971 96.51 1.81 85.86
N THR D 972 96.20 3.12 85.88
CA THR D 972 97.07 4.08 86.54
C THR D 972 97.05 3.89 88.05
N PHE D 973 95.88 3.65 88.62
CA PHE D 973 95.75 3.48 90.06
C PHE D 973 95.06 2.18 90.47
N PHE D 974 94.36 1.50 89.57
CA PHE D 974 93.59 0.33 89.92
C PHE D 974 93.91 -0.82 88.97
N TYR D 975 93.88 -2.03 89.51
CA TYR D 975 94.11 -3.25 88.75
C TYR D 975 93.15 -4.32 89.25
N PRO D 976 92.58 -5.11 88.34
CA PRO D 976 91.54 -6.06 88.74
C PRO D 976 92.12 -7.33 89.34
N VAL D 977 91.46 -7.82 90.39
CA VAL D 977 91.80 -9.10 91.01
C VAL D 977 90.55 -9.64 91.72
N PRO D 978 89.57 -10.12 90.96
CA PRO D 978 88.29 -10.51 91.55
C PRO D 978 88.29 -11.96 92.01
N VAL D 979 87.68 -12.17 93.18
CA VAL D 979 87.43 -13.52 93.69
C VAL D 979 85.96 -13.59 94.10
N ASN D 980 85.11 -13.92 93.15
CA ASN D 980 83.71 -14.27 93.38
C ASN D 980 83.09 -14.72 92.06
N PRO D 981 82.12 -15.63 92.10
CA PRO D 981 81.30 -15.84 90.91
C PRO D 981 80.36 -14.68 90.63
N LEU D 982 80.09 -13.85 91.63
CA LEU D 982 79.19 -12.70 91.48
C LEU D 982 79.92 -11.46 91.01
N PHE D 983 81.01 -11.10 91.66
CA PHE D 983 81.76 -9.88 91.36
C PHE D 983 82.79 -10.07 90.27
N ALA D 984 82.65 -11.12 89.46
CA ALA D 984 83.55 -11.30 88.33
C ALA D 984 83.29 -10.21 87.29
N CYS D 985 84.30 -9.97 86.45
CA CYS D 985 84.27 -8.87 85.49
C CYS D 985 84.97 -9.31 84.21
N PRO D 986 84.22 -9.65 83.16
CA PRO D 986 84.87 -10.04 81.90
C PRO D 986 85.42 -8.86 81.10
N GLU D 987 85.08 -7.63 81.48
CA GLU D 987 85.55 -6.45 80.75
C GLU D 987 86.52 -5.60 81.53
N HIS D 988 86.51 -5.66 82.87
CA HIS D 988 87.46 -4.87 83.64
C HIS D 988 88.89 -5.36 83.48
N LEU D 989 89.08 -6.57 82.94
CA LEU D 989 90.42 -7.10 82.76
C LEU D 989 91.23 -6.35 81.72
N ALA D 990 90.58 -5.52 80.89
CA ALA D 990 91.32 -4.72 79.92
C ALA D 990 92.27 -3.76 80.61
N SER D 991 91.94 -3.34 81.83
CA SER D 991 92.83 -2.46 82.59
C SER D 991 94.09 -3.18 83.06
N LEU D 992 94.11 -4.50 83.05
CA LEU D 992 95.29 -5.24 83.44
C LEU D 992 96.32 -5.25 82.32
N ARG D 993 97.59 -5.22 82.71
CA ARG D 993 98.68 -5.21 81.74
C ARG D 993 98.91 -6.61 81.19
N GLY D 994 99.35 -6.66 79.93
CA GLY D 994 99.61 -7.92 79.27
C GLY D 994 98.34 -8.71 79.01
N MET D 995 97.41 -8.12 78.27
CA MET D 995 96.14 -8.75 77.94
C MET D 995 96.04 -8.93 76.43
N THR D 996 95.72 -10.15 76.01
CA THR D 996 95.57 -10.49 74.61
C THR D 996 94.12 -10.83 74.30
N ASN D 997 93.85 -11.12 73.02
CA ASN D 997 92.51 -11.55 72.64
C ASN D 997 92.21 -12.96 73.15
N ALA D 998 93.23 -13.82 73.20
CA ALA D 998 93.01 -15.18 73.67
C ALA D 998 92.63 -15.23 75.14
N ARG D 999 93.19 -14.32 75.93
CA ARG D 999 92.85 -14.30 77.35
C ARG D 999 91.47 -13.71 77.59
N ARG D 1000 91.02 -12.82 76.71
CA ARG D 1000 89.69 -12.23 76.87
C ARG D 1000 88.59 -13.23 76.51
N VAL D 1001 88.77 -13.95 75.40
CA VAL D 1001 87.77 -14.93 74.99
C VAL D 1001 87.69 -16.08 75.98
N LEU D 1002 88.80 -16.39 76.66
CA LEU D 1002 88.77 -17.45 77.66
C LEU D 1002 88.08 -17.00 78.94
N ALA D 1003 88.19 -15.71 79.28
CA ALA D 1003 87.60 -15.21 80.52
C ALA D 1003 86.14 -14.82 80.38
N LYS D 1004 85.67 -14.56 79.16
CA LYS D 1004 84.28 -14.18 78.98
C LYS D 1004 83.33 -15.34 79.27
N MET D 1005 83.84 -16.57 79.24
CA MET D 1005 83.01 -17.73 79.53
C MET D 1005 83.22 -18.22 80.96
N VAL D 1006 84.46 -18.49 81.33
CA VAL D 1006 84.78 -18.96 82.67
C VAL D 1006 85.21 -17.78 83.53
N PRO D 1007 84.64 -17.60 84.72
CA PRO D 1007 85.04 -16.49 85.57
C PRO D 1007 86.47 -16.65 86.05
N PRO D 1008 87.35 -15.71 85.71
CA PRO D 1008 88.75 -15.84 86.13
C PRO D 1008 88.92 -15.58 87.61
N ILE D 1009 89.19 -16.64 88.39
CA ILE D 1009 89.39 -16.54 89.82
C ILE D 1009 90.72 -17.22 90.16
N PRO D 1010 91.65 -16.52 90.79
CA PRO D 1010 92.94 -17.16 91.10
C PRO D 1010 92.76 -18.23 92.16
N PRO D 1011 93.48 -19.35 92.05
CA PRO D 1011 93.29 -20.42 93.03
C PRO D 1011 93.72 -20.06 94.43
N PHE D 1012 94.70 -19.16 94.59
CA PHE D 1012 95.13 -18.79 95.92
C PHE D 1012 94.10 -17.95 96.66
N LEU D 1013 92.98 -17.60 96.01
CA LEU D 1013 91.91 -16.86 96.65
C LEU D 1013 90.66 -17.70 96.86
N GLY D 1014 90.64 -18.95 96.40
CA GLY D 1014 89.50 -19.82 96.59
C GLY D 1014 89.08 -20.53 95.31
N ALA D 1015 88.39 -21.65 95.47
CA ALA D 1015 87.87 -22.42 94.36
C ALA D 1015 86.34 -22.39 94.38
N ASN D 1016 85.75 -22.69 93.23
CA ASN D 1016 84.30 -22.63 93.12
C ASN D 1016 83.64 -23.79 93.87
N HIS D 1017 84.18 -25.00 93.71
CA HIS D 1017 83.57 -26.16 94.32
C HIS D 1017 83.74 -26.22 95.84
N HIS D 1018 84.47 -25.26 96.43
CA HIS D 1018 84.65 -25.22 97.86
C HIS D 1018 84.08 -23.97 98.52
N ALA D 1019 83.91 -22.89 97.77
CA ALA D 1019 83.39 -21.66 98.34
C ALA D 1019 81.89 -21.77 98.60
N THR D 1020 81.36 -20.78 99.31
CA THR D 1020 79.94 -20.77 99.63
C THR D 1020 79.12 -20.35 98.42
N ILE D 1021 79.35 -19.14 97.93
CA ILE D 1021 78.64 -18.63 96.75
C ILE D 1021 79.23 -19.31 95.52
N ARG D 1022 78.37 -19.98 94.75
CA ARG D 1022 78.83 -20.77 93.60
C ARG D 1022 78.17 -20.25 92.33
N GLN D 1023 78.38 -20.99 91.25
CA GLN D 1023 77.89 -20.56 89.93
C GLN D 1023 76.37 -20.46 89.83
N PRO D 1024 75.56 -21.36 90.40
CA PRO D 1024 74.11 -21.24 90.22
C PRO D 1024 73.53 -19.88 90.60
N VAL D 1025 73.87 -19.35 91.78
CA VAL D 1025 73.33 -18.05 92.16
C VAL D 1025 73.91 -16.95 91.29
N ALA D 1026 75.10 -17.15 90.73
CA ALA D 1026 75.66 -16.16 89.82
C ALA D 1026 74.88 -16.12 88.51
N TYR D 1027 74.48 -17.29 88.00
CA TYR D 1027 73.67 -17.33 86.79
C TYR D 1027 72.26 -16.80 87.04
N HIS D 1028 71.73 -17.01 88.25
CA HIS D 1028 70.37 -16.59 88.54
C HIS D 1028 70.24 -15.07 88.55
N VAL D 1029 71.25 -14.38 89.09
CA VAL D 1029 71.14 -12.93 89.22
C VAL D 1029 71.38 -12.24 87.88
N THR D 1030 72.24 -12.81 87.04
CA THR D 1030 72.60 -12.17 85.77
C THR D 1030 71.67 -12.57 84.62
N HIS D 1031 70.62 -13.34 84.89
CA HIS D 1031 69.71 -13.78 83.85
C HIS D 1031 68.23 -13.57 84.18
N SER D 1032 67.89 -13.22 85.41
CA SER D 1032 66.51 -12.98 85.78
C SER D 1032 66.17 -11.53 85.55
N LYS D 1033 65.03 -11.29 84.89
CA LYS D 1033 64.53 -9.94 84.63
C LYS D 1033 63.08 -9.88 85.07
N SER D 1034 62.86 -9.64 86.36
CA SER D 1034 61.51 -9.49 86.91
C SER D 1034 61.28 -8.09 87.45
N ASP D 1035 62.08 -7.65 88.39
CA ASP D 1035 61.96 -6.32 89.02
C ASP D 1035 63.18 -6.14 89.91
N PHE D 1036 63.20 -5.05 90.67
CA PHE D 1036 64.27 -4.82 91.65
C PHE D 1036 63.85 -5.18 93.06
N ASN D 1037 62.61 -4.90 93.44
CA ASN D 1037 62.15 -5.23 94.78
C ASN D 1037 62.03 -6.74 94.95
N THR D 1038 61.34 -7.41 94.02
CA THR D 1038 61.15 -8.85 94.15
C THR D 1038 62.46 -9.60 93.95
N LEU D 1039 63.41 -9.01 93.20
CA LEU D 1039 64.70 -9.66 93.02
C LEU D 1039 65.48 -9.67 94.33
N THR D 1040 65.46 -8.56 95.06
CA THR D 1040 66.15 -8.50 96.34
C THR D 1040 65.59 -9.52 97.31
N TYR D 1041 64.27 -9.70 97.33
CA TYR D 1041 63.69 -10.71 98.20
C TYR D 1041 63.94 -12.11 97.69
N SER D 1042 63.94 -12.30 96.37
CA SER D 1042 64.26 -13.61 95.81
C SER D 1042 65.67 -14.04 96.18
N LEU D 1043 66.63 -13.11 96.14
CA LEU D 1043 67.99 -13.43 96.53
C LEU D 1043 68.09 -13.74 98.02
N LEU D 1044 67.33 -13.02 98.84
CA LEU D 1044 67.37 -13.25 100.28
C LEU D 1044 66.86 -14.64 100.62
N GLY D 1045 65.72 -15.03 100.04
CA GLY D 1045 65.22 -16.38 100.25
C GLY D 1045 66.16 -17.45 99.75
N GLY D 1046 66.99 -17.11 98.76
CA GLY D 1046 67.96 -18.06 98.26
C GLY D 1046 69.12 -18.29 99.19
N TYR D 1047 69.39 -17.35 100.11
CA TYR D 1047 70.53 -17.47 101.02
C TYR D 1047 70.09 -18.15 102.33
N PHE D 1048 69.67 -19.40 102.19
CA PHE D 1048 69.24 -20.19 103.34
C PHE D 1048 70.02 -21.49 103.40
N LYS D 1049 70.20 -21.99 104.62
CA LYS D 1049 71.00 -23.19 104.82
C LYS D 1049 70.20 -24.45 104.52
N PHE D 1050 70.90 -25.49 104.12
CA PHE D 1050 70.30 -26.77 103.78
C PHE D 1050 70.70 -27.88 104.75
N THR D 1051 71.06 -27.53 105.97
CA THR D 1051 71.42 -28.51 106.97
C THR D 1051 70.17 -29.10 107.62
N PRO D 1052 70.23 -30.34 108.10
CA PRO D 1052 69.05 -30.95 108.74
C PRO D 1052 68.51 -30.15 109.92
N ILE D 1053 69.31 -29.26 110.52
CA ILE D 1053 68.78 -28.39 111.56
C ILE D 1053 68.11 -27.15 110.96
N SER D 1054 68.60 -26.67 109.82
CA SER D 1054 67.95 -25.54 109.17
C SER D 1054 66.55 -25.90 108.70
N LEU D 1055 66.37 -27.12 108.20
CA LEU D 1055 65.04 -27.56 107.78
C LEU D 1055 64.09 -27.64 108.96
N THR D 1056 64.61 -27.92 110.16
CA THR D 1056 63.78 -27.93 111.34
C THR D 1056 63.12 -26.58 111.58
N HIS D 1057 63.74 -25.50 111.10
CA HIS D 1057 63.18 -24.17 111.21
C HIS D 1057 62.29 -23.82 110.02
N GLN D 1058 62.75 -24.13 108.81
CA GLN D 1058 61.98 -23.75 107.62
C GLN D 1058 60.70 -24.56 107.51
N LEU D 1059 60.76 -25.86 107.81
CA LEU D 1059 59.56 -26.68 107.69
C LEU D 1059 58.50 -26.29 108.72
N ARG D 1060 58.92 -25.76 109.86
CA ARG D 1060 57.97 -25.40 110.92
C ARG D 1060 57.42 -24.00 110.74
N THR D 1061 58.21 -23.06 110.24
CA THR D 1061 57.73 -21.70 110.07
C THR D 1061 56.83 -21.57 108.85
N GLY D 1062 57.08 -22.38 107.82
CA GLY D 1062 56.28 -22.34 106.60
C GLY D 1062 57.04 -21.94 105.36
N PHE D 1063 58.35 -21.69 105.45
CA PHE D 1063 59.15 -21.34 104.29
C PHE D 1063 59.35 -22.57 103.42
N HIS D 1064 58.87 -22.50 102.18
CA HIS D 1064 58.98 -23.64 101.28
C HIS D 1064 60.38 -23.70 100.69
N PRO D 1065 61.17 -24.73 100.98
CA PRO D 1065 62.50 -24.85 100.38
C PRO D 1065 62.40 -25.31 98.94
N GLY D 1066 63.55 -25.35 98.27
CA GLY D 1066 63.60 -25.77 96.89
C GLY D 1066 63.67 -27.27 96.73
N ILE D 1067 62.62 -27.97 97.16
CA ILE D 1067 62.59 -29.43 97.11
C ILE D 1067 61.15 -29.88 97.09
N ALA D 1068 60.88 -30.98 96.38
CA ALA D 1068 59.56 -31.55 96.26
C ALA D 1068 59.58 -33.00 96.72
N PHE D 1069 58.40 -33.52 97.03
CA PHE D 1069 58.26 -34.88 97.53
C PHE D 1069 57.14 -35.59 96.80
N THR D 1070 57.28 -36.91 96.67
CA THR D 1070 56.20 -37.77 96.23
C THR D 1070 55.91 -38.78 97.32
N VAL D 1071 54.64 -39.00 97.59
CA VAL D 1071 54.22 -39.90 98.65
C VAL D 1071 53.83 -41.24 98.04
N VAL D 1072 53.83 -42.27 98.87
CA VAL D 1072 53.42 -43.61 98.46
C VAL D 1072 52.77 -44.28 99.66
N ARG D 1073 51.67 -44.99 99.41
CA ARG D 1073 50.90 -45.58 100.49
C ARG D 1073 50.28 -46.88 99.99
N GLN D 1074 50.31 -47.90 100.84
CA GLN D 1074 49.77 -49.22 100.50
C GLN D 1074 48.51 -49.49 101.30
N ASP D 1075 47.50 -50.04 100.64
CA ASP D 1075 46.23 -50.36 101.27
C ASP D 1075 45.78 -51.75 100.83
N ARG D 1076 44.95 -52.37 101.66
CA ARG D 1076 44.41 -53.69 101.35
C ARG D 1076 42.91 -53.70 101.60
N PHE D 1077 42.20 -54.52 100.83
CA PHE D 1077 40.75 -54.57 100.85
C PHE D 1077 40.27 -56.01 100.87
N ALA D 1078 39.22 -56.27 101.64
CA ALA D 1078 38.64 -57.59 101.69
C ALA D 1078 37.70 -57.79 100.50
N THR D 1079 37.90 -58.89 99.78
CA THR D 1079 37.13 -59.16 98.57
C THR D 1079 36.53 -60.56 98.64
N GLU D 1080 35.48 -60.77 97.85
CA GLU D 1080 34.87 -62.08 97.67
C GLU D 1080 35.28 -62.62 96.30
N GLN D 1081 35.94 -63.77 96.30
CA GLN D 1081 36.52 -64.31 95.09
C GLN D 1081 35.56 -65.29 94.42
N LEU D 1082 36.03 -65.91 93.34
CA LEU D 1082 35.25 -66.89 92.60
C LEU D 1082 36.22 -67.87 91.96
N LEU D 1083 35.95 -69.16 92.12
CA LEU D 1083 36.87 -70.20 91.69
C LEU D 1083 36.17 -71.17 90.75
N TYR D 1084 36.88 -71.57 89.69
CA TYR D 1084 36.41 -72.56 88.74
C TYR D 1084 37.43 -73.67 88.63
N ALA D 1085 36.95 -74.88 88.35
CA ALA D 1085 37.82 -76.05 88.24
C ALA D 1085 37.32 -76.95 87.12
N GLU D 1086 38.07 -78.01 86.86
CA GLU D 1086 37.75 -78.98 85.82
C GLU D 1086 37.31 -80.30 86.46
N ARG D 1087 36.92 -81.25 85.61
CA ARG D 1087 36.41 -82.52 86.10
C ARG D 1087 37.48 -83.29 86.85
N ALA D 1088 38.54 -83.70 86.16
CA ALA D 1088 39.63 -84.45 86.77
C ALA D 1088 40.84 -83.53 86.84
N SER D 1089 40.91 -82.73 87.90
CA SER D 1089 42.00 -81.77 88.04
C SER D 1089 43.15 -82.28 88.89
N GLU D 1090 42.90 -83.23 89.78
CA GLU D 1090 43.94 -83.74 90.67
C GLU D 1090 43.65 -85.19 91.04
N SER D 1091 44.71 -85.89 91.39
CA SER D 1091 44.61 -87.25 91.90
C SER D 1091 44.93 -87.21 93.39
N TYR D 1092 44.06 -87.79 94.20
CA TYR D 1092 44.13 -87.67 95.65
C TYR D 1092 44.34 -89.05 96.26
N PHE D 1093 45.46 -89.24 96.94
CA PHE D 1093 45.78 -90.49 97.61
C PHE D 1093 45.58 -90.33 99.11
N VAL D 1094 44.96 -91.33 99.73
CA VAL D 1094 44.64 -91.28 101.16
C VAL D 1094 45.20 -92.53 101.82
N GLY D 1095 45.89 -92.32 102.95
CA GLY D 1095 46.41 -93.40 103.76
C GLY D 1095 45.46 -93.81 104.86
N GLN D 1096 46.01 -94.50 105.86
CA GLN D 1096 45.24 -94.99 106.98
C GLN D 1096 45.53 -94.19 108.24
N ILE D 1097 44.52 -94.09 109.09
CA ILE D 1097 44.57 -93.24 110.29
C ILE D 1097 45.42 -93.92 111.34
N GLN D 1098 46.22 -93.11 112.05
CA GLN D 1098 47.05 -93.58 113.15
C GLN D 1098 46.63 -92.92 114.45
N VAL D 1099 46.60 -93.71 115.52
CA VAL D 1099 46.21 -93.25 116.85
C VAL D 1099 47.47 -93.08 117.68
N HIS D 1100 47.51 -92.02 118.48
CA HIS D 1100 48.67 -91.71 119.29
C HIS D 1100 48.25 -91.38 120.72
N HIS D 1101 48.66 -92.24 121.65
CA HIS D 1101 48.41 -92.00 123.06
C HIS D 1101 49.40 -90.99 123.62
N HIS D 1102 48.91 -90.09 124.46
CA HIS D 1102 49.76 -89.03 124.98
C HIS D 1102 49.14 -88.42 126.23
N ASP D 1103 49.97 -88.23 127.26
CA ASP D 1103 49.49 -87.68 128.51
C ASP D 1103 48.99 -86.24 128.32
N ALA D 1104 48.27 -85.74 129.31
CA ALA D 1104 47.57 -84.47 129.18
C ALA D 1104 47.76 -83.65 130.44
N ILE D 1105 47.05 -82.52 130.50
CA ILE D 1105 47.08 -81.64 131.66
C ILE D 1105 46.30 -82.24 132.82
N GLY D 1106 45.16 -82.88 132.54
CA GLY D 1106 44.39 -83.53 133.58
C GLY D 1106 44.05 -84.97 133.26
N GLY D 1107 44.13 -85.34 131.99
CA GLY D 1107 43.75 -86.67 131.56
C GLY D 1107 44.70 -87.27 130.55
N VAL D 1108 44.17 -87.71 129.41
CA VAL D 1108 44.96 -88.23 128.30
C VAL D 1108 44.51 -87.53 127.02
N ASN D 1109 45.46 -87.16 126.18
CA ASN D 1109 45.19 -86.53 124.89
C ASN D 1109 45.42 -87.56 123.79
N PHE D 1110 44.33 -88.02 123.19
CA PHE D 1110 44.42 -88.91 122.03
C PHE D 1110 44.47 -88.07 120.76
N THR D 1111 45.41 -88.42 119.88
CA THR D 1111 45.62 -87.68 118.64
C THR D 1111 45.55 -88.65 117.47
N LEU D 1112 44.85 -88.24 116.41
CA LEU D 1112 44.68 -89.05 115.21
C LEU D 1112 45.38 -88.35 114.06
N THR D 1113 46.00 -89.13 113.17
CA THR D 1113 46.76 -88.58 112.06
C THR D 1113 46.57 -89.45 110.83
N GLN D 1114 46.46 -88.81 109.67
CA GLN D 1114 46.29 -89.50 108.40
C GLN D 1114 47.01 -88.78 107.29
N PRO D 1115 47.97 -89.41 106.63
CA PRO D 1115 48.69 -88.75 105.54
C PRO D 1115 47.94 -88.85 104.22
N ARG D 1116 48.17 -87.84 103.37
CA ARG D 1116 47.54 -87.78 102.06
C ARG D 1116 48.58 -87.31 101.04
N ALA D 1117 48.19 -87.39 99.77
CA ALA D 1117 49.06 -86.95 98.68
C ALA D 1117 48.19 -86.49 97.51
N HIS D 1118 48.72 -85.56 96.74
CA HIS D 1118 47.98 -84.98 95.63
C HIS D 1118 48.89 -84.68 94.46
N VAL D 1119 48.40 -84.97 93.25
CA VAL D 1119 49.09 -84.66 92.00
C VAL D 1119 48.06 -84.11 91.03
N ASP D 1120 48.45 -83.11 90.24
CA ASP D 1120 47.58 -82.52 89.24
C ASP D 1120 47.90 -83.12 87.87
N LEU D 1121 46.92 -83.75 87.25
CA LEU D 1121 47.11 -84.38 85.94
C LEU D 1121 46.80 -83.41 84.81
N GLY D 1122 47.43 -82.23 84.86
CA GLY D 1122 47.13 -81.18 83.90
C GLY D 1122 48.22 -81.02 82.87
N VAL D 1123 47.83 -81.01 81.60
CA VAL D 1123 48.74 -80.71 80.51
C VAL D 1123 48.77 -79.20 80.34
N GLY D 1124 47.99 -78.51 81.17
CA GLY D 1124 47.91 -77.07 81.14
C GLY D 1124 47.36 -76.53 82.44
N TYR D 1125 46.48 -75.54 82.37
CA TYR D 1125 45.85 -74.98 83.56
C TYR D 1125 44.41 -75.47 83.64
N THR D 1126 44.01 -75.91 84.83
CA THR D 1126 42.69 -76.48 85.04
C THR D 1126 41.90 -75.74 86.12
N ALA D 1127 42.33 -74.53 86.48
CA ALA D 1127 41.65 -73.75 87.50
C ALA D 1127 41.88 -72.28 87.24
N VAL D 1128 40.84 -71.48 87.41
CA VAL D 1128 40.89 -70.04 87.21
C VAL D 1128 40.24 -69.36 88.39
N CYS D 1129 40.90 -68.34 88.94
CA CYS D 1129 40.36 -67.54 90.03
C CYS D 1129 40.15 -66.12 89.55
N ALA D 1130 39.14 -65.46 90.14
CA ALA D 1130 38.81 -64.10 89.75
C ALA D 1130 38.19 -63.36 90.93
N THR D 1131 38.60 -62.10 91.10
CA THR D 1131 38.06 -61.27 92.17
C THR D 1131 36.73 -60.67 91.72
N ALA D 1132 35.63 -61.18 92.27
CA ALA D 1132 34.31 -60.76 91.79
C ALA D 1132 33.86 -59.47 92.44
N ALA D 1133 33.69 -59.47 93.77
CA ALA D 1133 33.09 -58.35 94.47
C ALA D 1133 34.04 -57.79 95.51
N LEU D 1134 33.64 -56.67 96.10
CA LEU D 1134 34.44 -55.96 97.09
C LEU D 1134 33.65 -55.80 98.37
N ARG D 1135 34.33 -55.98 99.51
CA ARG D 1135 33.77 -55.74 100.82
C ARG D 1135 34.41 -54.51 101.44
N CYS D 1136 34.10 -54.25 102.70
CA CYS D 1136 34.56 -53.06 103.38
C CYS D 1136 36.09 -53.01 103.41
N PRO D 1137 36.68 -51.83 103.19
CA PRO D 1137 38.14 -51.73 103.32
C PRO D 1137 38.57 -51.94 104.77
N LEU D 1138 39.74 -52.53 104.94
CA LEU D 1138 40.27 -52.81 106.28
C LEU D 1138 41.14 -51.64 106.74
N THR D 1139 42.20 -51.35 106.00
CA THR D 1139 43.11 -50.29 106.41
C THR D 1139 42.50 -48.92 106.17
N ASP D 1140 43.06 -47.92 106.83
CA ASP D 1140 42.61 -46.55 106.70
C ASP D 1140 43.56 -45.78 105.80
N MET D 1141 43.00 -44.90 104.98
CA MET D 1141 43.79 -44.06 104.08
C MET D 1141 44.13 -42.73 104.74
N GLY D 1142 44.68 -42.81 105.94
CA GLY D 1142 44.99 -41.63 106.72
C GLY D 1142 46.31 -41.00 106.32
N ASN D 1143 46.78 -40.09 107.18
CA ASN D 1143 48.02 -39.37 106.98
C ASN D 1143 48.91 -39.64 108.20
N THR D 1144 49.65 -40.74 108.13
CA THR D 1144 50.56 -41.13 109.20
C THR D 1144 51.97 -41.17 108.63
N ALA D 1145 52.82 -40.25 109.06
CA ALA D 1145 54.18 -40.19 108.56
C ALA D 1145 54.99 -41.36 109.09
N GLN D 1146 56.08 -41.65 108.38
CA GLN D 1146 57.00 -42.72 108.77
C GLN D 1146 58.19 -42.11 109.49
N ASN D 1147 58.45 -42.57 110.70
CA ASN D 1147 59.54 -42.05 111.52
C ASN D 1147 60.79 -42.89 111.29
N LEU D 1148 61.84 -42.25 110.76
CA LEU D 1148 63.10 -42.95 110.51
C LEU D 1148 63.98 -43.04 111.74
N PHE D 1149 63.48 -42.64 112.91
CA PHE D 1149 64.23 -42.72 114.15
C PHE D 1149 64.07 -44.06 114.85
N PHE D 1150 63.50 -45.06 114.16
CA PHE D 1150 63.37 -46.40 114.70
C PHE D 1150 64.53 -47.30 114.31
N SER D 1151 65.59 -46.74 113.72
CA SER D 1151 66.71 -47.52 113.24
C SER D 1151 68.00 -47.07 113.92
N ARG D 1152 69.04 -47.90 113.79
CA ARG D 1152 70.34 -47.61 114.35
C ARG D 1152 71.41 -48.20 113.46
N GLY D 1153 72.52 -47.47 113.30
CA GLY D 1153 73.62 -47.96 112.49
C GLY D 1153 74.31 -46.90 111.65
N GLY D 1154 73.59 -45.83 111.33
CA GLY D 1154 74.17 -44.77 110.53
C GLY D 1154 75.10 -43.89 111.33
N VAL D 1155 75.95 -43.17 110.61
CA VAL D 1155 76.92 -42.26 111.21
C VAL D 1155 76.15 -41.14 111.92
N PRO D 1156 76.23 -41.04 113.24
CA PRO D 1156 75.45 -40.04 113.97
C PRO D 1156 76.17 -38.69 113.97
N MET D 1157 75.52 -37.71 114.58
CA MET D 1157 76.11 -36.38 114.72
C MET D 1157 77.17 -36.38 115.80
N LEU D 1158 78.09 -35.42 115.69
CA LEU D 1158 79.19 -35.34 116.66
C LEU D 1158 78.69 -35.02 118.06
N HIS D 1159 77.67 -34.18 118.17
CA HIS D 1159 77.15 -33.76 119.46
C HIS D 1159 75.89 -34.53 119.79
N ASP D 1160 75.67 -34.76 121.08
CA ASP D 1160 74.47 -35.49 121.50
C ASP D 1160 73.25 -34.57 121.58
N ASN D 1161 73.47 -33.31 121.96
CA ASN D 1161 72.34 -32.39 122.09
C ASN D 1161 71.68 -32.11 120.76
N VAL D 1162 72.46 -32.12 119.66
CA VAL D 1162 71.88 -31.82 118.36
C VAL D 1162 71.09 -33.01 117.84
N THR D 1163 71.50 -34.23 118.18
CA THR D 1163 70.73 -35.40 117.78
C THR D 1163 69.64 -35.75 118.77
N GLU D 1164 69.70 -35.22 119.99
CA GLU D 1164 68.61 -35.40 120.93
C GLU D 1164 67.46 -34.45 120.61
N SER D 1165 67.76 -33.16 120.54
CA SER D 1165 66.73 -32.17 120.23
C SER D 1165 66.11 -32.41 118.86
N LEU D 1166 66.86 -33.03 117.95
CA LEU D 1166 66.30 -33.36 116.64
C LEU D 1166 65.18 -34.38 116.76
N ARG D 1167 65.43 -35.48 117.47
CA ARG D 1167 64.39 -36.47 117.69
C ARG D 1167 63.25 -35.91 118.52
N ARG D 1168 63.56 -35.05 119.49
CA ARG D 1168 62.51 -34.47 120.33
C ARG D 1168 61.55 -33.63 119.51
N ILE D 1169 62.06 -32.89 118.53
CA ILE D 1169 61.20 -32.03 117.73
C ILE D 1169 60.38 -32.84 116.74
N THR D 1170 61.01 -33.79 116.05
CA THR D 1170 60.27 -34.61 115.10
C THR D 1170 59.27 -35.52 115.79
N ALA D 1171 59.44 -35.77 117.09
CA ALA D 1171 58.40 -36.48 117.84
C ALA D 1171 57.17 -35.63 117.98
N SER D 1172 57.35 -34.33 118.25
CA SER D 1172 56.23 -33.40 118.25
C SER D 1172 55.62 -33.31 116.86
N GLY D 1173 54.31 -33.13 116.81
CA GLY D 1173 53.63 -33.06 115.53
C GLY D 1173 53.48 -34.39 114.84
N GLY D 1174 53.43 -35.49 115.59
CA GLY D 1174 53.25 -36.81 115.03
C GLY D 1174 52.51 -37.69 116.01
N ARG D 1175 52.35 -38.96 115.62
CA ARG D 1175 51.67 -39.93 116.46
C ARG D 1175 52.62 -41.01 116.97
N LEU D 1176 53.28 -41.73 116.07
CA LEU D 1176 54.15 -42.83 116.45
C LEU D 1176 55.54 -42.28 116.75
N ASN D 1177 56.01 -42.53 117.97
CA ASN D 1177 57.32 -42.09 118.43
C ASN D 1177 57.88 -43.17 119.33
N PRO D 1178 59.19 -43.38 119.32
CA PRO D 1178 59.78 -44.33 120.26
C PRO D 1178 59.57 -43.87 121.70
N THR D 1179 59.45 -44.85 122.59
CA THR D 1179 59.33 -44.53 124.00
C THR D 1179 60.54 -43.73 124.47
N GLU D 1180 60.28 -42.71 125.30
CA GLU D 1180 61.30 -41.74 125.68
C GLU D 1180 62.51 -42.37 126.36
N PRO D 1181 62.36 -43.29 127.31
CA PRO D 1181 63.56 -43.91 127.90
C PRO D 1181 64.51 -44.50 126.88
N LEU D 1182 64.01 -44.86 125.69
CA LEU D 1182 64.80 -45.43 124.61
C LEU D 1182 65.59 -46.62 125.13
N PRO D 1183 64.94 -47.73 125.42
CA PRO D 1183 65.63 -48.84 126.10
C PRO D 1183 66.68 -49.49 125.19
N ILE D 1184 67.92 -49.50 125.66
CA ILE D 1184 68.96 -50.28 125.00
C ILE D 1184 68.58 -51.75 125.05
N PHE D 1185 68.96 -52.49 124.01
CA PHE D 1185 68.68 -53.93 123.92
C PHE D 1185 67.17 -54.16 123.98
N GLY D 1186 66.49 -53.67 122.95
CA GLY D 1186 65.05 -53.79 122.84
C GLY D 1186 64.56 -53.73 121.42
N GLY D 1187 63.30 -53.33 121.24
CA GLY D 1187 62.70 -53.27 119.92
C GLY D 1187 62.30 -51.89 119.46
N LEU D 1188 62.30 -50.93 120.38
CA LEU D 1188 61.92 -49.55 120.10
C LEU D 1188 60.51 -49.49 119.52
N ARG D 1189 59.57 -49.99 120.30
CA ARG D 1189 58.20 -50.04 119.82
C ARG D 1189 57.42 -48.82 120.28
N PRO D 1190 56.47 -48.35 119.48
CA PRO D 1190 55.68 -47.19 119.88
C PRO D 1190 54.71 -47.53 121.00
N ALA D 1191 54.32 -46.51 121.74
CA ALA D 1191 53.41 -46.71 122.87
C ALA D 1191 52.03 -47.10 122.37
N THR D 1192 51.41 -48.05 123.04
CA THR D 1192 50.08 -48.52 122.66
C THR D 1192 49.04 -47.48 123.05
N SER D 1193 48.22 -47.07 122.09
CA SER D 1193 47.19 -46.08 122.32
C SER D 1193 45.92 -46.75 122.81
N ALA D 1194 44.83 -45.99 122.90
CA ALA D 1194 43.53 -46.50 123.28
C ALA D 1194 42.83 -47.08 122.04
N GLY D 1195 41.52 -47.29 122.15
CA GLY D 1195 40.78 -47.97 121.09
C GLY D 1195 40.90 -47.29 119.75
N ILE D 1196 40.52 -48.04 118.71
CA ILE D 1196 40.68 -47.63 117.32
C ILE D 1196 39.35 -47.09 116.81
N ALA D 1197 39.41 -46.17 115.86
CA ALA D 1197 38.21 -45.51 115.36
C ALA D 1197 37.63 -46.18 114.13
N ARG D 1198 38.40 -46.23 113.03
CA ARG D 1198 37.80 -46.66 111.77
C ARG D 1198 38.72 -47.58 110.97
N GLY D 1199 39.68 -48.25 111.60
CA GLY D 1199 40.50 -49.22 110.92
C GLY D 1199 41.98 -48.98 111.14
N GLN D 1200 42.77 -49.91 110.62
CA GLN D 1200 44.21 -49.86 110.81
C GLN D 1200 44.81 -48.74 109.96
N ALA D 1201 45.69 -47.97 110.57
CA ALA D 1201 46.34 -46.87 109.86
C ALA D 1201 47.42 -47.39 108.93
N SER D 1202 47.65 -46.65 107.85
CA SER D 1202 48.66 -47.00 106.86
C SER D 1202 49.72 -45.91 106.82
N VAL D 1203 50.98 -46.32 106.77
CA VAL D 1203 52.09 -45.36 106.78
C VAL D 1203 52.32 -44.82 105.38
N CYS D 1204 53.00 -43.68 105.32
CA CYS D 1204 53.27 -42.99 104.07
C CYS D 1204 54.76 -42.66 103.99
N GLU D 1205 55.42 -43.17 102.96
CA GLU D 1205 56.84 -42.92 102.74
C GLU D 1205 57.02 -41.81 101.72
N PHE D 1206 57.97 -40.92 101.98
CA PHE D 1206 58.23 -39.76 101.14
C PHE D 1206 59.53 -39.96 100.38
N VAL D 1207 59.56 -39.50 99.13
CA VAL D 1207 60.73 -39.57 98.28
C VAL D 1207 61.04 -38.18 97.74
N ALA D 1208 62.32 -37.84 97.70
CA ALA D 1208 62.72 -36.53 97.21
C ALA D 1208 62.67 -36.48 95.68
N MET D 1209 62.52 -35.28 95.15
CA MET D 1209 62.43 -35.06 93.71
C MET D 1209 62.60 -33.57 93.41
N PRO D 1210 63.04 -33.22 92.20
CA PRO D 1210 63.17 -31.80 91.86
C PRO D 1210 61.83 -31.09 91.91
N VAL D 1211 61.90 -29.76 92.02
CA VAL D 1211 60.67 -28.97 92.13
C VAL D 1211 59.94 -28.94 90.80
N SER D 1212 60.58 -28.38 89.78
CA SER D 1212 59.96 -28.25 88.45
C SER D 1212 59.95 -29.61 87.78
N THR D 1213 59.06 -30.47 88.25
CA THR D 1213 58.91 -31.81 87.72
C THR D 1213 57.69 -31.89 86.82
N ASP D 1214 57.82 -32.64 85.73
CA ASP D 1214 56.71 -32.82 84.80
C ASP D 1214 55.51 -33.41 85.53
N LEU D 1215 54.45 -32.60 85.65
CA LEU D 1215 53.27 -33.02 86.38
C LEU D 1215 52.45 -34.06 85.63
N GLN D 1216 52.55 -34.10 84.30
CA GLN D 1216 51.74 -35.04 83.53
C GLN D 1216 52.10 -36.49 83.81
N TYR D 1217 53.27 -36.74 84.40
CA TYR D 1217 53.67 -38.11 84.67
C TYR D 1217 52.82 -38.76 85.75
N PHE D 1218 52.23 -37.96 86.64
CA PHE D 1218 51.47 -38.46 87.77
C PHE D 1218 49.98 -38.54 87.50
N ARG D 1219 49.56 -38.46 86.24
CA ARG D 1219 48.15 -38.53 85.89
C ARG D 1219 47.74 -39.90 85.39
N THR D 1220 48.65 -40.87 85.40
CA THR D 1220 48.34 -42.23 84.98
C THR D 1220 49.09 -43.19 85.91
N ALA D 1221 49.06 -44.47 85.56
CA ALA D 1221 49.79 -45.48 86.31
C ALA D 1221 51.28 -45.24 86.18
N CYS D 1222 51.92 -44.80 87.26
CA CYS D 1222 53.31 -44.37 87.22
C CYS D 1222 54.14 -45.18 88.22
N ASN D 1223 55.45 -45.16 88.02
CA ASN D 1223 56.38 -45.88 88.88
C ASN D 1223 57.05 -44.90 89.83
N PRO D 1224 57.02 -45.15 91.14
CA PRO D 1224 57.58 -44.16 92.08
C PRO D 1224 59.09 -44.09 92.04
N ARG D 1225 59.76 -45.14 91.58
CA ARG D 1225 61.22 -45.12 91.52
C ARG D 1225 61.72 -44.03 90.58
N GLY D 1226 60.95 -43.74 89.53
CA GLY D 1226 61.29 -42.73 88.55
C GLY D 1226 61.61 -43.31 87.18
N ARG D 1227 62.15 -44.53 87.14
CA ARG D 1227 62.50 -45.20 85.90
C ARG D 1227 61.85 -46.58 85.90
N ALA D 1228 61.16 -46.92 84.82
CA ALA D 1228 60.51 -48.21 84.72
C ALA D 1228 61.53 -49.33 84.74
N SER D 1229 61.21 -50.41 85.47
CA SER D 1229 62.11 -51.54 85.63
C SER D 1229 61.28 -52.82 85.60
N GLY D 1230 61.92 -53.92 85.97
CA GLY D 1230 61.27 -55.21 86.00
C GLY D 1230 61.90 -56.19 85.02
N MET D 1231 61.43 -57.43 85.11
CA MET D 1231 61.90 -58.51 84.25
C MET D 1231 61.03 -58.73 83.03
N LEU D 1232 60.05 -57.85 82.81
CA LEU D 1232 59.12 -58.00 81.70
C LEU D 1232 59.65 -57.43 80.40
N TYR D 1233 60.89 -56.95 80.38
CA TYR D 1233 61.52 -56.39 79.19
C TYR D 1233 62.81 -57.15 78.96
N MET D 1234 62.74 -58.22 78.18
CA MET D 1234 63.85 -59.14 77.97
C MET D 1234 63.73 -59.69 76.55
N GLY D 1235 64.40 -60.80 76.30
CA GLY D 1235 64.29 -61.47 75.02
C GLY D 1235 65.57 -62.11 74.54
N ASP D 1236 66.72 -61.58 74.94
CA ASP D 1236 67.98 -62.17 74.52
C ASP D 1236 68.78 -62.76 75.67
N ARG D 1237 69.16 -61.95 76.67
CA ARG D 1237 70.04 -62.42 77.73
C ARG D 1237 69.45 -62.09 79.08
N ASP D 1238 70.01 -62.73 80.11
CA ASP D 1238 69.58 -62.52 81.49
C ASP D 1238 70.41 -61.47 82.21
N ALA D 1239 71.53 -61.05 81.64
CA ALA D 1239 72.28 -59.94 82.21
C ALA D 1239 71.67 -58.62 81.77
N ASP D 1240 70.36 -58.50 81.96
CA ASP D 1240 69.62 -57.33 81.54
C ASP D 1240 68.73 -56.75 82.63
N ILE D 1241 68.33 -57.54 83.64
CA ILE D 1241 67.61 -56.98 84.77
C ILE D 1241 68.45 -55.92 85.46
N GLU D 1242 69.75 -56.18 85.60
CA GLU D 1242 70.66 -55.16 86.09
C GLU D 1242 70.93 -54.08 85.04
N ALA D 1243 70.81 -54.41 83.76
CA ALA D 1243 70.99 -53.41 82.72
C ALA D 1243 69.98 -52.28 82.86
N ILE D 1244 68.69 -52.60 82.72
CA ILE D 1244 67.68 -51.58 82.98
C ILE D 1244 67.25 -51.61 84.44
N MET D 1245 68.12 -51.16 85.33
CA MET D 1245 67.70 -50.65 86.62
C MET D 1245 68.51 -49.45 87.09
N PHE D 1246 69.76 -49.31 86.66
CA PHE D 1246 70.61 -48.19 87.05
C PHE D 1246 71.44 -47.62 85.92
N ASP D 1247 71.57 -48.31 84.79
CA ASP D 1247 72.38 -47.82 83.69
C ASP D 1247 71.69 -46.67 82.97
N HIS D 1248 72.21 -45.45 83.15
CA HIS D 1248 71.64 -44.27 82.53
C HIS D 1248 72.38 -43.82 81.29
N THR D 1249 73.17 -44.71 80.69
CA THR D 1249 73.75 -44.42 79.39
C THR D 1249 72.76 -44.65 78.26
N GLN D 1250 71.60 -45.23 78.55
CA GLN D 1250 70.55 -45.43 77.58
C GLN D 1250 69.24 -44.86 78.10
N SER D 1251 68.32 -44.62 77.19
CA SER D 1251 67.07 -43.96 77.54
C SER D 1251 66.18 -44.89 78.36
N ASP D 1252 65.15 -44.30 78.96
CA ASP D 1252 64.17 -45.07 79.71
C ASP D 1252 63.42 -46.01 78.78
N VAL D 1253 62.93 -47.10 79.36
CA VAL D 1253 62.17 -48.08 78.59
C VAL D 1253 60.81 -47.53 78.22
N ALA D 1254 60.05 -47.07 79.22
CA ALA D 1254 58.71 -46.57 78.97
C ALA D 1254 58.73 -45.32 78.10
N TYR D 1255 59.44 -44.28 78.53
CA TYR D 1255 59.54 -43.02 77.80
C TYR D 1255 60.92 -42.96 77.17
N THR D 1256 61.00 -43.34 75.89
CA THR D 1256 62.29 -43.43 75.23
C THR D 1256 62.77 -42.06 74.75
N ASP D 1257 62.79 -41.08 75.66
CA ASP D 1257 63.33 -39.77 75.35
C ASP D 1257 64.14 -39.18 76.50
N ARG D 1258 64.33 -39.92 77.58
CA ARG D 1258 65.06 -39.40 78.74
C ARG D 1258 65.56 -40.58 79.55
N ALA D 1259 66.54 -40.31 80.40
CA ALA D 1259 67.09 -41.37 81.25
C ALA D 1259 66.10 -41.75 82.34
N THR D 1260 65.77 -40.80 83.22
CA THR D 1260 64.84 -41.03 84.32
C THR D 1260 63.95 -39.81 84.48
N LEU D 1261 63.19 -39.79 85.56
CA LEU D 1261 62.48 -38.57 85.93
C LEU D 1261 63.28 -37.77 86.93
N ASN D 1262 63.58 -38.36 88.09
CA ASN D 1262 64.38 -37.69 89.11
C ASN D 1262 65.70 -38.43 89.27
N PRO D 1263 66.83 -37.77 89.07
CA PRO D 1263 68.13 -38.42 89.24
C PRO D 1263 68.54 -38.61 90.70
N TRP D 1264 67.65 -38.35 91.65
CA TRP D 1264 67.97 -38.49 93.07
C TRP D 1264 67.45 -39.78 93.68
N ALA D 1265 66.62 -40.55 92.95
CA ALA D 1265 66.02 -41.75 93.52
C ALA D 1265 66.04 -42.90 92.52
N SER D 1266 66.96 -42.88 91.57
CA SER D 1266 67.03 -43.93 90.57
C SER D 1266 68.45 -44.37 90.25
N GLN D 1267 69.46 -43.75 90.82
CA GLN D 1267 70.84 -44.10 90.50
C GLN D 1267 71.26 -45.35 91.27
N LYS D 1268 72.49 -45.79 91.00
CA LYS D 1268 73.00 -46.99 91.67
C LYS D 1268 73.14 -46.76 93.17
N HIS D 1269 73.53 -45.56 93.57
CA HIS D 1269 73.69 -45.22 94.98
C HIS D 1269 73.11 -43.85 95.27
N SER D 1270 71.99 -43.54 94.64
CA SER D 1270 71.34 -42.25 94.86
C SER D 1270 70.83 -42.16 96.30
N TYR D 1271 70.29 -40.99 96.64
CA TYR D 1271 69.79 -40.78 98.00
C TYR D 1271 68.63 -41.73 98.29
N GLY D 1272 67.62 -41.74 97.41
CA GLY D 1272 66.48 -42.61 97.63
C GLY D 1272 66.85 -44.08 97.61
N ASP D 1273 67.77 -44.47 96.73
CA ASP D 1273 68.18 -45.86 96.66
C ASP D 1273 68.96 -46.26 97.91
N ARG D 1274 69.87 -45.41 98.36
CA ARG D 1274 70.64 -45.71 99.56
C ARG D 1274 69.75 -45.80 100.79
N LEU D 1275 68.60 -45.13 100.77
CA LEU D 1275 67.72 -45.13 101.93
C LEU D 1275 67.10 -46.51 102.16
N TYR D 1276 66.60 -47.12 101.10
CA TYR D 1276 66.02 -48.46 101.19
C TYR D 1276 66.27 -49.20 99.88
N ASN D 1277 66.95 -50.33 99.98
CA ASN D 1277 67.20 -51.16 98.81
C ASN D 1277 66.91 -52.62 99.15
N GLY D 1278 66.87 -52.93 100.44
CA GLY D 1278 66.74 -54.27 100.92
C GLY D 1278 68.05 -55.02 101.03
N THR D 1279 69.06 -54.61 100.26
CA THR D 1279 70.39 -55.19 100.35
C THR D 1279 71.33 -54.35 101.20
N TYR D 1280 70.98 -53.11 101.51
CA TYR D 1280 71.79 -52.27 102.38
C TYR D 1280 71.36 -52.37 103.83
N ASN D 1281 70.10 -52.71 104.08
CA ASN D 1281 69.59 -52.97 105.43
C ASN D 1281 69.80 -51.77 106.34
N LEU D 1282 69.19 -50.65 105.97
CA LEU D 1282 69.24 -49.46 106.79
C LEU D 1282 68.16 -49.46 107.86
N THR D 1283 66.98 -49.99 107.53
CA THR D 1283 65.84 -50.01 108.44
C THR D 1283 65.52 -51.43 108.92
N GLY D 1284 66.57 -52.22 109.19
CA GLY D 1284 66.34 -53.57 109.65
C GLY D 1284 65.71 -53.64 111.03
N ALA D 1285 66.17 -52.79 111.94
CA ALA D 1285 65.67 -52.80 113.31
C ALA D 1285 64.29 -52.16 113.44
N SER D 1286 63.79 -51.52 112.40
CA SER D 1286 62.51 -50.84 112.50
C SER D 1286 61.38 -51.86 112.43
N PRO D 1287 60.38 -51.76 113.31
CA PRO D 1287 59.24 -52.69 113.26
C PRO D 1287 58.12 -52.27 112.33
N ILE D 1288 58.15 -51.04 111.82
CA ILE D 1288 57.06 -50.56 110.97
C ILE D 1288 57.28 -51.03 109.54
N TYR D 1289 56.19 -51.14 108.80
CA TYR D 1289 56.26 -51.56 107.41
C TYR D 1289 56.58 -50.38 106.50
N SER D 1290 57.21 -50.68 105.38
CA SER D 1290 57.56 -49.67 104.38
C SER D 1290 56.90 -50.03 103.06
N PRO D 1291 55.97 -49.20 102.57
CA PRO D 1291 55.18 -49.59 101.40
C PRO D 1291 55.94 -49.51 100.08
N CYS D 1292 57.12 -48.92 100.07
CA CYS D 1292 57.87 -48.70 98.84
C CYS D 1292 59.15 -49.53 98.83
N PHE D 1293 59.17 -50.59 99.61
CA PHE D 1293 60.29 -51.52 99.62
C PHE D 1293 60.30 -52.45 98.42
N LYS D 1294 59.14 -52.81 97.89
CA LYS D 1294 59.03 -53.72 96.76
C LYS D 1294 59.37 -53.08 95.44
N PHE D 1295 59.61 -51.76 95.42
CA PHE D 1295 59.95 -51.05 94.20
C PHE D 1295 61.44 -50.81 94.04
N PHE D 1296 62.23 -51.06 95.07
CA PHE D 1296 63.66 -50.76 95.04
C PHE D 1296 64.53 -52.01 95.11
N THR D 1297 64.00 -53.09 95.68
CA THR D 1297 64.75 -54.34 95.71
C THR D 1297 64.84 -54.91 94.29
N PRO D 1298 66.02 -55.31 93.84
CA PRO D 1298 66.16 -55.78 92.45
C PRO D 1298 65.34 -57.02 92.12
N ALA D 1299 65.02 -57.86 93.10
CA ALA D 1299 64.14 -59.01 92.93
C ALA D 1299 64.67 -59.97 91.85
N GLU D 1300 65.81 -60.57 92.19
CA GLU D 1300 66.50 -61.50 91.30
C GLU D 1300 65.60 -62.64 90.87
N VAL D 1301 65.59 -62.92 89.57
CA VAL D 1301 64.79 -64.01 89.01
C VAL D 1301 65.66 -64.79 88.02
N ASN D 1302 65.45 -66.10 87.97
CA ASN D 1302 66.22 -67.01 87.14
C ASN D 1302 65.42 -67.34 85.88
N THR D 1303 66.14 -67.64 84.80
CA THR D 1303 65.50 -67.97 83.54
C THR D 1303 65.24 -69.47 83.46
N ASN D 1304 63.96 -69.84 83.48
CA ASN D 1304 63.55 -71.23 83.33
C ASN D 1304 62.65 -71.42 82.13
N CYS D 1305 61.66 -70.56 81.96
CA CYS D 1305 60.77 -70.61 80.81
C CYS D 1305 60.70 -69.25 80.15
N ASN D 1306 59.81 -69.07 79.18
CA ASN D 1306 59.65 -67.79 78.53
C ASN D 1306 59.06 -66.78 79.50
N THR D 1307 59.13 -65.50 79.10
CA THR D 1307 58.65 -64.44 79.97
C THR D 1307 57.15 -64.55 80.22
N LEU D 1308 56.40 -65.09 79.25
CA LEU D 1308 54.96 -65.26 79.47
C LEU D 1308 54.69 -66.32 80.51
N ASP D 1309 55.50 -67.38 80.53
CA ASP D 1309 55.30 -68.43 81.52
C ASP D 1309 55.62 -67.94 82.92
N ARG D 1310 56.72 -67.21 83.07
CA ARG D 1310 57.09 -66.72 84.39
C ARG D 1310 56.09 -65.69 84.90
N LEU D 1311 55.57 -64.86 84.00
CA LEU D 1311 54.56 -63.88 84.40
C LEU D 1311 53.31 -64.58 84.92
N LEU D 1312 52.82 -65.58 84.18
CA LEU D 1312 51.62 -66.29 84.60
C LEU D 1312 51.85 -67.15 85.84
N MET D 1313 53.10 -67.42 86.20
CA MET D 1313 53.42 -68.31 87.29
C MET D 1313 53.72 -67.59 88.60
N GLU D 1314 53.72 -66.26 88.60
CA GLU D 1314 54.03 -65.50 89.81
C GLU D 1314 52.82 -64.81 90.42
N ALA D 1315 51.69 -64.76 89.72
CA ALA D 1315 50.46 -64.20 90.27
C ALA D 1315 49.71 -65.33 90.96
N LYS D 1316 50.19 -65.71 92.14
CA LYS D 1316 49.69 -66.88 92.84
C LYS D 1316 49.38 -66.57 94.31
N ALA D 1317 48.97 -65.34 94.61
CA ALA D 1317 48.53 -64.95 95.94
C ALA D 1317 49.63 -65.20 96.97
N VAL D 1318 50.71 -64.45 96.83
CA VAL D 1318 51.87 -64.56 97.71
C VAL D 1318 51.48 -64.18 99.13
N ALA D 1319 52.34 -64.53 100.09
CA ALA D 1319 52.05 -64.27 101.49
C ALA D 1319 51.96 -62.77 101.75
N SER D 1320 51.31 -62.42 102.86
CA SER D 1320 51.11 -61.03 103.22
C SER D 1320 52.41 -60.41 103.72
N GLN D 1321 52.38 -59.08 103.88
CA GLN D 1321 53.54 -58.34 104.35
C GLN D 1321 53.15 -57.28 105.38
N SER D 1322 52.10 -57.54 106.15
CA SER D 1322 51.64 -56.61 107.17
C SER D 1322 51.01 -57.43 108.29
N SER D 1323 50.28 -56.75 109.17
CA SER D 1323 49.59 -57.39 110.27
C SER D 1323 48.14 -56.93 110.31
N THR D 1324 47.26 -57.84 110.73
CA THR D 1324 45.83 -57.56 110.78
C THR D 1324 45.34 -57.41 112.22
N ASP D 1325 46.24 -57.13 113.15
CA ASP D 1325 45.88 -56.93 114.54
C ASP D 1325 46.34 -55.58 115.07
N THR D 1326 47.52 -55.13 114.70
CA THR D 1326 48.03 -53.84 115.16
C THR D 1326 47.48 -52.73 114.28
N GLU D 1327 47.26 -51.57 114.90
CA GLU D 1327 46.71 -50.42 114.21
C GLU D 1327 47.76 -49.59 113.49
N TYR D 1328 49.02 -50.00 113.52
CA TYR D 1328 50.09 -49.23 112.92
C TYR D 1328 50.72 -49.91 111.71
N GLN D 1329 50.18 -51.05 111.28
CA GLN D 1329 50.71 -51.79 110.13
C GLN D 1329 52.18 -52.15 110.33
N PHE D 1330 52.43 -52.96 111.36
CA PHE D 1330 53.78 -53.39 111.67
C PHE D 1330 54.26 -54.38 110.61
N LYS D 1331 55.52 -54.80 110.74
CA LYS D 1331 56.08 -55.79 109.83
C LYS D 1331 55.33 -57.12 109.96
N ARG D 1332 55.53 -57.97 108.97
CA ARG D 1332 54.85 -59.26 108.95
C ARG D 1332 55.31 -60.11 110.12
N PRO D 1333 54.41 -60.63 110.94
CA PRO D 1333 54.83 -61.46 112.07
C PRO D 1333 55.38 -62.79 111.60
N PRO D 1334 56.55 -63.19 112.09
CA PRO D 1334 57.12 -64.48 111.69
C PRO D 1334 56.25 -65.62 112.18
N GLY D 1335 55.75 -66.42 111.25
CA GLY D 1335 54.89 -67.55 111.54
C GLY D 1335 53.47 -67.42 111.06
N SER D 1336 52.99 -66.19 110.87
CA SER D 1336 51.63 -65.98 110.37
C SER D 1336 51.56 -66.40 108.91
N THR D 1337 50.59 -67.26 108.59
CA THR D 1337 50.37 -67.73 107.23
C THR D 1337 49.01 -67.22 106.75
N GLU D 1338 49.05 -66.16 105.94
CA GLU D 1338 47.87 -65.53 105.39
C GLU D 1338 48.21 -65.02 104.00
N MET D 1339 47.60 -65.62 102.98
CA MET D 1339 47.90 -65.29 101.60
C MET D 1339 46.99 -64.17 101.12
N THR D 1340 47.57 -63.15 100.52
CA THR D 1340 46.82 -62.04 99.92
C THR D 1340 47.29 -61.86 98.48
N GLN D 1341 46.34 -61.66 97.59
CA GLN D 1341 46.67 -61.44 96.19
C GLN D 1341 47.36 -60.09 96.03
N ASP D 1342 48.39 -60.06 95.18
CA ASP D 1342 49.21 -58.86 95.00
C ASP D 1342 49.22 -58.46 93.53
N PRO D 1343 48.30 -57.62 93.11
CA PRO D 1343 48.44 -56.94 91.82
C PRO D 1343 49.29 -55.69 91.98
N CYS D 1344 49.66 -55.11 90.84
CA CYS D 1344 50.42 -53.85 90.78
C CYS D 1344 51.70 -53.92 91.60
N GLY D 1345 52.15 -55.12 91.93
CA GLY D 1345 53.44 -55.31 92.56
C GLY D 1345 54.34 -56.09 91.62
N LEU D 1346 53.72 -56.95 90.82
CA LEU D 1346 54.42 -57.66 89.76
C LEU D 1346 54.60 -56.79 88.52
N PHE D 1347 53.81 -55.73 88.38
CA PHE D 1347 53.98 -54.76 87.31
C PHE D 1347 54.83 -53.56 87.73
N GLN D 1348 55.13 -53.43 89.02
CA GLN D 1348 55.89 -52.30 89.55
C GLN D 1348 55.23 -50.98 89.18
N GLU D 1349 53.95 -50.85 89.52
CA GLU D 1349 53.19 -49.67 89.19
C GLU D 1349 52.32 -49.27 90.36
N ALA D 1350 51.91 -48.00 90.36
CA ALA D 1350 51.04 -47.46 91.39
C ALA D 1350 49.96 -46.61 90.72
N TYR D 1351 48.79 -46.54 91.37
CA TYR D 1351 47.68 -45.81 90.77
C TYR D 1351 47.47 -44.50 91.50
N PRO D 1352 47.28 -43.39 90.80
CA PRO D 1352 47.07 -42.11 91.46
C PRO D 1352 45.61 -41.92 91.83
N PRO D 1353 45.32 -41.63 93.09
CA PRO D 1353 43.92 -41.42 93.49
C PRO D 1353 43.47 -39.98 93.25
N LEU D 1354 42.23 -39.68 93.61
CA LEU D 1354 41.69 -38.33 93.45
C LEU D 1354 42.32 -37.42 94.50
N CYS D 1355 43.25 -36.56 94.08
CA CYS D 1355 43.91 -35.63 94.98
C CYS D 1355 43.94 -34.25 94.34
N SER D 1356 44.24 -33.25 95.15
CA SER D 1356 44.30 -31.87 94.67
C SER D 1356 45.12 -31.04 95.64
N SER D 1357 45.96 -30.17 95.08
CA SER D 1357 46.76 -29.29 95.93
C SER D 1357 45.91 -28.20 96.56
N ASP D 1358 44.73 -27.95 96.02
CA ASP D 1358 43.78 -27.01 96.61
C ASP D 1358 42.47 -27.73 96.91
N ALA D 1359 41.80 -27.27 97.97
CA ALA D 1359 40.55 -27.89 98.41
C ALA D 1359 39.32 -27.20 97.83
N ALA D 1360 39.44 -25.96 97.37
CA ALA D 1360 38.28 -25.25 96.85
C ALA D 1360 37.85 -25.80 95.50
N MET D 1361 38.80 -26.12 94.63
CA MET D 1361 38.49 -26.66 93.31
C MET D 1361 38.16 -28.14 93.34
N LEU D 1362 37.99 -28.73 94.52
CA LEU D 1362 37.72 -30.16 94.60
C LEU D 1362 36.24 -30.48 94.48
N ARG D 1363 35.37 -29.62 94.97
CA ARG D 1363 33.93 -29.87 94.96
C ARG D 1363 33.22 -28.68 94.33
N THR D 1364 32.37 -28.96 93.34
CA THR D 1364 31.62 -27.91 92.68
C THR D 1364 30.35 -27.57 93.44
N ALA D 1365 29.77 -26.42 93.12
CA ALA D 1365 28.59 -25.91 93.81
C ALA D 1365 27.33 -26.31 93.05
N HIS D 1366 27.04 -27.62 93.09
CA HIS D 1366 25.86 -28.12 92.39
C HIS D 1366 25.13 -29.21 93.18
N ALA D 1367 25.54 -29.51 94.41
CA ALA D 1367 24.89 -30.51 95.25
C ALA D 1367 24.87 -31.88 94.55
N GLY D 1368 26.06 -32.41 94.35
CA GLY D 1368 26.21 -33.65 93.61
C GLY D 1368 27.65 -33.98 93.28
N GLU D 1369 27.91 -34.23 92.00
CA GLU D 1369 29.23 -34.62 91.51
C GLU D 1369 30.33 -33.65 91.92
N THR D 1370 31.57 -34.10 91.83
CA THR D 1370 32.73 -33.28 92.19
C THR D 1370 33.31 -32.61 90.94
N GLY D 1371 34.08 -31.56 91.18
CA GLY D 1371 34.72 -30.87 90.08
C GLY D 1371 35.86 -31.68 89.48
N ALA D 1372 36.18 -31.37 88.23
CA ALA D 1372 37.20 -32.13 87.51
C ALA D 1372 38.09 -31.21 86.69
N ASP D 1373 38.42 -30.04 87.24
CA ASP D 1373 39.36 -29.16 86.58
C ASP D 1373 40.77 -29.73 86.66
N GLU D 1374 41.65 -29.24 85.80
CA GLU D 1374 43.03 -29.72 85.77
C GLU D 1374 43.97 -28.76 86.49
N VAL D 1375 43.95 -27.49 86.10
CA VAL D 1375 44.79 -26.46 86.70
C VAL D 1375 43.99 -25.17 86.72
N HIS D 1376 43.98 -24.48 87.88
CA HIS D 1376 43.23 -23.23 87.97
C HIS D 1376 44.13 -22.03 87.69
N LEU D 1377 45.11 -21.79 88.55
CA LEU D 1377 46.14 -20.79 88.27
C LEU D 1377 47.53 -21.39 88.35
N ALA D 1378 47.88 -22.00 89.48
CA ALA D 1378 49.10 -22.78 89.63
C ALA D 1378 48.88 -24.05 90.41
N GLN D 1379 47.69 -24.26 90.98
CA GLN D 1379 47.36 -25.49 91.69
C GLN D 1379 47.08 -26.60 90.68
N TYR D 1380 46.59 -27.73 91.15
CA TYR D 1380 46.29 -28.83 90.24
C TYR D 1380 45.30 -29.77 90.90
N LEU D 1381 44.64 -30.58 90.07
CA LEU D 1381 43.68 -31.57 90.54
C LEU D 1381 43.85 -32.80 89.66
N ILE D 1382 44.38 -33.88 90.25
CA ILE D 1382 44.62 -35.11 89.51
C ILE D 1382 43.35 -35.95 89.52
N ARG D 1383 42.82 -36.23 88.32
CA ARG D 1383 41.65 -37.08 88.23
C ARG D 1383 42.01 -38.50 88.62
N ASP D 1384 41.10 -39.16 89.33
CA ASP D 1384 41.36 -40.51 89.80
C ASP D 1384 41.36 -41.50 88.65
N ALA D 1385 42.38 -42.35 88.61
CA ALA D 1385 42.53 -43.36 87.58
C ALA D 1385 42.81 -44.72 88.21
N SER D 1386 42.42 -44.89 89.45
CA SER D 1386 42.62 -46.12 90.19
C SER D 1386 41.50 -47.12 89.90
N PRO D 1387 41.72 -48.40 90.14
CA PRO D 1387 40.64 -49.38 89.94
C PRO D 1387 39.45 -49.17 90.85
N LEU D 1388 39.60 -48.39 91.92
CA LEU D 1388 38.51 -48.13 92.86
C LEU D 1388 37.89 -46.79 92.49
N ARG D 1389 36.98 -46.83 91.53
CA ARG D 1389 36.30 -45.63 91.05
C ARG D 1389 34.83 -45.60 91.37
N GLY D 1390 34.15 -46.74 91.36
CA GLY D 1390 32.74 -46.80 91.67
C GLY D 1390 32.47 -47.28 93.08
N CYS D 1391 33.38 -46.97 94.00
CA CYS D 1391 33.22 -47.33 95.40
C CYS D 1391 33.70 -46.13 96.23
N LEU D 1392 33.94 -46.36 97.52
CA LEU D 1392 34.46 -45.33 98.42
C LEU D 1392 33.59 -44.09 98.38
N PRO D 1393 32.41 -44.12 99.01
CA PRO D 1393 31.46 -43.00 98.88
C PRO D 1393 32.07 -41.67 99.29
N LEU D 1394 31.52 -40.60 98.75
CA LEU D 1394 32.02 -39.25 98.99
C LEU D 1394 31.02 -38.41 99.80
N SER E 7 121.27 21.10 95.84
CA SER E 7 119.99 21.45 95.25
C SER E 7 119.26 20.22 94.74
N ARG E 8 117.95 20.35 94.56
CA ARG E 8 117.10 19.23 94.13
C ARG E 8 117.20 19.12 92.62
N VAL E 9 118.02 18.18 92.15
CA VAL E 9 118.18 17.90 90.72
C VAL E 9 117.90 16.42 90.53
N VAL E 10 116.72 16.09 90.01
CA VAL E 10 116.31 14.69 89.91
C VAL E 10 117.10 13.91 88.87
N PHE E 11 117.98 14.57 88.12
CA PHE E 11 118.84 13.84 87.18
C PHE E 11 119.74 12.87 87.91
N ASP E 12 120.62 13.39 88.76
CA ASP E 12 121.43 12.56 89.63
C ASP E 12 120.58 12.18 90.84
N PRO E 13 120.17 10.92 90.97
CA PRO E 13 119.24 10.55 92.05
C PRO E 13 119.77 10.82 93.44
N SER E 14 121.09 11.03 93.59
CA SER E 14 121.64 11.37 94.89
C SER E 14 121.34 12.80 95.31
N ASN E 15 120.96 13.65 94.36
CA ASN E 15 120.68 15.06 94.63
C ASN E 15 119.32 15.25 95.32
N PRO E 16 118.22 14.72 94.79
CA PRO E 16 116.92 14.99 95.43
C PRO E 16 116.82 14.32 96.79
N THR E 17 116.39 15.09 97.78
CA THR E 17 116.16 14.59 99.13
C THR E 17 115.20 15.53 99.83
N THR E 18 114.53 15.00 100.86
CA THR E 18 113.56 15.80 101.59
C THR E 18 114.19 17.02 102.24
N PHE E 19 115.51 17.03 102.42
CA PHE E 19 116.18 18.16 103.06
C PHE E 19 115.94 19.45 102.29
N SER E 20 116.07 19.39 100.96
CA SER E 20 115.93 20.58 100.14
C SER E 20 114.49 20.85 99.71
N VAL E 21 113.65 19.81 99.63
CA VAL E 21 112.28 20.00 99.19
C VAL E 21 111.50 20.86 100.18
N GLU E 22 111.84 20.77 101.47
CA GLU E 22 111.17 21.60 102.47
C GLU E 22 111.32 23.08 102.16
N ALA E 23 112.51 23.48 101.69
CA ALA E 23 112.74 24.87 101.36
C ALA E 23 111.94 25.29 100.13
N ILE E 24 111.62 24.35 99.25
CA ILE E 24 110.88 24.68 98.04
C ILE E 24 109.40 24.82 98.36
N ALA E 25 108.70 25.58 97.51
CA ALA E 25 107.28 25.86 97.71
C ALA E 25 106.42 24.67 97.30
N ALA E 26 105.11 24.90 97.14
CA ALA E 26 104.21 23.84 96.72
C ALA E 26 104.01 23.86 95.21
N TYR E 27 103.83 25.05 94.63
CA TYR E 27 103.59 25.18 93.20
C TYR E 27 104.86 25.09 92.38
N THR E 28 105.95 25.73 92.83
CA THR E 28 107.20 25.77 92.08
C THR E 28 107.81 24.39 91.81
N PRO E 29 107.73 23.41 92.73
CA PRO E 29 108.30 22.10 92.38
C PRO E 29 107.48 21.35 91.34
N VAL E 30 106.16 21.51 91.36
CA VAL E 30 105.32 20.89 90.33
C VAL E 30 105.73 21.41 88.96
N ALA E 31 105.96 22.73 88.85
CA ALA E 31 106.53 23.28 87.64
C ALA E 31 107.95 22.78 87.42
N LEU E 32 108.71 22.63 88.51
CA LEU E 32 110.08 22.13 88.39
C LEU E 32 110.11 20.72 87.82
N ILE E 33 109.52 19.75 88.53
CA ILE E 33 109.57 18.36 88.12
C ILE E 33 109.08 18.18 86.69
N ARG E 34 108.23 19.09 86.21
CA ARG E 34 107.69 18.96 84.86
C ARG E 34 108.78 19.16 83.82
N LEU E 35 109.75 20.04 84.08
CA LEU E 35 110.68 20.45 83.04
C LEU E 35 111.98 19.64 83.03
N LEU E 36 112.33 18.96 84.12
CA LEU E 36 113.56 18.18 84.13
C LEU E 36 113.51 17.11 83.06
N ASN E 37 114.57 17.04 82.25
CA ASN E 37 114.55 16.19 81.07
C ASN E 37 114.47 14.72 81.45
N ALA E 38 114.06 13.90 80.48
CA ALA E 38 113.95 12.46 80.69
C ALA E 38 115.30 11.76 80.61
N SER E 39 116.32 12.43 80.10
CA SER E 39 117.63 11.80 79.95
C SER E 39 118.36 11.74 81.28
N GLY E 40 117.74 11.11 82.27
CA GLY E 40 118.37 10.93 83.56
C GLY E 40 119.62 10.09 83.44
N PRO E 41 120.74 10.61 83.96
CA PRO E 41 122.00 9.87 83.86
C PRO E 41 121.92 8.54 84.60
N LEU E 42 122.13 7.45 83.85
CA LEU E 42 122.00 6.12 84.43
C LEU E 42 123.17 5.76 85.33
N GLN E 43 124.29 6.48 85.25
CA GLN E 43 125.43 6.17 86.11
C GLN E 43 125.13 6.44 87.57
N PRO E 44 124.61 7.62 87.96
CA PRO E 44 124.17 7.78 89.35
C PRO E 44 122.80 7.14 89.54
N GLY E 45 122.65 6.47 90.68
CA GLY E 45 121.40 5.80 90.99
C GLY E 45 121.39 5.21 92.38
N HIS E 46 120.25 5.31 93.07
CA HIS E 46 120.12 4.77 94.41
C HIS E 46 120.00 3.26 94.33
N ARG E 47 121.02 2.55 94.82
CA ARG E 47 120.95 1.10 94.99
C ARG E 47 120.16 0.72 96.23
N VAL E 48 119.36 1.65 96.74
CA VAL E 48 118.70 1.55 98.04
C VAL E 48 117.19 1.60 97.81
N ASP E 49 116.72 0.97 96.74
CA ASP E 49 115.29 0.95 96.38
C ASP E 49 114.82 2.37 96.06
N ILE E 50 115.27 2.84 94.89
CA ILE E 50 115.04 4.19 94.37
C ILE E 50 113.63 4.69 94.64
N ALA E 51 112.66 3.77 94.74
CA ALA E 51 111.33 4.15 95.19
C ALA E 51 111.35 4.73 96.60
N ASP E 52 112.42 4.53 97.37
CA ASP E 52 112.56 5.23 98.63
C ASP E 52 112.69 6.74 98.40
N ALA E 53 113.44 7.12 97.36
CA ALA E 53 113.49 8.52 96.96
C ALA E 53 112.13 9.00 96.51
N ARG E 54 111.34 8.11 95.89
CA ARG E 54 109.96 8.44 95.57
C ARG E 54 109.17 8.74 96.84
N SER E 55 109.31 7.88 97.85
CA SER E 55 108.68 8.15 99.14
C SER E 55 109.33 9.34 99.82
N ILE E 56 110.64 9.51 99.64
CA ILE E 56 111.30 10.73 100.12
C ILE E 56 110.67 11.95 99.47
N TYR E 57 110.35 11.85 98.17
CA TYR E 57 109.68 12.95 97.50
C TYR E 57 108.30 13.21 98.10
N THR E 58 107.62 12.15 98.54
CA THR E 58 106.30 12.31 99.14
C THR E 58 106.40 13.01 100.49
N VAL E 59 107.31 12.55 101.35
CA VAL E 59 107.46 13.17 102.66
C VAL E 59 108.02 14.58 102.51
N GLY E 60 108.75 14.85 101.43
CA GLY E 60 109.17 16.22 101.16
C GLY E 60 108.01 17.10 100.74
N ALA E 61 107.19 16.62 99.82
CA ALA E 61 106.00 17.37 99.41
C ALA E 61 105.05 17.54 100.58
N ALA E 62 105.00 16.56 101.47
CA ALA E 62 104.18 16.69 102.67
C ALA E 62 104.69 17.81 103.56
N ALA E 63 106.01 17.94 103.69
CA ALA E 63 106.58 19.03 104.47
C ALA E 63 106.32 20.37 103.80
N SER E 64 106.46 20.42 102.46
CA SER E 64 106.16 21.65 101.73
C SER E 64 104.70 22.05 101.92
N ALA E 65 103.79 21.10 101.81
CA ALA E 65 102.37 21.40 102.01
C ALA E 65 102.12 21.85 103.44
N ALA E 66 102.79 21.24 104.42
CA ALA E 66 102.62 21.65 105.80
C ALA E 66 103.12 23.09 106.00
N ARG E 67 104.07 23.52 105.19
CA ARG E 67 104.55 24.89 105.29
C ARG E 67 103.50 25.87 104.78
N ALA E 68 102.82 25.53 103.68
CA ALA E 68 101.80 26.42 103.14
C ALA E 68 100.61 26.54 104.07
N ARG E 69 100.28 25.46 104.79
CA ARG E 69 99.16 25.51 105.73
C ARG E 69 99.47 26.43 106.91
N ALA E 70 100.71 26.34 107.43
CA ALA E 70 101.10 27.22 108.53
C ALA E 70 100.99 28.69 108.11
N ASN E 71 101.25 28.98 106.83
CA ASN E 71 101.03 30.33 106.34
C ASN E 71 99.55 30.66 106.27
N HIS E 72 98.73 29.70 105.83
CA HIS E 72 97.30 29.93 105.75
C HIS E 72 96.67 29.99 107.12
N ASN E 73 97.25 29.32 108.11
CA ASN E 73 96.69 29.25 109.45
C ASN E 73 96.67 30.60 110.16
N ALA E 74 97.17 31.66 109.53
CA ALA E 74 97.15 32.97 110.18
C ALA E 74 95.71 33.46 110.37
N ASN E 75 94.84 33.18 109.42
CA ASN E 75 93.45 33.63 109.48
C ASN E 75 92.47 32.53 109.84
N THR E 76 92.90 31.27 109.79
CA THR E 76 91.99 30.17 110.08
C THR E 76 91.65 30.12 111.57
N ILE E 77 90.75 29.21 111.91
CA ILE E 77 90.28 29.03 113.28
C ILE E 77 90.86 27.74 113.83
N ARG E 78 91.23 27.76 115.10
CA ARG E 78 91.77 26.57 115.75
C ARG E 78 90.70 25.49 115.81
N ARG E 79 91.03 24.31 115.30
CA ARG E 79 90.09 23.20 115.28
C ARG E 79 90.04 22.51 116.64
N THR E 80 88.90 21.91 116.93
CA THR E 80 88.65 21.21 118.18
C THR E 80 88.37 19.74 117.91
N ALA E 81 88.03 19.02 118.97
CA ALA E 81 87.71 17.60 118.85
C ALA E 81 86.28 17.43 118.33
N MET E 82 86.11 16.57 117.35
CA MET E 82 84.81 16.31 116.73
C MET E 82 84.08 15.13 117.36
N PHE E 83 84.63 14.54 118.42
CA PHE E 83 83.99 13.41 119.08
C PHE E 83 83.89 13.66 120.57
N ALA E 84 83.02 12.87 121.21
CA ALA E 84 82.82 12.96 122.64
C ALA E 84 83.90 12.17 123.37
N GLU E 85 83.71 11.94 124.67
CA GLU E 85 84.57 11.17 125.55
C GLU E 85 85.96 11.78 125.70
N THR E 86 86.22 12.95 125.12
CA THR E 86 87.54 13.57 125.12
C THR E 86 87.43 14.89 125.87
N ASP E 87 87.77 14.87 127.17
CA ASP E 87 87.70 16.04 128.02
C ASP E 87 88.51 15.77 129.28
N PRO E 88 89.25 16.75 129.79
CA PRO E 88 90.03 16.49 131.02
C PRO E 88 89.16 16.20 132.23
N MET E 89 88.12 17.00 132.47
CA MET E 89 87.22 16.80 133.59
C MET E 89 85.80 16.68 133.05
N THR E 90 85.42 15.46 132.67
CA THR E 90 84.05 15.19 132.26
C THR E 90 83.09 15.17 133.44
N TRP E 91 83.60 15.08 134.67
CA TRP E 91 82.74 14.98 135.83
C TRP E 91 81.94 16.25 136.07
N LEU E 92 82.45 17.40 135.65
CA LEU E 92 81.72 18.64 135.81
C LEU E 92 80.51 18.69 134.90
N ARG E 93 80.71 18.42 133.61
CA ARG E 93 79.66 18.54 132.61
C ARG E 93 80.00 17.62 131.45
N PRO E 94 79.00 17.24 130.64
CA PRO E 94 79.26 16.33 129.52
C PRO E 94 80.12 16.96 128.42
N THR E 95 80.43 16.18 127.40
CA THR E 95 81.30 16.62 126.31
C THR E 95 80.76 16.10 124.99
N VAL E 96 80.73 16.98 123.99
CA VAL E 96 80.26 16.62 122.66
C VAL E 96 81.29 17.06 121.64
N GLY E 97 81.17 16.52 120.43
CA GLY E 97 82.05 16.86 119.33
C GLY E 97 81.63 18.14 118.65
N LEU E 98 82.11 18.30 117.42
CA LEU E 98 81.78 19.49 116.64
C LEU E 98 81.92 19.17 115.16
N LYS E 99 80.83 19.35 114.42
CA LYS E 99 80.85 19.14 112.98
C LYS E 99 81.62 20.27 112.31
N ARG E 100 82.62 19.92 111.51
CA ARG E 100 83.46 20.91 110.85
C ARG E 100 82.79 21.33 109.54
N THR E 101 81.82 22.22 109.67
CA THR E 101 81.07 22.78 108.54
C THR E 101 81.13 24.30 108.56
N PHE E 102 82.31 24.86 108.80
CA PHE E 102 82.51 26.29 108.89
C PHE E 102 83.43 26.78 107.78
N ASN E 103 83.72 28.07 107.82
CA ASN E 103 84.74 28.68 106.99
C ASN E 103 85.85 29.22 107.87
N PRO E 104 87.11 29.06 107.49
CA PRO E 104 88.22 29.53 108.34
C PRO E 104 88.40 31.04 108.33
N ARG E 105 87.73 31.76 107.43
CA ARG E 105 87.89 33.20 107.36
C ARG E 105 87.39 33.86 108.64
N ILE E 106 88.21 34.74 109.21
CA ILE E 106 87.89 35.41 110.47
C ILE E 106 87.64 36.90 110.24
N ILE E 107 88.63 37.62 109.73
CA ILE E 107 88.48 39.05 109.48
C ILE E 107 89.34 39.48 108.30
N ILE F 19 -50.00 -25.32 138.14
CA ILE F 19 -48.99 -25.42 137.10
C ILE F 19 -49.64 -25.39 135.71
N ALA F 20 -50.86 -25.92 135.63
CA ALA F 20 -51.70 -25.82 134.42
C ALA F 20 -51.00 -26.34 133.17
N GLY F 21 -50.04 -27.26 133.33
CA GLY F 21 -49.31 -27.77 132.20
C GLY F 21 -49.27 -29.28 132.10
N LEU F 22 -49.56 -29.97 133.20
CA LEU F 22 -49.45 -31.42 133.22
C LEU F 22 -50.55 -32.07 132.38
N PHE F 23 -51.81 -31.83 132.74
CA PHE F 23 -52.93 -32.40 132.03
C PHE F 23 -53.80 -31.28 131.45
N ASN F 24 -54.52 -31.61 130.38
CA ASN F 24 -55.44 -30.64 129.80
C ASN F 24 -56.53 -30.27 130.80
N ILE F 25 -56.88 -28.98 130.83
CA ILE F 25 -57.86 -28.51 131.80
C ILE F 25 -59.24 -29.11 131.57
N PRO F 26 -59.83 -29.06 130.36
CA PRO F 26 -61.12 -29.74 130.16
C PRO F 26 -61.01 -31.24 130.40
N ALA F 27 -60.07 -31.88 129.69
CA ALA F 27 -59.67 -33.26 129.90
C ALA F 27 -60.73 -34.26 129.47
N GLY F 28 -61.93 -33.78 129.11
CA GLY F 28 -63.00 -34.58 128.56
C GLY F 28 -63.18 -35.96 129.16
N ILE F 29 -63.10 -36.07 130.48
CA ILE F 29 -63.15 -37.36 131.16
C ILE F 29 -64.43 -37.44 131.98
N ILE F 30 -64.84 -38.68 132.25
CA ILE F 30 -66.04 -38.90 133.07
C ILE F 30 -65.83 -38.31 134.45
N PRO F 31 -66.78 -37.53 134.98
CA PRO F 31 -66.55 -36.89 136.28
C PRO F 31 -66.56 -37.88 137.42
N THR F 32 -66.08 -37.42 138.57
CA THR F 32 -66.02 -38.27 139.76
C THR F 32 -67.22 -38.04 140.67
N GLY F 33 -67.63 -36.78 140.83
CA GLY F 33 -68.75 -36.47 141.70
C GLY F 33 -69.11 -35.01 141.57
N ASN F 34 -70.09 -34.60 142.37
CA ASN F 34 -70.60 -33.24 142.27
C ASN F 34 -70.18 -32.36 143.44
N VAL F 35 -70.24 -31.05 143.26
CA VAL F 35 -69.73 -30.06 144.20
C VAL F 35 -70.82 -29.09 144.62
N LEU F 36 -72.04 -29.60 144.81
CA LEU F 36 -73.26 -28.82 145.01
C LEU F 36 -73.11 -27.65 145.98
N SER F 37 -74.02 -26.67 145.87
CA SER F 37 -73.90 -25.31 146.41
C SER F 37 -72.86 -24.48 145.67
N THR F 38 -73.01 -24.39 144.35
CA THR F 38 -72.18 -23.51 143.54
C THR F 38 -72.39 -22.04 143.90
N ILE F 39 -71.33 -21.25 143.74
CA ILE F 39 -71.39 -19.82 143.99
C ILE F 39 -70.52 -19.13 142.95
N GLU F 40 -70.45 -17.81 143.01
CA GLU F 40 -69.52 -17.05 142.18
C GLU F 40 -68.10 -17.34 142.65
N VAL F 41 -67.25 -17.80 141.74
CA VAL F 41 -65.90 -18.21 142.14
C VAL F 41 -64.84 -17.17 141.85
N CYS F 42 -65.10 -16.23 140.93
CA CYS F 42 -64.08 -15.25 140.57
C CYS F 42 -63.89 -14.21 141.67
N ALA F 43 -64.77 -14.18 142.68
CA ALA F 43 -64.61 -13.24 143.78
C ALA F 43 -63.30 -13.49 144.51
N HIS F 44 -63.16 -14.68 145.11
CA HIS F 44 -61.93 -15.05 145.81
C HIS F 44 -60.97 -15.63 144.77
N ARG F 45 -60.25 -14.73 144.10
CA ARG F 45 -59.36 -15.15 143.03
C ARG F 45 -58.07 -15.75 143.59
N CYS F 46 -57.62 -15.27 144.75
CA CYS F 46 -56.39 -15.78 145.35
C CYS F 46 -56.62 -17.15 145.97
N ILE F 47 -56.83 -18.16 145.12
CA ILE F 47 -57.22 -19.51 145.53
C ILE F 47 -56.40 -20.52 144.74
N PHE F 48 -56.80 -21.79 144.78
CA PHE F 48 -55.98 -22.98 144.54
C PHE F 48 -54.83 -22.82 143.56
N ASP F 49 -55.14 -22.48 142.31
CA ASP F 49 -54.14 -22.55 141.27
C ASP F 49 -54.65 -21.77 140.06
N PHE F 50 -53.96 -21.91 138.93
CA PHE F 50 -54.34 -21.26 137.69
C PHE F 50 -55.80 -21.54 137.36
N PHE F 51 -56.55 -20.48 137.13
CA PHE F 51 -57.97 -20.57 136.81
C PHE F 51 -58.29 -19.56 135.73
N LYS F 52 -58.98 -20.02 134.70
CA LYS F 52 -59.39 -19.17 133.59
C LYS F 52 -60.91 -19.09 133.57
N GLN F 53 -61.44 -17.92 133.27
CA GLN F 53 -62.88 -17.71 133.13
C GLN F 53 -63.17 -17.40 131.66
N ILE F 54 -63.81 -18.34 130.99
CA ILE F 54 -64.18 -18.16 129.59
C ILE F 54 -65.43 -17.28 129.53
N ARG F 55 -65.47 -16.37 128.54
CA ARG F 55 -66.70 -15.61 128.36
C ARG F 55 -67.81 -16.56 127.93
N SER F 56 -67.76 -17.05 126.70
CA SER F 56 -68.56 -18.21 126.31
C SER F 56 -67.70 -19.33 125.74
N ASP F 57 -66.95 -19.05 124.68
CA ASP F 57 -66.09 -20.07 124.03
C ASP F 57 -65.02 -19.36 123.19
N ASP F 58 -63.96 -18.87 123.85
CA ASP F 58 -62.85 -18.17 123.15
C ASP F 58 -61.75 -19.20 122.84
N ASN F 59 -62.05 -20.16 121.96
CA ASN F 59 -61.16 -21.27 121.52
C ASN F 59 -60.30 -21.77 122.69
N SER F 60 -58.96 -21.73 122.52
CA SER F 60 -58.02 -22.16 123.59
C SER F 60 -58.39 -23.55 124.10
N LEU F 61 -59.35 -24.22 123.46
CA LEU F 61 -59.74 -25.56 123.88
C LEU F 61 -59.54 -26.63 122.83
N TYR F 62 -59.32 -26.28 121.56
CA TYR F 62 -59.28 -27.24 120.48
C TYR F 62 -57.87 -27.42 119.94
N SER F 63 -56.89 -27.44 120.84
CA SER F 63 -55.49 -27.64 120.50
C SER F 63 -55.08 -29.04 120.94
N ALA F 64 -55.10 -29.99 120.01
CA ALA F 64 -54.70 -31.37 120.29
C ALA F 64 -53.19 -31.46 120.10
N GLN F 65 -52.46 -31.00 121.12
CA GLN F 65 -51.01 -30.98 121.08
C GLN F 65 -50.46 -32.23 121.76
N PHE F 66 -49.50 -32.89 121.11
CA PHE F 66 -48.91 -34.09 121.68
C PHE F 66 -47.52 -34.31 121.09
N ASP F 67 -46.57 -34.68 121.94
CA ASP F 67 -45.27 -35.10 121.47
C ASP F 67 -45.34 -36.54 120.95
N ILE F 68 -44.19 -37.06 120.54
CA ILE F 68 -44.09 -38.43 120.06
C ILE F 68 -42.64 -38.88 120.16
N LEU F 69 -42.42 -40.10 120.65
CA LEU F 69 -41.09 -40.70 120.72
C LEU F 69 -40.92 -41.62 119.53
N LEU F 70 -40.01 -41.27 118.63
CA LEU F 70 -39.87 -41.94 117.34
C LEU F 70 -39.13 -43.26 117.44
N GLY F 71 -38.79 -43.74 118.63
CA GLY F 71 -38.12 -45.01 118.79
C GLY F 71 -36.67 -44.83 119.20
N THR F 72 -36.07 -45.95 119.58
CA THR F 72 -34.70 -45.98 120.07
C THR F 72 -33.87 -46.90 119.21
N TYR F 73 -32.55 -46.77 119.33
CA TYR F 73 -31.61 -47.62 118.62
C TYR F 73 -30.45 -47.97 119.55
N CYS F 74 -29.97 -49.21 119.43
CA CYS F 74 -28.88 -49.69 120.26
C CYS F 74 -27.86 -50.41 119.39
N ASN F 75 -26.66 -50.56 119.94
CA ASN F 75 -25.59 -51.28 119.29
C ASN F 75 -25.18 -52.47 120.15
N THR F 76 -24.65 -53.50 119.49
CA THR F 76 -24.15 -54.69 120.17
C THR F 76 -22.69 -54.89 119.75
N LEU F 77 -21.82 -55.05 120.75
CA LEU F 77 -20.42 -55.28 120.46
C LEU F 77 -20.16 -56.78 120.24
N ASN F 78 -19.05 -57.07 119.58
CA ASN F 78 -18.64 -58.44 119.33
C ASN F 78 -17.57 -58.84 120.35
N PHE F 79 -17.19 -60.12 120.31
CA PHE F 79 -16.19 -60.67 121.21
C PHE F 79 -15.09 -61.33 120.41
N VAL F 80 -13.84 -61.06 120.78
CA VAL F 80 -12.67 -61.59 120.09
C VAL F 80 -11.93 -62.52 121.04
N ARG F 81 -11.43 -63.62 120.50
CA ARG F 81 -10.62 -64.56 121.27
C ARG F 81 -9.19 -64.57 120.75
N PHE F 82 -8.25 -64.94 121.62
CA PHE F 82 -6.84 -64.81 121.29
C PHE F 82 -6.42 -65.82 120.23
N LEU F 83 -6.96 -67.04 120.28
CA LEU F 83 -6.55 -68.07 119.34
C LEU F 83 -7.02 -67.75 117.92
N GLU F 84 -8.11 -67.00 117.78
CA GLU F 84 -8.58 -66.63 116.46
C GLU F 84 -7.63 -65.65 115.77
N LEU F 85 -6.87 -64.88 116.53
CA LEU F 85 -5.85 -64.00 115.96
C LEU F 85 -4.62 -64.81 115.57
N GLY F 86 -4.00 -64.40 114.47
CA GLY F 86 -2.76 -65.05 114.05
C GLY F 86 -1.57 -64.74 114.91
N LEU F 87 -1.67 -63.76 115.81
CA LEU F 87 -0.61 -63.47 116.77
C LEU F 87 -0.31 -64.65 117.67
N SER F 88 -1.22 -65.62 117.76
CA SER F 88 -1.01 -66.80 118.59
C SER F 88 0.12 -67.68 118.09
N VAL F 89 0.60 -67.47 116.87
CA VAL F 89 1.66 -68.30 116.31
C VAL F 89 3.00 -67.64 116.62
N ALA F 90 2.99 -66.70 117.56
CA ALA F 90 4.22 -66.07 118.04
C ALA F 90 4.68 -66.64 119.38
N CYS F 91 3.85 -67.44 120.05
CA CYS F 91 4.21 -68.00 121.34
C CYS F 91 3.41 -69.29 121.54
N ILE F 92 3.67 -69.97 122.64
CA ILE F 92 2.94 -71.19 123.02
C ILE F 92 2.39 -70.96 124.42
N CYS F 93 1.11 -70.63 124.51
CA CYS F 93 0.49 -70.36 125.80
C CYS F 93 0.08 -71.66 126.47
N THR F 94 0.13 -71.67 127.80
CA THR F 94 -0.27 -72.83 128.58
C THR F 94 -0.85 -72.36 129.91
N LYS F 95 -1.72 -73.19 130.47
CA LYS F 95 -2.46 -72.87 131.69
C LYS F 95 -1.76 -73.47 132.90
N PHE F 96 -1.61 -72.67 133.95
CA PHE F 96 -0.93 -73.09 135.17
C PHE F 96 -1.66 -72.51 136.36
N PRO F 97 -2.49 -73.30 137.05
CA PRO F 97 -3.29 -72.71 138.14
C PRO F 97 -2.48 -72.34 139.37
N GLU F 98 -1.45 -73.11 139.71
CA GLU F 98 -0.63 -72.80 140.89
C GLU F 98 0.58 -71.93 140.54
N LEU F 99 0.33 -70.87 139.80
CA LEU F 99 1.36 -69.90 139.45
C LEU F 99 1.62 -68.90 140.56
N ALA F 100 0.74 -68.81 141.55
CA ALA F 100 0.90 -67.84 142.62
C ALA F 100 2.17 -68.08 143.42
N TYR F 101 2.27 -69.26 144.04
CA TYR F 101 3.44 -69.59 144.86
C TYR F 101 4.45 -70.39 144.06
N VAL F 102 4.97 -69.78 143.00
CA VAL F 102 6.06 -70.39 142.25
C VAL F 102 7.41 -69.85 142.71
N ARG F 103 7.52 -68.53 142.90
CA ARG F 103 8.62 -67.90 143.61
C ARG F 103 9.94 -67.99 142.86
N ASP F 104 9.98 -68.81 141.81
CA ASP F 104 11.10 -68.87 140.88
C ASP F 104 10.79 -69.84 139.75
N GLY F 105 11.24 -69.53 138.55
CA GLY F 105 11.15 -70.44 137.41
C GLY F 105 12.45 -70.39 136.63
N VAL F 106 12.93 -71.57 136.25
CA VAL F 106 14.22 -71.71 135.60
C VAL F 106 14.08 -72.63 134.40
N ILE F 107 14.80 -72.31 133.33
CA ILE F 107 14.89 -73.15 132.13
C ILE F 107 16.33 -73.16 131.68
N GLN F 108 16.79 -74.30 131.15
CA GLN F 108 18.19 -74.45 130.78
C GLN F 108 18.30 -75.13 129.43
N PHE F 109 19.30 -74.71 128.66
CA PHE F 109 19.57 -75.24 127.34
C PHE F 109 20.90 -75.97 127.34
N GLU F 110 21.22 -76.56 126.19
CA GLU F 110 22.51 -77.22 126.00
C GLU F 110 22.72 -77.44 124.50
N VAL F 111 23.86 -76.97 123.99
CA VAL F 111 24.18 -77.10 122.58
C VAL F 111 25.60 -77.61 122.42
N GLN F 112 25.85 -78.21 121.26
CA GLN F 112 27.18 -78.69 120.90
C GLN F 112 27.64 -78.01 119.62
N GLN F 113 28.93 -78.13 119.33
CA GLN F 113 29.51 -77.51 118.16
C GLN F 113 30.42 -78.49 117.43
N PRO F 114 30.37 -78.52 116.10
CA PRO F 114 31.26 -79.39 115.34
C PRO F 114 32.67 -78.78 115.26
N MET F 115 33.57 -79.55 114.66
CA MET F 115 34.96 -79.17 114.54
C MET F 115 35.52 -79.68 113.21
N ILE F 116 36.60 -79.04 112.77
CA ILE F 116 37.21 -79.32 111.48
C ILE F 116 38.62 -79.87 111.72
N ALA F 117 39.04 -80.80 110.88
CA ALA F 117 40.38 -81.40 110.99
C ALA F 117 41.29 -80.78 109.95
N ARG F 118 42.18 -79.89 110.39
CA ARG F 118 43.18 -79.29 109.54
C ARG F 118 44.55 -79.49 110.18
N ASP F 119 45.59 -79.46 109.35
CA ASP F 119 46.94 -79.69 109.81
C ASP F 119 47.88 -78.66 109.20
N GLY F 120 49.04 -78.51 109.83
CA GLY F 120 50.00 -77.51 109.44
C GLY F 120 50.50 -76.75 110.66
N PRO F 121 50.83 -75.47 110.47
CA PRO F 121 51.26 -74.63 111.59
C PRO F 121 50.11 -74.02 112.38
N HIS F 122 49.13 -74.85 112.73
CA HIS F 122 47.99 -74.43 113.51
C HIS F 122 47.81 -75.35 114.72
N PRO F 123 47.37 -74.81 115.85
CA PRO F 123 47.07 -75.67 116.99
C PRO F 123 45.86 -76.53 116.70
N VAL F 124 45.96 -77.82 117.05
CA VAL F 124 44.86 -78.73 116.77
C VAL F 124 43.66 -78.34 117.62
N ASP F 125 42.48 -78.71 117.15
CA ASP F 125 41.24 -78.29 117.77
C ASP F 125 40.78 -79.29 118.83
N GLN F 126 39.57 -79.07 119.33
CA GLN F 126 38.99 -79.87 120.39
C GLN F 126 37.49 -79.60 120.39
N PRO F 127 36.66 -80.62 120.49
CA PRO F 127 35.21 -80.38 120.51
C PRO F 127 34.80 -79.65 121.77
N VAL F 128 33.85 -78.74 121.63
CA VAL F 128 33.41 -77.89 122.73
C VAL F 128 31.94 -78.15 123.02
N HIS F 129 31.54 -77.87 124.26
CA HIS F 129 30.16 -78.02 124.68
C HIS F 129 29.75 -76.77 125.45
N ASN F 130 28.48 -76.42 125.37
CA ASN F 130 27.96 -75.21 125.99
C ASN F 130 26.76 -75.54 126.87
N TYR F 131 26.53 -74.66 127.84
CA TYR F 131 25.42 -74.81 128.78
C TYR F 131 24.89 -73.43 129.12
N MET F 132 23.57 -73.27 129.03
CA MET F 132 22.93 -71.99 129.31
C MET F 132 21.79 -72.20 130.31
N VAL F 133 21.22 -71.08 130.77
CA VAL F 133 20.19 -71.12 131.79
C VAL F 133 19.45 -69.78 131.76
N LYS F 134 18.14 -69.83 131.93
CA LYS F 134 17.32 -68.62 131.92
C LYS F 134 16.30 -68.69 133.05
N ARG F 135 15.70 -67.55 133.34
CA ARG F 135 14.69 -67.44 134.38
C ARG F 135 13.37 -66.93 133.78
N ILE F 136 12.40 -66.69 134.63
CA ILE F 136 11.07 -66.27 134.21
C ILE F 136 10.82 -64.84 134.67
N HIS F 137 9.72 -64.27 134.18
CA HIS F 137 9.29 -62.92 134.55
C HIS F 137 7.80 -62.93 134.79
N LYS F 138 7.39 -62.59 136.01
CA LYS F 138 5.99 -62.65 136.42
C LYS F 138 5.33 -61.30 136.25
N ARG F 139 4.11 -61.31 135.72
CA ARG F 139 3.32 -60.10 135.55
C ARG F 139 1.84 -60.46 135.66
N SER F 140 1.03 -59.48 136.02
CA SER F 140 -0.39 -59.69 136.27
C SER F 140 -1.23 -58.77 135.40
N LEU F 141 -2.55 -59.03 135.43
CA LEU F 141 -3.53 -58.21 134.74
C LEU F 141 -4.70 -57.93 135.68
N SER F 142 -5.36 -56.80 135.48
CA SER F 142 -6.43 -56.38 136.37
C SER F 142 -7.55 -55.70 135.58
N ALA F 143 -8.72 -55.67 136.19
CA ALA F 143 -9.90 -55.01 135.62
C ALA F 143 -10.87 -54.70 136.75
N ALA F 144 -11.69 -53.67 136.54
CA ALA F 144 -12.59 -53.18 137.57
C ALA F 144 -14.04 -53.51 137.22
N PHE F 145 -14.90 -53.33 138.22
CA PHE F 145 -16.32 -53.66 138.09
C PHE F 145 -17.06 -52.92 139.19
N ALA F 146 -17.91 -51.97 138.82
CA ALA F 146 -18.51 -51.03 139.75
C ALA F 146 -20.01 -51.26 139.85
N ILE F 147 -20.52 -51.31 141.08
CA ILE F 147 -21.93 -51.60 141.34
C ILE F 147 -22.51 -50.44 142.16
N ALA F 148 -23.70 -49.99 141.75
CA ALA F 148 -24.37 -48.93 142.50
C ALA F 148 -24.93 -49.48 143.82
N SER F 149 -25.25 -48.56 144.74
CA SER F 149 -25.76 -48.96 146.04
C SER F 149 -27.22 -49.38 145.97
N GLU F 150 -28.06 -48.59 145.29
CA GLU F 150 -29.48 -48.90 145.22
C GLU F 150 -29.72 -50.24 144.55
N ALA F 151 -28.92 -50.57 143.52
CA ALA F 151 -29.03 -51.88 142.90
C ALA F 151 -28.64 -52.98 143.87
N LEU F 152 -27.66 -52.71 144.73
CA LEU F 152 -27.29 -53.70 145.74
C LEU F 152 -28.44 -53.96 146.70
N SER F 153 -29.12 -52.91 147.15
CA SER F 153 -30.23 -53.08 148.08
C SER F 153 -31.40 -53.81 147.44
N LEU F 154 -31.56 -53.68 146.12
CA LEU F 154 -32.69 -54.33 145.46
C LEU F 154 -32.50 -55.84 145.39
N LEU F 155 -31.26 -56.32 145.42
CA LEU F 155 -30.99 -57.75 145.40
C LEU F 155 -30.87 -58.36 146.78
N SER F 156 -30.49 -57.57 147.78
CA SER F 156 -30.33 -58.04 149.14
C SER F 156 -31.65 -58.10 149.90
N ASN F 157 -32.79 -58.09 149.20
CA ASN F 157 -34.07 -58.11 149.88
C ASN F 157 -34.38 -59.47 150.48
N THR F 158 -34.11 -60.53 149.73
CA THR F 158 -34.44 -61.90 150.13
C THR F 158 -35.94 -62.03 150.41
N TYR F 159 -36.73 -61.84 149.34
CA TYR F 159 -38.17 -62.12 149.32
C TYR F 159 -38.90 -61.40 150.45
N VAL F 160 -38.83 -60.07 150.41
CA VAL F 160 -39.58 -59.22 151.33
C VAL F 160 -40.47 -58.29 150.51
N ASP F 161 -40.72 -58.67 149.27
CA ASP F 161 -41.41 -57.81 148.30
C ASP F 161 -42.19 -58.71 147.35
N GLY F 162 -42.52 -58.18 146.17
CA GLY F 162 -43.38 -58.87 145.24
C GLY F 162 -44.48 -57.99 144.69
N THR F 163 -44.28 -56.67 144.77
CA THR F 163 -45.18 -55.72 144.14
C THR F 163 -44.90 -55.69 142.64
N GLU F 164 -45.53 -54.75 141.93
CA GLU F 164 -45.41 -54.67 140.49
C GLU F 164 -44.39 -53.64 140.01
N ILE F 165 -44.11 -52.62 140.81
CA ILE F 165 -43.16 -51.60 140.38
C ILE F 165 -41.72 -52.06 140.57
N ASP F 166 -41.41 -52.61 141.75
CA ASP F 166 -40.06 -53.09 142.01
C ASP F 166 -39.75 -54.39 141.30
N SER F 167 -40.76 -55.11 140.80
CA SER F 167 -40.49 -56.30 140.00
C SER F 167 -39.71 -55.95 138.74
N SER F 168 -39.92 -54.75 138.21
CA SER F 168 -39.19 -54.31 137.02
C SER F 168 -37.80 -53.79 137.35
N LEU F 169 -37.67 -53.03 138.44
CA LEU F 169 -36.35 -52.51 138.82
C LEU F 169 -35.38 -53.65 139.13
N ARG F 170 -35.87 -54.72 139.74
CA ARG F 170 -35.02 -55.88 139.98
C ARG F 170 -34.58 -56.51 138.67
N ILE F 171 -35.42 -56.43 137.63
CA ILE F 171 -35.05 -56.97 136.33
C ILE F 171 -33.96 -56.11 135.69
N ARG F 172 -34.18 -54.80 135.64
CA ARG F 172 -33.18 -53.91 135.06
C ARG F 172 -31.88 -53.90 135.87
N ALA F 173 -31.95 -54.19 137.17
CA ALA F 173 -30.75 -54.24 137.98
C ALA F 173 -29.88 -55.43 137.59
N ILE F 174 -30.46 -56.63 137.60
CA ILE F 174 -29.70 -57.81 137.17
C ILE F 174 -29.37 -57.75 135.69
N GLN F 175 -30.05 -56.89 134.93
CA GLN F 175 -29.72 -56.72 133.52
C GLN F 175 -28.50 -55.85 133.32
N GLN F 176 -28.31 -54.85 134.19
CA GLN F 176 -27.07 -54.06 134.13
C GLN F 176 -25.87 -54.91 134.50
N MET F 177 -26.06 -55.88 135.40
CA MET F 177 -24.97 -56.77 135.78
C MET F 177 -24.52 -57.62 134.60
N ALA F 178 -25.46 -58.26 133.90
CA ALA F 178 -25.09 -59.11 132.78
C ALA F 178 -24.38 -58.32 131.69
N ARG F 179 -24.83 -57.09 131.42
CA ARG F 179 -24.17 -56.27 130.41
C ARG F 179 -22.81 -55.81 130.87
N ASN F 180 -22.64 -55.56 132.17
CA ASN F 180 -21.35 -55.17 132.70
C ASN F 180 -20.43 -56.34 132.95
N LEU F 181 -20.98 -57.50 133.34
CA LEU F 181 -20.14 -58.67 133.54
C LEU F 181 -19.68 -59.25 132.22
N ARG F 182 -20.41 -59.01 131.13
CA ARG F 182 -20.05 -59.59 129.85
C ARG F 182 -18.82 -58.91 129.26
N THR F 183 -18.58 -57.65 129.62
CA THR F 183 -17.45 -56.92 129.04
C THR F 183 -16.18 -57.01 129.87
N VAL F 184 -16.30 -57.23 131.18
CA VAL F 184 -15.10 -57.39 132.00
C VAL F 184 -14.39 -58.69 131.68
N LEU F 185 -15.16 -59.74 131.38
CA LEU F 185 -14.55 -61.02 131.01
C LEU F 185 -13.84 -60.91 129.67
N ASP F 186 -14.52 -60.35 128.67
CA ASP F 186 -13.87 -60.13 127.38
C ASP F 186 -12.71 -59.15 127.47
N SER F 187 -12.71 -58.28 128.49
CA SER F 187 -11.61 -57.34 128.65
C SER F 187 -10.29 -58.07 128.87
N PHE F 188 -10.31 -59.13 129.69
CA PHE F 188 -9.09 -59.90 129.91
C PHE F 188 -8.71 -60.68 128.65
N GLU F 189 -9.69 -61.29 127.99
CA GLU F 189 -9.41 -61.98 126.73
C GLU F 189 -8.88 -61.01 125.69
N ARG F 190 -9.41 -59.80 125.65
CA ARG F 190 -8.89 -58.79 124.75
C ARG F 190 -7.53 -58.27 125.21
N GLY F 191 -7.26 -58.34 126.51
CA GLY F 191 -6.03 -57.77 127.05
C GLY F 191 -4.81 -58.65 126.89
N THR F 192 -4.99 -59.95 126.66
CA THR F 192 -3.83 -60.82 126.50
C THR F 192 -3.10 -60.52 125.22
N ALA F 193 -3.79 -59.94 124.23
CA ALA F 193 -3.12 -59.46 123.03
C ALA F 193 -2.33 -58.18 123.28
N ASP F 194 -2.57 -57.51 124.40
CA ASP F 194 -1.79 -56.33 124.77
C ASP F 194 -0.58 -56.67 125.61
N GLN F 195 -0.61 -57.77 126.36
CA GLN F 195 0.61 -58.23 127.03
C GLN F 195 1.67 -58.56 126.01
N LEU F 196 1.38 -59.48 125.09
CA LEU F 196 2.17 -59.57 123.88
C LEU F 196 2.01 -58.28 123.07
N LEU F 197 2.83 -58.11 122.05
CA LEU F 197 2.84 -56.89 121.26
C LEU F 197 3.05 -55.69 122.18
N GLY F 198 4.23 -55.68 122.78
CA GLY F 198 4.54 -54.78 123.88
C GLY F 198 5.47 -55.48 124.85
N VAL F 199 5.50 -56.81 124.76
CA VAL F 199 6.55 -57.59 125.39
C VAL F 199 7.66 -57.94 124.39
N LEU F 200 7.36 -57.91 123.09
CA LEU F 200 8.34 -58.16 122.06
C LEU F 200 9.02 -56.89 121.56
N LEU F 201 8.46 -55.72 121.86
CA LEU F 201 9.02 -54.47 121.36
C LEU F 201 10.37 -54.19 122.00
N GLU F 202 10.47 -54.29 123.32
CA GLU F 202 11.73 -54.14 124.02
C GLU F 202 12.60 -55.38 123.92
N LYS F 203 12.20 -56.36 123.11
CA LYS F 203 12.98 -57.56 122.88
C LYS F 203 13.52 -57.64 121.46
N ALA F 204 13.30 -56.61 120.65
CA ALA F 204 13.70 -56.63 119.25
C ALA F 204 14.66 -55.48 118.96
N PRO F 205 15.89 -55.75 118.56
CA PRO F 205 16.81 -54.68 118.19
C PRO F 205 16.44 -54.09 116.85
N PRO F 206 16.94 -52.90 116.53
CA PRO F 206 16.63 -52.31 115.22
C PRO F 206 17.19 -53.15 114.09
N LEU F 207 16.51 -53.07 112.94
CA LEU F 207 16.92 -53.86 111.78
C LEU F 207 18.24 -53.36 111.21
N SER F 208 18.44 -52.05 111.19
CA SER F 208 19.65 -51.48 110.61
C SER F 208 20.92 -51.93 111.33
N LEU F 209 20.79 -52.44 112.55
CA LEU F 209 21.94 -52.88 113.33
C LEU F 209 22.11 -54.39 113.36
N LEU F 210 21.01 -55.13 113.24
CA LEU F 210 21.10 -56.59 113.29
C LEU F 210 21.46 -57.20 111.94
N SER F 211 21.06 -56.54 110.85
CA SER F 211 21.35 -57.11 109.53
C SER F 211 22.84 -57.19 109.25
N PRO F 212 23.64 -56.11 109.37
CA PRO F 212 25.07 -56.25 109.04
C PRO F 212 25.85 -57.07 110.06
N ILE F 213 25.49 -56.99 111.34
CA ILE F 213 26.20 -57.77 112.34
C ILE F 213 26.02 -59.25 112.07
N ASN F 214 24.79 -59.65 111.73
CA ASN F 214 24.54 -61.03 111.35
C ASN F 214 25.23 -61.40 110.04
N LYS F 215 25.60 -60.40 109.24
CA LYS F 215 26.24 -60.66 107.96
C LYS F 215 27.72 -60.99 108.13
N PHE F 216 28.42 -60.26 109.00
CA PHE F 216 29.84 -60.47 109.23
C PHE F 216 29.99 -61.37 110.45
N GLN F 217 29.88 -62.68 110.23
CA GLN F 217 29.96 -63.68 111.30
C GLN F 217 30.99 -64.72 110.93
N PRO F 218 32.27 -64.34 110.84
CA PRO F 218 33.30 -65.34 110.49
C PRO F 218 33.62 -66.27 111.66
N GLU F 219 33.78 -65.70 112.85
CA GLU F 219 34.06 -66.50 114.05
C GLU F 219 33.30 -66.02 115.28
N GLY F 220 32.43 -65.02 115.16
CA GLY F 220 31.76 -64.46 116.31
C GLY F 220 32.52 -63.30 116.92
N HIS F 221 33.73 -63.57 117.42
CA HIS F 221 34.59 -62.53 117.97
C HIS F 221 35.48 -61.97 116.89
N LEU F 222 35.73 -60.66 116.96
CA LEU F 222 36.55 -59.97 115.97
C LEU F 222 37.64 -59.19 116.69
N ASN F 223 38.72 -58.93 115.95
CA ASN F 223 39.83 -58.17 116.48
C ASN F 223 39.49 -56.68 116.49
N ARG F 224 40.46 -55.84 116.85
CA ARG F 224 40.19 -54.41 116.91
C ARG F 224 40.02 -53.82 115.51
N VAL F 225 40.82 -54.27 114.56
CA VAL F 225 40.73 -53.73 113.19
C VAL F 225 39.43 -54.15 112.54
N ALA F 226 39.10 -55.44 112.61
CA ALA F 226 37.88 -55.92 111.98
C ALA F 226 36.65 -55.29 112.61
N ARG F 227 36.74 -54.88 113.88
CA ARG F 227 35.61 -54.22 114.54
C ARG F 227 35.46 -52.80 114.04
N ALA F 228 36.53 -52.01 114.10
CA ALA F 228 36.45 -50.60 113.74
C ALA F 228 35.96 -50.43 112.30
N ALA F 229 36.36 -51.34 111.41
CA ALA F 229 35.84 -51.31 110.06
C ALA F 229 34.34 -51.58 110.02
N LEU F 230 33.85 -52.45 110.91
CA LEU F 230 32.43 -52.72 110.96
C LEU F 230 31.65 -51.57 111.56
N LEU F 231 32.20 -50.93 112.60
CA LEU F 231 31.51 -49.80 113.22
C LEU F 231 31.30 -48.65 112.24
N SER F 232 32.25 -48.43 111.34
CA SER F 232 32.07 -47.37 110.35
C SER F 232 30.91 -47.70 109.42
N ASP F 233 30.73 -48.98 109.09
CA ASP F 233 29.62 -49.39 108.24
C ASP F 233 28.29 -49.23 108.97
N LEU F 234 28.27 -49.51 110.27
CA LEU F 234 27.03 -49.39 111.04
C LEU F 234 26.54 -47.95 111.06
N LYS F 235 27.45 -46.99 111.25
CA LYS F 235 27.05 -45.59 111.29
C LYS F 235 26.47 -45.15 109.95
N ARG F 236 27.15 -45.50 108.85
CA ARG F 236 26.64 -45.14 107.53
C ARG F 236 25.31 -45.81 107.23
N ARG F 237 25.07 -46.98 107.82
CA ARG F 237 23.86 -47.73 107.52
C ARG F 237 22.64 -47.09 108.19
N VAL F 238 22.74 -46.81 109.49
CA VAL F 238 21.62 -46.23 110.21
C VAL F 238 21.34 -44.80 109.76
N CYS F 239 22.36 -44.07 109.30
CA CYS F 239 22.17 -42.67 108.95
C CYS F 239 21.26 -42.49 107.75
N ALA F 240 21.26 -43.46 106.83
CA ALA F 240 20.48 -43.36 105.60
C ALA F 240 19.25 -44.25 105.58
N ASP F 241 19.31 -45.42 106.19
CA ASP F 241 18.19 -46.35 106.19
C ASP F 241 17.25 -46.06 107.36
N MET F 242 16.74 -44.83 107.39
CA MET F 242 15.89 -44.39 108.49
C MET F 242 14.42 -44.66 108.21
N PHE F 243 13.92 -44.19 107.07
CA PHE F 243 12.52 -44.39 106.69
C PHE F 243 12.48 -44.97 105.29
N PHE F 244 12.15 -46.25 105.17
CA PHE F 244 12.09 -46.88 103.86
C PHE F 244 10.83 -46.48 103.12
N MET F 245 9.67 -46.65 103.76
CA MET F 245 8.40 -46.41 103.09
C MET F 245 8.18 -44.95 102.75
N THR F 246 8.88 -44.03 103.40
CA THR F 246 8.72 -42.61 103.08
C THR F 246 9.72 -42.17 102.01
N ARG F 247 11.01 -42.43 102.22
CA ARG F 247 12.01 -42.03 101.24
C ARG F 247 11.85 -42.82 99.95
N HIS F 248 11.98 -44.14 100.04
CA HIS F 248 11.83 -45.00 98.86
C HIS F 248 10.38 -45.37 98.61
N ALA F 249 9.53 -44.35 98.51
CA ALA F 249 8.10 -44.58 98.31
C ALA F 249 7.76 -44.89 96.86
N ARG F 250 8.55 -44.39 95.90
CA ARG F 250 8.27 -44.62 94.49
C ARG F 250 8.74 -45.99 94.03
N GLU F 251 9.99 -46.33 94.33
CA GLU F 251 10.55 -47.62 93.93
C GLU F 251 9.88 -48.74 94.70
N PRO F 252 9.13 -49.63 94.05
CA PRO F 252 8.48 -50.73 94.77
C PRO F 252 9.34 -51.98 94.92
N ARG F 253 10.61 -51.94 94.53
CA ARG F 253 11.47 -53.11 94.61
C ARG F 253 12.45 -53.04 95.76
N LEU F 254 12.93 -51.84 96.11
CA LEU F 254 13.78 -51.71 97.28
C LEU F 254 13.04 -52.10 98.55
N ILE F 255 11.72 -51.89 98.58
CA ILE F 255 10.95 -52.30 99.74
C ILE F 255 10.92 -53.82 99.86
N SER F 256 10.77 -54.51 98.72
CA SER F 256 10.82 -55.97 98.74
C SER F 256 12.18 -56.47 99.22
N ALA F 257 13.24 -55.75 98.87
CA ALA F 257 14.57 -56.14 99.34
C ALA F 257 14.70 -55.96 100.84
N TYR F 258 14.19 -54.85 101.37
CA TYR F 258 14.24 -54.63 102.81
C TYR F 258 13.50 -55.73 103.56
N LEU F 259 12.33 -56.12 103.07
CA LEU F 259 11.53 -57.13 103.75
C LEU F 259 12.18 -58.50 103.68
N SER F 260 12.61 -58.91 102.48
CA SER F 260 13.30 -60.19 102.35
C SER F 260 14.55 -60.25 103.22
N ASP F 261 15.26 -59.14 103.34
CA ASP F 261 16.42 -59.10 104.23
C ASP F 261 15.99 -59.18 105.68
N MET F 262 14.82 -58.62 106.01
CA MET F 262 14.40 -58.59 107.40
C MET F 262 14.01 -59.97 107.90
N VAL F 263 13.26 -60.73 107.10
CA VAL F 263 12.80 -62.03 107.55
C VAL F 263 13.96 -63.01 107.64
N SER F 264 14.96 -62.85 106.77
CA SER F 264 16.14 -63.70 106.82
C SER F 264 17.25 -63.02 107.62
N CYS F 265 16.93 -62.58 108.83
CA CYS F 265 17.91 -61.91 109.67
C CYS F 265 17.95 -62.56 111.04
N THR F 266 16.81 -63.05 111.51
CA THR F 266 16.70 -63.66 112.82
C THR F 266 16.83 -65.18 112.73
N GLN F 267 17.10 -65.80 113.87
CA GLN F 267 17.28 -67.24 113.91
C GLN F 267 16.02 -67.93 114.42
N PRO F 268 15.75 -69.15 113.95
CA PRO F 268 14.60 -69.88 114.46
C PRO F 268 14.84 -70.39 115.87
N SER F 269 13.90 -71.17 116.40
CA SER F 269 13.97 -71.64 117.77
C SER F 269 13.56 -73.11 117.81
N VAL F 270 13.34 -73.62 119.02
CA VAL F 270 13.04 -75.04 119.17
C VAL F 270 11.72 -75.36 118.48
N MET F 271 11.57 -76.62 118.08
CA MET F 271 10.45 -77.04 117.24
C MET F 271 9.70 -78.22 117.84
N VAL F 272 9.59 -78.28 119.17
CA VAL F 272 8.72 -79.27 119.80
C VAL F 272 7.29 -78.77 119.69
N SER F 273 6.42 -79.59 119.10
CA SER F 273 5.03 -79.20 118.85
C SER F 273 4.30 -80.40 118.28
N ARG F 274 2.98 -80.39 118.41
CA ARG F 274 2.12 -81.40 117.84
C ARG F 274 1.25 -80.83 116.72
N ILE F 275 0.48 -79.78 117.02
CA ILE F 275 -0.32 -79.08 116.02
C ILE F 275 0.12 -77.62 116.00
N THR F 276 0.35 -77.09 114.81
CA THR F 276 0.77 -75.72 114.64
C THR F 276 -0.14 -75.03 113.62
N HIS F 277 -0.02 -73.71 113.54
CA HIS F 277 -0.78 -72.95 112.56
C HIS F 277 -0.31 -73.31 111.16
N THR F 278 -1.27 -73.60 110.28
CA THR F 278 -0.94 -74.00 108.91
C THR F 278 -2.00 -73.46 107.97
N ASN F 279 -1.68 -73.49 106.69
CA ASN F 279 -2.59 -73.00 105.65
C ASN F 279 -3.54 -74.12 105.23
N THR F 280 -4.30 -73.89 104.17
CA THR F 280 -5.26 -74.89 103.70
C THR F 280 -4.56 -76.09 103.08
N ARG F 281 -3.47 -75.85 102.36
CA ARG F 281 -2.74 -76.96 101.73
C ARG F 281 -2.06 -77.82 102.79
N GLY F 282 -1.40 -77.20 103.75
CA GLY F 282 -0.71 -77.94 104.79
C GLY F 282 0.64 -77.35 105.13
N ARG F 283 1.06 -76.33 104.38
CA ARG F 283 2.34 -75.70 104.66
C ARG F 283 2.31 -74.96 105.99
N GLN F 284 3.40 -75.04 106.73
CA GLN F 284 3.49 -74.39 108.03
C GLN F 284 3.87 -72.93 107.88
N VAL F 285 3.28 -72.09 108.73
CA VAL F 285 3.69 -70.69 108.79
C VAL F 285 4.92 -70.57 109.69
N ASP F 286 5.62 -69.44 109.54
CA ASP F 286 6.89 -69.25 110.23
C ASP F 286 6.88 -68.07 111.20
N GLY F 287 6.46 -66.89 110.74
CA GLY F 287 6.52 -65.69 111.55
C GLY F 287 5.28 -64.85 111.40
N VAL F 288 5.33 -63.66 112.02
CA VAL F 288 4.22 -62.72 112.01
C VAL F 288 4.75 -61.36 111.60
N LEU F 289 3.95 -60.61 110.85
CA LEU F 289 4.32 -59.26 110.41
C LEU F 289 3.23 -58.30 110.89
N VAL F 290 3.50 -57.61 111.99
CA VAL F 290 2.54 -56.69 112.60
C VAL F 290 2.87 -55.28 112.14
N THR F 291 1.88 -54.61 111.54
CA THR F 291 2.08 -53.26 111.02
C THR F 291 0.89 -52.37 111.32
N THR F 292 0.92 -51.15 110.81
CA THR F 292 -0.21 -50.24 110.86
C THR F 292 -1.06 -50.44 109.61
N ALA F 293 -2.37 -50.26 109.77
CA ALA F 293 -3.30 -50.55 108.68
C ALA F 293 -2.91 -49.84 107.38
N THR F 294 -2.44 -48.59 107.49
CA THR F 294 -2.08 -47.86 106.28
C THR F 294 -0.86 -48.46 105.59
N LEU F 295 0.05 -49.06 106.36
CA LEU F 295 1.18 -49.76 105.76
C LEU F 295 0.75 -51.09 105.17
N LYS F 296 -0.18 -51.79 105.83
CA LYS F 296 -0.67 -53.05 105.30
C LYS F 296 -1.26 -52.86 103.91
N ARG F 297 -2.05 -51.81 103.70
CA ARG F 297 -2.60 -51.53 102.38
C ARG F 297 -1.50 -51.19 101.39
N GLN F 298 -0.48 -50.45 101.83
CA GLN F 298 0.62 -50.10 100.94
C GLN F 298 1.43 -51.33 100.54
N LEU F 299 1.57 -52.29 101.44
CA LEU F 299 2.32 -53.50 101.12
C LEU F 299 1.51 -54.45 100.25
N LEU F 300 0.24 -54.66 100.59
CA LEU F 300 -0.61 -55.56 99.82
C LEU F 300 -0.89 -55.04 98.42
N GLN F 301 -0.71 -53.74 98.19
CA GLN F 301 -1.10 -53.14 96.93
C GLN F 301 -0.31 -53.74 95.76
N GLY F 302 0.99 -53.51 95.73
CA GLY F 302 1.80 -54.03 94.65
C GLY F 302 3.10 -54.65 95.06
N ILE F 303 3.49 -54.49 96.32
CA ILE F 303 4.78 -54.97 96.78
C ILE F 303 4.74 -56.46 97.06
N LEU F 304 3.77 -56.91 97.84
CA LEU F 304 3.65 -58.31 98.21
C LEU F 304 2.50 -58.96 97.44
N GLN F 305 2.44 -60.29 97.55
CA GLN F 305 1.40 -61.09 96.92
C GLN F 305 0.72 -61.96 97.97
N ILE F 306 -0.60 -62.07 97.86
CA ILE F 306 -1.38 -62.84 98.81
C ILE F 306 -1.32 -64.31 98.44
N ASP F 307 -1.25 -65.17 99.44
CA ASP F 307 -1.18 -66.61 99.24
C ASP F 307 -2.46 -67.34 99.65
N ASP F 308 -3.08 -66.93 100.75
CA ASP F 308 -4.29 -67.58 101.23
C ASP F 308 -5.07 -66.61 102.10
N THR F 309 -6.38 -66.84 102.19
CA THR F 309 -7.25 -66.03 103.01
C THR F 309 -7.71 -66.73 104.28
N ALA F 310 -7.65 -68.05 104.32
CA ALA F 310 -8.02 -68.82 105.50
C ALA F 310 -6.87 -69.74 105.89
N ALA F 311 -6.91 -70.20 107.14
CA ALA F 311 -5.85 -71.04 107.67
C ALA F 311 -6.42 -71.91 108.80
N ASP F 312 -5.63 -72.91 109.20
CA ASP F 312 -6.00 -73.83 110.26
C ASP F 312 -5.15 -73.55 111.49
N VAL F 313 -5.79 -73.16 112.58
CA VAL F 313 -5.08 -72.84 113.82
C VAL F 313 -5.63 -73.73 114.93
N PRO F 314 -4.83 -74.07 115.94
CA PRO F 314 -5.35 -74.84 117.06
C PRO F 314 -6.37 -74.05 117.86
N VAL F 315 -7.20 -74.77 118.60
CA VAL F 315 -8.30 -74.18 119.35
C VAL F 315 -8.20 -74.44 120.85
N THR F 316 -7.22 -75.20 121.30
CA THR F 316 -7.06 -75.51 122.71
C THR F 316 -5.80 -74.85 123.25
N TYR F 317 -5.79 -74.63 124.57
CA TYR F 317 -4.65 -74.00 125.21
C TYR F 317 -3.54 -75.03 125.48
N GLY F 318 -3.85 -76.06 126.24
CA GLY F 318 -2.84 -77.03 126.65
C GLY F 318 -2.29 -76.65 128.00
N GLU F 319 -2.54 -77.46 129.02
CA GLU F 319 -2.23 -77.12 130.39
C GLU F 319 -1.21 -78.10 130.96
N MET F 320 -0.61 -77.70 132.08
CA MET F 320 0.24 -78.57 132.86
C MET F 320 -0.01 -78.33 134.33
N VAL F 321 0.02 -79.41 135.11
CA VAL F 321 -0.28 -79.38 136.54
C VAL F 321 0.56 -80.47 137.20
N LEU F 322 0.79 -80.31 138.50
CA LEU F 322 1.63 -81.25 139.23
C LEU F 322 0.78 -82.25 139.98
N GLN F 323 1.22 -83.51 139.97
CA GLN F 323 0.49 -84.60 140.61
C GLN F 323 1.47 -85.69 140.98
N GLY F 324 1.03 -86.58 141.85
CA GLY F 324 1.84 -87.72 142.24
C GLY F 324 3.11 -87.35 142.98
N THR F 325 4.26 -87.76 142.44
CA THR F 325 5.52 -87.52 143.12
C THR F 325 5.83 -86.03 143.22
N ASN F 326 5.30 -85.21 142.31
CA ASN F 326 5.51 -83.77 142.40
C ASN F 326 4.89 -83.21 143.67
N LEU F 327 3.77 -83.78 144.12
CA LEU F 327 3.09 -83.28 145.31
C LEU F 327 3.92 -83.53 146.57
N VAL F 328 4.40 -84.77 146.73
CA VAL F 328 5.10 -85.13 147.96
C VAL F 328 6.44 -84.40 148.05
N THR F 329 7.06 -84.12 146.92
CA THR F 329 8.36 -83.45 146.91
C THR F 329 8.26 -81.94 146.96
N ALA F 330 7.09 -81.37 146.67
CA ALA F 330 6.96 -79.92 146.67
C ALA F 330 6.85 -79.33 148.07
N LEU F 331 6.36 -80.11 149.03
CA LEU F 331 6.11 -79.61 150.38
C LEU F 331 7.21 -79.93 151.37
N VAL F 332 7.77 -81.14 151.31
CA VAL F 332 8.78 -81.54 152.28
C VAL F 332 10.19 -81.17 151.81
N MET F 333 10.40 -81.07 150.50
CA MET F 333 11.72 -80.79 149.97
C MET F 333 11.85 -79.33 149.52
N GLY F 334 10.88 -78.85 148.74
CA GLY F 334 10.90 -77.47 148.30
C GLY F 334 11.34 -77.30 146.86
N LYS F 335 11.05 -78.30 146.02
CA LYS F 335 11.40 -78.24 144.61
C LYS F 335 10.40 -79.06 143.82
N ALA F 336 10.45 -78.91 142.50
CA ALA F 336 9.57 -79.65 141.62
C ALA F 336 10.19 -79.70 140.22
N VAL F 337 9.85 -80.74 139.48
CA VAL F 337 10.36 -80.95 138.13
C VAL F 337 9.20 -81.38 137.24
N ARG F 338 9.18 -80.90 136.01
CA ARG F 338 8.14 -81.28 135.07
C ARG F 338 8.29 -82.76 134.69
N GLY F 339 7.17 -83.36 134.32
CA GLY F 339 7.16 -84.74 133.87
C GLY F 339 7.25 -85.76 134.99
N MET F 340 8.43 -85.86 135.62
CA MET F 340 8.67 -86.79 136.71
C MET F 340 8.37 -88.24 136.31
N ASP F 341 8.46 -88.53 135.02
CA ASP F 341 8.32 -89.89 134.52
C ASP F 341 9.64 -90.43 134.00
N ASP F 342 10.75 -89.82 134.40
CA ASP F 342 12.07 -90.20 133.91
C ASP F 342 12.49 -91.53 134.54
N VAL F 343 12.40 -92.61 133.78
CA VAL F 343 12.86 -93.91 134.26
C VAL F 343 14.37 -93.99 134.17
N ALA F 344 14.97 -93.35 133.17
CA ALA F 344 16.42 -93.35 133.00
C ALA F 344 17.07 -92.45 134.03
N ASN F 377 -8.31 -77.64 115.68
CA ASN F 377 -8.18 -77.04 114.37
C ASN F 377 -9.47 -76.35 113.94
N ALA F 378 -9.34 -75.23 113.25
CA ALA F 378 -10.51 -74.47 112.81
C ALA F 378 -10.11 -73.57 111.66
N ARG F 379 -10.97 -73.50 110.64
CA ARG F 379 -10.76 -72.60 109.51
C ARG F 379 -11.08 -71.17 109.96
N VAL F 380 -10.05 -70.33 110.01
CA VAL F 380 -10.22 -68.94 110.44
C VAL F 380 -9.76 -68.02 109.31
N PRO F 381 -10.53 -67.00 108.97
CA PRO F 381 -10.10 -66.07 107.92
C PRO F 381 -8.91 -65.25 108.38
N ALA F 382 -7.80 -65.37 107.63
CA ALA F 382 -6.57 -64.66 107.96
C ALA F 382 -5.69 -64.62 106.73
N ASP F 383 -5.22 -63.43 106.37
CA ASP F 383 -4.37 -63.29 105.20
C ASP F 383 -3.03 -63.97 105.41
N LEU F 384 -2.40 -64.38 104.30
CA LEU F 384 -1.10 -65.04 104.34
C LEU F 384 -0.31 -64.61 103.12
N VAL F 385 0.87 -64.05 103.35
CA VAL F 385 1.71 -63.55 102.26
C VAL F 385 2.95 -64.44 102.17
N ILE F 386 3.71 -64.25 101.10
CA ILE F 386 4.92 -65.02 100.85
C ILE F 386 6.06 -64.01 100.70
N VAL F 387 6.77 -63.77 101.79
CA VAL F 387 7.94 -62.89 101.80
C VAL F 387 9.19 -63.75 101.67
N GLY F 388 9.99 -63.47 100.65
CA GLY F 388 11.21 -64.22 100.42
C GLY F 388 10.95 -65.69 100.18
N ASP F 389 11.30 -66.52 101.16
CA ASP F 389 11.11 -67.96 101.05
C ASP F 389 10.36 -68.49 102.27
N LYS F 390 9.41 -67.71 102.78
CA LYS F 390 8.67 -68.07 103.97
C LYS F 390 7.19 -67.73 103.77
N LEU F 391 6.35 -68.29 104.65
CA LEU F 391 4.92 -68.00 104.68
C LEU F 391 4.60 -67.43 106.04
N VAL F 392 4.34 -66.13 106.11
CA VAL F 392 4.16 -65.43 107.37
C VAL F 392 2.77 -64.79 107.39
N PHE F 393 2.28 -64.56 108.60
CA PHE F 393 1.04 -63.82 108.79
C PHE F 393 1.27 -62.34 108.60
N LEU F 394 0.19 -61.61 108.35
CA LEU F 394 0.25 -60.16 108.21
C LEU F 394 -0.89 -59.57 109.03
N GLU F 395 -0.56 -58.80 110.06
CA GLU F 395 -1.52 -58.28 111.00
C GLU F 395 -1.46 -56.75 111.06
N ALA F 396 -2.63 -56.13 111.10
CA ALA F 396 -2.80 -54.69 111.26
C ALA F 396 -3.88 -54.39 112.27
N LEU F 397 -3.79 -55.03 113.44
CA LEU F 397 -4.88 -55.02 114.40
C LEU F 397 -5.17 -53.62 114.92
N GLU F 398 -6.27 -53.04 114.44
CA GLU F 398 -6.74 -51.74 114.90
C GLU F 398 -8.22 -51.69 115.18
N ARG F 399 -9.03 -52.56 114.59
CA ARG F 399 -10.46 -52.60 114.83
C ARG F 399 -10.89 -53.69 115.80
N ARG F 400 -10.21 -54.84 115.77
CA ARG F 400 -10.50 -55.88 116.74
C ARG F 400 -10.08 -55.46 118.14
N VAL F 401 -8.98 -54.73 118.24
CA VAL F 401 -8.46 -54.28 119.53
C VAL F 401 -8.11 -52.80 119.40
N TYR F 402 -7.93 -52.17 120.56
CA TYR F 402 -7.60 -50.74 120.65
C TYR F 402 -8.65 -49.85 119.99
N GLN F 403 -9.86 -50.38 119.81
CA GLN F 403 -10.92 -49.65 119.12
C GLN F 403 -11.93 -49.15 120.12
N ALA F 404 -12.26 -47.86 120.04
CA ALA F 404 -13.25 -47.23 120.91
C ALA F 404 -12.90 -47.42 122.38
N THR F 405 -11.61 -47.46 122.68
CA THR F 405 -11.12 -47.58 124.05
C THR F 405 -10.38 -46.30 124.42
N ARG F 406 -9.83 -46.29 125.64
CA ARG F 406 -9.10 -45.15 126.14
C ARG F 406 -7.59 -45.38 126.14
N VAL F 407 -7.12 -46.37 125.40
CA VAL F 407 -5.70 -46.68 125.32
C VAL F 407 -5.19 -46.39 123.92
N ALA F 408 -3.92 -46.02 123.84
CA ALA F 408 -3.28 -45.73 122.57
C ALA F 408 -2.72 -47.00 121.95
N TYR F 409 -2.54 -46.96 120.65
CA TYR F 409 -2.01 -48.10 119.92
C TYR F 409 -0.49 -48.04 119.91
N PRO F 410 0.19 -49.15 120.17
CA PRO F 410 1.66 -49.16 120.05
C PRO F 410 2.11 -49.06 118.60
N LEU F 411 3.41 -49.20 118.36
CA LEU F 411 4.01 -49.00 117.04
C LEU F 411 3.87 -47.57 116.55
N ILE F 412 3.62 -46.64 117.45
CA ILE F 412 3.56 -45.21 117.11
C ILE F 412 4.59 -44.51 117.97
N GLY F 413 5.71 -45.19 118.24
CA GLY F 413 6.76 -44.61 119.05
C GLY F 413 7.40 -43.40 118.41
N ASN F 414 8.30 -42.74 119.15
CA ASN F 414 8.95 -41.53 118.69
C ASN F 414 10.44 -41.78 118.51
N ILE F 415 11.12 -40.78 117.94
CA ILE F 415 12.55 -40.86 117.67
C ILE F 415 13.16 -39.50 117.98
N ASP F 416 14.17 -39.48 118.84
CA ASP F 416 14.85 -38.24 119.21
C ASP F 416 16.11 -38.06 118.37
N ILE F 417 16.22 -36.92 117.70
CA ILE F 417 17.36 -36.60 116.86
C ILE F 417 17.86 -35.21 117.22
N THR F 418 19.18 -35.06 117.29
CA THR F 418 19.81 -33.81 117.66
C THR F 418 20.46 -33.15 116.45
N PHE F 419 20.53 -31.83 116.48
CA PHE F 419 21.10 -31.04 115.39
C PHE F 419 22.15 -30.08 115.95
N ILE F 420 23.14 -29.77 115.12
CA ILE F 420 24.26 -28.92 115.51
C ILE F 420 24.54 -27.95 114.37
N MET F 421 24.69 -26.67 114.72
CA MET F 421 24.96 -25.62 113.74
C MET F 421 25.95 -24.62 114.33
N PRO F 422 27.04 -24.32 113.63
CA PRO F 422 27.91 -23.23 114.07
C PRO F 422 27.29 -21.88 113.80
N MET F 423 27.70 -20.88 114.58
CA MET F 423 27.08 -19.57 114.51
C MET F 423 28.02 -18.49 113.98
N GLY F 424 29.18 -18.29 114.60
CA GLY F 424 30.00 -17.16 114.23
C GLY F 424 31.44 -17.50 113.87
N VAL F 425 31.65 -18.62 113.19
CA VAL F 425 33.00 -18.99 112.79
C VAL F 425 33.48 -18.07 111.67
N PHE F 426 34.79 -17.91 111.58
CA PHE F 426 35.40 -17.03 110.59
C PHE F 426 36.70 -17.69 110.14
N GLN F 427 36.76 -18.12 108.89
CA GLN F 427 37.93 -18.83 108.38
C GLN F 427 39.07 -17.83 108.20
N ALA F 428 40.00 -17.83 109.17
CA ALA F 428 41.15 -16.92 109.13
C ALA F 428 42.18 -17.47 108.16
N ASN F 429 41.93 -17.26 106.87
CA ASN F 429 42.83 -17.71 105.83
C ASN F 429 42.54 -16.93 104.56
N SER F 430 43.60 -16.42 103.93
CA SER F 430 43.43 -15.66 102.71
C SER F 430 43.02 -16.53 101.53
N MET F 431 43.39 -17.81 101.53
CA MET F 431 43.07 -18.70 100.44
C MET F 431 41.66 -19.27 100.52
N ASP F 432 41.01 -19.17 101.68
CA ASP F 432 39.67 -19.70 101.83
C ASP F 432 38.57 -18.67 101.67
N ARG F 433 38.90 -17.38 101.81
CA ARG F 433 37.92 -16.32 101.63
C ARG F 433 37.99 -15.84 100.19
N TYR F 434 37.33 -16.60 99.32
CA TYR F 434 37.34 -16.33 97.88
C TYR F 434 35.92 -16.21 97.37
N THR F 435 35.75 -16.13 96.05
CA THR F 435 34.43 -16.15 95.44
C THR F 435 34.50 -16.99 94.17
N ARG F 436 33.35 -17.58 93.80
CA ARG F 436 33.35 -18.59 92.75
C ARG F 436 33.24 -17.97 91.36
N HIS F 437 32.80 -16.72 91.28
CA HIS F 437 32.69 -16.05 89.98
C HIS F 437 33.08 -14.59 90.10
N ALA F 438 32.94 -13.83 89.01
CA ALA F 438 33.33 -12.43 89.04
C ALA F 438 32.23 -11.57 89.67
N GLY F 439 31.07 -11.51 89.02
CA GLY F 439 29.95 -10.76 89.55
C GLY F 439 28.96 -11.61 90.32
N ASP F 440 29.39 -12.25 91.41
CA ASP F 440 28.52 -13.14 92.15
C ASP F 440 27.34 -12.39 92.76
N PHE F 441 27.62 -11.49 93.70
CA PHE F 441 26.59 -10.68 94.36
C PHE F 441 27.06 -9.24 94.34
N SER F 442 26.79 -8.53 93.26
CA SER F 442 27.22 -7.15 93.16
C SER F 442 26.41 -6.27 94.11
N THR F 443 26.98 -5.11 94.44
CA THR F 443 26.37 -4.16 95.35
C THR F 443 26.77 -2.76 94.94
N VAL F 444 25.90 -1.79 95.23
CA VAL F 444 26.19 -0.40 94.92
C VAL F 444 27.12 0.25 95.94
N SER F 445 27.17 -0.26 97.17
CA SER F 445 28.02 0.31 98.20
C SER F 445 29.50 0.13 97.83
N GLU F 446 30.31 1.07 98.33
CA GLU F 446 31.74 1.03 98.09
C GLU F 446 32.44 -0.08 98.87
N GLN F 447 31.82 -0.56 99.95
CA GLN F 447 32.37 -1.64 100.76
C GLN F 447 31.35 -2.77 100.77
N ASP F 448 31.72 -3.91 100.20
CA ASP F 448 30.84 -5.06 100.14
C ASP F 448 30.61 -5.59 101.54
N PRO F 449 29.40 -5.53 102.08
CA PRO F 449 29.12 -5.99 103.45
C PRO F 449 29.02 -7.50 103.57
N ARG F 450 29.98 -8.20 102.97
CA ARG F 450 30.06 -9.65 103.06
C ARG F 450 31.45 -10.14 103.41
N GLN F 451 32.41 -9.23 103.60
CA GLN F 451 33.74 -9.61 104.04
C GLN F 451 33.88 -9.60 105.56
N PHE F 452 33.05 -8.83 106.26
CA PHE F 452 33.12 -8.81 107.70
C PHE F 452 32.63 -10.13 108.27
N PRO F 453 33.13 -10.53 109.43
CA PRO F 453 32.69 -11.81 110.03
C PRO F 453 31.21 -11.76 110.36
N PRO F 454 30.47 -12.80 110.03
CA PRO F 454 29.03 -12.82 110.31
C PRO F 454 28.77 -13.01 111.80
N GLN F 455 27.49 -12.90 112.17
CA GLN F 455 27.11 -13.00 113.57
C GLN F 455 26.00 -14.00 113.81
N GLY F 456 25.07 -14.13 112.86
CA GLY F 456 23.91 -14.97 113.02
C GLY F 456 23.90 -16.13 112.04
N ILE F 457 22.94 -17.03 112.24
CA ILE F 457 22.75 -18.19 111.38
C ILE F 457 21.29 -18.24 110.94
N PHE F 458 21.07 -18.73 109.72
CA PHE F 458 19.74 -18.85 109.14
C PHE F 458 19.44 -20.31 108.84
N PHE F 459 18.20 -20.71 109.11
CA PHE F 459 17.76 -22.07 108.84
C PHE F 459 16.23 -22.08 108.76
N TYR F 460 15.69 -23.18 108.28
CA TYR F 460 14.26 -23.31 108.06
C TYR F 460 13.53 -23.67 109.34
N ASN F 461 12.24 -23.39 109.35
CA ASN F 461 11.37 -23.72 110.47
C ASN F 461 10.81 -25.13 110.29
N LYS F 462 9.86 -25.51 111.14
CA LYS F 462 9.20 -26.80 110.98
C LYS F 462 8.32 -26.82 109.74
N ASP F 463 7.72 -25.69 109.40
CA ASP F 463 6.82 -25.60 108.25
C ASP F 463 7.46 -24.89 107.06
N GLY F 464 8.73 -24.55 107.13
CA GLY F 464 9.42 -23.88 106.05
C GLY F 464 9.56 -22.38 106.18
N ILE F 465 9.49 -21.85 107.38
CA ILE F 465 9.68 -20.42 107.62
C ILE F 465 11.15 -20.17 107.92
N LEU F 466 11.62 -18.98 107.56
CA LEU F 466 12.99 -18.60 107.85
C LEU F 466 13.12 -18.16 109.30
N THR F 467 14.19 -18.61 109.95
CA THR F 467 14.51 -18.24 111.31
C THR F 467 15.93 -17.68 111.36
N GLN F 468 16.28 -17.11 112.51
CA GLN F 468 17.61 -16.53 112.69
C GLN F 468 18.01 -16.64 114.15
N LEU F 469 19.27 -17.01 114.37
CA LEU F 469 19.84 -17.16 115.71
C LEU F 469 21.09 -16.29 115.78
N THR F 470 20.91 -15.03 116.16
CA THR F 470 22.02 -14.09 116.24
C THR F 470 22.86 -14.37 117.47
N LEU F 471 23.95 -13.62 117.61
CA LEU F 471 24.77 -13.73 118.82
C LEU F 471 24.02 -13.22 120.05
N ARG F 472 23.08 -12.30 119.85
CA ARG F 472 22.33 -11.76 120.97
C ARG F 472 21.51 -12.84 121.67
N ASP F 473 21.17 -13.90 120.96
CA ASP F 473 20.40 -15.00 121.55
C ASP F 473 21.20 -15.80 122.57
N ALA F 474 22.52 -15.61 122.64
CA ALA F 474 23.36 -16.34 123.57
C ALA F 474 23.62 -15.56 124.85
N MET F 475 22.86 -14.50 125.09
CA MET F 475 23.06 -13.65 126.26
C MET F 475 22.59 -14.32 127.55
N GLY F 476 21.98 -15.49 127.47
CA GLY F 476 21.46 -16.15 128.65
C GLY F 476 22.37 -17.22 129.20
N THR F 477 23.47 -17.49 128.49
CA THR F 477 24.43 -18.49 128.92
C THR F 477 25.81 -17.93 129.25
N ILE F 478 26.26 -16.89 128.55
CA ILE F 478 27.58 -16.32 128.79
C ILE F 478 27.56 -15.21 129.83
N CYS F 479 26.39 -14.64 130.13
CA CYS F 479 26.27 -13.57 131.11
C CYS F 479 25.77 -14.07 132.45
N HIS F 480 26.16 -15.28 132.84
CA HIS F 480 25.77 -15.84 134.13
C HIS F 480 26.97 -15.85 135.07
N SER F 481 26.67 -15.91 136.37
CA SER F 481 27.71 -15.95 137.38
C SER F 481 28.57 -17.21 137.31
N SER F 482 28.16 -18.20 136.52
CA SER F 482 28.93 -19.43 136.40
C SER F 482 30.21 -19.24 135.58
N LEU F 483 30.49 -18.03 135.10
CA LEU F 483 31.72 -17.77 134.38
C LEU F 483 32.89 -17.48 135.32
N LEU F 484 32.64 -17.31 136.62
CA LEU F 484 33.65 -16.92 137.59
C LEU F 484 33.59 -17.82 138.82
N ASP F 485 33.56 -19.13 138.59
CA ASP F 485 33.52 -20.12 139.66
C ASP F 485 34.60 -21.17 139.47
N VAL F 486 35.83 -20.70 139.22
CA VAL F 486 36.94 -21.61 138.93
C VAL F 486 37.56 -22.10 140.23
N GLU F 487 36.88 -21.84 141.35
CA GLU F 487 37.38 -22.29 142.64
C GLU F 487 37.59 -23.81 142.65
N ALA F 488 36.63 -24.55 142.09
CA ALA F 488 36.76 -26.01 142.06
C ALA F 488 37.85 -26.44 141.11
N THR F 489 38.04 -25.72 140.01
CA THR F 489 39.02 -26.13 139.01
C THR F 489 40.44 -26.00 139.55
N LEU F 490 40.76 -24.86 140.17
CA LEU F 490 42.12 -24.67 140.68
C LEU F 490 42.45 -25.70 141.75
N VAL F 491 41.46 -26.15 142.52
CA VAL F 491 41.71 -27.19 143.51
C VAL F 491 42.13 -28.48 142.83
N ALA F 492 41.46 -28.84 141.72
CA ALA F 492 41.83 -30.05 141.00
C ALA F 492 43.21 -29.91 140.37
N LEU F 493 43.58 -28.71 139.91
CA LEU F 493 44.90 -28.52 139.34
C LEU F 493 45.97 -28.53 140.41
N ARG F 494 45.74 -27.84 141.53
CA ARG F 494 46.69 -27.87 142.64
C ARG F 494 46.82 -29.26 143.24
N GLN F 495 45.82 -30.12 143.04
CA GLN F 495 45.88 -31.46 143.59
C GLN F 495 46.98 -32.28 142.94
N GLN F 496 46.99 -32.34 141.61
CA GLN F 496 48.02 -33.08 140.91
C GLN F 496 49.36 -32.39 141.04
N HIS F 497 50.43 -33.15 140.86
CA HIS F 497 51.79 -32.65 141.05
C HIS F 497 52.26 -31.93 139.80
N LEU F 498 52.53 -30.64 139.93
CA LEU F 498 53.08 -29.83 138.85
C LEU F 498 54.43 -29.28 139.31
N ASP F 499 55.48 -29.59 138.56
CA ASP F 499 56.79 -29.01 138.80
C ASP F 499 57.09 -28.01 137.70
N ARG F 500 57.58 -26.83 138.09
CA ARG F 500 57.93 -25.79 137.13
C ARG F 500 58.89 -24.82 137.80
N GLN F 501 59.73 -24.21 136.97
CA GLN F 501 60.69 -23.20 137.41
C GLN F 501 60.52 -21.96 136.53
N CYS F 502 61.48 -21.04 136.58
CA CYS F 502 61.46 -19.85 135.74
C CYS F 502 60.22 -19.00 136.04
N TYR F 503 60.19 -18.47 137.27
CA TYR F 503 59.11 -17.63 137.76
C TYR F 503 59.32 -16.16 137.43
N PHE F 504 60.04 -15.87 136.35
CA PHE F 504 60.37 -14.48 136.02
C PHE F 504 59.13 -13.64 135.80
N GLY F 505 58.25 -14.08 134.90
CA GLY F 505 57.13 -13.26 134.52
C GLY F 505 55.88 -13.45 135.36
N VAL F 506 56.04 -13.88 136.60
CA VAL F 506 54.89 -14.06 137.49
C VAL F 506 55.16 -13.42 138.85
N TYR F 507 56.41 -13.02 139.07
CA TYR F 507 56.85 -12.44 140.37
C TYR F 507 56.91 -10.91 140.30
N VAL F 508 56.48 -10.25 141.39
CA VAL F 508 56.51 -8.81 141.52
C VAL F 508 57.29 -8.45 142.78
N ALA F 509 58.03 -7.34 142.73
CA ALA F 509 58.83 -6.92 143.87
C ALA F 509 58.59 -5.45 144.19
N GLU F 510 59.41 -4.90 145.10
CA GLU F 510 59.30 -3.49 145.47
C GLU F 510 60.61 -2.76 145.21
N GLY F 511 60.68 -1.49 145.59
CA GLY F 511 61.85 -0.67 145.34
C GLY F 511 62.67 -0.45 146.60
N THR F 512 63.99 -0.35 146.41
CA THR F 512 64.93 -0.12 147.50
C THR F 512 65.39 1.33 147.57
N GLU F 513 64.58 2.27 147.11
CA GLU F 513 64.83 3.71 147.17
C GLU F 513 66.06 4.14 146.38
N ASP F 514 66.68 3.25 145.61
CA ASP F 514 67.69 3.69 144.66
C ASP F 514 67.02 4.53 143.57
N THR F 515 67.83 5.22 142.77
CA THR F 515 67.23 6.21 141.88
C THR F 515 66.55 5.54 140.69
N LEU F 516 67.32 5.03 139.73
CA LEU F 516 66.78 4.09 138.76
C LEU F 516 67.81 3.05 138.35
N ASP F 517 69.10 3.41 138.48
CA ASP F 517 70.15 2.63 137.84
C ASP F 517 70.59 1.44 138.68
N VAL F 518 70.78 1.64 139.99
CA VAL F 518 71.19 0.53 140.84
C VAL F 518 70.14 -0.57 140.81
N GLN F 519 68.87 -0.19 140.74
CA GLN F 519 67.81 -1.19 140.62
C GLN F 519 67.80 -1.82 139.23
N MET F 520 68.12 -1.04 138.20
CA MET F 520 68.14 -1.57 136.85
C MET F 520 69.30 -2.54 136.65
N GLY F 521 70.50 -2.15 137.09
CA GLY F 521 71.64 -3.04 136.95
C GLY F 521 71.50 -4.31 137.75
N ARG F 522 70.95 -4.21 138.96
CA ARG F 522 70.74 -5.39 139.78
C ARG F 522 69.76 -6.35 139.11
N PHE F 523 68.74 -5.81 138.44
CA PHE F 523 67.79 -6.65 137.73
C PHE F 523 68.44 -7.34 136.54
N MET F 524 69.33 -6.63 135.84
CA MET F 524 69.98 -7.21 134.67
C MET F 524 70.86 -8.39 135.06
N GLU F 525 71.45 -8.35 136.26
CA GLU F 525 72.26 -9.47 136.72
C GLU F 525 71.41 -10.63 137.18
N THR F 526 70.32 -10.34 137.92
CA THR F 526 69.47 -11.41 138.42
C THR F 526 68.71 -12.08 137.28
N TRP F 527 68.06 -11.30 136.42
CA TRP F 527 67.30 -11.85 135.31
C TRP F 527 68.16 -12.70 134.39
N ALA F 528 69.48 -12.46 134.37
CA ALA F 528 70.34 -13.24 133.48
C ALA F 528 70.56 -14.65 134.02
N ASP F 529 70.59 -14.81 135.35
CA ASP F 529 70.91 -16.10 135.96
C ASP F 529 69.76 -16.69 136.75
N MET F 530 68.56 -16.10 136.67
CA MET F 530 67.38 -16.66 137.32
C MET F 530 66.41 -17.26 136.32
N MET F 531 66.87 -17.52 135.09
CA MET F 531 66.07 -18.09 134.01
C MET F 531 66.53 -19.49 133.73
N PRO F 532 66.05 -20.50 134.47
CA PRO F 532 66.50 -21.87 134.20
C PRO F 532 66.01 -22.39 132.86
N HIS F 533 64.75 -22.14 132.52
CA HIS F 533 64.17 -22.58 131.27
C HIS F 533 63.66 -21.37 130.49
N HIS F 534 62.99 -21.63 129.40
CA HIS F 534 62.40 -20.55 128.63
C HIS F 534 60.94 -20.35 129.02
N PRO F 535 60.45 -19.12 129.00
CA PRO F 535 59.06 -18.87 129.37
C PRO F 535 58.09 -19.49 128.37
N HIS F 536 56.88 -19.75 128.85
CA HIS F 536 55.84 -20.38 128.04
C HIS F 536 54.85 -19.39 127.45
N TRP F 537 54.96 -18.11 127.78
CA TRP F 537 54.06 -17.11 127.25
C TRP F 537 54.66 -16.32 126.09
N VAL F 538 55.87 -16.66 125.66
CA VAL F 538 56.54 -15.91 124.62
C VAL F 538 56.45 -16.59 123.25
N ASN F 539 56.03 -17.86 123.19
CA ASN F 539 55.91 -18.57 121.92
C ASN F 539 54.50 -18.34 121.39
N GLU F 540 54.33 -17.17 120.76
CA GLU F 540 53.05 -16.79 120.17
C GLU F 540 52.98 -17.09 118.68
N HIS F 541 54.11 -17.38 118.04
CA HIS F 541 54.15 -17.62 116.60
C HIS F 541 53.42 -18.89 116.18
N LEU F 542 53.03 -19.74 117.13
CA LEU F 542 52.41 -21.01 116.78
C LEU F 542 51.08 -20.80 116.07
N THR F 543 50.77 -21.70 115.15
CA THR F 543 49.49 -21.68 114.46
C THR F 543 48.46 -22.45 115.29
N ILE F 544 47.22 -22.48 114.78
CA ILE F 544 46.17 -23.18 115.50
C ILE F 544 46.42 -24.68 115.53
N LEU F 545 47.03 -25.22 114.47
CA LEU F 545 47.32 -26.65 114.45
C LEU F 545 48.39 -27.01 115.46
N GLN F 546 49.45 -26.21 115.54
CA GLN F 546 50.52 -26.51 116.49
C GLN F 546 50.07 -26.26 117.93
N PHE F 547 49.14 -25.34 118.13
CA PHE F 547 48.66 -25.05 119.48
C PHE F 547 47.74 -26.14 120.00
N ILE F 548 47.10 -26.89 119.10
CA ILE F 548 46.12 -27.88 119.51
C ILE F 548 46.76 -29.25 119.72
N ALA F 549 47.79 -29.57 118.95
CA ALA F 549 48.50 -30.85 119.00
C ALA F 549 48.89 -31.20 120.43
N PRO F 550 48.92 -32.49 120.78
CA PRO F 550 49.22 -32.86 122.18
C PRO F 550 50.63 -32.48 122.62
N SER F 551 51.50 -32.04 121.71
CA SER F 551 52.84 -31.65 122.09
C SER F 551 52.88 -30.29 122.79
N ASN F 552 51.80 -29.52 122.74
CA ASN F 552 51.79 -28.20 123.35
C ASN F 552 51.79 -28.32 124.87
N PRO F 553 52.81 -27.85 125.57
CA PRO F 553 52.82 -27.99 127.03
C PRO F 553 51.84 -27.08 127.73
N ARG F 554 51.60 -25.87 127.21
CA ARG F 554 50.66 -24.94 127.82
C ARG F 554 49.22 -25.21 127.40
N LEU F 555 48.95 -26.37 126.80
CA LEU F 555 47.58 -26.68 126.37
C LEU F 555 46.69 -27.03 127.56
N ARG F 556 47.22 -27.80 128.51
CA ARG F 556 46.40 -28.27 129.62
C ARG F 556 45.87 -27.15 130.49
N PHE F 557 46.47 -25.96 130.43
CA PHE F 557 46.04 -24.85 131.26
C PHE F 557 45.07 -23.92 130.56
N GLU F 558 44.72 -24.20 129.30
CA GLU F 558 43.78 -23.36 128.55
C GLU F 558 42.39 -23.97 128.72
N LEU F 559 41.74 -23.64 129.83
CA LEU F 559 40.43 -24.19 130.16
C LEU F 559 39.32 -23.17 130.01
N ASN F 560 39.47 -21.99 130.58
CA ASN F 560 38.42 -20.99 130.53
C ASN F 560 38.83 -19.82 129.66
N PRO F 561 37.90 -19.28 128.85
CA PRO F 561 38.27 -18.16 127.97
C PRO F 561 38.49 -16.85 128.71
N ALA F 562 37.97 -16.69 129.93
CA ALA F 562 38.11 -15.45 130.66
C ALA F 562 39.12 -15.53 131.79
N PHE F 563 39.99 -16.55 131.78
CA PHE F 563 40.97 -16.72 132.84
C PHE F 563 42.30 -17.16 132.26
N ASP F 564 43.35 -16.99 133.06
CA ASP F 564 44.69 -17.44 132.71
C ASP F 564 45.25 -18.25 133.86
N PHE F 565 45.48 -19.53 133.63
CA PHE F 565 46.01 -20.45 134.63
C PHE F 565 47.51 -20.59 134.43
N PHE F 566 48.27 -20.28 135.48
CA PHE F 566 49.72 -20.39 135.44
C PHE F 566 50.21 -21.05 136.73
N VAL F 567 51.52 -21.20 136.83
CA VAL F 567 52.16 -21.74 138.02
C VAL F 567 53.05 -20.67 138.62
N ALA F 568 53.06 -20.57 139.94
CA ALA F 568 53.82 -19.54 140.63
C ALA F 568 54.26 -20.09 141.98
N PRO F 569 55.39 -19.60 142.50
CA PRO F 569 55.80 -20.00 143.85
C PRO F 569 54.76 -19.61 144.88
N GLY F 570 54.39 -20.57 145.72
CA GLY F 570 53.36 -20.33 146.71
C GLY F 570 53.90 -19.74 148.01
N ASP F 571 52.98 -19.38 148.88
CA ASP F 571 53.29 -18.87 150.22
C ASP F 571 54.15 -17.61 150.16
N VAL F 572 53.82 -16.73 149.21
CA VAL F 572 54.49 -15.45 149.09
C VAL F 572 53.44 -14.38 148.80
N ASP F 573 53.70 -13.18 149.30
CA ASP F 573 52.81 -12.06 149.02
C ASP F 573 53.32 -11.28 147.80
N LEU F 574 52.39 -10.58 147.15
CA LEU F 574 52.70 -9.80 145.96
C LEU F 574 52.31 -8.36 146.24
N PRO F 575 53.27 -7.42 146.25
CA PRO F 575 54.69 -7.70 146.00
C PRO F 575 55.41 -8.15 147.26
N GLY F 576 56.62 -8.67 147.10
CA GLY F 576 57.42 -9.12 148.21
C GLY F 576 58.83 -8.57 148.16
N PRO F 577 59.80 -9.39 148.54
CA PRO F 577 61.20 -8.94 148.53
C PRO F 577 61.72 -8.78 147.11
N GLN F 578 62.94 -8.24 147.02
CA GLN F 578 63.57 -8.05 145.72
C GLN F 578 63.93 -9.40 145.10
N ARG F 579 64.37 -10.34 145.91
CA ARG F 579 64.73 -11.67 145.41
C ARG F 579 63.62 -12.66 145.75
N PRO F 580 63.16 -13.45 144.78
CA PRO F 580 62.09 -14.39 145.05
C PRO F 580 62.53 -15.50 145.99
N PRO F 581 61.89 -15.64 147.14
CA PRO F 581 62.28 -16.70 148.07
C PRO F 581 61.87 -18.06 147.56
N GLU F 582 62.66 -19.07 147.93
CA GLU F 582 62.41 -20.43 147.47
C GLU F 582 61.23 -21.04 148.21
N ALA F 583 60.29 -21.60 147.45
CA ALA F 583 59.11 -22.23 148.03
C ALA F 583 58.56 -23.22 147.01
N MET F 584 57.57 -23.99 147.44
CA MET F 584 56.97 -25.00 146.56
C MET F 584 56.06 -24.33 145.54
N PRO F 585 56.15 -24.69 144.27
CA PRO F 585 55.31 -24.05 143.25
C PRO F 585 53.89 -24.61 143.27
N THR F 586 52.94 -23.71 143.07
CA THR F 586 51.52 -24.06 143.00
C THR F 586 50.88 -23.35 141.82
N VAL F 587 49.59 -23.58 141.64
CA VAL F 587 48.86 -23.05 140.50
C VAL F 587 48.01 -21.87 140.94
N ASN F 588 48.07 -20.79 140.17
CA ASN F 588 47.27 -19.60 140.40
C ASN F 588 46.62 -19.19 139.09
N ALA F 589 45.58 -18.36 139.20
CA ALA F 589 44.78 -17.97 138.05
C ALA F 589 44.41 -16.50 138.16
N THR F 590 44.72 -15.74 137.11
CA THR F 590 44.37 -14.34 137.01
C THR F 590 43.32 -14.18 135.90
N LEU F 591 42.72 -12.99 135.82
CA LEU F 591 41.63 -12.72 134.90
C LEU F 591 42.16 -12.00 133.65
N ARG F 592 41.61 -12.36 132.51
CA ARG F 592 41.90 -11.68 131.25
C ARG F 592 40.97 -10.47 131.16
N ILE F 593 41.48 -9.31 131.57
CA ILE F 593 40.67 -8.10 131.60
C ILE F 593 40.17 -7.74 130.21
N ILE F 594 40.98 -8.00 129.19
CA ILE F 594 40.70 -7.56 127.83
C ILE F 594 40.49 -8.78 126.94
N ASN F 595 39.55 -8.68 126.01
CA ASN F 595 39.36 -9.73 125.02
C ASN F 595 40.52 -9.86 124.06
N GLY F 596 41.38 -8.85 123.96
CA GLY F 596 42.57 -8.93 123.15
C GLY F 596 43.70 -9.74 123.74
N ASN F 597 43.63 -10.04 125.04
CA ASN F 597 44.63 -10.87 125.70
C ASN F 597 44.51 -12.34 125.33
N ILE F 598 43.50 -12.71 124.55
CA ILE F 598 43.37 -14.10 124.10
C ILE F 598 44.57 -14.47 123.25
N PRO F 599 45.18 -15.63 123.45
CA PRO F 599 46.36 -15.99 122.65
C PRO F 599 46.07 -15.95 121.15
N VAL F 600 47.06 -15.49 120.38
CA VAL F 600 46.87 -15.35 118.94
C VAL F 600 46.50 -16.65 118.27
N PRO F 601 47.07 -17.82 118.63
CA PRO F 601 46.62 -19.06 117.99
C PRO F 601 45.11 -19.30 118.09
N LEU F 602 44.45 -18.73 119.08
CA LEU F 602 43.00 -18.86 119.19
C LEU F 602 42.28 -17.72 118.47
N CYS F 603 42.72 -16.49 118.70
CA CYS F 603 42.18 -15.32 118.00
C CYS F 603 43.23 -14.78 117.06
N PRO F 604 43.18 -15.08 115.76
CA PRO F 604 44.27 -14.72 114.86
C PRO F 604 44.35 -13.22 114.58
N ILE F 605 45.30 -12.84 113.74
CA ILE F 605 45.48 -11.43 113.39
C ILE F 605 44.54 -11.03 112.25
N SER F 606 44.34 -11.92 111.28
CA SER F 606 43.50 -11.59 110.13
C SER F 606 42.07 -11.31 110.56
N PHE F 607 41.58 -11.99 111.60
CA PHE F 607 40.24 -11.71 112.08
C PHE F 607 40.18 -10.34 112.75
N ARG F 608 41.26 -9.95 113.44
CA ARG F 608 41.24 -8.66 114.14
C ARG F 608 41.26 -7.50 113.16
N ASP F 609 42.08 -7.60 112.11
CA ASP F 609 42.13 -6.53 111.12
C ASP F 609 40.82 -6.44 110.35
N CYS F 610 40.20 -7.59 110.06
CA CYS F 610 38.91 -7.58 109.38
C CYS F 610 37.83 -6.95 110.26
N ARG F 611 37.85 -7.25 111.56
CA ARG F 611 36.92 -6.63 112.48
C ARG F 611 37.14 -5.12 112.53
N GLY F 612 38.39 -4.69 112.55
CA GLY F 612 38.68 -3.27 112.59
C GLY F 612 38.22 -2.54 111.34
N THR F 613 38.30 -3.20 110.18
CA THR F 613 37.80 -2.59 108.96
C THR F 613 36.30 -2.33 109.05
N GLN F 614 35.57 -3.25 109.68
CA GLN F 614 34.14 -3.05 109.88
C GLN F 614 33.86 -1.94 110.87
N LEU F 615 34.72 -1.77 111.86
CA LEU F 615 34.52 -0.73 112.87
C LEU F 615 34.54 0.66 112.24
N GLY F 616 35.69 1.04 111.67
CA GLY F 616 35.81 2.34 111.05
C GLY F 616 35.26 2.36 109.65
N LEU F 617 33.94 2.15 109.53
CA LEU F 617 33.32 2.11 108.21
C LEU F 617 33.29 3.49 107.58
N GLY F 618 32.67 4.45 108.25
CA GLY F 618 32.59 5.80 107.72
C GLY F 618 33.09 6.85 108.69
N ARG F 619 34.06 6.48 109.52
CA ARG F 619 34.59 7.38 110.52
C ARG F 619 35.66 8.28 109.89
N HIS F 620 36.34 9.06 110.71
CA HIS F 620 37.36 9.96 110.19
C HIS F 620 38.60 9.19 109.79
N THR F 621 39.24 9.63 108.70
CA THR F 621 40.48 9.05 108.22
C THR F 621 41.52 10.15 108.06
N MET F 622 42.77 9.75 108.04
CA MET F 622 43.88 10.69 107.90
C MET F 622 44.37 10.71 106.46
N THR F 623 44.65 11.92 105.96
CA THR F 623 45.16 12.07 104.62
C THR F 623 46.54 11.42 104.49
N PRO F 624 46.88 10.89 103.32
CA PRO F 624 48.18 10.23 103.16
C PRO F 624 49.36 11.16 103.39
N ALA F 625 49.19 12.47 103.19
CA ALA F 625 50.29 13.40 103.42
C ALA F 625 50.71 13.38 104.89
N THR F 626 49.73 13.44 105.80
CA THR F 626 50.05 13.39 107.22
C THR F 626 50.63 12.03 107.60
N ILE F 627 50.16 10.96 106.95
CA ILE F 627 50.67 9.63 107.27
C ILE F 627 52.12 9.49 106.83
N LYS F 628 52.47 10.04 105.66
CA LYS F 628 53.82 9.91 105.15
C LYS F 628 54.81 10.69 106.03
N ALA F 629 54.44 11.89 106.47
CA ALA F 629 55.36 12.70 107.25
C ALA F 629 55.61 12.09 108.63
N VAL F 630 54.54 11.69 109.32
CA VAL F 630 54.70 11.10 110.65
C VAL F 630 55.46 9.79 110.57
N LYS F 631 55.18 8.98 109.55
CA LYS F 631 55.93 7.74 109.38
C LYS F 631 57.41 8.01 109.14
N ASP F 632 57.73 9.07 108.40
CA ASP F 632 59.13 9.38 108.14
C ASP F 632 59.84 9.84 109.40
N THR F 633 59.15 10.63 110.24
CA THR F 633 59.78 11.12 111.45
C THR F 633 60.14 9.99 112.41
N PHE F 634 59.22 9.03 112.59
CA PHE F 634 59.45 7.96 113.55
C PHE F 634 60.61 7.06 113.11
N GLU F 635 60.72 6.80 111.82
CA GLU F 635 61.78 5.96 111.30
C GLU F 635 63.05 6.73 110.97
N ASP F 636 63.08 8.03 111.23
CA ASP F 636 64.31 8.79 111.06
C ASP F 636 65.18 8.66 112.29
N ARG F 637 66.43 8.23 112.09
CA ARG F 637 67.38 8.13 113.18
C ARG F 637 68.24 9.37 113.33
N ALA F 638 68.11 10.34 112.42
CA ALA F 638 68.83 11.59 112.51
C ALA F 638 68.10 12.63 113.35
N TYR F 639 67.19 12.20 114.21
CA TYR F 639 66.49 13.10 115.09
C TYR F 639 67.48 13.78 116.03
N PRO F 640 67.59 15.11 116.00
CA PRO F 640 68.60 15.77 116.84
C PRO F 640 68.28 15.63 118.33
N THR F 641 69.32 15.31 119.10
CA THR F 641 69.16 15.13 120.54
C THR F 641 68.71 16.41 121.23
N ILE F 642 68.94 17.56 120.62
CA ILE F 642 68.50 18.82 121.21
C ILE F 642 66.99 18.81 121.43
N PHE F 643 66.24 18.12 120.56
CA PHE F 643 64.79 18.07 120.72
C PHE F 643 64.38 17.41 122.03
N TYR F 644 64.98 16.25 122.34
CA TYR F 644 64.71 15.61 123.62
C TYR F 644 65.14 16.48 124.78
N MET F 645 66.21 17.26 124.60
CA MET F 645 66.71 18.10 125.69
C MET F 645 65.70 19.18 126.05
N LEU F 646 65.22 19.93 125.05
CA LEU F 646 64.19 20.92 125.31
C LEU F 646 62.93 20.29 125.89
N GLU F 647 62.64 19.06 125.48
CA GLU F 647 61.44 18.38 125.98
C GLU F 647 61.53 18.06 127.46
N ALA F 648 62.73 17.72 127.94
CA ALA F 648 62.87 17.32 129.33
C ALA F 648 62.73 18.52 130.28
N VAL F 649 63.43 19.61 129.98
CA VAL F 649 63.40 20.78 130.85
C VAL F 649 62.01 21.40 130.89
N ILE F 650 61.24 21.29 129.80
CA ILE F 650 59.87 21.78 129.80
C ILE F 650 59.02 20.94 130.74
N HIS F 651 59.23 19.61 130.71
CA HIS F 651 58.56 18.66 131.60
C HIS F 651 57.05 18.86 131.65
N GLY F 652 56.48 19.41 130.57
CA GLY F 652 55.05 19.57 130.48
C GLY F 652 54.47 20.57 131.46
N ASN F 653 54.81 21.84 131.30
CA ASN F 653 54.25 22.91 132.11
C ASN F 653 53.91 24.09 131.23
N GLU F 654 52.71 24.65 131.44
CA GLU F 654 52.26 25.75 130.60
C GLU F 654 53.08 27.01 130.82
N ARG F 655 53.54 27.25 132.05
CA ARG F 655 54.34 28.43 132.31
C ARG F 655 55.64 28.42 131.51
N ASN F 656 56.19 27.24 131.26
CA ASN F 656 57.42 27.12 130.49
C ASN F 656 57.17 27.21 128.99
N PHE F 657 56.07 26.65 128.51
CA PHE F 657 55.77 26.70 127.09
C PHE F 657 55.46 28.12 126.63
N CYS F 658 54.68 28.85 127.43
CA CYS F 658 54.30 30.21 127.04
C CYS F 658 55.49 31.16 127.05
N ALA F 659 56.56 30.80 127.76
CA ALA F 659 57.74 31.65 127.79
C ALA F 659 58.68 31.33 126.64
N LEU F 660 58.84 30.05 126.32
CA LEU F 660 59.77 29.61 125.28
C LEU F 660 59.15 29.64 123.89
N LEU F 661 57.95 30.22 123.75
CA LEU F 661 57.25 30.19 122.47
C LEU F 661 58.08 30.78 121.34
N ARG F 662 58.84 31.82 121.63
CA ARG F 662 59.66 32.46 120.60
C ARG F 662 60.70 31.48 120.05
N LEU F 663 61.20 30.56 120.88
CA LEU F 663 62.24 29.65 120.44
C LEU F 663 61.67 28.48 119.65
N LEU F 664 60.54 27.93 120.09
CA LEU F 664 60.01 26.73 119.47
C LEU F 664 59.56 26.99 118.05
N THR F 665 58.95 28.16 117.79
CA THR F 665 58.46 28.45 116.45
C THR F 665 59.59 28.56 115.44
N GLN F 666 60.80 28.89 115.90
CA GLN F 666 61.94 28.93 114.99
C GLN F 666 62.61 27.57 114.87
N CYS F 667 62.60 26.78 115.94
CA CYS F 667 63.18 25.44 115.87
C CYS F 667 62.36 24.51 114.99
N ILE F 668 61.03 24.54 115.14
CA ILE F 668 60.16 23.71 114.33
C ILE F 668 60.28 24.09 112.86
N ARG F 669 60.12 25.38 112.56
CA ARG F 669 60.21 25.86 111.19
C ARG F 669 61.57 25.51 110.58
N GLY F 670 62.64 25.71 111.34
CA GLY F 670 63.95 25.36 110.84
C GLY F 670 64.12 23.87 110.60
N TYR F 671 63.51 23.05 111.46
CA TYR F 671 63.61 21.61 111.28
C TYR F 671 62.71 21.12 110.15
N TRP F 672 61.56 21.75 109.97
CA TRP F 672 60.63 21.28 108.94
C TRP F 672 61.11 21.68 107.55
N GLU F 673 61.50 22.94 107.37
CA GLU F 673 61.95 23.35 106.04
C GLU F 673 63.42 22.99 105.85
N GLN F 674 63.77 21.77 106.22
CA GLN F 674 65.02 21.13 105.84
C GLN F 674 64.86 19.68 105.43
N SER F 675 63.85 18.98 105.94
CA SER F 675 63.58 17.61 105.56
C SER F 675 62.10 17.29 105.44
N HIS F 676 61.22 18.29 105.60
CA HIS F 676 59.76 18.09 105.52
C HIS F 676 59.31 17.03 106.52
N ARG F 677 59.59 17.29 107.79
CA ARG F 677 59.22 16.36 108.86
C ARG F 677 58.74 17.13 110.07
N VAL F 678 57.74 16.59 110.74
CA VAL F 678 57.20 17.19 111.96
C VAL F 678 57.96 16.64 113.15
N ALA F 679 58.10 17.47 114.19
CA ALA F 679 58.86 17.11 115.38
C ALA F 679 57.97 17.25 116.61
N PHE F 680 58.56 16.93 117.77
CA PHE F 680 57.88 17.04 119.06
C PHE F 680 56.65 16.15 119.13
N VAL F 681 56.80 14.90 118.69
CA VAL F 681 55.73 13.92 118.76
C VAL F 681 55.85 13.01 119.98
N ASN F 682 56.99 13.04 120.67
CA ASN F 682 57.18 12.18 121.85
C ASN F 682 56.06 12.39 122.86
N ASN F 683 55.91 13.61 123.36
CA ASN F 683 54.97 13.87 124.44
C ASN F 683 53.56 14.11 123.91
N PHE F 684 52.58 13.85 124.77
CA PHE F 684 51.21 14.24 124.46
C PHE F 684 50.95 15.69 124.84
N HIS F 685 51.66 16.21 125.83
CA HIS F 685 51.56 17.63 126.16
C HIS F 685 52.52 18.46 125.31
N MET F 686 52.52 18.22 124.01
CA MET F 686 53.28 19.06 123.11
C MET F 686 52.47 19.51 121.91
N LEU F 687 51.62 18.63 121.37
CA LEU F 687 50.82 19.01 120.21
C LEU F 687 49.57 19.75 120.62
N MET F 688 49.01 19.45 121.79
CA MET F 688 47.90 20.24 122.31
C MET F 688 48.32 21.68 122.53
N TYR F 689 49.51 21.88 123.12
CA TYR F 689 50.01 23.23 123.30
C TYR F 689 50.31 23.90 121.96
N ILE F 690 50.70 23.12 120.95
CA ILE F 690 50.99 23.69 119.65
C ILE F 690 49.71 24.16 118.97
N THR F 691 48.68 23.33 118.99
CA THR F 691 47.44 23.68 118.30
C THR F 691 46.69 24.80 119.00
N THR F 692 46.80 24.90 120.32
CA THR F 692 46.09 25.93 121.05
C THR F 692 46.77 27.30 120.92
N TYR F 693 48.10 27.33 120.86
CA TYR F 693 48.84 28.59 120.80
C TYR F 693 49.25 28.94 119.37
N LEU F 694 50.01 28.06 118.73
CA LEU F 694 50.43 28.28 117.34
C LEU F 694 49.36 27.80 116.38
N GLY F 695 48.13 28.26 116.59
CA GLY F 695 47.01 27.81 115.78
C GLY F 695 46.37 28.94 114.99
N ASN F 696 47.11 30.03 114.80
CA ASN F 696 46.59 31.18 114.08
C ASN F 696 47.25 31.40 112.73
N GLY F 697 48.38 30.75 112.46
CA GLY F 697 49.06 30.92 111.19
C GLY F 697 50.54 31.20 111.35
N GLU F 698 51.06 30.98 112.56
CA GLU F 698 52.49 31.18 112.80
C GLU F 698 53.30 30.22 111.94
N LEU F 699 53.05 28.92 112.08
CA LEU F 699 53.69 27.93 111.23
C LEU F 699 52.98 27.86 109.89
N PRO F 700 53.64 27.34 108.86
CA PRO F 700 52.98 27.19 107.56
C PRO F 700 51.75 26.30 107.66
N GLU F 701 50.88 26.43 106.66
CA GLU F 701 49.62 25.70 106.63
C GLU F 701 49.79 24.19 106.49
N VAL F 702 51.01 23.70 106.23
CA VAL F 702 51.22 22.28 106.02
C VAL F 702 51.49 21.60 107.36
N CYS F 703 52.23 22.29 108.25
CA CYS F 703 52.56 21.73 109.55
C CYS F 703 51.38 21.78 110.51
N ILE F 704 50.65 22.90 110.51
CA ILE F 704 49.52 23.04 111.42
C ILE F 704 48.39 22.10 111.01
N ASN F 705 48.27 21.79 109.72
CA ASN F 705 47.25 20.86 109.29
C ASN F 705 47.57 19.45 109.73
N ILE F 706 48.86 19.08 109.74
CA ILE F 706 49.26 17.76 110.20
C ILE F 706 48.90 17.58 111.68
N TYR F 707 49.14 18.61 112.49
CA TYR F 707 48.83 18.51 113.91
C TYR F 707 47.33 18.37 114.14
N ARG F 708 46.52 19.12 113.37
CA ARG F 708 45.08 19.01 113.54
C ARG F 708 44.55 17.67 113.06
N ASP F 709 45.12 17.12 111.99
CA ASP F 709 44.71 15.80 111.52
C ASP F 709 44.94 14.75 112.60
N LEU F 710 46.07 14.83 113.30
CA LEU F 710 46.34 13.90 114.38
C LEU F 710 45.37 14.09 115.53
N LEU F 711 45.09 15.35 115.89
CA LEU F 711 44.19 15.61 117.00
C LEU F 711 42.76 15.20 116.68
N GLN F 712 42.30 15.53 115.47
CA GLN F 712 40.93 15.16 115.09
C GLN F 712 40.77 13.65 115.02
N HIS F 713 41.78 12.94 114.52
CA HIS F 713 41.71 11.49 114.45
C HIS F 713 41.60 10.88 115.84
N VAL F 714 42.33 11.45 116.81
CA VAL F 714 42.27 10.93 118.17
C VAL F 714 40.86 11.12 118.75
N ARG F 715 40.23 12.26 118.46
CA ARG F 715 38.87 12.48 118.92
C ARG F 715 37.90 11.52 118.25
N ALA F 716 38.13 11.19 116.98
CA ALA F 716 37.25 10.26 116.28
C ALA F 716 37.27 8.89 116.93
N LEU F 717 38.43 8.46 117.44
CA LEU F 717 38.48 7.20 118.15
C LEU F 717 37.76 7.28 119.48
N ARG F 718 37.79 8.45 120.13
CA ARG F 718 37.07 8.60 121.39
C ARG F 718 35.57 8.55 121.16
N GLN F 719 35.07 9.20 120.11
CA GLN F 719 33.65 9.17 119.82
C GLN F 719 33.18 7.77 119.44
N THR F 720 34.06 6.98 118.84
CA THR F 720 33.69 5.61 118.47
C THR F 720 33.40 4.76 119.70
N ILE F 721 34.10 5.04 120.81
CA ILE F 721 33.86 4.29 122.04
C ILE F 721 32.45 4.53 122.55
N THR F 722 31.99 5.79 122.53
CA THR F 722 30.64 6.09 122.97
C THR F 722 29.60 5.55 122.00
N ASP F 723 30.01 5.22 120.77
CA ASP F 723 29.05 4.76 119.77
C ASP F 723 28.63 3.32 120.03
N PHE F 724 29.59 2.43 120.26
CA PHE F 724 29.31 1.00 120.40
C PHE F 724 28.96 0.60 121.84
N THR F 725 28.54 1.55 122.67
CA THR F 725 28.08 1.25 124.01
C THR F 725 26.72 1.88 124.24
N ILE F 726 25.92 1.23 125.07
CA ILE F 726 24.61 1.76 125.43
C ILE F 726 24.79 2.74 126.58
N GLN F 727 24.03 3.82 126.55
CA GLN F 727 24.19 4.91 127.50
C GLN F 727 23.00 4.95 128.45
N GLY F 728 23.28 5.31 129.70
CA GLY F 728 22.22 5.53 130.67
C GLY F 728 22.16 4.51 131.79
N GLU F 729 23.30 3.94 132.17
CA GLU F 729 23.34 3.06 133.33
C GLU F 729 24.73 3.11 133.94
N GLY F 730 24.78 3.02 135.27
CA GLY F 730 26.03 3.08 135.99
C GLY F 730 25.91 2.51 137.39
N HIS F 731 26.86 1.67 137.78
CA HIS F 731 26.83 1.02 139.07
C HIS F 731 27.59 1.84 140.10
N ASN F 732 27.89 1.23 141.26
CA ASN F 732 28.53 1.95 142.34
C ASN F 732 29.81 2.65 141.90
N GLY F 733 30.58 2.02 141.03
CA GLY F 733 31.79 2.64 140.50
C GLY F 733 31.48 3.58 139.37
N GLU F 734 32.21 3.44 138.27
CA GLU F 734 32.00 4.29 137.10
C GLU F 734 30.74 3.84 136.37
N THR F 735 30.31 4.68 135.42
CA THR F 735 29.13 4.42 134.61
C THR F 735 29.45 3.44 133.49
N SER F 736 28.58 3.40 132.47
CA SER F 736 28.73 2.43 131.39
C SER F 736 30.09 2.49 130.71
N GLU F 737 30.75 3.65 130.73
CA GLU F 737 31.90 3.85 129.84
C GLU F 737 33.08 2.99 130.25
N ALA F 738 33.64 3.23 131.44
CA ALA F 738 34.76 2.42 131.89
C ALA F 738 34.33 1.02 132.28
N LEU F 739 33.04 0.80 132.47
CA LEU F 739 32.53 -0.55 132.65
C LEU F 739 32.59 -1.35 131.36
N ASN F 740 32.78 -0.69 130.22
CA ASN F 740 32.87 -1.34 128.93
C ASN F 740 34.29 -1.36 128.37
N ASN F 741 34.97 -0.21 128.34
CA ASN F 741 36.32 -0.12 127.81
C ASN F 741 37.29 0.25 128.93
N ILE F 742 38.56 0.39 128.55
CA ILE F 742 39.63 0.71 129.48
C ILE F 742 40.24 2.07 129.21
N LEU F 743 40.37 2.45 127.94
CA LEU F 743 40.86 3.79 127.60
C LEU F 743 40.01 4.87 128.26
N THR F 744 38.74 4.59 128.57
CA THR F 744 37.87 5.50 129.29
C THR F 744 37.84 5.22 130.78
N ASP F 745 38.79 4.44 131.29
CA ASP F 745 38.86 4.11 132.71
C ASP F 745 39.89 5.02 133.39
N ASP F 746 39.57 5.42 134.62
CA ASP F 746 40.49 6.22 135.41
C ASP F 746 41.47 5.38 136.21
N THR F 747 41.14 4.12 136.49
CA THR F 747 42.07 3.25 137.19
C THR F 747 43.31 2.98 136.35
N PHE F 748 43.15 2.88 135.04
CA PHE F 748 44.30 2.74 134.16
C PHE F 748 45.02 4.07 134.02
N ILE F 749 46.36 4.00 133.89
CA ILE F 749 47.19 5.18 133.84
C ILE F 749 48.06 5.14 132.60
N ALA F 750 48.41 6.32 132.10
CA ALA F 750 49.29 6.42 130.95
C ALA F 750 50.70 5.96 131.31
N PRO F 751 51.49 5.53 130.32
CA PRO F 751 52.86 5.10 130.63
C PRO F 751 53.78 6.23 131.07
N ILE F 752 53.39 7.49 130.86
CA ILE F 752 54.21 8.63 131.24
C ILE F 752 53.34 9.62 131.98
N LEU F 753 53.82 10.11 133.11
CA LEU F 753 53.09 11.06 133.95
C LEU F 753 53.93 12.31 134.14
N TRP F 754 53.38 13.46 133.74
CA TRP F 754 54.05 14.74 133.91
C TRP F 754 53.55 15.52 135.12
N ASP F 755 52.30 15.33 135.51
CA ASP F 755 51.75 15.95 136.70
C ASP F 755 50.99 14.92 137.50
N CYS F 756 50.81 15.21 138.79
CA CYS F 756 50.17 14.29 139.71
C CYS F 756 48.65 14.41 139.73
N ASP F 757 48.06 14.96 138.67
CA ASP F 757 46.61 15.07 138.62
C ASP F 757 45.95 13.75 138.24
N ALA F 758 46.61 12.95 137.40
CA ALA F 758 46.07 11.64 137.04
C ALA F 758 45.97 10.74 138.27
N LEU F 759 46.89 10.87 139.21
CA LEU F 759 46.75 10.15 140.48
C LEU F 759 45.53 10.62 141.25
N ILE F 760 45.28 11.93 141.27
CA ILE F 760 44.13 12.47 142.00
C ILE F 760 42.84 11.94 141.41
N TYR F 761 42.78 11.80 140.09
CA TYR F 761 41.58 11.23 139.48
C TYR F 761 41.47 9.74 139.77
N ARG F 762 42.60 9.06 139.97
CA ARG F 762 42.57 7.61 140.14
C ARG F 762 41.99 7.23 141.49
N ASP F 763 42.57 7.73 142.58
CA ASP F 763 42.09 7.35 143.91
C ASP F 763 40.68 7.85 144.18
N GLU F 764 40.26 8.93 143.53
CA GLU F 764 38.91 9.45 143.72
C GLU F 764 37.87 8.69 142.91
N ALA F 765 38.26 8.20 141.73
CA ALA F 765 37.28 7.55 140.85
C ALA F 765 36.77 6.25 141.45
N ALA F 766 37.66 5.30 141.68
CA ALA F 766 37.23 3.99 142.15
C ALA F 766 36.73 4.05 143.57
N ARG F 767 37.62 4.36 144.52
CA ARG F 767 37.30 4.52 145.93
C ARG F 767 36.63 3.28 146.53
N ASP F 768 36.53 2.19 145.78
CA ASP F 768 35.91 0.96 146.25
C ASP F 768 36.87 -0.21 146.24
N ARG F 769 37.54 -0.45 145.10
CA ARG F 769 38.56 -1.48 145.04
C ARG F 769 39.79 -1.02 145.82
N LEU F 770 40.35 -1.92 146.62
CA LEU F 770 41.46 -1.59 147.50
C LEU F 770 42.67 -1.12 146.71
N PRO F 771 43.03 0.16 146.81
CA PRO F 771 44.19 0.67 146.08
C PRO F 771 45.48 0.58 146.88
N ALA F 772 46.59 0.75 146.18
CA ALA F 772 47.91 0.72 146.81
C ALA F 772 48.92 1.30 145.84
N ILE F 773 49.76 2.21 146.34
CA ILE F 773 50.78 2.88 145.55
C ILE F 773 52.11 2.73 146.26
N ARG F 774 53.15 2.39 145.49
CA ARG F 774 54.51 2.23 146.01
C ARG F 774 55.43 3.10 145.17
N VAL F 775 55.61 4.35 145.59
CA VAL F 775 56.42 5.32 144.84
C VAL F 775 57.83 5.25 145.41
N SER F 776 58.62 4.33 144.86
CA SER F 776 60.04 4.15 145.21
C SER F 776 60.23 4.06 146.73
N GLY F 777 59.66 3.00 147.31
CA GLY F 777 59.80 2.80 148.74
C GLY F 777 58.50 2.96 149.50
N ARG F 778 58.38 4.08 150.22
CA ARG F 778 57.21 4.31 151.07
C ARG F 778 55.93 4.28 150.23
N ASN F 779 54.82 4.02 150.92
CA ASN F 779 53.52 3.94 150.28
C ASN F 779 52.79 5.27 150.46
N GLY F 780 52.44 5.90 149.35
CA GLY F 780 51.81 7.20 149.40
C GLY F 780 52.72 8.31 148.91
N TYR F 781 52.28 9.05 147.91
CA TYR F 781 53.09 10.10 147.32
C TYR F 781 52.87 11.42 148.06
N GLN F 782 53.86 12.30 147.94
CA GLN F 782 53.81 13.63 148.52
C GLN F 782 54.01 14.66 147.42
N ALA F 783 52.99 15.48 147.18
CA ALA F 783 53.04 16.48 146.13
C ALA F 783 53.38 17.84 146.72
N LEU F 784 54.18 18.61 145.99
CA LEU F 784 54.54 19.96 146.39
C LEU F 784 54.57 20.85 145.15
N HIS F 785 54.56 22.15 145.39
CA HIS F 785 54.49 23.14 144.32
C HIS F 785 55.85 23.28 143.65
N PHE F 786 55.99 24.33 142.86
CA PHE F 786 57.21 24.58 142.11
C PHE F 786 58.43 24.62 143.04
N VAL F 787 59.58 24.24 142.49
CA VAL F 787 60.84 24.19 143.22
C VAL F 787 61.72 25.31 142.71
N ASP F 788 62.33 26.05 143.64
CA ASP F 788 63.18 27.17 143.29
C ASP F 788 64.46 26.67 142.60
N MET F 789 65.27 27.62 142.17
CA MET F 789 66.53 27.26 141.50
C MET F 789 67.62 26.94 142.52
N ALA F 790 67.63 27.63 143.66
CA ALA F 790 68.68 27.42 144.65
C ALA F 790 68.57 26.05 145.27
N GLY F 791 67.46 25.76 145.95
CA GLY F 791 67.29 24.47 146.58
C GLY F 791 66.57 23.48 145.70
N HIS F 792 67.33 22.63 145.01
CA HIS F 792 66.77 21.63 144.12
C HIS F 792 66.84 20.22 144.69
N ASN F 793 67.96 19.85 145.31
CA ASN F 793 68.12 18.56 145.98
C ASN F 793 67.89 17.40 145.01
N PHE F 794 68.81 17.29 144.06
CA PHE F 794 68.74 16.24 143.04
C PHE F 794 68.47 14.87 143.63
N GLN F 795 68.97 14.60 144.83
CA GLN F 795 68.74 13.33 145.51
C GLN F 795 67.61 13.53 146.52
N ARG F 796 66.49 12.86 146.29
CA ARG F 796 65.32 12.97 147.15
C ARG F 796 64.68 11.60 147.32
N ARG F 797 63.57 11.56 148.04
CA ARG F 797 62.84 10.32 148.28
C ARG F 797 61.38 10.64 148.58
N ASP F 798 60.47 10.02 147.84
CA ASP F 798 59.03 10.16 148.03
C ASP F 798 58.59 11.62 147.91
N ASN F 799 58.82 12.18 146.73
CA ASN F 799 58.46 13.56 146.44
C ASN F 799 58.18 13.70 144.96
N VAL F 800 57.00 14.21 144.61
CA VAL F 800 56.60 14.42 143.22
C VAL F 800 56.20 15.87 143.05
N LEU F 801 56.51 16.41 141.87
CA LEU F 801 56.26 17.81 141.55
C LEU F 801 54.99 17.95 140.73
N ILE F 802 54.44 19.17 140.74
CA ILE F 802 53.32 19.54 139.89
C ILE F 802 53.60 20.80 139.08
N HIS F 803 54.81 21.37 139.19
CA HIS F 803 55.20 22.54 138.42
C HIS F 803 54.33 23.75 138.75
N GLY F 804 53.87 23.83 140.00
CA GLY F 804 53.07 24.96 140.41
C GLY F 804 51.74 25.01 139.70
N ARG F 805 51.24 26.24 139.52
CA ARG F 805 49.96 26.48 138.88
C ARG F 805 50.07 27.72 138.02
N PRO F 806 49.34 27.77 136.90
CA PRO F 806 49.38 28.97 136.05
C PRO F 806 48.58 30.13 136.60
N VAL F 807 47.62 29.88 137.49
CA VAL F 807 46.80 30.94 138.04
C VAL F 807 46.89 30.94 139.56
N ILE F 815 48.08 25.17 151.96
CA ILE F 815 47.36 25.25 150.70
C ILE F 815 47.37 23.88 150.00
N PRO F 816 46.19 23.39 149.65
CA PRO F 816 46.09 22.03 149.11
C PRO F 816 46.41 21.98 147.62
N ILE F 817 46.60 20.77 147.13
CA ILE F 817 46.88 20.55 145.72
C ILE F 817 45.55 20.47 144.95
N THR F 818 45.63 20.71 143.65
CA THR F 818 44.47 20.68 142.77
C THR F 818 44.87 20.09 141.44
N PRO F 819 43.95 19.42 140.75
CA PRO F 819 44.26 18.90 139.42
C PRO F 819 44.62 20.02 138.46
N HIS F 820 45.51 19.72 137.52
CA HIS F 820 45.96 20.71 136.56
C HIS F 820 44.98 20.85 135.41
N HIS F 821 44.77 19.77 134.66
CA HIS F 821 43.90 19.76 133.50
C HIS F 821 42.54 19.18 133.87
N ASP F 822 41.69 19.00 132.86
CA ASP F 822 40.36 18.44 133.06
C ASP F 822 40.46 16.92 133.16
N ARG F 823 39.31 16.25 133.11
CA ARG F 823 39.29 14.79 133.16
C ARG F 823 39.44 14.16 131.79
N GLU F 824 38.86 14.78 130.75
CA GLU F 824 38.96 14.22 129.41
C GLU F 824 40.38 14.27 128.86
N TRP F 825 41.23 15.13 129.41
CA TRP F 825 42.63 15.15 128.98
C TRP F 825 43.29 13.80 129.23
N GLY F 826 42.98 13.17 130.37
CA GLY F 826 43.53 11.85 130.63
C GLY F 826 43.08 10.81 129.63
N ILE F 827 41.82 10.88 129.20
CA ILE F 827 41.30 9.91 128.26
C ILE F 827 41.99 10.05 126.90
N LEU F 828 42.17 11.29 126.44
CA LEU F 828 42.82 11.50 125.16
C LEU F 828 44.28 11.06 125.20
N SER F 829 44.93 11.15 126.35
CA SER F 829 46.32 10.74 126.44
C SER F 829 46.45 9.23 126.30
N LYS F 830 45.58 8.46 126.96
CA LYS F 830 45.64 7.01 126.84
C LYS F 830 45.37 6.56 125.42
N ILE F 831 44.40 7.19 124.75
CA ILE F 831 44.13 6.86 123.35
C ILE F 831 45.35 7.18 122.49
N TYR F 832 46.04 8.27 122.79
CA TYR F 832 47.19 8.66 121.98
C TYR F 832 48.38 7.75 122.25
N TYR F 833 48.62 7.40 123.51
CA TYR F 833 49.82 6.64 123.85
C TYR F 833 49.67 5.15 123.54
N TYR F 834 48.47 4.60 123.68
CA TYR F 834 48.28 3.16 123.54
C TYR F 834 47.79 2.73 122.16
N ILE F 835 47.48 3.68 121.27
CA ILE F 835 47.00 3.31 119.95
C ILE F 835 47.83 3.98 118.88
N VAL F 836 47.91 5.31 118.93
CA VAL F 836 48.59 6.06 117.87
C VAL F 836 50.09 5.75 117.87
N ILE F 837 50.71 5.83 119.03
CA ILE F 837 52.15 5.58 119.12
C ILE F 837 52.51 4.16 118.67
N PRO F 838 51.88 3.10 119.18
CA PRO F 838 52.31 1.75 118.75
C PRO F 838 52.00 1.48 117.29
N ALA F 839 50.82 1.87 116.80
CA ALA F 839 50.46 1.59 115.43
C ALA F 839 51.41 2.23 114.43
N PHE F 840 52.09 3.30 114.83
CA PHE F 840 53.04 3.97 113.95
C PHE F 840 54.46 3.47 114.14
N SER F 841 54.89 3.34 115.40
CA SER F 841 56.25 2.88 115.66
C SER F 841 56.41 1.39 115.40
N ARG F 842 55.35 0.61 115.68
CA ARG F 842 55.36 -0.85 115.49
C ARG F 842 56.48 -1.49 116.30
N GLY F 843 56.41 -1.29 117.62
CA GLY F 843 57.35 -1.91 118.53
C GLY F 843 58.79 -1.45 118.37
N SER F 844 59.01 -0.30 117.75
CA SER F 844 60.35 0.22 117.56
C SER F 844 60.71 1.30 118.58
N CYS F 845 59.75 1.78 119.36
CA CYS F 845 60.01 2.83 120.33
C CYS F 845 60.34 2.23 121.69
N CYS F 846 60.77 3.10 122.61
CA CYS F 846 61.12 2.69 123.96
C CYS F 846 61.06 3.90 124.87
N THR F 847 60.80 3.64 126.15
CA THR F 847 60.79 4.68 127.17
C THR F 847 62.04 4.59 128.02
N MET F 848 62.59 5.75 128.38
CA MET F 848 63.87 5.82 129.07
C MET F 848 63.81 6.92 130.11
N GLY F 849 64.76 6.86 131.06
CA GLY F 849 64.85 7.85 132.12
C GLY F 849 65.97 8.84 131.87
N VAL F 850 65.83 10.02 132.46
CA VAL F 850 66.75 11.12 132.25
C VAL F 850 67.60 11.32 133.51
N ARG F 851 68.68 12.06 133.34
CA ARG F 851 69.61 12.38 134.43
C ARG F 851 69.71 13.90 134.54
N TYR F 852 68.88 14.49 135.42
CA TYR F 852 68.84 15.94 135.54
C TYR F 852 70.11 16.51 136.16
N ASP F 853 70.86 15.71 136.92
CA ASP F 853 72.13 16.19 137.45
C ASP F 853 73.16 16.43 136.37
N ARG F 854 72.96 15.85 135.19
CA ARG F 854 73.89 16.02 134.07
C ARG F 854 73.35 16.93 132.99
N LEU F 855 72.10 17.38 133.10
CA LEU F 855 71.48 18.26 132.11
C LEU F 855 71.59 19.73 132.48
N TYR F 856 71.20 20.08 133.71
CA TYR F 856 71.21 21.48 134.12
C TYR F 856 72.60 22.10 134.07
N PRO F 857 73.67 21.48 134.59
CA PRO F 857 75.00 22.07 134.41
C PRO F 857 75.47 22.06 132.97
N ALA F 858 74.77 21.37 132.07
CA ALA F 858 75.16 21.33 130.67
C ALA F 858 74.48 22.41 129.84
N LEU F 859 73.29 22.85 130.24
CA LEU F 859 72.51 23.81 129.45
C LEU F 859 72.83 25.26 129.82
N GLN F 860 73.71 25.50 130.79
CA GLN F 860 73.97 26.85 131.27
C GLN F 860 75.19 27.47 130.61
N ALA F 861 75.46 27.14 129.36
CA ALA F 861 76.59 27.70 128.61
C ALA F 861 76.02 28.51 127.45
N VAL F 862 75.90 29.82 127.64
CA VAL F 862 75.33 30.73 126.65
C VAL F 862 76.35 31.81 126.34
N ILE F 863 76.63 32.01 125.06
CA ILE F 863 77.65 32.94 124.62
C ILE F 863 76.99 33.97 123.68
N VAL F 864 75.77 34.36 124.00
CA VAL F 864 75.15 35.45 123.24
C VAL F 864 76.01 36.70 123.35
N PRO F 865 76.30 37.39 122.25
CA PRO F 865 77.10 38.61 122.33
C PRO F 865 76.25 39.81 122.69
N GLU F 866 76.94 40.88 123.09
CA GLU F 866 76.26 42.12 123.44
C GLU F 866 75.92 42.90 122.16
N ILE F 867 74.70 43.40 122.10
CA ILE F 867 74.23 44.15 120.94
C ILE F 867 74.52 45.63 121.14
N PRO F 868 75.06 46.32 120.14
CA PRO F 868 75.29 47.76 120.29
C PRO F 868 73.98 48.52 120.43
N ALA F 869 74.03 49.59 121.20
CA ALA F 869 72.86 50.42 121.38
C ALA F 869 72.46 51.09 120.07
N ASP F 870 71.15 51.30 119.90
CA ASP F 870 70.60 51.91 118.69
C ASP F 870 71.01 51.14 117.44
N GLU F 871 71.07 49.82 117.56
CA GLU F 871 71.45 48.95 116.46
C GLU F 871 70.46 47.79 116.37
N GLU F 872 70.60 47.00 115.31
CA GLU F 872 69.72 45.88 115.04
C GLU F 872 70.46 44.57 115.24
N ALA F 873 69.70 43.52 115.57
CA ALA F 873 70.28 42.20 115.80
C ALA F 873 70.44 41.47 114.47
N PRO F 874 71.56 40.79 114.25
CA PRO F 874 71.77 40.09 112.97
C PRO F 874 70.87 38.88 112.84
N THR F 875 70.38 38.65 111.63
CA THR F 875 69.49 37.54 111.34
C THR F 875 70.25 36.31 110.85
N THR F 876 70.97 36.46 109.73
CA THR F 876 71.71 35.35 109.17
C THR F 876 72.97 35.07 109.99
N PRO F 877 73.35 33.80 110.12
CA PRO F 877 74.52 33.44 110.93
C PRO F 877 75.87 33.57 110.23
N GLU F 878 75.94 34.23 109.07
CA GLU F 878 77.23 34.40 108.41
C GLU F 878 78.03 35.57 108.97
N ASP F 879 77.41 36.44 109.75
CA ASP F 879 78.18 37.53 110.32
C ASP F 879 78.70 37.17 111.70
N PRO F 880 79.86 37.69 112.10
CA PRO F 880 80.39 37.35 113.42
C PRO F 880 79.53 37.85 114.57
N ARG F 881 78.63 38.79 114.32
CA ARG F 881 77.73 39.25 115.37
C ARG F 881 76.67 38.22 115.73
N HIS F 882 76.40 37.28 114.83
CA HIS F 882 75.35 36.30 115.08
C HIS F 882 75.84 35.27 116.09
N PRO F 883 74.96 34.78 116.98
CA PRO F 883 75.39 33.77 117.95
C PRO F 883 75.84 32.48 117.29
N LEU F 884 75.31 32.15 116.11
CA LEU F 884 75.64 30.91 115.43
C LEU F 884 76.88 31.03 114.55
N HIS F 885 77.71 32.05 114.76
CA HIS F 885 78.89 32.23 113.96
C HIS F 885 80.10 31.53 114.59
N ALA F 886 81.08 31.21 113.75
CA ALA F 886 82.27 30.51 114.21
C ALA F 886 83.07 31.32 115.21
N HIS F 887 82.96 32.65 115.18
CA HIS F 887 83.67 33.48 116.15
C HIS F 887 83.18 33.20 117.56
N GLN F 888 81.86 33.09 117.75
CA GLN F 888 81.27 32.89 119.06
C GLN F 888 80.91 31.43 119.33
N LEU F 889 81.55 30.51 118.62
CA LEU F 889 81.31 29.07 118.80
C LEU F 889 82.51 28.49 119.54
N VAL F 890 82.32 28.16 120.81
CA VAL F 890 83.39 27.57 121.62
C VAL F 890 82.97 26.16 122.03
N PRO F 891 83.90 25.24 122.19
CA PRO F 891 83.54 23.86 122.52
C PRO F 891 82.88 23.76 123.89
N ASN F 892 82.11 22.68 124.06
CA ASN F 892 81.40 22.39 125.31
C ASN F 892 80.47 23.54 125.69
N SER F 893 79.58 23.88 124.77
CA SER F 893 78.66 24.98 124.94
C SER F 893 77.31 24.57 124.36
N LEU F 894 76.42 25.55 124.20
CA LEU F 894 75.13 25.29 123.57
C LEU F 894 75.09 25.68 122.11
N ASN F 895 75.90 26.65 121.68
CA ASN F 895 75.93 27.04 120.28
C ASN F 895 76.44 25.90 119.41
N VAL F 896 77.28 25.01 119.97
CA VAL F 896 77.74 23.86 119.20
C VAL F 896 76.61 22.84 119.05
N TYR F 897 75.73 22.75 120.05
CA TYR F 897 74.60 21.84 119.96
C TYR F 897 73.68 22.22 118.81
N PHE F 898 73.22 23.48 118.79
CA PHE F 898 72.29 23.90 117.77
C PHE F 898 72.91 23.87 116.38
N HIS F 899 74.21 24.14 116.27
CA HIS F 899 74.85 24.04 114.96
C HIS F 899 74.89 22.60 114.47
N ASN F 900 75.09 21.65 115.40
CA ASN F 900 75.07 20.24 115.02
C ASN F 900 73.72 19.85 114.45
N ALA F 901 72.65 20.42 114.97
CA ALA F 901 71.31 20.20 114.43
C ALA F 901 71.02 21.08 113.22
N HIS F 902 71.94 21.97 112.86
CA HIS F 902 71.78 22.85 111.70
C HIS F 902 70.52 23.71 111.82
N LEU F 903 70.46 24.47 112.91
CA LEU F 903 69.34 25.35 113.19
C LEU F 903 69.83 26.78 113.33
N THR F 904 68.93 27.73 113.10
CA THR F 904 69.23 29.15 113.18
C THR F 904 68.30 29.80 114.20
N VAL F 905 68.88 30.34 115.27
CA VAL F 905 68.11 31.02 116.31
C VAL F 905 68.73 32.39 116.56
N ASP F 906 67.91 33.28 117.10
CA ASP F 906 68.35 34.63 117.43
C ASP F 906 68.84 34.67 118.88
N GLY F 907 69.08 35.86 119.40
CA GLY F 907 69.59 36.00 120.75
C GLY F 907 68.51 35.93 121.81
N ASP F 908 67.34 36.50 121.52
CA ASP F 908 66.27 36.54 122.52
C ASP F 908 65.78 35.14 122.85
N ALA F 909 65.68 34.26 121.86
CA ALA F 909 65.22 32.90 122.12
C ALA F 909 66.17 32.17 123.07
N LEU F 910 67.47 32.36 122.87
CA LEU F 910 68.43 31.72 123.77
C LEU F 910 68.42 32.36 125.14
N LEU F 911 68.11 33.66 125.22
CA LEU F 911 68.07 34.33 126.52
C LEU F 911 66.85 33.95 127.33
N THR F 912 65.81 33.41 126.69
CA THR F 912 64.63 32.99 127.43
C THR F 912 64.91 31.75 128.28
N LEU F 913 66.03 31.07 128.05
CA LEU F 913 66.33 29.89 128.84
C LEU F 913 66.57 30.23 130.30
N GLN F 914 67.10 31.41 130.58
CA GLN F 914 67.31 31.82 131.97
C GLN F 914 65.98 31.96 132.70
N GLU F 915 64.91 32.31 131.97
CA GLU F 915 63.59 32.39 132.59
C GLU F 915 62.99 31.01 132.82
N LEU F 916 63.54 29.97 132.19
CA LEU F 916 63.09 28.61 132.44
C LEU F 916 63.61 28.08 133.77
N MET F 917 64.79 28.52 134.18
CA MET F 917 65.45 28.01 135.38
C MET F 917 64.65 28.27 136.66
N GLY F 918 63.51 28.93 136.59
CA GLY F 918 62.64 29.08 137.73
C GLY F 918 62.16 27.74 138.25
N ASP F 919 61.38 27.03 137.44
CA ASP F 919 60.98 25.68 137.79
C ASP F 919 62.08 24.69 137.47
N MET F 920 62.12 23.59 138.21
CA MET F 920 63.17 22.60 138.07
C MET F 920 62.57 21.21 138.11
N ALA F 921 63.36 20.22 137.69
CA ALA F 921 62.98 18.83 137.71
C ALA F 921 64.07 18.03 138.41
N GLU F 922 63.72 17.43 139.55
CA GLU F 922 64.72 16.74 140.35
C GLU F 922 65.18 15.45 139.67
N ARG F 923 64.27 14.51 139.47
CA ARG F 923 64.62 13.21 138.95
C ARG F 923 63.38 12.54 138.38
N THR F 924 63.59 11.43 137.68
CA THR F 924 62.51 10.59 137.19
C THR F 924 62.43 9.35 138.07
N THR F 925 61.20 8.94 138.41
CA THR F 925 60.97 7.86 139.36
C THR F 925 59.94 6.90 138.80
N ALA F 926 59.78 5.77 139.50
CA ALA F 926 58.87 4.73 139.11
C ALA F 926 57.70 4.65 140.09
N ILE F 927 56.51 4.40 139.54
CA ILE F 927 55.29 4.27 140.32
C ILE F 927 54.67 2.92 140.00
N LEU F 928 54.28 2.19 141.05
CA LEU F 928 53.65 0.88 140.91
C LEU F 928 52.30 0.90 141.61
N VAL F 929 51.25 1.18 140.85
CA VAL F 929 49.90 1.18 141.39
C VAL F 929 49.31 -0.21 141.22
N SER F 930 48.27 -0.49 142.00
CA SER F 930 47.67 -1.82 142.01
C SER F 930 46.29 -1.74 142.64
N SER F 931 45.33 -2.43 142.04
CA SER F 931 43.95 -2.38 142.50
C SER F 931 43.26 -3.70 142.24
N ALA F 932 42.05 -3.82 142.79
CA ALA F 932 41.24 -5.02 142.64
C ALA F 932 40.49 -4.98 141.30
N PRO F 933 39.90 -6.10 140.88
CA PRO F 933 39.07 -6.06 139.68
C PRO F 933 37.82 -5.23 139.88
N ASP F 934 37.29 -4.71 138.77
CA ASP F 934 36.17 -3.79 138.82
C ASP F 934 34.91 -4.49 139.33
N ALA F 935 33.89 -3.68 139.62
CA ALA F 935 32.65 -4.19 140.16
C ALA F 935 31.85 -5.02 139.17
N GLY F 936 32.24 -5.05 137.90
CA GLY F 936 31.53 -5.87 136.93
C GLY F 936 31.75 -7.35 137.16
N ALA F 937 32.99 -7.77 137.40
CA ALA F 937 33.31 -9.16 137.65
C ALA F 937 33.76 -9.41 139.09
N ALA F 938 33.55 -8.44 139.98
CA ALA F 938 33.95 -8.58 141.38
C ALA F 938 33.07 -9.61 142.06
N THR F 939 33.65 -10.76 142.38
CA THR F 939 32.95 -11.82 143.11
C THR F 939 33.70 -12.10 144.41
N ALA F 940 33.23 -13.10 145.14
CA ALA F 940 33.84 -13.45 146.42
C ALA F 940 35.23 -14.06 146.26
N THR F 941 35.64 -14.41 145.06
CA THR F 941 36.94 -15.01 144.81
C THR F 941 37.88 -14.12 144.03
N THR F 942 37.39 -13.42 143.00
CA THR F 942 38.26 -12.59 142.18
C THR F 942 38.81 -11.39 142.94
N ARG F 943 38.19 -11.02 144.07
CA ARG F 943 38.71 -9.92 144.86
C ARG F 943 40.11 -10.23 145.39
N ASN F 944 40.44 -11.51 145.55
CA ASN F 944 41.79 -11.88 145.95
C ASN F 944 42.80 -11.64 144.83
N MET F 945 42.37 -11.78 143.59
CA MET F 945 43.23 -11.43 142.47
C MET F 945 43.47 -9.93 142.43
N ARG F 946 44.61 -9.54 141.87
CA ARG F 946 45.02 -8.15 141.85
C ARG F 946 45.85 -7.88 140.61
N ILE F 947 45.65 -6.69 140.04
CA ILE F 947 46.34 -6.28 138.82
C ILE F 947 47.41 -5.27 139.18
N TYR F 948 48.57 -5.40 138.54
CA TYR F 948 49.72 -4.55 138.80
C TYR F 948 50.21 -3.96 137.48
N ASP F 949 50.40 -2.64 137.46
CA ASP F 949 50.93 -1.98 136.28
C ASP F 949 51.79 -0.79 136.73
N GLY F 950 52.97 -0.66 136.13
CA GLY F 950 53.88 0.40 136.51
C GLY F 950 53.90 1.54 135.52
N ALA F 951 54.45 2.68 135.94
CA ALA F 951 54.54 3.85 135.08
C ALA F 951 55.74 4.67 135.51
N LEU F 952 56.09 5.64 134.67
CA LEU F 952 57.24 6.51 134.92
C LEU F 952 56.77 7.95 135.13
N TYR F 953 57.45 8.64 136.02
CA TYR F 953 57.21 10.05 136.28
C TYR F 953 58.34 10.87 135.67
N HIS F 954 57.99 11.88 134.89
CA HIS F 954 58.96 12.72 134.19
C HIS F 954 59.88 11.88 133.31
N GLY F 955 59.31 10.86 132.68
CA GLY F 955 60.05 10.01 131.76
C GLY F 955 60.11 10.59 130.37
N LEU F 956 60.48 9.73 129.42
CA LEU F 956 60.61 10.15 128.03
C LEU F 956 60.57 8.93 127.13
N ILE F 957 60.00 9.11 125.95
CA ILE F 957 59.90 8.06 124.94
C ILE F 957 60.80 8.43 123.78
N MET F 958 61.72 7.53 123.41
CA MET F 958 62.59 7.72 122.28
C MET F 958 62.05 6.95 121.08
N MET F 959 62.06 7.60 119.92
CA MET F 959 61.50 6.98 118.72
C MET F 959 62.39 5.84 118.24
N ALA F 960 63.63 6.13 117.88
CA ALA F 960 64.56 5.13 117.39
C ALA F 960 65.96 5.45 117.89
N TYR F 961 66.57 4.50 118.57
CA TYR F 961 67.91 4.69 119.12
C TYR F 961 68.95 4.25 118.10
N GLN F 962 70.08 4.97 118.07
CA GLN F 962 71.18 4.64 117.19
C GLN F 962 72.48 4.68 117.98
N ALA F 963 73.24 3.60 117.92
CA ALA F 963 74.52 3.50 118.62
C ALA F 963 75.70 3.89 117.73
N TYR F 964 75.43 4.46 116.55
CA TYR F 964 76.48 4.83 115.61
C TYR F 964 76.74 6.35 115.60
N ASP F 965 76.40 7.03 116.68
CA ASP F 965 76.59 8.47 116.80
C ASP F 965 77.70 8.72 117.81
N GLU F 966 78.93 8.91 117.31
CA GLU F 966 80.08 9.16 118.16
C GLU F 966 80.23 10.62 118.56
N THR F 967 79.38 11.51 118.03
CA THR F 967 79.46 12.91 118.43
C THR F 967 79.09 13.09 119.89
N ILE F 968 78.11 12.33 120.36
CA ILE F 968 77.70 12.34 121.76
C ILE F 968 77.88 10.95 122.32
N ALA F 969 78.42 10.87 123.54
CA ALA F 969 78.62 9.57 124.17
C ALA F 969 77.27 8.92 124.46
N THR F 970 77.24 7.59 124.31
CA THR F 970 76.01 6.85 124.59
C THR F 970 75.72 6.85 126.08
N GLY F 971 74.46 7.04 126.44
CA GLY F 971 74.09 7.09 127.83
C GLY F 971 74.53 8.35 128.55
N THR F 972 74.62 9.47 127.82
CA THR F 972 75.04 10.71 128.45
C THR F 972 73.91 11.33 129.26
N PHE F 973 72.68 11.31 128.72
CA PHE F 973 71.54 11.87 129.41
C PHE F 973 70.38 10.91 129.59
N PHE F 974 70.39 9.75 128.95
CA PHE F 974 69.26 8.82 128.99
C PHE F 974 69.74 7.41 129.22
N TYR F 975 68.91 6.64 129.94
CA TYR F 975 69.15 5.25 130.24
C TYR F 975 67.81 4.52 130.13
N PRO F 976 67.78 3.34 129.51
CA PRO F 976 66.50 2.68 129.26
C PRO F 976 65.99 1.93 130.47
N VAL F 977 64.67 2.00 130.66
CA VAL F 977 63.99 1.26 131.73
C VAL F 977 62.52 1.06 131.34
N PRO F 978 62.26 0.31 130.27
CA PRO F 978 60.87 0.18 129.79
C PRO F 978 60.09 -0.86 130.57
N VAL F 979 58.81 -0.57 130.79
CA VAL F 979 57.88 -1.53 131.39
C VAL F 979 56.65 -1.59 130.47
N ASN F 980 56.71 -2.44 129.47
CA ASN F 980 55.58 -2.81 128.63
C ASN F 980 56.00 -3.92 127.68
N PRO F 981 55.20 -4.96 127.48
CA PRO F 981 55.44 -5.84 126.34
C PRO F 981 55.33 -5.11 125.01
N LEU F 982 54.72 -3.93 125.01
CA LEU F 982 54.53 -3.12 123.82
C LEU F 982 55.64 -2.09 123.62
N PHE F 983 55.98 -1.34 124.66
CA PHE F 983 57.00 -0.30 124.59
C PHE F 983 58.41 -0.84 124.77
N ALA F 984 58.59 -2.16 124.73
CA ALA F 984 59.91 -2.73 124.91
C ALA F 984 60.86 -2.30 123.80
N CYS F 985 62.14 -2.50 124.05
CA CYS F 985 63.17 -2.05 123.12
C CYS F 985 64.37 -2.98 123.17
N PRO F 986 64.50 -3.90 122.21
CA PRO F 986 65.66 -4.79 122.21
C PRO F 986 66.95 -4.12 121.80
N GLU F 987 66.87 -2.95 121.18
CA GLU F 987 68.06 -2.26 120.68
C GLU F 987 68.49 -1.08 121.54
N HIS F 988 67.55 -0.46 122.25
CA HIS F 988 67.90 0.66 123.11
C HIS F 988 68.77 0.26 124.30
N LEU F 989 68.85 -1.03 124.61
CA LEU F 989 69.64 -1.49 125.74
C LEU F 989 71.13 -1.30 125.52
N ALA F 990 71.58 -1.04 124.29
CA ALA F 990 72.99 -0.77 124.05
C ALA F 990 73.45 0.48 124.77
N SER F 991 72.54 1.42 125.02
CA SER F 991 72.89 2.64 125.73
C SER F 991 73.07 2.43 127.22
N LEU F 992 72.80 1.22 127.73
CA LEU F 992 72.97 0.95 129.14
C LEU F 992 74.41 0.50 129.42
N ARG F 993 74.89 0.83 130.62
CA ARG F 993 76.23 0.45 131.02
C ARG F 993 76.27 -1.02 131.41
N GLY F 994 77.42 -1.65 131.17
CA GLY F 994 77.60 -3.05 131.49
C GLY F 994 76.70 -3.97 130.70
N MET F 995 76.84 -3.94 129.37
CA MET F 995 76.04 -4.77 128.48
C MET F 995 76.95 -5.71 127.71
N THR F 996 76.61 -7.00 127.74
CA THR F 996 77.38 -8.03 127.06
C THR F 996 76.55 -8.61 125.91
N ASN F 997 77.17 -9.54 125.18
CA ASN F 997 76.45 -10.19 124.09
C ASN F 997 75.39 -11.16 124.62
N ALA F 998 75.68 -11.83 125.72
CA ALA F 998 74.72 -12.78 126.28
C ALA F 998 73.46 -12.07 126.77
N ARG F 999 73.63 -10.90 127.38
CA ARG F 999 72.46 -10.14 127.81
C ARG F 999 71.68 -9.60 126.61
N ARG F 1000 72.36 -9.35 125.49
CA ARG F 1000 71.67 -8.82 124.32
C ARG F 1000 70.80 -9.88 123.65
N VAL F 1001 71.33 -11.09 123.48
CA VAL F 1001 70.57 -12.13 122.81
C VAL F 1001 69.41 -12.60 123.68
N LEU F 1002 69.54 -12.55 125.00
CA LEU F 1002 68.45 -12.96 125.87
C LEU F 1002 67.31 -11.95 125.85
N ALA F 1003 67.64 -10.66 125.83
CA ALA F 1003 66.62 -9.62 125.78
C ALA F 1003 65.98 -9.50 124.40
N LYS F 1004 66.61 -10.08 123.37
CA LYS F 1004 66.04 -10.04 122.04
C LYS F 1004 64.72 -10.81 121.98
N MET F 1005 64.62 -11.89 122.73
CA MET F 1005 63.41 -12.73 122.72
C MET F 1005 62.40 -12.28 123.77
N VAL F 1006 62.81 -12.29 125.04
CA VAL F 1006 61.92 -11.93 126.14
C VAL F 1006 62.05 -10.43 126.40
N PRO F 1007 60.94 -9.71 126.54
CA PRO F 1007 61.02 -8.27 126.82
C PRO F 1007 61.55 -8.02 128.21
N PRO F 1008 62.66 -7.30 128.34
CA PRO F 1008 63.21 -7.03 129.67
C PRO F 1008 62.35 -6.07 130.47
N ILE F 1009 61.68 -6.59 131.49
CA ILE F 1009 60.84 -5.79 132.37
C ILE F 1009 61.21 -6.12 133.80
N PRO F 1010 61.57 -5.13 134.64
CA PRO F 1010 61.96 -5.45 136.01
C PRO F 1010 60.77 -5.90 136.83
N PRO F 1011 60.97 -6.81 137.79
CA PRO F 1011 59.82 -7.31 138.56
C PRO F 1011 59.24 -6.28 139.52
N PHE F 1012 60.04 -5.31 139.97
CA PHE F 1012 59.50 -4.26 140.84
C PHE F 1012 58.64 -3.27 140.09
N LEU F 1013 58.46 -3.44 138.78
CA LEU F 1013 57.72 -2.48 137.97
C LEU F 1013 56.53 -3.10 137.27
N GLY F 1014 56.32 -4.42 137.41
CA GLY F 1014 55.17 -5.07 136.81
C GLY F 1014 55.50 -6.40 136.18
N ALA F 1015 54.62 -7.37 136.33
CA ALA F 1015 54.77 -8.68 135.72
C ALA F 1015 53.77 -8.85 134.59
N ASN F 1016 54.11 -9.72 133.64
CA ASN F 1016 53.27 -9.88 132.45
C ASN F 1016 51.91 -10.47 132.79
N HIS F 1017 51.89 -11.62 133.45
CA HIS F 1017 50.64 -12.31 133.73
C HIS F 1017 49.72 -11.53 134.67
N HIS F 1018 50.24 -10.50 135.35
CA HIS F 1018 49.44 -9.67 136.21
C HIS F 1018 49.11 -8.31 135.63
N ALA F 1019 49.81 -7.89 134.58
CA ALA F 1019 49.59 -6.57 134.01
C ALA F 1019 48.29 -6.54 133.21
N THR F 1020 47.93 -5.33 132.77
CA THR F 1020 46.74 -5.15 131.94
C THR F 1020 47.04 -5.48 130.49
N ILE F 1021 48.00 -4.76 129.90
CA ILE F 1021 48.44 -5.05 128.52
C ILE F 1021 49.41 -6.22 128.56
N ARG F 1022 49.14 -7.24 127.78
CA ARG F 1022 49.90 -8.48 127.82
C ARG F 1022 50.61 -8.71 126.49
N GLN F 1023 51.26 -9.87 126.39
CA GLN F 1023 52.04 -10.18 125.19
C GLN F 1023 51.22 -10.30 123.91
N PRO F 1024 50.03 -10.92 123.89
CA PRO F 1024 49.33 -11.08 122.61
C PRO F 1024 49.13 -9.80 121.82
N VAL F 1025 48.67 -8.72 122.46
CA VAL F 1025 48.46 -7.48 121.71
C VAL F 1025 49.79 -6.91 121.24
N ALA F 1026 50.87 -7.14 121.99
CA ALA F 1026 52.18 -6.70 121.54
C ALA F 1026 52.60 -7.44 120.28
N TYR F 1027 52.38 -8.75 120.24
CA TYR F 1027 52.65 -9.50 119.02
C TYR F 1027 51.75 -9.03 117.89
N HIS F 1028 50.52 -8.66 118.19
CA HIS F 1028 49.56 -8.29 117.15
C HIS F 1028 49.99 -7.01 116.44
N VAL F 1029 50.56 -6.06 117.16
CA VAL F 1029 50.94 -4.80 116.54
C VAL F 1029 52.28 -4.93 115.82
N THR F 1030 53.18 -5.78 116.31
CA THR F 1030 54.51 -5.89 115.73
C THR F 1030 54.56 -6.86 114.55
N HIS F 1031 53.48 -7.58 114.28
CA HIS F 1031 53.48 -8.55 113.19
C HIS F 1031 52.42 -8.30 112.13
N SER F 1032 51.40 -7.52 112.43
CA SER F 1032 50.36 -7.22 111.46
C SER F 1032 50.85 -6.15 110.49
N LYS F 1033 50.64 -6.38 109.19
CA LYS F 1033 50.98 -5.42 108.15
C LYS F 1033 49.76 -5.26 107.26
N SER F 1034 48.85 -4.39 107.67
CA SER F 1034 47.64 -4.13 106.89
C SER F 1034 47.54 -2.67 106.45
N ASP F 1035 47.60 -1.72 107.38
CA ASP F 1035 47.42 -0.31 107.07
C ASP F 1035 47.73 0.48 108.34
N PHE F 1036 47.56 1.79 108.27
CA PHE F 1036 47.67 2.67 109.43
C PHE F 1036 46.32 3.06 109.99
N ASN F 1037 45.31 3.29 109.14
CA ASN F 1037 43.98 3.60 109.63
C ASN F 1037 43.29 2.35 110.17
N THR F 1038 43.32 1.26 109.39
CA THR F 1038 42.69 0.02 109.85
C THR F 1038 43.36 -0.52 111.10
N LEU F 1039 44.67 -0.30 111.24
CA LEU F 1039 45.37 -0.80 112.43
C LEU F 1039 44.93 -0.06 113.68
N THR F 1040 44.62 1.22 113.56
CA THR F 1040 44.17 1.98 114.72
C THR F 1040 42.81 1.50 115.20
N TYR F 1041 41.87 1.32 114.29
CA TYR F 1041 40.53 0.87 114.70
C TYR F 1041 40.57 -0.57 115.19
N SER F 1042 41.40 -1.41 114.57
CA SER F 1042 41.53 -2.78 115.04
C SER F 1042 42.09 -2.83 116.45
N LEU F 1043 43.05 -1.96 116.77
CA LEU F 1043 43.56 -1.89 118.12
C LEU F 1043 42.51 -1.35 119.08
N LEU F 1044 41.65 -0.45 118.62
CA LEU F 1044 40.60 0.09 119.48
C LEU F 1044 39.60 -1.00 119.84
N GLY F 1045 39.08 -1.70 118.84
CA GLY F 1045 38.19 -2.82 119.13
C GLY F 1045 38.85 -3.87 119.97
N GLY F 1046 40.19 -3.98 119.90
CA GLY F 1046 40.90 -4.90 120.75
C GLY F 1046 40.94 -4.49 122.20
N TYR F 1047 40.68 -3.22 122.51
CA TYR F 1047 40.70 -2.72 123.89
C TYR F 1047 39.29 -2.68 124.48
N PHE F 1048 38.69 -3.86 124.60
CA PHE F 1048 37.36 -4.00 125.17
C PHE F 1048 37.39 -5.01 126.29
N LYS F 1049 36.57 -4.75 127.31
CA LYS F 1049 36.52 -5.66 128.45
C LYS F 1049 35.77 -6.93 128.10
N PHE F 1050 36.08 -8.00 128.84
CA PHE F 1050 35.43 -9.29 128.66
C PHE F 1050 34.53 -9.64 129.83
N THR F 1051 34.21 -8.68 130.67
CA THR F 1051 33.38 -8.86 131.83
C THR F 1051 31.96 -9.20 131.42
N PRO F 1052 31.29 -10.10 132.15
CA PRO F 1052 29.87 -10.40 131.86
C PRO F 1052 28.96 -9.18 131.86
N ILE F 1053 29.44 -8.02 132.34
CA ILE F 1053 28.67 -6.79 132.18
C ILE F 1053 29.04 -6.07 130.89
N SER F 1054 30.29 -6.17 130.45
CA SER F 1054 30.67 -5.58 129.18
C SER F 1054 30.04 -6.32 128.02
N LEU F 1055 29.85 -7.63 128.14
CA LEU F 1055 29.14 -8.37 127.11
C LEU F 1055 27.69 -7.93 127.01
N THR F 1056 27.12 -7.43 128.10
CA THR F 1056 25.75 -6.93 128.06
C THR F 1056 25.61 -5.76 127.10
N HIS F 1057 26.67 -4.99 126.90
CA HIS F 1057 26.64 -3.87 125.98
C HIS F 1057 27.02 -4.28 124.56
N GLN F 1058 28.10 -5.02 124.39
CA GLN F 1058 28.56 -5.41 123.07
C GLN F 1058 27.53 -6.28 122.36
N LEU F 1059 26.93 -7.23 123.10
CA LEU F 1059 25.93 -8.11 122.49
C LEU F 1059 24.68 -7.35 122.08
N ARG F 1060 24.35 -6.25 122.75
CA ARG F 1060 23.18 -5.47 122.39
C ARG F 1060 23.47 -4.48 121.27
N THR F 1061 24.60 -3.80 121.32
CA THR F 1061 24.94 -2.84 120.28
C THR F 1061 25.24 -3.53 118.96
N GLY F 1062 25.73 -4.76 119.01
CA GLY F 1062 26.10 -5.50 117.82
C GLY F 1062 27.60 -5.70 117.64
N PHE F 1063 28.42 -5.30 118.61
CA PHE F 1063 29.86 -5.50 118.49
C PHE F 1063 30.21 -6.97 118.66
N HIS F 1064 30.79 -7.57 117.63
CA HIS F 1064 31.11 -8.99 117.67
C HIS F 1064 32.40 -9.21 118.45
N PRO F 1065 32.35 -9.89 119.59
CA PRO F 1065 33.58 -10.16 120.35
C PRO F 1065 34.36 -11.32 119.72
N GLY F 1066 35.52 -11.57 120.30
CA GLY F 1066 36.38 -12.64 119.82
C GLY F 1066 36.01 -13.99 120.36
N ILE F 1067 34.82 -14.47 120.00
CA ILE F 1067 34.34 -15.77 120.48
C ILE F 1067 33.31 -16.27 119.50
N ALA F 1068 33.28 -17.59 119.30
CA ALA F 1068 32.30 -18.23 118.45
C ALA F 1068 31.50 -19.24 119.27
N PHE F 1069 30.34 -19.62 118.75
CA PHE F 1069 29.42 -20.49 119.46
C PHE F 1069 28.96 -21.63 118.56
N THR F 1070 28.59 -22.74 119.20
CA THR F 1070 27.91 -23.84 118.53
C THR F 1070 26.61 -24.12 119.28
N VAL F 1071 25.57 -24.45 118.53
CA VAL F 1071 24.25 -24.67 119.11
C VAL F 1071 23.92 -26.15 119.02
N VAL F 1072 23.08 -26.61 119.95
CA VAL F 1072 22.63 -27.99 120.01
C VAL F 1072 21.12 -27.99 120.25
N ARG F 1073 20.39 -28.72 119.42
CA ARG F 1073 18.94 -28.77 119.54
C ARG F 1073 18.47 -30.19 119.27
N GLN F 1074 17.53 -30.66 120.08
CA GLN F 1074 17.02 -32.01 120.00
C GLN F 1074 15.53 -31.97 119.63
N ASP F 1075 15.14 -32.84 118.70
CA ASP F 1075 13.76 -32.91 118.24
C ASP F 1075 13.28 -34.35 118.27
N ARG F 1076 11.96 -34.52 118.29
CA ARG F 1076 11.35 -35.84 118.28
C ARG F 1076 10.19 -35.85 117.31
N PHE F 1077 9.99 -37.00 116.66
CA PHE F 1077 8.98 -37.17 115.62
C PHE F 1077 8.20 -38.44 115.87
N ALA F 1078 6.89 -38.38 115.63
CA ALA F 1078 6.06 -39.57 115.72
C ALA F 1078 6.23 -40.40 114.46
N THR F 1079 6.44 -41.71 114.65
CA THR F 1079 6.70 -42.61 113.54
C THR F 1079 5.89 -43.88 113.69
N GLU F 1080 5.69 -44.58 112.58
CA GLU F 1080 5.02 -45.87 112.56
C GLU F 1080 6.06 -46.95 112.29
N GLN F 1081 6.17 -47.89 113.21
CA GLN F 1081 7.22 -48.89 113.18
C GLN F 1081 6.75 -50.15 112.47
N LEU F 1082 7.56 -51.20 112.55
CA LEU F 1082 7.27 -52.48 111.91
C LEU F 1082 7.92 -53.57 112.73
N LEU F 1083 7.16 -54.60 113.08
CA LEU F 1083 7.62 -55.66 113.96
C LEU F 1083 7.55 -57.00 113.25
N TYR F 1084 8.48 -57.89 113.59
CA TYR F 1084 8.49 -59.26 113.08
C TYR F 1084 8.88 -60.20 114.22
N ALA F 1085 8.28 -61.38 114.22
CA ALA F 1085 8.54 -62.37 115.27
C ALA F 1085 8.68 -63.75 114.62
N GLU F 1086 8.99 -64.74 115.46
CA GLU F 1086 9.17 -66.11 115.01
C GLU F 1086 8.01 -66.97 115.50
N ARG F 1087 8.04 -68.25 115.11
CA ARG F 1087 6.96 -69.16 115.48
C ARG F 1087 6.90 -69.37 116.99
N ALA F 1088 7.95 -69.96 117.55
CA ALA F 1088 8.04 -70.21 118.98
C ALA F 1088 9.03 -69.21 119.57
N SER F 1089 8.53 -68.04 119.94
CA SER F 1089 9.38 -67.00 120.50
C SER F 1089 9.28 -66.87 122.01
N GLU F 1090 8.16 -67.28 122.61
CA GLU F 1090 7.99 -67.16 124.04
C GLU F 1090 7.06 -68.24 124.54
N SER F 1091 7.18 -68.55 125.83
CA SER F 1091 6.28 -69.46 126.52
C SER F 1091 5.42 -68.64 127.48
N TYR F 1092 4.10 -68.79 127.36
CA TYR F 1092 3.15 -67.98 128.11
C TYR F 1092 2.43 -68.84 129.11
N PHE F 1093 2.54 -68.48 130.39
CA PHE F 1093 1.86 -69.17 131.48
C PHE F 1093 0.78 -68.26 132.05
N VAL F 1094 -0.41 -68.81 132.26
CA VAL F 1094 -1.55 -68.06 132.78
C VAL F 1094 -2.08 -68.76 134.01
N GLY F 1095 -2.45 -67.98 135.02
CA GLY F 1095 -3.03 -68.49 136.24
C GLY F 1095 -4.54 -68.32 136.28
N GLN F 1096 -5.08 -68.49 137.49
CA GLN F 1096 -6.51 -68.33 137.71
C GLN F 1096 -6.81 -66.96 138.29
N ILE F 1097 -8.04 -66.51 138.06
CA ILE F 1097 -8.46 -65.16 138.41
C ILE F 1097 -8.89 -65.11 139.87
N GLN F 1098 -8.60 -63.99 140.51
CA GLN F 1098 -9.03 -63.72 141.88
C GLN F 1098 -9.98 -62.54 141.89
N VAL F 1099 -10.94 -62.57 142.81
CA VAL F 1099 -11.91 -61.50 142.99
C VAL F 1099 -11.60 -60.80 144.30
N HIS F 1100 -11.90 -59.50 144.36
CA HIS F 1100 -11.61 -58.69 145.54
C HIS F 1100 -12.75 -57.72 145.78
N HIS F 1101 -13.56 -57.99 146.80
CA HIS F 1101 -14.58 -57.05 147.22
C HIS F 1101 -13.92 -55.85 147.88
N HIS F 1102 -14.43 -54.66 147.58
CA HIS F 1102 -13.87 -53.44 148.15
C HIS F 1102 -14.89 -52.33 148.00
N ASP F 1103 -15.06 -51.53 149.06
CA ASP F 1103 -16.03 -50.45 149.06
C ASP F 1103 -15.68 -49.41 148.00
N ALA F 1104 -16.62 -48.51 147.75
CA ALA F 1104 -16.44 -47.45 146.77
C ALA F 1104 -17.01 -46.17 147.35
N ILE F 1105 -17.11 -45.13 146.51
CA ILE F 1105 -17.67 -43.87 146.95
C ILE F 1105 -19.18 -43.97 147.10
N GLY F 1106 -19.84 -44.64 146.16
CA GLY F 1106 -21.28 -44.81 146.23
C GLY F 1106 -21.70 -46.24 146.43
N GLY F 1107 -20.91 -47.18 145.91
CA GLY F 1107 -21.24 -48.59 146.01
C GLY F 1107 -20.07 -49.48 146.32
N VAL F 1108 -19.87 -50.51 145.51
CA VAL F 1108 -18.78 -51.45 145.66
C VAL F 1108 -18.08 -51.62 144.32
N ASN F 1109 -16.75 -51.70 144.36
CA ASN F 1109 -15.94 -51.88 143.16
C ASN F 1109 -15.35 -53.29 143.21
N PHE F 1110 -15.70 -54.12 142.25
CA PHE F 1110 -15.14 -55.46 142.15
C PHE F 1110 -13.87 -55.43 141.30
N THR F 1111 -12.83 -56.09 141.78
CA THR F 1111 -11.54 -56.12 141.11
C THR F 1111 -11.16 -57.55 140.77
N LEU F 1112 -10.76 -57.77 139.53
CA LEU F 1112 -10.37 -59.08 139.04
C LEU F 1112 -8.90 -59.06 138.67
N THR F 1113 -8.13 -60.03 139.18
CA THR F 1113 -6.70 -60.07 138.97
C THR F 1113 -6.30 -61.46 138.49
N GLN F 1114 -5.33 -61.51 137.56
CA GLN F 1114 -4.82 -62.77 137.04
C GLN F 1114 -3.33 -62.65 136.77
N PRO F 1115 -2.50 -63.49 137.41
CA PRO F 1115 -1.06 -63.43 137.18
C PRO F 1115 -0.64 -64.23 135.95
N ARG F 1116 0.48 -63.81 135.37
CA ARG F 1116 1.02 -64.46 134.18
C ARG F 1116 2.54 -64.47 134.24
N ALA F 1117 3.16 -65.13 133.26
CA ALA F 1117 4.61 -65.19 133.16
C ALA F 1117 4.99 -65.50 131.73
N HIS F 1118 6.17 -65.05 131.34
CA HIS F 1118 6.65 -65.26 129.96
C HIS F 1118 8.14 -65.53 129.99
N VAL F 1119 8.59 -66.38 129.07
CA VAL F 1119 9.99 -66.78 128.96
C VAL F 1119 10.34 -66.87 127.49
N ASP F 1120 11.47 -66.27 127.11
CA ASP F 1120 11.97 -66.37 125.74
C ASP F 1120 12.85 -67.60 125.62
N LEU F 1121 12.47 -68.53 124.75
CA LEU F 1121 13.30 -69.70 124.47
C LEU F 1121 14.22 -69.45 123.28
N GLY F 1122 14.93 -68.32 123.33
CA GLY F 1122 15.75 -67.86 122.23
C GLY F 1122 17.21 -68.25 122.44
N VAL F 1123 17.77 -68.94 121.46
CA VAL F 1123 19.19 -69.27 121.43
C VAL F 1123 19.89 -68.09 120.77
N GLY F 1124 19.11 -67.06 120.42
CA GLY F 1124 19.61 -65.87 119.78
C GLY F 1124 18.56 -64.78 119.81
N TYR F 1125 18.41 -64.06 118.72
CA TYR F 1125 17.37 -63.03 118.60
C TYR F 1125 16.26 -63.57 117.72
N THR F 1126 15.01 -63.47 118.20
CA THR F 1126 13.86 -64.00 117.49
C THR F 1126 12.87 -62.93 117.08
N ALA F 1127 13.25 -61.66 117.14
CA ALA F 1127 12.35 -60.58 116.76
C ALA F 1127 13.16 -59.36 116.36
N VAL F 1128 12.72 -58.68 115.32
CA VAL F 1128 13.37 -57.48 114.81
C VAL F 1128 12.35 -56.37 114.67
N CYS F 1129 12.78 -55.14 114.83
CA CYS F 1129 11.93 -53.97 114.67
C CYS F 1129 12.61 -52.98 113.73
N ALA F 1130 11.79 -52.20 113.03
CA ALA F 1130 12.30 -51.23 112.06
C ALA F 1130 11.33 -50.06 111.96
N THR F 1131 11.88 -48.85 111.99
CA THR F 1131 11.08 -47.64 111.83
C THR F 1131 10.80 -47.46 110.34
N ALA F 1132 9.58 -47.78 109.92
CA ALA F 1132 9.26 -47.81 108.51
C ALA F 1132 8.94 -46.42 107.97
N ALA F 1133 7.90 -45.78 108.51
CA ALA F 1133 7.41 -44.52 107.98
C ALA F 1133 7.55 -43.41 109.00
N LEU F 1134 7.28 -42.19 108.56
CA LEU F 1134 7.38 -41.00 109.40
C LEU F 1134 6.05 -40.25 109.37
N ARG F 1135 5.56 -39.89 110.54
CA ARG F 1135 4.35 -39.11 110.68
C ARG F 1135 4.71 -37.66 110.97
N CYS F 1136 3.70 -36.86 111.30
CA CYS F 1136 3.91 -35.44 111.51
C CYS F 1136 4.88 -35.20 112.67
N PRO F 1137 5.78 -34.22 112.56
CA PRO F 1137 6.64 -33.86 113.69
C PRO F 1137 5.81 -33.33 114.84
N LEU F 1138 6.32 -33.53 116.05
CA LEU F 1138 5.65 -33.07 117.26
C LEU F 1138 6.25 -31.78 117.79
N THR F 1139 7.55 -31.76 118.04
CA THR F 1139 8.20 -30.56 118.52
C THR F 1139 8.49 -29.60 117.39
N ASP F 1140 8.77 -28.35 117.75
CA ASP F 1140 9.04 -27.30 116.79
C ASP F 1140 10.52 -26.98 116.74
N MET F 1141 11.02 -26.67 115.56
CA MET F 1141 12.44 -26.34 115.37
C MET F 1141 12.65 -24.84 115.49
N GLY F 1142 12.16 -24.29 116.58
CA GLY F 1142 12.23 -22.86 116.82
C GLY F 1142 13.59 -22.42 117.33
N ASN F 1143 13.63 -21.17 117.76
CA ASN F 1143 14.84 -20.54 118.30
C ASN F 1143 14.52 -20.07 119.71
N THR F 1144 14.69 -20.96 120.68
CA THR F 1144 14.41 -20.65 122.08
C THR F 1144 15.69 -20.87 122.87
N ALA F 1145 16.31 -19.79 123.33
CA ALA F 1145 17.53 -19.90 124.09
C ALA F 1145 17.26 -20.44 125.49
N GLN F 1146 18.27 -21.08 126.06
CA GLN F 1146 18.19 -21.58 127.42
C GLN F 1146 18.60 -20.50 128.40
N ASN F 1147 17.79 -20.29 129.44
CA ASN F 1147 18.05 -19.28 130.45
C ASN F 1147 18.67 -19.97 131.66
N LEU F 1148 19.95 -19.68 131.91
CA LEU F 1148 20.66 -20.29 133.03
C LEU F 1148 20.37 -19.60 134.35
N PHE F 1149 19.34 -18.76 134.41
CA PHE F 1149 18.94 -18.12 135.66
C PHE F 1149 17.90 -18.92 136.41
N PHE F 1150 17.71 -20.19 136.06
CA PHE F 1150 16.80 -21.07 136.77
C PHE F 1150 17.52 -21.96 137.78
N SER F 1151 18.81 -21.74 137.99
CA SER F 1151 19.61 -22.57 138.88
C SER F 1151 20.21 -21.72 139.99
N ARG F 1152 20.55 -22.39 141.09
CA ARG F 1152 21.14 -21.73 142.24
C ARG F 1152 22.27 -22.60 142.81
N GLY F 1153 23.25 -21.96 143.41
CA GLY F 1153 24.36 -22.68 144.01
C GLY F 1153 25.72 -22.06 143.73
N GLY F 1154 25.85 -21.40 142.57
CA GLY F 1154 27.11 -20.78 142.24
C GLY F 1154 27.38 -19.55 143.09
N VAL F 1155 28.64 -19.13 143.09
CA VAL F 1155 29.04 -17.95 143.85
C VAL F 1155 28.46 -16.72 143.17
N PRO F 1156 27.77 -15.85 143.90
CA PRO F 1156 27.17 -14.65 143.29
C PRO F 1156 28.12 -13.46 143.35
N MET F 1157 27.70 -12.39 142.70
CA MET F 1157 28.46 -11.14 142.74
C MET F 1157 28.38 -10.52 144.12
N LEU F 1158 29.38 -9.70 144.44
CA LEU F 1158 29.42 -9.05 145.75
C LEU F 1158 28.29 -8.05 145.90
N HIS F 1159 27.85 -7.43 144.80
CA HIS F 1159 26.77 -6.46 144.84
C HIS F 1159 25.48 -7.08 144.33
N ASP F 1160 24.36 -6.60 144.87
CA ASP F 1160 23.06 -7.13 144.50
C ASP F 1160 22.46 -6.42 143.31
N ASN F 1161 22.77 -5.14 143.12
CA ASN F 1161 22.22 -4.40 141.99
C ASN F 1161 22.75 -4.93 140.66
N VAL F 1162 24.01 -5.41 140.65
CA VAL F 1162 24.57 -5.90 139.40
C VAL F 1162 23.96 -7.24 139.02
N THR F 1163 23.68 -8.09 140.01
CA THR F 1163 23.06 -9.37 139.70
C THR F 1163 21.56 -9.25 139.50
N GLU F 1164 20.95 -8.19 140.01
CA GLU F 1164 19.54 -7.94 139.72
C GLU F 1164 19.37 -7.37 138.32
N SER F 1165 20.18 -6.37 137.98
CA SER F 1165 20.13 -5.80 136.63
C SER F 1165 20.56 -6.80 135.57
N LEU F 1166 21.40 -7.78 135.94
CA LEU F 1166 21.81 -8.79 134.97
C LEU F 1166 20.64 -9.67 134.58
N ARG F 1167 19.83 -10.09 135.56
CA ARG F 1167 18.68 -10.93 135.25
C ARG F 1167 17.58 -10.14 134.56
N ARG F 1168 17.41 -8.88 134.93
CA ARG F 1168 16.38 -8.05 134.29
C ARG F 1168 16.67 -7.84 132.82
N ILE F 1169 17.94 -7.70 132.46
CA ILE F 1169 18.30 -7.47 131.07
C ILE F 1169 18.14 -8.75 130.26
N THR F 1170 18.69 -9.85 130.75
CA THR F 1170 18.56 -11.12 130.03
C THR F 1170 17.13 -11.61 129.97
N ALA F 1171 16.26 -11.13 130.86
CA ALA F 1171 14.84 -11.45 130.73
C ALA F 1171 14.25 -10.79 129.49
N SER F 1172 14.64 -9.56 129.21
CA SER F 1172 14.24 -8.90 127.98
C SER F 1172 14.91 -9.55 126.79
N GLY F 1173 14.23 -9.52 125.65
CA GLY F 1173 14.74 -10.19 124.47
C GLY F 1173 14.72 -11.70 124.55
N GLY F 1174 13.78 -12.26 125.30
CA GLY F 1174 13.64 -13.69 125.43
C GLY F 1174 12.17 -14.06 125.58
N ARG F 1175 11.92 -15.36 125.68
CA ARG F 1175 10.57 -15.89 125.82
C ARG F 1175 10.29 -16.45 127.20
N LEU F 1176 11.11 -17.38 127.68
CA LEU F 1176 10.94 -17.95 129.01
C LEU F 1176 11.82 -17.20 130.00
N ASN F 1177 11.24 -16.79 131.11
CA ASN F 1177 11.95 -16.06 132.16
C ASN F 1177 11.34 -16.45 133.50
N PRO F 1178 12.12 -16.46 134.56
CA PRO F 1178 11.53 -16.69 135.90
C PRO F 1178 10.56 -15.57 136.24
N THR F 1179 9.65 -15.88 137.16
CA THR F 1179 8.66 -14.90 137.56
C THR F 1179 9.31 -13.75 138.32
N GLU F 1180 8.63 -12.61 138.33
CA GLU F 1180 9.20 -11.41 138.94
C GLU F 1180 9.35 -11.51 140.45
N PRO F 1181 8.37 -12.01 141.22
CA PRO F 1181 8.57 -12.08 142.68
C PRO F 1181 9.75 -12.93 143.10
N LEU F 1182 10.15 -13.91 142.30
CA LEU F 1182 11.26 -14.80 142.60
C LEU F 1182 11.03 -15.46 143.96
N PRO F 1183 10.07 -16.37 144.07
CA PRO F 1183 9.70 -16.90 145.39
C PRO F 1183 10.79 -17.79 145.95
N ILE F 1184 11.19 -17.50 147.19
CA ILE F 1184 12.10 -18.39 147.89
C ILE F 1184 11.38 -19.69 148.21
N PHE F 1185 12.11 -20.80 148.14
CA PHE F 1185 11.55 -22.14 148.33
C PHE F 1185 10.43 -22.39 147.31
N GLY F 1186 10.82 -22.40 146.03
CA GLY F 1186 9.90 -22.65 144.94
C GLY F 1186 10.55 -23.48 143.86
N GLY F 1187 9.80 -23.68 142.78
CA GLY F 1187 10.30 -24.47 141.67
C GLY F 1187 10.90 -23.61 140.57
N LEU F 1188 10.62 -22.31 140.60
CA LEU F 1188 11.08 -21.37 139.59
C LEU F 1188 10.66 -21.80 138.19
N ARG F 1189 9.35 -21.90 138.00
CA ARG F 1189 8.77 -22.27 136.73
C ARG F 1189 8.33 -21.02 135.96
N PRO F 1190 8.43 -21.05 134.63
CA PRO F 1190 8.05 -19.88 133.84
C PRO F 1190 6.54 -19.68 133.86
N ALA F 1191 6.13 -18.44 133.56
CA ALA F 1191 4.72 -18.12 133.51
C ALA F 1191 4.06 -18.79 132.32
N THR F 1192 2.88 -19.38 132.54
CA THR F 1192 2.17 -20.07 131.48
C THR F 1192 1.62 -19.06 130.49
N SER F 1193 1.84 -19.31 129.21
CA SER F 1193 1.36 -18.43 128.15
C SER F 1193 0.00 -18.91 127.66
N ALA F 1194 -0.47 -18.33 126.57
CA ALA F 1194 -1.76 -18.71 125.99
C ALA F 1194 -1.56 -19.91 125.06
N GLY F 1195 -2.56 -20.20 124.23
CA GLY F 1195 -2.51 -21.36 123.38
C GLY F 1195 -1.30 -21.39 122.49
N ILE F 1196 -0.95 -22.59 122.04
CA ILE F 1196 0.25 -22.83 121.25
C ILE F 1196 -0.11 -22.89 119.78
N ALA F 1197 0.86 -22.62 118.91
CA ALA F 1197 0.61 -22.46 117.49
C ALA F 1197 0.86 -23.74 116.70
N ARG F 1198 2.10 -24.25 116.72
CA ARG F 1198 2.45 -25.32 115.80
C ARG F 1198 3.33 -26.40 116.44
N GLY F 1199 3.25 -26.60 117.75
CA GLY F 1199 3.96 -27.68 118.40
C GLY F 1199 4.79 -27.18 119.58
N GLN F 1200 5.37 -28.15 120.27
CA GLN F 1200 6.16 -27.86 121.46
C GLN F 1200 7.50 -27.23 121.08
N ALA F 1201 7.83 -26.12 121.73
CA ALA F 1201 9.10 -25.45 121.48
C ALA F 1201 10.25 -26.26 122.03
N SER F 1202 11.39 -26.17 121.36
CA SER F 1202 12.60 -26.88 121.75
C SER F 1202 13.68 -25.87 122.11
N VAL F 1203 14.34 -26.10 123.24
CA VAL F 1203 15.37 -25.19 123.70
C VAL F 1203 16.65 -25.39 122.90
N CYS F 1204 17.57 -24.45 123.06
CA CYS F 1204 18.87 -24.50 122.38
C CYS F 1204 19.96 -24.15 123.37
N GLU F 1205 20.97 -25.02 123.47
CA GLU F 1205 22.11 -24.80 124.34
C GLU F 1205 23.29 -24.29 123.51
N PHE F 1206 24.07 -23.40 124.10
CA PHE F 1206 25.21 -22.78 123.42
C PHE F 1206 26.51 -23.20 124.08
N VAL F 1207 27.52 -23.44 123.26
CA VAL F 1207 28.85 -23.81 123.73
C VAL F 1207 29.86 -22.90 123.04
N ALA F 1208 30.76 -22.32 123.82
CA ALA F 1208 31.76 -21.43 123.27
C ALA F 1208 32.83 -22.23 122.52
N MET F 1209 33.52 -21.55 121.61
CA MET F 1209 34.57 -22.17 120.82
C MET F 1209 35.42 -21.07 120.22
N PRO F 1210 36.70 -21.34 119.92
CA PRO F 1210 37.54 -20.32 119.30
C PRO F 1210 36.97 -19.89 117.95
N VAL F 1211 37.28 -18.64 117.59
CA VAL F 1211 36.70 -18.04 116.39
C VAL F 1211 37.12 -18.81 115.15
N SER F 1212 38.43 -18.91 114.92
CA SER F 1212 38.96 -19.56 113.73
C SER F 1212 39.02 -21.07 113.99
N THR F 1213 37.87 -21.72 113.81
CA THR F 1213 37.76 -23.16 113.97
C THR F 1213 37.48 -23.79 112.61
N ASP F 1214 38.05 -24.98 112.40
CA ASP F 1214 37.85 -25.71 111.16
C ASP F 1214 36.37 -25.86 110.86
N LEU F 1215 35.92 -25.27 109.76
CA LEU F 1215 34.52 -25.33 109.38
C LEU F 1215 34.15 -26.66 108.75
N GLN F 1216 35.10 -27.30 108.07
CA GLN F 1216 34.82 -28.56 107.40
C GLN F 1216 34.43 -29.66 108.38
N TYR F 1217 34.75 -29.49 109.67
CA TYR F 1217 34.33 -30.46 110.67
C TYR F 1217 32.82 -30.44 110.89
N PHE F 1218 32.15 -29.33 110.58
CA PHE F 1218 30.72 -29.20 110.79
C PHE F 1218 29.90 -29.58 109.56
N ARG F 1219 30.49 -30.32 108.62
CA ARG F 1219 29.77 -30.75 107.43
C ARG F 1219 29.40 -32.22 107.44
N THR F 1220 29.79 -32.96 108.48
CA THR F 1220 29.41 -34.36 108.61
C THR F 1220 28.80 -34.60 109.99
N ALA F 1221 28.55 -35.86 110.33
CA ALA F 1221 27.99 -36.20 111.64
C ALA F 1221 29.07 -35.99 112.70
N CYS F 1222 29.07 -34.81 113.31
CA CYS F 1222 30.12 -34.39 114.22
C CYS F 1222 29.74 -34.72 115.66
N ASN F 1223 30.51 -34.19 116.61
CA ASN F 1223 30.27 -34.39 118.03
C ASN F 1223 30.42 -33.04 118.74
N PRO F 1224 29.48 -32.69 119.61
CA PRO F 1224 29.55 -31.36 120.25
C PRO F 1224 30.67 -31.23 121.27
N ARG F 1225 31.12 -32.33 121.87
CA ARG F 1225 32.18 -32.25 122.87
C ARG F 1225 33.50 -31.78 122.28
N GLY F 1226 33.67 -31.88 120.96
CA GLY F 1226 34.92 -31.55 120.32
C GLY F 1226 35.88 -32.70 120.18
N ARG F 1227 35.70 -33.77 120.95
CA ARG F 1227 36.53 -34.95 120.88
C ARG F 1227 35.66 -36.18 120.97
N ALA F 1228 35.85 -37.11 120.05
CA ALA F 1228 35.04 -38.32 120.02
C ALA F 1228 35.30 -39.17 121.25
N SER F 1229 34.23 -39.77 121.77
CA SER F 1229 34.31 -40.58 122.99
C SER F 1229 33.39 -41.78 122.82
N GLY F 1230 33.14 -42.47 123.93
CA GLY F 1230 32.26 -43.62 123.95
C GLY F 1230 32.98 -44.88 124.38
N MET F 1231 32.18 -45.91 124.61
CA MET F 1231 32.69 -47.22 125.02
C MET F 1231 32.93 -48.14 123.84
N LEU F 1232 32.80 -47.64 122.61
CA LEU F 1232 32.93 -48.47 121.43
C LEU F 1232 34.38 -48.64 120.97
N TYR F 1233 35.34 -48.18 121.76
CA TYR F 1233 36.76 -48.27 121.42
C TYR F 1233 37.48 -48.88 122.60
N MET F 1234 37.59 -50.21 122.61
CA MET F 1234 38.16 -50.95 123.72
C MET F 1234 38.84 -52.19 123.15
N GLY F 1235 39.09 -53.17 124.01
CA GLY F 1235 39.62 -54.45 123.56
C GLY F 1235 40.61 -55.10 124.50
N ASP F 1236 41.29 -54.30 125.33
CA ASP F 1236 42.31 -54.84 126.22
C ASP F 1236 41.96 -54.65 127.69
N ARG F 1237 41.67 -53.43 128.12
CA ARG F 1237 41.45 -53.14 129.52
C ARG F 1237 40.15 -52.37 129.70
N ASP F 1238 39.62 -52.43 130.92
CA ASP F 1238 38.41 -51.71 131.26
C ASP F 1238 38.67 -50.26 131.66
N ALA F 1239 39.89 -49.95 132.11
CA ALA F 1239 40.23 -48.58 132.49
C ALA F 1239 40.58 -47.76 131.27
N ASP F 1240 39.71 -47.77 130.26
CA ASP F 1240 39.93 -47.02 129.03
C ASP F 1240 38.81 -46.04 128.71
N ILE F 1241 37.65 -46.15 129.36
CA ILE F 1241 36.57 -45.20 129.10
C ILE F 1241 36.99 -43.81 129.55
N GLU F 1242 37.42 -43.68 130.81
CA GLU F 1242 37.97 -42.42 131.28
C GLU F 1242 39.29 -42.07 130.62
N ALA F 1243 39.91 -43.02 129.90
CA ALA F 1243 41.13 -42.70 129.17
C ALA F 1243 40.82 -41.78 128.00
N ILE F 1244 40.01 -42.23 127.04
CA ILE F 1244 39.59 -41.31 125.99
C ILE F 1244 38.29 -40.62 126.39
N MET F 1245 38.37 -39.71 127.33
CA MET F 1245 37.40 -38.63 127.46
C MET F 1245 38.01 -37.30 127.85
N PHE F 1246 39.17 -37.30 128.51
CA PHE F 1246 39.85 -36.08 128.91
C PHE F 1246 41.35 -36.12 128.72
N ASP F 1247 41.97 -37.30 128.63
CA ASP F 1247 43.42 -37.40 128.46
C ASP F 1247 43.84 -36.82 127.12
N HIS F 1248 44.61 -35.74 127.17
CA HIS F 1248 45.04 -35.04 125.96
C HIS F 1248 46.53 -35.24 125.69
N THR F 1249 47.18 -36.17 126.39
CA THR F 1249 48.54 -36.53 126.05
C THR F 1249 48.62 -37.31 124.74
N GLN F 1250 47.54 -37.96 124.33
CA GLN F 1250 47.47 -38.66 123.08
C GLN F 1250 46.41 -38.02 122.19
N SER F 1251 46.53 -38.27 120.89
CA SER F 1251 45.65 -37.63 119.92
C SER F 1251 44.23 -38.18 120.02
N ASP F 1252 43.31 -37.46 119.40
CA ASP F 1252 41.92 -37.90 119.32
C ASP F 1252 41.83 -39.24 118.59
N VAL F 1253 40.75 -39.96 118.85
CA VAL F 1253 40.58 -41.28 118.24
C VAL F 1253 40.08 -41.14 116.81
N ALA F 1254 39.15 -40.23 116.57
CA ALA F 1254 38.59 -40.07 115.23
C ALA F 1254 39.56 -39.35 114.31
N TYR F 1255 39.91 -38.12 114.66
CA TYR F 1255 40.88 -37.33 113.91
C TYR F 1255 42.23 -37.48 114.59
N THR F 1256 43.06 -38.37 114.07
CA THR F 1256 44.33 -38.69 114.72
C THR F 1256 45.45 -37.72 114.31
N ASP F 1257 45.19 -36.44 114.45
CA ASP F 1257 46.25 -35.44 114.30
C ASP F 1257 46.13 -34.29 115.29
N ARG F 1258 45.19 -34.37 116.23
CA ARG F 1258 44.97 -33.28 117.17
C ARG F 1258 44.27 -33.83 118.40
N ALA F 1259 44.51 -33.18 119.54
CA ALA F 1259 43.92 -33.63 120.80
C ALA F 1259 42.41 -33.41 120.79
N THR F 1260 41.97 -32.18 120.60
CA THR F 1260 40.55 -31.85 120.57
C THR F 1260 40.33 -30.74 119.55
N LEU F 1261 39.06 -30.43 119.29
CA LEU F 1261 38.76 -29.33 118.39
C LEU F 1261 38.80 -28.01 119.13
N ASN F 1262 37.98 -27.85 120.17
CA ASN F 1262 38.02 -26.67 121.01
C ASN F 1262 38.51 -27.06 122.40
N PRO F 1263 39.60 -26.47 122.88
CA PRO F 1263 40.12 -26.82 124.21
C PRO F 1263 39.34 -26.23 125.37
N TRP F 1264 38.16 -25.67 125.12
CA TRP F 1264 37.38 -25.02 126.16
C TRP F 1264 36.21 -25.85 126.67
N ALA F 1265 35.85 -26.92 125.98
CA ALA F 1265 34.75 -27.77 126.43
C ALA F 1265 35.08 -29.24 126.20
N SER F 1266 36.34 -29.61 126.40
CA SER F 1266 36.73 -31.00 126.21
C SER F 1266 37.72 -31.45 127.29
N GLN F 1267 38.01 -30.58 128.24
CA GLN F 1267 38.98 -30.89 129.28
C GLN F 1267 38.30 -31.54 130.48
N LYS F 1268 39.11 -31.92 131.46
CA LYS F 1268 38.56 -32.52 132.67
C LYS F 1268 37.73 -31.52 133.46
N HIS F 1269 38.16 -30.27 133.51
CA HIS F 1269 37.43 -29.23 134.21
C HIS F 1269 37.37 -27.97 133.36
N SER F 1270 37.13 -28.13 132.07
CA SER F 1270 37.00 -27.00 131.18
C SER F 1270 35.73 -26.22 131.49
N TYR F 1271 35.53 -25.11 130.79
CA TYR F 1271 34.34 -24.30 131.02
C TYR F 1271 33.08 -25.06 130.62
N GLY F 1272 33.07 -25.67 129.43
CA GLY F 1272 31.91 -26.41 129.00
C GLY F 1272 31.61 -27.61 129.88
N ASP F 1273 32.66 -28.32 130.31
CA ASP F 1273 32.45 -29.47 131.17
C ASP F 1273 31.96 -29.06 132.54
N ARG F 1274 32.50 -27.97 133.08
CA ARG F 1274 32.04 -27.49 134.38
C ARG F 1274 30.60 -26.99 134.31
N LEU F 1275 30.14 -26.59 133.11
CA LEU F 1275 28.80 -26.07 132.98
C LEU F 1275 27.76 -27.19 133.14
N TYR F 1276 28.03 -28.35 132.57
CA TYR F 1276 27.11 -29.48 132.64
C TYR F 1276 27.91 -30.76 132.52
N ASN F 1277 27.81 -31.62 133.53
CA ASN F 1277 28.49 -32.91 133.49
C ASN F 1277 27.54 -34.01 133.94
N GLY F 1278 26.50 -33.62 134.69
CA GLY F 1278 25.65 -34.56 135.35
C GLY F 1278 26.14 -35.02 136.70
N THR F 1279 27.44 -34.92 136.95
CA THR F 1279 28.01 -35.24 138.25
C THR F 1279 28.36 -34.01 139.07
N TYR F 1280 28.30 -32.81 138.48
CA TYR F 1280 28.55 -31.59 139.22
C TYR F 1280 27.27 -30.95 139.75
N ASN F 1281 26.13 -31.24 139.13
CA ASN F 1281 24.82 -30.79 139.59
C ASN F 1281 24.78 -29.26 139.72
N LEU F 1282 24.95 -28.59 138.59
CA LEU F 1282 24.85 -27.14 138.55
C LEU F 1282 23.44 -26.67 138.26
N THR F 1283 22.72 -27.38 137.40
CA THR F 1283 21.38 -27.03 136.98
C THR F 1283 20.34 -28.01 137.50
N GLY F 1284 20.50 -28.47 138.74
CA GLY F 1284 19.57 -29.43 139.29
C GLY F 1284 18.20 -28.83 139.54
N ALA F 1285 18.15 -27.58 139.99
CA ALA F 1285 16.88 -26.93 140.28
C ALA F 1285 16.19 -26.39 139.04
N SER F 1286 16.85 -26.39 137.90
CA SER F 1286 16.24 -25.88 136.68
C SER F 1286 15.26 -26.90 136.12
N PRO F 1287 14.00 -26.53 135.88
CA PRO F 1287 13.04 -27.47 135.28
C PRO F 1287 13.14 -27.59 133.77
N ILE F 1288 14.09 -26.92 133.15
CA ILE F 1288 14.21 -26.93 131.69
C ILE F 1288 15.11 -28.09 131.26
N TYR F 1289 14.69 -28.79 130.22
CA TYR F 1289 15.48 -29.88 129.67
C TYR F 1289 16.69 -29.34 128.92
N SER F 1290 17.80 -30.05 129.03
CA SER F 1290 19.05 -29.66 128.37
C SER F 1290 19.53 -30.79 127.47
N PRO F 1291 19.51 -30.63 126.15
CA PRO F 1291 19.88 -31.74 125.27
C PRO F 1291 21.37 -32.05 125.30
N CYS F 1292 22.21 -31.08 125.61
CA CYS F 1292 23.65 -31.27 125.64
C CYS F 1292 24.12 -32.07 126.86
N PHE F 1293 23.21 -32.53 127.71
CA PHE F 1293 23.62 -33.26 128.91
C PHE F 1293 24.11 -34.66 128.57
N LYS F 1294 23.47 -35.31 127.61
CA LYS F 1294 23.83 -36.68 127.27
C LYS F 1294 25.19 -36.81 126.61
N PHE F 1295 25.81 -35.70 126.22
CA PHE F 1295 27.10 -35.73 125.55
C PHE F 1295 28.28 -35.51 126.49
N PHE F 1296 28.04 -34.99 127.69
CA PHE F 1296 29.12 -34.66 128.62
C PHE F 1296 29.12 -35.56 129.85
N THR F 1297 28.30 -36.59 129.87
CA THR F 1297 28.24 -37.49 131.01
C THR F 1297 29.11 -38.71 130.73
N PRO F 1298 29.95 -39.13 131.67
CA PRO F 1298 30.84 -40.28 131.41
C PRO F 1298 30.09 -41.56 131.06
N ALA F 1299 28.87 -41.73 131.56
CA ALA F 1299 28.03 -42.88 131.23
C ALA F 1299 28.74 -44.19 131.59
N GLU F 1300 28.93 -44.37 132.90
CA GLU F 1300 29.62 -45.54 133.42
C GLU F 1300 29.03 -46.83 132.87
N VAL F 1301 29.92 -47.79 132.59
CA VAL F 1301 29.54 -49.07 132.03
C VAL F 1301 30.49 -50.14 132.54
N ASN F 1302 30.01 -51.37 132.60
CA ASN F 1302 30.78 -52.52 133.05
C ASN F 1302 30.94 -53.51 131.91
N THR F 1303 32.06 -54.24 131.94
CA THR F 1303 32.39 -55.19 130.88
C THR F 1303 31.95 -56.59 131.30
N ASN F 1304 30.86 -57.06 130.71
CA ASN F 1304 30.39 -58.43 130.88
C ASN F 1304 30.49 -59.25 129.61
N CYS F 1305 30.16 -58.66 128.47
CA CYS F 1305 30.28 -59.30 127.17
C CYS F 1305 31.21 -58.47 126.29
N ASN F 1306 31.32 -58.87 125.02
CA ASN F 1306 32.10 -58.10 124.07
C ASN F 1306 31.35 -56.82 123.69
N THR F 1307 32.07 -55.90 123.04
CA THR F 1307 31.48 -54.63 122.67
C THR F 1307 30.33 -54.78 121.68
N LEU F 1308 30.29 -55.88 120.93
CA LEU F 1308 29.20 -56.08 119.98
C LEU F 1308 27.90 -56.40 120.70
N ASP F 1309 27.95 -57.34 121.64
CA ASP F 1309 26.74 -57.71 122.38
C ASP F 1309 26.21 -56.53 123.18
N ARG F 1310 27.09 -55.80 123.87
CA ARG F 1310 26.65 -54.63 124.61
C ARG F 1310 26.02 -53.60 123.68
N LEU F 1311 26.65 -53.37 122.52
CA LEU F 1311 26.09 -52.41 121.57
C LEU F 1311 24.70 -52.81 121.13
N LEU F 1312 24.51 -54.09 120.77
CA LEU F 1312 23.20 -54.56 120.35
C LEU F 1312 22.19 -54.54 121.49
N MET F 1313 22.65 -54.50 122.73
CA MET F 1313 21.76 -54.52 123.88
C MET F 1313 21.38 -53.13 124.37
N GLU F 1314 22.07 -52.09 123.91
CA GLU F 1314 21.73 -50.74 124.34
C GLU F 1314 20.53 -50.19 123.59
N ALA F 1315 20.43 -50.51 122.29
CA ALA F 1315 19.33 -50.02 121.46
C ALA F 1315 18.07 -50.83 121.79
N LYS F 1316 17.38 -50.39 122.83
CA LYS F 1316 16.17 -51.07 123.29
C LYS F 1316 15.05 -50.09 123.61
N ALA F 1317 15.03 -48.94 122.94
CA ALA F 1317 13.99 -47.92 123.12
C ALA F 1317 13.92 -47.46 124.56
N VAL F 1318 15.00 -46.80 124.99
CA VAL F 1318 15.14 -46.28 126.34
C VAL F 1318 14.05 -45.24 126.61
N ALA F 1319 13.76 -45.00 127.88
CA ALA F 1319 12.70 -44.07 128.27
C ALA F 1319 12.99 -42.66 127.74
N SER F 1320 11.94 -41.84 127.72
CA SER F 1320 12.01 -40.49 127.20
C SER F 1320 12.71 -39.57 128.21
N GLN F 1321 12.98 -38.33 127.78
CA GLN F 1321 13.64 -37.36 128.64
C GLN F 1321 13.00 -35.99 128.51
N SER F 1322 11.69 -35.94 128.28
CA SER F 1322 10.95 -34.70 128.15
C SER F 1322 9.49 -34.96 128.45
N SER F 1323 8.63 -33.98 128.16
CA SER F 1323 7.20 -34.09 128.38
C SER F 1323 6.48 -33.86 127.06
N THR F 1324 5.24 -34.36 126.99
CA THR F 1324 4.44 -34.26 125.77
C THR F 1324 3.17 -33.45 125.99
N ASP F 1325 3.13 -32.62 127.03
CA ASP F 1325 1.97 -31.78 127.28
C ASP F 1325 2.29 -30.29 127.37
N THR F 1326 3.42 -29.93 127.96
CA THR F 1326 3.81 -28.52 128.03
C THR F 1326 4.26 -28.03 126.66
N GLU F 1327 4.66 -26.77 126.61
CA GLU F 1327 5.17 -26.16 125.38
C GLU F 1327 6.61 -25.69 125.54
N TYR F 1328 7.28 -26.03 126.63
CA TYR F 1328 8.64 -25.59 126.87
C TYR F 1328 9.62 -26.75 127.03
N GLN F 1329 9.18 -27.98 126.79
CA GLN F 1329 10.05 -29.16 126.87
C GLN F 1329 10.71 -29.25 128.25
N PHE F 1330 9.87 -29.43 129.27
CA PHE F 1330 10.36 -29.54 130.64
C PHE F 1330 11.09 -30.86 130.84
N LYS F 1331 11.63 -31.04 132.04
CA LYS F 1331 12.29 -32.29 132.38
C LYS F 1331 11.28 -33.44 132.37
N ARG F 1332 11.81 -34.64 132.40
CA ARG F 1332 10.96 -35.82 132.39
C ARG F 1332 10.11 -35.86 133.65
N PRO F 1333 8.78 -35.95 133.53
CA PRO F 1333 7.93 -35.99 134.72
C PRO F 1333 8.13 -37.29 135.48
N PRO F 1334 8.29 -37.22 136.81
CA PRO F 1334 8.49 -38.44 137.60
C PRO F 1334 7.25 -39.32 137.61
N GLY F 1335 7.35 -40.51 137.03
CA GLY F 1335 6.25 -41.45 136.94
C GLY F 1335 5.75 -41.68 135.54
N SER F 1336 6.07 -40.79 134.60
CA SER F 1336 5.64 -40.95 133.22
C SER F 1336 6.40 -42.11 132.58
N THR F 1337 5.66 -43.08 132.07
CA THR F 1337 6.23 -44.29 131.48
C THR F 1337 5.86 -44.35 130.00
N GLU F 1338 6.73 -43.75 129.18
CA GLU F 1338 6.59 -43.81 127.72
C GLU F 1338 7.97 -44.04 127.12
N MET F 1339 8.01 -44.90 126.10
CA MET F 1339 9.27 -45.38 125.53
C MET F 1339 9.45 -44.77 124.14
N THR F 1340 10.61 -44.16 123.92
CA THR F 1340 10.94 -43.58 122.62
C THR F 1340 12.30 -44.12 122.17
N GLN F 1341 12.44 -44.34 120.87
CA GLN F 1341 13.71 -44.81 120.34
C GLN F 1341 14.68 -43.63 120.24
N ASP F 1342 15.90 -43.82 120.72
CA ASP F 1342 16.91 -42.78 120.77
C ASP F 1342 18.14 -43.19 119.98
N PRO F 1343 18.15 -42.99 118.67
CA PRO F 1343 19.38 -43.15 117.90
C PRO F 1343 20.31 -41.97 118.16
N CYS F 1344 21.54 -42.12 117.67
CA CYS F 1344 22.61 -41.11 117.80
C CYS F 1344 22.82 -40.68 119.25
N GLY F 1345 22.36 -41.47 120.20
CA GLY F 1345 22.63 -41.23 121.60
C GLY F 1345 23.59 -42.30 122.10
N LEU F 1346 23.49 -43.48 121.50
CA LEU F 1346 24.47 -44.54 121.73
C LEU F 1346 25.69 -44.40 120.82
N PHE F 1347 25.63 -43.51 119.84
CA PHE F 1347 26.78 -43.21 118.99
C PHE F 1347 27.48 -41.91 119.37
N GLN F 1348 26.83 -41.06 120.18
CA GLN F 1348 27.38 -39.77 120.57
C GLN F 1348 27.72 -38.92 119.35
N GLU F 1349 26.70 -38.71 118.51
CA GLU F 1349 26.86 -37.95 117.28
C GLU F 1349 25.59 -37.17 117.00
N ALA F 1350 25.74 -36.14 116.16
CA ALA F 1350 24.61 -35.29 115.79
C ALA F 1350 24.70 -34.98 114.30
N TYR F 1351 23.54 -34.67 113.71
CA TYR F 1351 23.50 -34.40 112.28
C TYR F 1351 23.30 -32.93 112.02
N PRO F 1352 24.06 -32.34 111.11
CA PRO F 1352 23.89 -30.92 110.79
C PRO F 1352 22.79 -30.73 109.77
N PRO F 1353 21.81 -29.88 110.07
CA PRO F 1353 20.73 -29.61 109.12
C PRO F 1353 21.16 -28.57 108.10
N LEU F 1354 20.24 -28.24 107.19
CA LEU F 1354 20.49 -27.25 106.16
C LEU F 1354 20.50 -25.87 106.79
N CYS F 1355 21.70 -25.30 106.96
CA CYS F 1355 21.85 -23.98 107.55
C CYS F 1355 22.73 -23.14 106.65
N SER F 1356 22.71 -21.83 106.89
CA SER F 1356 23.52 -20.90 106.11
C SER F 1356 23.68 -19.61 106.90
N SER F 1357 24.91 -19.13 107.01
CA SER F 1357 25.16 -17.89 107.73
C SER F 1357 24.47 -16.71 107.06
N ASP F 1358 24.31 -16.77 105.74
CA ASP F 1358 23.60 -15.75 104.99
C ASP F 1358 22.25 -16.27 104.56
N ALA F 1359 21.36 -15.35 104.23
CA ALA F 1359 20.01 -15.71 103.78
C ALA F 1359 19.83 -15.57 102.28
N ALA F 1360 20.66 -14.76 101.61
CA ALA F 1360 20.48 -14.58 100.18
C ALA F 1360 20.96 -15.79 99.40
N MET F 1361 22.06 -16.40 99.83
CA MET F 1361 22.60 -17.57 99.15
C MET F 1361 21.82 -18.84 99.46
N LEU F 1362 20.72 -18.75 100.20
CA LEU F 1362 19.98 -19.94 100.58
C LEU F 1362 19.09 -20.45 99.46
N ARG F 1363 18.52 -19.57 98.66
CA ARG F 1363 17.57 -19.95 97.62
C ARG F 1363 17.97 -19.35 96.29
N THR F 1364 18.03 -20.18 95.25
CA THR F 1364 18.34 -19.70 93.92
C THR F 1364 17.09 -19.14 93.25
N ALA F 1365 17.31 -18.27 92.26
CA ALA F 1365 16.21 -17.60 91.56
C ALA F 1365 15.84 -18.39 90.30
N HIS F 1366 15.21 -19.54 90.54
CA HIS F 1366 14.77 -20.38 89.43
C HIS F 1366 13.38 -20.99 89.68
N ALA F 1367 12.69 -20.62 90.75
CA ALA F 1367 11.36 -21.14 91.07
C ALA F 1367 11.39 -22.66 91.21
N GLY F 1368 12.09 -23.13 92.25
CA GLY F 1368 12.23 -24.54 92.47
C GLY F 1368 13.21 -24.88 93.56
N GLU F 1369 14.14 -25.78 93.26
CA GLU F 1369 15.12 -26.27 94.23
C GLU F 1369 15.92 -25.13 94.84
N THR F 1370 16.59 -25.39 95.95
CA THR F 1370 17.36 -24.38 96.66
C THR F 1370 18.81 -24.39 96.20
N GLY F 1371 19.54 -23.34 96.56
CA GLY F 1371 20.95 -23.26 96.24
C GLY F 1371 21.79 -24.07 97.20
N ALA F 1372 22.94 -24.53 96.71
CA ALA F 1372 23.82 -25.37 97.50
C ALA F 1372 25.27 -24.96 97.34
N ASP F 1373 25.52 -23.66 97.25
CA ASP F 1373 26.88 -23.17 97.23
C ASP F 1373 27.49 -23.27 98.63
N GLU F 1374 28.81 -23.46 98.68
CA GLU F 1374 29.47 -23.66 99.96
C GLU F 1374 29.87 -22.34 100.62
N VAL F 1375 30.72 -21.57 99.96
CA VAL F 1375 31.16 -20.28 100.47
C VAL F 1375 31.03 -19.25 99.37
N HIS F 1376 30.50 -18.07 99.70
CA HIS F 1376 30.42 -17.05 98.67
C HIS F 1376 31.59 -16.09 98.73
N LEU F 1377 31.70 -15.31 99.81
CA LEU F 1377 32.87 -14.48 100.03
C LEU F 1377 33.50 -14.76 101.40
N ALA F 1378 32.73 -14.63 102.47
CA ALA F 1378 33.16 -15.00 103.81
C ALA F 1378 32.08 -15.75 104.59
N GLN F 1379 30.86 -15.82 104.09
CA GLN F 1379 29.79 -16.57 104.73
C GLN F 1379 29.94 -18.04 104.36
N TYR F 1380 28.91 -18.84 104.66
CA TYR F 1380 28.96 -20.26 104.37
C TYR F 1380 27.54 -20.78 104.27
N LEU F 1381 27.41 -21.99 103.71
CA LEU F 1381 26.11 -22.65 103.60
C LEU F 1381 26.35 -24.14 103.70
N ILE F 1382 26.09 -24.72 104.87
CA ILE F 1382 26.30 -26.14 105.09
C ILE F 1382 25.15 -26.90 104.44
N ARG F 1383 25.48 -27.83 103.56
CA ARG F 1383 24.46 -28.68 102.94
C ARG F 1383 23.89 -29.64 103.97
N ASP F 1384 22.67 -30.09 103.72
CA ASP F 1384 22.01 -31.00 104.65
C ASP F 1384 22.58 -32.40 104.51
N ALA F 1385 22.82 -33.06 105.63
CA ALA F 1385 23.32 -34.43 105.65
C ALA F 1385 22.63 -35.24 106.74
N SER F 1386 21.38 -34.89 107.03
CA SER F 1386 20.61 -35.52 108.07
C SER F 1386 19.74 -36.63 107.49
N PRO F 1387 19.25 -37.56 108.32
CA PRO F 1387 18.34 -38.58 107.82
C PRO F 1387 17.02 -38.01 107.30
N LEU F 1388 16.65 -36.81 107.72
CA LEU F 1388 15.40 -36.18 107.27
C LEU F 1388 15.73 -35.29 106.08
N ARG F 1389 15.99 -35.93 104.94
CA ARG F 1389 16.34 -35.22 103.72
C ARG F 1389 15.20 -35.13 102.72
N GLY F 1390 14.30 -36.10 102.68
CA GLY F 1390 13.21 -36.08 101.74
C GLY F 1390 11.88 -35.78 102.40
N CYS F 1391 11.90 -34.97 103.46
CA CYS F 1391 10.70 -34.60 104.20
C CYS F 1391 10.80 -33.12 104.52
N LEU F 1392 9.97 -32.66 105.47
CA LEU F 1392 10.02 -31.30 105.98
C LEU F 1392 9.92 -30.29 104.85
N PRO F 1393 8.72 -30.08 104.29
CA PRO F 1393 8.58 -29.26 103.07
C PRO F 1393 9.18 -27.87 103.24
N LEU F 1394 9.59 -27.29 102.11
CA LEU F 1394 10.23 -25.98 102.09
C LEU F 1394 9.31 -24.93 101.48
N SER G 7 90.14 33.06 144.63
CA SER G 7 89.82 32.73 143.26
C SER G 7 89.17 31.35 143.15
N ARG G 8 88.70 30.99 141.97
CA ARG G 8 88.05 29.71 141.73
C ARG G 8 89.03 28.78 141.04
N VAL G 9 89.52 27.79 141.78
CA VAL G 9 90.43 26.78 141.25
C VAL G 9 89.80 25.42 141.54
N VAL G 10 89.29 24.77 140.50
CA VAL G 10 88.61 23.49 140.67
C VAL G 10 89.54 22.36 141.09
N PHE G 11 90.86 22.60 141.07
CA PHE G 11 91.80 21.57 141.49
C PHE G 11 91.60 21.23 142.96
N ASP G 12 91.77 22.22 143.84
CA ASP G 12 91.44 22.05 145.24
C ASP G 12 89.94 22.24 145.42
N PRO G 13 89.19 21.17 145.70
CA PRO G 13 87.72 21.29 145.72
C PRO G 13 87.19 22.27 146.73
N SER G 14 87.97 22.59 147.77
CA SER G 14 87.55 23.60 148.73
C SER G 14 87.51 25.00 148.14
N ASN G 15 88.21 25.22 147.03
CA ASN G 15 88.31 26.56 146.44
C ASN G 15 87.04 26.96 145.69
N PRO G 16 86.56 26.18 144.72
CA PRO G 16 85.41 26.64 143.93
C PRO G 16 84.15 26.74 144.78
N THR G 17 83.50 27.91 144.71
CA THR G 17 82.27 28.15 145.43
C THR G 17 81.52 29.26 144.71
N THR G 18 80.20 29.29 144.94
CA THR G 18 79.35 30.26 144.25
C THR G 18 79.72 31.69 144.59
N PHE G 19 80.46 31.91 145.69
CA PHE G 19 80.85 33.27 146.05
C PHE G 19 81.67 33.94 144.97
N SER G 20 82.62 33.20 144.40
CA SER G 20 83.49 33.74 143.35
C SER G 20 82.90 33.62 141.96
N VAL G 21 82.04 32.63 141.72
CA VAL G 21 81.50 32.42 140.39
C VAL G 21 80.63 33.60 139.96
N GLU G 22 79.97 34.26 140.91
CA GLU G 22 79.17 35.44 140.58
C GLU G 22 80.03 36.53 139.95
N ALA G 23 81.22 36.74 140.50
CA ALA G 23 82.11 37.77 139.96
C ALA G 23 82.62 37.40 138.58
N ILE G 24 82.81 36.12 138.31
CA ILE G 24 83.26 35.68 137.00
C ILE G 24 82.15 35.90 135.98
N ALA G 25 82.54 36.09 134.73
CA ALA G 25 81.60 36.39 133.65
C ALA G 25 80.88 35.14 133.19
N ALA G 26 80.18 35.22 132.05
CA ALA G 26 79.46 34.08 131.52
C ALA G 26 80.33 33.21 130.62
N TYR G 27 81.09 33.83 129.71
CA TYR G 27 81.91 33.07 128.77
C TYR G 27 83.23 32.64 129.36
N THR G 28 83.83 33.44 130.23
CA THR G 28 85.14 33.11 130.77
C THR G 28 85.20 31.81 131.55
N PRO G 29 84.21 31.45 132.40
CA PRO G 29 84.34 30.17 133.12
C PRO G 29 84.36 28.97 132.19
N VAL G 30 83.64 29.05 131.07
CA VAL G 30 83.69 27.97 130.09
C VAL G 30 85.11 27.82 129.55
N ALA G 31 85.72 28.94 129.17
CA ALA G 31 87.11 28.90 128.74
C ALA G 31 88.03 28.51 129.89
N LEU G 32 87.68 28.89 131.11
CA LEU G 32 88.49 28.52 132.27
C LEU G 32 88.49 27.01 132.46
N ILE G 33 87.31 26.39 132.54
CA ILE G 33 87.21 24.95 132.73
C ILE G 33 87.88 24.20 131.60
N ARG G 34 87.82 24.76 130.38
CA ARG G 34 88.39 24.07 129.22
C ARG G 34 89.91 23.93 129.35
N LEU G 35 90.58 24.97 129.84
CA LEU G 35 92.04 24.97 129.86
C LEU G 35 92.61 24.31 131.11
N LEU G 36 91.82 24.13 132.16
CA LEU G 36 92.31 23.47 133.36
C LEU G 36 92.62 22.00 133.06
N ASN G 37 93.71 21.50 133.64
CA ASN G 37 94.15 20.14 133.37
C ASN G 37 93.23 19.15 134.07
N ALA G 38 93.46 17.86 133.80
CA ALA G 38 92.65 16.82 134.43
C ALA G 38 93.18 16.45 135.81
N SER G 39 94.46 16.67 136.07
CA SER G 39 95.06 16.28 137.34
C SER G 39 94.47 17.10 138.49
N GLY G 40 93.67 16.47 139.31
CA GLY G 40 93.14 17.10 140.50
C GLY G 40 93.74 16.50 141.75
N PRO G 41 94.21 17.34 142.67
CA PRO G 41 94.81 16.83 143.91
C PRO G 41 93.79 16.06 144.73
N LEU G 42 94.04 14.77 144.90
CA LEU G 42 93.11 13.94 145.64
C LEU G 42 93.19 14.14 147.13
N GLN G 43 94.22 14.82 147.64
CA GLN G 43 94.30 15.09 149.07
C GLN G 43 93.19 16.03 149.54
N PRO G 44 93.00 17.21 148.93
CA PRO G 44 91.83 18.01 149.29
C PRO G 44 90.59 17.48 148.60
N GLY G 45 89.47 17.53 149.31
CA GLY G 45 88.23 17.04 148.76
C GLY G 45 87.06 17.27 149.70
N HIS G 46 85.90 17.59 149.14
CA HIS G 46 84.70 17.79 149.94
C HIS G 46 84.18 16.45 150.41
N ARG G 47 84.25 16.20 151.72
CA ARG G 47 83.58 15.06 152.33
C ARG G 47 82.09 15.31 152.52
N VAL G 48 81.57 16.31 151.81
CA VAL G 48 80.21 16.80 151.97
C VAL G 48 79.41 16.54 150.71
N ASP G 49 79.68 15.42 150.03
CA ASP G 49 79.01 15.06 148.78
C ASP G 49 79.33 16.07 147.68
N ILE G 50 80.56 15.97 147.18
CA ILE G 50 81.17 16.87 146.21
C ILE G 50 80.18 17.27 145.10
N ALA G 51 79.21 16.41 144.82
CA ALA G 51 78.10 16.79 143.96
C ALA G 51 77.39 18.04 144.47
N ASP G 52 77.51 18.35 145.77
CA ASP G 52 77.01 19.63 146.25
C ASP G 52 77.81 20.78 145.65
N ALA G 53 79.12 20.61 145.50
CA ALA G 53 79.92 21.59 144.78
C ALA G 53 79.53 21.65 143.32
N ARG G 54 79.18 20.49 142.74
CA ARG G 54 78.58 20.50 141.41
C ARG G 54 77.29 21.30 141.41
N SER G 55 76.43 21.08 142.41
CA SER G 55 75.25 21.92 142.56
C SER G 55 75.64 23.37 142.83
N ILE G 56 76.69 23.59 143.64
CA ILE G 56 77.20 24.94 143.85
C ILE G 56 77.64 25.54 142.52
N TYR G 57 78.27 24.72 141.67
CA TYR G 57 78.70 25.20 140.37
C TYR G 57 77.51 25.62 139.51
N THR G 58 76.37 24.95 139.70
CA THR G 58 75.20 25.27 138.89
C THR G 58 74.58 26.61 139.31
N VAL G 59 74.31 26.78 140.60
CA VAL G 59 73.69 28.02 141.07
C VAL G 59 74.61 29.20 140.83
N GLY G 60 75.93 28.97 140.83
CA GLY G 60 76.84 30.04 140.48
C GLY G 60 76.72 30.44 139.02
N ALA G 61 76.64 29.45 138.13
CA ALA G 61 76.44 29.74 136.72
C ALA G 61 75.10 30.41 136.49
N ALA G 62 74.09 30.06 137.29
CA ALA G 62 72.79 30.73 137.19
C ALA G 62 72.91 32.21 137.56
N ALA G 63 73.68 32.51 138.61
CA ALA G 63 73.89 33.90 138.98
C ALA G 63 74.69 34.65 137.91
N SER G 64 75.65 33.95 137.28
CA SER G 64 76.40 34.58 136.19
C SER G 64 75.48 34.90 135.02
N ALA G 65 74.62 33.96 134.64
CA ALA G 65 73.67 34.21 133.57
C ALA G 65 72.70 35.32 133.95
N ALA G 66 72.30 35.35 135.23
CA ALA G 66 71.44 36.44 135.70
C ALA G 66 72.13 37.79 135.59
N ARG G 67 73.44 37.81 135.82
CA ARG G 67 74.20 39.05 135.64
C ARG G 67 74.20 39.49 134.18
N ALA G 68 74.46 38.54 133.27
CA ALA G 68 74.43 38.88 131.85
C ALA G 68 73.03 39.25 131.41
N ARG G 69 72.01 38.61 131.99
CA ARG G 69 70.64 38.94 131.63
C ARG G 69 70.27 40.34 132.10
N ALA G 70 70.73 40.74 133.29
CA ALA G 70 70.48 42.09 133.77
C ALA G 70 71.15 43.12 132.86
N ASN G 71 72.32 42.78 132.32
CA ASN G 71 72.99 43.68 131.40
C ASN G 71 72.22 43.84 130.10
N HIS G 72 71.67 42.73 129.58
CA HIS G 72 70.88 42.81 128.36
C HIS G 72 69.54 43.48 128.59
N ASN G 73 69.04 43.46 129.82
CA ASN G 73 67.75 44.04 130.15
C ASN G 73 67.67 45.54 129.93
N ALA G 74 68.80 46.20 129.62
CA ALA G 74 68.77 47.63 129.39
C ALA G 74 67.91 47.98 128.19
N ASN G 75 67.93 47.14 127.15
CA ASN G 75 67.17 47.41 125.93
C ASN G 75 65.91 46.55 125.81
N THR G 76 65.73 45.56 126.67
CA THR G 76 64.58 44.68 126.56
C THR G 76 63.30 45.41 127.00
N ILE G 77 62.18 44.72 126.81
CA ILE G 77 60.87 45.23 127.19
C ILE G 77 60.37 44.47 128.41
N ARG G 78 59.78 45.19 129.36
CA ARG G 78 59.29 44.57 130.58
C ARG G 78 58.18 43.58 130.26
N ARG G 79 58.35 42.33 130.70
CA ARG G 79 57.38 41.29 130.45
C ARG G 79 56.19 41.41 131.39
N THR G 80 55.05 40.90 130.95
CA THR G 80 53.82 40.93 131.72
C THR G 80 53.29 39.51 131.90
N ALA G 81 52.11 39.41 132.51
CA ALA G 81 51.50 38.12 132.78
C ALA G 81 50.88 37.55 131.51
N MET G 82 51.19 36.29 131.22
CA MET G 82 50.68 35.61 130.03
C MET G 82 49.36 34.89 130.28
N PHE G 83 48.77 35.04 131.46
CA PHE G 83 47.51 34.39 131.80
C PHE G 83 46.51 35.42 132.29
N ALA G 84 45.24 35.02 132.29
CA ALA G 84 44.16 35.88 132.74
C ALA G 84 44.01 35.74 134.26
N GLU G 85 42.94 36.33 134.80
CA GLU G 85 42.56 36.28 136.21
C GLU G 85 43.61 36.88 137.13
N THR G 86 44.67 37.46 136.59
CA THR G 86 45.75 38.03 137.38
C THR G 86 45.68 39.55 137.22
N ASP G 87 44.90 40.19 138.07
CA ASP G 87 44.68 41.63 137.98
C ASP G 87 44.30 42.16 139.34
N PRO G 88 44.74 43.35 139.73
CA PRO G 88 44.35 43.90 141.03
C PRO G 88 42.85 44.10 141.18
N MET G 89 42.24 44.86 140.28
CA MET G 89 40.81 45.12 140.31
C MET G 89 40.20 44.54 139.04
N THR G 90 39.87 43.25 139.09
CA THR G 90 39.19 42.61 137.95
C THR G 90 37.76 43.09 137.78
N TRP G 91 37.19 43.75 138.79
CA TRP G 91 35.79 44.13 138.74
C TRP G 91 35.53 45.21 137.70
N LEU G 92 36.49 46.11 137.49
CA LEU G 92 36.28 47.19 136.54
C LEU G 92 36.16 46.67 135.11
N ARG G 93 37.11 45.86 134.68
CA ARG G 93 37.13 45.34 133.33
C ARG G 93 37.81 43.98 133.36
N PRO G 94 37.53 43.11 132.38
CA PRO G 94 38.17 41.80 132.36
C PRO G 94 39.68 41.88 132.12
N THR G 95 40.35 40.72 132.15
CA THR G 95 41.80 40.67 132.04
C THR G 95 42.20 39.52 131.14
N VAL G 96 43.20 39.74 130.30
CA VAL G 96 43.71 38.73 129.38
C VAL G 96 45.21 38.62 129.55
N GLY G 97 45.77 37.53 129.03
CA GLY G 97 47.20 37.33 129.00
C GLY G 97 47.83 37.98 127.78
N LEU G 98 49.01 37.49 127.42
CA LEU G 98 49.72 38.00 126.26
C LEU G 98 50.73 36.97 125.79
N LYS G 99 50.75 36.70 124.49
CA LYS G 99 51.71 35.78 123.91
C LYS G 99 53.05 36.49 123.72
N ARG G 100 54.12 35.90 124.24
CA ARG G 100 55.45 36.50 124.16
C ARG G 100 56.07 36.14 122.81
N THR G 101 55.62 36.86 121.78
CA THR G 101 56.06 36.65 120.41
C THR G 101 56.61 37.93 119.81
N PHE G 102 57.36 38.70 120.61
CA PHE G 102 57.92 39.96 120.18
C PHE G 102 59.44 39.88 120.16
N ASN G 103 60.06 41.02 119.85
CA ASN G 103 61.49 41.19 119.96
C ASN G 103 61.80 42.21 121.04
N PRO G 104 62.71 41.90 121.97
CA PRO G 104 63.04 42.86 123.03
C PRO G 104 63.73 44.13 122.54
N ARG G 105 64.14 44.18 121.27
CA ARG G 105 64.78 45.38 120.75
C ARG G 105 63.82 46.56 120.81
N ILE G 106 64.34 47.73 121.19
CA ILE G 106 63.54 48.93 121.36
C ILE G 106 64.02 50.05 120.45
N ILE G 107 65.27 50.46 120.58
CA ILE G 107 65.80 51.55 119.78
C ILE G 107 67.32 51.42 119.64
N ILE H 19 -64.08 -2.30 54.61
CA ILE H 19 -64.82 -1.87 53.45
C ILE H 19 -65.67 -3.03 52.91
N ALA H 20 -66.92 -2.74 52.58
CA ALA H 20 -67.82 -3.75 52.04
C ALA H 20 -67.23 -4.36 50.78
N GLY H 21 -67.31 -5.69 50.69
CA GLY H 21 -66.61 -6.43 49.67
C GLY H 21 -65.64 -7.40 50.30
N LEU H 22 -65.95 -7.82 51.52
CA LEU H 22 -65.12 -8.81 52.20
C LEU H 22 -65.18 -10.16 51.48
N PHE H 23 -66.28 -10.42 50.78
CA PHE H 23 -66.39 -11.54 49.87
C PHE H 23 -65.99 -11.07 48.47
N ASN H 24 -66.18 -11.92 47.47
CA ASN H 24 -66.02 -11.48 46.10
C ASN H 24 -67.31 -10.85 45.59
N ILE H 25 -67.26 -10.30 44.38
CA ILE H 25 -68.42 -9.65 43.78
C ILE H 25 -69.43 -10.69 43.30
N PRO H 26 -69.07 -11.63 42.40
CA PRO H 26 -70.09 -12.54 41.85
C PRO H 26 -70.66 -13.49 42.88
N ALA H 27 -69.79 -14.23 43.56
CA ALA H 27 -70.19 -15.24 44.54
C ALA H 27 -71.23 -16.19 43.96
N GLY H 28 -70.81 -16.90 42.93
CA GLY H 28 -71.72 -17.83 42.27
C GLY H 28 -72.20 -18.90 43.21
N ILE H 29 -73.45 -18.78 43.67
CA ILE H 29 -74.10 -19.74 44.55
C ILE H 29 -75.59 -19.74 44.23
N ILE H 30 -76.32 -20.64 44.88
CA ILE H 30 -77.75 -20.74 44.67
C ILE H 30 -78.42 -19.51 45.25
N PRO H 31 -79.14 -18.73 44.44
CA PRO H 31 -79.80 -17.53 44.97
C PRO H 31 -80.94 -17.91 45.90
N THR H 32 -81.05 -17.17 47.01
CA THR H 32 -82.13 -17.42 47.95
C THR H 32 -83.49 -17.09 47.32
N GLY H 33 -83.54 -16.05 46.50
CA GLY H 33 -84.78 -15.65 45.86
C GLY H 33 -84.61 -15.10 44.46
N ASN H 34 -85.63 -14.41 43.97
CA ASN H 34 -85.67 -13.99 42.57
C ASN H 34 -86.29 -12.60 42.52
N VAL H 35 -85.45 -11.58 42.30
CA VAL H 35 -85.93 -10.20 42.35
C VAL H 35 -86.75 -9.90 41.09
N LEU H 36 -87.84 -9.17 41.28
CA LEU H 36 -88.76 -8.82 40.22
C LEU H 36 -88.54 -7.36 39.81
N SER H 37 -89.42 -6.86 38.94
CA SER H 37 -89.43 -5.47 38.47
C SER H 37 -88.07 -5.10 37.84
N THR H 38 -87.78 -5.78 36.74
CA THR H 38 -86.54 -5.53 36.01
C THR H 38 -86.59 -4.14 35.40
N ILE H 39 -85.87 -3.20 36.01
CA ILE H 39 -85.78 -1.83 35.54
C ILE H 39 -84.31 -1.46 35.41
N GLU H 40 -84.07 -0.24 34.94
CA GLU H 40 -82.70 0.27 34.78
C GLU H 40 -82.18 0.68 36.15
N VAL H 41 -81.13 -0.01 36.60
CA VAL H 41 -80.60 0.23 37.94
C VAL H 41 -79.65 1.42 37.96
N CYS H 42 -79.02 1.73 36.83
CA CYS H 42 -77.96 2.73 36.80
C CYS H 42 -78.45 4.14 37.12
N ALA H 43 -79.77 4.36 37.14
CA ALA H 43 -80.28 5.66 37.58
C ALA H 43 -80.01 5.87 39.06
N HIS H 44 -80.34 4.87 39.88
CA HIS H 44 -80.16 4.95 41.33
C HIS H 44 -78.84 4.28 41.69
N ARG H 45 -77.74 4.98 41.42
CA ARG H 45 -76.43 4.46 41.79
C ARG H 45 -76.17 4.62 43.28
N CYS H 46 -76.36 5.84 43.81
CA CYS H 46 -76.04 6.13 45.20
C CYS H 46 -77.26 5.89 46.08
N ILE H 47 -77.83 4.70 45.93
CA ILE H 47 -78.73 4.15 46.94
C ILE H 47 -78.16 2.93 47.62
N PHE H 48 -77.15 2.28 47.03
CA PHE H 48 -76.40 1.21 47.66
C PHE H 48 -74.93 1.56 47.49
N ASP H 49 -74.12 1.23 48.51
CA ASP H 49 -72.77 1.79 48.61
C ASP H 49 -71.92 1.54 47.37
N PHE H 50 -71.72 0.28 46.99
CA PHE H 50 -70.82 -0.08 45.92
C PHE H 50 -71.59 -0.50 44.68
N PHE H 51 -71.20 0.02 43.52
CA PHE H 51 -71.80 -0.37 42.26
C PHE H 51 -70.72 -0.53 41.20
N LYS H 52 -70.89 -1.53 40.34
CA LYS H 52 -70.04 -1.75 39.18
C LYS H 52 -70.90 -2.25 38.05
N GLN H 53 -70.49 -1.94 36.81
CA GLN H 53 -71.24 -2.35 35.62
C GLN H 53 -70.24 -2.69 34.53
N ILE H 54 -70.20 -3.96 34.13
CA ILE H 54 -69.39 -4.42 33.02
C ILE H 54 -70.27 -4.48 31.78
N ARG H 55 -69.73 -4.04 30.64
CA ARG H 55 -70.55 -3.94 29.43
C ARG H 55 -70.70 -5.30 28.75
N SER H 56 -69.60 -5.86 28.27
CA SER H 56 -69.61 -7.17 27.61
C SER H 56 -69.09 -8.26 28.55
N ASP H 57 -67.86 -8.10 29.00
CA ASP H 57 -67.19 -8.98 29.94
C ASP H 57 -65.87 -8.35 30.31
N ASP H 58 -65.35 -8.71 31.49
CA ASP H 58 -64.20 -8.00 32.06
C ASP H 58 -63.38 -8.99 32.87
N ASN H 59 -62.18 -8.58 33.22
CA ASN H 59 -61.33 -9.39 34.08
C ASN H 59 -61.88 -9.32 35.50
N SER H 60 -61.10 -9.80 36.47
CA SER H 60 -61.49 -9.75 37.89
C SER H 60 -62.74 -10.58 38.15
N LEU H 61 -63.21 -11.31 37.15
CA LEU H 61 -64.23 -12.32 37.34
C LEU H 61 -63.67 -13.71 37.47
N TYR H 62 -62.41 -13.91 37.07
CA TYR H 62 -61.75 -15.22 37.14
C TYR H 62 -60.52 -15.18 38.03
N SER H 63 -60.40 -14.16 38.88
CA SER H 63 -59.28 -14.05 39.79
C SER H 63 -59.45 -15.00 40.98
N ALA H 64 -58.35 -15.65 41.36
CA ALA H 64 -58.33 -16.56 42.50
C ALA H 64 -57.14 -16.20 43.39
N GLN H 65 -57.41 -16.08 44.69
CA GLN H 65 -56.38 -15.69 45.64
C GLN H 65 -56.84 -16.00 47.06
N PHE H 66 -55.99 -16.68 47.84
CA PHE H 66 -56.39 -17.12 49.16
C PHE H 66 -55.16 -17.30 50.03
N ASP H 67 -55.39 -17.39 51.33
CA ASP H 67 -54.37 -17.71 52.31
C ASP H 67 -54.65 -19.08 52.91
N ILE H 68 -53.60 -19.72 53.40
CA ILE H 68 -53.70 -21.10 53.88
C ILE H 68 -52.94 -21.23 55.19
N LEU H 69 -53.48 -22.03 56.10
CA LEU H 69 -52.80 -22.40 57.33
C LEU H 69 -52.13 -23.75 57.15
N LEU H 70 -50.89 -23.87 57.63
CA LEU H 70 -50.08 -25.05 57.37
C LEU H 70 -50.03 -26.02 58.54
N GLY H 71 -50.81 -25.79 59.58
CA GLY H 71 -50.90 -26.72 60.69
C GLY H 71 -50.31 -26.14 61.97
N THR H 72 -50.57 -26.83 63.06
CA THR H 72 -50.11 -26.44 64.38
C THR H 72 -49.19 -27.50 64.94
N TYR H 73 -48.46 -27.13 66.00
CA TYR H 73 -47.54 -28.04 66.67
C TYR H 73 -47.56 -27.74 68.15
N CYS H 74 -47.66 -28.80 68.95
CA CYS H 74 -47.69 -28.68 70.41
C CYS H 74 -46.70 -29.67 71.01
N ASN H 75 -46.58 -29.61 72.34
CA ASN H 75 -45.71 -30.51 73.08
C ASN H 75 -46.45 -31.03 74.30
N THR H 76 -45.95 -32.14 74.83
CA THR H 76 -46.52 -32.78 76.01
C THR H 76 -45.40 -33.11 76.98
N LEU H 77 -45.41 -32.46 78.14
CA LEU H 77 -44.37 -32.70 79.13
C LEU H 77 -44.56 -34.07 79.79
N ASN H 78 -43.50 -34.56 80.38
CA ASN H 78 -43.52 -35.80 81.13
C ASN H 78 -43.56 -35.50 82.63
N PHE H 79 -43.78 -36.56 83.42
CA PHE H 79 -43.88 -36.44 84.86
C PHE H 79 -42.81 -37.29 85.52
N VAL H 80 -42.21 -36.77 86.59
CA VAL H 80 -41.17 -37.47 87.33
C VAL H 80 -41.73 -37.91 88.67
N ARG H 81 -41.20 -39.02 89.17
CA ARG H 81 -41.57 -39.54 90.48
C ARG H 81 -40.32 -39.66 91.34
N PHE H 82 -40.48 -39.37 92.63
CA PHE H 82 -39.32 -39.34 93.53
C PHE H 82 -38.72 -40.73 93.70
N LEU H 83 -39.56 -41.76 93.82
CA LEU H 83 -39.04 -43.10 94.06
C LEU H 83 -38.25 -43.62 92.86
N GLU H 84 -38.57 -43.14 91.66
CA GLU H 84 -37.85 -43.60 90.48
C GLU H 84 -36.43 -43.08 90.41
N LEU H 85 -36.11 -42.01 91.14
CA LEU H 85 -34.77 -41.46 91.14
C LEU H 85 -33.89 -42.21 92.15
N GLY H 86 -32.60 -42.22 91.86
CA GLY H 86 -31.65 -42.83 92.78
C GLY H 86 -31.43 -42.06 94.06
N LEU H 87 -31.97 -40.84 94.15
CA LEU H 87 -31.84 -40.05 95.37
C LEU H 87 -32.68 -40.61 96.51
N SER H 88 -33.62 -41.51 96.21
CA SER H 88 -34.48 -42.07 97.23
C SER H 88 -33.73 -43.01 98.18
N VAL H 89 -32.51 -43.41 97.83
CA VAL H 89 -31.75 -44.33 98.68
C VAL H 89 -30.89 -43.50 99.63
N ALA H 90 -31.19 -42.21 99.73
CA ALA H 90 -30.52 -41.35 100.70
C ALA H 90 -31.34 -41.11 101.96
N CYS H 91 -32.60 -41.50 101.97
CA CYS H 91 -33.45 -41.28 103.14
C CYS H 91 -34.56 -42.33 103.13
N ILE H 92 -35.32 -42.37 104.23
CA ILE H 92 -36.47 -43.24 104.36
C ILE H 92 -37.70 -42.35 104.51
N CYS H 93 -38.51 -42.26 103.47
CA CYS H 93 -39.70 -41.42 103.49
C CYS H 93 -40.89 -42.21 104.04
N THR H 94 -41.81 -41.48 104.65
CA THR H 94 -43.01 -42.07 105.21
C THR H 94 -44.10 -41.01 105.27
N LYS H 95 -45.33 -41.45 105.46
CA LYS H 95 -46.51 -40.59 105.42
C LYS H 95 -47.10 -40.50 106.81
N PHE H 96 -47.36 -39.27 107.26
CA PHE H 96 -47.95 -39.02 108.57
C PHE H 96 -49.07 -38.00 108.40
N PRO H 97 -50.34 -38.43 108.40
CA PRO H 97 -51.41 -37.47 108.12
C PRO H 97 -51.58 -36.42 109.21
N GLU H 98 -51.41 -36.79 110.48
CA GLU H 98 -51.57 -35.85 111.58
C GLU H 98 -50.26 -35.11 111.87
N LEU H 99 -49.67 -34.52 110.83
CA LEU H 99 -48.41 -33.81 110.99
C LEU H 99 -48.60 -32.41 111.56
N ALA H 100 -49.83 -31.88 111.53
CA ALA H 100 -50.06 -30.53 112.03
C ALA H 100 -50.02 -30.44 113.55
N TYR H 101 -49.91 -31.57 114.26
CA TYR H 101 -49.86 -31.60 115.72
C TYR H 101 -48.69 -32.50 116.13
N VAL H 102 -47.50 -31.94 116.20
CA VAL H 102 -46.34 -32.73 116.63
C VAL H 102 -45.63 -32.06 117.80
N ARG H 103 -45.42 -30.76 117.72
CA ARG H 103 -44.71 -29.95 118.71
C ARG H 103 -43.42 -30.65 119.18
N ASP H 104 -42.48 -30.73 118.23
CA ASP H 104 -41.10 -31.16 118.50
C ASP H 104 -41.05 -32.61 119.00
N GLY H 105 -41.41 -33.53 118.10
CA GLY H 105 -41.15 -34.94 118.32
C GLY H 105 -39.69 -35.23 118.60
N VAL H 106 -39.37 -36.44 119.06
CA VAL H 106 -38.04 -36.72 119.59
C VAL H 106 -37.65 -38.14 119.19
N ILE H 107 -36.33 -38.38 119.13
CA ILE H 107 -35.79 -39.71 118.89
C ILE H 107 -34.48 -39.82 119.66
N GLN H 108 -34.26 -40.96 120.31
CA GLN H 108 -33.11 -41.14 121.19
C GLN H 108 -32.31 -42.38 120.80
N PHE H 109 -31.06 -42.40 121.25
CA PHE H 109 -30.10 -43.46 120.94
C PHE H 109 -29.62 -44.11 122.22
N GLU H 110 -28.76 -45.12 122.06
CA GLU H 110 -28.12 -45.78 123.20
C GLU H 110 -26.91 -46.54 122.66
N VAL H 111 -25.72 -46.20 123.15
CA VAL H 111 -24.47 -46.76 122.64
C VAL H 111 -23.57 -47.13 123.81
N GLN H 112 -23.09 -48.37 123.81
CA GLN H 112 -22.12 -48.85 124.79
C GLN H 112 -20.74 -48.93 124.15
N GLN H 113 -19.72 -48.91 125.00
CA GLN H 113 -18.34 -48.95 124.56
C GLN H 113 -17.60 -50.08 125.25
N PRO H 114 -16.76 -50.81 124.53
CA PRO H 114 -15.93 -51.84 125.17
C PRO H 114 -14.71 -51.22 125.83
N MET H 115 -13.99 -52.05 126.58
CA MET H 115 -12.79 -51.62 127.28
C MET H 115 -11.74 -52.73 127.22
N ILE H 116 -10.57 -52.43 127.79
CA ILE H 116 -9.40 -53.29 127.69
C ILE H 116 -8.81 -53.48 129.07
N ALA H 117 -8.34 -54.70 129.36
CA ALA H 117 -7.76 -55.03 130.65
C ALA H 117 -6.25 -54.92 130.58
N ARG H 118 -5.69 -53.93 131.27
CA ARG H 118 -4.26 -53.74 131.35
C ARG H 118 -3.88 -53.42 132.79
N ASP H 119 -2.67 -53.82 133.17
CA ASP H 119 -2.19 -53.64 134.54
C ASP H 119 -0.87 -52.89 134.53
N GLY H 120 -0.50 -52.39 135.71
CA GLY H 120 0.70 -51.62 135.87
C GLY H 120 0.44 -50.31 136.58
N PRO H 121 1.21 -49.28 136.23
CA PRO H 121 1.06 -47.95 136.83
C PRO H 121 -0.02 -47.10 136.16
N HIS H 122 -1.20 -47.68 135.97
CA HIS H 122 -2.31 -47.00 135.34
C HIS H 122 -3.58 -47.18 136.15
N PRO H 123 -4.46 -46.18 136.16
CA PRO H 123 -5.76 -46.36 136.82
C PRO H 123 -6.60 -47.38 136.08
N VAL H 124 -7.24 -48.26 136.84
CA VAL H 124 -8.05 -49.33 136.24
C VAL H 124 -9.29 -48.72 135.60
N ASP H 125 -9.66 -49.25 134.43
CA ASP H 125 -10.75 -48.69 133.65
C ASP H 125 -12.11 -49.06 134.26
N GLN H 126 -13.17 -48.68 133.55
CA GLN H 126 -14.54 -48.92 133.96
C GLN H 126 -15.41 -48.81 132.72
N PRO H 127 -16.33 -49.74 132.50
CA PRO H 127 -17.14 -49.69 131.29
C PRO H 127 -18.07 -48.48 131.30
N VAL H 128 -18.32 -47.93 130.11
CA VAL H 128 -19.08 -46.70 129.97
C VAL H 128 -20.26 -46.93 129.05
N HIS H 129 -21.28 -46.09 129.19
CA HIS H 129 -22.45 -46.10 128.33
C HIS H 129 -22.82 -44.65 128.00
N ASN H 130 -23.58 -44.48 126.92
CA ASN H 130 -23.94 -43.15 126.45
C ASN H 130 -25.44 -43.09 126.17
N TYR H 131 -25.96 -41.86 126.12
CA TYR H 131 -27.36 -41.61 125.85
C TYR H 131 -27.47 -40.35 125.04
N MET H 132 -28.23 -40.39 123.95
CA MET H 132 -28.38 -39.26 123.06
C MET H 132 -29.85 -38.94 122.85
N VAL H 133 -30.10 -37.81 122.19
CA VAL H 133 -31.46 -37.32 122.00
C VAL H 133 -31.42 -36.29 120.88
N LYS H 134 -32.44 -36.32 120.02
CA LYS H 134 -32.52 -35.43 118.87
C LYS H 134 -33.97 -35.06 118.61
N ARG H 135 -34.17 -33.86 118.08
CA ARG H 135 -35.49 -33.33 117.77
C ARG H 135 -35.70 -33.31 116.25
N ILE H 136 -36.87 -32.84 115.84
CA ILE H 136 -37.29 -32.88 114.46
C ILE H 136 -37.18 -31.47 113.88
N HIS H 137 -37.32 -31.36 112.56
CA HIS H 137 -37.37 -30.05 111.93
C HIS H 137 -38.50 -30.01 110.91
N LYS H 138 -39.37 -29.01 111.04
CA LYS H 138 -40.55 -28.89 110.18
C LYS H 138 -40.32 -27.82 109.12
N ARG H 139 -40.82 -28.10 107.92
CA ARG H 139 -40.77 -27.14 106.81
C ARG H 139 -41.91 -27.46 105.84
N SER H 140 -42.46 -26.43 105.21
CA SER H 140 -43.62 -26.59 104.34
C SER H 140 -43.24 -26.34 102.88
N LEU H 141 -44.12 -26.78 101.99
CA LEU H 141 -44.03 -26.52 100.56
C LEU H 141 -45.32 -25.89 100.09
N SER H 142 -45.23 -25.01 99.09
CA SER H 142 -46.39 -24.27 98.62
C SER H 142 -46.30 -24.08 97.10
N ALA H 143 -47.48 -24.01 96.48
CA ALA H 143 -47.59 -23.76 95.05
C ALA H 143 -48.88 -23.01 94.79
N ALA H 144 -48.93 -22.31 93.64
CA ALA H 144 -50.06 -21.48 93.29
C ALA H 144 -50.70 -21.95 91.99
N PHE H 145 -51.94 -21.51 91.77
CA PHE H 145 -52.68 -21.89 90.57
C PHE H 145 -53.84 -20.92 90.39
N ALA H 146 -53.88 -20.25 89.24
CA ALA H 146 -54.84 -19.16 89.03
C ALA H 146 -55.97 -19.57 88.11
N ILE H 147 -57.10 -18.88 88.25
CA ILE H 147 -58.24 -19.02 87.36
C ILE H 147 -58.78 -17.62 87.09
N ALA H 148 -59.31 -17.41 85.88
CA ALA H 148 -59.61 -16.07 85.41
C ALA H 148 -61.09 -15.72 85.58
N SER H 149 -61.39 -14.44 85.35
CA SER H 149 -62.74 -13.92 85.57
C SER H 149 -63.74 -14.46 84.54
N GLU H 150 -63.45 -14.26 83.25
CA GLU H 150 -64.34 -14.75 82.21
C GLU H 150 -64.44 -16.26 82.21
N ALA H 151 -63.34 -16.96 82.47
CA ALA H 151 -63.39 -18.41 82.62
C ALA H 151 -64.29 -18.81 83.78
N LEU H 152 -64.14 -18.17 84.93
CA LEU H 152 -64.99 -18.47 86.08
C LEU H 152 -66.47 -18.23 85.74
N SER H 153 -66.76 -17.13 85.04
CA SER H 153 -68.13 -16.86 84.65
C SER H 153 -68.66 -17.91 83.68
N LEU H 154 -67.79 -18.41 82.79
CA LEU H 154 -68.22 -19.46 81.86
C LEU H 154 -68.49 -20.78 82.56
N LEU H 155 -67.88 -21.01 83.72
CA LEU H 155 -68.11 -22.24 84.46
C LEU H 155 -69.25 -22.14 85.45
N SER H 156 -69.54 -20.92 85.94
CA SER H 156 -70.58 -20.74 86.94
C SER H 156 -71.98 -20.63 86.34
N ASN H 157 -72.19 -21.10 85.12
CA ASN H 157 -73.50 -20.96 84.50
C ASN H 157 -74.50 -21.97 85.05
N THR H 158 -74.12 -23.25 85.12
CA THR H 158 -74.91 -24.28 85.78
C THR H 158 -76.31 -24.42 85.20
N TYR H 159 -76.39 -24.89 83.94
CA TYR H 159 -77.65 -25.30 83.33
C TYR H 159 -78.58 -24.11 83.05
N VAL H 160 -77.99 -23.00 82.61
CA VAL H 160 -78.76 -21.86 82.13
C VAL H 160 -78.30 -21.60 80.70
N ASP H 161 -77.93 -22.68 80.01
CA ASP H 161 -77.39 -22.61 78.66
C ASP H 161 -77.80 -23.87 77.91
N GLY H 162 -77.12 -24.14 76.80
CA GLY H 162 -77.49 -25.24 75.95
C GLY H 162 -77.29 -24.91 74.47
N THR H 163 -76.73 -23.74 74.20
CA THR H 163 -76.35 -23.38 72.84
C THR H 163 -75.00 -24.04 72.52
N GLU H 164 -74.38 -23.63 71.41
CA GLU H 164 -73.18 -24.29 70.91
C GLU H 164 -71.95 -23.40 71.01
N ILE H 165 -72.08 -22.12 70.66
CA ILE H 165 -70.94 -21.21 70.66
C ILE H 165 -70.44 -21.00 72.08
N ASP H 166 -71.37 -20.95 73.03
CA ASP H 166 -70.99 -20.85 74.44
C ASP H 166 -70.41 -22.17 74.94
N SER H 167 -70.91 -23.27 74.39
CA SER H 167 -70.41 -24.59 74.79
C SER H 167 -68.95 -24.74 74.38
N SER H 168 -68.57 -24.19 73.22
CA SER H 168 -67.18 -24.26 72.80
C SER H 168 -66.27 -23.55 73.79
N LEU H 169 -66.66 -22.34 74.20
CA LEU H 169 -65.87 -21.59 75.16
C LEU H 169 -65.82 -22.29 76.52
N ARG H 170 -66.93 -22.89 76.95
CA ARG H 170 -66.90 -23.66 78.18
C ARG H 170 -65.94 -24.84 78.08
N ILE H 171 -65.92 -25.51 76.94
CA ILE H 171 -65.01 -26.63 76.75
C ILE H 171 -63.57 -26.17 76.84
N ARG H 172 -63.24 -25.06 76.17
CA ARG H 172 -61.87 -24.56 76.22
C ARG H 172 -61.50 -24.10 77.64
N ALA H 173 -62.44 -23.52 78.38
CA ALA H 173 -62.16 -23.11 79.74
C ALA H 173 -61.85 -24.30 80.63
N ILE H 174 -62.65 -25.38 80.49
CA ILE H 174 -62.37 -26.58 81.24
C ILE H 174 -61.03 -27.19 80.85
N GLN H 175 -60.70 -27.17 79.56
CA GLN H 175 -59.43 -27.73 79.11
C GLN H 175 -58.24 -26.95 79.65
N GLN H 176 -58.37 -25.63 79.79
CA GLN H 176 -57.28 -24.85 80.37
C GLN H 176 -56.97 -25.30 81.80
N MET H 177 -58.00 -25.45 82.63
CA MET H 177 -57.79 -25.95 83.99
C MET H 177 -57.27 -27.38 84.00
N ALA H 178 -57.76 -28.22 83.09
CA ALA H 178 -57.23 -29.58 83.00
C ALA H 178 -55.75 -29.59 82.68
N ARG H 179 -55.30 -28.64 81.87
CA ARG H 179 -53.87 -28.56 81.55
C ARG H 179 -53.06 -27.96 82.69
N ASN H 180 -53.64 -27.03 83.44
CA ASN H 180 -52.91 -26.38 84.51
C ASN H 180 -52.72 -27.29 85.72
N LEU H 181 -53.80 -27.96 86.14
CA LEU H 181 -53.72 -28.79 87.34
C LEU H 181 -52.75 -29.95 87.17
N ARG H 182 -52.63 -30.48 85.96
CA ARG H 182 -51.71 -31.60 85.74
C ARG H 182 -50.27 -31.21 85.99
N THR H 183 -49.92 -29.93 85.82
CA THR H 183 -48.59 -29.46 86.15
C THR H 183 -48.49 -29.02 87.61
N VAL H 184 -49.54 -28.40 88.15
CA VAL H 184 -49.50 -27.98 89.55
C VAL H 184 -49.32 -29.19 90.45
N LEU H 185 -49.91 -30.34 90.08
CA LEU H 185 -49.77 -31.53 90.91
C LEU H 185 -48.36 -32.10 90.82
N ASP H 186 -47.82 -32.19 89.61
CA ASP H 186 -46.46 -32.68 89.41
C ASP H 186 -45.41 -31.79 90.07
N SER H 187 -45.72 -30.51 90.27
CA SER H 187 -44.81 -29.59 90.93
C SER H 187 -44.34 -30.09 92.29
N PHE H 188 -45.23 -30.65 93.11
CA PHE H 188 -44.83 -31.11 94.43
C PHE H 188 -43.95 -32.35 94.35
N GLU H 189 -44.32 -33.29 93.47
CA GLU H 189 -43.51 -34.48 93.28
C GLU H 189 -42.11 -34.12 92.80
N ARG H 190 -41.99 -33.01 92.07
CA ARG H 190 -40.67 -32.55 91.65
C ARG H 190 -39.94 -31.79 92.76
N GLY H 191 -40.68 -31.03 93.57
CA GLY H 191 -40.05 -30.21 94.61
C GLY H 191 -39.65 -30.99 95.84
N THR H 192 -40.14 -32.22 95.99
CA THR H 192 -39.61 -33.08 97.05
C THR H 192 -38.10 -33.27 96.89
N ALA H 193 -37.66 -33.54 95.66
CA ALA H 193 -36.24 -33.69 95.38
C ALA H 193 -35.47 -32.38 95.42
N ASP H 194 -36.17 -31.24 95.54
CA ASP H 194 -35.50 -29.97 95.78
C ASP H 194 -35.38 -29.66 97.27
N GLN H 195 -36.37 -30.05 98.06
CA GLN H 195 -36.21 -30.07 99.52
C GLN H 195 -35.02 -30.93 99.90
N LEU H 196 -35.04 -32.20 99.50
CA LEU H 196 -33.82 -32.99 99.52
C LEU H 196 -32.84 -32.38 98.50
N LEU H 197 -31.57 -32.74 98.63
CA LEU H 197 -30.51 -32.10 97.85
C LEU H 197 -30.54 -30.59 98.09
N GLY H 198 -30.23 -30.23 99.32
CA GLY H 198 -30.37 -28.87 99.80
C GLY H 198 -30.77 -28.88 101.24
N VAL H 199 -31.34 -30.01 101.70
CA VAL H 199 -31.39 -30.28 103.12
C VAL H 199 -30.05 -30.90 103.54
N LEU H 200 -29.29 -31.40 102.55
CA LEU H 200 -28.05 -32.09 102.84
C LEU H 200 -26.83 -31.20 102.70
N LEU H 201 -26.96 -30.05 102.04
CA LEU H 201 -25.80 -29.22 101.79
C LEU H 201 -25.33 -28.50 103.05
N GLU H 202 -26.27 -28.10 103.91
CA GLU H 202 -25.92 -27.55 105.22
C GLU H 202 -25.64 -28.63 106.25
N LYS H 203 -25.59 -29.89 105.82
CA LYS H 203 -25.27 -31.00 106.70
C LYS H 203 -23.94 -31.66 106.36
N ALA H 204 -23.50 -31.56 105.10
CA ALA H 204 -22.24 -32.14 104.68
C ALA H 204 -21.09 -31.18 104.95
N PRO H 205 -20.08 -31.58 105.72
CA PRO H 205 -18.92 -30.71 105.92
C PRO H 205 -17.89 -30.93 104.82
N PRO H 206 -16.88 -30.07 104.71
CA PRO H 206 -15.89 -30.21 103.64
C PRO H 206 -14.99 -31.43 103.84
N LEU H 207 -14.64 -32.05 102.71
CA LEU H 207 -13.83 -33.25 102.73
C LEU H 207 -12.40 -32.97 103.18
N SER H 208 -11.82 -31.85 102.75
CA SER H 208 -10.47 -31.50 103.15
C SER H 208 -10.33 -31.44 104.67
N LEU H 209 -11.38 -31.05 105.37
CA LEU H 209 -11.36 -31.07 106.83
C LEU H 209 -11.74 -32.43 107.40
N LEU H 210 -12.73 -33.10 106.80
CA LEU H 210 -13.22 -34.34 107.38
C LEU H 210 -12.23 -35.49 107.26
N SER H 211 -11.33 -35.44 106.27
CA SER H 211 -10.45 -36.60 106.04
C SER H 211 -9.41 -36.76 107.14
N PRO H 212 -8.52 -35.80 107.41
CA PRO H 212 -7.48 -36.06 108.42
C PRO H 212 -8.01 -36.09 109.84
N ILE H 213 -9.08 -35.36 110.14
CA ILE H 213 -9.70 -35.45 111.46
C ILE H 213 -10.15 -36.88 111.72
N ASN H 214 -10.77 -37.50 110.71
CA ASN H 214 -11.10 -38.92 110.79
C ASN H 214 -9.86 -39.79 110.83
N LYS H 215 -8.77 -39.36 110.18
CA LYS H 215 -7.57 -40.18 110.15
C LYS H 215 -6.87 -40.22 111.50
N PHE H 216 -7.03 -39.18 112.30
CA PHE H 216 -6.39 -39.08 113.61
C PHE H 216 -7.44 -39.24 114.70
N GLN H 217 -7.49 -40.41 115.33
CA GLN H 217 -8.42 -40.68 116.42
C GLN H 217 -7.78 -41.57 117.49
N PRO H 218 -6.72 -41.09 118.15
CA PRO H 218 -6.12 -41.91 119.22
C PRO H 218 -7.05 -42.10 120.40
N GLU H 219 -7.63 -41.01 120.92
CA GLU H 219 -8.60 -41.12 122.01
C GLU H 219 -9.78 -40.16 121.84
N GLY H 220 -9.89 -39.48 120.70
CA GLY H 220 -10.95 -38.51 120.51
C GLY H 220 -10.55 -37.10 120.92
N HIS H 221 -10.30 -36.91 122.20
CA HIS H 221 -9.82 -35.63 122.71
C HIS H 221 -8.29 -35.62 122.72
N LEU H 222 -7.72 -34.55 122.21
CA LEU H 222 -6.28 -34.43 122.08
C LEU H 222 -5.74 -33.35 123.01
N ASN H 223 -4.45 -33.45 123.31
CA ASN H 223 -3.77 -32.43 124.10
C ASN H 223 -3.42 -31.25 123.18
N ARG H 224 -2.89 -30.18 123.76
CA ARG H 224 -2.62 -28.98 122.99
C ARG H 224 -1.56 -29.21 121.93
N VAL H 225 -0.53 -30.00 122.25
CA VAL H 225 0.57 -30.20 121.31
C VAL H 225 0.10 -30.97 120.09
N ALA H 226 -0.52 -32.13 120.31
CA ALA H 226 -1.07 -32.90 119.19
C ALA H 226 -2.10 -32.08 118.43
N ARG H 227 -2.88 -31.26 119.13
CA ARG H 227 -3.88 -30.44 118.46
C ARG H 227 -3.23 -29.47 117.49
N ALA H 228 -2.21 -28.72 117.94
CA ALA H 228 -1.54 -27.77 117.07
C ALA H 228 -0.84 -28.48 115.92
N ALA H 229 -0.23 -29.63 116.19
CA ALA H 229 0.41 -30.40 115.13
C ALA H 229 -0.60 -30.82 114.08
N LEU H 230 -1.83 -31.10 114.48
CA LEU H 230 -2.88 -31.45 113.52
C LEU H 230 -3.36 -30.22 112.77
N LEU H 231 -3.47 -29.09 113.46
CA LEU H 231 -4.00 -27.87 112.83
C LEU H 231 -3.06 -27.35 111.75
N SER H 232 -1.76 -27.48 111.95
CA SER H 232 -0.83 -27.06 110.89
C SER H 232 -1.07 -27.88 109.62
N ASP H 233 -1.21 -29.20 109.77
CA ASP H 233 -1.51 -30.05 108.64
C ASP H 233 -2.86 -29.70 108.01
N LEU H 234 -3.84 -29.34 108.84
CA LEU H 234 -5.13 -28.90 108.34
C LEU H 234 -4.96 -27.69 107.42
N LYS H 235 -4.19 -26.70 107.87
CA LYS H 235 -3.95 -25.52 107.05
C LYS H 235 -3.29 -25.89 105.73
N ARG H 236 -2.23 -26.71 105.79
CA ARG H 236 -1.54 -27.09 104.55
C ARG H 236 -2.47 -27.82 103.59
N ARG H 237 -3.28 -28.75 104.11
CA ARG H 237 -4.15 -29.54 103.26
C ARG H 237 -5.25 -28.68 102.64
N VAL H 238 -5.85 -27.79 103.43
CA VAL H 238 -6.91 -26.94 102.88
C VAL H 238 -6.33 -25.94 101.88
N CYS H 239 -5.05 -25.59 102.04
CA CYS H 239 -4.43 -24.68 101.07
C CYS H 239 -4.12 -25.41 99.77
N ALA H 240 -3.66 -26.65 99.85
CA ALA H 240 -3.23 -27.38 98.66
C ALA H 240 -4.38 -28.03 97.89
N ASP H 241 -5.32 -28.67 98.58
CA ASP H 241 -6.35 -29.49 97.94
C ASP H 241 -7.63 -28.68 97.76
N MET H 242 -7.56 -27.68 96.88
CA MET H 242 -8.69 -26.81 96.60
C MET H 242 -9.54 -27.32 95.45
N PHE H 243 -8.95 -27.46 94.27
CA PHE H 243 -9.64 -27.92 93.07
C PHE H 243 -8.96 -29.18 92.57
N PHE H 244 -9.73 -30.26 92.46
CA PHE H 244 -9.18 -31.53 92.01
C PHE H 244 -9.30 -31.71 90.50
N MET H 245 -10.51 -31.55 89.97
CA MET H 245 -10.75 -31.88 88.57
C MET H 245 -10.08 -30.90 87.61
N THR H 246 -9.67 -29.74 88.09
CA THR H 246 -9.00 -28.78 87.20
C THR H 246 -7.48 -28.86 87.34
N ARG H 247 -6.97 -28.79 88.57
CA ARG H 247 -5.53 -28.90 88.78
C ARG H 247 -5.02 -30.26 88.32
N HIS H 248 -5.56 -31.33 88.90
CA HIS H 248 -5.18 -32.69 88.52
C HIS H 248 -6.09 -33.24 87.42
N ALA H 249 -6.18 -32.49 86.31
CA ALA H 249 -7.05 -32.92 85.22
C ALA H 249 -6.40 -33.97 84.34
N ARG H 250 -5.07 -33.96 84.23
CA ARG H 250 -4.39 -34.90 83.35
C ARG H 250 -4.32 -36.30 83.97
N GLU H 251 -3.76 -36.39 85.17
CA GLU H 251 -3.57 -37.68 85.81
C GLU H 251 -4.92 -38.25 86.25
N PRO H 252 -5.27 -39.46 85.85
CA PRO H 252 -6.57 -40.03 86.23
C PRO H 252 -6.55 -40.91 87.47
N ARG H 253 -5.44 -40.99 88.20
CA ARG H 253 -5.36 -41.83 89.39
C ARG H 253 -5.54 -41.07 90.69
N LEU H 254 -5.05 -39.84 90.75
CA LEU H 254 -5.27 -39.03 91.95
C LEU H 254 -6.76 -38.79 92.18
N ILE H 255 -7.53 -38.70 91.10
CA ILE H 255 -8.97 -38.52 91.24
C ILE H 255 -9.61 -39.77 91.85
N SER H 256 -9.18 -40.95 91.40
CA SER H 256 -9.68 -42.19 92.00
C SER H 256 -9.31 -42.28 93.47
N ALA H 257 -8.09 -41.87 93.81
CA ALA H 257 -7.69 -41.87 95.21
C ALA H 257 -8.55 -40.92 96.03
N TYR H 258 -8.80 -39.71 95.51
CA TYR H 258 -9.65 -38.76 96.22
C TYR H 258 -11.06 -39.30 96.41
N LEU H 259 -11.59 -39.99 95.39
CA LEU H 259 -12.94 -40.52 95.50
C LEU H 259 -13.01 -41.66 96.52
N SER H 260 -12.02 -42.55 96.51
CA SER H 260 -11.98 -43.60 97.53
C SER H 260 -11.89 -43.00 98.93
N ASP H 261 -11.09 -41.95 99.10
CA ASP H 261 -11.00 -41.30 100.40
C ASP H 261 -12.33 -40.70 100.81
N MET H 262 -12.98 -39.96 99.90
CA MET H 262 -14.23 -39.32 100.24
C MET H 262 -15.34 -40.33 100.49
N VAL H 263 -15.20 -41.54 99.94
CA VAL H 263 -16.20 -42.58 100.19
C VAL H 263 -15.96 -43.22 101.55
N SER H 264 -14.71 -43.57 101.85
CA SER H 264 -14.40 -44.26 103.11
C SER H 264 -14.30 -43.29 104.28
N CYS H 265 -14.49 -42.01 104.02
CA CYS H 265 -14.40 -41.02 105.08
C CYS H 265 -15.59 -41.02 106.03
N THR H 266 -16.80 -41.26 105.52
CA THR H 266 -17.99 -41.10 106.34
C THR H 266 -18.31 -42.39 107.09
N GLN H 267 -19.21 -42.27 108.08
CA GLN H 267 -19.64 -43.37 108.91
C GLN H 267 -21.06 -43.80 108.55
N PRO H 268 -21.35 -45.10 108.55
CA PRO H 268 -22.70 -45.55 108.18
C PRO H 268 -23.73 -45.25 109.26
N SER H 269 -24.96 -45.71 109.05
CA SER H 269 -26.05 -45.40 109.98
C SER H 269 -26.84 -46.64 110.31
N VAL H 270 -27.92 -46.49 111.09
CA VAL H 270 -28.67 -47.66 111.53
C VAL H 270 -29.29 -48.35 110.32
N MET H 271 -29.34 -49.67 110.37
CA MET H 271 -29.72 -50.49 109.22
C MET H 271 -31.01 -51.28 109.47
N VAL H 272 -31.96 -50.69 110.20
CA VAL H 272 -33.26 -51.34 110.38
C VAL H 272 -34.05 -51.12 109.08
N SER H 273 -34.26 -52.20 108.33
CA SER H 273 -34.94 -52.12 107.05
C SER H 273 -35.38 -53.52 106.64
N ARG H 274 -36.39 -53.57 105.78
CA ARG H 274 -36.87 -54.83 105.23
C ARG H 274 -36.53 -54.95 103.74
N ILE H 275 -36.85 -53.93 102.95
CA ILE H 275 -36.56 -53.90 101.53
C ILE H 275 -35.83 -52.61 101.21
N THR H 276 -34.84 -52.68 100.33
CA THR H 276 -33.99 -51.54 100.02
C THR H 276 -33.56 -51.60 98.57
N HIS H 277 -32.91 -50.53 98.13
CA HIS H 277 -32.42 -50.44 96.76
C HIS H 277 -31.29 -51.45 96.55
N THR H 278 -31.32 -52.13 95.41
CA THR H 278 -30.31 -53.15 95.11
C THR H 278 -30.18 -53.29 93.60
N ASN H 279 -29.08 -53.89 93.18
CA ASN H 279 -28.81 -54.13 91.77
C ASN H 279 -29.59 -55.35 91.30
N THR H 280 -29.29 -55.82 90.10
CA THR H 280 -29.99 -56.98 89.56
C THR H 280 -29.54 -58.26 90.24
N ARG H 281 -28.27 -58.35 90.63
CA ARG H 281 -27.78 -59.56 91.30
C ARG H 281 -28.38 -59.69 92.69
N GLY H 282 -28.33 -58.62 93.47
CA GLY H 282 -28.84 -58.65 94.83
C GLY H 282 -27.97 -57.85 95.78
N ARG H 283 -26.83 -57.37 95.30
CA ARG H 283 -25.94 -56.58 96.13
C ARG H 283 -26.60 -55.26 96.50
N GLN H 284 -26.53 -54.93 97.79
CA GLN H 284 -27.13 -53.69 98.28
C GLN H 284 -26.26 -52.50 97.95
N VAL H 285 -26.89 -51.38 97.61
CA VAL H 285 -26.14 -50.15 97.39
C VAL H 285 -25.95 -49.43 98.72
N ASP H 286 -24.97 -48.52 98.74
CA ASP H 286 -24.56 -47.89 99.98
C ASP H 286 -24.82 -46.38 100.00
N GLY H 287 -24.51 -45.68 98.92
CA GLY H 287 -24.66 -44.25 98.92
C GLY H 287 -24.98 -43.63 97.58
N VAL H 288 -25.07 -42.30 97.53
CA VAL H 288 -25.37 -41.55 96.32
C VAL H 288 -24.23 -40.59 96.07
N LEU H 289 -23.88 -40.39 94.80
CA LEU H 289 -22.89 -39.41 94.39
C LEU H 289 -23.57 -38.51 93.36
N VAL H 290 -24.02 -37.34 93.82
CA VAL H 290 -24.69 -36.38 92.95
C VAL H 290 -23.69 -35.32 92.52
N THR H 291 -23.81 -34.87 91.28
CA THR H 291 -22.85 -33.93 90.71
C THR H 291 -23.45 -33.28 89.47
N THR H 292 -22.65 -32.44 88.82
CA THR H 292 -23.04 -31.83 87.55
C THR H 292 -22.83 -32.82 86.43
N ALA H 293 -23.56 -32.63 85.32
CA ALA H 293 -23.44 -33.53 84.18
C ALA H 293 -22.04 -33.51 83.58
N THR H 294 -21.38 -32.36 83.59
CA THR H 294 -20.01 -32.28 83.09
C THR H 294 -19.08 -33.19 83.89
N LEU H 295 -19.11 -33.04 85.21
CA LEU H 295 -18.28 -33.90 86.06
C LEU H 295 -18.72 -35.36 85.94
N LYS H 296 -20.01 -35.60 85.73
CA LYS H 296 -20.47 -36.97 85.53
C LYS H 296 -19.80 -37.60 84.32
N ARG H 297 -19.80 -36.91 83.19
CA ARG H 297 -19.15 -37.43 81.99
C ARG H 297 -17.66 -37.57 82.21
N GLN H 298 -17.02 -36.58 82.85
CA GLN H 298 -15.58 -36.63 83.04
C GLN H 298 -15.16 -37.78 83.95
N LEU H 299 -16.01 -38.13 84.92
CA LEU H 299 -15.71 -39.25 85.80
C LEU H 299 -16.10 -40.58 85.18
N LEU H 300 -17.08 -40.59 84.27
CA LEU H 300 -17.55 -41.82 83.67
C LEU H 300 -16.76 -42.23 82.45
N GLN H 301 -15.99 -41.32 81.84
CA GLN H 301 -15.28 -41.67 80.62
C GLN H 301 -14.23 -42.76 80.87
N GLY H 302 -13.28 -42.51 81.77
CA GLY H 302 -12.23 -43.49 82.00
C GLY H 302 -11.75 -43.62 83.42
N ILE H 303 -12.33 -42.85 84.35
CA ILE H 303 -11.90 -42.88 85.73
C ILE H 303 -12.69 -43.94 86.49
N LEU H 304 -14.01 -43.89 86.37
CA LEU H 304 -14.90 -44.81 87.05
C LEU H 304 -15.45 -45.83 86.08
N GLN H 305 -15.60 -47.07 86.54
CA GLN H 305 -16.12 -48.15 85.72
C GLN H 305 -17.56 -48.44 86.12
N ILE H 306 -18.42 -48.63 85.13
CA ILE H 306 -19.83 -48.87 85.37
C ILE H 306 -20.03 -50.31 85.81
N ASP H 307 -21.02 -50.54 86.67
CA ASP H 307 -21.35 -51.87 87.16
C ASP H 307 -22.68 -52.39 86.65
N ASP H 308 -23.73 -51.57 86.68
CA ASP H 308 -25.04 -52.01 86.24
C ASP H 308 -25.82 -50.80 85.75
N THR H 309 -26.85 -51.08 84.94
CA THR H 309 -27.68 -50.03 84.36
C THR H 309 -29.10 -50.01 84.90
N ALA H 310 -29.58 -51.11 85.45
CA ALA H 310 -30.91 -51.19 86.04
C ALA H 310 -30.80 -51.65 87.49
N ALA H 311 -31.77 -51.24 88.30
CA ALA H 311 -31.76 -51.55 89.73
C ALA H 311 -33.18 -51.86 90.18
N ASP H 312 -33.27 -52.42 91.39
CA ASP H 312 -34.54 -52.78 92.00
C ASP H 312 -34.77 -51.87 93.21
N VAL H 313 -35.68 -50.92 93.06
CA VAL H 313 -35.97 -49.95 94.10
C VAL H 313 -37.40 -50.16 94.59
N PRO H 314 -37.72 -49.81 95.83
CA PRO H 314 -39.11 -49.96 96.29
C PRO H 314 -40.03 -48.98 95.58
N VAL H 315 -41.33 -49.24 95.70
CA VAL H 315 -42.35 -48.44 95.06
C VAL H 315 -43.42 -47.95 96.02
N THR H 316 -43.32 -48.29 97.30
CA THR H 316 -44.29 -47.86 98.29
C THR H 316 -43.65 -46.92 99.29
N TYR H 317 -44.47 -46.08 99.92
CA TYR H 317 -43.97 -45.15 100.93
C TYR H 317 -43.85 -45.83 102.28
N GLY H 318 -44.97 -46.30 102.82
CA GLY H 318 -44.98 -46.86 104.16
C GLY H 318 -45.36 -45.80 105.16
N GLU H 319 -46.54 -45.91 105.75
CA GLU H 319 -47.08 -44.86 106.61
C GLU H 319 -47.35 -45.41 108.01
N MET H 320 -47.87 -44.54 108.86
CA MET H 320 -48.27 -44.92 110.21
C MET H 320 -49.37 -43.97 110.66
N VAL H 321 -50.33 -44.51 111.41
CA VAL H 321 -51.43 -43.73 111.95
C VAL H 321 -51.63 -44.13 113.41
N LEU H 322 -52.01 -43.18 114.25
CA LEU H 322 -52.22 -43.47 115.65
C LEU H 322 -53.66 -43.88 115.89
N GLN H 323 -53.84 -45.00 116.59
CA GLN H 323 -55.16 -45.54 116.88
C GLN H 323 -55.07 -46.30 118.20
N GLY H 324 -56.18 -46.93 118.58
CA GLY H 324 -56.21 -47.73 119.79
C GLY H 324 -55.88 -46.88 121.01
N THR H 325 -54.86 -47.30 121.75
CA THR H 325 -54.46 -46.57 122.95
C THR H 325 -53.78 -45.25 122.63
N ASN H 326 -53.18 -45.11 121.45
CA ASN H 326 -52.53 -43.86 121.11
C ASN H 326 -53.56 -42.73 121.00
N LEU H 327 -54.72 -43.01 120.41
CA LEU H 327 -55.74 -41.98 120.29
C LEU H 327 -56.26 -41.56 121.65
N VAL H 328 -56.41 -42.50 122.58
CA VAL H 328 -56.96 -42.16 123.88
C VAL H 328 -55.91 -41.48 124.75
N THR H 329 -54.62 -41.76 124.49
CA THR H 329 -53.58 -41.11 125.29
C THR H 329 -53.13 -39.77 124.72
N ALA H 330 -53.43 -39.48 123.45
CA ALA H 330 -53.03 -38.20 122.88
C ALA H 330 -53.91 -37.05 123.34
N LEU H 331 -55.13 -37.34 123.79
CA LEU H 331 -56.09 -36.30 124.14
C LEU H 331 -56.15 -35.98 125.62
N VAL H 332 -56.33 -36.98 126.48
CA VAL H 332 -56.45 -36.70 127.91
C VAL H 332 -55.10 -36.47 128.54
N MET H 333 -54.05 -37.11 128.03
CA MET H 333 -52.71 -36.99 128.59
C MET H 333 -51.87 -35.93 127.91
N GLY H 334 -51.88 -35.88 126.58
CA GLY H 334 -51.12 -34.90 125.85
C GLY H 334 -49.80 -35.40 125.31
N LYS H 335 -49.61 -36.71 125.22
CA LYS H 335 -48.38 -37.29 124.67
C LYS H 335 -48.75 -38.51 123.85
N ALA H 336 -47.74 -39.12 123.24
CA ALA H 336 -47.94 -40.30 122.43
C ALA H 336 -46.61 -41.01 122.23
N VAL H 337 -46.66 -42.32 122.05
CA VAL H 337 -45.49 -43.15 121.80
C VAL H 337 -45.79 -44.06 120.62
N ARG H 338 -44.83 -44.18 119.70
CA ARG H 338 -45.02 -45.05 118.56
C ARG H 338 -45.08 -46.51 118.98
N GLY H 339 -45.82 -47.31 118.22
CA GLY H 339 -45.94 -48.73 118.49
C GLY H 339 -47.00 -49.06 119.53
N MET H 340 -46.70 -48.78 120.80
CA MET H 340 -47.63 -49.03 121.91
C MET H 340 -48.05 -50.50 121.98
N ASP H 341 -47.17 -51.40 121.56
CA ASP H 341 -47.40 -52.83 121.71
C ASP H 341 -46.37 -53.45 122.65
N ASP H 342 -45.73 -52.65 123.48
CA ASP H 342 -44.69 -53.13 124.39
C ASP H 342 -45.34 -53.93 125.52
N VAL H 343 -45.08 -55.24 125.54
CA VAL H 343 -45.61 -56.08 126.60
C VAL H 343 -44.72 -56.05 127.84
N ALA H 344 -43.40 -56.02 127.66
CA ALA H 344 -42.47 -55.97 128.78
C ALA H 344 -42.46 -54.58 129.41
N ASN H 377 -40.95 -53.52 94.57
CA ASN H 377 -39.78 -53.62 93.69
C ASN H 377 -40.14 -53.21 92.27
N ALA H 378 -39.17 -52.63 91.57
CA ALA H 378 -39.37 -52.24 90.18
C ALA H 378 -38.01 -52.09 89.51
N ARG H 379 -37.90 -52.64 88.30
CA ARG H 379 -36.68 -52.51 87.50
C ARG H 379 -36.65 -51.11 86.90
N VAL H 380 -35.81 -50.23 87.44
CA VAL H 380 -35.70 -48.85 87.00
C VAL H 380 -34.30 -48.66 86.43
N PRO H 381 -34.15 -48.07 85.25
CA PRO H 381 -32.81 -47.85 84.68
C PRO H 381 -32.07 -46.77 85.45
N ALA H 382 -30.89 -47.13 85.97
CA ALA H 382 -30.06 -46.18 86.71
C ALA H 382 -28.65 -46.73 86.76
N ASP H 383 -27.66 -45.88 86.49
CA ASP H 383 -26.28 -46.32 86.47
C ASP H 383 -25.81 -46.66 87.88
N LEU H 384 -24.86 -47.59 87.95
CA LEU H 384 -24.28 -48.03 89.22
C LEU H 384 -22.79 -48.20 89.04
N VAL H 385 -22.01 -47.59 89.94
CA VAL H 385 -20.56 -47.58 89.84
C VAL H 385 -19.97 -48.18 91.10
N ILE H 386 -18.85 -48.90 90.93
CA ILE H 386 -18.13 -49.51 92.04
C ILE H 386 -16.91 -48.64 92.32
N VAL H 387 -16.99 -47.84 93.37
CA VAL H 387 -15.87 -47.03 93.83
C VAL H 387 -15.36 -47.61 95.14
N GLY H 388 -14.04 -47.61 95.30
CA GLY H 388 -13.42 -48.22 96.47
C GLY H 388 -13.79 -49.68 96.60
N ASP H 389 -14.58 -50.01 97.62
CA ASP H 389 -15.17 -51.35 97.73
C ASP H 389 -16.69 -51.30 97.81
N LYS H 390 -17.29 -50.13 97.61
CA LYS H 390 -18.72 -49.96 97.73
C LYS H 390 -19.36 -49.78 96.36
N LEU H 391 -20.67 -49.97 96.32
CA LEU H 391 -21.47 -49.79 95.12
C LEU H 391 -22.44 -48.66 95.37
N VAL H 392 -22.26 -47.54 94.67
CA VAL H 392 -23.03 -46.33 94.93
C VAL H 392 -23.70 -45.86 93.65
N PHE H 393 -24.84 -45.19 93.83
CA PHE H 393 -25.53 -44.55 92.73
C PHE H 393 -24.76 -43.32 92.26
N LEU H 394 -24.91 -42.98 90.99
CA LEU H 394 -24.35 -41.76 90.44
C LEU H 394 -25.49 -40.97 89.80
N GLU H 395 -25.59 -39.69 90.15
CA GLU H 395 -26.70 -38.86 89.70
C GLU H 395 -26.20 -37.52 89.23
N ALA H 396 -26.77 -37.04 88.13
CA ALA H 396 -26.49 -35.71 87.58
C ALA H 396 -27.79 -35.06 87.15
N LEU H 397 -28.77 -35.03 88.06
CA LEU H 397 -30.11 -34.57 87.69
C LEU H 397 -30.08 -33.09 87.30
N GLU H 398 -30.23 -32.84 86.00
CA GLU H 398 -30.40 -31.49 85.47
C GLU H 398 -31.44 -31.43 84.36
N ARG H 399 -31.87 -32.56 83.81
CA ARG H 399 -32.90 -32.61 82.78
C ARG H 399 -34.25 -33.05 83.32
N ARG H 400 -34.25 -34.06 84.20
CA ARG H 400 -35.51 -34.45 84.85
C ARG H 400 -36.00 -33.35 85.76
N VAL H 401 -35.10 -32.71 86.50
CA VAL H 401 -35.44 -31.64 87.42
C VAL H 401 -34.57 -30.43 87.07
N TYR H 402 -35.04 -29.26 87.47
CA TYR H 402 -34.34 -27.99 87.24
C TYR H 402 -34.18 -27.69 85.76
N GLN H 403 -35.03 -28.23 84.91
CA GLN H 403 -34.98 -28.00 83.47
C GLN H 403 -36.20 -27.21 83.04
N ALA H 404 -35.97 -26.14 82.27
CA ALA H 404 -37.03 -25.29 81.76
C ALA H 404 -37.88 -24.69 82.87
N THR H 405 -37.31 -24.55 84.06
CA THR H 405 -37.97 -23.96 85.20
C THR H 405 -37.37 -22.59 85.48
N ARG H 406 -37.83 -21.96 86.57
CA ARG H 406 -37.37 -20.63 86.93
C ARG H 406 -36.50 -20.64 88.18
N VAL H 407 -35.90 -21.79 88.53
CA VAL H 407 -35.04 -21.91 89.68
C VAL H 407 -33.65 -22.33 89.22
N ALA H 408 -32.63 -21.84 89.93
CA ALA H 408 -31.26 -22.18 89.61
C ALA H 408 -30.93 -23.58 90.11
N TYR H 409 -29.91 -24.17 89.52
CA TYR H 409 -29.46 -25.48 89.94
C TYR H 409 -28.45 -25.34 91.07
N PRO H 410 -28.62 -26.03 92.19
CA PRO H 410 -27.60 -25.98 93.24
C PRO H 410 -26.34 -26.72 92.85
N LEU H 411 -25.40 -26.85 93.78
CA LEU H 411 -24.06 -27.39 93.54
C LEU H 411 -23.22 -26.48 92.66
N ILE H 412 -23.62 -25.21 92.52
CA ILE H 412 -22.85 -24.22 91.78
C ILE H 412 -22.53 -23.08 92.73
N GLY H 413 -22.33 -23.40 94.01
CA GLY H 413 -22.05 -22.39 95.01
C GLY H 413 -20.77 -21.63 94.74
N ASN H 414 -20.54 -20.62 95.55
CA ASN H 414 -19.41 -19.72 95.41
C ASN H 414 -18.40 -19.94 96.53
N ILE H 415 -17.21 -19.37 96.35
CA ILE H 415 -16.14 -19.47 97.34
C ILE H 415 -15.46 -18.12 97.43
N ASP H 416 -15.42 -17.56 98.64
CA ASP H 416 -14.79 -16.28 98.88
C ASP H 416 -13.32 -16.49 99.24
N ILE H 417 -12.44 -15.71 98.61
CA ILE H 417 -11.00 -15.78 98.86
C ILE H 417 -10.47 -14.36 98.93
N THR H 418 -9.67 -14.08 99.96
CA THR H 418 -9.09 -12.77 100.16
C THR H 418 -7.61 -12.78 99.80
N PHE H 419 -7.11 -11.63 99.35
CA PHE H 419 -5.71 -11.48 99.00
C PHE H 419 -5.11 -10.33 99.78
N ILE H 420 -3.77 -10.30 99.84
CA ILE H 420 -3.05 -9.26 100.57
C ILE H 420 -1.71 -9.03 99.88
N MET H 421 -1.36 -7.76 99.70
CA MET H 421 -0.12 -7.38 99.03
C MET H 421 0.46 -6.14 99.69
N PRO H 422 1.76 -6.11 99.96
CA PRO H 422 2.39 -4.88 100.46
C PRO H 422 2.61 -3.89 99.33
N MET H 423 2.68 -2.61 99.68
CA MET H 423 2.74 -1.54 98.70
C MET H 423 4.07 -0.80 98.69
N GLY H 424 4.48 -0.25 99.82
CA GLY H 424 5.66 0.59 99.83
C GLY H 424 6.74 0.18 100.81
N VAL H 425 6.92 -1.13 101.00
CA VAL H 425 7.92 -1.61 101.94
C VAL H 425 9.31 -1.39 101.36
N PHE H 426 10.22 -0.88 102.19
CA PHE H 426 11.61 -0.68 101.81
C PHE H 426 12.48 -1.36 102.85
N GLN H 427 13.19 -2.40 102.46
CA GLN H 427 14.05 -3.14 103.38
C GLN H 427 15.27 -2.28 103.73
N ALA H 428 15.27 -1.74 104.93
CA ALA H 428 16.35 -0.85 105.38
C ALA H 428 17.49 -1.72 105.89
N ASN H 429 18.28 -2.23 104.94
CA ASN H 429 19.44 -3.05 105.29
C ASN H 429 20.41 -3.05 104.13
N SER H 430 21.70 -2.94 104.44
CA SER H 430 22.72 -2.95 103.40
C SER H 430 22.99 -4.34 102.85
N MET H 431 22.73 -5.38 103.64
CA MET H 431 22.97 -6.74 103.20
C MET H 431 21.84 -7.30 102.34
N ASP H 432 20.66 -6.69 102.39
CA ASP H 432 19.53 -7.20 101.64
C ASP H 432 19.34 -6.52 100.28
N ARG H 433 19.82 -5.29 100.12
CA ARG H 433 19.70 -4.57 98.85
C ARG H 433 20.92 -4.93 98.00
N TYR H 434 20.86 -6.10 97.37
CA TYR H 434 21.94 -6.59 96.53
C TYR H 434 21.41 -6.91 95.14
N THR H 435 22.24 -7.51 94.30
CA THR H 435 21.81 -8.04 93.02
C THR H 435 22.50 -9.37 92.78
N ARG H 436 21.83 -10.24 92.03
CA ARG H 436 22.30 -11.62 91.84
C ARG H 436 23.23 -11.77 90.65
N HIS H 437 23.38 -10.74 89.82
CA HIS H 437 24.30 -10.81 88.70
C HIS H 437 24.95 -9.44 88.53
N ALA H 438 26.01 -9.40 87.73
CA ALA H 438 26.78 -8.16 87.59
C ALA H 438 26.04 -7.16 86.71
N GLY H 439 25.88 -7.48 85.43
CA GLY H 439 25.13 -6.63 84.53
C GLY H 439 23.70 -7.07 84.35
N ASP H 440 22.91 -7.07 85.42
CA ASP H 440 21.56 -7.63 85.34
C ASP H 440 20.63 -6.72 84.55
N PHE H 441 20.35 -5.53 85.08
CA PHE H 441 19.49 -4.54 84.42
C PHE H 441 20.32 -3.27 84.27
N SER H 442 21.11 -3.19 83.21
CA SER H 442 21.91 -2.01 82.97
C SER H 442 21.04 -0.90 82.38
N THR H 443 21.51 0.33 82.53
CA THR H 443 20.80 1.49 82.02
C THR H 443 21.81 2.40 81.34
N VAL H 444 21.35 3.58 80.91
CA VAL H 444 22.23 4.57 80.30
C VAL H 444 22.43 5.73 81.26
N SER H 445 21.43 6.02 82.08
CA SER H 445 21.53 7.09 83.04
C SER H 445 22.64 6.82 84.04
N GLU H 446 23.14 7.90 84.66
CA GLU H 446 24.23 7.78 85.62
C GLU H 446 23.75 7.24 86.96
N GLN H 447 22.47 7.43 87.29
CA GLN H 447 21.90 6.94 88.54
C GLN H 447 20.83 5.90 88.22
N ASP H 448 21.11 4.66 88.58
CA ASP H 448 20.18 3.57 88.34
C ASP H 448 18.90 3.82 89.12
N PRO H 449 17.76 4.00 88.46
CA PRO H 449 16.49 4.24 89.18
C PRO H 449 15.88 2.95 89.74
N ARG H 450 16.73 2.14 90.35
CA ARG H 450 16.29 0.92 91.02
C ARG H 450 16.71 0.90 92.49
N GLN H 451 17.25 2.00 93.00
CA GLN H 451 17.63 2.09 94.40
C GLN H 451 16.64 2.89 95.22
N PHE H 452 15.92 3.81 94.59
CA PHE H 452 14.93 4.59 95.31
C PHE H 452 13.76 3.69 95.73
N PRO H 453 13.14 3.96 96.86
CA PRO H 453 12.10 3.06 97.37
C PRO H 453 10.89 3.05 96.45
N PRO H 454 10.30 1.89 96.22
CA PRO H 454 9.13 1.82 95.34
C PRO H 454 7.93 2.49 96.00
N GLN H 455 6.94 2.77 95.16
CA GLN H 455 5.72 3.43 95.61
C GLN H 455 4.45 2.66 95.29
N GLY H 456 4.43 1.92 94.17
CA GLY H 456 3.28 1.15 93.78
C GLY H 456 3.57 -0.33 93.72
N ILE H 457 2.55 -1.08 93.30
CA ILE H 457 2.65 -2.53 93.13
C ILE H 457 2.01 -2.91 91.81
N PHE H 458 2.57 -3.91 91.15
CA PHE H 458 2.08 -4.42 89.89
C PHE H 458 1.59 -5.84 90.06
N PHE H 459 0.53 -6.19 89.33
CA PHE H 459 0.00 -7.55 89.35
C PHE H 459 -0.89 -7.73 88.13
N TYR H 460 -1.52 -8.91 88.05
CA TYR H 460 -2.34 -9.28 86.91
C TYR H 460 -3.81 -9.10 87.21
N ASN H 461 -4.58 -8.89 86.15
CA ASN H 461 -6.02 -8.67 86.25
C ASN H 461 -6.75 -10.01 86.21
N LYS H 462 -8.07 -9.95 86.07
CA LYS H 462 -8.86 -11.17 85.93
C LYS H 462 -8.56 -11.89 84.63
N ASP H 463 -8.21 -11.14 83.58
CA ASP H 463 -7.94 -11.71 82.26
C ASP H 463 -6.47 -11.67 81.89
N GLY H 464 -5.59 -11.32 82.83
CA GLY H 464 -4.17 -11.27 82.56
C GLY H 464 -3.64 -9.90 82.18
N ILE H 465 -4.37 -8.84 82.45
CA ILE H 465 -3.93 -7.49 82.12
C ILE H 465 -3.12 -6.94 83.29
N LEU H 466 -2.07 -6.18 82.96
CA LEU H 466 -1.25 -5.57 83.98
C LEU H 466 -2.03 -4.45 84.67
N THR H 467 -1.94 -4.41 85.99
CA THR H 467 -2.55 -3.36 86.79
C THR H 467 -1.50 -2.72 87.69
N GLN H 468 -1.86 -1.60 88.29
CA GLN H 468 -0.92 -0.89 89.15
C GLN H 468 -1.68 -0.23 90.29
N LEU H 469 -1.12 -0.35 91.49
CA LEU H 469 -1.67 0.28 92.69
C LEU H 469 -0.57 1.13 93.30
N THR H 470 -0.61 2.44 93.01
CA THR H 470 0.37 3.36 93.55
C THR H 470 -0.11 3.91 94.89
N LEU H 471 0.71 4.77 95.50
CA LEU H 471 0.34 5.39 96.76
C LEU H 471 -0.80 6.39 96.58
N ARG H 472 -0.96 6.96 95.39
CA ARG H 472 -2.01 7.94 95.17
C ARG H 472 -3.39 7.34 95.38
N ASP H 473 -3.54 6.04 95.17
CA ASP H 473 -4.83 5.40 95.34
C ASP H 473 -5.25 5.29 96.80
N ALA H 474 -4.35 5.56 97.74
CA ALA H 474 -4.67 5.52 99.17
C ALA H 474 -5.18 6.85 99.68
N MET H 475 -5.47 7.80 98.80
CA MET H 475 -5.93 9.12 99.19
C MET H 475 -7.39 9.14 99.60
N GLY H 476 -8.04 7.98 99.68
CA GLY H 476 -9.44 7.93 100.06
C GLY H 476 -9.65 7.47 101.49
N THR H 477 -8.60 6.89 102.10
CA THR H 477 -8.70 6.38 103.45
C THR H 477 -7.82 7.10 104.45
N ILE H 478 -6.71 7.71 104.01
CA ILE H 478 -5.80 8.39 104.92
C ILE H 478 -6.06 9.89 104.99
N CYS H 479 -6.78 10.45 104.01
CA CYS H 479 -7.08 11.88 103.98
C CYS H 479 -8.48 12.17 104.52
N HIS H 480 -8.93 11.42 105.52
CA HIS H 480 -10.24 11.60 106.11
C HIS H 480 -10.11 12.17 107.52
N SER H 481 -11.22 12.74 108.01
CA SER H 481 -11.23 13.31 109.35
C SER H 481 -11.09 12.25 110.44
N SER H 482 -11.21 10.97 110.11
CA SER H 482 -11.04 9.90 111.08
C SER H 482 -9.63 9.80 111.60
N LEU H 483 -8.70 10.64 111.12
CA LEU H 483 -7.32 10.64 111.60
C LEU H 483 -7.14 11.48 112.86
N LEU H 484 -8.15 12.23 113.27
CA LEU H 484 -8.04 13.18 114.38
C LEU H 484 -9.22 13.05 115.33
N ASP H 485 -9.53 11.81 115.71
CA ASP H 485 -10.64 11.51 116.61
C ASP H 485 -10.16 10.65 117.78
N VAL H 486 -9.09 11.10 118.42
CA VAL H 486 -8.39 10.28 119.40
C VAL H 486 -9.00 10.45 120.80
N GLU H 487 -10.20 11.04 120.86
CA GLU H 487 -10.84 11.26 122.15
C GLU H 487 -11.15 9.95 122.85
N ALA H 488 -11.72 8.98 122.12
CA ALA H 488 -12.02 7.69 122.73
C ALA H 488 -10.76 6.96 123.15
N THR H 489 -9.72 7.02 122.32
CA THR H 489 -8.45 6.40 122.70
C THR H 489 -7.90 7.02 123.96
N LEU H 490 -7.96 8.36 124.06
CA LEU H 490 -7.44 9.04 125.24
C LEU H 490 -8.24 8.69 126.50
N VAL H 491 -9.56 8.61 126.39
CA VAL H 491 -10.33 8.29 127.57
C VAL H 491 -10.13 6.83 127.97
N ALA H 492 -9.97 5.92 126.99
CA ALA H 492 -9.70 4.53 127.33
C ALA H 492 -8.33 4.39 127.99
N LEU H 493 -7.35 5.21 127.58
CA LEU H 493 -6.05 5.17 128.23
C LEU H 493 -6.13 5.74 129.64
N ARG H 494 -6.81 6.88 129.81
CA ARG H 494 -6.92 7.50 131.12
C ARG H 494 -7.71 6.64 132.10
N GLN H 495 -8.63 5.81 131.61
CA GLN H 495 -9.42 4.97 132.50
C GLN H 495 -8.53 4.04 133.32
N GLN H 496 -7.70 3.25 132.64
CA GLN H 496 -6.83 2.32 133.33
C GLN H 496 -5.77 3.07 134.13
N HIS H 497 -5.35 2.47 135.25
CA HIS H 497 -4.44 3.10 136.19
C HIS H 497 -3.02 2.94 135.70
N LEU H 498 -2.37 4.06 135.37
CA LEU H 498 -0.96 4.07 134.97
C LEU H 498 -0.24 5.12 135.81
N ASP H 499 0.80 4.69 136.51
CA ASP H 499 1.61 5.60 137.31
C ASP H 499 2.99 5.79 136.69
N ARG H 500 3.50 7.01 136.76
CA ARG H 500 4.79 7.34 136.17
C ARG H 500 5.30 8.61 136.82
N GLN H 501 6.62 8.81 136.71
CA GLN H 501 7.27 9.97 137.31
C GLN H 501 8.19 10.64 136.29
N CYS H 502 9.04 11.55 136.75
CA CYS H 502 10.04 12.21 135.91
C CYS H 502 9.39 12.96 134.74
N TYR H 503 8.66 14.01 135.12
CA TYR H 503 7.94 14.86 134.17
C TYR H 503 8.81 15.98 133.63
N PHE H 504 10.12 15.77 133.54
CA PHE H 504 11.04 16.82 133.10
C PHE H 504 10.72 17.27 131.68
N GLY H 505 10.62 16.33 130.75
CA GLY H 505 10.48 16.70 129.35
C GLY H 505 9.06 16.95 128.89
N VAL H 506 8.13 17.21 129.81
CA VAL H 506 6.75 17.46 129.43
C VAL H 506 6.23 18.72 130.14
N TYR H 507 7.01 19.25 131.06
CA TYR H 507 6.62 20.42 131.83
C TYR H 507 7.24 21.67 131.25
N VAL H 508 6.47 22.76 131.24
CA VAL H 508 6.93 24.05 130.73
C VAL H 508 6.69 25.09 131.82
N ALA H 509 7.61 26.05 131.94
CA ALA H 509 7.49 27.11 132.93
C ALA H 509 7.65 28.48 132.28
N GLU H 510 7.72 29.53 133.10
CA GLU H 510 7.90 30.88 132.59
C GLU H 510 9.16 31.50 133.17
N GLY H 511 9.39 32.78 132.88
CA GLY H 511 10.57 33.48 133.35
C GLY H 511 10.30 34.31 134.59
N THR H 512 11.33 34.45 135.42
CA THR H 512 11.26 35.22 136.65
C THR H 512 12.01 36.55 136.54
N GLU H 513 12.10 37.10 135.34
CA GLU H 513 12.69 38.41 135.05
C GLU H 513 14.18 38.47 135.38
N ASP H 514 14.79 37.38 135.82
CA ASP H 514 16.24 37.33 135.89
C ASP H 514 16.82 37.41 134.49
N THR H 515 18.14 37.67 134.40
CA THR H 515 18.69 37.96 133.08
C THR H 515 18.80 36.68 132.25
N LEU H 516 19.77 35.83 132.57
CA LEU H 516 19.75 34.45 132.12
C LEU H 516 20.34 33.52 133.17
N ASP H 517 21.23 34.06 133.99
CA ASP H 517 22.16 33.24 134.75
C ASP H 517 21.54 32.66 136.03
N VAL H 518 20.78 33.47 136.76
CA VAL H 518 20.12 32.95 137.96
C VAL H 518 19.14 31.85 137.58
N GLN H 519 18.40 32.05 136.49
CA GLN H 519 17.49 31.03 136.02
C GLN H 519 18.23 29.80 135.51
N MET H 520 19.39 30.00 134.87
CA MET H 520 20.17 28.85 134.41
C MET H 520 20.66 28.03 135.59
N GLY H 521 21.15 28.68 136.64
CA GLY H 521 21.58 27.95 137.83
C GLY H 521 20.45 27.24 138.51
N ARG H 522 19.29 27.91 138.64
CA ARG H 522 18.11 27.26 139.20
C ARG H 522 17.74 26.02 138.41
N PHE H 523 17.72 26.14 137.08
CA PHE H 523 17.38 24.99 136.25
C PHE H 523 18.39 23.87 136.40
N MET H 524 19.68 24.21 136.46
CA MET H 524 20.70 23.19 136.65
C MET H 524 20.45 22.41 137.93
N GLU H 525 20.31 23.12 139.06
CA GLU H 525 20.09 22.45 140.34
C GLU H 525 18.81 21.62 140.33
N THR H 526 17.72 22.21 139.84
CA THR H 526 16.45 21.48 139.80
C THR H 526 16.57 20.24 138.94
N TRP H 527 16.78 20.43 137.63
CA TRP H 527 16.93 19.30 136.71
C TRP H 527 17.95 18.27 137.20
N ALA H 528 18.90 18.67 138.06
CA ALA H 528 19.79 17.70 138.68
C ALA H 528 19.08 16.87 139.73
N ASP H 529 18.31 17.50 140.63
CA ASP H 529 17.73 16.76 141.74
C ASP H 529 16.24 16.44 141.54
N MET H 530 15.74 16.54 140.31
CA MET H 530 14.32 16.29 140.04
C MET H 530 14.11 15.20 138.99
N MET H 531 15.13 14.39 138.71
CA MET H 531 15.03 13.29 137.75
C MET H 531 15.00 11.97 138.50
N PRO H 532 13.83 11.47 138.89
CA PRO H 532 13.80 10.20 139.64
C PRO H 532 14.18 9.01 138.78
N HIS H 533 13.64 8.92 137.57
CA HIS H 533 13.91 7.83 136.64
C HIS H 533 14.55 8.40 135.38
N HIS H 534 14.72 7.55 134.39
CA HIS H 534 15.28 8.01 133.13
C HIS H 534 14.18 8.21 132.11
N PRO H 535 14.35 9.19 131.21
CA PRO H 535 13.31 9.46 130.21
C PRO H 535 13.17 8.30 129.24
N HIS H 536 11.98 8.22 128.64
CA HIS H 536 11.67 7.17 127.67
C HIS H 536 11.78 7.64 126.22
N TRP H 537 11.97 8.93 125.98
CA TRP H 537 12.12 9.46 124.64
C TRP H 537 13.58 9.53 124.20
N VAL H 538 14.52 9.31 125.12
CA VAL H 538 15.93 9.48 124.78
C VAL H 538 16.55 8.24 124.17
N ASN H 539 15.99 7.06 124.44
CA ASN H 539 16.54 5.81 123.90
C ASN H 539 15.93 5.58 122.52
N GLU H 540 16.65 6.00 121.50
CA GLU H 540 16.26 5.75 120.12
C GLU H 540 17.25 4.87 119.37
N HIS H 541 18.35 4.47 120.02
CA HIS H 541 19.35 3.61 119.41
C HIS H 541 18.83 2.21 119.16
N LEU H 542 17.78 1.78 119.85
CA LEU H 542 17.28 0.43 119.70
C LEU H 542 16.68 0.23 118.31
N THR H 543 16.81 -0.98 117.80
CA THR H 543 16.37 -1.30 116.45
C THR H 543 14.89 -1.66 116.44
N ILE H 544 14.40 -2.02 115.26
CA ILE H 544 12.99 -2.36 115.10
C ILE H 544 12.65 -3.64 115.86
N LEU H 545 13.56 -4.61 115.88
CA LEU H 545 13.31 -5.84 116.62
C LEU H 545 13.11 -5.57 118.11
N GLN H 546 14.02 -4.80 118.70
CA GLN H 546 13.91 -4.49 120.12
C GLN H 546 12.71 -3.58 120.40
N PHE H 547 12.35 -2.71 119.45
CA PHE H 547 11.17 -1.88 119.64
C PHE H 547 9.90 -2.70 119.58
N ILE H 548 9.90 -3.79 118.81
CA ILE H 548 8.70 -4.63 118.70
C ILE H 548 8.62 -5.63 119.85
N ALA H 549 9.75 -6.05 120.40
CA ALA H 549 9.75 -7.02 121.48
C ALA H 549 8.86 -6.54 122.63
N PRO H 550 8.14 -7.44 123.30
CA PRO H 550 7.17 -7.01 124.31
C PRO H 550 7.79 -6.35 125.54
N SER H 551 9.10 -6.42 125.71
CA SER H 551 9.72 -5.80 126.87
C SER H 551 9.80 -4.28 126.75
N ASN H 552 9.49 -3.72 125.59
CA ASN H 552 9.59 -2.28 125.39
C ASN H 552 8.50 -1.57 126.19
N PRO H 553 8.85 -0.69 127.14
CA PRO H 553 7.81 -0.02 127.91
C PRO H 553 7.07 1.05 127.12
N ARG H 554 7.72 1.66 126.13
CA ARG H 554 7.09 2.69 125.32
C ARG H 554 6.32 2.12 124.13
N LEU H 555 5.94 0.83 124.19
CA LEU H 555 5.24 0.22 123.06
C LEU H 555 3.74 0.47 123.13
N ARG H 556 3.16 0.40 124.32
CA ARG H 556 1.71 0.52 124.46
C ARG H 556 1.21 1.90 124.05
N PHE H 557 2.07 2.91 124.04
CA PHE H 557 1.66 4.26 123.70
C PHE H 557 1.86 4.61 122.23
N GLU H 558 2.29 3.65 121.41
CA GLU H 558 2.47 3.87 119.98
C GLU H 558 1.26 3.31 119.26
N LEU H 559 0.26 4.15 119.05
CA LEU H 559 -0.99 3.72 118.42
C LEU H 559 -1.24 4.41 117.09
N ASN H 560 -1.23 5.74 117.06
CA ASN H 560 -1.47 6.46 115.82
C ASN H 560 -0.17 7.02 115.27
N PRO H 561 0.00 7.03 113.94
CA PRO H 561 1.26 7.54 113.37
C PRO H 561 1.39 9.06 113.43
N ALA H 562 0.32 9.78 113.70
CA ALA H 562 0.36 11.24 113.71
C ALA H 562 0.32 11.84 115.11
N PHE H 563 0.26 11.01 116.15
CA PHE H 563 0.14 11.50 117.51
C PHE H 563 1.23 10.89 118.39
N ASP H 564 1.54 11.58 119.49
CA ASP H 564 2.50 11.11 120.48
C ASP H 564 1.78 11.04 121.83
N PHE H 565 1.63 9.83 122.35
CA PHE H 565 0.93 9.60 123.60
C PHE H 565 1.94 9.49 124.73
N PHE H 566 1.89 10.46 125.65
CA PHE H 566 2.80 10.50 126.78
C PHE H 566 1.99 10.67 128.06
N VAL H 567 2.69 10.67 129.19
CA VAL H 567 2.08 10.91 130.49
C VAL H 567 2.51 12.29 130.97
N ALA H 568 1.62 12.97 131.67
CA ALA H 568 1.89 14.31 132.16
C ALA H 568 1.11 14.56 133.44
N PRO H 569 1.67 15.32 134.37
CA PRO H 569 0.93 15.65 135.59
C PRO H 569 -0.32 16.46 135.27
N GLY H 570 -1.48 15.89 135.59
CA GLY H 570 -2.73 16.53 135.25
C GLY H 570 -3.06 17.71 136.15
N ASP H 571 -4.15 18.39 135.78
CA ASP H 571 -4.69 19.52 136.56
C ASP H 571 -3.68 20.66 136.67
N VAL H 572 -2.92 20.88 135.61
CA VAL H 572 -2.00 22.01 135.53
C VAL H 572 -2.16 22.67 134.18
N ASP H 573 -1.78 23.95 134.11
CA ASP H 573 -1.81 24.71 132.87
C ASP H 573 -0.38 24.94 132.40
N LEU H 574 -0.20 24.98 131.08
CA LEU H 574 1.10 25.21 130.49
C LEU H 574 1.10 26.54 129.74
N PRO H 575 2.03 27.46 130.03
CA PRO H 575 3.09 27.29 131.02
C PRO H 575 2.59 27.48 132.45
N GLY H 576 3.41 27.12 133.43
CA GLY H 576 3.04 27.25 134.82
C GLY H 576 4.13 27.86 135.66
N PRO H 577 4.09 27.62 136.97
CA PRO H 577 5.11 28.16 137.86
C PRO H 577 6.47 27.54 137.58
N GLN H 578 7.47 28.05 138.29
CA GLN H 578 8.83 27.58 138.09
C GLN H 578 8.98 26.13 138.53
N ARG H 579 8.39 25.77 139.65
CA ARG H 579 8.48 24.39 140.13
C ARG H 579 7.18 23.65 139.83
N PRO H 580 7.25 22.47 139.24
CA PRO H 580 6.03 21.72 138.93
C PRO H 580 5.35 21.26 140.21
N PRO H 581 4.07 21.57 140.38
CA PRO H 581 3.37 21.16 141.60
C PRO H 581 3.04 19.67 141.56
N GLU H 582 3.01 19.07 142.75
CA GLU H 582 2.70 17.65 142.87
C GLU H 582 1.22 17.41 142.59
N ALA H 583 0.94 16.50 141.66
CA ALA H 583 -0.42 16.17 141.29
C ALA H 583 -0.47 14.75 140.76
N MET H 584 -1.67 14.30 140.41
CA MET H 584 -1.85 12.96 139.88
C MET H 584 -1.51 12.92 138.40
N PRO H 585 -0.66 12.00 137.96
CA PRO H 585 -0.29 11.94 136.54
C PRO H 585 -1.43 11.43 135.68
N THR H 586 -1.52 11.96 134.46
CA THR H 586 -2.53 11.54 133.50
C THR H 586 -1.87 11.42 132.14
N VAL H 587 -2.64 10.92 131.19
CA VAL H 587 -2.15 10.69 129.83
C VAL H 587 -2.64 11.81 128.92
N ASN H 588 -1.72 12.37 128.14
CA ASN H 588 -2.03 13.40 127.16
C ASN H 588 -1.40 13.02 125.82
N ALA H 589 -1.88 13.65 124.76
CA ALA H 589 -1.45 13.31 123.41
C ALA H 589 -1.26 14.59 122.61
N THR H 590 -0.03 14.79 122.12
CA THR H 590 0.28 15.89 121.24
C THR H 590 0.26 15.41 119.78
N LEU H 591 0.70 16.26 118.87
CA LEU H 591 0.69 15.95 117.44
C LEU H 591 2.10 16.00 116.89
N ARG H 592 2.38 15.11 115.94
CA ARG H 592 3.67 15.09 115.24
C ARG H 592 3.55 15.99 114.03
N ILE H 593 3.96 17.25 114.17
CA ILE H 593 3.84 18.21 113.08
C ILE H 593 4.65 17.75 111.88
N ILE H 594 5.84 17.21 112.13
CA ILE H 594 6.78 16.84 111.07
C ILE H 594 6.78 15.34 110.91
N ASN H 595 6.77 14.88 109.65
CA ASN H 595 6.85 13.45 109.39
C ASN H 595 8.19 12.87 109.82
N GLY H 596 9.22 13.70 109.94
CA GLY H 596 10.49 13.26 110.48
C GLY H 596 10.51 13.01 111.96
N ASN H 597 9.51 13.49 112.69
CA ASN H 597 9.41 13.25 114.13
C ASN H 597 9.06 11.81 114.46
N ILE H 598 8.85 10.96 113.46
CA ILE H 598 8.58 9.54 113.74
C ILE H 598 9.82 8.91 114.36
N PRO H 599 9.68 8.05 115.37
CA PRO H 599 10.85 7.41 115.96
C PRO H 599 11.67 6.65 114.92
N VAL H 600 12.98 6.73 115.07
CA VAL H 600 13.92 6.10 114.14
C VAL H 600 13.82 4.57 114.14
N PRO H 601 13.40 3.90 115.21
CA PRO H 601 13.14 2.46 115.07
C PRO H 601 12.14 2.13 113.99
N LEU H 602 11.13 2.98 113.80
CA LEU H 602 10.15 2.77 112.74
C LEU H 602 10.58 3.38 111.42
N CYS H 603 11.14 4.58 111.45
CA CYS H 603 11.66 5.21 110.23
C CYS H 603 13.18 5.22 110.28
N PRO H 604 13.86 4.26 109.66
CA PRO H 604 15.31 4.16 109.80
C PRO H 604 16.04 5.30 109.11
N ILE H 605 17.37 5.30 109.23
CA ILE H 605 18.18 6.37 108.65
C ILE H 605 18.51 6.10 107.18
N SER H 606 18.77 4.84 106.85
CA SER H 606 19.08 4.50 105.46
C SER H 606 17.94 4.87 104.53
N PHE H 607 16.70 4.66 104.95
CA PHE H 607 15.56 5.04 104.12
C PHE H 607 15.52 6.54 103.87
N ARG H 608 15.75 7.34 104.92
CA ARG H 608 15.73 8.79 104.75
C ARG H 608 16.86 9.24 103.84
N ASP H 609 18.04 8.64 103.98
CA ASP H 609 19.16 9.03 103.12
C ASP H 609 18.89 8.66 101.67
N CYS H 610 18.27 7.51 101.44
CA CYS H 610 17.94 7.12 100.06
C CYS H 610 16.88 8.04 99.48
N ARG H 611 15.90 8.44 100.30
CA ARG H 611 14.89 9.39 99.85
C ARG H 611 15.51 10.73 99.48
N GLY H 612 16.47 11.20 100.29
CA GLY H 612 17.15 12.43 99.95
C GLY H 612 17.98 12.30 98.68
N THR H 613 18.60 11.13 98.48
CA THR H 613 19.31 10.87 97.24
C THR H 613 18.37 10.97 96.05
N GLN H 614 17.17 10.41 96.17
CA GLN H 614 16.19 10.52 95.10
C GLN H 614 15.74 11.97 94.90
N LEU H 615 15.55 12.70 95.98
CA LEU H 615 15.14 14.10 95.88
C LEU H 615 16.17 14.93 95.13
N GLY H 616 17.39 15.03 95.67
CA GLY H 616 18.43 15.81 95.05
C GLY H 616 19.05 15.10 93.87
N LEU H 617 18.24 14.83 92.83
CA LEU H 617 18.72 14.07 91.70
C LEU H 617 19.66 14.90 90.82
N GLY H 618 19.15 15.99 90.26
CA GLY H 618 19.95 16.82 89.38
C GLY H 618 19.94 18.28 89.77
N ARG H 619 19.81 18.54 91.06
CA ARG H 619 19.74 19.91 91.56
C ARG H 619 21.16 20.43 91.79
N HIS H 620 21.27 21.59 92.46
CA HIS H 620 22.57 22.20 92.66
C HIS H 620 23.37 21.47 93.71
N THR H 621 24.67 21.37 93.48
CA THR H 621 25.61 20.70 94.38
C THR H 621 26.78 21.65 94.66
N MET H 622 27.39 21.47 95.82
CA MET H 622 28.52 22.28 96.26
C MET H 622 29.83 21.59 95.89
N THR H 623 30.86 22.40 95.67
CA THR H 623 32.14 21.86 95.23
C THR H 623 32.94 21.36 96.43
N PRO H 624 33.79 20.34 96.23
CA PRO H 624 34.60 19.83 97.35
C PRO H 624 35.50 20.87 97.96
N ALA H 625 35.93 21.88 97.20
CA ALA H 625 36.74 22.94 97.78
C ALA H 625 35.99 23.66 98.90
N THR H 626 34.81 24.21 98.58
CA THR H 626 34.00 24.86 99.61
C THR H 626 33.61 23.88 100.70
N ILE H 627 33.32 22.63 100.34
CA ILE H 627 32.94 21.65 101.35
C ILE H 627 34.05 21.48 102.38
N LYS H 628 35.27 21.23 101.92
CA LYS H 628 36.39 21.03 102.84
C LYS H 628 36.72 22.30 103.60
N ALA H 629 36.57 23.46 102.95
CA ALA H 629 36.84 24.72 103.65
C ALA H 629 35.90 24.90 104.82
N VAL H 630 34.59 24.74 104.58
CA VAL H 630 33.61 24.89 105.65
C VAL H 630 33.81 23.81 106.71
N LYS H 631 34.19 22.60 106.29
CA LYS H 631 34.41 21.54 107.27
C LYS H 631 35.58 21.88 108.20
N ASP H 632 36.70 22.32 107.64
CA ASP H 632 37.83 22.73 108.47
C ASP H 632 37.46 23.88 109.38
N THR H 633 36.72 24.86 108.85
CA THR H 633 36.31 25.99 109.67
C THR H 633 35.45 25.54 110.85
N PHE H 634 34.51 24.63 110.60
CA PHE H 634 33.60 24.20 111.66
C PHE H 634 34.32 23.33 112.69
N GLU H 635 35.27 22.51 112.24
CA GLU H 635 35.96 21.60 113.15
C GLU H 635 37.14 22.25 113.86
N ASP H 636 37.60 23.41 113.41
CA ASP H 636 38.75 24.06 114.04
C ASP H 636 38.39 24.57 115.42
N ARG H 637 39.28 24.38 116.37
CA ARG H 637 39.11 24.87 117.73
C ARG H 637 39.95 26.09 118.03
N ALA H 638 40.82 26.50 117.10
CA ALA H 638 41.63 27.69 117.26
C ALA H 638 40.95 28.94 116.73
N TYR H 639 39.62 28.93 116.67
CA TYR H 639 38.86 30.08 116.19
C TYR H 639 39.07 31.26 117.14
N PRO H 640 39.50 32.41 116.64
CA PRO H 640 39.77 33.54 117.55
C PRO H 640 38.49 34.13 118.12
N THR H 641 38.53 34.44 119.41
CA THR H 641 37.39 35.04 120.09
C THR H 641 37.13 36.46 119.64
N ILE H 642 38.08 37.10 118.96
CA ILE H 642 37.85 38.45 118.46
C ILE H 642 36.72 38.44 117.45
N PHE H 643 36.57 37.37 116.67
CA PHE H 643 35.46 37.27 115.73
C PHE H 643 34.12 37.25 116.45
N TYR H 644 34.00 36.43 117.50
CA TYR H 644 32.77 36.39 118.28
C TYR H 644 32.47 37.74 118.91
N MET H 645 33.50 38.40 119.47
CA MET H 645 33.30 39.70 120.08
C MET H 645 32.80 40.72 119.06
N LEU H 646 33.46 40.79 117.90
CA LEU H 646 33.06 41.73 116.86
C LEU H 646 31.66 41.43 116.36
N GLU H 647 31.32 40.14 116.23
CA GLU H 647 29.97 39.76 115.82
C GLU H 647 28.94 40.25 116.81
N ALA H 648 29.16 39.99 118.10
CA ALA H 648 28.21 40.43 119.12
C ALA H 648 28.10 41.95 119.15
N VAL H 649 29.20 42.65 118.90
CA VAL H 649 29.15 44.12 118.92
C VAL H 649 28.36 44.63 117.74
N ILE H 650 28.55 44.04 116.55
CA ILE H 650 27.80 44.49 115.38
C ILE H 650 26.32 44.16 115.53
N HIS H 651 26.02 43.01 116.14
CA HIS H 651 24.65 42.55 116.40
C HIS H 651 23.77 42.61 115.15
N GLY H 652 24.39 42.52 113.97
CA GLY H 652 23.65 42.44 112.73
C GLY H 652 22.90 43.71 112.36
N ASN H 653 23.64 44.76 112.03
CA ASN H 653 23.05 46.01 111.60
C ASN H 653 23.86 46.57 110.44
N GLU H 654 23.16 47.02 109.39
CA GLU H 654 23.84 47.53 108.20
C GLU H 654 24.57 48.83 108.51
N ARG H 655 23.99 49.68 109.35
CA ARG H 655 24.67 50.91 109.73
C ARG H 655 26.01 50.63 110.40
N ASN H 656 26.17 49.46 111.00
CA ASN H 656 27.45 49.06 111.58
C ASN H 656 28.34 48.37 110.56
N PHE H 657 27.75 47.52 109.71
CA PHE H 657 28.55 46.77 108.75
C PHE H 657 29.20 47.69 107.73
N CYS H 658 28.42 48.59 107.13
CA CYS H 658 28.99 49.51 106.14
C CYS H 658 30.08 50.38 106.73
N ALA H 659 29.99 50.73 108.00
CA ALA H 659 31.06 51.50 108.65
C ALA H 659 32.28 50.66 108.93
N LEU H 660 32.10 49.42 109.37
CA LEU H 660 33.22 48.53 109.70
C LEU H 660 33.73 47.78 108.49
N LEU H 661 33.28 48.13 107.28
CA LEU H 661 33.73 47.45 106.08
C LEU H 661 35.26 47.45 105.98
N ARG H 662 35.90 48.54 106.37
CA ARG H 662 37.35 48.67 106.20
C ARG H 662 38.08 47.61 107.02
N LEU H 663 37.77 47.50 108.31
CA LEU H 663 38.44 46.53 109.16
C LEU H 663 38.09 45.11 108.77
N LEU H 664 36.86 44.89 108.30
CA LEU H 664 36.40 43.54 108.01
C LEU H 664 37.17 42.91 106.87
N THR H 665 37.40 43.66 105.79
CA THR H 665 38.17 43.12 104.67
C THR H 665 39.55 42.68 105.12
N GLN H 666 40.26 43.54 105.85
CA GLN H 666 41.61 43.22 106.28
C GLN H 666 41.62 42.02 107.22
N CYS H 667 40.69 41.97 108.17
CA CYS H 667 40.68 40.85 109.11
C CYS H 667 40.33 39.54 108.42
N ILE H 668 39.38 39.56 107.49
CA ILE H 668 39.01 38.35 106.77
C ILE H 668 40.18 37.87 105.93
N ARG H 669 40.84 38.79 105.22
CA ARG H 669 41.98 38.39 104.38
C ARG H 669 43.13 37.85 105.23
N GLY H 670 43.36 38.47 106.40
CA GLY H 670 44.42 37.99 107.27
C GLY H 670 44.12 36.62 107.84
N TYR H 671 42.87 36.36 108.21
CA TYR H 671 42.52 35.03 108.70
C TYR H 671 42.55 34.01 107.58
N TRP H 672 42.25 34.42 106.35
CA TRP H 672 42.24 33.45 105.26
C TRP H 672 43.66 33.09 104.83
N GLU H 673 44.49 34.08 104.52
CA GLU H 673 45.83 33.75 104.04
C GLU H 673 46.77 33.42 105.20
N GLN H 674 46.28 32.58 106.11
CA GLN H 674 47.11 31.92 107.11
C GLN H 674 46.76 30.44 107.29
N SER H 675 45.52 30.03 107.04
CA SER H 675 45.12 28.64 107.16
C SER H 675 44.17 28.19 106.07
N HIS H 676 43.86 29.05 105.10
CA HIS H 676 42.92 28.75 104.02
C HIS H 676 41.57 28.31 104.58
N ARG H 677 40.95 29.22 105.33
CA ARG H 677 39.65 28.97 105.93
C ARG H 677 38.84 30.25 105.91
N VAL H 678 37.55 30.11 105.66
CA VAL H 678 36.63 31.23 105.67
C VAL H 678 36.09 31.42 107.08
N ALA H 679 35.69 32.64 107.40
CA ALA H 679 35.23 32.99 108.73
C ALA H 679 33.83 33.60 108.64
N PHE H 680 33.30 33.97 109.81
CA PHE H 680 32.00 34.65 109.92
C PHE H 680 30.86 33.80 109.36
N VAL H 681 30.92 32.49 109.60
CA VAL H 681 29.82 31.62 109.22
C VAL H 681 28.84 31.40 110.36
N ASN H 682 29.09 31.95 111.54
CA ASN H 682 28.17 31.80 112.66
C ASN H 682 26.83 32.44 112.36
N ASN H 683 26.83 33.71 111.98
CA ASN H 683 25.61 34.48 111.81
C ASN H 683 25.15 34.46 110.35
N PHE H 684 23.82 34.44 110.17
CA PHE H 684 23.28 34.49 108.82
C PHE H 684 23.30 35.89 108.24
N HIS H 685 23.25 36.92 109.09
CA HIS H 685 23.37 38.29 108.59
C HIS H 685 24.83 38.71 108.50
N MET H 686 25.66 37.86 107.95
CA MET H 686 27.03 38.27 107.62
C MET H 686 27.42 37.91 106.21
N LEU H 687 27.06 36.71 105.75
CA LEU H 687 27.44 36.30 104.41
C LEU H 687 26.62 37.02 103.36
N MET H 688 25.36 37.36 103.66
CA MET H 688 24.58 38.15 102.74
C MET H 688 25.17 39.54 102.56
N TYR H 689 25.53 40.20 103.66
CA TYR H 689 26.19 41.50 103.56
C TYR H 689 27.52 41.39 102.82
N ILE H 690 28.28 40.33 103.08
CA ILE H 690 29.56 40.14 102.40
C ILE H 690 29.34 40.01 100.89
N THR H 691 28.38 39.17 100.50
CA THR H 691 28.14 38.95 99.09
C THR H 691 27.55 40.19 98.41
N THR H 692 26.85 41.04 99.17
CA THR H 692 26.27 42.23 98.56
C THR H 692 27.31 43.34 98.41
N TYR H 693 28.16 43.51 99.42
CA TYR H 693 29.17 44.60 99.35
C TYR H 693 30.47 44.13 98.70
N LEU H 694 31.16 43.19 99.35
CA LEU H 694 32.45 42.70 98.87
C LEU H 694 32.26 41.64 97.78
N GLY H 695 31.47 41.99 96.77
CA GLY H 695 31.20 41.08 95.67
C GLY H 695 31.74 41.64 94.37
N ASN H 696 32.65 42.62 94.48
CA ASN H 696 33.23 43.25 93.31
C ASN H 696 34.69 42.89 93.08
N GLY H 697 35.36 42.30 94.07
CA GLY H 697 36.74 41.90 93.88
C GLY H 697 37.68 42.30 95.00
N GLU H 698 37.11 42.76 96.13
CA GLU H 698 37.95 43.11 97.27
C GLU H 698 38.63 41.89 97.86
N LEU H 699 37.90 40.79 97.94
CA LEU H 699 38.45 39.53 98.42
C LEU H 699 38.97 38.71 97.26
N PRO H 700 39.91 37.78 97.51
CA PRO H 700 40.36 36.89 96.44
C PRO H 700 39.22 36.09 95.85
N GLU H 701 39.44 35.59 94.64
CA GLU H 701 38.40 34.90 93.88
C GLU H 701 37.92 33.62 94.52
N VAL H 702 38.48 33.21 95.66
CA VAL H 702 38.09 31.95 96.28
C VAL H 702 37.06 32.15 97.38
N CYS H 703 37.23 33.18 98.22
CA CYS H 703 36.31 33.36 99.35
C CYS H 703 34.93 33.78 98.88
N ILE H 704 34.86 34.74 97.97
CA ILE H 704 33.56 35.13 97.42
C ILE H 704 32.93 33.96 96.70
N ASN H 705 33.73 33.08 96.09
CA ASN H 705 33.17 31.91 95.43
C ASN H 705 32.57 30.94 96.43
N ILE H 706 33.25 30.73 97.56
CA ILE H 706 32.69 29.87 98.60
C ILE H 706 31.37 30.45 99.12
N TYR H 707 31.36 31.75 99.38
CA TYR H 707 30.13 32.40 99.85
C TYR H 707 29.00 32.24 98.84
N ARG H 708 29.31 32.47 97.56
CA ARG H 708 28.31 32.32 96.51
C ARG H 708 27.79 30.90 96.44
N ASP H 709 28.68 29.92 96.59
CA ASP H 709 28.25 28.52 96.55
C ASP H 709 27.29 28.21 97.69
N LEU H 710 27.60 28.69 98.90
CA LEU H 710 26.69 28.47 100.01
C LEU H 710 25.33 29.11 99.76
N LEU H 711 25.33 30.36 99.31
CA LEU H 711 24.07 31.04 99.04
C LEU H 711 23.28 30.32 97.96
N GLN H 712 23.97 29.82 96.94
CA GLN H 712 23.27 29.16 95.84
C GLN H 712 22.69 27.82 96.29
N HIS H 713 23.40 27.09 97.16
CA HIS H 713 22.82 25.87 97.71
C HIS H 713 21.57 26.17 98.53
N VAL H 714 21.61 27.23 99.33
CA VAL H 714 20.42 27.63 100.08
C VAL H 714 19.26 27.93 99.13
N ARG H 715 19.52 28.71 98.09
CA ARG H 715 18.48 29.02 97.13
C ARG H 715 17.97 27.79 96.41
N ALA H 716 18.84 26.81 96.15
CA ALA H 716 18.40 25.59 95.48
C ALA H 716 17.48 24.77 96.36
N LEU H 717 17.78 24.69 97.67
CA LEU H 717 16.83 24.04 98.57
C LEU H 717 15.50 24.77 98.60
N ARG H 718 15.56 26.11 98.67
CA ARG H 718 14.33 26.89 98.64
C ARG H 718 13.51 26.59 97.39
N GLN H 719 14.17 26.48 96.24
CA GLN H 719 13.47 26.20 94.99
C GLN H 719 12.90 24.79 94.97
N THR H 720 13.65 23.81 95.50
CA THR H 720 13.11 22.45 95.65
C THR H 720 11.80 22.45 96.43
N ILE H 721 11.73 23.27 97.48
CA ILE H 721 10.50 23.34 98.28
C ILE H 721 9.30 23.64 97.40
N THR H 722 9.33 24.75 96.66
CA THR H 722 8.19 25.10 95.83
C THR H 722 8.07 24.16 94.64
N ASP H 723 9.13 23.42 94.31
CA ASP H 723 9.04 22.47 93.21
C ASP H 723 8.18 21.27 93.58
N PHE H 724 8.36 20.73 94.78
CA PHE H 724 7.67 19.51 95.17
C PHE H 724 6.30 19.77 95.79
N THR H 725 5.68 20.92 95.49
CA THR H 725 4.34 21.22 95.97
C THR H 725 3.51 21.76 94.83
N ILE H 726 2.20 21.66 94.97
CA ILE H 726 1.26 22.16 93.97
C ILE H 726 0.85 23.58 94.35
N GLN H 727 0.90 24.48 93.37
CA GLN H 727 0.64 25.89 93.59
C GLN H 727 -0.77 26.26 93.12
N GLY H 728 -1.36 27.23 93.80
CA GLY H 728 -2.67 27.72 93.41
C GLY H 728 -3.78 27.34 94.38
N GLU H 729 -3.45 27.25 95.67
CA GLU H 729 -4.45 26.93 96.68
C GLU H 729 -4.03 27.54 98.00
N GLY H 730 -4.90 28.38 98.57
CA GLY H 730 -4.64 28.99 99.85
C GLY H 730 -5.89 29.13 100.69
N HIS H 731 -5.86 28.62 101.90
CA HIS H 731 -7.01 28.65 102.79
C HIS H 731 -6.98 29.94 103.62
N ASN H 732 -7.80 29.99 104.66
CA ASN H 732 -7.90 31.19 105.49
C ASN H 732 -6.54 31.62 106.01
N GLY H 733 -5.70 30.66 106.39
CA GLY H 733 -4.35 30.97 106.80
C GLY H 733 -3.41 31.16 105.63
N GLU H 734 -2.22 30.57 105.72
CA GLU H 734 -1.27 30.66 104.63
C GLU H 734 -1.69 29.75 103.48
N THR H 735 -0.99 29.90 102.36
CA THR H 735 -1.24 29.13 101.15
C THR H 735 -0.63 27.74 101.18
N SER H 736 -0.54 27.12 100.01
CA SER H 736 0.02 25.78 99.90
C SER H 736 1.41 25.67 100.49
N GLU H 737 2.21 26.74 100.42
CA GLU H 737 3.61 26.65 100.81
C GLU H 737 3.75 26.24 102.27
N ALA H 738 3.30 27.08 103.19
CA ALA H 738 3.37 26.71 104.60
C ALA H 738 2.27 25.73 104.98
N LEU H 739 1.27 25.52 104.13
CA LEU H 739 0.34 24.43 104.37
C LEU H 739 1.01 23.08 104.18
N ASN H 740 2.10 23.03 103.41
CA ASN H 740 2.84 21.80 103.15
C ASN H 740 4.10 21.69 104.00
N ASN H 741 4.84 22.77 104.15
CA ASN H 741 6.13 22.73 104.84
C ASN H 741 6.10 23.65 106.07
N ILE H 742 7.21 23.66 106.80
CA ILE H 742 7.35 24.52 107.97
C ILE H 742 8.48 25.51 107.72
N LEU H 743 9.40 25.15 106.82
CA LEU H 743 10.49 26.07 106.49
C LEU H 743 9.98 27.32 105.79
N THR H 744 8.81 27.25 105.16
CA THR H 744 8.18 28.42 104.56
C THR H 744 7.02 28.94 105.41
N ASP H 745 7.01 28.63 106.70
CA ASP H 745 5.97 29.07 107.60
C ASP H 745 6.46 30.23 108.44
N ASP H 746 5.57 31.18 108.71
CA ASP H 746 5.92 32.36 109.49
C ASP H 746 5.70 32.16 110.98
N THR H 747 4.84 31.21 111.36
CA THR H 747 4.67 30.91 112.78
C THR H 747 5.96 30.33 113.36
N PHE H 748 6.71 29.58 112.57
CA PHE H 748 8.01 29.09 112.99
C PHE H 748 9.01 30.24 113.00
N ILE H 749 9.94 30.19 113.95
CA ILE H 749 10.94 31.24 114.11
C ILE H 749 12.32 30.62 114.19
N ALA H 750 13.32 31.35 113.71
CA ALA H 750 14.70 30.92 113.79
C ALA H 750 15.17 30.93 115.24
N PRO H 751 16.22 30.16 115.55
CA PRO H 751 16.70 30.15 116.94
C PRO H 751 17.34 31.46 117.38
N ILE H 752 17.98 32.18 116.46
CA ILE H 752 18.67 33.43 116.77
C ILE H 752 17.94 34.56 116.05
N LEU H 753 17.73 35.66 116.78
CA LEU H 753 17.03 36.82 116.23
C LEU H 753 17.83 38.08 116.54
N TRP H 754 17.89 38.98 115.57
CA TRP H 754 18.58 40.25 115.74
C TRP H 754 17.66 41.46 115.62
N ASP H 755 16.47 41.28 115.05
CA ASP H 755 15.47 42.32 114.98
C ASP H 755 14.09 41.72 115.21
N CYS H 756 13.08 42.58 115.30
CA CYS H 756 11.73 42.17 115.62
C CYS H 756 10.85 42.03 114.39
N ASP H 757 11.41 42.15 113.18
CA ASP H 757 10.61 42.00 111.98
C ASP H 757 10.05 40.59 111.85
N ALA H 758 10.78 39.58 112.33
CA ALA H 758 10.24 38.23 112.36
C ALA H 758 9.04 38.14 113.28
N LEU H 759 9.10 38.79 114.44
CA LEU H 759 7.95 38.83 115.33
C LEU H 759 6.76 39.51 114.66
N ILE H 760 7.02 40.59 113.93
CA ILE H 760 5.94 41.29 113.22
C ILE H 760 5.30 40.36 112.19
N TYR H 761 6.13 39.68 111.40
CA TYR H 761 5.61 38.78 110.38
C TYR H 761 4.82 37.64 111.01
N ARG H 762 5.30 37.10 112.13
CA ARG H 762 4.58 36.01 112.78
C ARG H 762 3.24 36.49 113.33
N ASP H 763 3.21 37.65 113.96
CA ASP H 763 1.96 38.17 114.51
C ASP H 763 0.98 38.56 113.41
N GLU H 764 1.48 38.91 112.23
CA GLU H 764 0.61 39.31 111.14
C GLU H 764 0.13 38.15 110.29
N ALA H 765 0.93 37.09 110.16
CA ALA H 765 0.62 36.04 109.19
C ALA H 765 -0.55 35.18 109.65
N ALA H 766 -0.44 34.58 110.83
CA ALA H 766 -1.46 33.64 111.27
C ALA H 766 -2.77 34.36 111.55
N ARG H 767 -2.77 35.23 112.57
CA ARG H 767 -3.91 36.06 112.95
C ARG H 767 -5.17 35.27 113.23
N ASP H 768 -5.08 33.94 113.23
CA ASP H 768 -6.22 33.07 113.51
C ASP H 768 -5.95 32.13 114.67
N ARG H 769 -4.81 31.44 114.66
CA ARG H 769 -4.44 30.61 115.79
C ARG H 769 -4.01 31.49 116.96
N LEU H 770 -4.54 31.19 118.15
CA LEU H 770 -4.31 32.00 119.33
C LEU H 770 -2.83 32.07 119.68
N PRO H 771 -2.19 33.21 119.52
CA PRO H 771 -0.77 33.34 119.83
C PRO H 771 -0.55 33.85 121.25
N ALA H 772 0.67 33.60 121.74
CA ALA H 772 1.05 34.07 123.07
C ALA H 772 2.57 34.15 123.14
N ILE H 773 3.10 35.28 123.58
CA ILE H 773 4.53 35.49 123.71
C ILE H 773 4.84 35.87 125.15
N ARG H 774 5.91 35.29 125.68
CA ARG H 774 6.36 35.57 127.04
C ARG H 774 7.80 36.06 126.97
N VAL H 775 7.99 37.37 126.85
CA VAL H 775 9.33 37.96 126.74
C VAL H 775 9.77 38.29 128.15
N SER H 776 10.33 37.29 128.83
CA SER H 776 10.93 37.43 130.15
C SER H 776 9.97 38.12 131.13
N GLY H 777 8.85 37.44 131.38
CA GLY H 777 7.87 37.98 132.31
C GLY H 777 6.59 38.42 131.64
N ARG H 778 6.39 39.73 131.53
CA ARG H 778 5.19 40.27 130.94
C ARG H 778 5.00 39.73 129.52
N ASN H 779 3.74 39.59 129.13
CA ASN H 779 3.38 39.10 127.80
C ASN H 779 3.22 40.28 126.86
N GLY H 780 3.96 40.25 125.75
CA GLY H 780 3.95 41.36 124.81
C GLY H 780 5.25 42.14 124.84
N TYR H 781 5.87 42.29 123.68
CA TYR H 781 7.17 42.93 123.58
C TYR H 781 7.02 44.42 123.27
N GLN H 782 8.06 45.18 123.61
CA GLN H 782 8.10 46.62 123.38
C GLN H 782 9.31 46.93 122.52
N ALA H 783 9.06 47.34 121.29
CA ALA H 783 10.12 47.66 120.34
C ALA H 783 10.40 49.15 120.33
N LEU H 784 11.69 49.50 120.25
CA LEU H 784 12.09 50.90 120.21
C LEU H 784 13.29 51.03 119.28
N HIS H 785 13.63 52.28 118.97
CA HIS H 785 14.69 52.58 118.02
C HIS H 785 16.06 52.46 118.70
N PHE H 786 17.09 52.97 118.03
CA PHE H 786 18.46 52.82 118.50
C PHE H 786 18.65 53.45 119.88
N VAL H 787 19.67 52.97 120.57
CA VAL H 787 19.99 53.40 121.93
C VAL H 787 21.28 54.22 121.87
N ASP H 788 21.28 55.36 122.57
CA ASP H 788 22.47 56.21 122.58
C ASP H 788 23.58 55.57 123.41
N MET H 789 24.73 56.22 123.41
CA MET H 789 25.86 55.74 124.20
C MET H 789 25.65 56.03 125.68
N ALA H 790 25.10 57.20 126.01
CA ALA H 790 24.97 57.61 127.40
C ALA H 790 23.97 56.74 128.15
N GLY H 791 22.71 56.76 127.73
CA GLY H 791 21.69 55.99 128.41
C GLY H 791 21.48 54.63 127.78
N HIS H 792 22.12 53.60 128.35
CA HIS H 792 22.02 52.25 127.84
C HIS H 792 21.22 51.32 128.74
N ASN H 793 21.39 51.43 130.06
CA ASN H 793 20.59 50.69 131.03
C ASN H 793 20.69 49.18 130.80
N PHE H 794 21.91 48.68 131.04
CA PHE H 794 22.18 47.24 130.89
C PHE H 794 21.15 46.39 131.62
N GLN H 795 20.66 46.85 132.76
CA GLN H 795 19.62 46.16 133.52
C GLN H 795 18.27 46.68 133.07
N ARG H 796 17.49 45.83 132.42
CA ARG H 796 16.21 46.24 131.86
C ARG H 796 15.24 45.07 131.92
N ARG H 797 13.99 45.34 131.54
CA ARG H 797 12.94 44.33 131.55
C ARG H 797 11.94 44.62 130.45
N ASP H 798 11.67 43.62 129.61
CA ASP H 798 10.66 43.69 128.56
C ASP H 798 10.95 44.85 127.59
N ASN H 799 12.08 44.74 126.92
CA ASN H 799 12.49 45.75 125.93
C ASN H 799 13.32 45.07 124.86
N VAL H 800 12.94 45.27 123.60
CA VAL H 800 13.67 44.71 122.47
C VAL H 800 14.05 45.84 121.52
N LEU H 801 15.22 45.70 120.91
CA LEU H 801 15.77 46.72 120.03
C LEU H 801 15.61 46.32 118.57
N ILE H 802 15.77 47.32 117.70
CA ILE H 802 15.74 47.09 116.26
C ILE H 802 16.93 47.72 115.54
N HIS H 803 17.85 48.33 116.27
CA HIS H 803 19.08 48.89 115.70
C HIS H 803 18.78 50.03 114.71
N GLY H 804 17.80 50.86 115.07
CA GLY H 804 17.46 52.01 114.24
C GLY H 804 17.03 51.59 112.85
N ARG H 805 17.18 52.51 111.91
CA ARG H 805 16.80 52.29 110.53
C ARG H 805 17.90 52.82 109.62
N PRO H 806 18.10 52.19 108.45
CA PRO H 806 19.10 52.71 107.51
C PRO H 806 18.63 53.89 106.71
N VAL H 807 17.33 54.11 106.60
CA VAL H 807 16.80 55.24 105.83
C VAL H 807 15.78 56.02 106.65
N ILE H 815 6.15 57.77 116.25
CA ILE H 815 6.59 57.09 115.04
C ILE H 815 6.63 55.58 115.29
N PRO H 816 5.93 54.81 114.45
CA PRO H 816 5.81 53.38 114.68
C PRO H 816 7.01 52.60 114.14
N ILE H 817 6.99 51.30 114.42
CA ILE H 817 8.05 50.41 113.97
C ILE H 817 7.69 49.83 112.60
N THR H 818 8.70 49.32 111.91
CA THR H 818 8.54 48.80 110.56
C THR H 818 9.50 47.64 110.34
N PRO H 819 9.12 46.67 109.51
CA PRO H 819 10.04 45.55 109.23
C PRO H 819 11.30 46.02 108.54
N HIS H 820 12.42 45.40 108.89
CA HIS H 820 13.72 45.80 108.36
C HIS H 820 13.95 45.20 106.98
N HIS H 821 13.99 43.87 106.89
CA HIS H 821 14.19 43.17 105.63
C HIS H 821 12.84 42.72 105.06
N ASP H 822 12.89 41.88 104.03
CA ASP H 822 11.70 41.37 103.38
C ASP H 822 11.29 40.04 104.03
N ARG H 823 10.35 39.34 103.41
CA ARG H 823 9.79 38.12 104.00
C ARG H 823 10.67 36.90 103.73
N GLU H 824 11.12 36.73 102.48
CA GLU H 824 11.91 35.56 102.15
C GLU H 824 13.27 35.55 102.84
N TRP H 825 13.70 36.68 103.39
CA TRP H 825 14.89 36.67 104.25
C TRP H 825 14.70 35.72 105.41
N GLY H 826 13.51 35.72 106.04
CA GLY H 826 13.26 34.79 107.12
C GLY H 826 13.26 33.35 106.67
N ILE H 827 12.70 33.09 105.48
CA ILE H 827 12.69 31.72 104.97
C ILE H 827 14.11 31.23 104.72
N LEU H 828 14.93 32.07 104.09
CA LEU H 828 16.32 31.68 103.86
C LEU H 828 17.09 31.52 105.17
N SER H 829 16.80 32.34 106.17
CA SER H 829 17.46 32.20 107.46
C SER H 829 17.09 30.88 108.12
N LYS H 830 15.80 30.53 108.09
CA LYS H 830 15.36 29.24 108.62
C LYS H 830 16.06 28.10 107.89
N ILE H 831 16.08 28.15 106.55
CA ILE H 831 16.73 27.11 105.78
C ILE H 831 18.18 26.97 106.19
N TYR H 832 18.90 28.09 106.23
CA TYR H 832 20.30 28.07 106.65
C TYR H 832 20.47 27.43 108.02
N TYR H 833 19.88 28.04 109.05
CA TYR H 833 20.10 27.61 110.42
C TYR H 833 19.65 26.18 110.67
N TYR H 834 18.64 25.69 109.96
CA TYR H 834 18.09 24.39 110.25
C TYR H 834 18.52 23.31 109.26
N ILE H 835 19.33 23.65 108.25
CA ILE H 835 19.83 22.63 107.35
C ILE H 835 21.34 22.67 107.27
N VAL H 836 21.89 23.83 106.91
CA VAL H 836 23.33 23.88 106.63
C VAL H 836 24.12 23.81 107.92
N ILE H 837 23.73 24.59 108.93
CA ILE H 837 24.43 24.55 110.22
C ILE H 837 24.42 23.16 110.83
N PRO H 838 23.27 22.46 110.93
CA PRO H 838 23.33 21.09 111.46
C PRO H 838 24.09 20.14 110.56
N ALA H 839 23.96 20.28 109.23
CA ALA H 839 24.62 19.34 108.32
C ALA H 839 26.13 19.36 108.48
N PHE H 840 26.71 20.51 108.79
CA PHE H 840 28.16 20.60 108.95
C PHE H 840 28.59 20.42 110.40
N SER H 841 27.84 20.98 111.35
CA SER H 841 28.24 20.88 112.75
C SER H 841 28.09 19.46 113.27
N ARG H 842 27.00 18.78 112.91
CA ARG H 842 26.72 17.43 113.36
C ARG H 842 26.70 17.36 114.89
N GLY H 843 25.81 18.16 115.47
CA GLY H 843 25.61 18.15 116.91
C GLY H 843 26.76 18.66 117.74
N SER H 844 27.72 19.36 117.12
CA SER H 844 28.86 19.88 117.85
C SER H 844 28.70 21.34 118.27
N CYS H 845 27.99 22.14 117.48
CA CYS H 845 27.81 23.55 117.80
C CYS H 845 26.78 23.73 118.90
N CYS H 846 26.80 24.90 119.52
CA CYS H 846 25.87 25.23 120.58
C CYS H 846 25.52 26.70 120.49
N THR H 847 24.50 27.10 121.25
CA THR H 847 24.07 28.48 121.31
C THR H 847 24.26 29.03 122.72
N MET H 848 24.68 30.30 122.81
CA MET H 848 25.05 30.90 124.07
C MET H 848 24.64 32.36 124.10
N GLY H 849 24.70 32.95 125.30
CA GLY H 849 24.38 34.34 125.50
C GLY H 849 25.60 35.14 125.91
N VAL H 850 25.58 36.44 125.62
CA VAL H 850 26.73 37.30 125.78
C VAL H 850 26.56 38.18 127.01
N ARG H 851 27.66 38.83 127.40
CA ARG H 851 27.70 39.72 128.56
C ARG H 851 28.24 41.07 128.10
N TYR H 852 27.32 41.94 127.66
CA TYR H 852 27.70 43.26 127.18
C TYR H 852 28.30 44.12 128.29
N ASP H 853 27.83 43.95 129.53
CA ASP H 853 28.40 44.71 130.65
C ASP H 853 29.86 44.39 130.88
N ARG H 854 30.33 43.22 130.46
CA ARG H 854 31.74 42.86 130.54
C ARG H 854 32.45 43.03 129.21
N LEU H 855 31.72 43.19 128.12
CA LEU H 855 32.32 43.37 126.80
C LEU H 855 32.61 44.83 126.47
N TYR H 856 31.62 45.71 126.67
CA TYR H 856 31.79 47.12 126.27
C TYR H 856 32.95 47.81 126.97
N PRO H 857 33.11 47.72 128.29
CA PRO H 857 34.31 48.31 128.91
C PRO H 857 35.60 47.63 128.50
N ALA H 858 35.54 46.47 127.87
CA ALA H 858 36.74 45.75 127.46
C ALA H 858 37.23 46.17 126.09
N LEU H 859 36.36 46.68 125.23
CA LEU H 859 36.73 47.05 123.87
C LEU H 859 37.11 48.51 123.72
N GLN H 860 37.14 49.27 124.81
CA GLN H 860 37.42 50.70 124.75
C GLN H 860 38.87 51.02 125.09
N ALA H 861 39.79 50.14 124.73
CA ALA H 861 41.22 50.32 124.98
C ALA H 861 41.95 50.36 123.65
N VAL H 862 42.19 51.56 123.14
CA VAL H 862 42.87 51.75 121.86
C VAL H 862 44.17 52.52 122.10
N ILE H 863 45.24 52.05 121.48
CA ILE H 863 46.55 52.68 121.62
C ILE H 863 47.05 53.05 120.23
N VAL H 864 46.13 53.41 119.34
CA VAL H 864 46.55 53.91 118.02
C VAL H 864 47.43 55.14 118.22
N PRO H 865 48.62 55.19 117.65
CA PRO H 865 49.50 56.33 117.87
C PRO H 865 49.10 57.52 117.02
N GLU H 866 49.73 58.65 117.31
CA GLU H 866 49.50 59.86 116.53
C GLU H 866 50.48 59.91 115.37
N ILE H 867 49.97 60.10 114.16
CA ILE H 867 50.79 60.15 112.97
C ILE H 867 51.29 61.57 112.77
N PRO H 868 52.57 61.78 112.46
CA PRO H 868 53.04 63.13 112.17
C PRO H 868 52.44 63.67 110.88
N ALA H 869 52.32 64.99 110.81
CA ALA H 869 51.74 65.62 109.64
C ALA H 869 52.65 65.44 108.42
N ASP H 870 52.03 65.42 107.24
CA ASP H 870 52.74 65.27 105.97
C ASP H 870 53.58 64.00 105.95
N GLU H 871 53.06 62.94 106.56
CA GLU H 871 53.74 61.65 106.62
C GLU H 871 52.77 60.55 106.21
N GLU H 872 53.30 59.33 106.08
CA GLU H 872 52.52 58.18 105.71
C GLU H 872 52.39 57.22 106.89
N ALA H 873 51.31 56.45 106.89
CA ALA H 873 51.08 55.50 107.99
C ALA H 873 51.83 54.21 107.71
N PRO H 874 52.52 53.64 108.70
CA PRO H 874 53.27 52.40 108.45
C PRO H 874 52.34 51.24 108.17
N THR H 875 52.80 50.34 107.31
CA THR H 875 52.03 49.16 106.92
C THR H 875 52.39 47.94 107.76
N THR H 876 53.65 47.52 107.70
CA THR H 876 54.12 46.34 108.41
C THR H 876 54.26 46.65 109.91
N PRO H 877 53.98 45.67 110.78
CA PRO H 877 54.01 45.94 112.22
C PRO H 877 55.39 45.82 112.86
N GLU H 878 56.45 45.78 112.06
CA GLU H 878 57.79 45.69 112.62
C GLU H 878 58.32 47.02 113.10
N ASP H 879 57.76 48.14 112.64
CA ASP H 879 58.24 49.43 113.09
C ASP H 879 57.48 49.89 114.33
N PRO H 880 58.12 50.67 115.20
CA PRO H 880 57.44 51.11 116.42
C PRO H 880 56.25 52.03 116.16
N ARG H 881 56.14 52.60 114.96
CA ARG H 881 55.01 53.46 114.64
C ARG H 881 53.73 52.67 114.43
N HIS H 882 53.83 51.38 114.12
CA HIS H 882 52.65 50.58 113.85
C HIS H 882 51.90 50.30 115.15
N PRO H 883 50.56 50.28 115.12
CA PRO H 883 49.81 50.00 116.35
C PRO H 883 50.07 48.61 116.91
N LEU H 884 50.37 47.64 116.05
CA LEU H 884 50.61 46.27 116.49
C LEU H 884 52.03 46.04 117.00
N HIS H 885 52.76 47.10 117.30
CA HIS H 885 54.14 46.94 117.75
C HIS H 885 54.22 46.81 119.26
N ALA H 886 55.29 46.15 119.71
CA ALA H 886 55.50 45.95 121.14
C ALA H 886 55.72 47.26 121.89
N HIS H 887 56.12 48.32 121.18
CA HIS H 887 56.26 49.63 121.83
C HIS H 887 54.90 50.14 122.31
N GLN H 888 53.86 49.93 121.51
CA GLN H 888 52.53 50.43 121.81
C GLN H 888 51.60 49.34 122.31
N LEU H 889 52.12 48.13 122.50
CA LEU H 889 51.34 47.00 123.02
C LEU H 889 51.58 46.91 124.53
N VAL H 890 50.54 47.21 125.30
CA VAL H 890 50.59 47.05 126.75
C VAL H 890 49.48 46.08 127.15
N PRO H 891 49.61 45.43 128.31
CA PRO H 891 48.58 44.48 128.72
C PRO H 891 47.22 45.15 128.93
N ASN H 892 46.18 44.33 128.84
CA ASN H 892 44.80 44.77 129.01
C ASN H 892 44.44 45.87 128.01
N SER H 893 44.48 45.50 126.73
CA SER H 893 44.13 46.41 125.64
C SER H 893 43.54 45.58 124.50
N LEU H 894 43.42 46.19 123.33
CA LEU H 894 42.93 45.51 122.15
C LEU H 894 44.04 45.09 121.19
N ASN H 895 45.17 45.79 121.24
CA ASN H 895 46.32 45.35 120.47
C ASN H 895 46.79 43.97 120.92
N VAL H 896 46.68 43.66 122.21
CA VAL H 896 47.02 42.32 122.66
C VAL H 896 46.05 41.30 122.10
N TYR H 897 44.76 41.64 122.03
CA TYR H 897 43.79 40.75 121.40
C TYR H 897 44.18 40.46 119.96
N PHE H 898 44.42 41.51 119.18
CA PHE H 898 44.70 41.32 117.77
C PHE H 898 46.06 40.65 117.54
N HIS H 899 47.02 40.87 118.43
CA HIS H 899 48.29 40.19 118.30
C HIS H 899 48.17 38.70 118.62
N ASN H 900 47.40 38.36 119.66
CA ASN H 900 47.11 36.98 119.94
C ASN H 900 46.38 36.32 118.78
N ALA H 901 45.51 37.06 118.10
CA ALA H 901 44.86 36.59 116.89
C ALA H 901 45.80 36.55 115.70
N HIS H 902 46.96 37.23 115.78
CA HIS H 902 47.95 37.27 114.72
C HIS H 902 47.36 37.83 113.43
N LEU H 903 46.78 39.02 113.54
CA LEU H 903 46.27 39.76 112.41
C LEU H 903 46.97 41.11 112.32
N THR H 904 46.93 41.71 111.14
CA THR H 904 47.55 43.00 110.88
C THR H 904 46.46 44.01 110.55
N VAL H 905 46.36 45.06 111.36
CA VAL H 905 45.33 46.08 111.22
C VAL H 905 45.99 47.45 111.30
N ASP H 906 45.48 48.39 110.51
CA ASP H 906 45.99 49.75 110.49
C ASP H 906 45.26 50.59 111.53
N GLY H 907 45.44 51.91 111.46
CA GLY H 907 44.90 52.81 112.47
C GLY H 907 43.44 53.18 112.30
N ASP H 908 43.04 53.54 111.08
CA ASP H 908 41.67 53.98 110.85
C ASP H 908 40.66 52.87 111.12
N ALA H 909 41.04 51.62 110.83
CA ALA H 909 40.14 50.50 111.09
C ALA H 909 39.86 50.37 112.59
N LEU H 910 40.91 50.47 113.42
CA LEU H 910 40.69 50.45 114.85
C LEU H 910 39.96 51.69 115.32
N LEU H 911 40.13 52.81 114.61
CA LEU H 911 39.46 54.04 115.02
C LEU H 911 37.97 53.97 114.75
N THR H 912 37.55 53.22 113.72
CA THR H 912 36.13 53.12 113.38
C THR H 912 35.27 52.58 114.52
N LEU H 913 35.88 51.99 115.55
CA LEU H 913 35.08 51.47 116.67
C LEU H 913 34.41 52.59 117.44
N GLN H 914 35.05 53.76 117.53
CA GLN H 914 34.41 54.90 118.18
C GLN H 914 33.13 55.29 117.47
N GLU H 915 33.16 55.33 116.14
CA GLU H 915 31.95 55.56 115.35
C GLU H 915 30.94 54.44 115.50
N LEU H 916 31.41 53.20 115.65
CA LEU H 916 30.52 52.08 115.91
C LEU H 916 29.79 52.23 117.24
N MET H 917 30.44 52.83 118.24
CA MET H 917 29.86 52.93 119.58
C MET H 917 28.56 53.72 119.63
N GLY H 918 28.10 54.29 118.51
CA GLY H 918 26.84 55.00 118.48
C GLY H 918 25.67 54.14 118.93
N ASP H 919 25.52 52.98 118.31
CA ASP H 919 24.49 52.03 118.72
C ASP H 919 25.04 51.11 119.81
N MET H 920 24.11 50.54 120.58
CA MET H 920 24.47 49.65 121.67
C MET H 920 23.53 48.46 121.68
N ALA H 921 23.90 47.46 122.48
CA ALA H 921 23.06 46.29 122.71
C ALA H 921 23.05 46.02 124.20
N GLU H 922 21.85 46.06 124.80
CA GLU H 922 21.75 45.95 126.26
C GLU H 922 22.11 44.55 126.73
N ARG H 923 21.38 43.55 126.26
CA ARG H 923 21.54 42.20 126.75
C ARG H 923 20.93 41.24 125.74
N THR H 924 21.12 39.94 125.99
CA THR H 924 20.46 38.89 125.24
C THR H 924 19.34 38.32 126.09
N THR H 925 18.19 38.05 125.46
CA THR H 925 17.03 37.62 126.22
C THR H 925 16.38 36.41 125.56
N ALA H 926 15.31 35.92 126.20
CA ALA H 926 14.62 34.72 125.78
C ALA H 926 13.19 35.03 125.35
N ILE H 927 12.74 34.36 124.29
CA ILE H 927 11.39 34.54 123.77
C ILE H 927 10.73 33.17 123.70
N LEU H 928 9.54 33.06 124.30
CA LEU H 928 8.74 31.84 124.27
C LEU H 928 7.42 32.17 123.58
N VAL H 929 7.23 31.62 122.38
CA VAL H 929 6.01 31.81 121.63
C VAL H 929 5.22 30.52 121.63
N SER H 930 3.90 30.66 121.54
CA SER H 930 3.01 29.51 121.57
C SER H 930 1.79 29.81 120.73
N SER H 931 1.34 28.84 119.95
CA SER H 931 0.18 29.01 119.09
C SER H 931 -0.54 27.69 118.92
N ALA H 932 -1.74 27.76 118.38
CA ALA H 932 -2.53 26.57 118.08
C ALA H 932 -1.99 25.90 116.83
N PRO H 933 -2.34 24.63 116.60
CA PRO H 933 -1.96 23.98 115.34
C PRO H 933 -2.61 24.66 114.15
N ASP H 934 -2.03 24.43 112.98
CA ASP H 934 -2.48 25.11 111.78
C ASP H 934 -3.90 24.68 111.41
N ALA H 935 -4.46 25.39 110.43
CA ALA H 935 -5.82 25.11 109.97
C ALA H 935 -5.93 23.81 109.19
N GLY H 936 -4.81 23.24 108.75
CA GLY H 936 -4.87 22.00 107.99
C GLY H 936 -5.34 20.82 108.82
N ALA H 937 -5.04 20.83 110.11
CA ALA H 937 -5.47 19.79 111.03
C ALA H 937 -6.30 20.32 112.18
N ALA H 938 -6.81 21.54 112.05
CA ALA H 938 -7.58 22.16 113.13
C ALA H 938 -8.96 21.52 113.19
N THR H 939 -9.20 20.74 114.24
CA THR H 939 -10.51 20.15 114.50
C THR H 939 -11.03 20.65 115.85
N ALA H 940 -12.20 20.14 116.23
CA ALA H 940 -12.83 20.59 117.46
C ALA H 940 -12.07 20.20 118.72
N THR H 941 -11.06 19.35 118.60
CA THR H 941 -10.29 18.90 119.76
C THR H 941 -8.84 19.35 119.72
N THR H 942 -8.22 19.38 118.55
CA THR H 942 -6.80 19.72 118.47
C THR H 942 -6.52 21.16 118.87
N ARG H 943 -7.54 22.01 118.95
CA ARG H 943 -7.33 23.38 119.38
C ARG H 943 -6.74 23.42 120.79
N ASN H 944 -7.18 22.53 121.66
CA ASN H 944 -6.69 22.52 123.03
C ASN H 944 -5.19 22.22 123.07
N MET H 945 -4.69 21.42 122.14
CA MET H 945 -3.25 21.20 122.05
C MET H 945 -2.56 22.47 121.56
N ARG H 946 -1.36 22.71 122.08
CA ARG H 946 -0.61 23.91 121.77
C ARG H 946 0.87 23.56 121.64
N ILE H 947 1.54 24.20 120.70
CA ILE H 947 2.96 24.00 120.45
C ILE H 947 3.74 25.13 121.09
N TYR H 948 4.90 24.81 121.63
CA TYR H 948 5.75 25.77 122.32
C TYR H 948 7.18 25.60 121.83
N ASP H 949 7.88 26.72 121.62
CA ASP H 949 9.27 26.70 121.22
C ASP H 949 9.94 27.99 121.64
N GLY H 950 11.22 27.92 121.97
CA GLY H 950 11.95 29.07 122.47
C GLY H 950 13.00 29.58 121.52
N ALA H 951 13.36 30.86 121.66
CA ALA H 951 14.38 31.47 120.82
C ALA H 951 15.14 32.51 121.63
N LEU H 952 16.30 32.90 121.11
CA LEU H 952 17.17 33.85 121.77
C LEU H 952 17.25 35.15 120.98
N TYR H 953 17.12 36.26 121.69
CA TYR H 953 17.31 37.58 121.12
C TYR H 953 18.72 38.06 121.44
N HIS H 954 19.49 38.34 120.40
CA HIS H 954 20.87 38.80 120.50
C HIS H 954 21.79 37.74 121.11
N GLY H 955 21.57 36.47 120.73
CA GLY H 955 22.46 35.40 121.14
C GLY H 955 23.53 35.13 120.11
N LEU H 956 24.34 34.10 120.37
CA LEU H 956 25.40 33.72 119.47
C LEU H 956 25.47 32.20 119.39
N ILE H 957 26.22 31.71 118.41
CA ILE H 957 26.39 30.28 118.17
C ILE H 957 27.88 29.98 118.13
N MET H 958 28.35 29.15 119.05
CA MET H 958 29.74 28.73 119.11
C MET H 958 29.90 27.38 118.43
N MET H 959 30.92 27.27 117.57
CA MET H 959 31.12 26.03 116.83
C MET H 959 31.70 24.94 117.71
N ALA H 960 32.91 25.15 118.23
CA ALA H 960 33.59 24.15 119.04
C ALA H 960 34.26 24.84 120.21
N TYR H 961 33.70 24.65 121.41
CA TYR H 961 34.26 25.22 122.62
C TYR H 961 35.42 24.38 123.12
N GLN H 962 36.49 25.05 123.55
CA GLN H 962 37.67 24.39 124.08
C GLN H 962 37.97 24.93 125.47
N ALA H 963 38.02 24.03 126.45
CA ALA H 963 38.32 24.39 127.83
C ALA H 963 39.81 24.38 128.12
N TYR H 964 40.64 24.17 127.10
CA TYR H 964 42.09 24.09 127.28
C TYR H 964 42.79 25.35 126.83
N ASP H 965 42.11 26.50 126.87
CA ASP H 965 42.71 27.78 126.54
C ASP H 965 42.77 28.61 127.82
N GLU H 966 43.98 28.76 128.37
CA GLU H 966 44.19 29.48 129.61
C GLU H 966 44.53 30.94 129.42
N THR H 967 44.62 31.41 128.16
CA THR H 967 44.88 32.83 127.91
C THR H 967 43.71 33.68 128.38
N ILE H 968 42.49 33.23 128.10
CA ILE H 968 41.27 33.93 128.51
C ILE H 968 40.50 33.03 129.46
N ALA H 969 39.99 33.62 130.54
CA ALA H 969 39.22 32.85 131.51
C ALA H 969 37.94 32.33 130.88
N THR H 970 37.53 31.14 131.30
CA THR H 970 36.31 30.55 130.76
C THR H 970 35.08 31.31 131.24
N GLY H 971 34.08 31.41 130.36
CA GLY H 971 32.88 32.14 130.69
C GLY H 971 33.09 33.62 130.92
N THR H 972 34.09 34.20 130.26
CA THR H 972 34.37 35.62 130.45
C THR H 972 33.33 36.50 129.77
N PHE H 973 32.92 36.12 128.55
CA PHE H 973 31.93 36.88 127.82
C PHE H 973 30.70 36.08 127.40
N PHE H 974 30.75 34.75 127.44
CA PHE H 974 29.65 33.93 126.96
C PHE H 974 29.29 32.88 128.01
N TYR H 975 28.03 32.42 127.94
CA TYR H 975 27.52 31.40 128.83
C TYR H 975 26.49 30.57 128.09
N PRO H 976 26.51 29.25 128.25
CA PRO H 976 25.68 28.37 127.42
C PRO H 976 24.23 28.37 127.88
N VAL H 977 23.32 28.72 126.97
CA VAL H 977 21.89 28.62 127.20
C VAL H 977 21.26 27.95 125.98
N PRO H 978 21.37 26.64 125.84
CA PRO H 978 20.83 25.98 124.64
C PRO H 978 19.39 25.54 124.80
N VAL H 979 18.55 25.86 123.82
CA VAL H 979 17.17 25.36 123.76
C VAL H 979 16.98 24.76 122.36
N ASN H 980 17.32 23.48 122.22
CA ASN H 980 17.02 22.68 121.05
C ASN H 980 17.47 21.24 121.29
N PRO H 981 16.78 20.25 120.72
CA PRO H 981 17.36 18.90 120.71
C PRO H 981 18.50 18.78 119.72
N LEU H 982 18.63 19.73 118.80
CA LEU H 982 19.65 19.71 117.76
C LEU H 982 20.86 20.57 118.12
N PHE H 983 20.63 21.72 118.74
CA PHE H 983 21.70 22.63 119.10
C PHE H 983 22.22 22.42 120.53
N ALA H 984 21.94 21.26 121.12
CA ALA H 984 22.45 20.97 122.46
C ALA H 984 23.96 20.81 122.43
N CYS H 985 24.59 21.01 123.59
CA CYS H 985 26.03 21.01 123.72
C CYS H 985 26.43 20.36 125.04
N PRO H 986 26.83 19.09 125.03
CA PRO H 986 27.25 18.43 126.27
C PRO H 986 28.62 18.87 126.77
N GLU H 987 29.39 19.61 125.96
CA GLU H 987 30.72 20.05 126.36
C GLU H 987 30.83 21.54 126.60
N HIS H 988 29.96 22.35 125.98
CA HIS H 988 30.01 23.79 126.22
C HIS H 988 29.58 24.15 127.64
N LEU H 989 28.92 23.24 128.34
CA LEU H 989 28.49 23.50 129.70
C LEU H 989 29.66 23.69 130.66
N ALA H 990 30.86 23.24 130.28
CA ALA H 990 32.03 23.47 131.12
C ALA H 990 32.32 24.94 131.31
N SER H 991 31.88 25.80 130.39
CA SER H 991 32.07 27.23 130.54
C SER H 991 31.13 27.83 131.57
N LEU H 992 30.06 27.14 131.94
CA LEU H 992 29.15 27.64 132.95
C LEU H 992 29.76 27.47 134.34
N ARG H 993 29.44 28.40 135.22
CA ARG H 993 29.96 28.36 136.58
C ARG H 993 29.21 27.32 137.41
N GLY H 994 29.91 26.73 138.36
CA GLY H 994 29.33 25.73 139.22
C GLY H 994 28.92 24.46 138.47
N MET H 995 29.90 23.78 137.90
CA MET H 995 29.66 22.56 137.14
C MET H 995 30.35 21.39 137.83
N THR H 996 29.64 20.28 137.99
CA THR H 996 30.15 19.10 138.64
C THR H 996 30.17 17.92 137.68
N ASN H 997 30.93 16.90 138.06
CA ASN H 997 31.01 15.69 137.25
C ASN H 997 29.64 15.01 137.14
N ALA H 998 28.85 15.05 138.22
CA ALA H 998 27.51 14.46 138.18
C ALA H 998 26.64 15.18 137.17
N ARG H 999 26.62 16.52 137.22
CA ARG H 999 25.86 17.28 136.24
C ARG H 999 26.36 17.02 134.82
N ARG H 1000 27.67 16.85 134.65
CA ARG H 1000 28.21 16.60 133.32
C ARG H 1000 27.74 15.25 132.77
N VAL H 1001 27.84 14.20 133.59
CA VAL H 1001 27.43 12.88 133.12
C VAL H 1001 25.92 12.79 133.00
N LEU H 1002 25.18 13.64 133.70
CA LEU H 1002 23.74 13.68 133.49
C LEU H 1002 23.36 14.41 132.21
N ALA H 1003 24.09 15.48 131.87
CA ALA H 1003 23.80 16.23 130.68
C ALA H 1003 24.30 15.55 129.42
N LYS H 1004 25.34 14.72 129.51
CA LYS H 1004 25.87 14.08 128.32
C LYS H 1004 24.94 13.02 127.74
N MET H 1005 23.91 12.59 128.47
CA MET H 1005 22.99 11.58 127.98
C MET H 1005 21.63 12.15 127.59
N VAL H 1006 21.18 13.20 128.26
CA VAL H 1006 19.91 13.85 127.95
C VAL H 1006 20.19 15.32 127.67
N PRO H 1007 19.66 15.90 126.58
CA PRO H 1007 19.97 17.30 126.26
C PRO H 1007 19.39 18.24 127.30
N PRO H 1008 20.24 19.01 127.97
CA PRO H 1008 19.73 19.96 128.98
C PRO H 1008 19.04 21.15 128.36
N ILE H 1009 17.72 21.23 128.53
CA ILE H 1009 16.96 22.37 128.04
C ILE H 1009 16.08 22.89 129.17
N PRO H 1010 16.12 24.19 129.49
CA PRO H 1010 15.31 24.70 130.59
C PRO H 1010 13.83 24.62 130.25
N PRO H 1011 12.98 24.41 131.26
CA PRO H 1011 11.55 24.30 130.96
C PRO H 1011 10.91 25.62 130.54
N PHE H 1012 11.45 26.76 131.00
CA PHE H 1012 10.89 28.03 130.58
C PHE H 1012 11.21 28.37 129.14
N LEU H 1013 11.98 27.54 128.45
CA LEU H 1013 12.30 27.76 127.05
C LEU H 1013 11.64 26.77 126.11
N GLY H 1014 10.92 25.78 126.63
CA GLY H 1014 10.19 24.84 125.79
C GLY H 1014 10.49 23.39 126.12
N ALA H 1015 9.51 22.53 125.84
CA ALA H 1015 9.63 21.10 126.03
C ALA H 1015 9.71 20.40 124.68
N ASN H 1016 10.37 19.23 124.68
CA ASN H 1016 10.56 18.51 123.42
C ASN H 1016 9.25 17.94 122.91
N HIS H 1017 8.43 17.37 123.79
CA HIS H 1017 7.18 16.75 123.37
C HIS H 1017 6.18 17.77 122.84
N HIS H 1018 6.40 19.06 123.12
CA HIS H 1018 5.55 20.12 122.59
C HIS H 1018 6.22 20.94 121.51
N ALA H 1019 7.52 20.80 121.32
CA ALA H 1019 8.21 21.54 120.27
C ALA H 1019 8.12 20.78 118.95
N THR H 1020 8.55 21.44 117.87
CA THR H 1020 8.48 20.84 116.55
C THR H 1020 9.67 19.93 116.29
N ILE H 1021 10.88 20.48 116.31
CA ILE H 1021 12.10 19.70 116.09
C ILE H 1021 12.35 18.84 117.33
N ARG H 1022 12.63 17.56 117.11
CA ARG H 1022 12.62 16.62 118.22
C ARG H 1022 13.80 15.64 118.16
N GLN H 1023 13.82 14.76 119.15
CA GLN H 1023 14.91 13.79 119.28
C GLN H 1023 15.06 12.86 118.08
N PRO H 1024 14.00 12.46 117.37
CA PRO H 1024 14.23 11.65 116.16
C PRO H 1024 15.16 12.32 115.16
N VAL H 1025 14.84 13.55 114.74
CA VAL H 1025 15.69 14.21 113.76
C VAL H 1025 17.04 14.56 114.36
N ALA H 1026 17.09 14.83 115.68
CA ALA H 1026 18.37 15.05 116.32
C ALA H 1026 19.27 13.83 116.20
N TYR H 1027 18.77 12.66 116.58
CA TYR H 1027 19.52 11.42 116.44
C TYR H 1027 19.92 11.18 114.99
N HIS H 1028 19.00 11.42 114.06
CA HIS H 1028 19.31 11.22 112.64
C HIS H 1028 20.51 12.07 112.22
N VAL H 1029 20.49 13.37 112.53
CA VAL H 1029 21.57 14.22 112.05
C VAL H 1029 22.88 13.90 112.76
N THR H 1030 22.84 13.52 114.04
CA THR H 1030 24.09 13.22 114.73
C THR H 1030 24.65 11.84 114.41
N HIS H 1031 23.84 10.92 113.87
CA HIS H 1031 24.32 9.57 113.65
C HIS H 1031 24.48 9.17 112.19
N SER H 1032 23.84 9.86 111.25
CA SER H 1032 23.96 9.51 109.85
C SER H 1032 25.33 9.92 109.32
N LYS H 1033 25.98 9.02 108.59
CA LYS H 1033 27.25 9.29 107.94
C LYS H 1033 27.16 8.85 106.48
N SER H 1034 26.60 9.72 105.64
CA SER H 1034 26.51 9.43 104.21
C SER H 1034 27.29 10.42 103.38
N ASP H 1035 26.99 11.71 103.48
CA ASP H 1035 27.62 12.76 102.69
C ASP H 1035 27.16 14.10 103.27
N PHE H 1036 27.46 15.18 102.56
CA PHE H 1036 26.98 16.50 102.95
C PHE H 1036 25.79 16.95 102.10
N ASN H 1037 25.92 16.89 100.77
CA ASN H 1037 24.80 17.26 99.90
C ASN H 1037 23.61 16.33 100.11
N THR H 1038 23.86 15.03 100.10
CA THR H 1038 22.79 14.06 100.34
C THR H 1038 22.17 14.26 101.71
N LEU H 1039 22.99 14.58 102.72
CA LEU H 1039 22.45 14.80 104.05
C LEU H 1039 21.57 16.04 104.09
N THR H 1040 21.99 17.11 103.42
CA THR H 1040 21.16 18.31 103.33
C THR H 1040 19.82 18.00 102.67
N TYR H 1041 19.84 17.28 101.55
CA TYR H 1041 18.59 16.96 100.88
C TYR H 1041 17.73 16.02 101.72
N SER H 1042 18.34 15.12 102.48
CA SER H 1042 17.57 14.22 103.34
C SER H 1042 16.90 14.99 104.46
N LEU H 1043 17.63 15.89 105.11
CA LEU H 1043 16.99 16.75 106.11
C LEU H 1043 15.89 17.59 105.49
N LEU H 1044 16.09 18.07 104.26
CA LEU H 1044 15.06 18.83 103.61
C LEU H 1044 13.79 18.01 103.44
N GLY H 1045 13.93 16.80 102.90
CA GLY H 1045 12.78 15.93 102.74
C GLY H 1045 12.12 15.56 104.04
N GLY H 1046 12.91 15.38 105.10
CA GLY H 1046 12.32 15.13 106.40
C GLY H 1046 11.55 16.31 106.95
N TYR H 1047 11.94 17.53 106.57
CA TYR H 1047 11.22 18.74 107.00
C TYR H 1047 9.97 18.90 106.14
N PHE H 1048 8.93 18.13 106.49
CA PHE H 1048 7.65 18.21 105.81
C PHE H 1048 6.53 17.96 106.82
N LYS H 1049 5.34 18.46 106.49
CA LYS H 1049 4.20 18.32 107.37
C LYS H 1049 3.50 16.98 107.14
N PHE H 1050 2.82 16.50 108.18
CA PHE H 1050 2.09 15.24 108.13
C PHE H 1050 0.59 15.44 108.30
N THR H 1051 0.09 16.61 107.96
CA THR H 1051 -1.34 16.83 108.06
C THR H 1051 -2.05 16.24 106.83
N PRO H 1052 -3.31 15.82 106.98
CA PRO H 1052 -4.04 15.28 105.83
C PRO H 1052 -4.12 16.22 104.64
N ILE H 1053 -3.88 17.51 104.83
CA ILE H 1053 -3.85 18.44 103.70
C ILE H 1053 -2.50 18.40 103.00
N SER H 1054 -1.40 18.35 103.76
CA SER H 1054 -0.09 18.19 103.16
C SER H 1054 0.04 16.86 102.45
N LEU H 1055 -0.68 15.83 102.92
CA LEU H 1055 -0.70 14.57 102.21
C LEU H 1055 -1.32 14.71 100.82
N THR H 1056 -2.35 15.55 100.69
CA THR H 1056 -2.96 15.77 99.39
C THR H 1056 -1.96 16.35 98.40
N HIS H 1057 -1.01 17.14 98.87
CA HIS H 1057 0.03 17.68 98.00
C HIS H 1057 1.12 16.65 97.72
N GLN H 1058 1.58 15.95 98.75
CA GLN H 1058 2.70 15.03 98.57
C GLN H 1058 2.31 13.84 97.69
N LEU H 1059 1.15 13.23 97.95
CA LEU H 1059 0.73 12.08 97.16
C LEU H 1059 0.45 12.44 95.71
N ARG H 1060 0.04 13.68 95.44
CA ARG H 1060 -0.22 14.09 94.07
C ARG H 1060 1.05 14.50 93.35
N THR H 1061 2.02 15.06 94.07
CA THR H 1061 3.28 15.44 93.43
C THR H 1061 4.22 14.26 93.25
N GLY H 1062 4.08 13.22 94.06
CA GLY H 1062 4.92 12.04 93.94
C GLY H 1062 5.93 11.87 95.04
N PHE H 1063 6.01 12.80 95.98
CA PHE H 1063 6.94 12.67 97.10
C PHE H 1063 6.47 11.57 98.03
N HIS H 1064 7.29 10.54 98.19
CA HIS H 1064 6.91 9.39 98.99
C HIS H 1064 7.12 9.67 100.47
N PRO H 1065 6.09 9.72 101.29
CA PRO H 1065 6.27 9.93 102.72
C PRO H 1065 6.75 8.65 103.40
N GLY H 1066 7.08 8.78 104.68
CA GLY H 1066 7.61 7.66 105.44
C GLY H 1066 6.54 6.77 106.04
N ILE H 1067 5.64 6.26 105.20
CA ILE H 1067 4.55 5.40 105.64
C ILE H 1067 4.32 4.34 104.57
N ALA H 1068 4.23 3.08 104.98
CA ALA H 1068 3.93 1.98 104.07
C ALA H 1068 2.48 1.54 104.25
N PHE H 1069 1.99 0.80 103.26
CA PHE H 1069 0.62 0.32 103.26
C PHE H 1069 0.58 -1.15 102.89
N THR H 1070 -0.48 -1.82 103.33
CA THR H 1070 -0.81 -3.15 102.87
C THR H 1070 -2.25 -3.15 102.39
N VAL H 1071 -2.51 -3.89 101.30
CA VAL H 1071 -3.83 -3.90 100.68
C VAL H 1071 -4.50 -5.23 100.97
N VAL H 1072 -5.83 -5.20 100.98
CA VAL H 1072 -6.65 -6.38 101.18
C VAL H 1072 -7.79 -6.35 100.17
N ARG H 1073 -7.99 -7.46 99.46
CA ARG H 1073 -9.03 -7.55 98.46
C ARG H 1073 -9.69 -8.92 98.53
N GLN H 1074 -11.03 -8.93 98.45
CA GLN H 1074 -11.81 -10.15 98.53
C GLN H 1074 -12.43 -10.46 97.18
N ASP H 1075 -12.43 -11.73 96.81
CA ASP H 1075 -12.97 -12.18 95.54
C ASP H 1075 -13.83 -13.42 95.76
N ARG H 1076 -14.63 -13.75 94.75
CA ARG H 1076 -15.48 -14.94 94.80
C ARG H 1076 -15.53 -15.59 93.42
N PHE H 1077 -15.68 -16.91 93.43
CA PHE H 1077 -15.64 -17.71 92.21
C PHE H 1077 -16.74 -18.77 92.27
N ALA H 1078 -17.40 -18.97 91.13
CA ALA H 1078 -18.40 -20.03 91.02
C ALA H 1078 -17.70 -21.35 90.75
N THR H 1079 -18.05 -22.37 91.53
CA THR H 1079 -17.41 -23.67 91.42
C THR H 1079 -18.47 -24.75 91.29
N GLU H 1080 -18.04 -25.93 90.84
CA GLU H 1080 -18.89 -27.10 90.70
C GLU H 1080 -18.57 -28.05 91.85
N GLN H 1081 -19.53 -28.26 92.74
CA GLN H 1081 -19.31 -29.04 93.94
C GLN H 1081 -19.59 -30.52 93.66
N LEU H 1082 -19.54 -31.33 94.72
CA LEU H 1082 -19.79 -32.76 94.60
C LEU H 1082 -20.19 -33.27 95.98
N LEU H 1083 -21.33 -33.95 96.06
CA LEU H 1083 -21.89 -34.39 97.33
C LEU H 1083 -22.00 -35.90 97.37
N TYR H 1084 -21.72 -36.48 98.53
CA TYR H 1084 -21.88 -37.91 98.76
C TYR H 1084 -22.63 -38.12 100.05
N ALA H 1085 -23.60 -39.02 100.03
CA ALA H 1085 -24.45 -39.29 101.19
C ALA H 1085 -24.49 -40.78 101.48
N GLU H 1086 -24.88 -41.11 102.70
CA GLU H 1086 -25.04 -42.48 103.13
C GLU H 1086 -26.45 -42.98 102.80
N ARG H 1087 -26.67 -44.28 103.01
CA ARG H 1087 -27.95 -44.88 102.65
C ARG H 1087 -29.09 -44.30 103.48
N ALA H 1088 -29.06 -44.53 104.78
CA ALA H 1088 -30.12 -44.07 105.67
C ALA H 1088 -29.60 -42.84 106.40
N SER H 1089 -29.70 -41.69 105.74
CA SER H 1089 -29.20 -40.45 106.31
C SER H 1089 -30.29 -39.59 106.93
N GLU H 1090 -31.51 -39.64 106.42
CA GLU H 1090 -32.59 -38.80 106.91
C GLU H 1090 -33.87 -39.62 107.04
N SER H 1091 -34.74 -39.17 107.94
CA SER H 1091 -36.09 -39.71 108.08
C SER H 1091 -37.07 -38.64 107.65
N TYR H 1092 -37.76 -38.88 106.54
CA TYR H 1092 -38.61 -37.90 105.90
C TYR H 1092 -40.07 -38.21 106.24
N PHE H 1093 -40.79 -37.19 106.71
CA PHE H 1093 -42.21 -37.31 107.00
C PHE H 1093 -42.98 -36.40 106.06
N VAL H 1094 -44.05 -36.92 105.47
CA VAL H 1094 -44.88 -36.17 104.54
C VAL H 1094 -46.29 -36.10 105.10
N GLY H 1095 -46.81 -34.88 105.25
CA GLY H 1095 -48.16 -34.67 105.72
C GLY H 1095 -49.15 -34.68 104.57
N GLN H 1096 -50.37 -34.25 104.88
CA GLN H 1096 -51.43 -34.15 103.88
C GLN H 1096 -51.54 -32.73 103.37
N ILE H 1097 -51.95 -32.60 102.11
CA ILE H 1097 -52.00 -31.32 101.43
C ILE H 1097 -53.21 -30.55 101.91
N GLN H 1098 -53.19 -29.24 101.67
CA GLN H 1098 -54.30 -28.37 101.99
C GLN H 1098 -54.46 -27.31 100.91
N VAL H 1099 -55.72 -26.92 100.66
CA VAL H 1099 -56.07 -25.99 99.61
C VAL H 1099 -56.56 -24.69 100.25
N HIS H 1100 -56.17 -23.57 99.65
CA HIS H 1100 -56.54 -22.25 100.15
C HIS H 1100 -57.09 -21.43 98.99
N HIS H 1101 -58.37 -21.11 99.06
CA HIS H 1101 -59.00 -20.22 98.10
C HIS H 1101 -58.69 -18.77 98.47
N HIS H 1102 -58.39 -17.96 97.46
CA HIS H 1102 -58.09 -16.56 97.73
C HIS H 1102 -58.49 -15.73 96.51
N ASP H 1103 -58.82 -14.47 96.75
CA ASP H 1103 -59.16 -13.58 95.66
C ASP H 1103 -57.92 -13.19 94.86
N ALA H 1104 -58.11 -13.02 93.55
CA ALA H 1104 -57.04 -12.65 92.64
C ALA H 1104 -57.38 -11.34 91.96
N ILE H 1105 -56.48 -10.88 91.09
CA ILE H 1105 -56.68 -9.58 90.45
C ILE H 1105 -57.89 -9.59 89.52
N GLY H 1106 -58.08 -10.68 88.78
CA GLY H 1106 -59.28 -10.82 87.98
C GLY H 1106 -60.12 -12.02 88.36
N GLY H 1107 -59.46 -13.09 88.79
CA GLY H 1107 -60.15 -14.32 89.11
C GLY H 1107 -59.92 -14.80 90.52
N VAL H 1108 -59.44 -16.02 90.67
CA VAL H 1108 -59.24 -16.65 91.98
C VAL H 1108 -57.92 -17.40 91.97
N ASN H 1109 -57.16 -17.26 93.06
CA ASN H 1109 -55.89 -17.95 93.24
C ASN H 1109 -56.09 -19.08 94.26
N PHE H 1110 -55.81 -20.30 93.85
CA PHE H 1110 -55.75 -21.42 94.76
C PHE H 1110 -54.30 -21.67 95.14
N THR H 1111 -54.08 -21.94 96.42
CA THR H 1111 -52.75 -22.23 96.95
C THR H 1111 -52.76 -23.62 97.56
N LEU H 1112 -51.76 -24.42 97.20
CA LEU H 1112 -51.62 -25.78 97.71
C LEU H 1112 -50.42 -25.81 98.64
N THR H 1113 -50.62 -26.30 99.87
CA THR H 1113 -49.58 -26.29 100.88
C THR H 1113 -49.49 -27.64 101.56
N GLN H 1114 -48.27 -28.12 101.73
CA GLN H 1114 -48.04 -29.41 102.36
C GLN H 1114 -46.88 -29.35 103.35
N PRO H 1115 -47.09 -29.70 104.62
CA PRO H 1115 -46.00 -29.69 105.58
C PRO H 1115 -45.24 -31.01 105.60
N ARG H 1116 -43.96 -30.92 105.95
CA ARG H 1116 -43.07 -32.06 106.04
C ARG H 1116 -42.11 -31.84 107.20
N ALA H 1117 -41.41 -32.91 107.58
CA ALA H 1117 -40.46 -32.83 108.67
C ALA H 1117 -39.33 -33.83 108.41
N HIS H 1118 -38.16 -33.54 108.98
CA HIS H 1118 -37.00 -34.37 108.78
C HIS H 1118 -36.17 -34.45 110.06
N VAL H 1119 -35.44 -35.57 110.16
CA VAL H 1119 -34.53 -35.86 111.27
C VAL H 1119 -33.34 -36.61 110.70
N ASP H 1120 -32.16 -36.33 111.26
CA ASP H 1120 -30.96 -37.08 110.95
C ASP H 1120 -30.68 -38.06 112.08
N LEU H 1121 -30.59 -39.34 111.75
CA LEU H 1121 -30.22 -40.35 112.75
C LEU H 1121 -28.71 -40.57 112.77
N GLY H 1122 -27.98 -39.47 112.84
CA GLY H 1122 -26.54 -39.50 112.71
C GLY H 1122 -25.88 -39.70 114.07
N VAL H 1123 -25.11 -40.79 114.16
CA VAL H 1123 -24.25 -41.03 115.30
C VAL H 1123 -22.91 -40.39 114.96
N GLY H 1124 -22.80 -39.92 113.72
CA GLY H 1124 -21.62 -39.24 113.24
C GLY H 1124 -21.97 -38.34 112.07
N TYR H 1125 -21.14 -38.34 111.04
CA TYR H 1125 -21.40 -37.58 109.82
C TYR H 1125 -21.69 -38.55 108.68
N THR H 1126 -22.80 -38.33 107.99
CA THR H 1126 -23.28 -39.26 106.97
C THR H 1126 -23.30 -38.63 105.58
N ALA H 1127 -22.66 -37.49 105.41
CA ALA H 1127 -22.62 -36.82 104.12
C ALA H 1127 -21.39 -35.93 104.07
N VAL H 1128 -20.75 -35.88 102.90
CA VAL H 1128 -19.53 -35.11 102.70
C VAL H 1128 -19.61 -34.38 101.37
N CYS H 1129 -19.21 -33.11 101.38
CA CYS H 1129 -19.21 -32.27 100.19
C CYS H 1129 -17.78 -31.85 99.87
N ALA H 1130 -17.56 -31.46 98.61
CA ALA H 1130 -16.24 -31.06 98.16
C ALA H 1130 -16.37 -30.26 96.88
N THR H 1131 -15.62 -29.16 96.80
CA THR H 1131 -15.57 -28.34 95.59
C THR H 1131 -14.56 -28.97 94.62
N ALA H 1132 -15.06 -29.51 93.52
CA ALA H 1132 -14.23 -30.29 92.61
C ALA H 1132 -13.57 -29.43 91.54
N ALA H 1133 -14.36 -28.74 90.73
CA ALA H 1133 -13.86 -27.98 89.61
C ALA H 1133 -14.15 -26.49 89.81
N LEU H 1134 -13.60 -25.68 88.90
CA LEU H 1134 -13.72 -24.24 88.96
C LEU H 1134 -14.36 -23.73 87.69
N ARG H 1135 -15.36 -22.87 87.83
CA ARG H 1135 -16.01 -22.22 86.71
C ARG H 1135 -15.47 -20.78 86.58
N CYS H 1136 -16.10 -20.00 85.72
CA CYS H 1136 -15.58 -18.67 85.43
C CYS H 1136 -15.60 -17.80 86.68
N PRO H 1137 -14.59 -16.95 86.88
CA PRO H 1137 -14.64 -15.99 87.99
C PRO H 1137 -15.75 -14.97 87.77
N LEU H 1138 -16.34 -14.52 88.87
CA LEU H 1138 -17.44 -13.57 88.77
C LEU H 1138 -16.98 -12.13 89.03
N THR H 1139 -16.36 -11.90 90.18
CA THR H 1139 -15.84 -10.58 90.46
C THR H 1139 -14.58 -10.32 89.64
N ASP H 1140 -14.13 -9.07 89.67
CA ASP H 1140 -12.96 -8.64 88.93
C ASP H 1140 -11.88 -8.17 89.90
N MET H 1141 -10.63 -8.49 89.57
CA MET H 1141 -9.50 -8.14 90.43
C MET H 1141 -8.90 -6.80 89.99
N GLY H 1142 -9.72 -5.76 90.06
CA GLY H 1142 -9.32 -4.43 89.63
C GLY H 1142 -8.65 -3.64 90.74
N ASN H 1143 -8.53 -2.34 90.50
CA ASN H 1143 -7.95 -1.42 91.46
C ASN H 1143 -8.98 -0.33 91.76
N THR H 1144 -9.88 -0.61 92.69
CA THR H 1144 -10.94 0.31 93.10
C THR H 1144 -10.75 0.61 94.58
N ALA H 1145 -10.35 1.84 94.89
CA ALA H 1145 -10.15 2.23 96.27
C ALA H 1145 -11.47 2.39 96.99
N GLN H 1146 -11.42 2.34 98.32
CA GLN H 1146 -12.59 2.51 99.16
C GLN H 1146 -12.65 3.95 99.65
N ASN H 1147 -13.72 4.65 99.28
CA ASN H 1147 -13.88 6.06 99.64
C ASN H 1147 -14.51 6.14 101.04
N LEU H 1148 -13.75 6.63 102.00
CA LEU H 1148 -14.23 6.77 103.37
C LEU H 1148 -15.08 8.00 103.57
N PHE H 1149 -15.50 8.66 102.49
CA PHE H 1149 -16.38 9.82 102.60
C PHE H 1149 -17.85 9.45 102.52
N PHE H 1150 -18.17 8.16 102.65
CA PHE H 1150 -19.55 7.70 102.65
C PHE H 1150 -20.11 7.55 104.06
N SER H 1151 -19.34 7.94 105.08
CA SER H 1151 -19.75 7.77 106.47
C SER H 1151 -19.86 9.13 107.15
N ARG H 1152 -20.58 9.14 108.27
CA ARG H 1152 -20.77 10.36 109.06
C ARG H 1152 -20.73 10.01 110.53
N GLY H 1153 -20.34 10.99 111.34
CA GLY H 1153 -20.29 10.81 112.78
C GLY H 1153 -19.01 11.31 113.42
N GLY H 1154 -17.91 11.21 112.69
CA GLY H 1154 -16.63 11.66 113.22
C GLY H 1154 -16.58 13.16 113.38
N VAL H 1155 -15.59 13.61 114.14
CA VAL H 1155 -15.39 15.02 114.38
C VAL H 1155 -14.96 15.68 113.08
N PRO H 1156 -15.66 16.71 112.61
CA PRO H 1156 -15.29 17.37 111.37
C PRO H 1156 -14.26 18.47 111.59
N MET H 1157 -13.74 18.99 110.49
CA MET H 1157 -12.80 20.10 110.56
C MET H 1157 -13.53 21.38 110.95
N LEU H 1158 -12.78 22.32 111.51
CA LEU H 1158 -13.36 23.58 111.94
C LEU H 1158 -13.80 24.45 110.78
N HIS H 1159 -13.12 24.34 109.63
CA HIS H 1159 -13.41 25.17 108.48
C HIS H 1159 -14.06 24.31 107.41
N ASP H 1160 -15.28 24.71 106.99
CA ASP H 1160 -16.03 23.89 106.05
C ASP H 1160 -15.34 23.82 104.68
N ASN H 1161 -14.68 24.90 104.27
CA ASN H 1161 -13.98 24.88 102.99
C ASN H 1161 -12.88 23.83 102.97
N VAL H 1162 -12.23 23.59 104.12
CA VAL H 1162 -11.16 22.60 104.17
C VAL H 1162 -11.70 21.22 103.83
N THR H 1163 -12.73 20.77 104.54
CA THR H 1163 -13.29 19.45 104.27
C THR H 1163 -13.98 19.38 102.91
N GLU H 1164 -14.55 20.49 102.44
CA GLU H 1164 -15.15 20.49 101.10
C GLU H 1164 -14.08 20.25 100.05
N SER H 1165 -12.99 21.01 100.08
CA SER H 1165 -11.90 20.79 99.15
C SER H 1165 -11.29 19.41 99.32
N LEU H 1166 -11.27 18.88 100.55
CA LEU H 1166 -10.76 17.52 100.75
C LEU H 1166 -11.60 16.51 99.99
N ARG H 1167 -12.92 16.55 100.17
CA ARG H 1167 -13.80 15.65 99.43
C ARG H 1167 -13.71 15.87 97.94
N ARG H 1168 -13.65 17.12 97.49
CA ARG H 1168 -13.60 17.41 96.07
C ARG H 1168 -12.30 16.93 95.43
N ILE H 1169 -11.19 16.98 96.15
CA ILE H 1169 -9.92 16.53 95.60
C ILE H 1169 -9.78 15.01 95.70
N THR H 1170 -10.39 14.38 96.71
CA THR H 1170 -10.38 12.92 96.74
C THR H 1170 -11.38 12.32 95.77
N ALA H 1171 -12.36 13.09 95.32
CA ALA H 1171 -13.27 12.61 94.28
C ALA H 1171 -12.54 12.44 92.96
N SER H 1172 -11.76 13.44 92.57
CA SER H 1172 -10.94 13.32 91.37
C SER H 1172 -9.93 12.19 91.54
N GLY H 1173 -9.57 11.56 90.43
CA GLY H 1173 -8.69 10.41 90.49
C GLY H 1173 -9.31 9.19 91.13
N GLY H 1174 -10.63 9.06 91.05
CA GLY H 1174 -11.33 7.92 91.60
C GLY H 1174 -12.50 7.53 90.71
N ARG H 1175 -13.10 6.39 91.02
CA ARG H 1175 -14.22 5.87 90.27
C ARG H 1175 -15.55 6.05 90.98
N LEU H 1176 -15.66 5.60 92.22
CA LEU H 1176 -16.88 5.75 92.99
C LEU H 1176 -16.77 6.99 93.88
N ASN H 1177 -17.83 7.80 93.88
CA ASN H 1177 -17.87 9.04 94.63
C ASN H 1177 -19.32 9.31 95.02
N PRO H 1178 -19.55 10.00 96.15
CA PRO H 1178 -20.91 10.42 96.47
C PRO H 1178 -21.42 11.43 95.47
N THR H 1179 -22.75 11.54 95.40
CA THR H 1179 -23.37 12.47 94.47
C THR H 1179 -23.09 13.91 94.87
N GLU H 1180 -23.23 14.81 93.90
CA GLU H 1180 -22.89 16.21 94.13
C GLU H 1180 -23.86 16.96 95.04
N PRO H 1181 -25.18 16.70 95.03
CA PRO H 1181 -26.06 17.49 95.92
C PRO H 1181 -25.87 17.18 97.39
N LEU H 1182 -25.26 16.04 97.73
CA LEU H 1182 -25.12 15.57 99.10
C LEU H 1182 -26.48 15.59 99.79
N PRO H 1183 -27.42 14.72 99.39
CA PRO H 1183 -28.77 14.76 99.97
C PRO H 1183 -28.74 14.41 101.44
N ILE H 1184 -29.03 15.39 102.30
CA ILE H 1184 -29.21 15.13 103.72
C ILE H 1184 -30.36 14.15 103.90
N PHE H 1185 -30.23 13.26 104.88
CA PHE H 1185 -31.20 12.17 105.08
C PHE H 1185 -31.29 11.30 103.82
N GLY H 1186 -30.18 10.61 103.55
CA GLY H 1186 -30.12 9.75 102.39
C GLY H 1186 -29.24 8.52 102.56
N GLY H 1187 -28.95 7.83 101.45
CA GLY H 1187 -28.10 6.66 101.49
C GLY H 1187 -26.70 6.97 101.00
N LEU H 1188 -26.53 8.11 100.34
CA LEU H 1188 -25.24 8.53 99.79
C LEU H 1188 -24.68 7.48 98.85
N ARG H 1189 -25.43 7.21 97.79
CA ARG H 1189 -25.03 6.18 96.84
C ARG H 1189 -24.26 6.78 95.67
N PRO H 1190 -23.31 6.04 95.11
CA PRO H 1190 -22.58 6.55 93.95
C PRO H 1190 -23.46 6.55 92.72
N ALA H 1191 -23.09 7.40 91.76
CA ALA H 1191 -23.84 7.49 90.51
C ALA H 1191 -23.69 6.22 89.70
N THR H 1192 -24.81 5.75 89.15
CA THR H 1192 -24.79 4.53 88.34
C THR H 1192 -24.14 4.81 86.99
N SER H 1193 -23.29 3.89 86.55
CA SER H 1193 -22.55 4.06 85.30
C SER H 1193 -23.27 3.32 84.18
N ALA H 1194 -22.61 3.24 83.02
CA ALA H 1194 -23.13 2.51 81.88
C ALA H 1194 -22.82 1.02 82.04
N GLY H 1195 -22.93 0.27 80.95
CA GLY H 1195 -22.80 -1.18 81.01
C GLY H 1195 -21.49 -1.63 81.63
N ILE H 1196 -21.52 -2.86 82.12
CA ILE H 1196 -20.40 -3.48 82.83
C ILE H 1196 -19.46 -4.12 81.82
N ALA H 1197 -18.17 -4.19 82.16
CA ALA H 1197 -17.17 -4.67 81.22
C ALA H 1197 -16.89 -6.15 81.35
N ARG H 1198 -16.37 -6.58 82.50
CA ARG H 1198 -15.91 -7.96 82.63
C ARG H 1198 -16.21 -8.57 84.00
N GLY H 1199 -17.15 -8.01 84.75
CA GLY H 1199 -17.51 -8.55 86.05
C GLY H 1199 -17.53 -7.48 87.11
N GLN H 1200 -18.12 -7.85 88.24
CA GLN H 1200 -18.29 -6.91 89.35
C GLN H 1200 -16.94 -6.50 89.92
N ALA H 1201 -16.75 -5.21 90.10
CA ALA H 1201 -15.51 -4.70 90.66
C ALA H 1201 -15.44 -5.02 92.15
N SER H 1202 -14.21 -5.13 92.65
CA SER H 1202 -13.96 -5.45 94.05
C SER H 1202 -13.17 -4.32 94.70
N VAL H 1203 -13.65 -3.88 95.86
CA VAL H 1203 -12.99 -2.78 96.56
C VAL H 1203 -11.69 -3.27 97.20
N CYS H 1204 -10.82 -2.33 97.53
CA CYS H 1204 -9.54 -2.62 98.16
C CYS H 1204 -9.39 -1.73 99.39
N GLU H 1205 -9.12 -2.35 100.53
CA GLU H 1205 -8.90 -1.62 101.78
C GLU H 1205 -7.40 -1.53 102.06
N PHE H 1206 -6.97 -0.36 102.50
CA PHE H 1206 -5.56 -0.10 102.78
C PHE H 1206 -5.35 0.03 104.29
N VAL H 1207 -4.19 -0.44 104.75
CA VAL H 1207 -3.84 -0.40 106.17
C VAL H 1207 -2.46 0.23 106.30
N ALA H 1208 -2.30 1.11 107.27
CA ALA H 1208 -1.01 1.73 107.53
C ALA H 1208 -0.08 0.75 108.21
N MET H 1209 1.23 0.95 107.98
CA MET H 1209 2.24 0.07 108.53
C MET H 1209 3.59 0.76 108.41
N PRO H 1210 4.55 0.43 109.26
CA PRO H 1210 5.89 1.01 109.14
C PRO H 1210 6.53 0.66 107.82
N VAL H 1211 7.51 1.47 107.42
CA VAL H 1211 8.17 1.27 106.14
C VAL H 1211 9.07 0.04 106.19
N SER H 1212 10.02 0.03 107.13
CA SER H 1212 10.99 -1.07 107.24
C SER H 1212 10.35 -2.21 108.00
N THR H 1213 9.41 -2.88 107.33
CA THR H 1213 8.72 -4.03 107.89
C THR H 1213 9.23 -5.30 107.23
N ASP H 1214 9.23 -6.40 107.99
CA ASP H 1214 9.69 -7.68 107.47
C ASP H 1214 8.95 -8.02 106.18
N LEU H 1215 9.71 -8.14 105.10
CA LEU H 1215 9.14 -8.52 103.81
C LEU H 1215 8.90 -10.02 103.68
N GLN H 1216 9.73 -10.83 104.35
CA GLN H 1216 9.53 -12.27 104.30
C GLN H 1216 8.18 -12.69 104.86
N TYR H 1217 7.57 -11.85 105.69
CA TYR H 1217 6.27 -12.18 106.27
C TYR H 1217 5.17 -12.24 105.22
N PHE H 1218 5.30 -11.51 104.12
CA PHE H 1218 4.26 -11.43 103.10
C PHE H 1218 4.43 -12.46 102.01
N ARG H 1219 5.31 -13.45 102.19
CA ARG H 1219 5.53 -14.47 101.17
C ARG H 1219 4.75 -15.74 101.42
N THR H 1220 4.04 -15.84 102.54
CA THR H 1220 3.21 -17.01 102.83
C THR H 1220 1.82 -16.57 103.24
N ALA H 1221 1.00 -17.50 103.70
CA ALA H 1221 -0.31 -17.17 104.23
C ALA H 1221 -0.15 -16.30 105.49
N CYS H 1222 -0.53 -15.04 105.39
CA CYS H 1222 -0.31 -14.08 106.47
C CYS H 1222 -1.63 -13.50 106.94
N ASN H 1223 -1.61 -12.98 108.17
CA ASN H 1223 -2.78 -12.36 108.77
C ASN H 1223 -2.65 -10.84 108.67
N PRO H 1224 -3.65 -10.14 108.12
CA PRO H 1224 -3.49 -8.70 107.90
C PRO H 1224 -3.51 -7.87 109.17
N ARG H 1225 -4.03 -8.41 110.28
CA ARG H 1225 -4.06 -7.64 111.51
C ARG H 1225 -2.64 -7.35 112.02
N GLY H 1226 -1.67 -8.18 111.63
CA GLY H 1226 -0.30 -8.08 112.08
C GLY H 1226 0.05 -9.10 113.15
N ARG H 1227 -0.93 -9.55 113.92
CA ARG H 1227 -0.75 -10.55 114.95
C ARG H 1227 -1.79 -11.65 114.76
N ALA H 1228 -1.40 -12.90 115.01
CA ALA H 1228 -2.32 -14.00 114.84
C ALA H 1228 -3.38 -14.00 115.93
N SER H 1229 -4.60 -14.36 115.57
CA SER H 1229 -5.71 -14.44 116.51
C SER H 1229 -6.55 -15.66 116.17
N GLY H 1230 -7.72 -15.74 116.77
CA GLY H 1230 -8.64 -16.84 116.54
C GLY H 1230 -8.96 -17.59 117.81
N MET H 1231 -9.97 -18.46 117.71
CA MET H 1231 -10.40 -19.30 118.81
C MET H 1231 -9.79 -20.69 118.75
N LEU H 1232 -8.75 -20.89 117.95
CA LEU H 1232 -8.16 -22.19 117.74
C LEU H 1232 -7.02 -22.48 118.71
N TYR H 1233 -6.76 -21.59 119.66
CA TYR H 1233 -5.68 -21.74 120.64
C TYR H 1233 -6.26 -21.53 122.03
N MET H 1234 -6.69 -22.60 122.65
CA MET H 1234 -7.26 -22.53 124.00
C MET H 1234 -6.78 -23.69 124.87
N ALA H 1239 -11.57 -17.14 128.95
CA ALA H 1239 -11.16 -15.74 128.83
C ALA H 1239 -9.79 -15.64 128.16
N ASP H 1240 -9.58 -16.42 127.11
CA ASP H 1240 -8.34 -16.42 126.37
C ASP H 1240 -8.47 -15.86 124.96
N ILE H 1241 -9.69 -15.82 124.40
CA ILE H 1241 -9.88 -15.16 123.11
C ILE H 1241 -9.53 -13.68 123.22
N GLU H 1242 -10.03 -13.02 124.26
CA GLU H 1242 -9.63 -11.64 124.52
C GLU H 1242 -8.15 -11.56 124.90
N ALA H 1243 -7.63 -12.59 125.55
CA ALA H 1243 -6.21 -12.60 125.93
C ALA H 1243 -5.34 -12.47 124.69
N ILE H 1244 -5.43 -13.44 123.78
CA ILE H 1244 -4.71 -13.26 122.52
C ILE H 1244 -5.60 -12.58 121.51
N MET H 1245 -5.82 -11.28 121.68
CA MET H 1245 -6.18 -10.40 120.59
C MET H 1245 -5.54 -9.01 120.69
N PHE H 1246 -5.24 -8.54 121.91
CA PHE H 1246 -4.63 -7.22 122.10
C PHE H 1246 -3.53 -7.20 123.13
N ASP H 1247 -3.45 -8.18 124.03
CA ASP H 1247 -2.46 -8.17 125.11
C ASP H 1247 -1.07 -8.29 124.52
N HIS H 1248 -0.26 -7.24 124.63
CA HIS H 1248 1.09 -7.21 124.09
C HIS H 1248 2.15 -7.41 125.16
N THR H 1249 1.74 -7.79 126.37
CA THR H 1249 2.71 -8.15 127.39
C THR H 1249 3.37 -9.51 127.11
N GLN H 1250 2.75 -10.32 126.26
CA GLN H 1250 3.30 -11.59 125.84
C GLN H 1250 3.49 -11.60 124.33
N SER H 1251 4.36 -12.47 123.87
CA SER H 1251 4.73 -12.51 122.46
C SER H 1251 3.58 -13.05 121.62
N ASP H 1252 3.73 -12.92 120.30
CA ASP H 1252 2.78 -13.49 119.37
C ASP H 1252 2.76 -15.01 119.49
N VAL H 1253 1.65 -15.61 119.06
CA VAL H 1253 1.51 -17.06 119.14
C VAL H 1253 2.22 -17.73 117.96
N ALA H 1254 2.10 -17.16 116.77
CA ALA H 1254 2.70 -17.78 115.59
C ALA H 1254 4.22 -17.62 115.61
N TYR H 1255 4.71 -16.39 115.73
CA TYR H 1255 6.14 -16.11 115.82
C TYR H 1255 6.43 -15.74 117.26
N THR H 1256 6.94 -16.70 118.02
CA THR H 1256 7.12 -16.50 119.45
C THR H 1256 8.40 -15.71 119.75
N ASP H 1257 8.56 -14.57 119.09
CA ASP H 1257 9.70 -13.71 119.32
C ASP H 1257 9.37 -12.23 119.28
N ARG H 1258 8.10 -11.87 119.11
CA ARG H 1258 7.70 -10.47 119.00
C ARG H 1258 6.22 -10.36 119.34
N ALA H 1259 5.81 -9.14 119.69
CA ALA H 1259 4.42 -8.92 120.06
C ALA H 1259 3.52 -8.92 118.83
N THR H 1260 3.73 -7.97 117.92
CA THR H 1260 2.96 -7.85 116.68
C THR H 1260 3.92 -7.61 115.54
N LEU H 1261 3.36 -7.35 114.36
CA LEU H 1261 4.18 -6.91 113.24
C LEU H 1261 4.17 -5.40 113.11
N ASN H 1262 2.99 -4.81 112.98
CA ASN H 1262 2.85 -3.35 112.95
C ASN H 1262 2.12 -2.90 114.19
N PRO H 1263 2.72 -2.04 115.01
CA PRO H 1263 2.06 -1.59 116.24
C PRO H 1263 0.99 -0.53 116.04
N TRP H 1264 0.53 -0.30 114.80
CA TRP H 1264 -0.50 0.69 114.54
C TRP H 1264 -1.86 0.09 114.23
N ALA H 1265 -1.95 -1.23 114.07
CA ALA H 1265 -3.21 -1.85 113.70
C ALA H 1265 -3.46 -3.14 114.48
N SER H 1266 -2.94 -3.22 115.70
CA SER H 1266 -3.08 -4.45 116.48
C SER H 1266 -3.39 -4.24 117.96
N GLN H 1267 -3.47 -3.01 118.44
CA GLN H 1267 -3.70 -2.76 119.85
C GLN H 1267 -5.20 -2.67 120.13
N LYS H 1268 -5.55 -2.29 121.36
CA LYS H 1268 -6.95 -2.21 121.74
C LYS H 1268 -7.65 -1.05 121.05
N HIS H 1269 -6.97 0.08 120.89
CA HIS H 1269 -7.55 1.24 120.24
C HIS H 1269 -6.57 1.83 119.24
N SER H 1270 -5.90 0.98 118.48
CA SER H 1270 -4.94 1.44 117.50
C SER H 1270 -5.66 2.11 116.33
N TYR H 1271 -4.88 2.55 115.35
CA TYR H 1271 -5.45 3.31 114.24
C TYR H 1271 -6.44 2.47 113.43
N GLY H 1272 -5.99 1.34 112.88
CA GLY H 1272 -6.87 0.51 112.09
C GLY H 1272 -8.01 -0.08 112.90
N ASP H 1273 -7.74 -0.38 114.17
CA ASP H 1273 -8.79 -0.91 115.03
C ASP H 1273 -9.91 0.10 115.24
N ARG H 1274 -9.54 1.35 115.53
CA ARG H 1274 -10.54 2.40 115.63
C ARG H 1274 -11.22 2.65 114.29
N LEU H 1275 -10.48 2.46 113.20
CA LEU H 1275 -11.07 2.66 111.87
C LEU H 1275 -12.18 1.66 111.60
N TYR H 1276 -11.90 0.37 111.77
CA TYR H 1276 -12.92 -0.65 111.58
C TYR H 1276 -12.79 -1.70 112.68
N ASN H 1277 -13.86 -1.88 113.44
CA ASN H 1277 -13.93 -2.92 114.44
C ASN H 1277 -15.24 -3.70 114.41
N GLY H 1278 -16.31 -3.17 113.83
CA GLY H 1278 -17.62 -3.77 113.92
C GLY H 1278 -18.38 -3.42 115.18
N THR H 1279 -17.67 -3.04 116.24
CA THR H 1279 -18.29 -2.63 117.49
C THR H 1279 -18.27 -1.12 117.70
N TYR H 1280 -17.46 -0.39 116.94
CA TYR H 1280 -17.43 1.07 117.03
C TYR H 1280 -18.38 1.73 116.06
N ASN H 1281 -18.72 1.07 114.95
CA ASN H 1281 -19.70 1.54 113.99
C ASN H 1281 -19.30 2.90 113.41
N LEU H 1282 -18.11 2.93 112.80
CA LEU H 1282 -17.63 4.14 112.14
C LEU H 1282 -18.19 4.29 110.74
N THR H 1283 -18.24 3.21 109.97
CA THR H 1283 -18.68 3.24 108.59
C THR H 1283 -20.09 2.66 108.42
N GLY H 1284 -20.94 2.84 109.42
CA GLY H 1284 -22.25 2.22 109.39
C GLY H 1284 -23.17 2.77 108.31
N ALA H 1285 -22.96 4.02 107.92
CA ALA H 1285 -23.81 4.63 106.89
C ALA H 1285 -23.32 4.35 105.48
N SER H 1286 -22.17 3.70 105.32
CA SER H 1286 -21.63 3.45 103.99
C SER H 1286 -22.30 2.22 103.37
N PRO H 1287 -22.68 2.28 102.10
CA PRO H 1287 -23.29 1.11 101.45
C PRO H 1287 -22.29 0.16 100.82
N ILE H 1288 -21.01 0.50 100.77
CA ILE H 1288 -20.02 -0.36 100.16
C ILE H 1288 -19.55 -1.41 101.16
N TYR H 1289 -19.14 -2.57 100.64
CA TYR H 1289 -18.64 -3.64 101.48
C TYR H 1289 -17.17 -3.43 101.82
N SER H 1290 -16.77 -3.90 102.99
CA SER H 1290 -15.39 -3.81 103.44
C SER H 1290 -14.88 -5.20 103.74
N PRO H 1291 -13.87 -5.69 102.99
CA PRO H 1291 -13.38 -7.05 103.23
C PRO H 1291 -12.61 -7.19 104.53
N CYS H 1292 -11.88 -6.16 104.94
CA CYS H 1292 -11.09 -6.20 106.16
C CYS H 1292 -11.92 -6.20 107.43
N PHE H 1293 -13.25 -6.28 107.32
CA PHE H 1293 -14.09 -6.26 108.50
C PHE H 1293 -14.00 -7.57 109.28
N LYS H 1294 -13.91 -8.70 108.57
CA LYS H 1294 -13.90 -10.00 109.22
C LYS H 1294 -12.62 -10.28 109.98
N PHE H 1295 -11.57 -9.46 109.81
CA PHE H 1295 -10.31 -9.67 110.50
C PHE H 1295 -10.17 -8.84 111.76
N PHE H 1296 -11.05 -7.86 111.98
CA PHE H 1296 -10.95 -6.97 113.12
C PHE H 1296 -12.15 -7.09 114.07
N THR H 1297 -12.91 -8.15 113.97
CA THR H 1297 -14.04 -8.36 114.86
C THR H 1297 -13.72 -9.48 115.83
N PRO H 1298 -13.94 -9.29 117.14
CA PRO H 1298 -13.55 -10.32 118.11
C PRO H 1298 -14.24 -11.66 117.91
N ALA H 1299 -15.43 -11.68 117.28
CA ALA H 1299 -16.13 -12.93 116.94
C ALA H 1299 -16.39 -13.77 118.20
N GLU H 1300 -17.23 -13.21 119.07
CA GLU H 1300 -17.56 -13.84 120.33
C GLU H 1300 -18.12 -15.25 120.13
N VAL H 1301 -17.54 -16.22 120.85
CA VAL H 1301 -17.93 -17.62 120.76
C VAL H 1301 -17.87 -18.22 122.16
N ASN H 1302 -18.88 -19.02 122.50
CA ASN H 1302 -18.93 -19.73 123.77
C ASN H 1302 -18.23 -21.07 123.66
N THR H 1303 -18.11 -21.76 124.80
CA THR H 1303 -17.49 -23.07 124.87
C THR H 1303 -18.54 -24.11 125.24
N ASN H 1304 -18.90 -24.96 124.30
CA ASN H 1304 -19.81 -26.07 124.52
C ASN H 1304 -19.18 -27.41 124.24
N CYS H 1305 -18.53 -27.57 123.10
CA CYS H 1305 -17.80 -28.77 122.75
C CYS H 1305 -16.31 -28.44 122.66
N ASN H 1306 -15.51 -29.42 122.27
CA ASN H 1306 -14.09 -29.17 122.12
C ASN H 1306 -13.82 -28.41 120.82
N THR H 1307 -12.59 -27.91 120.71
CA THR H 1307 -12.21 -27.10 119.56
C THR H 1307 -12.37 -27.86 118.25
N LEU H 1308 -12.14 -29.17 118.26
CA LEU H 1308 -12.27 -29.94 117.02
C LEU H 1308 -13.71 -29.99 116.54
N ASP H 1309 -14.65 -30.31 117.44
CA ASP H 1309 -16.05 -30.31 117.05
C ASP H 1309 -16.50 -28.92 116.63
N ARG H 1310 -16.04 -27.88 117.34
CA ARG H 1310 -16.40 -26.52 116.96
C ARG H 1310 -15.86 -26.17 115.57
N LEU H 1311 -14.64 -26.61 115.27
CA LEU H 1311 -14.07 -26.35 113.96
C LEU H 1311 -14.85 -27.06 112.87
N LEU H 1312 -15.20 -28.33 113.10
CA LEU H 1312 -15.95 -29.09 112.10
C LEU H 1312 -17.35 -28.53 111.93
N MET H 1313 -17.91 -27.87 112.95
CA MET H 1313 -19.22 -27.25 112.83
C MET H 1313 -19.18 -25.83 112.26
N GLU H 1314 -18.05 -25.14 112.34
CA GLU H 1314 -18.00 -23.78 111.81
C GLU H 1314 -18.10 -23.72 110.28
N ALA H 1315 -17.41 -24.63 109.58
CA ALA H 1315 -17.38 -24.60 108.12
C ALA H 1315 -18.67 -25.23 107.58
N LYS H 1316 -19.71 -24.41 107.51
CA LYS H 1316 -21.03 -24.86 107.04
C LYS H 1316 -21.65 -23.85 106.11
N ALA H 1317 -20.85 -23.23 105.25
CA ALA H 1317 -21.33 -22.35 104.19
C ALA H 1317 -22.14 -21.18 104.76
N VAL H 1318 -21.43 -20.28 105.46
CA VAL H 1318 -22.06 -19.10 106.01
C VAL H 1318 -22.62 -18.22 104.88
N ALA H 1319 -23.61 -17.40 105.24
CA ALA H 1319 -24.28 -16.52 104.29
C ALA H 1319 -23.31 -15.58 103.61
N SER H 1320 -23.70 -15.13 102.42
CA SER H 1320 -22.90 -14.19 101.65
C SER H 1320 -22.89 -12.82 102.34
N GLN H 1321 -21.95 -11.97 101.91
CA GLN H 1321 -21.79 -10.65 102.50
C GLN H 1321 -21.64 -9.58 101.43
N SER H 1322 -22.19 -9.81 100.24
CA SER H 1322 -22.07 -8.88 99.13
C SER H 1322 -23.34 -8.97 98.29
N SER H 1323 -23.26 -8.44 97.07
CA SER H 1323 -24.36 -8.49 96.13
C SER H 1323 -23.89 -9.07 94.82
N THR H 1324 -24.78 -9.80 94.14
CA THR H 1324 -24.46 -10.43 92.86
C THR H 1324 -25.14 -9.75 91.69
N ASP H 1325 -25.61 -8.53 91.88
CA ASP H 1325 -26.24 -7.78 90.80
C ASP H 1325 -25.55 -6.47 90.51
N THR H 1326 -25.12 -5.74 91.53
CA THR H 1326 -24.43 -4.48 91.32
C THR H 1326 -23.00 -4.73 90.85
N GLU H 1327 -22.32 -3.65 90.47
CA GLU H 1327 -20.96 -3.71 89.98
C GLU H 1327 -19.97 -3.08 90.93
N TYR H 1328 -20.40 -2.71 92.13
CA TYR H 1328 -19.52 -2.08 93.12
C TYR H 1328 -19.40 -2.90 94.39
N GLN H 1329 -19.95 -4.11 94.43
CA GLN H 1329 -19.86 -5.00 95.60
C GLN H 1329 -20.40 -4.31 96.85
N PHE H 1330 -21.69 -3.98 96.81
CA PHE H 1330 -22.33 -3.31 97.94
C PHE H 1330 -22.51 -4.29 99.09
N LYS H 1331 -23.02 -3.77 100.20
CA LYS H 1331 -23.28 -4.59 101.37
C LYS H 1331 -24.33 -5.65 101.05
N ARG H 1332 -24.45 -6.63 101.95
CA ARG H 1332 -25.39 -7.72 101.76
C ARG H 1332 -26.82 -7.19 101.80
N PRO H 1333 -27.64 -7.44 100.78
CA PRO H 1333 -29.01 -6.94 100.79
C PRO H 1333 -29.83 -7.65 101.84
N PRO H 1334 -30.59 -6.89 102.64
CA PRO H 1334 -31.40 -7.54 103.69
C PRO H 1334 -32.51 -8.40 103.12
N GLY H 1335 -32.42 -9.71 103.35
CA GLY H 1335 -33.40 -10.66 102.86
C GLY H 1335 -32.87 -11.60 101.80
N SER H 1336 -31.74 -11.27 101.16
CA SER H 1336 -31.17 -12.14 100.15
C SER H 1336 -30.57 -13.37 100.82
N THR H 1337 -31.02 -14.55 100.39
CA THR H 1337 -30.54 -15.83 100.92
C THR H 1337 -29.80 -16.56 99.82
N GLU H 1338 -28.47 -16.50 99.89
CA GLU H 1338 -27.60 -17.19 98.94
C GLU H 1338 -26.39 -17.71 99.69
N MET H 1339 -26.21 -19.02 99.69
CA MET H 1339 -25.19 -19.66 100.52
C MET H 1339 -23.89 -19.76 99.75
N THR H 1340 -22.80 -19.31 100.37
CA THR H 1340 -21.47 -19.40 99.79
C THR H 1340 -20.54 -20.05 100.80
N GLN H 1341 -19.50 -20.73 100.30
CA GLN H 1341 -18.53 -21.37 101.18
C GLN H 1341 -17.44 -20.39 101.54
N ASP H 1342 -17.06 -20.40 102.82
CA ASP H 1342 -16.07 -19.43 103.33
C ASP H 1342 -14.84 -20.17 103.82
N PRO H 1343 -13.82 -20.37 102.99
CA PRO H 1343 -12.51 -20.77 103.49
C PRO H 1343 -11.71 -19.53 103.89
N CYS H 1344 -10.62 -19.78 104.61
CA CYS H 1344 -9.69 -18.74 105.07
C CYS H 1344 -10.39 -17.61 105.81
N GLY H 1345 -11.62 -17.84 106.27
CA GLY H 1345 -12.31 -16.89 107.10
C GLY H 1345 -12.39 -17.42 108.51
N LEU H 1346 -12.53 -18.74 108.61
CA LEU H 1346 -12.46 -19.43 109.90
C LEU H 1346 -11.03 -19.62 110.38
N PHE H 1347 -10.05 -19.44 109.50
CA PHE H 1347 -8.64 -19.51 109.87
C PHE H 1347 -8.01 -18.15 110.09
N GLN H 1348 -8.69 -17.07 109.67
CA GLN H 1348 -8.15 -15.71 109.76
C GLN H 1348 -6.81 -15.63 109.06
N GLU H 1349 -6.79 -15.99 107.78
CA GLU H 1349 -5.59 -15.97 106.97
C GLU H 1349 -5.93 -15.50 105.57
N ALA H 1350 -4.93 -14.98 104.88
CA ALA H 1350 -5.09 -14.49 103.51
C ALA H 1350 -3.95 -15.02 102.65
N TYR H 1351 -4.19 -15.06 101.35
CA TYR H 1351 -3.19 -15.62 100.46
C TYR H 1351 -2.55 -14.53 99.60
N PRO H 1352 -1.22 -14.55 99.47
CA PRO H 1352 -0.55 -13.56 98.64
C PRO H 1352 -0.49 -14.02 97.19
N PRO H 1353 -0.99 -13.20 96.27
CA PRO H 1353 -0.94 -13.59 94.85
C PRO H 1353 0.36 -13.19 94.20
N LEU H 1354 0.50 -13.45 92.90
CA LEU H 1354 1.69 -13.07 92.17
C LEU H 1354 1.70 -11.56 91.96
N CYS H 1355 2.60 -10.88 92.65
CA CYS H 1355 2.73 -9.43 92.54
C CYS H 1355 4.20 -9.06 92.54
N SER H 1356 4.49 -7.82 92.14
CA SER H 1356 5.86 -7.34 92.09
C SER H 1356 5.85 -5.83 92.11
N SER H 1357 6.83 -5.25 92.82
CA SER H 1357 6.92 -3.79 92.86
C SER H 1357 7.42 -3.22 91.54
N ASP H 1358 8.06 -4.05 90.72
CA ASP H 1358 8.50 -3.65 89.40
C ASP H 1358 7.80 -4.52 88.34
N ALA H 1359 7.61 -3.93 87.17
CA ALA H 1359 6.96 -4.62 86.08
C ALA H 1359 7.94 -5.25 85.10
N ALA H 1360 9.21 -4.85 85.13
CA ALA H 1360 10.18 -5.41 84.20
C ALA H 1360 10.58 -6.83 84.61
N MET H 1361 10.81 -7.05 85.90
CA MET H 1361 11.21 -8.36 86.40
C MET H 1361 10.03 -9.32 86.51
N LEU H 1362 8.88 -8.96 85.98
CA LEU H 1362 7.70 -9.82 86.10
C LEU H 1362 7.64 -10.87 85.01
N ARG H 1363 8.17 -10.59 83.82
CA ARG H 1363 8.11 -11.50 82.70
C ARG H 1363 9.50 -11.64 82.08
N THR H 1364 9.97 -12.87 81.97
CA THR H 1364 11.26 -13.13 81.35
C THR H 1364 11.15 -13.08 79.84
N ALA H 1365 12.29 -12.87 79.19
CA ALA H 1365 12.34 -12.74 77.74
C ALA H 1365 12.63 -14.09 77.10
N HIS H 1366 11.66 -15.00 77.23
CA HIS H 1366 11.83 -16.33 76.65
C HIS H 1366 10.56 -16.88 76.02
N ALA H 1367 9.50 -16.09 75.87
CA ALA H 1367 8.26 -16.50 75.20
C ALA H 1367 7.67 -17.75 75.88
N GLY H 1368 7.25 -17.55 77.13
CA GLY H 1368 6.77 -18.66 77.93
C GLY H 1368 6.52 -18.29 79.37
N GLU H 1369 7.08 -19.08 80.29
CA GLU H 1369 6.84 -18.87 81.71
C GLU H 1369 7.29 -17.49 82.16
N THR H 1370 6.88 -17.13 83.37
CA THR H 1370 7.19 -15.83 83.96
C THR H 1370 8.40 -15.93 84.86
N GLY H 1371 9.06 -14.79 85.07
CA GLY H 1371 10.21 -14.74 85.94
C GLY H 1371 9.81 -14.90 87.39
N ALA H 1372 10.73 -15.46 88.19
CA ALA H 1372 10.46 -15.73 89.59
C ALA H 1372 11.65 -15.35 90.45
N ASP H 1373 12.24 -14.19 90.20
CA ASP H 1373 13.28 -13.69 91.07
C ASP H 1373 12.67 -13.03 92.30
N GLU H 1374 13.47 -12.96 93.36
CA GLU H 1374 12.98 -12.43 94.63
C GLU H 1374 13.21 -10.92 94.74
N VAL H 1375 14.47 -10.50 94.61
CA VAL H 1375 14.84 -9.09 94.71
C VAL H 1375 15.91 -8.80 93.68
N HIS H 1376 15.77 -7.69 92.96
CA HIS H 1376 16.77 -7.33 91.96
C HIS H 1376 17.82 -6.38 92.51
N LEU H 1377 17.43 -5.15 92.87
CA LEU H 1377 18.29 -4.26 93.61
C LEU H 1377 17.65 -3.78 94.91
N ALA H 1378 16.47 -3.18 94.82
CA ALA H 1378 15.67 -2.81 95.97
C ALA H 1378 14.20 -3.09 95.77
N GLN H 1379 13.81 -3.61 94.60
CA GLN H 1379 12.43 -3.98 94.33
C GLN H 1379 12.16 -5.37 94.90
N TYR H 1380 11.02 -5.96 94.54
CA TYR H 1380 10.70 -7.30 95.02
C TYR H 1380 9.63 -7.90 94.13
N LEU H 1381 9.57 -9.23 94.15
CA LEU H 1381 8.57 -9.98 93.39
C LEU H 1381 8.15 -11.17 94.25
N ILE H 1382 6.92 -11.13 94.72
CA ILE H 1382 6.42 -12.19 95.60
C ILE H 1382 5.85 -13.31 94.75
N ARG H 1383 6.38 -14.52 94.93
CA ARG H 1383 5.89 -15.67 94.20
C ARG H 1383 4.49 -16.03 94.68
N ASP H 1384 3.68 -16.55 93.77
CA ASP H 1384 2.29 -16.85 94.08
C ASP H 1384 2.20 -18.12 94.93
N ALA H 1385 1.44 -18.04 96.02
CA ALA H 1385 1.22 -19.16 96.91
C ALA H 1385 -0.26 -19.31 97.22
N SER H 1386 -1.10 -18.88 96.31
CA SER H 1386 -2.54 -18.94 96.46
C SER H 1386 -3.07 -20.24 95.88
N PRO H 1387 -4.23 -20.72 96.36
CA PRO H 1387 -4.83 -21.93 95.77
C PRO H 1387 -5.08 -21.81 94.28
N LEU H 1388 -5.19 -20.60 93.74
CA LEU H 1388 -5.37 -20.41 92.31
C LEU H 1388 -4.00 -20.29 91.65
N ARG H 1389 -3.41 -21.45 91.38
CA ARG H 1389 -2.12 -21.51 90.71
C ARG H 1389 -2.20 -22.08 89.30
N GLY H 1390 -3.04 -23.07 89.07
CA GLY H 1390 -3.17 -23.65 87.75
C GLY H 1390 -4.39 -23.15 87.00
N CYS H 1391 -4.77 -21.91 87.25
CA CYS H 1391 -5.90 -21.29 86.58
C CYS H 1391 -5.52 -19.84 86.28
N LEU H 1392 -6.53 -19.02 85.95
CA LEU H 1392 -6.33 -17.60 85.70
C LEU H 1392 -5.27 -17.36 84.64
N PRO H 1393 -5.60 -17.58 83.37
CA PRO H 1393 -4.56 -17.54 82.31
C PRO H 1393 -3.83 -16.21 82.28
N LEU H 1394 -2.59 -16.26 81.80
CA LEU H 1394 -1.72 -15.09 81.79
C LEU H 1394 -1.52 -14.55 80.37
N SER I 7 39.94 63.99 141.67
CA SER I 7 40.67 63.14 140.76
C SER I 7 40.06 61.75 140.69
N ARG I 8 40.49 60.95 139.70
CA ARG I 8 39.96 59.61 139.49
C ARG I 8 40.78 58.62 140.30
N VAL I 9 40.25 58.22 141.46
CA VAL I 9 40.89 57.25 142.33
C VAL I 9 39.89 56.11 142.52
N VAL I 10 40.11 55.00 141.81
CA VAL I 10 39.15 53.90 141.83
C VAL I 10 39.05 53.22 143.19
N PHE I 11 40.00 53.49 144.10
CA PHE I 11 39.94 52.89 145.42
C PHE I 11 38.68 53.31 146.16
N ASP I 12 38.52 54.62 146.39
CA ASP I 12 37.25 55.12 146.90
C ASP I 12 36.28 55.23 145.73
N PRO I 13 35.20 54.46 145.72
CA PRO I 13 34.30 54.48 144.56
C PRO I 13 33.67 55.83 144.28
N SER I 14 33.66 56.74 145.26
CA SER I 14 33.09 58.07 145.03
C SER I 14 33.98 58.93 144.14
N ASN I 15 35.25 58.58 143.98
CA ASN I 15 36.18 59.38 143.20
C ASN I 15 36.00 59.19 141.69
N PRO I 16 36.02 57.96 141.16
CA PRO I 16 35.97 57.81 139.69
C PRO I 16 34.62 58.27 139.13
N THR I 17 34.69 59.18 138.16
CA THR I 17 33.50 59.72 137.52
C THR I 17 33.90 60.24 136.15
N THR I 18 32.95 60.17 135.20
CA THR I 18 33.20 60.64 133.85
C THR I 18 33.58 62.11 133.80
N PHE I 19 33.32 62.86 134.87
CA PHE I 19 33.72 64.27 134.91
C PHE I 19 35.23 64.42 134.76
N SER I 20 35.99 63.49 135.35
CA SER I 20 37.44 63.52 135.28
C SER I 20 38.00 62.68 134.14
N VAL I 21 37.34 61.58 133.78
CA VAL I 21 37.87 60.69 132.76
C VAL I 21 37.99 61.41 131.43
N GLU I 22 37.10 62.36 131.15
CA GLU I 22 37.22 63.14 129.92
C GLU I 22 38.53 63.93 129.90
N ALA I 23 38.94 64.45 131.05
CA ALA I 23 40.21 65.15 131.13
C ALA I 23 41.39 64.21 130.95
N ILE I 24 41.26 62.97 131.42
CA ILE I 24 42.31 61.99 131.25
C ILE I 24 42.40 61.59 129.79
N ALA I 25 43.60 61.20 129.34
CA ALA I 25 43.83 60.86 127.95
C ALA I 25 43.31 59.46 127.64
N ALA I 26 43.70 58.92 126.48
CA ALA I 26 43.25 57.60 126.07
C ALA I 26 44.15 56.48 126.58
N TYR I 27 45.46 56.67 126.50
CA TYR I 27 46.40 55.62 126.88
C TYR I 27 46.65 55.56 128.38
N THR I 28 46.79 56.71 129.03
CA THR I 28 47.18 56.70 130.43
C THR I 28 46.15 56.10 131.39
N PRO I 29 44.83 56.13 131.14
CA PRO I 29 43.94 55.44 132.07
C PRO I 29 44.14 53.94 132.07
N VAL I 30 44.38 53.35 130.91
CA VAL I 30 44.75 51.93 130.86
C VAL I 30 46.03 51.71 131.65
N ALA I 31 47.01 52.59 131.46
CA ALA I 31 48.21 52.54 132.30
C ALA I 31 47.87 52.85 133.75
N LEU I 32 46.91 53.75 133.99
CA LEU I 32 46.54 54.08 135.36
C LEU I 32 45.94 52.86 136.07
N ILE I 33 44.93 52.25 135.46
CA ILE I 33 44.27 51.10 136.09
C ILE I 33 45.25 49.95 136.31
N ARG I 34 46.25 49.83 135.46
CA ARG I 34 47.20 48.72 135.57
C ARG I 34 48.02 48.82 136.86
N LEU I 35 48.44 50.04 137.22
CA LEU I 35 49.36 50.19 138.35
C LEU I 35 48.65 50.22 139.70
N LEU I 36 47.37 50.54 139.74
CA LEU I 36 46.66 50.62 141.01
C LEU I 36 46.60 49.24 141.67
N ASN I 37 46.59 49.23 143.00
CA ASN I 37 46.65 47.98 143.73
C ASN I 37 45.27 47.38 143.90
N ALA I 38 45.24 46.11 144.31
CA ALA I 38 43.97 45.41 144.51
C ALA I 38 43.23 45.92 145.74
N SER I 39 43.95 46.48 146.71
CA SER I 39 43.32 46.93 147.94
C SER I 39 42.32 48.03 147.65
N GLY I 40 41.03 47.71 147.79
CA GLY I 40 39.98 48.69 147.64
C GLY I 40 39.25 48.89 148.95
N PRO I 41 39.21 50.12 149.44
CA PRO I 41 38.57 50.39 150.73
C PRO I 41 37.10 50.04 150.69
N LEU I 42 36.69 49.17 151.63
CA LEU I 42 35.30 48.71 151.68
C LEU I 42 34.36 49.76 152.26
N GLN I 43 34.85 50.66 153.13
CA GLN I 43 33.95 51.60 153.78
C GLN I 43 33.36 52.64 152.82
N PRO I 44 34.04 53.05 151.74
CA PRO I 44 33.32 53.79 150.71
C PRO I 44 32.80 52.84 149.65
N GLY I 45 31.57 53.09 149.21
CA GLY I 45 30.94 52.25 148.22
C GLY I 45 29.63 52.80 147.72
N HIS I 46 29.40 52.70 146.42
CA HIS I 46 28.17 53.20 145.82
C HIS I 46 27.04 52.21 146.12
N ARG I 47 26.09 52.64 146.95
CA ARG I 47 24.86 51.89 147.16
C ARG I 47 23.87 52.09 146.02
N VAL I 48 24.36 52.57 144.89
CA VAL I 48 23.55 52.94 143.73
C VAL I 48 23.91 52.02 142.58
N ASP I 49 24.15 50.74 142.90
CA ASP I 49 24.48 49.72 141.89
C ASP I 49 25.78 50.06 141.18
N ILE I 50 26.88 49.87 141.91
CA ILE I 50 28.24 50.21 141.51
C ILE I 50 28.51 49.87 140.04
N ALA I 51 27.78 48.88 139.51
CA ALA I 51 27.82 48.63 138.08
C ALA I 51 27.53 49.88 137.26
N ASP I 52 26.79 50.84 137.82
CA ASP I 52 26.59 52.10 137.12
C ASP I 52 27.89 52.89 137.02
N ALA I 53 28.74 52.79 138.04
CA ALA I 53 30.07 53.39 137.95
C ALA I 53 30.87 52.73 136.84
N ARG I 54 30.76 51.42 136.68
CA ARG I 54 31.33 50.75 135.51
C ARG I 54 30.75 51.34 134.23
N SER I 55 29.43 51.55 134.21
CA SER I 55 28.81 52.25 133.09
C SER I 55 29.34 53.67 132.96
N ILE I 56 29.51 54.36 134.10
CA ILE I 56 30.12 55.69 134.07
C ILE I 56 31.54 55.60 133.52
N TYR I 57 32.26 54.54 133.88
CA TYR I 57 33.60 54.36 133.35
C TYR I 57 33.57 54.15 131.83
N THR I 58 32.51 53.51 131.33
CA THR I 58 32.41 53.29 129.88
C THR I 58 32.17 54.59 129.16
N VAL I 59 31.19 55.39 129.62
CA VAL I 59 30.89 56.64 128.95
C VAL I 59 32.04 57.62 129.07
N GLY I 60 32.85 57.51 130.13
CA GLY I 60 34.04 58.33 130.21
C GLY I 60 35.11 57.91 129.24
N ALA I 61 35.29 56.59 129.08
CA ALA I 61 36.24 56.10 128.08
C ALA I 61 35.79 56.45 126.68
N ALA I 62 34.47 56.50 126.46
CA ALA I 62 33.96 56.89 125.15
C ALA I 62 34.25 58.34 124.85
N ALA I 63 34.09 59.22 125.84
CA ALA I 63 34.41 60.62 125.65
C ALA I 63 35.91 60.82 125.40
N SER I 64 36.75 60.08 126.12
CA SER I 64 38.18 60.15 125.88
C SER I 64 38.54 59.71 124.47
N ALA I 65 37.94 58.61 124.01
CA ALA I 65 38.13 58.19 122.63
C ALA I 65 37.60 59.23 121.66
N ALA I 66 36.51 59.90 122.03
CA ALA I 66 35.98 60.97 121.18
C ALA I 66 36.97 62.13 121.09
N ARG I 67 37.67 62.42 122.18
CA ARG I 67 38.68 63.48 122.15
C ARG I 67 39.84 63.10 121.23
N ALA I 68 40.34 61.87 121.37
CA ALA I 68 41.43 61.43 120.49
C ALA I 68 40.98 61.37 119.05
N ARG I 69 39.72 61.03 118.80
CA ARG I 69 39.20 61.00 117.44
C ARG I 69 39.15 62.38 116.84
N ALA I 70 38.72 63.38 117.63
CA ALA I 70 38.68 64.75 117.14
C ALA I 70 40.07 65.27 116.79
N ASN I 71 41.07 64.87 117.58
CA ASN I 71 42.45 65.26 117.27
C ASN I 71 42.91 64.62 115.97
N HIS I 72 42.57 63.34 115.76
CA HIS I 72 42.94 62.68 114.52
C HIS I 72 42.14 63.22 113.34
N ASN I 73 41.00 63.85 113.61
CA ASN I 73 40.14 64.37 112.56
C ASN I 73 40.75 65.54 111.80
N ALA I 74 41.94 66.01 112.20
CA ALA I 74 42.55 67.13 111.51
C ALA I 74 42.91 66.78 110.08
N ASN I 75 43.37 65.54 109.85
CA ASN I 75 43.81 65.12 108.54
C ASN I 75 42.83 64.19 107.84
N THR I 76 41.81 63.70 108.54
CA THR I 76 40.87 62.77 107.94
C THR I 76 40.00 63.48 106.91
N ILE I 77 39.21 62.69 106.19
CA ILE I 77 38.28 63.21 105.19
C ILE I 77 36.88 63.16 105.75
N ARG I 78 36.08 64.17 105.42
CA ARG I 78 34.70 64.23 105.88
C ARG I 78 33.91 63.05 105.33
N ARG I 79 33.22 62.34 106.21
CA ARG I 79 32.43 61.18 105.79
C ARG I 79 31.04 61.62 105.33
N THR I 80 30.51 60.89 104.36
CA THR I 80 29.20 61.16 103.78
C THR I 80 28.27 59.99 104.05
N ALA I 81 27.05 60.09 103.51
CA ALA I 81 26.05 59.04 103.69
C ALA I 81 26.36 57.86 102.79
N MET I 82 26.32 56.66 103.36
CA MET I 82 26.62 55.44 102.62
C MET I 82 25.37 54.81 101.98
N PHE I 83 24.21 55.43 102.14
CA PHE I 83 22.97 54.90 101.58
C PHE I 83 22.30 55.95 100.71
N ALA I 84 21.36 55.49 99.89
CA ALA I 84 20.60 56.36 99.01
C ALA I 84 19.41 56.93 99.78
N GLU I 85 18.46 57.54 99.04
CA GLU I 85 17.23 58.13 99.55
C GLU I 85 17.47 59.26 100.54
N THR I 86 18.72 59.68 100.74
CA THR I 86 19.07 60.72 101.72
C THR I 86 19.63 61.90 100.96
N ASP I 87 18.76 62.79 100.50
CA ASP I 87 19.16 63.94 99.71
C ASP I 87 18.14 65.04 99.87
N PRO I 88 18.55 66.30 99.99
CA PRO I 88 17.56 67.38 100.13
C PRO I 88 16.64 67.51 98.92
N MET I 89 17.21 67.67 97.73
CA MET I 89 16.44 67.80 96.51
C MET I 89 16.77 66.62 95.61
N THR I 90 16.08 65.49 95.84
CA THR I 90 16.21 64.32 94.98
C THR I 90 15.55 64.54 93.63
N TRP I 91 14.58 65.46 93.55
CA TRP I 91 13.85 65.69 92.31
C TRP I 91 14.78 66.12 91.17
N LEU I 92 15.89 66.81 91.49
CA LEU I 92 16.80 67.24 90.45
C LEU I 92 17.52 66.05 89.82
N ARG I 93 18.14 65.21 90.64
CA ARG I 93 18.95 64.11 90.16
C ARG I 93 18.94 63.01 91.21
N PRO I 94 19.20 61.76 90.81
CA PRO I 94 19.21 60.67 91.80
C PRO I 94 20.34 60.77 92.81
N THR I 95 20.33 59.89 93.80
CA THR I 95 21.31 59.92 94.88
C THR I 95 21.75 58.50 95.22
N VAL I 96 23.06 58.33 95.45
CA VAL I 96 23.62 57.04 95.79
C VAL I 96 24.46 57.17 97.05
N GLY I 97 24.76 56.04 97.65
CA GLY I 97 25.62 55.98 98.81
C GLY I 97 27.08 56.03 98.43
N LEU I 98 27.92 55.51 99.31
CA LEU I 98 29.36 55.47 99.07
C LEU I 98 30.00 54.43 99.97
N LYS I 99 30.77 53.52 99.37
CA LYS I 99 31.47 52.50 100.12
C LYS I 99 32.73 53.10 100.76
N ARG I 100 32.74 53.14 102.09
CA ARG I 100 33.87 53.75 102.81
C ARG I 100 35.05 52.79 102.75
N THR I 101 35.76 52.84 101.62
CA THR I 101 36.91 52.00 101.34
C THR I 101 38.12 52.83 100.96
N PHE I 102 38.35 53.93 101.66
CA PHE I 102 39.43 54.85 101.35
C PHE I 102 40.40 54.94 102.51
N ASN I 103 41.36 55.85 102.38
CA ASN I 103 42.30 56.19 103.43
C ASN I 103 42.06 57.62 103.87
N PRO I 104 41.98 57.88 105.19
CA PRO I 104 41.77 59.26 105.64
C PRO I 104 42.95 60.18 105.44
N ARG I 105 44.12 59.65 105.06
CA ARG I 105 45.30 60.49 104.87
C ARG I 105 45.08 61.43 103.69
N ILE I 106 45.36 62.72 103.90
CA ILE I 106 45.17 63.75 102.88
C ILE I 106 46.51 64.27 102.37
N ILE I 107 47.32 64.84 103.26
CA ILE I 107 48.62 65.38 102.87
C ILE I 107 49.56 65.41 104.06
N ILE J 19 -11.69 -24.36 -6.59
CA ILE J 19 -10.68 -24.84 -7.51
C ILE J 19 -10.94 -26.31 -7.84
N ALA J 20 -10.49 -26.74 -9.01
CA ALA J 20 -10.66 -28.12 -9.43
C ALA J 20 -9.56 -28.98 -8.83
N GLY J 21 -9.43 -30.21 -9.31
CA GLY J 21 -8.40 -31.12 -8.83
C GLY J 21 -8.73 -31.86 -7.56
N LEU J 22 -9.93 -31.67 -7.01
CA LEU J 22 -10.30 -32.39 -5.80
C LEU J 22 -10.47 -33.88 -6.07
N PHE J 23 -11.04 -34.23 -7.22
CA PHE J 23 -11.07 -35.61 -7.68
C PHE J 23 -9.79 -35.91 -8.43
N ASN J 24 -9.35 -37.17 -8.37
CA ASN J 24 -8.18 -37.57 -9.13
C ASN J 24 -8.44 -37.38 -10.61
N ILE J 25 -7.46 -36.80 -11.31
CA ILE J 25 -7.64 -36.44 -12.72
C ILE J 25 -7.77 -37.70 -13.56
N PRO J 26 -6.86 -38.70 -13.47
CA PRO J 26 -7.10 -39.94 -14.21
C PRO J 26 -8.35 -40.66 -13.70
N ALA J 27 -8.37 -40.95 -12.40
CA ALA J 27 -9.51 -41.61 -11.75
C ALA J 27 -9.95 -42.85 -12.55
N GLY J 28 -9.04 -43.81 -12.66
CA GLY J 28 -9.32 -45.00 -13.44
C GLY J 28 -10.49 -45.80 -12.91
N ILE J 29 -11.62 -45.71 -13.61
CA ILE J 29 -12.82 -46.46 -13.26
C ILE J 29 -13.50 -46.89 -14.55
N ILE J 30 -14.64 -47.57 -14.44
CA ILE J 30 -15.41 -48.00 -15.60
C ILE J 30 -15.93 -46.75 -16.31
N PRO J 31 -15.48 -46.47 -17.53
CA PRO J 31 -15.94 -45.26 -18.22
C PRO J 31 -17.40 -45.35 -18.62
N THR J 32 -18.06 -44.19 -18.63
CA THR J 32 -19.48 -44.16 -18.96
C THR J 32 -19.72 -44.45 -20.43
N GLY J 33 -19.05 -43.70 -21.31
CA GLY J 33 -19.21 -43.89 -22.73
C GLY J 33 -18.00 -43.37 -23.47
N ASN J 34 -17.79 -43.88 -24.68
CA ASN J 34 -16.63 -43.49 -25.47
C ASN J 34 -16.93 -42.22 -26.26
N VAL J 35 -15.90 -41.39 -26.40
CA VAL J 35 -16.01 -40.13 -27.11
C VAL J 35 -15.42 -40.32 -28.50
N LEU J 36 -15.95 -39.56 -29.47
CA LEU J 36 -15.57 -39.68 -30.86
C LEU J 36 -14.82 -38.42 -31.30
N SER J 37 -14.53 -38.34 -32.60
CA SER J 37 -13.87 -37.19 -33.21
C SER J 37 -12.51 -36.91 -32.56
N THR J 38 -11.61 -37.87 -32.72
CA THR J 38 -10.26 -37.75 -32.18
C THR J 38 -9.50 -36.72 -32.99
N ILE J 39 -9.40 -35.51 -32.47
CA ILE J 39 -8.73 -34.40 -33.14
C ILE J 39 -7.82 -33.71 -32.13
N GLU J 40 -7.09 -32.70 -32.61
CA GLU J 40 -6.17 -31.95 -31.76
C GLU J 40 -6.97 -31.10 -30.78
N VAL J 41 -7.00 -31.54 -29.52
CA VAL J 41 -7.76 -30.82 -28.50
C VAL J 41 -6.96 -29.66 -27.89
N CYS J 42 -5.63 -29.68 -27.97
CA CYS J 42 -4.85 -28.59 -27.44
C CYS J 42 -5.01 -27.32 -28.26
N ALA J 43 -5.50 -27.43 -29.50
CA ALA J 43 -5.66 -26.26 -30.33
C ALA J 43 -6.70 -25.30 -29.77
N HIS J 44 -7.66 -25.81 -29.01
CA HIS J 44 -8.66 -24.98 -28.35
C HIS J 44 -8.92 -25.57 -26.97
N ARG J 45 -8.46 -24.88 -25.93
CA ARG J 45 -8.61 -25.33 -24.56
C ARG J 45 -9.29 -24.27 -23.70
N CYS J 46 -9.79 -23.20 -24.32
CA CYS J 46 -10.53 -22.20 -23.58
C CYS J 46 -11.90 -22.67 -23.14
N ILE J 47 -12.51 -23.61 -23.87
CA ILE J 47 -13.81 -24.13 -23.45
C ILE J 47 -13.67 -24.99 -22.21
N PHE J 48 -12.50 -25.58 -22.00
CA PHE J 48 -12.28 -26.43 -20.83
C PHE J 48 -12.06 -25.58 -19.59
N ASP J 49 -12.25 -26.21 -18.43
CA ASP J 49 -11.99 -25.57 -17.16
C ASP J 49 -10.62 -25.90 -16.59
N PHE J 50 -10.07 -27.05 -16.94
CA PHE J 50 -8.71 -27.42 -16.58
C PHE J 50 -8.22 -28.45 -17.58
N PHE J 51 -6.99 -28.25 -18.07
CA PHE J 51 -6.50 -29.07 -19.17
C PHE J 51 -4.98 -29.16 -19.07
N LYS J 52 -4.46 -30.38 -19.13
CA LYS J 52 -3.03 -30.63 -19.14
C LYS J 52 -2.76 -31.89 -19.92
N GLN J 53 -1.49 -32.09 -20.30
CA GLN J 53 -1.09 -33.27 -21.06
C GLN J 53 0.35 -33.60 -20.77
N ILE J 54 0.59 -34.81 -20.25
CA ILE J 54 1.95 -35.30 -20.12
C ILE J 54 2.49 -35.65 -21.50
N ARG J 55 3.80 -35.50 -21.67
CA ARG J 55 4.41 -35.75 -22.97
C ARG J 55 4.21 -37.19 -23.40
N SER J 56 4.85 -38.12 -22.70
CA SER J 56 4.59 -39.55 -22.89
C SER J 56 4.19 -40.21 -21.58
N ASP J 57 4.92 -39.97 -20.49
CA ASP J 57 4.68 -40.62 -19.22
C ASP J 57 5.35 -39.82 -18.12
N ASP J 58 4.75 -39.87 -16.92
CA ASP J 58 5.24 -39.09 -15.80
C ASP J 58 4.82 -39.76 -14.49
N ASN J 59 5.69 -39.71 -13.48
CA ASN J 59 5.34 -40.26 -12.18
C ASN J 59 4.42 -39.31 -11.44
N SER J 60 3.17 -39.23 -11.88
CA SER J 60 2.16 -38.42 -11.20
C SER J 60 0.92 -39.27 -10.98
N LEU J 61 0.81 -40.35 -11.76
CA LEU J 61 -0.30 -41.28 -11.69
C LEU J 61 -0.06 -42.39 -10.67
N TYR J 62 1.00 -42.29 -9.88
CA TYR J 62 1.39 -43.35 -8.97
C TYR J 62 1.50 -42.90 -7.53
N SER J 63 1.18 -41.65 -7.22
CA SER J 63 1.19 -41.15 -5.85
C SER J 63 -0.19 -41.42 -5.25
N ALA J 64 -0.28 -42.47 -4.43
CA ALA J 64 -1.54 -42.90 -3.84
C ALA J 64 -1.66 -42.50 -2.37
N GLN J 65 -1.15 -41.34 -2.00
CA GLN J 65 -1.26 -40.88 -0.63
C GLN J 65 -2.72 -40.57 -0.30
N PHE J 66 -3.13 -40.91 0.91
CA PHE J 66 -4.52 -40.77 1.33
C PHE J 66 -4.59 -40.50 2.82
N ASP J 67 -5.62 -39.78 3.23
CA ASP J 67 -5.91 -39.57 4.64
C ASP J 67 -6.87 -40.64 5.13
N ILE J 68 -6.85 -40.89 6.44
CA ILE J 68 -7.67 -41.95 7.03
C ILE J 68 -8.18 -41.49 8.38
N LEU J 69 -9.44 -41.83 8.67
CA LEU J 69 -9.99 -41.63 10.00
C LEU J 69 -9.74 -42.86 10.86
N LEU J 70 -9.54 -42.64 12.14
CA LEU J 70 -9.21 -43.71 13.08
C LEU J 70 -10.34 -44.05 14.02
N GLY J 71 -11.49 -43.41 13.90
CA GLY J 71 -12.64 -43.65 14.75
C GLY J 71 -13.07 -42.40 15.48
N THR J 72 -14.04 -42.58 16.38
CA THR J 72 -14.51 -41.50 17.22
C THR J 72 -14.60 -41.99 18.66
N TYR J 73 -14.63 -41.05 19.59
CA TYR J 73 -14.75 -41.36 21.01
C TYR J 73 -15.69 -40.35 21.65
N CYS J 74 -16.72 -40.84 22.32
CA CYS J 74 -17.71 -39.99 22.96
C CYS J 74 -17.91 -40.44 24.40
N ASN J 75 -18.75 -39.71 25.13
CA ASN J 75 -19.07 -40.03 26.50
C ASN J 75 -20.58 -39.95 26.70
N THR J 76 -21.01 -40.31 27.91
CA THR J 76 -22.39 -40.13 28.32
C THR J 76 -22.40 -39.79 29.80
N LEU J 77 -23.18 -38.79 30.17
CA LEU J 77 -23.23 -38.34 31.54
C LEU J 77 -24.27 -39.10 32.34
N ASN J 78 -24.05 -39.19 33.64
CA ASN J 78 -24.98 -39.84 34.54
C ASN J 78 -25.95 -38.82 35.13
N PHE J 79 -27.06 -39.32 35.66
CA PHE J 79 -28.10 -38.49 36.22
C PHE J 79 -28.22 -38.78 37.72
N VAL J 80 -28.24 -37.72 38.52
CA VAL J 80 -28.34 -37.83 39.97
C VAL J 80 -29.76 -37.49 40.39
N ARG J 81 -30.23 -38.12 41.46
CA ARG J 81 -31.54 -37.86 42.01
C ARG J 81 -31.41 -37.42 43.47
N PHE J 82 -32.37 -36.60 43.90
CA PHE J 82 -32.26 -35.95 45.20
C PHE J 82 -32.40 -36.95 46.34
N LEU J 83 -33.36 -37.87 46.24
CA LEU J 83 -33.63 -38.78 47.34
C LEU J 83 -32.49 -39.76 47.57
N GLU J 84 -31.70 -40.05 46.54
CA GLU J 84 -30.56 -40.95 46.71
C GLU J 84 -29.43 -40.30 47.49
N LEU J 85 -29.44 -38.97 47.61
CA LEU J 85 -28.41 -38.28 48.36
C LEU J 85 -28.70 -38.30 49.85
N GLY J 86 -27.63 -38.24 50.64
CA GLY J 86 -27.77 -38.18 52.08
C GLY J 86 -28.28 -36.86 52.61
N LEU J 87 -28.37 -35.84 51.76
CA LEU J 87 -28.89 -34.54 52.17
C LEU J 87 -30.40 -34.54 52.35
N SER J 88 -31.11 -35.52 51.80
CA SER J 88 -32.56 -35.55 51.88
C SER J 88 -33.09 -35.75 53.29
N VAL J 89 -32.24 -36.13 54.24
CA VAL J 89 -32.70 -36.44 55.59
C VAL J 89 -32.51 -35.19 56.43
N ALA J 90 -32.36 -34.04 55.77
CA ALA J 90 -32.25 -32.77 56.44
C ALA J 90 -33.55 -31.97 56.39
N CYS J 91 -34.50 -32.37 55.57
CA CYS J 91 -35.76 -31.65 55.42
C CYS J 91 -36.83 -32.64 55.00
N ILE J 92 -38.06 -32.15 54.88
CA ILE J 92 -39.18 -32.94 54.39
C ILE J 92 -39.74 -32.23 53.16
N CYS J 93 -39.50 -32.80 51.99
CA CYS J 93 -39.99 -32.22 50.75
C CYS J 93 -41.38 -32.75 50.43
N THR J 94 -42.21 -31.87 49.89
CA THR J 94 -43.57 -32.22 49.50
C THR J 94 -43.90 -31.52 48.20
N LYS J 95 -44.91 -32.04 47.50
CA LYS J 95 -45.34 -31.51 46.22
C LYS J 95 -46.66 -30.78 46.40
N PHE J 96 -46.76 -29.59 45.81
CA PHE J 96 -47.95 -28.76 45.92
C PHE J 96 -48.19 -28.05 44.59
N PRO J 97 -49.21 -28.46 43.84
CA PRO J 97 -49.36 -27.96 42.47
C PRO J 97 -49.89 -26.53 42.40
N GLU J 98 -50.59 -26.07 43.44
CA GLU J 98 -51.15 -24.73 43.48
C GLU J 98 -50.23 -23.72 44.15
N LEU J 99 -48.92 -23.93 44.09
CA LEU J 99 -47.98 -23.02 44.72
C LEU J 99 -48.07 -21.60 44.16
N ALA J 100 -48.68 -21.42 42.99
CA ALA J 100 -48.84 -20.10 42.40
C ALA J 100 -50.04 -19.35 42.94
N TYR J 101 -50.73 -19.91 43.94
CA TYR J 101 -51.87 -19.24 44.57
C TYR J 101 -51.69 -19.13 46.08
N VAL J 102 -50.48 -19.32 46.60
CA VAL J 102 -50.30 -19.46 48.04
C VAL J 102 -50.66 -18.16 48.76
N ARG J 103 -50.15 -17.04 48.27
CA ARG J 103 -50.46 -15.72 48.82
C ARG J 103 -50.24 -15.67 50.33
N ASP J 104 -48.98 -15.83 50.73
CA ASP J 104 -48.56 -15.66 52.12
C ASP J 104 -49.22 -16.63 53.08
N GLY J 105 -48.89 -17.93 52.97
CA GLY J 105 -49.25 -18.90 53.98
C GLY J 105 -48.61 -18.61 55.32
N VAL J 106 -48.90 -19.47 56.30
CA VAL J 106 -48.49 -19.23 57.68
C VAL J 106 -48.54 -20.54 58.44
N ILE J 107 -47.81 -20.60 59.56
CA ILE J 107 -47.77 -21.77 60.43
C ILE J 107 -47.45 -21.28 61.84
N GLN J 108 -47.98 -21.98 62.85
CA GLN J 108 -47.78 -21.56 64.23
C GLN J 108 -47.51 -22.76 65.13
N PHE J 109 -46.86 -22.49 66.25
CA PHE J 109 -46.47 -23.48 67.24
C PHE J 109 -47.18 -23.21 68.56
N GLU J 110 -46.88 -24.06 69.55
CA GLU J 110 -47.37 -23.87 70.92
C GLU J 110 -46.58 -24.76 71.88
N VAL J 111 -46.17 -24.21 73.02
CA VAL J 111 -45.33 -24.95 73.96
C VAL J 111 -45.72 -24.57 75.38
N GLN J 112 -45.55 -25.52 76.29
CA GLN J 112 -45.78 -25.33 77.71
C GLN J 112 -44.50 -25.60 78.48
N GLN J 113 -44.47 -25.19 79.74
CA GLN J 113 -43.28 -25.31 80.57
C GLN J 113 -43.65 -25.86 81.94
N PRO J 114 -42.87 -26.78 82.49
CA PRO J 114 -43.13 -27.27 83.83
C PRO J 114 -42.64 -26.31 84.89
N MET J 115 -43.04 -26.57 86.13
CA MET J 115 -42.69 -25.70 87.24
C MET J 115 -42.40 -26.53 88.48
N ILE J 116 -41.66 -25.92 89.40
CA ILE J 116 -41.23 -26.56 90.64
C ILE J 116 -42.06 -26.00 91.78
N ALA J 117 -42.22 -26.80 92.85
CA ALA J 117 -42.95 -26.39 94.04
C ALA J 117 -41.94 -26.23 95.16
N ARG J 118 -41.57 -24.98 95.45
CA ARG J 118 -40.66 -24.66 96.53
C ARG J 118 -41.28 -23.60 97.43
N ASP J 119 -40.88 -23.59 98.69
CA ASP J 119 -41.41 -22.64 99.66
C ASP J 119 -40.26 -21.99 100.42
N GLY J 120 -40.61 -20.96 101.18
CA GLY J 120 -39.65 -20.15 101.88
C GLY J 120 -39.82 -18.69 101.57
N PRO J 121 -38.73 -17.93 101.61
CA PRO J 121 -38.78 -16.50 101.26
C PRO J 121 -38.73 -16.25 99.76
N HIS J 122 -39.55 -16.97 99.01
CA HIS J 122 -39.61 -16.84 97.56
C HIS J 122 -41.05 -16.69 97.12
N PRO J 123 -41.30 -15.90 96.09
CA PRO J 123 -42.66 -15.78 95.56
C PRO J 123 -43.10 -17.07 94.89
N VAL J 124 -44.40 -17.33 94.96
CA VAL J 124 -44.93 -18.56 94.39
C VAL J 124 -44.85 -18.52 92.87
N ASP J 125 -44.93 -19.69 92.26
CA ASP J 125 -44.80 -19.85 90.82
C ASP J 125 -46.13 -20.25 90.22
N GLN J 126 -46.35 -19.85 88.96
CA GLN J 126 -47.55 -20.20 88.22
C GLN J 126 -47.15 -20.72 86.85
N PRO J 127 -47.91 -21.66 86.29
CA PRO J 127 -47.52 -22.25 85.00
C PRO J 127 -47.57 -21.21 83.89
N VAL J 128 -46.73 -21.42 82.88
CA VAL J 128 -46.58 -20.49 81.77
C VAL J 128 -46.78 -21.24 80.46
N HIS J 129 -47.47 -20.59 79.52
CA HIS J 129 -47.68 -21.11 78.18
C HIS J 129 -47.16 -20.11 77.16
N ASN J 130 -46.85 -20.58 75.97
CA ASN J 130 -46.30 -19.74 74.92
C ASN J 130 -47.01 -20.01 73.60
N TYR J 131 -46.93 -19.02 72.70
CA TYR J 131 -47.53 -19.13 71.38
C TYR J 131 -46.61 -18.45 70.37
N MET J 132 -46.24 -19.18 69.33
CA MET J 132 -45.36 -18.68 68.29
C MET J 132 -46.09 -18.73 66.95
N VAL J 133 -45.43 -18.22 65.91
CA VAL J 133 -46.01 -18.19 64.57
C VAL J 133 -44.90 -17.97 63.55
N LYS J 134 -45.05 -18.57 62.37
CA LYS J 134 -44.06 -18.45 61.31
C LYS J 134 -44.78 -18.42 59.97
N ARG J 135 -44.18 -17.71 59.01
CA ARG J 135 -44.74 -17.61 57.67
C ARG J 135 -43.83 -18.34 56.69
N ILE J 136 -44.23 -18.37 55.42
CA ILE J 136 -43.53 -19.14 54.40
C ILE J 136 -42.73 -18.21 53.51
N HIS J 137 -41.60 -18.70 53.03
CA HIS J 137 -40.78 -17.99 52.06
C HIS J 137 -41.06 -18.50 50.66
N LYS J 138 -40.65 -17.72 49.66
CA LYS J 138 -40.95 -18.03 48.27
C LYS J 138 -39.70 -17.81 47.43
N ARG J 139 -39.22 -18.88 46.80
CA ARG J 139 -38.10 -18.81 45.88
C ARG J 139 -38.38 -19.74 44.70
N SER J 140 -37.79 -19.42 43.55
CA SER J 140 -38.03 -20.15 42.32
C SER J 140 -36.72 -20.64 41.72
N LEU J 141 -36.85 -21.45 40.68
CA LEU J 141 -35.72 -21.98 39.93
C LEU J 141 -35.98 -21.82 38.44
N SER J 142 -34.91 -21.71 37.66
CA SER J 142 -35.03 -21.48 36.23
C SER J 142 -33.92 -22.20 35.49
N ALA J 143 -34.19 -22.51 34.22
CA ALA J 143 -33.21 -23.13 33.33
C ALA J 143 -33.60 -22.81 31.90
N ALA J 144 -32.58 -22.63 31.06
CA ALA J 144 -32.78 -22.21 29.68
C ALA J 144 -32.62 -23.39 28.74
N PHE J 145 -33.04 -23.17 27.49
CA PHE J 145 -33.02 -24.21 26.47
C PHE J 145 -33.15 -23.55 25.11
N ALA J 146 -32.13 -23.71 24.26
CA ALA J 146 -32.10 -23.04 22.97
C ALA J 146 -32.28 -24.03 21.83
N ILE J 147 -32.79 -23.53 20.71
CA ILE J 147 -33.01 -24.33 19.51
C ILE J 147 -32.67 -23.49 18.29
N ALA J 148 -31.86 -24.03 17.38
CA ALA J 148 -31.43 -23.28 16.21
C ALA J 148 -32.59 -23.05 15.25
N SER J 149 -32.40 -22.08 14.37
CA SER J 149 -33.47 -21.72 13.44
C SER J 149 -33.68 -22.79 12.38
N GLU J 150 -32.59 -23.29 11.81
CA GLU J 150 -32.73 -24.28 10.74
C GLU J 150 -33.36 -25.57 11.27
N ALA J 151 -32.96 -26.00 12.46
CA ALA J 151 -33.56 -27.20 13.03
C ALA J 151 -35.04 -27.01 13.31
N LEU J 152 -35.47 -25.76 13.54
CA LEU J 152 -36.89 -25.51 13.74
C LEU J 152 -37.66 -25.62 12.43
N SER J 153 -37.11 -25.08 11.34
CA SER J 153 -37.78 -25.15 10.06
C SER J 153 -37.82 -26.57 9.52
N LEU J 154 -36.84 -27.40 9.89
CA LEU J 154 -36.82 -28.78 9.42
C LEU J 154 -37.97 -29.59 10.00
N LEU J 155 -38.58 -29.15 11.09
CA LEU J 155 -39.68 -29.86 11.70
C LEU J 155 -41.04 -29.23 11.38
N SER J 156 -41.09 -27.93 11.16
CA SER J 156 -42.32 -27.25 10.78
C SER J 156 -42.69 -27.45 9.32
N ASN J 157 -42.04 -28.41 8.64
CA ASN J 157 -42.29 -28.60 7.22
C ASN J 157 -43.69 -29.16 6.96
N THR J 158 -44.17 -30.04 7.84
CA THR J 158 -45.46 -30.72 7.69
C THR J 158 -45.52 -31.45 6.35
N TYR J 159 -44.64 -32.44 6.23
CA TYR J 159 -44.65 -33.42 5.14
C TYR J 159 -44.66 -32.75 3.77
N VAL J 160 -43.73 -31.81 3.60
CA VAL J 160 -43.46 -31.23 2.29
C VAL J 160 -42.13 -31.75 1.73
N ASP J 161 -41.69 -32.90 2.24
CA ASP J 161 -40.39 -33.46 1.91
C ASP J 161 -40.58 -34.98 1.75
N GLY J 162 -39.49 -35.72 1.80
CA GLY J 162 -39.56 -37.15 1.64
C GLY J 162 -38.47 -37.72 0.75
N THR J 163 -37.48 -36.90 0.43
CA THR J 163 -36.30 -37.38 -0.28
C THR J 163 -35.36 -38.07 0.70
N GLU J 164 -34.16 -38.42 0.26
CA GLU J 164 -33.29 -39.25 1.08
C GLU J 164 -32.38 -38.45 2.00
N ILE J 165 -31.73 -37.41 1.49
CA ILE J 165 -30.67 -36.77 2.26
C ILE J 165 -31.24 -35.96 3.43
N ASP J 166 -32.44 -35.40 3.29
CA ASP J 166 -33.00 -34.59 4.36
C ASP J 166 -33.61 -35.45 5.46
N SER J 167 -33.96 -36.69 5.17
CA SER J 167 -34.45 -37.59 6.20
C SER J 167 -33.42 -37.78 7.31
N SER J 168 -32.14 -37.71 6.96
CA SER J 168 -31.09 -37.78 7.97
C SER J 168 -30.93 -36.47 8.72
N LEU J 169 -31.06 -35.34 8.02
CA LEU J 169 -31.02 -34.05 8.71
C LEU J 169 -32.14 -33.93 9.71
N ARG J 170 -33.32 -34.48 9.40
CA ARG J 170 -34.41 -34.49 10.36
C ARG J 170 -34.12 -35.40 11.54
N ILE J 171 -33.34 -36.47 11.32
CA ILE J 171 -33.02 -37.38 12.40
C ILE J 171 -32.07 -36.73 13.39
N ARG J 172 -30.97 -36.16 12.88
CA ARG J 172 -30.02 -35.49 13.76
C ARG J 172 -30.60 -34.23 14.38
N ALA J 173 -31.70 -33.72 13.85
CA ALA J 173 -32.35 -32.55 14.45
C ALA J 173 -33.09 -32.94 15.72
N ILE J 174 -33.94 -33.97 15.64
CA ILE J 174 -34.67 -34.42 16.82
C ILE J 174 -33.76 -35.12 17.82
N GLN J 175 -32.54 -35.47 17.44
CA GLN J 175 -31.60 -36.06 18.39
C GLN J 175 -30.93 -34.99 19.24
N GLN J 176 -30.67 -33.81 18.67
CA GLN J 176 -30.11 -32.72 19.46
C GLN J 176 -31.09 -32.23 20.50
N MET J 177 -32.38 -32.20 20.18
CA MET J 177 -33.38 -31.81 21.15
C MET J 177 -33.46 -32.81 22.29
N ALA J 178 -33.36 -34.10 21.98
CA ALA J 178 -33.40 -35.12 23.03
C ALA J 178 -32.15 -35.05 23.91
N ARG J 179 -30.97 -34.88 23.30
CA ARG J 179 -29.76 -34.78 24.09
C ARG J 179 -29.75 -33.54 24.97
N ASN J 180 -30.37 -32.46 24.51
CA ASN J 180 -30.44 -31.23 25.29
C ASN J 180 -31.52 -31.29 26.35
N LEU J 181 -32.68 -31.87 26.02
CA LEU J 181 -33.77 -31.91 26.98
C LEU J 181 -33.49 -32.85 28.15
N ARG J 182 -32.77 -33.94 27.90
CA ARG J 182 -32.41 -34.86 28.97
C ARG J 182 -31.50 -34.20 29.99
N THR J 183 -30.79 -33.14 29.61
CA THR J 183 -29.90 -32.46 30.54
C THR J 183 -30.61 -31.37 31.33
N VAL J 184 -31.50 -30.61 30.68
CA VAL J 184 -32.17 -29.52 31.37
C VAL J 184 -33.13 -30.05 32.42
N LEU J 185 -33.71 -31.22 32.20
CA LEU J 185 -34.59 -31.82 33.20
C LEU J 185 -33.78 -32.26 34.41
N ASP J 186 -32.69 -32.99 34.20
CA ASP J 186 -31.81 -33.35 35.29
C ASP J 186 -31.18 -32.13 35.94
N SER J 187 -31.10 -31.02 35.23
CA SER J 187 -30.55 -29.80 35.82
C SER J 187 -31.40 -29.33 36.98
N PHE J 188 -32.73 -29.43 36.85
CA PHE J 188 -33.60 -29.10 37.97
C PHE J 188 -33.43 -30.09 39.11
N GLU J 189 -33.29 -31.38 38.78
CA GLU J 189 -33.09 -32.39 39.82
C GLU J 189 -31.82 -32.11 40.62
N ARG J 190 -30.73 -31.80 39.91
CA ARG J 190 -29.48 -31.46 40.59
C ARG J 190 -29.59 -30.10 41.27
N GLY J 191 -30.40 -29.19 40.74
CA GLY J 191 -30.49 -27.86 41.29
C GLY J 191 -31.17 -27.78 42.64
N THR J 192 -31.97 -28.80 42.99
CA THR J 192 -32.63 -28.80 44.29
C THR J 192 -31.62 -28.86 45.42
N ALA J 193 -30.60 -29.71 45.28
CA ALA J 193 -29.54 -29.79 46.27
C ALA J 193 -28.73 -28.51 46.37
N ASP J 194 -28.91 -27.57 45.44
CA ASP J 194 -28.26 -26.28 45.54
C ASP J 194 -29.11 -25.27 46.31
N GLN J 195 -30.43 -25.44 46.31
CA GLN J 195 -31.27 -24.61 47.16
C GLN J 195 -30.94 -24.83 48.63
N LEU J 196 -31.08 -26.08 49.09
CA LEU J 196 -30.42 -26.47 50.31
C LEU J 196 -28.91 -26.40 50.13
N LEU J 197 -28.17 -26.51 51.23
CA LEU J 197 -26.72 -26.31 51.20
C LEU J 197 -26.42 -24.96 50.55
N GLY J 198 -26.86 -23.92 51.26
CA GLY J 198 -26.87 -22.59 50.70
C GLY J 198 -28.07 -21.82 51.21
N VAL J 199 -29.07 -22.55 51.72
CA VAL J 199 -30.12 -21.94 52.52
C VAL J 199 -29.90 -22.20 54.00
N LEU J 200 -29.17 -23.25 54.36
CA LEU J 200 -28.79 -23.48 55.75
C LEU J 200 -27.55 -22.73 56.16
N LEU J 201 -26.79 -22.20 55.19
CA LEU J 201 -25.54 -21.52 55.53
C LEU J 201 -25.82 -20.19 56.24
N GLU J 202 -26.89 -19.51 55.86
CA GLU J 202 -27.28 -18.28 56.54
C GLU J 202 -28.26 -18.53 57.67
N LYS J 203 -28.44 -19.80 58.07
CA LYS J 203 -29.28 -20.15 59.22
C LYS J 203 -28.48 -20.81 60.33
N ALA J 204 -27.15 -20.79 60.25
CA ALA J 204 -26.31 -21.48 61.21
C ALA J 204 -25.31 -20.50 61.83
N PRO J 205 -25.38 -20.26 63.13
CA PRO J 205 -24.36 -19.43 63.78
C PRO J 205 -23.07 -20.20 63.97
N PRO J 206 -21.97 -19.52 64.30
CA PRO J 206 -20.70 -20.23 64.48
C PRO J 206 -20.74 -21.16 65.69
N LEU J 207 -19.89 -22.18 65.64
CA LEU J 207 -19.85 -23.16 66.73
C LEU J 207 -19.17 -22.59 67.96
N SER J 208 -18.11 -21.79 67.78
CA SER J 208 -17.38 -21.26 68.92
C SER J 208 -18.23 -20.35 69.79
N LEU J 209 -19.36 -19.88 69.28
CA LEU J 209 -20.28 -19.06 70.06
C LEU J 209 -21.49 -19.83 70.57
N LEU J 210 -22.02 -20.77 69.77
CA LEU J 210 -23.23 -21.47 70.16
C LEU J 210 -22.97 -22.48 71.27
N SER J 211 -21.78 -23.07 71.31
CA SER J 211 -21.51 -24.09 72.33
C SER J 211 -21.45 -23.50 73.73
N PRO J 212 -20.68 -22.45 74.02
CA PRO J 212 -20.67 -21.94 75.40
C PRO J 212 -21.98 -21.31 75.82
N ILE J 213 -22.68 -20.65 74.89
CA ILE J 213 -23.99 -20.08 75.21
C ILE J 213 -24.94 -21.18 75.66
N ASN J 214 -24.95 -22.29 74.92
CA ASN J 214 -25.78 -23.42 75.30
C ASN J 214 -25.32 -24.08 76.59
N LYS J 215 -24.06 -23.92 76.96
CA LYS J 215 -23.57 -24.53 78.18
C LYS J 215 -24.01 -23.76 79.42
N PHE J 216 -23.97 -22.43 79.35
CA PHE J 216 -24.37 -21.60 80.49
C PHE J 216 -25.83 -21.20 80.29
N GLN J 217 -26.72 -22.13 80.65
CA GLN J 217 -28.16 -21.92 80.51
C GLN J 217 -28.85 -22.24 81.83
N PRO J 218 -28.59 -21.46 82.87
CA PRO J 218 -29.30 -21.70 84.13
C PRO J 218 -30.75 -21.22 84.08
N GLU J 219 -30.99 -20.05 83.50
CA GLU J 219 -32.33 -19.50 83.42
C GLU J 219 -32.62 -18.81 82.09
N GLY J 220 -31.78 -18.97 81.08
CA GLY J 220 -31.99 -18.27 79.83
C GLY J 220 -31.55 -16.83 79.89
N HIS J 221 -32.16 -16.05 80.76
CA HIS J 221 -31.79 -14.66 80.97
C HIS J 221 -30.84 -14.55 82.15
N LEU J 222 -29.81 -13.73 81.98
CA LEU J 222 -28.78 -13.54 82.99
C LEU J 222 -28.68 -12.07 83.36
N ASN J 223 -28.09 -11.81 84.52
CA ASN J 223 -27.95 -10.45 85.02
C ASN J 223 -26.78 -9.77 84.34
N ARG J 224 -26.42 -8.57 84.80
CA ARG J 224 -25.31 -7.84 84.20
C ARG J 224 -23.98 -8.54 84.51
N VAL J 225 -23.80 -9.01 85.74
CA VAL J 225 -22.53 -9.61 86.13
C VAL J 225 -22.34 -10.94 85.41
N ALA J 226 -23.37 -11.78 85.39
CA ALA J 226 -23.26 -13.08 84.73
C ALA J 226 -22.99 -12.92 83.24
N ARG J 227 -23.52 -11.86 82.63
CA ARG J 227 -23.27 -11.63 81.22
C ARG J 227 -21.83 -11.20 80.98
N ALA J 228 -21.30 -10.32 81.82
CA ALA J 228 -19.93 -9.86 81.65
C ALA J 228 -18.95 -11.02 81.75
N ALA J 229 -19.17 -11.93 82.69
CA ALA J 229 -18.31 -13.10 82.80
C ALA J 229 -18.45 -14.01 81.59
N LEU J 230 -19.59 -13.96 80.91
CA LEU J 230 -19.78 -14.78 79.73
C LEU J 230 -19.09 -14.18 78.50
N LEU J 231 -19.00 -12.84 78.45
CA LEU J 231 -18.36 -12.20 77.31
C LEU J 231 -16.87 -12.52 77.26
N SER J 232 -16.21 -12.51 78.41
CA SER J 232 -14.78 -12.83 78.44
C SER J 232 -14.53 -14.23 77.92
N ASP J 233 -15.46 -15.15 78.19
CA ASP J 233 -15.36 -16.49 77.62
C ASP J 233 -15.42 -16.42 76.10
N LEU J 234 -16.43 -15.73 75.57
CA LEU J 234 -16.63 -15.71 74.12
C LEU J 234 -15.42 -15.13 73.39
N LYS J 235 -14.74 -14.16 73.99
CA LYS J 235 -13.58 -13.58 73.33
C LYS J 235 -12.41 -14.55 73.30
N ARG J 236 -12.14 -15.22 74.42
CA ARG J 236 -11.04 -16.18 74.46
C ARG J 236 -11.33 -17.40 73.59
N ARG J 237 -12.60 -17.82 73.52
CA ARG J 237 -12.93 -19.02 72.76
C ARG J 237 -12.77 -18.78 71.26
N VAL J 238 -13.29 -17.66 70.77
CA VAL J 238 -13.22 -17.39 69.33
C VAL J 238 -11.81 -17.07 68.89
N CYS J 239 -10.97 -16.52 69.79
CA CYS J 239 -9.62 -16.15 69.40
C CYS J 239 -8.72 -17.36 69.20
N ALA J 240 -8.91 -18.41 69.99
CA ALA J 240 -8.06 -19.59 69.93
C ALA J 240 -8.65 -20.70 69.07
N ASP J 241 -9.95 -20.94 69.17
CA ASP J 241 -10.60 -22.03 68.46
C ASP J 241 -11.04 -21.58 67.06
N MET J 242 -10.04 -21.27 66.24
CA MET J 242 -10.31 -20.76 64.89
C MET J 242 -10.23 -21.87 63.84
N PHE J 243 -9.09 -22.56 63.79
CA PHE J 243 -8.86 -23.62 62.83
C PHE J 243 -8.50 -24.89 63.58
N PHE J 244 -9.42 -25.85 63.62
CA PHE J 244 -9.16 -27.09 64.34
C PHE J 244 -8.27 -28.02 63.54
N MET J 245 -8.68 -28.35 62.31
CA MET J 245 -7.95 -29.32 61.51
C MET J 245 -6.57 -28.82 61.11
N THR J 246 -6.33 -27.51 61.17
CA THR J 246 -5.02 -26.98 60.83
C THR J 246 -4.10 -26.92 62.05
N ARG J 247 -4.55 -26.30 63.13
CA ARG J 247 -3.73 -26.20 64.33
C ARG J 247 -3.55 -27.57 64.98
N HIS J 248 -4.65 -28.20 65.36
CA HIS J 248 -4.59 -29.52 66.00
C HIS J 248 -4.64 -30.64 64.97
N ALA J 249 -3.72 -30.59 64.00
CA ALA J 249 -3.67 -31.64 62.99
C ALA J 249 -2.93 -32.87 63.47
N ARG J 250 -1.92 -32.71 64.32
CA ARG J 250 -1.18 -33.86 64.84
C ARG J 250 -2.02 -34.65 65.82
N GLU J 251 -2.53 -33.99 66.85
CA GLU J 251 -3.33 -34.64 67.87
C GLU J 251 -4.67 -35.07 67.31
N PRO J 252 -4.95 -36.37 67.19
CA PRO J 252 -6.20 -36.83 66.58
C PRO J 252 -7.35 -37.02 67.56
N ARG J 253 -7.22 -36.60 68.81
CA ARG J 253 -8.27 -36.77 69.80
C ARG J 253 -9.04 -35.50 70.11
N LEU J 254 -8.37 -34.34 70.10
CA LEU J 254 -9.09 -33.08 70.30
C LEU J 254 -10.10 -32.84 69.19
N ILE J 255 -9.83 -33.31 67.98
CA ILE J 255 -10.78 -33.19 66.90
C ILE J 255 -12.03 -34.00 67.20
N SER J 256 -11.87 -35.19 67.78
CA SER J 256 -13.01 -35.99 68.18
C SER J 256 -13.84 -35.29 69.25
N ALA J 257 -13.18 -34.53 70.13
CA ALA J 257 -13.91 -33.80 71.16
C ALA J 257 -14.71 -32.66 70.55
N TYR J 258 -14.17 -32.00 69.53
CA TYR J 258 -14.87 -30.89 68.90
C TYR J 258 -16.11 -31.37 68.16
N LEU J 259 -16.02 -32.50 67.48
CA LEU J 259 -17.17 -33.02 66.75
C LEU J 259 -18.29 -33.43 67.69
N SER J 260 -17.97 -34.22 68.71
CA SER J 260 -18.98 -34.61 69.68
C SER J 260 -19.61 -33.41 70.35
N ASP J 261 -18.85 -32.33 70.51
CA ASP J 261 -19.42 -31.11 71.06
C ASP J 261 -20.35 -30.43 70.07
N MET J 262 -19.97 -30.43 68.79
CA MET J 262 -20.81 -29.78 67.78
C MET J 262 -22.12 -30.52 67.60
N VAL J 263 -22.08 -31.86 67.56
CA VAL J 263 -23.29 -32.64 67.38
C VAL J 263 -24.25 -32.42 68.55
N SER J 264 -23.74 -32.53 69.77
CA SER J 264 -24.56 -32.33 70.96
C SER J 264 -24.57 -30.86 71.38
N CYS J 265 -24.89 -29.99 70.43
CA CYS J 265 -24.96 -28.55 70.70
C CYS J 265 -26.31 -28.00 70.27
N THR J 266 -26.84 -28.54 69.17
CA THR J 266 -28.14 -28.12 68.66
C THR J 266 -29.26 -28.93 69.29
N GLN J 267 -30.50 -28.51 69.02
CA GLN J 267 -31.67 -29.16 69.58
C GLN J 267 -32.50 -29.81 68.48
N PRO J 268 -33.17 -30.91 68.79
CA PRO J 268 -33.97 -31.60 67.77
C PRO J 268 -35.24 -30.85 67.42
N SER J 269 -36.02 -31.39 66.48
CA SER J 269 -37.24 -30.74 66.02
C SER J 269 -38.40 -31.74 66.01
N VAL J 270 -39.51 -31.35 65.39
CA VAL J 270 -40.68 -32.21 65.33
C VAL J 270 -40.33 -33.55 64.69
N MET J 271 -40.93 -34.62 65.19
CA MET J 271 -40.60 -35.98 64.76
C MET J 271 -41.72 -36.66 64.01
N VAL J 272 -42.80 -35.95 63.68
CA VAL J 272 -43.95 -36.59 63.03
C VAL J 272 -43.50 -37.13 61.67
N SER J 273 -43.55 -38.45 61.51
CA SER J 273 -43.08 -39.10 60.30
C SER J 273 -43.52 -40.55 60.33
N ARG J 274 -43.49 -41.18 59.15
CA ARG J 274 -43.80 -42.59 59.02
C ARG J 274 -42.60 -43.41 58.59
N ILE J 275 -41.97 -43.06 57.48
CA ILE J 275 -40.78 -43.73 56.98
C ILE J 275 -39.66 -42.70 56.89
N THR J 276 -38.54 -43.00 57.54
CA THR J 276 -37.40 -42.10 57.55
C THR J 276 -36.14 -42.88 57.22
N HIS J 277 -35.03 -42.16 57.11
CA HIS J 277 -33.76 -42.78 56.75
C HIS J 277 -33.25 -43.62 57.91
N THR J 278 -32.89 -44.87 57.62
CA THR J 278 -32.39 -45.77 58.63
C THR J 278 -31.33 -46.68 58.01
N ASN J 279 -30.53 -47.29 58.88
CA ASN J 279 -29.46 -48.17 58.44
C ASN J 279 -30.01 -49.55 58.12
N THR J 280 -29.12 -50.52 57.88
CA THR J 280 -29.57 -51.87 57.58
C THR J 280 -30.16 -52.55 58.80
N ARG J 281 -29.65 -52.25 59.99
CA ARG J 281 -30.18 -52.87 61.20
C ARG J 281 -31.59 -52.37 61.50
N GLY J 282 -31.78 -51.06 61.51
CA GLY J 282 -33.08 -50.50 61.85
C GLY J 282 -32.96 -49.22 62.65
N ARG J 283 -31.74 -48.87 63.06
CA ARG J 283 -31.54 -47.65 63.82
C ARG J 283 -31.76 -46.43 62.94
N GLN J 284 -32.32 -45.38 63.53
CA GLN J 284 -32.62 -44.16 62.80
C GLN J 284 -31.39 -43.24 62.75
N VAL J 285 -31.24 -42.53 61.64
CA VAL J 285 -30.19 -41.52 61.54
C VAL J 285 -30.71 -40.21 62.10
N ASP J 286 -29.77 -39.31 62.41
CA ASP J 286 -30.13 -38.08 63.11
C ASP J 286 -29.82 -36.82 62.30
N GLY J 287 -28.59 -36.67 61.80
CA GLY J 287 -28.20 -35.43 61.14
C GLY J 287 -27.30 -35.70 59.95
N VAL J 288 -26.78 -34.60 59.40
CA VAL J 288 -25.93 -34.62 58.22
C VAL J 288 -24.68 -33.79 58.50
N LEU J 289 -23.53 -34.27 58.02
CA LEU J 289 -22.26 -33.57 58.14
C LEU J 289 -21.70 -33.38 56.73
N VAL J 290 -21.88 -32.20 56.17
CA VAL J 290 -21.40 -31.88 54.83
C VAL J 290 -20.07 -31.15 54.94
N THR J 291 -19.03 -31.74 54.34
CA THR J 291 -17.69 -31.18 54.42
C THR J 291 -17.07 -31.19 53.02
N THR J 292 -15.80 -30.84 52.96
CA THR J 292 -15.01 -30.96 51.75
C THR J 292 -14.39 -32.35 51.67
N ALA J 293 -14.18 -32.84 50.45
CA ALA J 293 -13.65 -34.18 50.27
C ALA J 293 -12.28 -34.35 50.94
N THR J 294 -11.50 -33.27 51.04
CA THR J 294 -10.20 -33.37 51.68
C THR J 294 -10.34 -33.49 53.20
N LEU J 295 -11.39 -32.90 53.76
CA LEU J 295 -11.65 -33.08 55.18
C LEU J 295 -12.28 -34.43 55.45
N LYS J 296 -13.05 -34.95 54.49
CA LYS J 296 -13.65 -36.26 54.64
C LYS J 296 -12.58 -37.34 54.76
N ARG J 297 -11.62 -37.34 53.84
CA ARG J 297 -10.53 -38.31 53.92
C ARG J 297 -9.75 -38.15 55.22
N GLN J 298 -9.53 -36.91 55.66
CA GLN J 298 -8.83 -36.69 56.92
C GLN J 298 -9.66 -37.16 58.11
N LEU J 299 -10.98 -37.13 57.98
CA LEU J 299 -11.85 -37.50 59.09
C LEU J 299 -12.09 -39.00 59.15
N LEU J 300 -12.10 -39.68 58.01
CA LEU J 300 -12.45 -41.10 57.98
C LEU J 300 -11.26 -42.02 58.21
N GLN J 301 -10.03 -41.49 58.24
CA GLN J 301 -8.88 -42.38 58.29
C GLN J 301 -8.69 -42.96 59.69
N GLY J 302 -8.68 -42.12 60.71
CA GLY J 302 -8.45 -42.59 62.06
C GLY J 302 -9.18 -41.84 63.14
N ILE J 303 -9.95 -40.81 62.76
CA ILE J 303 -10.64 -40.01 63.75
C ILE J 303 -12.00 -40.61 64.09
N LEU J 304 -12.86 -40.74 63.09
CA LEU J 304 -14.16 -41.37 63.26
C LEU J 304 -14.11 -42.81 62.78
N GLN J 305 -15.21 -43.52 63.01
CA GLN J 305 -15.36 -44.91 62.59
C GLN J 305 -16.66 -45.07 61.82
N ILE J 306 -16.57 -45.76 60.68
CA ILE J 306 -17.74 -45.99 59.86
C ILE J 306 -18.62 -47.04 60.50
N ASP J 307 -19.92 -46.93 60.28
CA ASP J 307 -20.90 -47.88 60.82
C ASP J 307 -21.56 -48.74 59.76
N ASP J 308 -21.87 -48.17 58.60
CA ASP J 308 -22.52 -48.93 57.53
C ASP J 308 -22.23 -48.26 56.20
N THR J 309 -22.24 -49.07 55.14
CA THR J 309 -22.04 -48.57 53.79
C THR J 309 -23.34 -48.38 53.03
N ALA J 310 -24.40 -49.08 53.42
CA ALA J 310 -25.71 -48.95 52.79
C ALA J 310 -26.72 -48.48 53.82
N ALA J 311 -27.79 -47.84 53.33
CA ALA J 311 -28.84 -47.33 54.19
C ALA J 311 -30.17 -47.46 53.47
N ASP J 312 -31.26 -47.25 54.22
CA ASP J 312 -32.61 -47.35 53.71
C ASP J 312 -33.21 -45.96 53.65
N VAL J 313 -33.74 -45.59 52.49
CA VAL J 313 -34.24 -44.24 52.25
C VAL J 313 -35.60 -44.32 51.57
N PRO J 314 -36.57 -43.49 51.95
CA PRO J 314 -37.83 -43.43 51.21
C PRO J 314 -37.60 -42.96 49.78
N VAL J 315 -38.47 -43.42 48.89
CA VAL J 315 -38.32 -43.16 47.46
C VAL J 315 -39.44 -42.29 46.91
N THR J 316 -40.44 -41.95 47.71
CA THR J 316 -41.54 -41.11 47.27
C THR J 316 -41.44 -39.74 47.91
N TYR J 317 -41.98 -38.74 47.22
CA TYR J 317 -41.95 -37.38 47.74
C TYR J 317 -43.05 -37.16 48.77
N GLY J 318 -44.30 -37.46 48.39
CA GLY J 318 -45.42 -37.25 49.28
C GLY J 318 -46.04 -35.88 49.05
N GLU J 319 -47.24 -35.84 48.50
CA GLU J 319 -47.87 -34.60 48.12
C GLU J 319 -49.18 -34.40 48.87
N MET J 320 -49.72 -33.21 48.72
CA MET J 320 -51.02 -32.87 49.30
C MET J 320 -51.69 -31.86 48.39
N VAL J 321 -52.99 -32.04 48.18
CA VAL J 321 -53.77 -31.15 47.34
C VAL J 321 -55.08 -30.85 48.05
N LEU J 322 -55.44 -29.57 48.08
CA LEU J 322 -56.73 -29.15 48.61
C LEU J 322 -57.84 -29.69 47.72
N GLN J 323 -58.99 -29.96 48.33
CA GLN J 323 -60.16 -30.44 47.62
C GLN J 323 -61.35 -30.40 48.57
N GLY J 324 -62.50 -30.88 48.10
CA GLY J 324 -63.70 -30.94 48.91
C GLY J 324 -64.11 -29.61 49.48
N THR J 325 -64.11 -29.50 50.81
CA THR J 325 -64.50 -28.26 51.47
C THR J 325 -63.41 -27.19 51.38
N ASN J 326 -62.15 -27.57 51.17
CA ASN J 326 -61.11 -26.57 50.98
C ASN J 326 -61.31 -25.78 49.70
N LEU J 327 -61.84 -26.43 48.67
CA LEU J 327 -62.06 -25.75 47.39
C LEU J 327 -63.13 -24.67 47.52
N VAL J 328 -64.28 -25.01 48.11
CA VAL J 328 -65.40 -24.08 48.17
C VAL J 328 -65.07 -22.88 49.04
N THR J 329 -64.26 -23.05 50.08
CA THR J 329 -63.88 -21.95 50.95
C THR J 329 -62.69 -21.16 50.42
N ALA J 330 -62.06 -21.61 49.35
CA ALA J 330 -60.91 -20.90 48.79
C ALA J 330 -61.31 -19.82 47.81
N LEU J 331 -62.55 -19.83 47.32
CA LEU J 331 -63.02 -18.84 46.35
C LEU J 331 -63.96 -17.82 46.96
N VAL J 332 -64.94 -18.26 47.76
CA VAL J 332 -65.92 -17.34 48.32
C VAL J 332 -65.44 -16.67 49.60
N MET J 333 -64.48 -17.28 50.31
CA MET J 333 -63.96 -16.73 51.56
C MET J 333 -62.59 -16.11 51.42
N GLY J 334 -61.68 -16.76 50.70
CA GLY J 334 -60.32 -16.28 50.61
C GLY J 334 -59.38 -16.89 51.61
N LYS J 335 -59.72 -18.04 52.18
CA LYS J 335 -58.88 -18.71 53.15
C LYS J 335 -58.90 -20.20 52.91
N ALA J 336 -58.03 -20.92 53.60
CA ALA J 336 -57.96 -22.37 53.49
C ALA J 336 -57.20 -22.93 54.68
N VAL J 337 -57.45 -24.19 54.98
CA VAL J 337 -56.76 -24.90 56.06
C VAL J 337 -56.55 -26.34 55.62
N ARG J 338 -55.29 -26.79 55.65
CA ARG J 338 -54.99 -28.15 55.20
C ARG J 338 -55.61 -29.16 56.15
N GLY J 339 -55.86 -30.36 55.62
CA GLY J 339 -56.53 -31.40 56.37
C GLY J 339 -58.05 -31.24 56.35
N MET J 340 -58.56 -30.31 57.14
CA MET J 340 -59.99 -29.98 57.16
C MET J 340 -60.84 -31.23 57.42
N ASP J 341 -60.35 -32.14 58.25
CA ASP J 341 -61.09 -33.31 58.68
C ASP J 341 -61.23 -33.33 60.20
N ASP J 342 -61.30 -32.15 60.81
CA ASP J 342 -61.35 -32.03 62.26
C ASP J 342 -62.81 -32.06 62.71
N VAL J 343 -63.20 -33.17 63.33
CA VAL J 343 -64.56 -33.28 63.85
C VAL J 343 -64.70 -32.53 65.17
N ALA J 344 -63.65 -32.53 65.99
CA ALA J 344 -63.69 -31.83 67.27
C ALA J 344 -63.76 -30.32 67.06
N ASN J 377 -38.71 -47.29 50.22
CA ASN J 377 -37.50 -47.85 50.83
C ASN J 377 -36.58 -48.45 49.79
N ALA J 378 -35.27 -48.22 49.95
CA ALA J 378 -34.30 -48.73 49.00
C ALA J 378 -32.93 -48.73 49.65
N ARG J 379 -32.14 -49.76 49.36
CA ARG J 379 -30.77 -49.85 49.83
C ARG J 379 -29.89 -49.00 48.90
N VAL J 380 -29.38 -47.90 49.42
CA VAL J 380 -28.51 -47.03 48.63
C VAL J 380 -27.13 -46.98 49.30
N PRO J 381 -26.05 -46.95 48.52
CA PRO J 381 -24.71 -46.89 49.13
C PRO J 381 -24.46 -45.50 49.69
N ALA J 382 -24.23 -45.44 51.01
CA ALA J 382 -23.94 -44.18 51.68
C ALA J 382 -23.27 -44.49 53.01
N ASP J 383 -22.16 -43.81 53.29
CA ASP J 383 -21.45 -44.05 54.53
C ASP J 383 -22.23 -43.52 55.72
N LEU J 384 -21.98 -44.12 56.89
CA LEU J 384 -22.66 -43.73 58.12
C LEU J 384 -21.66 -43.84 59.26
N VAL J 385 -21.49 -42.75 60.00
CA VAL J 385 -20.54 -42.70 61.10
C VAL J 385 -21.30 -42.57 62.42
N ILE J 386 -20.60 -42.87 63.50
CA ILE J 386 -21.15 -42.77 64.85
C ILE J 386 -20.29 -41.76 65.60
N VAL J 387 -20.72 -40.51 65.61
CA VAL J 387 -20.03 -39.45 66.32
C VAL J 387 -20.82 -39.14 67.60
N GLY J 388 -20.09 -38.95 68.70
CA GLY J 388 -20.74 -38.77 69.98
C GLY J 388 -21.52 -40.00 70.37
N ASP J 389 -22.84 -39.92 70.31
CA ASP J 389 -23.71 -41.07 70.56
C ASP J 389 -24.80 -41.22 69.51
N LYS J 390 -24.65 -40.57 68.36
CA LYS J 390 -25.68 -40.56 67.33
C LYS J 390 -25.16 -41.21 66.06
N LEU J 391 -26.08 -41.38 65.11
CA LEU J 391 -25.78 -41.93 63.79
C LEU J 391 -26.13 -40.86 62.76
N VAL J 392 -25.13 -40.28 62.12
CA VAL J 392 -25.34 -39.17 61.21
C VAL J 392 -24.76 -39.52 59.84
N PHE J 393 -25.18 -38.76 58.84
CA PHE J 393 -24.68 -38.92 57.49
C PHE J 393 -23.45 -38.05 57.28
N LEU J 394 -22.58 -38.50 56.38
CA LEU J 394 -21.35 -37.78 56.04
C LEU J 394 -21.31 -37.59 54.54
N GLU J 395 -21.43 -36.35 54.08
CA GLU J 395 -21.49 -36.04 52.67
C GLU J 395 -20.38 -35.08 52.29
N ALA J 396 -19.78 -35.32 51.13
CA ALA J 396 -18.70 -34.52 50.57
C ALA J 396 -18.96 -34.25 49.10
N LEU J 397 -20.16 -33.76 48.80
CA LEU J 397 -20.63 -33.69 47.43
C LEU J 397 -19.81 -32.73 46.59
N GLU J 398 -18.91 -33.27 45.78
CA GLU J 398 -18.17 -32.49 44.78
C GLU J 398 -18.07 -33.17 43.43
N ARG J 399 -18.33 -34.47 43.34
CA ARG J 399 -18.31 -35.18 42.06
C ARG J 399 -19.70 -35.42 41.49
N ARG J 400 -20.69 -35.64 42.35
CA ARG J 400 -22.06 -35.77 41.87
C ARG J 400 -22.63 -34.43 41.46
N VAL J 401 -22.37 -33.40 42.25
CA VAL J 401 -22.80 -32.04 41.95
C VAL J 401 -21.57 -31.15 41.90
N TYR J 402 -21.67 -30.04 41.15
CA TYR J 402 -20.59 -29.07 41.00
C TYR J 402 -19.37 -29.67 40.31
N GLN J 403 -19.60 -30.65 39.44
CA GLN J 403 -18.53 -31.26 38.65
C GLN J 403 -18.74 -30.90 37.18
N ALA J 404 -17.68 -30.39 36.55
CA ALA J 404 -17.71 -30.03 35.14
C ALA J 404 -18.79 -28.98 34.85
N THR J 405 -19.07 -28.14 35.83
CA THR J 405 -20.03 -27.05 35.68
C THR J 405 -19.28 -25.73 35.80
N ARG J 406 -20.03 -24.62 35.77
CA ARG J 406 -19.45 -23.29 35.89
C ARG J 406 -19.87 -22.62 37.20
N VAL J 407 -20.25 -23.39 38.20
CA VAL J 407 -20.71 -22.87 39.48
C VAL J 407 -19.69 -23.23 40.56
N ALA J 408 -19.41 -22.28 41.44
CA ALA J 408 -18.45 -22.49 42.51
C ALA J 408 -19.09 -23.30 43.63
N TYR J 409 -18.30 -24.20 44.21
CA TYR J 409 -18.77 -25.03 45.30
C TYR J 409 -18.81 -24.21 46.58
N PRO J 410 -19.92 -24.25 47.33
CA PRO J 410 -19.95 -23.56 48.62
C PRO J 410 -19.03 -24.19 49.64
N LEU J 411 -19.07 -23.69 50.88
CA LEU J 411 -18.19 -24.12 51.97
C LEU J 411 -16.74 -23.74 51.73
N ILE J 412 -16.50 -22.75 50.86
CA ILE J 412 -15.15 -22.24 50.63
C ILE J 412 -15.16 -20.74 50.97
N GLY J 413 -15.95 -20.38 51.96
CA GLY J 413 -16.10 -18.99 52.36
C GLY J 413 -14.83 -18.32 52.83
N ASN J 414 -14.89 -17.02 53.08
CA ASN J 414 -13.73 -16.23 53.48
C ASN J 414 -13.92 -15.72 54.90
N ILE J 415 -12.82 -15.21 55.46
CA ILE J 415 -12.80 -14.68 56.83
C ILE J 415 -11.96 -13.42 56.83
N ASP J 416 -12.53 -12.33 57.32
CA ASP J 416 -11.84 -11.04 57.36
C ASP J 416 -11.33 -10.77 58.77
N ILE J 417 -10.03 -10.53 58.89
CA ILE J 417 -9.38 -10.26 60.17
C ILE J 417 -8.57 -8.98 60.04
N THR J 418 -8.57 -8.18 61.10
CA THR J 418 -7.87 -6.91 61.12
C THR J 418 -6.62 -7.00 62.00
N PHE J 419 -5.61 -6.23 61.65
CA PHE J 419 -4.36 -6.16 62.40
C PHE J 419 -4.06 -4.71 62.74
N ILE J 420 -3.42 -4.51 63.89
CA ILE J 420 -3.07 -3.17 64.37
C ILE J 420 -1.65 -3.21 64.90
N MET J 421 -0.87 -2.17 64.59
CA MET J 421 0.53 -2.08 64.98
C MET J 421 0.89 -0.63 65.26
N PRO J 422 1.53 -0.34 66.39
CA PRO J 422 2.04 1.01 66.61
C PRO J 422 3.31 1.26 65.82
N MET J 423 3.56 2.53 65.50
CA MET J 423 4.67 2.90 64.64
C MET J 423 5.75 3.70 65.35
N GLY J 424 5.41 4.83 65.96
CA GLY J 424 6.42 5.71 66.50
C GLY J 424 6.29 6.00 67.98
N VAL J 425 5.89 5.00 68.76
CA VAL J 425 5.75 5.20 70.20
C VAL J 425 7.12 5.25 70.86
N PHE J 426 7.25 6.08 71.89
CA PHE J 426 8.48 6.21 72.65
C PHE J 426 8.13 6.23 74.13
N GLN J 427 8.52 5.18 74.85
CA GLN J 427 8.20 5.06 76.27
C GLN J 427 9.02 6.09 77.04
N ALA J 428 8.37 7.20 77.41
CA ALA J 428 9.04 8.30 78.09
C ALA J 428 9.09 8.00 79.59
N ASN J 429 10.08 7.19 79.96
CA ASN J 429 10.28 6.82 81.35
C ASN J 429 11.69 6.29 81.52
N SER J 430 12.33 6.65 82.63
CA SER J 430 13.68 6.20 82.91
C SER J 430 13.73 4.75 83.38
N MET J 431 12.62 4.20 83.88
CA MET J 431 12.61 2.83 84.35
C MET J 431 12.27 1.83 83.25
N ASP J 432 11.61 2.29 82.19
CA ASP J 432 11.22 1.39 81.11
C ASP J 432 12.27 1.28 80.02
N ARG J 433 13.23 2.21 79.97
CA ARG J 433 14.29 2.18 78.97
C ARG J 433 15.52 1.53 79.60
N TYR J 434 15.48 0.21 79.67
CA TYR J 434 16.56 -0.57 80.29
C TYR J 434 17.07 -1.61 79.32
N THR J 435 17.94 -2.51 79.80
CA THR J 435 18.40 -3.65 79.02
C THR J 435 18.54 -4.86 79.92
N ARG J 436 18.31 -6.04 79.36
CA ARG J 436 18.26 -7.26 80.16
C ARG J 436 19.63 -7.86 80.42
N HIS J 437 20.68 -7.38 79.76
CA HIS J 437 22.03 -7.88 79.97
C HIS J 437 23.01 -6.73 79.81
N ALA J 438 24.29 -7.02 80.04
CA ALA J 438 25.31 -5.97 79.98
C ALA J 438 25.71 -5.69 78.54
N GLY J 439 26.32 -6.67 77.87
CA GLY J 439 26.70 -6.52 76.48
C GLY J 439 25.67 -7.06 75.52
N ASP J 440 24.45 -6.52 75.57
CA ASP J 440 23.37 -7.01 74.71
C ASP J 440 23.69 -6.81 73.24
N PHE J 441 23.81 -5.56 72.81
CA PHE J 441 24.12 -5.22 71.43
C PHE J 441 25.20 -4.14 71.46
N SER J 442 26.46 -4.56 71.52
CA SER J 442 27.55 -3.61 71.53
C SER J 442 27.74 -3.00 70.15
N THR J 443 28.46 -1.89 70.11
CA THR J 443 28.68 -1.15 68.88
C THR J 443 30.02 -0.43 68.96
N VAL J 444 30.72 -0.40 67.82
CA VAL J 444 31.98 0.32 67.77
C VAL J 444 31.77 1.82 67.96
N SER J 445 30.65 2.35 67.51
CA SER J 445 30.39 3.77 67.60
C SER J 445 30.33 4.22 69.05
N GLU J 446 30.68 5.49 69.27
CA GLU J 446 30.66 6.08 70.59
C GLU J 446 29.25 6.34 71.10
N GLN J 447 28.28 6.50 70.20
CA GLN J 447 26.90 6.77 70.57
C GLN J 447 26.03 5.64 70.03
N ASP J 448 25.49 4.82 70.92
CA ASP J 448 24.66 3.70 70.53
C ASP J 448 23.40 4.22 69.82
N PRO J 449 23.20 3.89 68.56
CA PRO J 449 22.02 4.36 67.82
C PRO J 449 20.76 3.56 68.13
N ARG J 450 20.51 3.34 69.41
CA ARG J 450 19.32 2.63 69.86
C ARG J 450 18.61 3.33 70.99
N GLN J 451 19.14 4.45 71.48
CA GLN J 451 18.47 5.26 72.47
C GLN J 451 17.52 6.28 71.85
N PHE J 452 17.77 6.64 70.59
CA PHE J 452 16.89 7.58 69.90
C PHE J 452 15.54 6.92 69.65
N PRO J 453 14.47 7.70 69.57
CA PRO J 453 13.14 7.12 69.35
C PRO J 453 13.05 6.53 67.95
N PRO J 454 12.34 5.41 67.80
CA PRO J 454 12.24 4.78 66.48
C PRO J 454 11.32 5.57 65.57
N GLN J 455 11.32 5.19 64.31
CA GLN J 455 10.46 5.84 63.33
C GLN J 455 9.62 4.87 62.53
N GLY J 456 10.13 3.67 62.23
CA GLY J 456 9.41 2.70 61.45
C GLY J 456 9.10 1.44 62.24
N ILE J 457 8.41 0.52 61.56
CA ILE J 457 8.05 -0.76 62.13
C ILE J 457 8.38 -1.86 61.12
N PHE J 458 8.79 -3.01 61.65
CA PHE J 458 9.17 -4.15 60.82
C PHE J 458 8.25 -5.33 61.13
N PHE J 459 7.82 -6.04 60.08
CA PHE J 459 6.99 -7.21 60.24
C PHE J 459 7.15 -8.08 59.00
N TYR J 460 6.57 -9.28 59.05
CA TYR J 460 6.73 -10.25 57.98
C TYR J 460 5.63 -10.10 56.94
N ASN J 461 5.95 -10.53 55.72
CA ASN J 461 5.04 -10.44 54.60
C ASN J 461 4.17 -11.69 54.54
N LYS J 462 3.47 -11.87 53.42
CA LYS J 462 2.65 -13.06 53.24
C LYS J 462 3.51 -14.31 53.08
N ASP J 463 4.68 -14.18 52.47
CA ASP J 463 5.57 -15.30 52.24
C ASP J 463 6.75 -15.32 53.19
N GLY J 464 6.78 -14.43 54.18
CA GLY J 464 7.88 -14.35 55.09
C GLY J 464 8.94 -13.33 54.73
N ILE J 465 8.64 -12.38 53.89
CA ILE J 465 9.60 -11.34 53.49
C ILE J 465 9.51 -10.20 54.49
N LEU J 466 10.66 -9.62 54.81
CA LEU J 466 10.70 -8.47 55.71
C LEU J 466 10.11 -7.25 55.03
N THR J 467 9.25 -6.53 55.75
CA THR J 467 8.67 -5.29 55.27
C THR J 467 8.94 -4.18 56.28
N GLN J 468 8.68 -2.95 55.86
CA GLN J 468 8.91 -1.81 56.72
C GLN J 468 7.90 -0.72 56.42
N LEU J 469 7.43 -0.06 57.47
CA LEU J 469 6.46 1.03 57.37
C LEU J 469 7.02 2.22 58.13
N THR J 470 7.79 3.05 57.44
CA THR J 470 8.40 4.20 58.07
C THR J 470 7.37 5.34 58.19
N LEU J 471 7.80 6.44 58.82
CA LEU J 471 6.91 7.58 58.97
C LEU J 471 6.61 8.25 57.63
N ARG J 472 7.54 8.15 56.67
CA ARG J 472 7.32 8.76 55.37
C ARG J 472 6.14 8.16 54.64
N ASP J 473 5.73 6.94 55.00
CA ASP J 473 4.59 6.30 54.37
C ASP J 473 3.26 6.86 54.82
N ALA J 474 3.24 7.71 55.85
CA ALA J 474 2.01 8.31 56.35
C ALA J 474 1.76 9.69 55.76
N MET J 475 2.58 10.11 54.80
CA MET J 475 2.49 11.44 54.22
C MET J 475 1.25 11.63 53.34
N GLY J 476 0.42 10.61 53.21
CA GLY J 476 -0.76 10.72 52.37
C GLY J 476 -2.02 10.99 53.16
N THR J 477 -1.92 10.95 54.48
CA THR J 477 -3.06 11.18 55.35
C THR J 477 -2.93 12.43 56.22
N ILE J 478 -1.73 12.76 56.67
CA ILE J 478 -1.53 13.94 57.52
C ILE J 478 -1.29 15.21 56.71
N CYS J 479 -0.83 15.10 55.47
CA CYS J 479 -0.50 16.25 54.65
C CYS J 479 -1.65 16.65 53.73
N HIS J 480 -2.89 16.41 54.14
CA HIS J 480 -4.06 16.75 53.36
C HIS J 480 -4.69 18.04 53.89
N SER J 481 -5.57 18.62 53.08
CA SER J 481 -6.31 19.79 53.50
C SER J 481 -7.37 19.48 54.56
N SER J 482 -7.61 18.20 54.84
CA SER J 482 -8.56 17.81 55.87
C SER J 482 -8.05 18.09 57.27
N LEU J 483 -6.85 18.63 57.42
CA LEU J 483 -6.31 18.99 58.73
C LEU J 483 -6.77 20.37 59.17
N LEU J 484 -7.35 21.17 58.28
CA LEU J 484 -7.75 22.54 58.56
C LEU J 484 -9.20 22.77 58.16
N ASP J 485 -10.07 21.86 58.58
CA ASP J 485 -11.50 21.99 58.29
C ASP J 485 -12.28 21.97 59.59
N VAL J 486 -11.83 22.76 60.56
CA VAL J 486 -12.36 22.75 61.91
C VAL J 486 -13.63 23.59 61.98
N GLU J 487 -14.09 24.08 60.83
CA GLU J 487 -15.27 24.93 60.80
C GLU J 487 -16.49 24.19 61.34
N ALA J 488 -16.67 22.93 60.92
CA ALA J 488 -17.80 22.16 61.41
C ALA J 488 -17.67 21.85 62.90
N THR J 489 -16.42 21.68 63.37
CA THR J 489 -16.23 21.33 64.77
C THR J 489 -16.55 22.50 65.70
N LEU J 490 -16.01 23.69 65.41
CA LEU J 490 -16.26 24.84 66.27
C LEU J 490 -17.75 25.17 66.32
N VAL J 491 -18.49 24.85 65.27
CA VAL J 491 -19.94 25.01 65.31
C VAL J 491 -20.54 24.03 66.32
N ALA J 492 -20.01 22.80 66.35
CA ALA J 492 -20.54 21.80 67.26
C ALA J 492 -20.28 22.17 68.72
N LEU J 493 -19.15 22.82 69.01
CA LEU J 493 -18.86 23.22 70.37
C LEU J 493 -19.68 24.44 70.79
N ARG J 494 -20.02 25.30 69.83
CA ARG J 494 -20.72 26.53 70.15
C ARG J 494 -22.17 26.31 70.50
N GLN J 495 -22.80 25.25 69.99
CA GLN J 495 -24.22 25.05 70.22
C GLN J 495 -24.49 24.60 71.65
N GLN J 496 -23.63 23.74 72.19
CA GLN J 496 -23.79 23.31 73.57
C GLN J 496 -23.41 24.44 74.51
N HIS J 497 -24.16 24.58 75.60
CA HIS J 497 -23.92 25.66 76.53
C HIS J 497 -22.66 25.40 77.34
N LEU J 498 -21.85 26.44 77.51
CA LEU J 498 -20.66 26.36 78.34
C LEU J 498 -20.32 27.77 78.82
N ASP J 499 -20.19 27.94 80.12
CA ASP J 499 -19.91 29.22 80.73
C ASP J 499 -18.52 29.20 81.36
N ARG J 500 -17.82 30.33 81.24
CA ARG J 500 -16.47 30.43 81.77
C ARG J 500 -16.13 31.90 81.97
N GLN J 501 -15.17 32.13 82.87
CA GLN J 501 -14.71 33.47 83.20
C GLN J 501 -13.19 33.50 83.08
N CYS J 502 -12.56 34.55 83.61
CA CYS J 502 -11.10 34.67 83.61
C CYS J 502 -10.56 34.70 82.17
N TYR J 503 -10.93 35.77 81.48
CA TYR J 503 -10.49 35.99 80.10
C TYR J 503 -9.14 36.69 80.03
N PHE J 504 -8.30 36.53 81.06
CA PHE J 504 -7.04 37.25 81.12
C PHE J 504 -6.13 36.91 79.95
N GLY J 505 -5.86 35.62 79.76
CA GLY J 505 -4.90 35.20 78.76
C GLY J 505 -5.46 35.00 77.37
N VAL J 506 -6.62 35.60 77.08
CA VAL J 506 -7.25 35.43 75.77
C VAL J 506 -7.64 36.78 75.20
N TYR J 507 -7.45 37.85 75.98
CA TYR J 507 -7.85 39.19 75.56
C TYR J 507 -6.63 40.01 75.18
N VAL J 508 -6.81 40.88 74.18
CA VAL J 508 -5.76 41.78 73.71
C VAL J 508 -6.31 43.20 73.69
N ALA J 509 -5.49 44.16 74.10
CA ALA J 509 -5.89 45.55 74.15
C ALA J 509 -4.91 46.43 73.38
N GLU J 510 -5.05 47.75 73.51
CA GLU J 510 -4.13 48.69 72.86
C GLU J 510 -3.50 49.63 73.87
N GLY J 511 -2.75 50.60 73.39
CA GLY J 511 -2.03 51.53 74.25
C GLY J 511 -2.71 52.87 74.34
N THR J 512 -2.56 53.53 75.49
CA THR J 512 -3.15 54.84 75.73
C THR J 512 -2.12 55.96 75.66
N GLU J 513 -1.03 55.75 74.91
CA GLU J 513 0.02 56.73 74.67
C GLU J 513 0.77 57.14 75.92
N ASP J 514 0.49 56.55 77.07
CA ASP J 514 1.36 56.72 78.22
C ASP J 514 2.69 56.03 77.95
N THR J 515 3.70 56.33 78.77
CA THR J 515 5.05 55.91 78.39
C THR J 515 5.23 54.41 78.58
N LEU J 516 5.37 53.96 79.83
CA LEU J 516 5.17 52.55 80.13
C LEU J 516 4.47 52.36 81.47
N ASP J 517 4.82 53.22 82.43
CA ASP J 517 4.49 52.93 83.83
C ASP J 517 3.01 53.06 84.12
N VAL J 518 2.37 54.12 83.59
CA VAL J 518 0.95 54.32 83.85
C VAL J 518 0.15 53.13 83.35
N GLN J 519 0.47 52.63 82.16
CA GLN J 519 -0.20 51.45 81.66
C GLN J 519 0.18 50.21 82.45
N MET J 520 1.44 50.10 82.87
CA MET J 520 1.84 48.95 83.67
C MET J 520 1.17 48.95 85.03
N GLY J 521 1.08 50.13 85.65
CA GLY J 521 0.36 50.23 86.92
C GLY J 521 -1.12 49.94 86.75
N ARG J 522 -1.70 50.38 85.63
CA ARG J 522 -3.11 50.08 85.37
C ARG J 522 -3.33 48.59 85.15
N PHE J 523 -2.35 47.91 84.55
CA PHE J 523 -2.48 46.48 84.34
C PHE J 523 -2.36 45.71 85.66
N MET J 524 -1.53 46.21 86.57
CA MET J 524 -1.31 45.50 87.83
C MET J 524 -2.58 45.50 88.68
N GLU J 525 -3.28 46.64 88.74
CA GLU J 525 -4.50 46.69 89.54
C GLU J 525 -5.63 45.91 88.88
N THR J 526 -5.72 45.98 87.55
CA THR J 526 -6.79 45.27 86.85
C THR J 526 -6.58 43.76 86.90
N TRP J 527 -5.39 43.30 86.51
CA TRP J 527 -5.11 41.87 86.54
C TRP J 527 -5.27 41.27 87.94
N ALA J 528 -5.18 42.10 88.98
CA ALA J 528 -5.37 41.59 90.33
C ALA J 528 -6.84 41.27 90.61
N ASP J 529 -7.75 42.09 90.10
CA ASP J 529 -9.16 41.96 90.43
C ASP J 529 -10.03 41.53 89.26
N MET J 530 -9.42 41.15 88.13
CA MET J 530 -10.17 40.61 86.99
C MET J 530 -9.94 39.11 86.83
N MET J 531 -9.44 38.45 87.88
CA MET J 531 -9.17 37.01 87.86
C MET J 531 -10.17 36.31 88.77
N PRO J 532 -11.34 35.89 88.25
CA PRO J 532 -12.28 35.18 89.13
C PRO J 532 -11.79 33.79 89.49
N HIS J 533 -11.27 33.04 88.53
CA HIS J 533 -10.77 31.69 88.76
C HIS J 533 -9.32 31.61 88.30
N HIS J 534 -8.79 30.43 88.33
CA HIS J 534 -7.42 30.26 87.89
C HIS J 534 -7.40 29.82 86.43
N PRO J 535 -6.36 30.21 85.68
CA PRO J 535 -6.28 29.80 84.28
C PRO J 535 -6.12 28.30 84.14
N HIS J 536 -6.50 27.80 82.97
CA HIS J 536 -6.41 26.38 82.68
C HIS J 536 -5.18 26.02 81.85
N TRP J 537 -4.46 27.01 81.33
CA TRP J 537 -3.25 26.76 80.57
C TRP J 537 -2.00 26.83 81.42
N VAL J 538 -2.13 27.03 82.72
CA VAL J 538 -0.96 27.17 83.58
C VAL J 538 -0.56 25.85 84.23
N ASN J 539 -1.52 24.97 84.52
CA ASN J 539 -1.22 23.71 85.18
C ASN J 539 -0.74 22.71 84.14
N GLU J 540 0.57 22.70 83.91
CA GLU J 540 1.19 21.75 82.98
C GLU J 540 2.07 20.74 83.70
N HIS J 541 2.00 20.68 85.02
CA HIS J 541 2.75 19.70 85.78
C HIS J 541 2.07 18.34 85.83
N LEU J 542 0.86 18.22 85.29
CA LEU J 542 0.15 16.95 85.33
C LEU J 542 0.83 15.92 84.43
N THR J 543 0.77 14.66 84.85
CA THR J 543 1.30 13.57 84.06
C THR J 543 0.26 13.10 83.05
N ILE J 544 0.63 12.12 82.23
CA ILE J 544 -0.30 11.60 81.23
C ILE J 544 -1.44 10.86 81.91
N LEU J 545 -1.20 10.25 83.07
CA LEU J 545 -2.27 9.54 83.76
C LEU J 545 -3.32 10.52 84.29
N GLN J 546 -2.90 11.70 84.72
CA GLN J 546 -3.84 12.69 85.22
C GLN J 546 -4.53 13.45 84.10
N PHE J 547 -3.82 13.68 82.99
CA PHE J 547 -4.40 14.45 81.90
C PHE J 547 -5.53 13.69 81.20
N ILE J 548 -5.46 12.37 81.20
CA ILE J 548 -6.48 11.57 80.52
C ILE J 548 -7.69 11.31 81.42
N ALA J 549 -7.49 11.29 82.74
CA ALA J 549 -8.57 10.98 83.66
C ALA J 549 -9.76 11.92 83.43
N PRO J 550 -10.99 11.43 83.64
CA PRO J 550 -12.17 12.26 83.35
C PRO J 550 -12.28 13.50 84.22
N SER J 551 -11.52 13.60 85.30
CA SER J 551 -11.55 14.80 86.13
C SER J 551 -10.90 16.00 85.45
N ASN J 552 -10.18 15.79 84.36
CA ASN J 552 -9.48 16.88 83.68
C ASN J 552 -10.49 17.79 83.00
N PRO J 553 -10.58 19.07 83.38
CA PRO J 553 -11.57 19.95 82.76
C PRO J 553 -11.21 20.35 81.33
N ARG J 554 -9.92 20.55 81.04
CA ARG J 554 -9.50 20.96 79.71
C ARG J 554 -9.36 19.79 78.75
N LEU J 555 -9.96 18.65 79.06
CA LEU J 555 -9.84 17.47 78.20
C LEU J 555 -10.74 17.57 76.98
N ARG J 556 -11.96 18.09 77.15
CA ARG J 556 -12.93 18.11 76.08
C ARG J 556 -12.52 18.99 74.91
N PHE J 557 -11.59 19.92 75.11
CA PHE J 557 -11.15 20.79 74.05
C PHE J 557 -9.92 20.29 73.32
N GLU J 558 -9.36 19.15 73.74
CA GLU J 558 -8.18 18.57 73.10
C GLU J 558 -8.67 17.65 72.00
N LEU J 559 -8.90 18.21 70.81
CA LEU J 559 -9.42 17.45 69.68
C LEU J 559 -8.42 17.32 68.55
N ASN J 560 -7.92 18.42 68.05
CA ASN J 560 -6.99 18.41 66.95
C ASN J 560 -5.58 18.73 67.44
N PRO J 561 -4.57 18.02 66.97
CA PRO J 561 -3.20 18.33 67.41
C PRO J 561 -2.66 19.63 66.87
N ALA J 562 -3.26 20.19 65.81
CA ALA J 562 -2.78 21.41 65.20
C ALA J 562 -3.55 22.65 65.62
N PHE J 563 -4.56 22.52 66.47
CA PHE J 563 -5.37 23.66 66.89
C PHE J 563 -5.45 23.72 68.40
N ASP J 564 -5.87 24.88 68.90
CA ASP J 564 -6.06 25.11 70.33
C ASP J 564 -7.43 25.70 70.56
N PHE J 565 -8.31 24.93 71.18
CA PHE J 565 -9.68 25.35 71.44
C PHE J 565 -9.78 25.96 72.83
N PHE J 566 -10.42 27.12 72.92
CA PHE J 566 -10.58 27.81 74.19
C PHE J 566 -11.91 28.55 74.18
N VAL J 567 -12.22 29.18 75.30
CA VAL J 567 -13.42 30.00 75.44
C VAL J 567 -12.97 31.45 75.56
N ALA J 568 -13.71 32.35 74.92
CA ALA J 568 -13.37 33.75 74.90
C ALA J 568 -14.65 34.57 74.85
N PRO J 569 -14.62 35.80 75.37
CA PRO J 569 -15.79 36.68 75.23
C PRO J 569 -16.05 36.99 73.77
N GLY J 570 -17.26 36.67 73.33
CA GLY J 570 -17.61 36.88 71.94
C GLY J 570 -18.00 38.32 71.64
N ASP J 571 -18.22 38.59 70.36
CA ASP J 571 -18.70 39.89 69.89
C ASP J 571 -17.75 41.02 70.28
N VAL J 572 -16.44 40.77 70.15
CA VAL J 572 -15.43 41.80 70.36
C VAL J 572 -14.40 41.69 69.26
N ASP J 573 -13.67 42.78 69.05
CA ASP J 573 -12.62 42.86 68.05
C ASP J 573 -11.26 42.91 68.73
N LEU J 574 -10.29 42.22 68.13
CA LEU J 574 -8.96 42.10 68.71
C LEU J 574 -7.96 42.81 67.82
N PRO J 575 -7.25 43.84 68.31
CA PRO J 575 -7.36 44.35 69.67
C PRO J 575 -8.58 45.25 69.88
N GLY J 576 -8.85 45.61 71.13
CA GLY J 576 -9.99 46.44 71.44
C GLY J 576 -9.68 47.45 72.52
N PRO J 577 -10.65 47.73 73.38
CA PRO J 577 -10.44 48.72 74.45
C PRO J 577 -9.48 48.21 75.50
N GLN J 578 -9.09 49.13 76.40
CA GLN J 578 -8.20 48.76 77.49
C GLN J 578 -8.87 47.78 78.44
N ARG J 579 -10.13 48.02 78.77
CA ARG J 579 -10.84 47.10 79.65
C ARG J 579 -11.75 46.20 78.84
N PRO J 580 -11.72 44.89 79.09
CA PRO J 580 -12.56 43.98 78.32
C PRO J 580 -14.03 44.22 78.59
N PRO J 581 -14.83 44.50 77.57
CA PRO J 581 -16.26 44.69 77.78
C PRO J 581 -16.97 43.37 78.09
N GLU J 582 -18.10 43.48 78.78
CA GLU J 582 -18.86 42.30 79.14
C GLU J 582 -19.65 41.80 77.94
N ALA J 583 -19.53 40.50 77.66
CA ALA J 583 -20.25 39.89 76.55
C ALA J 583 -20.37 38.39 76.80
N MET J 584 -21.18 37.74 75.99
CA MET J 584 -21.40 36.31 76.15
C MET J 584 -20.19 35.53 75.67
N PRO J 585 -19.68 34.57 76.44
CA PRO J 585 -18.52 33.80 76.01
C PRO J 585 -18.88 32.78 74.93
N THR J 586 -17.98 32.60 73.98
CA THR J 586 -18.15 31.63 72.92
C THR J 586 -16.85 30.83 72.78
N VAL J 587 -16.83 29.94 71.79
CA VAL J 587 -15.68 29.07 71.56
C VAL J 587 -14.92 29.58 70.34
N ASN J 588 -13.60 29.68 70.47
CA ASN J 588 -12.73 30.07 69.37
C ASN J 588 -11.59 29.06 69.29
N ALA J 589 -10.75 29.23 68.27
CA ALA J 589 -9.65 28.30 68.05
C ALA J 589 -8.53 29.02 67.31
N THR J 590 -7.30 28.87 67.82
CA THR J 590 -6.12 29.38 67.15
C THR J 590 -5.33 28.18 66.62
N LEU J 591 -4.21 28.44 65.95
CA LEU J 591 -3.37 27.39 65.40
C LEU J 591 -2.11 27.22 66.23
N ARG J 592 -1.68 25.97 66.39
CA ARG J 592 -0.44 25.64 67.07
C ARG J 592 0.68 25.72 66.03
N ILE J 593 1.26 26.92 65.88
CA ILE J 593 2.25 27.13 64.83
C ILE J 593 3.48 26.29 65.08
N ILE J 594 3.94 26.22 66.33
CA ILE J 594 5.12 25.46 66.69
C ILE J 594 4.70 24.08 67.17
N ASN J 595 5.42 23.05 66.72
CA ASN J 595 5.13 21.71 67.20
C ASN J 595 5.53 21.51 68.65
N GLY J 596 6.30 22.42 69.22
CA GLY J 596 6.59 22.39 70.64
C GLY J 596 5.50 22.97 71.52
N ASN J 597 4.47 23.58 70.92
CA ASN J 597 3.37 24.14 71.67
C ASN J 597 2.39 23.08 72.15
N ILE J 598 2.61 21.81 71.79
CA ILE J 598 1.77 20.74 72.31
C ILE J 598 1.95 20.66 73.82
N PRO J 599 0.89 20.49 74.61
CA PRO J 599 1.07 20.42 76.07
C PRO J 599 2.01 19.29 76.48
N VAL J 600 2.87 19.61 77.44
CA VAL J 600 3.88 18.68 77.96
C VAL J 600 3.26 17.36 78.42
N PRO J 601 2.09 17.35 79.07
CA PRO J 601 1.47 16.05 79.41
C PRO J 601 1.29 15.13 78.21
N LEU J 602 1.24 15.67 76.99
CA LEU J 602 1.16 14.85 75.80
C LEU J 602 2.53 14.60 75.18
N CYS J 603 3.36 15.63 75.12
CA CYS J 603 4.74 15.50 74.63
C CYS J 603 5.70 15.71 75.80
N PRO J 604 6.17 14.64 76.44
CA PRO J 604 6.96 14.81 77.66
C PRO J 604 8.33 15.44 77.41
N ILE J 605 9.03 15.78 78.49
CA ILE J 605 10.33 16.42 78.35
C ILE J 605 11.39 15.40 77.96
N SER J 606 11.33 14.20 78.55
CA SER J 606 12.36 13.20 78.30
C SER J 606 12.46 12.86 76.82
N PHE J 607 11.34 12.88 76.11
CA PHE J 607 11.39 12.64 74.67
C PHE J 607 12.07 13.78 73.93
N ARG J 608 11.88 15.01 74.42
CA ARG J 608 12.47 16.17 73.74
C ARG J 608 13.99 16.18 73.88
N ASP J 609 14.49 15.93 75.10
CA ASP J 609 15.93 15.87 75.31
C ASP J 609 16.54 14.72 74.51
N CYS J 610 15.86 13.57 74.48
CA CYS J 610 16.37 12.45 73.70
C CYS J 610 16.35 12.75 72.21
N ARG J 611 15.41 13.58 71.77
CA ARG J 611 15.41 14.02 70.38
C ARG J 611 16.56 14.98 70.10
N GLY J 612 16.81 15.90 71.04
CA GLY J 612 17.91 16.84 70.85
C GLY J 612 19.26 16.18 70.80
N THR J 613 19.45 15.14 71.62
CA THR J 613 20.70 14.39 71.56
C THR J 613 20.92 13.78 70.19
N GLN J 614 19.85 13.28 69.57
CA GLN J 614 19.96 12.73 68.22
C GLN J 614 20.28 13.84 67.21
N LEU J 615 19.76 15.04 67.43
CA LEU J 615 20.01 16.14 66.49
C LEU J 615 21.49 16.48 66.44
N GLY J 616 22.05 16.93 67.56
CA GLY J 616 23.45 17.29 67.61
C GLY J 616 24.35 16.09 67.82
N LEU J 617 24.39 15.19 66.85
CA LEU J 617 25.21 14.00 66.97
C LEU J 617 26.70 14.35 66.89
N GLY J 618 27.11 14.95 65.78
CA GLY J 618 28.51 15.32 65.61
C GLY J 618 28.67 16.80 65.30
N ARG J 619 27.76 17.62 65.82
CA ARG J 619 27.79 19.05 65.56
C ARG J 619 28.78 19.73 66.51
N HIS J 620 28.76 21.06 66.51
CA HIS J 620 29.71 21.82 67.32
C HIS J 620 29.28 21.83 68.77
N THR J 621 30.26 21.71 69.67
CA THR J 621 30.04 21.73 71.10
C THR J 621 30.93 22.80 71.73
N MET J 622 30.49 23.32 72.87
CA MET J 622 31.22 24.33 73.60
C MET J 622 32.04 23.69 74.73
N THR J 623 33.30 24.08 74.82
CA THR J 623 34.19 23.54 75.83
C THR J 623 33.66 23.88 77.23
N PRO J 624 33.89 23.01 78.21
CA PRO J 624 33.40 23.29 79.56
C PRO J 624 33.99 24.54 80.19
N ALA J 625 35.09 25.06 79.66
CA ALA J 625 35.64 26.31 80.18
C ALA J 625 34.67 27.46 79.97
N THR J 626 34.22 27.67 78.73
CA THR J 626 33.28 28.74 78.45
C THR J 626 31.94 28.50 79.12
N ILE J 627 31.53 27.24 79.24
CA ILE J 627 30.25 26.94 79.88
C ILE J 627 30.28 27.33 81.35
N LYS J 628 31.42 27.13 82.01
CA LYS J 628 31.52 27.47 83.43
C LYS J 628 31.48 28.98 83.63
N ALA J 629 32.18 29.73 82.78
CA ALA J 629 32.24 31.17 82.95
C ALA J 629 30.88 31.81 82.70
N VAL J 630 30.19 31.42 81.62
CA VAL J 630 28.91 32.01 81.29
C VAL J 630 27.87 31.67 82.34
N LYS J 631 27.84 30.41 82.79
CA LYS J 631 26.90 30.04 83.84
C LYS J 631 27.18 30.82 85.12
N ASP J 632 28.45 31.11 85.40
CA ASP J 632 28.78 31.92 86.57
C ASP J 632 28.29 33.35 86.41
N THR J 633 28.49 33.93 85.23
CA THR J 633 28.05 35.31 85.01
C THR J 633 26.55 35.46 85.15
N PHE J 634 25.79 34.60 84.47
CA PHE J 634 24.34 34.65 84.58
C PHE J 634 23.89 34.45 86.02
N GLU J 635 24.61 33.64 86.79
CA GLU J 635 24.22 33.35 88.16
C GLU J 635 24.66 34.43 89.12
N ASP J 636 25.66 35.22 88.75
CA ASP J 636 26.20 36.23 89.65
C ASP J 636 25.19 37.35 89.86
N ARG J 637 24.90 37.65 91.12
CA ARG J 637 24.02 38.75 91.47
C ARG J 637 24.77 40.04 91.75
N ALA J 638 26.08 39.98 91.90
CA ALA J 638 26.90 41.17 92.11
C ALA J 638 27.32 41.82 90.80
N TYR J 639 26.58 41.58 89.73
CA TYR J 639 26.86 42.22 88.46
C TYR J 639 26.75 43.74 88.62
N PRO J 640 27.82 44.49 88.36
CA PRO J 640 27.77 45.93 88.62
C PRO J 640 26.76 46.63 87.73
N THR J 641 25.93 47.47 88.34
CA THR J 641 24.91 48.20 87.60
C THR J 641 25.51 49.20 86.63
N ILE J 642 26.81 49.51 86.77
CA ILE J 642 27.45 50.40 85.82
C ILE J 642 27.44 49.79 84.42
N PHE J 643 27.52 48.47 84.33
CA PHE J 643 27.51 47.80 83.04
C PHE J 643 26.19 48.01 82.33
N TYR J 644 25.08 47.98 83.07
CA TYR J 644 23.77 48.21 82.46
C TYR J 644 23.65 49.64 81.95
N MET J 645 24.24 50.59 82.67
CA MET J 645 24.12 51.99 82.27
C MET J 645 24.86 52.26 80.97
N LEU J 646 26.10 51.81 80.86
CA LEU J 646 26.85 52.01 79.62
C LEU J 646 26.20 51.32 78.45
N GLU J 647 25.57 50.17 78.68
CA GLU J 647 24.94 49.44 77.59
C GLU J 647 23.70 50.17 77.07
N ALA J 648 22.94 50.79 77.97
CA ALA J 648 21.73 51.49 77.55
C ALA J 648 22.07 52.78 76.81
N VAL J 649 23.09 53.50 77.27
CA VAL J 649 23.44 54.77 76.64
C VAL J 649 24.00 54.53 75.24
N ILE J 650 24.77 53.45 75.07
CA ILE J 650 25.25 53.09 73.74
C ILE J 650 24.07 52.77 72.82
N HIS J 651 23.03 52.15 73.38
CA HIS J 651 21.78 51.82 72.69
C HIS J 651 22.01 51.13 71.34
N GLY J 652 23.14 50.43 71.19
CA GLY J 652 23.41 49.66 70.00
C GLY J 652 23.63 50.50 68.76
N ASN J 653 24.70 51.29 68.75
CA ASN J 653 25.10 52.06 67.59
C ASN J 653 26.62 52.01 67.46
N GLU J 654 27.08 51.75 66.23
CA GLU J 654 28.52 51.59 66.01
C GLU J 654 29.28 52.90 66.22
N ARG J 655 28.70 54.02 65.80
CA ARG J 655 29.33 55.31 66.00
C ARG J 655 29.66 55.58 67.46
N ASN J 656 28.93 54.94 68.38
CA ASN J 656 29.23 55.05 69.80
C ASN J 656 30.20 53.97 70.26
N PHE J 657 30.11 52.76 69.68
CA PHE J 657 31.02 51.70 70.07
C PHE J 657 32.45 51.99 69.64
N CYS J 658 32.61 52.52 68.42
CA CYS J 658 33.95 52.83 67.92
C CYS J 658 34.59 53.98 68.69
N ALA J 659 33.81 54.78 69.40
CA ALA J 659 34.36 55.87 70.20
C ALA J 659 34.76 55.40 71.60
N LEU J 660 33.97 54.54 72.21
CA LEU J 660 34.22 54.07 73.58
C LEU J 660 35.16 52.88 73.62
N LEU J 661 35.85 52.57 72.52
CA LEU J 661 36.74 51.42 72.50
C LEU J 661 37.84 51.53 73.55
N ARG J 662 38.31 52.75 73.81
CA ARG J 662 39.33 52.93 74.84
C ARG J 662 38.80 52.54 76.22
N LEU J 663 37.56 52.94 76.52
CA LEU J 663 37.02 52.68 77.85
C LEU J 663 36.61 51.22 78.01
N LEU J 664 35.97 50.64 76.98
CA LEU J 664 35.43 49.29 77.11
C LEU J 664 36.53 48.25 77.30
N THR J 665 37.69 48.46 76.67
CA THR J 665 38.80 47.52 76.84
C THR J 665 39.26 47.48 78.29
N GLN J 666 39.33 48.64 78.94
CA GLN J 666 39.85 48.69 80.29
C GLN J 666 38.84 48.16 81.31
N CYS J 667 37.55 48.44 81.09
CA CYS J 667 36.54 47.97 82.02
C CYS J 667 36.41 46.45 81.96
N ILE J 668 36.40 45.88 80.76
CA ILE J 668 36.31 44.43 80.62
C ILE J 668 37.50 43.75 81.27
N ARG J 669 38.71 44.19 80.92
CA ARG J 669 39.90 43.63 81.53
C ARG J 669 39.89 43.80 83.04
N GLY J 670 39.43 44.95 83.52
CA GLY J 670 39.31 45.15 84.95
C GLY J 670 38.28 44.22 85.58
N TYR J 671 37.21 43.93 84.85
CA TYR J 671 36.18 43.05 85.40
C TYR J 671 36.58 41.59 85.31
N TRP J 672 37.26 41.19 84.23
CA TRP J 672 37.62 39.78 84.10
C TRP J 672 38.71 39.39 85.08
N GLU J 673 39.75 40.20 85.22
CA GLU J 673 40.84 39.84 86.12
C GLU J 673 40.55 40.30 87.55
N GLN J 674 39.33 40.02 87.99
CA GLN J 674 38.97 40.07 89.41
C GLN J 674 38.11 38.88 89.84
N SER J 675 37.31 38.30 88.96
CA SER J 675 36.49 37.15 89.29
C SER J 675 36.45 36.12 88.18
N HIS J 676 37.19 36.32 87.09
CA HIS J 676 37.23 35.41 85.95
C HIS J 676 35.83 35.19 85.38
N ARG J 677 35.20 36.30 85.00
CA ARG J 677 33.86 36.27 84.45
C ARG J 677 33.79 37.20 83.25
N VAL J 678 33.02 36.80 82.25
CA VAL J 678 32.81 37.60 81.06
C VAL J 678 31.58 38.47 81.26
N ALA J 679 31.62 39.67 80.70
CA ALA J 679 30.54 40.64 80.83
C ALA J 679 29.96 40.97 79.47
N PHE J 680 28.94 41.82 79.46
CA PHE J 680 28.29 42.30 78.24
C PHE J 680 27.64 41.17 77.45
N VAL J 681 27.26 40.08 78.13
CA VAL J 681 26.48 39.02 77.50
C VAL J 681 25.05 39.45 77.26
N ASN J 682 24.61 40.52 77.91
CA ASN J 682 23.20 40.94 77.86
C ASN J 682 22.73 41.15 76.43
N ASN J 683 23.31 42.11 75.73
CA ASN J 683 22.83 42.52 74.42
C ASN J 683 23.49 41.74 73.30
N PHE J 684 22.75 41.50 72.23
CA PHE J 684 23.32 40.81 71.07
C PHE J 684 24.26 41.71 70.29
N HIS J 685 23.99 43.01 70.24
CA HIS J 685 24.91 43.92 69.55
C HIS J 685 26.03 44.35 70.48
N MET J 686 26.64 43.40 71.16
CA MET J 686 27.81 43.70 71.97
C MET J 686 28.94 42.73 71.72
N LEU J 687 28.64 41.44 71.54
CA LEU J 687 29.69 40.47 71.32
C LEU J 687 30.12 40.42 69.85
N MET J 688 29.22 40.79 68.93
CA MET J 688 29.63 40.93 67.54
C MET J 688 30.63 42.06 67.38
N TYR J 689 30.36 43.21 68.01
CA TYR J 689 31.30 44.31 67.96
C TYR J 689 32.61 43.97 68.65
N ILE J 690 32.55 43.17 69.72
CA ILE J 690 33.77 42.79 70.43
C ILE J 690 34.65 41.93 69.53
N THR J 691 34.06 40.93 68.88
CA THR J 691 34.86 40.01 68.06
C THR J 691 35.36 40.67 66.78
N THR J 692 34.61 41.62 66.23
CA THR J 692 35.03 42.27 65.00
C THR J 692 36.11 43.30 65.22
N TYR J 693 36.09 43.99 66.37
CA TYR J 693 37.06 45.04 66.66
C TYR J 693 38.17 44.54 67.58
N LEU J 694 37.80 43.99 68.74
CA LEU J 694 38.77 43.49 69.70
C LEU J 694 39.12 42.03 69.45
N GLY J 695 39.48 41.71 68.21
CA GLY J 695 39.76 40.35 67.84
C GLY J 695 41.18 40.14 67.35
N ASN J 696 42.10 41.01 67.78
CA ASN J 696 43.48 40.94 67.35
C ASN J 696 44.45 40.59 68.47
N GLY J 697 44.02 40.65 69.72
CA GLY J 697 44.89 40.35 70.84
C GLY J 697 44.84 41.41 71.91
N GLU J 698 43.88 42.34 71.79
CA GLU J 698 43.72 43.38 72.79
C GLU J 698 43.39 42.78 74.15
N LEU J 699 42.41 41.89 74.17
CA LEU J 699 42.04 41.17 75.38
C LEU J 699 42.82 39.86 75.46
N PRO J 700 42.93 39.28 76.65
CA PRO J 700 43.65 38.02 76.79
C PRO J 700 43.04 36.92 75.92
N GLU J 701 43.85 35.91 75.62
CA GLU J 701 43.43 34.80 74.78
C GLU J 701 42.31 33.97 75.39
N VAL J 702 41.94 34.24 76.64
CA VAL J 702 40.91 33.44 77.31
C VAL J 702 39.54 34.08 77.17
N CYS J 703 39.47 35.39 76.96
CA CYS J 703 38.17 36.05 76.84
C CYS J 703 37.67 36.02 75.40
N ILE J 704 38.52 36.31 74.43
CA ILE J 704 38.09 36.31 73.04
C ILE J 704 37.77 34.89 72.59
N ASN J 705 38.46 33.89 73.14
CA ASN J 705 38.10 32.51 72.83
C ASN J 705 36.71 32.18 73.35
N ILE J 706 36.31 32.78 74.47
CA ILE J 706 34.96 32.58 74.99
C ILE J 706 33.95 33.22 74.05
N TYR J 707 34.22 34.43 73.58
CA TYR J 707 33.31 35.09 72.67
C TYR J 707 33.21 34.36 71.34
N ARG J 708 34.34 33.87 70.82
CA ARG J 708 34.31 33.11 69.58
C ARG J 708 33.55 31.80 69.77
N ASP J 709 33.67 31.18 70.94
CA ASP J 709 32.90 29.96 71.21
C ASP J 709 31.41 30.23 71.16
N LEU J 710 30.96 31.34 71.74
CA LEU J 710 29.54 31.67 71.73
C LEU J 710 29.06 31.95 70.31
N LEU J 711 29.89 32.61 69.50
CA LEU J 711 29.47 32.93 68.15
C LEU J 711 29.43 31.69 67.26
N GLN J 712 30.43 30.82 67.39
CA GLN J 712 30.48 29.62 66.56
C GLN J 712 29.33 28.68 66.88
N HIS J 713 28.99 28.55 68.17
CA HIS J 713 27.86 27.69 68.54
C HIS J 713 26.55 28.25 68.02
N VAL J 714 26.46 29.57 67.84
CA VAL J 714 25.25 30.15 67.27
C VAL J 714 25.13 29.80 65.79
N ARG J 715 26.23 29.92 65.04
CA ARG J 715 26.20 29.56 63.63
C ARG J 715 25.99 28.06 63.44
N ALA J 716 26.44 27.25 64.40
CA ALA J 716 26.22 25.81 64.31
C ALA J 716 24.73 25.47 64.32
N LEU J 717 23.95 26.20 65.13
CA LEU J 717 22.50 26.00 65.10
C LEU J 717 21.91 26.50 63.79
N ARG J 718 22.43 27.60 63.25
CA ARG J 718 21.92 28.11 61.99
C ARG J 718 22.16 27.12 60.85
N GLN J 719 23.34 26.52 60.81
CA GLN J 719 23.62 25.52 59.78
C GLN J 719 22.77 24.27 59.96
N THR J 720 22.37 23.98 61.20
CA THR J 720 21.55 22.79 61.46
C THR J 720 20.19 22.92 60.80
N ILE J 721 19.63 24.14 60.78
CA ILE J 721 18.31 24.34 60.19
C ILE J 721 18.34 24.06 58.69
N THR J 722 19.39 24.49 58.01
CA THR J 722 19.50 24.21 56.58
C THR J 722 19.70 22.73 56.31
N ASP J 723 20.16 21.96 57.30
CA ASP J 723 20.44 20.55 57.09
C ASP J 723 19.15 19.74 57.04
N PHE J 724 18.27 19.91 58.02
CA PHE J 724 17.07 19.11 58.14
C PHE J 724 15.91 19.66 57.32
N THR J 725 16.17 20.49 56.32
CA THR J 725 15.17 20.96 55.39
C THR J 725 15.64 20.72 53.97
N ILE J 726 14.70 20.57 53.06
CA ILE J 726 15.02 20.31 51.66
C ILE J 726 14.93 21.62 50.88
N GLN J 727 16.04 22.01 50.26
CA GLN J 727 16.10 23.27 49.53
C GLN J 727 15.66 23.07 48.08
N GLY J 728 15.11 24.12 47.50
CA GLY J 728 14.77 24.09 46.09
C GLY J 728 13.30 24.31 45.80
N GLU J 729 12.57 24.87 46.75
CA GLU J 729 11.16 25.20 46.51
C GLU J 729 10.79 26.40 47.37
N GLY J 730 10.04 27.32 46.77
CA GLY J 730 9.58 28.51 47.49
C GLY J 730 8.30 29.04 46.90
N HIS J 731 7.30 29.24 47.74
CA HIS J 731 6.00 29.71 47.30
C HIS J 731 5.98 31.23 47.27
N ASN J 732 4.77 31.81 47.15
CA ASN J 732 4.64 33.26 47.03
C ASN J 732 5.33 33.98 48.18
N GLY J 733 5.32 33.40 49.37
CA GLY J 733 5.97 34.01 50.50
C GLY J 733 7.47 33.75 50.52
N GLU J 734 8.00 33.39 51.67
CA GLU J 734 9.42 33.13 51.77
C GLU J 734 9.76 31.76 51.18
N THR J 735 11.04 31.42 51.22
CA THR J 735 11.51 30.16 50.67
C THR J 735 11.26 29.00 51.62
N SER J 736 11.89 27.86 51.35
CA SER J 736 11.65 26.67 52.16
C SER J 736 12.06 26.88 53.61
N GLU J 737 13.03 27.76 53.86
CA GLU J 737 13.54 27.92 55.22
C GLU J 737 12.47 28.46 56.16
N ALA J 738 11.96 29.67 55.88
CA ALA J 738 10.92 30.24 56.72
C ALA J 738 9.62 29.47 56.64
N LEU J 739 9.43 28.68 55.59
CA LEU J 739 8.24 27.84 55.49
C LEU J 739 8.35 26.60 56.38
N ASN J 740 9.55 26.27 56.84
CA ASN J 740 9.79 25.10 57.67
C ASN J 740 10.05 25.46 59.13
N ASN J 741 10.84 26.48 59.38
CA ASN J 741 11.21 26.91 60.73
C ASN J 741 10.72 28.33 60.97
N ILE J 742 10.89 28.79 62.21
CA ILE J 742 10.48 30.12 62.61
C ILE J 742 11.67 31.02 62.86
N LEU J 743 12.75 30.49 63.44
CA LEU J 743 13.96 31.28 63.65
C LEU J 743 14.52 31.83 62.35
N THR J 744 14.21 31.21 61.22
CA THR J 744 14.63 31.70 59.91
C THR J 744 13.53 32.49 59.21
N ASP J 745 12.55 32.98 59.97
CA ASP J 745 11.47 33.78 59.41
C ASP J 745 11.68 35.25 59.71
N ASP J 746 11.18 36.10 58.82
CA ASP J 746 11.29 37.54 58.99
C ASP J 746 10.06 38.14 59.68
N THR J 747 8.90 37.51 59.54
CA THR J 747 7.71 37.99 60.24
C THR J 747 7.90 37.94 61.74
N PHE J 748 8.56 36.90 62.24
CA PHE J 748 8.89 36.82 63.66
C PHE J 748 9.98 37.83 63.99
N ILE J 749 9.89 38.40 65.19
CA ILE J 749 10.78 39.48 65.60
C ILE J 749 11.43 39.14 66.95
N ALA J 750 12.55 39.79 67.22
CA ALA J 750 13.25 39.61 68.48
C ALA J 750 12.53 40.37 69.59
N PRO J 751 12.72 39.98 70.86
CA PRO J 751 12.05 40.69 71.96
C PRO J 751 12.60 42.09 72.20
N ILE J 752 13.82 42.39 71.77
CA ILE J 752 14.43 43.70 71.94
C ILE J 752 14.83 44.23 70.58
N LEU J 753 14.53 45.49 70.32
CA LEU J 753 14.83 46.14 69.04
C LEU J 753 15.66 47.39 69.30
N TRP J 754 16.83 47.46 68.69
CA TRP J 754 17.69 48.64 68.78
C TRP J 754 17.60 49.53 67.55
N ASP J 755 17.46 48.94 66.36
CA ASP J 755 17.29 49.71 65.14
C ASP J 755 16.00 49.28 64.46
N CYS J 756 15.46 50.16 63.62
CA CYS J 756 14.22 49.91 62.93
C CYS J 756 14.41 49.14 61.63
N ASP J 757 15.56 48.49 61.45
CA ASP J 757 15.80 47.74 60.23
C ASP J 757 15.05 46.42 60.21
N ALA J 758 14.84 45.79 61.37
CA ALA J 758 14.06 44.57 61.42
C ALA J 758 12.62 44.80 60.98
N LEU J 759 12.07 45.99 61.25
CA LEU J 759 10.73 46.30 60.79
C LEU J 759 10.67 46.43 59.28
N ILE J 760 11.68 47.07 58.69
CA ILE J 760 11.73 47.21 57.23
C ILE J 760 11.75 45.84 56.57
N TYR J 761 12.53 44.91 57.12
CA TYR J 761 12.57 43.57 56.56
C TYR J 761 11.24 42.85 56.73
N ARG J 762 10.46 43.22 57.75
CA ARG J 762 9.22 42.50 58.01
C ARG J 762 8.14 42.88 56.99
N ASP J 763 7.94 44.17 56.76
CA ASP J 763 6.89 44.61 55.84
C ASP J 763 7.18 44.23 54.40
N GLU J 764 8.44 44.10 54.01
CA GLU J 764 8.79 43.75 52.65
C GLU J 764 8.85 42.25 52.42
N ALA J 765 9.13 41.47 53.47
CA ALA J 765 9.26 40.02 53.30
C ALA J 765 7.91 39.38 53.02
N ALA J 766 6.95 39.54 53.94
CA ALA J 766 5.67 38.88 53.78
C ALA J 766 4.88 39.51 52.65
N ARG J 767 4.49 40.77 52.81
CA ARG J 767 3.80 41.57 51.80
C ARG J 767 2.52 40.91 51.30
N ASP J 768 2.12 39.80 51.87
CA ASP J 768 0.89 39.10 51.50
C ASP J 768 -0.07 38.98 52.66
N ARG J 769 0.38 38.44 53.79
CA ARG J 769 -0.46 38.38 54.98
C ARG J 769 -0.66 39.79 55.53
N LEU J 770 -1.91 40.12 55.84
CA LEU J 770 -2.28 41.46 56.26
C LEU J 770 -1.56 41.83 57.56
N PRO J 771 -0.62 42.77 57.52
CA PRO J 771 0.10 43.16 58.72
C PRO J 771 -0.58 44.29 59.46
N ALA J 772 -0.11 44.54 60.67
CA ALA J 772 -0.67 45.59 61.51
C ALA J 772 0.32 45.93 62.62
N ILE J 773 0.60 47.21 62.79
CA ILE J 773 1.52 47.69 63.82
C ILE J 773 0.83 48.78 64.63
N ARG J 774 1.07 48.78 65.93
CA ARG J 774 0.51 49.79 66.85
C ARG J 774 1.64 50.28 67.74
N VAL J 775 2.30 51.35 67.30
CA VAL J 775 3.48 51.88 68.02
C VAL J 775 2.94 52.91 69.02
N SER J 776 2.49 52.40 70.17
CA SER J 776 2.04 53.23 71.29
C SER J 776 0.97 54.23 70.85
N GLY J 777 -0.16 53.71 70.40
CA GLY J 777 -1.23 54.56 69.94
C GLY J 777 -1.47 54.45 68.44
N ARG J 778 -1.05 55.48 67.70
CA ARG J 778 -1.29 55.52 66.27
C ARG J 778 -0.65 54.32 65.57
N ASN J 779 -1.17 54.00 64.39
CA ASN J 779 -0.69 52.88 63.60
C ASN J 779 0.32 53.39 62.57
N GLY J 780 1.51 52.81 62.57
CA GLY J 780 2.55 53.23 61.65
C GLY J 780 3.69 53.95 62.36
N TYR J 781 4.91 53.49 62.17
CA TYR J 781 6.06 54.06 62.85
C TYR J 781 6.70 55.15 62.01
N GLN J 782 7.38 56.06 62.69
CA GLN J 782 8.06 57.20 62.07
C GLN J 782 9.53 57.14 62.45
N ALA J 783 10.38 56.81 61.50
CA ALA J 783 11.82 56.73 61.73
C ALA J 783 12.47 58.05 61.35
N LEU J 784 13.45 58.47 62.15
CA LEU J 784 14.21 59.68 61.89
C LEU J 784 15.66 59.44 62.26
N HIS J 785 16.53 60.31 61.76
CA HIS J 785 17.97 60.14 61.91
C HIS J 785 18.38 60.58 63.32
N PHE J 786 19.69 60.72 63.53
CA PHE J 786 20.22 61.00 64.85
C PHE J 786 19.60 62.29 65.42
N VAL J 787 19.55 62.34 66.75
CA VAL J 787 18.97 63.46 67.48
C VAL J 787 20.11 64.18 68.21
N ASP J 788 20.14 65.51 68.07
CA ASP J 788 21.20 66.31 68.66
C ASP J 788 21.09 66.30 70.18
N MET J 789 22.06 66.94 70.83
CA MET J 789 22.05 67.04 72.28
C MET J 789 21.07 68.10 72.78
N ALA J 790 20.90 69.19 72.03
CA ALA J 790 20.04 70.28 72.48
C ALA J 790 18.58 69.84 72.47
N GLY J 791 18.04 69.52 71.30
CA GLY J 791 16.65 69.13 71.21
C GLY J 791 16.45 67.63 71.26
N HIS J 792 16.12 67.10 72.43
CA HIS J 792 15.88 65.67 72.62
C HIS J 792 14.43 65.33 72.87
N ASN J 793 13.71 66.14 73.63
CA ASN J 793 12.27 66.00 73.84
C ASN J 793 11.94 64.62 74.44
N PHE J 794 12.37 64.44 75.69
CA PHE J 794 12.13 63.19 76.42
C PHE J 794 10.69 62.71 76.30
N GLN J 795 9.73 63.61 76.19
CA GLN J 795 8.32 63.26 76.07
C GLN J 795 7.92 63.37 74.60
N ARG J 796 7.67 62.23 73.96
CA ARG J 796 7.35 62.18 72.54
C ARG J 796 6.27 61.14 72.31
N ARG J 797 5.84 61.00 71.06
CA ARG J 797 4.80 60.04 70.69
C ARG J 797 4.98 59.65 69.23
N ASP J 798 5.05 58.34 68.98
CA ASP J 798 5.17 57.78 67.64
C ASP J 798 6.44 58.28 66.94
N ASN J 799 7.59 57.94 67.53
CA ASN J 799 8.88 58.30 66.97
C ASN J 799 9.89 57.24 67.36
N VAL J 800 10.62 56.72 66.38
CA VAL J 800 11.65 55.73 66.59
C VAL J 800 12.93 56.19 65.92
N LEU J 801 14.06 55.93 66.57
CA LEU J 801 15.36 56.36 66.09
C LEU J 801 16.08 55.23 65.38
N ILE J 802 17.12 55.60 64.64
CA ILE J 802 17.98 54.61 63.99
C ILE J 802 19.43 54.97 64.26
N HIS J 803 19.64 56.00 65.10
CA HIS J 803 20.97 56.44 65.51
C HIS J 803 21.80 56.91 64.31
N GLY J 804 21.13 57.55 63.35
CA GLY J 804 21.81 58.05 62.19
C GLY J 804 22.36 56.93 61.34
N ARG J 805 23.45 57.23 60.62
CA ARG J 805 24.12 56.26 59.77
C ARG J 805 25.62 56.44 59.92
N PRO J 806 26.37 55.33 59.89
CA PRO J 806 27.84 55.45 60.01
C PRO J 806 28.52 55.89 58.73
N VAL J 807 27.86 55.74 57.58
CA VAL J 807 28.46 56.11 56.31
C VAL J 807 27.57 57.12 55.59
N ILE J 815 15.58 62.60 52.38
CA ILE J 815 16.47 61.45 52.43
C ILE J 815 15.78 60.31 53.19
N PRO J 816 15.66 59.16 52.54
CA PRO J 816 14.89 58.05 53.11
C PRO J 816 15.70 57.26 54.12
N ILE J 817 15.07 56.24 54.66
CA ILE J 817 15.69 55.38 55.66
C ILE J 817 16.23 54.13 54.97
N THR J 818 17.24 53.52 55.57
CA THR J 818 17.93 52.37 55.02
C THR J 818 18.23 51.39 56.13
N PRO J 819 18.02 50.09 55.91
CA PRO J 819 18.37 49.10 56.92
C PRO J 819 19.84 49.20 57.32
N HIS J 820 20.08 49.09 58.62
CA HIS J 820 21.43 49.27 59.16
C HIS J 820 22.32 48.08 58.81
N HIS J 821 21.93 46.89 59.24
CA HIS J 821 22.72 45.69 59.04
C HIS J 821 22.12 44.86 57.90
N ASP J 822 22.69 43.68 57.68
CA ASP J 822 22.22 42.78 56.65
C ASP J 822 20.99 42.02 57.14
N ARG J 823 20.51 41.07 56.35
CA ARG J 823 19.35 40.28 56.75
C ARG J 823 19.76 39.11 57.63
N GLU J 824 20.95 38.55 57.41
CA GLU J 824 21.42 37.45 58.24
C GLU J 824 21.63 37.86 59.68
N TRP J 825 21.82 39.16 59.95
CA TRP J 825 21.95 39.62 61.32
C TRP J 825 20.68 39.35 62.12
N GLY J 826 19.52 39.49 61.47
CA GLY J 826 18.26 39.24 62.16
C GLY J 826 18.12 37.80 62.60
N ILE J 827 18.44 36.87 61.70
CA ILE J 827 18.31 35.44 62.03
C ILE J 827 19.21 35.08 63.19
N LEU J 828 20.46 35.57 63.18
CA LEU J 828 21.39 35.24 64.25
C LEU J 828 20.92 35.81 65.58
N SER J 829 20.17 36.92 65.56
CA SER J 829 19.70 37.50 66.81
C SER J 829 18.62 36.64 67.46
N LYS J 830 17.65 36.18 66.67
CA LYS J 830 16.59 35.34 67.21
C LYS J 830 17.17 34.05 67.78
N ILE J 831 18.15 33.46 67.09
CA ILE J 831 18.81 32.26 67.61
C ILE J 831 19.46 32.57 68.94
N TYR J 832 20.11 33.73 69.05
CA TYR J 832 20.76 34.07 70.31
C TYR J 832 19.77 34.43 71.40
N TYR J 833 18.61 34.97 71.03
CA TYR J 833 17.68 35.47 72.03
C TYR J 833 16.69 34.41 72.50
N TYR J 834 16.43 33.40 71.68
CA TYR J 834 15.41 32.41 72.00
C TYR J 834 15.99 31.02 72.27
N ILE J 835 17.30 30.84 72.13
CA ILE J 835 17.90 29.55 72.41
C ILE J 835 19.00 29.69 73.45
N VAL J 836 20.00 30.53 73.16
CA VAL J 836 21.16 30.64 74.03
C VAL J 836 20.78 31.24 75.38
N ILE J 837 20.06 32.36 75.35
CA ILE J 837 19.72 33.04 76.60
C ILE J 837 18.84 32.18 77.50
N PRO J 838 17.72 31.62 77.04
CA PRO J 838 16.91 30.80 77.96
C PRO J 838 17.62 29.55 78.44
N ALA J 839 18.47 28.95 77.59
CA ALA J 839 19.19 27.75 78.03
C ALA J 839 20.14 28.05 79.17
N PHE J 840 20.68 29.26 79.23
CA PHE J 840 21.60 29.63 80.29
C PHE J 840 20.89 30.27 81.48
N SER J 841 19.87 31.10 81.22
CA SER J 841 19.15 31.72 82.32
C SER J 841 18.23 30.73 83.02
N ARG J 842 17.66 29.78 82.26
CA ARG J 842 16.72 28.80 82.78
C ARG J 842 15.52 29.49 83.45
N GLY J 843 14.99 30.49 82.75
CA GLY J 843 13.82 31.19 83.22
C GLY J 843 14.05 32.14 84.37
N SER J 844 15.29 32.57 84.58
CA SER J 844 15.61 33.48 85.68
C SER J 844 15.77 34.92 85.24
N CYS J 845 15.93 35.18 83.94
CA CYS J 845 16.11 36.53 83.46
C CYS J 845 14.76 37.24 83.28
N CYS J 846 14.82 38.49 82.88
CA CYS J 846 13.63 39.30 82.68
C CYS J 846 14.01 40.57 81.93
N THR J 847 13.10 41.05 81.09
CA THR J 847 13.31 42.28 80.34
C THR J 847 12.60 43.43 81.05
N MET J 848 13.23 44.60 81.03
CA MET J 848 12.74 45.76 81.77
C MET J 848 12.97 47.02 80.95
N GLY J 849 12.28 48.08 81.36
CA GLY J 849 12.36 49.35 80.68
C GLY J 849 13.30 50.33 81.38
N VAL J 850 13.70 51.36 80.64
CA VAL J 850 14.67 52.33 81.14
C VAL J 850 14.06 53.72 81.09
N ARG J 851 14.52 54.59 81.99
CA ARG J 851 14.05 55.97 82.10
C ARG J 851 15.23 56.89 81.75
N TYR J 852 15.31 57.31 80.49
CA TYR J 852 16.42 58.13 80.05
C TYR J 852 16.43 59.52 80.70
N ASP J 853 15.26 60.01 81.12
CA ASP J 853 15.21 61.31 81.77
C ASP J 853 15.96 61.32 83.09
N ARG J 854 16.23 60.16 83.68
CA ARG J 854 16.95 60.06 84.93
C ARG J 854 18.37 59.57 84.75
N LEU J 855 18.77 59.21 83.53
CA LEU J 855 20.11 58.71 83.27
C LEU J 855 21.06 59.81 82.80
N TYR J 856 20.66 60.58 81.80
CA TYR J 856 21.53 61.63 81.27
C TYR J 856 21.91 62.67 82.32
N PRO J 857 21.01 63.20 83.15
CA PRO J 857 21.46 64.11 84.20
C PRO J 857 22.36 63.47 85.23
N ALA J 858 22.38 62.14 85.31
CA ALA J 858 23.20 61.45 86.29
C ALA J 858 24.61 61.17 85.80
N LEU J 859 24.80 61.02 84.49
CA LEU J 859 26.10 60.64 83.93
C LEU J 859 26.96 61.82 83.55
N GLN J 860 26.52 63.06 83.82
CA GLN J 860 27.27 64.25 83.44
C GLN J 860 28.07 64.84 84.60
N ALA J 861 28.58 64.00 85.49
CA ALA J 861 29.36 64.45 86.64
C ALA J 861 30.76 63.84 86.53
N VAL J 862 31.71 64.61 86.00
CA VAL J 862 33.07 64.15 85.80
C VAL J 862 34.01 65.06 86.59
N ILE J 863 34.98 64.45 87.27
CA ILE J 863 35.91 65.19 88.12
C ILE J 863 37.32 64.91 87.62
N VAL J 864 37.47 64.76 86.31
CA VAL J 864 38.80 64.56 85.73
C VAL J 864 39.69 65.75 86.10
N PRO J 865 40.89 65.53 86.62
CA PRO J 865 41.77 66.64 86.98
C PRO J 865 42.55 67.12 85.77
N GLU J 866 43.15 68.31 85.91
CA GLU J 866 43.96 68.88 84.86
C GLU J 866 45.38 68.34 84.95
N ILE J 867 45.88 67.84 83.83
CA ILE J 867 47.24 67.28 83.77
C ILE J 867 48.22 68.42 83.54
N PRO J 868 49.33 68.48 84.27
CA PRO J 868 50.34 69.50 83.98
C PRO J 868 50.96 69.27 82.61
N ALA J 869 51.34 70.38 81.99
CA ALA J 869 51.96 70.30 80.66
C ALA J 869 53.32 69.62 80.76
N ASP J 870 53.68 68.90 79.70
CA ASP J 870 54.95 68.17 79.62
C ASP J 870 55.09 67.20 80.78
N GLU J 871 53.96 66.62 81.21
CA GLU J 871 53.93 65.64 82.28
C GLU J 871 53.22 64.39 81.79
N GLU J 872 53.22 63.36 82.63
CA GLU J 872 52.59 62.10 82.31
C GLU J 872 51.38 61.86 83.21
N ALA J 873 50.43 61.09 82.71
CA ALA J 873 49.25 60.80 83.51
C ALA J 873 49.51 59.62 84.44
N PRO J 874 49.03 59.68 85.68
CA PRO J 874 49.23 58.56 86.60
C PRO J 874 48.37 57.36 86.22
N THR J 875 48.92 56.18 86.44
CA THR J 875 48.24 54.94 86.09
C THR J 875 47.51 54.31 87.28
N THR J 876 48.11 54.32 88.45
CA THR J 876 47.49 53.69 89.61
C THR J 876 46.68 54.71 90.40
N PRO J 877 45.57 54.29 90.99
CA PRO J 877 44.73 55.22 91.75
C PRO J 877 45.21 55.52 93.16
N GLU J 878 46.45 55.15 93.51
CA GLU J 878 46.94 55.46 94.86
C GLU J 878 47.39 56.90 94.99
N ASP J 879 47.74 57.55 93.86
CA ASP J 879 48.20 58.93 93.93
C ASP J 879 47.01 59.89 93.81
N PRO J 880 47.11 61.08 94.42
CA PRO J 880 46.00 62.03 94.33
C PRO J 880 45.73 62.54 92.93
N ARG J 881 46.69 62.44 92.01
CA ARG J 881 46.47 62.91 90.65
C ARG J 881 45.54 62.00 89.88
N HIS J 882 45.31 60.78 90.35
CA HIS J 882 44.44 59.86 89.63
C HIS J 882 42.98 60.25 89.84
N PRO J 883 42.14 60.10 88.81
CA PRO J 883 40.71 60.42 89.00
C PRO J 883 40.03 59.52 90.02
N LEU J 884 40.54 58.31 90.24
CA LEU J 884 39.94 57.37 91.17
C LEU J 884 40.47 57.52 92.59
N HIS J 885 41.09 58.65 92.91
CA HIS J 885 41.60 58.87 94.25
C HIS J 885 40.54 59.48 95.15
N ALA J 886 40.74 59.32 96.46
CA ALA J 886 39.77 59.84 97.42
C ALA J 886 39.74 61.37 97.40
N HIS J 887 40.85 62.01 97.02
CA HIS J 887 40.86 63.46 96.93
C HIS J 887 39.93 63.97 95.85
N GLN J 888 39.79 63.21 94.75
CA GLN J 888 38.95 63.61 93.63
C GLN J 888 37.65 62.82 93.56
N LEU J 889 37.27 62.18 94.66
CA LEU J 889 36.02 61.43 94.73
C LEU J 889 35.04 62.24 95.57
N VAL J 890 33.93 62.64 94.96
CA VAL J 890 32.92 63.45 95.64
C VAL J 890 31.57 62.75 95.53
N PRO J 891 30.66 62.96 96.48
CA PRO J 891 29.36 62.28 96.40
C PRO J 891 28.54 62.77 95.22
N ASN J 892 27.67 61.88 94.74
CA ASN J 892 26.78 62.15 93.61
C ASN J 892 27.57 62.55 92.36
N SER J 893 28.47 61.65 91.97
CA SER J 893 29.29 61.86 90.79
C SER J 893 29.42 60.51 90.08
N LEU J 894 30.37 60.44 89.14
CA LEU J 894 30.64 59.18 88.45
C LEU J 894 31.83 58.43 89.04
N ASN J 895 32.76 59.13 89.68
CA ASN J 895 33.91 58.45 90.29
C ASN J 895 33.45 57.51 91.40
N VAL J 896 32.34 57.82 92.06
CA VAL J 896 31.83 56.93 93.09
C VAL J 896 31.25 55.66 92.46
N TYR J 897 30.65 55.79 91.27
CA TYR J 897 30.10 54.62 90.60
C TYR J 897 31.19 53.61 90.26
N PHE J 898 32.25 54.07 89.61
CA PHE J 898 33.33 53.17 89.23
C PHE J 898 34.09 52.65 90.44
N HIS J 899 34.23 53.46 91.48
CA HIS J 899 34.90 53.00 92.69
C HIS J 899 34.10 51.90 93.37
N ASN J 900 32.77 52.02 93.37
CA ASN J 900 31.94 50.95 93.92
C ASN J 900 32.10 49.67 93.12
N ALA J 901 32.31 49.79 91.81
CA ALA J 901 32.55 48.64 90.96
C ALA J 901 33.99 48.14 91.05
N HIS J 902 34.86 48.83 91.80
CA HIS J 902 36.26 48.44 91.95
C HIS J 902 36.95 48.33 90.59
N LEU J 903 36.80 49.37 89.78
CA LEU J 903 37.39 49.42 88.45
C LEU J 903 38.39 50.56 88.39
N THR J 904 39.34 50.44 87.45
CA THR J 904 40.38 51.43 87.24
C THR J 904 40.34 51.90 85.79
N VAL J 905 40.11 53.20 85.59
CA VAL J 905 40.11 53.80 84.27
C VAL J 905 40.96 55.06 84.31
N ASP J 906 41.39 55.49 83.13
CA ASP J 906 42.17 56.71 83.01
C ASP J 906 41.24 57.89 82.74
N GLY J 907 41.82 59.04 82.43
CA GLY J 907 41.03 60.24 82.21
C GLY J 907 40.43 60.31 80.82
N ASP J 908 41.19 59.87 79.81
CA ASP J 908 40.71 59.94 78.44
C ASP J 908 39.45 59.09 78.24
N ALA J 909 39.42 57.91 78.83
CA ALA J 909 38.24 57.06 78.71
C ALA J 909 37.01 57.74 79.26
N LEU J 910 37.12 58.36 80.44
CA LEU J 910 36.00 59.12 80.99
C LEU J 910 35.70 60.36 80.15
N LEU J 911 36.73 60.95 79.55
CA LEU J 911 36.51 62.12 78.70
C LEU J 911 35.77 61.77 77.42
N THR J 912 35.83 60.51 76.99
CA THR J 912 35.15 60.11 75.76
C THR J 912 33.64 60.19 75.90
N LEU J 913 33.12 60.14 77.13
CA LEU J 913 31.68 60.19 77.34
C LEU J 913 31.06 61.46 76.78
N GLN J 914 31.81 62.56 76.76
CA GLN J 914 31.28 63.80 76.22
C GLN J 914 31.03 63.69 74.73
N GLU J 915 31.93 63.04 74.00
CA GLU J 915 31.74 62.83 72.57
C GLU J 915 30.56 61.92 72.28
N LEU J 916 30.13 61.13 73.27
CA LEU J 916 28.97 60.26 73.09
C LEU J 916 27.66 61.05 73.14
N MET J 917 27.66 62.19 73.83
CA MET J 917 26.43 62.96 74.05
C MET J 917 25.85 63.51 72.76
N GLY J 918 26.54 63.30 71.64
CA GLY J 918 26.02 63.70 70.34
C GLY J 918 24.68 63.09 70.04
N ASP J 919 24.65 61.76 69.89
CA ASP J 919 23.40 61.05 69.70
C ASP J 919 22.71 60.85 71.04
N MET J 920 21.40 60.65 70.99
CA MET J 920 20.60 60.51 72.20
C MET J 920 19.54 59.44 71.99
N ALA J 921 19.00 58.96 73.11
CA ALA J 921 17.89 58.00 73.12
C ALA J 921 16.79 58.57 74.01
N GLU J 922 15.62 58.80 73.42
CA GLU J 922 14.56 59.48 74.14
C GLU J 922 13.91 58.59 75.19
N ARG J 923 13.31 57.49 74.77
CA ARG J 923 12.59 56.62 75.69
C ARG J 923 12.48 55.23 75.06
N THR J 924 12.11 54.27 75.89
CA THR J 924 11.82 52.91 75.44
C THR J 924 10.30 52.75 75.33
N THR J 925 9.86 52.14 74.24
CA THR J 925 8.44 52.05 73.93
C THR J 925 8.06 50.62 73.61
N ALA J 926 6.77 50.41 73.36
CA ALA J 926 6.21 49.10 73.07
C ALA J 926 5.71 49.05 71.64
N ILE J 927 5.94 47.91 70.99
CA ILE J 927 5.50 47.66 69.62
C ILE J 927 4.66 46.39 69.63
N LEU J 928 3.53 46.41 68.92
CA LEU J 928 2.62 45.28 68.86
C LEU J 928 2.33 44.97 67.40
N VAL J 929 3.07 44.02 66.85
CA VAL J 929 2.86 43.59 65.48
C VAL J 929 1.82 42.48 65.46
N SER J 930 1.25 42.23 64.29
CA SER J 930 0.21 41.21 64.13
C SER J 930 0.09 40.88 62.65
N SER J 931 -0.07 39.59 62.34
CA SER J 931 -0.12 39.14 60.96
C SER J 931 -1.00 37.90 60.86
N ALA J 932 -1.31 37.53 59.62
CA ALA J 932 -2.08 36.33 59.33
C ALA J 932 -1.17 35.12 59.33
N PRO J 933 -1.73 33.91 59.35
CA PRO J 933 -0.89 32.71 59.22
C PRO J 933 -0.26 32.62 57.84
N ASP J 934 0.85 31.91 57.78
CA ASP J 934 1.64 31.82 56.56
C ASP J 934 0.84 31.15 55.44
N ALA J 935 1.40 31.24 54.23
CA ALA J 935 0.74 30.68 53.05
C ALA J 935 0.69 29.16 53.06
N GLY J 936 1.46 28.51 53.92
CA GLY J 936 1.44 27.05 53.95
C GLY J 936 0.14 26.49 54.49
N ALA J 937 -0.38 27.09 55.56
CA ALA J 937 -1.63 26.65 56.17
C ALA J 937 -2.76 27.66 55.97
N ALA J 938 -2.58 28.64 55.11
CA ALA J 938 -3.61 29.65 54.87
C ALA J 938 -4.74 29.03 54.07
N THR J 939 -5.89 28.85 54.69
CA THR J 939 -7.09 28.37 54.03
C THR J 939 -8.18 29.44 54.14
N ALA J 940 -9.38 29.10 53.68
CA ALA J 940 -10.48 30.06 53.67
C ALA J 940 -10.98 30.41 55.06
N THR J 941 -10.56 29.68 56.09
CA THR J 941 -10.98 29.94 57.46
C THR J 941 -9.86 30.42 58.37
N THR J 942 -8.65 29.87 58.20
CA THR J 942 -7.54 30.27 59.06
C THR J 942 -7.12 31.72 58.83
N ARG J 943 -7.51 32.32 57.70
CA ARG J 943 -7.16 33.70 57.45
C ARG J 943 -7.81 34.65 58.46
N ASN J 944 -8.90 34.21 59.09
CA ASN J 944 -9.54 35.05 60.10
C ASN J 944 -8.79 35.05 61.41
N MET J 945 -8.15 33.93 61.76
CA MET J 945 -7.33 33.88 62.95
C MET J 945 -6.08 34.74 62.76
N ARG J 946 -5.59 35.29 63.86
CA ARG J 946 -4.46 36.20 63.81
C ARG J 946 -3.52 35.92 64.97
N ILE J 947 -2.24 36.20 64.76
CA ILE J 947 -1.20 36.01 65.77
C ILE J 947 -0.73 37.36 66.25
N TYR J 948 -0.59 37.50 67.56
CA TYR J 948 -0.19 38.77 68.19
C TYR J 948 1.04 38.53 69.05
N ASP J 949 2.07 39.35 68.85
CA ASP J 949 3.30 39.25 69.63
C ASP J 949 3.90 40.63 69.78
N GLY J 950 4.32 40.95 70.99
CA GLY J 950 4.87 42.27 71.27
C GLY J 950 6.37 42.25 71.50
N ALA J 951 7.01 43.41 71.35
CA ALA J 951 8.43 43.55 71.58
C ALA J 951 8.70 44.92 72.17
N LEU J 952 9.93 45.12 72.62
CA LEU J 952 10.34 46.38 73.22
C LEU J 952 11.39 47.06 72.36
N TYR J 953 11.28 48.38 72.24
CA TYR J 953 12.22 49.18 71.50
C TYR J 953 13.14 49.90 72.48
N HIS J 954 14.45 49.74 72.29
CA HIS J 954 15.46 50.26 73.22
C HIS J 954 15.26 49.69 74.63
N GLY J 955 14.91 48.40 74.72
CA GLY J 955 14.73 47.75 76.00
C GLY J 955 15.97 47.00 76.45
N LEU J 956 15.95 46.59 77.72
CA LEU J 956 17.08 45.92 78.33
C LEU J 956 16.61 44.58 78.89
N ILE J 957 17.59 43.76 79.30
CA ILE J 957 17.34 42.46 79.92
C ILE J 957 18.22 42.35 81.15
N MET J 958 17.63 42.10 82.30
CA MET J 958 18.38 41.89 83.53
C MET J 958 18.49 40.40 83.81
N MET J 959 19.71 39.96 84.11
CA MET J 959 19.96 38.54 84.31
C MET J 959 19.45 38.06 85.67
N ALA J 960 19.96 38.66 86.75
CA ALA J 960 19.56 38.28 88.10
C ALA J 960 19.37 39.56 88.91
N TYR J 961 18.12 39.83 89.29
CA TYR J 961 17.80 41.01 90.07
C TYR J 961 17.96 40.72 91.55
N GLN J 962 18.51 41.68 92.28
CA GLN J 962 18.68 41.57 93.73
C GLN J 962 18.08 42.80 94.39
N ALA J 963 17.21 42.57 95.37
CA ALA J 963 16.59 43.64 96.14
C ALA J 963 17.33 43.93 97.44
N TYR J 964 18.49 43.33 97.64
CA TYR J 964 19.28 43.53 98.86
C TYR J 964 20.42 44.51 98.66
N ASP J 965 20.33 45.37 97.65
CA ASP J 965 21.32 46.41 97.41
C ASP J 965 20.72 47.74 97.84
N GLU J 966 21.22 48.27 98.96
CA GLU J 966 20.74 49.52 99.51
C GLU J 966 21.62 50.72 99.16
N THR J 967 22.74 50.50 98.47
CA THR J 967 23.55 51.63 98.01
C THR J 967 22.84 52.41 96.92
N ILE J 968 21.93 51.77 96.19
CA ILE J 968 21.14 52.41 95.15
C ILE J 968 19.68 52.05 95.36
N ALA J 969 18.81 53.06 95.26
CA ALA J 969 17.38 52.82 95.44
C ALA J 969 16.86 51.90 94.35
N THR J 970 15.92 51.03 94.73
CA THR J 970 15.34 50.09 93.77
C THR J 970 14.46 50.83 92.79
N GLY J 971 14.63 50.53 91.49
CA GLY J 971 13.87 51.21 90.47
C GLY J 971 14.32 52.62 90.19
N THR J 972 15.62 52.90 90.31
CA THR J 972 16.12 54.24 90.07
C THR J 972 16.21 54.54 88.58
N PHE J 973 16.64 53.56 87.78
CA PHE J 973 16.74 53.73 86.34
C PHE J 973 15.96 52.70 85.54
N PHE J 974 15.47 51.63 86.16
CA PHE J 974 14.83 50.56 85.42
C PHE J 974 13.51 50.19 86.09
N TYR J 975 12.59 49.66 85.28
CA TYR J 975 11.29 49.20 85.74
C TYR J 975 10.89 47.99 84.92
N PRO J 976 10.30 46.98 85.55
CA PRO J 976 10.01 45.71 84.85
C PRO J 976 8.80 45.84 83.95
N VAL J 977 8.92 45.29 82.74
CA VAL J 977 7.80 45.21 81.81
C VAL J 977 8.03 44.03 80.86
N PRO J 978 7.91 42.80 81.33
CA PRO J 978 8.16 41.64 80.48
C PRO J 978 6.90 41.15 79.78
N VAL J 979 7.06 40.82 78.50
CA VAL J 979 5.99 40.18 77.72
C VAL J 979 6.58 38.93 77.07
N ASN J 980 6.51 37.81 77.79
CA ASN J 980 6.79 36.48 77.28
C ASN J 980 6.48 35.47 78.38
N PRO J 981 6.05 34.25 78.03
CA PRO J 981 6.06 33.18 79.04
C PRO J 981 7.45 32.72 79.37
N LEU J 982 8.43 33.06 78.54
CA LEU J 982 9.82 32.68 78.72
C LEU J 982 10.60 33.76 79.47
N PHE J 983 10.48 35.01 79.04
CA PHE J 983 11.22 36.12 79.63
C PHE J 983 10.51 36.71 80.85
N ALA J 984 9.51 36.05 81.38
CA ALA J 984 8.83 36.55 82.57
C ALA J 984 9.78 36.52 83.77
N CYS J 985 9.33 37.12 84.85
CA CYS J 985 10.18 37.25 86.03
C CYS J 985 9.31 37.37 87.28
N PRO J 986 9.35 36.40 88.18
CA PRO J 986 8.54 36.49 89.40
C PRO J 986 9.17 37.32 90.49
N GLU J 987 10.48 37.57 90.44
CA GLU J 987 11.17 38.33 91.47
C GLU J 987 11.64 39.70 91.04
N HIS J 988 11.68 39.97 89.73
CA HIS J 988 12.06 41.31 89.27
C HIS J 988 10.96 42.33 89.51
N LEU J 989 9.75 41.89 89.85
CA LEU J 989 8.65 42.80 90.11
C LEU J 989 8.84 43.61 91.39
N ALA J 990 9.75 43.19 92.27
CA ALA J 990 9.97 43.95 93.50
C ALA J 990 10.48 45.35 93.20
N SER J 991 11.19 45.53 92.09
CA SER J 991 11.68 46.84 91.71
C SER J 991 10.57 47.78 91.24
N LEU J 992 9.38 47.24 90.95
CA LEU J 992 8.26 48.08 90.55
C LEU J 992 7.62 48.73 91.78
N ARG J 993 7.07 49.92 91.59
CA ARG J 993 6.43 50.63 92.67
C ARG J 993 5.01 50.13 92.88
N GLY J 994 4.54 50.25 94.13
CA GLY J 994 3.20 49.82 94.47
C GLY J 994 3.01 48.33 94.33
N MET J 995 3.77 47.54 95.07
CA MET J 995 3.72 46.09 95.00
C MET J 995 3.44 45.54 96.40
N THR J 996 2.45 44.66 96.49
CA THR J 996 2.04 44.04 97.75
C THR J 996 2.40 42.56 97.73
N ASN J 997 2.16 41.90 98.86
CA ASN J 997 2.38 40.45 98.93
C ASN J 997 1.35 39.70 98.11
N ALA J 998 0.13 40.23 98.00
CA ALA J 998 -0.90 39.57 97.20
C ALA J 998 -0.54 39.59 95.73
N ARG J 999 -0.02 40.72 95.23
CA ARG J 999 0.38 40.79 93.83
C ARG J 999 1.58 39.90 93.55
N ARG J 1000 2.39 39.61 94.57
CA ARG J 1000 3.55 38.77 94.36
C ARG J 1000 3.16 37.30 94.22
N VAL J 1001 2.36 36.80 95.15
CA VAL J 1001 1.95 35.40 95.09
C VAL J 1001 1.12 35.10 93.86
N LEU J 1002 0.32 36.07 93.40
CA LEU J 1002 -0.44 35.88 92.17
C LEU J 1002 0.49 35.76 90.96
N ALA J 1003 1.49 36.63 90.88
CA ALA J 1003 2.44 36.57 89.78
C ALA J 1003 3.41 35.41 89.92
N LYS J 1004 3.50 34.80 91.10
CA LYS J 1004 4.35 33.64 91.27
C LYS J 1004 3.82 32.43 90.51
N MET J 1005 2.50 32.34 90.35
CA MET J 1005 1.88 31.25 89.62
C MET J 1005 1.66 31.61 88.15
N VAL J 1006 0.93 32.68 87.90
CA VAL J 1006 0.60 33.11 86.54
C VAL J 1006 1.64 34.12 86.08
N PRO J 1007 2.20 33.97 84.89
CA PRO J 1007 3.18 34.93 84.39
C PRO J 1007 2.53 36.27 84.08
N PRO J 1008 2.96 37.34 84.75
CA PRO J 1008 2.34 38.65 84.50
C PRO J 1008 2.70 39.21 83.14
N ILE J 1009 1.72 39.25 82.24
CA ILE J 1009 1.90 39.78 80.89
C ILE J 1009 0.76 40.74 80.60
N PRO J 1010 1.02 42.00 80.30
CA PRO J 1010 -0.07 42.94 80.04
C PRO J 1010 -0.77 42.58 78.75
N PRO J 1011 -2.08 42.84 78.66
CA PRO J 1011 -2.81 42.46 77.44
C PRO J 1011 -2.43 43.29 76.22
N PHE J 1012 -2.08 44.55 76.41
CA PHE J 1012 -1.73 45.40 75.26
C PHE J 1012 -0.43 44.98 74.59
N LEU J 1013 0.29 44.01 75.15
CA LEU J 1013 1.54 43.53 74.57
C LEU J 1013 1.42 42.14 73.97
N GLY J 1014 0.30 41.46 74.14
CA GLY J 1014 0.10 40.13 73.58
C GLY J 1014 -0.44 39.15 74.60
N ALA J 1015 -1.19 38.17 74.12
CA ALA J 1015 -1.80 37.15 74.95
C ALA J 1015 -1.14 35.80 74.67
N ASN J 1016 -1.25 34.91 75.65
CA ASN J 1016 -0.59 33.60 75.55
C ASN J 1016 -1.21 32.75 74.45
N HIS J 1017 -2.54 32.63 74.45
CA HIS J 1017 -3.21 31.79 73.48
C HIS J 1017 -3.08 32.32 72.05
N HIS J 1018 -2.64 33.56 71.87
CA HIS J 1018 -2.45 34.13 70.55
C HIS J 1018 -0.99 34.28 70.14
N ALA J 1019 -0.06 34.29 71.10
CA ALA J 1019 1.34 34.45 70.77
C ALA J 1019 1.89 33.17 70.15
N THR J 1020 3.09 33.28 69.59
CA THR J 1020 3.76 32.13 69.00
C THR J 1020 4.43 31.27 70.07
N ILE J 1021 5.25 31.88 70.91
CA ILE J 1021 5.87 31.20 72.03
C ILE J 1021 4.86 31.13 73.17
N ARG J 1022 4.51 29.93 73.60
CA ARG J 1022 3.46 29.72 74.58
C ARG J 1022 4.02 29.07 75.84
N GLN J 1023 3.11 28.73 76.76
CA GLN J 1023 3.53 28.20 78.05
C GLN J 1023 4.29 26.88 77.97
N PRO J 1024 3.93 25.91 77.13
CA PRO J 1024 4.66 24.62 77.16
C PRO J 1024 6.17 24.73 77.03
N VAL J 1025 6.66 25.50 76.05
CA VAL J 1025 8.11 25.62 75.91
C VAL J 1025 8.71 26.36 77.09
N ALA J 1026 7.94 27.24 77.73
CA ALA J 1026 8.43 27.89 78.95
C ALA J 1026 8.61 26.88 80.07
N TYR J 1027 7.62 26.00 80.26
CA TYR J 1027 7.77 24.93 81.24
C TYR J 1027 8.91 24.00 80.86
N HIS J 1028 9.17 23.84 79.57
CA HIS J 1028 10.19 22.89 79.12
C HIS J 1028 11.59 23.37 79.50
N VAL J 1029 11.83 24.68 79.43
CA VAL J 1029 13.17 25.18 79.71
C VAL J 1029 13.42 25.40 81.20
N THR J 1030 12.37 25.53 82.00
CA THR J 1030 12.51 25.78 83.43
C THR J 1030 12.43 24.52 84.27
N HIS J 1031 12.26 23.35 83.65
CA HIS J 1031 12.12 22.11 84.38
C HIS J 1031 13.03 20.99 83.87
N SER J 1032 13.65 21.15 82.71
CA SER J 1032 14.54 20.13 82.17
C SER J 1032 15.92 20.29 82.77
N LYS J 1033 16.52 19.16 83.19
CA LYS J 1033 17.88 19.15 83.73
C LYS J 1033 18.65 18.04 83.01
N SER J 1034 19.17 18.37 81.83
CA SER J 1034 19.97 17.43 81.06
C SER J 1034 21.40 17.92 80.86
N ASP J 1035 21.58 19.07 80.26
CA ASP J 1035 22.90 19.61 79.89
C ASP J 1035 22.67 21.02 79.37
N PHE J 1036 23.74 21.64 78.88
CA PHE J 1036 23.63 22.91 78.18
C PHE J 1036 23.68 22.75 76.67
N ASN J 1037 24.54 21.87 76.16
CA ASN J 1037 24.57 21.61 74.72
C ASN J 1037 23.32 20.88 74.28
N THR J 1038 22.96 19.80 74.97
CA THR J 1038 21.77 19.04 74.60
C THR J 1038 20.51 19.88 74.78
N LEU J 1039 20.54 20.86 75.68
CA LEU J 1039 19.37 21.73 75.85
C LEU J 1039 19.23 22.69 74.68
N THR J 1040 20.35 23.11 74.09
CA THR J 1040 20.28 24.03 72.97
C THR J 1040 19.70 23.36 71.73
N TYR J 1041 20.19 22.17 71.39
CA TYR J 1041 19.70 21.50 70.19
C TYR J 1041 18.26 21.04 70.35
N SER J 1042 17.89 20.59 71.56
CA SER J 1042 16.51 20.18 71.79
C SER J 1042 15.56 21.36 71.66
N LEU J 1043 15.98 22.54 72.11
CA LEU J 1043 15.17 23.74 71.92
C LEU J 1043 15.07 24.10 70.45
N LEU J 1044 16.17 23.96 69.71
CA LEU J 1044 16.13 24.23 68.28
C LEU J 1044 15.19 23.28 67.58
N GLY J 1045 15.26 21.99 67.90
CA GLY J 1045 14.33 21.03 67.32
C GLY J 1045 12.90 21.31 67.72
N GLY J 1046 12.69 21.95 68.87
CA GLY J 1046 11.34 22.30 69.27
C GLY J 1046 10.73 23.42 68.46
N TYR J 1047 11.55 24.28 67.84
CA TYR J 1047 11.06 25.41 67.08
C TYR J 1047 10.91 25.03 65.61
N PHE J 1048 9.94 24.18 65.34
CA PHE J 1048 9.61 23.77 63.99
C PHE J 1048 8.12 23.89 63.76
N LYS J 1049 7.76 24.27 62.53
CA LYS J 1049 6.37 24.48 62.21
C LYS J 1049 5.63 23.15 62.12
N PHE J 1050 4.30 23.22 62.25
CA PHE J 1050 3.44 22.05 62.14
C PHE J 1050 2.48 22.15 60.97
N THR J 1051 2.77 23.00 60.01
CA THR J 1051 1.96 23.18 58.82
C THR J 1051 2.16 21.97 57.89
N PRO J 1052 1.08 21.50 57.24
CA PRO J 1052 1.21 20.37 56.30
C PRO J 1052 2.32 20.54 55.26
N ILE J 1053 2.73 21.77 54.99
CA ILE J 1053 3.89 21.97 54.12
C ILE J 1053 5.19 21.77 54.88
N SER J 1054 5.24 22.12 56.16
CA SER J 1054 6.43 21.86 56.96
C SER J 1054 6.64 20.36 57.15
N LEU J 1055 5.56 19.60 57.27
CA LEU J 1055 5.70 18.15 57.37
C LEU J 1055 6.26 17.56 56.09
N THR J 1056 6.01 18.19 54.95
CA THR J 1056 6.57 17.72 53.69
C THR J 1056 8.09 17.66 53.74
N HIS J 1057 8.71 18.56 54.51
CA HIS J 1057 10.16 18.58 54.65
C HIS J 1057 10.64 17.62 55.74
N GLN J 1058 10.04 17.71 56.92
CA GLN J 1058 10.52 16.90 58.05
C GLN J 1058 10.32 15.42 57.79
N LEU J 1059 9.19 15.04 57.19
CA LEU J 1059 8.94 13.64 56.87
C LEU J 1059 9.88 13.13 55.80
N ARG J 1060 10.37 14.01 54.92
CA ARG J 1060 11.27 13.60 53.85
C ARG J 1060 12.73 13.57 54.31
N THR J 1061 13.15 14.55 55.11
CA THR J 1061 14.53 14.59 55.55
C THR J 1061 14.80 13.55 56.63
N GLY J 1062 13.78 13.17 57.39
CA GLY J 1062 13.93 12.21 58.47
C GLY J 1062 13.70 12.77 59.85
N PHE J 1063 13.38 14.05 59.98
CA PHE J 1063 13.15 14.65 61.29
C PHE J 1063 11.84 14.11 61.87
N HIS J 1064 11.94 13.40 62.98
CA HIS J 1064 10.76 12.81 63.61
C HIS J 1064 10.00 13.88 64.38
N PRO J 1065 8.78 14.22 63.98
CA PRO J 1065 7.99 15.20 64.75
C PRO J 1065 7.43 14.55 66.01
N GLY J 1066 6.77 15.38 66.81
CA GLY J 1066 6.23 14.92 68.08
C GLY J 1066 4.86 14.28 67.97
N ILE J 1067 4.73 13.29 67.09
CA ILE J 1067 3.46 12.61 66.86
C ILE J 1067 3.74 11.13 66.63
N ALA J 1068 2.91 10.27 67.23
CA ALA J 1068 2.96 8.85 66.99
C ALA J 1068 1.75 8.43 66.18
N PHE J 1069 1.84 7.23 65.59
CA PHE J 1069 0.79 6.73 64.70
C PHE J 1069 0.46 5.29 65.02
N THR J 1070 -0.76 4.89 64.67
CA THR J 1070 -1.18 3.50 64.73
C THR J 1070 -1.79 3.13 63.37
N VAL J 1071 -1.43 1.95 62.87
CA VAL J 1071 -1.87 1.51 61.56
C VAL J 1071 -2.95 0.44 61.74
N VAL J 1072 -3.78 0.30 60.72
CA VAL J 1072 -4.84 -0.70 60.69
C VAL J 1072 -4.85 -1.33 59.30
N ARG J 1073 -4.94 -2.65 59.25
CA ARG J 1073 -4.92 -3.38 57.99
C ARG J 1073 -5.86 -4.57 58.10
N GLN J 1074 -6.59 -4.84 57.01
CA GLN J 1074 -7.58 -5.91 56.98
C GLN J 1074 -7.20 -6.91 55.90
N ASP J 1075 -7.26 -8.20 56.24
CA ASP J 1075 -6.94 -9.27 55.32
C ASP J 1075 -8.09 -10.27 55.30
N ARG J 1076 -8.14 -11.07 54.24
CA ARG J 1076 -9.14 -12.13 54.14
C ARG J 1076 -8.48 -13.40 53.63
N PHE J 1077 -8.97 -14.54 54.12
CA PHE J 1077 -8.38 -15.84 53.83
C PHE J 1077 -9.47 -16.80 53.38
N ALA J 1078 -9.13 -17.65 52.41
CA ALA J 1078 -10.04 -18.70 51.97
C ALA J 1078 -9.95 -19.88 52.92
N THR J 1079 -11.10 -20.40 53.32
CA THR J 1079 -11.15 -21.49 54.29
C THR J 1079 -12.17 -22.53 53.87
N GLU J 1080 -12.01 -23.74 54.39
CA GLU J 1080 -12.96 -24.82 54.20
C GLU J 1080 -13.79 -24.92 55.48
N GLN J 1081 -15.11 -24.94 55.34
CA GLN J 1081 -16.00 -24.91 56.48
C GLN J 1081 -16.57 -26.30 56.74
N LEU J 1082 -17.37 -26.39 57.80
CA LEU J 1082 -18.02 -27.63 58.19
C LEU J 1082 -19.41 -27.30 58.69
N LEU J 1083 -20.42 -27.97 58.14
CA LEU J 1083 -21.81 -27.68 58.45
C LEU J 1083 -22.51 -28.92 58.95
N TYR J 1084 -23.38 -28.74 59.94
CA TYR J 1084 -24.20 -29.81 60.49
C TYR J 1084 -25.65 -29.37 60.52
N ALA J 1085 -26.54 -30.34 60.33
CA ALA J 1085 -27.98 -30.07 60.31
C ALA J 1085 -28.69 -31.16 61.08
N GLU J 1086 -29.99 -30.96 61.30
CA GLU J 1086 -30.81 -31.91 62.04
C GLU J 1086 -31.71 -32.68 61.07
N ARG J 1087 -32.46 -33.64 61.62
CA ARG J 1087 -33.30 -34.51 60.80
C ARG J 1087 -34.37 -33.72 60.07
N ALA J 1088 -35.30 -33.13 60.81
CA ALA J 1088 -36.38 -32.34 60.23
C ALA J 1088 -36.07 -30.87 60.51
N SER J 1089 -35.31 -30.25 59.62
CA SER J 1089 -34.92 -28.86 59.78
C SER J 1089 -35.74 -27.90 58.94
N GLU J 1090 -36.15 -28.31 57.74
CA GLU J 1090 -36.89 -27.42 56.84
C GLU J 1090 -38.08 -28.16 56.26
N SER J 1091 -39.10 -27.39 55.90
CA SER J 1091 -40.27 -27.89 55.18
C SER J 1091 -40.24 -27.32 53.78
N TYR J 1092 -40.12 -28.19 52.78
CA TYR J 1092 -39.87 -27.79 51.40
C TYR J 1092 -41.10 -28.07 50.55
N PHE J 1093 -41.68 -27.02 49.99
CA PHE J 1093 -42.80 -27.13 49.06
C PHE J 1093 -42.29 -26.91 47.65
N VAL J 1094 -42.77 -27.71 46.71
CA VAL J 1094 -42.44 -27.55 45.31
C VAL J 1094 -43.73 -27.46 44.50
N GLY J 1095 -43.65 -26.73 43.38
CA GLY J 1095 -44.77 -26.58 42.48
C GLY J 1095 -44.53 -27.25 41.15
N GLN J 1096 -45.33 -26.85 40.17
CA GLN J 1096 -45.20 -27.40 38.82
C GLN J 1096 -44.43 -26.45 37.93
N ILE J 1097 -43.88 -27.00 36.84
CA ILE J 1097 -42.99 -26.26 35.97
C ILE J 1097 -43.81 -25.56 34.89
N GLN J 1098 -43.21 -24.51 34.32
CA GLN J 1098 -43.81 -23.74 33.24
C GLN J 1098 -42.82 -23.61 32.09
N VAL J 1099 -43.34 -23.34 30.90
CA VAL J 1099 -42.54 -23.13 29.71
C VAL J 1099 -42.81 -21.73 29.18
N HIS J 1100 -41.80 -21.11 28.57
CA HIS J 1100 -41.92 -19.75 28.05
C HIS J 1100 -41.21 -19.67 26.71
N HIS J 1101 -41.97 -19.58 25.63
CA HIS J 1101 -41.38 -19.37 24.32
C HIS J 1101 -40.88 -17.95 24.20
N HIS J 1102 -39.73 -17.80 23.53
CA HIS J 1102 -39.20 -16.46 23.28
C HIS J 1102 -38.19 -16.53 22.14
N ASP J 1103 -38.03 -15.41 21.46
CA ASP J 1103 -37.08 -15.32 20.38
C ASP J 1103 -35.66 -15.30 20.93
N ALA J 1104 -34.69 -15.52 20.03
CA ALA J 1104 -33.28 -15.55 20.40
C ALA J 1104 -32.49 -14.82 19.32
N ILE J 1105 -31.16 -14.91 19.41
CA ILE J 1105 -30.31 -14.25 18.44
C ILE J 1105 -30.23 -15.07 17.15
N GLY J 1106 -30.26 -16.39 17.26
CA GLY J 1106 -30.25 -17.23 16.09
C GLY J 1106 -31.51 -18.06 15.95
N GLY J 1107 -32.12 -18.44 17.07
CA GLY J 1107 -33.31 -19.26 17.05
C GLY J 1107 -34.33 -18.84 18.07
N VAL J 1108 -34.77 -19.78 18.90
CA VAL J 1108 -35.73 -19.50 19.97
C VAL J 1108 -35.12 -19.95 21.29
N ASN J 1109 -35.53 -19.27 22.37
CA ASN J 1109 -35.02 -19.53 23.71
C ASN J 1109 -36.17 -20.04 24.59
N PHE J 1110 -36.13 -21.32 24.92
CA PHE J 1110 -37.11 -21.87 25.83
C PHE J 1110 -36.66 -21.67 27.27
N THR J 1111 -37.61 -21.34 28.14
CA THR J 1111 -37.32 -21.08 29.55
C THR J 1111 -38.24 -21.92 30.41
N LEU J 1112 -37.66 -22.64 31.37
CA LEU J 1112 -38.41 -23.48 32.28
C LEU J 1112 -38.24 -22.94 33.70
N THR J 1113 -39.36 -22.66 34.36
CA THR J 1113 -39.35 -22.12 35.71
C THR J 1113 -40.22 -22.97 36.62
N GLN J 1114 -39.96 -22.85 37.92
CA GLN J 1114 -40.71 -23.60 38.92
C GLN J 1114 -40.57 -22.92 40.28
N PRO J 1115 -41.67 -22.62 40.96
CA PRO J 1115 -41.59 -21.99 42.28
C PRO J 1115 -41.41 -23.01 43.39
N ARG J 1116 -40.94 -22.52 44.53
CA ARG J 1116 -40.69 -23.35 45.70
C ARG J 1116 -40.98 -22.54 46.95
N ALA J 1117 -40.93 -23.22 48.10
CA ALA J 1117 -41.16 -22.60 49.39
C ALA J 1117 -40.44 -23.39 50.47
N HIS J 1118 -39.97 -22.68 51.50
CA HIS J 1118 -39.21 -23.32 52.56
C HIS J 1118 -39.50 -22.63 53.89
N VAL J 1119 -39.72 -23.43 54.92
CA VAL J 1119 -39.93 -22.95 56.28
C VAL J 1119 -39.16 -23.85 57.23
N ASP J 1120 -38.58 -23.25 58.27
CA ASP J 1120 -37.89 -24.01 59.31
C ASP J 1120 -38.87 -24.31 60.44
N LEU J 1121 -39.07 -25.59 60.73
CA LEU J 1121 -39.96 -26.01 61.81
C LEU J 1121 -39.20 -26.22 63.11
N GLY J 1122 -38.40 -25.23 63.48
CA GLY J 1122 -37.52 -25.33 64.65
C GLY J 1122 -37.83 -24.27 65.66
N VAL J 1123 -37.93 -24.69 66.93
CA VAL J 1123 -38.13 -23.77 68.04
C VAL J 1123 -36.81 -23.21 68.55
N GLY J 1124 -35.69 -23.78 68.13
CA GLY J 1124 -34.38 -23.30 68.52
C GLY J 1124 -33.46 -23.11 67.33
N TYR J 1125 -32.30 -23.74 67.36
CA TYR J 1125 -31.35 -23.73 66.26
C TYR J 1125 -31.05 -25.15 65.84
N THR J 1126 -31.15 -25.42 64.54
CA THR J 1126 -30.97 -26.77 64.01
C THR J 1126 -29.81 -26.85 63.03
N ALA J 1127 -28.89 -25.89 63.05
CA ALA J 1127 -27.77 -25.90 62.13
C ALA J 1127 -26.61 -25.13 62.76
N VAL J 1128 -25.42 -25.73 62.68
CA VAL J 1128 -24.20 -25.14 63.22
C VAL J 1128 -23.13 -25.18 62.14
N CYS J 1129 -22.40 -24.08 61.98
CA CYS J 1129 -21.30 -24.01 61.03
C CYS J 1129 -20.02 -23.66 61.78
N ALA J 1130 -18.90 -24.17 61.27
CA ALA J 1130 -17.61 -23.94 61.90
C ALA J 1130 -16.51 -23.97 60.85
N THR J 1131 -15.56 -23.06 60.98
CA THR J 1131 -14.44 -22.97 60.05
C THR J 1131 -13.38 -23.99 60.45
N ALA J 1132 -13.26 -25.06 59.69
CA ALA J 1132 -12.40 -26.17 60.08
C ALA J 1132 -10.94 -25.91 59.73
N ALA J 1133 -10.64 -25.77 58.44
CA ALA J 1133 -9.27 -25.68 57.97
C ALA J 1133 -9.05 -24.36 57.23
N LEU J 1134 -7.78 -24.04 57.02
CA LEU J 1134 -7.38 -22.81 56.36
C LEU J 1134 -6.70 -23.14 55.03
N ARG J 1135 -7.12 -22.46 53.97
CA ARG J 1135 -6.51 -22.62 52.67
C ARG J 1135 -5.58 -21.44 52.41
N CYS J 1136 -5.10 -21.32 51.17
CA CYS J 1136 -4.11 -20.30 50.85
C CYS J 1136 -4.68 -18.91 51.10
N PRO J 1137 -3.91 -18.00 51.67
CA PRO J 1137 -4.37 -16.62 51.84
C PRO J 1137 -4.63 -15.96 50.50
N LEU J 1138 -5.52 -14.98 50.50
CA LEU J 1138 -5.91 -14.28 49.28
C LEU J 1138 -5.31 -12.87 49.21
N THR J 1139 -5.44 -12.10 50.29
CA THR J 1139 -4.86 -10.77 50.30
C THR J 1139 -3.39 -10.82 50.69
N ASP J 1140 -2.69 -9.76 50.33
CA ASP J 1140 -1.29 -9.59 50.68
C ASP J 1140 -1.18 -8.68 51.90
N MET J 1141 -0.23 -8.99 52.77
CA MET J 1141 0.04 -8.16 53.94
C MET J 1141 1.18 -7.18 53.65
N GLY J 1142 1.00 -6.40 52.60
CA GLY J 1142 2.01 -5.48 52.15
C GLY J 1142 1.94 -4.16 52.89
N ASN J 1143 2.67 -3.18 52.35
CA ASN J 1143 2.72 -1.83 52.91
C ASN J 1143 2.26 -0.85 51.84
N THR J 1144 0.95 -0.70 51.71
CA THR J 1144 0.35 0.21 50.74
C THR J 1144 -0.47 1.25 51.51
N ALA J 1145 0.04 2.47 51.59
CA ALA J 1145 -0.65 3.53 52.30
C ALA J 1145 -1.93 3.93 51.57
N GLN J 1146 -2.77 4.66 52.29
CA GLN J 1146 -4.01 5.18 51.73
C GLN J 1146 -3.83 6.62 51.31
N ASN J 1147 -4.14 6.92 50.06
CA ASN J 1147 -4.00 8.27 49.51
C ASN J 1147 -5.33 9.00 49.66
N LEU J 1148 -5.34 10.03 50.49
CA LEU J 1148 -6.56 10.78 50.75
C LEU J 1148 -6.86 11.81 49.68
N PHE J 1149 -6.10 11.83 48.60
CA PHE J 1149 -6.34 12.76 47.50
C PHE J 1149 -7.35 12.24 46.49
N PHE J 1150 -8.06 11.16 46.82
CA PHE J 1150 -9.09 10.61 45.96
C PHE J 1150 -10.47 11.17 46.25
N SER J 1151 -10.57 12.07 47.23
CA SER J 1151 -11.86 12.62 47.63
C SER J 1151 -11.88 14.13 47.41
N ARG J 1152 -13.08 14.68 47.41
CA ARG J 1152 -13.28 16.11 47.25
C ARG J 1152 -14.40 16.58 48.18
N GLY J 1153 -14.35 17.84 48.55
CA GLY J 1153 -15.36 18.42 49.43
C GLY J 1153 -14.80 19.29 50.52
N GLY J 1154 -13.60 18.97 50.98
CA GLY J 1154 -12.98 19.75 52.02
C GLY J 1154 -12.58 21.14 51.55
N VAL J 1155 -12.36 22.03 52.51
CA VAL J 1155 -11.97 23.40 52.19
C VAL J 1155 -10.55 23.40 51.64
N PRO J 1156 -10.31 23.95 50.46
CA PRO J 1156 -8.98 23.92 49.87
C PRO J 1156 -8.14 25.13 50.30
N MET J 1157 -6.87 25.07 49.94
CA MET J 1157 -5.95 26.17 50.21
C MET J 1157 -6.26 27.35 49.30
N LEU J 1158 -5.95 28.56 49.78
CA LEU J 1158 -6.24 29.75 49.02
C LEU J 1158 -5.46 29.81 47.71
N HIS J 1159 -4.24 29.28 47.69
CA HIS J 1159 -3.41 29.26 46.50
C HIS J 1159 -3.48 27.90 45.85
N ASP J 1160 -3.31 27.86 44.53
CA ASP J 1160 -3.39 26.60 43.80
C ASP J 1160 -2.04 25.93 43.64
N ASN J 1161 -0.95 26.70 43.65
CA ASN J 1161 0.36 26.09 43.53
C ASN J 1161 0.71 25.27 44.77
N VAL J 1162 0.20 25.67 45.94
CA VAL J 1162 0.52 24.93 47.16
C VAL J 1162 -0.24 23.62 47.21
N THR J 1163 -1.47 23.58 46.69
CA THR J 1163 -2.22 22.34 46.67
C THR J 1163 -1.86 21.46 45.49
N GLU J 1164 -1.35 22.04 44.41
CA GLU J 1164 -0.88 21.23 43.29
C GLU J 1164 0.46 20.59 43.63
N SER J 1165 1.40 21.37 44.18
CA SER J 1165 2.67 20.82 44.62
C SER J 1165 2.51 19.86 45.79
N LEU J 1166 1.41 19.98 46.54
CA LEU J 1166 1.16 19.04 47.62
C LEU J 1166 0.83 17.66 47.07
N ARG J 1167 0.02 17.59 46.01
CA ARG J 1167 -0.35 16.30 45.45
C ARG J 1167 0.79 15.69 44.66
N ARG J 1168 1.51 16.50 43.88
CA ARG J 1168 2.62 15.97 43.11
C ARG J 1168 3.74 15.45 43.99
N ILE J 1169 3.80 15.87 45.25
CA ILE J 1169 4.82 15.38 46.16
C ILE J 1169 4.41 14.05 46.77
N THR J 1170 3.20 14.00 47.34
CA THR J 1170 2.72 12.75 47.91
C THR J 1170 2.52 11.67 46.85
N ALA J 1171 2.40 12.06 45.58
CA ALA J 1171 2.40 11.07 44.51
C ALA J 1171 3.72 10.31 44.47
N SER J 1172 4.83 11.01 44.65
CA SER J 1172 6.11 10.36 44.76
C SER J 1172 6.20 9.57 46.06
N GLY J 1173 7.03 8.54 46.06
CA GLY J 1173 7.14 7.68 47.22
C GLY J 1173 5.89 6.89 47.52
N GLY J 1174 5.07 6.60 46.52
CA GLY J 1174 3.88 5.81 46.68
C GLY J 1174 3.64 4.98 45.44
N ARG J 1175 2.59 4.17 45.49
CA ARG J 1175 2.23 3.32 44.37
C ARG J 1175 0.92 3.71 43.71
N LEU J 1176 -0.16 3.85 44.48
CA LEU J 1176 -1.44 4.25 43.93
C LEU J 1176 -1.56 5.77 44.00
N ASN J 1177 -1.95 6.37 42.88
CA ASN J 1177 -2.06 7.81 42.75
C ASN J 1177 -3.13 8.10 41.71
N PRO J 1178 -3.79 9.25 41.77
CA PRO J 1178 -4.75 9.61 40.73
C PRO J 1178 -4.03 9.96 39.43
N THR J 1179 -4.75 9.84 38.33
CA THR J 1179 -4.15 10.16 37.03
C THR J 1179 -3.79 11.64 36.95
N GLU J 1180 -2.78 11.94 36.14
CA GLU J 1180 -2.27 13.31 36.06
C GLU J 1180 -3.28 14.30 35.50
N PRO J 1181 -4.00 14.02 34.41
CA PRO J 1181 -4.93 15.03 33.89
C PRO J 1181 -6.03 15.43 34.85
N LEU J 1182 -6.33 14.60 35.86
CA LEU J 1182 -7.34 14.89 36.87
C LEU J 1182 -8.68 15.19 36.23
N PRO J 1183 -9.35 14.18 35.68
CA PRO J 1183 -10.58 14.42 34.91
C PRO J 1183 -11.69 14.94 35.81
N ILE J 1184 -12.29 16.06 35.43
CA ILE J 1184 -13.43 16.58 36.15
C ILE J 1184 -14.64 15.71 35.89
N PHE J 1185 -15.51 15.59 36.90
CA PHE J 1185 -16.70 14.75 36.83
C PHE J 1185 -16.35 13.31 36.44
N GLY J 1186 -15.58 12.67 37.32
CA GLY J 1186 -15.13 11.31 37.06
C GLY J 1186 -15.10 10.45 38.30
N GLY J 1187 -14.34 9.36 38.25
CA GLY J 1187 -14.26 8.43 39.36
C GLY J 1187 -12.92 8.47 40.07
N LEU J 1188 -11.91 9.04 39.41
CA LEU J 1188 -10.56 9.18 39.97
C LEU J 1188 -9.98 7.80 40.33
N ARG J 1189 -9.82 6.98 39.33
CA ARG J 1189 -9.28 5.66 39.57
C ARG J 1189 -7.79 5.63 39.24
N PRO J 1190 -7.02 4.80 39.94
CA PRO J 1190 -5.58 4.74 39.68
C PRO J 1190 -5.29 4.02 38.37
N ALA J 1191 -4.12 4.32 37.81
CA ALA J 1191 -3.70 3.68 36.58
C ALA J 1191 -3.45 2.20 36.81
N THR J 1192 -4.01 1.37 35.93
CA THR J 1192 -3.85 -0.07 36.06
C THR J 1192 -2.41 -0.46 35.75
N SER J 1193 -1.83 -1.30 36.60
CA SER J 1193 -0.47 -1.77 36.41
C SER J 1193 -0.49 -3.06 35.61
N ALA J 1194 0.68 -3.66 35.40
CA ALA J 1194 0.79 -4.93 34.70
C ALA J 1194 0.49 -6.05 35.69
N GLY J 1195 0.82 -7.29 35.32
CA GLY J 1195 0.48 -8.47 36.09
C GLY J 1195 0.76 -8.41 37.58
N ILE J 1196 -0.02 -9.16 38.34
CA ILE J 1196 0.08 -9.20 39.80
C ILE J 1196 1.07 -10.27 40.19
N ALA J 1197 1.70 -10.10 41.36
CA ALA J 1197 2.77 -10.99 41.80
C ALA J 1197 2.29 -12.10 42.73
N ARG J 1198 1.76 -11.73 43.91
CA ARG J 1198 1.51 -12.73 44.93
C ARG J 1198 0.21 -12.50 45.70
N GLY J 1199 -0.75 -11.78 45.12
CA GLY J 1199 -2.04 -11.60 45.75
C GLY J 1199 -2.44 -10.14 45.80
N GLN J 1200 -3.73 -9.94 46.09
CA GLN J 1200 -4.29 -8.60 46.11
C GLN J 1200 -3.70 -7.79 47.25
N ALA J 1201 -3.26 -6.58 46.95
CA ALA J 1201 -2.70 -5.71 47.97
C ALA J 1201 -3.79 -5.18 48.89
N SER J 1202 -3.41 -4.91 50.13
CA SER J 1202 -4.33 -4.39 51.13
C SER J 1202 -3.83 -3.04 51.62
N VAL J 1203 -4.74 -2.08 51.71
CA VAL J 1203 -4.37 -0.73 52.12
C VAL J 1203 -4.21 -0.67 53.64
N CYS J 1204 -3.55 0.39 54.10
CA CYS J 1204 -3.31 0.62 55.52
C CYS J 1204 -3.73 2.04 55.87
N GLU J 1205 -4.52 2.18 56.93
CA GLU J 1205 -5.00 3.48 57.39
C GLU J 1205 -4.20 3.89 58.61
N PHE J 1206 -3.78 5.16 58.64
CA PHE J 1206 -2.98 5.70 59.73
C PHE J 1206 -3.84 6.58 60.62
N VAL J 1207 -3.63 6.47 61.93
CA VAL J 1207 -4.35 7.26 62.92
C VAL J 1207 -3.33 7.91 63.84
N ALA J 1208 -3.49 9.21 64.09
CA ALA J 1208 -2.56 9.93 64.94
C ALA J 1208 -2.80 9.57 66.41
N MET J 1209 -1.75 9.73 67.21
CA MET J 1209 -1.81 9.44 68.63
C MET J 1209 -0.62 10.10 69.31
N PRO J 1210 -0.73 10.45 70.59
CA PRO J 1210 0.41 11.07 71.29
C PRO J 1210 1.60 10.13 71.33
N VAL J 1211 2.78 10.73 71.54
CA VAL J 1211 4.03 9.97 71.49
C VAL J 1211 4.10 8.98 72.64
N SER J 1212 4.07 9.49 73.88
CA SER J 1212 4.22 8.64 75.06
C SER J 1212 2.87 8.05 75.42
N THR J 1213 2.51 7.00 74.69
CA THR J 1213 1.28 6.25 74.94
C THR J 1213 1.63 4.88 75.47
N ASP J 1214 0.80 4.36 76.37
CA ASP J 1214 1.04 3.05 76.98
C ASP J 1214 1.21 1.98 75.90
N LEU J 1215 2.41 1.41 75.84
CA LEU J 1215 2.69 0.40 74.84
C LEU J 1215 2.11 -0.95 75.23
N GLN J 1216 1.92 -1.21 76.53
CA GLN J 1216 1.34 -2.47 76.96
C GLN J 1216 -0.07 -2.65 76.44
N TYR J 1217 -0.76 -1.56 76.11
CA TYR J 1217 -2.10 -1.66 75.57
C TYR J 1217 -2.14 -2.36 74.22
N PHE J 1218 -1.04 -2.33 73.46
CA PHE J 1218 -0.96 -2.97 72.16
C PHE J 1218 -0.48 -4.41 72.21
N ARG J 1219 -0.46 -5.02 73.40
CA ARG J 1219 0.02 -6.38 73.56
C ARG J 1219 -1.10 -7.39 73.67
N THR J 1220 -2.35 -6.96 73.48
CA THR J 1220 -3.50 -7.86 73.54
C THR J 1220 -4.47 -7.44 72.45
N ALA J 1221 -5.67 -8.02 72.47
CA ALA J 1221 -6.70 -7.67 71.51
C ALA J 1221 -7.27 -6.30 71.86
N CYS J 1222 -6.71 -5.24 71.27
CA CYS J 1222 -7.07 -3.88 71.63
C CYS J 1222 -8.16 -3.36 70.68
N ASN J 1223 -8.47 -2.07 70.80
CA ASN J 1223 -9.45 -1.42 69.95
C ASN J 1223 -8.83 -0.16 69.36
N PRO J 1224 -8.86 0.01 68.04
CA PRO J 1224 -8.16 1.14 67.42
C PRO J 1224 -8.77 2.49 67.75
N ARG J 1225 -10.02 2.54 68.18
CA ARG J 1225 -10.65 3.82 68.45
C ARG J 1225 -10.04 4.52 69.65
N GLY J 1226 -9.40 3.77 70.53
CA GLY J 1226 -8.88 4.31 71.77
C GLY J 1226 -9.82 4.19 72.95
N ARG J 1227 -11.02 3.67 72.75
CA ARG J 1227 -11.97 3.47 73.83
C ARG J 1227 -12.94 2.37 73.42
N ALA J 1228 -13.13 1.40 74.32
CA ALA J 1228 -14.02 0.29 74.03
C ALA J 1228 -15.45 0.78 73.86
N SER J 1229 -16.14 0.22 72.86
CA SER J 1229 -17.51 0.60 72.57
C SER J 1229 -18.27 -0.66 72.18
N GLY J 1230 -19.49 -0.48 71.67
CA GLY J 1230 -20.31 -1.59 71.21
C GLY J 1230 -21.62 -1.66 71.95
N MET J 1231 -22.47 -2.57 71.46
CA MET J 1231 -23.78 -2.82 72.02
C MET J 1231 -23.74 -3.86 73.15
N LEU J 1232 -22.67 -4.64 73.25
CA LEU J 1232 -22.58 -5.73 74.21
C LEU J 1232 -22.55 -5.25 75.65
N TYR J 1233 -22.56 -3.95 75.90
CA TYR J 1233 -22.55 -3.39 77.26
C TYR J 1233 -23.84 -2.60 77.45
N MET J 1234 -24.86 -3.28 77.93
CA MET J 1234 -26.21 -2.72 78.04
C MET J 1234 -26.89 -3.38 79.23
N GLY J 1235 -28.22 -3.30 79.26
CA GLY J 1235 -28.99 -4.03 80.25
C GLY J 1235 -30.22 -3.32 80.77
N ASP J 1236 -30.24 -1.99 80.75
CA ASP J 1236 -31.38 -1.25 81.28
C ASP J 1236 -32.11 -0.45 80.22
N ARG J 1237 -31.43 0.44 79.51
CA ARG J 1237 -32.07 1.41 78.63
C ARG J 1237 -31.54 1.28 77.21
N ASP J 1238 -32.17 2.03 76.32
CA ASP J 1238 -31.72 2.13 74.92
C ASP J 1238 -30.73 3.25 74.69
N ALA J 1239 -30.89 4.39 75.35
CA ALA J 1239 -30.03 5.53 75.14
C ALA J 1239 -28.70 5.36 75.87
N ASP J 1240 -28.03 4.25 75.60
CA ASP J 1240 -26.74 3.95 76.19
C ASP J 1240 -25.67 3.63 75.17
N ILE J 1241 -26.04 3.25 73.95
CA ILE J 1241 -25.05 3.07 72.90
C ILE J 1241 -24.36 4.40 72.61
N GLU J 1242 -25.14 5.47 72.56
CA GLU J 1242 -24.56 6.81 72.46
C GLU J 1242 -23.84 7.21 73.73
N ALA J 1243 -24.26 6.67 74.88
CA ALA J 1243 -23.59 6.99 76.13
C ALA J 1243 -22.13 6.57 76.08
N ILE J 1244 -21.86 5.27 75.96
CA ILE J 1244 -20.48 4.86 75.81
C ILE J 1244 -20.10 4.77 74.34
N MET J 1245 -19.93 5.92 73.71
CA MET J 1245 -19.10 6.06 72.52
C MET J 1245 -18.32 7.36 72.48
N PHE J 1246 -18.80 8.42 73.11
CA PHE J 1246 -18.13 9.71 73.13
C PHE J 1246 -18.13 10.39 74.49
N ASP J 1247 -19.03 10.04 75.39
CA ASP J 1247 -19.09 10.67 76.71
C ASP J 1247 -17.82 10.40 77.51
N HIS J 1248 -17.04 11.45 77.74
CA HIS J 1248 -15.79 11.33 78.48
C HIS J 1248 -15.90 11.84 79.90
N THR J 1249 -17.12 11.95 80.43
CA THR J 1249 -17.29 12.33 81.83
C THR J 1249 -17.10 11.14 82.77
N GLN J 1250 -17.24 9.92 82.27
CA GLN J 1250 -17.06 8.71 83.06
C GLN J 1250 -15.92 7.89 82.48
N SER J 1251 -15.45 6.95 83.28
CA SER J 1251 -14.30 6.14 82.88
C SER J 1251 -14.65 5.24 81.71
N ASP J 1252 -13.61 4.73 81.06
CA ASP J 1252 -13.80 3.77 79.98
C ASP J 1252 -14.42 2.49 80.53
N VAL J 1253 -15.06 1.74 79.63
CA VAL J 1253 -15.70 0.50 80.03
C VAL J 1253 -14.64 -0.55 80.36
N ALA J 1254 -13.77 -0.87 79.39
CA ALA J 1254 -12.77 -1.91 79.59
C ALA J 1254 -11.83 -1.57 80.73
N TYR J 1255 -11.09 -0.48 80.58
CA TYR J 1255 -10.16 0.00 81.61
C TYR J 1255 -10.86 1.10 82.38
N THR J 1256 -11.41 0.75 83.54
CA THR J 1256 -12.13 1.73 84.34
C THR J 1256 -11.16 2.58 85.14
N ASP J 1257 -10.14 3.12 84.47
CA ASP J 1257 -9.16 3.97 85.10
C ASP J 1257 -8.90 5.26 84.31
N ARG J 1258 -9.30 5.30 83.04
CA ARG J 1258 -9.07 6.48 82.21
C ARG J 1258 -10.29 6.66 81.30
N ALA J 1259 -10.35 7.82 80.66
CA ALA J 1259 -11.44 8.09 79.73
C ALA J 1259 -11.20 7.39 78.40
N THR J 1260 -10.10 7.71 77.72
CA THR J 1260 -9.74 7.11 76.45
C THR J 1260 -8.27 6.73 76.48
N LEU J 1261 -7.79 6.22 75.35
CA LEU J 1261 -6.36 5.96 75.19
C LEU J 1261 -5.66 7.13 74.52
N ASN J 1262 -6.22 7.63 73.41
CA ASN J 1262 -5.73 8.84 72.77
C ASN J 1262 -6.88 9.82 72.63
N PRO J 1263 -6.77 11.03 73.18
CA PRO J 1263 -7.87 12.00 73.10
C PRO J 1263 -7.99 12.71 71.76
N TRP J 1264 -7.35 12.21 70.70
CA TRP J 1264 -7.44 12.82 69.40
C TRP J 1264 -8.32 12.05 68.42
N ALA J 1265 -8.75 10.84 68.77
CA ALA J 1265 -9.53 10.03 67.84
C ALA J 1265 -10.67 9.31 68.54
N SER J 1266 -11.20 9.88 69.62
CA SER J 1266 -12.27 9.23 70.36
C SER J 1266 -13.39 10.15 70.82
N GLN J 1267 -13.32 11.45 70.54
CA GLN J 1267 -14.36 12.37 70.98
C GLN J 1267 -15.46 12.46 69.94
N LYS J 1268 -16.43 13.36 70.17
CA LYS J 1268 -17.55 13.49 69.25
C LYS J 1268 -17.11 14.09 67.91
N HIS J 1269 -16.18 15.03 67.95
CA HIS J 1269 -15.70 15.69 66.74
C HIS J 1269 -14.18 15.78 66.74
N SER J 1270 -13.53 14.72 67.20
CA SER J 1270 -12.08 14.67 67.19
C SER J 1270 -11.55 14.62 65.76
N TYR J 1271 -10.23 14.67 65.64
CA TYR J 1271 -9.62 14.64 64.31
C TYR J 1271 -9.89 13.30 63.63
N GLY J 1272 -9.61 12.20 64.32
CA GLY J 1272 -9.83 10.89 63.72
C GLY J 1272 -11.29 10.63 63.41
N ASP J 1273 -12.20 11.08 64.28
CA ASP J 1273 -13.63 10.88 64.03
C ASP J 1273 -14.11 11.71 62.86
N ARG J 1274 -13.60 12.94 62.72
CA ARG J 1274 -14.01 13.80 61.62
C ARG J 1274 -13.53 13.26 60.28
N LEU J 1275 -12.41 12.54 60.27
CA LEU J 1275 -11.87 12.03 59.01
C LEU J 1275 -12.79 10.96 58.42
N TYR J 1276 -13.32 10.09 59.26
CA TYR J 1276 -14.19 9.01 58.80
C TYR J 1276 -15.18 8.69 59.90
N ASN J 1277 -16.47 8.87 59.59
CA ASN J 1277 -17.51 8.52 60.54
C ASN J 1277 -18.63 7.76 59.84
N GLY J 1278 -18.67 7.87 58.51
CA GLY J 1278 -19.75 7.34 57.73
C GLY J 1278 -20.96 8.24 57.66
N THR J 1279 -21.13 9.14 58.63
CA THR J 1279 -22.22 10.10 58.61
C THR J 1279 -21.79 11.48 58.16
N TYR J 1280 -20.49 11.69 57.94
CA TYR J 1280 -19.99 12.95 57.43
C TYR J 1280 -19.66 12.90 55.95
N ASN J 1281 -19.38 11.72 55.41
CA ASN J 1281 -19.12 11.51 53.99
C ASN J 1281 -17.96 12.38 53.50
N LEU J 1282 -16.79 12.12 54.06
CA LEU J 1282 -15.58 12.82 53.63
C LEU J 1282 -14.89 12.11 52.47
N THR J 1283 -14.98 10.79 52.40
CA THR J 1283 -14.32 9.99 51.37
C THR J 1283 -15.32 9.24 50.50
N GLY J 1284 -16.55 9.76 50.41
CA GLY J 1284 -17.59 9.06 49.68
C GLY J 1284 -17.28 8.85 48.20
N ALA J 1285 -16.57 9.79 47.59
CA ALA J 1285 -16.25 9.68 46.17
C ALA J 1285 -15.03 8.81 45.90
N SER J 1286 -14.25 8.47 46.92
CA SER J 1286 -13.06 7.67 46.69
C SER J 1286 -13.44 6.20 46.51
N PRO J 1287 -12.83 5.50 45.54
CA PRO J 1287 -13.20 4.10 45.30
C PRO J 1287 -12.41 3.08 46.11
N ILE J 1288 -11.38 3.50 46.85
CA ILE J 1288 -10.58 2.56 47.61
C ILE J 1288 -11.28 2.24 48.92
N TYR J 1289 -10.99 1.07 49.46
CA TYR J 1289 -11.63 0.60 50.68
C TYR J 1289 -10.91 1.14 51.91
N SER J 1290 -11.67 1.37 52.98
CA SER J 1290 -11.12 1.87 54.23
C SER J 1290 -11.43 0.86 55.33
N PRO J 1291 -10.42 0.12 55.82
CA PRO J 1291 -10.71 -0.89 56.84
C PRO J 1291 -11.08 -0.32 58.19
N CYS J 1292 -10.62 0.89 58.49
CA CYS J 1292 -10.94 1.51 59.77
C CYS J 1292 -12.34 2.10 59.80
N PHE J 1293 -13.14 1.88 58.76
CA PHE J 1293 -14.48 2.44 58.68
C PHE J 1293 -15.42 1.80 59.69
N LYS J 1294 -15.32 0.48 59.87
CA LYS J 1294 -16.27 -0.23 60.71
C LYS J 1294 -16.06 0.01 62.19
N PHE J 1295 -15.01 0.72 62.59
CA PHE J 1295 -14.72 0.95 64.00
C PHE J 1295 -15.16 2.32 64.49
N PHE J 1296 -15.46 3.26 63.58
CA PHE J 1296 -15.85 4.60 63.96
C PHE J 1296 -17.32 4.89 63.71
N THR J 1297 -18.03 4.01 63.01
CA THR J 1297 -19.45 4.25 62.77
C THR J 1297 -20.26 3.88 64.01
N PRO J 1298 -21.32 4.63 64.31
CA PRO J 1298 -22.12 4.32 65.51
C PRO J 1298 -22.80 2.96 65.45
N ALA J 1299 -23.13 2.46 64.26
CA ALA J 1299 -23.71 1.12 64.07
C ALA J 1299 -24.99 0.96 64.88
N GLU J 1300 -26.00 1.72 64.45
CA GLU J 1300 -27.28 1.78 65.16
C GLU J 1300 -27.88 0.39 65.34
N VAL J 1301 -28.75 0.28 66.34
CA VAL J 1301 -29.44 -0.97 66.65
C VAL J 1301 -30.68 -0.64 67.48
N ASN J 1302 -31.67 -1.52 67.41
CA ASN J 1302 -32.88 -1.40 68.20
C ASN J 1302 -32.93 -2.52 69.23
N THR J 1303 -33.38 -2.20 70.44
CA THR J 1303 -33.49 -3.20 71.50
C THR J 1303 -34.77 -4.01 71.28
N ASN J 1304 -34.63 -5.18 70.67
CA ASN J 1304 -35.74 -6.09 70.46
C ASN J 1304 -35.75 -7.24 71.45
N CYS J 1305 -34.59 -7.83 71.73
CA CYS J 1305 -34.47 -8.90 72.72
C CYS J 1305 -33.22 -8.63 73.54
N ASN J 1306 -32.84 -9.60 74.36
CA ASN J 1306 -31.65 -9.48 75.18
C ASN J 1306 -30.40 -9.44 74.30
N THR J 1307 -29.30 -8.97 74.89
CA THR J 1307 -28.06 -8.87 74.15
C THR J 1307 -27.51 -10.23 73.74
N LEU J 1308 -27.93 -11.30 74.42
CA LEU J 1308 -27.41 -12.62 74.09
C LEU J 1308 -27.84 -13.07 72.70
N ASP J 1309 -29.14 -13.09 72.45
CA ASP J 1309 -29.63 -13.54 71.15
C ASP J 1309 -29.18 -12.62 70.03
N ARG J 1310 -29.23 -11.31 70.26
CA ARG J 1310 -28.78 -10.36 69.24
C ARG J 1310 -27.34 -10.64 68.85
N LEU J 1311 -26.49 -10.96 69.83
CA LEU J 1311 -25.12 -11.38 69.53
C LEU J 1311 -25.13 -12.61 68.64
N LEU J 1312 -25.96 -13.59 68.97
CA LEU J 1312 -26.05 -14.81 68.18
C LEU J 1312 -26.74 -14.59 66.84
N MET J 1313 -27.24 -13.40 66.57
CA MET J 1313 -27.96 -13.13 65.33
C MET J 1313 -27.14 -12.38 64.29
N GLU J 1314 -26.13 -11.62 64.71
CA GLU J 1314 -25.33 -10.87 63.75
C GLU J 1314 -24.33 -11.76 63.02
N ALA J 1315 -23.82 -12.80 63.69
CA ALA J 1315 -22.84 -13.69 63.08
C ALA J 1315 -23.57 -14.63 62.12
N LYS J 1316 -23.82 -14.11 60.91
CA LYS J 1316 -24.57 -14.86 59.91
C LYS J 1316 -23.96 -14.70 58.52
N ALA J 1317 -22.64 -14.51 58.44
CA ALA J 1317 -21.92 -14.40 57.18
C ALA J 1317 -22.46 -13.24 56.33
N VAL J 1318 -22.27 -12.04 56.86
CA VAL J 1318 -22.66 -10.81 56.18
C VAL J 1318 -21.87 -10.70 54.87
N ALA J 1319 -22.43 -9.98 53.90
CA ALA J 1319 -21.80 -9.86 52.59
C ALA J 1319 -20.42 -9.22 52.68
N SER J 1320 -19.68 -9.32 51.60
CA SER J 1320 -18.31 -8.82 51.55
C SER J 1320 -18.28 -7.29 51.52
N GLN J 1321 -17.08 -6.74 51.63
CA GLN J 1321 -16.89 -5.30 51.57
C GLN J 1321 -15.66 -4.93 50.74
N SER J 1322 -15.36 -5.71 49.72
CA SER J 1322 -14.21 -5.47 48.86
C SER J 1322 -14.46 -6.18 47.53
N SER J 1323 -13.40 -6.30 46.73
CA SER J 1323 -13.49 -6.97 45.44
C SER J 1323 -12.44 -8.07 45.37
N THR J 1324 -12.74 -9.11 44.58
CA THR J 1324 -11.83 -10.24 44.39
C THR J 1324 -11.28 -10.27 42.97
N ASP J 1325 -11.36 -9.16 42.25
CA ASP J 1325 -10.74 -9.03 40.96
C ASP J 1325 -9.56 -8.08 40.95
N THR J 1326 -9.75 -6.84 41.41
CA THR J 1326 -8.71 -5.82 41.35
C THR J 1326 -7.58 -6.14 42.34
N GLU J 1327 -6.43 -5.52 42.10
CA GLU J 1327 -5.26 -5.68 42.93
C GLU J 1327 -5.08 -4.54 43.92
N TYR J 1328 -6.11 -3.72 44.12
CA TYR J 1328 -6.02 -2.59 45.02
C TYR J 1328 -7.11 -2.57 46.09
N GLN J 1329 -7.96 -3.60 46.16
CA GLN J 1329 -9.00 -3.71 47.17
C GLN J 1329 -9.92 -2.49 47.15
N PHE J 1330 -10.61 -2.33 46.03
CA PHE J 1330 -11.54 -1.23 45.87
C PHE J 1330 -12.78 -1.46 46.74
N LYS J 1331 -13.70 -0.49 46.69
CA LYS J 1331 -14.97 -0.63 47.38
C LYS J 1331 -15.75 -1.80 46.83
N ARG J 1332 -16.76 -2.23 47.57
CA ARG J 1332 -17.56 -3.37 47.18
C ARG J 1332 -18.36 -3.04 45.91
N PRO J 1333 -18.25 -3.84 44.86
CA PRO J 1333 -19.00 -3.57 43.64
C PRO J 1333 -20.49 -3.75 43.87
N PRO J 1334 -21.32 -2.83 43.38
CA PRO J 1334 -22.77 -2.98 43.57
C PRO J 1334 -23.30 -4.16 42.76
N GLY J 1335 -24.07 -5.01 43.42
CA GLY J 1335 -24.65 -6.17 42.80
C GLY J 1335 -23.92 -7.47 43.07
N SER J 1336 -22.62 -7.41 43.32
CA SER J 1336 -21.84 -8.61 43.62
C SER J 1336 -22.28 -9.16 44.98
N THR J 1337 -22.71 -10.41 45.01
CA THR J 1337 -23.19 -11.06 46.22
C THR J 1337 -22.23 -12.20 46.59
N GLU J 1338 -21.36 -11.95 47.55
CA GLU J 1338 -20.44 -12.95 48.07
C GLU J 1338 -20.37 -12.78 49.58
N MET J 1339 -20.82 -13.79 50.32
CA MET J 1339 -20.88 -13.71 51.77
C MET J 1339 -19.54 -14.14 52.35
N THR J 1340 -18.96 -13.28 53.17
CA THR J 1340 -17.70 -13.56 53.86
C THR J 1340 -17.92 -13.42 55.36
N GLN J 1341 -17.69 -14.50 56.08
CA GLN J 1341 -17.80 -14.45 57.54
C GLN J 1341 -16.81 -13.44 58.11
N ASP J 1342 -17.32 -12.52 58.93
CA ASP J 1342 -16.53 -11.42 59.46
C ASP J 1342 -16.50 -11.49 60.99
N PRO J 1343 -15.58 -12.24 61.56
CA PRO J 1343 -15.36 -12.16 63.01
C PRO J 1343 -14.65 -10.87 63.35
N CYS J 1344 -14.50 -10.64 64.66
CA CYS J 1344 -13.84 -9.46 65.22
C CYS J 1344 -14.39 -8.16 64.63
N GLY J 1345 -15.60 -8.19 64.08
CA GLY J 1345 -16.25 -7.00 63.61
C GLY J 1345 -17.47 -6.72 64.46
N LEU J 1346 -18.03 -7.79 65.02
CA LEU J 1346 -19.09 -7.67 66.01
C LEU J 1346 -18.56 -7.49 67.42
N PHE J 1347 -17.25 -7.63 67.62
CA PHE J 1347 -16.62 -7.41 68.91
C PHE J 1347 -15.83 -6.11 68.97
N GLN J 1348 -15.55 -5.49 67.83
CA GLN J 1348 -14.79 -4.23 67.77
C GLN J 1348 -13.41 -4.40 68.41
N GLU J 1349 -12.61 -5.26 67.80
CA GLU J 1349 -11.26 -5.50 68.28
C GLU J 1349 -10.36 -5.93 67.13
N ALA J 1350 -9.05 -5.85 67.36
CA ALA J 1350 -8.06 -6.23 66.37
C ALA J 1350 -6.95 -7.01 67.06
N TYR J 1351 -6.29 -7.88 66.29
CA TYR J 1351 -5.21 -8.68 66.85
C TYR J 1351 -3.86 -8.16 66.39
N PRO J 1352 -2.91 -7.95 67.29
CA PRO J 1352 -1.61 -7.45 66.87
C PRO J 1352 -0.70 -8.59 66.44
N PRO J 1353 -0.10 -8.50 65.26
CA PRO J 1353 0.79 -9.56 64.79
C PRO J 1353 2.20 -9.38 65.33
N LEU J 1354 3.07 -10.32 64.98
CA LEU J 1354 4.47 -10.26 65.40
C LEU J 1354 5.16 -9.10 64.72
N CYS J 1355 5.44 -8.04 65.47
CA CYS J 1355 6.07 -6.85 64.94
C CYS J 1355 7.18 -6.40 65.88
N SER J 1356 8.02 -5.49 65.39
CA SER J 1356 9.12 -4.96 66.18
C SER J 1356 9.66 -3.73 65.48
N SER J 1357 9.90 -2.67 66.25
CA SER J 1357 10.45 -1.44 65.67
C SER J 1357 11.87 -1.63 65.18
N ASP J 1358 12.54 -2.69 65.62
CA ASP J 1358 13.87 -3.02 65.14
C ASP J 1358 13.86 -4.37 64.45
N ALA J 1359 14.78 -4.54 63.51
CA ALA J 1359 14.86 -5.78 62.75
C ALA J 1359 15.92 -6.74 63.27
N ALA J 1360 16.91 -6.24 64.01
CA ALA J 1360 17.95 -7.12 64.53
C ALA J 1360 17.41 -8.05 65.62
N MET J 1361 16.56 -7.53 66.50
CA MET J 1361 16.02 -8.33 67.58
C MET J 1361 14.88 -9.24 67.14
N LEU J 1362 14.60 -9.31 65.84
CA LEU J 1362 13.48 -10.12 65.37
C LEU J 1362 13.84 -11.60 65.27
N ARG J 1363 15.10 -11.92 64.98
CA ARG J 1363 15.51 -13.30 64.77
C ARG J 1363 16.77 -13.58 65.59
N THR J 1364 16.75 -14.69 66.32
CA THR J 1364 17.90 -15.11 67.09
C THR J 1364 18.88 -15.89 66.22
N ALA J 1365 20.11 -16.01 66.70
CA ALA J 1365 21.19 -16.65 65.96
C ALA J 1365 21.36 -18.10 66.40
N HIS J 1366 20.36 -18.91 66.03
CA HIS J 1366 20.44 -20.34 66.33
C HIS J 1366 19.91 -21.21 65.19
N ALA J 1367 19.65 -20.65 64.01
CA ALA J 1367 19.16 -21.39 62.86
C ALA J 1367 17.89 -22.16 63.21
N GLY J 1368 16.84 -21.40 63.49
CA GLY J 1368 15.60 -22.01 63.94
C GLY J 1368 14.56 -20.98 64.33
N GLU J 1369 14.00 -21.15 65.53
CA GLU J 1369 12.96 -20.28 66.04
C GLU J 1369 13.41 -18.82 66.05
N THR J 1370 12.44 -17.92 66.20
CA THR J 1370 12.67 -16.49 66.18
C THR J 1370 12.78 -15.94 67.60
N GLY J 1371 13.42 -14.79 67.71
CA GLY J 1371 13.55 -14.15 69.01
C GLY J 1371 12.23 -13.56 69.48
N ALA J 1372 12.05 -13.54 70.79
CA ALA J 1372 10.81 -13.03 71.38
C ALA J 1372 11.09 -12.19 72.63
N ASP J 1373 12.11 -11.34 72.56
CA ASP J 1373 12.35 -10.41 73.64
C ASP J 1373 11.35 -9.27 73.59
N GLU J 1374 11.24 -8.52 74.68
CA GLU J 1374 10.26 -7.44 74.77
C GLU J 1374 10.87 -6.09 74.41
N VAL J 1375 11.87 -5.65 75.14
CA VAL J 1375 12.51 -4.35 74.94
C VAL J 1375 14.01 -4.51 75.12
N HIS J 1376 14.79 -3.94 74.20
CA HIS J 1376 16.24 -4.06 74.30
C HIS J 1376 16.85 -2.86 75.02
N LEU J 1377 16.78 -1.67 74.40
CA LEU J 1377 17.11 -0.43 75.09
C LEU J 1377 15.96 0.56 75.04
N ALA J 1378 15.47 0.89 73.84
CA ALA J 1378 14.32 1.76 73.66
C ALA J 1378 13.37 1.25 72.58
N GLN J 1379 13.74 0.22 71.83
CA GLN J 1379 12.87 -0.37 70.81
C GLN J 1379 11.86 -1.29 71.49
N TYR J 1380 11.17 -2.11 70.72
CA TYR J 1380 10.21 -3.04 71.29
C TYR J 1380 9.95 -4.17 70.29
N LEU J 1381 9.33 -5.22 70.80
CA LEU J 1381 8.98 -6.38 69.97
C LEU J 1381 7.70 -6.98 70.55
N ILE J 1382 6.57 -6.69 69.92
CA ILE J 1382 5.29 -7.21 70.36
C ILE J 1382 5.13 -8.64 69.88
N ARG J 1383 4.97 -9.56 70.82
CA ARG J 1383 4.78 -10.97 70.47
C ARG J 1383 3.44 -11.15 69.77
N ASP J 1384 3.39 -12.10 68.84
CA ASP J 1384 2.19 -12.33 68.07
C ASP J 1384 1.10 -12.96 68.92
N ALA J 1385 -0.11 -12.42 68.82
CA ALA J 1385 -1.26 -12.92 69.57
C ALA J 1385 -2.49 -13.00 68.68
N SER J 1386 -2.29 -13.38 67.43
CA SER J 1386 -3.35 -13.50 66.46
C SER J 1386 -3.79 -14.96 66.32
N PRO J 1387 -4.99 -15.20 65.80
CA PRO J 1387 -5.39 -16.60 65.57
C PRO J 1387 -4.48 -17.33 64.59
N LEU J 1388 -3.82 -16.61 63.69
CA LEU J 1388 -2.92 -17.21 62.71
C LEU J 1388 -1.52 -17.31 63.33
N ARG J 1389 -1.34 -18.33 64.15
CA ARG J 1389 -0.06 -18.56 64.82
C ARG J 1389 0.69 -19.75 64.29
N GLY J 1390 0.01 -20.82 63.89
CA GLY J 1390 0.66 -22.00 63.38
C GLY J 1390 0.60 -22.09 61.86
N CYS J 1391 0.60 -20.93 61.20
CA CYS J 1391 0.54 -20.86 59.75
C CYS J 1391 1.48 -19.74 59.32
N LEU J 1392 1.36 -19.31 58.06
CA LEU J 1392 2.16 -18.22 57.52
C LEU J 1392 3.65 -18.48 57.71
N PRO J 1393 4.24 -19.36 56.90
CA PRO J 1393 5.64 -19.76 57.11
C PRO J 1393 6.58 -18.57 57.20
N LEU J 1394 7.72 -18.78 57.86
CA LEU J 1394 8.67 -17.72 58.15
C LEU J 1394 9.98 -17.92 57.38
N SER K 7 21.39 84.67 88.48
CA SER K 7 22.16 83.56 89.00
C SER K 7 21.34 82.28 89.05
N ARG K 8 22.03 81.14 89.16
CA ARG K 8 21.37 79.83 89.18
C ARG K 8 20.98 79.52 90.62
N VAL K 9 19.69 79.66 90.92
CA VAL K 9 19.14 79.35 92.24
C VAL K 9 17.98 78.39 92.01
N VAL K 10 18.20 77.11 92.32
CA VAL K 10 17.19 76.09 92.06
C VAL K 10 15.96 76.23 92.94
N PHE K 11 16.01 77.07 93.97
CA PHE K 11 14.85 77.26 94.83
C PHE K 11 13.70 77.88 94.05
N ASP K 12 13.92 79.07 93.49
CA ASP K 12 12.96 79.67 92.58
C ASP K 12 13.16 79.06 91.20
N PRO K 13 12.22 78.23 90.73
CA PRO K 13 12.45 77.50 89.48
C PRO K 13 12.69 78.38 88.27
N SER K 14 12.29 79.65 88.31
CA SER K 14 12.54 80.56 87.20
C SER K 14 14.00 80.99 87.14
N ASN K 15 14.77 80.79 88.20
CA ASN K 15 16.15 81.21 88.25
C ASN K 15 17.08 80.30 87.45
N PRO K 16 17.10 78.98 87.69
CA PRO K 16 18.10 78.14 87.02
C PRO K 16 17.83 78.06 85.52
N THR K 17 18.86 78.30 84.73
CA THR K 17 18.74 78.25 83.28
C THR K 17 20.11 77.99 82.67
N THR K 18 20.09 77.37 81.49
CA THR K 18 21.33 77.09 80.78
C THR K 18 22.15 78.34 80.53
N PHE K 19 21.51 79.50 80.44
CA PHE K 19 22.24 80.75 80.24
C PHE K 19 23.32 80.93 81.30
N SER K 20 22.99 80.65 82.56
CA SER K 20 23.96 80.73 83.64
C SER K 20 24.72 79.44 83.86
N VAL K 21 24.11 78.28 83.58
CA VAL K 21 24.84 77.02 83.74
C VAL K 21 26.02 76.97 82.79
N GLU K 22 25.94 77.65 81.65
CA GLU K 22 27.09 77.76 80.76
C GLU K 22 28.28 78.39 81.46
N ALA K 23 28.05 79.52 82.14
CA ALA K 23 29.14 80.20 82.84
C ALA K 23 29.60 79.40 84.05
N ILE K 24 28.69 78.63 84.67
CA ILE K 24 29.09 77.81 85.80
C ILE K 24 30.04 76.70 85.32
N ALA K 25 30.93 76.27 86.20
CA ALA K 25 31.96 75.27 85.89
C ALA K 25 31.37 73.87 85.87
N ALA K 26 32.25 72.85 85.93
CA ALA K 26 31.80 71.46 85.87
C ALA K 26 31.59 70.85 87.26
N TYR K 27 32.48 71.12 88.21
CA TYR K 27 32.37 70.55 89.54
C TYR K 27 31.62 71.46 90.51
N THR K 28 31.74 72.77 90.33
CA THR K 28 31.01 73.70 91.17
C THR K 28 29.50 73.54 91.11
N PRO K 29 28.87 73.19 89.97
CA PRO K 29 27.41 72.97 90.02
C PRO K 29 27.05 71.73 90.82
N VAL K 30 27.83 70.66 90.72
CA VAL K 30 27.57 69.48 91.54
C VAL K 30 27.68 69.84 93.01
N ALA K 31 28.74 70.58 93.38
CA ALA K 31 28.89 71.01 94.76
C ALA K 31 27.72 71.90 95.20
N LEU K 32 27.28 72.80 94.32
CA LEU K 32 26.19 73.71 94.66
C LEU K 32 24.90 72.94 94.90
N ILE K 33 24.57 72.00 94.01
CA ILE K 33 23.36 71.21 94.18
C ILE K 33 23.45 70.37 95.45
N ARG K 34 24.63 69.83 95.75
CA ARG K 34 24.78 69.03 96.97
C ARG K 34 24.57 69.89 98.20
N LEU K 35 25.06 71.15 98.17
CA LEU K 35 24.98 72.00 99.35
C LEU K 35 23.64 72.70 99.51
N LEU K 36 22.87 72.87 98.45
CA LEU K 36 21.58 73.53 98.56
C LEU K 36 20.61 72.69 99.39
N ASN K 37 19.65 73.37 100.02
CA ASN K 37 18.77 72.72 100.96
C ASN K 37 17.54 72.14 100.26
N ALA K 38 16.72 71.42 101.02
CA ALA K 38 15.52 70.81 100.47
C ALA K 38 14.39 71.81 100.30
N SER K 39 14.35 72.85 101.14
CA SER K 39 13.25 73.80 101.11
C SER K 39 13.19 74.53 99.79
N GLY K 40 12.17 74.22 98.99
CA GLY K 40 11.93 74.91 97.75
C GLY K 40 10.62 75.66 97.81
N PRO K 41 10.65 76.96 97.50
CA PRO K 41 9.41 77.76 97.55
C PRO K 41 8.38 77.24 96.56
N LEU K 42 7.26 76.75 97.09
CA LEU K 42 6.22 76.18 96.25
C LEU K 42 5.43 77.23 95.49
N GLN K 43 5.54 78.52 95.87
CA GLN K 43 4.81 79.55 95.15
C GLN K 43 5.36 79.76 93.76
N PRO K 44 6.67 79.94 93.56
CA PRO K 44 7.20 79.95 92.19
C PRO K 44 7.33 78.54 91.65
N GLY K 45 6.95 78.36 90.39
CA GLY K 45 7.00 77.06 89.76
C GLY K 45 6.65 77.11 88.29
N HIS K 46 7.41 76.40 87.47
CA HIS K 46 7.17 76.36 86.04
C HIS K 46 5.90 75.59 85.77
N ARG K 47 4.85 76.28 85.31
CA ARG K 47 3.66 75.62 84.81
C ARG K 47 3.85 75.03 83.42
N VAL K 48 5.11 74.92 83.00
CA VAL K 48 5.51 74.58 81.64
C VAL K 48 6.29 73.28 81.66
N ASP K 49 5.84 72.31 82.47
CA ASP K 49 6.45 70.98 82.54
C ASP K 49 7.89 71.06 83.05
N ILE K 50 8.00 71.35 84.35
CA ILE K 50 9.25 71.53 85.09
C ILE K 50 10.32 70.48 84.72
N ALA K 51 9.90 69.34 84.18
CA ALA K 51 10.85 68.47 83.51
C ALA K 51 11.54 69.17 82.34
N ASP K 52 10.92 70.22 81.78
CA ASP K 52 11.63 71.02 80.79
C ASP K 52 12.78 71.78 81.43
N ALA K 53 12.58 72.28 82.65
CA ALA K 53 13.69 72.88 83.39
C ALA K 53 14.75 71.83 83.72
N ARG K 54 14.31 70.60 83.98
CA ARG K 54 15.27 69.51 84.18
C ARG K 54 16.11 69.29 82.93
N SER K 55 15.47 69.25 81.76
CA SER K 55 16.22 69.10 80.52
C SER K 55 17.11 70.31 80.25
N ILE K 56 16.67 71.49 80.66
CA ILE K 56 17.51 72.68 80.56
C ILE K 56 18.76 72.52 81.42
N TYR K 57 18.59 71.97 82.62
CA TYR K 57 19.74 71.66 83.46
C TYR K 57 20.67 70.67 82.78
N THR K 58 20.09 69.66 82.12
CA THR K 58 20.91 68.66 81.43
C THR K 58 21.72 69.30 80.31
N VAL K 59 21.07 70.15 79.50
CA VAL K 59 21.79 70.76 78.37
C VAL K 59 22.80 71.78 78.87
N GLY K 60 22.54 72.44 79.99
CA GLY K 60 23.54 73.32 80.57
C GLY K 60 24.74 72.57 81.08
N ALA K 61 24.51 71.43 81.74
CA ALA K 61 25.64 70.59 82.14
C ALA K 61 26.39 70.06 80.93
N ALA K 62 25.69 69.79 79.84
CA ALA K 62 26.36 69.40 78.60
C ALA K 62 27.24 70.51 78.08
N ALA K 63 26.75 71.76 78.14
CA ALA K 63 27.56 72.90 77.72
C ALA K 63 28.79 73.06 78.61
N SER K 64 28.63 72.85 79.91
CA SER K 64 29.77 72.93 80.82
C SER K 64 30.80 71.85 80.51
N ALA K 65 30.32 70.63 80.26
CA ALA K 65 31.23 69.56 79.87
C ALA K 65 31.93 69.87 78.55
N ALA K 66 31.21 70.53 77.64
CA ALA K 66 31.82 70.94 76.38
C ALA K 66 32.91 71.97 76.61
N ARG K 67 32.68 72.90 77.55
CA ARG K 67 33.72 73.85 77.91
C ARG K 67 34.94 73.15 78.50
N ALA K 68 34.72 72.20 79.40
CA ALA K 68 35.84 71.46 79.98
C ALA K 68 36.59 70.67 78.93
N ARG K 69 35.88 70.08 77.97
CA ARG K 69 36.53 69.32 76.91
C ARG K 69 37.32 70.24 75.99
N ALA K 70 36.78 71.42 75.69
CA ALA K 70 37.52 72.38 74.89
C ALA K 70 38.79 72.83 75.61
N ASN K 71 38.70 72.98 76.94
CA ASN K 71 39.90 73.30 77.72
C ASN K 71 40.93 72.18 77.64
N HIS K 72 40.47 70.93 77.80
CA HIS K 72 41.39 69.80 77.74
C HIS K 72 41.96 69.60 76.34
N ASN K 73 41.26 70.09 75.33
CA ASN K 73 41.65 69.87 73.93
C ASN K 73 42.95 70.57 73.56
N ALA K 74 43.59 71.28 74.47
CA ALA K 74 44.85 71.94 74.14
C ALA K 74 45.93 70.92 73.81
N ASN K 75 45.91 69.77 74.46
CA ASN K 75 46.95 68.76 74.27
C ASN K 75 46.48 67.53 73.53
N THR K 76 45.18 67.38 73.30
CA THR K 76 44.67 66.17 72.66
C THR K 76 45.06 66.13 71.19
N ILE K 77 44.82 64.98 70.57
CA ILE K 77 45.06 64.79 69.14
C ILE K 77 43.73 64.91 68.41
N ARG K 78 43.77 65.54 67.24
CA ARG K 78 42.57 65.68 66.43
C ARG K 78 42.09 64.31 65.96
N ARG K 79 40.83 64.00 66.25
CA ARG K 79 40.26 62.73 65.85
C ARG K 79 39.83 62.78 64.38
N THR K 80 39.83 61.61 63.75
CA THR K 80 39.46 61.47 62.35
C THR K 80 38.30 60.49 62.22
N ALA K 81 37.97 60.15 60.97
CA ALA K 81 36.88 59.22 60.70
C ALA K 81 37.32 57.79 60.98
N MET K 82 36.50 57.06 61.73
CA MET K 82 36.78 55.68 62.06
C MET K 82 36.18 54.69 61.07
N PHE K 83 35.54 55.18 60.02
CA PHE K 83 34.92 54.33 59.01
C PHE K 83 35.48 54.65 57.63
N ALA K 84 35.28 53.73 56.71
CA ALA K 84 35.73 53.90 55.34
C ALA K 84 34.67 54.67 54.55
N GLU K 85 34.83 54.71 53.23
CA GLU K 85 33.93 55.34 52.27
C GLU K 85 33.76 56.84 52.50
N THR K 86 34.54 57.44 53.38
CA THR K 86 34.43 58.86 53.71
C THR K 86 35.74 59.53 53.28
N ASP K 87 35.77 60.02 52.04
CA ASP K 87 36.96 60.67 51.50
C ASP K 87 36.55 61.60 50.37
N PRO K 88 37.18 62.78 50.25
CA PRO K 88 36.82 63.68 49.15
C PRO K 88 37.05 63.08 47.78
N MET K 89 38.25 62.58 47.50
CA MET K 89 38.59 61.97 46.22
C MET K 89 39.03 60.54 46.49
N THR K 90 38.05 59.64 46.56
CA THR K 90 38.35 58.22 46.69
C THR K 90 38.92 57.62 45.42
N TRP K 91 38.84 58.35 44.30
CA TRP K 91 39.30 57.81 43.02
C TRP K 91 40.81 57.62 42.99
N LEU K 92 41.55 58.51 43.66
CA LEU K 92 43.01 58.41 43.65
C LEU K 92 43.47 57.15 44.39
N ARG K 93 42.98 56.94 45.60
CA ARG K 93 43.41 55.83 46.43
C ARG K 93 42.27 55.46 47.37
N PRO K 94 42.25 54.21 47.87
CA PRO K 94 41.18 53.82 48.79
C PRO K 94 41.24 54.54 50.12
N THR K 95 40.29 54.23 51.00
CA THR K 95 40.15 54.91 52.29
C THR K 95 39.81 53.90 53.36
N VAL K 96 40.43 54.05 54.54
CA VAL K 96 40.18 53.17 55.67
C VAL K 96 39.87 54.02 56.89
N GLY K 97 39.33 53.36 57.91
CA GLY K 97 39.04 53.99 59.18
C GLY K 97 40.24 53.98 60.10
N LEU K 98 39.95 54.16 61.39
CA LEU K 98 41.00 54.17 62.40
C LEU K 98 40.38 53.83 63.76
N LYS K 99 40.96 52.85 64.44
CA LYS K 99 40.51 52.46 65.77
C LYS K 99 41.06 53.43 66.79
N ARG K 100 40.16 54.00 67.61
CA ARG K 100 40.56 55.00 68.61
C ARG K 100 41.06 54.28 69.86
N THR K 101 42.30 53.81 69.77
CA THR K 101 42.98 53.11 70.86
C THR K 101 44.32 53.77 71.17
N PHE K 102 44.33 55.09 71.29
CA PHE K 102 45.53 55.85 71.58
C PHE K 102 45.38 56.62 72.87
N ASN K 103 46.41 57.42 73.18
CA ASN K 103 46.36 58.36 74.28
C ASN K 103 46.45 59.76 73.72
N PRO K 104 45.60 60.69 74.17
CA PRO K 104 45.63 62.06 73.63
C PRO K 104 46.85 62.86 74.06
N ARG K 105 47.71 62.33 74.93
CA ARG K 105 48.89 63.06 75.35
C ARG K 105 49.84 63.26 74.17
N ILE K 106 50.32 64.48 74.02
CA ILE K 106 51.26 64.81 72.94
C ILE K 106 52.61 65.18 73.52
N ALA L 20 63.36 -77.24 13.23
CA ALA L 20 63.80 -78.43 12.52
C ALA L 20 62.77 -79.55 12.65
N GLY L 21 62.72 -80.17 13.82
CA GLY L 21 61.78 -81.25 14.06
C GLY L 21 60.47 -80.78 14.65
N LEU L 22 59.45 -80.64 13.81
CA LEU L 22 58.13 -80.28 14.31
C LEU L 22 57.48 -81.46 15.01
N PHE L 23 57.64 -82.66 14.46
CA PHE L 23 57.11 -83.87 15.08
C PHE L 23 58.19 -84.49 15.95
N ASN L 24 57.96 -85.72 16.41
CA ASN L 24 58.98 -86.44 17.17
C ASN L 24 60.18 -86.72 16.26
N ILE L 25 61.35 -86.80 16.88
CA ILE L 25 62.61 -86.91 16.13
C ILE L 25 62.72 -88.27 15.47
N PRO L 26 62.56 -89.41 16.19
CA PRO L 26 62.52 -90.69 15.48
C PRO L 26 61.12 -91.03 15.00
N ALA L 27 60.12 -90.48 15.69
CA ALA L 27 58.70 -90.53 15.32
C ALA L 27 58.09 -91.91 15.51
N GLY L 28 58.92 -92.92 15.79
CA GLY L 28 58.48 -94.23 16.20
C GLY L 28 57.22 -94.78 15.53
N ILE L 29 57.25 -94.95 14.21
CA ILE L 29 56.08 -95.38 13.47
C ILE L 29 56.49 -96.42 12.42
N ILE L 30 55.51 -97.17 11.94
CA ILE L 30 55.77 -98.21 10.94
C ILE L 30 56.28 -97.54 9.66
N PRO L 31 57.33 -98.05 9.03
CA PRO L 31 57.88 -97.38 7.84
C PRO L 31 57.00 -97.57 6.61
N THR L 32 57.06 -96.57 5.73
CA THR L 32 56.31 -96.63 4.48
C THR L 32 57.03 -97.49 3.45
N GLY L 33 58.24 -97.10 3.07
CA GLY L 33 59.01 -97.84 2.10
C GLY L 33 60.41 -98.13 2.62
N ASN L 34 60.94 -99.26 2.19
CA ASN L 34 62.26 -99.69 2.63
C ASN L 34 63.34 -98.95 1.86
N VAL L 35 64.45 -98.71 2.55
CA VAL L 35 65.57 -97.98 1.96
C VAL L 35 66.55 -98.99 1.37
N LEU L 36 67.20 -98.59 0.28
CA LEU L 36 68.20 -99.41 -0.39
C LEU L 36 69.55 -98.70 -0.35
N SER L 37 70.60 -99.46 -0.64
CA SER L 37 71.97 -98.95 -0.69
C SER L 37 72.39 -98.36 0.65
N THR L 38 72.42 -99.22 1.66
CA THR L 38 72.92 -98.82 2.98
C THR L 38 74.42 -98.60 2.89
N ILE L 39 74.85 -97.34 2.93
CA ILE L 39 76.26 -97.00 2.80
C ILE L 39 76.65 -96.02 3.90
N GLU L 40 77.90 -95.55 3.87
CA GLU L 40 78.37 -94.58 4.83
C GLU L 40 77.62 -93.27 4.68
N VAL L 41 76.75 -92.95 5.63
CA VAL L 41 75.94 -91.74 5.54
C VAL L 41 76.69 -90.52 6.07
N CYS L 42 77.54 -90.69 7.08
CA CYS L 42 78.27 -89.57 7.64
C CYS L 42 79.21 -88.93 6.64
N ALA L 43 79.46 -89.59 5.50
CA ALA L 43 80.31 -89.03 4.47
C ALA L 43 79.75 -87.69 3.99
N HIS L 44 78.57 -87.71 3.38
CA HIS L 44 77.91 -86.48 2.95
C HIS L 44 76.86 -86.08 4.00
N ARG L 45 77.37 -85.64 5.15
CA ARG L 45 76.53 -85.33 6.30
C ARG L 45 76.28 -83.84 6.45
N CYS L 46 76.75 -83.02 5.51
CA CYS L 46 76.53 -81.57 5.55
C CYS L 46 75.10 -81.20 5.16
N ILE L 47 74.25 -82.19 4.88
CA ILE L 47 72.92 -81.78 4.32
C ILE L 47 71.74 -82.19 5.19
N PHE L 48 70.73 -82.80 4.55
CA PHE L 48 69.47 -83.22 5.22
C PHE L 48 68.82 -81.97 5.81
N ASP L 49 68.82 -81.84 7.14
CA ASP L 49 68.24 -80.66 7.83
C ASP L 49 68.76 -80.65 9.27
N PHE L 50 69.07 -81.84 9.79
CA PHE L 50 69.60 -82.02 11.16
C PHE L 50 70.15 -83.45 11.24
N PHE L 51 71.48 -83.60 11.20
CA PHE L 51 72.06 -84.93 11.24
C PHE L 51 72.27 -85.41 12.68
N LYS L 52 72.31 -86.72 12.84
CA LYS L 52 72.52 -87.34 14.14
C LYS L 52 73.45 -88.53 13.99
N GLN L 53 74.20 -88.80 15.06
CA GLN L 53 75.22 -89.83 15.06
C GLN L 53 75.27 -90.61 16.37
N ILE L 54 74.16 -90.71 17.10
CA ILE L 54 74.14 -91.40 18.38
C ILE L 54 74.67 -92.81 18.24
N ARG L 55 75.30 -93.33 19.29
CA ARG L 55 75.78 -94.70 19.31
C ARG L 55 74.62 -95.65 19.57
N SER L 56 74.92 -96.89 19.94
CA SER L 56 73.89 -97.88 20.22
C SER L 56 72.84 -97.39 21.22
N ASP L 57 73.12 -96.32 21.97
CA ASP L 57 72.12 -95.70 22.83
C ASP L 57 72.55 -94.29 23.24
N ASP L 58 71.59 -93.48 23.66
CA ASP L 58 71.87 -92.19 24.29
C ASP L 58 70.75 -91.90 25.28
N ASN L 59 70.66 -90.65 25.76
CA ASN L 59 69.64 -90.35 26.76
C ASN L 59 68.43 -89.66 26.14
N SER L 60 68.58 -89.17 24.92
CA SER L 60 67.52 -88.40 24.28
C SER L 60 66.69 -89.24 23.31
N LEU L 61 66.70 -90.56 23.44
CA LEU L 61 65.79 -91.40 22.67
C LEU L 61 64.38 -91.39 23.25
N TYR L 62 64.07 -90.41 24.10
CA TYR L 62 62.97 -90.46 25.05
C TYR L 62 62.44 -89.05 25.27
N SER L 63 61.83 -88.81 26.43
CA SER L 63 61.36 -87.49 26.83
C SER L 63 60.17 -86.96 26.03
N ALA L 64 59.04 -87.63 26.14
CA ALA L 64 57.78 -87.08 25.65
C ALA L 64 57.43 -85.83 26.46
N GLN L 65 56.62 -84.96 25.87
CA GLN L 65 56.18 -83.72 26.50
C GLN L 65 55.03 -83.16 25.66
N PHE L 66 54.00 -82.60 26.29
CA PHE L 66 52.82 -82.28 25.52
C PHE L 66 52.06 -81.14 26.18
N ASP L 67 51.29 -80.43 25.35
CA ASP L 67 50.35 -79.42 25.81
C ASP L 67 48.94 -79.96 25.69
N ILE L 68 48.11 -79.72 26.70
CA ILE L 68 46.78 -80.28 26.75
C ILE L 68 45.76 -79.15 26.78
N LEU L 69 44.54 -79.48 26.36
CA LEU L 69 43.41 -78.58 26.41
C LEU L 69 42.43 -79.05 27.48
N LEU L 70 41.81 -78.08 28.16
CA LEU L 70 40.94 -78.37 29.30
C LEU L 70 39.47 -78.11 29.00
N GLY L 71 39.11 -77.95 27.73
CA GLY L 71 37.73 -77.76 27.35
C GLY L 71 37.38 -76.29 27.14
N THR L 72 36.25 -76.08 26.49
CA THR L 72 35.74 -74.75 26.19
C THR L 72 34.44 -74.48 26.95
N TYR L 73 34.10 -73.20 27.05
CA TYR L 73 32.91 -72.78 27.75
C TYR L 73 32.27 -71.60 27.02
N CYS L 74 30.95 -71.66 26.85
CA CYS L 74 30.23 -70.59 26.19
C CYS L 74 28.98 -70.22 26.97
N ASN L 75 28.20 -69.28 26.45
CA ASN L 75 26.99 -68.82 27.11
C ASN L 75 25.89 -68.66 26.07
N THR L 76 24.65 -68.79 26.51
CA THR L 76 23.48 -68.65 25.66
C THR L 76 22.61 -67.52 26.16
N LEU L 77 22.17 -66.66 25.24
CA LEU L 77 21.32 -65.54 25.57
C LEU L 77 19.87 -65.97 25.61
N ASN L 78 19.06 -65.19 26.33
CA ASN L 78 17.62 -65.39 26.38
C ASN L 78 16.94 -64.34 25.52
N PHE L 79 15.71 -64.62 25.12
CA PHE L 79 14.93 -63.71 24.30
C PHE L 79 13.75 -63.17 25.11
N VAL L 80 13.46 -61.90 24.89
CA VAL L 80 12.39 -61.20 25.61
C VAL L 80 11.32 -60.78 24.62
N ARG L 81 10.07 -60.98 24.99
CA ARG L 81 8.93 -60.57 24.19
C ARG L 81 8.25 -59.39 24.84
N PHE L 82 7.68 -58.51 24.02
CA PHE L 82 7.10 -57.28 24.53
C PHE L 82 5.87 -57.55 25.38
N LEU L 83 5.01 -58.46 24.93
CA LEU L 83 3.76 -58.71 25.65
C LEU L 83 4.01 -59.34 27.02
N GLU L 84 5.12 -60.06 27.18
CA GLU L 84 5.41 -60.68 28.46
C GLU L 84 5.76 -59.66 29.54
N LEU L 85 6.09 -58.43 29.15
CA LEU L 85 6.41 -57.40 30.12
C LEU L 85 5.15 -56.72 30.64
N GLY L 86 5.28 -56.08 31.80
CA GLY L 86 4.18 -55.33 32.36
C GLY L 86 3.94 -53.99 31.71
N LEU L 87 4.87 -53.52 30.88
CA LEU L 87 4.68 -52.26 30.18
C LEU L 87 3.62 -52.33 29.10
N SER L 88 3.22 -53.54 28.69
CA SER L 88 2.23 -53.69 27.64
C SER L 88 0.85 -53.19 28.05
N VAL L 89 0.63 -52.94 29.33
CA VAL L 89 -0.67 -52.47 29.80
C VAL L 89 -0.72 -50.95 29.85
N ALA L 90 0.22 -50.28 29.18
CA ALA L 90 0.23 -48.83 29.09
C ALA L 90 -0.11 -48.33 27.69
N CYS L 91 -0.41 -49.24 26.76
CA CYS L 91 -0.71 -48.84 25.38
C CYS L 91 -1.49 -49.95 24.70
N ILE L 92 -2.18 -49.60 23.63
CA ILE L 92 -2.98 -50.54 22.86
C ILE L 92 -2.22 -50.78 21.55
N CYS L 93 -1.47 -51.87 21.51
CA CYS L 93 -0.69 -52.21 20.34
C CYS L 93 -1.58 -52.80 19.25
N THR L 94 -1.30 -52.43 18.01
CA THR L 94 -2.05 -52.95 16.86
C THR L 94 -1.19 -52.84 15.62
N LYS L 95 -1.50 -53.67 14.63
CA LYS L 95 -0.75 -53.74 13.39
C LYS L 95 -1.39 -52.89 12.32
N PHE L 96 -0.58 -52.49 11.34
CA PHE L 96 -1.04 -51.70 10.22
C PHE L 96 -0.07 -51.88 9.06
N PRO L 97 -0.30 -52.86 8.19
CA PRO L 97 0.69 -53.15 7.14
C PRO L 97 0.89 -52.00 6.16
N GLU L 98 -0.18 -51.30 5.82
CA GLU L 98 -0.11 -50.19 4.88
C GLU L 98 0.18 -48.87 5.57
N LEU L 99 1.21 -48.85 6.42
CA LEU L 99 1.51 -47.67 7.19
C LEU L 99 2.27 -46.62 6.39
N ALA L 100 3.10 -47.05 5.45
CA ALA L 100 3.91 -46.11 4.67
C ALA L 100 3.07 -45.16 3.84
N TYR L 101 1.76 -45.40 3.70
CA TYR L 101 0.87 -44.53 2.95
C TYR L 101 -0.17 -43.88 3.84
N VAL L 102 0.05 -43.87 5.16
CA VAL L 102 -1.01 -43.46 6.08
C VAL L 102 -1.32 -41.98 5.93
N ARG L 103 -0.30 -41.14 5.73
CA ARG L 103 -0.49 -39.74 5.31
C ARG L 103 -1.46 -39.00 6.24
N ASP L 104 -1.00 -38.78 7.47
CA ASP L 104 -1.71 -37.93 8.43
C ASP L 104 -3.06 -38.53 8.85
N GLY L 105 -2.97 -39.66 9.55
CA GLY L 105 -4.14 -40.20 10.21
C GLY L 105 -4.63 -39.31 11.34
N VAL L 106 -5.93 -39.38 11.60
CA VAL L 106 -6.61 -38.42 12.46
C VAL L 106 -7.69 -39.14 13.28
N ILE L 107 -7.90 -38.65 14.50
CA ILE L 107 -8.92 -39.15 15.42
C ILE L 107 -9.66 -37.94 15.98
N GLN L 108 -10.90 -38.13 16.44
CA GLN L 108 -11.66 -37.03 17.03
C GLN L 108 -12.49 -37.49 18.22
N PHE L 109 -12.65 -36.57 19.17
CA PHE L 109 -13.33 -36.79 20.45
C PHE L 109 -14.53 -35.86 20.54
N GLU L 110 -15.49 -36.22 21.40
CA GLU L 110 -16.64 -35.36 21.65
C GLU L 110 -17.17 -35.64 23.05
N VAL L 111 -17.34 -34.58 23.85
CA VAL L 111 -17.83 -34.70 25.22
C VAL L 111 -18.96 -33.70 25.45
N GLN L 112 -19.65 -33.89 26.56
CA GLN L 112 -20.75 -33.03 26.96
C GLN L 112 -20.55 -32.55 28.39
N GLN L 113 -21.27 -31.51 28.78
CA GLN L 113 -21.14 -31.04 30.15
C GLN L 113 -22.51 -30.83 30.78
N PRO L 114 -22.71 -31.36 31.99
CA PRO L 114 -23.97 -31.12 32.70
C PRO L 114 -24.02 -29.69 33.23
N MET L 115 -25.20 -29.31 33.70
CA MET L 115 -25.42 -27.96 34.21
C MET L 115 -26.33 -28.03 35.43
N ILE L 116 -26.33 -26.93 36.18
CA ILE L 116 -27.05 -26.83 37.45
C ILE L 116 -28.13 -25.76 37.29
N ALA L 117 -29.29 -26.00 37.90
CA ALA L 117 -30.42 -25.08 37.80
C ALA L 117 -30.50 -24.25 39.07
N ARG L 118 -30.16 -22.98 38.95
CA ARG L 118 -30.30 -22.01 40.04
C ARG L 118 -30.99 -20.76 39.51
N ASP L 119 -31.43 -19.92 40.43
CA ASP L 119 -32.13 -18.69 40.09
C ASP L 119 -31.71 -17.58 41.04
N GLY L 120 -31.74 -16.35 40.52
CA GLY L 120 -31.38 -15.19 41.31
C GLY L 120 -30.63 -14.15 40.51
N PRO L 121 -29.61 -13.55 41.13
CA PRO L 121 -28.83 -12.48 40.47
C PRO L 121 -27.74 -13.03 39.55
N HIS L 122 -28.13 -13.84 38.58
CA HIS L 122 -27.20 -14.43 37.63
C HIS L 122 -27.95 -14.75 36.34
N PRO L 123 -27.26 -14.70 35.20
CA PRO L 123 -27.91 -15.08 33.94
C PRO L 123 -28.17 -16.58 33.88
N VAL L 124 -29.10 -16.96 33.01
CA VAL L 124 -29.46 -18.37 32.88
C VAL L 124 -28.33 -19.13 32.18
N ASP L 125 -28.28 -20.43 32.43
CA ASP L 125 -27.22 -21.27 31.91
C ASP L 125 -27.64 -21.89 30.58
N GLN L 126 -26.86 -22.87 30.10
CA GLN L 126 -27.09 -23.52 28.83
C GLN L 126 -26.25 -24.79 28.74
N PRO L 127 -26.82 -25.90 28.28
CA PRO L 127 -26.04 -27.15 28.20
C PRO L 127 -25.04 -27.08 27.06
N VAL L 128 -23.78 -27.39 27.36
CA VAL L 128 -22.68 -27.16 26.41
C VAL L 128 -22.08 -28.48 25.97
N HIS L 129 -21.62 -28.49 24.71
CA HIS L 129 -20.99 -29.64 24.08
C HIS L 129 -19.64 -29.22 23.55
N ASN L 130 -18.69 -30.16 23.50
CA ASN L 130 -17.35 -29.87 23.00
C ASN L 130 -17.01 -30.80 21.84
N TYR L 131 -15.91 -30.48 21.16
CA TYR L 131 -15.44 -31.24 20.02
C TYR L 131 -13.94 -31.09 19.91
N MET L 132 -13.22 -32.21 19.85
CA MET L 132 -11.77 -32.21 19.83
C MET L 132 -11.27 -33.12 18.73
N VAL L 133 -9.98 -32.97 18.39
CA VAL L 133 -9.40 -33.75 17.30
C VAL L 133 -7.88 -33.80 17.45
N LYS L 134 -7.29 -34.96 17.17
CA LYS L 134 -5.85 -35.16 17.23
C LYS L 134 -5.39 -35.87 15.97
N ARG L 135 -4.08 -35.86 15.74
CA ARG L 135 -3.47 -36.51 14.59
C ARG L 135 -2.40 -37.50 15.08
N ILE L 136 -1.87 -38.27 14.15
CA ILE L 136 -0.89 -39.31 14.47
C ILE L 136 0.52 -38.76 14.31
N HIS L 137 1.48 -39.47 14.91
CA HIS L 137 2.90 -39.16 14.81
C HIS L 137 3.65 -40.42 14.41
N LYS L 138 4.57 -40.28 13.46
CA LYS L 138 5.28 -41.40 12.86
C LYS L 138 6.77 -41.38 13.23
N ARG L 139 7.32 -42.56 13.47
CA ARG L 139 8.74 -42.74 13.75
C ARG L 139 9.12 -44.16 13.39
N SER L 140 10.39 -44.36 13.06
CA SER L 140 10.84 -45.65 12.57
C SER L 140 11.91 -46.24 13.48
N LEU L 141 12.17 -47.53 13.27
CA LEU L 141 13.22 -48.26 13.97
C LEU L 141 14.11 -48.95 12.95
N SER L 142 15.38 -49.10 13.29
CA SER L 142 16.37 -49.62 12.35
C SER L 142 17.39 -50.49 13.06
N ALA L 143 18.00 -51.40 12.30
CA ALA L 143 19.06 -52.27 12.79
C ALA L 143 19.91 -52.73 11.62
N ALA L 144 21.13 -53.17 11.93
CA ALA L 144 22.10 -53.57 10.91
C ALA L 144 22.50 -55.03 11.09
N PHE L 145 23.12 -55.58 10.06
CA PHE L 145 23.51 -56.99 10.07
C PHE L 145 24.54 -57.22 8.97
N ALA L 146 25.74 -57.66 9.33
CA ALA L 146 26.87 -57.70 8.40
C ALA L 146 27.26 -59.13 8.06
N ILE L 147 27.75 -59.30 6.82
CA ILE L 147 28.21 -60.58 6.31
C ILE L 147 29.58 -60.40 5.66
N ALA L 148 30.40 -61.45 5.70
CA ALA L 148 31.76 -61.40 5.20
C ALA L 148 31.86 -61.97 3.79
N SER L 149 32.87 -61.47 3.07
CA SER L 149 33.00 -61.79 1.64
C SER L 149 33.31 -63.26 1.40
N GLU L 150 34.15 -63.86 2.24
CA GLU L 150 34.45 -65.27 2.07
C GLU L 150 33.23 -66.15 2.32
N ALA L 151 32.38 -65.76 3.27
CA ALA L 151 31.12 -66.47 3.46
C ALA L 151 30.23 -66.31 2.23
N LEU L 152 30.16 -65.09 1.68
CA LEU L 152 29.41 -64.88 0.45
C LEU L 152 29.90 -65.82 -0.65
N SER L 153 31.22 -65.93 -0.80
CA SER L 153 31.79 -66.79 -1.83
C SER L 153 31.46 -68.26 -1.57
N LEU L 154 31.60 -68.70 -0.33
CA LEU L 154 31.31 -70.09 0.00
C LEU L 154 29.84 -70.42 -0.24
N LEU L 155 28.95 -69.44 -0.08
CA LEU L 155 27.53 -69.69 -0.31
C LEU L 155 27.14 -69.57 -1.76
N SER L 156 27.87 -68.78 -2.55
CA SER L 156 27.52 -68.55 -3.95
C SER L 156 28.15 -69.55 -4.91
N ASN L 157 28.47 -70.77 -4.45
CA ASN L 157 29.10 -71.75 -5.33
C ASN L 157 28.07 -72.45 -6.21
N THR L 158 26.90 -72.77 -5.65
CA THR L 158 25.83 -73.48 -6.35
C THR L 158 26.32 -74.79 -6.95
N TYR L 159 26.75 -75.69 -6.06
CA TYR L 159 27.09 -77.08 -6.40
C TYR L 159 28.27 -77.14 -7.38
N VAL L 160 29.37 -76.50 -6.98
CA VAL L 160 30.66 -76.64 -7.63
C VAL L 160 31.63 -77.47 -6.79
N ASP L 161 31.21 -77.86 -5.59
CA ASP L 161 32.10 -78.45 -4.59
C ASP L 161 31.56 -79.82 -4.21
N GLY L 162 32.05 -80.35 -3.10
CA GLY L 162 31.80 -81.73 -2.72
C GLY L 162 33.03 -82.39 -2.15
N THR L 163 34.05 -81.58 -1.86
CA THR L 163 35.21 -82.04 -1.10
C THR L 163 34.82 -82.11 0.38
N GLU L 164 35.79 -82.37 1.25
CA GLU L 164 35.54 -82.56 2.67
C GLU L 164 36.25 -81.54 3.55
N ILE L 165 37.08 -80.68 2.98
CA ILE L 165 37.83 -79.70 3.76
C ILE L 165 37.06 -78.41 3.94
N ASP L 166 36.34 -77.96 2.91
CA ASP L 166 35.57 -76.74 3.00
C ASP L 166 34.13 -76.98 3.44
N SER L 167 33.72 -78.24 3.55
CA SER L 167 32.39 -78.53 4.06
C SER L 167 32.21 -78.01 5.48
N SER L 168 33.27 -78.06 6.28
CA SER L 168 33.21 -77.53 7.64
C SER L 168 33.16 -76.01 7.64
N LEU L 169 33.91 -75.37 6.74
CA LEU L 169 33.88 -73.93 6.66
C LEU L 169 32.51 -73.41 6.22
N ARG L 170 31.88 -74.09 5.27
CA ARG L 170 30.52 -73.73 4.88
C ARG L 170 29.57 -73.85 6.07
N ILE L 171 29.68 -74.91 6.84
CA ILE L 171 28.82 -75.11 7.99
C ILE L 171 29.02 -73.99 9.01
N ARG L 172 30.28 -73.67 9.31
CA ARG L 172 30.54 -72.59 10.26
C ARG L 172 30.06 -71.25 9.73
N ALA L 173 30.13 -71.03 8.42
CA ALA L 173 29.63 -69.78 7.86
C ALA L 173 28.13 -69.65 8.05
N ILE L 174 27.37 -70.69 7.67
CA ILE L 174 25.92 -70.63 7.87
C ILE L 174 25.54 -70.60 9.34
N GLN L 175 26.37 -71.17 10.22
CA GLN L 175 26.07 -71.09 11.65
C GLN L 175 26.26 -69.67 12.18
N GLN L 176 27.35 -69.01 11.80
CA GLN L 176 27.50 -67.60 12.13
C GLN L 176 26.35 -66.77 11.57
N MET L 177 25.92 -67.09 10.34
CA MET L 177 24.77 -66.42 9.75
C MET L 177 23.54 -66.53 10.65
N ALA L 178 23.18 -67.76 11.04
CA ALA L 178 22.00 -67.95 11.88
C ALA L 178 22.16 -67.26 13.23
N ARG L 179 23.33 -67.37 13.84
CA ARG L 179 23.57 -66.73 15.13
C ARG L 179 23.41 -65.21 15.07
N ASN L 180 23.86 -64.59 13.98
CA ASN L 180 23.65 -63.15 13.83
C ASN L 180 22.19 -62.80 13.57
N LEU L 181 21.54 -63.57 12.70
CA LEU L 181 20.18 -63.24 12.30
C LEU L 181 19.22 -63.34 13.48
N ARG L 182 19.43 -64.33 14.36
CA ARG L 182 18.55 -64.51 15.50
C ARG L 182 18.57 -63.28 16.41
N THR L 183 19.77 -62.81 16.75
CA THR L 183 19.87 -61.64 17.62
C THR L 183 19.37 -60.39 16.92
N VAL L 184 19.62 -60.26 15.61
CA VAL L 184 19.11 -59.10 14.90
C VAL L 184 17.59 -59.06 14.94
N LEU L 185 16.94 -60.23 14.78
CA LEU L 185 15.49 -60.27 14.87
C LEU L 185 15.01 -59.93 16.28
N ASP L 186 15.63 -60.51 17.30
CA ASP L 186 15.22 -60.23 18.67
C ASP L 186 15.42 -58.77 19.04
N SER L 187 16.36 -58.08 18.38
CA SER L 187 16.67 -56.71 18.76
C SER L 187 15.48 -55.79 18.52
N PHE L 188 14.66 -56.06 17.51
CA PHE L 188 13.50 -55.23 17.26
C PHE L 188 12.45 -55.40 18.36
N GLU L 189 12.19 -56.65 18.77
CA GLU L 189 11.26 -56.89 19.85
C GLU L 189 11.76 -56.26 21.15
N ARG L 190 13.07 -56.20 21.32
CA ARG L 190 13.60 -55.56 22.52
C ARG L 190 13.50 -54.03 22.43
N GLY L 191 13.73 -53.46 21.25
CA GLY L 191 13.67 -52.02 21.09
C GLY L 191 12.28 -51.45 21.00
N THR L 192 11.27 -52.31 20.79
CA THR L 192 9.90 -51.84 20.89
C THR L 192 9.62 -51.28 22.28
N ALA L 193 10.14 -51.94 23.32
CA ALA L 193 9.99 -51.44 24.67
C ALA L 193 10.85 -50.21 24.96
N ASP L 194 11.83 -49.93 24.11
CA ASP L 194 12.62 -48.70 24.25
C ASP L 194 11.98 -47.55 23.50
N GLN L 195 11.22 -47.82 22.45
CA GLN L 195 10.43 -46.76 21.82
C GLN L 195 9.44 -46.17 22.82
N LEU L 196 8.59 -47.01 23.42
CA LEU L 196 7.93 -46.61 24.64
C LEU L 196 8.98 -46.41 25.73
N LEU L 197 8.56 -45.80 26.84
CA LEU L 197 9.50 -45.46 27.92
C LEU L 197 10.61 -44.58 27.35
N GLY L 198 10.20 -43.39 26.94
CA GLY L 198 11.01 -42.53 26.11
C GLY L 198 10.11 -41.78 25.15
N VAL L 199 8.84 -42.18 25.14
CA VAL L 199 7.79 -41.39 24.55
C VAL L 199 6.85 -40.81 25.60
N LEU L 200 6.82 -41.40 26.80
CA LEU L 200 6.00 -40.87 27.89
C LEU L 200 6.77 -39.90 28.77
N LEU L 201 8.11 -39.91 28.70
CA LEU L 201 8.89 -38.97 29.50
C LEU L 201 8.71 -37.54 29.00
N GLU L 202 8.41 -37.37 27.72
CA GLU L 202 8.12 -36.07 27.14
C GLU L 202 6.64 -35.71 27.25
N LYS L 203 5.82 -36.61 27.79
CA LYS L 203 4.40 -36.36 27.98
C LYS L 203 4.04 -36.18 29.44
N ALA L 204 4.89 -36.65 30.35
CA ALA L 204 4.61 -36.56 31.79
C ALA L 204 5.15 -35.26 32.36
N PRO L 205 4.29 -34.39 32.89
CA PRO L 205 4.78 -33.19 33.57
C PRO L 205 5.19 -33.50 34.99
N PRO L 206 5.87 -32.58 35.67
CA PRO L 206 6.32 -32.85 37.04
C PRO L 206 5.16 -32.95 38.02
N LEU L 207 5.30 -33.88 38.96
CA LEU L 207 4.27 -34.10 39.98
C LEU L 207 4.10 -32.90 40.88
N SER L 208 5.20 -32.25 41.25
CA SER L 208 5.14 -31.09 42.15
C SER L 208 4.28 -29.97 41.57
N LEU L 209 4.14 -29.90 40.25
CA LEU L 209 3.25 -28.95 39.62
C LEU L 209 1.89 -29.52 39.29
N LEU L 210 1.82 -30.82 38.98
CA LEU L 210 0.53 -31.40 38.60
C LEU L 210 -0.39 -31.58 39.79
N SER L 211 0.14 -31.84 40.98
CA SER L 211 -0.73 -32.14 42.11
C SER L 211 -1.50 -30.91 42.60
N PRO L 212 -0.87 -29.73 42.82
CA PRO L 212 -1.65 -28.61 43.37
C PRO L 212 -2.60 -28.02 42.33
N ILE L 213 -2.20 -28.06 41.06
CA ILE L 213 -3.06 -27.59 39.98
C ILE L 213 -4.33 -28.41 39.94
N ASN L 214 -4.19 -29.74 39.94
CA ASN L 214 -5.36 -30.61 39.96
C ASN L 214 -6.14 -30.48 41.25
N LYS L 215 -5.49 -30.17 42.37
CA LYS L 215 -6.20 -29.97 43.62
C LYS L 215 -7.09 -28.72 43.57
N PHE L 216 -6.58 -27.63 42.99
CA PHE L 216 -7.32 -26.38 42.92
C PHE L 216 -8.08 -26.34 41.60
N GLN L 217 -9.28 -26.91 41.58
CA GLN L 217 -10.15 -26.92 40.41
C GLN L 217 -11.56 -26.51 40.81
N PRO L 218 -11.77 -25.22 41.07
CA PRO L 218 -13.15 -24.75 41.30
C PRO L 218 -13.93 -24.60 40.01
N GLU L 219 -13.33 -23.96 39.00
CA GLU L 219 -13.99 -23.78 37.71
C GLU L 219 -13.04 -23.86 36.52
N GLY L 220 -11.77 -24.16 36.73
CA GLY L 220 -10.81 -24.20 35.64
C GLY L 220 -10.07 -22.89 35.44
N HIS L 221 -10.79 -21.84 35.06
CA HIS L 221 -10.19 -20.54 34.82
C HIS L 221 -10.29 -19.68 36.07
N LEU L 222 -9.15 -19.19 36.54
CA LEU L 222 -9.09 -18.39 37.75
C LEU L 222 -8.75 -16.94 37.41
N ASN L 223 -9.00 -16.06 38.37
CA ASN L 223 -8.69 -14.65 38.20
C ASN L 223 -7.23 -14.40 38.57
N ARG L 224 -6.79 -13.15 38.48
CA ARG L 224 -5.40 -12.83 38.74
C ARG L 224 -5.03 -13.08 40.21
N VAL L 225 -5.92 -12.76 41.13
CA VAL L 225 -5.62 -12.92 42.55
C VAL L 225 -5.44 -14.41 42.88
N ALA L 226 -6.39 -15.24 42.46
CA ALA L 226 -6.28 -16.67 42.70
C ALA L 226 -5.06 -17.25 42.00
N ARG L 227 -4.75 -16.77 40.79
CA ARG L 227 -3.60 -17.28 40.06
C ARG L 227 -2.31 -16.97 40.81
N ALA L 228 -2.16 -15.75 41.33
CA ALA L 228 -0.95 -15.41 42.08
C ALA L 228 -0.87 -16.19 43.39
N ALA L 229 -1.99 -16.29 44.10
CA ALA L 229 -2.00 -17.04 45.35
C ALA L 229 -1.62 -18.50 45.12
N LEU L 230 -1.99 -19.04 43.96
CA LEU L 230 -1.62 -20.41 43.62
C LEU L 230 -0.15 -20.50 43.23
N LEU L 231 0.36 -19.51 42.49
CA LEU L 231 1.75 -19.50 42.07
C LEU L 231 2.69 -19.48 43.25
N SER L 232 2.33 -18.76 44.32
CA SER L 232 3.17 -18.79 45.51
C SER L 232 3.31 -20.20 46.07
N ASP L 233 2.19 -20.93 46.17
CA ASP L 233 2.23 -22.29 46.68
C ASP L 233 3.02 -23.20 45.75
N LEU L 234 2.89 -22.99 44.44
CA LEU L 234 3.70 -23.74 43.48
C LEU L 234 5.18 -23.52 43.72
N LYS L 235 5.59 -22.27 43.93
CA LYS L 235 7.00 -22.00 44.20
C LYS L 235 7.46 -22.71 45.47
N ARG L 236 6.70 -22.57 46.56
CA ARG L 236 7.09 -23.23 47.81
C ARG L 236 7.19 -24.74 47.63
N ARG L 237 6.21 -25.34 46.95
CA ARG L 237 6.17 -26.78 46.82
C ARG L 237 7.32 -27.29 45.97
N VAL L 238 7.59 -26.63 44.84
CA VAL L 238 8.70 -27.08 44.00
C VAL L 238 10.04 -26.82 44.66
N CYS L 239 10.12 -25.85 45.57
CA CYS L 239 11.37 -25.65 46.30
C CYS L 239 11.58 -26.71 47.37
N ALA L 240 10.52 -27.09 48.07
CA ALA L 240 10.63 -28.03 49.18
C ALA L 240 10.68 -29.49 48.75
N ASP L 241 9.85 -29.90 47.80
CA ASP L 241 9.67 -31.31 47.47
C ASP L 241 10.55 -31.70 46.29
N MET L 242 11.86 -31.68 46.51
CA MET L 242 12.81 -32.00 45.45
C MET L 242 13.17 -33.47 45.43
N PHE L 243 13.71 -33.99 46.52
CA PHE L 243 14.15 -35.39 46.61
C PHE L 243 13.44 -36.05 47.78
N PHE L 244 12.39 -36.83 47.49
CA PHE L 244 11.66 -37.50 48.55
C PHE L 244 12.48 -38.63 49.16
N MET L 245 12.88 -39.61 48.35
CA MET L 245 13.55 -40.80 48.85
C MET L 245 14.88 -40.49 49.51
N THR L 246 15.44 -39.30 49.28
CA THR L 246 16.70 -38.94 49.91
C THR L 246 16.49 -38.15 51.20
N ARG L 247 15.65 -37.12 51.17
CA ARG L 247 15.41 -36.32 52.36
C ARG L 247 14.65 -37.12 53.41
N HIS L 248 13.43 -37.55 53.08
CA HIS L 248 12.63 -38.34 54.00
C HIS L 248 12.88 -39.82 53.82
N ALA L 249 14.15 -40.22 53.89
CA ALA L 249 14.50 -41.63 53.77
C ALA L 249 14.20 -42.39 55.05
N ARG L 250 14.27 -41.72 56.20
CA ARG L 250 14.00 -42.39 57.47
C ARG L 250 12.51 -42.62 57.65
N GLU L 251 11.71 -41.58 57.48
CA GLU L 251 10.27 -41.68 57.66
C GLU L 251 9.64 -42.49 56.54
N PRO L 252 9.06 -43.66 56.81
CA PRO L 252 8.49 -44.49 55.74
C PRO L 252 7.03 -44.26 55.44
N ARG L 253 6.40 -43.23 56.01
CA ARG L 253 5.00 -42.95 55.73
C ARG L 253 4.81 -41.78 54.77
N LEU L 254 5.69 -40.78 54.82
CA LEU L 254 5.62 -39.70 53.86
C LEU L 254 5.79 -40.21 52.44
N ILE L 255 6.61 -41.26 52.26
CA ILE L 255 6.80 -41.82 50.94
C ILE L 255 5.53 -42.48 50.44
N SER L 256 4.84 -43.21 51.31
CA SER L 256 3.55 -43.79 50.93
C SER L 256 2.54 -42.70 50.62
N ALA L 257 2.57 -41.61 51.38
CA ALA L 257 1.68 -40.49 51.09
C ALA L 257 1.97 -39.91 49.70
N TYR L 258 3.25 -39.72 49.38
CA TYR L 258 3.61 -39.20 48.06
C TYR L 258 3.17 -40.15 46.96
N LEU L 259 3.33 -41.45 47.17
CA LEU L 259 2.91 -42.42 46.15
C LEU L 259 1.41 -42.38 45.93
N SER L 260 0.64 -42.35 47.01
CA SER L 260 -0.82 -42.25 46.88
C SER L 260 -1.22 -40.96 46.18
N ASP L 261 -0.58 -39.84 46.52
CA ASP L 261 -0.88 -38.57 45.88
C ASP L 261 -0.59 -38.63 44.39
N MET L 262 0.55 -39.22 44.01
CA MET L 262 0.88 -39.32 42.60
C MET L 262 -0.11 -40.22 41.86
N VAL L 263 -0.51 -41.32 42.48
CA VAL L 263 -1.42 -42.24 41.83
C VAL L 263 -2.79 -41.57 41.61
N SER L 264 -3.32 -40.94 42.65
CA SER L 264 -4.60 -40.27 42.53
C SER L 264 -4.44 -38.83 42.04
N CYS L 265 -3.71 -38.65 40.95
CA CYS L 265 -3.46 -37.33 40.39
C CYS L 265 -3.80 -37.24 38.91
N THR L 266 -3.58 -38.30 38.15
CA THR L 266 -3.85 -38.28 36.72
C THR L 266 -5.30 -38.70 36.46
N GLN L 267 -5.72 -38.53 35.21
CA GLN L 267 -7.07 -38.89 34.81
C GLN L 267 -7.07 -40.09 33.88
N PRO L 268 -8.02 -41.01 34.03
CA PRO L 268 -8.05 -42.18 33.15
C PRO L 268 -8.42 -41.84 31.72
N SER L 269 -8.50 -42.88 30.87
CA SER L 269 -8.84 -42.72 29.42
C SER L 269 -9.70 -43.90 28.93
N VAL L 270 -10.17 -43.81 27.66
CA VAL L 270 -11.06 -44.78 26.94
C VAL L 270 -10.90 -46.21 27.45
N MET L 271 -12.03 -46.86 27.81
CA MET L 271 -11.95 -48.17 28.43
C MET L 271 -12.46 -49.30 27.53
N VAL L 272 -12.66 -49.04 26.24
CA VAL L 272 -13.17 -50.09 25.36
C VAL L 272 -12.10 -51.16 25.17
N SER L 273 -12.46 -52.40 25.48
CA SER L 273 -11.56 -53.54 25.35
C SER L 273 -12.39 -54.81 25.47
N ARG L 274 -11.77 -55.92 25.07
CA ARG L 274 -12.33 -57.25 25.27
C ARG L 274 -11.60 -58.02 26.36
N ILE L 275 -10.27 -58.12 26.25
CA ILE L 275 -9.43 -58.76 27.26
C ILE L 275 -8.33 -57.79 27.65
N THR L 276 -7.97 -57.79 28.93
CA THR L 276 -6.96 -56.88 29.43
C THR L 276 -6.17 -57.56 30.54
N HIS L 277 -5.14 -56.86 31.01
CA HIS L 277 -4.29 -57.40 32.06
C HIS L 277 -5.06 -57.45 33.37
N THR L 278 -5.03 -58.62 34.02
CA THR L 278 -5.71 -58.80 35.29
C THR L 278 -4.94 -59.81 36.13
N ASN L 279 -5.22 -59.78 37.43
CA ASN L 279 -4.55 -60.67 38.36
C ASN L 279 -5.20 -62.05 38.30
N THR L 280 -4.83 -62.93 39.24
CA THR L 280 -5.37 -64.27 39.24
C THR L 280 -6.82 -64.30 39.71
N ARG L 281 -7.21 -63.38 40.60
CA ARG L 281 -8.59 -63.35 41.08
C ARG L 281 -9.53 -62.87 39.99
N GLY L 282 -9.17 -61.78 39.30
CA GLY L 282 -10.02 -61.23 38.26
C GLY L 282 -10.04 -59.72 38.26
N ARG L 283 -9.43 -59.11 39.27
CA ARG L 283 -9.37 -57.66 39.34
C ARG L 283 -8.49 -57.10 38.24
N GLN L 284 -8.94 -56.01 37.64
CA GLN L 284 -8.20 -55.39 36.55
C GLN L 284 -7.10 -54.49 37.09
N VAL L 285 -5.98 -54.45 36.39
CA VAL L 285 -4.91 -53.53 36.75
C VAL L 285 -5.20 -52.15 36.18
N ASP L 286 -4.52 -51.15 36.72
CA ASP L 286 -4.82 -49.76 36.38
C ASP L 286 -3.66 -49.03 35.72
N GLY L 287 -2.46 -49.09 36.29
CA GLY L 287 -1.35 -48.32 35.77
C GLY L 287 -0.04 -49.07 35.92
N VAL L 288 1.04 -48.39 35.52
CA VAL L 288 2.39 -48.93 35.58
C VAL L 288 3.25 -47.96 36.37
N LEU L 289 4.20 -48.51 37.13
CA LEU L 289 5.15 -47.70 37.91
C LEU L 289 6.54 -48.22 37.58
N VAL L 290 7.30 -47.44 36.80
CA VAL L 290 8.61 -47.83 36.33
C VAL L 290 9.66 -47.09 37.15
N THR L 291 10.65 -47.83 37.65
CA THR L 291 11.68 -47.25 38.52
C THR L 291 13.00 -47.93 38.25
N THR L 292 14.03 -47.50 38.97
CA THR L 292 15.31 -48.17 39.04
C THR L 292 15.21 -49.32 40.02
N ALA L 293 16.12 -50.30 39.89
CA ALA L 293 16.10 -51.45 40.78
C ALA L 293 16.30 -51.05 42.24
N THR L 294 17.14 -50.04 42.48
CA THR L 294 17.38 -49.59 43.86
C THR L 294 16.09 -49.05 44.49
N LEU L 295 15.44 -48.11 43.82
CA LEU L 295 14.18 -47.59 44.32
C LEU L 295 13.13 -48.68 44.42
N LYS L 296 13.16 -49.66 43.51
CA LYS L 296 12.22 -50.77 43.58
C LYS L 296 12.41 -51.55 44.87
N ARG L 297 13.64 -51.89 45.20
CA ARG L 297 13.90 -52.63 46.44
C ARG L 297 13.51 -51.79 47.66
N GLN L 298 13.86 -50.50 47.63
CA GLN L 298 13.52 -49.64 48.75
C GLN L 298 12.01 -49.51 48.94
N LEU L 299 11.25 -49.58 47.86
CA LEU L 299 9.79 -49.53 47.97
C LEU L 299 9.22 -50.86 48.43
N LEU L 300 9.74 -51.96 47.91
CA LEU L 300 9.21 -53.28 48.20
C LEU L 300 9.58 -53.78 49.60
N GLN L 301 10.62 -53.24 50.23
CA GLN L 301 11.01 -53.77 51.52
C GLN L 301 9.92 -53.57 52.57
N GLY L 302 9.51 -52.32 52.82
CA GLY L 302 8.53 -52.08 53.84
C GLY L 302 7.53 -50.98 53.57
N ILE L 303 7.62 -50.33 52.41
CA ILE L 303 6.73 -49.21 52.10
C ILE L 303 5.45 -49.73 51.48
N LEU L 304 5.57 -50.43 50.36
CA LEU L 304 4.44 -51.00 49.67
C LEU L 304 4.30 -52.48 50.01
N GLN L 305 3.12 -53.02 49.77
CA GLN L 305 2.82 -54.43 49.98
C GLN L 305 2.48 -55.07 48.65
N ILE L 306 2.99 -56.28 48.44
CA ILE L 306 2.75 -56.99 47.19
C ILE L 306 1.42 -57.71 47.26
N ASP L 307 0.67 -57.65 46.17
CA ASP L 307 -0.64 -58.30 46.08
C ASP L 307 -0.60 -59.65 45.40
N ASP L 308 0.14 -59.76 44.30
CA ASP L 308 0.23 -61.02 43.57
C ASP L 308 1.57 -61.10 42.85
N THR L 309 1.94 -62.32 42.49
CA THR L 309 3.20 -62.56 41.81
C THR L 309 3.03 -62.94 40.34
N ALA L 310 1.88 -63.49 39.97
CA ALA L 310 1.57 -63.83 38.59
C ALA L 310 0.35 -63.05 38.14
N ALA L 311 0.29 -62.79 36.82
CA ALA L 311 -0.80 -62.01 36.25
C ALA L 311 -1.23 -62.65 34.95
N ASP L 312 -2.41 -62.23 34.48
CA ASP L 312 -2.99 -62.72 33.24
C ASP L 312 -2.82 -61.64 32.17
N VAL L 313 -2.13 -61.97 31.08
CA VAL L 313 -1.77 -61.01 30.06
C VAL L 313 -2.26 -61.51 28.71
N PRO L 314 -2.83 -60.64 27.87
CA PRO L 314 -3.19 -61.07 26.51
C PRO L 314 -1.96 -61.47 25.72
N VAL L 315 -2.18 -62.32 24.71
CA VAL L 315 -1.09 -62.87 23.92
C VAL L 315 -1.14 -62.45 22.46
N THR L 316 -2.29 -61.99 21.96
CA THR L 316 -2.44 -61.60 20.58
C THR L 316 -2.26 -60.09 20.43
N TYR L 317 -1.85 -59.67 19.24
CA TYR L 317 -1.67 -58.25 18.97
C TYR L 317 -3.00 -57.59 18.59
N GLY L 318 -3.62 -58.07 17.52
CA GLY L 318 -4.81 -57.43 17.00
C GLY L 318 -4.47 -56.48 15.87
N GLU L 319 -4.93 -56.80 14.67
CA GLU L 319 -4.54 -56.05 13.47
C GLU L 319 -5.79 -55.56 12.75
N MET L 320 -5.56 -54.85 11.64
CA MET L 320 -6.64 -54.39 10.78
C MET L 320 -6.08 -54.11 9.40
N VAL L 321 -6.83 -54.48 8.37
CA VAL L 321 -6.48 -54.26 6.98
C VAL L 321 -7.68 -53.64 6.27
N LEU L 322 -7.41 -52.73 5.34
CA LEU L 322 -8.47 -52.09 4.59
C LEU L 322 -8.86 -52.96 3.40
N GLN L 323 -10.14 -53.29 3.29
CA GLN L 323 -10.66 -54.12 2.20
C GLN L 323 -12.04 -53.61 1.82
N GLY L 324 -12.64 -54.28 0.84
CA GLY L 324 -14.01 -53.95 0.45
C GLY L 324 -14.10 -52.54 -0.06
N THR L 325 -15.09 -51.79 0.46
CA THR L 325 -15.30 -50.41 0.04
C THR L 325 -14.15 -49.49 0.42
N ASN L 326 -13.41 -49.82 1.48
CA ASN L 326 -12.26 -49.00 1.85
C ASN L 326 -11.22 -48.98 0.74
N LEU L 327 -10.96 -50.14 0.14
CA LEU L 327 -9.96 -50.19 -0.93
C LEU L 327 -10.38 -49.35 -2.12
N VAL L 328 -11.64 -49.42 -2.52
CA VAL L 328 -12.07 -48.70 -3.72
C VAL L 328 -12.15 -47.20 -3.43
N THR L 329 -12.50 -46.81 -2.20
CA THR L 329 -12.54 -45.40 -1.89
C THR L 329 -11.16 -44.82 -1.58
N ALA L 330 -10.16 -45.67 -1.32
CA ALA L 330 -8.83 -45.17 -1.04
C ALA L 330 -8.06 -44.75 -2.28
N LEU L 331 -8.57 -45.07 -3.48
CA LEU L 331 -7.88 -44.72 -4.71
C LEU L 331 -8.55 -43.60 -5.50
N VAL L 332 -9.87 -43.68 -5.68
CA VAL L 332 -10.56 -42.65 -6.46
C VAL L 332 -10.80 -41.41 -5.64
N MET L 333 -11.10 -41.56 -4.34
CA MET L 333 -11.35 -40.44 -3.45
C MET L 333 -10.09 -39.92 -2.80
N GLY L 334 -9.28 -40.79 -2.21
CA GLY L 334 -8.14 -40.38 -1.42
C GLY L 334 -8.39 -40.32 0.07
N LYS L 335 -9.44 -40.97 0.56
CA LYS L 335 -9.76 -40.99 1.98
C LYS L 335 -10.19 -42.39 2.38
N ALA L 336 -10.22 -42.63 3.69
CA ALA L 336 -10.61 -43.93 4.22
C ALA L 336 -11.09 -43.75 5.64
N VAL L 337 -11.90 -44.70 6.09
CA VAL L 337 -12.49 -44.69 7.42
C VAL L 337 -12.53 -46.13 7.94
N ARG L 338 -12.13 -46.32 9.19
CA ARG L 338 -12.14 -47.65 9.78
C ARG L 338 -13.56 -48.17 9.90
N GLY L 339 -13.69 -49.50 9.80
CA GLY L 339 -14.98 -50.15 9.95
C GLY L 339 -15.80 -50.18 8.68
N MET L 340 -16.37 -49.04 8.30
CA MET L 340 -17.20 -48.92 7.10
C MET L 340 -18.39 -49.90 7.12
N ASP L 341 -18.91 -50.19 8.31
CA ASP L 341 -20.10 -51.01 8.46
C ASP L 341 -21.24 -50.24 9.11
N ASP L 342 -21.19 -48.91 9.07
CA ASP L 342 -22.21 -48.08 9.71
C ASP L 342 -23.47 -48.10 8.87
N VAL L 343 -24.54 -48.67 9.43
CA VAL L 343 -25.82 -48.73 8.72
C VAL L 343 -26.67 -47.50 8.95
N ALA L 344 -26.43 -46.73 10.00
CA ALA L 344 -27.19 -45.53 10.29
C ALA L 344 -26.54 -44.31 9.64
N ASN L 377 -4.58 -65.00 26.56
CA ASN L 377 -4.40 -65.10 27.99
C ASN L 377 -3.26 -66.05 28.34
N ALA L 378 -2.48 -65.69 29.35
CA ALA L 378 -1.35 -66.51 29.77
C ALA L 378 -0.89 -66.06 31.15
N ARG L 379 -0.58 -67.02 32.02
CA ARG L 379 -0.03 -66.70 33.33
C ARG L 379 1.42 -66.30 33.18
N VAL L 380 1.74 -65.06 33.55
CA VAL L 380 3.08 -64.50 33.41
C VAL L 380 3.52 -63.99 34.78
N PRO L 381 4.72 -64.33 35.24
CA PRO L 381 5.17 -63.83 36.55
C PRO L 381 5.43 -62.34 36.50
N ALA L 382 4.77 -61.60 37.39
CA ALA L 382 4.94 -60.15 37.48
C ALA L 382 4.39 -59.66 38.80
N ASP L 383 5.18 -58.89 39.53
CA ASP L 383 4.75 -58.38 40.82
C ASP L 383 3.65 -57.35 40.66
N LEU L 384 2.70 -57.37 41.60
CA LEU L 384 1.58 -56.44 41.59
C LEU L 384 1.39 -55.89 42.99
N VAL L 385 1.39 -54.57 43.11
CA VAL L 385 1.26 -53.91 44.41
C VAL L 385 -0.08 -53.20 44.46
N ILE L 386 -0.46 -52.77 45.66
CA ILE L 386 -1.70 -52.04 45.90
C ILE L 386 -1.31 -50.72 46.55
N VAL L 387 -1.18 -49.68 45.73
CA VAL L 387 -0.89 -48.33 46.21
C VAL L 387 -2.16 -47.50 46.09
N GLY L 388 -2.41 -46.68 47.12
CA GLY L 388 -3.64 -45.91 47.16
C GLY L 388 -4.84 -46.83 47.27
N ASP L 389 -5.62 -46.92 46.19
CA ASP L 389 -6.73 -47.85 46.15
C ASP L 389 -6.77 -48.61 44.83
N LYS L 390 -5.63 -48.67 44.14
CA LYS L 390 -5.55 -49.25 42.80
C LYS L 390 -4.57 -50.41 42.81
N LEU L 391 -4.58 -51.16 41.72
CA LEU L 391 -3.67 -52.30 41.51
C LEU L 391 -2.81 -51.99 40.30
N VAL L 392 -1.55 -51.65 40.54
CA VAL L 392 -0.66 -51.21 39.47
C VAL L 392 0.49 -52.19 39.34
N PHE L 393 1.02 -52.26 38.12
CA PHE L 393 2.25 -53.01 37.88
C PHE L 393 3.45 -52.22 38.39
N LEU L 394 4.49 -52.95 38.79
CA LEU L 394 5.75 -52.34 39.19
C LEU L 394 6.86 -52.96 38.35
N GLU L 395 7.64 -52.12 37.68
CA GLU L 395 8.70 -52.59 36.80
C GLU L 395 9.99 -51.84 37.10
N ALA L 396 11.10 -52.57 37.01
CA ALA L 396 12.45 -52.03 37.17
C ALA L 396 13.36 -52.59 36.10
N LEU L 397 12.93 -52.50 34.84
CA LEU L 397 13.60 -53.20 33.75
C LEU L 397 15.02 -52.70 33.55
N GLU L 398 15.99 -53.49 34.01
CA GLU L 398 17.40 -53.24 33.73
C GLU L 398 18.16 -54.52 33.37
N ARG L 399 17.60 -55.69 33.63
CA ARG L 399 18.24 -56.96 33.28
C ARG L 399 17.66 -57.57 32.02
N ARG L 400 16.34 -57.53 31.84
CA ARG L 400 15.76 -58.01 30.60
C ARG L 400 16.13 -57.09 29.44
N VAL L 401 16.19 -55.79 29.69
CA VAL L 401 16.53 -54.79 28.69
C VAL L 401 17.65 -53.92 29.25
N TYR L 402 18.41 -53.30 28.36
CA TYR L 402 19.51 -52.40 28.74
C TYR L 402 20.61 -53.12 29.50
N GLN L 403 20.73 -54.43 29.30
CA GLN L 403 21.75 -55.24 29.97
C GLN L 403 22.76 -55.72 28.94
N ALA L 404 24.04 -55.48 29.21
CA ALA L 404 25.14 -55.91 28.34
C ALA L 404 24.98 -55.36 26.93
N THR L 405 24.48 -54.13 26.83
CA THR L 405 24.35 -53.43 25.56
C THR L 405 25.15 -52.14 25.63
N ARG L 406 25.06 -51.34 24.56
CA ARG L 406 25.79 -50.09 24.46
C ARG L 406 24.89 -48.88 24.60
N VAL L 407 23.73 -49.05 25.22
CA VAL L 407 22.76 -47.96 25.36
C VAL L 407 22.58 -47.66 26.84
N ALA L 408 22.56 -46.37 27.17
CA ALA L 408 22.35 -45.94 28.54
C ALA L 408 20.91 -46.17 28.97
N TYR L 409 20.73 -46.38 30.26
CA TYR L 409 19.39 -46.59 30.79
C TYR L 409 18.74 -45.25 31.11
N PRO L 410 17.55 -44.98 30.60
CA PRO L 410 16.85 -43.74 30.97
C PRO L 410 16.43 -43.75 32.44
N LEU L 411 15.70 -42.72 32.85
CA LEU L 411 15.33 -42.48 34.24
C LEU L 411 16.55 -42.13 35.10
N ILE L 412 17.67 -41.77 34.47
CA ILE L 412 18.86 -41.31 35.17
C ILE L 412 19.15 -39.90 34.68
N GLY L 413 18.08 -39.14 34.42
CA GLY L 413 18.23 -37.80 33.88
C GLY L 413 18.96 -36.87 34.83
N ASN L 414 19.07 -35.62 34.40
CA ASN L 414 19.81 -34.61 35.12
C ASN L 414 18.91 -33.44 35.50
N ILE L 415 19.43 -32.62 36.40
CA ILE L 415 18.73 -31.43 36.89
C ILE L 415 19.75 -30.30 36.97
N ASP L 416 19.40 -29.15 36.40
CA ASP L 416 20.25 -27.98 36.44
C ASP L 416 19.72 -26.99 37.47
N ILE L 417 20.61 -26.47 38.30
CA ILE L 417 20.25 -25.55 39.37
C ILE L 417 21.28 -24.43 39.42
N THR L 418 20.81 -23.19 39.57
CA THR L 418 21.69 -22.04 39.62
C THR L 418 21.79 -21.51 41.04
N PHE L 419 22.96 -20.95 41.36
CA PHE L 419 23.22 -20.35 42.66
C PHE L 419 23.72 -18.93 42.45
N ILE L 420 23.37 -18.05 43.39
CA ILE L 420 23.74 -16.65 43.34
C ILE L 420 24.26 -16.24 44.70
N MET L 421 25.32 -15.42 44.70
CA MET L 421 25.96 -14.98 45.95
C MET L 421 26.52 -13.57 45.82
N PRO L 422 26.25 -12.69 46.77
CA PRO L 422 26.88 -11.36 46.75
C PRO L 422 28.33 -11.45 47.18
N MET L 423 29.13 -10.48 46.72
CA MET L 423 30.57 -10.51 46.94
C MET L 423 31.06 -9.39 47.84
N GLY L 424 30.80 -8.13 47.48
CA GLY L 424 31.38 -7.03 48.22
C GLY L 424 30.38 -6.04 48.78
N VAL L 425 29.21 -6.53 49.20
CA VAL L 425 28.18 -5.64 49.74
C VAL L 425 28.61 -5.12 51.09
N PHE L 426 28.40 -3.83 51.32
CA PHE L 426 28.71 -3.18 52.59
C PHE L 426 27.44 -2.48 53.08
N GLN L 427 26.89 -2.96 54.19
CA GLN L 427 25.67 -2.38 54.76
C GLN L 427 26.00 -1.01 55.33
N ALA L 428 25.72 0.04 54.56
CA ALA L 428 26.01 1.41 54.99
C ALA L 428 24.89 1.88 55.91
N ASN L 429 25.01 1.48 57.18
CA ASN L 429 24.04 1.89 58.19
C ASN L 429 24.64 1.65 59.56
N SER L 430 24.49 2.63 60.45
CA SER L 430 25.02 2.52 61.79
C SER L 430 24.26 1.52 62.65
N MET L 431 22.99 1.28 62.35
CA MET L 431 22.19 0.38 63.16
C MET L 431 22.35 -1.09 62.76
N ASP L 432 22.96 -1.36 61.60
CA ASP L 432 23.10 -2.74 61.15
C ASP L 432 24.49 -3.31 61.41
N ARG L 433 25.49 -2.46 61.66
CA ARG L 433 26.83 -2.93 61.97
C ARG L 433 26.97 -3.00 63.49
N TYR L 434 26.40 -4.07 64.05
CA TYR L 434 26.40 -4.27 65.49
C TYR L 434 27.00 -5.63 65.82
N THR L 435 26.90 -6.05 67.08
CA THR L 435 27.33 -7.38 67.48
C THR L 435 26.37 -7.93 68.52
N ARG L 436 26.27 -9.25 68.59
CA ARG L 436 25.24 -9.89 69.40
C ARG L 436 25.63 -10.11 70.85
N HIS L 437 26.92 -10.17 71.15
CA HIS L 437 27.39 -10.23 72.53
C HIS L 437 28.56 -9.25 72.68
N ALA L 438 29.17 -9.23 73.86
CA ALA L 438 30.23 -8.27 74.11
C ALA L 438 31.55 -8.76 73.52
N GLY L 439 32.06 -9.88 74.01
CA GLY L 439 33.31 -10.43 73.50
C GLY L 439 33.11 -11.46 72.42
N ASP L 440 32.52 -11.07 71.29
CA ASP L 440 32.24 -12.01 70.21
C ASP L 440 33.53 -12.58 69.63
N PHE L 441 34.34 -11.74 69.00
CA PHE L 441 35.63 -12.15 68.44
C PHE L 441 36.64 -11.09 68.82
N SER L 442 37.24 -11.24 70.00
CA SER L 442 38.26 -10.30 70.42
C SER L 442 39.57 -10.57 69.68
N THR L 443 40.42 -9.57 69.64
CA THR L 443 41.74 -9.68 69.03
C THR L 443 42.76 -9.04 69.95
N VAL L 444 44.02 -9.03 69.51
CA VAL L 444 45.09 -8.41 70.27
C VAL L 444 45.39 -7.04 69.65
N SER L 445 45.16 -6.92 68.35
CA SER L 445 45.43 -5.68 67.65
C SER L 445 44.54 -4.56 68.18
N GLU L 446 45.04 -3.33 68.09
CA GLU L 446 44.30 -2.17 68.58
C GLU L 446 43.10 -1.86 67.70
N GLN L 447 43.10 -2.31 66.45
CA GLN L 447 42.00 -2.04 65.52
C GLN L 447 41.47 -3.38 65.02
N ASP L 448 40.21 -3.66 65.33
CA ASP L 448 39.58 -4.90 64.90
C ASP L 448 39.46 -4.93 63.39
N PRO L 449 40.11 -5.85 62.70
CA PRO L 449 40.01 -5.96 61.24
C PRO L 449 38.74 -6.64 60.78
N ARG L 450 37.61 -6.25 61.39
CA ARG L 450 36.31 -6.76 61.00
C ARG L 450 35.30 -5.64 60.80
N GLN L 451 35.74 -4.39 60.85
CA GLN L 451 34.88 -3.26 60.54
C GLN L 451 35.06 -2.75 59.12
N PHE L 452 36.22 -3.04 58.50
CA PHE L 452 36.44 -2.63 57.13
C PHE L 452 35.57 -3.45 56.19
N PRO L 453 35.16 -2.87 55.06
CA PRO L 453 34.28 -3.60 54.13
C PRO L 453 34.97 -4.83 53.57
N PRO L 454 34.27 -5.94 53.49
CA PRO L 454 34.88 -7.17 52.97
C PRO L 454 35.06 -7.10 51.46
N GLN L 455 35.81 -8.08 50.95
CA GLN L 455 36.13 -8.14 49.53
C GLN L 455 35.80 -9.49 48.90
N GLY L 456 35.93 -10.58 49.64
CA GLY L 456 35.70 -11.91 49.12
C GLY L 456 34.50 -12.61 49.74
N ILE L 457 34.28 -13.83 49.28
CA ILE L 457 33.22 -14.68 49.80
C ILE L 457 33.77 -16.09 49.98
N PHE L 458 33.28 -16.79 51.00
CA PHE L 458 33.73 -18.13 51.34
C PHE L 458 32.54 -19.08 51.26
N PHE L 459 32.79 -20.30 50.80
CA PHE L 459 31.75 -21.32 50.70
C PHE L 459 32.42 -22.68 50.59
N TYR L 460 31.59 -23.70 50.41
CA TYR L 460 32.07 -25.08 50.36
C TYR L 460 32.13 -25.59 48.92
N ASN L 461 33.01 -26.56 48.71
CA ASN L 461 33.22 -27.14 47.39
C ASN L 461 32.25 -28.30 47.17
N LYS L 462 32.50 -29.09 46.14
CA LYS L 462 31.68 -30.27 45.88
C LYS L 462 31.89 -31.34 46.94
N ASP L 463 33.09 -31.41 47.51
CA ASP L 463 33.42 -32.44 48.49
C ASP L 463 33.57 -31.88 49.89
N GLY L 464 33.20 -30.63 50.13
CA GLY L 464 33.29 -30.05 51.44
C GLY L 464 34.55 -29.25 51.73
N ILE L 465 35.30 -28.89 50.70
CA ILE L 465 36.51 -28.09 50.88
C ILE L 465 36.15 -26.61 50.83
N LEU L 466 36.84 -25.82 51.62
CA LEU L 466 36.61 -24.38 51.63
C LEU L 466 37.17 -23.76 50.36
N THR L 467 36.42 -22.84 49.77
CA THR L 467 36.88 -22.08 48.62
C THR L 467 36.71 -20.60 48.91
N GLN L 468 37.26 -19.77 48.02
CA GLN L 468 37.20 -18.33 48.21
C GLN L 468 37.11 -17.64 46.86
N LEU L 469 36.24 -16.64 46.78
CA LEU L 469 36.07 -15.81 45.60
C LEU L 469 36.29 -14.36 46.02
N THR L 470 37.48 -13.84 45.73
CA THR L 470 37.79 -12.46 46.05
C THR L 470 37.46 -11.56 44.87
N LEU L 471 37.76 -10.27 45.01
CA LEU L 471 37.49 -9.32 43.94
C LEU L 471 38.44 -9.49 42.77
N ARG L 472 39.63 -10.04 43.01
CA ARG L 472 40.60 -10.21 41.92
C ARG L 472 40.07 -11.16 40.85
N ASP L 473 39.18 -12.08 41.20
CA ASP L 473 38.64 -13.01 40.23
C ASP L 473 37.74 -12.33 39.20
N ALA L 474 37.29 -11.11 39.46
CA ALA L 474 36.39 -10.41 38.55
C ALA L 474 37.14 -9.53 37.56
N MET L 475 38.44 -9.74 37.40
CA MET L 475 39.25 -8.93 36.49
C MET L 475 39.18 -9.42 35.05
N GLY L 476 38.27 -10.33 34.75
CA GLY L 476 38.14 -10.84 33.40
C GLY L 476 36.89 -10.32 32.71
N THR L 477 35.96 -9.78 33.49
CA THR L 477 34.70 -9.27 32.97
C THR L 477 34.59 -7.76 33.05
N ILE L 478 35.32 -7.11 33.94
CA ILE L 478 35.24 -5.66 34.09
C ILE L 478 36.39 -4.93 33.41
N CYS L 479 37.51 -5.59 33.17
CA CYS L 479 38.66 -4.99 32.52
C CYS L 479 38.69 -5.30 31.03
N HIS L 480 37.53 -5.40 30.39
CA HIS L 480 37.43 -5.61 28.96
C HIS L 480 37.08 -4.31 28.25
N SER L 481 37.31 -4.29 26.94
CA SER L 481 36.94 -3.12 26.17
C SER L 481 35.45 -2.89 26.10
N SER L 482 34.64 -3.88 26.50
CA SER L 482 33.19 -3.74 26.47
C SER L 482 32.67 -2.70 27.45
N LEU L 483 33.52 -2.22 28.36
CA LEU L 483 33.12 -1.17 29.29
C LEU L 483 32.92 0.18 28.59
N LEU L 484 33.39 0.32 27.36
CA LEU L 484 33.37 1.60 26.65
C LEU L 484 32.71 1.43 25.28
N ASP L 485 31.53 0.81 25.26
CA ASP L 485 30.81 0.56 24.03
C ASP L 485 29.43 1.20 24.10
N VAL L 486 29.38 2.47 24.48
CA VAL L 486 28.13 3.16 24.81
C VAL L 486 27.52 3.78 23.57
N GLU L 487 28.04 3.44 22.38
CA GLU L 487 27.56 4.06 21.16
C GLU L 487 26.11 3.68 20.87
N ALA L 488 25.81 2.39 20.90
CA ALA L 488 24.44 1.94 20.64
C ALA L 488 23.48 2.46 21.70
N THR L 489 23.93 2.52 22.96
CA THR L 489 23.08 3.08 24.01
C THR L 489 22.78 4.55 23.75
N LEU L 490 23.79 5.32 23.34
CA LEU L 490 23.55 6.72 23.01
C LEU L 490 22.60 6.85 21.82
N VAL L 491 22.72 5.97 20.83
CA VAL L 491 21.82 6.03 19.68
C VAL L 491 20.39 5.74 20.12
N ALA L 492 20.19 4.69 20.90
CA ALA L 492 18.85 4.35 21.36
C ALA L 492 18.26 5.45 22.23
N LEU L 493 19.10 6.13 23.03
CA LEU L 493 18.61 7.22 23.85
C LEU L 493 18.22 8.42 22.99
N ARG L 494 19.08 8.80 22.05
CA ARG L 494 18.77 9.94 21.18
C ARG L 494 17.56 9.67 20.31
N GLN L 495 17.25 8.40 20.03
CA GLN L 495 16.07 8.08 19.23
C GLN L 495 14.80 8.60 19.91
N GLN L 496 14.53 8.13 21.12
CA GLN L 496 13.30 8.49 21.80
C GLN L 496 13.25 9.98 22.09
N HIS L 497 12.05 10.55 22.04
CA HIS L 497 11.88 11.97 22.25
C HIS L 497 12.01 12.31 23.73
N LEU L 498 12.66 13.42 24.03
CA LEU L 498 12.82 13.90 25.39
C LEU L 498 13.17 15.38 25.33
N ASP L 499 12.43 16.20 26.08
CA ASP L 499 12.68 17.64 26.12
C ASP L 499 13.23 18.02 27.48
N ARG L 500 14.07 19.06 27.49
CA ARG L 500 14.70 19.53 28.71
C ARG L 500 15.27 20.91 28.47
N GLN L 501 15.34 21.69 29.55
CA GLN L 501 15.88 23.05 29.50
C GLN L 501 16.92 23.21 30.60
N CYS L 502 17.32 24.46 30.87
CA CYS L 502 18.30 24.77 31.92
C CYS L 502 19.63 24.07 31.65
N TYR L 503 20.26 24.50 30.56
CA TYR L 503 21.56 23.98 30.13
C TYR L 503 22.72 24.67 30.82
N PHE L 504 22.50 25.19 32.04
CA PHE L 504 23.52 25.94 32.75
C PHE L 504 24.77 25.10 32.98
N GLY L 505 24.62 23.96 33.65
CA GLY L 505 25.78 23.20 34.06
C GLY L 505 26.33 22.23 33.02
N VAL L 506 26.03 22.47 31.74
CA VAL L 506 26.50 21.58 30.69
C VAL L 506 27.12 22.38 29.55
N TYR L 507 26.99 23.70 29.60
CA TYR L 507 27.48 24.56 28.53
C TYR L 507 28.78 25.24 28.95
N VAL L 508 29.68 25.44 27.97
CA VAL L 508 30.96 26.09 28.18
C VAL L 508 31.07 27.26 27.24
N ALA L 509 31.72 28.34 27.69
CA ALA L 509 31.93 29.52 26.87
C ALA L 509 33.38 29.94 26.88
N GLU L 510 33.69 31.10 26.29
CA GLU L 510 35.06 31.61 26.29
C GLU L 510 35.09 33.03 26.82
N GLY L 511 36.28 33.64 26.82
CA GLY L 511 36.45 34.97 27.36
C GLY L 511 36.38 36.06 26.31
N THR L 512 35.89 37.23 26.72
CA THR L 512 35.74 38.38 25.83
C THR L 512 36.79 39.45 26.11
N GLU L 513 37.96 39.05 26.61
CA GLU L 513 39.10 39.94 26.84
C GLU L 513 38.81 41.02 27.87
N ASP L 514 37.71 40.90 28.61
CA ASP L 514 37.52 41.74 29.79
C ASP L 514 38.38 41.21 30.93
N THR L 515 38.47 41.99 32.01
CA THR L 515 39.46 41.62 33.03
C THR L 515 38.96 40.45 33.89
N LEU L 516 38.04 40.72 34.82
CA LEU L 516 37.24 39.65 35.41
C LEU L 516 35.84 40.14 35.72
N ASP L 517 35.71 41.45 35.95
CA ASP L 517 34.52 41.98 36.62
C ASP L 517 33.35 42.14 35.67
N VAL L 518 33.60 42.66 34.45
CA VAL L 518 32.53 42.77 33.47
C VAL L 518 31.96 41.40 33.15
N GLN L 519 32.85 40.41 32.96
CA GLN L 519 32.40 39.06 32.67
C GLN L 519 31.65 38.45 33.86
N MET L 520 32.11 38.73 35.08
CA MET L 520 31.41 38.20 36.25
C MET L 520 30.02 38.80 36.37
N GLY L 521 29.87 40.09 36.12
CA GLY L 521 28.55 40.70 36.17
C GLY L 521 27.63 40.19 35.08
N ARG L 522 28.16 40.02 33.87
CA ARG L 522 27.38 39.44 32.79
C ARG L 522 26.91 38.03 33.16
N PHE L 523 27.80 37.22 33.73
CA PHE L 523 27.43 35.88 34.14
C PHE L 523 26.38 35.92 35.24
N MET L 524 26.51 36.86 36.18
CA MET L 524 25.51 36.98 37.24
C MET L 524 24.13 37.23 36.65
N GLU L 525 24.01 38.27 35.81
CA GLU L 525 22.71 38.59 35.22
C GLU L 525 22.17 37.43 34.40
N THR L 526 23.00 36.87 33.50
CA THR L 526 22.55 35.77 32.67
C THR L 526 22.10 34.59 33.52
N TRP L 527 23.02 33.97 34.26
CA TRP L 527 22.69 32.85 35.13
C TRP L 527 21.50 33.14 36.04
N ALA L 528 21.22 34.41 36.35
CA ALA L 528 19.99 34.72 37.06
C ALA L 528 18.77 34.49 36.18
N ASP L 529 18.77 35.02 34.96
CA ASP L 529 17.57 34.99 34.13
C ASP L 529 17.53 33.82 33.14
N MET L 530 18.46 32.88 33.22
CA MET L 530 18.55 31.78 32.27
C MET L 530 18.33 30.41 32.92
N MET L 531 17.76 30.37 34.11
CA MET L 531 17.49 29.12 34.82
C MET L 531 15.99 28.87 34.81
N PRO L 532 15.44 28.19 33.80
CA PRO L 532 13.99 27.94 33.80
C PRO L 532 13.56 26.98 34.87
N HIS L 533 14.27 25.87 35.04
CA HIS L 533 13.97 24.87 36.05
C HIS L 533 15.17 24.72 36.98
N HIS L 534 15.09 23.75 37.84
CA HIS L 534 16.20 23.48 38.72
C HIS L 534 17.07 22.37 38.16
N PRO L 535 18.38 22.43 38.40
CA PRO L 535 19.26 21.36 37.92
C PRO L 535 18.96 20.04 38.61
N HIS L 536 19.30 18.95 37.91
CA HIS L 536 19.05 17.62 38.41
C HIS L 536 20.27 16.99 39.08
N TRP L 537 21.43 17.64 39.01
CA TRP L 537 22.64 17.12 39.62
C TRP L 537 22.92 17.73 40.98
N VAL L 538 22.06 18.63 41.45
CA VAL L 538 22.31 19.30 42.73
C VAL L 538 21.64 18.60 43.90
N ASN L 539 20.60 17.82 43.66
CA ASN L 539 19.87 17.13 44.74
C ASN L 539 20.52 15.77 44.96
N GLU L 540 21.58 15.76 45.78
CA GLU L 540 22.27 14.53 46.13
C GLU L 540 22.00 14.09 47.56
N HIS L 541 21.04 14.72 48.23
CA HIS L 541 20.66 14.35 49.58
C HIS L 541 19.71 13.17 49.62
N LEU L 542 19.29 12.66 48.47
CA LEU L 542 18.35 11.54 48.44
C LEU L 542 19.00 10.27 48.95
N THR L 543 18.21 9.46 49.64
CA THR L 543 18.68 8.16 50.08
C THR L 543 18.58 7.16 48.93
N ILE L 544 19.07 5.95 49.17
CA ILE L 544 19.02 4.93 48.13
C ILE L 544 17.57 4.57 47.81
N LEU L 545 16.70 4.58 48.81
CA LEU L 545 15.29 4.25 48.58
C LEU L 545 14.65 5.27 47.65
N GLN L 546 14.81 6.57 47.94
CA GLN L 546 14.24 7.59 47.09
C GLN L 546 14.87 7.60 45.72
N PHE L 547 16.18 7.33 45.63
CA PHE L 547 16.83 7.28 44.32
C PHE L 547 16.30 6.12 43.49
N ILE L 548 15.95 5.01 44.13
CA ILE L 548 15.47 3.84 43.40
C ILE L 548 13.98 3.96 43.05
N ALA L 549 13.21 4.66 43.87
CA ALA L 549 11.78 4.80 43.62
C ALA L 549 11.53 5.32 42.21
N PRO L 550 10.45 4.87 41.55
CA PRO L 550 10.24 5.22 40.14
C PRO L 550 9.95 6.69 39.90
N SER L 551 9.74 7.49 40.94
CA SER L 551 9.51 8.92 40.75
C SER L 551 10.79 9.70 40.50
N ASN L 552 11.95 9.06 40.63
CA ASN L 552 13.22 9.75 40.43
C ASN L 552 13.41 10.06 38.95
N PRO L 553 13.47 11.34 38.56
CA PRO L 553 13.59 11.65 37.13
C PRO L 553 14.95 11.30 36.55
N ARG L 554 16.02 11.39 37.33
CA ARG L 554 17.36 11.10 36.85
C ARG L 554 17.71 9.61 36.93
N LEU L 555 16.70 8.75 37.07
CA LEU L 555 16.96 7.32 37.17
C LEU L 555 17.23 6.69 35.81
N ARG L 556 16.53 7.16 34.78
CA ARG L 556 16.66 6.55 33.46
C ARG L 556 18.05 6.73 32.87
N PHE L 557 18.78 7.75 33.27
CA PHE L 557 20.11 8.01 32.74
C PHE L 557 21.21 7.30 33.53
N GLU L 558 20.87 6.56 34.57
CA GLU L 558 21.86 5.84 35.37
C GLU L 558 21.97 4.42 34.80
N LEU L 559 22.86 4.26 33.82
CA LEU L 559 23.01 2.98 33.14
C LEU L 559 24.40 2.39 33.34
N ASN L 560 25.45 3.14 33.08
CA ASN L 560 26.78 2.61 33.25
C ASN L 560 27.44 3.23 34.47
N PRO L 561 28.23 2.45 35.22
CA PRO L 561 28.91 3.01 36.40
C PRO L 561 30.06 3.94 36.04
N ALA L 562 30.50 3.96 34.79
CA ALA L 562 31.65 4.76 34.39
C ALA L 562 31.28 5.96 33.53
N PHE L 563 30.02 6.13 33.18
CA PHE L 563 29.60 7.22 32.31
C PHE L 563 28.50 8.04 32.97
N ASP L 564 28.41 9.30 32.57
CA ASP L 564 27.37 10.21 33.02
C ASP L 564 26.55 10.63 31.82
N PHE L 565 25.25 10.38 31.88
CA PHE L 565 24.35 10.66 30.77
C PHE L 565 23.51 11.89 31.11
N PHE L 566 23.63 12.93 30.28
CA PHE L 566 22.90 14.18 30.47
C PHE L 566 22.30 14.60 29.13
N VAL L 567 21.58 15.71 29.16
CA VAL L 567 21.00 16.30 27.96
C VAL L 567 21.67 17.64 27.72
N ALA L 568 21.94 17.94 26.45
CA ALA L 568 22.64 19.16 26.07
C ALA L 568 22.10 19.66 24.75
N PRO L 569 22.13 20.98 24.52
CA PRO L 569 21.71 21.50 23.21
C PRO L 569 22.60 20.96 22.11
N GLY L 570 21.97 20.40 21.08
CA GLY L 570 22.72 19.78 20.01
C GLY L 570 23.26 20.77 19.00
N ASP L 571 24.21 20.29 18.20
CA ASP L 571 24.79 21.06 17.10
C ASP L 571 25.49 22.32 17.60
N VAL L 572 26.19 22.21 18.74
CA VAL L 572 27.01 23.30 19.25
C VAL L 572 28.38 22.74 19.60
N ASP L 573 29.39 23.60 19.46
CA ASP L 573 30.77 23.24 19.74
C ASP L 573 31.19 23.86 21.06
N LEU L 574 31.91 23.08 21.87
CA LEU L 574 32.38 23.53 23.17
C LEU L 574 33.87 23.76 23.12
N PRO L 575 34.37 24.95 23.52
CA PRO L 575 33.55 26.06 23.99
C PRO L 575 32.90 26.83 22.84
N GLY L 576 31.87 27.61 23.14
CA GLY L 576 31.17 28.34 22.13
C GLY L 576 31.04 29.81 22.46
N PRO L 577 30.02 30.47 21.92
CA PRO L 577 29.81 31.90 22.19
C PRO L 577 29.42 32.12 23.64
N GLN L 578 29.39 33.40 24.02
CA GLN L 578 29.06 33.76 25.39
C GLN L 578 27.61 33.41 25.71
N ARG L 579 26.70 33.64 24.77
CA ARG L 579 25.30 33.28 24.96
C ARG L 579 25.02 31.97 24.26
N PRO L 580 24.46 30.98 24.96
CA PRO L 580 24.19 29.69 24.33
C PRO L 580 23.14 29.80 23.25
N PRO L 581 23.46 29.40 22.03
CA PRO L 581 22.47 29.48 20.94
C PRO L 581 21.36 28.46 21.13
N GLU L 582 20.17 28.82 20.66
CA GLU L 582 19.01 27.95 20.80
C GLU L 582 19.05 26.86 19.73
N ALA L 583 18.84 25.62 20.17
CA ALA L 583 18.83 24.48 19.26
C ALA L 583 18.00 23.36 19.89
N MET L 584 17.93 22.23 19.20
CA MET L 584 17.17 21.09 19.71
C MET L 584 18.01 20.31 20.71
N PRO L 585 17.46 19.93 21.85
CA PRO L 585 18.26 19.22 22.85
C PRO L 585 18.45 17.76 22.48
N THR L 586 19.63 17.24 22.79
CA THR L 586 19.97 15.86 22.52
C THR L 586 20.68 15.28 23.74
N VAL L 587 21.03 14.00 23.66
CA VAL L 587 21.64 13.29 24.76
C VAL L 587 23.13 13.12 24.49
N ASN L 588 23.96 13.44 25.48
CA ASN L 588 25.40 13.25 25.41
C ASN L 588 25.86 12.47 26.63
N ALA L 589 27.08 11.95 26.56
CA ALA L 589 27.62 11.09 27.61
C ALA L 589 29.09 11.43 27.82
N THR L 590 29.42 11.89 29.02
CA THR L 590 30.80 12.14 29.40
C THR L 590 31.33 10.94 30.19
N LEU L 591 32.52 11.08 30.77
CA LEU L 591 33.16 10.00 31.50
C LEU L 591 33.38 10.42 32.95
N ARG L 592 33.21 9.47 33.87
CA ARG L 592 33.48 9.70 35.29
C ARG L 592 34.94 9.35 35.54
N ILE L 593 35.81 10.37 35.50
CA ILE L 593 37.24 10.12 35.64
C ILE L 593 37.56 9.56 37.01
N ILE L 594 36.92 10.08 38.04
CA ILE L 594 37.18 9.68 39.42
C ILE L 594 36.15 8.67 39.86
N ASN L 595 36.57 7.66 40.62
CA ASN L 595 35.61 6.73 41.20
C ASN L 595 34.79 7.37 42.30
N GLY L 596 35.20 8.54 42.78
CA GLY L 596 34.40 9.28 43.75
C GLY L 596 33.28 10.07 43.16
N ASN L 597 33.25 10.25 41.84
CA ASN L 597 32.20 11.00 41.17
C ASN L 597 30.88 10.25 41.13
N ILE L 598 30.85 8.99 41.57
CA ILE L 598 29.59 8.25 41.64
C ILE L 598 28.64 8.99 42.59
N PRO L 599 27.35 9.11 42.26
CA PRO L 599 26.43 9.83 43.15
C PRO L 599 26.40 9.23 44.55
N VAL L 600 26.24 10.12 45.54
CA VAL L 600 26.21 9.69 46.93
C VAL L 600 25.08 8.70 47.20
N PRO L 601 23.86 8.85 46.67
CA PRO L 601 22.83 7.83 46.90
C PRO L 601 23.27 6.43 46.51
N LEU L 602 24.20 6.29 45.57
CA LEU L 602 24.72 4.98 45.20
C LEU L 602 25.93 4.59 46.02
N CYS L 603 26.85 5.54 46.24
CA CYS L 603 28.03 5.30 47.08
C CYS L 603 27.95 6.20 48.31
N PRO L 604 27.55 5.67 49.46
CA PRO L 604 27.29 6.56 50.61
C PRO L 604 28.55 7.17 51.22
N ILE L 605 28.35 7.97 52.26
CA ILE L 605 29.47 8.62 52.94
C ILE L 605 30.13 7.69 53.94
N SER L 606 29.33 6.89 54.64
CA SER L 606 29.87 6.00 55.66
C SER L 606 30.84 5.00 55.06
N PHE L 607 30.52 4.50 53.87
CA PHE L 607 31.42 3.55 53.21
C PHE L 607 32.77 4.19 52.91
N ARG L 608 32.74 5.45 52.43
CA ARG L 608 33.99 6.14 52.15
C ARG L 608 34.78 6.39 53.41
N ASP L 609 34.11 6.71 54.52
CA ASP L 609 34.84 6.92 55.77
C ASP L 609 35.46 5.63 56.27
N CYS L 610 34.74 4.50 56.15
CA CYS L 610 35.33 3.22 56.53
C CYS L 610 36.53 2.88 55.65
N ARG L 611 36.42 3.15 54.34
CA ARG L 611 37.56 2.90 53.46
C ARG L 611 38.75 3.77 53.84
N GLY L 612 38.51 5.03 54.20
CA GLY L 612 39.60 5.89 54.63
C GLY L 612 40.26 5.41 55.91
N THR L 613 39.45 4.93 56.86
CA THR L 613 40.02 4.37 58.08
C THR L 613 40.87 3.15 57.78
N GLN L 614 40.40 2.29 56.88
CA GLN L 614 41.19 1.12 56.50
C GLN L 614 42.47 1.53 55.80
N LEU L 615 42.43 2.58 54.99
CA LEU L 615 43.63 3.06 54.30
C LEU L 615 44.66 3.57 55.29
N GLY L 616 44.26 4.52 56.14
CA GLY L 616 45.17 5.08 57.11
C GLY L 616 45.32 4.22 58.35
N LEU L 617 45.83 3.00 58.17
CA LEU L 617 45.92 2.07 59.30
C LEU L 617 47.01 2.51 60.28
N GLY L 618 48.26 2.54 59.83
CA GLY L 618 49.36 2.92 60.70
C GLY L 618 50.23 4.01 60.12
N ARG L 619 49.68 4.77 59.19
CA ARG L 619 50.43 5.84 58.55
C ARG L 619 50.56 7.03 59.51
N HIS L 620 51.15 8.10 58.99
CA HIS L 620 51.37 9.29 59.81
C HIS L 620 50.05 9.99 60.13
N THR L 621 49.95 10.54 61.33
CA THR L 621 48.81 11.32 61.76
C THR L 621 49.31 12.66 62.30
N MET L 622 48.36 13.55 62.57
CA MET L 622 48.67 14.88 63.06
C MET L 622 48.25 15.02 64.51
N THR L 623 49.02 15.78 65.28
CA THR L 623 48.76 15.90 66.70
C THR L 623 47.59 16.86 66.95
N PRO L 624 46.81 16.61 68.00
CA PRO L 624 45.68 17.50 68.31
C PRO L 624 46.09 18.95 68.51
N ALA L 625 47.33 19.23 68.91
CA ALA L 625 47.76 20.62 69.02
C ALA L 625 47.68 21.32 67.67
N THR L 626 48.36 20.79 66.66
CA THR L 626 48.30 21.38 65.32
C THR L 626 46.89 21.35 64.76
N ILE L 627 46.15 20.27 65.02
CA ILE L 627 44.78 20.18 64.54
C ILE L 627 43.96 21.35 65.06
N LYS L 628 44.00 21.56 66.38
CA LYS L 628 43.24 22.65 66.99
C LYS L 628 43.71 24.00 66.48
N ALA L 629 45.03 24.18 66.34
CA ALA L 629 45.55 25.48 65.89
C ALA L 629 45.05 25.81 64.49
N VAL L 630 45.18 24.86 63.56
CA VAL L 630 44.76 25.13 62.19
C VAL L 630 43.25 25.30 62.10
N LYS L 631 42.50 24.52 62.89
CA LYS L 631 41.04 24.67 62.88
C LYS L 631 40.64 26.06 63.36
N ASP L 632 41.23 26.53 64.46
CA ASP L 632 40.93 27.87 64.95
C ASP L 632 41.31 28.92 63.92
N THR L 633 42.46 28.76 63.26
CA THR L 633 42.86 29.72 62.25
C THR L 633 41.85 29.78 61.10
N PHE L 634 41.39 28.61 60.65
CA PHE L 634 40.47 28.59 59.51
C PHE L 634 39.10 29.13 59.88
N GLU L 635 38.66 28.88 61.12
CA GLU L 635 37.35 29.36 61.53
C GLU L 635 37.35 30.81 62.00
N ASP L 636 38.53 31.37 62.30
CA ASP L 636 38.59 32.73 62.80
C ASP L 636 38.24 33.73 61.71
N ARG L 637 37.41 34.71 62.05
CA ARG L 637 36.97 35.72 61.10
C ARG L 637 37.66 37.06 61.27
N ALA L 638 38.46 37.22 62.32
CA ALA L 638 39.20 38.45 62.55
C ALA L 638 40.55 38.45 61.87
N TYR L 639 40.72 37.67 60.80
CA TYR L 639 41.98 37.60 60.08
C TYR L 639 42.33 38.97 59.51
N PRO L 640 43.49 39.53 59.83
CA PRO L 640 43.84 40.85 59.31
C PRO L 640 44.09 40.81 57.81
N THR L 641 43.55 41.79 57.10
CA THR L 641 43.75 41.89 55.66
C THR L 641 45.19 42.19 55.29
N ILE L 642 46.03 42.57 56.26
CA ILE L 642 47.44 42.82 55.99
C ILE L 642 48.11 41.56 55.45
N PHE L 643 47.74 40.39 55.99
CA PHE L 643 48.33 39.15 55.51
C PHE L 643 47.93 38.89 54.06
N TYR L 644 46.66 39.11 53.72
CA TYR L 644 46.22 38.94 52.34
C TYR L 644 46.97 39.89 51.41
N MET L 645 47.11 41.14 51.81
CA MET L 645 47.80 42.12 50.96
C MET L 645 49.27 41.76 50.79
N LEU L 646 49.90 41.28 51.87
CA LEU L 646 51.30 40.87 51.78
C LEU L 646 51.48 39.67 50.86
N GLU L 647 50.61 38.67 50.99
CA GLU L 647 50.67 37.53 50.09
C GLU L 647 50.43 37.95 48.65
N ALA L 648 49.54 38.92 48.43
CA ALA L 648 49.28 39.39 47.08
C ALA L 648 50.49 40.08 46.49
N VAL L 649 51.13 40.96 47.25
CA VAL L 649 52.28 41.68 46.70
C VAL L 649 53.48 40.76 46.56
N ILE L 650 53.58 39.72 47.38
CA ILE L 650 54.68 38.77 47.22
C ILE L 650 54.44 37.89 45.99
N HIS L 651 53.19 37.47 45.78
CA HIS L 651 52.77 36.67 44.62
C HIS L 651 53.68 35.46 44.38
N GLY L 652 54.28 34.94 45.45
CA GLY L 652 55.07 33.73 45.35
C GLY L 652 56.36 33.89 44.59
N ASN L 653 57.30 34.62 45.15
CA ASN L 653 58.63 34.77 44.57
C ASN L 653 59.68 34.76 45.68
N GLU L 654 60.69 33.90 45.51
CA GLU L 654 61.74 33.79 46.51
C GLU L 654 62.53 35.10 46.62
N ARG L 655 62.73 35.79 45.49
CA ARG L 655 63.45 37.06 45.52
C ARG L 655 62.76 38.08 46.41
N ASN L 656 61.44 37.95 46.59
CA ASN L 656 60.70 38.83 47.47
C ASN L 656 60.62 38.28 48.90
N PHE L 657 60.45 36.97 49.03
CA PHE L 657 60.36 36.36 50.36
C PHE L 657 61.66 36.55 51.14
N CYS L 658 62.79 36.14 50.56
CA CYS L 658 64.05 36.26 51.26
C CYS L 658 64.47 37.71 51.47
N ALA L 659 63.84 38.65 50.77
CA ALA L 659 64.08 40.06 51.03
C ALA L 659 63.20 40.60 52.15
N LEU L 660 61.98 40.10 52.27
CA LEU L 660 61.07 40.50 53.34
C LEU L 660 61.18 39.60 54.56
N LEU L 661 62.20 38.74 54.62
CA LEU L 661 62.36 37.82 55.75
C LEU L 661 62.31 38.54 57.09
N ARG L 662 62.87 39.75 57.18
CA ARG L 662 62.93 40.43 58.47
C ARG L 662 61.54 40.82 58.96
N LEU L 663 60.71 41.38 58.08
CA LEU L 663 59.36 41.79 58.47
C LEU L 663 58.46 40.59 58.73
N LEU L 664 58.66 39.51 57.97
CA LEU L 664 57.74 38.38 58.05
C LEU L 664 57.84 37.68 59.40
N THR L 665 59.06 37.47 59.90
CA THR L 665 59.19 36.80 61.19
C THR L 665 58.59 37.64 62.32
N GLN L 666 58.73 38.97 62.26
CA GLN L 666 58.13 39.82 63.28
C GLN L 666 56.62 39.83 63.18
N CYS L 667 56.08 39.85 61.96
CA CYS L 667 54.62 39.79 61.81
C CYS L 667 54.07 38.47 62.32
N ILE L 668 54.74 37.36 62.01
CA ILE L 668 54.27 36.05 62.44
C ILE L 668 54.35 35.93 63.96
N ARG L 669 55.40 36.46 64.57
CA ARG L 669 55.49 36.45 66.02
C ARG L 669 54.40 37.31 66.65
N GLY L 670 54.19 38.52 66.11
CA GLY L 670 53.17 39.38 66.66
C GLY L 670 51.77 38.83 66.49
N TYR L 671 51.56 37.98 65.49
CA TYR L 671 50.26 37.34 65.35
C TYR L 671 50.14 36.12 66.25
N TRP L 672 51.21 35.33 66.38
CA TRP L 672 51.13 34.11 67.17
C TRP L 672 51.06 34.40 68.66
N GLU L 673 51.99 35.18 69.19
CA GLU L 673 51.95 35.41 70.64
C GLU L 673 50.93 36.51 71.00
N GLN L 674 49.74 36.39 70.42
CA GLN L 674 48.56 37.10 70.88
C GLN L 674 47.31 36.23 70.94
N SER L 675 47.20 35.19 70.11
CA SER L 675 46.06 34.30 70.16
C SER L 675 46.42 32.83 69.93
N HIS L 676 47.72 32.50 69.85
CA HIS L 676 48.19 31.14 69.59
C HIS L 676 47.57 30.58 68.31
N ARG L 677 47.80 31.31 67.21
CA ARG L 677 47.27 30.95 65.91
C ARG L 677 48.35 31.11 64.86
N VAL L 678 48.39 30.17 63.92
CA VAL L 678 49.34 30.24 62.81
C VAL L 678 48.72 31.00 61.66
N ALA L 679 49.55 31.75 60.93
CA ALA L 679 49.09 32.53 59.79
C ALA L 679 49.75 32.01 58.52
N PHE L 680 49.38 32.62 57.39
CA PHE L 680 49.94 32.28 56.08
C PHE L 680 49.73 30.82 55.71
N VAL L 681 48.55 30.29 56.02
CA VAL L 681 48.20 28.93 55.63
C VAL L 681 47.45 29.00 54.31
N ASN L 682 47.37 30.20 53.73
CA ASN L 682 46.60 30.39 52.52
C ASN L 682 47.33 29.82 51.30
N ASN L 683 48.51 30.38 51.00
CA ASN L 683 49.26 29.99 49.82
C ASN L 683 50.16 28.81 50.12
N PHE L 684 50.34 27.94 49.13
CA PHE L 684 51.23 26.81 49.29
C PHE L 684 52.70 27.23 49.18
N HIS L 685 52.98 28.28 48.42
CA HIS L 685 54.34 28.80 48.36
C HIS L 685 54.59 29.79 49.49
N MET L 686 54.19 29.43 50.70
CA MET L 686 54.59 30.17 51.89
C MET L 686 55.12 29.28 52.97
N LEU L 687 54.50 28.12 53.20
CA LEU L 687 54.94 27.25 54.28
C LEU L 687 56.22 26.51 53.91
N MET L 688 56.43 26.22 52.62
CA MET L 688 57.69 25.62 52.21
C MET L 688 58.84 26.59 52.40
N TYR L 689 58.66 27.84 51.99
CA TYR L 689 59.67 28.86 52.28
C TYR L 689 59.90 29.01 53.77
N ILE L 690 58.84 28.96 54.56
CA ILE L 690 58.96 29.11 56.01
C ILE L 690 59.81 27.98 56.58
N THR L 691 59.47 26.73 56.27
CA THR L 691 60.22 25.61 56.82
C THR L 691 61.63 25.55 56.26
N THR L 692 61.87 26.11 55.08
CA THR L 692 63.23 26.06 54.53
C THR L 692 64.12 27.14 55.11
N TYR L 693 63.57 28.32 55.40
CA TYR L 693 64.39 29.43 55.87
C TYR L 693 64.32 29.62 57.38
N LEU L 694 63.12 29.79 57.93
CA LEU L 694 62.96 29.94 59.38
C LEU L 694 62.82 28.59 60.07
N GLY L 695 63.76 27.69 59.79
CA GLY L 695 63.72 26.37 60.37
C GLY L 695 64.89 26.11 61.29
N ASN L 696 65.59 27.18 61.67
CA ASN L 696 66.76 27.05 62.53
C ASN L 696 66.49 27.46 63.97
N GLY L 697 65.38 28.14 64.24
CA GLY L 697 65.06 28.54 65.59
C GLY L 697 64.63 30.00 65.72
N GLU L 698 64.37 30.64 64.59
CA GLU L 698 63.91 32.03 64.62
C GLU L 698 62.54 32.14 65.27
N LEU L 699 61.68 31.18 65.01
CA LEU L 699 60.36 31.14 65.62
C LEU L 699 60.34 30.18 66.79
N PRO L 700 59.38 30.34 67.72
CA PRO L 700 59.30 29.41 68.85
C PRO L 700 59.13 27.98 68.39
N GLU L 701 59.42 27.05 69.29
CA GLU L 701 59.41 25.63 68.97
C GLU L 701 58.02 25.10 68.62
N VAL L 702 56.99 25.94 68.66
CA VAL L 702 55.63 25.46 68.38
C VAL L 702 55.26 25.65 66.91
N CYS L 703 55.46 26.86 66.38
CA CYS L 703 55.02 27.15 65.02
C CYS L 703 55.76 26.31 64.00
N ILE L 704 57.09 26.20 64.14
CA ILE L 704 57.86 25.38 63.22
C ILE L 704 57.42 23.92 63.30
N ASN L 705 57.08 23.46 64.50
CA ASN L 705 56.59 22.09 64.64
C ASN L 705 55.26 21.91 63.92
N ILE L 706 54.37 22.90 64.01
CA ILE L 706 53.10 22.84 63.30
C ILE L 706 53.33 22.75 61.78
N TYR L 707 54.21 23.61 61.27
CA TYR L 707 54.50 23.59 59.84
C TYR L 707 55.09 22.26 59.42
N ARG L 708 56.04 21.74 60.20
CA ARG L 708 56.65 20.46 59.88
C ARG L 708 55.63 19.33 59.92
N ASP L 709 54.67 19.39 60.85
CA ASP L 709 53.64 18.37 60.92
C ASP L 709 52.77 18.40 59.68
N LEU L 710 52.36 19.60 59.24
CA LEU L 710 51.56 19.70 58.02
C LEU L 710 52.33 19.14 56.82
N LEU L 711 53.60 19.54 56.68
CA LEU L 711 54.40 19.05 55.57
C LEU L 711 54.55 17.54 55.62
N GLN L 712 54.72 16.97 56.81
CA GLN L 712 54.89 15.53 56.93
C GLN L 712 53.60 14.79 56.61
N HIS L 713 52.45 15.37 56.97
CA HIS L 713 51.18 14.77 56.56
C HIS L 713 51.04 14.76 55.05
N VAL L 714 51.40 15.85 54.39
CA VAL L 714 51.34 15.89 52.93
C VAL L 714 52.26 14.82 52.34
N ARG L 715 53.49 14.71 52.87
CA ARG L 715 54.41 13.71 52.38
C ARG L 715 53.89 12.30 52.62
N ALA L 716 53.18 12.08 53.72
CA ALA L 716 52.63 10.76 54.00
C ALA L 716 51.54 10.40 53.00
N LEU L 717 50.67 11.34 52.67
CA LEU L 717 49.68 11.08 51.62
C LEU L 717 50.35 10.76 50.29
N ARG L 718 51.36 11.56 49.93
CA ARG L 718 52.09 11.29 48.68
C ARG L 718 52.70 9.90 48.68
N GLN L 719 53.27 9.47 49.81
CA GLN L 719 53.88 8.15 49.88
C GLN L 719 52.83 7.04 49.81
N THR L 720 51.68 7.25 50.44
CA THR L 720 50.61 6.26 50.37
C THR L 720 50.15 6.05 48.93
N ILE L 721 50.09 7.13 48.15
CA ILE L 721 49.73 6.99 46.74
C ILE L 721 50.62 5.97 46.05
N THR L 722 51.93 6.10 46.21
CA THR L 722 52.84 5.14 45.60
C THR L 722 52.71 3.77 46.24
N ASP L 723 52.40 3.72 47.53
CA ASP L 723 52.30 2.43 48.22
C ASP L 723 51.15 1.60 47.66
N PHE L 724 50.06 2.23 47.24
CA PHE L 724 48.89 1.49 46.78
C PHE L 724 48.82 1.34 45.26
N THR L 725 49.98 1.22 44.59
CA THR L 725 50.01 0.97 43.15
C THR L 725 51.20 0.08 42.82
N ILE L 726 51.16 -0.52 41.63
CA ILE L 726 52.22 -1.39 41.18
C ILE L 726 53.14 -0.60 40.26
N GLN L 727 54.44 -0.69 40.52
CA GLN L 727 55.45 0.12 39.85
C GLN L 727 56.18 -0.68 38.78
N GLY L 728 56.56 0.00 37.71
CA GLY L 728 57.35 -0.61 36.66
C GLY L 728 56.59 -0.76 35.35
N GLU L 729 55.43 -0.13 35.25
CA GLU L 729 54.58 -0.24 34.07
C GLU L 729 54.32 1.16 33.52
N GLY L 730 54.67 1.37 32.26
CA GLY L 730 54.46 2.66 31.64
C GLY L 730 54.13 2.57 30.16
N HIS L 731 53.02 3.19 29.76
CA HIS L 731 52.58 3.19 28.38
C HIS L 731 53.13 4.42 27.65
N ASN L 732 52.59 4.69 26.46
CA ASN L 732 53.09 5.81 25.66
C ASN L 732 53.00 7.13 26.41
N GLY L 733 52.02 7.28 27.31
CA GLY L 733 51.90 8.48 28.09
C GLY L 733 52.81 8.49 29.29
N GLU L 734 52.29 8.85 30.46
CA GLU L 734 53.08 8.89 31.67
C GLU L 734 53.24 7.49 32.24
N THR L 735 53.81 7.43 33.45
CA THR L 735 54.05 6.15 34.10
C THR L 735 52.79 5.66 34.80
N SER L 736 52.93 4.60 35.60
CA SER L 736 51.78 4.01 36.28
C SER L 736 51.16 4.95 37.30
N GLU L 737 51.93 5.90 37.83
CA GLU L 737 51.42 6.79 38.87
C GLU L 737 50.26 7.63 38.35
N ALA L 738 50.50 8.42 37.30
CA ALA L 738 49.45 9.22 36.71
C ALA L 738 48.37 8.38 36.06
N LEU L 739 48.69 7.14 35.67
CA LEU L 739 47.72 6.23 35.09
C LEU L 739 46.75 5.67 36.13
N ASN L 740 47.19 5.56 37.38
CA ASN L 740 46.35 5.08 38.48
C ASN L 740 45.63 6.21 39.19
N ASN L 741 46.33 7.26 39.57
CA ASN L 741 45.75 8.34 40.36
C ASN L 741 45.69 9.62 39.54
N ILE L 742 45.23 10.70 40.18
CA ILE L 742 45.08 12.00 39.55
C ILE L 742 46.03 13.03 40.15
N LEU L 743 46.17 13.03 41.48
CA LEU L 743 47.05 14.00 42.13
C LEU L 743 48.50 13.86 41.66
N THR L 744 48.87 12.71 41.10
CA THR L 744 50.20 12.52 40.53
C THR L 744 50.19 12.69 39.01
N ASP L 745 49.15 13.30 38.45
CA ASP L 745 49.05 13.56 37.03
C ASP L 745 49.44 15.01 36.75
N ASP L 746 50.08 15.23 35.60
CA ASP L 746 50.50 16.57 35.21
C ASP L 746 49.49 17.29 34.34
N THR L 747 48.64 16.56 33.60
CA THR L 747 47.57 17.19 32.85
C THR L 747 46.66 18.00 33.77
N PHE L 748 46.46 17.52 34.99
CA PHE L 748 45.68 18.26 35.97
C PHE L 748 46.47 19.43 36.54
N ILE L 749 45.76 20.51 36.86
CA ILE L 749 46.40 21.74 37.32
C ILE L 749 45.76 22.19 38.62
N ALA L 750 46.55 22.90 39.43
CA ALA L 750 46.09 23.44 40.69
C ALA L 750 45.10 24.58 40.46
N PRO L 751 44.26 24.90 41.45
CA PRO L 751 43.29 25.98 41.26
C PRO L 751 43.92 27.36 41.26
N ILE L 752 45.15 27.50 41.74
CA ILE L 752 45.84 28.78 41.80
C ILE L 752 47.23 28.61 41.22
N LEU L 753 47.62 29.49 40.31
CA LEU L 753 48.92 29.44 39.66
C LEU L 753 49.69 30.72 39.95
N TRP L 754 50.98 30.57 40.28
CA TRP L 754 51.87 31.71 40.49
C TRP L 754 52.95 31.82 39.42
N ASP L 755 53.39 30.70 38.85
CA ASP L 755 54.34 30.70 37.76
C ASP L 755 53.87 29.74 36.68
N CYS L 756 54.54 29.79 35.52
CA CYS L 756 54.12 29.04 34.35
C CYS L 756 54.80 27.68 34.24
N ASP L 757 55.57 27.28 35.26
CA ASP L 757 56.18 25.95 35.22
C ASP L 757 55.13 24.84 35.21
N ALA L 758 53.98 25.09 35.85
CA ALA L 758 52.90 24.11 35.80
C ALA L 758 52.41 23.91 34.36
N LEU L 759 52.21 25.01 33.63
CA LEU L 759 51.78 24.89 32.24
C LEU L 759 52.87 24.25 31.38
N ILE L 760 54.14 24.55 31.69
CA ILE L 760 55.22 23.92 30.95
C ILE L 760 55.20 22.41 31.11
N TYR L 761 55.14 21.95 32.38
CA TYR L 761 55.06 20.52 32.63
C TYR L 761 53.81 19.91 32.02
N ARG L 762 52.69 20.63 32.04
CA ARG L 762 51.46 20.10 31.49
C ARG L 762 51.57 19.90 29.97
N ASP L 763 52.09 20.89 29.26
CA ASP L 763 52.24 20.75 27.82
C ASP L 763 53.29 19.72 27.44
N GLU L 764 54.32 19.53 28.28
CA GLU L 764 55.33 18.53 27.96
C GLU L 764 54.86 17.11 28.27
N ALA L 765 54.09 16.91 29.32
CA ALA L 765 53.82 15.57 29.83
C ALA L 765 53.01 14.75 28.84
N ALA L 766 51.80 15.20 28.52
CA ALA L 766 50.91 14.39 27.70
C ALA L 766 51.43 14.29 26.27
N ARG L 767 51.47 15.41 25.56
CA ARG L 767 51.97 15.50 24.19
C ARG L 767 51.25 14.56 23.23
N ASP L 768 50.22 13.86 23.71
CA ASP L 768 49.43 12.95 22.89
C ASP L 768 47.97 13.38 22.84
N ARG L 769 47.38 13.58 24.02
CA ARG L 769 45.98 14.07 24.12
C ARG L 769 45.97 15.51 23.59
N LEU L 770 45.07 15.81 22.65
CA LEU L 770 45.00 17.12 22.02
C LEU L 770 44.71 18.21 23.06
N PRO L 771 45.68 19.07 23.35
CA PRO L 771 45.48 20.10 24.37
C PRO L 771 44.97 21.41 23.75
N ALA L 772 44.36 22.22 24.61
CA ALA L 772 43.85 23.51 24.18
C ALA L 772 43.78 24.43 25.40
N ILE L 773 44.37 25.62 25.27
CA ILE L 773 44.40 26.60 26.35
C ILE L 773 43.82 27.91 25.85
N ARG L 774 42.96 28.52 26.66
CA ARG L 774 42.31 29.78 26.33
C ARG L 774 42.63 30.78 27.43
N VAL L 775 43.73 31.53 27.26
CA VAL L 775 44.16 32.50 28.28
C VAL L 775 43.51 33.83 27.89
N SER L 776 42.26 33.98 28.32
CA SER L 776 41.51 35.24 28.18
C SER L 776 41.53 35.76 26.75
N GLY L 777 40.92 34.98 25.86
CA GLY L 777 40.85 35.38 24.46
C GLY L 777 41.67 34.49 23.56
N ARG L 778 42.79 35.00 23.07
CA ARG L 778 43.64 34.23 22.17
C ARG L 778 44.11 32.94 22.82
N ASN L 779 44.41 31.95 21.99
CA ASN L 779 44.84 30.64 22.46
C ASN L 779 46.37 30.60 22.50
N GLY L 780 46.92 30.30 23.67
CA GLY L 780 48.36 30.26 23.84
C GLY L 780 48.87 31.39 24.70
N TYR L 781 49.64 31.04 25.73
CA TYR L 781 50.14 32.04 26.68
C TYR L 781 51.49 32.58 26.22
N GLN L 782 51.80 33.78 26.69
CA GLN L 782 53.05 34.46 26.38
C GLN L 782 53.75 34.80 27.69
N ALA L 783 54.82 34.08 28.00
CA ALA L 783 55.55 34.29 29.24
C ALA L 783 56.69 35.28 29.02
N LEU L 784 56.93 36.11 30.02
CA LEU L 784 58.02 37.07 29.99
C LEU L 784 58.62 37.18 31.38
N HIS L 785 59.79 37.81 31.45
CA HIS L 785 60.54 37.88 32.69
C HIS L 785 59.96 38.96 33.59
N PHE L 786 60.71 39.33 34.63
CA PHE L 786 60.23 40.28 35.62
C PHE L 786 59.85 41.61 34.96
N VAL L 787 58.91 42.30 35.59
CA VAL L 787 58.40 43.58 35.11
C VAL L 787 58.95 44.67 36.01
N ASP L 788 59.48 45.73 35.39
CA ASP L 788 60.07 46.83 36.14
C ASP L 788 58.98 47.63 36.87
N MET L 789 59.43 48.64 37.61
CA MET L 789 58.48 49.50 38.32
C MET L 789 57.88 50.55 37.40
N ALA L 790 58.69 51.10 36.49
CA ALA L 790 58.22 52.17 35.62
C ALA L 790 57.11 51.67 34.69
N GLY L 791 57.43 50.71 33.84
CA GLY L 791 56.44 50.20 32.92
C GLY L 791 55.71 48.98 33.45
N HIS L 792 54.52 49.19 34.00
CA HIS L 792 53.72 48.10 34.53
C HIS L 792 52.53 47.75 33.65
N ASN L 793 51.82 48.75 33.14
CA ASN L 793 50.72 48.54 32.19
C ASN L 793 49.63 47.63 32.79
N PHE L 794 48.96 48.17 33.80
CA PHE L 794 47.92 47.42 34.51
C PHE L 794 46.90 46.80 33.56
N GLN L 795 46.66 47.42 32.41
CA GLN L 795 45.73 46.91 31.42
C GLN L 795 46.52 46.19 30.33
N ARG L 796 46.35 44.88 30.24
CA ARG L 796 47.09 44.06 29.30
C ARG L 796 46.19 42.94 28.79
N ARG L 797 46.71 42.15 27.85
CA ARG L 797 45.97 41.04 27.27
C ARG L 797 46.95 39.96 26.83
N ASP L 798 46.70 38.72 27.27
CA ASP L 798 47.48 37.55 26.87
C ASP L 798 48.94 37.72 27.25
N ASN L 799 49.19 37.92 28.54
CA ASN L 799 50.54 38.05 29.05
C ASN L 799 50.60 37.49 30.47
N VAL L 800 51.56 36.61 30.72
CA VAL L 800 51.71 35.97 32.01
C VAL L 800 53.14 36.15 32.49
N LEU L 801 53.30 36.26 33.81
CA LEU L 801 54.58 36.56 34.43
C LEU L 801 55.16 35.31 35.10
N ILE L 802 56.47 35.36 35.32
CA ILE L 802 57.17 34.32 36.06
C ILE L 802 58.03 34.88 37.18
N HIS L 803 58.01 36.20 37.39
CA HIS L 803 58.75 36.85 38.48
C HIS L 803 60.26 36.67 38.32
N GLY L 804 60.73 36.70 37.08
CA GLY L 804 62.15 36.57 36.81
C GLY L 804 62.68 35.23 37.28
N ARG L 805 63.96 35.24 37.67
CA ARG L 805 64.64 34.06 38.14
C ARG L 805 65.53 34.43 39.32
N PRO L 806 65.73 33.53 40.28
CA PRO L 806 66.62 33.82 41.41
C PRO L 806 68.10 33.82 41.04
N VAL L 807 68.44 33.37 39.84
CA VAL L 807 69.84 33.29 39.42
C VAL L 807 70.02 33.93 38.05
N ILE L 815 66.40 34.94 25.05
CA ILE L 815 66.62 34.00 26.13
C ILE L 815 65.29 33.32 26.51
N PRO L 816 65.27 32.00 26.50
CA PRO L 816 64.02 31.27 26.70
C PRO L 816 63.66 31.14 28.17
N ILE L 817 62.40 30.78 28.41
CA ILE L 817 61.91 30.57 29.76
C ILE L 817 62.34 29.19 30.26
N THR L 818 62.28 29.01 31.57
CA THR L 818 62.65 27.75 32.19
C THR L 818 61.73 27.48 33.37
N PRO L 819 61.46 26.22 33.66
CA PRO L 819 60.65 25.90 34.86
C PRO L 819 61.35 26.39 36.11
N HIS L 820 60.54 26.90 37.05
CA HIS L 820 61.09 27.48 38.27
C HIS L 820 61.45 26.40 39.28
N HIS L 821 60.46 25.61 39.70
CA HIS L 821 60.64 24.57 40.70
C HIS L 821 60.76 23.21 40.03
N ASP L 822 60.79 22.16 40.84
CA ASP L 822 60.92 20.80 40.35
C ASP L 822 59.54 20.25 39.99
N ARG L 823 59.46 18.96 39.66
CA ARG L 823 58.19 18.37 39.26
C ARG L 823 57.34 18.00 40.47
N GLU L 824 57.97 17.48 41.52
CA GLU L 824 57.23 17.08 42.73
C GLU L 824 56.59 18.27 43.42
N TRP L 825 57.06 19.49 43.18
CA TRP L 825 56.39 20.66 43.74
C TRP L 825 54.94 20.73 43.29
N GLY L 826 54.68 20.41 42.01
CA GLY L 826 53.31 20.38 41.54
C GLY L 826 52.46 19.34 42.23
N ILE L 827 53.01 18.14 42.44
CA ILE L 827 52.25 17.10 43.11
C ILE L 827 51.96 17.49 44.55
N LEU L 828 52.94 18.07 45.24
CA LEU L 828 52.71 18.53 46.60
C LEU L 828 51.64 19.60 46.64
N SER L 829 51.69 20.56 45.73
CA SER L 829 50.68 21.63 45.71
C SER L 829 49.30 21.05 45.44
N LYS L 830 49.19 20.12 44.49
CA LYS L 830 47.90 19.52 44.21
C LYS L 830 47.35 18.80 45.44
N ILE L 831 48.17 17.94 46.05
CA ILE L 831 47.74 17.22 47.25
C ILE L 831 47.25 18.20 48.30
N TYR L 832 48.07 19.23 48.60
CA TYR L 832 47.69 20.21 49.60
C TYR L 832 46.35 20.85 49.26
N TYR L 833 46.27 21.55 48.14
CA TYR L 833 45.08 22.32 47.80
C TYR L 833 43.82 21.47 47.72
N TYR L 834 43.94 20.20 47.31
CA TYR L 834 42.75 19.39 47.08
C TYR L 834 42.43 18.43 48.22
N ILE L 835 43.27 18.35 49.24
CA ILE L 835 42.94 17.48 50.37
C ILE L 835 42.92 18.26 51.66
N VAL L 836 44.01 18.96 51.98
CA VAL L 836 44.14 19.54 53.31
C VAL L 836 43.24 20.77 53.45
N ILE L 837 43.26 21.66 52.46
CA ILE L 837 42.43 22.86 52.52
C ILE L 837 40.94 22.51 52.62
N PRO L 838 40.39 21.64 51.76
CA PRO L 838 38.96 21.30 51.94
C PRO L 838 38.68 20.56 53.24
N ALA L 839 39.60 19.70 53.69
CA ALA L 839 39.35 18.95 54.91
C ALA L 839 39.20 19.86 56.12
N PHE L 840 39.90 21.00 56.13
CA PHE L 840 39.83 21.92 57.26
C PHE L 840 38.77 22.99 57.08
N SER L 841 38.58 23.47 55.84
CA SER L 841 37.61 24.53 55.62
C SER L 841 36.18 23.99 55.64
N ARG L 842 35.97 22.80 55.08
CA ARG L 842 34.65 22.18 54.96
C ARG L 842 33.68 23.11 54.22
N GLY L 843 34.04 23.42 52.98
CA GLY L 843 33.18 24.20 52.12
C GLY L 843 32.98 25.64 52.54
N SER L 844 33.89 26.20 53.33
CA SER L 844 33.74 27.57 53.81
C SER L 844 34.66 28.56 53.11
N CYS L 845 35.76 28.09 52.52
CA CYS L 845 36.69 28.98 51.85
C CYS L 845 36.23 29.26 50.42
N CYS L 846 36.82 30.30 49.82
CA CYS L 846 36.47 30.69 48.46
C CYS L 846 37.69 31.23 47.75
N THR L 847 37.59 31.33 46.42
CA THR L 847 38.66 31.85 45.59
C THR L 847 38.23 33.21 45.02
N MET L 848 39.11 34.19 45.12
CA MET L 848 38.81 35.55 44.70
C MET L 848 39.98 36.14 43.92
N GLY L 849 39.71 37.26 43.26
CA GLY L 849 40.70 37.96 42.47
C GLY L 849 41.03 39.32 43.08
N VAL L 850 42.23 39.81 42.80
CA VAL L 850 42.72 41.01 43.43
C VAL L 850 42.68 42.18 42.45
N ARG L 851 42.91 43.38 42.96
CA ARG L 851 42.93 44.61 42.17
C ARG L 851 44.24 45.33 42.46
N TYR L 852 45.29 44.99 41.69
CA TYR L 852 46.59 45.60 41.90
C TYR L 852 46.57 47.09 41.64
N ASP L 853 45.76 47.56 40.69
CA ASP L 853 45.64 48.98 40.42
C ASP L 853 45.13 49.76 41.63
N ARG L 854 44.41 49.11 42.54
CA ARG L 854 43.96 49.72 43.77
C ARG L 854 44.86 49.38 44.95
N LEU L 855 45.61 48.30 44.88
CA LEU L 855 46.49 47.88 45.96
C LEU L 855 47.81 48.64 45.97
N TYR L 856 48.47 48.74 44.82
CA TYR L 856 49.79 49.37 44.79
C TYR L 856 49.80 50.83 45.25
N PRO L 857 48.88 51.70 44.81
CA PRO L 857 48.91 53.09 45.32
C PRO L 857 48.65 53.19 46.81
N ALA L 858 47.99 52.19 47.41
CA ALA L 858 47.71 52.27 48.84
C ALA L 858 48.91 51.87 49.68
N LEU L 859 49.79 51.04 49.15
CA LEU L 859 50.91 50.50 49.90
C LEU L 859 52.09 51.47 50.02
N GLN L 860 52.05 52.58 49.30
CA GLN L 860 53.20 53.50 49.23
C GLN L 860 53.04 54.69 50.16
N ALA L 861 52.48 54.48 51.35
CA ALA L 861 52.32 55.54 52.35
C ALA L 861 53.04 55.11 53.62
N VAL L 862 54.31 55.49 53.75
CA VAL L 862 55.13 55.11 54.90
C VAL L 862 55.56 56.38 55.62
N ILE L 863 55.46 56.36 56.95
CA ILE L 863 55.79 57.52 57.78
C ILE L 863 56.91 57.15 58.73
N VAL L 864 57.82 56.29 58.27
CA VAL L 864 58.97 55.97 59.12
C VAL L 864 59.81 57.23 59.34
N PRO L 865 60.15 57.57 60.58
CA PRO L 865 60.88 58.81 60.83
C PRO L 865 62.39 58.63 60.70
N GLU L 866 63.09 59.76 60.71
CA GLU L 866 64.54 59.75 60.62
C GLU L 866 65.14 59.45 61.98
N ILE L 867 66.14 58.57 61.99
CA ILE L 867 66.83 58.21 63.23
C ILE L 867 68.05 59.11 63.40
N PRO L 868 68.27 59.69 64.58
CA PRO L 868 69.45 60.51 64.78
C PRO L 868 70.73 59.69 64.73
N ALA L 869 71.79 60.32 64.28
CA ALA L 869 73.08 59.65 64.20
C ALA L 869 73.61 59.35 65.60
N ASP L 870 74.41 58.28 65.69
CA ASP L 870 74.96 57.81 66.96
C ASP L 870 73.86 57.53 67.97
N GLU L 871 72.72 57.05 67.48
CA GLU L 871 71.58 56.75 68.32
C GLU L 871 71.00 55.39 67.94
N GLU L 872 70.19 54.84 68.83
CA GLU L 872 69.56 53.55 68.63
C GLU L 872 68.10 53.72 68.24
N ALA L 873 67.58 52.70 67.56
CA ALA L 873 66.19 52.73 67.13
C ALA L 873 65.28 52.22 68.23
N PRO L 874 64.16 52.90 68.50
CA PRO L 874 63.29 52.48 69.60
C PRO L 874 62.57 51.18 69.27
N THR L 875 62.38 50.35 70.30
CA THR L 875 61.74 49.05 70.12
C THR L 875 60.25 49.12 70.41
N THR L 876 59.89 49.49 71.64
CA THR L 876 58.49 49.56 72.03
C THR L 876 57.80 50.77 71.40
N PRO L 877 56.52 50.63 71.02
CA PRO L 877 55.84 51.72 70.30
C PRO L 877 55.23 52.77 71.20
N GLU L 878 55.61 52.79 72.48
CA GLU L 878 55.08 53.82 73.38
C GLU L 878 55.82 55.15 73.25
N ASP L 879 56.99 55.16 72.62
CA ASP L 879 57.71 56.42 72.47
C ASP L 879 57.41 57.07 71.13
N PRO L 880 57.42 58.40 71.07
CA PRO L 880 57.08 59.08 69.81
C PRO L 880 58.06 58.81 68.68
N ARG L 881 59.25 58.32 68.97
CA ARG L 881 60.20 58.00 67.91
C ARG L 881 59.81 56.75 67.14
N HIS L 882 58.91 55.93 67.69
CA HIS L 882 58.50 54.69 67.05
C HIS L 882 57.51 54.97 65.92
N PRO L 883 57.59 54.23 64.82
CA PRO L 883 56.64 54.43 63.72
C PRO L 883 55.21 54.10 64.09
N LEU L 884 55.00 53.23 65.08
CA LEU L 884 53.66 52.84 65.50
C LEU L 884 53.09 53.76 66.56
N HIS L 885 53.71 54.92 66.79
CA HIS L 885 53.23 55.85 67.80
C HIS L 885 52.15 56.76 67.21
N ALA L 886 51.35 57.33 68.11
CA ALA L 886 50.27 58.23 67.69
C ALA L 886 50.80 59.50 67.05
N HIS L 887 52.01 59.93 67.42
CA HIS L 887 52.57 61.14 66.83
C HIS L 887 52.81 60.98 65.33
N GLN L 888 53.25 59.80 64.91
CA GLN L 888 53.57 59.54 63.51
C GLN L 888 52.49 58.72 62.81
N LEU L 889 51.33 58.56 63.43
CA LEU L 889 50.22 57.81 62.85
C LEU L 889 49.26 58.81 62.19
N VAL L 890 49.22 58.79 60.86
CA VAL L 890 48.38 59.72 60.11
C VAL L 890 47.33 58.91 59.34
N PRO L 891 46.16 59.47 59.06
CA PRO L 891 45.14 58.72 58.33
C PRO L 891 45.59 58.41 56.90
N ASN L 892 45.02 57.31 56.39
CA ASN L 892 45.28 56.86 55.02
C ASN L 892 46.78 56.58 54.81
N SER L 893 47.27 55.60 55.56
CA SER L 893 48.68 55.20 55.49
C SER L 893 48.76 53.71 55.81
N LEU L 894 49.98 53.22 56.00
CA LEU L 894 50.20 51.84 56.41
C LEU L 894 50.34 51.70 57.91
N ASN L 895 50.71 52.78 58.62
CA ASN L 895 50.78 52.73 60.06
C ASN L 895 49.40 52.47 60.67
N VAL L 896 48.35 53.09 60.10
CA VAL L 896 47.00 52.81 60.58
C VAL L 896 46.61 51.36 60.32
N TYR L 897 47.03 50.81 59.18
CA TYR L 897 46.79 49.40 58.89
C TYR L 897 47.41 48.52 59.97
N PHE L 898 48.71 48.70 60.21
CA PHE L 898 49.39 47.85 61.18
C PHE L 898 48.89 48.09 62.60
N HIS L 899 48.41 49.30 62.89
CA HIS L 899 47.85 49.55 64.21
C HIS L 899 46.52 48.82 64.39
N ASN L 900 45.65 48.87 63.38
CA ASN L 900 44.42 48.08 63.43
C ASN L 900 44.74 46.61 63.55
N ALA L 901 45.80 46.14 62.89
CA ALA L 901 46.27 44.77 63.08
C ALA L 901 46.90 44.54 64.45
N HIS L 902 47.22 45.61 65.18
CA HIS L 902 47.79 45.52 66.52
C HIS L 902 49.12 44.78 66.50
N LEU L 903 49.98 45.18 65.57
CA LEU L 903 51.29 44.57 65.42
C LEU L 903 52.38 45.58 65.75
N THR L 904 53.60 45.07 65.92
CA THR L 904 54.76 45.88 66.29
C THR L 904 55.87 45.60 65.29
N VAL L 905 56.22 46.61 64.49
CA VAL L 905 57.29 46.50 63.51
C VAL L 905 58.24 47.68 63.65
N ASP L 906 59.48 47.45 63.26
CA ASP L 906 60.51 48.49 63.29
C ASP L 906 60.58 49.20 61.95
N GLY L 907 61.62 50.01 61.74
CA GLY L 907 61.72 50.84 60.56
C GLY L 907 62.22 50.14 59.32
N ASP L 908 63.27 49.33 59.46
CA ASP L 908 63.84 48.65 58.30
C ASP L 908 62.85 47.70 57.67
N ALA L 909 62.00 47.07 58.49
CA ALA L 909 61.00 46.16 57.96
C ALA L 909 60.04 46.88 57.02
N LEU L 910 59.60 48.07 57.40
CA LEU L 910 58.74 48.86 56.52
C LEU L 910 59.53 49.41 55.33
N LEU L 911 60.82 49.68 55.52
CA LEU L 911 61.62 50.21 54.43
C LEU L 911 61.86 49.18 53.34
N THR L 912 61.87 47.89 53.70
CA THR L 912 62.07 46.83 52.71
C THR L 912 60.98 46.79 51.65
N LEU L 913 59.86 47.48 51.86
CA LEU L 913 58.78 47.46 50.87
C LEU L 913 59.22 48.08 49.54
N GLN L 914 60.04 49.13 49.59
CA GLN L 914 60.52 49.73 48.34
C GLN L 914 61.44 48.78 47.59
N GLU L 915 62.28 48.03 48.32
CA GLU L 915 63.08 46.99 47.66
C GLU L 915 62.19 45.92 47.06
N LEU L 916 61.09 45.57 47.74
CA LEU L 916 60.13 44.64 47.17
C LEU L 916 59.52 45.19 45.89
N MET L 917 59.33 46.51 45.81
CA MET L 917 58.65 47.14 44.69
C MET L 917 59.34 46.93 43.35
N GLY L 918 60.48 46.24 43.31
CA GLY L 918 61.15 45.96 42.05
C GLY L 918 60.29 45.20 41.07
N ASP L 919 59.92 43.97 41.43
CA ASP L 919 58.99 43.20 40.63
C ASP L 919 57.57 43.73 40.82
N MET L 920 56.71 43.45 39.85
CA MET L 920 55.34 43.94 39.87
C MET L 920 54.40 42.83 39.43
N ALA L 921 53.11 43.02 39.74
CA ALA L 921 52.06 42.11 39.35
C ALA L 921 50.94 42.92 38.71
N GLU L 922 50.66 42.66 37.44
CA GLU L 922 49.70 43.47 36.70
C GLU L 922 48.27 43.20 37.14
N ARG L 923 47.80 41.98 36.94
CA ARG L 923 46.42 41.64 37.25
C ARG L 923 46.28 40.12 37.29
N THR L 924 45.22 39.68 37.95
CA THR L 924 44.88 38.26 38.01
C THR L 924 43.98 37.93 36.83
N THR L 925 44.18 36.77 36.24
CA THR L 925 43.42 36.37 35.06
C THR L 925 42.91 34.94 35.21
N ALA L 926 42.25 34.46 34.17
CA ALA L 926 41.66 33.12 34.17
C ALA L 926 42.19 32.30 33.01
N ILE L 927 42.57 31.07 33.29
CA ILE L 927 43.05 30.14 32.29
C ILE L 927 42.07 28.98 32.20
N LEU L 928 41.89 28.46 30.98
CA LEU L 928 40.98 27.35 30.71
C LEU L 928 41.71 26.36 29.83
N VAL L 929 41.99 25.17 30.38
CA VAL L 929 42.69 24.13 29.65
C VAL L 929 41.69 23.00 29.36
N SER L 930 41.98 22.26 28.30
CA SER L 930 41.11 21.17 27.87
C SER L 930 41.95 20.13 27.15
N SER L 931 41.64 18.86 27.38
CA SER L 931 42.39 17.76 26.77
C SER L 931 41.49 16.53 26.66
N ALA L 932 41.98 15.55 25.91
CA ALA L 932 41.28 14.29 25.73
C ALA L 932 41.51 13.40 26.95
N PRO L 933 40.71 12.34 27.09
CA PRO L 933 40.97 11.38 28.18
C PRO L 933 42.29 10.67 27.98
N ASP L 934 42.81 10.13 29.09
CA ASP L 934 44.13 9.51 29.09
C ASP L 934 44.16 8.26 28.22
N ALA L 935 45.37 7.73 28.02
CA ALA L 935 45.57 6.56 27.18
C ALA L 935 44.97 5.29 27.78
N GLY L 936 44.58 5.31 29.05
CA GLY L 936 43.97 4.12 29.63
C GLY L 936 42.63 3.78 29.02
N ALA L 937 41.76 4.79 28.88
CA ALA L 937 40.44 4.60 28.30
C ALA L 937 40.33 5.21 26.91
N ALA L 938 41.47 5.47 26.26
CA ALA L 938 41.48 6.12 24.95
C ALA L 938 41.02 5.12 23.90
N THR L 939 39.73 5.11 23.61
CA THR L 939 39.16 4.33 22.53
C THR L 939 38.80 5.26 21.36
N ALA L 940 38.32 4.66 20.28
CA ALA L 940 38.03 5.44 19.08
C ALA L 940 36.83 6.36 19.24
N THR L 941 36.11 6.30 20.35
CA THR L 941 34.94 7.14 20.57
C THR L 941 35.11 8.11 21.72
N THR L 942 35.77 7.70 22.81
CA THR L 942 35.98 8.60 23.93
C THR L 942 36.89 9.77 23.58
N ARG L 943 37.68 9.65 22.52
CA ARG L 943 38.53 10.75 22.10
C ARG L 943 37.73 11.99 21.74
N ASN L 944 36.49 11.80 21.27
CA ASN L 944 35.63 12.94 20.99
C ASN L 944 35.20 13.63 22.27
N MET L 945 35.08 12.89 23.37
CA MET L 945 34.80 13.50 24.66
C MET L 945 36.02 14.25 25.14
N ARG L 946 35.80 15.37 25.83
CA ARG L 946 36.88 16.24 26.27
C ARG L 946 36.53 16.80 27.65
N ILE L 947 37.56 16.96 28.48
CA ILE L 947 37.38 17.48 29.83
C ILE L 947 37.82 18.93 29.86
N TYR L 948 37.06 19.76 30.57
CA TYR L 948 37.34 21.18 30.71
C TYR L 948 37.41 21.55 32.18
N ASP L 949 38.48 22.25 32.56
CA ASP L 949 38.64 22.73 33.92
C ASP L 949 39.40 24.04 33.89
N GLY L 950 39.03 24.95 34.79
CA GLY L 950 39.63 26.27 34.80
C GLY L 950 40.49 26.54 36.01
N ALA L 951 41.32 27.57 35.94
CA ALA L 951 42.16 27.96 37.06
C ALA L 951 42.40 29.47 37.01
N LEU L 952 42.90 30.01 38.11
CA LEU L 952 43.14 31.43 38.24
C LEU L 952 44.64 31.71 38.34
N TYR L 953 45.08 32.75 37.63
CA TYR L 953 46.46 33.19 37.66
C TYR L 953 46.54 34.44 38.54
N HIS L 954 47.34 34.34 39.60
CA HIS L 954 47.55 35.42 40.57
C HIS L 954 46.29 35.74 41.36
N GLY L 955 45.49 34.71 41.65
CA GLY L 955 44.35 34.85 42.52
C GLY L 955 44.70 34.55 43.97
N LEU L 956 43.68 34.58 44.83
CA LEU L 956 43.87 34.29 46.24
C LEU L 956 42.69 33.47 46.75
N ILE L 957 42.83 32.98 47.98
CA ILE L 957 41.79 32.18 48.63
C ILE L 957 41.49 32.79 49.99
N MET L 958 40.23 33.13 50.22
CA MET L 958 39.77 33.67 51.49
C MET L 958 39.18 32.56 52.34
N MET L 959 39.55 32.54 53.62
CA MET L 959 39.09 31.49 54.52
C MET L 959 37.64 31.71 54.93
N ALA L 960 37.36 32.80 55.63
CA ALA L 960 36.03 33.09 56.14
C ALA L 960 35.75 34.57 55.97
N TYR L 961 34.81 34.90 55.09
CA TYR L 961 34.49 36.27 54.77
C TYR L 961 33.45 36.82 55.74
N GLN L 962 33.69 38.03 56.24
CA GLN L 962 32.77 38.70 57.14
C GLN L 962 32.38 40.04 56.54
N ALA L 963 31.08 40.26 56.40
CA ALA L 963 30.55 41.50 55.86
C ALA L 963 30.22 42.53 56.93
N TYR L 964 30.58 42.26 58.18
CA TYR L 964 30.28 43.16 59.29
C TYR L 964 31.48 43.96 59.73
N ASP L 965 32.56 43.98 58.94
CA ASP L 965 33.74 44.78 59.21
C ASP L 965 33.66 46.05 58.37
N GLU L 966 33.49 47.20 59.04
CA GLU L 966 33.25 48.47 58.37
C GLU L 966 34.47 49.38 58.34
N THR L 967 35.58 49.00 58.99
CA THR L 967 36.78 49.81 58.92
C THR L 967 37.27 49.92 57.47
N ILE L 968 37.04 48.89 56.68
CA ILE L 968 37.41 48.86 55.28
C ILE L 968 36.18 48.51 54.46
N ALA L 969 35.96 49.25 53.39
CA ALA L 969 34.79 49.03 52.55
C ALA L 969 34.84 47.66 51.89
N THR L 970 33.65 47.10 51.65
CA THR L 970 33.56 45.79 51.02
C THR L 970 33.98 45.87 49.56
N GLY L 971 34.74 44.87 49.11
CA GLY L 971 35.21 44.86 47.74
C GLY L 971 36.25 45.90 47.43
N THR L 972 37.07 46.28 48.41
CA THR L 972 38.07 47.30 48.17
C THR L 972 39.25 46.75 47.37
N PHE L 973 39.66 45.52 47.65
CA PHE L 973 40.79 44.91 46.97
C PHE L 973 40.51 43.54 46.39
N PHE L 974 39.39 42.91 46.74
CA PHE L 974 39.12 41.54 46.32
C PHE L 974 37.69 41.42 45.83
N TYR L 975 37.50 40.55 44.84
CA TYR L 975 36.19 40.27 44.27
C TYR L 975 36.08 38.77 44.04
N PRO L 976 34.90 38.18 44.31
CA PRO L 976 34.78 36.72 44.30
C PRO L 976 34.63 36.18 42.87
N VAL L 977 35.54 35.29 42.49
CA VAL L 977 35.45 34.56 41.23
C VAL L 977 35.77 33.10 41.50
N PRO L 978 34.79 32.31 41.97
CA PRO L 978 35.07 30.89 42.23
C PRO L 978 34.74 30.01 41.04
N VAL L 979 35.66 29.08 40.74
CA VAL L 979 35.42 28.02 39.77
C VAL L 979 35.78 26.70 40.43
N ASN L 980 34.81 26.10 41.11
CA ASN L 980 34.88 24.74 41.63
C ASN L 980 33.56 24.39 42.29
N PRO L 981 33.15 23.12 42.27
CA PRO L 981 32.07 22.70 43.17
C PRO L 981 32.51 22.65 44.61
N LEU L 982 33.82 22.62 44.85
CA LEU L 982 34.41 22.51 46.18
C LEU L 982 34.80 23.85 46.77
N PHE L 983 35.37 24.73 45.95
CA PHE L 983 35.80 26.06 46.41
C PHE L 983 34.72 27.11 46.24
N ALA L 984 33.47 26.70 46.06
CA ALA L 984 32.39 27.67 45.96
C ALA L 984 32.20 28.39 47.29
N CYS L 985 31.48 29.51 47.24
CA CYS L 985 31.30 30.36 48.40
C CYS L 985 29.94 31.04 48.30
N PRO L 986 28.95 30.57 49.06
CA PRO L 986 27.63 31.21 49.04
C PRO L 986 27.58 32.52 49.79
N GLU L 987 28.54 32.81 50.65
CA GLU L 987 28.54 34.03 51.45
C GLU L 987 29.57 35.06 51.02
N HIS L 988 30.62 34.64 50.31
CA HIS L 988 31.61 35.60 49.83
C HIS L 988 31.08 36.49 48.71
N LEU L 989 29.95 36.11 48.11
CA LEU L 989 29.37 36.91 47.03
C LEU L 989 28.84 38.25 47.50
N ALA L 990 28.66 38.43 48.81
CA ALA L 990 28.22 39.72 49.32
C ALA L 990 29.22 40.82 49.00
N SER L 991 30.51 40.46 48.88
CA SER L 991 31.53 41.43 48.53
C SER L 991 31.46 41.86 47.07
N LEU L 992 30.70 41.17 46.24
CA LEU L 992 30.56 41.55 44.84
C LEU L 992 29.59 42.71 44.71
N ARG L 993 29.85 43.57 43.73
CA ARG L 993 29.02 44.74 43.50
C ARG L 993 27.73 44.34 42.80
N GLY L 994 26.62 44.92 43.26
CA GLY L 994 25.32 44.66 42.68
C GLY L 994 24.81 43.26 42.98
N MET L 995 24.56 42.99 44.26
CA MET L 995 24.05 41.69 44.70
C MET L 995 22.67 41.90 45.33
N THR L 996 21.73 41.05 44.92
CA THR L 996 20.36 41.11 45.42
C THR L 996 20.03 39.88 46.22
N ASN L 997 18.93 39.96 46.98
CA ASN L 997 18.47 38.80 47.75
C ASN L 997 18.09 37.65 46.83
N ALA L 998 17.52 37.95 45.66
CA ALA L 998 17.16 36.89 44.73
C ALA L 998 18.39 36.15 44.23
N ARG L 999 19.42 36.88 43.80
CA ARG L 999 20.66 36.24 43.39
C ARG L 999 21.29 35.48 44.53
N ARG L 1000 21.22 36.03 45.75
CA ARG L 1000 21.79 35.34 46.91
C ARG L 1000 21.11 34.00 47.14
N VAL L 1001 19.78 33.99 47.17
CA VAL L 1001 19.06 32.75 47.46
C VAL L 1001 19.21 31.77 46.29
N LEU L 1002 19.35 32.28 45.07
CA LEU L 1002 19.58 31.39 43.94
C LEU L 1002 20.95 30.73 44.03
N ALA L 1003 21.97 31.47 44.45
CA ALA L 1003 23.31 30.89 44.61
C ALA L 1003 23.43 30.03 45.86
N LYS L 1004 22.52 30.19 46.83
CA LYS L 1004 22.60 29.42 48.06
C LYS L 1004 22.56 27.91 47.80
N MET L 1005 21.88 27.49 46.73
CA MET L 1005 21.75 26.07 46.42
C MET L 1005 22.71 25.64 45.31
N VAL L 1006 22.71 26.36 44.18
CA VAL L 1006 23.54 26.02 43.04
C VAL L 1006 24.86 26.78 43.18
N PRO L 1007 26.01 26.09 43.12
CA PRO L 1007 27.29 26.79 43.20
C PRO L 1007 27.52 27.65 41.97
N PRO L 1008 27.63 28.96 42.14
CA PRO L 1008 27.78 29.85 40.98
C PRO L 1008 29.15 29.72 40.33
N ILE L 1009 29.19 29.18 39.11
CA ILE L 1009 30.42 29.01 38.38
C ILE L 1009 30.19 29.56 36.97
N PRO L 1010 31.03 30.48 36.49
CA PRO L 1010 30.80 31.03 35.15
C PRO L 1010 31.09 30.00 34.09
N PRO L 1011 30.35 30.01 32.97
CA PRO L 1011 30.55 28.99 31.95
C PRO L 1011 31.89 29.09 31.24
N PHE L 1012 32.48 30.29 31.16
CA PHE L 1012 33.78 30.40 30.50
C PHE L 1012 34.91 29.80 31.31
N LEU L 1013 34.64 29.33 32.54
CA LEU L 1013 35.66 28.72 33.37
C LEU L 1013 35.48 27.22 33.54
N GLY L 1014 34.46 26.64 32.91
CA GLY L 1014 34.24 25.20 32.99
C GLY L 1014 32.85 24.86 33.49
N ALA L 1015 32.38 23.68 33.10
CA ALA L 1015 31.08 23.18 33.51
C ALA L 1015 31.24 21.98 34.44
N ASN L 1016 30.20 21.71 35.22
CA ASN L 1016 30.26 20.62 36.19
C ASN L 1016 30.35 19.27 35.49
N HIS L 1017 29.49 19.02 34.52
CA HIS L 1017 29.46 17.72 33.85
C HIS L 1017 30.69 17.47 33.00
N HIS L 1018 31.53 18.48 32.77
CA HIS L 1018 32.76 18.29 32.03
C HIS L 1018 34.01 18.38 32.89
N ALA L 1019 33.91 18.92 34.10
CA ALA L 1019 35.06 19.02 34.97
C ALA L 1019 35.34 17.68 35.65
N THR L 1020 36.53 17.59 36.25
CA THR L 1020 36.90 16.37 36.97
C THR L 1020 36.25 16.34 38.35
N ILE L 1021 36.53 17.32 39.18
CA ILE L 1021 35.91 17.43 40.50
C ILE L 1021 34.46 17.85 40.31
N ARG L 1022 33.54 17.03 40.81
CA ARG L 1022 32.11 17.24 40.58
C ARG L 1022 31.37 17.37 41.91
N GLN L 1023 30.04 17.40 41.83
CA GLN L 1023 29.22 17.65 43.01
C GLN L 1023 29.27 16.56 44.08
N PRO L 1024 29.41 15.26 43.75
CA PRO L 1024 29.43 14.26 44.83
C PRO L 1024 30.53 14.46 45.84
N VAL L 1025 31.77 14.73 45.41
CA VAL L 1025 32.85 14.88 46.36
C VAL L 1025 32.66 16.14 47.19
N ALA L 1026 32.08 17.18 46.59
CA ALA L 1026 31.79 18.40 47.35
C ALA L 1026 30.77 18.12 48.44
N TYR L 1027 29.69 17.41 48.10
CA TYR L 1027 28.70 17.04 49.11
C TYR L 1027 29.34 16.19 50.20
N HIS L 1028 30.21 15.26 49.80
CA HIS L 1028 30.89 14.40 50.78
C HIS L 1028 31.70 15.23 51.77
N VAL L 1029 32.50 16.16 51.26
CA VAL L 1029 33.36 16.94 52.15
C VAL L 1029 32.56 17.92 53.00
N THR L 1030 31.42 18.41 52.49
CA THR L 1030 30.67 19.38 53.27
C THR L 1030 29.69 18.74 54.23
N HIS L 1031 29.42 17.44 54.12
CA HIS L 1031 28.48 16.79 55.00
C HIS L 1031 29.08 15.71 55.89
N SER L 1032 30.27 15.19 55.59
CA SER L 1032 30.88 14.19 56.45
C SER L 1032 31.40 14.83 57.73
N LYS L 1033 31.05 14.27 58.88
CA LYS L 1033 31.55 14.71 60.17
C LYS L 1033 32.05 13.47 60.92
N SER L 1034 33.28 13.07 60.64
CA SER L 1034 33.90 11.95 61.34
C SER L 1034 35.15 12.38 62.10
N ASP L 1035 36.14 12.91 61.41
CA ASP L 1035 37.41 13.33 62.00
C ASP L 1035 38.18 14.09 60.92
N PHE L 1036 39.43 14.42 61.19
CA PHE L 1036 40.27 15.12 60.22
C PHE L 1036 41.25 14.20 59.52
N ASN L 1037 41.98 13.37 60.25
CA ASN L 1037 42.91 12.44 59.62
C ASN L 1037 42.18 11.45 58.73
N THR L 1038 41.12 10.82 59.27
CA THR L 1038 40.35 9.89 58.47
C THR L 1038 39.66 10.58 57.30
N LEU L 1039 39.27 11.84 57.46
CA LEU L 1039 38.67 12.56 56.34
C LEU L 1039 39.68 12.78 55.23
N THR L 1040 40.89 13.20 55.59
CA THR L 1040 41.95 13.35 54.60
C THR L 1040 42.23 12.03 53.88
N TYR L 1041 42.31 10.94 54.64
CA TYR L 1041 42.62 9.66 54.02
C TYR L 1041 41.48 9.17 53.13
N SER L 1042 40.24 9.43 53.54
CA SER L 1042 39.10 9.04 52.72
C SER L 1042 39.06 9.84 51.43
N LEU L 1043 39.38 11.13 51.50
CA LEU L 1043 39.47 11.92 50.27
C LEU L 1043 40.59 11.40 49.36
N LEU L 1044 41.73 11.06 49.95
CA LEU L 1044 42.81 10.47 49.16
C LEU L 1044 42.34 9.21 48.45
N GLY L 1045 41.70 8.31 49.18
CA GLY L 1045 41.19 7.09 48.58
C GLY L 1045 40.13 7.34 47.53
N GLY L 1046 39.30 8.37 47.71
CA GLY L 1046 38.33 8.71 46.69
C GLY L 1046 38.94 9.30 45.43
N TYR L 1047 40.10 9.93 45.55
CA TYR L 1047 40.79 10.49 44.39
C TYR L 1047 41.55 9.38 43.64
N PHE L 1048 40.78 8.54 42.96
CA PHE L 1048 41.35 7.45 42.17
C PHE L 1048 40.60 7.32 40.86
N LYS L 1049 41.28 6.76 39.85
CA LYS L 1049 40.70 6.65 38.53
C LYS L 1049 39.83 5.41 38.42
N PHE L 1050 38.86 5.48 37.49
CA PHE L 1050 37.95 4.38 37.23
C PHE L 1050 38.16 3.78 35.84
N THR L 1051 39.36 3.89 35.32
CA THR L 1051 39.71 3.32 34.02
C THR L 1051 40.00 1.83 34.15
N PRO L 1052 39.66 1.03 33.14
CA PRO L 1052 40.02 -0.40 33.18
C PRO L 1052 41.50 -0.67 33.38
N ILE L 1053 42.37 0.33 33.21
CA ILE L 1053 43.77 0.14 33.56
C ILE L 1053 44.01 0.43 35.04
N SER L 1054 43.37 1.46 35.59
CA SER L 1054 43.50 1.72 37.01
C SER L 1054 42.92 0.58 37.84
N LEU L 1055 41.86 -0.06 37.34
CA LEU L 1055 41.33 -1.24 38.01
C LEU L 1055 42.35 -2.37 38.02
N THR L 1056 43.15 -2.50 36.95
CA THR L 1056 44.19 -3.52 36.92
C THR L 1056 45.18 -3.35 38.07
N HIS L 1057 45.42 -2.10 38.47
CA HIS L 1057 46.32 -1.85 39.60
C HIS L 1057 45.59 -2.05 40.93
N GLN L 1058 44.37 -1.54 41.04
CA GLN L 1058 43.67 -1.56 42.32
C GLN L 1058 43.30 -2.98 42.72
N LEU L 1059 42.70 -3.74 41.80
CA LEU L 1059 42.31 -5.12 42.11
C LEU L 1059 43.50 -5.99 42.48
N ARG L 1060 44.67 -5.73 41.91
CA ARG L 1060 45.87 -6.49 42.22
C ARG L 1060 46.47 -6.08 43.55
N THR L 1061 46.49 -4.77 43.84
CA THR L 1061 47.04 -4.30 45.10
C THR L 1061 46.16 -4.66 46.29
N GLY L 1062 44.85 -4.69 46.11
CA GLY L 1062 43.93 -4.98 47.19
C GLY L 1062 43.06 -3.82 47.59
N PHE L 1063 43.19 -2.68 46.93
CA PHE L 1063 42.37 -1.51 47.24
C PHE L 1063 40.95 -1.73 46.74
N HIS L 1064 39.98 -1.69 47.65
CA HIS L 1064 38.60 -1.98 47.29
C HIS L 1064 37.95 -0.75 46.66
N PRO L 1065 37.53 -0.82 45.40
CA PRO L 1065 36.85 0.31 44.79
C PRO L 1065 35.39 0.39 45.24
N GLY L 1066 34.69 1.38 44.71
CA GLY L 1066 33.30 1.61 45.07
C GLY L 1066 32.31 0.89 44.18
N ILE L 1067 32.27 -0.43 44.28
CA ILE L 1067 31.38 -1.25 43.45
C ILE L 1067 31.29 -2.62 44.08
N ALA L 1068 30.12 -3.26 43.95
CA ALA L 1068 29.93 -4.61 44.46
C ALA L 1068 29.58 -5.53 43.29
N PHE L 1069 29.67 -6.83 43.54
CA PHE L 1069 29.38 -7.83 42.53
C PHE L 1069 28.44 -8.88 43.08
N THR L 1070 27.71 -9.51 42.17
CA THR L 1070 26.96 -10.72 42.47
C THR L 1070 27.38 -11.80 41.48
N VAL L 1071 27.58 -13.00 42.00
CA VAL L 1071 28.08 -14.12 41.22
C VAL L 1071 26.96 -15.11 40.99
N VAL L 1072 26.94 -15.67 39.79
CA VAL L 1072 25.96 -16.68 39.39
C VAL L 1072 26.71 -17.89 38.85
N ARG L 1073 26.28 -19.08 39.25
CA ARG L 1073 26.94 -20.31 38.83
C ARG L 1073 25.90 -21.41 38.66
N GLN L 1074 26.00 -22.15 37.55
CA GLN L 1074 25.08 -23.22 37.24
C GLN L 1074 25.72 -24.58 37.52
N ASP L 1075 24.93 -25.50 38.06
CA ASP L 1075 25.40 -26.83 38.37
C ASP L 1075 24.39 -27.87 37.89
N ARG L 1076 24.84 -29.11 37.78
CA ARG L 1076 24.03 -30.19 37.24
C ARG L 1076 24.21 -31.45 38.08
N PHE L 1077 23.10 -32.11 38.40
CA PHE L 1077 23.11 -33.31 39.22
C PHE L 1077 22.33 -34.41 38.52
N ALA L 1078 22.85 -35.64 38.59
CA ALA L 1078 22.16 -36.80 38.07
C ALA L 1078 21.20 -37.32 39.14
N THR L 1079 19.93 -37.51 38.75
CA THR L 1079 18.92 -37.97 39.68
C THR L 1079 18.29 -39.25 39.14
N GLU L 1080 17.69 -40.01 40.04
CA GLU L 1080 16.87 -41.17 39.69
C GLU L 1080 15.42 -40.71 39.66
N GLN L 1081 14.68 -41.16 38.66
CA GLN L 1081 13.32 -40.66 38.44
C GLN L 1081 12.29 -41.75 38.74
N LEU L 1082 11.03 -41.37 38.63
CA LEU L 1082 9.91 -42.26 38.90
C LEU L 1082 8.78 -41.86 37.96
N LEU L 1083 8.29 -42.83 37.19
CA LEU L 1083 7.27 -42.59 36.18
C LEU L 1083 6.05 -43.43 36.45
N TYR L 1084 4.87 -42.84 36.26
CA TYR L 1084 3.60 -43.54 36.38
C TYR L 1084 2.76 -43.22 35.15
N ALA L 1085 2.10 -44.24 34.62
CA ALA L 1085 1.28 -44.09 33.42
C ALA L 1085 -0.07 -44.76 33.65
N GLU L 1086 -1.05 -44.38 32.84
CA GLU L 1086 -2.39 -44.94 32.91
C GLU L 1086 -2.49 -46.19 32.05
N ARG L 1087 -3.66 -46.83 32.08
CA ARG L 1087 -3.85 -48.10 31.39
C ARG L 1087 -3.85 -47.90 29.88
N ALA L 1088 -4.82 -47.17 29.37
CA ALA L 1088 -4.96 -46.91 27.94
C ALA L 1088 -4.39 -45.53 27.67
N SER L 1089 -3.06 -45.44 27.58
CA SER L 1089 -2.41 -44.16 27.42
C SER L 1089 -2.05 -43.82 25.99
N GLU L 1090 -1.85 -44.82 25.13
CA GLU L 1090 -1.43 -44.54 23.77
C GLU L 1090 -1.88 -45.66 22.83
N SER L 1091 -2.31 -45.25 21.65
CA SER L 1091 -2.60 -46.15 20.53
C SER L 1091 -1.30 -46.26 19.74
N TYR L 1092 -0.96 -47.49 19.36
CA TYR L 1092 0.36 -47.80 18.82
C TYR L 1092 0.22 -48.66 17.57
N PHE L 1093 0.65 -48.13 16.43
CA PHE L 1093 0.54 -48.81 15.14
C PHE L 1093 1.91 -49.24 14.66
N VAL L 1094 1.99 -50.41 14.06
CA VAL L 1094 3.23 -50.98 13.55
C VAL L 1094 3.01 -51.35 12.08
N GLY L 1095 4.00 -51.05 11.24
CA GLY L 1095 3.98 -51.48 9.86
C GLY L 1095 4.78 -52.75 9.65
N GLN L 1096 5.01 -53.07 8.38
CA GLN L 1096 5.79 -54.26 8.05
C GLN L 1096 7.24 -53.89 7.81
N ILE L 1097 8.13 -54.82 8.14
CA ILE L 1097 9.56 -54.58 8.05
C ILE L 1097 9.98 -54.57 6.58
N GLN L 1098 11.13 -53.96 6.32
CA GLN L 1098 11.72 -53.94 4.99
C GLN L 1098 13.22 -54.22 5.09
N VAL L 1099 13.71 -54.97 4.11
CA VAL L 1099 15.12 -55.32 4.03
C VAL L 1099 15.80 -54.36 3.07
N HIS L 1100 17.04 -54.03 3.36
CA HIS L 1100 17.79 -53.09 2.53
C HIS L 1100 19.19 -53.65 2.29
N HIS L 1101 19.41 -54.20 1.10
CA HIS L 1101 20.73 -54.67 0.71
C HIS L 1101 21.65 -53.48 0.46
N HIS L 1102 22.90 -53.61 0.90
CA HIS L 1102 23.85 -52.52 0.76
C HIS L 1102 25.26 -53.05 0.90
N ASP L 1103 26.19 -52.41 0.19
CA ASP L 1103 27.58 -52.81 0.25
C ASP L 1103 28.23 -52.37 1.56
N ALA L 1104 29.40 -52.93 1.84
CA ALA L 1104 30.11 -52.68 3.09
C ALA L 1104 31.60 -52.55 2.77
N ILE L 1105 32.41 -52.56 3.82
CA ILE L 1105 33.86 -52.41 3.64
C ILE L 1105 34.49 -53.75 3.24
N GLY L 1106 34.07 -54.83 3.87
CA GLY L 1106 34.62 -56.14 3.54
C GLY L 1106 33.57 -57.08 2.97
N GLY L 1107 32.33 -56.93 3.43
CA GLY L 1107 31.26 -57.80 2.97
C GLY L 1107 30.02 -57.02 2.58
N VAL L 1108 28.87 -57.40 3.14
CA VAL L 1108 27.63 -56.71 2.87
C VAL L 1108 26.98 -56.30 4.18
N ASN L 1109 26.16 -55.26 4.12
CA ASN L 1109 25.52 -54.67 5.30
C ASN L 1109 24.02 -54.61 5.07
N PHE L 1110 23.32 -55.70 5.40
CA PHE L 1110 21.87 -55.67 5.38
C PHE L 1110 21.36 -54.74 6.46
N THR L 1111 20.31 -53.99 6.14
CA THR L 1111 19.70 -53.06 7.08
C THR L 1111 18.20 -53.31 7.12
N LEU L 1112 17.66 -53.40 8.33
CA LEU L 1112 16.25 -53.66 8.54
C LEU L 1112 15.61 -52.42 9.15
N THR L 1113 14.48 -52.01 8.60
CA THR L 1113 13.79 -50.80 9.01
C THR L 1113 12.29 -51.07 9.09
N GLN L 1114 11.65 -50.45 10.08
CA GLN L 1114 10.23 -50.67 10.31
C GLN L 1114 9.56 -49.39 10.79
N PRO L 1115 8.48 -48.95 10.16
CA PRO L 1115 7.80 -47.73 10.61
C PRO L 1115 6.73 -48.03 11.65
N ARG L 1116 6.47 -47.05 12.50
CA ARG L 1116 5.52 -47.14 13.58
C ARG L 1116 4.90 -45.77 13.83
N ALA L 1117 3.78 -45.76 14.54
CA ALA L 1117 3.08 -44.52 14.82
C ALA L 1117 2.46 -44.60 16.21
N HIS L 1118 2.29 -43.44 16.83
CA HIS L 1118 1.74 -43.40 18.19
C HIS L 1118 0.85 -42.18 18.35
N VAL L 1119 -0.27 -42.37 19.06
CA VAL L 1119 -1.20 -41.30 19.37
C VAL L 1119 -1.55 -41.38 20.85
N ASP L 1120 -1.74 -40.24 21.49
CA ASP L 1120 -2.17 -40.19 22.88
C ASP L 1120 -3.66 -39.91 22.92
N LEU L 1121 -4.45 -40.87 23.38
CA LEU L 1121 -5.90 -40.69 23.47
C LEU L 1121 -6.30 -40.13 24.84
N GLY L 1122 -5.59 -39.08 25.24
CA GLY L 1122 -5.75 -38.50 26.55
C GLY L 1122 -6.60 -37.24 26.51
N VAL L 1123 -7.76 -37.30 27.16
CA VAL L 1123 -8.56 -36.11 27.40
C VAL L 1123 -7.93 -35.22 28.45
N GLY L 1124 -6.95 -35.73 29.19
CA GLY L 1124 -6.20 -34.95 30.14
C GLY L 1124 -4.75 -35.37 30.15
N TYR L 1125 -4.18 -35.58 31.33
CA TYR L 1125 -2.82 -36.08 31.47
C TYR L 1125 -2.86 -37.50 31.99
N THR L 1126 -2.11 -38.39 31.35
CA THR L 1126 -2.15 -39.82 31.67
C THR L 1126 -0.79 -40.34 32.11
N ALA L 1127 0.16 -39.45 32.42
CA ALA L 1127 1.48 -39.86 32.85
C ALA L 1127 2.08 -38.77 33.72
N VAL L 1128 2.74 -39.20 34.80
CA VAL L 1128 3.33 -38.28 35.77
C VAL L 1128 4.75 -38.75 36.06
N CYS L 1129 5.69 -37.80 36.11
CA CYS L 1129 7.08 -38.09 36.41
C CYS L 1129 7.53 -37.27 37.61
N ALA L 1130 8.47 -37.82 38.37
CA ALA L 1130 8.96 -37.12 39.56
C ALA L 1130 10.38 -37.58 39.87
N THR L 1131 11.24 -36.63 40.22
CA THR L 1131 12.63 -36.92 40.55
C THR L 1131 12.72 -37.42 41.99
N ALA L 1132 12.91 -38.72 42.17
CA ALA L 1132 12.80 -39.31 43.50
C ALA L 1132 14.09 -39.14 44.31
N ALA L 1133 15.19 -39.72 43.82
CA ALA L 1133 16.43 -39.77 44.57
C ALA L 1133 17.52 -39.00 43.84
N LEU L 1134 18.62 -38.76 44.55
CA LEU L 1134 19.74 -38.00 44.03
C LEU L 1134 20.99 -38.87 44.00
N ARG L 1135 21.63 -38.95 42.85
CA ARG L 1135 22.89 -39.66 42.68
C ARG L 1135 24.06 -38.69 42.91
N CYS L 1136 25.26 -39.12 42.55
CA CYS L 1136 26.42 -38.26 42.76
C CYS L 1136 26.35 -37.03 41.85
N PRO L 1137 26.82 -35.89 42.34
CA PRO L 1137 26.91 -34.70 41.47
C PRO L 1137 27.90 -34.93 40.34
N LEU L 1138 27.65 -34.25 39.23
CA LEU L 1138 28.53 -34.38 38.07
C LEU L 1138 29.49 -33.21 37.96
N THR L 1139 28.97 -31.99 37.92
CA THR L 1139 29.82 -30.82 37.84
C THR L 1139 30.48 -30.55 39.19
N ASP L 1140 31.35 -29.57 39.21
CA ASP L 1140 32.07 -29.16 40.40
C ASP L 1140 31.71 -27.73 40.75
N MET L 1141 31.59 -27.45 42.04
CA MET L 1141 31.25 -26.11 42.52
C MET L 1141 32.52 -25.32 42.83
N GLY L 1142 33.39 -25.21 41.84
CA GLY L 1142 34.65 -24.51 41.97
C GLY L 1142 34.49 -23.02 41.80
N ASN L 1143 35.64 -22.35 41.69
CA ASN L 1143 35.71 -20.91 41.48
C ASN L 1143 36.52 -20.66 40.21
N THR L 1144 35.84 -20.68 39.07
CA THR L 1144 36.47 -20.45 37.77
C THR L 1144 35.81 -19.24 37.14
N ALA L 1145 36.57 -18.18 36.94
CA ALA L 1145 36.03 -16.95 36.39
C ALA L 1145 35.80 -17.10 34.89
N GLN L 1146 34.99 -16.19 34.36
CA GLN L 1146 34.67 -16.17 32.93
C GLN L 1146 35.52 -15.13 32.24
N ASN L 1147 36.35 -15.57 31.29
CA ASN L 1147 37.25 -14.69 30.56
C ASN L 1147 36.50 -14.10 29.37
N LEU L 1148 36.32 -12.77 29.39
CA LEU L 1148 35.62 -12.09 28.31
C LEU L 1148 36.54 -11.74 27.14
N PHE L 1149 37.71 -12.36 27.05
CA PHE L 1149 38.62 -12.14 25.94
C PHE L 1149 38.45 -13.19 24.85
N PHE L 1150 37.37 -13.97 24.91
CA PHE L 1150 37.09 -14.99 23.91
C PHE L 1150 36.17 -14.49 22.81
N SER L 1151 35.72 -13.25 22.89
CA SER L 1151 34.78 -12.68 21.94
C SER L 1151 35.44 -11.56 21.15
N ARG L 1152 34.88 -11.25 19.99
CA ARG L 1152 35.39 -10.21 19.13
C ARG L 1152 34.23 -9.39 18.58
N GLY L 1153 34.50 -8.11 18.32
CA GLY L 1153 33.50 -7.25 17.72
C GLY L 1153 33.39 -5.88 18.35
N GLY L 1154 33.62 -5.80 19.66
CA GLY L 1154 33.53 -4.54 20.35
C GLY L 1154 34.59 -3.55 19.90
N VAL L 1155 34.38 -2.30 20.27
CA VAL L 1155 35.36 -1.27 19.94
C VAL L 1155 36.64 -1.52 20.73
N PRO L 1156 37.80 -1.52 20.10
CA PRO L 1156 39.04 -1.77 20.83
C PRO L 1156 39.69 -0.50 21.35
N MET L 1157 40.78 -0.64 22.08
CA MET L 1157 41.55 0.51 22.50
C MET L 1157 42.39 1.04 21.35
N LEU L 1158 42.69 2.34 21.40
CA LEU L 1158 43.47 2.95 20.33
C LEU L 1158 44.87 2.39 20.23
N HIS L 1159 45.44 1.94 21.34
CA HIS L 1159 46.80 1.44 21.38
C HIS L 1159 46.80 -0.08 21.50
N ASP L 1160 47.61 -0.74 20.68
CA ASP L 1160 47.65 -2.19 20.69
C ASP L 1160 48.35 -2.72 21.93
N ASN L 1161 49.42 -2.04 22.37
CA ASN L 1161 50.12 -2.48 23.56
C ASN L 1161 49.23 -2.46 24.78
N VAL L 1162 48.29 -1.51 24.85
CA VAL L 1162 47.38 -1.43 25.99
C VAL L 1162 46.57 -2.71 26.11
N THR L 1163 45.85 -3.07 25.04
CA THR L 1163 45.03 -4.28 25.10
C THR L 1163 45.86 -5.54 25.20
N GLU L 1164 47.08 -5.55 24.64
CA GLU L 1164 47.93 -6.72 24.79
C GLU L 1164 48.33 -6.93 26.25
N SER L 1165 48.82 -5.88 26.90
CA SER L 1165 49.15 -5.97 28.31
C SER L 1165 47.93 -6.31 29.15
N LEU L 1166 46.77 -5.77 28.79
CA LEU L 1166 45.54 -6.09 29.50
C LEU L 1166 45.23 -7.57 29.43
N ARG L 1167 45.25 -8.14 28.22
CA ARG L 1167 44.98 -9.57 28.07
C ARG L 1167 46.03 -10.41 28.79
N ARG L 1168 47.29 -10.00 28.74
CA ARG L 1168 48.34 -10.78 29.42
C ARG L 1168 48.12 -10.78 30.93
N ILE L 1169 47.82 -9.62 31.51
CA ILE L 1169 47.61 -9.55 32.94
C ILE L 1169 46.39 -10.34 33.35
N THR L 1170 45.30 -10.23 32.60
CA THR L 1170 44.10 -11.00 32.93
C THR L 1170 44.34 -12.50 32.80
N ALA L 1171 45.12 -12.91 31.79
CA ALA L 1171 45.47 -14.32 31.68
C ALA L 1171 46.29 -14.78 32.88
N SER L 1172 47.19 -13.93 33.36
CA SER L 1172 47.86 -14.21 34.62
C SER L 1172 46.85 -14.25 35.76
N GLY L 1173 47.02 -15.21 36.65
CA GLY L 1173 46.09 -15.36 37.75
C GLY L 1173 44.76 -15.97 37.37
N GLY L 1174 44.74 -16.81 36.33
CA GLY L 1174 43.53 -17.51 35.92
C GLY L 1174 43.90 -18.89 35.43
N ARG L 1175 42.87 -19.65 35.06
CA ARG L 1175 43.07 -21.01 34.58
C ARG L 1175 42.79 -21.15 33.09
N LEU L 1176 41.60 -20.76 32.63
CA LEU L 1176 41.28 -20.84 31.21
C LEU L 1176 41.69 -19.53 30.53
N ASN L 1177 42.42 -19.65 29.44
CA ASN L 1177 42.91 -18.51 28.68
C ASN L 1177 43.04 -18.92 27.22
N PRO L 1178 42.86 -18.00 26.29
CA PRO L 1178 43.14 -18.32 24.89
C PRO L 1178 44.62 -18.60 24.68
N THR L 1179 44.91 -19.41 23.66
CA THR L 1179 46.29 -19.76 23.37
C THR L 1179 47.08 -18.52 22.98
N GLU L 1180 48.41 -18.64 23.07
CA GLU L 1180 49.26 -17.47 22.86
C GLU L 1180 49.30 -16.98 21.41
N PRO L 1181 49.29 -17.84 20.37
CA PRO L 1181 49.42 -17.29 19.01
C PRO L 1181 48.24 -16.45 18.58
N LEU L 1182 47.08 -16.59 19.23
CA LEU L 1182 45.86 -15.91 18.85
C LEU L 1182 45.58 -16.15 17.37
N PRO L 1183 45.20 -17.36 16.99
CA PRO L 1183 45.12 -17.70 15.57
C PRO L 1183 43.93 -17.03 14.91
N ILE L 1184 44.22 -16.25 13.87
CA ILE L 1184 43.14 -15.71 13.04
C ILE L 1184 42.44 -16.86 12.34
N PHE L 1185 41.14 -16.69 12.09
CA PHE L 1185 40.33 -17.70 11.42
C PHE L 1185 40.37 -19.01 12.22
N GLY L 1186 39.82 -18.94 13.42
CA GLY L 1186 39.79 -20.10 14.31
C GLY L 1186 38.65 -20.08 15.30
N GLY L 1187 38.76 -20.89 16.35
CA GLY L 1187 37.71 -20.98 17.34
C GLY L 1187 38.07 -20.41 18.70
N LEU L 1188 39.35 -20.09 18.90
CA LEU L 1188 39.86 -19.51 20.14
C LEU L 1188 39.54 -20.41 21.34
N ARG L 1189 40.08 -21.62 21.30
CA ARG L 1189 39.81 -22.56 22.37
C ARG L 1189 40.97 -22.58 23.37
N PRO L 1190 40.68 -22.82 24.64
CA PRO L 1190 41.75 -22.91 25.63
C PRO L 1190 42.53 -24.22 25.50
N ALA L 1191 43.79 -24.15 25.90
CA ALA L 1191 44.66 -25.32 25.81
C ALA L 1191 44.22 -26.37 26.82
N THR L 1192 44.07 -27.61 26.34
CA THR L 1192 43.65 -28.70 27.20
C THR L 1192 44.73 -29.00 28.23
N SER L 1193 44.30 -29.37 29.44
CA SER L 1193 45.21 -29.67 30.53
C SER L 1193 45.33 -31.18 30.70
N ALA L 1194 46.01 -31.60 31.76
CA ALA L 1194 46.14 -33.02 32.08
C ALA L 1194 44.89 -33.48 32.82
N GLY L 1195 44.98 -34.65 33.45
CA GLY L 1195 43.85 -35.29 34.11
C GLY L 1195 42.98 -34.41 34.99
N ILE L 1196 41.70 -34.74 35.06
CA ILE L 1196 40.71 -33.99 35.82
C ILE L 1196 40.63 -34.58 37.22
N ALA L 1197 40.34 -33.72 38.20
CA ALA L 1197 40.40 -34.12 39.60
C ALA L 1197 39.08 -34.68 40.13
N ARG L 1198 38.02 -33.85 40.12
CA ARG L 1198 36.79 -34.27 40.79
C ARG L 1198 35.54 -33.89 40.01
N GLY L 1199 35.63 -33.70 38.70
CA GLY L 1199 34.46 -33.42 37.88
C GLY L 1199 34.67 -32.18 37.02
N GLN L 1200 33.69 -31.95 36.17
CA GLN L 1200 33.74 -30.82 35.25
C GLN L 1200 33.54 -29.52 36.01
N ALA L 1201 34.44 -28.57 35.78
CA ALA L 1201 34.33 -27.28 36.45
C ALA L 1201 33.22 -26.44 35.84
N SER L 1202 32.67 -25.55 36.65
CA SER L 1202 31.58 -24.67 36.23
C SER L 1202 32.04 -23.23 36.29
N VAL L 1203 31.68 -22.46 35.27
CA VAL L 1203 32.09 -21.06 35.21
C VAL L 1203 31.20 -20.21 36.10
N CYS L 1204 31.71 -19.05 36.49
CA CYS L 1204 31.00 -18.12 37.35
C CYS L 1204 30.89 -16.78 36.65
N GLU L 1205 29.68 -16.24 36.57
CA GLU L 1205 29.43 -14.96 35.91
C GLU L 1205 29.24 -13.88 36.97
N PHE L 1206 29.88 -12.74 36.75
CA PHE L 1206 29.85 -11.62 37.68
C PHE L 1206 28.99 -10.49 37.13
N VAL L 1207 28.19 -9.88 38.00
CA VAL L 1207 27.35 -8.75 37.64
C VAL L 1207 27.66 -7.60 38.59
N ALA L 1208 27.77 -6.39 38.05
CA ALA L 1208 28.06 -5.22 38.85
C ALA L 1208 26.81 -4.72 39.56
N MET L 1209 27.02 -4.02 40.66
CA MET L 1209 25.91 -3.50 41.46
C MET L 1209 26.45 -2.43 42.39
N PRO L 1210 25.59 -1.55 42.91
CA PRO L 1210 26.04 -0.56 43.89
C PRO L 1210 26.56 -1.23 45.16
N VAL L 1211 27.29 -0.45 45.95
CA VAL L 1211 27.89 -0.98 47.17
C VAL L 1211 26.82 -1.25 48.22
N SER L 1212 26.11 -0.20 48.63
CA SER L 1212 25.12 -0.31 49.70
C SER L 1212 23.80 -0.79 49.11
N THR L 1213 23.76 -2.08 48.82
CA THR L 1213 22.56 -2.74 48.31
C THR L 1213 21.96 -3.58 49.43
N ASP L 1214 20.62 -3.65 49.45
CA ASP L 1214 19.91 -4.40 50.47
C ASP L 1214 20.40 -5.84 50.52
N LEU L 1215 20.96 -6.24 51.67
CA LEU L 1215 21.46 -7.59 51.82
C LEU L 1215 20.35 -8.60 52.09
N GLN L 1216 19.24 -8.14 52.67
CA GLN L 1216 18.12 -9.03 52.95
C GLN L 1216 17.54 -9.62 51.68
N TYR L 1217 17.76 -8.99 50.53
CA TYR L 1217 17.24 -9.50 49.27
C TYR L 1217 17.90 -10.79 48.85
N PHE L 1218 19.12 -11.06 49.33
CA PHE L 1218 19.88 -12.24 48.93
C PHE L 1218 19.70 -13.41 49.87
N ARG L 1219 18.68 -13.38 50.72
CA ARG L 1219 18.45 -14.45 51.68
C ARG L 1219 17.31 -15.39 51.27
N THR L 1220 16.63 -15.09 50.17
CA THR L 1220 15.59 -15.98 49.65
C THR L 1220 15.86 -16.32 48.20
N ALA L 1221 14.91 -16.97 47.54
CA ALA L 1221 15.06 -17.25 46.12
C ALA L 1221 14.89 -15.97 45.31
N CYS L 1222 15.99 -15.30 45.01
CA CYS L 1222 15.96 -14.00 44.38
C CYS L 1222 16.13 -14.15 42.86
N ASN L 1223 16.21 -13.01 42.17
CA ASN L 1223 16.41 -12.98 40.74
C ASN L 1223 17.64 -12.13 40.43
N PRO L 1224 18.59 -12.63 39.64
CA PRO L 1224 19.84 -11.89 39.45
C PRO L 1224 19.70 -10.63 38.64
N ARG L 1225 18.66 -10.51 37.80
CA ARG L 1225 18.49 -9.32 36.99
C ARG L 1225 18.28 -8.08 37.86
N GLY L 1226 17.79 -8.26 39.07
CA GLY L 1226 17.43 -7.17 39.96
C GLY L 1226 15.95 -6.88 40.00
N ARG L 1227 15.21 -7.31 38.99
CA ARG L 1227 13.77 -7.11 38.92
C ARG L 1227 13.13 -8.40 38.40
N ALA L 1228 11.96 -8.72 38.94
CA ALA L 1228 11.28 -9.94 38.53
C ALA L 1228 10.66 -9.78 37.15
N SER L 1229 10.69 -10.84 36.37
CA SER L 1229 10.13 -10.83 35.02
C SER L 1229 9.47 -12.18 34.77
N GLY L 1230 9.12 -12.44 33.52
CA GLY L 1230 8.50 -13.69 33.11
C GLY L 1230 7.08 -13.47 32.62
N MET L 1231 6.59 -14.50 31.94
CA MET L 1231 5.24 -14.50 31.40
C MET L 1231 4.20 -14.96 32.40
N LEU L 1232 4.55 -15.03 33.68
CA LEU L 1232 3.66 -15.54 34.71
C LEU L 1232 2.81 -14.45 35.34
N TYR L 1233 2.88 -13.21 34.85
CA TYR L 1233 2.10 -12.09 35.35
C TYR L 1233 1.42 -11.42 34.17
N MET L 1234 0.19 -11.83 33.88
CA MET L 1234 -0.54 -11.38 32.70
C MET L 1234 -2.03 -11.38 33.05
N GLY L 1235 -2.86 -11.40 32.01
CA GLY L 1235 -4.30 -11.56 32.23
C GLY L 1235 -5.18 -10.77 31.29
N ASP L 1236 -4.70 -9.67 30.73
CA ASP L 1236 -5.52 -8.84 29.87
C ASP L 1236 -4.97 -8.71 28.45
N ARG L 1237 -3.68 -8.42 28.30
CA ARG L 1237 -3.11 -8.05 27.02
C ARG L 1237 -1.94 -8.96 26.67
N ASP L 1238 -1.44 -8.78 25.45
CA ASP L 1238 -0.32 -9.57 24.96
C ASP L 1238 1.01 -8.82 25.05
N ALA L 1239 0.98 -7.50 24.99
CA ALA L 1239 2.20 -6.70 25.06
C ALA L 1239 2.50 -6.28 26.50
N ASP L 1240 2.54 -7.26 27.41
CA ASP L 1240 2.86 -7.01 28.79
C ASP L 1240 4.15 -7.66 29.25
N ILE L 1241 4.63 -8.69 28.54
CA ILE L 1241 5.93 -9.26 28.87
C ILE L 1241 7.02 -8.20 28.68
N GLU L 1242 6.93 -7.44 27.59
CA GLU L 1242 7.86 -6.33 27.40
C GLU L 1242 7.56 -5.18 28.35
N ALA L 1243 6.29 -5.02 28.75
CA ALA L 1243 5.93 -4.00 29.72
C ALA L 1243 6.71 -4.22 31.00
N ILE L 1244 6.52 -5.37 31.64
CA ILE L 1244 7.33 -5.72 32.82
C ILE L 1244 8.53 -6.50 32.32
N MET L 1245 9.46 -5.80 31.70
CA MET L 1245 10.86 -6.22 31.69
C MET L 1245 11.84 -5.06 31.78
N PHE L 1246 11.48 -3.87 31.31
CA PHE L 1246 12.36 -2.71 31.34
C PHE L 1246 11.68 -1.41 31.76
N ASP L 1247 10.35 -1.31 31.65
CA ASP L 1247 9.65 -0.09 32.00
C ASP L 1247 9.78 0.22 33.49
N HIS L 1248 10.52 1.27 33.82
CA HIS L 1248 10.76 1.66 35.20
C HIS L 1248 9.86 2.81 35.63
N THR L 1249 8.81 3.10 34.86
CA THR L 1249 7.83 4.10 35.29
C THR L 1249 6.89 3.57 36.35
N GLN L 1250 6.81 2.25 36.50
CA GLN L 1250 6.01 1.62 37.55
C GLN L 1250 6.90 0.76 38.43
N SER L 1251 6.39 0.44 39.61
CA SER L 1251 7.18 -0.29 40.59
C SER L 1251 7.39 -1.74 40.15
N ASP L 1252 8.31 -2.41 40.84
CA ASP L 1252 8.53 -3.82 40.59
C ASP L 1252 7.27 -4.61 40.91
N VAL L 1253 7.14 -5.77 40.25
CA VAL L 1253 5.96 -6.59 40.47
C VAL L 1253 6.06 -7.33 41.80
N ALA L 1254 7.24 -7.87 42.11
CA ALA L 1254 7.41 -8.64 43.34
C ALA L 1254 7.42 -7.73 44.56
N TYR L 1255 8.37 -6.80 44.61
CA TYR L 1255 8.46 -5.81 45.69
C TYR L 1255 7.82 -4.53 45.17
N THR L 1256 6.56 -4.32 45.52
CA THR L 1256 5.83 -3.17 44.99
C THR L 1256 6.15 -1.91 45.77
N ASP L 1257 7.43 -1.61 45.92
CA ASP L 1257 7.86 -0.37 46.56
C ASP L 1257 9.08 0.25 45.89
N ARG L 1258 9.56 -0.31 44.78
CA ARG L 1258 10.76 0.18 44.13
C ARG L 1258 10.77 -0.30 42.69
N ALA L 1259 11.54 0.39 41.85
CA ALA L 1259 11.61 0.02 40.44
C ALA L 1259 12.46 -1.24 40.25
N THR L 1260 13.71 -1.19 40.68
CA THR L 1260 14.62 -2.33 40.55
C THR L 1260 15.55 -2.37 41.75
N LEU L 1261 16.35 -3.42 41.83
CA LEU L 1261 17.35 -3.49 42.89
C LEU L 1261 18.59 -2.70 42.52
N ASN L 1262 19.25 -3.08 41.42
CA ASN L 1262 20.40 -2.33 40.93
C ASN L 1262 20.05 -1.68 39.60
N PRO L 1263 20.17 -0.36 39.47
CA PRO L 1263 19.85 0.30 38.21
C PRO L 1263 20.92 0.16 37.13
N TRP L 1264 21.87 -0.75 37.29
CA TRP L 1264 22.92 -0.94 36.28
C TRP L 1264 22.74 -2.19 35.46
N ALA L 1265 21.80 -3.08 35.81
CA ALA L 1265 21.64 -4.33 35.09
C ALA L 1265 20.16 -4.66 34.87
N SER L 1266 19.31 -3.65 34.76
CA SER L 1266 17.89 -3.90 34.62
C SER L 1266 17.18 -3.00 33.60
N GLN L 1267 17.90 -2.08 32.95
CA GLN L 1267 17.24 -1.18 32.02
C GLN L 1267 17.29 -1.74 30.61
N LYS L 1268 16.80 -0.94 29.65
CA LYS L 1268 16.75 -1.38 28.26
C LYS L 1268 18.15 -1.51 27.67
N HIS L 1269 19.06 -0.62 28.06
CA HIS L 1269 20.43 -0.66 27.56
C HIS L 1269 21.41 -0.44 28.70
N SER L 1270 21.11 -1.02 29.86
CA SER L 1270 22.00 -0.93 31.00
C SER L 1270 23.30 -1.70 30.71
N TYR L 1271 24.23 -1.64 31.65
CA TYR L 1271 25.53 -2.26 31.45
C TYR L 1271 25.41 -3.77 31.31
N GLY L 1272 24.79 -4.42 32.29
CA GLY L 1272 24.63 -5.87 32.21
C GLY L 1272 23.78 -6.31 31.04
N ASP L 1273 22.78 -5.50 30.67
CA ASP L 1273 21.95 -5.84 29.53
C ASP L 1273 22.74 -5.77 28.22
N ARG L 1274 23.60 -4.75 28.07
CA ARG L 1274 24.45 -4.69 26.90
C ARG L 1274 25.48 -5.80 26.89
N LEU L 1275 25.91 -6.25 28.08
CA LEU L 1275 26.91 -7.31 28.13
C LEU L 1275 26.41 -8.58 27.48
N TYR L 1276 25.26 -9.06 27.91
CA TYR L 1276 24.69 -10.31 27.40
C TYR L 1276 23.18 -10.19 27.33
N ASN L 1277 22.64 -10.37 26.12
CA ASN L 1277 21.19 -10.33 25.91
C ASN L 1277 20.68 -11.47 25.04
N GLY L 1278 21.53 -12.16 24.29
CA GLY L 1278 21.09 -13.12 23.29
C GLY L 1278 20.64 -12.49 21.99
N THR L 1279 20.23 -11.22 22.03
CA THR L 1279 19.84 -10.49 20.83
C THR L 1279 20.92 -9.56 20.31
N TYR L 1280 21.87 -9.17 21.16
CA TYR L 1280 22.97 -8.33 20.73
C TYR L 1280 24.17 -9.14 20.24
N ASN L 1281 24.30 -10.39 20.69
CA ASN L 1281 25.33 -11.31 20.21
C ASN L 1281 26.73 -10.73 20.41
N LEU L 1282 27.05 -10.45 21.67
CA LEU L 1282 28.38 -9.96 22.00
C LEU L 1282 29.38 -11.11 22.14
N THR L 1283 28.98 -12.20 22.77
CA THR L 1283 29.85 -13.34 23.02
C THR L 1283 29.55 -14.51 22.08
N GLY L 1284 29.23 -14.21 20.83
CA GLY L 1284 28.88 -15.26 19.89
C GLY L 1284 30.04 -16.17 19.55
N ALA L 1285 31.26 -15.65 19.58
CA ALA L 1285 32.43 -16.42 19.20
C ALA L 1285 33.07 -17.16 20.38
N SER L 1286 32.61 -16.93 21.60
CA SER L 1286 33.20 -17.58 22.75
C SER L 1286 32.65 -19.00 22.89
N PRO L 1287 33.50 -20.01 23.07
CA PRO L 1287 33.01 -21.38 23.21
C PRO L 1287 32.53 -21.74 24.60
N ILE L 1288 32.76 -20.90 25.60
CA ILE L 1288 32.37 -21.21 26.96
C ILE L 1288 30.89 -20.91 27.15
N TYR L 1289 30.28 -21.61 28.09
CA TYR L 1289 28.87 -21.42 28.41
C TYR L 1289 28.70 -20.28 29.40
N SER L 1290 27.56 -19.61 29.33
CA SER L 1290 27.24 -18.50 30.22
C SER L 1290 25.93 -18.80 30.94
N PRO L 1291 25.96 -19.00 32.26
CA PRO L 1291 24.72 -19.36 32.96
C PRO L 1291 23.74 -18.21 33.09
N CYS L 1292 24.23 -16.98 33.13
CA CYS L 1292 23.40 -15.80 33.25
C CYS L 1292 22.63 -15.44 31.99
N PHE L 1293 22.81 -16.20 30.90
CA PHE L 1293 22.17 -15.85 29.64
C PHE L 1293 20.66 -16.03 29.71
N LYS L 1294 20.20 -17.10 30.36
CA LYS L 1294 18.77 -17.41 30.38
C LYS L 1294 17.95 -16.40 31.17
N PHE L 1295 18.59 -15.51 31.93
CA PHE L 1295 17.88 -14.54 32.74
C PHE L 1295 17.75 -13.18 32.08
N PHE L 1296 18.46 -12.95 30.97
CA PHE L 1296 18.49 -11.66 30.31
C PHE L 1296 17.97 -11.71 28.88
N THR L 1297 17.33 -12.81 28.49
CA THR L 1297 16.70 -12.91 27.18
C THR L 1297 15.19 -12.77 27.33
N PRO L 1298 14.54 -11.92 26.53
CA PRO L 1298 13.09 -11.70 26.72
C PRO L 1298 12.26 -12.97 26.57
N ALA L 1299 12.72 -13.95 25.79
CA ALA L 1299 12.06 -15.26 25.70
C ALA L 1299 10.61 -15.11 25.23
N GLU L 1300 10.49 -14.69 23.97
CA GLU L 1300 9.18 -14.46 23.36
C GLU L 1300 8.26 -15.65 23.54
N VAL L 1301 6.95 -15.37 23.56
CA VAL L 1301 5.94 -16.41 23.73
C VAL L 1301 4.64 -15.87 23.20
N ASN L 1302 3.86 -16.74 22.56
CA ASN L 1302 2.50 -16.40 22.13
C ASN L 1302 1.50 -16.78 23.21
N THR L 1303 0.30 -16.24 23.07
CA THR L 1303 -0.79 -16.49 24.02
C THR L 1303 -1.91 -17.23 23.28
N ASN L 1304 -1.90 -18.55 23.39
CA ASN L 1304 -2.91 -19.40 22.80
C ASN L 1304 -3.90 -19.94 23.83
N CYS L 1305 -3.45 -20.14 25.07
CA CYS L 1305 -4.33 -20.55 26.15
C CYS L 1305 -4.02 -19.74 27.40
N ASN L 1306 -4.63 -20.12 28.53
CA ASN L 1306 -4.38 -19.42 29.77
C ASN L 1306 -2.95 -19.69 30.26
N THR L 1307 -2.56 -18.97 31.31
CA THR L 1307 -1.19 -19.07 31.81
C THR L 1307 -0.91 -20.44 32.42
N LEU L 1308 -1.91 -21.05 33.05
CA LEU L 1308 -1.69 -22.33 33.72
C LEU L 1308 -1.32 -23.43 32.73
N ASP L 1309 -2.00 -23.47 31.59
CA ASP L 1309 -1.69 -24.50 30.61
C ASP L 1309 -0.31 -24.30 30.02
N ARG L 1310 0.07 -23.06 29.75
CA ARG L 1310 1.42 -22.80 29.24
C ARG L 1310 2.47 -23.19 30.26
N LEU L 1311 2.23 -22.89 31.54
CA LEU L 1311 3.17 -23.27 32.57
C LEU L 1311 3.30 -24.79 32.67
N LEU L 1312 2.18 -25.50 32.62
CA LEU L 1312 2.23 -26.95 32.71
C LEU L 1312 2.85 -27.59 31.48
N MET L 1313 2.72 -26.95 30.32
CA MET L 1313 3.27 -27.48 29.07
C MET L 1313 4.74 -27.13 28.88
N GLU L 1314 5.24 -26.11 29.57
CA GLU L 1314 6.63 -25.74 29.43
C GLU L 1314 7.56 -26.79 30.03
N ALA L 1315 7.26 -27.27 31.23
CA ALA L 1315 8.15 -28.18 31.96
C ALA L 1315 8.06 -29.57 31.33
N LYS L 1316 8.90 -29.80 30.32
CA LYS L 1316 8.89 -31.05 29.58
C LYS L 1316 10.30 -31.54 29.28
N ALA L 1317 11.25 -31.28 30.18
CA ALA L 1317 12.62 -31.76 30.07
C ALA L 1317 13.27 -31.30 28.76
N VAL L 1318 13.43 -29.98 28.67
CA VAL L 1318 14.06 -29.33 27.53
C VAL L 1318 15.48 -29.88 27.38
N ALA L 1319 16.01 -29.86 26.16
CA ALA L 1319 17.35 -30.36 25.90
C ALA L 1319 18.39 -29.56 26.69
N SER L 1320 19.58 -30.13 26.81
CA SER L 1320 20.62 -29.55 27.64
C SER L 1320 21.19 -28.29 27.00
N GLN L 1321 22.10 -27.64 27.74
CA GLN L 1321 22.77 -26.44 27.25
C GLN L 1321 24.25 -26.45 27.61
N SER L 1322 24.84 -27.64 27.72
CA SER L 1322 26.25 -27.78 28.06
C SER L 1322 26.74 -29.10 27.51
N SER L 1323 27.93 -29.52 27.93
CA SER L 1323 28.53 -30.76 27.48
C SER L 1323 28.96 -31.60 28.67
N THR L 1324 29.02 -32.91 28.47
CA THR L 1324 29.41 -33.85 29.51
C THR L 1324 30.64 -34.65 29.12
N ASP L 1325 31.55 -34.04 28.37
CA ASP L 1325 32.83 -34.66 28.04
C ASP L 1325 34.03 -33.83 28.44
N THR L 1326 33.98 -32.52 28.24
CA THR L 1326 35.10 -31.67 28.60
C THR L 1326 35.07 -31.35 30.08
N GLU L 1327 36.00 -30.49 30.51
CA GLU L 1327 36.11 -30.10 31.91
C GLU L 1327 35.93 -28.60 32.10
N TYR L 1328 35.41 -27.89 31.10
CA TYR L 1328 35.23 -26.45 31.18
C TYR L 1328 33.80 -26.00 30.93
N GLN L 1329 32.86 -26.92 30.75
CA GLN L 1329 31.46 -26.59 30.51
C GLN L 1329 31.32 -25.70 29.28
N PHE L 1330 31.69 -26.26 28.13
CA PHE L 1330 31.60 -25.53 26.88
C PHE L 1330 30.14 -25.41 26.45
N LYS L 1331 29.92 -24.75 25.31
CA LYS L 1331 28.59 -24.62 24.76
C LYS L 1331 28.06 -25.99 24.33
N ARG L 1332 26.76 -26.04 24.07
CA ARG L 1332 26.13 -27.29 23.69
C ARG L 1332 26.64 -27.73 22.32
N PRO L 1333 27.10 -28.97 22.17
CA PRO L 1333 27.54 -29.46 20.87
C PRO L 1333 26.37 -29.61 19.92
N PRO L 1334 26.47 -29.07 18.70
CA PRO L 1334 25.37 -29.20 17.75
C PRO L 1334 25.17 -30.66 17.36
N GLY L 1335 23.94 -31.13 17.44
CA GLY L 1335 23.59 -32.50 17.13
C GLY L 1335 23.52 -33.42 18.33
N SER L 1336 24.04 -33.00 19.48
CA SER L 1336 23.99 -33.80 20.69
C SER L 1336 22.62 -33.67 21.33
N THR L 1337 21.94 -34.79 21.50
CA THR L 1337 20.56 -34.81 21.97
C THR L 1337 20.49 -35.49 23.34
N GLU L 1338 20.44 -34.69 24.40
CA GLU L 1338 20.26 -35.19 25.75
C GLU L 1338 19.31 -34.27 26.48
N MET L 1339 18.24 -34.84 27.04
CA MET L 1339 17.19 -34.07 27.70
C MET L 1339 17.48 -34.02 29.20
N THR L 1340 17.49 -32.82 29.76
CA THR L 1340 17.69 -32.61 31.18
C THR L 1340 16.57 -31.73 31.72
N GLN L 1341 15.97 -32.14 32.83
CA GLN L 1341 14.92 -31.34 33.45
C GLN L 1341 15.51 -30.07 34.04
N ASP L 1342 14.89 -28.93 33.73
CA ASP L 1342 15.41 -27.62 34.11
C ASP L 1342 14.41 -26.89 34.99
N PRO L 1343 14.44 -27.11 36.30
CA PRO L 1343 13.67 -26.26 37.21
C PRO L 1343 14.34 -24.91 37.37
N CYS L 1344 13.66 -24.02 38.07
CA CYS L 1344 14.16 -22.68 38.41
C CYS L 1344 14.63 -21.91 37.19
N GLY L 1345 14.24 -22.34 36.00
CA GLY L 1345 14.51 -21.60 34.78
C GLY L 1345 13.22 -21.05 34.23
N LEU L 1346 12.14 -21.79 34.45
CA LEU L 1346 10.80 -21.32 34.11
C LEU L 1346 10.28 -20.31 35.13
N PHE L 1347 10.85 -20.27 36.32
CA PHE L 1347 10.47 -19.30 37.33
C PHE L 1347 11.38 -18.08 37.37
N GLN L 1348 12.53 -18.13 36.69
CA GLN L 1348 13.49 -17.03 36.67
C GLN L 1348 13.93 -16.67 38.09
N GLU L 1349 14.41 -17.68 38.81
CA GLU L 1349 14.85 -17.51 40.19
C GLU L 1349 16.10 -18.35 40.43
N ALA L 1350 16.86 -17.97 41.45
CA ALA L 1350 18.07 -18.67 41.82
C ALA L 1350 18.09 -18.86 43.33
N TYR L 1351 18.72 -19.95 43.76
CA TYR L 1351 18.73 -20.23 45.20
C TYR L 1351 20.09 -19.89 45.78
N PRO L 1352 20.13 -19.23 46.93
CA PRO L 1352 21.41 -18.89 47.55
C PRO L 1352 21.92 -20.04 48.40
N PRO L 1353 23.16 -20.46 48.19
CA PRO L 1353 23.74 -21.55 48.98
C PRO L 1353 24.35 -21.01 50.27
N LEU L 1354 24.88 -21.92 51.08
CA LEU L 1354 25.52 -21.55 52.33
C LEU L 1354 26.84 -20.84 52.03
N CYS L 1355 26.87 -19.52 52.23
CA CYS L 1355 28.07 -18.73 51.99
C CYS L 1355 28.25 -17.77 53.16
N SER L 1356 29.46 -17.22 53.26
CA SER L 1356 29.75 -16.27 54.31
C SER L 1356 30.91 -15.38 53.88
N SER L 1357 30.85 -14.12 54.31
CA SER L 1357 31.93 -13.19 54.00
C SER L 1357 33.21 -13.53 54.75
N ASP L 1358 33.07 -14.09 55.95
CA ASP L 1358 34.21 -14.49 56.76
C ASP L 1358 34.23 -15.99 56.93
N ALA L 1359 35.42 -16.52 57.22
CA ALA L 1359 35.59 -17.96 57.38
C ALA L 1359 35.55 -18.41 58.84
N ALA L 1360 35.79 -17.50 59.79
CA ALA L 1360 35.79 -17.90 61.19
C ALA L 1360 34.38 -18.17 61.69
N MET L 1361 33.43 -17.31 61.33
CA MET L 1361 32.06 -17.47 61.78
C MET L 1361 31.31 -18.57 61.02
N LEU L 1362 32.01 -19.33 60.19
CA LEU L 1362 31.35 -20.36 59.39
C LEU L 1362 31.20 -21.68 60.15
N ARG L 1363 32.11 -21.97 61.08
CA ARG L 1363 32.08 -23.22 61.83
C ARG L 1363 32.24 -22.93 63.31
N THR L 1364 31.31 -23.44 64.12
CA THR L 1364 31.38 -23.29 65.56
C THR L 1364 32.33 -24.30 66.17
N ALA L 1365 32.79 -24.00 67.38
CA ALA L 1365 33.78 -24.84 68.07
C ALA L 1365 33.05 -25.85 68.96
N HIS L 1366 32.42 -26.83 68.31
CA HIS L 1366 31.72 -27.87 69.05
C HIS L 1366 31.89 -29.25 68.41
N ALA L 1367 32.66 -29.38 67.33
CA ALA L 1367 32.88 -30.66 66.66
C ALA L 1367 31.57 -31.29 66.22
N GLY L 1368 30.89 -30.60 65.31
CA GLY L 1368 29.58 -31.03 64.86
C GLY L 1368 28.95 -30.05 63.89
N GLU L 1369 27.72 -29.66 64.17
CA GLU L 1369 26.98 -28.74 63.32
C GLU L 1369 27.78 -27.45 63.11
N THR L 1370 27.39 -26.72 62.08
CA THR L 1370 28.05 -25.47 61.72
C THR L 1370 27.32 -24.28 62.33
N GLY L 1371 28.02 -23.15 62.41
CA GLY L 1371 27.42 -21.95 62.93
C GLY L 1371 26.52 -21.27 61.91
N ALA L 1372 25.48 -20.61 62.41
CA ALA L 1372 24.49 -19.97 61.55
C ALA L 1372 24.12 -18.60 62.10
N ASP L 1373 25.13 -17.84 62.51
CA ASP L 1373 24.91 -16.45 62.87
C ASP L 1373 24.62 -15.62 61.62
N GLU L 1374 23.99 -14.47 61.82
CA GLU L 1374 23.61 -13.62 60.69
C GLU L 1374 24.68 -12.59 60.37
N VAL L 1375 25.00 -11.73 61.33
CA VAL L 1375 26.00 -10.67 61.16
C VAL L 1375 26.79 -10.54 62.46
N HIS L 1376 28.11 -10.51 62.37
CA HIS L 1376 28.93 -10.44 63.58
C HIS L 1376 29.29 -9.01 63.92
N LEU L 1377 30.08 -8.34 63.07
CA LEU L 1377 30.31 -6.91 63.19
C LEU L 1377 29.97 -6.18 61.90
N ALA L 1378 30.56 -6.58 60.79
CA ALA L 1378 30.23 -6.05 59.47
C ALA L 1378 30.14 -7.11 58.41
N GLN L 1379 30.55 -8.36 58.70
CA GLN L 1379 30.48 -9.45 57.74
C GLN L 1379 29.06 -10.01 57.71
N TYR L 1380 28.88 -11.16 57.07
CA TYR L 1380 27.57 -11.76 56.99
C TYR L 1380 27.72 -13.24 56.72
N LEU L 1381 26.64 -13.98 57.00
CA LEU L 1381 26.60 -15.42 56.74
C LEU L 1381 25.19 -15.74 56.27
N ILE L 1382 25.05 -16.08 55.00
CA ILE L 1382 23.74 -16.34 54.42
C ILE L 1382 23.38 -17.80 54.64
N ARG L 1383 22.31 -18.04 55.40
CA ARG L 1383 21.86 -19.39 55.64
C ARG L 1383 21.36 -20.03 54.36
N ASP L 1384 21.63 -21.32 54.20
CA ASP L 1384 21.30 -22.01 52.95
C ASP L 1384 19.80 -22.23 52.82
N ALA L 1385 19.27 -21.96 51.63
CA ALA L 1385 17.85 -22.16 51.36
C ALA L 1385 17.63 -22.84 50.02
N SER L 1386 18.56 -23.66 49.59
CA SER L 1386 18.47 -24.38 48.33
C SER L 1386 17.75 -25.70 48.52
N PRO L 1387 17.26 -26.31 47.43
CA PRO L 1387 16.67 -27.64 47.57
C PRO L 1387 17.65 -28.70 48.02
N LEU L 1388 18.95 -28.46 47.86
CA LEU L 1388 19.98 -29.42 48.25
C LEU L 1388 20.48 -29.03 49.64
N ARG L 1389 19.76 -29.49 50.65
CA ARG L 1389 20.08 -29.21 52.04
C ARG L 1389 20.54 -30.43 52.82
N GLY L 1390 19.90 -31.58 52.63
CA GLY L 1390 20.27 -32.78 53.35
C GLY L 1390 21.24 -33.66 52.57
N CYS L 1391 22.08 -33.03 51.76
CA CYS L 1391 23.07 -33.73 50.95
C CYS L 1391 24.36 -32.92 51.02
N LEU L 1392 25.31 -33.24 50.12
CA LEU L 1392 26.56 -32.50 50.01
C LEU L 1392 27.30 -32.46 51.34
N PRO L 1393 27.92 -33.56 51.75
CA PRO L 1393 28.52 -33.62 53.08
C PRO L 1393 29.52 -32.50 53.32
N LEU L 1394 29.72 -32.19 54.60
CA LEU L 1394 30.59 -31.08 55.01
C LEU L 1394 31.86 -31.59 55.70
N SER M 7 52.63 73.10 39.81
CA SER M 7 52.38 72.44 41.09
C SER M 7 51.38 71.30 40.93
N ARG M 8 51.28 70.46 41.96
CA ARG M 8 50.38 69.31 41.95
C ARG M 8 49.05 69.74 42.56
N VAL M 9 48.05 69.98 41.71
CA VAL M 9 46.70 70.31 42.15
C VAL M 9 45.78 69.27 41.51
N VAL M 10 45.37 68.27 42.29
CA VAL M 10 44.58 67.17 41.75
C VAL M 10 43.21 67.59 41.27
N PHE M 11 42.79 68.82 41.56
CA PHE M 11 41.51 69.31 41.07
C PHE M 11 41.50 69.35 39.54
N ASP M 12 42.38 70.14 38.95
CA ASP M 12 42.58 70.12 37.52
C ASP M 12 43.45 68.91 37.17
N PRO M 13 42.90 67.90 36.50
CA PRO M 13 43.67 66.66 36.27
C PRO M 13 44.94 66.85 35.48
N SER M 14 45.07 67.97 34.75
CA SER M 14 46.30 68.23 34.01
C SER M 14 47.44 68.69 34.92
N ASN M 15 47.14 69.07 36.15
CA ASN M 15 48.16 69.55 37.08
C ASN M 15 48.96 68.41 37.70
N PRO M 16 48.35 67.39 38.31
CA PRO M 16 49.16 66.37 38.99
C PRO M 16 49.92 65.52 37.98
N THR M 17 51.23 65.43 38.19
CA THR M 17 52.10 64.61 37.35
C THR M 17 53.34 64.26 38.15
N THR M 18 53.98 63.16 37.75
CA THR M 18 55.13 62.65 38.49
C THR M 18 56.29 63.63 38.52
N PHE M 19 56.31 64.60 37.60
CA PHE M 19 57.39 65.59 37.58
C PHE M 19 57.45 66.36 38.89
N SER M 20 56.29 66.71 39.46
CA SER M 20 56.24 67.47 40.70
C SER M 20 56.22 66.59 41.94
N VAL M 21 55.67 65.37 41.85
CA VAL M 21 55.58 64.50 43.02
C VAL M 21 56.96 64.16 43.54
N GLU M 22 57.96 64.09 42.65
CA GLU M 22 59.32 63.80 43.09
C GLU M 22 59.83 64.87 44.05
N ALA M 23 59.55 66.13 43.75
CA ALA M 23 60.00 67.21 44.63
C ALA M 23 59.23 67.22 45.94
N ILE M 24 57.98 66.77 45.93
CA ILE M 24 57.21 66.71 47.16
C ILE M 24 57.76 65.59 48.05
N ALA M 25 57.59 65.75 49.36
CA ALA M 25 58.14 64.80 50.33
C ALA M 25 57.30 63.54 50.40
N ALA M 26 57.54 62.72 51.42
CA ALA M 26 56.79 61.47 51.58
C ALA M 26 55.49 61.67 52.35
N TYR M 27 55.55 62.36 53.50
CA TYR M 27 54.38 62.53 54.34
C TYR M 27 53.48 63.67 53.88
N THR M 28 54.06 64.72 53.30
CA THR M 28 53.26 65.87 52.91
C THR M 28 52.17 65.57 51.88
N PRO M 29 52.38 64.75 50.85
CA PRO M 29 51.27 64.50 49.91
C PRO M 29 50.10 63.78 50.57
N VAL M 30 50.38 62.87 51.50
CA VAL M 30 49.30 62.24 52.25
C VAL M 30 48.50 63.30 53.00
N ALA M 31 49.20 64.24 53.64
CA ALA M 31 48.51 65.37 54.25
C ALA M 31 47.92 66.30 53.20
N LEU M 32 48.52 66.34 52.01
CA LEU M 32 48.00 67.20 50.95
C LEU M 32 46.67 66.67 50.44
N ILE M 33 46.63 65.40 50.03
CA ILE M 33 45.41 64.82 49.47
C ILE M 33 44.28 64.85 50.49
N ARG M 34 44.60 64.68 51.77
CA ARG M 34 43.57 64.61 52.80
C ARG M 34 42.80 65.93 52.91
N LEU M 35 43.51 67.05 52.75
CA LEU M 35 42.89 68.35 52.97
C LEU M 35 42.17 68.90 51.73
N LEU M 36 42.48 68.39 50.55
CA LEU M 36 41.81 68.86 49.34
C LEU M 36 40.35 68.43 49.36
N ASN M 37 39.50 69.27 48.76
CA ASN M 37 38.06 69.04 48.80
C ASN M 37 37.64 68.05 47.71
N ALA M 38 36.41 67.54 47.84
CA ALA M 38 35.88 66.60 46.86
C ALA M 38 35.56 67.27 45.53
N SER M 39 35.35 68.59 45.54
CA SER M 39 34.96 69.28 44.31
C SER M 39 36.10 69.29 43.31
N GLY M 40 35.99 68.44 42.30
CA GLY M 40 36.94 68.43 41.21
C GLY M 40 36.29 68.96 39.94
N PRO M 41 36.95 69.94 39.31
CA PRO M 41 36.37 70.54 38.10
C PRO M 41 36.21 69.51 37.00
N LEU M 42 34.96 69.27 36.60
CA LEU M 42 34.68 68.26 35.59
C LEU M 42 35.02 68.72 34.19
N GLN M 43 35.19 70.03 33.97
CA GLN M 43 35.57 70.51 32.64
C GLN M 43 36.96 70.02 32.24
N PRO M 44 38.02 70.18 33.06
CA PRO M 44 39.29 69.55 32.71
C PRO M 44 39.29 68.08 33.10
N GLY M 45 39.88 67.27 32.23
CA GLY M 45 39.94 65.84 32.46
C GLY M 45 40.77 65.11 31.43
N HIS M 46 41.51 64.10 31.89
CA HIS M 46 42.38 63.33 31.00
C HIS M 46 41.53 62.37 30.18
N ARG M 47 41.48 62.58 28.87
CA ARG M 47 40.88 61.63 27.95
C ARG M 47 41.82 60.47 27.61
N VAL M 48 42.84 60.28 28.43
CA VAL M 48 43.90 59.31 28.21
C VAL M 48 43.85 58.30 29.36
N ASP M 49 42.64 57.95 29.79
CA ASP M 49 42.45 56.93 30.84
C ASP M 49 43.04 57.40 32.17
N ILE M 50 42.32 58.35 32.77
CA ILE M 50 42.72 59.07 34.00
C ILE M 50 43.38 58.14 35.01
N ALA M 51 43.03 56.86 34.98
CA ALA M 51 43.77 55.86 35.74
C ALA M 51 45.26 55.87 35.42
N ASP M 52 45.65 56.41 34.26
CA ASP M 52 47.07 56.63 34.01
C ASP M 52 47.63 57.66 34.98
N ALA M 53 46.88 58.73 35.24
CA ALA M 53 47.26 59.67 36.29
C ALA M 53 47.29 58.99 37.65
N ARG M 54 46.41 58.02 37.86
CA ARG M 54 46.53 57.16 39.03
C ARG M 54 47.85 56.40 39.01
N SER M 55 48.15 55.77 37.86
CA SER M 55 49.44 55.11 37.70
C SER M 55 50.58 56.12 37.78
N ILE M 56 50.40 57.30 37.20
CA ILE M 56 51.39 58.36 37.34
C ILE M 56 51.56 58.73 38.81
N TYR M 57 50.45 58.77 39.55
CA TYR M 57 50.53 59.05 40.98
C TYR M 57 51.30 57.96 41.71
N THR M 58 51.19 56.71 41.25
CA THR M 58 51.91 55.62 41.90
C THR M 58 53.41 55.76 41.67
N VAL M 59 53.83 55.93 40.42
CA VAL M 59 55.25 56.04 40.13
C VAL M 59 55.84 57.29 40.74
N GLY M 60 55.02 58.32 40.98
CA GLY M 60 55.51 59.48 41.69
C GLY M 60 55.74 59.20 43.16
N ALA M 61 54.78 58.53 43.81
CA ALA M 61 54.95 58.17 45.21
C ALA M 61 56.13 57.22 45.39
N ALA M 62 56.36 56.34 44.41
CA ALA M 62 57.53 55.47 44.46
C ALA M 62 58.81 56.29 44.38
N ALA M 63 58.80 57.35 43.58
CA ALA M 63 59.98 58.21 43.48
C ALA M 63 60.22 58.96 44.79
N SER M 64 59.15 59.46 45.42
CA SER M 64 59.30 60.11 46.71
C SER M 64 59.75 59.12 47.77
N ALA M 65 59.23 57.89 47.73
CA ALA M 65 59.67 56.87 48.67
C ALA M 65 61.13 56.51 48.43
N ALA M 66 61.57 56.53 47.16
CA ALA M 66 62.97 56.26 46.86
C ALA M 66 63.86 57.38 47.40
N ARG M 67 63.35 58.61 47.42
CA ARG M 67 64.12 59.72 47.96
C ARG M 67 64.32 59.57 49.47
N ALA M 68 63.28 59.14 50.18
CA ALA M 68 63.39 58.98 51.63
C ALA M 68 64.38 57.89 51.99
N ARG M 69 64.44 56.82 51.18
CA ARG M 69 65.37 55.74 51.45
C ARG M 69 66.81 56.20 51.27
N ALA M 70 67.10 56.92 50.19
CA ALA M 70 68.44 57.44 49.96
C ALA M 70 68.89 58.31 51.14
N ASN M 71 67.97 59.09 51.72
CA ASN M 71 68.29 59.82 52.93
C ASN M 71 68.54 58.87 54.09
N HIS M 72 67.69 57.85 54.25
CA HIS M 72 67.90 56.87 55.31
C HIS M 72 69.10 55.99 55.03
N ASN M 73 69.53 55.90 53.76
CA ASN M 73 70.63 55.04 53.38
C ASN M 73 71.98 55.53 53.91
N ALA M 74 72.02 56.64 54.64
CA ALA M 74 73.30 57.15 55.13
C ALA M 74 73.87 56.24 56.22
N ASN M 75 73.02 55.62 57.01
CA ASN M 75 73.46 54.81 58.14
C ASN M 75 73.31 53.32 57.93
N THR M 76 72.63 52.89 56.87
CA THR M 76 72.39 51.47 56.69
C THR M 76 73.66 50.75 56.24
N ILE M 77 73.52 49.44 56.04
CA ILE M 77 74.61 48.59 55.56
C ILE M 77 74.31 48.17 54.13
N ARG M 78 75.34 48.12 53.30
CA ARG M 78 75.17 47.72 51.91
C ARG M 78 74.69 46.28 51.85
N ARG M 79 73.59 46.05 51.14
CA ARG M 79 73.03 44.71 51.03
C ARG M 79 73.77 43.91 49.96
N THR M 80 73.78 42.60 50.14
CA THR M 80 74.48 41.67 49.26
C THR M 80 73.48 40.70 48.63
N ALA M 81 74.02 39.75 47.88
CA ALA M 81 73.20 38.75 47.22
C ALA M 81 72.69 37.73 48.23
N MET M 82 71.37 37.50 48.22
CA MET M 82 70.79 36.54 49.16
C MET M 82 70.95 35.12 48.64
N PHE M 83 71.29 34.96 47.37
CA PHE M 83 71.45 33.64 46.78
C PHE M 83 72.87 33.45 46.27
N ALA M 84 73.21 32.19 45.99
CA ALA M 84 74.55 31.80 45.58
C ALA M 84 74.69 31.84 44.07
N GLU M 85 75.75 31.20 43.56
CA GLU M 85 76.02 31.01 42.12
C GLU M 85 75.85 32.30 41.33
N THR M 86 76.38 33.39 41.89
CA THR M 86 76.41 34.66 41.19
C THR M 86 77.76 35.34 41.39
N ASP M 87 78.84 34.58 41.28
CA ASP M 87 80.17 35.06 41.59
C ASP M 87 80.99 35.21 40.32
N PRO M 88 81.84 36.24 40.25
CA PRO M 88 82.71 36.40 39.08
C PRO M 88 83.78 35.33 38.99
N MET M 89 84.39 34.99 40.13
CA MET M 89 85.41 33.95 40.19
C MET M 89 84.96 32.87 41.17
N THR M 90 84.14 31.95 40.68
CA THR M 90 83.65 30.85 41.50
C THR M 90 84.65 29.70 41.58
N TRP M 91 85.50 29.56 40.57
CA TRP M 91 86.50 28.49 40.57
C TRP M 91 87.47 28.60 41.73
N LEU M 92 87.67 29.80 42.27
CA LEU M 92 88.57 29.96 43.41
C LEU M 92 87.97 29.36 44.67
N ARG M 93 86.71 29.69 44.96
CA ARG M 93 86.06 29.24 46.18
C ARG M 93 84.56 29.29 45.98
N PRO M 94 83.80 28.46 46.70
CA PRO M 94 82.34 28.49 46.55
C PRO M 94 81.70 29.79 47.03
N THR M 95 80.41 29.96 46.76
CA THR M 95 79.69 31.17 47.10
C THR M 95 78.40 30.81 47.80
N VAL M 96 78.00 31.63 48.77
CA VAL M 96 76.76 31.44 49.51
C VAL M 96 76.00 32.75 49.57
N GLY M 97 74.73 32.66 49.96
CA GLY M 97 73.89 33.81 50.13
C GLY M 97 73.99 34.39 51.51
N LEU M 98 72.94 35.12 51.91
CA LEU M 98 72.90 35.74 53.22
C LEU M 98 71.46 36.05 53.59
N LYS M 99 71.04 35.58 54.76
CA LYS M 99 69.70 35.86 55.28
C LYS M 99 69.66 37.27 55.84
N ARG M 100 68.76 38.10 55.32
CA ARG M 100 68.67 39.49 55.74
C ARG M 100 67.89 39.56 57.05
N THR M 101 68.58 39.23 58.14
CA THR M 101 68.03 39.24 59.48
C THR M 101 68.85 40.13 60.40
N PHE M 102 69.21 41.32 59.93
CA PHE M 102 70.04 42.25 60.68
C PHE M 102 69.30 43.57 60.87
N ASN M 103 70.01 44.53 61.46
CA ASN M 103 69.53 45.89 61.61
C ASN M 103 70.47 46.82 60.86
N PRO M 104 69.94 47.79 60.11
CA PRO M 104 70.81 48.70 59.36
C PRO M 104 71.58 49.69 60.24
N ARG M 105 71.23 49.81 61.52
CA ARG M 105 71.92 50.74 62.39
C ARG M 105 73.40 50.36 62.52
N ILE M 106 74.27 51.34 62.33
CA ILE M 106 75.72 51.12 62.36
C ILE M 106 76.34 51.79 63.58
N ILE M 107 76.18 53.12 63.70
CA ILE M 107 76.79 53.86 64.79
C ILE M 107 75.95 55.08 65.12
N ILE N 19 -4.07 -27.32 10.73
CA ILE N 19 -5.29 -26.98 10.00
C ILE N 19 -6.07 -28.26 9.66
N ALA N 20 -6.93 -28.66 10.59
CA ALA N 20 -7.81 -29.81 10.37
C ALA N 20 -9.10 -29.33 9.70
N GLY N 21 -10.09 -30.19 9.65
CA GLY N 21 -11.32 -29.91 8.92
C GLY N 21 -11.49 -30.72 7.65
N LEU N 22 -10.60 -31.69 7.39
CA LEU N 22 -10.75 -32.54 6.22
C LEU N 22 -11.95 -33.47 6.35
N PHE N 23 -12.26 -33.90 7.57
CA PHE N 23 -13.47 -34.67 7.86
C PHE N 23 -14.46 -33.80 8.61
N ASN N 24 -15.67 -34.31 8.77
CA ASN N 24 -16.67 -33.60 9.56
C ASN N 24 -16.31 -33.65 11.03
N ILE N 25 -16.54 -32.53 11.72
CA ILE N 25 -16.17 -32.43 13.13
C ILE N 25 -17.07 -33.33 13.97
N PRO N 26 -18.42 -33.23 13.90
CA PRO N 26 -19.25 -34.21 14.60
C PRO N 26 -19.06 -35.60 14.04
N ALA N 27 -19.28 -35.75 12.74
CA ALA N 27 -19.11 -37.01 12.02
C ALA N 27 -19.76 -38.17 12.75
N GLY N 28 -21.08 -38.07 12.91
CA GLY N 28 -21.82 -39.05 13.69
C GLY N 28 -21.75 -40.46 13.13
N ILE N 29 -20.98 -41.31 13.79
CA ILE N 29 -20.88 -42.73 13.48
C ILE N 29 -20.88 -43.50 14.80
N ILE N 30 -20.72 -44.82 14.70
CA ILE N 30 -20.67 -45.68 15.87
C ILE N 30 -19.40 -45.37 16.66
N PRO N 31 -19.51 -44.84 17.87
CA PRO N 31 -18.31 -44.54 18.66
C PRO N 31 -17.63 -45.83 19.10
N THR N 32 -16.33 -45.92 18.83
CA THR N 32 -15.60 -47.15 19.15
C THR N 32 -15.30 -47.28 20.63
N GLY N 33 -15.40 -46.19 21.40
CA GLY N 33 -15.10 -46.27 22.81
C GLY N 33 -15.64 -45.11 23.62
N ASN N 34 -16.10 -45.41 24.84
CA ASN N 34 -16.63 -44.39 25.72
C ASN N 34 -15.52 -43.80 26.58
N VAL N 35 -15.32 -42.50 26.48
CA VAL N 35 -14.34 -41.80 27.32
C VAL N 35 -14.98 -41.50 28.66
N LEU N 36 -14.24 -41.75 29.73
CA LEU N 36 -14.72 -41.50 31.08
C LEU N 36 -13.94 -40.36 31.71
N SER N 37 -14.21 -40.11 32.99
CA SER N 37 -13.62 -39.00 33.73
C SER N 37 -13.93 -37.67 33.06
N THR N 38 -15.22 -37.34 33.01
CA THR N 38 -15.69 -36.12 32.38
C THR N 38 -15.38 -34.94 33.29
N ILE N 39 -14.51 -34.05 32.83
CA ILE N 39 -14.11 -32.86 33.56
C ILE N 39 -14.19 -31.66 32.61
N GLU N 40 -13.84 -30.50 33.15
CA GLU N 40 -13.85 -29.26 32.38
C GLU N 40 -12.72 -29.29 31.36
N VAL N 41 -13.06 -29.54 30.09
CA VAL N 41 -12.04 -29.63 29.05
C VAL N 41 -11.63 -28.28 28.49
N CYS N 42 -12.46 -27.25 28.65
CA CYS N 42 -12.09 -25.92 28.17
C CYS N 42 -10.91 -25.35 28.93
N ALA N 43 -10.61 -25.87 30.12
CA ALA N 43 -9.55 -25.30 30.95
C ALA N 43 -8.20 -25.39 30.25
N HIS N 44 -7.94 -26.49 29.54
CA HIS N 44 -6.67 -26.69 28.85
C HIS N 44 -6.97 -27.11 27.41
N ARG N 45 -7.04 -26.14 26.50
CA ARG N 45 -7.27 -26.40 25.10
C ARG N 45 -6.00 -26.36 24.26
N CYS N 46 -4.83 -26.23 24.90
CA CYS N 46 -3.57 -26.25 24.16
C CYS N 46 -3.12 -27.66 23.81
N ILE N 47 -3.78 -28.69 24.33
CA ILE N 47 -3.33 -30.06 24.08
C ILE N 47 -3.82 -30.58 22.74
N PHE N 48 -5.08 -30.31 22.39
CA PHE N 48 -5.59 -30.71 21.09
C PHE N 48 -5.14 -29.73 20.03
N ASP N 49 -5.35 -30.11 18.76
CA ASP N 49 -5.00 -29.24 17.65
C ASP N 49 -6.18 -28.44 17.12
N PHE N 50 -7.41 -28.75 17.55
CA PHE N 50 -8.58 -27.98 17.16
C PHE N 50 -9.68 -28.26 18.16
N PHE N 51 -10.22 -27.20 18.76
CA PHE N 51 -11.20 -27.36 19.83
C PHE N 51 -12.22 -26.24 19.72
N LYS N 52 -13.48 -26.60 19.49
CA LYS N 52 -14.58 -25.63 19.45
C LYS N 52 -15.76 -26.21 20.21
N GLN N 53 -16.55 -25.33 20.80
CA GLN N 53 -17.72 -25.72 21.59
C GLN N 53 -18.89 -24.84 21.23
N ILE N 54 -20.04 -25.46 21.00
CA ILE N 54 -21.27 -24.74 20.67
C ILE N 54 -22.02 -24.49 21.96
N ARG N 55 -22.74 -23.37 22.01
CA ARG N 55 -23.39 -22.96 23.25
C ARG N 55 -24.43 -23.98 23.70
N SER N 56 -25.55 -24.08 22.97
CA SER N 56 -26.46 -25.20 23.17
C SER N 56 -26.66 -25.96 21.87
N ASP N 57 -27.12 -25.25 20.84
CA ASP N 57 -27.36 -25.85 19.54
C ASP N 57 -27.53 -24.68 18.56
N ASP N 58 -26.62 -24.58 17.60
CA ASP N 58 -26.68 -23.51 16.62
C ASP N 58 -26.59 -24.09 15.21
N ASN N 59 -26.45 -23.21 14.23
CA ASN N 59 -26.45 -23.60 12.82
C ASN N 59 -25.10 -24.21 12.47
N SER N 60 -24.83 -24.32 11.16
CA SER N 60 -23.57 -24.86 10.66
C SER N 60 -23.40 -26.34 11.02
N LEU N 61 -24.48 -26.98 11.46
CA LEU N 61 -24.51 -28.41 11.65
C LEU N 61 -25.46 -29.10 10.68
N TYR N 62 -26.54 -28.44 10.31
CA TYR N 62 -27.53 -29.01 9.38
C TYR N 62 -27.26 -28.49 7.98
N SER N 63 -26.18 -29.00 7.40
CA SER N 63 -25.78 -28.66 6.04
C SER N 63 -25.17 -29.90 5.40
N ALA N 64 -25.75 -30.36 4.31
CA ALA N 64 -25.33 -31.59 3.65
C ALA N 64 -24.82 -31.33 2.24
N GLN N 65 -24.03 -30.27 2.08
CA GLN N 65 -23.44 -29.98 0.77
C GLN N 65 -22.34 -31.00 0.46
N PHE N 66 -22.43 -31.62 -0.70
CA PHE N 66 -21.47 -32.62 -1.14
C PHE N 66 -21.07 -32.35 -2.57
N ASP N 67 -20.03 -33.03 -3.02
CA ASP N 67 -19.60 -33.01 -4.42
C ASP N 67 -19.90 -34.36 -5.05
N ILE N 68 -19.91 -34.39 -6.38
CA ILE N 68 -20.29 -35.60 -7.10
C ILE N 68 -19.62 -35.59 -8.47
N LEU N 69 -19.03 -36.73 -8.83
CA LEU N 69 -18.48 -36.95 -10.16
C LEU N 69 -19.55 -37.65 -11.00
N LEU N 70 -19.91 -37.03 -12.12
CA LEU N 70 -21.04 -37.49 -12.93
C LEU N 70 -20.59 -38.40 -14.07
N GLY N 71 -19.50 -39.14 -13.90
CA GLY N 71 -19.05 -40.07 -14.90
C GLY N 71 -17.92 -39.52 -15.74
N THR N 72 -17.16 -40.44 -16.34
CA THR N 72 -16.01 -40.09 -17.17
C THR N 72 -16.18 -40.68 -18.55
N TYR N 73 -15.42 -40.13 -19.50
CA TYR N 73 -15.48 -40.54 -20.90
C TYR N 73 -14.07 -40.66 -21.46
N CYS N 74 -13.84 -41.72 -22.23
CA CYS N 74 -12.55 -41.97 -22.87
C CYS N 74 -12.78 -42.26 -24.34
N ASN N 75 -11.71 -42.60 -25.04
CA ASN N 75 -11.79 -42.96 -26.44
C ASN N 75 -10.75 -44.01 -26.77
N THR N 76 -10.99 -44.76 -27.83
CA THR N 76 -10.02 -45.71 -28.36
C THR N 76 -9.72 -45.34 -29.80
N LEU N 77 -8.45 -45.37 -30.16
CA LEU N 77 -8.04 -45.04 -31.52
C LEU N 77 -8.01 -46.31 -32.37
N ASN N 78 -8.41 -46.15 -33.63
CA ASN N 78 -8.44 -47.25 -34.58
C ASN N 78 -7.09 -47.37 -35.28
N PHE N 79 -6.80 -48.58 -35.74
CA PHE N 79 -5.55 -48.87 -36.43
C PHE N 79 -5.76 -48.86 -37.94
N VAL N 80 -4.70 -48.57 -38.67
CA VAL N 80 -4.73 -48.57 -40.13
C VAL N 80 -3.60 -49.47 -40.62
N ARG N 81 -3.90 -50.28 -41.63
CA ARG N 81 -2.91 -51.17 -42.23
C ARG N 81 -2.63 -50.74 -43.65
N PHE N 82 -1.37 -50.81 -44.04
CA PHE N 82 -0.95 -50.28 -45.34
C PHE N 82 -1.58 -51.04 -46.50
N LEU N 83 -1.80 -52.35 -46.33
CA LEU N 83 -2.31 -53.15 -47.44
C LEU N 83 -3.75 -52.78 -47.78
N GLU N 84 -4.54 -52.43 -46.78
CA GLU N 84 -5.93 -52.05 -47.03
C GLU N 84 -6.03 -50.72 -47.78
N LEU N 85 -5.00 -49.90 -47.74
CA LEU N 85 -5.01 -48.64 -48.47
C LEU N 85 -4.84 -48.88 -49.96
N GLY N 86 -5.46 -48.02 -50.76
CA GLY N 86 -5.30 -48.11 -52.21
C GLY N 86 -3.90 -47.81 -52.69
N LEU N 87 -3.08 -47.13 -51.88
CA LEU N 87 -1.71 -46.84 -52.26
C LEU N 87 -0.85 -48.09 -52.38
N SER N 88 -1.31 -49.22 -51.85
CA SER N 88 -0.51 -50.45 -51.90
C SER N 88 -0.35 -50.99 -53.31
N VAL N 89 -1.15 -50.50 -54.26
CA VAL N 89 -1.05 -50.97 -55.63
C VAL N 89 -0.10 -50.06 -56.40
N ALA N 90 0.65 -49.25 -55.67
CA ALA N 90 1.68 -48.41 -56.27
C ALA N 90 3.08 -48.93 -56.04
N CYS N 91 3.25 -50.03 -55.30
CA CYS N 91 4.57 -50.57 -55.04
C CYS N 91 4.42 -52.05 -54.71
N ILE N 92 5.55 -52.74 -54.74
CA ILE N 92 5.62 -54.16 -54.40
C ILE N 92 6.58 -54.28 -53.23
N CYS N 93 6.04 -54.32 -52.01
CA CYS N 93 6.85 -54.39 -50.82
C CYS N 93 7.18 -55.85 -50.48
N THR N 94 8.32 -56.03 -49.80
CA THR N 94 8.76 -57.35 -49.39
C THR N 94 9.54 -57.21 -48.08
N LYS N 95 9.92 -58.35 -47.51
CA LYS N 95 10.58 -58.40 -46.21
C LYS N 95 11.93 -59.07 -46.37
N PHE N 96 12.98 -58.37 -45.94
CA PHE N 96 14.35 -58.88 -46.01
C PHE N 96 14.95 -58.81 -44.62
N PRO N 97 14.96 -59.91 -43.86
CA PRO N 97 15.33 -59.81 -42.45
C PRO N 97 16.79 -59.48 -42.20
N GLU N 98 17.67 -59.70 -43.16
CA GLU N 98 19.10 -59.40 -43.00
C GLU N 98 19.49 -58.16 -43.80
N LEU N 99 18.58 -57.18 -43.87
CA LEU N 99 18.82 -55.95 -44.60
C LEU N 99 19.99 -55.14 -44.04
N ALA N 100 20.55 -55.52 -42.90
CA ALA N 100 21.67 -54.77 -42.35
C ALA N 100 22.91 -54.90 -43.22
N TYR N 101 23.05 -56.02 -43.93
CA TYR N 101 24.22 -56.27 -44.76
C TYR N 101 23.80 -56.27 -46.23
N VAL N 102 23.74 -55.09 -46.82
CA VAL N 102 23.33 -54.98 -48.23
C VAL N 102 24.33 -54.18 -49.03
N ARG N 103 24.65 -52.96 -48.60
CA ARG N 103 25.66 -52.08 -49.19
C ARG N 103 25.54 -52.00 -50.72
N ASP N 104 24.45 -51.35 -51.14
CA ASP N 104 24.22 -51.04 -52.54
C ASP N 104 24.13 -52.29 -53.40
N GLY N 105 23.09 -53.11 -53.17
CA GLY N 105 22.75 -54.17 -54.09
C GLY N 105 22.37 -53.62 -55.45
N VAL N 106 21.98 -54.48 -56.39
CA VAL N 106 21.86 -54.08 -57.78
C VAL N 106 20.65 -54.77 -58.40
N ILE N 107 20.14 -54.17 -59.48
CA ILE N 107 19.08 -54.75 -60.28
C ILE N 107 19.28 -54.27 -61.71
N GLN N 108 18.85 -55.09 -62.67
CA GLN N 108 19.08 -54.77 -64.07
C GLN N 108 18.08 -55.53 -64.93
N PHE N 109 17.89 -55.03 -66.15
CA PHE N 109 16.97 -55.63 -67.10
C PHE N 109 17.38 -55.21 -68.51
N GLU N 110 16.92 -55.98 -69.50
CA GLU N 110 17.35 -55.83 -70.89
C GLU N 110 16.14 -55.76 -71.81
N VAL N 111 16.21 -54.89 -72.81
CA VAL N 111 15.15 -54.72 -73.80
C VAL N 111 15.74 -54.66 -75.20
N GLN N 112 14.87 -54.82 -76.18
CA GLN N 112 15.24 -54.78 -77.59
C GLN N 112 14.09 -54.20 -78.39
N GLN N 113 14.42 -53.37 -79.42
CA GLN N 113 13.34 -52.74 -80.17
C GLN N 113 13.34 -53.21 -81.63
N PRO N 114 12.20 -53.15 -82.31
CA PRO N 114 12.13 -53.70 -83.68
C PRO N 114 12.74 -52.76 -84.71
N MET N 115 12.65 -53.19 -85.96
CA MET N 115 13.11 -52.43 -87.11
C MET N 115 12.24 -52.75 -88.31
N ILE N 116 12.39 -51.95 -89.37
CA ILE N 116 11.56 -52.07 -90.56
C ILE N 116 12.43 -51.77 -91.78
N ALA N 117 12.28 -52.57 -92.83
CA ALA N 117 13.06 -52.44 -94.04
C ALA N 117 12.33 -51.54 -95.03
N ARG N 118 13.07 -50.60 -95.64
CA ARG N 118 12.46 -49.70 -96.62
C ARG N 118 13.22 -49.69 -97.93
N ASP N 119 14.55 -49.80 -97.87
CA ASP N 119 15.41 -49.93 -99.05
C ASP N 119 15.25 -48.74 -100.00
N GLY N 120 15.67 -47.58 -99.50
CA GLY N 120 15.74 -46.39 -100.31
C GLY N 120 17.17 -45.95 -100.55
N PRO N 121 17.36 -44.82 -101.22
CA PRO N 121 18.72 -44.30 -101.43
C PRO N 121 19.33 -43.78 -100.13
N HIS N 122 19.59 -44.69 -99.21
CA HIS N 122 20.07 -44.34 -97.88
C HIS N 122 20.69 -45.57 -97.22
N PRO N 123 21.38 -45.43 -96.08
CA PRO N 123 21.94 -46.62 -95.43
C PRO N 123 20.90 -47.64 -95.00
N VAL N 124 21.37 -48.80 -94.55
CA VAL N 124 20.51 -49.92 -94.22
C VAL N 124 20.37 -50.01 -92.70
N ASP N 125 19.25 -50.57 -92.26
CA ASP N 125 18.97 -50.75 -90.84
C ASP N 125 19.63 -52.03 -90.32
N GLN N 126 19.76 -52.08 -88.99
CA GLN N 126 20.33 -53.24 -88.30
C GLN N 126 19.66 -53.33 -86.94
N PRO N 127 19.47 -54.54 -86.39
CA PRO N 127 18.82 -54.64 -85.09
C PRO N 127 19.74 -54.16 -83.97
N VAL N 128 19.13 -53.54 -82.97
CA VAL N 128 19.88 -52.94 -81.86
C VAL N 128 19.24 -53.39 -80.55
N HIS N 129 20.09 -53.62 -79.55
CA HIS N 129 19.66 -54.05 -78.22
C HIS N 129 20.10 -53.01 -77.19
N ASN N 130 19.66 -53.20 -75.95
CA ASN N 130 19.91 -52.23 -74.90
C ASN N 130 20.18 -52.94 -73.58
N TYR N 131 21.11 -52.40 -72.81
CA TYR N 131 21.50 -52.95 -71.52
C TYR N 131 21.58 -51.83 -70.49
N MET N 132 20.92 -52.02 -69.35
CA MET N 132 20.91 -51.04 -68.28
C MET N 132 21.04 -51.73 -66.93
N VAL N 133 21.58 -50.99 -65.96
CA VAL N 133 21.75 -51.47 -64.59
C VAL N 133 21.33 -50.36 -63.64
N LYS N 134 20.52 -50.70 -62.65
CA LYS N 134 20.04 -49.75 -61.67
C LYS N 134 20.48 -50.16 -60.27
N ARG N 135 20.63 -49.17 -59.40
CA ARG N 135 21.08 -49.38 -58.03
C ARG N 135 19.91 -49.20 -57.07
N ILE N 136 20.21 -49.27 -55.77
CA ILE N 136 19.19 -49.22 -54.74
C ILE N 136 19.52 -48.09 -53.78
N HIS N 137 18.51 -47.61 -53.08
CA HIS N 137 18.66 -46.59 -52.05
C HIS N 137 18.16 -47.12 -50.72
N LYS N 138 18.73 -46.60 -49.64
CA LYS N 138 18.42 -47.07 -48.29
C LYS N 138 17.96 -45.92 -47.43
N ARG N 139 16.91 -46.16 -46.64
CA ARG N 139 16.37 -45.16 -45.73
C ARG N 139 15.85 -45.87 -44.49
N SER N 140 15.93 -45.18 -43.35
CA SER N 140 15.59 -45.76 -42.06
C SER N 140 14.23 -45.24 -41.57
N LEU N 141 13.88 -45.60 -40.33
CA LEU N 141 12.67 -45.14 -39.68
C LEU N 141 12.89 -45.19 -38.17
N SER N 142 12.27 -44.27 -37.44
CA SER N 142 12.53 -44.15 -36.01
C SER N 142 11.26 -43.78 -35.26
N ALA N 143 11.21 -44.18 -33.99
CA ALA N 143 10.10 -43.87 -33.10
C ALA N 143 10.57 -44.06 -31.66
N ALA N 144 10.08 -43.21 -30.77
CA ALA N 144 10.51 -43.21 -29.38
C ALA N 144 9.40 -43.73 -28.48
N PHE N 145 9.77 -43.95 -27.21
CA PHE N 145 8.85 -44.54 -26.23
C PHE N 145 9.45 -44.30 -24.86
N ALA N 146 8.71 -43.62 -23.98
CA ALA N 146 9.22 -43.20 -22.69
C ALA N 146 8.57 -43.99 -21.55
N ILE N 147 9.30 -44.11 -20.45
CA ILE N 147 8.85 -44.81 -19.26
C ILE N 147 9.33 -44.04 -18.04
N ALA N 148 8.42 -43.80 -17.09
CA ALA N 148 8.76 -43.06 -15.89
C ALA N 148 9.71 -43.86 -15.00
N SER N 149 10.49 -43.14 -14.20
CA SER N 149 11.47 -43.80 -13.33
C SER N 149 10.79 -44.62 -12.25
N GLU N 150 9.83 -44.02 -11.55
CA GLU N 150 9.17 -44.72 -10.45
C GLU N 150 8.43 -45.95 -10.94
N ALA N 151 7.77 -45.86 -12.11
CA ALA N 151 7.14 -47.03 -12.68
C ALA N 151 8.16 -48.12 -12.99
N LEU N 152 9.35 -47.73 -13.43
CA LEU N 152 10.42 -48.70 -13.66
C LEU N 152 10.87 -49.34 -12.36
N SER N 153 11.11 -48.52 -11.33
CA SER N 153 11.47 -49.05 -10.03
C SER N 153 10.37 -49.89 -9.41
N LEU N 154 9.12 -49.68 -9.83
CA LEU N 154 8.02 -50.49 -9.32
C LEU N 154 8.11 -51.92 -9.83
N LEU N 155 8.38 -52.10 -11.12
CA LEU N 155 8.46 -53.43 -11.69
C LEU N 155 9.77 -54.13 -11.34
N SER N 156 10.82 -53.36 -11.10
CA SER N 156 12.10 -53.93 -10.68
C SER N 156 12.11 -54.37 -9.23
N ASN N 157 10.95 -54.39 -8.57
CA ASN N 157 10.89 -54.81 -7.18
C ASN N 157 11.26 -56.28 -7.01
N THR N 158 10.84 -57.12 -7.96
CA THR N 158 11.09 -58.56 -7.92
C THR N 158 10.59 -59.16 -6.61
N TYR N 159 9.29 -59.02 -6.39
CA TYR N 159 8.57 -59.63 -5.26
C TYR N 159 9.20 -59.22 -3.92
N VAL N 160 9.15 -57.91 -3.68
CA VAL N 160 9.53 -57.33 -2.41
C VAL N 160 8.35 -56.59 -1.77
N ASP N 161 7.14 -57.02 -2.11
CA ASP N 161 5.91 -56.32 -1.74
C ASP N 161 4.82 -57.36 -1.57
N GLY N 162 3.56 -56.93 -1.64
CA GLY N 162 2.44 -57.83 -1.46
C GLY N 162 1.31 -57.29 -0.63
N THR N 163 1.33 -55.99 -0.36
CA THR N 163 0.20 -55.33 0.28
C THR N 163 -0.89 -55.08 -0.77
N GLU N 164 -1.90 -54.29 -0.42
CA GLU N 164 -3.05 -54.10 -1.30
C GLU N 164 -2.93 -52.88 -2.20
N ILE N 165 -2.35 -51.79 -1.70
CA ILE N 165 -2.33 -50.55 -2.46
C ILE N 165 -1.44 -50.68 -3.68
N ASP N 166 -0.21 -51.15 -3.49
CA ASP N 166 0.73 -51.23 -4.61
C ASP N 166 0.30 -52.25 -5.66
N SER N 167 -0.51 -53.24 -5.27
CA SER N 167 -1.04 -54.17 -6.25
C SER N 167 -1.84 -53.46 -7.33
N SER N 168 -2.49 -52.35 -6.98
CA SER N 168 -3.17 -51.54 -7.98
C SER N 168 -2.21 -50.60 -8.68
N LEU N 169 -1.23 -50.06 -7.96
CA LEU N 169 -0.21 -49.25 -8.60
C LEU N 169 0.58 -50.06 -9.61
N ARG N 170 0.72 -51.37 -9.38
CA ARG N 170 1.38 -52.23 -10.36
C ARG N 170 0.51 -52.47 -11.58
N ILE N 171 -0.81 -52.50 -11.40
CA ILE N 171 -1.71 -52.74 -12.53
C ILE N 171 -1.73 -51.53 -13.46
N ARG N 172 -1.92 -50.34 -12.90
CA ARG N 172 -1.94 -49.14 -13.72
C ARG N 172 -0.57 -48.81 -14.30
N ALA N 173 0.49 -49.45 -13.81
CA ALA N 173 1.81 -49.24 -14.39
C ALA N 173 1.96 -50.00 -15.70
N ILE N 174 1.66 -51.30 -15.69
CA ILE N 174 1.76 -52.10 -16.90
C ILE N 174 0.69 -51.75 -17.93
N GLN N 175 -0.37 -51.07 -17.52
CA GLN N 175 -1.40 -50.67 -18.48
C GLN N 175 -0.93 -49.48 -19.30
N GLN N 176 -0.25 -48.51 -18.67
CA GLN N 176 0.27 -47.38 -19.41
C GLN N 176 1.29 -47.82 -20.45
N MET N 177 2.09 -48.84 -20.13
CA MET N 177 3.04 -49.36 -21.11
C MET N 177 2.32 -49.99 -22.29
N ALA N 178 1.26 -50.75 -22.03
CA ALA N 178 0.51 -51.37 -23.12
C ALA N 178 -0.20 -50.32 -23.97
N ARG N 179 -0.79 -49.31 -23.33
CA ARG N 179 -1.44 -48.25 -24.09
C ARG N 179 -0.44 -47.47 -24.92
N ASN N 180 0.80 -47.35 -24.46
CA ASN N 180 1.84 -46.65 -25.19
C ASN N 180 2.47 -47.53 -26.26
N LEU N 181 2.81 -48.77 -25.92
CA LEU N 181 3.46 -49.66 -26.88
C LEU N 181 2.54 -49.95 -28.07
N ARG N 182 1.23 -50.04 -27.83
CA ARG N 182 0.30 -50.28 -28.92
C ARG N 182 0.30 -49.14 -29.94
N THR N 183 0.72 -47.95 -29.55
CA THR N 183 0.73 -46.82 -30.46
C THR N 183 2.05 -46.70 -31.21
N VAL N 184 3.18 -46.91 -30.53
CA VAL N 184 4.48 -46.78 -31.20
C VAL N 184 4.66 -47.84 -32.27
N LEU N 185 4.03 -49.01 -32.11
CA LEU N 185 4.10 -50.03 -33.16
C LEU N 185 3.28 -49.61 -34.37
N ASP N 186 2.06 -49.13 -34.14
CA ASP N 186 1.24 -48.61 -35.23
C ASP N 186 1.88 -47.39 -35.89
N SER N 187 2.75 -46.68 -35.19
CA SER N 187 3.40 -45.52 -35.76
C SER N 187 4.29 -45.89 -36.94
N PHE N 188 4.93 -47.07 -36.88
CA PHE N 188 5.71 -47.54 -38.01
C PHE N 188 4.81 -47.94 -39.17
N GLU N 189 3.65 -48.55 -38.87
CA GLU N 189 2.73 -48.95 -39.92
C GLU N 189 2.16 -47.74 -40.64
N ARG N 190 1.70 -46.73 -39.89
CA ARG N 190 1.18 -45.53 -40.51
C ARG N 190 2.28 -44.71 -41.16
N GLY N 191 3.52 -44.85 -40.70
CA GLY N 191 4.61 -44.11 -41.26
C GLY N 191 5.11 -44.65 -42.59
N THR N 192 4.82 -45.92 -42.89
CA THR N 192 5.23 -46.47 -44.17
C THR N 192 4.59 -45.72 -45.32
N ALA N 193 3.29 -45.46 -45.23
CA ALA N 193 2.61 -44.64 -46.23
C ALA N 193 3.17 -43.24 -46.31
N ASP N 194 3.89 -42.77 -45.30
CA ASP N 194 4.55 -41.48 -45.37
C ASP N 194 5.89 -41.56 -46.09
N GLN N 195 6.55 -42.72 -46.06
CA GLN N 195 7.75 -42.89 -46.86
C GLN N 195 7.42 -42.79 -48.34
N LEU N 196 6.48 -43.60 -48.81
CA LEU N 196 5.84 -43.32 -50.08
C LEU N 196 5.05 -42.03 -49.98
N LEU N 197 4.51 -41.57 -51.10
CA LEU N 197 3.77 -40.31 -51.15
C LEU N 197 4.65 -39.19 -50.61
N GLY N 198 5.75 -38.99 -51.32
CA GLY N 198 6.83 -38.15 -50.85
C GLY N 198 8.15 -38.70 -51.32
N VAL N 199 8.15 -39.99 -51.70
CA VAL N 199 9.23 -40.54 -52.50
C VAL N 199 8.89 -40.45 -53.98
N LEU N 200 7.63 -40.26 -54.32
CA LEU N 200 7.20 -40.07 -55.69
C LEU N 200 7.04 -38.62 -56.07
N LEU N 201 7.08 -37.70 -55.11
CA LEU N 201 6.87 -36.29 -55.42
C LEU N 201 8.07 -35.70 -56.15
N GLU N 202 9.28 -36.05 -55.73
CA GLU N 202 10.49 -35.66 -56.45
C GLU N 202 10.81 -36.61 -57.59
N LYS N 203 9.88 -37.51 -57.93
CA LYS N 203 10.05 -38.43 -59.03
C LYS N 203 9.07 -38.13 -60.16
N ALA N 204 8.13 -37.21 -59.94
CA ALA N 204 7.08 -36.90 -60.90
C ALA N 204 7.35 -35.53 -61.51
N PRO N 205 7.61 -35.44 -62.81
CA PRO N 205 7.78 -34.15 -63.46
C PRO N 205 6.44 -33.47 -63.65
N PRO N 206 6.41 -32.16 -63.90
CA PRO N 206 5.14 -31.47 -64.11
C PRO N 206 4.42 -32.00 -65.34
N LEU N 207 3.09 -31.96 -65.29
CA LEU N 207 2.28 -32.48 -66.38
C LEU N 207 2.38 -31.59 -67.61
N SER N 208 2.39 -30.26 -67.42
CA SER N 208 2.42 -29.35 -68.56
C SER N 208 3.71 -29.49 -69.37
N LEU N 209 4.74 -30.12 -68.83
CA LEU N 209 5.97 -30.37 -69.56
C LEU N 209 6.04 -31.77 -70.15
N LEU N 210 5.55 -32.78 -69.42
CA LEU N 210 5.66 -34.14 -69.90
C LEU N 210 4.67 -34.45 -71.02
N SER N 211 3.49 -33.83 -71.01
CA SER N 211 2.49 -34.16 -72.02
C SER N 211 2.91 -33.76 -73.42
N PRO N 212 3.46 -32.56 -73.67
CA PRO N 212 3.84 -32.24 -75.05
C PRO N 212 5.15 -32.89 -75.47
N ILE N 213 6.09 -33.09 -74.53
CA ILE N 213 7.32 -33.80 -74.86
C ILE N 213 7.02 -35.22 -75.31
N ASN N 214 6.15 -35.90 -74.57
CA ASN N 214 5.72 -37.24 -74.98
C ASN N 214 4.97 -37.19 -76.31
N LYS N 215 4.35 -36.06 -76.63
CA LYS N 215 3.60 -35.95 -77.88
C LYS N 215 4.54 -35.93 -79.07
N PHE N 216 5.60 -35.13 -79.00
CA PHE N 216 6.54 -34.99 -80.12
C PHE N 216 7.72 -35.93 -79.90
N GLN N 217 7.50 -37.20 -80.22
CA GLN N 217 8.53 -38.23 -80.10
C GLN N 217 8.70 -38.94 -81.43
N PRO N 218 9.21 -38.24 -82.44
CA PRO N 218 9.44 -38.90 -83.75
C PRO N 218 10.62 -39.85 -83.70
N GLU N 219 11.73 -39.39 -83.13
CA GLU N 219 12.93 -40.21 -83.00
C GLU N 219 13.65 -40.02 -81.67
N GLY N 220 13.09 -39.25 -80.75
CA GLY N 220 13.77 -38.98 -79.49
C GLY N 220 14.69 -37.79 -79.57
N HIS N 221 15.70 -37.86 -80.42
CA HIS N 221 16.60 -36.74 -80.63
C HIS N 221 16.07 -35.83 -81.72
N LEU N 222 16.08 -34.53 -81.44
CA LEU N 222 15.59 -33.53 -82.38
C LEU N 222 16.73 -32.62 -82.80
N ASN N 223 16.56 -32.00 -83.97
CA ASN N 223 17.56 -31.08 -84.48
C ASN N 223 17.46 -29.73 -83.77
N ARG N 224 18.22 -28.76 -84.27
CA ARG N 224 18.18 -27.44 -83.66
C ARG N 224 16.83 -26.77 -83.86
N VAL N 225 16.31 -26.79 -85.09
CA VAL N 225 15.09 -26.05 -85.39
C VAL N 225 13.90 -26.67 -84.68
N ALA N 226 13.79 -28.00 -84.72
CA ALA N 226 12.66 -28.67 -84.06
C ALA N 226 12.65 -28.41 -82.56
N ARG N 227 13.82 -28.26 -81.95
CA ARG N 227 13.85 -28.00 -80.51
C ARG N 227 13.34 -26.62 -80.18
N ALA N 228 13.69 -25.62 -80.99
CA ALA N 228 13.24 -24.26 -80.72
C ALA N 228 11.73 -24.14 -80.87
N ALA N 229 11.17 -24.76 -81.91
CA ALA N 229 9.72 -24.73 -82.08
C ALA N 229 9.03 -25.43 -80.92
N LEU N 230 9.65 -26.47 -80.37
CA LEU N 230 9.06 -27.15 -79.22
C LEU N 230 9.16 -26.29 -77.98
N LEU N 231 10.20 -25.47 -77.86
CA LEU N 231 10.36 -24.63 -76.67
C LEU N 231 9.25 -23.58 -76.60
N SER N 232 8.92 -22.95 -77.72
CA SER N 232 7.87 -21.95 -77.71
C SER N 232 6.52 -22.57 -77.35
N ASP N 233 6.31 -23.82 -77.74
CA ASP N 233 5.08 -24.51 -77.34
C ASP N 233 5.08 -24.80 -75.85
N LEU N 234 6.25 -25.02 -75.27
CA LEU N 234 6.34 -25.32 -73.85
C LEU N 234 5.98 -24.09 -73.01
N LYS N 235 6.52 -22.93 -73.38
CA LYS N 235 6.27 -21.71 -72.61
C LYS N 235 4.80 -21.33 -72.65
N ARG N 236 4.15 -21.49 -73.81
CA ARG N 236 2.73 -21.16 -73.90
C ARG N 236 1.89 -22.12 -73.08
N ARG N 237 2.35 -23.36 -72.90
CA ARG N 237 1.58 -24.35 -72.16
C ARG N 237 1.66 -24.11 -70.66
N VAL N 238 2.86 -23.80 -70.16
CA VAL N 238 3.01 -23.58 -68.73
C VAL N 238 2.31 -22.31 -68.28
N CYS N 239 2.44 -21.23 -69.05
CA CYS N 239 1.89 -19.95 -68.64
C CYS N 239 0.37 -19.98 -68.56
N ALA N 240 -0.27 -20.85 -69.35
CA ALA N 240 -1.73 -20.95 -69.37
C ALA N 240 -2.29 -22.09 -68.55
N ASP N 241 -1.71 -23.28 -68.66
CA ASP N 241 -2.21 -24.46 -67.95
C ASP N 241 -1.64 -24.52 -66.53
N MET N 242 -1.99 -23.51 -65.74
CA MET N 242 -1.45 -23.41 -64.39
C MET N 242 -2.40 -23.99 -63.35
N PHE N 243 -3.65 -23.53 -63.33
CA PHE N 243 -4.65 -23.98 -62.35
C PHE N 243 -5.89 -24.45 -63.11
N PHE N 244 -6.03 -25.77 -63.24
CA PHE N 244 -7.18 -26.32 -63.95
C PHE N 244 -8.46 -26.13 -63.17
N MET N 245 -8.53 -26.71 -61.97
CA MET N 245 -9.76 -26.73 -61.20
C MET N 245 -10.20 -25.33 -60.75
N THR N 246 -9.29 -24.35 -60.77
CA THR N 246 -9.66 -23.00 -60.35
C THR N 246 -10.14 -22.16 -61.52
N ARG N 247 -9.39 -22.13 -62.61
CA ARG N 247 -9.78 -21.33 -63.77
C ARG N 247 -10.98 -21.94 -64.47
N HIS N 248 -10.83 -23.17 -64.96
CA HIS N 248 -11.92 -23.87 -65.63
C HIS N 248 -12.79 -24.63 -64.65
N ALA N 249 -13.30 -23.92 -63.64
CA ALA N 249 -14.14 -24.56 -62.64
C ALA N 249 -15.57 -24.76 -63.13
N ARG N 250 -16.02 -23.95 -64.08
CA ARG N 250 -17.39 -24.07 -64.57
C ARG N 250 -17.53 -25.22 -65.55
N GLU N 251 -16.69 -25.25 -66.58
CA GLU N 251 -16.76 -26.27 -67.61
C GLU N 251 -16.35 -27.61 -67.05
N PRO N 252 -17.27 -28.58 -66.91
CA PRO N 252 -16.91 -29.89 -66.37
C PRO N 252 -16.34 -30.87 -67.40
N ARG N 253 -16.00 -30.41 -68.60
CA ARG N 253 -15.46 -31.27 -69.63
C ARG N 253 -13.98 -31.08 -69.87
N LEU N 254 -13.48 -29.84 -69.80
CA LEU N 254 -12.05 -29.62 -69.93
C LEU N 254 -11.28 -30.36 -68.84
N ILE N 255 -11.87 -30.47 -67.66
CA ILE N 255 -11.22 -31.20 -66.58
C ILE N 255 -11.08 -32.67 -66.93
N SER N 256 -12.10 -33.25 -67.57
CA SER N 256 -12.02 -34.65 -67.99
C SER N 256 -10.94 -34.83 -69.04
N ALA N 257 -10.81 -33.88 -69.96
CA ALA N 257 -9.75 -33.95 -70.96
C ALA N 257 -8.37 -33.90 -70.31
N TYR N 258 -8.22 -33.05 -69.29
CA TYR N 258 -6.95 -32.98 -68.58
C TYR N 258 -6.62 -34.31 -67.93
N LEU N 259 -7.60 -34.94 -67.27
CA LEU N 259 -7.33 -36.19 -66.57
C LEU N 259 -7.02 -37.32 -67.54
N SER N 260 -7.79 -37.42 -68.63
CA SER N 260 -7.49 -38.42 -69.65
C SER N 260 -6.12 -38.19 -70.26
N ASP N 261 -5.68 -36.94 -70.34
CA ASP N 261 -4.35 -36.64 -70.83
C ASP N 261 -3.30 -37.10 -69.83
N MET N 262 -3.48 -36.75 -68.56
CA MET N 262 -2.49 -37.08 -67.54
C MET N 262 -2.32 -38.59 -67.40
N VAL N 263 -3.41 -39.34 -67.49
CA VAL N 263 -3.33 -40.79 -67.33
C VAL N 263 -2.56 -41.41 -68.47
N SER N 264 -2.92 -41.08 -69.71
CA SER N 264 -2.24 -41.61 -70.87
C SER N 264 -0.99 -40.80 -71.18
N CYS N 265 -0.11 -40.65 -70.20
CA CYS N 265 1.13 -39.89 -70.38
C CYS N 265 2.32 -40.65 -69.85
N THR N 266 2.08 -41.61 -68.96
CA THR N 266 3.14 -42.38 -68.36
C THR N 266 3.32 -43.72 -69.08
N GLN N 267 4.49 -44.31 -68.90
CA GLN N 267 4.78 -45.62 -69.45
C GLN N 267 4.73 -46.66 -68.35
N PRO N 268 4.10 -47.81 -68.60
CA PRO N 268 3.98 -48.83 -67.54
C PRO N 268 5.31 -49.46 -67.18
N SER N 269 5.30 -50.35 -66.18
CA SER N 269 6.50 -51.02 -65.71
C SER N 269 6.33 -52.52 -65.95
N VAL N 270 7.27 -53.30 -65.41
CA VAL N 270 7.24 -54.74 -65.63
C VAL N 270 5.99 -55.34 -64.99
N MET N 271 5.51 -56.45 -65.57
CA MET N 271 4.29 -57.10 -65.14
C MET N 271 4.55 -58.43 -64.43
N VAL N 272 5.76 -58.64 -63.93
CA VAL N 272 6.12 -59.88 -63.25
C VAL N 272 5.44 -59.87 -61.89
N SER N 273 4.32 -60.58 -61.78
CA SER N 273 3.56 -60.64 -60.54
C SER N 273 2.57 -61.78 -60.63
N ARG N 274 2.22 -62.34 -59.47
CA ARG N 274 1.30 -63.47 -59.39
C ARG N 274 -0.11 -63.01 -59.06
N ILE N 275 -0.29 -62.34 -57.92
CA ILE N 275 -1.58 -61.82 -57.48
C ILE N 275 -1.46 -60.31 -57.36
N THR N 276 -2.53 -59.60 -57.71
CA THR N 276 -2.51 -58.15 -57.71
C THR N 276 -3.87 -57.61 -57.29
N HIS N 277 -3.93 -56.30 -57.08
CA HIS N 277 -5.17 -55.64 -56.70
C HIS N 277 -6.14 -55.68 -57.88
N THR N 278 -7.37 -56.08 -57.61
CA THR N 278 -8.40 -56.18 -58.64
C THR N 278 -9.75 -55.83 -58.06
N ASN N 279 -10.70 -55.56 -58.95
CA ASN N 279 -12.05 -55.22 -58.56
C ASN N 279 -12.84 -56.49 -58.26
N THR N 280 -14.16 -56.37 -58.11
CA THR N 280 -14.98 -57.53 -57.82
C THR N 280 -15.14 -58.44 -59.02
N ARG N 281 -15.20 -57.88 -60.22
CA ARG N 281 -15.31 -58.71 -61.42
C ARG N 281 -14.03 -59.50 -61.67
N GLY N 282 -12.89 -58.81 -61.62
CA GLY N 282 -11.61 -59.45 -61.90
C GLY N 282 -10.72 -58.56 -62.73
N ARG N 283 -11.24 -57.42 -63.16
CA ARG N 283 -10.44 -56.49 -63.95
C ARG N 283 -9.34 -55.88 -63.10
N GLN N 284 -8.12 -55.91 -63.61
CA GLN N 284 -6.98 -55.37 -62.88
C GLN N 284 -7.00 -53.85 -62.89
N VAL N 285 -6.73 -53.26 -61.73
CA VAL N 285 -6.59 -51.81 -61.65
C VAL N 285 -5.26 -51.40 -62.29
N ASP N 286 -5.14 -50.10 -62.57
CA ASP N 286 -3.98 -49.59 -63.31
C ASP N 286 -3.16 -48.61 -62.50
N GLY N 287 -3.78 -47.65 -61.84
CA GLY N 287 -3.01 -46.65 -61.11
C GLY N 287 -3.72 -46.10 -59.91
N VAL N 288 -3.08 -45.12 -59.25
CA VAL N 288 -3.64 -44.45 -58.09
C VAL N 288 -3.68 -42.96 -58.40
N LEU N 289 -4.73 -42.29 -57.93
CA LEU N 289 -4.89 -40.85 -58.10
C LEU N 289 -5.11 -40.26 -56.70
N VAL N 290 -4.03 -39.81 -56.08
CA VAL N 290 -4.08 -39.23 -54.75
C VAL N 290 -4.23 -37.72 -54.88
N THR N 291 -4.97 -37.12 -53.96
CA THR N 291 -5.24 -35.69 -53.99
C THR N 291 -5.83 -35.28 -52.65
N THR N 292 -6.29 -34.04 -52.57
CA THR N 292 -6.92 -33.50 -51.37
C THR N 292 -8.38 -33.92 -51.34
N ALA N 293 -8.93 -34.03 -50.12
CA ALA N 293 -10.33 -34.38 -49.96
C ALA N 293 -11.24 -33.35 -50.62
N THR N 294 -10.79 -32.09 -50.70
CA THR N 294 -11.57 -31.07 -51.37
C THR N 294 -11.71 -31.40 -52.86
N LEU N 295 -10.59 -31.60 -53.54
CA LEU N 295 -10.63 -31.95 -54.96
C LEU N 295 -11.32 -33.30 -55.18
N LYS N 296 -11.20 -34.22 -54.22
CA LYS N 296 -11.88 -35.50 -54.35
C LYS N 296 -13.37 -35.33 -54.52
N ARG N 297 -13.98 -34.49 -53.70
CA ARG N 297 -15.42 -34.26 -53.82
C ARG N 297 -15.76 -33.55 -55.13
N GLN N 298 -14.87 -32.68 -55.59
CA GLN N 298 -15.14 -31.96 -56.83
C GLN N 298 -15.08 -32.88 -58.04
N LEU N 299 -14.28 -33.94 -57.98
CA LEU N 299 -14.17 -34.85 -59.11
C LEU N 299 -15.28 -35.90 -59.08
N LEU N 300 -15.63 -36.39 -57.89
CA LEU N 300 -16.59 -37.48 -57.78
C LEU N 300 -18.02 -37.04 -57.96
N GLN N 301 -18.30 -35.74 -58.07
CA GLN N 301 -19.69 -35.31 -58.12
C GLN N 301 -20.28 -35.45 -59.52
N GLY N 302 -19.62 -34.87 -60.54
CA GLY N 302 -20.15 -34.92 -61.88
C GLY N 302 -19.12 -35.12 -62.97
N ILE N 303 -17.84 -35.13 -62.60
CA ILE N 303 -16.77 -35.24 -63.60
C ILE N 303 -16.49 -36.71 -63.86
N LEU N 304 -16.10 -37.45 -62.83
CA LEU N 304 -15.81 -38.86 -62.94
C LEU N 304 -16.99 -39.69 -62.47
N GLN N 305 -16.93 -40.98 -62.77
CA GLN N 305 -17.98 -41.93 -62.41
C GLN N 305 -17.38 -43.09 -61.64
N ILE N 306 -18.09 -43.52 -60.61
CA ILE N 306 -17.61 -44.61 -59.77
C ILE N 306 -17.93 -45.94 -60.43
N ASP N 307 -16.99 -46.88 -60.39
CA ASP N 307 -17.15 -48.20 -60.96
C ASP N 307 -17.42 -49.27 -59.92
N ASP N 308 -16.80 -49.17 -58.75
CA ASP N 308 -16.98 -50.17 -57.70
C ASP N 308 -16.65 -49.53 -56.36
N THR N 309 -17.13 -50.16 -55.29
CA THR N 309 -16.85 -49.71 -53.94
C THR N 309 -15.96 -50.67 -53.17
N ALA N 310 -15.88 -51.93 -53.59
CA ALA N 310 -15.03 -52.93 -52.95
C ALA N 310 -13.99 -53.42 -53.93
N ALA N 311 -12.92 -54.01 -53.42
CA ALA N 311 -11.84 -54.53 -54.24
C ALA N 311 -11.22 -55.73 -53.55
N ASP N 312 -10.31 -56.38 -54.25
CA ASP N 312 -9.60 -57.56 -53.74
C ASP N 312 -8.11 -57.23 -53.70
N VAL N 313 -7.57 -57.10 -52.50
CA VAL N 313 -6.15 -56.76 -52.33
C VAL N 313 -5.47 -57.90 -51.58
N PRO N 314 -4.18 -58.12 -51.80
CA PRO N 314 -3.49 -59.20 -51.08
C PRO N 314 -3.34 -58.88 -49.60
N VAL N 315 -2.97 -59.91 -48.84
CA VAL N 315 -2.76 -59.76 -47.41
C VAL N 315 -1.35 -60.11 -46.98
N THR N 316 -0.63 -60.96 -47.70
CA THR N 316 0.73 -61.31 -47.34
C THR N 316 1.71 -60.32 -47.97
N TYR N 317 2.91 -60.25 -47.38
CA TYR N 317 3.93 -59.33 -47.90
C TYR N 317 4.80 -60.02 -48.93
N GLY N 318 5.24 -61.24 -48.65
CA GLY N 318 6.20 -61.91 -49.52
C GLY N 318 7.62 -61.57 -49.11
N GLU N 319 8.42 -62.56 -48.78
CA GLU N 319 9.76 -62.33 -48.25
C GLU N 319 10.74 -63.30 -48.90
N MET N 320 12.02 -63.06 -48.65
CA MET N 320 13.07 -63.94 -49.13
C MET N 320 14.25 -63.87 -48.18
N VAL N 321 14.88 -65.02 -47.96
CA VAL N 321 16.06 -65.13 -47.10
C VAL N 321 17.13 -65.89 -47.87
N LEU N 322 18.40 -65.54 -47.62
CA LEU N 322 19.49 -66.22 -48.28
C LEU N 322 19.86 -67.48 -47.51
N GLN N 323 20.02 -68.59 -48.25
CA GLN N 323 20.33 -69.88 -47.66
C GLN N 323 21.07 -70.71 -48.69
N GLY N 324 21.31 -71.98 -48.36
CA GLY N 324 21.99 -72.86 -49.28
C GLY N 324 23.37 -72.35 -49.62
N THR N 325 23.62 -72.18 -50.92
CA THR N 325 24.91 -71.68 -51.37
C THR N 325 25.03 -70.17 -51.25
N ASN N 326 23.89 -69.46 -51.12
CA ASN N 326 23.96 -68.03 -50.85
C ASN N 326 24.66 -67.75 -49.52
N LEU N 327 24.45 -68.61 -48.53
CA LEU N 327 25.12 -68.46 -47.24
C LEU N 327 26.63 -68.57 -47.41
N VAL N 328 27.09 -69.65 -48.03
CA VAL N 328 28.52 -69.90 -48.09
C VAL N 328 29.23 -68.86 -48.95
N THR N 329 28.57 -68.37 -49.99
CA THR N 329 29.21 -67.41 -50.89
C THR N 329 29.21 -65.99 -50.36
N ALA N 330 28.32 -65.67 -49.42
CA ALA N 330 28.31 -64.34 -48.84
C ALA N 330 29.42 -64.15 -47.81
N LEU N 331 30.08 -65.24 -47.41
CA LEU N 331 31.12 -65.17 -46.38
C LEU N 331 32.52 -65.47 -46.90
N VAL N 332 32.66 -66.18 -48.03
CA VAL N 332 33.97 -66.43 -48.58
C VAL N 332 34.31 -65.50 -49.73
N MET N 333 33.33 -65.09 -50.53
CA MET N 333 33.53 -64.24 -51.69
C MET N 333 33.23 -62.78 -51.43
N GLY N 334 32.26 -62.49 -50.56
CA GLY N 334 31.79 -61.14 -50.38
C GLY N 334 30.65 -60.73 -51.28
N LYS N 335 30.10 -61.66 -52.05
CA LYS N 335 28.99 -61.37 -52.95
C LYS N 335 27.95 -62.47 -52.83
N ALA N 336 26.80 -62.24 -53.44
CA ALA N 336 25.72 -63.21 -53.45
C ALA N 336 24.77 -62.85 -54.59
N VAL N 337 23.93 -63.80 -54.96
CA VAL N 337 23.00 -63.64 -56.07
C VAL N 337 21.65 -64.22 -55.65
N ARG N 338 20.58 -63.51 -55.96
CA ARG N 338 19.25 -63.98 -55.61
C ARG N 338 18.92 -65.25 -56.38
N GLY N 339 18.06 -66.07 -55.78
CA GLY N 339 17.61 -67.30 -56.40
C GLY N 339 18.64 -68.41 -56.34
N MET N 340 19.72 -68.25 -57.10
CA MET N 340 20.74 -69.30 -57.26
C MET N 340 20.08 -70.64 -57.55
N ASP N 341 19.34 -70.70 -58.66
CA ASP N 341 18.75 -71.95 -59.14
C ASP N 341 18.85 -72.04 -60.66
N ASP N 342 19.62 -71.14 -61.27
CA ASP N 342 19.80 -71.17 -62.73
C ASP N 342 20.67 -72.36 -63.11
N VAL N 343 20.08 -73.32 -63.82
CA VAL N 343 20.86 -74.47 -64.28
C VAL N 343 21.71 -74.11 -65.48
N ALA N 344 21.22 -73.23 -66.35
CA ALA N 344 21.98 -72.79 -67.51
C ALA N 344 22.93 -71.66 -67.14
N ASN N 377 -6.01 -62.65 -50.44
CA ASN N 377 -7.09 -61.82 -50.97
C ASN N 377 -8.10 -61.48 -49.89
N ALA N 378 -8.67 -60.27 -49.98
CA ALA N 378 -9.64 -59.82 -48.99
C ALA N 378 -10.45 -58.67 -49.58
N ARG N 379 -11.75 -58.68 -49.32
CA ARG N 379 -12.64 -57.62 -49.80
C ARG N 379 -12.51 -56.40 -48.88
N VAL N 380 -11.98 -55.31 -49.42
CA VAL N 380 -11.79 -54.07 -48.68
C VAL N 380 -12.62 -52.99 -49.36
N PRO N 381 -13.34 -52.15 -48.62
CA PRO N 381 -14.12 -51.07 -49.25
C PRO N 381 -13.21 -49.94 -49.72
N ALA N 382 -13.22 -49.68 -51.02
CA ALA N 382 -12.41 -48.61 -51.60
C ALA N 382 -12.99 -48.24 -52.95
N ASP N 383 -13.17 -46.94 -53.18
CA ASP N 383 -13.80 -46.48 -54.41
C ASP N 383 -12.90 -46.73 -55.61
N LEU N 384 -13.54 -46.86 -56.78
CA LEU N 384 -12.83 -47.07 -58.03
C LEU N 384 -13.57 -46.33 -59.14
N VAL N 385 -12.83 -45.53 -59.90
CA VAL N 385 -13.41 -44.74 -60.99
C VAL N 385 -12.81 -45.23 -62.31
N ILE N 386 -13.40 -44.76 -63.41
CA ILE N 386 -12.96 -45.11 -64.75
C ILE N 386 -12.66 -43.79 -65.47
N VAL N 387 -11.40 -43.39 -65.46
CA VAL N 387 -10.95 -42.22 -66.20
C VAL N 387 -10.25 -42.70 -67.46
N GLY N 388 -10.44 -41.97 -68.56
CA GLY N 388 -9.87 -42.36 -69.83
C GLY N 388 -10.36 -43.74 -70.27
N ASP N 389 -9.44 -44.70 -70.30
CA ASP N 389 -9.77 -46.08 -70.65
C ASP N 389 -9.25 -47.06 -69.60
N LYS N 390 -8.91 -46.57 -68.41
CA LYS N 390 -8.34 -47.40 -67.35
C LYS N 390 -9.20 -47.30 -66.11
N LEU N 391 -8.93 -48.20 -65.16
CA LEU N 391 -9.61 -48.25 -63.87
C LEU N 391 -8.58 -47.96 -62.79
N VAL N 392 -8.68 -46.79 -62.17
CA VAL N 392 -7.68 -46.33 -61.22
C VAL N 392 -8.32 -46.16 -59.85
N PHE N 393 -7.49 -46.33 -58.82
CA PHE N 393 -7.90 -46.03 -57.46
C PHE N 393 -7.94 -44.52 -57.26
N LEU N 394 -8.79 -44.08 -56.34
CA LEU N 394 -8.86 -42.67 -55.96
C LEU N 394 -8.74 -42.58 -54.45
N GLU N 395 -7.71 -41.89 -53.98
CA GLU N 395 -7.40 -41.79 -52.57
C GLU N 395 -7.24 -40.33 -52.16
N ALA N 396 -7.76 -39.99 -51.00
CA ALA N 396 -7.67 -38.66 -50.43
C ALA N 396 -7.30 -38.74 -48.95
N LEU N 397 -6.24 -39.49 -48.65
CA LEU N 397 -5.92 -39.83 -47.27
C LEU N 397 -5.61 -38.60 -46.43
N GLU N 398 -6.55 -38.19 -45.59
CA GLU N 398 -6.31 -37.17 -44.58
C GLU N 398 -6.92 -37.51 -43.24
N ARG N 399 -7.82 -38.49 -43.16
CA ARG N 399 -8.40 -38.92 -41.90
C ARG N 399 -7.76 -40.18 -41.36
N ARG N 400 -7.44 -41.14 -42.23
CA ARG N 400 -6.73 -42.33 -41.77
C ARG N 400 -5.30 -41.99 -41.39
N VAL N 401 -4.67 -41.07 -42.11
CA VAL N 401 -3.31 -40.66 -41.85
C VAL N 401 -3.27 -39.15 -41.75
N TYR N 402 -2.25 -38.63 -41.08
CA TYR N 402 -2.06 -37.19 -40.88
C TYR N 402 -3.24 -36.55 -40.15
N GLN N 403 -3.92 -37.32 -39.30
CA GLN N 403 -5.06 -36.83 -38.54
C GLN N 403 -4.69 -36.77 -37.06
N ALA N 404 -4.87 -35.60 -36.46
CA ALA N 404 -4.58 -35.38 -35.04
C ALA N 404 -3.13 -35.71 -34.70
N THR N 405 -2.23 -35.39 -35.62
CA THR N 405 -0.80 -35.52 -35.39
C THR N 405 -0.16 -34.14 -35.48
N ARG N 406 1.16 -34.11 -35.44
CA ARG N 406 1.91 -32.86 -35.53
C ARG N 406 2.74 -32.79 -36.80
N VAL N 407 2.29 -33.43 -37.88
CA VAL N 407 3.01 -33.44 -39.14
C VAL N 407 2.11 -32.85 -40.22
N ALA N 408 2.73 -32.09 -41.13
CA ALA N 408 1.99 -31.44 -42.20
C ALA N 408 1.65 -32.44 -43.30
N TYR N 409 0.49 -32.24 -43.90
CA TYR N 409 0.06 -33.10 -44.99
C TYR N 409 0.69 -32.61 -46.29
N PRO N 410 1.38 -33.47 -47.04
CA PRO N 410 1.93 -33.05 -48.33
C PRO N 410 0.84 -32.77 -49.36
N LEU N 411 1.26 -32.49 -50.59
CA LEU N 411 0.38 -32.03 -51.68
C LEU N 411 -0.19 -30.64 -51.40
N ILE N 412 0.43 -29.89 -50.50
CA ILE N 412 0.06 -28.51 -50.23
C ILE N 412 1.28 -27.64 -50.46
N GLY N 413 2.13 -28.04 -51.42
CA GLY N 413 3.34 -27.32 -51.72
C GLY N 413 3.12 -25.89 -52.21
N ASN N 414 4.20 -25.15 -52.41
CA ASN N 414 4.12 -23.76 -52.79
C ASN N 414 4.66 -23.55 -54.21
N ILE N 415 4.31 -22.41 -54.79
CA ILE N 415 4.75 -22.04 -56.13
C ILE N 415 5.23 -20.60 -56.09
N ASP N 416 6.48 -20.39 -56.51
CA ASP N 416 7.06 -19.06 -56.54
C ASP N 416 6.89 -18.45 -57.92
N ILE N 417 6.39 -17.22 -57.97
CA ILE N 417 6.15 -16.52 -59.22
C ILE N 417 6.65 -15.09 -59.07
N THR N 418 7.39 -14.62 -60.08
CA THR N 418 7.93 -13.27 -60.08
C THR N 418 7.10 -12.37 -60.99
N PHE N 419 7.22 -11.06 -60.77
CA PHE N 419 6.52 -10.06 -61.56
C PHE N 419 7.49 -8.93 -61.88
N ILE N 420 7.23 -8.23 -62.97
CA ILE N 420 8.08 -7.15 -63.44
C ILE N 420 7.22 -6.02 -63.98
N MET N 421 7.56 -4.79 -63.60
CA MET N 421 6.80 -3.62 -64.00
C MET N 421 7.76 -2.44 -64.23
N PRO N 422 7.64 -1.74 -65.36
CA PRO N 422 8.41 -0.51 -65.54
C PRO N 422 7.80 0.62 -64.75
N MET N 423 8.63 1.60 -64.41
CA MET N 423 8.21 2.68 -63.52
C MET N 423 8.17 4.04 -64.21
N GLY N 424 9.27 4.48 -64.81
CA GLY N 424 9.31 5.84 -65.32
C GLY N 424 9.71 5.97 -66.78
N VAL N 425 9.28 5.02 -67.61
CA VAL N 425 9.61 5.09 -69.02
C VAL N 425 8.84 6.24 -69.67
N PHE N 426 9.43 6.81 -70.71
CA PHE N 426 8.81 7.90 -71.47
C PHE N 426 9.10 7.67 -72.95
N GLN N 427 8.06 7.33 -73.70
CA GLN N 427 8.21 7.07 -75.14
C GLN N 427 8.50 8.37 -75.86
N ALA N 428 9.75 8.57 -76.25
CA ALA N 428 10.16 9.79 -76.94
C ALA N 428 9.86 9.64 -78.43
N ASN N 429 8.61 9.96 -78.78
CA ASN N 429 8.20 9.95 -80.17
C ASN N 429 6.93 10.76 -80.29
N SER N 430 6.73 11.36 -81.46
CA SER N 430 5.57 12.20 -81.69
C SER N 430 4.37 11.43 -82.23
N MET N 431 4.55 10.18 -82.63
CA MET N 431 3.46 9.41 -83.21
C MET N 431 2.72 8.56 -82.20
N ASP N 432 3.37 8.16 -81.10
CA ASP N 432 2.71 7.32 -80.11
C ASP N 432 2.12 8.11 -78.95
N ARG N 433 2.45 9.40 -78.83
CA ARG N 433 1.87 10.23 -77.78
C ARG N 433 0.60 10.88 -78.34
N TYR N 434 -0.40 10.04 -78.56
CA TYR N 434 -1.67 10.42 -79.17
C TYR N 434 -2.78 10.19 -78.16
N THR N 435 -4.03 10.34 -78.62
CA THR N 435 -5.20 10.01 -77.83
C THR N 435 -6.26 9.37 -78.73
N ARG N 436 -7.05 8.46 -78.15
CA ARG N 436 -7.96 7.66 -78.95
C ARG N 436 -9.22 8.41 -79.36
N HIS N 437 -9.63 9.42 -78.60
CA HIS N 437 -10.77 10.25 -78.97
C HIS N 437 -10.42 11.71 -78.72
N ALA N 438 -11.38 12.59 -78.96
CA ALA N 438 -11.12 14.02 -78.84
C ALA N 438 -11.14 14.45 -77.38
N GLY N 439 -12.30 14.35 -76.72
CA GLY N 439 -12.42 14.72 -75.33
C GLY N 439 -12.27 13.55 -74.38
N ASP N 440 -11.09 12.92 -74.37
CA ASP N 440 -10.91 11.73 -73.56
C ASP N 440 -10.93 12.06 -72.07
N PHE N 441 -9.96 12.85 -71.61
CA PHE N 441 -9.88 13.27 -70.21
C PHE N 441 -9.66 14.78 -70.20
N SER N 442 -10.74 15.54 -70.26
CA SER N 442 -10.63 16.99 -70.25
C SER N 442 -10.34 17.48 -68.84
N THR N 443 -9.89 18.73 -68.75
CA THR N 443 -9.46 19.32 -67.50
C THR N 443 -9.68 20.83 -67.56
N VAL N 444 -10.09 21.40 -66.42
CA VAL N 444 -10.32 22.84 -66.36
C VAL N 444 -9.02 23.64 -66.45
N SER N 445 -7.89 23.01 -66.17
CA SER N 445 -6.61 23.72 -66.23
C SER N 445 -6.23 24.03 -67.67
N GLU N 446 -5.39 25.05 -67.82
CA GLU N 446 -4.92 25.45 -69.15
C GLU N 446 -3.83 24.51 -69.68
N GLN N 447 -3.17 23.76 -68.80
CA GLN N 447 -2.15 22.80 -69.19
C GLN N 447 -2.57 21.44 -68.68
N ASP N 448 -2.83 20.51 -69.59
CA ASP N 448 -3.23 19.16 -69.21
C ASP N 448 -2.07 18.47 -68.51
N PRO N 449 -2.21 18.10 -67.23
CA PRO N 449 -1.12 17.43 -66.51
C PRO N 449 -1.01 15.95 -66.82
N ARG N 450 -1.08 15.62 -68.12
CA ARG N 450 -0.91 14.24 -68.58
C ARG N 450 0.08 14.17 -69.73
N GLN N 451 0.74 15.26 -70.07
CA GLN N 451 1.80 15.26 -71.06
C GLN N 451 3.18 15.10 -70.44
N PHE N 452 3.35 15.49 -69.19
CA PHE N 452 4.64 15.36 -68.54
C PHE N 452 4.96 13.88 -68.27
N PRO N 453 6.22 13.52 -68.26
CA PRO N 453 6.59 12.11 -68.06
C PRO N 453 6.15 11.61 -66.70
N PRO N 454 5.63 10.40 -66.62
CA PRO N 454 5.18 9.87 -65.33
C PRO N 454 6.36 9.55 -64.42
N GLN N 455 6.05 9.34 -63.15
CA GLN N 455 7.06 9.03 -62.14
C GLN N 455 6.75 7.78 -61.34
N GLY N 456 5.48 7.50 -61.07
CA GLY N 456 5.09 6.35 -60.29
C GLY N 456 4.27 5.34 -61.09
N ILE N 457 4.04 4.20 -60.45
CA ILE N 457 3.26 3.11 -61.04
C ILE N 457 2.17 2.70 -60.06
N PHE N 458 1.03 2.31 -60.61
CA PHE N 458 -0.13 1.91 -59.82
C PHE N 458 -0.53 0.48 -60.18
N PHE N 459 -0.86 -0.29 -59.15
CA PHE N 459 -1.31 -1.66 -59.34
C PHE N 459 -2.11 -2.08 -58.12
N TYR N 460 -2.63 -3.30 -58.15
CA TYR N 460 -3.50 -3.79 -57.10
C TYR N 460 -2.71 -4.56 -56.06
N ASN N 461 -3.27 -4.63 -54.85
CA ASN N 461 -2.65 -5.32 -53.73
C ASN N 461 -3.10 -6.77 -53.71
N LYS N 462 -2.81 -7.46 -52.60
CA LYS N 462 -3.26 -8.84 -52.46
C LYS N 462 -4.76 -8.94 -52.33
N ASP N 463 -5.39 -7.93 -51.72
CA ASP N 463 -6.84 -7.92 -51.51
C ASP N 463 -7.57 -6.94 -52.42
N GLY N 464 -6.88 -6.37 -53.40
CA GLY N 464 -7.49 -5.42 -54.30
C GLY N 464 -7.35 -3.97 -53.90
N ILE N 465 -6.41 -3.65 -53.03
CA ILE N 465 -6.18 -2.27 -52.61
C ILE N 465 -5.22 -1.60 -53.59
N LEU N 466 -5.49 -0.35 -53.91
CA LEU N 466 -4.61 0.41 -54.78
C LEU N 466 -3.30 0.72 -54.06
N THR N 467 -2.19 0.50 -54.74
CA THR N 467 -0.87 0.81 -54.22
C THR N 467 -0.16 1.75 -55.18
N GLN N 468 1.00 2.26 -54.76
CA GLN N 468 1.75 3.18 -55.59
C GLN N 468 3.24 2.99 -55.36
N LEU N 469 4.02 3.05 -56.42
CA LEU N 469 5.48 2.98 -56.34
C LEU N 469 6.08 4.15 -57.12
N THR N 470 6.27 5.26 -56.43
CA THR N 470 6.87 6.43 -57.03
C THR N 470 8.38 6.27 -57.10
N LEU N 471 9.06 7.27 -57.68
CA LEU N 471 10.50 7.22 -57.79
C LEU N 471 11.16 7.37 -56.42
N ARG N 472 10.46 7.98 -55.46
CA ARG N 472 11.05 8.18 -54.14
C ARG N 472 11.38 6.88 -53.45
N ASP N 473 10.69 5.79 -53.80
CA ASP N 473 10.93 4.51 -53.16
C ASP N 473 12.26 3.89 -53.57
N ALA N 474 12.89 4.38 -54.64
CA ALA N 474 14.15 3.83 -55.13
C ALA N 474 15.37 4.48 -54.48
N MET N 475 15.16 5.25 -53.41
CA MET N 475 16.25 5.93 -52.74
C MET N 475 17.13 5.01 -51.90
N GLY N 476 16.85 3.71 -51.91
CA GLY N 476 17.60 2.79 -51.08
C GLY N 476 18.67 2.04 -51.82
N THR N 477 18.60 2.02 -53.16
CA THR N 477 19.56 1.31 -53.97
C THR N 477 20.41 2.21 -54.84
N ILE N 478 19.95 3.42 -55.17
CA ILE N 478 20.70 4.32 -56.03
C ILE N 478 21.51 5.34 -55.23
N CYS N 479 21.20 5.55 -53.97
CA CYS N 479 21.91 6.51 -53.12
C CYS N 479 22.92 5.81 -52.22
N HIS N 480 23.47 4.69 -52.67
CA HIS N 480 24.45 3.94 -51.91
C HIS N 480 25.87 4.22 -52.42
N SER N 481 26.85 3.93 -51.58
CA SER N 481 28.24 4.11 -51.97
C SER N 481 28.68 3.12 -53.04
N SER N 482 27.88 2.11 -53.36
CA SER N 482 28.22 1.16 -54.40
C SER N 482 28.14 1.76 -55.79
N LEU N 483 27.74 3.03 -55.92
CA LEU N 483 27.69 3.69 -57.22
C LEU N 483 29.06 4.16 -57.69
N LEU N 484 30.06 4.15 -56.83
CA LEU N 484 31.38 4.68 -57.13
C LEU N 484 32.47 3.69 -56.74
N ASP N 485 32.30 2.44 -57.17
CA ASP N 485 33.28 1.39 -56.93
C ASP N 485 33.66 0.72 -58.25
N VAL N 486 34.00 1.55 -59.23
CA VAL N 486 34.27 1.07 -60.59
C VAL N 486 35.72 0.61 -60.69
N GLU N 487 36.40 0.50 -59.55
CA GLU N 487 37.79 0.06 -59.56
C GLU N 487 37.94 -1.33 -60.15
N ALA N 488 37.06 -2.26 -59.76
CA ALA N 488 37.14 -3.61 -60.30
C ALA N 488 36.83 -3.65 -61.78
N THR N 489 35.92 -2.80 -62.25
CA THR N 489 35.60 -2.76 -63.68
C THR N 489 36.79 -2.27 -64.49
N LEU N 490 37.46 -1.22 -64.01
CA LEU N 490 38.61 -0.69 -64.75
C LEU N 490 39.74 -1.70 -64.83
N VAL N 491 39.92 -2.51 -63.78
CA VAL N 491 40.97 -3.52 -63.80
C VAL N 491 40.68 -4.57 -64.85
N ALA N 492 39.43 -5.04 -64.93
CA ALA N 492 39.06 -6.01 -65.94
C ALA N 492 39.13 -5.40 -67.34
N LEU N 493 38.83 -4.11 -67.47
CA LEU N 493 38.89 -3.48 -68.79
C LEU N 493 40.33 -3.32 -69.26
N ARG N 494 41.21 -2.86 -68.39
CA ARG N 494 42.62 -2.73 -68.77
C ARG N 494 43.27 -4.07 -69.05
N GLN N 495 42.68 -5.17 -68.58
CA GLN N 495 43.27 -6.49 -68.79
C GLN N 495 43.24 -6.86 -70.27
N GLN N 496 42.05 -6.93 -70.85
CA GLN N 496 41.93 -7.31 -72.25
C GLN N 496 42.59 -6.28 -73.16
N HIS N 497 43.20 -6.76 -74.23
CA HIS N 497 43.99 -5.92 -75.12
C HIS N 497 43.05 -5.11 -76.03
N LEU N 498 43.00 -3.80 -75.79
CA LEU N 498 42.18 -2.88 -76.58
C LEU N 498 43.08 -1.80 -77.14
N ASP N 499 43.28 -1.81 -78.47
CA ASP N 499 44.08 -0.80 -79.13
C ASP N 499 43.19 0.34 -79.62
N ARG N 500 43.75 1.56 -79.57
CA ARG N 500 43.01 2.73 -80.01
C ARG N 500 43.99 3.89 -80.18
N GLN N 501 43.62 4.81 -81.08
CA GLN N 501 44.41 5.99 -81.37
C GLN N 501 43.56 7.23 -81.23
N CYS N 502 44.05 8.37 -81.73
CA CYS N 502 43.30 9.63 -81.74
C CYS N 502 42.96 10.08 -80.32
N TYR N 503 44.02 10.43 -79.60
CA TYR N 503 43.94 10.92 -78.23
C TYR N 503 43.73 12.43 -78.16
N PHE N 504 43.10 13.01 -79.18
CA PHE N 504 42.94 14.46 -79.23
C PHE N 504 42.10 14.97 -78.06
N GLY N 505 40.87 14.47 -77.92
CA GLY N 505 39.95 15.03 -76.96
C GLY N 505 40.06 14.50 -75.56
N VAL N 506 41.18 13.84 -75.23
CA VAL N 506 41.36 13.27 -73.91
C VAL N 506 42.72 13.65 -73.35
N TYR N 507 43.37 14.65 -73.97
CA TYR N 507 44.69 15.10 -73.54
C TYR N 507 44.63 16.55 -73.13
N VAL N 508 45.44 16.90 -72.12
CA VAL N 508 45.53 18.26 -71.61
C VAL N 508 47.00 18.66 -71.58
N ALA N 509 47.28 19.88 -72.04
CA ALA N 509 48.62 20.43 -72.06
C ALA N 509 48.66 21.74 -71.28
N GLU N 510 49.79 22.43 -71.34
CA GLU N 510 49.95 23.71 -70.67
C GLU N 510 50.37 24.79 -71.65
N GLY N 511 50.66 25.98 -71.15
CA GLY N 511 51.02 27.11 -71.99
C GLY N 511 52.51 27.38 -72.01
N THR N 512 52.99 27.89 -73.13
CA THR N 512 54.39 28.21 -73.33
C THR N 512 54.65 29.71 -73.28
N GLU N 513 53.81 30.46 -72.56
CA GLU N 513 53.97 31.89 -72.33
C GLU N 513 53.89 32.73 -73.60
N ASP N 514 53.54 32.13 -74.73
CA ASP N 514 53.18 32.93 -75.89
C ASP N 514 51.87 33.65 -75.63
N THR N 515 51.54 34.63 -76.47
CA THR N 515 50.44 35.53 -76.10
C THR N 515 49.09 34.85 -76.30
N LEU N 516 48.66 34.69 -77.55
CA LEU N 516 47.54 33.79 -77.84
C LEU N 516 47.71 33.11 -79.19
N ASP N 517 48.47 33.74 -80.09
CA ASP N 517 48.42 33.40 -81.50
C ASP N 517 49.40 32.28 -81.87
N VAL N 518 50.64 32.36 -81.36
CA VAL N 518 51.63 31.34 -81.68
C VAL N 518 51.16 29.98 -81.20
N GLN N 519 50.59 29.94 -79.99
CA GLN N 519 50.04 28.68 -79.50
C GLN N 519 48.84 28.24 -80.33
N MET N 520 48.00 29.19 -80.74
CA MET N 520 46.87 28.86 -81.60
C MET N 520 47.34 28.31 -82.94
N GLY N 521 48.37 28.93 -83.53
CA GLY N 521 48.90 28.42 -84.78
C GLY N 521 49.49 27.03 -84.63
N ARG N 522 50.21 26.78 -83.53
CA ARG N 522 50.76 25.45 -83.29
C ARG N 522 49.66 24.43 -83.11
N PHE N 523 48.59 24.79 -82.41
CA PHE N 523 47.47 23.87 -82.24
C PHE N 523 46.78 23.59 -83.57
N MET N 524 46.60 24.64 -84.40
CA MET N 524 45.94 24.45 -85.68
C MET N 524 46.73 23.52 -86.59
N GLU N 525 48.07 23.57 -86.49
CA GLU N 525 48.89 22.69 -87.30
C GLU N 525 48.91 21.28 -86.75
N THR N 526 49.14 21.14 -85.44
CA THR N 526 49.27 19.81 -84.84
C THR N 526 47.94 19.05 -84.89
N TRP N 527 46.85 19.70 -84.49
CA TRP N 527 45.55 19.03 -84.50
C TRP N 527 45.15 18.55 -85.89
N ALA N 528 45.65 19.19 -86.93
CA ALA N 528 45.33 18.75 -88.29
C ALA N 528 46.02 17.44 -88.66
N ASP N 529 47.22 17.18 -88.12
CA ASP N 529 47.98 16.01 -88.51
C ASP N 529 48.17 15.02 -87.36
N MET N 530 47.46 15.20 -86.26
CA MET N 530 47.53 14.26 -85.14
C MET N 530 46.21 13.52 -84.95
N MET N 531 45.34 13.55 -85.95
CA MET N 531 44.05 12.87 -85.92
C MET N 531 44.11 11.67 -86.86
N PRO N 532 44.52 10.49 -86.36
CA PRO N 532 44.57 9.33 -87.27
C PRO N 532 43.20 8.85 -87.68
N HIS N 533 42.25 8.80 -86.75
CA HIS N 533 40.89 8.39 -87.01
C HIS N 533 39.93 9.49 -86.60
N HIS N 534 38.66 9.19 -86.64
CA HIS N 534 37.68 10.16 -86.19
C HIS N 534 37.30 9.90 -84.73
N PRO N 535 36.94 10.95 -83.99
CA PRO N 535 36.56 10.76 -82.59
C PRO N 535 35.26 9.96 -82.47
N HIS N 536 35.11 9.31 -81.34
CA HIS N 536 33.93 8.50 -81.07
C HIS N 536 32.86 9.24 -80.26
N TRP N 537 33.16 10.43 -79.77
CA TRP N 537 32.20 11.21 -78.99
C TRP N 537 31.53 12.29 -79.82
N VAL N 538 31.76 12.32 -81.14
CA VAL N 538 31.16 13.35 -81.98
C VAL N 538 29.91 12.87 -82.71
N ASN N 539 29.70 11.56 -82.82
CA ASN N 539 28.54 11.01 -83.51
C ASN N 539 27.44 10.80 -82.49
N GLU N 540 26.70 11.87 -82.18
CA GLU N 540 25.57 11.82 -81.28
C GLU N 540 24.24 11.84 -82.02
N HIS N 541 24.27 11.70 -83.34
CA HIS N 541 23.05 11.71 -84.14
C HIS N 541 22.37 10.35 -84.19
N LEU N 542 23.01 9.29 -83.69
CA LEU N 542 22.43 7.96 -83.75
C LEU N 542 21.17 7.88 -82.89
N THR N 543 20.22 7.08 -83.35
CA THR N 543 19.02 6.82 -82.57
C THR N 543 19.31 5.72 -81.55
N ILE N 544 18.30 5.37 -80.77
CA ILE N 544 18.46 4.30 -79.80
C ILE N 544 18.61 2.96 -80.51
N LEU N 545 18.03 2.82 -81.70
CA LEU N 545 18.14 1.56 -82.43
C LEU N 545 19.55 1.36 -82.96
N GLN N 546 20.18 2.43 -83.45
CA GLN N 546 21.54 2.31 -83.97
C GLN N 546 22.56 2.23 -82.84
N PHE N 547 22.30 2.88 -81.71
CA PHE N 547 23.25 2.83 -80.60
C PHE N 547 23.24 1.47 -79.91
N ILE N 548 22.15 0.72 -80.03
CA ILE N 548 22.06 -0.56 -79.35
C ILE N 548 22.64 -1.68 -80.21
N ALA N 549 22.53 -1.57 -81.53
CA ALA N 549 23.01 -2.57 -82.48
C ALA N 549 24.45 -2.96 -82.18
N PRO N 550 24.82 -4.23 -82.39
CA PRO N 550 26.17 -4.68 -82.02
C PRO N 550 27.27 -4.06 -82.84
N SER N 551 26.95 -3.36 -83.93
CA SER N 551 27.98 -2.70 -84.73
C SER N 551 28.50 -1.43 -84.08
N ASN N 552 27.87 -0.95 -83.02
CA ASN N 552 28.32 0.27 -82.36
C ASN N 552 29.63 0.01 -81.64
N PRO N 553 30.72 0.70 -82.00
CA PRO N 553 31.99 0.43 -81.32
C PRO N 553 32.05 0.98 -79.91
N ARG N 554 31.35 2.07 -79.62
CA ARG N 554 31.37 2.66 -78.28
C ARG N 554 30.31 2.06 -77.35
N LEU N 555 29.76 0.91 -77.72
CA LEU N 555 28.75 0.28 -76.87
C LEU N 555 29.37 -0.40 -75.66
N ARG N 556 30.51 -1.06 -75.84
CA ARG N 556 31.11 -1.84 -74.78
C ARG N 556 31.57 -0.99 -73.60
N PHE N 557 31.82 0.30 -73.81
CA PHE N 557 32.28 1.18 -72.75
C PHE N 557 31.15 1.85 -71.99
N GLU N 558 29.91 1.62 -72.40
CA GLU N 558 28.75 2.20 -71.70
C GLU N 558 28.29 1.21 -70.64
N LEU N 559 28.83 1.35 -69.43
CA LEU N 559 28.50 0.47 -68.33
C LEU N 559 27.79 1.18 -67.18
N ASN N 560 28.37 2.26 -66.68
CA ASN N 560 27.73 2.97 -65.58
C ASN N 560 27.08 4.24 -66.07
N PRO N 561 25.91 4.61 -65.53
CA PRO N 561 25.28 5.87 -65.92
C PRO N 561 25.97 7.09 -65.35
N ALA N 562 26.81 6.94 -64.32
CA ALA N 562 27.48 8.07 -63.69
C ALA N 562 28.96 8.13 -64.02
N PHE N 563 29.41 7.45 -65.06
CA PHE N 563 30.80 7.43 -65.44
C PHE N 563 30.94 7.45 -66.96
N ASP N 564 32.13 7.81 -67.42
CA ASP N 564 32.48 7.80 -68.84
C ASP N 564 33.78 7.04 -69.00
N PHE N 565 33.73 5.88 -69.63
CA PHE N 565 34.88 5.02 -69.82
C PHE N 565 35.47 5.28 -71.20
N PHE N 566 36.72 5.72 -71.23
CA PHE N 566 37.41 6.03 -72.47
C PHE N 566 38.80 5.42 -72.44
N VAL N 567 39.50 5.51 -73.57
CA VAL N 567 40.88 5.09 -73.69
C VAL N 567 41.76 6.33 -73.69
N ALA N 568 42.92 6.24 -73.04
CA ALA N 568 43.82 7.37 -72.93
C ALA N 568 45.26 6.86 -72.92
N PRO N 569 46.20 7.63 -73.46
CA PRO N 569 47.61 7.21 -73.44
C PRO N 569 48.13 7.17 -72.00
N GLY N 570 48.55 5.98 -71.58
CA GLY N 570 49.03 5.81 -70.23
C GLY N 570 50.39 6.45 -70.02
N ASP N 571 50.84 6.41 -68.76
CA ASP N 571 52.16 6.90 -68.36
C ASP N 571 52.34 8.38 -68.69
N VAL N 572 51.26 9.15 -68.59
CA VAL N 572 51.31 10.59 -68.78
C VAL N 572 50.66 11.27 -67.59
N ASP N 573 50.98 12.56 -67.41
CA ASP N 573 50.37 13.39 -66.39
C ASP N 573 49.62 14.53 -67.04
N LEU N 574 48.47 14.87 -66.47
CA LEU N 574 47.63 15.93 -67.00
C LEU N 574 47.62 17.11 -66.04
N PRO N 575 48.03 18.31 -66.46
CA PRO N 575 48.53 18.58 -67.81
C PRO N 575 49.98 18.14 -67.99
N GLY N 576 50.48 18.18 -69.23
CA GLY N 576 51.82 17.75 -69.51
C GLY N 576 52.50 18.61 -70.56
N PRO N 577 53.35 18.01 -71.37
CA PRO N 577 54.06 18.76 -72.42
C PRO N 577 53.11 19.17 -73.53
N GLN N 578 53.63 20.02 -74.42
CA GLN N 578 52.82 20.50 -75.54
C GLN N 578 52.45 19.37 -76.49
N ARG N 579 53.40 18.49 -76.78
CA ARG N 579 53.11 17.36 -77.65
C ARG N 579 52.92 16.11 -76.82
N PRO N 580 51.86 15.34 -77.07
CA PRO N 580 51.62 14.13 -76.27
C PRO N 580 52.69 13.09 -76.53
N PRO N 581 53.40 12.65 -75.50
CA PRO N 581 54.42 11.62 -75.69
C PRO N 581 53.79 10.28 -76.01
N GLU N 582 54.50 9.50 -76.83
CA GLU N 582 53.97 8.21 -77.25
C GLU N 582 54.18 7.17 -76.16
N ALA N 583 53.09 6.52 -75.76
CA ALA N 583 53.14 5.47 -74.75
C ALA N 583 52.01 4.49 -75.02
N MET N 584 51.91 3.47 -74.18
CA MET N 584 50.89 2.46 -74.37
C MET N 584 49.53 2.98 -73.93
N PRO N 585 48.49 2.85 -74.75
CA PRO N 585 47.17 3.34 -74.36
C PRO N 585 46.52 2.42 -73.34
N THR N 586 45.80 3.02 -72.40
CA THR N 586 45.08 2.30 -71.36
C THR N 586 43.68 2.87 -71.24
N VAL N 587 42.88 2.24 -70.37
CA VAL N 587 41.50 2.65 -70.16
C VAL N 587 41.40 3.47 -68.88
N ASN N 588 40.71 4.59 -68.95
CA ASN N 588 40.47 5.44 -67.81
C ASN N 588 38.98 5.76 -67.74
N ALA N 589 38.56 6.33 -66.61
CA ALA N 589 37.15 6.62 -66.39
C ALA N 589 37.04 7.93 -65.64
N THR N 590 36.19 8.83 -66.15
CA THR N 590 35.89 10.09 -65.49
C THR N 590 34.44 10.08 -65.04
N LEU N 591 34.05 11.12 -64.31
CA LEU N 591 32.72 11.21 -63.74
C LEU N 591 31.85 12.15 -64.56
N ARG N 592 30.59 11.77 -64.75
CA ARG N 592 29.60 12.62 -65.41
C ARG N 592 28.98 13.51 -64.34
N ILE N 593 29.49 14.74 -64.23
CA ILE N 593 29.03 15.63 -63.17
C ILE N 593 27.59 16.06 -63.40
N ILE N 594 27.22 16.27 -64.66
CA ILE N 594 25.90 16.76 -65.02
C ILE N 594 25.06 15.58 -65.50
N ASN N 595 23.76 15.60 -65.16
CA ASN N 595 22.86 14.59 -65.69
C ASN N 595 22.62 14.76 -67.18
N GLY N 596 22.87 15.94 -67.73
CA GLY N 596 22.75 16.17 -69.15
C GLY N 596 23.90 15.64 -69.98
N ASN N 597 25.00 15.26 -69.33
CA ASN N 597 26.15 14.68 -70.03
C ASN N 597 25.89 13.26 -70.51
N ILE N 598 24.72 12.68 -70.20
CA ILE N 598 24.36 11.38 -70.75
C ILE N 598 24.20 11.51 -72.26
N PRO N 599 24.72 10.59 -73.06
CA PRO N 599 24.61 10.72 -74.51
C PRO N 599 23.16 10.84 -74.97
N VAL N 600 22.97 11.61 -76.05
CA VAL N 600 21.62 11.85 -76.55
C VAL N 600 20.91 10.57 -76.97
N PRO N 601 21.57 9.57 -77.59
CA PRO N 601 20.85 8.33 -77.91
C PRO N 601 20.15 7.69 -76.71
N LEU N 602 20.66 7.89 -75.50
CA LEU N 602 20.04 7.34 -74.31
C LEU N 602 18.96 8.29 -73.77
N CYS N 603 19.29 9.57 -73.64
CA CYS N 603 18.32 10.57 -73.19
C CYS N 603 17.97 11.47 -74.38
N PRO N 604 16.83 11.26 -75.03
CA PRO N 604 16.51 12.03 -76.24
C PRO N 604 16.21 13.48 -75.95
N ILE N 605 15.97 14.25 -77.01
CA ILE N 605 15.71 15.68 -76.87
C ILE N 605 14.26 15.94 -76.48
N SER N 606 13.33 15.21 -77.10
CA SER N 606 11.92 15.44 -76.81
C SER N 606 11.60 15.24 -75.34
N PHE N 607 12.28 14.31 -74.68
CA PHE N 607 12.11 14.15 -73.24
C PHE N 607 12.66 15.36 -72.49
N ARG N 608 13.79 15.88 -72.94
CA ARG N 608 14.37 17.06 -72.30
C ARG N 608 13.43 18.25 -72.42
N ASP N 609 12.91 18.51 -73.61
CA ASP N 609 12.00 19.63 -73.81
C ASP N 609 10.72 19.44 -73.00
N CYS N 610 10.18 18.22 -72.98
CA CYS N 610 8.97 17.97 -72.21
C CYS N 610 9.20 18.20 -70.72
N ARG N 611 10.38 17.84 -70.21
CA ARG N 611 10.68 18.12 -68.82
C ARG N 611 10.76 19.61 -68.55
N GLY N 612 11.32 20.36 -69.50
CA GLY N 612 11.41 21.81 -69.33
C GLY N 612 10.06 22.49 -69.27
N THR N 613 9.09 21.98 -70.04
CA THR N 613 7.75 22.54 -69.98
C THR N 613 7.13 22.35 -68.61
N GLN N 614 7.40 21.22 -67.97
CA GLN N 614 6.82 20.95 -66.65
C GLN N 614 7.47 21.81 -65.58
N LEU N 615 8.77 22.11 -65.72
CA LEU N 615 9.45 22.93 -64.72
C LEU N 615 8.86 24.33 -64.67
N GLY N 616 8.93 25.07 -65.77
CA GLY N 616 8.36 26.39 -65.83
C GLY N 616 6.88 26.37 -66.08
N LEU N 617 6.10 25.90 -65.10
CA LEU N 617 4.66 25.79 -65.27
C LEU N 617 4.02 27.17 -65.29
N GLY N 618 4.16 27.92 -64.20
CA GLY N 618 3.61 29.25 -64.12
C GLY N 618 4.66 30.29 -63.79
N ARG N 619 5.91 30.00 -64.15
CA ARG N 619 7.02 30.90 -63.87
C ARG N 619 7.00 32.09 -64.82
N HIS N 620 7.98 32.97 -64.68
CA HIS N 620 8.03 34.17 -65.50
C HIS N 620 8.44 33.84 -66.93
N THR N 621 7.78 34.47 -67.88
CA THR N 621 8.08 34.33 -69.29
C THR N 621 8.34 35.71 -69.88
N MET N 622 8.71 35.74 -71.16
CA MET N 622 9.06 36.97 -71.86
C MET N 622 8.07 37.25 -72.97
N THR N 623 7.66 38.51 -73.08
CA THR N 623 6.74 38.89 -74.13
C THR N 623 7.40 38.71 -75.50
N PRO N 624 6.61 38.39 -76.53
CA PRO N 624 7.21 38.19 -77.86
C PRO N 624 7.91 39.42 -78.41
N ALA N 625 7.58 40.61 -77.92
CA ALA N 625 8.28 41.82 -78.37
C ALA N 625 9.77 41.74 -78.05
N THR N 626 10.11 41.42 -76.79
CA THR N 626 11.50 41.26 -76.42
C THR N 626 12.14 40.06 -77.11
N ILE N 627 11.37 39.00 -77.33
CA ILE N 627 11.90 37.83 -78.00
C ILE N 627 12.25 38.17 -79.45
N LYS N 628 11.41 38.95 -80.11
CA LYS N 628 11.67 39.31 -81.49
C LYS N 628 12.87 40.24 -81.61
N ALA N 629 13.04 41.15 -80.64
CA ALA N 629 14.12 42.13 -80.73
C ALA N 629 15.48 41.47 -80.53
N VAL N 630 15.62 40.66 -79.48
CA VAL N 630 16.92 40.06 -79.18
C VAL N 630 17.31 39.07 -80.26
N LYS N 631 16.37 38.22 -80.68
CA LYS N 631 16.68 37.25 -81.74
C LYS N 631 17.13 37.94 -83.02
N ASP N 632 16.53 39.09 -83.33
CA ASP N 632 16.93 39.84 -84.51
C ASP N 632 18.39 40.30 -84.37
N THR N 633 18.74 40.87 -83.21
CA THR N 633 20.09 41.36 -83.01
C THR N 633 21.11 40.22 -83.09
N PHE N 634 20.79 39.07 -82.49
CA PHE N 634 21.71 37.94 -82.53
C PHE N 634 21.93 37.46 -83.95
N GLU N 635 20.86 37.37 -84.75
CA GLU N 635 20.98 36.95 -86.14
C GLU N 635 21.46 38.07 -87.05
N ASP N 636 21.58 39.29 -86.54
CA ASP N 636 22.04 40.41 -87.36
C ASP N 636 23.54 40.27 -87.63
N ARG N 637 23.92 40.44 -88.90
CA ARG N 637 25.31 40.37 -89.30
C ARG N 637 25.92 41.73 -89.59
N ALA N 638 25.11 42.78 -89.70
CA ALA N 638 25.60 44.14 -89.90
C ALA N 638 25.89 44.85 -88.58
N TYR N 639 26.15 44.09 -87.52
CA TYR N 639 26.48 44.67 -86.22
C TYR N 639 27.75 45.49 -86.33
N PRO N 640 27.72 46.78 -86.02
CA PRO N 640 28.91 47.62 -86.22
C PRO N 640 30.06 47.19 -85.32
N THR N 641 31.27 47.22 -85.88
CA THR N 641 32.45 46.85 -85.10
C THR N 641 32.77 47.87 -84.03
N ILE N 642 32.30 49.10 -84.20
CA ILE N 642 32.55 50.14 -83.19
C ILE N 642 31.96 49.75 -81.85
N PHE N 643 30.86 49.00 -81.86
CA PHE N 643 30.29 48.49 -80.61
C PHE N 643 31.26 47.54 -79.93
N TYR N 644 31.82 46.60 -80.69
CA TYR N 644 32.82 45.70 -80.11
C TYR N 644 34.05 46.46 -79.64
N MET N 645 34.48 47.47 -80.41
CA MET N 645 35.63 48.26 -80.02
C MET N 645 35.35 49.04 -78.74
N LEU N 646 34.24 49.79 -78.72
CA LEU N 646 33.84 50.50 -77.51
C LEU N 646 33.64 49.55 -76.34
N GLU N 647 33.39 48.27 -76.62
CA GLU N 647 33.12 47.31 -75.56
C GLU N 647 34.41 46.80 -74.93
N ALA N 648 35.40 46.45 -75.74
CA ALA N 648 36.64 45.92 -75.19
C ALA N 648 37.45 46.99 -74.48
N VAL N 649 37.34 48.25 -74.93
CA VAL N 649 38.13 49.30 -74.32
C VAL N 649 37.61 49.64 -72.93
N ILE N 650 36.31 49.51 -72.71
CA ILE N 650 35.76 49.71 -71.37
C ILE N 650 36.19 48.56 -70.47
N HIS N 651 36.26 47.34 -71.02
CA HIS N 651 36.72 46.15 -70.32
C HIS N 651 36.01 45.93 -68.98
N GLY N 652 34.79 46.43 -68.87
CA GLY N 652 33.97 46.17 -67.71
C GLY N 652 34.48 46.79 -66.43
N ASN N 653 34.46 48.12 -66.36
CA ASN N 653 34.84 48.83 -65.14
C ASN N 653 33.87 49.98 -64.92
N GLU N 654 33.44 50.16 -63.67
CA GLU N 654 32.49 51.22 -63.36
C GLU N 654 33.09 52.60 -63.60
N ARG N 655 34.37 52.77 -63.31
CA ARG N 655 35.01 54.07 -63.52
C ARG N 655 34.89 54.52 -64.96
N ASN N 656 34.89 53.58 -65.90
CA ASN N 656 34.78 53.92 -67.32
C ASN N 656 33.33 54.10 -67.76
N PHE N 657 32.41 53.29 -67.22
CA PHE N 657 31.02 53.37 -67.64
C PHE N 657 30.40 54.70 -67.25
N CYS N 658 30.63 55.14 -66.01
CA CYS N 658 30.05 56.40 -65.57
C CYS N 658 30.64 57.61 -66.29
N ALA N 659 31.83 57.47 -66.87
CA ALA N 659 32.41 58.57 -67.65
C ALA N 659 31.88 58.61 -69.07
N LEU N 660 31.66 57.44 -69.69
CA LEU N 660 31.19 57.37 -71.07
C LEU N 660 29.67 57.34 -71.17
N LEU N 661 28.96 57.67 -70.09
CA LEU N 661 27.51 57.62 -70.11
C LEU N 661 26.94 58.54 -71.18
N ARG N 662 27.48 59.76 -71.28
CA ARG N 662 26.96 60.72 -72.24
C ARG N 662 27.06 60.19 -73.66
N LEU N 663 28.15 59.47 -73.96
CA LEU N 663 28.29 58.90 -75.29
C LEU N 663 27.41 57.66 -75.47
N LEU N 664 27.30 56.84 -74.42
CA LEU N 664 26.59 55.58 -74.55
C LEU N 664 25.10 55.78 -74.78
N THR N 665 24.52 56.82 -74.20
CA THR N 665 23.08 57.03 -74.36
C THR N 665 22.75 57.54 -75.76
N GLN N 666 23.73 58.12 -76.45
CA GLN N 666 23.46 58.63 -77.78
C GLN N 666 23.62 57.55 -78.85
N CYS N 667 24.65 56.71 -78.73
CA CYS N 667 24.84 55.66 -79.71
C CYS N 667 23.75 54.60 -79.62
N ILE N 668 23.32 54.26 -78.40
CA ILE N 668 22.25 53.29 -78.23
C ILE N 668 20.97 53.79 -78.89
N ARG N 669 20.62 55.06 -78.64
CA ARG N 669 19.47 55.64 -79.33
C ARG N 669 19.69 55.72 -80.82
N GLY N 670 20.88 56.17 -81.24
CA GLY N 670 21.18 56.21 -82.66
C GLY N 670 21.10 54.84 -83.31
N TYR N 671 21.43 53.79 -82.57
CA TYR N 671 21.35 52.45 -83.12
C TYR N 671 19.93 51.90 -83.08
N TRP N 672 19.15 52.27 -82.06
CA TRP N 672 17.82 51.69 -81.93
C TRP N 672 16.83 52.34 -82.88
N GLU N 673 16.79 53.66 -82.93
CA GLU N 673 15.82 54.32 -83.83
C GLU N 673 16.35 54.38 -85.25
N GLN N 674 16.88 53.26 -85.71
CA GLN N 674 17.13 53.01 -87.12
C GLN N 674 16.73 51.62 -87.58
N SER N 675 16.74 50.62 -86.70
CA SER N 675 16.35 49.27 -87.05
C SER N 675 15.58 48.56 -85.94
N HIS N 676 15.27 49.25 -84.85
CA HIS N 676 14.55 48.68 -83.71
C HIS N 676 15.27 47.45 -83.16
N ARG N 677 16.54 47.65 -82.82
CA ARG N 677 17.37 46.57 -82.32
C ARG N 677 18.12 47.04 -81.07
N VAL N 678 18.23 46.16 -80.11
CA VAL N 678 18.97 46.42 -78.88
C VAL N 678 20.43 46.04 -79.10
N ALA N 679 21.34 46.74 -78.45
CA ALA N 679 22.77 46.51 -78.58
C ALA N 679 23.36 46.22 -77.20
N PHE N 680 24.66 45.91 -77.20
CA PHE N 680 25.42 45.67 -75.97
C PHE N 680 24.89 44.47 -75.21
N VAL N 681 24.55 43.40 -75.93
CA VAL N 681 24.13 42.15 -75.31
C VAL N 681 25.32 41.23 -75.06
N ASN N 682 26.48 41.51 -75.66
CA ASN N 682 27.63 40.63 -75.56
C ASN N 682 28.04 40.42 -74.09
N ASN N 683 28.41 41.49 -73.41
CA ASN N 683 28.86 41.36 -72.03
C ASN N 683 27.70 41.22 -71.07
N PHE N 684 28.00 40.63 -69.91
CA PHE N 684 27.05 40.65 -68.80
C PHE N 684 27.19 41.93 -67.98
N HIS N 685 28.37 42.52 -67.95
CA HIS N 685 28.56 43.80 -67.29
C HIS N 685 28.25 44.96 -68.23
N MET N 686 27.14 44.87 -68.93
CA MET N 686 26.67 46.00 -69.73
C MET N 686 25.21 46.31 -69.49
N LEU N 687 24.37 45.28 -69.32
CA LEU N 687 22.94 45.52 -69.10
C LEU N 687 22.65 45.85 -67.65
N MET N 688 23.47 45.35 -66.72
CA MET N 688 23.29 45.73 -65.32
C MET N 688 23.63 47.19 -65.11
N TYR N 689 24.74 47.65 -65.68
CA TYR N 689 25.08 49.07 -65.61
C TYR N 689 24.04 49.92 -66.31
N ILE N 690 23.49 49.42 -67.43
CA ILE N 690 22.45 50.17 -68.13
C ILE N 690 21.19 50.27 -67.27
N THR N 691 20.79 49.17 -66.66
CA THR N 691 19.57 49.18 -65.85
C THR N 691 19.76 50.00 -64.57
N THR N 692 20.96 49.97 -63.99
CA THR N 692 21.18 50.69 -62.74
C THR N 692 21.32 52.19 -62.97
N TYR N 693 21.86 52.61 -64.12
CA TYR N 693 22.09 54.01 -64.41
C TYR N 693 21.03 54.59 -65.34
N LEU N 694 20.86 54.00 -66.51
CA LEU N 694 19.86 54.46 -67.47
C LEU N 694 18.51 53.85 -67.18
N GLY N 695 18.07 53.97 -65.93
CA GLY N 695 16.79 53.44 -65.49
C GLY N 695 15.77 54.48 -65.09
N ASN N 696 15.98 55.75 -65.42
CA ASN N 696 15.07 56.80 -65.01
C ASN N 696 14.21 57.36 -66.14
N GLY N 697 14.57 57.10 -67.39
CA GLY N 697 13.82 57.62 -68.50
C GLY N 697 14.69 58.24 -69.57
N GLU N 698 16.00 58.03 -69.47
CA GLU N 698 16.91 58.50 -70.51
C GLU N 698 16.63 57.82 -71.83
N LEU N 699 16.54 56.50 -71.82
CA LEU N 699 16.18 55.73 -72.99
C LEU N 699 14.67 55.62 -73.11
N PRO N 700 14.15 55.40 -74.31
CA PRO N 700 12.70 55.23 -74.47
C PRO N 700 12.18 54.06 -73.64
N GLU N 701 10.87 54.08 -73.41
CA GLU N 701 10.22 53.06 -72.59
C GLU N 701 10.27 51.70 -73.25
N VAL N 702 10.73 51.63 -74.50
CA VAL N 702 10.75 50.39 -75.25
C VAL N 702 12.04 49.62 -75.03
N CYS N 703 13.18 50.31 -74.96
CA CYS N 703 14.45 49.62 -74.78
C CYS N 703 14.68 49.28 -73.31
N ILE N 704 14.27 50.17 -72.41
CA ILE N 704 14.47 49.93 -70.99
C ILE N 704 13.59 48.78 -70.52
N ASN N 705 12.49 48.51 -71.22
CA ASN N 705 11.65 47.37 -70.87
C ASN N 705 12.26 46.06 -71.35
N ILE N 706 12.96 46.10 -72.50
CA ILE N 706 13.63 44.90 -72.98
C ILE N 706 14.73 44.49 -72.01
N TYR N 707 15.54 45.46 -71.55
CA TYR N 707 16.59 45.15 -70.60
C TYR N 707 16.02 44.63 -69.29
N ARG N 708 14.89 45.19 -68.85
CA ARG N 708 14.28 44.75 -67.60
C ARG N 708 13.70 43.34 -67.75
N ASP N 709 13.07 43.06 -68.89
CA ASP N 709 12.52 41.73 -69.11
C ASP N 709 13.61 40.67 -69.11
N LEU N 710 14.77 40.99 -69.68
CA LEU N 710 15.88 40.05 -69.64
C LEU N 710 16.37 39.82 -68.21
N LEU N 711 16.35 40.86 -67.38
CA LEU N 711 16.81 40.71 -66.00
C LEU N 711 15.84 39.87 -65.18
N GLN N 712 14.53 40.04 -65.42
CA GLN N 712 13.54 39.26 -64.68
C GLN N 712 13.66 37.78 -65.03
N HIS N 713 13.85 37.46 -66.31
CA HIS N 713 13.99 36.06 -66.70
C HIS N 713 15.24 35.43 -66.11
N VAL N 714 16.28 36.22 -65.88
CA VAL N 714 17.48 35.68 -65.25
C VAL N 714 17.22 35.38 -63.79
N ARG N 715 16.57 36.30 -63.08
CA ARG N 715 16.27 36.09 -61.67
C ARG N 715 15.28 34.95 -61.48
N ALA N 716 14.30 34.82 -62.40
CA ALA N 716 13.32 33.75 -62.28
C ALA N 716 13.98 32.39 -62.37
N LEU N 717 15.01 32.24 -63.21
CA LEU N 717 15.75 30.99 -63.26
C LEU N 717 16.53 30.76 -61.98
N ARG N 718 17.12 31.82 -61.42
CA ARG N 718 17.81 31.68 -60.14
C ARG N 718 16.84 31.28 -59.04
N GLN N 719 15.65 31.87 -59.03
CA GLN N 719 14.64 31.49 -58.04
C GLN N 719 14.16 30.07 -58.24
N THR N 720 14.22 29.56 -59.47
CA THR N 720 13.76 28.20 -59.73
C THR N 720 14.68 27.17 -59.11
N ILE N 721 15.98 27.48 -59.01
CA ILE N 721 16.93 26.51 -58.47
C ILE N 721 16.65 26.24 -56.99
N THR N 722 16.50 27.30 -56.20
CA THR N 722 16.28 27.11 -54.76
C THR N 722 14.91 26.50 -54.49
N ASP N 723 13.97 26.63 -55.42
CA ASP N 723 12.64 26.07 -55.20
C ASP N 723 12.64 24.55 -55.29
N PHE N 724 13.44 24.00 -56.22
CA PHE N 724 13.47 22.57 -56.44
C PHE N 724 14.57 21.87 -55.63
N THR N 725 15.10 22.52 -54.61
CA THR N 725 16.04 21.89 -53.70
C THR N 725 15.60 22.15 -52.27
N ILE N 726 15.98 21.24 -51.39
CA ILE N 726 15.62 21.36 -49.97
C ILE N 726 16.72 22.13 -49.27
N GLN N 727 16.32 23.08 -48.43
CA GLN N 727 17.25 23.98 -47.75
C GLN N 727 17.44 23.56 -46.30
N GLY N 728 18.59 23.92 -45.75
CA GLY N 728 18.85 23.69 -44.34
C GLY N 728 19.83 22.57 -44.08
N GLU N 729 20.72 22.30 -45.02
CA GLU N 729 21.75 21.29 -44.84
C GLU N 729 22.99 21.69 -45.63
N GLY N 730 24.15 21.48 -45.03
CA GLY N 730 25.40 21.81 -45.67
C GLY N 730 26.57 21.06 -45.07
N HIS N 731 27.38 20.45 -45.91
CA HIS N 731 28.53 19.67 -45.45
C HIS N 731 29.75 20.59 -45.36
N ASN N 732 30.93 19.99 -45.21
CA ASN N 732 32.16 20.76 -45.04
C ASN N 732 32.35 21.79 -46.14
N GLY N 733 31.93 21.46 -47.36
CA GLY N 733 32.01 22.42 -48.45
C GLY N 733 30.84 23.38 -48.45
N GLU N 734 30.21 23.54 -49.61
CA GLU N 734 29.07 24.43 -49.73
C GLU N 734 27.83 23.79 -49.11
N THR N 735 26.76 24.57 -49.02
CA THR N 735 25.49 24.10 -48.50
C THR N 735 24.73 23.32 -49.56
N SER N 736 23.43 23.14 -49.37
CA SER N 736 22.62 22.34 -50.28
C SER N 736 22.70 22.83 -51.72
N GLU N 737 22.96 24.12 -51.94
CA GLU N 737 22.75 24.70 -53.26
C GLU N 737 23.74 24.16 -54.28
N ALA N 738 25.03 24.45 -54.10
CA ALA N 738 26.02 23.96 -55.05
C ALA N 738 26.21 22.45 -54.93
N LEU N 739 25.80 21.88 -53.81
CA LEU N 739 25.75 20.42 -53.69
C LEU N 739 24.69 19.81 -54.59
N ASN N 740 23.84 20.61 -55.21
CA ASN N 740 22.78 20.13 -56.08
C ASN N 740 22.94 20.60 -57.52
N ASN N 741 23.19 21.88 -57.73
CA ASN N 741 23.33 22.45 -59.07
C ASN N 741 24.77 22.90 -59.30
N ILE N 742 25.02 23.42 -60.50
CA ILE N 742 26.33 23.92 -60.87
C ILE N 742 26.32 25.43 -61.04
N LEU N 743 25.24 25.99 -61.56
CA LEU N 743 25.14 27.44 -61.71
C LEU N 743 25.26 28.16 -60.36
N THR N 744 24.96 27.47 -59.27
CA THR N 744 25.11 28.03 -57.93
C THR N 744 26.42 27.59 -57.27
N ASP N 745 27.39 27.14 -58.05
CA ASP N 745 28.67 26.70 -57.54
C ASP N 745 29.74 27.75 -57.86
N ASP N 746 30.66 27.94 -56.92
CA ASP N 746 31.75 28.88 -57.09
C ASP N 746 32.99 28.26 -57.71
N THR N 747 33.14 26.92 -57.61
CA THR N 747 34.23 26.26 -58.30
C THR N 747 34.11 26.41 -59.80
N PHE N 748 32.89 26.45 -60.32
CA PHE N 748 32.66 26.72 -61.72
C PHE N 748 32.85 28.20 -62.01
N ILE N 749 33.38 28.51 -63.18
CA ILE N 749 33.72 29.88 -63.56
C ILE N 749 33.06 30.22 -64.88
N ALA N 750 32.77 31.52 -65.05
CA ALA N 750 32.21 32.00 -66.30
C ALA N 750 33.27 31.91 -67.40
N PRO N 751 32.85 31.85 -68.67
CA PRO N 751 33.83 31.75 -69.76
C PRO N 751 34.62 33.03 -69.99
N ILE N 752 34.13 34.17 -69.52
CA ILE N 752 34.80 35.45 -69.70
C ILE N 752 34.95 36.11 -68.34
N LEU N 753 36.14 36.59 -68.03
CA LEU N 753 36.44 37.24 -66.76
C LEU N 753 36.95 38.64 -67.00
N TRP N 754 36.29 39.62 -66.38
CA TRP N 754 36.72 41.01 -66.48
C TRP N 754 37.46 41.50 -65.26
N ASP N 755 37.21 40.90 -64.10
CA ASP N 755 37.94 41.20 -62.87
C ASP N 755 38.30 39.90 -62.18
N CYS N 756 39.30 39.98 -61.30
CA CYS N 756 39.84 38.80 -60.63
C CYS N 756 39.09 38.44 -59.36
N ASP N 757 37.90 39.00 -59.15
CA ASP N 757 37.16 38.70 -57.93
C ASP N 757 36.62 37.28 -57.95
N ALA N 758 36.24 36.77 -59.12
CA ALA N 758 35.74 35.40 -59.20
C ALA N 758 36.80 34.39 -58.78
N LEU N 759 38.07 34.67 -59.09
CA LEU N 759 39.14 33.78 -58.64
C LEU N 759 39.25 33.80 -57.12
N ILE N 760 38.99 34.94 -56.50
CA ILE N 760 39.04 35.04 -55.05
C ILE N 760 37.98 34.15 -54.41
N TYR N 761 36.75 34.23 -54.91
CA TYR N 761 35.68 33.40 -54.38
C TYR N 761 35.96 31.92 -54.59
N ARG N 762 36.47 31.56 -55.76
CA ARG N 762 36.73 30.15 -56.06
C ARG N 762 37.77 29.57 -55.11
N ASP N 763 38.86 30.28 -54.88
CA ASP N 763 39.89 29.77 -53.98
C ASP N 763 39.42 29.72 -52.54
N GLU N 764 38.48 30.60 -52.18
CA GLU N 764 37.98 30.63 -50.81
C GLU N 764 36.79 29.70 -50.59
N ALA N 765 35.98 29.48 -51.62
CA ALA N 765 34.76 28.68 -51.44
C ALA N 765 35.10 27.23 -51.13
N ALA N 766 35.82 26.56 -52.02
CA ALA N 766 36.09 25.14 -51.83
C ALA N 766 37.06 24.92 -50.68
N ARG N 767 38.30 25.39 -50.83
CA ARG N 767 39.34 25.32 -49.82
C ARG N 767 39.62 23.91 -49.34
N ASP N 768 38.99 22.90 -49.95
CA ASP N 768 39.19 21.51 -49.59
C ASP N 768 39.70 20.69 -50.77
N ARG N 769 39.02 20.75 -51.91
CA ARG N 769 39.48 20.06 -53.10
C ARG N 769 40.73 20.75 -53.63
N LEU N 770 41.77 19.96 -53.90
CA LEU N 770 43.07 20.47 -54.30
C LEU N 770 42.98 21.32 -55.56
N PRO N 771 43.16 22.62 -55.46
CA PRO N 771 43.05 23.48 -56.64
C PRO N 771 44.39 23.68 -57.35
N ALA N 772 44.30 24.19 -58.57
CA ALA N 772 45.48 24.44 -59.39
C ALA N 772 45.11 25.39 -60.51
N ILE N 773 45.92 26.43 -60.70
CA ILE N 773 45.69 27.42 -61.75
C ILE N 773 46.99 27.59 -62.53
N ARG N 774 46.86 27.69 -63.86
CA ARG N 774 48.00 27.89 -64.76
C ARG N 774 47.72 29.15 -65.57
N VAL N 775 48.19 30.29 -65.09
CA VAL N 775 47.96 31.58 -65.77
C VAL N 775 49.14 31.78 -66.72
N SER N 776 49.01 31.18 -67.90
CA SER N 776 49.98 31.34 -68.99
C SER N 776 51.41 31.07 -68.50
N GLY N 777 51.64 29.83 -68.08
CA GLY N 777 52.96 29.46 -67.59
C GLY N 777 52.98 29.18 -66.11
N ARG N 778 53.54 30.10 -65.34
CA ARG N 778 53.67 29.91 -63.90
C ARG N 778 52.32 29.70 -63.24
N ASN N 779 52.34 29.00 -62.11
CA ASN N 779 51.14 28.70 -61.35
C ASN N 779 50.92 29.80 -60.32
N GLY N 780 49.72 30.38 -60.31
CA GLY N 780 49.42 31.45 -59.39
C GLY N 780 49.37 32.81 -60.06
N TYR N 781 48.26 33.51 -59.91
CA TYR N 781 48.07 34.80 -60.55
C TYR N 781 48.55 35.93 -59.65
N GLN N 782 48.86 37.06 -60.29
CA GLN N 782 49.31 38.26 -59.60
C GLN N 782 48.37 39.41 -59.97
N ALA N 783 47.62 39.89 -58.99
CA ALA N 783 46.66 40.96 -59.20
C ALA N 783 47.27 42.29 -58.78
N LEU N 784 46.98 43.33 -59.55
CA LEU N 784 47.44 44.68 -59.24
C LEU N 784 46.34 45.67 -59.60
N HIS N 785 46.54 46.91 -59.18
CA HIS N 785 45.55 47.95 -59.37
C HIS N 785 45.65 48.50 -60.80
N PHE N 786 45.00 49.64 -61.04
CA PHE N 786 44.95 50.23 -62.37
C PHE N 786 46.35 50.52 -62.90
N VAL N 787 46.46 50.58 -64.21
CA VAL N 787 47.72 50.81 -64.91
C VAL N 787 47.67 52.21 -65.54
N ASP N 788 48.76 52.95 -65.41
CA ASP N 788 48.84 54.29 -65.94
C ASP N 788 48.86 54.26 -67.47
N MET N 789 48.74 55.45 -68.07
CA MET N 789 48.76 55.56 -69.52
C MET N 789 50.18 55.42 -70.07
N ALA N 790 51.17 55.97 -69.38
CA ALA N 790 52.54 55.93 -69.88
C ALA N 790 53.08 54.50 -69.91
N GLY N 791 53.17 53.87 -68.74
CA GLY N 791 53.71 52.52 -68.69
C GLY N 791 52.64 51.44 -68.77
N HIS N 792 52.42 50.92 -69.96
CA HIS N 792 51.44 49.87 -70.19
C HIS N 792 52.03 48.49 -70.37
N ASN N 793 53.15 48.39 -71.11
CA ASN N 793 53.87 47.13 -71.29
C ASN N 793 52.97 46.06 -71.89
N PHE N 794 52.58 46.30 -73.14
CA PHE N 794 51.72 45.37 -73.88
C PHE N 794 52.23 43.95 -73.82
N GLN N 795 53.55 43.77 -73.71
CA GLN N 795 54.15 42.45 -73.59
C GLN N 795 54.51 42.21 -72.12
N ARG N 796 53.80 41.27 -71.50
CA ARG N 796 53.97 40.97 -70.09
C ARG N 796 53.79 39.47 -69.89
N ARG N 797 53.85 39.05 -68.62
CA ARG N 797 53.70 37.63 -68.29
C ARG N 797 53.22 37.49 -66.85
N ASP N 798 52.13 36.75 -66.67
CA ASP N 798 51.57 36.41 -65.36
C ASP N 798 51.17 37.68 -64.59
N ASN N 799 50.23 38.42 -65.17
CA ASN N 799 49.75 39.66 -64.56
C ASN N 799 48.30 39.87 -64.99
N VAL N 800 47.40 39.99 -64.02
CA VAL N 800 45.99 40.26 -64.29
C VAL N 800 45.60 41.55 -63.61
N LEU N 801 44.66 42.26 -64.22
CA LEU N 801 44.24 43.58 -63.76
C LEU N 801 42.87 43.51 -63.09
N ILE N 802 42.58 44.53 -62.30
CA ILE N 802 41.26 44.69 -61.68
C ILE N 802 40.67 46.06 -61.95
N HIS N 803 41.34 46.92 -62.72
CA HIS N 803 40.84 48.24 -63.09
C HIS N 803 40.62 49.12 -61.86
N GLY N 804 41.53 49.01 -60.90
CA GLY N 804 41.45 49.83 -59.71
C GLY N 804 40.19 49.55 -58.90
N ARG N 805 39.73 50.57 -58.20
CA ARG N 805 38.55 50.48 -57.35
C ARG N 805 37.75 51.77 -57.46
N PRO N 806 36.43 51.69 -57.35
CA PRO N 806 35.62 52.91 -57.44
C PRO N 806 35.61 53.73 -56.17
N VAL N 807 35.97 53.14 -55.03
CA VAL N 807 35.98 53.86 -53.77
C VAL N 807 37.31 53.70 -53.07
N ILE N 815 48.95 47.37 -49.65
CA ILE N 815 47.49 47.37 -49.69
C ILE N 815 47.00 46.17 -50.51
N PRO N 816 46.10 45.38 -49.93
CA PRO N 816 45.66 44.14 -50.57
C PRO N 816 44.50 44.35 -51.53
N ILE N 817 44.20 43.29 -52.27
CA ILE N 817 43.10 43.31 -53.23
C ILE N 817 41.79 42.95 -52.52
N THR N 818 40.68 43.32 -53.15
CA THR N 818 39.35 43.08 -52.59
C THR N 818 38.39 42.73 -53.71
N PRO N 819 37.41 41.89 -53.45
CA PRO N 819 36.40 41.58 -54.47
C PRO N 819 35.65 42.83 -54.89
N HIS N 820 35.39 42.94 -56.19
CA HIS N 820 34.72 44.12 -56.73
C HIS N 820 33.22 44.09 -56.47
N HIS N 821 32.54 43.06 -56.96
CA HIS N 821 31.11 42.91 -56.79
C HIS N 821 30.82 41.92 -55.66
N ASP N 822 29.53 41.59 -55.50
CA ASP N 822 29.11 40.65 -54.46
C ASP N 822 29.25 39.23 -54.98
N ARG N 823 28.69 38.26 -54.24
CA ARG N 823 28.83 36.86 -54.61
C ARG N 823 27.76 36.43 -55.62
N GLU N 824 26.52 36.90 -55.44
CA GLU N 824 25.46 36.48 -56.35
C GLU N 824 25.62 37.06 -57.75
N TRP N 825 26.45 38.10 -57.91
CA TRP N 825 26.76 38.58 -59.25
C TRP N 825 27.36 37.48 -60.10
N GLY N 826 28.23 36.65 -59.50
CA GLY N 826 28.81 35.55 -60.24
C GLY N 826 27.78 34.52 -60.66
N ILE N 827 26.81 34.25 -59.79
CA ILE N 827 25.77 33.29 -60.12
C ILE N 827 24.92 33.80 -61.28
N LEU N 828 24.53 35.07 -61.23
CA LEU N 828 23.73 35.64 -62.30
C LEU N 828 24.49 35.64 -63.63
N SER N 829 25.82 35.80 -63.58
CA SER N 829 26.60 35.77 -64.80
C SER N 829 26.59 34.37 -65.43
N LYS N 830 26.79 33.34 -64.61
CA LYS N 830 26.76 31.97 -65.14
C LYS N 830 25.41 31.65 -65.75
N ILE N 831 24.33 32.05 -65.08
CA ILE N 831 22.99 31.84 -65.63
C ILE N 831 22.85 32.56 -66.96
N TYR N 832 23.38 33.78 -67.05
CA TYR N 832 23.25 34.54 -68.28
C TYR N 832 24.10 33.95 -69.39
N TYR N 833 25.31 33.50 -69.08
CA TYR N 833 26.22 33.05 -70.11
C TYR N 833 25.94 31.61 -70.56
N TYR N 834 25.39 30.78 -69.68
CA TYR N 834 25.21 29.37 -69.96
C TYR N 834 23.77 29.00 -70.26
N ILE N 835 22.84 29.94 -70.19
CA ILE N 835 21.44 29.64 -70.52
C ILE N 835 20.92 30.60 -71.57
N VAL N 836 21.01 31.90 -71.29
CA VAL N 836 20.39 32.89 -72.16
C VAL N 836 21.14 33.01 -73.47
N ILE N 837 22.47 33.08 -73.40
CA ILE N 837 23.27 33.24 -74.62
C ILE N 837 23.13 32.04 -75.56
N PRO N 838 23.34 30.79 -75.13
CA PRO N 838 23.22 29.68 -76.08
C PRO N 838 21.81 29.47 -76.57
N ALA N 839 20.80 29.79 -75.77
CA ALA N 839 19.42 29.62 -76.22
C ALA N 839 19.09 30.56 -77.37
N PHE N 840 19.64 31.76 -77.37
CA PHE N 840 19.38 32.72 -78.43
C PHE N 840 20.32 32.55 -79.62
N SER N 841 21.61 32.33 -79.35
CA SER N 841 22.55 32.17 -80.45
C SER N 841 22.38 30.84 -81.15
N ARG N 842 22.03 29.79 -80.40
CA ARG N 842 21.87 28.44 -80.92
C ARG N 842 23.15 27.98 -81.61
N GLY N 843 24.25 28.06 -80.88
CA GLY N 843 25.53 27.60 -81.38
C GLY N 843 26.11 28.39 -82.52
N SER N 844 25.65 29.63 -82.72
CA SER N 844 26.16 30.48 -83.79
C SER N 844 27.17 31.51 -83.31
N CYS N 845 27.26 31.74 -82.01
CA CYS N 845 28.20 32.70 -81.46
C CYS N 845 29.54 32.04 -81.21
N CYS N 846 30.53 32.86 -80.87
CA CYS N 846 31.88 32.38 -80.61
C CYS N 846 32.63 33.42 -79.79
N THR N 847 33.68 32.97 -79.11
CA THR N 847 34.52 33.84 -78.30
C THR N 847 35.88 34.02 -78.98
N MET N 848 36.40 35.23 -78.90
CA MET N 848 37.65 35.58 -79.58
C MET N 848 38.47 36.49 -78.68
N GLY N 849 39.76 36.59 -78.99
CA GLY N 849 40.68 37.45 -78.26
C GLY N 849 40.98 38.72 -79.03
N VAL N 850 41.35 39.76 -78.29
CA VAL N 850 41.56 41.09 -78.86
C VAL N 850 43.06 41.38 -78.92
N ARG N 851 43.40 42.44 -79.65
CA ARG N 851 44.77 42.91 -79.81
C ARG N 851 44.80 44.37 -79.39
N TYR N 852 45.16 44.65 -78.14
CA TYR N 852 45.18 46.03 -77.66
C TYR N 852 46.29 46.84 -78.31
N ASP N 853 47.39 46.19 -78.69
CA ASP N 853 48.50 46.90 -79.31
C ASP N 853 48.13 47.52 -80.64
N ARG N 854 47.11 47.00 -81.32
CA ARG N 854 46.62 47.57 -82.57
C ARG N 854 45.31 48.32 -82.39
N LEU N 855 44.81 48.43 -81.17
CA LEU N 855 43.54 49.11 -80.90
C LEU N 855 43.74 50.50 -80.31
N TYR N 856 44.61 50.63 -79.31
CA TYR N 856 44.87 51.94 -78.72
C TYR N 856 45.43 52.94 -79.72
N PRO N 857 46.43 52.62 -80.56
CA PRO N 857 46.89 53.60 -81.55
C PRO N 857 45.86 53.91 -82.62
N ALA N 858 44.79 53.12 -82.73
CA ALA N 858 43.76 53.38 -83.72
C ALA N 858 42.68 54.32 -83.20
N LEU N 859 42.39 54.26 -81.91
CA LEU N 859 41.32 55.07 -81.32
C LEU N 859 41.78 56.46 -80.92
N GLN N 860 43.01 56.84 -81.24
CA GLN N 860 43.57 58.13 -80.84
C GLN N 860 43.56 59.15 -81.97
N ALA N 861 42.53 59.14 -82.80
CA ALA N 861 42.40 60.07 -83.92
C ALA N 861 41.07 60.80 -83.79
N VAL N 862 41.10 62.02 -83.28
CA VAL N 862 39.90 62.83 -83.09
C VAL N 862 40.09 64.16 -83.81
N ILE N 863 39.08 64.55 -84.58
CA ILE N 863 39.11 65.80 -85.36
C ILE N 863 37.95 66.67 -84.91
N VAL N 864 37.61 66.61 -83.63
CA VAL N 864 36.59 67.51 -83.11
C VAL N 864 37.04 68.95 -83.31
N PRO N 865 36.21 69.82 -83.89
CA PRO N 865 36.63 71.19 -84.16
C PRO N 865 36.52 72.07 -82.92
N GLU N 866 37.14 73.24 -83.02
CA GLU N 866 37.06 74.23 -81.95
C GLU N 866 35.77 75.02 -82.06
N ILE N 867 35.07 75.14 -80.93
CA ILE N 867 33.81 75.87 -80.89
C ILE N 867 34.11 77.35 -80.66
N PRO N 868 33.45 78.25 -81.37
CA PRO N 868 33.65 79.68 -81.09
C PRO N 868 33.11 80.06 -79.73
N ALA N 869 33.77 81.05 -79.12
CA ALA N 869 33.34 81.52 -77.80
C ALA N 869 31.98 82.17 -77.89
N ASP N 870 31.19 82.01 -76.82
CA ASP N 870 29.83 82.55 -76.75
C ASP N 870 28.97 82.06 -77.92
N GLU N 871 29.09 80.77 -78.23
CA GLU N 871 28.34 80.16 -79.31
C GLU N 871 27.79 78.82 -78.84
N GLU N 872 27.01 78.18 -79.71
CA GLU N 872 26.38 76.90 -79.43
C GLU N 872 26.95 75.83 -80.35
N ALA N 873 26.98 74.60 -79.85
CA ALA N 873 27.53 73.50 -80.63
C ALA N 873 26.48 72.94 -81.59
N PRO N 874 26.86 72.65 -82.83
CA PRO N 874 25.86 72.20 -83.81
C PRO N 874 25.37 70.80 -83.51
N THR N 875 24.08 70.57 -83.76
CA THR N 875 23.46 69.29 -83.47
C THR N 875 23.47 68.37 -84.69
N THR N 876 22.86 68.81 -85.79
CA THR N 876 22.80 67.99 -86.98
C THR N 876 24.15 67.99 -87.70
N PRO N 877 24.52 66.87 -88.32
CA PRO N 877 25.81 66.78 -89.01
C PRO N 877 25.81 67.36 -90.42
N GLU N 878 24.81 68.13 -90.81
CA GLU N 878 24.80 68.71 -92.15
C GLU N 878 25.58 70.01 -92.24
N ASP N 879 25.96 70.61 -91.12
CA ASP N 879 26.77 71.82 -91.17
C ASP N 879 28.24 71.49 -91.02
N PRO N 880 29.13 72.30 -91.60
CA PRO N 880 30.57 72.00 -91.50
C PRO N 880 31.11 72.07 -90.08
N ARG N 881 30.41 72.72 -89.16
CA ARG N 881 30.89 72.79 -87.78
C ARG N 881 30.73 71.46 -87.06
N HIS N 882 29.93 70.55 -87.57
CA HIS N 882 29.71 69.29 -86.90
C HIS N 882 30.88 68.35 -87.12
N PRO N 883 31.25 67.55 -86.11
CA PRO N 883 32.37 66.61 -86.30
C PRO N 883 32.10 65.57 -87.37
N LEU N 884 30.84 65.19 -87.59
CA LEU N 884 30.50 64.16 -88.55
C LEU N 884 30.36 64.70 -89.97
N HIS N 885 30.74 65.95 -90.20
CA HIS N 885 30.63 66.55 -91.52
C HIS N 885 31.79 66.12 -92.41
N ALA N 886 31.58 66.23 -93.72
CA ALA N 886 32.61 65.84 -94.68
C ALA N 886 33.82 66.75 -94.63
N HIS N 887 33.66 67.98 -94.14
CA HIS N 887 34.79 68.89 -94.04
C HIS N 887 35.81 68.40 -93.03
N GLN N 888 35.34 67.89 -91.89
CA GLN N 888 36.21 67.45 -90.82
C GLN N 888 36.38 65.93 -90.80
N LEU N 889 35.99 65.24 -91.86
CA LEU N 889 36.17 63.80 -91.97
C LEU N 889 37.41 63.53 -92.81
N VAL N 890 38.40 62.88 -92.20
CA VAL N 890 39.65 62.55 -92.89
C VAL N 890 39.86 61.05 -92.78
N PRO N 891 40.54 60.42 -93.74
CA PRO N 891 40.75 58.97 -93.67
C PRO N 891 41.64 58.59 -92.51
N ASN N 892 41.51 57.33 -92.08
CA ASN N 892 42.27 56.78 -90.96
C ASN N 892 42.05 57.60 -89.69
N SER N 893 40.80 57.62 -89.26
CA SER N 893 40.40 58.42 -88.11
C SER N 893 39.23 57.72 -87.42
N LEU N 894 38.58 58.44 -86.50
CA LEU N 894 37.42 57.91 -85.80
C LEU N 894 36.10 58.41 -86.36
N ASN N 895 36.08 59.59 -86.97
CA ASN N 895 34.86 60.09 -87.56
C ASN N 895 34.41 59.22 -88.74
N VAL N 896 35.36 58.60 -89.43
CA VAL N 896 35.00 57.66 -90.49
C VAL N 896 34.37 56.41 -89.89
N TYR N 897 34.81 56.01 -88.69
CA TYR N 897 34.21 54.87 -88.02
C TYR N 897 32.74 55.12 -87.72
N PHE N 898 32.45 56.21 -87.01
CA PHE N 898 31.07 56.50 -86.65
C PHE N 898 30.20 56.77 -87.87
N HIS N 899 30.75 57.43 -88.89
CA HIS N 899 29.99 57.64 -90.11
C HIS N 899 29.67 56.33 -90.80
N ASN N 900 30.61 55.37 -90.75
CA ASN N 900 30.34 54.05 -91.31
C ASN N 900 29.18 53.37 -90.60
N ALA N 901 29.07 53.59 -89.29
CA ALA N 901 27.95 53.05 -88.53
C ALA N 901 26.70 53.92 -88.63
N HIS N 902 26.77 55.04 -89.35
CA HIS N 902 25.64 55.93 -89.54
C HIS N 902 25.07 56.40 -88.20
N LEU N 903 25.95 56.94 -87.36
CA LEU N 903 25.58 57.43 -86.05
C LEU N 903 25.85 58.92 -85.95
N THR N 904 25.14 59.57 -85.02
CA THR N 904 25.29 60.99 -84.77
C THR N 904 25.76 61.18 -83.34
N VAL N 905 26.92 61.82 -83.17
CA VAL N 905 27.49 62.08 -81.85
C VAL N 905 28.03 63.50 -81.84
N ASP N 906 27.94 64.16 -80.69
CA ASP N 906 28.42 65.52 -80.55
C ASP N 906 29.92 65.50 -80.23
N GLY N 907 30.47 66.67 -79.91
CA GLY N 907 31.89 66.77 -79.64
C GLY N 907 32.28 66.32 -78.24
N ASP N 908 31.44 66.64 -77.26
CA ASP N 908 31.77 66.30 -75.88
C ASP N 908 31.86 64.80 -75.68
N ALA N 909 30.95 64.05 -76.32
CA ALA N 909 30.98 62.59 -76.18
C ALA N 909 32.30 62.02 -76.68
N LEU N 910 32.78 62.50 -77.83
CA LEU N 910 34.06 62.06 -78.34
C LEU N 910 35.21 62.54 -77.46
N LEU N 911 35.04 63.68 -76.80
CA LEU N 911 36.09 64.21 -75.96
C LEU N 911 36.26 63.41 -74.67
N THR N 912 35.23 62.68 -74.26
CA THR N 912 35.31 61.87 -73.05
C THR N 912 36.26 60.69 -73.19
N LEU N 913 36.69 60.37 -74.42
CA LEU N 913 37.56 59.22 -74.61
C LEU N 913 38.93 59.42 -73.98
N GLN N 914 39.43 60.65 -73.98
CA GLN N 914 40.75 60.91 -73.41
C GLN N 914 40.75 60.64 -71.90
N GLU N 915 39.61 60.87 -71.23
CA GLU N 915 39.54 60.60 -69.80
C GLU N 915 39.54 59.11 -69.52
N LEU N 916 39.11 58.29 -70.47
CA LEU N 916 39.18 56.84 -70.30
C LEU N 916 40.62 56.36 -70.33
N MET N 917 41.49 57.02 -71.07
CA MET N 917 42.85 56.55 -71.30
C MET N 917 43.67 56.42 -70.02
N GLY N 918 43.13 56.85 -68.88
CA GLY N 918 43.80 56.64 -67.61
C GLY N 918 44.04 55.18 -67.33
N ASP N 919 42.98 54.39 -67.33
CA ASP N 919 43.11 52.94 -67.21
C ASP N 919 43.41 52.32 -68.56
N MET N 920 44.12 51.20 -68.54
CA MET N 920 44.54 50.53 -69.77
C MET N 920 44.31 49.04 -69.63
N ALA N 921 44.35 48.35 -70.77
CA ALA N 921 44.23 46.91 -70.83
C ALA N 921 45.38 46.36 -71.67
N GLU N 922 46.22 45.53 -71.07
CA GLU N 922 47.43 45.07 -71.71
C GLU N 922 47.13 44.08 -72.83
N ARG N 923 46.55 42.94 -72.49
CA ARG N 923 46.25 41.91 -73.47
C ARG N 923 45.35 40.88 -72.80
N THR N 924 44.71 40.07 -73.64
CA THR N 924 43.81 39.02 -73.17
C THR N 924 44.61 37.73 -72.98
N THR N 925 44.40 37.08 -71.83
CA THR N 925 45.12 35.87 -71.47
C THR N 925 44.15 34.75 -71.17
N ALA N 926 44.69 33.56 -71.00
CA ALA N 926 43.91 32.35 -70.75
C ALA N 926 44.16 31.84 -69.35
N ILE N 927 43.16 31.20 -68.78
CA ILE N 927 43.23 30.62 -67.44
C ILE N 927 42.75 29.17 -67.51
N LEU N 928 43.49 28.28 -66.87
CA LEU N 928 43.14 26.86 -66.81
C LEU N 928 43.12 26.43 -65.35
N VAL N 929 41.93 26.29 -64.78
CA VAL N 929 41.78 25.89 -63.39
C VAL N 929 41.43 24.41 -63.34
N SER N 930 41.70 23.80 -62.19
CA SER N 930 41.46 22.37 -62.01
C SER N 930 41.30 22.07 -60.52
N SER N 931 40.37 21.17 -60.20
CA SER N 931 40.10 20.82 -58.82
C SER N 931 39.59 19.39 -58.77
N ALA N 932 39.50 18.87 -57.54
CA ALA N 932 38.99 17.53 -57.30
C ALA N 932 37.47 17.53 -57.38
N PRO N 933 36.85 16.36 -57.48
CA PRO N 933 35.39 16.30 -57.43
C PRO N 933 34.86 16.73 -56.08
N ASP N 934 33.59 17.14 -56.07
CA ASP N 934 32.95 17.68 -54.89
C ASP N 934 32.82 16.61 -53.80
N ALA N 935 32.61 17.08 -52.56
CA ALA N 935 32.49 16.18 -51.43
C ALA N 935 31.26 15.30 -51.49
N GLY N 936 30.34 15.53 -52.42
CA GLY N 936 29.18 14.67 -52.54
C GLY N 936 29.55 13.28 -53.04
N ALA N 937 30.48 13.20 -53.97
CA ALA N 937 30.95 11.92 -54.51
C ALA N 937 32.43 11.68 -54.23
N ALA N 938 33.04 12.46 -53.35
CA ALA N 938 34.45 12.31 -53.04
C ALA N 938 34.67 11.01 -52.28
N THR N 939 35.28 10.03 -52.95
CA THR N 939 35.62 8.76 -52.33
C THR N 939 37.12 8.51 -52.45
N ALA N 940 37.55 7.34 -51.97
CA ALA N 940 38.97 7.01 -51.99
C ALA N 940 39.53 6.83 -53.39
N THR N 941 38.67 6.74 -54.41
CA THR N 941 39.11 6.58 -55.79
C THR N 941 38.87 7.80 -56.66
N THR N 942 37.71 8.45 -56.52
CA THR N 942 37.40 9.59 -57.36
C THR N 942 38.30 10.78 -57.09
N ARG N 943 38.99 10.80 -55.95
CA ARG N 943 39.88 11.91 -55.66
C ARG N 943 41.04 11.97 -56.64
N ASN N 944 41.39 10.83 -57.25
CA ASN N 944 42.43 10.85 -58.27
C ASN N 944 41.93 11.50 -59.56
N MET N 945 40.63 11.41 -59.84
CA MET N 945 40.08 12.08 -61.00
C MET N 945 40.06 13.58 -60.78
N ARG N 946 40.18 14.33 -61.88
CA ARG N 946 40.24 15.78 -61.82
C ARG N 946 39.48 16.35 -63.01
N ILE N 947 38.90 17.53 -62.81
CA ILE N 947 38.14 18.23 -63.84
C ILE N 947 38.95 19.44 -64.29
N TYR N 948 38.97 19.67 -65.60
CA TYR N 948 39.72 20.78 -66.18
C TYR N 948 38.79 21.58 -67.07
N ASP N 949 38.77 22.89 -66.87
CA ASP N 949 38.01 23.79 -67.72
C ASP N 949 38.77 25.10 -67.87
N GLY N 950 38.69 25.70 -69.06
CA GLY N 950 39.42 26.91 -69.33
C GLY N 950 38.54 28.14 -69.38
N ALA N 951 39.16 29.31 -69.39
CA ALA N 951 38.43 30.57 -69.47
C ALA N 951 39.36 31.65 -70.00
N LEU N 952 38.76 32.70 -70.54
CA LEU N 952 39.50 33.83 -71.10
C LEU N 952 39.38 35.04 -70.20
N TYR N 953 40.47 35.79 -70.09
CA TYR N 953 40.50 37.04 -69.35
C TYR N 953 40.51 38.19 -70.34
N HIS N 954 39.61 39.15 -70.13
CA HIS N 954 39.45 40.29 -71.04
C HIS N 954 39.16 39.81 -72.47
N GLY N 955 38.35 38.77 -72.59
CA GLY N 955 37.97 38.24 -73.88
C GLY N 955 36.72 38.91 -74.43
N LEU N 956 36.20 38.33 -75.51
CA LEU N 956 35.03 38.87 -76.17
C LEU N 956 34.22 37.75 -76.77
N ILE N 957 32.94 38.04 -77.05
CA ILE N 957 32.02 37.11 -77.68
C ILE N 957 31.39 37.80 -78.87
N MET N 958 31.52 37.19 -80.05
CA MET N 958 30.95 37.72 -81.27
C MET N 958 29.67 36.97 -81.61
N MET N 959 28.61 37.72 -81.93
CA MET N 959 27.34 37.11 -82.24
C MET N 959 27.39 36.33 -83.55
N ALA N 960 27.67 37.02 -84.64
CA ALA N 960 27.74 36.39 -85.96
C ALA N 960 28.81 37.09 -86.78
N TYR N 961 29.85 36.36 -87.15
CA TYR N 961 30.94 36.91 -87.93
C TYR N 961 30.62 36.81 -89.42
N GLN N 962 31.00 37.84 -90.17
CA GLN N 962 30.81 37.87 -91.61
C GLN N 962 32.14 38.15 -92.30
N ALA N 963 32.52 37.26 -93.21
CA ALA N 963 33.77 37.38 -93.96
C ALA N 963 33.59 38.14 -95.26
N TYR N 964 32.44 38.78 -95.46
CA TYR N 964 32.15 39.50 -96.69
C TYR N 964 32.17 41.02 -96.49
N ASP N 965 32.85 41.50 -95.46
CA ASP N 965 32.99 42.93 -95.19
C ASP N 965 34.44 43.31 -95.48
N GLU N 966 34.66 43.86 -96.66
CA GLU N 966 35.99 44.27 -97.10
C GLU N 966 36.33 45.70 -96.73
N THR N 967 35.43 46.40 -96.03
CA THR N 967 35.74 47.75 -95.57
C THR N 967 36.86 47.73 -94.53
N ILE N 968 36.82 46.75 -93.63
CA ILE N 968 37.86 46.55 -92.63
C ILE N 968 38.49 45.18 -92.86
N ALA N 969 39.80 45.10 -92.71
CA ALA N 969 40.49 43.83 -92.90
C ALA N 969 40.07 42.82 -91.85
N THR N 970 40.00 41.54 -92.25
CA THR N 970 39.63 40.49 -91.32
C THR N 970 40.74 40.25 -90.31
N GLY N 971 40.35 40.04 -89.06
CA GLY N 971 41.32 39.82 -88.00
C GLY N 971 42.17 41.03 -87.69
N THR N 972 41.63 42.24 -87.88
CA THR N 972 42.39 43.44 -87.60
C THR N 972 42.58 43.62 -86.10
N PHE N 973 41.55 43.36 -85.31
CA PHE N 973 41.62 43.51 -83.86
C PHE N 973 41.16 42.28 -83.09
N PHE N 974 40.66 41.25 -83.75
CA PHE N 974 40.15 40.07 -83.08
C PHE N 974 40.67 38.82 -83.77
N TYR N 975 40.74 37.74 -83.00
CA TYR N 975 41.18 36.45 -83.52
C TYR N 975 40.47 35.37 -82.73
N PRO N 976 39.95 34.35 -83.39
CA PRO N 976 39.14 33.35 -82.68
C PRO N 976 40.01 32.41 -81.86
N VAL N 977 39.57 32.14 -80.63
CA VAL N 977 40.21 31.17 -79.75
C VAL N 977 39.16 30.62 -78.79
N PRO N 978 38.23 29.79 -79.28
CA PRO N 978 37.16 29.29 -78.42
C PRO N 978 37.54 28.01 -77.69
N VAL N 979 37.13 27.93 -76.43
CA VAL N 979 37.26 26.71 -75.63
C VAL N 979 35.88 26.40 -75.05
N ASN N 980 35.07 25.69 -75.82
CA ASN N 980 33.80 25.13 -75.36
C ASN N 980 33.23 24.26 -76.46
N PRO N 981 32.59 23.13 -76.12
CA PRO N 981 31.76 22.45 -77.12
C PRO N 981 30.52 23.27 -77.47
N LEU N 982 30.18 24.25 -76.65
CA LEU N 982 28.99 25.06 -76.83
C LEU N 982 29.29 26.38 -77.53
N PHE N 983 30.36 27.06 -77.13
CA PHE N 983 30.75 28.33 -77.72
C PHE N 983 31.65 28.17 -78.94
N ALA N 984 31.69 26.98 -79.53
CA ALA N 984 32.50 26.77 -80.72
C ALA N 984 31.96 27.57 -81.89
N CYS N 985 32.79 27.71 -82.92
CA CYS N 985 32.46 28.51 -84.10
C CYS N 985 33.14 27.90 -85.31
N PRO N 986 32.41 27.14 -86.12
CA PRO N 986 33.01 26.59 -87.35
C PRO N 986 33.23 27.62 -88.42
N GLU N 987 32.66 28.82 -88.29
CA GLU N 987 32.76 29.86 -89.29
C GLU N 987 33.69 31.00 -88.91
N HIS N 988 33.76 31.35 -87.62
CA HIS N 988 34.61 32.45 -87.20
C HIS N 988 36.09 32.19 -87.45
N LEU N 989 36.47 30.94 -87.67
CA LEU N 989 37.87 30.59 -87.91
C LEU N 989 38.42 31.23 -89.18
N ALA N 990 37.56 31.69 -90.09
CA ALA N 990 38.05 32.39 -91.27
C ALA N 990 38.81 33.65 -90.91
N SER N 991 38.54 34.25 -89.74
CA SER N 991 39.27 35.43 -89.30
C SER N 991 40.68 35.11 -88.85
N LEU N 992 41.02 33.84 -88.66
CA LEU N 992 42.38 33.47 -88.29
C LEU N 992 43.28 33.44 -89.52
N ARG N 993 44.56 33.69 -89.30
CA ARG N 993 45.53 33.66 -90.38
C ARG N 993 45.94 32.23 -90.70
N GLY N 994 46.26 32.00 -91.97
CA GLY N 994 46.69 30.69 -92.42
C GLY N 994 45.61 29.64 -92.30
N MET N 995 44.51 29.82 -93.03
CA MET N 995 43.38 28.91 -92.99
C MET N 995 43.11 28.36 -94.38
N THR N 996 43.14 27.04 -94.51
CA THR N 996 42.92 26.34 -95.76
C THR N 996 41.54 25.70 -95.76
N ASN N 997 41.19 25.08 -96.89
CA ASN N 997 39.93 24.36 -96.98
C ASN N 997 39.96 23.09 -96.15
N ALA N 998 41.12 22.42 -96.07
CA ALA N 998 41.22 21.18 -95.32
C ALA N 998 41.00 21.43 -93.82
N ARG N 999 41.53 22.54 -93.30
CA ARG N 999 41.32 22.85 -91.89
C ARG N 999 39.89 23.25 -91.61
N ARG N 1000 39.18 23.76 -92.61
CA ARG N 1000 37.80 24.18 -92.41
C ARG N 1000 36.86 22.98 -92.34
N VAL N 1001 36.99 22.05 -93.28
CA VAL N 1001 36.13 20.86 -93.26
C VAL N 1001 36.42 20.02 -92.03
N LEU N 1002 37.68 20.00 -91.56
CA LEU N 1002 38.00 19.26 -90.36
C LEU N 1002 37.39 19.89 -89.12
N ALA N 1003 37.39 21.22 -89.06
CA ALA N 1003 36.80 21.92 -87.92
C ALA N 1003 35.28 22.00 -88.01
N LYS N 1004 34.70 21.77 -89.19
CA LYS N 1004 33.26 21.81 -89.32
C LYS N 1004 32.59 20.71 -88.51
N MET N 1005 33.23 19.55 -88.41
CA MET N 1005 32.71 18.42 -87.66
C MET N 1005 33.15 18.49 -86.20
N VAL N 1006 34.46 18.42 -85.99
CA VAL N 1006 35.03 18.40 -84.64
C VAL N 1006 35.20 19.83 -84.16
N PRO N 1007 34.70 20.18 -82.98
CA PRO N 1007 34.86 21.54 -82.47
C PRO N 1007 36.31 21.80 -82.13
N PRO N 1008 36.91 22.82 -82.72
CA PRO N 1008 38.33 23.11 -82.46
C PRO N 1008 38.54 23.69 -81.07
N ILE N 1009 39.15 22.92 -80.18
CA ILE N 1009 39.47 23.37 -78.83
C ILE N 1009 40.93 23.01 -78.56
N PRO N 1010 41.79 23.98 -78.21
CA PRO N 1010 43.19 23.65 -77.98
C PRO N 1010 43.35 22.83 -76.71
N PRO N 1011 44.34 21.94 -76.66
CA PRO N 1011 44.48 21.07 -75.49
C PRO N 1011 44.91 21.81 -74.24
N PHE N 1012 45.67 22.89 -74.38
CA PHE N 1012 46.08 23.64 -73.20
C PHE N 1012 44.95 24.39 -72.54
N LEU N 1013 43.75 24.39 -73.14
CA LEU N 1013 42.58 25.05 -72.57
C LEU N 1013 41.56 24.08 -72.03
N GLY N 1014 41.74 22.78 -72.22
CA GLY N 1014 40.81 21.79 -71.69
C GLY N 1014 40.39 20.78 -72.73
N ALA N 1015 40.04 19.58 -72.28
CA ALA N 1015 39.56 18.51 -73.14
C ALA N 1015 38.08 18.25 -72.88
N ASN N 1016 37.43 17.67 -73.88
CA ASN N 1016 35.99 17.44 -73.78
C ASN N 1016 35.66 16.42 -72.70
N HIS N 1017 36.39 15.30 -72.68
CA HIS N 1017 36.09 14.24 -71.72
C HIS N 1017 36.44 14.62 -70.29
N HIS N 1018 37.14 15.74 -70.09
CA HIS N 1018 37.49 16.19 -68.74
C HIS N 1018 36.74 17.43 -68.31
N ALA N 1019 36.18 18.20 -69.23
CA ALA N 1019 35.47 19.41 -68.87
C ALA N 1019 34.10 19.07 -68.29
N THR N 1020 33.41 20.10 -67.80
CA THR N 1020 32.08 19.91 -67.24
C THR N 1020 31.04 19.83 -68.35
N ILE N 1021 30.89 20.90 -69.13
CA ILE N 1021 30.00 20.89 -70.28
C ILE N 1021 30.63 20.06 -71.39
N ARG N 1022 29.87 19.11 -71.91
CA ARG N 1022 30.38 18.19 -72.91
C ARG N 1022 29.52 18.26 -74.17
N GLN N 1023 29.83 17.38 -75.13
CA GLN N 1023 29.15 17.41 -76.41
C GLN N 1023 27.63 17.20 -76.32
N PRO N 1024 27.10 16.28 -75.50
CA PRO N 1024 25.64 16.10 -75.48
C PRO N 1024 24.85 17.36 -75.27
N VAL N 1025 25.33 18.28 -74.41
CA VAL N 1025 24.60 19.52 -74.18
C VAL N 1025 24.64 20.40 -75.42
N ALA N 1026 25.80 20.43 -76.10
CA ALA N 1026 25.93 21.25 -77.30
C ALA N 1026 25.01 20.75 -78.41
N TYR N 1027 24.93 19.43 -78.59
CA TYR N 1027 24.04 18.88 -79.60
C TYR N 1027 22.59 19.24 -79.30
N HIS N 1028 22.22 19.27 -78.01
CA HIS N 1028 20.83 19.50 -77.65
C HIS N 1028 20.40 20.92 -77.99
N VAL N 1029 21.25 21.91 -77.73
CA VAL N 1029 20.86 23.28 -77.97
C VAL N 1029 20.84 23.61 -79.45
N THR N 1030 21.67 22.95 -80.25
CA THR N 1030 21.78 23.24 -81.67
C THR N 1030 20.83 22.41 -82.51
N HIS N 1031 20.15 21.43 -81.94
CA HIS N 1031 19.24 20.58 -82.68
C HIS N 1031 17.80 20.64 -82.20
N SER N 1032 17.54 21.20 -81.01
CA SER N 1032 16.18 21.33 -80.53
C SER N 1032 15.55 22.58 -81.11
N LYS N 1033 14.36 22.43 -81.68
CA LYS N 1033 13.58 23.55 -82.21
C LYS N 1033 12.19 23.45 -81.62
N SER N 1034 12.03 23.96 -80.40
CA SER N 1034 10.73 23.97 -79.73
C SER N 1034 10.25 25.39 -79.45
N ASP N 1035 11.01 26.19 -78.73
CA ASP N 1035 10.62 27.54 -78.32
C ASP N 1035 11.84 28.19 -77.69
N PHE N 1036 11.67 29.39 -77.16
CA PHE N 1036 12.72 30.09 -76.43
C PHE N 1036 12.55 29.99 -74.93
N ASN N 1037 11.35 30.23 -74.42
CA ASN N 1037 11.11 30.08 -72.98
C ASN N 1037 11.28 28.63 -72.56
N THR N 1038 10.65 27.71 -73.27
CA THR N 1038 10.76 26.29 -72.94
C THR N 1038 12.19 25.79 -73.06
N LEU N 1039 12.95 26.34 -74.00
CA LEU N 1039 14.34 25.92 -74.15
C LEU N 1039 15.19 26.38 -72.97
N THR N 1040 14.88 27.56 -72.42
CA THR N 1040 15.64 28.06 -71.28
C THR N 1040 15.44 27.18 -70.05
N TYR N 1041 14.19 26.87 -69.72
CA TYR N 1041 13.93 26.01 -68.57
C TYR N 1041 14.44 24.61 -68.80
N SER N 1042 14.37 24.11 -70.04
CA SER N 1042 14.90 22.78 -70.32
C SER N 1042 16.40 22.74 -70.11
N LEU N 1043 17.11 23.80 -70.51
CA LEU N 1043 18.54 23.85 -70.26
C LEU N 1043 18.86 23.96 -68.78
N LEU N 1044 18.05 24.74 -68.04
CA LEU N 1044 18.28 24.86 -66.60
C LEU N 1044 18.10 23.52 -65.92
N GLY N 1045 16.99 22.83 -66.18
CA GLY N 1045 16.80 21.49 -65.66
C GLY N 1045 17.89 20.53 -66.08
N GLY N 1046 18.51 20.77 -67.23
CA GLY N 1046 19.64 19.96 -67.64
C GLY N 1046 20.88 20.19 -66.81
N TYR N 1047 20.95 21.30 -66.08
CA TYR N 1047 22.12 21.65 -65.27
C TYR N 1047 21.90 21.22 -63.82
N PHE N 1048 21.94 19.91 -63.61
CA PHE N 1048 21.77 19.35 -62.28
C PHE N 1048 22.81 18.25 -62.07
N LYS N 1049 23.26 18.11 -60.83
CA LYS N 1049 24.28 17.14 -60.51
C LYS N 1049 23.70 15.74 -60.46
N PHE N 1050 24.59 14.74 -60.60
CA PHE N 1050 24.20 13.34 -60.56
C PHE N 1050 24.87 12.60 -59.40
N THR N 1051 25.44 13.33 -58.45
CA THR N 1051 26.06 12.69 -57.30
C THR N 1051 24.98 12.14 -56.37
N PRO N 1052 25.27 11.06 -55.65
CA PRO N 1052 24.25 10.47 -54.75
C PRO N 1052 23.65 11.45 -53.76
N ILE N 1053 24.32 12.56 -53.46
CA ILE N 1053 23.71 13.57 -52.61
C ILE N 1053 22.74 14.45 -53.38
N SER N 1054 23.01 14.70 -54.67
CA SER N 1054 22.08 15.48 -55.47
C SER N 1054 20.77 14.74 -55.68
N LEU N 1055 20.83 13.41 -55.86
CA LEU N 1055 19.61 12.63 -55.98
C LEU N 1055 18.80 12.66 -54.70
N THR N 1056 19.46 12.78 -53.55
CA THR N 1056 18.75 12.89 -52.28
C THR N 1056 17.86 14.12 -52.26
N HIS N 1057 18.19 15.14 -53.04
CA HIS N 1057 17.37 16.34 -53.14
C HIS N 1057 16.32 16.21 -54.24
N GLN N 1058 16.71 15.73 -55.41
CA GLN N 1058 15.78 15.65 -56.53
C GLN N 1058 14.68 14.62 -56.27
N LEU N 1059 15.03 13.49 -55.65
CA LEU N 1059 14.04 12.46 -55.38
C LEU N 1059 13.05 12.88 -54.30
N ARG N 1060 13.43 13.79 -53.42
CA ARG N 1060 12.51 14.25 -52.38
C ARG N 1060 11.67 15.43 -52.82
N THR N 1061 12.26 16.36 -53.58
CA THR N 1061 11.50 17.50 -54.06
C THR N 1061 10.50 17.09 -55.14
N GLY N 1062 10.78 16.00 -55.84
CA GLY N 1062 9.93 15.55 -56.94
C GLY N 1062 10.51 15.79 -58.31
N PHE N 1063 11.74 16.28 -58.41
CA PHE N 1063 12.37 16.53 -59.70
C PHE N 1063 12.76 15.19 -60.32
N HIS N 1064 12.17 14.87 -61.46
CA HIS N 1064 12.45 13.62 -62.13
C HIS N 1064 13.77 13.70 -62.88
N PRO N 1065 14.79 12.95 -62.49
CA PRO N 1065 16.04 12.95 -63.23
C PRO N 1065 15.92 12.12 -64.50
N GLY N 1066 16.98 12.15 -65.30
CA GLY N 1066 16.99 11.43 -66.55
C GLY N 1066 17.36 9.97 -66.39
N ILE N 1067 16.47 9.20 -65.75
CA ILE N 1067 16.73 7.79 -65.51
C ILE N 1067 15.40 7.10 -65.26
N ALA N 1068 15.29 5.85 -65.69
CA ALA N 1068 14.11 5.03 -65.48
C ALA N 1068 14.49 3.76 -64.74
N PHE N 1069 13.51 3.12 -64.14
CA PHE N 1069 13.72 1.93 -63.34
C PHE N 1069 12.74 0.84 -63.75
N THR N 1070 13.12 -0.40 -63.45
CA THR N 1070 12.23 -1.54 -63.53
C THR N 1070 12.24 -2.27 -62.20
N VAL N 1071 11.08 -2.76 -61.80
CA VAL N 1071 10.94 -3.39 -60.48
C VAL N 1071 10.79 -4.89 -60.67
N VAL N 1072 11.23 -5.64 -59.67
CA VAL N 1072 11.13 -7.09 -59.63
C VAL N 1072 10.61 -7.51 -58.27
N ARG N 1073 9.56 -8.34 -58.26
CA ARG N 1073 8.95 -8.78 -57.03
C ARG N 1073 8.65 -10.26 -57.13
N GLN N 1074 8.95 -11.00 -56.06
CA GLN N 1074 8.74 -12.44 -56.01
C GLN N 1074 7.65 -12.76 -55.00
N ASP N 1075 6.70 -13.60 -55.40
CA ASP N 1075 5.59 -14.01 -54.56
C ASP N 1075 5.46 -15.52 -54.57
N ARG N 1076 4.80 -16.06 -53.55
CA ARG N 1076 4.57 -17.49 -53.45
C ARG N 1076 3.15 -17.76 -52.96
N PHE N 1077 2.59 -18.87 -53.40
CA PHE N 1077 1.22 -19.24 -53.10
C PHE N 1077 1.15 -20.72 -52.73
N ALA N 1078 0.29 -21.04 -51.77
CA ALA N 1078 0.02 -22.44 -51.45
C ALA N 1078 -1.00 -23.00 -52.43
N THR N 1079 -0.75 -24.21 -52.90
CA THR N 1079 -1.60 -24.84 -53.90
C THR N 1079 -1.95 -26.26 -53.46
N GLU N 1080 -2.93 -26.83 -54.14
CA GLU N 1080 -3.31 -28.23 -53.96
C GLU N 1080 -2.93 -28.97 -55.23
N GLN N 1081 -2.05 -29.96 -55.08
CA GLN N 1081 -1.49 -30.66 -56.22
C GLN N 1081 -2.26 -31.95 -56.48
N LEU N 1082 -1.83 -32.68 -57.51
CA LEU N 1082 -2.45 -33.93 -57.90
C LEU N 1082 -1.37 -34.87 -58.41
N LEU N 1083 -1.33 -36.08 -57.86
CA LEU N 1083 -0.31 -37.05 -58.20
C LEU N 1083 -0.97 -38.30 -58.77
N TYR N 1084 -0.27 -38.95 -59.70
CA TYR N 1084 -0.74 -40.18 -60.31
C TYR N 1084 0.43 -41.14 -60.43
N ALA N 1085 0.15 -42.45 -60.30
CA ALA N 1085 1.16 -43.47 -60.36
C ALA N 1085 0.63 -44.67 -61.15
N GLU N 1086 1.44 -45.71 -61.22
CA GLU N 1086 1.09 -46.94 -61.91
C GLU N 1086 1.15 -48.11 -60.95
N ARG N 1087 1.02 -49.32 -61.50
CA ARG N 1087 0.99 -50.53 -60.68
C ARG N 1087 2.30 -50.72 -59.93
N ALA N 1088 3.39 -50.92 -60.65
CA ALA N 1088 4.70 -51.21 -60.06
C ALA N 1088 5.59 -50.00 -60.24
N SER N 1089 5.51 -49.06 -59.30
CA SER N 1089 6.39 -47.90 -59.31
C SER N 1089 7.69 -48.13 -58.57
N GLU N 1090 7.63 -48.74 -57.38
CA GLU N 1090 8.82 -48.95 -56.57
C GLU N 1090 8.82 -50.38 -56.03
N SER N 1091 10.01 -50.88 -55.74
CA SER N 1091 10.19 -52.13 -55.02
C SER N 1091 10.65 -51.80 -53.61
N TYR N 1092 9.80 -52.09 -52.63
CA TYR N 1092 10.03 -51.69 -51.25
C TYR N 1092 10.57 -52.86 -50.45
N PHE N 1093 11.63 -52.62 -49.70
CA PHE N 1093 12.25 -53.64 -48.86
C PHE N 1093 12.17 -53.23 -47.40
N VAL N 1094 11.76 -54.15 -46.54
CA VAL N 1094 11.58 -53.90 -45.12
C VAL N 1094 12.47 -54.85 -44.34
N GLY N 1095 13.25 -54.30 -43.41
CA GLY N 1095 14.10 -55.09 -42.54
C GLY N 1095 13.43 -55.36 -41.20
N GLN N 1096 14.27 -55.67 -40.22
CA GLN N 1096 13.81 -55.93 -38.86
C GLN N 1096 13.97 -54.70 -37.99
N ILE N 1097 13.38 -54.75 -36.82
CA ILE N 1097 13.35 -53.61 -35.91
C ILE N 1097 14.42 -53.79 -34.83
N GLN N 1098 14.85 -52.67 -34.26
CA GLN N 1098 15.87 -52.67 -33.21
C GLN N 1098 15.37 -51.87 -32.02
N VAL N 1099 15.98 -52.11 -30.87
CA VAL N 1099 15.66 -51.42 -29.64
C VAL N 1099 16.94 -50.82 -29.07
N HIS N 1100 16.83 -49.65 -28.46
CA HIS N 1100 17.99 -48.96 -27.90
C HIS N 1100 17.58 -48.32 -26.57
N HIS N 1101 18.23 -48.76 -25.49
CA HIS N 1101 17.97 -48.19 -24.18
C HIS N 1101 18.79 -46.93 -23.97
N HIS N 1102 18.23 -46.01 -23.19
CA HIS N 1102 18.97 -44.86 -22.70
C HIS N 1102 18.18 -44.19 -21.60
N ASP N 1103 18.89 -43.46 -20.74
CA ASP N 1103 18.25 -42.68 -19.70
C ASP N 1103 17.49 -41.51 -20.32
N ALA N 1104 16.74 -40.80 -19.47
CA ALA N 1104 15.99 -39.64 -19.91
C ALA N 1104 16.05 -38.59 -18.82
N ILE N 1105 15.25 -37.54 -18.97
CA ILE N 1105 15.25 -36.47 -17.97
C ILE N 1105 14.53 -36.91 -16.70
N GLY N 1106 13.47 -37.69 -16.83
CA GLY N 1106 12.78 -38.21 -15.68
C GLY N 1106 12.90 -39.72 -15.56
N GLY N 1107 12.92 -40.40 -16.70
CA GLY N 1107 12.99 -41.85 -16.72
C GLY N 1107 13.94 -42.39 -17.77
N VAL N 1108 13.45 -43.29 -18.62
CA VAL N 1108 14.24 -43.86 -19.69
C VAL N 1108 13.52 -43.61 -21.01
N ASN N 1109 14.30 -43.51 -22.09
CA ASN N 1109 13.77 -43.26 -23.42
C ASN N 1109 14.10 -44.45 -24.31
N PHE N 1110 13.09 -45.20 -24.70
CA PHE N 1110 13.28 -46.33 -25.61
C PHE N 1110 13.19 -45.84 -27.05
N THR N 1111 14.08 -46.35 -27.90
CA THR N 1111 14.16 -45.94 -29.29
C THR N 1111 14.04 -47.17 -30.19
N LEU N 1112 13.17 -47.09 -31.19
CA LEU N 1112 12.94 -48.18 -32.12
C LEU N 1112 13.34 -47.72 -33.52
N THR N 1113 14.15 -48.54 -34.20
CA THR N 1113 14.69 -48.18 -35.50
C THR N 1113 14.55 -49.35 -36.46
N GLN N 1114 14.21 -49.04 -37.71
CA GLN N 1114 14.06 -50.04 -38.75
C GLN N 1114 14.54 -49.50 -40.09
N PRO N 1115 15.38 -50.22 -40.80
CA PRO N 1115 15.86 -49.76 -42.11
C PRO N 1115 14.95 -50.24 -43.24
N ARG N 1116 15.03 -49.51 -44.35
CA ARG N 1116 14.22 -49.80 -45.52
C ARG N 1116 15.01 -49.48 -46.79
N ALA N 1117 14.46 -49.93 -47.93
CA ALA N 1117 15.07 -49.68 -49.22
C ALA N 1117 13.98 -49.62 -50.28
N HIS N 1118 14.21 -48.79 -51.29
CA HIS N 1118 13.23 -48.59 -52.35
C HIS N 1118 13.94 -48.47 -53.69
N VAL N 1119 13.35 -49.10 -54.72
CA VAL N 1119 13.92 -49.08 -56.07
C VAL N 1119 12.80 -48.87 -57.08
N ASP N 1120 12.97 -47.88 -57.95
CA ASP N 1120 12.03 -47.68 -59.05
C ASP N 1120 12.40 -48.62 -60.18
N LEU N 1121 11.39 -49.21 -60.82
CA LEU N 1121 11.64 -50.21 -61.85
C LEU N 1121 10.83 -49.93 -63.11
N GLY N 1122 10.62 -48.66 -63.41
CA GLY N 1122 9.98 -48.23 -64.65
C GLY N 1122 11.04 -47.75 -65.63
N VAL N 1123 10.85 -48.12 -66.90
CA VAL N 1123 11.81 -47.79 -67.94
C VAL N 1123 11.79 -46.30 -68.22
N GLY N 1124 10.61 -45.77 -68.54
CA GLY N 1124 10.48 -44.35 -68.82
C GLY N 1124 10.07 -43.55 -67.61
N TYR N 1125 8.85 -43.03 -67.62
CA TYR N 1125 8.30 -42.26 -66.51
C TYR N 1125 7.04 -42.95 -66.03
N THR N 1126 6.73 -42.78 -64.74
CA THR N 1126 5.63 -43.50 -64.13
C THR N 1126 4.70 -42.59 -63.35
N ALA N 1127 5.24 -41.52 -62.77
CA ALA N 1127 4.49 -40.63 -61.90
C ALA N 1127 4.42 -39.24 -62.53
N VAL N 1128 3.27 -38.59 -62.42
CA VAL N 1128 3.06 -37.25 -62.96
C VAL N 1128 2.36 -36.43 -61.90
N CYS N 1129 2.92 -35.25 -61.61
CA CYS N 1129 2.34 -34.31 -60.67
C CYS N 1129 1.88 -33.06 -61.41
N ALA N 1130 0.80 -32.46 -60.92
CA ALA N 1130 0.24 -31.27 -61.55
C ALA N 1130 -0.46 -30.42 -60.51
N THR N 1131 -0.21 -29.11 -60.55
CA THR N 1131 -0.82 -28.19 -59.61
C THR N 1131 -2.25 -27.90 -60.05
N ALA N 1132 -3.22 -28.47 -59.33
CA ALA N 1132 -4.60 -28.40 -59.78
C ALA N 1132 -5.25 -27.08 -59.38
N ALA N 1133 -5.35 -26.83 -58.08
CA ALA N 1133 -6.08 -25.68 -57.57
C ALA N 1133 -5.15 -24.75 -56.81
N LEU N 1134 -5.68 -23.58 -56.45
CA LEU N 1134 -4.94 -22.55 -55.74
C LEU N 1134 -5.62 -22.25 -54.42
N ARG N 1135 -4.84 -22.18 -53.35
CA ARG N 1135 -5.32 -21.79 -52.04
C ARG N 1135 -4.94 -20.33 -51.79
N CYS N 1136 -5.19 -19.86 -50.58
CA CYS N 1136 -4.99 -18.46 -50.28
C CYS N 1136 -3.53 -18.06 -50.48
N PRO N 1137 -3.26 -16.85 -50.97
CA PRO N 1137 -1.87 -16.40 -51.10
C PRO N 1137 -1.23 -16.22 -49.73
N LEU N 1138 0.08 -16.48 -49.69
CA LEU N 1138 0.83 -16.39 -48.45
C LEU N 1138 1.53 -15.05 -48.28
N THR N 1139 2.37 -14.68 -49.23
CA THR N 1139 3.05 -13.40 -49.13
C THR N 1139 2.11 -12.28 -49.59
N ASP N 1140 2.58 -11.05 -49.40
CA ASP N 1140 1.80 -9.87 -49.73
C ASP N 1140 2.45 -9.11 -50.87
N MET N 1141 1.63 -8.61 -51.80
CA MET N 1141 2.13 -7.86 -52.94
C MET N 1141 2.21 -6.37 -52.60
N GLY N 1142 2.86 -6.08 -51.49
CA GLY N 1142 3.01 -4.72 -51.02
C GLY N 1142 4.09 -3.97 -51.79
N ASN N 1143 4.43 -2.80 -51.26
CA ASN N 1143 5.43 -1.92 -51.84
C ASN N 1143 6.51 -1.68 -50.78
N THR N 1144 7.47 -2.59 -50.69
CA THR N 1144 8.55 -2.51 -49.72
C THR N 1144 9.88 -2.47 -50.47
N ALA N 1145 10.54 -1.34 -50.42
CA ALA N 1145 11.81 -1.18 -51.12
C ALA N 1145 12.92 -1.95 -50.41
N GLN N 1146 13.97 -2.26 -51.15
CA GLN N 1146 15.13 -2.96 -50.60
C GLN N 1146 16.18 -1.95 -50.17
N ASN N 1147 16.66 -2.10 -48.95
CA ASN N 1147 17.64 -1.19 -48.39
C ASN N 1147 19.04 -1.79 -48.55
N LEU N 1148 19.89 -1.14 -49.34
CA LEU N 1148 21.24 -1.61 -49.56
C LEU N 1148 22.21 -1.19 -48.47
N PHE N 1149 21.71 -0.76 -47.31
CA PHE N 1149 22.56 -0.38 -46.20
C PHE N 1149 22.74 -1.50 -45.19
N PHE N 1150 22.36 -2.72 -45.55
CA PHE N 1150 22.56 -3.88 -44.70
C PHE N 1150 23.85 -4.63 -45.04
N SER N 1151 24.67 -4.07 -45.91
CA SER N 1151 25.88 -4.73 -46.37
C SER N 1151 27.10 -3.85 -46.13
N ARG N 1152 28.26 -4.49 -46.07
CA ARG N 1152 29.52 -3.80 -45.86
C ARG N 1152 30.57 -4.37 -46.81
N GLY N 1153 31.58 -3.56 -47.11
CA GLY N 1153 32.67 -4.01 -47.96
C GLY N 1153 33.02 -3.05 -49.07
N GLY N 1154 32.06 -2.24 -49.50
CA GLY N 1154 32.31 -1.29 -50.56
C GLY N 1154 33.21 -0.15 -50.11
N VAL N 1155 33.69 0.60 -51.09
CA VAL N 1155 34.53 1.77 -50.81
C VAL N 1155 33.64 2.86 -50.22
N PRO N 1156 33.91 3.33 -49.01
CA PRO N 1156 33.06 4.35 -48.39
C PRO N 1156 33.46 5.75 -48.82
N MET N 1157 32.60 6.70 -48.48
CA MET N 1157 32.90 8.10 -48.75
C MET N 1157 34.03 8.59 -47.85
N LEU N 1158 34.70 9.65 -48.30
CA LEU N 1158 35.80 10.19 -47.52
C LEU N 1158 35.31 10.84 -46.23
N HIS N 1159 34.12 11.44 -46.26
CA HIS N 1159 33.57 12.14 -45.11
C HIS N 1159 32.56 11.26 -44.40
N ASP N 1160 32.70 11.14 -43.08
CA ASP N 1160 31.79 10.29 -42.31
C ASP N 1160 30.43 10.94 -42.15
N ASN N 1161 30.37 12.26 -41.99
CA ASN N 1161 29.09 12.93 -41.85
C ASN N 1161 28.26 12.80 -43.12
N VAL N 1162 28.90 12.61 -44.27
CA VAL N 1162 28.17 12.40 -45.51
C VAL N 1162 27.48 11.05 -45.49
N THR N 1163 28.25 9.97 -45.31
CA THR N 1163 27.67 8.64 -45.29
C THR N 1163 26.76 8.41 -44.07
N GLU N 1164 26.90 9.24 -43.03
CA GLU N 1164 25.99 9.12 -41.90
C GLU N 1164 24.65 9.77 -42.20
N SER N 1165 24.67 11.01 -42.69
CA SER N 1165 23.43 11.67 -43.06
C SER N 1165 22.74 10.97 -44.22
N LEU N 1166 23.51 10.28 -45.06
CA LEU N 1166 22.92 9.54 -46.16
C LEU N 1166 22.05 8.40 -45.66
N ARG N 1167 22.57 7.63 -44.70
CA ARG N 1167 21.78 6.55 -44.11
C ARG N 1167 20.62 7.09 -43.30
N ARG N 1168 20.79 8.25 -42.66
CA ARG N 1168 19.72 8.81 -41.85
C ARG N 1168 18.54 9.25 -42.69
N ILE N 1169 18.80 9.69 -43.93
CA ILE N 1169 17.71 10.17 -44.78
C ILE N 1169 16.96 9.00 -45.40
N THR N 1170 17.69 8.04 -45.99
CA THR N 1170 17.03 6.88 -46.58
C THR N 1170 16.29 6.04 -45.54
N ALA N 1171 16.68 6.14 -44.27
CA ALA N 1171 15.90 5.49 -43.22
C ALA N 1171 14.50 6.09 -43.14
N SER N 1172 14.40 7.42 -43.22
CA SER N 1172 13.11 8.06 -43.33
C SER N 1172 12.47 7.72 -44.67
N GLY N 1173 11.14 7.68 -44.67
CA GLY N 1173 10.44 7.31 -45.88
C GLY N 1173 10.54 5.84 -46.24
N GLY N 1174 10.80 5.00 -45.24
CA GLY N 1174 10.87 3.56 -45.45
C GLY N 1174 10.36 2.85 -44.22
N ARG N 1175 10.30 1.52 -44.31
CA ARG N 1175 9.81 0.71 -43.21
C ARG N 1175 10.90 -0.11 -42.55
N LEU N 1176 11.65 -0.89 -43.31
CA LEU N 1176 12.75 -1.67 -42.75
C LEU N 1176 14.02 -0.83 -42.77
N ASN N 1177 14.70 -0.77 -41.63
CA ASN N 1177 15.91 0.00 -41.47
C ASN N 1177 16.78 -0.67 -40.42
N PRO N 1178 18.09 -0.57 -40.52
CA PRO N 1178 18.95 -1.08 -39.45
C PRO N 1178 18.75 -0.28 -38.17
N THR N 1179 19.00 -0.94 -37.05
CA THR N 1179 18.88 -0.29 -35.77
C THR N 1179 19.89 0.86 -35.65
N GLU N 1180 19.63 1.76 -34.70
CA GLU N 1180 20.48 2.93 -34.54
C GLU N 1180 21.93 2.58 -34.22
N PRO N 1181 22.25 1.73 -33.23
CA PRO N 1181 23.65 1.59 -32.82
C PRO N 1181 24.58 1.10 -33.92
N LEU N 1182 24.03 0.50 -34.98
CA LEU N 1182 24.82 -0.16 -36.00
C LEU N 1182 25.82 -1.12 -35.32
N PRO N 1183 25.33 -2.16 -34.65
CA PRO N 1183 26.20 -2.93 -33.75
C PRO N 1183 27.34 -3.60 -34.52
N ILE N 1184 28.56 -3.27 -34.12
CA ILE N 1184 29.72 -3.86 -34.76
C ILE N 1184 29.78 -5.35 -34.43
N PHE N 1185 30.12 -6.16 -35.43
CA PHE N 1185 30.05 -7.62 -35.34
C PHE N 1185 28.62 -8.06 -35.01
N GLY N 1186 27.71 -7.78 -35.94
CA GLY N 1186 26.32 -8.16 -35.80
C GLY N 1186 25.75 -8.66 -37.11
N GLY N 1187 24.45 -8.96 -37.09
CA GLY N 1187 23.76 -9.40 -38.28
C GLY N 1187 23.03 -8.25 -38.97
N LEU N 1188 22.91 -7.12 -38.27
CA LEU N 1188 22.25 -5.93 -38.79
C LEU N 1188 20.80 -6.24 -39.21
N ARG N 1189 20.01 -6.64 -38.22
CA ARG N 1189 18.63 -6.99 -38.50
C ARG N 1189 17.68 -5.84 -38.13
N PRO N 1190 16.56 -5.71 -38.83
CA PRO N 1190 15.62 -4.64 -38.51
C PRO N 1190 14.89 -4.92 -37.21
N ALA N 1191 14.32 -3.86 -36.65
CA ALA N 1191 13.58 -3.98 -35.41
C ALA N 1191 12.26 -4.72 -35.64
N THR N 1192 11.95 -5.64 -34.74
CA THR N 1192 10.72 -6.41 -34.86
C THR N 1192 9.53 -5.52 -34.50
N SER N 1193 8.57 -5.41 -35.42
CA SER N 1193 7.38 -4.61 -35.19
C SER N 1193 6.33 -5.46 -34.47
N ALA N 1194 5.12 -4.93 -34.35
CA ALA N 1194 4.01 -5.63 -33.75
C ALA N 1194 3.30 -6.48 -34.81
N GLY N 1195 2.09 -6.93 -34.49
CA GLY N 1195 1.37 -7.90 -35.31
C GLY N 1195 1.26 -7.62 -36.80
N ILE N 1196 1.00 -8.66 -37.56
CA ILE N 1196 0.97 -8.60 -39.02
C ILE N 1196 -0.47 -8.45 -39.47
N ALA N 1197 -0.66 -7.81 -40.63
CA ALA N 1197 -2.00 -7.51 -41.11
C ALA N 1197 -2.53 -8.58 -42.07
N ARG N 1198 -1.85 -8.79 -43.19
CA ARG N 1198 -2.43 -9.63 -44.23
C ARG N 1198 -1.40 -10.54 -44.92
N GLY N 1199 -0.29 -10.84 -44.28
CA GLY N 1199 0.67 -11.78 -44.80
C GLY N 1199 2.07 -11.21 -44.81
N GLN N 1200 3.01 -12.06 -45.20
CA GLN N 1200 4.42 -11.68 -45.22
C GLN N 1200 4.67 -10.69 -46.36
N ALA N 1201 5.28 -9.56 -46.02
CA ALA N 1201 5.62 -8.57 -47.04
C ALA N 1201 6.79 -9.08 -47.88
N SER N 1202 6.80 -8.67 -49.14
CA SER N 1202 7.82 -9.07 -50.10
C SER N 1202 8.59 -7.85 -50.57
N VAL N 1203 9.91 -7.97 -50.62
CA VAL N 1203 10.75 -6.84 -51.01
C VAL N 1203 10.70 -6.65 -52.52
N CYS N 1204 11.13 -5.47 -52.96
CA CYS N 1204 11.16 -5.13 -54.37
C CYS N 1204 12.53 -4.57 -54.72
N GLU N 1205 13.14 -5.12 -55.76
CA GLU N 1205 14.45 -4.67 -56.23
C GLU N 1205 14.29 -3.78 -57.44
N PHE N 1206 15.15 -2.76 -57.55
CA PHE N 1206 15.10 -1.81 -58.65
C PHE N 1206 16.33 -1.98 -59.53
N VAL N 1207 16.15 -1.80 -60.84
CA VAL N 1207 17.22 -1.87 -61.81
C VAL N 1207 17.15 -0.62 -62.68
N ALA N 1208 18.31 -0.01 -62.91
CA ALA N 1208 18.38 1.18 -63.74
C ALA N 1208 18.23 0.82 -65.21
N MET N 1209 17.73 1.78 -65.98
CA MET N 1209 17.53 1.59 -67.42
C MET N 1209 17.34 2.95 -68.06
N PRO N 1210 17.69 3.10 -69.35
CA PRO N 1210 17.50 4.39 -70.01
C PRO N 1210 16.04 4.80 -70.02
N VAL N 1211 15.82 6.10 -70.15
CA VAL N 1211 14.47 6.65 -70.05
C VAL N 1211 13.61 6.14 -71.20
N SER N 1212 14.01 6.44 -72.43
CA SER N 1212 13.22 6.10 -73.60
C SER N 1212 13.54 4.68 -74.02
N THR N 1213 12.91 3.73 -73.33
CA THR N 1213 13.09 2.31 -73.59
C THR N 1213 11.82 1.73 -74.19
N ASP N 1214 11.96 0.61 -74.89
CA ASP N 1214 10.82 -0.07 -75.49
C ASP N 1214 9.77 -0.36 -74.43
N LEU N 1215 8.54 0.10 -74.69
CA LEU N 1215 7.43 -0.20 -73.80
C LEU N 1215 6.71 -1.47 -74.20
N GLN N 1216 6.65 -1.77 -75.49
CA GLN N 1216 6.04 -3.01 -75.95
C GLN N 1216 6.76 -4.25 -75.41
N TYR N 1217 8.04 -4.12 -75.07
CA TYR N 1217 8.79 -5.24 -74.54
C TYR N 1217 8.26 -5.72 -73.20
N PHE N 1218 7.66 -4.83 -72.40
CA PHE N 1218 7.13 -5.18 -71.09
C PHE N 1218 5.69 -5.66 -71.16
N ARG N 1219 5.16 -5.89 -72.35
CA ARG N 1219 3.78 -6.33 -72.51
C ARG N 1219 3.64 -7.84 -72.63
N THR N 1220 4.75 -8.57 -72.69
CA THR N 1220 4.72 -10.02 -72.71
C THR N 1220 5.63 -10.57 -71.62
N ALA N 1221 5.85 -11.89 -71.63
CA ALA N 1221 6.83 -12.48 -70.74
C ALA N 1221 8.21 -11.96 -71.12
N CYS N 1222 8.81 -11.13 -70.27
CA CYS N 1222 10.09 -10.52 -70.56
C CYS N 1222 11.12 -10.93 -69.51
N ASN N 1223 12.39 -10.68 -69.81
CA ASN N 1223 13.49 -11.03 -68.93
C ASN N 1223 14.05 -9.78 -68.29
N PRO N 1224 14.24 -9.76 -66.97
CA PRO N 1224 14.67 -8.52 -66.31
C PRO N 1224 16.12 -8.15 -66.60
N ARG N 1225 16.94 -9.08 -67.03
CA ARG N 1225 18.35 -8.78 -67.29
C ARG N 1225 18.52 -7.90 -68.51
N GLY N 1226 17.54 -7.90 -69.42
CA GLY N 1226 17.61 -7.14 -70.64
C GLY N 1226 18.04 -7.95 -71.85
N ARG N 1227 18.62 -9.12 -71.65
CA ARG N 1227 19.06 -9.98 -72.74
C ARG N 1227 18.80 -11.42 -72.36
N ALA N 1228 18.07 -12.14 -73.22
CA ALA N 1228 17.73 -13.52 -72.93
C ALA N 1228 18.98 -14.38 -72.83
N SER N 1229 18.97 -15.34 -71.91
CA SER N 1229 20.11 -16.22 -71.69
C SER N 1229 19.57 -17.59 -71.28
N GLY N 1230 20.46 -18.43 -70.78
CA GLY N 1230 20.11 -19.76 -70.31
C GLY N 1230 20.83 -20.84 -71.09
N MET N 1231 20.67 -22.07 -70.59
CA MET N 1231 21.27 -23.24 -71.20
C MET N 1231 20.34 -23.93 -72.19
N LEU N 1232 19.19 -23.33 -72.49
CA LEU N 1232 18.23 -23.92 -73.40
C LEU N 1232 18.54 -23.64 -74.86
N TYR N 1233 19.59 -22.88 -75.15
CA TYR N 1233 19.97 -22.52 -76.51
C TYR N 1233 21.38 -23.06 -76.75
N MET N 1234 21.45 -24.32 -77.21
CA MET N 1234 22.71 -25.01 -77.39
C MET N 1234 22.55 -25.97 -78.56
N GLY N 1235 23.46 -26.95 -78.65
CA GLY N 1235 23.34 -27.98 -79.66
C GLY N 1235 24.66 -28.45 -80.24
N ASP N 1236 25.71 -27.66 -80.08
CA ASP N 1236 27.01 -28.00 -80.67
C ASP N 1236 28.10 -28.18 -79.63
N ARG N 1237 28.34 -27.19 -78.78
CA ARG N 1237 29.49 -27.20 -77.89
C ARG N 1237 29.07 -26.85 -76.47
N ASP N 1238 30.04 -26.88 -75.55
CA ASP N 1238 29.77 -26.57 -74.16
C ASP N 1238 30.10 -25.13 -73.82
N ALA N 1239 31.10 -24.55 -74.47
CA ALA N 1239 31.52 -23.18 -74.20
C ALA N 1239 30.59 -22.18 -74.91
N ASP N 1240 29.30 -22.34 -74.63
CA ASP N 1240 28.27 -21.51 -75.23
C ASP N 1240 27.35 -20.84 -74.22
N ILE N 1241 27.25 -21.35 -72.99
CA ILE N 1241 26.47 -20.66 -71.98
C ILE N 1241 27.08 -19.31 -71.66
N GLU N 1242 28.41 -19.26 -71.58
CA GLU N 1242 29.10 -17.98 -71.46
C GLU N 1242 28.97 -17.15 -72.72
N ALA N 1243 28.87 -17.82 -73.88
CA ALA N 1243 28.73 -17.10 -75.14
C ALA N 1243 27.54 -16.17 -75.09
N ILE N 1244 26.32 -16.71 -74.95
CA ILE N 1244 25.18 -15.82 -74.76
C ILE N 1244 24.92 -15.58 -73.28
N MET N 1245 25.77 -14.77 -72.67
CA MET N 1245 25.38 -14.06 -71.45
C MET N 1245 25.93 -12.65 -71.37
N PHE N 1246 27.07 -12.36 -72.00
CA PHE N 1246 27.66 -11.03 -72.00
C PHE N 1246 28.21 -10.59 -73.33
N ASP N 1247 28.51 -11.50 -74.25
CA ASP N 1247 29.09 -11.15 -75.54
C ASP N 1247 28.13 -10.32 -76.37
N HIS N 1248 28.45 -9.05 -76.56
CA HIS N 1248 27.60 -8.14 -77.31
C HIS N 1248 28.08 -7.93 -78.73
N THR N 1249 28.92 -8.82 -79.24
CA THR N 1249 29.33 -8.77 -80.63
C THR N 1249 28.30 -9.40 -81.55
N GLN N 1250 27.36 -10.17 -81.00
CA GLN N 1250 26.26 -10.75 -81.75
C GLN N 1250 24.94 -10.33 -81.15
N SER N 1251 23.88 -10.43 -81.94
CA SER N 1251 22.57 -9.96 -81.52
C SER N 1251 22.01 -10.86 -80.42
N ASP N 1252 20.98 -10.36 -79.75
CA ASP N 1252 20.25 -11.16 -78.78
C ASP N 1252 19.65 -12.38 -79.45
N VAL N 1253 19.40 -13.41 -78.64
CA VAL N 1253 18.86 -14.65 -79.18
C VAL N 1253 17.37 -14.50 -79.46
N ALA N 1254 16.64 -13.83 -78.56
CA ALA N 1254 15.20 -13.70 -78.71
C ALA N 1254 14.85 -12.68 -79.77
N TYR N 1255 15.33 -11.46 -79.60
CA TYR N 1255 15.11 -10.37 -80.56
C TYR N 1255 16.37 -10.24 -81.39
N THR N 1256 16.38 -10.88 -82.56
CA THR N 1256 17.58 -10.92 -83.38
C THR N 1256 17.72 -9.66 -84.22
N ASP N 1257 17.63 -8.50 -83.58
CA ASP N 1257 17.90 -7.24 -84.24
C ASP N 1257 18.63 -6.25 -83.35
N ARG N 1258 19.02 -6.64 -82.15
CA ARG N 1258 19.67 -5.75 -81.20
C ARG N 1258 20.45 -6.57 -80.19
N ALA N 1259 21.45 -5.94 -79.59
CA ALA N 1259 22.29 -6.64 -78.63
C ALA N 1259 21.55 -6.87 -77.32
N THR N 1260 21.18 -5.78 -76.63
CA THR N 1260 20.46 -5.86 -75.37
C THR N 1260 19.42 -4.76 -75.35
N LEU N 1261 18.60 -4.77 -74.30
CA LEU N 1261 17.63 -3.69 -74.13
C LEU N 1261 18.27 -2.50 -73.42
N ASN N 1262 18.75 -2.70 -72.20
CA ASN N 1262 19.43 -1.67 -71.45
C ASN N 1262 20.91 -1.99 -71.36
N PRO N 1263 21.78 -1.13 -71.84
CA PRO N 1263 23.21 -1.45 -71.84
C PRO N 1263 23.86 -1.18 -70.49
N TRP N 1264 23.03 -1.03 -69.44
CA TRP N 1264 23.55 -0.73 -68.11
C TRP N 1264 23.48 -1.90 -67.15
N ALA N 1265 22.78 -2.98 -67.50
CA ALA N 1265 22.62 -4.09 -66.58
C ALA N 1265 22.75 -5.43 -67.29
N SER N 1266 23.55 -5.51 -68.35
CA SER N 1266 23.70 -6.76 -69.08
C SER N 1266 25.13 -7.08 -69.50
N GLN N 1267 26.10 -6.22 -69.21
CA GLN N 1267 27.46 -6.47 -69.66
C GLN N 1267 28.22 -7.31 -68.65
N LYS N 1268 29.50 -7.53 -68.91
CA LYS N 1268 30.31 -8.36 -68.02
C LYS N 1268 30.53 -7.67 -66.68
N HIS N 1269 30.71 -6.36 -66.68
CA HIS N 1269 30.92 -5.61 -65.46
C HIS N 1269 30.08 -4.34 -65.48
N SER N 1270 28.84 -4.45 -65.93
CA SER N 1270 27.94 -3.30 -65.94
C SER N 1270 27.54 -2.95 -64.51
N TYR N 1271 26.71 -1.90 -64.39
CA TYR N 1271 26.28 -1.48 -63.07
C TYR N 1271 25.39 -2.52 -62.41
N GLY N 1272 24.33 -2.93 -63.10
CA GLY N 1272 23.43 -3.92 -62.54
C GLY N 1272 24.09 -5.26 -62.28
N ASP N 1273 25.05 -5.63 -63.13
CA ASP N 1273 25.75 -6.89 -62.92
C ASP N 1273 26.65 -6.83 -61.70
N ARG N 1274 27.29 -5.67 -61.47
CA ARG N 1274 28.17 -5.52 -60.33
C ARG N 1274 27.41 -5.51 -59.01
N LEU N 1275 26.14 -5.09 -59.05
CA LEU N 1275 25.36 -5.01 -57.82
C LEU N 1275 25.07 -6.39 -57.26
N TYR N 1276 24.60 -7.31 -58.11
CA TYR N 1276 24.26 -8.66 -57.67
C TYR N 1276 24.69 -9.64 -58.76
N ASN N 1277 25.64 -10.51 -58.43
CA ASN N 1277 26.05 -11.55 -59.35
C ASN N 1277 26.19 -12.93 -58.72
N GLY N 1278 26.27 -13.03 -57.40
CA GLY N 1278 26.53 -14.29 -56.74
C GLY N 1278 27.99 -14.67 -56.68
N THR N 1279 28.81 -14.12 -57.57
CA THR N 1279 30.25 -14.37 -57.56
C THR N 1279 31.04 -13.17 -57.07
N TYR N 1280 30.38 -12.06 -56.80
CA TYR N 1280 31.06 -10.87 -56.28
C TYR N 1280 30.85 -10.67 -54.79
N ASN N 1281 29.74 -11.17 -54.25
CA ASN N 1281 29.45 -11.12 -52.82
C ASN N 1281 29.44 -9.69 -52.31
N LEU N 1282 28.57 -8.87 -52.89
CA LEU N 1282 28.38 -7.52 -52.42
C LEU N 1282 27.40 -7.44 -51.26
N THR N 1283 26.35 -8.26 -51.27
CA THR N 1283 25.33 -8.28 -50.23
C THR N 1283 25.37 -9.60 -49.45
N GLY N 1284 26.57 -10.10 -49.19
CA GLY N 1284 26.69 -11.36 -48.48
C GLY N 1284 26.27 -11.29 -47.03
N ALA N 1285 26.49 -10.15 -46.39
CA ALA N 1285 26.14 -10.00 -44.98
C ALA N 1285 24.69 -9.59 -44.76
N SER N 1286 23.99 -9.16 -45.79
CA SER N 1286 22.62 -8.69 -45.61
C SER N 1286 21.69 -9.88 -45.41
N PRO N 1287 20.74 -9.79 -44.48
CA PRO N 1287 19.82 -10.92 -44.24
C PRO N 1287 18.56 -10.90 -45.08
N ILE N 1288 18.29 -9.85 -45.83
CA ILE N 1288 17.07 -9.78 -46.62
C ILE N 1288 17.27 -10.51 -47.94
N TYR N 1289 16.18 -11.07 -48.46
CA TYR N 1289 16.22 -11.81 -49.71
C TYR N 1289 16.17 -10.87 -50.90
N SER N 1290 16.76 -11.31 -52.01
CA SER N 1290 16.80 -10.53 -53.24
C SER N 1290 16.21 -11.36 -54.38
N PRO N 1291 15.09 -10.95 -54.97
CA PRO N 1291 14.49 -11.78 -56.01
C PRO N 1291 15.24 -11.78 -57.31
N CYS N 1292 15.92 -10.68 -57.64
CA CYS N 1292 16.69 -10.57 -58.88
C CYS N 1292 18.01 -11.31 -58.83
N PHE N 1293 18.22 -12.15 -57.82
CA PHE N 1293 19.48 -12.89 -57.72
C PHE N 1293 19.54 -14.02 -58.75
N LYS N 1294 18.45 -14.78 -58.88
CA LYS N 1294 18.46 -15.96 -59.76
C LYS N 1294 18.56 -15.60 -61.24
N PHE N 1295 18.43 -14.33 -61.60
CA PHE N 1295 18.48 -13.93 -63.00
C PHE N 1295 19.85 -13.44 -63.45
N PHE N 1296 20.74 -13.12 -62.52
CA PHE N 1296 22.05 -12.59 -62.86
C PHE N 1296 23.17 -13.58 -62.57
N THR N 1297 22.85 -14.76 -62.04
CA THR N 1297 23.92 -15.70 -61.77
C THR N 1297 24.15 -16.59 -62.99
N PRO N 1298 25.41 -16.98 -63.24
CA PRO N 1298 25.70 -17.81 -64.42
C PRO N 1298 24.97 -19.14 -64.42
N ALA N 1299 24.74 -19.74 -63.24
CA ALA N 1299 23.98 -20.99 -63.12
C ALA N 1299 24.63 -22.11 -63.94
N GLU N 1300 25.82 -22.49 -63.46
CA GLU N 1300 26.62 -23.52 -64.13
C GLU N 1300 25.80 -24.76 -64.43
N VAL N 1301 26.00 -25.30 -65.63
CA VAL N 1301 25.38 -26.56 -66.05
C VAL N 1301 26.41 -27.37 -66.81
N ASN N 1302 26.42 -28.68 -66.57
CA ASN N 1302 27.28 -29.60 -67.29
C ASN N 1302 26.48 -30.36 -68.33
N THR N 1303 27.17 -30.78 -69.38
CA THR N 1303 26.55 -31.51 -70.50
C THR N 1303 26.74 -33.00 -70.29
N ASN N 1304 25.66 -33.68 -69.96
CA ASN N 1304 25.64 -35.13 -69.83
C ASN N 1304 24.63 -35.79 -70.75
N CYS N 1305 23.42 -35.28 -70.83
CA CYS N 1305 22.39 -35.75 -71.72
C CYS N 1305 21.98 -34.62 -72.67
N ASN N 1306 20.98 -34.88 -73.50
CA ASN N 1306 20.48 -33.84 -74.38
C ASN N 1306 19.74 -32.78 -73.57
N THR N 1307 19.40 -31.68 -74.24
CA THR N 1307 18.75 -30.57 -73.54
C THR N 1307 17.35 -30.93 -73.08
N LEU N 1308 16.73 -31.94 -73.69
CA LEU N 1308 15.37 -32.30 -73.30
C LEU N 1308 15.34 -33.08 -71.99
N ASP N 1309 16.24 -34.07 -71.86
CA ASP N 1309 16.28 -34.84 -70.63
C ASP N 1309 16.69 -33.97 -69.45
N ARG N 1310 17.64 -33.07 -69.66
CA ARG N 1310 18.05 -32.16 -68.59
C ARG N 1310 16.90 -31.26 -68.16
N LEU N 1311 16.21 -30.67 -69.15
CA LEU N 1311 15.09 -29.78 -68.84
C LEU N 1311 14.03 -30.50 -68.02
N LEU N 1312 13.74 -31.76 -68.37
CA LEU N 1312 12.76 -32.52 -67.61
C LEU N 1312 13.27 -32.96 -66.25
N MET N 1313 14.56 -32.75 -65.97
CA MET N 1313 15.15 -33.20 -64.72
C MET N 1313 15.35 -32.08 -63.71
N GLU N 1314 15.15 -30.83 -64.10
CA GLU N 1314 15.31 -29.71 -63.18
C GLU N 1314 14.03 -29.31 -62.48
N ALA N 1315 12.87 -29.50 -63.12
CA ALA N 1315 11.58 -29.22 -62.50
C ALA N 1315 11.26 -30.33 -61.51
N LYS N 1316 11.87 -30.24 -60.33
CA LYS N 1316 11.75 -31.29 -59.32
C LYS N 1316 11.55 -30.72 -57.93
N ALA N 1317 10.96 -29.52 -57.84
CA ALA N 1317 10.64 -28.88 -56.56
C ALA N 1317 11.88 -28.69 -55.70
N VAL N 1318 12.78 -27.84 -56.22
CA VAL N 1318 14.01 -27.46 -55.54
C VAL N 1318 13.65 -26.80 -54.22
N ALA N 1319 14.59 -26.81 -53.26
CA ALA N 1319 14.34 -26.24 -51.94
C ALA N 1319 14.01 -24.75 -52.05
N SER N 1320 13.42 -24.22 -50.98
CA SER N 1320 12.95 -22.85 -50.95
C SER N 1320 14.11 -21.87 -50.78
N GLN N 1321 13.79 -20.58 -50.84
CA GLN N 1321 14.80 -19.53 -50.68
C GLN N 1321 14.27 -18.37 -49.86
N SER N 1322 13.36 -18.63 -48.92
CA SER N 1322 12.79 -17.58 -48.07
C SER N 1322 12.44 -18.19 -46.72
N SER N 1323 11.64 -17.46 -45.95
CA SER N 1323 11.19 -17.92 -44.65
C SER N 1323 9.68 -17.82 -44.57
N THR N 1324 9.08 -18.72 -43.79
CA THR N 1324 7.64 -18.77 -43.61
C THR N 1324 7.23 -18.41 -42.18
N ASP N 1325 8.09 -17.71 -41.47
CA ASP N 1325 7.77 -17.30 -40.11
C ASP N 1325 7.91 -15.81 -39.90
N THR N 1326 8.89 -15.18 -40.53
CA THR N 1326 9.07 -13.74 -40.39
C THR N 1326 8.07 -12.99 -41.26
N GLU N 1327 8.24 -11.67 -41.34
CA GLU N 1327 7.36 -10.83 -42.15
C GLU N 1327 8.14 -9.96 -43.12
N TYR N 1328 9.44 -10.16 -43.25
CA TYR N 1328 10.26 -9.36 -44.14
C TYR N 1328 10.92 -10.19 -45.24
N GLN N 1329 10.56 -11.48 -45.35
CA GLN N 1329 11.12 -12.36 -46.37
C GLN N 1329 12.65 -12.41 -46.27
N PHE N 1330 13.13 -12.91 -45.14
CA PHE N 1330 14.55 -13.06 -44.95
C PHE N 1330 15.09 -14.21 -45.78
N LYS N 1331 16.40 -14.38 -45.76
CA LYS N 1331 17.03 -15.48 -46.49
C LYS N 1331 16.61 -16.82 -45.89
N ARG N 1332 16.77 -17.87 -46.68
CA ARG N 1332 16.32 -19.20 -46.28
C ARG N 1332 17.10 -19.69 -45.08
N PRO N 1333 16.45 -19.93 -43.94
CA PRO N 1333 17.18 -20.31 -42.73
C PRO N 1333 17.91 -21.63 -42.90
N PRO N 1334 19.11 -21.76 -42.33
CA PRO N 1334 19.87 -23.00 -42.49
C PRO N 1334 19.18 -24.16 -41.79
N GLY N 1335 19.19 -25.31 -42.45
CA GLY N 1335 18.59 -26.51 -41.92
C GLY N 1335 17.11 -26.67 -42.19
N SER N 1336 16.43 -25.59 -42.58
CA SER N 1336 15.00 -25.69 -42.91
C SER N 1336 14.84 -26.40 -44.24
N THR N 1337 14.21 -27.57 -44.21
CA THR N 1337 14.03 -28.39 -45.40
C THR N 1337 12.54 -28.36 -45.79
N GLU N 1338 12.20 -27.46 -46.70
CA GLU N 1338 10.86 -27.41 -47.28
C GLU N 1338 11.00 -27.15 -48.77
N MET N 1339 10.34 -27.99 -49.57
CA MET N 1339 10.48 -27.96 -51.02
C MET N 1339 9.34 -27.16 -51.62
N THR N 1340 9.69 -26.27 -52.55
CA THR N 1340 8.72 -25.48 -53.29
C THR N 1340 8.94 -25.64 -54.78
N GLN N 1341 7.86 -25.63 -55.54
CA GLN N 1341 7.96 -25.70 -56.98
C GLN N 1341 8.26 -24.32 -57.54
N ASP N 1342 9.29 -24.23 -58.39
CA ASP N 1342 9.78 -22.95 -58.92
C ASP N 1342 9.69 -22.97 -60.44
N PRO N 1343 8.55 -22.62 -61.01
CA PRO N 1343 8.48 -22.34 -62.44
C PRO N 1343 9.07 -20.96 -62.73
N CYS N 1344 9.21 -20.68 -64.02
CA CYS N 1344 9.74 -19.40 -64.52
C CYS N 1344 11.07 -19.03 -63.89
N GLY N 1345 11.75 -20.00 -63.29
CA GLY N 1345 13.11 -19.79 -62.81
C GLY N 1345 14.06 -20.57 -63.68
N LEU N 1346 13.60 -21.72 -64.16
CA LEU N 1346 14.33 -22.50 -65.15
C LEU N 1346 14.15 -21.95 -66.56
N PHE N 1347 13.23 -21.01 -66.75
CA PHE N 1347 13.04 -20.35 -68.03
C PHE N 1347 13.64 -18.94 -68.06
N GLN N 1348 14.05 -18.41 -66.91
CA GLN N 1348 14.54 -17.03 -66.81
C GLN N 1348 13.53 -16.05 -67.39
N GLU N 1349 12.34 -16.03 -66.79
CA GLU N 1349 11.25 -15.24 -67.30
C GLU N 1349 10.39 -14.71 -66.16
N ALA N 1350 9.71 -13.60 -66.43
CA ALA N 1350 8.84 -12.97 -65.46
C ALA N 1350 7.57 -12.50 -66.16
N TYR N 1351 6.47 -12.49 -65.41
CA TYR N 1351 5.17 -12.14 -65.97
C TYR N 1351 4.74 -10.76 -65.52
N PRO N 1352 4.31 -9.89 -66.42
CA PRO N 1352 3.87 -8.56 -66.03
C PRO N 1352 2.43 -8.57 -65.55
N PRO N 1353 2.17 -8.06 -64.36
CA PRO N 1353 0.81 -8.00 -63.85
C PRO N 1353 0.10 -6.75 -64.33
N LEU N 1354 -1.18 -6.63 -63.98
CA LEU N 1354 -1.98 -5.48 -64.36
C LEU N 1354 -1.48 -4.24 -63.65
N CYS N 1355 -0.83 -3.35 -64.39
CA CYS N 1355 -0.29 -2.11 -63.83
C CYS N 1355 -0.58 -0.96 -64.78
N SER N 1356 -0.40 0.25 -64.27
CA SER N 1356 -0.61 1.45 -65.07
C SER N 1356 0.03 2.62 -64.36
N SER N 1357 0.72 3.47 -65.14
CA SER N 1357 1.33 4.66 -64.56
C SER N 1357 0.29 5.69 -64.12
N ASP N 1358 -0.94 5.56 -64.57
CA ASP N 1358 -2.04 6.42 -64.14
C ASP N 1358 -3.15 5.57 -63.53
N ALA N 1359 -3.74 6.09 -62.47
CA ALA N 1359 -4.83 5.39 -61.79
C ALA N 1359 -6.20 5.72 -62.34
N ALA N 1360 -6.35 6.81 -63.09
CA ALA N 1360 -7.65 7.18 -63.60
C ALA N 1360 -8.11 6.22 -64.70
N MET N 1361 -7.21 5.86 -65.61
CA MET N 1361 -7.55 4.95 -66.69
C MET N 1361 -7.56 3.49 -66.25
N LEU N 1362 -7.42 3.22 -64.96
CA LEU N 1362 -7.35 1.84 -64.50
C LEU N 1362 -8.72 1.19 -64.41
N ARG N 1363 -9.76 1.97 -64.12
CA ARG N 1363 -11.11 1.43 -63.95
C ARG N 1363 -12.08 2.20 -64.82
N THR N 1364 -12.86 1.48 -65.61
CA THR N 1364 -13.92 2.12 -66.37
C THR N 1364 -15.11 2.42 -65.46
N ALA N 1365 -15.91 3.39 -65.88
CA ALA N 1365 -17.05 3.85 -65.08
C ALA N 1365 -18.32 3.18 -65.55
N HIS N 1366 -18.42 1.88 -65.27
CA HIS N 1366 -19.61 1.13 -65.65
C HIS N 1366 -20.06 0.10 -64.61
N ALA N 1367 -19.53 0.15 -63.38
CA ALA N 1367 -19.93 -0.76 -62.31
C ALA N 1367 -19.73 -2.22 -62.70
N GLY N 1368 -18.46 -2.57 -62.90
CA GLY N 1368 -18.13 -3.91 -63.34
C GLY N 1368 -16.68 -4.08 -63.72
N GLU N 1369 -16.43 -4.61 -64.91
CA GLU N 1369 -15.09 -4.91 -65.36
C GLU N 1369 -14.23 -3.65 -65.37
N THR N 1370 -12.92 -3.86 -65.43
CA THR N 1370 -11.96 -2.77 -65.41
C THR N 1370 -11.60 -2.33 -66.82
N GLY N 1371 -11.08 -1.11 -66.94
CA GLY N 1371 -10.64 -0.60 -68.21
C GLY N 1371 -9.31 -1.20 -68.63
N ALA N 1372 -9.14 -1.34 -69.95
CA ALA N 1372 -7.92 -1.93 -70.50
C ALA N 1372 -7.43 -1.12 -71.69
N ASP N 1373 -7.46 0.20 -71.58
CA ASP N 1373 -6.86 1.05 -72.59
C ASP N 1373 -5.35 0.94 -72.55
N GLU N 1374 -4.71 1.23 -73.68
CA GLU N 1374 -3.27 1.07 -73.79
C GLU N 1374 -2.52 2.36 -73.41
N VAL N 1375 -2.82 3.45 -74.11
CA VAL N 1375 -2.19 4.75 -73.86
C VAL N 1375 -3.24 5.83 -74.05
N HIS N 1376 -3.31 6.77 -73.12
CA HIS N 1376 -4.29 7.87 -73.24
C HIS N 1376 -3.67 9.09 -73.90
N LEU N 1377 -2.70 9.71 -73.23
CA LEU N 1377 -1.91 10.78 -73.84
C LEU N 1377 -0.42 10.49 -73.79
N ALA N 1378 0.12 10.24 -72.59
CA ALA N 1378 1.50 9.83 -72.43
C ALA N 1378 1.69 8.74 -71.41
N GLN N 1379 0.64 8.38 -70.65
CA GLN N 1379 0.72 7.32 -69.65
C GLN N 1379 0.60 5.97 -70.35
N TYR N 1380 0.40 4.91 -69.58
CA TYR N 1380 0.26 3.58 -70.15
C TYR N 1380 -0.47 2.69 -69.17
N LEU N 1381 -0.97 1.56 -69.68
CA LEU N 1381 -1.69 0.59 -68.85
C LEU N 1381 -1.39 -0.78 -69.43
N ILE N 1382 -0.48 -1.51 -68.80
CA ILE N 1382 -0.09 -2.84 -69.27
C ILE N 1382 -1.16 -3.84 -68.86
N ARG N 1383 -1.75 -4.51 -69.84
CA ARG N 1383 -2.75 -5.53 -69.55
C ARG N 1383 -2.10 -6.73 -68.87
N ASP N 1384 -2.86 -7.38 -68.00
CA ASP N 1384 -2.33 -8.51 -67.24
C ASP N 1384 -2.12 -9.71 -68.14
N ALA N 1385 -0.96 -10.35 -68.01
CA ALA N 1385 -0.60 -11.51 -68.81
C ALA N 1385 0.06 -12.57 -67.95
N SER N 1386 -0.28 -12.60 -66.68
CA SER N 1386 0.27 -13.56 -65.74
C SER N 1386 -0.63 -14.77 -65.62
N PRO N 1387 -0.10 -15.90 -65.13
CA PRO N 1387 -0.97 -17.07 -64.92
C PRO N 1387 -2.11 -16.80 -63.96
N LEU N 1388 -1.95 -15.84 -63.05
CA LEU N 1388 -2.99 -15.48 -62.10
C LEU N 1388 -3.90 -14.44 -62.74
N ARG N 1389 -4.81 -14.91 -63.59
CA ARG N 1389 -5.78 -14.06 -64.25
C ARG N 1389 -7.20 -14.25 -63.74
N GLY N 1390 -7.54 -15.46 -63.29
CA GLY N 1390 -8.88 -15.73 -62.79
C GLY N 1390 -8.92 -15.88 -61.28
N CYS N 1391 -8.06 -15.15 -60.59
CA CYS N 1391 -8.00 -15.15 -59.13
C CYS N 1391 -7.77 -13.71 -58.68
N LEU N 1392 -7.40 -13.56 -57.40
CA LEU N 1392 -7.07 -12.26 -56.83
C LEU N 1392 -8.19 -11.26 -57.06
N PRO N 1393 -9.28 -11.36 -56.30
CA PRO N 1393 -10.45 -10.52 -56.56
C PRO N 1393 -10.12 -9.03 -56.60
N LEU N 1394 -10.95 -8.28 -57.30
CA LEU N 1394 -10.70 -6.85 -57.53
C LEU N 1394 -11.65 -5.98 -56.72
N SER O 7 63.01 66.67 -85.82
CA SER O 7 61.61 66.58 -86.23
C SER O 7 61.15 65.12 -86.25
N ARG O 8 59.85 64.92 -86.49
CA ARG O 8 59.26 63.59 -86.53
C ARG O 8 59.26 63.10 -87.97
N VAL O 9 60.20 62.22 -88.29
CA VAL O 9 60.32 61.61 -89.61
C VAL O 9 60.31 60.11 -89.40
N VAL O 10 59.17 59.48 -89.65
CA VAL O 10 59.02 58.05 -89.40
C VAL O 10 59.86 57.18 -90.32
N PHE O 11 60.46 57.76 -91.36
CA PHE O 11 61.34 57.00 -92.24
C PHE O 11 62.54 56.47 -91.46
N ASP O 12 63.36 57.37 -90.93
CA ASP O 12 64.43 56.97 -90.03
C ASP O 12 63.83 56.76 -88.64
N PRO O 13 63.76 55.51 -88.16
CA PRO O 13 63.04 55.25 -86.91
C PRO O 13 63.59 55.98 -85.70
N SER O 14 64.82 56.47 -85.75
CA SER O 14 65.37 57.23 -84.64
C SER O 14 64.79 58.64 -84.54
N ASN O 15 64.17 59.12 -85.60
CA ASN O 15 63.62 60.47 -85.62
C ASN O 15 62.31 60.58 -84.83
N PRO O 16 61.30 59.74 -85.08
CA PRO O 16 60.02 59.91 -84.37
C PRO O 16 60.17 59.58 -82.88
N THR O 17 59.72 60.50 -82.04
CA THR O 17 59.75 60.31 -80.59
C THR O 17 58.72 61.24 -79.97
N THR O 18 58.33 60.90 -78.74
CA THR O 18 57.29 61.67 -78.06
C THR O 18 57.73 63.10 -77.74
N PHE O 19 59.02 63.39 -77.87
CA PHE O 19 59.50 64.75 -77.58
C PHE O 19 58.97 65.74 -78.60
N SER O 20 58.81 65.32 -79.84
CA SER O 20 58.32 66.21 -80.89
C SER O 20 56.82 66.07 -81.14
N VAL O 21 56.24 64.89 -80.88
CA VAL O 21 54.83 64.69 -81.14
C VAL O 21 53.97 65.62 -80.29
N GLU O 22 54.42 65.93 -79.07
CA GLU O 22 53.67 66.86 -78.22
C GLU O 22 53.56 68.23 -78.88
N ALA O 23 54.64 68.68 -79.52
CA ALA O 23 54.59 69.96 -80.21
C ALA O 23 53.67 69.89 -81.42
N ILE O 24 53.56 68.73 -82.05
CA ILE O 24 52.66 68.56 -83.18
C ILE O 24 51.21 68.59 -82.67
N ALA O 25 50.30 69.04 -83.53
CA ALA O 25 48.90 69.18 -83.18
C ALA O 25 48.19 67.83 -83.19
N ALA O 26 46.86 67.86 -83.16
CA ALA O 26 46.08 66.62 -83.15
C ALA O 26 45.76 66.13 -84.56
N TYR O 27 45.33 67.02 -85.44
CA TYR O 27 44.94 66.62 -86.79
C TYR O 27 46.13 66.48 -87.73
N THR O 28 47.12 67.35 -87.62
CA THR O 28 48.24 67.33 -88.56
C THR O 28 49.04 66.02 -88.56
N PRO O 29 49.27 65.34 -87.44
CA PRO O 29 50.01 64.07 -87.54
C PRO O 29 49.27 63.01 -88.33
N VAL O 30 47.94 62.96 -88.21
CA VAL O 30 47.16 62.07 -89.04
C VAL O 30 47.36 62.39 -90.51
N ALA O 31 47.30 63.67 -90.85
CA ALA O 31 47.62 64.09 -92.21
C ALA O 31 49.08 63.84 -92.54
N LEU O 32 49.98 63.98 -91.55
CA LEU O 32 51.39 63.74 -91.79
C LEU O 32 51.65 62.29 -92.17
N ILE O 33 51.17 61.34 -91.35
CA ILE O 33 51.39 59.92 -91.64
C ILE O 33 50.79 59.54 -92.97
N ARG O 34 49.70 60.19 -93.36
CA ARG O 34 49.01 59.82 -94.59
C ARG O 34 49.87 60.10 -95.82
N LEU O 35 50.54 61.25 -95.85
CA LEU O 35 51.27 61.65 -97.05
C LEU O 35 52.64 61.00 -97.15
N LEU O 36 53.20 60.51 -96.05
CA LEU O 36 54.51 59.88 -96.10
C LEU O 36 54.47 58.60 -96.91
N ASN O 37 55.52 58.38 -97.70
CA ASN O 37 55.56 57.23 -98.59
C ASN O 37 55.83 55.96 -97.80
N ALA O 38 55.63 54.81 -98.46
CA ALA O 38 55.85 53.53 -97.81
C ALA O 38 57.32 53.21 -97.62
N SER O 39 58.18 53.79 -98.47
CA SER O 39 59.60 53.49 -98.40
C SER O 39 60.20 53.92 -97.07
N GLY O 40 60.57 52.95 -96.24
CA GLY O 40 61.26 53.22 -95.00
C GLY O 40 62.66 52.66 -95.04
N PRO O 41 63.66 53.51 -94.79
CA PRO O 41 65.06 53.04 -94.87
C PRO O 41 65.34 51.96 -93.83
N LEU O 42 65.68 50.77 -94.34
CA LEU O 42 66.00 49.64 -93.49
C LEU O 42 67.27 49.83 -92.70
N GLN O 43 68.23 50.60 -93.23
CA GLN O 43 69.52 50.75 -92.56
C GLN O 43 69.36 51.37 -91.16
N PRO O 44 68.63 52.46 -90.96
CA PRO O 44 68.30 52.86 -89.60
C PRO O 44 67.12 52.05 -89.07
N GLY O 45 67.21 51.68 -87.80
CA GLY O 45 66.16 50.89 -87.19
C GLY O 45 66.40 50.69 -85.71
N HIS O 46 65.33 50.75 -84.92
CA HIS O 46 65.42 50.55 -83.48
C HIS O 46 65.63 49.06 -83.21
N ARG O 47 66.81 48.71 -82.70
CA ARG O 47 67.06 47.36 -82.22
C ARG O 47 66.45 47.11 -80.85
N VAL O 48 65.53 47.99 -80.44
CA VAL O 48 65.00 48.04 -79.09
C VAL O 48 63.50 47.75 -79.09
N ASP O 49 63.06 46.83 -79.96
CA ASP O 49 61.66 46.45 -80.06
C ASP O 49 60.82 47.65 -80.55
N ILE O 50 61.01 47.96 -81.85
CA ILE O 50 60.43 49.11 -82.54
C ILE O 50 58.97 49.34 -82.15
N ALA O 51 58.27 48.28 -81.76
CA ALA O 51 56.94 48.44 -81.18
C ALA O 51 56.95 49.36 -79.97
N ASP O 52 58.10 49.56 -79.34
CA ASP O 52 58.20 50.59 -78.31
C ASP O 52 58.03 51.98 -78.92
N ALA O 53 58.60 52.19 -80.11
CA ALA O 53 58.33 53.42 -80.84
C ALA O 53 56.86 53.53 -81.21
N ARG O 54 56.23 52.39 -81.49
CA ARG O 54 54.77 52.39 -81.60
C ARG O 54 54.13 52.80 -80.28
N SER O 55 54.60 52.22 -79.17
CA SER O 55 54.15 52.65 -77.86
C SER O 55 54.50 54.12 -77.60
N ILE O 56 55.68 54.54 -78.04
CA ILE O 56 56.04 55.96 -77.95
C ILE O 56 55.08 56.80 -78.78
N TYR O 57 54.70 56.28 -79.95
CA TYR O 57 53.74 57.01 -80.78
C TYR O 57 52.39 57.12 -80.08
N THR O 58 52.01 56.12 -79.30
CA THR O 58 50.73 56.17 -78.60
C THR O 58 50.76 57.23 -77.50
N VAL O 59 51.78 57.20 -76.66
CA VAL O 59 51.87 58.18 -75.57
C VAL O 59 52.07 59.58 -76.12
N GLY O 60 52.66 59.70 -77.30
CA GLY O 60 52.78 61.01 -77.92
C GLY O 60 51.44 61.52 -78.42
N ALA O 61 50.67 60.66 -79.09
CA ALA O 61 49.33 61.04 -79.52
C ALA O 61 48.43 61.33 -78.32
N ALA O 62 48.64 60.59 -77.22
CA ALA O 62 47.89 60.89 -76.00
C ALA O 62 48.23 62.27 -75.47
N ALA O 63 49.51 62.66 -75.55
CA ALA O 63 49.91 63.99 -75.10
C ALA O 63 49.31 65.07 -75.99
N SER O 64 49.26 64.84 -77.30
CA SER O 64 48.65 65.80 -78.21
C SER O 64 47.16 65.95 -77.92
N ALA O 65 46.48 64.84 -77.64
CA ALA O 65 45.07 64.92 -77.28
C ALA O 65 44.87 65.69 -75.99
N ALA O 66 45.78 65.50 -75.03
CA ALA O 66 45.71 66.27 -73.79
C ALA O 66 45.87 67.76 -74.05
N ARG O 67 46.67 68.11 -75.05
CA ARG O 67 46.85 69.52 -75.40
C ARG O 67 45.56 70.11 -75.94
N ALA O 68 44.92 69.42 -76.89
CA ALA O 68 43.64 69.90 -77.40
C ALA O 68 42.57 69.87 -76.32
N ARG O 69 42.73 68.98 -75.33
CA ARG O 69 41.79 68.94 -74.22
C ARG O 69 41.86 70.21 -73.37
N ALA O 70 43.07 70.62 -72.99
CA ALA O 70 43.22 71.83 -72.20
C ALA O 70 42.70 73.05 -72.94
N ASN O 71 42.80 73.04 -74.27
CA ASN O 71 42.25 74.14 -75.07
C ASN O 71 40.73 74.13 -75.01
N HIS O 72 40.12 72.95 -75.17
CA HIS O 72 38.66 72.86 -75.08
C HIS O 72 38.16 73.07 -73.68
N ASN O 73 39.03 72.90 -72.68
CA ASN O 73 38.63 73.01 -71.28
C ASN O 73 38.34 74.44 -70.86
N ALA O 74 38.51 75.42 -71.75
CA ALA O 74 38.24 76.81 -71.38
C ALA O 74 36.75 77.04 -71.15
N ASN O 75 35.89 76.34 -71.89
CA ASN O 75 34.46 76.53 -71.80
C ASN O 75 33.76 75.42 -71.01
N THR O 76 34.45 74.31 -70.74
CA THR O 76 33.81 73.18 -70.08
C THR O 76 33.52 73.49 -68.61
N ILE O 77 32.86 72.55 -67.95
CA ILE O 77 32.56 72.62 -66.53
C ILE O 77 33.45 71.63 -65.80
N ARG O 78 33.91 72.01 -64.61
CA ARG O 78 34.78 71.14 -63.83
C ARG O 78 34.04 69.87 -63.42
N ARG O 79 34.67 68.73 -63.69
CA ARG O 79 34.06 67.44 -63.35
C ARG O 79 34.23 67.16 -61.86
N THR O 80 33.26 66.42 -61.31
CA THR O 80 33.25 66.04 -59.90
C THR O 80 33.21 64.52 -59.78
N ALA O 81 33.07 64.05 -58.55
CA ALA O 81 33.06 62.62 -58.28
C ALA O 81 31.69 62.03 -58.63
N MET O 82 31.71 60.90 -59.33
CA MET O 82 30.49 60.22 -59.73
C MET O 82 30.06 59.14 -58.75
N PHE O 83 30.83 58.92 -57.68
CA PHE O 83 30.50 57.93 -56.67
C PHE O 83 30.41 58.59 -55.31
N ALA O 84 29.78 57.88 -54.37
CA ALA O 84 29.66 58.34 -53.01
C ALA O 84 30.93 57.97 -52.23
N GLU O 85 30.88 58.10 -50.91
CA GLU O 85 31.95 57.75 -49.98
C GLU O 85 33.22 58.56 -50.18
N THR O 86 33.19 59.59 -51.04
CA THR O 86 34.35 60.41 -51.34
C THR O 86 34.04 61.84 -50.92
N ASP O 87 34.47 62.20 -49.69
CA ASP O 87 34.20 63.51 -49.13
C ASP O 87 35.12 63.74 -47.95
N PRO O 88 35.66 64.96 -47.77
CA PRO O 88 36.58 65.17 -46.65
C PRO O 88 35.93 64.99 -45.29
N MET O 89 34.80 65.66 -45.04
CA MET O 89 34.08 65.53 -43.78
C MET O 89 32.70 64.98 -44.09
N THR O 90 32.59 63.65 -44.17
CA THR O 90 31.30 63.01 -44.36
C THR O 90 30.44 63.07 -43.10
N TRP O 91 31.04 63.36 -41.95
CA TRP O 91 30.30 63.33 -40.69
C TRP O 91 29.27 64.45 -40.62
N LEU O 92 29.50 65.57 -41.30
CA LEU O 92 28.54 66.65 -41.30
C LEU O 92 27.26 66.24 -42.05
N ARG O 93 27.41 65.76 -43.27
CA ARG O 93 26.27 65.42 -44.12
C ARG O 93 26.71 64.32 -45.07
N PRO O 94 25.77 63.53 -45.59
CA PRO O 94 26.13 62.45 -46.52
C PRO O 94 26.69 62.95 -47.84
N THR O 95 27.11 62.03 -48.70
CA THR O 95 27.73 62.36 -49.96
C THR O 95 27.18 61.47 -51.06
N VAL O 96 26.92 62.06 -52.23
CA VAL O 96 26.38 61.34 -53.37
C VAL O 96 27.24 61.63 -54.59
N GLY O 97 27.12 60.77 -55.59
CA GLY O 97 27.79 60.93 -56.86
C GLY O 97 27.04 61.89 -57.76
N LEU O 98 27.38 61.84 -59.05
CA LEU O 98 26.73 62.70 -60.04
C LEU O 98 26.79 62.02 -61.39
N LYS O 99 25.66 61.97 -62.07
CA LYS O 99 25.59 61.39 -63.40
C LYS O 99 26.00 62.44 -64.44
N ARG O 100 27.04 62.13 -65.21
CA ARG O 100 27.57 63.07 -66.20
C ARG O 100 26.71 63.03 -67.45
N THR O 101 25.56 63.70 -67.37
CA THR O 101 24.61 63.79 -68.46
C THR O 101 24.33 65.24 -68.82
N PHE O 102 25.37 66.05 -68.89
CA PHE O 102 25.25 67.47 -69.15
C PHE O 102 25.98 67.85 -70.44
N ASN O 103 25.99 69.14 -70.73
CA ASN O 103 26.76 69.71 -71.81
C ASN O 103 27.83 70.63 -71.24
N PRO O 104 29.08 70.51 -71.70
CA PRO O 104 30.14 71.40 -71.18
C PRO O 104 29.97 72.85 -71.59
N ARG O 105 29.08 73.17 -72.51
CA ARG O 105 28.89 74.55 -72.94
C ARG O 105 28.38 75.39 -71.78
N ILE O 106 29.00 76.55 -71.59
CA ILE O 106 28.66 77.46 -70.49
C ILE O 106 28.06 78.76 -71.02
N ILE O 107 28.80 79.49 -71.86
CA ILE O 107 28.32 80.75 -72.41
C ILE O 107 28.99 81.03 -73.75
N ILE P 19 -88.99 3.57 -13.66
CA ILE P 19 -89.71 2.78 -14.66
C ILE P 19 -89.09 1.40 -14.78
N ALA P 20 -89.74 0.39 -14.17
CA ALA P 20 -89.20 -0.96 -14.18
C ALA P 20 -89.73 -1.75 -15.37
N GLY P 21 -91.05 -1.97 -15.41
CA GLY P 21 -91.71 -2.69 -16.48
C GLY P 21 -90.96 -3.88 -17.06
N LEU P 22 -90.32 -4.66 -16.18
CA LEU P 22 -89.48 -5.76 -16.65
C LEU P 22 -90.31 -6.84 -17.32
N PHE P 23 -91.25 -7.43 -16.58
CA PHE P 23 -92.12 -8.45 -17.12
C PHE P 23 -93.26 -7.82 -17.90
N ASN P 24 -93.94 -8.64 -18.70
CA ASN P 24 -95.08 -8.16 -19.46
C ASN P 24 -96.16 -7.63 -18.53
N ILE P 25 -96.82 -6.56 -18.95
CA ILE P 25 -97.74 -5.83 -18.08
C ILE P 25 -99.06 -6.57 -17.93
N PRO P 26 -99.76 -6.99 -19.02
CA PRO P 26 -100.96 -7.80 -18.82
C PRO P 26 -100.63 -9.13 -18.15
N ALA P 27 -99.74 -9.89 -18.78
CA ALA P 27 -99.21 -11.15 -18.24
C ALA P 27 -100.33 -12.02 -17.65
N GLY P 28 -101.26 -12.38 -18.52
CA GLY P 28 -102.40 -13.18 -18.09
C GLY P 28 -102.01 -14.53 -17.54
N ILE P 29 -102.11 -14.68 -16.21
CA ILE P 29 -101.84 -15.93 -15.53
C ILE P 29 -102.82 -16.07 -14.37
N ILE P 30 -102.70 -17.19 -13.66
CA ILE P 30 -103.59 -17.48 -12.53
C ILE P 30 -103.33 -16.49 -11.41
N PRO P 31 -104.30 -15.67 -11.03
CA PRO P 31 -104.09 -14.72 -9.93
C PRO P 31 -104.19 -15.40 -8.57
N THR P 32 -103.75 -14.68 -7.55
CA THR P 32 -103.71 -15.21 -6.19
C THR P 32 -104.57 -14.34 -5.27
N GLY P 33 -105.79 -14.09 -5.71
CA GLY P 33 -106.75 -13.34 -4.92
C GLY P 33 -107.40 -12.22 -5.72
N ASN P 34 -107.96 -11.27 -4.99
CA ASN P 34 -108.61 -10.12 -5.61
C ASN P 34 -108.71 -8.98 -4.61
N VAL P 35 -108.29 -7.80 -5.04
CA VAL P 35 -108.53 -6.57 -4.31
C VAL P 35 -109.92 -6.07 -4.67
N LEU P 36 -110.67 -5.58 -3.68
CA LEU P 36 -112.00 -5.09 -4.00
C LEU P 36 -111.97 -3.59 -4.23
N SER P 37 -111.76 -2.85 -3.15
CA SER P 37 -111.38 -1.43 -3.12
C SER P 37 -112.40 -0.50 -3.76
N THR P 38 -113.32 -1.02 -4.58
CA THR P 38 -114.52 -0.35 -5.08
C THR P 38 -114.35 1.16 -5.24
N ILE P 39 -113.30 1.60 -5.94
CA ILE P 39 -112.98 3.02 -6.05
C ILE P 39 -112.11 3.28 -7.27
N GLU P 40 -112.12 4.54 -7.72
CA GLU P 40 -111.20 4.97 -8.75
C GLU P 40 -109.76 4.79 -8.30
N VAL P 41 -108.88 4.43 -9.23
CA VAL P 41 -107.44 4.42 -8.94
C VAL P 41 -106.73 5.58 -9.62
N CYS P 42 -107.35 6.20 -10.63
CA CYS P 42 -106.71 7.28 -11.37
C CYS P 42 -106.37 8.49 -10.50
N ALA P 43 -107.12 8.71 -9.41
CA ALA P 43 -106.83 9.82 -8.51
C ALA P 43 -105.46 9.66 -7.88
N HIS P 44 -105.26 8.55 -7.17
CA HIS P 44 -103.97 8.26 -6.54
C HIS P 44 -102.98 7.81 -7.60
N ARG P 45 -102.28 8.74 -8.22
CA ARG P 45 -101.37 8.42 -9.31
C ARG P 45 -99.92 8.29 -8.87
N CYS P 46 -99.49 9.04 -7.86
CA CYS P 46 -98.10 9.01 -7.40
C CYS P 46 -97.91 7.98 -6.27
N ILE P 47 -98.38 6.77 -6.54
CA ILE P 47 -98.18 5.68 -5.58
C ILE P 47 -97.56 4.48 -6.30
N PHE P 48 -98.03 4.19 -7.51
CA PHE P 48 -97.48 3.08 -8.27
C PHE P 48 -96.30 3.56 -9.11
N ASP P 49 -95.39 2.63 -9.40
CA ASP P 49 -94.22 2.98 -10.20
C ASP P 49 -94.62 3.34 -11.62
N PHE P 50 -95.40 2.48 -12.27
CA PHE P 50 -95.88 2.75 -13.62
C PHE P 50 -97.40 2.65 -13.59
N PHE P 51 -98.07 3.67 -14.13
CA PHE P 51 -99.53 3.69 -14.22
C PHE P 51 -99.90 3.68 -15.71
N LYS P 52 -100.19 2.51 -16.23
CA LYS P 52 -100.64 2.36 -17.61
C LYS P 52 -102.14 2.24 -17.66
N GLN P 53 -102.78 3.15 -18.40
CA GLN P 53 -104.23 3.20 -18.50
C GLN P 53 -104.62 3.18 -19.97
N ILE P 54 -105.22 2.08 -20.40
CA ILE P 54 -105.72 1.96 -21.77
C ILE P 54 -107.19 2.36 -21.77
N ARG P 55 -107.61 3.07 -22.82
CA ARG P 55 -109.01 3.43 -22.93
C ARG P 55 -109.87 2.18 -23.05
N SER P 56 -109.75 1.46 -24.17
CA SER P 56 -110.46 0.19 -24.34
C SER P 56 -109.79 -0.56 -25.48
N ASP P 57 -109.22 -1.72 -25.15
CA ASP P 57 -108.59 -2.64 -26.10
C ASP P 57 -107.73 -1.88 -27.12
N ASP P 58 -106.73 -1.19 -26.59
CA ASP P 58 -105.76 -0.52 -27.46
C ASP P 58 -104.70 -1.52 -27.92
N ASN P 59 -103.61 -1.01 -28.50
CA ASN P 59 -102.53 -1.86 -28.96
C ASN P 59 -101.53 -2.11 -27.83
N SER P 60 -100.37 -2.66 -28.19
CA SER P 60 -99.31 -3.02 -27.25
C SER P 60 -99.81 -4.02 -26.20
N LEU P 61 -100.84 -4.78 -26.55
CA LEU P 61 -101.34 -5.87 -25.72
C LEU P 61 -101.14 -7.23 -26.38
N TYR P 62 -100.69 -7.25 -27.63
CA TYR P 62 -100.52 -8.50 -28.36
C TYR P 62 -99.13 -8.69 -28.92
N SER P 63 -98.24 -7.71 -28.80
CA SER P 63 -96.88 -7.83 -29.32
C SER P 63 -96.02 -8.63 -28.35
N ALA P 64 -95.55 -9.79 -28.79
CA ALA P 64 -94.72 -10.67 -27.96
C ALA P 64 -93.28 -10.55 -28.45
N GLN P 65 -92.58 -9.55 -27.93
CA GLN P 65 -91.17 -9.38 -28.22
C GLN P 65 -90.34 -10.17 -27.23
N PHE P 66 -89.25 -10.78 -27.71
CA PHE P 66 -88.39 -11.55 -26.84
C PHE P 66 -87.02 -11.69 -27.49
N ASP P 67 -86.02 -11.95 -26.64
CA ASP P 67 -84.69 -12.28 -27.10
C ASP P 67 -84.53 -13.79 -27.23
N ILE P 68 -83.45 -14.21 -27.86
CA ILE P 68 -83.20 -15.63 -28.05
C ILE P 68 -81.69 -15.86 -28.09
N LEU P 69 -81.25 -16.92 -27.42
CA LEU P 69 -79.86 -17.35 -27.44
C LEU P 69 -79.73 -18.51 -28.41
N LEU P 70 -78.74 -18.45 -29.30
CA LEU P 70 -78.59 -19.43 -30.36
C LEU P 70 -77.40 -20.36 -30.14
N GLY P 71 -76.97 -20.52 -28.91
CA GLY P 71 -75.92 -21.46 -28.57
C GLY P 71 -74.61 -20.78 -28.21
N THR P 72 -73.65 -21.59 -27.79
CA THR P 72 -72.34 -21.13 -27.37
C THR P 72 -71.28 -22.06 -27.91
N TYR P 73 -70.04 -21.61 -27.88
CA TYR P 73 -68.92 -22.38 -28.42
C TYR P 73 -67.69 -22.17 -27.55
N CYS P 74 -66.72 -23.07 -27.71
CA CYS P 74 -65.49 -23.03 -26.94
C CYS P 74 -64.41 -23.76 -27.72
N ASN P 75 -63.18 -23.68 -27.21
CA ASN P 75 -62.02 -24.29 -27.86
C ASN P 75 -61.68 -25.61 -27.18
N THR P 76 -60.55 -26.20 -27.57
CA THR P 76 -60.12 -27.50 -27.04
C THR P 76 -58.82 -27.45 -26.27
N LEU P 77 -57.81 -26.74 -26.78
CA LEU P 77 -56.54 -26.52 -26.09
C LEU P 77 -55.83 -27.84 -25.77
N ASN P 78 -55.40 -28.51 -26.84
CA ASN P 78 -54.61 -29.72 -26.69
C ASN P 78 -53.26 -29.40 -26.04
N PHE P 79 -52.58 -30.44 -25.60
CA PHE P 79 -51.30 -30.32 -24.91
C PHE P 79 -50.17 -30.82 -25.80
N VAL P 80 -48.95 -30.75 -25.27
CA VAL P 80 -47.76 -31.18 -25.98
C VAL P 80 -46.73 -31.67 -24.97
N ARG P 81 -46.06 -32.76 -25.30
CA ARG P 81 -45.00 -33.31 -24.47
C ARG P 81 -43.64 -33.03 -25.08
N PHE P 82 -42.62 -33.02 -24.22
CA PHE P 82 -41.27 -32.72 -24.68
C PHE P 82 -40.67 -33.87 -25.48
N LEU P 83 -41.06 -35.11 -25.19
CA LEU P 83 -40.45 -36.25 -25.83
C LEU P 83 -40.98 -36.49 -27.24
N GLU P 84 -42.25 -36.15 -27.47
CA GLU P 84 -42.80 -36.26 -28.82
C GLU P 84 -42.20 -35.25 -29.78
N LEU P 85 -41.55 -34.21 -29.26
CA LEU P 85 -40.91 -33.23 -30.12
C LEU P 85 -39.62 -33.78 -30.70
N GLY P 86 -39.33 -33.42 -31.95
CA GLY P 86 -38.10 -33.85 -32.59
C GLY P 86 -36.85 -33.27 -31.97
N LEU P 87 -36.99 -32.25 -31.13
CA LEU P 87 -35.85 -31.64 -30.46
C LEU P 87 -35.21 -32.55 -29.42
N SER P 88 -35.94 -33.55 -28.94
CA SER P 88 -35.44 -34.43 -27.89
C SER P 88 -34.21 -35.23 -28.32
N VAL P 89 -33.83 -35.18 -29.59
CA VAL P 89 -32.68 -35.93 -30.07
C VAL P 89 -31.48 -35.00 -30.09
N ALA P 90 -31.57 -33.90 -29.34
CA ALA P 90 -30.47 -32.97 -29.19
C ALA P 90 -29.83 -33.03 -27.80
N CYS P 91 -30.41 -33.80 -26.89
CA CYS P 91 -29.89 -33.88 -25.53
C CYS P 91 -30.37 -35.19 -24.91
N ILE P 92 -29.69 -35.60 -23.84
CA ILE P 92 -30.03 -36.80 -23.09
C ILE P 92 -30.51 -36.33 -21.72
N CYS P 93 -31.83 -36.33 -21.53
CA CYS P 93 -32.41 -35.84 -20.30
C CYS P 93 -32.48 -36.94 -19.25
N THR P 94 -32.44 -36.53 -17.98
CA THR P 94 -32.58 -37.47 -16.88
C THR P 94 -33.16 -36.77 -15.67
N LYS P 95 -33.64 -37.57 -14.72
CA LYS P 95 -34.18 -37.07 -13.47
C LYS P 95 -33.16 -37.19 -12.37
N PHE P 96 -33.19 -36.25 -11.43
CA PHE P 96 -32.24 -36.23 -10.32
C PHE P 96 -32.93 -35.54 -9.16
N PRO P 97 -33.45 -36.30 -8.19
CA PRO P 97 -34.16 -35.65 -7.08
C PRO P 97 -33.27 -34.76 -6.23
N GLU P 98 -32.12 -35.26 -5.80
CA GLU P 98 -31.21 -34.48 -4.95
C GLU P 98 -30.38 -33.55 -5.85
N LEU P 99 -31.01 -32.46 -6.27
CA LEU P 99 -30.33 -31.46 -7.08
C LEU P 99 -30.00 -30.19 -6.33
N ALA P 100 -30.78 -29.83 -5.31
CA ALA P 100 -30.53 -28.61 -4.55
C ALA P 100 -29.30 -28.70 -3.66
N TYR P 101 -28.65 -29.86 -3.58
CA TYR P 101 -27.45 -30.02 -2.78
C TYR P 101 -26.24 -30.40 -3.62
N VAL P 102 -26.32 -30.28 -4.95
CA VAL P 102 -25.25 -30.82 -5.79
C VAL P 102 -23.99 -29.99 -5.68
N ARG P 103 -24.12 -28.66 -5.64
CA ARG P 103 -23.01 -27.75 -5.39
C ARG P 103 -21.78 -28.06 -6.27
N ASP P 104 -21.97 -27.82 -7.56
CA ASP P 104 -20.89 -27.91 -8.56
C ASP P 104 -20.34 -29.34 -8.67
N GLY P 105 -21.21 -30.21 -9.19
CA GLY P 105 -20.76 -31.49 -9.71
C GLY P 105 -19.80 -31.32 -10.86
N VAL P 106 -19.26 -32.45 -11.34
CA VAL P 106 -18.12 -32.41 -12.25
C VAL P 106 -18.10 -33.66 -13.12
N ILE P 107 -17.56 -33.52 -14.34
CA ILE P 107 -17.31 -34.62 -15.26
C ILE P 107 -15.93 -34.46 -15.86
N GLN P 108 -15.40 -35.52 -16.45
CA GLN P 108 -14.05 -35.47 -17.01
C GLN P 108 -13.93 -36.34 -18.26
N PHE P 109 -12.96 -35.99 -19.09
CA PHE P 109 -12.69 -36.62 -20.37
C PHE P 109 -11.20 -36.93 -20.50
N GLU P 110 -10.90 -38.00 -21.24
CA GLU P 110 -9.52 -38.41 -21.44
C GLU P 110 -9.38 -38.94 -22.87
N VAL P 111 -8.49 -38.33 -23.65
CA VAL P 111 -8.29 -38.73 -25.04
C VAL P 111 -6.81 -39.01 -25.30
N GLN P 112 -6.52 -39.62 -26.45
CA GLN P 112 -5.15 -39.94 -26.85
C GLN P 112 -4.94 -39.39 -28.25
N GLN P 113 -3.67 -39.34 -28.67
CA GLN P 113 -3.38 -38.88 -30.02
C GLN P 113 -2.43 -39.84 -30.72
N PRO P 114 -2.70 -40.20 -31.96
CA PRO P 114 -1.80 -41.07 -32.71
C PRO P 114 -0.65 -40.29 -33.33
N MET P 115 0.36 -41.05 -33.79
CA MET P 115 1.57 -40.46 -34.34
C MET P 115 2.12 -41.38 -35.42
N ILE P 116 2.91 -40.79 -36.31
CA ILE P 116 3.52 -41.53 -37.42
C ILE P 116 5.03 -41.49 -37.27
N ALA P 117 5.69 -42.62 -37.51
CA ALA P 117 7.13 -42.67 -37.45
C ALA P 117 7.72 -42.10 -38.73
N ARG P 118 8.77 -41.28 -38.58
CA ARG P 118 9.40 -40.65 -39.73
C ARG P 118 10.89 -40.52 -39.47
N ASP P 119 11.69 -40.84 -40.49
CA ASP P 119 13.13 -40.69 -40.41
C ASP P 119 13.51 -39.23 -40.57
N GLY P 120 14.82 -38.96 -40.47
CA GLY P 120 15.32 -37.62 -40.56
C GLY P 120 15.99 -37.20 -39.27
N PRO P 121 17.13 -36.52 -39.38
CA PRO P 121 17.88 -36.15 -38.17
C PRO P 121 17.20 -35.06 -37.37
N HIS P 122 16.02 -35.37 -36.83
CA HIS P 122 15.24 -34.42 -36.04
C HIS P 122 14.82 -35.06 -34.73
N PRO P 123 14.39 -34.28 -33.74
CA PRO P 123 13.92 -34.89 -32.49
C PRO P 123 12.76 -35.84 -32.73
N VAL P 124 12.82 -36.99 -32.09
CA VAL P 124 11.84 -38.06 -32.30
C VAL P 124 10.63 -37.79 -31.41
N ASP P 125 9.45 -38.10 -31.92
CA ASP P 125 8.20 -37.83 -31.24
C ASP P 125 7.88 -38.91 -30.21
N GLN P 126 6.80 -38.69 -29.47
CA GLN P 126 6.31 -39.62 -28.45
C GLN P 126 4.80 -39.49 -28.39
N PRO P 127 4.09 -40.57 -28.08
CA PRO P 127 2.62 -40.52 -28.04
C PRO P 127 2.13 -39.65 -26.89
N VAL P 128 0.97 -39.01 -27.11
CA VAL P 128 0.44 -38.00 -26.22
C VAL P 128 -0.95 -38.40 -25.74
N HIS P 129 -1.24 -38.06 -24.48
CA HIS P 129 -2.57 -38.24 -23.89
C HIS P 129 -2.99 -36.93 -23.23
N ASN P 130 -4.30 -36.72 -23.13
CA ASN P 130 -4.87 -35.51 -22.58
C ASN P 130 -5.81 -35.82 -21.43
N TYR P 131 -6.16 -34.78 -20.68
CA TYR P 131 -7.09 -34.90 -19.56
C TYR P 131 -7.82 -33.57 -19.41
N MET P 132 -9.14 -33.60 -19.46
CA MET P 132 -9.94 -32.38 -19.40
C MET P 132 -11.08 -32.58 -18.42
N VAL P 133 -11.60 -31.47 -17.89
CA VAL P 133 -12.62 -31.52 -16.85
C VAL P 133 -13.64 -30.43 -17.13
N LYS P 134 -14.88 -30.67 -16.69
CA LYS P 134 -15.97 -29.73 -16.94
C LYS P 134 -16.93 -29.75 -15.75
N ARG P 135 -17.67 -28.66 -15.59
CA ARG P 135 -18.63 -28.54 -14.50
C ARG P 135 -20.04 -28.37 -15.04
N ILE P 136 -20.99 -28.08 -14.15
CA ILE P 136 -22.40 -28.00 -14.52
C ILE P 136 -22.88 -26.55 -14.38
N HIS P 137 -24.09 -26.30 -14.88
CA HIS P 137 -24.73 -24.99 -14.81
C HIS P 137 -26.20 -25.18 -14.50
N LYS P 138 -26.66 -24.53 -13.42
CA LYS P 138 -27.99 -24.74 -12.87
C LYS P 138 -28.89 -23.53 -13.15
N ARG P 139 -30.18 -23.80 -13.32
CA ARG P 139 -31.18 -22.77 -13.57
C ARG P 139 -32.56 -23.28 -13.20
N SER P 140 -33.43 -22.37 -12.79
CA SER P 140 -34.77 -22.74 -12.36
C SER P 140 -35.78 -22.41 -13.44
N LEU P 141 -36.96 -23.00 -13.30
CA LEU P 141 -38.15 -22.65 -14.06
C LEU P 141 -39.29 -22.42 -13.08
N SER P 142 -40.16 -21.46 -13.40
CA SER P 142 -41.18 -21.04 -12.45
C SER P 142 -42.51 -20.83 -13.15
N ALA P 143 -43.58 -21.02 -12.40
CA ALA P 143 -44.94 -20.80 -12.90
C ALA P 143 -45.84 -20.37 -11.74
N ALA P 144 -46.90 -19.65 -12.08
CA ALA P 144 -47.82 -19.11 -11.09
C ALA P 144 -49.24 -19.63 -11.33
N PHE P 145 -50.05 -19.55 -10.28
CA PHE P 145 -51.43 -20.02 -10.35
C PHE P 145 -52.24 -19.26 -9.32
N ALA P 146 -53.47 -18.88 -9.65
CA ALA P 146 -54.26 -18.01 -8.80
C ALA P 146 -55.55 -18.69 -8.34
N ILE P 147 -55.99 -18.34 -7.13
CA ILE P 147 -57.27 -18.82 -6.60
C ILE P 147 -57.99 -17.66 -5.94
N ALA P 148 -59.31 -17.59 -6.12
CA ALA P 148 -60.07 -16.44 -5.66
C ALA P 148 -60.59 -16.64 -4.24
N SER P 149 -60.93 -15.52 -3.59
CA SER P 149 -61.33 -15.52 -2.19
C SER P 149 -62.66 -16.22 -1.97
N GLU P 150 -63.67 -15.89 -2.77
CA GLU P 150 -64.95 -16.56 -2.61
C GLU P 150 -64.84 -18.05 -2.94
N ALA P 151 -64.02 -18.40 -3.91
CA ALA P 151 -63.80 -19.81 -4.23
C ALA P 151 -63.22 -20.55 -3.04
N LEU P 152 -62.16 -20.00 -2.43
CA LEU P 152 -61.56 -20.68 -1.29
C LEU P 152 -62.51 -20.70 -0.10
N SER P 153 -63.33 -19.66 0.07
CA SER P 153 -64.31 -19.66 1.15
C SER P 153 -65.35 -20.75 0.96
N LEU P 154 -65.90 -20.86 -0.25
CA LEU P 154 -66.84 -21.94 -0.56
C LEU P 154 -66.22 -23.32 -0.38
N LEU P 155 -64.93 -23.47 -0.71
CA LEU P 155 -64.29 -24.77 -0.56
C LEU P 155 -63.97 -25.12 0.89
N SER P 156 -63.66 -24.12 1.72
CA SER P 156 -63.31 -24.39 3.12
C SER P 156 -64.53 -24.53 4.02
N ASN P 157 -65.71 -24.79 3.46
CA ASN P 157 -66.91 -24.90 4.29
C ASN P 157 -66.88 -26.15 5.16
N THR P 158 -66.36 -27.25 4.63
CA THR P 158 -66.24 -28.52 5.34
C THR P 158 -67.59 -28.99 5.90
N TYR P 159 -68.52 -29.20 4.98
CA TYR P 159 -69.84 -29.76 5.28
C TYR P 159 -70.60 -28.91 6.31
N VAL P 160 -70.89 -27.68 5.91
CA VAL P 160 -71.71 -26.77 6.69
C VAL P 160 -72.84 -26.27 5.79
N ASP P 161 -73.20 -27.09 4.81
CA ASP P 161 -74.11 -26.68 3.74
C ASP P 161 -74.95 -27.88 3.35
N GLY P 162 -75.54 -27.84 2.16
CA GLY P 162 -76.49 -28.85 1.73
C GLY P 162 -77.70 -28.25 1.04
N THR P 163 -77.63 -26.97 0.70
CA THR P 163 -78.68 -26.31 -0.07
C THR P 163 -78.53 -26.67 -1.55
N GLU P 164 -79.29 -26.00 -2.42
CA GLU P 164 -79.29 -26.31 -3.83
C GLU P 164 -78.63 -25.26 -4.71
N ILE P 165 -78.40 -24.04 -4.20
CA ILE P 165 -77.79 -23.01 -5.03
C ILE P 165 -76.27 -23.14 -5.04
N ASP P 166 -75.66 -23.18 -3.86
CA ASP P 166 -74.21 -23.28 -3.77
C ASP P 166 -73.68 -24.64 -4.20
N SER P 167 -74.56 -25.63 -4.33
CA SER P 167 -74.13 -26.93 -4.86
C SER P 167 -73.62 -26.79 -6.29
N SER P 168 -74.03 -25.74 -6.99
CA SER P 168 -73.53 -25.45 -8.33
C SER P 168 -72.29 -24.58 -8.30
N LEU P 169 -72.22 -23.63 -7.38
CA LEU P 169 -71.06 -22.76 -7.27
C LEU P 169 -69.83 -23.56 -6.84
N ARG P 170 -69.99 -24.51 -5.92
CA ARG P 170 -68.87 -25.37 -5.55
C ARG P 170 -68.39 -26.19 -6.73
N ILE P 171 -69.31 -26.75 -7.51
CA ILE P 171 -68.94 -27.53 -8.69
C ILE P 171 -68.17 -26.66 -9.68
N ARG P 172 -68.65 -25.43 -9.90
CA ARG P 172 -67.99 -24.56 -10.86
C ARG P 172 -66.62 -24.10 -10.36
N ALA P 173 -66.46 -23.90 -9.05
CA ALA P 173 -65.15 -23.55 -8.52
C ALA P 173 -64.16 -24.69 -8.69
N ILE P 174 -64.61 -25.92 -8.40
CA ILE P 174 -63.75 -27.08 -8.62
C ILE P 174 -63.39 -27.24 -10.09
N GLN P 175 -64.35 -27.00 -10.99
CA GLN P 175 -64.07 -27.09 -12.41
C GLN P 175 -63.06 -26.05 -12.86
N GLN P 176 -63.19 -24.82 -12.37
CA GLN P 176 -62.23 -23.77 -12.69
C GLN P 176 -60.83 -24.13 -12.20
N MET P 177 -60.73 -24.63 -10.97
CA MET P 177 -59.43 -25.05 -10.44
C MET P 177 -58.82 -26.14 -11.30
N ALA P 178 -59.62 -27.13 -11.69
CA ALA P 178 -59.10 -28.22 -12.53
C ALA P 178 -58.64 -27.69 -13.88
N ARG P 179 -59.43 -26.81 -14.50
CA ARG P 179 -59.06 -26.23 -15.78
C ARG P 179 -57.77 -25.45 -15.70
N ASN P 180 -57.56 -24.72 -14.61
CA ASN P 180 -56.33 -23.95 -14.46
C ASN P 180 -55.13 -24.86 -14.20
N LEU P 181 -55.31 -25.91 -13.39
CA LEU P 181 -54.19 -26.76 -13.04
C LEU P 181 -53.75 -27.61 -14.22
N ARG P 182 -54.69 -28.06 -15.06
CA ARG P 182 -54.31 -28.90 -16.19
C ARG P 182 -53.43 -28.15 -17.18
N THR P 183 -53.54 -26.82 -17.22
CA THR P 183 -52.70 -26.01 -18.07
C THR P 183 -51.42 -25.57 -17.37
N VAL P 184 -51.49 -25.29 -16.06
CA VAL P 184 -50.28 -24.96 -15.34
C VAL P 184 -49.29 -26.10 -15.38
N LEU P 185 -49.79 -27.34 -15.34
CA LEU P 185 -48.88 -28.49 -15.41
C LEU P 185 -48.20 -28.58 -16.77
N ASP P 186 -48.96 -28.45 -17.85
CA ASP P 186 -48.38 -28.54 -19.19
C ASP P 186 -47.48 -27.35 -19.51
N SER P 187 -47.62 -26.26 -18.76
CA SER P 187 -46.71 -25.14 -18.95
C SER P 187 -45.25 -25.55 -18.80
N PHE P 188 -44.94 -26.45 -17.86
CA PHE P 188 -43.55 -26.87 -17.66
C PHE P 188 -43.07 -27.75 -18.81
N GLU P 189 -43.91 -28.68 -19.25
CA GLU P 189 -43.55 -29.50 -20.42
C GLU P 189 -43.29 -28.62 -21.63
N ARG P 190 -44.03 -27.52 -21.76
CA ARG P 190 -43.81 -26.63 -22.89
C ARG P 190 -42.56 -25.78 -22.71
N GLY P 191 -42.31 -25.25 -21.51
CA GLY P 191 -41.14 -24.42 -21.28
C GLY P 191 -39.83 -25.17 -21.26
N THR P 192 -39.88 -26.49 -21.11
CA THR P 192 -38.66 -27.26 -21.28
C THR P 192 -38.04 -27.03 -22.65
N ALA P 193 -38.87 -27.00 -23.69
CA ALA P 193 -38.39 -26.83 -25.06
C ALA P 193 -38.04 -25.39 -25.39
N ASP P 194 -38.36 -24.44 -24.51
CA ASP P 194 -37.88 -23.08 -24.68
C ASP P 194 -36.59 -22.84 -23.90
N GLN P 195 -36.43 -23.53 -22.77
CA GLN P 195 -35.12 -23.57 -22.11
C GLN P 195 -34.07 -24.16 -23.04
N LEU P 196 -34.34 -25.35 -23.55
CA LEU P 196 -33.65 -25.80 -24.74
C LEU P 196 -34.06 -24.90 -25.90
N LEU P 197 -33.25 -24.90 -26.96
CA LEU P 197 -33.47 -23.97 -28.06
C LEU P 197 -33.44 -22.53 -27.51
N GLY P 198 -32.26 -22.17 -27.06
CA GLY P 198 -32.07 -20.92 -26.35
C GLY P 198 -31.02 -21.07 -25.27
N VAL P 199 -30.79 -22.30 -24.82
CA VAL P 199 -29.49 -22.65 -24.27
C VAL P 199 -28.44 -22.88 -25.35
N LEU P 200 -28.85 -23.14 -26.60
CA LEU P 200 -27.91 -23.48 -27.66
C LEU P 200 -27.50 -22.30 -28.52
N LEU P 201 -28.25 -21.20 -28.47
CA LEU P 201 -27.89 -20.04 -29.28
C LEU P 201 -26.67 -19.33 -28.73
N GLU P 202 -26.34 -19.55 -27.46
CA GLU P 202 -25.14 -18.98 -26.86
C GLU P 202 -23.95 -19.92 -26.96
N LYS P 203 -24.17 -21.14 -27.46
CA LYS P 203 -23.08 -22.07 -27.71
C LYS P 203 -22.73 -22.16 -29.19
N ALA P 204 -23.70 -21.96 -30.08
CA ALA P 204 -23.46 -22.09 -31.52
C ALA P 204 -22.75 -20.84 -32.05
N PRO P 205 -21.56 -20.97 -32.63
CA PRO P 205 -20.91 -19.84 -33.27
C PRO P 205 -21.33 -19.73 -34.73
N PRO P 206 -21.01 -18.61 -35.40
CA PRO P 206 -21.45 -18.43 -36.78
C PRO P 206 -20.77 -19.39 -37.75
N LEU P 207 -21.57 -19.85 -38.72
CA LEU P 207 -21.06 -20.78 -39.73
C LEU P 207 -20.02 -20.14 -40.64
N SER P 208 -20.22 -18.87 -41.00
CA SER P 208 -19.26 -18.20 -41.87
C SER P 208 -17.87 -18.16 -41.28
N LEU P 209 -17.76 -18.17 -39.95
CA LEU P 209 -16.47 -18.27 -39.28
C LEU P 209 -16.03 -19.70 -39.02
N LEU P 210 -16.98 -20.58 -38.70
CA LEU P 210 -16.58 -21.95 -38.34
C LEU P 210 -16.17 -22.78 -39.54
N SER P 211 -16.69 -22.49 -40.74
CA SER P 211 -16.41 -23.36 -41.88
C SER P 211 -14.97 -23.25 -42.39
N PRO P 212 -14.40 -22.06 -42.61
CA PRO P 212 -13.02 -22.03 -43.10
C PRO P 212 -12.01 -22.41 -42.03
N ILE P 213 -12.30 -22.10 -40.76
CA ILE P 213 -11.46 -22.61 -39.67
C ILE P 213 -11.43 -24.13 -39.68
N ASN P 214 -12.56 -24.75 -39.98
CA ASN P 214 -12.62 -26.21 -40.02
C ASN P 214 -11.99 -26.77 -41.30
N LYS P 215 -11.98 -25.98 -42.37
CA LYS P 215 -11.27 -26.41 -43.57
C LYS P 215 -9.75 -26.39 -43.36
N PHE P 216 -9.24 -25.34 -42.72
CA PHE P 216 -7.80 -25.16 -42.55
C PHE P 216 -7.37 -25.73 -41.21
N GLN P 217 -6.94 -26.99 -41.20
CA GLN P 217 -6.40 -27.63 -40.00
C GLN P 217 -5.11 -28.38 -40.31
N PRO P 218 -4.02 -27.67 -40.63
CA PRO P 218 -2.75 -28.38 -40.84
C PRO P 218 -2.19 -28.94 -39.54
N GLU P 219 -2.12 -28.10 -38.50
CA GLU P 219 -1.67 -28.54 -37.19
C GLU P 219 -2.46 -27.92 -36.05
N GLY P 220 -3.54 -27.20 -36.32
CA GLY P 220 -4.26 -26.50 -35.28
C GLY P 220 -3.67 -25.13 -34.99
N HIS P 221 -2.42 -25.11 -34.53
CA HIS P 221 -1.71 -23.86 -34.28
C HIS P 221 -0.97 -23.43 -35.54
N LEU P 222 -1.06 -22.14 -35.86
CA LEU P 222 -0.47 -21.61 -37.08
C LEU P 222 0.54 -20.51 -36.75
N ASN P 223 1.34 -20.17 -37.74
CA ASN P 223 2.30 -19.08 -37.61
C ASN P 223 1.61 -17.77 -38.01
N ARG P 224 2.33 -16.66 -37.88
CA ARG P 224 1.73 -15.35 -38.10
C ARG P 224 1.31 -15.16 -39.56
N VAL P 225 2.13 -15.65 -40.49
CA VAL P 225 1.82 -15.48 -41.91
C VAL P 225 0.53 -16.21 -42.26
N ALA P 226 0.44 -17.48 -41.87
CA ALA P 226 -0.77 -18.25 -42.14
C ALA P 226 -1.98 -17.65 -41.43
N ARG P 227 -1.79 -17.15 -40.21
CA ARG P 227 -2.91 -16.57 -39.47
C ARG P 227 -3.43 -15.32 -40.19
N ALA P 228 -2.53 -14.48 -40.70
CA ALA P 228 -2.97 -13.29 -41.42
C ALA P 228 -3.66 -13.67 -42.74
N ALA P 229 -3.11 -14.66 -43.44
CA ALA P 229 -3.75 -15.11 -44.68
C ALA P 229 -5.13 -15.67 -44.40
N LEU P 230 -5.32 -16.32 -43.26
CA LEU P 230 -6.63 -16.88 -42.94
C LEU P 230 -7.60 -15.81 -42.46
N LEU P 231 -7.10 -14.80 -41.75
CA LEU P 231 -7.97 -13.71 -41.33
C LEU P 231 -8.48 -12.91 -42.51
N SER P 232 -7.64 -12.72 -43.53
CA SER P 232 -8.13 -12.05 -44.73
C SER P 232 -9.28 -12.81 -45.38
N ASP P 233 -9.15 -14.13 -45.48
CA ASP P 233 -10.23 -14.94 -46.04
C ASP P 233 -11.47 -14.90 -45.17
N LEU P 234 -11.29 -14.90 -43.85
CA LEU P 234 -12.43 -14.79 -42.93
C LEU P 234 -13.18 -13.49 -43.17
N LYS P 235 -12.46 -12.38 -43.26
CA LYS P 235 -13.08 -11.09 -43.54
C LYS P 235 -13.85 -11.13 -44.85
N ARG P 236 -13.22 -11.66 -45.90
CA ARG P 236 -13.89 -11.75 -47.20
C ARG P 236 -15.16 -12.58 -47.13
N ARG P 237 -15.11 -13.72 -46.44
CA ARG P 237 -16.28 -14.60 -46.36
C ARG P 237 -17.40 -13.94 -45.58
N VAL P 238 -17.07 -13.25 -44.49
CA VAL P 238 -18.11 -12.63 -43.69
C VAL P 238 -18.74 -11.47 -44.44
N CYS P 239 -17.96 -10.73 -45.22
CA CYS P 239 -18.53 -9.60 -45.95
C CYS P 239 -19.55 -10.05 -46.99
N ALA P 240 -19.37 -11.24 -47.56
CA ALA P 240 -20.21 -11.70 -48.66
C ALA P 240 -21.33 -12.62 -48.21
N ASP P 241 -21.03 -13.69 -47.47
CA ASP P 241 -22.03 -14.70 -47.14
C ASP P 241 -22.88 -14.26 -45.95
N MET P 242 -23.67 -13.21 -46.17
CA MET P 242 -24.51 -12.66 -45.12
C MET P 242 -25.91 -13.26 -45.14
N PHE P 243 -26.59 -13.19 -46.28
CA PHE P 243 -27.96 -13.70 -46.42
C PHE P 243 -28.00 -14.65 -47.62
N PHE P 244 -28.10 -15.94 -47.36
CA PHE P 244 -28.15 -16.91 -48.45
C PHE P 244 -29.53 -16.96 -49.08
N MET P 245 -30.56 -17.18 -48.26
CA MET P 245 -31.91 -17.37 -48.78
C MET P 245 -32.46 -16.12 -49.47
N THR P 246 -31.84 -14.96 -49.25
CA THR P 246 -32.35 -13.75 -49.87
C THR P 246 -31.57 -13.39 -51.14
N ARG P 247 -30.24 -13.39 -51.07
CA ARG P 247 -29.44 -13.06 -52.24
C ARG P 247 -29.53 -14.16 -53.29
N HIS P 248 -29.16 -15.38 -52.93
CA HIS P 248 -29.25 -16.51 -53.84
C HIS P 248 -30.60 -17.21 -53.72
N ALA P 249 -31.68 -16.43 -53.82
CA ALA P 249 -33.01 -17.00 -53.74
C ALA P 249 -33.41 -17.68 -55.04
N ARG P 250 -32.95 -17.16 -56.17
CA ARG P 250 -33.27 -17.77 -57.46
C ARG P 250 -32.52 -19.09 -57.62
N GLU P 251 -31.21 -19.06 -57.50
CA GLU P 251 -30.38 -20.25 -57.67
C GLU P 251 -30.63 -21.23 -56.54
N PRO P 252 -31.14 -22.43 -56.80
CA PRO P 252 -31.46 -23.38 -55.73
C PRO P 252 -30.39 -24.42 -55.42
N ARG P 253 -29.20 -24.34 -56.02
CA ARG P 253 -28.14 -25.29 -55.71
C ARG P 253 -27.09 -24.74 -54.77
N LEU P 254 -26.85 -23.43 -54.80
CA LEU P 254 -26.00 -22.83 -53.79
C LEU P 254 -26.56 -23.08 -52.40
N ILE P 255 -27.89 -23.11 -52.26
CA ILE P 255 -28.50 -23.34 -50.96
C ILE P 255 -28.21 -24.76 -50.47
N SER P 256 -28.34 -25.75 -51.35
CA SER P 256 -28.02 -27.12 -50.97
C SER P 256 -26.54 -27.27 -50.64
N ALA P 257 -25.67 -26.60 -51.40
CA ALA P 257 -24.25 -26.63 -51.09
C ALA P 257 -23.96 -26.04 -49.71
N TYR P 258 -24.57 -24.90 -49.40
CA TYR P 258 -24.38 -24.28 -48.10
C TYR P 258 -24.89 -25.17 -46.98
N LEU P 259 -26.05 -25.83 -47.20
CA LEU P 259 -26.57 -26.72 -46.18
C LEU P 259 -25.65 -27.90 -45.94
N SER P 260 -25.13 -28.50 -47.01
CA SER P 260 -24.20 -29.60 -46.86
C SER P 260 -22.94 -29.16 -46.14
N ASP P 261 -22.43 -27.97 -46.45
CA ASP P 261 -21.23 -27.47 -45.78
C ASP P 261 -21.50 -27.23 -44.30
N MET P 262 -22.65 -26.65 -43.97
CA MET P 262 -23.01 -26.43 -42.58
C MET P 262 -23.12 -27.75 -41.82
N VAL P 263 -23.72 -28.76 -42.46
CA VAL P 263 -23.87 -30.05 -41.81
C VAL P 263 -22.51 -30.69 -41.55
N SER P 264 -21.65 -30.69 -42.56
CA SER P 264 -20.31 -31.27 -42.42
C SER P 264 -19.32 -30.26 -41.88
N CYS P 265 -19.67 -29.61 -40.77
CA CYS P 265 -18.81 -28.59 -40.17
C CYS P 265 -18.56 -28.87 -38.69
N THR P 266 -19.57 -29.39 -38.01
CA THR P 266 -19.47 -29.63 -36.58
C THR P 266 -18.89 -31.02 -36.32
N GLN P 267 -18.62 -31.29 -35.04
CA GLN P 267 -18.03 -32.56 -34.62
C GLN P 267 -19.00 -33.34 -33.77
N PRO P 268 -19.03 -34.66 -33.90
CA PRO P 268 -19.94 -35.48 -33.09
C PRO P 268 -19.48 -35.56 -31.65
N SER P 269 -20.31 -36.19 -30.82
CA SER P 269 -20.03 -36.33 -29.40
C SER P 269 -20.11 -37.79 -28.98
N VAL P 270 -20.12 -38.03 -27.66
CA VAL P 270 -20.20 -39.39 -27.15
C VAL P 270 -21.42 -40.11 -27.70
N MET P 271 -21.32 -41.45 -27.78
CA MET P 271 -22.34 -42.24 -28.46
C MET P 271 -22.99 -43.30 -27.58
N VAL P 272 -22.70 -43.31 -26.28
CA VAL P 272 -23.25 -44.35 -25.41
C VAL P 272 -24.77 -44.20 -25.34
N SER P 273 -25.47 -45.29 -25.67
CA SER P 273 -26.93 -45.28 -25.71
C SER P 273 -27.41 -46.70 -25.94
N ARG P 274 -28.64 -46.96 -25.48
CA ARG P 274 -29.33 -48.22 -25.73
C ARG P 274 -30.37 -48.09 -26.82
N ILE P 275 -31.27 -47.11 -26.70
CA ILE P 275 -32.26 -46.81 -27.72
C ILE P 275 -32.15 -45.33 -28.06
N THR P 276 -32.33 -45.02 -29.35
CA THR P 276 -32.25 -43.64 -29.80
C THR P 276 -33.26 -43.44 -30.93
N HIS P 277 -33.37 -42.20 -31.38
CA HIS P 277 -34.32 -41.87 -32.44
C HIS P 277 -33.88 -42.53 -33.75
N THR P 278 -34.83 -43.20 -34.41
CA THR P 278 -34.55 -43.87 -35.67
C THR P 278 -35.78 -43.79 -36.57
N ASN P 279 -35.56 -44.02 -37.85
CA ASN P 279 -36.62 -44.00 -38.83
C ASN P 279 -37.34 -45.35 -38.82
N THR P 280 -38.24 -45.55 -39.79
CA THR P 280 -38.98 -46.81 -39.85
C THR P 280 -38.08 -47.95 -40.29
N ARG P 281 -37.12 -47.68 -41.17
CA ARG P 281 -36.21 -48.73 -41.64
C ARG P 281 -35.28 -49.18 -40.52
N GLY P 282 -34.65 -48.23 -39.84
CA GLY P 282 -33.71 -48.55 -38.79
C GLY P 282 -32.50 -47.64 -38.76
N ARG P 283 -32.39 -46.77 -39.76
CA ARG P 283 -31.27 -45.84 -39.81
C ARG P 283 -31.39 -44.81 -38.70
N GLN P 284 -30.27 -44.53 -38.04
CA GLN P 284 -30.24 -43.59 -36.94
C GLN P 284 -30.22 -42.15 -37.46
N VAL P 285 -30.85 -41.25 -36.71
CA VAL P 285 -30.79 -39.84 -37.04
C VAL P 285 -29.53 -39.23 -36.43
N ASP P 286 -29.14 -38.07 -36.94
CA ASP P 286 -27.87 -37.46 -36.57
C ASP P 286 -28.03 -36.09 -35.92
N GLY P 287 -28.75 -35.17 -36.56
CA GLY P 287 -28.83 -33.81 -36.06
C GLY P 287 -30.23 -33.24 -36.20
N VAL P 288 -30.36 -31.97 -35.84
CA VAL P 288 -31.62 -31.24 -35.92
C VAL P 288 -31.40 -29.93 -36.66
N LEU P 289 -32.36 -29.56 -37.50
CA LEU P 289 -32.37 -28.26 -38.17
C LEU P 289 -33.63 -27.54 -37.71
N VAL P 290 -33.46 -26.53 -36.87
CA VAL P 290 -34.57 -25.77 -36.32
C VAL P 290 -34.67 -24.45 -37.06
N THR P 291 -35.87 -24.13 -37.54
CA THR P 291 -36.03 -22.90 -38.32
C THR P 291 -37.44 -22.34 -38.25
N THR P 292 -37.71 -21.32 -39.05
CA THR P 292 -39.03 -20.73 -39.19
C THR P 292 -39.82 -21.51 -40.25
N ALA P 293 -41.14 -21.40 -40.18
CA ALA P 293 -41.99 -22.10 -41.13
C ALA P 293 -41.76 -21.61 -42.55
N THR P 294 -41.46 -20.32 -42.73
CA THR P 294 -41.19 -19.80 -44.06
C THR P 294 -39.97 -20.48 -44.68
N LEU P 295 -38.85 -20.51 -43.95
CA LEU P 295 -37.66 -21.19 -44.46
C LEU P 295 -37.89 -22.69 -44.60
N LYS P 296 -38.68 -23.28 -43.70
CA LYS P 296 -38.98 -24.71 -43.83
C LYS P 296 -39.67 -24.99 -45.14
N ARG P 297 -40.69 -24.18 -45.48
CA ARG P 297 -41.41 -24.36 -46.73
C ARG P 297 -40.50 -24.12 -47.92
N GLN P 298 -39.68 -23.07 -47.86
CA GLN P 298 -38.77 -22.76 -48.95
C GLN P 298 -37.75 -23.87 -49.17
N LEU P 299 -37.36 -24.55 -48.11
CA LEU P 299 -36.43 -25.67 -48.24
C LEU P 299 -37.12 -26.94 -48.72
N LEU P 300 -38.35 -27.19 -48.26
CA LEU P 300 -39.05 -28.42 -48.60
C LEU P 300 -39.66 -28.39 -49.98
N GLN P 301 -39.88 -27.22 -50.57
CA GLN P 301 -40.49 -27.21 -51.90
C GLN P 301 -39.61 -27.89 -52.94
N GLY P 302 -38.37 -27.45 -53.10
CA GLY P 302 -37.53 -28.04 -54.13
C GLY P 302 -36.05 -28.18 -53.81
N ILE P 303 -35.64 -27.79 -52.60
CA ILE P 303 -34.22 -27.80 -52.26
C ILE P 303 -33.86 -29.13 -51.62
N LEU P 304 -34.52 -29.47 -50.52
CA LEU P 304 -34.29 -30.74 -49.84
C LEU P 304 -35.37 -31.74 -50.23
N GLN P 305 -35.07 -33.01 -49.98
CA GLN P 305 -35.99 -34.10 -50.26
C GLN P 305 -36.33 -34.83 -48.97
N ILE P 306 -37.61 -35.11 -48.77
CA ILE P 306 -38.05 -35.79 -47.56
C ILE P 306 -37.73 -37.27 -47.66
N ASP P 307 -37.21 -37.83 -46.57
CA ASP P 307 -36.90 -39.24 -46.50
C ASP P 307 -37.99 -40.06 -45.83
N ASP P 308 -38.53 -39.59 -44.71
CA ASP P 308 -39.57 -40.30 -44.00
C ASP P 308 -40.45 -39.30 -43.27
N THR P 309 -41.67 -39.72 -42.98
CA THR P 309 -42.63 -38.87 -42.29
C THR P 309 -42.91 -39.30 -40.86
N ALA P 310 -42.55 -40.52 -40.49
CA ALA P 310 -42.72 -41.02 -39.13
C ALA P 310 -41.41 -41.58 -38.63
N ALA P 311 -41.25 -41.58 -37.31
CA ALA P 311 -40.01 -42.05 -36.70
C ALA P 311 -40.32 -42.67 -35.35
N ASP P 312 -39.33 -43.34 -34.79
CA ASP P 312 -39.41 -43.98 -33.48
C ASP P 312 -38.63 -43.14 -32.48
N VAL P 313 -39.19 -42.98 -31.29
CA VAL P 313 -38.61 -42.08 -30.28
C VAL P 313 -38.74 -42.74 -28.90
N PRO P 314 -37.72 -42.65 -28.05
CA PRO P 314 -37.85 -43.20 -26.69
C PRO P 314 -38.91 -42.46 -25.90
N VAL P 315 -39.31 -43.09 -24.79
CA VAL P 315 -40.41 -42.57 -23.98
C VAL P 315 -40.01 -42.59 -22.50
N THR P 316 -38.73 -42.82 -22.23
CA THR P 316 -38.23 -42.96 -20.87
C THR P 316 -37.33 -41.78 -20.52
N TYR P 317 -37.34 -41.41 -19.24
CA TYR P 317 -36.50 -40.33 -18.73
C TYR P 317 -35.17 -40.82 -18.19
N GLY P 318 -35.13 -41.98 -17.55
CA GLY P 318 -33.89 -42.50 -17.03
C GLY P 318 -33.42 -41.79 -15.78
N GLU P 319 -34.16 -41.94 -14.68
CA GLU P 319 -33.83 -41.28 -13.43
C GLU P 319 -32.58 -41.91 -12.81
N MET P 320 -32.13 -41.30 -11.71
CA MET P 320 -30.99 -41.81 -10.96
C MET P 320 -31.04 -41.23 -9.55
N VAL P 321 -30.61 -42.04 -8.59
CA VAL P 321 -30.65 -41.66 -7.18
C VAL P 321 -29.46 -42.29 -6.47
N LEU P 322 -29.05 -41.67 -5.36
CA LEU P 322 -27.93 -42.15 -4.57
C LEU P 322 -28.44 -42.97 -3.40
N GLN P 323 -27.88 -44.17 -3.24
CA GLN P 323 -28.27 -45.08 -2.17
C GLN P 323 -27.04 -45.88 -1.76
N GLY P 324 -27.25 -46.81 -0.84
CA GLY P 324 -26.17 -47.70 -0.42
C GLY P 324 -25.02 -46.93 0.19
N THR P 325 -23.79 -47.25 -0.23
CA THR P 325 -22.59 -46.61 0.27
C THR P 325 -22.41 -45.20 -0.25
N ASN P 326 -23.26 -44.76 -1.17
CA ASN P 326 -23.16 -43.40 -1.69
C ASN P 326 -23.71 -42.38 -0.72
N LEU P 327 -24.75 -42.74 0.05
CA LEU P 327 -25.31 -41.83 1.03
C LEU P 327 -24.39 -41.66 2.24
N VAL P 328 -23.71 -42.73 2.64
CA VAL P 328 -22.85 -42.66 3.82
C VAL P 328 -21.56 -41.90 3.54
N THR P 329 -21.10 -41.86 2.29
CA THR P 329 -19.87 -41.16 1.95
C THR P 329 -20.11 -39.70 1.61
N ALA P 330 -21.36 -39.29 1.44
CA ALA P 330 -21.70 -37.91 1.15
C ALA P 330 -22.05 -37.12 2.40
N LEU P 331 -21.98 -37.76 3.57
CA LEU P 331 -22.26 -37.10 4.84
C LEU P 331 -21.06 -37.02 5.74
N VAL P 332 -20.15 -37.99 5.69
CA VAL P 332 -18.95 -37.95 6.52
C VAL P 332 -17.73 -37.45 5.76
N MET P 333 -17.76 -37.48 4.42
CA MET P 333 -16.67 -36.97 3.61
C MET P 333 -17.10 -35.77 2.77
N GLY P 334 -18.21 -35.89 2.04
CA GLY P 334 -18.70 -34.80 1.23
C GLY P 334 -18.46 -35.01 -0.25
N LYS P 335 -18.41 -36.26 -0.69
CA LYS P 335 -18.18 -36.59 -2.09
C LYS P 335 -19.08 -37.76 -2.48
N ALA P 336 -19.21 -37.97 -3.78
CA ALA P 336 -20.06 -39.03 -4.30
C ALA P 336 -19.67 -39.34 -5.74
N VAL P 337 -19.94 -40.57 -6.16
CA VAL P 337 -19.65 -41.04 -7.51
C VAL P 337 -20.83 -41.86 -8.01
N ARG P 338 -21.20 -41.68 -9.27
CA ARG P 338 -22.26 -42.48 -9.87
C ARG P 338 -21.83 -43.94 -9.98
N GLY P 339 -22.81 -44.82 -10.01
CA GLY P 339 -22.57 -46.24 -10.19
C GLY P 339 -22.15 -46.93 -8.91
N MET P 340 -20.90 -46.71 -8.50
CA MET P 340 -20.35 -47.35 -7.29
C MET P 340 -20.43 -48.86 -7.36
N ASP P 341 -20.21 -49.41 -8.56
CA ASP P 341 -20.20 -50.86 -8.77
C ASP P 341 -18.90 -51.32 -9.41
N ASP P 342 -17.87 -50.49 -9.42
CA ASP P 342 -16.60 -50.84 -10.03
C ASP P 342 -15.88 -51.85 -9.16
N VAL P 343 -15.50 -52.99 -9.75
CA VAL P 343 -14.76 -54.00 -9.01
C VAL P 343 -13.25 -53.82 -9.19
N ALA P 344 -12.80 -53.34 -10.34
CA ALA P 344 -11.38 -53.11 -10.58
C ALA P 344 -10.90 -51.87 -9.84
N ASN P 377 -40.21 -46.81 -27.22
CA ASN P 377 -40.40 -46.56 -28.64
C ASN P 377 -41.84 -46.22 -28.96
N ALA P 378 -42.04 -45.37 -29.97
CA ALA P 378 -43.39 -44.97 -30.37
C ALA P 378 -43.31 -44.35 -31.76
N ARG P 379 -44.15 -44.84 -32.66
CA ARG P 379 -44.25 -44.26 -34.00
C ARG P 379 -44.85 -42.86 -33.89
N VAL P 380 -44.05 -41.84 -34.22
CA VAL P 380 -44.44 -40.45 -34.07
C VAL P 380 -44.26 -39.76 -35.41
N PRO P 381 -45.25 -39.01 -35.90
CA PRO P 381 -45.08 -38.31 -37.18
C PRO P 381 -44.07 -37.17 -37.05
N ALA P 382 -43.04 -37.20 -37.90
CA ALA P 382 -42.01 -36.18 -37.89
C ALA P 382 -41.26 -36.22 -39.21
N ASP P 383 -41.05 -35.06 -39.81
CA ASP P 383 -40.38 -34.99 -41.11
C ASP P 383 -38.91 -35.34 -40.96
N LEU P 384 -38.38 -36.03 -41.98
CA LEU P 384 -36.97 -36.39 -42.02
C LEU P 384 -36.43 -36.13 -43.41
N VAL P 385 -35.30 -35.44 -43.50
CA VAL P 385 -34.67 -35.12 -44.77
C VAL P 385 -33.28 -35.72 -44.78
N ILE P 386 -32.70 -35.77 -45.98
CA ILE P 386 -31.35 -36.30 -46.17
C ILE P 386 -30.51 -35.17 -46.78
N VAL P 387 -29.73 -34.50 -45.94
CA VAL P 387 -28.80 -33.48 -46.38
C VAL P 387 -27.39 -34.03 -46.23
N GLY P 388 -26.54 -33.74 -47.21
CA GLY P 388 -25.23 -34.34 -47.26
C GLY P 388 -25.34 -35.84 -47.42
N ASP P 389 -24.89 -36.59 -46.41
CA ASP P 389 -25.13 -38.03 -46.36
C ASP P 389 -25.85 -38.44 -45.08
N LYS P 390 -26.33 -37.48 -44.30
CA LYS P 390 -26.88 -37.73 -42.99
C LYS P 390 -28.40 -37.62 -43.01
N LEU P 391 -29.02 -38.16 -41.96
CA LEU P 391 -30.46 -38.13 -41.80
C LEU P 391 -30.76 -37.28 -40.56
N VAL P 392 -31.35 -36.11 -40.77
CA VAL P 392 -31.55 -35.15 -39.70
C VAL P 392 -33.03 -34.83 -39.56
N PHE P 393 -33.40 -34.46 -38.34
CA PHE P 393 -34.74 -33.96 -38.07
C PHE P 393 -34.86 -32.51 -38.55
N LEU P 394 -36.08 -32.13 -38.94
CA LEU P 394 -36.36 -30.77 -39.37
C LEU P 394 -37.55 -30.25 -38.56
N GLU P 395 -37.33 -29.19 -37.79
CA GLU P 395 -38.36 -28.64 -36.92
C GLU P 395 -38.59 -27.17 -37.28
N ALA P 396 -39.85 -26.75 -37.23
CA ALA P 396 -40.24 -25.37 -37.44
C ALA P 396 -41.33 -24.99 -36.44
N LEU P 397 -41.11 -25.35 -35.17
CA LEU P 397 -42.16 -25.21 -34.17
C LEU P 397 -42.58 -23.76 -33.97
N GLU P 398 -43.81 -23.45 -34.40
CA GLU P 398 -44.46 -22.18 -34.09
C GLU P 398 -45.92 -22.33 -33.72
N ARG P 399 -46.56 -23.48 -33.99
CA ARG P 399 -47.93 -23.71 -33.59
C ARG P 399 -48.04 -24.60 -32.37
N ARG P 400 -47.15 -25.58 -32.21
CA ARG P 400 -47.15 -26.38 -30.99
C ARG P 400 -46.66 -25.56 -29.80
N VAL P 401 -45.61 -24.76 -29.99
CA VAL P 401 -45.07 -23.89 -28.97
C VAL P 401 -45.06 -22.47 -29.51
N TYR P 402 -45.08 -21.49 -28.60
CA TYR P 402 -45.07 -20.08 -28.94
C TYR P 402 -46.32 -19.63 -29.67
N GLN P 403 -47.40 -20.40 -29.59
CA GLN P 403 -48.65 -20.06 -30.25
C GLN P 403 -49.64 -19.58 -29.21
N ALA P 404 -50.26 -18.42 -29.47
CA ALA P 404 -51.26 -17.84 -28.58
C ALA P 404 -50.72 -17.61 -27.17
N THR P 405 -49.44 -17.30 -27.06
CA THR P 405 -48.83 -16.92 -25.81
C THR P 405 -48.37 -15.46 -25.89
N ARG P 406 -47.69 -15.01 -24.85
CA ARG P 406 -47.20 -13.64 -24.78
C ARG P 406 -45.69 -13.56 -24.88
N VAL P 407 -45.03 -14.63 -25.30
CA VAL P 407 -43.58 -14.66 -25.46
C VAL P 407 -43.24 -14.66 -26.94
N ALA P 408 -42.11 -14.08 -27.28
CA ALA P 408 -41.68 -13.98 -28.67
C ALA P 408 -40.92 -15.23 -29.09
N TYR P 409 -40.98 -15.50 -30.38
CA TYR P 409 -40.26 -16.65 -30.92
C TYR P 409 -38.81 -16.30 -31.14
N PRO P 410 -37.87 -17.10 -30.64
CA PRO P 410 -36.45 -16.88 -30.98
C PRO P 410 -36.18 -17.19 -32.44
N LEU P 411 -34.90 -17.12 -32.84
CA LEU P 411 -34.49 -17.22 -34.24
C LEU P 411 -34.98 -16.04 -35.07
N ILE P 412 -35.39 -14.96 -34.41
CA ILE P 412 -35.80 -13.73 -35.06
C ILE P 412 -34.89 -12.62 -34.55
N GLY P 413 -33.62 -12.98 -34.29
CA GLY P 413 -32.68 -12.04 -33.72
C GLY P 413 -32.40 -10.85 -34.62
N ASN P 414 -31.43 -10.06 -34.19
CA ASN P 414 -31.07 -8.82 -34.87
C ASN P 414 -29.58 -8.79 -35.18
N ILE P 415 -29.25 -8.04 -36.22
CA ILE P 415 -27.87 -7.84 -36.65
C ILE P 415 -27.61 -6.36 -36.75
N ASP P 416 -26.52 -5.89 -36.14
CA ASP P 416 -26.14 -4.48 -36.17
C ASP P 416 -25.02 -4.27 -37.18
N ILE P 417 -25.12 -3.18 -37.93
CA ILE P 417 -24.17 -2.86 -39.00
C ILE P 417 -23.86 -1.37 -38.97
N THR P 418 -22.58 -1.04 -39.11
CA THR P 418 -22.15 0.35 -39.13
C THR P 418 -21.84 0.80 -40.55
N PHE P 419 -22.08 2.08 -40.80
CA PHE P 419 -21.80 2.73 -42.07
C PHE P 419 -20.95 3.97 -41.82
N ILE P 420 -20.04 4.23 -42.75
CA ILE P 420 -19.12 5.36 -42.64
C ILE P 420 -19.11 6.11 -43.97
N MET P 421 -19.16 7.45 -43.88
CA MET P 421 -19.24 8.29 -45.06
C MET P 421 -18.46 9.60 -44.92
N PRO P 422 -17.62 9.96 -45.87
CA PRO P 422 -17.00 11.28 -45.86
C PRO P 422 -17.96 12.35 -46.33
N MET P 423 -17.72 13.58 -45.88
CA MET P 423 -18.62 14.69 -46.21
C MET P 423 -17.97 15.74 -47.08
N GLY P 424 -16.85 16.33 -46.66
CA GLY P 424 -16.32 17.47 -47.37
C GLY P 424 -14.89 17.32 -47.84
N VAL P 425 -14.50 16.11 -48.25
CA VAL P 425 -13.14 15.88 -48.72
C VAL P 425 -12.95 16.56 -50.08
N PHE P 426 -11.76 17.13 -50.29
CA PHE P 426 -11.41 17.78 -51.54
C PHE P 426 -10.08 17.23 -52.00
N GLN P 427 -10.07 16.53 -53.13
CA GLN P 427 -8.85 15.95 -53.68
C GLN P 427 -7.95 17.09 -54.18
N ALA P 428 -6.90 17.39 -53.42
CA ALA P 428 -6.02 18.49 -53.75
C ALA P 428 -4.94 18.00 -54.70
N ASN P 429 -5.32 17.89 -55.97
CA ASN P 429 -4.38 17.47 -57.02
C ASN P 429 -4.99 17.83 -58.36
N SER P 430 -4.12 17.99 -59.36
CA SER P 430 -4.58 18.39 -60.68
C SER P 430 -4.79 17.23 -61.63
N MET P 431 -4.27 16.05 -61.30
CA MET P 431 -4.43 14.89 -62.17
C MET P 431 -5.68 14.08 -61.90
N ASP P 432 -6.32 14.31 -60.75
CA ASP P 432 -7.53 13.58 -60.40
C ASP P 432 -8.80 14.42 -60.52
N ARG P 433 -8.67 15.75 -60.66
CA ARG P 433 -9.83 16.60 -60.90
C ARG P 433 -10.02 16.74 -62.41
N TYR P 434 -10.40 15.62 -63.03
CA TYR P 434 -10.58 15.50 -64.46
C TYR P 434 -12.04 15.19 -64.77
N THR P 435 -12.31 14.90 -66.04
CA THR P 435 -13.62 14.41 -66.45
C THR P 435 -13.42 13.32 -67.50
N ARG P 436 -14.38 12.40 -67.58
CA ARG P 436 -14.26 11.23 -68.43
C ARG P 436 -14.75 11.47 -69.85
N HIS P 437 -15.41 12.58 -70.13
CA HIS P 437 -15.88 12.88 -71.47
C HIS P 437 -15.77 14.38 -71.69
N ALA P 438 -16.13 14.83 -72.90
CA ALA P 438 -16.00 16.24 -73.24
C ALA P 438 -17.17 17.05 -72.68
N GLY P 439 -18.37 16.78 -73.18
CA GLY P 439 -19.56 17.45 -72.69
C GLY P 439 -20.29 16.64 -71.63
N ASP P 440 -19.62 16.38 -70.51
CA ASP P 440 -20.21 15.53 -69.47
C ASP P 440 -21.48 16.17 -68.92
N PHE P 441 -21.35 17.32 -68.25
CA PHE P 441 -22.49 18.05 -67.71
C PHE P 441 -22.29 19.51 -68.08
N SER P 442 -22.76 19.89 -69.27
CA SER P 442 -22.64 21.27 -69.68
C SER P 442 -23.60 22.14 -68.88
N THR P 443 -23.32 23.45 -68.86
CA THR P 443 -24.13 24.40 -68.12
C THR P 443 -24.11 25.73 -68.84
N VAL P 444 -25.22 26.45 -68.79
CA VAL P 444 -25.30 27.75 -69.44
C VAL P 444 -24.44 28.79 -68.74
N SER P 445 -24.21 28.64 -67.44
CA SER P 445 -23.39 29.61 -66.73
C SER P 445 -21.95 29.58 -67.24
N GLU P 446 -21.25 30.69 -67.02
CA GLU P 446 -19.87 30.79 -67.47
C GLU P 446 -18.91 30.04 -66.55
N GLN P 447 -19.22 29.97 -65.26
CA GLN P 447 -18.42 29.26 -64.28
C GLN P 447 -19.13 27.97 -63.94
N ASP P 448 -18.48 26.84 -64.20
CA ASP P 448 -19.06 25.55 -63.88
C ASP P 448 -19.12 25.39 -62.37
N PRO P 449 -20.30 25.24 -61.77
CA PRO P 449 -20.40 25.06 -60.32
C PRO P 449 -20.19 23.62 -59.86
N ARG P 450 -19.15 22.98 -60.42
CA ARG P 450 -18.74 21.65 -59.99
C ARG P 450 -17.23 21.55 -59.84
N GLN P 451 -16.52 22.68 -59.87
CA GLN P 451 -15.11 22.71 -59.53
C GLN P 451 -14.86 23.16 -58.10
N PHE P 452 -15.83 23.82 -57.48
CA PHE P 452 -15.69 24.23 -56.09
C PHE P 452 -15.80 23.01 -55.17
N PRO P 453 -15.21 23.07 -53.97
CA PRO P 453 -15.25 21.92 -53.08
C PRO P 453 -16.65 21.68 -52.55
N PRO P 454 -17.08 20.43 -52.48
CA PRO P 454 -18.44 20.14 -52.00
C PRO P 454 -18.56 20.38 -50.51
N GLN P 455 -19.81 20.35 -50.05
CA GLN P 455 -20.09 20.57 -48.63
C GLN P 455 -20.95 19.48 -48.01
N GLY P 456 -21.90 18.92 -48.76
CA GLY P 456 -22.79 17.91 -48.26
C GLY P 456 -22.56 16.55 -48.91
N ILE P 457 -23.37 15.58 -48.47
CA ILE P 457 -23.35 14.23 -49.01
C ILE P 457 -24.79 13.78 -49.22
N PHE P 458 -25.02 13.02 -50.28
CA PHE P 458 -26.34 12.53 -50.65
C PHE P 458 -26.36 11.01 -50.62
N PHE P 459 -27.47 10.45 -50.15
CA PHE P 459 -27.66 9.01 -50.18
C PHE P 459 -29.15 8.71 -50.11
N TYR P 460 -29.46 7.42 -49.97
CA TYR P 460 -30.85 6.98 -49.98
C TYR P 460 -31.33 6.65 -48.57
N ASN P 461 -32.63 6.78 -48.38
CA ASN P 461 -33.25 6.56 -47.08
C ASN P 461 -33.56 5.08 -46.91
N LYS P 462 -34.33 4.74 -45.87
CA LYS P 462 -34.76 3.36 -45.68
C LYS P 462 -35.73 2.92 -46.76
N ASP P 463 -36.54 3.84 -47.28
CA ASP P 463 -37.53 3.52 -48.30
C ASP P 463 -37.15 4.06 -49.67
N GLY P 464 -35.89 4.37 -49.89
CA GLY P 464 -35.45 4.87 -51.18
C GLY P 464 -35.61 6.36 -51.39
N ILE P 465 -35.78 7.12 -50.32
CA ILE P 465 -35.89 8.57 -50.42
C ILE P 465 -34.50 9.18 -50.37
N LEU P 466 -34.30 10.26 -51.12
CA LEU P 466 -33.02 10.95 -51.13
C LEU P 466 -32.89 11.81 -49.88
N THR P 467 -31.72 11.74 -49.25
CA THR P 467 -31.43 12.53 -48.07
C THR P 467 -30.14 13.31 -48.29
N GLN P 468 -29.90 14.29 -47.41
CA GLN P 468 -28.73 15.14 -47.54
C GLN P 468 -28.15 15.45 -46.18
N LEU P 469 -26.84 15.35 -46.07
CA LEU P 469 -26.10 15.67 -44.85
C LEU P 469 -25.06 16.73 -45.19
N THR P 470 -25.37 17.98 -44.85
CA THR P 470 -24.48 19.08 -45.15
C THR P 470 -23.54 19.35 -43.98
N LEU P 471 -22.70 20.38 -44.14
CA LEU P 471 -21.78 20.74 -43.07
C LEU P 471 -22.51 21.38 -41.88
N ARG P 472 -23.65 22.02 -42.14
CA ARG P 472 -24.37 22.69 -41.06
C ARG P 472 -24.86 21.71 -40.01
N ASP P 473 -25.10 20.45 -40.39
CA ASP P 473 -25.59 19.47 -39.44
C ASP P 473 -24.54 19.05 -38.43
N ALA P 474 -23.27 19.39 -38.65
CA ALA P 474 -22.20 19.07 -37.71
C ALA P 474 -21.99 20.18 -36.69
N MET P 475 -22.94 21.10 -36.56
CA MET P 475 -22.83 22.23 -35.66
C MET P 475 -23.10 21.88 -34.21
N GLY P 476 -23.28 20.59 -33.89
CA GLY P 476 -23.59 20.20 -32.54
C GLY P 476 -22.42 19.59 -31.81
N THR P 477 -21.40 19.16 -32.56
CA THR P 477 -20.21 18.57 -31.97
C THR P 477 -18.97 19.43 -32.09
N ILE P 478 -18.93 20.34 -33.05
CA ILE P 478 -17.74 21.18 -33.24
C ILE P 478 -17.86 22.53 -32.53
N CYS P 479 -19.07 22.99 -32.23
CA CYS P 479 -19.27 24.25 -31.52
C CYS P 479 -19.54 24.04 -30.04
N HIS P 480 -18.92 23.03 -29.44
CA HIS P 480 -19.08 22.77 -28.02
C HIS P 480 -17.87 23.28 -27.26
N SER P 481 -18.04 23.43 -25.94
CA SER P 481 -16.93 23.87 -25.10
C SER P 481 -15.83 22.84 -24.98
N SER P 482 -16.08 21.60 -25.39
CA SER P 482 -15.06 20.57 -25.32
C SER P 482 -13.86 20.84 -26.22
N LEU P 483 -14.00 21.75 -27.19
CA LEU P 483 -12.90 22.08 -28.08
C LEU P 483 -11.76 22.81 -27.37
N LEU P 484 -11.98 23.29 -26.15
CA LEU P 484 -11.00 24.08 -25.42
C LEU P 484 -10.72 23.47 -24.06
N ASP P 485 -10.46 22.17 -24.04
CA ASP P 485 -10.21 21.41 -22.81
C ASP P 485 -8.88 20.66 -22.93
N VAL P 486 -7.83 21.37 -23.31
CA VAL P 486 -6.54 20.76 -23.62
C VAL P 486 -5.70 20.63 -22.36
N GLU P 487 -6.32 20.81 -21.19
CA GLU P 487 -5.58 20.78 -19.94
C GLU P 487 -5.01 19.38 -19.66
N ALA P 488 -5.85 18.35 -19.79
CA ALA P 488 -5.38 17.00 -19.57
C ALA P 488 -4.33 16.60 -20.61
N THR P 489 -4.51 17.05 -21.85
CA THR P 489 -3.52 16.76 -22.88
C THR P 489 -2.17 17.39 -22.54
N LEU P 490 -2.19 18.65 -22.11
CA LEU P 490 -0.94 19.31 -21.72
C LEU P 490 -0.29 18.61 -20.54
N VAL P 491 -1.08 18.18 -19.57
CA VAL P 491 -0.53 17.48 -18.41
C VAL P 491 0.12 16.17 -18.86
N ALA P 492 -0.57 15.40 -19.69
CA ALA P 492 -0.01 14.14 -20.17
C ALA P 492 1.25 14.35 -20.99
N LEU P 493 1.30 15.44 -21.76
CA LEU P 493 2.49 15.72 -22.55
C LEU P 493 3.66 16.11 -21.66
N ARG P 494 3.43 16.99 -20.69
CA ARG P 494 4.49 17.38 -19.76
C ARG P 494 4.97 16.22 -18.92
N GLN P 495 4.11 15.23 -18.68
CA GLN P 495 4.54 14.07 -17.89
C GLN P 495 5.75 13.39 -18.51
N GLN P 496 5.61 12.87 -19.74
CA GLN P 496 6.70 12.16 -20.37
C GLN P 496 7.88 13.10 -20.65
N HIS P 497 9.06 12.52 -20.79
CA HIS P 497 10.29 13.29 -20.90
C HIS P 497 10.51 13.70 -22.36
N LEU P 498 10.54 15.01 -22.60
CA LEU P 498 10.78 15.56 -23.93
C LEU P 498 11.82 16.67 -23.81
N ASP P 499 13.01 16.43 -24.34
CA ASP P 499 14.07 17.44 -24.35
C ASP P 499 14.16 18.07 -25.74
N ARG P 500 14.39 19.38 -25.75
CA ARG P 500 14.48 20.12 -27.01
C ARG P 500 15.22 21.42 -26.78
N GLN P 501 15.79 21.94 -27.86
CA GLN P 501 16.53 23.20 -27.84
C GLN P 501 15.96 24.11 -28.92
N CYS P 502 16.69 25.18 -29.25
CA CYS P 502 16.28 26.13 -30.28
C CYS P 502 14.95 26.79 -29.90
N TYR P 503 15.03 27.58 -28.83
CA TYR P 503 13.91 28.35 -28.32
C TYR P 503 13.78 29.72 -29.00
N PHE P 504 14.25 29.83 -30.24
CA PHE P 504 14.27 31.12 -30.92
C PHE P 504 12.87 31.64 -31.17
N GLY P 505 12.03 30.85 -31.85
CA GLY P 505 10.73 31.33 -32.26
C GLY P 505 9.63 31.14 -31.24
N VAL P 506 9.99 30.99 -29.97
CA VAL P 506 8.99 30.83 -28.92
C VAL P 506 9.28 31.78 -27.77
N TYR P 507 10.42 32.46 -27.82
CA TYR P 507 10.83 33.37 -26.76
C TYR P 507 10.56 34.81 -27.17
N VAL P 508 10.14 35.62 -26.19
CA VAL P 508 9.87 37.04 -26.40
C VAL P 508 10.68 37.83 -25.37
N ALA P 509 11.11 39.02 -25.78
CA ALA P 509 11.90 39.88 -24.90
C ALA P 509 11.36 41.30 -24.89
N GLU P 510 12.11 42.23 -24.30
CA GLU P 510 11.70 43.63 -24.25
C GLU P 510 12.77 44.52 -24.86
N GLY P 511 12.57 45.84 -24.80
CA GLY P 511 13.48 46.80 -25.39
C GLY P 511 14.34 47.47 -24.33
N THR P 512 15.58 47.78 -24.71
CA THR P 512 16.55 48.42 -23.80
C THR P 512 16.72 49.90 -24.07
N GLU P 513 15.70 50.54 -24.65
CA GLU P 513 15.64 51.99 -24.87
C GLU P 513 16.68 52.49 -25.87
N ASP P 514 17.42 51.60 -26.52
CA ASP P 514 18.22 52.02 -27.66
C ASP P 514 17.31 52.37 -28.83
N THR P 515 17.89 52.96 -29.88
CA THR P 515 17.01 53.51 -30.92
C THR P 515 16.43 52.39 -31.79
N LEU P 516 17.25 51.82 -32.68
CA LEU P 516 16.92 50.52 -33.26
C LEU P 516 18.17 49.70 -33.51
N ASP P 517 19.29 50.36 -33.74
CA ASP P 517 20.43 49.72 -34.40
C ASP P 517 21.28 48.90 -33.43
N VAL P 518 21.52 49.42 -32.23
CA VAL P 518 22.22 48.63 -31.22
C VAL P 518 21.46 47.33 -30.96
N GLN P 519 20.15 47.44 -30.81
CA GLN P 519 19.33 46.26 -30.56
C GLN P 519 19.33 45.30 -31.74
N MET P 520 19.27 45.83 -32.97
CA MET P 520 19.31 44.96 -34.14
C MET P 520 20.64 44.21 -34.23
N GLY P 521 21.74 44.90 -33.96
CA GLY P 521 23.04 44.24 -33.97
C GLY P 521 23.17 43.18 -32.88
N ARG P 522 22.67 43.48 -31.69
CA ARG P 522 22.68 42.50 -30.61
C ARG P 522 21.85 41.28 -30.99
N PHE P 523 20.67 41.51 -31.58
CA PHE P 523 19.82 40.40 -31.98
C PHE P 523 20.48 39.58 -33.08
N MET P 524 21.15 40.25 -34.02
CA MET P 524 21.83 39.51 -35.08
C MET P 524 22.89 38.59 -34.49
N GLU P 525 23.74 39.13 -33.62
CA GLU P 525 24.78 38.33 -32.99
C GLU P 525 24.18 37.16 -32.21
N THR P 526 23.13 37.41 -31.43
CA THR P 526 22.48 36.33 -30.71
C THR P 526 21.92 35.30 -31.67
N TRP P 527 20.90 35.66 -32.46
CA TRP P 527 20.29 34.73 -33.39
C TRP P 527 21.30 33.97 -34.24
N ALA P 528 22.51 34.50 -34.40
CA ALA P 528 23.55 33.69 -35.03
C ALA P 528 24.08 32.63 -34.07
N ASP P 529 24.56 33.05 -32.90
CA ASP P 529 25.30 32.13 -32.03
C ASP P 529 24.39 31.27 -31.13
N MET P 530 23.10 31.58 -31.08
CA MET P 530 22.18 30.92 -30.15
C MET P 530 21.26 29.92 -30.83
N MET P 531 21.58 29.50 -32.05
CA MET P 531 20.74 28.55 -32.78
C MET P 531 21.43 27.19 -32.85
N PRO P 532 21.15 26.28 -31.91
CA PRO P 532 21.84 24.98 -31.95
C PRO P 532 21.36 24.08 -33.07
N HIS P 533 20.05 23.98 -33.27
CA HIS P 533 19.46 23.12 -34.29
C HIS P 533 18.63 23.95 -35.25
N HIS P 534 17.92 23.29 -36.12
CA HIS P 534 17.01 23.98 -37.02
C HIS P 534 15.59 23.98 -36.46
N PRO P 535 14.83 25.03 -36.70
CA PRO P 535 13.45 25.08 -36.21
C PRO P 535 12.59 24.04 -36.91
N HIS P 536 11.47 23.70 -36.27
CA HIS P 536 10.56 22.70 -36.78
C HIS P 536 9.34 23.30 -37.46
N TRP P 537 9.17 24.62 -37.40
CA TRP P 537 8.04 25.28 -38.03
C TRP P 537 8.37 25.86 -39.40
N VAL P 538 9.61 25.72 -39.85
CA VAL P 538 10.00 26.32 -41.12
C VAL P 538 9.91 25.36 -42.29
N ASN P 539 9.84 24.06 -42.04
CA ASN P 539 9.80 23.06 -43.11
C ASN P 539 8.33 22.73 -43.40
N GLU P 540 7.68 23.62 -44.13
CA GLU P 540 6.30 23.42 -44.54
C GLU P 540 6.18 23.00 -46.00
N HIS P 541 7.30 22.67 -46.65
CA HIS P 541 7.28 22.21 -48.02
C HIS P 541 6.92 20.73 -48.14
N LEU P 542 6.88 20.01 -47.03
CA LEU P 542 6.58 18.58 -47.07
C LEU P 542 5.18 18.33 -47.59
N THR P 543 5.02 17.23 -48.31
CA THR P 543 3.70 16.83 -48.78
C THR P 543 2.96 16.10 -47.66
N ILE P 544 1.70 15.73 -47.94
CA ILE P 544 0.90 15.07 -46.92
C ILE P 544 1.46 13.70 -46.58
N LEU P 545 2.00 12.99 -47.59
CA LEU P 545 2.59 11.68 -47.31
C LEU P 545 3.79 11.81 -46.38
N GLN P 546 4.69 12.76 -46.67
CA GLN P 546 5.85 12.95 -45.82
C GLN P 546 5.47 13.45 -44.43
N PHE P 547 4.40 14.24 -44.32
CA PHE P 547 3.97 14.71 -43.02
C PHE P 547 3.37 13.58 -42.20
N ILE P 548 2.64 12.67 -42.84
CA ILE P 548 2.02 11.56 -42.12
C ILE P 548 3.03 10.48 -41.76
N ALA P 549 4.07 10.28 -42.59
CA ALA P 549 5.08 9.26 -42.35
C ALA P 549 5.62 9.34 -40.93
N PRO P 550 5.94 8.20 -40.30
CA PRO P 550 6.37 8.22 -38.89
C PRO P 550 7.68 8.93 -38.66
N SER P 551 8.44 9.24 -39.71
CA SER P 551 9.71 9.94 -39.53
C SER P 551 9.54 11.41 -39.17
N ASN P 552 8.34 11.96 -39.32
CA ASN P 552 8.10 13.36 -38.99
C ASN P 552 8.22 13.57 -37.49
N PRO P 553 9.14 14.40 -37.01
CA PRO P 553 9.27 14.59 -35.56
C PRO P 553 8.17 15.46 -34.99
N ARG P 554 7.64 16.39 -35.81
CA ARG P 554 6.59 17.29 -35.38
C ARG P 554 5.21 16.66 -35.45
N LEU P 555 5.14 15.35 -35.67
CA LEU P 555 3.84 14.70 -35.78
C LEU P 555 3.18 14.48 -34.44
N ARG P 556 3.98 14.15 -33.41
CA ARG P 556 3.44 13.85 -32.09
C ARG P 556 2.73 15.05 -31.46
N PHE P 557 2.97 16.26 -31.97
CA PHE P 557 2.37 17.46 -31.40
C PHE P 557 1.16 17.94 -32.18
N GLU P 558 0.76 17.24 -33.23
CA GLU P 558 -0.41 17.62 -34.01
C GLU P 558 -1.60 16.83 -33.51
N LEU P 559 -2.31 17.40 -32.54
CA LEU P 559 -3.45 16.73 -31.92
C LEU P 559 -4.76 17.48 -32.13
N ASN P 560 -4.80 18.76 -31.82
CA ASN P 560 -6.03 19.54 -31.91
C ASN P 560 -5.93 20.53 -33.05
N PRO P 561 -6.90 20.56 -33.97
CA PRO P 561 -6.82 21.50 -35.10
C PRO P 561 -6.92 22.96 -34.70
N ALA P 562 -7.27 23.28 -33.45
CA ALA P 562 -7.43 24.65 -33.03
C ALA P 562 -6.28 25.15 -32.15
N PHE P 563 -5.30 24.29 -31.86
CA PHE P 563 -4.20 24.65 -30.98
C PHE P 563 -2.88 24.30 -31.64
N ASP P 564 -1.79 24.84 -31.09
CA ASP P 564 -0.44 24.56 -31.55
C ASP P 564 0.40 24.19 -30.33
N PHE P 565 0.80 22.93 -30.25
CA PHE P 565 1.61 22.44 -29.15
C PHE P 565 3.08 22.53 -29.51
N PHE P 566 3.86 23.20 -28.67
CA PHE P 566 5.29 23.37 -28.88
C PHE P 566 6.02 23.16 -27.55
N VAL P 567 7.34 23.22 -27.61
CA VAL P 567 8.18 23.15 -26.43
C VAL P 567 8.78 24.53 -26.18
N ALA P 568 8.94 24.86 -24.90
CA ALA P 568 9.44 26.17 -24.52
C ALA P 568 10.16 26.05 -23.18
N PRO P 569 11.16 26.90 -22.93
CA PRO P 569 11.82 26.89 -21.62
C PRO P 569 10.84 27.25 -20.52
N GLY P 570 10.79 26.42 -19.48
CA GLY P 570 9.86 26.64 -18.40
C GLY P 570 10.35 27.66 -17.39
N ASP P 571 9.43 28.06 -16.51
CA ASP P 571 9.71 28.98 -15.41
C ASP P 571 10.26 30.32 -15.92
N VAL P 572 9.63 30.83 -16.98
CA VAL P 572 9.97 32.14 -17.52
C VAL P 572 8.68 32.89 -17.81
N ASP P 573 8.76 34.21 -17.82
CA ASP P 573 7.63 35.08 -18.11
C ASP P 573 7.85 35.81 -19.41
N LEU P 574 6.79 36.00 -20.18
CA LEU P 574 6.88 36.64 -21.48
C LEU P 574 6.11 37.95 -21.46
N PRO P 575 6.74 39.09 -21.80
CA PRO P 575 8.15 39.16 -22.20
C PRO P 575 9.09 39.06 -21.00
N GLY P 576 10.37 38.87 -21.26
CA GLY P 576 11.34 38.74 -20.22
C GLY P 576 12.62 39.50 -20.52
N PRO P 577 13.74 38.98 -20.04
CA PRO P 577 15.03 39.65 -20.30
C PRO P 577 15.41 39.58 -21.76
N GLN P 578 16.45 40.34 -22.10
CA GLN P 578 16.94 40.34 -23.48
C GLN P 578 17.54 38.99 -23.85
N ARG P 579 18.25 38.37 -22.92
CA ARG P 579 18.82 37.06 -23.17
C ARG P 579 17.98 35.99 -22.49
N PRO P 580 17.62 34.91 -23.18
CA PRO P 580 16.78 33.88 -22.56
C PRO P 580 17.53 33.13 -21.47
N PRO P 581 16.99 33.08 -20.27
CA PRO P 581 17.67 32.36 -19.19
C PRO P 581 17.56 30.85 -19.39
N GLU P 582 18.55 30.14 -18.86
CA GLU P 582 18.59 28.69 -18.97
C GLU P 582 17.67 28.05 -17.94
N ALA P 583 16.83 27.13 -18.39
CA ALA P 583 15.90 26.43 -17.51
C ALA P 583 15.51 25.11 -18.14
N MET P 584 14.64 24.38 -17.47
CA MET P 584 14.19 23.09 -17.97
C MET P 584 13.07 23.29 -18.99
N PRO P 585 13.16 22.69 -20.17
CA PRO P 585 12.15 22.91 -21.20
C PRO P 585 10.88 22.13 -20.91
N THR P 586 9.73 22.77 -21.13
CA THR P 586 8.43 22.16 -20.92
C THR P 586 7.58 22.36 -22.16
N VAL P 587 6.37 21.80 -22.12
CA VAL P 587 5.45 21.86 -23.25
C VAL P 587 4.39 22.90 -22.99
N ASN P 588 4.11 23.73 -23.99
CA ASN P 588 3.06 24.74 -23.94
C ASN P 588 2.20 24.61 -25.18
N ALA P 589 1.10 25.37 -25.20
CA ALA P 589 0.15 25.31 -26.30
C ALA P 589 -0.48 26.68 -26.50
N THR P 590 -0.27 27.26 -27.68
CA THR P 590 -0.93 28.50 -28.04
C THR P 590 -2.23 28.19 -28.79
N LEU P 591 -2.81 29.21 -29.40
CA LEU P 591 -4.08 29.08 -30.11
C LEU P 591 -3.92 29.50 -31.56
N ARG P 592 -4.59 28.77 -32.46
CA ARG P 592 -4.62 29.12 -33.88
C ARG P 592 -5.81 30.04 -34.11
N ILE P 593 -5.56 31.36 -34.09
CA ILE P 593 -6.65 32.31 -34.21
C ILE P 593 -7.25 32.27 -35.61
N ILE P 594 -6.41 32.11 -36.63
CA ILE P 594 -6.84 32.08 -38.01
C ILE P 594 -6.96 30.64 -38.46
N ASN P 595 -7.94 30.35 -39.31
CA ASN P 595 -8.02 29.03 -39.91
C ASN P 595 -6.94 28.82 -40.97
N GLY P 596 -6.30 29.89 -41.42
CA GLY P 596 -5.20 29.78 -42.35
C GLY P 596 -3.88 29.40 -41.72
N ASN P 597 -3.77 29.50 -40.40
CA ASN P 597 -2.55 29.09 -39.70
C ASN P 597 -2.34 27.58 -39.70
N ILE P 598 -3.31 26.82 -40.21
CA ILE P 598 -3.13 25.37 -40.32
C ILE P 598 -1.98 25.08 -41.27
N PRO P 599 -1.09 24.13 -40.95
CA PRO P 599 0.05 23.87 -41.83
C PRO P 599 -0.39 23.51 -43.24
N VAL P 600 0.46 23.85 -44.21
CA VAL P 600 0.16 23.54 -45.61
C VAL P 600 0.03 22.05 -45.87
N PRO P 601 0.87 21.18 -45.31
CA PRO P 601 0.67 19.73 -45.55
C PRO P 601 -0.71 19.24 -45.18
N LEU P 602 -1.42 19.92 -44.28
CA LEU P 602 -2.79 19.56 -43.95
C LEU P 602 -3.80 20.33 -44.79
N CYS P 603 -3.55 21.61 -45.01
CA CYS P 603 -4.40 22.45 -45.86
C CYS P 603 -3.59 22.91 -47.07
N PRO P 604 -3.77 22.31 -48.24
CA PRO P 604 -2.91 22.64 -49.37
C PRO P 604 -3.22 24.00 -49.99
N ILE P 605 -2.48 24.37 -51.02
CA ILE P 605 -2.65 25.67 -51.65
C ILE P 605 -3.69 25.64 -52.76
N SER P 606 -3.82 24.51 -53.47
CA SER P 606 -4.83 24.42 -54.52
C SER P 606 -6.23 24.53 -53.95
N PHE P 607 -6.47 23.94 -52.78
CA PHE P 607 -7.79 24.07 -52.15
C PHE P 607 -8.09 25.51 -51.79
N ARG P 608 -7.10 26.23 -51.25
CA ARG P 608 -7.31 27.63 -50.92
C ARG P 608 -7.58 28.46 -52.16
N ASP P 609 -6.85 28.19 -53.25
CA ASP P 609 -7.09 28.94 -54.48
C ASP P 609 -8.48 28.65 -55.04
N CYS P 610 -8.93 27.40 -54.95
CA CYS P 610 -10.28 27.09 -55.43
C CYS P 610 -11.34 27.75 -54.56
N ARG P 611 -11.12 27.78 -53.25
CA ARG P 611 -12.04 28.47 -52.35
C ARG P 611 -12.08 29.96 -52.66
N GLY P 612 -10.93 30.56 -52.98
CA GLY P 612 -10.91 31.97 -53.35
C GLY P 612 -11.63 32.25 -54.65
N THR P 613 -11.45 31.38 -55.66
CA THR P 613 -12.22 31.51 -56.89
C THR P 613 -13.72 31.43 -56.61
N GLN P 614 -14.13 30.49 -55.75
CA GLN P 614 -15.55 30.37 -55.43
C GLN P 614 -16.05 31.61 -54.70
N LEU P 615 -15.26 32.15 -53.79
CA LEU P 615 -15.62 33.40 -53.12
C LEU P 615 -15.83 34.53 -54.12
N GLY P 616 -14.85 34.73 -54.99
CA GLY P 616 -14.91 35.79 -55.97
C GLY P 616 -15.73 35.45 -57.19
N LEU P 617 -16.98 35.05 -56.99
CA LEU P 617 -17.84 34.66 -58.11
C LEU P 617 -18.09 35.82 -59.06
N GLY P 618 -18.79 36.84 -58.59
CA GLY P 618 -19.13 37.97 -59.42
C GLY P 618 -18.85 39.31 -58.76
N ARG P 619 -17.79 39.36 -57.96
CA ARG P 619 -17.43 40.57 -57.25
C ARG P 619 -16.61 41.47 -58.18
N HIS P 620 -16.00 42.52 -57.61
CA HIS P 620 -15.23 43.45 -58.41
C HIS P 620 -13.88 42.85 -58.79
N THR P 621 -13.44 43.15 -60.00
CA THR P 621 -12.15 42.71 -60.51
C THR P 621 -11.40 43.90 -61.10
N MET P 622 -10.08 43.81 -61.10
CA MET P 622 -9.24 44.90 -61.56
C MET P 622 -8.89 44.75 -63.03
N THR P 623 -8.74 45.89 -63.71
CA THR P 623 -8.40 45.89 -65.12
C THR P 623 -6.97 45.41 -65.32
N PRO P 624 -6.73 44.58 -66.34
CA PRO P 624 -5.36 44.14 -66.62
C PRO P 624 -4.37 45.26 -66.82
N ALA P 625 -4.80 46.41 -67.36
CA ALA P 625 -3.90 47.54 -67.50
C ALA P 625 -3.34 47.98 -66.15
N THR P 626 -4.23 48.22 -65.19
CA THR P 626 -3.80 48.58 -63.84
C THR P 626 -3.00 47.47 -63.18
N ILE P 627 -3.40 46.22 -63.42
CA ILE P 627 -2.67 45.09 -62.85
C ILE P 627 -1.21 45.11 -63.33
N LYS P 628 -1.02 45.25 -64.63
CA LYS P 628 0.32 45.28 -65.21
C LYS P 628 1.10 46.48 -64.71
N ALA P 629 0.45 47.65 -64.62
CA ALA P 629 1.15 48.84 -64.14
C ALA P 629 1.65 48.64 -62.71
N VAL P 630 0.80 48.09 -61.84
CA VAL P 630 1.18 47.89 -60.46
C VAL P 630 2.29 46.85 -60.34
N LYS P 631 2.20 45.77 -61.15
CA LYS P 631 3.25 44.76 -61.10
C LYS P 631 4.58 45.33 -61.58
N ASP P 632 4.56 46.15 -62.63
CA ASP P 632 5.78 46.78 -63.11
C ASP P 632 6.37 47.70 -62.04
N THR P 633 5.52 48.51 -61.41
CA THR P 633 5.99 49.40 -60.36
C THR P 633 6.64 48.62 -59.23
N PHE P 634 6.02 47.51 -58.82
CA PHE P 634 6.53 46.78 -57.67
C PHE P 634 7.82 46.04 -58.01
N GLU P 635 7.95 45.58 -59.26
CA GLU P 635 9.19 44.88 -59.62
C GLU P 635 10.34 45.84 -59.88
N ASP P 636 10.06 47.04 -60.39
CA ASP P 636 11.13 47.95 -60.81
C ASP P 636 12.10 48.23 -59.68
N ARG P 637 13.38 47.96 -59.93
CA ARG P 637 14.43 48.24 -58.97
C ARG P 637 15.03 49.63 -59.14
N ALA P 638 14.64 50.36 -60.18
CA ALA P 638 15.12 51.72 -60.42
C ALA P 638 14.25 52.77 -59.74
N TYR P 639 13.55 52.40 -58.68
CA TYR P 639 12.71 53.35 -57.96
C TYR P 639 13.59 54.43 -57.35
N PRO P 640 13.38 55.70 -57.68
CA PRO P 640 14.24 56.75 -57.14
C PRO P 640 14.06 56.90 -55.64
N THR P 641 15.18 57.00 -54.92
CA THR P 641 15.14 57.17 -53.48
C THR P 641 14.54 58.51 -53.08
N ILE P 642 14.38 59.44 -54.03
CA ILE P 642 13.75 60.71 -53.73
C ILE P 642 12.31 60.49 -53.29
N PHE P 643 11.63 59.50 -53.87
CA PHE P 643 10.25 59.21 -53.46
C PHE P 643 10.19 58.74 -52.01
N TYR P 644 11.07 57.81 -51.64
CA TYR P 644 11.13 57.35 -50.26
C TYR P 644 11.44 58.51 -49.32
N MET P 645 12.38 59.36 -49.70
CA MET P 645 12.76 60.47 -48.84
C MET P 645 11.58 61.42 -48.62
N LEU P 646 10.89 61.78 -49.72
CA LEU P 646 9.74 62.65 -49.61
C LEU P 646 8.63 62.03 -48.77
N GLU P 647 8.39 60.73 -48.93
CA GLU P 647 7.34 60.07 -48.15
C GLU P 647 7.70 60.07 -46.67
N ALA P 648 8.96 59.76 -46.34
CA ALA P 648 9.36 59.72 -44.94
C ALA P 648 9.31 61.10 -44.31
N VAL P 649 9.60 62.14 -45.10
CA VAL P 649 9.52 63.50 -44.54
C VAL P 649 8.07 63.93 -44.37
N ILE P 650 7.18 63.56 -45.29
CA ILE P 650 5.77 63.90 -45.14
C ILE P 650 5.18 63.17 -43.95
N HIS P 651 5.60 61.92 -43.71
CA HIS P 651 5.18 61.11 -42.57
C HIS P 651 3.66 61.06 -42.41
N GLY P 652 2.94 61.24 -43.52
CA GLY P 652 1.50 61.09 -43.49
C GLY P 652 0.78 62.18 -42.74
N ASN P 653 0.79 63.41 -43.26
CA ASN P 653 0.11 64.53 -42.64
C ASN P 653 -0.55 65.40 -43.69
N GLU P 654 -1.82 65.73 -43.47
CA GLU P 654 -2.55 66.56 -44.41
C GLU P 654 -1.98 67.96 -44.46
N ARG P 655 -1.48 68.46 -43.31
CA ARG P 655 -0.90 69.80 -43.29
C ARG P 655 0.28 69.92 -44.23
N ASN P 656 1.02 68.82 -44.43
CA ASN P 656 2.12 68.82 -45.38
C ASN P 656 1.66 68.46 -46.79
N PHE P 657 0.65 67.60 -46.91
CA PHE P 657 0.19 67.19 -48.24
C PHE P 657 -0.47 68.35 -48.97
N CYS P 658 -1.37 69.07 -48.31
CA CYS P 658 -2.03 70.21 -48.96
C CYS P 658 -1.05 71.33 -49.28
N ALA P 659 0.10 71.38 -48.61
CA ALA P 659 1.12 72.35 -48.95
C ALA P 659 1.99 71.90 -50.12
N LEU P 660 2.34 70.62 -50.19
CA LEU P 660 3.21 70.12 -51.24
C LEU P 660 2.44 69.61 -52.46
N LEU P 661 1.11 69.80 -52.49
CA LEU P 661 0.33 69.48 -53.67
C LEU P 661 1.03 69.93 -54.96
N ARG P 662 1.61 71.11 -54.97
CA ARG P 662 2.19 71.67 -56.19
C ARG P 662 3.35 70.81 -56.69
N LEU P 663 4.28 70.48 -55.82
CA LEU P 663 5.44 69.68 -56.22
C LEU P 663 5.05 68.25 -56.54
N LEU P 664 4.06 67.72 -55.82
CA LEU P 664 3.70 66.32 -55.94
C LEU P 664 3.11 66.00 -57.30
N THR P 665 2.17 66.82 -57.78
CA THR P 665 1.59 66.60 -59.10
C THR P 665 2.66 66.59 -60.18
N GLN P 666 3.55 67.57 -60.14
CA GLN P 666 4.62 67.67 -61.12
C GLN P 666 5.51 66.43 -61.11
N CYS P 667 5.94 65.99 -59.91
CA CYS P 667 6.84 64.85 -59.89
C CYS P 667 6.14 63.57 -60.28
N ILE P 668 4.86 63.42 -59.94
CA ILE P 668 4.12 62.23 -60.33
C ILE P 668 3.97 62.18 -61.85
N ARG P 669 3.63 63.32 -62.46
CA ARG P 669 3.49 63.36 -63.91
C ARG P 669 4.83 63.09 -64.59
N GLY P 670 5.92 63.62 -64.02
CA GLY P 670 7.22 63.37 -64.61
C GLY P 670 7.64 61.92 -64.52
N TYR P 671 7.36 61.28 -63.38
CA TYR P 671 7.69 59.87 -63.25
C TYR P 671 6.80 58.99 -64.11
N TRP P 672 5.55 59.40 -64.33
CA TRP P 672 4.69 58.59 -65.18
C TRP P 672 5.08 58.72 -66.65
N GLU P 673 5.06 59.93 -67.20
CA GLU P 673 5.31 60.07 -68.64
C GLU P 673 6.79 59.95 -68.95
N GLN P 674 7.41 58.93 -68.37
CA GLN P 674 8.71 58.42 -68.79
C GLN P 674 8.76 56.90 -68.85
N SER P 675 7.96 56.20 -68.05
CA SER P 675 7.97 54.74 -68.07
C SER P 675 6.59 54.12 -67.87
N HIS P 676 5.51 54.91 -67.85
CA HIS P 676 4.15 54.41 -67.64
C HIS P 676 4.08 53.58 -66.35
N ARG P 677 4.48 54.20 -65.26
CA ARG P 677 4.46 53.57 -63.94
C ARG P 677 3.84 54.52 -62.93
N VAL P 678 3.01 53.97 -62.08
CA VAL P 678 2.42 54.72 -60.97
C VAL P 678 3.40 54.71 -59.82
N ALA P 679 3.35 55.74 -58.98
CA ALA P 679 4.27 55.87 -57.86
C ALA P 679 3.50 56.11 -56.57
N PHE P 680 4.24 56.17 -55.46
CA PHE P 680 3.68 56.44 -54.13
C PHE P 680 2.67 55.36 -53.71
N VAL P 681 3.05 54.10 -53.90
CA VAL P 681 2.18 53.00 -53.50
C VAL P 681 2.62 52.38 -52.19
N ASN P 682 3.79 52.79 -51.66
CA ASN P 682 4.27 52.26 -50.39
C ASN P 682 3.27 52.51 -49.27
N ASN P 683 2.97 53.77 -49.00
CA ASN P 683 2.12 54.13 -47.88
C ASN P 683 0.65 54.03 -48.24
N PHE P 684 -0.18 53.78 -47.23
CA PHE P 684 -1.63 53.82 -47.43
C PHE P 684 -2.16 55.24 -47.32
N HIS P 685 -1.48 56.11 -46.60
CA HIS P 685 -1.88 57.52 -46.53
C HIS P 685 -1.24 58.32 -47.67
N MET P 686 -1.31 57.79 -48.88
CA MET P 686 -0.97 58.58 -50.04
C MET P 686 -2.04 58.49 -51.12
N LEU P 687 -2.56 57.29 -51.37
CA LEU P 687 -3.54 57.14 -52.46
C LEU P 687 -4.90 57.69 -52.05
N MET P 688 -5.26 57.59 -50.78
CA MET P 688 -6.49 58.25 -50.33
C MET P 688 -6.41 59.75 -50.54
N TYR P 689 -5.30 60.36 -50.13
CA TYR P 689 -5.12 61.80 -50.35
C TYR P 689 -5.14 62.14 -51.83
N ILE P 690 -4.51 61.31 -52.66
CA ILE P 690 -4.50 61.56 -54.09
C ILE P 690 -5.92 61.56 -54.65
N THR P 691 -6.67 60.48 -54.39
CA THR P 691 -8.04 60.40 -54.89
C THR P 691 -8.92 61.51 -54.33
N THR P 692 -8.64 62.00 -53.12
CA THR P 692 -9.49 63.06 -52.59
C THR P 692 -9.16 64.43 -53.18
N TYR P 693 -7.89 64.70 -53.46
CA TYR P 693 -7.49 66.04 -53.91
C TYR P 693 -7.34 66.13 -55.42
N LEU P 694 -6.49 65.30 -56.01
CA LEU P 694 -6.28 65.34 -57.46
C LEU P 694 -7.26 64.40 -58.17
N GLY P 695 -8.54 64.56 -57.87
CA GLY P 695 -9.56 63.73 -58.48
C GLY P 695 -10.45 64.51 -59.42
N ASN P 696 -9.98 65.66 -59.87
CA ASN P 696 -10.75 66.52 -60.76
C ASN P 696 -10.22 66.57 -62.19
N GLY P 697 -8.99 66.12 -62.41
CA GLY P 697 -8.43 66.14 -63.75
C GLY P 697 -7.02 66.69 -63.82
N GLU P 698 -6.39 66.87 -62.65
CA GLU P 698 -5.02 67.35 -62.63
C GLU P 698 -4.07 66.36 -63.31
N LEU P 699 -4.18 65.10 -62.95
CA LEU P 699 -3.39 64.05 -63.57
C LEU P 699 -4.13 63.48 -64.78
N PRO P 700 -3.43 62.81 -65.68
CA PRO P 700 -4.10 62.18 -66.82
C PRO P 700 -5.14 61.17 -66.37
N GLU P 701 -6.05 60.84 -67.28
CA GLU P 701 -7.19 59.97 -66.97
C GLU P 701 -6.78 58.54 -66.68
N VAL P 702 -5.49 58.23 -66.66
CA VAL P 702 -5.04 56.84 -66.47
C VAL P 702 -4.61 56.61 -65.03
N CYS P 703 -3.84 57.54 -64.46
CA CYS P 703 -3.37 57.36 -63.09
C CYS P 703 -4.51 57.46 -62.09
N ILE P 704 -5.41 58.42 -62.28
CA ILE P 704 -6.59 58.50 -61.42
C ILE P 704 -7.42 57.24 -61.54
N ASN P 705 -7.53 56.68 -62.75
CA ASN P 705 -8.30 55.45 -62.92
C ASN P 705 -7.66 54.28 -62.21
N ILE P 706 -6.33 54.17 -62.26
CA ILE P 706 -5.62 53.10 -61.55
C ILE P 706 -5.86 53.23 -60.06
N TYR P 707 -5.76 54.46 -59.54
CA TYR P 707 -5.97 54.67 -58.11
C TYR P 707 -7.40 54.33 -57.70
N ARG P 708 -8.37 54.72 -58.53
CA ARG P 708 -9.76 54.41 -58.23
C ARG P 708 -10.02 52.90 -58.29
N ASP P 709 -9.39 52.20 -59.23
CA ASP P 709 -9.55 50.75 -59.31
C ASP P 709 -9.00 50.08 -58.07
N LEU P 710 -7.83 50.53 -57.60
CA LEU P 710 -7.27 49.97 -56.37
C LEU P 710 -8.19 50.22 -55.18
N LEU P 711 -8.71 51.44 -55.06
CA LEU P 711 -9.61 51.75 -53.96
C LEU P 711 -10.89 50.93 -54.04
N GLN P 712 -11.41 50.72 -55.25
CA GLN P 712 -12.64 49.95 -55.40
C GLN P 712 -12.41 48.48 -55.07
N HIS P 713 -11.26 47.94 -55.43
CA HIS P 713 -10.98 46.55 -55.06
C HIS P 713 -10.87 46.39 -53.56
N VAL P 714 -10.22 47.35 -52.88
CA VAL P 714 -10.15 47.30 -51.42
C VAL P 714 -11.55 47.38 -50.82
N ARG P 715 -12.39 48.26 -51.36
CA ARG P 715 -13.74 48.40 -50.82
C ARG P 715 -14.58 47.16 -51.09
N ALA P 716 -14.40 46.52 -52.25
CA ALA P 716 -15.13 45.29 -52.54
C ALA P 716 -14.72 44.17 -51.59
N LEU P 717 -13.43 44.07 -51.28
CA LEU P 717 -13.00 43.10 -50.27
C LEU P 717 -13.65 43.38 -48.92
N ARG P 718 -13.62 44.65 -48.51
CA ARG P 718 -14.25 45.03 -47.23
C ARG P 718 -15.73 44.69 -47.23
N GLN P 719 -16.40 44.88 -48.36
CA GLN P 719 -17.83 44.60 -48.46
C GLN P 719 -18.13 43.12 -48.46
N THR P 720 -17.30 42.33 -49.15
CA THR P 720 -17.45 40.87 -49.12
C THR P 720 -17.32 40.34 -47.70
N ILE P 721 -16.43 40.95 -46.92
CA ILE P 721 -16.25 40.53 -45.52
C ILE P 721 -17.60 40.53 -44.80
N THR P 722 -18.37 41.62 -44.91
CA THR P 722 -19.65 41.66 -44.21
C THR P 722 -20.74 40.92 -44.96
N ASP P 723 -20.58 40.75 -46.28
CA ASP P 723 -21.55 39.94 -47.02
C ASP P 723 -21.54 38.49 -46.55
N PHE P 724 -20.38 37.97 -46.17
CA PHE P 724 -20.27 36.57 -45.78
C PHE P 724 -20.40 36.34 -44.27
N THR P 725 -21.16 37.17 -43.57
CA THR P 725 -21.41 36.97 -42.15
C THR P 725 -22.82 37.41 -41.80
N ILE P 726 -23.36 36.84 -40.73
CA ILE P 726 -24.72 37.13 -40.29
C ILE P 726 -24.69 38.29 -39.32
N GLN P 727 -25.55 39.28 -39.57
CA GLN P 727 -25.59 40.51 -38.80
C GLN P 727 -26.74 40.48 -37.80
N GLY P 728 -26.54 41.17 -36.68
CA GLY P 728 -27.60 41.34 -35.71
C GLY P 728 -27.32 40.71 -34.36
N GLU P 729 -26.05 40.48 -34.05
CA GLU P 729 -25.68 39.89 -32.77
C GLU P 729 -24.31 40.39 -32.36
N GLY P 730 -24.13 40.59 -31.05
CA GLY P 730 -22.87 41.08 -30.53
C GLY P 730 -22.77 40.88 -29.04
N HIS P 731 -21.63 40.39 -28.57
CA HIS P 731 -21.42 40.14 -27.16
C HIS P 731 -20.79 41.37 -26.50
N ASN P 732 -20.28 41.18 -25.28
CA ASN P 732 -19.71 42.30 -24.52
C ASN P 732 -18.65 43.06 -25.31
N GLY P 733 -17.86 42.35 -26.11
CA GLY P 733 -16.84 43.00 -26.91
C GLY P 733 -17.38 43.54 -28.21
N GLU P 734 -16.68 43.27 -29.30
CA GLU P 734 -17.14 43.71 -30.62
C GLU P 734 -18.32 42.86 -31.06
N THR P 735 -18.94 43.28 -32.16
CA THR P 735 -20.09 42.56 -32.69
C THR P 735 -19.65 41.43 -33.62
N SER P 736 -20.62 40.92 -34.39
CA SER P 736 -20.37 39.81 -35.30
C SER P 736 -19.17 40.06 -36.21
N GLU P 737 -18.93 41.31 -36.60
CA GLU P 737 -17.89 41.59 -37.57
C GLU P 737 -16.52 41.11 -37.08
N ALA P 738 -16.05 41.65 -35.96
CA ALA P 738 -14.76 41.23 -35.44
C ALA P 738 -14.86 39.95 -34.63
N LEU P 739 -16.07 39.45 -34.36
CA LEU P 739 -16.16 38.10 -33.83
C LEU P 739 -15.87 37.06 -34.89
N ASN P 740 -16.25 37.33 -36.14
CA ASN P 740 -16.01 36.43 -37.25
C ASN P 740 -14.63 36.62 -37.89
N ASN P 741 -14.24 37.85 -38.18
CA ASN P 741 -13.01 38.10 -38.93
C ASN P 741 -11.99 38.82 -38.07
N ILE P 742 -10.85 39.15 -38.68
CA ILE P 742 -9.76 39.83 -38.02
C ILE P 742 -9.44 41.18 -38.66
N LEU P 743 -9.47 41.25 -39.99
CA LEU P 743 -9.24 42.51 -40.68
C LEU P 743 -10.22 43.59 -40.24
N THR P 744 -11.35 43.20 -39.65
CA THR P 744 -12.31 44.15 -39.09
C THR P 744 -12.24 44.21 -37.57
N ASP P 745 -11.12 43.81 -36.99
CA ASP P 745 -10.93 43.86 -35.54
C ASP P 745 -10.07 45.07 -35.18
N ASP P 746 -10.38 45.68 -34.04
CA ASP P 746 -9.65 46.84 -33.57
C ASP P 746 -8.46 46.47 -32.70
N THR P 747 -8.42 45.26 -32.17
CA THR P 747 -7.26 44.83 -31.40
C THR P 747 -6.05 44.61 -32.28
N PHE P 748 -6.27 44.12 -33.50
CA PHE P 748 -5.18 44.00 -34.47
C PHE P 748 -4.76 45.38 -34.95
N ILE P 749 -3.48 45.51 -35.31
CA ILE P 749 -2.93 46.79 -35.73
C ILE P 749 -2.14 46.61 -37.02
N ALA P 750 -2.09 47.67 -37.81
CA ALA P 750 -1.33 47.67 -39.05
C ALA P 750 0.17 47.61 -38.75
N PRO P 751 0.98 47.14 -39.69
CA PRO P 751 2.42 47.07 -39.45
C PRO P 751 3.10 48.43 -39.42
N ILE P 752 2.46 49.48 -39.94
CA ILE P 752 3.02 50.83 -39.94
C ILE P 752 2.00 51.79 -39.34
N LEU P 753 2.46 52.66 -38.45
CA LEU P 753 1.60 53.63 -37.78
C LEU P 753 2.16 55.03 -37.99
N TRP P 754 1.35 55.91 -38.55
CA TRP P 754 1.73 57.30 -38.73
C TRP P 754 1.13 58.23 -37.68
N ASP P 755 -0.04 57.88 -37.15
CA ASP P 755 -0.66 58.63 -36.07
C ASP P 755 -1.12 57.66 -34.99
N CYS P 756 -1.43 58.20 -33.82
CA CYS P 756 -1.75 57.38 -32.65
C CYS P 756 -3.25 57.21 -32.46
N ASP P 757 -4.05 57.41 -33.50
CA ASP P 757 -5.48 57.15 -33.37
C ASP P 757 -5.78 55.66 -33.31
N ALA P 758 -4.95 54.85 -33.96
CA ALA P 758 -5.12 53.40 -33.89
C ALA P 758 -4.95 52.89 -32.47
N LEU P 759 -3.97 53.40 -31.74
CA LEU P 759 -3.78 52.97 -30.36
C LEU P 759 -4.97 53.35 -29.50
N ILE P 760 -5.52 54.55 -29.69
CA ILE P 760 -6.68 54.96 -28.93
C ILE P 760 -7.88 54.06 -29.25
N TYR P 761 -8.10 53.78 -30.53
CA TYR P 761 -9.19 52.89 -30.92
C TYR P 761 -9.02 51.51 -30.32
N ARG P 762 -7.78 51.00 -30.30
CA ARG P 762 -7.54 49.67 -29.75
C ARG P 762 -7.78 49.65 -28.25
N ASP P 763 -7.30 50.67 -27.54
CA ASP P 763 -7.52 50.72 -26.09
C ASP P 763 -8.99 50.91 -25.75
N GLU P 764 -9.75 51.56 -26.63
CA GLU P 764 -11.17 51.77 -26.34
C GLU P 764 -12.03 50.57 -26.70
N ALA P 765 -11.71 49.84 -27.78
CA ALA P 765 -12.60 48.80 -28.25
C ALA P 765 -12.71 47.65 -27.26
N ALA P 766 -11.59 46.99 -26.96
CA ALA P 766 -11.65 45.77 -26.18
C ALA P 766 -12.05 46.06 -24.73
N ARG P 767 -11.20 46.77 -24.00
CA ARG P 767 -11.45 47.23 -22.63
C ARG P 767 -11.77 46.09 -21.67
N ASP P 768 -11.71 44.84 -22.12
CA ASP P 768 -11.93 43.70 -21.25
C ASP P 768 -10.75 42.74 -21.23
N ARG P 769 -10.20 42.39 -22.40
CA ARG P 769 -8.98 41.60 -22.45
C ARG P 769 -7.83 42.44 -21.94
N LEU P 770 -7.06 41.89 -21.01
CA LEU P 770 -5.98 42.61 -20.34
C LEU P 770 -4.94 43.07 -21.34
N PRO P 771 -4.84 44.38 -21.59
CA PRO P 771 -3.90 44.89 -22.58
C PRO P 771 -2.57 45.29 -21.95
N ALA P 772 -1.52 45.22 -22.77
CA ALA P 772 -0.20 45.65 -22.34
C ALA P 772 0.53 46.24 -23.53
N ILE P 773 1.24 47.35 -23.31
CA ILE P 773 1.99 48.03 -24.35
C ILE P 773 3.40 48.28 -23.84
N ARG P 774 4.39 48.05 -24.70
CA ARG P 774 5.80 48.30 -24.37
C ARG P 774 6.39 49.17 -25.46
N VAL P 775 6.40 50.48 -25.24
CA VAL P 775 6.92 51.43 -26.22
C VAL P 775 8.36 51.75 -25.83
N SER P 776 9.28 50.91 -26.30
CA SER P 776 10.73 51.11 -26.13
C SER P 776 11.08 51.38 -24.67
N GLY P 777 10.80 50.39 -23.82
CA GLY P 777 11.07 50.54 -22.41
C GLY P 777 9.82 50.62 -21.56
N ARG P 778 9.51 51.82 -21.08
CA ARG P 778 8.38 52.03 -20.19
C ARG P 778 7.08 51.57 -20.85
N ASN P 779 6.09 51.27 -20.00
CA ASN P 779 4.78 50.84 -20.47
C ASN P 779 3.85 52.04 -20.54
N GLY P 780 3.28 52.26 -21.73
CA GLY P 780 2.37 53.38 -21.92
C GLY P 780 2.97 54.47 -22.79
N TYR P 781 2.23 54.90 -23.80
CA TYR P 781 2.72 55.90 -24.72
C TYR P 781 2.29 57.30 -24.27
N GLN P 782 3.06 58.30 -24.71
CA GLN P 782 2.81 59.70 -24.38
C GLN P 782 2.67 60.47 -25.69
N ALA P 783 1.46 60.91 -25.99
CA ALA P 783 1.19 61.63 -27.23
C ALA P 783 1.28 63.13 -26.99
N LEU P 784 1.84 63.85 -27.96
CA LEU P 784 1.93 65.29 -27.91
C LEU P 784 1.68 65.85 -29.30
N HIS P 785 1.46 67.16 -29.36
CA HIS P 785 1.11 67.81 -30.62
C HIS P 785 2.37 68.05 -31.45
N PHE P 786 2.23 68.87 -32.49
CA PHE P 786 3.32 69.08 -33.44
C PHE P 786 4.57 69.60 -32.74
N VAL P 787 5.72 69.31 -33.33
CA VAL P 787 7.03 69.69 -32.79
C VAL P 787 7.60 70.79 -33.68
N ASP P 788 8.10 71.85 -33.07
CA ASP P 788 8.62 72.98 -33.80
C ASP P 788 9.92 72.62 -34.52
N MET P 789 10.47 73.59 -35.22
CA MET P 789 11.73 73.38 -35.94
C MET P 789 12.93 73.52 -35.02
N ALA P 790 12.86 74.43 -34.05
CA ALA P 790 14.00 74.67 -33.18
C ALA P 790 14.25 73.49 -32.26
N GLY P 791 13.28 73.16 -31.41
CA GLY P 791 13.45 72.05 -30.49
C GLY P 791 12.90 70.75 -31.04
N HIS P 792 13.77 69.91 -31.61
CA HIS P 792 13.37 68.63 -32.16
C HIS P 792 13.79 67.45 -31.29
N ASN P 793 15.01 67.50 -30.74
CA ASN P 793 15.51 66.48 -29.81
C ASN P 793 15.49 65.09 -30.45
N PHE P 794 16.36 64.94 -31.45
CA PHE P 794 16.46 63.68 -32.19
C PHE P 794 16.60 62.48 -31.26
N GLN P 795 17.14 62.68 -30.07
CA GLN P 795 17.29 61.61 -29.08
C GLN P 795 16.22 61.78 -28.01
N ARG P 796 15.26 60.85 -27.99
CA ARG P 796 14.14 60.93 -27.06
C ARG P 796 13.81 59.53 -26.56
N ARG P 797 12.81 59.45 -25.69
CA ARG P 797 12.37 58.18 -25.12
C ARG P 797 10.92 58.28 -24.70
N ASP P 798 10.10 57.34 -25.18
CA ASP P 798 8.69 57.23 -24.83
C ASP P 798 7.92 58.51 -25.19
N ASN P 799 7.91 58.81 -26.49
CA ASN P 799 7.21 59.98 -27.00
C ASN P 799 6.76 59.69 -28.42
N VAL P 800 5.48 59.89 -28.70
CA VAL P 800 4.91 59.66 -30.02
C VAL P 800 4.19 60.92 -30.46
N LEU P 801 4.25 61.19 -31.76
CA LEU P 801 3.72 62.42 -32.34
C LEU P 801 2.42 62.14 -33.08
N ILE P 802 1.64 63.21 -33.27
CA ILE P 802 0.40 63.14 -34.03
C ILE P 802 0.35 64.18 -35.15
N HIS P 803 1.41 64.97 -35.33
CA HIS P 803 1.47 65.97 -36.39
C HIS P 803 0.38 67.03 -36.23
N GLY P 804 0.08 67.38 -34.99
CA GLY P 804 -0.92 68.39 -34.71
C GLY P 804 -2.29 67.98 -35.19
N ARG P 805 -3.08 68.99 -35.59
CA ARG P 805 -4.43 68.77 -36.08
C ARG P 805 -4.70 69.75 -37.20
N PRO P 806 -5.42 69.33 -38.25
CA PRO P 806 -5.72 70.26 -39.35
C PRO P 806 -6.71 71.33 -38.97
N VAL P 807 -7.39 71.19 -37.84
CA VAL P 807 -8.39 72.16 -37.41
C VAL P 807 -8.08 72.64 -36.00
N ILE P 815 -4.98 70.44 -22.99
CA ILE P 815 -5.83 70.03 -24.10
C ILE P 815 -5.55 68.58 -24.47
N PRO P 816 -6.60 67.77 -24.56
CA PRO P 816 -6.41 66.33 -24.80
C PRO P 816 -6.13 66.04 -26.27
N ILE P 817 -5.83 64.78 -26.52
CA ILE P 817 -5.60 64.28 -27.87
C ILE P 817 -6.90 63.71 -28.42
N THR P 818 -6.99 63.63 -29.74
CA THR P 818 -8.19 63.13 -30.40
C THR P 818 -7.81 62.26 -31.58
N PRO P 819 -8.64 61.27 -31.90
CA PRO P 819 -8.39 60.47 -33.10
C PRO P 819 -8.40 61.34 -34.36
N HIS P 820 -7.47 61.05 -35.26
CA HIS P 820 -7.32 61.87 -36.46
C HIS P 820 -8.36 61.49 -37.52
N HIS P 821 -8.36 60.24 -37.94
CA HIS P 821 -9.28 59.77 -38.97
C HIS P 821 -10.45 59.03 -38.31
N ASP P 822 -11.32 58.46 -39.14
CA ASP P 822 -12.48 57.74 -38.67
C ASP P 822 -12.10 56.31 -38.28
N ARG P 823 -13.10 55.46 -38.04
CA ARG P 823 -12.82 54.09 -37.62
C ARG P 823 -12.57 53.18 -38.81
N GLU P 824 -13.39 53.29 -39.86
CA GLU P 824 -13.21 52.45 -41.04
C GLU P 824 -11.90 52.70 -41.75
N TRP P 825 -11.24 53.83 -41.50
CA TRP P 825 -9.91 54.06 -42.07
C TRP P 825 -8.94 52.98 -41.62
N GLY P 826 -9.00 52.60 -40.34
CA GLY P 826 -8.11 51.55 -39.86
C GLY P 826 -8.38 50.20 -40.52
N ILE P 827 -9.66 49.87 -40.69
CA ILE P 827 -10.01 48.62 -41.35
C ILE P 827 -9.51 48.62 -42.79
N LEU P 828 -9.70 49.74 -43.49
CA LEU P 828 -9.23 49.84 -44.87
C LEU P 828 -7.71 49.72 -44.95
N SER P 829 -6.99 50.37 -44.02
CA SER P 829 -5.54 50.27 -44.03
C SER P 829 -5.07 48.85 -43.74
N LYS P 830 -5.72 48.18 -42.79
CA LYS P 830 -5.38 46.79 -42.52
C LYS P 830 -5.60 45.92 -43.75
N ILE P 831 -6.75 46.08 -44.40
CA ILE P 831 -7.05 45.29 -45.59
C ILE P 831 -6.00 45.54 -46.65
N TYR P 832 -5.69 46.81 -46.92
CA TYR P 832 -4.63 47.14 -47.87
C TYR P 832 -3.35 46.40 -47.52
N TYR P 833 -2.78 46.68 -46.35
CA TYR P 833 -1.46 46.19 -45.98
C TYR P 833 -1.40 44.67 -45.88
N TYR P 834 -2.53 43.99 -45.65
CA TYR P 834 -2.46 42.55 -45.49
C TYR P 834 -3.00 41.78 -46.68
N ILE P 835 -3.53 42.44 -47.70
CA ILE P 835 -3.88 41.68 -48.89
C ILE P 835 -3.15 42.21 -50.12
N VAL P 836 -3.29 43.50 -50.40
CA VAL P 836 -2.89 43.97 -51.72
C VAL P 836 -1.38 44.12 -51.80
N ILE P 837 -0.73 44.45 -50.69
CA ILE P 837 0.73 44.52 -50.67
C ILE P 837 1.35 43.13 -50.79
N PRO P 838 0.96 42.12 -49.98
CA PRO P 838 1.56 40.80 -50.15
C PRO P 838 1.19 40.14 -51.47
N ALA P 839 -0.08 40.15 -51.86
CA ALA P 839 -0.48 39.49 -53.10
C ALA P 839 0.26 40.03 -54.30
N PHE P 840 0.75 41.26 -54.23
CA PHE P 840 1.47 41.87 -55.33
C PHE P 840 2.98 41.75 -55.19
N SER P 841 3.48 41.72 -53.96
CA SER P 841 4.93 41.68 -53.77
C SER P 841 5.47 40.25 -53.83
N ARG P 842 4.72 39.29 -53.27
CA ARG P 842 5.13 37.89 -53.22
C ARG P 842 6.46 37.74 -52.49
N GLY P 843 6.46 38.17 -51.22
CA GLY P 843 7.62 38.01 -50.38
C GLY P 843 8.84 38.80 -50.79
N SER P 844 8.68 39.82 -51.63
CA SER P 844 9.81 40.61 -52.11
C SER P 844 9.96 41.94 -51.37
N CYS P 845 8.89 42.46 -50.79
CA CYS P 845 8.96 43.74 -50.11
C CYS P 845 9.46 43.56 -48.68
N CYS P 846 9.86 44.67 -48.06
CA CYS P 846 10.37 44.63 -46.70
C CYS P 846 10.03 45.92 -46.00
N THR P 847 10.19 45.93 -44.68
CA THR P 847 9.95 47.11 -43.86
C THR P 847 11.24 47.53 -43.19
N MET P 848 11.43 48.84 -43.06
CA MET P 848 12.68 49.41 -42.58
C MET P 848 12.41 50.66 -41.74
N GLY P 849 13.46 51.11 -41.06
CA GLY P 849 13.42 52.34 -40.29
C GLY P 849 14.32 53.39 -40.89
N VAL P 850 13.99 54.66 -40.61
CA VAL P 850 14.67 55.79 -41.24
C VAL P 850 15.58 56.46 -40.22
N ARG P 851 16.41 57.38 -40.71
CA ARG P 851 17.35 58.16 -39.89
C ARG P 851 17.10 59.64 -40.18
N TYR P 852 16.23 60.24 -39.39
CA TYR P 852 15.91 61.65 -39.58
C TYR P 852 17.10 62.56 -39.28
N ASP P 853 17.95 62.18 -38.32
CA ASP P 853 19.14 62.97 -38.01
C ASP P 853 20.08 63.08 -39.19
N ARG P 854 20.03 62.13 -40.13
CA ARG P 854 20.80 62.21 -41.36
C ARG P 854 20.00 62.77 -42.52
N LEU P 855 18.68 62.57 -42.53
CA LEU P 855 17.82 63.08 -43.60
C LEU P 855 17.67 64.59 -43.55
N TYR P 856 17.33 65.14 -42.38
CA TYR P 856 17.00 66.56 -42.28
C TYR P 856 18.15 67.48 -42.69
N PRO P 857 19.38 67.31 -42.22
CA PRO P 857 20.46 68.20 -42.68
C PRO P 857 20.79 68.02 -44.15
N ALA P 858 20.40 66.91 -44.77
CA ALA P 858 20.70 66.68 -46.17
C ALA P 858 19.66 67.28 -47.11
N LEU P 859 18.45 67.55 -46.62
CA LEU P 859 17.39 68.10 -47.46
C LEU P 859 17.39 69.63 -47.48
N GLN P 860 18.29 70.28 -46.76
CA GLN P 860 18.27 71.73 -46.61
C GLN P 860 19.27 72.41 -47.54
N ALA P 861 19.45 71.89 -48.74
CA ALA P 861 20.34 72.48 -49.74
C ALA P 861 19.53 72.78 -50.99
N VAL P 862 19.13 74.05 -51.16
CA VAL P 862 18.36 74.49 -52.32
C VAL P 862 19.14 75.60 -53.02
N ILE P 863 19.17 75.53 -54.35
CA ILE P 863 19.93 76.50 -55.15
C ILE P 863 18.97 77.21 -56.11
N VAL P 864 17.74 77.42 -55.66
CA VAL P 864 16.78 78.15 -56.51
C VAL P 864 17.31 79.56 -56.77
N PRO P 865 17.37 80.02 -58.01
CA PRO P 865 17.93 81.34 -58.30
C PRO P 865 16.87 82.43 -58.10
N GLU P 866 17.34 83.67 -58.15
CA GLU P 866 16.47 84.83 -58.01
C GLU P 866 15.88 85.20 -59.36
N ILE P 867 14.56 85.42 -59.37
CA ILE P 867 13.85 85.79 -60.59
C ILE P 867 13.85 87.30 -60.73
N PRO P 868 14.16 87.85 -61.91
CA PRO P 868 14.09 89.31 -62.08
C PRO P 868 12.66 89.81 -61.99
N ALA P 869 12.51 91.05 -61.53
CA ALA P 869 11.20 91.65 -61.42
C ALA P 869 10.58 91.86 -62.80
N ASP P 870 9.24 91.76 -62.84
CA ASP P 870 8.48 91.93 -64.08
C ASP P 870 8.94 90.95 -65.15
N GLU P 871 9.30 89.74 -64.74
CA GLU P 871 9.78 88.70 -65.63
C GLU P 871 9.02 87.40 -65.35
N GLU P 872 9.31 86.39 -66.16
CA GLU P 872 8.67 85.10 -66.06
C GLU P 872 9.68 84.03 -65.68
N ALA P 873 9.21 82.99 -65.00
CA ALA P 873 10.08 81.89 -64.58
C ALA P 873 10.26 80.90 -65.72
N PRO P 874 11.48 80.43 -65.96
CA PRO P 874 11.70 79.51 -67.09
C PRO P 874 11.09 78.14 -66.82
N THR P 875 10.59 77.52 -67.89
CA THR P 875 9.94 76.22 -67.78
C THR P 875 10.93 75.09 -68.07
N THR P 876 11.51 75.09 -69.26
CA THR P 876 12.45 74.04 -69.62
C THR P 876 13.77 74.20 -68.86
N PRO P 877 14.42 73.10 -68.50
CA PRO P 877 15.73 73.18 -67.83
C PRO P 877 16.91 73.40 -68.75
N GLU P 878 16.69 73.75 -70.02
CA GLU P 878 17.78 74.00 -70.95
C GLU P 878 18.42 75.37 -70.77
N ASP P 879 17.75 76.29 -70.09
CA ASP P 879 18.33 77.61 -69.87
C ASP P 879 19.01 77.67 -68.50
N PRO P 880 20.05 78.50 -68.37
CA PRO P 880 20.74 78.59 -67.07
C PRO P 880 19.88 79.18 -65.97
N ARG P 881 18.78 79.86 -66.30
CA ARG P 881 17.91 80.42 -65.28
C ARG P 881 17.11 79.34 -64.56
N HIS P 882 17.01 78.14 -65.14
CA HIS P 882 16.24 77.07 -64.53
C HIS P 882 17.03 76.43 -63.38
N PRO P 883 16.34 76.00 -62.32
CA PRO P 883 17.06 75.37 -61.20
C PRO P 883 17.76 74.07 -61.60
N LEU P 884 17.21 73.34 -62.56
CA LEU P 884 17.77 72.06 -62.97
C LEU P 884 18.85 72.21 -64.05
N HIS P 885 19.45 73.39 -64.17
CA HIS P 885 20.50 73.60 -65.16
C HIS P 885 21.86 73.31 -64.55
N ALA P 886 22.83 73.02 -65.44
CA ALA P 886 24.17 72.69 -64.98
C ALA P 886 24.85 73.87 -64.30
N HIS P 887 24.47 75.10 -64.67
CA HIS P 887 25.06 76.27 -64.04
C HIS P 887 24.69 76.34 -62.55
N GLN P 888 23.51 75.87 -62.19
CA GLN P 888 23.05 75.89 -60.80
C GLN P 888 23.06 74.51 -60.18
N LEU P 889 23.67 73.53 -60.83
CA LEU P 889 23.76 72.16 -60.30
C LEU P 889 25.11 72.01 -59.62
N VAL P 890 25.10 71.98 -58.29
CA VAL P 890 26.33 71.87 -57.52
C VAL P 890 26.30 70.58 -56.70
N PRO P 891 27.44 69.98 -56.39
CA PRO P 891 27.44 68.71 -55.66
C PRO P 891 26.89 68.87 -54.25
N ASN P 892 26.36 67.77 -53.73
CA ASN P 892 25.81 67.69 -52.38
C ASN P 892 24.66 68.70 -52.20
N SER P 893 23.64 68.53 -53.03
CA SER P 893 22.45 69.37 -52.97
C SER P 893 21.25 68.51 -53.36
N LEU P 894 20.10 69.16 -53.54
CA LEU P 894 18.91 68.47 -54.00
C LEU P 894 18.72 68.54 -55.51
N ASN P 895 19.36 69.52 -56.15
CA ASN P 895 19.32 69.58 -57.61
C ASN P 895 19.95 68.34 -58.21
N VAL P 896 21.02 67.83 -57.61
CA VAL P 896 21.66 66.63 -58.15
C VAL P 896 20.76 65.41 -57.94
N TYR P 897 20.10 65.31 -56.79
CA TYR P 897 19.14 64.24 -56.58
C TYR P 897 18.06 64.27 -57.65
N PHE P 898 17.51 65.45 -57.90
CA PHE P 898 16.43 65.57 -58.88
C PHE P 898 16.93 65.30 -60.30
N HIS P 899 18.17 65.69 -60.61
CA HIS P 899 18.71 65.39 -61.92
C HIS P 899 18.91 63.90 -62.11
N ASN P 900 19.43 63.21 -61.08
CA ASN P 900 19.57 61.77 -61.16
C ASN P 900 18.22 61.08 -61.30
N ALA P 901 17.21 61.58 -60.60
CA ALA P 901 15.85 61.10 -60.78
C ALA P 901 15.27 61.44 -62.14
N HIS P 902 15.85 62.44 -62.82
CA HIS P 902 15.43 62.85 -64.16
C HIS P 902 14.01 63.41 -64.15
N LEU P 903 13.78 64.37 -63.25
CA LEU P 903 12.51 65.05 -63.13
C LEU P 903 12.71 66.54 -63.41
N THR P 904 11.59 67.23 -63.66
CA THR P 904 11.60 68.65 -63.99
C THR P 904 10.64 69.36 -63.04
N VAL P 905 11.18 70.23 -62.19
CA VAL P 905 10.39 70.96 -61.21
C VAL P 905 10.75 72.45 -61.29
N ASP P 906 9.82 73.29 -60.88
CA ASP P 906 10.01 74.73 -60.87
C ASP P 906 10.55 75.18 -59.52
N GLY P 907 10.56 76.49 -59.29
CA GLY P 907 11.12 77.05 -58.07
C GLY P 907 10.20 77.02 -56.87
N ASP P 908 8.90 77.25 -57.09
CA ASP P 908 7.95 77.27 -56.00
C ASP P 908 7.79 75.88 -55.39
N ALA P 909 7.87 74.84 -56.23
CA ALA P 909 7.81 73.47 -55.71
C ALA P 909 8.93 73.21 -54.72
N LEU P 910 10.14 73.67 -55.02
CA LEU P 910 11.26 73.46 -54.11
C LEU P 910 11.17 74.39 -52.90
N LEU P 911 10.66 75.60 -53.10
CA LEU P 911 10.53 76.53 -51.97
C LEU P 911 9.51 76.08 -50.95
N THR P 912 8.48 75.34 -51.38
CA THR P 912 7.49 74.78 -50.45
C THR P 912 8.12 73.91 -49.36
N LEU P 913 9.37 73.50 -49.53
CA LEU P 913 10.05 72.74 -48.48
C LEU P 913 10.23 73.57 -47.22
N GLN P 914 10.50 74.86 -47.38
CA GLN P 914 10.64 75.73 -46.21
C GLN P 914 9.35 75.77 -45.41
N GLU P 915 8.20 75.82 -46.09
CA GLU P 915 6.92 75.82 -45.39
C GLU P 915 6.65 74.47 -44.75
N LEU P 916 7.00 73.38 -45.44
CA LEU P 916 6.87 72.06 -44.82
C LEU P 916 7.69 71.96 -43.54
N MET P 917 8.87 72.57 -43.51
CA MET P 917 9.81 72.36 -42.42
C MET P 917 9.26 72.72 -41.03
N GLY P 918 8.02 73.18 -40.93
CA GLY P 918 7.41 73.44 -39.64
C GLY P 918 7.37 72.21 -38.75
N ASP P 919 6.57 71.22 -39.13
CA ASP P 919 6.51 69.97 -38.37
C ASP P 919 7.78 69.17 -38.59
N MET P 920 8.05 68.26 -37.66
CA MET P 920 9.25 67.44 -37.71
C MET P 920 8.91 66.01 -37.31
N ALA P 921 9.83 65.10 -37.59
CA ALA P 921 9.74 63.71 -37.17
C ALA P 921 11.03 63.34 -36.48
N GLU P 922 10.94 62.98 -35.19
CA GLU P 922 12.15 62.73 -34.41
C GLU P 922 12.84 61.44 -34.84
N ARG P 923 12.14 60.31 -34.71
CA ARG P 923 12.73 59.01 -35.00
C ARG P 923 11.61 58.01 -35.25
N THR P 924 12.00 56.84 -35.74
CA THR P 924 11.08 55.70 -35.88
C THR P 924 11.33 54.75 -34.71
N THR P 925 10.27 54.17 -34.19
CA THR P 925 10.39 53.34 -33.00
C THR P 925 9.56 52.06 -33.13
N ALA P 926 9.69 51.20 -32.13
CA ALA P 926 8.99 49.92 -32.12
C ALA P 926 7.92 49.92 -31.02
N ILE P 927 6.81 49.22 -31.31
CA ILE P 927 5.71 49.08 -30.37
C ILE P 927 5.39 47.60 -30.26
N LEU P 928 5.24 47.11 -29.04
CA LEU P 928 4.87 45.73 -28.77
C LEU P 928 3.59 45.75 -27.95
N VAL P 929 2.51 45.23 -28.53
CA VAL P 929 1.22 45.18 -27.86
C VAL P 929 0.85 43.72 -27.61
N SER P 930 0.19 43.49 -26.49
CA SER P 930 -0.21 42.14 -26.10
C SER P 930 -1.60 42.20 -25.49
N SER P 931 -2.40 41.16 -25.72
CA SER P 931 -3.77 41.12 -25.23
C SER P 931 -4.21 39.67 -25.09
N ALA P 932 -5.25 39.46 -24.28
CA ALA P 932 -5.84 38.16 -24.08
C ALA P 932 -6.65 37.76 -25.30
N PRO P 933 -7.03 36.49 -25.43
CA PRO P 933 -7.88 36.09 -26.55
C PRO P 933 -9.27 36.68 -26.44
N ASP P 934 -9.93 36.74 -27.60
CA ASP P 934 -11.26 37.33 -27.68
C ASP P 934 -12.27 36.52 -26.88
N ALA P 935 -13.37 37.17 -26.51
CA ALA P 935 -14.44 36.52 -25.77
C ALA P 935 -15.11 35.39 -26.54
N GLY P 936 -14.81 35.24 -27.83
CA GLY P 936 -15.38 34.13 -28.57
C GLY P 936 -14.87 32.78 -28.10
N ALA P 937 -13.59 32.71 -27.74
CA ALA P 937 -12.98 31.49 -27.22
C ALA P 937 -12.34 31.70 -25.86
N ALA P 938 -12.73 32.75 -25.15
CA ALA P 938 -12.13 33.08 -23.86
C ALA P 938 -12.69 32.11 -22.82
N THR P 939 -11.85 31.19 -22.37
CA THR P 939 -12.19 30.27 -21.29
C THR P 939 -11.20 30.45 -20.14
N ALA P 940 -11.49 29.76 -19.03
CA ALA P 940 -10.68 29.91 -17.82
C ALA P 940 -9.24 29.46 -18.01
N THR P 941 -8.95 28.68 -19.03
CA THR P 941 -7.59 28.26 -19.34
C THR P 941 -6.96 29.07 -20.46
N THR P 942 -7.74 29.40 -21.50
CA THR P 942 -7.20 30.20 -22.59
C THR P 942 -6.93 31.64 -22.18
N ARG P 943 -7.55 32.11 -21.10
CA ARG P 943 -7.26 33.46 -20.61
C ARG P 943 -5.80 33.64 -20.22
N ASN P 944 -5.10 32.55 -19.90
CA ASN P 944 -3.68 32.66 -19.57
C ASN P 944 -2.83 32.84 -20.81
N MET P 945 -3.22 32.24 -21.93
CA MET P 945 -2.50 32.42 -23.17
C MET P 945 -2.65 33.87 -23.66
N ARG P 946 -1.61 34.36 -24.32
CA ARG P 946 -1.58 35.73 -24.78
C ARG P 946 -0.92 35.80 -26.14
N ILE P 947 -1.34 36.77 -26.96
CA ILE P 947 -0.83 36.97 -28.30
C ILE P 947 0.03 38.22 -28.31
N TYR P 948 1.13 38.16 -29.05
CA TYR P 948 2.06 39.27 -29.17
C TYR P 948 2.32 39.57 -30.64
N ASP P 949 2.28 40.84 -31.00
CA ASP P 949 2.63 41.26 -32.35
C ASP P 949 3.29 42.62 -32.29
N GLY P 950 4.26 42.85 -33.17
CA GLY P 950 5.01 44.08 -33.16
C GLY P 950 4.68 45.02 -34.30
N ALA P 951 4.97 46.31 -34.13
CA ALA P 951 4.70 47.30 -35.15
C ALA P 951 5.74 48.40 -35.10
N LEU P 952 5.82 49.16 -36.18
CA LEU P 952 6.77 50.26 -36.30
C LEU P 952 6.02 51.58 -36.34
N TYR P 953 6.59 52.60 -35.70
CA TYR P 953 6.10 53.97 -35.76
C TYR P 953 7.06 54.79 -36.59
N HIS P 954 6.54 55.37 -37.67
CA HIS P 954 7.30 56.21 -38.60
C HIS P 954 8.34 55.38 -39.37
N GLY P 955 7.97 54.14 -39.72
CA GLY P 955 8.79 53.31 -40.58
C GLY P 955 8.41 53.46 -42.04
N LEU P 956 9.03 52.63 -42.87
CA LEU P 956 8.80 52.70 -44.31
C LEU P 956 8.80 51.29 -44.89
N ILE P 957 8.27 51.17 -46.10
CA ILE P 957 8.24 49.91 -46.83
C ILE P 957 9.04 50.09 -48.11
N MET P 958 9.98 49.18 -48.35
CA MET P 958 10.79 49.17 -49.56
C MET P 958 10.40 47.99 -50.42
N MET P 959 10.06 48.28 -51.68
CA MET P 959 9.58 47.24 -52.59
C MET P 959 10.71 46.28 -52.98
N ALA P 960 11.73 46.81 -53.66
CA ALA P 960 12.82 45.98 -54.17
C ALA P 960 14.13 46.71 -53.91
N TYR P 961 14.96 46.13 -53.06
CA TYR P 961 16.24 46.73 -52.71
C TYR P 961 17.34 46.20 -53.62
N GLN P 962 18.19 47.11 -54.08
CA GLN P 962 19.29 46.78 -54.97
C GLN P 962 20.60 47.25 -54.35
N ALA P 963 21.52 46.31 -54.14
CA ALA P 963 22.84 46.64 -53.62
C ALA P 963 23.83 47.01 -54.71
N TYR P 964 23.35 47.24 -55.94
CA TYR P 964 24.20 47.56 -57.06
C TYR P 964 24.14 49.04 -57.45
N ASP P 965 23.71 49.89 -56.53
CA ASP P 965 23.63 51.33 -56.76
C ASP P 965 24.75 52.00 -55.97
N GLU P 966 25.83 52.35 -56.67
CA GLU P 966 26.99 52.95 -56.04
C GLU P 966 26.93 54.47 -56.00
N THR P 967 25.88 55.07 -56.55
CA THR P 967 25.71 56.52 -56.43
C THR P 967 25.44 56.94 -54.99
N ILE P 968 24.75 56.10 -54.22
CA ILE P 968 24.46 56.37 -52.82
C ILE P 968 24.90 55.15 -52.01
N ALA P 969 25.63 55.39 -50.93
CA ALA P 969 26.07 54.28 -50.08
C ALA P 969 24.88 53.59 -49.44
N THR P 970 24.97 52.28 -49.33
CA THR P 970 23.89 51.50 -48.71
C THR P 970 23.82 51.80 -47.22
N GLY P 971 22.59 51.84 -46.71
CA GLY P 971 22.38 52.13 -45.30
C GLY P 971 22.64 53.57 -44.93
N THR P 972 22.54 54.49 -45.91
CA THR P 972 22.73 55.90 -45.65
C THR P 972 21.52 56.56 -44.99
N PHE P 973 20.31 56.19 -45.40
CA PHE P 973 19.11 56.73 -44.79
C PHE P 973 18.15 55.70 -44.25
N PHE P 974 18.28 54.43 -44.61
CA PHE P 974 17.37 53.39 -44.15
C PHE P 974 18.16 52.19 -43.67
N TYR P 975 17.54 51.42 -42.77
CA TYR P 975 18.14 50.22 -42.21
C TYR P 975 17.04 49.20 -41.97
N PRO P 976 17.30 47.92 -42.25
CA PRO P 976 16.24 46.91 -42.17
C PRO P 976 15.99 46.47 -40.73
N VAL P 977 14.71 46.35 -40.40
CA VAL P 977 14.28 45.81 -39.12
C VAL P 977 12.88 45.21 -39.29
N PRO P 978 12.78 44.06 -39.94
CA PRO P 978 11.45 43.49 -40.24
C PRO P 978 10.94 42.60 -39.13
N VAL P 979 9.66 42.76 -38.81
CA VAL P 979 8.95 41.89 -37.87
C VAL P 979 7.67 41.41 -38.56
N ASN P 980 7.79 40.32 -39.32
CA ASN P 980 6.66 39.57 -39.86
C ASN P 980 7.20 38.34 -40.55
N PRO P 981 6.45 37.23 -40.57
CA PRO P 981 6.79 36.15 -41.50
C PRO P 981 6.47 36.52 -42.93
N LEU P 982 5.63 37.53 -43.14
CA LEU P 982 5.18 37.94 -44.46
C LEU P 982 6.03 39.08 -45.02
N PHE P 983 6.35 40.07 -44.19
CA PHE P 983 7.14 41.22 -44.63
C PHE P 983 8.65 41.00 -44.49
N ALA P 984 9.08 39.75 -44.34
CA ALA P 984 10.51 39.48 -44.24
C ALA P 984 11.20 39.81 -45.56
N CYS P 985 12.52 39.94 -45.47
CA CYS P 985 13.34 40.35 -46.62
C CYS P 985 14.71 39.71 -46.49
N PRO P 986 14.96 38.60 -47.17
CA PRO P 986 16.27 37.95 -47.06
C PRO P 986 17.39 38.69 -47.78
N GLU P 987 17.06 39.67 -48.64
CA GLU P 987 18.08 40.38 -49.39
C GLU P 987 18.27 41.83 -48.93
N HIS P 988 17.28 42.43 -48.29
CA HIS P 988 17.44 43.79 -47.80
C HIS P 988 18.42 43.89 -46.65
N LEU P 989 18.83 42.76 -46.08
CA LEU P 989 19.79 42.77 -44.98
C LEU P 989 21.19 43.18 -45.42
N ALA P 990 21.46 43.22 -46.72
CA ALA P 990 22.74 43.70 -47.20
C ALA P 990 22.96 45.16 -46.83
N SER P 991 21.88 45.93 -46.72
CA SER P 991 21.99 47.33 -46.32
C SER P 991 22.34 47.51 -44.86
N LEU P 992 22.28 46.45 -44.05
CA LEU P 992 22.66 46.54 -42.66
C LEU P 992 24.16 46.46 -42.50
N ARG P 993 24.68 47.15 -41.48
CA ARG P 993 26.10 47.13 -41.21
C ARG P 993 26.51 45.82 -40.55
N GLY P 994 27.70 45.35 -40.89
CA GLY P 994 28.22 44.12 -40.33
C GLY P 994 27.44 42.89 -40.76
N MET P 995 27.41 42.61 -42.06
CA MET P 995 26.70 41.47 -42.60
C MET P 995 27.70 40.51 -43.24
N THR P 996 27.67 39.26 -42.82
CA THR P 996 28.56 38.23 -43.32
C THR P 996 27.78 37.19 -44.12
N ASN P 997 28.54 36.38 -44.85
CA ASN P 997 27.91 35.30 -45.62
C ASN P 997 27.25 34.28 -44.70
N ALA P 998 27.81 34.04 -43.52
CA ALA P 998 27.17 33.14 -42.57
C ALA P 998 25.79 33.66 -42.16
N ARG P 999 25.72 34.94 -41.77
CA ARG P 999 24.43 35.51 -41.41
C ARG P 999 23.47 35.52 -42.59
N ARG P 1000 23.97 35.79 -43.79
CA ARG P 1000 23.12 35.79 -44.97
C ARG P 1000 22.54 34.40 -45.24
N VAL P 1001 23.36 33.36 -45.16
CA VAL P 1001 22.88 32.01 -45.42
C VAL P 1001 21.99 31.53 -44.29
N LEU P 1002 22.17 32.04 -43.07
CA LEU P 1002 21.25 31.68 -42.00
C LEU P 1002 19.91 32.36 -42.15
N ALA P 1003 19.89 33.61 -42.61
CA ALA P 1003 18.63 34.32 -42.81
C ALA P 1003 17.90 33.89 -44.07
N LYS P 1004 18.62 33.33 -45.04
CA LYS P 1004 17.95 32.83 -46.25
C LYS P 1004 16.90 31.78 -45.92
N MET P 1005 17.10 31.00 -44.85
CA MET P 1005 16.17 29.95 -44.48
C MET P 1005 15.14 30.44 -43.46
N VAL P 1006 15.62 30.89 -42.30
CA VAL P 1006 14.74 31.31 -41.22
C VAL P 1006 14.52 32.81 -41.29
N PRO P 1007 13.28 33.29 -41.25
CA PRO P 1007 13.03 34.73 -41.32
C PRO P 1007 13.55 35.45 -40.09
N PRO P 1008 14.51 36.35 -40.26
CA PRO P 1008 15.08 37.04 -39.09
C PRO P 1008 14.11 38.03 -38.48
N ILE P 1009 13.61 37.71 -37.28
CA ILE P 1009 12.69 38.57 -36.56
C ILE P 1009 13.20 38.70 -35.13
N PRO P 1010 13.45 39.91 -34.63
CA PRO P 1010 13.99 40.05 -33.27
C PRO P 1010 12.97 39.62 -32.24
N PRO P 1011 13.40 39.01 -31.15
CA PRO P 1011 12.43 38.52 -30.16
C PRO P 1011 11.71 39.61 -29.41
N PHE P 1012 12.31 40.80 -29.30
CA PHE P 1012 11.61 41.89 -28.63
C PHE P 1012 10.48 42.47 -29.47
N LEU P 1013 10.30 41.99 -30.70
CA LEU P 1013 9.22 42.46 -31.56
C LEU P 1013 8.14 41.42 -31.77
N GLY P 1014 8.31 40.21 -31.25
CA GLY P 1014 7.30 39.17 -31.37
C GLY P 1014 7.87 37.87 -31.89
N ALA P 1015 7.28 36.76 -31.43
CA ALA P 1015 7.68 35.43 -31.85
C ALA P 1015 6.66 34.86 -32.83
N ASN P 1016 7.08 33.81 -33.53
CA ASN P 1016 6.22 33.23 -34.56
C ASN P 1016 5.06 32.46 -33.94
N HIS P 1017 5.34 31.65 -32.92
CA HIS P 1017 4.30 30.84 -32.30
C HIS P 1017 3.34 31.65 -31.45
N HIS P 1018 3.58 32.95 -31.26
CA HIS P 1018 2.68 33.79 -30.49
C HIS P 1018 2.00 34.87 -31.31
N ALA P 1019 2.47 35.13 -32.53
CA ALA P 1019 1.88 36.15 -33.37
C ALA P 1019 0.60 35.63 -34.04
N THR P 1020 -0.10 36.55 -34.70
CA THR P 1020 -1.31 36.17 -35.42
C THR P 1020 -1.01 35.57 -36.78
N ILE P 1021 -0.36 36.34 -37.64
CA ILE P 1021 0.07 35.84 -38.94
C ILE P 1021 1.30 34.98 -38.74
N ARG P 1022 1.29 33.77 -39.30
CA ARG P 1022 2.34 32.79 -39.05
C ARG P 1022 2.92 32.30 -40.37
N GLN P 1023 3.82 31.32 -40.25
CA GLN P 1023 4.56 30.83 -41.41
C GLN P 1023 3.70 30.20 -42.51
N PRO P 1024 2.57 29.53 -42.22
CA PRO P 1024 1.79 28.97 -43.34
C PRO P 1024 1.27 30.01 -44.31
N VAL P 1025 0.77 31.14 -43.82
CA VAL P 1025 0.25 32.17 -44.71
C VAL P 1025 1.36 32.73 -45.57
N ALA P 1026 2.55 32.94 -44.98
CA ALA P 1026 3.69 33.42 -45.75
C ALA P 1026 4.08 32.43 -46.84
N TYR P 1027 4.15 31.14 -46.49
CA TYR P 1027 4.49 30.14 -47.48
C TYR P 1027 3.47 30.09 -48.61
N HIS P 1028 2.19 30.17 -48.25
CA HIS P 1028 1.15 30.17 -49.28
C HIS P 1028 1.29 31.35 -50.21
N VAL P 1029 1.46 32.56 -49.66
CA VAL P 1029 1.51 33.75 -50.50
C VAL P 1029 2.79 33.77 -51.32
N THR P 1030 3.86 33.14 -50.86
CA THR P 1030 5.09 33.15 -51.64
C THR P 1030 5.18 32.01 -52.64
N HIS P 1031 4.41 30.93 -52.48
CA HIS P 1031 4.49 29.84 -53.43
C HIS P 1031 3.26 29.68 -54.32
N SER P 1032 2.19 30.41 -54.09
CA SER P 1032 1.01 30.30 -54.94
C SER P 1032 1.21 31.09 -56.22
N LYS P 1033 0.96 30.43 -57.36
CA LYS P 1033 1.01 31.08 -58.67
C LYS P 1033 -0.29 30.74 -59.40
N SER P 1034 -1.35 31.49 -59.11
CA SER P 1034 -2.62 31.32 -59.79
C SER P 1034 -3.03 32.58 -60.56
N ASP P 1035 -3.16 33.70 -59.90
CA ASP P 1035 -3.63 34.95 -60.47
C ASP P 1035 -3.43 36.04 -59.42
N PHE P 1036 -3.97 37.23 -59.68
CA PHE P 1036 -3.94 38.31 -58.70
C PHE P 1036 -5.27 38.52 -58.01
N ASN P 1037 -6.37 38.64 -58.75
CA ASN P 1037 -7.68 38.76 -58.12
C ASN P 1037 -8.01 37.51 -57.30
N THR P 1038 -7.78 36.34 -57.88
CA THR P 1038 -8.02 35.10 -57.16
C THR P 1038 -7.11 34.99 -55.93
N LEU P 1039 -5.87 35.46 -56.03
CA LEU P 1039 -4.98 35.40 -54.88
C LEU P 1039 -5.45 36.30 -53.75
N THR P 1040 -5.86 37.52 -54.09
CA THR P 1040 -6.43 38.42 -53.08
C THR P 1040 -7.66 37.80 -52.43
N TYR P 1041 -8.54 37.18 -53.22
CA TYR P 1041 -9.75 36.60 -52.65
C TYR P 1041 -9.44 35.39 -51.80
N SER P 1042 -8.44 34.58 -52.18
CA SER P 1042 -8.05 33.44 -51.36
C SER P 1042 -7.45 33.91 -50.05
N LEU P 1043 -6.63 34.96 -50.08
CA LEU P 1043 -6.08 35.50 -48.83
C LEU P 1043 -7.17 36.05 -47.94
N LEU P 1044 -8.16 36.72 -48.53
CA LEU P 1044 -9.29 37.21 -47.75
C LEU P 1044 -10.04 36.06 -47.09
N GLY P 1045 -10.34 35.02 -47.87
CA GLY P 1045 -11.03 33.86 -47.32
C GLY P 1045 -10.25 33.18 -46.22
N GLY P 1046 -8.93 33.08 -46.38
CA GLY P 1046 -8.09 32.53 -45.32
C GLY P 1046 -8.06 33.38 -44.07
N TYR P 1047 -8.14 34.71 -44.22
CA TYR P 1047 -8.15 35.60 -43.07
C TYR P 1047 -9.51 35.55 -42.38
N PHE P 1048 -9.73 34.44 -41.67
CA PHE P 1048 -10.97 34.23 -40.91
C PHE P 1048 -10.64 33.53 -39.59
N LYS P 1049 -11.53 33.71 -38.62
CA LYS P 1049 -11.30 33.14 -37.30
C LYS P 1049 -11.75 31.69 -37.24
N PHE P 1050 -11.18 30.95 -36.28
CA PHE P 1050 -11.48 29.54 -36.08
C PHE P 1050 -12.10 29.28 -34.70
N THR P 1051 -12.74 30.28 -34.12
CA THR P 1051 -13.38 30.09 -32.83
C THR P 1051 -14.75 29.44 -33.02
N PRO P 1052 -15.27 28.77 -31.98
CA PRO P 1052 -16.62 28.18 -32.08
C PRO P 1052 -17.72 29.18 -32.34
N ILE P 1053 -17.48 30.47 -32.15
CA ILE P 1053 -18.50 31.46 -32.49
C ILE P 1053 -18.39 31.91 -33.94
N SER P 1054 -17.17 32.06 -34.46
CA SER P 1054 -17.02 32.32 -35.89
C SER P 1054 -17.50 31.13 -36.71
N LEU P 1055 -17.35 29.92 -36.19
CA LEU P 1055 -17.92 28.76 -36.86
C LEU P 1055 -19.43 28.86 -36.91
N THR P 1056 -20.05 29.39 -35.85
CA THR P 1056 -21.50 29.56 -35.84
C THR P 1056 -21.97 30.43 -37.00
N HIS P 1057 -21.20 31.45 -37.36
CA HIS P 1057 -21.52 32.27 -38.51
C HIS P 1057 -21.19 31.58 -39.82
N GLN P 1058 -20.03 30.92 -39.89
CA GLN P 1058 -19.56 30.36 -41.14
C GLN P 1058 -20.44 29.20 -41.60
N LEU P 1059 -20.71 28.24 -40.72
CA LEU P 1059 -21.54 27.10 -41.07
C LEU P 1059 -22.95 27.52 -41.47
N ARG P 1060 -23.44 28.63 -40.92
CA ARG P 1060 -24.78 29.10 -41.25
C ARG P 1060 -24.80 29.89 -42.55
N THR P 1061 -23.76 30.66 -42.84
CA THR P 1061 -23.72 31.42 -44.08
C THR P 1061 -23.29 30.60 -45.28
N GLY P 1062 -22.67 29.45 -45.05
CA GLY P 1062 -22.26 28.58 -46.14
C GLY P 1062 -20.79 28.64 -46.48
N PHE P 1063 -20.00 29.44 -45.78
CA PHE P 1063 -18.57 29.48 -46.01
C PHE P 1063 -17.94 28.18 -45.55
N HIS P 1064 -17.13 27.57 -46.40
CA HIS P 1064 -16.53 26.29 -46.07
C HIS P 1064 -15.16 26.49 -45.43
N PRO P 1065 -14.99 26.11 -44.18
CA PRO P 1065 -13.67 26.22 -43.54
C PRO P 1065 -12.76 25.08 -43.97
N GLY P 1066 -11.55 25.09 -43.42
CA GLY P 1066 -10.56 24.10 -43.78
C GLY P 1066 -10.60 22.85 -42.92
N ILE P 1067 -11.63 22.02 -43.12
CA ILE P 1067 -11.82 20.80 -42.33
C ILE P 1067 -12.83 19.95 -43.07
N ALA P 1068 -12.69 18.63 -42.98
CA ALA P 1068 -13.68 17.72 -43.52
C ALA P 1068 -14.17 16.81 -42.41
N PHE P 1069 -15.26 16.10 -42.67
CA PHE P 1069 -15.87 15.27 -41.65
C PHE P 1069 -16.11 13.87 -42.18
N THR P 1070 -16.10 12.91 -41.25
CA THR P 1070 -16.57 11.56 -41.52
C THR P 1070 -17.71 11.27 -40.57
N VAL P 1071 -18.83 10.83 -41.13
CA VAL P 1071 -20.02 10.50 -40.34
C VAL P 1071 -20.06 9.00 -40.18
N VAL P 1072 -20.39 8.58 -38.96
CA VAL P 1072 -20.54 7.17 -38.62
C VAL P 1072 -21.96 6.96 -38.12
N ARG P 1073 -22.63 5.96 -38.65
CA ARG P 1073 -24.01 5.63 -38.29
C ARG P 1073 -24.09 4.14 -38.01
N GLN P 1074 -25.04 3.74 -37.17
CA GLN P 1074 -25.26 2.33 -36.88
C GLN P 1074 -26.73 2.01 -37.05
N ASP P 1075 -27.02 0.87 -37.68
CA ASP P 1075 -28.37 0.42 -37.92
C ASP P 1075 -28.50 -1.01 -37.45
N ARG P 1076 -29.74 -1.46 -37.27
CA ARG P 1076 -30.00 -2.84 -36.89
C ARG P 1076 -31.16 -3.38 -37.69
N PHE P 1077 -31.03 -4.65 -38.08
CA PHE P 1077 -32.00 -5.32 -38.93
C PHE P 1077 -32.41 -6.63 -38.29
N ALA P 1078 -33.71 -6.89 -38.29
CA ALA P 1078 -34.23 -8.15 -37.77
C ALA P 1078 -34.13 -9.23 -38.85
N THR P 1079 -33.47 -10.34 -38.52
CA THR P 1079 -33.19 -11.38 -39.49
C THR P 1079 -33.77 -12.70 -39.00
N GLU P 1080 -33.81 -13.67 -39.92
CA GLU P 1080 -34.20 -15.04 -39.62
C GLU P 1080 -32.95 -15.90 -39.57
N GLN P 1081 -32.90 -16.80 -38.60
CA GLN P 1081 -31.73 -17.61 -38.38
C GLN P 1081 -32.04 -19.09 -38.63
N LEU P 1082 -30.98 -19.89 -38.73
CA LEU P 1082 -31.11 -21.32 -38.92
C LEU P 1082 -30.05 -21.98 -38.05
N LEU P 1083 -30.48 -22.93 -37.22
CA LEU P 1083 -29.61 -23.54 -36.23
C LEU P 1083 -29.54 -25.05 -36.46
N TYR P 1084 -28.34 -25.60 -36.32
CA TYR P 1084 -28.12 -27.04 -36.39
C TYR P 1084 -27.37 -27.49 -35.15
N ALA P 1085 -27.70 -28.69 -34.68
CA ALA P 1085 -27.09 -29.23 -33.47
C ALA P 1085 -26.82 -30.72 -33.67
N GLU P 1086 -25.88 -31.24 -32.90
CA GLU P 1086 -25.53 -32.65 -32.97
C GLU P 1086 -26.56 -33.49 -32.21
N ARG P 1087 -26.31 -34.80 -32.15
CA ARG P 1087 -27.27 -35.71 -31.54
C ARG P 1087 -27.23 -35.62 -30.02
N ALA P 1088 -26.11 -36.01 -29.43
CA ALA P 1088 -25.94 -35.96 -27.98
C ALA P 1088 -25.10 -34.73 -27.67
N SER P 1089 -25.75 -33.57 -27.66
CA SER P 1089 -25.04 -32.31 -27.47
C SER P 1089 -25.03 -31.83 -26.03
N GLU P 1090 -25.98 -32.26 -25.21
CA GLU P 1090 -26.06 -31.78 -23.84
C GLU P 1090 -26.71 -32.84 -22.95
N SER P 1091 -26.29 -32.84 -21.69
CA SER P 1091 -26.88 -33.66 -20.65
C SER P 1091 -27.72 -32.75 -19.77
N TYR P 1092 -28.96 -33.14 -19.57
CA TYR P 1092 -29.96 -32.35 -18.87
C TYR P 1092 -30.38 -33.12 -17.62
N PHE P 1093 -30.33 -32.45 -16.47
CA PHE P 1093 -30.81 -33.01 -15.22
C PHE P 1093 -31.98 -32.17 -14.75
N VAL P 1094 -33.07 -32.81 -14.36
CA VAL P 1094 -34.26 -32.12 -13.87
C VAL P 1094 -34.55 -32.62 -12.46
N GLY P 1095 -34.83 -31.71 -11.53
CA GLY P 1095 -35.18 -32.09 -10.18
C GLY P 1095 -36.67 -32.30 -10.00
N GLN P 1096 -37.14 -32.05 -8.79
CA GLN P 1096 -38.55 -32.19 -8.46
C GLN P 1096 -39.17 -30.83 -8.14
N ILE P 1097 -40.46 -30.73 -8.43
CA ILE P 1097 -41.18 -29.46 -8.31
C ILE P 1097 -41.50 -29.19 -6.84
N GLN P 1098 -41.59 -27.91 -6.50
CA GLN P 1098 -41.98 -27.49 -5.17
C GLN P 1098 -43.12 -26.48 -5.27
N VAL P 1099 -43.95 -26.44 -4.23
CA VAL P 1099 -45.11 -25.56 -4.18
C VAL P 1099 -44.86 -24.50 -3.12
N HIS P 1100 -45.39 -23.30 -3.38
CA HIS P 1100 -45.18 -22.17 -2.48
C HIS P 1100 -46.51 -21.43 -2.30
N HIS P 1101 -47.20 -21.72 -1.19
CA HIS P 1101 -48.37 -20.97 -0.82
C HIS P 1101 -47.99 -19.53 -0.53
N HIS P 1102 -48.82 -18.59 -0.98
CA HIS P 1102 -48.50 -17.18 -0.82
C HIS P 1102 -49.77 -16.37 -0.96
N ASP P 1103 -49.93 -15.38 -0.09
CA ASP P 1103 -51.09 -14.50 -0.18
C ASP P 1103 -51.04 -13.69 -1.46
N ALA P 1104 -52.19 -13.16 -1.87
CA ALA P 1104 -52.34 -12.54 -3.17
C ALA P 1104 -53.11 -11.23 -3.01
N ILE P 1105 -53.53 -10.68 -4.16
CA ILE P 1105 -54.22 -9.39 -4.16
C ILE P 1105 -55.64 -9.55 -3.63
N GLY P 1106 -56.34 -10.61 -4.04
CA GLY P 1106 -57.66 -10.89 -3.52
C GLY P 1106 -57.79 -12.30 -2.99
N GLY P 1107 -56.98 -13.21 -3.50
CA GLY P 1107 -57.05 -14.60 -3.12
C GLY P 1107 -55.70 -15.14 -2.68
N VAL P 1108 -55.24 -16.21 -3.33
CA VAL P 1108 -53.94 -16.80 -3.05
C VAL P 1108 -53.22 -17.04 -4.37
N ASN P 1109 -51.90 -16.99 -4.32
CA ASN P 1109 -51.03 -17.18 -5.48
C ASN P 1109 -50.08 -18.33 -5.19
N PHE P 1110 -50.36 -19.49 -5.78
CA PHE P 1110 -49.44 -20.60 -5.69
C PHE P 1110 -48.33 -20.42 -6.71
N THR P 1111 -47.13 -20.86 -6.34
CA THR P 1111 -45.97 -20.77 -7.22
C THR P 1111 -45.30 -22.13 -7.29
N LEU P 1112 -45.15 -22.65 -8.51
CA LEU P 1112 -44.46 -23.91 -8.75
C LEU P 1112 -43.07 -23.58 -9.28
N THR P 1113 -42.08 -24.33 -8.82
CA THR P 1113 -40.69 -24.08 -9.19
C THR P 1113 -39.96 -25.41 -9.35
N GLN P 1114 -39.09 -25.47 -10.36
CA GLN P 1114 -38.34 -26.68 -10.63
C GLN P 1114 -36.92 -26.36 -11.11
N PRO P 1115 -35.89 -26.94 -10.49
CA PRO P 1115 -34.52 -26.67 -10.92
C PRO P 1115 -34.04 -27.68 -11.95
N ARG P 1116 -33.03 -27.25 -12.72
CA ARG P 1116 -32.48 -28.07 -13.78
C ARG P 1116 -31.02 -27.69 -13.97
N ALA P 1117 -30.30 -28.57 -14.64
CA ALA P 1117 -28.87 -28.42 -14.83
C ALA P 1117 -28.49 -28.92 -16.21
N HIS P 1118 -27.57 -28.21 -16.85
CA HIS P 1118 -27.19 -28.53 -18.22
C HIS P 1118 -25.68 -28.53 -18.38
N VAL P 1119 -25.17 -29.57 -19.04
CA VAL P 1119 -23.74 -29.72 -19.30
C VAL P 1119 -23.53 -30.14 -20.75
N ASP P 1120 -22.63 -29.45 -21.45
CA ASP P 1120 -22.35 -29.80 -22.85
C ASP P 1120 -21.30 -30.91 -22.88
N LEU P 1121 -21.61 -32.01 -23.56
CA LEU P 1121 -20.67 -33.12 -23.71
C LEU P 1121 -19.90 -33.02 -25.04
N GLY P 1122 -19.26 -31.89 -25.27
CA GLY P 1122 -18.54 -31.65 -26.50
C GLY P 1122 -17.04 -31.61 -26.27
N VAL P 1123 -16.31 -32.33 -27.11
CA VAL P 1123 -14.86 -32.25 -27.14
C VAL P 1123 -14.51 -31.17 -28.16
N GLY P 1124 -15.52 -30.45 -28.62
CA GLY P 1124 -15.37 -29.41 -29.62
C GLY P 1124 -16.67 -28.62 -29.73
N TYR P 1125 -17.09 -28.31 -30.96
CA TYR P 1125 -18.32 -27.59 -31.19
C TYR P 1125 -19.37 -28.54 -31.75
N THR P 1126 -20.56 -28.54 -31.13
CA THR P 1126 -21.65 -29.42 -31.54
C THR P 1126 -22.88 -28.64 -31.96
N ALA P 1127 -22.72 -27.35 -32.28
CA ALA P 1127 -23.85 -26.52 -32.66
C ALA P 1127 -23.36 -25.40 -33.56
N VAL P 1128 -24.17 -25.06 -34.57
CA VAL P 1128 -23.86 -24.01 -35.51
C VAL P 1128 -25.11 -23.18 -35.76
N CYS P 1129 -24.92 -21.91 -36.08
CA CYS P 1129 -26.03 -20.99 -36.36
C CYS P 1129 -25.64 -20.08 -37.52
N ALA P 1130 -26.63 -19.74 -38.34
CA ALA P 1130 -26.36 -18.89 -39.49
C ALA P 1130 -27.58 -18.03 -39.80
N THR P 1131 -27.35 -16.75 -40.04
CA THR P 1131 -28.42 -15.84 -40.41
C THR P 1131 -28.74 -16.06 -41.88
N ALA P 1132 -29.90 -16.62 -42.17
CA ALA P 1132 -30.18 -17.07 -43.52
C ALA P 1132 -30.86 -15.99 -44.34
N ALA P 1133 -32.01 -15.50 -43.88
CA ALA P 1133 -32.80 -14.52 -44.61
C ALA P 1133 -32.86 -13.21 -43.84
N LEU P 1134 -33.41 -12.20 -44.48
CA LEU P 1134 -33.53 -10.86 -43.92
C LEU P 1134 -34.98 -10.43 -43.92
N ARG P 1135 -35.44 -9.88 -42.80
CA ARG P 1135 -36.78 -9.32 -42.69
C ARG P 1135 -36.69 -7.80 -42.79
N CYS P 1136 -37.81 -7.14 -42.52
CA CYS P 1136 -37.87 -5.69 -42.67
C CYS P 1136 -36.86 -5.01 -41.75
N PRO P 1137 -36.29 -3.89 -42.18
CA PRO P 1137 -35.40 -3.12 -41.30
C PRO P 1137 -36.19 -2.48 -40.18
N LEU P 1138 -35.55 -2.41 -39.00
CA LEU P 1138 -36.19 -1.83 -37.83
C LEU P 1138 -35.92 -0.33 -37.70
N THR P 1139 -34.65 0.06 -37.68
CA THR P 1139 -34.31 1.47 -37.57
C THR P 1139 -34.44 2.14 -38.93
N ASP P 1140 -34.24 3.45 -38.93
CA ASP P 1140 -34.29 4.27 -40.13
C ASP P 1140 -32.92 4.89 -40.39
N MET P 1141 -32.57 5.01 -41.66
CA MET P 1141 -31.28 5.58 -42.05
C MET P 1141 -31.42 7.08 -42.35
N GLY P 1142 -31.87 7.80 -41.33
CA GLY P 1142 -32.12 9.22 -41.44
C GLY P 1142 -30.87 10.04 -41.18
N ASN P 1143 -31.09 11.35 -41.09
CA ASN P 1143 -30.03 12.32 -40.84
C ASN P 1143 -30.33 13.06 -39.53
N THR P 1144 -29.96 12.45 -38.41
CA THR P 1144 -30.17 13.02 -37.09
C THR P 1144 -28.82 13.20 -36.43
N ALA P 1145 -28.38 14.46 -36.31
CA ALA P 1145 -27.09 14.75 -35.70
C ALA P 1145 -27.14 14.50 -34.19
N GLN P 1146 -25.95 14.34 -33.60
CA GLN P 1146 -25.82 14.12 -32.18
C GLN P 1146 -25.52 15.43 -31.48
N ASN P 1147 -26.34 15.78 -30.49
CA ASN P 1147 -26.21 17.02 -29.76
C ASN P 1147 -25.29 16.78 -28.56
N LEU P 1148 -24.13 17.43 -28.56
CA LEU P 1148 -23.18 17.29 -27.47
C LEU P 1148 -23.53 18.16 -26.28
N PHE P 1149 -24.70 18.78 -26.28
CA PHE P 1149 -25.13 19.63 -25.16
C PHE P 1149 -25.89 18.85 -24.10
N PHE P 1150 -25.87 17.52 -24.17
CA PHE P 1150 -26.52 16.67 -23.17
C PHE P 1150 -25.57 16.27 -22.05
N SER P 1151 -24.35 16.78 -22.04
CA SER P 1151 -23.35 16.38 -21.06
C SER P 1151 -22.94 17.58 -20.21
N ARG P 1152 -22.27 17.29 -19.10
CA ARG P 1152 -21.79 18.31 -18.18
C ARG P 1152 -20.46 17.86 -17.59
N GLY P 1153 -19.57 18.84 -17.37
CA GLY P 1153 -18.29 18.55 -16.78
C GLY P 1153 -17.12 19.29 -17.41
N GLY P 1154 -17.23 19.60 -18.69
CA GLY P 1154 -16.16 20.29 -19.38
C GLY P 1154 -16.05 21.74 -18.96
N VAL P 1155 -14.86 22.29 -19.17
CA VAL P 1155 -14.58 23.68 -18.81
C VAL P 1155 -15.45 24.59 -19.67
N PRO P 1156 -16.32 25.39 -19.07
CA PRO P 1156 -17.22 26.23 -19.87
C PRO P 1156 -16.61 27.57 -20.26
N MET P 1157 -17.39 28.41 -20.93
CA MET P 1157 -16.94 29.74 -21.29
C MET P 1157 -17.08 30.70 -20.11
N LEU P 1158 -16.25 31.73 -20.11
CA LEU P 1158 -16.30 32.71 -19.03
C LEU P 1158 -17.58 33.51 -19.03
N HIS P 1159 -18.16 33.78 -20.19
CA HIS P 1159 -19.37 34.59 -20.32
C HIS P 1159 -20.55 33.67 -20.58
N ASP P 1160 -21.63 33.87 -19.82
CA ASP P 1160 -22.73 32.92 -19.86
C ASP P 1160 -23.70 33.21 -21.01
N ASN P 1161 -23.82 34.48 -21.41
CA ASN P 1161 -24.61 34.78 -22.60
C ASN P 1161 -24.03 34.10 -23.83
N VAL P 1162 -22.71 33.95 -23.89
CA VAL P 1162 -22.06 33.28 -25.02
C VAL P 1162 -22.57 31.86 -25.14
N THR P 1163 -22.47 31.08 -24.06
CA THR P 1163 -22.91 29.68 -24.13
C THR P 1163 -24.43 29.58 -24.25
N GLU P 1164 -25.19 30.52 -23.71
CA GLU P 1164 -26.63 30.48 -23.91
C GLU P 1164 -26.97 30.65 -25.39
N SER P 1165 -26.39 31.64 -26.05
CA SER P 1165 -26.64 31.84 -27.47
C SER P 1165 -26.12 30.67 -28.29
N LEU P 1166 -24.99 30.08 -27.89
CA LEU P 1166 -24.47 28.91 -28.59
C LEU P 1166 -25.47 27.76 -28.53
N ARG P 1167 -25.99 27.47 -27.35
CA ARG P 1167 -26.97 26.39 -27.21
C ARG P 1167 -28.26 26.71 -27.97
N ARG P 1168 -28.69 27.97 -27.94
CA ARG P 1168 -29.90 28.34 -28.67
C ARG P 1168 -29.72 28.13 -30.17
N ILE P 1169 -28.57 28.55 -30.71
CA ILE P 1169 -28.32 28.40 -32.14
C ILE P 1169 -28.17 26.94 -32.50
N THR P 1170 -27.57 26.13 -31.62
CA THR P 1170 -27.45 24.70 -31.90
C THR P 1170 -28.81 24.02 -31.89
N ALA P 1171 -29.68 24.41 -30.96
CA ALA P 1171 -31.02 23.83 -30.91
C ALA P 1171 -31.82 24.24 -32.14
N SER P 1172 -31.66 25.48 -32.59
CA SER P 1172 -32.30 25.91 -33.83
C SER P 1172 -31.69 25.17 -35.01
N GLY P 1173 -32.56 24.58 -35.83
CA GLY P 1173 -32.10 23.80 -36.96
C GLY P 1173 -31.73 22.37 -36.62
N GLY P 1174 -32.49 21.74 -35.73
CA GLY P 1174 -32.25 20.37 -35.35
C GLY P 1174 -33.55 19.72 -34.93
N ARG P 1175 -33.46 18.45 -34.54
CA ARG P 1175 -34.62 17.68 -34.12
C ARG P 1175 -34.64 17.39 -32.63
N LEU P 1176 -33.58 16.78 -32.10
CA LEU P 1176 -33.49 16.50 -30.67
C LEU P 1176 -32.70 17.60 -29.99
N ASN P 1177 -33.27 18.13 -28.89
CA ASN P 1177 -32.66 19.21 -28.13
C ASN P 1177 -33.07 19.03 -26.68
N PRO P 1178 -32.24 19.47 -25.74
CA PRO P 1178 -32.66 19.44 -24.33
C PRO P 1178 -33.83 20.40 -24.10
N THR P 1179 -34.66 20.06 -23.13
CA THR P 1179 -35.76 20.93 -22.77
C THR P 1179 -35.23 22.28 -22.28
N GLU P 1180 -35.96 23.34 -22.58
CA GLU P 1180 -35.49 24.71 -22.34
C GLU P 1180 -35.33 25.04 -20.85
N PRO P 1181 -36.29 24.70 -19.97
CA PRO P 1181 -36.08 25.01 -18.55
C PRO P 1181 -34.78 24.47 -17.99
N LEU P 1182 -34.18 23.46 -18.64
CA LEU P 1182 -32.91 22.89 -18.26
C LEU P 1182 -32.95 22.46 -16.80
N PRO P 1183 -33.68 21.39 -16.47
CA PRO P 1183 -33.89 21.03 -15.07
C PRO P 1183 -32.61 20.60 -14.40
N ILE P 1184 -32.25 21.30 -13.33
CA ILE P 1184 -31.13 20.87 -12.49
C ILE P 1184 -31.51 19.58 -11.79
N PHE P 1185 -30.50 18.71 -11.58
CA PHE P 1185 -30.71 17.43 -10.92
C PHE P 1185 -31.74 16.59 -11.68
N GLY P 1186 -31.35 16.24 -12.91
CA GLY P 1186 -32.21 15.47 -13.78
C GLY P 1186 -31.45 14.68 -14.84
N GLY P 1187 -32.15 14.32 -15.91
CA GLY P 1187 -31.54 13.52 -16.95
C GLY P 1187 -31.36 14.25 -18.27
N LEU P 1188 -32.00 15.41 -18.39
CA LEU P 1188 -31.93 16.24 -19.60
C LEU P 1188 -32.43 15.46 -20.82
N ARG P 1189 -33.66 14.98 -20.71
CA ARG P 1189 -34.23 14.19 -21.78
C ARG P 1189 -34.89 15.08 -22.83
N PRO P 1190 -34.89 14.67 -24.09
CA PRO P 1190 -35.56 15.46 -25.12
C PRO P 1190 -37.07 15.37 -24.98
N ALA P 1191 -37.74 16.31 -25.64
CA ALA P 1191 -39.20 16.35 -25.60
C ALA P 1191 -39.78 15.22 -26.44
N THR P 1192 -40.80 14.55 -25.91
CA THR P 1192 -41.44 13.46 -26.63
C THR P 1192 -42.31 14.01 -27.75
N SER P 1193 -42.01 13.61 -28.99
CA SER P 1193 -42.75 14.08 -30.14
C SER P 1193 -44.03 13.25 -30.31
N ALA P 1194 -44.73 13.49 -31.40
CA ALA P 1194 -45.96 12.76 -31.72
C ALA P 1194 -45.60 11.48 -32.46
N GLY P 1195 -46.59 10.84 -33.09
CA GLY P 1195 -46.42 9.56 -33.77
C GLY P 1195 -45.22 9.45 -34.68
N ILE P 1196 -44.72 8.24 -34.87
CA ILE P 1196 -43.52 7.98 -35.63
C ILE P 1196 -43.91 7.60 -37.06
N ALA P 1197 -43.00 7.85 -38.00
CA ALA P 1197 -43.31 7.70 -39.42
C ALA P 1197 -42.94 6.32 -39.96
N ARG P 1198 -41.64 5.99 -39.94
CA ARG P 1198 -41.20 4.78 -40.62
C ARG P 1198 -40.13 4.02 -39.85
N GLY P 1199 -40.01 4.24 -38.54
CA GLY P 1199 -39.07 3.49 -37.73
C GLY P 1199 -38.25 4.40 -36.82
N GLN P 1200 -37.46 3.74 -35.98
CA GLN P 1200 -36.64 4.46 -35.01
C GLN P 1200 -35.48 5.16 -35.70
N ALA P 1201 -35.35 6.46 -35.46
CA ALA P 1201 -34.26 7.23 -36.04
C ALA P 1201 -32.94 6.84 -35.39
N SER P 1202 -31.87 6.96 -36.18
CA SER P 1202 -30.52 6.63 -35.72
C SER P 1202 -29.65 7.87 -35.78
N VAL P 1203 -28.84 8.07 -34.73
CA VAL P 1203 -27.99 9.24 -34.65
C VAL P 1203 -26.74 9.03 -35.52
N CYS P 1204 -26.03 10.12 -35.78
CA CYS P 1204 -24.83 10.10 -36.59
C CYS P 1204 -23.73 10.85 -35.86
N GLU P 1205 -22.56 10.22 -35.73
CA GLU P 1205 -21.43 10.81 -35.04
C GLU P 1205 -20.43 11.36 -36.05
N PHE P 1206 -19.99 12.60 -35.85
CA PHE P 1206 -19.08 13.27 -36.76
C PHE P 1206 -17.67 13.26 -36.18
N VAL P 1207 -16.68 13.01 -37.04
CA VAL P 1207 -15.28 13.07 -36.66
C VAL P 1207 -14.55 13.95 -37.67
N ALA P 1208 -13.77 14.91 -37.17
CA ALA P 1208 -13.10 15.86 -38.04
C ALA P 1208 -11.82 15.26 -38.62
N MET P 1209 -11.37 15.84 -39.73
CA MET P 1209 -10.19 15.35 -40.42
C MET P 1209 -9.65 16.45 -41.33
N PRO P 1210 -8.41 16.33 -41.80
CA PRO P 1210 -7.91 17.27 -42.81
C PRO P 1210 -8.71 17.17 -44.10
N VAL P 1211 -8.68 18.26 -44.87
CA VAL P 1211 -9.44 18.31 -46.11
C VAL P 1211 -8.89 17.32 -47.12
N SER P 1212 -7.62 17.50 -47.51
CA SER P 1212 -7.00 16.67 -48.54
C SER P 1212 -6.63 15.33 -47.93
N THR P 1213 -7.63 14.46 -47.84
CA THR P 1213 -7.45 13.11 -47.33
C THR P 1213 -7.71 12.11 -48.44
N ASP P 1214 -7.00 10.99 -48.38
CA ASP P 1214 -7.14 9.94 -49.38
C ASP P 1214 -8.59 9.51 -49.52
N LEU P 1215 -9.15 9.72 -50.70
CA LEU P 1215 -10.53 9.33 -50.97
C LEU P 1215 -10.66 7.85 -51.30
N GLN P 1216 -9.60 7.24 -51.84
CA GLN P 1216 -9.65 5.81 -52.14
C GLN P 1216 -9.78 4.97 -50.88
N TYR P 1217 -9.40 5.51 -49.72
CA TYR P 1217 -9.50 4.76 -48.47
C TYR P 1217 -10.94 4.49 -48.08
N PHE P 1218 -11.87 5.35 -48.49
CA PHE P 1218 -13.27 5.21 -48.11
C PHE P 1218 -14.05 4.33 -49.08
N ARG P 1219 -13.38 3.65 -50.00
CA ARG P 1219 -14.06 2.81 -50.97
C ARG P 1219 -14.12 1.35 -50.57
N THR P 1220 -13.46 0.96 -49.48
CA THR P 1220 -13.48 -0.41 -49.00
C THR P 1220 -13.92 -0.45 -47.54
N ALA P 1221 -13.82 -1.63 -46.92
CA ALA P 1221 -14.14 -1.75 -45.52
C ALA P 1221 -13.05 -1.09 -44.68
N CYS P 1222 -13.25 0.16 -44.32
CA CYS P 1222 -12.25 0.96 -43.64
C CYS P 1222 -12.47 0.93 -42.13
N ASN P 1223 -11.75 1.78 -41.42
CA ASN P 1223 -11.85 1.91 -39.97
C ASN P 1223 -11.99 3.38 -39.62
N PRO P 1224 -12.97 3.77 -38.81
CA PRO P 1224 -13.19 5.19 -38.56
C PRO P 1224 -12.12 5.85 -37.71
N ARG P 1225 -11.33 5.08 -36.97
CA ARG P 1225 -10.30 5.66 -36.12
C ARG P 1225 -9.16 6.27 -36.94
N GLY P 1226 -8.97 5.82 -38.17
CA GLY P 1226 -7.86 6.26 -38.99
C GLY P 1226 -6.67 5.33 -38.97
N ARG P 1227 -6.63 4.39 -38.01
CA ARG P 1227 -5.56 3.42 -37.91
C ARG P 1227 -6.14 2.10 -37.46
N ALA P 1228 -5.73 1.02 -38.12
CA ALA P 1228 -6.24 -0.31 -37.76
C ALA P 1228 -5.74 -0.72 -36.39
N SER P 1229 -6.64 -1.33 -35.62
CA SER P 1229 -6.31 -1.78 -34.27
C SER P 1229 -6.98 -3.12 -34.05
N GLY P 1230 -6.99 -3.57 -32.80
CA GLY P 1230 -7.61 -4.83 -32.42
C GLY P 1230 -6.60 -5.82 -31.88
N MET P 1231 -7.15 -6.88 -31.28
CA MET P 1231 -6.35 -7.94 -30.69
C MET P 1231 -6.07 -9.07 -31.67
N LEU P 1232 -6.30 -8.85 -32.96
CA LEU P 1232 -6.10 -9.87 -33.97
C LEU P 1232 -4.71 -9.85 -34.57
N TYR P 1233 -3.84 -8.97 -34.11
CA TYR P 1233 -2.47 -8.86 -34.62
C TYR P 1233 -1.52 -9.02 -33.43
N MET P 1234 -1.16 -10.27 -33.15
CA MET P 1234 -0.37 -10.60 -31.97
C MET P 1234 0.47 -11.83 -32.30
N GLY P 1235 0.96 -12.52 -31.28
CA GLY P 1235 1.69 -13.76 -31.47
C GLY P 1235 2.82 -14.01 -30.50
N ASP P 1236 3.38 -12.96 -29.90
CA ASP P 1236 4.52 -13.12 -29.01
C ASP P 1236 4.20 -12.69 -27.58
N ARG P 1237 3.71 -11.49 -27.36
CA ARG P 1237 3.51 -10.98 -26.01
C ARG P 1237 2.11 -10.39 -25.86
N ASP P 1238 1.86 -9.87 -24.66
CA ASP P 1238 0.58 -9.26 -24.32
C ASP P 1238 0.60 -7.73 -24.43
N ALA P 1239 1.73 -7.10 -24.17
CA ALA P 1239 1.81 -5.65 -24.22
C ALA P 1239 1.95 -5.16 -25.65
N ASP P 1240 1.03 -5.60 -26.52
CA ASP P 1240 1.01 -5.22 -27.92
C ASP P 1240 -0.31 -4.65 -28.37
N ILE P 1241 -1.42 -4.95 -27.68
CA ILE P 1241 -2.66 -4.25 -27.94
C ILE P 1241 -2.49 -2.77 -27.66
N GLU P 1242 -1.79 -2.43 -26.58
CA GLU P 1242 -1.47 -1.03 -26.31
C GLU P 1242 -0.46 -0.49 -27.31
N ALA P 1243 0.50 -1.32 -27.73
CA ALA P 1243 1.49 -0.87 -28.69
C ALA P 1243 0.84 -0.42 -30.00
N ILE P 1244 0.12 -1.33 -30.65
CA ILE P 1244 -0.66 -0.91 -31.81
C ILE P 1244 -2.05 -0.49 -31.38
N MET P 1245 -2.15 0.67 -30.75
CA MET P 1245 -3.34 1.50 -30.79
C MET P 1245 -3.03 2.98 -30.86
N PHE P 1246 -1.88 3.42 -30.35
CA PHE P 1246 -1.51 4.84 -30.36
C PHE P 1246 -0.06 5.09 -30.75
N ASP P 1247 0.84 4.12 -30.63
CA ASP P 1247 2.24 4.31 -30.93
C ASP P 1247 2.46 4.66 -32.40
N HIS P 1248 2.88 5.89 -32.67
CA HIS P 1248 3.09 6.36 -34.03
C HIS P 1248 4.57 6.33 -34.44
N THR P 1249 5.41 5.67 -33.64
CA THR P 1249 6.80 5.51 -34.02
C THR P 1249 7.00 4.44 -35.08
N GLN P 1250 5.99 3.59 -35.30
CA GLN P 1250 6.06 2.55 -36.33
C GLN P 1250 4.88 2.71 -37.27
N SER P 1251 4.99 2.07 -38.43
CA SER P 1251 3.98 2.21 -39.46
C SER P 1251 2.67 1.54 -39.03
N ASP P 1252 1.61 1.88 -39.75
CA ASP P 1252 0.31 1.26 -39.52
C ASP P 1252 0.39 -0.23 -39.81
N VAL P 1253 -0.57 -0.97 -39.26
CA VAL P 1253 -0.62 -2.41 -39.47
C VAL P 1253 -1.13 -2.72 -40.88
N ALA P 1254 -2.31 -2.18 -41.22
CA ALA P 1254 -2.90 -2.47 -42.52
C ALA P 1254 -2.08 -1.85 -43.65
N TYR P 1255 -1.92 -0.54 -43.64
CA TYR P 1255 -1.19 0.17 -44.67
C TYR P 1255 0.21 0.44 -44.13
N THR P 1256 1.14 -0.44 -44.45
CA THR P 1256 2.49 -0.34 -43.90
C THR P 1256 3.34 0.67 -44.66
N ASP P 1257 2.81 1.88 -44.84
CA ASP P 1257 3.57 2.96 -45.44
C ASP P 1257 3.29 4.31 -44.79
N ARG P 1258 2.50 4.34 -43.72
CA ARG P 1258 2.15 5.59 -43.05
C ARG P 1258 1.72 5.27 -41.64
N ALA P 1259 1.78 6.29 -40.78
CA ALA P 1259 1.39 6.09 -39.39
C ALA P 1259 -0.12 5.92 -39.25
N THR P 1260 -0.86 6.94 -39.65
CA THR P 1260 -2.32 6.91 -39.58
C THR P 1260 -2.89 7.62 -40.80
N LEU P 1261 -4.21 7.74 -40.83
CA LEU P 1261 -4.83 8.51 -41.90
C LEU P 1261 -5.01 9.97 -41.50
N ASN P 1262 -5.73 10.21 -40.41
CA ASN P 1262 -5.88 11.56 -39.88
C ASN P 1262 -5.18 11.64 -38.53
N PRO P 1263 -4.20 12.54 -38.38
CA PRO P 1263 -3.50 12.67 -37.10
C PRO P 1263 -4.27 13.42 -36.04
N TRP P 1264 -5.57 13.61 -36.21
CA TRP P 1264 -6.38 14.34 -35.24
C TRP P 1264 -7.30 13.44 -34.42
N ALA P 1265 -7.43 12.16 -34.77
CA ALA P 1265 -8.33 11.29 -34.05
C ALA P 1265 -7.71 9.91 -33.82
N SER P 1266 -6.39 9.83 -33.73
CA SER P 1266 -5.74 8.54 -33.59
C SER P 1266 -4.59 8.51 -32.58
N GLN P 1267 -4.24 9.64 -31.97
CA GLN P 1267 -3.13 9.67 -31.02
C GLN P 1267 -3.64 9.30 -29.63
N LYS P 1268 -2.76 9.41 -28.63
CA LYS P 1268 -3.14 9.05 -27.27
C LYS P 1268 -4.13 10.04 -26.69
N HIS P 1269 -3.96 11.32 -26.98
CA HIS P 1269 -4.82 12.37 -26.44
C HIS P 1269 -5.24 13.33 -27.53
N SER P 1270 -5.48 12.80 -28.72
CA SER P 1270 -5.95 13.63 -29.82
C SER P 1270 -7.36 14.15 -29.52
N TYR P 1271 -7.85 15.01 -30.41
CA TYR P 1271 -9.16 15.64 -30.18
C TYR P 1271 -10.27 14.60 -30.17
N GLY P 1272 -10.33 13.75 -31.21
CA GLY P 1272 -11.36 12.74 -31.25
C GLY P 1272 -11.25 11.75 -30.11
N ASP P 1273 -10.04 11.39 -29.73
CA ASP P 1273 -9.86 10.44 -28.63
C ASP P 1273 -10.28 11.04 -27.31
N ARG P 1274 -10.00 12.33 -27.09
CA ARG P 1274 -10.46 12.99 -25.88
C ARG P 1274 -11.97 13.16 -25.87
N LEU P 1275 -12.57 13.31 -27.06
CA LEU P 1275 -14.02 13.44 -27.13
C LEU P 1275 -14.72 12.24 -26.51
N TYR P 1276 -14.40 11.04 -26.97
CA TYR P 1276 -15.03 9.83 -26.47
C TYR P 1276 -14.00 8.72 -26.43
N ASN P 1277 -13.77 8.16 -25.25
CA ASN P 1277 -12.86 7.05 -25.09
C ASN P 1277 -13.38 5.95 -24.18
N GLY P 1278 -14.38 6.22 -23.34
CA GLY P 1278 -14.84 5.28 -22.36
C GLY P 1278 -14.12 5.36 -21.03
N THR P 1279 -12.81 5.59 -21.05
CA THR P 1279 -12.04 5.80 -19.82
C THR P 1279 -11.97 7.26 -19.41
N TYR P 1280 -12.46 8.18 -20.23
CA TYR P 1280 -12.49 9.58 -19.89
C TYR P 1280 -13.86 10.05 -19.42
N ASN P 1281 -14.93 9.39 -19.86
CA ASN P 1281 -16.28 9.64 -19.39
C ASN P 1281 -16.68 11.10 -19.62
N LEU P 1282 -16.73 11.47 -20.90
CA LEU P 1282 -17.13 12.82 -21.25
C LEU P 1282 -18.65 12.95 -21.38
N THR P 1283 -19.31 11.89 -21.84
CA THR P 1283 -20.75 11.91 -22.11
C THR P 1283 -21.50 10.96 -21.19
N GLY P 1284 -21.12 10.93 -19.92
CA GLY P 1284 -21.80 10.04 -18.98
C GLY P 1284 -23.25 10.42 -18.78
N ALA P 1285 -23.56 11.71 -18.77
CA ALA P 1285 -24.92 12.17 -18.54
C ALA P 1285 -25.78 12.16 -19.79
N SER P 1286 -25.20 11.87 -20.95
CA SER P 1286 -25.96 11.88 -22.19
C SER P 1286 -26.77 10.60 -22.32
N PRO P 1287 -28.09 10.69 -22.45
CA PRO P 1287 -28.90 9.47 -22.58
C PRO P 1287 -28.92 8.88 -23.99
N ILE P 1288 -28.39 9.58 -24.98
CA ILE P 1288 -28.42 9.10 -26.35
C ILE P 1288 -27.25 8.15 -26.58
N TYR P 1289 -27.43 7.25 -27.54
CA TYR P 1289 -26.42 6.25 -27.85
C TYR P 1289 -25.35 6.85 -28.75
N SER P 1290 -24.14 6.32 -28.63
CA SER P 1290 -22.99 6.77 -29.42
C SER P 1290 -22.40 5.58 -30.15
N PRO P 1291 -22.52 5.50 -31.49
CA PRO P 1291 -22.03 4.32 -32.19
C PRO P 1291 -20.52 4.25 -32.30
N CYS P 1292 -19.83 5.38 -32.32
CA CYS P 1292 -18.38 5.42 -32.42
C CYS P 1292 -17.67 5.08 -31.12
N PHE P 1293 -18.41 4.58 -30.12
CA PHE P 1293 -17.82 4.29 -28.81
C PHE P 1293 -16.94 3.06 -28.86
N LYS P 1294 -17.38 2.02 -29.58
CA LYS P 1294 -16.68 0.74 -29.64
C LYS P 1294 -15.40 0.81 -30.44
N PHE P 1295 -15.28 1.75 -31.37
CA PHE P 1295 -14.08 1.92 -32.16
C PHE P 1295 -13.00 2.70 -31.43
N PHE P 1296 -13.31 3.24 -30.24
CA PHE P 1296 -12.37 4.04 -29.49
C PHE P 1296 -12.05 3.42 -28.14
N THR P 1297 -12.98 2.67 -27.54
CA THR P 1297 -12.68 2.00 -26.29
C THR P 1297 -11.60 0.95 -26.51
N PRO P 1298 -10.57 0.91 -25.67
CA PRO P 1298 -9.45 -0.03 -25.92
C PRO P 1298 -9.85 -1.50 -25.83
N ALA P 1299 -10.89 -1.83 -25.06
CA ALA P 1299 -11.43 -3.20 -25.00
C ALA P 1299 -10.36 -4.20 -24.56
N GLU P 1300 -9.96 -4.05 -23.30
CA GLU P 1300 -8.94 -4.90 -22.72
C GLU P 1300 -9.28 -6.38 -22.88
N VAL P 1301 -8.25 -7.22 -22.83
CA VAL P 1301 -8.42 -8.66 -22.97
C VAL P 1301 -7.16 -9.33 -22.45
N ASN P 1302 -7.30 -10.56 -21.96
CA ASN P 1302 -6.18 -11.37 -21.50
C ASN P 1302 -5.85 -12.46 -22.51
N THR P 1303 -4.75 -13.16 -22.27
CA THR P 1303 -4.35 -14.26 -23.12
C THR P 1303 -4.51 -15.58 -22.38
N ASN P 1304 -5.35 -16.43 -22.91
CA ASN P 1304 -5.53 -17.79 -22.38
C ASN P 1304 -5.37 -18.85 -23.45
N CYS P 1305 -5.83 -18.59 -24.67
CA CYS P 1305 -5.61 -19.48 -25.79
C CYS P 1305 -5.11 -18.70 -26.98
N ASN P 1306 -5.06 -19.35 -28.14
CA ASN P 1306 -4.58 -18.67 -29.34
C ASN P 1306 -5.65 -17.70 -29.86
N THR P 1307 -5.21 -16.86 -30.80
CA THR P 1307 -6.09 -15.87 -31.38
C THR P 1307 -7.27 -16.51 -32.09
N LEU P 1308 -7.08 -17.67 -32.70
CA LEU P 1308 -8.17 -18.33 -33.40
C LEU P 1308 -9.29 -18.71 -32.44
N ASP P 1309 -8.93 -19.32 -31.30
CA ASP P 1309 -9.93 -19.69 -30.32
C ASP P 1309 -10.59 -18.45 -29.72
N ARG P 1310 -9.80 -17.42 -29.45
CA ARG P 1310 -10.38 -16.20 -28.90
C ARG P 1310 -11.38 -15.58 -29.87
N LEU P 1311 -11.06 -15.58 -31.17
CA LEU P 1311 -11.96 -15.05 -32.16
C LEU P 1311 -13.23 -15.88 -32.26
N LEU P 1312 -13.08 -17.20 -32.33
CA LEU P 1312 -14.24 -18.09 -32.41
C LEU P 1312 -15.15 -17.95 -31.19
N MET P 1313 -14.60 -17.63 -30.02
CA MET P 1313 -15.42 -17.46 -28.83
C MET P 1313 -16.01 -16.07 -28.69
N GLU P 1314 -15.38 -15.04 -29.24
CA GLU P 1314 -15.94 -13.71 -29.09
C GLU P 1314 -17.29 -13.56 -29.77
N ALA P 1315 -17.49 -14.22 -30.91
CA ALA P 1315 -18.74 -14.11 -31.66
C ALA P 1315 -19.79 -15.02 -31.03
N LYS P 1316 -20.56 -14.46 -30.10
CA LYS P 1316 -21.56 -15.23 -29.37
C LYS P 1316 -22.85 -14.47 -29.16
N ALA P 1317 -23.15 -13.50 -30.03
CA ALA P 1317 -24.39 -12.73 -29.97
C ALA P 1317 -24.54 -12.02 -28.62
N VAL P 1318 -23.62 -11.08 -28.40
CA VAL P 1318 -23.57 -10.32 -27.15
C VAL P 1318 -24.83 -9.49 -26.98
N ALA P 1319 -25.06 -8.99 -25.77
CA ALA P 1319 -26.25 -8.21 -25.48
C ALA P 1319 -26.30 -6.94 -26.33
N SER P 1320 -27.49 -6.38 -26.44
CA SER P 1320 -27.72 -5.20 -27.27
C SER P 1320 -27.15 -3.96 -26.59
N GLN P 1321 -27.17 -2.84 -27.32
CA GLN P 1321 -26.70 -1.57 -26.79
C GLN P 1321 -27.62 -0.43 -27.21
N SER P 1322 -28.91 -0.71 -27.33
CA SER P 1322 -29.88 0.30 -27.74
C SER P 1322 -31.23 -0.04 -27.11
N SER P 1323 -32.28 0.59 -27.61
CA SER P 1323 -33.64 0.34 -27.13
C SER P 1323 -34.57 0.19 -28.33
N THR P 1324 -35.57 -0.67 -28.16
CA THR P 1324 -36.53 -0.97 -29.23
C THR P 1324 -37.92 -0.43 -28.92
N ASP P 1325 -38.00 0.61 -28.13
CA ASP P 1325 -39.26 1.26 -27.84
C ASP P 1325 -39.25 2.73 -28.22
N THR P 1326 -38.17 3.44 -27.95
CA THR P 1326 -38.07 4.86 -28.25
C THR P 1326 -37.79 5.08 -29.73
N GLU P 1327 -37.84 6.34 -30.12
CA GLU P 1327 -37.60 6.73 -31.52
C GLU P 1327 -36.30 7.51 -31.69
N TYR P 1328 -35.46 7.55 -30.65
CA TYR P 1328 -34.22 8.31 -30.71
C TYR P 1328 -32.99 7.48 -30.45
N GLN P 1329 -33.13 6.16 -30.30
CA GLN P 1329 -31.99 5.27 -30.06
C GLN P 1329 -31.22 5.69 -28.81
N PHE P 1330 -31.90 5.61 -27.67
CA PHE P 1330 -31.28 5.96 -26.40
C PHE P 1330 -30.30 4.87 -25.98
N LYS P 1331 -29.69 5.07 -24.81
CA LYS P 1331 -28.79 4.07 -24.27
C LYS P 1331 -29.56 2.80 -23.92
N ARG P 1332 -28.82 1.72 -23.74
CA ARG P 1332 -29.43 0.45 -23.40
C ARG P 1332 -30.09 0.53 -22.02
N PRO P 1333 -31.38 0.24 -21.91
CA PRO P 1333 -32.05 0.32 -20.61
C PRO P 1333 -31.50 -0.73 -19.66
N PRO P 1334 -31.15 -0.35 -18.44
CA PRO P 1334 -30.61 -1.32 -17.47
C PRO P 1334 -31.69 -2.31 -17.08
N GLY P 1335 -31.43 -3.60 -17.34
CA GLY P 1335 -32.34 -4.67 -17.03
C GLY P 1335 -32.91 -5.37 -18.25
N SER P 1336 -32.98 -4.69 -19.38
CA SER P 1336 -33.50 -5.31 -20.60
C SER P 1336 -32.51 -6.35 -21.10
N THR P 1337 -32.99 -7.56 -21.34
CA THR P 1337 -32.15 -8.68 -21.75
C THR P 1337 -32.62 -9.17 -23.12
N GLU P 1338 -32.01 -8.64 -24.18
CA GLU P 1338 -32.20 -9.15 -25.53
C GLU P 1338 -30.84 -9.28 -26.19
N MET P 1339 -30.62 -10.39 -26.89
CA MET P 1339 -29.34 -10.69 -27.49
C MET P 1339 -29.39 -10.41 -28.99
N THR P 1340 -28.41 -9.66 -29.48
CA THR P 1340 -28.29 -9.36 -30.90
C THR P 1340 -26.90 -9.75 -31.38
N GLN P 1341 -26.83 -10.18 -32.64
CA GLN P 1341 -25.54 -10.53 -33.23
C GLN P 1341 -24.86 -9.27 -33.74
N ASP P 1342 -23.59 -9.09 -33.38
CA ASP P 1342 -22.83 -7.89 -33.71
C ASP P 1342 -21.61 -8.26 -34.54
N PRO P 1343 -21.77 -8.38 -35.86
CA PRO P 1343 -20.61 -8.45 -36.74
C PRO P 1343 -19.98 -7.08 -36.90
N CYS P 1344 -18.83 -7.05 -37.56
CA CYS P 1344 -18.09 -5.83 -37.86
C CYS P 1344 -17.81 -5.00 -36.60
N GLY P 1345 -17.98 -5.59 -35.43
CA GLY P 1345 -17.61 -4.94 -34.19
C GLY P 1345 -16.40 -5.63 -33.60
N LEU P 1346 -16.32 -6.94 -33.78
CA LEU P 1346 -15.14 -7.71 -33.40
C LEU P 1346 -14.03 -7.60 -34.43
N PHE P 1347 -14.31 -7.04 -35.61
CA PHE P 1347 -13.29 -6.77 -36.61
C PHE P 1347 -12.86 -5.31 -36.64
N GLN P 1348 -13.63 -4.41 -36.02
CA GLN P 1348 -13.35 -2.98 -36.01
C GLN P 1348 -13.27 -2.44 -37.43
N GLU P 1349 -14.36 -2.62 -38.17
CA GLU P 1349 -14.46 -2.14 -39.54
C GLU P 1349 -15.87 -1.64 -39.79
N ALA P 1350 -16.03 -0.89 -40.89
CA ALA P 1350 -17.31 -0.32 -41.25
C ALA P 1350 -17.46 -0.35 -42.77
N TYR P 1351 -18.68 -0.58 -43.23
CA TYR P 1351 -18.94 -0.68 -44.66
C TYR P 1351 -19.48 0.63 -45.19
N PRO P 1352 -18.95 1.15 -46.29
CA PRO P 1352 -19.47 2.37 -46.86
C PRO P 1352 -20.65 2.09 -47.78
N PRO P 1353 -21.77 2.78 -47.59
CA PRO P 1353 -22.94 2.56 -48.42
C PRO P 1353 -22.86 3.41 -49.70
N LEU P 1354 -23.88 3.28 -50.53
CA LEU P 1354 -23.96 4.04 -51.78
C LEU P 1354 -24.23 5.50 -51.45
N CYS P 1355 -23.20 6.34 -51.55
CA CYS P 1355 -23.32 7.77 -51.30
C CYS P 1355 -22.68 8.53 -52.46
N SER P 1356 -22.99 9.82 -52.54
CA SER P 1356 -22.45 10.64 -53.60
C SER P 1356 -22.49 12.10 -53.18
N SER P 1357 -21.40 12.82 -53.46
CA SER P 1357 -21.36 14.23 -53.11
C SER P 1357 -22.33 15.05 -53.96
N ASP P 1358 -22.69 14.55 -55.13
CA ASP P 1358 -23.63 15.21 -56.01
C ASP P 1358 -24.83 14.29 -56.26
N ALA P 1359 -25.99 14.90 -56.49
CA ALA P 1359 -27.22 14.17 -56.72
C ALA P 1359 -27.47 13.84 -58.18
N ALA P 1360 -26.94 14.65 -59.10
CA ALA P 1360 -27.20 14.40 -60.52
C ALA P 1360 -26.52 13.12 -60.99
N MET P 1361 -25.29 12.89 -60.55
CA MET P 1361 -24.55 11.70 -60.96
C MET P 1361 -25.04 10.43 -60.28
N LEU P 1362 -26.12 10.50 -59.50
CA LEU P 1362 -26.56 9.34 -58.75
C LEU P 1362 -27.46 8.43 -59.58
N ARG P 1363 -28.24 8.98 -60.49
CA ARG P 1363 -29.18 8.20 -61.30
C ARG P 1363 -29.00 8.55 -62.76
N THR P 1364 -28.82 7.52 -63.59
CA THR P 1364 -28.70 7.73 -65.03
C THR P 1364 -30.07 7.86 -65.67
N ALA P 1365 -30.10 8.46 -66.86
CA ALA P 1365 -31.35 8.73 -67.57
C ALA P 1365 -31.67 7.57 -68.50
N HIS P 1366 -32.05 6.44 -67.90
CA HIS P 1366 -32.42 5.27 -68.68
C HIS P 1366 -33.63 4.53 -68.08
N ALA P 1367 -34.27 5.08 -67.06
CA ALA P 1367 -35.44 4.45 -66.43
C ALA P 1367 -35.13 3.04 -65.95
N GLY P 1368 -34.22 2.96 -64.99
CA GLY P 1368 -33.74 1.68 -64.52
C GLY P 1368 -32.62 1.79 -63.51
N GLU P 1369 -31.54 1.05 -63.77
CA GLU P 1369 -30.38 1.02 -62.90
C GLU P 1369 -29.84 2.42 -62.65
N THR P 1370 -29.04 2.55 -61.60
CA THR P 1370 -28.45 3.80 -61.19
C THR P 1370 -27.05 3.96 -61.76
N GLY P 1371 -26.60 5.21 -61.84
CA GLY P 1371 -25.27 5.48 -62.35
C GLY P 1371 -24.20 5.05 -61.37
N ALA P 1372 -22.99 4.86 -61.90
CA ALA P 1372 -21.87 4.41 -61.08
C ALA P 1372 -20.57 5.12 -61.44
N ASP P 1373 -20.65 6.38 -61.87
CA ASP P 1373 -19.45 7.16 -62.09
C ASP P 1373 -18.65 7.29 -60.80
N GLU P 1374 -17.34 7.48 -60.94
CA GLU P 1374 -16.49 7.65 -59.77
C GLU P 1374 -16.31 9.12 -59.43
N VAL P 1375 -15.75 9.89 -60.34
CA VAL P 1375 -15.57 11.34 -60.16
C VAL P 1375 -15.95 12.01 -61.47
N HIS P 1376 -16.70 13.11 -61.39
CA HIS P 1376 -17.10 13.82 -62.60
C HIS P 1376 -16.14 14.96 -62.92
N LEU P 1377 -16.10 15.98 -62.06
CA LEU P 1377 -15.10 17.04 -62.17
C LEU P 1377 -14.31 17.17 -60.86
N ALA P 1378 -15.01 17.40 -59.75
CA ALA P 1378 -14.42 17.38 -58.42
C ALA P 1378 -15.28 16.65 -57.41
N GLN P 1379 -16.50 16.26 -57.77
CA GLN P 1379 -17.38 15.51 -56.90
C GLN P 1379 -16.95 14.05 -56.87
N TYR P 1380 -17.76 13.20 -56.26
CA TYR P 1380 -17.42 11.78 -56.18
C TYR P 1380 -18.70 11.00 -55.89
N LEU P 1381 -18.61 9.69 -56.12
CA LEU P 1381 -19.73 8.78 -55.88
C LEU P 1381 -19.12 7.45 -55.45
N ILE P 1382 -19.37 7.06 -54.21
CA ILE P 1382 -18.78 5.84 -53.67
C ILE P 1382 -19.72 4.68 -53.97
N ARG P 1383 -19.23 3.69 -54.69
CA ARG P 1383 -20.03 2.51 -54.99
C ARG P 1383 -20.27 1.71 -53.72
N ASP P 1384 -21.48 1.17 -53.60
CA ASP P 1384 -21.85 0.43 -52.41
C ASP P 1384 -21.05 -0.86 -52.29
N ALA P 1385 -20.52 -1.13 -51.10
CA ALA P 1385 -19.74 -2.34 -50.84
C ALA P 1385 -20.16 -2.96 -49.52
N SER P 1386 -21.41 -2.75 -49.14
CA SER P 1386 -21.96 -3.28 -47.90
C SER P 1386 -22.60 -4.64 -48.14
N PRO P 1387 -22.76 -5.44 -47.08
CA PRO P 1387 -23.46 -6.72 -47.25
C PRO P 1387 -24.88 -6.58 -47.77
N LEU P 1388 -25.50 -5.41 -47.58
CA LEU P 1388 -26.85 -5.18 -48.07
C LEU P 1388 -26.78 -4.57 -49.46
N ARG P 1389 -26.61 -5.44 -50.45
CA ARG P 1389 -26.53 -5.01 -51.84
C ARG P 1389 -27.76 -5.37 -52.65
N GLY P 1390 -28.36 -6.53 -52.39
CA GLY P 1390 -29.54 -6.94 -53.12
C GLY P 1390 -30.82 -6.76 -52.33
N CYS P 1391 -30.88 -5.71 -51.52
CA CYS P 1391 -32.06 -5.40 -50.71
C CYS P 1391 -32.26 -3.90 -50.76
N LEU P 1392 -33.10 -3.39 -49.84
CA LEU P 1392 -33.32 -1.95 -49.68
C LEU P 1392 -33.74 -1.31 -51.01
N PRO P 1393 -34.99 -1.50 -51.42
CA PRO P 1393 -35.43 -1.03 -52.75
C PRO P 1393 -35.12 0.43 -52.99
N LEU P 1394 -34.92 0.77 -54.26
CA LEU P 1394 -34.53 2.11 -54.66
C LEU P 1394 -35.66 2.85 -55.36
N SER Q 7 33.86 83.78 -36.66
CA SER Q 7 33.35 83.25 -37.91
C SER Q 7 33.07 81.75 -37.80
N ARG Q 8 32.47 81.18 -38.84
CA ARG Q 8 32.10 79.77 -38.86
C ARG Q 8 33.27 78.97 -39.41
N VAL Q 9 34.00 78.30 -38.53
CA VAL Q 9 35.12 77.44 -38.90
C VAL Q 9 34.85 76.07 -38.29
N VAL Q 10 34.41 75.13 -39.12
CA VAL Q 10 34.03 73.81 -38.63
C VAL Q 10 35.21 73.01 -38.10
N PHE Q 11 36.44 73.47 -38.34
CA PHE Q 11 37.60 72.77 -37.82
C PHE Q 11 37.59 72.75 -36.30
N ASP Q 12 37.64 73.91 -35.67
CA ASP Q 12 37.44 74.00 -34.23
C ASP Q 12 35.94 73.97 -33.96
N PRO Q 13 35.43 72.91 -33.33
CA PRO Q 13 33.97 72.79 -33.17
C PRO Q 13 33.33 73.92 -32.40
N SER Q 14 34.10 74.69 -31.64
CA SER Q 14 33.54 75.82 -30.90
C SER Q 14 33.22 77.00 -31.80
N ASN Q 15 33.77 77.03 -33.01
CA ASN Q 15 33.55 78.15 -33.93
C ASN Q 15 32.18 78.12 -34.59
N PRO Q 16 31.77 77.01 -35.24
CA PRO Q 16 30.49 77.06 -35.98
C PRO Q 16 29.31 77.18 -35.04
N THR Q 17 28.42 78.11 -35.35
CA THR Q 17 27.22 78.33 -34.55
C THR Q 17 26.17 79.03 -35.40
N THR Q 18 24.91 78.83 -35.01
CA THR Q 18 23.81 79.45 -35.73
C THR Q 18 23.90 80.96 -35.74
N PHE Q 19 24.53 81.55 -34.72
CA PHE Q 19 24.72 83.00 -34.69
C PHE Q 19 25.38 83.50 -35.97
N SER Q 20 26.38 82.77 -36.46
CA SER Q 20 27.05 83.11 -37.70
C SER Q 20 26.39 82.50 -38.93
N VAL Q 21 25.81 81.29 -38.80
CA VAL Q 21 25.15 80.69 -39.95
C VAL Q 21 23.97 81.55 -40.41
N GLU Q 22 23.33 82.28 -39.49
CA GLU Q 22 22.28 83.22 -39.88
C GLU Q 22 22.81 84.24 -40.88
N ALA Q 23 23.91 84.91 -40.53
CA ALA Q 23 24.50 85.90 -41.42
C ALA Q 23 25.00 85.26 -42.72
N ILE Q 24 25.49 84.03 -42.65
CA ILE Q 24 25.92 83.34 -43.85
C ILE Q 24 24.72 83.06 -44.75
N ALA Q 25 24.97 83.06 -46.07
CA ALA Q 25 23.92 82.92 -47.06
C ALA Q 25 23.46 81.47 -47.20
N ALA Q 26 22.77 81.15 -48.28
CA ALA Q 26 22.26 79.80 -48.51
C ALA Q 26 23.24 78.92 -49.28
N TYR Q 27 23.84 79.44 -50.34
CA TYR Q 27 24.73 78.67 -51.20
C TYR Q 27 26.19 78.73 -50.75
N THR Q 28 26.60 79.87 -50.19
CA THR Q 28 27.96 80.00 -49.70
C THR Q 28 28.32 79.02 -48.60
N PRO Q 29 27.44 78.66 -47.66
CA PRO Q 29 27.85 77.64 -46.67
C PRO Q 29 28.05 76.28 -47.29
N VAL Q 30 27.23 75.91 -48.28
CA VAL Q 30 27.43 74.64 -48.97
C VAL Q 30 28.77 74.65 -49.68
N ALA Q 31 29.07 75.72 -50.42
CA ALA Q 31 30.36 75.82 -51.08
C ALA Q 31 31.52 75.79 -50.09
N LEU Q 32 31.33 76.43 -48.93
CA LEU Q 32 32.38 76.47 -47.92
C LEU Q 32 32.64 75.09 -47.33
N ILE Q 33 31.57 74.37 -46.98
CA ILE Q 33 31.72 73.02 -46.47
C ILE Q 33 32.37 72.13 -47.51
N ARG Q 34 32.03 72.32 -48.78
CA ARG Q 34 32.66 71.53 -49.84
C ARG Q 34 34.15 71.81 -49.91
N LEU Q 35 34.54 73.08 -49.79
CA LEU Q 35 35.95 73.45 -49.95
C LEU Q 35 36.79 73.16 -48.70
N LEU Q 36 36.17 73.10 -47.52
CA LEU Q 36 36.94 72.85 -46.31
C LEU Q 36 37.55 71.46 -46.32
N ASN Q 37 38.70 71.32 -45.68
CA ASN Q 37 39.44 70.08 -45.74
C ASN Q 37 38.97 69.11 -44.67
N ALA Q 38 39.47 67.88 -44.74
CA ALA Q 38 39.07 66.83 -43.81
C ALA Q 38 39.72 66.99 -42.45
N SER Q 39 40.92 67.57 -42.40
CA SER Q 39 41.67 67.66 -41.15
C SER Q 39 40.91 68.48 -40.13
N GLY Q 40 40.39 67.82 -39.10
CA GLY Q 40 39.73 68.49 -38.01
C GLY Q 40 40.53 68.34 -36.73
N PRO Q 41 40.89 69.47 -36.13
CA PRO Q 41 41.68 69.41 -34.89
C PRO Q 41 40.94 68.65 -33.80
N LEU Q 42 41.51 67.52 -33.41
CA LEU Q 42 40.88 66.67 -32.41
C LEU Q 42 40.98 67.23 -31.00
N GLN Q 43 41.83 68.26 -30.79
CA GLN Q 43 41.93 68.85 -29.46
C GLN Q 43 40.67 69.59 -29.06
N PRO Q 44 40.13 70.52 -29.88
CA PRO Q 44 38.84 71.12 -29.53
C PRO Q 44 37.69 70.21 -29.91
N GLY Q 45 36.65 70.25 -29.08
CA GLY Q 45 35.47 69.43 -29.30
C GLY Q 45 34.42 69.58 -28.22
N ILE Q 50 28.44 66.81 -29.75
CA ILE Q 50 28.74 67.34 -31.08
C ILE Q 50 27.52 67.17 -31.99
N ALA Q 51 26.68 66.19 -31.67
CA ALA Q 51 25.36 66.14 -32.30
C ALA Q 51 24.56 67.38 -32.01
N ASP Q 52 24.78 68.01 -30.86
CA ASP Q 52 24.18 69.32 -30.61
C ASP Q 52 24.68 70.35 -31.60
N ALA Q 53 25.98 70.31 -31.93
CA ALA Q 53 26.50 71.20 -32.95
C ALA Q 53 25.91 70.89 -34.31
N ARG Q 54 25.64 69.61 -34.59
CA ARG Q 54 24.98 69.24 -35.84
C ARG Q 54 23.58 69.83 -35.90
N SER Q 55 22.83 69.73 -34.80
CA SER Q 55 21.49 70.33 -34.75
C SER Q 55 21.57 71.84 -34.89
N ILE Q 56 22.62 72.46 -34.33
CA ILE Q 56 22.81 73.90 -34.48
C ILE Q 56 23.04 74.24 -35.95
N TYR Q 57 23.83 73.43 -36.64
CA TYR Q 57 24.02 73.62 -38.07
C TYR Q 57 22.70 73.52 -38.81
N THR Q 58 21.86 72.55 -38.42
CA THR Q 58 20.56 72.40 -39.07
C THR Q 58 19.68 73.63 -38.87
N VAL Q 59 19.62 74.12 -37.62
CA VAL Q 59 18.75 75.27 -37.36
C VAL Q 59 19.31 76.53 -38.02
N GLY Q 60 20.63 76.62 -38.15
CA GLY Q 60 21.21 77.75 -38.88
C GLY Q 60 20.89 77.70 -40.36
N ALA Q 61 20.96 76.51 -40.95
CA ALA Q 61 20.56 76.36 -42.34
C ALA Q 61 19.08 76.70 -42.52
N ALA Q 62 18.25 76.33 -41.53
CA ALA Q 62 16.84 76.70 -41.58
C ALA Q 62 16.67 78.21 -41.52
N ALA Q 63 17.45 78.89 -40.69
CA ALA Q 63 17.37 80.35 -40.61
C ALA Q 63 17.80 80.99 -41.93
N SER Q 64 18.85 80.45 -42.56
CA SER Q 64 19.29 80.98 -43.84
C SER Q 64 18.24 80.78 -44.91
N ALA Q 65 17.61 79.60 -44.93
CA ALA Q 65 16.52 79.36 -45.87
C ALA Q 65 15.36 80.30 -45.60
N ALA Q 66 15.09 80.62 -44.33
CA ALA Q 66 14.03 81.56 -44.00
C ALA Q 66 14.37 82.96 -44.50
N ARG Q 67 15.64 83.35 -44.41
CA ARG Q 67 16.07 84.63 -44.96
C ARG Q 67 15.86 84.67 -46.47
N ALA Q 68 16.28 83.61 -47.17
CA ALA Q 68 16.09 83.55 -48.61
C ALA Q 68 14.62 83.58 -48.98
N ARG Q 69 13.78 82.91 -48.20
CA ARG Q 69 12.34 82.91 -48.47
C ARG Q 69 11.73 84.27 -48.23
N ALA Q 70 12.17 84.97 -47.18
CA ALA Q 70 11.70 86.33 -46.96
C ALA Q 70 12.13 87.25 -48.10
N ASN Q 71 13.32 87.02 -48.66
CA ASN Q 71 13.74 87.78 -49.83
C ASN Q 71 12.84 87.48 -51.02
N HIS Q 72 12.54 86.20 -51.26
CA HIS Q 72 11.70 85.83 -52.39
C HIS Q 72 10.27 86.31 -52.23
N ASN Q 73 9.81 86.49 -50.99
CA ASN Q 73 8.43 86.84 -50.70
C ASN Q 73 8.04 88.22 -51.21
N ALA Q 74 8.96 88.98 -51.78
CA ALA Q 74 8.61 90.31 -52.28
C ALA Q 74 7.58 90.22 -53.40
N ASN Q 75 7.61 89.15 -54.19
CA ASN Q 75 6.70 88.98 -55.30
C ASN Q 75 5.66 87.89 -55.07
N THR Q 76 5.84 87.04 -54.05
CA THR Q 76 4.93 85.94 -53.82
C THR Q 76 3.58 86.45 -53.32
N ILE Q 77 2.60 85.57 -53.32
CA ILE Q 77 1.24 85.88 -52.89
C ILE Q 77 1.05 85.38 -51.47
N ARG Q 78 0.35 86.16 -50.66
CA ARG Q 78 0.08 85.77 -49.29
C ARG Q 78 -0.78 84.52 -49.25
N ARG Q 79 -0.31 83.51 -48.53
CA ARG Q 79 -1.03 82.24 -48.43
C ARG Q 79 -2.14 82.34 -47.38
N THR Q 80 -3.15 81.51 -47.55
CA THR Q 80 -4.30 81.45 -46.67
C THR Q 80 -4.46 80.05 -46.08
N ALA Q 81 -5.53 79.86 -45.33
CA ALA Q 81 -5.81 78.56 -44.73
C ALA Q 81 -6.41 77.62 -45.76
N MET Q 82 -5.87 76.40 -45.83
CA MET Q 82 -6.34 75.41 -46.79
C MET Q 82 -7.44 74.52 -46.25
N PHE Q 83 -7.91 74.78 -45.02
CA PHE Q 83 -8.98 73.99 -44.43
C PHE Q 83 -10.10 74.90 -43.98
N ALA Q 84 -11.27 74.30 -43.75
CA ALA Q 84 -12.45 75.02 -43.31
C ALA Q 84 -12.41 75.16 -41.78
N GLU Q 85 -13.53 75.60 -41.20
CA GLU Q 85 -13.73 75.79 -39.77
C GLU Q 85 -12.73 76.76 -39.16
N THR Q 86 -12.03 77.54 -39.95
CA THR Q 86 -11.04 78.51 -39.47
C THR Q 86 -11.50 79.89 -39.95
N ASP Q 87 -12.32 80.55 -39.13
CA ASP Q 87 -12.86 81.84 -39.52
C ASP Q 87 -13.29 82.58 -38.26
N PRO Q 88 -13.08 83.91 -38.19
CA PRO Q 88 -13.51 84.64 -36.99
C PRO Q 88 -15.02 84.61 -36.77
N MET Q 89 -15.80 85.04 -37.76
CA MET Q 89 -17.26 85.04 -37.65
C MET Q 89 -17.80 84.07 -38.68
N THR Q 90 -17.89 82.79 -38.29
CA THR Q 90 -18.51 81.79 -39.16
C THR Q 90 -20.02 81.92 -39.21
N TRP Q 91 -20.63 82.64 -38.26
CA TRP Q 91 -22.08 82.74 -38.22
C TRP Q 91 -22.63 83.51 -39.41
N LEU Q 92 -21.87 84.48 -39.92
CA LEU Q 92 -22.34 85.25 -41.07
C LEU Q 92 -22.46 84.37 -42.31
N ARG Q 93 -21.40 83.64 -42.64
CA ARG Q 93 -21.36 82.83 -43.85
C ARG Q 93 -20.40 81.67 -43.62
N PRO Q 94 -20.55 80.57 -44.35
CA PRO Q 94 -19.63 79.43 -44.18
C PRO Q 94 -18.21 79.75 -44.63
N THR Q 95 -17.30 78.82 -44.40
CA THR Q 95 -15.88 79.03 -44.71
C THR Q 95 -15.31 77.78 -45.34
N VAL Q 96 -14.47 77.97 -46.37
CA VAL Q 96 -13.82 76.87 -47.07
C VAL Q 96 -12.33 77.14 -47.13
N GLY Q 97 -11.59 76.10 -47.47
CA GLY Q 97 -10.15 76.19 -47.63
C GLY Q 97 -9.76 76.64 -49.03
N LEU Q 98 -8.49 76.40 -49.35
CA LEU Q 98 -7.98 76.79 -50.67
C LEU Q 98 -6.85 75.83 -51.06
N LYS Q 99 -6.96 75.27 -52.25
CA LYS Q 99 -5.92 74.39 -52.78
C LYS Q 99 -4.77 75.23 -53.33
N ARG Q 100 -3.57 75.00 -52.82
CA ARG Q 100 -2.40 75.79 -53.21
C ARG Q 100 -1.84 75.20 -54.50
N THR Q 101 -2.47 75.57 -55.61
CA THR Q 101 -2.06 75.14 -56.95
C THR Q 101 -1.89 76.34 -57.88
N PHE Q 102 -1.25 77.39 -57.39
CA PHE Q 102 -1.03 78.61 -58.15
C PHE Q 102 0.45 78.87 -58.33
N ASN Q 103 0.76 80.04 -58.87
CA ASN Q 103 2.12 80.52 -59.02
C ASN Q 103 2.30 81.81 -58.24
N PRO Q 104 3.35 81.93 -57.43
CA PRO Q 104 3.55 83.14 -56.64
C PRO Q 104 3.91 84.37 -57.45
N ARG Q 105 4.13 84.24 -58.75
CA ARG Q 105 4.46 85.38 -59.58
C ARG Q 105 3.27 86.33 -59.67
N ILE Q 106 3.52 87.62 -59.47
CA ILE Q 106 2.49 88.65 -59.52
C ILE Q 106 2.70 89.60 -60.70
N ILE Q 107 3.83 90.29 -60.74
CA ILE Q 107 4.13 91.22 -61.83
C ILE Q 107 5.63 91.37 -62.00
N ILE R 19 -114.31 -1.00 -100.95
CA ILE R 19 -115.24 -2.11 -101.11
C ILE R 19 -114.96 -3.16 -100.04
N ALA R 20 -116.00 -3.92 -99.68
CA ALA R 20 -115.83 -4.95 -98.65
C ALA R 20 -115.23 -6.22 -99.23
N GLY R 21 -115.97 -6.88 -100.13
CA GLY R 21 -115.55 -8.11 -100.78
C GLY R 21 -114.79 -9.07 -99.90
N LEU R 22 -115.26 -9.25 -98.65
CA LEU R 22 -114.50 -9.98 -97.65
C LEU R 22 -114.21 -11.40 -98.10
N PHE R 23 -115.26 -12.20 -98.27
CA PHE R 23 -115.07 -13.56 -98.75
C PHE R 23 -115.03 -13.58 -100.28
N ASN R 24 -114.65 -14.74 -100.83
CA ASN R 24 -114.67 -14.91 -102.27
C ASN R 24 -116.09 -14.77 -102.79
N ILE R 25 -116.24 -14.09 -103.93
CA ILE R 25 -117.55 -13.74 -104.46
C ILE R 25 -118.36 -15.00 -104.77
N PRO R 26 -117.87 -15.96 -105.58
CA PRO R 26 -118.65 -17.19 -105.79
C PRO R 26 -118.70 -18.05 -104.53
N ALA R 27 -117.52 -18.30 -103.94
CA ALA R 27 -117.36 -19.01 -102.68
C ALA R 27 -117.63 -20.51 -102.81
N GLY R 28 -118.12 -20.93 -103.97
CA GLY R 28 -118.38 -22.34 -104.27
C GLY R 28 -118.94 -23.17 -103.14
N ILE R 29 -120.05 -22.73 -102.55
CA ILE R 29 -120.64 -23.40 -101.41
C ILE R 29 -122.11 -23.70 -101.73
N ILE R 30 -122.60 -24.81 -101.19
CA ILE R 30 -123.99 -25.21 -101.39
C ILE R 30 -124.89 -24.10 -100.85
N PRO R 31 -125.91 -23.68 -101.59
CA PRO R 31 -126.76 -22.58 -101.11
C PRO R 31 -127.73 -23.04 -100.05
N THR R 32 -128.21 -22.07 -99.28
CA THR R 32 -129.19 -22.29 -98.23
C THR R 32 -130.59 -21.92 -98.65
N GLY R 33 -130.80 -21.61 -99.93
CA GLY R 33 -132.12 -21.26 -100.42
C GLY R 33 -132.11 -21.20 -101.93
N ASN R 34 -133.27 -20.81 -102.48
CA ASN R 34 -133.42 -20.67 -103.93
C ASN R 34 -134.17 -19.37 -104.17
N VAL R 35 -133.55 -18.46 -104.92
CA VAL R 35 -134.20 -17.20 -105.24
C VAL R 35 -135.23 -17.42 -106.33
N LEU R 36 -136.46 -16.96 -106.09
CA LEU R 36 -137.55 -17.09 -107.03
C LEU R 36 -137.69 -15.80 -107.84
N SER R 37 -138.66 -15.78 -108.75
CA SER R 37 -138.95 -14.61 -109.59
C SER R 37 -137.71 -14.19 -110.39
N THR R 38 -137.31 -15.08 -111.29
CA THR R 38 -136.09 -14.84 -112.06
C THR R 38 -136.32 -13.71 -113.06
N ILE R 39 -136.00 -12.49 -112.64
CA ILE R 39 -136.10 -11.32 -113.50
C ILE R 39 -134.68 -10.81 -113.76
N GLU R 40 -134.53 -10.06 -114.85
CA GLU R 40 -133.23 -9.51 -115.23
C GLU R 40 -132.84 -8.46 -114.20
N VAL R 41 -131.91 -8.81 -113.32
CA VAL R 41 -131.48 -7.89 -112.25
C VAL R 41 -130.35 -7.05 -112.82
N CYS R 42 -130.74 -6.07 -113.63
CA CYS R 42 -129.82 -5.06 -114.13
C CYS R 42 -130.40 -3.66 -114.17
N ALA R 43 -131.72 -3.48 -114.06
CA ALA R 43 -132.31 -2.16 -114.20
C ALA R 43 -132.09 -1.30 -112.97
N HIS R 44 -132.22 -1.88 -111.78
CA HIS R 44 -131.96 -1.17 -110.53
C HIS R 44 -130.65 -1.71 -109.97
N ARG R 45 -129.57 -0.96 -110.18
CA ARG R 45 -128.22 -1.37 -109.80
C ARG R 45 -127.78 -0.73 -108.49
N CYS R 46 -128.63 0.08 -107.88
CA CYS R 46 -128.24 0.90 -106.75
C CYS R 46 -128.15 0.13 -105.44
N ILE R 47 -128.13 -1.20 -105.48
CA ILE R 47 -128.16 -1.96 -104.19
C ILE R 47 -126.89 -2.81 -104.00
N PHE R 48 -126.80 -3.42 -102.80
CA PHE R 48 -125.68 -4.30 -102.37
C PHE R 48 -124.36 -3.52 -102.33
N ASP R 49 -123.25 -4.23 -102.56
CA ASP R 49 -121.91 -3.57 -102.58
C ASP R 49 -121.57 -3.23 -104.03
N PHE R 50 -121.34 -4.26 -104.86
CA PHE R 50 -121.00 -4.08 -106.30
C PHE R 50 -121.08 -5.44 -107.01
N PHE R 51 -121.99 -5.56 -107.98
CA PHE R 51 -122.11 -6.81 -108.74
C PHE R 51 -121.37 -6.75 -110.07
N LYS R 52 -121.37 -7.85 -110.81
CA LYS R 52 -120.76 -7.91 -112.13
C LYS R 52 -121.60 -8.83 -113.01
N GLN R 53 -121.38 -8.72 -114.33
CA GLN R 53 -122.14 -9.48 -115.32
C GLN R 53 -121.15 -10.09 -116.33
N ILE R 54 -120.96 -11.40 -116.23
CA ILE R 54 -120.06 -12.14 -117.11
C ILE R 54 -120.85 -12.76 -118.26
N ARG R 55 -120.29 -12.68 -119.47
CA ARG R 55 -120.96 -13.24 -120.64
C ARG R 55 -121.14 -14.75 -120.52
N SER R 56 -120.05 -15.49 -120.63
CA SER R 56 -120.05 -16.92 -120.32
C SER R 56 -118.89 -17.33 -119.43
N ASP R 57 -117.69 -16.78 -119.67
CA ASP R 57 -116.52 -17.12 -118.86
C ASP R 57 -115.50 -15.98 -119.02
N ASP R 58 -115.43 -15.12 -118.00
CA ASP R 58 -114.39 -14.13 -117.88
C ASP R 58 -113.48 -14.57 -116.74
N ASN R 59 -112.24 -14.08 -116.73
CA ASN R 59 -111.27 -14.54 -115.76
C ASN R 59 -111.60 -14.01 -114.36
N SER R 60 -110.69 -14.25 -113.43
CA SER R 60 -110.86 -13.95 -112.01
C SER R 60 -111.91 -14.87 -111.39
N LEU R 61 -112.08 -16.06 -111.98
CA LEU R 61 -112.89 -17.11 -111.39
C LEU R 61 -112.08 -18.30 -110.90
N TYR R 62 -110.82 -18.42 -111.34
CA TYR R 62 -109.93 -19.49 -110.90
C TYR R 62 -108.73 -18.96 -110.16
N SER R 63 -108.87 -17.79 -109.53
CA SER R 63 -107.80 -17.17 -108.75
C SER R 63 -108.07 -17.37 -107.27
N ALA R 64 -107.10 -17.95 -106.57
CA ALA R 64 -107.23 -18.27 -105.15
C ALA R 64 -105.92 -17.91 -104.44
N GLN R 65 -105.87 -16.69 -103.89
CA GLN R 65 -104.74 -16.26 -103.07
C GLN R 65 -105.12 -16.35 -101.60
N PHE R 66 -104.13 -16.59 -100.76
CA PHE R 66 -104.38 -16.82 -99.34
C PHE R 66 -103.13 -16.49 -98.55
N ASP R 67 -103.30 -16.45 -97.23
CA ASP R 67 -102.20 -16.25 -96.29
C ASP R 67 -102.03 -17.49 -95.43
N ILE R 68 -100.84 -17.64 -94.86
CA ILE R 68 -100.53 -18.81 -94.06
C ILE R 68 -99.62 -18.39 -92.92
N LEU R 69 -99.80 -19.03 -91.76
CA LEU R 69 -98.95 -18.83 -90.60
C LEU R 69 -97.97 -19.99 -90.53
N LEU R 70 -96.68 -19.68 -90.52
CA LEU R 70 -95.63 -20.71 -90.56
C LEU R 70 -95.25 -21.16 -89.16
N GLY R 71 -96.24 -21.54 -88.36
CA GLY R 71 -95.99 -22.01 -87.02
C GLY R 71 -95.54 -20.90 -86.08
N THR R 72 -95.46 -21.24 -84.80
CA THR R 72 -95.06 -20.31 -83.76
C THR R 72 -93.98 -20.96 -82.91
N TYR R 73 -93.05 -20.16 -82.40
CA TYR R 73 -92.00 -20.62 -81.50
C TYR R 73 -92.10 -19.91 -80.17
N CYS R 74 -91.76 -20.62 -79.11
CA CYS R 74 -91.78 -20.06 -77.76
C CYS R 74 -90.58 -20.60 -77.01
N ASN R 75 -90.48 -20.23 -75.74
CA ASN R 75 -89.38 -20.66 -74.90
C ASN R 75 -89.89 -20.93 -73.50
N THR R 76 -89.12 -21.71 -72.75
CA THR R 76 -89.42 -22.00 -71.36
C THR R 76 -88.16 -21.80 -70.52
N LEU R 77 -88.35 -21.28 -69.32
CA LEU R 77 -87.24 -21.02 -68.43
C LEU R 77 -87.04 -22.19 -67.46
N ASN R 78 -85.89 -22.22 -66.83
CA ASN R 78 -85.56 -23.24 -65.84
C ASN R 78 -85.58 -22.64 -64.45
N PHE R 79 -85.73 -23.50 -63.45
CA PHE R 79 -85.73 -23.10 -62.06
C PHE R 79 -84.41 -23.47 -61.39
N VAL R 80 -83.72 -22.47 -60.86
CA VAL R 80 -82.49 -22.67 -60.12
C VAL R 80 -82.85 -22.97 -58.68
N ARG R 81 -81.94 -23.63 -57.97
CA ARG R 81 -82.14 -23.95 -56.56
C ARG R 81 -80.88 -23.62 -55.77
N PHE R 82 -81.07 -23.12 -54.56
CA PHE R 82 -79.96 -22.63 -53.77
C PHE R 82 -79.05 -23.73 -53.27
N LEU R 83 -79.62 -24.83 -52.77
CA LEU R 83 -78.79 -25.91 -52.25
C LEU R 83 -77.97 -26.55 -53.37
N GLU R 84 -78.53 -26.63 -54.57
CA GLU R 84 -77.80 -27.20 -55.69
C GLU R 84 -76.66 -26.31 -56.17
N LEU R 85 -76.56 -25.09 -55.66
CA LEU R 85 -75.45 -24.22 -56.03
C LEU R 85 -74.24 -24.50 -55.17
N GLY R 86 -73.06 -24.26 -55.73
CA GLY R 86 -71.83 -24.41 -54.98
C GLY R 86 -71.61 -23.37 -53.92
N LEU R 87 -72.36 -22.26 -53.97
CA LEU R 87 -72.25 -21.20 -52.98
C LEU R 87 -72.83 -21.61 -51.62
N SER R 88 -73.68 -22.63 -51.59
CA SER R 88 -74.34 -23.04 -50.35
C SER R 88 -73.38 -23.60 -49.31
N VAL R 89 -72.12 -23.84 -49.66
CA VAL R 89 -71.13 -24.33 -48.71
C VAL R 89 -70.42 -23.18 -48.01
N ALA R 90 -70.93 -21.96 -48.15
CA ALA R 90 -70.38 -20.80 -47.45
C ALA R 90 -71.17 -20.46 -46.20
N CYS R 91 -72.30 -21.11 -45.97
CA CYS R 91 -73.13 -20.82 -44.82
C CYS R 91 -73.97 -22.05 -44.50
N ILE R 92 -74.75 -21.96 -43.42
CA ILE R 92 -75.68 -23.01 -43.02
C ILE R 92 -77.05 -22.36 -42.87
N CYS R 93 -77.94 -22.63 -43.82
CA CYS R 93 -79.28 -22.06 -43.77
C CYS R 93 -80.16 -22.85 -42.82
N THR R 94 -80.97 -22.13 -42.05
CA THR R 94 -81.91 -22.74 -41.13
C THR R 94 -83.25 -22.00 -41.20
N LYS R 95 -84.32 -22.75 -41.05
CA LYS R 95 -85.67 -22.22 -41.07
C LYS R 95 -86.09 -21.86 -39.65
N PHE R 96 -86.87 -20.79 -39.52
CA PHE R 96 -87.37 -20.33 -38.23
C PHE R 96 -88.65 -19.55 -38.49
N PRO R 97 -89.82 -20.18 -38.32
CA PRO R 97 -91.07 -19.51 -38.71
C PRO R 97 -91.38 -18.29 -37.87
N GLU R 98 -91.09 -18.32 -36.57
CA GLU R 98 -91.38 -17.18 -35.71
C GLU R 98 -90.24 -16.15 -35.74
N LEU R 99 -89.82 -15.77 -36.94
CA LEU R 99 -88.77 -14.77 -37.06
C LEU R 99 -89.30 -13.35 -36.97
N ALA R 100 -90.58 -13.14 -37.26
CA ALA R 100 -91.17 -11.81 -37.13
C ALA R 100 -91.12 -11.32 -35.69
N TYR R 101 -91.09 -12.21 -34.71
CA TYR R 101 -90.98 -11.86 -33.30
C TYR R 101 -89.61 -12.32 -32.81
N VAL R 102 -88.60 -11.49 -33.04
CA VAL R 102 -87.26 -11.71 -32.52
C VAL R 102 -86.67 -10.35 -32.21
N ARG R 103 -86.34 -10.12 -30.94
CA ARG R 103 -85.82 -8.83 -30.49
C ARG R 103 -84.37 -9.02 -30.07
N ASP R 104 -83.45 -8.80 -31.01
CA ASP R 104 -82.01 -8.72 -30.74
C ASP R 104 -81.49 -10.03 -30.11
N GLY R 105 -81.54 -11.09 -30.90
CA GLY R 105 -80.84 -12.30 -30.55
C GLY R 105 -79.33 -12.08 -30.52
N VAL R 106 -78.64 -12.95 -29.76
CA VAL R 106 -77.19 -12.84 -29.60
C VAL R 106 -76.60 -14.23 -29.55
N ILE R 107 -75.29 -14.30 -29.79
CA ILE R 107 -74.51 -15.52 -29.60
C ILE R 107 -73.17 -15.15 -28.97
N GLN R 108 -72.73 -15.96 -28.02
CA GLN R 108 -71.46 -15.72 -27.34
C GLN R 108 -70.62 -16.98 -27.37
N PHE R 109 -69.32 -16.81 -27.13
CA PHE R 109 -68.41 -17.94 -27.07
C PHE R 109 -67.16 -17.56 -26.29
N GLU R 110 -66.49 -18.59 -25.78
CA GLU R 110 -65.32 -18.46 -24.92
C GLU R 110 -64.12 -19.15 -25.58
N VAL R 111 -62.93 -18.64 -25.28
CA VAL R 111 -61.70 -19.24 -25.79
C VAL R 111 -60.60 -18.95 -24.77
N GLN R 112 -59.71 -19.92 -24.57
CA GLN R 112 -58.64 -19.80 -23.60
C GLN R 112 -57.31 -20.09 -24.29
N GLN R 113 -56.27 -19.43 -23.79
CA GLN R 113 -54.93 -19.52 -24.35
C GLN R 113 -54.06 -20.45 -23.51
N PRO R 114 -53.03 -21.05 -24.11
CA PRO R 114 -52.09 -21.85 -23.33
C PRO R 114 -51.16 -20.97 -22.51
N MET R 115 -50.21 -21.57 -21.81
CA MET R 115 -49.29 -20.83 -20.95
C MET R 115 -47.91 -21.46 -21.02
N ILE R 116 -46.89 -20.62 -21.15
CA ILE R 116 -45.51 -21.07 -21.24
C ILE R 116 -44.81 -20.74 -19.93
N ALA R 117 -43.99 -21.66 -19.44
CA ALA R 117 -43.25 -21.46 -18.20
C ALA R 117 -41.81 -21.10 -18.51
N ARG R 118 -41.27 -20.14 -17.77
CA ARG R 118 -39.90 -19.69 -17.96
C ARG R 118 -39.43 -18.99 -16.70
N ASP R 119 -38.15 -18.62 -16.71
CA ASP R 119 -37.55 -17.94 -15.56
C ASP R 119 -36.67 -16.81 -16.08
N GLY R 120 -35.86 -16.24 -15.19
CA GLY R 120 -35.07 -15.08 -15.52
C GLY R 120 -35.72 -13.82 -15.00
N PRO R 121 -35.24 -12.67 -15.45
CA PRO R 121 -35.82 -11.40 -15.00
C PRO R 121 -37.10 -11.05 -15.74
N HIS R 122 -38.06 -11.97 -15.74
CA HIS R 122 -39.35 -11.77 -16.39
C HIS R 122 -40.47 -12.04 -15.39
N PRO R 123 -41.59 -11.32 -15.51
CA PRO R 123 -42.76 -11.64 -14.69
C PRO R 123 -43.36 -12.98 -15.10
N VAL R 124 -43.87 -13.70 -14.10
CA VAL R 124 -44.41 -15.02 -14.36
C VAL R 124 -45.81 -14.89 -14.96
N ASP R 125 -46.14 -15.79 -15.86
CA ASP R 125 -47.41 -15.78 -16.57
C ASP R 125 -48.51 -16.45 -15.73
N GLN R 126 -49.75 -16.30 -16.19
CA GLN R 126 -50.90 -16.93 -15.56
C GLN R 126 -51.96 -17.09 -16.64
N PRO R 127 -52.73 -18.17 -16.61
CA PRO R 127 -53.70 -18.42 -17.69
C PRO R 127 -54.76 -17.33 -17.73
N VAL R 128 -55.12 -16.92 -18.94
CA VAL R 128 -56.10 -15.86 -19.16
C VAL R 128 -57.28 -16.45 -19.93
N HIS R 129 -58.48 -15.98 -19.60
CA HIS R 129 -59.71 -16.41 -20.24
C HIS R 129 -60.49 -15.17 -20.65
N ASN R 130 -60.86 -15.10 -21.93
CA ASN R 130 -61.67 -14.01 -22.44
C ASN R 130 -62.93 -14.55 -23.10
N TYR R 131 -64.00 -13.75 -23.04
CA TYR R 131 -65.31 -14.13 -23.53
C TYR R 131 -65.79 -13.08 -24.53
N MET R 132 -66.46 -13.52 -25.59
CA MET R 132 -66.94 -12.61 -26.61
C MET R 132 -68.41 -12.87 -26.87
N VAL R 133 -69.12 -11.83 -27.32
CA VAL R 133 -70.54 -11.93 -27.63
C VAL R 133 -70.86 -10.99 -28.79
N LYS R 134 -71.74 -11.42 -29.69
CA LYS R 134 -72.12 -10.67 -30.87
C LYS R 134 -73.62 -10.76 -31.10
N ARG R 135 -74.13 -9.84 -31.90
CA ARG R 135 -75.55 -9.67 -32.19
C ARG R 135 -75.88 -10.23 -33.57
N ILE R 136 -77.12 -10.03 -34.00
CA ILE R 136 -77.60 -10.52 -35.28
C ILE R 136 -78.09 -9.35 -36.13
N HIS R 137 -78.30 -9.62 -37.42
CA HIS R 137 -78.80 -8.63 -38.36
C HIS R 137 -79.95 -9.21 -39.16
N LYS R 138 -81.02 -8.44 -39.29
CA LYS R 138 -82.25 -8.87 -39.96
C LYS R 138 -82.50 -8.01 -41.20
N ARG R 139 -82.88 -8.68 -42.29
CA ARG R 139 -83.19 -8.02 -43.55
C ARG R 139 -84.30 -8.79 -44.24
N SER R 140 -85.08 -8.10 -45.06
CA SER R 140 -86.23 -8.69 -45.70
C SER R 140 -86.04 -8.76 -47.21
N LEU R 141 -86.95 -9.47 -47.87
CA LEU R 141 -87.01 -9.59 -49.32
C LEU R 141 -88.44 -9.41 -49.77
N SER R 142 -88.62 -8.90 -50.99
CA SER R 142 -89.96 -8.58 -51.47
C SER R 142 -90.04 -8.76 -52.98
N ALA R 143 -91.26 -8.93 -53.47
CA ALA R 143 -91.54 -9.07 -54.90
C ALA R 143 -92.99 -8.68 -55.15
N ALA R 144 -93.30 -8.38 -56.41
CA ALA R 144 -94.62 -7.92 -56.81
C ALA R 144 -95.28 -8.89 -57.78
N PHE R 145 -96.58 -8.66 -58.00
CA PHE R 145 -97.38 -9.54 -58.84
C PHE R 145 -98.64 -8.80 -59.26
N ALA R 146 -98.80 -8.57 -60.55
CA ALA R 146 -99.90 -7.74 -61.05
C ALA R 146 -101.04 -8.57 -61.61
N ILE R 147 -102.26 -8.06 -61.48
CA ILE R 147 -103.44 -8.65 -62.09
C ILE R 147 -104.27 -7.53 -62.72
N ALA R 148 -104.64 -7.72 -63.98
CA ALA R 148 -105.28 -6.66 -64.75
C ALA R 148 -106.78 -6.58 -64.47
N SER R 149 -107.37 -5.48 -64.94
CA SER R 149 -108.77 -5.16 -64.67
C SER R 149 -109.73 -6.14 -65.32
N GLU R 150 -109.65 -6.28 -66.64
CA GLU R 150 -110.54 -7.17 -67.37
C GLU R 150 -110.34 -8.60 -66.90
N ALA R 151 -109.10 -8.96 -66.57
CA ALA R 151 -108.82 -10.30 -66.07
C ALA R 151 -109.52 -10.54 -64.74
N LEU R 152 -109.40 -9.58 -63.80
CA LEU R 152 -110.08 -9.72 -62.52
C LEU R 152 -111.59 -9.77 -62.70
N SER R 153 -112.12 -8.98 -63.64
CA SER R 153 -113.55 -9.02 -63.89
C SER R 153 -113.99 -10.37 -64.44
N LEU R 154 -113.20 -10.95 -65.34
CA LEU R 154 -113.51 -12.28 -65.85
C LEU R 154 -113.40 -13.34 -64.77
N LEU R 155 -112.50 -13.16 -63.81
CA LEU R 155 -112.31 -14.15 -62.75
C LEU R 155 -113.34 -14.04 -61.63
N SER R 156 -113.88 -12.85 -61.39
CA SER R 156 -114.83 -12.63 -60.31
C SER R 156 -116.27 -12.97 -60.71
N ASN R 157 -116.47 -13.67 -61.81
CA ASN R 157 -117.82 -14.03 -62.24
C ASN R 157 -118.41 -15.14 -61.38
N THR R 163 -121.21 -19.83 -71.63
CA THR R 163 -121.22 -19.96 -73.08
C THR R 163 -119.93 -20.61 -73.58
N GLU R 164 -119.68 -20.49 -74.88
CA GLU R 164 -118.53 -21.10 -75.51
C GLU R 164 -117.34 -20.16 -75.65
N ILE R 165 -117.58 -18.86 -75.78
CA ILE R 165 -116.49 -17.93 -76.05
C ILE R 165 -115.74 -17.57 -74.77
N ASP R 166 -116.46 -17.38 -73.67
CA ASP R 166 -115.79 -17.03 -72.42
C ASP R 166 -115.11 -18.21 -71.75
N SER R 167 -115.48 -19.43 -72.13
CA SER R 167 -114.79 -20.60 -71.60
C SER R 167 -113.31 -20.58 -71.94
N SER R 168 -112.95 -19.92 -73.04
CA SER R 168 -111.55 -19.78 -73.42
C SER R 168 -110.88 -18.61 -72.72
N LEU R 169 -111.60 -17.50 -72.54
CA LEU R 169 -111.01 -16.35 -71.87
C LEU R 169 -110.71 -16.66 -70.41
N ARG R 170 -111.61 -17.38 -69.74
CA ARG R 170 -111.32 -17.79 -68.36
C ARG R 170 -110.09 -18.69 -68.31
N ILE R 171 -109.99 -19.65 -69.23
CA ILE R 171 -108.85 -20.56 -69.27
C ILE R 171 -107.56 -19.77 -69.47
N ARG R 172 -107.56 -18.82 -70.40
CA ARG R 172 -106.36 -18.04 -70.65
C ARG R 172 -106.00 -17.14 -69.47
N ALA R 173 -106.99 -16.63 -68.75
CA ALA R 173 -106.70 -15.83 -67.57
C ALA R 173 -106.05 -16.67 -66.48
N ILE R 174 -106.60 -17.85 -66.21
CA ILE R 174 -105.99 -18.73 -65.23
C ILE R 174 -104.59 -19.17 -65.67
N GLN R 175 -104.38 -19.38 -66.97
CA GLN R 175 -103.07 -19.76 -67.45
C GLN R 175 -102.05 -18.63 -67.28
N GLN R 176 -102.46 -17.39 -67.55
CA GLN R 176 -101.58 -16.26 -67.29
C GLN R 176 -101.25 -16.16 -65.80
N MET R 177 -102.26 -16.35 -64.94
CA MET R 177 -102.03 -16.35 -63.50
C MET R 177 -100.97 -17.39 -63.12
N ALA R 178 -101.12 -18.61 -63.61
CA ALA R 178 -100.16 -19.67 -63.29
C ALA R 178 -98.78 -19.34 -63.81
N ARG R 179 -98.68 -18.87 -65.06
CA ARG R 179 -97.38 -18.52 -65.62
C ARG R 179 -96.68 -17.41 -64.86
N ASN R 180 -97.43 -16.43 -64.35
CA ASN R 180 -96.80 -15.36 -63.57
C ASN R 180 -96.39 -15.83 -62.19
N LEU R 181 -97.27 -16.58 -61.51
CA LEU R 181 -96.93 -17.06 -60.17
C LEU R 181 -95.76 -18.03 -60.19
N ARG R 182 -95.63 -18.84 -61.25
CA ARG R 182 -94.54 -19.81 -61.29
C ARG R 182 -93.18 -19.14 -61.29
N THR R 183 -93.08 -17.93 -61.83
CA THR R 183 -91.82 -17.20 -61.78
C THR R 183 -91.71 -16.30 -60.56
N VAL R 184 -92.83 -15.76 -60.06
CA VAL R 184 -92.75 -14.96 -58.84
C VAL R 184 -92.29 -15.82 -57.67
N LEU R 185 -92.67 -17.10 -57.65
CA LEU R 185 -92.23 -17.98 -56.58
C LEU R 185 -90.73 -18.30 -56.70
N ASP R 186 -90.24 -18.53 -57.91
CA ASP R 186 -88.82 -18.78 -58.11
C ASP R 186 -87.97 -17.53 -57.86
N SER R 187 -88.60 -16.35 -57.88
CA SER R 187 -87.85 -15.11 -57.68
C SER R 187 -87.12 -15.11 -56.34
N PHE R 188 -87.80 -15.51 -55.25
CA PHE R 188 -87.17 -15.50 -53.94
C PHE R 188 -86.04 -16.53 -53.86
N GLU R 189 -86.28 -17.71 -54.42
CA GLU R 189 -85.24 -18.74 -54.47
C GLU R 189 -84.00 -18.20 -55.17
N ARG R 190 -84.19 -17.46 -56.26
CA ARG R 190 -83.03 -16.89 -56.95
C ARG R 190 -82.41 -15.73 -56.18
N GLY R 191 -83.21 -14.96 -55.44
CA GLY R 191 -82.69 -13.80 -54.73
C GLY R 191 -81.99 -14.13 -53.42
N THR R 192 -82.18 -15.35 -52.90
CA THR R 192 -81.39 -15.76 -51.75
C THR R 192 -79.90 -15.71 -52.05
N ALA R 193 -79.50 -16.21 -53.22
CA ALA R 193 -78.10 -16.17 -53.64
C ALA R 193 -77.67 -14.77 -54.07
N ASP R 194 -78.57 -13.80 -54.08
CA ASP R 194 -78.19 -12.41 -54.26
C ASP R 194 -78.02 -11.69 -52.93
N GLN R 195 -78.80 -12.08 -51.92
CA GLN R 195 -78.53 -11.64 -50.56
C GLN R 195 -77.16 -12.13 -50.11
N LEU R 196 -76.95 -13.45 -50.17
CA LEU R 196 -75.58 -13.94 -50.18
C LEU R 196 -74.90 -13.43 -51.45
N LEU R 197 -73.57 -13.42 -51.43
CA LEU R 197 -72.80 -12.82 -52.52
C LEU R 197 -73.21 -11.35 -52.65
N GLY R 198 -72.86 -10.60 -51.62
CA GLY R 198 -73.29 -9.23 -51.45
C GLY R 198 -73.50 -8.93 -49.99
N VAL R 199 -73.71 -9.97 -49.19
CA VAL R 199 -73.51 -9.88 -47.75
C VAL R 199 -72.04 -10.09 -47.37
N LEU R 200 -71.24 -10.74 -48.22
CA LEU R 200 -69.84 -11.03 -47.89
C LEU R 200 -68.88 -9.97 -48.39
N LEU R 201 -69.30 -9.11 -49.30
CA LEU R 201 -68.38 -8.12 -49.86
C LEU R 201 -67.98 -7.08 -48.83
N GLU R 202 -68.94 -6.56 -48.08
CA GLU R 202 -68.61 -5.62 -47.01
C GLU R 202 -68.18 -6.34 -45.73
N LYS R 203 -67.86 -7.62 -45.83
CA LYS R 203 -67.26 -8.37 -44.73
C LYS R 203 -65.83 -8.78 -45.04
N ALA R 204 -65.48 -8.95 -46.31
CA ALA R 204 -64.13 -9.35 -46.70
C ALA R 204 -63.24 -8.14 -46.84
N PRO R 205 -62.10 -8.08 -46.16
CA PRO R 205 -61.16 -6.97 -46.34
C PRO R 205 -60.18 -7.28 -47.47
N PRO R 206 -59.40 -6.29 -47.92
CA PRO R 206 -58.48 -6.54 -49.03
C PRO R 206 -57.33 -7.46 -48.63
N LEU R 207 -56.98 -8.36 -49.57
CA LEU R 207 -55.90 -9.30 -49.35
C LEU R 207 -54.55 -8.60 -49.21
N SER R 208 -54.31 -7.54 -49.98
CA SER R 208 -53.06 -6.82 -49.90
C SER R 208 -52.77 -6.32 -48.49
N LEU R 209 -53.81 -6.02 -47.71
CA LEU R 209 -53.64 -5.63 -46.32
C LEU R 209 -53.76 -6.80 -45.35
N LEU R 210 -54.52 -7.84 -45.70
CA LEU R 210 -54.70 -8.94 -44.77
C LEU R 210 -53.52 -9.88 -44.73
N SER R 211 -52.81 -10.06 -45.83
CA SER R 211 -51.77 -11.09 -45.90
C SER R 211 -50.54 -10.75 -45.04
N PRO R 212 -49.98 -9.52 -45.11
CA PRO R 212 -48.80 -9.25 -44.27
C PRO R 212 -49.18 -9.07 -42.80
N ILE R 213 -50.40 -8.59 -42.56
CA ILE R 213 -50.92 -8.56 -41.20
C ILE R 213 -50.98 -9.97 -40.63
N ASN R 214 -51.51 -10.91 -41.41
CA ASN R 214 -51.55 -12.31 -41.03
C ASN R 214 -50.19 -12.99 -41.16
N LYS R 215 -49.17 -12.27 -41.63
CA LYS R 215 -47.81 -12.78 -41.64
C LYS R 215 -47.02 -12.37 -40.40
N PHE R 216 -47.20 -11.16 -39.91
CA PHE R 216 -46.46 -10.66 -38.75
C PHE R 216 -47.41 -10.62 -37.55
N GLN R 217 -47.25 -11.58 -36.64
CA GLN R 217 -48.05 -11.69 -35.43
C GLN R 217 -47.23 -12.31 -34.31
N PRO R 218 -46.20 -11.60 -33.83
CA PRO R 218 -45.40 -12.15 -32.73
C PRO R 218 -46.19 -12.25 -31.45
N GLU R 219 -46.92 -11.18 -31.11
CA GLU R 219 -47.79 -11.19 -29.94
C GLU R 219 -49.11 -10.47 -30.19
N GLY R 220 -49.38 -10.06 -31.43
CA GLY R 220 -50.62 -9.35 -31.72
C GLY R 220 -50.47 -7.84 -31.63
N HIS R 221 -50.17 -7.34 -30.43
CA HIS R 221 -50.02 -5.92 -30.20
C HIS R 221 -48.55 -5.54 -30.34
N LEU R 222 -48.25 -4.69 -31.31
CA LEU R 222 -46.89 -4.27 -31.62
C LEU R 222 -46.59 -2.91 -31.01
N ASN R 223 -45.31 -2.58 -30.98
CA ASN R 223 -44.86 -1.28 -30.51
C ASN R 223 -44.82 -0.30 -31.69
N ARG R 224 -44.43 0.94 -31.41
CA ARG R 224 -44.49 1.98 -32.43
C ARG R 224 -43.51 1.71 -33.57
N VAL R 225 -42.31 1.23 -33.25
CA VAL R 225 -41.30 1.02 -34.28
C VAL R 225 -41.73 -0.09 -35.25
N ALA R 226 -42.10 -1.25 -34.70
CA ALA R 226 -42.57 -2.34 -35.55
C ALA R 226 -43.83 -1.93 -36.31
N ARG R 227 -44.69 -1.12 -35.69
CA ARG R 227 -45.89 -0.66 -36.38
C ARG R 227 -45.53 0.20 -37.58
N ALA R 228 -44.55 1.10 -37.42
CA ALA R 228 -44.16 1.96 -38.53
C ALA R 228 -43.52 1.16 -39.65
N ALA R 229 -42.67 0.19 -39.31
CA ALA R 229 -42.09 -0.67 -40.33
C ALA R 229 -43.18 -1.45 -41.07
N LEU R 230 -44.11 -2.04 -40.33
CA LEU R 230 -45.24 -2.72 -40.95
C LEU R 230 -46.03 -1.79 -41.85
N LEU R 231 -46.19 -0.53 -41.45
CA LEU R 231 -46.94 0.42 -42.25
C LEU R 231 -46.24 0.72 -43.57
N SER R 232 -44.92 0.90 -43.54
CA SER R 232 -44.19 1.10 -44.78
C SER R 232 -44.34 -0.12 -45.69
N ASP R 233 -44.26 -1.31 -45.10
CA ASP R 233 -44.47 -2.53 -45.89
C ASP R 233 -45.86 -2.56 -46.51
N LEU R 234 -46.89 -2.20 -45.74
CA LEU R 234 -48.24 -2.17 -46.27
C LEU R 234 -48.35 -1.18 -47.43
N LYS R 235 -47.74 -0.01 -47.29
CA LYS R 235 -47.79 0.97 -48.36
C LYS R 235 -47.18 0.43 -49.64
N ARG R 236 -45.97 -0.13 -49.55
CA ARG R 236 -45.35 -0.71 -50.74
C ARG R 236 -46.21 -1.81 -51.34
N ARG R 237 -46.75 -2.70 -50.50
CA ARG R 237 -47.50 -3.84 -51.00
C ARG R 237 -48.78 -3.40 -51.70
N VAL R 238 -49.51 -2.46 -51.10
CA VAL R 238 -50.75 -2.00 -51.73
C VAL R 238 -50.47 -1.18 -52.98
N CYS R 239 -49.31 -0.53 -53.04
CA CYS R 239 -48.98 0.20 -54.27
C CYS R 239 -48.60 -0.74 -55.41
N ALA R 240 -47.91 -1.85 -55.09
CA ALA R 240 -47.44 -2.75 -56.12
C ALA R 240 -48.46 -3.80 -56.56
N ASP R 241 -49.18 -4.41 -55.61
CA ASP R 241 -50.06 -5.54 -55.92
C ASP R 241 -51.49 -5.07 -56.15
N MET R 242 -51.69 -4.37 -57.27
CA MET R 242 -53.01 -3.84 -57.58
C MET R 242 -53.79 -4.79 -58.49
N PHE R 243 -53.24 -5.09 -59.67
CA PHE R 243 -53.92 -5.92 -60.66
C PHE R 243 -53.04 -7.14 -60.95
N PHE R 244 -53.44 -8.30 -60.43
CA PHE R 244 -52.68 -9.51 -60.68
C PHE R 244 -52.84 -9.99 -62.11
N MET R 245 -54.08 -10.30 -62.50
CA MET R 245 -54.32 -10.93 -63.80
C MET R 245 -53.98 -10.03 -64.97
N THR R 246 -53.94 -8.71 -64.75
CA THR R 246 -53.61 -7.80 -65.85
C THR R 246 -52.11 -7.63 -66.02
N ARG R 247 -51.41 -7.25 -64.94
CA ARG R 247 -49.96 -7.06 -65.03
C ARG R 247 -49.25 -8.39 -65.24
N HIS R 248 -49.45 -9.33 -64.33
CA HIS R 248 -48.81 -10.64 -64.42
C HIS R 248 -49.64 -11.62 -65.25
N ALA R 249 -49.99 -11.21 -66.47
CA ALA R 249 -50.77 -12.08 -67.33
C ALA R 249 -49.91 -13.13 -68.03
N ARG R 250 -48.66 -12.79 -68.34
CA ARG R 250 -47.80 -13.73 -69.04
C ARG R 250 -47.37 -14.88 -68.13
N GLU R 251 -46.78 -14.55 -66.99
CA GLU R 251 -46.28 -15.58 -66.08
C GLU R 251 -47.45 -16.29 -65.41
N PRO R 252 -47.55 -17.61 -65.50
CA PRO R 252 -48.66 -18.33 -64.85
C PRO R 252 -48.36 -18.88 -63.47
N ARG R 253 -47.20 -18.55 -62.88
CA ARG R 253 -46.86 -19.06 -61.56
C ARG R 253 -47.05 -18.04 -60.46
N LEU R 254 -46.84 -16.76 -60.75
CA LEU R 254 -47.14 -15.73 -59.76
C LEU R 254 -48.62 -15.74 -59.39
N ILE R 255 -49.49 -16.04 -60.36
CA ILE R 255 -50.92 -16.12 -60.07
C ILE R 255 -51.21 -17.28 -59.13
N SER R 256 -50.57 -18.43 -59.35
CA SER R 256 -50.75 -19.57 -58.46
C SER R 256 -50.24 -19.25 -57.06
N ALA R 257 -49.10 -18.56 -56.97
CA ALA R 257 -48.59 -18.15 -55.67
C ALA R 257 -49.56 -17.22 -54.96
N TYR R 258 -50.12 -16.26 -55.70
CA TYR R 258 -51.10 -15.35 -55.11
C TYR R 258 -52.32 -16.11 -54.59
N LEU R 259 -52.81 -17.07 -55.37
CA LEU R 259 -53.99 -17.82 -54.96
C LEU R 259 -53.70 -18.66 -53.73
N SER R 260 -52.54 -19.30 -53.69
CA SER R 260 -52.18 -20.08 -52.50
C SER R 260 -52.07 -19.20 -51.28
N ASP R 261 -51.42 -18.05 -51.41
CA ASP R 261 -51.35 -17.11 -50.29
C ASP R 261 -52.73 -16.66 -49.85
N MET R 262 -53.63 -16.45 -50.80
CA MET R 262 -54.97 -15.99 -50.46
C MET R 262 -55.74 -17.06 -49.70
N VAL R 263 -55.68 -18.31 -50.16
CA VAL R 263 -56.44 -19.35 -49.48
C VAL R 263 -55.83 -19.66 -48.11
N SER R 264 -54.51 -19.51 -47.98
CA SER R 264 -53.87 -19.69 -46.67
C SER R 264 -53.71 -18.36 -45.95
N CYS R 265 -54.80 -17.61 -45.81
CA CYS R 265 -54.73 -16.30 -45.18
C CYS R 265 -55.75 -16.15 -44.07
N THR R 266 -56.93 -16.74 -44.24
CA THR R 266 -58.00 -16.63 -43.28
C THR R 266 -58.09 -17.88 -42.42
N GLN R 267 -58.82 -17.77 -41.31
CA GLN R 267 -58.98 -18.85 -40.37
C GLN R 267 -60.41 -19.37 -40.40
N PRO R 268 -60.62 -20.68 -40.33
CA PRO R 268 -61.99 -21.22 -40.37
C PRO R 268 -62.78 -20.93 -39.10
N SER R 269 -64.00 -21.44 -39.04
CA SER R 269 -64.89 -21.23 -37.92
C SER R 269 -65.24 -22.58 -37.28
N VAL R 270 -66.20 -22.55 -36.36
CA VAL R 270 -66.62 -23.79 -35.70
C VAL R 270 -67.17 -24.76 -36.74
N MET R 271 -67.06 -26.06 -36.43
CA MET R 271 -67.35 -27.08 -37.43
C MET R 271 -68.43 -28.06 -36.97
N VAL R 272 -69.43 -27.58 -36.25
CA VAL R 272 -70.54 -28.44 -35.85
C VAL R 272 -71.38 -28.75 -37.09
N SER R 273 -71.56 -30.05 -37.38
CA SER R 273 -72.27 -30.48 -38.56
C SER R 273 -72.41 -31.99 -38.53
N ARG R 274 -73.40 -32.50 -39.26
CA ARG R 274 -73.57 -33.93 -39.48
C ARG R 274 -73.25 -34.33 -40.90
N ILE R 275 -73.85 -33.66 -41.89
CA ILE R 275 -73.55 -33.88 -43.29
C ILE R 275 -73.13 -32.55 -43.89
N THR R 276 -72.15 -32.60 -44.80
CA THR R 276 -71.61 -31.40 -45.42
C THR R 276 -71.29 -31.70 -46.88
N HIS R 277 -70.85 -30.67 -47.60
CA HIS R 277 -70.45 -30.85 -48.98
C HIS R 277 -69.16 -31.65 -49.06
N THR R 278 -69.12 -32.63 -49.95
CA THR R 278 -67.95 -33.48 -50.10
C THR R 278 -67.88 -33.98 -51.53
N ASN R 279 -66.70 -34.44 -51.91
CA ASN R 279 -66.46 -34.94 -53.26
C ASN R 279 -66.95 -36.38 -53.37
N THR R 280 -66.67 -37.01 -54.52
CA THR R 280 -67.11 -38.39 -54.72
C THR R 280 -66.33 -39.37 -53.86
N ARG R 281 -65.06 -39.10 -53.60
CA ARG R 281 -64.27 -40.00 -52.76
C ARG R 281 -64.71 -39.93 -51.31
N GLY R 282 -64.89 -38.71 -50.80
CA GLY R 282 -65.27 -38.53 -49.41
C GLY R 282 -64.57 -37.36 -48.76
N ARG R 283 -63.64 -36.75 -49.48
CA ARG R 283 -62.92 -35.60 -48.95
C ARG R 283 -63.85 -34.40 -48.83
N GLN R 284 -63.67 -33.63 -47.76
CA GLN R 284 -64.50 -32.46 -47.51
C GLN R 284 -63.96 -31.25 -48.25
N VAL R 285 -64.88 -30.42 -48.75
CA VAL R 285 -64.48 -29.15 -49.33
C VAL R 285 -64.31 -28.12 -48.22
N ASP R 286 -63.63 -27.02 -48.54
CA ASP R 286 -63.23 -26.04 -47.54
C ASP R 286 -63.81 -24.66 -47.76
N GLY R 287 -63.75 -24.13 -48.99
CA GLY R 287 -64.18 -22.77 -49.23
C GLY R 287 -64.71 -22.60 -50.63
N VAL R 288 -64.96 -21.35 -50.99
CA VAL R 288 -65.53 -20.99 -52.28
C VAL R 288 -64.68 -19.89 -52.92
N LEU R 289 -64.73 -19.82 -54.25
CA LEU R 289 -64.05 -18.78 -55.00
C LEU R 289 -65.04 -18.25 -56.04
N VAL R 290 -65.57 -17.05 -55.79
CA VAL R 290 -66.56 -16.45 -56.67
C VAL R 290 -65.86 -15.46 -57.59
N THR R 291 -65.93 -15.71 -58.89
CA THR R 291 -65.29 -14.84 -59.87
C THR R 291 -66.25 -14.66 -61.04
N THR R 292 -65.74 -14.05 -62.11
CA THR R 292 -66.46 -13.92 -63.36
C THR R 292 -66.08 -15.08 -64.27
N ALA R 293 -66.88 -15.31 -65.32
CA ALA R 293 -66.59 -16.39 -66.25
C ALA R 293 -65.25 -16.19 -66.93
N THR R 294 -64.88 -14.94 -67.23
CA THR R 294 -63.60 -14.68 -67.86
C THR R 294 -62.44 -15.16 -67.00
N LEU R 295 -62.38 -14.68 -65.76
CA LEU R 295 -61.32 -15.12 -64.85
C LEU R 295 -61.42 -16.62 -64.56
N LYS R 296 -62.64 -17.17 -64.56
CA LYS R 296 -62.79 -18.60 -64.36
C LYS R 296 -62.08 -19.37 -65.46
N ARG R 297 -62.32 -19.00 -66.71
CA ARG R 297 -61.64 -19.65 -67.82
C ARG R 297 -60.14 -19.42 -67.77
N GLN R 298 -59.72 -18.19 -67.46
CA GLN R 298 -58.30 -17.89 -67.40
C GLN R 298 -57.59 -18.70 -66.30
N LEU R 299 -58.31 -19.01 -65.22
CA LEU R 299 -57.72 -19.80 -64.15
C LEU R 299 -57.74 -21.29 -64.48
N LEU R 300 -58.80 -21.75 -65.12
CA LEU R 300 -58.96 -23.18 -65.38
C LEU R 300 -58.20 -23.66 -66.61
N GLN R 301 -57.74 -22.75 -67.47
CA GLN R 301 -57.03 -23.20 -68.67
C GLN R 301 -55.69 -23.87 -68.31
N GLY R 302 -54.82 -23.15 -67.60
CA GLY R 302 -53.52 -23.71 -67.28
C GLY R 302 -52.99 -23.42 -65.90
N ILE R 303 -53.69 -22.59 -65.12
CA ILE R 303 -53.20 -22.17 -63.82
C ILE R 303 -53.56 -23.21 -62.77
N LEU R 304 -54.84 -23.52 -62.65
CA LEU R 304 -55.33 -24.48 -61.68
C LEU R 304 -55.64 -25.80 -62.35
N GLN R 305 -55.79 -26.84 -61.53
CA GLN R 305 -56.15 -28.17 -62.00
C GLN R 305 -57.46 -28.60 -61.34
N ILE R 306 -58.36 -29.12 -62.14
CA ILE R 306 -59.66 -29.55 -61.64
C ILE R 306 -59.51 -30.90 -60.96
N ASP R 307 -60.25 -31.11 -59.88
CA ASP R 307 -60.21 -32.36 -59.13
C ASP R 307 -61.40 -33.26 -59.39
N ASP R 308 -62.60 -32.70 -59.48
CA ASP R 308 -63.80 -33.50 -59.66
C ASP R 308 -64.83 -32.69 -60.43
N THR R 309 -65.74 -33.39 -61.10
CA THR R 309 -66.83 -32.78 -61.84
C THR R 309 -68.18 -33.10 -61.21
N ALA R 310 -68.17 -33.64 -60.00
CA ALA R 310 -69.41 -33.95 -59.29
C ALA R 310 -69.13 -33.87 -57.80
N ALA R 311 -70.18 -33.56 -57.04
CA ALA R 311 -70.05 -33.39 -55.60
C ALA R 311 -71.34 -33.82 -54.92
N ASP R 312 -71.26 -34.02 -53.61
CA ASP R 312 -72.39 -34.44 -52.79
C ASP R 312 -72.81 -33.28 -51.91
N VAL R 313 -74.06 -32.83 -52.08
CA VAL R 313 -74.56 -31.65 -51.39
C VAL R 313 -75.76 -32.03 -50.53
N PRO R 314 -75.83 -31.59 -49.28
CA PRO R 314 -77.03 -31.85 -48.47
C PRO R 314 -78.25 -31.18 -49.06
N VAL R 315 -79.42 -31.74 -48.75
CA VAL R 315 -80.68 -31.24 -49.28
C VAL R 315 -81.65 -30.96 -48.13
N THR R 316 -81.11 -30.63 -46.97
CA THR R 316 -81.88 -30.39 -45.76
C THR R 316 -81.75 -28.93 -45.33
N TYR R 317 -82.79 -28.41 -44.68
CA TYR R 317 -82.80 -27.04 -44.20
C TYR R 317 -82.60 -26.90 -42.70
N GLY R 318 -82.75 -27.97 -41.92
CA GLY R 318 -82.50 -27.89 -40.48
C GLY R 318 -83.48 -27.00 -39.73
N GLU R 319 -84.72 -27.46 -39.62
CA GLU R 319 -85.78 -26.68 -39.02
C GLU R 319 -85.75 -26.78 -37.50
N MET R 320 -86.05 -25.66 -36.84
CA MET R 320 -86.23 -25.63 -35.39
C MET R 320 -87.34 -24.63 -35.07
N VAL R 321 -88.06 -24.90 -33.99
CA VAL R 321 -89.19 -24.06 -33.59
C VAL R 321 -89.31 -24.11 -32.08
N LEU R 322 -89.62 -22.95 -31.49
CA LEU R 322 -89.75 -22.86 -30.04
C LEU R 322 -91.01 -23.59 -29.59
N GLN R 323 -90.88 -24.34 -28.51
CA GLN R 323 -91.97 -25.18 -27.99
C GLN R 323 -91.57 -25.60 -26.58
N GLY R 324 -92.53 -26.16 -25.86
CA GLY R 324 -92.27 -26.63 -24.51
C GLY R 324 -92.25 -25.47 -23.54
N THR R 325 -91.28 -25.48 -22.63
CA THR R 325 -91.19 -24.40 -21.65
C THR R 325 -90.67 -23.12 -22.28
N ASN R 326 -90.15 -23.21 -23.50
CA ASN R 326 -89.65 -22.04 -24.21
C ASN R 326 -90.78 -21.03 -24.41
N LEU R 327 -91.96 -21.53 -24.79
CA LEU R 327 -93.11 -20.65 -25.01
C LEU R 327 -93.51 -19.96 -23.70
N VAL R 328 -93.58 -20.72 -22.62
CA VAL R 328 -94.04 -20.17 -21.35
C VAL R 328 -93.03 -19.24 -20.72
N THR R 329 -91.73 -19.39 -21.04
CA THR R 329 -90.74 -18.44 -20.56
C THR R 329 -90.54 -17.26 -21.49
N ALA R 330 -90.97 -17.36 -22.75
CA ALA R 330 -90.93 -16.23 -23.65
C ALA R 330 -92.17 -15.36 -23.55
N LEU R 331 -93.29 -15.91 -23.11
CA LEU R 331 -94.52 -15.13 -22.97
C LEU R 331 -94.54 -14.26 -21.73
N VAL R 332 -94.06 -14.76 -20.59
CA VAL R 332 -94.19 -14.05 -19.33
C VAL R 332 -92.91 -13.31 -18.97
N MET R 333 -91.76 -13.76 -19.46
CA MET R 333 -90.50 -13.11 -19.12
C MET R 333 -89.99 -12.24 -20.26
N GLY R 334 -89.96 -12.78 -21.47
CA GLY R 334 -89.50 -12.02 -22.62
C GLY R 334 -88.14 -12.47 -23.10
N LYS R 335 -87.76 -13.70 -22.76
CA LYS R 335 -86.49 -14.27 -23.19
C LYS R 335 -86.71 -15.72 -23.57
N ALA R 336 -85.79 -16.24 -24.38
CA ALA R 336 -85.86 -17.62 -24.82
C ALA R 336 -84.46 -18.12 -25.08
N VAL R 337 -84.30 -19.44 -25.01
CA VAL R 337 -83.01 -20.09 -25.18
C VAL R 337 -83.19 -21.32 -26.07
N ARG R 338 -82.36 -21.44 -27.10
CA ARG R 338 -82.42 -22.59 -27.98
C ARG R 338 -82.06 -23.86 -27.22
N GLY R 339 -82.64 -24.98 -27.65
CA GLY R 339 -82.43 -26.25 -26.99
C GLY R 339 -83.36 -26.46 -25.82
N MET R 340 -83.08 -25.80 -24.70
CA MET R 340 -83.90 -25.88 -23.49
C MET R 340 -84.08 -27.33 -23.06
N ASP R 341 -82.97 -28.06 -22.97
CA ASP R 341 -82.96 -29.41 -22.44
C ASP R 341 -81.85 -29.56 -21.41
N ASP R 342 -81.48 -28.47 -20.75
CA ASP R 342 -80.40 -28.48 -19.78
C ASP R 342 -80.81 -29.20 -18.51
N VAL R 343 -80.46 -30.48 -18.40
CA VAL R 343 -80.69 -31.20 -17.17
C VAL R 343 -79.59 -30.95 -16.15
N ALA R 344 -78.37 -30.68 -16.60
CA ALA R 344 -77.27 -30.39 -15.71
C ALA R 344 -77.38 -28.97 -15.16
N ASN R 377 -78.70 -36.07 -49.06
CA ASN R 377 -77.74 -35.57 -50.04
C ASN R 377 -78.11 -36.01 -51.45
N ALA R 378 -77.32 -35.54 -52.42
CA ALA R 378 -77.57 -35.87 -53.82
C ALA R 378 -76.33 -35.57 -54.63
N ARG R 379 -76.13 -36.32 -55.71
CA ARG R 379 -75.01 -36.09 -56.62
C ARG R 379 -75.31 -34.88 -57.49
N VAL R 380 -74.68 -33.76 -57.17
CA VAL R 380 -74.88 -32.50 -57.88
C VAL R 380 -73.65 -32.24 -58.74
N PRO R 381 -73.81 -31.89 -60.02
CA PRO R 381 -72.64 -31.62 -60.87
C PRO R 381 -72.07 -30.24 -60.55
N ALA R 382 -70.76 -30.21 -60.30
CA ALA R 382 -70.06 -28.96 -60.02
C ALA R 382 -68.56 -29.21 -60.17
N ASP R 383 -67.81 -28.14 -60.33
CA ASP R 383 -66.38 -28.23 -60.49
C ASP R 383 -65.68 -28.14 -59.13
N LEU R 384 -64.47 -28.69 -59.09
CA LEU R 384 -63.68 -28.72 -57.87
C LEU R 384 -62.21 -28.60 -58.23
N VAL R 385 -61.53 -27.64 -57.62
CA VAL R 385 -60.11 -27.39 -57.89
C VAL R 385 -59.32 -27.64 -56.61
N ILE R 386 -58.01 -27.76 -56.78
CA ILE R 386 -57.09 -27.98 -55.67
C ILE R 386 -56.07 -26.84 -55.71
N VAL R 387 -56.34 -25.79 -54.94
CA VAL R 387 -55.43 -24.66 -54.81
C VAL R 387 -54.71 -24.77 -53.48
N GLY R 388 -53.41 -24.51 -53.50
CA GLY R 388 -52.60 -24.68 -52.31
C GLY R 388 -52.62 -26.10 -51.81
N ASP R 389 -53.31 -26.33 -50.69
CA ASP R 389 -53.45 -27.68 -50.14
C ASP R 389 -54.89 -27.99 -49.77
N LYS R 390 -55.85 -27.27 -50.32
CA LYS R 390 -57.25 -27.43 -49.98
C LYS R 390 -58.06 -27.74 -51.23
N LEU R 391 -59.29 -28.19 -51.01
CA LEU R 391 -60.24 -28.49 -52.08
C LEU R 391 -61.42 -27.54 -51.94
N VAL R 392 -61.60 -26.66 -52.90
CA VAL R 392 -62.59 -25.59 -52.80
C VAL R 392 -63.47 -25.60 -54.04
N PHE R 393 -64.57 -24.85 -53.94
CA PHE R 393 -65.48 -24.65 -55.06
C PHE R 393 -65.06 -23.44 -55.88
N LEU R 394 -65.38 -23.49 -57.16
CA LEU R 394 -65.07 -22.40 -58.09
C LEU R 394 -66.33 -22.04 -58.84
N GLU R 395 -66.90 -20.86 -58.55
CA GLU R 395 -68.16 -20.45 -59.11
C GLU R 395 -68.00 -19.14 -59.89
N ALA R 396 -68.70 -19.05 -61.00
CA ALA R 396 -68.74 -17.87 -61.86
C ALA R 396 -70.17 -17.58 -62.29
N LEU R 397 -71.08 -17.54 -61.31
CA LEU R 397 -72.51 -17.51 -61.61
C LEU R 397 -72.91 -16.25 -62.35
N GLU R 398 -73.18 -16.40 -63.66
CA GLU R 398 -73.76 -15.34 -64.47
C GLU R 398 -74.87 -15.84 -65.38
N ARG R 399 -75.01 -17.14 -65.59
CA ARG R 399 -76.04 -17.71 -66.45
C ARG R 399 -77.21 -18.26 -65.66
N ARG R 400 -76.95 -18.95 -64.56
CA ARG R 400 -78.04 -19.42 -63.72
C ARG R 400 -78.73 -18.26 -63.00
N VAL R 401 -77.97 -17.21 -62.70
CA VAL R 401 -78.49 -16.03 -62.03
C VAL R 401 -77.97 -14.80 -62.76
N TYR R 402 -78.67 -13.68 -62.56
CA TYR R 402 -78.33 -12.41 -63.20
C TYR R 402 -78.33 -12.50 -64.72
N GLN R 403 -79.14 -13.41 -65.26
CA GLN R 403 -79.23 -13.61 -66.70
C GLN R 403 -80.59 -13.12 -67.19
N ALA R 404 -80.57 -12.23 -68.18
CA ALA R 404 -81.79 -11.68 -68.77
C ALA R 404 -82.67 -11.02 -67.72
N THR R 405 -82.04 -10.47 -66.68
CA THR R 405 -82.73 -9.77 -65.62
C THR R 405 -82.44 -8.28 -65.75
N ARG R 406 -82.95 -7.51 -64.78
CA ARG R 406 -82.81 -6.06 -64.79
C ARG R 406 -81.85 -5.57 -63.71
N VAL R 407 -81.01 -6.46 -63.17
CA VAL R 407 -80.08 -6.10 -62.11
C VAL R 407 -78.66 -6.36 -62.60
N ALA R 408 -77.72 -5.54 -62.12
CA ALA R 408 -76.34 -5.67 -62.53
C ALA R 408 -75.63 -6.73 -61.71
N TYR R 409 -74.65 -7.36 -62.31
CA TYR R 409 -73.87 -8.37 -61.62
C TYR R 409 -72.86 -7.70 -60.70
N PRO R 410 -72.78 -8.08 -59.44
CA PRO R 410 -71.72 -7.55 -58.56
C PRO R 410 -70.35 -8.08 -58.95
N LEU R 411 -69.34 -7.78 -58.14
CA LEU R 411 -67.94 -8.05 -58.45
C LEU R 411 -67.44 -7.25 -59.63
N ILE R 412 -68.12 -6.16 -59.97
CA ILE R 412 -67.68 -5.23 -61.00
C ILE R 412 -67.47 -3.88 -60.34
N GLY R 413 -67.04 -3.89 -59.08
CA GLY R 413 -66.88 -2.68 -58.32
C GLY R 413 -65.86 -1.73 -58.93
N ASN R 414 -65.85 -0.52 -58.40
CA ASN R 414 -65.00 0.55 -58.90
C ASN R 414 -63.90 0.88 -57.90
N ILE R 415 -62.83 1.48 -58.41
CA ILE R 415 -61.68 1.88 -57.61
C ILE R 415 -61.39 3.34 -57.91
N ASP R 416 -61.31 4.17 -56.88
CA ASP R 416 -61.00 5.58 -57.03
C ASP R 416 -59.54 5.83 -56.74
N ILE R 417 -58.85 6.51 -57.67
CA ILE R 417 -57.43 6.80 -57.55
C ILE R 417 -57.21 8.27 -57.89
N THR R 418 -56.40 8.96 -57.10
CA THR R 418 -56.12 10.37 -57.29
C THR R 418 -54.71 10.56 -57.84
N PHE R 419 -54.54 11.61 -58.63
CA PHE R 419 -53.26 11.95 -59.22
C PHE R 419 -52.90 13.39 -58.86
N ILE R 420 -51.60 13.65 -58.74
CA ILE R 420 -51.09 14.96 -58.37
C ILE R 420 -49.91 15.31 -59.27
N MET R 421 -49.86 16.56 -59.73
CA MET R 421 -48.80 17.03 -60.61
C MET R 421 -48.49 18.49 -60.27
N PRO R 422 -47.22 18.85 -60.17
CA PRO R 422 -46.86 20.26 -60.05
C PRO R 422 -46.92 20.96 -61.39
N MET R 423 -47.12 22.28 -61.35
CA MET R 423 -47.37 23.06 -62.56
C MET R 423 -46.24 24.03 -62.87
N GLY R 424 -45.89 24.93 -61.95
CA GLY R 424 -44.94 25.98 -62.29
C GLY R 424 -43.73 26.04 -61.39
N VAL R 425 -43.20 24.88 -61.00
CA VAL R 425 -42.03 24.85 -60.13
C VAL R 425 -40.79 25.24 -60.92
N PHE R 426 -39.92 26.02 -60.30
CA PHE R 426 -38.65 26.42 -60.90
C PHE R 426 -37.55 26.19 -59.87
N GLN R 427 -36.65 25.25 -60.15
CA GLN R 427 -35.56 24.95 -59.24
C GLN R 427 -34.59 26.13 -59.20
N ALA R 428 -34.54 26.83 -58.07
CA ALA R 428 -33.69 28.00 -57.92
C ALA R 428 -32.32 27.56 -57.42
N ASN R 429 -31.52 27.03 -58.34
CA ASN R 429 -30.18 26.58 -58.01
C ASN R 429 -29.36 26.50 -59.28
N SER R 430 -28.09 26.89 -59.18
CA SER R 430 -27.20 26.84 -60.33
C SER R 430 -26.70 25.44 -60.61
N MET R 431 -26.64 24.57 -59.60
CA MET R 431 -26.15 23.22 -59.78
C MET R 431 -27.21 22.26 -60.32
N ASP R 432 -28.48 22.65 -60.28
CA ASP R 432 -29.55 21.77 -60.73
C ASP R 432 -29.99 22.05 -62.16
N ARG R 433 -29.75 23.26 -62.66
CA ARG R 433 -30.12 23.61 -64.04
C ARG R 433 -28.94 23.28 -64.95
N TYR R 434 -28.80 21.99 -65.24
CA TYR R 434 -27.70 21.50 -66.06
C TYR R 434 -28.23 20.72 -67.25
N THR R 435 -27.33 20.07 -67.99
CA THR R 435 -27.72 19.20 -69.09
C THR R 435 -26.78 17.99 -69.13
N ARG R 436 -27.32 16.84 -69.55
CA ARG R 436 -26.59 15.58 -69.47
C ARG R 436 -25.60 15.38 -70.61
N HIS R 437 -25.68 16.19 -71.67
CA HIS R 437 -24.76 16.08 -72.80
C HIS R 437 -24.46 17.48 -73.31
N ALA R 438 -23.67 17.56 -74.38
CA ALA R 438 -23.30 18.87 -74.91
C ALA R 438 -24.39 19.43 -75.81
N GLY R 439 -24.65 18.77 -76.94
CA GLY R 439 -25.68 19.21 -77.85
C GLY R 439 -27.00 18.47 -77.70
N ASP R 440 -27.64 18.58 -76.54
CA ASP R 440 -28.88 17.87 -76.30
C ASP R 440 -29.99 18.33 -77.23
N PHE R 441 -30.40 19.59 -77.11
CA PHE R 441 -31.46 20.17 -77.93
C PHE R 441 -30.94 21.50 -78.47
N SER R 442 -30.24 21.44 -79.60
CA SER R 442 -29.75 22.67 -80.20
C SER R 442 -30.90 23.45 -80.84
N THR R 443 -30.64 24.71 -81.13
CA THR R 443 -31.65 25.59 -81.70
C THR R 443 -30.95 26.69 -82.50
N VAL R 444 -31.54 27.05 -83.64
CA VAL R 444 -30.97 28.11 -84.46
C VAL R 444 -31.00 29.45 -83.74
N SER R 445 -32.01 29.67 -82.89
CA SER R 445 -32.14 30.93 -82.18
C SER R 445 -30.94 31.18 -81.28
N GLU R 446 -30.62 32.46 -81.10
CA GLU R 446 -29.48 32.86 -80.27
C GLU R 446 -29.75 32.66 -78.79
N GLN R 447 -31.01 32.60 -78.37
CA GLN R 447 -31.38 32.42 -76.97
C GLN R 447 -32.22 31.17 -76.85
N ASP R 448 -31.67 30.12 -76.26
CA ASP R 448 -32.37 28.87 -76.11
C ASP R 448 -33.60 29.07 -75.22
N PRO R 449 -34.81 28.88 -75.75
CA PRO R 449 -36.03 29.08 -74.96
C PRO R 449 -36.36 27.91 -74.04
N ARG R 450 -35.34 27.42 -73.34
CA ARG R 450 -35.52 26.37 -72.36
C ARG R 450 -34.91 26.71 -71.01
N GLN R 451 -34.35 27.92 -70.88
CA GLN R 451 -33.86 28.39 -69.60
C GLN R 451 -34.91 29.16 -68.81
N PHE R 452 -35.92 29.69 -69.50
CA PHE R 452 -36.98 30.40 -68.83
C PHE R 452 -37.86 29.42 -68.06
N PRO R 453 -38.41 29.83 -66.92
CA PRO R 453 -39.24 28.92 -66.13
C PRO R 453 -40.48 28.51 -66.87
N PRO R 454 -40.87 27.24 -66.79
CA PRO R 454 -42.04 26.78 -67.53
C PRO R 454 -43.33 27.34 -66.93
N GLN R 455 -44.42 27.12 -67.65
CA GLN R 455 -45.71 27.62 -67.21
C GLN R 455 -46.78 26.53 -67.17
N GLY R 456 -46.77 25.59 -68.11
CA GLY R 456 -47.74 24.53 -68.18
C GLY R 456 -47.17 23.17 -67.83
N ILE R 457 -48.00 22.15 -68.08
CA ILE R 457 -47.61 20.77 -67.87
C ILE R 457 -48.28 19.92 -68.96
N PHE R 458 -47.56 18.88 -69.41
CA PHE R 458 -48.05 17.99 -70.44
C PHE R 458 -48.19 16.59 -69.88
N PHE R 459 -49.22 15.87 -70.33
CA PHE R 459 -49.42 14.49 -69.94
C PHE R 459 -50.33 13.81 -70.96
N TYR R 460 -50.69 12.57 -70.68
CA TYR R 460 -51.46 11.77 -71.61
C TYR R 460 -52.92 11.71 -71.20
N ASN R 461 -53.78 11.50 -72.18
CA ASN R 461 -55.22 11.44 -71.98
C ASN R 461 -55.64 10.01 -71.64
N LYS R 462 -56.94 9.76 -71.66
CA LYS R 462 -57.44 8.40 -71.44
C LYS R 462 -57.06 7.47 -72.58
N ASP R 463 -56.98 7.99 -73.81
CA ASP R 463 -56.65 7.20 -74.98
C ASP R 463 -55.22 7.44 -75.46
N GLY R 464 -54.41 8.15 -74.68
CA GLY R 464 -53.05 8.44 -75.08
C GLY R 464 -52.84 9.75 -75.78
N ILE R 465 -53.88 10.58 -75.88
CA ILE R 465 -53.75 11.87 -76.53
C ILE R 465 -52.98 12.83 -75.64
N LEU R 466 -52.17 13.68 -76.26
CA LEU R 466 -51.40 14.67 -75.51
C LEU R 466 -52.32 15.79 -75.04
N THR R 467 -52.23 16.12 -73.76
CA THR R 467 -52.99 17.21 -73.17
C THR R 467 -52.03 18.22 -72.54
N GLN R 468 -52.57 19.39 -72.20
CA GLN R 468 -51.75 20.44 -71.62
C GLN R 468 -52.57 21.24 -70.63
N LEU R 469 -51.93 21.58 -69.51
CA LEU R 469 -52.54 22.39 -68.45
C LEU R 469 -51.62 23.59 -68.21
N THR R 470 -52.04 24.76 -68.66
CA THR R 470 -51.24 25.96 -68.51
C THR R 470 -51.66 26.71 -67.24
N LEU R 471 -50.98 27.83 -66.99
CA LEU R 471 -51.34 28.65 -65.84
C LEU R 471 -52.66 29.36 -66.05
N ARG R 472 -52.99 29.70 -67.30
CA ARG R 472 -54.25 30.37 -67.59
C ARG R 472 -55.43 29.50 -67.19
N ASP R 473 -55.24 28.19 -67.12
CA ASP R 473 -56.31 27.28 -66.72
C ASP R 473 -56.68 27.43 -65.26
N ALA R 474 -55.81 28.01 -64.44
CA ALA R 474 -56.04 28.16 -63.02
C ALA R 474 -56.71 29.49 -62.67
N MET R 475 -57.20 30.22 -63.68
CA MET R 475 -57.84 31.50 -63.45
C MET R 475 -59.23 31.37 -62.83
N GLY R 476 -59.64 30.17 -62.45
CA GLY R 476 -60.96 29.97 -61.89
C GLY R 476 -60.97 29.93 -60.39
N THR R 477 -59.84 29.56 -59.78
CA THR R 477 -59.74 29.45 -58.33
C THR R 477 -58.95 30.58 -57.69
N ILE R 478 -58.06 31.23 -58.44
CA ILE R 478 -57.24 32.30 -57.87
C ILE R 478 -57.89 33.67 -58.03
N CYS R 479 -58.70 33.87 -59.07
CA CYS R 479 -59.31 35.17 -59.35
C CYS R 479 -60.69 35.30 -58.73
N HIS R 480 -60.93 34.65 -57.59
CA HIS R 480 -62.19 34.75 -56.88
C HIS R 480 -62.05 35.71 -55.70
N SER R 481 -63.19 36.20 -55.22
CA SER R 481 -63.21 37.11 -54.09
C SER R 481 -62.79 36.43 -52.79
N SER R 482 -62.66 35.10 -52.78
CA SER R 482 -62.23 34.39 -51.59
C SER R 482 -60.80 34.73 -51.19
N LEU R 483 -60.01 35.30 -52.10
CA LEU R 483 -58.64 35.69 -51.77
C LEU R 483 -58.58 36.84 -50.77
N LEU R 484 -59.72 37.46 -50.45
CA LEU R 484 -59.74 38.59 -49.54
C LEU R 484 -60.71 38.33 -48.39
N ASP R 485 -60.60 37.15 -47.79
CA ASP R 485 -61.53 36.74 -46.73
C ASP R 485 -60.77 36.48 -45.43
N VAL R 486 -59.88 37.38 -45.05
CA VAL R 486 -58.95 37.15 -43.95
C VAL R 486 -59.57 37.54 -42.61
N GLU R 487 -60.87 37.82 -42.59
CA GLU R 487 -61.50 38.30 -41.37
C GLU R 487 -61.49 37.22 -40.29
N ALA R 488 -61.95 36.01 -40.64
CA ALA R 488 -61.96 34.92 -39.67
C ALA R 488 -60.55 34.55 -39.24
N THR R 489 -59.60 34.61 -40.15
CA THR R 489 -58.21 34.33 -39.79
C THR R 489 -57.68 35.35 -38.80
N LEU R 490 -57.96 36.64 -39.03
CA LEU R 490 -57.55 37.66 -38.08
C LEU R 490 -58.21 37.48 -36.73
N VAL R 491 -59.49 37.09 -36.71
CA VAL R 491 -60.17 36.85 -35.45
C VAL R 491 -59.52 35.70 -34.70
N ALA R 492 -59.24 34.59 -35.40
CA ALA R 492 -58.61 33.45 -34.76
C ALA R 492 -57.21 33.78 -34.27
N LEU R 493 -56.48 34.64 -34.99
CA LEU R 493 -55.15 35.01 -34.54
C LEU R 493 -55.22 35.91 -33.31
N ARG R 494 -56.11 36.91 -33.33
CA ARG R 494 -56.27 37.79 -32.19
C ARG R 494 -56.78 37.05 -30.96
N GLN R 495 -57.49 35.94 -31.15
CA GLN R 495 -57.98 35.17 -30.03
C GLN R 495 -56.83 34.66 -29.17
N GLN R 496 -55.95 33.84 -29.74
CA GLN R 496 -54.84 33.29 -28.99
C GLN R 496 -53.89 34.39 -28.55
N HIS R 497 -53.31 34.23 -27.37
CA HIS R 497 -52.46 35.24 -26.78
C HIS R 497 -51.09 35.23 -27.45
N LEU R 498 -50.52 36.42 -27.65
CA LEU R 498 -49.16 36.57 -28.16
C LEU R 498 -48.68 37.94 -27.72
N ASP R 499 -47.46 38.00 -27.17
CA ASP R 499 -46.86 39.25 -26.77
C ASP R 499 -45.72 39.61 -27.69
N ARG R 500 -45.53 40.90 -27.92
CA ARG R 500 -44.48 41.38 -28.81
C ARG R 500 -44.23 42.85 -28.53
N GLN R 501 -42.98 43.26 -28.74
CA GLN R 501 -42.55 44.63 -28.55
C GLN R 501 -41.87 45.12 -29.83
N CYS R 502 -41.18 46.25 -29.75
CA CYS R 502 -40.43 46.81 -30.88
C CYS R 502 -41.35 47.10 -32.06
N TYR R 503 -42.24 48.08 -31.83
CA TYR R 503 -43.21 48.53 -32.82
C TYR R 503 -42.65 49.59 -33.74
N PHE R 504 -41.32 49.61 -33.94
CA PHE R 504 -40.68 50.66 -34.73
C PHE R 504 -41.19 50.65 -36.16
N GLY R 505 -41.12 49.51 -36.83
CA GLY R 505 -41.44 49.46 -38.24
C GLY R 505 -42.92 49.32 -38.56
N VAL R 506 -43.78 49.46 -37.55
CA VAL R 506 -45.22 49.30 -37.75
C VAL R 506 -45.98 50.48 -37.17
N TYR R 507 -45.31 51.60 -36.99
CA TYR R 507 -45.92 52.77 -36.34
C TYR R 507 -45.70 54.00 -37.21
N VAL R 508 -46.80 54.66 -37.59
CA VAL R 508 -46.76 55.91 -38.34
C VAL R 508 -46.91 57.06 -37.36
N ALA R 509 -46.21 58.16 -37.61
CA ALA R 509 -46.15 59.25 -36.63
C ALA R 509 -46.60 60.58 -37.22
N GLU R 510 -46.38 61.66 -36.46
CA GLU R 510 -46.85 62.99 -36.83
C GLU R 510 -45.69 63.96 -36.98
N GLY R 511 -45.91 65.07 -37.68
CA GLY R 511 -44.93 66.12 -37.80
C GLY R 511 -45.28 67.30 -36.89
N THR R 512 -44.25 67.94 -36.35
CA THR R 512 -44.42 69.02 -35.38
C THR R 512 -44.00 70.37 -35.93
N GLU R 513 -44.11 70.58 -37.24
CA GLU R 513 -43.86 71.85 -37.92
C GLU R 513 -42.41 72.33 -37.77
N ASP R 514 -41.53 71.51 -37.19
CA ASP R 514 -40.10 71.83 -37.25
C ASP R 514 -39.62 71.64 -38.68
N THR R 515 -38.41 72.14 -38.96
CA THR R 515 -38.01 72.21 -40.36
C THR R 515 -37.67 70.83 -40.92
N LEU R 516 -36.51 70.29 -40.56
CA LEU R 516 -36.27 68.85 -40.70
C LEU R 516 -35.40 68.32 -39.58
N ASP R 517 -34.54 69.18 -39.03
CA ASP R 517 -33.40 68.73 -38.25
C ASP R 517 -33.76 68.38 -36.81
N VAL R 518 -34.59 69.19 -36.17
CA VAL R 518 -35.04 68.86 -34.82
C VAL R 518 -35.80 67.55 -34.84
N GLN R 519 -36.67 67.37 -35.84
CA GLN R 519 -37.40 66.11 -35.97
C GLN R 519 -36.45 64.95 -36.24
N MET R 520 -35.42 65.16 -37.06
CA MET R 520 -34.47 64.09 -37.33
C MET R 520 -33.72 63.69 -36.08
N GLY R 521 -33.29 64.67 -35.27
CA GLY R 521 -32.60 64.34 -34.04
C GLY R 521 -33.49 63.64 -33.03
N ARG R 522 -34.74 64.10 -32.91
CA ARG R 522 -35.69 63.43 -32.03
C ARG R 522 -35.89 61.98 -32.48
N PHE R 523 -36.06 61.76 -33.78
CA PHE R 523 -36.22 60.40 -34.28
C PHE R 523 -34.97 59.57 -34.02
N MET R 524 -33.79 60.17 -34.18
CA MET R 524 -32.55 59.44 -33.90
C MET R 524 -32.52 58.94 -32.47
N GLU R 525 -32.73 59.85 -31.51
CA GLU R 525 -32.70 59.44 -30.11
C GLU R 525 -33.80 58.43 -29.79
N THR R 526 -35.01 58.65 -30.31
CA THR R 526 -36.10 57.72 -30.07
C THR R 526 -35.77 56.34 -30.62
N TRP R 527 -35.65 56.23 -31.94
CA TRP R 527 -35.30 54.95 -32.56
C TRP R 527 -34.07 54.31 -31.94
N ALA R 528 -33.19 55.11 -31.32
CA ALA R 528 -32.09 54.52 -30.58
C ALA R 528 -32.55 53.83 -29.30
N ASP R 529 -33.37 54.49 -28.49
CA ASP R 529 -33.72 53.95 -27.17
C ASP R 529 -35.09 53.27 -27.12
N MET R 530 -35.74 53.06 -28.26
CA MET R 530 -37.06 52.44 -28.29
C MET R 530 -37.07 51.12 -29.04
N MET R 531 -35.90 50.49 -29.23
CA MET R 531 -35.80 49.20 -29.92
C MET R 531 -35.45 48.12 -28.90
N PRO R 532 -36.44 47.49 -28.28
CA PRO R 532 -36.11 46.46 -27.27
C PRO R 532 -35.52 45.20 -27.89
N HIS R 533 -36.09 44.72 -28.98
CA HIS R 533 -35.62 43.51 -29.66
C HIS R 533 -35.25 43.86 -31.09
N HIS R 534 -34.96 42.83 -31.85
CA HIS R 534 -34.64 43.10 -33.25
C HIS R 534 -35.86 42.83 -34.13
N PRO R 535 -35.99 43.57 -35.23
CA PRO R 535 -37.12 43.34 -36.13
C PRO R 535 -37.06 41.97 -36.76
N HIS R 536 -38.23 41.49 -37.19
CA HIS R 536 -38.34 40.19 -37.85
C HIS R 536 -38.47 40.30 -39.35
N TRP R 537 -38.53 41.51 -39.90
CA TRP R 537 -38.63 41.70 -41.34
C TRP R 537 -37.30 42.04 -41.98
N VAL R 538 -36.23 42.15 -41.21
CA VAL R 538 -34.93 42.54 -41.74
C VAL R 538 -34.02 41.35 -42.03
N ASN R 539 -34.38 40.15 -41.58
CA ASN R 539 -33.57 38.96 -41.82
C ASN R 539 -34.15 38.21 -43.01
N GLU R 540 -33.84 38.72 -44.21
CA GLU R 540 -34.29 38.11 -45.44
C GLU R 540 -33.18 37.32 -46.12
N HIS R 541 -32.06 37.09 -45.43
CA HIS R 541 -30.97 36.30 -45.97
C HIS R 541 -31.18 34.81 -45.79
N LEU R 542 -32.24 34.40 -45.08
CA LEU R 542 -32.48 33.00 -44.84
C LEU R 542 -32.83 32.28 -46.14
N THR R 543 -32.40 31.02 -46.23
CA THR R 543 -32.76 30.19 -47.37
C THR R 543 -34.13 29.56 -47.13
N ILE R 544 -34.61 28.81 -48.12
CA ILE R 544 -35.92 28.18 -48.00
C ILE R 544 -35.92 27.15 -46.87
N LEU R 545 -34.82 26.43 -46.71
CA LEU R 545 -34.74 25.44 -45.63
C LEU R 545 -34.88 26.09 -44.26
N GLN R 546 -34.10 27.15 -44.01
CA GLN R 546 -34.18 27.84 -42.74
C GLN R 546 -35.53 28.53 -42.55
N PHE R 547 -36.13 29.02 -43.62
CA PHE R 547 -37.44 29.66 -43.49
C PHE R 547 -38.52 28.63 -43.18
N ILE R 548 -38.36 27.41 -43.64
CA ILE R 548 -39.36 26.38 -43.40
C ILE R 548 -39.17 25.69 -42.05
N ALA R 549 -37.93 25.57 -41.58
CA ALA R 549 -37.64 24.87 -40.34
C ALA R 549 -38.49 25.44 -39.19
N PRO R 550 -38.87 24.59 -38.23
CA PRO R 550 -39.78 25.05 -37.17
C PRO R 550 -39.21 26.12 -36.26
N SER R 551 -37.90 26.36 -36.31
CA SER R 551 -37.31 27.40 -35.48
C SER R 551 -37.62 28.81 -35.98
N ASN R 552 -38.21 28.94 -37.17
CA ASN R 552 -38.51 30.25 -37.73
C ASN R 552 -39.64 30.90 -36.95
N PRO R 553 -39.42 32.03 -36.26
CA PRO R 553 -40.50 32.64 -35.49
C PRO R 553 -41.57 33.29 -36.34
N ARG R 554 -41.20 33.85 -37.49
CA ARG R 554 -42.15 34.50 -38.38
C ARG R 554 -42.86 33.51 -39.31
N LEU R 555 -42.75 32.21 -39.03
CA LEU R 555 -43.39 31.22 -39.89
C LEU R 555 -44.90 31.20 -39.71
N ARG R 556 -45.37 31.38 -38.47
CA ARG R 556 -46.80 31.27 -38.19
C ARG R 556 -47.62 32.38 -38.85
N PHE R 557 -46.99 33.49 -39.23
CA PHE R 557 -47.70 34.60 -39.82
C PHE R 557 -47.70 34.58 -41.34
N GLU R 558 -47.12 33.56 -41.96
CA GLU R 558 -47.11 33.43 -43.41
C GLU R 558 -48.25 32.50 -43.81
N LEU R 559 -49.44 33.08 -44.02
CA LEU R 559 -50.62 32.30 -44.36
C LEU R 559 -51.13 32.59 -45.75
N ASN R 560 -51.41 33.85 -46.07
CA ASN R 560 -51.87 34.17 -47.41
C ASN R 560 -50.75 34.78 -48.24
N PRO R 561 -50.66 34.44 -49.53
CA PRO R 561 -49.62 35.03 -50.37
C PRO R 561 -49.88 36.49 -50.72
N ALA R 562 -51.10 36.98 -50.52
CA ALA R 562 -51.45 38.36 -50.87
C ALA R 562 -51.52 39.28 -49.66
N PHE R 563 -51.28 38.78 -48.46
CA PHE R 563 -51.38 39.58 -47.25
C PHE R 563 -50.12 39.42 -46.42
N ASP R 564 -49.92 40.37 -45.50
CA ASP R 564 -48.82 40.35 -44.56
C ASP R 564 -49.37 40.48 -43.15
N PHE R 565 -49.19 39.43 -42.35
CA PHE R 565 -49.71 39.39 -40.99
C PHE R 565 -48.60 39.80 -40.03
N PHE R 566 -48.77 40.96 -39.39
CA PHE R 566 -47.80 41.48 -38.45
C PHE R 566 -48.50 41.74 -37.12
N VAL R 567 -47.74 42.28 -36.17
CA VAL R 567 -48.26 42.65 -34.85
C VAL R 567 -48.08 44.15 -34.68
N ALA R 568 -49.08 44.79 -34.09
CA ALA R 568 -49.06 46.24 -33.91
C ALA R 568 -49.76 46.58 -32.60
N PRO R 569 -49.36 47.67 -31.96
CA PRO R 569 -50.07 48.11 -30.75
C PRO R 569 -51.52 48.41 -31.06
N GLY R 570 -52.42 47.88 -30.24
CA GLY R 570 -53.84 48.02 -30.49
C GLY R 570 -54.40 49.34 -29.98
N ASP R 571 -55.60 49.65 -30.48
CA ASP R 571 -56.37 50.81 -30.02
C ASP R 571 -55.63 52.12 -30.28
N VAL R 572 -55.02 52.24 -31.45
CA VAL R 572 -54.34 53.46 -31.86
C VAL R 572 -54.77 53.79 -33.29
N ASP R 573 -54.64 55.06 -33.65
CA ASP R 573 -54.97 55.54 -34.98
C ASP R 573 -53.70 55.95 -35.72
N LEU R 574 -53.65 55.64 -37.01
CA LEU R 574 -52.50 55.96 -37.83
C LEU R 574 -52.88 57.00 -38.86
N PRO R 575 -52.19 58.16 -38.91
CA PRO R 575 -51.07 58.48 -38.02
C PRO R 575 -51.53 58.91 -36.64
N GLY R 576 -50.61 58.89 -35.67
CA GLY R 576 -50.94 59.26 -34.31
C GLY R 576 -49.98 60.28 -33.75
N PRO R 577 -49.74 60.22 -32.44
CA PRO R 577 -48.83 61.17 -31.82
C PRO R 577 -47.39 60.88 -32.19
N GLN R 578 -46.51 61.78 -31.77
CA GLN R 578 -45.09 61.61 -32.05
C GLN R 578 -44.52 60.39 -31.32
N ARG R 579 -44.89 60.22 -30.06
CA ARG R 579 -44.44 59.06 -29.29
C ARG R 579 -45.54 58.01 -29.25
N PRO R 580 -45.22 56.75 -29.47
CA PRO R 580 -46.25 55.71 -29.48
C PRO R 580 -46.81 55.48 -28.08
N PRO R 581 -48.11 55.61 -27.91
CA PRO R 581 -48.70 55.36 -26.59
C PRO R 581 -48.70 53.88 -26.25
N GLU R 582 -48.52 53.59 -24.96
CA GLU R 582 -48.49 52.21 -24.50
C GLU R 582 -49.88 51.61 -24.54
N ALA R 583 -50.01 50.45 -25.18
CA ALA R 583 -51.29 49.77 -25.28
C ALA R 583 -51.06 48.28 -25.48
N MET R 584 -52.13 47.51 -25.42
CA MET R 584 -52.03 46.07 -25.59
C MET R 584 -51.78 45.74 -27.05
N PRO R 585 -50.83 44.86 -27.35
CA PRO R 585 -50.53 44.53 -28.75
C PRO R 585 -51.55 43.55 -29.32
N THR R 586 -51.87 43.74 -30.60
CA THR R 586 -52.78 42.85 -31.31
C THR R 586 -52.20 42.56 -32.68
N VAL R 587 -52.96 41.81 -33.48
CA VAL R 587 -52.52 41.37 -34.80
C VAL R 587 -53.30 42.14 -35.86
N ASN R 588 -52.59 42.62 -36.87
CA ASN R 588 -53.18 43.29 -38.01
C ASN R 588 -52.59 42.68 -39.28
N ALA R 589 -53.23 42.99 -40.42
CA ALA R 589 -52.82 42.43 -41.70
C ALA R 589 -52.95 43.50 -42.77
N THR R 590 -51.83 43.83 -43.40
CA THR R 590 -51.84 44.75 -44.53
C THR R 590 -51.96 43.95 -45.83
N LEU R 591 -51.76 44.62 -46.96
CA LEU R 591 -51.88 44.00 -48.26
C LEU R 591 -50.56 44.14 -49.03
N ARG R 592 -50.15 43.06 -49.68
CA ARG R 592 -48.95 43.07 -50.53
C ARG R 592 -49.37 43.57 -51.91
N ILE R 593 -49.15 44.86 -52.17
CA ILE R 593 -49.59 45.44 -53.43
C ILE R 593 -48.74 44.92 -54.58
N ILE R 594 -47.45 44.76 -54.35
CA ILE R 594 -46.52 44.32 -55.38
C ILE R 594 -46.24 42.83 -55.20
N ASN R 595 -46.19 42.11 -56.31
CA ASN R 595 -45.80 40.71 -56.24
C ASN R 595 -44.34 40.53 -55.88
N GLY R 596 -43.54 41.59 -55.98
CA GLY R 596 -42.16 41.55 -55.55
C GLY R 596 -41.95 41.67 -54.06
N ASN R 597 -42.97 42.11 -53.32
CA ASN R 597 -42.88 42.22 -51.86
C ASN R 597 -42.87 40.86 -51.17
N ILE R 598 -43.04 39.77 -51.91
CA ILE R 598 -42.94 38.44 -51.32
C ILE R 598 -41.54 38.24 -50.77
N PRO R 599 -41.37 37.67 -49.58
CA PRO R 599 -40.03 37.49 -49.03
C PRO R 599 -39.13 36.70 -49.97
N VAL R 600 -37.84 37.06 -49.95
CA VAL R 600 -36.86 36.39 -50.82
C VAL R 600 -36.76 34.90 -50.53
N PRO R 601 -36.81 34.43 -49.28
CA PRO R 601 -36.80 32.97 -49.07
C PRO R 601 -37.90 32.24 -49.82
N LEU R 602 -39.01 32.91 -50.12
CA LEU R 602 -40.07 32.29 -50.90
C LEU R 602 -39.89 32.54 -52.40
N CYS R 603 -39.53 33.77 -52.77
CA CYS R 603 -39.29 34.10 -54.17
C CYS R 603 -37.81 34.44 -54.34
N PRO R 604 -36.98 33.51 -54.82
CA PRO R 604 -35.53 33.74 -54.84
C PRO R 604 -35.11 34.80 -55.85
N ILE R 605 -33.82 35.08 -55.89
CA ILE R 605 -33.28 36.09 -56.81
C ILE R 605 -33.06 35.53 -58.20
N SER R 606 -32.56 34.28 -58.28
CA SER R 606 -32.26 33.69 -59.57
C SER R 606 -33.52 33.56 -60.42
N PHE R 607 -34.64 33.22 -59.81
CA PHE R 607 -35.89 33.16 -60.57
C PHE R 607 -36.26 34.53 -61.12
N ARG R 608 -36.10 35.58 -60.30
CA ARG R 608 -36.41 36.92 -60.78
C ARG R 608 -35.51 37.33 -61.93
N ASP R 609 -34.22 36.95 -61.86
CA ASP R 609 -33.31 37.30 -62.94
C ASP R 609 -33.63 36.54 -64.21
N CYS R 610 -34.00 35.26 -64.09
CA CYS R 610 -34.42 34.51 -65.26
C CYS R 610 -35.67 35.09 -65.88
N ARG R 611 -36.63 35.51 -65.05
CA ARG R 611 -37.84 36.13 -65.56
C ARG R 611 -37.51 37.45 -66.27
N GLY R 612 -36.62 38.25 -65.70
CA GLY R 612 -36.22 39.48 -66.35
C GLY R 612 -35.51 39.25 -67.67
N THR R 613 -34.69 38.20 -67.74
CA THR R 613 -34.04 37.86 -69.00
C THR R 613 -35.06 37.46 -70.04
N GLN R 614 -36.06 36.66 -69.65
CA GLN R 614 -37.12 36.32 -70.59
C GLN R 614 -37.92 37.54 -71.02
N LEU R 615 -38.12 38.50 -70.10
CA LEU R 615 -38.81 39.73 -70.45
C LEU R 615 -38.03 40.52 -71.49
N GLY R 616 -36.81 40.90 -71.16
CA GLY R 616 -35.98 41.63 -72.10
C GLY R 616 -35.38 40.75 -73.17
N LEU R 617 -36.24 40.13 -73.99
CA LEU R 617 -35.77 39.19 -75.00
C LEU R 617 -35.08 39.93 -76.15
N GLY R 618 -35.82 40.81 -76.81
CA GLY R 618 -35.27 41.55 -77.94
C GLY R 618 -35.56 43.03 -77.87
N ARG R 619 -35.73 43.55 -76.66
CA ARG R 619 -36.02 44.96 -76.49
C ARG R 619 -34.74 45.79 -76.57
N HIS R 620 -34.87 47.08 -76.27
CA HIS R 620 -33.74 47.99 -76.37
C HIS R 620 -32.75 47.75 -75.24
N THR R 621 -31.47 47.76 -75.58
CA THR R 621 -30.39 47.62 -74.62
C THR R 621 -29.49 48.84 -74.66
N MET R 622 -28.51 48.87 -73.77
CA MET R 622 -27.58 50.00 -73.65
C MET R 622 -26.19 49.55 -74.06
N THR R 623 -25.40 50.50 -74.56
CA THR R 623 -24.07 50.16 -75.04
C THR R 623 -23.08 50.07 -73.89
N PRO R 624 -22.06 49.23 -74.02
CA PRO R 624 -21.04 49.13 -72.95
C PRO R 624 -20.34 50.44 -72.67
N ALA R 625 -20.17 51.30 -73.68
CA ALA R 625 -19.53 52.59 -73.45
C ALA R 625 -20.30 53.39 -72.41
N THR R 626 -21.58 53.66 -72.66
CA THR R 626 -22.36 54.43 -71.70
C THR R 626 -22.57 53.67 -70.41
N ILE R 627 -22.64 52.34 -70.45
CA ILE R 627 -22.77 51.58 -69.21
C ILE R 627 -21.56 51.85 -68.31
N LYS R 628 -20.35 51.70 -68.86
CA LYS R 628 -19.14 51.99 -68.09
C LYS R 628 -19.10 53.44 -67.65
N ALA R 629 -19.52 54.37 -68.51
CA ALA R 629 -19.45 55.78 -68.16
C ALA R 629 -20.34 56.09 -66.96
N VAL R 630 -21.60 55.66 -67.01
CA VAL R 630 -22.52 55.96 -65.93
C VAL R 630 -22.13 55.21 -64.66
N LYS R 631 -21.61 54.00 -64.79
CA LYS R 631 -21.14 53.27 -63.61
C LYS R 631 -19.98 54.00 -62.96
N ASP R 632 -19.03 54.47 -63.77
CA ASP R 632 -17.89 55.23 -63.25
C ASP R 632 -18.36 56.50 -62.56
N THR R 633 -19.31 57.21 -63.16
CA THR R 633 -19.84 58.42 -62.54
C THR R 633 -20.48 58.10 -61.19
N PHE R 634 -21.32 57.07 -61.14
CA PHE R 634 -22.01 56.75 -59.90
C PHE R 634 -21.06 56.27 -58.81
N GLU R 635 -19.96 55.62 -59.19
CA GLU R 635 -18.97 55.18 -58.22
C GLU R 635 -18.08 56.31 -57.74
N ASP R 636 -17.76 57.26 -58.62
CA ASP R 636 -16.78 58.30 -58.29
C ASP R 636 -17.18 59.08 -57.06
N ARG R 637 -16.25 59.21 -56.13
CA ARG R 637 -16.44 60.00 -54.92
C ARG R 637 -15.87 61.41 -55.03
N ALA R 638 -15.14 61.72 -56.11
CA ALA R 638 -14.59 63.04 -56.34
C ALA R 638 -15.57 63.95 -57.05
N TYR R 639 -16.86 63.66 -56.98
CA TYR R 639 -17.88 64.49 -57.59
C TYR R 639 -17.86 65.87 -56.93
N PRO R 640 -17.63 66.95 -57.69
CA PRO R 640 -17.54 68.27 -57.07
C PRO R 640 -18.89 68.73 -56.53
N THR R 641 -18.87 69.30 -55.33
CA THR R 641 -20.10 69.76 -54.69
C THR R 641 -20.68 70.99 -55.40
N ILE R 642 -19.91 71.62 -56.28
CA ILE R 642 -20.45 72.74 -57.05
C ILE R 642 -21.62 72.27 -57.90
N PHE R 643 -21.59 71.01 -58.35
CA PHE R 643 -22.70 70.47 -59.12
C PHE R 643 -23.95 70.36 -58.26
N TYR R 644 -23.81 69.84 -57.04
CA TYR R 644 -24.94 69.77 -56.12
C TYR R 644 -25.49 71.16 -55.84
N MET R 645 -24.60 72.14 -55.63
CA MET R 645 -25.05 73.49 -55.34
C MET R 645 -25.81 74.09 -56.51
N LEU R 646 -25.29 73.91 -57.73
CA LEU R 646 -25.99 74.41 -58.91
C LEU R 646 -27.34 73.75 -59.09
N GLU R 647 -27.41 72.44 -58.87
CA GLU R 647 -28.71 71.75 -58.92
C GLU R 647 -29.67 72.34 -57.89
N ALA R 648 -29.21 72.51 -56.65
CA ALA R 648 -30.08 73.02 -55.60
C ALA R 648 -30.60 74.41 -55.92
N VAL R 649 -29.76 75.27 -56.50
CA VAL R 649 -30.21 76.63 -56.77
C VAL R 649 -31.07 76.67 -58.04
N ILE R 650 -30.91 75.70 -58.94
CA ILE R 650 -31.79 75.64 -60.10
C ILE R 650 -33.17 75.15 -59.69
N HIS R 651 -33.22 74.16 -58.80
CA HIS R 651 -34.46 73.58 -58.28
C HIS R 651 -35.44 73.18 -59.39
N GLY R 652 -34.91 72.88 -60.56
CA GLY R 652 -35.73 72.35 -61.65
C GLY R 652 -36.73 73.34 -62.20
N ASN R 653 -36.25 74.39 -62.85
CA ASN R 653 -37.14 75.38 -63.47
C ASN R 653 -36.61 75.74 -64.84
N GLU R 654 -37.49 75.70 -65.83
CA GLU R 654 -37.10 76.02 -67.19
C GLU R 654 -36.61 77.45 -67.30
N ARG R 655 -37.24 78.37 -66.57
CA ARG R 655 -36.82 79.77 -66.61
C ARG R 655 -35.39 79.95 -66.12
N ASN R 656 -34.90 79.06 -65.26
CA ASN R 656 -33.52 79.13 -64.79
C ASN R 656 -32.58 78.35 -65.71
N PHE R 657 -33.03 77.22 -66.25
CA PHE R 657 -32.18 76.45 -67.15
C PHE R 657 -31.92 77.23 -68.44
N CYS R 658 -32.98 77.78 -69.04
CA CYS R 658 -32.87 78.61 -70.24
C CYS R 658 -32.07 79.88 -70.03
N ALA R 659 -31.67 80.18 -68.80
CA ALA R 659 -30.77 81.29 -68.53
C ALA R 659 -29.34 80.84 -68.24
N LEU R 660 -29.17 79.75 -67.49
CA LEU R 660 -27.84 79.26 -67.15
C LEU R 660 -27.27 78.29 -68.17
N LEU R 661 -27.97 78.09 -69.29
CA LEU R 661 -27.51 77.13 -70.30
C LEU R 661 -26.13 77.49 -70.82
N ARG R 662 -25.75 78.77 -70.79
CA ARG R 662 -24.42 79.15 -71.24
C ARG R 662 -23.35 78.66 -70.30
N LEU R 663 -23.59 78.77 -68.99
CA LEU R 663 -22.61 78.30 -68.01
C LEU R 663 -22.58 76.77 -67.95
N LEU R 664 -23.76 76.15 -68.07
CA LEU R 664 -23.83 74.69 -67.95
C LEU R 664 -23.07 74.00 -69.06
N THR R 665 -23.11 74.54 -70.27
CA THR R 665 -22.34 73.95 -71.37
C THR R 665 -20.86 73.89 -71.05
N GLN R 666 -20.30 75.02 -70.63
CA GLN R 666 -18.88 75.06 -70.30
C GLN R 666 -18.56 74.18 -69.09
N CYS R 667 -19.45 74.14 -68.11
CA CYS R 667 -19.19 73.31 -66.93
C CYS R 667 -19.16 71.83 -67.29
N ILE R 668 -20.16 71.36 -68.03
CA ILE R 668 -20.21 69.96 -68.44
C ILE R 668 -19.02 69.64 -69.34
N ARG R 669 -18.66 70.55 -70.23
CA ARG R 669 -17.51 70.32 -71.10
C ARG R 669 -16.23 70.19 -70.30
N GLY R 670 -16.01 71.09 -69.35
CA GLY R 670 -14.81 71.01 -68.53
C GLY R 670 -14.76 69.77 -67.66
N TYR R 671 -15.93 69.33 -67.18
CA TYR R 671 -15.94 68.11 -66.36
C TYR R 671 -15.71 66.88 -67.21
N TRP R 672 -16.28 66.82 -68.41
CA TRP R 672 -16.14 65.63 -69.23
C TRP R 672 -14.74 65.52 -69.80
N GLU R 673 -14.21 66.61 -70.39
CA GLU R 673 -12.88 66.51 -70.98
C GLU R 673 -11.78 66.66 -69.92
N GLN R 674 -11.96 65.96 -68.81
CA GLN R 674 -10.90 65.70 -67.84
C GLN R 674 -10.87 64.27 -67.33
N SER R 675 -12.01 63.58 -67.27
CA SER R 675 -12.05 62.21 -66.78
C SER R 675 -13.03 61.34 -67.54
N HIS R 676 -13.66 61.84 -68.61
CA HIS R 676 -14.63 61.09 -69.40
C HIS R 676 -15.77 60.57 -68.52
N ARG R 677 -16.48 61.51 -67.90
CA ARG R 677 -17.60 61.19 -67.04
C ARG R 677 -18.74 62.18 -67.28
N VAL R 678 -19.96 61.67 -67.24
CA VAL R 678 -21.15 62.48 -67.46
C VAL R 678 -21.68 62.96 -66.12
N ALA R 679 -22.13 64.20 -66.08
CA ALA R 679 -22.62 64.81 -64.85
C ALA R 679 -24.13 65.08 -64.95
N PHE R 680 -24.68 65.57 -63.84
CA PHE R 680 -26.09 65.96 -63.77
C PHE R 680 -27.03 64.79 -64.04
N VAL R 681 -26.74 63.65 -63.40
CA VAL R 681 -27.62 62.49 -63.49
C VAL R 681 -28.56 62.38 -62.28
N ASN R 682 -28.31 63.16 -61.23
CA ASN R 682 -29.13 63.08 -60.02
C ASN R 682 -30.59 63.36 -60.32
N ASN R 683 -30.88 64.54 -60.86
CA ASN R 683 -32.24 64.98 -61.06
C ASN R 683 -32.78 64.48 -62.41
N PHE R 684 -34.05 64.13 -62.42
CA PHE R 684 -34.70 63.77 -63.67
C PHE R 684 -35.01 64.99 -64.53
N HIS R 685 -35.20 66.15 -63.91
CA HIS R 685 -35.39 67.37 -64.67
C HIS R 685 -34.05 68.04 -64.98
N MET R 686 -33.09 67.24 -65.45
CA MET R 686 -31.87 67.80 -66.02
C MET R 686 -31.53 67.18 -67.36
N LEU R 687 -31.70 65.86 -67.50
CA LEU R 687 -31.34 65.22 -68.76
C LEU R 687 -32.38 65.47 -69.84
N MET R 688 -33.65 65.60 -69.46
CA MET R 688 -34.66 65.99 -70.42
C MET R 688 -34.35 67.37 -71.00
N TYR R 689 -34.06 68.33 -70.13
CA TYR R 689 -33.66 69.66 -70.60
C TYR R 689 -32.40 69.58 -71.46
N ILE R 690 -31.44 68.76 -71.07
CA ILE R 690 -30.19 68.65 -71.83
C ILE R 690 -30.48 68.16 -73.24
N THR R 691 -31.22 67.07 -73.36
CA THR R 691 -31.52 66.54 -74.70
C THR R 691 -32.38 67.49 -75.50
N THR R 692 -33.28 68.23 -74.86
CA THR R 692 -34.17 69.09 -75.61
C THR R 692 -33.47 70.35 -76.10
N TYR R 693 -32.51 70.86 -75.33
CA TYR R 693 -31.86 72.13 -75.68
C TYR R 693 -30.49 71.91 -76.31
N LEU R 694 -29.58 71.23 -75.62
CA LEU R 694 -28.24 70.96 -76.15
C LEU R 694 -28.23 69.65 -76.93
N GLY R 695 -29.16 69.52 -77.88
CA GLY R 695 -29.24 68.33 -78.69
C GLY R 695 -28.97 68.61 -80.15
N ASN R 696 -28.27 69.70 -80.43
CA ASN R 696 -27.96 70.09 -81.80
C ASN R 696 -26.50 69.90 -82.16
N GLY R 697 -25.60 69.77 -81.18
CA GLY R 697 -24.20 69.60 -81.46
C GLY R 697 -23.31 70.50 -80.63
N GLU R 698 -23.89 71.11 -79.60
CA GLU R 698 -23.11 71.99 -78.72
C GLU R 698 -22.02 71.21 -77.99
N LEU R 699 -22.39 70.07 -77.41
CA LEU R 699 -21.44 69.20 -76.75
C LEU R 699 -20.97 68.10 -77.71
N PRO R 700 -19.86 67.42 -77.41
CA PRO R 700 -19.37 66.37 -78.31
C PRO R 700 -20.40 65.28 -78.52
N GLU R 701 -20.19 64.50 -79.59
CA GLU R 701 -21.14 63.50 -80.03
C GLU R 701 -21.22 62.28 -79.11
N VAL R 702 -20.56 62.29 -77.96
CA VAL R 702 -20.57 61.13 -77.07
C VAL R 702 -21.55 61.37 -75.93
N CYS R 703 -21.56 62.58 -75.37
CA CYS R 703 -22.38 62.86 -74.20
C CYS R 703 -23.87 62.84 -74.56
N ILE R 704 -24.24 63.51 -75.66
CA ILE R 704 -25.65 63.50 -76.04
C ILE R 704 -26.06 62.10 -76.46
N ASN R 705 -25.14 61.31 -77.02
CA ASN R 705 -25.46 59.92 -77.32
C ASN R 705 -25.76 59.14 -76.05
N ILE R 706 -24.97 59.37 -74.99
CA ILE R 706 -25.23 58.71 -73.71
C ILE R 706 -26.60 59.12 -73.16
N TYR R 707 -26.90 60.42 -73.19
CA TYR R 707 -28.19 60.90 -72.69
C TYR R 707 -29.34 60.31 -73.49
N ARG R 708 -29.20 60.25 -74.81
CA ARG R 708 -30.25 59.70 -75.65
C ARG R 708 -30.42 58.21 -75.41
N ASP R 709 -29.33 57.51 -75.10
CA ASP R 709 -29.47 56.09 -74.76
C ASP R 709 -30.24 55.93 -73.45
N LEU R 710 -29.94 56.76 -72.45
CA LEU R 710 -30.69 56.69 -71.20
C LEU R 710 -32.18 56.93 -71.43
N LEU R 711 -32.50 57.98 -72.18
CA LEU R 711 -33.91 58.29 -72.45
C LEU R 711 -34.58 57.18 -73.24
N GLN R 712 -33.86 56.60 -74.22
CA GLN R 712 -34.45 55.55 -75.03
C GLN R 712 -34.70 54.29 -74.22
N HIS R 713 -33.81 53.99 -73.26
CA HIS R 713 -34.04 52.85 -72.38
C HIS R 713 -35.23 53.08 -71.47
N VAL R 714 -35.38 54.29 -70.95
CA VAL R 714 -36.58 54.61 -70.16
C VAL R 714 -37.84 54.41 -71.00
N ARG R 715 -37.84 54.94 -72.22
CA ARG R 715 -38.99 54.78 -73.09
C ARG R 715 -39.23 53.32 -73.45
N ALA R 716 -38.17 52.52 -73.56
CA ALA R 716 -38.33 51.10 -73.83
C ALA R 716 -39.02 50.39 -72.68
N LEU R 717 -38.62 50.71 -71.45
CA LEU R 717 -39.34 50.13 -70.30
C LEU R 717 -40.81 50.56 -70.29
N ARG R 718 -41.06 51.84 -70.57
CA ARG R 718 -42.44 52.32 -70.63
C ARG R 718 -43.24 51.55 -71.66
N GLN R 719 -42.66 51.31 -72.85
CA GLN R 719 -43.37 50.57 -73.88
C GLN R 719 -43.56 49.11 -73.50
N THR R 720 -42.58 48.52 -72.81
CA THR R 720 -42.73 47.15 -72.35
C THR R 720 -43.92 47.00 -71.42
N ILE R 721 -44.13 48.00 -70.54
CA ILE R 721 -45.28 47.94 -69.64
C ILE R 721 -46.58 47.82 -70.43
N THR R 722 -46.77 48.70 -71.42
CA THR R 722 -47.97 48.63 -72.24
C THR R 722 -48.03 47.32 -73.02
N ASP R 723 -46.88 46.79 -73.43
CA ASP R 723 -46.84 45.53 -74.15
C ASP R 723 -47.42 44.40 -73.32
N PHE R 724 -47.00 44.28 -72.06
CA PHE R 724 -47.37 43.11 -71.26
C PHE R 724 -48.71 43.26 -70.55
N THR R 725 -49.60 44.11 -71.07
CA THR R 725 -50.95 44.24 -70.52
C THR R 725 -51.94 44.38 -71.66
N ILE R 726 -53.16 43.93 -71.42
CA ILE R 726 -54.23 44.01 -72.41
C ILE R 726 -54.84 45.41 -72.33
N GLN R 727 -55.28 45.92 -73.48
CA GLN R 727 -55.86 47.26 -73.57
C GLN R 727 -57.31 47.17 -73.98
N GLY R 728 -58.13 48.06 -73.45
CA GLY R 728 -59.52 48.12 -73.86
C GLY R 728 -60.50 47.89 -72.74
N GLU R 729 -60.10 48.17 -71.50
CA GLU R 729 -61.01 48.04 -70.37
C GLU R 729 -60.54 48.97 -69.26
N GLY R 730 -61.51 49.56 -68.56
CA GLY R 730 -61.21 50.47 -67.47
C GLY R 730 -62.39 50.63 -66.53
N HIS R 731 -62.13 50.52 -65.24
CA HIS R 731 -63.19 50.61 -64.24
C HIS R 731 -63.36 52.07 -63.81
N ASN R 732 -64.09 52.28 -62.70
CA ASN R 732 -64.38 53.63 -62.24
C ASN R 732 -63.12 54.45 -62.05
N GLY R 733 -62.05 53.83 -61.56
CA GLY R 733 -60.79 54.52 -61.41
C GLY R 733 -60.00 54.58 -62.70
N GLU R 734 -58.73 54.21 -62.63
CA GLU R 734 -57.88 54.20 -63.81
C GLU R 734 -58.12 52.91 -64.61
N THR R 735 -57.58 52.90 -65.83
CA THR R 735 -57.78 51.80 -66.76
C THR R 735 -56.79 50.66 -66.56
N SER R 736 -56.68 49.80 -67.57
CA SER R 736 -55.76 48.67 -67.55
C SER R 736 -54.38 49.04 -67.04
N GLU R 737 -53.86 50.21 -67.43
CA GLU R 737 -52.45 50.51 -67.20
C GLU R 737 -52.10 50.47 -65.72
N ALA R 738 -52.67 51.38 -64.94
CA ALA R 738 -52.37 51.39 -63.51
C ALA R 738 -53.21 50.37 -62.75
N LEU R 739 -54.24 49.80 -63.38
CA LEU R 739 -54.88 48.66 -62.74
C LEU R 739 -53.97 47.44 -62.72
N ASN R 740 -53.01 47.36 -63.63
CA ASN R 740 -52.05 46.27 -63.69
C ASN R 740 -50.72 46.62 -63.04
N ASN R 741 -50.14 47.77 -63.35
CA ASN R 741 -48.84 48.15 -62.83
C ASN R 741 -48.96 49.35 -61.90
N ILE R 742 -47.84 49.75 -61.34
CA ILE R 742 -47.79 50.84 -60.37
C ILE R 742 -47.01 52.04 -60.90
N LEU R 743 -45.92 51.80 -61.64
CA LEU R 743 -45.18 52.90 -62.24
C LEU R 743 -46.05 53.72 -63.19
N THR R 744 -47.16 53.15 -63.66
CA THR R 744 -48.13 53.88 -64.48
C THR R 744 -49.30 54.39 -63.65
N ASP R 745 -49.15 54.42 -62.32
CA ASP R 745 -50.20 54.90 -61.43
C ASP R 745 -49.92 56.34 -61.03
N ASP R 746 -50.99 57.13 -60.91
CA ASP R 746 -50.88 58.51 -60.48
C ASP R 746 -50.99 58.67 -58.97
N THR R 747 -51.60 57.71 -58.28
CA THR R 747 -51.65 57.77 -56.82
C THR R 747 -50.25 57.66 -56.23
N PHE R 748 -49.41 56.81 -56.80
CA PHE R 748 -48.01 56.75 -56.40
C PHE R 748 -47.31 58.05 -56.76
N ILE R 749 -46.25 58.36 -56.03
CA ILE R 749 -45.50 59.59 -56.23
C ILE R 749 -44.01 59.30 -56.22
N ALA R 750 -43.25 60.16 -56.90
CA ALA R 750 -41.80 60.04 -56.91
C ALA R 750 -41.25 60.45 -55.55
N PRO R 751 -40.04 59.97 -55.21
CA PRO R 751 -39.44 60.38 -53.93
C PRO R 751 -39.04 61.84 -53.87
N ILE R 752 -38.75 62.48 -55.00
CA ILE R 752 -38.34 63.87 -55.04
C ILE R 752 -39.33 64.63 -55.91
N LEU R 753 -39.79 65.78 -55.41
CA LEU R 753 -40.75 66.62 -56.12
C LEU R 753 -40.19 68.03 -56.24
N TRP R 754 -40.36 68.64 -57.41
CA TRP R 754 -39.97 70.02 -57.64
C TRP R 754 -41.13 70.93 -57.96
N ASP R 755 -42.24 70.39 -58.46
CA ASP R 755 -43.45 71.16 -58.69
C ASP R 755 -44.64 70.36 -58.16
N CYS R 756 -45.80 71.01 -58.11
CA CYS R 756 -46.99 70.44 -57.51
C CYS R 756 -47.92 69.80 -58.54
N ASP R 757 -47.49 69.72 -59.80
CA ASP R 757 -48.30 69.06 -60.81
C ASP R 757 -48.53 67.59 -60.48
N ALA R 758 -47.55 66.94 -59.86
CA ALA R 758 -47.75 65.57 -59.41
C ALA R 758 -48.87 65.48 -58.39
N LEU R 759 -48.93 66.41 -57.43
CA LEU R 759 -50.00 66.41 -56.46
C LEU R 759 -51.34 66.69 -57.10
N ILE R 760 -51.37 67.60 -58.08
CA ILE R 760 -52.62 67.88 -58.80
C ILE R 760 -53.12 66.61 -59.50
N TYR R 761 -52.23 65.95 -60.22
CA TYR R 761 -52.60 64.72 -60.92
C TYR R 761 -53.05 63.65 -59.94
N ARG R 762 -52.40 63.54 -58.79
CA ARG R 762 -52.80 62.54 -57.81
C ARG R 762 -54.18 62.83 -57.24
N ASP R 763 -54.44 64.10 -56.92
CA ASP R 763 -55.75 64.46 -56.38
C ASP R 763 -56.86 64.26 -57.40
N GLU R 764 -56.56 64.45 -58.69
CA GLU R 764 -57.55 64.22 -59.72
C GLU R 764 -57.78 62.74 -60.01
N ALA R 765 -56.71 61.96 -60.13
CA ALA R 765 -56.80 60.61 -60.70
C ALA R 765 -57.75 59.73 -59.90
N ALA R 766 -57.46 59.54 -58.61
CA ALA R 766 -58.25 58.59 -57.83
C ALA R 766 -59.67 59.10 -57.63
N ARG R 767 -59.82 60.20 -56.90
CA ARG R 767 -61.10 60.88 -56.67
C ARG R 767 -62.18 59.96 -56.11
N ASP R 768 -61.82 58.72 -55.75
CA ASP R 768 -62.79 57.77 -55.20
C ASP R 768 -62.26 57.17 -53.91
N ARG R 769 -60.95 56.94 -53.86
CA ARG R 769 -60.31 56.43 -52.66
C ARG R 769 -59.97 57.61 -51.75
N LEU R 770 -60.31 57.46 -50.48
CA LEU R 770 -60.16 58.54 -49.50
C LEU R 770 -58.70 58.96 -49.36
N PRO R 771 -58.33 60.14 -49.83
CA PRO R 771 -56.95 60.59 -49.76
C PRO R 771 -56.70 61.39 -48.49
N ALA R 772 -55.41 61.51 -48.15
CA ALA R 772 -55.01 62.31 -47.01
C ALA R 772 -53.58 62.79 -47.21
N ILE R 773 -53.37 64.09 -47.13
CA ILE R 773 -52.05 64.69 -47.30
C ILE R 773 -51.69 65.44 -46.03
N ARG R 774 -50.45 65.28 -45.59
CA ARG R 774 -49.94 65.92 -44.37
C ARG R 774 -48.60 66.58 -44.72
N VAL R 775 -48.55 67.90 -44.65
CA VAL R 775 -47.33 68.65 -44.93
C VAL R 775 -47.05 69.51 -43.69
N SER R 776 -46.11 69.05 -42.87
CA SER R 776 -45.63 69.80 -41.72
C SER R 776 -46.76 70.18 -40.77
N GLY R 777 -47.40 69.18 -40.17
CA GLY R 777 -48.46 69.46 -39.23
C GLY R 777 -49.81 69.59 -39.90
N ARG R 778 -50.22 70.83 -40.18
CA ARG R 778 -51.48 71.08 -40.85
C ARG R 778 -51.56 70.34 -42.18
N ASN R 779 -52.78 70.03 -42.59
CA ASN R 779 -53.05 69.25 -43.79
C ASN R 779 -53.41 70.19 -44.95
N GLY R 780 -53.28 69.67 -46.16
CA GLY R 780 -53.55 70.46 -47.35
C GLY R 780 -52.39 71.36 -47.71
N TYR R 781 -52.08 71.47 -48.99
CA TYR R 781 -50.95 72.28 -49.43
C TYR R 781 -51.44 73.58 -50.07
N GLN R 782 -50.63 74.63 -49.91
CA GLN R 782 -50.94 75.95 -50.43
C GLN R 782 -49.88 76.30 -51.47
N ALA R 783 -50.25 76.22 -52.74
CA ALA R 783 -49.34 76.53 -53.84
C ALA R 783 -49.44 77.99 -54.21
N LEU R 784 -48.29 78.61 -54.45
CA LEU R 784 -48.23 80.00 -54.88
C LEU R 784 -47.17 80.14 -55.96
N HIS R 785 -47.19 81.28 -56.64
CA HIS R 785 -46.32 81.51 -57.77
C HIS R 785 -44.92 81.87 -57.29
N PHE R 786 -44.09 82.35 -58.21
CA PHE R 786 -42.69 82.63 -57.90
C PHE R 786 -42.56 83.63 -56.76
N VAL R 787 -41.45 83.52 -56.04
CA VAL R 787 -41.16 84.36 -54.87
C VAL R 787 -40.05 85.33 -55.25
N ASP R 788 -40.24 86.61 -54.92
CA ASP R 788 -39.26 87.63 -55.25
C ASP R 788 -37.98 87.42 -54.46
N MET R 789 -37.00 88.28 -54.71
CA MET R 789 -35.73 88.20 -54.00
C MET R 789 -35.81 88.88 -52.63
N ALA R 790 -36.57 89.98 -52.54
CA ALA R 790 -36.64 90.72 -51.29
C ALA R 790 -37.35 89.91 -50.21
N GLY R 791 -38.62 89.58 -50.44
CA GLY R 791 -39.38 88.83 -49.45
C GLY R 791 -39.32 87.34 -49.70
N HIS R 792 -38.44 86.63 -49.00
CA HIS R 792 -38.29 85.19 -49.16
C HIS R 792 -38.78 84.39 -47.97
N ASN R 793 -38.54 84.87 -46.74
CA ASN R 793 -39.09 84.27 -45.53
C ASN R 793 -38.63 82.81 -45.39
N PHE R 794 -37.32 82.66 -45.18
CA PHE R 794 -36.72 81.34 -45.04
C PHE R 794 -37.45 80.44 -44.06
N GLN R 795 -38.15 81.02 -43.08
CA GLN R 795 -38.94 80.26 -42.11
C GLN R 795 -40.40 80.39 -42.48
N ARG R 796 -41.01 79.28 -42.89
CA ARG R 796 -42.40 79.28 -43.32
C ARG R 796 -43.06 77.98 -42.86
N ARG R 797 -44.36 77.89 -43.10
CA ARG R 797 -45.14 76.72 -42.70
C ARG R 797 -46.31 76.52 -43.65
N ASP R 798 -46.42 75.33 -44.22
CA ASP R 798 -47.50 74.96 -45.13
C ASP R 798 -47.53 75.89 -46.35
N ASN R 799 -46.45 75.85 -47.12
CA ASN R 799 -46.35 76.66 -48.34
C ASN R 799 -45.45 75.93 -49.33
N VAL R 800 -45.94 75.75 -50.55
CA VAL R 800 -45.21 75.06 -51.60
C VAL R 800 -45.13 75.96 -52.82
N LEU R 801 -44.01 75.86 -53.53
CA LEU R 801 -43.73 76.71 -54.68
C LEU R 801 -43.89 75.95 -55.98
N ILE R 802 -44.08 76.70 -57.07
CA ILE R 802 -44.12 76.16 -58.40
C ILE R 802 -43.17 76.88 -59.35
N HIS R 803 -42.44 77.88 -58.87
CA HIS R 803 -41.42 78.59 -59.66
C HIS R 803 -42.03 79.32 -60.85
N GLY R 804 -43.20 79.91 -60.64
CA GLY R 804 -43.84 80.67 -61.68
C GLY R 804 -44.22 79.81 -62.87
N ARG R 805 -44.26 80.44 -64.04
CA ARG R 805 -44.65 79.77 -65.27
C ARG R 805 -43.78 80.29 -66.41
N PRO R 806 -43.51 79.46 -67.42
CA PRO R 806 -42.76 79.94 -68.58
C PRO R 806 -43.59 80.75 -69.55
N VAL R 807 -44.91 80.63 -69.51
CA VAL R 807 -45.77 81.38 -70.42
C VAL R 807 -46.82 82.16 -69.63
N ILE R 815 -55.93 84.19 -59.65
CA ILE R 815 -55.43 83.32 -60.71
C ILE R 815 -55.06 81.96 -60.15
N PRO R 816 -55.64 80.90 -60.71
CA PRO R 816 -55.43 79.56 -60.17
C PRO R 816 -54.12 78.96 -60.67
N ILE R 817 -53.75 77.85 -60.03
CA ILE R 817 -52.54 77.12 -60.42
C ILE R 817 -52.85 76.20 -61.60
N THR R 818 -51.80 75.76 -62.29
CA THR R 818 -51.93 74.86 -63.42
C THR R 818 -50.76 73.89 -63.41
N PRO R 819 -50.97 72.66 -63.89
CA PRO R 819 -49.85 71.72 -63.99
C PRO R 819 -48.78 72.24 -64.93
N HIS R 820 -47.53 71.91 -64.61
CA HIS R 820 -46.40 72.41 -65.39
C HIS R 820 -46.18 71.56 -66.65
N HIS R 821 -45.88 70.28 -66.47
CA HIS R 821 -45.59 69.38 -67.57
C HIS R 821 -46.84 68.59 -67.93
N ASP R 822 -46.66 67.59 -68.80
CA ASP R 822 -47.75 66.71 -69.18
C ASP R 822 -47.88 65.59 -68.15
N ARG R 823 -48.72 64.59 -68.45
CA ARG R 823 -48.94 63.50 -67.51
C ARG R 823 -47.85 62.44 -67.62
N GLU R 824 -47.44 62.09 -68.83
CA GLU R 824 -46.43 61.05 -69.03
C GLU R 824 -45.09 61.40 -68.41
N TRP R 825 -44.84 62.69 -68.13
CA TRP R 825 -43.60 63.07 -67.47
C TRP R 825 -43.50 62.41 -66.10
N GLY R 826 -44.60 62.37 -65.36
CA GLY R 826 -44.59 61.72 -64.06
C GLY R 826 -44.25 60.25 -64.15
N ILE R 827 -44.84 59.55 -65.13
CA ILE R 827 -44.56 58.13 -65.30
C ILE R 827 -43.10 57.91 -65.67
N LEU R 828 -42.58 58.75 -66.57
CA LEU R 828 -41.17 58.63 -66.94
C LEU R 828 -40.25 58.87 -65.75
N SER R 829 -40.57 59.88 -64.93
CA SER R 829 -39.74 60.16 -63.76
C SER R 829 -39.80 59.02 -62.76
N LYS R 830 -40.99 58.44 -62.56
CA LYS R 830 -41.10 57.29 -61.67
C LYS R 830 -40.25 56.12 -62.17
N ILE R 831 -40.39 55.80 -63.46
CA ILE R 831 -39.61 54.71 -64.04
C ILE R 831 -38.12 54.96 -63.84
N TYR R 832 -37.67 56.17 -64.15
CA TYR R 832 -36.27 56.53 -63.95
C TYR R 832 -35.85 56.29 -62.51
N TYR R 833 -36.46 57.01 -61.57
CA TYR R 833 -36.03 57.00 -60.18
C TYR R 833 -36.12 55.61 -59.55
N TYR R 834 -37.05 54.77 -60.00
CA TYR R 834 -37.25 53.47 -59.38
C TYR R 834 -36.63 52.33 -60.16
N ILE R 835 -36.00 52.59 -61.30
CA ILE R 835 -35.36 51.51 -62.03
C ILE R 835 -33.88 51.81 -62.25
N VAL R 836 -33.57 52.93 -62.90
CA VAL R 836 -32.20 53.12 -63.39
C VAL R 836 -31.29 53.59 -62.27
N ILE R 837 -31.82 54.41 -61.35
CA ILE R 837 -31.03 54.84 -60.21
C ILE R 837 -30.67 53.66 -59.29
N PRO R 838 -31.62 52.81 -58.87
CA PRO R 838 -31.22 51.69 -58.01
C PRO R 838 -30.37 50.65 -58.72
N ALA R 839 -30.72 50.28 -59.96
CA ALA R 839 -29.97 49.25 -60.67
C ALA R 839 -28.51 49.64 -60.84
N PHE R 840 -28.22 50.94 -60.84
CA PHE R 840 -26.86 51.43 -61.05
C PHE R 840 -26.14 51.73 -59.75
N SER R 841 -26.83 52.34 -58.78
CA SER R 841 -26.18 52.69 -57.52
C SER R 841 -26.01 51.47 -56.61
N ARG R 842 -26.96 50.55 -56.63
CA ARG R 842 -26.92 49.34 -55.82
C ARG R 842 -26.81 49.66 -54.33
N GLY R 843 -27.83 50.36 -53.84
CA GLY R 843 -27.94 50.66 -52.42
C GLY R 843 -26.88 51.57 -51.88
N SER R 844 -26.21 52.33 -52.73
CA SER R 844 -25.14 53.23 -52.29
C SER R 844 -25.58 54.68 -52.21
N CYS R 845 -26.64 55.07 -52.91
CA CYS R 845 -27.09 56.45 -52.92
C CYS R 845 -27.97 56.73 -51.72
N CYS R 846 -28.29 58.01 -51.52
CA CYS R 846 -29.14 58.44 -50.41
C CYS R 846 -29.86 59.71 -50.83
N THR R 847 -30.87 60.08 -50.05
CA THR R 847 -31.60 61.33 -50.26
C THR R 847 -31.44 62.20 -49.03
N MET R 848 -31.26 63.50 -49.26
CA MET R 848 -30.91 64.44 -48.20
C MET R 848 -31.65 65.76 -48.42
N GLY R 849 -31.61 66.59 -47.37
CA GLY R 849 -32.19 67.91 -47.41
C GLY R 849 -31.12 68.99 -47.46
N VAL R 850 -31.54 70.19 -47.87
CA VAL R 850 -30.60 71.27 -48.17
C VAL R 850 -30.98 72.49 -47.36
N ARG R 851 -30.00 73.37 -47.15
CA ARG R 851 -30.15 74.56 -46.31
C ARG R 851 -29.93 75.81 -47.18
N TYR R 852 -31.02 76.35 -47.71
CA TYR R 852 -30.93 77.54 -48.54
C TYR R 852 -30.48 78.76 -47.74
N ASP R 853 -30.79 78.82 -46.45
CA ASP R 853 -30.32 79.92 -45.62
C ASP R 853 -28.80 79.98 -45.53
N ARG R 854 -28.13 78.85 -45.73
CA ARG R 854 -26.68 78.82 -45.81
C ARG R 854 -26.17 78.82 -47.25
N LEU R 855 -27.01 78.44 -48.20
CA LEU R 855 -26.61 78.47 -49.61
C LEU R 855 -26.60 79.89 -50.17
N TYR R 856 -27.73 80.60 -50.08
CA TYR R 856 -27.88 81.87 -50.78
C TYR R 856 -26.84 82.91 -50.38
N PRO R 857 -26.56 83.14 -49.10
CA PRO R 857 -25.50 84.12 -48.77
C PRO R 857 -24.12 83.68 -49.24
N ALA R 858 -23.90 82.38 -49.45
CA ALA R 858 -22.59 81.90 -49.85
C ALA R 858 -22.34 82.03 -51.35
N LEU R 859 -23.40 82.09 -52.16
CA LEU R 859 -23.24 82.13 -53.60
C LEU R 859 -23.20 83.55 -54.16
N GLN R 860 -23.31 84.58 -53.30
CA GLN R 860 -23.37 85.95 -53.75
C GLN R 860 -22.01 86.65 -53.68
N ALA R 861 -20.93 85.91 -53.92
CA ALA R 861 -19.58 86.46 -53.90
C ALA R 861 -18.93 86.18 -55.25
N VAL R 862 -18.91 87.20 -56.11
CA VAL R 862 -18.29 87.09 -57.43
C VAL R 862 -17.21 88.15 -57.54
N ILE R 863 -16.09 87.79 -58.17
CA ILE R 863 -14.94 88.68 -58.32
C ILE R 863 -14.67 88.86 -59.81
N VAL R 864 -15.71 88.85 -60.62
CA VAL R 864 -15.52 89.11 -62.05
C VAL R 864 -14.98 90.52 -62.23
N PRO R 865 -13.89 90.72 -62.95
CA PRO R 865 -13.32 92.06 -63.11
C PRO R 865 -14.04 92.83 -64.22
N GLU R 866 -13.64 94.09 -64.38
CA GLU R 866 -14.20 94.95 -65.40
C GLU R 866 -13.36 94.84 -66.67
N ILE R 867 -14.03 94.71 -67.80
CA ILE R 867 -13.35 94.59 -69.10
C ILE R 867 -13.14 95.97 -69.68
N PRO R 868 -11.95 96.28 -70.21
CA PRO R 868 -11.74 97.58 -70.83
C PRO R 868 -12.61 97.75 -72.06
N ALA R 869 -12.97 99.00 -72.35
CA ALA R 869 -13.81 99.30 -73.49
C ALA R 869 -13.07 98.98 -74.79
N ASP R 870 -13.81 98.50 -75.78
CA ASP R 870 -13.27 98.12 -77.08
C ASP R 870 -12.14 97.11 -76.94
N GLU R 871 -12.31 96.16 -76.03
CA GLU R 871 -11.34 95.11 -75.79
C GLU R 871 -12.05 93.76 -75.77
N GLU R 872 -11.26 92.70 -75.71
CA GLU R 872 -11.77 91.33 -75.73
C GLU R 872 -11.54 90.67 -74.38
N ALA R 873 -12.41 89.71 -74.07
CA ALA R 873 -12.28 89.02 -72.79
C ALA R 873 -11.28 87.88 -72.89
N PRO R 874 -10.45 87.69 -71.87
CA PRO R 874 -9.45 86.62 -71.92
C PRO R 874 -10.09 85.26 -71.75
N THR R 875 -9.53 84.27 -72.46
CA THR R 875 -10.07 82.92 -72.45
C THR R 875 -9.38 82.02 -71.42
N THR R 876 -8.08 81.84 -71.55
CA THR R 876 -7.37 80.96 -70.63
C THR R 876 -7.08 81.68 -69.31
N PRO R 877 -7.12 80.97 -68.19
CA PRO R 877 -7.00 81.66 -66.89
C PRO R 877 -5.56 81.92 -66.46
N GLU R 878 -4.60 81.85 -67.38
CA GLU R 878 -3.23 82.15 -67.02
C GLU R 878 -2.98 83.65 -66.88
N ASP R 879 -3.85 84.48 -67.47
CA ASP R 879 -3.65 85.92 -67.39
C ASP R 879 -4.40 86.49 -66.18
N PRO R 880 -3.89 87.58 -65.60
CA PRO R 880 -4.56 88.16 -64.43
C PRO R 880 -5.95 88.71 -64.72
N ARG R 881 -6.26 89.01 -65.98
CA ARG R 881 -7.59 89.52 -66.31
C ARG R 881 -8.67 88.46 -66.15
N HIS R 882 -8.31 87.19 -66.12
CA HIS R 882 -9.28 86.11 -66.06
C HIS R 882 -9.82 85.98 -64.64
N PRO R 883 -11.12 85.67 -64.49
CA PRO R 883 -11.68 85.51 -63.14
C PRO R 883 -11.06 84.38 -62.36
N LEU R 884 -10.56 83.34 -63.04
CA LEU R 884 -9.98 82.19 -62.38
C LEU R 884 -8.50 82.35 -62.10
N HIS R 885 -7.97 83.56 -62.18
CA HIS R 885 -6.55 83.78 -61.95
C HIS R 885 -6.29 84.00 -60.46
N ALA R 886 -5.03 83.84 -60.07
CA ALA R 886 -4.65 84.00 -58.68
C ALA R 886 -4.81 85.43 -58.20
N HIS R 887 -4.67 86.42 -59.09
CA HIS R 887 -4.82 87.81 -58.69
C HIS R 887 -6.24 88.10 -58.24
N GLN R 888 -7.23 87.50 -58.89
CA GLN R 888 -8.64 87.73 -58.59
C GLN R 888 -9.24 86.62 -57.74
N LEU R 889 -8.42 85.79 -57.13
CA LEU R 889 -8.87 84.69 -56.29
C LEU R 889 -8.70 85.09 -54.83
N VAL R 890 -9.82 85.30 -54.14
CA VAL R 890 -9.81 85.67 -52.72
C VAL R 890 -10.54 84.58 -51.94
N PRO R 891 -10.16 84.35 -50.68
CA PRO R 891 -10.83 83.30 -49.91
C PRO R 891 -12.29 83.64 -49.65
N ASN R 892 -13.09 82.58 -49.47
CA ASN R 892 -14.52 82.69 -49.20
C ASN R 892 -15.24 83.40 -50.35
N SER R 893 -15.16 82.79 -51.54
CA SER R 893 -15.83 83.30 -52.72
C SER R 893 -16.22 82.12 -53.59
N LEU R 894 -16.68 82.41 -54.81
CA LEU R 894 -17.02 81.34 -55.75
C LEU R 894 -15.86 80.98 -56.67
N ASN R 895 -14.90 81.89 -56.84
CA ASN R 895 -13.73 81.58 -57.66
C ASN R 895 -12.92 80.46 -57.04
N VAL R 896 -12.79 80.44 -55.70
CA VAL R 896 -12.07 79.34 -55.06
C VAL R 896 -12.84 78.03 -55.23
N TYR R 897 -14.17 78.08 -55.19
CA TYR R 897 -14.98 76.89 -55.45
C TYR R 897 -14.69 76.34 -56.84
N PHE R 898 -14.77 77.20 -57.85
CA PHE R 898 -14.56 76.75 -59.22
C PHE R 898 -13.11 76.30 -59.44
N HIS R 899 -12.16 76.91 -58.74
CA HIS R 899 -10.77 76.48 -58.87
C HIS R 899 -10.57 75.10 -58.26
N ASN R 900 -11.11 74.87 -57.06
CA ASN R 900 -11.06 73.53 -56.47
C ASN R 900 -11.73 72.52 -57.37
N ALA R 901 -12.82 72.90 -58.04
CA ALA R 901 -13.43 72.04 -59.04
C ALA R 901 -12.59 71.92 -60.31
N HIS R 902 -11.61 72.80 -60.50
CA HIS R 902 -10.72 72.78 -61.66
C HIS R 902 -11.51 72.92 -62.96
N LEU R 903 -12.31 73.98 -63.02
CA LEU R 903 -13.10 74.31 -64.20
C LEU R 903 -12.68 75.68 -64.72
N THR R 904 -13.13 75.98 -65.93
CA THR R 904 -12.80 77.24 -66.60
C THR R 904 -14.09 77.87 -67.10
N VAL R 905 -14.43 79.04 -66.58
CA VAL R 905 -15.65 79.74 -66.96
C VAL R 905 -15.31 81.19 -67.25
N ASP R 906 -16.13 81.84 -68.08
CA ASP R 906 -15.94 83.23 -68.45
C ASP R 906 -16.73 84.14 -67.51
N GLY R 907 -16.85 85.40 -67.87
CA GLY R 907 -17.51 86.38 -67.02
C GLY R 907 -19.01 86.34 -67.06
N ASP R 908 -19.58 86.26 -68.27
CA ASP R 908 -21.04 86.29 -68.40
C ASP R 908 -21.70 85.08 -67.75
N ALA R 909 -21.02 83.93 -67.79
CA ALA R 909 -21.55 82.74 -67.13
C ALA R 909 -21.73 82.97 -65.63
N LEU R 910 -20.74 83.58 -65.00
CA LEU R 910 -20.86 83.89 -63.57
C LEU R 910 -21.85 85.02 -63.33
N LEU R 911 -21.94 85.98 -64.26
CA LEU R 911 -22.87 87.09 -64.10
C LEU R 911 -24.32 86.63 -64.20
N THR R 912 -24.60 85.54 -64.93
CA THR R 912 -25.96 85.03 -65.06
C THR R 912 -26.58 84.64 -63.71
N LEU R 913 -25.76 84.46 -62.67
CA LEU R 913 -26.31 84.12 -61.36
C LEU R 913 -27.20 85.23 -60.82
N GLN R 914 -26.87 86.49 -61.10
CA GLN R 914 -27.71 87.59 -60.66
C GLN R 914 -29.09 87.50 -61.31
N GLU R 915 -29.14 87.10 -62.58
CA GLU R 915 -30.43 86.88 -63.23
C GLU R 915 -31.15 85.68 -62.65
N LEU R 916 -30.41 84.64 -62.28
CA LEU R 916 -31.03 83.52 -61.59
C LEU R 916 -31.66 83.94 -60.28
N MET R 917 -31.07 84.92 -59.59
CA MET R 917 -31.51 85.32 -58.26
C MET R 917 -32.95 85.83 -58.22
N GLY R 918 -33.64 85.90 -59.35
CA GLY R 918 -35.04 86.30 -59.35
C GLY R 918 -35.91 85.35 -58.56
N ASP R 919 -36.01 84.10 -59.01
CA ASP R 919 -36.75 83.09 -58.26
C ASP R 919 -35.91 82.58 -57.10
N MET R 920 -36.59 82.12 -56.05
CA MET R 920 -35.93 81.66 -54.84
C MET R 920 -36.51 80.33 -54.41
N ALA R 921 -35.80 79.68 -53.49
CA ALA R 921 -36.24 78.43 -52.88
C ALA R 921 -36.12 78.58 -51.37
N GLU R 922 -37.25 78.53 -50.67
CA GLU R 922 -37.23 78.79 -49.24
C GLU R 922 -36.58 77.64 -48.48
N ARG R 923 -37.16 76.45 -48.57
CA ARG R 923 -36.69 75.32 -47.79
C ARG R 923 -37.17 74.03 -48.45
N THR R 924 -36.62 72.91 -48.02
CA THR R 924 -37.08 71.59 -48.41
C THR R 924 -37.95 71.03 -47.30
N THR R 925 -39.06 70.40 -47.66
CA THR R 925 -40.01 69.93 -46.67
C THR R 925 -40.38 68.47 -46.93
N ALA R 926 -41.20 67.93 -46.04
CA ALA R 926 -41.66 66.55 -46.12
C ALA R 926 -43.16 66.51 -46.38
N ILE R 927 -43.59 65.53 -47.17
CA ILE R 927 -45.00 65.31 -47.45
C ILE R 927 -45.31 63.84 -47.19
N LEU R 928 -46.48 63.59 -46.62
CA LEU R 928 -46.94 62.24 -46.30
C LEU R 928 -48.35 62.09 -46.85
N VAL R 929 -48.51 61.23 -47.85
CA VAL R 929 -49.80 60.99 -48.46
C VAL R 929 -50.25 59.57 -48.13
N SER R 930 -51.55 59.38 -48.08
CA SER R 930 -52.13 58.09 -47.76
C SER R 930 -53.46 57.95 -48.49
N SER R 931 -53.81 56.72 -48.87
CA SER R 931 -55.03 56.46 -49.61
C SER R 931 -55.46 55.02 -49.40
N ALA R 932 -56.67 54.71 -49.85
CA ALA R 932 -57.21 53.37 -49.78
C ALA R 932 -56.64 52.52 -50.90
N PRO R 933 -56.72 51.19 -50.78
CA PRO R 933 -56.30 50.32 -51.87
C PRO R 933 -57.18 50.50 -53.10
N ASP R 934 -56.62 50.17 -54.26
CA ASP R 934 -57.28 50.40 -55.53
C ASP R 934 -58.60 49.65 -55.61
N ALA R 935 -59.44 50.07 -56.56
CA ALA R 935 -60.76 49.48 -56.74
C ALA R 935 -60.70 48.04 -57.20
N GLY R 936 -59.52 47.55 -57.61
CA GLY R 936 -59.42 46.16 -58.03
C GLY R 936 -59.58 45.20 -56.87
N ALA R 937 -58.95 45.52 -55.73
CA ALA R 937 -59.05 44.70 -54.53
C ALA R 937 -59.84 45.39 -53.42
N ALA R 938 -60.60 46.43 -53.75
CA ALA R 938 -61.36 47.17 -52.74
C ALA R 938 -62.61 46.38 -52.35
N THR R 939 -62.57 45.74 -51.20
CA THR R 939 -63.73 45.06 -50.64
C THR R 939 -64.21 45.81 -49.40
N ALA R 940 -65.24 45.26 -48.75
CA ALA R 940 -65.82 45.92 -47.60
C ALA R 940 -64.90 45.97 -46.39
N THR R 941 -63.77 45.27 -46.44
CA THR R 941 -62.85 45.23 -45.30
C THR R 941 -61.47 45.79 -45.63
N THR R 942 -60.99 45.60 -46.85
CA THR R 942 -59.69 46.15 -47.23
C THR R 942 -59.70 47.67 -47.27
N ARG R 943 -60.88 48.29 -47.34
CA ARG R 943 -60.96 49.75 -47.31
C ARG R 943 -60.42 50.30 -46.00
N ASN R 944 -60.58 49.56 -44.90
CA ASN R 944 -60.04 50.01 -43.63
C ASN R 944 -58.52 50.03 -43.65
N MET R 945 -57.90 49.11 -44.38
CA MET R 945 -56.46 49.14 -44.55
C MET R 945 -56.06 50.36 -45.37
N ARG R 946 -54.89 50.91 -45.06
CA ARG R 946 -54.43 52.13 -45.69
C ARG R 946 -52.92 52.05 -45.91
N ILE R 947 -52.47 52.68 -46.99
CA ILE R 947 -51.06 52.69 -47.36
C ILE R 947 -50.48 54.06 -47.10
N TYR R 948 -49.23 54.09 -46.65
CA TYR R 948 -48.55 55.34 -46.30
C TYR R 948 -47.18 55.36 -46.95
N ASP R 949 -46.87 56.48 -47.61
CA ASP R 949 -45.55 56.68 -48.18
C ASP R 949 -45.19 58.16 -48.08
N GLY R 950 -43.91 58.43 -47.95
CA GLY R 950 -43.44 59.80 -47.80
C GLY R 950 -42.58 60.28 -48.92
N ALA R 951 -42.50 61.60 -49.11
CA ALA R 951 -41.69 62.18 -50.17
C ALA R 951 -41.12 63.50 -49.69
N LEU R 952 -40.12 63.98 -50.42
CA LEU R 952 -39.44 65.22 -50.09
C LEU R 952 -39.69 66.27 -51.17
N TYR R 953 -40.01 67.48 -50.74
CA TYR R 953 -40.17 68.62 -51.64
C TYR R 953 -38.90 69.45 -51.59
N HIS R 954 -38.28 69.62 -52.76
CA HIS R 954 -37.04 70.38 -52.91
C HIS R 954 -35.87 69.69 -52.19
N GLY R 955 -35.88 68.35 -52.18
CA GLY R 955 -34.77 67.59 -51.65
C GLY R 955 -33.75 67.27 -52.73
N LEU R 956 -32.70 66.55 -52.34
CA LEU R 956 -31.65 66.19 -53.26
C LEU R 956 -31.28 64.73 -53.06
N ILE R 957 -30.57 64.17 -54.03
CA ILE R 957 -30.08 62.80 -53.97
C ILE R 957 -28.56 62.84 -54.09
N MET R 958 -27.88 62.31 -53.09
CA MET R 958 -26.43 62.19 -53.13
C MET R 958 -26.04 60.78 -53.57
N MET R 959 -25.04 60.70 -54.44
CA MET R 959 -24.65 59.44 -55.06
C MET R 959 -23.71 58.65 -54.14
N ALA R 960 -22.55 59.23 -53.84
CA ALA R 960 -21.58 58.58 -52.97
C ALA R 960 -21.00 59.63 -52.04
N TYR R 961 -21.24 59.49 -50.74
CA TYR R 961 -20.76 60.45 -49.76
C TYR R 961 -19.40 60.01 -49.23
N GLN R 962 -18.52 61.00 -49.03
CA GLN R 962 -17.18 60.76 -48.49
C GLN R 962 -16.94 61.69 -47.32
N ALA R 963 -16.56 61.13 -46.18
CA ALA R 963 -16.26 61.91 -44.99
C ALA R 963 -14.78 62.24 -44.87
N TYR R 964 -14.00 62.02 -45.93
CA TYR R 964 -12.57 62.28 -45.90
C TYR R 964 -12.19 63.54 -46.66
N ASP R 965 -13.15 64.42 -46.91
CA ASP R 965 -12.90 65.69 -47.57
C ASP R 965 -12.90 66.79 -46.51
N GLU R 966 -11.73 67.31 -46.18
CA GLU R 966 -11.58 68.31 -45.13
C GLU R 966 -11.61 69.74 -45.65
N THR R 967 -11.75 69.93 -46.97
CA THR R 967 -11.77 71.29 -47.51
C THR R 967 -13.09 71.98 -47.19
N ILE R 968 -14.15 71.22 -46.96
CA ILE R 968 -15.47 71.77 -46.63
C ILE R 968 -16.01 70.99 -45.45
N ALA R 969 -16.52 71.70 -44.44
CA ALA R 969 -17.04 71.05 -43.25
C ALA R 969 -18.23 70.16 -43.60
N THR R 970 -18.30 69.01 -42.94
CA THR R 970 -19.39 68.08 -43.20
C THR R 970 -20.71 68.66 -42.72
N GLY R 971 -21.77 68.45 -43.51
CA GLY R 971 -23.07 68.99 -43.16
C GLY R 971 -23.18 70.48 -43.29
N THR R 972 -22.38 71.10 -44.17
CA THR R 972 -22.45 72.53 -44.35
C THR R 972 -23.71 72.94 -45.09
N PHE R 973 -24.11 72.18 -46.10
CA PHE R 973 -25.30 72.47 -46.88
C PHE R 973 -26.28 71.32 -47.00
N PHE R 974 -25.93 70.13 -46.55
CA PHE R 974 -26.79 68.96 -46.73
C PHE R 974 -26.86 68.15 -45.44
N TYR R 975 -28.02 67.54 -45.20
CA TYR R 975 -28.25 66.69 -44.06
C TYR R 975 -29.12 65.51 -44.52
N PRO R 976 -28.77 64.29 -44.11
CA PRO R 976 -29.46 63.10 -44.64
C PRO R 976 -30.79 62.87 -43.93
N VAL R 977 -31.86 62.74 -44.70
CA VAL R 977 -33.17 62.36 -44.17
C VAL R 977 -33.83 61.38 -45.14
N PRO R 978 -33.44 60.12 -45.11
CA PRO R 978 -33.95 59.17 -46.09
C PRO R 978 -35.25 58.50 -45.66
N VAL R 979 -36.20 58.38 -46.59
CA VAL R 979 -37.40 57.59 -46.38
C VAL R 979 -37.55 56.63 -47.55
N ASN R 980 -36.92 55.45 -47.44
CA ASN R 980 -37.11 54.32 -48.33
C ASN R 980 -36.28 53.15 -47.83
N PRO R 981 -36.73 51.91 -48.02
CA PRO R 981 -35.81 50.78 -47.86
C PRO R 981 -34.77 50.73 -48.96
N LEU R 982 -34.96 51.52 -50.02
CA LEU R 982 -34.09 51.54 -51.19
C LEU R 982 -33.07 52.65 -51.13
N PHE R 983 -33.53 53.89 -50.96
CA PHE R 983 -32.66 55.05 -50.92
C PHE R 983 -32.03 55.29 -49.56
N ALA R 984 -32.08 54.29 -48.68
CA ALA R 984 -31.41 54.42 -47.39
C ALA R 984 -29.91 54.51 -47.59
N CYS R 985 -29.22 54.98 -46.56
CA CYS R 985 -27.79 55.23 -46.65
C CYS R 985 -27.14 54.96 -45.30
N PRO R 986 -26.41 53.84 -45.17
CA PRO R 986 -25.77 53.55 -43.87
C PRO R 986 -24.52 54.37 -43.61
N GLU R 987 -24.01 55.07 -44.60
CA GLU R 987 -22.78 55.83 -44.45
C GLU R 987 -22.96 57.34 -44.53
N HIS R 988 -23.99 57.81 -45.24
CA HIS R 988 -24.22 59.24 -45.33
C HIS R 988 -24.60 59.86 -43.99
N LEU R 989 -24.97 59.03 -43.01
CA LEU R 989 -25.35 59.54 -41.69
C LEU R 989 -24.19 60.19 -40.95
N ALA R 990 -22.96 59.98 -41.40
CA ALA R 990 -21.81 60.62 -40.75
C ALA R 990 -21.90 62.14 -40.87
N SER R 991 -22.61 62.65 -41.89
CA SER R 991 -22.76 64.08 -42.05
C SER R 991 -23.77 64.68 -41.09
N LEU R 992 -24.56 63.87 -40.40
CA LEU R 992 -25.53 64.38 -39.45
C LEU R 992 -24.84 64.75 -38.14
N ARG R 993 -25.43 65.71 -37.44
CA ARG R 993 -24.86 66.17 -36.18
C ARG R 993 -25.23 65.22 -35.05
N GLY R 994 -24.27 64.99 -34.15
CA GLY R 994 -24.49 64.12 -33.02
C GLY R 994 -24.65 62.67 -33.39
N MET R 995 -23.59 62.06 -33.94
CA MET R 995 -23.61 60.67 -34.36
C MET R 995 -22.61 59.88 -33.54
N THR R 996 -23.06 58.76 -32.98
CA THR R 996 -22.23 57.90 -32.16
C THR R 996 -22.02 56.56 -32.85
N ASN R 997 -21.01 55.82 -32.38
CA ASN R 997 -20.75 54.50 -32.93
C ASN R 997 -21.92 53.56 -32.68
N ALA R 998 -22.61 53.73 -31.55
CA ALA R 998 -23.79 52.92 -31.28
C ALA R 998 -24.88 53.16 -32.32
N ARG R 999 -25.19 54.43 -32.59
CA ARG R 999 -26.17 54.74 -33.62
C ARG R 999 -25.71 54.25 -35.00
N ARG R 1000 -24.41 54.34 -35.28
CA ARG R 1000 -23.91 53.90 -36.58
C ARG R 1000 -24.10 52.40 -36.74
N VAL R 1001 -23.68 51.61 -35.74
CA VAL R 1001 -23.83 50.17 -35.85
C VAL R 1001 -25.28 49.75 -35.80
N LEU R 1002 -26.16 50.54 -35.15
CA LEU R 1002 -27.57 50.22 -35.16
C LEU R 1002 -28.19 50.46 -36.53
N ALA R 1003 -27.84 51.57 -37.17
CA ALA R 1003 -28.36 51.87 -38.50
C ALA R 1003 -27.73 51.01 -39.58
N LYS R 1004 -26.56 50.41 -39.31
CA LYS R 1004 -25.93 49.55 -40.29
C LYS R 1004 -26.80 48.35 -40.66
N MET R 1005 -27.67 47.90 -39.77
CA MET R 1005 -28.51 46.73 -40.03
C MET R 1005 -29.92 47.12 -40.47
N VAL R 1006 -30.63 47.89 -39.66
CA VAL R 1006 -31.99 48.32 -39.98
C VAL R 1006 -31.91 49.67 -40.68
N PRO R 1007 -32.66 49.88 -41.77
CA PRO R 1007 -32.62 51.17 -42.45
C PRO R 1007 -33.31 52.24 -41.61
N PRO R 1008 -32.58 53.28 -41.21
CA PRO R 1008 -33.19 54.33 -40.41
C PRO R 1008 -34.18 55.17 -41.21
N ILE R 1009 -35.46 55.00 -40.91
CA ILE R 1009 -36.54 55.74 -41.56
C ILE R 1009 -37.43 56.32 -40.49
N PRO R 1010 -37.64 57.64 -40.45
CA PRO R 1010 -38.45 58.22 -39.38
C PRO R 1010 -39.90 57.80 -39.52
N PRO R 1011 -40.61 57.61 -38.40
CA PRO R 1011 -41.99 57.13 -38.50
C PRO R 1011 -42.95 58.16 -39.06
N PHE R 1012 -42.67 59.46 -38.92
CA PHE R 1012 -43.55 60.46 -39.51
C PHE R 1012 -43.45 60.50 -41.03
N LEU R 1013 -42.50 59.77 -41.61
CA LEU R 1013 -42.36 59.70 -43.06
C LEU R 1013 -42.87 58.39 -43.64
N GLY R 1014 -43.27 57.43 -42.81
CA GLY R 1014 -43.79 56.17 -43.30
C GLY R 1014 -43.10 54.98 -42.66
N ALA R 1015 -43.82 53.86 -42.59
CA ALA R 1015 -43.31 52.63 -42.03
C ALA R 1015 -43.15 51.58 -43.13
N ASN R 1016 -42.42 50.52 -42.81
CA ASN R 1016 -42.14 49.49 -43.82
C ASN R 1016 -43.39 48.68 -44.15
N HIS R 1017 -44.09 48.19 -43.13
CA HIS R 1017 -45.24 47.32 -43.35
C HIS R 1017 -46.43 48.07 -43.95
N HIS R 1018 -46.35 49.39 -44.08
CA HIS R 1018 -47.45 50.16 -44.66
C HIS R 1018 -47.11 50.82 -45.98
N ALA R 1019 -45.84 50.85 -46.36
CA ALA R 1019 -45.46 51.42 -47.64
C ALA R 1019 -45.62 50.40 -48.76
N THR R 1020 -45.58 50.88 -49.99
CA THR R 1020 -45.61 50.00 -51.14
C THR R 1020 -44.28 49.28 -51.32
N ILE R 1021 -43.21 50.04 -51.43
CA ILE R 1021 -41.88 49.47 -51.58
C ILE R 1021 -41.38 49.01 -50.20
N ARG R 1022 -40.96 47.77 -50.12
CA ARG R 1022 -40.58 47.16 -48.85
C ARG R 1022 -39.17 46.57 -48.94
N GLN R 1023 -38.77 45.87 -47.90
CA GLN R 1023 -37.43 45.30 -47.74
C GLN R 1023 -37.03 44.24 -48.77
N PRO R 1024 -37.95 43.39 -49.25
CA PRO R 1024 -37.53 42.37 -50.23
C PRO R 1024 -36.89 42.92 -51.49
N VAL R 1025 -37.50 43.93 -52.10
CA VAL R 1025 -36.93 44.47 -53.34
C VAL R 1025 -35.61 45.16 -53.06
N ALA R 1026 -35.47 45.78 -51.89
CA ALA R 1026 -34.18 46.37 -51.51
C ALA R 1026 -33.11 45.30 -51.43
N TYR R 1027 -33.39 44.21 -50.72
CA TYR R 1027 -32.43 43.12 -50.64
C TYR R 1027 -32.10 42.57 -52.01
N HIS R 1028 -33.10 42.43 -52.87
CA HIS R 1028 -32.86 41.92 -54.22
C HIS R 1028 -31.92 42.82 -54.99
N VAL R 1029 -32.18 44.12 -55.01
CA VAL R 1029 -31.35 45.03 -55.78
C VAL R 1029 -29.96 45.15 -55.18
N THR R 1030 -29.82 44.98 -53.87
CA THR R 1030 -28.50 45.14 -53.27
C THR R 1030 -27.70 43.86 -53.20
N HIS R 1031 -28.30 42.71 -53.50
CA HIS R 1031 -27.57 41.46 -53.50
C HIS R 1031 -27.49 40.77 -54.85
N SER R 1032 -28.28 41.18 -55.84
CA SER R 1032 -28.26 40.53 -57.15
C SER R 1032 -27.07 41.01 -57.97
N LYS R 1033 -26.35 40.06 -58.58
CA LYS R 1033 -25.22 40.36 -59.46
C LYS R 1033 -25.39 39.57 -60.76
N SER R 1034 -26.17 40.11 -61.68
CA SER R 1034 -26.32 39.50 -63.00
C SER R 1034 -25.82 40.39 -64.11
N ASP R 1035 -26.37 41.59 -64.25
CA ASP R 1035 -26.05 42.52 -65.32
C ASP R 1035 -26.75 43.83 -64.98
N PHE R 1036 -26.74 44.77 -65.93
CA PHE R 1036 -27.49 46.01 -65.76
C PHE R 1036 -28.79 46.03 -66.53
N ASN R 1037 -28.78 45.66 -67.82
CA ASN R 1037 -30.02 45.59 -68.57
C ASN R 1037 -30.95 44.53 -68.00
N THR R 1038 -30.42 43.34 -67.73
CA THR R 1038 -31.22 42.30 -67.12
C THR R 1038 -31.74 42.70 -65.75
N LEU R 1039 -30.94 43.43 -64.98
CA LEU R 1039 -31.39 43.88 -63.67
C LEU R 1039 -32.54 44.88 -63.79
N THR R 1040 -32.43 45.82 -64.72
CA THR R 1040 -33.51 46.77 -64.95
C THR R 1040 -34.79 46.05 -65.37
N TYR R 1041 -34.68 45.11 -66.30
CA TYR R 1041 -35.88 44.40 -66.75
C TYR R 1041 -36.45 43.52 -65.65
N SER R 1042 -35.60 42.95 -64.79
CA SER R 1042 -36.09 42.15 -63.68
C SER R 1042 -36.84 43.01 -62.67
N LEU R 1043 -36.30 44.19 -62.36
CA LEU R 1043 -37.02 45.09 -61.46
C LEU R 1043 -38.33 45.55 -62.06
N LEU R 1044 -38.34 45.80 -63.37
CA LEU R 1044 -39.58 46.17 -64.04
C LEU R 1044 -40.61 45.05 -63.93
N GLY R 1045 -40.19 43.81 -64.19
CA GLY R 1045 -41.12 42.69 -64.05
C GLY R 1045 -41.59 42.49 -62.62
N GLY R 1046 -40.72 42.77 -61.65
CA GLY R 1046 -41.11 42.68 -60.26
C GLY R 1046 -42.09 43.75 -59.85
N TYR R 1047 -42.06 44.90 -60.50
CA TYR R 1047 -43.00 45.99 -60.20
C TYR R 1047 -44.35 45.73 -60.88
N PHE R 1048 -45.10 44.79 -60.32
CA PHE R 1048 -46.41 44.45 -60.84
C PHE R 1048 -47.36 44.20 -59.69
N LYS R 1049 -48.65 44.42 -59.94
CA LYS R 1049 -49.66 44.28 -58.90
C LYS R 1049 -50.07 42.81 -58.75
N PHE R 1050 -50.54 42.48 -57.55
CA PHE R 1050 -51.01 41.13 -57.24
C PHE R 1050 -52.53 41.09 -57.03
N THR R 1051 -53.23 42.12 -57.49
CA THR R 1051 -54.68 42.14 -57.38
C THR R 1051 -55.28 41.08 -58.30
N PRO R 1052 -56.36 40.41 -57.89
CA PRO R 1052 -57.03 39.47 -58.79
C PRO R 1052 -57.41 40.06 -60.14
N ILE R 1053 -57.50 41.39 -60.22
CA ILE R 1053 -57.72 42.03 -61.50
C ILE R 1053 -56.42 42.10 -62.30
N SER R 1054 -55.29 42.31 -61.63
CA SER R 1054 -54.01 42.28 -62.34
C SER R 1054 -53.68 40.87 -62.81
N LEU R 1055 -54.09 39.86 -62.06
CA LEU R 1055 -53.91 38.48 -62.50
C LEU R 1055 -54.72 38.21 -63.75
N THR R 1056 -55.91 38.82 -63.87
CA THR R 1056 -56.70 38.68 -65.08
C THR R 1056 -55.91 39.08 -66.32
N HIS R 1057 -55.02 40.06 -66.19
CA HIS R 1057 -54.22 40.51 -67.32
C HIS R 1057 -52.97 39.65 -67.49
N GLN R 1058 -52.30 39.33 -66.37
CA GLN R 1058 -51.05 38.60 -66.46
C GLN R 1058 -51.26 37.19 -66.99
N LEU R 1059 -52.22 36.46 -66.39
CA LEU R 1059 -52.50 35.09 -66.83
C LEU R 1059 -52.94 35.04 -68.28
N ARG R 1060 -53.48 36.13 -68.82
CA ARG R 1060 -53.93 36.13 -70.21
C ARG R 1060 -52.82 36.49 -71.17
N THR R 1061 -52.02 37.51 -70.86
CA THR R 1061 -50.91 37.86 -71.72
C THR R 1061 -49.73 36.89 -71.60
N GLY R 1062 -49.76 36.00 -70.62
CA GLY R 1062 -48.71 35.00 -70.48
C GLY R 1062 -47.59 35.38 -69.55
N PHE R 1063 -47.70 36.53 -68.86
CA PHE R 1063 -46.69 36.91 -67.89
C PHE R 1063 -46.78 36.02 -66.67
N HIS R 1064 -45.73 35.25 -66.42
CA HIS R 1064 -45.73 34.31 -65.30
C HIS R 1064 -45.47 35.03 -63.99
N PRO R 1065 -46.43 35.07 -63.08
CA PRO R 1065 -46.20 35.69 -61.77
C PRO R 1065 -45.34 34.79 -60.90
N GLY R 1066 -45.04 35.28 -59.70
CA GLY R 1066 -44.19 34.53 -58.79
C GLY R 1066 -44.94 33.56 -57.90
N ILE R 1067 -45.79 32.73 -58.48
CA ILE R 1067 -46.60 31.78 -57.73
C ILE R 1067 -46.62 30.47 -58.49
N ALA R 1068 -46.51 29.36 -57.75
CA ALA R 1068 -46.60 28.03 -58.33
C ALA R 1068 -47.87 27.34 -57.86
N PHE R 1069 -48.29 26.32 -58.61
CA PHE R 1069 -49.52 25.60 -58.33
C PHE R 1069 -49.26 24.10 -58.34
N THR R 1070 -50.18 23.37 -57.74
CA THR R 1070 -50.23 21.92 -57.84
C THR R 1070 -51.66 21.50 -58.10
N VAL R 1071 -51.83 20.49 -58.96
CA VAL R 1071 -53.16 20.07 -59.40
C VAL R 1071 -53.48 18.71 -58.78
N VAL R 1072 -54.76 18.51 -58.49
CA VAL R 1072 -55.26 17.25 -57.95
C VAL R 1072 -56.44 16.81 -58.80
N ARG R 1073 -56.45 15.53 -59.19
CA ARG R 1073 -57.51 14.98 -60.02
C ARG R 1073 -57.79 13.56 -59.58
N GLN R 1074 -59.08 13.21 -59.51
CA GLN R 1074 -59.51 11.89 -59.07
C GLN R 1074 -60.13 11.14 -60.23
N ASP R 1075 -59.79 9.85 -60.34
CA ASP R 1075 -60.30 8.99 -61.41
C ASP R 1075 -60.84 7.71 -60.81
N ARG R 1076 -61.71 7.04 -61.56
CA ARG R 1076 -62.28 5.78 -61.14
C ARG R 1076 -62.33 4.80 -62.32
N PHE R 1077 -62.21 3.52 -62.01
CA PHE R 1077 -62.11 2.47 -63.01
C PHE R 1077 -62.96 1.28 -62.60
N ALA R 1078 -63.57 0.64 -63.59
CA ALA R 1078 -64.31 -0.59 -63.35
C ALA R 1078 -63.34 -1.77 -63.37
N THR R 1079 -63.40 -2.60 -62.33
CA THR R 1079 -62.47 -3.70 -62.17
C THR R 1079 -63.23 -5.00 -61.97
N GLU R 1080 -62.48 -6.10 -62.09
CA GLU R 1080 -63.01 -7.44 -61.84
C GLU R 1080 -62.39 -7.96 -60.55
N GLN R 1081 -63.24 -8.24 -59.57
CA GLN R 1081 -62.79 -8.61 -58.24
C GLN R 1081 -62.76 -10.13 -58.09
N LEU R 1082 -62.36 -10.57 -56.90
CA LEU R 1082 -62.28 -11.98 -56.58
C LEU R 1082 -62.56 -12.16 -55.10
N LEU R 1083 -63.39 -13.14 -54.75
CA LEU R 1083 -63.83 -13.35 -53.38
C LEU R 1083 -63.55 -14.76 -52.94
N TYR R 1084 -63.17 -14.91 -51.67
CA TYR R 1084 -62.99 -16.22 -51.06
C TYR R 1084 -63.62 -16.21 -49.69
N ALA R 1085 -64.29 -17.31 -49.34
CA ALA R 1085 -64.98 -17.43 -48.07
C ALA R 1085 -64.77 -18.83 -47.51
N GLU R 1086 -64.93 -18.95 -46.19
CA GLU R 1086 -64.75 -20.21 -45.50
C GLU R 1086 -66.02 -21.05 -45.57
N ARG R 1087 -65.91 -22.30 -45.10
CA ARG R 1087 -67.05 -23.22 -45.14
C ARG R 1087 -68.21 -22.74 -44.29
N ALA R 1088 -68.02 -22.72 -42.98
CA ALA R 1088 -69.08 -22.32 -42.05
C ALA R 1088 -68.90 -20.86 -41.67
N SER R 1089 -69.06 -20.00 -42.66
CA SER R 1089 -68.84 -18.58 -42.47
C SER R 1089 -70.05 -17.85 -41.92
N GLU R 1090 -71.25 -18.40 -42.11
CA GLU R 1090 -72.46 -17.69 -41.70
C GLU R 1090 -73.58 -18.69 -41.43
N SER R 1091 -74.63 -18.19 -40.78
CA SER R 1091 -75.90 -18.87 -40.64
C SER R 1091 -76.99 -17.93 -41.12
N TYR R 1092 -77.98 -18.51 -41.79
CA TYR R 1092 -79.01 -17.77 -42.51
C TYR R 1092 -80.37 -18.24 -42.03
N PHE R 1093 -80.97 -17.47 -41.13
CA PHE R 1093 -82.30 -17.75 -40.62
C PHE R 1093 -83.32 -17.22 -41.63
N VAL R 1094 -84.27 -18.08 -42.01
CA VAL R 1094 -85.30 -17.72 -42.99
C VAL R 1094 -86.66 -17.89 -42.33
N GLY R 1095 -87.51 -16.87 -42.45
CA GLY R 1095 -88.85 -16.93 -41.89
C GLY R 1095 -89.88 -17.32 -42.93
N GLN R 1096 -91.14 -17.09 -42.60
CA GLN R 1096 -92.24 -17.45 -43.46
C GLN R 1096 -92.71 -16.23 -44.26
N ILE R 1097 -93.31 -16.51 -45.42
CA ILE R 1097 -93.73 -15.47 -46.34
C ILE R 1097 -95.09 -14.94 -45.94
N GLN R 1098 -95.44 -13.76 -46.44
CA GLN R 1098 -96.74 -13.15 -46.20
C GLN R 1098 -97.18 -12.41 -47.45
N VAL R 1099 -98.48 -12.45 -47.72
CA VAL R 1099 -99.07 -11.79 -48.88
C VAL R 1099 -99.66 -10.46 -48.45
N HIS R 1100 -99.91 -9.60 -49.44
CA HIS R 1100 -100.44 -8.26 -49.17
C HIS R 1100 -101.26 -7.81 -50.36
N HIS R 1101 -102.59 -7.88 -50.25
CA HIS R 1101 -103.45 -7.33 -51.28
C HIS R 1101 -103.30 -5.83 -51.34
N HIS R 1102 -103.43 -5.27 -52.53
CA HIS R 1102 -103.29 -3.83 -52.71
C HIS R 1102 -103.93 -3.42 -54.02
N ASP R 1103 -104.42 -2.19 -54.06
CA ASP R 1103 -105.02 -1.64 -55.26
C ASP R 1103 -103.94 -1.19 -56.24
N ALA R 1104 -104.25 -1.29 -57.53
CA ALA R 1104 -103.34 -0.94 -58.60
C ALA R 1104 -103.97 0.12 -59.49
N ILE R 1105 -103.31 0.42 -60.61
CA ILE R 1105 -103.83 1.44 -61.51
C ILE R 1105 -105.03 0.91 -62.29
N GLY R 1106 -105.00 -0.37 -62.67
CA GLY R 1106 -106.16 -0.97 -63.31
C GLY R 1106 -106.68 -2.19 -62.57
N GLY R 1107 -105.77 -2.92 -61.92
CA GLY R 1107 -106.15 -4.15 -61.26
C GLY R 1107 -105.70 -4.21 -59.81
N VAL R 1108 -104.92 -5.22 -59.46
CA VAL R 1108 -104.40 -5.37 -58.11
C VAL R 1108 -102.92 -5.72 -58.17
N ASN R 1109 -102.21 -5.34 -57.11
CA ASN R 1109 -100.77 -5.57 -57.00
C ASN R 1109 -100.49 -6.37 -55.73
N PHE R 1110 -100.50 -7.69 -55.85
CA PHE R 1110 -100.08 -8.54 -54.75
C PHE R 1110 -98.59 -8.32 -54.49
N THR R 1111 -98.21 -8.35 -53.21
CA THR R 1111 -96.82 -8.17 -52.82
C THR R 1111 -96.44 -9.27 -51.85
N LEU R 1112 -95.32 -9.93 -52.12
CA LEU R 1112 -94.82 -11.01 -51.29
C LEU R 1112 -93.59 -10.52 -50.55
N THR R 1113 -93.52 -10.83 -49.26
CA THR R 1113 -92.43 -10.38 -48.40
C THR R 1113 -91.99 -11.52 -47.48
N GLN R 1114 -90.69 -11.59 -47.23
CA GLN R 1114 -90.13 -12.65 -46.41
C GLN R 1114 -88.94 -12.14 -45.61
N PRO R 1115 -88.92 -12.32 -44.29
CA PRO R 1115 -87.78 -11.90 -43.49
C PRO R 1115 -86.71 -12.97 -43.35
N ARG R 1116 -85.48 -12.51 -43.15
CA ARG R 1116 -84.31 -13.36 -42.98
C ARG R 1116 -83.33 -12.65 -42.06
N ALA R 1117 -82.32 -13.38 -41.62
CA ALA R 1117 -81.30 -12.83 -40.74
C ALA R 1117 -80.00 -13.57 -40.97
N HIS R 1118 -78.89 -12.86 -40.83
CA HIS R 1118 -77.57 -13.44 -41.10
C HIS R 1118 -76.65 -13.21 -39.92
N VAL R 1119 -75.96 -14.28 -39.49
CA VAL R 1119 -75.05 -14.21 -38.34
C VAL R 1119 -73.78 -14.97 -38.69
N ASP R 1120 -72.64 -14.29 -38.65
CA ASP R 1120 -71.35 -14.93 -38.94
C ASP R 1120 -70.86 -15.66 -37.69
N LEU R 1121 -70.69 -16.96 -37.80
CA LEU R 1121 -70.22 -17.78 -36.67
C LEU R 1121 -68.71 -17.94 -36.70
N GLY R 1122 -67.98 -16.83 -36.81
CA GLY R 1122 -66.54 -16.92 -36.85
C GLY R 1122 -65.86 -15.91 -35.94
N VAL R 1123 -64.70 -16.27 -35.40
CA VAL R 1123 -63.88 -15.38 -34.61
C VAL R 1123 -62.72 -14.94 -35.50
N GLY R 1124 -62.69 -13.65 -35.85
CA GLY R 1124 -61.73 -13.13 -36.80
C GLY R 1124 -62.37 -12.92 -38.17
N TYR R 1125 -61.59 -13.20 -39.21
CA TYR R 1125 -62.03 -13.02 -40.59
C TYR R 1125 -62.15 -14.37 -41.28
N THR R 1126 -63.25 -14.56 -42.01
CA THR R 1126 -63.49 -15.79 -42.76
C THR R 1126 -63.76 -15.52 -44.24
N ALA R 1127 -63.43 -14.33 -44.72
CA ALA R 1127 -63.63 -13.99 -46.12
C ALA R 1127 -62.63 -12.92 -46.52
N VAL R 1128 -62.10 -13.03 -47.73
CA VAL R 1128 -61.09 -12.10 -48.24
C VAL R 1128 -61.43 -11.75 -49.68
N CYS R 1129 -61.10 -10.53 -50.07
CA CYS R 1129 -61.36 -10.02 -51.42
C CYS R 1129 -60.09 -9.43 -52.00
N ALA R 1130 -60.10 -9.27 -53.33
CA ALA R 1130 -58.96 -8.73 -54.04
C ALA R 1130 -59.39 -8.34 -55.44
N THR R 1131 -58.94 -7.17 -55.90
CA THR R 1131 -59.23 -6.70 -57.26
C THR R 1131 -58.26 -7.40 -58.21
N ALA R 1132 -58.79 -8.31 -59.03
CA ALA R 1132 -57.93 -9.13 -59.87
C ALA R 1132 -57.51 -8.40 -61.14
N ALA R 1133 -58.49 -8.06 -61.99
CA ALA R 1133 -58.21 -7.50 -63.30
C ALA R 1133 -58.83 -6.12 -63.42
N LEU R 1134 -58.47 -5.44 -64.50
CA LEU R 1134 -58.93 -4.08 -64.78
C LEU R 1134 -59.74 -4.06 -66.07
N ARG R 1135 -60.91 -3.44 -66.02
CA ARG R 1135 -61.74 -3.26 -67.19
C ARG R 1135 -61.58 -1.83 -67.70
N CYS R 1136 -62.43 -1.45 -68.66
CA CYS R 1136 -62.28 -0.15 -69.30
C CYS R 1136 -62.46 0.97 -68.28
N PRO R 1137 -61.64 2.01 -68.33
CA PRO R 1137 -61.85 3.17 -67.46
C PRO R 1137 -63.19 3.84 -67.76
N LEU R 1138 -63.76 4.47 -66.73
CA LEU R 1138 -65.05 5.12 -66.85
C LEU R 1138 -64.92 6.63 -66.99
N THR R 1139 -64.19 7.27 -66.09
CA THR R 1139 -64.02 8.71 -66.17
C THR R 1139 -62.96 9.06 -67.22
N ASP R 1140 -62.78 10.36 -67.42
CA ASP R 1140 -61.83 10.89 -68.37
C ASP R 1140 -60.75 11.68 -67.63
N MET R 1141 -59.50 11.51 -68.06
CA MET R 1141 -58.38 12.24 -67.45
C MET R 1141 -58.12 13.53 -68.24
N GLY R 1142 -59.18 14.31 -68.42
CA GLY R 1142 -59.12 15.53 -69.18
C GLY R 1142 -58.55 16.68 -68.37
N ASN R 1143 -58.71 17.88 -68.91
CA ASN R 1143 -58.25 19.11 -68.28
C ASN R 1143 -59.47 20.02 -68.14
N THR R 1144 -60.19 19.87 -67.03
CA THR R 1144 -61.38 20.68 -66.75
C THR R 1144 -61.14 21.38 -65.41
N ALA R 1145 -61.02 22.71 -65.46
CA ALA R 1145 -60.79 23.48 -64.25
C ALA R 1145 -62.03 23.50 -63.36
N GLN R 1146 -61.83 23.92 -62.13
CA GLN R 1146 -62.93 24.07 -61.18
C GLN R 1146 -63.30 25.55 -61.09
N ASN R 1147 -64.53 25.87 -61.47
CA ASN R 1147 -65.01 27.25 -61.45
C ASN R 1147 -65.56 27.56 -60.06
N LEU R 1148 -64.86 28.41 -59.33
CA LEU R 1148 -65.25 28.77 -57.97
C LEU R 1148 -66.42 29.74 -57.92
N PHE R 1149 -67.00 30.08 -59.06
CA PHE R 1149 -68.13 30.99 -59.10
C PHE R 1149 -69.46 30.28 -58.91
N PHE R 1150 -69.45 29.01 -58.53
CA PHE R 1150 -70.66 28.27 -58.23
C PHE R 1150 -71.06 28.39 -56.77
N SER R 1151 -70.30 29.12 -55.96
CA SER R 1151 -70.55 29.23 -54.54
C SER R 1151 -70.92 30.67 -54.18
N ARG R 1152 -71.57 30.81 -53.02
CA ARG R 1152 -71.98 32.12 -52.52
C ARG R 1152 -71.78 32.15 -51.02
N GLY R 1153 -71.57 33.35 -50.49
CA GLY R 1153 -71.41 33.52 -49.05
C GLY R 1153 -70.24 34.40 -48.65
N GLY R 1154 -69.21 34.46 -49.50
CA GLY R 1154 -68.05 35.25 -49.17
C GLY R 1154 -68.31 36.74 -49.29
N VAL R 1155 -67.31 37.52 -48.89
CA VAL R 1155 -67.41 38.97 -48.98
C VAL R 1155 -67.26 39.40 -50.44
N PRO R 1156 -68.17 40.19 -50.99
CA PRO R 1156 -68.08 40.61 -52.38
C PRO R 1156 -67.28 41.90 -52.54
N MET R 1157 -67.02 42.25 -53.80
CA MET R 1157 -66.36 43.50 -54.10
C MET R 1157 -67.34 44.66 -53.96
N LEU R 1158 -66.79 45.85 -53.69
CA LEU R 1158 -67.62 47.03 -53.47
C LEU R 1158 -68.33 47.48 -54.74
N HIS R 1159 -67.82 47.13 -55.91
CA HIS R 1159 -68.39 47.56 -57.18
C HIS R 1159 -68.88 46.34 -57.94
N ASP R 1160 -70.14 46.39 -58.38
CA ASP R 1160 -70.74 45.22 -59.03
C ASP R 1160 -70.14 44.98 -60.41
N ASN R 1161 -69.78 46.05 -61.11
CA ASN R 1161 -69.19 45.89 -62.44
C ASN R 1161 -67.89 45.11 -62.37
N VAL R 1162 -67.11 45.29 -61.30
CA VAL R 1162 -65.85 44.58 -61.15
C VAL R 1162 -66.08 43.07 -61.13
N THR R 1163 -66.93 42.61 -60.21
CA THR R 1163 -67.19 41.18 -60.12
C THR R 1163 -67.93 40.65 -61.34
N GLU R 1164 -68.76 41.47 -61.99
CA GLU R 1164 -69.44 41.02 -63.19
C GLU R 1164 -68.45 40.76 -64.32
N SER R 1165 -67.55 41.72 -64.56
CA SER R 1165 -66.51 41.52 -65.56
C SER R 1165 -65.60 40.37 -65.18
N LEU R 1166 -65.33 40.20 -63.88
CA LEU R 1166 -64.51 39.07 -63.44
C LEU R 1166 -65.17 37.74 -63.80
N ARG R 1167 -66.47 37.61 -63.52
CA ARG R 1167 -67.17 36.38 -63.86
C ARG R 1167 -67.22 36.18 -65.37
N ARG R 1168 -67.44 37.25 -66.13
CA ARG R 1168 -67.46 37.12 -67.58
C ARG R 1168 -66.12 36.62 -68.10
N ILE R 1169 -65.03 37.18 -67.59
CA ILE R 1169 -63.70 36.79 -68.07
C ILE R 1169 -63.40 35.35 -67.69
N THR R 1170 -63.70 34.97 -66.44
CA THR R 1170 -63.39 33.60 -66.04
C THR R 1170 -64.31 32.59 -66.72
N ALA R 1171 -65.49 33.03 -67.17
CA ALA R 1171 -66.33 32.17 -67.99
C ALA R 1171 -65.73 32.00 -69.37
N SER R 1172 -65.24 33.08 -69.96
CA SER R 1172 -64.50 32.99 -71.21
C SER R 1172 -63.24 32.16 -71.00
N GLY R 1173 -62.99 31.25 -71.95
CA GLY R 1173 -61.84 30.38 -71.83
C GLY R 1173 -62.04 29.17 -70.94
N GLY R 1174 -63.29 28.86 -70.60
CA GLY R 1174 -63.60 27.68 -69.82
C GLY R 1174 -64.73 26.90 -70.46
N ARG R 1175 -65.06 25.77 -69.84
CA ARG R 1175 -66.11 24.91 -70.35
C ARG R 1175 -67.37 24.93 -69.48
N LEU R 1176 -67.24 24.66 -68.19
CA LEU R 1176 -68.38 24.71 -67.29
C LEU R 1176 -68.49 26.10 -66.70
N ASN R 1177 -69.67 26.69 -66.80
CA ASN R 1177 -69.96 28.04 -66.35
C ASN R 1177 -71.41 28.11 -65.88
N PRO R 1178 -71.72 28.98 -64.93
CA PRO R 1178 -73.12 29.13 -64.52
C PRO R 1178 -73.92 29.77 -65.64
N THR R 1179 -75.21 29.40 -65.73
CA THR R 1179 -76.05 29.91 -66.80
C THR R 1179 -76.17 31.43 -66.73
N GLU R 1180 -76.64 32.02 -67.82
CA GLU R 1180 -76.66 33.49 -67.95
C GLU R 1180 -77.59 34.20 -66.97
N PRO R 1181 -78.79 33.71 -66.63
CA PRO R 1181 -79.69 34.54 -65.82
C PRO R 1181 -79.22 34.68 -64.39
N LEU R 1182 -78.34 33.81 -63.93
CA LEU R 1182 -77.99 33.70 -62.51
C LEU R 1182 -79.26 33.64 -61.66
N PRO R 1183 -80.12 32.64 -61.88
CA PRO R 1183 -81.44 32.64 -61.23
C PRO R 1183 -81.30 32.56 -59.72
N ILE R 1184 -81.77 33.61 -59.04
CA ILE R 1184 -81.89 33.56 -57.59
C ILE R 1184 -82.83 32.43 -57.22
N PHE R 1185 -82.54 31.75 -56.11
CA PHE R 1185 -83.20 30.50 -55.74
C PHE R 1185 -83.00 29.47 -56.85
N GLY R 1186 -81.75 29.07 -57.02
CA GLY R 1186 -81.40 28.06 -58.02
C GLY R 1186 -80.27 27.16 -57.57
N GLY R 1187 -79.97 26.15 -58.37
CA GLY R 1187 -78.87 25.25 -58.08
C GLY R 1187 -77.60 25.66 -58.77
N LEU R 1188 -77.71 26.64 -59.68
CA LEU R 1188 -76.58 27.13 -60.45
C LEU R 1188 -75.88 25.99 -61.21
N ARG R 1189 -76.65 25.32 -62.03
CA ARG R 1189 -76.08 24.20 -62.78
C ARG R 1189 -75.57 24.66 -64.14
N PRO R 1190 -74.51 24.05 -64.64
CA PRO R 1190 -74.01 24.39 -65.97
C PRO R 1190 -74.95 23.91 -67.04
N ALA R 1191 -74.85 24.53 -68.21
CA ALA R 1191 -75.71 24.18 -69.33
C ALA R 1191 -75.39 22.77 -69.83
N THR R 1192 -76.44 21.99 -70.07
CA THR R 1192 -76.25 20.63 -70.56
C THR R 1192 -75.82 20.65 -72.02
N SER R 1193 -74.66 20.09 -72.30
CA SER R 1193 -74.12 20.07 -73.66
C SER R 1193 -74.76 18.92 -74.44
N ALA R 1194 -74.24 18.67 -75.64
CA ALA R 1194 -74.68 17.56 -76.46
C ALA R 1194 -73.92 16.30 -76.06
N GLY R 1195 -73.99 15.27 -76.91
CA GLY R 1195 -73.40 13.98 -76.63
C GLY R 1195 -71.97 13.97 -76.12
N ILE R 1196 -71.61 12.90 -75.43
CA ILE R 1196 -70.31 12.77 -74.77
C ILE R 1196 -69.39 11.94 -75.67
N ALA R 1197 -68.09 12.23 -75.62
CA ALA R 1197 -67.15 11.62 -76.55
C ALA R 1197 -66.53 10.33 -76.01
N ARG R 1198 -65.80 10.42 -74.89
CA ARG R 1198 -65.00 9.28 -74.45
C ARG R 1198 -65.08 9.07 -72.95
N GLY R 1199 -66.18 9.47 -72.31
CA GLY R 1199 -66.39 9.21 -70.90
C GLY R 1199 -66.65 10.48 -70.12
N GLN R 1200 -66.96 10.28 -68.84
CA GLN R 1200 -67.27 11.39 -67.97
C GLN R 1200 -66.01 12.19 -67.64
N ALA R 1201 -66.11 13.50 -67.72
CA ALA R 1201 -64.97 14.36 -67.43
C ALA R 1201 -64.74 14.46 -65.94
N SER R 1202 -63.49 14.70 -65.56
CA SER R 1202 -63.10 14.85 -64.17
C SER R 1202 -62.56 16.25 -63.95
N VAL R 1203 -62.89 16.84 -62.80
CA VAL R 1203 -62.44 18.18 -62.49
C VAL R 1203 -61.02 18.15 -61.93
N CYS R 1204 -60.39 19.32 -61.91
CA CYS R 1204 -59.03 19.48 -61.41
C CYS R 1204 -58.99 20.66 -60.47
N GLU R 1205 -58.49 20.44 -59.26
CA GLU R 1205 -58.38 21.47 -58.24
C GLU R 1205 -56.94 21.98 -58.18
N PHE R 1206 -56.79 23.29 -57.95
CA PHE R 1206 -55.49 23.94 -57.92
C PHE R 1206 -55.19 24.41 -56.51
N VAL R 1207 -53.94 24.23 -56.09
CA VAL R 1207 -53.46 24.67 -54.78
C VAL R 1207 -52.20 25.51 -54.98
N ALA R 1208 -52.12 26.63 -54.29
CA ALA R 1208 -50.98 27.53 -54.41
C ALA R 1208 -49.78 26.99 -53.64
N MET R 1209 -48.59 27.40 -54.07
CA MET R 1209 -47.36 26.95 -53.45
C MET R 1209 -46.23 27.85 -53.93
N PRO R 1210 -45.15 27.99 -53.15
CA PRO R 1210 -44.02 28.79 -53.59
C PRO R 1210 -43.39 28.22 -54.86
N VAL R 1211 -42.66 29.10 -55.57
CA VAL R 1211 -42.12 28.71 -56.87
C VAL R 1211 -40.90 27.81 -56.71
N SER R 1212 -40.07 28.06 -55.70
CA SER R 1212 -38.85 27.29 -55.48
C SER R 1212 -39.13 26.22 -54.44
N THR R 1213 -39.85 25.19 -54.87
CA THR R 1213 -40.23 24.08 -54.01
C THR R 1213 -39.50 22.82 -54.45
N ASP R 1214 -39.18 21.97 -53.49
CA ASP R 1214 -38.53 20.70 -53.75
C ASP R 1214 -39.26 19.95 -54.86
N LEU R 1215 -38.57 19.71 -55.96
CA LEU R 1215 -39.17 18.96 -57.06
C LEU R 1215 -39.09 17.46 -56.82
N GLN R 1216 -38.04 16.99 -56.14
CA GLN R 1216 -37.92 15.57 -55.86
C GLN R 1216 -39.03 15.06 -54.95
N TYR R 1217 -39.72 15.96 -54.23
CA TYR R 1217 -40.82 15.54 -53.38
C TYR R 1217 -42.00 15.00 -54.19
N PHE R 1218 -42.15 15.40 -55.44
CA PHE R 1218 -43.26 14.99 -56.28
C PHE R 1218 -42.94 13.75 -57.10
N ARG R 1219 -41.81 13.09 -56.84
CA ARG R 1219 -41.41 11.93 -57.60
C ARG R 1219 -41.83 10.61 -56.96
N THR R 1220 -42.48 10.67 -55.80
CA THR R 1220 -42.99 9.49 -55.11
C THR R 1220 -44.41 9.77 -54.64
N ALA R 1221 -44.95 8.85 -53.85
CA ALA R 1221 -46.30 9.02 -53.30
C ALA R 1221 -46.28 10.15 -52.28
N CYS R 1222 -46.78 11.32 -52.68
CA CYS R 1222 -46.75 12.51 -51.85
C CYS R 1222 -48.16 12.86 -51.39
N ASN R 1223 -48.23 13.77 -50.42
CA ASN R 1223 -49.49 14.24 -49.88
C ASN R 1223 -49.74 15.66 -50.33
N PRO R 1224 -50.92 15.96 -50.89
CA PRO R 1224 -51.14 17.30 -51.46
C PRO R 1224 -51.22 18.40 -50.42
N ARG R 1225 -51.53 18.08 -49.17
CA ARG R 1225 -51.65 19.13 -48.16
C ARG R 1225 -50.33 19.82 -47.88
N GLY R 1226 -49.21 19.13 -48.08
CA GLY R 1226 -47.91 19.65 -47.75
C GLY R 1226 -47.31 19.09 -46.48
N ARG R 1227 -48.10 18.33 -45.71
CA ARG R 1227 -47.62 17.72 -44.48
C ARG R 1227 -48.37 16.41 -44.26
N ALA R 1228 -47.64 15.37 -43.88
CA ALA R 1228 -48.26 14.07 -43.64
C ALA R 1228 -49.15 14.14 -42.40
N SER R 1229 -50.31 13.50 -42.50
CA SER R 1229 -51.27 13.46 -41.40
C SER R 1229 -51.88 12.07 -41.35
N GLY R 1230 -52.96 11.94 -40.60
CA GLY R 1230 -53.67 10.67 -40.46
C GLY R 1230 -53.65 10.16 -39.04
N MET R 1231 -54.53 9.19 -38.80
CA MET R 1231 -54.65 8.56 -37.49
C MET R 1231 -53.72 7.35 -37.34
N LEU R 1232 -52.86 7.11 -38.31
CA LEU R 1232 -51.98 5.95 -38.30
C LEU R 1232 -50.68 6.20 -37.54
N TYR R 1233 -50.57 7.34 -36.87
CA TYR R 1233 -49.40 7.68 -36.06
C TYR R 1233 -49.90 8.05 -34.67
N MET R 1234 -49.99 7.05 -33.79
CA MET R 1234 -50.55 7.22 -32.46
C MET R 1234 -49.82 6.28 -31.52
N GLY R 1235 -50.40 6.02 -30.36
CA GLY R 1235 -49.84 5.06 -29.44
C GLY R 1235 -49.97 5.43 -27.98
N ASP R 1236 -50.09 6.72 -27.69
CA ASP R 1236 -50.15 7.21 -26.32
C ASP R 1236 -51.50 7.82 -25.97
N ARG R 1237 -51.95 8.83 -26.72
CA ARG R 1237 -53.17 9.55 -26.41
C ARG R 1237 -54.01 9.71 -27.68
N ASP R 1238 -55.20 10.26 -27.51
CA ASP R 1238 -56.08 10.53 -28.64
C ASP R 1238 -56.03 11.98 -29.13
N ALA R 1239 -55.58 12.91 -28.28
CA ALA R 1239 -55.45 14.30 -28.68
C ALA R 1239 -54.14 14.50 -29.44
N ASP R 1240 -53.91 13.66 -30.45
CA ASP R 1240 -52.75 13.76 -31.32
C ASP R 1240 -53.11 13.86 -32.78
N ILE R 1241 -54.34 13.49 -33.15
CA ILE R 1241 -54.80 13.73 -34.52
C ILE R 1241 -54.78 15.22 -34.82
N GLU R 1242 -55.16 16.04 -33.84
CA GLU R 1242 -55.03 17.48 -34.00
C GLU R 1242 -53.58 17.92 -33.88
N ALA R 1243 -52.80 17.23 -33.03
CA ALA R 1243 -51.40 17.57 -32.86
C ALA R 1243 -50.67 17.51 -34.20
N ILE R 1244 -50.64 16.33 -34.83
CA ILE R 1244 -50.11 16.29 -36.19
C ILE R 1244 -51.22 16.50 -37.21
N MET R 1245 -51.71 17.72 -37.29
CA MET R 1245 -52.33 18.23 -38.51
C MET R 1245 -52.05 19.70 -38.76
N PHE R 1246 -51.80 20.50 -37.71
CA PHE R 1246 -51.55 21.93 -37.85
C PHE R 1246 -50.41 22.44 -36.98
N ASP R 1247 -50.03 21.74 -35.93
CA ASP R 1247 -48.98 22.21 -35.02
C ASP R 1247 -47.65 22.27 -35.77
N HIS R 1248 -47.11 23.47 -35.94
CA HIS R 1248 -45.87 23.67 -36.68
C HIS R 1248 -44.69 23.94 -35.75
N THR R 1249 -44.83 23.65 -34.46
CA THR R 1249 -43.70 23.81 -33.55
C THR R 1249 -42.78 22.60 -33.57
N GLN R 1250 -43.23 21.47 -34.11
CA GLN R 1250 -42.41 20.27 -34.23
C GLN R 1250 -42.32 19.86 -35.69
N SER R 1251 -41.32 19.06 -36.00
CA SER R 1251 -41.05 18.69 -37.38
C SER R 1251 -42.15 17.81 -37.94
N ASP R 1252 -42.18 17.69 -39.26
CA ASP R 1252 -43.12 16.82 -39.93
C ASP R 1252 -42.83 15.37 -39.60
N VAL R 1253 -43.87 14.54 -39.71
CA VAL R 1253 -43.74 13.12 -39.39
C VAL R 1253 -42.87 12.42 -40.44
N ALA R 1254 -43.27 12.51 -41.70
CA ALA R 1254 -42.58 11.80 -42.77
C ALA R 1254 -41.15 12.30 -42.94
N TYR R 1255 -40.99 13.60 -43.13
CA TYR R 1255 -39.68 14.23 -43.30
C TYR R 1255 -39.35 14.98 -42.02
N THR R 1256 -38.60 14.33 -41.14
CA THR R 1256 -38.31 14.92 -39.84
C THR R 1256 -37.16 15.92 -39.92
N ASP R 1257 -37.25 16.85 -40.85
CA ASP R 1257 -36.26 17.93 -40.95
C ASP R 1257 -36.89 19.26 -41.30
N ARG R 1258 -38.21 19.35 -41.39
CA ARG R 1258 -38.89 20.57 -41.77
C ARG R 1258 -40.33 20.50 -41.27
N ALA R 1259 -40.94 21.68 -41.12
CA ALA R 1259 -42.32 21.73 -40.63
C ALA R 1259 -43.29 21.29 -41.72
N THR R 1260 -43.33 22.02 -42.83
CA THR R 1260 -44.22 21.71 -43.93
C THR R 1260 -43.45 21.81 -45.25
N LEU R 1261 -44.13 21.50 -46.34
CA LEU R 1261 -43.55 21.73 -47.66
C LEU R 1261 -43.91 23.12 -48.18
N ASN R 1262 -45.20 23.47 -48.12
CA ASN R 1262 -45.63 24.81 -48.45
C ASN R 1262 -46.35 25.40 -47.25
N PRO R 1263 -45.93 26.57 -46.75
CA PRO R 1263 -46.60 27.16 -45.60
C PRO R 1263 -47.85 27.95 -45.93
N TRP R 1264 -48.43 27.77 -47.11
CA TRP R 1264 -49.63 28.49 -47.50
C TRP R 1264 -50.89 27.62 -47.50
N ALA R 1265 -50.75 26.30 -47.34
CA ALA R 1265 -51.90 25.42 -47.38
C ALA R 1265 -51.80 24.32 -46.33
N SER R 1266 -51.14 24.59 -45.22
CA SER R 1266 -50.99 23.57 -44.18
C SER R 1266 -51.19 24.09 -42.76
N GLN R 1267 -51.45 25.37 -42.57
CA GLN R 1267 -51.65 25.90 -41.23
C GLN R 1267 -53.11 25.73 -40.81
N LYS R 1268 -53.46 26.30 -39.66
CA LYS R 1268 -54.83 26.17 -39.18
C LYS R 1268 -55.79 27.01 -40.02
N HIS R 1269 -55.36 28.19 -40.43
CA HIS R 1269 -56.22 29.09 -41.20
C HIS R 1269 -55.46 29.63 -42.41
N SER R 1270 -54.66 28.79 -43.04
CA SER R 1270 -53.94 29.19 -44.23
C SER R 1270 -54.92 29.37 -45.39
N TYR R 1271 -54.39 29.78 -46.55
CA TYR R 1271 -55.25 30.02 -47.70
C TYR R 1271 -55.88 28.74 -48.21
N GLY R 1272 -55.07 27.70 -48.42
CA GLY R 1272 -55.60 26.44 -48.90
C GLY R 1272 -56.55 25.79 -47.93
N ASP R 1273 -56.32 25.97 -46.63
CA ASP R 1273 -57.21 25.41 -45.63
C ASP R 1273 -58.52 26.17 -45.58
N ARG R 1274 -58.46 27.50 -45.65
CA ARG R 1274 -59.68 28.29 -45.65
C ARG R 1274 -60.50 28.05 -46.91
N LEU R 1275 -59.83 27.71 -48.02
CA LEU R 1275 -60.55 27.47 -49.26
C LEU R 1275 -61.50 26.29 -49.14
N TYR R 1276 -61.07 25.25 -48.43
CA TYR R 1276 -61.88 24.05 -48.27
C TYR R 1276 -61.39 23.26 -47.07
N ASN R 1277 -62.29 23.04 -46.11
CA ASN R 1277 -61.96 22.26 -44.91
C ASN R 1277 -63.08 21.28 -44.62
N GLY R 1278 -64.27 21.55 -45.16
CA GLY R 1278 -65.45 20.80 -44.84
C GLY R 1278 -66.17 21.28 -43.60
N THR R 1279 -65.47 21.94 -42.70
CA THR R 1279 -66.06 22.52 -41.50
C THR R 1279 -66.31 24.02 -41.64
N TYR R 1280 -65.90 24.63 -42.75
CA TYR R 1280 -66.13 26.04 -42.99
C TYR R 1280 -67.27 26.29 -43.97
N ASN R 1281 -67.58 25.31 -44.82
CA ASN R 1281 -68.72 25.37 -45.73
C ASN R 1281 -68.63 26.59 -46.66
N LEU R 1282 -67.58 26.59 -47.49
CA LEU R 1282 -67.41 27.65 -48.47
C LEU R 1282 -68.06 27.32 -49.81
N THR R 1283 -68.04 26.05 -50.20
CA THR R 1283 -68.58 25.61 -51.48
C THR R 1283 -69.81 24.72 -51.29
N GLY R 1284 -70.67 25.07 -50.34
CA GLY R 1284 -71.86 24.27 -50.10
C GLY R 1284 -72.83 24.31 -51.27
N ALA R 1285 -72.98 25.47 -51.90
CA ALA R 1285 -73.89 25.61 -53.02
C ALA R 1285 -73.31 25.07 -54.32
N SER R 1286 -72.04 24.72 -54.35
CA SER R 1286 -71.42 24.22 -55.57
C SER R 1286 -71.83 22.78 -55.81
N PRO R 1287 -72.49 22.46 -56.93
CA PRO R 1287 -72.86 21.07 -57.21
C PRO R 1287 -71.73 20.22 -57.76
N ILE R 1288 -70.59 20.82 -58.08
CA ILE R 1288 -69.48 20.06 -58.64
C ILE R 1288 -68.69 19.41 -57.52
N TYR R 1289 -68.12 18.25 -57.80
CA TYR R 1289 -67.32 17.52 -56.82
C TYR R 1289 -65.93 18.12 -56.72
N SER R 1290 -65.34 18.01 -55.54
CA SER R 1290 -63.99 18.50 -55.29
C SER R 1290 -63.11 17.35 -54.81
N PRO R 1291 -62.07 16.97 -55.55
CA PRO R 1291 -61.27 15.80 -55.15
C PRO R 1291 -60.39 16.06 -53.94
N CYS R 1292 -59.87 17.26 -53.80
CA CYS R 1292 -59.02 17.65 -52.70
C CYS R 1292 -59.74 17.75 -51.37
N PHE R 1293 -61.04 17.48 -51.34
CA PHE R 1293 -61.81 17.61 -50.11
C PHE R 1293 -61.33 16.64 -49.04
N LYS R 1294 -61.12 15.38 -49.39
CA LYS R 1294 -60.80 14.34 -48.41
C LYS R 1294 -59.45 14.53 -47.76
N PHE R 1295 -58.60 15.42 -48.26
CA PHE R 1295 -57.26 15.59 -47.72
C PHE R 1295 -57.16 16.71 -46.70
N PHE R 1296 -58.19 17.56 -46.59
CA PHE R 1296 -58.18 18.70 -45.70
C PHE R 1296 -59.22 18.61 -44.59
N THR R 1297 -60.07 17.58 -44.61
CA THR R 1297 -61.04 17.41 -43.54
C THR R 1297 -60.38 16.69 -42.38
N PRO R 1298 -60.59 17.16 -41.13
CA PRO R 1298 -59.93 16.51 -39.99
C PRO R 1298 -60.20 15.02 -39.87
N ALA R 1299 -61.36 14.54 -40.34
CA ALA R 1299 -61.67 13.11 -40.42
C ALA R 1299 -61.57 12.45 -39.04
N GLU R 1300 -62.53 12.83 -38.18
CA GLU R 1300 -62.59 12.38 -36.80
C GLU R 1300 -62.37 10.87 -36.70
N VAL R 1301 -61.73 10.46 -35.61
CA VAL R 1301 -61.58 9.05 -35.26
C VAL R 1301 -61.56 8.93 -33.75
N ASN R 1302 -62.10 7.83 -33.26
CA ASN R 1302 -62.11 7.51 -31.84
C ASN R 1302 -61.31 6.24 -31.58
N THR R 1303 -60.85 6.08 -30.34
CA THR R 1303 -60.00 4.97 -29.96
C THR R 1303 -60.85 3.87 -29.30
N ASN R 1304 -61.16 2.84 -30.06
CA ASN R 1304 -61.83 1.66 -29.55
C ASN R 1304 -60.95 0.42 -29.63
N CYS R 1305 -60.41 0.12 -30.80
CA CYS R 1305 -59.44 -0.94 -30.99
C CYS R 1305 -58.08 -0.33 -31.26
N ASN R 1306 -57.10 -1.19 -31.54
CA ASN R 1306 -55.77 -0.70 -31.86
C ASN R 1306 -55.73 -0.22 -33.31
N THR R 1307 -54.61 0.44 -33.65
CA THR R 1307 -54.45 1.02 -34.97
C THR R 1307 -54.57 -0.04 -36.07
N LEU R 1308 -54.03 -1.23 -35.84
CA LEU R 1308 -54.10 -2.27 -36.86
C LEU R 1308 -55.55 -2.69 -37.13
N ASP R 1309 -56.32 -2.90 -36.07
CA ASP R 1309 -57.72 -3.28 -36.25
C ASP R 1309 -58.52 -2.17 -36.91
N ARG R 1310 -58.26 -0.92 -36.54
CA ARG R 1310 -58.98 0.19 -37.15
C ARG R 1310 -58.64 0.28 -38.64
N LEU R 1311 -57.37 0.08 -38.98
CA LEU R 1311 -56.96 0.08 -40.38
C LEU R 1311 -57.65 -1.03 -41.15
N LEU R 1312 -57.63 -2.24 -40.61
CA LEU R 1312 -58.27 -3.38 -41.25
C LEU R 1312 -59.78 -3.24 -41.33
N MET R 1313 -60.39 -2.43 -40.46
CA MET R 1313 -61.82 -2.23 -40.45
C MET R 1313 -62.31 -1.10 -41.32
N GLU R 1314 -61.47 -0.10 -41.62
CA GLU R 1314 -61.92 1.01 -42.44
C GLU R 1314 -61.94 0.68 -43.94
N ALA R 1315 -61.21 -0.36 -44.36
CA ALA R 1315 -61.15 -0.72 -45.78
C ALA R 1315 -62.28 -1.69 -46.11
N LYS R 1316 -63.47 -1.12 -46.30
CA LYS R 1316 -64.67 -1.92 -46.50
C LYS R 1316 -65.56 -1.37 -47.61
N ALA R 1317 -64.97 -0.78 -48.64
CA ALA R 1317 -65.70 -0.37 -49.85
C ALA R 1317 -66.83 0.61 -49.50
N VAL R 1318 -66.42 1.78 -49.03
CA VAL R 1318 -67.35 2.82 -48.62
C VAL R 1318 -68.14 3.34 -49.82
N ALA R 1319 -69.20 4.08 -49.55
CA ALA R 1319 -70.06 4.59 -50.61
C ALA R 1319 -69.32 5.57 -51.50
N SER R 1320 -69.91 5.85 -52.66
CA SER R 1320 -69.29 6.71 -53.66
C SER R 1320 -69.47 8.18 -53.30
N GLN R 1321 -68.83 9.05 -54.09
CA GLN R 1321 -68.91 10.49 -53.89
C GLN R 1321 -69.08 11.24 -55.22
N SER R 1322 -69.66 10.57 -56.22
CA SER R 1322 -69.81 11.17 -57.54
C SER R 1322 -71.02 10.54 -58.20
N SER R 1323 -71.13 10.72 -59.51
CA SER R 1323 -72.26 10.20 -60.27
C SER R 1323 -71.76 9.49 -61.53
N THR R 1324 -72.49 8.44 -61.91
CA THR R 1324 -72.21 7.72 -63.15
C THR R 1324 -73.33 7.96 -64.17
N ASP R 1325 -73.88 9.16 -64.19
CA ASP R 1325 -74.86 9.54 -65.19
C ASP R 1325 -74.52 10.84 -65.90
N THR R 1326 -73.97 11.80 -65.16
CA THR R 1326 -73.61 13.09 -65.74
C THR R 1326 -72.19 13.05 -66.29
N GLU R 1327 -71.86 14.08 -67.07
CA GLU R 1327 -70.54 14.19 -67.68
C GLU R 1327 -69.67 15.22 -66.98
N TYR R 1328 -70.11 15.76 -65.85
CA TYR R 1328 -69.36 16.78 -65.15
C TYR R 1328 -68.94 16.39 -63.74
N GLN R 1329 -69.18 15.14 -63.33
CA GLN R 1329 -68.77 14.63 -62.02
C GLN R 1329 -69.34 15.52 -60.90
N PHE R 1330 -70.67 15.55 -60.82
CA PHE R 1330 -71.33 16.34 -59.82
C PHE R 1330 -71.17 15.70 -58.44
N LYS R 1331 -71.80 16.31 -57.44
CA LYS R 1331 -71.80 15.74 -56.10
C LYS R 1331 -72.54 14.41 -56.10
N ARG R 1332 -72.37 13.67 -55.01
CA ARG R 1332 -73.04 12.38 -54.89
C ARG R 1332 -74.54 12.59 -54.75
N PRO R 1333 -75.36 11.94 -55.57
CA PRO R 1333 -76.82 12.13 -55.47
C PRO R 1333 -77.35 11.52 -54.18
N PRO R 1334 -78.17 12.26 -53.44
CA PRO R 1334 -78.74 11.71 -52.21
C PRO R 1334 -79.73 10.59 -52.49
N GLY R 1335 -79.40 9.38 -52.05
CA GLY R 1335 -80.24 8.22 -52.24
C GLY R 1335 -79.59 7.11 -53.05
N SER R 1336 -78.69 7.44 -53.97
CA SER R 1336 -78.01 6.41 -54.74
C SER R 1336 -77.06 5.63 -53.84
N THR R 1337 -77.20 4.30 -53.84
CA THR R 1337 -76.32 3.43 -53.08
C THR R 1337 -75.51 2.59 -54.07
N GLU R 1338 -74.19 2.78 -54.03
CA GLU R 1338 -73.26 2.00 -54.82
C GLU R 1338 -71.90 2.08 -54.15
N MET R 1339 -71.30 0.91 -53.91
CA MET R 1339 -70.08 0.82 -53.12
C MET R 1339 -68.87 0.76 -54.04
N THR R 1340 -67.97 1.73 -53.90
CA THR R 1340 -66.70 1.75 -54.62
C THR R 1340 -65.57 1.67 -53.62
N GLN R 1341 -64.55 0.86 -53.93
CA GLN R 1341 -63.43 0.74 -53.02
C GLN R 1341 -62.52 1.95 -53.15
N ASP R 1342 -62.04 2.45 -52.01
CA ASP R 1342 -61.24 3.67 -51.96
C ASP R 1342 -59.88 3.37 -51.32
N PRO R 1343 -58.90 2.93 -52.09
CA PRO R 1343 -57.52 2.91 -51.60
C PRO R 1343 -56.92 4.31 -51.69
N CYS R 1344 -55.76 4.46 -51.06
CA CYS R 1344 -55.01 5.72 -51.03
C CYS R 1344 -55.84 6.90 -50.55
N GLY R 1345 -56.98 6.62 -49.90
CA GLY R 1345 -57.76 7.65 -49.25
C GLY R 1345 -57.62 7.49 -47.75
N LEU R 1346 -57.52 6.23 -47.32
CA LEU R 1346 -57.17 5.90 -45.95
C LEU R 1346 -55.69 6.08 -45.67
N PHE R 1347 -54.88 6.29 -46.71
CA PHE R 1347 -53.46 6.57 -46.56
C PHE R 1347 -53.12 8.03 -46.75
N GLN R 1348 -54.06 8.84 -47.27
CA GLN R 1348 -53.83 10.26 -47.51
C GLN R 1348 -52.62 10.48 -48.41
N GLU R 1349 -52.61 9.78 -49.54
CA GLU R 1349 -51.52 9.86 -50.49
C GLU R 1349 -52.08 9.95 -51.90
N ALA R 1350 -51.24 10.40 -52.82
CA ALA R 1350 -51.60 10.51 -54.22
C ALA R 1350 -50.43 10.06 -55.08
N TYR R 1351 -50.75 9.46 -56.22
CA TYR R 1351 -49.70 8.95 -57.08
C TYR R 1351 -49.45 9.90 -58.24
N PRO R 1352 -48.19 10.22 -58.54
CA PRO R 1352 -47.92 11.11 -59.66
C PRO R 1352 -47.86 10.33 -60.97
N PRO R 1353 -48.60 10.76 -61.98
CA PRO R 1353 -48.58 10.06 -63.26
C PRO R 1353 -47.41 10.51 -64.12
N LEU R 1354 -47.27 9.94 -65.32
CA LEU R 1354 -46.22 10.33 -66.23
C LEU R 1354 -46.53 11.72 -66.80
N CYS R 1355 -45.80 12.72 -66.32
CA CYS R 1355 -46.00 14.09 -66.78
C CYS R 1355 -44.65 14.73 -67.03
N SER R 1356 -44.67 15.86 -67.73
CA SER R 1356 -43.44 16.58 -68.02
C SER R 1356 -43.79 18.01 -68.39
N SER R 1357 -42.94 18.95 -67.98
CA SER R 1357 -43.18 20.34 -68.31
C SER R 1357 -42.95 20.64 -69.78
N ASP R 1358 -42.26 19.75 -70.49
CA ASP R 1358 -42.02 19.90 -71.92
C ASP R 1358 -42.56 18.68 -72.66
N ALA R 1359 -42.94 18.91 -73.92
CA ALA R 1359 -43.48 17.86 -74.76
C ALA R 1359 -42.43 17.20 -75.65
N ALA R 1360 -41.28 17.83 -75.84
CA ALA R 1360 -40.24 17.26 -76.69
C ALA R 1360 -39.53 16.11 -75.99
N MET R 1361 -39.21 16.28 -74.71
CA MET R 1361 -38.51 15.24 -73.96
C MET R 1361 -39.39 14.08 -73.57
N LEU R 1362 -40.65 14.05 -74.03
CA LEU R 1362 -41.56 12.99 -73.64
C LEU R 1362 -41.34 11.72 -74.45
N ARG R 1363 -41.03 11.84 -75.74
CA ARG R 1363 -40.92 10.69 -76.62
C ARG R 1363 -39.57 10.71 -77.33
N THR R 1364 -38.89 9.57 -77.33
CA THR R 1364 -37.64 9.42 -78.06
C THR R 1364 -37.91 9.04 -79.50
N ALA R 1365 -36.94 9.34 -80.37
CA ALA R 1365 -37.07 9.06 -81.80
C ALA R 1365 -36.49 7.69 -82.11
N HIS R 1366 -37.22 6.66 -81.68
CA HIS R 1366 -36.77 5.29 -81.93
C HIS R 1366 -37.91 4.34 -82.30
N ALA R 1367 -39.13 4.85 -82.55
CA ALA R 1367 -40.27 4.03 -82.95
C ALA R 1367 -40.55 2.95 -81.91
N GLY R 1368 -40.89 3.39 -80.71
CA GLY R 1368 -41.11 2.45 -79.62
C GLY R 1368 -41.35 3.11 -78.28
N GLU R 1369 -40.60 2.67 -77.28
CA GLU R 1369 -40.75 3.17 -75.92
C GLU R 1369 -40.59 4.68 -75.85
N THR R 1370 -41.01 5.24 -74.72
CA THR R 1370 -40.94 6.67 -74.48
C THR R 1370 -39.68 7.03 -73.70
N GLY R 1371 -39.28 8.29 -73.80
CA GLY R 1371 -38.12 8.76 -73.09
C GLY R 1371 -38.40 8.98 -71.62
N ALA R 1372 -37.36 8.81 -70.81
CA ALA R 1372 -37.50 8.94 -69.36
C ALA R 1372 -36.31 9.69 -68.77
N ASP R 1373 -35.90 10.78 -69.42
CA ASP R 1373 -34.90 11.65 -68.84
C ASP R 1373 -35.52 12.47 -67.71
N GLU R 1374 -34.67 12.96 -66.81
CA GLU R 1374 -35.16 13.68 -65.64
C GLU R 1374 -35.28 15.18 -65.91
N VAL R 1375 -34.17 15.83 -66.21
CA VAL R 1375 -34.14 17.27 -66.48
C VAL R 1375 -33.24 17.51 -67.68
N HIS R 1376 -33.69 18.39 -68.59
CA HIS R 1376 -32.85 18.67 -69.75
C HIS R 1376 -31.99 19.91 -69.55
N LEU R 1377 -32.61 21.08 -69.43
CA LEU R 1377 -31.91 22.29 -69.05
C LEU R 1377 -32.52 22.94 -67.82
N ALA R 1378 -33.82 23.25 -67.87
CA ALA R 1378 -34.57 23.75 -66.73
C ALA R 1378 -35.93 23.10 -66.62
N GLN R 1379 -36.36 22.32 -67.60
CA GLN R 1379 -37.65 21.64 -67.56
C GLN R 1379 -37.51 20.38 -66.70
N TYR R 1380 -38.54 19.53 -66.71
CA TYR R 1380 -38.50 18.32 -65.92
C TYR R 1380 -39.48 17.31 -66.49
N LEU R 1381 -39.24 16.04 -66.17
CA LEU R 1381 -40.10 14.95 -66.60
C LEU R 1381 -40.18 13.95 -65.45
N ILE R 1382 -41.35 13.85 -64.84
CA ILE R 1382 -41.55 12.96 -63.71
C ILE R 1382 -41.89 11.57 -64.24
N ARG R 1383 -41.10 10.57 -63.85
CA ARG R 1383 -41.41 9.20 -64.23
C ARG R 1383 -42.64 8.71 -63.49
N ASP R 1384 -43.46 7.92 -64.17
CA ASP R 1384 -44.71 7.45 -63.59
C ASP R 1384 -44.44 6.47 -62.47
N ALA R 1385 -45.14 6.64 -61.36
CA ALA R 1385 -45.04 5.76 -60.20
C ALA R 1385 -46.42 5.39 -59.68
N SER R 1386 -47.38 5.30 -60.56
CA SER R 1386 -48.76 4.97 -60.25
C SER R 1386 -49.00 3.47 -60.43
N PRO R 1387 -49.96 2.90 -59.70
CA PRO R 1387 -50.30 1.49 -59.91
C PRO R 1387 -50.69 1.17 -61.34
N LEU R 1388 -51.17 2.15 -62.11
CA LEU R 1388 -51.56 1.93 -63.50
C LEU R 1388 -50.34 2.16 -64.39
N ARG R 1389 -49.43 1.18 -64.38
CA ARG R 1389 -48.21 1.27 -65.15
C ARG R 1389 -48.23 0.42 -66.42
N GLY R 1390 -48.89 -0.73 -66.40
CA GLY R 1390 -48.95 -1.59 -67.56
C GLY R 1390 -50.28 -1.55 -68.26
N CYS R 1391 -50.95 -0.40 -68.23
CA CYS R 1391 -52.24 -0.21 -68.89
C CYS R 1391 -52.22 1.15 -69.56
N LEU R 1392 -53.40 1.61 -69.99
CA LEU R 1392 -53.56 2.93 -70.62
C LEU R 1392 -52.61 3.07 -71.81
N PRO R 1393 -52.91 2.42 -72.94
CA PRO R 1393 -51.95 2.41 -74.05
C PRO R 1393 -51.59 3.81 -74.52
N LEU R 1394 -50.40 3.92 -75.11
CA LEU R 1394 -49.86 5.21 -75.54
C LEU R 1394 -49.86 5.33 -77.05
N SER S 7 -22.07 103.33 -40.63
CA SER S 7 -21.26 102.39 -41.39
C SER S 7 -21.65 100.95 -41.08
N ARG S 8 -21.18 100.02 -41.92
CA ARG S 8 -21.48 98.60 -41.77
C ARG S 8 -20.40 97.98 -40.88
N VAL S 9 -20.73 97.80 -39.60
CA VAL S 9 -19.84 97.19 -38.62
C VAL S 9 -20.59 96.00 -38.04
N VAL S 10 -20.21 94.79 -38.47
CA VAL S 10 -20.94 93.60 -38.05
C VAL S 10 -20.76 93.27 -36.58
N PHE S 11 -19.86 93.95 -35.88
CA PHE S 11 -19.69 93.71 -34.45
C PHE S 11 -20.95 94.11 -33.69
N ASP S 12 -21.33 95.38 -33.79
CA ASP S 12 -22.62 95.82 -33.27
C ASP S 12 -23.70 95.47 -34.27
N PRO S 13 -24.56 94.49 -33.98
CA PRO S 13 -25.52 94.03 -34.99
C PRO S 13 -26.47 95.11 -35.47
N SER S 14 -26.63 96.21 -34.72
CA SER S 14 -27.46 97.30 -35.16
C SER S 14 -26.84 98.09 -36.30
N ASN S 15 -25.54 97.97 -36.51
CA ASN S 15 -24.84 98.71 -37.54
C ASN S 15 -25.07 98.17 -38.95
N PRO S 16 -24.85 96.88 -39.20
CA PRO S 16 -25.01 96.38 -40.58
C PRO S 16 -26.46 96.40 -41.02
N THR S 17 -26.71 97.00 -42.18
CA THR S 17 -28.04 97.04 -42.77
C THR S 17 -27.89 97.21 -44.27
N THR S 18 -28.94 96.82 -45.00
CA THR S 18 -28.92 96.90 -46.44
C THR S 18 -28.75 98.33 -46.94
N PHE S 19 -29.07 99.33 -46.11
CA PHE S 19 -28.92 100.72 -46.52
C PHE S 19 -27.49 101.04 -46.89
N SER S 20 -26.53 100.57 -46.08
CA SER S 20 -25.12 100.87 -46.32
C SER S 20 -24.46 99.89 -47.28
N VAL S 21 -24.95 98.65 -47.35
CA VAL S 21 -24.30 97.66 -48.21
C VAL S 21 -24.40 98.06 -49.68
N GLU S 22 -25.48 98.71 -50.08
CA GLU S 22 -25.63 99.13 -51.47
C GLU S 22 -24.49 100.06 -51.88
N ALA S 23 -24.11 100.99 -51.00
CA ALA S 23 -23.01 101.89 -51.30
C ALA S 23 -21.68 101.15 -51.36
N ILE S 24 -21.55 100.04 -50.63
CA ILE S 24 -20.35 99.24 -50.68
C ILE S 24 -20.30 98.47 -52.00
N ALA S 25 -19.08 98.20 -52.48
CA ALA S 25 -18.88 97.53 -53.75
C ALA S 25 -19.11 96.03 -53.63
N ALA S 26 -18.71 95.28 -54.65
CA ALA S 26 -18.92 93.83 -54.65
C ALA S 26 -17.79 93.07 -53.97
N TYR S 27 -16.54 93.47 -54.21
CA TYR S 27 -15.40 92.73 -53.68
C TYR S 27 -15.01 93.15 -52.28
N THR S 28 -15.07 94.45 -51.97
CA THR S 28 -14.63 94.92 -50.67
C THR S 28 -15.39 94.33 -49.48
N PRO S 29 -16.72 94.09 -49.54
CA PRO S 29 -17.36 93.47 -48.37
C PRO S 29 -16.84 92.09 -48.08
N VAL S 30 -16.60 91.28 -49.11
CA VAL S 30 -15.97 89.97 -48.92
C VAL S 30 -14.63 90.14 -48.24
N ALA S 31 -13.84 91.12 -48.71
CA ALA S 31 -12.62 91.46 -48.01
C ALA S 31 -12.91 92.03 -46.63
N LEU S 32 -13.98 92.81 -46.50
CA LEU S 32 -14.31 93.42 -45.21
C LEU S 32 -14.65 92.35 -44.17
N ILE S 33 -15.51 91.40 -44.52
CA ILE S 33 -15.88 90.35 -43.58
C ILE S 33 -14.67 89.52 -43.19
N ARG S 34 -13.65 89.47 -44.06
CA ARG S 34 -12.51 88.61 -43.81
C ARG S 34 -11.68 89.11 -42.64
N LEU S 35 -11.31 90.39 -42.64
CA LEU S 35 -10.34 90.87 -41.65
C LEU S 35 -10.99 91.26 -40.32
N LEU S 36 -12.32 91.33 -40.25
CA LEU S 36 -12.97 91.60 -38.98
C LEU S 36 -12.72 90.45 -38.01
N ASN S 37 -12.63 90.77 -36.72
CA ASN S 37 -12.26 89.79 -35.72
C ASN S 37 -13.49 89.00 -35.27
N ALA S 38 -13.24 87.92 -34.53
CA ALA S 38 -14.31 87.07 -34.03
C ALA S 38 -15.09 87.72 -32.91
N SER S 39 -14.45 88.61 -32.15
CA SER S 39 -15.10 89.23 -31.00
C SER S 39 -16.31 90.05 -31.44
N GLY S 40 -17.50 89.59 -31.11
CA GLY S 40 -18.71 90.33 -31.33
C GLY S 40 -19.37 90.68 -30.02
N PRO S 41 -19.62 91.97 -29.80
CA PRO S 41 -20.23 92.39 -28.52
C PRO S 41 -21.61 91.81 -28.34
N LEU S 42 -21.76 90.98 -27.30
CA LEU S 42 -23.04 90.35 -27.02
C LEU S 42 -24.09 91.34 -26.51
N GLN S 43 -23.66 92.48 -25.95
CA GLN S 43 -24.62 93.44 -25.42
C GLN S 43 -25.54 93.98 -26.51
N PRO S 44 -25.04 94.48 -27.65
CA PRO S 44 -25.95 94.78 -28.75
C PRO S 44 -26.34 93.52 -29.50
N GLY S 45 -27.61 93.43 -29.83
CA GLY S 45 -28.11 92.25 -30.53
C GLY S 45 -29.56 92.39 -30.95
N HIS S 46 -29.86 91.99 -32.18
CA HIS S 46 -31.22 92.08 -32.70
C HIS S 46 -32.09 91.05 -32.00
N ARG S 47 -33.06 91.53 -31.21
CA ARG S 47 -34.08 90.66 -30.63
C ARG S 47 -35.16 90.30 -31.64
N VAL S 48 -34.87 90.50 -32.92
CA VAL S 48 -35.83 90.41 -34.01
C VAL S 48 -35.43 89.31 -34.99
N ASP S 49 -34.89 88.20 -34.47
CA ASP S 49 -34.43 87.08 -35.28
C ASP S 49 -33.25 87.49 -36.15
N ILE S 50 -32.10 87.65 -35.48
CA ILE S 50 -30.85 88.15 -36.06
C ILE S 50 -30.57 87.58 -37.43
N ALA S 51 -31.08 86.37 -37.70
CA ALA S 51 -31.03 85.84 -39.05
C ALA S 51 -31.76 86.74 -40.05
N ASP S 52 -32.62 87.65 -39.57
CA ASP S 52 -33.17 88.67 -40.46
C ASP S 52 -32.06 89.58 -40.97
N ALA S 53 -31.13 89.97 -40.10
CA ALA S 53 -29.95 90.70 -40.54
C ALA S 53 -29.11 89.87 -41.49
N ARG S 54 -29.09 88.55 -41.28
CA ARG S 54 -28.45 87.67 -42.26
C ARG S 54 -29.14 87.77 -43.61
N SER S 55 -30.48 87.74 -43.61
CA SER S 55 -31.20 87.94 -44.86
C SER S 55 -31.05 89.37 -45.35
N ILE S 56 -31.00 90.33 -44.42
CA ILE S 56 -30.67 91.71 -44.81
C ILE S 56 -29.30 91.75 -45.47
N TYR S 57 -28.36 90.96 -44.96
CA TYR S 57 -27.05 90.86 -45.59
C TYR S 57 -27.15 90.28 -47.00
N THR S 58 -28.09 89.36 -47.21
CA THR S 58 -28.25 88.76 -48.54
C THR S 58 -28.82 89.78 -49.52
N VAL S 59 -29.92 90.44 -49.16
CA VAL S 59 -30.53 91.41 -50.05
C VAL S 59 -29.59 92.59 -50.28
N GLY S 60 -28.70 92.88 -49.32
CA GLY S 60 -27.68 93.89 -49.55
C GLY S 60 -26.64 93.43 -50.56
N ALA S 61 -26.25 92.16 -50.48
CA ALA S 61 -25.29 91.62 -51.45
C ALA S 61 -25.90 91.54 -52.84
N ALA S 62 -27.21 91.30 -52.91
CA ALA S 62 -27.88 91.28 -54.21
C ALA S 62 -27.90 92.67 -54.84
N ALA S 63 -28.14 93.70 -54.03
CA ALA S 63 -28.11 95.06 -54.54
C ALA S 63 -26.71 95.44 -55.02
N SER S 64 -25.68 94.99 -54.31
CA SER S 64 -24.31 95.24 -54.75
C SER S 64 -24.02 94.55 -56.07
N ALA S 65 -24.43 93.28 -56.20
CA ALA S 65 -24.25 92.58 -57.47
C ALA S 65 -25.05 93.23 -58.58
N ALA S 66 -26.26 93.72 -58.26
CA ALA S 66 -27.04 94.44 -59.25
C ALA S 66 -26.36 95.75 -59.64
N ARG S 67 -25.64 96.37 -58.71
CA ARG S 67 -24.90 97.57 -59.04
C ARG S 67 -23.76 97.28 -59.99
N ALA S 68 -22.99 96.21 -59.72
CA ALA S 68 -21.90 95.84 -60.61
C ALA S 68 -22.43 95.32 -61.94
N ARG S 69 -23.59 94.66 -61.93
CA ARG S 69 -24.18 94.16 -63.17
C ARG S 69 -24.61 95.30 -64.07
N ALA S 70 -25.15 96.38 -63.48
CA ALA S 70 -25.52 97.54 -64.28
C ALA S 70 -24.30 98.18 -64.92
N ASN S 71 -23.16 98.12 -64.24
CA ASN S 71 -21.92 98.65 -64.82
C ASN S 71 -21.48 97.81 -66.01
N HIS S 72 -21.56 96.48 -65.89
CA HIS S 72 -21.17 95.61 -66.99
C HIS S 72 -22.14 95.71 -68.15
N ASN S 73 -23.39 96.09 -67.88
CA ASN S 73 -24.40 96.19 -68.92
C ASN S 73 -24.12 97.27 -69.95
N ALA S 74 -23.03 98.03 -69.79
CA ALA S 74 -22.67 99.03 -70.78
C ALA S 74 -22.30 98.39 -72.11
N ASN S 75 -21.67 97.22 -72.06
CA ASN S 75 -21.22 96.53 -73.28
C ASN S 75 -22.08 95.33 -73.64
N THR S 76 -22.89 94.83 -72.71
CA THR S 76 -23.70 93.64 -72.98
C THR S 76 -24.80 93.94 -73.99
N ILE S 77 -25.45 92.88 -74.45
CA ILE S 77 -26.53 92.97 -75.41
C ILE S 77 -27.86 92.80 -74.66
N ARG S 78 -28.88 93.50 -75.12
CA ARG S 78 -30.19 93.42 -74.48
C ARG S 78 -30.79 92.04 -74.69
N ARG S 79 -31.16 91.39 -73.59
CA ARG S 79 -31.74 90.06 -73.64
C ARG S 79 -33.21 90.14 -74.06
N THR S 80 -33.69 89.05 -74.65
CA THR S 80 -35.06 88.95 -75.14
C THR S 80 -35.76 87.76 -74.50
N ALA S 81 -37.03 87.59 -74.84
CA ALA S 81 -37.82 86.47 -74.34
C ALA S 81 -37.37 85.19 -75.01
N MET S 82 -37.12 84.16 -74.20
CA MET S 82 -36.65 82.88 -74.70
C MET S 82 -37.77 81.89 -74.97
N PHE S 83 -39.02 82.27 -74.75
CA PHE S 83 -40.16 81.39 -74.98
C PHE S 83 -41.11 82.03 -75.97
N ALA S 84 -41.96 81.18 -76.56
CA ALA S 84 -42.93 81.63 -77.54
C ALA S 84 -44.16 82.19 -76.83
N GLU S 85 -45.22 82.44 -77.60
CA GLU S 85 -46.52 82.94 -77.13
C GLU S 85 -46.41 84.29 -76.44
N THR S 86 -45.28 84.99 -76.54
CA THR S 86 -45.06 86.27 -75.90
C THR S 86 -44.78 87.31 -76.98
N ASP S 87 -45.85 87.95 -77.45
CA ASP S 87 -45.74 88.93 -78.53
C ASP S 87 -46.97 89.81 -78.51
N PRO S 88 -46.83 91.12 -78.77
CA PRO S 88 -48.02 91.98 -78.74
C PRO S 88 -49.08 91.60 -79.76
N MET S 89 -48.69 91.50 -81.03
CA MET S 89 -49.60 91.15 -82.12
C MET S 89 -49.10 89.87 -82.77
N THR S 90 -49.48 88.73 -82.19
CA THR S 90 -49.15 87.44 -82.79
C THR S 90 -49.93 87.19 -84.06
N TRP S 91 -51.03 87.91 -84.27
CA TRP S 91 -51.86 87.69 -85.44
C TRP S 91 -51.11 87.97 -86.74
N LEU S 92 -50.17 88.91 -86.72
CA LEU S 92 -49.40 89.22 -87.91
C LEU S 92 -48.50 88.06 -88.30
N ARG S 93 -47.64 87.63 -87.38
CA ARG S 93 -46.69 86.57 -87.65
C ARG S 93 -46.44 85.81 -86.36
N PRO S 94 -46.03 84.53 -86.45
CA PRO S 94 -45.77 83.76 -85.23
C PRO S 94 -44.59 84.28 -84.43
N THR S 95 -44.30 83.65 -83.30
CA THR S 95 -43.27 84.11 -82.38
C THR S 95 -42.49 82.91 -81.87
N VAL S 96 -41.16 83.07 -81.78
CA VAL S 96 -40.28 82.03 -81.28
C VAL S 96 -39.38 82.61 -80.21
N GLY S 97 -38.79 81.72 -79.42
CA GLY S 97 -37.84 82.09 -78.40
C GLY S 97 -36.44 82.27 -78.95
N LEU S 98 -35.46 82.19 -78.05
CA LEU S 98 -34.07 82.34 -78.44
C LEU S 98 -33.19 81.72 -77.37
N LYS S 99 -32.25 80.87 -77.80
CA LYS S 99 -31.31 80.24 -76.89
C LYS S 99 -30.19 81.21 -76.55
N ARG S 100 -29.97 81.46 -75.26
CA ARG S 100 -28.96 82.41 -74.81
C ARG S 100 -27.61 81.72 -74.79
N THR S 101 -27.03 81.56 -75.98
CA THR S 101 -25.73 80.95 -76.17
C THR S 101 -24.78 81.91 -76.89
N PHE S 102 -24.79 83.17 -76.51
CA PHE S 102 -23.98 84.20 -77.14
C PHE S 102 -22.97 84.76 -76.15
N ASN S 103 -22.21 85.75 -76.63
CA ASN S 103 -21.30 86.50 -75.80
C ASN S 103 -21.74 87.95 -75.75
N PRO S 104 -21.81 88.55 -74.55
CA PRO S 104 -22.29 89.94 -74.45
C PRO S 104 -21.35 90.97 -75.04
N ARG S 105 -20.16 90.57 -75.48
CA ARG S 105 -19.21 91.52 -76.05
C ARG S 105 -19.75 92.08 -77.36
N ILE S 106 -19.71 93.41 -77.49
CA ILE S 106 -20.21 94.10 -78.68
C ILE S 106 -19.06 94.70 -79.49
N ILE S 107 -18.25 95.55 -78.85
CA ILE S 107 -17.11 96.16 -79.54
C ILE S 107 -16.04 96.56 -78.52
N GLN T 65 -48.07 -45.16 -147.80
CA GLN T 65 -48.10 -43.90 -147.07
C GLN T 65 -49.53 -43.53 -146.67
N PHE T 66 -49.85 -43.66 -145.39
CA PHE T 66 -51.20 -43.48 -144.88
C PHE T 66 -51.25 -42.34 -143.87
N ASP T 67 -52.42 -42.20 -143.24
CA ASP T 67 -52.64 -41.15 -142.24
C ASP T 67 -53.74 -41.61 -141.29
N ILE T 68 -53.40 -41.74 -140.01
CA ILE T 68 -54.31 -42.25 -138.99
C ILE T 68 -54.25 -41.33 -137.77
N LEU T 69 -55.30 -41.40 -136.95
CA LEU T 69 -55.38 -40.69 -135.69
C LEU T 69 -55.37 -41.68 -134.54
N LEU T 70 -54.83 -41.23 -133.40
CA LEU T 70 -54.63 -42.12 -132.26
C LEU T 70 -55.96 -42.57 -131.68
N GLY T 71 -56.82 -41.64 -131.29
CA GLY T 71 -58.10 -42.00 -130.71
C GLY T 71 -58.96 -40.85 -130.27
N THR T 72 -59.62 -41.00 -129.12
CA THR T 72 -60.53 -39.98 -128.62
C THR T 72 -60.59 -40.06 -127.11
N TYR T 73 -60.50 -38.91 -126.45
CA TYR T 73 -60.66 -38.80 -125.02
C TYR T 73 -61.87 -37.91 -124.72
N CYS T 74 -62.42 -38.06 -123.52
CA CYS T 74 -63.59 -37.31 -123.12
C CYS T 74 -63.56 -37.09 -121.62
N ASN T 75 -64.64 -36.52 -121.09
CA ASN T 75 -64.79 -36.29 -119.67
C ASN T 75 -66.26 -36.22 -119.33
N THR T 76 -66.60 -36.65 -118.11
CA THR T 76 -67.96 -36.63 -117.60
C THR T 76 -67.97 -35.83 -116.31
N LEU T 77 -68.81 -34.79 -116.27
CA LEU T 77 -68.93 -34.01 -115.05
C LEU T 77 -69.74 -34.79 -114.01
N ASN T 78 -69.52 -34.45 -112.75
CA ASN T 78 -70.20 -35.07 -111.63
C ASN T 78 -71.34 -34.19 -111.15
N PHE T 79 -72.39 -34.82 -110.63
CA PHE T 79 -73.51 -34.08 -110.08
C PHE T 79 -73.30 -33.86 -108.58
N VAL T 80 -73.82 -32.73 -108.10
CA VAL T 80 -73.69 -32.37 -106.70
C VAL T 80 -75.10 -32.21 -106.12
N ARG T 81 -75.30 -32.75 -104.91
CA ARG T 81 -76.55 -32.62 -104.20
C ARG T 81 -76.36 -31.71 -102.99
N PHE T 82 -77.35 -30.83 -102.75
CA PHE T 82 -77.24 -29.89 -101.65
C PHE T 82 -77.26 -30.57 -100.30
N LEU T 83 -77.95 -31.71 -100.18
CA LEU T 83 -78.07 -32.37 -98.89
C LEU T 83 -76.75 -32.95 -98.41
N GLU T 84 -75.95 -33.51 -99.31
CA GLU T 84 -74.65 -34.05 -98.92
C GLU T 84 -73.60 -32.97 -98.73
N LEU T 85 -73.97 -31.70 -98.86
CA LEU T 85 -73.05 -30.61 -98.58
C LEU T 85 -73.03 -30.31 -97.08
N GLY T 86 -71.89 -29.78 -96.63
CA GLY T 86 -71.79 -29.37 -95.24
C GLY T 86 -72.54 -28.10 -94.90
N LEU T 87 -72.91 -27.32 -95.92
CA LEU T 87 -73.67 -26.09 -95.71
C LEU T 87 -75.13 -26.35 -95.37
N SER T 88 -75.64 -27.54 -95.65
CA SER T 88 -77.04 -27.86 -95.40
C SER T 88 -77.38 -27.92 -93.91
N VAL T 89 -76.40 -27.89 -93.03
CA VAL T 89 -76.65 -27.85 -91.60
C VAL T 89 -76.75 -26.41 -91.10
N ALA T 90 -76.92 -25.45 -92.01
CA ALA T 90 -77.15 -24.06 -91.63
C ALA T 90 -78.61 -23.65 -91.77
N CYS T 91 -79.48 -24.51 -92.29
CA CYS T 91 -80.87 -24.16 -92.51
C CYS T 91 -81.71 -25.43 -92.53
N ILE T 92 -83.02 -25.25 -92.64
CA ILE T 92 -83.97 -26.36 -92.80
C ILE T 92 -84.79 -26.05 -94.04
N CYS T 93 -84.74 -26.95 -95.02
CA CYS T 93 -85.43 -26.73 -96.28
C CYS T 93 -86.66 -27.63 -96.39
N THR T 94 -87.68 -27.12 -97.07
CA THR T 94 -88.93 -27.85 -97.23
C THR T 94 -89.58 -27.43 -98.55
N LYS T 95 -90.52 -28.25 -99.01
CA LYS T 95 -91.16 -28.08 -100.29
C LYS T 95 -92.59 -27.60 -100.10
N PHE T 96 -92.99 -26.61 -100.89
CA PHE T 96 -94.34 -26.04 -100.84
C PHE T 96 -94.82 -25.86 -102.26
N PRO T 97 -95.76 -26.68 -102.74
CA PRO T 97 -96.15 -26.60 -104.15
C PRO T 97 -97.00 -25.39 -104.48
N GLU T 98 -97.71 -24.81 -103.51
CA GLU T 98 -98.54 -23.64 -103.74
C GLU T 98 -97.82 -22.34 -103.44
N LEU T 99 -96.50 -22.32 -103.64
CA LEU T 99 -95.68 -21.15 -103.40
C LEU T 99 -96.09 -20.02 -104.35
N ALA T 100 -96.71 -20.39 -105.46
CA ALA T 100 -97.26 -19.41 -106.39
C ALA T 100 -98.52 -18.74 -105.85
N TYR T 101 -99.18 -19.34 -104.87
CA TYR T 101 -100.39 -18.77 -104.30
C TYR T 101 -100.18 -18.12 -102.95
N VAL T 102 -99.25 -18.63 -102.13
CA VAL T 102 -99.01 -18.05 -100.82
C VAL T 102 -98.51 -16.61 -100.99
N ARG T 103 -99.08 -15.69 -100.23
CA ARG T 103 -98.69 -14.28 -100.28
C ARG T 103 -98.59 -13.72 -98.87
N ASP T 104 -97.56 -12.88 -98.67
CA ASP T 104 -97.22 -12.23 -97.40
C ASP T 104 -97.50 -13.10 -96.17
N GLY T 105 -96.85 -14.25 -96.10
CA GLY T 105 -96.93 -15.08 -94.91
C GLY T 105 -96.24 -14.44 -93.72
N VAL T 106 -96.61 -14.92 -92.52
CA VAL T 106 -96.16 -14.33 -91.26
C VAL T 106 -95.73 -15.46 -90.32
N ILE T 107 -94.84 -15.14 -89.39
CA ILE T 107 -94.42 -16.08 -88.35
C ILE T 107 -93.98 -15.28 -87.13
N GLN T 108 -94.39 -15.71 -85.94
CA GLN T 108 -94.15 -14.95 -84.74
C GLN T 108 -93.53 -15.83 -83.66
N PHE T 109 -92.98 -15.17 -82.64
CA PHE T 109 -92.29 -15.79 -81.52
C PHE T 109 -92.99 -15.46 -80.21
N GLU T 110 -92.37 -15.90 -79.12
CA GLU T 110 -92.86 -15.61 -77.77
C GLU T 110 -91.75 -15.93 -76.78
N VAL T 111 -91.47 -15.01 -75.86
CA VAL T 111 -90.38 -15.17 -74.90
C VAL T 111 -90.71 -14.45 -73.61
N GLN T 112 -90.51 -15.13 -72.49
CA GLN T 112 -90.71 -14.54 -71.17
C GLN T 112 -89.36 -14.26 -70.54
N GLN T 113 -89.36 -13.44 -69.49
CA GLN T 113 -88.12 -13.16 -68.81
C GLN T 113 -88.26 -13.42 -67.31
N PRO T 114 -87.26 -14.02 -66.69
CA PRO T 114 -87.29 -14.24 -65.25
C PRO T 114 -87.01 -12.95 -64.49
N MET T 115 -87.28 -13.00 -63.19
CA MET T 115 -87.11 -11.85 -62.32
C MET T 115 -86.45 -12.27 -61.02
N ILE T 116 -85.83 -11.29 -60.35
CA ILE T 116 -85.09 -11.51 -59.12
C ILE T 116 -85.83 -10.82 -57.99
N ALA T 117 -85.71 -11.37 -56.78
CA ALA T 117 -86.39 -10.85 -55.60
C ALA T 117 -85.36 -10.22 -54.68
N ARG T 118 -85.26 -8.89 -54.74
CA ARG T 118 -84.37 -8.14 -53.86
C ARG T 118 -85.18 -7.05 -53.18
N ASP T 119 -84.72 -6.64 -52.00
CA ASP T 119 -85.40 -5.62 -51.22
C ASP T 119 -84.41 -4.54 -50.79
N GLY T 120 -84.96 -3.42 -50.36
CA GLY T 120 -84.18 -2.27 -49.99
C GLY T 120 -84.73 -1.01 -50.61
N PRO T 121 -83.88 -0.01 -50.83
CA PRO T 121 -84.30 1.25 -51.46
C PRO T 121 -84.41 1.16 -52.98
N HIS T 122 -85.06 0.11 -53.46
CA HIS T 122 -85.23 -0.13 -54.88
C HIS T 122 -86.69 -0.39 -55.19
N PRO T 123 -87.18 0.07 -56.33
CA PRO T 123 -88.56 -0.23 -56.73
C PRO T 123 -88.72 -1.73 -56.98
N VAL T 124 -89.88 -2.26 -56.59
CA VAL T 124 -90.12 -3.68 -56.73
C VAL T 124 -90.43 -4.02 -58.18
N ASP T 125 -89.77 -5.05 -58.69
CA ASP T 125 -89.87 -5.41 -60.10
C ASP T 125 -91.15 -6.18 -60.38
N GLN T 126 -91.38 -6.45 -61.67
CA GLN T 126 -92.53 -7.21 -62.13
C GLN T 126 -92.09 -8.05 -63.32
N PRO T 127 -92.60 -9.27 -63.47
CA PRO T 127 -92.19 -10.12 -64.59
C PRO T 127 -92.63 -9.52 -65.91
N VAL T 128 -91.92 -9.85 -66.98
CA VAL T 128 -92.15 -9.27 -68.29
C VAL T 128 -92.23 -10.37 -69.34
N HIS T 129 -93.08 -10.13 -70.35
CA HIS T 129 -93.28 -11.00 -71.49
C HIS T 129 -93.10 -10.18 -72.77
N ASN T 130 -92.76 -10.85 -73.86
CA ASN T 130 -92.53 -10.16 -75.11
C ASN T 130 -93.29 -10.82 -76.25
N TYR T 131 -93.50 -10.05 -77.32
CA TYR T 131 -94.25 -10.50 -78.48
C TYR T 131 -93.59 -9.96 -79.73
N MET T 132 -93.13 -10.85 -80.60
CA MET T 132 -92.44 -10.47 -81.82
C MET T 132 -93.20 -11.00 -83.04
N VAL T 133 -92.73 -10.62 -84.22
CA VAL T 133 -93.40 -10.96 -85.47
C VAL T 133 -92.40 -10.75 -86.60
N LYS T 134 -92.55 -11.54 -87.67
CA LYS T 134 -91.65 -11.49 -88.80
C LYS T 134 -92.39 -11.91 -90.06
N ARG T 135 -91.95 -11.37 -91.19
CA ARG T 135 -92.51 -11.69 -92.49
C ARG T 135 -91.55 -12.58 -93.27
N ILE T 136 -91.91 -12.85 -94.52
CA ILE T 136 -91.15 -13.75 -95.38
C ILE T 136 -90.54 -12.94 -96.52
N HIS T 137 -89.62 -13.59 -97.25
CA HIS T 137 -88.97 -12.99 -98.40
C HIS T 137 -88.90 -14.01 -99.52
N LYS T 138 -89.40 -13.62 -100.69
CA LYS T 138 -89.53 -14.51 -101.83
C LYS T 138 -88.54 -14.12 -102.92
N ARG T 139 -87.98 -15.14 -103.59
CA ARG T 139 -87.07 -14.94 -104.69
C ARG T 139 -87.16 -16.15 -105.61
N SER T 140 -87.12 -15.91 -106.92
CA SER T 140 -87.31 -16.97 -107.91
C SER T 140 -86.03 -17.17 -108.70
N LEU T 141 -85.58 -18.42 -108.79
CA LEU T 141 -84.46 -18.79 -109.63
C LEU T 141 -84.92 -19.06 -111.05
N SER T 142 -83.99 -18.91 -112.00
CA SER T 142 -84.31 -19.06 -113.40
C SER T 142 -83.13 -19.66 -114.15
N ALA T 143 -83.42 -20.32 -115.27
CA ALA T 143 -82.41 -20.89 -116.14
C ALA T 143 -82.99 -21.00 -117.54
N ALA T 144 -82.10 -21.18 -118.51
CA ALA T 144 -82.49 -21.25 -119.92
C ALA T 144 -81.99 -22.53 -120.56
N PHE T 145 -82.53 -22.81 -121.75
CA PHE T 145 -82.17 -24.04 -122.47
C PHE T 145 -82.56 -23.86 -123.93
N ALA T 146 -81.59 -23.87 -124.83
CA ALA T 146 -81.82 -23.60 -126.24
C ALA T 146 -81.90 -24.88 -127.05
N ILE T 147 -82.66 -24.82 -128.15
CA ILE T 147 -82.81 -25.96 -129.05
C ILE T 147 -82.71 -25.46 -130.49
N ALA T 148 -81.87 -26.13 -131.29
CA ALA T 148 -81.71 -25.74 -132.69
C ALA T 148 -82.91 -26.18 -133.50
N SER T 149 -83.18 -25.43 -134.58
CA SER T 149 -84.34 -25.71 -135.43
C SER T 149 -84.16 -26.97 -136.27
N GLU T 150 -82.92 -27.34 -136.61
CA GLU T 150 -82.70 -28.52 -137.42
C GLU T 150 -83.15 -29.79 -136.70
N ALA T 151 -82.78 -29.93 -135.43
CA ALA T 151 -83.21 -31.10 -134.67
C ALA T 151 -84.72 -31.14 -134.50
N LEU T 152 -85.35 -29.98 -134.28
CA LEU T 152 -86.80 -29.95 -134.16
C LEU T 152 -87.48 -30.39 -135.44
N SER T 153 -87.00 -29.87 -136.58
CA SER T 153 -87.57 -30.27 -137.87
C SER T 153 -87.31 -31.75 -138.15
N LEU T 154 -86.17 -32.26 -137.69
CA LEU T 154 -85.87 -33.68 -137.87
C LEU T 154 -86.84 -34.54 -137.06
N LEU T 155 -87.08 -34.18 -135.80
CA LEU T 155 -87.95 -34.96 -134.94
C LEU T 155 -89.42 -34.82 -135.30
N SER T 156 -89.83 -33.68 -135.86
CA SER T 156 -91.22 -33.46 -136.22
C SER T 156 -91.57 -34.01 -137.60
N ASN T 157 -90.78 -34.93 -138.12
CA ASN T 157 -91.04 -35.52 -139.43
C ASN T 157 -92.37 -36.26 -139.46
N THR T 163 -85.48 -42.94 -144.22
CA THR T 163 -84.25 -43.30 -144.92
C THR T 163 -83.22 -43.87 -143.95
N GLU T 164 -81.94 -43.76 -144.29
CA GLU T 164 -80.87 -44.39 -143.49
C GLU T 164 -79.90 -43.36 -142.93
N ILE T 165 -79.47 -42.41 -143.76
CA ILE T 165 -78.47 -41.43 -143.35
C ILE T 165 -79.00 -40.58 -142.21
N ASP T 166 -80.32 -40.49 -142.08
CA ASP T 166 -80.93 -39.67 -141.04
C ASP T 166 -81.05 -40.38 -139.70
N SER T 167 -80.80 -41.69 -139.64
CA SER T 167 -80.92 -42.40 -138.37
C SER T 167 -79.88 -41.93 -137.36
N SER T 168 -78.62 -41.84 -137.78
CA SER T 168 -77.57 -41.34 -136.89
C SER T 168 -77.77 -39.88 -136.55
N LEU T 169 -78.30 -39.09 -137.49
CA LEU T 169 -78.67 -37.71 -137.19
C LEU T 169 -79.73 -37.64 -136.10
N ARG T 170 -80.75 -38.50 -136.18
CA ARG T 170 -81.76 -38.56 -135.12
C ARG T 170 -81.16 -38.98 -133.79
N ILE T 171 -80.22 -39.93 -133.82
CA ILE T 171 -79.61 -40.37 -132.57
C ILE T 171 -78.80 -39.25 -131.94
N ARG T 172 -77.99 -38.54 -132.73
CA ARG T 172 -77.23 -37.44 -132.17
C ARG T 172 -78.14 -36.31 -131.69
N ALA T 173 -79.26 -36.09 -132.38
CA ALA T 173 -80.20 -35.07 -131.94
C ALA T 173 -80.83 -35.43 -130.59
N ILE T 174 -81.25 -36.69 -130.43
CA ILE T 174 -81.84 -37.09 -129.15
C ILE T 174 -80.81 -37.28 -128.06
N GLN T 175 -79.52 -37.35 -128.42
CA GLN T 175 -78.47 -37.38 -127.40
C GLN T 175 -78.08 -35.99 -126.93
N GLN T 176 -78.07 -35.00 -127.83
CA GLN T 176 -77.74 -33.64 -127.43
C GLN T 176 -78.72 -33.12 -126.38
N MET T 177 -80.01 -33.38 -126.58
CA MET T 177 -81.00 -32.92 -125.61
C MET T 177 -80.80 -33.57 -124.25
N ALA T 178 -80.47 -34.86 -124.22
CA ALA T 178 -80.22 -35.52 -122.94
C ALA T 178 -78.99 -34.94 -122.26
N ARG T 179 -77.90 -34.73 -123.02
CA ARG T 179 -76.70 -34.14 -122.45
C ARG T 179 -76.95 -32.75 -121.90
N ASN T 180 -77.81 -31.97 -122.55
CA ASN T 180 -78.09 -30.63 -122.05
C ASN T 180 -79.02 -30.65 -120.84
N LEU T 181 -80.05 -31.50 -120.88
CA LEU T 181 -81.01 -31.55 -119.79
C LEU T 181 -80.37 -32.09 -118.52
N ARG T 182 -79.44 -33.04 -118.63
CA ARG T 182 -78.78 -33.58 -117.45
C ARG T 182 -78.03 -32.50 -116.68
N THR T 183 -77.57 -31.44 -117.35
CA THR T 183 -76.92 -30.33 -116.67
C THR T 183 -77.91 -29.26 -116.23
N VAL T 184 -78.91 -28.97 -117.07
CA VAL T 184 -79.90 -27.98 -116.68
C VAL T 184 -80.65 -28.40 -115.43
N LEU T 185 -80.88 -29.70 -115.23
CA LEU T 185 -81.54 -30.14 -114.00
C LEU T 185 -80.65 -29.93 -112.78
N ASP T 186 -79.36 -30.25 -112.92
CA ASP T 186 -78.43 -30.08 -111.80
C ASP T 186 -78.14 -28.62 -111.51
N SER T 187 -78.43 -27.73 -112.45
CA SER T 187 -78.16 -26.31 -112.28
C SER T 187 -78.89 -25.73 -111.08
N PHE T 188 -80.15 -26.10 -110.87
CA PHE T 188 -80.90 -25.57 -109.73
C PHE T 188 -80.40 -26.13 -108.41
N GLU T 189 -80.08 -27.43 -108.39
CA GLU T 189 -79.50 -28.02 -107.19
C GLU T 189 -78.18 -27.35 -106.82
N ARG T 190 -77.41 -26.92 -107.81
CA ARG T 190 -76.19 -26.18 -107.54
C ARG T 190 -76.47 -24.75 -107.10
N GLY T 191 -77.49 -24.12 -107.67
CA GLY T 191 -77.80 -22.72 -107.36
C GLY T 191 -78.48 -22.53 -106.02
N THR T 192 -79.02 -23.59 -105.44
CA THR T 192 -79.53 -23.47 -104.07
C THR T 192 -78.43 -23.03 -103.11
N ALA T 193 -77.25 -23.65 -103.23
CA ALA T 193 -76.10 -23.29 -102.41
C ALA T 193 -75.53 -21.92 -102.77
N ASP T 194 -75.96 -21.33 -103.87
CA ASP T 194 -75.59 -19.95 -104.18
C ASP T 194 -76.60 -18.96 -103.64
N GLN T 195 -77.88 -19.34 -103.58
CA GLN T 195 -78.84 -18.56 -102.83
C GLN T 195 -78.42 -18.47 -101.36
N LEU T 196 -78.21 -19.62 -100.73
CA LEU T 196 -77.47 -19.63 -99.49
C LEU T 196 -76.04 -19.20 -99.76
N LEU T 197 -75.30 -18.89 -98.70
CA LEU T 197 -73.95 -18.36 -98.82
C LEU T 197 -73.96 -17.16 -99.78
N GLY T 198 -74.63 -16.11 -99.31
CA GLY T 198 -74.94 -14.97 -100.14
C GLY T 198 -76.29 -14.41 -99.76
N VAL T 199 -77.11 -15.23 -99.11
CA VAL T 199 -78.19 -14.69 -98.28
C VAL T 199 -77.72 -14.36 -96.87
N LEU T 200 -76.58 -14.91 -96.44
CA LEU T 200 -76.10 -14.71 -95.07
C LEU T 200 -75.08 -13.58 -94.95
N LEU T 201 -74.49 -13.14 -96.06
CA LEU T 201 -73.48 -12.09 -95.97
C LEU T 201 -74.10 -10.75 -95.63
N GLU T 202 -75.34 -10.51 -96.06
CA GLU T 202 -76.06 -9.29 -95.68
C GLU T 202 -76.79 -9.44 -94.36
N LYS T 203 -76.58 -10.55 -93.65
CA LYS T 203 -77.16 -10.77 -92.34
C LYS T 203 -76.10 -10.85 -91.25
N ALA T 204 -74.87 -11.21 -91.60
CA ALA T 204 -73.80 -11.34 -90.63
C ALA T 204 -73.12 -10.01 -90.38
N PRO T 205 -73.07 -9.51 -89.14
CA PRO T 205 -72.34 -8.27 -88.87
C PRO T 205 -70.87 -8.57 -88.58
N PRO T 206 -70.03 -7.53 -88.53
CA PRO T 206 -68.60 -7.76 -88.28
C PRO T 206 -68.33 -8.25 -86.87
N LEU T 207 -67.36 -9.17 -86.77
CA LEU T 207 -66.99 -9.75 -85.49
C LEU T 207 -66.36 -8.71 -84.57
N SER T 208 -65.53 -7.82 -85.12
CA SER T 208 -64.87 -6.81 -84.30
C SER T 208 -65.86 -5.89 -83.61
N LEU T 209 -67.08 -5.80 -84.11
CA LEU T 209 -68.14 -5.06 -83.44
C LEU T 209 -69.06 -5.95 -82.62
N LEU T 210 -69.27 -7.21 -83.05
CA LEU T 210 -70.21 -8.06 -82.34
C LEU T 210 -69.63 -8.63 -81.05
N SER T 211 -68.32 -8.86 -80.99
CA SER T 211 -67.76 -9.49 -79.80
C SER T 211 -67.79 -8.58 -78.57
N PRO T 212 -67.33 -7.31 -78.64
CA PRO T 212 -67.31 -6.52 -77.40
C PRO T 212 -68.70 -6.09 -76.97
N ILE T 213 -69.60 -5.89 -77.94
CA ILE T 213 -70.98 -5.59 -77.62
C ILE T 213 -71.59 -6.72 -76.81
N ASN T 214 -71.38 -7.96 -77.26
CA ASN T 214 -71.89 -9.10 -76.53
C ASN T 214 -71.20 -9.27 -75.19
N LYS T 215 -69.91 -8.92 -75.11
CA LYS T 215 -69.20 -9.02 -73.84
C LYS T 215 -69.75 -8.02 -72.83
N PHE T 216 -70.14 -6.84 -73.28
CA PHE T 216 -70.71 -5.82 -72.40
C PHE T 216 -72.22 -5.89 -72.50
N GLN T 217 -72.83 -6.77 -71.72
CA GLN T 217 -74.29 -6.91 -71.67
C GLN T 217 -74.75 -7.02 -70.23
N PRO T 218 -74.59 -5.96 -69.43
CA PRO T 218 -75.07 -6.01 -68.05
C PRO T 218 -76.59 -5.90 -67.96
N GLU T 219 -77.17 -4.97 -68.73
CA GLU T 219 -78.61 -4.79 -68.74
C GLU T 219 -79.18 -4.55 -70.14
N GLY T 220 -78.35 -4.57 -71.18
CA GLY T 220 -78.83 -4.28 -72.52
C GLY T 220 -78.71 -2.81 -72.87
N HIS T 221 -79.43 -1.97 -72.14
CA HIS T 221 -79.38 -0.53 -72.33
C HIS T 221 -78.37 0.09 -71.37
N LEU T 222 -77.54 0.97 -71.89
CA LEU T 222 -76.47 1.58 -71.11
C LEU T 222 -76.66 3.09 -71.05
N ASN T 223 -76.01 3.70 -70.07
CA ASN T 223 -76.05 5.15 -69.91
C ASN T 223 -75.05 5.80 -70.85
N ARG T 224 -75.00 7.13 -70.84
CA ARG T 224 -74.14 7.85 -71.76
C ARG T 224 -72.66 7.56 -71.49
N VAL T 225 -72.27 7.49 -70.22
CA VAL T 225 -70.86 7.29 -69.88
C VAL T 225 -70.41 5.90 -70.30
N ALA T 226 -71.16 4.87 -69.90
CA ALA T 226 -70.81 3.51 -70.31
C ALA T 226 -70.81 3.38 -71.83
N ARG T 227 -71.73 4.07 -72.51
CA ARG T 227 -71.75 4.05 -73.96
C ARG T 227 -70.50 4.64 -74.56
N ALA T 228 -70.06 5.80 -74.05
CA ALA T 228 -68.87 6.44 -74.61
C ALA T 228 -67.64 5.57 -74.38
N ALA T 229 -67.56 4.95 -73.21
CA ALA T 229 -66.46 4.02 -72.96
C ALA T 229 -66.48 2.86 -73.95
N LEU T 230 -67.66 2.29 -74.18
CA LEU T 230 -67.77 1.20 -75.14
C LEU T 230 -67.42 1.64 -76.56
N LEU T 231 -67.74 2.88 -76.92
CA LEU T 231 -67.38 3.39 -78.24
C LEU T 231 -65.88 3.53 -78.39
N SER T 232 -65.21 4.04 -77.36
CA SER T 232 -63.75 4.09 -77.40
C SER T 232 -63.17 2.69 -77.56
N ASP T 233 -63.72 1.72 -76.80
CA ASP T 233 -63.29 0.34 -76.96
C ASP T 233 -63.50 -0.15 -78.38
N LEU T 234 -64.65 0.15 -78.97
CA LEU T 234 -64.96 -0.31 -80.32
C LEU T 234 -63.98 0.27 -81.34
N LYS T 235 -63.66 1.56 -81.21
CA LYS T 235 -62.70 2.17 -82.11
C LYS T 235 -61.33 1.50 -81.98
N ARG T 236 -60.86 1.34 -80.74
CA ARG T 236 -59.56 0.67 -80.54
C ARG T 236 -59.54 -0.73 -81.14
N ARG T 237 -60.65 -1.46 -81.00
CA ARG T 237 -60.69 -2.84 -81.48
C ARG T 237 -60.72 -2.89 -83.00
N VAL T 238 -61.55 -2.05 -83.63
CA VAL T 238 -61.68 -2.09 -85.07
C VAL T 238 -60.42 -1.58 -85.75
N CYS T 239 -59.67 -0.68 -85.09
CA CYS T 239 -58.47 -0.16 -85.72
C CYS T 239 -57.38 -1.23 -85.84
N ALA T 240 -57.32 -2.16 -84.89
CA ALA T 240 -56.24 -3.13 -84.82
C ALA T 240 -56.61 -4.50 -85.34
N ASP T 241 -57.84 -4.96 -85.09
CA ASP T 241 -58.25 -6.31 -85.47
C ASP T 241 -58.81 -6.33 -86.90
N MET T 242 -57.94 -6.04 -87.85
CA MET T 242 -58.34 -5.98 -89.25
C MET T 242 -58.01 -7.27 -90.00
N PHE T 243 -56.74 -7.69 -89.96
CA PHE T 243 -56.29 -8.87 -90.69
C PHE T 243 -55.56 -9.79 -89.70
N PHE T 244 -56.25 -10.83 -89.23
CA PHE T 244 -55.62 -11.79 -88.34
C PHE T 244 -54.64 -12.67 -89.09
N MET T 245 -55.07 -13.23 -90.22
CA MET T 245 -54.25 -14.20 -90.93
C MET T 245 -52.99 -13.59 -91.51
N THR T 246 -53.02 -12.32 -91.89
CA THR T 246 -51.85 -11.69 -92.49
C THR T 246 -50.88 -11.17 -91.43
N ARG T 247 -51.38 -10.39 -90.48
CA ARG T 247 -50.51 -9.82 -89.46
C ARG T 247 -49.99 -10.90 -88.52
N HIS T 248 -50.90 -11.60 -87.85
CA HIS T 248 -50.50 -12.63 -86.89
C HIS T 248 -50.34 -13.99 -87.57
N ALA T 249 -49.54 -14.02 -88.62
CA ALA T 249 -49.33 -15.27 -89.35
C ALA T 249 -48.34 -16.19 -88.64
N ARG T 250 -47.43 -15.64 -87.86
CA ARG T 250 -46.42 -16.45 -87.19
C ARG T 250 -46.98 -17.14 -85.95
N GLU T 251 -47.70 -16.39 -85.12
CA GLU T 251 -48.24 -16.92 -83.87
C GLU T 251 -49.47 -17.76 -84.14
N PRO T 252 -49.45 -19.07 -83.87
CA PRO T 252 -50.62 -19.92 -84.15
C PRO T 252 -51.62 -20.03 -83.01
N ARG T 253 -51.47 -19.25 -81.94
CA ARG T 253 -52.40 -19.30 -80.83
C ARG T 253 -53.39 -18.14 -80.82
N LEU T 254 -52.98 -16.96 -81.28
CA LEU T 254 -53.92 -15.85 -81.38
C LEU T 254 -55.04 -16.18 -82.35
N ILE T 255 -54.72 -16.89 -83.43
CA ILE T 255 -55.74 -17.27 -84.40
C ILE T 255 -56.77 -18.20 -83.77
N SER T 256 -56.30 -19.17 -83.00
CA SER T 256 -57.22 -20.06 -82.30
C SER T 256 -58.06 -19.31 -81.28
N ALA T 257 -57.45 -18.33 -80.59
CA ALA T 257 -58.22 -17.51 -79.65
C ALA T 257 -59.31 -16.74 -80.38
N TYR T 258 -58.99 -16.15 -81.53
CA TYR T 258 -59.99 -15.41 -82.29
C TYR T 258 -61.10 -16.33 -82.78
N LEU T 259 -60.74 -17.54 -83.20
CA LEU T 259 -61.75 -18.49 -83.66
C LEU T 259 -62.68 -18.89 -82.52
N SER T 260 -62.12 -19.14 -81.34
CA SER T 260 -62.95 -19.48 -80.19
C SER T 260 -63.86 -18.31 -79.82
N ASP T 261 -63.34 -17.09 -79.83
CA ASP T 261 -64.17 -15.93 -79.54
C ASP T 261 -65.29 -15.77 -80.56
N MET T 262 -64.99 -16.04 -81.83
CA MET T 262 -66.00 -15.91 -82.87
C MET T 262 -67.10 -16.96 -82.70
N VAL T 263 -66.73 -18.21 -82.44
CA VAL T 263 -67.75 -19.25 -82.32
C VAL T 263 -68.56 -19.07 -81.03
N SER T 264 -67.94 -18.53 -79.99
CA SER T 264 -68.67 -18.23 -78.75
C SER T 264 -69.12 -16.77 -78.72
N CYS T 265 -69.79 -16.32 -79.78
CA CYS T 265 -70.21 -14.93 -79.84
C CYS T 265 -71.69 -14.82 -80.23
N THR T 266 -72.18 -15.78 -81.00
CA THR T 266 -73.55 -15.75 -81.49
C THR T 266 -74.47 -16.58 -80.60
N GLN T 267 -75.77 -16.33 -80.74
CA GLN T 267 -76.74 -17.02 -79.92
C GLN T 267 -77.38 -18.17 -80.69
N PRO T 268 -77.70 -19.28 -80.03
CA PRO T 268 -78.36 -20.40 -80.72
C PRO T 268 -79.78 -20.06 -81.12
N SER T 269 -80.48 -21.02 -81.70
CA SER T 269 -81.81 -20.78 -82.26
C SER T 269 -82.74 -21.90 -81.79
N VAL T 270 -83.94 -21.94 -82.37
CA VAL T 270 -84.92 -22.95 -81.98
C VAL T 270 -84.37 -24.33 -82.31
N MET T 271 -84.78 -25.33 -81.54
CA MET T 271 -84.22 -26.67 -81.63
C MET T 271 -85.28 -27.71 -81.97
N VAL T 272 -86.34 -27.30 -82.66
CA VAL T 272 -87.36 -28.25 -83.10
C VAL T 272 -86.83 -29.05 -84.27
N SER T 273 -86.69 -30.36 -84.08
CA SER T 273 -86.11 -31.23 -85.10
C SER T 273 -86.31 -32.68 -84.69
N ARG T 274 -86.21 -33.57 -85.68
CA ARG T 274 -86.26 -35.01 -85.46
C ARG T 274 -84.93 -35.68 -85.77
N ILE T 275 -84.41 -35.48 -86.98
CA ILE T 275 -83.10 -35.99 -87.36
C ILE T 275 -82.26 -34.79 -87.82
N THR T 276 -80.96 -34.86 -87.56
CA THR T 276 -80.06 -33.74 -87.86
C THR T 276 -78.69 -34.27 -88.22
N HIS T 277 -77.82 -33.34 -88.62
CA HIS T 277 -76.46 -33.69 -88.97
C HIS T 277 -75.67 -34.05 -87.71
N THR T 278 -75.01 -35.21 -87.75
CA THR T 278 -74.23 -35.68 -86.63
C THR T 278 -73.04 -36.48 -87.14
N ASN T 279 -72.08 -36.70 -86.25
CA ASN T 279 -70.86 -37.42 -86.60
C ASN T 279 -71.11 -38.92 -86.53
N THR T 280 -70.03 -39.70 -86.58
CA THR T 280 -70.18 -41.16 -86.52
C THR T 280 -70.53 -41.63 -85.12
N ARG T 281 -70.06 -40.93 -84.09
CA ARG T 281 -70.37 -41.32 -82.73
C ARG T 281 -71.83 -41.06 -82.40
N GLY T 282 -72.32 -39.85 -82.68
CA GLY T 282 -73.67 -39.48 -82.33
C GLY T 282 -73.77 -38.05 -81.85
N ARG T 283 -72.62 -37.40 -81.69
CA ARG T 283 -72.59 -36.01 -81.26
C ARG T 283 -73.16 -35.11 -82.36
N GLN T 284 -73.86 -34.06 -81.93
CA GLN T 284 -74.51 -33.15 -82.87
C GLN T 284 -73.56 -32.03 -83.29
N VAL T 285 -73.69 -31.63 -84.55
CA VAL T 285 -72.93 -30.52 -85.10
C VAL T 285 -73.63 -29.22 -84.72
N ASP T 286 -72.85 -28.15 -84.55
CA ASP T 286 -73.37 -26.89 -84.04
C ASP T 286 -73.41 -25.79 -85.10
N GLY T 287 -72.33 -25.58 -85.83
CA GLY T 287 -72.24 -24.45 -86.73
C GLY T 287 -71.55 -24.79 -88.04
N VAL T 288 -71.52 -23.81 -88.92
CA VAL T 288 -70.86 -23.88 -90.23
C VAL T 288 -69.81 -22.79 -90.28
N LEU T 289 -68.66 -23.11 -90.87
CA LEU T 289 -67.55 -22.18 -91.00
C LEU T 289 -67.05 -22.27 -92.44
N VAL T 290 -67.41 -21.30 -93.27
CA VAL T 290 -67.07 -21.29 -94.68
C VAL T 290 -65.98 -20.24 -94.93
N THR T 291 -64.95 -20.65 -95.64
CA THR T 291 -63.79 -19.80 -95.93
C THR T 291 -63.34 -20.07 -97.37
N THR T 292 -62.13 -19.61 -97.69
CA THR T 292 -61.45 -19.92 -98.94
C THR T 292 -60.55 -21.12 -98.71
N ALA T 293 -60.17 -21.78 -99.81
CA ALA T 293 -59.37 -23.01 -99.71
C ALA T 293 -58.01 -22.76 -99.08
N THR T 294 -57.38 -21.62 -99.39
CA THR T 294 -56.07 -21.32 -98.82
C THR T 294 -56.16 -21.16 -97.30
N LEU T 295 -57.20 -20.47 -96.83
CA LEU T 295 -57.40 -20.35 -95.39
C LEU T 295 -57.76 -21.69 -94.77
N LYS T 296 -58.52 -22.52 -95.49
CA LYS T 296 -58.82 -23.85 -94.99
C LYS T 296 -57.55 -24.65 -94.76
N ARG T 297 -56.62 -24.58 -95.71
CA ARG T 297 -55.35 -25.28 -95.54
C ARG T 297 -54.54 -24.68 -94.39
N GLN T 298 -54.46 -23.35 -94.32
CA GLN T 298 -53.72 -22.69 -93.25
C GLN T 298 -54.28 -23.03 -91.89
N LEU T 299 -55.58 -23.31 -91.81
CA LEU T 299 -56.17 -23.70 -90.54
C LEU T 299 -55.92 -25.17 -90.24
N LEU T 300 -56.21 -26.05 -91.20
CA LEU T 300 -56.09 -27.48 -90.98
C LEU T 300 -54.65 -27.95 -90.79
N GLN T 301 -53.65 -27.14 -91.16
CA GLN T 301 -52.29 -27.61 -91.02
C GLN T 301 -51.88 -27.75 -89.55
N GLY T 302 -51.93 -26.66 -88.78
CA GLY T 302 -51.46 -26.71 -87.41
C GLY T 302 -52.29 -25.97 -86.39
N ILE T 303 -53.31 -25.24 -86.82
CA ILE T 303 -54.09 -24.42 -85.91
C ILE T 303 -55.21 -25.25 -85.29
N LEU T 304 -56.05 -25.84 -86.12
CA LEU T 304 -57.17 -26.63 -85.67
C LEU T 304 -56.88 -28.12 -85.83
N GLN T 305 -57.74 -28.95 -85.25
CA GLN T 305 -57.58 -30.39 -85.27
C GLN T 305 -58.83 -31.05 -85.85
N ILE T 306 -58.63 -32.11 -86.61
CA ILE T 306 -59.72 -32.83 -87.25
C ILE T 306 -60.31 -33.83 -86.25
N ASP T 307 -61.63 -33.97 -86.28
CA ASP T 307 -62.33 -34.92 -85.41
C ASP T 307 -62.89 -36.11 -86.17
N ASP T 308 -63.48 -35.88 -87.34
CA ASP T 308 -64.09 -36.96 -88.11
C ASP T 308 -64.05 -36.59 -89.59
N THR T 309 -63.98 -37.63 -90.43
CA THR T 309 -64.00 -37.45 -91.88
C THR T 309 -65.36 -37.75 -92.49
N ALA T 310 -66.23 -38.48 -91.79
CA ALA T 310 -67.55 -38.80 -92.27
C ALA T 310 -68.60 -38.37 -91.24
N ALA T 311 -69.80 -38.10 -91.72
CA ALA T 311 -70.90 -37.66 -90.87
C ALA T 311 -72.20 -38.30 -91.36
N ASP T 312 -73.26 -38.08 -90.60
CA ASP T 312 -74.59 -38.61 -90.92
C ASP T 312 -75.54 -37.45 -91.14
N VAL T 313 -75.96 -37.25 -92.38
CA VAL T 313 -76.83 -36.14 -92.74
C VAL T 313 -78.13 -36.69 -93.30
N PRO T 314 -79.22 -35.92 -93.27
CA PRO T 314 -80.49 -36.41 -93.84
C PRO T 314 -80.41 -36.52 -95.35
N VAL T 315 -81.38 -37.25 -95.90
CA VAL T 315 -81.48 -37.47 -97.33
C VAL T 315 -82.83 -37.02 -97.89
N THR T 316 -83.81 -36.79 -97.02
CA THR T 316 -85.12 -36.33 -97.43
C THR T 316 -85.26 -34.83 -97.15
N TYR T 317 -86.03 -34.15 -97.99
CA TYR T 317 -86.29 -32.73 -97.76
C TYR T 317 -87.32 -32.54 -96.65
N GLY T 318 -88.49 -33.15 -96.80
CA GLY T 318 -89.56 -32.98 -95.86
C GLY T 318 -90.48 -31.86 -96.31
N GLU T 319 -91.69 -32.21 -96.76
CA GLU T 319 -92.59 -31.24 -97.35
C GLU T 319 -93.90 -31.21 -96.58
N MET T 320 -94.73 -30.22 -96.92
CA MET T 320 -96.06 -30.09 -96.37
C MET T 320 -96.98 -29.53 -97.44
N VAL T 321 -98.23 -29.95 -97.41
CA VAL T 321 -99.26 -29.45 -98.31
C VAL T 321 -100.52 -29.20 -97.52
N LEU T 322 -101.19 -28.08 -97.78
CA LEU T 322 -102.44 -27.79 -97.12
C LEU T 322 -103.50 -28.80 -97.56
N GLN T 323 -104.25 -29.33 -96.60
CA GLN T 323 -105.27 -30.33 -96.89
C GLN T 323 -106.33 -30.28 -95.80
N GLY T 324 -107.44 -30.97 -96.05
CA GLY T 324 -108.52 -31.00 -95.08
C GLY T 324 -109.15 -29.64 -94.92
N THR T 325 -109.23 -29.18 -93.66
CA THR T 325 -109.85 -27.89 -93.36
C THR T 325 -109.12 -26.73 -94.01
N ASN T 326 -107.82 -26.89 -94.29
CA ASN T 326 -107.08 -25.82 -94.93
C ASN T 326 -107.66 -25.47 -96.29
N LEU T 327 -108.07 -26.47 -97.06
CA LEU T 327 -108.71 -26.20 -98.35
C LEU T 327 -110.03 -25.48 -98.20
N VAL T 328 -110.85 -25.87 -97.23
CA VAL T 328 -112.19 -25.32 -97.12
C VAL T 328 -112.12 -23.93 -96.51
N THR T 329 -111.01 -23.60 -95.85
CA THR T 329 -110.85 -22.26 -95.31
C THR T 329 -110.11 -21.29 -96.23
N ALA T 330 -109.07 -21.72 -96.94
CA ALA T 330 -108.32 -20.84 -97.83
C ALA T 330 -109.08 -20.51 -99.10
N LEU T 331 -110.09 -21.31 -99.45
CA LEU T 331 -110.88 -21.08 -100.65
C LEU T 331 -112.12 -20.26 -100.42
N VAL T 332 -112.55 -20.08 -99.16
CA VAL T 332 -113.70 -19.25 -98.86
C VAL T 332 -113.31 -17.98 -98.12
N MET T 333 -112.23 -18.01 -97.34
CA MET T 333 -111.76 -16.83 -96.62
C MET T 333 -110.46 -16.28 -97.19
N GLY T 334 -109.45 -17.13 -97.36
CA GLY T 334 -108.17 -16.68 -97.87
C GLY T 334 -107.11 -16.66 -96.79
N LYS T 335 -107.23 -17.54 -95.80
CA LYS T 335 -106.27 -17.65 -94.73
C LYS T 335 -106.10 -19.11 -94.37
N ALA T 336 -104.96 -19.44 -93.76
CA ALA T 336 -104.69 -20.80 -93.31
C ALA T 336 -103.57 -20.76 -92.28
N VAL T 337 -103.44 -21.85 -91.54
CA VAL T 337 -102.37 -22.02 -90.57
C VAL T 337 -101.70 -23.37 -90.82
N ARG T 338 -100.56 -23.57 -90.16
CA ARG T 338 -99.76 -24.77 -90.36
C ARG T 338 -100.28 -25.87 -89.44
N GLY T 339 -100.99 -26.83 -90.02
CA GLY T 339 -101.40 -28.02 -89.31
C GLY T 339 -102.89 -28.15 -89.07
N MET T 340 -103.53 -27.05 -88.65
CA MET T 340 -104.97 -26.99 -88.41
C MET T 340 -105.47 -28.19 -87.60
N ASP T 341 -104.70 -28.63 -86.60
CA ASP T 341 -105.08 -29.78 -85.79
C ASP T 341 -105.13 -29.42 -84.30
N ASP T 342 -105.30 -28.15 -83.97
CA ASP T 342 -105.33 -27.72 -82.58
C ASP T 342 -106.71 -28.00 -81.99
N VAL T 343 -106.75 -28.93 -81.04
CA VAL T 343 -108.01 -29.24 -80.38
C VAL T 343 -108.28 -28.27 -79.24
N ALA T 344 -107.23 -27.80 -78.57
CA ALA T 344 -107.37 -26.84 -77.48
C ALA T 344 -107.72 -25.46 -78.03
N ASN T 377 -80.75 -40.77 -93.38
CA ASN T 377 -79.36 -40.75 -92.93
C ASN T 377 -78.45 -41.38 -93.97
N ALA T 378 -77.22 -40.87 -94.06
CA ALA T 378 -76.24 -41.38 -95.01
C ALA T 378 -74.86 -40.95 -94.57
N ARG T 379 -73.87 -41.82 -94.77
CA ARG T 379 -72.49 -41.50 -94.46
C ARG T 379 -71.89 -40.70 -95.60
N VAL T 380 -71.69 -39.41 -95.38
CA VAL T 380 -71.12 -38.54 -96.41
C VAL T 380 -69.73 -38.10 -95.95
N PRO T 381 -68.72 -38.12 -96.83
CA PRO T 381 -67.38 -37.68 -96.44
C PRO T 381 -67.34 -36.17 -96.27
N ALA T 382 -66.99 -35.72 -95.06
CA ALA T 382 -66.91 -34.30 -94.78
C ALA T 382 -66.12 -34.10 -93.49
N ASP T 383 -65.23 -33.11 -93.49
CA ASP T 383 -64.39 -32.84 -92.33
C ASP T 383 -65.21 -32.23 -91.19
N LEU T 384 -64.78 -32.53 -89.96
CA LEU T 384 -65.42 -31.98 -88.77
C LEU T 384 -64.32 -31.54 -87.80
N VAL T 385 -64.38 -30.29 -87.38
CA VAL T 385 -63.34 -29.71 -86.56
C VAL T 385 -63.92 -29.34 -85.20
N ILE T 386 -63.10 -29.43 -84.17
CA ILE T 386 -63.48 -29.09 -82.80
C ILE T 386 -62.82 -27.76 -82.47
N VAL T 387 -63.57 -26.67 -82.66
CA VAL T 387 -63.10 -25.34 -82.29
C VAL T 387 -63.79 -24.92 -81.00
N GLY T 388 -63.04 -24.31 -80.09
CA GLY T 388 -63.58 -23.92 -78.80
C GLY T 388 -64.05 -25.12 -78.01
N ASP T 389 -65.37 -25.28 -77.90
CA ASP T 389 -65.96 -26.43 -77.23
C ASP T 389 -67.04 -27.07 -78.09
N LYS T 390 -67.10 -26.70 -79.36
CA LYS T 390 -68.15 -27.14 -80.26
C LYS T 390 -67.56 -27.96 -81.39
N LEU T 391 -68.43 -28.65 -82.11
CA LEU T 391 -68.08 -29.42 -83.30
C LEU T 391 -68.79 -28.80 -84.48
N VAL T 392 -68.03 -28.19 -85.38
CA VAL T 392 -68.62 -27.43 -86.48
C VAL T 392 -68.10 -27.98 -87.81
N PHE T 393 -68.87 -27.72 -88.86
CA PHE T 393 -68.46 -28.05 -90.21
C PHE T 393 -67.52 -26.97 -90.73
N LEU T 394 -66.52 -27.39 -91.50
CA LEU T 394 -65.57 -26.49 -92.13
C LEU T 394 -65.64 -26.71 -93.64
N GLU T 395 -65.88 -25.64 -94.39
CA GLU T 395 -66.10 -25.76 -95.82
C GLU T 395 -65.40 -24.64 -96.59
N ALA T 396 -64.90 -25.01 -97.76
CA ALA T 396 -64.16 -24.10 -98.64
C ALA T 396 -64.61 -24.29 -100.08
N LEU T 397 -65.93 -24.23 -100.31
CA LEU T 397 -66.49 -24.62 -101.60
C LEU T 397 -65.99 -23.75 -102.74
N GLU T 398 -65.08 -24.30 -103.54
CA GLU T 398 -64.67 -23.67 -104.79
C GLU T 398 -64.54 -24.64 -105.95
N ARG T 399 -64.47 -25.94 -105.69
CA ARG T 399 -64.39 -26.95 -106.74
C ARG T 399 -65.72 -27.60 -107.04
N ARG T 400 -66.54 -27.87 -106.02
CA ARG T 400 -67.87 -28.41 -106.26
C ARG T 400 -68.76 -27.37 -106.91
N VAL T 401 -68.65 -26.11 -106.47
CA VAL T 401 -69.41 -25.01 -107.04
C VAL T 401 -68.42 -23.93 -107.45
N TYR T 402 -68.85 -23.09 -108.40
CA TYR T 402 -68.03 -21.97 -108.90
C TYR T 402 -66.77 -22.46 -109.61
N GLN T 403 -66.82 -23.67 -110.16
CA GLN T 403 -65.71 -24.24 -110.90
C GLN T 403 -66.06 -24.29 -112.38
N ALA T 404 -65.21 -23.69 -113.21
CA ALA T 404 -65.41 -23.67 -114.67
C ALA T 404 -66.76 -23.05 -115.04
N THR T 405 -67.15 -22.02 -114.29
CA THR T 405 -68.38 -21.28 -114.56
C THR T 405 -68.02 -19.84 -114.89
N ARG T 406 -69.03 -19.01 -115.11
CA ARG T 406 -68.86 -17.61 -115.42
C ARG T 406 -69.32 -16.71 -114.29
N VAL T 407 -69.41 -17.23 -113.07
CA VAL T 407 -69.85 -16.48 -111.90
C VAL T 407 -68.67 -16.32 -110.95
N ALA T 408 -68.63 -15.19 -110.27
CA ALA T 408 -67.55 -14.91 -109.33
C ALA T 408 -67.83 -15.57 -107.99
N TYR T 409 -66.77 -15.99 -107.33
CA TYR T 409 -66.91 -16.62 -106.03
C TYR T 409 -67.06 -15.56 -104.94
N PRO T 410 -68.07 -15.64 -104.09
CA PRO T 410 -68.19 -14.68 -102.99
C PRO T 410 -67.08 -14.85 -101.96
N LEU T 411 -67.17 -14.10 -100.87
CA LEU T 411 -66.13 -14.03 -99.82
C LEU T 411 -64.84 -13.40 -100.32
N ILE T 412 -64.89 -12.73 -101.47
CA ILE T 412 -63.74 -12.01 -101.99
C ILE T 412 -64.11 -10.54 -102.14
N GLY T 413 -64.97 -10.07 -101.24
CA GLY T 413 -65.39 -8.68 -101.28
C GLY T 413 -64.25 -7.72 -101.01
N ASN T 414 -64.54 -6.44 -101.20
CA ASN T 414 -63.57 -5.38 -101.05
C ASN T 414 -63.77 -4.65 -99.72
N ILE T 415 -62.96 -3.64 -99.50
CA ILE T 415 -63.02 -2.85 -98.27
C ILE T 415 -62.38 -1.50 -98.55
N ASP T 416 -63.04 -0.43 -98.13
CA ASP T 416 -62.59 0.93 -98.42
C ASP T 416 -61.97 1.55 -97.19
N ILE T 417 -60.82 2.19 -97.38
CA ILE T 417 -60.09 2.87 -96.31
C ILE T 417 -59.64 4.23 -96.84
N THR T 418 -59.80 5.27 -96.02
CA THR T 418 -59.40 6.61 -96.39
C THR T 418 -58.16 7.03 -95.63
N PHE T 419 -57.39 7.94 -96.22
CA PHE T 419 -56.17 8.45 -95.61
C PHE T 419 -56.20 9.97 -95.62
N ILE T 420 -55.44 10.56 -94.71
CA ILE T 420 -55.36 12.02 -94.59
C ILE T 420 -53.93 12.39 -94.21
N MET T 421 -53.42 13.47 -94.83
CA MET T 421 -52.07 13.94 -94.58
C MET T 421 -52.05 15.47 -94.68
N PRO T 422 -51.37 16.16 -93.78
CA PRO T 422 -51.17 17.60 -93.94
C PRO T 422 -50.05 17.89 -94.94
N MET T 423 -50.13 19.07 -95.55
CA MET T 423 -49.20 19.42 -96.62
C MET T 423 -48.26 20.57 -96.24
N GLY T 424 -48.80 21.72 -95.86
CA GLY T 424 -47.96 22.88 -95.66
C GLY T 424 -48.03 23.48 -94.27
N VAL T 425 -48.14 22.64 -93.25
CA VAL T 425 -48.24 23.13 -91.88
C VAL T 425 -46.88 23.60 -91.39
N PHE T 426 -46.84 24.81 -90.83
CA PHE T 426 -45.64 25.36 -90.23
C PHE T 426 -45.92 25.68 -88.77
N GLN T 427 -45.25 24.97 -87.87
CA GLN T 427 -45.46 25.16 -86.43
C GLN T 427 -44.85 26.49 -86.02
N ALA T 428 -45.71 27.47 -85.75
CA ALA T 428 -45.26 28.82 -85.44
C ALA T 428 -45.03 28.94 -83.94
N ASN T 429 -43.86 28.46 -83.51
CA ASN T 429 -43.43 28.56 -82.13
C ASN T 429 -41.94 28.27 -82.07
N SER T 430 -41.26 28.93 -81.14
CA SER T 430 -39.82 28.75 -81.00
C SER T 430 -39.45 27.53 -80.19
N MET T 431 -40.38 26.99 -79.41
CA MET T 431 -40.04 25.88 -78.51
C MET T 431 -39.96 24.56 -79.25
N ASP T 432 -40.81 24.33 -80.24
CA ASP T 432 -40.84 23.05 -80.93
C ASP T 432 -39.97 23.00 -82.18
N ARG T 433 -39.44 24.14 -82.62
CA ARG T 433 -38.51 24.16 -83.75
C ARG T 433 -37.10 23.96 -83.22
N TYR T 434 -36.81 22.73 -82.84
CA TYR T 434 -35.54 22.36 -82.23
C TYR T 434 -34.88 21.25 -83.04
N THR T 435 -33.83 20.65 -82.51
CA THR T 435 -33.22 19.46 -83.09
C THR T 435 -32.76 18.53 -81.98
N ARG T 436 -32.72 17.25 -82.28
CA ARG T 436 -32.46 16.25 -81.24
C ARG T 436 -30.99 16.03 -80.98
N HIS T 437 -30.10 16.46 -81.87
CA HIS T 437 -28.67 16.32 -81.69
C HIS T 437 -27.97 17.57 -82.19
N ALA T 438 -26.66 17.63 -82.02
CA ALA T 438 -25.90 18.80 -82.43
C ALA T 438 -25.70 18.83 -83.94
N GLY T 439 -24.98 17.85 -84.47
CA GLY T 439 -24.77 17.76 -85.91
C GLY T 439 -25.75 16.81 -86.57
N ASP T 440 -27.05 17.09 -86.45
CA ASP T 440 -28.07 16.20 -86.99
C ASP T 440 -27.96 16.06 -88.50
N PHE T 441 -28.20 17.15 -89.23
CA PHE T 441 -28.05 17.20 -90.68
C PHE T 441 -27.22 18.43 -91.01
N SER T 442 -25.90 18.28 -90.97
CA SER T 442 -25.04 19.39 -91.32
C SER T 442 -25.02 19.60 -92.82
N THR T 443 -24.63 20.80 -93.23
CA THR T 443 -24.57 21.15 -94.64
C THR T 443 -23.33 21.98 -94.91
N VAL T 444 -23.05 22.20 -96.18
CA VAL T 444 -21.95 23.08 -96.58
C VAL T 444 -22.43 24.51 -96.77
N SER T 445 -23.69 24.69 -97.14
CA SER T 445 -24.22 26.03 -97.38
C SER T 445 -24.20 26.86 -96.09
N GLU T 446 -24.09 28.17 -96.26
CA GLU T 446 -24.06 29.09 -95.12
C GLU T 446 -25.40 29.16 -94.41
N GLN T 447 -26.49 28.85 -95.08
CA GLN T 447 -27.82 28.88 -94.49
C GLN T 447 -28.47 27.52 -94.68
N ASP T 448 -28.82 26.87 -93.58
CA ASP T 448 -29.42 25.55 -93.65
C ASP T 448 -30.79 25.63 -94.30
N PRO T 449 -30.99 24.99 -95.46
CA PRO T 449 -32.29 25.04 -96.14
C PRO T 449 -33.33 24.11 -95.52
N ARG T 450 -33.43 24.14 -94.20
CA ARG T 450 -34.40 23.32 -93.48
C ARG T 450 -35.16 24.12 -92.44
N GLN T 451 -34.95 25.42 -92.35
CA GLN T 451 -35.72 26.27 -91.45
C GLN T 451 -36.92 26.90 -92.13
N PHE T 452 -36.88 27.05 -93.46
CA PHE T 452 -37.99 27.65 -94.18
C PHE T 452 -39.19 26.70 -94.16
N PRO T 453 -40.41 27.24 -94.19
CA PRO T 453 -41.59 26.39 -94.14
C PRO T 453 -41.68 25.48 -95.35
N PRO T 454 -42.04 24.22 -95.17
CA PRO T 454 -42.11 23.29 -96.29
C PRO T 454 -43.32 23.55 -97.16
N GLN T 455 -43.33 22.90 -98.32
CA GLN T 455 -44.41 23.08 -99.28
C GLN T 455 -45.00 21.75 -99.73
N GLY T 456 -44.16 20.72 -99.86
CA GLY T 456 -44.60 19.43 -100.32
C GLY T 456 -44.59 18.37 -99.23
N ILE T 457 -45.12 17.20 -99.60
CA ILE T 457 -45.17 16.05 -98.71
C ILE T 457 -44.71 14.83 -99.48
N PHE T 458 -43.99 13.94 -98.81
CA PHE T 458 -43.47 12.72 -99.41
C PHE T 458 -44.13 11.52 -98.75
N PHE T 459 -44.31 10.45 -99.52
CA PHE T 459 -44.81 9.19 -98.99
C PHE T 459 -44.52 8.09 -100.00
N TYR T 460 -45.05 6.91 -99.72
CA TYR T 460 -44.76 5.74 -100.53
C TYR T 460 -45.92 5.41 -101.46
N ASN T 461 -45.60 4.75 -102.57
CA ASN T 461 -46.59 4.37 -103.56
C ASN T 461 -47.19 3.01 -103.19
N LYS T 462 -47.93 2.42 -104.12
CA LYS T 462 -48.48 1.09 -103.89
C LYS T 462 -47.39 0.03 -103.86
N ASP T 463 -46.34 0.20 -104.66
CA ASP T 463 -45.24 -0.75 -104.72
C ASP T 463 -44.00 -0.27 -104.00
N GLY T 464 -44.14 0.72 -103.12
CA GLY T 464 -43.01 1.23 -102.36
C GLY T 464 -42.23 2.34 -103.03
N ILE T 465 -42.71 2.87 -104.14
CA ILE T 465 -42.03 3.96 -104.82
C ILE T 465 -42.28 5.26 -104.07
N LEU T 466 -41.28 6.14 -104.09
CA LEU T 466 -41.41 7.43 -103.42
C LEU T 466 -42.18 8.40 -104.31
N THR T 467 -43.23 9.00 -103.77
CA THR T 467 -44.03 9.99 -104.48
C THR T 467 -43.89 11.34 -103.78
N GLN T 468 -44.54 12.36 -104.36
CA GLN T 468 -44.47 13.70 -103.80
C GLN T 468 -45.71 14.48 -104.20
N LEU T 469 -46.26 15.22 -103.23
CA LEU T 469 -47.41 16.09 -103.45
C LEU T 469 -47.00 17.49 -103.01
N THR T 470 -46.76 18.37 -103.97
CA THR T 470 -46.37 19.73 -103.66
C THR T 470 -47.58 20.65 -103.66
N LEU T 471 -47.34 21.94 -103.42
CA LEU T 471 -48.44 22.91 -103.41
C LEU T 471 -48.97 23.15 -104.81
N ARG T 472 -48.12 23.00 -105.84
CA ARG T 472 -48.58 23.23 -107.21
C ARG T 472 -49.65 22.24 -107.61
N ASP T 473 -49.70 21.07 -106.96
CA ASP T 473 -50.71 20.08 -107.28
C ASP T 473 -52.10 20.48 -106.83
N ALA T 474 -52.23 21.53 -106.02
CA ALA T 474 -53.53 21.98 -105.54
C ALA T 474 -54.07 23.15 -106.34
N MET T 475 -53.53 23.40 -107.52
CA MET T 475 -53.96 24.51 -108.36
C MET T 475 -55.26 24.23 -109.09
N GLY T 476 -55.87 23.07 -108.87
CA GLY T 476 -57.09 22.73 -109.56
C GLY T 476 -58.34 22.95 -108.74
N THR T 477 -58.16 23.13 -107.42
CA THR T 477 -59.28 23.33 -106.52
C THR T 477 -59.37 24.75 -105.97
N ILE T 478 -58.23 25.43 -105.83
CA ILE T 478 -58.23 26.79 -105.29
C ILE T 478 -58.35 27.86 -106.37
N CYS T 479 -57.94 27.55 -107.60
CA CYS T 479 -57.95 28.51 -108.69
C CYS T 479 -59.22 28.42 -109.53
N HIS T 480 -60.34 28.05 -108.91
CA HIS T 480 -61.62 27.96 -109.61
C HIS T 480 -62.47 29.19 -109.31
N SER T 481 -63.49 29.39 -110.14
CA SER T 481 -64.43 30.48 -109.92
C SER T 481 -65.30 30.25 -108.68
N SER T 482 -65.28 29.05 -108.12
CA SER T 482 -66.05 28.76 -106.90
C SER T 482 -65.51 29.49 -105.68
N LEU T 483 -64.44 30.27 -105.82
CA LEU T 483 -63.92 31.05 -104.71
C LEU T 483 -64.67 32.36 -104.50
N LEU T 484 -65.56 32.73 -105.43
CA LEU T 484 -66.24 34.02 -105.41
C LEU T 484 -67.74 33.82 -105.64
N ASP T 485 -68.34 32.88 -104.92
CA ASP T 485 -69.77 32.63 -105.03
C ASP T 485 -70.45 32.83 -103.68
N VAL T 486 -70.12 33.92 -103.01
CA VAL T 486 -70.47 34.13 -101.62
C VAL T 486 -71.88 34.70 -101.49
N GLU T 487 -72.63 34.73 -102.59
CA GLU T 487 -73.99 35.26 -102.56
C GLU T 487 -74.87 34.45 -101.63
N ALA T 488 -74.82 33.13 -101.74
CA ALA T 488 -75.62 32.27 -100.88
C ALA T 488 -75.21 32.40 -99.42
N THR T 489 -73.91 32.46 -99.14
CA THR T 489 -73.47 32.66 -97.77
C THR T 489 -73.97 33.98 -97.21
N LEU T 490 -73.95 35.04 -98.03
CA LEU T 490 -74.37 36.34 -97.56
C LEU T 490 -75.87 36.37 -97.28
N VAL T 491 -76.69 35.80 -98.16
CA VAL T 491 -78.13 35.79 -97.90
C VAL T 491 -78.43 34.91 -96.70
N ALA T 492 -77.67 33.82 -96.52
CA ALA T 492 -77.85 32.98 -95.34
C ALA T 492 -77.52 33.74 -94.07
N LEU T 493 -76.46 34.54 -94.07
CA LEU T 493 -76.12 35.33 -92.90
C LEU T 493 -77.17 36.41 -92.65
N ARG T 494 -77.70 37.02 -93.71
CA ARG T 494 -78.70 38.05 -93.54
C ARG T 494 -80.03 37.50 -93.05
N GLN T 495 -80.35 36.24 -93.34
CA GLN T 495 -81.61 35.67 -92.87
C GLN T 495 -81.72 35.75 -91.36
N GLN T 496 -80.79 35.13 -90.64
CA GLN T 496 -80.85 35.15 -89.18
C GLN T 496 -80.62 36.56 -88.66
N HIS T 497 -81.23 36.85 -87.50
CA HIS T 497 -81.18 38.20 -86.95
C HIS T 497 -79.89 38.39 -86.15
N LEU T 498 -79.14 39.43 -86.52
CA LEU T 498 -77.93 39.81 -85.80
C LEU T 498 -77.97 41.32 -85.58
N ASP T 499 -77.86 41.74 -84.32
CA ASP T 499 -77.83 43.15 -83.97
C ASP T 499 -76.41 43.57 -83.65
N ARG T 500 -76.01 44.73 -84.17
CA ARG T 500 -74.67 45.24 -83.93
C ARG T 500 -74.67 46.74 -84.14
N GLN T 501 -73.76 47.43 -83.44
CA GLN T 501 -73.66 48.88 -83.49
C GLN T 501 -72.20 49.27 -83.66
N CYS T 502 -71.90 50.56 -83.48
CA CYS T 502 -70.54 51.09 -83.60
C CYS T 502 -69.99 50.87 -85.01
N TYR T 503 -70.63 51.56 -85.96
CA TYR T 503 -70.28 51.47 -87.37
C TYR T 503 -69.14 52.41 -87.76
N PHE T 504 -68.27 52.75 -86.82
CA PHE T 504 -67.18 53.67 -87.09
C PHE T 504 -66.27 53.13 -88.19
N GLY T 505 -65.74 51.93 -88.01
CA GLY T 505 -64.75 51.39 -88.93
C GLY T 505 -65.29 50.88 -90.24
N VAL T 506 -66.57 51.14 -90.53
CA VAL T 506 -67.20 50.67 -91.75
C VAL T 506 -67.94 51.76 -92.50
N TYR T 507 -67.91 53.01 -92.03
CA TYR T 507 -68.61 54.09 -92.69
C TYR T 507 -67.63 55.04 -93.37
N VAL T 508 -68.04 55.57 -94.51
CA VAL T 508 -67.25 56.51 -95.30
C VAL T 508 -68.12 57.70 -95.66
N ALA T 509 -67.56 58.89 -95.57
CA ALA T 509 -68.26 60.13 -95.88
C ALA T 509 -67.48 60.91 -96.93
N GLU T 510 -67.91 62.14 -97.18
CA GLU T 510 -67.32 63.03 -98.16
C GLU T 510 -66.79 64.29 -97.47
N GLY T 511 -66.32 65.23 -98.28
CA GLY T 511 -65.77 66.47 -97.78
C GLY T 511 -66.74 67.63 -97.93
N THR T 512 -66.76 68.49 -96.92
CA THR T 512 -67.65 69.65 -96.88
C THR T 512 -66.94 70.93 -97.31
N GLU T 513 -65.88 70.81 -98.10
CA GLU T 513 -65.14 71.96 -98.65
C GLU T 513 -64.50 72.83 -97.57
N ASP T 514 -64.41 72.33 -96.34
CA ASP T 514 -63.56 72.99 -95.36
C ASP T 514 -62.10 72.70 -95.68
N THR T 515 -61.19 73.35 -94.96
CA THR T 515 -59.79 73.23 -95.36
C THR T 515 -59.19 71.90 -94.90
N LEU T 516 -58.91 71.78 -93.61
CA LEU T 516 -58.72 70.47 -92.99
C LEU T 516 -59.22 70.48 -91.55
N ASP T 517 -59.20 71.65 -90.92
CA ASP T 517 -59.24 71.75 -89.48
C ASP T 517 -60.65 71.63 -88.91
N VAL T 518 -61.61 72.31 -89.53
CA VAL T 518 -63.00 72.17 -89.08
C VAL T 518 -63.45 70.72 -89.24
N GLN T 519 -63.09 70.10 -90.36
CA GLN T 519 -63.44 68.69 -90.56
C GLN T 519 -62.75 67.79 -89.55
N MET T 520 -61.48 68.08 -89.22
CA MET T 520 -60.78 67.26 -88.24
C MET T 520 -61.43 67.38 -86.86
N GLY T 521 -61.77 68.59 -86.45
CA GLY T 521 -62.42 68.76 -85.15
C GLY T 521 -63.79 68.13 -85.11
N ARG T 522 -64.56 68.25 -86.20
CA ARG T 522 -65.86 67.60 -86.26
C ARG T 522 -65.71 66.09 -86.16
N PHE T 523 -64.74 65.51 -86.87
CA PHE T 523 -64.50 64.08 -86.77
C PHE T 523 -64.09 63.69 -85.36
N MET T 524 -63.28 64.52 -84.71
CA MET T 524 -62.92 64.25 -83.33
C MET T 524 -64.15 64.15 -82.44
N GLU T 525 -65.04 65.14 -82.53
CA GLU T 525 -66.22 65.13 -81.68
C GLU T 525 -67.13 63.94 -81.98
N THR T 526 -67.42 63.69 -83.27
CA THR T 526 -68.24 62.54 -83.63
C THR T 526 -67.60 61.26 -83.11
N TRP T 527 -66.42 60.89 -83.63
CA TRP T 527 -65.75 59.67 -83.21
C TRP T 527 -65.64 59.56 -81.70
N ALA T 528 -65.67 60.68 -80.97
CA ALA T 528 -65.71 60.61 -79.52
C ALA T 528 -67.06 60.12 -79.02
N ASP T 529 -68.15 60.69 -79.54
CA ASP T 529 -69.48 60.41 -78.98
C ASP T 529 -70.28 59.39 -79.79
N MET T 530 -69.67 58.74 -80.78
CA MET T 530 -70.39 57.79 -81.64
C MET T 530 -69.82 56.38 -81.56
N MET T 531 -69.08 56.06 -80.49
CA MET T 531 -68.53 54.72 -80.28
C MET T 531 -69.27 54.06 -79.13
N PRO T 532 -70.39 53.39 -79.39
CA PRO T 532 -71.11 52.74 -78.28
C PRO T 532 -70.37 51.55 -77.71
N HIS T 533 -69.78 50.72 -78.56
CA HIS T 533 -69.04 49.54 -78.15
C HIS T 533 -67.60 49.64 -78.67
N HIS T 534 -66.86 48.57 -78.49
CA HIS T 534 -65.49 48.58 -78.99
C HIS T 534 -65.39 47.81 -80.29
N PRO T 535 -64.47 48.20 -81.18
CA PRO T 535 -64.34 47.51 -82.46
C PRO T 535 -63.85 46.09 -82.28
N HIS T 536 -64.33 45.20 -83.15
CA HIS T 536 -63.93 43.81 -83.15
C HIS T 536 -62.71 43.54 -84.01
N TRP T 537 -62.26 44.50 -84.80
CA TRP T 537 -61.10 44.33 -85.64
C TRP T 537 -59.83 44.91 -85.03
N VAL T 538 -59.88 45.30 -83.75
CA VAL T 538 -58.73 45.91 -83.10
C VAL T 538 -58.00 44.94 -82.17
N ASN T 539 -58.67 43.88 -81.72
CA ASN T 539 -58.07 42.93 -80.78
C ASN T 539 -57.45 41.79 -81.56
N GLU T 540 -56.24 42.04 -82.09
CA GLU T 540 -55.51 41.03 -82.83
C GLU T 540 -54.41 40.38 -82.01
N HIS T 541 -54.25 40.78 -80.75
CA HIS T 541 -53.23 40.19 -79.88
C HIS T 541 -53.57 38.77 -79.45
N LEU T 542 -54.75 38.26 -79.79
CA LEU T 542 -55.15 36.93 -79.35
C LEU T 542 -54.31 35.87 -80.05
N THR T 543 -54.12 34.75 -79.36
CA THR T 543 -53.42 33.60 -79.93
C THR T 543 -54.41 32.70 -80.67
N ILE T 544 -53.90 31.59 -81.21
CA ILE T 544 -54.75 30.67 -81.94
C ILE T 544 -55.81 30.08 -81.03
N LEU T 545 -55.42 29.69 -79.81
CA LEU T 545 -56.37 29.09 -78.88
C LEU T 545 -57.48 30.07 -78.52
N GLN T 546 -57.12 31.31 -78.22
CA GLN T 546 -58.13 32.31 -77.87
C GLN T 546 -59.01 32.68 -79.05
N PHE T 547 -58.47 32.62 -80.27
CA PHE T 547 -59.28 32.91 -81.44
C PHE T 547 -60.21 31.77 -81.78
N ILE T 548 -59.83 30.54 -81.44
CA ILE T 548 -60.64 29.38 -81.79
C ILE T 548 -61.68 29.08 -80.71
N ALA T 549 -61.41 29.40 -79.45
CA ALA T 549 -62.36 29.13 -78.38
C ALA T 549 -63.72 29.74 -78.71
N PRO T 550 -64.80 29.07 -78.30
CA PRO T 550 -66.14 29.54 -78.70
C PRO T 550 -66.52 30.90 -78.17
N SER T 551 -65.81 31.42 -77.17
CA SER T 551 -66.12 32.74 -76.63
C SER T 551 -65.78 33.86 -77.60
N ASN T 552 -65.02 33.59 -78.65
CA ASN T 552 -64.65 34.62 -79.61
C ASN T 552 -65.87 35.08 -80.38
N PRO T 553 -66.28 36.35 -80.25
CA PRO T 553 -67.49 36.79 -80.97
C PRO T 553 -67.30 36.89 -82.48
N ARG T 554 -66.10 37.21 -82.94
CA ARG T 554 -65.83 37.34 -84.37
C ARG T 554 -65.47 36.01 -85.01
N LEU T 555 -65.80 34.89 -84.38
CA LEU T 555 -65.51 33.58 -84.96
C LEU T 555 -66.53 33.21 -86.02
N ARG T 556 -67.81 33.53 -85.80
CA ARG T 556 -68.86 33.14 -86.73
C ARG T 556 -68.72 33.82 -88.08
N PHE T 557 -67.96 34.91 -88.16
CA PHE T 557 -67.79 35.64 -89.41
C PHE T 557 -66.53 35.25 -90.17
N GLU T 558 -65.77 34.27 -89.67
CA GLU T 558 -64.56 33.79 -90.35
C GLU T 558 -64.91 32.53 -91.11
N LEU T 559 -65.35 32.70 -92.37
CA LEU T 559 -65.74 31.58 -93.20
C LEU T 559 -64.84 31.41 -94.41
N ASN T 560 -64.66 32.45 -95.22
CA ASN T 560 -63.82 32.34 -96.38
C ASN T 560 -62.48 33.02 -96.14
N PRO T 561 -61.37 32.43 -96.60
CA PRO T 561 -60.06 33.06 -96.37
C PRO T 561 -59.84 34.30 -97.22
N ALA T 562 -60.61 34.49 -98.29
CA ALA T 562 -60.43 35.62 -99.18
C ALA T 562 -61.40 36.76 -98.92
N PHE T 563 -62.40 36.54 -98.08
CA PHE T 563 -63.42 37.55 -97.81
C PHE T 563 -63.39 37.94 -96.35
N ASP T 564 -63.96 39.11 -96.05
CA ASP T 564 -64.08 39.63 -94.70
C ASP T 564 -65.54 40.00 -94.45
N PHE T 565 -66.18 39.28 -93.54
CA PHE T 565 -67.59 39.47 -93.24
C PHE T 565 -67.74 40.38 -92.04
N PHE T 566 -68.32 41.55 -92.24
CA PHE T 566 -68.57 42.50 -91.17
C PHE T 566 -70.05 42.87 -91.18
N VAL T 567 -70.42 43.82 -90.33
CA VAL T 567 -71.78 44.32 -90.24
C VAL T 567 -71.75 45.82 -90.49
N ALA T 568 -72.78 46.34 -91.14
CA ALA T 568 -72.84 47.74 -91.53
C ALA T 568 -74.30 48.16 -91.63
N PRO T 569 -74.58 49.45 -91.46
CA PRO T 569 -75.95 49.93 -91.63
C PRO T 569 -76.41 49.74 -93.07
N GLY T 570 -77.60 49.17 -93.23
CA GLY T 570 -78.12 48.89 -94.55
C GLY T 570 -78.81 50.08 -95.19
N ASP T 571 -79.09 49.94 -96.49
CA ASP T 571 -79.82 50.93 -97.26
C ASP T 571 -79.12 52.29 -97.26
N VAL T 572 -77.79 52.26 -97.35
CA VAL T 572 -76.99 53.47 -97.42
C VAL T 572 -76.01 53.34 -98.58
N ASP T 573 -75.61 54.49 -99.13
CA ASP T 573 -74.66 54.55 -100.24
C ASP T 573 -73.31 55.02 -99.73
N LEU T 574 -72.24 54.42 -100.25
CA LEU T 574 -70.89 54.72 -99.81
C LEU T 574 -70.12 55.35 -100.97
N PRO T 575 -69.56 56.55 -100.81
CA PRO T 575 -69.69 57.36 -99.60
C PRO T 575 -71.04 58.04 -99.50
N GLY T 576 -71.32 58.66 -98.36
CA GLY T 576 -72.59 59.30 -98.14
C GLY T 576 -72.48 60.59 -97.35
N PRO T 577 -73.48 60.89 -96.53
CA PRO T 577 -73.48 62.13 -95.78
C PRO T 577 -72.42 62.12 -94.69
N GLN T 578 -72.26 63.29 -94.07
CA GLN T 578 -71.26 63.44 -93.01
C GLN T 578 -71.63 62.62 -91.79
N ARG T 579 -72.89 62.68 -91.36
CA ARG T 579 -73.33 61.90 -90.21
C ARG T 579 -74.01 60.63 -90.68
N PRO T 580 -73.68 59.47 -90.12
CA PRO T 580 -74.29 58.22 -90.56
C PRO T 580 -75.76 58.18 -90.20
N PRO T 581 -76.64 58.01 -91.19
CA PRO T 581 -78.07 57.95 -90.89
C PRO T 581 -78.44 56.65 -90.21
N GLU T 582 -79.45 56.73 -89.35
CA GLU T 582 -79.89 55.56 -88.62
C GLU T 582 -80.67 54.61 -89.52
N ALA T 583 -80.25 53.35 -89.56
CA ALA T 583 -80.92 52.35 -90.36
C ALA T 583 -80.65 50.97 -89.75
N MET T 584 -81.38 49.98 -90.24
CA MET T 584 -81.22 48.62 -89.73
C MET T 584 -79.87 48.07 -90.17
N PRO T 585 -79.09 47.47 -89.27
CA PRO T 585 -77.79 46.93 -89.68
C PRO T 585 -77.94 45.62 -90.41
N THR T 586 -77.13 45.44 -91.44
CA THR T 586 -77.10 44.20 -92.22
C THR T 586 -75.65 43.72 -92.32
N VAL T 587 -75.49 42.55 -92.91
CA VAL T 587 -74.18 41.95 -93.07
C VAL T 587 -73.64 42.25 -94.46
N ASN T 588 -72.37 42.65 -94.52
CA ASN T 588 -71.69 42.90 -95.78
C ASN T 588 -70.35 42.18 -95.77
N ALA T 589 -69.79 42.01 -96.96
CA ALA T 589 -68.54 41.26 -97.12
C ALA T 589 -67.67 41.96 -98.15
N THR T 590 -66.47 42.35 -97.73
CA THR T 590 -65.50 42.94 -98.63
C THR T 590 -64.52 41.86 -99.09
N LEU T 591 -63.46 42.27 -99.78
CA LEU T 591 -62.49 41.35 -100.36
C LEU T 591 -61.10 41.69 -99.85
N ARG T 592 -60.41 40.67 -99.34
CA ARG T 592 -59.03 40.83 -98.86
C ARG T 592 -58.10 40.75 -100.06
N ILE T 593 -57.67 41.92 -100.55
CA ILE T 593 -56.81 41.95 -101.73
C ILE T 593 -55.41 41.45 -101.40
N ILE T 594 -54.96 41.65 -100.17
CA ILE T 594 -53.61 41.29 -99.76
C ILE T 594 -53.67 40.01 -98.93
N ASN T 595 -52.75 39.09 -99.20
CA ASN T 595 -52.67 37.89 -98.37
C ASN T 595 -52.19 38.20 -96.97
N GLY T 596 -51.58 39.38 -96.75
CA GLY T 596 -51.21 39.80 -95.42
C GLY T 596 -52.34 40.33 -94.59
N ASN T 597 -53.49 40.63 -95.20
CA ASN T 597 -54.66 41.09 -94.46
C ASN T 597 -55.32 39.99 -93.66
N ILE T 598 -54.82 38.76 -93.75
CA ILE T 598 -55.32 37.68 -92.89
C ILE T 598 -55.07 38.06 -91.43
N PRO T 599 -56.02 37.86 -90.52
CA PRO T 599 -55.75 38.15 -89.11
C PRO T 599 -54.53 37.41 -88.59
N VAL T 600 -53.75 38.08 -87.75
CA VAL T 600 -52.51 37.53 -87.24
C VAL T 600 -52.73 36.32 -86.33
N PRO T 601 -53.87 36.15 -85.64
CA PRO T 601 -54.07 34.87 -84.95
C PRO T 601 -54.07 33.67 -85.89
N LEU T 602 -54.49 33.87 -87.15
CA LEU T 602 -54.44 32.80 -88.13
C LEU T 602 -53.10 32.77 -88.85
N CYS T 603 -52.55 33.93 -89.19
CA CYS T 603 -51.23 34.02 -89.81
C CYS T 603 -50.26 34.67 -88.84
N PRO T 604 -49.46 33.89 -88.13
CA PRO T 604 -48.61 34.46 -87.07
C PRO T 604 -47.48 35.33 -87.60
N ILE T 605 -46.64 35.82 -86.70
CA ILE T 605 -45.54 36.70 -87.06
C ILE T 605 -44.29 35.91 -87.40
N SER T 606 -44.01 34.86 -86.63
CA SER T 606 -42.81 34.06 -86.87
C SER T 606 -42.82 33.44 -88.26
N PHE T 607 -43.99 32.98 -88.72
CA PHE T 607 -44.07 32.42 -90.06
C PHE T 607 -43.74 33.47 -91.11
N ARG T 608 -44.26 34.68 -90.96
CA ARG T 608 -43.97 35.74 -91.92
C ARG T 608 -42.49 36.10 -91.91
N ASP T 609 -41.88 36.13 -90.72
CA ASP T 609 -40.45 36.46 -90.65
C ASP T 609 -39.61 35.37 -91.29
N CYS T 610 -39.96 34.10 -91.08
CA CYS T 610 -39.24 33.02 -91.72
C CYS T 610 -39.42 33.08 -93.23
N ARG T 611 -40.62 33.42 -93.70
CA ARG T 611 -40.84 33.54 -95.14
C ARG T 611 -40.00 34.67 -95.72
N GLY T 612 -39.91 35.79 -95.01
CA GLY T 612 -39.07 36.88 -95.49
C GLY T 612 -37.60 36.51 -95.49
N THR T 613 -37.16 35.74 -94.51
CA THR T 613 -35.79 35.25 -94.50
C THR T 613 -35.52 34.36 -95.71
N GLN T 614 -36.46 33.47 -96.02
CA GLN T 614 -36.30 32.62 -97.20
C GLN T 614 -36.30 33.46 -98.48
N LEU T 615 -37.11 34.51 -98.53
CA LEU T 615 -37.11 35.39 -99.70
C LEU T 615 -35.74 36.05 -99.87
N GLY T 616 -35.32 36.82 -98.89
CA GLY T 616 -34.04 37.51 -98.97
C GLY T 616 -32.87 36.60 -98.67
N LEU T 617 -32.64 35.61 -99.53
CA LEU T 617 -31.58 34.64 -99.29
C LEU T 617 -30.21 35.26 -99.47
N GLY T 618 -29.91 35.74 -100.67
CA GLY T 618 -28.61 36.32 -100.96
C GLY T 618 -28.70 37.62 -101.74
N ARG T 619 -29.75 38.39 -101.48
CA ARG T 619 -29.98 39.63 -102.21
C ARG T 619 -29.20 40.77 -101.56
N HIS T 620 -29.48 41.99 -102.02
CA HIS T 620 -28.78 43.17 -101.53
C HIS T 620 -29.12 43.43 -100.06
N THR T 621 -28.10 43.71 -99.26
CA THR T 621 -28.26 43.98 -97.84
C THR T 621 -27.54 45.27 -97.48
N MET T 622 -28.20 46.07 -96.65
CA MET T 622 -27.65 47.35 -96.23
C MET T 622 -26.61 47.14 -95.13
N THR T 623 -25.63 48.03 -95.09
CA THR T 623 -24.54 47.89 -94.14
C THR T 623 -24.95 48.42 -92.76
N PRO T 624 -24.40 47.83 -91.69
CA PRO T 624 -24.74 48.31 -90.34
C PRO T 624 -24.45 49.78 -90.12
N ALA T 625 -23.49 50.36 -90.83
CA ALA T 625 -23.26 51.79 -90.72
C ALA T 625 -24.50 52.58 -91.10
N THR T 626 -25.01 52.35 -92.32
CA THR T 626 -26.23 53.02 -92.75
C THR T 626 -27.41 52.65 -91.86
N ILE T 627 -27.49 51.40 -91.43
CA ILE T 627 -28.59 50.98 -90.57
C ILE T 627 -28.61 51.81 -89.29
N LYS T 628 -27.47 51.87 -88.60
CA LYS T 628 -27.39 52.63 -87.36
C LYS T 628 -27.65 54.11 -87.60
N ALA T 629 -27.11 54.66 -88.70
CA ALA T 629 -27.28 56.08 -88.97
C ALA T 629 -28.76 56.42 -89.16
N VAL T 630 -29.46 55.68 -90.01
CA VAL T 630 -30.86 56.00 -90.25
C VAL T 630 -31.70 55.70 -89.02
N LYS T 631 -31.35 54.67 -88.24
CA LYS T 631 -32.11 54.40 -87.02
C LYS T 631 -31.96 55.53 -86.03
N ASP T 632 -30.74 56.02 -85.85
CA ASP T 632 -30.50 57.15 -84.97
C ASP T 632 -31.25 58.38 -85.45
N THR T 633 -31.24 58.64 -86.75
CA THR T 633 -31.98 59.78 -87.28
C THR T 633 -33.48 59.65 -87.01
N PHE T 634 -34.05 58.47 -87.25
CA PHE T 634 -35.48 58.28 -87.04
C PHE T 634 -35.86 58.43 -85.58
N GLU T 635 -35.06 57.86 -84.68
CA GLU T 635 -35.38 57.95 -83.26
C GLU T 635 -35.01 59.30 -82.65
N ASP T 636 -34.26 60.13 -83.37
CA ASP T 636 -33.88 61.43 -82.83
C ASP T 636 -35.10 62.31 -82.64
N ARG T 637 -35.14 63.02 -81.52
CA ARG T 637 -36.23 63.93 -81.20
C ARG T 637 -35.78 65.39 -81.16
N ALA T 638 -34.56 65.66 -81.61
CA ALA T 638 -34.06 67.03 -81.71
C ALA T 638 -34.00 67.51 -83.16
N TYR T 639 -34.76 66.89 -84.05
CA TYR T 639 -34.78 67.27 -85.45
C TYR T 639 -35.23 68.72 -85.59
N PRO T 640 -34.43 69.60 -86.19
CA PRO T 640 -34.82 71.00 -86.28
C PRO T 640 -35.99 71.19 -87.24
N THR T 641 -36.93 72.05 -86.83
CA THR T 641 -38.10 72.35 -87.65
C THR T 641 -37.74 73.09 -88.92
N ILE T 642 -36.53 73.64 -89.01
CA ILE T 642 -36.12 74.32 -90.24
C ILE T 642 -36.09 73.35 -91.40
N PHE T 643 -35.77 72.08 -91.14
CA PHE T 643 -35.78 71.08 -92.21
C PHE T 643 -37.20 70.85 -92.74
N TYR T 644 -38.17 70.73 -91.83
CA TYR T 644 -39.56 70.58 -92.26
C TYR T 644 -40.03 71.82 -93.02
N MET T 645 -39.62 73.01 -92.56
CA MET T 645 -40.02 74.23 -93.25
C MET T 645 -39.43 74.28 -94.66
N LEU T 646 -38.16 73.91 -94.80
CA LEU T 646 -37.54 73.88 -96.12
C LEU T 646 -38.22 72.86 -97.03
N GLU T 647 -38.53 71.67 -96.49
CA GLU T 647 -39.21 70.67 -97.28
C GLU T 647 -40.58 71.18 -97.74
N ALA T 648 -41.30 71.88 -96.86
CA ALA T 648 -42.60 72.41 -97.22
C ALA T 648 -42.49 73.47 -98.31
N VAL T 649 -41.55 74.41 -98.18
CA VAL T 649 -41.44 75.46 -99.18
C VAL T 649 -40.91 74.91 -100.49
N ILE T 650 -40.17 73.80 -100.45
CA ILE T 650 -39.71 73.20 -101.70
C ILE T 650 -40.84 72.46 -102.38
N HIS T 651 -41.66 71.74 -101.61
CA HIS T 651 -42.82 71.00 -102.10
C HIS T 651 -42.49 70.12 -103.30
N GLY T 652 -41.24 69.69 -103.41
CA GLY T 652 -40.84 68.76 -104.44
C GLY T 652 -40.87 69.31 -105.85
N ASN T 653 -39.97 70.25 -106.15
CA ASN T 653 -39.86 70.80 -107.48
C ASN T 653 -38.39 70.98 -107.83
N GLU T 654 -38.02 70.52 -109.03
CA GLU T 654 -36.62 70.60 -109.45
C GLU T 654 -36.17 72.03 -109.65
N ARG T 655 -37.04 72.88 -110.17
CA ARG T 655 -36.70 74.28 -110.36
C ARG T 655 -36.33 74.95 -109.04
N ASN T 656 -36.91 74.50 -107.93
CA ASN T 656 -36.57 75.04 -106.62
C ASN T 656 -35.38 74.34 -105.99
N PHE T 657 -35.28 73.01 -106.17
CA PHE T 657 -34.16 72.28 -105.61
C PHE T 657 -32.84 72.73 -106.22
N CYS T 658 -32.76 72.80 -107.55
CA CYS T 658 -31.54 73.24 -108.21
C CYS T 658 -31.16 74.65 -107.83
N ALA T 659 -32.15 75.51 -107.53
CA ALA T 659 -31.86 76.88 -107.12
C ALA T 659 -31.35 76.95 -105.69
N LEU T 660 -31.96 76.18 -104.77
CA LEU T 660 -31.53 76.17 -103.38
C LEU T 660 -30.36 75.22 -103.14
N LEU T 661 -29.81 74.63 -104.20
CA LEU T 661 -28.73 73.66 -104.06
C LEU T 661 -27.60 74.19 -103.18
N ARG T 662 -27.28 75.48 -103.32
CA ARG T 662 -26.18 76.06 -102.55
C ARG T 662 -26.45 75.97 -101.05
N LEU T 663 -27.68 76.25 -100.64
CA LEU T 663 -28.00 76.28 -99.22
C LEU T 663 -28.06 74.88 -98.62
N LEU T 664 -28.69 73.94 -99.34
CA LEU T 664 -28.89 72.61 -98.81
C LEU T 664 -27.57 71.89 -98.56
N THR T 665 -26.58 72.14 -99.42
CA THR T 665 -25.28 71.51 -99.24
C THR T 665 -24.69 71.88 -97.88
N GLN T 666 -24.55 73.17 -97.62
CA GLN T 666 -24.02 73.61 -96.33
C GLN T 666 -24.90 73.18 -95.17
N CYS T 667 -26.23 73.19 -95.37
CA CYS T 667 -27.13 72.79 -94.29
C CYS T 667 -26.91 71.34 -93.89
N ILE T 668 -26.90 70.43 -94.86
CA ILE T 668 -26.74 69.02 -94.55
C ILE T 668 -25.33 68.73 -94.06
N ARG T 669 -24.34 69.44 -94.58
CA ARG T 669 -22.97 69.24 -94.10
C ARG T 669 -22.85 69.64 -92.63
N GLY T 670 -23.40 70.80 -92.26
CA GLY T 670 -23.38 71.21 -90.88
C GLY T 670 -24.18 70.30 -89.98
N TYR T 671 -25.34 69.84 -90.43
CA TYR T 671 -26.14 68.93 -89.62
C TYR T 671 -25.45 67.58 -89.43
N TRP T 672 -24.71 67.12 -90.45
CA TRP T 672 -24.03 65.83 -90.32
C TRP T 672 -22.81 65.95 -89.41
N GLU T 673 -21.96 66.95 -89.64
CA GLU T 673 -20.76 67.06 -88.80
C GLU T 673 -21.08 67.76 -87.49
N GLN T 674 -22.18 67.34 -86.87
CA GLN T 674 -22.48 67.66 -85.48
C GLN T 674 -23.05 66.48 -84.70
N SER T 675 -23.67 65.50 -85.35
CA SER T 675 -24.20 64.33 -84.67
C SER T 675 -24.04 63.04 -85.46
N HIS T 676 -23.38 63.07 -86.62
CA HIS T 676 -23.26 61.90 -87.50
C HIS T 676 -24.65 61.33 -87.83
N ARG T 677 -25.44 62.16 -88.50
CA ARG T 677 -26.80 61.78 -88.88
C ARG T 677 -27.14 62.35 -90.24
N VAL T 678 -27.86 61.58 -91.02
CA VAL T 678 -28.36 61.99 -92.31
C VAL T 678 -29.70 62.69 -92.11
N ALA T 679 -30.08 63.56 -93.04
CA ALA T 679 -31.32 64.31 -92.93
C ALA T 679 -32.09 64.22 -94.23
N PHE T 680 -33.24 64.90 -94.27
CA PHE T 680 -34.10 64.96 -95.45
C PHE T 680 -34.56 63.57 -95.89
N VAL T 681 -35.05 62.79 -94.92
CA VAL T 681 -35.53 61.45 -95.22
C VAL T 681 -37.05 61.36 -95.25
N ASN T 682 -37.75 62.46 -94.99
CA ASN T 682 -39.21 62.42 -94.95
C ASN T 682 -39.81 62.29 -96.35
N ASN T 683 -39.29 63.05 -97.30
CA ASN T 683 -39.84 63.10 -98.65
C ASN T 683 -39.03 62.19 -99.57
N PHE T 684 -39.74 61.48 -100.44
CA PHE T 684 -39.07 60.65 -101.43
C PHE T 684 -38.45 61.47 -102.55
N HIS T 685 -39.00 62.64 -102.83
CA HIS T 685 -38.38 63.53 -103.81
C HIS T 685 -37.34 64.42 -103.17
N MET T 686 -36.48 63.83 -102.36
CA MET T 686 -35.31 64.56 -101.87
C MET T 686 -34.02 63.76 -102.03
N LEU T 687 -34.05 62.47 -101.74
CA LEU T 687 -32.84 61.67 -101.84
C LEU T 687 -32.51 61.33 -103.29
N MET T 688 -33.52 61.21 -104.15
CA MET T 688 -33.25 61.05 -105.57
C MET T 688 -32.55 62.28 -106.13
N TYR T 689 -33.04 63.47 -105.78
CA TYR T 689 -32.36 64.70 -106.19
C TYR T 689 -30.96 64.77 -105.61
N ILE T 690 -30.78 64.34 -104.37
CA ILE T 690 -29.46 64.35 -103.76
C ILE T 690 -28.49 63.48 -104.56
N THR T 691 -28.89 62.23 -104.85
CA THR T 691 -28.01 61.36 -105.62
C THR T 691 -27.77 61.88 -107.03
N THR T 692 -28.76 62.52 -107.65
CA THR T 692 -28.58 62.95 -109.02
C THR T 692 -27.67 64.18 -109.11
N TYR T 693 -27.74 65.08 -108.14
CA TYR T 693 -27.00 66.33 -108.20
C TYR T 693 -25.73 66.30 -107.37
N LEU T 694 -25.85 66.07 -106.06
CA LEU T 694 -24.68 65.99 -105.19
C LEU T 694 -24.10 64.58 -105.19
N GLY T 695 -23.82 64.07 -106.37
CA GLY T 695 -23.29 62.73 -106.50
C GLY T 695 -21.92 62.70 -107.14
N ASN T 696 -21.20 63.83 -107.08
CA ASN T 696 -19.87 63.92 -107.65
C ASN T 696 -18.77 64.00 -106.61
N GLY T 697 -19.10 64.36 -105.37
CA GLY T 697 -18.09 64.51 -104.34
C GLY T 697 -18.25 65.78 -103.54
N GLU T 698 -19.38 66.47 -103.74
CA GLU T 698 -19.65 67.69 -102.97
C GLU T 698 -19.76 67.38 -101.48
N LEU T 699 -20.33 66.24 -101.15
CA LEU T 699 -20.44 65.78 -99.77
C LEU T 699 -19.34 64.77 -99.47
N PRO T 700 -19.05 64.52 -98.19
CA PRO T 700 -18.11 63.45 -97.85
C PRO T 700 -18.58 62.11 -98.38
N GLU T 701 -17.64 61.17 -98.45
CA GLU T 701 -17.90 59.86 -99.03
C GLU T 701 -18.76 58.97 -98.14
N VAL T 702 -19.36 59.50 -97.08
CA VAL T 702 -20.16 58.71 -96.17
C VAL T 702 -21.65 58.90 -96.42
N CYS T 703 -22.11 60.16 -96.50
CA CYS T 703 -23.54 60.42 -96.68
C CYS T 703 -24.01 59.96 -98.05
N ILE T 704 -23.22 60.25 -99.09
CA ILE T 704 -23.57 59.79 -100.43
C ILE T 704 -23.61 58.26 -100.47
N ASN T 705 -22.74 57.61 -99.71
CA ASN T 705 -22.76 56.15 -99.66
C ASN T 705 -24.03 55.65 -98.97
N ILE T 706 -24.45 56.33 -97.90
CA ILE T 706 -25.70 55.97 -97.23
C ILE T 706 -26.86 56.07 -98.21
N TYR T 707 -26.93 57.19 -98.94
CA TYR T 707 -28.01 57.39 -99.89
C TYR T 707 -27.99 56.33 -100.99
N ARG T 708 -26.80 56.05 -101.53
CA ARG T 708 -26.69 55.03 -102.56
C ARG T 708 -27.10 53.66 -102.05
N ASP T 709 -26.78 53.36 -100.79
CA ASP T 709 -27.19 52.08 -100.22
C ASP T 709 -28.70 51.99 -100.11
N LEU T 710 -29.34 53.07 -99.66
CA LEU T 710 -30.81 53.05 -99.59
C LEU T 710 -31.43 52.86 -100.96
N LEU T 711 -30.94 53.60 -101.96
CA LEU T 711 -31.47 53.45 -103.32
C LEU T 711 -31.25 52.03 -103.83
N GLN T 712 -30.09 51.45 -103.53
CA GLN T 712 -29.81 50.08 -103.97
C GLN T 712 -30.76 49.10 -103.33
N HIS T 713 -31.09 49.30 -102.04
CA HIS T 713 -32.06 48.43 -101.40
C HIS T 713 -33.43 48.55 -102.06
N VAL T 714 -33.86 49.77 -102.38
CA VAL T 714 -35.13 49.95 -103.06
C VAL T 714 -35.14 49.23 -104.40
N ARG T 715 -34.07 49.41 -105.19
CA ARG T 715 -33.99 48.74 -106.49
C ARG T 715 -33.96 47.23 -106.33
N ALA T 716 -33.33 46.73 -105.26
CA ALA T 716 -33.30 45.29 -105.04
C ALA T 716 -34.68 44.74 -104.76
N LEU T 717 -35.48 45.44 -103.94
CA LEU T 717 -36.85 45.00 -103.73
C LEU T 717 -37.64 45.03 -105.04
N ARG T 718 -37.48 46.09 -105.81
CA ARG T 718 -38.15 46.18 -107.10
C ARG T 718 -37.79 44.99 -107.99
N GLN T 719 -36.51 44.61 -108.02
CA GLN T 719 -36.09 43.48 -108.84
C GLN T 719 -36.63 42.17 -108.30
N THR T 720 -36.72 42.03 -106.98
CA THR T 720 -37.27 40.82 -106.39
C THR T 720 -38.72 40.63 -106.82
N ILE T 721 -39.49 41.71 -106.84
CA ILE T 721 -40.89 41.61 -107.26
C ILE T 721 -40.99 40.99 -108.66
N THR T 722 -40.16 41.45 -109.59
CA THR T 722 -40.17 40.89 -110.93
C THR T 722 -39.67 39.45 -110.93
N ASP T 723 -38.69 39.15 -110.07
CA ASP T 723 -38.10 37.82 -110.06
C ASP T 723 -39.08 36.77 -109.57
N PHE T 724 -40.03 37.14 -108.70
CA PHE T 724 -40.95 36.16 -108.14
C PHE T 724 -42.27 36.09 -108.89
N THR T 725 -42.28 36.33 -110.19
CA THR T 725 -43.48 36.21 -111.00
C THR T 725 -43.12 35.70 -112.39
N ILE T 726 -44.11 35.15 -113.08
CA ILE T 726 -43.93 34.65 -114.43
C ILE T 726 -44.29 35.76 -115.41
N GLN T 727 -43.39 36.04 -116.35
CA GLN T 727 -43.55 37.14 -117.29
C GLN T 727 -43.99 36.61 -118.65
N GLY T 728 -44.81 37.40 -119.34
CA GLY T 728 -45.22 37.05 -120.68
C GLY T 728 -46.71 36.83 -120.84
N GLU T 729 -47.52 37.46 -119.98
CA GLU T 729 -48.96 37.37 -120.10
C GLU T 729 -49.58 38.61 -119.49
N GLY T 730 -50.66 39.10 -120.08
CA GLY T 730 -51.33 40.28 -119.58
C GLY T 730 -52.78 40.31 -120.03
N HIS T 731 -53.64 40.72 -119.12
CA HIS T 731 -55.07 40.78 -119.37
C HIS T 731 -55.46 42.19 -119.80
N ASN T 732 -56.76 42.44 -119.91
CA ASN T 732 -57.25 43.74 -120.35
C ASN T 732 -56.79 44.89 -119.47
N GLY T 733 -56.45 44.60 -118.21
CA GLY T 733 -56.00 45.65 -117.31
C GLY T 733 -54.51 45.90 -117.41
N GLU T 734 -53.82 45.83 -116.28
CA GLU T 734 -52.39 46.10 -116.24
C GLU T 734 -51.62 44.84 -116.62
N THR T 735 -50.31 44.86 -116.40
CA THR T 735 -49.46 43.73 -116.75
C THR T 735 -49.41 42.73 -115.59
N SER T 736 -48.70 41.63 -115.84
CA SER T 736 -48.51 40.53 -114.86
C SER T 736 -48.05 41.11 -113.52
N GLU T 737 -47.16 42.11 -113.57
CA GLU T 737 -46.62 42.71 -112.36
C GLU T 737 -47.73 43.21 -111.45
N ALA T 738 -48.65 44.01 -111.99
CA ALA T 738 -49.71 44.56 -111.17
C ALA T 738 -50.80 43.54 -110.91
N LEU T 739 -50.93 42.54 -111.78
CA LEU T 739 -51.93 41.51 -111.57
C LEU T 739 -51.51 40.57 -110.45
N ASN T 740 -50.22 40.52 -110.17
CA ASN T 740 -49.68 39.70 -109.10
C ASN T 740 -49.46 40.46 -107.81
N ASN T 741 -48.77 41.59 -107.86
CA ASN T 741 -48.46 42.39 -106.69
C ASN T 741 -49.20 43.72 -106.74
N ILE T 742 -49.06 44.50 -105.68
CA ILE T 742 -49.75 45.77 -105.56
C ILE T 742 -48.78 46.95 -105.66
N LEU T 743 -47.58 46.81 -105.12
CA LEU T 743 -46.59 47.88 -105.20
C LEU T 743 -46.28 48.25 -106.64
N THR T 744 -46.50 47.34 -107.59
CA THR T 744 -46.31 47.61 -109.01
C THR T 744 -47.62 47.96 -109.71
N ASP T 745 -48.67 48.26 -108.95
CA ASP T 745 -49.97 48.61 -109.53
C ASP T 745 -50.13 50.12 -109.55
N ASP T 746 -50.77 50.61 -110.62
CA ASP T 746 -50.98 52.04 -110.77
C ASP T 746 -52.27 52.54 -110.13
N THR T 747 -53.28 51.67 -110.01
CA THR T 747 -54.50 52.06 -109.31
C THR T 747 -54.21 52.47 -107.87
N PHE T 748 -53.21 51.85 -107.26
CA PHE T 748 -52.80 52.22 -105.92
C PHE T 748 -52.00 53.53 -105.95
N ILE T 749 -52.14 54.33 -104.89
CA ILE T 749 -51.52 55.63 -104.84
C ILE T 749 -50.71 55.76 -103.55
N ALA T 750 -49.63 56.55 -103.63
CA ALA T 750 -48.80 56.81 -102.48
C ALA T 750 -49.55 57.67 -101.47
N PRO T 751 -49.15 57.64 -100.19
CA PRO T 751 -49.87 58.44 -99.19
C PRO T 751 -49.65 59.94 -99.35
N ILE T 752 -48.53 60.38 -99.92
CA ILE T 752 -48.24 61.79 -100.12
C ILE T 752 -47.97 62.02 -101.59
N LEU T 753 -48.62 63.04 -102.15
CA LEU T 753 -48.46 63.39 -103.56
C LEU T 753 -48.01 64.84 -103.66
N TRP T 754 -46.98 65.08 -104.47
CA TRP T 754 -46.50 66.42 -104.74
C TRP T 754 -46.87 66.93 -106.11
N ASP T 755 -47.05 66.05 -107.08
CA ASP T 755 -47.49 66.41 -108.42
C ASP T 755 -48.64 65.51 -108.83
N CYS T 756 -49.34 65.90 -109.89
CA CYS T 756 -50.55 65.22 -110.32
C CYS T 756 -50.29 64.19 -111.42
N ASP T 757 -49.05 63.77 -111.62
CA ASP T 757 -48.76 62.75 -112.62
C ASP T 757 -49.29 61.39 -112.19
N ALA T 758 -49.32 61.13 -110.88
CA ALA T 758 -49.87 59.85 -110.40
C ALA T 758 -51.35 59.73 -110.73
N LEU T 759 -52.09 60.83 -110.67
CA LEU T 759 -53.51 60.78 -111.03
C LEU T 759 -53.68 60.50 -112.51
N ILE T 760 -52.85 61.11 -113.36
CA ILE T 760 -52.91 60.82 -114.79
C ILE T 760 -52.62 59.34 -115.04
N TYR T 761 -51.56 58.82 -114.43
CA TYR T 761 -51.22 57.42 -114.59
C TYR T 761 -52.33 56.51 -114.10
N ARG T 762 -52.97 56.87 -112.99
CA ARG T 762 -54.06 56.04 -112.45
C ARG T 762 -55.27 56.04 -113.38
N ASP T 763 -55.66 57.21 -113.88
CA ASP T 763 -56.80 57.28 -114.78
C ASP T 763 -56.49 56.60 -116.12
N GLU T 764 -55.23 56.56 -116.51
CA GLU T 764 -54.87 55.95 -117.78
C GLU T 764 -54.65 54.45 -117.70
N ALA T 765 -54.22 53.94 -116.54
CA ALA T 765 -53.84 52.54 -116.44
C ALA T 765 -55.07 51.63 -116.51
N ALA T 766 -56.00 51.79 -115.57
CA ALA T 766 -57.12 50.86 -115.49
C ALA T 766 -58.09 51.06 -116.64
N ARG T 767 -58.74 52.21 -116.69
CA ARG T 767 -59.70 52.59 -117.74
C ARG T 767 -60.84 51.59 -117.88
N ASP T 768 -60.91 50.60 -116.99
CA ASP T 768 -61.95 49.59 -117.00
C ASP T 768 -62.78 49.60 -115.73
N ARG T 769 -62.13 49.48 -114.58
CA ARG T 769 -62.84 49.53 -113.31
C ARG T 769 -63.35 50.94 -113.08
N LEU T 770 -64.63 51.04 -112.72
CA LEU T 770 -65.30 52.33 -112.57
C LEU T 770 -64.61 53.17 -111.50
N PRO T 771 -63.91 54.23 -111.88
CA PRO T 771 -63.17 55.04 -110.91
C PRO T 771 -64.00 56.20 -110.41
N ALA T 772 -63.57 56.74 -109.28
CA ALA T 772 -64.20 57.92 -108.71
C ALA T 772 -63.19 58.65 -107.85
N ILE T 773 -63.16 59.97 -107.96
CA ILE T 773 -62.27 60.82 -107.17
C ILE T 773 -63.10 61.93 -106.54
N ARG T 774 -62.84 62.21 -105.26
CA ARG T 774 -63.54 63.24 -104.51
C ARG T 774 -62.49 64.15 -103.87
N VAL T 775 -62.05 65.16 -104.59
CA VAL T 775 -61.02 66.08 -104.08
C VAL T 775 -61.76 67.24 -103.42
N SER T 776 -62.13 67.03 -102.16
CA SER T 776 -62.73 68.06 -101.31
C SER T 776 -63.97 68.67 -101.95
N GLY T 777 -64.99 67.84 -102.15
CA GLY T 777 -66.24 68.31 -102.69
C GLY T 777 -66.52 67.78 -104.09
N ARG T 778 -66.38 68.65 -105.09
CA ARG T 778 -66.67 68.25 -106.46
C ARG T 778 -65.78 67.09 -106.88
N ASN T 779 -66.31 66.27 -107.78
CA ASN T 779 -65.61 65.09 -108.28
C ASN T 779 -64.80 65.46 -109.51
N GLY T 780 -63.49 65.25 -109.44
CA GLY T 780 -62.61 65.61 -110.53
C GLY T 780 -61.70 66.78 -110.19
N TYR T 781 -60.41 66.61 -110.41
CA TYR T 781 -59.44 67.65 -110.08
C TYR T 781 -59.20 68.58 -111.26
N GLN T 782 -58.74 69.78 -110.95
CA GLN T 782 -58.40 70.79 -111.95
C GLN T 782 -56.94 71.19 -111.74
N ALA T 783 -56.08 70.73 -112.64
CA ALA T 783 -54.66 71.02 -112.55
C ALA T 783 -54.33 72.29 -113.32
N LEU T 784 -53.37 73.06 -112.79
CA LEU T 784 -52.89 74.26 -113.45
C LEU T 784 -51.39 74.36 -113.25
N HIS T 785 -50.78 75.29 -113.96
CA HIS T 785 -49.33 75.44 -113.95
C HIS T 785 -48.90 76.19 -112.70
N PHE T 786 -47.64 76.63 -112.67
CA PHE T 786 -47.10 77.33 -111.52
C PHE T 786 -47.92 78.55 -111.16
N VAL T 787 -47.88 78.92 -109.89
CA VAL T 787 -48.63 80.05 -109.36
C VAL T 787 -47.65 81.18 -109.06
N ASP T 788 -47.97 82.39 -109.50
CA ASP T 788 -47.11 83.53 -109.31
C ASP T 788 -47.10 83.95 -107.84
N MET T 789 -46.31 84.99 -107.55
CA MET T 789 -46.22 85.48 -106.17
C MET T 789 -47.39 86.40 -105.82
N ALA T 790 -47.86 87.19 -106.79
CA ALA T 790 -48.92 88.15 -106.52
C ALA T 790 -50.23 87.44 -106.17
N GLY T 791 -50.75 86.67 -107.12
CA GLY T 791 -52.01 85.97 -106.89
C GLY T 791 -51.81 84.56 -106.38
N HIS T 792 -51.97 84.37 -105.07
CA HIS T 792 -51.83 83.05 -104.46
C HIS T 792 -53.17 82.44 -104.05
N ASN T 793 -54.06 83.23 -103.46
CA ASN T 793 -55.40 82.79 -103.06
C ASN T 793 -55.33 81.59 -102.12
N PHE T 794 -54.81 81.86 -100.92
CA PHE T 794 -54.69 80.83 -99.89
C PHE T 794 -55.98 80.05 -99.68
N GLN T 795 -57.12 80.66 -99.94
CA GLN T 795 -58.42 80.00 -99.82
C GLN T 795 -58.93 79.68 -101.22
N ARG T 796 -58.98 78.40 -101.56
CA ARG T 796 -59.43 77.96 -102.87
C ARG T 796 -60.25 76.69 -102.71
N ARG T 797 -60.74 76.17 -103.83
CA ARG T 797 -61.54 74.95 -103.84
C ARG T 797 -61.36 74.24 -105.17
N ASP T 798 -61.04 72.95 -105.10
CA ASP T 798 -60.88 72.09 -106.28
C ASP T 798 -59.81 72.64 -107.23
N ASN T 799 -58.60 72.76 -106.70
CA ASN T 799 -57.47 73.25 -107.48
C ASN T 799 -56.21 72.57 -107.00
N VAL T 800 -55.46 71.99 -107.93
CA VAL T 800 -54.24 71.26 -107.63
C VAL T 800 -53.12 71.80 -108.50
N LEU T 801 -51.91 71.83 -107.94
CA LEU T 801 -50.75 72.41 -108.59
C LEU T 801 -49.81 71.33 -109.12
N ILE T 802 -48.96 71.73 -110.05
CA ILE T 802 -47.92 70.86 -110.59
C ILE T 802 -46.55 71.52 -110.59
N HIS T 803 -46.44 72.76 -110.09
CA HIS T 803 -45.18 73.49 -110.00
C HIS T 803 -44.56 73.74 -111.38
N GLY T 804 -45.42 74.04 -112.36
CA GLY T 804 -44.95 74.36 -113.69
C GLY T 804 -44.22 73.18 -114.33
N ARG T 805 -43.19 73.50 -115.09
CA ARG T 805 -42.39 72.50 -115.78
C ARG T 805 -40.95 73.00 -115.87
N PRO T 806 -39.96 72.09 -115.83
CA PRO T 806 -38.56 72.52 -115.95
C PRO T 806 -38.13 72.83 -117.37
N VAL T 807 -38.87 72.36 -118.38
CA VAL T 807 -38.50 72.60 -119.77
C VAL T 807 -39.59 73.39 -120.48
N ILE T 815 -53.07 75.08 -123.32
CA ILE T 815 -51.96 74.14 -123.19
C ILE T 815 -52.30 73.08 -122.15
N PRO T 816 -52.19 71.80 -122.53
CA PRO T 816 -52.58 70.73 -121.62
C PRO T 816 -51.46 70.37 -120.65
N ILE T 817 -51.83 69.58 -119.65
CA ILE T 817 -50.86 69.12 -118.65
C ILE T 817 -50.14 67.89 -119.17
N THR T 818 -49.01 67.58 -118.54
CA THR T 818 -48.21 66.42 -118.90
C THR T 818 -47.62 65.82 -117.64
N PRO T 819 -47.42 64.50 -117.62
CA PRO T 819 -46.78 63.87 -116.45
C PRO T 819 -45.37 64.43 -116.24
N HIS T 820 -44.99 64.54 -114.98
CA HIS T 820 -43.70 65.12 -114.64
C HIS T 820 -42.58 64.09 -114.79
N HIS T 821 -42.65 62.99 -114.05
CA HIS T 821 -41.64 61.96 -114.07
C HIS T 821 -42.11 60.77 -114.88
N ASP T 822 -41.33 59.69 -114.86
CA ASP T 822 -41.67 58.46 -115.59
C ASP T 822 -42.68 57.66 -114.78
N ARG T 823 -42.94 56.42 -115.21
CA ARG T 823 -43.87 55.57 -114.49
C ARG T 823 -43.19 54.82 -113.36
N GLU T 824 -41.96 54.37 -113.56
CA GLU T 824 -41.23 53.64 -112.53
C GLU T 824 -40.99 54.48 -111.29
N TRP T 825 -41.02 55.80 -111.41
CA TRP T 825 -40.88 56.66 -110.24
C TRP T 825 -42.00 56.40 -109.23
N GLY T 826 -43.22 56.21 -109.72
CA GLY T 826 -44.31 55.90 -108.81
C GLY T 826 -44.11 54.58 -108.09
N ILE T 827 -43.64 53.57 -108.80
CA ILE T 827 -43.38 52.28 -108.18
C ILE T 827 -42.31 52.41 -107.11
N LEU T 828 -41.23 53.13 -107.41
CA LEU T 828 -40.17 53.33 -106.42
C LEU T 828 -40.69 54.08 -105.21
N SER T 829 -41.52 55.11 -105.42
CA SER T 829 -42.06 55.86 -104.30
C SER T 829 -42.96 54.99 -103.44
N LYS T 830 -43.80 54.16 -104.06
CA LYS T 830 -44.64 53.25 -103.29
C LYS T 830 -43.80 52.29 -102.46
N ILE T 831 -42.82 51.64 -103.10
CA ILE T 831 -41.94 50.72 -102.39
C ILE T 831 -41.30 51.41 -101.20
N TYR T 832 -40.73 52.60 -101.42
CA TYR T 832 -40.13 53.35 -100.34
C TYR T 832 -41.12 53.57 -99.21
N TYR T 833 -42.20 54.31 -99.48
CA TYR T 833 -43.11 54.76 -98.44
C TYR T 833 -43.78 53.60 -97.70
N TYR T 834 -43.95 52.45 -98.35
CA TYR T 834 -44.66 51.36 -97.72
C TYR T 834 -43.74 50.23 -97.27
N ILE T 835 -42.43 50.37 -97.43
CA ILE T 835 -41.52 49.36 -96.89
C ILE T 835 -40.52 49.99 -95.94
N VAL T 836 -39.71 50.93 -96.41
CA VAL T 836 -38.53 51.31 -95.65
C VAL T 836 -38.92 52.27 -94.52
N ILE T 837 -39.88 53.16 -94.77
CA ILE T 837 -40.35 54.05 -93.71
C ILE T 837 -41.04 53.29 -92.59
N PRO T 838 -42.00 52.38 -92.85
CA PRO T 838 -42.60 51.65 -91.73
C PRO T 838 -41.63 50.71 -91.05
N ALA T 839 -40.83 49.95 -91.80
CA ALA T 839 -39.90 49.01 -91.19
C ALA T 839 -38.88 49.68 -90.29
N PHE T 840 -38.62 50.98 -90.49
CA PHE T 840 -37.67 51.71 -89.67
C PHE T 840 -38.32 52.50 -88.55
N SER T 841 -39.46 53.13 -88.81
CA SER T 841 -40.12 53.92 -87.78
C SER T 841 -40.86 53.06 -86.78
N ARG T 842 -41.38 51.91 -87.21
CA ARG T 842 -42.12 50.98 -86.36
C ARG T 842 -43.31 51.69 -85.71
N GLY T 843 -44.18 52.21 -86.56
CA GLY T 843 -45.42 52.83 -86.11
C GLY T 843 -45.24 54.07 -85.27
N SER T 844 -44.15 54.80 -85.44
CA SER T 844 -43.89 56.01 -84.68
C SER T 844 -44.06 57.28 -85.48
N CYS T 845 -44.05 57.20 -86.81
CA CYS T 845 -44.22 58.36 -87.66
C CYS T 845 -45.70 58.69 -87.83
N CYS T 846 -45.96 59.89 -88.37
CA CYS T 846 -47.33 60.32 -88.56
C CYS T 846 -47.41 61.39 -89.65
N THR T 847 -48.45 61.31 -90.47
CA THR T 847 -48.67 62.28 -91.53
C THR T 847 -49.48 63.45 -91.00
N MET T 848 -49.09 64.66 -91.42
CA MET T 848 -49.71 65.88 -90.92
C MET T 848 -49.91 66.87 -92.07
N GLY T 849 -50.73 67.87 -91.80
CA GLY T 849 -50.97 68.95 -92.74
C GLY T 849 -50.23 70.20 -92.33
N VAL T 850 -50.07 71.12 -93.28
CA VAL T 850 -49.23 72.29 -93.09
C VAL T 850 -50.04 73.55 -93.37
N ARG T 851 -49.56 74.68 -92.86
CA ARG T 851 -50.25 75.96 -92.95
C ARG T 851 -49.36 76.96 -93.66
N TYR T 852 -49.54 77.08 -94.98
CA TYR T 852 -48.73 78.02 -95.76
C TYR T 852 -49.06 79.48 -95.45
N ASP T 853 -50.32 79.78 -95.11
CA ASP T 853 -50.67 81.14 -94.73
C ASP T 853 -49.95 81.60 -93.48
N ARG T 854 -49.45 80.67 -92.68
CA ARG T 854 -48.62 80.99 -91.53
C ARG T 854 -47.14 80.77 -91.78
N LEU T 855 -46.79 79.98 -92.79
CA LEU T 855 -45.40 79.77 -93.19
C LEU T 855 -44.83 80.97 -93.94
N TYR T 856 -45.48 81.35 -95.05
CA TYR T 856 -44.91 82.35 -95.94
C TYR T 856 -44.64 83.70 -95.26
N PRO T 857 -45.54 84.26 -94.45
CA PRO T 857 -45.19 85.51 -93.75
C PRO T 857 -44.03 85.35 -92.78
N ALA T 858 -43.80 84.14 -92.27
CA ALA T 858 -42.76 83.95 -91.28
C ALA T 858 -41.38 83.77 -91.90
N LEU T 859 -41.31 83.36 -93.17
CA LEU T 859 -40.03 83.11 -93.82
C LEU T 859 -39.51 84.31 -94.58
N GLN T 860 -40.19 85.45 -94.53
CA GLN T 860 -39.78 86.64 -95.27
C GLN T 860 -39.05 87.65 -94.41
N ALA T 861 -38.25 87.20 -93.45
CA ALA T 861 -37.48 88.07 -92.56
C ALA T 861 -36.02 87.68 -92.65
N VAL T 862 -35.26 88.41 -93.45
CA VAL T 862 -33.83 88.16 -93.66
C VAL T 862 -33.05 89.42 -93.32
N ILE T 863 -31.99 89.27 -92.54
CA ILE T 863 -31.19 90.41 -92.08
C ILE T 863 -29.77 90.28 -92.61
N VAL T 864 -29.64 89.74 -93.82
CA VAL T 864 -28.31 89.68 -94.44
C VAL T 864 -27.76 91.09 -94.60
N PRO T 865 -26.52 91.36 -94.21
CA PRO T 865 -25.98 92.71 -94.30
C PRO T 865 -25.35 92.99 -95.66
N GLU T 866 -25.17 94.27 -95.96
CA GLU T 866 -24.55 94.68 -97.20
C GLU T 866 -23.04 94.47 -97.11
N ILE T 867 -22.46 93.89 -98.16
CA ILE T 867 -21.03 93.64 -98.22
C ILE T 867 -20.34 94.86 -98.83
N PRO T 868 -19.22 95.32 -98.27
CA PRO T 868 -18.49 96.42 -98.90
C PRO T 868 -17.93 96.03 -100.24
N ALA T 869 -17.88 97.00 -101.15
CA ALA T 869 -17.31 96.77 -102.46
C ALA T 869 -15.81 96.51 -102.36
N ASP T 870 -15.29 95.69 -103.27
CA ASP T 870 -13.89 95.28 -103.26
C ASP T 870 -13.51 94.65 -101.93
N GLU T 871 -14.42 93.83 -101.39
CA GLU T 871 -14.20 93.14 -100.13
C GLU T 871 -14.70 91.71 -100.26
N GLU T 872 -14.36 90.89 -99.27
CA GLU T 872 -14.77 89.49 -99.24
C GLU T 872 -15.81 89.28 -98.15
N ALA T 873 -16.56 88.20 -98.29
CA ALA T 873 -17.62 87.87 -97.33
C ALA T 873 -17.06 87.05 -96.18
N PRO T 874 -17.42 87.35 -94.94
CA PRO T 874 -16.89 86.58 -93.82
C PRO T 874 -17.48 85.18 -93.78
N THR T 875 -16.66 84.22 -93.36
CA THR T 875 -17.07 82.82 -93.31
C THR T 875 -17.59 82.43 -91.93
N THR T 876 -16.76 82.57 -90.90
CA THR T 876 -17.13 82.21 -89.55
C THR T 876 -18.10 83.23 -88.95
N PRO T 877 -19.02 82.78 -88.08
CA PRO T 877 -20.02 83.69 -87.52
C PRO T 877 -19.57 84.47 -86.28
N GLU T 878 -18.28 84.50 -85.97
CA GLU T 878 -17.84 85.26 -84.80
C GLU T 878 -17.67 86.74 -85.09
N ASP T 879 -17.63 87.14 -86.37
CA ASP T 879 -17.49 88.55 -86.68
C ASP T 879 -18.86 89.18 -86.87
N PRO T 880 -18.99 90.49 -86.58
CA PRO T 880 -20.30 91.14 -86.73
C PRO T 880 -20.79 91.22 -88.16
N ARG T 881 -19.91 91.02 -89.16
CA ARG T 881 -20.34 91.06 -90.55
C ARG T 881 -21.10 89.79 -90.95
N HIS T 882 -20.96 88.72 -90.20
CA HIS T 882 -21.62 87.47 -90.55
C HIS T 882 -23.10 87.53 -90.21
N PRO T 883 -23.97 86.93 -91.02
CA PRO T 883 -25.41 86.95 -90.72
C PRO T 883 -25.76 86.23 -89.43
N LEU T 884 -24.95 85.25 -89.02
CA LEU T 884 -25.21 84.47 -87.82
C LEU T 884 -24.60 85.09 -86.58
N HIS T 885 -24.27 86.38 -86.61
CA HIS T 885 -23.71 87.05 -85.44
C HIS T 885 -24.82 87.68 -84.61
N ALA T 886 -24.50 87.96 -83.34
CA ALA T 886 -25.49 88.54 -82.44
C ALA T 886 -25.85 89.96 -82.82
N HIS T 887 -24.93 90.68 -83.48
CA HIS T 887 -25.22 92.05 -83.89
C HIS T 887 -26.36 92.10 -84.88
N GLN T 888 -26.43 91.12 -85.78
CA GLN T 888 -27.48 91.04 -86.79
C GLN T 888 -28.57 90.05 -86.41
N LEU T 889 -28.67 89.71 -85.13
CA LEU T 889 -29.65 88.75 -84.65
C LEU T 889 -30.77 89.52 -83.97
N VAL T 890 -31.94 89.55 -84.60
CA VAL T 890 -33.10 90.23 -84.05
C VAL T 890 -34.21 89.19 -83.84
N PRO T 891 -35.07 89.37 -82.84
CA PRO T 891 -36.14 88.39 -82.61
C PRO T 891 -37.12 88.34 -83.77
N ASN T 892 -37.80 87.21 -83.88
CA ASN T 892 -38.83 86.98 -84.90
C ASN T 892 -38.23 87.14 -86.31
N SER T 893 -37.19 86.36 -86.59
CA SER T 893 -36.53 86.37 -87.89
C SER T 893 -36.09 84.95 -88.21
N LEU T 894 -35.33 84.81 -89.29
CA LEU T 894 -34.81 83.51 -89.68
C LEU T 894 -33.41 83.25 -89.13
N ASN T 895 -32.67 84.31 -88.78
CA ASN T 895 -31.35 84.12 -88.19
C ASN T 895 -31.46 83.42 -86.85
N VAL T 896 -32.48 83.75 -86.06
CA VAL T 896 -32.66 83.07 -84.78
C VAL T 896 -33.06 81.62 -84.99
N TYR T 897 -33.85 81.33 -86.03
CA TYR T 897 -34.16 79.96 -86.37
C TYR T 897 -32.89 79.17 -86.67
N PHE T 898 -32.04 79.71 -87.54
CA PHE T 898 -30.83 79.01 -87.92
C PHE T 898 -29.85 78.90 -86.76
N HIS T 899 -29.86 79.87 -85.84
CA HIS T 899 -29.00 79.77 -84.67
C HIS T 899 -29.48 78.69 -83.72
N ASN T 900 -30.80 78.63 -83.49
CA ASN T 900 -31.35 77.55 -82.68
C ASN T 900 -31.04 76.20 -83.30
N ALA T 901 -31.08 76.11 -84.62
CA ALA T 901 -30.62 74.90 -85.30
C ALA T 901 -29.12 74.72 -85.23
N HIS T 902 -28.38 75.77 -84.88
CA HIS T 902 -26.92 75.74 -84.73
C HIS T 902 -26.24 75.34 -86.04
N LEU T 903 -26.53 76.11 -87.08
CA LEU T 903 -25.94 75.91 -88.39
C LEU T 903 -25.21 77.17 -88.83
N THR T 904 -24.41 77.03 -89.89
CA THR T 904 -23.60 78.14 -90.42
C THR T 904 -23.93 78.31 -91.89
N VAL T 905 -24.47 79.47 -92.25
CA VAL T 905 -24.91 79.76 -93.61
C VAL T 905 -24.35 81.12 -94.03
N ASP T 906 -24.03 81.23 -95.31
CA ASP T 906 -23.53 82.48 -95.87
C ASP T 906 -24.70 83.34 -96.35
N GLY T 907 -24.41 84.39 -97.11
CA GLY T 907 -25.43 85.34 -97.52
C GLY T 907 -26.20 84.96 -98.77
N ASP T 908 -25.51 84.42 -99.76
CA ASP T 908 -26.17 84.07 -101.02
C ASP T 908 -27.18 82.95 -100.84
N ALA T 909 -26.89 81.99 -99.95
CA ALA T 909 -27.84 80.92 -99.69
C ALA T 909 -29.14 81.47 -99.12
N LEU T 910 -29.04 82.46 -98.23
CA LEU T 910 -30.25 83.09 -97.70
C LEU T 910 -30.93 83.94 -98.77
N LEU T 911 -30.14 84.58 -99.63
CA LEU T 911 -30.73 85.41 -100.68
C LEU T 911 -31.51 84.58 -101.70
N THR T 912 -31.11 83.32 -101.91
CA THR T 912 -31.81 82.46 -102.86
C THR T 912 -33.28 82.24 -102.50
N LEU T 913 -33.68 82.56 -101.27
CA LEU T 913 -35.08 82.38 -100.88
C LEU T 913 -36.01 83.26 -101.69
N GLN T 914 -35.56 84.46 -102.07
CA GLN T 914 -36.40 85.34 -102.87
C GLN T 914 -36.65 84.73 -104.26
N GLU T 915 -35.61 84.17 -104.87
CA GLU T 915 -35.81 83.45 -106.12
C GLU T 915 -36.69 82.23 -105.93
N LEU T 916 -36.61 81.56 -104.78
CA LEU T 916 -37.52 80.46 -104.49
C LEU T 916 -38.97 80.95 -104.41
N MET T 917 -39.19 82.18 -103.94
CA MET T 917 -40.53 82.71 -103.76
C MET T 917 -41.33 82.81 -105.05
N GLY T 918 -40.75 82.47 -106.20
CA GLY T 918 -41.48 82.48 -107.46
C GLY T 918 -42.66 81.53 -107.45
N ASP T 919 -42.40 80.25 -107.29
CA ASP T 919 -43.47 79.27 -107.16
C ASP T 919 -43.99 79.25 -105.73
N MET T 920 -45.29 79.01 -105.59
CA MET T 920 -45.96 79.06 -104.30
C MET T 920 -46.74 77.77 -104.08
N ALA T 921 -47.23 77.60 -102.85
CA ALA T 921 -48.06 76.47 -102.49
C ALA T 921 -49.26 76.99 -101.70
N GLU T 922 -50.46 76.75 -102.24
CA GLU T 922 -51.66 77.30 -101.62
C GLU T 922 -51.97 76.61 -100.29
N ARG T 923 -52.22 75.30 -100.34
CA ARG T 923 -52.64 74.56 -99.16
C ARG T 923 -52.40 73.08 -99.40
N THR T 924 -52.67 72.28 -98.38
CA THR T 924 -52.64 70.82 -98.48
C THR T 924 -54.08 70.32 -98.47
N THR T 925 -54.36 69.32 -99.31
CA THR T 925 -55.74 68.90 -99.53
C THR T 925 -55.83 67.37 -99.58
N ALA T 926 -56.93 66.85 -99.03
CA ALA T 926 -57.18 65.42 -99.02
C ALA T 926 -57.78 64.97 -100.34
N ILE T 927 -57.51 63.71 -100.71
CA ILE T 927 -58.04 63.10 -101.92
C ILE T 927 -58.54 61.70 -101.57
N LEU T 928 -59.74 61.38 -102.03
CA LEU T 928 -60.36 60.07 -101.80
C LEU T 928 -60.67 59.47 -103.17
N VAL T 929 -60.03 58.35 -103.48
CA VAL T 929 -60.24 57.67 -104.74
C VAL T 929 -60.86 56.30 -104.47
N SER T 930 -61.62 55.81 -105.45
CA SER T 930 -62.34 54.55 -105.30
C SER T 930 -62.42 53.86 -106.65
N SER T 931 -62.35 52.54 -106.64
CA SER T 931 -62.38 51.74 -107.86
C SER T 931 -62.88 50.34 -107.54
N ALA T 932 -63.27 49.63 -108.59
CA ALA T 932 -63.69 48.24 -108.46
C ALA T 932 -62.48 47.34 -108.32
N PRO T 933 -62.67 46.08 -107.92
CA PRO T 933 -61.54 45.14 -107.91
C PRO T 933 -61.03 44.87 -109.32
N ASP T 934 -59.80 44.38 -109.39
CA ASP T 934 -59.13 44.19 -110.66
C ASP T 934 -59.82 43.10 -111.48
N ALA T 935 -59.40 42.98 -112.73
CA ALA T 935 -59.97 42.00 -113.65
C ALA T 935 -59.63 40.57 -113.26
N GLY T 936 -58.72 40.36 -112.31
CA GLY T 936 -58.41 39.01 -111.89
C GLY T 936 -59.53 38.37 -111.09
N ALA T 937 -60.17 39.16 -110.22
CA ALA T 937 -61.25 38.67 -109.39
C ALA T 937 -62.58 39.36 -109.70
N ALA T 938 -62.69 39.98 -110.87
CA ALA T 938 -63.91 40.68 -111.26
C ALA T 938 -64.94 39.67 -111.71
N THR T 939 -65.96 39.45 -110.88
CA THR T 939 -67.09 38.60 -111.23
C THR T 939 -68.37 39.43 -111.21
N ALA T 940 -69.49 38.75 -111.44
CA ALA T 940 -70.78 39.44 -111.52
C ALA T 940 -71.21 40.07 -110.21
N THR T 941 -70.61 39.68 -109.08
CA THR T 941 -70.99 40.20 -107.78
C THR T 941 -69.92 41.07 -107.15
N THR T 942 -68.64 40.76 -107.37
CA THR T 942 -67.57 41.55 -106.77
C THR T 942 -67.49 42.95 -107.34
N ARG T 943 -68.07 43.19 -108.53
CA ARG T 943 -68.05 44.53 -109.10
C ARG T 943 -68.85 45.50 -108.24
N ASN T 944 -69.83 45.00 -107.48
CA ASN T 944 -70.57 45.88 -106.58
C ASN T 944 -69.71 46.34 -105.41
N MET T 945 -68.83 45.48 -104.92
CA MET T 945 -67.91 45.88 -103.87
C MET T 945 -66.89 46.88 -104.39
N ARG T 946 -66.57 47.87 -103.57
CA ARG T 946 -65.67 48.93 -103.97
C ARG T 946 -64.67 49.19 -102.86
N ILE T 947 -63.44 49.53 -103.26
CA ILE T 947 -62.37 49.84 -102.32
C ILE T 947 -62.25 51.35 -102.19
N TYR T 948 -61.83 51.81 -101.01
CA TYR T 948 -61.71 53.23 -100.71
C TYR T 948 -60.43 53.45 -99.92
N ASP T 949 -59.55 54.31 -100.42
CA ASP T 949 -58.39 54.73 -99.68
C ASP T 949 -58.20 56.23 -99.84
N GLY T 950 -57.49 56.84 -98.90
CA GLY T 950 -57.28 58.28 -98.94
C GLY T 950 -55.81 58.66 -99.01
N ALA T 951 -55.53 59.89 -99.45
CA ALA T 951 -54.17 60.37 -99.53
C ALA T 951 -54.17 61.89 -99.37
N LEU T 952 -52.97 62.44 -99.22
CA LEU T 952 -52.80 63.87 -98.99
C LEU T 952 -52.01 64.50 -100.13
N TYR T 953 -52.28 65.78 -100.38
CA TYR T 953 -51.57 66.57 -101.37
C TYR T 953 -50.91 67.73 -100.67
N HIS T 954 -49.59 67.83 -100.80
CA HIS T 954 -48.77 68.87 -100.18
C HIS T 954 -48.79 68.75 -98.66
N GLY T 955 -48.88 67.52 -98.16
CA GLY T 955 -48.74 67.26 -96.74
C GLY T 955 -47.32 66.91 -96.36
N LEU T 956 -47.14 66.54 -95.10
CA LEU T 956 -45.82 66.20 -94.59
C LEU T 956 -45.92 64.93 -93.76
N ILE T 957 -44.76 64.33 -93.49
CA ILE T 957 -44.66 63.18 -92.61
C ILE T 957 -43.60 63.47 -91.56
N MET T 958 -43.98 63.42 -90.30
CA MET T 958 -43.09 63.67 -89.18
C MET T 958 -42.65 62.34 -88.58
N MET T 959 -41.38 62.28 -88.17
CA MET T 959 -40.83 61.05 -87.63
C MET T 959 -41.20 60.87 -86.16
N ALA T 960 -40.74 61.78 -85.31
CA ALA T 960 -40.96 61.68 -83.86
C ALA T 960 -41.35 63.05 -83.35
N TYR T 961 -42.61 63.19 -82.91
CA TYR T 961 -43.12 64.44 -82.38
C TYR T 961 -42.86 64.52 -80.88
N GLN T 962 -42.45 65.70 -80.43
CA GLN T 962 -42.19 65.94 -79.02
C GLN T 962 -42.95 67.18 -78.57
N ALA T 963 -43.73 67.03 -77.50
CA ALA T 963 -44.49 68.13 -76.93
C ALA T 963 -43.75 68.85 -75.82
N TYR T 964 -42.44 68.62 -75.68
CA TYR T 964 -41.65 69.22 -74.62
C TYR T 964 -40.74 70.34 -75.13
N ASP T 965 -41.06 70.93 -76.27
CA ASP T 965 -40.29 72.02 -76.85
C ASP T 965 -41.09 73.31 -76.68
N GLU T 966 -40.69 74.12 -75.70
CA GLU T 966 -41.37 75.38 -75.42
C GLU T 966 -40.84 76.53 -76.25
N THR T 967 -39.81 76.31 -77.08
CA THR T 967 -39.28 77.38 -77.91
C THR T 967 -40.28 77.78 -78.99
N ILE T 968 -40.91 76.81 -79.63
CA ILE T 968 -41.91 77.05 -80.66
C ILE T 968 -43.26 76.54 -80.15
N ALA T 969 -44.31 77.32 -80.38
CA ALA T 969 -45.64 76.90 -79.97
C ALA T 969 -46.07 75.66 -80.75
N THR T 970 -46.76 74.76 -80.06
CA THR T 970 -47.24 73.54 -80.70
C THR T 970 -48.33 73.87 -81.72
N GLY T 971 -48.29 73.19 -82.86
CA GLY T 971 -49.27 73.42 -83.89
C GLY T 971 -49.17 74.77 -84.56
N THR T 972 -47.97 75.36 -84.59
CA THR T 972 -47.80 76.66 -85.23
C THR T 972 -47.87 76.53 -86.75
N PHE T 973 -47.29 75.48 -87.30
CA PHE T 973 -47.28 75.28 -88.74
C PHE T 973 -47.80 73.91 -89.18
N PHE T 974 -47.95 72.95 -88.27
CA PHE T 974 -48.36 71.60 -88.63
C PHE T 974 -49.49 71.15 -87.73
N TYR T 975 -50.39 70.36 -88.32
CA TYR T 975 -51.53 69.79 -87.61
C TYR T 975 -51.72 68.37 -88.11
N PRO T 976 -51.92 67.41 -87.21
CA PRO T 976 -51.97 66.00 -87.63
C PRO T 976 -53.31 65.63 -88.23
N VAL T 977 -53.25 64.81 -89.28
CA VAL T 977 -54.46 64.27 -89.91
C VAL T 977 -54.06 62.98 -90.65
N PRO T 978 -53.73 61.92 -89.93
CA PRO T 978 -53.26 60.70 -90.59
C PRO T 978 -54.41 59.81 -91.02
N VAL T 979 -54.26 59.21 -92.20
CA VAL T 979 -55.20 58.20 -92.69
C VAL T 979 -54.37 56.96 -93.08
N ASN T 980 -54.11 56.10 -92.11
CA ASN T 980 -53.55 54.78 -92.32
C ASN T 980 -53.57 54.04 -91.00
N PRO T 981 -53.85 52.73 -90.99
CA PRO T 981 -53.59 51.95 -89.78
C PRO T 981 -52.11 51.82 -89.49
N LEU T 982 -51.25 52.11 -90.46
CA LEU T 982 -49.81 52.01 -90.33
C LEU T 982 -49.17 53.35 -89.97
N PHE T 983 -49.53 54.40 -90.69
CA PHE T 983 -48.98 55.72 -90.44
C PHE T 983 -49.69 56.46 -89.32
N ALA T 984 -50.53 55.77 -88.55
CA ALA T 984 -51.21 56.40 -87.43
C ALA T 984 -50.20 56.85 -86.39
N CYS T 985 -50.69 57.66 -85.45
CA CYS T 985 -49.84 58.27 -84.44
C CYS T 985 -50.64 58.49 -83.16
N PRO T 986 -50.34 57.78 -82.07
CA PRO T 986 -51.04 58.03 -80.81
C PRO T 986 -50.53 59.24 -80.04
N GLU T 987 -49.35 59.75 -80.38
CA GLU T 987 -48.76 60.86 -79.63
C GLU T 987 -48.72 62.17 -80.40
N HIS T 988 -48.76 62.14 -81.74
CA HIS T 988 -48.75 63.37 -82.52
C HIS T 988 -50.04 64.17 -82.37
N LEU T 989 -51.07 63.59 -81.75
CA LEU T 989 -52.34 64.29 -81.56
C LEU T 989 -52.24 65.42 -80.55
N ALA T 990 -51.16 65.50 -79.77
CA ALA T 990 -51.04 66.56 -78.79
C ALA T 990 -50.93 67.93 -79.45
N SER T 991 -50.43 67.99 -80.68
CA SER T 991 -50.30 69.26 -81.38
C SER T 991 -51.63 69.78 -81.89
N LEU T 992 -52.68 68.97 -81.90
CA LEU T 992 -53.98 69.42 -82.34
C LEU T 992 -54.69 70.21 -81.23
N ARG T 993 -55.40 71.25 -81.64
CA ARG T 993 -56.11 72.08 -80.67
C ARG T 993 -57.35 71.36 -80.17
N GLY T 994 -57.68 71.61 -78.90
CA GLY T 994 -58.84 71.00 -78.28
C GLY T 994 -58.71 69.51 -78.09
N MET T 995 -57.77 69.09 -77.24
CA MET T 995 -57.52 67.68 -76.97
C MET T 995 -57.69 67.41 -75.49
N THR T 996 -58.39 66.34 -75.17
CA THR T 996 -58.66 65.93 -73.79
C THR T 996 -58.07 64.56 -73.53
N ASN T 997 -57.97 64.22 -72.24
CA ASN T 997 -57.42 62.92 -71.86
C ASN T 997 -58.29 61.77 -72.35
N ALA T 998 -59.61 61.96 -72.37
CA ALA T 998 -60.50 60.93 -72.89
C ALA T 998 -60.23 60.67 -74.37
N ARG T 999 -60.13 61.73 -75.16
CA ARG T 999 -59.77 61.57 -76.57
C ARG T 999 -58.40 60.92 -76.72
N ARG T 1000 -57.45 61.29 -75.86
CA ARG T 1000 -56.11 60.71 -75.95
C ARG T 1000 -56.14 59.21 -75.70
N VAL T 1001 -56.81 58.78 -74.63
CA VAL T 1001 -56.83 57.35 -74.32
C VAL T 1001 -57.63 56.58 -75.36
N LEU T 1002 -58.70 57.19 -75.90
CA LEU T 1002 -59.47 56.52 -76.93
C LEU T 1002 -58.64 56.32 -78.20
N ALA T 1003 -57.89 57.34 -78.60
CA ALA T 1003 -57.00 57.23 -79.74
C ALA T 1003 -55.83 56.28 -79.47
N LYS T 1004 -55.45 56.12 -78.20
CA LYS T 1004 -54.39 55.17 -77.87
C LYS T 1004 -54.77 53.75 -78.26
N MET T 1005 -56.06 53.42 -78.19
CA MET T 1005 -56.54 52.10 -78.59
C MET T 1005 -56.92 52.07 -80.06
N VAL T 1006 -57.80 52.97 -80.47
CA VAL T 1006 -58.28 52.97 -81.85
C VAL T 1006 -57.50 53.99 -82.67
N PRO T 1007 -56.91 53.60 -83.79
CA PRO T 1007 -56.19 54.56 -84.64
C PRO T 1007 -57.15 55.58 -85.22
N PRO T 1008 -56.98 56.86 -84.88
CA PRO T 1008 -57.90 57.88 -85.37
C PRO T 1008 -57.78 58.10 -86.87
N ILE T 1009 -58.82 57.73 -87.61
CA ILE T 1009 -58.88 57.91 -89.06
C ILE T 1009 -60.25 58.47 -89.41
N PRO T 1010 -60.34 59.62 -90.06
CA PRO T 1010 -61.65 60.19 -90.34
C PRO T 1010 -62.40 59.37 -91.37
N PRO T 1011 -63.73 59.37 -91.32
CA PRO T 1011 -64.49 58.58 -92.30
C PRO T 1011 -64.44 59.13 -93.71
N PHE T 1012 -64.25 60.45 -93.87
CA PHE T 1012 -64.15 61.01 -95.21
C PHE T 1012 -62.83 60.67 -95.89
N LEU T 1013 -61.91 60.00 -95.20
CA LEU T 1013 -60.64 59.62 -95.77
C LEU T 1013 -60.51 58.12 -95.98
N GLY T 1014 -61.46 57.32 -95.53
CA GLY T 1014 -61.42 55.88 -95.73
C GLY T 1014 -61.67 55.10 -94.45
N ALA T 1015 -62.31 53.94 -94.61
CA ALA T 1015 -62.57 53.03 -93.51
C ALA T 1015 -61.61 51.85 -93.58
N ASN T 1016 -61.37 51.23 -92.43
CA ASN T 1016 -60.39 50.15 -92.35
C ASN T 1016 -60.85 48.94 -93.17
N HIS T 1017 -62.12 48.55 -93.03
CA HIS T 1017 -62.61 47.37 -93.73
C HIS T 1017 -62.70 47.58 -95.23
N HIS T 1018 -62.62 48.81 -95.72
CA HIS T 1018 -62.64 49.07 -97.15
C HIS T 1018 -61.30 49.47 -97.72
N ALA T 1019 -60.32 49.77 -96.89
CA ALA T 1019 -59.01 50.17 -97.37
C ALA T 1019 -58.16 48.95 -97.70
N THR T 1020 -57.08 49.18 -98.46
CA THR T 1020 -56.17 48.10 -98.81
C THR T 1020 -55.32 47.69 -97.62
N ILE T 1021 -54.53 48.63 -97.09
CA ILE T 1021 -53.71 48.38 -95.91
C ILE T 1021 -54.63 48.35 -94.70
N ARG T 1022 -54.60 47.24 -93.97
CA ARG T 1022 -55.52 47.04 -92.84
C ARG T 1022 -54.72 46.82 -91.56
N GLN T 1023 -55.46 46.48 -90.49
CA GLN T 1023 -54.84 46.38 -89.16
C GLN T 1023 -53.83 45.25 -89.00
N PRO T 1024 -53.97 44.08 -89.64
CA PRO T 1024 -52.99 43.01 -89.40
C PRO T 1024 -51.56 43.38 -89.76
N VAL T 1025 -51.34 44.01 -90.90
CA VAL T 1025 -49.97 44.35 -91.29
C VAL T 1025 -49.40 45.41 -90.36
N ALA T 1026 -50.23 46.35 -89.89
CA ALA T 1026 -49.77 47.35 -88.94
C ALA T 1026 -49.35 46.70 -87.63
N TYR T 1027 -50.18 45.79 -87.12
CA TYR T 1027 -49.79 45.04 -85.92
C TYR T 1027 -48.49 44.28 -86.14
N HIS T 1028 -48.35 43.64 -87.31
CA HIS T 1028 -47.14 42.89 -87.61
C HIS T 1028 -45.91 43.77 -87.55
N VAL T 1029 -45.93 44.91 -88.24
CA VAL T 1029 -44.75 45.76 -88.28
C VAL T 1029 -44.49 46.41 -86.94
N THR T 1030 -45.52 46.70 -86.15
CA THR T 1030 -45.32 47.36 -84.87
C THR T 1030 -44.98 46.39 -83.75
N HIS T 1031 -45.14 45.08 -83.95
CA HIS T 1031 -44.84 44.12 -82.89
C HIS T 1031 -43.67 43.20 -83.22
N SER T 1032 -43.31 43.01 -84.48
CA SER T 1032 -42.22 42.11 -84.84
C SER T 1032 -40.89 42.77 -84.50
N LYS T 1033 -40.01 42.00 -83.85
CA LYS T 1033 -38.65 42.46 -83.55
C LYS T 1033 -37.69 41.35 -83.97
N SER T 1034 -37.32 41.33 -85.24
CA SER T 1034 -36.35 40.37 -85.75
C SER T 1034 -35.09 41.05 -86.28
N ASP T 1035 -35.22 41.95 -87.24
CA ASP T 1035 -34.10 42.61 -87.90
C ASP T 1035 -34.66 43.73 -88.76
N PHE T 1036 -33.82 44.33 -89.59
CA PHE T 1036 -34.26 45.35 -90.52
C PHE T 1036 -34.38 44.82 -91.95
N ASN T 1037 -33.32 44.17 -92.47
CA ASN T 1037 -33.39 43.59 -93.80
C ASN T 1037 -34.45 42.51 -93.87
N THR T 1038 -34.45 41.60 -92.89
CA THR T 1038 -35.45 40.55 -92.87
C THR T 1038 -36.85 41.13 -92.71
N LEU T 1039 -37.00 42.19 -91.94
CA LEU T 1039 -38.31 42.82 -91.80
C LEU T 1039 -38.78 43.41 -93.13
N THR T 1040 -37.88 44.08 -93.84
CA THR T 1040 -38.24 44.62 -95.15
C THR T 1040 -38.64 43.54 -96.12
N TYR T 1041 -37.87 42.45 -96.18
CA TYR T 1041 -38.21 41.37 -97.10
C TYR T 1041 -39.50 40.68 -96.69
N SER T 1042 -39.77 40.58 -95.39
CA SER T 1042 -41.01 39.98 -94.93
C SER T 1042 -42.21 40.84 -95.30
N LEU T 1043 -42.07 42.17 -95.18
CA LEU T 1043 -43.14 43.05 -95.60
C LEU T 1043 -43.36 42.96 -97.11
N LEU T 1044 -42.28 42.87 -97.87
CA LEU T 1044 -42.41 42.69 -99.32
C LEU T 1044 -43.16 41.41 -99.64
N GLY T 1045 -42.82 40.31 -98.97
CA GLY T 1045 -43.53 39.07 -99.20
C GLY T 1045 -44.98 39.13 -98.78
N GLY T 1046 -45.27 39.86 -97.70
CA GLY T 1046 -46.65 40.05 -97.30
C GLY T 1046 -47.45 40.90 -98.25
N TYR T 1047 -46.79 41.78 -99.00
CA TYR T 1047 -47.48 42.63 -99.97
C TYR T 1047 -47.67 41.87 -101.28
N PHE T 1048 -48.63 40.94 -101.25
CA PHE T 1048 -48.96 40.15 -102.43
C PHE T 1048 -50.46 39.97 -102.51
N LYS T 1049 -50.96 39.73 -103.71
CA LYS T 1049 -52.39 39.60 -103.91
C LYS T 1049 -52.86 38.16 -103.63
N PHE T 1050 -54.15 38.03 -103.35
CA PHE T 1050 -54.77 36.74 -103.06
C PHE T 1050 -55.82 36.37 -104.11
N THR T 1051 -55.65 36.84 -105.34
CA THR T 1051 -56.56 36.52 -106.42
C THR T 1051 -56.26 35.14 -106.98
N PRO T 1052 -57.27 34.44 -107.50
CA PRO T 1052 -57.00 33.19 -108.23
C PRO T 1052 -56.04 33.37 -109.39
N ILE T 1053 -55.84 34.59 -109.87
CA ILE T 1053 -54.82 34.82 -110.89
C ILE T 1053 -53.44 35.01 -110.28
N SER T 1054 -53.36 35.68 -109.13
CA SER T 1054 -52.08 35.83 -108.45
C SER T 1054 -51.57 34.48 -107.93
N LEU T 1055 -52.50 33.61 -107.54
CA LEU T 1055 -52.10 32.26 -107.13
C LEU T 1055 -51.54 31.48 -108.32
N THR T 1056 -52.10 31.69 -109.51
CA THR T 1056 -51.56 31.07 -110.71
C THR T 1056 -50.08 31.38 -110.88
N HIS T 1057 -49.66 32.59 -110.49
CA HIS T 1057 -48.26 32.98 -110.54
C HIS T 1057 -47.46 32.41 -109.38
N GLN T 1058 -47.99 32.55 -108.16
CA GLN T 1058 -47.22 32.18 -106.98
C GLN T 1058 -46.99 30.68 -106.91
N LEU T 1059 -48.05 29.88 -107.08
CA LEU T 1059 -47.92 28.43 -107.05
C LEU T 1059 -46.95 27.91 -108.09
N ARG T 1060 -46.80 28.62 -109.22
CA ARG T 1060 -45.92 28.16 -110.27
C ARG T 1060 -44.48 28.61 -110.05
N THR T 1061 -44.27 29.84 -109.61
CA THR T 1061 -42.91 30.28 -109.32
C THR T 1061 -42.36 29.68 -108.03
N GLY T 1062 -43.22 29.09 -107.20
CA GLY T 1062 -42.77 28.47 -105.97
C GLY T 1062 -42.90 29.34 -104.74
N PHE T 1063 -43.53 30.51 -104.85
CA PHE T 1063 -43.75 31.36 -103.70
C PHE T 1063 -44.84 30.74 -102.81
N HIS T 1064 -44.50 30.50 -101.55
CA HIS T 1064 -45.43 29.86 -100.63
C HIS T 1064 -46.39 30.91 -100.06
N PRO T 1065 -47.68 30.82 -100.34
CA PRO T 1065 -48.64 31.75 -99.75
C PRO T 1065 -48.92 31.36 -98.30
N GLY T 1066 -49.74 32.17 -97.64
CA GLY T 1066 -50.08 31.93 -96.25
C GLY T 1066 -51.29 31.03 -96.07
N ILE T 1067 -51.28 29.87 -96.71
CA ILE T 1067 -52.40 28.93 -96.64
C ILE T 1067 -51.84 27.51 -96.59
N ALA T 1068 -52.34 26.70 -95.66
CA ALA T 1068 -52.00 25.29 -95.58
C ALA T 1068 -53.11 24.44 -96.15
N PHE T 1069 -52.80 23.18 -96.42
CA PHE T 1069 -53.77 22.27 -97.02
C PHE T 1069 -53.70 20.91 -96.35
N THR T 1070 -54.79 20.16 -96.48
CA THR T 1070 -54.85 18.77 -96.06
C THR T 1070 -55.42 17.94 -97.19
N VAL T 1071 -54.90 16.74 -97.37
CA VAL T 1071 -55.27 15.88 -98.48
C VAL T 1071 -56.10 14.72 -97.95
N VAL T 1072 -56.99 14.22 -98.80
CA VAL T 1072 -57.82 13.05 -98.50
C VAL T 1072 -57.78 12.11 -99.69
N ARG T 1073 -57.64 10.82 -99.42
CA ARG T 1073 -57.53 9.82 -100.47
C ARG T 1073 -58.22 8.54 -100.00
N GLN T 1074 -58.90 7.87 -100.93
CA GLN T 1074 -59.63 6.64 -100.62
C GLN T 1074 -59.11 5.52 -101.50
N ASP T 1075 -58.89 4.35 -100.90
CA ASP T 1075 -58.44 3.16 -101.62
C ASP T 1075 -59.33 1.99 -101.25
N ARG T 1076 -59.20 0.90 -102.02
CA ARG T 1076 -59.95 -0.31 -101.76
C ARG T 1076 -59.07 -1.52 -102.01
N PHE T 1077 -59.32 -2.59 -101.27
CA PHE T 1077 -58.49 -3.78 -101.30
C PHE T 1077 -59.38 -5.02 -101.31
N ALA T 1078 -58.97 -6.02 -102.08
CA ALA T 1078 -59.67 -7.30 -102.10
C ALA T 1078 -59.22 -8.14 -100.91
N THR T 1079 -60.18 -8.76 -100.23
CA THR T 1079 -59.90 -9.52 -99.02
C THR T 1079 -60.60 -10.86 -99.06
N GLU T 1080 -60.02 -11.83 -98.35
CA GLU T 1080 -60.61 -13.15 -98.17
C GLU T 1080 -61.29 -13.19 -96.82
N GLN T 1081 -62.61 -13.32 -96.81
CA GLN T 1081 -63.41 -13.24 -95.60
C GLN T 1081 -63.57 -14.62 -94.97
N LEU T 1082 -64.28 -14.65 -93.86
CA LEU T 1082 -64.54 -15.88 -93.11
C LEU T 1082 -65.92 -15.77 -92.50
N LEU T 1083 -66.78 -16.76 -92.76
CA LEU T 1083 -68.16 -16.69 -92.32
C LEU T 1083 -68.49 -17.85 -91.39
N TYR T 1084 -69.25 -17.57 -90.34
CA TYR T 1084 -69.73 -18.58 -89.41
C TYR T 1084 -71.23 -18.43 -89.25
N ALA T 1085 -71.93 -19.56 -89.19
CA ALA T 1085 -73.39 -19.56 -89.08
C ALA T 1085 -73.83 -20.63 -88.10
N GLU T 1086 -75.00 -20.43 -87.52
CA GLU T 1086 -75.56 -21.35 -86.53
C GLU T 1086 -76.22 -22.54 -87.22
N ARG T 1087 -76.74 -23.46 -86.41
CA ARG T 1087 -77.30 -24.70 -86.95
C ARG T 1087 -78.61 -24.44 -87.69
N ALA T 1088 -79.61 -23.94 -86.98
CA ALA T 1088 -80.91 -23.65 -87.58
C ALA T 1088 -81.03 -22.13 -87.65
N SER T 1089 -80.48 -21.55 -88.71
CA SER T 1089 -80.50 -20.11 -88.87
C SER T 1089 -81.59 -19.63 -89.82
N GLU T 1090 -81.93 -20.40 -90.85
CA GLU T 1090 -82.91 -19.97 -91.82
C GLU T 1090 -83.86 -21.12 -92.14
N SER T 1091 -85.10 -20.77 -92.42
CA SER T 1091 -86.09 -21.69 -92.96
C SER T 1091 -86.24 -21.39 -94.44
N TYR T 1092 -86.21 -22.44 -95.26
CA TYR T 1092 -86.17 -22.34 -96.70
C TYR T 1092 -87.34 -23.11 -97.30
N PHE T 1093 -88.04 -22.50 -98.24
CA PHE T 1093 -89.16 -23.11 -98.94
C PHE T 1093 -88.88 -23.09 -100.43
N VAL T 1094 -89.10 -24.23 -101.08
CA VAL T 1094 -88.91 -24.36 -102.53
C VAL T 1094 -90.23 -24.77 -103.15
N GLY T 1095 -90.60 -24.11 -104.26
CA GLY T 1095 -91.84 -24.41 -104.95
C GLY T 1095 -91.63 -25.40 -106.09
N GLN T 1096 -92.54 -25.32 -107.06
CA GLN T 1096 -92.49 -26.16 -108.24
C GLN T 1096 -91.98 -25.36 -109.44
N ILE T 1097 -91.49 -26.09 -110.44
CA ILE T 1097 -90.86 -25.47 -111.59
C ILE T 1097 -91.89 -25.23 -112.68
N GLN T 1098 -91.58 -24.27 -113.56
CA GLN T 1098 -92.45 -23.91 -114.67
C GLN T 1098 -91.65 -23.90 -115.97
N VAL T 1099 -92.35 -24.00 -117.09
CA VAL T 1099 -91.74 -24.00 -118.41
C VAL T 1099 -92.40 -22.90 -119.25
N HIS T 1100 -91.59 -22.18 -120.02
CA HIS T 1100 -92.08 -21.12 -120.89
C HIS T 1100 -91.31 -21.17 -122.20
N HIS T 1101 -92.04 -21.22 -123.31
CA HIS T 1101 -91.41 -21.20 -124.63
C HIS T 1101 -91.28 -19.76 -125.13
N HIS T 1102 -90.37 -19.57 -126.08
CA HIS T 1102 -90.14 -18.25 -126.64
C HIS T 1102 -89.46 -18.36 -128.01
N VAL T 1108 -85.39 -22.34 -130.55
CA VAL T 1108 -86.23 -21.80 -129.49
C VAL T 1108 -85.51 -21.84 -128.15
N ASN T 1109 -85.98 -21.04 -127.20
CA ASN T 1109 -85.36 -20.90 -125.89
C ASN T 1109 -86.41 -21.22 -124.83
N PHE T 1110 -86.26 -22.37 -124.18
CA PHE T 1110 -87.09 -22.71 -123.04
C PHE T 1110 -86.53 -22.03 -121.80
N THR T 1111 -87.41 -21.52 -120.95
CA THR T 1111 -87.03 -20.87 -119.71
C THR T 1111 -87.68 -21.61 -118.56
N LEU T 1112 -86.89 -21.96 -117.55
CA LEU T 1112 -87.35 -22.72 -116.39
C LEU T 1112 -87.18 -21.87 -115.15
N THR T 1113 -88.28 -21.55 -114.48
CA THR T 1113 -88.26 -20.72 -113.28
C THR T 1113 -88.82 -21.52 -112.11
N GLN T 1114 -88.38 -21.16 -110.91
CA GLN T 1114 -88.84 -21.82 -109.70
C GLN T 1114 -88.76 -20.88 -108.51
N PRO T 1115 -89.85 -20.71 -107.76
CA PRO T 1115 -89.83 -19.78 -106.63
C PRO T 1115 -89.32 -20.41 -105.34
N ARG T 1116 -88.87 -19.55 -104.44
CA ARG T 1116 -88.34 -19.95 -103.14
C ARG T 1116 -88.62 -18.82 -102.14
N ALA T 1117 -88.54 -19.17 -100.86
CA ALA T 1117 -88.75 -18.22 -99.79
C ALA T 1117 -87.79 -18.53 -98.65
N HIS T 1118 -87.38 -17.49 -97.93
CA HIS T 1118 -86.45 -17.66 -96.84
C HIS T 1118 -86.82 -16.75 -95.67
N VAL T 1119 -86.72 -17.30 -94.47
CA VAL T 1119 -87.07 -16.56 -93.25
C VAL T 1119 -86.05 -16.86 -92.17
N ASP T 1120 -85.59 -15.83 -91.47
CA ASP T 1120 -84.70 -16.03 -90.33
C ASP T 1120 -85.52 -16.16 -89.06
N LEU T 1121 -85.26 -17.20 -88.29
CA LEU T 1121 -85.88 -17.33 -86.96
C LEU T 1121 -84.94 -16.82 -85.87
N GLY T 1122 -84.42 -15.62 -86.07
CA GLY T 1122 -83.38 -15.12 -85.19
C GLY T 1122 -83.87 -14.22 -84.09
N VAL T 1123 -83.78 -14.70 -82.85
CA VAL T 1123 -84.01 -13.82 -81.71
C VAL T 1123 -82.85 -12.84 -81.52
N GLY T 1124 -81.63 -13.27 -81.80
CA GLY T 1124 -80.48 -12.39 -81.79
C GLY T 1124 -79.78 -12.39 -83.12
N TYR T 1125 -78.51 -12.78 -83.14
CA TYR T 1125 -77.74 -12.91 -84.37
C TYR T 1125 -77.19 -14.33 -84.47
N THR T 1126 -77.31 -14.93 -85.64
CA THR T 1126 -76.92 -16.32 -85.84
C THR T 1126 -75.83 -16.46 -86.90
N ALA T 1127 -75.20 -15.37 -87.30
CA ALA T 1127 -74.17 -15.42 -88.33
C ALA T 1127 -73.19 -14.27 -88.11
N VAL T 1128 -71.90 -14.57 -88.24
CA VAL T 1128 -70.84 -13.60 -88.01
C VAL T 1128 -69.85 -13.67 -89.16
N CYS T 1129 -69.45 -12.50 -89.66
CA CYS T 1129 -68.45 -12.41 -90.72
C CYS T 1129 -67.29 -11.53 -90.25
N ALA T 1130 -66.13 -11.74 -90.86
CA ALA T 1130 -64.94 -10.96 -90.53
C ALA T 1130 -63.92 -11.12 -91.65
N THR T 1131 -63.14 -10.07 -91.88
CA THR T 1131 -62.10 -10.08 -92.90
C THR T 1131 -60.86 -10.78 -92.33
N ALA T 1132 -60.53 -11.95 -92.86
CA ALA T 1132 -59.40 -12.70 -92.33
C ALA T 1132 -58.08 -12.22 -92.90
N ALA T 1133 -57.90 -12.33 -94.21
CA ALA T 1133 -56.64 -12.02 -94.86
C ALA T 1133 -56.81 -10.89 -95.86
N LEU T 1134 -55.69 -10.44 -96.41
CA LEU T 1134 -55.66 -9.34 -97.37
C LEU T 1134 -55.02 -9.83 -98.66
N ARG T 1135 -55.73 -9.63 -99.77
CA ARG T 1135 -55.23 -9.97 -101.09
C ARG T 1135 -54.59 -8.73 -101.72
N CYS T 1136 -54.29 -8.81 -103.01
CA CYS T 1136 -53.57 -7.74 -103.68
C CYS T 1136 -54.37 -6.44 -103.63
N PRO T 1137 -53.72 -5.31 -103.38
CA PRO T 1137 -54.43 -4.02 -103.46
C PRO T 1137 -54.90 -3.75 -104.87
N LEU T 1138 -56.02 -3.04 -104.98
CA LEU T 1138 -56.60 -2.72 -106.28
C LEU T 1138 -56.35 -1.27 -106.68
N THR T 1139 -56.69 -0.33 -105.80
CA THR T 1139 -56.49 1.08 -106.11
C THR T 1139 -55.06 1.50 -105.82
N ASP T 1140 -54.47 2.23 -106.76
CA ASP T 1140 -53.11 2.74 -106.59
C ASP T 1140 -53.12 3.99 -105.73
N MET T 1141 -52.11 4.11 -104.89
CA MET T 1141 -51.98 5.26 -104.00
C MET T 1141 -51.11 6.35 -104.64
N GLY T 1142 -51.55 6.80 -105.81
CA GLY T 1142 -50.82 7.78 -106.57
C GLY T 1142 -51.08 9.20 -106.10
N ASN T 1143 -50.64 10.14 -106.92
CA ASN T 1143 -50.82 11.57 -106.66
C ASN T 1143 -51.52 12.17 -107.88
N THR T 1144 -52.85 12.09 -107.89
CA THR T 1144 -53.67 12.62 -108.97
C THR T 1144 -54.61 13.66 -108.38
N ALA T 1145 -54.46 14.91 -108.79
CA ALA T 1145 -55.27 15.99 -108.26
C ALA T 1145 -56.68 15.94 -108.83
N GLN T 1146 -57.59 16.66 -108.18
CA GLN T 1146 -58.98 16.76 -108.61
C GLN T 1146 -59.18 18.07 -109.38
N ASN T 1147 -59.63 17.97 -110.61
CA ASN T 1147 -59.89 19.13 -111.45
C ASN T 1147 -61.33 19.58 -111.23
N LEU T 1148 -61.49 20.78 -110.66
CA LEU T 1148 -62.82 21.31 -110.39
C LEU T 1148 -63.51 21.87 -111.63
N PHE T 1149 -62.85 21.83 -112.79
CA PHE T 1149 -63.41 22.36 -114.02
C PHE T 1149 -64.35 21.39 -114.72
N PHE T 1150 -64.63 20.25 -114.11
CA PHE T 1150 -65.55 19.27 -114.66
C PHE T 1150 -67.00 19.56 -114.29
N SER T 1151 -67.27 20.71 -113.69
CA SER T 1151 -68.61 21.07 -113.26
C SER T 1151 -69.00 22.42 -113.85
N ARG T 1152 -70.30 22.71 -113.77
CA ARG T 1152 -70.84 23.97 -114.25
C ARG T 1152 -72.00 24.38 -113.37
N GLY T 1153 -72.19 25.69 -113.23
CA GLY T 1153 -73.28 26.22 -112.42
C GLY T 1153 -72.89 27.42 -111.60
N GLY T 1154 -71.63 27.51 -111.19
CA GLY T 1154 -71.17 28.64 -110.42
C GLY T 1154 -71.10 29.91 -111.24
N VAL T 1155 -70.90 31.02 -110.54
CA VAL T 1155 -70.78 32.32 -111.20
C VAL T 1155 -69.46 32.37 -111.95
N PRO T 1156 -69.45 32.84 -113.19
CA PRO T 1156 -68.20 32.91 -113.96
C PRO T 1156 -67.57 34.29 -113.84
N MET T 1157 -66.35 34.38 -114.39
CA MET T 1157 -65.67 35.67 -114.45
C MET T 1157 -66.28 36.53 -115.54
N LEU T 1158 -66.08 37.84 -115.42
CA LEU T 1158 -66.63 38.77 -116.39
C LEU T 1158 -65.89 38.75 -117.72
N HIS T 1159 -64.74 38.10 -117.78
CA HIS T 1159 -63.93 38.04 -118.98
C HIS T 1159 -63.66 36.60 -119.36
N ASP T 1160 -64.06 36.23 -120.58
CA ASP T 1160 -63.92 34.84 -121.02
C ASP T 1160 -62.47 34.46 -121.20
N ASN T 1161 -61.62 35.38 -121.66
CA ASN T 1161 -60.21 35.07 -121.80
C ASN T 1161 -59.59 34.71 -120.46
N VAL T 1162 -60.05 35.35 -119.38
CA VAL T 1162 -59.53 35.04 -118.05
C VAL T 1162 -59.75 33.58 -117.71
N THR T 1163 -61.00 33.12 -117.80
CA THR T 1163 -61.28 31.73 -117.46
C THR T 1163 -60.70 30.75 -118.47
N GLU T 1164 -60.55 31.16 -119.74
CA GLU T 1164 -59.92 30.29 -120.72
C GLU T 1164 -58.46 30.06 -120.38
N SER T 1165 -57.72 31.14 -120.10
CA SER T 1165 -56.34 31.00 -119.65
C SER T 1165 -56.25 30.22 -118.35
N LEU T 1166 -57.21 30.43 -117.45
CA LEU T 1166 -57.24 29.70 -116.19
C LEU T 1166 -57.33 28.20 -116.44
N ARG T 1167 -58.27 27.79 -117.31
CA ARG T 1167 -58.45 26.38 -117.57
C ARG T 1167 -57.25 25.78 -118.30
N ARG T 1168 -56.69 26.52 -119.26
CA ARG T 1168 -55.53 25.98 -119.97
C ARG T 1168 -54.34 25.83 -119.03
N ILE T 1169 -54.19 26.76 -118.08
CA ILE T 1169 -53.07 26.67 -117.15
C ILE T 1169 -53.26 25.51 -116.19
N THR T 1170 -54.47 25.34 -115.65
CA THR T 1170 -54.68 24.24 -114.71
C THR T 1170 -54.65 22.91 -115.43
N ALA T 1171 -54.94 22.90 -116.73
CA ALA T 1171 -54.77 21.68 -117.51
C ALA T 1171 -53.31 21.37 -117.73
N SER T 1172 -52.50 22.40 -117.95
CA SER T 1172 -51.06 22.22 -117.98
C SER T 1172 -50.57 21.73 -116.62
N GLY T 1173 -49.71 20.72 -116.64
CA GLY T 1173 -49.19 20.18 -115.39
C GLY T 1173 -50.17 19.31 -114.64
N GLY T 1174 -50.94 18.50 -115.35
CA GLY T 1174 -51.89 17.59 -114.72
C GLY T 1174 -52.04 16.35 -115.58
N ARG T 1175 -52.89 15.43 -115.11
CA ARG T 1175 -53.15 14.18 -115.80
C ARG T 1175 -54.54 14.12 -116.42
N LEU T 1176 -55.58 14.34 -115.62
CA LEU T 1176 -56.95 14.34 -116.13
C LEU T 1176 -57.37 15.77 -116.42
N ASN T 1177 -57.95 15.98 -117.59
CA ASN T 1177 -58.38 17.30 -118.04
C ASN T 1177 -59.54 17.13 -118.98
N PRO T 1178 -60.47 18.09 -119.03
CA PRO T 1178 -61.54 18.02 -120.02
C PRO T 1178 -61.00 18.18 -121.43
N THR T 1179 -61.78 17.68 -122.39
CA THR T 1179 -61.35 17.72 -123.78
C THR T 1179 -61.31 19.17 -124.29
N GLU T 1180 -60.52 19.38 -125.34
CA GLU T 1180 -60.31 20.73 -125.86
C GLU T 1180 -61.55 21.34 -126.49
N PRO T 1181 -62.36 20.63 -127.30
CA PRO T 1181 -63.51 21.30 -127.91
C PRO T 1181 -64.55 21.81 -126.91
N LEU T 1182 -64.56 21.29 -125.69
CA LEU T 1182 -65.58 21.61 -124.69
C LEU T 1182 -66.97 21.40 -125.27
N PRO T 1183 -67.38 20.15 -125.51
CA PRO T 1183 -68.70 19.91 -126.13
C PRO T 1183 -69.84 20.35 -125.25
N ILE T 1184 -70.62 21.32 -125.72
CA ILE T 1184 -71.79 21.77 -124.98
C ILE T 1184 -72.82 20.65 -124.92
N PHE T 1185 -73.55 20.59 -123.81
CA PHE T 1185 -74.52 19.51 -123.55
C PHE T 1185 -73.82 18.14 -123.58
N GLY T 1186 -72.79 18.02 -122.74
CA GLY T 1186 -72.03 16.80 -122.67
C GLY T 1186 -71.71 16.38 -121.26
N GLY T 1187 -70.92 15.33 -121.10
CA GLY T 1187 -70.55 14.84 -119.79
C GLY T 1187 -69.17 15.27 -119.36
N LEU T 1188 -68.41 15.88 -120.28
CA LEU T 1188 -67.07 16.39 -120.01
C LEU T 1188 -66.16 15.28 -119.46
N ARG T 1189 -65.97 14.28 -120.28
CA ARG T 1189 -65.10 13.21 -119.79
C ARG T 1189 -63.69 13.37 -120.33
N PRO T 1190 -62.68 12.98 -119.57
CA PRO T 1190 -61.30 13.11 -120.05
C PRO T 1190 -60.99 12.12 -121.16
N ALA T 1191 -59.85 12.33 -121.80
CA ALA T 1191 -59.43 11.47 -122.90
C ALA T 1191 -58.96 10.12 -122.37
N THR T 1192 -59.27 9.07 -123.13
CA THR T 1192 -58.87 7.72 -122.75
C THR T 1192 -57.40 7.50 -123.11
N SER T 1193 -56.60 7.16 -122.11
CA SER T 1193 -55.19 6.89 -122.33
C SER T 1193 -54.99 5.43 -122.73
N ALA T 1194 -53.75 5.02 -122.90
CA ALA T 1194 -53.42 3.64 -123.23
C ALA T 1194 -53.45 2.81 -121.95
N GLY T 1195 -52.87 1.61 -122.02
CA GLY T 1195 -52.92 0.65 -120.91
C GLY T 1195 -52.53 1.18 -119.56
N ILE T 1196 -52.98 0.50 -118.51
CA ILE T 1196 -52.83 0.96 -117.15
C ILE T 1196 -51.66 0.23 -116.49
N ALA T 1197 -50.85 0.97 -115.75
CA ALA T 1197 -49.56 0.46 -115.29
C ALA T 1197 -49.68 -0.45 -114.07
N ARG T 1198 -50.14 0.10 -112.94
CA ARG T 1198 -50.10 -0.66 -111.71
C ARG T 1198 -51.40 -0.57 -110.91
N GLY T 1199 -52.53 -0.31 -111.56
CA GLY T 1199 -53.81 -0.27 -110.90
C GLY T 1199 -54.54 1.02 -111.16
N GLN T 1200 -55.79 1.04 -110.72
CA GLN T 1200 -56.64 2.21 -110.89
C GLN T 1200 -56.13 3.35 -110.01
N ALA T 1201 -55.95 4.52 -110.62
CA ALA T 1201 -55.49 5.68 -109.87
C ALA T 1201 -56.60 6.23 -109.00
N SER T 1202 -56.21 6.79 -107.86
CA SER T 1202 -57.14 7.39 -106.92
C SER T 1202 -57.00 8.91 -106.95
N VAL T 1203 -58.10 9.60 -106.82
CA VAL T 1203 -58.11 11.05 -106.84
C VAL T 1203 -57.96 11.58 -105.42
N CYS T 1204 -57.18 12.65 -105.27
CA CYS T 1204 -56.94 13.27 -103.98
C CYS T 1204 -57.65 14.62 -103.93
N GLU T 1205 -58.36 14.87 -102.83
CA GLU T 1205 -59.07 16.13 -102.63
C GLU T 1205 -58.31 16.99 -101.62
N PHE T 1206 -58.29 18.29 -101.87
CA PHE T 1206 -57.55 19.25 -101.06
C PHE T 1206 -58.52 20.15 -100.31
N VAL T 1207 -58.17 20.45 -99.05
CA VAL T 1207 -58.97 21.31 -98.19
C VAL T 1207 -58.06 22.38 -97.59
N ALA T 1208 -58.54 23.62 -97.59
CA ALA T 1208 -57.76 24.72 -97.03
C ALA T 1208 -57.81 24.68 -95.51
N MET T 1209 -56.77 25.27 -94.90
CA MET T 1209 -56.66 25.28 -93.44
C MET T 1209 -55.62 26.32 -93.06
N PRO T 1210 -55.68 26.86 -91.84
CA PRO T 1210 -54.66 27.84 -91.42
C PRO T 1210 -53.27 27.24 -91.41
N VAL T 1211 -52.28 28.13 -91.48
CA VAL T 1211 -50.89 27.68 -91.53
C VAL T 1211 -50.47 27.06 -90.21
N SER T 1212 -50.53 27.85 -89.13
CA SER T 1212 -50.11 27.38 -87.81
C SER T 1212 -51.26 26.62 -87.18
N THR T 1213 -51.41 25.36 -87.59
CA THR T 1213 -52.41 24.47 -87.05
C THR T 1213 -51.73 23.33 -86.29
N ASP T 1214 -52.41 22.84 -85.27
CA ASP T 1214 -51.91 21.76 -84.44
C ASP T 1214 -51.46 20.58 -85.29
N LEU T 1215 -50.17 20.25 -85.20
CA LEU T 1215 -49.63 19.11 -85.92
C LEU T 1215 -49.87 17.80 -85.20
N GLN T 1216 -49.91 17.82 -83.86
CA GLN T 1216 -50.19 16.62 -83.11
C GLN T 1216 -51.57 16.05 -83.40
N TYR T 1217 -52.49 16.89 -83.88
CA TYR T 1217 -53.83 16.41 -84.21
C TYR T 1217 -53.81 15.40 -85.34
N PHE T 1218 -52.82 15.47 -86.22
CA PHE T 1218 -52.74 14.60 -87.38
C PHE T 1218 -51.92 13.35 -87.14
N ARG T 1219 -51.66 13.00 -85.88
CA ARG T 1219 -50.86 11.83 -85.55
C ARG T 1219 -51.71 10.64 -85.13
N THR T 1220 -53.02 10.81 -84.98
CA THR T 1220 -53.93 9.71 -84.65
C THR T 1220 -55.09 9.79 -85.64
N ALA T 1221 -56.08 8.90 -85.53
CA ALA T 1221 -57.22 8.93 -86.44
C ALA T 1221 -57.97 10.24 -86.25
N CYS T 1222 -57.84 11.15 -87.21
CA CYS T 1222 -58.41 12.49 -87.11
C CYS T 1222 -59.55 12.63 -88.10
N ASN T 1223 -60.40 13.61 -87.85
CA ASN T 1223 -61.53 13.84 -88.75
C ASN T 1223 -61.20 14.98 -89.70
N PRO T 1224 -61.40 14.79 -91.01
CA PRO T 1224 -61.00 15.84 -91.96
C PRO T 1224 -61.87 17.09 -91.90
N ARG T 1225 -63.10 16.99 -91.39
CA ARG T 1225 -63.96 18.17 -91.32
C ARG T 1225 -63.38 19.22 -90.38
N GLY T 1226 -62.60 18.79 -89.38
CA GLY T 1226 -62.05 19.66 -88.38
C GLY T 1226 -62.74 19.55 -87.04
N ARG T 1227 -63.95 19.02 -87.01
CA ARG T 1227 -64.73 18.82 -85.78
C ARG T 1227 -65.41 17.47 -85.86
N ALA T 1228 -65.52 16.80 -84.71
CA ALA T 1228 -66.18 15.50 -84.67
C ALA T 1228 -67.69 15.66 -84.83
N SER T 1229 -68.32 14.65 -85.43
CA SER T 1229 -69.77 14.64 -85.60
C SER T 1229 -70.22 13.19 -85.66
N GLY T 1230 -71.49 12.99 -85.98
CA GLY T 1230 -72.07 11.67 -86.10
C GLY T 1230 -73.28 11.50 -85.19
N MET T 1231 -73.96 10.38 -85.40
CA MET T 1231 -75.12 10.02 -84.60
C MET T 1231 -74.75 9.23 -83.36
N LEU T 1232 -73.48 9.03 -83.09
CA LEU T 1232 -73.02 8.21 -81.98
C LEU T 1232 -72.97 8.98 -80.66
N TYR T 1233 -73.39 10.24 -80.66
CA TYR T 1233 -73.37 11.08 -79.46
C TYR T 1233 -74.77 11.66 -79.27
N MET T 1234 -75.62 10.90 -78.57
CA MET T 1234 -77.02 11.27 -78.38
C MET T 1234 -77.45 10.71 -77.03
N GLY T 1235 -78.77 10.60 -76.83
CA GLY T 1235 -79.29 9.98 -75.63
C GLY T 1235 -80.56 10.59 -75.09
N ASP T 1236 -80.82 11.87 -75.42
CA ASP T 1236 -81.98 12.56 -74.90
C ASP T 1236 -82.98 12.93 -75.97
N ARG T 1237 -82.56 13.67 -77.00
CA ARG T 1237 -83.46 14.20 -78.01
C ARG T 1237 -82.95 13.84 -79.39
N ASP T 1238 -83.74 14.21 -80.40
CA ASP T 1238 -83.41 13.91 -81.79
C ASP T 1238 -82.69 15.06 -82.47
N ALA T 1239 -82.92 16.30 -82.05
CA ALA T 1239 -82.33 17.47 -82.69
C ALA T 1239 -80.88 17.66 -82.23
N ASP T 1240 -80.08 16.61 -82.42
CA ASP T 1240 -78.67 16.62 -82.04
C ASP T 1240 -77.72 16.37 -83.20
N ILE T 1241 -78.16 15.70 -84.26
CA ILE T 1241 -77.31 15.55 -85.44
C ILE T 1241 -76.95 16.92 -86.00
N GLU T 1242 -77.94 17.80 -86.12
CA GLU T 1242 -77.66 19.17 -86.54
C GLU T 1242 -76.98 19.96 -85.43
N ALA T 1243 -77.30 19.65 -84.17
CA ALA T 1243 -76.68 20.36 -83.06
C ALA T 1243 -75.17 20.23 -83.10
N ILE T 1244 -74.64 19.02 -83.00
CA ILE T 1244 -73.21 18.85 -83.20
C ILE T 1244 -72.93 18.51 -84.66
N MET T 1245 -73.08 19.50 -85.53
CA MET T 1245 -72.37 19.50 -86.81
C MET T 1245 -71.90 20.88 -87.24
N PHE T 1246 -72.57 21.95 -86.79
CA PHE T 1246 -72.17 23.32 -87.14
C PHE T 1246 -72.24 24.29 -85.99
N ASP T 1247 -72.98 24.00 -84.92
CA ASP T 1247 -73.12 24.94 -83.81
C ASP T 1247 -71.78 25.12 -83.11
N HIS T 1248 -71.23 26.33 -83.17
CA HIS T 1248 -69.93 26.63 -82.59
C HIS T 1248 -70.04 27.42 -81.29
N THR T 1249 -71.24 27.47 -80.70
CA THR T 1249 -71.39 28.13 -79.41
C THR T 1249 -70.88 27.26 -78.27
N GLN T 1250 -70.82 25.95 -78.46
CA GLN T 1250 -70.28 25.04 -77.47
C GLN T 1250 -69.04 24.36 -78.02
N SER T 1251 -68.23 23.82 -77.10
CA SER T 1251 -66.96 23.25 -77.47
C SER T 1251 -67.14 21.98 -78.30
N ASP T 1252 -66.04 21.52 -78.88
CA ASP T 1252 -66.06 20.28 -79.64
C ASP T 1252 -66.30 19.09 -78.70
N VAL T 1253 -66.85 18.03 -79.27
CA VAL T 1253 -67.14 16.83 -78.48
C VAL T 1253 -65.86 16.08 -78.14
N ALA T 1254 -65.04 15.79 -79.16
CA ALA T 1254 -63.82 15.05 -78.93
C ALA T 1254 -62.83 15.86 -78.09
N TYR T 1255 -62.42 17.01 -78.58
CA TYR T 1255 -61.49 17.89 -77.86
C TYR T 1255 -62.32 19.01 -77.22
N THR T 1256 -62.53 18.90 -75.91
CA THR T 1256 -63.41 19.84 -75.22
C THR T 1256 -62.65 21.08 -74.75
N ASP T 1257 -61.92 21.73 -75.66
CA ASP T 1257 -61.32 23.02 -75.35
C ASP T 1257 -61.46 24.02 -76.48
N ARG T 1258 -61.99 23.62 -77.63
CA ARG T 1258 -62.08 24.51 -78.78
C ARG T 1258 -63.33 24.18 -79.56
N ALA T 1259 -63.75 25.12 -80.41
CA ALA T 1259 -64.91 24.89 -81.25
C ALA T 1259 -64.57 23.92 -82.38
N THR T 1260 -63.60 24.28 -83.22
CA THR T 1260 -63.18 23.44 -84.33
C THR T 1260 -61.67 23.50 -84.45
N LEU T 1261 -61.13 22.72 -85.39
CA LEU T 1261 -59.71 22.81 -85.70
C LEU T 1261 -59.45 23.95 -86.66
N ASN T 1262 -60.08 23.91 -87.84
CA ASN T 1262 -59.99 24.99 -88.80
C ASN T 1262 -61.34 25.65 -88.95
N PRO T 1263 -61.45 26.96 -88.70
CA PRO T 1263 -62.73 27.64 -88.84
C PRO T 1263 -63.12 27.96 -90.29
N TRP T 1264 -62.46 27.36 -91.27
CA TRP T 1264 -62.77 27.61 -92.67
C TRP T 1264 -63.54 26.48 -93.33
N ALA T 1265 -63.65 25.33 -92.69
CA ALA T 1265 -64.29 24.18 -93.31
C ALA T 1265 -65.18 23.42 -92.34
N SER T 1266 -65.78 24.11 -91.36
CA SER T 1266 -66.62 23.45 -90.39
C SER T 1266 -67.89 24.20 -90.03
N GLN T 1267 -68.11 25.40 -90.57
CA GLN T 1267 -69.28 26.18 -90.22
C GLN T 1267 -70.46 25.79 -91.12
N LYS T 1268 -71.57 26.49 -90.97
CA LYS T 1268 -72.76 26.17 -91.76
C LYS T 1268 -72.55 26.49 -93.24
N HIS T 1269 -71.91 27.62 -93.53
CA HIS T 1269 -71.67 28.02 -94.91
C HIS T 1269 -70.22 28.44 -95.09
N SER T 1270 -69.31 27.71 -94.45
CA SER T 1270 -67.89 27.96 -94.64
C SER T 1270 -67.47 27.55 -96.06
N TYR T 1271 -66.20 27.79 -96.35
CA TYR T 1271 -65.68 27.52 -97.70
C TYR T 1271 -65.78 26.05 -98.06
N GLY T 1272 -65.18 25.19 -97.23
CA GLY T 1272 -65.21 23.76 -97.50
C GLY T 1272 -66.61 23.19 -97.48
N ASP T 1273 -67.47 23.70 -96.60
CA ASP T 1273 -68.84 23.22 -96.56
C ASP T 1273 -69.60 23.60 -97.82
N ARG T 1274 -69.43 24.83 -98.29
CA ARG T 1274 -70.07 25.26 -99.53
C ARG T 1274 -69.55 24.51 -100.74
N LEU T 1275 -68.27 24.11 -100.71
CA LEU T 1275 -67.71 23.42 -101.87
C LEU T 1275 -68.39 22.07 -102.08
N TYR T 1276 -68.41 21.21 -101.06
CA TYR T 1276 -69.09 19.93 -101.13
C TYR T 1276 -69.92 19.74 -99.88
N ASN T 1277 -71.23 19.54 -100.07
CA ASN T 1277 -72.11 19.22 -98.96
C ASN T 1277 -73.06 18.09 -99.35
N GLY T 1278 -73.26 17.91 -100.65
CA GLY T 1278 -74.25 16.98 -101.15
C GLY T 1278 -75.62 17.56 -101.33
N THR T 1279 -75.98 18.59 -100.54
CA THR T 1279 -77.26 19.25 -100.65
C THR T 1279 -77.19 20.53 -101.48
N TYR T 1280 -76.01 20.91 -101.95
CA TYR T 1280 -75.84 22.09 -102.78
C TYR T 1280 -75.68 21.76 -104.26
N ASN T 1281 -75.12 20.58 -104.57
CA ASN T 1281 -74.96 20.11 -105.93
C ASN T 1281 -74.12 21.08 -106.78
N LEU T 1282 -72.87 21.23 -106.36
CA LEU T 1282 -71.92 22.02 -107.13
C LEU T 1282 -71.17 21.17 -108.15
N THR T 1283 -70.88 19.91 -107.82
CA THR T 1283 -70.15 19.00 -108.70
C THR T 1283 -71.06 17.90 -109.23
N GLY T 1284 -72.32 18.23 -109.52
CA GLY T 1284 -73.25 17.23 -110.01
C GLY T 1284 -72.89 16.71 -111.39
N ALA T 1285 -72.32 17.58 -112.23
CA ALA T 1285 -71.95 17.19 -113.58
C ALA T 1285 -70.60 16.48 -113.65
N SER T 1286 -69.82 16.51 -112.58
CA SER T 1286 -68.50 15.90 -112.62
C SER T 1286 -68.63 14.38 -112.59
N PRO T 1287 -68.05 13.67 -113.56
CA PRO T 1287 -68.09 12.21 -113.53
C PRO T 1287 -67.08 11.59 -112.58
N ILE T 1288 -66.23 12.39 -111.96
CA ILE T 1288 -65.18 11.91 -111.07
C ILE T 1288 -65.73 11.77 -109.66
N TYR T 1289 -65.26 10.75 -108.95
CA TYR T 1289 -65.65 10.54 -107.57
C TYR T 1289 -64.88 11.47 -106.65
N SER T 1290 -65.47 11.78 -105.51
CA SER T 1290 -64.85 12.63 -104.49
C SER T 1290 -64.87 11.90 -103.16
N PRO T 1291 -63.71 11.59 -102.57
CA PRO T 1291 -63.71 10.84 -101.31
C PRO T 1291 -64.16 11.66 -100.13
N CYS T 1292 -63.98 12.98 -100.18
CA CYS T 1292 -64.40 13.87 -99.10
C CYS T 1292 -65.90 14.11 -99.06
N PHE T 1293 -66.68 13.39 -99.87
CA PHE T 1293 -68.12 13.62 -99.90
C PHE T 1293 -68.80 13.08 -98.63
N LYS T 1294 -68.41 11.88 -98.20
CA LYS T 1294 -69.08 11.23 -97.09
C LYS T 1294 -68.82 11.90 -95.74
N PHE T 1295 -67.92 12.88 -95.69
CA PHE T 1295 -67.60 13.55 -94.43
C PHE T 1295 -68.34 14.85 -94.23
N PHE T 1296 -68.94 15.41 -95.28
CA PHE T 1296 -69.64 16.69 -95.17
C PHE T 1296 -71.14 16.56 -95.38
N THR T 1297 -71.64 15.35 -95.57
CA THR T 1297 -73.07 15.14 -95.73
C THR T 1297 -73.70 14.92 -94.35
N PRO T 1298 -74.81 15.60 -94.04
CA PRO T 1298 -75.42 15.43 -92.71
C PRO T 1298 -75.87 14.00 -92.43
N ALA T 1299 -76.21 13.22 -93.47
CA ALA T 1299 -76.52 11.80 -93.32
C ALA T 1299 -77.68 11.60 -92.35
N GLU T 1300 -78.84 12.09 -92.78
CA GLU T 1300 -80.08 11.97 -91.98
C GLU T 1300 -80.31 10.54 -91.53
N VAL T 1301 -80.65 10.38 -90.26
CA VAL T 1301 -80.98 9.08 -89.69
C VAL T 1301 -82.13 9.26 -88.71
N ASN T 1302 -83.02 8.28 -88.66
CA ASN T 1302 -84.15 8.28 -87.75
C ASN T 1302 -83.85 7.44 -86.52
N THR T 1303 -84.75 7.53 -85.55
CA THR T 1303 -84.64 6.75 -84.31
C THR T 1303 -85.73 5.68 -84.30
N ASN T 1304 -85.31 4.43 -84.21
CA ASN T 1304 -86.19 3.29 -84.00
C ASN T 1304 -85.74 2.41 -82.86
N CYS T 1305 -84.44 2.23 -82.72
CA CYS T 1305 -83.83 1.49 -81.62
C CYS T 1305 -82.75 2.36 -80.99
N ASN T 1306 -81.95 1.78 -80.10
CA ASN T 1306 -80.90 2.54 -79.48
C ASN T 1306 -79.70 2.66 -80.42
N THR T 1307 -78.76 3.53 -80.04
CA THR T 1307 -77.58 3.77 -80.85
C THR T 1307 -76.78 2.50 -81.08
N LEU T 1308 -76.75 1.60 -80.10
CA LEU T 1308 -76.03 0.35 -80.28
C LEU T 1308 -76.65 -0.50 -81.38
N ASP T 1309 -77.98 -0.64 -81.37
CA ASP T 1309 -78.64 -1.43 -82.40
C ASP T 1309 -78.48 -0.78 -83.76
N ARG T 1310 -78.61 0.55 -83.84
CA ARG T 1310 -78.45 1.21 -85.14
C ARG T 1310 -77.03 1.05 -85.66
N LEU T 1311 -76.03 1.15 -84.77
CA LEU T 1311 -74.65 0.95 -85.19
C LEU T 1311 -74.45 -0.48 -85.70
N LEU T 1312 -74.91 -1.47 -84.94
CA LEU T 1312 -74.77 -2.85 -85.37
C LEU T 1312 -75.53 -3.15 -86.65
N MET T 1313 -76.58 -2.41 -86.96
CA MET T 1313 -77.33 -2.61 -88.18
C MET T 1313 -76.76 -1.82 -89.36
N GLU T 1314 -75.94 -0.81 -89.11
CA GLU T 1314 -75.35 -0.04 -90.21
C GLU T 1314 -74.31 -0.83 -90.97
N ALA T 1315 -73.41 -1.53 -90.27
CA ALA T 1315 -72.30 -2.24 -90.91
C ALA T 1315 -72.86 -3.50 -91.59
N LYS T 1316 -73.34 -3.32 -92.81
CA LYS T 1316 -73.96 -4.42 -93.55
C LYS T 1316 -73.51 -4.45 -95.01
N ALA T 1317 -72.26 -4.07 -95.28
CA ALA T 1317 -71.68 -4.14 -96.62
C ALA T 1317 -72.51 -3.32 -97.63
N VAL T 1318 -72.52 -2.01 -97.40
CA VAL T 1318 -73.22 -1.10 -98.30
C VAL T 1318 -72.59 -1.17 -99.69
N ALA T 1319 -73.42 -0.96 -100.72
CA ALA T 1319 -72.96 -1.02 -102.10
C ALA T 1319 -71.81 -0.04 -102.34
N SER T 1320 -71.04 -0.32 -103.38
CA SER T 1320 -69.82 0.42 -103.66
C SER T 1320 -70.14 1.82 -104.16
N GLN T 1321 -69.09 2.62 -104.34
CA GLN T 1321 -69.23 4.00 -104.80
C GLN T 1321 -68.15 4.36 -105.81
N SER T 1322 -67.68 3.39 -106.59
CA SER T 1322 -66.64 3.62 -107.58
C SER T 1322 -66.81 2.61 -108.71
N SER T 1323 -65.79 2.50 -109.55
CA SER T 1323 -65.81 1.57 -110.68
C SER T 1323 -64.55 0.70 -110.64
N THR T 1324 -64.70 -0.54 -111.10
CA THR T 1324 -63.60 -1.49 -111.16
C THR T 1324 -63.20 -1.78 -112.60
N ASP T 1325 -63.54 -0.89 -113.53
CA ASP T 1325 -63.17 -1.06 -114.93
C ASP T 1325 -62.33 0.09 -115.45
N THR T 1326 -62.66 1.33 -115.11
CA THR T 1326 -61.90 2.48 -115.55
C THR T 1326 -60.65 2.65 -114.71
N GLU T 1327 -59.89 3.70 -114.99
CA GLU T 1327 -58.64 3.97 -114.29
C GLU T 1327 -58.65 5.32 -113.57
N TYR T 1328 -59.76 6.06 -113.63
CA TYR T 1328 -59.83 7.37 -113.02
C TYR T 1328 -60.81 7.43 -111.86
N GLN T 1329 -61.31 6.28 -111.38
CA GLN T 1329 -62.21 6.21 -110.24
C GLN T 1329 -63.43 7.11 -110.44
N PHE T 1330 -64.18 6.80 -111.49
CA PHE T 1330 -65.37 7.58 -111.81
C PHE T 1330 -66.47 7.33 -110.78
N LYS T 1331 -67.60 8.01 -110.99
CA LYS T 1331 -68.75 7.83 -110.12
C LYS T 1331 -69.27 6.39 -110.22
N ARG T 1332 -70.17 6.05 -109.32
CA ARG T 1332 -70.75 4.71 -109.31
C ARG T 1332 -71.61 4.52 -110.55
N PRO T 1333 -71.36 3.48 -111.35
CA PRO T 1333 -72.19 3.24 -112.53
C PRO T 1333 -73.61 2.86 -112.13
N PRO T 1334 -74.62 3.50 -112.71
CA PRO T 1334 -76.01 3.17 -112.35
C PRO T 1334 -76.35 1.76 -112.78
N GLY T 1335 -76.86 0.98 -111.84
CA GLY T 1335 -77.23 -0.40 -112.08
C GLY T 1335 -76.20 -1.42 -111.66
N SER T 1336 -74.93 -1.03 -111.58
CA SER T 1336 -73.89 -1.96 -111.16
C SER T 1336 -74.03 -2.25 -109.68
N THR T 1337 -74.19 -3.52 -109.33
CA THR T 1337 -74.40 -3.94 -107.95
C THR T 1337 -73.22 -4.77 -107.48
N GLU T 1338 -72.49 -4.25 -106.49
CA GLU T 1338 -71.44 -5.00 -105.83
C GLU T 1338 -71.27 -4.41 -104.43
N MET T 1339 -71.25 -5.29 -103.42
CA MET T 1339 -71.24 -4.87 -102.03
C MET T 1339 -69.80 -4.87 -101.53
N THR T 1340 -69.37 -3.74 -100.99
CA THR T 1340 -68.06 -3.61 -100.38
C THR T 1340 -68.22 -3.17 -98.93
N GLN T 1341 -67.39 -3.71 -98.05
CA GLN T 1341 -67.46 -3.36 -96.64
C GLN T 1341 -66.91 -1.96 -96.42
N ASP T 1342 -67.60 -1.18 -95.58
CA ASP T 1342 -67.26 0.21 -95.37
C ASP T 1342 -66.90 0.44 -93.90
N PRO T 1343 -65.65 0.23 -93.52
CA PRO T 1343 -65.18 0.69 -92.21
C PRO T 1343 -64.79 2.16 -92.28
N CYS T 1344 -64.70 2.77 -91.10
CA CYS T 1344 -64.32 4.18 -90.94
C CYS T 1344 -65.16 5.12 -91.80
N GLY T 1345 -66.32 4.65 -92.24
CA GLY T 1345 -67.26 5.50 -92.94
C GLY T 1345 -68.45 5.77 -92.05
N LEU T 1346 -68.76 4.79 -91.21
CA LEU T 1346 -69.77 4.95 -90.16
C LEU T 1346 -69.20 5.57 -88.89
N PHE T 1347 -67.87 5.70 -88.80
CA PHE T 1347 -67.24 6.34 -87.66
C PHE T 1347 -66.80 7.77 -87.93
N GLN T 1348 -66.78 8.18 -89.21
CA GLN T 1348 -66.35 9.52 -89.61
C GLN T 1348 -64.92 9.79 -89.13
N GLU T 1349 -63.99 8.96 -89.60
CA GLU T 1349 -62.59 9.07 -89.23
C GLU T 1349 -61.71 8.65 -90.40
N ALA T 1350 -60.44 9.02 -90.32
CA ALA T 1350 -59.48 8.68 -91.35
C ALA T 1350 -58.16 8.31 -90.71
N TYR T 1351 -57.40 7.44 -91.38
CA TYR T 1351 -56.15 7.03 -90.75
C TYR T 1351 -54.96 7.70 -91.45
N PRO T 1352 -53.99 8.16 -90.68
CA PRO T 1352 -52.81 8.79 -91.29
C PRO T 1352 -51.77 7.75 -91.64
N PRO T 1353 -51.29 7.75 -92.88
CA PRO T 1353 -50.24 6.80 -93.26
C PRO T 1353 -48.86 7.29 -92.89
N LEU T 1354 -47.84 6.47 -93.09
CA LEU T 1354 -46.46 6.90 -92.86
C LEU T 1354 -46.11 7.97 -93.88
N CYS T 1355 -45.89 9.20 -93.41
CA CYS T 1355 -45.57 10.30 -94.30
C CYS T 1355 -44.50 11.18 -93.67
N SER T 1356 -43.93 12.07 -94.48
CA SER T 1356 -42.89 12.96 -94.00
C SER T 1356 -42.77 14.15 -94.94
N SER T 1357 -42.56 15.34 -94.35
CA SER T 1357 -42.36 16.52 -95.16
C SER T 1357 -41.03 16.49 -95.90
N ASP T 1358 -40.04 15.80 -95.35
CA ASP T 1358 -38.74 15.66 -95.99
C ASP T 1358 -38.52 14.20 -96.38
N ALA T 1359 -37.67 14.01 -97.39
CA ALA T 1359 -37.35 12.67 -97.87
C ALA T 1359 -36.09 12.10 -97.25
N ALA T 1360 -35.18 12.95 -96.77
CA ALA T 1360 -33.93 12.44 -96.19
C ALA T 1360 -34.19 11.76 -94.87
N MET T 1361 -34.99 12.37 -94.00
CA MET T 1361 -35.30 11.79 -92.70
C MET T 1361 -36.25 10.61 -92.78
N LEU T 1362 -36.61 10.16 -93.98
CA LEU T 1362 -37.56 9.07 -94.12
C LEU T 1362 -36.89 7.70 -93.97
N ARG T 1363 -35.61 7.60 -94.29
CA ARG T 1363 -34.90 6.33 -94.24
C ARG T 1363 -33.56 6.50 -93.54
N THR T 1364 -33.24 5.57 -92.65
CA THR T 1364 -31.97 5.57 -91.95
C THR T 1364 -30.95 4.73 -92.73
N ALA T 1365 -29.67 5.02 -92.50
CA ALA T 1365 -28.58 4.34 -93.21
C ALA T 1365 -28.11 3.14 -92.41
N HIS T 1366 -28.93 2.09 -92.43
CA HIS T 1366 -28.56 0.85 -91.77
C HIS T 1366 -28.97 -0.39 -92.57
N ALA T 1367 -29.41 -0.24 -93.82
CA ALA T 1367 -29.78 -1.36 -94.68
C ALA T 1367 -30.86 -2.22 -94.03
N GLY T 1368 -32.02 -1.59 -93.83
CA GLY T 1368 -33.09 -2.26 -93.13
C GLY T 1368 -34.28 -1.37 -92.83
N GLU T 1369 -34.69 -1.36 -91.56
CA GLU T 1369 -35.85 -0.61 -91.11
C GLU T 1369 -35.72 0.87 -91.46
N THR T 1370 -36.86 1.56 -91.42
CA THR T 1370 -36.93 2.97 -91.75
C THR T 1370 -36.84 3.83 -90.50
N GLY T 1371 -36.46 5.09 -90.71
CA GLY T 1371 -36.37 6.02 -89.60
C GLY T 1371 -37.74 6.51 -89.16
N ALA T 1372 -37.86 6.82 -87.88
CA ALA T 1372 -39.12 7.25 -87.30
C ALA T 1372 -38.93 8.41 -86.34
N ASP T 1373 -38.11 9.38 -86.74
CA ASP T 1373 -38.02 10.61 -85.98
C ASP T 1373 -39.31 11.42 -86.14
N GLU T 1374 -39.48 12.42 -85.27
CA GLU T 1374 -40.70 13.22 -85.30
C GLU T 1374 -40.48 14.54 -86.02
N VAL T 1375 -39.49 15.32 -85.57
CA VAL T 1375 -39.17 16.62 -86.15
C VAL T 1375 -37.66 16.79 -86.12
N HIS T 1376 -37.08 17.26 -87.22
CA HIS T 1376 -35.62 17.46 -87.25
C HIS T 1376 -35.27 18.91 -86.91
N LEU T 1377 -35.66 19.86 -87.76
CA LEU T 1377 -35.55 21.27 -87.44
C LEU T 1377 -36.88 21.99 -87.56
N ALA T 1378 -37.52 21.91 -88.72
CA ALA T 1378 -38.85 22.46 -88.94
C ALA T 1378 -39.75 21.55 -89.74
N GLN T 1379 -39.24 20.45 -90.29
CA GLN T 1379 -40.05 19.49 -91.03
C GLN T 1379 -40.77 18.58 -90.05
N TYR T 1380 -41.33 17.48 -90.54
CA TYR T 1380 -42.01 16.55 -89.66
C TYR T 1380 -42.07 15.19 -90.32
N LEU T 1381 -42.33 14.17 -89.51
CA LEU T 1381 -42.48 12.80 -90.01
C LEU T 1381 -43.58 12.14 -89.19
N ILE T 1382 -44.73 11.95 -89.81
CA ILE T 1382 -45.87 11.33 -89.14
C ILE T 1382 -45.77 9.82 -89.31
N ARG T 1383 -45.61 9.12 -88.19
CA ARG T 1383 -45.49 7.67 -88.21
C ARG T 1383 -46.80 7.03 -88.65
N ASP T 1384 -46.71 5.80 -89.16
CA ASP T 1384 -47.89 5.11 -89.65
C ASP T 1384 -48.75 4.65 -88.50
N ALA T 1385 -50.07 4.87 -88.61
CA ALA T 1385 -51.01 4.44 -87.60
C ALA T 1385 -52.27 3.85 -88.23
N SER T 1386 -52.17 3.39 -89.44
CA SER T 1386 -53.23 2.79 -90.23
C SER T 1386 -53.28 1.29 -90.01
N PRO T 1387 -54.45 0.66 -90.19
CA PRO T 1387 -54.53 -0.80 -90.06
C PRO T 1387 -53.58 -1.55 -90.97
N LEU T 1388 -53.14 -0.93 -92.07
CA LEU T 1388 -52.18 -1.56 -92.99
C LEU T 1388 -50.78 -1.22 -92.52
N ARG T 1389 -50.30 -1.99 -91.55
CA ARG T 1389 -48.98 -1.80 -90.98
C ARG T 1389 -48.03 -2.96 -91.24
N GLY T 1390 -48.54 -4.18 -91.36
CA GLY T 1390 -47.71 -5.32 -91.65
C GLY T 1390 -47.85 -5.78 -93.09
N CYS T 1391 -48.13 -4.85 -93.99
CA CYS T 1391 -48.28 -5.14 -95.41
C CYS T 1391 -47.59 -4.03 -96.19
N LEU T 1392 -47.85 -3.97 -97.50
CA LEU T 1392 -47.34 -2.92 -98.37
C LEU T 1392 -45.81 -2.82 -98.27
N PRO T 1393 -45.07 -3.75 -98.87
CA PRO T 1393 -43.62 -3.76 -98.71
C PRO T 1393 -42.97 -2.44 -99.11
N LEU T 1394 -41.77 -2.21 -98.58
CA LEU T 1394 -41.05 -0.97 -98.81
C LEU T 1394 -39.74 -1.21 -99.53
N SER U 7 -48.89 106.40 -93.68
CA SER U 7 -47.82 105.59 -93.11
C SER U 7 -48.33 104.19 -92.75
N ARG U 8 -47.41 103.33 -92.32
CA ARG U 8 -47.74 101.96 -91.95
C ARG U 8 -47.94 101.90 -90.45
N VAL U 9 -49.21 101.90 -90.02
CA VAL U 9 -49.58 101.80 -88.61
C VAL U 9 -50.54 100.63 -88.51
N VAL U 10 -50.04 99.49 -88.04
CA VAL U 10 -50.84 98.27 -87.96
C VAL U 10 -51.97 98.37 -86.95
N PHE U 11 -51.99 99.41 -86.12
CA PHE U 11 -53.08 99.59 -85.17
C PHE U 11 -54.40 99.79 -85.90
N ASP U 12 -54.49 100.84 -86.71
CA ASP U 12 -55.63 101.03 -87.59
C ASP U 12 -55.41 100.16 -88.84
N PRO U 13 -56.18 99.09 -89.01
CA PRO U 13 -55.88 98.15 -90.10
C PRO U 13 -55.96 98.76 -91.49
N SER U 14 -56.62 99.91 -91.64
CA SER U 14 -56.67 100.57 -92.94
C SER U 14 -55.36 101.24 -93.29
N ASN U 15 -54.47 101.44 -92.32
CA ASN U 15 -53.21 102.12 -92.55
C ASN U 15 -52.17 101.21 -93.25
N PRO U 16 -51.87 100.02 -92.72
CA PRO U 16 -50.81 99.22 -93.35
C PRO U 16 -51.25 98.69 -94.70
N THR U 17 -50.40 98.91 -95.70
CA THR U 17 -50.66 98.42 -97.04
C THR U 17 -49.33 98.28 -97.77
N THR U 18 -49.34 97.44 -98.81
CA THR U 18 -48.11 97.17 -99.56
C THR U 18 -47.54 98.41 -100.23
N PHE U 19 -48.36 99.46 -100.40
CA PHE U 19 -47.86 100.69 -101.00
C PHE U 19 -46.73 101.29 -100.17
N SER U 20 -46.89 101.30 -98.84
CA SER U 20 -45.90 101.90 -97.96
C SER U 20 -44.79 100.94 -97.58
N VAL U 21 -45.07 99.63 -97.52
CA VAL U 21 -44.04 98.67 -97.13
C VAL U 21 -42.88 98.69 -98.12
N GLU U 22 -43.16 98.97 -99.39
CA GLU U 22 -42.09 99.05 -100.39
C GLU U 22 -41.07 100.11 -100.00
N ALA U 23 -41.55 101.26 -99.50
CA ALA U 23 -40.64 102.31 -99.07
C ALA U 23 -39.86 101.90 -97.83
N ILE U 24 -40.47 101.11 -96.95
CA ILE U 24 -39.78 100.67 -95.74
C ILE U 24 -38.69 99.69 -96.11
N ALA U 25 -37.64 99.65 -95.29
CA ALA U 25 -36.48 98.80 -95.53
C ALA U 25 -36.78 97.35 -95.17
N ALA U 26 -35.75 96.52 -95.08
CA ALA U 26 -35.93 95.11 -94.74
C ALA U 26 -35.85 94.87 -93.24
N TYR U 27 -34.90 95.50 -92.55
CA TYR U 27 -34.73 95.28 -91.12
C TYR U 27 -35.65 96.14 -90.26
N THR U 28 -35.93 97.36 -90.68
CA THR U 28 -36.76 98.25 -89.89
C THR U 28 -38.18 97.73 -89.64
N PRO U 29 -38.87 97.08 -90.59
CA PRO U 29 -40.23 96.60 -90.27
C PRO U 29 -40.23 95.55 -89.18
N VAL U 30 -39.23 94.66 -89.16
CA VAL U 30 -39.11 93.70 -88.07
C VAL U 30 -38.94 94.44 -86.74
N ALA U 31 -38.08 95.46 -86.73
CA ALA U 31 -37.97 96.29 -85.54
C ALA U 31 -39.25 97.08 -85.29
N LEU U 32 -39.93 97.51 -86.35
CA LEU U 32 -41.16 98.27 -86.18
C LEU U 32 -42.24 97.43 -85.50
N ILE U 33 -42.51 96.24 -86.04
CA ILE U 33 -43.56 95.39 -85.48
C ILE U 33 -43.26 95.04 -84.03
N ARG U 34 -41.99 94.82 -83.70
CA ARG U 34 -41.63 94.37 -82.36
C ARG U 34 -41.98 95.43 -81.32
N LEU U 35 -41.76 96.71 -81.64
CA LEU U 35 -41.96 97.76 -80.65
C LEU U 35 -43.39 98.23 -80.53
N LEU U 36 -44.25 97.90 -81.50
CA LEU U 36 -45.65 98.32 -81.41
C LEU U 36 -46.37 97.54 -80.32
N ASN U 37 -47.34 98.19 -79.69
CA ASN U 37 -48.05 97.59 -78.57
C ASN U 37 -49.15 96.65 -79.09
N ALA U 38 -49.67 95.83 -78.18
CA ALA U 38 -50.72 94.88 -78.54
C ALA U 38 -52.06 95.58 -78.75
N SER U 39 -52.25 96.74 -78.14
CA SER U 39 -53.53 97.43 -78.21
C SER U 39 -53.86 97.81 -79.65
N GLY U 40 -54.85 97.14 -80.23
CA GLY U 40 -55.35 97.47 -81.54
C GLY U 40 -56.77 97.95 -81.48
N PRO U 41 -57.03 99.15 -82.01
CA PRO U 41 -58.39 99.69 -81.96
C PRO U 41 -59.36 98.83 -82.74
N LEU U 42 -60.35 98.28 -82.02
CA LEU U 42 -61.31 97.38 -82.66
C LEU U 42 -62.28 98.13 -83.57
N GLN U 43 -62.43 99.44 -83.41
CA GLN U 43 -63.35 100.20 -84.27
C GLN U 43 -62.92 100.17 -85.73
N PRO U 44 -61.66 100.49 -86.07
CA PRO U 44 -61.23 100.26 -87.45
C PRO U 44 -60.88 98.80 -87.68
N GLY U 45 -61.25 98.31 -88.85
CA GLY U 45 -61.00 96.91 -89.19
C GLY U 45 -61.43 96.57 -90.60
N HIS U 46 -60.65 95.73 -91.27
CA HIS U 46 -60.97 95.31 -92.62
C HIS U 46 -62.08 94.27 -92.58
N ARG U 47 -63.25 94.62 -93.11
CA ARG U 47 -64.32 93.65 -93.33
C ARG U 47 -64.09 92.82 -94.58
N VAL U 48 -62.85 92.82 -95.07
CA VAL U 48 -62.47 92.25 -96.35
C VAL U 48 -61.51 91.08 -96.16
N ASP U 49 -61.69 90.32 -95.08
CA ASP U 49 -60.83 89.18 -94.74
C ASP U 49 -59.41 89.66 -94.42
N ILE U 50 -59.30 90.28 -93.24
CA ILE U 50 -58.09 90.92 -92.72
C ILE U 50 -56.84 90.09 -93.01
N ALA U 51 -57.00 88.77 -93.11
CA ALA U 51 -55.91 87.92 -93.57
C ALA U 51 -55.41 88.33 -94.95
N ASP U 52 -56.21 89.05 -95.73
CA ASP U 52 -55.69 89.63 -96.96
C ASP U 52 -54.64 90.69 -96.66
N ALA U 53 -54.88 91.50 -95.63
CA ALA U 53 -53.86 92.44 -95.18
C ALA U 53 -52.62 91.70 -94.69
N ARG U 54 -52.81 90.53 -94.07
CA ARG U 54 -51.67 89.67 -93.77
C ARG U 54 -50.94 89.29 -95.05
N SER U 55 -51.68 88.83 -96.07
CA SER U 55 -51.07 88.55 -97.35
C SER U 55 -50.55 89.81 -98.01
N ILE U 56 -51.24 90.94 -97.80
CA ILE U 56 -50.71 92.22 -98.24
C ILE U 56 -49.39 92.51 -97.55
N TYR U 57 -49.29 92.15 -96.26
CA TYR U 57 -48.03 92.30 -95.54
C TYR U 57 -46.95 91.39 -96.11
N THR U 58 -47.36 90.23 -96.65
CA THR U 58 -46.38 89.31 -97.23
C THR U 58 -45.83 89.86 -98.53
N VAL U 59 -46.71 90.24 -99.45
CA VAL U 59 -46.23 90.76 -100.74
C VAL U 59 -45.47 92.06 -100.55
N GLY U 60 -45.78 92.81 -99.49
CA GLY U 60 -44.98 93.98 -99.18
C GLY U 60 -43.59 93.61 -98.69
N ALA U 61 -43.50 92.60 -97.82
CA ALA U 61 -42.20 92.13 -97.37
C ALA U 61 -41.41 91.53 -98.53
N ALA U 62 -42.09 90.83 -99.44
CA ALA U 62 -41.42 90.29 -100.61
C ALA U 62 -40.87 91.40 -101.50
N ALA U 63 -41.61 92.51 -101.60
CA ALA U 63 -41.12 93.65 -102.37
C ALA U 63 -39.94 94.32 -101.66
N SER U 64 -40.01 94.42 -100.33
CA SER U 64 -38.88 94.98 -99.59
C SER U 64 -37.64 94.10 -99.73
N ALA U 65 -37.82 92.78 -99.67
CA ALA U 65 -36.70 91.88 -99.89
C ALA U 65 -36.18 92.00 -101.32
N ALA U 66 -37.08 92.22 -102.28
CA ALA U 66 -36.66 92.40 -103.66
C ALA U 66 -35.77 93.64 -103.80
N ARG U 67 -36.06 94.69 -103.04
CA ARG U 67 -35.22 95.88 -103.09
C ARG U 67 -33.83 95.59 -102.54
N ALA U 68 -33.75 94.84 -101.44
CA ALA U 68 -32.45 94.54 -100.84
C ALA U 68 -31.60 93.69 -101.76
N ARG U 69 -32.23 92.79 -102.53
CA ARG U 69 -31.47 91.97 -103.46
C ARG U 69 -30.94 92.80 -104.62
N ALA U 70 -31.77 93.71 -105.15
CA ALA U 70 -31.30 94.59 -106.22
C ALA U 70 -30.09 95.39 -105.78
N ASN U 71 -30.08 95.84 -104.53
CA ASN U 71 -28.89 96.49 -103.99
C ASN U 71 -27.73 95.49 -103.91
N HIS U 72 -28.01 94.26 -103.46
CA HIS U 72 -26.96 93.26 -103.36
C HIS U 72 -26.48 92.80 -104.73
N ASN U 73 -27.32 92.90 -105.76
CA ASN U 73 -26.97 92.45 -107.10
C ASN U 73 -25.86 93.27 -107.74
N ALA U 74 -25.35 94.30 -107.05
CA ALA U 74 -24.29 95.13 -107.63
C ALA U 74 -23.01 94.32 -107.83
N ASN U 75 -22.74 93.37 -106.93
CA ASN U 75 -21.53 92.56 -107.01
C ASN U 75 -21.79 91.12 -107.42
N THR U 76 -23.04 90.68 -107.41
CA THR U 76 -23.35 89.29 -107.73
C THR U 76 -23.10 89.04 -109.22
N ILE U 77 -23.15 87.76 -109.59
CA ILE U 77 -22.98 87.32 -110.97
C ILE U 77 -24.34 86.97 -111.54
N ARG U 78 -24.56 87.30 -112.81
CA ARG U 78 -25.83 87.01 -113.46
C ARG U 78 -26.03 85.50 -113.55
N ARG U 79 -27.21 85.04 -113.14
CA ARG U 79 -27.51 83.62 -113.15
C ARG U 79 -27.97 83.17 -114.53
N THR U 80 -27.77 81.89 -114.81
CA THR U 80 -28.12 81.29 -116.08
C THR U 80 -29.06 80.10 -115.84
N ALA U 81 -29.45 79.44 -116.93
CA ALA U 81 -30.36 78.31 -116.85
C ALA U 81 -29.62 77.10 -116.29
N MET U 82 -30.25 76.42 -115.33
CA MET U 82 -29.67 75.24 -114.72
C MET U 82 -30.12 73.95 -115.40
N PHE U 83 -30.88 74.04 -116.48
CA PHE U 83 -31.36 72.88 -117.21
C PHE U 83 -30.96 72.97 -118.67
N ALA U 84 -31.09 71.85 -119.37
CA ALA U 84 -30.80 71.78 -120.79
C ALA U 84 -32.05 72.15 -121.58
N GLU U 85 -32.03 71.92 -122.90
CA GLU U 85 -33.12 72.12 -123.83
C GLU U 85 -33.58 73.58 -123.91
N THR U 86 -32.87 74.51 -123.29
CA THR U 86 -33.24 75.92 -123.27
C THR U 86 -32.14 76.70 -123.98
N ASP U 87 -32.30 76.88 -125.29
CA ASP U 87 -31.31 77.59 -126.09
C ASP U 87 -31.97 78.08 -127.36
N PRO U 88 -31.63 79.28 -127.84
CA PRO U 88 -32.27 79.77 -129.07
C PRO U 88 -31.99 78.92 -130.29
N MET U 89 -30.73 78.58 -130.53
CA MET U 89 -30.34 77.75 -131.68
C MET U 89 -29.56 76.55 -131.15
N THR U 90 -30.29 75.51 -130.76
CA THR U 90 -29.65 74.27 -130.34
C THR U 90 -29.06 73.49 -131.52
N TRP U 91 -29.41 73.87 -132.75
CA TRP U 91 -28.96 73.13 -133.91
C TRP U 91 -27.44 73.25 -134.12
N LEU U 92 -26.86 74.39 -133.72
CA LEU U 92 -25.42 74.56 -133.86
C LEU U 92 -24.66 73.65 -132.90
N ARG U 93 -25.03 73.66 -131.63
CA ARG U 93 -24.32 72.91 -130.61
C ARG U 93 -25.30 72.58 -129.50
N PRO U 94 -25.04 71.53 -128.70
CA PRO U 94 -25.97 71.17 -127.63
C PRO U 94 -25.97 72.18 -126.49
N THR U 95 -26.76 71.90 -125.46
CA THR U 95 -26.97 72.83 -124.36
C THR U 95 -27.02 72.07 -123.05
N VAL U 96 -26.33 72.59 -122.03
CA VAL U 96 -26.30 71.97 -120.71
C VAL U 96 -26.66 73.02 -119.66
N GLY U 97 -27.07 72.54 -118.50
CA GLY U 97 -27.38 73.39 -117.38
C GLY U 97 -26.14 73.85 -116.64
N LEU U 98 -26.35 74.32 -115.42
CA LEU U 98 -25.25 74.78 -114.59
C LEU U 98 -25.62 74.62 -113.13
N LYS U 99 -24.74 73.98 -112.36
CA LYS U 99 -24.96 73.79 -110.93
C LYS U 99 -24.54 75.06 -110.20
N ARG U 100 -25.48 75.67 -109.48
CA ARG U 100 -25.22 76.94 -108.78
C ARG U 100 -24.48 76.63 -107.48
N THR U 101 -23.17 76.43 -107.60
CA THR U 101 -22.30 76.13 -106.48
C THR U 101 -21.13 77.10 -106.41
N PHE U 102 -21.40 78.38 -106.63
CA PHE U 102 -20.37 79.41 -106.65
C PHE U 102 -20.62 80.43 -105.54
N ASN U 103 -19.81 81.49 -105.56
CA ASN U 103 -19.99 82.64 -104.69
C ASN U 103 -20.24 83.87 -105.54
N PRO U 104 -21.24 84.69 -105.20
CA PRO U 104 -21.51 85.89 -105.99
C PRO U 104 -20.45 86.97 -105.87
N ARG U 105 -19.44 86.80 -105.02
CA ARG U 105 -18.40 87.80 -104.88
C ARG U 105 -17.56 87.87 -106.15
N ILE U 106 -17.37 89.07 -106.66
CA ILE U 106 -16.63 89.30 -107.90
C ILE U 106 -15.30 90.01 -107.63
N ILE U 107 -15.35 91.20 -107.06
CA ILE U 107 -14.14 91.96 -106.77
C ILE U 107 -14.39 92.91 -105.61
N GLY V 71 -10.32 -65.39 -109.48
CA GLY V 71 -10.63 -64.86 -108.17
C GLY V 71 -11.05 -63.41 -108.19
N THR V 72 -10.61 -62.67 -109.20
CA THR V 72 -10.92 -61.26 -109.36
C THR V 72 -11.20 -60.95 -110.82
N TYR V 73 -12.39 -60.42 -111.09
CA TYR V 73 -12.81 -60.14 -112.46
C TYR V 73 -13.18 -58.68 -112.58
N CYS V 74 -13.47 -58.25 -113.81
CA CYS V 74 -13.81 -56.88 -114.12
C CYS V 74 -15.20 -56.84 -114.75
N ASN V 75 -16.08 -56.00 -114.21
CA ASN V 75 -17.44 -55.87 -114.73
C ASN V 75 -17.44 -54.87 -115.89
N THR V 76 -17.93 -55.29 -117.04
CA THR V 76 -17.98 -54.47 -118.23
C THR V 76 -19.42 -54.32 -118.70
N LEU V 77 -19.70 -53.19 -119.36
CA LEU V 77 -20.99 -52.93 -119.98
C LEU V 77 -22.13 -52.99 -118.95
N ASN V 78 -22.11 -52.01 -118.05
CA ASN V 78 -23.23 -51.81 -117.15
C ASN V 78 -24.41 -51.26 -117.94
N PHE V 79 -25.28 -52.14 -118.42
CA PHE V 79 -26.40 -51.71 -119.23
C PHE V 79 -27.47 -51.06 -118.36
N VAL V 80 -28.49 -50.51 -119.01
CA VAL V 80 -29.60 -49.88 -118.31
C VAL V 80 -30.81 -49.91 -119.22
N ARG V 81 -31.98 -50.17 -118.63
CA ARG V 81 -33.23 -50.13 -119.36
C ARG V 81 -33.94 -48.81 -119.03
N PHE V 82 -35.13 -48.62 -119.60
CA PHE V 82 -35.86 -47.37 -119.48
C PHE V 82 -37.08 -47.47 -118.59
N LEU V 83 -37.91 -48.48 -118.79
CA LEU V 83 -39.14 -48.60 -118.00
C LEU V 83 -38.89 -49.07 -116.58
N GLU V 84 -37.67 -49.46 -116.25
CA GLU V 84 -37.30 -49.73 -114.87
C GLU V 84 -36.65 -48.52 -114.19
N LEU V 85 -36.36 -47.46 -114.96
CA LEU V 85 -35.68 -46.30 -114.42
C LEU V 85 -36.50 -45.63 -113.33
N GLY V 86 -37.70 -45.16 -113.70
CA GLY V 86 -38.54 -44.41 -112.80
C GLY V 86 -39.10 -43.20 -113.50
N LEU V 87 -38.32 -42.64 -114.41
CA LEU V 87 -38.80 -41.54 -115.23
C LEU V 87 -39.97 -41.95 -116.11
N SER V 88 -40.25 -43.25 -116.22
CA SER V 88 -41.32 -43.75 -117.07
C SER V 88 -42.64 -43.80 -116.29
N VAL V 89 -42.96 -42.69 -115.62
CA VAL V 89 -44.29 -42.47 -115.07
C VAL V 89 -44.81 -41.08 -115.39
N ALA V 90 -44.03 -40.26 -116.08
CA ALA V 90 -44.51 -39.01 -116.61
C ALA V 90 -45.04 -39.13 -118.04
N CYS V 91 -44.69 -40.21 -118.73
CA CYS V 91 -45.12 -40.41 -120.11
C CYS V 91 -45.61 -41.84 -120.29
N ILE V 92 -46.50 -42.02 -121.25
CA ILE V 92 -47.03 -43.33 -121.60
C ILE V 92 -46.37 -43.77 -122.90
N CYS V 93 -45.28 -44.53 -122.77
CA CYS V 93 -44.57 -45.03 -123.94
C CYS V 93 -45.33 -46.20 -124.55
N THR V 94 -45.24 -46.32 -125.88
CA THR V 94 -45.93 -47.38 -126.58
C THR V 94 -45.22 -47.66 -127.90
N LYS V 95 -45.27 -48.92 -128.31
CA LYS V 95 -44.61 -49.40 -129.51
C LYS V 95 -45.54 -49.28 -130.71
N PHE V 96 -44.95 -49.08 -131.89
CA PHE V 96 -45.71 -49.05 -133.14
C PHE V 96 -44.75 -49.39 -134.27
N PRO V 97 -45.09 -50.34 -135.13
CA PRO V 97 -44.16 -50.75 -136.19
C PRO V 97 -43.94 -49.71 -137.28
N GLU V 98 -45.01 -49.15 -137.83
CA GLU V 98 -44.92 -48.31 -139.03
C GLU V 98 -44.95 -46.84 -138.66
N LEU V 99 -43.80 -46.34 -138.23
CA LEU V 99 -43.65 -44.91 -137.96
C LEU V 99 -43.21 -44.12 -139.19
N ALA V 100 -42.66 -44.78 -140.20
CA ALA V 100 -42.12 -44.07 -141.36
C ALA V 100 -43.21 -43.36 -142.15
N TYR V 101 -44.44 -43.85 -142.08
CA TYR V 101 -45.56 -43.29 -142.82
C TYR V 101 -46.69 -43.00 -141.84
N VAL V 102 -46.78 -41.74 -141.39
CA VAL V 102 -47.85 -41.30 -140.51
C VAL V 102 -48.61 -40.12 -141.11
N ARG V 103 -47.88 -39.12 -141.61
CA ARG V 103 -48.46 -38.00 -142.36
C ARG V 103 -49.50 -37.25 -141.52
N ASP V 104 -49.00 -36.60 -140.47
CA ASP V 104 -49.81 -35.70 -139.65
C ASP V 104 -50.94 -36.41 -138.93
N GLY V 105 -50.62 -37.34 -138.04
CA GLY V 105 -51.62 -37.90 -137.16
C GLY V 105 -52.15 -36.89 -136.17
N VAL V 106 -53.41 -37.08 -135.76
CA VAL V 106 -54.10 -36.14 -134.89
C VAL V 106 -54.71 -36.88 -133.72
N ILE V 107 -55.23 -36.09 -132.77
CA ILE V 107 -55.91 -36.61 -131.59
C ILE V 107 -56.93 -35.56 -131.19
N GLN V 108 -58.07 -36.01 -130.65
CA GLN V 108 -59.14 -35.08 -130.33
C GLN V 108 -59.82 -35.48 -129.03
N PHE V 109 -60.30 -34.47 -128.32
CA PHE V 109 -61.06 -34.66 -127.10
C PHE V 109 -61.96 -33.45 -126.89
N GLU V 110 -63.10 -33.67 -126.23
CA GLU V 110 -64.07 -32.63 -125.97
C GLU V 110 -64.30 -32.50 -124.47
N VAL V 111 -64.86 -31.35 -124.08
CA VAL V 111 -65.09 -31.02 -122.67
C VAL V 111 -66.41 -30.25 -122.55
N GLN V 112 -67.11 -30.49 -121.45
CA GLN V 112 -68.33 -29.80 -121.13
C GLN V 112 -68.11 -28.91 -119.91
N GLN V 113 -69.09 -28.05 -119.64
CA GLN V 113 -68.97 -27.09 -118.55
C GLN V 113 -70.29 -26.94 -117.82
N PRO V 114 -70.33 -27.21 -116.52
CA PRO V 114 -71.59 -27.07 -115.77
C PRO V 114 -71.95 -25.60 -115.56
N MET V 115 -73.24 -25.36 -115.41
CA MET V 115 -73.76 -24.04 -115.15
C MET V 115 -74.53 -24.02 -113.83
N ILE V 116 -74.71 -22.83 -113.30
CA ILE V 116 -75.38 -22.63 -112.02
C ILE V 116 -76.60 -21.75 -112.25
N ALA V 117 -77.71 -22.11 -111.61
CA ALA V 117 -78.98 -21.40 -111.79
C ALA V 117 -79.01 -20.20 -110.84
N ARG V 118 -78.83 -19.01 -111.40
CA ARG V 118 -78.96 -17.76 -110.66
C ARG V 118 -79.89 -16.83 -111.41
N ASP V 119 -80.64 -16.03 -110.65
CA ASP V 119 -81.63 -15.12 -111.23
C ASP V 119 -81.49 -13.74 -110.62
N GLY V 120 -82.12 -12.78 -111.27
CA GLY V 120 -82.03 -11.40 -110.88
C GLY V 120 -81.78 -10.51 -112.07
N PRO V 121 -80.89 -9.52 -111.93
CA PRO V 121 -80.56 -8.67 -113.08
C PRO V 121 -79.70 -9.36 -114.12
N HIS V 122 -79.03 -10.45 -113.77
CA HIS V 122 -78.18 -11.13 -114.74
C HIS V 122 -79.02 -11.82 -115.80
N PRO V 123 -78.57 -11.82 -117.05
CA PRO V 123 -79.29 -12.57 -118.09
C PRO V 123 -79.14 -14.07 -117.88
N VAL V 124 -80.00 -14.82 -118.56
CA VAL V 124 -80.00 -16.27 -118.44
C VAL V 124 -78.76 -16.84 -119.13
N ASP V 125 -78.37 -18.04 -118.70
CA ASP V 125 -77.22 -18.73 -119.26
C ASP V 125 -77.68 -19.96 -120.05
N GLN V 126 -76.73 -20.58 -120.75
CA GLN V 126 -76.99 -21.77 -121.53
C GLN V 126 -75.76 -22.66 -121.45
N PRO V 127 -75.93 -23.97 -121.42
CA PRO V 127 -74.77 -24.86 -121.35
C PRO V 127 -73.91 -24.73 -122.60
N VAL V 128 -72.60 -24.80 -122.41
CA VAL V 128 -71.64 -24.61 -123.48
C VAL V 128 -70.73 -25.82 -123.57
N HIS V 129 -70.37 -26.19 -124.79
CA HIS V 129 -69.47 -27.31 -125.05
C HIS V 129 -68.28 -26.83 -125.86
N ASN V 130 -67.17 -27.54 -125.73
CA ASN V 130 -65.93 -27.19 -126.40
C ASN V 130 -65.39 -28.39 -127.18
N TYR V 131 -64.63 -28.09 -128.21
CA TYR V 131 -64.05 -29.10 -129.09
C TYR V 131 -62.64 -28.69 -129.46
N MET V 132 -61.66 -29.51 -129.10
CA MET V 132 -60.27 -29.24 -129.39
C MET V 132 -59.65 -30.44 -130.09
N VAL V 133 -58.67 -30.17 -130.95
CA VAL V 133 -57.92 -31.19 -131.66
C VAL V 133 -56.46 -30.78 -131.70
N LYS V 134 -55.57 -31.72 -131.40
CA LYS V 134 -54.13 -31.50 -131.43
C LYS V 134 -53.50 -32.41 -132.48
N ARG V 135 -52.33 -32.00 -132.93
CA ARG V 135 -51.56 -32.77 -133.90
C ARG V 135 -50.44 -33.53 -133.19
N ILE V 136 -49.79 -34.42 -133.94
CA ILE V 136 -48.67 -35.17 -133.43
C ILE V 136 -47.38 -34.47 -133.85
N HIS V 137 -46.30 -34.71 -133.11
CA HIS V 137 -45.01 -34.11 -133.41
C HIS V 137 -44.01 -35.21 -133.74
N LYS V 138 -43.35 -35.07 -134.89
CA LYS V 138 -42.42 -36.09 -135.36
C LYS V 138 -40.98 -35.70 -135.07
N ARG V 139 -40.15 -36.71 -134.84
CA ARG V 139 -38.72 -36.51 -134.63
C ARG V 139 -37.98 -37.83 -134.81
N SER V 140 -36.84 -37.79 -135.48
CA SER V 140 -36.09 -39.02 -135.73
C SER V 140 -35.01 -39.22 -134.67
N LEU V 141 -34.30 -40.33 -134.79
CA LEU V 141 -33.13 -40.63 -133.96
C LEU V 141 -32.13 -41.38 -134.84
N SER V 142 -30.85 -41.08 -134.65
CA SER V 142 -29.82 -41.57 -135.55
C SER V 142 -28.59 -42.04 -134.79
N ALA V 143 -27.91 -43.03 -135.35
CA ALA V 143 -26.65 -43.53 -134.83
C ALA V 143 -25.81 -44.05 -135.99
N ALA V 144 -24.52 -44.28 -135.71
CA ALA V 144 -23.57 -44.69 -136.74
C ALA V 144 -22.98 -46.06 -136.42
N PHE V 145 -22.37 -46.67 -137.45
CA PHE V 145 -21.80 -48.01 -137.30
C PHE V 145 -20.71 -48.13 -138.37
N ALA V 146 -19.45 -47.96 -137.97
CA ALA V 146 -18.32 -47.91 -138.87
C ALA V 146 -17.57 -49.23 -138.83
N ILE V 147 -17.31 -49.81 -140.00
CA ILE V 147 -16.59 -51.07 -140.12
C ILE V 147 -15.47 -50.89 -141.14
N ALA V 148 -14.35 -51.56 -140.88
CA ALA V 148 -13.11 -51.37 -141.63
C ALA V 148 -13.05 -52.25 -142.87
N SER V 149 -12.33 -51.77 -143.88
CA SER V 149 -12.30 -52.42 -145.18
C SER V 149 -11.64 -53.80 -145.12
N GLU V 150 -10.63 -53.97 -144.27
CA GLU V 150 -10.02 -55.30 -144.15
C GLU V 150 -11.01 -56.29 -143.57
N ALA V 151 -11.84 -55.87 -142.61
CA ALA V 151 -12.87 -56.75 -142.10
C ALA V 151 -13.92 -57.04 -143.17
N LEU V 152 -14.26 -56.03 -143.98
CA LEU V 152 -15.18 -56.25 -145.09
C LEU V 152 -14.65 -57.32 -146.05
N SER V 153 -13.39 -57.19 -146.44
CA SER V 153 -12.80 -58.15 -147.38
C SER V 153 -12.58 -59.51 -146.73
N LEU V 154 -12.40 -59.54 -145.41
CA LEU V 154 -12.28 -60.82 -144.70
C LEU V 154 -13.61 -61.54 -144.61
N LEU V 155 -14.71 -60.79 -144.50
CA LEU V 155 -16.02 -61.40 -144.42
C LEU V 155 -16.66 -61.66 -145.78
N SER V 156 -16.15 -61.04 -146.84
CA SER V 156 -16.66 -61.26 -148.19
C SER V 156 -16.09 -62.53 -148.84
N ASN V 157 -15.51 -63.44 -148.06
CA ASN V 157 -14.90 -64.63 -148.63
C ASN V 157 -15.97 -65.64 -149.08
N THR V 158 -16.96 -65.90 -148.24
CA THR V 158 -18.03 -66.86 -148.51
C THR V 158 -17.45 -68.23 -148.85
N TYR V 159 -16.59 -68.72 -147.96
CA TYR V 159 -15.98 -70.05 -148.07
C TYR V 159 -15.25 -70.21 -149.41
N VAL V 160 -14.20 -69.40 -149.56
CA VAL V 160 -13.43 -69.37 -150.80
C VAL V 160 -12.93 -70.76 -151.17
N ASP V 161 -12.49 -71.52 -150.17
CA ASP V 161 -11.96 -72.85 -150.42
C ASP V 161 -12.99 -73.96 -150.19
N GLY V 162 -14.01 -73.71 -149.37
CA GLY V 162 -15.02 -74.70 -149.09
C GLY V 162 -14.70 -75.64 -147.95
N THR V 163 -13.61 -75.43 -147.23
CA THR V 163 -13.22 -76.29 -146.13
C THR V 163 -13.68 -75.67 -144.81
N GLU V 164 -13.31 -76.30 -143.70
CA GLU V 164 -13.62 -75.78 -142.37
C GLU V 164 -12.60 -74.72 -141.98
N ILE V 165 -12.98 -73.89 -141.02
CA ILE V 165 -12.16 -72.76 -140.58
C ILE V 165 -11.63 -72.97 -139.15
N ASP V 166 -12.50 -73.35 -138.21
CA ASP V 166 -12.20 -73.69 -136.81
C ASP V 166 -10.98 -72.94 -136.28
N SER V 167 -10.99 -71.63 -136.52
CA SER V 167 -9.90 -70.74 -136.19
C SER V 167 -10.31 -69.80 -135.07
N SER V 168 -9.32 -69.39 -134.27
CA SER V 168 -9.56 -68.44 -133.19
C SER V 168 -9.78 -67.03 -133.69
N LEU V 169 -9.29 -66.71 -134.90
CA LEU V 169 -9.52 -65.37 -135.44
C LEU V 169 -10.99 -65.14 -135.76
N ARG V 170 -11.67 -66.17 -136.30
CA ARG V 170 -13.10 -66.07 -136.50
C ARG V 170 -13.82 -65.85 -135.17
N ILE V 171 -13.38 -66.55 -134.12
CA ILE V 171 -14.03 -66.44 -132.82
C ILE V 171 -13.84 -65.04 -132.25
N ARG V 172 -12.63 -64.49 -132.37
CA ARG V 172 -12.40 -63.15 -131.83
C ARG V 172 -13.16 -62.10 -132.62
N ALA V 173 -13.25 -62.27 -133.95
CA ALA V 173 -14.06 -61.34 -134.72
C ALA V 173 -15.52 -61.39 -134.29
N ILE V 174 -16.05 -62.60 -134.08
CA ILE V 174 -17.46 -62.73 -133.72
C ILE V 174 -17.71 -62.14 -132.33
N GLN V 175 -16.81 -62.39 -131.38
CA GLN V 175 -17.04 -61.86 -130.05
C GLN V 175 -16.87 -60.34 -130.01
N GLN V 176 -15.96 -59.80 -130.85
CA GLN V 176 -15.87 -58.35 -130.99
C GLN V 176 -17.18 -57.78 -131.52
N MET V 177 -17.75 -58.42 -132.55
CA MET V 177 -19.01 -57.94 -133.10
C MET V 177 -20.13 -57.99 -132.08
N ALA V 178 -20.21 -59.07 -131.31
CA ALA V 178 -21.24 -59.20 -130.30
C ALA V 178 -21.08 -58.13 -129.21
N ARG V 179 -19.85 -57.91 -128.77
CA ARG V 179 -19.59 -56.89 -127.77
C ARG V 179 -19.94 -55.50 -128.27
N ASN V 180 -19.70 -55.23 -129.55
CA ASN V 180 -20.06 -53.93 -130.10
C ASN V 180 -21.58 -53.77 -130.18
N LEU V 181 -22.25 -54.77 -130.75
CA LEU V 181 -23.71 -54.71 -130.88
C LEU V 181 -24.38 -54.58 -129.53
N ARG V 182 -23.81 -55.19 -128.49
CA ARG V 182 -24.41 -55.09 -127.16
C ARG V 182 -24.49 -53.65 -126.69
N THR V 183 -23.53 -52.82 -127.09
CA THR V 183 -23.56 -51.40 -126.71
C THR V 183 -24.39 -50.59 -127.68
N VAL V 184 -24.31 -50.90 -128.98
CA VAL V 184 -25.09 -50.15 -129.97
C VAL V 184 -26.57 -50.30 -129.69
N LEU V 185 -27.00 -51.47 -129.22
CA LEU V 185 -28.41 -51.67 -128.95
C LEU V 185 -28.85 -50.92 -127.69
N ASP V 186 -28.01 -50.91 -126.65
CA ASP V 186 -28.36 -50.19 -125.44
C ASP V 186 -28.30 -48.68 -125.63
N SER V 187 -27.60 -48.22 -126.67
CA SER V 187 -27.54 -46.77 -126.93
C SER V 187 -28.93 -46.17 -127.07
N PHE V 188 -29.84 -46.88 -127.75
CA PHE V 188 -31.16 -46.30 -127.99
C PHE V 188 -32.01 -46.31 -126.73
N GLU V 189 -31.93 -47.38 -125.94
CA GLU V 189 -32.59 -47.38 -124.64
C GLU V 189 -32.08 -46.25 -123.76
N ARG V 190 -30.79 -45.94 -123.85
CA ARG V 190 -30.25 -44.82 -123.09
C ARG V 190 -30.71 -43.48 -123.64
N GLY V 191 -30.85 -43.37 -124.97
CA GLY V 191 -31.24 -42.11 -125.59
C GLY V 191 -32.72 -41.81 -125.49
N THR V 192 -33.55 -42.82 -125.19
CA THR V 192 -34.95 -42.54 -124.93
C THR V 192 -35.11 -41.53 -123.80
N ALA V 193 -34.39 -41.75 -122.69
CA ALA V 193 -34.48 -40.86 -121.55
C ALA V 193 -33.91 -39.48 -121.84
N ASP V 194 -33.03 -39.34 -122.82
CA ASP V 194 -32.52 -38.03 -123.20
C ASP V 194 -33.45 -37.31 -124.15
N GLN V 195 -34.15 -38.03 -125.02
CA GLN V 195 -35.26 -37.42 -125.74
C GLN V 195 -36.30 -36.91 -124.77
N LEU V 196 -36.65 -37.73 -123.77
CA LEU V 196 -37.41 -37.25 -122.63
C LEU V 196 -36.54 -36.30 -121.82
N LEU V 197 -37.20 -35.47 -120.98
CA LEU V 197 -36.57 -34.43 -120.11
C LEU V 197 -35.91 -33.37 -121.00
N GLY V 198 -35.92 -33.59 -122.32
CA GLY V 198 -35.41 -32.59 -123.23
C GLY V 198 -36.58 -32.17 -124.09
N VAL V 199 -37.58 -33.04 -124.13
CA VAL V 199 -38.88 -32.67 -124.70
C VAL V 199 -39.74 -31.88 -123.72
N LEU V 200 -39.43 -31.90 -122.42
CA LEU V 200 -40.27 -31.27 -121.42
C LEU V 200 -39.80 -29.88 -121.01
N LEU V 201 -38.55 -29.53 -121.31
CA LEU V 201 -38.03 -28.23 -120.85
C LEU V 201 -38.68 -27.08 -121.60
N GLU V 202 -38.86 -27.20 -122.92
CA GLU V 202 -39.55 -26.18 -123.70
C GLU V 202 -41.05 -26.22 -123.48
N LYS V 203 -41.54 -27.14 -122.64
CA LYS V 203 -42.95 -27.23 -122.32
C LYS V 203 -43.28 -26.72 -120.93
N ALA V 204 -42.35 -26.85 -119.98
CA ALA V 204 -42.61 -26.42 -118.61
C ALA V 204 -42.43 -24.91 -118.49
N PRO V 205 -43.44 -24.16 -118.07
CA PRO V 205 -43.27 -22.73 -117.83
C PRO V 205 -42.68 -22.46 -116.46
N PRO V 206 -42.22 -21.24 -116.20
CA PRO V 206 -41.60 -20.97 -114.90
C PRO V 206 -42.60 -20.99 -113.75
N LEU V 207 -42.16 -21.54 -112.62
CA LEU V 207 -43.03 -21.64 -111.46
C LEU V 207 -43.38 -20.27 -110.92
N SER V 208 -42.41 -19.35 -110.89
CA SER V 208 -42.64 -18.02 -110.34
C SER V 208 -43.75 -17.28 -111.06
N LEU V 209 -44.03 -17.63 -112.31
CA LEU V 209 -45.15 -17.04 -113.04
C LEU V 209 -46.37 -17.92 -113.08
N LEU V 210 -46.20 -19.25 -113.01
CA LEU V 210 -47.35 -20.14 -113.06
C LEU V 210 -48.14 -20.15 -111.76
N SER V 211 -47.45 -20.06 -110.62
CA SER V 211 -48.15 -20.20 -109.34
C SER V 211 -49.12 -19.04 -109.08
N PRO V 212 -48.75 -17.76 -109.25
CA PRO V 212 -49.72 -16.71 -108.91
C PRO V 212 -50.87 -16.62 -109.90
N ILE V 213 -50.63 -16.92 -111.17
CA ILE V 213 -51.73 -16.96 -112.13
C ILE V 213 -52.75 -18.01 -111.72
N ASN V 214 -52.28 -19.19 -111.32
CA ASN V 214 -53.16 -20.22 -110.83
C ASN V 214 -53.87 -19.80 -109.55
N LYS V 215 -53.16 -19.08 -108.66
CA LYS V 215 -53.78 -18.63 -107.41
C LYS V 215 -54.91 -17.65 -107.68
N PHE V 216 -54.71 -16.72 -108.61
CA PHE V 216 -55.73 -15.71 -108.93
C PHE V 216 -56.53 -16.23 -110.11
N GLN V 217 -57.53 -17.06 -109.82
CA GLN V 217 -58.36 -17.69 -110.84
C GLN V 217 -59.82 -17.58 -110.44
N PRO V 218 -60.36 -16.36 -110.41
CA PRO V 218 -61.80 -16.20 -110.13
C PRO V 218 -62.64 -16.57 -111.34
N GLU V 219 -62.23 -16.10 -112.52
CA GLU V 219 -62.95 -16.37 -113.76
C GLU V 219 -62.03 -16.74 -114.92
N GLY V 220 -60.73 -16.50 -114.83
CA GLY V 220 -59.84 -16.64 -115.96
C GLY V 220 -59.56 -15.32 -116.66
N HIS V 221 -60.61 -14.62 -117.10
CA HIS V 221 -60.43 -13.29 -117.69
C HIS V 221 -60.64 -12.22 -116.62
N LEU V 222 -59.77 -11.22 -116.63
CA LEU V 222 -59.80 -10.16 -115.64
C LEU V 222 -59.85 -8.80 -116.33
N ASN V 223 -60.22 -7.78 -115.57
CA ASN V 223 -60.25 -6.42 -116.08
C ASN V 223 -58.86 -5.80 -116.00
N ARG V 224 -58.75 -4.56 -116.46
CA ARG V 224 -57.46 -3.89 -116.51
C ARG V 224 -56.86 -3.69 -115.13
N VAL V 225 -57.70 -3.33 -114.14
CA VAL V 225 -57.19 -3.04 -112.81
C VAL V 225 -56.65 -4.31 -112.15
N ALA V 226 -57.46 -5.38 -112.14
CA ALA V 226 -57.01 -6.64 -111.59
C ALA V 226 -55.78 -7.14 -112.33
N ARG V 227 -55.72 -6.91 -113.64
CA ARG V 227 -54.57 -7.35 -114.42
C ARG V 227 -53.31 -6.62 -113.99
N ALA V 228 -53.41 -5.30 -113.80
CA ALA V 228 -52.24 -4.53 -113.38
C ALA V 228 -51.79 -4.94 -111.98
N ALA V 229 -52.73 -5.18 -111.07
CA ALA V 229 -52.35 -5.66 -109.74
C ALA V 229 -51.64 -7.01 -109.83
N LEU V 230 -52.17 -7.92 -110.66
CA LEU V 230 -51.53 -9.22 -110.83
C LEU V 230 -50.14 -9.07 -111.44
N LEU V 231 -49.96 -8.10 -112.34
CA LEU V 231 -48.65 -7.88 -112.93
C LEU V 231 -47.65 -7.38 -111.90
N SER V 232 -48.07 -6.46 -111.04
CA SER V 232 -47.19 -6.00 -109.97
C SER V 232 -46.82 -7.16 -109.05
N ASP V 233 -47.78 -8.01 -108.72
CA ASP V 233 -47.49 -9.18 -107.90
C ASP V 233 -46.49 -10.09 -108.59
N LEU V 234 -46.66 -10.31 -109.89
CA LEU V 234 -45.74 -11.15 -110.64
C LEU V 234 -44.35 -10.57 -110.64
N LYS V 235 -44.23 -9.26 -110.80
CA LYS V 235 -42.92 -8.61 -110.77
C LYS V 235 -42.23 -8.82 -109.43
N ARG V 236 -42.94 -8.52 -108.35
CA ARG V 236 -42.36 -8.72 -107.02
C ARG V 236 -41.94 -10.18 -106.83
N ARG V 237 -42.79 -11.11 -107.23
CA ARG V 237 -42.47 -12.53 -107.10
C ARG V 237 -41.18 -12.86 -107.84
N VAL V 238 -41.20 -12.71 -109.17
CA VAL V 238 -40.04 -13.09 -109.98
C VAL V 238 -38.78 -12.37 -109.52
N CYS V 239 -38.88 -11.17 -108.96
CA CYS V 239 -37.70 -10.51 -108.43
C CYS V 239 -37.20 -11.15 -107.15
N ALA V 240 -38.11 -11.63 -106.30
CA ALA V 240 -37.71 -12.18 -105.00
C ALA V 240 -37.32 -13.65 -105.04
N ASP V 241 -38.13 -14.52 -105.64
CA ASP V 241 -37.93 -15.95 -105.51
C ASP V 241 -37.04 -16.53 -106.61
N MET V 242 -35.83 -16.00 -106.77
CA MET V 242 -34.96 -16.47 -107.84
C MET V 242 -34.29 -17.78 -107.48
N PHE V 243 -33.49 -17.81 -106.42
CA PHE V 243 -32.72 -19.00 -106.04
C PHE V 243 -33.17 -19.43 -104.65
N PHE V 244 -33.87 -20.57 -104.59
CA PHE V 244 -34.33 -21.08 -103.30
C PHE V 244 -33.20 -21.79 -102.56
N MET V 245 -32.62 -22.82 -103.18
CA MET V 245 -31.66 -23.66 -102.49
C MET V 245 -30.36 -22.94 -102.19
N THR V 246 -30.15 -21.75 -102.75
CA THR V 246 -28.93 -21.01 -102.48
C THR V 246 -29.13 -19.96 -101.39
N ARG V 247 -30.16 -19.12 -101.53
CA ARG V 247 -30.41 -18.09 -100.54
C ARG V 247 -30.94 -18.70 -99.25
N HIS V 248 -32.07 -19.38 -99.31
CA HIS V 248 -32.67 -20.00 -98.13
C HIS V 248 -32.14 -21.42 -97.94
N ALA V 249 -30.81 -21.55 -97.91
CA ALA V 249 -30.21 -22.85 -97.70
C ALA V 249 -30.23 -23.26 -96.23
N ARG V 250 -30.34 -22.28 -95.33
CA ARG V 250 -30.35 -22.59 -93.90
C ARG V 250 -31.71 -23.09 -93.44
N GLU V 251 -32.76 -22.34 -93.74
CA GLU V 251 -34.10 -22.73 -93.32
C GLU V 251 -34.58 -23.92 -94.14
N PRO V 252 -34.81 -25.08 -93.54
CA PRO V 252 -35.26 -26.25 -94.29
C PRO V 252 -36.77 -26.36 -94.47
N ARG V 253 -37.55 -25.38 -94.00
CA ARG V 253 -38.99 -25.42 -94.12
C ARG V 253 -39.51 -24.61 -95.30
N LEU V 254 -38.86 -23.48 -95.63
CA LEU V 254 -39.26 -22.73 -96.82
C LEU V 254 -39.10 -23.57 -98.07
N ILE V 255 -38.07 -24.42 -98.11
CA ILE V 255 -37.89 -25.29 -99.26
C ILE V 255 -39.06 -26.26 -99.40
N SER V 256 -39.49 -26.86 -98.28
CA SER V 256 -40.65 -27.75 -98.32
C SER V 256 -41.90 -26.99 -98.74
N ALA V 257 -42.05 -25.74 -98.28
CA ALA V 257 -43.20 -24.94 -98.68
C ALA V 257 -43.21 -24.69 -100.18
N TYR V 258 -42.05 -24.32 -100.73
CA TYR V 258 -41.96 -24.08 -102.16
C TYR V 258 -42.24 -25.34 -102.96
N LEU V 259 -41.72 -26.49 -102.48
CA LEU V 259 -41.94 -27.73 -103.19
C LEU V 259 -43.42 -28.14 -103.16
N SER V 260 -44.08 -27.94 -102.03
CA SER V 260 -45.51 -28.22 -101.94
C SER V 260 -46.29 -27.31 -102.89
N ASP V 261 -45.94 -26.02 -102.92
CA ASP V 261 -46.60 -25.10 -103.85
C ASP V 261 -46.42 -25.54 -105.29
N MET V 262 -45.20 -25.96 -105.64
CA MET V 262 -44.93 -26.38 -107.01
C MET V 262 -45.72 -27.64 -107.37
N VAL V 263 -45.72 -28.63 -106.48
CA VAL V 263 -46.41 -29.88 -106.80
C VAL V 263 -47.91 -29.65 -106.84
N SER V 264 -48.44 -28.70 -106.08
CA SER V 264 -49.85 -28.35 -106.16
C SER V 264 -50.09 -27.16 -107.09
N CYS V 265 -49.59 -27.25 -108.32
CA CYS V 265 -49.75 -26.15 -109.27
C CYS V 265 -50.18 -26.66 -110.64
N THR V 266 -49.95 -27.93 -110.92
CA THR V 266 -50.29 -28.51 -112.20
C THR V 266 -51.71 -29.05 -112.20
N GLN V 267 -52.25 -29.19 -113.41
CA GLN V 267 -53.56 -29.83 -113.54
C GLN V 267 -53.38 -31.28 -113.99
N PRO V 268 -54.15 -32.21 -113.43
CA PRO V 268 -54.05 -33.61 -113.87
C PRO V 268 -54.53 -33.79 -115.30
N SER V 269 -54.41 -35.00 -115.82
CA SER V 269 -54.69 -35.27 -117.22
C SER V 269 -55.62 -36.47 -117.30
N VAL V 270 -55.86 -36.96 -118.52
CA VAL V 270 -56.77 -38.08 -118.69
C VAL V 270 -56.17 -39.31 -118.01
N MET V 271 -57.06 -40.17 -117.52
CA MET V 271 -56.65 -41.30 -116.68
C MET V 271 -57.03 -42.64 -117.27
N VAL V 272 -57.20 -42.72 -118.59
CA VAL V 272 -57.50 -44.00 -119.23
C VAL V 272 -56.24 -44.87 -119.17
N SER V 273 -56.36 -46.05 -118.58
CA SER V 273 -55.24 -46.96 -118.37
C SER V 273 -55.76 -48.22 -117.71
N ARG V 274 -54.94 -49.26 -117.74
CA ARG V 274 -55.22 -50.50 -117.04
C ARG V 274 -54.21 -50.77 -115.93
N ILE V 275 -52.92 -50.78 -116.26
CA ILE V 275 -51.85 -50.98 -115.29
C ILE V 275 -50.97 -49.74 -115.28
N THR V 276 -50.57 -49.31 -114.09
CA THR V 276 -49.77 -48.10 -113.94
C THR V 276 -48.67 -48.34 -112.91
N HIS V 277 -47.83 -47.33 -112.73
CA HIS V 277 -46.70 -47.40 -111.79
C HIS V 277 -47.21 -47.12 -110.39
N THR V 278 -46.92 -48.02 -109.46
CA THR V 278 -47.38 -47.89 -108.09
C THR V 278 -46.27 -48.31 -107.14
N ASN V 279 -46.55 -48.18 -105.86
CA ASN V 279 -45.62 -48.60 -104.81
C ASN V 279 -45.87 -50.07 -104.48
N THR V 280 -45.26 -50.56 -103.41
CA THR V 280 -45.45 -51.95 -103.01
C THR V 280 -46.83 -52.16 -102.38
N ARG V 281 -47.37 -51.16 -101.69
CA ARG V 281 -48.68 -51.31 -101.07
C ARG V 281 -49.77 -51.39 -102.12
N GLY V 282 -49.78 -50.44 -103.05
CA GLY V 282 -50.82 -50.40 -104.07
C GLY V 282 -51.21 -48.98 -104.41
N ARG V 283 -50.69 -48.02 -103.64
CA ARG V 283 -50.97 -46.62 -103.91
C ARG V 283 -50.25 -46.17 -105.17
N GLN V 284 -50.94 -45.38 -105.98
CA GLN V 284 -50.39 -44.98 -107.27
C GLN V 284 -49.49 -43.76 -107.14
N VAL V 285 -48.52 -43.67 -108.03
CA VAL V 285 -47.64 -42.51 -108.10
C VAL V 285 -48.37 -41.35 -108.77
N ASP V 286 -47.84 -40.15 -108.57
CA ASP V 286 -48.47 -38.95 -109.13
C ASP V 286 -47.56 -38.15 -110.05
N GLY V 287 -46.28 -38.00 -109.73
CA GLY V 287 -45.42 -37.16 -110.54
C GLY V 287 -43.96 -37.53 -110.37
N VAL V 288 -43.11 -36.77 -111.06
CA VAL V 288 -41.68 -37.02 -111.10
C VAL V 288 -40.96 -35.76 -110.64
N LEU V 289 -39.81 -35.94 -109.99
CA LEU V 289 -38.95 -34.82 -109.62
C LEU V 289 -37.53 -35.15 -110.07
N VAL V 290 -37.18 -34.68 -111.27
CA VAL V 290 -35.83 -34.85 -111.81
C VAL V 290 -35.00 -33.66 -111.38
N THR V 291 -33.79 -33.93 -110.91
CA THR V 291 -32.88 -32.87 -110.48
C THR V 291 -31.46 -33.40 -110.57
N THR V 292 -30.50 -32.59 -110.11
CA THR V 292 -29.12 -33.01 -110.05
C THR V 292 -28.84 -33.76 -108.75
N ALA V 293 -27.68 -34.43 -108.71
CA ALA V 293 -27.35 -35.26 -107.57
C ALA V 293 -27.17 -34.43 -106.30
N THR V 294 -26.59 -33.23 -106.43
CA THR V 294 -26.36 -32.38 -105.27
C THR V 294 -27.69 -31.97 -104.63
N LEU V 295 -28.59 -31.42 -105.44
CA LEU V 295 -29.91 -31.03 -104.92
C LEU V 295 -30.67 -32.24 -104.41
N LYS V 296 -30.52 -33.40 -105.06
CA LYS V 296 -31.17 -34.61 -104.57
C LYS V 296 -30.72 -34.93 -103.16
N ARG V 297 -29.40 -34.97 -102.94
CA ARG V 297 -28.87 -35.26 -101.62
C ARG V 297 -29.32 -34.22 -100.60
N GLN V 298 -29.32 -32.94 -101.00
CA GLN V 298 -29.72 -31.89 -100.08
C GLN V 298 -31.18 -32.01 -99.70
N LEU V 299 -32.03 -32.49 -100.60
CA LEU V 299 -33.42 -32.70 -100.26
C LEU V 299 -33.61 -33.94 -99.40
N LEU V 300 -32.91 -35.02 -99.73
CA LEU V 300 -33.05 -36.28 -99.00
C LEU V 300 -32.55 -36.18 -97.56
N GLN V 301 -31.54 -35.36 -97.29
CA GLN V 301 -30.91 -35.40 -95.97
C GLN V 301 -31.89 -35.00 -94.87
N GLY V 302 -32.57 -33.87 -95.02
CA GLY V 302 -33.38 -33.37 -93.93
C GLY V 302 -34.70 -32.70 -94.27
N ILE V 303 -35.05 -32.64 -95.56
CA ILE V 303 -36.27 -31.95 -95.97
C ILE V 303 -37.38 -32.93 -96.33
N LEU V 304 -37.05 -33.97 -97.08
CA LEU V 304 -38.04 -34.94 -97.53
C LEU V 304 -37.80 -36.28 -96.85
N GLN V 305 -38.84 -37.11 -96.83
CA GLN V 305 -38.81 -38.40 -96.17
C GLN V 305 -39.13 -39.49 -97.18
N ILE V 306 -38.51 -40.66 -97.01
CA ILE V 306 -38.63 -41.75 -97.97
C ILE V 306 -39.75 -42.69 -97.52
N ASP V 307 -40.61 -43.07 -98.47
CA ASP V 307 -41.65 -44.06 -98.17
C ASP V 307 -41.12 -45.48 -98.30
N ASP V 308 -40.69 -45.85 -99.51
CA ASP V 308 -40.37 -47.22 -99.82
C ASP V 308 -39.12 -47.28 -100.69
N THR V 309 -38.40 -48.38 -100.57
CA THR V 309 -37.21 -48.64 -101.38
C THR V 309 -37.58 -49.18 -102.76
N ALA V 310 -38.77 -49.75 -102.92
CA ALA V 310 -39.16 -50.33 -104.19
C ALA V 310 -40.48 -49.75 -104.64
N ALA V 311 -40.89 -50.13 -105.85
CA ALA V 311 -42.15 -49.67 -106.43
C ALA V 311 -42.53 -50.64 -107.52
N ASP V 312 -43.81 -50.99 -107.60
CA ASP V 312 -44.28 -51.95 -108.59
C ASP V 312 -44.55 -51.23 -109.91
N VAL V 313 -43.63 -51.37 -110.86
CA VAL V 313 -43.77 -50.74 -112.16
C VAL V 313 -44.01 -51.82 -113.21
N PRO V 314 -44.72 -51.52 -114.29
CA PRO V 314 -44.99 -52.56 -115.29
C PRO V 314 -43.73 -52.98 -116.03
N VAL V 315 -43.81 -54.15 -116.65
CA VAL V 315 -42.67 -54.73 -117.37
C VAL V 315 -42.89 -54.76 -118.87
N THR V 316 -44.14 -54.77 -119.34
CA THR V 316 -44.42 -54.87 -120.76
C THR V 316 -44.46 -53.48 -121.39
N TYR V 317 -44.87 -53.43 -122.65
CA TYR V 317 -45.06 -52.18 -123.36
C TYR V 317 -46.48 -52.14 -123.91
N GLY V 318 -46.76 -51.15 -124.76
CA GLY V 318 -48.02 -51.11 -125.48
C GLY V 318 -47.80 -51.04 -126.97
N GLU V 319 -48.45 -51.90 -127.73
CA GLU V 319 -48.33 -51.89 -129.17
C GLU V 319 -49.70 -52.17 -129.80
N MET V 320 -49.89 -51.63 -131.00
CA MET V 320 -51.13 -51.82 -131.75
C MET V 320 -50.77 -52.03 -133.21
N VAL V 321 -51.16 -53.17 -133.76
CA VAL V 321 -50.87 -53.54 -135.14
C VAL V 321 -52.12 -53.33 -135.97
N LEU V 322 -51.96 -52.81 -137.18
CA LEU V 322 -53.09 -52.52 -138.05
C LEU V 322 -53.53 -53.78 -138.77
N GLN V 323 -54.67 -54.34 -138.36
CA GLN V 323 -55.15 -55.59 -138.93
C GLN V 323 -56.63 -55.43 -139.25
N GLY V 324 -57.25 -56.54 -139.66
CA GLY V 324 -58.65 -56.55 -140.00
C GLY V 324 -58.97 -55.65 -141.18
N THR V 325 -59.88 -54.70 -140.98
CA THR V 325 -60.29 -53.77 -142.02
C THR V 325 -59.47 -52.48 -141.99
N ASN V 326 -58.33 -52.49 -141.29
CA ASN V 326 -57.57 -51.27 -141.13
C ASN V 326 -56.55 -51.09 -142.26
N LEU V 327 -55.82 -52.15 -142.60
CA LEU V 327 -54.82 -52.05 -143.65
C LEU V 327 -55.47 -51.72 -144.99
N VAL V 328 -56.61 -52.35 -145.28
CA VAL V 328 -57.29 -52.09 -146.55
C VAL V 328 -57.75 -50.65 -146.63
N THR V 329 -58.27 -50.11 -145.52
CA THR V 329 -58.69 -48.71 -145.51
C THR V 329 -57.51 -47.78 -145.70
N ALA V 330 -56.43 -48.00 -144.95
CA ALA V 330 -55.25 -47.17 -145.08
C ALA V 330 -54.63 -47.26 -146.47
N LEU V 331 -54.86 -48.37 -147.18
CA LEU V 331 -54.28 -48.52 -148.51
C LEU V 331 -55.15 -47.89 -149.61
N VAL V 332 -56.45 -48.16 -149.61
CA VAL V 332 -57.29 -47.65 -150.70
C VAL V 332 -57.76 -46.23 -150.43
N MET V 333 -58.16 -45.94 -149.19
CA MET V 333 -58.68 -44.61 -148.86
C MET V 333 -57.58 -43.69 -148.36
N GLY V 334 -56.63 -44.22 -147.59
CA GLY V 334 -55.57 -43.43 -147.02
C GLY V 334 -55.83 -42.92 -145.62
N LYS V 335 -56.85 -43.44 -144.94
CA LYS V 335 -57.16 -43.02 -143.58
C LYS V 335 -57.60 -44.25 -142.80
N ALA V 336 -57.54 -44.14 -141.48
CA ALA V 336 -57.93 -45.24 -140.61
C ALA V 336 -58.20 -44.70 -139.22
N VAL V 337 -58.68 -45.58 -138.35
CA VAL V 337 -58.93 -45.26 -136.95
C VAL V 337 -58.45 -46.41 -136.10
N ARG V 338 -57.75 -46.08 -135.00
CA ARG V 338 -57.34 -47.10 -134.05
C ARG V 338 -58.58 -47.57 -133.31
N GLY V 339 -59.24 -48.59 -133.85
CA GLY V 339 -60.60 -48.87 -133.46
C GLY V 339 -61.38 -49.53 -134.57
N MET V 340 -62.46 -48.87 -135.01
CA MET V 340 -63.36 -49.35 -136.05
C MET V 340 -64.20 -50.52 -135.55
N ASP V 341 -64.57 -50.47 -134.28
CA ASP V 341 -65.56 -51.37 -133.70
C ASP V 341 -66.78 -50.60 -133.20
N ASP V 342 -66.87 -49.31 -133.50
CA ASP V 342 -68.00 -48.49 -133.07
C ASP V 342 -69.27 -48.95 -133.76
N VAL V 343 -70.18 -49.55 -132.99
CA VAL V 343 -71.43 -50.01 -133.57
C VAL V 343 -72.46 -48.88 -133.60
N ALA V 344 -72.46 -48.01 -132.61
CA ALA V 344 -73.40 -46.89 -132.57
C ALA V 344 -72.98 -45.80 -133.56
N ASN V 377 -45.40 -56.20 -113.79
CA ASN V 377 -45.02 -55.68 -112.47
C ASN V 377 -43.67 -56.25 -112.05
N ALA V 378 -42.91 -55.44 -111.30
CA ALA V 378 -41.60 -55.87 -110.83
C ALA V 378 -41.24 -55.10 -109.56
N ARG V 379 -40.26 -55.62 -108.84
CA ARG V 379 -39.76 -54.97 -107.63
C ARG V 379 -38.44 -54.27 -107.95
N VAL V 380 -38.57 -53.05 -108.45
CA VAL V 380 -37.40 -52.26 -108.85
C VAL V 380 -37.03 -51.32 -107.70
N PRO V 381 -35.74 -51.18 -107.38
CA PRO V 381 -35.34 -50.29 -106.27
C PRO V 381 -35.41 -48.82 -106.69
N ALA V 382 -35.96 -48.00 -105.79
CA ALA V 382 -36.06 -46.56 -106.01
C ALA V 382 -36.23 -45.88 -104.66
N ASP V 383 -36.63 -44.62 -104.67
CA ASP V 383 -36.95 -43.89 -103.45
C ASP V 383 -38.18 -43.04 -103.69
N LEU V 384 -39.10 -43.06 -102.73
CA LEU V 384 -40.39 -42.40 -102.86
C LEU V 384 -40.56 -41.43 -101.69
N VAL V 385 -40.89 -40.18 -102.02
CA VAL V 385 -41.03 -39.15 -101.00
C VAL V 385 -42.47 -38.67 -100.97
N ILE V 386 -42.82 -37.98 -99.89
CA ILE V 386 -44.13 -37.36 -99.72
C ILE V 386 -43.89 -35.87 -99.55
N VAL V 387 -44.02 -35.13 -100.65
CA VAL V 387 -44.08 -33.67 -100.59
C VAL V 387 -45.54 -33.26 -100.67
N GLY V 388 -45.95 -32.35 -99.80
CA GLY V 388 -47.34 -31.98 -99.71
C GLY V 388 -48.20 -33.18 -99.35
N ASP V 389 -48.97 -33.66 -100.32
CA ASP V 389 -49.85 -34.81 -100.12
C ASP V 389 -49.79 -35.74 -101.33
N LYS V 390 -48.59 -35.94 -101.88
CA LYS V 390 -48.44 -36.75 -103.09
C LYS V 390 -47.23 -37.64 -102.98
N LEU V 391 -47.27 -38.76 -103.69
CA LEU V 391 -46.15 -39.68 -103.79
C LEU V 391 -45.38 -39.45 -105.09
N VAL V 392 -44.45 -38.49 -105.03
CA VAL V 392 -43.69 -38.18 -106.24
C VAL V 392 -42.37 -38.95 -106.25
N PHE V 393 -41.92 -39.29 -107.46
CA PHE V 393 -40.61 -39.87 -107.67
C PHE V 393 -39.53 -38.82 -107.46
N LEU V 394 -38.34 -39.28 -107.11
CA LEU V 394 -37.23 -38.37 -106.88
C LEU V 394 -35.99 -38.96 -107.55
N GLU V 395 -35.63 -38.40 -108.70
CA GLU V 395 -34.56 -38.96 -109.54
C GLU V 395 -33.51 -37.90 -109.81
N ALA V 396 -32.25 -38.36 -109.87
CA ALA V 396 -31.07 -37.53 -110.02
C ALA V 396 -30.13 -38.12 -111.05
N LEU V 397 -30.66 -38.40 -112.25
CA LEU V 397 -29.91 -39.19 -113.22
C LEU V 397 -28.62 -38.52 -113.61
N GLU V 398 -27.51 -38.99 -113.05
CA GLU V 398 -26.18 -38.54 -113.42
C GLU V 398 -25.15 -39.66 -113.52
N ARG V 399 -25.40 -40.82 -112.94
CA ARG V 399 -24.49 -41.94 -112.99
C ARG V 399 -25.00 -43.08 -113.87
N ARG V 400 -26.32 -43.33 -113.85
CA ARG V 400 -26.88 -44.33 -114.76
C ARG V 400 -26.82 -43.85 -116.20
N VAL V 401 -26.85 -42.54 -116.42
CA VAL V 401 -26.76 -41.95 -117.75
C VAL V 401 -25.85 -40.73 -117.67
N TYR V 402 -25.45 -40.25 -118.85
CA TYR V 402 -24.53 -39.12 -118.98
C TYR V 402 -23.21 -39.39 -118.26
N GLN V 403 -22.76 -40.64 -118.32
CA GLN V 403 -21.54 -41.05 -117.66
C GLN V 403 -20.53 -41.53 -118.70
N ALA V 404 -19.31 -41.02 -118.61
CA ALA V 404 -18.23 -41.36 -119.54
C ALA V 404 -18.65 -41.11 -120.99
N THR V 405 -19.46 -40.08 -121.19
CA THR V 405 -19.94 -39.73 -122.51
C THR V 405 -19.68 -38.25 -122.77
N ARG V 406 -19.68 -37.88 -124.05
CA ARG V 406 -19.45 -36.50 -124.45
C ARG V 406 -20.72 -35.67 -124.47
N VAL V 407 -21.86 -36.25 -124.13
CA VAL V 407 -23.12 -35.51 -124.14
C VAL V 407 -23.22 -34.67 -122.87
N ALA V 408 -23.54 -33.40 -123.04
CA ALA V 408 -23.66 -32.49 -121.89
C ALA V 408 -24.93 -32.79 -121.12
N TYR V 409 -24.81 -32.88 -119.81
CA TYR V 409 -25.98 -33.13 -118.97
C TYR V 409 -26.92 -31.93 -119.01
N PRO V 410 -28.21 -32.13 -119.29
CA PRO V 410 -29.14 -31.01 -119.27
C PRO V 410 -29.43 -30.54 -117.85
N LEU V 411 -30.39 -29.62 -117.71
CA LEU V 411 -30.75 -28.99 -116.44
C LEU V 411 -29.64 -28.09 -115.91
N ILE V 412 -28.73 -27.66 -116.78
CA ILE V 412 -27.67 -26.73 -116.40
C ILE V 412 -27.78 -25.48 -117.28
N GLY V 413 -29.02 -25.14 -117.64
CA GLY V 413 -29.25 -23.98 -118.49
C GLY V 413 -28.76 -22.69 -117.85
N ASN V 414 -28.74 -21.64 -118.66
CA ASN V 414 -28.23 -20.34 -118.25
C ASN V 414 -29.36 -19.34 -118.09
N ILE V 415 -29.02 -18.20 -117.50
CA ILE V 415 -29.99 -17.14 -117.22
C ILE V 415 -29.32 -15.80 -117.52
N ASP V 416 -29.97 -14.98 -118.33
CA ASP V 416 -29.43 -13.68 -118.71
C ASP V 416 -30.01 -12.60 -117.82
N ILE V 417 -29.15 -11.85 -117.14
CA ILE V 417 -29.53 -10.75 -116.28
C ILE V 417 -28.81 -9.50 -116.73
N THR V 418 -29.51 -8.37 -116.72
CA THR V 418 -28.93 -7.09 -117.11
C THR V 418 -28.79 -6.18 -115.89
N PHE V 419 -27.89 -5.21 -115.99
CA PHE V 419 -27.62 -4.27 -114.91
C PHE V 419 -27.48 -2.87 -115.48
N ILE V 420 -27.89 -1.88 -114.69
CA ILE V 420 -27.85 -0.49 -115.10
C ILE V 420 -27.38 0.35 -113.92
N MET V 421 -26.51 1.33 -114.20
CA MET V 421 -25.93 2.18 -113.17
C MET V 421 -25.75 3.59 -113.72
N PRO V 422 -26.03 4.63 -112.93
CA PRO V 422 -25.72 5.99 -113.37
C PRO V 422 -24.25 6.31 -113.12
N MET V 423 -23.73 7.24 -113.93
CA MET V 423 -22.31 7.57 -113.89
C MET V 423 -22.05 8.99 -113.41
N GLY V 424 -22.63 9.99 -114.05
CA GLY V 424 -22.28 11.37 -113.73
C GLY V 424 -23.43 12.23 -113.28
N VAL V 425 -24.35 11.67 -112.50
CA VAL V 425 -25.50 12.44 -112.04
C VAL V 425 -25.08 13.35 -110.88
N PHE V 426 -25.59 14.59 -110.92
CA PHE V 426 -25.32 15.57 -109.89
C PHE V 426 -26.66 16.14 -109.42
N GLN V 427 -27.04 15.84 -108.18
CA GLN V 427 -28.31 16.29 -107.64
C GLN V 427 -28.22 17.79 -107.37
N ALA V 428 -28.89 18.58 -108.21
CA ALA V 428 -28.83 20.04 -108.11
C ALA V 428 -29.88 20.50 -107.11
N ASN V 429 -29.58 20.29 -105.83
CA ASN V 429 -30.50 20.70 -104.78
C ASN V 429 -29.74 20.92 -103.49
N SER V 430 -29.85 22.13 -102.95
CA SER V 430 -29.20 22.46 -101.69
C SER V 430 -29.78 21.66 -100.53
N MET V 431 -31.05 21.28 -100.60
CA MET V 431 -31.65 20.45 -99.57
C MET V 431 -31.23 18.99 -99.67
N ASP V 432 -30.71 18.57 -100.82
CA ASP V 432 -30.25 17.20 -101.02
C ASP V 432 -28.75 17.05 -100.83
N ARG V 433 -27.98 18.12 -101.01
CA ARG V 433 -26.53 18.07 -100.80
C ARG V 433 -26.26 18.36 -99.33
N TYR V 434 -26.37 17.33 -98.50
CA TYR V 434 -26.19 17.47 -97.06
C TYR V 434 -25.28 16.37 -96.52
N THR V 435 -25.10 16.33 -95.20
CA THR V 435 -24.42 15.23 -94.55
C THR V 435 -25.18 14.83 -93.29
N ARG V 436 -25.00 13.58 -92.87
CA ARG V 436 -25.78 13.02 -91.79
C ARG V 436 -25.11 13.16 -90.42
N HIS V 437 -23.86 13.62 -90.36
CA HIS V 437 -23.17 13.83 -89.11
C HIS V 437 -22.25 15.04 -89.24
N ALA V 438 -21.62 15.43 -88.15
CA ALA V 438 -20.78 16.63 -88.17
C ALA V 438 -19.41 16.32 -88.76
N GLY V 439 -18.64 15.48 -88.08
CA GLY V 439 -17.32 15.09 -88.58
C GLY V 439 -17.35 13.77 -89.32
N ASP V 440 -18.19 13.67 -90.36
CA ASP V 440 -18.35 12.41 -91.07
C ASP V 440 -17.04 11.98 -91.72
N PHE V 441 -16.58 12.75 -92.70
CA PHE V 441 -15.31 12.47 -93.40
C PHE V 441 -14.51 13.75 -93.39
N SER V 442 -13.77 13.98 -92.31
CA SER V 442 -12.94 15.17 -92.22
C SER V 442 -11.69 14.99 -93.06
N THR V 443 -11.12 16.12 -93.49
CA THR V 443 -9.89 16.11 -94.28
C THR V 443 -8.92 17.10 -93.67
N VAL V 444 -7.80 17.31 -94.35
CA VAL V 444 -6.81 18.28 -93.91
C VAL V 444 -6.86 19.51 -94.82
N SER V 445 -7.19 19.29 -96.08
CA SER V 445 -7.26 20.38 -97.05
C SER V 445 -8.32 21.41 -96.64
N GLU V 446 -8.11 22.64 -97.10
CA GLU V 446 -9.05 23.72 -96.82
C GLU V 446 -10.34 23.57 -97.62
N GLN V 447 -10.32 22.82 -98.72
CA GLN V 447 -11.48 22.60 -99.56
C GLN V 447 -11.76 21.10 -99.63
N ASP V 448 -12.90 20.68 -99.10
CA ASP V 448 -13.26 19.27 -99.09
C ASP V 448 -13.49 18.79 -100.52
N PRO V 449 -12.72 17.85 -101.03
CA PRO V 449 -12.88 17.36 -102.40
C PRO V 449 -14.03 16.37 -102.57
N ARG V 450 -15.19 16.71 -101.98
CA ARG V 450 -16.37 15.88 -102.08
C ARG V 450 -17.61 16.67 -102.43
N GLN V 451 -17.51 17.99 -102.56
CA GLN V 451 -18.63 18.81 -103.02
C GLN V 451 -18.70 18.90 -104.53
N PHE V 452 -17.59 18.65 -105.22
CA PHE V 452 -17.57 18.73 -106.66
C PHE V 452 -18.36 17.57 -107.26
N PRO V 453 -18.88 17.73 -108.48
CA PRO V 453 -19.69 16.67 -109.08
C PRO V 453 -18.83 15.47 -109.43
N PRO V 454 -19.30 14.27 -109.15
CA PRO V 454 -18.50 13.07 -109.44
C PRO V 454 -18.39 12.83 -110.95
N GLN V 455 -17.47 11.96 -111.30
CA GLN V 455 -17.25 11.62 -112.71
C GLN V 455 -17.34 10.13 -112.97
N GLY V 456 -16.84 9.29 -112.05
CA GLY V 456 -16.83 7.86 -112.23
C GLY V 456 -17.77 7.14 -111.26
N ILE V 457 -17.80 5.82 -111.41
CA ILE V 457 -18.58 4.96 -110.55
C ILE V 457 -17.71 3.79 -110.13
N PHE V 458 -17.95 3.28 -108.93
CA PHE V 458 -17.21 2.16 -108.39
C PHE V 458 -18.17 1.01 -108.12
N PHE V 459 -17.72 -0.21 -108.37
CA PHE V 459 -18.52 -1.39 -108.05
C PHE V 459 -17.60 -2.59 -107.90
N TYR V 460 -18.18 -3.77 -107.72
CA TYR V 460 -17.42 -4.98 -107.47
C TYR V 460 -17.32 -5.82 -108.73
N ASN V 461 -16.26 -6.61 -108.81
CA ASN V 461 -16.01 -7.46 -109.96
C ASN V 461 -16.72 -8.80 -109.76
N LYS V 462 -16.39 -9.78 -110.60
CA LYS V 462 -16.95 -11.11 -110.46
C LYS V 462 -16.41 -11.81 -109.22
N ASP V 463 -15.15 -11.52 -108.84
CA ASP V 463 -14.53 -12.13 -107.67
C ASP V 463 -14.44 -11.17 -106.50
N GLY V 464 -15.09 -10.03 -106.57
CA GLY V 464 -15.03 -9.06 -105.49
C GLY V 464 -13.94 -8.03 -105.61
N ILE V 465 -13.41 -7.81 -106.79
CA ILE V 465 -12.38 -6.80 -107.01
C ILE V 465 -13.08 -5.47 -107.28
N LEU V 466 -12.53 -4.40 -106.71
CA LEU V 466 -13.08 -3.07 -106.93
C LEU V 466 -12.72 -2.59 -108.34
N THR V 467 -13.74 -2.28 -109.12
CA THR V 467 -13.57 -1.77 -110.48
C THR V 467 -14.21 -0.39 -110.58
N GLN V 468 -13.64 0.43 -111.46
CA GLN V 468 -14.04 1.81 -111.62
C GLN V 468 -14.34 2.11 -113.08
N LEU V 469 -15.41 2.87 -113.31
CA LEU V 469 -15.82 3.28 -114.65
C LEU V 469 -15.94 4.80 -114.65
N THR V 470 -14.96 5.47 -115.23
CA THR V 470 -14.95 6.93 -115.28
C THR V 470 -15.58 7.41 -116.58
N LEU V 471 -15.57 8.73 -116.77
CA LEU V 471 -16.14 9.32 -117.98
C LEU V 471 -15.26 9.05 -119.19
N ARG V 472 -13.95 8.98 -119.00
CA ARG V 472 -13.05 8.74 -120.13
C ARG V 472 -13.29 7.39 -120.79
N ASP V 473 -13.96 6.48 -120.08
CA ASP V 473 -14.29 5.18 -120.65
C ASP V 473 -15.40 5.27 -121.69
N ALA V 474 -16.18 6.35 -121.69
CA ALA V 474 -17.27 6.53 -122.65
C ALA V 474 -16.83 7.22 -123.92
N MET V 475 -15.52 7.32 -124.16
CA MET V 475 -14.98 8.02 -125.31
C MET V 475 -15.11 7.23 -126.61
N GLY V 476 -15.82 6.11 -126.59
CA GLY V 476 -15.94 5.30 -127.78
C GLY V 476 -17.29 5.38 -128.44
N THR V 477 -18.25 5.98 -127.75
CA THR V 477 -19.62 6.11 -128.25
C THR V 477 -20.01 7.54 -128.57
N ILE V 478 -19.59 8.50 -127.74
CA ILE V 478 -20.02 9.88 -127.94
C ILE V 478 -19.15 10.58 -128.99
N CYS V 479 -17.90 10.17 -129.13
CA CYS V 479 -16.97 10.84 -130.03
C CYS V 479 -16.94 10.23 -131.43
N HIS V 480 -18.05 9.65 -131.87
CA HIS V 480 -18.17 9.11 -133.21
C HIS V 480 -18.83 10.12 -134.14
N SER V 481 -18.74 9.83 -135.44
CA SER V 481 -19.41 10.66 -136.43
C SER V 481 -20.92 10.50 -136.40
N SER V 482 -21.44 9.50 -135.69
CA SER V 482 -22.88 9.29 -135.58
C SER V 482 -23.59 10.42 -134.85
N LEU V 483 -22.84 11.35 -134.25
CA LEU V 483 -23.44 12.48 -133.56
C LEU V 483 -24.01 13.52 -134.50
N LEU V 484 -23.71 13.42 -135.80
CA LEU V 484 -24.07 14.45 -136.78
C LEU V 484 -24.72 13.81 -138.01
N ASP V 485 -25.66 12.92 -137.80
CA ASP V 485 -26.42 12.28 -138.86
C ASP V 485 -27.89 12.70 -138.81
N VAL V 486 -28.12 13.99 -138.63
CA VAL V 486 -29.44 14.53 -138.29
C VAL V 486 -30.31 14.67 -139.53
N GLU V 487 -29.80 14.22 -140.68
CA GLU V 487 -30.57 14.35 -141.91
C GLU V 487 -31.88 13.60 -141.83
N ALA V 488 -31.84 12.35 -141.38
CA ALA V 488 -33.06 11.55 -141.30
C ALA V 488 -34.05 12.13 -140.29
N THR V 489 -33.54 12.62 -139.16
CA THR V 489 -34.43 13.20 -138.16
C THR V 489 -35.11 14.47 -138.69
N LEU V 490 -34.34 15.33 -139.38
CA LEU V 490 -34.93 16.52 -139.97
C LEU V 490 -35.97 16.14 -141.01
N VAL V 491 -35.69 15.11 -141.82
CA VAL V 491 -36.65 14.66 -142.81
C VAL V 491 -37.94 14.21 -142.13
N ALA V 492 -37.82 13.37 -141.10
CA ALA V 492 -38.99 12.86 -140.41
C ALA V 492 -39.78 13.98 -139.75
N LEU V 493 -39.10 14.99 -139.22
CA LEU V 493 -39.80 16.12 -138.63
C LEU V 493 -40.54 16.93 -139.68
N ARG V 494 -39.94 17.08 -140.86
CA ARG V 494 -40.61 17.82 -141.94
C ARG V 494 -41.79 17.04 -142.49
N GLN V 495 -41.73 15.71 -142.45
CA GLN V 495 -42.85 14.90 -142.94
C GLN V 495 -44.15 15.27 -142.24
N GLN V 496 -44.14 15.19 -140.91
CA GLN V 496 -45.32 15.53 -140.13
C GLN V 496 -45.65 17.01 -140.29
N HIS V 497 -46.94 17.32 -140.20
CA HIS V 497 -47.41 18.69 -140.37
C HIS V 497 -47.34 19.45 -139.06
N LEU V 498 -46.65 20.58 -139.07
CA LEU V 498 -46.62 21.49 -137.94
C LEU V 498 -46.74 22.91 -138.47
N ASP V 499 -47.54 23.73 -137.79
CA ASP V 499 -47.70 25.12 -138.14
C ASP V 499 -47.23 26.00 -136.98
N ARG V 500 -46.56 27.09 -137.31
CA ARG V 500 -46.02 27.98 -136.30
C ARG V 500 -45.77 29.34 -136.92
N GLN V 501 -45.80 30.36 -136.06
CA GLN V 501 -45.57 31.74 -136.46
C GLN V 501 -44.48 32.34 -135.60
N CYS V 502 -44.33 33.67 -135.64
CA CYS V 502 -43.36 34.39 -134.82
C CYS V 502 -41.94 33.94 -135.14
N TYR V 503 -41.54 34.24 -136.37
CA TYR V 503 -40.20 33.94 -136.88
C TYR V 503 -39.22 35.05 -136.59
N PHE V 504 -39.42 35.81 -135.50
CA PHE V 504 -38.57 36.95 -135.20
C PHE V 504 -37.13 36.52 -134.90
N GLY V 505 -36.96 35.66 -133.90
CA GLY V 505 -35.62 35.33 -133.45
C GLY V 505 -34.90 34.29 -134.29
N VAL V 506 -35.36 34.07 -135.52
CA VAL V 506 -34.75 33.07 -136.39
C VAL V 506 -34.44 33.68 -137.74
N TYR V 507 -34.91 34.91 -137.98
CA TYR V 507 -34.72 35.58 -139.25
C TYR V 507 -33.55 36.55 -139.18
N VAL V 508 -32.79 36.63 -140.26
CA VAL V 508 -31.66 37.53 -140.39
C VAL V 508 -31.85 38.37 -141.65
N ALA V 509 -31.49 39.65 -141.57
CA ALA V 509 -31.61 40.54 -142.70
C ALA V 509 -30.28 41.23 -143.00
N GLU V 510 -30.29 42.19 -143.91
CA GLU V 510 -29.10 42.95 -144.27
C GLU V 510 -29.35 44.44 -144.00
N GLY V 511 -28.35 45.25 -144.31
CA GLY V 511 -28.41 46.69 -144.09
C GLY V 511 -28.73 47.44 -145.36
N THR V 512 -29.52 48.50 -145.22
CA THR V 512 -29.92 49.35 -146.33
C THR V 512 -29.08 50.63 -146.41
N GLU V 513 -27.87 50.60 -145.88
CA GLU V 513 -26.89 51.69 -145.98
C GLU V 513 -27.33 52.95 -145.25
N ASP V 514 -28.38 52.89 -144.44
CA ASP V 514 -28.65 53.98 -143.52
C ASP V 514 -27.58 54.02 -142.44
N THR V 515 -27.64 55.02 -141.57
CA THR V 515 -26.53 55.15 -140.62
C THR V 515 -26.70 54.17 -139.47
N LEU V 516 -27.60 54.46 -138.53
CA LEU V 516 -28.09 53.44 -137.60
C LEU V 516 -29.55 53.67 -137.27
N ASP V 517 -30.01 54.92 -137.38
CA ASP V 517 -31.22 55.33 -136.70
C ASP V 517 -32.48 54.99 -137.49
N VAL V 518 -32.46 55.20 -138.80
CA VAL V 518 -33.61 54.81 -139.61
C VAL V 518 -33.82 53.31 -139.52
N GLN V 519 -32.74 52.54 -139.59
CA GLN V 519 -32.85 51.10 -139.44
C GLN V 519 -33.35 50.72 -138.04
N MET V 520 -32.90 51.45 -137.02
CA MET V 520 -33.36 51.16 -135.66
C MET V 520 -34.87 51.40 -135.54
N GLY V 521 -35.36 52.52 -136.05
CA GLY V 521 -36.78 52.81 -135.96
C GLY V 521 -37.62 51.82 -136.77
N ARG V 522 -37.15 51.47 -137.97
CA ARG V 522 -37.86 50.48 -138.77
C ARG V 522 -37.92 49.14 -138.05
N PHE V 523 -36.80 48.72 -137.45
CA PHE V 523 -36.80 47.48 -136.70
C PHE V 523 -37.75 47.55 -135.50
N MET V 524 -37.79 48.70 -134.83
CA MET V 524 -38.71 48.86 -133.71
C MET V 524 -40.15 48.65 -134.16
N GLU V 525 -40.57 49.36 -135.20
CA GLU V 525 -41.95 49.25 -135.67
C GLU V 525 -42.27 47.83 -136.12
N THR V 526 -41.38 47.24 -136.92
CA THR V 526 -41.61 45.89 -137.40
C THR V 526 -41.71 44.92 -136.23
N TRP V 527 -40.61 44.74 -135.49
CA TRP V 527 -40.61 43.84 -134.35
C TRP V 527 -41.76 44.11 -133.38
N ALA V 528 -42.34 45.31 -133.40
CA ALA V 528 -43.54 45.55 -132.63
C ALA V 528 -44.75 44.86 -133.25
N ASP V 529 -44.97 45.08 -134.55
CA ASP V 529 -46.20 44.60 -135.18
C ASP V 529 -46.07 43.24 -135.86
N MET V 530 -44.93 42.56 -135.69
CA MET V 530 -44.69 41.29 -136.36
C MET V 530 -44.55 40.13 -135.37
N MET V 531 -45.00 40.31 -134.13
CA MET V 531 -44.92 39.27 -133.10
C MET V 531 -46.31 38.72 -132.83
N PRO V 532 -46.76 37.70 -133.56
CA PRO V 532 -48.12 37.19 -133.32
C PRO V 532 -48.24 36.45 -132.00
N HIS V 533 -47.28 35.60 -131.68
CA HIS V 533 -47.27 34.82 -130.45
C HIS V 533 -46.01 35.15 -129.65
N HIS V 534 -45.79 34.42 -128.59
CA HIS V 534 -44.60 34.65 -127.81
C HIS V 534 -43.52 33.64 -128.17
N PRO V 535 -42.26 34.03 -128.08
CA PRO V 535 -41.17 33.11 -128.40
C PRO V 535 -41.12 31.94 -127.41
N HIS V 536 -40.54 30.84 -127.87
CA HIS V 536 -40.41 29.64 -127.06
C HIS V 536 -39.01 29.46 -126.48
N TRP V 537 -38.05 30.28 -126.90
CA TRP V 537 -36.70 30.23 -126.37
C TRP V 537 -36.49 31.19 -125.22
N VAL V 538 -37.51 31.95 -124.83
CA VAL V 538 -37.35 32.96 -123.80
C VAL V 538 -37.73 32.46 -122.41
N ASN V 539 -38.60 31.46 -122.32
CA ASN V 539 -39.06 30.95 -121.04
C ASN V 539 -38.08 29.88 -120.56
N GLU V 540 -36.97 30.32 -120.00
CA GLU V 540 -35.96 29.42 -119.45
C GLU V 540 -36.00 29.38 -117.93
N HIS V 541 -37.07 29.87 -117.31
CA HIS V 541 -37.22 29.82 -115.87
C HIS V 541 -37.85 28.53 -115.38
N LEU V 542 -38.37 27.70 -116.28
CA LEU V 542 -39.05 26.48 -115.88
C LEU V 542 -38.08 25.51 -115.20
N THR V 543 -38.59 24.78 -114.22
CA THR V 543 -37.81 23.77 -113.56
C THR V 543 -37.79 22.50 -114.42
N ILE V 544 -37.04 21.50 -113.96
CA ILE V 544 -36.92 20.25 -114.72
C ILE V 544 -38.27 19.55 -114.79
N LEU V 545 -39.06 19.62 -113.71
CA LEU V 545 -40.38 19.00 -113.71
C LEU V 545 -41.27 19.62 -114.76
N GLN V 546 -41.36 20.95 -114.78
CA GLN V 546 -42.19 21.62 -115.76
C GLN V 546 -41.68 21.39 -117.19
N PHE V 547 -40.36 21.36 -117.37
CA PHE V 547 -39.83 21.12 -118.71
C PHE V 547 -40.11 19.71 -119.20
N ILE V 548 -40.19 18.75 -118.28
CA ILE V 548 -40.48 17.38 -118.68
C ILE V 548 -41.97 17.14 -118.87
N ALA V 549 -42.81 17.88 -118.14
CA ALA V 549 -44.26 17.65 -118.19
C ALA V 549 -44.76 17.69 -119.62
N PRO V 550 -45.74 16.86 -119.99
CA PRO V 550 -46.16 16.77 -121.40
C PRO V 550 -46.79 18.05 -121.93
N SER V 551 -47.13 19.01 -121.08
CA SER V 551 -47.67 20.28 -121.55
C SER V 551 -46.62 21.18 -122.17
N ASN V 552 -45.34 20.87 -121.98
CA ASN V 552 -44.27 21.69 -122.53
C ASN V 552 -44.29 21.63 -124.05
N PRO V 553 -44.49 22.75 -124.74
CA PRO V 553 -44.57 22.69 -126.21
C PRO V 553 -43.24 22.42 -126.88
N ARG V 554 -42.15 22.94 -126.35
CA ARG V 554 -40.83 22.76 -126.96
C ARG V 554 -40.17 21.45 -126.57
N LEU V 555 -40.95 20.48 -126.08
CA LEU V 555 -40.37 19.22 -125.65
C LEU V 555 -40.04 18.31 -126.84
N ARG V 556 -40.91 18.29 -127.85
CA ARG V 556 -40.71 17.39 -128.97
C ARG V 556 -39.48 17.74 -129.81
N PHE V 557 -38.97 18.97 -129.69
CA PHE V 557 -37.81 19.39 -130.47
C PHE V 557 -36.49 19.17 -129.74
N GLU V 558 -36.53 18.75 -128.48
CA GLU V 558 -35.31 18.46 -127.73
C GLU V 558 -34.95 17.00 -127.96
N LEU V 559 -34.17 16.77 -129.02
CA LEU V 559 -33.78 15.41 -129.39
C LEU V 559 -32.28 15.18 -129.25
N ASN V 560 -31.46 16.04 -129.83
CA ASN V 560 -30.03 15.83 -129.69
C ASN V 560 -29.41 16.88 -128.79
N PRO V 561 -28.45 16.50 -127.94
CA PRO V 561 -27.83 17.47 -127.05
C PRO V 561 -26.94 18.47 -127.76
N ALA V 562 -26.51 18.18 -128.98
CA ALA V 562 -25.60 19.05 -129.71
C ALA V 562 -26.28 19.83 -130.82
N PHE V 563 -27.60 19.78 -130.91
CA PHE V 563 -28.33 20.47 -131.96
C PHE V 563 -29.51 21.22 -131.37
N ASP V 564 -30.02 22.18 -132.14
CA ASP V 564 -31.18 22.98 -131.76
C ASP V 564 -32.17 22.94 -132.90
N PHE V 565 -33.33 22.33 -132.66
CA PHE V 565 -34.36 22.17 -133.68
C PHE V 565 -35.42 23.25 -133.51
N PHE V 566 -35.59 24.08 -134.53
CA PHE V 566 -36.56 25.14 -134.51
C PHE V 566 -37.34 25.13 -135.83
N VAL V 567 -38.33 26.02 -135.92
CA VAL V 567 -39.13 26.18 -137.12
C VAL V 567 -38.86 27.57 -137.68
N ALA V 568 -38.75 27.66 -139.00
CA ALA V 568 -38.45 28.90 -139.69
C ALA V 568 -39.15 28.90 -141.04
N PRO V 569 -39.43 30.08 -141.59
CA PRO V 569 -40.02 30.13 -142.93
C PRO V 569 -39.08 29.50 -143.96
N GLY V 570 -39.62 28.58 -144.74
CA GLY V 570 -38.81 27.86 -145.71
C GLY V 570 -38.66 28.60 -147.02
N ASP V 571 -37.80 28.05 -147.87
CA ASP V 571 -37.58 28.56 -149.22
C ASP V 571 -37.10 30.02 -149.21
N VAL V 572 -36.29 30.36 -148.20
CA VAL V 572 -35.69 31.68 -148.12
C VAL V 572 -34.20 31.51 -147.88
N ASP V 573 -33.43 32.53 -148.26
CA ASP V 573 -31.99 32.51 -148.09
C ASP V 573 -31.59 33.48 -146.98
N LEU V 574 -30.56 33.10 -146.22
CA LEU V 574 -30.13 33.87 -145.07
C LEU V 574 -28.72 34.42 -145.32
N PRO V 575 -28.51 35.73 -145.25
CA PRO V 575 -29.56 36.72 -144.96
C PRO V 575 -30.40 37.03 -146.18
N GLY V 576 -31.48 37.78 -146.01
CA GLY V 576 -32.36 38.10 -147.09
C GLY V 576 -32.79 39.54 -147.09
N PRO V 577 -34.02 39.81 -147.52
CA PRO V 577 -34.52 41.18 -147.54
C PRO V 577 -34.79 41.68 -146.13
N GLN V 578 -35.19 42.95 -146.06
CA GLN V 578 -35.47 43.58 -144.77
C GLN V 578 -36.71 42.97 -144.12
N ARG V 579 -37.77 42.76 -144.90
CA ARG V 579 -38.99 42.16 -144.39
C ARG V 579 -39.04 40.69 -144.76
N PRO V 580 -39.36 39.80 -143.82
CA PRO V 580 -39.42 38.37 -144.14
C PRO V 580 -40.58 38.07 -145.07
N PRO V 581 -40.33 37.46 -146.22
CA PRO V 581 -41.42 37.13 -147.14
C PRO V 581 -42.25 35.97 -146.62
N GLU V 582 -43.54 36.00 -146.96
CA GLU V 582 -44.45 34.96 -146.49
C GLU V 582 -44.17 33.65 -147.22
N ALA V 583 -43.98 32.58 -146.45
CA ALA V 583 -43.69 31.27 -147.01
C ALA V 583 -44.17 30.20 -146.02
N MET V 584 -44.06 28.95 -146.44
CA MET V 584 -44.49 27.84 -145.59
C MET V 584 -43.41 27.53 -144.56
N PRO V 585 -43.76 27.43 -143.28
CA PRO V 585 -42.74 27.16 -142.27
C PRO V 585 -42.28 25.71 -142.30
N THR V 586 -40.97 25.53 -142.23
CA THR V 586 -40.36 24.21 -142.20
C THR V 586 -39.43 24.12 -141.00
N VAL V 587 -38.92 22.91 -140.77
CA VAL V 587 -38.06 22.64 -139.62
C VAL V 587 -36.60 22.84 -140.04
N ASN V 588 -35.85 23.57 -139.21
CA ASN V 588 -34.43 23.77 -139.40
C ASN V 588 -33.70 23.49 -138.10
N ALA V 589 -32.43 23.09 -138.22
CA ALA V 589 -31.64 22.69 -137.06
C ALA V 589 -30.26 23.32 -137.16
N THR V 590 -29.92 24.16 -136.20
CA THR V 590 -28.58 24.73 -136.10
C THR V 590 -27.73 23.85 -135.18
N LEU V 591 -26.57 24.36 -134.78
CA LEU V 591 -25.64 23.63 -133.94
C LEU V 591 -25.37 24.40 -132.66
N ARG V 592 -25.32 23.68 -131.54
CA ARG V 592 -24.94 24.26 -130.26
C ARG V 592 -23.42 24.23 -130.15
N ILE V 593 -22.79 25.36 -130.44
CA ILE V 593 -21.33 25.40 -130.47
C ILE V 593 -20.77 25.34 -129.05
N ILE V 594 -21.40 26.02 -128.11
CA ILE V 594 -20.96 26.06 -126.72
C ILE V 594 -21.77 25.05 -125.92
N ASN V 595 -21.08 24.33 -125.02
CA ASN V 595 -21.80 23.44 -124.12
C ASN V 595 -22.64 24.19 -123.11
N GLY V 596 -22.39 25.50 -122.95
CA GLY V 596 -23.22 26.32 -122.09
C GLY V 596 -24.55 26.74 -122.69
N ASN V 597 -24.73 26.52 -124.00
CA ASN V 597 -25.99 26.84 -124.66
C ASN V 597 -27.09 25.84 -124.34
N ILE V 598 -26.79 24.80 -123.58
CA ILE V 598 -27.84 23.86 -123.18
C ILE V 598 -28.87 24.58 -122.33
N PRO V 599 -30.16 24.36 -122.52
CA PRO V 599 -31.16 25.08 -121.72
C PRO V 599 -30.96 24.85 -120.23
N VAL V 600 -31.28 25.90 -119.46
CA VAL V 600 -31.10 25.82 -118.01
C VAL V 600 -31.94 24.71 -117.38
N PRO V 601 -33.20 24.47 -117.79
CA PRO V 601 -33.92 23.33 -117.21
C PRO V 601 -33.19 22.01 -117.31
N LEU V 602 -32.35 21.83 -118.32
CA LEU V 602 -31.55 20.61 -118.44
C LEU V 602 -30.22 20.73 -117.72
N CYS V 603 -29.57 21.89 -117.79
CA CYS V 603 -28.32 22.13 -117.09
C CYS V 603 -28.53 23.23 -116.05
N PRO V 604 -28.62 22.89 -114.77
CA PRO V 604 -28.97 23.91 -113.76
C PRO V 604 -27.84 24.88 -113.48
N ILE V 605 -28.12 25.88 -112.67
CA ILE V 605 -27.12 26.90 -112.35
C ILE V 605 -26.21 26.45 -111.21
N SER V 606 -26.76 25.72 -110.25
CA SER V 606 -25.95 25.25 -109.13
C SER V 606 -24.82 24.35 -109.61
N PHE V 607 -25.10 23.48 -110.59
CA PHE V 607 -24.05 22.63 -111.13
C PHE V 607 -22.97 23.45 -111.81
N ARG V 608 -23.36 24.50 -112.52
CA ARG V 608 -22.37 25.36 -113.17
C ARG V 608 -21.50 26.07 -112.14
N ASP V 609 -22.11 26.57 -111.07
CA ASP V 609 -21.32 27.24 -110.04
C ASP V 609 -20.39 26.26 -109.34
N CYS V 610 -20.83 25.02 -109.14
CA CYS V 610 -19.98 24.03 -108.49
C CYS V 610 -18.82 23.62 -109.40
N ARG V 611 -19.11 23.48 -110.70
CA ARG V 611 -18.02 23.22 -111.65
C ARG V 611 -17.03 24.37 -111.67
N GLY V 612 -17.52 25.61 -111.57
CA GLY V 612 -16.63 26.75 -111.56
C GLY V 612 -15.76 26.81 -110.32
N THR V 613 -16.34 26.50 -109.16
CA THR V 613 -15.54 26.48 -107.94
C THR V 613 -14.61 25.28 -107.90
N GLN V 614 -14.90 24.23 -108.67
CA GLN V 614 -13.94 23.15 -108.82
C GLN V 614 -12.81 23.53 -109.77
N LEU V 615 -13.12 24.34 -110.77
CA LEU V 615 -12.09 24.83 -111.68
C LEU V 615 -11.12 25.76 -110.94
N GLY V 616 -11.67 26.78 -110.28
CA GLY V 616 -10.86 27.73 -109.55
C GLY V 616 -10.41 27.22 -108.19
N LEU V 617 -9.58 26.17 -108.17
CA LEU V 617 -9.14 25.62 -106.89
C LEU V 617 -8.13 26.54 -106.22
N GLY V 618 -6.97 26.73 -106.85
CA GLY V 618 -5.94 27.54 -106.26
C GLY V 618 -5.38 28.57 -107.22
N ARG V 619 -6.21 28.97 -108.18
CA ARG V 619 -5.79 29.97 -109.15
C ARG V 619 -5.81 31.36 -108.53
N HIS V 620 -5.47 32.36 -109.34
CA HIS V 620 -5.42 33.73 -108.84
C HIS V 620 -6.82 34.25 -108.56
N THR V 621 -6.94 35.00 -107.47
CA THR V 621 -8.18 35.65 -107.09
C THR V 621 -7.96 37.14 -106.92
N MET V 622 -9.06 37.86 -106.70
CA MET V 622 -9.03 39.30 -106.56
C MET V 622 -9.28 39.69 -105.10
N THR V 623 -8.78 40.87 -104.73
CA THR V 623 -8.91 41.31 -103.36
C THR V 623 -10.25 42.01 -103.13
N PRO V 624 -10.82 41.89 -101.93
CA PRO V 624 -12.11 42.52 -101.67
C PRO V 624 -12.12 44.01 -101.88
N ALA V 625 -10.97 44.68 -101.69
CA ALA V 625 -10.91 46.11 -101.98
C ALA V 625 -11.20 46.39 -103.45
N THR V 626 -10.49 45.70 -104.34
CA THR V 626 -10.74 45.89 -105.77
C THR V 626 -12.15 45.48 -106.14
N ILE V 627 -12.64 44.39 -105.54
CA ILE V 627 -14.01 43.94 -105.84
C ILE V 627 -15.01 45.02 -105.48
N LYS V 628 -14.91 45.56 -104.27
CA LYS V 628 -15.83 46.60 -103.83
C LYS V 628 -15.71 47.84 -104.70
N ALA V 629 -14.48 48.22 -105.06
CA ALA V 629 -14.29 49.42 -105.88
C ALA V 629 -14.98 49.26 -107.23
N VAL V 630 -14.68 48.17 -107.94
CA VAL V 630 -15.26 48.00 -109.27
C VAL V 630 -16.78 47.81 -109.18
N LYS V 631 -17.26 47.19 -108.10
CA LYS V 631 -18.70 47.06 -107.93
C LYS V 631 -19.37 48.41 -107.77
N ASP V 632 -18.78 49.29 -106.95
CA ASP V 632 -19.33 50.63 -106.79
C ASP V 632 -19.29 51.41 -108.10
N THR V 633 -18.20 51.27 -108.85
CA THR V 633 -18.11 51.98 -110.12
C THR V 633 -19.16 51.49 -111.10
N PHE V 634 -19.42 50.18 -111.13
CA PHE V 634 -20.42 49.65 -112.04
C PHE V 634 -21.82 50.04 -111.61
N GLU V 635 -22.08 50.09 -110.29
CA GLU V 635 -23.42 50.38 -109.81
C GLU V 635 -23.71 51.87 -109.71
N ASP V 636 -22.69 52.72 -109.81
CA ASP V 636 -22.92 54.15 -109.69
C ASP V 636 -23.64 54.69 -110.91
N ARG V 637 -24.66 55.51 -110.66
CA ARG V 637 -25.40 56.17 -111.74
C ARG V 637 -24.94 57.60 -111.98
N ALA V 638 -24.03 58.11 -111.16
CA ALA V 638 -23.53 59.48 -111.29
C ALA V 638 -22.27 59.55 -112.14
N TYR V 639 -22.07 58.62 -113.05
CA TYR V 639 -20.90 58.65 -113.91
C TYR V 639 -20.98 59.84 -114.86
N PRO V 640 -20.02 60.76 -114.85
CA PRO V 640 -20.12 61.93 -115.72
C PRO V 640 -19.96 61.56 -117.19
N THR V 641 -20.78 62.17 -118.03
CA THR V 641 -20.71 61.93 -119.46
C THR V 641 -19.43 62.46 -120.09
N ILE V 642 -18.66 63.26 -119.35
CA ILE V 642 -17.38 63.74 -119.88
C ILE V 642 -16.45 62.58 -120.13
N PHE V 643 -16.53 61.53 -119.32
CA PHE V 643 -15.69 60.36 -119.54
C PHE V 643 -16.08 59.64 -120.83
N TYR V 644 -17.38 59.49 -121.07
CA TYR V 644 -17.84 58.90 -122.32
C TYR V 644 -17.38 59.73 -123.51
N MET V 645 -17.49 61.06 -123.41
CA MET V 645 -17.08 61.93 -124.51
C MET V 645 -15.57 61.82 -124.76
N LEU V 646 -14.78 61.80 -123.69
CA LEU V 646 -13.33 61.67 -123.85
C LEU V 646 -12.95 60.34 -124.47
N GLU V 647 -13.56 59.25 -124.00
CA GLU V 647 -13.25 57.95 -124.59
C GLU V 647 -13.68 57.89 -126.05
N ALA V 648 -14.83 58.49 -126.38
CA ALA V 648 -15.28 58.49 -127.77
C ALA V 648 -14.32 59.25 -128.67
N VAL V 649 -13.90 60.44 -128.25
CA VAL V 649 -12.98 61.21 -129.08
C VAL V 649 -11.59 60.59 -129.12
N ILE V 650 -11.22 59.79 -128.12
CA ILE V 650 -9.95 59.08 -128.19
C ILE V 650 -10.04 57.90 -129.15
N HIS V 651 -11.18 57.21 -129.14
CA HIS V 651 -11.46 56.05 -130.01
C HIS V 651 -10.34 55.00 -129.98
N GLY V 652 -9.56 54.97 -128.90
CA GLY V 652 -8.55 53.94 -128.75
C GLY V 652 -7.38 54.06 -129.69
N ASN V 653 -6.57 55.10 -129.54
CA ASN V 653 -5.38 55.28 -130.33
C ASN V 653 -4.25 55.79 -129.46
N GLU V 654 -3.05 55.26 -129.69
CA GLU V 654 -1.91 55.62 -128.84
C GLU V 654 -1.45 57.06 -129.11
N ARG V 655 -1.48 57.49 -130.37
CA ARG V 655 -1.10 58.86 -130.69
C ARG V 655 -2.02 59.86 -130.03
N ASN V 656 -3.23 59.43 -129.64
CA ASN V 656 -4.15 60.27 -128.89
C ASN V 656 -3.93 60.14 -127.39
N PHE V 657 -3.75 58.91 -126.91
CA PHE V 657 -3.57 58.67 -125.48
C PHE V 657 -2.32 59.36 -124.96
N CYS V 658 -1.17 59.11 -125.61
CA CYS V 658 0.07 59.71 -125.17
C CYS V 658 0.05 61.22 -125.24
N ALA V 659 -0.71 61.81 -126.17
CA ALA V 659 -0.83 63.26 -126.24
C ALA V 659 -1.73 63.81 -125.14
N LEU V 660 -2.80 63.11 -124.79
CA LEU V 660 -3.72 63.56 -123.76
C LEU V 660 -3.35 63.03 -122.37
N LEU V 661 -2.17 62.42 -122.23
CA LEU V 661 -1.78 61.82 -120.95
C LEU V 661 -1.83 62.83 -119.81
N ARG V 662 -1.56 64.10 -120.10
CA ARG V 662 -1.53 65.11 -119.05
C ARG V 662 -2.93 65.31 -118.45
N LEU V 663 -3.95 65.41 -119.29
CA LEU V 663 -5.31 65.62 -118.80
C LEU V 663 -5.83 64.37 -118.10
N LEU V 664 -5.47 63.19 -118.60
CA LEU V 664 -6.08 61.96 -118.11
C LEU V 664 -5.68 61.65 -116.68
N THR V 665 -4.40 61.82 -116.34
CA THR V 665 -3.98 61.55 -114.97
C THR V 665 -4.66 62.50 -113.99
N GLN V 666 -4.78 63.78 -114.36
CA GLN V 666 -5.44 64.75 -113.48
C GLN V 666 -6.91 64.40 -113.30
N CYS V 667 -7.61 64.10 -114.39
CA CYS V 667 -9.03 63.81 -114.27
C CYS V 667 -9.27 62.52 -113.49
N ILE V 668 -8.42 61.51 -113.68
CA ILE V 668 -8.57 60.26 -112.96
C ILE V 668 -8.34 60.47 -111.48
N ARG V 669 -7.26 61.17 -111.11
CA ARG V 669 -7.00 61.42 -109.69
C ARG V 669 -8.11 62.25 -109.07
N GLY V 670 -8.63 63.23 -109.80
CA GLY V 670 -9.71 64.05 -109.28
C GLY V 670 -10.97 63.25 -109.04
N TYR V 671 -11.36 62.42 -110.02
CA TYR V 671 -12.54 61.59 -109.82
C TYR V 671 -12.35 60.59 -108.70
N TRP V 672 -11.13 60.07 -108.53
CA TRP V 672 -10.92 59.07 -107.50
C TRP V 672 -10.96 59.70 -106.11
N GLU V 673 -10.26 60.82 -105.92
CA GLU V 673 -10.25 61.42 -104.58
C GLU V 673 -11.47 62.31 -104.36
N GLN V 674 -12.64 61.79 -104.71
CA GLN V 674 -13.90 62.40 -104.32
C GLN V 674 -14.86 61.33 -103.83
N SER V 675 -14.75 60.12 -104.38
CA SER V 675 -15.67 59.04 -104.04
C SER V 675 -15.02 57.66 -103.95
N HIS V 676 -13.69 57.56 -104.06
CA HIS V 676 -12.98 56.28 -104.02
C HIS V 676 -13.53 55.32 -105.08
N ARG V 677 -13.41 55.74 -106.34
CA ARG V 677 -13.92 54.96 -107.46
C ARG V 677 -12.97 55.09 -108.64
N VAL V 678 -12.73 53.98 -109.31
CA VAL V 678 -11.83 53.94 -110.45
C VAL V 678 -12.63 54.16 -111.73
N ALA V 679 -12.07 54.92 -112.66
CA ALA V 679 -12.77 55.31 -113.88
C ALA V 679 -12.16 54.60 -115.08
N PHE V 680 -12.80 54.79 -116.24
CA PHE V 680 -12.35 54.25 -117.52
C PHE V 680 -12.27 52.72 -117.48
N VAL V 681 -13.39 52.08 -117.15
CA VAL V 681 -13.50 50.63 -117.19
C VAL V 681 -14.36 50.15 -118.33
N ASN V 682 -14.93 51.06 -119.12
CA ASN V 682 -15.73 50.68 -120.28
C ASN V 682 -14.84 50.02 -121.33
N ASN V 683 -13.89 50.77 -121.87
CA ASN V 683 -13.08 50.30 -122.99
C ASN V 683 -11.95 49.41 -122.50
N PHE V 684 -11.68 48.35 -123.27
CA PHE V 684 -10.52 47.51 -122.97
C PHE V 684 -9.22 48.25 -123.26
N HIS V 685 -9.16 48.97 -124.38
CA HIS V 685 -7.93 49.68 -124.72
C HIS V 685 -7.81 50.97 -123.93
N MET V 686 -8.01 50.89 -122.63
CA MET V 686 -7.70 51.99 -121.73
C MET V 686 -6.86 51.56 -120.54
N LEU V 687 -7.15 50.40 -119.95
CA LEU V 687 -6.44 50.02 -118.74
C LEU V 687 -5.05 49.47 -119.03
N MET V 688 -4.85 48.82 -120.17
CA MET V 688 -3.49 48.43 -120.53
C MET V 688 -2.64 49.67 -120.81
N TYR V 689 -3.21 50.66 -121.50
CA TYR V 689 -2.49 51.92 -121.70
C TYR V 689 -2.16 52.57 -120.36
N ILE V 690 -3.11 52.54 -119.43
CA ILE V 690 -2.87 53.11 -118.10
C ILE V 690 -1.70 52.39 -117.43
N THR V 691 -1.75 51.06 -117.40
CA THR V 691 -0.71 50.28 -116.73
C THR V 691 0.65 50.46 -117.40
N THR V 692 0.67 50.63 -118.72
CA THR V 692 1.94 50.74 -119.42
C THR V 692 2.55 52.13 -119.27
N TYR V 693 1.74 53.19 -119.32
CA TYR V 693 2.26 54.55 -119.27
C TYR V 693 2.30 55.11 -117.86
N LEU V 694 1.16 55.18 -117.19
CA LEU V 694 1.10 55.66 -115.81
C LEU V 694 1.34 54.52 -114.82
N GLY V 695 2.42 53.79 -115.02
CA GLY V 695 2.73 52.66 -114.18
C GLY V 695 4.00 52.81 -113.38
N ASN V 696 4.37 54.06 -113.08
CA ASN V 696 5.60 54.33 -112.35
C ASN V 696 5.39 55.12 -111.07
N GLY V 697 4.15 55.43 -110.70
CA GLY V 697 3.89 56.12 -109.47
C GLY V 697 3.20 57.46 -109.64
N GLU V 698 2.76 57.76 -110.86
CA GLU V 698 2.02 58.99 -111.10
C GLU V 698 0.71 58.99 -110.32
N LEU V 699 -0.02 57.89 -110.37
CA LEU V 699 -1.23 57.70 -109.60
C LEU V 699 -0.90 57.13 -108.23
N PRO V 700 -1.80 57.28 -107.26
CA PRO V 700 -1.58 56.65 -105.95
C PRO V 700 -1.45 55.14 -106.07
N GLU V 701 -0.90 54.54 -105.02
CA GLU V 701 -0.60 53.11 -105.00
C GLU V 701 -1.84 52.23 -104.97
N VAL V 702 -3.05 52.77 -105.10
CA VAL V 702 -4.27 51.99 -104.98
C VAL V 702 -4.90 51.70 -106.34
N CYS V 703 -5.07 52.74 -107.17
CA CYS V 703 -5.72 52.54 -108.47
C CYS V 703 -4.85 51.69 -109.39
N ILE V 704 -3.54 51.93 -109.37
CA ILE V 704 -2.63 51.11 -110.17
C ILE V 704 -2.67 49.67 -109.69
N ASN V 705 -2.83 49.46 -108.38
CA ASN V 705 -2.95 48.10 -107.86
C ASN V 705 -4.24 47.45 -108.32
N ILE V 706 -5.34 48.20 -108.37
CA ILE V 706 -6.60 47.65 -108.83
C ILE V 706 -6.49 47.24 -110.30
N TYR V 707 -5.89 48.11 -111.12
CA TYR V 707 -5.70 47.78 -112.52
C TYR V 707 -4.83 46.54 -112.70
N ARG V 708 -3.74 46.46 -111.92
CA ARG V 708 -2.87 45.29 -111.98
C ARG V 708 -3.60 44.03 -111.58
N ASP V 709 -4.47 44.13 -110.56
CA ASP V 709 -5.23 42.96 -110.13
C ASP V 709 -6.18 42.49 -111.21
N LEU V 710 -6.86 43.42 -111.87
CA LEU V 710 -7.75 43.05 -112.97
C LEU V 710 -6.98 42.37 -114.09
N LEU V 711 -5.85 42.96 -114.49
CA LEU V 711 -5.05 42.38 -115.55
C LEU V 711 -4.54 40.98 -115.16
N GLN V 712 -4.15 40.82 -113.90
CA GLN V 712 -3.67 39.52 -113.44
C GLN V 712 -4.78 38.48 -113.45
N HIS V 713 -6.00 38.89 -113.10
CA HIS V 713 -7.13 37.96 -113.17
C HIS V 713 -7.39 37.53 -114.61
N VAL V 714 -7.34 38.47 -115.55
CA VAL V 714 -7.54 38.12 -116.95
C VAL V 714 -6.46 37.15 -117.42
N ARG V 715 -5.21 37.41 -117.04
CA ARG V 715 -4.11 36.53 -117.44
C ARG V 715 -4.25 35.15 -116.81
N ALA V 716 -4.72 35.08 -115.57
CA ALA V 716 -4.92 33.79 -114.93
C ALA V 716 -6.02 33.00 -115.63
N LEU V 717 -7.09 33.68 -116.06
CA LEU V 717 -8.13 33.01 -116.83
C LEU V 717 -7.56 32.43 -118.11
N ARG V 718 -6.81 33.24 -118.87
CA ARG V 718 -6.22 32.74 -120.11
C ARG V 718 -5.29 31.55 -119.84
N GLN V 719 -4.48 31.65 -118.79
CA GLN V 719 -3.59 30.55 -118.44
C GLN V 719 -4.37 29.29 -118.11
N THR V 720 -5.53 29.43 -117.44
CA THR V 720 -6.35 28.26 -117.15
C THR V 720 -6.87 27.63 -118.43
N ILE V 721 -7.32 28.46 -119.38
CA ILE V 721 -7.73 27.93 -120.68
C ILE V 721 -6.61 27.12 -121.30
N THR V 722 -5.38 27.62 -121.19
CA THR V 722 -4.24 26.84 -121.68
C THR V 722 -4.05 25.56 -120.90
N ASP V 723 -4.24 25.61 -119.57
CA ASP V 723 -3.94 24.46 -118.73
C ASP V 723 -4.89 23.31 -118.97
N PHE V 724 -6.17 23.59 -119.21
CA PHE V 724 -7.19 22.55 -119.24
C PHE V 724 -7.38 21.94 -120.63
N THR V 725 -6.33 21.91 -121.44
CA THR V 725 -6.38 21.28 -122.74
C THR V 725 -5.04 20.61 -123.02
N ILE V 726 -5.07 19.59 -123.87
CA ILE V 726 -3.85 18.88 -124.25
C ILE V 726 -3.21 19.62 -125.42
N GLN V 727 -1.89 19.75 -125.38
CA GLN V 727 -1.15 20.46 -126.40
C GLN V 727 -0.37 19.48 -127.26
N GLY V 728 -0.25 19.79 -128.55
CA GLY V 728 0.55 18.98 -129.44
C GLY V 728 -0.19 18.41 -130.62
N GLU V 729 -1.30 19.04 -131.00
CA GLU V 729 -2.04 18.60 -132.17
C GLU V 729 -2.80 19.77 -132.77
N GLY V 730 -2.85 19.82 -134.09
CA GLY V 730 -3.54 20.87 -134.81
C GLY V 730 -3.94 20.44 -136.21
N HIS V 731 -5.19 20.67 -136.58
CA HIS V 731 -5.70 20.24 -137.87
C HIS V 731 -5.47 21.34 -138.90
N ASN V 732 -6.12 21.20 -140.06
CA ASN V 732 -5.94 22.16 -141.15
C ASN V 732 -6.19 23.58 -140.69
N GLY V 733 -7.16 23.78 -139.81
CA GLY V 733 -7.40 25.10 -139.30
C GLY V 733 -6.47 25.44 -138.15
N GLU V 734 -7.05 25.93 -137.06
CA GLU V 734 -6.30 26.26 -135.87
C GLU V 734 -6.00 24.99 -135.08
N THR V 735 -5.10 25.11 -134.12
CA THR V 735 -4.67 23.98 -133.31
C THR V 735 -5.61 23.66 -132.16
N SER V 736 -5.09 22.91 -131.18
CA SER V 736 -5.88 22.47 -130.03
C SER V 736 -6.64 23.61 -129.37
N GLU V 737 -6.06 24.81 -129.31
CA GLU V 737 -6.61 25.84 -128.44
C GLU V 737 -8.00 26.28 -128.89
N ALA V 738 -8.11 26.89 -130.08
CA ALA V 738 -9.43 27.22 -130.60
C ALA V 738 -10.17 26.00 -131.13
N LEU V 739 -9.50 24.86 -131.29
CA LEU V 739 -10.25 23.64 -131.52
C LEU V 739 -11.07 23.25 -130.30
N ASN V 740 -10.62 23.62 -129.11
CA ASN V 740 -11.26 23.23 -127.85
C ASN V 740 -12.16 24.34 -127.29
N ASN V 741 -11.68 25.58 -127.26
CA ASN V 741 -12.40 26.69 -126.68
C ASN V 741 -12.75 27.71 -127.75
N ILE V 742 -13.43 28.78 -127.34
CA ILE V 742 -13.87 29.82 -128.26
C ILE V 742 -13.16 31.12 -127.92
N LEU V 743 -12.82 31.32 -126.66
CA LEU V 743 -12.13 32.54 -126.25
C LEU V 743 -10.77 32.66 -126.89
N THR V 744 -10.19 31.54 -127.34
CA THR V 744 -8.93 31.56 -128.08
C THR V 744 -9.14 31.40 -129.58
N ASP V 745 -10.35 31.67 -130.07
CA ASP V 745 -10.67 31.53 -131.47
C ASP V 745 -10.60 32.89 -132.16
N ASP V 746 -10.06 32.90 -133.38
CA ASP V 746 -9.96 34.13 -134.16
C ASP V 746 -11.19 34.38 -135.01
N THR V 747 -11.91 33.33 -135.39
CA THR V 747 -13.16 33.51 -136.12
C THR V 747 -14.17 34.28 -135.29
N PHE V 748 -14.12 34.14 -133.98
CA PHE V 748 -14.96 34.91 -133.08
C PHE V 748 -14.39 36.31 -132.92
N ILE V 749 -15.28 37.29 -132.76
CA ILE V 749 -14.90 38.69 -132.68
C ILE V 749 -15.49 39.32 -131.44
N ALA V 750 -14.82 40.35 -130.94
CA ALA V 750 -15.29 41.08 -129.78
C ALA V 750 -16.52 41.91 -130.13
N PRO V 751 -17.30 42.34 -129.14
CA PRO V 751 -18.48 43.16 -129.44
C PRO V 751 -18.14 44.58 -129.87
N ILE V 752 -16.96 45.08 -129.53
CA ILE V 752 -16.56 46.44 -129.89
C ILE V 752 -15.25 46.37 -130.67
N LEU V 753 -15.22 47.06 -131.81
CA LEU V 753 -14.04 47.10 -132.66
C LEU V 753 -13.57 48.55 -132.78
N TRP V 754 -12.27 48.77 -132.54
CA TRP V 754 -11.66 50.08 -132.72
C TRP V 754 -10.69 50.14 -133.89
N ASP V 755 -9.96 49.07 -134.15
CA ASP V 755 -9.08 48.98 -135.31
C ASP V 755 -9.41 47.71 -136.08
N CYS V 756 -9.00 47.69 -137.34
CA CYS V 756 -9.36 46.62 -138.26
C CYS V 756 -8.38 45.47 -138.27
N ASP V 757 -7.53 45.35 -137.24
CA ASP V 757 -6.61 44.22 -137.18
C ASP V 757 -7.33 42.91 -136.88
N ALA V 758 -8.42 42.98 -136.11
CA ALA V 758 -9.18 41.77 -135.82
C ALA V 758 -9.78 41.17 -137.07
N LEU V 759 -10.24 42.01 -138.00
CA LEU V 759 -10.78 41.49 -139.26
C LEU V 759 -9.68 40.81 -140.08
N ILE V 760 -8.49 41.39 -140.10
CA ILE V 760 -7.37 40.77 -140.79
C ILE V 760 -7.06 39.41 -140.18
N TYR V 761 -6.97 39.35 -138.85
CA TYR V 761 -6.72 38.09 -138.18
C TYR V 761 -7.81 37.08 -138.49
N ARG V 762 -9.06 37.52 -138.52
CA ARG V 762 -10.17 36.61 -138.79
C ARG V 762 -10.09 36.03 -140.18
N ASP V 763 -9.86 36.88 -141.20
CA ASP V 763 -9.83 36.37 -142.56
C ASP V 763 -8.59 35.53 -142.82
N GLU V 764 -7.49 35.79 -142.10
CA GLU V 764 -6.27 35.03 -142.31
C GLU V 764 -6.18 33.77 -141.45
N ALA V 765 -7.03 33.64 -140.43
CA ALA V 765 -6.94 32.48 -139.56
C ALA V 765 -7.60 31.27 -140.19
N ALA V 766 -8.90 31.36 -140.49
CA ALA V 766 -9.63 30.19 -140.96
C ALA V 766 -9.27 29.87 -142.41
N ARG V 767 -9.61 30.76 -143.33
CA ARG V 767 -9.33 30.63 -144.76
C ARG V 767 -9.87 29.34 -145.37
N ASP V 768 -10.63 28.55 -144.61
CA ASP V 768 -11.23 27.32 -145.09
C ASP V 768 -12.75 27.37 -145.04
N ARG V 769 -13.31 27.69 -143.88
CA ARG V 769 -14.75 27.88 -143.78
C ARG V 769 -15.14 29.14 -144.53
N LEU V 770 -16.06 28.99 -145.49
CA LEU V 770 -16.45 30.06 -146.39
C LEU V 770 -16.92 31.29 -145.61
N PRO V 771 -16.13 32.35 -145.58
CA PRO V 771 -16.51 33.53 -144.81
C PRO V 771 -17.30 34.54 -145.62
N ALA V 772 -18.02 35.39 -144.90
CA ALA V 772 -18.79 36.45 -145.54
C ALA V 772 -18.88 37.62 -144.57
N ILE V 773 -18.67 38.83 -145.07
CA ILE V 773 -18.72 40.04 -144.26
C ILE V 773 -19.66 41.04 -144.92
N ARG V 774 -20.59 41.58 -144.14
CA ARG V 774 -21.51 42.63 -144.58
C ARG V 774 -21.21 43.86 -143.73
N VAL V 775 -20.72 44.91 -144.36
CA VAL V 775 -20.42 46.17 -143.67
C VAL V 775 -21.32 47.23 -144.29
N SER V 776 -22.51 47.37 -143.72
CA SER V 776 -23.48 48.38 -144.12
C SER V 776 -23.69 48.39 -145.63
N GLY V 777 -24.15 47.26 -146.16
CA GLY V 777 -24.41 47.17 -147.58
C GLY V 777 -23.46 46.27 -148.33
N ARG V 778 -22.55 46.88 -149.10
CA ARG V 778 -21.64 46.12 -149.92
C ARG V 778 -20.81 45.15 -149.08
N ASN V 779 -20.44 44.04 -149.70
CA ASN V 779 -19.66 43.00 -149.03
C ASN V 779 -18.18 43.33 -149.19
N GLY V 780 -17.47 43.38 -148.05
CA GLY V 780 -16.06 43.71 -148.08
C GLY V 780 -15.78 45.09 -147.56
N TYR V 781 -14.88 45.21 -146.59
CA TYR V 781 -14.57 46.48 -145.97
C TYR V 781 -13.38 47.15 -146.67
N GLN V 782 -13.33 48.47 -146.57
CA GLN V 782 -12.27 49.28 -147.16
C GLN V 782 -11.57 50.05 -146.05
N ALA V 783 -10.35 49.64 -145.73
CA ALA V 783 -9.57 50.26 -144.67
C ALA V 783 -8.67 51.35 -145.25
N LEU V 784 -8.63 52.49 -144.56
CA LEU V 784 -7.78 53.60 -144.95
C LEU V 784 -7.08 54.15 -143.72
N HIS V 785 -6.09 55.00 -143.97
CA HIS V 785 -5.26 55.54 -142.89
C HIS V 785 -6.00 56.67 -142.19
N PHE V 786 -5.27 57.43 -141.37
CA PHE V 786 -5.88 58.51 -140.59
C PHE V 786 -6.55 59.53 -141.50
N VAL V 787 -7.56 60.21 -140.94
CA VAL V 787 -8.35 61.19 -141.67
C VAL V 787 -8.00 62.58 -141.15
N ASP V 788 -7.79 63.52 -142.08
CA ASP V 788 -7.40 64.87 -141.72
C ASP V 788 -8.56 65.60 -141.05
N MET V 789 -8.31 66.84 -140.65
CA MET V 789 -9.35 67.64 -140.00
C MET V 789 -10.30 68.26 -141.02
N ALA V 790 -9.77 68.70 -142.16
CA ALA V 790 -10.61 69.37 -143.15
C ALA V 790 -11.63 68.41 -143.75
N GLY V 791 -11.16 67.35 -144.39
CA GLY V 791 -12.07 66.39 -145.00
C GLY V 791 -12.42 65.23 -144.09
N HIS V 792 -13.60 65.31 -143.46
CA HIS V 792 -14.08 64.25 -142.59
C HIS V 792 -15.21 63.44 -143.20
N ASN V 793 -16.16 64.10 -143.86
CA ASN V 793 -17.25 63.44 -144.59
C ASN V 793 -18.06 62.53 -143.66
N PHE V 794 -18.75 63.18 -142.73
CA PHE V 794 -19.54 62.46 -141.73
C PHE V 794 -20.48 61.44 -142.37
N GLN V 795 -20.97 61.72 -143.57
CA GLN V 795 -21.82 60.77 -144.30
C GLN V 795 -20.93 59.98 -145.26
N ARG V 796 -20.85 58.67 -145.05
CA ARG V 796 -20.00 57.82 -145.89
C ARG V 796 -20.65 56.46 -146.01
N ARG V 797 -20.01 55.60 -146.80
CA ARG V 797 -20.50 54.23 -147.01
C ARG V 797 -19.32 53.31 -147.29
N ASP V 798 -19.25 52.21 -146.54
CA ASP V 798 -18.22 51.18 -146.70
C ASP V 798 -16.82 51.77 -146.59
N ASN V 799 -16.55 52.36 -145.42
CA ASN V 799 -15.24 52.94 -145.14
C ASN V 799 -14.94 52.78 -143.66
N VAL V 800 -13.81 52.18 -143.35
CA VAL V 800 -13.41 51.91 -141.98
C VAL V 800 -11.99 52.45 -141.75
N LEU V 801 -11.79 53.06 -140.59
CA LEU V 801 -10.53 53.68 -140.24
C LEU V 801 -9.66 52.74 -139.40
N ILE V 802 -8.39 53.09 -139.30
CA ILE V 802 -7.45 52.39 -138.42
C ILE V 802 -6.64 53.33 -137.55
N HIS V 803 -6.92 54.64 -137.59
CA HIS V 803 -6.24 55.66 -136.79
C HIS V 803 -4.77 55.78 -137.14
N GLY V 804 -4.45 55.63 -138.42
CA GLY V 804 -3.08 55.80 -138.88
C GLY V 804 -2.15 54.77 -138.28
N ARG V 805 -0.92 55.20 -137.99
CA ARG V 805 0.10 54.32 -137.44
C ARG V 805 0.98 55.12 -136.50
N PRO V 806 1.46 54.52 -135.41
CA PRO V 806 2.35 55.26 -134.51
C PRO V 806 3.79 55.31 -134.98
N VAL V 807 4.20 54.42 -135.86
CA VAL V 807 5.58 54.40 -136.35
C VAL V 807 5.61 54.41 -137.87
N ILE V 815 0.23 52.05 -150.37
CA ILE V 815 0.80 51.45 -149.16
C ILE V 815 -0.25 50.59 -148.47
N PRO V 816 0.09 49.34 -148.18
CA PRO V 816 -0.89 48.40 -147.61
C PRO V 816 -1.08 48.64 -146.12
N ILE V 817 -2.13 48.01 -145.60
CA ILE V 817 -2.44 48.11 -144.19
C ILE V 817 -1.69 47.02 -143.43
N THR V 818 -1.52 47.25 -142.13
CA THR V 818 -0.83 46.30 -141.26
C THR V 818 -1.59 46.17 -139.95
N PRO V 819 -1.57 45.00 -139.33
CA PRO V 819 -2.20 44.85 -138.02
C PRO V 819 -1.54 45.76 -137.00
N HIS V 820 -2.36 46.31 -136.10
CA HIS V 820 -1.87 47.27 -135.13
C HIS V 820 -1.19 46.58 -133.95
N HIS V 821 -1.93 45.74 -133.24
CA HIS V 821 -1.42 45.03 -132.08
C HIS V 821 -1.12 43.58 -132.45
N ASP V 822 -0.77 42.78 -131.45
CA ASP V 822 -0.41 41.39 -131.65
C ASP V 822 -1.68 40.54 -131.68
N ARG V 823 -1.53 39.22 -131.64
CA ARG V 823 -2.66 38.30 -131.74
C ARG V 823 -3.34 38.07 -130.39
N GLU V 824 -2.56 37.88 -129.33
CA GLU V 824 -3.14 37.62 -128.01
C GLU V 824 -3.89 38.83 -127.46
N TRP V 825 -3.68 40.01 -128.04
CA TRP V 825 -4.50 41.16 -127.66
C TRP V 825 -5.97 40.88 -127.90
N GLY V 826 -6.29 40.24 -129.03
CA GLY V 826 -7.67 39.89 -129.31
C GLY V 826 -8.22 38.89 -128.30
N ILE V 827 -7.42 37.90 -127.92
CA ILE V 827 -7.85 36.92 -126.94
C ILE V 827 -8.12 37.60 -125.61
N LEU V 828 -7.24 38.52 -125.20
CA LEU V 828 -7.43 39.23 -123.96
C LEU V 828 -8.70 40.07 -124.01
N SER V 829 -8.95 40.73 -125.14
CA SER V 829 -10.16 41.55 -125.26
C SER V 829 -11.40 40.70 -125.18
N LYS V 830 -11.41 39.55 -125.85
CA LYS V 830 -12.55 38.65 -125.79
C LYS V 830 -12.78 38.19 -124.35
N ILE V 831 -11.71 37.73 -123.68
CA ILE V 831 -11.83 37.26 -122.30
C ILE V 831 -12.43 38.36 -121.43
N TYR V 832 -11.85 39.55 -121.50
CA TYR V 832 -12.34 40.69 -120.72
C TYR V 832 -13.82 40.92 -120.98
N TYR V 833 -14.16 41.26 -122.23
CA TYR V 833 -15.52 41.70 -122.54
C TYR V 833 -16.56 40.62 -122.26
N TYR V 834 -16.19 39.35 -122.39
CA TYR V 834 -17.17 38.28 -122.25
C TYR V 834 -17.12 37.60 -120.89
N ILE V 835 -16.23 38.01 -119.99
CA ILE V 835 -16.23 37.42 -118.67
C ILE V 835 -16.37 38.48 -117.59
N VAL V 836 -15.47 39.46 -117.56
CA VAL V 836 -15.40 40.34 -116.39
C VAL V 836 -16.50 41.38 -116.47
N ILE V 837 -16.84 41.85 -117.67
CA ILE V 837 -17.92 42.82 -117.81
C ILE V 837 -19.28 42.21 -117.46
N PRO V 838 -19.67 41.04 -117.99
CA PRO V 838 -20.96 40.48 -117.57
C PRO V 838 -21.00 40.10 -116.10
N ALA V 839 -19.91 39.54 -115.57
CA ALA V 839 -19.91 39.10 -114.19
C ALA V 839 -20.13 40.25 -113.23
N PHE V 840 -19.70 41.45 -113.59
CA PHE V 840 -19.87 42.60 -112.71
C PHE V 840 -21.13 43.39 -113.00
N SER V 841 -21.50 43.55 -114.27
CA SER V 841 -22.68 44.34 -114.60
C SER V 841 -23.97 43.57 -114.33
N ARG V 842 -23.96 42.25 -114.53
CA ARG V 842 -25.12 41.40 -114.29
C ARG V 842 -26.32 41.86 -115.12
N GLY V 843 -26.10 41.94 -116.43
CA GLY V 843 -27.16 42.30 -117.35
C GLY V 843 -27.64 43.72 -117.23
N SER V 844 -26.87 44.61 -116.61
CA SER V 844 -27.26 46.00 -116.46
C SER V 844 -26.64 46.91 -117.51
N CYS V 845 -25.47 46.56 -118.04
CA CYS V 845 -24.82 47.40 -119.03
C CYS V 845 -25.48 47.23 -120.39
N CYS V 846 -25.22 48.19 -121.28
CA CYS V 846 -25.74 48.14 -122.64
C CYS V 846 -24.68 48.69 -123.59
N THR V 847 -24.90 48.50 -124.88
CA THR V 847 -24.01 49.03 -125.90
C THR V 847 -24.79 49.95 -126.83
N MET V 848 -24.18 51.09 -127.14
CA MET V 848 -24.84 52.17 -127.86
C MET V 848 -23.90 52.72 -128.93
N GLY V 849 -24.46 53.59 -129.77
CA GLY V 849 -23.71 54.26 -130.81
C GLY V 849 -23.64 55.75 -130.57
N VAL V 850 -22.61 56.40 -131.10
CA VAL V 850 -22.36 57.81 -130.85
C VAL V 850 -22.70 58.62 -132.10
N ARG V 851 -22.70 59.94 -131.94
CA ARG V 851 -22.97 60.88 -133.02
C ARG V 851 -21.85 61.92 -133.03
N TYR V 852 -20.83 61.68 -133.85
CA TYR V 852 -19.71 62.60 -133.90
C TYR V 852 -20.10 63.93 -134.51
N ASP V 853 -21.03 63.93 -135.46
CA ASP V 853 -21.50 65.18 -136.06
C ASP V 853 -22.09 66.12 -135.01
N ARG V 854 -22.58 65.58 -133.90
CA ARG V 854 -23.08 66.38 -132.80
C ARG V 854 -22.07 66.53 -131.67
N LEU V 855 -21.11 65.61 -131.55
CA LEU V 855 -20.12 65.66 -130.49
C LEU V 855 -19.00 66.66 -130.79
N TYR V 856 -18.45 66.61 -131.99
CA TYR V 856 -17.33 67.48 -132.33
C TYR V 856 -17.64 68.97 -132.20
N PRO V 857 -18.77 69.49 -132.69
CA PRO V 857 -19.04 70.93 -132.48
C PRO V 857 -19.18 71.30 -131.02
N ALA V 858 -19.43 70.32 -130.14
CA ALA V 858 -19.59 70.63 -128.73
C ALA V 858 -18.25 70.76 -128.01
N LEU V 859 -17.21 70.06 -128.48
CA LEU V 859 -15.93 70.05 -127.80
C LEU V 859 -15.00 71.17 -128.25
N GLN V 860 -15.41 71.97 -129.23
CA GLN V 860 -14.56 73.05 -129.75
C GLN V 860 -14.87 74.39 -129.10
N ALA V 861 -15.26 74.38 -127.83
CA ALA V 861 -15.53 75.59 -127.06
C ALA V 861 -14.61 75.61 -125.85
N VAL V 862 -13.44 76.23 -126.00
CA VAL V 862 -12.45 76.34 -124.92
C VAL V 862 -12.26 77.80 -124.61
N ILE V 863 -12.27 78.14 -123.32
CA ILE V 863 -12.18 79.53 -122.88
C ILE V 863 -10.98 79.70 -121.96
N VAL V 864 -9.93 78.92 -122.22
CA VAL V 864 -8.70 79.06 -121.43
C VAL V 864 -8.17 80.49 -121.57
N PRO V 865 -7.80 81.16 -120.49
CA PRO V 865 -7.38 82.56 -120.57
C PRO V 865 -5.89 82.70 -120.88
N GLU V 866 -5.55 83.88 -121.38
CA GLU V 866 -4.16 84.18 -121.68
C GLU V 866 -3.37 84.36 -120.39
N ILE V 867 -2.19 83.76 -120.33
CA ILE V 867 -1.32 83.88 -119.16
C ILE V 867 -0.37 85.04 -119.37
N PRO V 868 -0.17 85.90 -118.38
CA PRO V 868 0.77 87.02 -118.55
C PRO V 868 2.21 86.52 -118.69
N ALA V 869 2.99 87.28 -119.43
CA ALA V 869 4.40 86.93 -119.64
C ALA V 869 5.16 87.03 -118.32
N ASP V 870 6.14 86.14 -118.16
CA ASP V 870 6.96 86.09 -116.95
C ASP V 870 6.10 85.91 -115.69
N GLU V 871 5.03 85.13 -115.84
CA GLU V 871 4.10 84.87 -114.74
C GLU V 871 3.84 83.37 -114.65
N GLU V 872 3.23 82.98 -113.54
CA GLU V 872 2.91 81.58 -113.28
C GLU V 872 1.41 81.34 -113.43
N ALA V 873 1.07 80.08 -113.68
CA ALA V 873 -0.35 79.77 -113.88
C ALA V 873 -0.99 79.38 -112.56
N PRO V 874 -2.22 79.84 -112.31
CA PRO V 874 -2.90 79.47 -111.07
C PRO V 874 -3.31 78.01 -111.08
N THR V 875 -3.30 77.40 -109.90
CA THR V 875 -3.67 76.00 -109.74
C THR V 875 -5.06 75.80 -109.17
N THR V 876 -5.48 76.64 -108.22
CA THR V 876 -6.80 76.51 -107.62
C THR V 876 -7.83 77.30 -108.42
N PRO V 877 -9.07 76.81 -108.50
CA PRO V 877 -10.10 77.48 -109.29
C PRO V 877 -10.80 78.63 -108.59
N GLU V 878 -10.29 79.12 -107.46
CA GLU V 878 -10.95 80.22 -106.76
C GLU V 878 -10.58 81.58 -107.34
N ASP V 879 -9.41 81.69 -107.99
CA ASP V 879 -9.06 82.98 -108.57
C ASP V 879 -9.64 83.11 -109.97
N PRO V 880 -9.94 84.35 -110.40
CA PRO V 880 -10.52 84.52 -111.74
C PRO V 880 -9.60 84.09 -112.87
N ARG V 881 -8.29 83.98 -112.62
CA ARG V 881 -7.36 83.56 -113.66
C ARG V 881 -7.53 82.08 -114.03
N HIS V 882 -8.14 81.30 -113.15
CA HIS V 882 -8.26 79.87 -113.42
C HIS V 882 -9.35 79.60 -114.45
N PRO V 883 -9.15 78.62 -115.33
CA PRO V 883 -10.19 78.31 -116.33
C PRO V 883 -11.51 77.87 -115.70
N LEU V 884 -11.48 77.33 -114.49
CA LEU V 884 -12.67 76.81 -113.84
C LEU V 884 -13.35 77.84 -112.95
N HIS V 885 -13.08 79.13 -113.17
CA HIS V 885 -13.68 80.17 -112.34
C HIS V 885 -14.97 80.67 -112.98
N ALA V 886 -15.80 81.29 -112.13
CA ALA V 886 -17.08 81.84 -112.62
C ALA V 886 -16.87 82.99 -113.58
N HIS V 887 -15.76 83.72 -113.43
CA HIS V 887 -15.46 84.81 -114.36
C HIS V 887 -15.24 84.29 -115.76
N GLN V 888 -14.76 83.06 -115.89
CA GLN V 888 -14.51 82.44 -117.19
C GLN V 888 -15.47 81.29 -117.46
N LEU V 889 -16.60 81.23 -116.76
CA LEU V 889 -17.60 80.19 -116.96
C LEU V 889 -18.75 80.78 -117.76
N VAL V 890 -18.86 80.37 -119.02
CA VAL V 890 -19.96 80.80 -119.87
C VAL V 890 -20.78 79.58 -120.25
N PRO V 891 -22.09 79.71 -120.45
CA PRO V 891 -22.90 78.55 -120.80
C PRO V 891 -22.52 77.99 -122.17
N ASN V 892 -22.82 76.71 -122.37
CA ASN V 892 -22.56 76.02 -123.63
C ASN V 892 -21.08 76.05 -123.98
N SER V 893 -20.27 75.61 -123.04
CA SER V 893 -18.82 75.51 -123.23
C SER V 893 -18.36 74.19 -122.61
N LEU V 894 -17.04 73.99 -122.59
CA LEU V 894 -16.48 72.79 -121.98
C LEU V 894 -16.20 72.99 -120.50
N ASN V 895 -15.93 74.22 -120.07
CA ASN V 895 -15.66 74.46 -118.67
C ASN V 895 -16.90 74.24 -117.82
N VAL V 896 -18.09 74.50 -118.35
CA VAL V 896 -19.31 74.21 -117.60
C VAL V 896 -19.49 72.69 -117.49
N TYR V 897 -19.15 71.94 -118.54
CA TYR V 897 -19.14 70.49 -118.46
C TYR V 897 -18.22 70.03 -117.33
N PHE V 898 -17.00 70.54 -117.30
CA PHE V 898 -16.03 70.10 -116.31
C PHE V 898 -16.43 70.51 -114.90
N HIS V 899 -17.07 71.68 -114.75
CA HIS V 899 -17.54 72.08 -113.43
C HIS V 899 -18.69 71.21 -112.96
N ASN V 900 -19.65 70.92 -113.84
CA ASN V 900 -20.73 70.02 -113.50
C ASN V 900 -20.18 68.65 -113.10
N ALA V 901 -19.11 68.21 -113.77
CA ALA V 901 -18.43 67.00 -113.34
C ALA V 901 -17.65 67.20 -112.05
N HIS V 902 -17.38 68.46 -111.67
CA HIS V 902 -16.66 68.81 -110.45
C HIS V 902 -15.22 68.29 -110.49
N LEU V 903 -14.49 68.69 -111.52
CA LEU V 903 -13.09 68.36 -111.69
C LEU V 903 -12.25 69.63 -111.70
N THR V 904 -10.92 69.45 -111.61
CA THR V 904 -9.97 70.56 -111.60
C THR V 904 -8.91 70.29 -112.66
N VAL V 905 -8.83 71.18 -113.66
CA VAL V 905 -7.91 71.04 -114.78
C VAL V 905 -7.19 72.35 -115.02
N ASP V 906 -5.97 72.25 -115.53
CA ASP V 906 -5.17 73.40 -115.91
C ASP V 906 -5.43 73.74 -117.37
N GLY V 907 -4.59 74.60 -117.95
CA GLY V 907 -4.81 75.10 -119.29
C GLY V 907 -4.21 74.27 -120.41
N ASP V 908 -3.00 73.76 -120.21
CA ASP V 908 -2.33 73.01 -121.27
C ASP V 908 -3.08 71.71 -121.57
N ALA V 909 -3.67 71.10 -120.55
CA ALA V 909 -4.45 69.89 -120.78
C ALA V 909 -5.65 70.17 -121.68
N LEU V 910 -6.34 71.28 -121.45
CA LEU V 910 -7.44 71.66 -122.32
C LEU V 910 -6.94 72.06 -123.70
N LEU V 911 -5.74 72.62 -123.79
CA LEU V 911 -5.21 73.01 -125.08
C LEU V 911 -4.80 71.81 -125.92
N THR V 912 -4.42 70.70 -125.27
CA THR V 912 -4.06 69.50 -126.01
C THR V 912 -5.20 68.97 -126.88
N LEU V 913 -6.42 69.44 -126.66
CA LEU V 913 -7.53 69.00 -127.51
C LEU V 913 -7.36 69.47 -128.94
N GLN V 914 -6.73 70.63 -129.14
CA GLN V 914 -6.48 71.09 -130.50
C GLN V 914 -5.54 70.15 -131.25
N GLU V 915 -4.55 69.59 -130.55
CA GLU V 915 -3.70 68.58 -131.17
C GLU V 915 -4.41 67.24 -131.31
N LEU V 916 -5.34 66.95 -130.38
CA LEU V 916 -6.18 65.77 -130.52
C LEU V 916 -7.03 65.85 -131.78
N MET V 917 -7.40 67.07 -132.20
CA MET V 917 -8.26 67.26 -133.36
C MET V 917 -7.62 66.81 -134.66
N GLY V 918 -6.39 66.32 -134.59
CA GLY V 918 -5.71 65.80 -135.78
C GLY V 918 -6.46 64.65 -136.41
N ASP V 919 -6.56 63.54 -135.69
CA ASP V 919 -7.35 62.41 -136.15
C ASP V 919 -8.83 62.65 -135.87
N MET V 920 -9.68 61.98 -136.64
CA MET V 920 -11.11 62.16 -136.55
C MET V 920 -11.81 60.80 -136.58
N ALA V 921 -13.09 60.82 -136.20
CA ALA V 921 -13.94 59.64 -136.24
C ALA V 921 -15.23 60.00 -136.98
N GLU V 922 -15.48 59.32 -138.09
CA GLU V 922 -16.64 59.67 -138.91
C GLU V 922 -17.94 59.24 -138.24
N ARG V 923 -18.09 57.93 -138.00
CA ARG V 923 -19.32 57.41 -137.45
C ARG V 923 -19.05 56.00 -136.91
N THR V 924 -19.99 55.52 -136.10
CA THR V 924 -19.98 54.14 -135.64
C THR V 924 -20.87 53.32 -136.57
N THR V 925 -20.46 52.08 -136.84
CA THR V 925 -21.16 51.27 -137.82
C THR V 925 -21.32 49.84 -137.31
N ALA V 926 -21.97 49.01 -138.11
CA ALA V 926 -22.25 47.63 -137.75
C ALA V 926 -21.60 46.69 -138.75
N ILE V 927 -21.17 45.53 -138.27
CA ILE V 927 -20.53 44.51 -139.08
C ILE V 927 -21.22 43.18 -138.82
N LEU V 928 -21.58 42.48 -139.90
CA LEU V 928 -22.19 41.16 -139.79
C LEU V 928 -21.29 40.15 -140.48
N VAL V 929 -20.62 39.31 -139.69
CA VAL V 929 -19.75 38.28 -140.22
C VAL V 929 -20.45 36.93 -140.11
N SER V 930 -20.11 36.03 -141.03
CA SER V 930 -20.72 34.71 -141.06
C SER V 930 -19.70 33.72 -141.59
N SER V 931 -19.71 32.50 -141.05
CA SER V 931 -18.77 31.47 -141.44
C SER V 931 -19.39 30.11 -141.18
N ALA V 932 -18.77 29.09 -141.78
CA ALA V 932 -19.19 27.71 -141.60
C ALA V 932 -18.73 27.20 -140.25
N PRO V 933 -19.26 26.08 -139.78
CA PRO V 933 -18.76 25.48 -138.54
C PRO V 933 -17.32 25.01 -138.69
N ASP V 934 -16.64 24.92 -137.55
CA ASP V 934 -15.24 24.53 -137.53
C ASP V 934 -15.04 23.12 -138.09
N ALA V 935 -13.82 22.85 -138.53
CA ALA V 935 -13.47 21.54 -139.07
C ALA V 935 -13.58 20.42 -138.05
N GLY V 936 -13.74 20.74 -136.77
CA GLY V 936 -13.93 19.70 -135.77
C GLY V 936 -15.25 18.97 -135.94
N ALA V 937 -16.31 19.70 -136.28
CA ALA V 937 -17.62 19.10 -136.52
C ALA V 937 -18.10 19.31 -137.95
N ALA V 938 -17.23 19.74 -138.85
CA ALA V 938 -17.63 20.00 -140.23
C ALA V 938 -17.80 18.67 -140.96
N THR V 939 -19.05 18.31 -141.24
CA THR V 939 -19.36 17.12 -142.00
C THR V 939 -20.08 17.53 -143.29
N ALA V 940 -20.55 16.53 -144.04
CA ALA V 940 -21.15 16.78 -145.33
C ALA V 940 -22.45 17.58 -145.24
N THR V 941 -23.10 17.61 -144.08
CA THR V 941 -24.36 18.33 -143.93
C THR V 941 -24.28 19.56 -143.04
N THR V 942 -23.31 19.62 -142.11
CA THR V 942 -23.20 20.77 -141.24
C THR V 942 -22.61 21.98 -141.96
N ARG V 943 -21.92 21.77 -143.08
CA ARG V 943 -21.37 22.90 -143.82
C ARG V 943 -22.45 23.81 -144.34
N ASN V 944 -23.64 23.26 -144.62
CA ASN V 944 -24.76 24.10 -145.04
C ASN V 944 -25.20 25.03 -143.93
N MET V 945 -25.13 24.58 -142.68
CA MET V 945 -25.43 25.45 -141.56
C MET V 945 -24.38 26.54 -141.44
N ARG V 946 -24.81 27.72 -141.00
CA ARG V 946 -23.95 28.88 -140.90
C ARG V 946 -24.29 29.68 -139.66
N ILE V 947 -23.26 30.22 -139.01
CA ILE V 947 -23.41 31.03 -137.82
C ILE V 947 -23.37 32.50 -138.21
N TYR V 948 -24.12 33.32 -137.50
CA TYR V 948 -24.22 34.75 -137.78
C TYR V 948 -24.12 35.50 -136.47
N ASP V 949 -23.20 36.45 -136.40
CA ASP V 949 -23.04 37.31 -135.24
C ASP V 949 -22.72 38.72 -135.69
N GLY V 950 -23.19 39.71 -134.96
CA GLY V 950 -22.99 41.11 -135.29
C GLY V 950 -22.04 41.77 -134.31
N ALA V 951 -21.42 42.85 -134.74
CA ALA V 951 -20.51 43.62 -133.90
C ALA V 951 -20.58 45.09 -134.28
N LEU V 952 -20.08 45.93 -133.37
CA LEU V 952 -20.07 47.37 -133.56
C LEU V 952 -18.65 47.86 -133.81
N TYR V 953 -18.55 48.93 -134.60
CA TYR V 953 -17.30 49.60 -134.88
C TYR V 953 -17.42 51.04 -134.40
N HIS V 954 -16.53 51.42 -133.48
CA HIS V 954 -16.55 52.72 -132.82
C HIS V 954 -17.81 52.89 -131.97
N GLY V 955 -18.24 51.80 -131.34
CA GLY V 955 -19.39 51.82 -130.45
C GLY V 955 -19.02 52.27 -129.05
N LEU V 956 -19.95 52.01 -128.12
CA LEU V 956 -19.79 52.42 -126.73
C LEU V 956 -20.49 51.43 -125.83
N ILE V 957 -19.96 51.25 -124.62
CA ILE V 957 -20.59 50.43 -123.59
C ILE V 957 -20.93 51.36 -122.42
N MET V 958 -22.21 51.50 -122.12
CA MET V 958 -22.68 52.27 -120.98
C MET V 958 -23.00 51.34 -119.82
N MET V 959 -22.61 51.74 -118.62
CA MET V 959 -22.81 50.91 -117.44
C MET V 959 -24.24 50.98 -116.94
N ALA V 960 -24.68 52.16 -116.51
CA ALA V 960 -26.00 52.34 -115.92
C ALA V 960 -26.62 53.62 -116.45
N TYR V 961 -27.60 53.48 -117.33
CA TYR V 961 -28.29 54.62 -117.91
C TYR V 961 -29.33 55.14 -116.94
N GLN V 962 -29.44 56.46 -116.82
CA GLN V 962 -30.41 57.10 -115.95
C GLN V 962 -31.16 58.16 -116.73
N ALA V 963 -32.48 58.04 -116.78
CA ALA V 963 -33.32 59.00 -117.46
C ALA V 963 -33.78 60.13 -116.54
N TYR V 964 -33.17 60.26 -115.37
CA TYR V 964 -33.55 61.29 -114.40
C TYR V 964 -32.53 62.43 -114.35
N ASP V 965 -31.74 62.60 -115.40
CA ASP V 965 -30.74 63.66 -115.48
C ASP V 965 -31.21 64.67 -116.52
N GLU V 966 -31.72 65.80 -116.04
CA GLU V 966 -32.22 66.86 -116.92
C GLU V 966 -31.15 67.88 -117.27
N THR V 967 -29.92 67.73 -116.75
CA THR V 967 -28.84 68.64 -117.12
C THR V 967 -28.44 68.46 -118.58
N ILE V 968 -28.68 67.28 -119.14
CA ILE V 968 -28.38 66.99 -120.54
C ILE V 968 -29.58 66.26 -121.13
N ALA V 969 -29.99 66.67 -122.33
CA ALA V 969 -31.11 66.01 -122.99
C ALA V 969 -30.80 64.55 -123.24
N THR V 970 -31.82 63.71 -123.07
CA THR V 970 -31.66 62.29 -123.33
C THR V 970 -31.43 62.05 -124.82
N GLY V 971 -30.41 61.27 -125.14
CA GLY V 971 -30.05 61.05 -126.53
C GLY V 971 -29.40 62.23 -127.19
N THR V 972 -28.54 62.95 -126.47
CA THR V 972 -27.84 64.08 -127.07
C THR V 972 -26.65 63.61 -127.91
N PHE V 973 -25.98 62.54 -127.46
CA PHE V 973 -24.81 62.03 -128.16
C PHE V 973 -24.85 60.52 -128.37
N PHE V 974 -25.80 59.81 -127.77
CA PHE V 974 -25.80 58.36 -127.81
C PHE V 974 -27.19 57.84 -128.10
N TYR V 975 -27.24 56.61 -128.62
CA TYR V 975 -28.48 55.94 -128.95
C TYR V 975 -28.24 54.44 -128.84
N PRO V 976 -29.13 53.70 -128.18
CA PRO V 976 -28.88 52.28 -127.93
C PRO V 976 -29.05 51.46 -129.20
N VAL V 977 -28.10 50.55 -129.43
CA VAL V 977 -28.16 49.63 -130.56
C VAL V 977 -27.65 48.27 -130.09
N PRO V 978 -28.25 47.68 -129.04
CA PRO V 978 -27.67 46.48 -128.46
C PRO V 978 -27.94 45.25 -129.32
N VAL V 979 -26.89 44.50 -129.60
CA VAL V 979 -26.99 43.22 -130.28
C VAL V 979 -26.25 42.19 -129.42
N ASN V 980 -26.96 41.61 -128.47
CA ASN V 980 -26.51 40.46 -127.70
C ASN V 980 -27.65 40.02 -126.77
N PRO V 981 -27.76 38.72 -126.47
CA PRO V 981 -28.62 38.32 -125.35
C PRO V 981 -28.03 38.70 -124.01
N LEU V 982 -26.73 38.98 -123.97
CA LEU V 982 -26.01 39.30 -122.76
C LEU V 982 -25.94 40.82 -122.52
N PHE V 983 -25.56 41.57 -123.54
CA PHE V 983 -25.44 43.02 -123.43
C PHE V 983 -26.76 43.75 -123.68
N ALA V 984 -27.89 43.05 -123.60
CA ALA V 984 -29.17 43.69 -123.78
C ALA V 984 -29.45 44.67 -122.65
N CYS V 985 -30.30 45.64 -122.96
CA CYS V 985 -30.61 46.71 -122.01
C CYS V 985 -32.09 47.06 -122.08
N PRO V 986 -32.89 46.59 -121.12
CA PRO V 986 -34.33 46.89 -121.14
C PRO V 986 -34.67 48.31 -120.73
N GLU V 987 -33.72 49.05 -120.17
CA GLU V 987 -33.97 50.40 -119.70
C GLU V 987 -33.30 51.48 -120.53
N HIS V 988 -32.15 51.18 -121.14
CA HIS V 988 -31.44 52.18 -121.94
C HIS V 988 -32.25 52.64 -123.14
N LEU V 989 -33.27 51.87 -123.53
CA LEU V 989 -34.09 52.25 -124.68
C LEU V 989 -34.88 53.54 -124.45
N ALA V 990 -34.95 54.02 -123.20
CA ALA V 990 -35.63 55.28 -122.95
C ALA V 990 -34.95 56.44 -123.66
N SER V 991 -33.65 56.32 -123.93
CA SER V 991 -32.94 57.37 -124.64
C SER V 991 -33.25 57.40 -126.13
N LEU V 992 -33.88 56.37 -126.66
CA LEU V 992 -34.24 56.34 -128.07
C LEU V 992 -35.51 57.16 -128.31
N ARG V 993 -35.51 57.89 -129.43
CA ARG V 993 -36.67 58.69 -129.78
C ARG V 993 -37.85 57.80 -130.17
N GLY V 994 -39.05 58.27 -129.86
CA GLY V 994 -40.25 57.55 -130.19
C GLY V 994 -40.39 56.22 -129.48
N MET V 995 -40.49 56.26 -128.16
CA MET V 995 -40.64 55.07 -127.34
C MET V 995 -41.94 55.14 -126.58
N THR V 996 -42.72 54.07 -126.62
CA THR V 996 -44.01 54.00 -125.96
C THR V 996 -43.99 52.93 -124.87
N ASN V 997 -45.01 52.97 -124.01
CA ASN V 997 -45.11 51.99 -122.93
C ASN V 997 -45.27 50.58 -123.49
N ALA V 998 -46.00 50.44 -124.58
CA ALA V 998 -46.17 49.13 -125.20
C ALA V 998 -44.84 48.56 -125.64
N ARG V 999 -44.05 49.37 -126.36
CA ARG V 999 -42.72 48.93 -126.78
C ARG V 999 -41.84 48.63 -125.57
N ARG V 1000 -41.99 49.42 -124.50
CA ARG V 1000 -41.17 49.22 -123.31
C ARG V 1000 -41.47 47.87 -122.67
N VAL V 1001 -42.75 47.56 -122.45
CA VAL V 1001 -43.09 46.29 -121.82
C VAL V 1001 -42.83 45.13 -122.77
N LEU V 1002 -42.87 45.36 -124.08
CA LEU V 1002 -42.53 44.29 -125.02
C LEU V 1002 -41.05 43.97 -124.96
N ALA V 1003 -40.19 44.99 -124.88
CA ALA V 1003 -38.76 44.78 -124.76
C ALA V 1003 -38.35 44.32 -123.37
N LYS V 1004 -39.18 44.56 -122.35
CA LYS V 1004 -38.87 44.10 -121.01
C LYS V 1004 -38.84 42.58 -120.93
N MET V 1005 -39.58 41.90 -121.79
CA MET V 1005 -39.64 40.44 -121.78
C MET V 1005 -38.59 39.83 -122.69
N VAL V 1006 -38.59 40.20 -123.97
CA VAL V 1006 -37.65 39.64 -124.94
C VAL V 1006 -36.55 40.66 -125.21
N PRO V 1007 -35.30 40.22 -125.36
CA PRO V 1007 -34.20 41.16 -125.63
C PRO V 1007 -34.30 41.71 -127.04
N PRO V 1008 -34.35 43.03 -127.19
CA PRO V 1008 -34.47 43.61 -128.53
C PRO V 1008 -33.15 43.57 -129.31
N ILE V 1009 -33.13 42.83 -130.40
CA ILE V 1009 -31.97 42.73 -131.26
C ILE V 1009 -32.44 42.81 -132.71
N PRO V 1010 -31.91 43.72 -133.52
CA PRO V 1010 -32.38 43.84 -134.90
C PRO V 1010 -31.95 42.63 -135.71
N PRO V 1011 -32.77 42.20 -136.67
CA PRO V 1011 -32.42 41.00 -137.44
C PRO V 1011 -31.21 41.18 -138.33
N PHE V 1012 -30.92 42.40 -138.77
CA PHE V 1012 -29.72 42.62 -139.57
C PHE V 1012 -28.44 42.57 -138.74
N LEU V 1013 -28.54 42.32 -137.45
CA LEU V 1013 -27.38 42.21 -136.58
C LEU V 1013 -27.20 40.82 -136.01
N GLY V 1014 -28.11 39.89 -136.29
CA GLY V 1014 -27.98 38.52 -135.83
C GLY V 1014 -29.22 38.03 -135.12
N ALA V 1015 -29.52 36.75 -135.30
CA ALA V 1015 -30.62 36.09 -134.64
C ALA V 1015 -30.10 35.23 -133.50
N ASN V 1016 -30.98 34.97 -132.51
CA ASN V 1016 -30.56 34.23 -131.33
C ASN V 1016 -30.19 32.79 -131.68
N HIS V 1017 -31.03 32.13 -132.49
CA HIS V 1017 -30.78 30.73 -132.80
C HIS V 1017 -29.59 30.52 -133.72
N HIS V 1018 -29.06 31.58 -134.34
CA HIS V 1018 -27.91 31.46 -135.20
C HIS V 1018 -26.63 32.03 -134.60
N ALA V 1019 -26.72 32.86 -133.58
CA ALA V 1019 -25.54 33.42 -132.95
C ALA V 1019 -24.88 32.39 -132.03
N THR V 1020 -23.69 32.73 -131.55
CA THR V 1020 -22.97 31.84 -130.66
C THR V 1020 -23.47 31.97 -129.22
N ILE V 1021 -23.37 33.16 -128.65
CA ILE V 1021 -23.88 33.39 -127.30
C ILE V 1021 -25.40 33.44 -127.37
N ARG V 1022 -26.05 32.63 -126.55
CA ARG V 1022 -27.50 32.49 -126.59
C ARG V 1022 -28.10 32.76 -125.21
N GLN V 1023 -29.42 32.65 -125.14
CA GLN V 1023 -30.22 32.99 -123.96
C GLN V 1023 -29.88 32.22 -122.70
N PRO V 1024 -29.48 30.93 -122.77
CA PRO V 1024 -29.13 30.23 -121.51
C PRO V 1024 -28.03 30.90 -120.73
N VAL V 1025 -26.94 31.31 -121.40
CA VAL V 1025 -25.84 31.94 -120.68
C VAL V 1025 -26.26 33.27 -120.09
N ALA V 1026 -27.10 34.03 -120.82
CA ALA V 1026 -27.58 35.29 -120.29
C ALA V 1026 -28.43 35.09 -119.05
N TYR V 1027 -29.34 34.11 -119.10
CA TYR V 1027 -30.15 33.80 -117.93
C TYR V 1027 -29.28 33.38 -116.75
N HIS V 1028 -28.26 32.56 -117.03
CA HIS V 1028 -27.37 32.12 -115.96
C HIS V 1028 -26.65 33.29 -115.31
N VAL V 1029 -26.10 34.18 -116.12
CA VAL V 1029 -25.33 35.29 -115.57
C VAL V 1029 -26.23 36.30 -114.88
N THR V 1030 -27.50 36.39 -115.28
CA THR V 1030 -28.38 37.36 -114.67
C THR V 1030 -29.16 36.81 -113.47
N HIS V 1031 -29.18 35.50 -113.28
CA HIS V 1031 -29.88 34.91 -112.16
C HIS V 1031 -28.98 34.20 -111.15
N SER V 1032 -27.70 34.02 -111.45
CA SER V 1032 -26.80 33.36 -110.53
C SER V 1032 -26.29 34.36 -109.50
N LYS V 1033 -26.33 33.96 -108.22
CA LYS V 1033 -25.82 34.80 -107.13
C LYS V 1033 -24.99 33.89 -106.22
N SER V 1034 -23.72 33.72 -106.57
CA SER V 1034 -22.79 32.98 -105.73
C SER V 1034 -21.64 33.86 -105.25
N ASP V 1035 -20.89 34.46 -106.17
CA ASP V 1035 -19.72 35.27 -105.86
C ASP V 1035 -19.30 35.95 -107.16
N PHE V 1036 -18.13 36.59 -107.15
CA PHE V 1036 -17.56 37.16 -108.36
C PHE V 1036 -16.47 36.29 -108.95
N ASN V 1037 -15.52 35.85 -108.13
CA ASN V 1037 -14.48 34.93 -108.62
C ASN V 1037 -15.10 33.63 -109.11
N THR V 1038 -15.97 33.04 -108.30
CA THR V 1038 -16.63 31.80 -108.69
C THR V 1038 -17.48 31.99 -109.93
N LEU V 1039 -18.15 33.14 -110.04
CA LEU V 1039 -18.97 33.40 -111.23
C LEU V 1039 -18.10 33.51 -112.48
N THR V 1040 -16.97 34.20 -112.37
CA THR V 1040 -16.06 34.31 -113.52
C THR V 1040 -15.54 32.95 -113.94
N TYR V 1041 -15.12 32.13 -112.97
CA TYR V 1041 -14.59 30.82 -113.31
C TYR V 1041 -15.68 29.90 -113.87
N SER V 1042 -16.92 30.03 -113.39
CA SER V 1042 -18.00 29.23 -113.93
C SER V 1042 -18.33 29.64 -115.35
N LEU V 1043 -18.31 30.95 -115.63
CA LEU V 1043 -18.52 31.40 -117.00
C LEU V 1043 -17.40 30.90 -117.91
N LEU V 1044 -16.16 30.92 -117.42
CA LEU V 1044 -15.05 30.39 -118.21
C LEU V 1044 -15.25 28.92 -118.51
N GLY V 1045 -15.61 28.13 -117.49
CA GLY V 1045 -15.87 26.72 -117.72
C GLY V 1045 -17.00 26.48 -118.68
N GLY V 1046 -18.05 27.31 -118.62
CA GLY V 1046 -19.14 27.20 -119.57
C GLY V 1046 -18.76 27.57 -120.98
N TYR V 1047 -17.77 28.45 -121.15
CA TYR V 1047 -17.31 28.85 -122.48
C TYR V 1047 -16.37 27.77 -123.04
N PHE V 1048 -16.97 26.66 -123.45
CA PHE V 1048 -16.21 25.54 -124.02
C PHE V 1048 -17.02 24.94 -125.17
N LYS V 1049 -16.29 24.36 -126.13
CA LYS V 1049 -16.93 23.79 -127.30
C LYS V 1049 -17.51 22.41 -126.98
N PHE V 1050 -18.44 21.98 -127.82
CA PHE V 1050 -19.12 20.69 -127.68
C PHE V 1050 -18.90 19.82 -128.91
N THR V 1051 -17.77 19.96 -129.57
CA THR V 1051 -17.47 19.18 -130.75
C THR V 1051 -16.89 17.82 -130.36
N PRO V 1052 -17.04 16.80 -131.21
CA PRO V 1052 -16.42 15.51 -130.93
C PRO V 1052 -14.90 15.56 -130.84
N ILE V 1053 -14.27 16.66 -131.26
CA ILE V 1053 -12.83 16.82 -131.08
C ILE V 1053 -12.52 17.50 -129.75
N SER V 1054 -13.27 18.53 -129.40
CA SER V 1054 -13.10 19.16 -128.09
C SER V 1054 -13.39 18.18 -126.97
N LEU V 1055 -14.27 17.21 -127.22
CA LEU V 1055 -14.53 16.18 -126.22
C LEU V 1055 -13.31 15.30 -126.00
N THR V 1056 -12.55 15.01 -127.06
CA THR V 1056 -11.33 14.23 -126.90
C THR V 1056 -10.32 14.95 -126.01
N HIS V 1057 -10.38 16.28 -125.96
CA HIS V 1057 -9.52 17.02 -125.06
C HIS V 1057 -10.08 17.04 -123.65
N GLN V 1058 -11.37 17.32 -123.50
CA GLN V 1058 -11.97 17.47 -122.18
C GLN V 1058 -11.97 16.15 -121.43
N LEU V 1059 -12.44 15.07 -122.07
CA LEU V 1059 -12.47 13.77 -121.42
C LEU V 1059 -11.08 13.30 -121.03
N ARG V 1060 -10.05 13.74 -121.76
CA ARG V 1060 -8.70 13.29 -121.45
C ARG V 1060 -8.09 14.12 -120.33
N THR V 1061 -8.35 15.42 -120.30
CA THR V 1061 -7.79 16.25 -119.24
C THR V 1061 -8.57 16.10 -117.93
N GLY V 1062 -9.80 15.61 -117.97
CA GLY V 1062 -10.60 15.45 -116.79
C GLY V 1062 -11.65 16.52 -116.56
N PHE V 1063 -11.78 17.47 -117.49
CA PHE V 1063 -12.83 18.48 -117.38
C PHE V 1063 -14.18 17.84 -117.59
N HIS V 1064 -15.07 17.98 -116.61
CA HIS V 1064 -16.38 17.35 -116.68
C HIS V 1064 -17.33 18.24 -117.49
N PRO V 1065 -17.83 17.78 -118.63
CA PRO V 1065 -18.82 18.56 -119.38
C PRO V 1065 -20.20 18.42 -118.73
N GLY V 1066 -21.16 19.13 -119.32
CA GLY V 1066 -22.51 19.12 -118.77
C GLY V 1066 -23.38 18.00 -119.31
N ILE V 1067 -22.88 16.76 -119.25
CA ILE V 1067 -23.62 15.61 -119.75
C ILE V 1067 -23.43 14.47 -118.76
N ALA V 1068 -24.50 13.73 -118.51
CA ALA V 1068 -24.46 12.55 -117.68
C ALA V 1068 -24.69 11.30 -118.53
N PHE V 1069 -24.31 10.16 -118.00
CA PHE V 1069 -24.41 8.89 -118.72
C PHE V 1069 -25.04 7.83 -117.84
N THR V 1070 -25.49 6.76 -118.48
CA THR V 1070 -25.91 5.55 -117.79
C THR V 1070 -25.37 4.35 -118.56
N VAL V 1071 -24.96 3.32 -117.83
CA VAL V 1071 -24.32 2.15 -118.40
C VAL V 1071 -25.29 0.98 -118.36
N VAL V 1072 -25.20 0.12 -119.36
CA VAL V 1072 -25.99 -1.11 -119.44
C VAL V 1072 -25.03 -2.26 -119.68
N ARG V 1073 -25.21 -3.35 -118.94
CA ARG V 1073 -24.35 -4.51 -119.05
C ARG V 1073 -25.20 -5.76 -118.88
N GLN V 1074 -24.85 -6.82 -119.62
CA GLN V 1074 -25.58 -8.07 -119.59
C GLN V 1074 -24.65 -9.22 -119.24
N ASP V 1075 -25.10 -10.08 -118.32
CA ASP V 1075 -24.32 -11.22 -117.87
C ASP V 1075 -25.18 -12.47 -117.92
N ARG V 1076 -24.55 -13.62 -117.81
CA ARG V 1076 -25.25 -14.89 -117.78
C ARG V 1076 -24.61 -15.81 -116.73
N PHE V 1077 -25.42 -16.70 -116.18
CA PHE V 1077 -25.01 -17.57 -115.09
C PHE V 1077 -25.54 -18.97 -115.33
N ALA V 1078 -24.69 -19.97 -115.07
CA ALA V 1078 -25.12 -21.36 -115.14
C ALA V 1078 -25.87 -21.73 -113.87
N THR V 1079 -27.07 -22.27 -114.03
CA THR V 1079 -27.93 -22.60 -112.89
C THR V 1079 -28.35 -24.05 -112.96
N GLU V 1080 -28.70 -24.60 -111.80
CA GLU V 1080 -29.25 -25.94 -111.70
C GLU V 1080 -30.75 -25.82 -111.52
N GLN V 1081 -31.51 -26.34 -112.48
CA GLN V 1081 -32.95 -26.20 -112.47
C GLN V 1081 -33.60 -27.39 -111.78
N LEU V 1082 -34.93 -27.46 -111.87
CA LEU V 1082 -35.72 -28.49 -111.22
C LEU V 1082 -37.02 -28.67 -111.99
N LEU V 1083 -37.34 -29.90 -112.34
CA LEU V 1083 -38.47 -30.20 -113.21
C LEU V 1083 -39.47 -31.10 -112.49
N TYR V 1084 -40.75 -30.79 -112.69
CA TYR V 1084 -41.84 -31.62 -112.18
C TYR V 1084 -42.84 -31.83 -113.31
N ALA V 1085 -43.43 -33.03 -113.35
CA ALA V 1085 -44.41 -33.34 -114.39
C ALA V 1085 -45.42 -34.33 -113.83
N GLU V 1086 -46.65 -34.22 -114.32
CA GLU V 1086 -47.73 -35.08 -113.82
C GLU V 1086 -47.64 -36.47 -114.44
N ARG V 1087 -48.62 -37.31 -114.14
CA ARG V 1087 -48.63 -38.71 -114.58
C ARG V 1087 -48.66 -38.86 -116.09
N ALA V 1088 -49.76 -38.46 -116.72
CA ALA V 1088 -49.91 -38.63 -118.16
C ALA V 1088 -49.59 -37.31 -118.87
N SER V 1089 -48.31 -36.94 -118.81
CA SER V 1089 -47.89 -35.69 -119.42
C SER V 1089 -47.83 -35.81 -120.94
N GLU V 1090 -47.25 -36.89 -121.46
CA GLU V 1090 -47.09 -37.04 -122.89
C GLU V 1090 -47.30 -38.49 -123.30
N SER V 1091 -47.59 -38.68 -124.58
CA SER V 1091 -47.70 -39.99 -125.19
C SER V 1091 -46.50 -40.17 -126.11
N TYR V 1092 -45.80 -41.28 -125.96
CA TYR V 1092 -44.54 -41.52 -126.65
C TYR V 1092 -44.68 -42.74 -127.56
N PHE V 1093 -44.17 -42.60 -128.79
CA PHE V 1093 -44.34 -43.63 -129.81
C PHE V 1093 -42.97 -44.06 -130.33
N VAL V 1094 -42.59 -45.31 -130.04
CA VAL V 1094 -41.35 -45.86 -130.57
C VAL V 1094 -41.64 -46.65 -131.83
N GLY V 1095 -40.68 -46.68 -132.75
CA GLY V 1095 -40.85 -47.30 -134.04
C GLY V 1095 -39.76 -48.31 -134.34
N GLN V 1096 -39.65 -48.65 -135.62
CA GLN V 1096 -38.66 -49.59 -136.11
C GLN V 1096 -37.41 -48.85 -136.56
N ILE V 1097 -36.29 -49.58 -136.60
CA ILE V 1097 -34.99 -49.01 -136.91
C ILE V 1097 -34.57 -49.49 -138.30
N GLN V 1098 -34.17 -48.56 -139.15
CA GLN V 1098 -33.73 -48.85 -140.51
C GLN V 1098 -32.24 -48.63 -140.65
N VAL V 1099 -31.64 -49.32 -141.60
CA VAL V 1099 -30.20 -49.26 -141.85
C VAL V 1099 -29.95 -48.75 -143.26
N HIS V 1100 -28.94 -47.91 -143.41
CA HIS V 1100 -28.53 -47.41 -144.72
C HIS V 1100 -27.03 -47.57 -144.87
N HIS V 1101 -26.61 -48.28 -145.91
CA HIS V 1101 -25.19 -48.43 -146.21
C HIS V 1101 -24.63 -47.13 -146.74
N HIS V 1102 -23.36 -46.86 -146.41
CA HIS V 1102 -22.71 -45.65 -146.88
C HIS V 1102 -21.21 -45.85 -146.86
N ASP V 1103 -20.56 -45.41 -147.93
CA ASP V 1103 -19.11 -45.50 -148.01
C ASP V 1103 -18.46 -44.52 -147.03
N ALA V 1104 -17.22 -44.84 -146.66
CA ALA V 1104 -16.47 -44.03 -145.71
C ALA V 1104 -15.13 -43.68 -146.33
N ILE V 1105 -14.25 -43.08 -145.53
CA ILE V 1105 -12.93 -42.70 -146.03
C ILE V 1105 -12.01 -43.91 -146.09
N GLY V 1106 -12.20 -44.87 -145.20
CA GLY V 1106 -11.38 -46.06 -145.20
C GLY V 1106 -12.19 -47.34 -145.28
N GLY V 1107 -13.45 -47.27 -144.86
CA GLY V 1107 -14.31 -48.44 -144.86
C GLY V 1107 -15.75 -48.14 -145.19
N VAL V 1108 -16.67 -48.66 -144.39
CA VAL V 1108 -18.10 -48.48 -144.60
C VAL V 1108 -18.71 -47.88 -143.34
N ASN V 1109 -19.73 -47.05 -143.53
CA ASN V 1109 -20.40 -46.34 -142.43
C ASN V 1109 -21.90 -46.59 -142.53
N PHE V 1110 -22.36 -47.68 -141.92
CA PHE V 1110 -23.78 -47.89 -141.75
C PHE V 1110 -24.37 -46.78 -140.87
N THR V 1111 -25.62 -46.43 -141.15
CA THR V 1111 -26.35 -45.50 -140.29
C THR V 1111 -27.66 -46.14 -139.89
N LEU V 1112 -28.10 -45.84 -138.67
CA LEU V 1112 -29.28 -46.46 -138.08
C LEU V 1112 -30.24 -45.36 -137.68
N THR V 1113 -31.43 -45.36 -138.29
CA THR V 1113 -32.41 -44.32 -138.09
C THR V 1113 -33.72 -44.92 -137.61
N GLN V 1114 -34.33 -44.25 -136.63
CA GLN V 1114 -35.61 -44.67 -136.07
C GLN V 1114 -36.50 -43.46 -135.85
N PRO V 1115 -37.67 -43.39 -136.49
CA PRO V 1115 -38.56 -42.25 -136.29
C PRO V 1115 -39.50 -42.47 -135.13
N ARG V 1116 -39.86 -41.37 -134.47
CA ARG V 1116 -40.71 -41.41 -133.29
C ARG V 1116 -41.60 -40.17 -133.30
N ALA V 1117 -42.59 -40.17 -132.42
CA ALA V 1117 -43.53 -39.06 -132.36
C ALA V 1117 -44.05 -38.93 -130.93
N HIS V 1118 -44.51 -37.72 -130.61
CA HIS V 1118 -45.03 -37.43 -129.28
C HIS V 1118 -46.18 -36.44 -129.36
N VAL V 1119 -46.91 -36.33 -128.25
CA VAL V 1119 -48.05 -35.44 -128.14
C VAL V 1119 -48.38 -35.26 -126.66
N ASP V 1120 -48.87 -34.07 -126.32
CA ASP V 1120 -49.27 -33.75 -124.95
C ASP V 1120 -50.79 -33.69 -124.91
N LEU V 1121 -51.40 -34.50 -124.06
CA LEU V 1121 -52.85 -34.47 -123.88
C LEU V 1121 -53.26 -33.55 -122.73
N GLY V 1122 -52.71 -32.33 -122.75
CA GLY V 1122 -52.89 -31.40 -121.65
C GLY V 1122 -54.01 -30.42 -121.92
N VAL V 1123 -55.08 -30.54 -121.14
CA VAL V 1123 -56.11 -29.50 -121.09
C VAL V 1123 -55.57 -28.22 -120.48
N GLY V 1124 -54.55 -28.32 -119.64
CA GLY V 1124 -53.85 -27.17 -119.11
C GLY V 1124 -52.36 -27.36 -119.17
N TYR V 1125 -51.66 -27.05 -118.09
CA TYR V 1125 -50.22 -27.26 -118.00
C TYR V 1125 -49.94 -28.49 -117.13
N THR V 1126 -48.90 -29.23 -117.50
CA THR V 1126 -48.61 -30.52 -116.89
C THR V 1126 -47.21 -30.63 -116.31
N ALA V 1127 -46.29 -29.74 -116.70
CA ALA V 1127 -44.93 -29.74 -116.20
C ALA V 1127 -44.52 -28.33 -115.82
N VAL V 1128 -43.69 -28.21 -114.79
CA VAL V 1128 -43.20 -26.95 -114.28
C VAL V 1128 -41.70 -27.03 -114.07
N CYS V 1129 -40.99 -25.98 -114.43
CA CYS V 1129 -39.56 -25.87 -114.20
C CYS V 1129 -39.25 -24.65 -113.35
N ALA V 1130 -38.21 -24.77 -112.52
CA ALA V 1130 -37.82 -23.69 -111.63
C ALA V 1130 -36.31 -23.73 -111.42
N THR V 1131 -35.68 -22.57 -111.40
CA THR V 1131 -34.24 -22.45 -111.21
C THR V 1131 -33.95 -22.49 -109.72
N ALA V 1132 -33.52 -23.66 -109.23
CA ALA V 1132 -33.36 -23.84 -107.79
C ALA V 1132 -32.07 -23.20 -107.28
N ALA V 1133 -30.93 -23.65 -107.78
CA ALA V 1133 -29.64 -23.22 -107.28
C ALA V 1133 -28.87 -22.49 -108.38
N LEU V 1134 -27.76 -21.89 -107.99
CA LEU V 1134 -26.89 -21.13 -108.89
C LEU V 1134 -25.48 -21.69 -108.84
N ARG V 1135 -24.93 -21.98 -110.01
CA ARG V 1135 -23.56 -22.43 -110.12
C ARG V 1135 -22.66 -21.22 -110.43
N CYS V 1136 -21.42 -21.49 -110.80
CA CYS V 1136 -20.46 -20.42 -110.99
C CYS V 1136 -20.91 -19.47 -112.09
N PRO V 1137 -20.68 -18.17 -111.95
CA PRO V 1137 -20.95 -17.25 -113.06
C PRO V 1137 -20.04 -17.54 -114.24
N LEU V 1138 -20.55 -17.26 -115.44
CA LEU V 1138 -19.79 -17.50 -116.66
C LEU V 1138 -19.16 -16.22 -117.19
N THR V 1139 -19.96 -15.18 -117.40
CA THR V 1139 -19.42 -13.92 -117.90
C THR V 1139 -18.76 -13.15 -116.77
N ASP V 1140 -17.93 -12.17 -117.14
CA ASP V 1140 -17.21 -11.33 -116.20
C ASP V 1140 -17.89 -9.97 -116.11
N MET V 1141 -17.98 -9.44 -114.90
CA MET V 1141 -18.58 -8.13 -114.67
C MET V 1141 -17.52 -7.04 -114.71
N GLY V 1142 -16.75 -7.04 -115.79
CA GLY V 1142 -15.65 -6.12 -115.97
C GLY V 1142 -16.10 -4.76 -116.47
N ASN V 1143 -15.11 -3.94 -116.83
CA ASN V 1143 -15.34 -2.61 -117.37
C ASN V 1143 -14.77 -2.58 -118.79
N THR V 1144 -15.57 -3.00 -119.75
CA THR V 1144 -15.17 -3.03 -121.15
C THR V 1144 -16.14 -2.15 -121.93
N ALA V 1145 -15.64 -1.03 -122.44
CA ALA V 1145 -16.47 -0.12 -123.20
C ALA V 1145 -16.75 -0.67 -124.59
N GLN V 1146 -17.73 -0.08 -125.25
CA GLN V 1146 -18.11 -0.47 -126.60
C GLN V 1146 -17.49 0.49 -127.61
N ASN V 1147 -16.83 -0.05 -128.62
CA ASN V 1147 -16.19 0.74 -129.66
C ASN V 1147 -17.15 0.87 -130.84
N LEU V 1148 -17.57 2.09 -131.12
CA LEU V 1148 -18.54 2.32 -132.20
C LEU V 1148 -17.87 2.38 -133.57
N PHE V 1149 -16.55 2.34 -133.64
CA PHE V 1149 -15.82 2.35 -134.89
C PHE V 1149 -15.80 0.98 -135.58
N PHE V 1150 -16.64 0.04 -135.12
CA PHE V 1150 -16.76 -1.26 -135.75
C PHE V 1150 -17.85 -1.28 -136.82
N SER V 1151 -18.50 -0.15 -137.06
CA SER V 1151 -19.60 -0.08 -138.01
C SER V 1151 -19.27 0.93 -139.10
N ARG V 1152 -19.96 0.78 -140.23
CA ARG V 1152 -19.79 1.68 -141.37
C ARG V 1152 -21.16 2.02 -141.93
N GLY V 1153 -21.26 3.19 -142.56
CA GLY V 1153 -22.49 3.61 -143.17
C GLY V 1153 -22.89 5.03 -142.83
N GLY V 1154 -22.36 5.56 -141.74
CA GLY V 1154 -22.69 6.91 -141.34
C GLY V 1154 -22.01 7.96 -142.20
N VAL V 1155 -22.48 9.19 -142.07
CA VAL V 1155 -21.90 10.32 -142.79
C VAL V 1155 -20.56 10.68 -142.16
N PRO V 1156 -19.46 10.52 -142.87
CA PRO V 1156 -18.15 10.79 -142.29
C PRO V 1156 -17.81 12.27 -142.33
N MET V 1157 -16.68 12.61 -141.71
CA MET V 1157 -16.21 13.98 -141.72
C MET V 1157 -15.61 14.33 -143.07
N LEU V 1158 -15.45 15.64 -143.31
CA LEU V 1158 -14.90 16.11 -144.57
C LEU V 1158 -13.40 15.97 -144.66
N HIS V 1159 -12.72 15.66 -143.57
CA HIS V 1159 -11.26 15.56 -143.55
C HIS V 1159 -10.87 14.19 -143.00
N ASP V 1160 -10.07 13.47 -143.77
CA ASP V 1160 -9.72 12.10 -143.40
C ASP V 1160 -8.78 12.06 -142.21
N ASN V 1161 -7.87 13.04 -142.12
CA ASN V 1161 -6.98 13.10 -140.97
C ASN V 1161 -7.77 13.25 -139.67
N VAL V 1162 -8.88 13.98 -139.72
CA VAL V 1162 -9.72 14.16 -138.54
C VAL V 1162 -10.18 12.81 -138.02
N THR V 1163 -10.85 12.03 -138.88
CA THR V 1163 -11.38 10.75 -138.42
C THR V 1163 -10.28 9.75 -138.11
N GLU V 1164 -9.13 9.85 -138.79
CA GLU V 1164 -8.03 8.94 -138.47
C GLU V 1164 -7.48 9.21 -137.09
N SER V 1165 -7.20 10.48 -136.78
CA SER V 1165 -6.76 10.82 -135.43
C SER V 1165 -7.83 10.49 -134.40
N LEU V 1166 -9.10 10.66 -134.76
CA LEU V 1166 -10.19 10.31 -133.85
C LEU V 1166 -10.15 8.83 -133.50
N ARG V 1167 -10.06 7.98 -134.52
CA ARG V 1167 -10.03 6.54 -134.26
C ARG V 1167 -8.76 6.14 -133.51
N ARG V 1168 -7.64 6.81 -133.80
CA ARG V 1168 -6.41 6.50 -133.08
C ARG V 1168 -6.54 6.83 -131.60
N ILE V 1169 -7.10 8.01 -131.29
CA ILE V 1169 -7.29 8.40 -129.90
C ILE V 1169 -8.27 7.46 -129.21
N THR V 1170 -9.32 7.06 -129.92
CA THR V 1170 -10.30 6.15 -129.33
C THR V 1170 -9.68 4.78 -129.05
N ALA V 1171 -8.81 4.30 -129.94
CA ALA V 1171 -8.12 3.05 -129.69
C ALA V 1171 -7.16 3.18 -128.51
N SER V 1172 -6.54 4.33 -128.38
CA SER V 1172 -5.71 4.58 -127.20
C SER V 1172 -6.58 4.63 -125.95
N GLY V 1173 -6.20 3.84 -124.94
CA GLY V 1173 -6.97 3.78 -123.73
C GLY V 1173 -8.14 2.83 -123.78
N GLY V 1174 -8.02 1.73 -124.51
CA GLY V 1174 -9.06 0.73 -124.57
C GLY V 1174 -8.43 -0.64 -124.74
N ARG V 1175 -9.29 -1.66 -124.82
CA ARG V 1175 -8.83 -3.03 -124.99
C ARG V 1175 -9.17 -3.59 -126.37
N LEU V 1176 -10.44 -3.56 -126.74
CA LEU V 1176 -10.85 -4.04 -128.06
C LEU V 1176 -10.82 -2.88 -129.05
N ASN V 1177 -10.19 -3.11 -130.19
CA ASN V 1177 -10.03 -2.09 -131.22
C ASN V 1177 -9.98 -2.79 -132.57
N PRO V 1178 -10.34 -2.10 -133.65
CA PRO V 1178 -10.22 -2.72 -134.96
C PRO V 1178 -8.77 -2.84 -135.38
N THR V 1179 -8.48 -3.85 -136.20
CA THR V 1179 -7.12 -4.03 -136.69
C THR V 1179 -6.70 -2.82 -137.53
N GLU V 1180 -5.42 -2.47 -137.43
CA GLU V 1180 -4.93 -1.24 -138.05
C GLU V 1180 -5.04 -1.23 -139.56
N PRO V 1181 -4.60 -2.26 -140.30
CA PRO V 1181 -4.68 -2.18 -141.77
C PRO V 1181 -6.07 -1.88 -142.31
N LEU V 1182 -7.11 -2.04 -141.49
CA LEU V 1182 -8.49 -1.74 -141.86
C LEU V 1182 -8.86 -2.43 -143.16
N PRO V 1183 -9.02 -3.75 -143.17
CA PRO V 1183 -9.32 -4.46 -144.42
C PRO V 1183 -10.70 -4.07 -144.94
N ILE V 1184 -10.72 -3.55 -146.17
CA ILE V 1184 -11.98 -3.24 -146.83
C ILE V 1184 -12.72 -4.54 -147.12
N PHE V 1185 -14.05 -4.51 -146.99
CA PHE V 1185 -14.90 -5.67 -147.22
C PHE V 1185 -14.54 -6.81 -146.27
N GLY V 1186 -14.63 -6.53 -144.97
CA GLY V 1186 -14.33 -7.52 -143.96
C GLY V 1186 -15.29 -7.47 -142.79
N GLY V 1187 -14.94 -8.16 -141.72
CA GLY V 1187 -15.78 -8.17 -140.53
C GLY V 1187 -15.27 -7.24 -139.45
N LEU V 1188 -14.03 -6.77 -139.61
CA LEU V 1188 -13.39 -5.87 -138.66
C LEU V 1188 -13.34 -6.49 -137.27
N ARG V 1189 -12.65 -7.61 -137.17
CA ARG V 1189 -12.56 -8.30 -135.91
C ARG V 1189 -11.35 -7.82 -135.11
N PRO V 1190 -11.45 -7.78 -133.79
CA PRO V 1190 -10.30 -7.38 -132.98
C PRO V 1190 -9.24 -8.47 -132.97
N ALA V 1191 -8.02 -8.06 -132.63
CA ALA V 1191 -6.91 -9.00 -132.57
C ALA V 1191 -7.08 -9.96 -131.40
N THR V 1192 -6.86 -11.25 -131.68
CA THR V 1192 -7.02 -12.27 -130.65
C THR V 1192 -5.87 -12.21 -129.66
N SER V 1193 -6.19 -11.94 -128.40
CA SER V 1193 -5.19 -11.90 -127.35
C SER V 1193 -4.90 -13.32 -126.85
N ALA V 1194 -4.04 -13.43 -125.85
CA ALA V 1194 -3.72 -14.72 -125.24
C ALA V 1194 -4.80 -15.12 -124.26
N GLY V 1195 -4.51 -16.12 -123.43
CA GLY V 1195 -5.49 -16.72 -122.53
C GLY V 1195 -6.29 -15.76 -121.67
N ILE V 1196 -7.43 -16.22 -121.19
CA ILE V 1196 -8.36 -15.42 -120.41
C ILE V 1196 -8.17 -15.74 -118.93
N ALA V 1197 -8.45 -14.75 -118.08
CA ALA V 1197 -8.18 -14.88 -116.66
C ALA V 1197 -9.35 -15.49 -115.89
N ARG V 1198 -10.51 -14.83 -115.91
CA ARG V 1198 -11.59 -15.24 -115.02
C ARG V 1198 -12.96 -15.25 -115.70
N GLY V 1199 -13.01 -15.37 -117.03
CA GLY V 1199 -14.29 -15.48 -117.70
C GLY V 1199 -14.44 -14.54 -118.88
N GLN V 1200 -15.48 -14.76 -119.68
CA GLN V 1200 -15.71 -13.95 -120.86
C GLN V 1200 -16.10 -12.53 -120.44
N ALA V 1201 -15.46 -11.54 -121.07
CA ALA V 1201 -15.75 -10.15 -120.76
C ALA V 1201 -17.07 -9.72 -121.36
N SER V 1202 -17.78 -8.85 -120.64
CA SER V 1202 -19.07 -8.33 -121.07
C SER V 1202 -18.93 -6.86 -121.41
N VAL V 1203 -19.50 -6.46 -122.54
CA VAL V 1203 -19.39 -5.07 -122.99
C VAL V 1203 -20.34 -4.19 -122.20
N CYS V 1204 -20.15 -2.88 -122.33
CA CYS V 1204 -20.98 -1.89 -121.68
C CYS V 1204 -21.36 -0.80 -122.68
N GLU V 1205 -22.65 -0.50 -122.76
CA GLU V 1205 -23.15 0.53 -123.64
C GLU V 1205 -23.51 1.77 -122.83
N PHE V 1206 -23.18 2.94 -123.37
CA PHE V 1206 -23.39 4.21 -122.69
C PHE V 1206 -24.55 4.96 -123.34
N VAL V 1207 -25.34 5.64 -122.51
CA VAL V 1207 -26.49 6.40 -122.96
C VAL V 1207 -26.43 7.78 -122.32
N ALA V 1208 -26.57 8.81 -123.15
CA ALA V 1208 -26.53 10.18 -122.64
C ALA V 1208 -27.82 10.50 -121.89
N MET V 1209 -27.71 11.44 -120.96
CA MET V 1209 -28.84 11.87 -120.13
C MET V 1209 -28.48 13.17 -119.46
N PRO V 1210 -29.45 14.01 -119.13
CA PRO V 1210 -29.15 15.27 -118.45
C PRO V 1210 -28.46 15.04 -117.11
N VAL V 1211 -27.75 16.07 -116.66
CA VAL V 1211 -26.96 15.94 -115.44
C VAL V 1211 -27.85 15.92 -114.20
N SER V 1212 -28.95 16.68 -114.21
CA SER V 1212 -29.84 16.77 -113.07
C SER V 1212 -31.03 15.84 -113.31
N THR V 1213 -30.80 14.55 -113.09
CA THR V 1213 -31.83 13.54 -113.25
C THR V 1213 -32.17 12.95 -111.88
N ASP V 1214 -33.43 12.56 -111.72
CA ASP V 1214 -33.89 11.98 -110.47
C ASP V 1214 -33.07 10.75 -110.12
N LEU V 1215 -32.28 10.86 -109.05
CA LEU V 1215 -31.45 9.74 -108.62
C LEU V 1215 -32.26 8.63 -107.97
N GLN V 1216 -33.37 8.98 -107.34
CA GLN V 1216 -34.21 7.97 -106.70
C GLN V 1216 -34.77 6.98 -107.71
N TYR V 1217 -34.89 7.38 -108.97
CA TYR V 1217 -35.39 6.48 -110.00
C TYR V 1217 -34.49 5.27 -110.19
N PHE V 1218 -33.20 5.41 -109.90
CA PHE V 1218 -32.23 4.34 -110.08
C PHE V 1218 -32.05 3.49 -108.84
N ARG V 1219 -32.96 3.58 -107.87
CA ARG V 1219 -32.85 2.81 -106.64
C ARG V 1219 -33.76 1.60 -106.62
N THR V 1220 -34.42 1.29 -107.73
CA THR V 1220 -35.28 0.12 -107.84
C THR V 1220 -35.15 -0.42 -109.26
N ALA V 1221 -36.03 -1.35 -109.61
CA ALA V 1221 -36.09 -1.83 -110.99
C ALA V 1221 -36.47 -0.68 -111.91
N CYS V 1222 -35.56 -0.26 -112.76
CA CYS V 1222 -35.76 0.90 -113.62
C CYS V 1222 -35.57 0.51 -115.08
N ASN V 1223 -36.19 1.28 -115.97
CA ASN V 1223 -36.11 1.00 -117.39
C ASN V 1223 -35.07 1.89 -118.05
N PRO V 1224 -34.19 1.33 -118.88
CA PRO V 1224 -33.11 2.15 -119.44
C PRO V 1224 -33.54 3.10 -120.54
N ARG V 1225 -34.68 2.84 -121.19
CA ARG V 1225 -35.12 3.74 -122.26
C ARG V 1225 -35.50 5.11 -121.72
N GLY V 1226 -35.90 5.18 -120.46
CA GLY V 1226 -36.40 6.39 -119.86
C GLY V 1226 -37.91 6.46 -119.78
N ARG V 1227 -38.61 5.51 -120.39
CA ARG V 1227 -40.07 5.44 -120.34
C ARG V 1227 -40.48 3.97 -120.41
N ALA V 1228 -41.44 3.60 -119.56
CA ALA V 1228 -41.92 2.22 -119.56
C ALA V 1228 -42.73 1.95 -120.82
N SER V 1229 -42.57 0.74 -121.35
CA SER V 1229 -43.27 0.32 -122.56
C SER V 1229 -43.58 -1.16 -122.44
N GLY V 1230 -43.99 -1.76 -123.56
CA GLY V 1230 -44.28 -3.18 -123.62
C GLY V 1230 -45.73 -3.45 -123.98
N MET V 1231 -46.00 -4.73 -124.22
CA MET V 1231 -47.33 -5.19 -124.59
C MET V 1231 -48.18 -5.54 -123.37
N LEU V 1232 -47.60 -5.49 -122.18
CA LEU V 1232 -48.33 -5.84 -120.96
C LEU V 1232 -49.38 -4.82 -120.58
N TYR V 1233 -49.50 -3.72 -121.32
CA TYR V 1233 -50.42 -2.63 -120.98
C TYR V 1233 -51.34 -2.39 -122.17
N MET V 1234 -52.46 -3.12 -122.18
CA MET V 1234 -53.43 -3.00 -123.26
C MET V 1234 -54.86 -3.02 -122.71
N ASP V 1240 -51.79 0.06 -129.79
CA ASP V 1240 -51.45 0.70 -128.52
C ASP V 1240 -49.98 0.49 -128.18
N ILE V 1241 -49.41 -0.59 -128.73
CA ILE V 1241 -47.99 -0.85 -128.54
C ILE V 1241 -47.16 0.28 -129.15
N GLU V 1242 -47.58 0.74 -130.33
CA GLU V 1242 -46.95 1.92 -130.91
C GLU V 1242 -47.38 3.18 -130.17
N ALA V 1243 -48.55 3.17 -129.56
CA ALA V 1243 -49.01 4.34 -128.81
C ALA V 1243 -48.08 4.65 -127.66
N ILE V 1244 -47.96 3.73 -126.71
CA ILE V 1244 -47.04 3.93 -125.57
C ILE V 1244 -45.72 3.30 -125.98
N MET V 1245 -45.02 3.98 -126.88
CA MET V 1245 -43.57 3.87 -127.00
C MET V 1245 -42.88 5.17 -127.33
N PHE V 1246 -43.56 6.11 -127.99
CA PHE V 1246 -42.97 7.40 -128.36
C PHE V 1246 -43.90 8.58 -128.15
N ASP V 1247 -45.21 8.37 -128.05
CA ASP V 1247 -46.16 9.48 -127.92
C ASP V 1247 -45.94 10.19 -126.59
N HIS V 1248 -45.55 11.46 -126.66
CA HIS V 1248 -45.28 12.25 -125.46
C HIS V 1248 -46.39 13.27 -125.19
N THR V 1249 -47.58 13.06 -125.75
CA THR V 1249 -48.71 13.91 -125.42
C THR V 1249 -49.40 13.47 -124.13
N GLN V 1250 -49.18 12.24 -123.71
CA GLN V 1250 -49.72 11.72 -122.46
C GLN V 1250 -48.57 11.34 -121.53
N SER V 1251 -48.91 11.16 -120.26
CA SER V 1251 -47.89 10.87 -119.27
C SER V 1251 -47.43 9.41 -119.36
N ASP V 1252 -46.26 9.15 -118.80
CA ASP V 1252 -45.75 7.79 -118.72
C ASP V 1252 -46.69 6.93 -117.90
N VAL V 1253 -46.71 5.63 -118.19
CA VAL V 1253 -47.60 4.72 -117.48
C VAL V 1253 -47.12 4.51 -116.05
N ALA V 1254 -45.84 4.22 -115.87
CA ALA V 1254 -45.32 3.89 -114.53
C ALA V 1254 -45.39 5.11 -113.62
N TYR V 1255 -44.91 6.25 -114.10
CA TYR V 1255 -44.92 7.51 -113.34
C TYR V 1255 -45.88 8.46 -114.05
N THR V 1256 -47.13 8.49 -113.59
CA THR V 1256 -48.16 9.28 -114.25
C THR V 1256 -48.09 10.74 -113.85
N ASP V 1257 -46.91 11.33 -113.91
CA ASP V 1257 -46.74 12.75 -113.67
C ASP V 1257 -45.76 13.41 -114.63
N ARG V 1258 -45.14 12.64 -115.53
CA ARG V 1258 -44.14 13.18 -116.43
C ARG V 1258 -44.14 12.33 -117.69
N ALA V 1259 -43.66 12.92 -118.79
CA ALA V 1259 -43.60 12.19 -120.05
C ALA V 1259 -42.53 11.11 -120.00
N THR V 1260 -41.28 11.51 -119.83
CA THR V 1260 -40.15 10.59 -119.77
C THR V 1260 -39.16 11.09 -118.73
N LEU V 1261 -38.04 10.39 -118.61
CA LEU V 1261 -36.98 10.88 -117.73
C LEU V 1261 -35.96 11.67 -118.52
N ASN V 1262 -35.37 11.07 -119.55
CA ASN V 1262 -34.43 11.77 -120.41
C ASN V 1262 -35.04 11.93 -121.79
N PRO V 1263 -35.32 13.15 -122.23
CA PRO V 1263 -35.88 13.37 -123.56
C PRO V 1263 -34.87 13.25 -124.69
N TRP V 1264 -33.70 12.69 -124.44
CA TRP V 1264 -32.69 12.50 -125.49
C TRP V 1264 -32.62 11.07 -125.99
N ALA V 1265 -33.35 10.15 -125.37
CA ALA V 1265 -33.30 8.75 -125.79
C ALA V 1265 -34.66 8.08 -125.75
N SER V 1266 -35.74 8.85 -125.89
CA SER V 1266 -37.07 8.25 -125.79
C SER V 1266 -38.08 8.75 -126.81
N GLN V 1267 -37.75 9.69 -127.67
CA GLN V 1267 -38.69 10.14 -128.69
C GLN V 1267 -38.66 9.19 -129.88
N LYS V 1268 -39.32 9.58 -130.96
CA LYS V 1268 -39.33 8.74 -132.16
C LYS V 1268 -37.95 8.72 -132.82
N HIS V 1269 -37.24 9.84 -132.81
CA HIS V 1269 -35.93 9.93 -133.44
C HIS V 1269 -34.93 10.60 -132.50
N SER V 1270 -34.92 10.16 -131.25
CA SER V 1270 -33.94 10.67 -130.30
C SER V 1270 -32.53 10.25 -130.70
N TYR V 1271 -31.55 10.76 -129.95
CA TYR V 1271 -30.16 10.41 -130.23
C TYR V 1271 -29.94 8.92 -130.04
N GLY V 1272 -30.32 8.37 -128.88
CA GLY V 1272 -30.18 6.95 -128.67
C GLY V 1272 -31.04 6.11 -129.59
N ASP V 1273 -32.22 6.63 -129.94
CA ASP V 1273 -33.09 5.92 -130.87
C ASP V 1273 -32.45 5.79 -132.24
N ARG V 1274 -31.80 6.86 -132.71
CA ARG V 1274 -31.05 6.77 -133.96
C ARG V 1274 -29.82 5.88 -133.80
N LEU V 1275 -29.21 5.90 -132.61
CA LEU V 1275 -28.03 5.08 -132.38
C LEU V 1275 -28.35 3.60 -132.52
N TYR V 1276 -29.41 3.15 -131.87
CA TYR V 1276 -29.80 1.74 -131.93
C TYR V 1276 -31.31 1.64 -131.83
N ASN V 1277 -31.93 1.07 -132.86
CA ASN V 1277 -33.37 0.81 -132.84
C ASN V 1277 -33.64 -0.60 -133.32
N GLY V 1278 -32.75 -1.14 -134.15
CA GLY V 1278 -32.97 -2.39 -134.81
C GLY V 1278 -33.61 -2.28 -136.17
N THR V 1279 -34.32 -1.18 -136.45
CA THR V 1279 -34.92 -0.96 -137.75
C THR V 1279 -34.15 0.05 -138.58
N TYR V 1280 -33.06 0.61 -138.05
CA TYR V 1280 -32.22 1.54 -138.80
C TYR V 1280 -30.93 0.90 -139.27
N ASN V 1281 -30.46 -0.14 -138.59
CA ASN V 1281 -29.28 -0.90 -138.98
C ASN V 1281 -28.04 0.00 -139.06
N LEU V 1282 -27.70 0.59 -137.93
CA LEU V 1282 -26.47 1.36 -137.83
C LEU V 1282 -25.27 0.48 -137.50
N THR V 1283 -25.48 -0.59 -136.74
CA THR V 1283 -24.42 -1.50 -136.33
C THR V 1283 -24.60 -2.88 -136.94
N GLY V 1284 -25.01 -2.92 -138.22
CA GLY V 1284 -25.18 -4.19 -138.88
C GLY V 1284 -23.87 -4.94 -139.09
N ALA V 1285 -22.79 -4.22 -139.36
CA ALA V 1285 -21.49 -4.82 -139.57
C ALA V 1285 -20.70 -5.06 -138.29
N SER V 1286 -21.16 -4.52 -137.17
CA SER V 1286 -20.43 -4.68 -135.91
C SER V 1286 -20.62 -6.09 -135.38
N PRO V 1287 -19.54 -6.85 -135.17
CA PRO V 1287 -19.68 -8.22 -134.65
C PRO V 1287 -19.85 -8.30 -133.13
N ILE V 1288 -19.66 -7.21 -132.41
CA ILE V 1288 -19.80 -7.24 -130.96
C ILE V 1288 -21.27 -7.09 -130.59
N TYR V 1289 -21.65 -7.74 -129.50
CA TYR V 1289 -23.03 -7.72 -129.05
C TYR V 1289 -23.35 -6.43 -128.31
N SER V 1290 -24.61 -6.02 -128.39
CA SER V 1290 -25.08 -4.80 -127.73
C SER V 1290 -26.23 -5.15 -126.80
N PRO V 1291 -26.03 -5.05 -125.47
CA PRO V 1291 -27.10 -5.46 -124.55
C PRO V 1291 -28.31 -4.53 -124.58
N CYS V 1292 -28.10 -3.24 -124.84
CA CYS V 1292 -29.18 -2.27 -124.89
C CYS V 1292 -30.05 -2.39 -126.13
N PHE V 1293 -29.89 -3.46 -126.90
CA PHE V 1293 -30.68 -3.61 -128.12
C PHE V 1293 -32.12 -3.97 -127.81
N LYS V 1294 -32.35 -4.93 -126.91
CA LYS V 1294 -33.68 -5.44 -126.66
C LYS V 1294 -34.61 -4.42 -126.01
N PHE V 1295 -34.09 -3.27 -125.58
CA PHE V 1295 -34.92 -2.26 -124.94
C PHE V 1295 -35.39 -1.17 -125.89
N PHE V 1296 -34.86 -1.12 -127.11
CA PHE V 1296 -35.22 -0.08 -128.07
C PHE V 1296 -35.90 -0.63 -129.31
N THR V 1297 -36.02 -1.94 -129.44
CA THR V 1297 -36.72 -2.53 -130.58
C THR V 1297 -38.21 -2.60 -130.28
N PRO V 1298 -39.07 -2.21 -131.22
CA PRO V 1298 -40.51 -2.20 -130.93
C PRO V 1298 -41.08 -3.55 -130.53
N ALA V 1299 -40.48 -4.66 -130.98
CA ALA V 1299 -40.87 -6.01 -130.56
C ALA V 1299 -42.35 -6.26 -130.86
N GLU V 1300 -42.64 -6.33 -132.16
CA GLU V 1300 -44.00 -6.52 -132.64
C GLU V 1300 -44.65 -7.73 -131.97
N VAL V 1301 -45.98 -7.69 -131.90
CA VAL V 1301 -46.76 -8.80 -131.36
C VAL V 1301 -48.17 -8.71 -131.91
N ASN V 1302 -48.79 -9.87 -132.09
CA ASN V 1302 -50.18 -9.97 -132.53
C ASN V 1302 -51.05 -10.41 -131.36
N THR V 1303 -52.33 -10.08 -131.43
CA THR V 1303 -53.29 -10.49 -130.42
C THR V 1303 -54.02 -11.74 -130.92
N ASN V 1304 -53.77 -12.85 -130.25
CA ASN V 1304 -54.47 -14.11 -130.51
C ASN V 1304 -55.18 -14.63 -129.28
N CYS V 1305 -54.52 -14.62 -128.13
CA CYS V 1305 -55.10 -14.97 -126.85
C CYS V 1305 -55.01 -13.75 -125.93
N ASN V 1306 -55.36 -13.95 -124.67
CA ASN V 1306 -55.30 -12.85 -123.72
C ASN V 1306 -53.86 -12.59 -123.29
N THR V 1307 -53.68 -11.45 -122.62
CA THR V 1307 -52.35 -11.04 -122.18
C THR V 1307 -51.74 -12.06 -121.23
N LEU V 1308 -52.56 -12.67 -120.38
CA LEU V 1308 -52.05 -13.68 -119.44
C LEU V 1308 -51.49 -14.88 -120.20
N ASP V 1309 -52.22 -15.37 -121.19
CA ASP V 1309 -51.72 -16.51 -121.97
C ASP V 1309 -50.47 -16.14 -122.75
N ARG V 1310 -50.46 -14.96 -123.38
CA ARG V 1310 -49.28 -14.55 -124.13
C ARG V 1310 -48.07 -14.43 -123.23
N LEU V 1311 -48.25 -13.87 -122.02
CA LEU V 1311 -47.14 -13.75 -121.08
C LEU V 1311 -46.66 -15.11 -120.60
N LEU V 1312 -47.59 -16.03 -120.32
CA LEU V 1312 -47.17 -17.36 -119.87
C LEU V 1312 -46.49 -18.14 -120.99
N MET V 1313 -46.81 -17.82 -122.25
CA MET V 1313 -46.20 -18.52 -123.38
C MET V 1313 -44.88 -17.90 -123.81
N GLU V 1314 -44.64 -16.62 -123.52
CA GLU V 1314 -43.39 -15.98 -123.91
C GLU V 1314 -42.20 -16.62 -123.21
N ALA V 1315 -42.31 -16.83 -121.90
CA ALA V 1315 -41.20 -17.36 -121.11
C ALA V 1315 -41.06 -18.85 -121.39
N LYS V 1316 -40.27 -19.18 -122.40
CA LYS V 1316 -40.07 -20.57 -122.79
C LYS V 1316 -38.63 -20.87 -123.14
N ALA V 1317 -37.68 -20.22 -122.48
CA ALA V 1317 -36.25 -20.46 -122.66
C ALA V 1317 -35.83 -20.25 -124.12
N VAL V 1318 -35.93 -18.98 -124.54
CA VAL V 1318 -35.57 -18.63 -125.91
C VAL V 1318 -34.08 -18.86 -126.16
N ALA V 1319 -33.71 -18.82 -127.43
CA ALA V 1319 -32.33 -19.05 -127.82
C ALA V 1319 -31.42 -17.94 -127.29
N SER V 1320 -30.13 -18.23 -127.22
CA SER V 1320 -29.16 -17.30 -126.69
C SER V 1320 -28.89 -16.18 -127.68
N GLN V 1321 -28.12 -15.18 -127.24
CA GLN V 1321 -27.75 -14.06 -128.09
C GLN V 1321 -26.28 -13.68 -127.94
N SER V 1322 -25.44 -14.65 -127.61
CA SER V 1322 -24.02 -14.41 -127.43
C SER V 1322 -23.25 -15.67 -127.81
N SER V 1323 -21.98 -15.73 -127.43
CA SER V 1323 -21.13 -16.87 -127.71
C SER V 1323 -20.49 -17.34 -126.42
N THR V 1324 -20.25 -18.65 -126.32
CA THR V 1324 -19.68 -19.26 -125.14
C THR V 1324 -18.27 -19.79 -125.42
N ASP V 1325 -17.60 -19.23 -126.41
CA ASP V 1325 -16.23 -19.62 -126.72
C ASP V 1325 -15.28 -18.44 -126.76
N THR V 1326 -15.72 -17.30 -127.26
CA THR V 1326 -14.89 -16.11 -127.36
C THR V 1326 -14.85 -15.38 -126.02
N GLU V 1327 -13.95 -14.40 -125.93
CA GLU V 1327 -13.79 -13.61 -124.71
C GLU V 1327 -14.25 -12.17 -124.90
N TYR V 1328 -14.96 -11.87 -125.99
CA TYR V 1328 -15.43 -10.52 -126.24
C TYR V 1328 -16.94 -10.42 -126.38
N GLN V 1329 -17.68 -11.51 -126.14
CA GLN V 1329 -19.13 -11.52 -126.23
C GLN V 1329 -19.60 -11.01 -127.59
N PHE V 1330 -19.22 -11.75 -128.63
CA PHE V 1330 -19.59 -11.40 -129.99
C PHE V 1330 -21.08 -11.67 -130.21
N LYS V 1331 -21.52 -11.45 -131.45
CA LYS V 1331 -22.89 -11.75 -131.82
C LYS V 1331 -23.14 -13.25 -131.76
N ARG V 1332 -24.42 -13.61 -131.81
CA ARG V 1332 -24.80 -15.01 -131.75
C ARG V 1332 -24.38 -15.72 -133.03
N PRO V 1333 -23.65 -16.83 -132.94
CA PRO V 1333 -23.28 -17.57 -134.15
C PRO V 1333 -24.51 -18.14 -134.84
N PRO V 1334 -24.67 -17.87 -136.13
CA PRO V 1334 -25.83 -18.42 -136.86
C PRO V 1334 -25.75 -19.95 -136.91
N GLY V 1335 -26.75 -20.60 -136.32
CA GLY V 1335 -26.81 -22.04 -136.27
C GLY V 1335 -26.58 -22.62 -134.89
N SER V 1336 -25.95 -21.86 -133.99
CA SER V 1336 -25.72 -22.34 -132.63
C SER V 1336 -27.06 -22.50 -131.92
N THR V 1337 -27.36 -23.73 -131.52
CA THR V 1337 -28.65 -24.06 -130.89
C THR V 1337 -28.42 -24.31 -129.41
N GLU V 1338 -28.59 -23.27 -128.61
CA GLU V 1338 -28.56 -23.39 -127.15
C GLU V 1338 -29.61 -22.46 -126.57
N MET V 1339 -30.40 -22.99 -125.66
CA MET V 1339 -31.53 -22.27 -125.08
C MET V 1339 -31.15 -21.76 -123.70
N THR V 1340 -31.29 -20.45 -123.49
CA THR V 1340 -31.06 -19.84 -122.20
C THR V 1340 -32.34 -19.14 -121.76
N GLN V 1341 -32.69 -19.29 -120.48
CA GLN V 1341 -33.86 -18.61 -119.96
C GLN V 1341 -33.56 -17.13 -119.82
N ASP V 1342 -34.47 -16.29 -120.33
CA ASP V 1342 -34.28 -14.84 -120.35
C ASP V 1342 -35.38 -14.16 -119.55
N PRO V 1343 -35.27 -14.09 -118.23
CA PRO V 1343 -36.16 -13.23 -117.45
C PRO V 1343 -35.79 -11.77 -117.66
N CYS V 1344 -36.63 -10.88 -117.12
CA CYS V 1344 -36.43 -9.43 -117.17
C CYS V 1344 -36.12 -8.93 -118.58
N GLY V 1345 -36.47 -9.72 -119.59
CA GLY V 1345 -36.36 -9.28 -120.96
C GLY V 1345 -37.75 -9.12 -121.53
N LEU V 1346 -38.65 -9.99 -121.10
CA LEU V 1346 -40.07 -9.88 -121.43
C LEU V 1346 -40.78 -8.85 -120.57
N PHE V 1347 -40.14 -8.37 -119.50
CA PHE V 1347 -40.67 -7.28 -118.69
C PHE V 1347 -40.06 -5.93 -119.06
N GLN V 1348 -38.99 -5.92 -119.86
CA GLN V 1348 -38.28 -4.69 -120.21
C GLN V 1348 -37.83 -3.94 -118.95
N GLU V 1349 -36.99 -4.60 -118.15
CA GLU V 1349 -36.57 -4.05 -116.88
C GLU V 1349 -35.15 -4.48 -116.58
N ALA V 1350 -34.47 -3.69 -115.75
CA ALA V 1350 -33.11 -3.95 -115.33
C ALA V 1350 -32.98 -3.73 -113.83
N TYR V 1351 -32.00 -4.39 -113.23
CA TYR V 1351 -31.77 -4.29 -111.80
C TYR V 1351 -30.46 -3.58 -111.52
N PRO V 1352 -30.45 -2.56 -110.66
CA PRO V 1352 -29.20 -1.89 -110.32
C PRO V 1352 -28.46 -2.65 -109.23
N PRO V 1353 -27.19 -2.97 -109.44
CA PRO V 1353 -26.41 -3.67 -108.42
C PRO V 1353 -25.87 -2.68 -107.39
N LEU V 1354 -25.23 -3.23 -106.36
CA LEU V 1354 -24.62 -2.42 -105.31
C LEU V 1354 -23.51 -1.57 -105.92
N CYS V 1355 -23.71 -0.26 -105.95
CA CYS V 1355 -22.72 0.63 -106.54
C CYS V 1355 -22.57 1.89 -105.70
N SER V 1356 -21.50 2.63 -105.96
CA SER V 1356 -21.24 3.84 -105.20
C SER V 1356 -20.39 4.78 -106.04
N SER V 1357 -20.68 6.07 -105.96
CA SER V 1357 -19.87 7.06 -106.65
C SER V 1357 -18.50 7.22 -106.01
N ASP V 1358 -18.39 6.92 -104.72
CA ASP V 1358 -17.14 7.03 -103.99
C ASP V 1358 -16.80 5.69 -103.34
N ALA V 1359 -15.51 5.36 -103.35
CA ALA V 1359 -15.06 4.07 -102.84
C ALA V 1359 -14.88 4.06 -101.33
N ALA V 1360 -14.69 5.22 -100.70
CA ALA V 1360 -14.46 5.24 -99.26
C ALA V 1360 -15.72 4.87 -98.50
N MET V 1361 -16.88 5.35 -98.95
CA MET V 1361 -18.14 5.07 -98.30
C MET V 1361 -18.69 3.68 -98.63
N LEU V 1362 -17.89 2.84 -99.26
CA LEU V 1362 -18.38 1.53 -99.68
C LEU V 1362 -18.25 0.48 -98.58
N ARG V 1363 -17.22 0.56 -97.76
CA ARG V 1363 -16.95 -0.43 -96.73
C ARG V 1363 -16.74 0.25 -95.39
N THR V 1364 -17.42 -0.25 -94.37
CA THR V 1364 -17.29 0.29 -93.03
C THR V 1364 -16.07 -0.31 -92.32
N ALA V 1365 -15.66 0.34 -91.24
CA ALA V 1365 -14.48 -0.08 -90.49
C ALA V 1365 -14.91 -0.94 -89.30
N HIS V 1366 -15.39 -2.13 -89.61
CA HIS V 1366 -15.83 -3.05 -88.56
C HIS V 1366 -15.44 -4.50 -88.85
N ALA V 1367 -14.64 -4.77 -89.88
CA ALA V 1367 -14.20 -6.13 -90.22
C ALA V 1367 -15.40 -7.05 -90.45
N GLY V 1368 -16.14 -6.74 -91.50
CA GLY V 1368 -17.36 -7.48 -91.77
C GLY V 1368 -18.22 -6.86 -92.85
N GLU V 1369 -19.49 -6.64 -92.52
CA GLU V 1369 -20.48 -6.12 -93.47
C GLU V 1369 -20.00 -4.81 -94.10
N THR V 1370 -20.65 -4.46 -95.21
CA THR V 1370 -20.31 -3.27 -95.98
C THR V 1370 -21.20 -2.10 -95.57
N GLY V 1371 -20.76 -0.90 -95.93
CA GLY V 1371 -21.52 0.29 -95.63
C GLY V 1371 -22.76 0.38 -96.50
N ALA V 1372 -23.81 1.02 -95.96
CA ALA V 1372 -25.08 1.14 -96.65
C ALA V 1372 -25.65 2.54 -96.51
N ASP V 1373 -24.79 3.55 -96.50
CA ASP V 1373 -25.28 4.91 -96.47
C ASP V 1373 -25.80 5.32 -97.85
N GLU V 1374 -26.63 6.37 -97.87
CA GLU V 1374 -27.23 6.82 -99.12
C GLU V 1374 -26.43 7.93 -99.77
N VAL V 1375 -26.25 9.05 -99.06
CA VAL V 1375 -25.50 10.20 -99.57
C VAL V 1375 -24.66 10.75 -98.43
N HIS V 1376 -23.39 11.02 -98.71
CA HIS V 1376 -22.50 11.55 -97.66
C HIS V 1376 -22.44 13.07 -97.71
N LEU V 1377 -21.88 13.61 -98.79
CA LEU V 1377 -21.93 15.06 -99.03
C LEU V 1377 -22.55 15.39 -100.38
N ALA V 1378 -21.99 14.84 -101.46
CA ALA V 1378 -22.56 14.98 -102.79
C ALA V 1378 -22.51 13.70 -103.59
N GLN V 1379 -21.78 12.68 -103.14
CA GLN V 1379 -21.72 11.39 -103.82
C GLN V 1379 -22.98 10.60 -103.48
N TYR V 1380 -22.98 9.31 -103.80
CA TYR V 1380 -24.14 8.49 -103.51
C TYR V 1380 -23.71 7.03 -103.45
N LEU V 1381 -24.60 6.19 -102.91
CA LEU V 1381 -24.36 4.77 -102.81
C LEU V 1381 -25.70 4.06 -103.02
N ILE V 1382 -25.88 3.47 -104.18
CA ILE V 1382 -27.10 2.73 -104.49
C ILE V 1382 -26.96 1.32 -103.94
N ARG V 1383 -27.83 0.97 -102.98
CA ARG V 1383 -27.83 -0.36 -102.41
C ARG V 1383 -28.26 -1.38 -103.45
N ASP V 1384 -27.87 -2.63 -103.23
CA ASP V 1384 -28.19 -3.69 -104.18
C ASP V 1384 -29.67 -4.05 -104.10
N ALA V 1385 -30.30 -4.20 -105.25
CA ALA V 1385 -31.70 -4.59 -105.36
C ALA V 1385 -31.88 -5.64 -106.44
N SER V 1386 -30.82 -6.37 -106.72
CA SER V 1386 -30.77 -7.43 -107.72
C SER V 1386 -31.09 -8.77 -107.09
N PRO V 1387 -31.65 -9.71 -107.87
CA PRO V 1387 -31.91 -11.05 -107.32
C PRO V 1387 -30.66 -11.75 -106.80
N LEU V 1388 -29.47 -11.29 -107.17
CA LEU V 1388 -28.23 -11.87 -106.67
C LEU V 1388 -27.81 -11.07 -105.44
N ARG V 1389 -28.34 -11.46 -104.28
CA ARG V 1389 -28.04 -10.79 -103.03
C ARG V 1389 -27.28 -11.64 -102.04
N GLY V 1390 -27.49 -12.95 -102.04
CA GLY V 1390 -26.79 -13.82 -101.12
C GLY V 1390 -25.69 -14.62 -101.79
N CYS V 1391 -25.08 -14.04 -102.82
CA CYS V 1391 -24.02 -14.71 -103.58
C CYS V 1391 -22.93 -13.69 -103.86
N LEU V 1392 -22.05 -14.03 -104.81
CA LEU V 1392 -21.00 -13.13 -105.28
C LEU V 1392 -20.15 -12.63 -104.11
N PRO V 1393 -19.26 -13.47 -103.57
CA PRO V 1393 -18.54 -13.09 -102.35
C PRO V 1393 -17.79 -11.78 -102.49
N LEU V 1394 -17.52 -11.15 -101.35
CA LEU V 1394 -16.98 -9.79 -101.32
C LEU V 1394 -15.59 -9.76 -100.71
N SER W 7 -19.44 89.53 -142.39
CA SER W 7 -19.48 89.17 -140.98
C SER W 7 -20.23 87.86 -140.76
N ARG W 8 -20.06 87.28 -139.58
CA ARG W 8 -20.71 86.02 -139.23
C ARG W 8 -22.07 86.32 -138.62
N VAL W 9 -23.13 86.07 -139.38
CA VAL W 9 -24.51 86.27 -138.92
C VAL W 9 -25.23 84.95 -139.14
N VAL W 10 -25.40 84.17 -138.06
CA VAL W 10 -26.01 82.86 -138.18
C VAL W 10 -27.47 82.91 -138.59
N PHE W 11 -28.10 84.08 -138.54
CA PHE W 11 -29.49 84.21 -138.98
C PHE W 11 -29.62 83.84 -140.45
N ASP W 12 -28.96 84.61 -141.31
CA ASP W 12 -28.88 84.26 -142.73
C ASP W 12 -27.82 83.20 -142.91
N PRO W 13 -28.20 81.95 -143.23
CA PRO W 13 -27.22 80.86 -143.25
C PRO W 13 -26.08 81.06 -144.23
N SER W 14 -26.23 81.95 -145.20
CA SER W 14 -25.14 82.24 -146.14
C SER W 14 -24.06 83.10 -145.51
N ASN W 15 -24.35 83.75 -144.40
CA ASN W 15 -23.38 84.65 -143.77
C ASN W 15 -22.29 83.88 -143.02
N PRO W 16 -22.60 82.94 -142.12
CA PRO W 16 -21.54 82.29 -141.34
C PRO W 16 -20.69 81.39 -142.24
N THR W 17 -19.39 81.65 -142.24
CA THR W 17 -18.44 80.81 -142.96
C THR W 17 -17.11 80.86 -142.22
N THR W 18 -16.30 79.83 -142.43
CA THR W 18 -15.01 79.75 -141.74
C THR W 18 -14.09 80.89 -142.12
N PHE W 19 -14.37 81.60 -143.22
CA PHE W 19 -13.54 82.72 -143.62
C PHE W 19 -13.54 83.81 -142.56
N SER W 20 -14.68 84.03 -141.90
CA SER W 20 -14.78 85.06 -140.88
C SER W 20 -14.55 84.54 -139.47
N VAL W 21 -14.82 83.26 -139.21
CA VAL W 21 -14.66 82.72 -137.87
C VAL W 21 -13.20 82.76 -137.43
N GLU W 22 -12.27 82.57 -138.37
CA GLU W 22 -10.86 82.62 -138.03
C GLU W 22 -10.48 83.99 -137.47
N ALA W 23 -11.06 85.06 -138.04
CA ALA W 23 -10.78 86.39 -137.53
C ALA W 23 -11.34 86.59 -136.14
N ILE W 24 -12.51 85.99 -135.85
CA ILE W 24 -13.11 86.13 -134.53
C ILE W 24 -12.24 85.42 -133.50
N ALA W 25 -12.36 85.84 -132.23
CA ALA W 25 -11.57 85.28 -131.15
C ALA W 25 -12.12 83.94 -130.69
N ALA W 26 -11.67 83.46 -129.54
CA ALA W 26 -12.10 82.18 -129.01
C ALA W 26 -13.33 82.30 -128.12
N TYR W 27 -13.35 83.28 -127.21
CA TYR W 27 -14.46 83.42 -126.27
C TYR W 27 -15.63 84.21 -126.85
N THR W 28 -15.35 85.22 -127.67
CA THR W 28 -16.42 86.06 -128.20
C THR W 28 -17.44 85.31 -129.05
N PRO W 29 -17.09 84.30 -129.87
CA PRO W 29 -18.15 83.60 -130.61
C PRO W 29 -19.13 82.88 -129.71
N VAL W 30 -18.64 82.24 -128.64
CA VAL W 30 -19.54 81.62 -127.68
C VAL W 30 -20.48 82.67 -127.10
N ALA W 31 -19.93 83.81 -126.67
CA ALA W 31 -20.77 84.91 -126.23
C ALA W 31 -21.64 85.44 -127.37
N LEU W 32 -21.11 85.42 -128.60
CA LEU W 32 -21.89 85.86 -129.74
C LEU W 32 -23.11 84.98 -129.95
N ILE W 33 -22.90 83.67 -130.06
CA ILE W 33 -24.00 82.73 -130.27
C ILE W 33 -25.01 82.82 -129.14
N ARG W 34 -24.55 83.12 -127.93
CA ARG W 34 -25.45 83.16 -126.78
C ARG W 34 -26.50 84.25 -126.94
N LEU W 35 -26.09 85.43 -127.40
CA LEU W 35 -27.00 86.57 -127.44
C LEU W 35 -27.89 86.58 -128.68
N LEU W 36 -27.55 85.82 -129.71
CA LEU W 36 -28.36 85.80 -130.92
C LEU W 36 -29.69 85.11 -130.64
N ASN W 37 -30.75 85.66 -131.22
CA ASN W 37 -32.10 85.18 -130.97
C ASN W 37 -32.36 83.89 -131.74
N ALA W 38 -33.46 83.21 -131.37
CA ALA W 38 -33.83 81.97 -132.04
C ALA W 38 -34.44 82.22 -133.40
N SER W 39 -34.97 83.42 -133.64
CA SER W 39 -35.62 83.73 -134.91
C SER W 39 -34.61 83.70 -136.04
N GLY W 40 -34.67 82.66 -136.87
CA GLY W 40 -33.83 82.56 -138.03
C GLY W 40 -34.65 82.66 -139.28
N PRO W 41 -34.23 83.54 -140.21
CA PRO W 41 -34.98 83.71 -141.46
C PRO W 41 -35.00 82.44 -142.27
N LEU W 42 -36.20 81.86 -142.41
CA LEU W 42 -36.35 80.61 -143.15
C LEU W 42 -36.24 80.78 -144.65
N GLN W 43 -36.29 82.02 -145.16
CA GLN W 43 -36.13 82.22 -146.60
C GLN W 43 -34.71 81.90 -147.05
N PRO W 44 -33.65 82.48 -146.46
CA PRO W 44 -32.31 82.01 -146.81
C PRO W 44 -31.99 80.72 -146.09
N GLY W 45 -31.33 79.81 -146.80
CA GLY W 45 -31.00 78.53 -146.24
C GLY W 45 -30.14 77.71 -147.17
N HIS W 46 -29.13 77.04 -146.62
CA HIS W 46 -28.21 76.24 -147.42
C HIS W 46 -28.94 74.97 -147.87
N ARG W 47 -29.19 74.87 -149.18
CA ARG W 47 -29.67 73.63 -149.78
C ARG W 47 -28.56 72.61 -149.95
N VAL W 48 -27.45 72.82 -149.24
CA VAL W 48 -26.20 72.09 -149.43
C VAL W 48 -25.84 71.30 -148.18
N ASP W 49 -26.85 70.75 -147.49
CA ASP W 49 -26.66 70.01 -146.25
C ASP W 49 -26.10 70.95 -145.16
N ILE W 50 -26.99 71.82 -144.68
CA ILE W 50 -26.69 72.87 -143.71
C ILE W 50 -25.77 72.39 -142.60
N ALA W 51 -25.83 71.09 -142.29
CA ALA W 51 -24.87 70.51 -141.35
C ALA W 51 -23.43 70.64 -141.86
N ASP W 52 -23.23 70.94 -143.14
CA ASP W 52 -21.90 71.30 -143.60
C ASP W 52 -21.49 72.65 -143.03
N ALA W 53 -22.42 73.61 -142.96
CA ALA W 53 -22.16 74.86 -142.26
C ALA W 53 -21.88 74.60 -140.79
N ARG W 54 -22.53 73.58 -140.21
CA ARG W 54 -22.14 73.12 -138.89
C ARG W 54 -20.69 72.67 -138.88
N SER W 55 -20.32 71.80 -139.83
CA SER W 55 -18.93 71.39 -139.95
C SER W 55 -18.04 72.57 -140.30
N ILE W 56 -18.55 73.51 -141.09
CA ILE W 56 -17.83 74.76 -141.33
C ILE W 56 -17.64 75.51 -140.02
N TYR W 57 -18.66 75.50 -139.16
CA TYR W 57 -18.54 76.12 -137.85
C TYR W 57 -17.51 75.40 -137.00
N THR W 58 -17.38 74.08 -137.16
CA THR W 58 -16.40 73.32 -136.40
C THR W 58 -14.98 73.67 -136.84
N VAL W 59 -14.71 73.59 -138.14
CA VAL W 59 -13.36 73.87 -138.63
C VAL W 59 -12.99 75.33 -138.39
N GLY W 60 -13.98 76.23 -138.36
CA GLY W 60 -13.70 77.61 -138.01
C GLY W 60 -13.30 77.74 -136.55
N ALA W 61 -14.03 77.06 -135.66
CA ALA W 61 -13.68 77.09 -134.25
C ALA W 61 -12.30 76.47 -134.01
N ALA W 62 -11.95 75.45 -134.78
CA ALA W 62 -10.63 74.86 -134.67
C ALA W 62 -9.55 75.87 -135.06
N ALA W 63 -9.83 76.69 -136.08
CA ALA W 63 -8.86 77.71 -136.49
C ALA W 63 -8.72 78.77 -135.42
N SER W 64 -9.83 79.19 -134.80
CA SER W 64 -9.75 80.15 -133.72
C SER W 64 -9.00 79.57 -132.52
N ALA W 65 -9.21 78.29 -132.23
CA ALA W 65 -8.48 77.65 -131.14
C ALA W 65 -7.00 77.52 -131.50
N ALA W 66 -6.70 77.28 -132.77
CA ALA W 66 -5.30 77.22 -133.20
C ALA W 66 -4.64 78.59 -133.04
N ARG W 67 -5.39 79.67 -133.28
CA ARG W 67 -4.83 81.00 -133.11
C ARG W 67 -4.51 81.28 -131.65
N ALA W 68 -5.42 80.95 -130.74
CA ALA W 68 -5.16 81.14 -129.32
C ALA W 68 -4.02 80.26 -128.84
N ARG W 69 -3.89 79.06 -129.41
CA ARG W 69 -2.79 78.17 -129.03
C ARG W 69 -1.46 78.74 -129.48
N ALA W 70 -1.40 79.30 -130.69
CA ALA W 70 -0.16 79.90 -131.15
C ALA W 70 0.25 81.07 -130.28
N ASN W 71 -0.74 81.81 -129.76
CA ASN W 71 -0.44 82.90 -128.84
C ASN W 71 0.11 82.36 -127.52
N HIS W 72 -0.41 81.23 -127.06
CA HIS W 72 0.06 80.64 -125.81
C HIS W 72 1.45 80.00 -125.97
N ASN W 73 1.80 79.61 -127.20
CA ASN W 73 3.07 78.94 -127.46
C ASN W 73 4.28 79.83 -127.25
N ALA W 74 4.08 81.11 -126.93
CA ALA W 74 5.22 82.00 -126.72
C ALA W 74 6.05 81.57 -125.53
N ASN W 75 5.41 80.98 -124.51
CA ASN W 75 6.11 80.49 -123.34
C ASN W 75 6.18 78.97 -123.29
N THR W 76 5.43 78.28 -124.13
CA THR W 76 5.39 76.82 -124.12
C THR W 76 6.73 76.25 -124.60
N ILE W 77 7.06 75.06 -124.08
CA ILE W 77 8.23 74.31 -124.50
C ILE W 77 7.88 73.52 -125.74
N ARG W 78 8.82 73.44 -126.69
CA ARG W 78 8.61 72.66 -127.90
C ARG W 78 8.49 71.18 -127.56
N ARG W 79 7.44 70.55 -128.04
CA ARG W 79 7.21 69.15 -127.77
C ARG W 79 8.02 68.27 -128.72
N THR W 80 8.26 67.04 -128.29
CA THR W 80 9.05 66.07 -129.04
C THR W 80 8.24 64.79 -129.25
N ALA W 81 8.90 63.78 -129.82
CA ALA W 81 8.26 62.51 -130.08
C ALA W 81 8.20 61.68 -128.80
N MET W 82 7.01 61.14 -128.50
CA MET W 82 6.80 60.34 -127.32
C MET W 82 7.03 58.85 -127.56
N PHE W 83 7.50 58.47 -128.74
CA PHE W 83 7.75 57.07 -129.08
C PHE W 83 9.17 56.92 -129.59
N ALA W 84 9.63 55.66 -129.61
CA ALA W 84 10.95 55.33 -130.12
C ALA W 84 10.86 55.14 -131.64
N GLU W 85 11.94 54.59 -132.22
CA GLU W 85 12.06 54.25 -133.63
C GLU W 85 11.97 55.44 -134.56
N THR W 86 11.85 56.66 -134.04
CA THR W 86 11.72 57.86 -134.85
C THR W 86 12.97 58.71 -134.62
N ASP W 87 13.96 58.53 -135.49
CA ASP W 87 15.23 59.24 -135.37
C ASP W 87 15.94 59.23 -136.71
N PRO W 88 16.59 60.33 -137.10
CA PRO W 88 17.26 60.33 -138.42
C PRO W 88 18.39 59.32 -138.52
N MET W 89 19.31 59.30 -137.57
CA MET W 89 20.42 58.36 -137.57
C MET W 89 20.33 57.52 -136.30
N THR W 90 19.56 56.44 -136.35
CA THR W 90 19.48 55.52 -135.23
C THR W 90 20.73 54.66 -135.09
N TRP W 91 21.58 54.61 -136.12
CA TRP W 91 22.77 53.78 -136.06
C TRP W 91 23.77 54.27 -135.04
N LEU W 92 23.82 55.59 -134.81
CA LEU W 92 24.77 56.15 -133.85
C LEU W 92 24.42 55.74 -132.43
N ARG W 93 23.14 55.86 -132.06
CA ARG W 93 22.71 55.59 -130.70
C ARG W 93 21.21 55.32 -130.73
N PRO W 94 20.69 54.57 -129.76
CA PRO W 94 19.24 54.28 -129.75
C PRO W 94 18.39 55.51 -129.51
N THR W 95 17.07 55.34 -129.53
CA THR W 95 16.13 56.44 -129.40
C THR W 95 14.98 56.04 -128.49
N VAL W 96 14.53 56.97 -127.65
CA VAL W 96 13.41 56.75 -126.75
C VAL W 96 12.43 57.91 -126.89
N GLY W 97 11.23 57.68 -126.37
CA GLY W 97 10.20 58.70 -126.35
C GLY W 97 10.33 59.61 -125.15
N LEU W 98 9.22 60.22 -124.78
CA LEU W 98 9.18 61.14 -123.64
C LEU W 98 7.75 61.26 -123.14
N LYS W 99 7.57 61.11 -121.84
CA LYS W 99 6.24 61.24 -121.23
C LYS W 99 5.95 62.72 -120.98
N ARG W 100 4.85 63.21 -121.55
CA ARG W 100 4.50 64.62 -121.46
C ARG W 100 3.81 64.88 -120.12
N THR W 101 4.63 64.96 -119.07
CA THR W 101 4.18 65.21 -117.71
C THR W 101 4.85 66.45 -117.14
N PHE W 102 4.93 67.51 -117.93
CA PHE W 102 5.62 68.73 -117.54
C PHE W 102 4.65 69.91 -117.51
N ASN W 103 5.22 71.10 -117.30
CA ASN W 103 4.48 72.35 -117.35
C ASN W 103 5.08 73.23 -118.43
N PRO W 104 4.26 73.85 -119.29
CA PRO W 104 4.80 74.69 -120.36
C PRO W 104 5.48 75.96 -119.88
N ARG W 105 5.31 76.34 -118.61
CA ARG W 105 5.90 77.57 -118.11
C ARG W 105 7.42 77.50 -118.16
N ILE W 106 8.04 78.55 -118.71
CA ILE W 106 9.49 78.64 -118.81
C ILE W 106 10.05 79.73 -117.91
N ILE W 107 9.64 80.98 -118.13
CA ILE W 107 10.11 82.10 -117.33
C ILE W 107 9.03 83.19 -117.28
N ILE X 19 44.66 -57.76 -53.61
CA ILE X 19 45.78 -58.70 -53.62
C ILE X 19 45.39 -59.97 -52.87
N ALA X 20 44.54 -59.82 -51.86
CA ALA X 20 44.12 -60.97 -51.06
C ALA X 20 42.63 -60.90 -50.72
N GLY X 21 41.90 -59.93 -51.26
CA GLY X 21 40.49 -59.82 -50.98
C GLY X 21 39.64 -60.64 -51.93
N LEU X 22 40.30 -61.30 -52.89
CA LEU X 22 39.57 -62.11 -53.86
C LEU X 22 38.78 -63.23 -53.18
N PHE X 23 39.35 -63.83 -52.13
CA PHE X 23 38.63 -64.79 -51.31
C PHE X 23 38.74 -64.32 -49.86
N ASN X 24 38.31 -65.17 -48.94
CA ASN X 24 38.43 -64.88 -47.51
C ASN X 24 39.29 -65.92 -46.82
N ILE X 25 39.99 -65.46 -45.78
CA ILE X 25 41.02 -66.26 -45.12
C ILE X 25 40.43 -67.40 -44.29
N PRO X 26 39.59 -67.13 -43.28
CA PRO X 26 39.22 -68.20 -42.34
C PRO X 26 38.03 -69.04 -42.77
N ALA X 27 37.66 -69.02 -44.05
CA ALA X 27 36.48 -69.74 -44.53
C ALA X 27 36.47 -71.19 -44.04
N GLY X 28 37.46 -71.97 -44.46
CA GLY X 28 37.63 -73.34 -44.02
C GLY X 28 36.38 -74.18 -44.07
N ILE X 29 35.86 -74.42 -45.28
CA ILE X 29 34.61 -75.18 -45.41
C ILE X 29 34.83 -76.64 -45.02
N ILE X 30 35.70 -77.33 -45.76
CA ILE X 30 36.12 -78.67 -45.37
C ILE X 30 37.63 -78.75 -45.53
N PRO X 31 38.38 -78.87 -44.45
CA PRO X 31 39.84 -78.90 -44.57
C PRO X 31 40.34 -80.25 -45.06
N THR X 32 40.30 -80.46 -46.37
CA THR X 32 40.77 -81.72 -46.95
C THR X 32 42.29 -81.78 -46.86
N GLY X 33 42.80 -82.77 -46.13
CA GLY X 33 44.23 -82.92 -45.96
C GLY X 33 44.79 -82.11 -44.80
N ASN X 34 45.51 -82.77 -43.91
CA ASN X 34 46.14 -82.10 -42.77
C ASN X 34 47.61 -81.86 -43.06
N VAL X 35 48.10 -80.73 -42.57
CA VAL X 35 49.50 -80.34 -42.74
C VAL X 35 50.34 -81.05 -41.69
N LEU X 36 51.47 -81.59 -42.13
CA LEU X 36 52.42 -82.27 -41.25
C LEU X 36 53.58 -81.35 -40.91
N SER X 37 54.40 -81.80 -39.97
CA SER X 37 55.55 -81.04 -39.50
C SER X 37 55.12 -79.67 -38.97
N THR X 38 54.35 -79.70 -37.89
CA THR X 38 53.83 -78.48 -37.28
C THR X 38 54.98 -77.76 -36.57
N ILE X 39 55.78 -77.05 -37.35
CA ILE X 39 56.89 -76.27 -36.85
C ILE X 39 56.51 -74.79 -36.88
N GLU X 40 57.38 -73.97 -36.31
CA GLU X 40 57.16 -72.52 -36.33
C GLU X 40 57.02 -72.05 -37.77
N VAL X 41 55.95 -71.30 -38.05
CA VAL X 41 55.73 -70.76 -39.38
C VAL X 41 56.14 -69.30 -39.48
N CYS X 42 56.50 -68.66 -38.37
CA CYS X 42 56.92 -67.27 -38.38
C CYS X 42 58.37 -67.10 -38.80
N ALA X 43 59.16 -68.17 -38.81
CA ALA X 43 60.56 -68.06 -39.16
C ALA X 43 60.73 -67.59 -40.60
N HIS X 44 59.96 -68.16 -41.53
CA HIS X 44 60.03 -67.83 -42.95
C HIS X 44 58.66 -67.32 -43.39
N ARG X 45 58.46 -66.02 -43.23
CA ARG X 45 57.19 -65.37 -43.54
C ARG X 45 57.19 -64.69 -44.89
N CYS X 46 58.33 -64.65 -45.58
CA CYS X 46 58.43 -64.05 -46.91
C CYS X 46 58.21 -65.05 -48.02
N ILE X 47 57.86 -66.29 -47.69
CA ILE X 47 57.64 -67.32 -48.71
C ILE X 47 56.22 -67.28 -49.26
N PHE X 48 55.23 -66.89 -48.46
CA PHE X 48 53.86 -66.81 -48.88
C PHE X 48 53.58 -65.43 -49.46
N ASP X 49 52.30 -65.12 -49.69
CA ASP X 49 51.87 -63.80 -50.11
C ASP X 49 51.02 -63.08 -49.07
N PHE X 50 50.46 -63.80 -48.11
CA PHE X 50 49.59 -63.24 -47.08
C PHE X 50 49.80 -64.02 -45.80
N PHE X 51 50.32 -63.34 -44.77
CA PHE X 51 50.62 -64.00 -43.50
C PHE X 51 50.22 -63.08 -42.35
N LYS X 52 49.15 -63.45 -41.65
CA LYS X 52 48.73 -62.72 -40.46
C LYS X 52 48.56 -63.73 -39.33
N GLN X 53 49.35 -63.57 -38.27
CA GLN X 53 49.21 -64.39 -37.07
C GLN X 53 48.61 -63.52 -35.97
N ILE X 54 47.75 -64.14 -35.15
CA ILE X 54 47.00 -63.42 -34.13
C ILE X 54 47.07 -64.18 -32.81
N ARG X 55 46.77 -63.46 -31.73
CA ARG X 55 46.69 -64.05 -30.40
C ARG X 55 45.33 -64.72 -30.18
N SER X 56 45.02 -65.03 -28.92
CA SER X 56 43.78 -65.73 -28.56
C SER X 56 42.55 -65.13 -29.23
N ASP X 57 42.34 -63.83 -29.08
CA ASP X 57 41.16 -63.16 -29.62
C ASP X 57 41.55 -61.93 -30.42
N ASP X 58 41.18 -61.93 -31.71
CA ASP X 58 41.34 -60.77 -32.56
C ASP X 58 39.97 -60.50 -33.20
N ASN X 59 39.60 -59.24 -33.29
CA ASN X 59 38.33 -58.85 -33.88
C ASN X 59 38.38 -59.04 -35.40
N SER X 60 37.32 -58.64 -36.10
CA SER X 60 37.25 -58.73 -37.56
C SER X 60 37.30 -60.17 -38.04
N LEU X 61 36.73 -61.08 -37.25
CA LEU X 61 36.49 -62.45 -37.69
C LEU X 61 35.00 -62.75 -37.79
N TYR X 62 34.15 -61.72 -37.62
CA TYR X 62 32.70 -61.88 -37.55
C TYR X 62 32.01 -60.82 -38.40
N SER X 63 32.50 -60.63 -39.61
CA SER X 63 31.96 -59.64 -40.53
C SER X 63 31.23 -60.32 -41.68
N ALA X 64 30.39 -59.54 -42.36
CA ALA X 64 29.58 -60.07 -43.46
C ALA X 64 29.27 -58.95 -44.42
N GLN X 65 29.58 -59.15 -45.70
CA GLN X 65 29.40 -58.13 -46.74
C GLN X 65 28.94 -58.83 -48.00
N PHE X 66 27.84 -58.38 -48.61
CA PHE X 66 27.41 -59.00 -49.86
C PHE X 66 26.46 -58.10 -50.63
N ASP X 67 26.44 -58.26 -51.96
CA ASP X 67 25.63 -57.46 -52.87
C ASP X 67 24.78 -58.41 -53.70
N ILE X 68 23.59 -58.71 -53.20
CA ILE X 68 22.70 -59.65 -53.86
C ILE X 68 22.03 -58.98 -55.05
N LEU X 69 21.79 -59.77 -56.11
CA LEU X 69 20.96 -59.28 -57.20
C LEU X 69 19.50 -59.23 -56.75
N LEU X 70 18.73 -58.34 -57.39
CA LEU X 70 17.35 -58.10 -57.01
C LEU X 70 16.38 -58.49 -58.11
N GLY X 71 16.84 -59.25 -59.10
CA GLY X 71 15.97 -59.73 -60.15
C GLY X 71 16.39 -59.24 -61.52
N THR X 72 15.91 -59.95 -62.54
CA THR X 72 16.17 -59.61 -63.92
C THR X 72 14.85 -59.58 -64.68
N TYR X 73 14.66 -58.56 -65.51
CA TYR X 73 13.46 -58.42 -66.31
C TYR X 73 13.84 -58.27 -67.78
N CYS X 74 12.85 -58.39 -68.64
CA CYS X 74 13.04 -58.28 -70.09
C CYS X 74 11.67 -58.07 -70.71
N ASN X 75 11.64 -58.00 -72.05
CA ASN X 75 10.40 -57.83 -72.78
C ASN X 75 10.41 -58.72 -74.00
N THR X 76 9.22 -59.13 -74.42
CA THR X 76 9.04 -59.98 -75.59
C THR X 76 8.37 -59.16 -76.68
N LEU X 77 9.05 -59.00 -77.81
CA LEU X 77 8.51 -58.21 -78.90
C LEU X 77 7.33 -58.91 -79.55
N ASN X 78 6.32 -58.13 -79.93
CA ASN X 78 5.13 -58.65 -80.59
C ASN X 78 5.25 -58.43 -82.08
N PHE X 79 4.84 -59.44 -82.85
CA PHE X 79 4.92 -59.40 -84.30
C PHE X 79 3.54 -59.09 -84.89
N VAL X 80 3.53 -58.22 -85.90
CA VAL X 80 2.30 -57.82 -86.57
C VAL X 80 2.30 -58.40 -87.97
N ARG X 81 1.11 -58.69 -88.47
CA ARG X 81 0.92 -59.22 -89.82
C ARG X 81 0.18 -58.21 -90.67
N PHE X 82 0.46 -58.23 -91.97
CA PHE X 82 -0.10 -57.21 -92.86
C PHE X 82 -1.57 -57.44 -93.14
N LEU X 83 -1.96 -58.69 -93.38
CA LEU X 83 -3.34 -58.98 -93.74
C LEU X 83 -4.32 -58.67 -92.62
N GLU X 84 -3.85 -58.59 -91.38
CA GLU X 84 -4.73 -58.29 -90.25
C GLU X 84 -5.03 -56.81 -90.13
N LEU X 85 -4.34 -55.95 -90.86
CA LEU X 85 -4.55 -54.51 -90.80
C LEU X 85 -5.70 -54.12 -91.71
N GLY X 86 -6.12 -52.86 -91.60
CA GLY X 86 -7.16 -52.34 -92.48
C GLY X 86 -6.67 -51.94 -93.85
N LEU X 87 -5.36 -51.95 -94.07
CA LEU X 87 -4.78 -51.59 -95.35
C LEU X 87 -4.88 -52.70 -96.38
N SER X 88 -5.41 -53.86 -96.00
CA SER X 88 -5.50 -54.99 -96.91
C SER X 88 -6.70 -54.90 -97.84
N VAL X 89 -7.72 -54.13 -97.48
CA VAL X 89 -8.91 -53.98 -98.32
C VAL X 89 -8.70 -52.82 -99.27
N ALA X 90 -7.47 -52.29 -99.30
CA ALA X 90 -7.12 -51.20 -100.20
C ALA X 90 -6.32 -51.68 -101.39
N CYS X 91 -5.94 -52.95 -101.43
CA CYS X 91 -5.12 -53.47 -102.52
C CYS X 91 -5.30 -54.97 -102.59
N ILE X 92 -4.77 -55.57 -103.66
CA ILE X 92 -4.80 -57.01 -103.87
C ILE X 92 -3.37 -57.51 -103.88
N CYS X 93 -3.09 -58.50 -103.03
CA CYS X 93 -1.74 -59.02 -102.86
C CYS X 93 -1.63 -60.37 -103.55
N THR X 94 -0.68 -60.49 -104.48
CA THR X 94 -0.35 -61.75 -105.14
C THR X 94 1.16 -61.92 -105.13
N LYS X 95 1.63 -63.04 -105.67
CA LYS X 95 3.06 -63.31 -105.66
C LYS X 95 3.45 -64.20 -106.83
N PHE X 96 4.51 -63.79 -107.52
CA PHE X 96 5.19 -64.60 -108.52
C PHE X 96 6.51 -65.08 -107.95
N PRO X 97 6.74 -66.39 -107.88
CA PRO X 97 8.09 -66.86 -107.53
C PRO X 97 9.15 -66.37 -108.49
N GLU X 98 8.76 -65.90 -109.68
CA GLU X 98 9.68 -65.31 -110.65
C GLU X 98 9.29 -63.84 -110.82
N LEU X 99 9.99 -62.98 -110.09
CA LEU X 99 9.83 -61.54 -110.24
C LEU X 99 11.12 -60.81 -110.52
N ALA X 100 12.27 -61.46 -110.31
CA ALA X 100 13.55 -60.86 -110.65
C ALA X 100 13.89 -61.02 -112.12
N TYR X 101 12.96 -61.52 -112.94
CA TYR X 101 13.21 -61.74 -114.35
C TYR X 101 12.05 -61.25 -115.22
N VAL X 102 11.16 -60.42 -114.67
CA VAL X 102 9.98 -60.02 -115.43
C VAL X 102 10.35 -59.09 -116.57
N ARG X 103 11.43 -58.31 -116.40
CA ARG X 103 12.03 -57.46 -117.44
C ARG X 103 10.96 -56.70 -118.23
N ASP X 104 10.31 -55.78 -117.52
CA ASP X 104 9.34 -54.85 -118.11
C ASP X 104 8.13 -55.59 -118.70
N GLY X 105 7.38 -56.21 -117.80
CA GLY X 105 6.08 -56.76 -118.14
C GLY X 105 5.00 -55.68 -118.15
N VAL X 106 3.77 -56.10 -118.44
CA VAL X 106 2.64 -55.19 -118.53
C VAL X 106 1.35 -55.99 -118.41
N ILE X 107 0.28 -55.34 -117.96
CA ILE X 107 -1.04 -55.97 -117.86
C ILE X 107 -2.06 -55.01 -118.46
N GLN X 108 -3.20 -55.57 -118.88
CA GLN X 108 -4.25 -54.79 -119.52
C GLN X 108 -5.56 -55.54 -119.42
N PHE X 109 -6.64 -54.81 -119.67
CA PHE X 109 -7.98 -55.37 -119.68
C PHE X 109 -8.82 -54.56 -120.67
N GLU X 110 -10.13 -54.81 -120.71
CA GLU X 110 -10.98 -54.16 -121.68
C GLU X 110 -12.25 -53.63 -121.02
N VAL X 111 -12.50 -52.34 -121.20
CA VAL X 111 -13.75 -51.70 -120.81
C VAL X 111 -14.09 -50.68 -121.91
N GLN X 112 -15.38 -50.53 -122.19
CA GLN X 112 -15.84 -49.59 -123.20
C GLN X 112 -16.87 -48.63 -122.63
N GLN X 113 -16.94 -47.45 -123.22
CA GLN X 113 -17.86 -46.44 -122.75
C GLN X 113 -19.14 -46.46 -123.56
N PRO X 114 -20.28 -46.19 -122.93
CA PRO X 114 -21.56 -46.22 -123.64
C PRO X 114 -21.75 -44.93 -124.44
N MET X 115 -22.94 -44.81 -125.04
CA MET X 115 -23.31 -43.63 -125.79
C MET X 115 -24.82 -43.59 -125.93
N ILE X 116 -25.32 -42.53 -126.55
CA ILE X 116 -26.74 -42.32 -126.73
C ILE X 116 -27.01 -42.08 -128.22
N ALA X 117 -28.28 -41.85 -128.55
CA ALA X 117 -28.70 -41.63 -129.92
C ALA X 117 -29.59 -40.40 -129.97
N ARG X 118 -29.22 -39.45 -130.82
CA ARG X 118 -30.00 -38.24 -131.03
C ARG X 118 -30.14 -37.99 -132.52
N ASP X 119 -30.88 -36.94 -132.87
CA ASP X 119 -31.04 -36.53 -134.25
C ASP X 119 -31.19 -35.02 -134.30
N GLY X 120 -31.17 -34.48 -135.51
CA GLY X 120 -31.24 -33.05 -135.72
C GLY X 120 -30.05 -32.54 -136.51
N PRO X 121 -29.73 -31.26 -136.36
CA PRO X 121 -28.59 -30.65 -137.08
C PRO X 121 -27.24 -30.95 -136.43
N HIS X 122 -27.02 -32.22 -136.12
CA HIS X 122 -25.76 -32.67 -135.54
C HIS X 122 -25.37 -34.00 -136.16
N PRO X 123 -24.07 -34.31 -136.21
CA PRO X 123 -23.63 -35.56 -136.84
C PRO X 123 -24.09 -36.78 -136.05
N VAL X 124 -24.16 -37.91 -136.75
CA VAL X 124 -24.54 -39.16 -136.12
C VAL X 124 -23.46 -39.60 -135.13
N ASP X 125 -23.84 -40.49 -134.21
CA ASP X 125 -22.95 -40.96 -133.17
C ASP X 125 -22.54 -42.41 -133.44
N GLN X 126 -21.30 -42.73 -133.09
CA GLN X 126 -20.69 -44.03 -133.33
C GLN X 126 -20.11 -44.60 -132.05
N PRO X 127 -20.30 -45.89 -131.79
CA PRO X 127 -19.67 -46.51 -130.62
C PRO X 127 -18.15 -46.46 -130.70
N VAL X 128 -17.53 -46.27 -129.54
CA VAL X 128 -16.08 -46.18 -129.44
C VAL X 128 -15.61 -47.18 -128.40
N HIS X 129 -14.61 -47.98 -128.76
CA HIS X 129 -13.97 -48.91 -127.85
C HIS X 129 -12.59 -48.36 -127.49
N ASN X 130 -12.15 -48.62 -126.27
CA ASN X 130 -10.87 -48.15 -125.79
C ASN X 130 -9.97 -49.33 -125.44
N TYR X 131 -8.67 -49.15 -125.68
CA TYR X 131 -7.66 -50.15 -125.37
C TYR X 131 -6.52 -49.48 -124.64
N MET X 132 -6.24 -49.94 -123.43
CA MET X 132 -5.22 -49.32 -122.59
C MET X 132 -4.37 -50.40 -121.94
N VAL X 133 -3.12 -50.03 -121.65
CA VAL X 133 -2.18 -50.90 -120.95
C VAL X 133 -1.56 -50.10 -119.82
N LYS X 134 -1.32 -50.75 -118.69
CA LYS X 134 -0.71 -50.11 -117.54
C LYS X 134 0.60 -50.82 -117.22
N ARG X 135 1.70 -50.07 -117.25
CA ARG X 135 3.01 -50.67 -117.03
C ARG X 135 3.19 -51.07 -115.58
N ILE X 136 4.29 -51.74 -115.31
CA ILE X 136 4.59 -52.31 -114.00
C ILE X 136 5.85 -51.64 -113.45
N HIS X 137 5.73 -51.03 -112.28
CA HIS X 137 6.88 -50.48 -111.58
C HIS X 137 7.41 -51.49 -110.57
N LYS X 138 8.72 -51.45 -110.36
CA LYS X 138 9.39 -52.44 -109.52
C LYS X 138 10.28 -51.74 -108.52
N ARG X 139 10.18 -52.14 -107.25
CA ARG X 139 11.05 -51.65 -106.20
C ARG X 139 11.46 -52.83 -105.33
N SER X 140 12.59 -52.68 -104.64
CA SER X 140 13.18 -53.75 -103.85
C SER X 140 13.17 -53.39 -102.37
N LEU X 141 13.33 -54.41 -101.53
CA LEU X 141 13.39 -54.26 -100.09
C LEU X 141 14.62 -54.97 -99.56
N SER X 142 15.35 -54.30 -98.66
CA SER X 142 16.59 -54.84 -98.12
C SER X 142 16.65 -54.63 -96.61
N ALA X 143 17.13 -55.65 -95.90
CA ALA X 143 17.32 -55.59 -94.46
C ALA X 143 18.62 -56.28 -94.11
N ALA X 144 19.50 -55.58 -93.38
CA ALA X 144 20.83 -56.08 -93.10
C ALA X 144 20.82 -57.03 -91.90
N PHE X 145 21.99 -57.60 -91.62
CA PHE X 145 22.14 -58.56 -90.52
C PHE X 145 23.64 -58.70 -90.25
N ALA X 146 24.05 -58.43 -89.02
CA ALA X 146 25.45 -58.44 -88.65
C ALA X 146 25.76 -59.62 -87.73
N ILE X 147 27.02 -60.05 -87.76
CA ILE X 147 27.50 -61.18 -86.96
C ILE X 147 28.86 -60.81 -86.37
N ALA X 148 29.07 -61.18 -85.11
CA ALA X 148 30.31 -60.88 -84.42
C ALA X 148 31.41 -61.87 -84.83
N SER X 149 32.64 -61.33 -84.91
CA SER X 149 33.76 -62.16 -85.32
C SER X 149 34.07 -63.24 -84.31
N GLU X 150 33.96 -62.93 -83.01
CA GLU X 150 34.19 -63.94 -81.99
C GLU X 150 33.14 -65.04 -82.05
N ALA X 151 31.89 -64.67 -82.35
CA ALA X 151 30.85 -65.69 -82.50
C ALA X 151 31.12 -66.55 -83.73
N LEU X 152 31.56 -65.94 -84.83
CA LEU X 152 31.90 -66.70 -86.01
C LEU X 152 33.04 -67.68 -85.72
N SER X 153 34.05 -67.23 -84.97
CA SER X 153 35.14 -68.11 -84.62
C SER X 153 34.68 -69.23 -83.69
N LEU X 154 33.75 -68.93 -82.78
CA LEU X 154 33.22 -69.96 -81.89
C LEU X 154 32.41 -70.99 -82.67
N LEU X 155 31.76 -70.57 -83.75
CA LEU X 155 30.95 -71.49 -84.54
C LEU X 155 31.77 -72.30 -85.53
N SER X 156 32.85 -71.74 -86.07
CA SER X 156 33.66 -72.41 -87.07
C SER X 156 34.72 -73.33 -86.48
N ASN X 157 34.56 -73.77 -85.23
CA ASN X 157 35.57 -74.62 -84.62
C ASN X 157 35.51 -76.04 -85.18
N THR X 158 34.31 -76.53 -85.47
CA THR X 158 34.09 -77.88 -85.99
C THR X 158 34.69 -78.93 -85.05
N TYR X 159 34.17 -78.95 -83.82
CA TYR X 159 34.46 -79.98 -82.83
C TYR X 159 35.96 -80.12 -82.57
N VAL X 160 36.55 -79.04 -82.05
CA VAL X 160 37.92 -79.05 -81.58
C VAL X 160 37.91 -78.63 -80.12
N ASP X 161 36.78 -78.88 -79.46
CA ASP X 161 36.50 -78.39 -78.11
C ASP X 161 35.68 -79.45 -77.39
N GLY X 162 34.98 -79.05 -76.33
CA GLY X 162 34.24 -80.00 -75.53
C GLY X 162 34.37 -79.77 -74.03
N THR X 163 34.93 -78.62 -73.66
CA THR X 163 35.00 -78.23 -72.26
C THR X 163 33.65 -77.68 -71.82
N GLU X 164 33.62 -77.01 -70.67
CA GLU X 164 32.38 -76.46 -70.13
C GLU X 164 32.31 -74.94 -70.26
N ILE X 165 33.40 -74.28 -70.63
CA ILE X 165 33.41 -72.83 -70.81
C ILE X 165 33.00 -72.45 -72.23
N ASP X 166 32.49 -73.42 -73.00
CA ASP X 166 32.00 -73.14 -74.35
C ASP X 166 30.62 -73.72 -74.62
N SER X 167 30.18 -74.72 -73.86
CA SER X 167 28.82 -75.24 -74.04
C SER X 167 27.78 -74.15 -73.84
N SER X 168 28.06 -73.19 -72.97
CA SER X 168 27.16 -72.06 -72.76
C SER X 168 27.41 -70.93 -73.75
N LEU X 169 28.67 -70.75 -74.17
CA LEU X 169 28.97 -69.71 -75.15
C LEU X 169 28.31 -69.99 -76.49
N ARG X 170 28.37 -71.25 -76.95
CA ARG X 170 27.71 -71.60 -78.20
C ARG X 170 26.20 -71.46 -78.08
N ILE X 171 25.65 -71.80 -76.91
CA ILE X 171 24.21 -71.68 -76.70
C ILE X 171 23.78 -70.22 -76.77
N ARG X 172 24.53 -69.34 -76.09
CA ARG X 172 24.18 -67.93 -76.15
C ARG X 172 24.39 -67.35 -77.55
N ALA X 173 25.37 -67.86 -78.29
CA ALA X 173 25.56 -67.41 -79.66
C ALA X 173 24.37 -67.77 -80.54
N ILE X 174 23.92 -69.03 -80.48
CA ILE X 174 22.79 -69.42 -81.30
C ILE X 174 21.52 -68.75 -80.82
N GLN X 175 21.42 -68.43 -79.53
CA GLN X 175 20.25 -67.72 -79.04
C GLN X 175 20.23 -66.28 -79.57
N GLN X 176 21.39 -65.62 -79.59
CA GLN X 176 21.47 -64.31 -80.21
C GLN X 176 21.11 -64.39 -81.70
N MET X 177 21.58 -65.43 -82.37
CA MET X 177 21.24 -65.63 -83.77
C MET X 177 19.73 -65.72 -83.97
N ALA X 178 19.06 -66.54 -83.16
CA ALA X 178 17.62 -66.71 -83.28
C ALA X 178 16.88 -65.41 -82.97
N ARG X 179 17.29 -64.73 -81.90
CA ARG X 179 16.62 -63.48 -81.52
C ARG X 179 16.79 -62.41 -82.58
N ASN X 180 17.92 -62.41 -83.28
CA ASN X 180 18.11 -61.44 -84.36
C ASN X 180 17.28 -61.81 -85.59
N LEU X 181 17.31 -63.10 -85.97
CA LEU X 181 16.60 -63.52 -87.18
C LEU X 181 15.10 -63.34 -87.02
N ARG X 182 14.57 -63.55 -85.82
CA ARG X 182 13.13 -63.42 -85.62
C ARG X 182 12.65 -62.00 -85.89
N THR X 183 13.52 -61.01 -85.74
CA THR X 183 13.16 -59.63 -86.05
C THR X 183 13.50 -59.26 -87.47
N VAL X 184 14.62 -59.75 -88.00
CA VAL X 184 14.91 -59.49 -89.41
C VAL X 184 13.82 -60.06 -90.31
N LEU X 185 13.20 -61.16 -89.92
CA LEU X 185 12.10 -61.71 -90.71
C LEU X 185 10.89 -60.79 -90.66
N ASP X 186 10.48 -60.37 -89.46
CA ASP X 186 9.31 -59.52 -89.31
C ASP X 186 9.52 -58.13 -89.90
N SER X 187 10.76 -57.74 -90.15
CA SER X 187 11.01 -56.43 -90.75
C SER X 187 10.32 -56.30 -92.11
N PHE X 188 10.30 -57.36 -92.90
CA PHE X 188 9.67 -57.29 -94.21
C PHE X 188 8.14 -57.23 -94.08
N GLU X 189 7.59 -58.02 -93.17
CA GLU X 189 6.15 -57.96 -92.92
C GLU X 189 5.73 -56.57 -92.46
N ARG X 190 6.58 -55.89 -91.71
CA ARG X 190 6.28 -54.52 -91.30
C ARG X 190 6.48 -53.53 -92.43
N GLY X 191 7.48 -53.76 -93.29
CA GLY X 191 7.76 -52.83 -94.37
C GLY X 191 6.81 -52.94 -95.54
N THR X 192 6.04 -54.02 -95.64
CA THR X 192 4.99 -54.10 -96.64
C THR X 192 3.99 -52.96 -96.46
N ALA X 193 3.53 -52.75 -95.23
CA ALA X 193 2.60 -51.68 -94.91
C ALA X 193 3.25 -50.30 -94.97
N ASP X 194 4.56 -50.23 -95.11
CA ASP X 194 5.23 -48.96 -95.33
C ASP X 194 5.37 -48.64 -96.81
N GLN X 195 5.66 -49.65 -97.62
CA GLN X 195 5.60 -49.48 -99.07
C GLN X 195 4.19 -49.08 -99.50
N LEU X 196 3.19 -49.83 -99.05
CA LEU X 196 1.83 -49.34 -99.12
C LEU X 196 1.66 -48.18 -98.15
N LEU X 197 0.61 -47.38 -98.36
CA LEU X 197 0.33 -46.21 -97.55
C LEU X 197 1.38 -45.13 -97.80
N GLY X 198 2.42 -45.48 -98.55
CA GLY X 198 3.45 -44.54 -98.93
C GLY X 198 3.46 -44.40 -100.43
N VAL X 199 3.01 -45.45 -101.12
CA VAL X 199 2.82 -45.36 -102.56
C VAL X 199 1.55 -44.56 -102.90
N LEU X 200 0.52 -44.65 -102.05
CA LEU X 200 -0.76 -44.02 -102.37
C LEU X 200 -0.73 -42.50 -102.27
N LEU X 201 0.26 -41.94 -101.57
CA LEU X 201 0.32 -40.49 -101.44
C LEU X 201 0.65 -39.83 -102.77
N GLU X 202 1.30 -40.55 -103.68
CA GLU X 202 1.58 -40.01 -105.01
C GLU X 202 0.40 -40.17 -105.96
N LYS X 203 -0.50 -41.10 -105.68
CA LYS X 203 -1.71 -41.27 -106.47
C LYS X 203 -2.85 -40.37 -106.00
N ALA X 204 -2.84 -39.95 -104.74
CA ALA X 204 -3.91 -39.14 -104.19
C ALA X 204 -3.68 -37.67 -104.52
N PRO X 205 -4.57 -37.00 -105.25
CA PRO X 205 -4.44 -35.57 -105.44
C PRO X 205 -5.17 -34.81 -104.35
N PRO X 206 -4.98 -33.50 -104.25
CA PRO X 206 -5.67 -32.73 -103.20
C PRO X 206 -7.17 -32.72 -103.40
N LEU X 207 -7.89 -32.87 -102.28
CA LEU X 207 -9.35 -32.87 -102.33
C LEU X 207 -9.89 -31.53 -102.78
N SER X 208 -9.27 -30.43 -102.33
CA SER X 208 -9.73 -29.10 -102.69
C SER X 208 -9.79 -28.90 -104.19
N LEU X 209 -8.97 -29.61 -104.96
CA LEU X 209 -9.02 -29.56 -106.41
C LEU X 209 -9.83 -30.69 -107.02
N LEU X 210 -9.78 -31.88 -106.43
CA LEU X 210 -10.50 -33.01 -107.01
C LEU X 210 -12.01 -32.85 -106.90
N SER X 211 -12.49 -32.15 -105.87
CA SER X 211 -13.95 -32.06 -105.68
C SER X 211 -14.63 -31.24 -106.77
N PRO X 212 -14.26 -29.98 -107.01
CA PRO X 212 -14.99 -29.22 -108.05
C PRO X 212 -14.74 -29.73 -109.44
N ILE X 213 -13.55 -30.28 -109.72
CA ILE X 213 -13.29 -30.87 -111.03
C ILE X 213 -14.27 -32.00 -111.30
N ASN X 214 -14.41 -32.93 -110.35
CA ASN X 214 -15.37 -34.02 -110.50
C ASN X 214 -16.79 -33.49 -110.56
N LYS X 215 -17.10 -32.44 -109.81
CA LYS X 215 -18.46 -31.90 -109.82
C LYS X 215 -18.83 -31.33 -111.18
N PHE X 216 -17.88 -30.63 -111.83
CA PHE X 216 -18.14 -30.01 -113.13
C PHE X 216 -17.68 -30.96 -114.21
N GLN X 217 -18.52 -31.93 -114.55
CA GLN X 217 -18.23 -32.92 -115.60
C GLN X 217 -19.41 -32.96 -116.56
N PRO X 218 -19.59 -31.91 -117.36
CA PRO X 218 -20.64 -31.96 -118.39
C PRO X 218 -20.23 -32.79 -119.59
N GLU X 219 -19.01 -32.59 -120.09
CA GLU X 219 -18.52 -33.32 -121.24
C GLU X 219 -17.04 -33.67 -121.17
N GLY X 220 -16.36 -33.38 -120.06
CA GLY X 220 -14.94 -33.64 -119.97
C GLY X 220 -14.10 -32.45 -120.37
N HIS X 221 -14.09 -32.11 -121.66
CA HIS X 221 -13.36 -30.94 -122.13
C HIS X 221 -14.27 -29.72 -122.09
N LEU X 222 -13.71 -28.60 -121.64
CA LEU X 222 -14.46 -27.36 -121.53
C LEU X 222 -13.83 -26.31 -122.43
N ASN X 223 -14.63 -25.31 -122.78
CA ASN X 223 -14.14 -24.17 -123.54
C ASN X 223 -13.38 -23.22 -122.61
N ARG X 224 -12.85 -22.13 -123.19
CA ARG X 224 -12.05 -21.21 -122.42
C ARG X 224 -12.88 -20.53 -121.32
N VAL X 225 -14.13 -20.19 -121.63
CA VAL X 225 -14.97 -19.49 -120.66
C VAL X 225 -15.24 -20.37 -119.45
N ALA X 226 -15.74 -21.58 -119.70
CA ALA X 226 -16.01 -22.50 -118.61
C ALA X 226 -14.73 -22.84 -117.85
N ARG X 227 -13.61 -22.93 -118.56
CA ARG X 227 -12.34 -23.23 -117.91
C ARG X 227 -11.94 -22.11 -116.96
N ALA X 228 -12.11 -20.85 -117.39
CA ALA X 228 -11.76 -19.73 -116.53
C ALA X 228 -12.68 -19.66 -115.31
N ALA X 229 -13.97 -19.90 -115.51
CA ALA X 229 -14.89 -19.91 -114.38
C ALA X 229 -14.50 -21.00 -113.38
N LEU X 230 -14.20 -22.20 -113.88
CA LEU X 230 -13.76 -23.28 -113.01
C LEU X 230 -12.45 -22.94 -112.30
N LEU X 231 -11.57 -22.19 -112.96
CA LEU X 231 -10.33 -21.79 -112.32
C LEU X 231 -10.57 -20.81 -111.18
N SER X 232 -11.45 -19.84 -111.39
CA SER X 232 -11.82 -18.94 -110.29
C SER X 232 -12.42 -19.73 -109.13
N ASP X 233 -13.28 -20.70 -109.44
CA ASP X 233 -13.82 -21.57 -108.40
C ASP X 233 -12.72 -22.28 -107.65
N LEU X 234 -11.74 -22.82 -108.37
CA LEU X 234 -10.65 -23.57 -107.75
C LEU X 234 -9.85 -22.68 -106.81
N LYS X 235 -9.56 -21.45 -107.25
CA LYS X 235 -8.81 -20.53 -106.40
C LYS X 235 -9.58 -20.19 -105.15
N ARG X 236 -10.86 -19.81 -105.30
CA ARG X 236 -11.68 -19.52 -104.13
C ARG X 236 -11.71 -20.69 -103.16
N ARG X 237 -11.82 -21.90 -103.69
CA ARG X 237 -11.92 -23.07 -102.83
C ARG X 237 -10.61 -23.33 -102.09
N VAL X 238 -9.49 -23.31 -102.81
CA VAL X 238 -8.22 -23.67 -102.20
C VAL X 238 -7.76 -22.60 -101.22
N CYS X 239 -8.18 -21.35 -101.43
CA CYS X 239 -7.80 -20.32 -100.47
C CYS X 239 -8.53 -20.50 -99.14
N ALA X 240 -9.64 -21.23 -99.13
CA ALA X 240 -10.50 -21.32 -97.97
C ALA X 240 -10.39 -22.64 -97.23
N ASP X 241 -10.55 -23.77 -97.92
CA ASP X 241 -10.70 -25.06 -97.24
C ASP X 241 -9.34 -25.66 -96.86
N MET X 242 -8.51 -24.81 -96.25
CA MET X 242 -7.14 -25.23 -95.94
C MET X 242 -7.11 -26.20 -94.76
N PHE X 243 -7.64 -25.79 -93.61
CA PHE X 243 -7.61 -26.60 -92.39
C PHE X 243 -9.02 -26.79 -91.88
N PHE X 244 -9.57 -27.99 -92.08
CA PHE X 244 -10.89 -28.31 -91.56
C PHE X 244 -10.87 -28.45 -90.05
N MET X 245 -10.10 -29.42 -89.55
CA MET X 245 -10.16 -29.79 -88.14
C MET X 245 -9.67 -28.67 -87.23
N THR X 246 -8.98 -27.67 -87.76
CA THR X 246 -8.50 -26.58 -86.92
C THR X 246 -9.46 -25.40 -86.91
N ARG X 247 -9.83 -24.91 -88.09
CA ARG X 247 -10.74 -23.78 -88.16
C ARG X 247 -12.14 -24.16 -87.69
N HIS X 248 -12.76 -25.12 -88.35
CA HIS X 248 -14.08 -25.60 -87.96
C HIS X 248 -13.99 -26.72 -86.94
N ALA X 249 -13.24 -26.47 -85.86
CA ALA X 249 -13.07 -27.46 -84.81
C ALA X 249 -14.28 -27.52 -83.90
N ARG X 250 -15.20 -26.56 -84.02
CA ARG X 250 -16.33 -26.50 -83.11
C ARG X 250 -17.56 -27.18 -83.72
N GLU X 251 -17.94 -26.76 -84.92
CA GLU X 251 -19.09 -27.34 -85.59
C GLU X 251 -18.78 -28.77 -86.01
N PRO X 252 -19.48 -29.78 -85.49
CA PRO X 252 -19.21 -31.17 -85.87
C PRO X 252 -19.96 -31.65 -87.10
N ARG X 253 -20.72 -30.79 -87.78
CA ARG X 253 -21.44 -31.19 -88.97
C ARG X 253 -20.73 -30.81 -90.26
N LEU X 254 -20.04 -29.66 -90.29
CA LEU X 254 -19.25 -29.32 -91.46
C LEU X 254 -18.16 -30.35 -91.72
N ILE X 255 -17.55 -30.86 -90.65
CA ILE X 255 -16.55 -31.90 -90.80
C ILE X 255 -17.15 -33.14 -91.45
N SER X 256 -18.33 -33.57 -90.98
CA SER X 256 -18.97 -34.75 -91.55
C SER X 256 -19.34 -34.50 -93.02
N ALA X 257 -19.77 -33.28 -93.34
CA ALA X 257 -20.03 -32.94 -94.73
C ALA X 257 -18.77 -33.07 -95.57
N TYR X 258 -17.64 -32.59 -95.05
CA TYR X 258 -16.37 -32.71 -95.76
C TYR X 258 -16.02 -34.17 -95.97
N LEU X 259 -16.19 -35.01 -94.96
CA LEU X 259 -15.86 -36.42 -95.09
C LEU X 259 -16.75 -37.11 -96.11
N SER X 260 -18.04 -36.79 -96.11
CA SER X 260 -18.95 -37.37 -97.09
C SER X 260 -18.57 -36.95 -98.50
N ASP X 261 -18.27 -35.66 -98.69
CA ASP X 261 -17.82 -35.19 -100.00
C ASP X 261 -16.54 -35.88 -100.42
N MET X 262 -15.63 -36.11 -99.48
CA MET X 262 -14.36 -36.75 -99.81
C MET X 262 -14.56 -38.21 -100.23
N VAL X 263 -15.41 -38.95 -99.51
CA VAL X 263 -15.58 -40.35 -99.87
C VAL X 263 -16.41 -40.48 -101.15
N SER X 264 -17.33 -39.55 -101.39
CA SER X 264 -18.09 -39.55 -102.64
C SER X 264 -17.46 -38.64 -103.68
N CYS X 265 -16.16 -38.83 -103.94
CA CYS X 265 -15.46 -37.98 -104.88
C CYS X 265 -14.65 -38.81 -105.87
N THR X 266 -14.28 -40.01 -105.47
CA THR X 266 -13.46 -40.88 -106.30
C THR X 266 -14.33 -41.86 -107.06
N GLN X 267 -13.92 -42.18 -108.29
CA GLN X 267 -14.65 -43.13 -109.11
C GLN X 267 -14.46 -44.53 -108.54
N PRO X 268 -15.52 -45.28 -108.27
CA PRO X 268 -15.35 -46.64 -107.73
C PRO X 268 -14.65 -47.54 -108.73
N SER X 269 -13.64 -48.26 -108.26
CA SER X 269 -12.92 -49.18 -109.12
C SER X 269 -13.83 -50.32 -109.55
N VAL X 270 -13.49 -50.92 -110.69
CA VAL X 270 -14.31 -51.96 -111.31
C VAL X 270 -13.58 -53.28 -111.15
N MET X 271 -13.87 -53.99 -110.05
CA MET X 271 -13.22 -55.25 -109.76
C MET X 271 -14.17 -56.06 -108.89
N VAL X 272 -14.76 -57.11 -109.46
CA VAL X 272 -15.54 -58.08 -108.69
C VAL X 272 -14.61 -59.22 -108.30
N SER X 273 -14.66 -59.62 -107.04
CA SER X 273 -13.79 -60.67 -106.52
C SER X 273 -14.62 -61.71 -105.78
N ARG X 274 -14.00 -62.87 -105.54
CA ARG X 274 -14.70 -63.96 -104.87
C ARG X 274 -14.70 -63.78 -103.36
N ILE X 275 -13.53 -63.60 -102.76
CA ILE X 275 -13.39 -63.48 -101.31
C ILE X 275 -12.85 -62.10 -101.01
N THR X 276 -13.66 -61.27 -100.38
CA THR X 276 -13.26 -59.91 -100.02
C THR X 276 -13.54 -59.71 -98.53
N HIS X 277 -13.39 -58.47 -98.07
CA HIS X 277 -13.65 -58.12 -96.69
C HIS X 277 -15.16 -58.01 -96.45
N THR X 278 -15.57 -58.39 -95.24
CA THR X 278 -16.97 -58.29 -94.84
C THR X 278 -17.01 -57.74 -93.42
N ASN X 279 -18.23 -57.47 -92.96
CA ASN X 279 -18.49 -57.14 -91.57
C ASN X 279 -19.24 -58.30 -90.93
N THR X 280 -19.66 -58.10 -89.68
CA THR X 280 -20.38 -59.16 -88.97
C THR X 280 -21.69 -59.49 -89.68
N ARG X 281 -22.45 -58.46 -90.05
CA ARG X 281 -23.76 -58.69 -90.67
C ARG X 281 -23.61 -59.24 -92.08
N GLY X 282 -22.69 -58.68 -92.86
CA GLY X 282 -22.50 -59.15 -94.23
C GLY X 282 -22.17 -58.05 -95.21
N ARG X 283 -22.29 -56.80 -94.78
CA ARG X 283 -21.90 -55.68 -95.64
C ARG X 283 -20.40 -55.72 -95.90
N GLN X 284 -20.03 -55.38 -97.13
CA GLN X 284 -18.61 -55.34 -97.51
C GLN X 284 -18.07 -53.94 -97.29
N VAL X 285 -16.79 -53.86 -96.98
CA VAL X 285 -16.13 -52.58 -96.76
C VAL X 285 -15.82 -51.95 -98.11
N ASP X 286 -15.94 -50.62 -98.19
CA ASP X 286 -15.72 -49.92 -99.45
C ASP X 286 -14.32 -49.31 -99.51
N GLY X 287 -13.97 -48.51 -98.51
CA GLY X 287 -12.71 -47.80 -98.57
C GLY X 287 -11.91 -47.82 -97.27
N VAL X 288 -10.75 -47.19 -97.30
CA VAL X 288 -9.88 -47.08 -96.14
C VAL X 288 -9.62 -45.61 -95.88
N LEU X 289 -9.60 -45.25 -94.60
CA LEU X 289 -9.37 -43.88 -94.16
C LEU X 289 -8.22 -43.90 -93.15
N VAL X 290 -7.07 -43.39 -93.56
CA VAL X 290 -5.84 -43.45 -92.75
C VAL X 290 -5.53 -42.04 -92.25
N THR X 291 -5.35 -41.92 -90.94
CA THR X 291 -5.03 -40.66 -90.28
C THR X 291 -3.99 -40.93 -89.20
N THR X 292 -3.81 -39.96 -88.31
CA THR X 292 -3.03 -40.12 -87.10
C THR X 292 -3.95 -40.39 -85.92
N ALA X 293 -3.33 -40.71 -84.78
CA ALA X 293 -4.12 -41.06 -83.59
C ALA X 293 -4.96 -39.88 -83.10
N THR X 294 -4.42 -38.67 -83.18
CA THR X 294 -5.15 -37.49 -82.72
C THR X 294 -6.43 -37.30 -83.50
N LEU X 295 -6.31 -37.24 -84.84
CA LEU X 295 -7.50 -37.08 -85.67
C LEU X 295 -8.41 -38.29 -85.55
N LYS X 296 -7.86 -39.49 -85.35
CA LYS X 296 -8.70 -40.66 -85.15
C LYS X 296 -9.59 -40.48 -83.94
N ARG X 297 -9.01 -40.05 -82.82
CA ARG X 297 -9.82 -39.82 -81.62
C ARG X 297 -10.82 -38.71 -81.83
N GLN X 298 -10.39 -37.60 -82.46
CA GLN X 298 -11.28 -36.47 -82.66
C GLN X 298 -12.44 -36.81 -83.56
N LEU X 299 -12.26 -37.78 -84.47
CA LEU X 299 -13.37 -38.20 -85.32
C LEU X 299 -14.24 -39.23 -84.61
N LEU X 300 -13.62 -40.17 -83.90
CA LEU X 300 -14.39 -41.26 -83.30
C LEU X 300 -15.15 -40.82 -82.06
N GLN X 301 -14.83 -39.66 -81.49
CA GLN X 301 -15.53 -39.25 -80.28
C GLN X 301 -17.00 -38.94 -80.55
N GLY X 302 -17.27 -38.00 -81.46
CA GLY X 302 -18.64 -37.57 -81.65
C GLY X 302 -19.10 -37.33 -83.07
N ILE X 303 -18.21 -37.46 -84.04
CA ILE X 303 -18.55 -37.13 -85.43
C ILE X 303 -18.93 -38.37 -86.21
N LEU X 304 -18.32 -39.50 -85.92
CA LEU X 304 -18.54 -40.74 -86.65
C LEU X 304 -19.14 -41.80 -85.72
N GLN X 305 -19.74 -42.81 -86.33
CA GLN X 305 -20.39 -43.89 -85.60
C GLN X 305 -19.76 -45.22 -85.96
N ILE X 306 -19.69 -46.13 -85.00
CA ILE X 306 -18.99 -47.39 -85.16
C ILE X 306 -19.97 -48.46 -85.61
N ASP X 307 -19.53 -49.29 -86.56
CA ASP X 307 -20.34 -50.41 -87.05
C ASP X 307 -19.98 -51.70 -86.32
N ASP X 308 -18.73 -52.11 -86.39
CA ASP X 308 -18.28 -53.36 -85.78
C ASP X 308 -16.89 -53.16 -85.20
N THR X 309 -16.43 -54.19 -84.50
CA THR X 309 -15.07 -54.22 -83.98
C THR X 309 -14.21 -55.30 -84.61
N ALA X 310 -14.82 -56.25 -85.32
CA ALA X 310 -14.11 -57.32 -86.00
C ALA X 310 -14.62 -57.46 -87.42
N ALA X 311 -13.87 -58.20 -88.23
CA ALA X 311 -14.21 -58.41 -89.63
C ALA X 311 -13.57 -59.71 -90.10
N ASP X 312 -13.89 -60.09 -91.33
CA ASP X 312 -13.32 -61.29 -91.95
C ASP X 312 -12.38 -60.88 -93.06
N VAL X 313 -11.13 -61.33 -92.97
CA VAL X 313 -10.11 -60.99 -93.95
C VAL X 313 -9.49 -62.27 -94.48
N PRO X 314 -8.99 -62.29 -95.72
CA PRO X 314 -8.28 -63.47 -96.21
C PRO X 314 -6.92 -63.60 -95.53
N VAL X 315 -6.38 -64.82 -95.59
CA VAL X 315 -5.12 -65.13 -94.96
C VAL X 315 -4.08 -65.66 -95.93
N THR X 316 -4.37 -65.65 -97.23
CA THR X 316 -3.45 -66.18 -98.23
C THR X 316 -3.09 -65.10 -99.23
N TYR X 317 -1.91 -65.24 -99.83
CA TYR X 317 -1.47 -64.30 -100.85
C TYR X 317 -2.03 -64.65 -102.22
N GLY X 318 -1.68 -65.83 -102.72
CA GLY X 318 -2.04 -66.21 -104.08
C GLY X 318 -0.85 -66.13 -105.01
N GLU X 319 -0.30 -67.28 -105.37
CA GLU X 319 0.92 -67.35 -106.17
C GLU X 319 0.60 -67.85 -107.56
N MET X 320 1.27 -67.25 -108.55
CA MET X 320 1.13 -67.64 -109.95
C MET X 320 2.52 -67.88 -110.52
N VAL X 321 2.69 -69.03 -111.17
CA VAL X 321 3.97 -69.39 -111.79
C VAL X 321 3.77 -69.75 -113.25
N ASN X 377 -9.79 -66.92 -94.63
CA ASN X 377 -10.80 -66.23 -93.82
C ASN X 377 -10.48 -66.33 -92.34
N ALA X 378 -10.56 -65.20 -91.64
CA ALA X 378 -10.26 -65.16 -90.22
C ALA X 378 -10.87 -63.91 -89.61
N ARG X 379 -11.26 -64.01 -88.34
CA ARG X 379 -11.82 -62.87 -87.61
C ARG X 379 -10.67 -62.09 -86.98
N VAL X 380 -10.56 -60.81 -87.30
CA VAL X 380 -9.51 -59.94 -86.78
C VAL X 380 -10.20 -58.73 -86.14
N PRO X 381 -9.80 -58.31 -84.95
CA PRO X 381 -10.40 -57.12 -84.33
C PRO X 381 -9.92 -55.86 -85.04
N ALA X 382 -10.86 -55.12 -85.62
CA ALA X 382 -10.53 -53.91 -86.35
C ALA X 382 -11.77 -53.03 -86.44
N ASP X 383 -11.59 -51.73 -86.24
CA ASP X 383 -12.72 -50.82 -86.23
C ASP X 383 -13.38 -50.76 -87.60
N LEU X 384 -14.62 -50.27 -87.62
CA LEU X 384 -15.40 -50.15 -88.85
C LEU X 384 -16.40 -49.03 -88.67
N VAL X 385 -16.43 -48.10 -89.63
CA VAL X 385 -17.22 -46.89 -89.53
C VAL X 385 -18.01 -46.68 -90.81
N ILE X 386 -19.20 -46.11 -90.67
CA ILE X 386 -20.03 -45.69 -91.81
C ILE X 386 -19.86 -44.19 -91.97
N VAL X 387 -19.37 -43.77 -93.14
CA VAL X 387 -19.29 -42.36 -93.50
C VAL X 387 -20.10 -42.16 -94.78
N GLY X 388 -20.94 -41.14 -94.79
CA GLY X 388 -21.81 -40.92 -95.93
C GLY X 388 -22.73 -42.12 -96.11
N ASP X 389 -22.57 -42.82 -97.24
CA ASP X 389 -23.35 -44.01 -97.55
C ASP X 389 -22.45 -45.23 -97.70
N LYS X 390 -21.24 -45.18 -97.17
CA LYS X 390 -20.26 -46.22 -97.39
C LYS X 390 -19.79 -46.79 -96.05
N LEU X 391 -19.18 -47.97 -96.14
CA LEU X 391 -18.61 -48.67 -95.00
C LEU X 391 -17.10 -48.72 -95.17
N VAL X 392 -16.37 -48.06 -94.28
CA VAL X 392 -14.94 -47.86 -94.46
C VAL X 392 -14.17 -48.32 -93.23
N PHE X 393 -12.95 -48.77 -93.46
CA PHE X 393 -11.99 -48.97 -92.38
C PHE X 393 -11.41 -47.63 -91.95
N LEU X 394 -11.04 -47.54 -90.69
CA LEU X 394 -10.41 -46.34 -90.15
C LEU X 394 -9.17 -46.76 -89.38
N GLU X 395 -8.00 -46.27 -89.81
CA GLU X 395 -6.75 -46.69 -89.21
C GLU X 395 -5.84 -45.51 -88.93
N ALA X 396 -5.12 -45.59 -87.82
CA ALA X 396 -4.19 -44.56 -87.36
C ALA X 396 -2.90 -45.21 -86.89
N LEU X 397 -2.32 -46.05 -87.75
CA LEU X 397 -1.21 -46.91 -87.34
C LEU X 397 0.02 -46.12 -86.92
N GLU X 398 0.28 -46.08 -85.61
CA GLU X 398 1.51 -45.51 -85.09
C GLU X 398 2.14 -46.35 -84.00
N ARG X 399 1.43 -47.32 -83.43
CA ARG X 399 1.98 -48.21 -82.42
C ARG X 399 2.38 -49.57 -82.98
N ARG X 400 1.58 -50.13 -83.89
CA ARG X 400 1.97 -51.36 -84.53
C ARG X 400 3.16 -51.15 -85.46
N VAL X 401 3.23 -49.99 -86.10
CA VAL X 401 4.32 -49.65 -86.99
C VAL X 401 4.85 -48.27 -86.59
N TYR X 402 6.08 -47.98 -87.03
CA TYR X 402 6.74 -46.71 -86.74
C TYR X 402 6.88 -46.46 -85.24
N GLN X 403 6.94 -47.54 -84.45
CA GLN X 403 7.06 -47.43 -83.01
C GLN X 403 8.42 -47.98 -82.57
N ALA X 404 9.14 -47.18 -81.79
CA ALA X 404 10.45 -47.56 -81.27
C ALA X 404 11.42 -47.91 -82.39
N THR X 405 11.29 -47.21 -83.50
CA THR X 405 12.20 -47.34 -84.63
C THR X 405 12.89 -46.00 -84.89
N ARG X 406 13.65 -45.94 -85.97
CA ARG X 406 14.37 -44.74 -86.34
C ARG X 406 13.81 -44.09 -87.61
N VAL X 407 12.61 -44.50 -88.03
CA VAL X 407 12.00 -44.00 -89.25
C VAL X 407 10.85 -43.08 -88.88
N ALA X 408 10.75 -41.95 -89.57
CA ALA X 408 9.68 -41.00 -89.32
C ALA X 408 8.35 -41.54 -89.82
N TYR X 409 7.28 -40.99 -89.29
CA TYR X 409 5.94 -41.40 -89.70
C TYR X 409 5.44 -40.47 -90.79
N PRO X 410 4.92 -41.00 -91.90
CA PRO X 410 4.38 -40.14 -92.96
C PRO X 410 3.13 -39.40 -92.51
N LEU X 411 2.51 -38.68 -93.45
CA LEU X 411 1.33 -37.85 -93.19
C LEU X 411 1.63 -36.67 -92.28
N ILE X 412 2.91 -36.29 -92.17
CA ILE X 412 3.30 -35.11 -91.39
C ILE X 412 4.02 -34.16 -92.34
N GLY X 413 3.59 -34.15 -93.60
CA GLY X 413 4.21 -33.31 -94.60
C GLY X 413 4.13 -31.84 -94.26
N ASN X 414 4.93 -31.06 -94.99
CA ASN X 414 5.03 -29.63 -94.77
C ASN X 414 4.38 -28.88 -95.92
N ILE X 415 3.88 -27.68 -95.62
CA ILE X 415 3.22 -26.82 -96.59
C ILE X 415 3.95 -25.48 -96.60
N ASP X 416 4.27 -24.99 -97.79
CA ASP X 416 4.98 -23.73 -97.93
C ASP X 416 4.00 -22.65 -98.38
N ILE X 417 4.06 -21.50 -97.71
CA ILE X 417 3.15 -20.39 -97.97
C ILE X 417 3.96 -19.10 -98.02
N THR X 418 3.67 -18.27 -99.01
CA THR X 418 4.37 -17.01 -99.18
C THR X 418 3.49 -15.84 -98.77
N PHE X 419 4.13 -14.77 -98.32
CA PHE X 419 3.43 -13.55 -97.90
C PHE X 419 4.05 -12.35 -98.59
N ILE X 420 3.23 -11.34 -98.84
CA ILE X 420 3.66 -10.12 -99.51
C ILE X 420 3.03 -8.93 -98.79
N MET X 421 3.83 -7.87 -98.61
CA MET X 421 3.39 -6.67 -97.92
C MET X 421 4.04 -5.44 -98.55
N PRO X 422 3.28 -4.42 -98.92
CA PRO X 422 3.88 -3.17 -99.36
C PRO X 422 4.46 -2.41 -98.19
N MET X 423 5.47 -1.59 -98.48
CA MET X 423 6.24 -0.92 -97.45
C MET X 423 6.05 0.59 -97.42
N GLY X 424 6.32 1.28 -98.53
CA GLY X 424 6.31 2.73 -98.50
C GLY X 424 5.39 3.40 -99.49
N VAL X 425 4.22 2.81 -99.71
CA VAL X 425 3.26 3.36 -100.66
C VAL X 425 2.66 4.64 -100.10
N PHE X 426 2.42 5.61 -100.97
CA PHE X 426 1.78 6.87 -100.60
C PHE X 426 0.64 7.13 -101.58
N GLN X 427 -0.59 7.09 -101.09
CA GLN X 427 -1.77 7.31 -101.93
C GLN X 427 -1.87 8.80 -102.25
N ALA X 428 -1.41 9.19 -103.43
CA ALA X 428 -1.42 10.59 -103.85
C ALA X 428 -2.82 10.93 -104.36
N ASN X 429 -3.71 11.21 -103.42
CA ASN X 429 -5.06 11.62 -103.77
C ASN X 429 -5.70 12.31 -102.57
N SER X 430 -6.12 13.56 -102.79
CA SER X 430 -6.78 14.32 -101.73
C SER X 430 -8.12 13.72 -101.33
N MET X 431 -8.81 13.05 -102.25
CA MET X 431 -10.05 12.37 -101.92
C MET X 431 -9.82 11.05 -101.20
N ASP X 432 -8.60 10.51 -101.25
CA ASP X 432 -8.28 9.29 -100.54
C ASP X 432 -7.62 9.55 -99.19
N ARG X 433 -6.99 10.70 -99.00
CA ARG X 433 -6.40 11.06 -97.71
C ARG X 433 -7.45 11.77 -96.88
N TYR X 434 -8.18 10.97 -96.08
CA TYR X 434 -9.28 11.44 -95.26
C TYR X 434 -9.23 10.75 -93.91
N THR X 435 -10.27 10.99 -93.10
CA THR X 435 -10.45 10.29 -91.84
C THR X 435 -11.94 10.01 -91.64
N ARG X 436 -12.24 8.99 -90.85
CA ARG X 436 -13.61 8.50 -90.72
C ARG X 436 -14.40 9.18 -89.62
N HIS X 437 -13.75 9.92 -88.72
CA HIS X 437 -14.43 10.71 -87.71
C HIS X 437 -13.71 12.04 -87.57
N ALA X 438 -14.21 12.88 -86.68
CA ALA X 438 -13.60 14.20 -86.51
C ALA X 438 -12.34 14.11 -85.65
N GLY X 439 -12.50 13.75 -84.39
CA GLY X 439 -11.38 13.61 -83.49
C GLY X 439 -10.88 12.19 -83.32
N ASP X 440 -10.34 11.57 -84.37
CA ASP X 440 -9.92 10.19 -84.26
C ASP X 440 -8.68 10.06 -83.39
N PHE X 441 -7.56 10.61 -83.84
CA PHE X 441 -6.29 10.54 -83.11
C PHE X 441 -5.79 11.97 -82.94
N SER X 442 -6.27 12.65 -81.91
CA SER X 442 -5.79 13.98 -81.63
C SER X 442 -4.40 13.93 -81.03
N THR X 443 -3.67 15.03 -81.14
CA THR X 443 -2.31 15.13 -80.61
C THR X 443 -2.16 16.47 -79.91
N VAL X 444 -0.95 16.73 -79.41
CA VAL X 444 -0.66 17.97 -78.71
C VAL X 444 0.16 18.87 -79.62
N SER X 445 0.87 18.26 -80.57
CA SER X 445 1.65 19.03 -81.53
C SER X 445 0.74 19.71 -82.54
N GLU X 446 1.23 20.82 -83.11
CA GLU X 446 0.45 21.56 -84.08
C GLU X 446 0.38 20.85 -85.42
N GLN X 447 1.41 20.11 -85.80
CA GLN X 447 1.42 19.34 -87.04
C GLN X 447 1.22 17.87 -86.70
N ASP X 448 0.10 17.32 -87.12
CA ASP X 448 -0.18 15.91 -86.89
C ASP X 448 0.84 15.06 -87.64
N PRO X 449 1.66 14.28 -86.95
CA PRO X 449 2.66 13.44 -87.62
C PRO X 449 2.07 12.19 -88.26
N ARG X 450 0.95 12.36 -88.96
CA ARG X 450 0.28 11.27 -89.64
C ARG X 450 -0.08 11.63 -91.08
N GLN X 451 0.26 12.83 -91.52
CA GLN X 451 0.07 13.21 -92.91
C GLN X 451 1.28 12.90 -93.76
N PHE X 452 2.46 12.78 -93.13
CA PHE X 452 3.68 12.47 -93.85
C PHE X 452 3.64 11.01 -94.33
N PRO X 453 4.31 10.71 -95.43
CA PRO X 453 4.26 9.35 -95.97
C PRO X 453 4.95 8.36 -95.05
N PRO X 454 4.40 7.16 -94.89
CA PRO X 454 5.02 6.17 -94.02
C PRO X 454 6.31 5.64 -94.62
N GLN X 455 7.12 5.04 -93.77
CA GLN X 455 8.38 4.44 -94.19
C GLN X 455 8.49 2.97 -93.84
N GLY X 456 8.02 2.56 -92.67
CA GLY X 456 8.08 1.18 -92.24
C GLY X 456 6.72 0.50 -92.24
N ILE X 457 6.75 -0.80 -91.99
CA ILE X 457 5.55 -1.62 -91.90
C ILE X 457 5.61 -2.43 -90.62
N PHE X 458 4.47 -2.52 -89.93
CA PHE X 458 4.36 -3.28 -88.69
C PHE X 458 3.53 -4.52 -88.92
N PHE X 459 3.89 -5.61 -88.26
CA PHE X 459 3.09 -6.83 -88.33
C PHE X 459 3.42 -7.67 -87.10
N TYR X 460 2.86 -8.88 -87.05
CA TYR X 460 3.01 -9.77 -85.92
C TYR X 460 4.05 -10.85 -86.21
N ASN X 461 4.63 -11.37 -85.13
CA ASN X 461 5.66 -12.39 -85.23
C ASN X 461 5.01 -13.77 -85.25
N LYS X 462 5.84 -14.81 -85.11
CA LYS X 462 5.32 -16.17 -85.01
C LYS X 462 4.56 -16.39 -83.71
N ASP X 463 4.96 -15.72 -82.64
CA ASP X 463 4.31 -15.85 -81.33
C ASP X 463 3.48 -14.63 -80.96
N GLY X 464 3.26 -13.71 -81.89
CA GLY X 464 2.44 -12.55 -81.63
C GLY X 464 3.20 -11.30 -81.23
N ILE X 465 4.50 -11.25 -81.45
CA ILE X 465 5.30 -10.09 -81.09
C ILE X 465 5.25 -9.08 -82.23
N LEU X 466 5.24 -7.80 -81.89
CA LEU X 466 5.24 -6.75 -82.88
C LEU X 466 6.61 -6.65 -83.53
N THR X 467 6.66 -6.74 -84.85
CA THR X 467 7.88 -6.60 -85.61
C THR X 467 7.71 -5.51 -86.65
N GLN X 468 8.81 -4.84 -86.97
CA GLN X 468 8.80 -3.67 -87.83
C GLN X 468 9.87 -3.81 -88.90
N LEU X 469 9.50 -3.48 -90.13
CA LEU X 469 10.42 -3.48 -91.28
C LEU X 469 10.43 -2.07 -91.86
N THR X 470 11.50 -1.33 -91.61
CA THR X 470 11.61 0.03 -92.11
C THR X 470 12.34 0.04 -93.45
N LEU X 471 12.49 1.24 -94.01
CA LEU X 471 13.20 1.38 -95.28
C LEU X 471 14.70 1.09 -95.11
N ARG X 472 15.24 1.34 -93.93
CA ARG X 472 16.66 1.09 -93.70
C ARG X 472 17.00 -0.39 -93.86
N ASP X 473 16.02 -1.27 -93.66
CA ASP X 473 16.26 -2.70 -93.80
C ASP X 473 16.44 -3.15 -95.24
N ALA X 474 16.26 -2.26 -96.21
CA ALA X 474 16.39 -2.61 -97.62
C ALA X 474 17.75 -2.22 -98.20
N MET X 475 18.69 -1.82 -97.35
CA MET X 475 19.99 -1.34 -97.80
C MET X 475 20.90 -2.46 -98.29
N GLY X 476 20.39 -3.68 -98.40
CA GLY X 476 21.20 -4.79 -98.86
C GLY X 476 20.95 -5.12 -100.31
N THR X 477 19.77 -4.74 -100.82
CA THR X 477 19.40 -5.02 -102.19
C THR X 477 19.56 -3.84 -103.13
N ILE X 478 19.38 -2.61 -102.64
CA ILE X 478 19.42 -1.44 -103.49
C ILE X 478 20.81 -0.83 -103.59
N CYS X 479 21.64 -0.95 -102.55
CA CYS X 479 22.96 -0.34 -102.51
C CYS X 479 24.04 -1.27 -103.02
N HIS X 480 23.70 -2.19 -103.92
CA HIS X 480 24.66 -3.10 -104.51
C HIS X 480 25.08 -2.59 -105.88
N SER X 481 26.18 -3.16 -106.39
CA SER X 481 26.68 -2.78 -107.71
C SER X 481 25.75 -3.21 -108.83
N SER X 482 24.77 -4.06 -108.56
CA SER X 482 23.86 -4.54 -109.59
C SER X 482 22.98 -3.44 -110.16
N LEU X 483 22.95 -2.27 -109.53
CA LEU X 483 22.16 -1.16 -110.05
C LEU X 483 22.73 -0.58 -111.33
N LEU X 484 23.98 -0.90 -111.66
CA LEU X 484 24.68 -0.32 -112.80
C LEU X 484 25.18 -1.42 -113.74
N ASP X 485 24.28 -2.34 -114.06
CA ASP X 485 24.61 -3.49 -114.91
C ASP X 485 23.69 -3.54 -116.11
N VAL X 486 23.55 -2.42 -116.82
CA VAL X 486 22.54 -2.28 -117.86
C VAL X 486 23.10 -2.65 -119.23
N GLU X 487 24.26 -3.31 -119.26
CA GLU X 487 24.87 -3.65 -120.54
C GLU X 487 24.03 -4.66 -121.32
N ALA X 488 23.60 -5.73 -120.65
CA ALA X 488 22.78 -6.72 -121.32
C ALA X 488 21.45 -6.12 -121.78
N THR X 489 20.88 -5.22 -120.97
CA THR X 489 19.64 -4.57 -121.37
C THR X 489 19.84 -3.70 -122.60
N LEU X 490 20.94 -2.94 -122.64
CA LEU X 490 21.23 -2.12 -123.82
C LEU X 490 21.43 -2.99 -125.04
N VAL X 491 22.13 -4.11 -124.89
CA VAL X 491 22.36 -5.00 -126.04
C VAL X 491 21.04 -5.55 -126.56
N ALA X 492 20.20 -6.05 -125.65
CA ALA X 492 18.91 -6.61 -126.06
C ALA X 492 18.02 -5.56 -126.70
N LEU X 493 18.08 -4.32 -126.22
CA LEU X 493 17.29 -3.26 -126.83
C LEU X 493 17.82 -2.92 -128.23
N ARG X 494 19.14 -2.89 -128.39
CA ARG X 494 19.71 -2.58 -129.69
C ARG X 494 19.44 -3.68 -130.70
N GLN X 495 19.28 -4.91 -130.23
CA GLN X 495 19.06 -6.03 -131.16
C GLN X 495 17.78 -5.83 -131.97
N GLN X 496 16.66 -5.62 -131.29
CA GLN X 496 15.38 -5.51 -131.98
C GLN X 496 15.31 -4.20 -132.77
N HIS X 497 14.48 -4.20 -133.80
CA HIS X 497 14.38 -3.07 -134.73
C HIS X 497 13.50 -1.99 -134.11
N LEU X 498 14.13 -0.90 -133.66
CA LEU X 498 13.43 0.25 -133.11
C LEU X 498 13.85 1.47 -133.92
N ASP X 499 12.95 1.96 -134.77
CA ASP X 499 13.20 3.14 -135.58
C ASP X 499 12.56 4.37 -134.96
N ARG X 500 13.20 5.52 -135.16
CA ARG X 500 12.73 6.77 -134.57
C ARG X 500 13.49 7.93 -135.21
N GLN X 501 12.84 9.08 -135.22
CA GLN X 501 13.40 10.32 -135.77
C GLN X 501 13.29 11.42 -134.72
N CYS X 502 13.50 12.67 -135.13
CA CYS X 502 13.37 13.85 -134.27
C CYS X 502 14.34 13.77 -133.09
N TYR X 503 15.62 13.87 -133.44
CA TYR X 503 16.71 13.80 -132.47
C TYR X 503 17.07 15.16 -131.89
N PHE X 504 16.09 16.07 -131.80
CA PHE X 504 16.37 17.43 -131.35
C PHE X 504 16.93 17.45 -129.93
N GLY X 505 16.20 16.86 -128.98
CA GLY X 505 16.56 16.98 -127.58
C GLY X 505 17.58 15.97 -127.09
N VAL X 506 18.34 15.36 -127.99
CA VAL X 506 19.35 14.39 -127.60
C VAL X 506 20.68 14.72 -128.27
N TYR X 507 20.68 15.71 -129.14
CA TYR X 507 21.88 16.09 -129.88
C TYR X 507 22.54 17.30 -129.23
N VAL X 508 23.87 17.29 -129.21
CA VAL X 508 24.67 18.38 -128.66
C VAL X 508 25.65 18.84 -129.71
N ALA X 509 25.82 20.15 -129.83
CA ALA X 509 26.72 20.71 -130.83
C ALA X 509 27.73 21.65 -130.19
N GLU X 510 28.49 22.36 -131.01
CA GLU X 510 29.49 23.32 -130.54
C GLU X 510 29.22 24.68 -131.17
N GLY X 511 30.04 25.65 -130.80
CA GLY X 511 29.89 27.02 -131.27
C GLY X 511 30.81 27.34 -132.43
N THR X 512 30.35 28.24 -133.31
CA THR X 512 31.10 28.65 -134.48
C THR X 512 31.74 30.02 -134.29
N GLU X 513 32.04 30.40 -133.06
CA GLU X 513 32.73 31.64 -132.69
C GLU X 513 31.94 32.89 -133.04
N ASP X 514 30.70 32.76 -133.53
CA ASP X 514 29.81 33.91 -133.59
C ASP X 514 29.45 34.35 -132.18
N THR X 515 28.89 35.56 -132.06
CA THR X 515 28.75 36.11 -130.72
C THR X 515 27.61 35.46 -129.96
N LEU X 516 26.36 35.79 -130.31
CA LEU X 516 25.24 34.96 -129.90
C LEU X 516 24.15 34.91 -130.96
N ASP X 517 24.06 35.97 -131.77
CA ASP X 517 22.83 36.21 -132.51
C ASP X 517 22.75 35.39 -133.80
N VAL X 518 23.86 35.27 -134.53
CA VAL X 518 23.87 34.43 -135.72
C VAL X 518 23.57 32.99 -135.32
N GLN X 519 24.18 32.52 -134.24
CA GLN X 519 23.92 31.17 -133.76
C GLN X 519 22.47 31.01 -133.33
N MET X 520 21.91 32.02 -132.66
CA MET X 520 20.52 31.92 -132.23
C MET X 520 19.58 31.87 -133.42
N GLY X 521 19.82 32.68 -134.44
CA GLY X 521 18.97 32.64 -135.61
C GLY X 521 19.07 31.33 -136.37
N ARG X 522 20.30 30.83 -136.53
CA ARG X 522 20.48 29.54 -137.18
C ARG X 522 19.76 28.44 -136.41
N PHE X 523 19.87 28.46 -135.07
CA PHE X 523 19.18 27.46 -134.26
C PHE X 523 17.68 27.59 -134.39
N MET X 524 17.17 28.82 -134.40
CA MET X 524 15.73 29.02 -134.57
C MET X 524 15.26 28.39 -135.87
N GLU X 525 15.91 28.74 -136.98
CA GLU X 525 15.51 28.21 -138.29
C GLU X 525 15.59 26.68 -138.32
N THR X 526 16.71 26.13 -137.86
CA THR X 526 16.88 24.68 -137.88
C THR X 526 15.83 24.00 -137.01
N TRP X 527 15.87 24.25 -135.70
CA TRP X 527 14.89 23.66 -134.79
C TRP X 527 13.46 23.85 -135.27
N ALA X 528 13.19 24.88 -136.07
CA ALA X 528 11.87 25.00 -136.68
C ALA X 528 11.65 23.94 -137.74
N ASP X 529 12.57 23.80 -138.69
CA ASP X 529 12.32 22.95 -139.85
C ASP X 529 12.97 21.58 -139.75
N MET X 530 13.41 21.17 -138.54
CA MET X 530 14.05 19.88 -138.35
C MET X 530 13.32 19.01 -137.34
N MET X 531 12.06 19.32 -137.05
CA MET X 531 11.26 18.54 -136.10
C MET X 531 10.22 17.73 -136.86
N PRO X 532 10.52 16.47 -137.20
CA PRO X 532 9.53 15.67 -137.94
C PRO X 532 8.32 15.30 -137.10
N HIS X 533 8.53 14.88 -135.86
CA HIS X 533 7.46 14.47 -134.97
C HIS X 533 7.53 15.29 -133.69
N HIS X 534 6.72 14.91 -132.72
CA HIS X 534 6.77 15.58 -131.44
C HIS X 534 7.62 14.79 -130.45
N PRO X 535 8.32 15.48 -129.56
CA PRO X 535 9.15 14.77 -128.57
C PRO X 535 8.31 13.94 -127.62
N HIS X 536 8.96 12.95 -127.02
CA HIS X 536 8.29 12.04 -126.10
C HIS X 536 8.55 12.38 -124.63
N TRP X 537 9.41 13.35 -124.34
CA TRP X 537 9.71 13.73 -122.97
C TRP X 537 8.99 15.00 -122.55
N VAL X 538 8.16 15.58 -123.42
CA VAL X 538 7.45 16.81 -123.09
C VAL X 538 6.06 16.55 -122.50
N ASN X 539 5.44 15.41 -122.81
CA ASN X 539 4.10 15.12 -122.33
C ASN X 539 4.22 14.43 -120.97
N GLU X 540 4.33 15.25 -119.93
CA GLU X 540 4.39 14.77 -118.56
C GLU X 540 3.11 15.07 -117.79
N HIS X 541 2.04 15.46 -118.49
CA HIS X 541 0.75 15.70 -117.85
C HIS X 541 -0.08 14.44 -117.70
N LEU X 542 0.39 13.30 -118.20
CA LEU X 542 -0.37 12.07 -118.12
C LEU X 542 -0.46 11.59 -116.67
N THR X 543 -1.58 10.93 -116.36
CA THR X 543 -1.76 10.33 -115.05
C THR X 543 -1.12 8.94 -115.03
N ILE X 544 -1.16 8.31 -113.86
CA ILE X 544 -0.55 6.99 -113.73
C ILE X 544 -1.28 5.97 -114.60
N LEU X 545 -2.60 6.12 -114.72
CA LEU X 545 -3.37 5.20 -115.55
C LEU X 545 -2.96 5.32 -117.02
N GLN X 546 -2.93 6.55 -117.54
CA GLN X 546 -2.55 6.75 -118.93
C GLN X 546 -1.11 6.34 -119.18
N PHE X 547 -0.23 6.51 -118.18
CA PHE X 547 1.15 6.11 -118.36
C PHE X 547 1.31 4.60 -118.35
N ILE X 548 0.47 3.90 -117.59
CA ILE X 548 0.59 2.44 -117.50
C ILE X 548 -0.11 1.76 -118.67
N ALA X 549 -1.13 2.41 -119.25
CA ALA X 549 -1.87 1.81 -120.34
C ALA X 549 -0.93 1.38 -121.47
N PRO X 550 -1.19 0.26 -122.14
CA PRO X 550 -0.24 -0.23 -123.16
C PRO X 550 -0.12 0.67 -124.37
N SER X 551 -1.00 1.66 -124.54
CA SER X 551 -0.89 2.59 -125.66
C SER X 551 0.24 3.59 -125.49
N ASN X 552 0.88 3.64 -124.33
CA ASN X 552 1.96 4.57 -124.09
C ASN X 552 3.19 4.16 -124.88
N PRO X 553 3.71 5.02 -125.76
CA PRO X 553 4.91 4.62 -126.53
C PRO X 553 6.18 4.61 -125.70
N ARG X 554 6.30 5.51 -124.72
CA ARG X 554 7.49 5.60 -123.90
C ARG X 554 7.47 4.62 -122.72
N LEU X 555 6.60 3.61 -122.76
CA LEU X 555 6.50 2.68 -121.66
C LEU X 555 7.56 1.60 -121.73
N ARG X 556 7.92 1.16 -122.94
CA ARG X 556 8.88 0.08 -123.08
C ARG X 556 10.28 0.47 -122.64
N PHE X 557 10.59 1.77 -122.62
CA PHE X 557 11.93 2.21 -122.25
C PHE X 557 12.07 2.50 -120.77
N GLU X 558 11.01 2.40 -119.99
CA GLU X 558 11.08 2.63 -118.54
C GLU X 558 11.39 1.30 -117.87
N LEU X 559 12.68 1.02 -117.72
CA LEU X 559 13.12 -0.25 -117.15
C LEU X 559 13.84 -0.08 -115.83
N ASN X 560 14.83 0.80 -115.77
CA ASN X 560 15.52 1.00 -114.50
C ASN X 560 15.17 2.36 -113.91
N PRO X 561 14.99 2.44 -112.59
CA PRO X 561 14.64 3.72 -111.97
C PRO X 561 15.77 4.72 -111.98
N ALA X 562 17.01 4.27 -112.08
CA ALA X 562 18.17 5.16 -112.05
C ALA X 562 18.73 5.46 -113.43
N PHE X 563 18.02 5.11 -114.50
CA PHE X 563 18.51 5.32 -115.85
C PHE X 563 17.39 5.85 -116.73
N ASP X 564 17.80 6.47 -117.84
CA ASP X 564 16.88 6.99 -118.84
C ASP X 564 17.27 6.37 -120.18
N PHE X 565 16.41 5.51 -120.71
CA PHE X 565 16.66 4.85 -121.98
C PHE X 565 15.99 5.62 -123.09
N PHE X 566 16.78 6.14 -124.02
CA PHE X 566 16.28 6.89 -125.16
C PHE X 566 16.92 6.33 -126.43
N VAL X 567 16.50 6.87 -127.57
CA VAL X 567 17.03 6.51 -128.87
C VAL X 567 17.79 7.71 -129.42
N ALA X 568 18.96 7.47 -129.98
CA ALA X 568 19.81 8.53 -130.48
C ALA X 568 20.46 8.10 -131.78
N PRO X 569 20.80 9.05 -132.65
CA PRO X 569 21.52 8.70 -133.88
C PRO X 569 22.89 8.12 -133.54
N GLY X 570 23.13 6.89 -133.99
CA GLY X 570 24.41 6.26 -133.76
C GLY X 570 25.50 6.85 -134.60
N ASP X 571 26.73 6.38 -134.35
CA ASP X 571 27.92 6.76 -135.12
C ASP X 571 28.08 8.29 -135.16
N VAL X 572 28.18 8.88 -133.97
CA VAL X 572 28.41 10.31 -133.84
C VAL X 572 29.00 10.56 -132.46
N ASP X 573 29.93 11.52 -132.39
CA ASP X 573 30.57 11.89 -131.14
C ASP X 573 29.93 13.15 -130.59
N LEU X 574 29.80 13.21 -129.27
CA LEU X 574 29.20 14.35 -128.60
C LEU X 574 30.24 15.12 -127.85
N PRO X 575 30.42 16.43 -128.09
CA PRO X 575 29.64 17.17 -129.10
C PRO X 575 30.18 16.94 -130.51
N GLY X 576 29.44 17.40 -131.51
CA GLY X 576 29.83 17.21 -132.90
C GLY X 576 29.63 18.45 -133.72
N PRO X 577 29.35 18.27 -135.00
CA PRO X 577 29.16 19.43 -135.89
C PRO X 577 27.89 20.19 -135.54
N GLN X 578 27.72 21.33 -136.20
CA GLN X 578 26.54 22.14 -135.98
C GLN X 578 25.28 21.42 -136.46
N ARG X 579 25.39 20.68 -137.56
CA ARG X 579 24.23 19.98 -138.09
C ARG X 579 24.36 18.49 -137.81
N PRO X 580 23.32 17.84 -137.29
CA PRO X 580 23.39 16.41 -137.01
C PRO X 580 23.49 15.61 -138.30
N PRO X 581 24.57 14.87 -138.50
CA PRO X 581 24.69 14.05 -139.71
C PRO X 581 23.72 12.88 -139.67
N GLU X 582 23.35 12.42 -140.87
CA GLU X 582 22.44 11.29 -140.97
C GLU X 582 23.16 10.01 -140.58
N ALA X 583 22.52 9.20 -139.75
CA ALA X 583 23.03 7.90 -139.36
C ALA X 583 21.90 7.07 -138.81
N MET X 584 22.13 5.77 -138.71
CA MET X 584 21.10 4.87 -138.22
C MET X 584 20.84 5.12 -136.74
N PRO X 585 19.59 5.29 -136.33
CA PRO X 585 19.32 5.54 -134.91
C PRO X 585 19.53 4.28 -134.08
N THR X 586 20.16 4.45 -132.93
CA THR X 586 20.41 3.35 -132.01
C THR X 586 19.92 3.75 -130.61
N VAL X 587 19.96 2.77 -129.71
CA VAL X 587 19.47 2.97 -128.35
C VAL X 587 20.64 3.35 -127.45
N ASN X 588 20.43 4.35 -126.61
CA ASN X 588 21.40 4.79 -125.62
C ASN X 588 20.72 4.97 -124.28
N ALA X 589 21.52 5.11 -123.23
CA ALA X 589 21.00 5.21 -121.87
C ALA X 589 21.88 6.14 -121.07
N THR X 590 21.31 7.22 -120.56
CA THR X 590 22.00 8.14 -119.67
C THR X 590 21.67 7.77 -118.22
N LEU X 591 22.08 8.63 -117.29
CA LEU X 591 21.90 8.40 -115.87
C LEU X 591 20.99 9.46 -115.29
N ARG X 592 20.16 9.06 -114.33
CA ARG X 592 19.30 9.99 -113.60
C ARG X 592 20.04 10.40 -112.33
N ILE X 593 20.64 11.59 -112.35
CA ILE X 593 21.45 12.01 -111.21
C ILE X 593 20.57 12.48 -110.06
N ILE X 594 19.51 13.22 -110.37
CA ILE X 594 18.59 13.74 -109.36
C ILE X 594 17.44 12.77 -109.22
N ASN X 595 17.06 12.44 -107.98
CA ASN X 595 15.89 11.61 -107.78
C ASN X 595 14.61 12.32 -108.19
N GLY X 596 14.64 13.64 -108.32
CA GLY X 596 13.52 14.39 -108.85
C GLY X 596 13.36 14.29 -110.36
N ASN X 597 14.36 13.73 -111.05
CA ASN X 597 14.26 13.52 -112.49
C ASN X 597 13.31 12.40 -112.86
N ILE X 598 12.78 11.67 -111.88
CA ILE X 598 11.77 10.65 -112.18
C ILE X 598 10.55 11.33 -112.78
N PRO X 599 9.93 10.78 -113.82
CA PRO X 599 8.78 11.45 -114.43
C PRO X 599 7.64 11.66 -113.44
N VAL X 600 6.88 12.74 -113.66
CA VAL X 600 5.78 13.06 -112.77
C VAL X 600 4.73 11.95 -112.73
N PRO X 601 4.35 11.30 -113.84
CA PRO X 601 3.41 10.19 -113.73
C PRO X 601 3.83 9.12 -112.73
N LEU X 602 5.12 8.92 -112.52
CA LEU X 602 5.58 7.98 -111.51
C LEU X 602 5.70 8.63 -110.13
N CYS X 603 6.24 9.85 -110.07
CA CYS X 603 6.38 10.58 -108.82
C CYS X 603 5.47 11.79 -108.84
N PRO X 604 4.31 11.75 -108.20
CA PRO X 604 3.35 12.86 -108.32
C PRO X 604 3.81 14.14 -107.64
N ILE X 605 3.01 15.19 -107.74
CA ILE X 605 3.35 16.47 -107.14
C ILE X 605 2.94 16.51 -105.67
N SER X 606 1.79 15.92 -105.34
CA SER X 606 1.31 15.94 -103.97
C SER X 606 2.29 15.24 -103.04
N PHE X 607 2.90 14.15 -103.49
CA PHE X 607 3.87 13.45 -102.67
C PHE X 607 5.09 14.34 -102.39
N ARG X 608 5.59 15.03 -103.42
CA ARG X 608 6.73 15.91 -103.23
C ARG X 608 6.39 17.06 -102.29
N ASP X 609 5.19 17.62 -102.42
CA ASP X 609 4.79 18.71 -101.55
C ASP X 609 4.66 18.23 -100.11
N CYS X 610 4.12 17.04 -99.90
CA CYS X 610 4.02 16.52 -98.54
C CYS X 610 5.40 16.22 -97.96
N ARG X 611 6.31 15.72 -98.79
CA ARG X 611 7.68 15.50 -98.33
C ARG X 611 8.35 16.81 -97.94
N GLY X 612 8.14 17.86 -98.75
CA GLY X 612 8.69 19.16 -98.40
C GLY X 612 8.10 19.72 -97.12
N THR X 613 6.80 19.49 -96.91
CA THR X 613 6.18 19.90 -95.66
C THR X 613 6.80 19.18 -94.48
N GLN X 614 7.04 17.87 -94.61
CA GLN X 614 7.69 17.13 -93.55
C GLN X 614 9.11 17.63 -93.31
N LEU X 615 9.81 18.00 -94.38
CA LEU X 615 11.18 18.50 -94.25
C LEU X 615 11.18 19.81 -93.48
N GLY X 616 10.44 20.81 -93.97
CA GLY X 616 10.36 22.08 -93.28
C GLY X 616 9.46 22.04 -92.07
N LEU X 617 9.82 21.22 -91.08
CA LEU X 617 8.97 21.04 -89.91
C LEU X 617 9.03 22.26 -89.00
N GLY X 618 10.21 22.56 -88.47
CA GLY X 618 10.35 23.70 -87.57
C GLY X 618 11.49 24.60 -87.95
N ARG X 619 11.86 24.59 -89.23
CA ARG X 619 12.95 25.42 -89.72
C ARG X 619 12.48 26.86 -89.89
N HIS X 620 13.37 27.70 -90.40
CA HIS X 620 13.06 29.11 -90.57
C HIS X 620 12.05 29.31 -91.70
N THR X 621 11.16 30.28 -91.52
CA THR X 621 10.17 30.63 -92.52
C THR X 621 10.26 32.12 -92.81
N MET X 622 9.48 32.57 -93.78
CA MET X 622 9.51 33.96 -94.23
C MET X 622 8.21 34.66 -93.85
N THR X 623 8.33 35.95 -93.57
CA THR X 623 7.19 36.76 -93.18
C THR X 623 6.28 37.00 -94.38
N PRO X 624 4.96 36.91 -94.19
CA PRO X 624 4.04 37.21 -95.30
C PRO X 624 4.24 38.58 -95.92
N ALA X 625 4.70 39.55 -95.13
CA ALA X 625 5.00 40.88 -95.70
C ALA X 625 6.09 40.77 -96.76
N THR X 626 7.21 40.14 -96.41
CA THR X 626 8.29 39.97 -97.39
C THR X 626 7.83 39.12 -98.56
N ILE X 627 7.04 38.08 -98.29
CA ILE X 627 6.53 37.21 -99.35
C ILE X 627 5.73 38.04 -100.35
N LYS X 628 4.79 38.84 -99.85
CA LYS X 628 3.96 39.66 -100.72
C LYS X 628 4.80 40.68 -101.48
N ALA X 629 5.78 41.29 -100.81
CA ALA X 629 6.61 42.29 -101.46
C ALA X 629 7.39 41.69 -102.63
N VAL X 630 8.08 40.57 -102.39
CA VAL X 630 8.86 39.96 -103.45
C VAL X 630 7.96 39.42 -104.55
N LYS X 631 6.75 38.95 -104.19
CA LYS X 631 5.82 38.50 -105.21
C LYS X 631 5.39 39.65 -106.12
N ASP X 632 5.10 40.81 -105.53
CA ASP X 632 4.77 41.97 -106.35
C ASP X 632 5.93 42.36 -107.25
N THR X 633 7.15 42.37 -106.69
CA THR X 633 8.31 42.71 -107.50
C THR X 633 8.46 41.75 -108.68
N PHE X 634 8.19 40.48 -108.45
CA PHE X 634 8.35 39.50 -109.53
C PHE X 634 7.26 39.62 -110.58
N GLU X 635 6.02 39.90 -110.16
CA GLU X 635 4.94 39.98 -111.13
C GLU X 635 4.93 41.29 -111.89
N ASP X 636 5.48 42.35 -111.31
CA ASP X 636 5.36 43.68 -111.89
C ASP X 636 6.05 43.75 -113.24
N ARG X 637 5.33 44.23 -114.24
CA ARG X 637 5.87 44.42 -115.58
C ARG X 637 6.35 45.83 -115.84
N ALA X 638 6.11 46.76 -114.92
CA ALA X 638 6.56 48.14 -115.05
C ALA X 638 7.97 48.35 -114.52
N TYR X 639 8.76 47.28 -114.42
CA TYR X 639 10.13 47.40 -113.95
C TYR X 639 10.93 48.27 -114.91
N PRO X 640 11.49 49.38 -114.45
CA PRO X 640 12.21 50.27 -115.36
C PRO X 640 13.49 49.62 -115.87
N THR X 641 13.72 49.75 -117.19
CA THR X 641 14.91 49.17 -117.79
C THR X 641 16.19 49.83 -117.32
N ILE X 642 16.09 50.99 -116.68
CA ILE X 642 17.28 51.63 -116.11
C ILE X 642 17.93 50.72 -115.09
N PHE X 643 17.13 49.91 -114.38
CA PHE X 643 17.69 48.98 -113.40
C PHE X 643 18.51 47.91 -114.09
N TYR X 644 17.98 47.32 -115.16
CA TYR X 644 18.74 46.33 -115.91
C TYR X 644 20.01 46.94 -116.50
N MET X 645 19.93 48.18 -116.97
CA MET X 645 21.10 48.82 -117.54
C MET X 645 22.18 49.04 -116.48
N LEU X 646 21.79 49.55 -115.31
CA LEU X 646 22.73 49.72 -114.21
C LEU X 646 23.34 48.38 -113.81
N GLU X 647 22.53 47.33 -113.77
CA GLU X 647 23.04 46.01 -113.40
C GLU X 647 24.06 45.52 -114.41
N ALA X 648 23.75 45.70 -115.70
CA ALA X 648 24.66 45.26 -116.74
C ALA X 648 25.99 46.01 -116.71
N VAL X 649 25.92 47.32 -116.46
CA VAL X 649 27.17 48.08 -116.44
C VAL X 649 27.95 47.83 -115.16
N ILE X 650 27.28 47.44 -114.08
CA ILE X 650 28.00 47.07 -112.86
C ILE X 650 28.68 45.73 -113.03
N HIS X 651 27.99 44.77 -113.65
CA HIS X 651 28.51 43.42 -113.94
C HIS X 651 29.12 42.76 -112.70
N GLY X 652 28.66 43.16 -111.52
CA GLY X 652 29.06 42.50 -110.29
C GLY X 652 30.51 42.71 -109.91
N ASN X 653 30.87 43.94 -109.54
CA ASN X 653 32.22 44.23 -109.07
C ASN X 653 32.13 45.18 -107.90
N GLU X 654 32.91 44.91 -106.85
CA GLU X 654 32.87 45.73 -105.65
C GLU X 654 33.45 47.11 -105.90
N ARG X 655 34.51 47.19 -106.70
CA ARG X 655 35.10 48.48 -107.02
C ARG X 655 34.11 49.39 -107.73
N ASN X 656 33.12 48.81 -108.40
CA ASN X 656 32.05 49.57 -109.02
C ASN X 656 30.91 49.84 -108.04
N PHE X 657 30.57 48.85 -107.22
CA PHE X 657 29.44 49.00 -106.30
C PHE X 657 29.72 50.08 -105.27
N CYS X 658 30.88 50.02 -104.62
CA CYS X 658 31.20 51.03 -103.61
C CYS X 658 31.38 52.41 -104.22
N ALA X 659 31.74 52.48 -105.50
CA ALA X 659 31.83 53.77 -106.17
C ALA X 659 30.45 54.33 -106.49
N LEU X 660 29.52 53.46 -106.85
CA LEU X 660 28.16 53.86 -107.19
C LEU X 660 27.22 53.80 -106.00
N LEU X 661 27.75 53.61 -104.79
CA LEU X 661 26.90 53.47 -103.61
C LEU X 661 25.96 54.65 -103.44
N ARG X 662 26.43 55.86 -103.75
CA ARG X 662 25.62 57.05 -103.52
C ARG X 662 24.35 57.03 -104.37
N LEU X 663 24.47 56.65 -105.64
CA LEU X 663 23.31 56.67 -106.52
C LEU X 663 22.35 55.53 -106.20
N LEU X 664 22.88 54.40 -105.77
CA LEU X 664 22.05 53.20 -105.60
C LEU X 664 21.06 53.36 -104.46
N THR X 665 21.50 53.92 -103.33
CA THR X 665 20.59 54.12 -102.22
C THR X 665 19.45 55.06 -102.62
N GLN X 666 19.78 56.14 -103.34
CA GLN X 666 18.77 57.09 -103.77
C GLN X 666 17.76 56.43 -104.71
N CYS X 667 18.26 55.68 -105.70
CA CYS X 667 17.35 55.05 -106.65
C CYS X 667 16.47 54.00 -105.96
N ILE X 668 17.05 53.22 -105.05
CA ILE X 668 16.30 52.19 -104.35
C ILE X 668 15.21 52.83 -103.49
N ARG X 669 15.56 53.86 -102.73
CA ARG X 669 14.57 54.52 -101.87
C ARG X 669 13.47 55.17 -102.71
N GLY X 670 13.84 55.78 -103.84
CA GLY X 670 12.84 56.41 -104.68
C GLY X 670 11.90 55.40 -105.32
N TYR X 671 12.44 54.25 -105.71
CA TYR X 671 11.57 53.22 -106.28
C TYR X 671 10.70 52.57 -105.23
N TRP X 672 11.20 52.44 -104.00
CA TRP X 672 10.42 51.79 -102.96
C TRP X 672 9.30 52.69 -102.45
N GLU X 673 9.63 53.94 -102.11
CA GLU X 673 8.58 54.81 -101.59
C GLU X 673 7.77 55.39 -102.74
N GLN X 674 7.38 54.54 -103.67
CA GLN X 674 6.33 54.83 -104.65
C GLN X 674 5.37 53.68 -104.87
N SER X 675 5.80 52.43 -104.68
CA SER X 675 4.91 51.29 -104.86
C SER X 675 5.16 50.18 -103.85
N HIS X 676 5.99 50.42 -102.83
CA HIS X 676 6.30 49.43 -101.79
C HIS X 676 6.78 48.12 -102.40
N ARG X 677 7.88 48.22 -103.14
CA ARG X 677 8.45 47.06 -103.81
C ARG X 677 9.97 47.12 -103.76
N VAL X 678 10.58 45.99 -103.50
CA VAL X 678 12.03 45.86 -103.45
C VAL X 678 12.54 45.72 -104.88
N ALA X 679 13.80 46.08 -105.10
CA ALA X 679 14.41 46.03 -106.42
C ALA X 679 15.75 45.31 -106.34
N PHE X 680 16.38 45.16 -107.51
CA PHE X 680 17.70 44.52 -107.63
C PHE X 680 17.68 43.08 -107.11
N VAL X 681 16.70 42.31 -107.58
CA VAL X 681 16.57 40.91 -107.19
C VAL X 681 17.13 39.97 -108.25
N ASN X 682 17.34 40.46 -109.48
CA ASN X 682 17.82 39.61 -110.56
C ASN X 682 19.12 38.91 -110.18
N ASN X 683 20.16 39.69 -109.89
CA ASN X 683 21.47 39.13 -109.61
C ASN X 683 21.57 38.66 -108.16
N PHE X 684 22.41 37.65 -107.96
CA PHE X 684 22.72 37.24 -106.60
C PHE X 684 23.78 38.13 -105.96
N HIS X 685 24.68 38.69 -106.76
CA HIS X 685 25.68 39.61 -106.23
C HIS X 685 25.14 41.02 -106.12
N MET X 686 23.96 41.16 -105.57
CA MET X 686 23.45 42.49 -105.25
C MET X 686 22.92 42.57 -103.84
N LEU X 687 22.22 41.54 -103.37
CA LEU X 687 21.67 41.58 -102.02
C LEU X 687 22.75 41.44 -100.98
N MET X 688 23.81 40.68 -101.28
CA MET X 688 24.91 40.55 -100.34
C MET X 688 25.65 41.87 -100.20
N TYR X 689 25.89 42.56 -101.32
CA TYR X 689 26.51 43.88 -101.25
C TYR X 689 25.62 44.85 -100.49
N ILE X 690 24.31 44.80 -100.74
CA ILE X 690 23.38 45.70 -100.05
C ILE X 690 23.42 45.44 -98.56
N THR X 691 23.38 44.18 -98.15
CA THR X 691 23.38 43.86 -96.73
C THR X 691 24.70 44.19 -96.07
N THR X 692 25.81 44.06 -96.80
CA THR X 692 27.12 44.32 -96.20
C THR X 692 27.40 45.81 -96.09
N TYR X 693 26.89 46.62 -97.01
CA TYR X 693 27.18 48.05 -96.99
C TYR X 693 26.04 48.88 -96.41
N LEU X 694 24.85 48.78 -96.98
CA LEU X 694 23.69 49.52 -96.48
C LEU X 694 22.96 48.74 -95.39
N GLY X 695 23.70 48.29 -94.39
CA GLY X 695 23.15 47.54 -93.29
C GLY X 695 23.12 48.26 -91.96
N ASN X 696 23.48 49.54 -91.93
CA ASN X 696 23.53 50.30 -90.68
C ASN X 696 22.34 51.22 -90.51
N GLY X 697 21.48 51.37 -91.51
CA GLY X 697 20.30 52.19 -91.38
C GLY X 697 20.17 53.26 -92.44
N GLU X 698 20.92 53.12 -93.53
CA GLU X 698 20.79 54.08 -94.63
C GLU X 698 19.43 53.98 -95.29
N LEU X 699 18.94 52.77 -95.47
CA LEU X 699 17.62 52.51 -96.03
C LEU X 699 16.60 52.38 -94.91
N PRO X 700 15.31 52.50 -95.22
CA PRO X 700 14.28 52.27 -94.20
C PRO X 700 14.36 50.86 -93.63
N GLU X 701 13.74 50.68 -92.47
CA GLU X 701 13.82 49.42 -91.75
C GLU X 701 13.16 48.27 -92.51
N VAL X 702 12.34 48.55 -93.52
CA VAL X 702 11.58 47.51 -94.18
C VAL X 702 12.42 46.76 -95.21
N CYS X 703 13.05 47.49 -96.14
CA CYS X 703 13.78 46.84 -97.22
C CYS X 703 14.95 46.03 -96.68
N ILE X 704 15.69 46.59 -95.72
CA ILE X 704 16.80 45.86 -95.11
C ILE X 704 16.29 44.60 -94.44
N ASN X 705 15.09 44.66 -93.84
CA ASN X 705 14.52 43.48 -93.21
C ASN X 705 14.14 42.43 -94.24
N ILE X 706 13.61 42.86 -95.38
CA ILE X 706 13.27 41.91 -96.45
C ILE X 706 14.53 41.20 -96.92
N TYR X 707 15.60 41.98 -97.15
CA TYR X 707 16.85 41.38 -97.60
C TYR X 707 17.41 40.42 -96.55
N ARG X 708 17.37 40.81 -95.28
CA ARG X 708 17.86 39.94 -94.22
C ARG X 708 17.05 38.66 -94.14
N ASP X 709 15.74 38.75 -94.32
CA ASP X 709 14.90 37.56 -94.29
C ASP X 709 15.23 36.62 -95.44
N LEU X 710 15.44 37.17 -96.64
CA LEU X 710 15.85 36.34 -97.77
C LEU X 710 17.17 35.63 -97.47
N LEU X 711 18.15 36.38 -96.96
CA LEU X 711 19.44 35.78 -96.64
C LEU X 711 19.30 34.68 -95.59
N GLN X 712 18.48 34.93 -94.56
CA GLN X 712 18.28 33.93 -93.53
C GLN X 712 17.60 32.68 -94.08
N HIS X 713 16.67 32.85 -95.02
CA HIS X 713 16.03 31.69 -95.61
C HIS X 713 17.02 30.85 -96.40
N VAL X 714 17.89 31.52 -97.18
CA VAL X 714 18.88 30.76 -97.94
C VAL X 714 19.84 30.04 -96.99
N ARG X 715 20.24 30.71 -95.91
CA ARG X 715 21.12 30.06 -94.95
C ARG X 715 20.44 28.89 -94.25
N ALA X 716 19.14 29.01 -93.98
CA ALA X 716 18.42 27.90 -93.38
C ALA X 716 18.32 26.72 -94.34
N LEU X 717 18.16 27.00 -95.63
CA LEU X 717 18.20 25.92 -96.61
C LEU X 717 19.55 25.21 -96.60
N ARG X 718 20.64 25.98 -96.60
CA ARG X 718 21.97 25.37 -96.52
C ARG X 718 22.11 24.53 -95.25
N GLN X 719 21.61 25.04 -94.13
CA GLN X 719 21.70 24.31 -92.87
C GLN X 719 20.89 23.01 -92.92
N THR X 720 19.73 23.04 -93.59
CA THR X 720 18.97 21.81 -93.76
C THR X 720 19.75 20.79 -94.59
N ILE X 721 20.40 21.27 -95.66
CA ILE X 721 21.23 20.38 -96.48
C ILE X 721 22.27 19.70 -95.61
N THR X 722 23.02 20.48 -94.83
CA THR X 722 24.08 19.89 -94.02
C THR X 722 23.52 19.09 -92.85
N ASP X 723 22.24 19.29 -92.51
CA ASP X 723 21.64 18.57 -91.41
C ASP X 723 21.19 17.18 -91.84
N PHE X 724 20.64 17.04 -93.04
CA PHE X 724 20.06 15.79 -93.48
C PHE X 724 21.08 14.84 -94.11
N THR X 725 22.36 15.01 -93.80
CA THR X 725 23.40 14.11 -94.29
C THR X 725 24.27 13.68 -93.12
N ILE X 726 24.91 12.53 -93.28
CA ILE X 726 25.85 12.04 -92.27
C ILE X 726 27.24 12.54 -92.64
N GLN X 727 27.94 13.09 -91.66
CA GLN X 727 29.26 13.66 -91.86
C GLN X 727 30.31 12.75 -91.25
N GLY X 728 31.45 12.61 -91.91
CA GLY X 728 32.52 11.78 -91.40
C GLY X 728 33.19 10.87 -92.41
N GLU X 729 32.82 11.00 -93.69
CA GLU X 729 33.45 10.19 -94.73
C GLU X 729 33.74 11.06 -95.94
N GLY X 730 34.89 10.81 -96.56
CA GLY X 730 35.25 11.49 -97.79
C GLY X 730 36.06 10.59 -98.70
N HIS X 731 35.59 10.41 -99.93
CA HIS X 731 36.27 9.55 -100.88
C HIS X 731 37.35 10.34 -101.62
N ASN X 732 37.89 9.77 -102.69
CA ASN X 732 38.96 10.44 -103.43
C ASN X 732 38.54 11.81 -103.91
N GLY X 733 37.26 11.98 -104.22
CA GLY X 733 36.76 13.28 -104.63
C GLY X 733 36.34 14.12 -103.46
N GLU X 734 35.09 14.59 -103.47
CA GLU X 734 34.57 15.42 -102.40
C GLU X 734 34.14 14.55 -101.22
N THR X 735 33.84 15.20 -100.10
CA THR X 735 33.39 14.53 -98.89
C THR X 735 31.91 14.17 -98.99
N SER X 736 31.28 13.91 -97.84
CA SER X 736 29.89 13.49 -97.81
C SER X 736 28.96 14.48 -98.51
N GLU X 737 29.27 15.77 -98.46
CA GLU X 737 28.28 16.79 -98.78
C GLU X 737 27.85 16.72 -100.24
N ALA X 738 28.78 16.94 -101.16
CA ALA X 738 28.40 16.92 -102.57
C ALA X 738 28.24 15.51 -103.10
N LEU X 739 28.72 14.51 -102.37
CA LEU X 739 28.39 13.14 -102.72
C LEU X 739 26.94 12.81 -102.42
N ASN X 740 26.32 13.52 -101.47
CA ASN X 740 24.91 13.35 -101.17
C ASN X 740 24.02 14.28 -101.98
N ASN X 741 24.34 15.57 -102.01
CA ASN X 741 23.53 16.57 -102.68
C ASN X 741 24.28 17.15 -103.86
N ILE X 742 23.61 18.01 -104.62
CA ILE X 742 24.16 18.61 -105.82
C ILE X 742 24.40 20.11 -105.64
N LEU X 743 23.50 20.78 -104.93
CA LEU X 743 23.69 22.22 -104.68
C LEU X 743 25.00 22.51 -103.95
N THR X 744 25.53 21.53 -103.22
CA THR X 744 26.82 21.67 -102.55
C THR X 744 27.97 21.12 -103.39
N ASP X 745 27.77 20.93 -104.68
CA ASP X 745 28.80 20.40 -105.56
C ASP X 745 29.44 21.53 -106.36
N ASP X 746 30.75 21.41 -106.58
CA ASP X 746 31.49 22.40 -107.35
C ASP X 746 31.51 22.11 -108.84
N THR X 747 31.41 20.83 -109.23
CA THR X 747 31.28 20.49 -110.64
C THR X 747 30.09 21.18 -111.27
N PHE X 748 29.02 21.35 -110.51
CA PHE X 748 27.85 22.07 -110.96
C PHE X 748 28.11 23.57 -110.93
N ILE X 749 27.52 24.29 -111.88
CA ILE X 749 27.75 25.72 -112.03
C ILE X 749 26.43 26.45 -112.11
N ALA X 750 26.43 27.70 -111.64
CA ALA X 750 25.26 28.55 -111.69
C ALA X 750 24.95 28.94 -113.13
N PRO X 751 23.69 29.29 -113.43
CA PRO X 751 23.35 29.67 -114.81
C PRO X 751 23.94 31.00 -115.23
N ILE X 752 24.37 31.84 -114.29
CA ILE X 752 24.95 33.14 -114.60
C ILE X 752 26.26 33.27 -113.82
N LEU X 753 27.32 33.63 -114.52
CA LEU X 753 28.64 33.79 -113.92
C LEU X 753 29.14 35.21 -114.19
N TRP X 754 29.74 35.82 -113.17
CA TRP X 754 30.30 37.15 -113.30
C TRP X 754 31.82 37.17 -113.22
N ASP X 755 32.43 36.14 -112.64
CA ASP X 755 33.88 36.01 -112.60
C ASP X 755 34.23 34.53 -112.66
N CYS X 756 35.51 34.25 -112.81
CA CYS X 756 35.98 32.90 -113.11
C CYS X 756 36.41 32.12 -111.89
N ASP X 757 36.12 32.61 -110.68
CA ASP X 757 36.42 31.82 -109.49
C ASP X 757 35.63 30.53 -109.49
N ALA X 758 34.41 30.54 -110.04
CA ALA X 758 33.63 29.33 -110.16
C ALA X 758 34.31 28.33 -111.09
N LEU X 759 34.87 28.81 -112.20
CA LEU X 759 35.57 27.91 -113.10
C LEU X 759 36.83 27.34 -112.45
N ILE X 760 37.56 28.19 -111.71
CA ILE X 760 38.73 27.71 -110.98
C ILE X 760 38.32 26.61 -110.01
N TYR X 761 37.25 26.85 -109.25
CA TYR X 761 36.79 25.85 -108.28
C TYR X 761 36.35 24.57 -108.97
N ARG X 762 35.67 24.70 -110.12
CA ARG X 762 35.22 23.52 -110.84
C ARG X 762 36.39 22.69 -111.32
N ASP X 763 37.46 23.33 -111.80
CA ASP X 763 38.58 22.55 -112.28
C ASP X 763 39.41 21.97 -111.15
N GLU X 764 39.43 22.63 -109.98
CA GLU X 764 40.25 22.08 -108.89
C GLU X 764 39.50 21.02 -108.09
N ALA X 765 38.17 21.07 -108.07
CA ALA X 765 37.41 20.20 -107.17
C ALA X 765 37.51 18.74 -107.60
N ALA X 766 37.05 18.43 -108.80
CA ALA X 766 37.00 17.04 -109.24
C ALA X 766 38.41 16.49 -109.47
N ARG X 767 39.10 17.03 -110.47
CA ARG X 767 40.47 16.67 -110.82
C ARG X 767 40.64 15.18 -111.10
N ASP X 768 39.56 14.41 -111.12
CA ASP X 768 39.60 12.99 -111.44
C ASP X 768 38.71 12.66 -112.62
N ARG X 769 37.48 13.15 -112.64
CA ARG X 769 36.60 12.95 -113.77
C ARG X 769 37.03 13.85 -114.91
N LEU X 770 37.16 13.28 -116.10
CA LEU X 770 37.67 13.97 -117.28
C LEU X 770 36.83 15.21 -117.58
N PRO X 771 37.35 16.40 -117.34
CA PRO X 771 36.59 17.62 -117.60
C PRO X 771 36.80 18.14 -119.01
N ALA X 772 35.81 18.89 -119.49
CA ALA X 772 35.87 19.47 -120.81
C ALA X 772 35.12 20.79 -120.80
N ILE X 773 35.75 21.83 -121.30
CA ILE X 773 35.16 23.17 -121.35
C ILE X 773 35.25 23.68 -122.78
N ARG X 774 34.14 24.20 -123.29
CA ARG X 774 34.07 24.84 -124.60
C ARG X 774 33.53 26.25 -124.37
N VAL X 775 34.37 27.26 -124.63
CA VAL X 775 33.95 28.66 -124.51
C VAL X 775 34.08 29.28 -125.89
N SER X 776 32.98 29.23 -126.65
CA SER X 776 32.88 29.84 -127.97
C SER X 776 34.04 29.43 -128.88
N GLY X 777 34.14 28.12 -129.12
CA GLY X 777 35.15 27.63 -130.03
C GLY X 777 36.25 26.84 -129.36
N ARG X 778 37.44 27.43 -129.28
CA ARG X 778 38.60 26.74 -128.74
C ARG X 778 38.35 26.27 -127.32
N ASN X 779 38.92 25.12 -126.98
CA ASN X 779 38.76 24.52 -125.66
C ASN X 779 39.72 25.20 -124.68
N GLY X 780 39.16 25.71 -123.59
CA GLY X 780 39.98 26.37 -122.59
C GLY X 780 39.80 27.87 -122.58
N TYR X 781 39.60 28.43 -121.40
CA TYR X 781 39.38 29.87 -121.28
C TYR X 781 40.67 30.59 -120.93
N GLN X 782 40.72 31.88 -121.26
CA GLN X 782 41.86 32.73 -120.97
C GLN X 782 41.36 33.92 -120.15
N ALA X 783 41.78 33.98 -118.90
CA ALA X 783 41.37 35.02 -117.97
C ALA X 783 42.40 36.13 -117.92
N LEU X 784 41.92 37.38 -117.89
CA LEU X 784 42.79 38.54 -117.78
C LEU X 784 42.20 39.50 -116.77
N HIS X 785 42.99 40.50 -116.41
CA HIS X 785 42.60 41.46 -115.39
C HIS X 785 41.65 42.49 -115.99
N PHE X 786 41.42 43.58 -115.27
CA PHE X 786 40.52 44.63 -115.74
C PHE X 786 40.98 45.18 -117.09
N VAL X 787 40.01 45.69 -117.85
CA VAL X 787 40.26 46.22 -119.18
C VAL X 787 40.12 47.74 -119.12
N ASP X 788 40.98 48.45 -119.85
CA ASP X 788 41.00 49.89 -119.84
C ASP X 788 39.82 50.44 -120.65
N MET X 789 39.70 51.77 -120.69
CA MET X 789 38.63 52.39 -121.45
C MET X 789 39.00 52.54 -122.91
N ALA X 790 40.28 52.81 -123.20
CA ALA X 790 40.70 53.02 -124.58
C ALA X 790 40.58 51.74 -125.40
N GLY X 791 41.31 50.70 -125.01
CA GLY X 791 41.26 49.46 -125.75
C GLY X 791 40.25 48.47 -125.17
N HIS X 792 39.06 48.42 -125.77
CA HIS X 792 38.02 47.51 -125.32
C HIS X 792 37.82 46.33 -126.24
N ASN X 793 37.81 46.55 -127.56
CA ASN X 793 37.73 45.46 -128.55
C ASN X 793 36.46 44.63 -128.34
N PHE X 794 35.33 45.28 -128.60
CA PHE X 794 34.03 44.64 -128.46
C PHE X 794 33.99 43.27 -129.13
N GLN X 795 34.67 43.12 -130.26
CA GLN X 795 34.71 41.84 -130.97
C GLN X 795 35.96 41.08 -130.54
N ARG X 796 35.76 39.97 -129.84
CA ARG X 796 36.87 39.18 -129.30
C ARG X 796 36.54 37.70 -129.46
N ARG X 797 37.47 36.85 -129.06
CA ARG X 797 37.27 35.40 -129.12
C ARG X 797 38.09 34.73 -128.02
N ASP X 798 37.42 33.94 -127.19
CA ASP X 798 38.05 33.15 -126.13
C ASP X 798 38.80 34.06 -125.15
N ASN X 799 38.05 34.97 -124.53
CA ASN X 799 38.62 35.87 -123.54
C ASN X 799 37.55 36.17 -122.50
N VAL X 800 37.89 35.94 -121.24
CA VAL X 800 36.97 36.10 -120.12
C VAL X 800 37.59 37.07 -119.12
N LEU X 801 36.72 37.82 -118.43
CA LEU X 801 37.15 38.86 -117.52
C LEU X 801 36.95 38.44 -116.06
N ILE X 802 37.64 39.16 -115.17
CA ILE X 802 37.43 39.04 -113.74
C ILE X 802 37.27 40.39 -113.07
N HIS X 803 37.31 41.49 -113.83
CA HIS X 803 37.11 42.84 -113.30
C HIS X 803 38.19 43.22 -112.29
N GLY X 804 39.41 42.76 -112.53
CA GLY X 804 40.52 43.10 -111.67
C GLY X 804 40.35 42.55 -110.27
N ARG X 805 40.98 43.22 -109.31
CA ARG X 805 40.94 42.82 -107.91
C ARG X 805 40.77 44.06 -107.05
N PRO X 806 40.06 43.95 -105.93
CA PRO X 806 39.90 45.11 -105.04
C PRO X 806 41.12 45.41 -104.20
N VAL X 807 42.06 44.47 -104.08
CA VAL X 807 43.26 44.70 -103.29
C VAL X 807 44.51 44.42 -104.13
N ILE X 815 51.70 37.84 -113.58
CA ILE X 815 50.95 37.71 -112.34
C ILE X 815 49.73 36.81 -112.57
N PRO X 816 49.58 35.78 -111.74
CA PRO X 816 48.51 34.81 -111.94
C PRO X 816 47.17 35.32 -111.41
N ILE X 817 46.11 34.62 -111.78
CA ILE X 817 44.78 34.94 -111.32
C ILE X 817 44.52 34.28 -109.97
N THR X 818 43.60 34.86 -109.21
CA THR X 818 43.24 34.36 -107.89
C THR X 818 41.73 34.38 -107.74
N PRO X 819 41.16 33.45 -106.98
CA PRO X 819 39.72 33.47 -106.75
C PRO X 819 39.29 34.76 -106.05
N HIS X 820 38.10 35.24 -106.42
CA HIS X 820 37.62 36.50 -105.88
C HIS X 820 36.97 36.32 -104.52
N HIS X 821 35.93 35.49 -104.45
CA HIS X 821 35.21 35.24 -103.22
C HIS X 821 35.62 33.88 -102.64
N ASP X 822 34.91 33.45 -101.60
CA ASP X 822 35.20 32.20 -100.93
C ASP X 822 34.51 31.05 -101.66
N ARG X 823 34.51 29.87 -101.05
CA ARG X 823 33.93 28.70 -101.69
C ARG X 823 32.42 28.62 -101.45
N GLU X 824 31.97 28.91 -100.23
CA GLU X 824 30.56 28.79 -99.91
C GLU X 824 29.71 29.84 -100.62
N TRP X 825 30.32 30.90 -101.13
CA TRP X 825 29.59 31.85 -101.95
C TRP X 825 28.97 31.16 -103.15
N GLY X 826 29.70 30.21 -103.75
CA GLY X 826 29.14 29.46 -104.87
C GLY X 826 27.94 28.63 -104.48
N ILE X 827 28.02 27.97 -103.32
CA ILE X 827 26.90 27.16 -102.84
C ILE X 827 25.69 28.06 -102.58
N LEU X 828 25.93 29.22 -101.97
CA LEU X 828 24.82 30.14 -101.70
C LEU X 828 24.18 30.62 -102.99
N SER X 829 25.00 30.97 -103.98
CA SER X 829 24.46 31.41 -105.26
C SER X 829 23.67 30.31 -105.93
N LYS X 830 24.17 29.08 -105.89
CA LYS X 830 23.45 27.96 -106.47
C LYS X 830 22.10 27.77 -105.81
N ILE X 831 22.08 27.75 -104.47
CA ILE X 831 20.82 27.58 -103.74
C ILE X 831 19.84 28.68 -104.12
N TYR X 832 20.31 29.93 -104.12
CA TYR X 832 19.45 31.04 -104.49
C TYR X 832 18.87 30.84 -105.88
N TYR X 833 19.73 30.75 -106.89
CA TYR X 833 19.28 30.70 -108.28
C TYR X 833 18.38 29.51 -108.56
N TYR X 834 18.59 28.39 -107.88
CA TYR X 834 17.88 27.17 -108.20
C TYR X 834 16.73 26.86 -107.25
N ILE X 835 16.50 27.69 -106.24
CA ILE X 835 15.36 27.47 -105.37
C ILE X 835 14.49 28.71 -105.29
N VAL X 836 15.08 29.84 -104.91
CA VAL X 836 14.27 31.02 -104.59
C VAL X 836 13.69 31.64 -105.85
N ILE X 837 14.53 31.85 -106.86
CA ILE X 837 14.06 32.46 -108.10
C ILE X 837 13.00 31.60 -108.78
N PRO X 838 13.17 30.29 -108.96
CA PRO X 838 12.09 29.51 -109.57
C PRO X 838 10.82 29.47 -108.73
N ALA X 839 10.97 29.36 -107.40
CA ALA X 839 9.78 29.25 -106.55
C ALA X 839 8.91 30.50 -106.64
N PHE X 840 9.51 31.66 -106.89
CA PHE X 840 8.75 32.90 -106.98
C PHE X 840 8.32 33.22 -108.40
N SER X 841 9.15 32.91 -109.39
CA SER X 841 8.82 33.25 -110.77
C SER X 841 7.81 32.26 -111.35
N ARG X 842 7.94 30.98 -111.02
CA ARG X 842 7.05 29.92 -111.50
C ARG X 842 7.06 29.88 -113.03
N GLY X 843 8.25 29.70 -113.59
CA GLY X 843 8.41 29.55 -115.02
C GLY X 843 8.13 30.79 -115.84
N SER X 844 8.17 31.98 -115.22
CA SER X 844 7.90 33.21 -115.94
C SER X 844 9.17 34.00 -116.28
N CYS X 845 10.26 33.78 -115.56
CA CYS X 845 11.49 34.50 -115.80
C CYS X 845 12.28 33.85 -116.93
N CYS X 846 13.21 34.60 -117.49
CA CYS X 846 14.05 34.13 -118.58
C CYS X 846 15.44 34.70 -118.42
N THR X 847 16.40 34.10 -119.12
CA THR X 847 17.77 34.60 -119.15
C THR X 847 18.09 35.09 -120.56
N MET X 848 18.77 36.24 -120.64
CA MET X 848 19.03 36.91 -121.90
C MET X 848 20.45 37.46 -121.88
N GLY X 849 20.90 37.91 -123.05
CA GLY X 849 22.21 38.51 -123.19
C GLY X 849 22.13 39.98 -123.53
N VAL X 850 23.20 40.73 -123.23
CA VAL X 850 23.22 42.17 -123.42
C VAL X 850 24.09 42.52 -124.62
N ARG X 851 23.97 43.76 -125.06
CA ARG X 851 24.76 44.30 -126.18
C ARG X 851 25.49 45.53 -125.66
N TYR X 852 26.72 45.34 -125.19
CA TYR X 852 27.50 46.45 -124.66
C TYR X 852 27.85 47.45 -125.75
N ASP X 853 28.02 46.99 -126.99
CA ASP X 853 28.31 47.89 -128.11
C ASP X 853 27.20 48.89 -128.34
N ARG X 854 25.97 48.56 -127.95
CA ARG X 854 24.85 49.50 -128.01
C ARG X 854 24.54 50.13 -126.67
N LEU X 855 25.03 49.54 -125.57
CA LEU X 855 24.76 50.08 -124.24
C LEU X 855 25.68 51.24 -123.91
N TYR X 856 26.99 51.05 -124.13
CA TYR X 856 27.96 52.08 -123.74
C TYR X 856 27.76 53.41 -124.46
N PRO X 857 27.54 53.47 -125.78
CA PRO X 857 27.33 54.78 -126.41
C PRO X 857 26.09 55.50 -125.92
N ALA X 858 25.11 54.77 -125.38
CA ALA X 858 23.87 55.40 -124.96
C ALA X 858 23.91 55.91 -123.53
N LEU X 859 24.89 55.49 -122.73
CA LEU X 859 24.97 55.88 -121.34
C LEU X 859 25.88 57.07 -121.08
N GLN X 860 26.51 57.61 -122.12
CA GLN X 860 27.44 58.71 -121.99
C GLN X 860 26.83 60.05 -122.38
N ALA X 861 25.53 60.24 -122.13
CA ALA X 861 24.84 61.49 -122.39
C ALA X 861 24.43 62.06 -121.04
N VAL X 862 25.24 62.96 -120.50
CA VAL X 862 25.05 63.52 -119.17
C VAL X 862 24.93 65.03 -119.28
N ILE X 863 23.87 65.60 -118.69
CA ILE X 863 23.57 67.02 -118.82
C ILE X 863 23.53 67.67 -117.43
N VAL X 864 24.35 67.18 -116.51
CA VAL X 864 24.42 67.83 -115.20
C VAL X 864 24.94 69.26 -115.37
N PRO X 865 24.22 70.27 -114.91
CA PRO X 865 24.66 71.65 -115.11
C PRO X 865 25.71 72.06 -114.09
N GLU X 866 26.44 73.13 -114.43
CA GLU X 866 27.47 73.64 -113.54
C GLU X 866 26.84 74.36 -112.35
N ILE X 867 27.37 74.09 -111.17
CA ILE X 867 26.90 74.70 -109.94
C ILE X 867 27.67 75.99 -109.72
N PRO X 868 27.02 77.09 -109.33
CA PRO X 868 27.76 78.32 -109.06
C PRO X 868 28.66 78.18 -107.85
N ALA X 869 29.77 78.91 -107.88
CA ALA X 869 30.70 78.89 -106.75
C ALA X 869 30.05 79.54 -105.54
N ASP X 870 30.44 79.06 -104.35
CA ASP X 870 29.89 79.55 -103.09
C ASP X 870 28.37 79.43 -103.06
N GLU X 871 27.86 78.33 -103.62
CA GLU X 871 26.43 78.09 -103.70
C GLU X 871 26.14 76.64 -103.36
N GLU X 872 24.86 76.33 -103.18
CA GLU X 872 24.41 74.99 -102.83
C GLU X 872 23.77 74.30 -104.03
N ALA X 873 23.61 72.98 -103.92
CA ALA X 873 23.01 72.19 -104.98
C ALA X 873 21.51 72.02 -104.72
N PRO X 874 20.65 72.28 -105.70
CA PRO X 874 19.22 72.17 -105.47
C PRO X 874 18.80 70.71 -105.30
N THR X 875 17.81 70.49 -104.44
CA THR X 875 17.32 69.15 -104.14
C THR X 875 16.09 68.79 -104.97
N THR X 876 15.04 69.61 -104.87
CA THR X 876 13.80 69.32 -105.59
C THR X 876 14.01 69.51 -107.10
N PRO X 877 13.36 68.70 -107.92
CA PRO X 877 13.50 68.83 -109.38
C PRO X 877 12.62 69.89 -110.02
N GLU X 878 11.96 70.75 -109.24
CA GLU X 878 11.12 71.79 -109.82
C GLU X 878 11.89 73.02 -110.25
N ASP X 879 13.14 73.16 -109.83
CA ASP X 879 13.91 74.32 -110.25
C ASP X 879 14.71 73.99 -111.50
N PRO X 880 14.95 74.99 -112.37
CA PRO X 880 15.74 74.72 -113.58
C PRO X 880 17.17 74.29 -113.31
N ARG X 881 17.71 74.60 -112.12
CA ARG X 881 19.05 74.17 -111.79
C ARG X 881 19.16 72.66 -111.60
N HIS X 882 18.04 71.98 -111.38
CA HIS X 882 18.07 70.55 -111.14
C HIS X 882 18.28 69.79 -112.45
N PRO X 883 19.02 68.68 -112.41
CA PRO X 883 19.20 67.89 -113.63
C PRO X 883 17.91 67.33 -114.19
N LEU X 884 16.85 67.24 -113.38
CA LEU X 884 15.61 66.63 -113.86
C LEU X 884 14.70 67.65 -114.52
N HIS X 885 14.99 68.94 -114.37
CA HIS X 885 14.09 69.96 -114.89
C HIS X 885 14.03 69.93 -116.40
N ALA X 886 12.89 70.39 -116.94
CA ALA X 886 12.71 70.40 -118.39
C ALA X 886 13.70 71.30 -119.09
N HIS X 887 14.22 72.32 -118.40
CA HIS X 887 15.22 73.19 -119.02
C HIS X 887 16.49 72.44 -119.37
N GLN X 888 16.75 71.34 -118.68
CA GLN X 888 17.90 70.49 -118.97
C GLN X 888 17.51 69.11 -119.44
N LEU X 889 16.23 68.89 -119.77
CA LEU X 889 15.77 67.61 -120.28
C LEU X 889 15.86 67.62 -121.80
N VAL X 890 16.80 66.88 -122.35
CA VAL X 890 17.04 66.84 -123.78
C VAL X 890 16.79 65.42 -124.28
N PRO X 891 16.10 65.23 -125.40
CA PRO X 891 15.86 63.87 -125.90
C PRO X 891 17.16 63.14 -126.18
N ASN X 892 17.09 61.82 -126.06
CA ASN X 892 18.24 60.93 -126.28
C ASN X 892 19.38 61.25 -125.31
N SER X 893 19.05 61.17 -124.02
CA SER X 893 20.01 61.36 -122.95
C SER X 893 19.60 60.51 -121.77
N LEU X 894 20.37 60.57 -120.69
CA LEU X 894 20.05 59.81 -119.49
C LEU X 894 19.01 60.49 -118.64
N ASN X 895 18.86 61.81 -118.76
CA ASN X 895 17.87 62.52 -117.97
C ASN X 895 16.46 62.08 -118.33
N VAL X 896 16.20 61.85 -119.62
CA VAL X 896 14.87 61.40 -120.02
C VAL X 896 14.63 59.98 -119.56
N TYR X 897 15.67 59.15 -119.55
CA TYR X 897 15.54 57.79 -119.01
C TYR X 897 15.14 57.85 -117.54
N PHE X 898 15.86 58.65 -116.74
CA PHE X 898 15.54 58.74 -115.33
C PHE X 898 14.16 59.37 -115.10
N HIS X 899 13.76 60.30 -115.96
CA HIS X 899 12.44 60.90 -115.81
C HIS X 899 11.34 59.89 -116.10
N ASN X 900 11.50 59.09 -117.16
CA ASN X 900 10.56 58.02 -117.42
C ASN X 900 10.53 57.03 -116.27
N ALA X 901 11.69 56.77 -115.66
CA ALA X 901 11.74 55.94 -114.47
C ALA X 901 11.13 56.63 -113.26
N HIS X 902 10.91 57.94 -113.32
CA HIS X 902 10.26 58.69 -112.24
C HIS X 902 11.07 58.63 -110.95
N LEU X 903 12.37 58.84 -111.08
CA LEU X 903 13.27 58.85 -109.94
C LEU X 903 13.92 60.23 -109.82
N THR X 904 14.48 60.50 -108.64
CA THR X 904 15.12 61.78 -108.35
C THR X 904 16.57 61.52 -107.96
N VAL X 905 17.51 62.11 -108.71
CA VAL X 905 18.92 61.97 -108.45
C VAL X 905 19.58 63.35 -108.49
N ASP X 906 20.69 63.46 -107.78
CA ASP X 906 21.47 64.70 -107.75
C ASP X 906 22.62 64.60 -108.77
N GLY X 907 23.54 65.57 -108.71
CA GLY X 907 24.59 65.65 -109.70
C GLY X 907 25.75 64.69 -109.52
N ASP X 908 26.24 64.55 -108.28
CA ASP X 908 27.41 63.71 -108.05
C ASP X 908 27.11 62.25 -108.34
N ALA X 909 25.88 61.80 -108.07
CA ALA X 909 25.50 60.43 -108.38
C ALA X 909 25.66 60.15 -109.87
N LEU X 910 25.21 61.07 -110.71
CA LEU X 910 25.39 60.91 -112.15
C LEU X 910 26.86 61.06 -112.54
N LEU X 911 27.60 61.90 -111.82
CA LEU X 911 29.01 62.11 -112.15
C LEU X 911 29.85 60.87 -111.86
N THR X 912 29.42 60.06 -110.89
CA THR X 912 30.16 58.83 -110.57
C THR X 912 30.21 57.85 -111.74
N LEU X 913 29.37 58.05 -112.77
CA LEU X 913 29.39 57.15 -113.92
C LEU X 913 30.72 57.24 -114.67
N GLN X 914 31.35 58.41 -114.68
CA GLN X 914 32.65 58.54 -115.30
C GLN X 914 33.71 57.70 -114.59
N GLU X 915 33.65 57.67 -113.26
CA GLU X 915 34.54 56.80 -112.51
C GLU X 915 34.21 55.33 -112.74
N LEU X 916 32.92 55.03 -112.93
CA LEU X 916 32.53 53.68 -113.31
C LEU X 916 33.15 53.26 -114.65
N MET X 917 33.23 54.20 -115.59
CA MET X 917 33.68 53.93 -116.95
C MET X 917 35.09 53.33 -117.02
N GLY X 918 35.79 53.28 -115.90
CA GLY X 918 37.11 52.68 -115.84
C GLY X 918 37.12 51.24 -116.32
N ASP X 919 36.41 50.36 -115.62
CA ASP X 919 36.27 48.99 -116.07
C ASP X 919 35.21 48.89 -117.16
N MET X 920 35.35 47.87 -118.00
CA MET X 920 34.45 47.70 -119.14
C MET X 920 34.06 46.22 -119.26
N ALA X 921 33.02 45.98 -120.05
CA ALA X 921 32.54 44.64 -120.35
C ALA X 921 32.39 44.49 -121.85
N GLU X 922 33.05 43.49 -122.41
CA GLU X 922 33.07 43.33 -123.86
C GLU X 922 31.76 42.75 -124.38
N ARG X 923 31.42 41.54 -123.95
CA ARG X 923 30.26 40.83 -124.48
C ARG X 923 29.89 39.70 -123.52
N THR X 924 28.70 39.16 -123.71
CA THR X 924 28.26 37.98 -122.99
C THR X 924 28.58 36.73 -123.82
N THR X 925 28.97 35.66 -123.14
CA THR X 925 29.46 34.47 -123.82
C THR X 925 28.73 33.23 -123.32
N ALA X 926 28.78 32.17 -124.11
CA ALA X 926 28.21 30.89 -123.73
C ALA X 926 29.31 29.90 -123.40
N ILE X 927 29.13 29.17 -122.31
CA ILE X 927 30.11 28.19 -121.84
C ILE X 927 29.42 26.83 -121.76
N LEU X 928 30.12 25.79 -122.21
CA LEU X 928 29.61 24.43 -122.19
C LEU X 928 30.60 23.55 -121.46
N VAL X 929 30.20 23.01 -120.31
CA VAL X 929 31.06 22.17 -119.50
C VAL X 929 30.55 20.73 -119.55
N SER X 930 31.47 19.80 -119.32
CA SER X 930 31.14 18.39 -119.35
C SER X 930 32.10 17.62 -118.47
N SER X 931 31.61 16.58 -117.82
CA SER X 931 32.43 15.75 -116.96
C SER X 931 31.77 14.38 -116.81
N ALA X 932 32.54 13.46 -116.24
CA ALA X 932 32.07 12.10 -116.00
C ALA X 932 31.17 12.07 -114.77
N PRO X 933 30.41 10.99 -114.58
CA PRO X 933 29.65 10.84 -113.34
C PRO X 933 30.59 10.69 -112.14
N ASP X 934 30.08 11.09 -110.98
CA ASP X 934 30.90 11.18 -109.78
C ASP X 934 31.36 9.80 -109.32
N ALA X 935 32.22 9.79 -108.31
CA ALA X 935 32.79 8.55 -107.79
C ALA X 935 31.77 7.68 -107.06
N GLY X 936 30.58 8.22 -106.76
CA GLY X 936 29.56 7.39 -106.13
C GLY X 936 29.01 6.34 -107.07
N ALA X 937 28.88 6.68 -108.35
CA ALA X 937 28.39 5.74 -109.37
C ALA X 937 29.43 5.51 -110.46
N ALA X 938 30.71 5.72 -110.16
CA ALA X 938 31.77 5.54 -111.14
C ALA X 938 31.94 4.05 -111.44
N THR X 939 31.59 3.65 -112.65
CA THR X 939 31.72 2.27 -113.09
C THR X 939 32.40 2.26 -114.45
N ALA X 940 33.07 1.13 -114.75
CA ALA X 940 33.76 0.99 -116.02
C ALA X 940 32.86 1.26 -117.22
N THR X 941 31.55 1.10 -117.06
CA THR X 941 30.60 1.38 -118.13
C THR X 941 29.93 2.74 -118.01
N THR X 942 29.75 3.25 -116.79
CA THR X 942 29.15 4.57 -116.62
C THR X 942 30.12 5.69 -116.94
N ARG X 943 31.42 5.43 -116.87
CA ARG X 943 32.41 6.47 -117.18
C ARG X 943 32.29 6.97 -118.61
N ASN X 944 31.84 6.11 -119.52
CA ASN X 944 31.65 6.55 -120.90
C ASN X 944 30.53 7.57 -121.02
N MET X 945 29.54 7.50 -120.13
CA MET X 945 28.49 8.51 -120.11
C MET X 945 29.03 9.83 -119.60
N ARG X 946 28.44 10.92 -120.07
CA ARG X 946 28.90 12.26 -119.74
C ARG X 946 27.71 13.20 -119.69
N ILE X 947 27.82 14.21 -118.81
CA ILE X 947 26.79 15.22 -118.64
C ILE X 947 27.28 16.52 -119.27
N TYR X 948 26.40 17.18 -120.02
CA TYR X 948 26.73 18.39 -120.75
C TYR X 948 25.85 19.51 -120.23
N ASP X 949 26.46 20.49 -119.54
CA ASP X 949 25.72 21.57 -118.93
C ASP X 949 26.18 22.91 -119.50
N GLY X 950 25.23 23.79 -119.79
CA GLY X 950 25.54 25.08 -120.34
C GLY X 950 25.30 26.24 -119.39
N ALA X 951 26.01 27.34 -119.59
CA ALA X 951 25.87 28.52 -118.74
C ALA X 951 26.24 29.76 -119.54
N LEU X 952 25.91 30.91 -118.97
CA LEU X 952 26.15 32.20 -119.60
C LEU X 952 27.12 33.02 -118.77
N TYR X 953 27.99 33.76 -119.45
CA TYR X 953 28.95 34.66 -118.84
C TYR X 953 28.54 36.08 -119.17
N HIS X 954 28.32 36.89 -118.14
CA HIS X 954 27.90 38.28 -118.26
C HIS X 954 26.51 38.41 -118.86
N GLY X 955 25.60 37.49 -118.52
CA GLY X 955 24.22 37.57 -118.95
C GLY X 955 23.34 38.26 -117.92
N LEU X 956 22.04 38.20 -118.15
CA LEU X 956 21.07 38.81 -117.24
C LEU X 956 19.83 37.94 -117.17
N ILE X 957 19.02 38.17 -116.13
CA ILE X 957 17.76 37.48 -115.93
C ILE X 957 16.66 38.52 -115.89
N MET X 958 15.68 38.38 -116.78
CA MET X 958 14.52 39.25 -116.80
C MET X 958 13.33 38.54 -116.17
N MET X 959 12.59 39.27 -115.32
CA MET X 959 11.49 38.67 -114.58
C MET X 959 10.28 38.46 -115.47
N ALA X 960 9.75 39.52 -116.04
CA ALA X 960 8.54 39.45 -116.87
C ALA X 960 8.69 40.40 -118.04
N TYR X 961 8.72 39.84 -119.25
CA TYR X 961 8.88 40.64 -120.46
C TYR X 961 7.52 41.10 -120.96
N GLN X 962 7.44 42.36 -121.40
CA GLN X 962 6.23 42.92 -121.95
C GLN X 962 6.52 43.51 -123.32
N ALA X 963 5.68 43.20 -124.29
CA ALA X 963 5.82 43.70 -125.64
C ALA X 963 4.98 44.93 -125.91
N TYR X 964 4.28 45.45 -124.90
CA TYR X 964 3.38 46.59 -125.06
C TYR X 964 4.04 47.90 -124.64
N ASP X 965 5.37 47.96 -124.65
CA ASP X 965 6.11 49.17 -124.30
C ASP X 965 6.70 49.75 -125.57
N GLU X 966 6.13 50.85 -126.04
CA GLU X 966 6.60 51.50 -127.27
C GLU X 966 7.59 52.63 -127.01
N THR X 967 7.85 52.96 -125.74
CA THR X 967 8.84 53.98 -125.43
C THR X 967 10.24 53.55 -125.85
N ILE X 968 10.55 52.27 -125.72
CA ILE X 968 11.84 51.71 -126.10
C ILE X 968 11.61 50.58 -127.08
N ALA X 969 12.40 50.57 -128.16
CA ALA X 969 12.26 49.52 -129.17
C ALA X 969 12.62 48.17 -128.57
N THR X 970 11.89 47.13 -129.00
CA THR X 970 12.13 45.79 -128.49
C THR X 970 13.48 45.28 -128.98
N GLY X 971 14.23 44.65 -128.08
CA GLY X 971 15.54 44.15 -128.44
C GLY X 971 16.59 45.21 -128.61
N THR X 972 16.41 46.37 -127.99
CA THR X 972 17.40 47.44 -128.12
C THR X 972 18.69 47.08 -127.42
N PHE X 973 18.60 46.45 -126.25
CA PHE X 973 19.78 46.08 -125.48
C PHE X 973 19.82 44.63 -125.03
N PHE X 974 18.75 43.87 -125.24
CA PHE X 974 18.69 42.50 -124.75
C PHE X 974 18.10 41.59 -125.83
N TYR X 975 18.58 40.35 -125.85
CA TYR X 975 18.10 39.32 -126.76
C TYR X 975 18.06 38.00 -126.01
N PRO X 976 16.98 37.23 -126.17
CA PRO X 976 16.79 36.04 -125.33
C PRO X 976 17.61 34.86 -125.80
N VAL X 977 18.47 34.34 -124.92
CA VAL X 977 19.17 33.09 -125.13
C VAL X 977 19.04 32.25 -123.87
N PRO X 978 17.95 31.51 -123.71
CA PRO X 978 17.81 30.66 -122.51
C PRO X 978 18.26 29.24 -122.78
N VAL X 979 18.98 28.67 -121.83
CA VAL X 979 19.30 27.24 -121.82
C VAL X 979 18.94 26.70 -120.43
N ASN X 980 17.69 26.26 -120.27
CA ASN X 980 17.22 25.54 -119.12
C ASN X 980 15.79 25.08 -119.35
N PRO X 981 15.40 23.89 -118.90
CA PRO X 981 13.96 23.57 -118.87
C PRO X 981 13.21 24.42 -117.88
N LEU X 982 13.90 25.04 -116.92
CA LEU X 982 13.32 25.86 -115.88
C LEU X 982 13.32 27.34 -116.23
N PHE X 983 14.43 27.85 -116.74
CA PHE X 983 14.57 29.26 -117.08
C PHE X 983 14.05 29.57 -118.48
N ALA X 984 13.32 28.66 -119.11
CA ALA X 984 12.80 28.91 -120.44
C ALA X 984 11.78 30.04 -120.41
N CYS X 985 11.55 30.63 -121.57
CA CYS X 985 10.66 31.77 -121.67
C CYS X 985 9.88 31.71 -122.98
N PRO X 986 8.63 31.23 -122.96
CA PRO X 986 7.86 31.16 -124.21
C PRO X 986 7.38 32.51 -124.70
N GLU X 987 7.51 33.57 -123.90
CA GLU X 987 7.05 34.90 -124.30
C GLU X 987 8.17 35.90 -124.51
N HIS X 988 9.34 35.69 -123.89
CA HIS X 988 10.45 36.60 -124.11
C HIS X 988 11.00 36.51 -125.53
N LEU X 989 10.62 35.49 -126.28
CA LEU X 989 11.09 35.34 -127.66
C LEU X 989 10.57 36.43 -128.57
N ALA X 990 9.52 37.15 -128.18
CA ALA X 990 9.01 38.24 -129.00
C ALA X 990 10.04 39.33 -129.20
N SER X 991 10.99 39.47 -128.28
CA SER X 991 12.05 40.46 -128.44
C SER X 991 13.06 40.08 -129.50
N LEU X 992 13.11 38.81 -129.90
CA LEU X 992 14.06 38.38 -130.91
C LEU X 992 13.58 38.78 -132.30
N ARG X 993 14.54 39.08 -133.17
CA ARG X 993 14.23 39.47 -134.54
C ARG X 993 13.86 38.24 -135.36
N GLY X 994 12.99 38.45 -136.35
CA GLY X 994 12.56 37.37 -137.22
C GLY X 994 11.77 36.31 -136.50
N MET X 995 10.63 36.70 -135.91
CA MET X 995 9.77 35.79 -135.18
C MET X 995 8.44 35.67 -135.90
N THR X 996 7.99 34.44 -136.11
CA THR X 996 6.72 34.16 -136.76
C THR X 996 5.78 33.45 -135.80
N ASN X 997 4.50 33.46 -136.14
CA ASN X 997 3.50 32.79 -135.32
C ASN X 997 3.77 31.30 -135.24
N ALA X 998 4.30 30.72 -136.32
CA ALA X 998 4.63 29.30 -136.32
C ALA X 998 5.71 28.99 -135.30
N ARG X 999 6.81 29.76 -135.32
CA ARG X 999 7.85 29.57 -134.31
C ARG X 999 7.30 29.83 -132.92
N ARG X 1000 6.40 30.79 -132.78
CA ARG X 1000 5.82 31.09 -131.47
C ARG X 1000 5.05 29.89 -130.92
N VAL X 1001 4.15 29.32 -131.72
CA VAL X 1001 3.36 28.19 -131.24
C VAL X 1001 4.20 26.94 -131.12
N LEU X 1002 5.31 26.84 -131.86
CA LEU X 1002 6.20 25.69 -131.69
C LEU X 1002 6.99 25.80 -130.40
N ALA X 1003 7.44 27.00 -130.03
CA ALA X 1003 8.17 27.19 -128.78
C ALA X 1003 7.26 27.21 -127.57
N LYS X 1004 5.97 27.51 -127.75
CA LYS X 1004 5.05 27.49 -126.63
C LYS X 1004 4.88 26.10 -126.04
N MET X 1005 5.19 25.06 -126.81
CA MET X 1005 5.06 23.69 -126.32
C MET X 1005 6.39 23.16 -125.78
N VAL X 1006 7.42 23.15 -126.61
CA VAL X 1006 8.73 22.62 -126.27
C VAL X 1006 9.64 23.79 -125.88
N PRO X 1007 10.36 23.71 -124.77
CA PRO X 1007 11.26 24.81 -124.39
C PRO X 1007 12.39 24.96 -125.38
N PRO X 1008 12.49 26.12 -126.03
CA PRO X 1008 13.57 26.31 -127.01
C PRO X 1008 14.93 26.39 -126.35
N ILE X 1009 15.82 25.47 -126.71
CA ILE X 1009 17.15 25.40 -126.14
C ILE X 1009 18.13 25.01 -127.25
N PRO X 1010 19.19 25.79 -127.49
CA PRO X 1010 20.07 25.48 -128.60
C PRO X 1010 20.90 24.24 -128.30
N PRO X 1011 21.24 23.45 -129.32
CA PRO X 1011 22.01 22.22 -129.06
C PRO X 1011 23.45 22.49 -128.66
N PHE X 1012 24.01 23.64 -129.03
CA PHE X 1012 25.37 23.95 -128.62
C PHE X 1012 25.46 24.38 -127.17
N LEU X 1013 24.34 24.37 -126.44
CA LEU X 1013 24.33 24.74 -125.03
C LEU X 1013 23.89 23.61 -124.11
N GLY X 1014 23.52 22.46 -124.66
CA GLY X 1014 23.13 21.31 -123.86
C GLY X 1014 21.77 20.77 -124.24
N ALA X 1015 21.66 19.44 -124.20
CA ALA X 1015 20.41 18.75 -124.48
C ALA X 1015 19.72 18.35 -123.18
N ASN X 1016 18.40 18.15 -123.27
CA ASN X 1016 17.63 17.83 -122.07
C ASN X 1016 18.02 16.46 -121.51
N HIS X 1017 18.11 15.45 -122.38
CA HIS X 1017 18.43 14.11 -121.92
C HIS X 1017 19.87 13.98 -121.43
N HIS X 1018 20.69 15.02 -121.59
CA HIS X 1018 22.05 15.00 -121.10
C HIS X 1018 22.30 15.99 -119.97
N ALA X 1019 21.38 16.92 -119.72
CA ALA X 1019 21.56 17.90 -118.67
C ALA X 1019 21.08 17.34 -117.33
N THR X 1020 21.47 18.02 -116.25
CA THR X 1020 21.07 17.61 -114.91
C THR X 1020 19.62 18.00 -114.63
N ILE X 1021 19.33 19.29 -114.66
CA ILE X 1021 17.97 19.78 -114.46
C ILE X 1021 17.15 19.45 -115.70
N ARG X 1022 16.11 18.65 -115.53
CA ARG X 1022 15.33 18.15 -116.65
C ARG X 1022 13.88 18.60 -116.52
N GLN X 1023 13.06 18.17 -117.47
CA GLN X 1023 11.66 18.55 -117.60
C GLN X 1023 10.78 18.21 -116.39
N PRO X 1024 11.00 17.09 -115.69
CA PRO X 1024 10.13 16.80 -114.54
C PRO X 1024 10.11 17.90 -113.48
N VAL X 1025 11.28 18.38 -113.06
CA VAL X 1025 11.29 19.39 -112.01
C VAL X 1025 10.71 20.70 -112.51
N ALA X 1026 10.90 21.01 -113.80
CA ALA X 1026 10.31 22.22 -114.36
C ALA X 1026 8.79 22.13 -114.34
N TYR X 1027 8.24 20.98 -114.76
CA TYR X 1027 6.80 20.78 -114.72
C TYR X 1027 6.28 20.87 -113.30
N HIS X 1028 6.99 20.27 -112.35
CA HIS X 1028 6.57 20.33 -110.96
C HIS X 1028 6.51 21.77 -110.47
N VAL X 1029 7.54 22.55 -110.79
CA VAL X 1029 7.57 23.94 -110.36
C VAL X 1029 6.43 24.73 -110.98
N THR X 1030 6.20 24.57 -112.29
CA THR X 1030 5.21 25.39 -112.96
C THR X 1030 3.78 24.93 -112.72
N HIS X 1031 3.58 23.72 -112.18
CA HIS X 1031 2.22 23.23 -111.95
C HIS X 1031 1.85 23.05 -110.49
N SER X 1032 2.81 23.11 -109.57
CA SER X 1032 2.48 23.01 -108.15
C SER X 1032 1.99 24.36 -107.64
N LYS X 1033 0.87 24.35 -106.93
CA LYS X 1033 0.33 25.56 -106.30
C LYS X 1033 -0.09 25.19 -104.87
N SER X 1034 0.86 25.24 -103.94
CA SER X 1034 0.56 25.01 -102.53
C SER X 1034 0.90 26.22 -101.66
N ASP X 1035 2.13 26.69 -101.72
CA ASP X 1035 2.62 27.80 -100.90
C ASP X 1035 4.02 28.12 -101.41
N PHE X 1036 4.71 29.03 -100.73
CA PHE X 1036 6.08 29.37 -101.10
C PHE X 1036 7.11 28.65 -100.24
N ASN X 1037 6.94 28.66 -98.92
CA ASN X 1037 7.90 28.01 -98.03
C ASN X 1037 7.98 26.52 -98.30
N THR X 1038 6.83 25.84 -98.29
CA THR X 1038 6.82 24.41 -98.53
C THR X 1038 7.28 24.09 -99.95
N LEU X 1039 7.07 25.02 -100.89
CA LEU X 1039 7.57 24.81 -102.24
C LEU X 1039 9.09 24.82 -102.26
N THR X 1040 9.70 25.82 -101.61
CA THR X 1040 11.15 25.85 -101.53
C THR X 1040 11.70 24.60 -100.86
N TYR X 1041 11.05 24.16 -99.78
CA TYR X 1041 11.54 22.98 -99.09
C TYR X 1041 11.37 21.71 -99.91
N SER X 1042 10.27 21.62 -100.68
CA SER X 1042 10.08 20.47 -101.55
C SER X 1042 11.11 20.45 -102.67
N LEU X 1043 11.44 21.61 -103.23
CA LEU X 1043 12.48 21.67 -104.24
C LEU X 1043 13.82 21.26 -103.65
N LEU X 1044 14.12 21.72 -102.43
CA LEU X 1044 15.36 21.32 -101.78
C LEU X 1044 15.40 19.81 -101.57
N GLY X 1045 14.30 19.23 -101.13
CA GLY X 1045 14.26 17.78 -100.96
C GLY X 1045 14.39 17.04 -102.26
N GLY X 1046 13.85 17.59 -103.35
CA GLY X 1046 13.99 16.96 -104.65
C GLY X 1046 15.41 17.04 -105.19
N TYR X 1047 16.14 18.10 -104.83
CA TYR X 1047 17.52 18.26 -105.28
C TYR X 1047 18.42 17.36 -104.45
N PHE X 1048 18.40 16.06 -104.77
CA PHE X 1048 19.22 15.09 -104.07
C PHE X 1048 19.71 14.04 -105.06
N LYS X 1049 20.78 13.35 -104.68
CA LYS X 1049 21.39 12.36 -105.55
C LYS X 1049 20.74 11.00 -105.39
N PHE X 1050 20.74 10.22 -106.48
CA PHE X 1050 20.18 8.89 -106.50
C PHE X 1050 21.26 7.83 -106.68
N THR X 1051 22.45 8.08 -106.18
CA THR X 1051 23.55 7.13 -106.30
C THR X 1051 23.56 6.16 -105.12
N PRO X 1052 24.08 4.95 -105.31
CA PRO X 1052 24.16 3.99 -104.20
C PRO X 1052 24.98 4.47 -103.02
N ILE X 1053 25.65 5.62 -103.11
CA ILE X 1053 26.33 6.17 -101.95
C ILE X 1053 25.45 7.17 -101.22
N SER X 1054 24.79 8.06 -101.94
CA SER X 1054 23.85 8.98 -101.32
C SER X 1054 22.68 8.23 -100.70
N LEU X 1055 22.37 7.04 -101.21
CA LEU X 1055 21.31 6.25 -100.60
C LEU X 1055 21.69 5.79 -99.21
N THR X 1056 22.97 5.47 -98.99
CA THR X 1056 23.43 5.12 -97.65
C THR X 1056 23.23 6.27 -96.67
N HIS X 1057 23.35 7.51 -97.15
CA HIS X 1057 23.10 8.64 -96.29
C HIS X 1057 21.62 8.84 -96.05
N GLN X 1058 20.81 8.76 -97.11
CA GLN X 1058 19.39 9.04 -96.98
C GLN X 1058 18.69 8.01 -96.12
N LEU X 1059 18.92 6.71 -96.39
CA LEU X 1059 18.29 5.67 -95.60
C LEU X 1059 18.76 5.67 -94.15
N ARG X 1060 19.99 6.11 -93.89
CA ARG X 1060 20.49 6.13 -92.52
C ARG X 1060 19.95 7.33 -91.76
N THR X 1061 19.81 8.48 -92.43
CA THR X 1061 19.30 9.66 -91.76
C THR X 1061 17.79 9.65 -91.61
N GLY X 1062 17.09 8.91 -92.47
CA GLY X 1062 15.65 8.85 -92.44
C GLY X 1062 14.95 9.62 -93.54
N PHE X 1063 15.70 10.19 -94.47
CA PHE X 1063 15.10 10.91 -95.59
C PHE X 1063 14.49 9.94 -96.56
N HIS X 1064 13.18 10.00 -96.73
CA HIS X 1064 12.47 9.06 -97.60
C HIS X 1064 12.66 9.45 -99.06
N PRO X 1065 13.36 8.65 -99.85
CA PRO X 1065 13.50 8.95 -101.28
C PRO X 1065 12.25 8.57 -102.04
N GLY X 1066 12.20 9.03 -103.29
CA GLY X 1066 11.04 8.77 -104.12
C GLY X 1066 10.99 7.36 -104.66
N ILE X 1067 10.85 6.38 -103.78
CA ILE X 1067 10.81 4.98 -104.19
C ILE X 1067 10.09 4.18 -103.12
N ALA X 1068 9.27 3.23 -103.55
CA ALA X 1068 8.56 2.34 -102.66
C ALA X 1068 9.05 0.91 -102.87
N PHE X 1069 8.73 0.05 -101.92
CA PHE X 1069 9.15 -1.34 -101.97
C PHE X 1069 7.99 -2.27 -101.64
N THR X 1070 8.10 -3.50 -102.12
CA THR X 1070 7.23 -4.59 -101.70
C THR X 1070 8.11 -5.75 -101.26
N VAL X 1071 7.72 -6.40 -100.18
CA VAL X 1071 8.51 -7.47 -99.58
C VAL X 1071 7.82 -8.79 -99.83
N VAL X 1072 8.62 -9.86 -99.88
CA VAL X 1072 8.12 -11.22 -100.04
C VAL X 1072 8.84 -12.11 -99.04
N ARG X 1073 8.12 -13.07 -98.50
CA ARG X 1073 8.64 -13.95 -97.47
C ARG X 1073 7.96 -15.31 -97.58
N GLN X 1074 8.73 -16.37 -97.34
CA GLN X 1074 8.25 -17.73 -97.45
C GLN X 1074 8.46 -18.46 -96.13
N ASP X 1075 7.41 -19.09 -95.63
CA ASP X 1075 7.48 -19.90 -94.42
C ASP X 1075 6.93 -21.29 -94.72
N ARG X 1076 7.08 -22.20 -93.76
CA ARG X 1076 6.57 -23.55 -93.91
C ARG X 1076 6.09 -24.08 -92.57
N PHE X 1077 5.05 -24.92 -92.63
CA PHE X 1077 4.39 -25.43 -91.45
C PHE X 1077 4.18 -26.93 -91.59
N ALA X 1078 4.46 -27.68 -90.52
CA ALA X 1078 4.18 -29.10 -90.50
C ALA X 1078 2.70 -29.32 -90.21
N THR X 1079 2.06 -30.16 -91.01
CA THR X 1079 0.63 -30.39 -90.91
C THR X 1079 0.34 -31.88 -90.77
N GLU X 1080 -0.91 -32.17 -90.41
CA GLU X 1080 -1.41 -33.53 -90.33
C GLU X 1080 -2.40 -33.74 -91.47
N GLN X 1081 -2.17 -34.77 -92.29
CA GLN X 1081 -2.97 -35.02 -93.46
C GLN X 1081 -3.95 -36.15 -93.22
N LEU X 1082 -4.73 -36.47 -94.25
CA LEU X 1082 -5.77 -37.49 -94.15
C LEU X 1082 -5.88 -38.17 -95.51
N LEU X 1083 -5.80 -39.51 -95.51
CA LEU X 1083 -5.80 -40.26 -96.75
C LEU X 1083 -7.06 -41.11 -96.85
N TYR X 1084 -7.65 -41.17 -98.04
CA TYR X 1084 -8.75 -42.07 -98.33
C TYR X 1084 -8.43 -42.86 -99.59
N ALA X 1085 -8.74 -44.15 -99.58
CA ALA X 1085 -8.46 -45.02 -100.71
C ALA X 1085 -9.66 -45.93 -100.96
N GLU X 1086 -9.83 -46.31 -102.22
CA GLU X 1086 -10.92 -47.18 -102.64
C GLU X 1086 -10.60 -48.63 -102.28
N ARG X 1087 -11.46 -49.55 -102.71
CA ARG X 1087 -11.27 -50.96 -102.37
C ARG X 1087 -10.19 -51.61 -103.22
N ALA X 1088 -10.40 -51.69 -104.52
CA ALA X 1088 -9.43 -52.30 -105.43
C ALA X 1088 -8.66 -51.20 -106.14
N SER X 1089 -7.65 -50.69 -105.45
CA SER X 1089 -6.89 -49.55 -105.95
C SER X 1089 -5.54 -49.94 -106.53
N GLU X 1090 -4.86 -50.92 -105.94
CA GLU X 1090 -3.52 -51.29 -106.38
C GLU X 1090 -3.38 -52.80 -106.38
N SER X 1091 -2.62 -53.31 -107.34
CA SER X 1091 -2.25 -54.70 -107.40
C SER X 1091 -0.81 -54.83 -106.89
N TYR X 1092 -0.58 -55.81 -106.02
CA TYR X 1092 0.70 -55.95 -105.33
C TYR X 1092 1.28 -57.32 -105.62
N PHE X 1093 2.53 -57.36 -106.06
CA PHE X 1093 3.28 -58.58 -106.30
C PHE X 1093 4.53 -58.56 -105.46
N VAL X 1094 4.75 -59.63 -104.68
CA VAL X 1094 5.92 -59.74 -103.82
C VAL X 1094 6.80 -60.86 -104.34
N GLY X 1095 8.11 -60.67 -104.26
CA GLY X 1095 9.07 -61.60 -104.81
C GLY X 1095 9.65 -62.54 -103.76
N GLN X 1096 10.92 -62.89 -103.96
CA GLN X 1096 11.67 -63.76 -103.07
C GLN X 1096 12.85 -63.00 -102.50
N ILE X 1097 13.72 -63.69 -101.74
CA ILE X 1097 14.80 -63.03 -101.02
C ILE X 1097 16.14 -63.62 -101.46
N GLN X 1098 17.18 -62.79 -101.38
CA GLN X 1098 18.53 -63.17 -101.73
C GLN X 1098 19.48 -62.73 -100.62
N VAL X 1099 20.46 -63.59 -100.34
CA VAL X 1099 21.44 -63.36 -99.29
C VAL X 1099 22.74 -62.90 -99.93
N HIS X 1100 23.44 -62.00 -99.24
CA HIS X 1100 24.73 -61.47 -99.70
C HIS X 1100 25.69 -61.45 -98.51
N HIS X 1101 26.77 -62.21 -98.61
CA HIS X 1101 27.83 -62.15 -97.63
C HIS X 1101 28.80 -61.03 -97.98
N HIS X 1102 29.36 -60.41 -96.94
CA HIS X 1102 30.27 -59.29 -97.17
C HIS X 1102 31.05 -59.04 -95.90
N ASP X 1103 32.31 -58.65 -96.06
CA ASP X 1103 33.16 -58.29 -94.94
C ASP X 1103 32.57 -57.08 -94.23
N ALA X 1104 32.17 -57.27 -92.98
CA ALA X 1104 31.56 -56.19 -92.20
C ALA X 1104 32.66 -55.34 -91.58
N ILE X 1105 32.28 -54.48 -90.62
CA ILE X 1105 33.27 -53.66 -89.93
C ILE X 1105 34.15 -54.53 -89.06
N GLY X 1106 33.56 -55.53 -88.40
CA GLY X 1106 34.32 -56.47 -87.61
C GLY X 1106 34.18 -57.90 -88.06
N GLY X 1107 33.02 -58.25 -88.60
CA GLY X 1107 32.76 -59.61 -89.01
C GLY X 1107 32.20 -59.71 -90.43
N VAL X 1108 31.01 -60.29 -90.56
CA VAL X 1108 30.33 -60.42 -91.84
C VAL X 1108 28.93 -59.84 -91.71
N ASN X 1109 28.58 -58.94 -92.62
CA ASN X 1109 27.25 -58.31 -92.62
C ASN X 1109 26.41 -59.00 -93.69
N PHE X 1110 25.44 -59.80 -93.26
CA PHE X 1110 24.52 -60.43 -94.18
C PHE X 1110 23.50 -59.41 -94.69
N THR X 1111 23.36 -59.33 -96.01
CA THR X 1111 22.38 -58.44 -96.62
C THR X 1111 21.28 -59.27 -97.24
N LEU X 1112 20.03 -58.96 -96.90
CA LEU X 1112 18.87 -59.71 -97.37
C LEU X 1112 18.03 -58.79 -98.25
N THR X 1113 17.94 -59.11 -99.54
CA THR X 1113 17.28 -58.24 -100.50
C THR X 1113 16.06 -58.93 -101.08
N GLN X 1114 14.98 -58.17 -101.27
CA GLN X 1114 13.76 -58.73 -101.88
C GLN X 1114 13.10 -57.71 -102.80
N PRO X 1115 12.85 -58.07 -104.06
CA PRO X 1115 12.19 -57.15 -104.98
C PRO X 1115 10.68 -57.32 -104.96
N ARG X 1116 9.99 -56.25 -105.38
CA ARG X 1116 8.53 -56.23 -105.42
C ARG X 1116 8.08 -55.40 -106.61
N ALA X 1117 6.76 -55.31 -106.79
CA ALA X 1117 6.19 -54.57 -107.90
C ALA X 1117 4.77 -54.15 -107.55
N HIS X 1118 4.36 -53.01 -108.09
CA HIS X 1118 3.04 -52.45 -107.85
C HIS X 1118 2.49 -51.86 -109.13
N VAL X 1119 1.19 -52.01 -109.35
CA VAL X 1119 0.53 -51.53 -110.57
C VAL X 1119 -0.76 -50.82 -110.19
N ASP X 1120 -0.98 -49.67 -110.82
CA ASP X 1120 -2.21 -48.90 -110.62
C ASP X 1120 -3.25 -49.36 -111.63
N LEU X 1121 -4.22 -50.14 -111.16
CA LEU X 1121 -5.33 -50.59 -112.02
C LEU X 1121 -6.52 -49.65 -111.93
N GLY X 1122 -6.27 -48.36 -112.11
CA GLY X 1122 -7.30 -47.35 -111.98
C GLY X 1122 -7.67 -46.75 -113.33
N VAL X 1123 -8.97 -46.61 -113.56
CA VAL X 1123 -9.49 -45.97 -114.77
C VAL X 1123 -9.63 -44.49 -114.47
N GLY X 1124 -9.21 -44.09 -113.27
CA GLY X 1124 -9.32 -42.72 -112.83
C GLY X 1124 -8.54 -42.51 -111.54
N TYR X 1125 -9.13 -41.79 -110.59
CA TYR X 1125 -8.50 -41.54 -109.30
C TYR X 1125 -9.21 -42.35 -108.23
N THR X 1126 -8.45 -43.16 -107.50
CA THR X 1126 -8.99 -44.05 -106.47
C THR X 1126 -8.46 -43.69 -105.08
N ALA X 1127 -7.85 -42.52 -104.93
CA ALA X 1127 -7.30 -42.10 -103.65
C ALA X 1127 -7.34 -40.58 -103.58
N VAL X 1128 -7.63 -40.06 -102.39
CA VAL X 1128 -7.75 -38.63 -102.16
C VAL X 1128 -7.00 -38.27 -100.89
N CYS X 1129 -6.24 -37.17 -100.93
CA CYS X 1129 -5.53 -36.67 -99.77
C CYS X 1129 -6.02 -35.25 -99.46
N ALA X 1130 -5.88 -34.87 -98.19
CA ALA X 1130 -6.31 -33.55 -97.75
C ALA X 1130 -5.58 -33.16 -96.48
N THR X 1131 -5.12 -31.93 -96.42
CA THR X 1131 -4.44 -31.41 -95.23
C THR X 1131 -5.49 -31.06 -94.19
N ALA X 1132 -5.62 -31.88 -93.16
CA ALA X 1132 -6.69 -31.70 -92.20
C ALA X 1132 -6.34 -30.65 -91.15
N ALA X 1133 -5.31 -30.88 -90.37
CA ALA X 1133 -4.97 -30.04 -89.23
C ALA X 1133 -3.59 -29.44 -89.41
N LEU X 1134 -3.28 -28.48 -88.54
CA LEU X 1134 -2.03 -27.74 -88.57
C LEU X 1134 -1.30 -27.92 -87.26
N ARG X 1135 -0.04 -28.31 -87.32
CA ARG X 1135 0.81 -28.45 -86.15
C ARG X 1135 1.61 -27.18 -85.95
N CYS X 1136 2.60 -27.24 -85.06
CA CYS X 1136 3.36 -26.05 -84.72
C CYS X 1136 4.11 -25.52 -85.95
N PRO X 1137 4.21 -24.21 -86.12
CA PRO X 1137 5.02 -23.67 -87.22
C PRO X 1137 6.49 -24.00 -87.01
N LEU X 1138 7.22 -24.07 -88.12
CA LEU X 1138 8.64 -24.35 -88.09
C LEU X 1138 9.48 -23.12 -88.39
N THR X 1139 9.06 -22.31 -89.38
CA THR X 1139 9.77 -21.10 -89.70
C THR X 1139 9.13 -19.90 -89.02
N ASP X 1140 9.94 -19.11 -88.32
CA ASP X 1140 9.45 -17.89 -87.69
C ASP X 1140 9.26 -16.81 -88.74
N MET X 1141 8.31 -15.92 -88.49
CA MET X 1141 8.02 -14.82 -89.41
C MET X 1141 8.78 -13.56 -89.00
N GLY X 1142 10.10 -13.71 -88.92
CA GLY X 1142 10.97 -12.64 -88.49
C GLY X 1142 11.23 -11.62 -89.58
N ASN X 1143 12.15 -10.71 -89.28
CA ASN X 1143 12.55 -9.65 -90.20
C ASN X 1143 14.04 -9.76 -90.43
N THR X 1144 14.43 -10.57 -91.41
CA THR X 1144 15.83 -10.76 -91.78
C THR X 1144 15.97 -10.42 -93.26
N ALA X 1145 16.65 -9.30 -93.53
CA ALA X 1145 16.82 -8.85 -94.90
C ALA X 1145 17.79 -9.76 -95.66
N GLN X 1146 17.79 -9.61 -96.97
CA GLN X 1146 18.66 -10.38 -97.84
C GLN X 1146 19.89 -9.55 -98.20
N ASN X 1147 21.08 -10.12 -97.97
CA ASN X 1147 22.33 -9.45 -98.28
C ASN X 1147 22.79 -9.89 -99.66
N LEU X 1148 22.93 -8.93 -100.57
CA LEU X 1148 23.29 -9.22 -101.95
C LEU X 1148 24.79 -9.20 -102.19
N PHE X 1149 25.60 -9.22 -101.13
CA PHE X 1149 27.04 -9.24 -101.26
C PHE X 1149 27.60 -10.65 -101.25
N PHE X 1150 26.74 -11.67 -101.22
CA PHE X 1150 27.17 -13.07 -101.28
C PHE X 1150 27.34 -13.56 -102.70
N SER X 1151 27.14 -12.69 -103.70
CA SER X 1151 27.22 -13.06 -105.10
C SER X 1151 28.36 -12.29 -105.77
N ARG X 1152 28.89 -12.88 -106.85
CA ARG X 1152 29.97 -12.28 -107.60
C ARG X 1152 29.71 -12.47 -109.09
N GLY X 1153 30.27 -11.57 -109.88
CA GLY X 1153 30.16 -11.67 -111.33
C GLY X 1153 29.81 -10.36 -112.01
N GLY X 1154 29.01 -9.53 -111.35
CA GLY X 1154 28.66 -8.26 -111.93
C GLY X 1154 29.85 -7.32 -112.02
N VAL X 1155 29.70 -6.29 -112.83
CA VAL X 1155 30.79 -5.32 -112.99
C VAL X 1155 30.91 -4.50 -111.71
N PRO X 1156 32.10 -4.36 -111.14
CA PRO X 1156 32.26 -3.63 -109.89
C PRO X 1156 32.56 -2.15 -110.11
N MET X 1157 32.57 -1.42 -109.01
CA MET X 1157 32.92 0.00 -109.06
C MET X 1157 34.38 0.17 -109.44
N LEU X 1158 34.72 1.36 -109.94
CA LEU X 1158 36.08 1.63 -110.37
C LEU X 1158 37.04 1.59 -109.19
N HIS X 1159 36.64 2.15 -108.06
CA HIS X 1159 37.49 2.21 -106.88
C HIS X 1159 37.12 1.10 -105.90
N ASP X 1160 38.11 0.65 -105.14
CA ASP X 1160 37.90 -0.43 -104.18
C ASP X 1160 37.46 0.09 -102.82
N ASN X 1161 37.86 1.32 -102.46
CA ASN X 1161 37.46 1.86 -101.17
C ASN X 1161 35.96 2.03 -101.09
N VAL X 1162 35.33 2.49 -102.16
CA VAL X 1162 33.88 2.66 -102.14
C VAL X 1162 33.19 1.32 -101.97
N THR X 1163 33.71 0.26 -102.60
CA THR X 1163 33.10 -1.05 -102.49
C THR X 1163 33.24 -1.62 -101.09
N GLU X 1164 34.45 -1.52 -100.53
CA GLU X 1164 34.65 -2.06 -99.18
C GLU X 1164 33.85 -1.27 -98.15
N SER X 1165 33.74 0.04 -98.32
CA SER X 1165 32.95 0.83 -97.39
C SER X 1165 31.47 0.51 -97.51
N LEU X 1166 30.99 0.30 -98.74
CA LEU X 1166 29.61 -0.12 -98.93
C LEU X 1166 29.35 -1.45 -98.24
N ARG X 1167 30.27 -2.41 -98.42
CA ARG X 1167 30.12 -3.70 -97.77
C ARG X 1167 30.10 -3.56 -96.25
N ARG X 1168 30.98 -2.74 -95.71
CA ARG X 1168 31.05 -2.56 -94.25
C ARG X 1168 29.78 -1.93 -93.72
N ILE X 1169 29.30 -0.87 -94.39
CA ILE X 1169 28.09 -0.19 -93.92
C ILE X 1169 26.89 -1.11 -94.02
N THR X 1170 26.81 -1.91 -95.08
CA THR X 1170 25.70 -2.85 -95.20
C THR X 1170 25.77 -3.93 -94.13
N ALA X 1171 26.97 -4.43 -93.85
CA ALA X 1171 27.11 -5.40 -92.76
C ALA X 1171 26.67 -4.80 -91.44
N SER X 1172 26.99 -3.53 -91.22
CA SER X 1172 26.47 -2.83 -90.04
C SER X 1172 24.96 -2.70 -90.16
N GLY X 1173 24.27 -2.93 -89.05
CA GLY X 1173 22.82 -2.87 -89.06
C GLY X 1173 22.14 -4.09 -89.67
N GLY X 1174 22.78 -5.26 -89.58
CA GLY X 1174 22.21 -6.49 -90.07
C GLY X 1174 22.61 -7.65 -89.19
N ARG X 1175 22.16 -8.85 -89.59
CA ARG X 1175 22.48 -10.07 -88.86
C ARG X 1175 23.37 -11.00 -89.66
N LEU X 1176 22.97 -11.37 -90.87
CA LEU X 1176 23.78 -12.25 -91.71
C LEU X 1176 24.70 -11.40 -92.58
N ASN X 1177 25.99 -11.70 -92.53
CA ASN X 1177 27.02 -10.96 -93.25
C ASN X 1177 28.11 -11.94 -93.64
N PRO X 1178 28.84 -11.68 -94.71
CA PRO X 1178 29.98 -12.53 -95.06
C PRO X 1178 31.07 -12.44 -94.01
N THR X 1179 31.91 -13.48 -93.98
CA THR X 1179 33.02 -13.51 -93.04
C THR X 1179 34.01 -12.38 -93.34
N GLU X 1180 34.87 -12.10 -92.37
CA GLU X 1180 35.78 -10.96 -92.45
C GLU X 1180 36.90 -11.07 -93.50
N PRO X 1181 37.49 -12.23 -93.78
CA PRO X 1181 38.67 -12.24 -94.65
C PRO X 1181 38.35 -12.31 -96.14
N LEU X 1182 37.11 -12.62 -96.50
CA LEU X 1182 36.74 -12.94 -97.88
C LEU X 1182 37.65 -14.05 -98.37
N PRO X 1183 37.46 -15.28 -97.91
CA PRO X 1183 38.26 -16.40 -98.43
C PRO X 1183 37.97 -16.61 -99.90
N ILE X 1184 38.96 -16.28 -100.74
CA ILE X 1184 38.81 -16.44 -102.18
C ILE X 1184 38.65 -17.91 -102.51
N PHE X 1185 37.75 -18.21 -103.45
CA PHE X 1185 37.40 -19.59 -103.79
C PHE X 1185 36.86 -20.32 -102.56
N GLY X 1186 35.75 -19.81 -102.04
CA GLY X 1186 35.13 -20.37 -100.86
C GLY X 1186 33.62 -20.41 -100.93
N GLY X 1187 32.97 -20.72 -99.81
CA GLY X 1187 31.53 -20.80 -99.78
C GLY X 1187 30.88 -19.47 -99.42
N LEU X 1188 31.66 -18.59 -98.79
CA LEU X 1188 31.19 -17.28 -98.36
C LEU X 1188 29.96 -17.42 -97.44
N ARG X 1189 30.08 -18.30 -96.47
CA ARG X 1189 28.97 -18.53 -95.58
C ARG X 1189 29.05 -17.61 -94.37
N PRO X 1190 27.91 -17.19 -93.83
CA PRO X 1190 27.93 -16.32 -92.65
C PRO X 1190 28.38 -17.06 -91.42
N ALA X 1191 28.76 -16.29 -90.41
CA ALA X 1191 29.28 -16.86 -89.17
C ALA X 1191 28.16 -17.51 -88.36
N THR X 1192 28.42 -18.72 -87.86
CA THR X 1192 27.43 -19.43 -87.08
C THR X 1192 27.34 -18.84 -85.68
N SER X 1193 26.13 -18.48 -85.27
CA SER X 1193 25.89 -17.88 -83.97
C SER X 1193 25.65 -18.99 -82.93
N ALA X 1194 25.22 -18.59 -81.74
CA ALA X 1194 24.90 -19.52 -80.67
C ALA X 1194 23.49 -20.04 -80.88
N GLY X 1195 22.91 -20.67 -79.85
CA GLY X 1195 21.61 -21.30 -79.95
C GLY X 1195 20.50 -20.46 -80.55
N ILE X 1196 19.44 -21.12 -80.99
CA ILE X 1196 18.34 -20.47 -81.68
C ILE X 1196 17.15 -20.36 -80.73
N ALA X 1197 16.35 -19.31 -80.92
CA ALA X 1197 15.32 -18.96 -79.95
C ALA X 1197 13.97 -19.62 -80.24
N ARG X 1198 13.39 -19.30 -81.40
CA ARG X 1198 12.01 -19.70 -81.66
C ARG X 1198 11.83 -20.28 -83.06
N GLY X 1199 12.88 -20.84 -83.63
CA GLY X 1199 12.80 -21.51 -84.91
C GLY X 1199 13.74 -20.92 -85.93
N GLN X 1200 13.75 -21.56 -87.10
CA GLN X 1200 14.60 -21.12 -88.19
C GLN X 1200 14.08 -19.81 -88.78
N ALA X 1201 15.01 -18.89 -89.04
CA ALA X 1201 14.62 -17.59 -89.57
C ALA X 1201 14.45 -17.67 -91.09
N SER X 1202 13.62 -16.78 -91.62
CA SER X 1202 13.35 -16.70 -93.04
C SER X 1202 13.79 -15.36 -93.57
N VAL X 1203 14.35 -15.36 -94.78
CA VAL X 1203 14.82 -14.11 -95.39
C VAL X 1203 13.65 -13.36 -96.00
N CYS X 1204 13.89 -12.10 -96.34
CA CYS X 1204 12.89 -11.24 -96.95
C CYS X 1204 13.53 -10.51 -98.13
N GLU X 1205 12.97 -10.69 -99.32
CA GLU X 1205 13.47 -10.04 -100.52
C GLU X 1205 12.65 -8.78 -100.80
N PHE X 1206 13.31 -7.74 -101.30
CA PHE X 1206 12.69 -6.46 -101.56
C PHE X 1206 12.63 -6.20 -103.07
N VAL X 1207 11.55 -5.58 -103.51
CA VAL X 1207 11.34 -5.25 -104.92
C VAL X 1207 10.96 -3.78 -105.01
N ALA X 1208 11.56 -3.07 -105.95
CA ALA X 1208 11.26 -1.66 -106.14
C ALA X 1208 9.93 -1.50 -106.88
N MET X 1209 9.32 -0.32 -106.68
CA MET X 1209 8.01 -0.03 -107.27
C MET X 1209 7.76 1.47 -107.14
N PRO X 1210 6.92 2.04 -108.00
CA PRO X 1210 6.61 3.47 -107.87
C PRO X 1210 5.93 3.77 -106.54
N VAL X 1211 5.96 5.04 -106.16
CA VAL X 1211 5.44 5.44 -104.86
C VAL X 1211 3.92 5.47 -104.86
N SER X 1212 3.33 6.06 -105.90
CA SER X 1212 1.86 6.17 -105.98
C SER X 1212 1.33 4.94 -106.69
N THR X 1213 1.25 3.85 -105.94
CA THR X 1213 0.77 2.58 -106.45
C THR X 1213 -0.60 2.27 -105.83
N ASP X 1214 -1.49 1.71 -106.64
CA ASP X 1214 -2.81 1.32 -106.14
C ASP X 1214 -2.67 0.37 -104.95
N LEU X 1215 -3.10 0.85 -103.79
CA LEU X 1215 -3.04 0.02 -102.59
C LEU X 1215 -4.11 -1.05 -102.57
N GLN X 1216 -5.23 -0.83 -103.25
CA GLN X 1216 -6.30 -1.83 -103.27
C GLN X 1216 -5.85 -3.14 -103.91
N TYR X 1217 -4.76 -3.12 -104.68
CA TYR X 1217 -4.27 -4.35 -105.30
C TYR X 1217 -3.71 -5.31 -104.26
N PHE X 1218 -3.11 -4.80 -103.20
CA PHE X 1218 -2.48 -5.65 -102.19
C PHE X 1218 -3.47 -6.14 -101.14
N ARG X 1219 -4.76 -5.85 -101.31
CA ARG X 1219 -5.76 -6.27 -100.33
C ARG X 1219 -6.32 -7.65 -100.59
N THR X 1220 -5.92 -8.30 -101.69
CA THR X 1220 -6.36 -9.63 -102.01
C THR X 1220 -5.15 -10.50 -102.35
N ALA X 1221 -5.42 -11.74 -102.76
CA ALA X 1221 -4.36 -12.66 -103.18
C ALA X 1221 -3.78 -12.15 -104.49
N CYS X 1222 -2.61 -11.55 -104.41
CA CYS X 1222 -2.00 -10.85 -105.53
C CYS X 1222 -0.78 -11.63 -106.04
N ASN X 1223 -0.12 -11.03 -107.04
CA ASN X 1223 1.10 -11.57 -107.61
C ASN X 1223 2.23 -10.59 -107.45
N PRO X 1224 3.38 -11.01 -106.93
CA PRO X 1224 4.44 -10.04 -106.60
C PRO X 1224 5.13 -9.45 -107.82
N ARG X 1225 5.06 -10.12 -108.97
CA ARG X 1225 5.77 -9.67 -110.15
C ARG X 1225 5.19 -8.39 -110.74
N GLY X 1226 3.90 -8.15 -110.54
CA GLY X 1226 3.23 -7.00 -111.10
C GLY X 1226 2.29 -7.32 -112.25
N ARG X 1227 2.45 -8.49 -112.87
CA ARG X 1227 1.57 -8.90 -113.95
C ARG X 1227 1.32 -10.40 -113.83
N ALA X 1228 0.06 -10.79 -113.98
CA ALA X 1228 -0.29 -12.20 -113.88
C ALA X 1228 0.29 -12.98 -115.05
N SER X 1229 0.76 -14.19 -114.77
CA SER X 1229 1.37 -15.03 -115.79
C SER X 1229 0.99 -16.48 -115.49
N GLY X 1230 1.65 -17.41 -116.18
CA GLY X 1230 1.42 -18.83 -116.00
C GLY X 1230 0.92 -19.49 -117.27
N MET X 1231 0.90 -20.82 -117.21
CA MET X 1231 0.43 -21.65 -118.31
C MET X 1231 -1.05 -21.97 -118.22
N LEU X 1232 -1.75 -21.48 -117.19
CA LEU X 1232 -3.15 -21.80 -116.99
C LEU X 1232 -4.06 -21.00 -117.92
N TYR X 1233 -3.52 -20.10 -118.72
CA TYR X 1233 -4.30 -19.26 -119.64
C TYR X 1233 -3.84 -19.61 -121.06
N MET X 1234 -4.52 -20.58 -121.67
CA MET X 1234 -4.16 -21.09 -122.99
C MET X 1234 -5.44 -21.52 -123.68
N GLY X 1235 -5.30 -22.35 -124.71
CA GLY X 1235 -6.47 -22.92 -125.37
C GLY X 1235 -6.32 -23.11 -126.87
N ASP X 1236 -5.38 -22.42 -127.49
CA ASP X 1236 -5.21 -22.59 -128.93
C ASP X 1236 -3.77 -22.86 -129.32
N ARG X 1237 -2.79 -22.27 -128.64
CA ARG X 1237 -1.40 -22.31 -129.08
C ARG X 1237 -0.49 -22.49 -127.89
N ASP X 1238 0.60 -23.23 -128.10
CA ASP X 1238 1.60 -23.44 -127.06
C ASP X 1238 2.58 -22.29 -126.92
N ALA X 1239 2.67 -21.41 -127.92
CA ALA X 1239 3.55 -20.25 -127.85
C ALA X 1239 2.84 -19.04 -127.27
N ASP X 1240 2.20 -19.24 -126.12
CA ASP X 1240 1.50 -18.17 -125.43
C ASP X 1240 1.98 -17.96 -124.00
N ILE X 1241 2.63 -18.96 -123.40
CA ILE X 1241 3.26 -18.73 -122.10
C ILE X 1241 4.37 -17.70 -122.22
N GLU X 1242 5.00 -17.63 -123.41
CA GLU X 1242 5.94 -16.56 -123.68
C GLU X 1242 5.22 -15.28 -124.10
N ALA X 1243 4.05 -15.41 -124.71
CA ALA X 1243 3.27 -14.23 -125.06
C ALA X 1243 2.89 -13.44 -123.82
N ILE X 1244 2.11 -14.04 -122.92
CA ILE X 1244 1.79 -13.38 -121.65
C ILE X 1244 2.88 -13.80 -120.66
N MET X 1245 4.05 -13.22 -120.85
CA MET X 1245 5.03 -13.07 -119.78
C MET X 1245 5.74 -11.73 -119.79
N PHE X 1246 5.94 -11.12 -120.97
CA PHE X 1246 6.59 -9.81 -121.08
C PHE X 1246 5.92 -8.88 -122.08
N ASP X 1247 5.10 -9.39 -123.00
CA ASP X 1247 4.49 -8.56 -124.04
C ASP X 1247 3.60 -7.48 -123.44
N HIS X 1248 4.03 -6.23 -123.58
CA HIS X 1248 3.31 -5.10 -123.01
C HIS X 1248 2.51 -4.32 -124.06
N THR X 1249 2.28 -4.92 -125.23
CA THR X 1249 1.41 -4.30 -126.23
C THR X 1249 -0.05 -4.62 -125.97
N GLN X 1250 -0.35 -5.63 -125.17
CA GLN X 1250 -1.71 -5.98 -124.79
C GLN X 1250 -1.86 -5.84 -123.27
N SER X 1251 -3.10 -5.62 -122.85
CA SER X 1251 -3.36 -5.38 -121.44
C SER X 1251 -3.10 -6.64 -120.62
N ASP X 1252 -3.09 -6.47 -119.29
CA ASP X 1252 -2.89 -7.58 -118.39
C ASP X 1252 -4.04 -8.57 -118.49
N VAL X 1253 -3.76 -9.82 -118.13
CA VAL X 1253 -4.78 -10.85 -118.19
C VAL X 1253 -5.78 -10.67 -117.05
N ALA X 1254 -5.27 -10.52 -115.82
CA ALA X 1254 -6.15 -10.39 -114.66
C ALA X 1254 -6.94 -9.09 -114.71
N TYR X 1255 -6.23 -7.96 -114.73
CA TYR X 1255 -6.85 -6.64 -114.79
C TYR X 1255 -6.78 -6.15 -116.23
N THR X 1256 -7.88 -6.31 -116.96
CA THR X 1256 -7.89 -5.98 -118.38
C THR X 1256 -8.13 -4.50 -118.61
N ASP X 1257 -7.36 -3.66 -117.94
CA ASP X 1257 -7.39 -2.23 -118.19
C ASP X 1257 -6.02 -1.58 -118.18
N ARG X 1258 -4.96 -2.34 -117.90
CA ARG X 1258 -3.62 -1.80 -117.81
C ARG X 1258 -2.63 -2.88 -118.20
N ALA X 1259 -1.42 -2.46 -118.56
CA ALA X 1259 -0.40 -3.41 -118.98
C ALA X 1259 0.13 -4.20 -117.80
N THR X 1260 0.79 -3.52 -116.86
CA THR X 1260 1.31 -4.14 -115.65
C THR X 1260 1.01 -3.21 -114.47
N LEU X 1261 1.54 -3.56 -113.29
CA LEU X 1261 1.41 -2.67 -112.16
C LEU X 1261 2.65 -1.80 -111.99
N ASN X 1262 3.82 -2.43 -111.84
CA ASN X 1262 5.07 -1.70 -111.75
C ASN X 1262 5.90 -1.96 -113.00
N PRO X 1263 6.21 -0.94 -113.80
CA PRO X 1263 7.01 -1.15 -115.01
C PRO X 1263 8.50 -1.33 -114.75
N TRP X 1264 8.92 -1.56 -113.50
CA TRP X 1264 10.32 -1.76 -113.19
C TRP X 1264 10.68 -3.20 -112.88
N ALA X 1265 9.69 -4.09 -112.76
CA ALA X 1265 9.98 -5.48 -112.40
C ALA X 1265 9.12 -6.46 -113.19
N SER X 1266 8.71 -6.08 -114.40
CA SER X 1266 7.85 -6.95 -115.18
C SER X 1266 8.20 -7.03 -116.66
N GLN X 1267 9.20 -6.30 -117.14
CA GLN X 1267 9.54 -6.32 -118.55
C GLN X 1267 10.50 -7.45 -118.86
N LYS X 1268 10.99 -7.47 -120.11
CA LYS X 1268 11.92 -8.52 -120.53
C LYS X 1268 13.26 -8.38 -119.84
N HIS X 1269 13.76 -7.15 -119.71
CA HIS X 1269 15.02 -6.90 -119.04
C HIS X 1269 14.86 -5.77 -118.03
N SER X 1270 13.77 -5.80 -117.29
CA SER X 1270 13.54 -4.83 -116.24
C SER X 1270 14.54 -5.04 -115.09
N TYR X 1271 14.49 -4.15 -114.11
CA TYR X 1271 15.44 -4.19 -113.02
C TYR X 1271 15.33 -5.50 -112.23
N GLY X 1272 14.14 -5.81 -111.74
CA GLY X 1272 13.98 -7.03 -110.97
C GLY X 1272 14.18 -8.29 -111.79
N ASP X 1273 13.76 -8.26 -113.05
CA ASP X 1273 13.99 -9.40 -113.93
C ASP X 1273 15.47 -9.67 -114.14
N ARG X 1274 16.27 -8.61 -114.31
CA ARG X 1274 17.71 -8.79 -114.41
C ARG X 1274 18.31 -9.20 -113.07
N LEU X 1275 17.71 -8.76 -111.97
CA LEU X 1275 18.22 -9.13 -110.65
C LEU X 1275 18.06 -10.61 -110.39
N TYR X 1276 16.88 -11.16 -110.67
CA TYR X 1276 16.64 -12.58 -110.51
C TYR X 1276 15.72 -13.07 -111.61
N ASN X 1277 16.21 -13.99 -112.42
CA ASN X 1277 15.40 -14.62 -113.46
C ASN X 1277 15.60 -16.13 -113.41
N GLY X 1278 16.75 -16.56 -112.91
CA GLY X 1278 17.14 -17.94 -112.97
C GLY X 1278 17.91 -18.32 -114.21
N THR X 1279 17.68 -17.63 -115.32
CA THR X 1279 18.41 -17.86 -116.56
C THR X 1279 19.57 -16.90 -116.72
N TYR X 1280 19.73 -15.92 -115.83
CA TYR X 1280 20.85 -14.99 -115.86
C TYR X 1280 21.93 -15.35 -114.86
N ASN X 1281 21.58 -16.05 -113.78
CA ASN X 1281 22.54 -16.55 -112.79
C ASN X 1281 23.37 -15.41 -112.19
N LEU X 1282 22.65 -14.52 -111.50
CA LEU X 1282 23.31 -13.43 -110.79
C LEU X 1282 23.70 -13.83 -109.37
N THR X 1283 22.86 -14.63 -108.71
CA THR X 1283 23.09 -15.05 -107.34
C THR X 1283 23.46 -16.53 -107.26
N GLY X 1284 24.28 -16.99 -108.21
CA GLY X 1284 24.67 -18.39 -108.23
C GLY X 1284 25.52 -18.79 -107.04
N ALA X 1285 26.32 -17.86 -106.51
CA ALA X 1285 27.21 -18.16 -105.40
C ALA X 1285 26.55 -17.97 -104.04
N SER X 1286 25.37 -17.35 -104.00
CA SER X 1286 24.72 -17.08 -102.72
C SER X 1286 24.15 -18.36 -102.14
N PRO X 1287 24.58 -18.79 -100.95
CA PRO X 1287 23.98 -19.99 -100.35
C PRO X 1287 22.62 -19.76 -99.73
N ILE X 1288 22.13 -18.53 -99.71
CA ILE X 1288 20.86 -18.22 -99.08
C ILE X 1288 19.72 -18.42 -100.09
N TYR X 1289 18.57 -18.84 -99.58
CA TYR X 1289 17.41 -19.07 -100.42
C TYR X 1289 16.73 -17.75 -100.76
N SER X 1290 16.08 -17.73 -101.92
CA SER X 1290 15.37 -16.54 -102.39
C SER X 1290 13.93 -16.91 -102.69
N PRO X 1291 12.95 -16.41 -101.92
CA PRO X 1291 11.56 -16.78 -102.19
C PRO X 1291 11.02 -16.19 -103.47
N CYS X 1292 11.51 -15.02 -103.88
CA CYS X 1292 11.06 -14.36 -105.10
C CYS X 1292 11.55 -15.04 -106.37
N PHE X 1293 12.19 -16.20 -106.26
CA PHE X 1293 12.74 -16.87 -107.44
C PHE X 1293 11.65 -17.53 -108.27
N LYS X 1294 10.80 -18.34 -107.63
CA LYS X 1294 9.78 -19.10 -108.35
C LYS X 1294 8.77 -18.23 -109.06
N PHE X 1295 8.77 -16.91 -108.81
CA PHE X 1295 7.84 -16.01 -109.46
C PHE X 1295 8.43 -15.32 -110.69
N PHE X 1296 9.74 -15.48 -110.93
CA PHE X 1296 10.40 -14.80 -112.03
C PHE X 1296 11.03 -15.77 -113.02
N THR X 1297 10.76 -17.05 -112.89
CA THR X 1297 11.30 -18.06 -113.80
C THR X 1297 10.25 -18.47 -114.80
N PRO X 1298 10.59 -18.53 -116.10
CA PRO X 1298 9.56 -18.86 -117.11
C PRO X 1298 8.89 -20.21 -116.90
N ALA X 1299 9.59 -21.18 -116.30
CA ALA X 1299 9.04 -22.50 -115.98
C ALA X 1299 8.49 -23.17 -117.25
N GLU X 1300 9.41 -23.47 -118.15
CA GLU X 1300 9.06 -24.09 -119.42
C GLU X 1300 8.18 -25.32 -119.22
N VAL X 1301 7.21 -25.48 -120.12
CA VAL X 1301 6.25 -26.57 -120.06
C VAL X 1301 5.80 -26.90 -121.47
N ASN X 1302 5.39 -28.15 -121.67
CA ASN X 1302 4.95 -28.65 -122.96
C ASN X 1302 3.47 -29.03 -122.92
N THR X 1303 2.81 -28.93 -124.07
CA THR X 1303 1.41 -29.31 -124.18
C THR X 1303 1.32 -30.79 -124.54
N ASN X 1304 0.74 -31.57 -123.64
CA ASN X 1304 0.51 -33.00 -123.85
C ASN X 1304 -0.95 -33.39 -123.67
N CYS X 1305 -1.62 -32.82 -122.67
CA CYS X 1305 -3.03 -33.08 -122.45
C CYS X 1305 -3.74 -31.77 -122.13
N ASN X 1306 -5.00 -31.85 -121.71
CA ASN X 1306 -5.75 -30.65 -121.38
C ASN X 1306 -5.19 -29.98 -120.14
N THR X 1307 -5.38 -28.66 -120.07
CA THR X 1307 -4.92 -27.90 -118.91
C THR X 1307 -5.53 -28.45 -117.62
N LEU X 1308 -6.73 -29.02 -117.70
CA LEU X 1308 -7.37 -29.60 -116.52
C LEU X 1308 -6.52 -30.73 -115.94
N ASP X 1309 -6.22 -31.74 -116.74
CA ASP X 1309 -5.42 -32.86 -116.24
C ASP X 1309 -4.00 -32.42 -115.93
N ARG X 1310 -3.49 -31.43 -116.67
CA ARG X 1310 -2.16 -30.90 -116.36
C ARG X 1310 -2.11 -30.33 -114.95
N LEU X 1311 -3.07 -29.46 -114.61
CA LEU X 1311 -3.08 -28.86 -113.28
C LEU X 1311 -3.37 -29.90 -112.22
N LEU X 1312 -4.19 -30.91 -112.54
CA LEU X 1312 -4.44 -31.96 -111.57
C LEU X 1312 -3.18 -32.79 -111.32
N MET X 1313 -2.31 -32.92 -112.33
CA MET X 1313 -1.08 -33.67 -112.17
C MET X 1313 0.05 -32.85 -111.57
N GLU X 1314 -0.03 -31.52 -111.66
CA GLU X 1314 1.04 -30.69 -111.12
C GLU X 1314 1.15 -30.83 -109.60
N ALA X 1315 0.03 -30.70 -108.90
CA ALA X 1315 0.02 -30.72 -107.44
C ALA X 1315 0.28 -32.14 -106.96
N LYS X 1316 1.56 -32.45 -106.77
CA LYS X 1316 1.97 -33.79 -106.36
C LYS X 1316 3.09 -33.76 -105.32
N ALA X 1317 3.10 -32.73 -104.47
CA ALA X 1317 4.04 -32.63 -103.36
C ALA X 1317 5.49 -32.67 -103.86
N VAL X 1318 5.86 -31.63 -104.59
CA VAL X 1318 7.19 -31.51 -105.19
C VAL X 1318 8.24 -31.41 -104.10
N ALA X 1319 9.51 -31.57 -104.47
CA ALA X 1319 10.61 -31.54 -103.51
C ALA X 1319 10.76 -30.17 -102.89
N SER X 1320 11.49 -30.12 -101.78
CA SER X 1320 11.66 -28.89 -101.03
C SER X 1320 12.71 -27.99 -101.69
N GLN X 1321 12.81 -26.77 -101.19
CA GLN X 1321 13.75 -25.78 -101.71
C GLN X 1321 14.52 -25.08 -100.59
N SER X 1322 14.65 -25.72 -99.43
CA SER X 1322 15.30 -25.10 -98.30
C SER X 1322 15.90 -26.20 -97.42
N SER X 1323 16.31 -25.83 -96.21
CA SER X 1323 16.92 -26.76 -95.28
C SER X 1323 16.14 -26.74 -93.97
N THR X 1324 16.21 -27.85 -93.24
CA THR X 1324 15.50 -28.02 -91.98
C THR X 1324 16.45 -28.20 -90.81
N ASP X 1325 17.69 -27.73 -90.95
CA ASP X 1325 18.67 -27.89 -89.89
C ASP X 1325 19.33 -26.56 -89.55
N THR X 1326 19.47 -25.69 -90.55
CA THR X 1326 20.11 -24.41 -90.37
C THR X 1326 19.09 -23.32 -90.07
N GLU X 1327 19.48 -22.39 -89.22
CA GLU X 1327 18.61 -21.30 -88.80
C GLU X 1327 18.58 -20.13 -89.77
N TYR X 1328 19.10 -20.32 -90.98
CA TYR X 1328 19.18 -19.23 -91.94
C TYR X 1328 18.47 -19.52 -93.26
N GLN X 1329 17.82 -20.69 -93.40
CA GLN X 1329 17.09 -21.04 -94.62
C GLN X 1329 18.01 -21.00 -95.84
N PHE X 1330 19.02 -21.87 -95.82
CA PHE X 1330 19.97 -21.96 -96.92
C PHE X 1330 19.33 -22.64 -98.12
N LYS X 1331 20.13 -22.82 -99.16
CA LYS X 1331 19.67 -23.51 -100.36
C LYS X 1331 19.40 -24.98 -100.07
N ARG X 1332 18.64 -25.61 -100.95
CA ARG X 1332 18.30 -27.02 -100.79
C ARG X 1332 19.56 -27.86 -100.84
N PRO X 1333 19.84 -28.65 -99.81
CA PRO X 1333 21.06 -29.47 -99.81
C PRO X 1333 20.97 -30.55 -100.88
N PRO X 1334 22.01 -30.73 -101.69
CA PRO X 1334 21.99 -31.75 -102.73
C PRO X 1334 21.99 -33.15 -102.13
N GLY X 1335 20.91 -33.89 -102.35
CA GLY X 1335 20.75 -35.23 -101.83
C GLY X 1335 19.62 -35.39 -100.83
N SER X 1336 19.20 -34.30 -100.20
CA SER X 1336 18.09 -34.37 -99.25
C SER X 1336 16.80 -34.66 -100.00
N THR X 1337 16.12 -35.74 -99.61
CA THR X 1337 14.86 -36.14 -100.23
C THR X 1337 13.73 -35.96 -99.22
N GLU X 1338 12.99 -34.86 -99.38
CA GLU X 1338 11.81 -34.60 -98.58
C GLU X 1338 10.81 -33.84 -99.44
N MET X 1339 9.56 -34.29 -99.43
CA MET X 1339 8.52 -33.76 -100.30
C MET X 1339 7.60 -32.86 -99.50
N THR X 1340 7.40 -31.63 -99.97
CA THR X 1340 6.54 -30.66 -99.33
C THR X 1340 5.49 -30.19 -100.32
N GLN X 1341 4.22 -30.32 -99.96
CA GLN X 1341 3.16 -29.81 -100.81
C GLN X 1341 3.28 -28.30 -100.95
N ASP X 1342 3.24 -27.81 -102.19
CA ASP X 1342 3.46 -26.40 -102.49
C ASP X 1342 2.24 -25.82 -103.18
N PRO X 1343 1.22 -25.41 -102.43
CA PRO X 1343 0.15 -24.62 -103.03
C PRO X 1343 0.63 -23.20 -103.29
N CYS X 1344 -0.21 -22.44 -104.00
CA CYS X 1344 0.07 -21.05 -104.37
C CYS X 1344 1.43 -20.89 -105.05
N GLY X 1345 2.00 -21.98 -105.53
CA GLY X 1345 3.21 -21.93 -106.32
C GLY X 1345 2.87 -22.32 -107.74
N LEU X 1346 1.93 -23.25 -107.89
CA LEU X 1346 1.36 -23.58 -109.19
C LEU X 1346 0.31 -22.59 -109.63
N PHE X 1347 -0.07 -21.64 -108.77
CA PHE X 1347 -0.99 -20.58 -109.13
C PHE X 1347 -0.31 -19.23 -109.30
N GLN X 1348 0.90 -19.07 -108.78
CA GLN X 1348 1.68 -17.83 -108.88
C GLN X 1348 0.97 -16.68 -108.16
N GLU X 1349 0.57 -16.95 -106.92
CA GLU X 1349 -0.09 -15.95 -106.09
C GLU X 1349 0.55 -15.92 -104.71
N ALA X 1350 0.33 -14.82 -104.01
CA ALA X 1350 0.82 -14.65 -102.64
C ALA X 1350 -0.27 -14.02 -101.79
N TYR X 1351 -0.28 -14.36 -100.51
CA TYR X 1351 -1.35 -13.89 -99.64
C TYR X 1351 -0.83 -12.83 -98.70
N PRO X 1352 -1.51 -11.70 -98.57
CA PRO X 1352 -1.06 -10.65 -97.65
C PRO X 1352 -1.54 -10.94 -96.24
N PRO X 1353 -0.62 -10.95 -95.27
CA PRO X 1353 -1.03 -11.17 -93.87
C PRO X 1353 -1.51 -9.89 -93.21
N LEU X 1354 -1.83 -9.97 -91.92
CA LEU X 1354 -2.29 -8.80 -91.17
C LEU X 1354 -1.11 -7.86 -90.93
N CYS X 1355 -1.09 -6.74 -91.64
CA CYS X 1355 -0.03 -5.75 -91.52
C CYS X 1355 -0.64 -4.36 -91.47
N SER X 1356 0.18 -3.39 -91.07
CA SER X 1356 -0.28 -2.01 -91.00
C SER X 1356 0.93 -1.10 -90.95
N SER X 1357 0.85 0.01 -91.69
CA SER X 1357 1.95 0.97 -91.67
C SER X 1357 2.03 1.74 -90.36
N ASP X 1358 1.04 1.59 -89.50
CA ASP X 1358 1.03 2.20 -88.19
C ASP X 1358 0.64 1.16 -87.15
N ALA X 1359 1.29 1.24 -85.99
CA ALA X 1359 1.03 0.28 -84.92
C ALA X 1359 -0.10 0.69 -84.00
N ALA X 1360 -0.39 2.00 -83.90
CA ALA X 1360 -1.45 2.45 -83.00
C ALA X 1360 -2.81 1.95 -83.46
N MET X 1361 -3.07 1.99 -84.77
CA MET X 1361 -4.35 1.56 -85.31
C MET X 1361 -4.46 0.06 -85.48
N LEU X 1362 -3.55 -0.71 -84.86
CA LEU X 1362 -3.55 -2.15 -85.04
C LEU X 1362 -4.40 -2.86 -84.00
N ARG X 1363 -4.48 -2.33 -82.79
CA ARG X 1363 -5.25 -2.95 -81.71
C ARG X 1363 -6.24 -1.93 -81.15
N THR X 1364 -7.47 -2.37 -80.91
CA THR X 1364 -8.48 -1.50 -80.35
C THR X 1364 -8.45 -1.57 -78.83
N ALA X 1365 -9.08 -0.58 -78.20
CA ALA X 1365 -9.04 -0.46 -76.74
C ALA X 1365 -10.30 -1.07 -76.13
N HIS X 1366 -10.39 -2.40 -76.26
CA HIS X 1366 -11.54 -3.10 -75.70
C HIS X 1366 -11.16 -4.43 -75.05
N ALA X 1367 -9.86 -4.70 -74.86
CA ALA X 1367 -9.37 -5.89 -74.18
C ALA X 1367 -9.87 -7.16 -74.86
N GLY X 1368 -9.42 -7.35 -76.10
CA GLY X 1368 -9.91 -8.46 -76.89
C GLY X 1368 -9.51 -8.38 -78.34
N GLU X 1369 -10.50 -8.44 -79.22
CA GLU X 1369 -10.30 -8.40 -80.67
C GLU X 1369 -9.48 -7.21 -81.11
N THR X 1370 -8.94 -7.27 -82.33
CA THR X 1370 -8.08 -6.23 -82.87
C THR X 1370 -8.87 -5.29 -83.78
N GLY X 1371 -8.32 -4.09 -83.96
CA GLY X 1371 -8.95 -3.12 -84.83
C GLY X 1371 -8.76 -3.46 -86.29
N ALA X 1372 -9.69 -2.99 -87.12
CA ALA X 1372 -9.66 -3.30 -88.54
C ALA X 1372 -10.04 -2.11 -89.40
N ASP X 1373 -9.69 -0.90 -88.97
CA ASP X 1373 -9.89 0.26 -89.81
C ASP X 1373 -8.97 0.20 -91.03
N GLU X 1374 -9.40 0.85 -92.11
CA GLU X 1374 -8.67 0.76 -93.37
C GLU X 1374 -7.59 1.83 -93.49
N VAL X 1375 -7.99 3.09 -93.42
CA VAL X 1375 -7.06 4.22 -93.52
C VAL X 1375 -7.47 5.26 -92.48
N HIS X 1376 -6.49 5.78 -91.75
CA HIS X 1376 -6.80 6.77 -90.70
C HIS X 1376 -6.69 8.20 -91.22
N LEU X 1377 -5.48 8.63 -91.57
CA LEU X 1377 -5.29 9.87 -92.29
C LEU X 1377 -4.51 9.66 -93.58
N ALA X 1378 -3.32 9.07 -93.48
CA ALA X 1378 -2.52 8.68 -94.63
C ALA X 1378 -1.91 7.31 -94.49
N GLN X 1379 -1.99 6.69 -93.31
CA GLN X 1379 -1.47 5.35 -93.08
C GLN X 1379 -2.48 4.33 -93.59
N TYR X 1380 -2.26 3.06 -93.30
CA TYR X 1380 -3.16 2.02 -93.78
C TYR X 1380 -2.97 0.77 -92.94
N LEU X 1381 -3.99 -0.09 -92.99
CA LEU X 1381 -4.00 -1.37 -92.29
C LEU X 1381 -4.65 -2.39 -93.21
N ILE X 1382 -3.90 -3.38 -93.63
CA ILE X 1382 -4.40 -4.40 -94.54
C ILE X 1382 -5.03 -5.53 -93.72
N ARG X 1383 -6.32 -5.76 -93.93
CA ARG X 1383 -6.99 -6.86 -93.27
C ARG X 1383 -6.44 -8.19 -93.77
N ASP X 1384 -6.32 -9.15 -92.86
CA ASP X 1384 -5.72 -10.43 -93.21
C ASP X 1384 -6.63 -11.22 -94.15
N ALA X 1385 -6.04 -11.76 -95.21
CA ALA X 1385 -6.77 -12.56 -96.19
C ALA X 1385 -5.98 -13.82 -96.55
N SER X 1386 -5.30 -14.38 -95.58
CA SER X 1386 -4.47 -15.55 -95.71
C SER X 1386 -5.22 -16.79 -95.23
N PRO X 1387 -4.85 -17.98 -95.72
CA PRO X 1387 -5.45 -19.21 -95.19
C PRO X 1387 -5.28 -19.39 -93.70
N LEU X 1388 -4.28 -18.74 -93.10
CA LEU X 1388 -4.03 -18.86 -91.66
C LEU X 1388 -4.75 -17.72 -90.95
N ARG X 1389 -6.06 -17.90 -90.78
CA ARG X 1389 -6.89 -16.91 -90.12
C ARG X 1389 -7.35 -17.33 -88.73
N GLY X 1390 -7.46 -18.62 -88.47
CA GLY X 1390 -7.90 -19.10 -87.16
C GLY X 1390 -6.79 -19.75 -86.36
N CYS X 1391 -5.56 -19.31 -86.56
CA CYS X 1391 -4.41 -19.84 -85.85
C CYS X 1391 -3.51 -18.67 -85.46
N LEU X 1392 -2.27 -18.99 -85.06
CA LEU X 1392 -1.27 -17.98 -84.73
C LEU X 1392 -1.77 -17.02 -83.68
N PRO X 1393 -1.82 -17.43 -82.40
CA PRO X 1393 -2.42 -16.60 -81.36
C PRO X 1393 -1.82 -15.20 -81.31
N LEU X 1394 -2.62 -14.26 -80.83
CA LEU X 1394 -2.25 -12.85 -80.84
C LEU X 1394 -1.98 -12.33 -79.44
N SER Y 7 36.20 69.75 -138.37
CA SER Y 7 35.05 69.73 -137.47
C SER Y 7 34.37 68.37 -137.48
N ARG Y 8 33.47 68.17 -136.51
CA ARG Y 8 32.75 66.91 -136.38
C ARG Y 8 31.49 66.98 -137.22
N VAL Y 9 31.51 66.34 -138.38
CA VAL Y 9 30.37 66.26 -139.28
C VAL Y 9 30.12 64.77 -139.53
N VAL Y 10 29.10 64.21 -138.87
CA VAL Y 10 28.84 62.78 -138.97
C VAL Y 10 28.37 62.35 -140.35
N PHE Y 11 28.07 63.30 -141.24
CA PHE Y 11 27.64 62.93 -142.59
C PHE Y 11 28.74 62.18 -143.33
N ASP Y 12 29.87 62.83 -143.56
CA ASP Y 12 31.04 62.11 -144.04
C ASP Y 12 31.71 61.43 -142.85
N PRO Y 13 31.73 60.11 -142.80
CA PRO Y 13 32.26 59.42 -141.61
C PRO Y 13 33.73 59.73 -141.33
N SER Y 14 34.46 60.31 -142.28
CA SER Y 14 35.85 60.65 -142.05
C SER Y 14 36.00 61.87 -141.17
N ASN Y 15 34.96 62.69 -141.01
CA ASN Y 15 35.05 63.88 -140.18
C ASN Y 15 34.98 63.54 -138.69
N PRO Y 16 33.97 62.80 -138.20
CA PRO Y 16 33.87 62.59 -136.75
C PRO Y 16 35.04 61.77 -136.22
N THR Y 17 35.73 62.32 -135.23
CA THR Y 17 36.84 61.66 -134.58
C THR Y 17 36.99 62.23 -133.18
N THR Y 18 37.62 61.44 -132.31
CA THR Y 18 37.76 61.84 -130.92
C THR Y 18 38.56 63.12 -130.74
N PHE Y 19 39.38 63.49 -131.74
CA PHE Y 19 40.19 64.70 -131.62
C PHE Y 19 39.33 65.94 -131.46
N SER Y 20 38.21 66.01 -132.18
CA SER Y 20 37.34 67.17 -132.14
C SER Y 20 36.28 67.08 -131.05
N VAL Y 21 35.87 65.87 -130.68
CA VAL Y 21 34.82 65.73 -129.66
C VAL Y 21 35.29 66.27 -128.32
N GLU Y 22 36.59 66.15 -128.02
CA GLU Y 22 37.12 66.67 -126.77
C GLU Y 22 36.87 68.17 -126.66
N ALA Y 23 37.11 68.92 -127.74
CA ALA Y 23 36.85 70.35 -127.73
C ALA Y 23 35.36 70.64 -127.58
N ILE Y 24 34.50 69.77 -128.14
CA ILE Y 24 33.06 69.95 -128.00
C ILE Y 24 32.66 69.70 -126.54
N ALA Y 25 31.63 70.41 -126.10
CA ALA Y 25 31.17 70.33 -124.71
C ALA Y 25 30.36 69.05 -124.49
N ALA Y 26 29.64 68.99 -123.38
CA ALA Y 26 28.84 67.81 -123.06
C ALA Y 26 27.44 67.88 -123.63
N TYR Y 27 26.79 69.04 -123.53
CA TYR Y 27 25.40 69.18 -123.97
C TYR Y 27 25.27 69.43 -125.46
N THR Y 28 26.15 70.24 -126.04
CA THR Y 28 26.00 70.60 -127.45
C THR Y 28 26.09 69.42 -128.41
N PRO Y 29 26.92 68.39 -128.20
CA PRO Y 29 26.91 67.28 -129.16
C PRO Y 29 25.58 66.56 -129.23
N VAL Y 30 24.92 66.39 -128.08
CA VAL Y 30 23.59 65.79 -128.08
C VAL Y 30 22.63 66.65 -128.91
N ALA Y 31 22.66 67.97 -128.70
CA ALA Y 31 21.88 68.86 -129.54
C ALA Y 31 22.38 68.85 -130.97
N LEU Y 32 23.68 68.63 -131.17
CA LEU Y 32 24.23 68.56 -132.52
C LEU Y 32 23.68 67.36 -133.28
N ILE Y 33 23.78 66.18 -132.69
CA ILE Y 33 23.30 64.96 -133.35
C ILE Y 33 21.80 65.05 -133.60
N ARG Y 34 21.07 65.76 -132.74
CA ARG Y 34 19.62 65.82 -132.87
C ARG Y 34 19.21 66.53 -134.16
N LEU Y 35 19.89 67.61 -134.52
CA LEU Y 35 19.50 68.39 -135.68
C LEU Y 35 19.91 67.72 -136.99
N LEU Y 36 21.06 67.06 -137.02
CA LEU Y 36 21.60 66.52 -138.26
C LEU Y 36 20.60 65.57 -138.92
N ASN Y 37 20.46 65.71 -140.24
CA ASN Y 37 19.46 64.98 -140.98
C ASN Y 37 19.87 63.51 -141.13
N ALA Y 38 18.93 62.69 -141.59
CA ALA Y 38 19.20 61.27 -141.80
C ALA Y 38 20.08 61.04 -143.01
N SER Y 39 20.11 61.99 -143.95
CA SER Y 39 20.86 61.81 -145.18
C SER Y 39 22.35 61.73 -144.89
N GLY Y 40 22.91 60.53 -144.98
CA GLY Y 40 24.34 60.33 -144.87
C GLY Y 40 24.92 59.87 -146.19
N PRO Y 41 25.93 60.59 -146.68
CA PRO Y 41 26.51 60.24 -147.99
C PRO Y 41 27.17 58.87 -147.95
N LEU Y 42 26.67 57.97 -148.80
CA LEU Y 42 27.21 56.62 -148.88
C LEU Y 42 28.63 56.58 -149.42
N GLN Y 43 28.99 57.55 -150.29
CA GLN Y 43 30.32 57.51 -150.90
C GLN Y 43 31.43 57.56 -149.87
N PRO Y 44 31.44 58.50 -148.92
CA PRO Y 44 32.42 58.38 -147.83
C PRO Y 44 31.95 57.36 -146.81
N GLY Y 45 32.88 56.51 -146.40
CA GLY Y 45 32.56 55.46 -145.44
C GLY Y 45 33.79 54.72 -144.96
N HIS Y 46 33.89 54.55 -143.65
CA HIS Y 46 35.04 53.88 -143.06
C HIS Y 46 34.98 52.39 -143.42
N ARG Y 47 35.95 51.93 -144.19
CA ARG Y 47 36.11 50.52 -144.47
C ARG Y 47 36.78 49.78 -143.33
N VAL Y 48 36.79 50.39 -142.15
CA VAL Y 48 37.53 49.91 -140.99
C VAL Y 48 36.55 49.54 -139.88
N ASP Y 49 35.41 48.98 -140.25
CA ASP Y 49 34.38 48.56 -139.29
C ASP Y 49 33.85 49.77 -138.50
N ILE Y 50 33.04 50.56 -139.21
CA ILE Y 50 32.54 51.86 -138.79
C ILE Y 50 32.10 51.87 -137.33
N ALA Y 51 31.76 50.70 -136.79
CA ALA Y 51 31.58 50.58 -135.35
C ALA Y 51 32.78 51.09 -134.58
N ASP Y 52 33.97 51.09 -135.19
CA ASP Y 52 35.12 51.71 -134.56
C ASP Y 52 34.93 53.21 -134.40
N ALA Y 53 34.33 53.85 -135.41
CA ALA Y 53 33.98 55.27 -135.27
C ALA Y 53 32.92 55.45 -134.19
N ARG Y 54 32.01 54.49 -134.05
CA ARG Y 54 31.07 54.50 -132.93
C ARG Y 54 31.82 54.44 -131.61
N SER Y 55 32.76 53.51 -131.49
CA SER Y 55 33.58 53.44 -130.29
C SER Y 55 34.43 54.70 -130.14
N ILE Y 56 34.88 55.27 -131.25
CA ILE Y 56 35.57 56.56 -131.20
C ILE Y 56 34.65 57.62 -130.64
N TYR Y 57 33.37 57.59 -131.02
CA TYR Y 57 32.41 58.52 -130.48
C TYR Y 57 32.25 58.32 -128.96
N THR Y 58 32.36 57.08 -128.51
CA THR Y 58 32.21 56.81 -127.08
C THR Y 58 33.36 57.39 -126.28
N VAL Y 59 34.59 57.10 -126.70
CA VAL Y 59 35.75 57.63 -125.99
C VAL Y 59 35.82 59.14 -126.11
N GLY Y 60 35.26 59.70 -127.18
CA GLY Y 60 35.19 61.14 -127.30
C GLY Y 60 34.22 61.75 -126.30
N ALA Y 61 33.02 61.17 -126.19
CA ALA Y 61 32.06 61.63 -125.20
C ALA Y 61 32.59 61.42 -123.79
N ALA Y 62 33.35 60.34 -123.59
CA ALA Y 62 33.99 60.11 -122.29
C ALA Y 62 34.98 61.22 -121.98
N ALA Y 63 35.72 61.68 -122.99
CA ALA Y 63 36.63 62.79 -122.80
C ALA Y 63 35.86 64.08 -122.51
N SER Y 64 34.75 64.30 -123.21
CA SER Y 64 33.93 65.47 -122.95
C SER Y 64 33.35 65.43 -121.54
N ALA Y 65 32.89 64.26 -121.09
CA ALA Y 65 32.37 64.14 -119.74
C ALA Y 65 33.47 64.37 -118.71
N ALA Y 66 34.68 63.91 -119.01
CA ALA Y 66 35.80 64.11 -118.09
C ALA Y 66 36.12 65.60 -117.94
N ARG Y 67 36.00 66.35 -119.02
CA ARG Y 67 36.21 67.79 -118.93
C ARG Y 67 35.17 68.46 -118.06
N ALA Y 68 33.91 68.02 -118.17
CA ALA Y 68 32.85 68.60 -117.35
C ALA Y 68 33.06 68.29 -115.88
N ARG Y 69 33.52 67.09 -115.56
CA ARG Y 69 33.78 66.74 -114.17
C ARG Y 69 34.98 67.52 -113.63
N ALA Y 70 36.01 67.70 -114.46
CA ALA Y 70 37.17 68.49 -114.05
C ALA Y 70 36.76 69.91 -113.69
N ASN Y 71 35.85 70.49 -114.47
CA ASN Y 71 35.30 71.79 -114.12
C ASN Y 71 34.46 71.70 -112.85
N HIS Y 72 33.70 70.61 -112.71
CA HIS Y 72 32.91 70.41 -111.50
C HIS Y 72 33.80 70.11 -110.30
N ASN Y 73 35.05 69.70 -110.53
CA ASN Y 73 35.94 69.31 -109.45
C ASN Y 73 36.46 70.48 -108.65
N ALA Y 74 36.02 71.71 -108.93
CA ALA Y 74 36.52 72.87 -108.19
C ALA Y 74 35.98 72.89 -106.76
N ASN Y 75 34.72 72.50 -106.58
CA ASN Y 75 34.08 72.57 -105.28
C ASN Y 75 33.98 71.23 -104.57
N THR Y 76 34.27 70.12 -105.25
CA THR Y 76 34.09 68.82 -104.63
C THR Y 76 35.17 68.57 -103.58
N ILE Y 77 35.11 67.40 -102.97
CA ILE Y 77 36.08 66.95 -101.98
C ILE Y 77 36.89 65.80 -102.56
N ARG Y 78 38.18 65.77 -102.24
CA ARG Y 78 39.05 64.73 -102.76
C ARG Y 78 38.62 63.36 -102.23
N ARG Y 79 38.38 62.42 -103.14
CA ARG Y 79 37.96 61.10 -102.77
C ARG Y 79 39.14 60.27 -102.28
N THR Y 80 38.86 59.31 -101.40
CA THR Y 80 39.86 58.42 -100.84
C THR Y 80 39.49 56.97 -101.17
N ALA Y 81 40.30 56.05 -100.68
CA ALA Y 81 40.06 54.63 -100.89
C ALA Y 81 38.94 54.14 -99.98
N MET Y 82 38.03 53.37 -100.53
CA MET Y 82 36.89 52.84 -99.79
C MET Y 82 37.16 51.48 -99.17
N PHE Y 83 38.38 50.96 -99.29
CA PHE Y 83 38.73 49.67 -98.75
C PHE Y 83 39.93 49.79 -97.82
N ALA Y 84 40.13 48.76 -97.00
CA ALA Y 84 41.25 48.70 -96.09
C ALA Y 84 42.47 48.13 -96.81
N GLU Y 85 43.54 47.87 -96.07
CA GLU Y 85 44.78 47.27 -96.53
C GLU Y 85 45.54 48.13 -97.53
N THR Y 86 45.07 49.35 -97.81
CA THR Y 86 45.73 50.26 -98.74
C THR Y 86 46.31 51.41 -97.93
N ASP Y 87 47.56 51.26 -97.50
CA ASP Y 87 48.22 52.26 -96.66
C ASP Y 87 49.71 52.11 -96.79
N PRO Y 88 50.47 53.21 -96.85
CA PRO Y 88 51.93 53.08 -97.02
C PRO Y 88 52.60 52.39 -95.84
N MET Y 89 52.28 52.79 -94.61
CA MET Y 89 52.86 52.21 -93.41
C MET Y 89 51.71 51.73 -92.53
N THR Y 90 51.24 50.52 -92.78
CA THR Y 90 50.22 49.91 -91.94
C THR Y 90 50.76 49.46 -90.59
N TRP Y 91 52.08 49.39 -90.45
CA TRP Y 91 52.67 48.90 -89.20
C TRP Y 91 52.42 49.86 -88.05
N LEU Y 92 52.28 51.16 -88.32
CA LEU Y 92 52.01 52.12 -87.27
C LEU Y 92 50.61 51.93 -86.71
N ARG Y 93 49.60 52.04 -87.56
CA ARG Y 93 48.21 51.96 -87.13
C ARG Y 93 47.42 51.28 -88.24
N PRO Y 94 46.28 50.66 -87.90
CA PRO Y 94 45.48 50.00 -88.94
C PRO Y 94 44.86 50.97 -89.93
N THR Y 95 44.17 50.44 -90.92
CA THR Y 95 43.61 51.24 -92.00
C THR Y 95 42.19 50.77 -92.29
N VAL Y 96 41.29 51.72 -92.56
CA VAL Y 96 39.91 51.42 -92.87
C VAL Y 96 39.50 52.17 -94.13
N GLY Y 97 38.46 51.67 -94.77
CA GLY Y 97 37.89 52.30 -95.95
C GLY Y 97 37.00 53.47 -95.57
N LEU Y 98 36.17 53.87 -96.53
CA LEU Y 98 35.25 54.98 -96.31
C LEU Y 98 34.07 54.85 -97.26
N LYS Y 99 32.86 54.93 -96.71
CA LYS Y 99 31.66 54.89 -97.51
C LYS Y 99 31.36 56.28 -98.08
N ARG Y 100 31.22 56.37 -99.40
CA ARG Y 100 31.01 57.65 -100.07
C ARG Y 100 29.52 57.98 -100.01
N THR Y 101 29.11 58.48 -98.85
CA THR Y 101 27.74 58.90 -98.58
C THR Y 101 27.69 60.38 -98.19
N PHE Y 102 28.48 61.21 -98.87
CA PHE Y 102 28.60 62.62 -98.56
C PHE Y 102 28.04 63.46 -99.72
N ASN Y 103 28.21 64.77 -99.58
CA ASN Y 103 27.91 65.71 -100.64
C ASN Y 103 29.18 66.46 -101.00
N PRO Y 104 29.47 66.66 -102.29
CA PRO Y 104 30.72 67.34 -102.67
C PRO Y 104 30.71 68.83 -102.37
N ARG Y 105 29.57 69.42 -102.05
CA ARG Y 105 29.51 70.85 -101.77
C ARG Y 105 30.38 71.19 -100.56
N ILE Y 106 31.21 72.22 -100.71
CA ILE Y 106 32.12 72.67 -99.65
C ILE Y 106 31.70 74.02 -99.11
N ILE Y 107 31.63 75.04 -99.96
CA ILE Y 107 31.27 76.38 -99.54
C ILE Y 107 30.63 77.13 -100.69
N GLY Z 21 -110.57 7.91 120.91
CA GLY Z 21 -111.29 8.63 119.87
C GLY Z 21 -111.96 7.72 118.85
N LEU Z 22 -111.18 6.79 118.29
CA LEU Z 22 -111.70 5.89 117.27
C LEU Z 22 -112.81 4.99 117.80
N PHE Z 23 -112.48 4.11 118.74
CA PHE Z 23 -113.46 3.21 119.32
C PHE Z 23 -114.51 4.00 120.09
N ASN Z 24 -115.73 3.47 120.12
CA ASN Z 24 -116.81 4.11 120.85
C ASN Z 24 -116.56 4.02 122.35
N ILE Z 25 -117.12 4.99 123.08
CA ILE Z 25 -116.93 5.05 124.52
C ILE Z 25 -117.75 3.96 125.21
N PRO Z 26 -119.08 3.85 124.99
CA PRO Z 26 -119.83 2.76 125.64
C PRO Z 26 -119.38 1.39 125.16
N ALA Z 27 -119.44 1.17 123.86
CA ALA Z 27 -119.03 -0.09 123.24
C ALA Z 27 -119.61 -1.29 123.97
N GLY Z 28 -120.93 -1.35 124.03
CA GLY Z 28 -121.60 -2.39 124.77
C GLY Z 28 -121.24 -3.79 124.30
N ILE Z 29 -120.46 -4.49 125.12
CA ILE Z 29 -120.01 -5.84 124.81
C ILE Z 29 -119.93 -6.62 126.13
N ILE Z 30 -120.01 -7.94 126.00
CA ILE Z 30 -119.93 -8.84 127.15
C ILE Z 30 -118.61 -8.60 127.87
N PRO Z 31 -118.61 -8.05 129.08
CA PRO Z 31 -117.34 -7.76 129.77
C PRO Z 31 -116.64 -9.06 130.17
N THR Z 32 -115.32 -9.09 129.97
CA THR Z 32 -114.56 -10.29 130.26
C THR Z 32 -114.53 -10.59 131.76
N GLY Z 33 -114.64 -9.54 132.58
CA GLY Z 33 -114.65 -9.72 134.02
C GLY Z 33 -115.54 -8.70 134.72
N ASN Z 34 -115.25 -8.44 136.00
CA ASN Z 34 -116.02 -7.48 136.78
C ASN Z 34 -115.06 -6.62 137.58
N VAL Z 35 -115.55 -5.43 137.95
CA VAL Z 35 -114.79 -4.49 138.77
C VAL Z 35 -115.17 -4.72 140.22
N LEU Z 36 -114.19 -4.58 141.11
CA LEU Z 36 -114.37 -4.75 142.54
C LEU Z 36 -113.80 -3.53 143.26
N SER Z 37 -114.00 -3.48 144.57
CA SER Z 37 -113.55 -2.36 145.40
C SER Z 37 -114.08 -1.03 144.86
N THR Z 38 -115.40 -0.87 144.94
CA THR Z 38 -116.07 0.29 144.37
C THR Z 38 -115.75 1.54 145.17
N ILE Z 39 -114.73 2.28 144.75
CA ILE Z 39 -114.32 3.52 145.39
C ILE Z 39 -114.55 4.65 144.39
N GLU Z 40 -114.74 5.87 144.93
CA GLU Z 40 -114.95 7.04 144.10
C GLU Z 40 -113.83 7.21 143.09
N VAL Z 41 -114.16 7.08 141.81
CA VAL Z 41 -113.15 7.18 140.75
C VAL Z 41 -112.93 8.61 140.29
N CYS Z 42 -113.90 9.51 140.47
CA CYS Z 42 -113.78 10.89 140.03
C CYS Z 42 -112.70 11.65 140.81
N ALA Z 43 -112.14 11.06 141.87
CA ALA Z 43 -111.09 11.73 142.63
C ALA Z 43 -109.81 11.83 141.80
N HIS Z 44 -109.33 10.71 141.27
CA HIS Z 44 -108.12 10.67 140.45
C HIS Z 44 -108.52 10.37 139.01
N ARG Z 45 -108.48 11.39 138.16
CA ARG Z 45 -108.86 11.23 136.77
C ARG Z 45 -107.69 10.89 135.86
N CYS Z 46 -106.48 10.81 136.41
CA CYS Z 46 -105.29 10.50 135.63
C CYS Z 46 -105.09 8.98 135.59
N ILE Z 47 -105.82 8.34 134.67
CA ILE Z 47 -105.71 6.90 134.44
C ILE Z 47 -105.30 6.72 132.98
N PHE Z 48 -105.12 5.47 132.56
CA PHE Z 48 -104.61 5.11 131.23
C PHE Z 48 -105.20 5.98 130.12
N ASP Z 49 -106.51 6.09 130.06
CA ASP Z 49 -107.18 6.94 129.09
C ASP Z 49 -107.90 8.08 129.80
N PHE Z 50 -108.64 8.88 129.04
CA PHE Z 50 -109.41 9.97 129.62
C PHE Z 50 -110.54 9.43 130.48
N PHE Z 51 -111.22 10.33 131.18
CA PHE Z 51 -112.29 9.94 132.10
C PHE Z 51 -113.42 10.95 132.00
N LYS Z 52 -114.61 10.47 131.67
CA LYS Z 52 -115.82 11.28 131.70
C LYS Z 52 -116.96 10.42 132.24
N GLN Z 53 -117.90 11.05 132.93
CA GLN Z 53 -119.03 10.33 133.53
C GLN Z 53 -120.24 11.25 133.53
N ILE Z 54 -121.38 10.71 133.08
CA ILE Z 54 -122.62 11.47 133.00
C ILE Z 54 -123.43 11.18 134.26
N ARG Z 55 -124.30 12.12 134.65
CA ARG Z 55 -124.98 11.98 135.95
C ARG Z 55 -126.18 11.04 135.86
N SER Z 56 -127.22 11.43 135.13
CA SER Z 56 -128.39 10.58 134.94
C SER Z 56 -128.60 10.23 133.48
N ASP Z 57 -128.83 11.21 132.62
CA ASP Z 57 -129.00 10.99 131.19
C ASP Z 57 -129.03 12.33 130.47
N ASP Z 58 -128.25 12.41 129.41
CA ASP Z 58 -128.30 13.52 128.46
C ASP Z 58 -128.00 12.96 127.07
N ASN Z 59 -128.82 13.29 126.07
CA ASN Z 59 -128.88 12.51 124.84
C ASN Z 59 -127.61 12.61 124.00
N SER Z 60 -127.66 12.04 122.79
CA SER Z 60 -126.54 11.80 121.89
C SER Z 60 -125.76 10.57 122.31
N LEU Z 61 -126.32 9.74 123.18
CA LEU Z 61 -125.89 8.36 123.28
C LEU Z 61 -126.46 7.61 122.09
N TYR Z 62 -127.56 8.13 121.54
CA TYR Z 62 -128.22 7.57 120.38
C TYR Z 62 -127.79 8.33 119.14
N SER Z 63 -126.59 8.04 118.67
CA SER Z 63 -126.00 8.69 117.49
C SER Z 63 -125.27 7.63 116.68
N ALA Z 64 -125.96 7.07 115.68
CA ALA Z 64 -125.39 6.04 114.82
C ALA Z 64 -125.17 6.67 113.44
N GLN Z 65 -123.98 7.23 113.24
CA GLN Z 65 -123.59 7.82 111.97
C GLN Z 65 -122.29 7.16 111.51
N PHE Z 66 -122.37 6.42 110.41
CA PHE Z 66 -121.26 5.61 109.92
C PHE Z 66 -120.89 6.02 108.51
N ASP Z 67 -119.81 5.43 108.02
CA ASP Z 67 -119.36 5.61 106.64
C ASP Z 67 -119.24 4.24 106.00
N ILE Z 68 -119.75 4.12 104.78
CA ILE Z 68 -119.81 2.84 104.09
C ILE Z 68 -119.21 2.99 102.70
N LEU Z 69 -118.46 1.97 102.28
CA LEU Z 69 -117.94 1.90 100.92
C LEU Z 69 -118.99 1.29 100.00
N LEU Z 70 -119.01 1.76 98.76
CA LEU Z 70 -120.04 1.38 97.79
C LEU Z 70 -119.49 0.54 96.65
N GLY Z 71 -118.43 -0.22 96.92
CA GLY Z 71 -117.87 -1.07 95.88
C GLY Z 71 -116.77 -0.39 95.10
N THR Z 72 -115.86 -1.20 94.59
CA THR Z 72 -114.72 -0.73 93.81
C THR Z 72 -114.85 -1.16 92.36
N TYR Z 73 -114.17 -0.43 91.48
CA TYR Z 73 -114.17 -0.72 90.06
C TYR Z 73 -112.76 -0.64 89.52
N CYS Z 74 -112.38 -1.62 88.71
CA CYS Z 74 -111.06 -1.68 88.10
C CYS Z 74 -111.21 -1.95 86.61
N ASN Z 75 -110.07 -2.04 85.93
CA ASN Z 75 -110.05 -2.26 84.49
C ASN Z 75 -108.90 -3.19 84.15
N THR Z 76 -109.10 -3.98 83.09
CA THR Z 76 -108.09 -4.90 82.59
C THR Z 76 -107.78 -4.60 81.14
N LEU Z 77 -106.50 -4.43 80.84
CA LEU Z 77 -106.08 -4.11 79.48
C LEU Z 77 -105.96 -5.37 78.64
N ASN Z 78 -105.99 -5.19 77.32
CA ASN Z 78 -105.82 -6.28 76.38
C ASN Z 78 -104.39 -6.28 75.85
N PHE Z 79 -104.04 -7.37 75.17
CA PHE Z 79 -102.72 -7.55 74.60
C PHE Z 79 -102.82 -7.70 73.09
N VAL Z 80 -101.97 -6.99 72.37
CA VAL Z 80 -101.94 -7.03 70.92
C VAL Z 80 -100.72 -7.81 70.47
N ARG Z 81 -100.79 -8.41 69.29
CA ARG Z 81 -99.69 -9.16 68.72
C ARG Z 81 -99.40 -8.64 67.32
N PHE Z 82 -98.12 -8.71 66.94
CA PHE Z 82 -97.69 -8.13 65.67
C PHE Z 82 -98.30 -8.86 64.48
N LEU Z 83 -98.29 -10.20 64.51
CA LEU Z 83 -98.79 -10.96 63.38
C LEU Z 83 -100.29 -10.78 63.20
N GLU Z 84 -101.03 -10.53 64.29
CA GLU Z 84 -102.46 -10.27 64.17
C GLU Z 84 -102.71 -8.99 63.40
N LEU Z 85 -101.84 -8.01 63.53
CA LEU Z 85 -101.96 -6.78 62.76
C LEU Z 85 -101.65 -7.05 61.30
N GLY Z 86 -102.27 -6.25 60.43
CA GLY Z 86 -102.01 -6.38 59.01
C GLY Z 86 -100.68 -5.83 58.55
N LEU Z 87 -100.02 -5.03 59.38
CA LEU Z 87 -98.72 -4.46 59.03
C LEU Z 87 -97.64 -5.51 58.85
N SER Z 88 -97.88 -6.75 59.26
CA SER Z 88 -96.91 -7.82 59.08
C SER Z 88 -96.72 -8.20 57.62
N VAL Z 89 -97.55 -7.69 56.72
CA VAL Z 89 -97.41 -7.99 55.30
C VAL Z 89 -96.60 -6.88 54.64
N ALA Z 90 -95.92 -6.09 55.47
CA ALA Z 90 -95.01 -5.07 54.96
C ALA Z 90 -93.55 -5.49 55.04
N CYS Z 91 -93.23 -6.59 55.72
CA CYS Z 91 -91.87 -7.04 55.89
C CYS Z 91 -91.88 -8.53 56.19
N ILE Z 92 -90.69 -9.10 56.38
CA ILE Z 92 -90.54 -10.50 56.74
C ILE Z 92 -89.67 -10.55 57.99
N CYS Z 93 -90.27 -10.92 59.12
CA CYS Z 93 -89.55 -11.00 60.38
C CYS Z 93 -88.96 -12.38 60.56
N THR Z 94 -87.82 -12.42 61.27
CA THR Z 94 -87.16 -13.68 61.59
C THR Z 94 -86.37 -13.50 62.88
N LYS Z 95 -86.05 -14.63 63.52
CA LYS Z 95 -85.36 -14.65 64.79
C LYS Z 95 -83.92 -15.08 64.58
N PHE Z 96 -82.99 -14.38 65.22
CA PHE Z 96 -81.57 -14.64 65.12
C PHE Z 96 -80.94 -14.48 66.50
N PRO Z 97 -80.78 -15.58 67.24
CA PRO Z 97 -80.34 -15.44 68.64
C PRO Z 97 -78.94 -14.86 68.78
N GLU Z 98 -78.04 -15.16 67.88
CA GLU Z 98 -76.68 -14.62 67.94
C GLU Z 98 -76.56 -13.29 67.20
N LEU Z 99 -77.48 -12.37 67.52
CA LEU Z 99 -77.50 -11.07 66.87
C LEU Z 99 -76.41 -10.14 67.39
N ALA Z 100 -75.85 -10.42 68.57
CA ALA Z 100 -74.81 -9.58 69.14
C ALA Z 100 -73.45 -9.78 68.50
N TYR Z 101 -73.30 -10.80 67.65
CA TYR Z 101 -72.02 -11.09 67.00
C TYR Z 101 -72.10 -10.89 65.49
N VAL Z 102 -73.11 -10.19 64.99
CA VAL Z 102 -73.29 -10.05 63.54
C VAL Z 102 -72.18 -9.19 62.95
N ARG Z 103 -72.09 -7.93 63.40
CA ARG Z 103 -71.01 -7.04 62.99
C ARG Z 103 -70.99 -6.84 61.47
N ASP Z 104 -72.01 -6.13 61.00
CA ASP Z 104 -72.10 -5.69 59.60
C ASP Z 104 -72.30 -6.86 58.64
N GLY Z 105 -73.43 -7.54 58.75
CA GLY Z 105 -73.84 -8.45 57.70
C GLY Z 105 -74.16 -7.73 56.40
N VAL Z 106 -74.08 -8.48 55.30
CA VAL Z 106 -74.10 -7.91 53.95
C VAL Z 106 -74.98 -8.78 53.06
N ILE Z 107 -75.60 -8.16 52.05
CA ILE Z 107 -76.47 -8.84 51.10
C ILE Z 107 -76.23 -8.25 49.71
N GLN Z 108 -76.15 -9.11 48.70
CA GLN Z 108 -75.84 -8.65 47.36
C GLN Z 108 -76.92 -9.11 46.37
N PHE Z 109 -77.16 -8.27 45.37
CA PHE Z 109 -78.12 -8.51 44.30
C PHE Z 109 -77.40 -8.58 42.95
N GLU Z 110 -78.09 -9.15 41.96
CA GLU Z 110 -77.56 -9.19 40.60
C GLU Z 110 -78.70 -9.23 39.58
N VAL Z 111 -78.61 -8.40 38.54
CA VAL Z 111 -79.64 -8.35 37.50
C VAL Z 111 -78.98 -8.29 36.13
N GLN Z 112 -79.80 -8.56 35.12
CA GLN Z 112 -79.38 -8.46 33.72
C GLN Z 112 -80.41 -7.61 32.98
N GLN Z 113 -80.03 -7.14 31.79
CA GLN Z 113 -80.90 -6.29 31.01
C GLN Z 113 -81.02 -6.82 29.59
N PRO Z 114 -82.23 -6.81 29.02
CA PRO Z 114 -82.38 -7.23 27.63
C PRO Z 114 -82.01 -6.12 26.66
N MET Z 115 -81.78 -6.52 25.41
CA MET Z 115 -81.35 -5.60 24.38
C MET Z 115 -82.20 -5.80 23.12
N ILE Z 116 -82.14 -4.80 22.23
CA ILE Z 116 -82.95 -4.76 21.02
C ILE Z 116 -82.03 -4.83 19.81
N ALA Z 117 -82.44 -5.58 18.80
CA ALA Z 117 -81.64 -5.78 17.59
C ALA Z 117 -82.15 -4.83 16.52
N ARG Z 118 -81.45 -3.71 16.35
CA ARG Z 118 -81.75 -2.72 15.32
C ARG Z 118 -80.50 -2.44 14.52
N ASP Z 119 -80.69 -1.89 13.33
CA ASP Z 119 -79.57 -1.56 12.44
C ASP Z 119 -79.84 -0.24 11.75
N GLY Z 120 -78.79 0.28 11.10
CA GLY Z 120 -78.82 1.58 10.48
C GLY Z 120 -77.62 2.39 10.89
N PRO Z 121 -77.77 3.71 10.93
CA PRO Z 121 -76.69 4.60 11.38
C PRO Z 121 -76.59 4.70 12.90
N HIS Z 122 -76.61 3.55 13.57
CA HIS Z 122 -76.53 3.48 15.01
C HIS Z 122 -75.47 2.48 15.43
N PRO Z 123 -74.77 2.75 16.53
CA PRO Z 123 -73.81 1.77 17.05
C PRO Z 123 -74.52 0.51 17.52
N VAL Z 124 -73.88 -0.63 17.34
CA VAL Z 124 -74.48 -1.91 17.71
C VAL Z 124 -74.51 -2.03 19.22
N ASP Z 125 -75.59 -2.60 19.74
CA ASP Z 125 -75.79 -2.70 21.17
C ASP Z 125 -75.07 -3.93 21.74
N GLN Z 126 -75.38 -4.23 23.01
CA GLN Z 126 -74.71 -5.29 23.74
C GLN Z 126 -75.48 -5.58 25.01
N PRO Z 127 -75.60 -6.83 25.43
CA PRO Z 127 -76.30 -7.11 26.70
C PRO Z 127 -75.50 -6.57 27.88
N VAL Z 128 -76.23 -6.26 28.96
CA VAL Z 128 -75.64 -5.62 30.13
C VAL Z 128 -76.03 -6.40 31.38
N HIS Z 129 -75.10 -6.47 32.33
CA HIS Z 129 -75.34 -7.06 33.64
C HIS Z 129 -74.93 -6.09 34.72
N ASN Z 130 -75.50 -6.25 35.91
CA ASN Z 130 -75.24 -5.35 37.02
C ASN Z 130 -75.05 -6.15 38.31
N TYR Z 131 -74.51 -5.49 39.32
CA TYR Z 131 -74.25 -6.10 40.61
C TYR Z 131 -74.43 -5.06 41.71
N MET Z 132 -75.22 -5.39 42.72
CA MET Z 132 -75.55 -4.48 43.80
C MET Z 132 -75.16 -5.08 45.14
N VAL Z 133 -74.96 -4.22 46.13
CA VAL Z 133 -74.58 -4.68 47.47
C VAL Z 133 -75.08 -3.70 48.53
N LYS Z 134 -75.52 -4.24 49.67
CA LYS Z 134 -76.05 -3.45 50.78
C LYS Z 134 -75.66 -4.15 52.08
N ARG Z 135 -75.89 -3.46 53.19
CA ARG Z 135 -75.53 -4.00 54.49
C ARG Z 135 -76.70 -3.85 55.46
N ILE Z 136 -76.55 -4.48 56.63
CA ILE Z 136 -77.59 -4.56 57.64
C ILE Z 136 -77.59 -3.28 58.46
N HIS Z 137 -78.73 -2.98 59.10
CA HIS Z 137 -78.74 -1.95 60.12
C HIS Z 137 -78.90 -2.60 61.50
N LYS Z 138 -78.61 -1.82 62.54
CA LYS Z 138 -78.66 -2.33 63.90
C LYS Z 138 -79.32 -1.30 64.80
N ARG Z 139 -80.35 -1.72 65.54
CA ARG Z 139 -81.03 -0.83 66.48
C ARG Z 139 -81.65 -1.66 67.59
N SER Z 140 -81.66 -1.10 68.80
CA SER Z 140 -82.10 -1.85 69.97
C SER Z 140 -83.32 -1.20 70.60
N LEU Z 141 -84.07 -2.00 71.34
CA LEU Z 141 -85.22 -1.55 72.10
C LEU Z 141 -84.99 -1.85 73.59
N SER Z 142 -85.62 -1.05 74.44
CA SER Z 142 -85.43 -1.17 75.89
C SER Z 142 -86.72 -0.84 76.61
N ALA Z 143 -86.80 -1.32 77.86
CA ALA Z 143 -87.94 -1.08 78.73
C ALA Z 143 -87.48 -1.16 80.17
N ALA Z 144 -88.23 -0.51 81.05
CA ALA Z 144 -87.88 -0.40 82.46
C ALA Z 144 -88.87 -1.19 83.32
N PHE Z 145 -88.46 -1.45 84.56
CA PHE Z 145 -89.26 -2.26 85.47
C PHE Z 145 -88.80 -1.98 86.90
N ALA Z 146 -89.67 -1.42 87.73
CA ALA Z 146 -89.29 -0.99 89.08
C ALA Z 146 -89.82 -1.95 90.12
N ILE Z 147 -89.04 -2.14 91.20
CA ILE Z 147 -89.42 -3.01 92.31
C ILE Z 147 -89.10 -2.29 93.60
N ALA Z 148 -90.00 -2.41 94.59
CA ALA Z 148 -89.87 -1.65 95.83
C ALA Z 148 -89.01 -2.40 96.85
N SER Z 149 -88.39 -1.62 97.75
CA SER Z 149 -87.49 -2.17 98.74
C SER Z 149 -88.22 -3.04 99.76
N GLU Z 150 -89.36 -2.55 100.27
CA GLU Z 150 -90.12 -3.36 101.21
C GLU Z 150 -90.58 -4.66 100.57
N ALA Z 151 -90.91 -4.61 99.28
CA ALA Z 151 -91.31 -5.83 98.57
C ALA Z 151 -90.15 -6.81 98.46
N LEU Z 152 -88.97 -6.35 98.02
CA LEU Z 152 -87.85 -7.26 97.90
C LEU Z 152 -87.43 -7.81 99.26
N SER Z 153 -87.58 -7.00 100.32
CA SER Z 153 -87.28 -7.49 101.66
C SER Z 153 -88.27 -8.56 102.09
N LEU Z 154 -89.56 -8.36 101.80
CA LEU Z 154 -90.56 -9.38 102.07
C LEU Z 154 -90.28 -10.67 101.31
N LEU Z 155 -89.80 -10.57 100.07
CA LEU Z 155 -89.56 -11.76 99.27
C LEU Z 155 -88.25 -12.46 99.63
N SER Z 156 -87.25 -11.74 100.13
CA SER Z 156 -85.97 -12.31 100.46
C SER Z 156 -85.92 -12.90 101.86
N ASN Z 157 -87.06 -13.23 102.46
CA ASN Z 157 -87.06 -13.73 103.82
C ASN Z 157 -86.56 -15.18 103.90
N THR Z 158 -86.98 -16.03 102.97
CA THR Z 158 -86.61 -17.44 102.94
C THR Z 158 -86.96 -18.12 104.27
N TYR Z 159 -88.26 -18.18 104.53
CA TYR Z 159 -88.84 -18.97 105.62
C TYR Z 159 -88.27 -18.56 106.98
N VAL Z 160 -88.53 -17.30 107.32
CA VAL Z 160 -88.24 -16.80 108.66
C VAL Z 160 -89.50 -16.15 109.20
N ASP Z 161 -90.64 -16.64 108.73
CA ASP Z 161 -91.95 -16.06 109.05
C ASP Z 161 -92.98 -17.18 109.04
N GLY Z 162 -94.25 -16.83 108.90
CA GLY Z 162 -95.32 -17.79 108.95
C GLY Z 162 -96.46 -17.37 109.86
N THR Z 163 -96.52 -16.08 110.17
CA THR Z 163 -97.66 -15.50 110.86
C THR Z 163 -98.77 -15.26 109.86
N GLU Z 164 -99.80 -14.50 110.27
CA GLU Z 164 -100.94 -14.23 109.39
C GLU Z 164 -100.78 -12.96 108.57
N ILE Z 165 -100.29 -11.89 109.17
CA ILE Z 165 -100.34 -10.57 108.52
C ILE Z 165 -99.47 -10.56 107.27
N ASP Z 166 -98.25 -11.09 107.36
CA ASP Z 166 -97.35 -11.05 106.22
C ASP Z 166 -97.77 -12.01 105.11
N SER Z 167 -98.64 -12.97 105.41
CA SER Z 167 -99.13 -13.88 104.38
C SER Z 167 -99.92 -13.13 103.32
N SER Z 168 -100.54 -12.01 103.69
CA SER Z 168 -101.25 -11.20 102.70
C SER Z 168 -100.33 -10.19 102.02
N LEU Z 169 -99.34 -9.68 102.74
CA LEU Z 169 -98.40 -8.73 102.13
C LEU Z 169 -97.55 -9.41 101.06
N ARG Z 170 -97.08 -10.62 101.33
CA ARG Z 170 -96.35 -11.37 100.31
C ARG Z 170 -97.23 -11.62 99.09
N ILE Z 171 -98.50 -11.93 99.31
CA ILE Z 171 -99.42 -12.18 98.20
C ILE Z 171 -99.59 -10.93 97.36
N ARG Z 172 -99.82 -9.79 98.01
CA ARG Z 172 -99.99 -8.55 97.27
C ARG Z 172 -98.70 -8.14 96.55
N ALA Z 173 -97.53 -8.44 97.13
CA ALA Z 173 -96.28 -8.11 96.47
C ALA Z 173 -96.08 -8.94 95.22
N ILE Z 174 -96.29 -10.26 95.31
CA ILE Z 174 -96.14 -11.09 94.12
C ILE Z 174 -97.20 -10.74 93.07
N GLN Z 175 -98.40 -10.33 93.50
CA GLN Z 175 -99.40 -9.89 92.54
C GLN Z 175 -98.99 -8.62 91.84
N GLN Z 176 -98.40 -7.66 92.56
CA GLN Z 176 -97.87 -6.47 91.93
C GLN Z 176 -96.78 -6.83 90.92
N MET Z 177 -95.87 -7.73 91.31
CA MET Z 177 -94.82 -8.15 90.38
C MET Z 177 -95.40 -8.75 89.11
N ALA Z 178 -96.40 -9.62 89.25
CA ALA Z 178 -97.01 -10.23 88.07
C ALA Z 178 -97.71 -9.20 87.20
N ARG Z 179 -98.46 -8.28 87.84
CA ARG Z 179 -99.17 -7.26 87.08
C ARG Z 179 -98.22 -6.34 86.33
N ASN Z 180 -97.05 -6.08 86.88
CA ASN Z 180 -96.09 -5.22 86.19
C ASN Z 180 -95.37 -5.98 85.08
N LEU Z 181 -95.04 -7.26 85.34
CA LEU Z 181 -94.37 -8.05 84.32
C LEU Z 181 -95.27 -8.27 83.11
N ARG Z 182 -96.57 -8.47 83.33
CA ARG Z 182 -97.48 -8.73 82.22
C ARG Z 182 -97.53 -7.58 81.24
N THR Z 183 -97.26 -6.36 81.70
CA THR Z 183 -97.28 -5.22 80.79
C THR Z 183 -95.89 -4.84 80.29
N VAL Z 184 -94.84 -5.07 81.09
CA VAL Z 184 -93.51 -4.79 80.57
C VAL Z 184 -93.14 -5.78 79.47
N LEU Z 185 -93.75 -6.97 79.51
CA LEU Z 185 -93.55 -7.91 78.41
C LEU Z 185 -94.26 -7.45 77.15
N ASP Z 186 -95.48 -6.92 77.29
CA ASP Z 186 -96.24 -6.47 76.14
C ASP Z 186 -95.72 -5.17 75.56
N SER Z 187 -94.93 -4.41 76.32
CA SER Z 187 -94.36 -3.18 75.80
C SER Z 187 -93.49 -3.43 74.57
N PHE Z 188 -92.70 -4.52 74.57
CA PHE Z 188 -91.87 -4.82 73.40
C PHE Z 188 -92.71 -5.25 72.21
N GLU Z 189 -93.74 -6.06 72.46
CA GLU Z 189 -94.65 -6.45 71.39
C GLU Z 189 -95.38 -5.26 70.79
N ARG Z 190 -95.63 -4.22 71.59
CA ARG Z 190 -96.24 -3.01 71.05
C ARG Z 190 -95.23 -2.13 70.33
N GLY Z 191 -93.99 -2.07 70.81
CA GLY Z 191 -92.98 -1.24 70.18
C GLY Z 191 -92.37 -1.84 68.93
N THR Z 192 -92.56 -3.14 68.70
CA THR Z 192 -92.11 -3.70 67.44
C THR Z 192 -92.93 -3.16 66.27
N ALA Z 193 -94.14 -2.67 66.54
CA ALA Z 193 -94.92 -1.98 65.53
C ALA Z 193 -94.61 -0.49 65.46
N ASP Z 194 -93.87 0.04 66.42
CA ASP Z 194 -93.39 1.42 66.36
C ASP Z 194 -92.04 1.53 65.67
N GLN Z 195 -91.21 0.50 65.78
CA GLN Z 195 -89.99 0.44 64.96
C GLN Z 195 -90.35 0.54 63.47
N LEU Z 196 -91.11 -0.43 62.98
CA LEU Z 196 -91.82 -0.26 61.74
C LEU Z 196 -92.80 0.91 61.88
N LEU Z 197 -93.23 1.45 60.74
CA LEU Z 197 -94.04 2.67 60.72
C LEU Z 197 -93.27 3.79 61.43
N GLY Z 198 -92.16 4.15 60.80
CA GLY Z 198 -91.19 5.05 61.39
C GLY Z 198 -89.80 4.68 60.94
N VAL Z 199 -89.62 3.41 60.55
CA VAL Z 199 -88.49 3.03 59.72
C VAL Z 199 -88.79 3.23 58.24
N LEU Z 200 -90.06 3.36 57.85
CA LEU Z 200 -90.42 3.56 56.45
C LEU Z 200 -90.63 5.03 56.09
N LEU Z 201 -90.72 5.91 57.07
CA LEU Z 201 -90.99 7.31 56.78
C LEU Z 201 -89.78 8.01 56.16
N GLU Z 202 -88.58 7.69 56.65
CA GLU Z 202 -87.36 8.21 56.07
C GLU Z 202 -86.97 7.48 54.79
N LYS Z 203 -87.80 6.53 54.34
CA LYS Z 203 -87.54 5.78 53.12
C LYS Z 203 -88.53 6.11 52.01
N ALA Z 204 -89.75 6.52 52.37
CA ALA Z 204 -90.77 6.86 51.38
C ALA Z 204 -90.56 8.29 50.89
N PRO Z 205 -90.37 8.50 49.59
CA PRO Z 205 -90.27 9.87 49.07
C PRO Z 205 -91.64 10.43 48.75
N PRO Z 206 -91.74 11.74 48.52
CA PRO Z 206 -93.05 12.33 48.25
C PRO Z 206 -93.64 11.86 46.93
N LEU Z 207 -94.96 11.67 46.93
CA LEU Z 207 -95.67 11.20 45.75
C LEU Z 207 -95.65 12.23 44.63
N SER Z 208 -95.87 13.51 44.96
CA SER Z 208 -95.88 14.56 43.94
C SER Z 208 -94.56 14.62 43.18
N LEU Z 209 -93.47 14.12 43.78
CA LEU Z 209 -92.19 14.06 43.11
C LEU Z 209 -91.92 12.72 42.45
N LEU Z 210 -92.41 11.63 43.03
CA LEU Z 210 -92.08 10.31 42.50
C LEU Z 210 -92.96 9.95 41.30
N SER Z 211 -94.20 10.41 41.26
CA SER Z 211 -95.13 10.02 40.20
C SER Z 211 -94.66 10.49 38.82
N PRO Z 212 -94.41 11.79 38.60
CA PRO Z 212 -94.03 12.23 37.24
C PRO Z 212 -92.64 11.73 36.86
N ILE Z 213 -91.77 11.55 37.86
CA ILE Z 213 -90.46 10.95 37.58
C ILE Z 213 -90.64 9.55 37.04
N ASN Z 214 -91.50 8.75 37.66
CA ASN Z 214 -91.78 7.42 37.17
C ASN Z 214 -92.46 7.47 35.80
N LYS Z 215 -93.28 8.49 35.57
CA LYS Z 215 -93.97 8.61 34.29
C LYS Z 215 -92.99 8.88 33.15
N PHE Z 216 -92.05 9.79 33.36
CA PHE Z 216 -91.06 10.13 32.33
C PHE Z 216 -89.86 9.22 32.51
N GLN Z 217 -89.98 8.01 31.98
CA GLN Z 217 -88.89 7.02 32.00
C GLN Z 217 -88.59 6.56 30.59
N PRO Z 218 -88.06 7.46 29.74
CA PRO Z 218 -87.63 7.00 28.42
C PRO Z 218 -86.30 6.27 28.47
N GLU Z 219 -85.33 6.83 29.20
CA GLU Z 219 -84.02 6.19 29.34
C GLU Z 219 -83.40 6.36 30.71
N GLY Z 220 -84.11 6.90 31.69
CA GLY Z 220 -83.53 7.15 32.99
C GLY Z 220 -82.63 8.38 33.00
N HIS Z 221 -81.54 8.33 32.24
CA HIS Z 221 -80.65 9.48 32.09
C HIS Z 221 -81.16 10.36 30.95
N LEU Z 222 -81.38 11.63 31.25
CA LEU Z 222 -81.94 12.57 30.29
C LEU Z 222 -80.94 13.69 30.01
N ASN Z 223 -81.18 14.40 28.92
CA ASN Z 223 -80.34 15.54 28.55
C ASN Z 223 -80.80 16.77 29.32
N ARG Z 224 -80.09 17.88 29.12
CA ARG Z 224 -80.36 19.08 29.89
C ARG Z 224 -81.73 19.66 29.57
N VAL Z 225 -82.13 19.63 28.29
CA VAL Z 225 -83.40 20.22 27.91
C VAL Z 225 -84.56 19.45 28.51
N ALA Z 226 -84.55 18.12 28.36
CA ALA Z 226 -85.59 17.30 28.97
C ALA Z 226 -85.58 17.44 30.49
N ARG Z 227 -84.40 17.56 31.09
CA ARG Z 227 -84.33 17.72 32.54
C ARG Z 227 -84.97 19.04 32.97
N ALA Z 228 -84.73 20.11 32.21
CA ALA Z 228 -85.32 21.41 32.56
C ALA Z 228 -86.83 21.39 32.41
N ALA Z 229 -87.32 20.78 31.32
CA ALA Z 229 -88.77 20.67 31.15
C ALA Z 229 -89.39 19.85 32.28
N LEU Z 230 -88.76 18.72 32.63
CA LEU Z 230 -89.26 17.92 33.74
C LEU Z 230 -89.22 18.70 35.04
N LEU Z 231 -88.21 19.55 35.22
CA LEU Z 231 -88.12 20.36 36.43
C LEU Z 231 -89.25 21.36 36.53
N SER Z 232 -89.57 22.02 35.41
CA SER Z 232 -90.70 22.93 35.39
C SER Z 232 -91.99 22.20 35.72
N ASP Z 233 -92.17 21.00 35.15
CA ASP Z 233 -93.35 20.22 35.48
C ASP Z 233 -93.39 19.82 36.95
N LEU Z 234 -92.24 19.46 37.53
CA LEU Z 234 -92.17 19.12 38.94
C LEU Z 234 -92.60 20.30 39.80
N LYS Z 235 -92.10 21.50 39.48
CA LYS Z 235 -92.49 22.67 40.24
C LYS Z 235 -93.99 22.93 40.13
N ARG Z 236 -94.53 22.87 38.91
CA ARG Z 236 -95.96 23.09 38.74
C ARG Z 236 -96.79 22.06 39.51
N ARG Z 237 -96.34 20.82 39.56
CA ARG Z 237 -97.11 19.79 40.26
C ARG Z 237 -97.03 19.96 41.76
N VAL Z 238 -95.84 20.26 42.28
CA VAL Z 238 -95.68 20.34 43.72
C VAL Z 238 -96.31 21.62 44.27
N CYS Z 239 -96.45 22.65 43.44
CA CYS Z 239 -97.08 23.87 43.92
C CYS Z 239 -98.57 23.69 44.13
N ALA Z 240 -99.20 22.79 43.38
CA ALA Z 240 -100.65 22.64 43.41
C ALA Z 240 -101.11 21.42 44.18
N ASP Z 241 -100.49 20.25 43.97
CA ASP Z 241 -100.94 19.01 44.59
C ASP Z 241 -100.43 18.89 46.02
N MET Z 242 -100.86 19.83 46.87
CA MET Z 242 -100.42 19.88 48.25
C MET Z 242 -101.36 19.13 49.18
N PHE Z 243 -102.65 19.46 49.16
CA PHE Z 243 -103.65 18.86 50.03
C PHE Z 243 -104.80 18.35 49.18
N PHE Z 244 -104.89 17.03 49.04
CA PHE Z 244 -105.97 16.44 48.25
C PHE Z 244 -107.28 16.47 49.04
N MET Z 245 -107.28 15.86 50.22
CA MET Z 245 -108.51 15.67 50.98
C MET Z 245 -109.11 16.98 51.48
N THR Z 246 -108.31 18.05 51.55
CA THR Z 246 -108.84 19.33 52.01
C THR Z 246 -109.34 20.18 50.85
N ARG Z 247 -108.53 20.32 49.80
CA ARG Z 247 -108.95 21.10 48.65
C ARG Z 247 -110.05 20.38 47.86
N HIS Z 248 -109.75 19.20 47.36
CA HIS Z 248 -110.71 18.41 46.60
C HIS Z 248 -111.58 17.54 47.51
N ALA Z 249 -112.17 18.16 48.51
CA ALA Z 249 -113.03 17.42 49.43
C ALA Z 249 -114.40 17.14 48.84
N ARG Z 250 -114.88 18.02 47.95
CA ARG Z 250 -116.21 17.82 47.35
C ARG Z 250 -116.17 16.72 46.29
N GLU Z 251 -115.32 16.88 45.30
CA GLU Z 251 -115.22 15.88 44.23
C GLU Z 251 -114.66 14.58 44.78
N PRO Z 252 -115.38 13.47 44.65
CA PRO Z 252 -114.90 12.19 45.20
C PRO Z 252 -114.16 11.32 44.21
N ARG Z 253 -113.91 11.78 42.99
CA ARG Z 253 -113.26 10.97 41.97
C ARG Z 253 -111.79 11.33 41.77
N LEU Z 254 -111.44 12.61 41.88
CA LEU Z 254 -110.04 12.99 41.83
C LEU Z 254 -109.25 12.30 42.94
N ILE Z 255 -109.87 12.11 44.09
CA ILE Z 255 -109.21 11.40 45.18
C ILE Z 255 -108.88 9.97 44.76
N SER Z 256 -109.87 9.25 44.19
CA SER Z 256 -109.62 7.89 43.75
C SER Z 256 -108.55 7.84 42.67
N ALA Z 257 -108.54 8.83 41.77
CA ALA Z 257 -107.48 8.90 40.77
C ALA Z 257 -106.11 9.05 41.43
N TYR Z 258 -106.03 9.93 42.43
CA TYR Z 258 -104.77 10.11 43.16
C TYR Z 258 -104.32 8.81 43.80
N LEU Z 259 -105.23 8.08 44.43
CA LEU Z 259 -104.85 6.84 45.11
C LEU Z 259 -104.43 5.77 44.12
N SER Z 260 -105.13 5.67 42.98
CA SER Z 260 -104.71 4.74 41.94
C SER Z 260 -103.31 5.07 41.45
N ASP Z 261 -103.04 6.35 41.21
CA ASP Z 261 -101.69 6.75 40.83
C ASP Z 261 -100.68 6.36 41.90
N MET Z 262 -101.02 6.59 43.17
CA MET Z 262 -100.08 6.30 44.25
C MET Z 262 -99.75 4.81 44.31
N VAL Z 263 -100.76 3.95 44.17
CA VAL Z 263 -100.52 2.52 44.32
C VAL Z 263 -99.82 1.96 43.07
N SER Z 264 -100.09 2.55 41.91
CA SER Z 264 -99.48 2.09 40.67
C SER Z 264 -98.14 2.78 40.39
N CYS Z 265 -97.74 3.66 41.31
CA CYS Z 265 -96.51 4.43 41.15
C CYS Z 265 -95.26 3.69 41.56
N THR Z 266 -95.32 2.86 42.60
CA THR Z 266 -94.11 2.19 43.08
C THR Z 266 -93.95 0.83 42.41
N GLN Z 267 -92.83 0.16 42.72
CA GLN Z 267 -92.49 -1.10 42.11
C GLN Z 267 -92.36 -2.20 43.16
N PRO Z 268 -92.71 -3.44 42.82
CA PRO Z 268 -92.60 -4.53 43.79
C PRO Z 268 -91.15 -4.94 44.01
N SER Z 269 -90.96 -5.81 44.99
CA SER Z 269 -89.65 -6.30 45.39
C SER Z 269 -89.59 -7.82 45.26
N VAL Z 270 -88.42 -8.37 45.58
CA VAL Z 270 -88.21 -9.81 45.49
C VAL Z 270 -89.17 -10.55 46.41
N MET Z 271 -89.65 -11.69 45.95
CA MET Z 271 -90.51 -12.57 46.74
C MET Z 271 -89.77 -13.88 46.99
N VAL Z 272 -89.78 -14.33 48.25
CA VAL Z 272 -89.21 -15.62 48.61
C VAL Z 272 -90.16 -16.47 49.44
N SER Z 273 -91.11 -15.88 50.16
CA SER Z 273 -91.90 -16.63 51.14
C SER Z 273 -92.78 -17.68 50.44
N ARG Z 274 -93.14 -18.70 51.21
CA ARG Z 274 -94.03 -19.75 50.74
C ARG Z 274 -95.48 -19.41 51.06
N ILE Z 275 -95.78 -19.19 52.34
CA ILE Z 275 -97.10 -18.77 52.78
C ILE Z 275 -97.06 -17.26 53.02
N THR Z 276 -98.17 -16.58 52.73
CA THR Z 276 -98.25 -15.14 52.86
C THR Z 276 -99.67 -14.73 53.16
N HIS Z 277 -99.87 -13.43 53.40
CA HIS Z 277 -101.19 -12.91 53.71
C HIS Z 277 -102.10 -13.04 52.49
N THR Z 278 -103.33 -13.48 52.72
CA THR Z 278 -104.30 -13.64 51.64
C THR Z 278 -105.70 -13.46 52.22
N ASN Z 279 -106.67 -13.33 51.31
CA ASN Z 279 -108.05 -13.15 51.67
C ASN Z 279 -108.72 -14.50 51.86
N THR Z 280 -110.05 -14.50 52.01
CA THR Z 280 -110.77 -15.75 52.19
C THR Z 280 -110.83 -16.55 50.89
N ARG Z 281 -110.88 -15.86 49.74
CA ARG Z 281 -110.93 -16.57 48.47
C ARG Z 281 -109.61 -17.25 48.16
N GLY Z 282 -108.51 -16.52 48.30
CA GLY Z 282 -107.20 -17.05 47.98
C GLY Z 282 -106.31 -16.03 47.30
N ARG Z 283 -106.88 -14.88 46.96
CA ARG Z 283 -106.11 -13.83 46.32
C ARG Z 283 -105.09 -13.25 47.29
N GLN Z 284 -103.92 -12.91 46.76
CA GLN Z 284 -102.83 -12.37 47.56
C GLN Z 284 -102.96 -10.88 47.73
N VAL Z 285 -102.57 -10.40 48.91
CA VAL Z 285 -102.55 -8.98 49.22
C VAL Z 285 -101.22 -8.41 48.77
N ASP Z 286 -101.22 -7.16 48.31
CA ASP Z 286 -100.05 -6.53 47.72
C ASP Z 286 -99.42 -5.47 48.61
N GLY Z 287 -100.21 -4.51 49.11
CA GLY Z 287 -99.65 -3.38 49.82
C GLY Z 287 -100.44 -3.04 51.08
N VAL Z 288 -99.94 -2.04 51.78
CA VAL Z 288 -100.55 -1.54 53.02
C VAL Z 288 -100.75 -0.04 52.87
N LEU Z 289 -101.89 0.45 53.36
CA LEU Z 289 -102.22 1.88 53.35
C LEU Z 289 -102.51 2.29 54.78
N VAL Z 290 -101.52 2.88 55.45
CA VAL Z 290 -101.68 3.35 56.81
C VAL Z 290 -102.03 4.83 56.79
N THR Z 291 -102.96 5.24 57.65
CA THR Z 291 -103.39 6.62 57.72
C THR Z 291 -104.02 6.85 59.09
N THR Z 292 -104.66 8.00 59.26
CA THR Z 292 -105.35 8.33 60.49
C THR Z 292 -106.81 7.88 60.40
N ALA Z 293 -107.48 7.88 61.55
CA ALA Z 293 -108.82 7.32 61.64
C ALA Z 293 -109.85 8.14 60.88
N THR Z 294 -109.78 9.46 60.98
CA THR Z 294 -110.72 10.31 60.27
C THR Z 294 -110.56 10.15 58.76
N LEU Z 295 -109.32 10.05 58.29
CA LEU Z 295 -109.09 9.81 56.87
C LEU Z 295 -109.57 8.43 56.46
N LYS Z 296 -109.37 7.41 57.30
CA LYS Z 296 -109.89 6.08 57.01
C LYS Z 296 -111.40 6.14 56.83
N ARG Z 297 -112.09 6.84 57.73
CA ARG Z 297 -113.54 6.95 57.62
C ARG Z 297 -113.94 7.69 56.35
N GLN Z 298 -113.30 8.81 56.06
CA GLN Z 298 -113.62 9.58 54.87
C GLN Z 298 -113.40 8.77 53.60
N LEU Z 299 -112.35 7.95 53.56
CA LEU Z 299 -112.08 7.13 52.38
C LEU Z 299 -113.07 5.98 52.27
N LEU Z 300 -113.31 5.27 53.36
CA LEU Z 300 -114.22 4.13 53.33
C LEU Z 300 -115.67 4.53 53.11
N GLN Z 301 -116.01 5.80 53.37
CA GLN Z 301 -117.40 6.22 53.24
C GLN Z 301 -117.91 6.05 51.81
N GLY Z 302 -117.34 6.79 50.87
CA GLY Z 302 -117.87 6.77 49.52
C GLY Z 302 -116.84 6.64 48.41
N ILE Z 303 -115.56 6.74 48.75
CA ILE Z 303 -114.53 6.74 47.71
C ILE Z 303 -114.15 5.32 47.33
N LEU Z 304 -113.82 4.49 48.32
CA LEU Z 304 -113.38 3.12 48.08
C LEU Z 304 -114.48 2.14 48.43
N GLN Z 305 -114.24 0.88 48.09
CA GLN Z 305 -115.17 -0.21 48.37
C GLN Z 305 -114.46 -1.31 49.15
N ILE Z 306 -115.15 -1.88 50.12
CA ILE Z 306 -114.58 -2.94 50.94
C ILE Z 306 -114.71 -4.26 50.20
N ASP Z 307 -113.68 -5.10 50.32
CA ASP Z 307 -113.67 -6.40 49.67
C ASP Z 307 -113.87 -7.56 50.66
N ASP Z 308 -113.19 -7.52 51.80
CA ASP Z 308 -113.31 -8.57 52.79
C ASP Z 308 -113.08 -8.00 54.17
N THR Z 309 -113.63 -8.68 55.18
CA THR Z 309 -113.44 -8.29 56.57
C THR Z 309 -112.48 -9.20 57.32
N ALA Z 310 -112.23 -10.41 56.81
CA ALA Z 310 -111.31 -11.34 57.41
C ALA Z 310 -110.24 -11.74 56.40
N ALA Z 311 -109.10 -12.19 56.91
CA ALA Z 311 -107.99 -12.58 56.06
C ALA Z 311 -107.26 -13.76 56.70
N ASP Z 312 -106.30 -14.31 55.97
CA ASP Z 312 -105.49 -15.44 56.43
C ASP Z 312 -104.06 -14.98 56.57
N VAL Z 313 -103.53 -15.05 57.80
CA VAL Z 313 -102.19 -14.55 58.08
C VAL Z 313 -101.36 -15.65 58.72
N PRO Z 314 -100.06 -15.75 58.42
CA PRO Z 314 -99.22 -16.72 59.10
C PRO Z 314 -99.06 -16.37 60.57
N VAL Z 315 -98.83 -17.40 61.38
CA VAL Z 315 -98.72 -17.27 62.84
C VAL Z 315 -97.32 -17.56 63.33
N THR Z 316 -96.44 -18.08 62.48
CA THR Z 316 -95.07 -18.41 62.87
C THR Z 316 -94.11 -17.36 62.34
N TYR Z 317 -93.06 -17.10 63.13
CA TYR Z 317 -92.04 -16.13 62.73
C TYR Z 317 -91.14 -16.71 61.64
N GLY Z 318 -90.49 -17.84 61.92
CA GLY Z 318 -89.54 -18.41 60.99
C GLY Z 318 -88.13 -17.97 61.31
N GLU Z 319 -87.28 -18.89 61.73
CA GLU Z 319 -85.96 -18.57 62.25
C GLU Z 319 -84.89 -19.23 61.41
N MET Z 320 -83.65 -18.82 61.66
CA MET Z 320 -82.48 -19.48 61.10
C MET Z 320 -81.34 -19.35 62.09
N VAL Z 321 -80.56 -20.41 62.22
CA VAL Z 321 -79.43 -20.46 63.14
C VAL Z 321 -78.29 -21.19 62.46
N LEU Z 322 -77.08 -20.67 62.60
CA LEU Z 322 -75.92 -21.31 62.00
C LEU Z 322 -75.61 -22.61 62.72
N GLN Z 323 -75.41 -23.67 61.94
CA GLN Z 323 -75.10 -24.98 62.50
C GLN Z 323 -74.17 -25.71 61.53
N GLY Z 324 -73.58 -26.78 62.04
CA GLY Z 324 -72.69 -27.60 61.21
C GLY Z 324 -71.42 -26.85 60.87
N THR Z 325 -71.09 -26.83 59.58
CA THR Z 325 -69.85 -26.20 59.13
C THR Z 325 -69.80 -24.71 59.44
N ASN Z 326 -70.95 -24.06 59.57
CA ASN Z 326 -70.98 -22.66 59.96
C ASN Z 326 -70.30 -22.44 61.30
N LEU Z 327 -70.50 -23.35 62.26
CA LEU Z 327 -69.82 -23.25 63.54
C LEU Z 327 -68.31 -23.28 63.38
N VAL Z 328 -67.78 -24.33 62.73
CA VAL Z 328 -66.33 -24.48 62.66
C VAL Z 328 -65.71 -23.35 61.85
N THR Z 329 -66.45 -22.79 60.89
CA THR Z 329 -65.88 -21.73 60.07
C THR Z 329 -66.00 -20.35 60.70
N ALA Z 330 -67.01 -20.10 61.54
CA ALA Z 330 -67.19 -18.76 62.09
C ALA Z 330 -66.11 -18.39 63.08
N LEU Z 331 -65.46 -19.38 63.69
CA LEU Z 331 -64.44 -19.11 64.70
C LEU Z 331 -63.04 -19.01 64.12
N VAL Z 332 -62.74 -19.73 63.05
CA VAL Z 332 -61.39 -19.69 62.48
C VAL Z 332 -61.32 -18.69 61.33
N MET Z 333 -62.35 -18.67 60.48
CA MET Z 333 -62.34 -17.79 59.33
C MET Z 333 -62.73 -16.37 59.73
N GLY Z 334 -63.90 -16.24 60.34
CA GLY Z 334 -64.41 -14.93 60.70
C GLY Z 334 -65.56 -14.50 59.82
N LYS Z 335 -65.85 -15.32 58.80
CA LYS Z 335 -66.93 -15.09 57.88
C LYS Z 335 -67.83 -16.32 57.81
N ALA Z 336 -69.09 -16.09 57.44
CA ALA Z 336 -70.06 -17.18 57.39
C ALA Z 336 -71.11 -16.87 56.32
N VAL Z 337 -71.75 -17.93 55.83
CA VAL Z 337 -72.74 -17.84 54.76
C VAL Z 337 -73.97 -18.62 55.17
N ARG Z 338 -75.14 -18.09 54.81
CA ARG Z 338 -76.41 -18.76 55.08
C ARG Z 338 -76.49 -20.06 54.30
N GLY Z 339 -77.16 -21.06 54.88
CA GLY Z 339 -77.38 -22.32 54.21
C GLY Z 339 -76.20 -23.27 54.27
N MET Z 340 -75.15 -22.96 53.51
CA MET Z 340 -73.95 -23.79 53.44
C MET Z 340 -74.27 -25.22 53.01
N ASP Z 341 -75.29 -25.38 52.17
CA ASP Z 341 -75.63 -26.67 51.59
C ASP Z 341 -75.46 -26.65 50.07
N ASP Z 342 -74.64 -25.76 49.55
CA ASP Z 342 -74.46 -25.63 48.11
C ASP Z 342 -73.53 -26.73 47.62
N VAL Z 343 -74.08 -27.68 46.87
CA VAL Z 343 -73.27 -28.75 46.31
C VAL Z 343 -72.52 -28.27 45.07
N ALA Z 344 -73.14 -27.41 44.27
CA ALA Z 344 -72.49 -26.88 43.07
C ALA Z 344 -71.39 -25.91 43.43
N ASN Z 377 -101.49 -20.19 59.60
CA ASN Z 377 -102.66 -19.53 59.06
C ASN Z 377 -103.74 -19.35 60.12
N ALA Z 378 -104.44 -18.21 60.07
CA ALA Z 378 -105.49 -17.92 61.03
C ALA Z 378 -106.40 -16.86 60.46
N ARG Z 379 -107.71 -17.01 60.68
CA ARG Z 379 -108.68 -16.02 60.25
C ARG Z 379 -108.71 -14.88 61.26
N VAL Z 380 -108.29 -13.70 60.83
CA VAL Z 380 -108.28 -12.53 61.70
C VAL Z 380 -109.14 -11.43 61.08
N PRO Z 381 -109.86 -10.63 61.87
CA PRO Z 381 -110.68 -9.56 61.32
C PRO Z 381 -109.81 -8.40 60.85
N ALA Z 382 -109.90 -8.07 59.57
CA ALA Z 382 -109.12 -6.98 59.01
C ALA Z 382 -109.72 -6.61 57.65
N ASP Z 383 -109.86 -5.30 57.42
CA ASP Z 383 -110.45 -4.83 56.18
C ASP Z 383 -109.51 -5.07 55.01
N LEU Z 384 -110.08 -5.09 53.81
CA LEU Z 384 -109.32 -5.27 52.58
C LEU Z 384 -110.01 -4.50 51.47
N VAL Z 385 -109.27 -3.58 50.84
CA VAL Z 385 -109.85 -2.67 49.86
C VAL Z 385 -109.21 -2.91 48.51
N ILE Z 386 -110.02 -2.78 47.46
CA ILE Z 386 -109.57 -2.93 46.07
C ILE Z 386 -109.40 -1.54 45.50
N VAL Z 387 -108.19 -1.01 45.55
CA VAL Z 387 -107.86 0.27 44.93
C VAL Z 387 -107.09 -0.02 43.66
N GLY Z 388 -107.39 0.73 42.60
CA GLY Z 388 -106.76 0.49 41.32
C GLY Z 388 -107.09 -0.88 40.77
N ASP Z 389 -106.11 -1.79 40.80
CA ASP Z 389 -106.33 -3.18 40.39
C ASP Z 389 -105.77 -4.16 41.40
N LYS Z 390 -105.42 -3.69 42.60
CA LYS Z 390 -104.78 -4.50 43.60
C LYS Z 390 -105.66 -4.63 44.83
N LEU Z 391 -105.25 -5.51 45.75
CA LEU Z 391 -105.94 -5.73 47.01
C LEU Z 391 -104.97 -5.40 48.13
N VAL Z 392 -105.23 -4.32 48.85
CA VAL Z 392 -104.31 -3.82 49.87
C VAL Z 392 -105.02 -3.74 51.20
N PHE Z 393 -104.21 -3.74 52.26
CA PHE Z 393 -104.73 -3.53 53.61
C PHE Z 393 -104.93 -2.04 53.87
N LEU Z 394 -105.84 -1.73 54.78
CA LEU Z 394 -106.14 -0.36 55.17
C LEU Z 394 -106.07 -0.28 56.68
N GLU Z 395 -105.14 0.52 57.21
CA GLU Z 395 -104.89 0.58 58.64
C GLU Z 395 -104.98 2.01 59.14
N ALA Z 396 -105.58 2.15 60.33
CA ALA Z 396 -105.71 3.42 61.04
C ALA Z 396 -105.37 3.21 62.50
N LEU Z 397 -104.20 2.65 62.78
CA LEU Z 397 -103.87 2.22 64.13
C LEU Z 397 -103.71 3.40 65.08
N GLU Z 398 -104.78 3.71 65.81
CA GLU Z 398 -104.73 4.62 66.94
C GLU Z 398 -105.44 4.09 68.17
N ARG Z 399 -106.38 3.16 68.02
CA ARG Z 399 -107.06 2.56 69.15
C ARG Z 399 -106.36 1.33 69.68
N ARG Z 400 -105.70 0.57 68.81
CA ARG Z 400 -104.93 -0.59 69.24
C ARG Z 400 -103.58 -0.15 69.80
N VAL Z 401 -102.82 0.62 69.03
CA VAL Z 401 -101.56 1.17 69.47
C VAL Z 401 -101.66 2.68 69.51
N TYR Z 402 -100.74 3.31 70.23
CA TYR Z 402 -100.75 4.75 70.47
C TYR Z 402 -102.09 5.19 71.07
N GLN Z 403 -102.55 4.43 72.07
CA GLN Z 403 -103.83 4.67 72.69
C GLN Z 403 -103.65 4.77 74.20
N ALA Z 404 -104.07 5.89 74.77
CA ALA Z 404 -104.00 6.12 76.21
C ALA Z 404 -102.59 5.90 76.73
N THR Z 405 -101.61 6.39 75.98
CA THR Z 405 -100.21 6.26 76.34
C THR Z 405 -99.55 7.63 76.24
N ARG Z 406 -98.39 7.75 76.88
CA ARG Z 406 -97.64 8.99 76.82
C ARG Z 406 -96.92 9.18 75.50
N VAL Z 407 -96.83 8.14 74.68
CA VAL Z 407 -96.12 8.24 73.41
C VAL Z 407 -97.02 8.91 72.38
N ALA Z 408 -96.42 9.74 71.52
CA ALA Z 408 -97.18 10.45 70.51
C ALA Z 408 -97.39 9.57 69.28
N TYR Z 409 -98.26 10.03 68.40
CA TYR Z 409 -98.62 9.30 67.20
C TYR Z 409 -97.95 9.90 65.97
N PRO Z 410 -97.34 9.07 65.13
CA PRO Z 410 -96.72 9.59 63.90
C PRO Z 410 -97.76 9.99 62.85
N LEU Z 411 -97.30 10.33 61.65
CA LEU Z 411 -98.15 10.77 60.55
C LEU Z 411 -98.86 12.10 60.85
N ILE Z 412 -98.34 12.85 61.82
CA ILE Z 412 -98.86 14.19 62.13
C ILE Z 412 -97.70 15.17 61.97
N GLY Z 413 -96.82 14.89 61.02
CA GLY Z 413 -95.68 15.75 60.77
C GLY Z 413 -96.09 17.14 60.33
N ASN Z 414 -95.10 18.03 60.32
CA ASN Z 414 -95.30 19.42 59.98
C ASN Z 414 -94.77 19.71 58.59
N ILE Z 415 -95.09 20.91 58.09
CA ILE Z 415 -94.65 21.35 56.78
C ILE Z 415 -94.25 22.82 56.90
N ASP Z 416 -93.01 23.13 56.54
CA ASP Z 416 -92.50 24.49 56.62
C ASP Z 416 -92.66 25.19 55.27
N ILE Z 417 -93.32 26.34 55.29
CA ILE Z 417 -93.57 27.12 54.09
C ILE Z 417 -93.14 28.56 54.35
N THR Z 418 -92.47 29.16 53.38
CA THR Z 418 -91.99 30.53 53.49
C THR Z 418 -92.83 31.45 52.60
N PHE Z 419 -92.89 32.72 52.99
CA PHE Z 419 -93.62 33.73 52.24
C PHE Z 419 -92.72 34.94 52.02
N ILE Z 420 -93.06 35.72 50.99
CA ILE Z 420 -92.28 36.90 50.63
C ILE Z 420 -93.24 37.97 50.13
N MET Z 421 -93.01 39.22 50.55
CA MET Z 421 -93.86 40.34 50.20
C MET Z 421 -93.02 41.60 50.05
N PRO Z 422 -93.19 42.35 48.97
CA PRO Z 422 -92.53 43.65 48.87
C PRO Z 422 -93.26 44.70 49.69
N MET Z 423 -92.50 45.71 50.13
CA MET Z 423 -93.03 46.71 51.04
C MET Z 423 -93.17 48.09 50.41
N GLY Z 424 -92.08 48.65 49.87
CA GLY Z 424 -92.13 50.03 49.42
C GLY Z 424 -91.70 50.25 47.98
N VAL Z 425 -92.06 49.32 47.10
CA VAL Z 425 -91.70 49.47 45.69
C VAL Z 425 -92.57 50.55 45.07
N PHE Z 426 -91.99 51.34 44.18
CA PHE Z 426 -92.69 52.41 43.48
C PHE Z 426 -92.44 52.27 41.99
N GLN Z 427 -93.51 51.98 41.25
CA GLN Z 427 -93.41 51.81 39.79
C GLN Z 427 -93.20 53.18 39.17
N ALA Z 428 -91.93 53.48 38.84
CA ALA Z 428 -91.57 54.76 38.22
C ALA Z 428 -91.83 54.68 36.73
N ASN Z 429 -93.11 54.78 36.36
CA ASN Z 429 -93.50 54.71 34.96
C ASN Z 429 -94.84 55.39 34.78
N SER Z 430 -94.86 56.43 33.95
CA SER Z 430 -96.10 57.13 33.66
C SER Z 430 -97.13 56.24 32.98
N MET Z 431 -96.70 55.26 32.19
CA MET Z 431 -97.62 54.32 31.57
C MET Z 431 -98.14 53.26 32.54
N ASP Z 432 -97.41 53.02 33.62
CA ASP Z 432 -97.83 52.03 34.61
C ASP Z 432 -98.66 52.64 35.74
N ARG Z 433 -98.50 53.93 36.02
CA ARG Z 433 -99.30 54.60 37.04
C ARG Z 433 -100.57 55.14 36.39
N TYR Z 434 -101.55 54.26 36.25
CA TYR Z 434 -102.82 54.55 35.59
C TYR Z 434 -103.97 54.19 36.52
N THR Z 435 -105.18 54.25 35.98
CA THR Z 435 -106.37 53.77 36.67
C THR Z 435 -107.30 53.15 35.65
N ARG Z 436 -108.12 52.19 36.11
CA ARG Z 436 -108.93 51.37 35.23
C ARG Z 436 -110.29 51.97 34.92
N HIS Z 437 -110.76 52.93 35.72
CA HIS Z 437 -112.03 53.60 35.46
C HIS Z 437 -111.86 55.08 35.76
N ALA Z 438 -112.95 55.84 35.59
CA ALA Z 438 -112.88 57.28 35.83
C ALA Z 438 -113.00 57.60 37.32
N GLY Z 439 -114.16 57.30 37.90
CA GLY Z 439 -114.38 57.55 39.32
C GLY Z 439 -114.12 56.34 40.18
N ASP Z 440 -112.88 55.84 40.20
CA ASP Z 440 -112.55 54.66 40.98
C ASP Z 440 -112.74 54.91 42.48
N PHE Z 441 -111.93 55.79 43.05
CA PHE Z 441 -112.00 56.15 44.47
C PHE Z 441 -112.03 57.67 44.56
N SER Z 442 -113.22 58.25 44.44
CA SER Z 442 -113.36 59.69 44.52
C SER Z 442 -113.18 60.16 45.95
N THR Z 443 -112.36 61.19 46.14
CA THR Z 443 -112.13 61.79 47.45
C THR Z 443 -112.69 63.20 47.47
N VAL Z 444 -112.55 63.86 48.62
CA VAL Z 444 -113.05 65.22 48.80
C VAL Z 444 -111.88 66.18 48.72
N SER Z 445 -110.70 65.74 49.13
CA SER Z 445 -109.53 66.59 49.13
C SER Z 445 -109.12 66.96 47.71
N GLU Z 446 -108.36 68.05 47.61
CA GLU Z 446 -107.88 68.53 46.31
C GLU Z 446 -106.70 67.72 45.78
N GLN Z 447 -105.99 67.01 46.66
CA GLN Z 447 -104.85 66.20 46.26
C GLN Z 447 -105.12 64.76 46.68
N ASP Z 448 -105.32 63.90 45.70
CA ASP Z 448 -105.60 62.49 45.98
C ASP Z 448 -104.41 61.85 46.67
N PRO Z 449 -104.55 61.41 47.93
CA PRO Z 449 -103.43 60.79 48.65
C PRO Z 449 -103.19 59.34 48.26
N ARG Z 450 -103.18 59.08 46.95
CA ARG Z 450 -102.91 57.75 46.42
C ARG Z 450 -101.86 57.78 45.33
N GLN Z 451 -101.37 58.96 44.96
CA GLN Z 451 -100.30 59.09 43.98
C GLN Z 451 -98.92 59.01 44.62
N PHE Z 452 -98.80 59.38 45.88
CA PHE Z 452 -97.52 59.32 46.58
C PHE Z 452 -97.11 57.87 46.80
N PRO Z 453 -95.81 57.60 46.88
CA PRO Z 453 -95.36 56.22 47.05
C PRO Z 453 -95.77 55.67 48.41
N PRO Z 454 -96.19 54.42 48.47
CA PRO Z 454 -96.64 53.84 49.73
C PRO Z 454 -95.47 53.50 50.64
N GLN Z 455 -95.80 53.16 51.88
CA GLN Z 455 -94.77 52.86 52.87
C GLN Z 455 -94.97 51.51 53.55
N GLY Z 456 -96.22 51.10 53.78
CA GLY Z 456 -96.52 49.87 54.45
C GLY Z 456 -97.24 48.86 53.57
N ILE Z 457 -97.39 47.66 54.10
CA ILE Z 457 -98.08 46.57 53.41
C ILE Z 457 -99.15 46.01 54.34
N PHE Z 458 -100.25 45.58 53.75
CA PHE Z 458 -101.39 45.05 54.49
C PHE Z 458 -101.62 43.61 54.07
N PHE Z 459 -101.98 42.76 55.04
CA PHE Z 459 -102.35 41.38 54.76
C PHE Z 459 -103.20 40.86 55.91
N TYR Z 460 -103.52 39.57 55.84
CA TYR Z 460 -104.39 38.94 56.81
C TYR Z 460 -103.58 38.20 57.87
N ASN Z 461 -104.21 38.00 59.02
CA ASN Z 461 -103.58 37.30 60.13
C ASN Z 461 -103.89 35.81 60.03
N LYS Z 462 -103.56 35.06 61.08
CA LYS Z 462 -103.86 33.64 61.10
C LYS Z 462 -105.36 33.38 61.17
N ASP Z 463 -106.10 34.23 61.87
CA ASP Z 463 -107.54 34.08 62.03
C ASP Z 463 -108.33 35.01 61.13
N GLY Z 464 -107.68 35.76 60.25
CA GLY Z 464 -108.37 36.68 59.37
C GLY Z 464 -108.36 38.12 59.81
N ILE Z 465 -107.48 38.51 60.70
CA ILE Z 465 -107.39 39.89 61.16
C ILE Z 465 -106.45 40.67 60.25
N LEU Z 466 -106.77 41.94 60.03
CA LEU Z 466 -105.93 42.80 59.23
C LEU Z 466 -104.68 43.16 60.01
N THR Z 467 -103.52 43.04 59.36
CA THR Z 467 -102.25 43.45 59.93
C THR Z 467 -101.60 44.49 59.03
N GLN Z 468 -100.52 45.09 59.52
CA GLN Z 468 -99.82 46.11 58.75
C GLN Z 468 -98.34 46.07 59.10
N LEU Z 469 -97.50 46.14 58.06
CA LEU Z 469 -96.05 46.20 58.21
C LEU Z 469 -95.59 47.49 57.54
N THR Z 470 -95.28 48.49 58.35
CA THR Z 470 -94.83 49.77 57.81
C THR Z 470 -93.30 49.80 57.76
N LEU Z 471 -92.77 50.92 57.27
CA LEU Z 471 -91.32 51.07 57.17
C LEU Z 471 -90.67 51.16 58.53
N ARG Z 472 -91.39 51.68 59.53
CA ARG Z 472 -90.83 51.79 60.87
C ARG Z 472 -90.49 50.44 61.47
N ASP Z 473 -91.09 49.37 60.98
CA ASP Z 473 -90.80 48.03 61.49
C ASP Z 473 -89.44 47.52 61.07
N ALA Z 474 -88.73 48.22 60.19
CA ALA Z 474 -87.43 47.78 59.72
C ALA Z 474 -86.29 48.53 60.39
N MET Z 475 -86.55 49.13 61.55
CA MET Z 475 -85.54 49.88 62.27
C MET Z 475 -84.57 49.00 63.05
N GLY Z 476 -84.79 47.69 63.04
CA GLY Z 476 -83.95 46.79 63.81
C GLY Z 476 -82.85 46.13 63.00
N THR Z 477 -82.95 46.24 61.67
CA THR Z 477 -81.97 45.64 60.78
C THR Z 477 -81.12 46.65 60.03
N ILE Z 478 -81.71 47.80 59.64
CA ILE Z 478 -80.95 48.79 58.90
C ILE Z 478 -80.25 49.81 59.79
N CYS Z 479 -80.64 49.91 61.06
CA CYS Z 479 -80.03 50.85 62.00
C CYS Z 479 -79.02 50.17 62.91
N HIS Z 480 -78.35 49.14 62.43
CA HIS Z 480 -77.32 48.46 63.21
C HIS Z 480 -75.93 48.86 62.73
N SER Z 481 -74.94 48.60 63.57
CA SER Z 481 -73.56 48.90 63.24
C SER Z 481 -73.03 48.06 62.09
N SER Z 482 -73.77 47.03 61.66
CA SER Z 482 -73.31 46.20 60.55
C SER Z 482 -73.34 46.92 59.21
N LEU Z 483 -73.92 48.12 59.15
CA LEU Z 483 -73.92 48.88 57.90
C LEU Z 483 -72.56 49.48 57.58
N LEU Z 484 -71.61 49.40 58.50
CA LEU Z 484 -70.31 50.06 58.36
C LEU Z 484 -69.18 49.09 58.71
N ASP Z 485 -69.25 47.88 58.17
CA ASP Z 485 -68.21 46.86 58.38
C ASP Z 485 -67.67 46.38 57.04
N VAL Z 486 -67.32 47.34 56.18
CA VAL Z 486 -66.99 47.08 54.79
C VAL Z 486 -65.53 46.68 54.67
N GLU Z 487 -64.88 46.46 55.82
CA GLU Z 487 -63.46 46.11 55.81
C GLU Z 487 -63.21 44.81 55.04
N ALA Z 488 -63.97 43.77 55.36
CA ALA Z 488 -63.77 42.49 54.70
C ALA Z 488 -64.07 42.57 53.21
N THR Z 489 -65.13 43.27 52.83
CA THR Z 489 -65.45 43.41 51.41
C THR Z 489 -64.35 44.16 50.67
N LEU Z 490 -63.83 45.23 51.26
CA LEU Z 490 -62.74 45.97 50.65
C LEU Z 490 -61.49 45.11 50.51
N VAL Z 491 -61.17 44.32 51.52
CA VAL Z 491 -60.02 43.43 51.45
C VAL Z 491 -60.20 42.42 50.32
N ALA Z 492 -61.37 41.80 50.25
CA ALA Z 492 -61.62 40.81 49.22
C ALA Z 492 -61.56 41.42 47.82
N LEU Z 493 -62.06 42.65 47.67
CA LEU Z 493 -61.97 43.31 46.38
C LEU Z 493 -60.52 43.62 46.02
N ARG Z 494 -59.73 44.07 46.99
CA ARG Z 494 -58.31 44.32 46.74
C ARG Z 494 -57.57 43.05 46.37
N GLN Z 495 -58.00 41.88 46.87
CA GLN Z 495 -57.32 40.64 46.55
C GLN Z 495 -57.32 40.37 45.04
N GLN Z 496 -58.50 40.34 44.43
CA GLN Z 496 -58.59 40.03 43.02
C GLN Z 496 -57.93 41.12 42.18
N HIS Z 497 -57.18 40.70 41.15
CA HIS Z 497 -56.44 41.63 40.32
C HIS Z 497 -57.40 42.44 39.45
N LEU Z 498 -57.19 43.75 39.40
CA LEU Z 498 -58.01 44.65 38.61
C LEU Z 498 -57.20 45.87 38.23
N ASP Z 499 -57.18 46.20 36.94
CA ASP Z 499 -56.43 47.33 36.43
C ASP Z 499 -57.38 48.41 35.93
N ARG Z 500 -56.95 49.66 36.09
CA ARG Z 500 -57.76 50.81 35.68
C ARG Z 500 -56.87 52.04 35.61
N GLN Z 501 -57.23 52.96 34.72
CA GLN Z 501 -56.53 54.23 34.56
C GLN Z 501 -57.52 55.37 34.67
N CYS Z 502 -57.10 56.57 34.27
CA CYS Z 502 -57.96 57.76 34.26
C CYS Z 502 -58.45 58.08 35.68
N TYR Z 503 -57.48 58.46 36.51
CA TYR Z 503 -57.72 58.81 37.90
C TYR Z 503 -58.10 60.26 38.10
N PHE Z 504 -58.71 60.88 37.08
CA PHE Z 504 -59.02 62.30 37.13
C PHE Z 504 -59.93 62.64 38.32
N GLY Z 505 -61.08 61.98 38.41
CA GLY Z 505 -62.07 62.35 39.40
C GLY Z 505 -61.94 61.66 40.75
N VAL Z 506 -60.74 61.18 41.08
CA VAL Z 506 -60.52 60.50 42.35
C VAL Z 506 -59.32 61.10 43.05
N TYR Z 507 -58.52 61.86 42.33
CA TYR Z 507 -57.30 62.47 42.87
C TYR Z 507 -57.55 63.93 43.21
N VAL Z 508 -56.91 64.39 44.28
CA VAL Z 508 -56.99 65.78 44.72
C VAL Z 508 -55.56 66.30 44.88
N ALA Z 509 -55.42 67.63 44.78
CA ALA Z 509 -54.10 68.25 44.86
C ALA Z 509 -54.13 69.49 45.73
N GLU Z 510 -53.05 70.27 45.69
CA GLU Z 510 -52.98 71.51 46.46
C GLU Z 510 -52.62 72.68 45.57
N GLY Z 511 -52.38 73.85 46.17
CA GLY Z 511 -52.09 75.06 45.42
C GLY Z 511 -50.63 75.45 45.47
N THR Z 512 -50.18 76.09 44.38
CA THR Z 512 -48.81 76.55 44.26
C THR Z 512 -48.69 78.06 44.44
N GLU Z 513 -49.64 78.67 45.15
CA GLU Z 513 -49.65 80.09 45.49
C GLU Z 513 -49.77 81.00 44.27
N ASP Z 514 -50.07 80.44 43.10
CA ASP Z 514 -50.48 81.27 41.99
C ASP Z 514 -51.86 81.87 42.29
N THR Z 515 -52.27 82.85 41.49
CA THR Z 515 -53.49 83.57 41.85
C THR Z 515 -54.72 82.72 41.58
N LEU Z 516 -55.10 82.59 40.30
CA LEU Z 516 -56.00 81.52 39.89
C LEU Z 516 -55.65 81.01 38.49
N ASP Z 517 -55.05 81.89 37.68
CA ASP Z 517 -55.04 81.68 36.23
C ASP Z 517 -53.96 80.70 35.78
N VAL Z 518 -52.75 80.81 36.33
CA VAL Z 518 -51.70 79.88 35.97
C VAL Z 518 -52.11 78.46 36.36
N GLN Z 519 -52.69 78.30 37.55
CA GLN Z 519 -53.17 77.00 37.97
C GLN Z 519 -54.32 76.51 37.10
N MET Z 520 -55.22 77.40 36.70
CA MET Z 520 -56.31 76.99 35.82
C MET Z 520 -55.78 76.50 34.48
N GLY Z 521 -54.82 77.20 33.91
CA GLY Z 521 -54.25 76.77 32.64
C GLY Z 521 -53.48 75.46 32.75
N ARG Z 522 -52.71 75.31 33.83
CA ARG Z 522 -52.03 74.05 34.07
C ARG Z 522 -53.02 72.90 34.18
N PHE Z 523 -54.12 73.11 34.92
CA PHE Z 523 -55.13 72.08 35.04
C PHE Z 523 -55.78 71.78 33.69
N MET Z 524 -56.01 72.83 32.89
CA MET Z 524 -56.56 72.61 31.56
C MET Z 524 -55.67 71.68 30.74
N GLU Z 525 -54.38 72.01 30.64
CA GLU Z 525 -53.47 71.19 29.85
C GLU Z 525 -53.38 69.76 30.41
N THR Z 526 -53.22 69.63 31.72
CA THR Z 526 -53.14 68.31 32.32
C THR Z 526 -54.41 67.51 32.03
N TRP Z 527 -55.55 67.94 32.57
CA TRP Z 527 -56.81 67.26 32.34
C TRP Z 527 -57.07 66.99 30.86
N ALA Z 528 -56.46 67.77 29.96
CA ALA Z 528 -56.57 67.46 28.54
C ALA Z 528 -55.73 66.25 28.16
N ASP Z 529 -54.48 66.15 28.66
CA ASP Z 529 -53.59 65.10 28.20
C ASP Z 529 -53.45 63.93 29.19
N MET Z 530 -54.25 63.92 30.26
CA MET Z 530 -54.15 62.89 31.29
C MET Z 530 -55.41 62.03 31.40
N MET Z 531 -56.26 62.05 30.37
CA MET Z 531 -57.49 61.26 30.35
C MET Z 531 -57.33 60.13 29.35
N PRO Z 532 -56.85 58.95 29.76
CA PRO Z 532 -56.69 57.85 28.79
C PRO Z 532 -58.02 57.29 28.33
N HIS Z 533 -58.96 57.08 29.25
CA HIS Z 533 -60.26 56.52 28.93
C HIS Z 533 -61.36 57.48 29.41
N HIS Z 534 -62.59 57.02 29.33
CA HIS Z 534 -63.67 57.87 29.79
C HIS Z 534 -64.07 57.51 31.22
N PRO Z 535 -64.48 58.48 32.02
CA PRO Z 535 -64.90 58.20 33.38
C PRO Z 535 -66.13 57.32 33.42
N HIS Z 536 -66.30 56.62 34.55
CA HIS Z 536 -67.41 55.71 34.74
C HIS Z 536 -68.53 56.31 35.59
N TRP Z 537 -68.31 57.46 36.20
CA TRP Z 537 -69.32 58.11 37.02
C TRP Z 537 -70.11 59.16 36.24
N VAL Z 538 -69.91 59.26 34.93
CA VAL Z 538 -70.57 60.29 34.15
C VAL Z 538 -71.75 59.76 33.33
N ASN Z 539 -71.84 58.45 33.13
CA ASN Z 539 -72.91 57.85 32.34
C ASN Z 539 -74.06 57.49 33.26
N GLU Z 540 -74.83 58.50 33.67
CA GLU Z 540 -75.98 58.31 34.53
C GLU Z 540 -77.29 58.25 33.75
N HIS Z 541 -77.23 58.24 32.42
CA HIS Z 541 -78.41 58.23 31.59
C HIS Z 541 -78.96 56.83 31.34
N LEU Z 542 -78.26 55.79 31.79
CA LEU Z 542 -78.71 54.43 31.56
C LEU Z 542 -79.97 54.14 32.38
N THR Z 543 -80.83 53.29 31.82
CA THR Z 543 -82.02 52.88 32.54
C THR Z 543 -81.68 51.73 33.48
N ILE Z 544 -82.69 51.26 34.22
CA ILE Z 544 -82.47 50.17 35.17
C ILE Z 544 -82.07 48.89 34.45
N LEU Z 545 -82.65 48.63 33.28
CA LEU Z 545 -82.30 47.43 32.53
C LEU Z 545 -80.85 47.47 32.07
N GLN Z 546 -80.42 48.60 31.51
CA GLN Z 546 -79.04 48.71 31.06
C GLN Z 546 -78.06 48.69 32.23
N PHE Z 547 -78.48 49.20 33.39
CA PHE Z 547 -77.60 49.17 34.55
C PHE Z 547 -77.51 47.77 35.15
N ILE Z 548 -78.57 46.98 35.01
CA ILE Z 548 -78.56 45.62 35.56
C ILE Z 548 -77.88 44.63 34.63
N ALA Z 549 -77.96 44.86 33.31
CA ALA Z 549 -77.39 43.94 32.34
C ALA Z 549 -75.92 43.67 32.65
N PRO Z 550 -75.43 42.44 32.39
CA PRO Z 550 -74.04 42.11 32.74
C PRO Z 550 -73.01 42.91 31.98
N SER Z 551 -73.38 43.62 30.92
CA SER Z 551 -72.43 44.42 30.18
C SER Z 551 -72.01 45.67 30.94
N ASN Z 552 -72.70 46.02 32.02
CA ASN Z 552 -72.36 47.21 32.78
C ASN Z 552 -71.04 47.00 33.53
N PRO Z 553 -70.00 47.77 33.23
CA PRO Z 553 -68.71 47.54 33.90
C PRO Z 553 -68.71 47.95 35.35
N ARG Z 554 -69.46 49.00 35.72
CA ARG Z 554 -69.49 49.47 37.09
C ARG Z 554 -70.53 48.75 37.94
N LEU Z 555 -70.93 47.55 37.53
CA LEU Z 555 -71.94 46.79 38.27
C LEU Z 555 -71.34 46.05 39.46
N ARG Z 556 -70.13 45.52 39.31
CA ARG Z 556 -69.51 44.75 40.39
C ARG Z 556 -69.21 45.59 41.62
N PHE Z 557 -69.14 46.91 41.48
CA PHE Z 557 -68.82 47.77 42.61
C PHE Z 557 -70.04 48.30 43.34
N GLU Z 558 -71.24 48.02 42.84
CA GLU Z 558 -72.48 48.44 43.51
C GLU Z 558 -72.87 47.36 44.49
N LEU Z 559 -72.33 47.43 45.70
CA LEU Z 559 -72.59 46.42 46.73
C LEU Z 559 -73.36 46.97 47.91
N ASN Z 560 -72.89 48.04 48.52
CA ASN Z 560 -73.61 48.61 49.66
C ASN Z 560 -74.32 49.89 49.23
N PRO Z 561 -75.54 50.12 49.72
CA PRO Z 561 -76.25 51.35 49.35
C PRO Z 561 -75.68 52.59 50.02
N ALA Z 562 -74.89 52.45 51.08
CA ALA Z 562 -74.32 53.58 51.79
C ALA Z 562 -72.86 53.81 51.48
N PHE Z 563 -72.30 53.07 50.52
CA PHE Z 563 -70.89 53.22 50.16
C PHE Z 563 -70.74 53.32 48.65
N ASP Z 564 -69.63 53.91 48.24
CA ASP Z 564 -69.27 54.01 46.83
C ASP Z 564 -67.88 53.41 46.65
N PHE Z 565 -67.79 52.34 45.89
CA PHE Z 565 -66.54 51.62 45.67
C PHE Z 565 -65.92 52.08 44.35
N PHE Z 566 -64.71 52.61 44.44
CA PHE Z 566 -63.99 53.08 43.26
C PHE Z 566 -62.56 52.54 43.33
N VAL Z 567 -61.81 52.77 42.26
CA VAL Z 567 -60.40 52.41 42.18
C VAL Z 567 -59.59 53.69 42.15
N ALA Z 568 -58.42 53.65 42.77
CA ALA Z 568 -57.58 54.84 42.89
C ALA Z 568 -56.12 54.42 42.98
N PRO Z 569 -55.20 55.27 42.54
CA PRO Z 569 -53.77 54.96 42.70
C PRO Z 569 -53.40 54.86 44.16
N GLY Z 570 -52.72 53.77 44.51
CA GLY Z 570 -52.34 53.55 45.89
C GLY Z 570 -51.07 54.26 46.30
N ASP Z 571 -50.78 54.20 47.59
CA ASP Z 571 -49.55 54.75 48.17
C ASP Z 571 -49.43 56.25 47.92
N VAL Z 572 -50.54 56.97 48.10
CA VAL Z 572 -50.56 58.42 47.96
C VAL Z 572 -51.45 58.98 49.06
N ASP Z 573 -51.09 60.18 49.54
CA ASP Z 573 -51.90 60.89 50.50
C ASP Z 573 -52.76 61.93 49.78
N LEU Z 574 -53.85 62.33 50.42
CA LEU Z 574 -54.76 63.30 49.86
C LEU Z 574 -54.92 64.46 50.83
N PRO Z 575 -54.61 65.71 50.43
CA PRO Z 575 -54.10 66.05 49.11
C PRO Z 575 -52.59 65.91 48.99
N GLY Z 576 -52.10 65.74 47.76
CA GLY Z 576 -50.70 65.54 47.53
C GLY Z 576 -50.12 66.54 46.55
N PRO Z 577 -49.23 66.07 45.68
CA PRO Z 577 -48.59 66.97 44.72
C PRO Z 577 -49.54 67.38 43.60
N GLN Z 578 -49.08 68.32 42.80
CA GLN Z 578 -49.89 68.80 41.68
C GLN Z 578 -50.04 67.72 40.60
N ARG Z 579 -48.97 66.99 40.32
CA ARG Z 579 -49.04 65.91 39.34
C ARG Z 579 -49.22 64.58 40.05
N PRO Z 580 -50.18 63.76 39.64
CA PRO Z 580 -50.40 62.47 40.31
C PRO Z 580 -49.23 61.53 40.05
N PRO Z 581 -48.59 61.04 41.10
CA PRO Z 581 -47.47 60.12 40.90
C PRO Z 581 -47.94 58.76 40.44
N GLU Z 582 -47.09 58.09 39.66
CA GLU Z 582 -47.44 56.77 39.14
C GLU Z 582 -47.25 55.72 40.21
N ALA Z 583 -48.28 54.89 40.40
CA ALA Z 583 -48.25 53.83 41.39
C ALA Z 583 -49.27 52.77 41.00
N MET Z 584 -49.31 51.70 41.79
CA MET Z 584 -50.23 50.61 41.50
C MET Z 584 -51.64 50.98 41.94
N PRO Z 585 -52.65 50.79 41.10
CA PRO Z 585 -54.02 51.11 41.49
C PRO Z 585 -54.61 50.05 42.41
N THR Z 586 -55.38 50.50 43.38
CA THR Z 586 -56.07 49.63 44.31
C THR Z 586 -57.53 50.06 44.41
N VAL Z 587 -58.27 49.44 45.32
CA VAL Z 587 -59.68 49.72 45.52
C VAL Z 587 -59.85 50.52 46.80
N ASN Z 588 -60.67 51.57 46.74
CA ASN Z 588 -61.02 52.38 47.89
C ASN Z 588 -62.53 52.57 47.91
N ALA Z 589 -63.03 53.00 49.07
CA ALA Z 589 -64.48 53.15 49.27
C ALA Z 589 -64.74 54.39 50.11
N THR Z 590 -65.46 55.34 49.54
CA THR Z 590 -65.89 56.52 50.28
C THR Z 590 -67.28 56.28 50.84
N LEU Z 591 -67.91 57.33 51.37
CA LEU Z 591 -69.23 57.23 51.97
C LEU Z 591 -70.20 58.13 51.20
N ARG Z 592 -71.41 57.62 50.99
CA ARG Z 592 -72.48 58.39 50.35
C ARG Z 592 -73.23 59.11 51.45
N ILE Z 593 -72.85 60.37 51.70
CA ILE Z 593 -73.42 61.12 52.81
C ILE Z 593 -74.89 61.44 52.55
N ILE Z 594 -75.20 61.87 51.34
CA ILE Z 594 -76.55 62.25 50.96
C ILE Z 594 -77.25 61.05 50.34
N ASN Z 595 -78.50 60.82 50.73
CA ASN Z 595 -79.28 59.75 50.12
C ASN Z 595 -79.58 60.05 48.66
N GLY Z 596 -79.45 61.31 48.23
CA GLY Z 596 -79.61 61.64 46.83
C GLY Z 596 -78.42 61.31 45.96
N ASN Z 597 -77.31 60.89 46.57
CA ASN Z 597 -76.12 60.48 45.82
C ASN Z 597 -76.26 59.09 45.21
N ILE Z 598 -77.37 58.40 45.46
CA ILE Z 598 -77.59 57.11 44.81
C ILE Z 598 -77.71 57.33 43.31
N PRO Z 599 -77.10 56.50 42.47
CA PRO Z 599 -77.17 56.72 41.02
C PRO Z 599 -78.61 56.75 40.52
N VAL Z 600 -78.81 57.55 39.48
CA VAL Z 600 -80.16 57.70 38.91
C VAL Z 600 -80.73 56.37 38.43
N PRO Z 601 -79.98 55.48 37.77
CA PRO Z 601 -80.56 54.20 37.37
C PRO Z 601 -81.20 53.43 38.52
N LEU Z 602 -80.69 53.59 39.73
CA LEU Z 602 -81.31 52.96 40.89
C LEU Z 602 -82.41 53.82 41.50
N CYS Z 603 -82.20 55.14 41.57
CA CYS Z 603 -83.20 56.05 42.08
C CYS Z 603 -83.64 56.98 40.96
N PRO Z 604 -84.79 56.75 40.33
CA PRO Z 604 -85.18 57.57 39.18
C PRO Z 604 -85.58 58.99 39.56
N ILE Z 605 -85.98 59.76 38.57
CA ILE Z 605 -86.34 61.16 38.79
C ILE Z 605 -87.83 61.31 39.13
N SER Z 606 -88.68 60.50 38.51
CA SER Z 606 -90.11 60.59 38.78
C SER Z 606 -90.41 60.31 40.24
N PHE Z 607 -89.72 59.35 40.84
CA PHE Z 607 -89.92 59.07 42.26
C PHE Z 607 -89.53 60.26 43.11
N ARG Z 608 -88.41 60.91 42.79
CA ARG Z 608 -87.99 62.08 43.57
C ARG Z 608 -88.98 63.22 43.42
N ASP Z 609 -89.50 63.43 42.21
CA ASP Z 609 -90.46 64.51 42.01
C ASP Z 609 -91.76 64.23 42.74
N CYS Z 610 -92.22 62.98 42.72
CA CYS Z 610 -93.44 62.65 43.46
C CYS Z 610 -93.23 62.77 44.95
N ARG Z 611 -92.04 62.42 45.44
CA ARG Z 611 -91.73 62.61 46.85
C ARG Z 611 -91.74 64.09 47.22
N GLY Z 612 -91.18 64.94 46.36
CA GLY Z 612 -91.24 66.37 46.62
C GLY Z 612 -92.65 66.92 46.59
N THR Z 613 -93.48 66.39 45.70
CA THR Z 613 -94.88 66.78 45.67
C THR Z 613 -95.59 66.40 46.96
N GLN Z 614 -95.34 65.19 47.46
CA GLN Z 614 -95.91 64.80 48.74
C GLN Z 614 -95.38 65.65 49.89
N LEU Z 615 -94.11 66.05 49.81
CA LEU Z 615 -93.52 66.90 50.83
C LEU Z 615 -94.22 68.25 50.87
N GLY Z 616 -94.18 68.99 49.77
CA GLY Z 616 -94.80 70.29 49.71
C GLY Z 616 -96.30 70.23 49.54
N LEU Z 617 -97.00 69.64 50.51
CA LEU Z 617 -98.44 69.47 50.39
C LEU Z 617 -99.18 70.78 50.64
N GLY Z 618 -99.02 71.35 51.83
CA GLY Z 618 -99.71 72.57 52.18
C GLY Z 618 -98.78 73.67 52.62
N ARG Z 619 -97.60 73.74 52.02
CA ARG Z 619 -96.57 74.69 52.42
C ARG Z 619 -96.71 75.97 51.60
N HIS Z 620 -95.76 76.87 51.74
CA HIS Z 620 -95.79 78.12 51.00
C HIS Z 620 -95.39 77.88 49.55
N THR Z 621 -96.06 78.60 48.65
CA THR Z 621 -95.78 78.55 47.23
C THR Z 621 -95.54 79.97 46.73
N MET Z 622 -94.88 80.08 45.59
CA MET Z 622 -94.57 81.38 44.99
C MET Z 622 -95.57 81.69 43.89
N THR Z 623 -95.80 82.97 43.64
CA THR Z 623 -96.80 83.37 42.67
C THR Z 623 -96.23 83.30 41.26
N PRO Z 624 -97.08 82.99 40.28
CA PRO Z 624 -96.59 82.89 38.89
C PRO Z 624 -95.96 84.16 38.37
N ALA Z 625 -96.37 85.33 38.88
CA ALA Z 625 -95.72 86.58 38.47
C ALA Z 625 -94.25 86.57 38.84
N THR Z 626 -93.95 86.31 40.11
CA THR Z 626 -92.56 86.23 40.54
C THR Z 626 -91.82 85.09 39.84
N ILE Z 627 -92.49 83.96 39.61
CA ILE Z 627 -91.86 82.86 38.91
C ILE Z 627 -91.42 83.29 37.52
N LYS Z 628 -92.32 83.89 36.75
CA LYS Z 628 -92.01 84.33 35.40
C LYS Z 628 -90.92 85.40 35.40
N ALA Z 629 -90.98 86.34 36.36
CA ALA Z 629 -89.98 87.39 36.41
C ALA Z 629 -88.58 86.81 36.67
N VAL Z 630 -88.47 85.91 37.64
CA VAL Z 630 -87.17 85.33 37.97
C VAL Z 630 -86.67 84.48 36.81
N LYS Z 631 -87.55 83.71 36.18
CA LYS Z 631 -87.13 82.89 35.04
C LYS Z 631 -86.64 83.77 33.90
N ASP Z 632 -87.35 84.86 33.62
CA ASP Z 632 -86.94 85.78 32.56
C ASP Z 632 -85.59 86.41 32.87
N THR Z 633 -85.40 86.83 34.12
CA THR Z 633 -84.11 87.41 34.50
C THR Z 633 -82.98 86.41 34.37
N PHE Z 634 -83.23 85.17 34.78
CA PHE Z 634 -82.19 84.15 34.70
C PHE Z 634 -81.85 83.80 33.25
N GLU Z 635 -82.85 83.81 32.37
CA GLU Z 635 -82.62 83.42 30.99
C GLU Z 635 -82.15 84.57 30.10
N ASP Z 636 -82.30 85.81 30.56
CA ASP Z 636 -81.88 86.94 29.74
C ASP Z 636 -80.37 86.98 29.60
N ARG Z 637 -79.89 86.99 28.37
CA ARG Z 637 -78.47 87.09 28.09
C ARG Z 637 -77.99 88.54 27.93
N ALA Z 638 -78.91 89.50 27.96
CA ALA Z 638 -78.57 90.91 27.83
C ALA Z 638 -78.34 91.59 29.17
N TYR Z 639 -77.94 90.83 30.18
CA TYR Z 639 -77.67 91.40 31.50
C TYR Z 639 -76.48 92.33 31.41
N PRO Z 640 -76.62 93.60 31.79
CA PRO Z 640 -75.49 94.54 31.66
C PRO Z 640 -74.36 94.19 32.61
N THR Z 641 -73.13 94.29 32.10
CA THR Z 641 -71.95 93.99 32.90
C THR Z 641 -71.76 94.98 34.04
N ILE Z 642 -72.36 96.16 33.93
CA ILE Z 642 -72.27 97.15 34.99
C ILE Z 642 -72.81 96.59 36.30
N PHE Z 643 -73.84 95.75 36.22
CA PHE Z 643 -74.40 95.15 37.43
C PHE Z 643 -73.37 94.26 38.12
N TYR Z 644 -72.72 93.36 37.35
CA TYR Z 644 -71.66 92.55 37.92
C TYR Z 644 -70.54 93.40 38.49
N MET Z 645 -70.24 94.52 37.83
CA MET Z 645 -69.17 95.39 38.32
C MET Z 645 -69.51 96.00 39.67
N LEU Z 646 -70.71 96.59 39.78
CA LEU Z 646 -71.14 97.13 41.08
C LEU Z 646 -71.17 96.04 42.14
N GLU Z 647 -71.63 94.84 41.78
CA GLU Z 647 -71.65 93.75 42.75
C GLU Z 647 -70.26 93.40 43.24
N ALA Z 648 -69.31 93.25 42.33
CA ALA Z 648 -67.95 92.89 42.71
C ALA Z 648 -67.29 93.99 43.55
N VAL Z 649 -67.55 95.25 43.23
CA VAL Z 649 -66.89 96.30 44.00
C VAL Z 649 -67.55 96.46 45.37
N ILE Z 650 -68.85 96.17 45.48
CA ILE Z 650 -69.50 96.19 46.78
C ILE Z 650 -68.98 95.03 47.64
N HIS Z 651 -68.81 93.86 47.03
CA HIS Z 651 -68.25 92.67 47.69
C HIS Z 651 -68.95 92.35 49.01
N GLY Z 652 -70.20 92.77 49.15
CA GLY Z 652 -70.99 92.40 50.31
C GLY Z 652 -70.57 93.06 51.60
N ASN Z 653 -70.77 94.37 51.71
CA ASN Z 653 -70.49 95.09 52.95
C ASN Z 653 -71.58 96.13 53.18
N GLU Z 654 -72.12 96.14 54.40
CA GLU Z 654 -73.17 97.09 54.75
C GLU Z 654 -72.69 98.53 54.65
N ARG Z 655 -71.44 98.79 55.02
CA ARG Z 655 -70.91 100.14 54.95
C ARG Z 655 -70.90 100.66 53.52
N ASN Z 656 -70.83 99.76 52.54
CA ASN Z 656 -70.88 100.17 51.14
C ASN Z 656 -72.31 100.22 50.61
N PHE Z 657 -73.14 99.25 51.01
CA PHE Z 657 -74.53 99.25 50.57
C PHE Z 657 -75.27 100.50 51.03
N CYS Z 658 -75.13 100.84 52.32
CA CYS Z 658 -75.76 102.04 52.85
C CYS Z 658 -75.31 103.29 52.11
N ALA Z 659 -74.00 103.41 51.83
CA ALA Z 659 -73.51 104.59 51.14
C ALA Z 659 -74.01 104.67 49.71
N LEU Z 660 -74.12 103.53 49.04
CA LEU Z 660 -74.56 103.50 47.65
C LEU Z 660 -76.07 103.43 47.48
N LEU Z 661 -76.82 103.43 48.59
CA LEU Z 661 -78.28 103.33 48.53
C LEU Z 661 -78.87 104.29 47.50
N ARG Z 662 -78.29 105.48 47.36
CA ARG Z 662 -78.84 106.47 46.44
C ARG Z 662 -78.79 105.96 45.00
N LEU Z 663 -77.63 105.46 44.57
CA LEU Z 663 -77.46 105.02 43.19
C LEU Z 663 -78.24 103.74 42.92
N LEU Z 664 -78.31 102.85 43.93
CA LEU Z 664 -78.89 101.53 43.72
C LEU Z 664 -80.38 101.61 43.41
N THR Z 665 -81.14 102.40 44.17
CA THR Z 665 -82.56 102.54 43.87
C THR Z 665 -82.77 103.07 42.46
N GLN Z 666 -82.00 104.08 42.05
CA GLN Z 666 -82.15 104.65 40.72
C GLN Z 666 -81.88 103.62 39.63
N CYS Z 667 -80.76 102.89 39.73
CA CYS Z 667 -80.44 101.95 38.67
C CYS Z 667 -81.41 100.77 38.67
N ILE Z 668 -81.87 100.33 39.84
CA ILE Z 668 -82.83 99.22 39.89
C ILE Z 668 -84.15 99.66 39.26
N ARG Z 669 -84.63 100.85 39.60
CA ARG Z 669 -85.87 101.34 38.99
C ARG Z 669 -85.71 101.48 37.48
N GLY Z 670 -84.58 102.00 37.03
CA GLY Z 670 -84.35 102.14 35.60
C GLY Z 670 -84.32 100.81 34.88
N TYR Z 671 -83.63 99.81 35.45
CA TYR Z 671 -83.57 98.50 34.83
C TYR Z 671 -84.92 97.80 34.84
N TRP Z 672 -85.71 97.98 35.90
CA TRP Z 672 -87.00 97.31 35.95
C TRP Z 672 -88.00 97.95 35.01
N GLU Z 673 -88.10 99.28 35.01
CA GLU Z 673 -89.08 99.91 34.13
C GLU Z 673 -88.55 100.06 32.71
N GLN Z 674 -87.95 99.00 32.19
CA GLN Z 674 -87.61 98.92 30.77
C GLN Z 674 -87.95 97.55 30.22
N SER Z 675 -87.92 96.52 31.08
CA SER Z 675 -88.17 95.16 30.64
C SER Z 675 -88.97 94.34 31.64
N HIS Z 676 -89.42 94.93 32.74
CA HIS Z 676 -90.13 94.23 33.81
C HIS Z 676 -89.30 93.05 34.31
N ARG Z 677 -88.13 93.37 34.85
CA ARG Z 677 -87.18 92.37 35.31
C ARG Z 677 -86.52 92.82 36.59
N VAL Z 678 -86.43 91.92 37.55
CA VAL Z 678 -85.69 92.16 38.79
C VAL Z 678 -84.22 91.88 38.53
N ALA Z 679 -83.35 92.51 39.31
CA ALA Z 679 -81.91 92.37 39.13
C ALA Z 679 -81.27 92.04 40.47
N PHE Z 680 -79.95 91.87 40.44
CA PHE Z 680 -79.13 91.60 41.63
C PHE Z 680 -79.56 90.30 42.32
N VAL Z 681 -79.84 89.27 41.52
CA VAL Z 681 -80.12 87.94 42.07
C VAL Z 681 -78.85 87.13 42.26
N ASN Z 682 -77.71 87.64 41.81
CA ASN Z 682 -76.45 86.90 41.91
C ASN Z 682 -76.12 86.57 43.36
N ASN Z 683 -75.88 87.59 44.18
CA ASN Z 683 -75.43 87.39 45.54
C ASN Z 683 -76.60 87.11 46.48
N PHE Z 684 -76.29 86.42 47.57
CA PHE Z 684 -77.27 86.29 48.65
C PHE Z 684 -77.27 87.53 49.53
N HIS Z 685 -76.15 88.23 49.61
CA HIS Z 685 -76.11 89.49 50.35
C HIS Z 685 -76.51 90.68 49.50
N MET Z 686 -77.59 90.58 48.76
CA MET Z 686 -78.16 91.75 48.12
C MET Z 686 -79.66 91.86 48.36
N LEU Z 687 -80.39 90.74 48.29
CA LEU Z 687 -81.82 90.78 48.51
C LEU Z 687 -82.15 90.98 49.98
N MET Z 688 -81.34 90.44 50.88
CA MET Z 688 -81.54 90.72 52.30
C MET Z 688 -81.40 92.22 52.59
N TYR Z 689 -80.35 92.83 52.06
CA TYR Z 689 -80.17 94.27 52.22
C TYR Z 689 -81.32 95.04 51.59
N ILE Z 690 -81.81 94.60 50.42
CA ILE Z 690 -82.90 95.28 49.77
C ILE Z 690 -84.16 95.25 50.64
N THR Z 691 -84.51 94.06 51.13
CA THR Z 691 -85.70 93.96 51.98
C THR Z 691 -85.53 94.68 53.30
N THR Z 692 -84.31 94.81 53.80
CA THR Z 692 -84.13 95.46 55.09
C THR Z 692 -84.16 96.98 54.97
N TYR Z 693 -83.67 97.53 53.85
CA TYR Z 693 -83.56 98.98 53.72
C TYR Z 693 -84.63 99.56 52.81
N LEU Z 694 -84.77 99.05 51.60
CA LEU Z 694 -85.78 99.57 50.66
C LEU Z 694 -87.09 98.82 50.84
N GLY Z 695 -87.58 98.81 52.07
CA GLY Z 695 -88.82 98.13 52.39
C GLY Z 695 -89.87 99.06 52.95
N ASN Z 696 -89.89 100.30 52.44
CA ASN Z 696 -90.85 101.30 52.90
C ASN Z 696 -91.67 101.94 51.79
N GLY Z 697 -91.37 101.65 50.52
CA GLY Z 697 -92.12 102.24 49.44
C GLY Z 697 -91.24 102.97 48.43
N GLU Z 698 -89.92 102.82 48.58
CA GLU Z 698 -89.01 103.45 47.63
C GLU Z 698 -89.15 102.83 46.25
N LEU Z 699 -89.23 101.52 46.19
CA LEU Z 699 -89.48 100.80 44.96
C LEU Z 699 -90.96 100.52 44.80
N PRO Z 700 -91.44 100.29 43.58
CA PRO Z 700 -92.86 99.97 43.39
C PRO Z 700 -93.28 98.74 44.17
N GLU Z 701 -94.59 98.57 44.29
CA GLU Z 701 -95.16 97.48 45.07
C GLU Z 701 -95.03 96.12 44.40
N VAL Z 702 -94.21 96.00 43.35
CA VAL Z 702 -94.06 94.74 42.65
C VAL Z 702 -92.70 94.11 42.91
N CYS Z 703 -91.62 94.91 42.89
CA CYS Z 703 -90.29 94.36 43.08
C CYS Z 703 -90.06 93.97 44.53
N ILE Z 704 -90.49 94.83 45.46
CA ILE Z 704 -90.42 94.48 46.87
C ILE Z 704 -91.25 93.24 47.16
N ASN Z 705 -92.39 93.09 46.48
CA ASN Z 705 -93.19 91.89 46.67
C ASN Z 705 -92.49 90.66 46.12
N ILE Z 706 -91.78 90.79 45.00
CA ILE Z 706 -91.00 89.66 44.48
C ILE Z 706 -89.93 89.25 45.48
N TYR Z 707 -89.20 90.22 46.02
CA TYR Z 707 -88.16 89.91 47.00
C TYR Z 707 -88.75 89.26 48.24
N ARG Z 708 -89.88 89.79 48.72
CA ARG Z 708 -90.54 89.20 49.88
C ARG Z 708 -90.97 87.77 49.59
N ASP Z 709 -91.46 87.51 48.38
CA ASP Z 709 -91.88 86.15 48.03
C ASP Z 709 -90.69 85.19 48.05
N LEU Z 710 -89.57 85.62 47.47
CA LEU Z 710 -88.38 84.77 47.49
C LEU Z 710 -87.93 84.49 48.91
N LEU Z 711 -87.85 85.52 49.75
CA LEU Z 711 -87.40 85.33 51.12
C LEU Z 711 -88.36 84.43 51.90
N GLN Z 712 -89.66 84.62 51.71
CA GLN Z 712 -90.63 83.81 52.42
C GLN Z 712 -90.56 82.35 51.98
N HIS Z 713 -90.29 82.12 50.69
CA HIS Z 713 -90.09 80.75 50.22
C HIS Z 713 -88.87 80.11 50.88
N VAL Z 714 -87.77 80.85 50.97
CA VAL Z 714 -86.59 80.32 51.63
C VAL Z 714 -86.91 79.98 53.08
N ARG Z 715 -87.60 80.88 53.78
CA ARG Z 715 -87.97 80.62 55.16
C ARG Z 715 -88.89 79.41 55.29
N ALA Z 716 -89.79 79.22 54.32
CA ALA Z 716 -90.69 78.07 54.38
C ALA Z 716 -89.93 76.76 54.21
N LEU Z 717 -88.97 76.73 53.28
CA LEU Z 717 -88.11 75.55 53.17
C LEU Z 717 -87.36 75.29 54.47
N ARG Z 718 -86.78 76.34 55.06
CA ARG Z 718 -86.10 76.19 56.34
C ARG Z 718 -87.02 75.59 57.39
N GLN Z 719 -88.25 76.08 57.47
CA GLN Z 719 -89.19 75.57 58.47
C GLN Z 719 -89.57 74.13 58.19
N THR Z 720 -89.69 73.75 56.91
CA THR Z 720 -89.97 72.36 56.57
C THR Z 720 -88.87 71.44 57.08
N ILE Z 721 -87.61 71.88 56.95
CA ILE Z 721 -86.51 71.07 57.49
C ILE Z 721 -86.74 70.73 58.95
N THR Z 722 -87.12 71.72 59.75
CA THR Z 722 -87.38 71.46 61.17
C THR Z 722 -88.62 70.60 61.34
N ASP Z 723 -89.62 70.79 60.48
CA ASP Z 723 -90.84 70.00 60.56
C ASP Z 723 -90.54 68.51 60.44
N PHE Z 724 -89.69 68.12 59.50
CA PHE Z 724 -89.50 66.70 59.22
C PHE Z 724 -88.40 66.05 60.06
N THR Z 725 -88.15 66.56 61.26
CA THR Z 725 -87.20 65.93 62.18
C THR Z 725 -87.74 66.02 63.59
N ILE Z 726 -87.33 65.08 64.43
CA ILE Z 726 -87.72 65.05 65.84
C ILE Z 726 -86.72 65.87 66.64
N GLN Z 727 -87.23 66.72 67.53
CA GLN Z 727 -86.41 67.63 68.30
C GLN Z 727 -86.24 67.13 69.73
N GLY Z 728 -85.14 67.52 70.35
CA GLY Z 728 -84.93 67.21 71.76
C GLY Z 728 -83.85 66.19 72.02
N GLU Z 729 -82.85 66.12 71.15
CA GLU Z 729 -81.72 65.22 71.36
C GLU Z 729 -80.52 65.73 70.59
N GLY Z 730 -79.34 65.53 71.16
CA GLY Z 730 -78.11 65.98 70.54
C GLY Z 730 -76.88 65.30 71.10
N HIS Z 731 -75.98 64.87 70.23
CA HIS Z 731 -74.79 64.16 70.63
C HIS Z 731 -73.64 65.14 70.82
N ASN Z 732 -72.41 64.60 70.95
CA ASN Z 732 -71.25 65.44 71.26
C ASN Z 732 -71.08 66.56 70.24
N GLY Z 733 -71.36 66.29 68.97
CA GLY Z 733 -71.31 67.32 67.96
C GLY Z 733 -72.58 68.15 67.92
N GLU Z 734 -73.11 68.37 66.73
CA GLU Z 734 -74.36 69.10 66.60
C GLU Z 734 -75.53 68.22 67.01
N THR Z 735 -76.69 68.85 67.17
CA THR Z 735 -77.89 68.16 67.62
C THR Z 735 -78.61 67.45 66.48
N SER Z 736 -79.87 67.09 66.74
CA SER Z 736 -80.70 66.41 65.74
C SER Z 736 -80.68 67.12 64.39
N GLU Z 737 -80.59 68.45 64.39
CA GLU Z 737 -80.77 69.21 63.17
C GLU Z 737 -79.72 68.85 62.12
N ALA Z 738 -78.45 69.16 62.38
CA ALA Z 738 -77.41 68.82 61.43
C ALA Z 738 -77.02 67.34 61.53
N LEU Z 739 -77.46 66.64 62.57
CA LEU Z 739 -77.33 65.19 62.54
C LEU Z 739 -78.24 64.57 61.49
N ASN Z 740 -79.33 65.24 61.13
CA ASN Z 740 -80.27 64.77 60.13
C ASN Z 740 -80.01 65.35 58.75
N ASN Z 741 -79.83 66.66 58.64
CA ASN Z 741 -79.71 67.31 57.34
C ASN Z 741 -78.32 67.92 57.17
N ILE Z 742 -78.11 68.52 56.01
CA ILE Z 742 -76.82 69.08 55.63
C ILE Z 742 -76.89 70.59 55.42
N LEU Z 743 -77.94 71.07 54.74
CA LEU Z 743 -78.11 72.51 54.55
C LEU Z 743 -78.07 73.26 55.86
N THR Z 744 -78.36 72.59 56.98
CA THR Z 744 -78.31 73.17 58.32
C THR Z 744 -77.03 72.81 59.06
N ASP Z 745 -76.04 72.26 58.37
CA ASP Z 745 -74.78 71.90 58.98
C ASP Z 745 -73.79 73.04 58.85
N ASP Z 746 -72.99 73.23 59.90
CA ASP Z 746 -71.95 74.26 59.88
C ASP Z 746 -70.66 73.78 59.24
N THR Z 747 -70.40 72.48 59.23
CA THR Z 747 -69.22 71.97 58.53
C THR Z 747 -69.31 72.22 57.04
N PHE Z 748 -70.52 72.19 56.47
CA PHE Z 748 -70.69 72.53 55.07
C PHE Z 748 -70.61 74.03 54.87
N ILE Z 749 -70.09 74.44 53.71
CA ILE Z 749 -69.86 75.85 53.41
C ILE Z 749 -70.52 76.21 52.09
N ALA Z 750 -70.88 77.49 51.97
CA ALA Z 750 -71.46 77.98 50.74
C ALA Z 750 -70.39 78.06 49.65
N PRO Z 751 -70.80 78.01 48.38
CA PRO Z 751 -69.81 78.09 47.29
C PRO Z 751 -69.14 79.45 47.18
N ILE Z 752 -69.69 80.50 47.78
CA ILE Z 752 -69.14 81.84 47.73
C ILE Z 752 -69.06 82.39 49.14
N LEU Z 753 -67.91 82.95 49.50
CA LEU Z 753 -67.70 83.54 50.83
C LEU Z 753 -67.29 84.99 50.66
N TRP Z 754 -68.05 85.89 51.30
CA TRP Z 754 -67.71 87.31 51.32
C TRP Z 754 -67.05 87.74 52.62
N ASP Z 755 -67.36 87.07 53.73
CA ASP Z 755 -66.74 87.34 55.01
C ASP Z 755 -66.30 86.03 55.63
N CYS Z 756 -65.36 86.12 56.58
CA CYS Z 756 -64.76 84.95 57.19
C CYS Z 756 -65.48 84.49 58.45
N ASP Z 757 -66.75 84.85 58.61
CA ASP Z 757 -67.50 84.39 59.78
C ASP Z 757 -67.91 82.93 59.65
N ALA Z 758 -68.16 82.48 58.41
CA ALA Z 758 -68.50 81.08 58.21
C ALA Z 758 -67.36 80.16 58.60
N LEU Z 759 -66.11 80.58 58.37
CA LEU Z 759 -64.97 79.78 58.77
C LEU Z 759 -64.90 79.67 60.29
N ILE Z 760 -65.13 80.77 61.01
CA ILE Z 760 -65.15 80.72 62.46
C ILE Z 760 -66.25 79.79 62.95
N TYR Z 761 -67.45 79.91 62.36
CA TYR Z 761 -68.56 79.05 62.76
C TYR Z 761 -68.22 77.59 62.53
N ARG Z 762 -67.59 77.27 61.39
CA ARG Z 762 -67.23 75.89 61.10
C ARG Z 762 -66.19 75.37 62.07
N ASP Z 763 -65.15 76.18 62.34
CA ASP Z 763 -64.11 75.74 63.26
C ASP Z 763 -64.65 75.55 64.67
N GLU Z 764 -65.66 76.32 65.06
CA GLU Z 764 -66.21 76.20 66.40
C GLU Z 764 -67.21 75.05 66.52
N ALA Z 765 -68.02 74.83 65.50
CA ALA Z 765 -69.15 73.90 65.63
C ALA Z 765 -68.68 72.47 65.86
N ALA Z 766 -67.90 71.93 64.92
CA ALA Z 766 -67.53 70.52 65.02
C ALA Z 766 -66.55 70.30 66.16
N ARG Z 767 -65.35 70.86 66.04
CA ARG Z 767 -64.30 70.81 67.06
C ARG Z 767 -63.94 69.38 67.47
N ASP Z 768 -64.49 68.37 66.79
CA ASP Z 768 -64.21 66.97 67.08
C ASP Z 768 -63.60 66.26 65.88
N ARG Z 769 -64.24 66.32 64.73
CA ARG Z 769 -63.67 65.78 63.51
C ARG Z 769 -62.47 66.60 63.11
N LEU Z 770 -61.37 65.92 62.78
CA LEU Z 770 -60.11 66.58 62.46
C LEU Z 770 -60.25 67.49 61.24
N PRO Z 771 -60.17 68.80 61.42
CA PRO Z 771 -60.33 69.71 60.29
C PRO Z 771 -59.00 70.05 59.63
N ALA Z 772 -59.11 70.49 58.37
CA ALA Z 772 -57.93 70.92 57.64
C ALA Z 772 -58.35 71.97 56.60
N ILE Z 773 -57.60 73.06 56.52
CA ILE Z 773 -57.87 74.13 55.58
C ILE Z 773 -56.58 74.45 54.83
N ARG Z 774 -56.69 74.63 53.52
CA ARG Z 774 -55.56 74.98 52.66
C ARG Z 774 -55.92 76.24 51.88
N VAL Z 775 -55.57 77.40 52.45
CA VAL Z 775 -55.90 78.69 51.83
C VAL Z 775 -54.72 79.06 50.93
N SER Z 776 -54.73 78.51 49.72
CA SER Z 776 -53.76 78.84 48.67
C SER Z 776 -52.33 78.70 49.17
N GLY Z 777 -51.97 77.47 49.51
CA GLY Z 777 -50.62 77.21 49.99
C GLY Z 777 -50.58 76.84 51.45
N ARG Z 778 -50.10 77.77 52.27
CA ARG Z 778 -50.01 77.52 53.71
C ARG Z 778 -51.37 77.16 54.29
N ASN Z 779 -51.34 76.44 55.41
CA ASN Z 779 -52.55 76.00 56.08
C ASN Z 779 -52.89 76.97 57.20
N GLY Z 780 -54.10 77.52 57.17
CA GLY Z 780 -54.51 78.48 58.16
C GLY Z 780 -54.66 79.88 57.58
N TYR Z 781 -55.86 80.45 57.70
CA TYR Z 781 -56.13 81.76 57.15
C TYR Z 781 -55.80 82.86 58.15
N GLN Z 782 -55.54 84.05 57.61
CA GLN Z 782 -55.20 85.22 58.40
C GLN Z 782 -56.19 86.32 58.09
N ALA Z 783 -57.03 86.67 59.06
CA ALA Z 783 -58.04 87.69 58.89
C ALA Z 783 -57.54 89.03 59.40
N LEU Z 784 -57.85 90.09 58.66
CA LEU Z 784 -57.49 91.44 59.05
C LEU Z 784 -58.65 92.37 58.72
N HIS Z 785 -58.58 93.57 59.27
CA HIS Z 785 -59.67 94.54 59.13
C HIS Z 785 -59.60 95.20 57.76
N PHE Z 786 -60.36 96.27 57.59
CA PHE Z 786 -60.46 96.95 56.30
C PHE Z 786 -59.09 97.42 55.83
N VAL Z 787 -58.96 97.56 54.51
CA VAL Z 787 -57.73 97.96 53.85
C VAL Z 787 -57.92 99.35 53.28
N ASP Z 788 -56.91 100.20 53.50
CA ASP Z 788 -56.99 101.60 53.06
C ASP Z 788 -56.94 101.69 51.54
N MET Z 789 -57.01 102.92 51.04
CA MET Z 789 -56.94 103.16 49.61
C MET Z 789 -55.51 103.17 49.08
N ALA Z 790 -54.56 103.64 49.90
CA ALA Z 790 -53.19 103.74 49.44
C ALA Z 790 -52.54 102.37 49.32
N GLY Z 791 -52.42 101.66 50.44
CA GLY Z 791 -51.76 100.37 50.44
C GLY Z 791 -52.72 99.22 50.22
N HIS Z 792 -52.78 98.71 48.99
CA HIS Z 792 -53.66 97.60 48.65
C HIS Z 792 -52.91 96.30 48.41
N ASN Z 793 -51.80 96.34 47.67
CA ASN Z 793 -50.96 95.17 47.41
C ASN Z 793 -51.78 94.06 46.74
N PHE Z 794 -52.18 94.36 45.50
CA PHE Z 794 -52.99 93.42 44.71
C PHE Z 794 -52.42 92.01 44.71
N GLN Z 795 -51.10 91.86 44.86
CA GLN Z 795 -50.46 90.56 44.94
C GLN Z 795 -50.14 90.26 46.40
N ARG Z 796 -50.84 89.28 46.97
CA ARG Z 796 -50.64 88.89 48.36
C ARG Z 796 -50.73 87.38 48.46
N ARG Z 797 -50.55 86.86 49.68
CA ARG Z 797 -50.59 85.44 49.93
C ARG Z 797 -51.06 85.17 51.35
N ASP Z 798 -52.06 84.30 51.48
CA ASP Z 798 -52.62 83.90 52.78
C ASP Z 798 -53.14 85.12 53.55
N ASN Z 799 -54.13 85.79 52.96
CA ASN Z 799 -54.75 86.95 53.58
C ASN Z 799 -56.20 87.05 53.11
N VAL Z 800 -57.12 87.11 54.06
CA VAL Z 800 -58.55 87.25 53.76
C VAL Z 800 -59.07 88.46 54.50
N LEU Z 801 -60.08 89.10 53.93
CA LEU Z 801 -60.63 90.34 54.45
C LEU Z 801 -61.99 90.10 55.09
N ILE Z 802 -62.41 91.06 55.93
CA ILE Z 802 -63.74 91.05 56.52
C ILE Z 802 -64.46 92.38 56.34
N HIS Z 803 -63.83 93.36 55.66
CA HIS Z 803 -64.45 94.66 55.38
C HIS Z 803 -64.75 95.42 56.66
N GLY Z 804 -63.89 95.26 57.66
CA GLY Z 804 -64.04 95.99 58.90
C GLY Z 804 -65.27 95.57 59.67
N ARG Z 805 -65.86 96.54 60.37
CA ARG Z 805 -67.05 96.32 61.17
C ARG Z 805 -67.91 97.56 61.11
N PRO Z 806 -69.24 97.39 61.05
CA PRO Z 806 -70.12 98.58 61.00
C PRO Z 806 -70.18 99.30 62.33
N VAL Z 807 -69.85 98.65 63.43
CA VAL Z 807 -69.87 99.28 64.74
C VAL Z 807 -68.47 99.24 65.35
N ILE Z 815 -56.58 93.64 68.68
CA ILE Z 815 -58.02 93.50 68.61
C ILE Z 815 -58.38 92.29 67.75
N PRO Z 816 -59.18 91.37 68.30
CA PRO Z 816 -59.50 90.14 67.59
C PRO Z 816 -60.64 90.32 66.60
N ILE Z 817 -60.88 89.26 65.84
CA ILE Z 817 -61.97 89.27 64.86
C ILE Z 817 -63.24 88.75 65.50
N THR Z 818 -64.37 89.08 64.89
CA THR Z 818 -65.68 88.66 65.37
C THR Z 818 -66.57 88.32 64.18
N PRO Z 819 -67.48 87.36 64.34
CA PRO Z 819 -68.40 87.05 63.24
C PRO Z 819 -69.26 88.25 62.89
N HIS Z 820 -69.57 88.39 61.60
CA HIS Z 820 -70.33 89.53 61.12
C HIS Z 820 -71.83 89.33 61.37
N HIS Z 821 -72.40 88.29 60.79
CA HIS Z 821 -73.82 88.03 60.90
C HIS Z 821 -74.07 86.93 61.93
N ASP Z 822 -75.33 86.52 62.05
CA ASP Z 822 -75.72 85.47 62.98
C ASP Z 822 -75.43 84.11 62.34
N ARG Z 823 -75.89 83.03 62.99
CA ARG Z 823 -75.65 81.70 62.47
C ARG Z 823 -76.67 81.32 61.40
N GLU Z 824 -77.93 81.69 61.61
CA GLU Z 824 -78.98 81.34 60.66
C GLU Z 824 -78.77 81.98 59.30
N TRP Z 825 -77.95 83.04 59.23
CA TRP Z 825 -77.63 83.63 57.94
C TRP Z 825 -76.92 82.62 57.05
N GLY Z 826 -76.00 81.84 57.62
CA GLY Z 826 -75.33 80.81 56.84
C GLY Z 826 -76.28 79.74 56.34
N ILE Z 827 -77.23 79.32 57.18
CA ILE Z 827 -78.19 78.31 56.78
C ILE Z 827 -79.07 78.84 55.66
N LEU Z 828 -79.52 80.09 55.77
CA LEU Z 828 -80.33 80.68 54.70
C LEU Z 828 -79.54 80.80 53.41
N SER Z 829 -78.27 81.18 53.50
CA SER Z 829 -77.44 81.28 52.30
C SER Z 829 -77.25 79.91 51.64
N LYS Z 830 -77.03 78.88 52.45
CA LYS Z 830 -76.89 77.54 51.91
C LYS Z 830 -78.17 77.10 51.20
N ILE Z 831 -79.32 77.26 51.87
CA ILE Z 831 -80.59 76.92 51.26
C ILE Z 831 -80.75 77.64 49.93
N TYR Z 832 -80.53 78.96 49.93
CA TYR Z 832 -80.64 79.74 48.72
C TYR Z 832 -79.76 79.19 47.61
N TYR Z 833 -78.44 79.22 47.82
CA TYR Z 833 -77.49 78.86 46.77
C TYR Z 833 -77.67 77.43 46.29
N TYR Z 834 -78.06 76.50 47.15
CA TYR Z 834 -78.13 75.10 46.77
C TYR Z 834 -79.52 74.65 46.36
N ILE Z 835 -80.52 75.51 46.45
CA ILE Z 835 -81.85 75.09 46.02
C ILE Z 835 -82.43 76.03 44.99
N VAL Z 836 -82.54 77.32 45.32
CA VAL Z 836 -83.29 78.21 44.44
C VAL Z 836 -82.45 78.63 43.24
N ILE Z 837 -81.13 78.68 43.42
CA ILE Z 837 -80.25 78.98 42.29
C ILE Z 837 -80.24 77.84 41.28
N PRO Z 838 -80.00 76.57 41.67
CA PRO Z 838 -80.04 75.51 40.66
C PRO Z 838 -81.42 75.28 40.09
N ALA Z 839 -82.48 75.42 40.89
CA ALA Z 839 -83.82 75.18 40.39
C ALA Z 839 -84.18 76.15 39.27
N PHE Z 840 -83.67 77.38 39.34
CA PHE Z 840 -83.96 78.37 38.32
C PHE Z 840 -82.97 78.35 37.17
N SER Z 841 -81.70 78.05 37.45
CA SER Z 841 -80.71 78.04 36.39
C SER Z 841 -80.79 76.79 35.53
N ARG Z 842 -81.05 75.65 36.16
CA ARG Z 842 -81.07 74.35 35.49
C ARG Z 842 -79.74 74.09 34.77
N GLY Z 843 -78.67 74.17 35.55
CA GLY Z 843 -77.34 73.90 35.04
C GLY Z 843 -76.81 74.89 34.03
N SER Z 844 -77.40 76.08 33.95
CA SER Z 844 -76.97 77.08 32.99
C SER Z 844 -76.04 78.13 33.59
N CYS Z 845 -76.00 78.26 34.91
CA CYS Z 845 -75.17 79.27 35.56
C CYS Z 845 -73.75 78.71 35.77
N CYS Z 846 -72.84 79.61 36.15
CA CYS Z 846 -71.48 79.24 36.43
C CYS Z 846 -70.90 80.18 37.47
N THR Z 847 -69.73 79.83 37.99
CA THR Z 847 -69.03 80.69 38.95
C THR Z 847 -67.64 81.03 38.39
N MET Z 848 -67.21 82.27 38.63
CA MET Z 848 -66.00 82.79 38.05
C MET Z 848 -65.26 83.67 39.07
N GLY Z 849 -64.04 84.03 38.71
CA GLY Z 849 -63.22 84.93 39.52
C GLY Z 849 -63.02 86.26 38.81
N VAL Z 850 -62.65 87.27 39.59
CA VAL Z 850 -62.53 88.63 39.08
C VAL Z 850 -61.07 89.06 39.09
N ARG Z 851 -60.80 90.21 38.49
CA ARG Z 851 -59.47 90.80 38.41
C ARG Z 851 -59.56 92.24 38.90
N TYR Z 852 -59.39 92.45 40.20
CA TYR Z 852 -59.49 93.77 40.77
C TYR Z 852 -58.42 94.72 40.24
N ASP Z 853 -57.24 94.20 39.89
CA ASP Z 853 -56.20 95.03 39.30
C ASP Z 853 -56.64 95.65 37.98
N ARG Z 854 -57.56 95.01 37.26
CA ARG Z 854 -58.13 95.57 36.05
C ARG Z 854 -59.48 96.23 36.28
N LEU Z 855 -60.09 96.00 37.44
CA LEU Z 855 -61.38 96.60 37.78
C LEU Z 855 -61.23 98.00 38.36
N TYR Z 856 -60.31 98.18 39.30
CA TYR Z 856 -60.23 99.46 40.02
C TYR Z 856 -59.78 100.61 39.13
N PRO Z 857 -58.69 100.52 38.36
CA PRO Z 857 -58.33 101.66 37.49
C PRO Z 857 -59.36 101.94 36.42
N ALA Z 858 -60.26 101.02 36.14
CA ALA Z 858 -61.27 101.23 35.11
C ALA Z 858 -62.48 102.01 35.62
N LEU Z 859 -62.71 102.03 36.93
CA LEU Z 859 -63.88 102.69 37.49
C LEU Z 859 -63.61 104.10 37.99
N GLN Z 860 -62.39 104.62 37.81
CA GLN Z 860 -62.02 105.92 38.34
C GLN Z 860 -62.07 107.01 37.27
N ALA Z 861 -63.02 106.93 36.34
CA ALA Z 861 -63.18 107.93 35.29
C ALA Z 861 -64.60 108.48 35.39
N VAL Z 862 -64.72 109.67 35.99
CA VAL Z 862 -66.00 110.35 36.12
C VAL Z 862 -65.90 111.71 35.43
N ILE Z 863 -66.98 112.09 34.73
CA ILE Z 863 -67.03 113.35 34.01
C ILE Z 863 -68.22 114.15 34.51
N VAL Z 864 -68.54 114.01 35.80
CA VAL Z 864 -69.65 114.79 36.36
C VAL Z 864 -69.32 116.27 36.24
N PRO Z 865 -70.23 117.09 35.70
CA PRO Z 865 -69.91 118.51 35.51
C PRO Z 865 -70.15 119.31 36.79
N GLU Z 866 -69.68 120.55 36.76
CA GLU Z 866 -69.87 121.45 37.90
C GLU Z 866 -71.23 122.14 37.80
N ILE Z 867 -71.94 122.15 38.91
CA ILE Z 867 -73.28 122.75 38.97
C ILE Z 867 -73.11 124.23 39.35
N PRO Z 868 -73.80 125.14 38.66
CA PRO Z 868 -73.73 126.55 39.06
C PRO Z 868 -74.36 126.78 40.42
N ALA Z 869 -73.82 127.76 41.14
CA ALA Z 869 -74.34 128.07 42.47
C ALA Z 869 -75.77 128.60 42.36
N ASP Z 870 -76.58 128.29 43.37
CA ASP Z 870 -77.97 128.70 43.42
C ASP Z 870 -78.74 128.22 42.19
N GLU Z 871 -78.42 127.01 41.74
CA GLU Z 871 -79.07 126.41 40.58
C GLU Z 871 -79.46 124.97 40.91
N GLU Z 872 -80.19 124.36 39.99
CA GLU Z 872 -80.69 123.00 40.16
C GLU Z 872 -79.96 122.04 39.25
N ALA Z 873 -79.85 120.79 39.69
CA ALA Z 873 -79.21 119.75 38.88
C ALA Z 873 -80.23 119.19 37.88
N PRO Z 874 -79.86 119.05 36.61
CA PRO Z 874 -80.83 118.57 35.62
C PRO Z 874 -81.17 117.10 35.84
N THR Z 875 -82.43 116.76 35.56
CA THR Z 875 -82.92 115.40 35.74
C THR Z 875 -82.81 114.59 34.44
N THR Z 876 -83.46 115.04 33.39
CA THR Z 876 -83.45 114.33 32.12
C THR Z 876 -82.10 114.50 31.42
N PRO Z 877 -81.64 113.48 30.70
CA PRO Z 877 -80.33 113.52 30.05
C PRO Z 877 -80.29 114.19 28.69
N GLU Z 878 -81.34 114.92 28.28
CA GLU Z 878 -81.31 115.60 27.00
C GLU Z 878 -80.51 116.89 27.04
N ASP Z 879 -80.31 117.47 28.21
CA ASP Z 879 -79.60 118.73 28.29
C ASP Z 879 -78.10 118.49 28.43
N PRO Z 880 -77.27 119.39 27.90
CA PRO Z 880 -75.82 119.21 28.02
C PRO Z 880 -75.32 119.23 29.45
N ARG Z 881 -76.08 119.80 30.38
CA ARG Z 881 -75.66 119.81 31.78
C ARG Z 881 -75.71 118.44 32.42
N HIS Z 882 -76.48 117.52 31.84
CA HIS Z 882 -76.61 116.20 32.44
C HIS Z 882 -75.34 115.38 32.20
N PRO Z 883 -74.93 114.57 33.18
CA PRO Z 883 -73.75 113.72 32.97
C PRO Z 883 -73.93 112.71 31.86
N LEU Z 884 -75.17 112.29 31.59
CA LEU Z 884 -75.45 111.30 30.57
C LEU Z 884 -75.63 111.91 29.19
N HIS Z 885 -75.15 113.12 28.97
CA HIS Z 885 -75.29 113.79 27.69
C HIS Z 885 -74.08 113.50 26.80
N ALA Z 886 -74.29 113.68 25.49
CA ALA Z 886 -73.22 113.43 24.55
C ALA Z 886 -72.08 114.44 24.70
N HIS Z 887 -72.40 115.66 25.14
CA HIS Z 887 -71.36 116.67 25.33
C HIS Z 887 -70.34 116.22 26.37
N GLN Z 888 -70.78 115.58 27.44
CA GLN Z 888 -69.91 115.15 28.52
C GLN Z 888 -69.58 113.66 28.45
N LEU Z 889 -69.88 113.00 27.33
CA LEU Z 889 -69.58 111.58 27.17
C LEU Z 889 -68.29 111.46 26.36
N VAL Z 890 -67.26 110.92 26.99
CA VAL Z 890 -65.96 110.75 26.35
C VAL Z 890 -65.61 109.25 26.38
N PRO Z 891 -64.83 108.76 25.42
CA PRO Z 891 -64.50 107.34 25.42
C PRO Z 891 -63.66 106.95 26.63
N ASN Z 892 -63.73 105.66 26.97
CA ASN Z 892 -62.99 105.09 28.09
C ASN Z 892 -63.33 105.80 29.41
N SER Z 893 -64.61 105.74 29.76
CA SER Z 893 -65.11 106.36 30.97
C SER Z 893 -66.24 105.48 31.52
N LEU Z 894 -66.99 106.02 32.48
CA LEU Z 894 -68.14 105.32 33.05
C LEU Z 894 -69.46 105.80 32.48
N ASN Z 895 -69.51 107.03 31.96
CA ASN Z 895 -70.71 107.51 31.29
C ASN Z 895 -71.04 106.63 30.09
N VAL Z 896 -70.02 106.16 29.37
CA VAL Z 896 -70.27 105.26 28.25
C VAL Z 896 -70.82 103.94 28.73
N TYR Z 897 -70.32 103.42 29.86
CA TYR Z 897 -70.86 102.20 30.44
C TYR Z 897 -72.34 102.36 30.74
N PHE Z 898 -72.68 103.43 31.46
CA PHE Z 898 -74.07 103.62 31.86
C PHE Z 898 -74.96 103.91 30.66
N HIS Z 899 -74.43 104.55 29.63
CA HIS Z 899 -75.21 104.78 28.42
C HIS Z 899 -75.47 103.48 27.68
N ASN Z 900 -74.45 102.62 27.57
CA ASN Z 900 -74.66 101.30 27.00
C ASN Z 900 -75.69 100.51 27.80
N ALA Z 901 -75.68 100.66 29.12
CA ALA Z 901 -76.72 100.08 29.96
C ALA Z 901 -78.06 100.78 29.80
N HIS Z 902 -78.08 101.96 29.18
CA HIS Z 902 -79.31 102.74 28.95
C HIS Z 902 -80.00 103.06 30.27
N LEU Z 903 -79.23 103.63 31.19
CA LEU Z 903 -79.72 104.03 32.50
C LEU Z 903 -79.57 105.53 32.69
N THR Z 904 -80.32 106.07 33.64
CA THR Z 904 -80.30 107.49 33.96
C THR Z 904 -79.93 107.66 35.42
N VAL Z 905 -78.79 108.28 35.67
CA VAL Z 905 -78.32 108.54 37.03
C VAL Z 905 -77.96 110.01 37.16
N ASP Z 906 -78.01 110.52 38.38
CA ASP Z 906 -77.66 111.90 38.66
C ASP Z 906 -76.19 112.00 39.06
N GLY Z 907 -75.78 113.15 39.57
CA GLY Z 907 -74.38 113.40 39.87
C GLY Z 907 -73.90 112.81 41.19
N ASP Z 908 -74.69 112.98 42.25
CA ASP Z 908 -74.27 112.49 43.56
C ASP Z 908 -74.14 110.98 43.60
N ALA Z 909 -74.98 110.27 42.82
CA ALA Z 909 -74.87 108.83 42.77
C ALA Z 909 -73.51 108.39 42.24
N LEU Z 910 -73.05 109.03 41.16
CA LEU Z 910 -71.73 108.73 40.63
C LEU Z 910 -70.63 109.23 41.56
N LEU Z 911 -70.89 110.30 42.30
CA LEU Z 911 -69.90 110.81 43.23
C LEU Z 911 -69.69 109.87 44.41
N THR Z 912 -70.72 109.13 44.80
CA THR Z 912 -70.60 108.21 45.94
C THR Z 912 -69.53 107.15 45.73
N LEU Z 913 -69.05 106.95 44.50
CA LEU Z 913 -68.01 105.97 44.27
C LEU Z 913 -66.70 106.37 44.95
N GLN Z 914 -66.42 107.67 45.03
CA GLN Z 914 -65.23 108.12 45.75
C GLN Z 914 -65.31 107.73 47.22
N GLU Z 915 -66.47 107.89 47.84
CA GLU Z 915 -66.64 107.42 49.22
C GLU Z 915 -66.57 105.91 49.32
N LEU Z 916 -67.07 105.19 48.31
CA LEU Z 916 -66.89 103.75 48.27
C LEU Z 916 -65.41 103.37 48.30
N MET Z 917 -64.57 104.15 47.63
CA MET Z 917 -63.18 103.78 47.42
C MET Z 917 -62.38 103.61 48.71
N GLY Z 918 -62.98 103.85 49.88
CA GLY Z 918 -62.30 103.61 51.13
C GLY Z 918 -61.89 102.15 51.29
N ASP Z 919 -62.87 101.26 51.41
CA ASP Z 919 -62.56 99.84 51.46
C ASP Z 919 -62.18 99.33 50.08
N MET Z 920 -61.51 98.18 50.05
CA MET Z 920 -61.07 97.59 48.79
C MET Z 920 -60.99 96.09 48.94
N ALA Z 921 -60.91 95.42 47.79
CA ALA Z 921 -60.77 93.97 47.73
C ALA Z 921 -59.56 93.64 46.86
N GLU Z 922 -58.60 92.92 47.43
CA GLU Z 922 -57.36 92.65 46.72
C GLU Z 922 -57.58 91.66 45.58
N ARG Z 923 -58.01 90.45 45.90
CA ARG Z 923 -58.15 89.40 44.91
C ARG Z 923 -59.14 88.36 45.41
N THR Z 924 -59.63 87.53 44.48
CA THR Z 924 -60.48 86.40 44.82
C THR Z 924 -59.59 85.16 44.89
N THR Z 925 -59.84 84.30 45.86
CA THR Z 925 -58.97 83.16 46.11
C THR Z 925 -59.79 81.89 46.28
N ALA Z 926 -59.08 80.78 46.50
CA ALA Z 926 -59.70 79.47 46.66
C ALA Z 926 -59.42 78.93 48.04
N ILE Z 927 -60.41 78.21 48.60
CA ILE Z 927 -60.29 77.59 49.91
C ILE Z 927 -60.66 76.12 49.75
N LEU Z 928 -59.83 75.24 50.33
CA LEU Z 928 -60.07 73.80 50.32
C LEU Z 928 -60.10 73.33 51.77
N VAL Z 929 -61.28 72.91 52.23
CA VAL Z 929 -61.45 72.43 53.57
C VAL Z 929 -61.76 70.94 53.53
N SER Z 930 -61.45 70.26 54.64
CA SER Z 930 -61.67 68.81 54.73
C SER Z 930 -61.89 68.45 56.18
N SER Z 931 -62.82 67.52 56.41
CA SER Z 931 -63.16 67.09 57.76
C SER Z 931 -63.48 65.60 57.73
N ALA Z 932 -63.57 65.03 58.93
CA ALA Z 932 -63.93 63.63 59.09
C ALA Z 932 -65.45 63.49 59.11
N PRO Z 933 -65.96 62.28 58.86
CA PRO Z 933 -67.43 62.10 58.90
C PRO Z 933 -67.98 62.40 60.27
N ASP Z 934 -69.28 62.71 60.31
CA ASP Z 934 -69.93 63.10 61.54
C ASP Z 934 -69.96 61.94 62.52
N ALA Z 935 -70.29 62.27 63.78
CA ALA Z 935 -70.36 61.25 64.82
C ALA Z 935 -71.53 60.29 64.63
N GLY Z 936 -72.42 60.56 63.67
CA GLY Z 936 -73.51 59.63 63.41
C GLY Z 936 -73.03 58.32 62.82
N ALA Z 937 -72.06 58.38 61.90
CA ALA Z 937 -71.51 57.20 61.27
C ALA Z 937 -70.02 57.05 61.55
N ALA Z 938 -69.48 57.78 62.52
CA ALA Z 938 -68.07 57.71 62.84
C ALA Z 938 -67.77 56.39 63.54
N THR Z 939 -67.04 55.51 62.87
CA THR Z 939 -66.61 54.25 63.44
C THR Z 939 -65.09 54.17 63.39
N ALA Z 940 -64.55 53.02 63.82
CA ALA Z 940 -63.11 52.85 63.86
C ALA Z 940 -62.47 52.79 62.48
N THR Z 941 -63.26 52.72 61.42
CA THR Z 941 -62.74 52.67 60.06
C THR Z 941 -63.09 53.88 59.23
N THR Z 942 -64.31 54.40 59.36
CA THR Z 942 -64.72 55.55 58.58
C THR Z 942 -63.95 56.81 58.95
N ARG Z 943 -63.31 56.84 60.11
CA ARG Z 943 -62.51 57.99 60.50
C ARG Z 943 -61.35 58.23 59.54
N ASN Z 944 -60.90 57.20 58.84
CA ASN Z 944 -59.84 57.38 57.86
C ASN Z 944 -60.34 58.09 56.61
N MET Z 945 -61.60 57.87 56.24
CA MET Z 945 -62.16 58.54 55.07
C MET Z 945 -62.38 60.01 55.36
N ARG Z 946 -62.05 60.85 54.38
CA ARG Z 946 -62.21 62.29 54.52
C ARG Z 946 -63.03 62.82 53.35
N ILE Z 947 -63.75 63.92 53.58
CA ILE Z 947 -64.54 64.59 52.56
C ILE Z 947 -63.85 65.89 52.20
N TYR Z 948 -63.83 66.21 50.92
CA TYR Z 948 -63.14 67.39 50.41
C TYR Z 948 -64.10 68.20 49.55
N ASP Z 949 -64.18 69.50 49.83
CA ASP Z 949 -64.99 70.40 49.03
C ASP Z 949 -64.29 71.74 48.97
N GLY Z 950 -64.38 72.39 47.81
CA GLY Z 950 -63.73 73.67 47.62
C GLY Z 950 -64.71 74.83 47.55
N ALA Z 951 -64.21 76.05 47.74
CA ALA Z 951 -65.05 77.23 47.69
C ALA Z 951 -64.21 78.42 47.26
N LEU Z 952 -64.89 79.49 46.87
CA LEU Z 952 -64.25 80.69 46.36
C LEU Z 952 -64.50 81.87 47.28
N TYR Z 953 -63.44 82.63 47.56
CA TYR Z 953 -63.52 83.85 48.33
C TYR Z 953 -63.50 85.04 47.38
N HIS Z 954 -64.55 85.87 47.45
CA HIS Z 954 -64.71 87.06 46.61
C HIS Z 954 -64.91 86.68 45.14
N GLY Z 955 -65.51 85.51 44.90
CA GLY Z 955 -65.88 85.10 43.56
C GLY Z 955 -67.27 85.58 43.20
N LEU Z 956 -67.64 85.35 41.94
CA LEU Z 956 -68.92 85.82 41.42
C LEU Z 956 -69.63 84.65 40.73
N ILE Z 957 -70.92 84.86 40.48
CA ILE Z 957 -71.74 83.87 39.77
C ILE Z 957 -72.35 84.56 38.56
N MET Z 958 -72.18 83.96 37.39
CA MET Z 958 -72.75 84.45 36.15
C MET Z 958 -73.93 83.58 35.76
N MET Z 959 -75.05 84.22 35.44
CA MET Z 959 -76.26 83.49 35.07
C MET Z 959 -76.12 82.84 33.69
N ALA Z 960 -75.93 83.65 32.65
CA ALA Z 960 -75.82 83.16 31.29
C ALA Z 960 -74.76 83.96 30.56
N TYR Z 961 -73.70 83.30 30.14
CA TYR Z 961 -72.60 83.95 29.45
C TYR Z 961 -72.84 83.93 27.94
N GLN Z 962 -72.49 85.03 27.28
CA GLN Z 962 -72.63 85.15 25.84
C GLN Z 962 -71.31 85.62 25.25
N ALA Z 963 -70.82 84.87 24.26
CA ALA Z 963 -69.61 85.23 23.54
C ALA Z 963 -69.88 86.11 22.33
N TYR Z 964 -71.13 86.54 22.15
CA TYR Z 964 -71.51 87.38 21.02
C TYR Z 964 -71.63 88.85 21.41
N ASP Z 965 -70.86 89.30 22.40
CA ASP Z 965 -70.84 90.71 22.79
C ASP Z 965 -69.46 91.27 22.47
N GLU Z 966 -69.40 92.16 21.47
CA GLU Z 966 -68.13 92.65 20.96
C GLU Z 966 -67.77 94.04 21.50
N THR Z 967 -68.70 94.72 22.17
CA THR Z 967 -68.38 96.02 22.74
C THR Z 967 -67.40 95.92 23.89
N ILE Z 968 -67.27 94.73 24.50
CA ILE Z 968 -66.34 94.48 25.59
C ILE Z 968 -65.56 93.22 25.26
N ALA Z 969 -64.25 93.27 25.50
CA ALA Z 969 -63.41 92.11 25.23
C ALA Z 969 -63.78 90.96 26.15
N THR Z 970 -63.72 89.74 25.63
CA THR Z 970 -64.01 88.56 26.43
C THR Z 970 -62.90 88.32 27.44
N GLY Z 971 -63.28 88.07 28.69
CA GLY Z 971 -62.29 87.89 29.73
C GLY Z 971 -61.61 89.16 30.16
N THR Z 972 -62.33 90.29 30.15
CA THR Z 972 -61.74 91.56 30.55
C THR Z 972 -61.66 91.67 32.07
N PHE Z 973 -62.70 91.24 32.78
CA PHE Z 973 -62.73 91.31 34.23
C PHE Z 973 -63.05 89.99 34.91
N PHE Z 974 -63.46 88.97 34.16
CA PHE Z 974 -63.87 87.71 34.75
C PHE Z 974 -63.23 86.55 34.00
N TYR Z 975 -63.02 85.45 34.73
CA TYR Z 975 -62.44 84.24 34.18
C TYR Z 975 -63.09 83.06 34.89
N PRO Z 976 -63.49 82.02 34.15
CA PRO Z 976 -64.23 80.92 34.77
C PRO Z 976 -63.33 80.00 35.56
N VAL Z 977 -63.81 79.60 36.73
CA VAL Z 977 -63.12 78.63 37.58
C VAL Z 977 -64.16 77.92 38.45
N PRO Z 978 -64.96 77.02 37.87
CA PRO Z 978 -66.01 76.37 38.64
C PRO Z 978 -65.55 75.08 39.32
N VAL Z 979 -65.96 74.91 40.56
CA VAL Z 979 -65.75 73.66 41.30
C VAL Z 979 -67.10 73.21 41.85
N ASN Z 980 -67.85 72.47 41.05
CA ASN Z 980 -69.05 71.77 41.45
C ASN Z 980 -69.54 70.92 40.29
N PRO Z 981 -70.16 69.77 40.54
CA PRO Z 981 -70.90 69.09 39.47
C PRO Z 981 -72.16 69.83 39.10
N LEU Z 982 -72.65 70.72 39.96
CA LEU Z 982 -73.87 71.47 39.76
C LEU Z 982 -73.63 72.85 39.17
N PHE Z 983 -72.61 73.56 39.65
CA PHE Z 983 -72.30 74.90 39.17
C PHE Z 983 -71.36 74.88 37.96
N ALA Z 984 -71.27 73.76 37.26
CA ALA Z 984 -70.42 73.69 36.08
C ALA Z 984 -70.96 74.57 34.97
N CYS Z 985 -70.14 74.78 33.95
CA CYS Z 985 -70.48 75.69 32.84
C CYS Z 985 -69.71 75.24 31.61
N PRO Z 986 -70.34 74.52 30.70
CA PRO Z 986 -69.64 74.09 29.48
C PRO Z 986 -69.41 75.21 28.48
N GLU Z 987 -70.20 76.28 28.54
CA GLU Z 987 -70.07 77.38 27.58
C GLU Z 987 -69.38 78.61 28.14
N HIS Z 988 -69.34 78.78 29.46
CA HIS Z 988 -68.62 79.91 30.04
C HIS Z 988 -67.12 79.79 29.83
N LEU Z 989 -66.63 78.61 29.44
CA LEU Z 989 -65.20 78.43 29.21
C LEU Z 989 -64.70 79.20 27.99
N ALA Z 990 -65.60 79.68 27.13
CA ALA Z 990 -65.16 80.44 25.97
C ALA Z 990 -64.46 81.73 26.38
N SER Z 991 -64.79 82.27 27.55
CA SER Z 991 -64.15 83.47 28.04
C SER Z 991 -62.73 83.23 28.56
N LEU Z 992 -62.35 81.96 28.74
CA LEU Z 992 -60.99 81.66 29.17
C LEU Z 992 -60.04 81.68 27.98
N ARG Z 993 -58.81 82.09 28.25
CA ARG Z 993 -57.80 82.18 27.21
C ARG Z 993 -57.23 80.80 26.88
N GLY Z 994 -56.85 80.62 25.61
CA GLY Z 994 -56.31 79.36 25.15
C GLY Z 994 -57.32 78.24 25.21
N MET Z 995 -58.38 78.34 24.40
CA MET Z 995 -59.42 77.33 24.34
C MET Z 995 -59.51 76.78 22.92
N THR Z 996 -59.52 75.46 22.81
CA THR Z 996 -59.57 74.78 21.52
C THR Z 996 -60.83 73.94 21.42
N ASN Z 997 -61.11 73.47 20.20
CA ASN Z 997 -62.28 72.61 19.98
C ASN Z 997 -62.19 71.33 20.78
N ALA Z 998 -60.97 70.77 20.91
CA ALA Z 998 -60.81 69.53 21.66
C ALA Z 998 -61.14 69.74 23.13
N ARG Z 999 -60.59 70.79 23.73
CA ARG Z 999 -60.92 71.09 25.12
C ARG Z 999 -62.41 71.37 25.29
N ARG Z 1000 -63.02 72.06 24.33
CA ARG Z 1000 -64.44 72.37 24.43
C ARG Z 1000 -65.28 71.10 24.38
N VAL Z 1001 -64.99 70.20 23.45
CA VAL Z 1001 -65.80 68.99 23.33
C VAL Z 1001 -65.55 68.07 24.52
N LEU Z 1002 -64.35 68.11 25.10
CA LEU Z 1002 -64.09 67.31 26.28
C LEU Z 1002 -64.86 67.82 27.49
N ALA Z 1003 -64.83 69.14 27.71
CA ALA Z 1003 -65.54 69.75 28.82
C ALA Z 1003 -67.05 69.69 28.64
N LYS Z 1004 -67.53 69.59 27.40
CA LYS Z 1004 -68.96 69.44 27.18
C LYS Z 1004 -69.49 68.17 27.83
N MET Z 1005 -68.69 67.11 27.84
CA MET Z 1005 -69.09 65.86 28.48
C MET Z 1005 -68.67 65.80 29.93
N VAL Z 1006 -67.40 66.04 30.21
CA VAL Z 1006 -66.90 65.93 31.58
C VAL Z 1006 -66.88 67.32 32.22
N PRO Z 1007 -67.47 67.47 33.40
CA PRO Z 1007 -67.45 68.78 34.06
C PRO Z 1007 -66.05 69.15 34.49
N PRO Z 1008 -65.50 70.24 33.94
CA PRO Z 1008 -64.12 70.61 34.28
C PRO Z 1008 -63.99 71.12 35.71
N ILE Z 1009 -63.34 70.33 36.57
CA ILE Z 1009 -63.13 70.69 37.96
C ILE Z 1009 -61.67 70.45 38.29
N PRO Z 1010 -60.92 71.47 38.72
CA PRO Z 1010 -59.51 71.27 39.02
C PRO Z 1010 -59.34 70.39 40.25
N PRO Z 1011 -58.27 69.60 40.31
CA PRO Z 1011 -58.11 68.67 41.44
C PRO Z 1011 -57.76 69.36 42.74
N PHE Z 1012 -57.10 70.52 42.69
CA PHE Z 1012 -56.76 71.22 43.92
C PHE Z 1012 -57.97 71.86 44.59
N LEU Z 1013 -59.15 71.75 43.99
CA LEU Z 1013 -60.37 72.29 44.57
C LEU Z 1013 -61.38 71.24 45.00
N GLY Z 1014 -61.10 69.97 44.74
CA GLY Z 1014 -61.98 68.89 45.15
C GLY Z 1014 -62.31 67.92 44.04
N ALA Z 1015 -62.48 66.65 44.39
CA ALA Z 1015 -62.83 65.61 43.46
C ALA Z 1015 -64.30 65.22 43.63
N ASN Z 1016 -64.85 64.59 42.60
CA ASN Z 1016 -66.27 64.26 42.61
C ASN Z 1016 -66.58 63.15 43.61
N HIS Z 1017 -65.80 62.08 43.60
CA HIS Z 1017 -66.05 60.96 44.49
C HIS Z 1017 -65.80 61.29 45.95
N HIS Z 1018 -65.14 62.41 46.25
CA HIS Z 1018 -64.89 62.81 47.62
C HIS Z 1018 -65.75 63.98 48.08
N ALA Z 1019 -66.35 64.72 47.16
CA ALA Z 1019 -67.22 65.81 47.55
C ALA Z 1019 -68.56 65.29 48.03
N THR Z 1020 -69.33 66.19 48.67
CA THR Z 1020 -70.67 65.83 49.12
C THR Z 1020 -71.66 65.85 47.96
N ILE Z 1021 -71.76 66.98 47.27
CA ILE Z 1021 -72.60 67.10 46.10
C ILE Z 1021 -71.94 66.38 44.94
N ARG Z 1022 -72.65 65.44 44.33
CA ARG Z 1022 -72.06 64.57 43.32
C ARG Z 1022 -72.85 64.66 42.01
N GLN Z 1023 -72.49 63.79 41.07
CA GLN Z 1023 -73.08 63.84 39.75
C GLN Z 1023 -74.57 63.47 39.69
N PRO Z 1024 -75.09 62.55 40.51
CA PRO Z 1024 -76.52 62.23 40.40
C PRO Z 1024 -77.45 63.42 40.62
N VAL Z 1025 -77.19 64.25 41.62
CA VAL Z 1025 -78.09 65.38 41.87
C VAL Z 1025 -77.99 66.39 40.74
N ALA Z 1026 -76.79 66.57 40.18
CA ALA Z 1026 -76.65 67.46 39.03
C ALA Z 1026 -77.44 66.96 37.84
N TYR Z 1027 -77.35 65.66 37.56
CA TYR Z 1027 -78.15 65.08 36.49
C TYR Z 1027 -79.64 65.27 36.76
N HIS Z 1028 -80.05 65.05 38.00
CA HIS Z 1028 -81.46 65.19 38.36
C HIS Z 1028 -81.95 66.61 38.12
N VAL Z 1029 -81.19 67.61 38.56
CA VAL Z 1029 -81.65 68.99 38.40
C VAL Z 1029 -81.59 69.42 36.94
N THR Z 1030 -80.62 68.93 36.17
CA THR Z 1030 -80.51 69.34 34.78
C THR Z 1030 -81.39 68.55 33.84
N HIS Z 1031 -82.03 67.47 34.31
CA HIS Z 1031 -82.90 66.68 33.45
C HIS Z 1031 -84.34 66.62 33.92
N SER Z 1032 -84.66 67.06 35.13
CA SER Z 1032 -86.02 67.02 35.63
C SER Z 1032 -86.80 68.20 35.09
N LYS Z 1033 -87.99 67.92 34.54
CA LYS Z 1033 -88.89 68.96 34.03
C LYS Z 1033 -90.28 68.70 34.60
N SER Z 1034 -90.52 69.22 35.80
CA SER Z 1034 -91.84 69.10 36.43
C SER Z 1034 -92.43 70.46 36.77
N ASP Z 1035 -91.73 71.27 37.54
CA ASP Z 1035 -92.23 72.56 38.04
C ASP Z 1035 -91.04 73.25 38.70
N PHE Z 1036 -91.30 74.41 39.31
CA PHE Z 1036 -90.29 75.09 40.13
C PHE Z 1036 -90.46 74.83 41.61
N ASN Z 1037 -91.67 75.00 42.15
CA ASN Z 1037 -91.89 74.73 43.57
C ASN Z 1037 -91.69 73.26 43.87
N THR Z 1038 -92.27 72.38 43.06
CA THR Z 1038 -92.08 70.95 43.26
C THR Z 1038 -90.61 70.56 43.10
N LEU Z 1039 -89.90 71.19 42.17
CA LEU Z 1039 -88.48 70.90 42.02
C LEU Z 1039 -87.70 71.31 43.26
N THR Z 1040 -88.01 72.49 43.81
CA THR Z 1040 -87.33 72.95 45.02
C THR Z 1040 -87.59 72.00 46.19
N TYR Z 1041 -88.85 71.61 46.38
CA TYR Z 1041 -89.15 70.71 47.48
C TYR Z 1041 -88.55 69.34 47.28
N SER Z 1042 -88.48 68.85 46.04
CA SER Z 1042 -87.84 67.57 45.78
C SER Z 1042 -86.35 67.64 46.04
N LEU Z 1043 -85.71 68.76 45.69
CA LEU Z 1043 -84.30 68.92 45.99
C LEU Z 1043 -84.06 68.97 47.51
N LEU Z 1044 -84.93 69.66 48.24
CA LEU Z 1044 -84.82 69.65 49.69
C LEU Z 1044 -84.94 68.23 50.24
N GLY Z 1045 -85.94 67.48 49.76
CA GLY Z 1045 -86.10 66.10 50.20
C GLY Z 1045 -84.90 65.24 49.88
N GLY Z 1046 -84.29 65.47 48.71
CA GLY Z 1046 -83.08 64.75 48.37
C GLY Z 1046 -81.90 65.13 49.24
N TYR Z 1047 -81.86 66.38 49.72
CA TYR Z 1047 -80.79 66.83 50.62
C TYR Z 1047 -81.04 66.31 52.03
N PHE Z 1048 -80.79 65.02 52.22
CA PHE Z 1048 -80.93 64.37 53.52
C PHE Z 1048 -79.81 63.37 53.71
N LYS Z 1049 -79.40 63.22 54.97
CA LYS Z 1049 -78.32 62.30 55.28
C LYS Z 1049 -78.80 60.86 55.25
N PHE Z 1050 -77.84 59.93 55.17
CA PHE Z 1050 -78.14 58.51 55.12
C PHE Z 1050 -77.44 57.74 56.23
N THR Z 1051 -77.10 58.40 57.32
CA THR Z 1051 -76.48 57.71 58.44
C THR Z 1051 -77.55 56.99 59.27
N PRO Z 1052 -77.17 55.91 59.96
CA PRO Z 1052 -78.14 55.19 60.81
C PRO Z 1052 -78.81 56.07 61.85
N ILE Z 1053 -78.24 57.23 62.18
CA ILE Z 1053 -78.91 58.14 63.09
C ILE Z 1053 -79.96 58.99 62.37
N SER Z 1054 -79.66 59.45 61.15
CA SER Z 1054 -80.67 60.15 60.36
C SER Z 1054 -81.83 59.22 60.01
N LEU Z 1055 -81.54 57.94 59.82
CA LEU Z 1055 -82.62 56.97 59.62
C LEU Z 1055 -83.51 56.89 60.85
N THR Z 1056 -82.93 56.99 62.04
CA THR Z 1056 -83.73 56.99 63.27
C THR Z 1056 -84.76 58.10 63.27
N HIS Z 1057 -84.43 59.24 62.68
CA HIS Z 1057 -85.36 60.37 62.61
C HIS Z 1057 -86.35 60.21 61.47
N GLN Z 1058 -85.88 59.78 60.29
CA GLN Z 1058 -86.76 59.70 59.14
C GLN Z 1058 -87.80 58.60 59.31
N LEU Z 1059 -87.37 57.41 59.71
CA LEU Z 1059 -88.30 56.30 59.90
C LEU Z 1059 -89.35 56.62 60.96
N ARG Z 1060 -89.02 57.44 61.94
CA ARG Z 1060 -89.97 57.79 62.99
C ARG Z 1060 -90.91 58.92 62.57
N THR Z 1061 -90.38 59.93 61.87
CA THR Z 1061 -91.22 61.03 61.43
C THR Z 1061 -92.07 60.69 60.21
N GLY Z 1062 -91.77 59.57 59.55
CA GLY Z 1062 -92.55 59.15 58.40
C GLY Z 1062 -91.98 59.54 57.06
N PHE Z 1063 -90.79 60.14 57.04
CA PHE Z 1063 -90.16 60.50 55.78
C PHE Z 1063 -89.65 59.26 55.07
N HIS Z 1064 -90.19 58.98 53.90
CA HIS Z 1064 -89.81 57.79 53.15
C HIS Z 1064 -88.48 58.02 52.45
N PRO Z 1065 -87.42 57.31 52.81
CA PRO Z 1065 -86.14 57.46 52.10
C PRO Z 1065 -86.17 56.72 50.77
N GLY Z 1066 -85.06 56.83 50.06
CA GLY Z 1066 -84.96 56.22 48.75
C GLY Z 1066 -84.49 54.77 48.78
N ILE Z 1067 -85.20 53.94 49.53
CA ILE Z 1067 -84.85 52.53 49.67
C ILE Z 1067 -86.14 51.73 49.75
N ALA Z 1068 -86.13 50.54 49.19
CA ALA Z 1068 -87.24 49.61 49.28
C ALA Z 1068 -86.80 48.34 50.00
N PHE Z 1069 -87.78 47.59 50.50
CA PHE Z 1069 -87.51 46.40 51.29
C PHE Z 1069 -88.37 45.24 50.82
N THR Z 1070 -87.90 44.03 51.10
CA THR Z 1070 -88.67 42.82 50.92
C THR Z 1070 -88.61 42.00 52.20
N VAL Z 1071 -89.73 41.38 52.56
CA VAL Z 1071 -89.85 40.66 53.82
C VAL Z 1071 -89.87 39.16 53.54
N VAL Z 1072 -89.41 38.39 54.51
CA VAL Z 1072 -89.42 36.94 54.44
C VAL Z 1072 -89.95 36.40 55.76
N ARG Z 1073 -90.91 35.48 55.68
CA ARG Z 1073 -91.51 34.89 56.87
C ARG Z 1073 -91.76 33.42 56.64
N GLN Z 1074 -91.43 32.60 57.64
CA GLN Z 1074 -91.56 31.16 57.56
C GLN Z 1074 -92.65 30.69 58.51
N ASP Z 1075 -93.45 29.72 58.05
CA ASP Z 1075 -94.56 29.20 58.82
C ASP Z 1075 -94.56 27.67 58.75
N ARG Z 1076 -95.19 27.05 59.74
CA ARG Z 1076 -95.33 25.60 59.78
C ARG Z 1076 -96.75 25.23 60.17
N PHE Z 1077 -97.20 24.09 59.65
CA PHE Z 1077 -98.57 23.63 59.85
C PHE Z 1077 -98.57 22.13 60.13
N ALA Z 1078 -99.45 21.70 61.02
CA ALA Z 1078 -99.63 20.28 61.30
C ALA Z 1078 -100.50 19.66 60.21
N THR Z 1079 -100.03 18.54 59.65
CA THR Z 1079 -100.73 17.88 58.56
C THR Z 1079 -100.93 16.41 58.90
N GLU Z 1080 -101.89 15.79 58.21
CA GLU Z 1080 -102.14 14.36 58.32
C GLU Z 1080 -101.65 13.69 57.05
N GLN Z 1081 -100.60 12.89 57.17
CA GLN Z 1081 -99.94 12.31 56.01
C GLN Z 1081 -100.64 11.01 55.60
N LEU Z 1082 -100.02 10.28 54.67
CA LEU Z 1082 -100.56 9.02 54.18
C LEU Z 1082 -99.42 8.22 53.57
N LEU Z 1083 -99.24 6.99 54.03
CA LEU Z 1083 -98.13 6.16 53.63
C LEU Z 1083 -98.63 4.89 52.95
N TYR Z 1084 -97.86 4.43 51.97
CA TYR Z 1084 -98.12 3.17 51.28
C TYR Z 1084 -96.82 2.40 51.17
N ALA Z 1085 -96.90 1.08 51.36
CA ALA Z 1085 -95.72 0.23 51.34
C ALA Z 1085 -96.00 -1.01 50.51
N GLU Z 1086 -94.92 -1.66 50.07
CA GLU Z 1086 -95.02 -2.88 49.28
C GLU Z 1086 -95.08 -4.10 50.19
N ARG Z 1087 -95.29 -5.27 49.58
CA ARG Z 1087 -95.43 -6.50 50.35
C ARG Z 1087 -94.16 -6.83 51.11
N ALA Z 1088 -93.08 -7.11 50.39
CA ALA Z 1088 -91.79 -7.45 50.99
C ALA Z 1088 -90.90 -6.22 50.86
N SER Z 1089 -91.03 -5.30 51.82
CA SER Z 1089 -90.28 -4.06 51.78
C SER Z 1089 -89.03 -4.10 52.64
N GLU Z 1090 -89.00 -4.92 53.68
CA GLU Z 1090 -87.83 -4.98 54.54
C GLU Z 1090 -87.69 -6.38 55.13
N SER Z 1091 -86.45 -6.74 55.39
CA SER Z 1091 -86.11 -7.94 56.15
C SER Z 1091 -85.75 -7.52 57.57
N TYR Z 1092 -86.36 -8.18 58.55
CA TYR Z 1092 -86.28 -7.80 59.95
C TYR Z 1092 -85.74 -8.98 60.75
N PHE Z 1093 -84.75 -8.73 61.59
CA PHE Z 1093 -84.15 -9.73 62.46
C PHE Z 1093 -84.31 -9.29 63.90
N VAL Z 1094 -84.74 -10.21 64.75
CA VAL Z 1094 -84.91 -9.93 66.18
C VAL Z 1094 -84.02 -10.87 66.97
N GLY Z 1095 -83.35 -10.35 68.00
CA GLY Z 1095 -82.53 -11.17 68.86
C GLY Z 1095 -83.22 -11.53 70.16
N GLN Z 1096 -82.46 -12.12 71.07
CA GLN Z 1096 -82.98 -12.49 72.37
C GLN Z 1096 -82.88 -11.30 73.33
N ILE Z 1097 -83.55 -11.44 74.47
CA ILE Z 1097 -83.67 -10.35 75.43
C ILE Z 1097 -82.67 -10.57 76.56
N GLN Z 1098 -82.11 -9.47 77.05
CA GLN Z 1098 -81.19 -9.49 78.17
C GLN Z 1098 -81.80 -8.70 79.34
N VAL Z 1099 -81.46 -9.14 80.56
CA VAL Z 1099 -81.90 -8.46 81.76
C VAL Z 1099 -80.69 -7.78 82.39
N HIS Z 1100 -80.95 -6.67 83.07
CA HIS Z 1100 -79.88 -5.89 83.68
C HIS Z 1100 -80.35 -5.37 85.03
N HIS Z 1101 -79.79 -5.91 86.10
CA HIS Z 1101 -80.12 -5.46 87.45
C HIS Z 1101 -79.42 -4.14 87.74
N HIS Z 1102 -80.17 -3.20 88.31
CA HIS Z 1102 -79.62 -1.90 88.64
C HIS Z 1102 -80.37 -1.33 89.84
N ASP Z 1103 -79.63 -0.65 90.71
CA ASP Z 1103 -80.25 -0.04 91.88
C ASP Z 1103 -81.15 1.12 91.47
N ALA Z 1104 -81.92 1.62 92.44
CA ALA Z 1104 -82.84 2.72 92.21
C ALA Z 1104 -82.75 3.67 93.39
N ILE Z 1105 -83.68 4.62 93.43
CA ILE Z 1105 -83.73 5.57 94.55
C ILE Z 1105 -84.44 4.96 95.74
N GLY Z 1106 -85.47 4.15 95.50
CA GLY Z 1106 -86.18 3.50 96.58
C GLY Z 1106 -86.07 1.99 96.54
N GLY Z 1107 -85.96 1.43 95.33
CA GLY Z 1107 -85.88 -0.01 95.17
C GLY Z 1107 -84.83 -0.43 94.16
N VAL Z 1108 -85.23 -1.23 93.18
CA VAL Z 1108 -84.34 -1.67 92.12
C VAL Z 1108 -85.02 -1.45 90.78
N ASN Z 1109 -84.20 -1.28 89.75
CA ASN Z 1109 -84.66 -0.99 88.39
C ASN Z 1109 -84.09 -2.05 87.44
N PHE Z 1110 -84.92 -3.02 87.09
CA PHE Z 1110 -84.59 -3.95 86.02
C PHE Z 1110 -84.79 -3.28 84.68
N THR Z 1111 -83.87 -3.54 83.75
CA THR Z 1111 -83.92 -2.98 82.41
C THR Z 1111 -83.82 -4.10 81.40
N LEU Z 1112 -84.80 -4.17 80.50
CA LEU Z 1112 -84.86 -5.21 79.48
C LEU Z 1112 -84.45 -4.61 78.15
N THR Z 1113 -83.57 -5.31 77.43
CA THR Z 1113 -83.01 -4.81 76.18
C THR Z 1113 -83.05 -5.92 75.13
N GLN Z 1114 -83.29 -5.52 73.88
CA GLN Z 1114 -83.34 -6.48 72.78
C GLN Z 1114 -82.83 -5.86 71.49
N PRO Z 1115 -81.91 -6.50 70.79
CA PRO Z 1115 -81.41 -5.96 69.54
C PRO Z 1115 -82.24 -6.42 68.35
N ARG Z 1116 -82.20 -5.61 67.29
CA ARG Z 1116 -82.95 -5.87 66.06
C ARG Z 1116 -82.18 -5.29 64.89
N ALA Z 1117 -82.56 -5.71 63.70
CA ALA Z 1117 -81.82 -5.39 62.48
C ALA Z 1117 -82.78 -5.35 61.31
N HIS Z 1118 -82.43 -4.58 60.29
CA HIS Z 1118 -83.29 -4.49 59.12
C HIS Z 1118 -82.49 -4.19 57.86
N VAL Z 1119 -83.04 -4.58 56.72
CA VAL Z 1119 -82.48 -4.31 55.40
C VAL Z 1119 -83.62 -4.05 54.42
N ASP Z 1120 -83.43 -3.08 53.54
CA ASP Z 1120 -84.35 -2.91 52.42
C ASP Z 1120 -83.96 -3.89 51.32
N LEU Z 1121 -84.87 -4.81 50.99
CA LEU Z 1121 -84.65 -5.76 49.90
C LEU Z 1121 -85.36 -5.29 48.64
N GLY Z 1122 -84.88 -4.17 48.11
CA GLY Z 1122 -85.46 -3.60 46.91
C GLY Z 1122 -84.47 -2.85 46.05
N VAL Z 1123 -84.61 -2.99 44.72
CA VAL Z 1123 -83.73 -2.28 43.80
C VAL Z 1123 -84.28 -0.93 43.39
N GLY Z 1124 -85.46 -0.57 43.87
CA GLY Z 1124 -86.04 0.73 43.58
C GLY Z 1124 -86.65 1.37 44.81
N TYR Z 1125 -87.90 1.80 44.70
CA TYR Z 1125 -88.64 2.36 45.83
C TYR Z 1125 -89.86 1.51 46.10
N THR Z 1126 -90.07 1.17 47.37
CA THR Z 1126 -91.18 0.31 47.78
C THR Z 1126 -92.08 0.98 48.81
N ALA Z 1127 -92.00 2.30 48.94
CA ALA Z 1127 -92.81 3.03 49.88
C ALA Z 1127 -93.00 4.46 49.39
N VAL Z 1128 -94.21 4.96 49.51
CA VAL Z 1128 -94.55 6.30 49.04
C VAL Z 1128 -95.32 7.03 50.14
N CYS Z 1129 -94.93 8.29 50.38
CA CYS Z 1129 -95.60 9.13 51.36
C CYS Z 1129 -96.22 10.33 50.67
N ALA Z 1130 -97.29 10.86 51.28
CA ALA Z 1130 -97.99 12.00 50.73
C ALA Z 1130 -98.75 12.70 51.84
N THR Z 1131 -98.76 14.04 51.80
CA THR Z 1131 -99.48 14.84 52.77
C THR Z 1131 -100.91 15.02 52.30
N ALA Z 1132 -101.85 14.34 52.94
CA ALA Z 1132 -103.23 14.31 52.45
C ALA Z 1132 -104.02 15.55 52.89
N ALA Z 1133 -104.17 15.73 54.20
CA ALA Z 1133 -105.03 16.78 54.75
C ALA Z 1133 -104.20 17.76 55.57
N LEU Z 1134 -104.88 18.81 56.03
CA LEU Z 1134 -104.25 19.89 56.78
C LEU Z 1134 -104.99 20.09 58.09
N ARG Z 1135 -104.25 20.12 59.19
CA ARG Z 1135 -104.80 20.39 60.51
C ARG Z 1135 -104.63 21.87 60.84
N CYS Z 1136 -104.90 22.22 62.09
CA CYS Z 1136 -104.84 23.62 62.48
C CYS Z 1136 -103.40 24.14 62.36
N PRO Z 1137 -103.23 25.39 61.96
CA PRO Z 1137 -101.87 25.98 61.94
C PRO Z 1137 -101.31 26.08 63.35
N LEU Z 1138 -99.98 26.00 63.43
CA LEU Z 1138 -99.30 26.07 64.72
C LEU Z 1138 -98.73 27.46 64.96
N THR Z 1139 -97.90 27.96 64.05
CA THR Z 1139 -97.33 29.28 64.20
C THR Z 1139 -98.34 30.35 63.81
N ASP Z 1140 -97.97 31.60 64.07
CA ASP Z 1140 -98.82 32.74 63.77
C ASP Z 1140 -98.19 33.58 62.68
N MET Z 1141 -99.03 34.13 61.81
CA MET Z 1141 -98.55 34.99 60.72
C MET Z 1141 -98.61 36.46 61.15
N GLY Z 1142 -97.92 36.74 62.26
CA GLY Z 1142 -97.89 38.07 62.83
C GLY Z 1142 -96.88 38.97 62.14
N ASN Z 1143 -96.65 40.13 62.76
CA ASN Z 1143 -95.68 41.10 62.29
C ASN Z 1143 -94.68 41.35 63.41
N THR Z 1144 -93.65 40.51 63.46
CA THR Z 1144 -92.61 40.60 64.48
C THR Z 1144 -91.27 40.79 63.80
N ALA Z 1145 -90.71 41.98 63.91
CA ALA Z 1145 -89.43 42.28 63.27
C ALA Z 1145 -88.31 41.54 63.99
N GLN Z 1146 -87.19 41.40 63.28
CA GLN Z 1146 -86.00 40.76 63.83
C GLN Z 1146 -85.06 41.83 64.37
N ASN Z 1147 -84.68 41.71 65.63
CA ASN Z 1147 -83.77 42.66 66.28
C ASN Z 1147 -82.34 42.16 66.12
N LEU Z 1148 -81.53 42.91 65.39
CA LEU Z 1148 -80.15 42.52 65.14
C LEU Z 1148 -79.21 42.94 66.27
N PHE Z 1149 -79.76 43.37 67.41
CA PHE Z 1149 -78.96 43.73 68.56
C PHE Z 1149 -78.70 42.54 69.49
N PHE Z 1150 -78.97 41.33 69.03
CA PHE Z 1150 -78.71 40.12 69.81
C PHE Z 1150 -77.38 39.49 69.47
N SER Z 1151 -76.55 40.16 68.69
CA SER Z 1151 -75.26 39.61 68.27
C SER Z 1151 -74.15 40.61 68.58
N ARG Z 1152 -72.93 40.08 68.65
CA ARG Z 1152 -71.76 40.89 68.93
C ARG Z 1152 -70.62 40.43 68.04
N GLY Z 1153 -69.68 41.35 67.78
CA GLY Z 1153 -68.54 41.03 66.95
C GLY Z 1153 -68.22 42.11 65.93
N GLY Z 1154 -69.23 42.87 65.52
CA GLY Z 1154 -69.02 43.93 64.56
C GLY Z 1154 -68.32 45.13 65.17
N VAL Z 1155 -67.74 45.95 64.29
CA VAL Z 1155 -67.03 47.16 64.71
C VAL Z 1155 -68.04 48.16 65.24
N PRO Z 1156 -67.95 48.53 66.51
CA PRO Z 1156 -68.92 49.46 67.11
C PRO Z 1156 -68.55 50.91 66.80
N MET Z 1157 -69.47 51.80 67.16
CA MET Z 1157 -69.23 53.23 66.99
C MET Z 1157 -68.18 53.72 67.98
N LEU Z 1158 -67.54 54.83 67.65
CA LEU Z 1158 -66.52 55.38 68.52
C LEU Z 1158 -67.09 56.00 69.78
N HIS Z 1159 -68.39 56.29 69.80
CA HIS Z 1159 -69.05 56.88 70.96
C HIS Z 1159 -70.03 55.89 71.55
N ASP Z 1160 -69.95 55.68 72.86
CA ASP Z 1160 -70.82 54.72 73.52
C ASP Z 1160 -72.25 55.23 73.66
N ASN Z 1161 -72.41 56.53 73.93
CA ASN Z 1161 -73.75 57.09 74.05
C ASN Z 1161 -74.53 56.93 72.75
N VAL Z 1162 -73.85 57.02 71.60
CA VAL Z 1162 -74.52 56.87 70.32
C VAL Z 1162 -75.19 55.50 70.23
N THR Z 1163 -74.40 54.43 70.40
CA THR Z 1163 -74.96 53.09 70.29
C THR Z 1163 -75.93 52.78 71.43
N GLU Z 1164 -75.74 53.38 72.61
CA GLU Z 1164 -76.69 53.16 73.69
C GLU Z 1164 -78.05 53.74 73.36
N SER Z 1165 -78.08 55.00 72.91
CA SER Z 1165 -79.34 55.60 72.49
C SER Z 1165 -79.93 54.88 71.29
N LEU Z 1166 -79.08 54.37 70.40
CA LEU Z 1166 -79.57 53.61 69.25
C LEU Z 1166 -80.31 52.36 69.72
N ARG Z 1167 -79.69 51.59 70.62
CA ARG Z 1167 -80.36 50.40 71.14
C ARG Z 1167 -81.62 50.76 71.90
N ARG Z 1168 -81.60 51.85 72.67
CA ARG Z 1168 -82.79 52.26 73.39
C ARG Z 1168 -83.94 52.57 72.43
N ILE Z 1169 -83.65 53.30 71.35
CA ILE Z 1169 -84.70 53.69 70.42
C ILE Z 1169 -85.22 52.49 69.68
N THR Z 1170 -84.33 51.59 69.23
CA THR Z 1170 -84.83 50.42 68.50
C THR Z 1170 -85.57 49.46 69.42
N ALA Z 1171 -85.23 49.46 70.72
CA ALA Z 1171 -86.03 48.70 71.67
C ALA Z 1171 -87.41 49.31 71.83
N SER Z 1172 -87.48 50.64 71.86
CA SER Z 1172 -88.77 51.31 71.83
C SER Z 1172 -89.50 51.02 70.52
N GLY Z 1173 -90.79 50.73 70.63
CA GLY Z 1173 -91.57 50.40 69.46
C GLY Z 1173 -91.36 48.99 68.94
N GLY Z 1174 -91.18 48.02 69.84
CA GLY Z 1174 -91.00 46.64 69.45
C GLY Z 1174 -91.57 45.71 70.50
N ARG Z 1175 -91.43 44.42 70.24
CA ARG Z 1175 -91.92 43.38 71.14
C ARG Z 1175 -90.79 42.64 71.83
N LEU Z 1176 -89.86 42.06 71.06
CA LEU Z 1176 -88.71 41.37 71.64
C LEU Z 1176 -87.53 42.33 71.71
N ASN Z 1177 -86.88 42.37 72.86
CA ASN Z 1177 -85.74 43.24 73.09
C ASN Z 1177 -84.84 42.57 74.11
N PRO Z 1178 -83.52 42.79 74.03
CA PRO Z 1178 -82.62 42.27 75.06
C PRO Z 1178 -82.91 42.94 76.41
N THR Z 1179 -82.59 42.22 77.48
CA THR Z 1179 -82.80 42.75 78.82
C THR Z 1179 -81.92 43.97 79.04
N GLU Z 1180 -82.35 44.82 79.99
CA GLU Z 1180 -81.66 46.08 80.22
C GLU Z 1180 -80.26 45.93 80.79
N PRO Z 1181 -80.02 45.10 81.81
CA PRO Z 1181 -78.65 45.03 82.37
C PRO Z 1181 -77.59 44.61 81.37
N LEU Z 1182 -77.96 43.94 80.28
CA LEU Z 1182 -77.03 43.45 79.27
C LEU Z 1182 -75.93 42.64 79.93
N PRO Z 1183 -76.23 41.44 80.42
CA PRO Z 1183 -75.23 40.68 81.19
C PRO Z 1183 -74.07 40.25 80.30
N ILE Z 1184 -72.86 40.63 80.71
CA ILE Z 1184 -71.66 40.16 80.02
C ILE Z 1184 -71.54 38.66 80.21
N PHE Z 1185 -71.02 37.98 79.18
CA PHE Z 1185 -70.92 36.52 79.17
C PHE Z 1185 -72.28 35.87 79.45
N GLY Z 1186 -73.22 36.14 78.54
CA GLY Z 1186 -74.55 35.62 78.68
C GLY Z 1186 -75.17 35.19 77.36
N GLY Z 1187 -76.43 34.77 77.41
CA GLY Z 1187 -77.11 34.29 76.21
C GLY Z 1187 -77.92 35.36 75.51
N LEU Z 1188 -78.19 36.46 76.22
CA LEU Z 1188 -78.96 37.59 75.69
C LEU Z 1188 -80.34 37.13 75.20
N ARG Z 1189 -81.11 36.59 76.15
CA ARG Z 1189 -82.45 36.13 75.82
C ARG Z 1189 -83.49 37.17 76.23
N PRO Z 1190 -84.58 37.29 75.47
CA PRO Z 1190 -85.61 38.26 75.84
C PRO Z 1190 -86.39 37.82 77.06
N ALA Z 1191 -87.04 38.79 77.70
CA ALA Z 1191 -87.81 38.50 78.90
C ALA Z 1191 -89.10 37.78 78.55
N THR Z 1192 -89.48 36.83 79.39
CA THR Z 1192 -90.70 36.06 79.14
C THR Z 1192 -91.93 36.90 79.42
N SER Z 1193 -92.89 36.85 78.50
CA SER Z 1193 -94.11 37.64 78.61
C SER Z 1193 -95.20 36.82 79.30
N ALA Z 1194 -96.44 37.31 79.25
CA ALA Z 1194 -97.58 36.63 79.84
C ALA Z 1194 -98.04 35.50 78.91
N GLY Z 1195 -99.23 34.97 79.18
CA GLY Z 1195 -99.74 33.86 78.40
C GLY Z 1195 -99.82 34.16 76.91
N ILE Z 1196 -99.82 33.09 76.13
CA ILE Z 1196 -99.83 33.20 74.68
C ILE Z 1196 -101.25 33.48 74.20
N ALA Z 1197 -101.37 34.19 73.08
CA ALA Z 1197 -102.68 34.60 72.59
C ALA Z 1197 -103.25 33.62 71.57
N ARG Z 1198 -102.56 33.45 70.42
CA ARG Z 1198 -103.12 32.64 69.36
C ARG Z 1198 -102.08 31.78 68.64
N GLY Z 1199 -100.97 31.46 69.29
CA GLY Z 1199 -99.96 30.59 68.71
C GLY Z 1199 -98.59 31.24 68.77
N GLN Z 1200 -97.59 30.47 68.31
CA GLN Z 1200 -96.22 30.94 68.34
C GLN Z 1200 -95.99 32.00 67.26
N ALA Z 1201 -95.44 33.14 67.67
CA ALA Z 1201 -95.14 34.20 66.73
C ALA Z 1201 -93.94 33.83 65.87
N SER Z 1202 -93.92 34.39 64.65
CA SER Z 1202 -92.85 34.15 63.70
C SER Z 1202 -92.17 35.47 63.36
N VAL Z 1203 -90.85 35.43 63.26
CA VAL Z 1203 -90.08 36.64 62.97
C VAL Z 1203 -90.11 36.92 61.47
N CYS Z 1204 -89.75 38.16 61.12
CA CYS Z 1204 -89.70 38.60 59.73
C CYS Z 1204 -88.36 39.26 59.48
N GLU Z 1205 -87.67 38.82 58.42
CA GLU Z 1205 -86.38 39.37 58.03
C GLU Z 1205 -86.57 40.32 56.87
N PHE Z 1206 -85.84 41.43 56.89
CA PHE Z 1206 -85.96 42.46 55.88
C PHE Z 1206 -84.70 42.52 55.03
N VAL Z 1207 -84.87 42.73 53.73
CA VAL Z 1207 -83.77 42.81 52.78
C VAL Z 1207 -83.94 44.08 51.96
N ALA Z 1208 -82.86 44.85 51.81
CA ALA Z 1208 -82.92 46.09 51.04
C ALA Z 1208 -82.97 45.79 49.55
N MET Z 1209 -83.51 46.74 48.79
CA MET Z 1209 -83.64 46.63 47.35
C MET Z 1209 -83.90 48.01 46.78
N PRO Z 1210 -83.55 48.26 45.53
CA PRO Z 1210 -83.84 49.57 44.92
C PRO Z 1210 -85.33 49.86 44.92
N VAL Z 1211 -85.66 51.14 44.76
CA VAL Z 1211 -87.05 51.57 44.88
C VAL Z 1211 -87.85 51.13 43.66
N SER Z 1212 -87.31 51.35 42.46
CA SER Z 1212 -88.03 51.04 41.23
C SER Z 1212 -87.59 49.68 40.72
N THR Z 1213 -88.10 48.64 41.35
CA THR Z 1213 -87.84 47.27 40.95
C THR Z 1213 -89.07 46.66 40.30
N ASP Z 1214 -88.85 45.64 39.50
CA ASP Z 1214 -89.94 44.91 38.84
C ASP Z 1214 -90.93 44.39 39.86
N LEU Z 1215 -92.18 44.82 39.74
CA LEU Z 1215 -93.23 44.33 40.62
C LEU Z 1215 -93.86 43.05 40.11
N GLN Z 1216 -93.88 42.84 38.80
CA GLN Z 1216 -94.41 41.60 38.25
C GLN Z 1216 -93.61 40.39 38.69
N TYR Z 1217 -92.35 40.59 39.07
CA TYR Z 1217 -91.53 39.49 39.58
C TYR Z 1217 -92.07 38.95 40.90
N PHE Z 1218 -92.77 39.77 41.68
CA PHE Z 1218 -93.31 39.35 42.97
C PHE Z 1218 -94.72 38.80 42.85
N ARG Z 1219 -95.18 38.49 41.65
CA ARG Z 1219 -96.52 37.95 41.46
C ARG Z 1219 -96.54 36.45 41.25
N THR Z 1220 -95.37 35.83 41.10
CA THR Z 1220 -95.24 34.39 40.95
C THR Z 1220 -94.31 33.90 42.04
N ALA Z 1221 -93.92 32.63 41.95
CA ALA Z 1221 -92.90 32.11 42.86
C ALA Z 1221 -91.61 32.83 42.56
N CYS Z 1222 -91.13 33.63 43.52
CA CYS Z 1222 -89.94 34.44 43.33
C CYS Z 1222 -88.91 34.17 44.41
N ASN Z 1223 -87.65 34.18 44.00
CA ASN Z 1223 -86.55 33.88 44.91
C ASN Z 1223 -86.12 35.14 45.65
N PRO Z 1224 -85.89 35.07 46.96
CA PRO Z 1224 -85.56 36.29 47.71
C PRO Z 1224 -84.14 36.77 47.48
N ARG Z 1225 -83.22 35.91 47.03
CA ARG Z 1225 -81.85 36.35 46.82
C ARG Z 1225 -81.74 37.36 45.70
N GLY Z 1226 -82.70 37.34 44.76
CA GLY Z 1226 -82.66 38.18 43.59
C GLY Z 1226 -82.18 37.48 42.34
N ARG Z 1227 -81.58 36.29 42.49
CA ARG Z 1227 -81.10 35.50 41.37
C ARG Z 1227 -81.35 34.03 41.70
N ALA Z 1228 -81.76 33.27 40.69
CA ALA Z 1228 -81.99 31.83 40.88
C ALA Z 1228 -80.67 31.10 41.07
N SER Z 1229 -80.67 30.12 41.96
CA SER Z 1229 -79.49 29.31 42.24
C SER Z 1229 -79.93 27.87 42.47
N GLY Z 1230 -79.02 27.07 42.99
CA GLY Z 1230 -79.27 25.68 43.29
C GLY Z 1230 -78.40 24.75 42.47
N MET Z 1231 -78.40 23.49 42.88
CA MET Z 1231 -77.67 22.43 42.20
C MET Z 1231 -78.48 21.78 41.09
N LEU Z 1232 -79.71 22.23 40.87
CA LEU Z 1232 -80.58 21.63 39.86
C LEU Z 1232 -80.26 22.09 38.45
N TYR Z 1233 -79.22 22.89 38.26
CA TYR Z 1233 -78.80 23.38 36.94
C TYR Z 1233 -77.35 22.94 36.75
N MET Z 1234 -77.17 21.74 36.22
CA MET Z 1234 -75.86 21.12 36.10
C MET Z 1234 -75.86 20.25 34.85
N GLY Z 1235 -74.92 19.32 34.78
CA GLY Z 1235 -74.89 18.35 33.70
C GLY Z 1235 -73.51 18.01 33.19
N ASP Z 1236 -72.54 18.92 33.35
CA ASP Z 1236 -71.19 18.70 32.86
C ASP Z 1236 -70.16 18.65 33.99
N ARG Z 1237 -70.06 19.70 34.79
CA ARG Z 1237 -68.97 19.84 35.75
C ARG Z 1237 -69.51 20.03 37.16
N ASP Z 1238 -68.58 19.99 38.12
CA ASP Z 1238 -68.92 20.23 39.52
C ASP Z 1238 -68.70 21.67 39.95
N ALA Z 1239 -67.79 22.39 39.30
CA ALA Z 1239 -67.51 23.77 39.67
C ALA Z 1239 -68.47 24.74 38.98
N ASP Z 1240 -69.76 24.45 39.09
CA ASP Z 1240 -70.80 25.31 38.56
C ASP Z 1240 -71.75 25.86 39.62
N ILE Z 1241 -71.82 25.22 40.79
CA ILE Z 1241 -72.66 25.72 41.86
C ILE Z 1241 -72.13 27.08 42.34
N GLU Z 1242 -70.82 27.20 42.52
CA GLU Z 1242 -70.24 28.50 42.83
C GLU Z 1242 -70.39 29.47 41.67
N ALA Z 1243 -70.34 28.97 40.44
CA ALA Z 1243 -70.48 29.84 39.28
C ALA Z 1243 -71.84 30.52 39.28
N ILE Z 1244 -72.91 29.74 39.19
CA ILE Z 1244 -74.22 30.37 39.33
C ILE Z 1244 -74.61 30.36 40.79
N MET Z 1245 -73.92 31.18 41.57
CA MET Z 1245 -74.43 31.79 42.79
C MET Z 1245 -73.97 33.23 42.96
N PHE Z 1246 -72.85 33.61 42.34
CA PHE Z 1246 -72.37 34.98 42.36
C PHE Z 1246 -71.83 35.48 41.04
N ASP Z 1247 -71.47 34.60 40.09
CA ASP Z 1247 -70.86 35.06 38.85
C ASP Z 1247 -71.82 35.92 38.06
N HIS Z 1248 -71.51 37.22 37.95
CA HIS Z 1248 -72.38 38.17 37.29
C HIS Z 1248 -71.92 38.52 35.88
N THR Z 1249 -70.91 37.81 35.36
CA THR Z 1249 -70.49 38.04 33.99
C THR Z 1249 -71.48 37.47 32.98
N GLN Z 1250 -72.30 36.50 33.39
CA GLN Z 1250 -73.32 35.92 32.54
C GLN Z 1250 -74.69 36.22 33.13
N SER Z 1251 -75.72 36.03 32.30
CA SER Z 1251 -77.07 36.37 32.72
C SER Z 1251 -77.60 35.36 33.72
N ASP Z 1252 -78.71 35.73 34.36
CA ASP Z 1252 -79.40 34.83 35.26
C ASP Z 1252 -79.93 33.61 34.50
N VAL Z 1253 -80.07 32.51 35.23
CA VAL Z 1253 -80.50 31.27 34.60
C VAL Z 1253 -82.01 31.31 34.31
N ALA Z 1254 -82.78 31.86 35.24
CA ALA Z 1254 -84.23 31.89 35.07
C ALA Z 1254 -84.63 32.97 34.06
N TYR Z 1255 -84.29 34.22 34.35
CA TYR Z 1255 -84.55 35.34 33.45
C TYR Z 1255 -83.26 35.61 32.69
N THR Z 1256 -83.17 35.08 31.48
CA THR Z 1256 -81.94 35.18 30.71
C THR Z 1256 -81.86 36.50 29.96
N ASP Z 1257 -82.07 37.61 30.66
CA ASP Z 1257 -81.83 38.94 30.09
C ASP Z 1257 -81.20 39.90 31.07
N ARG Z 1258 -80.85 39.46 32.27
CA ARG Z 1258 -80.32 40.34 33.29
C ARG Z 1258 -79.50 39.51 34.27
N ALA Z 1259 -78.56 40.18 34.94
CA ALA Z 1259 -77.70 39.50 35.89
C ALA Z 1259 -78.45 39.13 37.17
N THR Z 1260 -79.00 40.13 37.85
CA THR Z 1260 -79.76 39.91 39.07
C THR Z 1260 -80.83 40.97 39.19
N LEU Z 1261 -81.77 40.74 40.10
CA LEU Z 1261 -82.81 41.75 40.33
C LEU Z 1261 -82.29 42.92 41.13
N ASN Z 1262 -81.82 42.66 42.35
CA ASN Z 1262 -81.23 43.70 43.18
C ASN Z 1262 -79.73 43.47 43.30
N PRO Z 1263 -78.90 44.43 42.89
CA PRO Z 1263 -77.45 44.28 43.03
C PRO Z 1263 -76.93 44.51 44.43
N TRP Z 1264 -77.78 44.54 45.45
CA TRP Z 1264 -77.34 44.76 46.81
C TRP Z 1264 -77.39 43.52 47.69
N ALA Z 1265 -77.98 42.42 47.21
CA ALA Z 1265 -78.09 41.22 48.02
C ALA Z 1265 -77.84 39.96 47.20
N SER Z 1266 -77.01 40.05 46.17
CA SER Z 1266 -76.76 38.90 45.30
C SER Z 1266 -75.30 38.70 44.91
N GLN Z 1267 -74.39 39.58 45.31
CA GLN Z 1267 -73.00 39.44 44.90
C GLN Z 1267 -72.23 38.59 45.90
N LYS Z 1268 -70.91 38.53 45.69
CA LYS Z 1268 -70.07 37.72 46.57
C LYS Z 1268 -69.98 38.32 47.96
N HIS Z 1269 -69.89 39.64 48.06
CA HIS Z 1269 -69.78 40.33 49.34
C HIS Z 1269 -70.70 41.54 49.37
N SER Z 1270 -71.92 41.37 48.87
CA SER Z 1270 -72.91 42.43 48.92
C SER Z 1270 -73.39 42.63 50.36
N TYR Z 1271 -74.25 43.62 50.55
CA TYR Z 1271 -74.74 43.92 51.89
C TYR Z 1271 -75.54 42.77 52.46
N GLY Z 1272 -76.52 42.27 51.70
CA GLY Z 1272 -77.34 41.17 52.18
C GLY Z 1272 -76.55 39.90 52.39
N ASP Z 1273 -75.57 39.63 51.53
CA ASP Z 1273 -74.74 38.44 51.69
C ASP Z 1273 -73.87 38.55 52.92
N ARG Z 1274 -73.27 39.73 53.16
CA ARG Z 1274 -72.44 39.92 54.33
C ARG Z 1274 -73.27 39.89 55.61
N LEU Z 1275 -74.54 40.28 55.53
CA LEU Z 1275 -75.39 40.26 56.72
C LEU Z 1275 -75.59 38.84 57.23
N TYR Z 1276 -75.88 37.91 56.33
CA TYR Z 1276 -76.10 36.51 56.70
C TYR Z 1276 -75.61 35.62 55.58
N ASN Z 1277 -74.70 34.71 55.90
CA ASN Z 1277 -74.22 33.72 54.94
C ASN Z 1277 -74.16 32.31 55.50
N GLY Z 1278 -74.08 32.13 56.81
CA GLY Z 1278 -73.77 30.84 57.39
C GLY Z 1278 -72.30 30.54 57.49
N THR Z 1279 -71.46 31.26 56.73
CA THR Z 1279 -70.02 31.10 56.79
C THR Z 1279 -69.32 32.30 57.39
N TYR Z 1280 -70.01 33.42 57.55
CA TYR Z 1280 -69.41 34.61 58.16
C TYR Z 1280 -69.67 34.71 59.65
N ASN Z 1281 -70.71 34.06 60.15
CA ASN Z 1281 -71.03 34.01 61.58
C ASN Z 1281 -71.22 35.41 62.16
N LEU Z 1282 -72.21 36.11 61.63
CA LEU Z 1282 -72.58 37.41 62.17
C LEU Z 1282 -73.58 37.29 63.31
N THR Z 1283 -74.50 36.33 63.23
CA THR Z 1283 -75.53 36.13 64.24
C THR Z 1283 -75.35 34.80 64.96
N GLY Z 1284 -74.10 34.44 65.26
CA GLY Z 1284 -73.84 33.18 65.96
C GLY Z 1284 -74.39 33.17 67.36
N ALA Z 1285 -74.29 34.29 68.07
CA ALA Z 1285 -74.77 34.39 69.45
C ALA Z 1285 -76.25 34.72 69.54
N SER Z 1286 -76.91 34.99 68.42
CA SER Z 1286 -78.32 35.34 68.45
C SER Z 1286 -79.17 34.09 68.65
N PRO Z 1287 -80.05 34.05 69.66
CA PRO Z 1287 -80.92 32.87 69.84
C PRO Z 1287 -82.14 32.88 68.95
N ILE Z 1288 -82.39 33.94 68.20
CA ILE Z 1288 -83.57 34.03 67.36
C ILE Z 1288 -83.31 33.33 66.04
N TYR Z 1289 -84.35 32.66 65.52
CA TYR Z 1289 -84.25 31.98 64.25
C TYR Z 1289 -84.36 32.98 63.10
N SER Z 1290 -83.67 32.67 62.01
CA SER Z 1290 -83.67 33.52 60.81
C SER Z 1290 -84.10 32.69 59.62
N PRO Z 1291 -85.26 32.95 59.02
CA PRO Z 1291 -85.71 32.13 57.89
C PRO Z 1291 -84.94 32.38 56.61
N CYS Z 1292 -84.33 33.55 56.45
CA CYS Z 1292 -83.58 33.88 55.25
C CYS Z 1292 -82.20 33.23 55.22
N PHE Z 1293 -81.84 32.44 56.22
CA PHE Z 1293 -80.52 31.83 56.25
C PHE Z 1293 -80.37 30.75 55.20
N LYS Z 1294 -81.43 29.96 54.99
CA LYS Z 1294 -81.35 28.83 54.06
C LYS Z 1294 -81.26 29.27 52.60
N PHE Z 1295 -81.45 30.55 52.30
CA PHE Z 1295 -81.39 31.04 50.94
C PHE Z 1295 -80.03 31.64 50.57
N PHE Z 1296 -79.19 31.93 51.56
CA PHE Z 1296 -77.90 32.57 51.31
C PHE Z 1296 -76.73 31.64 51.60
N THR Z 1297 -76.98 30.41 51.95
CA THR Z 1297 -75.91 29.46 52.24
C THR Z 1297 -75.55 28.69 50.97
N PRO Z 1298 -74.27 28.54 50.66
CA PRO Z 1298 -73.88 27.82 49.42
C PRO Z 1298 -74.43 26.41 49.34
N ALA Z 1299 -74.65 25.74 50.47
CA ALA Z 1299 -75.27 24.41 50.52
C ALA Z 1299 -74.46 23.42 49.67
N GLU Z 1300 -73.25 23.16 50.14
CA GLU Z 1300 -72.32 22.29 49.44
C GLU Z 1300 -72.95 20.93 49.15
N VAL Z 1301 -72.68 20.41 47.95
CA VAL Z 1301 -73.12 19.09 47.53
C VAL Z 1301 -72.02 18.47 46.70
N ASN Z 1302 -71.91 17.15 46.76
CA ASN Z 1302 -70.88 16.41 46.03
C ASN Z 1302 -71.50 15.74 44.81
N THR Z 1303 -70.74 15.71 43.72
CA THR Z 1303 -71.19 15.10 42.48
C THR Z 1303 -70.94 13.60 42.55
N ASN Z 1304 -71.99 12.82 42.77
CA ASN Z 1304 -71.87 11.37 42.86
C ASN Z 1304 -72.87 10.69 41.94
N CYS Z 1305 -74.01 11.33 41.71
CA CYS Z 1305 -75.07 10.76 40.90
C CYS Z 1305 -75.64 11.84 39.99
N ASN Z 1306 -76.56 11.44 39.12
CA ASN Z 1306 -77.30 12.39 38.32
C ASN Z 1306 -78.21 13.24 39.22
N THR Z 1307 -78.65 14.38 38.70
CA THR Z 1307 -79.46 15.29 39.49
C THR Z 1307 -80.80 14.68 39.90
N LEU Z 1308 -81.30 13.69 39.14
CA LEU Z 1308 -82.65 13.18 39.39
C LEU Z 1308 -82.74 12.51 40.75
N ASP Z 1309 -81.98 11.44 40.97
CA ASP Z 1309 -82.05 10.72 42.23
C ASP Z 1309 -81.54 11.57 43.38
N ARG Z 1310 -80.64 12.51 43.12
CA ARG Z 1310 -80.22 13.43 44.16
C ARG Z 1310 -81.40 14.29 44.63
N LEU Z 1311 -82.17 14.83 43.68
CA LEU Z 1311 -83.39 15.53 44.03
C LEU Z 1311 -84.33 14.64 44.81
N LEU Z 1312 -84.59 13.43 44.31
CA LEU Z 1312 -85.47 12.50 44.99
C LEU Z 1312 -85.01 12.14 46.39
N MET Z 1313 -83.70 12.20 46.65
CA MET Z 1313 -83.15 11.89 47.97
C MET Z 1313 -83.14 13.08 48.91
N GLU Z 1314 -83.07 14.31 48.38
CA GLU Z 1314 -83.07 15.47 49.26
C GLU Z 1314 -84.34 15.56 50.09
N ALA Z 1315 -85.47 15.15 49.51
CA ALA Z 1315 -86.76 15.23 50.18
C ALA Z 1315 -86.96 14.00 51.05
N LYS Z 1316 -86.51 14.08 52.31
CA LYS Z 1316 -86.63 12.97 53.23
C LYS Z 1316 -87.00 13.43 54.64
N ALA Z 1317 -87.75 14.51 54.75
CA ALA Z 1317 -88.23 15.04 56.03
C ALA Z 1317 -87.06 15.35 56.96
N VAL Z 1318 -86.27 16.34 56.55
CA VAL Z 1318 -85.08 16.76 57.27
C VAL Z 1318 -85.45 17.34 58.64
N ALA Z 1319 -84.44 17.53 59.49
CA ALA Z 1319 -84.66 17.99 60.86
C ALA Z 1319 -85.31 19.38 60.88
N SER Z 1320 -85.98 19.66 62.00
CA SER Z 1320 -86.60 20.96 62.21
C SER Z 1320 -85.52 22.01 62.48
N GLN Z 1321 -85.94 23.28 62.41
CA GLN Z 1321 -85.02 24.39 62.64
C GLN Z 1321 -85.64 25.45 63.55
N SER Z 1322 -86.46 25.02 64.52
CA SER Z 1322 -87.11 25.95 65.43
C SER Z 1322 -87.50 25.17 66.68
N SER Z 1323 -88.32 25.80 67.52
CA SER Z 1323 -88.81 25.19 68.75
C SER Z 1323 -90.32 25.16 68.73
N THR Z 1324 -90.89 24.24 69.51
CA THR Z 1324 -92.33 24.06 69.59
C THR Z 1324 -92.88 24.33 70.98
N ASP Z 1325 -92.12 25.02 71.82
CA ASP Z 1325 -92.58 25.37 73.16
C ASP Z 1325 -92.60 26.86 73.42
N THR Z 1326 -91.59 27.60 72.96
CA THR Z 1326 -91.55 29.03 73.17
C THR Z 1326 -92.53 29.73 72.24
N GLU Z 1327 -92.56 31.05 72.30
CA GLU Z 1327 -93.44 31.85 71.47
C GLU Z 1327 -92.67 32.82 70.56
N TYR Z 1328 -91.34 32.74 70.56
CA TYR Z 1328 -90.52 33.63 69.76
C TYR Z 1328 -89.76 32.90 68.67
N GLN Z 1329 -89.98 31.60 68.50
CA GLN Z 1329 -89.35 30.80 67.45
C GLN Z 1329 -87.83 30.88 67.56
N PHE Z 1330 -87.32 30.36 68.67
CA PHE Z 1330 -85.88 30.35 68.91
C PHE Z 1330 -85.20 29.36 67.96
N LYS Z 1331 -83.88 29.27 68.08
CA LYS Z 1331 -83.13 28.31 67.30
C LYS Z 1331 -83.49 26.88 67.70
N ARG Z 1332 -83.04 25.93 66.90
CA ARG Z 1332 -83.32 24.52 67.17
C ARG Z 1332 -82.60 24.10 68.45
N PRO Z 1333 -83.29 23.53 69.43
CA PRO Z 1333 -82.64 23.10 70.66
C PRO Z 1333 -81.71 21.93 70.41
N PRO Z 1334 -80.50 21.95 70.95
CA PRO Z 1334 -79.56 20.83 70.75
C PRO Z 1334 -80.05 19.59 71.47
N GLY Z 1335 -80.25 18.52 70.71
CA GLY Z 1335 -80.72 17.25 71.25
C GLY Z 1335 -82.15 16.92 70.89
N SER Z 1336 -82.95 17.91 70.50
CA SER Z 1336 -84.33 17.65 70.10
C SER Z 1336 -84.35 16.94 68.76
N THR Z 1337 -85.13 15.85 68.68
CA THR Z 1337 -85.22 15.03 67.48
C THR Z 1337 -86.68 15.00 67.03
N GLU Z 1338 -87.04 15.92 66.14
CA GLU Z 1338 -88.36 15.93 65.53
C GLU Z 1338 -88.20 16.17 64.04
N MET Z 1339 -88.93 15.41 63.23
CA MET Z 1339 -88.78 15.46 61.79
C MET Z 1339 -89.94 16.23 61.18
N THR Z 1340 -89.64 17.14 60.26
CA THR Z 1340 -90.65 17.92 59.56
C THR Z 1340 -90.35 17.94 58.07
N GLN Z 1341 -91.42 17.95 57.27
CA GLN Z 1341 -91.26 18.02 55.82
C GLN Z 1341 -90.93 19.44 55.40
N ASP Z 1342 -89.92 19.58 54.54
CA ASP Z 1342 -89.43 20.88 54.10
C ASP Z 1342 -89.59 21.00 52.59
N PRO Z 1343 -90.76 21.39 52.10
CA PRO Z 1343 -90.89 21.77 50.69
C PRO Z 1343 -90.35 23.16 50.47
N CYS Z 1344 -90.17 23.50 49.19
CA CYS Z 1344 -89.70 24.83 48.74
C CYS Z 1344 -88.40 25.25 49.43
N GLY Z 1345 -87.67 24.29 50.00
CA GLY Z 1345 -86.38 24.57 50.57
C GLY Z 1345 -85.29 23.94 49.71
N LEU Z 1346 -85.63 22.80 49.13
CA LEU Z 1346 -84.77 22.17 48.12
C LEU Z 1346 -84.95 22.80 46.75
N PHE Z 1347 -85.98 23.62 46.57
CA PHE Z 1347 -86.16 24.36 45.33
C PHE Z 1347 -85.67 25.80 45.43
N GLN Z 1348 -85.26 26.25 46.61
CA GLN Z 1348 -84.85 27.63 46.85
C GLN Z 1348 -85.93 28.59 46.33
N GLU Z 1349 -87.11 28.49 46.94
CA GLU Z 1349 -88.27 29.17 46.41
C GLU Z 1349 -89.26 29.54 47.51
N ALA Z 1350 -90.00 30.62 47.28
CA ALA Z 1350 -90.98 31.13 48.21
C ALA Z 1350 -92.24 31.53 47.47
N TYR Z 1351 -93.37 31.48 48.19
CA TYR Z 1351 -94.65 31.82 47.58
C TYR Z 1351 -95.18 33.14 48.13
N PRO Z 1352 -95.71 34.00 47.26
CA PRO Z 1352 -96.29 35.26 47.73
C PRO Z 1352 -97.73 35.09 48.16
N PRO Z 1353 -98.09 35.53 49.35
CA PRO Z 1353 -99.47 35.41 49.81
C PRO Z 1353 -100.32 36.59 49.34
N LEU Z 1354 -101.61 36.57 49.68
CA LEU Z 1354 -102.50 37.67 49.31
C LEU Z 1354 -102.15 38.90 50.14
N CYS Z 1355 -101.50 39.87 49.50
CA CYS Z 1355 -101.11 41.10 50.16
C CYS Z 1355 -101.52 42.28 49.29
N SER Z 1356 -101.55 43.47 49.91
CA SER Z 1356 -101.93 44.68 49.19
C SER Z 1356 -101.32 45.87 49.89
N SER Z 1357 -100.76 46.80 49.11
CA SER Z 1357 -100.20 48.01 49.68
C SER Z 1357 -101.27 48.89 50.31
N ASP Z 1358 -102.48 48.85 49.78
CA ASP Z 1358 -103.60 49.60 50.33
C ASP Z 1358 -104.60 48.65 50.95
N ALA Z 1359 -105.38 49.18 51.90
CA ALA Z 1359 -106.39 48.39 52.58
C ALA Z 1359 -107.77 48.55 51.98
N ALA Z 1360 -108.05 49.67 51.32
CA ALA Z 1360 -109.38 49.89 50.76
C ALA Z 1360 -109.64 48.96 49.58
N MET Z 1361 -108.65 48.75 48.74
CA MET Z 1361 -108.81 47.91 47.56
C MET Z 1361 -108.76 46.43 47.89
N LEU Z 1362 -108.68 46.06 49.17
CA LEU Z 1362 -108.56 44.66 49.54
C LEU Z 1362 -109.91 43.94 49.52
N ARG Z 1363 -110.98 44.62 49.91
CA ARG Z 1363 -112.30 44.01 50.02
C ARG Z 1363 -113.30 44.81 49.21
N THR Z 1364 -113.99 44.13 48.29
CA THR Z 1364 -115.01 44.79 47.50
C THR Z 1364 -116.27 45.01 48.34
N ALA Z 1365 -117.11 45.93 47.88
CA ALA Z 1365 -118.32 46.31 48.59
C ALA Z 1365 -119.50 45.49 48.09
N HIS Z 1366 -119.46 44.20 48.43
CA HIS Z 1366 -120.55 43.31 48.06
C HIS Z 1366 -120.91 42.31 49.16
N ALA Z 1367 -120.31 42.40 50.34
CA ALA Z 1367 -120.59 41.49 51.46
C ALA Z 1367 -120.40 40.03 51.05
N GLY Z 1368 -119.15 39.71 50.71
CA GLY Z 1368 -118.82 38.39 50.22
C GLY Z 1368 -117.35 38.23 49.89
N GLU Z 1369 -117.08 37.68 48.71
CA GLU Z 1369 -115.72 37.50 48.24
C GLU Z 1369 -114.95 38.82 48.23
N THR Z 1370 -113.63 38.70 48.16
CA THR Z 1370 -112.75 39.86 48.19
C THR Z 1370 -112.43 40.33 46.78
N GLY Z 1371 -111.97 41.58 46.68
CA GLY Z 1371 -111.55 42.14 45.42
C GLY Z 1371 -110.11 41.77 45.10
N ALA Z 1372 -109.82 41.65 43.81
CA ALA Z 1372 -108.51 41.22 43.34
C ALA Z 1372 -108.03 42.07 42.18
N ASP Z 1373 -108.20 43.38 42.30
CA ASP Z 1373 -107.63 44.28 41.32
C ASP Z 1373 -106.11 44.32 41.46
N GLU Z 1374 -105.45 44.70 40.37
CA GLU Z 1374 -103.98 44.69 40.35
C GLU Z 1374 -103.39 46.01 40.85
N VAL Z 1375 -103.72 47.11 40.18
CA VAL Z 1375 -103.21 48.43 40.53
C VAL Z 1375 -104.33 49.44 40.36
N HIS Z 1376 -104.49 50.32 41.35
CA HIS Z 1376 -105.55 51.34 41.28
C HIS Z 1376 -105.02 52.64 40.70
N LEU Z 1377 -104.13 53.32 41.43
CA LEU Z 1377 -103.43 54.48 40.92
C LEU Z 1377 -101.92 54.31 41.01
N ALA Z 1378 -101.40 54.05 42.20
CA ALA Z 1378 -99.98 53.78 42.41
C ALA Z 1378 -99.72 52.64 43.38
N GLN Z 1379 -100.72 52.17 44.10
CA GLN Z 1379 -100.57 51.05 45.03
C GLN Z 1379 -100.61 49.75 44.24
N TYR Z 1380 -100.77 48.63 44.94
CA TYR Z 1380 -100.82 47.34 44.27
C TYR Z 1380 -101.52 46.33 45.17
N LEU Z 1381 -101.93 45.22 44.56
CA LEU Z 1381 -102.58 44.13 45.29
C LEU Z 1381 -102.14 42.83 44.62
N ILE Z 1382 -101.24 42.11 45.27
CA ILE Z 1382 -100.71 40.87 44.70
C ILE Z 1382 -101.68 39.73 44.99
N ARG Z 1383 -102.13 39.06 43.94
CA ARG Z 1383 -103.05 37.94 44.11
C ARG Z 1383 -102.34 36.74 44.72
N ASP Z 1384 -103.08 35.96 45.50
CA ASP Z 1384 -102.50 34.80 46.16
C ASP Z 1384 -102.08 33.75 45.13
N ALA Z 1385 -100.89 33.19 45.32
CA ALA Z 1385 -100.39 32.12 44.48
C ALA Z 1385 -99.73 31.03 45.32
N SER Z 1386 -100.11 30.93 46.58
CA SER Z 1386 -99.55 29.98 47.51
C SER Z 1386 -100.37 28.70 47.52
N PRO Z 1387 -99.78 27.57 47.95
CA PRO Z 1387 -100.56 26.34 48.06
C PRO Z 1387 -101.72 26.44 49.05
N LEU Z 1388 -101.70 27.41 49.95
CA LEU Z 1388 -102.79 27.61 50.90
C LEU Z 1388 -103.79 28.60 50.33
N ARG Z 1389 -104.67 28.09 49.48
CA ARG Z 1389 -105.69 28.90 48.84
C ARG Z 1389 -107.10 28.59 49.29
N GLY Z 1390 -107.41 27.33 49.58
CA GLY Z 1390 -108.74 26.97 50.02
C GLY Z 1390 -108.82 26.73 51.52
N CYS Z 1391 -107.98 27.42 52.27
CA CYS Z 1391 -107.95 27.31 53.72
C CYS Z 1391 -107.78 28.72 54.28
N LEU Z 1392 -107.42 28.81 55.56
CA LEU Z 1392 -107.14 30.08 56.22
C LEU Z 1392 -108.32 31.03 56.09
N PRO Z 1393 -109.40 30.81 56.83
CA PRO Z 1393 -110.62 31.60 56.62
C PRO Z 1393 -110.39 33.09 56.76
N LEU Z 1394 -111.19 33.86 56.03
CA LEU Z 1394 -111.06 35.31 56.01
C LEU Z 1394 -112.16 35.99 56.81
N SER AA 7 -42.75 116.11 34.27
CA SER AA 7 -44.14 115.94 33.85
C SER AA 7 -44.50 114.46 33.73
N ARG AA 8 -45.78 114.19 33.52
CA ARG AA 8 -46.28 112.82 33.41
C ARG AA 8 -46.18 112.39 31.95
N VAL AA 9 -45.17 111.58 31.65
CA VAL AA 9 -44.96 111.05 30.30
C VAL AA 9 -44.89 109.53 30.43
N VAL AA 10 -45.99 108.85 30.09
CA VAL AA 10 -46.05 107.40 30.23
C VAL AA 10 -45.12 106.67 29.28
N PHE AA 11 -44.51 107.38 28.33
CA PHE AA 11 -43.54 106.75 27.45
C PHE AA 11 -42.33 106.26 28.23
N ASP AA 12 -41.61 107.17 28.87
CA ASP AA 12 -40.56 106.80 29.79
C ASP AA 12 -41.19 106.44 31.13
N PRO AA 13 -41.17 105.16 31.51
CA PRO AA 13 -41.89 104.75 32.73
C PRO AA 13 -41.40 105.42 33.99
N SER AA 14 -40.19 105.97 34.00
CA SER AA 14 -39.70 106.70 35.16
C SER AA 14 -40.39 108.05 35.33
N ASN AA 15 -41.04 108.55 34.28
CA ASN AA 15 -41.68 109.86 34.34
C ASN AA 15 -42.98 109.85 35.12
N PRO AA 16 -43.96 108.98 34.80
CA PRO AA 16 -45.25 109.06 35.48
C PRO AA 16 -45.13 108.65 36.94
N THR AA 17 -45.64 109.51 37.83
CA THR AA 17 -45.66 109.22 39.26
C THR AA 17 -46.79 110.00 39.88
N THR AA 18 -47.26 109.52 41.04
CA THR AA 18 -48.38 110.17 41.73
C THR AA 18 -48.04 111.60 42.13
N PHE AA 19 -46.76 111.97 42.14
CA PHE AA 19 -46.38 113.33 42.48
C PHE AA 19 -46.96 114.33 41.48
N SER AA 20 -47.00 113.96 40.20
CA SER AA 20 -47.53 114.83 39.18
C SER AA 20 -49.02 114.62 38.92
N VAL AA 21 -49.53 113.42 39.13
CA VAL AA 21 -50.92 113.13 38.83
C VAL AA 21 -51.86 113.97 39.70
N GLU AA 22 -51.46 114.25 40.94
CA GLU AA 22 -52.30 115.04 41.82
C GLU AA 22 -52.51 116.45 41.26
N ALA AA 23 -51.46 117.02 40.66
CA ALA AA 23 -51.60 118.32 40.03
C ALA AA 23 -52.51 118.26 38.81
N ILE AA 24 -52.49 117.13 38.09
CA ILE AA 24 -53.36 116.96 36.94
C ILE AA 24 -54.81 116.86 37.39
N ALA AA 25 -55.72 117.28 36.51
CA ALA AA 25 -57.14 117.30 36.83
C ALA AA 25 -57.74 115.90 36.73
N ALA AA 26 -59.07 115.82 36.71
CA ALA AA 26 -59.75 114.53 36.61
C ALA AA 26 -60.00 114.11 35.16
N TYR AA 27 -60.47 115.03 34.33
CA TYR AA 27 -60.79 114.70 32.94
C TYR AA 27 -59.59 114.73 32.01
N THR AA 28 -58.65 115.65 32.24
CA THR AA 28 -57.50 115.76 31.34
C THR AA 28 -56.64 114.51 31.29
N PRO AA 29 -56.36 113.77 32.38
CA PRO AA 29 -55.53 112.57 32.23
C PRO AA 29 -56.19 111.51 31.39
N VAL AA 30 -57.51 111.34 31.52
CA VAL AA 30 -58.23 110.40 30.66
C VAL AA 30 -58.03 110.80 29.20
N ALA AA 31 -58.15 112.08 28.91
CA ALA AA 31 -57.82 112.56 27.57
C ALA AA 31 -56.35 112.36 27.25
N LEU AA 32 -55.47 112.74 28.18
CA LEU AA 32 -54.03 112.63 27.95
C LEU AA 32 -53.64 111.24 27.50
N ILE AA 33 -54.09 110.21 28.23
CA ILE AA 33 -53.76 108.84 27.87
C ILE AA 33 -54.29 108.50 26.49
N ARG AA 34 -55.38 109.13 26.06
CA ARG AA 34 -55.98 108.80 24.78
C ARG AA 34 -55.06 109.21 23.62
N LEU AA 35 -54.59 110.45 23.61
CA LEU AA 35 -53.81 110.92 22.47
C LEU AA 35 -52.39 110.37 22.44
N LEU AA 36 -51.90 109.82 23.55
CA LEU AA 36 -50.55 109.26 23.55
C LEU AA 36 -50.50 108.02 22.67
N ASN AA 37 -49.41 107.90 21.91
CA ASN AA 37 -49.28 106.80 20.98
C ASN AA 37 -48.92 105.51 21.71
N ALA AA 38 -48.93 104.40 20.97
CA ALA AA 38 -48.61 103.12 21.56
C ALA AA 38 -47.10 102.89 21.69
N SER AA 39 -46.31 103.57 20.87
CA SER AA 39 -44.87 103.38 20.89
C SER AA 39 -44.28 103.83 22.22
N GLY AA 40 -43.79 102.87 22.99
CA GLY AA 40 -43.14 103.17 24.25
C GLY AA 40 -41.69 102.76 24.23
N PRO AA 41 -40.81 103.66 24.69
CA PRO AA 41 -39.38 103.34 24.70
C PRO AA 41 -39.09 102.18 25.64
N LEU AA 42 -38.68 101.05 25.05
CA LEU AA 42 -38.41 99.85 25.82
C LEU AA 42 -37.11 99.95 26.62
N GLN AA 43 -36.24 100.90 26.31
CA GLN AA 43 -35.00 101.04 27.06
C GLN AA 43 -35.26 101.54 28.49
N PRO AA 44 -36.00 102.62 28.72
CA PRO AA 44 -36.38 102.95 30.10
C PRO AA 44 -37.52 102.07 30.57
N GLY AA 45 -37.45 101.66 31.83
CA GLY AA 45 -38.46 100.79 32.40
C GLY AA 45 -38.24 100.50 33.86
N HIS AA 46 -39.32 100.41 34.62
CA HIS AA 46 -39.23 100.09 36.04
C HIS AA 46 -38.90 98.61 36.20
N ARG AA 47 -37.71 98.32 36.71
CA ARG AA 47 -37.35 96.96 37.09
C ARG AA 47 -37.95 96.59 38.44
N VAL AA 48 -38.96 97.36 38.88
CA VAL AA 48 -39.51 97.30 40.23
C VAL AA 48 -40.99 96.91 40.16
N ASP AA 49 -41.33 96.01 39.22
CA ASP AA 49 -42.71 95.56 39.03
C ASP AA 49 -43.59 96.72 38.55
N ILE AA 50 -43.39 97.07 37.28
CA ILE AA 50 -44.04 98.20 36.61
C ILE AA 50 -45.51 98.33 36.98
N ALA AA 51 -46.16 97.22 37.33
CA ALA AA 51 -47.51 97.30 37.87
C ALA AA 51 -47.55 98.10 39.16
N ASP AA 52 -46.40 98.30 39.82
CA ASP AA 52 -46.33 99.28 40.89
C ASP AA 52 -46.65 100.67 40.37
N ALA AA 53 -46.07 101.03 39.21
CA ALA AA 53 -46.45 102.27 38.56
C ALA AA 53 -47.92 102.26 38.16
N ARG AA 54 -48.45 101.09 37.78
CA ARG AA 54 -49.89 100.98 37.56
C ARG AA 54 -50.64 101.28 38.85
N SER AA 55 -50.21 100.69 39.97
CA SER AA 55 -50.80 101.05 41.25
C SER AA 55 -50.53 102.49 41.60
N ILE AA 56 -49.36 103.01 41.22
CA ILE AA 56 -49.09 104.43 41.38
C ILE AA 56 -50.09 105.25 40.58
N TYR AA 57 -50.43 104.77 39.38
CA TYR AA 57 -51.43 105.47 38.57
C TYR AA 57 -52.79 105.46 39.25
N THR AA 58 -53.11 104.37 39.97
CA THR AA 58 -54.40 104.29 40.63
C THR AA 58 -54.49 105.28 41.79
N VAL AA 59 -53.49 105.26 42.68
CA VAL AA 59 -53.52 106.15 43.83
C VAL AA 59 -53.44 107.61 43.38
N GLY AA 60 -52.80 107.86 42.24
CA GLY AA 60 -52.80 109.22 41.71
C GLY AA 60 -54.17 109.64 41.21
N ALA AA 61 -54.86 108.75 40.51
CA ALA AA 61 -56.23 109.05 40.08
C ALA AA 61 -57.15 109.22 41.28
N ALA AA 62 -56.90 108.46 42.35
CA ALA AA 62 -57.70 108.63 43.57
C ALA AA 62 -57.51 110.01 44.16
N ALA AA 63 -56.27 110.50 44.20
CA ALA AA 63 -56.03 111.84 44.70
C ALA AA 63 -56.67 112.89 43.80
N SER AA 64 -56.64 112.66 42.48
CA SER AA 64 -57.30 113.57 41.56
C SER AA 64 -58.81 113.58 41.78
N ALA AA 65 -59.39 112.40 41.99
CA ALA AA 65 -60.82 112.32 42.29
C ALA AA 65 -61.11 112.98 43.64
N ALA AA 66 -60.19 112.84 44.60
CA ALA AA 66 -60.38 113.50 45.89
C ALA AA 66 -60.35 115.01 45.74
N ARG AA 67 -59.49 115.53 44.86
CA ARG AA 67 -59.45 116.95 44.61
C ARG AA 67 -60.76 117.45 44.02
N ALA AA 68 -61.31 116.72 43.06
CA ALA AA 68 -62.60 117.09 42.49
C ALA AA 68 -63.70 116.97 43.52
N ARG AA 69 -63.61 115.95 44.39
CA ARG AA 69 -64.63 115.78 45.42
C ARG AA 69 -64.59 116.93 46.43
N ALA AA 70 -63.39 117.36 46.81
CA ALA AA 70 -63.27 118.49 47.73
C ALA AA 70 -63.84 119.76 47.12
N ASN AA 71 -63.67 119.93 45.80
CA ASN AA 71 -64.25 121.09 45.13
C ASN AA 71 -65.77 121.00 45.12
N HIS AA 72 -66.32 119.81 44.86
CA HIS AA 72 -67.76 119.65 44.86
C HIS AA 72 -68.35 119.79 46.26
N ASN AA 73 -67.53 119.56 47.30
CA ASN AA 73 -68.01 119.62 48.67
C ASN AA 73 -68.40 121.02 49.11
N ALA AA 74 -68.28 122.03 48.25
CA ALA AA 74 -68.64 123.39 48.65
C ALA AA 74 -70.13 123.51 48.92
N ASN AA 75 -70.95 122.78 48.17
CA ASN AA 75 -72.39 122.85 48.31
C ASN AA 75 -72.99 121.61 48.98
N THR AA 76 -72.21 120.54 49.13
CA THR AA 76 -72.74 119.30 49.69
C THR AA 76 -73.05 119.45 51.17
N ILE AA 77 -73.75 118.47 51.71
CA ILE AA 77 -74.11 118.42 53.12
C ILE AA 77 -73.16 117.47 53.84
N ARG AA 78 -72.78 117.83 55.06
CA ARG AA 78 -71.88 116.99 55.84
C ARG AA 78 -72.56 115.69 56.21
N ARG AA 79 -71.91 114.57 55.87
CA ARG AA 79 -72.46 113.26 56.16
C ARG AA 79 -72.24 112.90 57.63
N THR AA 80 -73.08 111.98 58.12
CA THR AA 80 -73.03 111.52 59.50
C THR AA 80 -72.89 110.01 59.53
N ALA AA 81 -72.98 109.45 60.73
CA ALA AA 81 -72.89 108.01 60.92
C ALA AA 81 -74.22 107.36 60.55
N MET AA 82 -74.14 106.30 59.73
CA MET AA 82 -75.33 105.58 59.30
C MET AA 82 -75.70 104.42 60.21
N PHE AA 83 -74.89 104.16 61.23
CA PHE AA 83 -75.14 103.05 62.15
C PHE AA 83 -75.33 103.59 63.56
N ALA AA 84 -75.92 102.76 64.41
CA ALA AA 84 -76.16 103.11 65.79
C ALA AA 84 -74.91 102.84 66.62
N GLU AA 85 -75.04 102.92 67.95
CA GLU AA 85 -74.00 102.64 68.94
C GLU AA 85 -72.77 103.53 68.77
N THR AA 86 -72.84 104.57 67.95
CA THR AA 86 -71.72 105.47 67.70
C THR AA 86 -72.11 106.85 68.22
N ASP AA 87 -71.74 107.13 69.48
CA ASP AA 87 -72.11 108.39 70.11
C ASP AA 87 -71.19 108.64 71.30
N PRO AA 88 -70.76 109.87 71.54
CA PRO AA 88 -69.90 110.12 72.70
C PRO AA 88 -70.57 109.83 74.02
N MET AA 89 -71.81 110.27 74.20
CA MET AA 89 -72.56 110.06 75.43
C MET AA 89 -73.88 109.37 75.08
N THR AA 90 -73.84 108.04 74.98
CA THR AA 90 -75.05 107.27 74.75
C THR AA 90 -75.92 107.18 75.99
N TRP AA 91 -75.35 107.44 77.17
CA TRP AA 91 -76.13 107.37 78.40
C TRP AA 91 -77.27 108.38 78.42
N LEU AA 92 -77.08 109.53 77.78
CA LEU AA 92 -78.11 110.56 77.79
C LEU AA 92 -79.33 110.14 76.98
N ARG AA 93 -79.11 109.60 75.78
CA ARG AA 93 -80.20 109.25 74.89
C ARG AA 93 -79.70 108.20 73.91
N PRO AA 94 -80.59 107.39 73.35
CA PRO AA 94 -80.17 106.41 72.35
C PRO AA 94 -79.64 107.08 71.08
N THR AA 95 -79.08 106.29 70.17
CA THR AA 95 -78.51 106.81 68.95
C THR AA 95 -78.96 105.94 67.77
N VAL AA 96 -79.34 106.60 66.68
CA VAL AA 96 -79.79 105.90 65.48
C VAL AA 96 -78.95 106.37 64.30
N GLY AA 97 -78.95 105.57 63.25
CA GLY AA 97 -78.24 105.89 62.02
C GLY AA 97 -79.03 106.85 61.16
N LEU AA 98 -78.65 106.90 59.88
CA LEU AA 98 -79.32 107.75 58.92
C LEU AA 98 -79.14 107.17 57.52
N LYS AA 99 -80.24 107.04 56.79
CA LYS AA 99 -80.19 106.53 55.43
C LYS AA 99 -79.81 107.67 54.48
N ARG AA 100 -78.73 107.47 53.73
CA ARG AA 100 -78.22 108.50 52.82
C ARG AA 100 -79.02 108.45 51.52
N THR AA 101 -80.23 109.00 51.59
CA THR AA 101 -81.14 109.05 50.45
C THR AA 101 -81.55 110.50 50.17
N PHE AA 102 -80.60 111.42 50.28
CA PHE AA 102 -80.85 112.84 50.10
C PHE AA 102 -80.06 113.36 48.90
N ASN AA 103 -80.21 114.65 48.64
CA ASN AA 103 -79.45 115.34 47.62
C ASN AA 103 -78.53 116.36 48.27
N PRO AA 104 -77.23 116.34 47.94
CA PRO AA 104 -76.30 117.28 48.59
C PRO AA 104 -76.54 118.74 48.24
N ARG AA 105 -77.43 119.04 47.29
CA ARG AA 105 -77.70 120.42 46.93
C ARG AA 105 -78.33 121.16 48.11
N ILE AA 106 -77.83 122.37 48.38
CA ILE AA 106 -78.28 123.19 49.50
C ILE AA 106 -78.94 124.47 49.01
N ILE AA 107 -78.21 125.29 48.27
CA ILE AA 107 -78.74 126.56 47.78
C ILE AA 107 -78.04 126.94 46.48
N LYS BA 52 -45.94 -13.57 71.69
CA LYS BA 52 -46.72 -13.31 72.89
C LYS BA 52 -46.54 -14.43 73.91
N GLN BA 53 -46.29 -14.05 75.15
CA GLN BA 53 -46.12 -15.01 76.24
C GLN BA 53 -47.23 -14.77 77.27
N ILE BA 54 -47.98 -15.82 77.59
CA ILE BA 54 -49.16 -15.73 78.45
C ILE BA 54 -48.83 -16.26 79.83
N ARG BA 55 -49.47 -15.67 80.83
CA ARG BA 55 -49.33 -16.10 82.22
C ARG BA 55 -50.21 -17.34 82.45
N SER BA 56 -50.46 -17.67 83.71
CA SER BA 56 -51.37 -18.76 84.06
C SER BA 56 -52.67 -18.66 83.27
N ASP BA 57 -53.27 -17.46 83.26
CA ASP BA 57 -54.36 -17.17 82.33
C ASP BA 57 -54.41 -15.66 82.16
N ASP BA 58 -53.91 -15.17 81.03
CA ASP BA 58 -54.13 -13.80 80.58
C ASP BA 58 -55.15 -13.75 79.44
N ASN BA 59 -56.09 -12.82 79.49
CA ASN BA 59 -57.32 -12.93 78.68
C ASN BA 59 -57.03 -12.50 77.25
N SER BA 60 -58.06 -12.22 76.45
CA SER BA 60 -58.03 -12.00 75.00
C SER BA 60 -57.86 -13.30 74.21
N LEU BA 61 -58.38 -14.42 74.74
CA LEU BA 61 -58.55 -15.63 73.94
C LEU BA 61 -59.97 -16.16 74.02
N TYR BA 62 -60.92 -15.35 74.49
CA TYR BA 62 -62.33 -15.74 74.53
C TYR BA 62 -63.20 -14.84 73.64
N SER BA 63 -62.62 -14.29 72.56
CA SER BA 63 -63.38 -13.45 71.65
C SER BA 63 -63.93 -14.28 70.50
N ALA BA 64 -65.12 -13.87 70.02
CA ALA BA 64 -65.81 -14.64 68.99
C ALA BA 64 -66.47 -13.74 67.95
N GLN BA 65 -65.86 -12.59 67.65
CA GLN BA 65 -66.43 -11.69 66.65
C GLN BA 65 -66.27 -12.27 65.25
N PHE BA 66 -67.30 -12.07 64.42
CA PHE BA 66 -67.27 -12.56 63.05
C PHE BA 66 -68.21 -11.73 62.20
N ASP BA 67 -68.28 -12.09 60.92
CA ASP BA 67 -69.17 -11.45 59.96
C ASP BA 67 -69.94 -12.51 59.19
N ILE BA 68 -71.05 -12.09 58.58
CA ILE BA 68 -72.03 -13.02 58.03
C ILE BA 68 -72.54 -12.51 56.68
N LEU BA 69 -72.78 -13.46 55.78
CA LEU BA 69 -73.47 -13.20 54.52
C LEU BA 69 -74.95 -13.53 54.68
N LEU BA 70 -75.78 -12.76 53.97
CA LEU BA 70 -77.23 -12.90 54.08
C LEU BA 70 -77.86 -13.56 52.86
N GLY BA 71 -77.06 -13.99 51.89
CA GLY BA 71 -77.57 -14.62 50.69
C GLY BA 71 -77.33 -13.75 49.47
N THR BA 72 -78.17 -13.99 48.46
CA THR BA 72 -78.11 -13.21 47.21
C THR BA 72 -79.47 -13.26 46.52
N TYR BA 73 -79.65 -12.33 45.59
CA TYR BA 73 -80.93 -12.17 44.89
C TYR BA 73 -80.63 -11.89 43.43
N CYS BA 74 -81.20 -12.70 42.54
CA CYS BA 74 -81.00 -12.56 41.11
C CYS BA 74 -82.35 -12.37 40.42
N ASN BA 75 -82.31 -12.31 39.08
CA ASN BA 75 -83.51 -12.11 38.28
C ASN BA 75 -83.40 -12.97 37.02
N THR BA 76 -84.54 -13.11 36.34
CA THR BA 76 -84.61 -13.85 35.09
C THR BA 76 -85.61 -13.16 34.18
N LEU BA 77 -85.18 -12.86 32.95
CA LEU BA 77 -86.01 -12.17 31.98
C LEU BA 77 -86.86 -13.16 31.19
N ASN BA 78 -87.95 -12.65 30.65
CA ASN BA 78 -88.83 -13.43 29.80
C ASN BA 78 -88.51 -13.16 28.32
N PHE BA 79 -89.05 -14.01 27.46
CA PHE BA 79 -88.84 -13.89 26.02
C PHE BA 79 -90.18 -13.63 25.33
N VAL BA 80 -90.15 -12.74 24.35
CA VAL BA 80 -91.33 -12.38 23.57
C VAL BA 80 -91.09 -12.77 22.12
N ARG BA 81 -92.07 -13.42 21.52
CA ARG BA 81 -92.00 -13.76 20.11
C ARG BA 81 -92.65 -12.66 19.28
N PHE BA 82 -92.63 -12.83 17.97
CA PHE BA 82 -93.23 -11.87 17.06
C PHE BA 82 -94.59 -12.29 16.55
N LEU BA 83 -94.81 -13.59 16.34
CA LEU BA 83 -96.07 -14.05 15.75
C LEU BA 83 -97.24 -13.99 16.72
N GLU BA 84 -96.99 -14.17 18.03
CA GLU BA 84 -98.06 -14.07 19.01
C GLU BA 84 -98.41 -12.63 19.34
N LEU BA 85 -97.72 -11.67 18.74
CA LEU BA 85 -98.07 -10.27 18.92
C LEU BA 85 -99.33 -9.93 18.13
N GLY BA 86 -100.10 -8.97 18.65
CA GLY BA 86 -101.24 -8.46 17.92
C GLY BA 86 -100.90 -7.72 16.66
N LEU BA 87 -99.62 -7.39 16.47
CA LEU BA 87 -99.12 -6.70 15.28
C LEU BA 87 -99.02 -7.64 14.08
N SER BA 88 -98.83 -8.94 14.31
CA SER BA 88 -98.65 -9.89 13.22
C SER BA 88 -99.77 -9.84 12.19
N VAL BA 89 -100.93 -9.26 12.54
CA VAL BA 89 -102.02 -9.07 11.59
C VAL BA 89 -101.87 -7.79 10.78
N ALA BA 90 -100.72 -7.11 10.88
CA ALA BA 90 -100.52 -5.90 10.09
C ALA BA 90 -100.10 -6.24 8.66
N CYS BA 91 -99.18 -7.18 8.51
CA CYS BA 91 -98.70 -7.57 7.19
C CYS BA 91 -98.59 -9.09 7.14
N ILE BA 92 -98.20 -9.61 5.98
CA ILE BA 92 -98.00 -11.05 5.83
C ILE BA 92 -96.51 -11.32 5.63
N CYS BA 93 -95.87 -11.83 6.68
CA CYS BA 93 -94.44 -12.11 6.59
C CYS BA 93 -94.21 -13.43 5.87
N THR BA 94 -93.22 -13.43 4.98
CA THR BA 94 -92.83 -14.60 4.23
C THR BA 94 -91.36 -14.91 4.47
N LYS BA 95 -91.02 -16.19 4.33
CA LYS BA 95 -89.67 -16.70 4.62
C LYS BA 95 -89.06 -17.13 3.29
N PHE BA 96 -87.94 -16.51 2.92
CA PHE BA 96 -87.31 -16.75 1.64
C PHE BA 96 -85.80 -16.74 1.84
N PRO BA 97 -85.17 -17.92 1.81
CA PRO BA 97 -83.73 -17.99 2.10
C PRO BA 97 -82.87 -17.19 1.15
N GLU BA 98 -83.01 -17.40 -0.15
CA GLU BA 98 -82.16 -16.73 -1.12
C GLU BA 98 -82.73 -15.37 -1.49
N LEU BA 99 -82.36 -14.34 -0.74
CA LEU BA 99 -82.86 -12.99 -0.97
C LEU BA 99 -81.77 -12.03 -1.42
N ALA BA 100 -80.51 -12.28 -1.05
CA ALA BA 100 -79.41 -11.39 -1.43
C ALA BA 100 -79.06 -11.46 -2.90
N TYR BA 101 -79.48 -12.50 -3.62
CA TYR BA 101 -79.17 -12.66 -5.03
C TYR BA 101 -80.18 -11.97 -5.94
N VAL BA 102 -81.46 -12.07 -5.61
CA VAL BA 102 -82.50 -11.48 -6.44
C VAL BA 102 -82.34 -9.96 -6.42
N ARG BA 103 -82.44 -9.34 -7.59
CA ARG BA 103 -82.30 -7.90 -7.73
C ARG BA 103 -83.42 -7.39 -8.62
N ASP BA 104 -84.02 -6.27 -8.22
CA ASP BA 104 -85.13 -5.66 -8.94
C ASP BA 104 -86.28 -6.64 -9.08
N GLY BA 105 -86.86 -7.05 -7.96
CA GLY BA 105 -88.12 -7.76 -8.00
C GLY BA 105 -89.25 -6.80 -8.34
N VAL BA 106 -90.38 -7.36 -8.76
CA VAL BA 106 -91.51 -6.56 -9.21
C VAL BA 106 -92.81 -7.24 -8.81
N ILE BA 107 -93.87 -6.43 -8.71
CA ILE BA 107 -95.22 -6.91 -8.50
C ILE BA 107 -96.12 -6.06 -9.39
N GLN BA 108 -97.25 -6.61 -9.82
CA GLN BA 108 -98.15 -5.88 -10.69
C GLN BA 108 -99.60 -6.19 -10.34
N PHE BA 109 -100.46 -5.21 -10.59
CA PHE BA 109 -101.88 -5.27 -10.29
C PHE BA 109 -102.68 -5.05 -11.56
N GLU BA 110 -104.01 -5.02 -11.39
CA GLU BA 110 -104.94 -4.79 -12.50
C GLU BA 110 -106.30 -4.45 -11.93
N VAL BA 111 -106.95 -3.44 -12.50
CA VAL BA 111 -108.28 -3.02 -12.06
C VAL BA 111 -109.05 -2.50 -13.27
N GLN BA 112 -110.33 -2.87 -13.33
CA GLN BA 112 -111.22 -2.42 -14.40
C GLN BA 112 -112.39 -1.68 -13.78
N GLN BA 113 -112.67 -0.50 -14.29
CA GLN BA 113 -113.76 0.30 -13.73
C GLN BA 113 -115.03 0.13 -14.54
N PRO BA 114 -116.18 0.00 -13.87
CA PRO BA 114 -117.46 -0.05 -14.59
C PRO BA 114 -117.80 1.30 -15.19
N MET BA 115 -118.81 1.28 -16.06
CA MET BA 115 -119.25 2.48 -16.76
C MET BA 115 -120.76 2.56 -16.74
N ILE BA 116 -121.28 3.76 -17.02
CA ILE BA 116 -122.71 4.05 -16.97
C ILE BA 116 -123.16 4.44 -18.37
N ALA BA 117 -124.38 4.03 -18.73
CA ALA BA 117 -124.92 4.32 -20.05
C ALA BA 117 -125.84 5.54 -19.94
N ARG BA 118 -125.37 6.68 -20.42
CA ARG BA 118 -126.15 7.90 -20.47
C ARG BA 118 -126.09 8.47 -21.89
N ASP BA 119 -127.18 9.09 -22.30
CA ASP BA 119 -127.28 9.65 -23.64
C ASP BA 119 -127.69 11.12 -23.57
N GLY BA 120 -127.63 11.78 -24.70
CA GLY BA 120 -127.92 13.20 -24.79
C GLY BA 120 -126.74 13.97 -25.33
N PRO BA 121 -126.54 15.19 -24.83
CA PRO BA 121 -125.41 16.03 -25.25
C PRO BA 121 -124.11 15.70 -24.52
N HIS BA 122 -123.80 14.41 -24.43
CA HIS BA 122 -122.59 13.95 -23.76
C HIS BA 122 -121.86 12.95 -24.66
N PRO BA 123 -120.54 13.00 -24.70
CA PRO BA 123 -119.80 12.02 -25.50
C PRO BA 123 -119.95 10.63 -24.93
N VAL BA 124 -119.95 9.64 -25.83
CA VAL BA 124 -120.13 8.26 -25.40
C VAL BA 124 -118.91 7.80 -24.61
N ASP BA 125 -119.13 6.84 -23.72
CA ASP BA 125 -118.10 6.34 -22.82
C ASP BA 125 -117.56 5.01 -23.31
N GLN BA 126 -116.54 4.53 -22.61
CA GLN BA 126 -115.83 3.31 -22.94
C GLN BA 126 -115.52 2.56 -21.67
N PRO BA 127 -115.26 1.25 -21.76
CA PRO BA 127 -114.79 0.51 -20.59
C PRO BA 127 -113.45 1.05 -20.10
N VAL BA 128 -112.99 0.50 -18.98
CA VAL BA 128 -111.75 0.93 -18.35
C VAL BA 128 -110.93 -0.29 -18.00
N HIS BA 129 -109.63 -0.25 -18.31
CA HIS BA 129 -108.69 -1.29 -17.91
C HIS BA 129 -107.39 -0.59 -17.54
N ASN BA 130 -106.93 -0.78 -16.32
CA ASN BA 130 -105.72 -0.13 -15.84
C ASN BA 130 -104.67 -1.18 -15.49
N TYR BA 131 -103.41 -0.76 -15.54
CA TYR BA 131 -102.28 -1.65 -15.34
C TYR BA 131 -101.20 -0.92 -14.58
N MET BA 132 -100.73 -1.51 -13.49
CA MET BA 132 -99.77 -0.86 -12.61
C MET BA 132 -98.77 -1.88 -12.07
N VAL BA 133 -97.58 -1.38 -11.75
CA VAL BA 133 -96.51 -2.21 -11.19
C VAL BA 133 -95.89 -1.54 -9.97
N LYS BA 134 -94.93 -2.21 -9.34
CA LYS BA 134 -94.33 -1.75 -8.10
C LYS BA 134 -93.04 -2.53 -7.86
N ARG BA 135 -92.07 -1.84 -7.23
CA ARG BA 135 -90.74 -2.41 -7.01
C ARG BA 135 -90.50 -2.78 -5.55
N ILE BA 136 -89.25 -3.16 -5.21
CA ILE BA 136 -88.89 -3.68 -3.91
C ILE BA 136 -87.94 -2.70 -3.22
N HIS BA 137 -87.81 -2.85 -1.90
CA HIS BA 137 -86.81 -2.18 -1.10
C HIS BA 137 -86.15 -3.20 -0.17
N LYS BA 138 -84.97 -2.87 0.33
CA LYS BA 138 -84.17 -3.80 1.12
C LYS BA 138 -83.61 -3.10 2.35
N ARG BA 139 -83.66 -3.80 3.49
CA ARG BA 139 -83.14 -3.29 4.76
C ARG BA 139 -82.64 -4.47 5.59
N SER BA 140 -81.68 -4.23 6.47
CA SER BA 140 -81.06 -5.31 7.22
C SER BA 140 -81.01 -4.97 8.71
N LEU BA 141 -80.81 -6.00 9.53
CA LEU BA 141 -80.67 -5.87 10.97
C LEU BA 141 -79.37 -6.52 11.41
N SER BA 142 -78.87 -6.12 12.58
CA SER BA 142 -77.61 -6.63 13.08
C SER BA 142 -77.57 -6.57 14.59
N ALA BA 143 -76.64 -7.34 15.16
CA ALA BA 143 -76.44 -7.39 16.61
C ALA BA 143 -75.03 -7.89 16.89
N ALA BA 144 -74.58 -7.66 18.12
CA ALA BA 144 -73.22 -8.00 18.53
C ALA BA 144 -73.22 -9.00 19.69
N PHE BA 145 -72.07 -9.62 19.91
CA PHE BA 145 -71.91 -10.61 20.97
C PHE BA 145 -70.43 -10.78 21.25
N ALA BA 146 -69.99 -10.42 22.45
CA ALA BA 146 -68.58 -10.36 22.77
C ALA BA 146 -68.15 -11.48 23.71
N ILE BA 147 -66.90 -11.89 23.58
CA ILE BA 147 -66.31 -12.94 24.41
C ILE BA 147 -64.93 -12.47 24.88
N ALA BA 148 -64.56 -12.83 26.10
CA ALA BA 148 -63.31 -12.36 26.68
C ALA BA 148 -62.17 -13.32 26.37
N SER BA 149 -60.94 -12.80 26.52
CA SER BA 149 -59.74 -13.57 26.20
C SER BA 149 -59.53 -14.71 27.19
N GLU BA 150 -59.70 -14.45 28.48
CA GLU BA 150 -59.53 -15.51 29.47
C GLU BA 150 -60.58 -16.60 29.28
N ALA BA 151 -61.83 -16.20 29.03
CA ALA BA 151 -62.87 -17.19 28.75
C ALA BA 151 -62.54 -17.98 27.50
N LEU BA 152 -61.97 -17.34 26.49
CA LEU BA 152 -61.57 -18.07 25.28
C LEU BA 152 -60.49 -19.10 25.60
N SER BA 153 -59.48 -18.69 26.37
CA SER BA 153 -58.38 -19.59 26.68
C SER BA 153 -58.83 -20.75 27.56
N LEU BA 154 -59.83 -20.52 28.42
CA LEU BA 154 -60.32 -21.60 29.27
C LEU BA 154 -61.00 -22.70 28.45
N LEU BA 155 -61.54 -22.37 27.28
CA LEU BA 155 -62.15 -23.37 26.41
C LEU BA 155 -61.18 -23.91 25.37
N SER BA 156 -60.18 -23.14 24.98
CA SER BA 156 -59.23 -23.55 23.96
C SER BA 156 -58.18 -24.53 24.47
N ASN BA 157 -58.34 -25.04 25.69
CA ASN BA 157 -57.37 -25.98 26.26
C ASN BA 157 -57.44 -27.33 25.57
N GLU BA 164 -58.95 -29.15 39.34
CA GLU BA 164 -60.24 -29.05 40.02
C GLU BA 164 -60.66 -27.60 40.15
N ILE BA 165 -59.68 -26.70 40.14
CA ILE BA 165 -59.97 -25.28 40.37
C ILE BA 165 -60.50 -24.64 39.10
N ASP BA 166 -59.93 -25.00 37.94
CA ASP BA 166 -60.40 -24.49 36.67
C ASP BA 166 -61.63 -25.20 36.16
N SER BA 167 -61.99 -26.34 36.76
CA SER BA 167 -63.22 -27.01 36.40
C SER BA 167 -64.42 -26.08 36.55
N SER BA 168 -64.54 -25.44 37.71
CA SER BA 168 -65.67 -24.54 37.95
C SER BA 168 -65.59 -23.30 37.07
N LEU BA 169 -64.37 -22.83 36.78
CA LEU BA 169 -64.22 -21.68 35.89
C LEU BA 169 -64.73 -22.01 34.50
N ARG BA 170 -64.47 -23.22 34.01
CA ARG BA 170 -65.02 -23.62 32.72
C ARG BA 170 -66.54 -23.63 32.73
N ILE BA 171 -67.15 -24.17 33.80
CA ILE BA 171 -68.60 -24.21 33.90
C ILE BA 171 -69.17 -22.80 33.89
N ARG BA 172 -68.56 -21.89 34.66
CA ARG BA 172 -69.08 -20.52 34.71
C ARG BA 172 -68.86 -19.78 33.40
N ALA BA 173 -67.79 -20.07 32.67
CA ALA BA 173 -67.62 -19.47 31.35
C ALA BA 173 -68.70 -19.95 30.39
N ILE BA 174 -68.98 -21.26 30.40
CA ILE BA 174 -70.03 -21.78 29.54
C ILE BA 174 -71.39 -21.20 29.92
N GLN BA 175 -71.63 -21.03 31.22
CA GLN BA 175 -72.89 -20.44 31.67
C GLN BA 175 -73.01 -18.99 31.22
N GLN BA 176 -71.92 -18.22 31.29
CA GLN BA 176 -71.95 -16.86 30.78
C GLN BA 176 -72.25 -16.83 29.28
N MET BA 177 -71.60 -17.73 28.53
CA MET BA 177 -71.86 -17.82 27.10
C MET BA 177 -73.34 -18.09 26.83
N ALA BA 178 -73.93 -19.03 27.56
CA ALA BA 178 -75.34 -19.34 27.36
C ALA BA 178 -76.23 -18.17 27.75
N ARG BA 179 -75.92 -17.50 28.87
CA ARG BA 179 -76.71 -16.36 29.31
C ARG BA 179 -76.66 -15.21 28.31
N ASN BA 180 -75.55 -15.05 27.59
CA ASN BA 180 -75.49 -14.00 26.59
C ASN BA 180 -76.16 -14.41 25.29
N LEU BA 181 -76.01 -15.68 24.91
CA LEU BA 181 -76.62 -16.14 23.67
C LEU BA 181 -78.14 -16.13 23.75
N ARG BA 182 -78.70 -16.53 24.90
CA ARG BA 182 -80.14 -16.56 25.06
C ARG BA 182 -80.78 -15.20 24.87
N THR BA 183 -80.04 -14.12 25.14
CA THR BA 183 -80.58 -12.78 24.93
C THR BA 183 -80.27 -12.22 23.56
N VAL BA 184 -79.07 -12.50 23.02
CA VAL BA 184 -78.77 -11.99 21.68
C VAL BA 184 -79.68 -12.65 20.66
N LEU BA 185 -80.16 -13.87 20.94
CA LEU BA 185 -81.12 -14.50 20.03
C LEU BA 185 -82.49 -13.83 20.11
N ASP BA 186 -82.98 -13.60 21.32
CA ASP BA 186 -84.28 -12.93 21.50
C ASP BA 186 -84.24 -11.50 20.98
N SER BA 187 -83.06 -10.90 20.87
CA SER BA 187 -82.96 -9.53 20.37
C SER BA 187 -83.59 -9.38 18.99
N PHE BA 188 -83.37 -10.35 18.09
CA PHE BA 188 -83.90 -10.22 16.74
C PHE BA 188 -85.42 -10.33 16.72
N GLU BA 189 -85.96 -11.28 17.48
CA GLU BA 189 -87.42 -11.41 17.57
C GLU BA 189 -88.04 -10.16 18.15
N ARG BA 190 -87.32 -9.49 19.07
CA ARG BA 190 -87.84 -8.25 19.62
C ARG BA 190 -87.69 -7.09 18.64
N GLY BA 191 -86.67 -7.13 17.78
CA GLY BA 191 -86.41 -6.03 16.86
C GLY BA 191 -87.20 -6.10 15.57
N THR BA 192 -87.76 -7.26 15.24
CA THR BA 192 -88.68 -7.32 14.10
C THR BA 192 -89.86 -6.38 14.32
N ALA BA 193 -90.45 -6.42 15.52
CA ALA BA 193 -91.54 -5.53 15.85
C ALA BA 193 -91.11 -4.07 15.98
N ASP BA 194 -89.80 -3.80 16.00
CA ASP BA 194 -89.32 -2.43 15.95
C ASP BA 194 -89.08 -1.96 14.53
N GLN BA 195 -88.72 -2.88 13.63
CA GLN BA 195 -88.74 -2.58 12.21
C GLN BA 195 -90.15 -2.22 11.77
N LEU BA 196 -91.11 -3.09 12.09
CA LEU BA 196 -92.50 -2.67 12.06
C LEU BA 196 -92.71 -1.63 13.16
N LEU BA 197 -93.82 -0.89 13.07
CA LEU BA 197 -94.07 0.25 13.95
C LEU BA 197 -92.88 1.22 13.89
N GLY BA 198 -92.73 1.81 12.71
CA GLY BA 198 -91.55 2.58 12.39
C GLY BA 198 -91.21 2.41 10.93
N VAL BA 199 -91.72 1.35 10.32
CA VAL BA 199 -91.85 1.30 8.87
C VAL BA 199 -93.17 1.88 8.38
N LEU BA 200 -94.20 1.95 9.23
CA LEU BA 200 -95.50 2.46 8.80
C LEU BA 200 -95.69 3.94 9.12
N LEU BA 201 -94.84 4.51 9.97
CA LEU BA 201 -94.99 5.92 10.32
C LEU BA 201 -94.66 6.81 9.13
N GLU BA 202 -93.74 6.37 8.28
CA GLU BA 202 -93.40 7.11 7.07
C GLU BA 202 -94.32 6.78 5.91
N LYS BA 203 -95.38 6.00 6.14
CA LYS BA 203 -96.38 5.71 5.15
C LYS BA 203 -97.75 6.25 5.52
N ALA BA 204 -98.02 6.45 6.82
CA ALA BA 204 -99.29 6.98 7.25
C ALA BA 204 -99.32 8.49 7.09
N PRO BA 205 -100.32 9.05 6.41
CA PRO BA 205 -100.46 10.50 6.33
C PRO BA 205 -101.37 11.02 7.44
N PRO BA 206 -101.47 12.34 7.62
CA PRO BA 206 -102.30 12.87 8.70
C PRO BA 206 -103.78 12.64 8.46
N LEU BA 207 -104.51 12.38 9.56
CA LEU BA 207 -105.93 12.10 9.46
C LEU BA 207 -106.72 13.36 9.08
N SER BA 208 -106.36 14.50 9.68
CA SER BA 208 -107.07 15.75 9.38
C SER BA 208 -106.98 16.09 7.90
N LEU BA 209 -106.00 15.55 7.18
CA LEU BA 209 -105.91 15.72 5.74
C LEU BA 209 -106.61 14.59 5.01
N LEU BA 210 -106.42 13.34 5.45
CA LEU BA 210 -106.95 12.21 4.70
C LEU BA 210 -108.47 12.13 4.75
N SER BA 211 -109.09 12.64 5.81
CA SER BA 211 -110.54 12.50 5.93
C SER BA 211 -111.30 13.33 4.90
N PRO BA 212 -111.14 14.66 4.84
CA PRO BA 212 -111.94 15.43 3.88
C PRO BA 212 -111.59 15.13 2.44
N ILE BA 213 -110.35 14.77 2.15
CA ILE BA 213 -109.99 14.36 0.79
C ILE BA 213 -110.82 13.16 0.37
N ASN BA 214 -110.74 12.08 1.16
CA ASN BA 214 -111.54 10.90 0.88
C ASN BA 214 -113.03 11.19 0.86
N LYS BA 215 -113.49 12.20 1.61
CA LYS BA 215 -114.90 12.53 1.60
C LYS BA 215 -115.31 13.20 0.29
N PHE BA 216 -114.53 14.19 -0.15
CA PHE BA 216 -114.84 14.93 -1.37
C PHE BA 216 -114.16 14.25 -2.56
N GLN BA 217 -114.74 13.14 -2.99
CA GLN BA 217 -114.23 12.38 -4.14
C GLN BA 217 -115.37 12.08 -5.10
N PRO BA 218 -115.87 13.10 -5.81
CA PRO BA 218 -116.91 12.83 -6.82
C PRO BA 218 -116.37 12.16 -8.06
N GLU BA 219 -115.21 12.60 -8.58
CA GLU BA 219 -114.61 11.94 -9.72
C GLU BA 219 -113.09 11.83 -9.59
N GLY BA 220 -112.52 12.15 -8.44
CA GLY BA 220 -111.07 12.09 -8.27
C GLY BA 220 -110.37 13.39 -8.58
N HIS BA 221 -110.33 13.78 -9.85
CA HIS BA 221 -109.64 14.99 -10.28
C HIS BA 221 -110.64 16.15 -10.35
N LEU BA 222 -110.52 17.08 -9.41
CA LEU BA 222 -111.40 18.24 -9.34
C LEU BA 222 -110.86 19.36 -10.23
N ASN BA 223 -111.68 20.40 -10.37
CA ASN BA 223 -111.30 21.58 -11.14
C ASN BA 223 -110.79 22.66 -10.19
N ARG BA 224 -110.56 23.86 -10.75
CA ARG BA 224 -109.87 24.91 -10.00
C ARG BA 224 -110.68 25.40 -8.81
N VAL BA 225 -111.95 25.77 -9.02
CA VAL BA 225 -112.71 26.41 -7.95
C VAL BA 225 -113.07 25.40 -6.86
N ALA BA 226 -113.43 24.18 -7.25
CA ALA BA 226 -113.67 23.14 -6.26
C ALA BA 226 -112.41 22.83 -5.48
N ARG BA 227 -111.26 22.81 -6.15
CA ARG BA 227 -110.00 22.60 -5.47
C ARG BA 227 -109.70 23.70 -4.46
N ALA BA 228 -109.97 24.96 -4.85
CA ALA BA 228 -109.69 26.07 -3.95
C ALA BA 228 -110.58 26.03 -2.71
N ALA BA 229 -111.88 25.75 -2.91
CA ALA BA 229 -112.77 25.62 -1.76
C ALA BA 229 -112.33 24.47 -0.86
N LEU BA 230 -111.94 23.33 -1.45
CA LEU BA 230 -111.48 22.20 -0.65
C LEU BA 230 -110.23 22.55 0.13
N LEU BA 231 -109.32 23.33 -0.47
CA LEU BA 231 -108.10 23.72 0.24
C LEU BA 231 -108.41 24.65 1.41
N SER BA 232 -109.36 25.57 1.22
CA SER BA 232 -109.79 26.40 2.33
C SER BA 232 -110.35 25.55 3.46
N ASP BA 233 -111.20 24.58 3.11
CA ASP BA 233 -111.73 23.67 4.13
C ASP BA 233 -110.62 22.91 4.85
N LEU BA 234 -109.61 22.46 4.09
CA LEU BA 234 -108.49 21.74 4.71
C LEU BA 234 -107.72 22.63 5.68
N LYS BA 235 -107.49 23.89 5.30
CA LYS BA 235 -106.85 24.83 6.22
C LYS BA 235 -107.66 24.97 7.50
N ARG BA 236 -108.97 25.18 7.37
CA ARG BA 236 -109.81 25.29 8.55
C ARG BA 236 -109.73 24.04 9.42
N ARG BA 237 -109.73 22.86 8.80
CA ARG BA 237 -109.72 21.62 9.56
C ARG BA 237 -108.41 21.43 10.30
N VAL BA 238 -107.29 21.71 9.63
CA VAL BA 238 -106.00 21.49 10.27
C VAL BA 238 -105.75 22.54 11.35
N CYS BA 239 -106.32 23.74 11.20
CA CYS BA 239 -106.11 24.77 12.21
C CYS BA 239 -106.76 24.41 13.53
N ALA BA 240 -107.83 23.62 13.50
CA ALA BA 240 -108.62 23.32 14.69
C ALA BA 240 -108.40 21.93 15.23
N ASP BA 241 -108.39 20.91 14.39
CA ASP BA 241 -108.30 19.52 14.85
C ASP BA 241 -106.84 19.11 15.05
N MET BA 242 -106.21 19.72 16.04
CA MET BA 242 -104.82 19.45 16.34
C MET BA 242 -104.66 18.39 17.44
N PHE BA 243 -105.22 18.66 18.61
CA PHE BA 243 -105.14 17.76 19.75
C PHE BA 243 -106.55 17.42 20.20
N PHE BA 244 -106.90 16.13 20.13
CA PHE BA 244 -108.24 15.71 20.52
C PHE BA 244 -108.31 15.38 22.01
N MET BA 245 -107.43 14.49 22.47
CA MET BA 245 -107.51 14.00 23.84
C MET BA 245 -107.21 15.08 24.87
N THR BA 246 -106.64 16.20 24.46
CA THR BA 246 -106.39 17.29 25.40
C THR BA 246 -107.49 18.34 25.34
N ARG BA 247 -107.73 18.91 24.17
CA ARG BA 247 -108.79 19.91 24.02
C ARG BA 247 -110.15 19.30 24.33
N HIS BA 248 -110.50 18.22 23.64
CA HIS BA 248 -111.77 17.55 23.82
C HIS BA 248 -111.68 16.42 24.84
N ALA BA 249 -111.16 16.74 26.03
CA ALA BA 249 -110.96 15.72 27.05
C ALA BA 249 -112.20 15.48 27.90
N ARG BA 250 -113.05 16.48 28.08
CA ARG BA 250 -114.19 16.35 28.97
C ARG BA 250 -115.34 15.57 28.36
N GLU BA 251 -115.78 15.93 27.16
CA GLU BA 251 -116.85 15.19 26.53
C GLU BA 251 -116.32 13.88 25.99
N PRO BA 252 -117.03 12.76 26.18
CA PRO BA 252 -116.54 11.46 25.70
C PRO BA 252 -117.09 11.02 24.35
N ARG BA 253 -117.82 11.87 23.63
CA ARG BA 253 -118.51 11.43 22.42
C ARG BA 253 -117.84 11.89 21.13
N LEU BA 254 -117.35 13.12 21.07
CA LEU BA 254 -116.63 13.55 19.89
C LEU BA 254 -115.37 12.72 19.69
N ILE BA 255 -114.80 12.21 20.78
CA ILE BA 255 -113.65 11.31 20.66
C ILE BA 255 -114.05 10.03 19.93
N SER BA 256 -115.17 9.43 20.34
CA SER BA 256 -115.65 8.24 19.63
C SER BA 256 -115.96 8.56 18.18
N ALA BA 257 -116.52 9.74 17.91
CA ALA BA 257 -116.77 10.14 16.53
C ALA BA 257 -115.47 10.22 15.72
N TYR BA 258 -114.44 10.84 16.30
CA TYR BA 258 -113.16 10.93 15.61
C TYR BA 258 -112.57 9.55 15.35
N LEU BA 259 -112.63 8.66 16.34
CA LEU BA 259 -112.08 7.32 16.17
C LEU BA 259 -112.83 6.55 15.09
N SER BA 260 -114.16 6.65 15.08
CA SER BA 260 -114.93 5.99 14.04
C SER BA 260 -114.61 6.55 12.66
N ASP BA 261 -114.48 7.87 12.55
CA ASP BA 261 -114.12 8.47 11.27
C ASP BA 261 -112.73 8.06 10.82
N MET BA 262 -111.79 7.91 11.75
CA MET BA 262 -110.45 7.47 11.38
C MET BA 262 -110.46 6.03 10.91
N VAL BA 263 -111.19 5.16 11.60
CA VAL BA 263 -111.26 3.77 11.18
C VAL BA 263 -111.93 3.64 9.82
N SER BA 264 -112.99 4.40 9.59
CA SER BA 264 -113.67 4.38 8.29
C SER BA 264 -113.12 5.45 7.37
N CYS BA 265 -111.82 5.48 7.21
CA CYS BA 265 -111.15 6.45 6.34
C CYS BA 265 -110.22 5.80 5.34
N THR BA 266 -109.55 4.71 5.71
CA THR BA 266 -108.62 4.02 4.84
C THR BA 266 -109.33 2.89 4.09
N GLN BA 267 -108.66 2.39 3.06
CA GLN BA 267 -109.21 1.33 2.23
C GLN BA 267 -108.41 0.04 2.41
N PRO BA 268 -109.07 -1.11 2.48
CA PRO BA 268 -108.35 -2.37 2.69
C PRO BA 268 -107.61 -2.83 1.44
N SER BA 269 -106.97 -3.98 1.52
CA SER BA 269 -106.25 -4.58 0.40
C SER BA 269 -106.75 -6.01 0.21
N VAL BA 270 -106.04 -6.76 -0.65
CA VAL BA 270 -106.44 -8.14 -0.91
C VAL BA 270 -106.41 -8.95 0.38
N MET BA 271 -107.30 -9.93 0.47
CA MET BA 271 -107.43 -10.75 1.67
C MET BA 271 -107.13 -12.22 1.39
N VAL BA 272 -106.26 -12.49 0.42
CA VAL BA 272 -105.91 -13.87 0.10
C VAL BA 272 -105.23 -14.51 1.31
N SER BA 273 -105.78 -15.62 1.77
CA SER BA 273 -105.30 -16.28 2.98
C SER BA 273 -106.09 -17.56 3.18
N ARG BA 274 -105.69 -18.31 4.19
CA ARG BA 274 -106.42 -19.50 4.63
C ARG BA 274 -106.77 -19.45 6.11
N ILE BA 275 -105.91 -18.83 6.92
CA ILE BA 275 -106.16 -18.66 8.35
C ILE BA 275 -105.65 -17.28 8.75
N THR BA 276 -106.50 -16.51 9.43
CA THR BA 276 -106.15 -15.18 9.89
C THR BA 276 -106.45 -15.07 11.37
N HIS BA 277 -106.23 -13.87 11.91
CA HIS BA 277 -106.55 -13.61 13.30
C HIS BA 277 -108.05 -13.48 13.46
N THR BA 278 -108.60 -14.16 14.48
CA THR BA 278 -110.03 -14.13 14.74
C THR BA 278 -110.27 -14.22 16.24
N ASN BA 279 -111.51 -13.96 16.63
CA ASN BA 279 -111.91 -14.02 18.02
C ASN BA 279 -112.33 -15.45 18.36
N THR BA 280 -112.75 -15.67 19.61
CA THR BA 280 -113.23 -16.99 20.00
C THR BA 280 -114.51 -17.36 19.27
N ARG BA 281 -115.38 -16.37 19.02
CA ARG BA 281 -116.63 -16.66 18.32
C ARG BA 281 -116.38 -17.09 16.88
N GLY BA 282 -115.56 -16.33 16.16
CA GLY BA 282 -115.24 -16.67 14.79
C GLY BA 282 -115.14 -15.46 13.88
N ARG BA 283 -115.50 -14.29 14.41
CA ARG BA 283 -115.43 -13.07 13.62
C ARG BA 283 -113.98 -12.70 13.33
N GLN BA 284 -113.74 -12.16 12.13
CA GLN BA 284 -112.40 -11.79 11.74
C GLN BA 284 -112.05 -10.38 12.21
N VAL BA 285 -110.79 -10.19 12.60
CA VAL BA 285 -110.30 -8.87 12.93
C VAL BA 285 -109.93 -8.13 11.65
N ASP BA 286 -109.87 -6.80 11.74
CA ASP BA 286 -109.72 -5.95 10.58
C ASP BA 286 -108.44 -5.12 10.59
N GLY BA 287 -108.16 -4.40 11.66
CA GLY BA 287 -107.01 -3.53 11.71
C GLY BA 287 -106.37 -3.51 13.08
N VAL BA 288 -105.38 -2.64 13.24
CA VAL BA 288 -104.66 -2.46 14.49
C VAL BA 288 -104.61 -0.98 14.83
N LEU BA 289 -104.68 -0.68 16.13
CA LEU BA 289 -104.62 0.67 16.67
C LEU BA 289 -103.52 0.67 17.73
N VAL BA 290 -102.39 1.27 17.41
CA VAL BA 290 -101.24 1.33 18.31
C VAL BA 290 -101.17 2.71 18.94
N THR BA 291 -100.94 2.75 20.25
CA THR BA 291 -100.90 4.01 20.99
C THR BA 291 -100.09 3.80 22.27
N THR BA 292 -100.03 4.86 23.08
CA THR BA 292 -99.39 4.82 24.39
C THR BA 292 -100.35 4.26 25.43
N ALA BA 293 -99.80 3.69 26.50
CA ALA BA 293 -100.63 3.09 27.53
C ALA BA 293 -101.57 4.12 28.18
N THR BA 294 -101.14 5.38 28.27
CA THR BA 294 -101.99 6.41 28.83
C THR BA 294 -103.26 6.58 27.99
N LEU BA 295 -103.09 6.80 26.69
CA LEU BA 295 -104.25 6.90 25.81
C LEU BA 295 -105.05 5.60 25.78
N LYS BA 296 -104.37 4.46 25.91
CA LYS BA 296 -105.07 3.18 25.96
C LYS BA 296 -106.04 3.14 27.14
N ARG BA 297 -105.56 3.52 28.32
CA ARG BA 297 -106.44 3.54 29.49
C ARG BA 297 -107.54 4.59 29.33
N GLN BA 298 -107.20 5.75 28.78
CA GLN BA 298 -108.19 6.80 28.60
C GLN BA 298 -109.27 6.39 27.61
N LEU BA 299 -108.94 5.52 26.66
CA LEU BA 299 -109.94 5.04 25.71
C LEU BA 299 -110.72 3.86 26.28
N LEU BA 300 -110.08 3.04 27.12
CA LEU BA 300 -110.70 1.84 27.64
C LEU BA 300 -111.58 2.09 28.84
N GLN BA 301 -111.42 3.23 29.54
CA GLN BA 301 -112.25 3.47 30.72
C GLN BA 301 -113.74 3.53 30.36
N GLY BA 302 -114.13 4.47 29.51
CA GLY BA 302 -115.52 4.61 29.15
C GLY BA 302 -115.78 5.04 27.72
N ILE BA 303 -114.73 5.20 26.93
CA ILE BA 303 -114.90 5.65 25.55
C ILE BA 303 -115.22 4.48 24.63
N LEU BA 304 -114.39 3.45 24.68
CA LEU BA 304 -114.60 2.24 23.89
C LEU BA 304 -115.00 1.08 24.79
N GLN BA 305 -115.63 0.08 24.18
CA GLN BA 305 -116.06 -1.12 24.89
C GLN BA 305 -115.23 -2.31 24.43
N ILE BA 306 -114.86 -3.15 25.40
CA ILE BA 306 -114.03 -4.32 25.14
C ILE BA 306 -114.91 -5.43 24.57
N ASP BA 307 -114.42 -6.10 23.53
CA ASP BA 307 -115.16 -7.22 22.97
C ASP BA 307 -114.69 -8.54 23.56
N ASP BA 308 -113.39 -8.84 23.43
CA ASP BA 308 -112.86 -10.12 23.88
C ASP BA 308 -111.48 -9.90 24.49
N THR BA 309 -111.12 -10.82 25.38
CA THR BA 309 -109.82 -10.81 26.03
C THR BA 309 -108.81 -11.74 25.39
N ALA BA 310 -109.27 -12.81 24.73
CA ALA BA 310 -108.40 -13.75 24.06
C ALA BA 310 -108.79 -13.87 22.60
N ALA BA 311 -107.83 -14.26 21.77
CA ALA BA 311 -108.05 -14.38 20.33
C ALA BA 311 -107.27 -15.58 19.81
N ASP BA 312 -107.56 -15.94 18.55
CA ASP BA 312 -106.93 -17.07 17.88
C ASP BA 312 -105.97 -16.53 16.83
N VAL BA 313 -104.69 -16.85 16.99
CA VAL BA 313 -103.63 -16.32 16.13
C VAL BA 313 -102.91 -17.49 15.47
N PRO BA 314 -102.55 -17.39 14.18
CA PRO BA 314 -101.75 -18.45 13.56
C PRO BA 314 -100.40 -18.62 14.26
N VAL BA 315 -99.89 -19.84 14.21
CA VAL BA 315 -98.68 -20.18 14.92
C VAL BA 315 -97.51 -20.51 14.01
N THR BA 316 -97.70 -20.59 12.69
CA THR BA 316 -96.62 -20.86 11.76
C THR BA 316 -96.33 -19.63 10.92
N TYR BA 317 -95.07 -19.53 10.46
CA TYR BA 317 -94.67 -18.39 9.64
C TYR BA 317 -95.22 -18.52 8.23
N GLY BA 318 -94.89 -19.60 7.55
CA GLY BA 318 -95.22 -19.73 6.14
C GLY BA 318 -94.04 -19.35 5.28
N GLU BA 319 -93.38 -20.34 4.70
CA GLU BA 319 -92.15 -20.13 3.95
C GLU BA 319 -92.35 -20.49 2.49
N MET BA 320 -91.37 -20.12 1.67
CA MET BA 320 -91.34 -20.51 0.27
C MET BA 320 -89.89 -20.58 -0.18
N VAL BA 321 -89.57 -21.56 -1.00
CA VAL BA 321 -88.25 -21.72 -1.59
C VAL BA 321 -88.42 -22.14 -3.04
N LEU BA 322 -87.60 -21.58 -3.93
CA LEU BA 322 -87.69 -21.92 -5.34
C LEU BA 322 -87.12 -23.32 -5.57
N GLN BA 323 -87.81 -24.09 -6.39
CA GLN BA 323 -87.42 -25.48 -6.66
C GLN BA 323 -87.85 -25.85 -8.07
N GLY BA 324 -87.28 -26.94 -8.57
CA GLY BA 324 -87.66 -27.46 -9.87
C GLY BA 324 -87.16 -26.64 -11.03
N THR BA 325 -88.10 -26.16 -11.86
CA THR BA 325 -87.75 -25.40 -13.05
C THR BA 325 -87.30 -23.98 -12.74
N ASN BA 326 -87.41 -23.53 -11.49
CA ASN BA 326 -86.95 -22.20 -11.13
C ASN BA 326 -85.46 -22.12 -10.93
N LEU BA 327 -84.77 -23.25 -10.81
CA LEU BA 327 -83.33 -23.29 -10.57
C LEU BA 327 -82.52 -23.32 -11.85
N VAL BA 328 -83.18 -23.30 -13.00
CA VAL BA 328 -82.49 -23.48 -14.27
C VAL BA 328 -82.68 -22.25 -15.15
N THR BA 329 -83.79 -21.55 -14.97
CA THR BA 329 -84.06 -20.39 -15.82
C THR BA 329 -83.32 -19.16 -15.35
N ALA BA 330 -83.24 -18.94 -14.03
CA ALA BA 330 -82.52 -17.79 -13.51
C ALA BA 330 -81.02 -17.89 -13.71
N LEU BA 331 -80.50 -19.09 -13.98
CA LEU BA 331 -79.07 -19.25 -14.22
C LEU BA 331 -78.71 -18.85 -15.65
N VAL BA 332 -79.50 -19.30 -16.63
CA VAL BA 332 -79.17 -19.02 -18.02
C VAL BA 332 -79.69 -17.64 -18.43
N MET BA 333 -80.96 -17.36 -18.17
CA MET BA 333 -81.54 -16.09 -18.56
C MET BA 333 -81.34 -15.04 -17.47
N GLY BA 334 -81.86 -15.34 -16.28
CA GLY BA 334 -81.83 -14.36 -15.20
C GLY BA 334 -83.20 -13.81 -14.90
N LYS BA 335 -84.23 -14.65 -15.04
CA LYS BA 335 -85.61 -14.26 -14.78
C LYS BA 335 -86.34 -15.44 -14.16
N ALA BA 336 -86.91 -15.22 -12.98
CA ALA BA 336 -87.64 -16.25 -12.27
C ALA BA 336 -89.07 -15.78 -12.01
N VAL BA 337 -89.93 -16.75 -11.68
CA VAL BA 337 -91.35 -16.49 -11.44
C VAL BA 337 -91.81 -17.37 -10.29
N ARG BA 338 -92.52 -16.79 -9.33
CA ARG BA 338 -93.02 -17.56 -8.20
C ARG BA 338 -94.06 -18.57 -8.65
N GLY BA 339 -93.99 -19.77 -8.06
CA GLY BA 339 -94.95 -20.82 -8.36
C GLY BA 339 -94.53 -21.72 -9.49
N MET BA 340 -94.62 -21.22 -10.73
CA MET BA 340 -94.21 -21.94 -11.93
C MET BA 340 -94.99 -23.23 -12.13
N ASP BA 341 -96.25 -23.26 -11.68
CA ASP BA 341 -97.15 -24.37 -11.92
C ASP BA 341 -98.24 -23.99 -12.93
N ASP BA 342 -97.95 -23.00 -13.77
CA ASP BA 342 -98.94 -22.47 -14.71
C ASP BA 342 -99.10 -23.40 -15.89
N VAL BA 343 -100.24 -24.08 -15.96
CA VAL BA 343 -100.55 -24.91 -17.12
C VAL BA 343 -101.15 -24.09 -18.25
N ALA BA 344 -101.98 -23.11 -17.92
CA ALA BA 344 -102.60 -22.26 -18.93
C ALA BA 344 -101.58 -21.28 -19.52
N ASN BA 377 -103.12 -22.10 15.12
CA ASN BA 377 -104.04 -21.47 16.07
C ASN BA 377 -103.51 -21.53 17.49
N ALA BA 378 -103.83 -20.51 18.28
CA ALA BA 378 -103.42 -20.46 19.68
C ALA BA 378 -104.25 -19.42 20.40
N ARG BA 379 -104.88 -19.82 21.50
CA ARG BA 379 -105.61 -18.88 22.34
C ARG BA 379 -104.60 -17.96 23.03
N VAL BA 380 -104.46 -16.75 22.53
CA VAL BA 380 -103.51 -15.78 23.06
C VAL BA 380 -104.31 -14.63 23.67
N PRO BA 381 -104.03 -14.25 24.91
CA PRO BA 381 -104.77 -13.14 25.53
C PRO BA 381 -104.44 -11.82 24.84
N ALA BA 382 -105.46 -11.17 24.30
CA ALA BA 382 -105.29 -9.90 23.61
C ALA BA 382 -106.63 -9.17 23.58
N ASP BA 383 -106.61 -7.89 23.93
CA ASP BA 383 -107.85 -7.12 23.96
C ASP BA 383 -108.33 -6.83 22.54
N LEU BA 384 -109.65 -6.83 22.37
CA LEU BA 384 -110.28 -6.56 21.09
C LEU BA 384 -111.44 -5.60 21.32
N VAL BA 385 -111.47 -4.50 20.57
CA VAL BA 385 -112.48 -3.48 20.72
C VAL BA 385 -113.34 -3.45 19.46
N ILE BA 386 -114.56 -2.94 19.63
CA ILE BA 386 -115.50 -2.75 18.52
C ILE BA 386 -115.61 -1.25 18.29
N VAL BA 387 -114.80 -0.73 17.37
CA VAL BA 387 -114.85 0.68 17.00
C VAL BA 387 -115.56 0.80 15.68
N GLY BA 388 -116.46 1.79 15.58
CA GLY BA 388 -117.30 1.93 14.41
C GLY BA 388 -118.16 0.72 14.20
N ASP BA 389 -117.85 -0.08 13.18
CA ASP BA 389 -118.55 -1.34 12.93
C ASP BA 389 -117.58 -2.49 12.71
N LYS BA 390 -116.33 -2.33 13.13
CA LYS BA 390 -115.28 -3.31 12.88
C LYS BA 390 -114.72 -3.82 14.21
N LEU BA 391 -113.91 -4.87 14.11
CA LEU BA 391 -113.23 -5.46 15.25
C LEU BA 391 -111.73 -5.34 15.00
N VAL BA 392 -111.05 -4.52 15.80
CA VAL BA 392 -109.64 -4.24 15.60
C VAL BA 392 -108.87 -4.54 16.88
N PHE BA 393 -107.56 -4.68 16.73
CA PHE BA 393 -106.66 -4.88 17.85
C PHE BA 393 -106.25 -3.55 18.46
N LEU BA 394 -105.99 -3.56 19.76
CA LEU BA 394 -105.49 -2.39 20.48
C LEU BA 394 -104.13 -2.75 21.06
N GLU BA 395 -103.12 -1.92 20.76
CA GLU BA 395 -101.75 -2.22 21.16
C GLU BA 395 -101.14 -1.04 21.90
N ALA BA 396 -100.48 -1.34 23.02
CA ALA BA 396 -99.82 -0.35 23.85
C ALA BA 396 -98.45 -0.89 24.27
N LEU BA 397 -97.67 -1.36 23.30
CA LEU BA 397 -96.42 -2.06 23.61
C LEU BA 397 -95.37 -1.13 24.18
N GLU BA 398 -95.22 -1.15 25.51
CA GLU BA 398 -94.09 -0.50 26.16
C GLU BA 398 -93.45 -1.35 27.24
N ARG BA 399 -94.11 -2.41 27.71
CA ARG BA 399 -93.54 -3.32 28.69
C ARG BA 399 -92.92 -4.57 28.06
N ARG BA 400 -93.56 -5.12 27.02
CA ARG BA 400 -92.97 -6.25 26.32
C ARG BA 400 -91.77 -5.82 25.49
N VAL BA 401 -91.86 -4.65 24.86
CA VAL BA 401 -90.77 -4.09 24.07
C VAL BA 401 -90.46 -2.70 24.62
N TYR BA 402 -89.21 -2.26 24.41
CA TYR BA 402 -88.72 -0.96 24.84
C TYR BA 402 -88.68 -0.81 26.36
N GLN BA 403 -88.66 -1.92 27.10
CA GLN BA 403 -88.63 -1.88 28.55
C GLN BA 403 -87.21 -2.18 29.02
N ALA BA 404 -86.64 -1.25 29.78
CA ALA BA 404 -85.28 -1.40 30.31
C ALA BA 404 -84.27 -1.66 29.20
N THR BA 405 -84.42 -0.96 28.09
CA THR BA 405 -83.55 -1.11 26.93
C THR BA 405 -82.80 0.20 26.69
N ARG BA 406 -81.99 0.20 25.63
CA ARG BA 406 -81.20 1.37 25.24
C ARG BA 406 -81.76 2.06 24.01
N VAL BA 407 -83.07 1.97 23.78
CA VAL BA 407 -83.72 2.56 22.62
C VAL BA 407 -84.96 3.31 23.09
N ALA BA 408 -85.25 4.43 22.43
CA ALA BA 408 -86.42 5.22 22.76
C ALA BA 408 -87.67 4.62 22.13
N TYR BA 409 -88.81 4.96 22.71
CA TYR BA 409 -90.09 4.47 22.20
C TYR BA 409 -90.64 5.43 21.16
N PRO BA 410 -91.06 4.93 19.99
CA PRO BA 410 -91.67 5.83 19.00
C PRO BA 410 -93.06 6.30 19.41
N LEU BA 411 -93.75 6.98 18.50
CA LEU BA 411 -95.05 7.61 18.75
C LEU BA 411 -94.96 8.74 19.76
N ILE BA 412 -93.76 9.27 20.00
CA ILE BA 412 -93.57 10.43 20.85
C ILE BA 412 -92.90 11.52 20.00
N GLY BA 413 -93.24 11.54 18.72
CA GLY BA 413 -92.67 12.53 17.82
C GLY BA 413 -93.01 13.96 18.21
N ASN BA 414 -92.40 14.89 17.49
CA ASN BA 414 -92.54 16.30 17.76
C ASN BA 414 -93.32 16.99 16.66
N ILE BA 415 -93.68 18.25 16.91
CA ILE BA 415 -94.45 19.06 15.97
C ILE BA 415 -93.89 20.47 16.02
N ASP BA 416 -93.49 20.99 14.87
CA ASP BA 416 -92.94 22.34 14.78
C ASP BA 416 -94.05 23.34 14.44
N ILE BA 417 -94.12 24.42 15.20
CA ILE BA 417 -95.11 25.48 15.00
C ILE BA 417 -94.42 26.83 15.08
N THR BA 418 -94.73 27.70 14.14
CA THR BA 418 -94.14 29.03 14.09
C THR BA 418 -95.16 30.08 14.51
N PHE BA 419 -94.64 31.20 15.03
CA PHE BA 419 -95.48 32.30 15.47
C PHE BA 419 -94.97 33.59 14.85
N ILE BA 420 -95.88 34.56 14.70
CA ILE BA 420 -95.55 35.87 14.12
C ILE BA 420 -96.28 36.95 14.90
N MET BA 421 -95.58 38.04 15.19
CA MET BA 421 -96.12 39.15 15.97
C MET BA 421 -95.57 40.46 15.43
N PRO BA 422 -96.42 41.45 15.17
CA PRO BA 422 -95.93 42.78 14.83
C PRO BA 422 -95.39 43.51 16.06
N MET BA 423 -94.48 44.44 15.82
CA MET BA 423 -93.78 45.11 16.91
C MET BA 423 -94.11 46.59 17.02
N GLY BA 424 -93.91 47.37 15.97
CA GLY BA 424 -94.06 48.81 16.07
C GLY BA 424 -95.05 49.42 15.08
N VAL BA 425 -96.14 48.71 14.81
CA VAL BA 425 -97.13 49.21 13.87
C VAL BA 425 -97.92 50.35 14.50
N PHE BA 426 -98.10 51.43 13.74
CA PHE BA 426 -98.87 52.58 14.18
C PHE BA 426 -99.94 52.86 13.12
N GLN BA 427 -101.20 52.66 13.48
CA GLN BA 427 -102.31 52.89 12.55
C GLN BA 427 -102.47 54.39 12.34
N ALA BA 428 -102.04 54.87 11.18
CA ALA BA 428 -102.12 56.30 10.86
C ALA BA 428 -103.49 56.58 10.24
N ASN BA 429 -104.46 56.84 11.12
CA ASN BA 429 -105.80 57.20 10.69
C ASN BA 429 -106.53 57.82 11.87
N SER BA 430 -107.46 58.72 11.58
CA SER BA 430 -108.18 59.39 12.64
C SER BA 430 -109.39 58.60 13.13
N MET BA 431 -109.88 57.66 12.33
CA MET BA 431 -111.11 56.96 12.68
C MET BA 431 -110.87 55.69 13.50
N ASP BA 432 -109.64 55.19 13.55
CA ASP BA 432 -109.36 53.96 14.28
C ASP BA 432 -108.63 54.20 15.59
N ARG BA 433 -108.04 55.38 15.80
CA ARG BA 433 -107.41 55.72 17.07
C ARG BA 433 -108.47 56.31 17.99
N TYR BA 434 -109.40 55.46 18.40
CA TYR BA 434 -110.53 55.85 19.23
C TYR BA 434 -110.44 55.11 20.56
N THR BA 435 -111.48 55.24 21.37
CA THR BA 435 -111.62 54.45 22.59
C THR BA 435 -113.08 54.05 22.73
N ARG BA 436 -113.30 52.90 23.36
CA ARG BA 436 -114.64 52.30 23.43
C ARG BA 436 -115.49 52.84 24.56
N HIS BA 437 -114.89 53.58 25.50
CA HIS BA 437 -115.63 54.16 26.61
C HIS BA 437 -115.10 55.55 26.88
N ALA BA 438 -115.73 56.25 27.83
CA ALA BA 438 -115.31 57.61 28.15
C ALA BA 438 -114.10 57.60 29.06
N GLY BA 439 -114.25 57.07 30.27
CA GLY BA 439 -113.14 56.96 31.20
C GLY BA 439 -112.47 55.61 31.15
N ASP BA 440 -111.92 55.26 29.99
CA ASP BA 440 -111.30 53.95 29.81
C ASP BA 440 -110.10 53.76 30.72
N PHE BA 441 -109.05 54.56 30.51
CA PHE BA 441 -107.83 54.50 31.32
C PHE BA 441 -107.43 55.93 31.64
N SER BA 442 -107.95 56.47 32.73
CA SER BA 442 -107.60 57.83 33.13
C SER BA 442 -106.19 57.87 33.71
N THR BA 443 -105.63 59.07 33.76
CA THR BA 443 -104.28 59.29 34.25
C THR BA 443 -104.22 60.64 34.96
N VAL BA 444 -103.27 60.77 35.87
CA VAL BA 444 -103.11 62.01 36.64
C VAL BA 444 -102.40 63.04 35.77
N SER BA 445 -101.53 62.57 34.87
CA SER BA 445 -100.79 63.47 34.01
C SER BA 445 -101.72 64.13 32.98
N GLU BA 446 -101.24 65.22 32.39
CA GLU BA 446 -102.04 65.95 31.43
C GLU BA 446 -102.05 65.29 30.05
N GLN BA 447 -100.91 64.72 29.65
CA GLN BA 447 -100.80 64.05 28.36
C GLN BA 447 -100.84 62.54 28.57
N ASP BA 448 -101.93 61.91 28.12
CA ASP BA 448 -102.07 60.47 28.24
C ASP BA 448 -100.98 59.77 27.46
N PRO BA 449 -100.08 59.04 28.11
CA PRO BA 449 -98.98 58.35 27.41
C PRO BA 449 -99.44 57.09 26.69
N ARG BA 450 -100.56 57.20 25.96
CA ARG BA 450 -101.07 56.10 25.17
C ARG BA 450 -101.46 56.53 23.76
N GLN BA 451 -101.27 57.81 23.42
CA GLN BA 451 -101.46 58.28 22.06
C GLN BA 451 -100.18 58.15 21.24
N PHE BA 452 -99.02 58.11 21.88
CA PHE BA 452 -97.76 58.00 21.18
C PHE BA 452 -97.61 56.60 20.59
N PRO BA 453 -96.90 56.46 19.47
CA PRO BA 453 -96.75 55.16 18.84
C PRO BA 453 -95.98 54.21 19.72
N PRO BA 454 -96.41 52.96 19.83
CA PRO BA 454 -95.72 51.99 20.70
C PRO BA 454 -94.38 51.58 20.10
N GLN BA 455 -93.58 50.92 20.93
CA GLN BA 455 -92.25 50.49 20.54
C GLN BA 455 -92.02 48.99 20.77
N GLY BA 456 -92.57 48.43 21.84
CA GLY BA 456 -92.38 47.04 22.16
C GLY BA 456 -93.66 46.23 22.06
N ILE BA 457 -93.51 44.93 22.33
CA ILE BA 457 -94.64 44.00 22.33
C ILE BA 457 -94.54 43.12 23.56
N PHE BA 458 -95.69 42.79 24.13
CA PHE BA 458 -95.77 41.97 25.33
C PHE BA 458 -96.50 40.68 25.01
N PHE BA 459 -96.09 39.61 25.67
CA PHE BA 459 -96.75 38.31 25.53
C PHE BA 459 -96.34 37.43 26.70
N TYR BA 460 -96.79 36.18 26.65
CA TYR BA 460 -96.55 35.24 27.74
C TYR BA 460 -95.40 34.31 27.41
N ASN BA 461 -94.76 33.81 28.48
CA ASN BA 461 -93.63 32.92 28.34
C ASN BA 461 -94.13 31.47 28.27
N LYS BA 462 -93.20 30.51 28.38
CA LYS BA 462 -93.58 29.11 28.38
C LYS BA 462 -94.39 28.74 29.62
N ASP BA 463 -94.10 29.38 30.76
CA ASP BA 463 -94.74 29.07 32.02
C ASP BA 463 -95.73 30.14 32.46
N GLY BA 464 -96.04 31.11 31.59
CA GLY BA 464 -96.97 32.16 31.93
C GLY BA 464 -96.36 33.44 32.42
N ILE BA 465 -95.07 33.66 32.21
CA ILE BA 465 -94.39 34.87 32.65
C ILE BA 465 -94.50 35.92 31.56
N LEU BA 466 -94.65 37.17 31.97
CA LEU BA 466 -94.70 38.28 31.02
C LEU BA 466 -93.32 38.52 30.43
N THR BA 467 -93.27 38.66 29.11
CA THR BA 467 -92.04 38.98 28.41
C THR BA 467 -92.25 40.24 27.59
N GLN BA 468 -91.14 40.82 27.12
CA GLN BA 468 -91.21 42.05 26.35
C GLN BA 468 -90.15 42.03 25.26
N LEU BA 469 -90.56 42.43 24.06
CA LEU BA 469 -89.67 42.54 22.90
C LEU BA 469 -89.76 43.98 22.40
N THR BA 470 -88.75 44.77 22.74
CA THR BA 470 -88.72 46.17 22.34
C THR BA 470 -87.97 46.33 21.02
N LEU BA 471 -87.88 47.56 20.54
CA LEU BA 471 -87.12 47.83 19.32
C LEU BA 471 -85.63 47.64 19.53
N ARG BA 472 -85.15 47.83 20.75
CA ARG BA 472 -83.72 47.68 21.03
C ARG BA 472 -83.23 46.26 20.78
N ASP BA 473 -84.12 45.27 20.86
CA ASP BA 473 -83.72 43.89 20.63
C ASP BA 473 -83.46 43.58 19.16
N ALA BA 474 -83.76 44.50 18.25
CA ALA BA 474 -83.52 44.30 16.83
C ALA BA 474 -82.21 44.91 16.37
N MET BA 475 -81.31 45.24 17.31
CA MET BA 475 -80.04 45.84 16.98
C MET BA 475 -79.02 44.83 16.46
N GLY BA 476 -79.43 43.59 16.24
CA GLY BA 476 -78.51 42.58 15.75
C GLY BA 476 -78.67 42.29 14.28
N THR BA 477 -79.79 42.72 13.71
CA THR BA 477 -80.08 42.52 12.29
C THR BA 477 -80.03 43.79 11.48
N ILE BA 478 -80.56 44.90 12.00
CA ILE BA 478 -80.60 46.14 11.23
C ILE BA 478 -79.29 46.89 11.28
N CYS BA 479 -78.42 46.63 12.26
CA CYS BA 479 -77.15 47.32 12.41
C CYS BA 479 -75.98 46.51 11.88
N HIS BA 480 -76.19 45.75 10.81
CA HIS BA 480 -75.14 44.95 10.21
C HIS BA 480 -74.70 45.56 8.89
N SER BA 481 -73.51 45.16 8.44
CA SER BA 481 -73.00 45.63 7.15
C SER BA 481 -73.83 45.15 5.97
N SER BA 482 -74.69 44.16 6.16
CA SER BA 482 -75.55 43.65 5.11
C SER BA 482 -76.57 44.66 4.63
N LEU BA 483 -76.67 45.82 5.28
CA LEU BA 483 -77.57 46.88 4.85
C LEU BA 483 -77.04 47.66 3.67
N LEU BA 484 -75.79 47.45 3.27
CA LEU BA 484 -75.13 48.22 2.23
C LEU BA 484 -74.46 47.29 1.22
N ASP BA 485 -75.21 46.30 0.75
CA ASP BA 485 -74.73 45.31 -0.20
C ASP BA 485 -75.65 45.25 -1.42
N VAL BA 486 -75.95 46.42 -1.98
CA VAL BA 486 -76.94 46.56 -3.03
C VAL BA 486 -76.34 46.31 -4.41
N GLU BA 487 -75.10 45.83 -4.46
CA GLU BA 487 -74.41 45.70 -5.74
C GLU BA 487 -75.04 44.62 -6.61
N ALA BA 488 -75.34 43.46 -6.01
CA ALA BA 488 -76.00 42.41 -6.78
C ALA BA 488 -77.38 42.83 -7.23
N THR BA 489 -78.11 43.57 -6.38
CA THR BA 489 -79.41 44.09 -6.80
C THR BA 489 -79.27 45.04 -7.97
N LEU BA 490 -78.27 45.92 -7.93
CA LEU BA 490 -78.04 46.84 -9.04
C LEU BA 490 -77.70 46.09 -10.32
N VAL BA 491 -76.88 45.04 -10.23
CA VAL BA 491 -76.55 44.27 -11.41
C VAL BA 491 -77.79 43.60 -11.99
N ALA BA 492 -78.60 42.98 -11.12
CA ALA BA 492 -79.82 42.32 -11.59
C ALA BA 492 -80.79 43.31 -12.19
N LEU BA 493 -80.85 44.53 -11.66
CA LEU BA 493 -81.75 45.54 -12.21
C LEU BA 493 -81.24 46.03 -13.57
N ARG BA 494 -79.93 46.28 -13.68
CA ARG BA 494 -79.37 46.72 -14.94
C ARG BA 494 -79.45 45.65 -16.02
N GLN BA 495 -79.52 44.38 -15.63
CA GLN BA 495 -79.63 43.31 -16.61
C GLN BA 495 -80.95 43.40 -17.37
N GLN BA 496 -82.07 43.37 -16.66
CA GLN BA 496 -83.37 43.43 -17.31
C GLN BA 496 -83.53 44.75 -18.07
N HIS BA 497 -84.26 44.68 -19.17
CA HIS BA 497 -84.36 45.80 -20.12
C HIS BA 497 -85.48 46.74 -19.67
N LEU BA 498 -85.12 48.00 -19.40
CA LEU BA 498 -86.09 49.03 -19.07
C LEU BA 498 -85.71 50.32 -19.80
N ASP BA 499 -86.72 51.03 -20.28
CA ASP BA 499 -86.52 52.29 -20.97
C ASP BA 499 -87.15 53.41 -20.14
N ARG BA 500 -86.51 54.57 -20.16
CA ARG BA 500 -87.03 55.72 -19.44
C ARG BA 500 -86.38 56.98 -19.99
N GLN BA 501 -87.12 58.09 -19.92
CA GLN BA 501 -86.64 59.39 -20.35
C GLN BA 501 -86.90 60.40 -19.24
N CYS BA 502 -86.78 61.69 -19.55
CA CYS BA 502 -87.02 62.78 -18.61
C CYS BA 502 -86.08 62.67 -17.42
N TYR BA 503 -84.80 62.92 -17.73
CA TYR BA 503 -83.71 62.87 -16.76
C TYR BA 503 -83.47 64.21 -16.09
N PHE BA 504 -84.51 65.03 -15.96
CA PHE BA 504 -84.34 66.37 -15.40
C PHE BA 504 -83.85 66.31 -13.96
N GLY BA 505 -84.54 65.57 -13.11
CA GLY BA 505 -84.24 65.58 -11.69
C GLY BA 505 -83.14 64.63 -11.26
N VAL BA 506 -82.29 64.19 -12.19
CA VAL BA 506 -81.21 63.29 -11.85
C VAL BA 506 -79.90 63.79 -12.43
N TYR BA 507 -79.97 64.82 -13.27
CA TYR BA 507 -78.79 65.36 -13.95
C TYR BA 507 -78.32 66.63 -13.25
N VAL BA 508 -77.00 66.79 -13.16
CA VAL BA 508 -76.38 67.95 -12.54
C VAL BA 508 -75.41 68.56 -13.54
N ALA BA 509 -75.33 69.89 -13.56
CA ALA BA 509 -74.44 70.58 -14.48
C ALA BA 509 -73.54 71.56 -13.73
N GLU BA 510 -72.80 72.38 -14.46
CA GLU BA 510 -71.91 73.37 -13.90
C GLU BA 510 -72.29 74.76 -14.43
N GLY BA 511 -71.48 75.76 -14.07
CA GLY BA 511 -71.76 77.14 -14.42
C GLY BA 511 -70.91 77.60 -15.60
N THR BA 512 -71.46 78.51 -16.40
CA THR BA 512 -70.79 79.07 -17.55
C THR BA 512 -70.28 80.49 -17.30
N GLU BA 513 -70.03 80.84 -16.05
CA GLU BA 513 -69.46 82.13 -15.64
C GLU BA 513 -70.38 83.31 -15.94
N ASP BA 514 -71.61 83.07 -16.37
CA ASP BA 514 -72.59 84.14 -16.39
C ASP BA 514 -72.94 84.51 -14.95
N THR BA 515 -73.67 85.63 -14.79
CA THR BA 515 -73.90 86.10 -13.42
C THR BA 515 -74.96 85.27 -12.72
N LEU BA 516 -76.23 85.44 -13.08
CA LEU BA 516 -77.26 84.47 -12.76
C LEU BA 516 -78.29 84.38 -13.87
N ASP BA 517 -78.46 85.48 -14.61
CA ASP BA 517 -79.65 85.68 -15.42
C ASP BA 517 -79.63 84.90 -16.73
N VAL BA 518 -78.50 84.93 -17.43
CA VAL BA 518 -78.40 84.17 -18.67
C VAL BA 518 -78.58 82.69 -18.39
N GLN BA 519 -77.95 82.20 -17.31
CA GLN BA 519 -78.09 80.81 -16.93
C GLN BA 519 -79.52 80.48 -16.55
N MET BA 520 -80.19 81.38 -15.83
CA MET BA 520 -81.57 81.13 -15.44
C MET BA 520 -82.47 81.07 -16.66
N GLY BA 521 -82.28 81.96 -17.63
CA GLY BA 521 -83.09 81.93 -18.83
C GLY BA 521 -82.84 80.68 -19.66
N ARG BA 522 -81.58 80.29 -19.80
CA ARG BA 522 -81.26 79.05 -20.51
C ARG BA 522 -81.92 77.85 -19.83
N PHE BA 523 -81.82 77.78 -18.51
CA PHE BA 523 -82.45 76.68 -17.79
C PHE BA 523 -83.96 76.70 -17.95
N MET BA 524 -84.57 77.89 -17.91
CA MET BA 524 -86.01 77.98 -18.10
C MET BA 524 -86.41 77.42 -19.45
N GLU BA 525 -85.76 77.88 -20.52
CA GLU BA 525 -86.11 77.40 -21.87
C GLU BA 525 -85.90 75.90 -21.99
N THR BA 526 -84.73 75.40 -21.57
CA THR BA 526 -84.44 73.98 -21.66
C THR BA 526 -85.47 73.18 -20.86
N TRP BA 527 -85.48 73.34 -19.54
CA TRP BA 527 -86.44 72.64 -18.68
C TRP BA 527 -87.87 72.77 -19.18
N ALA BA 528 -88.19 73.82 -19.95
CA ALA BA 528 -89.51 73.89 -20.57
C ALA BA 528 -89.66 72.88 -21.69
N ASP BA 529 -88.69 72.81 -22.60
CA ASP BA 529 -88.87 71.96 -23.79
C ASP BA 529 -88.00 70.70 -23.76
N MET BA 530 -87.61 70.25 -22.57
CA MET BA 530 -86.81 69.04 -22.43
C MET BA 530 -87.47 68.00 -21.52
N MET BA 531 -88.74 68.17 -21.20
CA MET BA 531 -89.48 67.24 -20.33
C MET BA 531 -90.42 66.41 -21.19
N PRO BA 532 -90.01 65.23 -21.65
CA PRO BA 532 -90.91 64.43 -22.50
C PRO BA 532 -92.08 63.86 -21.73
N HIS BA 533 -91.85 63.38 -20.51
CA HIS BA 533 -92.88 62.79 -19.67
C HIS BA 533 -92.94 63.53 -18.35
N HIS BA 534 -93.73 63.01 -17.44
CA HIS BA 534 -93.80 63.62 -16.13
C HIS BA 534 -92.91 62.87 -15.15
N PRO BA 535 -92.32 63.57 -14.19
CA PRO BA 535 -91.48 62.90 -13.20
C PRO BA 535 -92.29 61.95 -12.33
N HIS BA 536 -91.59 60.97 -11.75
CA HIS BA 536 -92.21 59.96 -10.91
C HIS BA 536 -92.03 60.23 -9.42
N TRP BA 537 -91.23 61.23 -9.06
CA TRP BA 537 -90.99 61.55 -7.66
C TRP BA 537 -91.83 62.72 -7.17
N VAL BA 538 -92.71 63.25 -8.01
CA VAL BA 538 -93.52 64.40 -7.63
C VAL BA 538 -94.92 64.01 -7.16
N ASN BA 539 -95.39 62.81 -7.51
CA ASN BA 539 -96.74 62.37 -7.12
C ASN BA 539 -96.66 61.61 -5.80
N GLU BA 540 -96.58 62.38 -4.71
CA GLU BA 540 -96.52 61.81 -3.37
C GLU BA 540 -97.85 61.90 -2.64
N HIS BA 541 -98.90 62.35 -3.32
CA HIS BA 541 -100.23 62.43 -2.72
C HIS BA 541 -100.92 61.07 -2.63
N LEU BA 542 -100.32 60.03 -3.20
CA LEU BA 542 -100.94 58.72 -3.18
C LEU BA 542 -101.02 58.17 -1.77
N THR BA 543 -102.07 57.41 -1.50
CA THR BA 543 -102.21 56.73 -0.22
C THR BA 543 -101.46 55.39 -0.26
N ILE BA 544 -101.46 54.68 0.86
CA ILE BA 544 -100.75 53.41 0.92
C ILE BA 544 -101.38 52.40 -0.01
N LEU BA 545 -102.71 52.39 -0.12
CA LEU BA 545 -103.37 51.45 -1.02
C LEU BA 545 -102.98 51.70 -2.47
N GLN BA 546 -103.02 52.96 -2.91
CA GLN BA 546 -102.64 53.26 -4.27
C GLN BA 546 -101.17 52.99 -4.53
N PHE BA 547 -100.32 53.20 -3.52
CA PHE BA 547 -98.90 52.92 -3.71
C PHE BA 547 -98.63 51.41 -3.76
N ILE BA 548 -99.46 50.62 -3.09
CA ILE BA 548 -99.24 49.18 -3.07
C ILE BA 548 -99.85 48.52 -4.30
N ALA BA 549 -100.91 49.10 -4.86
CA ALA BA 549 -101.56 48.53 -6.02
C ALA BA 549 -100.55 48.32 -7.15
N PRO BA 550 -100.71 47.25 -7.94
CA PRO BA 550 -99.71 46.94 -8.98
C PRO BA 550 -99.63 47.99 -10.09
N SER BA 551 -100.62 48.87 -10.20
CA SER BA 551 -100.58 49.92 -11.21
C SER BA 551 -99.51 50.96 -10.94
N ASN BA 552 -98.92 50.97 -9.76
CA ASN BA 552 -97.91 51.96 -9.42
C ASN BA 552 -96.62 51.67 -10.20
N PRO BA 553 -96.16 52.57 -11.05
CA PRO BA 553 -94.97 52.30 -11.85
C PRO BA 553 -93.68 52.29 -11.05
N ARG BA 554 -93.64 53.11 -9.99
CA ARG BA 554 -92.45 53.24 -9.16
C ARG BA 554 -92.41 52.22 -8.03
N LEU BA 555 -93.20 51.16 -8.11
CA LEU BA 555 -93.21 50.16 -7.04
C LEU BA 555 -92.02 49.21 -7.17
N ARG BA 556 -91.62 48.88 -8.39
CA ARG BA 556 -90.55 47.91 -8.58
C ARG BA 556 -89.19 48.40 -8.09
N PHE BA 557 -89.02 49.70 -7.94
CA PHE BA 557 -87.75 50.25 -7.49
C PHE BA 557 -87.69 50.48 -5.98
N GLU BA 558 -88.80 50.25 -5.27
CA GLU BA 558 -88.83 50.39 -3.81
C GLU BA 558 -88.42 49.06 -3.21
N LEU BA 559 -87.11 48.88 -3.00
CA LEU BA 559 -86.56 47.63 -2.48
C LEU BA 559 -85.95 47.79 -1.10
N ASN BA 560 -85.04 48.73 -0.93
CA ASN BA 560 -84.42 48.91 0.37
C ASN BA 560 -84.93 50.18 1.04
N PRO BA 561 -85.12 50.16 2.35
CA PRO BA 561 -85.58 51.38 3.04
C PRO BA 561 -84.53 52.46 3.14
N ALA BA 562 -83.26 52.15 2.88
CA ALA BA 562 -82.17 53.11 3.03
C ALA BA 562 -81.61 53.58 1.71
N PHE BA 563 -82.15 53.13 0.59
CA PHE BA 563 -81.64 53.50 -0.73
C PHE BA 563 -82.76 54.01 -1.60
N ASP BA 564 -82.38 54.70 -2.68
CA ASP BA 564 -83.31 55.23 -3.67
C ASP BA 564 -82.85 54.77 -5.04
N PHE BA 565 -83.61 53.87 -5.65
CA PHE BA 565 -83.27 53.30 -6.95
C PHE BA 565 -83.98 54.11 -8.04
N PHE BA 566 -83.19 54.72 -8.92
CA PHE BA 566 -83.70 55.50 -10.02
C PHE BA 566 -82.97 55.10 -11.29
N VAL BA 567 -83.39 55.68 -12.41
CA VAL BA 567 -82.76 55.43 -13.71
C VAL BA 567 -82.15 56.74 -14.19
N ALA BA 568 -80.94 56.66 -14.72
CA ALA BA 568 -80.19 57.82 -15.16
C ALA BA 568 -79.43 57.47 -16.43
N PRO BA 569 -79.20 58.45 -17.30
CA PRO BA 569 -78.40 58.19 -18.50
C PRO BA 569 -76.99 57.79 -18.12
N GLY BA 570 -76.59 56.60 -18.56
CA GLY BA 570 -75.25 56.13 -18.29
C GLY BA 570 -74.21 56.87 -19.11
N ASP BA 571 -72.95 56.55 -18.82
CA ASP BA 571 -71.80 57.13 -19.54
C ASP BA 571 -71.81 58.64 -19.47
N VAL BA 572 -72.03 59.18 -18.26
CA VAL BA 572 -71.92 60.61 -18.01
C VAL BA 572 -71.23 60.80 -16.67
N ASP BA 573 -70.42 61.86 -16.57
CA ASP BA 573 -69.82 62.23 -15.29
C ASP BA 573 -70.60 63.36 -14.66
N LEU BA 574 -70.78 63.29 -13.35
CA LEU BA 574 -71.56 64.28 -12.62
C LEU BA 574 -70.64 65.11 -11.74
N PRO BA 575 -70.58 66.44 -11.92
CA PRO BA 575 -71.34 67.18 -12.92
C PRO BA 575 -70.72 67.10 -14.30
N GLY BA 576 -71.43 67.60 -15.32
CA GLY BA 576 -70.94 67.55 -16.68
C GLY BA 576 -71.25 68.81 -17.45
N PRO BA 577 -71.50 68.67 -18.75
CA PRO BA 577 -71.78 69.84 -19.58
C PRO BA 577 -73.14 70.45 -19.26
N GLN BA 578 -73.42 71.58 -19.91
CA GLN BA 578 -74.69 72.26 -19.68
C GLN BA 578 -75.85 71.43 -20.23
N ARG BA 579 -75.71 70.88 -21.42
CA ARG BA 579 -76.80 70.06 -21.92
C ARG BA 579 -76.50 68.58 -21.71
N PRO BA 580 -77.47 67.79 -21.29
CA PRO BA 580 -77.24 66.37 -21.07
C PRO BA 580 -77.01 65.65 -22.39
N PRO BA 581 -75.87 64.99 -22.54
CA PRO BA 581 -75.61 64.26 -23.80
C PRO BA 581 -76.46 63.01 -23.90
N GLU BA 582 -76.79 62.65 -25.14
CA GLU BA 582 -77.59 61.47 -25.38
C GLU BA 582 -76.78 60.20 -25.10
N ALA BA 583 -77.33 59.33 -24.27
CA ALA BA 583 -76.71 58.06 -23.96
C ALA BA 583 -77.81 57.07 -23.56
N MET BA 584 -77.41 55.86 -23.27
CA MET BA 584 -78.39 54.84 -22.90
C MET BA 584 -78.66 54.90 -21.40
N PRO BA 585 -79.92 54.98 -20.98
CA PRO BA 585 -80.20 55.06 -19.55
C PRO BA 585 -79.85 53.77 -18.83
N THR BA 586 -79.39 53.90 -17.59
CA THR BA 586 -79.06 52.76 -16.74
C THR BA 586 -79.58 53.02 -15.33
N VAL BA 587 -79.56 51.98 -14.50
CA VAL BA 587 -80.09 52.07 -13.16
C VAL BA 587 -78.98 52.49 -12.20
N ASN BA 588 -79.28 53.48 -11.37
CA ASN BA 588 -78.37 53.92 -10.32
C ASN BA 588 -79.12 53.98 -9.00
N ALA BA 589 -78.37 54.03 -7.90
CA ALA BA 589 -78.94 54.01 -6.57
C ALA BA 589 -78.16 54.95 -5.67
N THR BA 590 -78.85 55.94 -5.11
CA THR BA 590 -78.26 56.85 -4.15
C THR BA 590 -78.68 56.42 -2.74
N LEU BA 591 -78.34 57.24 -1.76
CA LEU BA 591 -78.57 56.91 -0.36
C LEU BA 591 -79.58 57.88 0.24
N ARG BA 592 -80.45 57.36 1.12
CA ARG BA 592 -81.41 58.19 1.85
C ARG BA 592 -80.76 58.59 3.17
N ILE BA 593 -80.10 59.75 3.18
CA ILE BA 593 -79.35 60.16 4.36
C ILE BA 593 -80.29 60.45 5.52
N ILE BA 594 -81.42 61.08 5.24
CA ILE BA 594 -82.39 61.45 6.27
C ILE BA 594 -83.49 60.40 6.30
N ASN BA 595 -83.88 60.00 7.51
CA ASN BA 595 -85.01 59.09 7.64
C ASN BA 595 -86.32 59.73 7.20
N GLY BA 596 -86.37 61.06 7.14
CA GLY BA 596 -87.53 61.75 6.62
C GLY BA 596 -87.68 61.70 5.12
N ASN BA 597 -86.65 61.24 4.41
CA ASN BA 597 -86.71 61.12 2.95
C ASN BA 597 -87.57 59.95 2.50
N ILE BA 598 -88.05 59.13 3.42
CA ILE BA 598 -88.94 58.02 3.04
C ILE BA 598 -90.22 58.60 2.44
N PRO BA 599 -90.72 58.04 1.35
CA PRO BA 599 -91.94 58.60 0.73
C PRO BA 599 -93.11 58.65 1.70
N VAL BA 600 -93.97 59.65 1.50
CA VAL BA 600 -95.12 59.84 2.38
C VAL BA 600 -96.06 58.64 2.36
N PRO BA 601 -96.37 58.01 1.22
CA PRO BA 601 -97.21 56.81 1.25
C PRO BA 601 -96.71 55.74 2.20
N LEU BA 602 -95.41 55.66 2.43
CA LEU BA 602 -94.86 54.71 3.38
C LEU BA 602 -94.84 55.27 4.80
N CYS BA 603 -94.35 56.50 4.96
CA CYS BA 603 -94.33 57.16 6.27
C CYS BA 603 -95.31 58.33 6.24
N PRO BA 604 -96.50 58.19 6.84
CA PRO BA 604 -97.51 59.24 6.72
C PRO BA 604 -97.17 60.49 7.50
N ILE BA 605 -98.07 61.47 7.46
CA ILE BA 605 -97.85 62.74 8.15
C ILE BA 605 -98.36 62.68 9.59
N SER BA 606 -99.48 62.01 9.84
CA SER BA 606 -100.01 61.93 11.20
C SER BA 606 -99.02 61.24 12.13
N PHE BA 607 -98.33 60.22 11.64
CA PHE BA 607 -97.32 59.55 12.46
C PHE BA 607 -96.20 60.51 12.82
N ARG BA 608 -95.73 61.30 11.86
CA ARG BA 608 -94.66 62.25 12.14
C ARG BA 608 -95.11 63.30 13.13
N ASP BA 609 -96.37 63.77 13.01
CA ASP BA 609 -96.86 64.77 13.94
C ASP BA 609 -96.99 64.19 15.34
N CYS BA 610 -97.46 62.95 15.46
CA CYS BA 610 -97.54 62.32 16.77
C CYS BA 610 -96.16 62.12 17.37
N ARG BA 611 -95.18 61.77 16.54
CA ARG BA 611 -93.81 61.62 17.03
C ARG BA 611 -93.26 62.96 17.50
N GLY BA 612 -93.53 64.03 16.76
CA GLY BA 612 -93.09 65.34 17.22
C GLY BA 612 -93.76 65.77 18.50
N THR BA 613 -95.04 65.42 18.66
CA THR BA 613 -95.73 65.71 19.91
C THR BA 613 -95.10 64.97 21.07
N GLN BA 614 -94.76 63.69 20.87
CA GLN BA 614 -94.10 62.93 21.92
C GLN BA 614 -92.70 63.47 22.20
N LEU BA 615 -92.02 63.99 21.18
CA LEU BA 615 -90.70 64.57 21.38
C LEU BA 615 -90.78 65.83 22.23
N GLY BA 616 -91.59 66.78 21.80
CA GLY BA 616 -91.78 68.01 22.56
C GLY BA 616 -92.78 67.84 23.68
N LEU BA 617 -92.42 67.02 24.68
CA LEU BA 617 -93.34 66.77 25.78
C LEU BA 617 -93.57 68.03 26.61
N GLY BA 618 -92.51 68.56 27.20
CA GLY BA 618 -92.61 69.76 28.01
C GLY BA 618 -91.46 70.72 27.77
N ARG BA 619 -90.91 70.71 26.56
CA ARG BA 619 -89.81 71.58 26.20
C ARG BA 619 -90.34 73.01 26.06
N HIS BA 620 -89.45 73.93 25.67
CA HIS BA 620 -89.83 75.33 25.55
C HIS BA 620 -90.91 75.52 24.49
N THR BA 621 -91.86 76.39 24.78
CA THR BA 621 -92.99 76.66 23.89
C THR BA 621 -93.18 78.15 23.76
N MET BA 622 -93.39 78.60 22.52
CA MET BA 622 -93.58 80.00 22.23
C MET BA 622 -94.98 80.44 22.59
N THR BA 623 -95.13 81.72 22.91
CA THR BA 623 -96.42 82.24 23.34
C THR BA 623 -97.28 82.61 22.13
N PRO BA 624 -98.60 82.50 22.26
CA PRO BA 624 -99.48 82.88 21.13
C PRO BA 624 -99.27 84.29 20.63
N ALA BA 625 -98.83 85.21 21.49
CA ALA BA 625 -98.54 86.56 21.02
C ALA BA 625 -97.46 86.54 19.94
N THR BA 626 -96.29 85.98 20.27
CA THR BA 626 -95.22 85.88 19.29
C THR BA 626 -95.65 85.05 18.08
N ILE BA 627 -96.41 83.97 18.32
CA ILE BA 627 -96.84 83.13 17.21
C ILE BA 627 -97.66 83.92 16.21
N LYS BA 628 -98.72 84.59 16.68
CA LYS BA 628 -99.57 85.35 15.79
C LYS BA 628 -98.81 86.51 15.15
N ALA BA 629 -97.86 87.10 15.88
CA ALA BA 629 -97.10 88.21 15.34
C ALA BA 629 -96.26 87.76 14.15
N VAL BA 630 -95.46 86.71 14.33
CA VAL BA 630 -94.65 86.22 13.22
C VAL BA 630 -95.55 85.71 12.09
N LYS BA 631 -96.71 85.17 12.44
CA LYS BA 631 -97.60 84.65 11.40
C LYS BA 631 -98.11 85.76 10.48
N ASP BA 632 -98.66 86.82 11.07
CA ASP BA 632 -99.19 87.89 10.21
C ASP BA 632 -98.06 88.67 9.56
N THR BA 633 -96.88 88.70 10.18
CA THR BA 633 -95.73 89.27 9.50
C THR BA 633 -95.39 88.49 8.23
N PHE BA 634 -95.35 87.16 8.33
CA PHE BA 634 -94.98 86.36 7.17
C PHE BA 634 -96.07 86.40 6.10
N GLU BA 635 -97.33 86.44 6.51
CA GLU BA 635 -98.40 86.50 5.52
C GLU BA 635 -98.50 87.85 4.84
N ASP BA 636 -98.18 88.94 5.56
CA ASP BA 636 -98.41 90.28 5.02
C ASP BA 636 -97.67 90.48 3.71
N ARG BA 637 -98.42 90.88 2.68
CA ARG BA 637 -97.86 91.19 1.38
C ARG BA 637 -97.55 92.67 1.21
N ALA BA 638 -97.92 93.50 2.18
CA ALA BA 638 -97.61 94.92 2.16
C ALA BA 638 -96.24 95.22 2.77
N TYR BA 639 -95.37 94.22 2.85
CA TYR BA 639 -94.04 94.41 3.40
C TYR BA 639 -93.26 95.40 2.55
N PRO BA 640 -92.76 96.50 3.13
CA PRO BA 640 -92.08 97.50 2.32
C PRO BA 640 -90.73 97.01 1.81
N THR BA 641 -90.50 97.23 0.51
CA THR BA 641 -89.24 96.85 -0.12
C THR BA 641 -88.04 97.61 0.44
N ILE BA 642 -88.28 98.68 1.20
CA ILE BA 642 -87.18 99.41 1.80
C ILE BA 642 -86.42 98.53 2.78
N PHE BA 643 -87.13 97.62 3.46
CA PHE BA 643 -86.45 96.69 4.36
C PHE BA 643 -85.54 95.74 3.59
N TYR BA 644 -86.02 95.21 2.47
CA TYR BA 644 -85.17 94.36 1.65
C TYR BA 644 -83.95 95.12 1.14
N MET BA 645 -84.15 96.37 0.74
CA MET BA 645 -83.03 97.17 0.25
C MET BA 645 -81.99 97.40 1.34
N LEU BA 646 -82.46 97.76 2.55
CA LEU BA 646 -81.54 97.97 3.66
C LEU BA 646 -80.81 96.68 4.03
N GLU BA 647 -81.51 95.55 4.02
CA GLU BA 647 -80.85 94.28 4.28
C GLU BA 647 -79.79 93.96 3.24
N ALA BA 648 -80.11 94.20 1.97
CA ALA BA 648 -79.15 93.92 0.90
C ALA BA 648 -77.92 94.80 1.02
N VAL BA 649 -78.09 96.08 1.37
CA VAL BA 649 -76.92 96.94 1.45
C VAL BA 649 -76.12 96.63 2.73
N ILE BA 650 -76.79 96.18 3.79
CA ILE BA 650 -76.06 95.80 4.99
C ILE BA 650 -75.23 94.53 4.74
N HIS BA 651 -75.82 93.57 4.02
CA HIS BA 651 -75.18 92.30 3.68
C HIS BA 651 -74.59 91.60 4.90
N GLY BA 652 -75.13 91.87 6.08
CA GLY BA 652 -74.75 91.16 7.29
C GLY BA 652 -73.33 91.44 7.74
N ASN BA 653 -73.06 92.65 8.18
CA ASN BA 653 -71.76 93.01 8.73
C ASN BA 653 -71.94 93.85 9.98
N GLU BA 654 -71.21 93.49 11.04
CA GLU BA 654 -71.32 94.21 12.30
C GLU BA 654 -70.88 95.66 12.15
N ARG BA 655 -69.83 95.90 11.36
CA ARG BA 655 -69.34 97.26 11.14
C ARG BA 655 -70.40 98.14 10.52
N ASN BA 656 -71.31 97.57 9.72
CA ASN BA 656 -72.41 98.34 9.17
C ASN BA 656 -73.59 98.41 10.13
N PHE BA 657 -73.84 97.34 10.88
CA PHE BA 657 -74.97 97.34 11.80
C PHE BA 657 -74.79 98.37 12.90
N CYS BA 658 -73.60 98.43 13.50
CA CYS BA 658 -73.37 99.40 14.58
C CYS BA 658 -73.51 100.83 14.08
N ALA BA 659 -73.11 101.09 12.85
CA ALA BA 659 -73.23 102.43 12.28
C ALA BA 659 -74.67 102.78 11.92
N LEU BA 660 -75.43 101.82 11.40
CA LEU BA 660 -76.81 102.05 10.99
C LEU BA 660 -77.80 101.84 12.12
N LEU BA 661 -77.32 101.60 13.34
CA LEU BA 661 -78.22 101.38 14.48
C LEU BA 661 -79.26 102.49 14.60
N ARG BA 662 -78.84 103.75 14.43
CA ARG BA 662 -79.74 104.88 14.68
C ARG BA 662 -80.97 104.82 13.78
N LEU BA 663 -80.77 104.58 12.49
CA LEU BA 663 -81.90 104.49 11.58
C LEU BA 663 -82.72 103.24 11.82
N LEU BA 664 -82.05 102.14 12.22
CA LEU BA 664 -82.75 100.87 12.39
C LEU BA 664 -83.77 100.94 13.52
N THR BA 665 -83.39 101.49 14.67
CA THR BA 665 -84.33 101.62 15.77
C THR BA 665 -85.56 102.41 15.36
N GLN BA 666 -85.35 103.55 14.71
CA GLN BA 666 -86.46 104.41 14.31
C GLN BA 666 -87.38 103.71 13.32
N CYS BA 667 -86.81 103.07 12.28
CA CYS BA 667 -87.68 102.44 11.29
C CYS BA 667 -88.40 101.23 11.87
N ILE BA 668 -87.75 100.47 12.75
CA ILE BA 668 -88.40 99.34 13.39
C ILE BA 668 -89.56 99.81 14.25
N ARG BA 669 -89.34 100.85 15.05
CA ARG BA 669 -90.42 101.37 15.89
C ARG BA 669 -91.56 101.92 15.04
N GLY BA 670 -91.24 102.60 13.95
CA GLY BA 670 -92.28 103.14 13.10
C GLY BA 670 -93.08 102.05 12.40
N TYR BA 671 -92.41 100.98 11.97
CA TYR BA 671 -93.13 99.88 11.34
C TYR BA 671 -93.97 99.12 12.36
N TRP BA 672 -93.50 99.04 13.60
CA TRP BA 672 -94.28 98.28 14.57
C TRP BA 672 -95.47 99.09 15.08
N GLU BA 673 -95.29 100.34 15.46
CA GLU BA 673 -96.43 101.10 15.98
C GLU BA 673 -97.27 101.67 14.84
N GLN BA 674 -97.54 100.83 13.85
CA GLN BA 674 -98.57 101.08 12.84
C GLN BA 674 -99.42 99.86 12.52
N SER BA 675 -98.89 98.64 12.67
CA SER BA 675 -99.66 97.44 12.43
C SER BA 675 -99.34 96.32 13.41
N HIS BA 676 -98.54 96.59 14.45
CA HIS BA 676 -98.11 95.59 15.42
C HIS BA 676 -97.46 94.39 14.73
N ARG BA 677 -96.38 94.67 14.03
CA ARG BA 677 -95.68 93.66 13.25
C ARG BA 677 -94.18 93.80 13.43
N VAL BA 678 -93.52 92.69 13.66
CA VAL BA 678 -92.06 92.63 13.79
C VAL BA 678 -91.46 92.49 12.40
N ALA BA 679 -90.32 93.14 12.17
CA ALA BA 679 -89.66 93.14 10.88
C ALA BA 679 -88.27 92.52 11.02
N PHE BA 680 -87.57 92.43 9.89
CA PHE BA 680 -86.19 91.96 9.82
C PHE BA 680 -86.04 90.51 10.27
N VAL BA 681 -87.08 89.70 10.07
CA VAL BA 681 -86.99 88.27 10.34
C VAL BA 681 -86.32 87.53 9.18
N ASN BA 682 -86.13 88.20 8.05
CA ASN BA 682 -85.59 87.57 6.85
C ASN BA 682 -84.25 86.90 7.13
N ASN BA 683 -83.25 87.69 7.49
CA ASN BA 683 -81.91 87.15 7.71
C ASN BA 683 -81.74 86.65 9.13
N PHE BA 684 -80.87 85.65 9.28
CA PHE BA 684 -80.52 85.19 10.62
C PHE BA 684 -79.51 86.10 11.29
N HIS BA 685 -78.72 86.84 10.52
CA HIS BA 685 -77.82 87.84 11.10
C HIS BA 685 -78.50 89.19 11.23
N MET BA 686 -79.72 89.20 11.73
CA MET BA 686 -80.35 90.45 12.12
C MET BA 686 -80.95 90.38 13.51
N LEU BA 687 -81.59 89.28 13.86
CA LEU BA 687 -82.22 89.17 15.17
C LEU BA 687 -81.18 88.96 16.27
N MET BA 688 -80.08 88.28 15.95
CA MET BA 688 -79.01 88.15 16.92
C MET BA 688 -78.38 89.50 17.23
N TYR BA 689 -78.10 90.29 16.19
CA TYR BA 689 -77.58 91.63 16.42
C TYR BA 689 -78.59 92.49 17.18
N ILE BA 690 -79.88 92.34 16.87
CA ILE BA 690 -80.90 93.11 17.58
C ILE BA 690 -80.89 92.76 19.06
N THR BA 691 -80.91 91.48 19.41
CA THR BA 691 -80.97 91.11 20.82
C THR BA 691 -79.65 91.35 21.53
N THR BA 692 -78.54 91.47 20.79
CA THR BA 692 -77.27 91.75 21.44
C THR BA 692 -77.08 93.23 21.69
N TYR BA 693 -77.53 94.09 20.78
CA TYR BA 693 -77.30 95.52 20.90
C TYR BA 693 -78.51 96.26 21.47
N LEU BA 694 -79.66 96.14 20.82
CA LEU BA 694 -80.88 96.75 21.33
C LEU BA 694 -81.52 95.86 22.38
N GLY BA 695 -80.73 95.46 23.38
CA GLY BA 695 -81.21 94.55 24.40
C GLY BA 695 -81.28 95.18 25.77
N ASN BA 696 -81.38 96.50 25.82
CA ASN BA 696 -81.39 97.22 27.09
C ASN BA 696 -82.68 97.98 27.36
N GLY BA 697 -83.53 98.17 26.34
CA GLY BA 697 -84.77 98.89 26.54
C GLY BA 697 -85.03 99.94 25.48
N GLU BA 698 -84.23 99.94 24.41
CA GLU BA 698 -84.45 100.88 23.33
C GLU BA 698 -85.79 100.65 22.66
N LEU BA 699 -86.08 99.41 22.34
CA LEU BA 699 -87.37 99.04 21.78
C LEU BA 699 -88.37 98.76 22.89
N PRO BA 700 -89.67 98.84 22.59
CA PRO BA 700 -90.67 98.47 23.60
C PRO BA 700 -90.48 97.04 24.09
N GLU BA 701 -91.07 96.76 25.24
CA GLU BA 701 -90.90 95.45 25.88
C GLU BA 701 -91.60 94.32 25.14
N VAL BA 702 -92.18 94.57 23.98
CA VAL BA 702 -92.89 93.51 23.26
C VAL BA 702 -92.05 92.94 22.11
N CYS BA 703 -91.43 93.80 21.30
CA CYS BA 703 -90.64 93.31 20.16
C CYS BA 703 -89.41 92.55 20.64
N ILE BA 704 -88.71 93.10 21.63
CA ILE BA 704 -87.55 92.41 22.18
C ILE BA 704 -87.95 91.09 22.81
N ASN BA 705 -89.15 91.03 23.39
CA ASN BA 705 -89.63 89.77 23.96
C ASN BA 705 -89.92 88.76 22.86
N ILE BA 706 -90.49 89.19 21.73
CA ILE BA 706 -90.71 88.28 20.61
C ILE BA 706 -89.38 87.73 20.10
N TYR BA 707 -88.38 88.62 19.97
CA TYR BA 707 -87.07 88.17 19.51
C TYR BA 707 -86.46 87.17 20.48
N ARG BA 708 -86.55 87.44 21.79
CA ARG BA 708 -86.03 86.54 22.78
C ARG BA 708 -86.75 85.20 22.75
N ASP BA 709 -88.07 85.22 22.50
CA ASP BA 709 -88.82 83.98 22.42
C ASP BA 709 -88.37 83.13 21.25
N LEU BA 710 -88.17 83.76 20.08
CA LEU BA 710 -87.64 83.02 18.95
C LEU BA 710 -86.28 82.42 19.24
N LEU BA 711 -85.39 83.21 19.85
CA LEU BA 711 -84.06 82.71 20.19
C LEU BA 711 -84.14 81.54 21.17
N GLN BA 712 -85.05 81.64 22.15
CA GLN BA 712 -85.20 80.57 23.13
C GLN BA 712 -85.71 79.29 22.48
N HIS BA 713 -86.64 79.42 21.53
CA HIS BA 713 -87.11 78.24 20.82
C HIS BA 713 -85.99 77.59 20.03
N VAL BA 714 -85.17 78.40 19.34
CA VAL BA 714 -84.03 77.84 18.61
C VAL BA 714 -83.09 77.11 19.54
N ARG BA 715 -82.77 77.73 20.68
CA ARG BA 715 -81.86 77.09 21.63
C ARG BA 715 -82.46 75.83 22.24
N ALA BA 716 -83.78 75.79 22.42
CA ALA BA 716 -84.43 74.60 22.94
C ALA BA 716 -84.35 73.45 21.95
N LEU BA 717 -84.56 73.74 20.66
CA LEU BA 717 -84.36 72.70 19.65
C LEU BA 717 -82.91 72.20 19.66
N ARG BA 718 -81.96 73.13 19.72
CA ARG BA 718 -80.55 72.75 19.78
C ARG BA 718 -80.28 71.82 20.97
N GLN BA 719 -80.85 72.16 22.13
CA GLN BA 719 -80.62 71.33 23.31
C GLN BA 719 -81.31 69.98 23.20
N THR BA 720 -82.48 69.94 22.56
CA THR BA 720 -83.15 68.66 22.34
C THR BA 720 -82.29 67.72 21.50
N ILE BA 721 -81.62 68.29 20.48
CA ILE BA 721 -80.74 67.44 19.65
C ILE BA 721 -79.70 66.75 20.51
N THR BA 722 -79.06 67.49 21.42
CA THR BA 722 -78.06 66.88 22.29
C THR BA 722 -78.71 65.90 23.26
N ASP BA 723 -79.93 66.20 23.71
CA ASP BA 723 -80.59 65.36 24.70
C ASP BA 723 -80.92 63.99 24.13
N PHE BA 724 -81.27 63.92 22.85
CA PHE BA 724 -81.71 62.66 22.25
C PHE BA 724 -80.58 61.90 21.57
N THR BA 725 -79.34 62.06 22.04
CA THR BA 725 -78.21 61.28 21.54
C THR BA 725 -77.30 60.93 22.70
N ILE BA 726 -76.53 59.87 22.52
CA ILE BA 726 -75.58 59.43 23.54
C ILE BA 726 -74.22 60.07 23.25
N GLN BA 727 -73.59 60.60 24.29
CA GLN BA 727 -72.32 61.29 24.17
C GLN BA 727 -71.19 60.40 24.67
N GLY BA 728 -70.04 60.51 24.02
CA GLY BA 728 -68.86 59.78 24.47
C GLY BA 728 -68.26 58.85 23.44
N GLU BA 729 -68.52 59.10 22.17
CA GLU BA 729 -67.89 58.31 21.12
C GLU BA 729 -67.73 59.18 19.87
N GLY BA 730 -66.53 59.15 19.30
CA GLY BA 730 -66.23 59.90 18.11
C GLY BA 730 -65.22 59.20 17.23
N HIS BA 731 -65.57 59.00 15.96
CA HIS BA 731 -64.71 58.30 15.02
C HIS BA 731 -63.74 59.29 14.38
N ASN BA 732 -63.08 58.87 13.31
CA ASN BA 732 -62.09 59.71 12.64
C ASN BA 732 -62.69 61.06 12.25
N GLY BA 733 -63.96 61.07 11.85
CA GLY BA 733 -64.61 62.31 11.46
C GLY BA 733 -65.12 63.08 12.66
N GLU BA 734 -66.37 63.55 12.59
CA GLU BA 734 -66.92 64.33 13.67
C GLU BA 734 -67.33 63.42 14.83
N THR BA 735 -67.86 64.04 15.88
CA THR BA 735 -68.30 63.31 17.07
C THR BA 735 -69.70 62.76 16.87
N SER BA 736 -70.31 62.30 17.97
CA SER BA 736 -71.64 61.72 17.90
C SER BA 736 -72.68 62.69 17.34
N GLU BA 737 -72.45 63.99 17.53
CA GLU BA 737 -73.44 64.98 17.13
C GLU BA 737 -73.71 64.92 15.63
N ALA BA 738 -72.69 65.21 14.82
CA ALA BA 738 -72.86 65.14 13.38
C ALA BA 738 -73.04 63.72 12.87
N LEU BA 739 -72.62 62.73 13.64
CA LEU BA 739 -72.82 61.33 13.26
C LEU BA 739 -74.27 60.91 13.38
N ASN BA 740 -75.03 61.50 14.31
CA ASN BA 740 -76.43 61.20 14.51
C ASN BA 740 -77.36 62.15 13.77
N ASN BA 741 -77.08 63.44 13.79
CA ASN BA 741 -77.94 64.45 13.20
C ASN BA 741 -77.22 65.16 12.06
N ILE BA 742 -77.96 66.01 11.36
CA ILE BA 742 -77.42 66.74 10.21
C ILE BA 742 -77.38 68.22 10.55
N LEU BA 743 -78.32 68.67 11.38
CA LEU BA 743 -78.35 70.07 11.78
C LEU BA 743 -77.12 70.45 12.58
N THR BA 744 -76.41 69.48 13.15
CA THR BA 744 -75.16 69.72 13.85
C THR BA 744 -73.95 69.27 13.05
N ASP BA 745 -74.11 69.11 11.74
CA ASP BA 745 -73.03 68.70 10.86
C ASP BA 745 -72.44 69.92 10.16
N ASP BA 746 -71.12 69.89 9.95
CA ASP BA 746 -70.44 71.00 9.30
C ASP BA 746 -70.35 70.85 7.79
N THR BA 747 -70.43 69.61 7.28
CA THR BA 747 -70.47 69.43 5.83
C THR BA 747 -71.70 70.07 5.23
N PHE BA 748 -72.82 70.03 5.94
CA PHE BA 748 -74.04 70.69 5.51
C PHE BA 748 -73.91 72.21 5.68
N ILE BA 749 -74.52 72.94 4.75
CA ILE BA 749 -74.40 74.40 4.72
C ILE BA 749 -75.79 75.02 4.64
N ALA BA 750 -75.87 76.27 5.08
CA ALA BA 750 -77.12 77.02 5.01
C ALA BA 750 -77.42 77.41 3.56
N PRO BA 751 -78.69 77.70 3.25
CA PRO BA 751 -79.01 78.12 1.88
C PRO BA 751 -78.53 79.53 1.55
N ILE BA 752 -78.21 80.35 2.55
CA ILE BA 752 -77.75 81.72 2.33
C ILE BA 752 -76.46 81.92 3.10
N LEU BA 753 -75.42 82.42 2.43
CA LEU BA 753 -74.13 82.64 3.04
C LEU BA 753 -73.74 84.11 2.90
N TRP BA 754 -73.45 84.75 4.02
CA TRP BA 754 -73.01 86.14 4.03
C TRP BA 754 -71.50 86.29 4.19
N ASP BA 755 -70.85 85.34 4.85
CA ASP BA 755 -69.40 85.34 4.98
C ASP BA 755 -68.87 83.95 4.63
N CYS BA 756 -67.55 83.87 4.51
CA CYS BA 756 -66.89 82.65 4.03
C CYS BA 756 -66.36 81.77 5.16
N ASP BA 757 -66.75 82.05 6.41
CA ASP BA 757 -66.29 81.20 7.51
C ASP BA 757 -66.95 79.83 7.49
N ALA BA 758 -68.16 79.74 6.92
CA ALA BA 758 -68.82 78.45 6.80
C ALA BA 758 -68.03 77.50 5.92
N LEU BA 759 -67.46 78.01 4.82
CA LEU BA 759 -66.65 77.15 3.96
C LEU BA 759 -65.37 76.72 4.66
N ILE BA 760 -64.80 77.59 5.48
CA ILE BA 760 -63.63 77.22 6.26
C ILE BA 760 -63.96 76.10 7.22
N TYR BA 761 -65.05 76.24 7.98
CA TYR BA 761 -65.48 75.16 8.86
C TYR BA 761 -65.78 73.89 8.10
N ARG BA 762 -66.39 73.98 6.92
CA ARG BA 762 -66.71 72.79 6.14
C ARG BA 762 -65.45 72.06 5.70
N ASP BA 763 -64.55 72.74 4.98
CA ASP BA 763 -63.37 72.07 4.49
C ASP BA 763 -62.35 71.79 5.59
N GLU BA 764 -62.60 72.26 6.82
CA GLU BA 764 -61.76 71.88 7.94
C GLU BA 764 -62.31 70.68 8.71
N ALA BA 765 -63.64 70.53 8.76
CA ALA BA 765 -64.23 69.49 9.60
C ALA BA 765 -63.98 68.10 9.04
N ALA BA 766 -64.49 67.84 7.83
CA ALA BA 766 -64.47 66.48 7.30
C ALA BA 766 -63.05 66.03 6.98
N ARG BA 767 -62.40 66.68 6.02
CA ARG BA 767 -61.01 66.47 5.65
C ARG BA 767 -60.69 65.03 5.25
N ASP BA 768 -61.69 64.17 5.12
CA ASP BA 768 -61.45 62.83 4.63
C ASP BA 768 -62.37 62.45 3.48
N ARG BA 769 -63.64 62.87 3.52
CA ARG BA 769 -64.51 62.74 2.37
C ARG BA 769 -64.07 63.70 1.29
N LEU BA 770 -63.93 63.21 0.07
CA LEU BA 770 -63.40 64.00 -1.04
C LEU BA 770 -64.32 65.18 -1.34
N PRO BA 771 -63.89 66.40 -1.05
CA PRO BA 771 -64.74 67.57 -1.27
C PRO BA 771 -64.52 68.17 -2.67
N ALA BA 772 -65.53 68.91 -3.11
CA ALA BA 772 -65.44 69.62 -4.38
C ALA BA 772 -66.34 70.84 -4.33
N ILE BA 773 -65.81 71.99 -4.74
CA ILE BA 773 -66.57 73.23 -4.78
C ILE BA 773 -66.45 73.82 -6.18
N ARG BA 774 -67.57 74.30 -6.72
CA ARG BA 774 -67.62 74.93 -8.03
C ARG BA 774 -68.30 76.29 -7.87
N VAL BA 775 -67.50 77.32 -7.58
CA VAL BA 775 -68.04 78.67 -7.36
C VAL BA 775 -67.98 79.39 -8.71
N SER BA 776 -69.03 79.20 -9.51
CA SER BA 776 -69.22 79.92 -10.77
C SER BA 776 -68.00 79.75 -11.69
N GLY BA 777 -67.76 78.50 -12.08
CA GLY BA 777 -66.67 78.23 -13.00
C GLY BA 777 -65.54 77.47 -12.36
N ARG BA 778 -64.42 78.16 -12.11
CA ARG BA 778 -63.24 77.52 -11.56
C ARG BA 778 -63.55 76.87 -10.21
N ASN BA 779 -62.79 75.83 -9.88
CA ASN BA 779 -62.94 75.12 -8.63
C ASN BA 779 -62.03 75.75 -7.58
N GLY BA 780 -62.61 76.13 -6.45
CA GLY BA 780 -61.85 76.79 -5.41
C GLY BA 780 -62.15 78.27 -5.32
N TYR BA 781 -62.55 78.73 -4.15
CA TYR BA 781 -62.93 80.12 -3.96
C TYR BA 781 -61.73 80.97 -3.57
N GLN BA 782 -61.85 82.27 -3.77
CA GLN BA 782 -60.83 83.24 -3.42
C GLN BA 782 -61.44 84.30 -2.53
N ALA BA 783 -60.99 84.36 -1.28
CA ALA BA 783 -61.50 85.30 -0.30
C ALA BA 783 -60.55 86.49 -0.17
N LEU BA 784 -61.13 87.69 -0.05
CA LEU BA 784 -60.36 88.90 0.13
C LEU BA 784 -61.06 89.77 1.17
N HIS BA 785 -60.37 90.83 1.57
CA HIS BA 785 -60.88 91.73 2.59
C HIS BA 785 -61.89 92.71 1.97
N PHE BA 786 -62.25 93.75 2.72
CA PHE BA 786 -63.27 94.69 2.29
C PHE BA 786 -62.88 95.36 0.98
N VAL BA 787 -63.89 95.86 0.27
CA VAL BA 787 -63.72 96.50 -1.02
C VAL BA 787 -64.02 97.99 -0.85
N ASP BA 788 -63.14 98.83 -1.40
CA ASP BA 788 -63.30 100.28 -1.28
C ASP BA 788 -64.50 100.74 -2.12
N MET BA 789 -64.76 102.05 -2.07
CA MET BA 789 -65.86 102.61 -2.82
C MET BA 789 -65.50 102.83 -4.29
N ALA BA 790 -64.27 103.24 -4.56
CA ALA BA 790 -63.87 103.53 -5.94
C ALA BA 790 -63.81 102.26 -6.78
N GLY BA 791 -62.93 101.33 -6.40
CA GLY BA 791 -62.79 100.11 -7.17
C GLY BA 791 -63.64 98.98 -6.64
N HIS BA 792 -64.81 98.77 -7.25
CA HIS BA 792 -65.70 97.69 -6.86
C HIS BA 792 -65.83 96.61 -7.92
N ASN BA 793 -65.81 96.97 -9.20
CA ASN BA 793 -65.80 96.02 -10.31
C ASN BA 793 -67.00 95.07 -10.25
N PHE BA 794 -68.18 95.68 -10.48
CA PHE BA 794 -69.43 94.94 -10.47
C PHE BA 794 -69.35 93.63 -11.25
N GLN BA 795 -68.61 93.62 -12.36
CA GLN BA 795 -68.41 92.42 -13.16
C GLN BA 795 -67.13 91.74 -12.70
N ARG BA 796 -67.26 90.51 -12.20
CA ARG BA 796 -66.11 89.79 -11.66
C ARG BA 796 -66.34 88.29 -11.85
N ARG BA 797 -65.33 87.51 -11.45
CA ARG BA 797 -65.38 86.06 -11.56
C ARG BA 797 -64.53 85.43 -10.48
N ASP BA 798 -65.10 84.47 -9.75
CA ASP BA 798 -64.40 83.70 -8.73
C ASP BA 798 -63.81 84.61 -7.64
N ASN BA 799 -64.70 85.29 -6.93
CA ASN BA 799 -64.29 86.18 -5.86
C ASN BA 799 -65.41 86.30 -4.85
N VAL BA 800 -65.10 86.03 -3.59
CA VAL BA 800 -66.08 86.10 -2.49
C VAL BA 800 -65.55 87.07 -1.44
N LEU BA 801 -66.48 87.74 -0.76
CA LEU BA 801 -66.16 88.75 0.22
C LEU BA 801 -66.35 88.22 1.63
N ILE BA 802 -65.74 88.93 2.59
CA ILE BA 802 -65.92 88.67 4.00
C ILE BA 802 -66.26 89.93 4.79
N HIS BA 803 -66.36 91.08 4.11
CA HIS BA 803 -66.72 92.35 4.74
C HIS BA 803 -65.70 92.77 5.79
N GLY BA 804 -64.43 92.48 5.52
CA GLY BA 804 -63.37 92.89 6.41
C GLY BA 804 -63.48 92.23 7.77
N ARG BA 805 -62.93 92.90 8.78
CA ARG BA 805 -62.90 92.40 10.14
C ARG BA 805 -63.27 93.53 11.09
N PRO BA 806 -63.94 93.22 12.20
CA PRO BA 806 -64.26 94.27 13.17
C PRO BA 806 -63.11 94.64 14.07
N VAL BA 807 -62.11 93.78 14.23
CA VAL BA 807 -60.98 94.05 15.09
C VAL BA 807 -59.68 93.89 14.31
N ILE BA 815 -51.45 88.61 4.69
CA ILE BA 815 -52.34 88.43 5.82
C ILE BA 815 -53.47 87.46 5.45
N PRO BA 816 -53.64 86.41 6.23
CA PRO BA 816 -54.61 85.37 5.90
C PRO BA 816 -56.00 85.68 6.43
N ILE BA 817 -56.97 84.94 5.91
CA ILE BA 817 -58.36 85.08 6.36
C ILE BA 817 -58.54 84.34 7.67
N THR BA 818 -59.63 84.66 8.36
CA THR BA 818 -59.96 84.05 9.65
C THR BA 818 -61.46 83.96 9.79
N PRO BA 819 -61.96 82.95 10.50
CA PRO BA 819 -63.41 82.85 10.72
C PRO BA 819 -63.93 84.07 11.46
N HIS BA 820 -65.12 84.51 11.06
CA HIS BA 820 -65.73 85.70 11.66
C HIS BA 820 -66.41 85.34 12.98
N HIS BA 821 -67.40 84.47 12.93
CA HIS BA 821 -68.13 84.04 14.12
C HIS BA 821 -67.56 82.70 14.61
N ASP BA 822 -68.26 82.10 15.58
CA ASP BA 822 -67.84 80.83 16.14
C ASP BA 822 -68.51 79.68 15.37
N ARG BA 823 -68.40 78.46 15.90
CA ARG BA 823 -68.91 77.29 15.20
C ARG BA 823 -70.42 77.13 15.42
N GLU BA 824 -70.88 77.27 16.66
CA GLU BA 824 -72.29 77.05 16.95
C GLU BA 824 -73.20 78.07 16.27
N TRP BA 825 -72.65 79.19 15.81
CA TRP BA 825 -73.43 80.11 15.00
C TRP BA 825 -73.95 79.42 13.74
N GLY BA 826 -73.11 78.59 13.11
CA GLY BA 826 -73.56 77.85 11.95
C GLY BA 826 -74.68 76.89 12.28
N ILE BA 827 -74.57 76.20 13.42
CA ILE BA 827 -75.61 75.26 13.82
C ILE BA 827 -76.92 75.99 14.09
N LEU BA 828 -76.85 77.14 14.78
CA LEU BA 828 -78.06 77.89 15.06
C LEU BA 828 -78.68 78.44 13.77
N SER BA 829 -77.86 78.90 12.83
CA SER BA 829 -78.40 79.39 11.56
C SER BA 829 -79.05 78.26 10.78
N LYS BA 830 -78.42 77.08 10.77
CA LYS BA 830 -79.03 75.93 10.10
C LYS BA 830 -80.36 75.57 10.72
N ILE BA 831 -80.41 75.48 12.05
CA ILE BA 831 -81.66 75.19 12.74
C ILE BA 831 -82.73 76.21 12.37
N TYR BA 832 -82.37 77.49 12.43
CA TYR BA 832 -83.30 78.56 12.07
C TYR BA 832 -83.85 78.34 10.67
N TYR BA 833 -82.96 78.39 9.66
CA TYR BA 833 -83.38 78.36 8.27
C TYR BA 833 -84.12 77.08 7.90
N TYR BA 834 -83.81 75.96 8.54
CA TYR BA 834 -84.39 74.68 8.16
C TYR BA 834 -85.52 74.23 9.07
N ILE BA 835 -85.86 75.00 10.09
CA ILE BA 835 -87.00 74.62 10.92
C ILE BA 835 -88.00 75.77 11.01
N VAL BA 836 -87.57 76.94 11.48
CA VAL BA 836 -88.54 77.96 11.85
C VAL BA 836 -89.06 78.68 10.60
N ILE BA 837 -88.22 78.82 9.58
CA ILE BA 837 -88.67 79.45 8.34
C ILE BA 837 -89.68 78.57 7.60
N PRO BA 838 -89.43 77.29 7.37
CA PRO BA 838 -90.46 76.47 6.71
C PRO BA 838 -91.71 76.28 7.56
N ALA BA 839 -91.56 76.03 8.86
CA ALA BA 839 -92.72 75.78 9.70
C ALA BA 839 -93.68 76.97 9.72
N PHE BA 840 -93.17 78.17 9.50
CA PHE BA 840 -94.00 79.37 9.53
C PHE BA 840 -94.46 79.79 8.14
N SER BA 841 -93.58 79.75 7.14
CA SER BA 841 -93.95 80.17 5.81
C SER BA 841 -94.84 79.14 5.10
N ARG BA 842 -94.58 77.85 5.32
CA ARG BA 842 -95.36 76.77 4.72
C ARG BA 842 -95.34 76.86 3.19
N GLY BA 843 -94.13 76.78 2.65
CA GLY BA 843 -93.95 76.74 1.20
C GLY BA 843 -94.33 78.00 0.47
N SER BA 844 -94.41 79.14 1.16
CA SER BA 844 -94.78 80.39 0.53
C SER BA 844 -93.58 81.31 0.28
N CYS BA 845 -92.46 81.09 0.95
CA CYS BA 845 -91.29 81.93 0.78
C CYS BA 845 -90.42 81.42 -0.36
N CYS BA 846 -89.49 82.26 -0.79
CA CYS BA 846 -88.61 81.93 -1.90
C CYS BA 846 -87.26 82.61 -1.71
N THR BA 847 -86.28 82.16 -2.49
CA THR BA 847 -84.94 82.72 -2.46
C THR BA 847 -84.64 83.37 -3.81
N MET BA 848 -84.11 84.59 -3.77
CA MET BA 848 -83.85 85.37 -4.97
C MET BA 848 -82.48 86.03 -4.89
N GLY BA 849 -82.07 86.60 -6.01
CA GLY BA 849 -80.80 87.32 -6.11
C GLY BA 849 -81.03 88.80 -6.39
N VAL BA 850 -80.05 89.60 -5.99
CA VAL BA 850 -80.16 91.05 -6.06
C VAL BA 850 -79.28 91.58 -7.19
N ARG BA 851 -79.47 92.86 -7.51
CA ARG BA 851 -78.72 93.55 -8.56
C ARG BA 851 -78.10 94.80 -7.95
N TYR BA 852 -76.87 94.67 -7.45
CA TYR BA 852 -76.20 95.82 -6.83
C TYR BA 852 -75.89 96.92 -7.82
N ASP BA 853 -75.64 96.57 -9.09
CA ASP BA 853 -75.39 97.59 -10.11
C ASP BA 853 -76.58 98.52 -10.29
N ARG BA 854 -77.80 98.04 -10.04
CA ARG BA 854 -79.00 98.86 -10.08
C ARG BA 854 -79.43 99.33 -8.70
N LEU BA 855 -78.86 98.77 -7.64
CA LEU BA 855 -79.19 99.17 -6.28
C LEU BA 855 -78.36 100.34 -5.78
N TYR BA 856 -77.05 100.32 -5.99
CA TYR BA 856 -76.18 101.36 -5.44
C TYR BA 856 -76.47 102.74 -6.04
N PRO BA 857 -76.59 102.92 -7.35
CA PRO BA 857 -76.94 104.25 -7.86
C PRO BA 857 -78.33 104.71 -7.45
N ALA BA 858 -79.17 103.81 -6.93
CA ALA BA 858 -80.50 104.20 -6.50
C ALA BA 858 -80.46 104.86 -5.13
N LEU BA 859 -79.66 104.34 -4.20
CA LEU BA 859 -79.65 104.81 -2.83
C LEU BA 859 -78.84 106.08 -2.62
N GLN BA 860 -78.25 106.65 -3.68
CA GLN BA 860 -77.39 107.81 -3.54
C GLN BA 860 -78.11 109.12 -3.79
N ALA BA 861 -79.40 109.20 -3.48
CA ALA BA 861 -80.20 110.41 -3.66
C ALA BA 861 -80.76 110.81 -2.30
N VAL BA 862 -80.13 111.80 -1.67
CA VAL BA 862 -80.56 112.31 -0.37
C VAL BA 862 -80.78 113.81 -0.47
N ILE BA 863 -81.89 114.28 0.09
CA ILE BA 863 -82.26 115.69 0.02
C ILE BA 863 -82.37 116.23 1.44
N VAL BA 864 -81.53 115.73 2.33
CA VAL BA 864 -81.51 116.26 3.71
C VAL BA 864 -81.17 117.74 3.68
N PRO BA 865 -81.94 118.61 4.31
CA PRO BA 865 -81.68 120.05 4.24
C PRO BA 865 -80.57 120.44 5.21
N GLU BA 866 -80.14 121.70 5.09
CA GLU BA 866 -79.15 122.26 5.98
C GLU BA 866 -79.83 122.86 7.19
N ILE BA 867 -79.33 122.53 8.37
CA ILE BA 867 -79.92 123.02 9.63
C ILE BA 867 -79.27 124.36 9.97
N PRO BA 868 -80.04 125.37 10.38
CA PRO BA 868 -79.43 126.63 10.80
C PRO BA 868 -78.59 126.44 12.05
N ALA BA 869 -77.55 127.27 12.15
CA ALA BA 869 -76.65 127.20 13.30
C ALA BA 869 -77.38 127.62 14.56
N ASP BA 870 -77.01 126.99 15.68
CA ASP BA 870 -77.63 127.25 16.98
C ASP BA 870 -79.15 127.04 16.92
N GLU BA 871 -79.57 126.00 16.19
CA GLU BA 871 -80.99 125.71 16.01
C GLU BA 871 -81.23 124.22 16.23
N GLU BA 872 -82.48 123.82 16.08
CA GLU BA 872 -82.92 122.46 16.35
C GLU BA 872 -83.52 121.84 15.10
N ALA BA 873 -83.25 120.54 14.91
CA ALA BA 873 -83.73 119.83 13.74
C ALA BA 873 -85.15 119.34 13.96
N PRO BA 874 -86.09 119.66 13.06
CA PRO BA 874 -87.49 119.35 13.33
C PRO BA 874 -87.75 117.86 13.41
N THR BA 875 -88.67 117.49 14.28
CA THR BA 875 -89.01 116.09 14.51
C THR BA 875 -90.18 115.66 13.62
N THR BA 876 -91.32 116.32 13.77
CA THR BA 876 -92.49 115.96 12.98
C THR BA 876 -92.31 116.39 11.53
N PRO BA 877 -92.80 115.59 10.58
CA PRO BA 877 -92.62 115.90 9.16
C PRO BA 877 -93.62 116.89 8.59
N GLU BA 878 -94.40 117.59 9.40
CA GLU BA 878 -95.35 118.55 8.87
C GLU BA 878 -94.70 119.85 8.45
N ASP BA 879 -93.53 120.17 8.99
CA ASP BA 879 -92.91 121.43 8.64
C ASP BA 879 -91.99 121.26 7.43
N PRO BA 880 -91.82 122.32 6.63
CA PRO BA 880 -90.97 122.20 5.44
C PRO BA 880 -89.50 121.93 5.76
N ARG BA 881 -89.07 122.15 7.00
CA ARG BA 881 -87.69 121.87 7.36
C ARG BA 881 -87.40 120.39 7.46
N HIS BA 882 -88.42 119.56 7.67
CA HIS BA 882 -88.19 118.13 7.84
C HIS BA 882 -87.87 117.47 6.51
N PRO BA 883 -86.97 116.49 6.50
CA PRO BA 883 -86.64 115.80 5.24
C PRO BA 883 -87.81 115.09 4.62
N LEU BA 884 -88.80 114.67 5.41
CA LEU BA 884 -89.96 113.96 4.91
C LEU BA 884 -91.09 114.89 4.48
N HIS BA 885 -90.78 116.15 4.20
CA HIS BA 885 -91.80 117.11 3.82
C HIS BA 885 -91.93 117.21 2.30
N ALA BA 886 -93.10 117.67 1.85
CA ALA BA 886 -93.33 117.81 0.43
C ALA BA 886 -92.42 118.87 -0.21
N HIS BA 887 -91.95 119.83 0.59
CA HIS BA 887 -91.02 120.83 0.04
C HIS BA 887 -89.70 120.20 -0.36
N GLN BA 888 -89.23 119.22 0.41
CA GLN BA 888 -87.94 118.58 0.17
C GLN BA 888 -88.09 117.19 -0.44
N LEU BA 889 -89.30 116.80 -0.79
CA LEU BA 889 -89.55 115.53 -1.45
C LEU BA 889 -89.53 115.76 -2.96
N VAL BA 890 -88.54 115.17 -3.63
CA VAL BA 890 -88.42 115.28 -5.08
C VAL BA 890 -88.53 113.88 -5.68
N PRO BA 891 -89.06 113.73 -6.89
CA PRO BA 891 -89.19 112.39 -7.47
C PRO BA 891 -87.84 111.75 -7.72
N ASN BA 892 -87.84 110.41 -7.70
CA ASN BA 892 -86.63 109.61 -7.92
C ASN BA 892 -85.56 109.93 -6.87
N SER BA 893 -85.92 109.67 -5.61
CA SER BA 893 -85.03 109.90 -4.49
C SER BA 893 -85.33 108.85 -3.42
N LEU BA 894 -84.83 109.07 -2.21
CA LEU BA 894 -85.07 108.18 -1.10
C LEU BA 894 -86.13 108.68 -0.13
N ASN BA 895 -86.33 109.99 -0.08
CA ASN BA 895 -87.44 110.52 0.70
C ASN BA 895 -88.77 110.02 0.19
N VAL BA 896 -88.91 109.85 -1.12
CA VAL BA 896 -90.14 109.28 -1.66
C VAL BA 896 -90.28 107.82 -1.27
N TYR BA 897 -89.16 107.07 -1.23
CA TYR BA 897 -89.19 105.70 -0.74
C TYR BA 897 -89.72 105.65 0.68
N PHE BA 898 -89.14 106.46 1.56
CA PHE BA 898 -89.52 106.42 2.97
C PHE BA 898 -90.95 106.93 3.16
N HIS BA 899 -91.38 107.88 2.33
CA HIS BA 899 -92.75 108.35 2.43
C HIS BA 899 -93.74 107.30 1.97
N ASN BA 900 -93.41 106.57 0.90
CA ASN BA 900 -94.25 105.44 0.49
C ASN BA 900 -94.31 104.39 1.59
N ALA BA 901 -93.19 104.16 2.27
CA ALA BA 901 -93.17 103.29 3.43
C ALA BA 901 -93.88 103.90 4.64
N HIS BA 902 -94.20 105.19 4.59
CA HIS BA 902 -94.89 105.88 5.68
C HIS BA 902 -94.10 105.79 6.98
N LEU BA 903 -92.81 106.13 6.89
CA LEU BA 903 -91.92 106.12 8.03
C LEU BA 903 -91.42 107.54 8.31
N THR BA 904 -91.03 107.76 9.56
CA THR BA 904 -90.55 109.06 10.01
C THR BA 904 -89.11 108.90 10.48
N VAL BA 905 -88.17 109.52 9.75
CA VAL BA 905 -86.77 109.47 10.08
C VAL BA 905 -86.21 110.89 10.04
N ASP BA 906 -85.12 111.09 10.78
CA ASP BA 906 -84.47 112.40 10.86
C ASP BA 906 -83.30 112.45 9.88
N GLY BA 907 -82.50 113.51 9.97
CA GLY BA 907 -81.46 113.75 8.98
C GLY BA 907 -80.21 112.90 9.14
N ASP BA 908 -79.71 112.75 10.38
CA ASP BA 908 -78.49 112.00 10.58
C ASP BA 908 -78.67 110.53 10.24
N ALA BA 909 -79.89 110.00 10.41
CA ALA BA 909 -80.14 108.61 10.05
C ALA BA 909 -79.90 108.39 8.56
N LEU BA 910 -80.37 109.32 7.73
CA LEU BA 910 -80.10 109.22 6.31
C LEU BA 910 -78.64 109.54 5.99
N LEU BA 911 -78.03 110.42 6.77
CA LEU BA 911 -76.63 110.78 6.53
C LEU BA 911 -75.69 109.62 6.80
N THR BA 912 -76.04 108.72 7.72
CA THR BA 912 -75.20 107.56 8.00
C THR BA 912 -75.00 106.65 6.80
N LEU BA 913 -75.82 106.79 5.76
CA LEU BA 913 -75.64 105.98 4.57
C LEU BA 913 -74.32 106.29 3.87
N GLN BA 914 -73.88 107.56 3.95
CA GLN BA 914 -72.57 107.91 3.38
C GLN BA 914 -71.46 107.12 4.06
N GLU BA 915 -71.54 106.96 5.38
CA GLU BA 915 -70.55 106.16 6.08
C GLU BA 915 -70.71 104.67 5.77
N LEU BA 916 -71.95 104.21 5.60
CA LEU BA 916 -72.18 102.83 5.18
C LEU BA 916 -71.53 102.55 3.83
N MET BA 917 -71.48 103.55 2.95
CA MET BA 917 -70.97 103.38 1.59
C MET BA 917 -69.51 102.95 1.54
N GLY BA 918 -68.84 102.81 2.68
CA GLY BA 918 -67.47 102.34 2.70
C GLY BA 918 -67.32 100.95 2.12
N ASP BA 919 -67.99 99.97 2.71
CA ASP BA 919 -67.97 98.61 2.18
C ASP BA 919 -68.97 98.48 1.04
N MET BA 920 -68.72 97.49 0.18
CA MET BA 920 -69.56 97.28 -0.99
C MET BA 920 -69.80 95.79 -1.16
N ALA BA 921 -70.77 95.46 -2.03
CA ALA BA 921 -71.10 94.09 -2.37
C ALA BA 921 -71.25 94.00 -3.88
N GLU BA 922 -70.40 93.20 -4.52
CA GLU BA 922 -70.40 93.09 -5.97
C GLU BA 922 -71.69 92.48 -6.50
N ARG BA 923 -71.96 91.22 -6.14
CA ARG BA 923 -73.10 90.51 -6.69
C ARG BA 923 -73.31 89.22 -5.90
N THR BA 924 -74.51 88.65 -6.07
CA THR BA 924 -74.87 87.37 -5.46
C THR BA 924 -74.47 86.25 -6.41
N THR BA 925 -73.75 85.27 -5.90
CA THR BA 925 -73.27 84.16 -6.72
C THR BA 925 -73.79 82.83 -6.20
N ALA BA 926 -73.45 81.76 -6.92
CA ALA BA 926 -73.91 80.42 -6.60
C ALA BA 926 -72.71 79.55 -6.22
N ILE BA 927 -72.94 78.64 -5.28
CA ILE BA 927 -71.91 77.71 -4.81
C ILE BA 927 -72.47 76.31 -4.85
N LEU BA 928 -71.76 75.40 -5.53
CA LEU BA 928 -72.14 73.99 -5.61
C LEU BA 928 -71.04 73.18 -4.93
N VAL BA 929 -71.38 72.55 -3.81
CA VAL BA 929 -70.44 71.72 -3.08
C VAL BA 929 -70.89 70.27 -3.19
N SER BA 930 -69.92 69.37 -3.11
CA SER BA 930 -70.19 67.95 -3.21
C SER BA 930 -69.16 67.19 -2.38
N SER BA 931 -69.59 66.10 -1.75
CA SER BA 931 -68.72 65.32 -0.88
C SER BA 931 -69.18 63.87 -0.86
N ALA BA 932 -68.34 63.02 -0.30
CA ALA BA 932 -68.65 61.61 -0.14
C ALA BA 932 -69.59 61.43 1.04
N PRO BA 933 -70.24 60.27 1.15
CA PRO BA 933 -71.06 60.00 2.33
C PRO BA 933 -70.22 59.91 3.60
N ASP BA 934 -70.89 60.13 4.73
CA ASP BA 934 -70.22 60.12 6.02
C ASP BA 934 -69.64 58.75 6.32
N ALA BA 935 -68.63 58.74 7.20
CA ALA BA 935 -67.97 57.49 7.60
C ALA BA 935 -68.90 56.53 8.33
N GLY BA 936 -70.09 56.98 8.73
CA GLY BA 936 -71.02 56.08 9.39
C GLY BA 936 -71.53 55.00 8.47
N ALA BA 937 -71.63 55.29 7.17
CA ALA BA 937 -72.05 54.31 6.18
C ALA BA 937 -71.05 54.20 5.03
N ALA BA 938 -69.82 54.67 5.22
CA ALA BA 938 -68.82 54.64 4.15
C ALA BA 938 -68.29 53.22 3.98
N THR BA 939 -68.65 52.59 2.87
CA THR BA 939 -68.15 51.27 2.53
C THR BA 939 -67.38 51.36 1.21
N ALA BA 940 -66.93 50.21 0.71
CA ALA BA 940 -66.14 50.18 -0.51
C ALA BA 940 -66.92 50.59 -1.75
N THR BA 941 -68.25 50.67 -1.67
CA THR BA 941 -69.08 51.00 -2.82
C THR BA 941 -69.81 52.32 -2.69
N THR BA 942 -70.27 52.66 -1.48
CA THR BA 942 -70.99 53.91 -1.29
C THR BA 942 -70.10 55.12 -1.54
N ARG BA 943 -68.79 54.96 -1.49
CA ARG BA 943 -67.89 56.09 -1.72
C ARG BA 943 -68.01 56.63 -3.13
N ASN BA 944 -68.35 55.78 -4.10
CA ASN BA 944 -68.57 56.26 -5.45
C ASN BA 944 -69.77 57.19 -5.52
N MET BA 945 -70.77 56.95 -4.69
CA MET BA 945 -71.91 57.86 -4.61
C MET BA 945 -71.48 59.17 -3.96
N ARG BA 946 -72.06 60.26 -4.44
CA ARG BA 946 -71.75 61.60 -3.94
C ARG BA 946 -73.04 62.40 -3.80
N ILE BA 947 -73.03 63.35 -2.87
CA ILE BA 947 -74.17 64.21 -2.62
C ILE BA 947 -73.86 65.61 -3.13
N TYR BA 948 -74.86 66.24 -3.72
CA TYR BA 948 -74.72 67.57 -4.32
C TYR BA 948 -75.80 68.48 -3.78
N ASP BA 949 -75.40 69.66 -3.30
CA ASP BA 949 -76.35 70.65 -2.79
C ASP BA 949 -75.82 72.03 -3.10
N GLY BA 950 -76.73 72.96 -3.38
CA GLY BA 950 -76.35 74.30 -3.75
C GLY BA 950 -76.65 75.35 -2.70
N ALA BA 951 -75.99 76.49 -2.81
CA ALA BA 951 -76.21 77.61 -1.88
C ALA BA 951 -75.97 78.92 -2.61
N LEU BA 952 -76.47 79.99 -2.02
CA LEU BA 952 -76.36 81.32 -2.59
C LEU BA 952 -75.49 82.21 -1.71
N TYR BA 953 -74.62 82.99 -2.33
CA TYR BA 953 -73.80 83.97 -1.64
C TYR BA 953 -74.37 85.35 -1.90
N HIS BA 954 -74.76 86.04 -0.82
CA HIS BA 954 -75.33 87.38 -0.88
C HIS BA 954 -76.70 87.38 -1.55
N GLY BA 955 -77.45 86.29 -1.37
CA GLY BA 955 -78.82 86.23 -1.82
C GLY BA 955 -79.80 86.69 -0.74
N LEU BA 956 -81.07 86.70 -1.09
CA LEU BA 956 -82.11 87.16 -0.18
C LEU BA 956 -83.27 86.18 -0.22
N ILE BA 957 -84.20 86.35 0.72
CA ILE BA 957 -85.39 85.53 0.82
C ILE BA 957 -86.60 86.44 0.87
N MET BA 958 -87.56 86.21 -0.02
CA MET BA 958 -88.81 86.95 -0.07
C MET BA 958 -89.93 86.12 0.54
N MET BA 959 -90.66 86.71 1.49
CA MET BA 959 -91.73 85.99 2.15
C MET BA 959 -92.90 85.76 1.21
N ALA BA 960 -93.52 86.85 0.74
CA ALA BA 960 -94.70 86.76 -0.13
C ALA BA 960 -94.57 87.83 -1.21
N TYR BA 961 -94.31 87.39 -2.43
CA TYR BA 961 -94.18 88.30 -3.56
C TYR BA 961 -95.56 88.63 -4.13
N GLN BA 962 -95.76 89.89 -4.47
CA GLN BA 962 -97.01 90.36 -5.04
C GLN BA 962 -96.76 91.04 -6.38
N ALA BA 963 -97.38 90.53 -7.42
CA ALA BA 963 -97.28 91.11 -8.76
C ALA BA 963 -98.29 92.21 -8.99
N TYR BA 964 -99.02 92.63 -7.95
CA TYR BA 964 -100.05 93.65 -8.08
C TYR BA 964 -99.59 95.00 -7.53
N ASP BA 965 -98.29 95.23 -7.45
CA ASP BA 965 -97.74 96.49 -6.97
C ASP BA 965 -97.14 97.22 -8.17
N GLU BA 966 -97.84 98.25 -8.65
CA GLU BA 966 -97.44 98.97 -9.84
C GLU BA 966 -96.64 100.23 -9.54
N THR BA 967 -96.36 100.52 -8.26
CA THR BA 967 -95.56 101.70 -7.94
C THR BA 967 -94.09 101.46 -8.28
N ILE BA 968 -93.66 100.21 -8.28
CA ILE BA 968 -92.30 99.84 -8.65
C ILE BA 968 -92.37 98.71 -9.67
N ALA BA 969 -91.52 98.79 -10.69
CA ALA BA 969 -91.50 97.77 -11.73
C ALA BA 969 -91.12 96.41 -11.14
N THR BA 970 -91.76 95.36 -11.64
CA THR BA 970 -91.46 94.02 -11.17
C THR BA 970 -90.06 93.60 -11.60
N GLY BA 971 -89.29 93.08 -10.66
CA GLY BA 971 -87.92 92.68 -10.95
C GLY BA 971 -86.97 93.84 -11.09
N THR BA 972 -87.22 94.96 -10.41
CA THR BA 972 -86.32 96.11 -10.51
C THR BA 972 -85.00 95.83 -9.82
N PHE BA 973 -85.03 95.13 -8.69
CA PHE BA 973 -83.82 94.82 -7.94
C PHE BA 973 -83.67 93.36 -7.56
N PHE BA 974 -84.68 92.52 -7.80
CA PHE BA 974 -84.62 91.12 -7.38
C PHE BA 974 -85.09 90.24 -8.52
N TYR BA 975 -84.54 89.03 -8.57
CA TYR BA 975 -84.88 88.04 -9.57
C TYR BA 975 -84.81 86.67 -8.91
N PRO BA 976 -85.80 85.81 -9.17
CA PRO BA 976 -85.85 84.52 -8.46
C PRO BA 976 -84.87 83.52 -9.04
N VAL BA 977 -84.23 82.77 -8.14
CA VAL BA 977 -83.34 81.68 -8.51
C VAL BA 977 -83.29 80.69 -7.34
N PRO BA 978 -84.37 79.98 -7.06
CA PRO BA 978 -84.40 79.10 -5.89
C PRO BA 978 -83.84 77.72 -6.19
N VAL BA 979 -83.08 77.19 -5.23
CA VAL BA 979 -82.58 75.83 -5.29
C VAL BA 979 -82.94 75.15 -3.97
N ASN BA 980 -84.13 74.58 -3.91
CA ASN BA 980 -84.57 73.71 -2.83
C ASN BA 980 -85.92 73.13 -3.18
N PRO BA 981 -86.24 71.91 -2.73
CA PRO BA 981 -87.64 71.48 -2.78
C PRO BA 981 -88.51 72.20 -1.77
N LEU BA 982 -87.90 72.80 -0.76
CA LEU BA 982 -88.61 73.48 0.31
C LEU BA 982 -88.77 74.97 0.04
N PHE BA 983 -87.72 75.62 -0.48
CA PHE BA 983 -87.73 77.05 -0.74
C PHE BA 983 -88.23 77.39 -2.14
N ALA BA 984 -88.90 76.46 -2.82
CA ALA BA 984 -89.44 76.74 -4.14
C ALA BA 984 -90.54 77.81 -4.04
N CYS BA 985 -90.80 78.44 -5.17
CA CYS BA 985 -91.76 79.55 -5.24
C CYS BA 985 -92.47 79.50 -6.58
N PRO BA 986 -93.67 78.92 -6.63
CA PRO BA 986 -94.40 78.86 -7.90
C PRO BA 986 -95.01 80.17 -8.34
N GLU BA 987 -94.97 81.21 -7.49
CA GLU BA 987 -95.54 82.50 -7.84
C GLU BA 987 -94.52 83.63 -7.90
N HIS BA 988 -93.34 83.46 -7.30
CA HIS BA 988 -92.31 84.49 -7.38
C HIS BA 988 -91.69 84.56 -8.77
N LEU BA 989 -91.88 83.53 -9.60
CA LEU BA 989 -91.33 83.53 -10.95
C LEU BA 989 -91.96 84.60 -11.83
N ALA BA 990 -93.10 85.17 -11.43
CA ALA BA 990 -93.72 86.22 -12.23
C ALA BA 990 -92.82 87.44 -12.34
N SER BA 991 -91.91 87.63 -11.38
CA SER BA 991 -90.97 88.73 -11.44
C SER BA 991 -89.86 88.49 -12.45
N LEU BA 992 -89.71 87.28 -12.97
CA LEU BA 992 -88.68 86.98 -13.95
C LEU BA 992 -89.12 87.42 -15.33
N ARG BA 993 -88.15 87.78 -16.16
CA ARG BA 993 -88.43 88.22 -17.52
C ARG BA 993 -88.71 87.02 -18.43
N GLY BA 994 -89.61 87.23 -19.39
CA GLY BA 994 -89.96 86.19 -20.33
C GLY BA 994 -90.65 85.00 -19.68
N MET BA 995 -91.85 85.23 -19.15
CA MET BA 995 -92.62 84.19 -18.48
C MET BA 995 -93.94 83.98 -19.21
N THR BA 996 -94.25 82.73 -19.50
CA THR BA 996 -95.46 82.36 -20.21
C THR BA 996 -96.35 81.49 -19.33
N ASN BA 997 -97.62 81.39 -19.73
CA ASN BA 997 -98.56 80.55 -19.00
C ASN BA 997 -98.12 79.10 -19.01
N ALA BA 998 -97.47 78.65 -20.09
CA ALA BA 998 -96.99 77.27 -20.15
C ALA BA 998 -95.91 77.02 -19.10
N ARG BA 999 -94.91 77.89 -19.04
CA ARG BA 999 -93.88 77.75 -18.00
C ARG BA 999 -94.49 77.86 -16.61
N ARG BA 1000 -95.49 78.72 -16.44
CA ARG BA 1000 -96.12 78.86 -15.13
C ARG BA 1000 -96.83 77.59 -14.71
N VAL BA 1001 -97.62 77.00 -15.61
CA VAL BA 1001 -98.36 75.79 -15.27
C VAL BA 1001 -97.43 74.58 -15.22
N LEU BA 1002 -96.22 74.70 -15.77
CA LEU BA 1002 -95.24 73.64 -15.56
C LEU BA 1002 -94.60 73.74 -14.19
N ALA BA 1003 -94.16 74.94 -13.81
CA ALA BA 1003 -93.52 75.14 -12.51
C ALA BA 1003 -94.49 74.99 -11.36
N LYS BA 1004 -95.79 75.19 -11.61
CA LYS BA 1004 -96.76 75.01 -10.53
C LYS BA 1004 -96.76 73.58 -10.02
N MET BA 1005 -96.46 72.61 -10.88
CA MET BA 1005 -96.38 71.22 -10.45
C MET BA 1005 -94.93 70.83 -10.14
N VAL BA 1006 -94.02 71.06 -11.08
CA VAL BA 1006 -92.63 70.66 -10.87
C VAL BA 1006 -91.85 71.83 -10.28
N PRO BA 1007 -91.19 71.66 -9.14
CA PRO BA 1007 -90.42 72.75 -8.56
C PRO BA 1007 -89.23 73.10 -9.44
N PRO BA 1008 -89.19 74.32 -9.97
CA PRO BA 1008 -88.11 74.69 -10.88
C PRO BA 1008 -86.77 74.87 -10.16
N ILE BA 1009 -85.85 73.93 -10.39
CA ILE BA 1009 -84.52 73.98 -9.80
C ILE BA 1009 -83.51 73.78 -10.90
N PRO BA 1010 -82.54 74.68 -11.08
CA PRO BA 1010 -81.59 74.53 -12.17
C PRO BA 1010 -80.65 73.37 -11.91
N PRO BA 1011 -80.21 72.67 -12.96
CA PRO BA 1011 -79.34 71.50 -12.73
C PRO BA 1011 -77.96 71.87 -12.24
N PHE BA 1012 -77.47 73.07 -12.56
CA PHE BA 1012 -76.15 73.47 -12.08
C PHE BA 1012 -76.12 73.81 -10.61
N LEU BA 1013 -77.26 73.73 -9.92
CA LEU BA 1013 -77.34 74.03 -8.50
C LEU BA 1013 -77.71 72.82 -7.66
N GLY BA 1014 -78.02 71.68 -8.27
CA GLY BA 1014 -78.34 70.47 -7.53
C GLY BA 1014 -79.59 69.77 -8.04
N ALA BA 1015 -79.58 68.45 -7.95
CA ALA BA 1015 -80.70 67.61 -8.35
C ALA BA 1015 -81.40 67.07 -7.12
N ASN BA 1016 -82.68 66.71 -7.30
CA ASN BA 1016 -83.48 66.26 -6.17
C ASN BA 1016 -83.00 64.91 -5.66
N HIS BA 1017 -82.68 63.99 -6.57
CA HIS BA 1017 -82.26 62.66 -6.16
C HIS BA 1017 -80.84 62.62 -5.61
N HIS BA 1018 -80.11 63.73 -5.67
CA HIS BA 1018 -78.77 63.79 -5.10
C HIS BA 1018 -78.63 64.72 -3.92
N ALA BA 1019 -79.60 65.61 -3.70
CA ALA BA 1019 -79.54 66.54 -2.59
C ALA BA 1019 -79.88 65.82 -1.29
N THR BA 1020 -79.78 66.57 -0.18
CA THR BA 1020 -80.09 66.01 1.13
C THR BA 1020 -81.58 66.12 1.44
N ILE BA 1021 -82.16 67.29 1.22
CA ILE BA 1021 -83.58 67.52 1.47
C ILE BA 1021 -84.35 67.19 0.19
N ARG BA 1022 -85.25 66.23 0.28
CA ARG BA 1022 -85.99 65.75 -0.87
C ARG BA 1022 -87.44 66.18 -0.80
N GLN BA 1023 -88.22 65.76 -1.80
CA GLN BA 1023 -89.63 66.11 -1.95
C GLN BA 1023 -90.54 65.66 -0.80
N PRO BA 1024 -90.28 64.52 -0.13
CA PRO BA 1024 -91.15 64.16 1.00
C PRO BA 1024 -91.21 65.21 2.10
N VAL BA 1025 -90.07 65.78 2.47
CA VAL BA 1025 -90.07 66.78 3.54
C VAL BA 1025 -90.87 68.01 3.10
N ALA BA 1026 -90.70 68.44 1.85
CA ALA BA 1026 -91.44 69.60 1.35
C ALA BA 1026 -92.94 69.32 1.33
N TYR BA 1027 -93.33 68.12 0.89
CA TYR BA 1027 -94.75 67.78 0.89
C TYR BA 1027 -95.30 67.76 2.30
N HIS BA 1028 -94.55 67.20 3.25
CA HIS BA 1028 -95.00 67.16 4.63
C HIS BA 1028 -95.20 68.55 5.18
N VAL BA 1029 -94.27 69.46 4.92
CA VAL BA 1029 -94.37 70.79 5.50
C VAL BA 1029 -95.48 71.60 4.81
N THR BA 1030 -95.73 71.35 3.52
CA THR BA 1030 -96.75 72.13 2.85
C THR BA 1030 -98.15 71.54 3.04
N HIS BA 1031 -98.28 70.30 3.50
CA HIS BA 1031 -99.59 69.71 3.68
C HIS BA 1031 -99.97 69.39 5.12
N SER BA 1032 -99.04 69.49 6.06
CA SER BA 1032 -99.35 69.24 7.46
C SER BA 1032 -99.98 70.49 8.08
N LYS BA 1033 -101.16 70.30 8.69
CA LYS BA 1033 -101.85 71.37 9.41
C LYS BA 1033 -102.21 70.86 10.80
N SER BA 1034 -101.26 70.92 11.72
CA SER BA 1034 -101.49 70.54 13.11
C SER BA 1034 -101.31 71.70 14.07
N ASP BA 1035 -100.14 72.32 14.08
CA ASP BA 1035 -99.80 73.40 14.99
C ASP BA 1035 -98.47 73.98 14.53
N PHE BA 1036 -97.90 74.87 15.35
CA PHE BA 1036 -96.59 75.44 15.05
C PHE BA 1036 -95.47 74.82 15.88
N ASN BA 1037 -95.62 74.77 17.21
CA ASN BA 1037 -94.60 74.14 18.04
C ASN BA 1037 -94.47 72.65 17.71
N THR BA 1038 -95.60 71.95 17.62
CA THR BA 1038 -95.57 70.53 17.28
C THR BA 1038 -95.00 70.32 15.89
N LEU BA 1039 -95.30 71.22 14.94
CA LEU BA 1039 -94.72 71.10 13.61
C LEU BA 1039 -93.21 71.27 13.64
N THR BA 1040 -92.72 72.25 14.41
CA THR BA 1040 -91.28 72.43 14.53
C THR BA 1040 -90.62 71.19 15.12
N TYR BA 1041 -91.21 70.63 16.18
CA TYR BA 1041 -90.61 69.45 16.79
C TYR BA 1041 -90.69 68.24 15.86
N SER BA 1042 -91.76 68.16 15.06
CA SER BA 1042 -91.87 67.08 14.10
C SER BA 1042 -90.81 67.18 13.03
N LEU BA 1043 -90.55 68.40 12.54
CA LEU BA 1043 -89.48 68.58 11.56
C LEU BA 1043 -88.12 68.26 12.17
N LEU BA 1044 -87.91 68.64 13.43
CA LEU BA 1044 -86.66 68.30 14.09
C LEU BA 1044 -86.49 66.79 14.18
N GLY BA 1045 -87.54 66.08 14.58
CA GLY BA 1045 -87.46 64.64 14.66
C GLY BA 1045 -87.27 63.98 13.31
N GLY BA 1046 -87.87 64.55 12.27
CA GLY BA 1046 -87.66 64.04 10.92
C GLY BA 1046 -86.25 64.27 10.41
N TYR BA 1047 -85.60 65.35 10.85
CA TYR BA 1047 -84.20 65.57 10.52
C TYR BA 1047 -83.32 64.67 11.40
N PHE BA 1048 -83.10 63.46 10.92
CA PHE BA 1048 -82.26 62.49 11.62
C PHE BA 1048 -81.65 61.53 10.60
N LYS BA 1049 -80.44 61.07 10.91
CA LYS BA 1049 -79.72 60.19 10.01
C LYS BA 1049 -80.26 58.77 10.10
N PHE BA 1050 -80.09 58.03 9.01
CA PHE BA 1050 -80.53 56.63 8.91
C PHE BA 1050 -79.36 55.69 8.71
N THR BA 1051 -78.16 56.07 9.15
CA THR BA 1051 -77.01 55.21 9.01
C THR BA 1051 -76.96 54.19 10.15
N PRO BA 1052 -76.35 53.03 9.92
CA PRO BA 1052 -76.29 52.01 10.99
C PRO BA 1052 -75.61 52.47 12.26
N ILE BA 1053 -74.93 53.62 12.25
CA ILE BA 1053 -74.40 54.15 13.49
C ILE BA 1053 -75.38 55.12 14.16
N SER BA 1054 -76.13 55.88 13.38
CA SER BA 1054 -77.20 56.69 13.95
C SER BA 1054 -78.27 55.80 14.58
N LEU BA 1055 -78.54 54.64 13.98
CA LEU BA 1055 -79.45 53.70 14.60
C LEU BA 1055 -78.92 53.21 15.94
N THR BA 1056 -77.60 53.04 16.05
CA THR BA 1056 -77.01 52.65 17.32
C THR BA 1056 -77.35 53.61 18.44
N HIS BA 1057 -77.42 54.90 18.12
CA HIS BA 1057 -77.80 55.91 19.11
C HIS BA 1057 -79.30 55.97 19.33
N GLN BA 1058 -80.09 55.91 18.25
CA GLN BA 1058 -81.53 56.08 18.38
C GLN BA 1058 -82.16 54.91 19.12
N LEU BA 1059 -81.81 53.68 18.74
CA LEU BA 1059 -82.36 52.51 19.40
C LEU BA 1059 -82.00 52.45 20.87
N ARG BA 1060 -80.87 53.01 21.26
CA ARG BA 1060 -80.44 53.00 22.66
C ARG BA 1060 -81.09 54.12 23.47
N THR BA 1061 -81.21 55.31 22.88
CA THR BA 1061 -81.84 56.42 23.57
C THR BA 1061 -83.35 56.26 23.68
N GLY BA 1062 -83.98 55.55 22.74
CA GLY BA 1062 -85.41 55.36 22.75
C GLY BA 1062 -86.16 56.13 21.69
N PHE BA 1063 -85.46 56.86 20.82
CA PHE BA 1063 -86.10 57.57 19.73
C PHE BA 1063 -86.59 56.57 18.70
N HIS BA 1064 -87.90 56.47 18.54
CA HIS BA 1064 -88.49 55.52 17.60
C HIS BA 1064 -88.34 56.03 16.18
N PRO BA 1065 -87.57 55.36 15.32
CA PRO BA 1065 -87.46 55.80 13.93
C PRO BA 1065 -88.68 55.38 13.12
N GLY BA 1066 -88.70 55.81 11.88
CA GLY BA 1066 -89.82 55.50 10.99
C GLY BA 1066 -89.71 54.15 10.34
N ILE BA 1067 -89.77 53.09 11.15
CA ILE BA 1067 -89.65 51.73 10.64
C ILE BA 1067 -90.31 50.79 11.63
N ALA BA 1068 -90.96 49.76 11.10
CA ALA BA 1068 -91.63 48.75 11.90
C ALA BA 1068 -91.01 47.39 11.66
N PHE BA 1069 -91.26 46.46 12.57
CA PHE BA 1069 -90.71 45.12 12.49
C PHE BA 1069 -91.79 44.09 12.75
N THR BA 1070 -91.60 42.91 12.17
CA THR BA 1070 -92.40 41.73 12.50
C THR BA 1070 -91.45 40.61 12.91
N VAL BA 1071 -91.81 39.90 13.97
CA VAL BA 1071 -90.95 38.87 14.53
C VAL BA 1071 -91.47 37.51 14.09
N VAL BA 1072 -90.54 36.55 13.99
CA VAL BA 1072 -90.86 35.17 13.64
C VAL BA 1072 -90.14 34.26 14.61
N ARG BA 1073 -90.87 33.33 15.22
CA ARG BA 1073 -90.30 32.40 16.18
C ARG BA 1073 -90.87 31.01 15.92
N GLN BA 1074 -90.02 30.00 16.07
CA GLN BA 1074 -90.40 28.61 15.84
C GLN BA 1074 -90.29 27.82 17.12
N ASP BA 1075 -91.28 26.97 17.38
CA ASP BA 1075 -91.32 26.15 18.57
C ASP BA 1075 -91.69 24.73 18.21
N ARG BA 1076 -91.34 23.79 19.10
CA ARG BA 1076 -91.66 22.40 18.91
C ARG BA 1076 -92.15 21.80 20.22
N PHE BA 1077 -93.03 20.81 20.11
CA PHE BA 1077 -93.66 20.20 21.28
C PHE BA 1077 -93.69 18.69 21.12
N ALA BA 1078 -93.52 17.98 22.23
CA ALA BA 1078 -93.61 16.54 22.23
C ALA BA 1078 -95.07 16.12 22.33
N THR BA 1079 -95.51 15.24 21.42
CA THR BA 1079 -96.90 14.83 21.36
C THR BA 1079 -96.98 13.30 21.40
N GLU BA 1080 -98.11 12.81 21.88
CA GLU BA 1080 -98.42 11.39 21.86
C GLU BA 1080 -99.35 11.11 20.69
N GLN BA 1081 -98.88 10.32 19.73
CA GLN BA 1081 -99.60 10.09 18.49
C GLN BA 1081 -100.52 8.89 18.64
N LEU BA 1082 -101.06 8.44 17.50
CA LEU BA 1082 -101.97 7.31 17.47
C LEU BA 1082 -101.99 6.76 16.04
N LEU BA 1083 -101.71 5.48 15.90
CA LEU BA 1083 -101.55 4.87 14.58
C LEU BA 1083 -102.63 3.83 14.33
N TYR BA 1084 -103.16 3.82 13.11
CA TYR BA 1084 -104.09 2.79 12.68
C TYR BA 1084 -103.58 2.17 11.39
N ALA BA 1085 -103.70 0.85 11.29
CA ALA BA 1085 -103.22 0.13 10.12
C ALA BA 1085 -104.21 -0.97 9.76
N GLU BA 1086 -104.21 -1.32 8.47
CA GLU BA 1086 -105.13 -2.32 7.93
C GLU BA 1086 -104.62 -3.74 8.20
N ARG BA 1087 -105.28 -4.71 7.56
CA ARG BA 1087 -104.95 -6.12 7.80
C ARG BA 1087 -103.80 -6.56 6.91
N ALA BA 1088 -103.97 -6.46 5.60
CA ALA BA 1088 -102.92 -6.84 4.66
C ALA BA 1088 -102.20 -5.58 4.18
N SER BA 1089 -101.48 -4.95 5.10
CA SER BA 1089 -100.76 -3.72 4.79
C SER BA 1089 -99.62 -3.98 3.83
N GLU BA 1090 -98.68 -4.85 4.21
CA GLU BA 1090 -97.50 -5.08 3.39
C GLU BA 1090 -97.14 -6.56 3.29
N SER BA 1091 -95.97 -6.84 2.72
CA SER BA 1091 -95.48 -8.21 2.59
C SER BA 1091 -93.99 -8.16 2.93
N TYR BA 1092 -93.62 -8.80 4.03
CA TYR BA 1092 -92.28 -8.65 4.58
C TYR BA 1092 -91.47 -9.93 4.36
N PHE BA 1093 -90.46 -9.85 3.52
CA PHE BA 1093 -89.60 -10.99 3.21
C PHE BA 1093 -88.44 -11.05 4.19
N VAL BA 1094 -88.28 -12.20 4.85
CA VAL BA 1094 -87.16 -12.44 5.74
C VAL BA 1094 -86.23 -13.44 5.06
N GLY BA 1095 -84.93 -13.31 5.32
CA GLY BA 1095 -83.90 -14.11 4.68
C GLY BA 1095 -83.23 -15.07 5.63
N GLN BA 1096 -81.90 -15.11 5.56
CA GLN BA 1096 -81.10 -16.00 6.39
C GLN BA 1096 -80.08 -15.20 7.19
N ILE BA 1097 -79.73 -15.76 8.35
CA ILE BA 1097 -78.85 -15.10 9.31
C ILE BA 1097 -77.41 -15.52 9.03
N GLN BA 1098 -76.46 -14.62 9.31
CA GLN BA 1098 -75.05 -14.92 9.09
C GLN BA 1098 -74.25 -14.47 10.30
N VAL BA 1099 -73.12 -15.13 10.54
CA VAL BA 1099 -72.24 -14.83 11.65
C VAL BA 1099 -70.98 -14.19 11.12
N HIS BA 1100 -70.29 -13.43 11.97
CA HIS BA 1100 -69.07 -12.73 11.58
C HIS BA 1100 -68.13 -12.68 12.78
N HIS BA 1101 -67.00 -13.37 12.69
CA HIS BA 1101 -65.98 -13.25 13.71
C HIS BA 1101 -65.18 -11.97 13.50
N HIS BA 1102 -64.75 -11.36 14.59
CA HIS BA 1102 -64.00 -10.12 14.52
C HIS BA 1102 -63.29 -9.89 15.84
N ASP BA 1103 -62.02 -9.46 15.75
CA ASP BA 1103 -61.23 -9.21 16.94
C ASP BA 1103 -61.84 -8.07 17.75
N ALA BA 1104 -61.51 -8.04 19.04
CA ALA BA 1104 -62.06 -7.04 19.94
C ALA BA 1104 -60.95 -6.28 20.67
N ILE BA 1105 -61.35 -5.46 21.64
CA ILE BA 1105 -60.37 -4.73 22.43
C ILE BA 1105 -59.68 -5.66 23.42
N GLY BA 1106 -60.41 -6.64 23.94
CA GLY BA 1106 -59.83 -7.64 24.81
C GLY BA 1106 -60.10 -9.06 24.35
N GLY BA 1107 -61.18 -9.25 23.60
CA GLY BA 1107 -61.60 -10.58 23.20
C GLY BA 1107 -61.98 -10.69 21.74
N VAL BA 1108 -63.21 -11.15 21.47
CA VAL BA 1108 -63.71 -11.30 20.11
C VAL BA 1108 -65.14 -10.78 20.06
N ASN BA 1109 -65.47 -10.07 18.98
CA ASN BA 1109 -66.81 -9.54 18.74
C ASN BA 1109 -67.45 -10.31 17.59
N PHE BA 1110 -68.27 -11.31 17.92
CA PHE BA 1110 -69.12 -11.93 16.93
C PHE BA 1110 -70.24 -10.96 16.55
N THR BA 1111 -70.64 -10.98 15.28
CA THR BA 1111 -71.69 -10.12 14.77
C THR BA 1111 -72.69 -10.93 13.98
N LEU BA 1112 -73.96 -10.76 14.29
CA LEU BA 1112 -75.04 -11.44 13.60
C LEU BA 1112 -75.76 -10.42 12.71
N THR BA 1113 -76.12 -10.85 11.50
CA THR BA 1113 -76.74 -9.97 10.52
C THR BA 1113 -77.85 -10.72 9.79
N GLN BA 1114 -78.91 -10.01 9.44
CA GLN BA 1114 -80.06 -10.59 8.77
C GLN BA 1114 -80.67 -9.60 7.78
N PRO BA 1115 -80.64 -9.89 6.49
CA PRO BA 1115 -81.28 -9.00 5.51
C PRO BA 1115 -82.75 -9.35 5.33
N ARG BA 1116 -83.52 -8.35 4.90
CA ARG BA 1116 -84.97 -8.44 4.78
C ARG BA 1116 -85.41 -7.44 3.72
N ALA BA 1117 -86.67 -7.55 3.29
CA ALA BA 1117 -87.20 -6.70 2.25
C ALA BA 1117 -88.68 -6.41 2.45
N HIS BA 1118 -89.07 -5.14 2.50
CA HIS BA 1118 -90.45 -4.75 2.73
C HIS BA 1118 -91.07 -4.13 1.48
N VAL BA 1119 -92.31 -4.53 1.19
CA VAL BA 1119 -93.05 -3.99 0.06
C VAL BA 1119 -94.52 -3.86 0.43
N ASP BA 1120 -95.08 -2.66 0.27
CA ASP BA 1120 -96.52 -2.49 0.45
C ASP BA 1120 -97.25 -2.98 -0.79
N LEU BA 1121 -98.27 -3.82 -0.57
CA LEU BA 1121 -99.07 -4.35 -1.66
C LEU BA 1121 -100.45 -3.70 -1.75
N GLY BA 1122 -100.71 -2.70 -0.93
CA GLY BA 1122 -101.99 -2.02 -0.96
C GLY BA 1122 -102.14 -1.15 -2.19
N VAL BA 1123 -103.40 -0.86 -2.55
CA VAL BA 1123 -103.71 -0.03 -3.70
C VAL BA 1123 -103.82 1.45 -3.34
N GLY BA 1124 -104.08 1.78 -2.09
CA GLY BA 1124 -104.17 3.16 -1.67
C GLY BA 1124 -103.40 3.40 -0.38
N TYR BA 1125 -104.05 3.98 0.61
CA TYR BA 1125 -103.45 4.18 1.92
C TYR BA 1125 -104.04 3.18 2.90
N THR BA 1126 -103.17 2.44 3.59
CA THR BA 1126 -103.59 1.42 4.54
C THR BA 1126 -103.16 1.76 5.97
N ALA BA 1127 -102.75 2.99 6.22
CA ALA BA 1127 -102.31 3.40 7.54
C ALA BA 1127 -102.56 4.89 7.71
N VAL BA 1128 -103.05 5.28 8.89
CA VAL BA 1128 -103.37 6.66 9.20
C VAL BA 1128 -102.80 6.99 10.57
N CYS BA 1129 -102.12 8.13 10.67
CA CYS BA 1129 -101.56 8.61 11.92
C CYS BA 1129 -102.22 9.93 12.30
N ALA BA 1130 -102.31 10.18 13.60
CA ALA BA 1130 -102.95 11.40 14.10
C ALA BA 1130 -102.33 11.77 15.44
N THR BA 1131 -102.11 13.07 15.64
CA THR BA 1131 -101.55 13.57 16.89
C THR BA 1131 -102.68 13.71 17.90
N ALA BA 1132 -102.74 12.78 18.85
CA ALA BA 1132 -103.86 12.73 19.78
C ALA BA 1132 -103.67 13.73 20.93
N ALA BA 1133 -102.62 13.54 21.72
CA ALA BA 1133 -102.42 14.33 22.93
C ALA BA 1133 -101.15 15.16 22.82
N LEU BA 1134 -100.99 16.07 23.77
CA LEU BA 1134 -99.85 16.96 23.84
C LEU BA 1134 -99.15 16.78 25.18
N ARG BA 1135 -97.84 16.60 25.15
CA ARG BA 1135 -97.03 16.48 26.35
C ARG BA 1135 -96.35 17.81 26.63
N CYS BA 1136 -95.43 17.81 27.59
CA CYS BA 1136 -94.80 19.05 28.01
C CYS BA 1136 -94.05 19.70 26.84
N PRO BA 1137 -94.06 21.03 26.74
CA PRO BA 1137 -93.27 21.69 25.70
C PRO BA 1137 -91.78 21.50 25.94
N LEU BA 1138 -91.03 21.48 24.85
CA LEU BA 1138 -89.59 21.27 24.92
C LEU BA 1138 -88.83 22.59 24.85
N THR BA 1139 -89.07 23.38 23.82
CA THR BA 1139 -88.39 24.65 23.68
C THR BA 1139 -89.04 25.72 24.56
N ASP BA 1140 -88.40 26.88 24.61
CA ASP BA 1140 -88.88 28.01 25.39
C ASP BA 1140 -89.29 29.15 24.47
N MET BA 1141 -90.36 29.84 24.84
CA MET BA 1141 -90.85 30.99 24.08
C MET BA 1141 -90.29 32.29 24.64
N GLY BA 1142 -88.96 32.35 24.70
CA GLY BA 1142 -88.26 33.50 25.25
C GLY BA 1142 -88.07 34.60 24.25
N ASN BA 1143 -87.20 35.55 24.61
CA ASN BA 1143 -86.84 36.68 23.75
C ASN BA 1143 -85.34 36.64 23.55
N THR BA 1144 -84.91 35.88 22.54
CA THR BA 1144 -83.50 35.75 22.20
C THR BA 1144 -83.32 36.24 20.78
N ALA BA 1145 -82.68 37.39 20.62
CA ALA BA 1145 -82.48 37.97 19.31
C ALA BA 1145 -81.46 37.17 18.52
N GLN BA 1146 -81.51 37.33 17.20
CA GLN BA 1146 -80.56 36.66 16.31
C GLN BA 1146 -79.42 37.62 15.99
N ASN BA 1147 -78.20 37.18 16.26
CA ASN BA 1147 -77.01 38.00 16.01
C ASN BA 1147 -76.48 37.69 14.61
N LEU BA 1148 -76.52 38.69 13.74
CA LEU BA 1148 -76.04 38.53 12.38
C LEU BA 1148 -74.53 38.70 12.26
N PHE BA 1149 -73.82 38.75 13.38
CA PHE BA 1149 -72.36 38.86 13.37
C PHE BA 1149 -71.68 37.50 13.37
N PHE BA 1150 -72.41 36.43 13.11
CA PHE BA 1150 -71.85 35.09 13.01
C PHE BA 1150 -71.56 34.68 11.58
N SER BA 1151 -71.65 35.61 10.64
CA SER BA 1151 -71.45 35.32 9.23
C SER BA 1151 -70.33 36.19 8.67
N ARG BA 1152 -69.81 35.78 7.52
CA ARG BA 1152 -68.75 36.52 6.84
C ARG BA 1152 -68.96 36.40 5.33
N GLY BA 1153 -68.55 37.45 4.61
CA GLY BA 1153 -68.67 37.43 3.17
C GLY BA 1153 -69.12 38.75 2.56
N GLY BA 1154 -69.93 39.50 3.30
CA GLY BA 1154 -70.42 40.78 2.80
C GLY BA 1154 -69.35 41.84 2.78
N VAL BA 1155 -69.69 42.98 2.17
CA VAL BA 1155 -68.76 44.10 2.09
C VAL BA 1155 -68.63 44.71 3.48
N PRO BA 1156 -67.42 44.86 4.00
CA PRO BA 1156 -67.25 45.47 5.32
C PRO BA 1156 -67.10 46.99 5.20
N MET BA 1157 -67.06 47.63 6.37
CA MET BA 1157 -66.84 49.07 6.41
C MET BA 1157 -65.38 49.39 6.08
N LEU BA 1158 -65.18 50.57 5.50
CA LEU BA 1158 -63.83 50.98 5.14
C LEU BA 1158 -62.92 51.10 6.35
N HIS BA 1159 -63.45 51.43 7.50
CA HIS BA 1159 -62.68 51.56 8.73
C HIS BA 1159 -62.95 50.37 9.63
N ASP BA 1160 -61.92 49.96 10.36
CA ASP BA 1160 -62.04 48.83 11.27
C ASP BA 1160 -62.61 49.21 12.62
N ASN BA 1161 -62.29 50.42 13.11
CA ASN BA 1161 -62.78 50.84 14.41
C ASN BA 1161 -64.31 50.93 14.43
N VAL BA 1162 -64.91 51.39 13.34
CA VAL BA 1162 -66.36 51.55 13.32
C VAL BA 1162 -67.05 50.19 13.42
N THR BA 1163 -66.61 49.21 12.65
CA THR BA 1163 -67.23 47.90 12.73
C THR BA 1163 -66.89 47.18 14.03
N GLU BA 1164 -65.71 47.43 14.60
CA GLU BA 1164 -65.39 46.84 15.90
C GLU BA 1164 -66.28 47.40 16.99
N SER BA 1165 -66.47 48.72 17.02
CA SER BA 1165 -67.38 49.32 17.98
C SER BA 1165 -68.81 48.85 17.74
N LEU BA 1166 -69.20 48.67 16.48
CA LEU BA 1166 -70.54 48.15 16.19
C LEU BA 1166 -70.72 46.76 16.78
N ARG BA 1167 -69.75 45.86 16.55
CA ARG BA 1167 -69.82 44.53 17.12
C ARG BA 1167 -69.84 44.57 18.64
N ARG BA 1168 -69.03 45.43 19.25
CA ARG BA 1168 -69.00 45.53 20.71
C ARG BA 1168 -70.35 45.99 21.24
N ILE BA 1169 -70.94 47.01 20.63
CA ILE BA 1169 -72.21 47.53 21.12
C ILE BA 1169 -73.33 46.52 20.91
N THR BA 1170 -73.32 45.81 19.78
CA THR BA 1170 -74.38 44.84 19.54
C THR BA 1170 -74.19 43.61 20.43
N ALA BA 1171 -72.97 43.35 20.87
CA ALA BA 1171 -72.76 42.30 21.87
C ALA BA 1171 -73.28 42.76 23.22
N SER BA 1172 -73.04 44.03 23.56
CA SER BA 1172 -73.66 44.61 24.75
C SER BA 1172 -75.18 44.57 24.61
N GLY BA 1173 -75.85 44.21 25.70
CA GLY BA 1173 -77.30 44.15 25.68
C GLY BA 1173 -77.87 42.92 25.00
N GLY BA 1174 -77.14 41.79 25.04
CA GLY BA 1174 -77.61 40.55 24.47
C GLY BA 1174 -77.10 39.38 25.28
N ARG BA 1175 -77.43 38.18 24.82
CA ARG BA 1175 -77.01 36.95 25.49
C ARG BA 1175 -76.00 36.15 24.68
N LEU BA 1176 -76.33 35.80 23.44
CA LEU BA 1176 -75.41 35.04 22.59
C LEU BA 1176 -74.56 36.01 21.78
N ASN BA 1177 -73.25 35.83 21.84
CA ASN BA 1177 -72.30 36.68 21.16
C ASN BA 1177 -71.09 35.83 20.80
N PRO BA 1178 -70.38 36.17 19.71
CA PRO BA 1178 -69.14 35.45 19.41
C PRO BA 1178 -68.10 35.70 20.50
N THR BA 1179 -67.21 34.73 20.64
CA THR BA 1179 -66.16 34.84 21.65
C THR BA 1179 -65.25 36.02 21.34
N GLU BA 1180 -64.51 36.46 22.35
CA GLU BA 1180 -63.69 37.65 22.21
C GLU BA 1180 -62.56 37.55 21.18
N PRO BA 1181 -61.83 36.44 21.05
CA PRO BA 1181 -60.67 36.46 20.14
C PRO BA 1181 -61.03 36.63 18.69
N LEU BA 1182 -62.27 36.36 18.30
CA LEU BA 1182 -62.69 36.30 16.91
C LEU BA 1182 -61.73 35.39 16.16
N PRO BA 1183 -61.69 34.10 16.48
CA PRO BA 1183 -60.64 33.22 15.95
C PRO BA 1183 -60.83 32.98 14.46
N ILE BA 1184 -59.85 33.45 13.67
CA ILE BA 1184 -59.82 33.09 12.26
C ILE BA 1184 -59.69 31.58 12.14
N PHE BA 1185 -60.31 31.02 11.09
CA PHE BA 1185 -60.36 29.57 10.89
C PHE BA 1185 -61.04 28.90 12.08
N GLY BA 1186 -62.33 29.22 12.22
CA GLY BA 1186 -63.13 28.67 13.29
C GLY BA 1186 -64.60 28.64 12.91
N GLY BA 1187 -65.42 28.21 13.87
CA GLY BA 1187 -66.84 28.11 13.65
C GLY BA 1187 -67.63 29.26 14.26
N LEU BA 1188 -66.96 30.07 15.08
CA LEU BA 1188 -67.58 31.21 15.74
C LEU BA 1188 -68.78 30.79 16.58
N ARG BA 1189 -68.50 29.96 17.59
CA ARG BA 1189 -69.56 29.48 18.45
C ARG BA 1189 -69.66 30.32 19.71
N PRO BA 1190 -70.86 30.50 20.25
CA PRO BA 1190 -71.00 31.29 21.48
C PRO BA 1190 -70.43 30.54 22.68
N ALA BA 1191 -70.13 31.31 23.72
CA ALA BA 1191 -69.58 30.72 24.93
C ALA BA 1191 -70.64 29.89 25.64
N THR BA 1192 -70.22 28.72 26.13
CA THR BA 1192 -71.14 27.82 26.82
C THR BA 1192 -71.46 28.38 28.20
N SER BA 1193 -72.74 28.54 28.49
CA SER BA 1193 -73.18 29.06 29.77
C SER BA 1193 -73.32 27.91 30.77
N ALA BA 1194 -73.89 28.20 31.93
CA ALA BA 1194 -74.13 27.21 32.97
C ALA BA 1194 -75.43 26.46 32.64
N GLY BA 1195 -75.96 25.72 33.62
CA GLY BA 1195 -77.14 24.91 33.39
C GLY BA 1195 -78.32 25.71 32.89
N ILE BA 1196 -79.30 24.98 32.35
CA ILE BA 1196 -80.48 25.57 31.77
C ILE BA 1196 -81.62 25.56 32.78
N ALA BA 1197 -82.50 26.57 32.69
CA ALA BA 1197 -83.57 26.72 33.67
C ALA BA 1197 -84.84 25.99 33.26
N ARG BA 1198 -85.42 26.34 32.11
CA ARG BA 1198 -86.75 25.85 31.79
C ARG BA 1198 -86.88 25.37 30.34
N GLY BA 1199 -85.81 24.98 29.69
CA GLY BA 1199 -85.86 24.44 28.35
C GLY BA 1199 -84.97 25.20 27.39
N GLN BA 1200 -84.88 24.65 26.18
CA GLN BA 1200 -84.04 25.24 25.16
C GLN BA 1200 -84.64 26.54 24.66
N ALA BA 1201 -83.81 27.57 24.52
CA ALA BA 1201 -84.27 28.85 24.01
C ALA BA 1201 -84.43 28.80 22.49
N SER BA 1202 -85.33 29.64 22.00
CA SER BA 1202 -85.60 29.73 20.57
C SER BA 1202 -85.29 31.14 20.08
N VAL BA 1203 -84.63 31.23 18.93
CA VAL BA 1203 -84.23 32.52 18.40
C VAL BA 1203 -85.43 33.21 17.75
N CYS BA 1204 -85.27 34.52 17.52
CA CYS BA 1204 -86.31 35.34 16.91
C CYS BA 1204 -85.70 36.14 15.77
N GLU BA 1205 -86.30 36.03 14.59
CA GLU BA 1205 -85.84 36.75 13.40
C GLU BA 1205 -86.74 37.96 13.17
N PHE BA 1206 -86.12 39.09 12.85
CA PHE BA 1206 -86.82 40.35 12.64
C PHE BA 1206 -86.85 40.68 11.15
N VAL BA 1207 -87.96 41.25 10.70
CA VAL BA 1207 -88.16 41.63 9.31
C VAL BA 1207 -88.63 43.08 9.27
N ALA BA 1208 -88.09 43.86 8.35
CA ALA BA 1208 -88.50 45.25 8.21
C ALA BA 1208 -89.84 45.36 7.49
N MET BA 1209 -90.57 46.42 7.79
CA MET BA 1209 -91.88 46.66 7.20
C MET BA 1209 -92.25 48.12 7.43
N PRO BA 1210 -93.09 48.70 6.57
CA PRO BA 1210 -93.52 50.08 6.80
C PRO BA 1210 -94.27 50.22 8.11
N VAL BA 1211 -94.28 51.45 8.63
CA VAL BA 1211 -94.91 51.72 9.92
C VAL BA 1211 -96.41 51.53 9.82
N SER BA 1212 -97.07 52.29 8.95
CA SER BA 1212 -98.52 52.26 8.83
C SER BA 1212 -98.90 51.09 7.93
N THR BA 1213 -98.97 49.91 8.53
CA THR BA 1213 -99.28 48.68 7.84
C THR BA 1213 -100.60 48.11 8.38
N ASP BA 1214 -101.28 47.34 7.53
CA ASP BA 1214 -102.53 46.71 7.92
C ASP BA 1214 -102.36 45.89 9.19
N LEU BA 1215 -103.04 46.31 10.26
CA LEU BA 1215 -103.00 45.58 11.51
C LEU BA 1215 -103.95 44.39 11.52
N GLN BA 1216 -105.08 44.50 10.81
CA GLN BA 1216 -106.02 43.39 10.72
C GLN BA 1216 -105.41 42.18 10.03
N TYR BA 1217 -104.35 42.38 9.25
CA TYR BA 1217 -103.69 41.27 8.57
C TYR BA 1217 -103.04 40.30 9.55
N PHE BA 1218 -102.68 40.77 10.74
CA PHE BA 1218 -101.99 39.94 11.72
C PHE BA 1218 -102.94 39.28 12.71
N ARG BA 1219 -104.24 39.28 12.42
CA ARG BA 1219 -105.22 38.69 13.32
C ARG BA 1219 -105.67 37.30 12.88
N THR BA 1220 -105.09 36.76 11.81
CA THR BA 1220 -105.39 35.42 11.34
C THR BA 1220 -104.07 34.77 10.95
N ALA BA 1221 -104.12 33.58 10.37
CA ALA BA 1221 -102.92 32.92 9.89
C ALA BA 1221 -102.37 33.73 8.72
N CYS BA 1222 -101.29 34.46 8.97
CA CYS BA 1222 -100.71 35.37 7.99
C CYS BA 1222 -99.32 34.88 7.59
N ASN BA 1223 -98.92 35.25 6.37
CA ASN BA 1223 -97.66 34.83 5.80
C ASN BA 1223 -96.59 35.87 6.05
N PRO BA 1224 -95.42 35.49 6.56
CA PRO BA 1224 -94.41 36.50 6.91
C PRO BA 1224 -93.75 37.14 5.71
N ARG BA 1225 -93.78 36.50 4.54
CA ARG BA 1225 -93.13 37.07 3.37
C ARG BA 1225 -93.82 38.35 2.92
N GLY BA 1226 -95.12 38.48 3.21
CA GLY BA 1226 -95.91 39.61 2.78
C GLY BA 1226 -96.83 39.31 1.62
N ARG BA 1227 -96.62 38.17 0.95
CA ARG BA 1227 -97.45 37.74 -0.16
C ARG BA 1227 -97.57 36.22 -0.11
N ALA BA 1228 -98.76 35.72 -0.44
CA ALA BA 1228 -98.99 34.28 -0.44
C ALA BA 1228 -98.25 33.63 -1.61
N SER BA 1229 -97.67 32.46 -1.33
CA SER BA 1229 -96.94 31.71 -2.34
C SER BA 1229 -97.24 30.22 -2.14
N GLY BA 1230 -96.48 29.37 -2.81
CA GLY BA 1230 -96.62 27.94 -2.71
C GLY BA 1230 -97.03 27.32 -4.04
N MET BA 1231 -96.88 26.00 -4.08
CA MET BA 1231 -97.23 25.21 -5.25
C MET BA 1231 -98.69 24.77 -5.22
N LEU BA 1232 -99.50 25.34 -4.34
CA LEU BA 1232 -100.89 24.94 -4.19
C LEU BA 1232 -101.83 25.73 -5.10
N TYR BA 1233 -101.29 26.58 -5.97
CA TYR BA 1233 -102.09 27.39 -6.90
C TYR BA 1233 -101.53 27.14 -8.30
N MET BA 1234 -102.09 26.16 -8.98
CA MET BA 1234 -101.59 25.71 -10.27
C MET BA 1234 -102.78 25.22 -11.10
N GLY BA 1235 -102.51 24.44 -12.14
CA GLY BA 1235 -103.58 23.83 -12.91
C GLY BA 1235 -103.33 23.73 -14.40
N ASP BA 1236 -102.47 24.60 -14.93
CA ASP BA 1236 -102.24 24.62 -16.38
C ASP BA 1236 -100.80 24.32 -16.76
N ARG BA 1237 -99.82 24.95 -16.11
CA ARG BA 1237 -98.43 24.85 -16.52
C ARG BA 1237 -97.51 24.79 -15.32
N ASP BA 1238 -96.22 24.61 -15.59
CA ASP BA 1238 -95.21 24.49 -14.55
C ASP BA 1238 -94.56 25.81 -14.18
N ALA BA 1239 -94.50 26.77 -15.09
CA ALA BA 1239 -93.86 28.04 -14.79
C ALA BA 1239 -94.81 28.94 -14.02
N ASP BA 1240 -95.36 28.42 -12.92
CA ASP BA 1240 -96.23 29.16 -12.03
C ASP BA 1240 -95.65 29.36 -10.65
N ILE BA 1241 -94.78 28.46 -10.19
CA ILE BA 1241 -94.18 28.62 -8.87
C ILE BA 1241 -93.34 29.89 -8.84
N GLU BA 1242 -92.53 30.12 -9.88
CA GLU BA 1242 -91.83 31.38 -10.00
C GLU BA 1242 -92.78 32.53 -10.28
N ALA BA 1243 -93.82 32.29 -11.08
CA ALA BA 1243 -94.78 33.32 -11.45
C ALA BA 1243 -95.36 33.97 -10.21
N ILE BA 1244 -96.04 33.19 -9.36
CA ILE BA 1244 -96.47 33.75 -8.08
C ILE BA 1244 -95.41 33.48 -7.02
N MET BA 1245 -94.30 34.20 -7.12
CA MET BA 1245 -93.44 34.44 -5.96
C MET BA 1245 -92.84 35.84 -5.94
N PHE BA 1246 -92.65 36.47 -7.10
CA PHE BA 1246 -92.07 37.81 -7.17
C PHE BA 1246 -92.77 38.73 -8.16
N ASP BA 1247 -93.51 38.21 -9.13
CA ASP BA 1247 -94.18 39.04 -10.12
C ASP BA 1247 -95.18 39.97 -9.46
N HIS BA 1248 -94.93 41.27 -9.53
CA HIS BA 1248 -95.79 42.27 -8.92
C HIS BA 1248 -96.64 43.01 -9.94
N THR BA 1249 -96.69 42.52 -11.18
CA THR BA 1249 -97.59 43.10 -12.17
C THR BA 1249 -99.04 42.67 -11.96
N GLN BA 1250 -99.27 41.56 -11.27
CA GLN BA 1250 -100.60 41.09 -10.95
C GLN BA 1250 -100.82 41.13 -9.44
N SER BA 1251 -102.08 41.12 -9.05
CA SER BA 1251 -102.43 41.25 -7.65
C SER BA 1251 -102.06 39.98 -6.88
N ASP BA 1252 -102.09 40.09 -5.56
CA ASP BA 1252 -101.80 38.95 -4.71
C ASP BA 1252 -102.86 37.87 -4.88
N VAL BA 1253 -102.46 36.63 -4.60
CA VAL BA 1253 -103.39 35.51 -4.71
C VAL BA 1253 -104.44 35.56 -3.61
N ALA BA 1254 -103.98 35.62 -2.35
CA ALA BA 1254 -104.89 35.61 -1.22
C ALA BA 1254 -105.79 36.84 -1.23
N TYR BA 1255 -105.19 38.02 -1.28
CA TYR BA 1255 -105.92 39.28 -1.31
C TYR BA 1255 -105.82 39.85 -2.72
N THR BA 1256 -106.86 39.64 -3.53
CA THR BA 1256 -106.84 40.06 -4.92
C THR BA 1256 -107.21 41.54 -5.04
N ASP BA 1257 -106.54 42.39 -4.27
CA ASP BA 1257 -106.71 43.83 -4.38
C ASP BA 1257 -105.42 44.60 -4.24
N ARG BA 1258 -104.28 43.93 -4.10
CA ARG BA 1258 -103.00 44.60 -3.91
C ARG BA 1258 -101.89 43.64 -4.29
N ALA BA 1259 -100.70 44.19 -4.53
CA ALA BA 1259 -99.57 43.36 -4.93
C ALA BA 1259 -99.00 42.59 -3.75
N THR BA 1260 -98.49 43.29 -2.75
CA THR BA 1260 -97.91 42.68 -1.57
C THR BA 1260 -98.38 43.45 -0.34
N LEU BA 1261 -97.84 43.07 0.82
CA LEU BA 1261 -98.07 43.85 2.03
C LEU BA 1261 -96.94 44.83 2.28
N ASN BA 1262 -95.71 44.33 2.42
CA ASN BA 1262 -94.54 45.17 2.57
C ASN BA 1262 -93.68 45.06 1.32
N PRO BA 1263 -93.42 46.15 0.63
CA PRO BA 1263 -92.63 46.05 -0.61
C PRO BA 1263 -91.13 46.01 -0.34
N TRP BA 1264 -90.75 45.71 0.91
CA TRP BA 1264 -89.35 45.61 1.27
C TRP BA 1264 -88.87 44.18 1.47
N ALA BA 1265 -89.78 43.21 1.52
CA ALA BA 1265 -89.38 41.82 1.78
C ALA BA 1265 -90.13 40.85 0.88
N SER BA 1266 -90.50 41.27 -0.32
CA SER BA 1266 -91.29 40.41 -1.18
C SER BA 1266 -90.87 40.44 -2.65
N GLN BA 1267 -89.88 41.24 -3.03
CA GLN BA 1267 -89.50 41.35 -4.43
C GLN BA 1267 -88.40 40.34 -4.76
N LYS BA 1268 -87.88 40.40 -5.99
CA LYS BA 1268 -86.86 39.45 -6.41
C LYS BA 1268 -85.55 39.69 -5.67
N HIS BA 1269 -85.22 40.95 -5.38
CA HIS BA 1269 -84.00 41.29 -4.68
C HIS BA 1269 -84.27 42.32 -3.60
N SER BA 1270 -85.40 42.18 -2.92
CA SER BA 1270 -85.75 43.07 -1.83
C SER BA 1270 -84.80 42.85 -0.65
N TYR BA 1271 -84.97 43.64 0.40
CA TYR BA 1271 -84.05 43.61 1.53
C TYR BA 1271 -84.05 42.24 2.20
N GLY BA 1272 -85.22 41.77 2.63
CA GLY BA 1272 -85.28 40.49 3.31
C GLY BA 1272 -84.91 39.33 2.41
N ASP BA 1273 -85.25 39.43 1.12
CA ASP BA 1273 -84.89 38.39 0.18
C ASP BA 1273 -83.37 38.28 0.03
N ARG BA 1274 -82.70 39.42 -0.06
CA ARG BA 1274 -81.24 39.40 -0.08
C ARG BA 1274 -80.67 38.93 1.25
N LEU BA 1275 -81.35 39.24 2.36
CA LEU BA 1275 -80.86 38.83 3.66
C LEU BA 1275 -80.88 37.31 3.81
N TYR BA 1276 -82.01 36.68 3.49
CA TYR BA 1276 -82.10 35.22 3.57
C TYR BA 1276 -82.93 34.71 2.41
N ASN BA 1277 -82.32 33.85 1.60
CA ASN BA 1277 -83.02 33.16 0.52
C ASN BA 1277 -82.73 31.68 0.44
N GLY BA 1278 -81.60 31.21 0.97
CA GLY BA 1278 -81.17 29.84 0.77
C GLY BA 1278 -80.32 29.63 -0.46
N THR BA 1279 -80.45 30.48 -1.46
CA THR BA 1279 -79.64 30.40 -2.68
C THR BA 1279 -78.57 31.46 -2.75
N TYR BA 1280 -78.63 32.49 -1.91
CA TYR BA 1280 -77.59 33.51 -1.87
C TYR BA 1280 -76.48 33.18 -0.89
N ASN BA 1281 -76.75 32.36 0.11
CA ASN BA 1281 -75.75 31.90 1.08
C ASN BA 1281 -75.08 33.07 1.78
N LEU BA 1282 -75.89 33.83 2.52
CA LEU BA 1282 -75.36 34.94 3.30
C LEU BA 1282 -75.00 34.50 4.72
N THR BA 1283 -75.77 33.57 5.29
CA THR BA 1283 -75.58 33.11 6.66
C THR BA 1283 -75.10 31.67 6.71
N GLY BA 1284 -74.22 31.29 5.78
CA GLY BA 1284 -73.76 29.91 5.73
C GLY BA 1284 -72.87 29.54 6.90
N ALA BA 1285 -72.01 30.46 7.34
CA ALA BA 1285 -71.08 30.17 8.42
C ALA BA 1285 -71.72 30.27 9.80
N SER BA 1286 -72.94 30.77 9.90
CA SER BA 1286 -73.59 30.91 11.19
C SER BA 1286 -74.09 29.57 11.67
N PRO BA 1287 -73.75 29.14 12.89
CA PRO BA 1287 -74.25 27.86 13.40
C PRO BA 1287 -75.65 27.92 13.98
N ILE BA 1288 -76.22 29.12 14.10
CA ILE BA 1288 -77.56 29.25 14.67
C ILE BA 1288 -78.62 28.97 13.61
N TYR BA 1289 -79.78 28.54 14.06
CA TYR BA 1289 -80.88 28.22 13.17
C TYR BA 1289 -81.69 29.48 12.86
N SER BA 1290 -82.29 29.48 11.68
CA SER BA 1290 -83.11 30.62 11.23
C SER BA 1290 -84.51 30.11 10.88
N PRO BA 1291 -85.53 30.45 11.66
CA PRO BA 1291 -86.87 29.94 11.35
C PRO BA 1291 -87.48 30.56 10.12
N CYS BA 1292 -87.07 31.78 9.75
CA CYS BA 1292 -87.61 32.46 8.59
C CYS BA 1292 -87.04 31.96 7.27
N PHE BA 1293 -86.15 30.98 7.31
CA PHE BA 1293 -85.53 30.51 6.07
C PHE BA 1293 -86.52 29.73 5.21
N LYS BA 1294 -87.38 28.93 5.82
CA LYS BA 1294 -88.30 28.09 5.06
C LYS BA 1294 -89.38 28.90 4.33
N PHE BA 1295 -89.52 30.18 4.63
CA PHE BA 1295 -90.54 31.00 3.99
C PHE BA 1295 -90.00 31.81 2.81
N PHE BA 1296 -88.68 31.86 2.63
CA PHE BA 1296 -88.08 32.65 1.56
C PHE BA 1296 -87.37 31.78 0.53
N THR BA 1297 -87.50 30.47 0.61
CA THR BA 1297 -86.87 29.56 -0.33
C THR BA 1297 -87.87 29.16 -1.40
N PRO BA 1298 -87.49 29.17 -2.68
CA PRO BA 1298 -88.46 28.86 -3.74
C PRO BA 1298 -89.08 27.47 -3.64
N ALA BA 1299 -88.41 26.53 -2.99
CA ALA BA 1299 -88.95 25.19 -2.76
C ALA BA 1299 -89.31 24.50 -4.08
N GLU BA 1300 -88.24 24.23 -4.85
CA GLU BA 1300 -88.35 23.57 -6.15
C GLU BA 1300 -89.21 22.32 -6.08
N VAL BA 1301 -90.24 22.27 -6.93
CA VAL BA 1301 -91.10 21.10 -7.06
C VAL BA 1301 -91.51 20.96 -8.52
N ASN BA 1302 -91.56 19.72 -8.99
CA ASN BA 1302 -91.95 19.40 -10.35
C ASN BA 1302 -93.38 18.86 -10.37
N THR BA 1303 -93.81 18.36 -11.54
CA THR BA 1303 -95.12 17.74 -11.66
C THR BA 1303 -94.95 16.27 -12.04
N ASN BA 1304 -95.55 15.39 -11.26
CA ASN BA 1304 -95.82 14.02 -11.64
C ASN BA 1304 -97.30 13.71 -11.65
N CYS BA 1305 -98.00 14.11 -10.58
CA CYS BA 1305 -99.42 13.88 -10.41
C CYS BA 1305 -100.09 15.19 -9.99
N ASN BA 1306 -101.34 15.09 -9.58
CA ASN BA 1306 -102.12 16.28 -9.26
C ASN BA 1306 -101.63 16.91 -7.95
N THR BA 1307 -102.02 18.18 -7.78
CA THR BA 1307 -101.70 18.91 -6.56
C THR BA 1307 -102.23 18.19 -5.33
N LEU BA 1308 -103.39 17.53 -5.45
CA LEU BA 1308 -103.93 16.79 -4.31
C LEU BA 1308 -103.00 15.66 -3.90
N ASP BA 1309 -102.55 14.86 -4.87
CA ASP BA 1309 -101.63 13.76 -4.56
C ASP BA 1309 -100.33 14.30 -3.99
N ARG BA 1310 -99.81 15.38 -4.56
CA ARG BA 1310 -98.56 15.94 -4.06
C ARG BA 1310 -98.71 16.45 -2.64
N LEU BA 1311 -99.82 17.12 -2.34
CA LEU BA 1311 -100.05 17.60 -0.98
C LEU BA 1311 -100.17 16.44 -0.01
N LEU BA 1312 -100.89 15.39 -0.41
CA LEU BA 1312 -101.01 14.23 0.46
C LEU BA 1312 -99.67 13.53 0.68
N MET BA 1313 -98.76 13.58 -0.29
CA MET BA 1313 -97.46 12.94 -0.14
C MET BA 1313 -96.43 13.82 0.57
N GLU BA 1314 -96.65 15.13 0.64
CA GLU BA 1314 -95.67 16.00 1.29
C GLU BA 1314 -95.65 15.81 2.80
N ALA BA 1315 -96.80 15.61 3.43
CA ALA BA 1315 -96.88 15.48 4.88
C ALA BA 1315 -96.48 14.07 5.28
N LYS BA 1316 -95.18 13.88 5.52
CA LYS BA 1316 -94.65 12.57 5.84
C LYS BA 1316 -93.61 12.63 6.95
N ALA BA 1317 -93.72 13.61 7.85
CA ALA BA 1317 -92.84 13.74 9.01
C ALA BA 1317 -91.38 13.84 8.59
N VAL BA 1318 -91.08 14.93 7.91
CA VAL BA 1318 -89.74 15.22 7.38
C VAL BA 1318 -88.75 15.32 8.54
N ALA BA 1319 -87.47 15.16 8.26
CA ALA BA 1319 -86.45 15.21 9.30
C ALA BA 1319 -86.43 16.58 9.97
N SER BA 1320 -85.79 16.63 11.14
CA SER BA 1320 -85.78 17.84 11.95
C SER BA 1320 -84.82 18.87 11.34
N GLN BA 1321 -84.80 20.06 11.94
CA GLN BA 1321 -83.92 21.13 11.50
C GLN BA 1321 -83.34 21.88 12.69
N SER BA 1322 -83.12 21.19 13.81
CA SER BA 1322 -82.60 21.81 15.02
C SER BA 1322 -81.93 20.73 15.84
N SER BA 1323 -81.64 21.05 17.10
CA SER BA 1323 -80.97 20.13 18.00
C SER BA 1323 -81.72 20.05 19.32
N THR BA 1324 -81.66 18.87 19.95
CA THR BA 1324 -82.28 18.65 21.25
C THR BA 1324 -81.23 18.44 22.34
N ASP BA 1325 -80.07 19.05 22.18
CA ASP BA 1325 -79.01 18.94 23.17
C ASP BA 1325 -78.50 20.30 23.63
N THR BA 1326 -78.42 21.28 22.73
CA THR BA 1326 -77.95 22.60 23.09
C THR BA 1326 -79.11 23.47 23.55
N GLU BA 1327 -78.76 24.62 24.13
CA GLU BA 1327 -79.75 25.56 24.64
C GLU BA 1327 -79.91 26.78 23.74
N TYR BA 1328 -79.32 26.76 22.56
CA TYR BA 1328 -79.39 27.90 21.65
C TYR BA 1328 -80.04 27.55 20.31
N GLN BA 1329 -80.54 26.33 20.13
CA GLN BA 1329 -81.21 25.92 18.90
C GLN BA 1329 -80.28 26.10 17.70
N PHE BA 1330 -79.18 25.35 17.72
CA PHE BA 1330 -78.22 25.42 16.63
C PHE BA 1330 -78.79 24.75 15.38
N LYS BA 1331 -77.98 24.73 14.32
CA LYS BA 1331 -78.38 24.07 13.09
C LYS BA 1331 -78.50 22.56 13.32
N ARG BA 1332 -79.11 21.88 12.36
CA ARG BA 1332 -79.30 20.45 12.47
C ARG BA 1332 -77.95 19.73 12.41
N PRO BA 1333 -77.64 18.86 13.37
CA PRO BA 1333 -76.37 18.15 13.34
C PRO BA 1333 -76.33 17.17 12.18
N PRO BA 1334 -75.26 17.20 11.38
CA PRO BA 1334 -75.16 16.26 10.25
C PRO BA 1334 -75.02 14.83 10.75
N GLY BA 1335 -75.92 13.97 10.28
CA GLY BA 1335 -75.93 12.57 10.68
C GLY BA 1335 -77.01 12.21 11.68
N SER BA 1336 -77.57 13.19 12.38
CA SER BA 1336 -78.64 12.92 13.34
C SER BA 1336 -79.93 12.65 12.56
N THR BA 1337 -80.56 11.51 12.85
CA THR BA 1337 -81.75 11.06 12.15
C THR BA 1337 -82.91 10.98 13.15
N GLU BA 1338 -83.74 12.03 13.17
CA GLU BA 1338 -84.97 12.02 13.94
C GLU BA 1338 -86.03 12.78 13.16
N MET BA 1339 -87.23 12.23 13.12
CA MET BA 1339 -88.32 12.77 12.32
C MET BA 1339 -89.28 13.54 13.20
N THR BA 1340 -89.64 14.75 12.76
CA THR BA 1340 -90.66 15.55 13.42
C THR BA 1340 -91.69 15.98 12.39
N GLN BA 1341 -92.97 15.85 12.73
CA GLN BA 1341 -94.03 16.27 11.83
C GLN BA 1341 -94.01 17.78 11.68
N ASP BA 1342 -94.18 18.24 10.44
CA ASP BA 1342 -94.07 19.66 10.11
C ASP BA 1342 -95.39 20.16 9.53
N PRO BA 1343 -96.34 20.57 10.37
CA PRO BA 1343 -97.49 21.31 9.87
C PRO BA 1343 -97.12 22.78 9.66
N CYS BA 1344 -98.04 23.49 9.01
CA CYS BA 1344 -97.92 24.93 8.74
C CYS BA 1344 -96.59 25.30 8.07
N GLY BA 1345 -95.91 24.31 7.49
CA GLY BA 1345 -94.72 24.57 6.71
C GLY BA 1345 -95.01 24.28 5.25
N LEU BA 1346 -95.86 23.29 5.01
CA LEU BA 1346 -96.34 22.99 3.67
C LEU BA 1346 -97.44 23.93 3.24
N PHE BA 1347 -98.01 24.71 4.16
CA PHE BA 1347 -98.99 25.72 3.83
C PHE BA 1347 -98.40 27.13 3.76
N GLN BA 1348 -97.16 27.31 4.21
CA GLN BA 1348 -96.51 28.62 4.25
C GLN BA 1348 -97.34 29.60 5.07
N GLU BA 1349 -97.60 29.24 6.32
CA GLU BA 1349 -98.45 30.04 7.19
C GLU BA 1349 -97.88 30.03 8.60
N ALA BA 1350 -98.24 31.06 9.36
CA ALA BA 1350 -97.84 31.19 10.76
C ALA BA 1350 -99.02 31.65 11.57
N TYR BA 1351 -99.07 31.26 12.84
CA TYR BA 1351 -100.20 31.61 13.68
C TYR BA 1351 -99.82 32.70 14.66
N PRO BA 1352 -100.66 33.71 14.84
CA PRO BA 1352 -100.34 34.77 15.80
C PRO BA 1352 -100.78 34.40 17.20
N PRO BA 1353 -99.88 34.47 18.18
CA PRO BA 1353 -100.26 34.13 19.55
C PRO BA 1353 -100.89 35.29 20.29
N LEU BA 1354 -101.22 35.09 21.56
CA LEU BA 1354 -101.80 36.15 22.38
C LEU BA 1354 -100.72 37.17 22.72
N CYS BA 1355 -100.75 38.32 22.05
CA CYS BA 1355 -99.79 39.38 22.29
C CYS BA 1355 -100.52 40.70 22.37
N SER BA 1356 -99.81 41.72 22.88
CA SER BA 1356 -100.40 43.04 23.01
C SER BA 1356 -99.28 44.06 23.14
N SER BA 1357 -99.47 45.22 22.49
CA SER BA 1357 -98.47 46.28 22.59
C SER BA 1357 -98.42 46.89 23.99
N ASP BA 1358 -99.49 46.78 24.76
CA ASP BA 1358 -99.54 47.26 26.13
C ASP BA 1358 -99.73 46.08 27.08
N ALA BA 1359 -99.30 46.29 28.32
CA ALA BA 1359 -99.42 45.25 29.35
C ALA BA 1359 -100.60 45.46 30.28
N ALA BA 1360 -101.14 46.68 30.35
CA ALA BA 1360 -102.26 46.92 31.25
C ALA BA 1360 -103.54 46.29 30.73
N MET BA 1361 -103.81 46.43 29.43
CA MET BA 1361 -105.01 45.88 28.83
C MET BA 1361 -104.94 44.39 28.61
N LEU BA 1362 -103.89 43.72 29.09
CA LEU BA 1362 -103.74 42.29 28.86
C LEU BA 1362 -104.57 41.47 29.84
N ARG BA 1363 -104.74 41.94 31.07
CA ARG BA 1363 -105.45 41.19 32.10
C ARG BA 1363 -106.51 42.08 32.74
N THR BA 1364 -107.72 41.56 32.83
CA THR BA 1364 -108.81 42.29 33.47
C THR BA 1364 -108.76 42.11 34.98
N ALA BA 1365 -109.40 43.05 35.69
CA ALA BA 1365 -109.39 43.04 37.15
C ALA BA 1365 -110.64 42.34 37.67
N HIS BA 1366 -110.67 41.02 37.45
CA HIS BA 1366 -111.80 40.22 37.91
C HIS BA 1366 -111.40 38.87 38.48
N ALA BA 1367 -110.11 38.63 38.74
CA ALA BA 1367 -109.62 37.42 39.39
C ALA BA 1367 -110.04 36.16 38.60
N GLY BA 1368 -109.49 36.09 37.39
CA GLY BA 1368 -109.85 34.99 36.51
C GLY BA 1368 -109.37 35.17 35.09
N GLU BA 1369 -110.31 35.03 34.14
CA GLU BA 1369 -110.03 35.14 32.72
C GLU BA 1369 -109.31 36.43 32.36
N THR BA 1370 -108.70 36.46 31.18
CA THR BA 1370 -107.95 37.62 30.72
C THR BA 1370 -108.82 38.51 29.85
N GLY BA 1371 -108.37 39.76 29.68
CA GLY BA 1371 -109.09 40.68 28.83
C GLY BA 1371 -108.86 40.40 27.35
N ALA BA 1372 -109.84 40.78 26.54
CA ALA BA 1372 -109.77 40.54 25.11
C ALA BA 1372 -110.23 41.76 24.33
N ASP BA 1373 -109.79 42.93 24.74
CA ASP BA 1373 -110.07 44.14 23.98
C ASP BA 1373 -109.17 44.21 22.75
N GLU BA 1374 -109.61 44.98 21.76
CA GLU BA 1374 -108.86 45.09 20.51
C GLU BA 1374 -107.92 46.29 20.51
N VAL BA 1375 -108.45 47.49 20.69
CA VAL BA 1375 -107.66 48.71 20.70
C VAL BA 1375 -108.21 49.62 21.78
N HIS BA 1376 -107.31 50.19 22.59
CA HIS BA 1376 -107.79 51.09 23.64
C HIS BA 1376 -107.77 52.54 23.18
N LEU BA 1377 -106.59 53.09 22.93
CA LEU BA 1377 -106.47 54.40 22.27
C LEU BA 1377 -105.61 54.33 21.02
N ALA BA 1378 -104.38 53.85 21.15
CA ALA BA 1378 -103.50 53.62 20.02
C ALA BA 1378 -102.75 52.30 20.10
N GLN BA 1379 -102.80 51.60 21.23
CA GLN BA 1379 -102.17 50.31 21.38
C GLN BA 1379 -103.05 49.24 20.73
N TYR BA 1380 -102.74 47.98 20.95
CA TYR BA 1380 -103.51 46.90 20.37
C TYR BA 1380 -103.28 45.62 21.15
N LEU BA 1381 -104.21 44.69 20.99
CA LEU BA 1381 -104.13 43.37 21.64
C LEU BA 1381 -104.68 42.35 20.65
N ILE BA 1382 -103.80 41.51 20.14
CA ILE BA 1382 -104.20 40.51 19.15
C ILE BA 1382 -104.70 39.27 19.88
N ARG BA 1383 -105.94 38.88 19.59
CA ARG BA 1383 -106.52 37.68 20.18
C ARG BA 1383 -105.84 36.45 19.60
N ASP BA 1384 -105.61 35.46 20.46
CA ASP BA 1384 -104.88 34.27 20.04
C ASP BA 1384 -105.73 33.42 19.10
N ALA BA 1385 -105.14 33.00 17.99
CA ALA BA 1385 -105.80 32.17 17.00
C ALA BA 1385 -104.91 30.99 16.60
N SER BA 1386 -104.12 30.53 17.53
CA SER BA 1386 -103.21 29.41 17.35
C SER BA 1386 -103.86 28.11 17.79
N PRO BA 1387 -103.46 26.98 17.20
CA PRO BA 1387 -104.01 25.68 17.65
C PRO BA 1387 -103.77 25.40 19.12
N LEU BA 1388 -102.82 26.09 19.75
CA LEU BA 1388 -102.55 25.90 21.18
C LEU BA 1388 -103.36 26.93 21.95
N ARG BA 1389 -104.63 26.60 22.17
CA ARG BA 1389 -105.55 27.50 22.86
C ARG BA 1389 -106.00 26.98 24.22
N GLY BA 1390 -106.11 25.68 24.40
CA GLY BA 1390 -106.53 25.12 25.67
C GLY BA 1390 -105.39 24.51 26.45
N CYS BA 1391 -104.20 25.08 26.31
CA CYS BA 1391 -103.01 24.61 26.99
C CYS BA 1391 -102.22 25.82 27.45
N LEU BA 1392 -100.95 25.62 27.83
CA LEU BA 1392 -100.06 26.70 28.21
C LEU BA 1392 -100.64 27.55 29.32
N PRO BA 1393 -100.64 27.06 30.56
CA PRO BA 1393 -101.32 27.78 31.65
C PRO BA 1393 -100.86 29.23 31.77
N LEU BA 1394 -101.76 30.06 32.31
CA LEU BA 1394 -101.53 31.50 32.38
C LEU BA 1394 -101.21 31.94 33.81
N SER CA 7 -68.51 120.16 -18.88
CA SER CA 7 -69.67 120.03 -18.01
C SER CA 7 -70.26 118.62 -18.07
N ARG CA 8 -71.17 118.33 -17.15
CA ARG CA 8 -71.81 117.02 -17.07
C ARG CA 8 -73.04 117.02 -17.97
N VAL CA 9 -72.90 116.45 -19.16
CA VAL CA 9 -73.99 116.33 -20.12
C VAL CA 9 -74.13 114.85 -20.43
N VAL CA 10 -75.13 114.19 -19.85
CA VAL CA 10 -75.30 112.76 -20.02
C VAL CA 10 -75.71 112.38 -21.44
N PHE CA 11 -76.03 113.34 -22.29
CA PHE CA 11 -76.35 113.03 -23.68
C PHE CA 11 -75.15 112.45 -24.40
N ASP CA 12 -74.06 113.21 -24.47
CA ASP CA 12 -72.80 112.69 -24.99
C ASP CA 12 -72.10 111.92 -23.88
N PRO CA 13 -72.01 110.59 -23.97
CA PRO CA 13 -71.46 109.81 -22.86
C PRO CA 13 -70.03 110.18 -22.49
N SER CA 14 -69.29 110.82 -23.39
CA SER CA 14 -67.93 111.26 -23.06
C SER CA 14 -67.93 112.44 -22.11
N ASN CA 15 -69.05 113.15 -21.96
CA ASN CA 15 -69.13 114.33 -21.12
C ASN CA 15 -69.23 113.99 -19.63
N PRO CA 16 -70.16 113.14 -19.19
CA PRO CA 16 -70.28 112.90 -17.74
C PRO CA 16 -69.07 112.15 -17.21
N THR CA 17 -68.51 112.64 -16.12
CA THR CA 17 -67.39 112.01 -15.46
C THR CA 17 -67.35 112.49 -14.02
N THR CA 18 -66.70 111.70 -13.17
CA THR CA 18 -66.65 112.03 -11.75
C THR CA 18 -65.92 113.34 -11.50
N PHE CA 19 -65.09 113.79 -12.43
CA PHE CA 19 -64.36 115.04 -12.24
C PHE CA 19 -65.31 116.22 -12.02
N SER CA 20 -66.39 116.28 -12.80
CA SER CA 20 -67.34 117.37 -12.68
C SER CA 20 -68.41 117.14 -11.63
N VAL CA 21 -68.80 115.88 -11.39
CA VAL CA 21 -69.85 115.60 -10.42
C VAL CA 21 -69.44 116.05 -9.03
N GLU CA 22 -68.13 116.01 -8.72
CA GLU CA 22 -67.66 116.52 -7.45
C GLU CA 22 -68.01 117.99 -7.29
N ALA CA 23 -67.88 118.77 -8.37
CA ALA CA 23 -68.22 120.18 -8.31
C ALA CA 23 -69.72 120.38 -8.12
N ILE CA 24 -70.54 119.50 -8.70
CA ILE CA 24 -71.99 119.62 -8.55
C ILE CA 24 -72.39 119.27 -7.12
N ALA CA 25 -73.51 119.83 -6.68
CA ALA CA 25 -74.00 119.61 -5.33
C ALA CA 25 -74.69 118.26 -5.21
N ALA CA 26 -75.43 118.05 -4.13
CA ALA CA 26 -76.13 116.80 -3.90
C ALA CA 26 -77.51 116.77 -4.56
N TYR CA 27 -78.28 117.84 -4.41
CA TYR CA 27 -79.65 117.88 -4.90
C TYR CA 27 -79.75 118.25 -6.37
N THR CA 28 -78.87 119.12 -6.85
CA THR CA 28 -78.95 119.56 -8.24
C THR CA 28 -78.81 118.44 -9.26
N PRO CA 29 -77.91 117.44 -9.11
CA PRO CA 29 -77.83 116.41 -10.14
C PRO CA 29 -79.10 115.57 -10.25
N VAL CA 30 -79.72 115.24 -9.11
CA VAL CA 30 -81.01 114.54 -9.14
C VAL CA 30 -82.02 115.37 -9.93
N ALA CA 31 -82.05 116.68 -9.68
CA ALA CA 31 -82.85 117.56 -10.50
C ALA CA 31 -82.34 117.59 -11.94
N LEU CA 32 -81.02 117.64 -12.12
CA LEU CA 32 -80.45 117.72 -13.46
C LEU CA 32 -80.87 116.52 -14.31
N ILE CA 33 -80.69 115.31 -13.78
CA ILE CA 33 -81.05 114.11 -14.54
C ILE CA 33 -82.54 114.09 -14.86
N ARG CA 34 -83.36 114.62 -13.96
CA ARG CA 34 -84.81 114.56 -14.16
C ARG CA 34 -85.23 115.38 -15.37
N LEU CA 35 -84.62 116.55 -15.56
CA LEU CA 35 -85.05 117.45 -16.63
C LEU CA 35 -84.45 117.09 -17.99
N LEU CA 36 -83.38 116.29 -18.03
CA LEU CA 36 -82.81 115.91 -19.30
C LEU CA 36 -83.73 114.96 -20.06
N ASN CA 37 -83.73 115.08 -21.38
CA ASN CA 37 -84.66 114.35 -22.21
C ASN CA 37 -84.20 112.90 -22.38
N ALA CA 38 -85.04 112.11 -23.06
CA ALA CA 38 -84.70 110.71 -23.32
C ALA CA 38 -83.76 110.57 -24.51
N SER CA 39 -83.80 111.51 -25.45
CA SER CA 39 -82.99 111.41 -26.65
C SER CA 39 -81.50 111.52 -26.33
N GLY CA 40 -80.79 110.40 -26.44
CA GLY CA 40 -79.35 110.40 -26.29
C GLY CA 40 -78.68 110.07 -27.60
N PRO CA 41 -77.69 110.88 -27.99
CA PRO CA 41 -77.01 110.64 -29.27
C PRO CA 41 -76.27 109.33 -29.27
N LEU CA 42 -76.70 108.42 -30.16
CA LEU CA 42 -76.08 107.10 -30.26
C LEU CA 42 -74.68 107.16 -30.84
N GLN CA 43 -74.33 108.23 -31.56
CA GLN CA 43 -73.01 108.31 -32.18
C GLN CA 43 -71.90 108.39 -31.13
N PRO CA 44 -71.96 109.30 -30.15
CA PRO CA 44 -70.99 109.23 -29.06
C PRO CA 44 -71.37 108.13 -28.07
N GLY CA 45 -70.36 107.40 -27.61
CA GLY CA 45 -70.60 106.33 -26.68
C GLY CA 45 -69.33 105.65 -26.21
N HIS CA 46 -69.30 105.22 -24.96
CA HIS CA 46 -68.13 104.55 -24.40
C HIS CA 46 -68.10 103.12 -24.89
N ARG CA 47 -67.09 102.78 -25.68
CA ARG CA 47 -66.81 101.40 -26.06
C ARG CA 47 -66.09 100.64 -24.96
N VAL CA 48 -66.15 101.17 -23.74
CA VAL CA 48 -65.36 100.72 -22.60
C VAL CA 48 -66.29 100.28 -21.47
N ASP CA 49 -67.41 99.65 -21.83
CA ASP CA 49 -68.41 99.19 -20.87
C ASP CA 49 -69.05 100.39 -20.15
N ILE CA 50 -69.92 101.07 -20.91
CA ILE CA 50 -70.63 102.28 -20.48
C ILE CA 50 -71.12 102.15 -19.04
N ALA CA 51 -71.39 100.92 -18.59
CA ALA CA 51 -71.68 100.69 -17.18
C ALA CA 51 -70.55 101.19 -16.28
N ASP CA 52 -69.34 101.36 -16.82
CA ASP CA 52 -68.28 101.99 -16.03
C ASP CA 52 -68.62 103.45 -15.76
N ALA CA 53 -69.16 104.14 -16.76
CA ALA CA 53 -69.64 105.50 -16.54
C ALA CA 53 -70.76 105.52 -15.51
N ARG CA 54 -71.58 104.47 -15.51
CA ARG CA 54 -72.57 104.32 -14.45
C ARG CA 54 -71.90 104.24 -13.09
N SER CA 55 -70.86 103.40 -12.97
CA SER CA 55 -70.09 103.35 -11.74
C SER CA 55 -69.33 104.65 -11.50
N ILE CA 56 -68.85 105.27 -12.58
CA ILE CA 56 -68.28 106.61 -12.46
C ILE CA 56 -69.30 107.58 -11.89
N TYR CA 57 -70.55 107.44 -12.32
CA TYR CA 57 -71.62 108.27 -11.76
C TYR CA 57 -71.84 107.95 -10.28
N THR CA 58 -71.68 106.69 -9.89
CA THR CA 58 -71.85 106.33 -8.48
C THR CA 58 -70.75 106.92 -7.62
N VAL CA 59 -69.49 106.76 -8.04
CA VAL CA 59 -68.39 107.29 -7.25
C VAL CA 59 -68.43 108.82 -7.25
N GLY CA 60 -68.96 109.43 -8.32
CA GLY CA 60 -69.15 110.86 -8.31
C GLY CA 60 -70.21 111.28 -7.32
N ALA CA 61 -71.33 110.56 -7.29
CA ALA CA 61 -72.36 110.84 -6.29
C ALA CA 61 -71.84 110.62 -4.89
N ALA CA 62 -70.96 109.63 -4.71
CA ALA CA 62 -70.34 109.41 -3.41
C ALA CA 62 -69.48 110.60 -3.02
N ALA CA 63 -68.75 111.17 -3.97
CA ALA CA 63 -67.94 112.35 -3.68
C ALA CA 63 -68.81 113.54 -3.33
N SER CA 64 -69.94 113.70 -4.02
CA SER CA 64 -70.86 114.78 -3.68
C SER CA 64 -71.47 114.58 -2.30
N ALA CA 65 -71.84 113.34 -1.98
CA ALA CA 65 -72.37 113.06 -0.64
C ALA CA 65 -71.31 113.32 0.42
N ALA CA 66 -70.05 113.02 0.12
CA ALA CA 66 -68.98 113.30 1.06
C ALA CA 66 -68.83 114.80 1.29
N ARG CA 67 -69.08 115.60 0.25
CA ARG CA 67 -69.00 117.05 0.40
C ARG CA 67 -70.10 117.58 1.32
N ALA CA 68 -71.33 117.11 1.13
CA ALA CA 68 -72.42 117.56 1.98
C ALA CA 68 -72.22 117.10 3.41
N ARG CA 69 -71.69 115.90 3.60
CA ARG CA 69 -71.42 115.41 4.96
C ARG CA 69 -70.34 116.24 5.63
N ALA CA 70 -69.29 116.60 4.89
CA ALA CA 70 -68.24 117.44 5.45
C ALA CA 70 -68.79 118.80 5.86
N ASN CA 71 -69.76 119.32 5.10
CA ASN CA 71 -70.41 120.56 5.50
C ASN CA 71 -71.23 120.38 6.76
N HIS CA 72 -71.96 119.27 6.86
CA HIS CA 72 -72.74 119.00 8.07
C HIS CA 72 -71.84 118.67 9.24
N ASN CA 73 -70.59 118.30 8.99
CA ASN CA 73 -69.66 117.90 10.04
C ASN CA 73 -69.23 119.06 10.93
N ALA CA 74 -69.69 120.28 10.66
CA ALA CA 74 -69.30 121.41 11.49
C ALA CA 74 -69.91 121.32 12.88
N ASN CA 75 -71.15 120.83 12.98
CA ASN CA 75 -71.84 120.74 14.26
C ASN CA 75 -71.86 119.34 14.84
N THR CA 76 -71.47 118.33 14.07
CA THR CA 76 -71.52 116.96 14.56
C THR CA 76 -70.45 116.72 15.61
N ILE CA 77 -70.48 115.54 16.20
CA ILE CA 77 -69.51 115.12 17.20
C ILE CA 77 -68.59 114.08 16.58
N ARG CA 78 -67.31 114.13 16.95
CA ARG CA 78 -66.35 113.16 16.42
C ARG CA 78 -66.68 111.76 16.91
N ARG CA 79 -66.78 110.82 15.97
CA ARG CA 79 -67.12 109.45 16.32
C ARG CA 79 -65.87 108.70 16.78
N THR CA 80 -66.10 107.71 17.64
CA THR CA 80 -65.04 106.88 18.19
C THR CA 80 -65.26 105.43 17.79
N ALA CA 81 -64.42 104.55 18.33
CA ALA CA 81 -64.51 103.13 18.03
C ALA CA 81 -65.63 102.49 18.82
N MET CA 82 -66.49 101.73 18.14
CA MET CA 82 -67.60 101.06 18.77
C MET CA 82 -67.26 99.66 19.25
N PHE CA 83 -66.00 99.24 19.12
CA PHE CA 83 -65.58 97.92 19.56
C PHE CA 83 -64.38 98.05 20.49
N ALA CA 84 -64.15 96.98 21.25
CA ALA CA 84 -63.03 96.91 22.18
C ALA CA 84 -61.77 96.50 21.43
N GLU CA 85 -60.73 96.15 22.17
CA GLU CA 85 -59.44 95.67 21.67
C GLU CA 85 -58.74 96.69 20.78
N THR CA 86 -59.22 97.94 20.74
CA THR CA 86 -58.65 98.99 19.90
C THR CA 86 -58.21 100.13 20.80
N ASP CA 87 -56.95 100.08 21.24
CA ASP CA 87 -56.40 101.09 22.13
C ASP CA 87 -54.89 101.06 22.02
N PRO CA 88 -54.22 102.22 22.05
CA PRO CA 88 -52.75 102.19 21.95
C PRO CA 88 -52.08 101.48 23.11
N MET CA 89 -52.48 101.80 24.35
CA MET CA 89 -51.91 101.19 25.54
C MET CA 89 -53.04 100.60 26.37
N THR CA 90 -53.43 99.36 26.04
CA THR CA 90 -54.43 98.66 26.82
C THR CA 90 -53.90 98.18 28.15
N TRP CA 91 -52.58 98.15 28.33
CA TRP CA 91 -51.99 97.67 29.57
C TRP CA 91 -52.36 98.55 30.75
N LEU CA 92 -52.51 99.86 30.52
CA LEU CA 92 -52.89 100.76 31.59
C LEU CA 92 -54.28 100.44 32.11
N ARG CA 93 -55.25 100.34 31.22
CA ARG CA 93 -56.64 100.12 31.60
C ARG CA 93 -57.36 99.46 30.44
N PRO CA 94 -58.46 98.75 30.71
CA PRO CA 94 -59.21 98.11 29.61
C PRO CA 94 -59.87 99.11 28.67
N THR CA 95 -60.48 98.59 27.61
CA THR CA 95 -61.07 99.43 26.58
C THR CA 95 -62.40 98.85 26.15
N VAL CA 96 -63.40 99.71 25.97
CA VAL CA 96 -64.73 99.30 25.55
C VAL CA 96 -65.16 100.15 24.36
N GLY CA 97 -66.17 99.66 23.66
CA GLY CA 97 -66.73 100.36 22.53
C GLY CA 97 -67.72 101.43 22.95
N LEU CA 98 -68.57 101.82 22.00
CA LEU CA 98 -69.58 102.84 22.27
C LEU CA 98 -70.73 102.67 21.29
N LYS CA 99 -71.94 102.58 21.84
CA LYS CA 99 -73.14 102.48 21.01
C LYS CA 99 -73.50 103.87 20.50
N ARG CA 100 -73.58 104.01 19.18
CA ARG CA 100 -73.89 105.30 18.56
C ARG CA 100 -75.40 105.51 18.60
N THR CA 101 -75.87 105.95 19.77
CA THR CA 101 -77.29 106.20 20.01
C THR CA 101 -77.53 107.65 20.40
N PHE CA 102 -76.76 108.57 19.84
CA PHE CA 102 -76.81 109.97 20.23
C PHE CA 102 -77.35 110.82 19.10
N ASN CA 103 -77.37 112.13 19.33
CA ASN CA 103 -77.69 113.12 18.33
C ASN CA 103 -76.47 113.99 18.07
N PRO CA 104 -76.16 114.30 16.82
CA PRO CA 104 -74.95 115.07 16.53
C PRO CA 104 -75.06 116.55 16.87
N ARG CA 105 -76.23 117.04 17.23
CA ARG CA 105 -76.39 118.46 17.55
C ARG CA 105 -75.58 118.82 18.78
N ILE CA 106 -74.82 119.91 18.68
CA ILE CA 106 -73.97 120.38 19.78
C ILE CA 106 -74.49 121.69 20.37
N ILE CA 107 -74.59 122.72 19.55
CA ILE CA 107 -75.07 124.01 20.01
C ILE CA 107 -75.70 124.80 18.87
N ASP DA 58 -61.65 -15.29 -11.52
CA ASP DA 58 -61.80 -13.86 -11.25
C ASP DA 58 -63.25 -13.42 -11.39
N ASN DA 59 -63.61 -12.35 -10.68
CA ASN DA 59 -64.99 -11.88 -10.69
C ASN DA 59 -65.33 -11.22 -12.02
N SER DA 60 -65.59 -12.04 -13.04
CA SER DA 60 -65.94 -11.51 -14.35
C SER DA 60 -67.15 -12.24 -14.93
N LEU DA 61 -67.39 -13.47 -14.45
CA LEU DA 61 -68.46 -14.28 -15.02
C LEU DA 61 -69.20 -15.06 -13.95
N TYR DA 62 -68.92 -14.78 -12.68
CA TYR DA 62 -69.52 -15.53 -11.59
C TYR DA 62 -70.77 -14.88 -11.03
N SER DA 63 -71.23 -13.77 -11.59
CA SER DA 63 -72.44 -13.13 -11.10
C SER DA 63 -73.67 -13.93 -11.52
N ALA DA 64 -74.62 -14.06 -10.58
CA ALA DA 64 -75.85 -14.79 -10.83
C ALA DA 64 -77.06 -13.94 -10.48
N GLN DA 65 -76.98 -12.63 -10.71
CA GLN DA 65 -78.09 -11.74 -10.38
C GLN DA 65 -79.24 -11.94 -11.35
N PHE DA 66 -80.46 -11.78 -10.85
CA PHE DA 66 -81.64 -12.02 -11.67
C PHE DA 66 -82.81 -11.22 -11.11
N ASP DA 67 -83.86 -11.13 -11.91
CA ASP DA 67 -85.10 -10.48 -11.51
C ASP DA 67 -86.21 -11.52 -11.39
N ILE DA 68 -87.18 -11.24 -10.53
CA ILE DA 68 -88.26 -12.18 -10.26
C ILE DA 68 -89.58 -11.42 -10.24
N LEU DA 69 -90.67 -12.15 -10.49
CA LEU DA 69 -92.02 -11.59 -10.44
C LEU DA 69 -92.78 -12.25 -9.30
N LEU DA 70 -93.34 -11.43 -8.41
CA LEU DA 70 -93.98 -11.93 -7.20
C LEU DA 70 -95.47 -12.19 -7.43
N GLY DA 71 -95.78 -12.81 -8.57
CA GLY DA 71 -97.17 -13.03 -8.90
C GLY DA 71 -97.84 -11.75 -9.39
N THR DA 72 -99.15 -11.85 -9.59
CA THR DA 72 -99.94 -10.73 -10.12
C THR DA 72 -101.19 -10.57 -9.27
N TYR DA 73 -102.02 -9.60 -9.66
CA TYR DA 73 -103.27 -9.33 -8.97
C TYR DA 73 -104.25 -8.66 -9.94
N CYS DA 74 -105.53 -8.94 -9.72
CA CYS DA 74 -106.59 -8.37 -10.54
C CYS DA 74 -107.82 -8.20 -9.66
N ASN DA 75 -108.97 -7.94 -10.28
CA ASN DA 75 -110.21 -7.75 -9.54
C ASN DA 75 -111.38 -8.06 -10.45
N THR DA 76 -112.53 -8.28 -9.84
CA THR DA 76 -113.76 -8.56 -10.56
C THR DA 76 -114.87 -7.64 -10.06
N LEU DA 77 -115.68 -7.15 -10.99
CA LEU DA 77 -116.77 -6.26 -10.65
C LEU DA 77 -118.07 -7.04 -10.50
N ASN DA 78 -119.09 -6.36 -9.99
CA ASN DA 78 -120.41 -6.94 -9.81
C ASN DA 78 -121.40 -6.27 -10.75
N PHE DA 79 -122.60 -6.83 -10.83
CA PHE DA 79 -123.65 -6.32 -11.69
C PHE DA 79 -124.89 -6.05 -10.87
N VAL DA 80 -125.55 -4.93 -11.17
CA VAL DA 80 -126.79 -4.55 -10.51
C VAL DA 80 -127.93 -4.64 -11.52
N ARG DA 81 -129.14 -4.87 -11.01
CA ARG DA 81 -130.33 -4.88 -11.83
C ARG DA 81 -131.32 -3.85 -11.28
N PHE DA 82 -132.16 -3.33 -12.18
CA PHE DA 82 -133.07 -2.25 -11.80
C PHE DA 82 -134.08 -2.72 -10.76
N LEU DA 83 -134.59 -3.94 -10.90
CA LEU DA 83 -135.69 -4.38 -10.05
C LEU DA 83 -135.23 -4.63 -8.61
N GLU DA 84 -133.96 -4.96 -8.39
CA GLU DA 84 -133.50 -5.21 -7.04
C GLU DA 84 -133.30 -3.93 -6.25
N LEU DA 85 -133.32 -2.78 -6.91
CA LEU DA 85 -133.24 -1.51 -6.22
C LEU DA 85 -134.63 -1.08 -5.75
N GLY DA 86 -134.64 -0.21 -4.74
CA GLY DA 86 -135.90 0.32 -4.26
C GLY DA 86 -136.53 1.37 -5.15
N LEU DA 87 -135.81 1.84 -6.17
CA LEU DA 87 -136.37 2.78 -7.11
C LEU DA 87 -137.38 2.14 -8.05
N SER DA 88 -137.44 0.80 -8.10
CA SER DA 88 -138.41 0.12 -8.95
C SER DA 88 -139.83 0.29 -8.45
N VAL DA 89 -140.02 0.78 -7.23
CA VAL DA 89 -141.35 1.01 -6.69
C VAL DA 89 -141.68 2.49 -6.83
N ALA DA 90 -141.02 3.15 -7.78
CA ALA DA 90 -141.36 4.51 -8.16
C ALA DA 90 -142.05 4.60 -9.51
N CYS DA 91 -142.14 3.49 -10.24
CA CYS DA 91 -142.73 3.51 -11.58
C CYS DA 91 -143.18 2.10 -11.94
N ILE DA 92 -143.81 2.00 -13.10
CA ILE DA 92 -144.25 0.72 -13.66
C ILE DA 92 -143.66 0.63 -15.05
N CYS DA 93 -142.56 -0.11 -15.19
CA CYS DA 93 -141.90 -0.26 -16.47
C CYS DA 93 -142.43 -1.49 -17.21
N THR DA 94 -142.32 -1.45 -18.53
CA THR DA 94 -142.77 -2.53 -19.38
C THR DA 94 -142.01 -2.49 -20.69
N LYS DA 95 -142.16 -3.54 -21.51
CA LYS DA 95 -141.42 -3.70 -22.75
C LYS DA 95 -142.37 -3.58 -23.92
N PHE DA 96 -142.02 -2.73 -24.88
CA PHE DA 96 -142.78 -2.54 -26.10
C PHE DA 96 -141.82 -2.66 -27.28
N PRO DA 97 -141.73 -3.84 -27.90
CA PRO DA 97 -140.75 -4.03 -28.97
C PRO DA 97 -140.96 -3.12 -30.17
N GLU DA 98 -142.21 -2.68 -30.40
CA GLU DA 98 -142.48 -1.77 -31.49
C GLU DA 98 -142.49 -0.33 -30.99
N LEU DA 99 -141.38 0.09 -30.38
CA LEU DA 99 -141.27 1.45 -29.88
C LEU DA 99 -140.82 2.44 -30.93
N ALA DA 100 -140.39 1.97 -32.10
CA ALA DA 100 -139.98 2.85 -33.18
C ALA DA 100 -141.14 3.33 -34.03
N TYR DA 101 -142.36 2.87 -33.74
CA TYR DA 101 -143.56 3.25 -34.48
C TYR DA 101 -144.65 3.71 -33.54
N VAL DA 102 -144.28 4.50 -32.53
CA VAL DA 102 -145.24 4.87 -31.50
C VAL DA 102 -146.15 5.99 -31.97
N ARG DA 103 -145.62 6.91 -32.77
CA ARG DA 103 -146.37 8.01 -33.38
C ARG DA 103 -147.30 8.69 -32.37
N ASP DA 104 -146.67 9.36 -31.39
CA ASP DA 104 -147.37 10.20 -30.43
C ASP DA 104 -148.37 9.46 -29.55
N GLY DA 105 -147.87 8.58 -28.68
CA GLY DA 105 -148.70 7.87 -27.73
C GLY DA 105 -149.37 8.77 -26.71
N VAL DA 106 -150.59 8.38 -26.32
CA VAL DA 106 -151.49 9.24 -25.55
C VAL DA 106 -152.15 8.40 -24.46
N ILE DA 107 -152.65 9.08 -23.42
CA ILE DA 107 -153.40 8.44 -22.33
C ILE DA 107 -154.31 9.47 -21.69
N GLN DA 108 -155.51 9.05 -21.30
CA GLN DA 108 -156.53 9.96 -20.80
C GLN DA 108 -157.04 9.53 -19.43
N PHE DA 109 -157.66 10.49 -18.74
CA PHE DA 109 -158.19 10.33 -17.39
C PHE DA 109 -159.54 11.01 -17.28
N GLU DA 110 -160.33 10.59 -16.29
CA GLU DA 110 -161.63 11.20 -16.04
C GLU DA 110 -162.08 10.99 -14.61
N VAL DA 111 -162.46 12.07 -13.93
CA VAL DA 111 -162.92 12.01 -12.54
C VAL DA 111 -164.11 12.95 -12.38
N GLN DA 112 -165.01 12.60 -11.46
CA GLN DA 112 -166.15 13.42 -11.13
C GLN DA 112 -165.98 14.02 -9.73
N GLN DA 113 -166.86 14.96 -9.39
CA GLN DA 113 -166.78 15.59 -8.09
C GLN DA 113 -168.14 15.56 -7.39
N PRO DA 114 -168.14 15.45 -6.06
CA PRO DA 114 -169.40 15.40 -5.32
C PRO DA 114 -169.95 16.80 -5.04
N MET DA 115 -171.20 16.84 -4.61
CA MET DA 115 -171.89 18.08 -4.31
C MET DA 115 -172.62 17.94 -2.99
N ILE DA 116 -172.79 19.05 -2.28
CA ILE DA 116 -173.50 19.08 -1.02
C ILE DA 116 -174.79 19.89 -1.21
N ALA DA 117 -175.90 19.35 -0.73
CA ALA DA 117 -177.19 20.01 -0.90
C ALA DA 117 -177.42 20.98 0.25
N ARG DA 118 -177.46 22.28 -0.06
CA ARG DA 118 -177.68 23.31 0.95
C ARG DA 118 -178.73 24.29 0.43
N ASP DA 119 -179.55 24.80 1.34
CA ASP DA 119 -180.57 25.77 1.01
C ASP DA 119 -180.23 27.13 1.63
N GLY DA 120 -180.87 28.16 1.12
CA GLY DA 120 -180.63 29.51 1.56
C GLY DA 120 -180.43 30.47 0.41
N PRO DA 121 -179.82 31.63 0.68
CA PRO DA 121 -179.59 32.63 -0.37
C PRO DA 121 -178.33 32.35 -1.18
N HIS DA 122 -178.22 31.15 -1.73
CA HIS DA 122 -177.09 30.72 -2.54
C HIS DA 122 -177.59 30.10 -3.83
N PRO DA 123 -176.81 30.20 -4.91
CA PRO DA 123 -177.24 29.58 -6.17
C PRO DA 123 -177.23 28.07 -6.09
N VAL DA 124 -178.20 27.45 -6.76
CA VAL DA 124 -178.30 26.00 -6.78
C VAL DA 124 -177.12 25.44 -7.57
N ASP DA 125 -176.55 24.34 -7.06
CA ASP DA 125 -175.37 23.75 -7.67
C ASP DA 125 -175.77 22.57 -8.57
N GLN DA 126 -174.78 21.86 -9.12
CA GLN DA 126 -174.98 20.79 -10.06
C GLN DA 126 -173.72 19.94 -10.13
N PRO DA 127 -173.83 18.61 -10.23
CA PRO DA 127 -172.62 17.77 -10.26
C PRO DA 127 -171.72 18.14 -11.43
N VAL DA 128 -170.41 17.90 -11.24
CA VAL DA 128 -169.38 18.29 -12.20
C VAL DA 128 -168.51 17.10 -12.52
N HIS DA 129 -168.10 17.01 -13.79
CA HIS DA 129 -167.19 15.99 -14.28
C HIS DA 129 -165.98 16.66 -14.91
N ASN DA 130 -164.93 15.87 -15.13
CA ASN DA 130 -163.71 16.36 -15.75
C ASN DA 130 -163.18 15.35 -16.76
N TYR DA 131 -162.32 15.82 -17.64
CA TYR DA 131 -161.66 14.98 -18.64
C TYR DA 131 -160.27 15.53 -18.89
N MET DA 132 -159.26 14.66 -18.88
CA MET DA 132 -157.88 15.07 -19.06
C MET DA 132 -157.19 14.14 -20.04
N VAL DA 133 -156.15 14.66 -20.69
CA VAL DA 133 -155.42 13.92 -21.71
C VAL DA 133 -153.95 14.32 -21.65
N LYS DA 134 -153.07 13.35 -21.89
CA LYS DA 134 -151.63 13.57 -21.80
C LYS DA 134 -150.93 12.76 -22.88
N ARG DA 135 -149.77 13.24 -23.31
CA ARG DA 135 -148.95 12.59 -24.31
C ARG DA 135 -147.72 11.98 -23.64
N ILE DA 136 -146.99 11.16 -24.39
CA ILE DA 136 -145.79 10.52 -23.89
C ILE DA 136 -144.57 11.33 -24.34
N HIS DA 137 -143.42 11.03 -23.74
CA HIS DA 137 -142.16 11.66 -24.11
C HIS DA 137 -141.14 10.58 -24.45
N LYS DA 138 -140.46 10.75 -25.58
CA LYS DA 138 -139.52 9.76 -26.07
C LYS DA 138 -138.09 10.19 -25.80
N ARG DA 139 -137.30 9.27 -25.25
CA ARG DA 139 -135.87 9.47 -25.05
C ARG DA 139 -135.15 8.19 -25.45
N SER DA 140 -133.83 8.20 -25.29
CA SER DA 140 -133.06 7.02 -25.67
C SER DA 140 -131.75 6.99 -24.89
N LEU DA 141 -131.17 5.81 -24.81
CA LEU DA 141 -129.87 5.59 -24.20
C LEU DA 141 -128.93 4.94 -25.21
N SER DA 142 -127.64 5.13 -24.99
CA SER DA 142 -126.64 4.61 -25.92
C SER DA 142 -125.35 4.30 -25.17
N ALA DA 143 -124.67 3.26 -25.62
CA ALA DA 143 -123.38 2.87 -25.09
C ALA DA 143 -122.44 2.55 -26.25
N ALA DA 144 -121.16 2.84 -26.06
CA ALA DA 144 -120.17 2.64 -27.11
C ALA DA 144 -119.27 1.46 -26.78
N PHE DA 145 -118.43 1.11 -27.75
CA PHE DA 145 -117.67 -0.14 -27.70
C PHE DA 145 -116.67 -0.14 -28.84
N ALA DA 146 -115.49 -0.71 -28.61
CA ALA DA 146 -114.43 -0.66 -29.61
C ALA DA 146 -113.76 -2.02 -29.74
N ILE DA 147 -113.19 -2.25 -30.93
CA ILE DA 147 -112.36 -3.43 -31.21
C ILE DA 147 -111.12 -2.95 -31.94
N ALA DA 148 -109.95 -3.46 -31.53
CA ALA DA 148 -108.70 -3.02 -32.12
C ALA DA 148 -108.48 -3.65 -33.49
N SER DA 149 -107.71 -2.95 -34.33
CA SER DA 149 -107.41 -3.45 -35.67
C SER DA 149 -106.66 -4.78 -35.61
N GLU DA 150 -105.72 -4.87 -34.68
CA GLU DA 150 -104.90 -6.07 -34.57
C GLU DA 150 -105.73 -7.26 -34.13
N ALA DA 151 -106.56 -7.08 -33.10
CA ALA DA 151 -107.45 -8.15 -32.66
C ALA DA 151 -108.43 -8.54 -33.76
N LEU DA 152 -108.93 -7.55 -34.51
CA LEU DA 152 -109.87 -7.85 -35.58
C LEU DA 152 -109.19 -8.65 -36.70
N SER DA 153 -107.98 -8.25 -37.08
CA SER DA 153 -107.25 -8.99 -38.11
C SER DA 153 -106.92 -10.40 -37.64
N LEU DA 154 -106.52 -10.55 -36.39
CA LEU DA 154 -106.23 -11.88 -35.85
C LEU DA 154 -107.47 -12.74 -35.81
N LEU DA 155 -108.62 -12.17 -35.48
CA LEU DA 155 -109.86 -12.94 -35.43
C LEU DA 155 -110.31 -13.33 -36.83
N SER DA 156 -110.21 -12.40 -37.78
CA SER DA 156 -110.65 -12.64 -39.15
C SER DA 156 -109.65 -13.51 -39.90
N ASN DA 157 -109.69 -14.81 -39.66
CA ASN DA 157 -108.82 -15.73 -40.37
C ASN DA 157 -109.59 -16.84 -41.07
N THR DA 158 -110.69 -17.31 -40.48
CA THR DA 158 -111.52 -18.39 -41.02
C THR DA 158 -110.66 -19.60 -41.42
N TYR DA 159 -109.98 -20.14 -40.41
CA TYR DA 159 -109.26 -21.40 -40.50
C TYR DA 159 -108.19 -21.37 -41.61
N VAL DA 160 -107.24 -20.46 -41.44
CA VAL DA 160 -106.00 -20.45 -42.21
C VAL DA 160 -104.79 -20.58 -41.29
N ASP DA 161 -105.00 -21.10 -40.09
CA ASP DA 161 -104.04 -21.06 -38.99
C ASP DA 161 -103.96 -22.47 -38.40
N GLY DA 162 -103.38 -22.59 -37.21
CA GLY DA 162 -103.27 -23.87 -36.55
C GLY DA 162 -101.93 -24.12 -35.89
N THR DA 163 -101.09 -23.09 -35.80
CA THR DA 163 -99.84 -23.20 -35.06
C THR DA 163 -100.13 -23.04 -33.57
N GLU DA 164 -99.09 -22.88 -32.76
CA GLU DA 164 -99.23 -22.84 -31.33
C GLU DA 164 -99.20 -21.44 -30.73
N ILE DA 165 -98.59 -20.48 -31.42
CA ILE DA 165 -98.45 -19.15 -30.83
C ILE DA 165 -99.74 -18.35 -30.98
N ASP DA 166 -100.36 -18.38 -32.16
CA ASP DA 166 -101.56 -17.59 -32.39
C ASP DA 166 -102.78 -18.13 -31.68
N SER DA 167 -102.73 -19.38 -31.21
CA SER DA 167 -103.85 -19.93 -30.44
C SER DA 167 -104.09 -19.13 -29.18
N SER DA 168 -103.02 -18.87 -28.41
CA SER DA 168 -103.16 -18.08 -27.20
C SER DA 168 -103.61 -16.66 -27.52
N LEU DA 169 -103.14 -16.11 -28.63
CA LEU DA 169 -103.54 -14.76 -29.02
C LEU DA 169 -105.04 -14.70 -29.33
N ARG DA 170 -105.53 -15.66 -30.11
CA ARG DA 170 -106.96 -15.72 -30.38
C ARG DA 170 -107.75 -15.91 -29.10
N ILE DA 171 -107.26 -16.77 -28.20
CA ILE DA 171 -107.95 -17.01 -26.94
C ILE DA 171 -108.05 -15.72 -26.13
N ARG DA 172 -106.94 -14.99 -26.00
CA ARG DA 172 -106.97 -13.77 -25.22
C ARG DA 172 -107.81 -12.69 -25.89
N ALA DA 173 -107.86 -12.67 -27.22
CA ALA DA 173 -108.75 -11.73 -27.90
C ALA DA 173 -110.20 -12.03 -27.59
N ILE DA 174 -110.60 -13.30 -27.67
CA ILE DA 174 -111.96 -13.68 -27.34
C ILE DA 174 -112.27 -13.33 -25.89
N GLN DA 175 -111.31 -13.58 -25.00
CA GLN DA 175 -111.52 -13.25 -23.59
C GLN DA 175 -111.71 -11.76 -23.38
N GLN DA 176 -110.91 -10.94 -24.06
CA GLN DA 176 -111.04 -9.50 -23.92
C GLN DA 176 -112.39 -9.01 -24.44
N MET DA 177 -112.85 -9.58 -25.56
CA MET DA 177 -114.15 -9.19 -26.09
C MET DA 177 -115.27 -9.59 -25.15
N ALA DA 178 -115.16 -10.77 -24.54
CA ALA DA 178 -116.17 -11.17 -23.56
C ALA DA 178 -116.17 -10.23 -22.36
N ARG DA 179 -114.98 -9.87 -21.87
CA ARG DA 179 -114.89 -8.97 -20.74
C ARG DA 179 -115.49 -7.61 -21.06
N ASN DA 180 -115.30 -7.14 -22.30
CA ASN DA 180 -115.87 -5.86 -22.69
C ASN DA 180 -117.39 -5.93 -22.81
N LEU DA 181 -117.89 -6.92 -23.55
CA LEU DA 181 -119.35 -7.05 -23.70
C LEU DA 181 -120.04 -7.20 -22.35
N ARG DA 182 -119.41 -7.88 -21.39
CA ARG DA 182 -120.07 -8.12 -20.12
C ARG DA 182 -120.38 -6.82 -19.39
N THR DA 183 -119.56 -5.79 -19.56
CA THR DA 183 -119.86 -4.50 -18.93
C THR DA 183 -120.65 -3.58 -19.84
N VAL DA 184 -120.47 -3.68 -21.17
CA VAL DA 184 -121.30 -2.88 -22.06
C VAL DA 184 -122.77 -3.25 -21.90
N LEU DA 185 -123.06 -4.53 -21.64
CA LEU DA 185 -124.44 -4.92 -21.42
C LEU DA 185 -124.98 -4.36 -20.12
N ASP DA 186 -124.21 -4.44 -19.05
CA ASP DA 186 -124.67 -3.93 -17.76
C ASP DA 186 -124.74 -2.41 -17.73
N SER DA 187 -124.08 -1.73 -18.68
CA SER DA 187 -124.12 -0.27 -18.71
C SER DA 187 -125.56 0.23 -18.82
N PHE DA 188 -126.35 -0.36 -19.71
CA PHE DA 188 -127.73 0.08 -19.88
C PHE DA 188 -128.57 -0.23 -18.65
N GLU DA 189 -128.39 -1.43 -18.08
CA GLU DA 189 -129.11 -1.79 -16.87
C GLU DA 189 -128.83 -0.83 -15.75
N ARG DA 190 -127.60 -0.32 -15.67
CA ARG DA 190 -127.28 0.65 -14.63
C ARG DA 190 -127.79 2.05 -14.99
N GLY DA 191 -127.72 2.43 -16.26
CA GLY DA 191 -128.16 3.74 -16.69
C GLY DA 191 -129.66 3.93 -16.68
N THR DA 192 -130.43 2.85 -16.58
CA THR DA 192 -131.85 2.99 -16.33
C THR DA 192 -132.11 3.81 -15.07
N ALA DA 193 -131.36 3.52 -14.01
CA ALA DA 193 -131.50 4.22 -12.74
C ALA DA 193 -130.92 5.63 -12.79
N ASP DA 194 -130.25 6.01 -13.87
CA ASP DA 194 -129.84 7.39 -14.07
C ASP DA 194 -130.82 8.17 -14.94
N GLN DA 195 -131.45 7.49 -15.89
CA GLN DA 195 -132.60 8.09 -16.58
C GLN DA 195 -133.70 8.43 -15.57
N LEU DA 196 -134.12 7.43 -14.80
CA LEU DA 196 -134.85 7.74 -13.59
C LEU DA 196 -133.92 8.41 -12.60
N LEU DA 197 -134.49 9.07 -11.59
CA LEU DA 197 -133.72 9.90 -10.68
C LEU DA 197 -132.94 10.94 -11.50
N GLY DA 198 -133.72 11.85 -12.08
CA GLY DA 198 -133.21 12.77 -13.07
C GLY DA 198 -134.26 13.04 -14.12
N VAL DA 199 -135.18 12.09 -14.31
CA VAL DA 199 -136.43 12.46 -14.95
C VAL DA 199 -137.37 13.12 -13.95
N LEU DA 200 -137.21 12.80 -12.66
CA LEU DA 200 -138.11 13.29 -11.62
C LEU DA 200 -137.70 14.64 -11.03
N LEU DA 201 -136.45 15.06 -11.25
CA LEU DA 201 -135.98 16.32 -10.69
C LEU DA 201 -136.65 17.52 -11.35
N GLU DA 202 -137.02 17.41 -12.62
CA GLU DA 202 -137.71 18.47 -13.32
C GLU DA 202 -139.22 18.41 -13.10
N LYS DA 203 -139.70 17.42 -12.37
CA LYS DA 203 -141.11 17.27 -12.02
C LYS DA 203 -141.39 17.61 -10.58
N ALA DA 204 -140.42 17.43 -9.70
CA ALA DA 204 -140.62 17.70 -8.27
C ALA DA 204 -140.53 19.19 -7.99
N PRO DA 205 -141.57 19.82 -7.45
CA PRO DA 205 -141.49 21.24 -7.08
C PRO DA 205 -140.98 21.38 -5.65
N PRO DA 206 -140.60 22.59 -5.25
CA PRO DA 206 -140.07 22.78 -3.89
C PRO DA 206 -141.13 22.56 -2.82
N LEU DA 207 -140.70 21.91 -1.72
CA LEU DA 207 -141.64 21.65 -0.62
C LEU DA 207 -142.07 22.92 0.07
N SER DA 208 -141.13 23.86 0.27
CA SER DA 208 -141.46 25.13 0.90
C SER DA 208 -142.60 25.85 0.19
N LEU DA 209 -142.73 25.66 -1.11
CA LEU DA 209 -143.87 26.18 -1.85
C LEU DA 209 -145.07 25.26 -1.84
N LEU DA 210 -144.85 23.94 -1.93
CA LEU DA 210 -145.97 23.02 -2.13
C LEU DA 210 -146.79 22.82 -0.85
N SER DA 211 -146.15 22.83 0.32
CA SER DA 211 -146.89 22.51 1.54
C SER DA 211 -147.92 23.59 1.90
N PRO DA 212 -147.60 24.88 1.96
CA PRO DA 212 -148.61 25.84 2.43
C PRO DA 212 -149.76 26.03 1.46
N ILE DA 213 -149.51 26.01 0.15
CA ILE DA 213 -150.61 26.13 -0.80
C ILE DA 213 -151.53 24.92 -0.66
N ASN DA 214 -150.96 23.72 -0.57
CA ASN DA 214 -151.76 22.53 -0.38
C ASN DA 214 -152.57 22.58 0.90
N LYS DA 215 -152.03 23.21 1.94
CA LYS DA 215 -152.80 23.37 3.17
C LYS DA 215 -153.93 24.37 2.98
N PHE DA 216 -153.68 25.46 2.25
CA PHE DA 216 -154.65 26.53 2.08
C PHE DA 216 -155.44 26.31 0.79
N GLN DA 217 -156.12 25.16 0.73
CA GLN DA 217 -156.94 24.79 -0.42
C GLN DA 217 -158.40 24.65 0.00
N PRO DA 218 -159.08 25.76 0.31
CA PRO DA 218 -160.50 25.66 0.64
C PRO DA 218 -161.38 25.35 -0.56
N GLU DA 219 -161.18 26.11 -1.65
CA GLU DA 219 -161.94 25.90 -2.88
C GLU DA 219 -161.08 25.91 -4.13
N GLY DA 220 -159.76 25.99 -4.01
CA GLY DA 220 -158.91 26.06 -5.19
C GLY DA 220 -158.66 27.46 -5.68
N HIS DA 221 -159.70 28.13 -6.20
CA HIS DA 221 -159.58 29.50 -6.66
C HIS DA 221 -159.78 30.45 -5.50
N LEU DA 222 -158.94 31.47 -5.43
CA LEU DA 222 -158.98 32.45 -4.35
C LEU DA 222 -159.05 33.86 -4.92
N ASN DA 223 -159.45 34.79 -4.06
CA ASN DA 223 -159.59 36.18 -4.46
C ASN DA 223 -158.25 36.91 -4.31
N ARG DA 224 -158.27 38.21 -4.58
CA ARG DA 224 -157.04 38.99 -4.55
C ARG DA 224 -156.48 39.10 -3.13
N VAL DA 225 -157.35 39.34 -2.15
CA VAL DA 225 -156.89 39.49 -0.77
C VAL DA 225 -156.32 38.18 -0.24
N ALA DA 226 -157.04 37.08 -0.47
CA ALA DA 226 -156.54 35.78 -0.04
C ALA DA 226 -155.22 35.44 -0.72
N ARG DA 227 -155.12 35.76 -2.02
CA ARG DA 227 -153.86 35.48 -2.73
C ARG DA 227 -152.72 36.33 -2.18
N ALA DA 228 -153.00 37.58 -1.81
CA ALA DA 228 -151.95 38.43 -1.27
C ALA DA 228 -151.47 37.91 0.08
N ALA DA 229 -152.39 37.53 0.96
CA ALA DA 229 -152.00 36.97 2.24
C ALA DA 229 -151.21 35.68 2.04
N LEU DA 230 -151.66 34.83 1.11
CA LEU DA 230 -150.93 33.61 0.80
C LEU DA 230 -149.53 33.91 0.29
N LEU DA 231 -149.38 34.95 -0.52
CA LEU DA 231 -148.08 35.31 -1.05
C LEU DA 231 -147.15 35.78 0.06
N SER DA 232 -147.66 36.58 1.00
CA SER DA 232 -146.85 37.01 2.12
C SER DA 232 -146.41 35.80 2.95
N ASP DA 233 -147.34 34.87 3.20
CA ASP DA 233 -146.99 33.65 3.91
C ASP DA 233 -145.89 32.89 3.18
N LEU DA 234 -146.02 32.75 1.86
CA LEU DA 234 -145.04 32.00 1.08
C LEU DA 234 -143.67 32.66 1.12
N LYS DA 235 -143.64 33.99 1.05
CA LYS DA 235 -142.37 34.71 1.13
C LYS DA 235 -141.70 34.47 2.48
N ARG DA 236 -142.45 34.61 3.56
CA ARG DA 236 -141.89 34.36 4.89
C ARG DA 236 -141.37 32.94 4.98
N ARG DA 237 -142.13 31.97 4.46
CA ARG DA 237 -141.76 30.57 4.59
C ARG DA 237 -140.49 30.25 3.80
N VAL DA 238 -140.39 30.76 2.58
CA VAL DA 238 -139.20 30.47 1.78
C VAL DA 238 -137.99 31.19 2.37
N CYS DA 239 -138.18 32.38 2.96
CA CYS DA 239 -137.05 33.05 3.58
C CYS DA 239 -136.59 32.31 4.83
N ALA DA 240 -137.51 31.70 5.56
CA ALA DA 240 -137.16 31.04 6.81
C ALA DA 240 -136.59 29.65 6.56
N ASP DA 241 -137.39 28.76 5.97
CA ASP DA 241 -137.03 27.35 5.82
C ASP DA 241 -136.16 27.18 4.58
N MET DA 242 -134.84 27.24 4.78
CA MET DA 242 -133.89 27.08 3.70
C MET DA 242 -133.05 25.82 3.86
N PHE DA 243 -132.46 25.62 5.04
CA PHE DA 243 -131.63 24.46 5.33
C PHE DA 243 -132.10 23.85 6.64
N PHE DA 244 -132.84 22.75 6.55
CA PHE DA 244 -133.33 22.10 7.76
C PHE DA 244 -132.21 21.39 8.50
N MET DA 245 -131.49 20.49 7.82
CA MET DA 245 -130.49 19.66 8.47
C MET DA 245 -129.29 20.46 8.96
N THR DA 246 -129.07 21.66 8.44
CA THR DA 246 -127.93 22.46 8.86
C THR DA 246 -128.28 23.39 10.01
N ARG DA 247 -129.32 24.22 9.83
CA ARG DA 247 -129.73 25.12 10.89
C ARG DA 247 -130.33 24.36 12.06
N HIS DA 248 -131.35 23.54 11.79
CA HIS DA 248 -132.00 22.75 12.83
C HIS DA 248 -131.32 21.39 13.00
N ALA DA 249 -130.01 21.42 13.25
CA ALA DA 249 -129.24 20.19 13.33
C ALA DA 249 -129.28 19.57 14.72
N ARG DA 250 -129.68 20.35 15.74
CA ARG DA 250 -129.64 19.85 17.11
C ARG DA 250 -130.94 19.20 17.53
N GLU DA 251 -132.06 19.89 17.38
CA GLU DA 251 -133.34 19.32 17.77
C GLU DA 251 -133.69 18.17 16.82
N PRO DA 252 -133.98 16.98 17.33
CA PRO DA 252 -134.38 15.87 16.46
C PRO DA 252 -135.88 15.77 16.19
N ARG DA 253 -136.64 16.79 16.54
CA ARG DA 253 -138.10 16.77 16.36
C ARG DA 253 -138.56 17.58 15.16
N LEU DA 254 -137.98 18.75 14.92
CA LEU DA 254 -138.36 19.53 13.75
C LEU DA 254 -138.04 18.80 12.47
N ILE DA 255 -136.99 17.98 12.47
CA ILE DA 255 -136.66 17.18 11.30
C ILE DA 255 -137.77 16.17 11.02
N SER DA 256 -138.20 15.45 12.05
CA SER DA 256 -139.29 14.49 11.87
C SER DA 256 -140.57 15.20 11.45
N ALA DA 257 -140.79 16.40 11.98
CA ALA DA 257 -141.96 17.17 11.59
C ALA DA 257 -141.91 17.52 10.11
N TYR DA 258 -140.76 18.02 9.64
CA TYR DA 258 -140.61 18.34 8.23
C TYR DA 258 -140.79 17.11 7.36
N LEU DA 259 -140.26 15.97 7.79
CA LEU DA 259 -140.42 14.74 7.01
C LEU DA 259 -141.88 14.32 6.92
N SER DA 260 -142.61 14.42 8.03
CA SER DA 260 -144.02 14.06 8.00
C SER DA 260 -144.81 15.00 7.12
N ASP DA 261 -144.52 16.30 7.19
CA ASP DA 261 -145.23 17.24 6.31
C ASP DA 261 -144.91 16.98 4.85
N MET DA 262 -143.66 16.63 4.54
CA MET DA 262 -143.29 16.34 3.16
C MET DA 262 -143.98 15.08 2.67
N VAL DA 263 -144.05 14.05 3.52
CA VAL DA 263 -144.70 12.81 3.12
C VAL DA 263 -146.19 13.04 2.88
N SER DA 264 -146.85 13.70 3.81
CA SER DA 264 -148.27 14.02 3.67
C SER DA 264 -148.49 15.29 2.87
N CYS DA 265 -147.91 15.34 1.67
CA CYS DA 265 -148.01 16.54 0.84
C CYS DA 265 -148.43 16.21 -0.58
N THR DA 266 -148.14 14.99 -1.03
CA THR DA 266 -148.48 14.54 -2.37
C THR DA 266 -149.59 13.50 -2.34
N GLN DA 267 -150.47 13.56 -3.34
CA GLN DA 267 -151.55 12.60 -3.45
C GLN DA 267 -151.09 11.34 -4.17
N PRO DA 268 -151.63 10.19 -3.80
CA PRO DA 268 -151.26 8.94 -4.47
C PRO DA 268 -151.85 8.87 -5.87
N SER DA 269 -151.22 8.05 -6.70
CA SER DA 269 -151.67 7.84 -8.07
C SER DA 269 -152.62 6.64 -8.09
N VAL DA 270 -152.93 6.12 -9.29
CA VAL DA 270 -153.88 5.03 -9.40
C VAL DA 270 -153.29 3.76 -8.80
N MET DA 271 -154.17 2.81 -8.49
CA MET DA 271 -153.79 1.55 -7.87
C MET DA 271 -153.98 0.35 -8.79
N VAL DA 272 -154.01 0.55 -10.10
CA VAL DA 272 -154.21 -0.56 -11.02
C VAL DA 272 -152.93 -1.38 -11.06
N SER DA 273 -152.94 -2.51 -10.35
CA SER DA 273 -151.77 -3.38 -10.25
C SER DA 273 -152.20 -4.68 -9.59
N ARG DA 274 -151.42 -5.73 -9.86
CA ARG DA 274 -151.67 -7.06 -9.31
C ARG DA 274 -150.67 -7.43 -8.23
N ILE DA 275 -149.39 -7.31 -8.51
CA ILE DA 275 -148.33 -7.58 -7.54
C ILE DA 275 -147.46 -6.34 -7.41
N THR DA 276 -147.13 -5.99 -6.17
CA THR DA 276 -146.36 -4.78 -5.91
C THR DA 276 -145.36 -5.05 -4.80
N HIS DA 277 -144.50 -4.06 -4.56
CA HIS DA 277 -143.50 -4.17 -3.50
C HIS DA 277 -144.19 -4.20 -2.15
N THR DA 278 -143.77 -5.12 -1.29
CA THR DA 278 -144.32 -5.25 0.04
C THR DA 278 -143.25 -5.74 1.00
N ASN DA 279 -143.54 -5.61 2.29
CA ASN DA 279 -142.63 -6.04 3.34
C ASN DA 279 -142.82 -7.53 3.59
N THR DA 280 -142.19 -8.05 4.66
CA THR DA 280 -142.32 -9.47 4.97
C THR DA 280 -143.69 -9.80 5.53
N ARG DA 281 -144.33 -8.85 6.23
CA ARG DA 281 -145.65 -9.11 6.78
C ARG DA 281 -146.70 -9.13 5.68
N GLY DA 282 -146.69 -8.13 4.80
CA GLY DA 282 -147.67 -8.03 3.74
C GLY DA 282 -148.15 -6.61 3.53
N ARG DA 283 -147.64 -5.69 4.35
CA ARG DA 283 -148.01 -4.30 4.21
C ARG DA 283 -147.35 -3.69 2.97
N GLN DA 284 -148.15 -3.03 2.15
CA GLN DA 284 -147.65 -2.41 0.95
C GLN DA 284 -146.84 -1.16 1.28
N VAL DA 285 -145.72 -1.00 0.60
CA VAL DA 285 -144.96 0.24 0.72
C VAL DA 285 -145.68 1.36 -0.03
N ASP DA 286 -145.29 2.59 0.25
CA ASP DA 286 -146.01 3.75 -0.29
C ASP DA 286 -145.14 4.61 -1.20
N GLY DA 287 -143.93 4.95 -0.77
CA GLY DA 287 -143.10 5.87 -1.53
C GLY DA 287 -141.62 5.56 -1.38
N VAL DA 288 -140.81 6.42 -1.99
CA VAL DA 288 -139.36 6.30 -1.99
C VAL DA 288 -138.78 7.61 -1.48
N LEU DA 289 -137.73 7.52 -0.68
CA LEU DA 289 -136.99 8.69 -0.22
C LEU DA 289 -135.53 8.48 -0.57
N VAL DA 290 -135.07 9.14 -1.63
CA VAL DA 290 -133.69 9.03 -2.09
C VAL DA 290 -132.91 10.23 -1.56
N THR DA 291 -131.64 10.01 -1.23
CA THR DA 291 -130.82 11.04 -0.62
C THR DA 291 -129.35 10.66 -0.72
N THR DA 292 -128.50 11.48 -0.12
CA THR DA 292 -127.07 11.22 -0.03
C THR DA 292 -126.81 10.30 1.16
N ALA DA 293 -125.65 9.62 1.13
CA ALA DA 293 -125.32 8.69 2.20
C ALA DA 293 -125.18 9.39 3.54
N THR DA 294 -124.60 10.59 3.55
CA THR DA 294 -124.44 11.32 4.81
C THR DA 294 -125.80 11.61 5.45
N LEU DA 295 -126.72 12.16 4.66
CA LEU DA 295 -128.05 12.44 5.18
C LEU DA 295 -128.78 11.15 5.55
N LYS DA 296 -128.56 10.09 4.79
CA LYS DA 296 -129.17 8.81 5.14
C LYS DA 296 -128.74 8.36 6.52
N ARG DA 297 -127.43 8.43 6.79
CA ARG DA 297 -126.93 8.03 8.10
C ARG DA 297 -127.46 8.95 9.20
N GLN DA 298 -127.47 10.26 8.94
CA GLN DA 298 -127.95 11.19 9.96
C GLN DA 298 -129.40 10.95 10.30
N LEU DA 299 -130.22 10.64 9.28
CA LEU DA 299 -131.63 10.36 9.53
C LEU DA 299 -131.80 9.02 10.24
N LEU DA 300 -131.00 8.03 9.87
CA LEU DA 300 -131.14 6.70 10.46
C LEU DA 300 -130.60 6.63 11.88
N GLN DA 301 -129.76 7.57 12.27
CA GLN DA 301 -129.17 7.54 13.61
C GLN DA 301 -130.25 7.65 14.69
N GLY DA 302 -130.92 8.80 14.75
CA GLY DA 302 -131.89 9.02 15.81
C GLY DA 302 -133.20 9.61 15.35
N ILE DA 303 -133.28 10.02 14.09
CA ILE DA 303 -134.49 10.67 13.60
C ILE DA 303 -135.57 9.63 13.29
N LEU DA 304 -135.28 8.72 12.37
CA LEU DA 304 -136.24 7.74 11.92
C LEU DA 304 -135.95 6.38 12.54
N GLN DA 305 -136.93 5.49 12.45
CA GLN DA 305 -136.83 4.12 12.95
C GLN DA 305 -137.01 3.16 11.79
N ILE DA 306 -136.29 2.04 11.84
CA ILE DA 306 -136.33 1.07 10.76
C ILE DA 306 -137.40 0.03 11.05
N ASP DA 307 -138.21 -0.28 10.03
CA ASP DA 307 -139.27 -1.27 10.14
C ASP DA 307 -138.83 -2.66 9.73
N ASP DA 308 -138.16 -2.79 8.59
CA ASP DA 308 -137.74 -4.09 8.09
C ASP DA 308 -136.44 -3.91 7.32
N THR DA 309 -135.73 -5.03 7.14
CA THR DA 309 -134.49 -5.03 6.38
C THR DA 309 -134.62 -5.76 5.04
N ALA DA 310 -135.65 -6.57 4.87
CA ALA DA 310 -135.90 -7.27 3.61
C ALA DA 310 -137.33 -7.02 3.16
N ALA DA 311 -137.55 -7.12 1.85
CA ALA DA 311 -138.86 -6.87 1.28
C ALA DA 311 -139.11 -7.84 0.13
N ASP DA 312 -140.31 -7.79 -0.42
CA ASP DA 312 -140.71 -8.61 -1.55
C ASP DA 312 -140.91 -7.72 -2.76
N VAL DA 313 -140.12 -7.95 -3.80
CA VAL DA 313 -140.19 -7.15 -5.01
C VAL DA 313 -140.52 -8.05 -6.19
N PRO DA 314 -141.23 -7.55 -7.20
CA PRO DA 314 -141.50 -8.39 -8.38
C PRO DA 314 -140.23 -8.63 -9.17
N VAL DA 315 -140.22 -9.75 -9.90
CA VAL DA 315 -139.07 -10.13 -10.70
C VAL DA 315 -139.33 -9.99 -12.20
N THR DA 316 -140.58 -10.09 -12.65
CA THR DA 316 -140.87 -9.95 -14.06
C THR DA 316 -141.03 -8.48 -14.42
N TYR DA 317 -141.04 -8.22 -15.73
CA TYR DA 317 -141.26 -6.88 -16.25
C TYR DA 317 -142.69 -6.64 -16.72
N GLY DA 318 -143.25 -7.56 -17.51
CA GLY DA 318 -144.54 -7.34 -18.10
C GLY DA 318 -144.40 -6.62 -19.43
N GLU DA 319 -144.93 -7.20 -20.49
CA GLU DA 319 -144.80 -6.62 -21.83
C GLU DA 319 -146.15 -6.67 -22.53
N MET DA 320 -146.23 -5.96 -23.65
CA MET DA 320 -147.43 -5.94 -24.47
C MET DA 320 -147.04 -5.85 -25.93
N VAL DA 321 -147.73 -6.61 -26.76
CA VAL DA 321 -147.50 -6.66 -28.19
C VAL DA 321 -148.85 -6.70 -28.89
N LEU DA 322 -148.92 -6.10 -30.07
CA LEU DA 322 -150.18 -5.93 -30.79
C LEU DA 322 -150.35 -7.06 -31.80
N GLN DA 323 -151.51 -7.72 -31.75
CA GLN DA 323 -151.86 -8.78 -32.69
C GLN DA 323 -153.36 -8.70 -32.94
N GLY DA 324 -153.91 -9.75 -33.54
CA GLY DA 324 -155.33 -9.84 -33.80
C GLY DA 324 -155.83 -8.71 -34.68
N THR DA 325 -156.69 -7.86 -34.13
CA THR DA 325 -157.20 -6.72 -34.86
C THR DA 325 -156.23 -5.55 -34.89
N ASN DA 326 -155.33 -5.45 -33.90
CA ASN DA 326 -154.36 -4.37 -33.90
C ASN DA 326 -153.44 -4.45 -35.10
N LEU DA 327 -152.97 -5.65 -35.42
CA LEU DA 327 -152.05 -5.80 -36.55
C LEU DA 327 -152.70 -5.39 -37.86
N VAL DA 328 -153.99 -5.72 -38.04
CA VAL DA 328 -154.65 -5.40 -39.30
C VAL DA 328 -155.10 -3.95 -39.34
N THR DA 329 -155.32 -3.33 -38.18
CA THR DA 329 -155.75 -1.93 -38.21
C THR DA 329 -154.57 -0.97 -38.30
N ALA DA 330 -153.40 -1.38 -37.78
CA ALA DA 330 -152.25 -0.48 -37.76
C ALA DA 330 -151.70 -0.22 -39.16
N LEU DA 331 -152.07 -1.03 -40.14
CA LEU DA 331 -151.57 -0.82 -41.50
C LEU DA 331 -152.58 -0.11 -42.39
N VAL DA 332 -153.87 -0.38 -42.21
CA VAL DA 332 -154.87 0.22 -43.09
C VAL DA 332 -155.34 1.56 -42.54
N MET DA 333 -155.41 1.69 -41.22
CA MET DA 333 -155.88 2.94 -40.62
C MET DA 333 -154.74 3.78 -40.07
N GLY DA 334 -153.69 3.14 -39.56
CA GLY DA 334 -152.57 3.83 -38.99
C GLY DA 334 -152.65 4.07 -37.50
N LYS DA 335 -153.77 3.72 -36.86
CA LYS DA 335 -153.94 3.88 -35.44
C LYS DA 335 -154.03 2.52 -34.77
N ALA DA 336 -153.90 2.53 -33.44
CA ALA DA 336 -153.99 1.31 -32.65
C ALA DA 336 -154.34 1.67 -31.22
N VAL DA 337 -155.00 0.73 -30.55
CA VAL DA 337 -155.43 0.91 -29.17
C VAL DA 337 -155.09 -0.35 -28.40
N ARG DA 338 -154.69 -0.20 -27.14
CA ARG DA 338 -154.36 -1.35 -26.32
C ARG DA 338 -155.63 -2.16 -26.01
N GLY DA 339 -155.45 -3.47 -25.83
CA GLY DA 339 -156.53 -4.36 -25.46
C GLY DA 339 -157.36 -4.86 -26.62
N MET DA 340 -158.24 -4.01 -27.15
CA MET DA 340 -159.17 -4.38 -28.22
C MET DA 340 -160.01 -5.61 -27.84
N ASP DA 341 -160.33 -5.74 -26.55
CA ASP DA 341 -161.18 -6.82 -26.06
C ASP DA 341 -162.49 -6.30 -25.49
N ASP DA 342 -162.89 -5.09 -25.87
CA ASP DA 342 -164.11 -4.49 -25.35
C ASP DA 342 -165.31 -5.03 -26.11
N VAL DA 343 -166.21 -5.70 -25.40
CA VAL DA 343 -167.42 -6.22 -26.02
C VAL DA 343 -168.54 -5.19 -25.99
N ALA DA 344 -168.61 -4.36 -24.96
CA ALA DA 344 -169.64 -3.34 -24.87
C ALA DA 344 -169.37 -2.20 -25.85
N ASN DA 377 -142.02 -12.57 -7.17
CA ASN DA 377 -141.62 -12.13 -5.84
C ASN DA 377 -140.23 -12.64 -5.50
N ALA DA 378 -139.50 -11.87 -4.70
CA ALA DA 378 -138.14 -12.24 -4.31
C ALA DA 378 -137.75 -11.45 -3.08
N ARG DA 379 -137.15 -12.14 -2.11
CA ARG DA 379 -136.68 -11.49 -0.88
C ARG DA 379 -135.36 -10.77 -1.17
N VAL DA 380 -135.40 -9.45 -1.14
CA VAL DA 380 -134.23 -8.61 -1.42
C VAL DA 380 -133.94 -7.81 -0.17
N PRO DA 381 -132.68 -7.66 0.24
CA PRO DA 381 -132.37 -6.83 1.41
C PRO DA 381 -132.48 -5.35 1.09
N ALA DA 382 -133.33 -4.64 1.83
CA ALA DA 382 -133.54 -3.22 1.64
C ALA DA 382 -134.21 -2.65 2.87
N ASP DA 383 -133.68 -1.55 3.39
CA ASP DA 383 -134.21 -0.95 4.60
C ASP DA 383 -135.61 -0.38 4.36
N LEU DA 384 -136.38 -0.28 5.45
CA LEU DA 384 -137.72 0.28 5.40
C LEU DA 384 -137.96 1.08 6.68
N VAL DA 385 -138.41 2.31 6.53
CA VAL DA 385 -138.68 3.18 7.66
C VAL DA 385 -140.16 3.51 7.70
N ILE DA 386 -140.60 4.07 8.82
CA ILE DA 386 -141.99 4.45 9.03
C ILE DA 386 -142.00 5.95 9.33
N VAL DA 387 -142.40 6.75 8.35
CA VAL DA 387 -142.54 8.19 8.51
C VAL DA 387 -144.03 8.53 8.49
N GLY DA 388 -144.45 9.34 9.45
CA GLY DA 388 -145.85 9.67 9.57
C GLY DA 388 -146.71 8.45 9.84
N ASP DA 389 -147.46 8.03 8.83
CA ASP DA 389 -148.27 6.82 8.93
C ASP DA 389 -148.03 5.87 7.75
N LYS DA 390 -147.01 6.13 6.94
CA LYS DA 390 -146.72 5.33 5.77
C LYS DA 390 -145.41 4.57 5.97
N LEU DA 391 -145.21 3.58 5.10
CA LEU DA 391 -143.99 2.76 5.08
C LEU DA 391 -143.32 2.98 3.74
N VAL DA 392 -142.14 3.60 3.76
CA VAL DA 392 -141.48 4.02 2.54
C VAL DA 392 -140.09 3.42 2.48
N PHE DA 393 -139.60 3.23 1.25
CA PHE DA 393 -138.22 2.83 1.03
C PHE DA 393 -137.30 4.01 1.26
N LEU DA 394 -136.09 3.72 1.74
CA LEU DA 394 -135.06 4.73 1.93
C LEU DA 394 -133.84 4.32 1.12
N GLU DA 395 -133.38 5.19 0.24
CA GLU DA 395 -132.31 4.86 -0.68
C GLU DA 395 -131.27 5.96 -0.73
N ALA DA 396 -130.00 5.56 -0.80
CA ALA DA 396 -128.87 6.46 -0.86
C ALA DA 396 -127.88 5.99 -1.92
N LEU DA 397 -128.37 5.75 -3.14
CA LEU DA 397 -127.59 5.08 -4.16
C LEU DA 397 -126.34 5.88 -4.53
N GLU DA 398 -125.19 5.44 -4.03
CA GLU DA 398 -123.90 6.01 -4.44
C GLU DA 398 -122.83 4.96 -4.66
N ARG DA 399 -123.02 3.72 -4.21
CA ARG DA 399 -122.03 2.66 -4.39
C ARG DA 399 -122.43 1.63 -5.42
N ARG DA 400 -123.72 1.34 -5.55
CA ARG DA 400 -124.15 0.46 -6.64
C ARG DA 400 -124.12 1.21 -7.97
N VAL DA 401 -124.48 2.49 -7.95
CA VAL DA 401 -124.49 3.32 -9.15
C VAL DA 401 -123.66 4.57 -8.86
N TYR DA 402 -123.26 5.25 -9.93
CA TYR DA 402 -122.38 6.42 -9.88
C TYR DA 402 -121.07 6.13 -9.16
N GLN DA 403 -120.72 4.85 -9.03
CA GLN DA 403 -119.50 4.43 -8.36
C GLN DA 403 -118.52 3.94 -9.41
N ALA DA 404 -117.26 4.36 -9.28
CA ALA DA 404 -116.20 3.96 -10.21
C ALA DA 404 -116.54 4.34 -11.65
N THR DA 405 -117.20 5.48 -11.82
CA THR DA 405 -117.58 5.98 -13.13
C THR DA 405 -117.08 7.41 -13.29
N ARG DA 406 -117.40 8.00 -14.45
CA ARG DA 406 -117.02 9.36 -14.76
C ARG DA 406 -118.19 10.33 -14.74
N VAL DA 407 -119.32 9.93 -14.20
CA VAL DA 407 -120.51 10.77 -14.15
C VAL DA 407 -120.68 11.31 -12.74
N ALA DA 408 -121.17 12.54 -12.64
CA ALA DA 408 -121.40 13.16 -11.35
C ALA DA 408 -122.71 12.67 -10.75
N TYR DA 409 -122.78 12.67 -9.43
CA TYR DA 409 -123.98 12.23 -8.74
C TYR DA 409 -124.99 13.37 -8.65
N PRO DA 410 -126.24 13.15 -9.02
CA PRO DA 410 -127.26 14.19 -8.83
C PRO DA 410 -127.55 14.44 -7.36
N LEU DA 411 -128.54 15.30 -7.09
CA LEU DA 411 -128.90 15.73 -5.73
C LEU DA 411 -127.78 16.54 -5.08
N ILE DA 412 -126.85 17.06 -5.87
CA ILE DA 412 -125.79 17.94 -5.39
C ILE DA 412 -125.92 19.26 -6.14
N GLY DA 413 -127.15 19.64 -6.47
CA GLY DA 413 -127.40 20.86 -7.22
C GLY DA 413 -126.94 22.12 -6.53
N ASN DA 414 -127.10 23.25 -7.21
CA ASN DA 414 -126.65 24.54 -6.70
C ASN DA 414 -127.83 25.46 -6.50
N ILE DA 415 -127.64 26.47 -5.67
CA ILE DA 415 -128.66 27.46 -5.35
C ILE DA 415 -128.05 28.84 -5.49
N ASP DA 416 -128.77 29.76 -6.12
CA ASP DA 416 -128.29 31.11 -6.36
C ASP DA 416 -128.97 32.08 -5.42
N ILE DA 417 -128.18 32.97 -4.82
CA ILE DA 417 -128.67 33.94 -3.85
C ILE DA 417 -128.09 35.31 -4.20
N THR DA 418 -128.92 36.34 -4.16
CA THR DA 418 -128.50 37.70 -4.46
C THR DA 418 -128.43 38.52 -3.19
N PHE DA 419 -127.41 39.38 -3.11
CA PHE DA 419 -127.22 40.28 -1.98
C PHE DA 419 -127.24 41.72 -2.45
N ILE DA 420 -127.69 42.61 -1.57
CA ILE DA 420 -127.80 44.04 -1.87
C ILE DA 420 -127.36 44.82 -0.64
N MET DA 421 -126.57 45.88 -0.87
CA MET DA 421 -126.03 46.69 0.21
C MET DA 421 -125.92 48.13 -0.23
N PRO DA 422 -126.34 49.08 0.59
CA PRO DA 422 -126.07 50.49 0.29
C PRO DA 422 -124.66 50.87 0.70
N MET DA 423 -124.11 51.89 0.03
CA MET DA 423 -122.72 52.27 0.23
C MET DA 423 -122.56 53.64 0.87
N GLY DA 424 -123.11 54.69 0.28
CA GLY DA 424 -122.84 56.03 0.76
C GLY DA 424 -124.05 56.85 1.13
N VAL DA 425 -125.07 56.21 1.72
CA VAL DA 425 -126.26 56.94 2.10
C VAL DA 425 -125.94 57.85 3.30
N PHE DA 426 -126.80 58.86 3.48
CA PHE DA 426 -126.61 59.82 4.56
C PHE DA 426 -127.99 60.31 4.99
N GLN DA 427 -128.39 59.97 6.21
CA GLN DA 427 -129.68 60.40 6.73
C GLN DA 427 -129.63 61.88 7.06
N ALA DA 428 -130.24 62.69 6.20
CA ALA DA 428 -130.27 64.14 6.38
C ALA DA 428 -131.41 64.50 7.33
N ASN DA 429 -131.19 64.22 8.60
CA ASN DA 429 -132.19 64.50 9.62
C ASN DA 429 -131.52 64.58 10.98
N SER DA 430 -131.67 65.74 11.64
CA SER DA 430 -131.06 65.94 12.95
C SER DA 430 -131.67 65.04 14.01
N MET DA 431 -132.92 64.63 13.85
CA MET DA 431 -133.54 63.70 14.78
C MET DA 431 -132.99 62.29 14.62
N ASP DA 432 -132.61 61.88 13.42
CA ASP DA 432 -132.06 60.55 13.20
C ASP DA 432 -130.56 60.48 13.38
N ARG DA 433 -129.86 61.61 13.30
CA ARG DA 433 -128.40 61.61 13.54
C ARG DA 433 -128.16 61.83 15.03
N TYR DA 434 -128.29 60.74 15.78
CA TYR DA 434 -128.17 60.79 17.23
C TYR DA 434 -127.18 59.75 17.74
N THR DA 435 -127.11 59.58 19.06
CA THR DA 435 -126.31 58.53 19.67
C THR DA 435 -127.09 57.90 20.81
N ARG DA 436 -126.85 56.61 21.06
CA ARG DA 436 -127.58 55.86 22.06
C ARG DA 436 -126.95 55.91 23.44
N HIS DA 437 -125.76 56.51 23.57
CA HIS DA 437 -125.11 56.63 24.86
C HIS DA 437 -124.33 57.94 24.89
N ALA DA 438 -123.78 58.25 26.07
CA ALA DA 438 -123.04 59.49 26.22
C ALA DA 438 -121.61 59.34 25.70
N GLY DA 439 -120.81 58.50 26.36
CA GLY DA 439 -119.45 58.24 25.91
C GLY DA 439 -119.32 57.01 25.04
N ASP DA 440 -120.03 57.00 23.92
CA ASP DA 440 -120.06 55.83 23.05
C ASP DA 440 -118.67 55.50 22.48
N PHE DA 441 -118.11 56.39 21.66
CA PHE DA 441 -116.77 56.20 21.09
C PHE DA 441 -116.05 57.54 21.23
N SER DA 442 -115.39 57.74 22.37
CA SER DA 442 -114.68 58.97 22.57
C SER DA 442 -113.42 59.01 21.71
N THR DA 443 -113.04 60.22 21.33
CA THR DA 443 -111.86 60.44 20.51
C THR DA 443 -111.06 61.59 21.09
N VAL DA 444 -109.75 61.55 20.87
CA VAL DA 444 -108.89 62.62 21.32
C VAL DA 444 -109.05 63.87 20.47
N SER DA 445 -109.29 63.72 19.17
CA SER DA 445 -109.36 64.86 18.27
C SER DA 445 -110.50 65.80 18.67
N GLU DA 446 -110.37 67.05 18.25
CA GLU DA 446 -111.39 68.07 18.54
C GLU DA 446 -112.62 67.90 17.68
N GLN DA 447 -112.50 67.27 16.52
CA GLN DA 447 -113.63 67.03 15.62
C GLN DA 447 -113.73 65.52 15.41
N ASP DA 448 -114.78 64.92 15.95
CA ASP DA 448 -115.01 63.50 15.79
C ASP DA 448 -115.19 63.17 14.31
N PRO DA 449 -114.38 62.29 13.74
CA PRO DA 449 -114.55 61.90 12.33
C PRO DA 449 -115.67 60.89 12.12
N ARG DA 450 -116.85 61.17 12.70
CA ARG DA 450 -117.99 60.28 12.61
C ARG DA 450 -119.29 61.01 12.28
N GLN DA 451 -119.27 62.34 12.21
CA GLN DA 451 -120.42 63.07 11.70
C GLN DA 451 -120.40 63.22 10.19
N PHE DA 452 -119.23 63.12 9.58
CA PHE DA 452 -119.13 63.27 8.14
C PHE DA 452 -119.77 62.07 7.44
N PRO DA 453 -120.34 62.27 6.25
CA PRO DA 453 -120.98 61.17 5.55
C PRO DA 453 -119.97 60.12 5.14
N PRO DA 454 -120.27 58.84 5.37
CA PRO DA 454 -119.31 57.78 5.02
C PRO DA 454 -119.18 57.63 3.51
N GLN DA 455 -118.18 56.86 3.11
CA GLN DA 455 -117.90 56.63 1.70
C GLN DA 455 -117.87 55.15 1.33
N GLY DA 456 -117.33 54.30 2.19
CA GLY DA 456 -117.23 52.88 1.91
C GLY DA 456 -118.11 52.04 2.84
N ILE DA 457 -118.21 50.76 2.50
CA ILE DA 457 -118.98 49.80 3.28
C ILE DA 457 -118.05 48.64 3.65
N PHE DA 458 -118.21 48.14 4.87
CA PHE DA 458 -117.40 47.04 5.38
C PHE DA 458 -118.29 45.82 5.57
N PHE DA 459 -117.77 44.66 5.17
CA PHE DA 459 -118.49 43.40 5.39
C PHE DA 459 -117.48 42.27 5.46
N TYR DA 460 -117.97 41.04 5.52
CA TYR DA 460 -117.12 39.87 5.71
C TYR DA 460 -116.89 39.14 4.40
N ASN DA 461 -115.80 38.39 4.35
CA ASN DA 461 -115.44 37.62 3.17
C ASN DA 461 -116.06 36.22 3.26
N LYS DA 462 -115.67 35.34 2.35
CA LYS DA 462 -116.17 33.97 2.39
C LYS DA 462 -115.61 33.22 3.59
N ASP DA 463 -114.38 33.53 3.99
CA ASP DA 463 -113.72 32.86 5.11
C ASP DA 463 -113.68 33.73 6.36
N GLY DA 464 -114.41 34.82 6.39
CA GLY DA 464 -114.44 35.69 7.55
C GLY DA 464 -113.44 36.82 7.54
N ILE DA 465 -112.96 37.23 6.39
CA ILE DA 465 -112.00 38.32 6.27
C ILE DA 465 -112.77 39.61 6.04
N LEU DA 466 -112.24 40.71 6.57
CA LEU DA 466 -112.88 42.01 6.41
C LEU DA 466 -112.60 42.56 5.01
N THR DA 467 -113.66 42.88 4.29
CA THR DA 467 -113.55 43.50 2.97
C THR DA 467 -114.27 44.84 2.98
N GLN DA 468 -113.78 45.75 2.15
CA GLN DA 468 -114.29 47.11 2.09
C GLN DA 468 -114.54 47.51 0.64
N LEU DA 469 -115.68 48.15 0.40
CA LEU DA 469 -116.06 48.65 -0.91
C LEU DA 469 -116.26 50.16 -0.78
N THR DA 470 -115.28 50.93 -1.25
CA THR DA 470 -115.38 52.37 -1.18
C THR DA 470 -116.00 52.92 -2.45
N LEU DA 471 -116.17 54.24 -2.50
CA LEU DA 471 -116.71 54.88 -3.70
C LEU DA 471 -115.78 54.75 -4.89
N ARG DA 472 -114.48 54.57 -4.65
CA ARG DA 472 -113.53 54.47 -5.76
C ARG DA 472 -113.81 53.24 -6.61
N ASP DA 473 -114.43 52.21 -6.03
CA ASP DA 473 -114.71 51.01 -6.81
C ASP DA 473 -115.83 51.18 -7.81
N ALA DA 474 -116.56 52.31 -7.75
CA ALA DA 474 -117.65 52.57 -8.69
C ALA DA 474 -117.19 53.37 -9.90
N MET DA 475 -115.88 53.47 -10.12
CA MET DA 475 -115.33 54.23 -11.23
C MET DA 475 -115.34 53.47 -12.55
N GLY DA 476 -115.96 52.30 -12.58
CA GLY DA 476 -116.02 51.52 -13.80
C GLY DA 476 -117.38 51.58 -14.46
N THR DA 477 -118.37 52.08 -13.71
CA THR DA 477 -119.72 52.19 -14.22
C THR DA 477 -120.15 53.62 -14.49
N ILE DA 478 -119.78 54.57 -13.64
CA ILE DA 478 -120.20 55.95 -13.81
C ILE DA 478 -119.28 56.75 -14.74
N CYS DA 479 -118.03 56.32 -14.93
CA CYS DA 479 -117.08 57.01 -15.77
C CYS DA 479 -117.09 56.49 -17.20
N HIS DA 480 -118.19 55.90 -17.64
CA HIS DA 480 -118.33 55.40 -18.99
C HIS DA 480 -119.01 56.43 -19.87
N SER DA 481 -118.79 56.31 -21.18
CA SER DA 481 -119.44 57.20 -22.13
C SER DA 481 -120.95 57.00 -22.13
N SER DA 482 -121.45 55.93 -21.52
CA SER DA 482 -122.88 55.64 -21.47
C SER DA 482 -123.68 56.69 -20.71
N LEU DA 483 -123.02 57.64 -20.05
CA LEU DA 483 -123.71 58.70 -19.33
C LEU DA 483 -124.27 59.78 -20.23
N LEU DA 484 -123.96 59.74 -21.53
CA LEU DA 484 -124.32 60.80 -22.47
C LEU DA 484 -124.94 60.21 -23.73
N ASP DA 485 -125.90 59.30 -23.56
CA ASP DA 485 -126.57 58.67 -24.68
C ASP DA 485 -128.08 58.87 -24.57
N VAL DA 486 -128.49 60.11 -24.35
CA VAL DA 486 -129.87 60.43 -24.04
C VAL DA 486 -130.67 60.66 -25.32
N GLU DA 487 -130.07 60.31 -26.46
CA GLU DA 487 -130.77 60.47 -27.73
C GLU DA 487 -132.06 59.64 -27.77
N ALA DA 488 -131.95 58.36 -27.43
CA ALA DA 488 -133.13 57.49 -27.44
C ALA DA 488 -134.16 57.96 -26.44
N THR DA 489 -133.73 58.44 -25.28
CA THR DA 489 -134.67 58.92 -24.27
C THR DA 489 -135.39 60.17 -24.73
N LEU DA 490 -134.66 61.09 -25.38
CA LEU DA 490 -135.31 62.29 -25.89
C LEU DA 490 -136.30 61.95 -26.98
N VAL DA 491 -135.96 61.01 -27.86
CA VAL DA 491 -136.90 60.57 -28.89
C VAL DA 491 -138.12 59.94 -28.24
N ALA DA 492 -137.90 59.17 -27.17
CA ALA DA 492 -139.00 58.52 -26.47
C ALA DA 492 -139.94 59.55 -25.87
N LEU DA 493 -139.39 60.59 -25.25
CA LEU DA 493 -140.24 61.63 -24.67
C LEU DA 493 -140.95 62.44 -25.75
N ARG DA 494 -140.30 62.62 -26.90
CA ARG DA 494 -140.92 63.40 -27.96
C ARG DA 494 -142.03 62.63 -28.66
N GLN DA 495 -141.96 61.29 -28.68
CA GLN DA 495 -143.05 60.52 -29.27
C GLN DA 495 -144.39 60.82 -28.60
N GLN DA 496 -144.47 60.58 -27.30
CA GLN DA 496 -145.73 60.74 -26.59
C GLN DA 496 -146.18 62.18 -26.60
N HIS DA 497 -147.49 62.37 -26.62
CA HIS DA 497 -148.07 63.70 -26.68
C HIS DA 497 -148.04 64.36 -25.30
N LEU DA 498 -147.59 65.61 -25.26
CA LEU DA 498 -147.62 66.40 -24.04
C LEU DA 498 -147.74 67.87 -24.44
N ASP DA 499 -148.59 68.60 -23.75
CA ASP DA 499 -148.79 70.01 -24.01
C ASP DA 499 -148.33 70.82 -22.80
N ARG DA 500 -147.77 72.00 -23.07
CA ARG DA 500 -147.29 72.87 -22.00
C ARG DA 500 -147.13 74.28 -22.55
N GLN DA 501 -147.31 75.25 -21.66
CA GLN DA 501 -147.15 76.66 -21.98
C GLN DA 501 -146.17 77.26 -20.97
N CYS DA 502 -146.10 78.59 -20.90
CA CYS DA 502 -145.24 79.30 -19.96
C CYS DA 502 -143.76 78.97 -20.21
N TYR DA 503 -143.31 79.42 -21.39
CA TYR DA 503 -141.93 79.22 -21.83
C TYR DA 503 -141.01 80.34 -21.38
N PHE DA 504 -141.32 80.96 -20.24
CA PHE DA 504 -140.55 82.11 -19.78
C PHE DA 504 -139.08 81.74 -19.53
N GLY DA 505 -138.85 80.80 -18.62
CA GLY DA 505 -137.50 80.50 -18.19
C GLY DA 505 -136.72 79.56 -19.08
N VAL DA 506 -137.11 79.46 -20.35
CA VAL DA 506 -136.41 78.57 -21.28
C VAL DA 506 -136.07 79.33 -22.57
N TYR DA 507 -136.69 80.48 -22.77
CA TYR DA 507 -136.50 81.25 -23.99
C TYR DA 507 -135.37 82.27 -23.81
N VAL DA 508 -134.65 82.53 -24.89
CA VAL DA 508 -133.55 83.48 -24.90
C VAL DA 508 -133.74 84.43 -26.07
N ALA DA 509 -133.47 85.71 -25.84
CA ALA DA 509 -133.63 86.72 -26.89
C ALA DA 509 -132.34 87.51 -27.09
N GLU DA 510 -132.40 88.56 -27.89
CA GLU DA 510 -131.26 89.43 -28.16
C GLU DA 510 -131.63 90.88 -27.81
N GLY DA 511 -130.71 91.80 -28.06
CA GLY DA 511 -130.90 93.19 -27.75
C GLY DA 511 -131.23 94.03 -28.97
N THR DA 512 -132.01 95.08 -28.75
CA THR DA 512 -132.43 95.99 -29.81
C THR DA 512 -131.65 97.29 -29.80
N GLU DA 513 -130.42 97.27 -29.30
CA GLU DA 513 -129.49 98.41 -29.27
C GLU DA 513 -129.97 99.55 -28.40
N ASP DA 514 -131.08 99.39 -27.67
CA ASP DA 514 -131.49 100.38 -26.70
C ASP DA 514 -130.52 100.34 -25.51
N THR DA 515 -130.68 101.29 -24.58
CA THR DA 515 -129.64 101.43 -23.57
C THR DA 515 -129.77 100.36 -22.50
N LEU DA 516 -130.70 100.52 -21.57
CA LEU DA 516 -131.15 99.42 -20.72
C LEU DA 516 -132.63 99.55 -20.37
N ASP DA 517 -133.13 100.79 -20.37
CA ASP DA 517 -134.34 101.09 -19.62
C ASP DA 517 -135.61 100.70 -20.39
N VAL DA 518 -135.72 101.11 -21.64
CA VAL DA 518 -136.91 100.75 -22.41
C VAL DA 518 -136.93 99.25 -22.65
N GLN DA 519 -135.75 98.63 -22.74
CA GLN DA 519 -135.70 97.17 -22.85
C GLN DA 519 -136.21 96.52 -21.56
N MET DA 520 -135.79 97.05 -20.41
CA MET DA 520 -136.30 96.54 -19.14
C MET DA 520 -137.81 96.72 -19.04
N GLY DA 521 -138.32 97.83 -19.56
CA GLY DA 521 -139.76 98.06 -19.52
C GLY DA 521 -140.52 97.09 -20.40
N ARG DA 522 -140.03 96.86 -21.63
CA ARG DA 522 -140.62 95.84 -22.48
C ARG DA 522 -140.62 94.49 -21.78
N PHE DA 523 -139.49 94.13 -21.15
CA PHE DA 523 -139.41 92.85 -20.48
C PHE DA 523 -140.40 92.77 -19.32
N MET DA 524 -140.55 93.85 -18.56
CA MET DA 524 -141.50 93.85 -17.46
C MET DA 524 -142.92 93.62 -17.96
N GLU DA 525 -143.33 94.39 -18.99
CA GLU DA 525 -144.67 94.23 -19.53
C GLU DA 525 -144.90 92.82 -20.06
N THR DA 526 -143.94 92.30 -20.82
CA THR DA 526 -144.07 90.96 -21.38
C THR DA 526 -144.17 89.94 -20.24
N TRP DA 527 -143.09 89.78 -19.47
CA TRP DA 527 -143.09 88.83 -18.37
C TRP DA 527 -144.31 88.96 -17.46
N ALA DA 528 -144.96 90.14 -17.45
CA ALA DA 528 -146.23 90.26 -16.75
C ALA DA 528 -147.34 89.53 -17.51
N ASP DA 529 -147.55 89.89 -18.78
CA ASP DA 529 -148.77 89.44 -19.45
C ASP DA 529 -148.59 88.17 -20.29
N MET DA 530 -147.40 87.56 -20.28
CA MET DA 530 -147.11 86.37 -21.06
C MET DA 530 -146.90 85.13 -20.19
N MET DA 531 -147.33 85.18 -18.93
CA MET DA 531 -147.17 84.07 -18.00
C MET DA 531 -148.52 83.39 -17.79
N PRO DA 532 -148.85 82.37 -18.57
CA PRO DA 532 -150.16 81.72 -18.42
C PRO DA 532 -150.27 80.92 -17.14
N HIS DA 533 -149.25 80.14 -16.84
CA HIS DA 533 -149.20 79.29 -15.67
C HIS DA 533 -148.00 79.66 -14.80
N HIS DA 534 -147.75 78.84 -13.79
CA HIS DA 534 -146.62 79.03 -12.90
C HIS DA 534 -145.47 78.11 -13.29
N PRO DA 535 -144.23 78.56 -13.08
CA PRO DA 535 -143.08 77.71 -13.43
C PRO DA 535 -143.00 76.48 -12.53
N HIS DA 536 -142.36 75.44 -13.07
CA HIS DA 536 -142.19 74.19 -12.36
C HIS DA 536 -140.81 74.04 -11.74
N TRP DA 537 -139.88 74.95 -12.03
CA TRP DA 537 -138.55 74.91 -11.45
C TRP DA 537 -138.40 75.81 -10.24
N VAL DA 538 -139.47 76.49 -9.84
CA VAL DA 538 -139.39 77.44 -8.73
C VAL DA 538 -139.80 76.82 -7.40
N ASN DA 539 -140.60 75.75 -7.42
CA ASN DA 539 -141.09 75.11 -6.20
C ASN DA 539 -140.06 74.07 -5.77
N GLU DA 540 -139.01 74.51 -5.08
CA GLU DA 540 -137.98 73.62 -4.58
C GLU DA 540 -138.07 73.45 -3.07
N HIS DA 541 -139.13 73.94 -2.44
CA HIS DA 541 -139.32 73.78 -1.00
C HIS DA 541 -139.89 72.42 -0.63
N LEU DA 542 -140.25 71.60 -1.60
CA LEU DA 542 -140.83 70.30 -1.32
C LEU DA 542 -139.81 69.37 -0.67
N THR DA 543 -140.31 68.50 0.19
CA THR DA 543 -139.46 67.49 0.81
C THR DA 543 -139.33 66.28 -0.13
N ILE DA 544 -138.53 65.31 0.29
CA ILE DA 544 -138.30 64.13 -0.54
C ILE DA 544 -139.59 63.34 -0.71
N LEU DA 545 -140.41 63.27 0.34
CA LEU DA 545 -141.68 62.55 0.24
C LEU DA 545 -142.59 63.21 -0.79
N GLN DA 546 -142.72 64.54 -0.72
CA GLN DA 546 -143.56 65.24 -1.69
C GLN DA 546 -142.99 65.15 -3.09
N PHE DA 547 -141.68 65.08 -3.23
CA PHE DA 547 -141.08 64.95 -4.55
C PHE DA 547 -141.33 63.56 -5.13
N ILE DA 548 -141.35 62.54 -4.28
CA ILE DA 548 -141.53 61.18 -4.77
C ILE DA 548 -143.01 60.86 -5.00
N ALA DA 549 -143.90 61.51 -4.26
CA ALA DA 549 -145.32 61.24 -4.39
C ALA DA 549 -145.77 61.41 -5.83
N PRO DA 550 -146.66 60.54 -6.34
CA PRO DA 550 -147.03 60.61 -7.77
C PRO DA 550 -147.71 61.90 -8.17
N SER DA 551 -148.15 62.73 -7.22
CA SER DA 551 -148.76 64.01 -7.57
C SER DA 551 -147.76 65.02 -8.11
N ASN DA 552 -146.46 64.75 -8.02
CA ASN DA 552 -145.46 65.67 -8.53
C ASN DA 552 -145.49 65.67 -10.05
N PRO DA 553 -145.76 66.81 -10.69
CA PRO DA 553 -145.81 66.83 -12.16
C PRO DA 553 -144.44 66.75 -12.81
N ARG DA 554 -143.42 67.27 -12.12
CA ARG DA 554 -142.06 67.28 -12.64
C ARG DA 554 -141.29 66.01 -12.31
N LEU DA 555 -141.99 64.94 -11.94
CA LEU DA 555 -141.31 63.69 -11.59
C LEU DA 555 -140.94 62.90 -12.83
N ARG DA 556 -141.81 62.89 -13.85
CA ARG DA 556 -141.56 62.08 -15.03
C ARG DA 556 -140.32 62.52 -15.81
N PHE DA 557 -139.88 63.76 -15.64
CA PHE DA 557 -138.72 64.26 -16.34
C PHE DA 557 -137.42 64.06 -15.57
N GLU DA 558 -137.50 63.53 -14.35
CA GLU DA 558 -136.30 63.28 -13.55
C GLU DA 558 -135.82 61.86 -13.85
N LEU DA 559 -134.98 61.73 -14.86
CA LEU DA 559 -134.48 60.43 -15.28
C LEU DA 559 -132.98 60.29 -15.11
N ASN DA 560 -132.20 61.23 -15.63
CA ASN DA 560 -130.75 61.16 -15.56
C ASN DA 560 -130.22 62.18 -14.59
N PRO DA 561 -129.31 61.80 -13.70
CA PRO DA 561 -128.80 62.78 -12.72
C PRO DA 561 -127.92 63.86 -13.33
N ALA DA 562 -127.41 63.66 -14.55
CA ALA DA 562 -126.53 64.63 -15.17
C ALA DA 562 -127.22 65.45 -16.26
N PHE DA 563 -128.54 65.35 -16.38
CA PHE DA 563 -129.27 66.06 -17.41
C PHE DA 563 -130.51 66.69 -16.82
N ASP DA 564 -131.01 67.72 -17.51
CA ASP DA 564 -132.24 68.42 -17.13
C ASP DA 564 -133.20 68.37 -18.30
N PHE DA 565 -134.36 67.75 -18.09
CA PHE DA 565 -135.36 67.58 -19.13
C PHE DA 565 -136.48 68.58 -18.91
N PHE DA 566 -136.70 69.43 -19.90
CA PHE DA 566 -137.75 70.43 -19.85
C PHE DA 566 -138.49 70.44 -21.18
N VAL DA 567 -139.41 71.40 -21.32
CA VAL DA 567 -140.20 71.57 -22.53
C VAL DA 567 -139.95 72.97 -23.04
N ALA DA 568 -139.96 73.13 -24.36
CA ALA DA 568 -139.66 74.41 -24.99
C ALA DA 568 -140.34 74.48 -26.34
N PRO DA 569 -140.64 75.69 -26.83
CA PRO DA 569 -141.19 75.81 -28.18
C PRO DA 569 -140.21 75.29 -29.22
N GLY DA 570 -140.70 74.45 -30.11
CA GLY DA 570 -139.85 73.85 -31.13
C GLY DA 570 -139.69 74.73 -32.35
N ASP DA 571 -138.75 74.34 -33.20
CA ASP DA 571 -138.50 75.00 -34.48
C ASP DA 571 -138.11 76.47 -34.29
N VAL DA 572 -137.33 76.75 -33.25
CA VAL DA 572 -136.82 78.09 -33.00
C VAL DA 572 -135.33 78.00 -32.71
N ASP DA 573 -134.63 79.11 -32.93
CA ASP DA 573 -133.21 79.21 -32.65
C ASP DA 573 -132.98 80.09 -31.44
N LEU DA 574 -131.96 79.75 -30.67
CA LEU DA 574 -131.59 80.48 -29.46
C LEU DA 574 -130.21 81.09 -29.63
N PRO DA 575 -130.06 82.42 -29.54
CA PRO DA 575 -131.16 83.35 -29.29
C PRO DA 575 -131.98 83.63 -30.55
N GLY DA 576 -133.10 84.33 -30.38
CA GLY DA 576 -133.96 84.65 -31.49
C GLY DA 576 -134.56 86.04 -31.37
N PRO DA 577 -135.82 86.18 -31.79
CA PRO DA 577 -136.47 87.49 -31.71
C PRO DA 577 -136.78 87.86 -30.27
N GLN DA 578 -137.20 89.12 -30.10
CA GLN DA 578 -137.53 89.61 -28.78
C GLN DA 578 -138.77 88.92 -28.23
N ARG DA 579 -139.76 88.68 -29.08
CA ARG DA 579 -140.97 87.98 -28.67
C ARG DA 579 -140.91 86.53 -29.14
N PRO DA 580 -141.22 85.57 -28.27
CA PRO DA 580 -141.18 84.17 -28.67
C PRO DA 580 -142.26 83.84 -29.68
N PRO DA 581 -141.90 83.31 -30.84
CA PRO DA 581 -142.91 82.99 -31.85
C PRO DA 581 -143.73 81.76 -31.44
N GLU DA 582 -144.99 81.76 -31.86
CA GLU DA 582 -145.87 80.64 -31.53
C GLU DA 582 -145.49 79.42 -32.36
N ALA DA 583 -145.27 78.30 -31.69
CA ALA DA 583 -144.91 77.05 -32.36
C ALA DA 583 -145.35 75.89 -31.48
N MET DA 584 -145.12 74.68 -31.98
CA MET DA 584 -145.48 73.48 -31.25
C MET DA 584 -144.43 73.18 -30.18
N PRO DA 585 -144.82 72.97 -28.93
CA PRO DA 585 -143.84 72.70 -27.88
C PRO DA 585 -143.30 71.28 -27.99
N THR DA 586 -141.99 71.15 -27.76
CA THR DA 586 -141.32 69.86 -27.78
C THR DA 586 -140.43 69.75 -26.56
N VAL DA 587 -139.76 68.61 -26.45
CA VAL DA 587 -138.92 68.31 -25.28
C VAL DA 587 -137.46 68.49 -25.64
N ASN DA 588 -136.72 69.18 -24.77
CA ASN DA 588 -135.29 69.38 -24.93
C ASN DA 588 -134.59 68.98 -23.64
N ALA DA 589 -133.26 68.90 -23.71
CA ALA DA 589 -132.46 68.44 -22.57
C ALA DA 589 -131.19 69.27 -22.49
N THR DA 590 -130.89 69.76 -21.29
CA THR DA 590 -129.69 70.53 -21.02
C THR DA 590 -128.85 69.84 -19.95
N LEU DA 591 -127.53 69.91 -20.11
CA LEU DA 591 -126.62 69.25 -19.20
C LEU DA 591 -126.52 70.01 -17.88
N ARG DA 592 -126.41 69.26 -16.79
CA ARG DA 592 -126.19 69.83 -15.47
C ARG DA 592 -124.68 69.99 -15.28
N ILE DA 593 -124.18 71.21 -15.43
CA ILE DA 593 -122.75 71.43 -15.40
C ILE DA 593 -122.22 71.27 -13.97
N ILE DA 594 -122.93 71.81 -12.99
CA ILE DA 594 -122.50 71.76 -11.60
C ILE DA 594 -123.27 70.67 -10.88
N ASN DA 595 -122.59 69.95 -9.99
CA ASN DA 595 -123.29 68.97 -9.17
C ASN DA 595 -124.19 69.62 -8.13
N GLY DA 596 -124.00 70.91 -7.85
CA GLY DA 596 -124.91 71.63 -6.98
C GLY DA 596 -126.22 72.00 -7.62
N ASN DA 597 -126.33 71.91 -8.94
CA ASN DA 597 -127.59 72.17 -9.62
C ASN DA 597 -128.62 71.08 -9.41
N ILE DA 598 -128.25 70.00 -8.72
CA ILE DA 598 -129.22 68.95 -8.40
C ILE DA 598 -130.31 69.53 -7.53
N PRO DA 599 -131.59 69.24 -7.78
CA PRO DA 599 -132.66 69.82 -6.97
C PRO DA 599 -132.49 69.47 -5.49
N VAL DA 600 -132.94 70.40 -4.64
CA VAL DA 600 -132.77 70.22 -3.19
C VAL DA 600 -133.59 69.06 -2.64
N PRO DA 601 -134.80 68.73 -3.15
CA PRO DA 601 -135.47 67.53 -2.62
C PRO DA 601 -134.65 66.27 -2.76
N LEU DA 602 -133.76 66.22 -3.74
CA LEU DA 602 -132.88 65.07 -3.93
C LEU DA 602 -131.56 65.25 -3.21
N CYS DA 603 -131.04 66.48 -3.17
CA CYS DA 603 -129.80 66.79 -2.43
C CYS DA 603 -130.12 67.79 -1.34
N PRO DA 604 -130.22 67.36 -0.08
CA PRO DA 604 -130.66 68.27 0.98
C PRO DA 604 -129.61 69.31 1.35
N ILE DA 605 -129.99 70.22 2.23
CA ILE DA 605 -129.08 71.28 2.66
C ILE DA 605 -128.17 70.82 3.80
N SER DA 606 -128.68 70.00 4.71
CA SER DA 606 -127.87 69.55 5.84
C SER DA 606 -126.67 68.74 5.36
N PHE DA 607 -126.86 67.90 4.33
CA PHE DA 607 -125.75 67.15 3.79
C PHE DA 607 -124.70 68.08 3.17
N ARG DA 608 -125.15 69.12 2.49
CA ARG DA 608 -124.21 70.07 1.91
C ARG DA 608 -123.42 70.80 3.00
N ASP DA 609 -124.10 71.18 4.08
CA ASP DA 609 -123.42 71.85 5.18
C ASP DA 609 -122.41 70.92 5.85
N CYS DA 610 -122.78 69.65 6.03
CA CYS DA 610 -121.85 68.71 6.65
C CYS DA 610 -120.65 68.45 5.73
N ARG DA 611 -120.88 68.36 4.43
CA ARG DA 611 -119.78 68.21 3.49
C ARG DA 611 -118.84 69.41 3.53
N GLY DA 612 -119.40 70.61 3.60
CA GLY DA 612 -118.57 71.79 3.72
C GLY DA 612 -117.78 71.82 5.01
N THR DA 613 -118.41 71.36 6.10
CA THR DA 613 -117.70 71.28 7.38
C THR DA 613 -116.53 70.30 7.30
N GLN DA 614 -116.76 69.14 6.67
CA GLN DA 614 -115.68 68.18 6.50
C GLN DA 614 -114.57 68.75 5.63
N LEU DA 615 -114.95 69.49 4.59
CA LEU DA 615 -113.96 70.12 3.71
C LEU DA 615 -113.09 71.10 4.49
N GLY DA 616 -113.72 72.10 5.11
CA GLY DA 616 -112.99 73.07 5.90
C GLY DA 616 -112.60 72.53 7.26
N LEU DA 617 -111.77 71.50 7.28
CA LEU DA 617 -111.39 70.88 8.55
C LEU DA 617 -110.41 71.77 9.32
N GLY DA 618 -109.24 72.01 8.74
CA GLY DA 618 -108.22 72.80 9.43
C GLY DA 618 -107.67 73.92 8.58
N ARG DA 619 -108.47 74.43 7.65
CA ARG DA 619 -108.02 75.52 6.79
C ARG DA 619 -108.14 76.85 7.54
N HIS DA 620 -107.86 77.93 6.83
CA HIS DA 620 -107.93 79.25 7.44
C HIS DA 620 -109.38 79.65 7.70
N THR DA 621 -109.60 80.32 8.82
CA THR DA 621 -110.91 80.84 9.19
C THR DA 621 -110.80 82.34 9.47
N MET DA 622 -111.95 82.97 9.60
CA MET DA 622 -112.04 84.39 9.86
C MET DA 622 -112.40 84.65 11.31
N THR DA 623 -112.02 85.83 11.80
CA THR DA 623 -112.27 86.12 13.20
C THR DA 623 -113.64 86.75 13.39
N PRO DA 624 -114.27 86.49 14.53
CA PRO DA 624 -115.61 87.05 14.78
C PRO DA 624 -115.67 88.56 14.68
N ALA DA 625 -114.58 89.26 14.96
CA ALA DA 625 -114.57 90.72 14.81
C ALA DA 625 -114.86 91.12 13.37
N THR DA 626 -114.07 90.58 12.43
CA THR DA 626 -114.30 90.87 11.02
C THR DA 626 -115.66 90.36 10.57
N ILE DA 627 -116.06 89.20 11.06
CA ILE DA 627 -117.37 88.65 10.68
C ILE DA 627 -118.49 89.62 11.06
N LYS DA 628 -118.45 90.11 12.30
CA LYS DA 628 -119.47 91.04 12.76
C LYS DA 628 -119.41 92.35 11.99
N ALA DA 629 -118.20 92.85 11.72
CA ALA DA 629 -118.07 94.11 10.98
C ALA DA 629 -118.71 93.98 9.60
N VAL DA 630 -118.39 92.91 8.88
CA VAL DA 630 -118.92 92.75 7.53
C VAL DA 630 -120.43 92.52 7.56
N LYS DA 631 -120.91 91.73 8.54
CA LYS DA 631 -122.36 91.51 8.60
C LYS DA 631 -123.11 92.80 8.92
N ASP DA 632 -122.52 93.66 9.76
CA ASP DA 632 -123.16 94.93 10.06
C ASP DA 632 -123.15 95.84 8.83
N THR DA 633 -122.02 95.89 8.12
CA THR DA 633 -121.96 96.68 6.90
C THR DA 633 -123.01 96.22 5.89
N PHE DA 634 -123.18 94.90 5.78
CA PHE DA 634 -124.15 94.38 4.83
C PHE DA 634 -125.59 94.65 5.26
N GLU DA 635 -125.88 94.56 6.56
CA GLU DA 635 -127.25 94.74 7.02
C GLU DA 635 -127.65 96.20 7.09
N ASP DA 636 -126.68 97.11 7.25
CA ASP DA 636 -127.01 98.52 7.43
C ASP DA 636 -127.69 99.08 6.19
N ARG DA 637 -128.77 99.82 6.41
CA ARG DA 637 -129.48 100.50 5.33
C ARG DA 637 -129.12 101.97 5.22
N ALA DA 638 -128.31 102.50 6.14
CA ALA DA 638 -127.89 103.88 6.11
C ALA DA 638 -126.59 104.09 5.34
N TYR DA 639 -126.29 103.21 4.40
CA TYR DA 639 -125.08 103.36 3.59
C TYR DA 639 -125.18 104.60 2.72
N PRO DA 640 -124.29 105.58 2.88
CA PRO DA 640 -124.43 106.82 2.11
C PRO DA 640 -124.21 106.60 0.62
N THR DA 641 -125.08 107.20 -0.19
CA THR DA 641 -125.00 107.08 -1.63
C THR DA 641 -123.74 107.71 -2.21
N ILE DA 642 -123.05 108.56 -1.45
CA ILE DA 642 -121.82 109.17 -1.93
C ILE DA 642 -120.77 108.11 -2.21
N PHE DA 643 -120.78 107.02 -1.45
CA PHE DA 643 -119.86 105.91 -1.72
C PHE DA 643 -120.15 105.30 -3.08
N TYR DA 644 -121.43 105.07 -3.39
CA TYR DA 644 -121.80 104.53 -4.70
C TYR DA 644 -121.40 105.49 -5.81
N MET DA 645 -121.60 106.79 -5.61
CA MET DA 645 -121.23 107.76 -6.62
C MET DA 645 -119.72 107.76 -6.87
N LEU DA 646 -118.94 107.74 -5.79
CA LEU DA 646 -117.49 107.69 -5.94
C LEU DA 646 -117.06 106.42 -6.65
N GLU DA 647 -117.67 105.29 -6.31
CA GLU DA 647 -117.33 104.04 -6.97
C GLU DA 647 -117.64 104.09 -8.45
N ALA DA 648 -118.82 104.61 -8.81
CA ALA DA 648 -119.21 104.67 -10.21
C ALA DA 648 -118.30 105.60 -11.00
N VAL DA 649 -117.88 106.72 -10.39
CA VAL DA 649 -117.02 107.64 -11.12
C VAL DA 649 -115.59 107.11 -11.18
N ILE DA 650 -115.19 106.26 -10.24
CA ILE DA 650 -113.87 105.64 -10.31
C ILE DA 650 -113.85 104.56 -11.38
N HIS DA 651 -114.93 103.76 -11.46
CA HIS DA 651 -115.08 102.69 -12.45
C HIS DA 651 -113.90 101.73 -12.45
N GLY DA 652 -113.17 101.67 -11.35
CA GLY DA 652 -112.10 100.70 -11.21
C GLY DA 652 -110.92 100.95 -12.12
N ASN DA 653 -110.18 102.04 -11.87
CA ASN DA 653 -108.98 102.36 -12.63
C ASN DA 653 -107.90 102.84 -11.69
N GLU DA 654 -106.69 102.30 -11.85
CA GLU DA 654 -105.58 102.68 -10.98
C GLU DA 654 -105.19 104.14 -11.17
N ARG DA 655 -105.29 104.64 -12.41
CA ARG DA 655 -104.98 106.05 -12.65
C ARG DA 655 -105.86 106.97 -11.84
N ASN DA 656 -107.10 106.56 -11.55
CA ASN DA 656 -107.99 107.33 -10.72
C ASN DA 656 -107.79 107.04 -9.24
N PHE DA 657 -107.54 105.78 -8.88
CA PHE DA 657 -107.35 105.44 -7.48
C PHE DA 657 -106.13 106.12 -6.90
N CYS DA 658 -105.00 106.09 -7.62
CA CYS DA 658 -103.78 106.71 -7.12
C CYS DA 658 -103.92 108.22 -6.98
N ALA DA 659 -104.80 108.85 -7.74
CA ALA DA 659 -105.04 110.27 -7.61
C ALA DA 659 -106.04 110.60 -6.51
N LEU DA 660 -107.03 109.75 -6.31
CA LEU DA 660 -108.05 109.98 -5.29
C LEU DA 660 -107.68 109.38 -3.95
N LEU DA 661 -106.48 108.82 -3.82
CA LEU DA 661 -106.03 108.24 -2.56
C LEU DA 661 -106.24 109.18 -1.38
N ARG DA 662 -106.00 110.48 -1.59
CA ARG DA 662 -106.10 111.44 -0.50
C ARG DA 662 -107.51 111.48 0.08
N LEU DA 663 -108.51 111.62 -0.79
CA LEU DA 663 -109.90 111.72 -0.33
C LEU DA 663 -110.38 110.39 0.25
N LEU DA 664 -109.93 109.27 -0.32
CA LEU DA 664 -110.43 107.96 0.10
C LEU DA 664 -110.04 107.64 1.53
N THR DA 665 -108.80 107.93 1.91
CA THR DA 665 -108.38 107.71 3.29
C THR DA 665 -109.26 108.47 4.27
N GLN DA 666 -109.47 109.75 4.00
CA GLN DA 666 -110.23 110.59 4.90
C GLN DA 666 -111.67 110.13 4.99
N CYS DA 667 -112.30 109.81 3.85
CA CYS DA 667 -113.70 109.40 3.90
C CYS DA 667 -113.85 108.04 4.57
N ILE DA 668 -112.90 107.13 4.35
CA ILE DA 668 -112.97 105.82 5.00
C ILE DA 668 -112.83 105.98 6.51
N ARG DA 669 -111.87 106.79 6.95
CA ARG DA 669 -111.72 107.01 8.38
C ARG DA 669 -112.96 107.66 8.98
N GLY DA 670 -113.54 108.64 8.27
CA GLY DA 670 -114.73 109.28 8.78
C GLY DA 670 -115.91 108.33 8.87
N TYR DA 671 -116.07 107.44 7.89
CA TYR DA 671 -117.16 106.48 7.94
C TYR DA 671 -116.93 105.43 9.02
N TRP DA 672 -115.67 105.04 9.26
CA TRP DA 672 -115.42 104.02 10.26
C TRP DA 672 -115.59 104.58 11.67
N GLU DA 673 -114.91 105.68 11.98
CA GLU DA 673 -114.95 106.17 13.34
C GLU DA 673 -116.25 106.94 13.60
N GLN DA 674 -117.37 106.36 13.20
CA GLN DA 674 -118.69 106.84 13.60
C GLN DA 674 -119.54 105.67 14.05
N SER DA 675 -119.35 104.51 13.43
CA SER DA 675 -120.17 103.34 13.70
C SER DA 675 -119.42 102.02 13.70
N HIS DA 676 -118.09 102.03 13.53
CA HIS DA 676 -117.28 100.81 13.47
C HIS DA 676 -117.78 99.89 12.35
N ARG DA 677 -117.77 100.42 11.12
CA ARG DA 677 -118.17 99.67 9.95
C ARG DA 677 -117.19 99.95 8.81
N VAL DA 678 -116.86 98.92 8.07
CA VAL DA 678 -115.98 99.03 6.91
C VAL DA 678 -116.83 99.36 5.69
N ALA DA 679 -116.20 100.01 4.70
CA ALA DA 679 -116.90 100.45 3.50
C ALA DA 679 -116.19 99.91 2.27
N PHE DA 680 -116.76 100.21 1.10
CA PHE DA 680 -116.19 99.82 -0.20
C PHE DA 680 -116.05 98.30 -0.31
N VAL DA 681 -117.12 97.58 0.04
CA VAL DA 681 -117.15 96.13 -0.13
C VAL DA 681 -117.80 95.73 -1.45
N ASN DA 682 -118.54 96.65 -2.09
CA ASN DA 682 -119.28 96.32 -3.31
C ASN DA 682 -118.35 95.73 -4.37
N ASN DA 683 -117.30 96.46 -4.74
CA ASN DA 683 -116.46 96.08 -5.86
C ASN DA 683 -115.26 95.27 -5.38
N PHE DA 684 -114.81 94.35 -6.24
CA PHE DA 684 -113.62 93.59 -5.98
C PHE DA 684 -112.35 94.36 -6.29
N HIS DA 685 -112.42 95.35 -7.17
CA HIS DA 685 -111.26 96.20 -7.44
C HIS DA 685 -111.23 97.40 -6.50
N MET DA 686 -111.45 97.15 -5.22
CA MET DA 686 -111.21 98.19 -4.22
C MET DA 686 -110.39 97.70 -3.05
N LEU DA 687 -110.65 96.49 -2.57
CA LEU DA 687 -109.93 96.00 -1.41
C LEU DA 687 -108.50 95.61 -1.78
N MET DA 688 -108.29 95.13 -3.01
CA MET DA 688 -106.93 94.87 -3.46
C MET DA 688 -106.13 96.16 -3.54
N TYR DA 689 -106.72 97.21 -4.10
CA TYR DA 689 -106.05 98.50 -4.16
C TYR DA 689 -105.76 99.03 -2.77
N ILE DA 690 -106.72 98.90 -1.85
CA ILE DA 690 -106.53 99.37 -0.48
C ILE DA 690 -105.37 98.63 0.17
N THR DA 691 -105.39 97.30 0.10
CA THR DA 691 -104.34 96.51 0.73
C THR DA 691 -102.99 96.74 0.10
N THR DA 692 -102.94 97.08 -1.19
CA THR DA 692 -101.66 97.29 -1.84
C THR DA 692 -101.08 98.67 -1.53
N TYR DA 693 -101.94 99.69 -1.45
CA TYR DA 693 -101.46 101.06 -1.26
C TYR DA 693 -101.45 101.47 0.21
N LEU DA 694 -102.60 101.41 0.86
CA LEU DA 694 -102.70 101.78 2.28
C LEU DA 694 -102.37 100.58 3.17
N GLY DA 695 -101.24 99.94 2.90
CA GLY DA 695 -100.86 98.76 3.64
C GLY DA 695 -99.69 99.02 4.58
N ASN DA 696 -99.43 100.29 4.85
CA ASN DA 696 -98.30 100.69 5.68
C ASN DA 696 -98.69 101.19 7.06
N GLY DA 697 -99.96 101.54 7.27
CA GLY DA 697 -100.39 102.03 8.56
C GLY DA 697 -101.18 103.32 8.46
N GLU DA 698 -101.58 103.69 7.25
CA GLU DA 698 -102.38 104.90 7.06
C GLU DA 698 -103.70 104.80 7.81
N LEU DA 699 -104.42 103.70 7.63
CA LEU DA 699 -105.64 103.43 8.38
C LEU DA 699 -105.30 102.75 9.69
N PRO DA 700 -106.21 102.79 10.67
CA PRO DA 700 -105.95 102.07 11.92
C PRO DA 700 -105.75 100.58 11.68
N GLU DA 701 -105.20 99.92 12.69
CA GLU DA 701 -104.84 98.50 12.61
C GLU DA 701 -106.07 97.59 12.53
N VAL DA 702 -107.28 98.12 12.45
CA VAL DA 702 -108.49 97.30 12.47
C VAL DA 702 -109.02 97.07 11.07
N CYS DA 703 -109.25 98.15 10.31
CA CYS DA 703 -109.82 98.00 8.96
C CYS DA 703 -108.86 97.28 8.03
N ILE DA 704 -107.57 97.60 8.12
CA ILE DA 704 -106.58 96.91 7.31
C ILE DA 704 -106.54 95.43 7.68
N ASN DA 705 -106.77 95.11 8.95
CA ASN DA 705 -106.80 93.72 9.37
C ASN DA 705 -108.02 93.00 8.82
N ILE DA 706 -109.17 93.70 8.78
CA ILE DA 706 -110.36 93.11 8.19
C ILE DA 706 -110.12 92.82 6.70
N TYR DA 707 -109.52 93.76 6.00
CA TYR DA 707 -109.23 93.55 4.58
C TYR DA 707 -108.27 92.39 4.38
N ARG DA 708 -107.23 92.31 5.21
CA ARG DA 708 -106.29 91.20 5.10
C ARG DA 708 -106.95 89.87 5.40
N ASP DA 709 -107.88 89.85 6.37
CA ASP DA 709 -108.58 88.62 6.68
C ASP DA 709 -109.45 88.16 5.52
N LEU DA 710 -110.15 89.10 4.88
CA LEU DA 710 -110.94 88.73 3.70
C LEU DA 710 -110.06 88.19 2.59
N LEU DA 711 -108.94 88.87 2.32
CA LEU DA 711 -108.03 88.42 1.28
C LEU DA 711 -107.48 87.03 1.59
N GLN DA 712 -107.13 86.78 2.85
CA GLN DA 712 -106.59 85.49 3.24
C GLN DA 712 -107.64 84.40 3.11
N HIS DA 713 -108.90 84.72 3.43
CA HIS DA 713 -109.96 83.73 3.26
C HIS DA 713 -110.15 83.38 1.79
N VAL DA 714 -110.11 84.39 0.92
CA VAL DA 714 -110.22 84.11 -0.51
C VAL DA 714 -109.07 83.24 -0.99
N ARG DA 715 -107.84 83.57 -0.54
CA ARG DA 715 -106.68 82.77 -0.95
C ARG DA 715 -106.77 81.35 -0.42
N ALA DA 716 -107.30 81.18 0.80
CA ALA DA 716 -107.44 79.84 1.36
C ALA DA 716 -108.48 79.04 0.58
N LEU DA 717 -109.55 79.69 0.13
CA LEU DA 717 -110.52 79.00 -0.72
C LEU DA 717 -109.87 78.54 -2.02
N ARG DA 718 -109.12 79.43 -2.67
CA ARG DA 718 -108.41 79.04 -3.90
C ARG DA 718 -107.45 77.88 -3.64
N GLN DA 719 -106.78 77.92 -2.48
CA GLN DA 719 -105.82 76.87 -2.15
C GLN DA 719 -106.52 75.54 -1.94
N THR DA 720 -107.67 75.54 -1.26
CA THR DA 720 -108.44 74.32 -1.12
C THR DA 720 -108.87 73.78 -2.47
N ILE DA 721 -109.27 74.68 -3.38
CA ILE DA 721 -109.63 74.27 -4.73
C ILE DA 721 -108.48 73.51 -5.38
N THR DA 722 -107.29 74.12 -5.38
CA THR DA 722 -106.18 73.47 -6.06
C THR DA 722 -105.65 72.27 -5.29
N ASP DA 723 -106.01 72.14 -4.01
CA ASP DA 723 -105.55 70.99 -3.23
C ASP DA 723 -106.42 69.76 -3.43
N PHE DA 724 -107.73 69.96 -3.60
CA PHE DA 724 -108.65 68.82 -3.69
C PHE DA 724 -108.72 68.22 -5.08
N THR DA 725 -107.72 68.46 -5.92
CA THR DA 725 -107.66 67.86 -7.24
C THR DA 725 -106.29 67.25 -7.46
N ILE DA 726 -106.18 66.42 -8.49
CA ILE DA 726 -104.92 65.78 -8.86
C ILE DA 726 -104.30 66.58 -9.99
N GLN DA 727 -103.02 66.89 -9.86
CA GLN DA 727 -102.31 67.75 -10.79
C GLN DA 727 -101.46 66.92 -11.74
N GLY DA 728 -101.37 67.37 -12.99
CA GLY DA 728 -100.48 66.74 -13.94
C GLY DA 728 -101.17 66.15 -15.17
N GLU DA 729 -102.32 66.70 -15.55
CA GLU DA 729 -102.98 66.25 -16.76
C GLU DA 729 -103.80 67.41 -17.34
N GLY DA 730 -103.71 67.57 -18.66
CA GLY DA 730 -104.44 68.60 -19.35
C GLY DA 730 -104.74 68.24 -20.79
N HIS DA 731 -105.99 68.33 -21.19
CA HIS DA 731 -106.40 67.96 -22.53
C HIS DA 731 -106.27 69.15 -23.47
N ASN DA 732 -106.87 69.03 -24.66
CA ASN DA 732 -106.72 70.06 -25.69
C ASN DA 732 -107.10 71.43 -25.17
N GLY DA 733 -108.16 71.51 -24.38
CA GLY DA 733 -108.55 72.77 -23.77
C GLY DA 733 -107.75 73.07 -22.53
N GLU DA 734 -108.42 73.52 -21.47
CA GLU DA 734 -107.75 73.81 -20.22
C GLU DA 734 -107.43 72.52 -19.49
N THR DA 735 -106.52 72.61 -18.53
CA THR DA 735 -106.00 71.47 -17.80
C THR DA 735 -106.93 70.99 -16.67
N SER DA 736 -106.35 70.19 -15.77
CA SER DA 736 -107.10 69.60 -14.67
C SER DA 736 -107.92 70.62 -13.90
N GLU DA 737 -107.41 71.84 -13.73
CA GLU DA 737 -108.04 72.80 -12.84
C GLU DA 737 -109.48 73.10 -13.25
N ALA DA 738 -109.66 73.71 -14.42
CA ALA DA 738 -111.01 73.99 -14.90
C ALA DA 738 -111.64 72.80 -15.59
N LEU DA 739 -110.92 71.69 -15.74
CA LEU DA 739 -111.61 70.44 -16.07
C LEU DA 739 -112.35 69.89 -14.86
N ASN DA 740 -111.90 70.24 -13.65
CA ASN DA 740 -112.53 69.75 -12.44
C ASN DA 740 -113.53 70.76 -11.89
N ASN DA 741 -113.13 72.02 -11.78
CA ASN DA 741 -113.95 73.05 -11.16
C ASN DA 741 -114.34 74.11 -12.18
N ILE DA 742 -115.11 75.09 -11.71
CA ILE DA 742 -115.59 76.18 -12.55
C ILE DA 742 -114.99 77.52 -12.14
N LEU DA 743 -114.81 77.75 -10.85
CA LEU DA 743 -114.21 79.00 -10.39
C LEU DA 743 -112.82 79.22 -10.96
N THR DA 744 -112.16 78.17 -11.43
CA THR DA 744 -110.85 78.29 -12.08
C THR DA 744 -110.97 78.21 -13.59
N ASP DA 745 -112.15 78.47 -14.15
CA ASP DA 745 -112.36 78.42 -15.58
C ASP DA 745 -112.38 79.83 -16.17
N ASP DA 746 -111.85 79.96 -17.38
CA ASP DA 746 -111.85 81.23 -18.08
C ASP DA 746 -113.09 81.44 -18.92
N THR DA 747 -113.76 80.36 -19.33
CA THR DA 747 -115.00 80.50 -20.07
C THR DA 747 -116.07 81.19 -19.22
N PHE DA 748 -116.09 80.90 -17.91
CA PHE DA 748 -116.97 81.60 -17.00
C PHE DA 748 -116.47 83.01 -16.77
N ILE DA 749 -117.41 83.92 -16.48
CA ILE DA 749 -117.10 85.33 -16.30
C ILE DA 749 -117.75 85.82 -15.02
N ALA DA 750 -117.16 86.86 -14.44
CA ALA DA 750 -117.71 87.49 -13.26
C ALA DA 750 -118.98 88.25 -13.61
N PRO DA 751 -119.86 88.48 -12.63
CA PRO DA 751 -121.09 89.24 -12.91
C PRO DA 751 -120.84 90.70 -13.21
N ILE DA 752 -119.64 91.23 -12.92
CA ILE DA 752 -119.31 92.63 -13.18
C ILE DA 752 -117.94 92.67 -13.86
N LEU DA 753 -117.84 93.45 -14.93
CA LEU DA 753 -116.59 93.62 -15.65
C LEU DA 753 -116.26 95.10 -15.74
N TRP DA 754 -115.02 95.45 -15.40
CA TRP DA 754 -114.55 96.83 -15.52
C TRP DA 754 -113.55 97.02 -16.65
N ASP DA 755 -112.97 95.94 -17.16
CA ASP DA 755 -112.08 95.99 -18.31
C ASP DA 755 -112.30 94.74 -19.17
N CYS DA 756 -111.87 94.84 -20.43
CA CYS DA 756 -112.08 93.79 -21.41
C CYS DA 756 -111.04 92.68 -21.33
N ASP DA 757 -110.13 92.73 -20.35
CA ASP DA 757 -109.13 91.68 -20.21
C ASP DA 757 -109.77 90.32 -19.94
N ALA DA 758 -110.89 90.29 -19.22
CA ALA DA 758 -111.60 89.04 -19.02
C ALA DA 758 -112.11 88.47 -20.34
N LEU DA 759 -112.63 89.33 -21.21
CA LEU DA 759 -113.06 88.88 -22.53
C LEU DA 759 -111.87 88.37 -23.34
N ILE DA 760 -110.74 89.05 -23.27
CA ILE DA 760 -109.54 88.59 -23.98
C ILE DA 760 -109.15 87.21 -23.50
N TYR DA 761 -109.13 87.01 -22.17
CA TYR DA 761 -108.76 85.72 -21.62
C TYR DA 761 -109.75 84.64 -22.03
N ARG DA 762 -111.05 84.96 -22.02
CA ARG DA 762 -112.04 83.97 -22.41
C ARG DA 762 -111.89 83.57 -23.87
N ASP DA 763 -111.62 84.55 -24.75
CA ASP DA 763 -111.44 84.23 -26.16
C ASP DA 763 -110.15 83.44 -26.38
N GLU DA 764 -109.11 83.71 -25.59
CA GLU DA 764 -107.84 83.02 -25.81
C GLU DA 764 -107.85 81.62 -25.23
N ALA DA 765 -108.57 81.39 -24.13
CA ALA DA 765 -108.44 80.15 -23.40
C ALA DA 765 -109.05 78.98 -24.17
N ALA DA 766 -110.35 79.04 -24.43
CA ALA DA 766 -111.03 77.89 -25.00
C ALA DA 766 -110.58 77.63 -26.44
N ARG DA 767 -110.89 78.56 -27.34
CA ARG DA 767 -110.49 78.51 -28.75
C ARG DA 767 -110.94 77.24 -29.46
N ASP DA 768 -111.71 76.39 -28.78
CA ASP DA 768 -112.20 75.15 -29.38
C ASP DA 768 -113.72 75.09 -29.41
N ARG DA 769 -114.38 75.29 -28.28
CA ARG DA 769 -115.83 75.36 -28.25
C ARG DA 769 -116.28 76.64 -28.92
N LEU DA 770 -117.25 76.52 -29.83
CA LEU DA 770 -117.70 77.62 -30.67
C LEU DA 770 -118.21 78.78 -29.81
N PRO DA 771 -117.48 79.89 -29.75
CA PRO DA 771 -117.90 81.01 -28.91
C PRO DA 771 -118.74 82.03 -29.67
N ALA DA 772 -119.67 82.65 -28.95
CA ALA DA 772 -120.51 83.68 -29.50
C ALA DA 772 -120.71 84.77 -28.46
N ILE DA 773 -120.62 86.03 -28.89
CA ILE DA 773 -120.73 87.18 -28.00
C ILE DA 773 -121.68 88.19 -28.62
N ARG DA 774 -122.68 88.60 -27.85
CA ARG DA 774 -123.62 89.64 -28.25
C ARG DA 774 -123.48 90.81 -27.28
N VAL DA 775 -123.11 91.97 -27.81
CA VAL DA 775 -122.94 93.18 -27.01
C VAL DA 775 -123.87 94.22 -27.59
N SER DA 776 -125.10 94.28 -27.04
CA SER DA 776 -126.11 95.28 -27.41
C SER DA 776 -126.25 95.40 -28.93
N GLY DA 777 -126.63 94.29 -29.55
CA GLY DA 777 -126.82 94.29 -30.98
C GLY DA 777 -125.79 93.48 -31.74
N ARG DA 778 -124.86 94.17 -32.42
CA ARG DA 778 -123.86 93.50 -33.24
C ARG DA 778 -123.04 92.52 -32.40
N ASN DA 779 -122.53 91.49 -33.07
CA ASN DA 779 -121.72 90.47 -32.44
C ASN DA 779 -120.25 90.86 -32.53
N GLY DA 780 -119.58 90.92 -31.39
CA GLY DA 780 -118.19 91.31 -31.36
C GLY DA 780 -118.00 92.70 -30.75
N TYR DA 781 -117.14 92.80 -29.76
CA TYR DA 781 -116.92 94.06 -29.07
C TYR DA 781 -115.76 94.83 -29.70
N GLN DA 782 -115.79 96.15 -29.51
CA GLN DA 782 -114.74 97.04 -29.99
C GLN DA 782 -114.14 97.77 -28.82
N ALA DA 783 -112.87 97.49 -28.53
CA ALA DA 783 -112.17 98.09 -27.41
C ALA DA 783 -111.36 99.30 -27.87
N LEU DA 784 -111.39 100.36 -27.06
CA LEU DA 784 -110.62 101.56 -27.34
C LEU DA 784 -110.01 102.07 -26.04
N HIS DA 785 -109.07 103.00 -26.18
CA HIS DA 785 -108.33 103.52 -25.04
C HIS DA 785 -109.18 104.56 -24.32
N PHE DA 786 -108.54 105.32 -23.43
CA PHE DA 786 -109.24 106.30 -22.62
C PHE DA 786 -109.98 107.31 -23.49
N VAL DA 787 -111.05 107.87 -22.92
CA VAL DA 787 -111.90 108.84 -23.60
C VAL DA 787 -111.67 110.20 -22.95
N ASP DA 788 -111.50 111.22 -23.78
CA ASP DA 788 -111.24 112.57 -23.30
C ASP DA 788 -112.48 113.15 -22.61
N MET DA 789 -112.33 114.37 -22.10
CA MET DA 789 -113.44 115.03 -21.42
C MET DA 789 -114.38 115.70 -22.42
N ALA DA 790 -113.85 116.23 -23.52
CA ALA DA 790 -114.67 116.93 -24.49
C ALA DA 790 -115.61 115.95 -25.21
N GLY DA 791 -115.03 114.99 -25.91
CA GLY DA 791 -115.85 114.04 -26.65
C GLY DA 791 -116.14 112.77 -25.86
N HIS DA 792 -117.31 112.72 -25.25
CA HIS DA 792 -117.73 111.56 -24.45
C HIS DA 792 -118.77 110.72 -25.16
N ASN DA 793 -119.77 111.34 -25.79
CA ASN DA 793 -120.79 110.65 -26.59
C ASN DA 793 -121.54 109.64 -25.73
N PHE DA 794 -122.31 110.18 -24.77
CA PHE DA 794 -123.10 109.37 -23.86
C PHE DA 794 -123.92 108.32 -24.59
N GLN DA 795 -124.41 108.63 -25.79
CA GLN DA 795 -125.15 107.68 -26.61
C GLN DA 795 -124.19 107.03 -27.59
N ARG DA 796 -123.94 105.74 -27.42
CA ARG DA 796 -123.01 105.00 -28.26
C ARG DA 796 -123.57 103.61 -28.50
N ARG DA 797 -122.89 102.85 -29.38
CA ARG DA 797 -123.31 101.51 -29.72
C ARG DA 797 -122.09 100.66 -30.05
N ASP DA 798 -121.99 99.51 -29.37
CA ASP DA 798 -120.90 98.55 -29.58
C ASP DA 798 -119.53 99.20 -29.34
N ASN DA 799 -119.34 99.66 -28.11
CA ASN DA 799 -118.07 100.26 -27.71
C ASN DA 799 -117.84 99.98 -26.23
N VAL DA 800 -116.70 99.38 -25.91
CA VAL DA 800 -116.33 99.08 -24.54
C VAL DA 800 -115.01 99.76 -24.23
N LEU DA 801 -114.86 100.19 -22.99
CA LEU DA 801 -113.69 100.94 -22.56
C LEU DA 801 -112.75 100.06 -21.74
N ILE DA 802 -111.48 100.50 -21.68
CA ILE DA 802 -110.48 99.87 -20.84
C ILE DA 802 -109.76 100.87 -19.94
N HIS DA 803 -110.16 102.14 -19.99
CA HIS DA 803 -109.59 103.19 -19.14
C HIS DA 803 -108.10 103.38 -19.40
N GLY DA 804 -107.70 103.23 -20.65
CA GLY DA 804 -106.31 103.42 -21.03
C GLY DA 804 -105.40 102.41 -20.34
N ARG DA 805 -104.18 102.85 -20.09
CA ARG DA 805 -103.17 102.03 -19.43
C ARG DA 805 -102.38 102.88 -18.46
N PRO DA 806 -102.00 102.33 -17.30
CA PRO DA 806 -101.18 103.10 -16.36
C PRO DA 806 -99.74 103.27 -16.82
N VAL DA 807 -99.32 102.54 -17.85
CA VAL DA 807 -97.96 102.66 -18.36
C VAL DA 807 -97.98 102.99 -19.84
N ILE DA 815 -102.11 100.85 -32.50
CA ILE DA 815 -101.66 100.24 -31.27
C ILE DA 815 -102.73 99.30 -30.71
N PRO DA 816 -102.37 98.04 -30.50
CA PRO DA 816 -103.36 97.04 -30.07
C PRO DA 816 -103.62 97.11 -28.58
N ILE DA 817 -104.70 96.44 -28.17
CA ILE DA 817 -105.07 96.38 -26.77
C ILE DA 817 -104.25 95.32 -26.05
N THR DA 818 -104.21 95.40 -24.73
CA THR DA 818 -103.48 94.47 -23.90
C THR DA 818 -104.25 94.20 -22.62
N PRO DA 819 -104.14 92.99 -22.06
CA PRO DA 819 -104.81 92.72 -20.79
C PRO DA 819 -104.25 93.59 -19.68
N HIS DA 820 -105.13 94.00 -18.77
CA HIS DA 820 -104.74 94.94 -17.72
C HIS DA 820 -104.05 94.20 -16.57
N HIS DA 821 -104.76 93.29 -15.92
CA HIS DA 821 -104.24 92.54 -14.80
C HIS DA 821 -103.75 91.17 -15.26
N ASP DA 822 -103.41 90.30 -14.29
CA ASP DA 822 -102.95 88.96 -14.58
C ASP DA 822 -104.14 88.03 -14.74
N ARG DA 823 -103.87 86.72 -14.82
CA ARG DA 823 -104.94 85.74 -15.03
C ARG DA 823 -105.61 85.34 -13.72
N GLU DA 824 -104.82 85.10 -12.68
CA GLU DA 824 -105.39 84.67 -11.40
C GLU DA 824 -106.24 85.75 -10.75
N TRP DA 825 -106.10 87.01 -11.17
CA TRP DA 825 -106.99 88.05 -10.68
C TRP DA 825 -108.43 87.72 -11.03
N GLY DA 826 -108.67 87.21 -12.23
CA GLY DA 826 -110.03 86.82 -12.60
C GLY DA 826 -110.55 85.68 -11.75
N ILE DA 827 -109.70 84.71 -11.44
CA ILE DA 827 -110.11 83.60 -10.58
C ILE DA 827 -110.46 84.11 -9.19
N LEU DA 828 -109.64 85.00 -8.66
CA LEU DA 828 -109.92 85.58 -7.35
C LEU DA 828 -111.24 86.36 -7.38
N SER DA 829 -111.49 87.11 -8.44
CA SER DA 829 -112.71 87.88 -8.54
C SER DA 829 -113.93 86.97 -8.61
N LYS DA 830 -113.84 85.89 -9.39
CA LYS DA 830 -114.94 84.92 -9.46
C LYS DA 830 -115.20 84.31 -8.09
N ILE DA 831 -114.14 83.87 -7.41
CA ILE DA 831 -114.28 83.28 -6.08
C ILE DA 831 -114.98 84.26 -5.15
N TYR DA 832 -114.49 85.50 -5.12
CA TYR DA 832 -115.08 86.52 -4.28
C TYR DA 832 -116.57 86.69 -4.57
N TYR DA 833 -116.89 87.08 -5.81
CA TYR DA 833 -118.26 87.43 -6.16
C TYR DA 833 -119.22 86.24 -6.04
N TYR DA 834 -118.74 85.01 -6.14
CA TYR DA 834 -119.62 83.86 -6.13
C TYR DA 834 -119.63 83.11 -4.81
N ILE DA 835 -118.77 83.49 -3.85
CA ILE DA 835 -118.76 82.86 -2.54
C ILE DA 835 -119.01 83.89 -1.44
N VAL DA 836 -118.15 84.91 -1.35
CA VAL DA 836 -118.17 85.78 -0.18
C VAL DA 836 -119.42 86.67 -0.19
N ILE DA 837 -119.69 87.33 -1.31
CA ILE DA 837 -120.85 88.22 -1.37
C ILE DA 837 -122.16 87.49 -1.12
N PRO DA 838 -122.45 86.35 -1.75
CA PRO DA 838 -123.71 85.66 -1.41
C PRO DA 838 -123.75 85.16 0.01
N ALA DA 839 -122.64 84.61 0.52
CA ALA DA 839 -122.62 84.09 1.87
C ALA DA 839 -122.91 85.16 2.91
N PHE DA 840 -122.64 86.43 2.59
CA PHE DA 840 -122.89 87.53 3.52
C PHE DA 840 -124.20 88.25 3.25
N SER DA 841 -124.71 88.21 2.02
CA SER DA 841 -125.95 88.91 1.72
C SER DA 841 -127.17 88.04 1.96
N ARG DA 842 -127.08 86.74 1.68
CA ARG DA 842 -128.20 85.81 1.79
C ARG DA 842 -129.38 86.27 0.94
N GLY DA 843 -129.10 86.49 -0.34
CA GLY DA 843 -130.13 86.87 -1.28
C GLY DA 843 -130.69 88.26 -1.10
N SER DA 844 -129.94 89.15 -0.44
CA SER DA 844 -130.41 90.52 -0.22
C SER DA 844 -129.80 91.53 -1.19
N CYS DA 845 -128.62 91.24 -1.74
CA CYS DA 845 -127.97 92.17 -2.64
C CYS DA 845 -128.65 92.15 -4.01
N CYS DA 846 -128.31 93.15 -4.82
CA CYS DA 846 -128.79 93.21 -6.19
C CYS DA 846 -127.75 93.92 -7.03
N THR DA 847 -127.89 93.79 -8.36
CA THR DA 847 -127.01 94.47 -9.30
C THR DA 847 -127.85 95.43 -10.13
N MET DA 848 -127.29 96.60 -10.41
CA MET DA 848 -128.02 97.68 -11.07
C MET DA 848 -127.10 98.43 -12.01
N GLY DA 849 -127.70 99.26 -12.86
CA GLY DA 849 -126.97 100.07 -13.81
C GLY DA 849 -127.07 101.54 -13.44
N VAL DA 850 -126.07 102.32 -13.87
CA VAL DA 850 -125.95 103.72 -13.50
C VAL DA 850 -126.31 104.59 -14.70
N ARG DA 851 -126.45 105.89 -14.44
CA ARG DA 851 -126.76 106.88 -15.46
C ARG DA 851 -125.71 107.98 -15.38
N TYR DA 852 -124.63 107.81 -16.16
CA TYR DA 852 -123.56 108.80 -16.16
C TYR DA 852 -124.03 110.15 -16.69
N ASP DA 853 -124.98 110.15 -17.63
CA ASP DA 853 -125.51 111.40 -18.16
C ASP DA 853 -126.15 112.25 -17.09
N ARG DA 854 -126.59 111.65 -15.99
CA ARG DA 854 -127.10 112.39 -14.85
C ARG DA 854 -126.10 112.51 -13.72
N LEU DA 855 -125.14 111.59 -13.64
CA LEU DA 855 -124.13 111.66 -12.58
C LEU DA 855 -123.14 112.78 -12.83
N TYR DA 856 -122.59 112.84 -14.05
CA TYR DA 856 -121.55 113.83 -14.34
C TYR DA 856 -122.00 115.28 -14.16
N PRO DA 857 -123.18 115.70 -14.62
CA PRO DA 857 -123.61 117.08 -14.32
C PRO DA 857 -123.80 117.32 -12.84
N ALA DA 858 -124.12 116.29 -12.06
CA ALA DA 858 -124.38 116.47 -10.65
C ALA DA 858 -123.12 116.55 -9.80
N LEU DA 859 -121.99 116.05 -10.31
CA LEU DA 859 -120.74 116.04 -9.55
C LEU DA 859 -119.83 117.21 -9.87
N GLN DA 860 -120.27 118.15 -10.69
CA GLN DA 860 -119.44 119.27 -11.12
C GLN DA 860 -119.76 120.56 -10.37
N ALA DA 861 -120.10 120.46 -9.08
CA ALA DA 861 -120.44 121.62 -8.26
C ALA DA 861 -119.61 121.58 -6.99
N VAL DA 862 -118.53 122.37 -6.97
CA VAL DA 862 -117.66 122.48 -5.80
C VAL DA 862 -117.62 123.93 -5.35
N ILE DA 863 -117.61 124.14 -4.04
CA ILE DA 863 -117.63 125.48 -3.47
C ILE DA 863 -116.42 125.66 -2.57
N VAL DA 864 -115.30 125.03 -2.92
CA VAL DA 864 -114.09 125.19 -2.11
C VAL DA 864 -113.66 126.66 -2.13
N PRO DA 865 -113.39 127.27 -0.99
CA PRO DA 865 -113.04 128.69 -0.96
C PRO DA 865 -111.56 128.90 -1.22
N GLU DA 866 -111.23 130.15 -1.53
CA GLU DA 866 -109.84 130.53 -1.78
C GLU DA 866 -109.10 130.71 -0.46
N ILE DA 867 -107.92 130.12 -0.38
CA ILE DA 867 -107.09 130.23 0.83
C ILE DA 867 -106.24 131.48 0.73
N PRO DA 868 -106.13 132.27 1.80
CA PRO DA 868 -105.26 133.43 1.77
C PRO DA 868 -103.80 133.03 1.69
N ALA DA 869 -103.00 133.87 1.04
CA ALA DA 869 -101.58 133.63 0.92
C ALA DA 869 -100.92 133.70 2.30
N ASP DA 870 -99.87 132.90 2.48
CA ASP DA 870 -99.13 132.83 3.75
C ASP DA 870 -100.07 132.49 4.91
N GLU DA 871 -101.04 131.61 4.65
CA GLU DA 871 -102.00 131.18 5.64
C GLU DA 871 -102.18 129.68 5.57
N GLU DA 872 -102.81 129.12 6.61
CA GLU DA 872 -103.02 127.69 6.71
C GLU DA 872 -104.48 127.34 6.43
N ALA DA 873 -104.71 126.11 6.04
CA ALA DA 873 -106.06 125.63 5.73
C ALA DA 873 -106.75 125.16 7.00
N PRO DA 874 -107.99 125.56 7.24
CA PRO DA 874 -108.67 125.14 8.47
C PRO DA 874 -109.04 123.67 8.42
N THR DA 875 -108.99 123.04 9.60
CA THR DA 875 -109.25 121.60 9.71
C THR DA 875 -110.71 121.32 10.07
N THR DA 876 -111.17 121.84 11.20
CA THR DA 876 -112.53 121.59 11.64
C THR DA 876 -113.53 122.34 10.77
N PRO DA 877 -114.72 121.78 10.57
CA PRO DA 877 -115.72 122.47 9.74
C PRO DA 877 -116.49 123.53 10.52
N GLU DA 878 -116.02 123.90 11.70
CA GLU DA 878 -116.67 124.93 12.50
C GLU DA 878 -116.44 126.33 11.95
N ASP DA 879 -115.28 126.59 11.43
CA ASP DA 879 -115.01 127.94 10.95
C ASP DA 879 -115.64 128.15 9.58
N PRO DA 880 -116.00 129.40 9.25
CA PRO DA 880 -116.57 129.67 7.92
C PRO DA 880 -115.59 129.43 6.78
N ARG DA 881 -114.30 129.37 7.07
CA ARG DA 881 -113.32 129.10 6.01
C ARG DA 881 -113.38 127.67 5.52
N HIS DA 882 -113.97 126.76 6.29
CA HIS DA 882 -113.99 125.36 5.91
C HIS DA 882 -115.04 125.12 4.83
N PRO DA 883 -114.77 124.21 3.89
CA PRO DA 883 -115.77 123.92 2.84
C PRO DA 883 -117.05 123.34 3.39
N LEU DA 884 -117.00 122.64 4.52
CA LEU DA 884 -118.17 122.00 5.11
C LEU DA 884 -118.93 122.93 6.04
N HIS DA 885 -118.78 124.23 5.89
CA HIS DA 885 -119.46 125.18 6.75
C HIS DA 885 -120.79 125.63 6.14
N ALA DA 886 -121.67 126.14 7.01
CA ALA DA 886 -122.96 126.63 6.55
C ALA DA 886 -122.81 127.85 5.67
N HIS DA 887 -121.77 128.65 5.88
CA HIS DA 887 -121.54 129.82 5.03
C HIS DA 887 -121.22 129.40 3.60
N GLN DA 888 -120.66 128.20 3.41
CA GLN DA 888 -120.30 127.70 2.10
C GLN DA 888 -121.15 126.51 1.69
N LEU DA 889 -122.24 126.24 2.40
CA LEU DA 889 -123.15 125.15 2.08
C LEU DA 889 -124.34 125.72 1.33
N VAL DA 890 -124.53 125.30 0.09
CA VAL DA 890 -125.61 125.79 -0.75
C VAL DA 890 -126.31 124.61 -1.40
N PRO DA 891 -127.60 124.70 -1.70
CA PRO DA 891 -128.31 123.55 -2.28
C PRO DA 891 -127.79 123.19 -3.65
N ASN DA 892 -128.03 121.93 -4.03
CA ASN DA 892 -127.64 121.39 -5.32
C ASN DA 892 -126.13 121.52 -5.54
N SER DA 893 -125.38 120.92 -4.62
CA SER DA 893 -123.92 120.93 -4.69
C SER DA 893 -123.41 119.65 -4.05
N LEU DA 894 -122.08 119.53 -3.97
CA LEU DA 894 -121.46 118.36 -3.34
C LEU DA 894 -121.23 118.56 -1.86
N ASN DA 895 -121.12 119.81 -1.41
CA ASN DA 895 -120.95 120.05 0.02
C ASN DA 895 -122.17 119.58 0.81
N VAL DA 896 -123.37 119.73 0.23
CA VAL DA 896 -124.56 119.27 0.93
C VAL DA 896 -124.61 117.75 0.98
N TYR DA 897 -124.13 117.08 -0.08
CA TYR DA 897 -124.05 115.63 -0.05
C TYR DA 897 -123.09 115.16 1.02
N PHE DA 898 -121.92 115.79 1.11
CA PHE DA 898 -120.95 115.39 2.12
C PHE DA 898 -121.44 115.71 3.52
N HIS DA 899 -122.18 116.80 3.69
CA HIS DA 899 -122.73 117.12 5.00
C HIS DA 899 -123.79 116.11 5.41
N ASN DA 900 -124.66 115.71 4.47
CA ASN DA 900 -125.63 114.66 4.76
C ASN DA 900 -124.92 113.36 5.11
N ALA DA 901 -123.84 113.04 4.40
CA ALA DA 901 -123.04 111.87 4.74
C ALA DA 901 -122.30 112.03 6.06
N HIS DA 902 -122.21 113.26 6.58
CA HIS DA 902 -121.59 113.55 7.86
C HIS DA 902 -120.11 113.16 7.88
N LEU DA 903 -119.38 113.65 6.88
CA LEU DA 903 -117.95 113.42 6.76
C LEU DA 903 -117.21 114.74 6.79
N THR DA 904 -115.91 114.65 7.07
CA THR DA 904 -115.03 115.83 7.16
C THR DA 904 -113.92 115.67 6.13
N VAL DA 905 -113.83 116.62 5.20
CA VAL DA 905 -112.83 116.59 4.14
C VAL DA 905 -112.20 117.96 3.99
N ASP DA 906 -111.02 117.98 3.37
CA ASP DA 906 -110.31 119.22 3.10
C ASP DA 906 -110.58 119.68 1.66
N GLY DA 907 -109.84 120.68 1.21
CA GLY DA 907 -110.05 121.23 -0.11
C GLY DA 907 -109.35 120.50 -1.23
N ASP DA 908 -108.14 119.98 -0.96
CA ASP DA 908 -107.40 119.27 -1.99
C ASP DA 908 -108.11 117.99 -2.39
N ALA DA 909 -108.74 117.30 -1.43
CA ALA DA 909 -109.47 116.09 -1.74
C ALA DA 909 -110.60 116.36 -2.73
N LEU DA 910 -111.25 117.51 -2.58
CA LEU DA 910 -112.30 117.88 -3.53
C LEU DA 910 -111.73 118.36 -4.85
N LEU DA 911 -110.58 119.04 -4.81
CA LEU DA 911 -109.96 119.51 -6.05
C LEU DA 911 -109.48 118.35 -6.91
N THR DA 912 -109.19 117.21 -6.29
CA THR DA 912 -108.78 116.04 -7.06
C THR DA 912 -109.84 115.56 -8.05
N LEU DA 913 -111.10 115.99 -7.89
CA LEU DA 913 -112.13 115.58 -8.83
C LEU DA 913 -111.89 116.13 -10.22
N GLN DA 914 -111.33 117.34 -10.31
CA GLN DA 914 -111.00 117.89 -11.63
C GLN DA 914 -109.97 117.02 -12.34
N GLU DA 915 -109.00 116.49 -11.60
CA GLU DA 915 -108.03 115.58 -12.20
C GLU DA 915 -108.66 114.25 -12.55
N LEU DA 916 -109.62 113.80 -11.72
CA LEU DA 916 -110.37 112.59 -12.05
C LEU DA 916 -111.10 112.74 -13.37
N MET DA 917 -111.65 113.93 -13.62
CA MET DA 917 -112.52 114.16 -14.77
C MET DA 917 -111.86 113.88 -16.11
N GLY DA 918 -110.57 113.58 -16.11
CA GLY DA 918 -109.86 113.22 -17.32
C GLY DA 918 -110.50 112.04 -18.04
N ASP DA 919 -110.47 110.88 -17.43
CA ASP DA 919 -111.15 109.71 -17.99
C ASP DA 919 -112.64 109.82 -17.73
N MET DA 920 -113.42 109.13 -18.57
CA MET DA 920 -114.86 109.19 -18.49
C MET DA 920 -115.44 107.79 -18.61
N ALA DA 921 -116.72 107.66 -18.28
CA ALA DA 921 -117.46 106.42 -18.42
C ALA DA 921 -118.76 106.72 -19.15
N GLU DA 922 -118.93 106.14 -20.33
CA GLU DA 922 -120.08 106.46 -21.17
C GLU DA 922 -121.36 105.91 -20.57
N ARG DA 923 -121.46 104.59 -20.46
CA ARG DA 923 -122.69 103.96 -19.98
C ARG DA 923 -122.36 102.53 -19.57
N THR DA 924 -123.28 101.94 -18.82
CA THR DA 924 -123.23 100.52 -18.48
C THR DA 924 -124.03 99.74 -19.52
N THR DA 925 -123.52 98.56 -19.88
CA THR DA 925 -124.13 97.80 -20.96
C THR DA 925 -124.22 96.33 -20.56
N ALA DA 926 -124.78 95.53 -21.45
CA ALA DA 926 -124.99 94.11 -21.21
C ALA DA 926 -124.22 93.28 -22.23
N ILE DA 927 -123.73 92.13 -21.78
CA ILE DA 927 -122.98 91.21 -22.64
C ILE DA 927 -123.59 89.82 -22.47
N LEU DA 928 -123.76 89.12 -23.58
CA LEU DA 928 -124.27 87.75 -23.57
C LEU DA 928 -123.28 86.86 -24.29
N VAL DA 929 -122.61 85.98 -23.53
CA VAL DA 929 -121.64 85.06 -24.08
C VAL DA 929 -122.26 83.66 -24.12
N SER DA 930 -121.81 82.86 -25.08
CA SER DA 930 -122.33 81.51 -25.27
C SER DA 930 -121.21 80.62 -25.78
N SER DA 931 -121.12 79.41 -25.24
CA SER DA 931 -120.11 78.45 -25.64
C SER DA 931 -120.66 77.03 -25.50
N ALA DA 932 -119.96 76.10 -26.13
CA ALA DA 932 -120.31 74.69 -26.05
C ALA DA 932 -119.83 74.11 -24.74
N PRO DA 933 -120.29 72.91 -24.38
CA PRO DA 933 -119.71 72.24 -23.20
C PRO DA 933 -118.25 71.91 -23.42
N ASP DA 934 -117.52 71.72 -22.32
CA ASP DA 934 -116.09 71.52 -22.36
C ASP DA 934 -115.75 70.17 -23.00
N ALA DA 935 -114.46 69.94 -23.21
CA ALA DA 935 -113.99 68.69 -23.81
C ALA DA 935 -114.17 67.49 -22.89
N GLY DA 936 -114.51 67.71 -21.62
CA GLY DA 936 -114.71 66.57 -20.73
C GLY DA 936 -115.96 65.78 -21.05
N ALA DA 937 -117.03 66.47 -21.44
CA ALA DA 937 -118.28 65.83 -21.80
C ALA DA 937 -118.70 66.09 -23.24
N ALA DA 938 -117.78 66.58 -24.07
CA ALA DA 938 -118.10 66.90 -25.46
C ALA DA 938 -118.26 65.62 -26.26
N THR DA 939 -119.50 65.26 -26.57
CA THR DA 939 -119.79 64.13 -27.43
C THR DA 939 -120.43 64.65 -28.73
N ALA DA 940 -120.78 63.70 -29.60
CA ALA DA 940 -121.37 64.06 -30.89
C ALA DA 940 -122.76 64.66 -30.76
N THR DA 941 -123.35 64.67 -29.57
CA THR DA 941 -124.70 65.20 -29.36
C THR DA 941 -124.74 66.40 -28.42
N THR DA 942 -123.91 66.41 -27.38
CA THR DA 942 -123.91 67.55 -26.46
C THR DA 942 -123.35 68.81 -27.09
N ARG DA 943 -122.61 68.67 -28.20
CA ARG DA 943 -122.08 69.86 -28.87
C ARG DA 943 -123.20 70.75 -29.39
N ASN DA 944 -124.36 70.17 -29.70
CA ASN DA 944 -125.49 70.98 -30.10
C ASN DA 944 -126.02 71.82 -28.94
N MET DA 945 -125.92 71.30 -27.72
CA MET DA 945 -126.33 72.07 -26.55
C MET DA 945 -125.37 73.23 -26.31
N ARG DA 946 -125.91 74.33 -25.79
CA ARG DA 946 -125.13 75.53 -25.54
C ARG DA 946 -125.58 76.14 -24.21
N ILE DA 947 -124.66 76.83 -23.55
CA ILE DA 947 -124.92 77.50 -22.30
C ILE DA 947 -124.94 79.00 -22.53
N TYR DA 948 -125.88 79.69 -21.90
CA TYR DA 948 -126.08 81.11 -22.06
C TYR DA 948 -126.04 81.78 -20.70
N ASP DA 949 -125.23 82.83 -20.57
CA ASP DA 949 -125.11 83.58 -19.34
C ASP DA 949 -124.79 85.03 -19.65
N GLY DA 950 -125.46 85.93 -18.94
CA GLY DA 950 -125.28 87.35 -19.17
C GLY DA 950 -124.42 88.03 -18.13
N ALA DA 951 -123.92 89.22 -18.45
CA ALA DA 951 -123.09 89.97 -17.52
C ALA DA 951 -123.23 91.46 -17.83
N LEU DA 952 -122.81 92.28 -16.86
CA LEU DA 952 -122.92 93.73 -16.95
C LEU DA 952 -121.54 94.36 -17.03
N TYR DA 953 -121.44 95.39 -17.88
CA TYR DA 953 -120.23 96.19 -18.02
C TYR DA 953 -120.50 97.55 -17.41
N HIS DA 954 -119.68 97.92 -16.42
CA HIS DA 954 -119.78 99.19 -15.69
C HIS DA 954 -121.06 99.28 -14.86
N GLY DA 955 -121.52 98.13 -14.33
CA GLY DA 955 -122.63 98.12 -13.40
C GLY DA 955 -122.14 98.14 -11.96
N LEU DA 956 -123.10 98.23 -11.04
CA LEU DA 956 -122.80 98.30 -9.62
C LEU DA 956 -123.63 97.28 -8.85
N ILE DA 957 -123.24 97.05 -7.61
CA ILE DA 957 -123.94 96.15 -6.70
C ILE DA 957 -124.40 96.95 -5.49
N MET DA 958 -125.69 96.86 -5.20
CA MET DA 958 -126.29 97.52 -4.04
C MET DA 958 -126.62 96.45 -3.00
N MET DA 959 -126.17 96.68 -1.76
CA MET DA 959 -126.35 95.70 -0.70
C MET DA 959 -127.81 95.62 -0.26
N ALA DA 960 -128.36 96.73 0.23
CA ALA DA 960 -129.72 96.77 0.72
C ALA DA 960 -130.36 98.09 0.29
N TYR DA 961 -131.37 98.00 -0.57
CA TYR DA 961 -132.09 99.17 -1.04
C TYR DA 961 -133.20 99.53 -0.07
N GLN DA 962 -133.38 100.84 0.15
CA GLN DA 962 -134.44 101.33 1.02
C GLN DA 962 -135.25 102.37 0.27
N ALA DA 963 -136.57 102.23 0.30
CA ALA DA 963 -137.47 103.16 -0.35
C ALA DA 963 -138.00 104.23 0.60
N TYR DA 964 -137.55 104.22 1.86
CA TYR DA 964 -138.02 105.17 2.86
C TYR DA 964 -137.08 106.36 3.00
N ASP DA 965 -136.21 106.59 2.01
CA ASP DA 965 -135.32 107.74 2.01
C ASP DA 965 -135.92 108.81 1.10
N GLU DA 966 -136.41 109.89 1.71
CA GLU DA 966 -137.08 110.94 0.97
C GLU DA 966 -136.15 112.08 0.57
N THR DA 967 -134.87 112.03 0.99
CA THR DA 967 -133.95 113.10 0.64
C THR DA 967 -133.62 113.06 -0.86
N ILE DA 968 -133.23 111.90 -1.36
CA ILE DA 968 -132.91 111.72 -2.77
C ILE DA 968 -134.03 110.93 -3.42
N ALA DA 969 -134.45 111.37 -4.60
CA ALA DA 969 -135.53 110.68 -5.32
C ALA DA 969 -135.09 109.28 -5.70
N THR DA 970 -136.04 108.36 -5.67
CA THR DA 970 -135.76 106.97 -6.01
C THR DA 970 -135.44 106.85 -7.49
N GLY DA 971 -134.35 106.17 -7.81
CA GLY DA 971 -133.95 105.99 -9.19
C GLY DA 971 -133.30 107.21 -9.81
N THR DA 972 -132.64 108.04 -9.00
CA THR DA 972 -132.00 109.23 -9.54
C THR DA 972 -130.76 108.87 -10.35
N PHE DA 973 -129.98 107.89 -9.88
CA PHE DA 973 -128.76 107.48 -10.57
C PHE DA 973 -128.65 105.98 -10.78
N PHE DA 974 -129.62 105.18 -10.34
CA PHE DA 974 -129.52 103.74 -10.45
C PHE DA 974 -130.88 103.16 -10.84
N TYR DA 975 -130.84 102.08 -11.61
CA TYR DA 975 -132.03 101.36 -12.03
C TYR DA 975 -131.72 99.87 -12.00
N PRO DA 976 -132.63 99.06 -11.47
CA PRO DA 976 -132.31 97.64 -11.27
C PRO DA 976 -132.36 96.85 -12.57
N VAL DA 977 -131.31 96.07 -12.79
CA VAL DA 977 -131.24 95.16 -13.92
C VAL DA 977 -130.52 93.88 -13.48
N PRO DA 978 -131.16 93.05 -12.67
CA PRO DA 978 -130.49 91.84 -12.18
C PRO DA 978 -130.63 90.67 -13.11
N VAL DA 979 -129.53 89.99 -13.40
CA VAL DA 979 -129.55 88.74 -14.17
C VAL DA 979 -128.77 87.70 -13.37
N ASN DA 980 -129.47 87.01 -12.47
CA ASN DA 980 -128.97 85.84 -11.76
C ASN DA 980 -130.11 85.26 -10.93
N PRO DA 981 -130.15 83.94 -10.73
CA PRO DA 981 -131.03 83.41 -9.68
C PRO DA 981 -130.51 83.70 -8.29
N LEU DA 982 -129.25 84.12 -8.16
CA LEU DA 982 -128.62 84.40 -6.89
C LEU DA 982 -128.59 85.89 -6.56
N PHE DA 983 -128.25 86.73 -7.53
CA PHE DA 983 -128.17 88.17 -7.33
C PHE DA 983 -129.52 88.86 -7.52
N ALA DA 984 -130.61 88.11 -7.50
CA ALA DA 984 -131.93 88.69 -7.68
C ALA DA 984 -132.27 89.60 -6.51
N CYS DA 985 -133.19 90.52 -6.75
CA CYS DA 985 -133.61 91.49 -5.75
C CYS DA 985 -135.12 91.70 -5.83
N PRO DA 986 -135.89 91.09 -4.93
CA PRO DA 986 -137.35 91.27 -4.98
C PRO DA 986 -137.81 92.63 -4.49
N GLU DA 987 -136.94 93.38 -3.80
CA GLU DA 987 -137.31 94.67 -3.24
C GLU DA 987 -136.68 95.85 -3.96
N HIS DA 988 -135.51 95.66 -4.58
CA HIS DA 988 -134.87 96.76 -5.29
C HIS DA 988 -135.68 97.24 -6.48
N LEU DA 989 -136.68 96.47 -6.92
CA LEU DA 989 -137.51 96.87 -8.05
C LEU DA 989 -138.36 98.09 -7.76
N ALA DA 990 -138.48 98.49 -6.49
CA ALA DA 990 -139.24 99.71 -6.18
C ALA DA 990 -138.59 100.93 -6.81
N SER DA 991 -137.28 100.90 -7.03
CA SER DA 991 -136.60 102.01 -7.67
C SER DA 991 -136.92 102.13 -9.16
N LEU DA 992 -137.50 101.10 -9.76
CA LEU DA 992 -137.83 101.14 -11.17
C LEU DA 992 -139.13 101.91 -11.40
N ARG DA 993 -139.20 102.60 -12.52
CA ARG DA 993 -140.38 103.38 -12.85
C ARG DA 993 -141.47 102.47 -13.40
N GLY DA 994 -142.71 102.85 -13.13
CA GLY DA 994 -143.86 102.08 -13.57
C GLY DA 994 -143.94 100.72 -12.92
N MET DA 995 -144.04 100.69 -11.58
CA MET DA 995 -144.12 99.45 -10.82
C MET DA 995 -145.47 99.37 -10.14
N THR DA 996 -146.12 98.21 -10.24
CA THR DA 996 -147.42 97.98 -9.64
C THR DA 996 -147.34 96.85 -8.62
N ASN DA 997 -148.36 96.77 -7.78
CA ASN DA 997 -148.41 95.70 -6.78
C ASN DA 997 -148.47 94.34 -7.45
N ALA DA 998 -149.11 94.25 -8.61
CA ALA DA 998 -149.17 92.98 -9.34
C ALA DA 998 -147.78 92.53 -9.76
N ARG DA 999 -147.02 93.42 -10.41
CA ARG DA 999 -145.66 93.08 -10.80
C ARG DA 999 -144.81 92.77 -9.58
N ARG DA 1000 -145.04 93.48 -8.48
CA ARG DA 1000 -144.25 93.25 -7.26
C ARG DA 1000 -144.50 91.85 -6.70
N VAL DA 1001 -145.76 91.46 -6.57
CA VAL DA 1001 -146.06 90.15 -6.02
C VAL DA 1001 -145.69 89.03 -6.98
N LEU DA 1002 -145.70 89.30 -8.29
CA LEU DA 1002 -145.21 88.29 -9.24
C LEU DA 1002 -143.70 88.11 -9.12
N ALA DA 1003 -142.96 89.20 -9.00
CA ALA DA 1003 -141.52 89.10 -8.87
C ALA DA 1003 -141.11 88.53 -7.51
N LYS DA 1004 -141.97 88.68 -6.51
CA LYS DA 1004 -141.70 88.06 -5.21
C LYS DA 1004 -141.59 86.56 -5.34
N MET DA 1005 -142.41 85.94 -6.20
CA MET DA 1005 -142.35 84.50 -6.42
C MET DA 1005 -141.29 84.14 -7.44
N VAL DA 1006 -141.35 84.74 -8.62
CA VAL DA 1006 -140.45 84.41 -9.73
C VAL DA 1006 -139.35 85.45 -9.77
N PRO DA 1007 -138.07 85.06 -9.77
CA PRO DA 1007 -136.99 86.03 -9.88
C PRO DA 1007 -136.97 86.66 -11.27
N PRO DA 1008 -137.16 87.97 -11.36
CA PRO DA 1008 -137.24 88.62 -12.68
C PRO DA 1008 -135.90 88.66 -13.39
N ILE DA 1009 -135.80 87.97 -14.52
CA ILE DA 1009 -134.59 87.96 -15.34
C ILE DA 1009 -135.01 88.11 -16.79
N PRO DA 1010 -134.52 89.12 -17.51
CA PRO DA 1010 -134.95 89.30 -18.90
C PRO DA 1010 -134.38 88.22 -19.79
N PRO DA 1011 -135.11 87.80 -20.83
CA PRO DA 1011 -134.62 86.71 -21.67
C PRO DA 1011 -133.39 87.08 -22.49
N PHE DA 1012 -133.21 88.36 -22.82
CA PHE DA 1012 -132.02 88.74 -23.57
C PHE DA 1012 -130.76 88.73 -22.75
N LEU DA 1013 -130.85 88.38 -21.45
CA LEU DA 1013 -129.67 88.26 -20.60
C LEU DA 1013 -129.40 86.84 -20.13
N GLY DA 1014 -130.26 85.89 -20.48
CA GLY DA 1014 -130.03 84.50 -20.11
C GLY DA 1014 -131.22 83.86 -19.43
N ALA DA 1015 -131.41 82.58 -19.68
CA ALA DA 1015 -132.48 81.80 -19.07
C ALA DA 1015 -131.92 80.91 -17.98
N ASN DA 1016 -132.82 80.46 -17.10
CA ASN DA 1016 -132.40 79.68 -15.94
C ASN DA 1016 -131.89 78.31 -16.35
N HIS DA 1017 -132.68 77.57 -17.12
CA HIS DA 1017 -132.31 76.22 -17.49
C HIS DA 1017 -131.08 76.16 -18.39
N HIS DA 1018 -130.66 77.28 -18.97
CA HIS DA 1018 -129.48 77.31 -19.81
C HIS DA 1018 -128.26 77.93 -19.14
N ALA DA 1019 -128.45 78.64 -18.03
CA ALA DA 1019 -127.32 79.25 -17.35
C ALA DA 1019 -126.58 78.21 -16.51
N THR DA 1020 -125.45 78.65 -15.94
CA THR DA 1020 -124.65 77.76 -15.10
C THR DA 1020 -125.21 77.71 -13.68
N ILE DA 1021 -125.26 78.85 -13.01
CA ILE DA 1021 -125.86 78.94 -11.68
C ILE DA 1021 -127.37 78.88 -11.83
N ARG DA 1022 -128.00 77.98 -11.08
CA ARG DA 1022 -129.43 77.73 -11.22
C ARG DA 1022 -130.14 77.94 -9.89
N GLN DA 1023 -131.43 77.64 -9.88
CA GLN DA 1023 -132.26 77.89 -8.70
C GLN DA 1023 -131.89 77.07 -7.46
N PRO DA 1024 -131.41 75.81 -7.56
CA PRO DA 1024 -131.13 75.06 -6.33
C PRO DA 1024 -130.09 75.70 -5.44
N VAL DA 1025 -128.96 76.16 -6.00
CA VAL DA 1025 -127.92 76.75 -5.17
C VAL DA 1025 -128.41 78.05 -4.55
N ALA DA 1026 -129.22 78.80 -5.29
CA ALA DA 1026 -129.79 80.03 -4.72
C ALA DA 1026 -130.71 79.71 -3.56
N TYR DA 1027 -131.57 78.71 -3.71
CA TYR DA 1027 -132.42 78.29 -2.60
C TYR DA 1027 -131.58 77.86 -1.41
N HIS DA 1028 -130.50 77.12 -1.66
CA HIS DA 1028 -129.65 76.66 -0.59
C HIS DA 1028 -129.05 77.83 0.18
N VAL DA 1029 -128.51 78.82 -0.54
CA VAL DA 1029 -127.85 79.92 0.14
C VAL DA 1029 -128.86 80.81 0.85
N THR DA 1030 -130.08 80.93 0.33
CA THR DA 1030 -131.05 81.79 0.99
C THR DA 1030 -131.77 81.11 2.14
N HIS DA 1031 -131.77 79.77 2.20
CA HIS DA 1031 -132.50 79.07 3.24
C HIS DA 1031 -131.62 78.38 4.26
N SER DA 1032 -130.33 78.28 4.03
CA SER DA 1032 -129.42 77.65 4.99
C SER DA 1032 -128.97 78.68 6.01
N LYS DA 1033 -129.10 78.35 7.30
CA LYS DA 1033 -128.54 79.16 8.38
C LYS DA 1033 -127.74 78.24 9.30
N SER DA 1034 -126.47 78.05 8.96
CA SER DA 1034 -125.56 77.26 9.77
C SER DA 1034 -124.43 78.09 10.34
N ASP DA 1035 -123.65 78.76 9.50
CA ASP DA 1035 -122.53 79.59 9.91
C ASP DA 1035 -122.08 80.38 8.70
N PHE DA 1036 -120.94 81.07 8.81
CA PHE DA 1036 -120.36 81.80 7.71
C PHE DA 1036 -119.22 81.04 7.05
N ASN DA 1037 -118.23 80.60 7.83
CA ASN DA 1037 -117.14 79.81 7.27
C ASN DA 1037 -117.65 78.50 6.70
N THR DA 1038 -118.51 77.81 7.45
CA THR DA 1038 -119.08 76.56 6.96
C THR DA 1038 -119.92 76.79 5.71
N LEU DA 1039 -120.65 77.90 5.67
CA LEU DA 1039 -121.45 78.20 4.48
C LEU DA 1039 -120.56 78.44 3.27
N THR DA 1040 -119.47 79.20 3.45
CA THR DA 1040 -118.55 79.43 2.34
C THR DA 1040 -117.94 78.13 1.86
N TYR DA 1041 -117.54 77.25 2.78
CA TYR DA 1041 -116.91 76.00 2.37
C TYR DA 1041 -117.92 75.07 1.71
N SER DA 1042 -119.17 75.09 2.16
CA SER DA 1042 -120.19 74.27 1.52
C SER DA 1042 -120.50 74.79 0.12
N LEU DA 1043 -120.53 76.11 -0.05
CA LEU DA 1043 -120.71 76.67 -1.39
C LEU DA 1043 -119.55 76.28 -2.30
N LEU DA 1044 -118.32 76.30 -1.75
CA LEU DA 1044 -117.16 75.89 -2.53
C LEU DA 1044 -117.28 74.43 -2.95
N GLY DA 1045 -117.66 73.56 -2.01
CA GLY DA 1045 -117.83 72.16 -2.34
C GLY DA 1045 -118.92 71.94 -3.38
N GLY DA 1046 -119.99 72.73 -3.29
CA GLY DA 1046 -121.04 72.63 -4.29
C GLY DA 1046 -120.59 73.09 -5.66
N TYR DA 1047 -119.71 74.07 -5.71
CA TYR DA 1047 -119.18 74.57 -6.98
C TYR DA 1047 -118.15 73.59 -7.53
N PHE DA 1048 -118.66 72.51 -8.13
CA PHE DA 1048 -117.81 71.49 -8.74
C PHE DA 1048 -118.53 70.90 -9.94
N LYS DA 1049 -117.74 70.41 -10.90
CA LYS DA 1049 -118.30 69.86 -12.12
C LYS DA 1049 -118.80 68.43 -11.90
N PHE DA 1050 -119.49 67.90 -12.91
CA PHE DA 1050 -120.06 66.56 -12.85
C PHE DA 1050 -119.69 65.73 -14.07
N THR DA 1051 -118.84 66.26 -14.94
CA THR DA 1051 -118.39 65.51 -16.11
C THR DA 1051 -117.59 64.30 -15.67
N PRO DA 1052 -117.58 63.23 -16.48
CA PRO DA 1052 -116.81 62.02 -16.13
C PRO DA 1052 -115.36 62.29 -15.79
N ILE DA 1053 -114.71 63.30 -16.37
CA ILE DA 1053 -113.36 63.66 -15.97
C ILE DA 1053 -113.31 64.24 -14.57
N SER DA 1054 -114.26 65.13 -14.24
CA SER DA 1054 -114.33 65.64 -12.88
C SER DA 1054 -114.57 64.51 -11.89
N LEU DA 1055 -115.39 63.53 -12.29
CA LEU DA 1055 -115.61 62.38 -11.43
C LEU DA 1055 -114.33 61.55 -11.28
N THR DA 1056 -113.59 61.38 -12.36
CA THR DA 1056 -112.31 60.69 -12.28
C THR DA 1056 -111.38 61.38 -11.29
N HIS DA 1057 -111.40 62.71 -11.28
CA HIS DA 1057 -110.58 63.45 -10.32
C HIS DA 1057 -111.09 63.26 -8.89
N GLN DA 1058 -112.40 63.42 -8.70
CA GLN DA 1058 -112.96 63.46 -7.34
C GLN DA 1058 -112.90 62.09 -6.67
N LEU DA 1059 -113.30 61.05 -7.39
CA LEU DA 1059 -113.29 59.69 -6.82
C LEU DA 1059 -111.88 59.27 -6.44
N ARG DA 1060 -110.87 59.85 -7.10
CA ARG DA 1060 -109.49 59.51 -6.77
C ARG DA 1060 -108.97 60.34 -5.60
N THR DA 1061 -109.31 61.63 -5.56
CA THR DA 1061 -108.82 62.47 -4.47
C THR DA 1061 -109.57 62.23 -3.17
N GLY DA 1062 -110.75 61.62 -3.22
CA GLY DA 1062 -111.53 61.35 -2.03
C GLY DA 1062 -112.72 62.26 -1.82
N PHE DA 1063 -112.98 63.18 -2.73
CA PHE DA 1063 -114.10 64.10 -2.59
C PHE DA 1063 -115.40 63.36 -2.84
N HIS DA 1064 -116.31 63.42 -1.89
CA HIS DA 1064 -117.59 62.72 -1.99
C HIS DA 1064 -118.60 63.60 -2.72
N PRO DA 1065 -119.04 63.23 -3.91
CA PRO DA 1065 -120.05 64.02 -4.62
C PRO DA 1065 -121.42 63.74 -4.02
N GLY DA 1066 -122.42 64.46 -4.55
CA GLY DA 1066 -123.78 64.30 -4.09
C GLY DA 1066 -124.50 63.16 -4.78
N ILE DA 1067 -124.07 61.93 -4.49
CA ILE DA 1067 -124.69 60.74 -5.09
C ILE DA 1067 -124.36 59.53 -4.23
N ALA DA 1068 -125.27 58.57 -4.18
CA ALA DA 1068 -125.09 57.34 -3.43
C ALA DA 1068 -125.25 56.15 -4.37
N PHE DA 1069 -124.82 54.98 -3.91
CA PHE DA 1069 -124.86 53.78 -4.71
C PHE DA 1069 -125.41 52.62 -3.89
N THR DA 1070 -126.01 51.66 -4.59
CA THR DA 1070 -126.39 50.38 -4.02
C THR DA 1070 -125.71 49.29 -4.84
N VAL DA 1071 -125.10 48.34 -4.16
CA VAL DA 1071 -124.37 47.26 -4.82
C VAL DA 1071 -125.23 46.01 -4.83
N VAL DA 1072 -125.08 45.20 -5.88
CA VAL DA 1072 -125.80 43.96 -6.04
C VAL DA 1072 -124.78 42.88 -6.41
N ARG DA 1073 -124.89 41.72 -5.76
CA ARG DA 1073 -123.97 40.62 -5.99
C ARG DA 1073 -124.73 39.30 -5.92
N GLN DA 1074 -124.36 38.37 -6.78
CA GLN DA 1074 -124.99 37.06 -6.86
C GLN DA 1074 -123.97 35.99 -6.50
N ASP DA 1075 -124.39 35.05 -5.65
CA ASP DA 1075 -123.54 33.95 -5.23
C ASP DA 1075 -124.28 32.64 -5.44
N ARG DA 1076 -123.51 31.55 -5.49
CA ARG DA 1076 -124.08 30.23 -5.65
C ARG DA 1076 -123.40 29.27 -4.67
N PHE DA 1077 -124.19 28.33 -4.15
CA PHE DA 1077 -123.73 27.37 -3.17
C PHE DA 1077 -124.14 25.96 -3.59
N ALA DA 1078 -123.28 24.98 -3.30
CA ALA DA 1078 -123.62 23.59 -3.55
C ALA DA 1078 -124.31 23.00 -2.33
N THR DA 1079 -125.48 22.43 -2.53
CA THR DA 1079 -126.28 21.86 -1.45
C THR DA 1079 -126.56 20.39 -1.72
N GLU DA 1080 -127.10 19.74 -0.70
CA GLU DA 1080 -127.57 18.37 -0.80
C GLU DA 1080 -129.10 18.37 -0.74
N GLN DA 1081 -129.72 17.59 -1.63
CA GLN DA 1081 -131.16 17.62 -1.79
C GLN DA 1081 -131.78 16.33 -1.29
N LEU DA 1082 -133.10 16.33 -1.17
CA LEU DA 1082 -133.86 15.17 -0.73
C LEU DA 1082 -135.10 15.06 -1.61
N LEU DA 1083 -135.30 13.89 -2.20
CA LEU DA 1083 -136.42 13.65 -3.09
C LEU DA 1083 -137.34 12.59 -2.50
N TYR DA 1084 -138.65 12.84 -2.60
CA TYR DA 1084 -139.66 11.85 -2.24
C TYR DA 1084 -140.58 11.63 -3.43
N ALA DA 1085 -140.87 10.36 -3.71
CA ALA DA 1085 -141.77 9.99 -4.79
C ALA DA 1085 -142.83 9.06 -4.27
N GLU DA 1086 -143.87 8.84 -5.07
CA GLU DA 1086 -144.95 7.94 -4.71
C GLU DA 1086 -144.70 6.55 -5.31
N ARG DA 1087 -145.65 5.64 -5.13
CA ARG DA 1087 -145.50 4.27 -5.59
C ARG DA 1087 -145.48 4.19 -7.11
N ALA DA 1088 -146.56 4.58 -7.76
CA ALA DA 1088 -146.66 4.52 -9.21
C ALA DA 1088 -146.64 5.95 -9.74
N SER DA 1089 -145.44 6.47 -10.01
CA SER DA 1089 -145.29 7.84 -10.48
C SER DA 1089 -145.25 7.97 -11.99
N GLU DA 1090 -144.70 7.01 -12.72
CA GLU DA 1090 -144.58 7.14 -14.16
C GLU DA 1090 -144.72 5.78 -14.82
N SER DA 1091 -145.23 5.80 -16.05
CA SER DA 1091 -145.21 4.64 -16.92
C SER DA 1091 -143.99 4.74 -17.83
N TYR DA 1092 -143.35 3.58 -18.08
CA TYR DA 1092 -142.01 3.54 -18.65
C TYR DA 1092 -141.94 2.41 -19.68
N PHE DA 1093 -142.10 2.75 -20.95
CA PHE DA 1093 -141.97 1.79 -22.04
C PHE DA 1093 -140.50 1.71 -22.44
N VAL DA 1094 -140.01 0.50 -22.67
CA VAL DA 1094 -138.65 0.28 -23.13
C VAL DA 1094 -138.69 -0.58 -24.40
N GLY DA 1095 -137.90 -0.19 -25.40
CA GLY DA 1095 -137.87 -0.91 -26.66
C GLY DA 1095 -136.69 -1.85 -26.75
N GLN DA 1096 -136.44 -2.35 -27.97
CA GLN DA 1096 -135.35 -3.26 -28.24
C GLN DA 1096 -134.09 -2.49 -28.59
N ILE DA 1097 -132.96 -3.16 -28.45
CA ILE DA 1097 -131.65 -2.53 -28.67
C ILE DA 1097 -131.22 -2.77 -30.11
N GLN DA 1098 -130.50 -1.80 -30.67
CA GLN DA 1098 -130.03 -1.85 -32.05
C GLN DA 1098 -128.51 -1.80 -32.05
N VAL DA 1099 -127.90 -2.44 -33.04
CA VAL DA 1099 -126.45 -2.45 -33.21
C VAL DA 1099 -126.10 -1.54 -34.38
N HIS DA 1100 -124.91 -0.94 -34.31
CA HIS DA 1100 -124.46 -0.05 -35.39
C HIS DA 1100 -122.97 -0.25 -35.60
N HIS DA 1101 -122.60 -0.86 -36.72
CA HIS DA 1101 -121.20 -0.96 -37.10
C HIS DA 1101 -120.70 0.39 -37.59
N HIS DA 1102 -119.47 0.73 -37.23
CA HIS DA 1102 -118.90 2.00 -37.65
C HIS DA 1102 -117.39 1.93 -37.53
N ASP DA 1103 -116.70 2.53 -38.50
CA ASP DA 1103 -115.25 2.57 -38.45
C ASP DA 1103 -114.78 3.43 -37.28
N ALA DA 1104 -113.52 3.24 -36.91
CA ALA DA 1104 -112.96 3.90 -35.74
C ALA DA 1104 -111.59 4.46 -36.11
N ILE DA 1105 -110.85 4.92 -35.11
CA ILE DA 1105 -109.55 5.52 -35.36
C ILE DA 1105 -108.51 4.46 -35.66
N GLY DA 1106 -108.52 3.35 -34.92
CA GLY DA 1106 -107.63 2.25 -35.23
C GLY DA 1106 -108.37 0.99 -35.61
N GLY DA 1107 -109.52 0.76 -34.99
CA GLY DA 1107 -110.27 -0.46 -35.24
C GLY DA 1107 -111.69 -0.19 -35.69
N VAL DA 1108 -112.67 -0.79 -35.00
CA VAL DA 1108 -114.08 -0.57 -35.30
C VAL DA 1108 -114.79 -0.14 -34.03
N ASN DA 1109 -115.84 0.64 -34.22
CA ASN DA 1109 -116.62 1.20 -33.11
C ASN DA 1109 -118.07 0.73 -33.24
N PHE DA 1110 -118.51 -0.09 -32.30
CA PHE DA 1110 -119.89 -0.52 -32.23
C PHE DA 1110 -120.69 0.43 -31.36
N THR DA 1111 -121.93 0.69 -31.77
CA THR DA 1111 -122.82 1.59 -31.06
C THR DA 1111 -124.12 0.88 -30.76
N LEU DA 1112 -124.48 0.81 -29.48
CA LEU DA 1112 -125.71 0.17 -29.04
C LEU DA 1112 -126.66 1.24 -28.55
N THR DA 1113 -127.87 1.25 -29.10
CA THR DA 1113 -128.87 2.28 -28.81
C THR DA 1113 -130.19 1.61 -28.45
N GLN DA 1114 -130.88 2.17 -27.46
CA GLN DA 1114 -132.16 1.62 -27.01
C GLN DA 1114 -133.12 2.77 -26.72
N PRO DA 1115 -134.32 2.76 -27.30
CA PRO DA 1115 -135.29 3.83 -27.04
C PRO DA 1115 -136.21 3.51 -25.87
N ARG DA 1116 -136.71 4.57 -25.25
CA ARG DA 1116 -137.65 4.47 -24.15
C ARG DA 1116 -138.63 5.62 -24.22
N ALA DA 1117 -139.74 5.48 -23.51
CA ALA DA 1117 -140.79 6.48 -23.49
C ALA DA 1117 -141.39 6.56 -22.10
N HIS DA 1118 -141.43 7.75 -21.53
CA HIS DA 1118 -141.97 7.93 -20.20
C HIS DA 1118 -143.22 8.81 -20.25
N VAL DA 1119 -144.13 8.57 -19.32
CA VAL DA 1119 -145.32 9.40 -19.19
C VAL DA 1119 -145.69 9.46 -17.71
N ASP DA 1120 -146.29 10.57 -17.29
CA ASP DA 1120 -146.66 10.76 -15.89
C ASP DA 1120 -148.15 10.57 -15.73
N LEU DA 1121 -148.54 9.59 -14.93
CA LEU DA 1121 -149.95 9.31 -14.64
C LEU DA 1121 -150.37 9.99 -13.35
N GLY DA 1122 -150.19 11.31 -13.31
CA GLY DA 1122 -150.51 12.07 -12.13
C GLY DA 1122 -151.71 13.00 -12.31
N VAL DA 1123 -152.65 12.92 -11.37
CA VAL DA 1123 -153.82 13.80 -11.39
C VAL DA 1123 -153.43 15.06 -10.62
N GLY DA 1124 -152.23 15.06 -10.06
CA GLY DA 1124 -151.71 16.18 -9.31
C GLY DA 1124 -150.20 16.17 -9.30
N TYR DA 1125 -149.60 16.49 -8.15
CA TYR DA 1125 -148.16 16.41 -7.98
C TYR DA 1125 -147.82 15.16 -7.20
N THR DA 1126 -146.81 14.43 -7.67
CA THR DA 1126 -146.47 13.13 -7.09
C THR DA 1126 -145.00 13.03 -6.71
N ALA DA 1127 -144.28 14.15 -6.69
CA ALA DA 1127 -142.89 14.17 -6.30
C ALA DA 1127 -142.57 15.47 -5.60
N VAL DA 1128 -141.62 15.43 -4.67
CA VAL DA 1128 -141.22 16.59 -3.87
C VAL DA 1128 -139.71 16.60 -3.77
N CYS DA 1129 -139.11 17.76 -4.06
CA CYS DA 1129 -137.70 17.99 -3.85
C CYS DA 1129 -137.52 19.05 -2.76
N ALA DA 1130 -136.41 18.96 -2.04
CA ALA DA 1130 -136.13 19.90 -0.95
C ALA DA 1130 -134.64 19.98 -0.71
N THR DA 1131 -134.12 21.20 -0.65
CA THR DA 1131 -132.72 21.43 -0.31
C THR DA 1131 -132.55 21.31 1.20
N ALA DA 1132 -131.98 20.19 1.65
CA ALA DA 1132 -131.92 19.90 3.08
C ALA DA 1132 -130.68 20.48 3.74
N ALA DA 1133 -129.50 20.08 3.29
CA ALA DA 1133 -128.25 20.48 3.90
C ALA DA 1133 -127.46 21.38 2.96
N LEU DA 1134 -126.43 22.01 3.51
CA LEU DA 1134 -125.60 22.95 2.77
C LEU DA 1134 -124.14 22.51 2.84
N ARG DA 1135 -123.47 22.49 1.70
CA ARG DA 1135 -122.07 22.15 1.61
C ARG DA 1135 -121.23 23.42 1.48
N CYS DA 1136 -119.94 23.26 1.20
CA CYS DA 1136 -119.04 24.40 1.13
C CYS DA 1136 -119.46 25.36 0.02
N PRO DA 1137 -119.27 26.66 0.23
CA PRO DA 1137 -119.57 27.63 -0.83
C PRO DA 1137 -118.61 27.49 -1.99
N LEU DA 1138 -119.13 27.75 -3.19
CA LEU DA 1138 -118.34 27.63 -4.41
C LEU DA 1138 -117.72 28.96 -4.81
N THR DA 1139 -118.57 29.97 -5.02
CA THR DA 1139 -118.07 31.29 -5.38
C THR DA 1139 -117.51 31.99 -4.15
N ASP DA 1140 -116.94 33.17 -4.38
CA ASP DA 1140 -116.35 33.99 -3.32
C ASP DA 1140 -117.09 35.30 -3.20
N MET DA 1141 -117.21 35.80 -1.97
CA MET DA 1141 -117.88 37.07 -1.70
C MET DA 1141 -116.86 38.22 -1.64
N GLY DA 1142 -116.13 38.38 -2.74
CA GLY DA 1142 -115.12 39.41 -2.83
C GLY DA 1142 -115.68 40.73 -3.29
N ASN DA 1143 -114.77 41.64 -3.63
CA ASN DA 1143 -115.11 42.98 -4.10
C ASN DA 1143 -114.47 43.18 -5.48
N THR DA 1144 -115.21 42.77 -6.51
CA THR DA 1144 -114.76 42.89 -7.90
C THR DA 1144 -115.78 43.73 -8.65
N ALA DA 1145 -115.38 44.94 -9.04
CA ALA DA 1145 -116.26 45.84 -9.75
C ALA DA 1145 -116.44 45.40 -11.20
N GLN DA 1146 -117.54 45.84 -11.79
CA GLN DA 1146 -117.83 45.54 -13.18
C GLN DA 1146 -117.25 46.63 -14.08
N ASN DA 1147 -116.42 46.21 -15.04
CA ASN DA 1147 -115.78 47.14 -15.96
C ASN DA 1147 -116.65 47.27 -17.20
N LEU DA 1148 -117.26 48.45 -17.38
CA LEU DA 1148 -118.15 48.69 -18.50
C LEU DA 1148 -117.42 49.03 -19.78
N PHE DA 1149 -116.11 48.85 -19.83
CA PHE DA 1149 -115.33 49.07 -21.04
C PHE DA 1149 -115.20 47.81 -21.87
N PHE DA 1150 -116.08 46.83 -21.67
CA PHE DA 1150 -116.11 45.62 -22.48
C PHE DA 1150 -117.22 45.65 -23.53
N SER DA 1151 -117.95 46.75 -23.65
CA SER DA 1151 -119.10 46.83 -24.53
C SER DA 1151 -118.98 48.04 -25.46
N ARG DA 1152 -119.35 47.83 -26.72
CA ARG DA 1152 -119.30 48.87 -27.73
C ARG DA 1152 -120.72 49.20 -28.17
N GLY DA 1153 -120.87 50.35 -28.82
CA GLY DA 1153 -122.16 50.73 -29.37
C GLY DA 1153 -122.60 52.14 -29.02
N GLY DA 1154 -122.31 52.58 -27.80
CA GLY DA 1154 -122.69 53.92 -27.41
C GLY DA 1154 -121.91 54.99 -28.13
N VAL DA 1155 -122.43 56.22 -28.04
CA VAL DA 1155 -121.76 57.35 -28.69
C VAL DA 1155 -120.46 57.63 -27.94
N PRO DA 1156 -119.35 57.78 -28.64
CA PRO DA 1156 -118.08 58.06 -27.96
C PRO DA 1156 -117.81 59.54 -27.81
N MET DA 1157 -116.70 59.88 -27.15
CA MET DA 1157 -116.28 61.26 -27.02
C MET DA 1157 -115.70 61.75 -28.34
N LEU DA 1158 -115.76 63.07 -28.55
CA LEU DA 1158 -115.24 63.63 -29.78
C LEU DA 1158 -113.72 63.56 -29.85
N HIS DA 1159 -113.05 63.37 -28.73
CA HIS DA 1159 -111.60 63.30 -28.68
C HIS DA 1159 -111.17 61.91 -28.23
N ASP DA 1160 -110.24 61.32 -28.99
CA ASP DA 1160 -109.82 59.95 -28.71
C ASP DA 1160 -108.92 59.88 -27.48
N ASN DA 1161 -108.06 60.87 -27.29
CA ASN DA 1161 -107.19 60.87 -26.13
C ASN DA 1161 -107.98 60.90 -24.83
N VAL DA 1162 -109.13 61.59 -24.84
CA VAL DA 1162 -109.96 61.65 -23.64
C VAL DA 1162 -110.43 60.25 -23.24
N THR DA 1163 -111.05 59.53 -24.18
CA THR DA 1163 -111.55 58.20 -23.86
C THR DA 1163 -110.42 57.22 -23.60
N GLU DA 1164 -109.26 57.41 -24.25
CA GLU DA 1164 -108.13 56.54 -23.96
C GLU DA 1164 -107.64 56.73 -22.53
N SER DA 1165 -107.47 57.98 -22.10
CA SER DA 1165 -107.08 58.23 -20.72
C SER DA 1165 -108.13 57.74 -19.75
N LEU DA 1166 -109.41 57.87 -20.11
CA LEU DA 1166 -110.48 57.36 -19.26
C LEU DA 1166 -110.34 55.86 -19.05
N ARG DA 1167 -110.18 55.11 -20.15
CA ARG DA 1167 -110.04 53.66 -20.03
C ARG DA 1167 -108.78 53.28 -19.26
N ARG DA 1168 -107.69 54.03 -19.47
CA ARG DA 1168 -106.45 53.71 -18.77
C ARG DA 1168 -106.59 53.94 -17.27
N ILE DA 1169 -107.17 55.07 -16.87
CA ILE DA 1169 -107.36 55.34 -15.45
C ILE DA 1169 -108.32 54.33 -14.84
N THR DA 1170 -109.36 53.94 -15.56
CA THR DA 1170 -110.29 52.94 -15.03
C THR DA 1170 -109.60 51.60 -14.85
N ALA DA 1171 -108.76 51.20 -15.81
CA ALA DA 1171 -107.99 49.97 -15.66
C ALA DA 1171 -107.05 50.05 -14.47
N SER DA 1172 -106.44 51.22 -14.26
CA SER DA 1172 -105.64 51.43 -13.07
C SER DA 1172 -106.52 51.32 -11.83
N GLY DA 1173 -106.04 50.58 -10.84
CA GLY DA 1173 -106.81 50.38 -9.63
C GLY DA 1173 -107.93 49.38 -9.78
N GLY DA 1174 -107.72 48.32 -10.58
CA GLY DA 1174 -108.71 47.28 -10.76
C GLY DA 1174 -108.03 45.95 -10.96
N ARG DA 1175 -108.84 44.92 -11.18
CA ARG DA 1175 -108.33 43.57 -11.39
C ARG DA 1175 -108.60 43.07 -12.80
N LEU DA 1176 -109.86 43.07 -13.24
CA LEU DA 1176 -110.18 42.64 -14.60
C LEU DA 1176 -110.22 43.86 -15.51
N ASN DA 1177 -109.45 43.78 -16.60
CA ASN DA 1177 -109.33 44.85 -17.56
C ASN DA 1177 -109.10 44.23 -18.94
N PRO DA 1178 -109.53 44.91 -20.00
CA PRO DA 1178 -109.21 44.42 -21.34
C PRO DA 1178 -107.72 44.46 -21.60
N THR DA 1179 -107.27 43.58 -22.49
CA THR DA 1179 -105.86 43.55 -22.85
C THR DA 1179 -105.48 44.85 -23.57
N GLU DA 1180 -104.17 45.05 -23.72
CA GLU DA 1180 -103.66 46.31 -24.25
C GLU DA 1180 -103.91 46.53 -25.74
N PRO DA 1181 -103.92 45.51 -26.62
CA PRO DA 1181 -104.09 45.82 -28.05
C PRO DA 1181 -105.46 46.35 -28.39
N LEU DA 1182 -106.49 45.96 -27.64
CA LEU DA 1182 -107.88 46.19 -28.02
C LEU DA 1182 -108.10 45.66 -29.43
N PRO DA 1183 -108.02 44.34 -29.63
CA PRO DA 1183 -108.05 43.81 -31.00
C PRO DA 1183 -109.42 43.98 -31.63
N ILE DA 1184 -109.44 44.53 -32.84
CA ILE DA 1184 -110.68 44.67 -33.59
C ILE DA 1184 -111.19 43.29 -33.98
N PHE DA 1185 -112.52 43.12 -33.94
CA PHE DA 1185 -113.17 41.85 -34.25
C PHE DA 1185 -112.68 40.75 -33.31
N GLY DA 1186 -112.86 40.99 -32.02
CA GLY DA 1186 -112.46 40.03 -31.00
C GLY DA 1186 -113.49 39.85 -29.92
N GLY DA 1187 -113.09 39.24 -28.82
CA GLY DA 1187 -114.00 39.01 -27.71
C GLY DA 1187 -113.85 40.02 -26.59
N LEU DA 1188 -112.69 40.67 -26.53
CA LEU DA 1188 -112.38 41.66 -25.50
C LEU DA 1188 -112.54 41.06 -24.10
N ARG DA 1189 -111.73 40.05 -23.82
CA ARG DA 1189 -111.75 39.33 -22.57
C ARG DA 1189 -110.49 39.61 -21.77
N PRO DA 1190 -110.56 39.57 -20.44
CA PRO DA 1190 -109.39 39.87 -19.61
C PRO DA 1190 -108.33 38.80 -19.77
N ALA DA 1191 -107.10 39.16 -19.38
CA ALA DA 1191 -105.99 38.23 -19.42
C ALA DA 1191 -106.08 37.24 -18.27
N THR DA 1192 -105.72 35.99 -18.54
CA THR DA 1192 -105.78 34.96 -17.51
C THR DA 1192 -104.66 35.17 -16.49
N SER DA 1193 -105.00 35.01 -15.22
CA SER DA 1193 -104.05 35.17 -14.14
C SER DA 1193 -103.48 33.81 -13.73
N ALA DA 1194 -102.71 33.79 -12.65
CA ALA DA 1194 -102.16 32.56 -12.11
C ALA DA 1194 -103.18 31.90 -11.19
N GLY DA 1195 -102.73 30.94 -10.38
CA GLY DA 1195 -103.58 30.14 -9.53
C GLY DA 1195 -104.64 30.86 -8.73
N ILE DA 1196 -105.78 30.19 -8.53
CA ILE DA 1196 -106.93 30.74 -7.83
C ILE DA 1196 -106.75 30.48 -6.34
N ALA DA 1197 -107.30 31.39 -5.53
CA ALA DA 1197 -107.06 31.33 -4.08
C ALA DA 1197 -108.14 30.57 -3.32
N ARG DA 1198 -109.38 31.07 -3.35
CA ARG DA 1198 -110.42 30.48 -2.51
C ARG DA 1198 -111.78 30.39 -3.18
N GLY DA 1199 -111.84 30.35 -4.51
CA GLY DA 1199 -113.09 30.19 -5.20
C GLY DA 1199 -113.29 31.25 -6.26
N GLN DA 1200 -114.33 31.03 -7.08
CA GLN DA 1200 -114.62 31.93 -8.18
C GLN DA 1200 -115.09 33.27 -7.67
N ALA DA 1201 -114.45 34.34 -8.13
CA ALA DA 1201 -114.83 35.68 -7.73
C ALA DA 1201 -116.15 36.08 -8.37
N SER DA 1202 -116.92 36.87 -7.65
CA SER DA 1202 -118.22 37.35 -8.12
C SER DA 1202 -118.16 38.85 -8.36
N VAL DA 1203 -118.68 39.28 -9.50
CA VAL DA 1203 -118.66 40.70 -9.84
C VAL DA 1203 -119.72 41.44 -9.03
N CYS DA 1204 -119.59 42.76 -8.99
CA CYS DA 1204 -120.53 43.63 -8.29
C CYS DA 1204 -120.97 44.75 -9.22
N GLU DA 1205 -122.27 44.92 -9.38
CA GLU DA 1205 -122.84 45.97 -10.20
C GLU DA 1205 -123.35 47.09 -9.32
N PHE DA 1206 -123.15 48.33 -9.75
CA PHE DA 1206 -123.51 49.50 -8.97
C PHE DA 1206 -124.69 50.21 -9.61
N VAL DA 1207 -125.56 50.77 -8.78
CA VAL DA 1207 -126.73 51.51 -9.22
C VAL DA 1207 -126.75 52.84 -8.49
N ALA DA 1208 -126.83 53.94 -9.24
CA ALA DA 1208 -126.88 55.26 -8.64
C ALA DA 1208 -128.21 55.49 -7.93
N MET DA 1209 -128.19 56.41 -6.98
CA MET DA 1209 -129.38 56.75 -6.20
C MET DA 1209 -129.12 58.06 -5.48
N PRO DA 1210 -130.17 58.77 -5.08
CA PRO DA 1210 -129.98 60.00 -4.30
C PRO DA 1210 -129.29 59.71 -2.98
N VAL DA 1211 -128.73 60.77 -2.39
CA VAL DA 1211 -127.99 60.61 -1.14
C VAL DA 1211 -128.94 60.28 0.00
N SER DA 1212 -129.87 61.20 0.30
CA SER DA 1212 -130.80 61.03 1.41
C SER DA 1212 -131.94 60.12 0.97
N THR DA 1213 -131.71 58.83 1.08
CA THR DA 1213 -132.72 57.82 0.81
C THR DA 1213 -133.06 57.08 2.10
N ASP DA 1214 -134.30 56.63 2.20
CA ASP DA 1214 -134.77 55.97 3.41
C ASP DA 1214 -133.95 54.70 3.68
N LEU DA 1215 -133.20 54.73 4.78
CA LEU DA 1215 -132.31 53.61 5.09
C LEU DA 1215 -133.07 52.38 5.58
N GLN DA 1216 -134.23 52.57 6.18
CA GLN DA 1216 -135.00 51.44 6.69
C GLN DA 1216 -135.43 50.49 5.58
N TYR DA 1217 -135.52 50.97 4.34
CA TYR DA 1217 -135.86 50.11 3.22
C TYR DA 1217 -134.78 49.07 2.94
N PHE DA 1218 -133.55 49.30 3.40
CA PHE DA 1218 -132.43 48.39 3.17
C PHE DA 1218 -132.23 47.43 4.33
N ARG DA 1219 -133.26 47.19 5.14
CA ARG DA 1219 -133.16 46.28 6.27
C ARG DA 1219 -134.01 45.02 6.11
N THR DA 1220 -134.70 44.86 4.99
CA THR DA 1220 -135.51 43.69 4.75
C THR DA 1220 -135.30 43.17 3.33
N ALA DA 1221 -136.13 42.23 2.89
CA ALA DA 1221 -136.04 41.74 1.53
C ALA DA 1221 -136.53 42.80 0.56
N CYS DA 1222 -135.60 43.60 0.04
CA CYS DA 1222 -135.94 44.72 -0.83
C CYS DA 1222 -135.77 44.34 -2.30
N ASN DA 1223 -135.95 45.32 -3.16
CA ASN DA 1223 -135.85 45.15 -4.60
C ASN DA 1223 -134.90 46.18 -5.16
N PRO DA 1224 -133.86 45.78 -5.89
CA PRO DA 1224 -132.87 46.75 -6.36
C PRO DA 1224 -133.41 47.74 -7.39
N ARG DA 1225 -134.49 47.39 -8.09
CA ARG DA 1225 -135.05 48.32 -9.08
C ARG DA 1225 -135.59 49.58 -8.41
N GLY DA 1226 -136.00 49.50 -7.16
CA GLY DA 1226 -136.60 50.61 -6.45
C GLY DA 1226 -138.10 50.53 -6.33
N ARG DA 1227 -138.74 49.66 -7.12
CA ARG DA 1227 -140.18 49.48 -7.08
C ARG DA 1227 -140.51 48.02 -7.33
N ALA DA 1228 -141.41 47.48 -6.53
CA ALA DA 1228 -141.78 46.07 -6.66
C ALA DA 1228 -142.50 45.83 -7.99
N SER DA 1229 -142.21 44.70 -8.62
CA SER DA 1229 -142.82 44.32 -9.88
C SER DA 1229 -143.07 42.82 -9.85
N GLY DA 1230 -143.40 42.27 -11.01
CA GLY DA 1230 -143.63 40.84 -11.15
C GLY DA 1230 -145.06 40.54 -11.56
N MET DA 1231 -145.23 39.30 -12.04
CA MET DA 1231 -146.53 38.82 -12.49
C MET DA 1231 -147.40 38.33 -11.35
N LEU DA 1232 -147.00 38.56 -10.11
CA LEU DA 1232 -147.70 38.03 -8.95
C LEU DA 1232 -148.77 38.96 -8.42
N TYR DA 1233 -149.07 40.05 -9.13
CA TYR DA 1233 -150.12 40.99 -8.76
C TYR DA 1233 -151.01 41.17 -9.99
N MET DA 1234 -152.05 40.33 -10.07
CA MET DA 1234 -152.93 40.30 -11.24
C MET DA 1234 -154.33 39.94 -10.77
N GLY DA 1235 -155.18 39.50 -11.70
CA GLY DA 1235 -156.50 39.02 -11.34
C GLY DA 1235 -157.59 39.36 -12.31
N ASP DA 1236 -157.43 40.45 -13.08
CA ASP DA 1236 -158.46 40.89 -14.01
C ASP DA 1236 -158.00 40.82 -15.46
N ARG DA 1237 -156.90 41.48 -15.79
CA ARG DA 1237 -156.48 41.62 -17.18
C ARG DA 1237 -155.03 41.17 -17.37
N ASP DA 1238 -154.60 41.12 -18.62
CA ASP DA 1238 -153.25 40.73 -18.97
C ASP DA 1238 -152.33 41.93 -19.14
N ALA DA 1239 -152.87 43.07 -19.58
CA ALA DA 1239 -152.06 44.27 -19.79
C ALA DA 1239 -151.85 45.01 -18.48
N ASP DA 1240 -151.37 44.30 -17.46
CA ASP DA 1240 -151.05 44.90 -16.18
C ASP DA 1240 -149.60 44.74 -15.77
N ILE DA 1241 -148.88 43.77 -16.34
CA ILE DA 1241 -147.46 43.64 -16.06
C ILE DA 1241 -146.72 44.86 -16.58
N GLU DA 1242 -147.07 45.32 -17.78
CA GLU DA 1242 -146.51 46.56 -18.30
C GLU DA 1242 -146.95 47.76 -17.47
N ALA DA 1243 -148.19 47.75 -17.00
CA ALA DA 1243 -148.70 48.85 -16.19
C ALA DA 1243 -147.91 49.00 -14.91
N ILE DA 1244 -147.96 48.02 -14.03
CA ILE DA 1244 -147.16 48.12 -12.82
C ILE DA 1244 -145.80 47.48 -13.06
N MET DA 1245 -145.01 48.16 -13.90
CA MET DA 1245 -143.55 48.07 -13.87
C MET DA 1245 -142.91 49.41 -14.12
N PHE DA 1246 -143.60 50.34 -14.77
CA PHE DA 1246 -143.13 51.70 -15.00
C PHE DA 1246 -144.19 52.76 -14.81
N ASP DA 1247 -145.48 52.41 -14.73
CA ASP DA 1247 -146.51 53.42 -14.54
C ASP DA 1247 -146.33 54.12 -13.19
N HIS DA 1248 -146.14 55.44 -13.24
CA HIS DA 1248 -145.88 56.21 -12.03
C HIS DA 1248 -147.03 57.14 -11.66
N THR DA 1249 -148.14 57.11 -12.40
CA THR DA 1249 -149.29 57.90 -12.02
C THR DA 1249 -149.98 57.32 -10.79
N GLN DA 1250 -149.74 56.05 -10.48
CA GLN DA 1250 -150.26 55.41 -9.28
C GLN DA 1250 -149.11 55.05 -8.36
N SER DA 1251 -149.45 54.76 -7.11
CA SER DA 1251 -148.45 54.46 -6.10
C SER DA 1251 -147.86 53.07 -6.31
N ASP DA 1252 -146.87 52.74 -5.49
CA ASP DA 1252 -146.27 51.42 -5.52
C ASP DA 1252 -147.24 50.38 -4.98
N VAL DA 1253 -147.02 49.13 -5.39
CA VAL DA 1253 -147.86 48.04 -4.92
C VAL DA 1253 -147.42 47.58 -3.53
N ALA DA 1254 -146.12 47.64 -3.24
CA ALA DA 1254 -145.63 47.26 -1.93
C ALA DA 1254 -145.91 48.34 -0.90
N TYR DA 1255 -145.39 49.54 -1.13
CA TYR DA 1255 -145.60 50.70 -0.26
C TYR DA 1255 -146.58 51.63 -0.98
N THR DA 1256 -147.85 51.56 -0.59
CA THR DA 1256 -148.87 52.34 -1.27
C THR DA 1256 -148.89 53.79 -0.77
N ASP DA 1257 -147.71 54.41 -0.70
CA ASP DA 1257 -147.61 55.81 -0.33
C ASP DA 1257 -146.56 56.56 -1.14
N ARG DA 1258 -145.94 55.93 -2.14
CA ARG DA 1258 -144.93 56.58 -2.96
C ARG DA 1258 -144.83 55.83 -4.27
N ALA DA 1259 -144.35 56.53 -5.30
CA ALA DA 1259 -144.24 55.91 -6.62
C ALA DA 1259 -143.09 54.90 -6.65
N THR DA 1260 -141.86 55.38 -6.44
CA THR DA 1260 -140.69 54.52 -6.42
C THR DA 1260 -139.83 54.90 -5.22
N LEU DA 1261 -138.66 54.29 -5.12
CA LEU DA 1261 -137.69 54.68 -4.11
C LEU DA 1261 -136.68 55.69 -4.68
N ASN DA 1262 -135.99 55.31 -5.75
CA ASN DA 1262 -135.09 56.22 -6.44
C ASN DA 1262 -135.63 56.50 -7.83
N PRO DA 1263 -135.86 57.76 -8.18
CA PRO DA 1263 -136.43 58.08 -9.50
C PRO DA 1263 -135.43 58.01 -10.64
N TRP DA 1264 -134.26 57.40 -10.45
CA TRP DA 1264 -133.25 57.34 -11.50
C TRP DA 1264 -133.06 55.96 -12.09
N ALA DA 1265 -133.71 54.93 -11.54
CA ALA DA 1265 -133.53 53.58 -12.07
C ALA DA 1265 -134.84 52.81 -12.09
N SER DA 1266 -135.97 53.49 -12.28
CA SER DA 1266 -137.26 52.81 -12.28
C SER DA 1266 -138.22 53.29 -13.34
N GLN DA 1267 -137.84 54.24 -14.19
CA GLN DA 1267 -138.77 54.76 -15.19
C GLN DA 1267 -138.65 53.95 -16.48
N LYS DA 1268 -139.41 54.37 -17.50
CA LYS DA 1268 -139.39 53.64 -18.77
C LYS DA 1268 -138.04 53.76 -19.46
N HIS DA 1269 -137.37 54.90 -19.32
CA HIS DA 1269 -136.07 55.12 -19.91
C HIS DA 1269 -135.16 55.82 -18.92
N SER DA 1270 -135.19 55.39 -17.66
CA SER DA 1270 -134.33 55.96 -16.64
C SER DA 1270 -132.88 55.56 -16.90
N TYR DA 1271 -131.99 56.05 -16.03
CA TYR DA 1271 -130.57 55.80 -16.23
C TYR DA 1271 -130.25 54.31 -16.17
N GLY DA 1272 -130.64 53.64 -15.08
CA GLY DA 1272 -130.37 52.22 -14.97
C GLY DA 1272 -131.09 51.40 -16.03
N ASP DA 1273 -132.31 51.78 -16.38
CA ASP DA 1273 -133.04 51.07 -17.41
C ASP DA 1273 -132.33 51.15 -18.75
N ARG DA 1274 -131.83 52.33 -19.11
CA ARG DA 1274 -131.07 52.48 -20.34
C ARG DA 1274 -129.73 51.75 -20.23
N LEU DA 1275 -129.18 51.66 -19.02
CA LEU DA 1275 -127.92 50.97 -18.83
C LEU DA 1275 -128.05 49.48 -19.10
N TYR DA 1276 -129.08 48.85 -18.55
CA TYR DA 1276 -129.32 47.44 -18.76
C TYR DA 1276 -130.81 47.17 -18.67
N ASN DA 1277 -131.38 46.58 -19.72
CA ASN DA 1277 -132.78 46.22 -19.74
C ASN DA 1277 -132.94 44.80 -20.27
N GLY DA 1278 -131.98 44.36 -21.08
CA GLY DA 1278 -132.09 43.13 -21.81
C GLY DA 1278 -132.67 43.27 -23.20
N THR DA 1279 -133.47 44.31 -23.44
CA THR DA 1279 -134.02 44.59 -24.75
C THR DA 1279 -133.30 45.73 -25.45
N TYR DA 1280 -132.34 46.38 -24.78
CA TYR DA 1280 -131.56 47.43 -25.40
C TYR DA 1280 -130.20 46.96 -25.88
N ASN DA 1281 -129.65 45.90 -25.28
CA ASN DA 1281 -128.42 45.25 -25.73
C ASN DA 1281 -127.26 46.24 -25.77
N LEU DA 1282 -126.95 46.81 -24.61
CA LEU DA 1282 -125.76 47.64 -24.50
C LEU DA 1282 -124.52 46.80 -24.29
N THR DA 1283 -124.62 45.74 -23.49
CA THR DA 1283 -123.49 44.90 -23.12
C THR DA 1283 -123.59 43.54 -23.81
N GLY DA 1284 -124.03 43.54 -25.07
CA GLY DA 1284 -124.11 42.29 -25.80
C GLY DA 1284 -122.75 41.65 -26.06
N ALA DA 1285 -121.72 42.48 -26.20
CA ALA DA 1285 -120.37 41.98 -26.44
C ALA DA 1285 -119.59 41.72 -25.17
N SER DA 1286 -120.13 42.11 -24.01
CA SER DA 1286 -119.39 41.93 -22.76
C SER DA 1286 -119.45 40.47 -22.33
N PRO DA 1287 -118.32 39.82 -22.06
CA PRO DA 1287 -118.33 38.42 -21.65
C PRO DA 1287 -118.59 38.20 -20.17
N ILE DA 1288 -118.50 39.24 -19.34
CA ILE DA 1288 -118.70 39.08 -17.90
C ILE DA 1288 -120.19 39.00 -17.60
N TYR DA 1289 -120.52 38.41 -16.46
CA TYR DA 1289 -121.91 38.25 -16.05
C TYR DA 1289 -122.40 39.49 -15.33
N SER DA 1290 -123.70 39.75 -15.46
CA SER DA 1290 -124.35 40.89 -14.81
C SER DA 1290 -125.51 40.37 -13.97
N PRO DA 1291 -125.39 40.38 -12.65
CA PRO DA 1291 -126.48 39.83 -11.82
C PRO DA 1291 -127.72 40.70 -11.82
N CYS DA 1292 -127.60 42.00 -12.09
CA CYS DA 1292 -128.72 42.92 -12.12
C CYS DA 1292 -129.58 42.79 -13.37
N PHE DA 1293 -129.24 41.87 -14.27
CA PHE DA 1293 -130.01 41.74 -15.50
C PHE DA 1293 -131.40 41.17 -15.23
N LYS DA 1294 -131.52 40.26 -14.27
CA LYS DA 1294 -132.79 39.60 -14.02
C LYS DA 1294 -133.81 40.50 -13.32
N PHE DA 1295 -133.42 41.69 -12.90
CA PHE DA 1295 -134.33 42.60 -12.22
C PHE DA 1295 -134.86 43.71 -13.12
N PHE DA 1296 -134.31 43.86 -14.32
CA PHE DA 1296 -134.72 44.92 -15.23
C PHE DA 1296 -135.32 44.38 -16.53
N THR DA 1297 -135.60 43.10 -16.59
CA THR DA 1297 -136.19 42.51 -17.78
C THR DA 1297 -137.68 42.35 -17.59
N PRO DA 1298 -138.50 42.75 -18.56
CA PRO DA 1298 -139.96 42.65 -18.38
C PRO DA 1298 -140.45 41.24 -18.08
N ALA DA 1299 -139.73 40.22 -18.53
CA ALA DA 1299 -140.04 38.82 -18.20
C ALA DA 1299 -141.46 38.45 -18.66
N GLU DA 1300 -141.60 38.42 -19.99
CA GLU DA 1300 -142.88 38.09 -20.64
C GLU DA 1300 -143.53 36.87 -20.01
N VAL DA 1301 -144.85 36.96 -19.82
CA VAL DA 1301 -145.65 35.84 -19.34
C VAL DA 1301 -147.02 35.93 -19.98
N ASN DA 1302 -147.65 34.77 -20.19
CA ASN DA 1302 -148.96 34.69 -20.80
C ASN DA 1302 -149.94 34.03 -19.84
N THR DA 1303 -151.22 34.35 -20.02
CA THR DA 1303 -152.27 33.86 -19.14
C THR DA 1303 -152.86 32.59 -19.73
N ASN DA 1304 -152.57 31.45 -19.11
CA ASN DA 1304 -153.19 30.18 -19.49
C ASN DA 1304 -153.83 29.46 -18.31
N CYS DA 1305 -153.28 29.58 -17.11
CA CYS DA 1305 -153.90 29.03 -15.92
C CYS DA 1305 -153.84 30.08 -14.82
N ASN DA 1306 -154.18 29.66 -13.60
CA ASN DA 1306 -154.20 30.56 -12.46
C ASN DA 1306 -152.78 31.01 -12.11
N THR DA 1307 -152.71 32.14 -11.41
CA THR DA 1307 -151.42 32.66 -10.98
C THR DA 1307 -150.73 31.70 -10.02
N LEU DA 1308 -151.50 30.99 -9.20
CA LEU DA 1308 -150.91 30.02 -8.29
C LEU DA 1308 -150.29 28.85 -9.06
N ASP DA 1309 -151.02 28.32 -10.03
CA ASP DA 1309 -150.48 27.24 -10.86
C ASP DA 1309 -149.25 27.71 -11.62
N ARG DA 1310 -149.29 28.92 -12.15
CA ARG DA 1310 -148.13 29.45 -12.86
C ARG DA 1310 -146.92 29.55 -11.93
N LEU DA 1311 -147.11 30.13 -10.74
CA LEU DA 1311 -146.04 30.26 -9.78
C LEU DA 1311 -145.47 28.90 -9.39
N LEU DA 1312 -146.32 27.92 -9.16
CA LEU DA 1312 -145.84 26.59 -8.80
C LEU DA 1312 -145.08 25.96 -9.97
N MET DA 1313 -145.48 26.26 -11.20
CA MET DA 1313 -144.82 25.68 -12.36
C MET DA 1313 -143.48 26.34 -12.66
N GLU DA 1314 -143.31 27.61 -12.27
CA GLU DA 1314 -142.05 28.29 -12.59
C GLU DA 1314 -140.87 27.66 -11.87
N ALA DA 1315 -141.06 27.32 -10.58
CA ALA DA 1315 -139.96 26.80 -9.78
C ALA DA 1315 -139.63 25.36 -10.17
N LYS DA 1316 -138.76 25.18 -11.16
CA LYS DA 1316 -138.42 23.85 -11.64
C LYS DA 1316 -136.92 23.71 -11.93
N ALA DA 1317 -136.09 24.43 -11.18
CA ALA DA 1317 -134.63 24.34 -11.29
C ALA DA 1317 -134.17 24.68 -12.71
N VAL DA 1318 -134.41 25.94 -13.08
CA VAL DA 1318 -134.00 26.44 -14.39
C VAL DA 1318 -132.48 26.34 -14.53
N ALA DA 1319 -132.02 26.24 -15.77
CA ALA DA 1319 -130.60 26.10 -16.07
C ALA DA 1319 -129.81 27.29 -15.53
N SER DA 1320 -128.49 27.10 -15.46
CA SER DA 1320 -127.61 28.08 -14.82
C SER DA 1320 -127.43 29.30 -15.72
N GLN DA 1321 -126.70 30.28 -15.20
CA GLN DA 1321 -126.40 31.51 -15.94
C GLN DA 1321 -124.97 31.97 -15.69
N SER DA 1322 -124.05 31.05 -15.46
CA SER DA 1322 -122.65 31.38 -15.21
C SER DA 1322 -121.79 30.19 -15.60
N SER DA 1323 -120.53 30.22 -15.19
CA SER DA 1323 -119.58 29.16 -15.47
C SER DA 1323 -118.98 28.64 -14.18
N THR DA 1324 -118.63 27.35 -14.19
CA THR DA 1324 -118.03 26.70 -13.03
C THR DA 1324 -116.54 26.43 -13.23
N ASP DA 1325 -115.99 26.84 -14.36
CA ASP DA 1325 -114.58 26.69 -14.65
C ASP DA 1325 -113.78 27.95 -14.38
N THR DA 1326 -114.14 29.05 -15.02
CA THR DA 1326 -113.37 30.29 -14.91
C THR DA 1326 -113.49 30.87 -13.52
N GLU DA 1327 -112.63 31.86 -13.24
CA GLU DA 1327 -112.58 32.52 -11.95
C GLU DA 1327 -113.15 33.94 -11.99
N TYR DA 1328 -113.80 34.30 -13.09
CA TYR DA 1328 -114.35 35.64 -13.24
C TYR DA 1328 -115.86 35.65 -13.45
N GLN DA 1329 -116.52 34.49 -13.35
CA GLN DA 1329 -117.98 34.39 -13.51
C GLN DA 1329 -118.40 34.95 -14.87
N PHE DA 1330 -117.94 34.30 -15.93
CA PHE DA 1330 -118.29 34.72 -17.28
C PHE DA 1330 -119.74 34.33 -17.57
N LYS DA 1331 -120.19 34.70 -18.77
CA LYS DA 1331 -121.52 34.34 -19.21
C LYS DA 1331 -121.67 32.83 -19.31
N ARG DA 1332 -122.91 32.38 -19.39
CA ARG DA 1332 -123.19 30.95 -19.50
C ARG DA 1332 -122.65 30.42 -20.81
N PRO DA 1333 -121.81 29.39 -20.79
CA PRO DA 1333 -121.26 28.85 -22.05
C PRO DA 1333 -122.36 28.19 -22.87
N PRO DA 1334 -122.44 28.49 -24.17
CA PRO DA 1334 -123.47 27.89 -25.02
C PRO DA 1334 -123.25 26.39 -25.14
N GLY DA 1335 -124.24 25.62 -24.70
CA GLY DA 1335 -124.20 24.17 -24.76
C GLY DA 1335 -124.08 23.51 -23.41
N SER DA 1336 -123.54 24.20 -22.41
CA SER DA 1336 -123.43 23.64 -21.06
C SER DA 1336 -124.82 23.48 -20.47
N THR DA 1337 -125.16 22.27 -20.07
CA THR DA 1337 -126.48 21.95 -19.52
C THR DA 1337 -126.32 21.47 -18.08
N GLU DA 1338 -126.47 22.40 -17.14
CA GLU DA 1338 -126.52 22.09 -15.72
C GLU DA 1338 -127.64 22.91 -15.10
N MET DA 1339 -128.35 22.31 -14.14
CA MET DA 1339 -129.53 22.89 -13.54
C MET DA 1339 -129.22 23.33 -12.12
N THR DA 1340 -129.45 24.60 -11.83
CA THR DA 1340 -129.26 25.17 -10.50
C THR DA 1340 -130.55 25.81 -10.04
N GLN DA 1341 -130.98 25.51 -8.83
CA GLN DA 1341 -132.23 26.07 -8.31
C GLN DA 1341 -132.08 27.57 -8.13
N ASP DA 1342 -133.11 28.31 -8.55
CA ASP DA 1342 -133.10 29.77 -8.54
C ASP DA 1342 -134.24 30.27 -7.65
N PRO DA 1343 -134.00 30.46 -6.37
CA PRO DA 1343 -134.95 31.19 -5.53
C PRO DA 1343 -134.69 32.68 -5.63
N CYS DA 1344 -135.62 33.46 -5.06
CA CYS DA 1344 -135.54 34.92 -5.01
C CYS DA 1344 -135.30 35.54 -6.39
N GLY DA 1345 -135.55 34.79 -7.45
CA GLY DA 1345 -135.50 35.32 -8.79
C GLY DA 1345 -136.90 35.35 -9.36
N LEU DA 1346 -137.72 34.41 -8.91
CA LEU DA 1346 -139.14 34.42 -9.20
C LEU DA 1346 -139.91 35.39 -8.31
N PHE DA 1347 -139.29 35.83 -7.21
CA PHE DA 1347 -139.87 36.83 -6.33
C PHE DA 1347 -139.35 38.24 -6.59
N GLN DA 1348 -138.26 38.38 -7.34
CA GLN DA 1348 -137.63 39.67 -7.61
C GLN DA 1348 -137.28 40.38 -6.31
N GLU DA 1349 -136.62 39.65 -5.41
CA GLU DA 1349 -136.19 40.19 -4.13
C GLU DA 1349 -134.74 39.80 -3.88
N ALA DA 1350 -134.12 40.51 -2.94
CA ALA DA 1350 -132.73 40.26 -2.57
C ALA DA 1350 -132.58 40.45 -1.07
N TYR DA 1351 -131.70 39.65 -0.48
CA TYR DA 1351 -131.53 39.66 0.97
C TYR DA 1351 -130.32 40.50 1.36
N PRO DA 1352 -130.44 41.36 2.37
CA PRO DA 1352 -129.30 42.16 2.80
C PRO DA 1352 -128.43 41.39 3.76
N PRO DA 1353 -127.14 41.27 3.48
CA PRO DA 1353 -126.23 40.56 4.39
C PRO DA 1353 -125.78 41.47 5.52
N LEU DA 1354 -125.00 40.90 6.44
CA LEU DA 1354 -124.48 41.64 7.58
C LEU DA 1354 -123.40 42.58 7.09
N CYS DA 1355 -123.69 43.88 7.07
CA CYS DA 1355 -122.74 44.89 6.65
C CYS DA 1355 -122.82 46.09 7.60
N SER DA 1356 -121.81 46.94 7.51
CA SER DA 1356 -121.74 48.13 8.34
C SER DA 1356 -120.87 49.18 7.65
N SER DA 1357 -121.34 50.42 7.68
CA SER DA 1357 -120.58 51.49 7.04
C SER DA 1357 -119.28 51.77 7.78
N ASP DA 1358 -119.22 51.45 9.07
CA ASP DA 1358 -118.00 51.56 9.85
C ASP DA 1358 -117.51 50.17 10.22
N ALA DA 1359 -116.26 50.11 10.68
CA ALA DA 1359 -115.64 48.85 11.07
C ALA DA 1359 -115.54 48.66 12.57
N ALA DA 1360 -115.46 49.74 13.35
CA ALA DA 1360 -115.34 49.60 14.79
C ALA DA 1360 -116.62 49.07 15.42
N MET DA 1361 -117.77 49.60 15.00
CA MET DA 1361 -119.06 49.16 15.54
C MET DA 1361 -119.47 47.79 15.03
N LEU DA 1362 -118.59 47.10 14.29
CA LEU DA 1362 -118.95 45.80 13.73
C LEU DA 1362 -118.77 44.68 14.75
N ARG DA 1363 -117.79 44.79 15.64
CA ARG DA 1363 -117.50 43.74 16.61
C ARG DA 1363 -117.36 44.35 17.99
N THR DA 1364 -118.06 43.77 18.96
CA THR DA 1364 -117.94 44.21 20.35
C THR DA 1364 -116.72 43.59 21.01
N ALA DA 1365 -116.24 44.24 22.06
CA ALA DA 1365 -115.02 43.82 22.74
C ALA DA 1365 -115.38 42.90 23.92
N HIS DA 1366 -115.78 41.68 23.56
CA HIS DA 1366 -116.09 40.69 24.58
C HIS DA 1366 -115.61 39.28 24.21
N ALA DA 1367 -114.84 39.13 23.14
CA ALA DA 1367 -114.31 37.83 22.72
C ALA DA 1367 -115.45 36.83 22.46
N GLY DA 1368 -116.26 37.14 21.45
CA GLY DA 1368 -117.41 36.32 21.15
C GLY DA 1368 -118.28 36.89 20.06
N GLU DA 1369 -119.58 36.94 20.33
CA GLU DA 1369 -120.56 37.45 19.38
C GLU DA 1369 -120.21 38.86 18.93
N THR DA 1370 -120.81 39.27 17.82
CA THR DA 1370 -120.55 40.58 17.24
C THR DA 1370 -121.62 41.58 17.69
N GLY DA 1371 -121.38 42.85 17.36
CA GLY DA 1371 -122.32 43.89 17.72
C GLY DA 1371 -123.57 43.88 16.86
N ALA DA 1372 -124.64 44.43 17.41
CA ALA DA 1372 -125.93 44.46 16.72
C ALA DA 1372 -126.58 45.83 16.85
N ASP DA 1373 -125.76 46.88 16.91
CA ASP DA 1373 -126.30 48.23 16.98
C ASP DA 1373 -126.73 48.69 15.59
N GLU DA 1374 -127.66 49.64 15.57
CA GLU DA 1374 -128.22 50.13 14.31
C GLU DA 1374 -127.48 51.36 13.80
N VAL DA 1375 -127.47 52.44 14.59
CA VAL DA 1375 -126.82 53.69 14.22
C VAL DA 1375 -126.04 54.20 15.42
N HIS DA 1376 -124.79 54.61 15.19
CA HIS DA 1376 -123.98 55.10 16.30
C HIS DA 1376 -124.06 56.62 16.41
N LEU DA 1377 -123.52 57.32 15.41
CA LEU DA 1377 -123.68 58.77 15.31
C LEU DA 1377 -124.23 59.19 13.95
N ALA DA 1378 -123.55 58.80 12.87
CA ALA DA 1378 -124.01 58.98 11.51
C ALA DA 1378 -123.77 57.76 10.65
N GLN DA 1379 -123.02 56.77 11.14
CA GLN DA 1379 -122.77 55.53 10.43
C GLN DA 1379 -123.99 54.62 10.57
N TYR DA 1380 -123.86 53.36 10.18
CA TYR DA 1380 -124.97 52.43 10.29
C TYR DA 1380 -124.44 51.01 10.24
N LEU DA 1381 -125.26 50.09 10.71
CA LEU DA 1381 -124.94 48.66 10.68
C LEU DA 1381 -126.24 47.91 10.45
N ILE DA 1382 -126.33 47.22 9.31
CA ILE DA 1382 -127.55 46.50 8.94
C ILE DA 1382 -127.44 45.07 9.44
N ARG DA 1383 -128.34 44.68 10.33
CA ARG DA 1383 -128.36 43.31 10.81
C ARG DA 1383 -128.71 42.36 9.68
N ASP DA 1384 -128.07 41.20 9.67
CA ASP DA 1384 -128.27 40.23 8.60
C ASP DA 1384 -129.67 39.63 8.67
N ALA DA 1385 -130.30 39.48 7.51
CA ALA DA 1385 -131.62 38.88 7.43
C ALA DA 1385 -131.71 37.91 6.25
N SER DA 1386 -130.60 37.29 5.89
CA SER DA 1386 -130.54 36.37 4.77
C SER DA 1386 -130.96 34.98 5.20
N PRO DA 1387 -131.34 34.12 4.25
CA PRO DA 1387 -131.61 32.71 4.62
C PRO DA 1387 -130.39 32.03 5.21
N LEU DA 1388 -129.20 32.54 4.93
CA LEU DA 1388 -127.97 32.05 5.54
C LEU DA 1388 -127.70 32.87 6.79
N ARG DA 1389 -127.89 32.26 7.96
CA ARG DA 1389 -127.63 32.96 9.21
C ARG DA 1389 -126.78 32.10 10.16
N GLY DA 1390 -126.84 30.78 9.99
CA GLY DA 1390 -126.09 29.89 10.85
C GLY DA 1390 -124.95 29.17 10.17
N CYS DA 1391 -124.33 29.84 9.20
CA CYS DA 1391 -123.19 29.29 8.47
C CYS DA 1391 -122.17 30.40 8.27
N LEU DA 1392 -121.21 30.16 7.38
CA LEU DA 1392 -120.18 31.15 7.05
C LEU DA 1392 -119.46 31.63 8.30
N PRO DA 1393 -118.56 30.83 8.86
CA PRO DA 1393 -117.93 31.18 10.14
C PRO DA 1393 -117.28 32.56 10.11
N LEU DA 1394 -117.28 33.21 11.27
CA LEU DA 1394 -116.78 34.57 11.39
C LEU DA 1394 -115.39 34.60 12.02
N SER EA 7 -125.67 136.25 -23.33
CA SER EA 7 -125.60 135.79 -21.95
C SER EA 7 -126.19 134.38 -21.81
N ARG EA 8 -125.97 133.76 -20.66
CA ARG EA 8 -126.46 132.42 -20.39
C ARG EA 8 -127.85 132.52 -19.78
N VAL EA 9 -128.87 132.26 -20.59
CA VAL EA 9 -130.26 132.28 -20.15
C VAL EA 9 -130.86 130.93 -20.54
N VAL EA 10 -131.01 130.04 -19.56
CA VAL EA 10 -131.51 128.70 -19.84
C VAL EA 10 -132.96 128.68 -20.28
N PHE EA 11 -133.67 129.80 -20.17
CA PHE EA 11 -135.04 129.86 -20.63
C PHE EA 11 -135.12 129.59 -22.13
N ASP EA 12 -134.49 130.44 -22.93
CA ASP EA 12 -134.33 130.16 -24.35
C ASP EA 12 -133.15 129.22 -24.51
N PRO EA 13 -133.38 127.97 -24.92
CA PRO EA 13 -132.29 126.99 -24.95
C PRO EA 13 -131.13 127.37 -25.86
N SER EA 14 -131.33 128.29 -26.80
CA SER EA 14 -130.25 128.72 -27.67
C SER EA 14 -129.25 129.63 -26.97
N ASN EA 15 -129.63 130.20 -25.83
CA ASN EA 15 -128.77 131.14 -25.12
C ASN EA 15 -127.63 130.45 -24.37
N PRO EA 16 -127.90 129.47 -23.50
CA PRO EA 16 -126.81 128.93 -22.67
C PRO EA 16 -125.81 128.14 -23.51
N THR EA 17 -124.53 128.40 -23.30
CA THR EA 17 -123.48 127.69 -24.02
C THR EA 17 -122.18 127.79 -23.24
N THR EA 18 -121.26 126.89 -23.56
CA THR EA 18 -119.97 126.88 -22.90
C THR EA 18 -119.22 128.19 -23.08
N PHE EA 19 -119.44 128.88 -24.20
CA PHE EA 19 -118.77 130.15 -24.45
C PHE EA 19 -118.98 131.12 -23.30
N SER EA 20 -120.21 131.22 -22.80
CA SER EA 20 -120.52 132.08 -21.68
C SER EA 20 -120.31 131.42 -20.33
N VAL EA 21 -120.49 130.09 -20.25
CA VAL EA 21 -120.25 129.43 -18.97
C VAL EA 21 -118.77 129.53 -18.59
N GLU EA 22 -117.88 129.61 -19.57
CA GLU EA 22 -116.47 129.83 -19.29
C GLU EA 22 -116.26 131.11 -18.48
N ALA EA 23 -116.74 132.23 -19.00
CA ALA EA 23 -116.60 133.50 -18.28
C ALA EA 23 -117.35 133.46 -16.96
N ILE EA 24 -118.46 132.72 -16.90
CA ILE EA 24 -119.18 132.57 -15.64
C ILE EA 24 -118.30 131.84 -14.63
N ALA EA 25 -118.42 132.21 -13.36
CA ALA EA 25 -117.61 131.67 -12.27
C ALA EA 25 -118.11 130.28 -11.85
N ALA EA 26 -117.69 129.82 -10.67
CA ALA EA 26 -118.03 128.49 -10.19
C ALA EA 26 -119.29 128.46 -9.31
N TYR EA 27 -119.47 129.46 -8.44
CA TYR EA 27 -120.59 129.48 -7.53
C TYR EA 27 -121.76 130.31 -8.05
N THR EA 28 -121.48 131.35 -8.81
CA THR EA 28 -122.54 132.13 -9.45
C THR EA 28 -123.41 131.31 -10.39
N PRO EA 29 -122.91 130.34 -11.17
CA PRO EA 29 -123.84 129.57 -12.00
C PRO EA 29 -124.79 128.73 -11.20
N VAL EA 30 -124.32 128.10 -10.11
CA VAL EA 30 -125.21 127.35 -9.24
C VAL EA 30 -126.26 128.28 -8.65
N ALA EA 31 -125.83 129.47 -8.22
CA ALA EA 31 -126.77 130.44 -7.67
C ALA EA 31 -127.81 130.85 -8.72
N LEU EA 32 -127.37 131.10 -9.95
CA LEU EA 32 -128.28 131.52 -11.00
C LEU EA 32 -129.26 130.41 -11.35
N ILE EA 33 -128.79 129.16 -11.38
CA ILE EA 33 -129.67 128.05 -11.71
C ILE EA 33 -130.71 127.86 -10.61
N ARG EA 34 -130.31 128.07 -9.36
CA ARG EA 34 -131.27 127.97 -8.26
C ARG EA 34 -132.30 129.09 -8.35
N LEU EA 35 -131.86 130.31 -8.65
CA LEU EA 35 -132.77 131.44 -8.63
C LEU EA 35 -133.64 131.56 -9.88
N LEU EA 36 -133.25 130.95 -11.01
CA LEU EA 36 -134.11 130.99 -12.17
C LEU EA 36 -135.41 130.24 -11.91
N ASN EA 37 -136.47 130.66 -12.62
CA ASN EA 37 -137.78 130.06 -12.41
C ASN EA 37 -137.93 128.82 -13.30
N ALA EA 38 -139.03 128.10 -13.09
CA ALA EA 38 -139.28 126.88 -13.84
C ALA EA 38 -139.89 127.15 -15.21
N SER EA 39 -140.50 128.32 -15.40
CA SER EA 39 -141.17 128.63 -16.64
C SER EA 39 -140.15 128.72 -17.78
N GLY EA 40 -140.17 127.73 -18.67
CA GLY EA 40 -139.29 127.73 -19.82
C GLY EA 40 -140.08 127.84 -21.11
N PRO EA 41 -139.72 128.81 -21.95
CA PRO EA 41 -140.43 129.01 -23.22
C PRO EA 41 -140.26 127.81 -24.13
N LEU EA 42 -141.37 127.11 -24.37
CA LEU EA 42 -141.34 125.92 -25.22
C LEU EA 42 -141.20 126.25 -26.69
N GLN EA 43 -141.42 127.51 -27.09
CA GLN EA 43 -141.24 127.87 -28.50
C GLN EA 43 -139.79 127.74 -28.92
N PRO EA 44 -138.82 128.35 -28.24
CA PRO EA 44 -137.42 128.03 -28.55
C PRO EA 44 -137.04 126.69 -27.94
N GLY EA 45 -136.26 125.93 -28.69
CA GLY EA 45 -135.86 124.62 -28.23
C GLY EA 45 -134.83 123.98 -29.14
N HIS EA 46 -133.85 123.33 -28.51
CA HIS EA 46 -132.76 122.62 -29.24
C HIS EA 46 -133.36 121.39 -29.93
N ARG EA 47 -133.25 121.33 -31.27
CA ARG EA 47 -133.78 120.18 -32.05
C ARG EA 47 -132.67 119.17 -32.30
N VAL EA 48 -131.50 119.37 -31.68
CA VAL EA 48 -130.34 118.45 -31.84
C VAL EA 48 -130.15 117.66 -30.53
N ASP EA 49 -131.27 117.43 -29.83
CA ASP EA 49 -131.38 116.69 -28.53
C ASP EA 49 -130.87 117.55 -27.36
N ILE EA 50 -131.75 117.83 -26.40
CA ILE EA 50 -131.41 118.66 -25.20
C ILE EA 50 -130.12 118.13 -24.56
N ALA EA 51 -129.89 116.81 -24.64
CA ALA EA 51 -128.69 116.23 -24.07
C ALA EA 51 -127.43 116.94 -24.58
N ASP EA 52 -127.48 117.53 -25.78
CA ASP EA 52 -126.35 118.33 -26.27
C ASP EA 52 -126.13 119.57 -25.41
N ALA EA 53 -127.19 120.32 -25.10
CA ALA EA 53 -127.04 121.47 -24.23
C ALA EA 53 -126.64 121.05 -22.83
N ARG EA 54 -127.14 119.91 -22.39
CA ARG EA 54 -126.75 119.36 -21.09
C ARG EA 54 -125.25 119.04 -21.04
N SER EA 55 -124.74 118.40 -22.09
CA SER EA 55 -123.31 118.14 -22.20
C SER EA 55 -122.51 119.44 -22.32
N ILE EA 56 -123.04 120.43 -23.03
CA ILE EA 56 -122.38 121.73 -23.13
C ILE EA 56 -122.30 122.38 -21.75
N TYR EA 57 -123.39 122.30 -20.98
CA TYR EA 57 -123.39 122.85 -19.62
C TYR EA 57 -122.39 122.12 -18.74
N THR EA 58 -122.32 120.80 -18.87
CA THR EA 58 -121.34 120.02 -18.11
C THR EA 58 -119.92 120.45 -18.46
N VAL EA 59 -119.63 120.62 -19.75
CA VAL EA 59 -118.27 120.99 -20.15
C VAL EA 59 -117.98 122.44 -19.74
N GLY EA 60 -118.98 123.30 -19.71
CA GLY EA 60 -118.77 124.65 -19.19
C GLY EA 60 -118.50 124.67 -17.70
N ALA EA 61 -119.23 123.83 -16.95
CA ALA EA 61 -118.95 123.70 -15.53
C ALA EA 61 -117.54 123.15 -15.30
N ALA EA 62 -117.12 122.19 -16.13
CA ALA EA 62 -115.77 121.66 -16.03
C ALA EA 62 -114.73 122.74 -16.34
N ALA EA 63 -114.97 123.55 -17.37
CA ALA EA 63 -114.07 124.66 -17.69
C ALA EA 63 -114.01 125.67 -16.54
N SER EA 64 -115.15 125.97 -15.93
CA SER EA 64 -115.17 126.87 -14.78
C SER EA 64 -114.39 126.28 -13.60
N ALA EA 65 -114.55 124.98 -13.35
CA ALA EA 65 -113.80 124.31 -12.31
C ALA EA 65 -112.30 124.34 -12.61
N ALA EA 66 -111.94 124.14 -13.87
CA ALA EA 66 -110.53 124.18 -14.27
C ALA EA 66 -109.95 125.58 -14.08
N ARG EA 67 -110.72 126.61 -14.43
CA ARG EA 67 -110.31 127.99 -14.18
C ARG EA 67 -110.07 128.23 -12.69
N ALA EA 68 -111.02 127.78 -11.87
CA ALA EA 68 -110.87 127.91 -10.42
C ALA EA 68 -109.66 127.17 -9.91
N ARG EA 69 -109.41 125.97 -10.45
CA ARG EA 69 -108.24 125.19 -10.03
C ARG EA 69 -106.95 125.85 -10.46
N ALA EA 70 -106.91 126.41 -11.67
CA ALA EA 70 -105.72 127.12 -12.12
C ALA EA 70 -105.44 128.33 -11.23
N ASN EA 71 -106.50 129.05 -10.84
CA ASN EA 71 -106.35 130.16 -9.91
C ASN EA 71 -105.81 129.68 -8.57
N HIS EA 72 -106.39 128.60 -8.04
CA HIS EA 72 -105.92 128.02 -6.78
C HIS EA 72 -104.46 127.57 -6.86
N ASN EA 73 -104.05 127.08 -8.02
CA ASN EA 73 -102.70 126.53 -8.18
C ASN EA 73 -101.58 127.53 -7.88
N ALA EA 74 -101.88 128.77 -7.51
CA ALA EA 74 -100.83 129.72 -7.18
C ALA EA 74 -99.95 129.20 -6.03
N ASN EA 75 -100.55 128.46 -5.09
CA ASN EA 75 -99.84 128.01 -3.92
C ASN EA 75 -99.59 126.50 -3.90
N THR EA 76 -100.19 125.75 -4.81
CA THR EA 76 -100.05 124.29 -4.78
C THR EA 76 -98.63 123.88 -5.20
N ILE EA 77 -98.38 122.59 -5.09
CA ILE EA 77 -97.09 122.00 -5.49
C ILE EA 77 -97.30 121.25 -6.79
N ARG EA 78 -96.30 121.34 -7.68
CA ARG EA 78 -96.39 120.66 -8.97
C ARG EA 78 -96.40 119.16 -8.78
N ARG EA 79 -97.38 118.49 -9.38
CA ARG EA 79 -97.52 117.05 -9.24
C ARG EA 79 -96.61 116.32 -10.21
N THR EA 80 -96.26 115.09 -9.84
CA THR EA 80 -95.39 114.23 -10.64
C THR EA 80 -96.11 112.92 -10.95
N ALA EA 81 -95.38 111.99 -11.55
CA ALA EA 81 -95.93 110.69 -11.90
C ALA EA 81 -96.00 109.79 -10.67
N MET EA 82 -97.13 109.11 -10.49
CA MET EA 82 -97.33 108.22 -9.36
C MET EA 82 -96.97 106.78 -9.67
N PHE EA 83 -96.44 106.50 -10.85
CA PHE EA 83 -96.05 105.15 -11.23
C PHE EA 83 -94.59 105.12 -11.65
N ALA EA 84 -94.05 103.91 -11.74
CA ALA EA 84 -92.67 103.72 -12.17
C ALA EA 84 -92.62 103.62 -13.69
N GLU EA 85 -91.45 103.31 -14.23
CA GLU EA 85 -91.17 103.09 -15.65
C GLU EA 85 -91.43 104.33 -16.49
N THR EA 86 -91.70 105.48 -15.89
CA THR EA 86 -91.92 106.73 -16.61
C THR EA 86 -90.72 107.63 -16.32
N ASP EA 87 -89.71 107.57 -17.20
CA ASP EA 87 -88.51 108.35 -17.02
C ASP EA 87 -87.79 108.47 -18.35
N PRO EA 88 -87.22 109.63 -18.69
CA PRO EA 88 -86.53 109.75 -19.98
C PRO EA 88 -85.34 108.80 -20.11
N MET EA 89 -84.41 108.85 -19.18
CA MET EA 89 -83.24 107.96 -19.21
C MET EA 89 -83.30 107.07 -17.97
N THR EA 90 -84.00 105.95 -18.10
CA THR EA 90 -84.05 104.96 -17.03
C THR EA 90 -82.73 104.22 -16.88
N TRP EA 91 -81.85 104.31 -17.86
CA TRP EA 91 -80.61 103.54 -17.83
C TRP EA 91 -79.66 104.02 -16.75
N LEU EA 92 -79.69 105.31 -16.43
CA LEU EA 92 -78.80 105.84 -15.40
C LEU EA 92 -79.17 105.28 -14.03
N ARG EA 93 -80.44 105.38 -13.66
CA ARG EA 93 -80.90 104.95 -12.35
C ARG EA 93 -82.37 104.55 -12.48
N PRO EA 94 -82.87 103.71 -11.57
CA PRO EA 94 -84.28 103.29 -11.64
C PRO EA 94 -85.24 104.43 -11.38
N THR EA 95 -86.53 104.13 -11.44
CA THR EA 95 -87.58 105.14 -11.30
C THR EA 95 -88.72 104.58 -10.47
N VAL EA 96 -89.27 105.42 -9.59
CA VAL EA 96 -90.40 105.04 -8.74
C VAL EA 96 -91.46 106.12 -8.84
N GLY EA 97 -92.66 105.76 -8.40
CA GLY EA 97 -93.78 106.69 -8.34
C GLY EA 97 -93.77 107.50 -7.07
N LEU EA 98 -94.94 108.02 -6.72
CA LEU EA 98 -95.08 108.83 -5.51
C LEU EA 98 -96.53 108.82 -5.06
N LYS EA 99 -96.75 108.56 -3.78
CA LYS EA 99 -98.09 108.59 -3.21
C LYS EA 99 -98.47 110.04 -2.91
N ARG EA 100 -99.62 110.47 -3.43
CA ARG EA 100 -100.09 111.85 -3.25
C ARG EA 100 -100.83 111.94 -1.92
N THR EA 101 -100.04 112.07 -0.85
CA THR EA 101 -100.55 112.18 0.52
C THR EA 101 -99.97 113.40 1.22
N PHE EA 102 -99.91 114.53 0.52
CA PHE EA 102 -99.35 115.75 1.07
C PHE EA 102 -100.42 116.84 1.11
N ASN EA 103 -100.00 118.02 1.58
CA ASN EA 103 -100.83 119.20 1.57
C ASN EA 103 -100.25 120.21 0.59
N PRO EA 104 -101.06 120.73 -0.35
CA PRO EA 104 -100.51 121.66 -1.35
C PRO EA 104 -100.08 123.00 -0.78
N ARG EA 105 -100.30 123.26 0.50
CA ARG EA 105 -99.87 124.53 1.09
C ARG EA 105 -98.36 124.61 1.08
N ILE EA 106 -97.83 125.74 0.62
CA ILE EA 106 -96.39 125.99 0.54
C ILE EA 106 -95.96 127.06 1.54
N ILE EA 107 -96.49 128.27 1.41
CA ILE EA 107 -96.11 129.37 2.28
C ILE EA 107 -97.23 130.39 2.35
N PRO FA 4 -55.66 -6.51 10.93
CA PRO FA 4 -56.31 -5.94 9.74
C PRO FA 4 -57.59 -5.19 10.09
N PHE FA 5 -57.59 -3.88 9.88
CA PHE FA 5 -58.72 -3.03 10.19
C PHE FA 5 -59.43 -2.65 8.89
N GLU FA 6 -60.74 -2.82 8.87
CA GLU FA 6 -61.54 -2.45 7.71
C GLU FA 6 -62.77 -1.67 8.17
N ILE FA 7 -63.31 -0.85 7.27
CA ILE FA 7 -64.51 -0.07 7.53
C ILE FA 7 -65.55 -0.45 6.49
N GLU FA 8 -66.80 -0.54 6.92
CA GLU FA 8 -67.89 -0.99 6.08
C GLU FA 8 -68.79 0.19 5.73
N VAL FA 9 -68.80 0.57 4.45
CA VAL FA 9 -69.64 1.66 3.97
C VAL FA 9 -70.97 1.07 3.50
N LEU FA 10 -72.04 1.42 4.21
CA LEU FA 10 -73.38 0.95 3.84
C LEU FA 10 -73.89 1.75 2.67
N LEU FA 11 -74.01 1.11 1.51
CA LEU FA 11 -74.56 1.77 0.35
C LEU FA 11 -76.05 2.04 0.55
N PRO FA 12 -76.54 3.18 0.08
CA PRO FA 12 -77.98 3.45 0.18
C PRO FA 12 -78.76 2.46 -0.67
N GLY FA 13 -79.97 2.15 -0.22
CA GLY FA 13 -80.84 1.27 -0.96
C GLY FA 13 -81.35 1.93 -2.23
N GLU FA 14 -82.33 1.27 -2.85
CA GLU FA 14 -83.07 1.75 -4.01
C GLU FA 14 -82.16 2.36 -5.08
N LEU FA 15 -80.92 1.86 -5.17
CA LEU FA 15 -79.98 2.39 -6.15
C LEU FA 15 -80.30 1.86 -7.53
N SER FA 16 -80.13 2.72 -8.54
CA SER FA 16 -80.35 2.29 -9.91
C SER FA 16 -79.27 1.30 -10.33
N PRO FA 17 -79.59 0.37 -11.23
CA PRO FA 17 -78.58 -0.63 -11.62
C PRO FA 17 -77.38 -0.04 -12.32
N ALA FA 18 -77.56 1.07 -13.06
CA ALA FA 18 -76.44 1.69 -13.75
C ALA FA 18 -75.41 2.22 -12.77
N GLU FA 19 -75.85 2.84 -11.68
CA GLU FA 19 -74.90 3.39 -10.72
C GLU FA 19 -74.17 2.28 -9.97
N THR FA 20 -74.85 1.17 -9.71
CA THR FA 20 -74.20 0.05 -9.03
C THR FA 20 -73.06 -0.51 -9.86
N SER FA 21 -73.24 -0.59 -11.17
CA SER FA 21 -72.17 -1.05 -12.04
C SER FA 21 -71.01 -0.05 -12.04
N ALA FA 22 -71.32 1.24 -12.15
CA ALA FA 22 -70.27 2.25 -12.08
C ALA FA 22 -69.54 2.22 -10.75
N LEU FA 23 -70.26 1.95 -9.65
CA LEU FA 23 -69.59 1.80 -8.37
C LEU FA 23 -68.71 0.57 -8.33
N GLN FA 24 -69.09 -0.49 -9.05
CA GLN FA 24 -68.24 -1.67 -9.12
C GLN FA 24 -66.98 -1.42 -9.94
N LYS FA 25 -66.94 -0.35 -10.73
CA LYS FA 25 -65.73 -0.01 -11.45
C LYS FA 25 -64.65 0.52 -10.50
N CYS FA 26 -65.05 1.15 -9.40
CA CYS FA 26 -64.12 1.76 -8.47
C CYS FA 26 -63.68 0.71 -7.46
N GLU FA 27 -62.77 -0.15 -7.90
CA GLU FA 27 -62.34 -1.28 -7.08
C GLU FA 27 -61.19 -0.92 -6.14
N GLY FA 28 -60.15 -0.27 -6.66
CA GLY FA 28 -58.98 0.01 -5.86
C GLY FA 28 -58.64 1.47 -5.72
N LYS FA 29 -59.65 2.31 -5.55
CA LYS FA 29 -59.44 3.74 -5.37
C LYS FA 29 -59.35 4.07 -3.88
N ILE FA 30 -59.14 5.36 -3.60
CA ILE FA 30 -58.90 5.85 -2.25
C ILE FA 30 -60.03 6.79 -1.85
N ILE FA 31 -60.48 6.66 -0.60
CA ILE FA 31 -61.50 7.53 -0.03
C ILE FA 31 -60.99 8.08 1.30
N THR FA 32 -61.62 9.15 1.77
CA THR FA 32 -61.23 9.82 2.99
C THR FA 32 -62.39 9.83 3.98
N PHE FA 33 -62.04 9.89 5.27
CA PHE FA 33 -63.01 9.91 6.34
C PHE FA 33 -62.61 10.97 7.36
N SER FA 34 -63.61 11.65 7.93
CA SER FA 34 -63.31 12.63 8.97
C SER FA 34 -63.08 11.96 10.31
N THR FA 35 -63.96 11.02 10.68
CA THR FA 35 -63.82 10.26 11.92
C THR FA 35 -63.83 8.78 11.58
N LEU FA 36 -62.87 8.05 12.12
CA LEU FA 36 -62.74 6.62 11.82
C LEU FA 36 -63.76 5.83 12.62
N ARG FA 37 -64.42 4.88 11.96
CA ARG FA 37 -65.39 4.03 12.62
C ARG FA 37 -65.68 2.83 11.72
N HIS FA 38 -66.05 1.71 12.34
CA HIS FA 38 -66.31 0.49 11.57
C HIS FA 38 -67.49 0.68 10.62
N ARG FA 39 -68.56 1.32 11.10
CA ARG FA 39 -69.76 1.56 10.31
C ARG FA 39 -69.86 3.05 10.02
N ALA FA 40 -70.11 3.39 8.76
CA ALA FA 40 -70.21 4.79 8.34
C ALA FA 40 -71.31 4.93 7.32
N SER FA 41 -71.57 6.17 6.91
CA SER FA 41 -72.60 6.49 5.94
C SER FA 41 -71.96 7.10 4.69
N LEU FA 42 -72.75 7.16 3.62
CA LEU FA 42 -72.24 7.66 2.35
C LEU FA 42 -72.06 9.17 2.35
N VAL FA 43 -72.65 9.88 3.32
CA VAL FA 43 -72.55 11.33 3.33
C VAL FA 43 -71.12 11.78 3.60
N ASP FA 44 -70.37 11.01 4.39
CA ASP FA 44 -69.01 11.40 4.72
C ASP FA 44 -68.11 11.36 3.50
N ILE FA 45 -68.26 10.34 2.66
CA ILE FA 45 -67.41 10.22 1.48
C ILE FA 45 -67.80 11.24 0.42
N ALA FA 46 -69.04 11.71 0.44
CA ALA FA 46 -69.51 12.64 -0.58
C ALA FA 46 -68.77 13.97 -0.45
N LEU FA 47 -68.66 14.65 -1.60
CA LEU FA 47 -68.00 15.96 -1.62
C LEU FA 47 -68.75 16.98 -0.78
N SER FA 48 -70.05 16.78 -0.57
CA SER FA 48 -70.82 17.70 0.27
C SER FA 48 -70.21 17.82 1.66
N SER FA 49 -69.56 16.77 2.15
CA SER FA 49 -68.90 16.82 3.45
C SER FA 49 -67.66 17.70 3.44
N TYR FA 50 -67.11 18.01 2.26
CA TYR FA 50 -65.92 18.84 2.20
C TYR FA 50 -66.24 20.32 2.32
N TYR FA 51 -67.52 20.69 2.30
CA TYR FA 51 -67.90 22.10 2.35
C TYR FA 51 -67.34 22.78 3.59
N ILE FA 52 -66.89 24.01 3.44
CA ILE FA 52 -66.30 24.73 4.57
C ILE FA 52 -67.32 25.68 5.18
N ASN FA 53 -67.76 26.68 4.42
CA ASN FA 53 -68.77 27.59 4.94
C ASN FA 53 -70.16 27.18 4.52
N GLY FA 54 -70.44 27.24 3.22
CA GLY FA 54 -71.67 26.71 2.67
C GLY FA 54 -71.51 26.21 1.25
N ALA FA 55 -70.27 26.18 0.77
CA ALA FA 55 -70.03 26.01 -0.65
C ALA FA 55 -69.04 24.89 -0.93
N PRO FA 56 -68.92 24.44 -2.17
CA PRO FA 56 -67.87 23.48 -2.52
C PRO FA 56 -66.50 24.02 -2.15
N PRO FA 57 -65.57 23.14 -1.78
CA PRO FA 57 -64.29 23.58 -1.24
C PRO FA 57 -63.36 24.11 -2.32
N ASP FA 58 -62.17 24.51 -1.89
CA ASP FA 58 -61.14 25.04 -2.76
C ASP FA 58 -59.94 24.10 -2.79
N THR FA 59 -59.07 24.31 -3.77
CA THR FA 59 -57.90 23.44 -3.91
C THR FA 59 -56.94 23.66 -2.75
N LEU FA 60 -56.91 24.86 -2.18
CA LEU FA 60 -56.12 25.08 -0.98
C LEU FA 60 -56.82 24.57 0.26
N SER FA 61 -58.15 24.64 0.28
CA SER FA 61 -58.90 24.04 1.38
C SER FA 61 -58.87 22.52 1.31
N LEU FA 62 -58.82 21.97 0.09
CA LEU FA 62 -58.75 20.51 -0.04
C LEU FA 62 -57.42 19.98 0.50
N LEU FA 63 -56.34 20.73 0.32
CA LEU FA 63 -55.05 20.28 0.83
C LEU FA 63 -55.05 20.18 2.35
N GLU FA 64 -55.85 21.00 3.02
CA GLU FA 64 -55.96 20.94 4.46
C GLU FA 64 -56.94 19.87 4.92
N ALA FA 65 -57.98 19.60 4.14
CA ALA FA 65 -58.88 18.51 4.47
C ALA FA 65 -58.20 17.16 4.31
N TYR FA 66 -57.22 17.07 3.41
CA TYR FA 66 -56.55 15.79 3.19
C TYR FA 66 -55.65 15.44 4.38
N ARG FA 67 -55.03 16.44 4.99
CA ARG FA 67 -54.20 16.16 6.16
C ARG FA 67 -55.06 15.80 7.37
N MET FA 68 -56.16 16.52 7.57
CA MET FA 68 -56.98 16.28 8.75
C MET FA 68 -57.74 14.95 8.64
N ARG FA 69 -58.28 14.65 7.47
CA ARG FA 69 -59.09 13.45 7.31
C ARG FA 69 -58.22 12.20 7.30
N PHE FA 70 -58.83 11.08 7.71
CA PHE FA 70 -58.18 9.79 7.61
C PHE FA 70 -58.27 9.26 6.18
N ALA FA 71 -57.37 8.34 5.84
CA ALA FA 71 -57.30 7.77 4.51
C ALA FA 71 -57.77 6.32 4.53
N ALA FA 72 -58.46 5.93 3.46
CA ALA FA 72 -58.97 4.57 3.33
C ALA FA 72 -58.89 4.13 1.89
N VAL FA 73 -58.82 2.82 1.68
CA VAL FA 73 -58.64 2.23 0.36
C VAL FA 73 -59.80 1.30 0.08
N ILE FA 74 -60.47 1.51 -1.06
CA ILE FA 74 -61.60 0.67 -1.43
C ILE FA 74 -61.11 -0.72 -1.80
N THR FA 75 -61.93 -1.72 -1.50
CA THR FA 75 -61.64 -3.10 -1.86
C THR FA 75 -62.91 -3.68 -2.48
N ARG FA 76 -62.99 -5.01 -2.60
CA ARG FA 76 -64.14 -5.66 -3.23
C ARG FA 76 -65.46 -5.11 -2.71
N VAL FA 77 -66.32 -4.70 -3.63
CA VAL FA 77 -67.64 -4.16 -3.31
C VAL FA 77 -68.70 -5.18 -3.69
N ILE FA 78 -69.66 -5.38 -2.81
CA ILE FA 78 -70.78 -6.29 -3.06
C ILE FA 78 -72.01 -5.43 -3.34
N PRO FA 79 -73.12 -5.98 -3.82
CA PRO FA 79 -74.28 -5.14 -4.13
C PRO FA 79 -74.76 -4.28 -2.97
N GLY FA 80 -74.74 -4.80 -1.75
CA GLY FA 80 -75.24 -4.06 -0.61
C GLY FA 80 -74.22 -3.23 0.11
N LYS FA 81 -73.09 -3.84 0.46
CA LYS FA 81 -72.06 -3.20 1.27
C LYS FA 81 -70.90 -2.75 0.39
N LEU FA 82 -70.03 -1.92 0.98
CA LEU FA 82 -68.85 -1.40 0.30
C LEU FA 82 -67.67 -1.52 1.27
N LEU FA 83 -66.82 -2.51 1.05
CA LEU FA 83 -65.70 -2.77 1.94
C LEU FA 83 -64.54 -1.82 1.66
N ALA FA 84 -63.80 -1.49 2.71
CA ALA FA 84 -62.67 -0.59 2.59
C ALA FA 84 -61.76 -0.76 3.80
N HIS FA 85 -60.45 -0.61 3.59
CA HIS FA 85 -59.46 -0.77 4.64
C HIS FA 85 -58.82 0.57 4.98
N ALA FA 86 -58.31 0.66 6.20
CA ALA FA 86 -57.66 1.86 6.69
C ALA FA 86 -56.17 1.85 6.33
N ILE FA 87 -55.57 3.04 6.36
CA ILE FA 87 -54.19 3.20 5.94
C ILE FA 87 -53.36 3.85 7.04
N GLY FA 88 -53.79 5.04 7.48
CA GLY FA 88 -53.03 5.85 8.41
C GLY FA 88 -52.58 5.15 9.67
N VAL FA 89 -53.53 4.59 10.43
CA VAL FA 89 -53.17 3.89 11.66
C VAL FA 89 -52.39 2.64 11.33
N GLY FA 90 -51.39 2.34 12.17
CA GLY FA 90 -50.58 1.16 11.98
C GLY FA 90 -51.38 -0.12 12.08
N THR FA 91 -51.56 -0.79 10.94
CA THR FA 91 -52.36 -1.99 10.89
C THR FA 91 -51.88 -2.85 9.73
N PRO FA 92 -51.58 -4.13 9.95
CA PRO FA 92 -51.07 -4.97 8.86
C PRO FA 92 -52.16 -5.26 7.84
N THR FA 93 -51.82 -5.08 6.56
CA THR FA 93 -52.73 -5.35 5.46
C THR FA 93 -51.99 -6.17 4.42
N PRO FA 94 -52.31 -7.45 4.26
CA PRO FA 94 -51.62 -8.26 3.26
C PRO FA 94 -52.21 -8.10 1.86
N GLY FA 95 -51.35 -7.89 0.87
CA GLY FA 95 -51.78 -7.77 -0.50
C GLY FA 95 -52.66 -6.55 -0.75
N LEU FA 96 -52.10 -5.36 -0.59
CA LEU FA 96 -52.82 -4.12 -0.82
C LEU FA 96 -52.54 -3.63 -2.23
N PHE FA 97 -53.53 -3.00 -2.85
CA PHE FA 97 -53.40 -2.56 -4.22
C PHE FA 97 -54.16 -1.27 -4.45
N ILE FA 98 -53.64 -0.46 -5.38
CA ILE FA 98 -54.20 0.84 -5.71
C ILE FA 98 -54.34 0.94 -7.22
N GLN FA 99 -55.41 1.61 -7.66
CA GLN FA 99 -55.63 1.88 -9.07
C GLN FA 99 -55.05 3.24 -9.42
N ASN FA 100 -54.29 3.30 -10.52
CA ASN FA 100 -53.68 4.55 -10.93
C ASN FA 100 -54.75 5.50 -11.46
N THR FA 101 -54.77 6.73 -10.94
CA THR FA 101 -55.71 7.75 -11.37
C THR FA 101 -55.04 8.94 -12.03
N SER FA 102 -53.73 9.09 -11.89
CA SER FA 102 -53.05 10.21 -12.50
C SER FA 102 -52.72 9.91 -13.96
N PRO FA 103 -52.63 10.95 -14.80
CA PRO FA 103 -52.23 10.72 -16.19
C PRO FA 103 -50.79 10.29 -16.34
N VAL FA 104 -49.98 10.39 -15.30
CA VAL FA 104 -48.56 10.09 -15.37
C VAL FA 104 -48.33 8.64 -14.96
N ASP FA 105 -47.33 8.01 -15.57
CA ASP FA 105 -47.00 6.63 -15.29
C ASP FA 105 -46.19 6.51 -14.01
N LEU FA 106 -46.25 5.33 -13.39
CA LEU FA 106 -45.48 5.01 -12.19
C LEU FA 106 -44.60 3.80 -12.45
N CYS FA 107 -43.53 3.68 -11.67
CA CYS FA 107 -42.63 2.54 -11.75
C CYS FA 107 -42.37 2.03 -10.35
N ASN FA 108 -41.44 1.09 -10.23
CA ASN FA 108 -41.12 0.51 -8.94
C ASN FA 108 -40.42 1.54 -8.04
N GLY FA 109 -40.65 1.40 -6.74
CA GLY FA 109 -39.97 2.23 -5.76
C GLY FA 109 -40.29 3.71 -5.84
N ASP FA 110 -41.56 4.06 -6.00
CA ASP FA 110 -41.99 5.44 -6.01
C ASP FA 110 -42.90 5.71 -4.82
N TYR FA 111 -42.67 6.81 -4.13
CA TYR FA 111 -43.56 7.21 -3.05
C TYR FA 111 -44.78 7.92 -3.60
N ILE FA 112 -45.94 7.62 -3.02
CA ILE FA 112 -47.21 8.12 -3.50
C ILE FA 112 -47.67 9.27 -2.60
N CYS FA 113 -48.17 10.33 -3.22
CA CYS FA 113 -48.74 11.46 -2.51
C CYS FA 113 -50.22 11.56 -2.86
N LEU FA 114 -50.87 12.62 -2.37
CA LEU FA 114 -52.31 12.75 -2.51
C LEU FA 114 -52.64 14.23 -2.66
N LEU FA 115 -53.11 14.62 -3.84
CA LEU FA 115 -53.46 16.00 -4.12
C LEU FA 115 -54.79 16.08 -4.86
N PRO FA 116 -55.51 17.19 -4.71
CA PRO FA 116 -56.81 17.32 -5.38
C PRO FA 116 -56.64 17.34 -6.88
N PRO FA 117 -57.74 17.14 -7.63
CA PRO FA 117 -57.62 17.18 -9.10
C PRO FA 117 -57.34 18.58 -9.60
N VAL FA 118 -56.10 18.80 -10.05
CA VAL FA 118 -55.67 20.09 -10.59
C VAL FA 118 -55.73 20.12 -12.10
N PHE FA 119 -55.71 18.96 -12.76
CA PHE FA 119 -55.85 18.86 -14.20
C PHE FA 119 -57.32 18.97 -14.58
N GLY FA 120 -57.66 18.57 -15.80
CA GLY FA 120 -59.02 18.63 -16.30
C GLY FA 120 -60.09 18.06 -15.39
N SER FA 121 -61.34 18.40 -15.66
CA SER FA 121 -62.48 18.07 -14.80
C SER FA 121 -62.38 16.64 -14.28
N ALA FA 122 -62.45 16.51 -12.97
CA ALA FA 122 -62.19 15.24 -12.31
C ALA FA 122 -63.24 14.20 -12.69
N ASP FA 123 -62.78 13.04 -13.16
CA ASP FA 123 -63.68 11.92 -13.39
C ASP FA 123 -64.18 11.40 -12.05
N SER FA 124 -65.49 11.44 -11.85
CA SER FA 124 -66.05 11.11 -10.55
C SER FA 124 -67.45 10.57 -10.73
N ILE FA 125 -67.82 9.61 -9.88
CA ILE FA 125 -69.16 9.03 -9.93
C ILE FA 125 -70.16 10.05 -9.41
N ARG FA 126 -71.29 10.17 -10.12
CA ARG FA 126 -72.36 11.08 -9.76
C ARG FA 126 -73.63 10.28 -9.51
N LEU FA 127 -74.32 10.58 -8.41
CA LEU FA 127 -75.54 9.88 -8.03
C LEU FA 127 -76.68 10.88 -8.03
N ASP FA 128 -77.65 10.68 -8.93
CA ASP FA 128 -78.78 11.61 -9.05
C ASP FA 128 -79.87 11.30 -8.03
N SER FA 129 -80.20 10.02 -7.85
CA SER FA 129 -81.25 9.65 -6.92
C SER FA 129 -80.87 10.01 -5.49
N VAL FA 130 -79.64 9.68 -5.09
CA VAL FA 130 -79.18 10.06 -3.75
C VAL FA 130 -78.97 11.56 -3.68
N GLY FA 131 -78.48 12.17 -4.75
CA GLY FA 131 -78.29 13.60 -4.79
C GLY FA 131 -76.88 14.08 -4.53
N LEU FA 132 -75.95 13.18 -4.31
CA LEU FA 132 -74.56 13.54 -4.05
C LEU FA 132 -73.65 12.97 -5.12
N GLU FA 133 -72.38 13.36 -5.05
CA GLU FA 133 -71.35 12.82 -5.91
C GLU FA 133 -70.06 12.69 -5.12
N ILE FA 134 -69.24 11.72 -5.48
CA ILE FA 134 -68.01 11.42 -4.77
C ILE FA 134 -66.84 11.66 -5.72
N VAL FA 135 -65.86 12.43 -5.26
CA VAL FA 135 -64.68 12.74 -6.06
C VAL FA 135 -63.49 11.99 -5.48
N PHE FA 136 -62.77 11.29 -6.35
CA PHE FA 136 -61.65 10.55 -5.79
C PHE FA 136 -60.36 11.34 -5.93
N PRO FA 137 -59.51 11.33 -4.90
CA PRO FA 137 -58.26 12.08 -4.96
C PRO FA 137 -57.32 11.52 -6.01
N LEU FA 138 -56.31 12.32 -6.35
CA LEU FA 138 -55.36 12.00 -7.40
C LEU FA 138 -54.01 11.67 -6.77
N THR FA 139 -53.32 10.70 -7.37
CA THR FA 139 -52.10 10.13 -6.79
C THR FA 139 -50.95 10.28 -7.77
N ILE FA 140 -49.93 11.05 -7.39
CA ILE FA 140 -48.73 11.21 -8.20
C ILE FA 140 -47.50 10.85 -7.36
N PRO FA 141 -46.34 10.64 -7.99
CA PRO FA 141 -45.12 10.40 -7.20
C PRO FA 141 -44.65 11.63 -6.45
N GLN FA 142 -43.58 11.47 -5.67
CA GLN FA 142 -43.09 12.57 -4.84
C GLN FA 142 -42.49 13.69 -5.67
N THR FA 143 -41.67 13.35 -6.66
CA THR FA 143 -41.00 14.37 -7.46
C THR FA 143 -42.01 15.28 -8.14
N LEU FA 144 -43.02 14.70 -8.78
CA LEU FA 144 -44.05 15.50 -9.41
C LEU FA 144 -44.84 16.31 -8.38
N MET FA 145 -44.94 15.80 -7.16
CA MET FA 145 -45.72 16.48 -6.13
C MET FA 145 -45.07 17.81 -5.75
N ARG FA 146 -43.75 17.80 -5.51
CA ARG FA 146 -43.08 19.01 -5.07
C ARG FA 146 -43.08 20.10 -6.13
N GLU FA 147 -43.11 19.72 -7.40
CA GLU FA 147 -43.13 20.72 -8.46
C GLU FA 147 -44.49 21.38 -8.58
N ILE FA 148 -45.56 20.63 -8.35
CA ILE FA 148 -46.90 21.19 -8.47
C ILE FA 148 -47.16 22.18 -7.34
N ILE FA 149 -46.76 21.83 -6.12
CA ILE FA 149 -46.96 22.73 -4.98
C ILE FA 149 -46.19 24.03 -5.18
N ALA FA 150 -44.97 23.92 -5.72
CA ALA FA 150 -44.13 25.11 -5.88
C ALA FA 150 -44.79 26.12 -6.81
N LYS FA 151 -45.39 25.65 -7.91
CA LYS FA 151 -46.01 26.57 -8.85
C LYS FA 151 -47.35 27.07 -8.35
N VAL FA 152 -48.08 26.28 -7.58
CA VAL FA 152 -49.37 26.73 -7.05
C VAL FA 152 -49.17 27.83 -6.02
N VAL FA 153 -48.19 27.66 -5.13
CA VAL FA 153 -47.92 28.68 -4.13
C VAL FA 153 -47.43 29.96 -4.78
N ALA FA 154 -46.58 29.85 -5.80
CA ALA FA 154 -46.09 31.03 -6.49
C ALA FA 154 -47.22 31.78 -7.17
N ARG FA 155 -48.16 31.05 -7.77
CA ARG FA 155 -49.32 31.70 -8.37
C ARG FA 155 -50.21 32.35 -7.31
N ALA FA 156 -50.21 31.81 -6.09
CA ALA FA 156 -51.01 32.39 -5.03
C ALA FA 156 -50.48 33.76 -4.63
N VAL FA 157 -49.17 33.89 -4.47
CA VAL FA 157 -48.58 35.19 -4.18
C VAL FA 157 -48.82 36.17 -5.31
N GLU FA 158 -48.88 35.67 -6.55
CA GLU FA 158 -49.13 36.53 -7.69
C GLU FA 158 -50.50 37.19 -7.61
N ARG FA 159 -51.52 36.39 -7.28
CA ARG FA 159 -52.88 36.92 -7.23
C ARG FA 159 -53.03 37.95 -6.13
N THR FA 160 -52.61 37.61 -4.92
CA THR FA 160 -52.69 38.53 -3.79
C THR FA 160 -51.42 39.35 -3.66
N ASP FA 176 -49.17 27.89 -16.61
CA ASP FA 176 -48.22 26.99 -15.97
C ASP FA 176 -48.03 25.71 -16.78
N VAL FA 177 -46.80 25.22 -16.85
CA VAL FA 177 -46.44 24.07 -17.67
C VAL FA 177 -45.45 23.22 -16.87
N ILE FA 178 -45.69 21.92 -16.83
CA ILE FA 178 -44.83 20.97 -16.14
C ILE FA 178 -44.41 19.89 -17.13
N CYS FA 179 -43.11 19.68 -17.27
CA CYS FA 179 -42.56 18.68 -18.17
C CYS FA 179 -42.22 17.44 -17.37
N TYR FA 180 -42.85 16.32 -17.71
CA TYR FA 180 -42.56 15.04 -17.08
C TYR FA 180 -42.41 14.00 -18.18
N ASN FA 181 -41.26 13.32 -18.21
CA ASN FA 181 -40.96 12.30 -19.21
C ASN FA 181 -41.10 12.87 -20.62
N GLY FA 182 -40.62 14.10 -20.82
CA GLY FA 182 -40.68 14.72 -22.13
C GLY FA 182 -42.06 15.10 -22.59
N ARG FA 183 -43.04 15.12 -21.69
CA ARG FA 183 -44.40 15.53 -22.01
C ARG FA 183 -44.79 16.69 -21.12
N ARG FA 184 -45.44 17.68 -21.72
CA ARG FA 184 -45.85 18.88 -20.98
C ARG FA 184 -47.32 18.77 -20.59
N TYR FA 185 -47.64 19.33 -19.43
CA TYR FA 185 -49.01 19.38 -18.94
C TYR FA 185 -49.33 20.79 -18.49
N GLU FA 186 -50.58 21.01 -18.11
CA GLU FA 186 -51.02 22.29 -17.59
C GLU FA 186 -51.86 22.08 -16.35
N LEU FA 187 -52.04 23.14 -15.58
CA LEU FA 187 -52.82 23.11 -14.35
C LEU FA 187 -53.81 24.26 -14.38
N GLU FA 188 -55.07 23.96 -14.07
CA GLU FA 188 -56.08 25.00 -13.86
C GLU FA 188 -56.34 25.11 -12.36
N THR FA 189 -55.49 25.89 -11.70
CA THR FA 189 -55.65 26.11 -10.28
C THR FA 189 -56.87 26.96 -10.01
N ASN FA 190 -57.53 26.69 -8.90
CA ASN FA 190 -58.74 27.39 -8.50
C ASN FA 190 -58.49 28.06 -7.15
N LEU FA 191 -58.70 29.37 -7.10
CA LEU FA 191 -58.47 30.15 -5.89
C LEU FA 191 -59.63 31.11 -5.66
N GLN FA 192 -60.85 30.60 -5.80
CA GLN FA 192 -62.03 31.45 -5.65
C GLN FA 192 -62.25 31.91 -4.22
N HIS FA 193 -61.55 31.31 -3.26
CA HIS FA 193 -61.62 31.74 -1.86
C HIS FA 193 -60.37 32.54 -1.50
N ARG FA 194 -60.43 33.19 -0.34
CA ARG FA 194 -59.30 33.96 0.16
C ARG FA 194 -58.87 33.57 1.57
N ASP FA 195 -59.74 32.93 2.35
CA ASP FA 195 -59.37 32.51 3.70
C ASP FA 195 -58.17 31.58 3.71
N GLY FA 196 -58.04 30.70 2.73
CA GLY FA 196 -56.96 29.73 2.74
C GLY FA 196 -55.69 30.21 2.06
N SER FA 197 -55.82 31.17 1.14
CA SER FA 197 -54.66 31.64 0.39
C SER FA 197 -53.66 32.34 1.30
N ASP FA 198 -54.14 33.25 2.15
CA ASP FA 198 -53.24 33.97 3.03
C ASP FA 198 -52.64 33.07 4.11
N ALA FA 199 -53.29 31.95 4.41
CA ALA FA 199 -52.74 31.03 5.41
C ALA FA 199 -51.46 30.38 4.91
N ALA FA 200 -51.36 30.10 3.61
CA ALA FA 200 -50.15 29.52 3.06
C ALA FA 200 -49.00 30.53 3.08
N ILE FA 201 -49.31 31.82 2.96
CA ILE FA 201 -48.27 32.84 3.05
C ILE FA 201 -47.67 32.88 4.45
N ARG FA 202 -48.51 32.68 5.47
CA ARG FA 202 -48.03 32.73 6.85
C ARG FA 202 -47.05 31.59 7.13
N THR FA 203 -47.43 30.37 6.76
CA THR FA 203 -46.55 29.23 7.05
C THR FA 203 -45.30 29.26 6.20
N LEU FA 204 -45.30 30.02 5.10
CA LEU FA 204 -44.12 30.10 4.25
C LEU FA 204 -43.06 31.01 4.87
N VAL FA 205 -43.45 32.25 5.19
CA VAL FA 205 -42.48 33.20 5.72
C VAL FA 205 -41.99 32.78 7.09
N LEU FA 206 -42.78 31.99 7.81
CA LEU FA 206 -42.34 31.51 9.12
C LEU FA 206 -41.21 30.50 9.01
N ASN FA 207 -41.09 29.81 7.87
CA ASN FA 207 -39.97 28.91 7.66
C ASN FA 207 -38.73 29.67 7.19
N LEU FA 208 -38.90 30.68 6.34
CA LEU FA 208 -37.76 31.51 5.96
C LEU FA 208 -37.23 32.29 7.15
N MET FA 209 -38.11 32.77 8.02
CA MET FA 209 -37.67 33.55 9.17
C MET FA 209 -36.89 32.72 10.17
N PHE FA 210 -37.16 31.42 10.25
CA PHE FA 210 -36.48 30.55 11.19
C PHE FA 210 -35.24 29.89 10.59
N SER FA 211 -34.83 30.31 9.40
CA SER FA 211 -33.60 29.82 8.79
C SER FA 211 -32.52 30.89 8.76
N ILE FA 212 -32.59 31.85 9.69
CA ILE FA 212 -31.65 32.95 9.76
C ILE FA 212 -30.98 32.92 11.13
N ASN FA 213 -29.70 32.61 11.16
CA ASN FA 213 -28.93 32.60 12.39
C ASN FA 213 -27.65 33.39 12.18
N GLU FA 214 -26.79 33.39 13.19
CA GLU FA 214 -25.55 34.15 13.12
C GLU FA 214 -24.60 33.64 12.04
N GLY FA 215 -24.86 32.46 11.49
CA GLY FA 215 -23.94 31.87 10.53
C GLY FA 215 -24.19 32.19 9.07
N CYS FA 216 -25.29 32.87 8.73
CA CYS FA 216 -25.48 33.29 7.34
C CYS FA 216 -24.34 34.15 6.84
N LEU FA 217 -23.78 34.98 7.70
CA LEU FA 217 -22.74 35.92 7.27
C LEU FA 217 -21.57 35.19 6.62
N LEU FA 218 -21.12 34.10 7.23
CA LEU FA 218 -20.02 33.33 6.64
C LEU FA 218 -20.42 32.76 5.29
N LEU FA 219 -21.58 32.10 5.24
CA LEU FA 219 -22.04 31.52 3.98
C LEU FA 219 -22.38 32.60 2.95
N LEU FA 220 -22.73 33.80 3.39
CA LEU FA 220 -22.98 34.88 2.45
C LEU FA 220 -21.69 35.55 1.99
N ALA FA 221 -20.57 35.28 2.65
CA ALA FA 221 -19.28 35.81 2.26
C ALA FA 221 -18.54 34.89 1.30
N LEU FA 222 -19.04 33.68 1.08
CA LEU FA 222 -18.41 32.71 0.19
C LEU FA 222 -18.95 32.80 -1.22
N ILE FA 223 -19.68 33.85 -1.56
CA ILE FA 223 -20.24 34.02 -2.89
C ILE FA 223 -19.13 34.25 -3.92
N PRO FA 224 -18.16 35.14 -3.70
CA PRO FA 224 -17.13 35.35 -4.73
C PRO FA 224 -16.35 34.08 -5.07
N THR FA 225 -15.91 33.32 -4.05
CA THR FA 225 -15.19 32.09 -4.35
C THR FA 225 -16.11 31.07 -5.00
N LEU FA 226 -17.42 31.17 -4.77
CA LEU FA 226 -18.35 30.30 -5.49
C LEU FA 226 -18.41 30.66 -6.97
N LEU FA 227 -18.47 31.95 -7.28
CA LEU FA 227 -18.47 32.37 -8.68
C LEU FA 227 -17.17 31.98 -9.37
N VAL FA 228 -16.05 32.07 -8.64
CA VAL FA 228 -14.77 31.61 -9.19
C VAL FA 228 -14.83 30.11 -9.44
N GLN FA 229 -15.33 29.36 -8.46
CA GLN FA 229 -15.51 27.92 -8.63
C GLN FA 229 -16.56 27.60 -9.69
N GLY FA 230 -17.45 28.55 -10.00
CA GLY FA 230 -18.42 28.33 -11.05
C GLY FA 230 -17.77 28.05 -12.39
N ALA FA 231 -16.79 28.87 -12.76
CA ALA FA 231 -16.03 28.60 -13.97
C ALA FA 231 -15.05 27.46 -13.74
N HIS FA 232 -14.47 26.96 -14.84
CA HIS FA 232 -13.54 25.84 -14.84
C HIS FA 232 -14.00 24.69 -13.95
N ASP FA 233 -15.31 24.49 -13.87
CA ASP FA 233 -15.86 23.34 -13.17
C ASP FA 233 -16.89 22.63 -14.03
N GLY FA 234 -17.58 23.39 -14.88
CA GLY FA 234 -18.57 22.82 -15.76
C GLY FA 234 -19.79 22.22 -15.10
N TYR FA 235 -19.89 22.29 -13.79
CA TYR FA 235 -21.02 21.74 -13.07
C TYR FA 235 -21.73 22.78 -12.21
N VAL FA 236 -20.98 23.69 -11.58
CA VAL FA 236 -21.59 24.72 -10.75
C VAL FA 236 -22.37 25.72 -11.59
N ASN FA 237 -22.06 25.84 -12.88
CA ASN FA 237 -22.80 26.76 -13.74
C ASN FA 237 -24.28 26.43 -13.75
N LEU FA 238 -24.61 25.14 -13.87
CA LEU FA 238 -26.01 24.74 -13.80
C LEU FA 238 -26.62 25.09 -12.44
N LEU FA 239 -25.83 24.97 -11.37
CA LEU FA 239 -26.27 25.46 -10.07
C LEU FA 239 -26.46 26.96 -10.08
N ILE FA 240 -25.64 27.69 -10.84
CA ILE FA 240 -25.71 29.14 -10.84
C ILE FA 240 -26.86 29.63 -11.72
N GLN FA 241 -27.13 28.94 -12.82
CA GLN FA 241 -28.15 29.42 -13.75
C GLN FA 241 -29.54 29.29 -13.16
N THR FA 242 -29.82 28.17 -12.49
CA THR FA 242 -31.11 28.00 -11.84
C THR FA 242 -31.31 29.03 -10.74
N ALA FA 243 -30.25 29.34 -9.98
CA ALA FA 243 -30.34 30.37 -8.95
C ALA FA 243 -30.35 31.76 -9.58
N ASN FA 244 -31.01 32.68 -8.89
CA ASN FA 244 -31.11 34.06 -9.36
C ASN FA 244 -30.52 35.05 -8.38
N CYS FA 245 -30.80 34.90 -7.09
CA CYS FA 245 -30.34 35.86 -6.10
C CYS FA 245 -28.81 35.88 -6.04
N VAL FA 246 -28.20 34.73 -5.73
CA VAL FA 246 -26.75 34.67 -5.54
C VAL FA 246 -26.03 35.09 -6.82
N ARG FA 247 -26.64 34.86 -7.97
CA ARG FA 247 -26.02 35.32 -9.22
C ARG FA 247 -26.08 36.83 -9.36
N GLU FA 248 -27.11 37.46 -8.80
CA GLU FA 248 -27.22 38.91 -8.89
C GLU FA 248 -26.45 39.60 -7.77
N THR FA 249 -26.58 39.12 -6.54
CA THR FA 249 -25.84 39.69 -5.43
C THR FA 249 -24.34 39.46 -5.54
N GLY FA 250 -23.91 38.46 -6.30
CA GLY FA 250 -22.50 38.16 -6.41
C GLY FA 250 -21.68 39.31 -6.98
N GLN FA 251 -22.31 40.16 -7.78
CA GLN FA 251 -21.61 41.26 -8.44
C GLN FA 251 -22.28 42.60 -8.15
N LEU FA 252 -22.95 42.72 -7.01
CA LEU FA 252 -23.60 43.98 -6.66
C LEU FA 252 -23.43 44.40 -5.21
N ILE FA 253 -22.97 43.54 -4.31
CA ILE FA 253 -22.88 43.87 -2.89
C ILE FA 253 -21.46 43.64 -2.41
N ASN FA 254 -21.08 44.33 -1.33
CA ASN FA 254 -19.71 44.28 -0.81
C ASN FA 254 -19.52 43.28 0.32
N ILE FA 255 -20.54 43.04 1.14
CA ILE FA 255 -20.46 42.05 2.21
C ILE FA 255 -19.32 42.38 3.18
N PRO FA 256 -19.51 43.34 4.08
CA PRO FA 256 -18.45 43.71 5.05
C PRO FA 256 -17.75 42.49 5.62
N PRO FA 257 -16.43 42.59 5.88
CA PRO FA 257 -15.60 41.38 5.95
C PRO FA 257 -16.01 40.34 6.98
N MET FA 258 -15.96 40.68 8.28
CA MET FA 258 -16.21 39.67 9.29
C MET FA 258 -16.30 40.26 10.69
N PRO FA 259 -17.27 39.82 11.49
CA PRO FA 259 -17.23 40.12 12.93
C PRO FA 259 -16.47 39.05 13.69
N ARG FA 260 -16.45 39.14 15.02
CA ARG FA 260 -15.85 38.12 15.86
C ARG FA 260 -16.94 37.28 16.52
N ILE FA 261 -16.50 36.30 17.32
CA ILE FA 261 -17.43 35.42 18.03
C ILE FA 261 -17.39 35.77 19.51
N GLN FA 262 -18.56 35.70 20.15
CA GLN FA 262 -18.65 36.01 21.56
C GLN FA 262 -17.77 35.07 22.39
N ASP FA 263 -17.99 33.77 22.24
CA ASP FA 263 -17.16 32.75 22.89
C ASP FA 263 -16.72 31.76 21.81
N GLY FA 264 -15.64 32.11 21.11
CA GLY FA 264 -15.11 31.25 20.08
C GLY FA 264 -14.18 30.18 20.59
N HIS FA 265 -13.86 30.21 21.88
CA HIS FA 265 -12.95 29.22 22.45
C HIS FA 265 -13.61 27.87 22.68
N ARG FA 266 -14.94 27.81 22.68
CA ARG FA 266 -15.63 26.55 22.92
C ARG FA 266 -16.87 26.36 22.05
N ARG FA 267 -17.19 27.27 21.16
CA ARG FA 267 -18.44 27.22 20.41
C ARG FA 267 -18.17 27.11 18.91
N PHE FA 268 -19.12 26.52 18.21
CA PHE FA 268 -19.05 26.34 16.76
C PHE FA 268 -20.27 27.00 16.14
N PRO FA 269 -20.15 28.19 15.56
CA PRO FA 269 -21.35 28.95 15.17
C PRO FA 269 -22.00 28.46 13.88
N ILE FA 270 -21.22 27.84 13.00
CA ILE FA 270 -21.74 27.42 11.70
C ILE FA 270 -22.41 26.07 11.84
N TYR FA 271 -22.34 25.48 13.03
CA TYR FA 271 -22.95 24.17 13.25
C TYR FA 271 -24.47 24.27 13.32
N GLU FA 272 -24.98 25.23 14.08
CA GLU FA 272 -26.43 25.39 14.18
C GLU FA 272 -27.05 25.65 12.82
N THR FA 273 -26.54 26.66 12.10
CA THR FA 273 -27.14 27.07 10.84
C THR FA 273 -27.19 25.91 9.85
N ILE FA 274 -26.13 25.11 9.78
CA ILE FA 274 -26.16 23.94 8.90
C ILE FA 274 -27.05 22.84 9.43
N SER FA 275 -27.40 22.88 10.72
CA SER FA 275 -28.33 21.92 11.31
C SER FA 275 -29.71 22.52 11.49
N SER FA 276 -29.80 23.79 11.86
CA SER FA 276 -31.10 24.44 12.00
C SER FA 276 -31.87 24.41 10.69
N TRP FA 277 -31.17 24.42 9.56
CA TRP FA 277 -31.85 24.38 8.27
C TRP FA 277 -32.32 22.97 7.91
N ILE FA 278 -31.64 21.94 8.41
CA ILE FA 278 -31.99 20.57 8.04
C ILE FA 278 -33.41 20.24 8.48
N SER FA 279 -33.71 20.49 9.75
CA SER FA 279 -35.06 20.22 10.25
C SER FA 279 -36.10 21.12 9.60
N THR FA 280 -35.71 22.36 9.27
CA THR FA 280 -36.67 23.28 8.65
C THR FA 280 -37.05 22.81 7.25
N SER FA 281 -36.08 22.37 6.46
CA SER FA 281 -36.37 21.94 5.09
C SER FA 281 -37.24 20.69 5.09
N SER FA 282 -36.99 19.77 6.03
CA SER FA 282 -37.79 18.55 6.08
C SER FA 282 -39.24 18.85 6.43
N ARG FA 283 -39.48 19.83 7.29
CA ARG FA 283 -40.85 20.22 7.63
C ARG FA 283 -41.51 20.96 6.48
N LEU FA 284 -40.71 21.56 5.59
CA LEU FA 284 -41.26 22.38 4.53
C LEU FA 284 -42.09 21.56 3.55
N GLY FA 285 -41.59 20.40 3.16
CA GLY FA 285 -42.27 19.61 2.14
C GLY FA 285 -43.60 19.04 2.61
N ASP FA 286 -43.80 18.96 3.92
CA ASP FA 286 -45.01 18.36 4.46
C ASP FA 286 -46.08 19.38 4.82
N THR FA 287 -45.69 20.44 5.54
CA THR FA 287 -46.66 21.46 5.93
C THR FA 287 -47.23 22.19 4.73
N LEU FA 288 -46.44 22.38 3.67
CA LEU FA 288 -46.93 23.12 2.51
C LEU FA 288 -47.99 22.31 1.76
N GLY FA 289 -47.73 21.02 1.55
CA GLY FA 289 -48.69 20.17 0.88
C GLY FA 289 -49.09 18.97 1.70
N THR FA 290 -48.90 17.78 1.17
CA THR FA 290 -49.17 16.54 1.88
C THR FA 290 -47.87 15.77 2.09
N ARG FA 291 -48.00 14.60 2.70
CA ARG FA 291 -46.86 13.73 2.99
C ARG FA 291 -46.96 12.45 2.19
N ALA FA 292 -45.86 11.72 2.15
CA ALA FA 292 -45.84 10.42 1.49
C ALA FA 292 -46.70 9.44 2.25
N ILE FA 293 -47.51 8.67 1.52
CA ILE FA 293 -48.50 7.80 2.14
C ILE FA 293 -48.18 6.34 1.85
N LEU FA 294 -47.58 6.07 0.70
CA LEU FA 294 -47.40 4.69 0.26
C LEU FA 294 -46.13 4.56 -0.54
N ARG FA 295 -45.68 3.31 -0.69
CA ARG FA 295 -44.59 2.94 -1.58
C ARG FA 295 -45.06 1.81 -2.48
N VAL FA 296 -44.82 1.95 -3.77
CA VAL FA 296 -45.22 0.94 -4.74
C VAL FA 296 -44.07 -0.04 -4.93
N CYS FA 297 -44.37 -1.33 -4.78
CA CYS FA 297 -43.39 -2.39 -4.98
C CYS FA 297 -44.17 -3.65 -5.35
N VAL FA 298 -44.19 -3.96 -6.64
CA VAL FA 298 -44.97 -5.08 -7.15
C VAL FA 298 -44.07 -6.30 -7.29
N PHE FA 299 -44.56 -7.43 -6.80
CA PHE FA 299 -43.89 -8.72 -6.99
C PHE FA 299 -44.49 -9.41 -8.21
N ASP FA 300 -43.62 -9.90 -9.09
CA ASP FA 300 -44.05 -10.68 -10.24
C ASP FA 300 -44.97 -9.87 -11.15
N GLY FA 301 -44.68 -8.58 -11.29
CA GLY FA 301 -45.48 -7.72 -12.14
C GLY FA 301 -44.61 -6.87 -13.04
N PRO FA 302 -45.24 -6.01 -13.84
CA PRO FA 302 -44.48 -5.13 -14.72
C PRO FA 302 -43.70 -4.09 -13.94
N SER FA 303 -42.62 -3.61 -14.56
CA SER FA 303 -41.80 -2.59 -13.91
C SER FA 303 -42.42 -1.21 -13.99
N THR FA 304 -43.22 -0.95 -15.03
CA THR FA 304 -43.89 0.33 -15.20
C THR FA 304 -45.37 0.07 -15.41
N VAL FA 305 -46.21 0.81 -14.68
CA VAL FA 305 -47.66 0.67 -14.76
C VAL FA 305 -48.20 1.82 -15.61
N HIS FA 306 -49.28 1.54 -16.33
CA HIS FA 306 -49.95 2.51 -17.18
C HIS FA 306 -51.22 3.00 -16.51
N PRO FA 307 -51.71 4.18 -16.89
CA PRO FA 307 -52.89 4.74 -16.20
C PRO FA 307 -54.10 3.84 -16.35
N GLY FA 308 -54.77 3.61 -15.23
CA GLY FA 308 -55.91 2.74 -15.17
C GLY FA 308 -55.64 1.35 -14.65
N ASP FA 309 -54.38 0.91 -14.64
CA ASP FA 309 -54.03 -0.41 -14.13
C ASP FA 309 -53.75 -0.35 -12.64
N ARG FA 310 -53.69 -1.51 -12.01
CA ARG FA 310 -53.52 -1.62 -10.57
C ARG FA 310 -52.16 -2.21 -10.23
N THR FA 311 -51.61 -1.80 -9.10
CA THR FA 311 -50.31 -2.25 -8.62
C THR FA 311 -50.42 -2.64 -7.15
N ALA FA 312 -49.52 -3.52 -6.72
CA ALA FA 312 -49.43 -3.90 -5.32
C ALA FA 312 -48.48 -2.95 -4.60
N VAL FA 313 -48.99 -2.23 -3.61
CA VAL FA 313 -48.22 -1.23 -2.90
C VAL FA 313 -48.05 -1.64 -1.45
N ILE FA 314 -47.03 -1.08 -0.81
CA ILE FA 314 -46.71 -1.38 0.58
C ILE FA 314 -47.03 -0.16 1.43
N GLN FA 315 -47.53 -0.39 2.65
CA GLN FA 315 -47.72 0.69 3.59
C GLN FA 315 -46.37 1.31 3.95
N VAL FA 316 -46.35 2.64 4.04
CA VAL FA 316 -45.12 3.36 4.32
C VAL FA 316 -44.64 3.06 5.73
N PRO GA 4 -43.15 -16.42 5.35
CA PRO GA 4 -42.00 -15.49 5.37
C PRO GA 4 -41.30 -15.41 4.02
N PHE GA 5 -41.00 -14.19 3.59
CA PHE GA 5 -40.32 -13.94 2.32
C PHE GA 5 -38.82 -13.96 2.54
N GLU GA 6 -38.10 -14.74 1.73
CA GLU GA 6 -36.65 -14.82 1.81
C GLU GA 6 -36.07 -14.75 0.42
N ILE GA 7 -34.88 -14.16 0.32
CA ILE GA 7 -34.17 -14.01 -0.95
C ILE GA 7 -32.93 -14.88 -0.89
N GLU GA 8 -32.67 -15.61 -1.97
CA GLU GA 8 -31.50 -16.47 -2.08
C GLU GA 8 -30.53 -15.86 -3.08
N VAL GA 9 -29.31 -15.57 -2.62
CA VAL GA 9 -28.26 -15.06 -3.47
C VAL GA 9 -27.40 -16.23 -3.91
N LEU GA 10 -27.26 -16.41 -5.22
CA LEU GA 10 -26.52 -17.57 -5.73
C LEU GA 10 -25.03 -17.33 -5.60
N LEU GA 11 -24.36 -18.21 -4.86
CA LEU GA 11 -22.92 -18.13 -4.75
C LEU GA 11 -22.27 -18.54 -6.06
N PRO GA 12 -21.22 -17.86 -6.50
CA PRO GA 12 -20.58 -18.21 -7.77
C PRO GA 12 -19.63 -19.37 -7.63
N GLY GA 13 -19.47 -20.10 -8.72
CA GLY GA 13 -18.52 -21.19 -8.74
C GLY GA 13 -17.10 -20.72 -8.92
N GLU GA 14 -16.16 -21.60 -8.58
CA GLU GA 14 -14.73 -21.34 -8.69
C GLU GA 14 -14.35 -20.08 -7.91
N LEU GA 15 -14.67 -20.10 -6.62
CA LEU GA 15 -14.34 -19.02 -5.72
C LEU GA 15 -13.18 -19.42 -4.83
N SER GA 16 -12.24 -18.51 -4.64
CA SER GA 16 -11.08 -18.79 -3.82
C SER GA 16 -11.50 -19.08 -2.37
N PRO GA 17 -10.80 -19.97 -1.68
CA PRO GA 17 -11.18 -20.28 -0.29
C PRO GA 17 -11.02 -19.09 0.64
N ALA GA 18 -10.07 -18.19 0.36
CA ALA GA 18 -9.93 -17.00 1.20
C ALA GA 18 -11.14 -16.09 1.10
N GLU GA 19 -11.65 -15.89 -0.12
CA GLU GA 19 -12.85 -15.07 -0.30
C GLU GA 19 -14.07 -15.76 0.29
N THR GA 20 -14.10 -17.09 0.30
CA THR GA 20 -15.21 -17.81 0.90
C THR GA 20 -15.22 -17.64 2.42
N SER GA 21 -14.05 -17.76 3.04
CA SER GA 21 -13.95 -17.61 4.50
C SER GA 21 -14.36 -16.21 4.93
N ALA GA 22 -13.97 -15.19 4.16
CA ALA GA 22 -14.34 -13.82 4.51
C ALA GA 22 -15.83 -13.60 4.36
N LEU GA 23 -16.46 -14.24 3.37
CA LEU GA 23 -17.91 -14.16 3.25
C LEU GA 23 -18.60 -14.80 4.43
N GLN GA 24 -18.01 -15.85 5.00
CA GLN GA 24 -18.56 -16.47 6.20
C GLN GA 24 -18.59 -15.50 7.36
N LYS GA 25 -17.69 -14.52 7.37
CA LYS GA 25 -17.61 -13.60 8.51
C LYS GA 25 -18.81 -12.66 8.56
N CYS GA 26 -19.24 -12.14 7.41
CA CYS GA 26 -20.31 -11.15 7.36
C CYS GA 26 -21.68 -11.86 7.40
N GLU GA 27 -21.96 -12.44 8.56
CA GLU GA 27 -23.22 -13.17 8.74
C GLU GA 27 -24.40 -12.21 8.84
N GLY GA 28 -24.41 -11.37 9.88
CA GLY GA 28 -25.51 -10.45 10.09
C GLY GA 28 -25.28 -9.05 9.56
N LYS GA 29 -25.12 -8.92 8.24
CA LYS GA 29 -24.93 -7.62 7.62
C LYS GA 29 -26.09 -7.32 6.68
N ILE GA 30 -26.18 -6.06 6.27
CA ILE GA 30 -27.34 -5.55 5.55
C ILE GA 30 -27.03 -5.50 4.06
N ILE GA 31 -27.87 -6.16 3.26
CA ILE GA 31 -27.82 -6.06 1.80
C ILE GA 31 -29.03 -5.26 1.35
N THR GA 32 -28.86 -4.51 0.27
CA THR GA 32 -29.91 -3.64 -0.25
C THR GA 32 -30.20 -4.03 -1.69
N PHE GA 33 -31.43 -4.50 -1.94
CA PHE GA 33 -31.83 -5.07 -3.22
C PHE GA 33 -32.63 -4.06 -4.03
N SER GA 34 -32.40 -4.06 -5.34
CA SER GA 34 -33.13 -3.14 -6.22
C SER GA 34 -34.57 -3.58 -6.41
N THR GA 35 -34.77 -4.81 -6.87
CA THR GA 35 -36.10 -5.37 -7.07
C THR GA 35 -36.17 -6.72 -6.39
N LEU GA 36 -37.24 -6.94 -5.62
CA LEU GA 36 -37.35 -8.15 -4.81
C LEU GA 36 -37.68 -9.35 -5.69
N ARG GA 37 -36.94 -10.43 -5.49
CA ARG GA 37 -37.19 -11.68 -6.19
C ARG GA 37 -36.51 -12.81 -5.44
N HIS GA 38 -37.13 -14.00 -5.49
CA HIS GA 38 -36.61 -15.12 -4.73
C HIS GA 38 -35.23 -15.55 -5.21
N ARG GA 39 -34.89 -15.28 -6.47
CA ARG GA 39 -33.60 -15.60 -7.03
C ARG GA 39 -32.95 -14.33 -7.56
N ALA GA 40 -31.69 -14.11 -7.21
CA ALA GA 40 -30.98 -12.91 -7.63
C ALA GA 40 -29.52 -13.25 -7.90
N SER GA 41 -28.82 -12.30 -8.51
CA SER GA 41 -27.43 -12.45 -8.88
C SER GA 41 -26.57 -11.47 -8.09
N LEU GA 42 -25.26 -11.77 -8.04
CA LEU GA 42 -24.33 -10.94 -7.30
C LEU GA 42 -24.18 -9.55 -7.90
N VAL GA 43 -24.50 -9.38 -9.17
CA VAL GA 43 -24.35 -8.06 -9.80
C VAL GA 43 -25.22 -7.03 -9.11
N ASP GA 44 -26.38 -7.45 -8.59
CA ASP GA 44 -27.24 -6.52 -7.88
C ASP GA 44 -26.68 -6.17 -6.51
N ILE GA 45 -25.82 -7.02 -5.95
CA ILE GA 45 -25.27 -6.75 -4.63
C ILE GA 45 -24.01 -5.90 -4.74
N ALA GA 46 -23.21 -6.11 -5.78
CA ALA GA 46 -21.93 -5.42 -5.90
C ALA GA 46 -22.14 -3.91 -6.07
N LEU GA 47 -21.06 -3.17 -5.88
CA LEU GA 47 -21.11 -1.72 -6.08
C LEU GA 47 -21.42 -1.35 -7.51
N SER GA 48 -21.17 -2.27 -8.47
CA SER GA 48 -21.42 -1.96 -9.87
C SER GA 48 -22.86 -1.56 -10.12
N SER GA 49 -23.81 -2.22 -9.45
CA SER GA 49 -25.20 -1.85 -9.61
C SER GA 49 -25.54 -0.51 -8.99
N TYR GA 50 -24.66 0.06 -8.18
CA TYR GA 50 -24.97 1.28 -7.46
C TYR GA 50 -24.57 2.54 -8.22
N TYR GA 51 -23.57 2.47 -9.10
CA TYR GA 51 -23.06 3.69 -9.70
C TYR GA 51 -23.95 4.17 -10.83
N ILE GA 52 -23.99 5.48 -11.02
CA ILE GA 52 -24.80 6.12 -12.04
C ILE GA 52 -23.90 6.99 -12.91
N ASN GA 53 -24.36 7.25 -14.13
CA ASN GA 53 -23.62 8.05 -15.11
C ASN GA 53 -22.20 7.51 -15.31
N GLY GA 54 -22.04 6.20 -15.20
CA GLY GA 54 -20.72 5.59 -15.37
C GLY GA 54 -19.80 5.71 -14.18
N ALA GA 55 -19.66 6.90 -13.63
CA ALA GA 55 -18.78 7.13 -12.49
C ALA GA 55 -19.32 6.44 -11.25
N PRO GA 56 -18.43 6.06 -10.33
CA PRO GA 56 -18.88 5.45 -9.06
C PRO GA 56 -19.86 6.35 -8.33
N PRO GA 57 -20.69 5.79 -7.46
CA PRO GA 57 -21.77 6.58 -6.88
C PRO GA 57 -21.25 7.62 -5.89
N ASP GA 58 -22.08 8.62 -5.63
CA ASP GA 58 -21.77 9.71 -4.74
C ASP GA 58 -22.54 9.56 -3.43
N THR GA 59 -22.06 10.25 -2.40
CA THR GA 59 -22.75 10.23 -1.11
C THR GA 59 -24.17 10.77 -1.25
N LEU GA 60 -24.32 11.91 -1.93
CA LEU GA 60 -25.66 12.42 -2.22
C LEU GA 60 -26.45 11.41 -3.06
N SER GA 61 -25.77 10.75 -4.00
CA SER GA 61 -26.45 9.72 -4.78
C SER GA 61 -26.73 8.48 -3.95
N LEU GA 62 -25.82 8.12 -3.05
CA LEU GA 62 -26.04 6.94 -2.21
C LEU GA 62 -27.23 7.15 -1.28
N LEU GA 63 -27.39 8.37 -0.75
CA LEU GA 63 -28.53 8.66 0.09
C LEU GA 63 -29.84 8.46 -0.66
N GLU GA 64 -29.89 8.89 -1.92
CA GLU GA 64 -31.08 8.65 -2.73
C GLU GA 64 -31.21 7.18 -3.10
N ALA GA 65 -30.09 6.46 -3.19
CA ALA GA 65 -30.17 5.04 -3.49
C ALA GA 65 -30.83 4.27 -2.35
N TYR GA 66 -30.49 4.61 -1.11
CA TYR GA 66 -31.00 3.84 0.02
C TYR GA 66 -32.51 3.99 0.19
N ARG GA 67 -33.09 5.07 -0.33
CA ARG GA 67 -34.53 5.27 -0.21
C ARG GA 67 -35.29 4.48 -1.27
N MET GA 68 -34.91 4.64 -2.54
CA MET GA 68 -35.63 3.95 -3.61
C MET GA 68 -35.37 2.44 -3.59
N ARG GA 69 -34.23 2.02 -3.06
CA ARG GA 69 -33.82 0.62 -3.08
C ARG GA 69 -34.23 -0.06 -1.78
N PHE GA 70 -34.59 -1.34 -1.88
CA PHE GA 70 -35.09 -2.10 -0.75
C PHE GA 70 -33.95 -2.84 -0.06
N ALA GA 71 -34.04 -2.93 1.26
CA ALA GA 71 -32.98 -3.50 2.07
C ALA GA 71 -33.30 -4.95 2.45
N ALA GA 72 -32.25 -5.68 2.82
CA ALA GA 72 -32.38 -7.07 3.27
C ALA GA 72 -31.29 -7.35 4.29
N VAL GA 73 -31.35 -8.53 4.89
CA VAL GA 73 -30.41 -8.91 5.94
C VAL GA 73 -29.99 -10.35 5.71
N ILE GA 74 -28.66 -10.58 5.66
CA ILE GA 74 -28.14 -11.92 5.51
C ILE GA 74 -28.41 -12.71 6.78
N THR GA 75 -28.75 -13.98 6.63
CA THR GA 75 -29.02 -14.85 7.76
C THR GA 75 -27.97 -15.92 7.95
N ARG GA 76 -27.62 -16.67 6.90
CA ARG GA 76 -26.60 -17.69 7.00
C ARG GA 76 -25.99 -17.93 5.63
N VAL GA 77 -24.70 -18.25 5.62
CA VAL GA 77 -23.99 -18.55 4.39
C VAL GA 77 -23.74 -20.05 4.31
N ILE GA 78 -23.61 -20.55 3.10
CA ILE GA 78 -23.46 -21.97 2.83
C ILE GA 78 -22.32 -22.13 1.83
N PRO GA 79 -21.50 -23.18 1.93
CA PRO GA 79 -20.36 -23.32 0.99
C PRO GA 79 -20.73 -23.22 -0.48
N GLY GA 80 -22.01 -23.30 -0.85
CA GLY GA 80 -22.39 -23.16 -2.23
C GLY GA 80 -23.60 -22.27 -2.45
N LYS GA 81 -24.14 -21.71 -1.36
CA LYS GA 81 -25.36 -20.94 -1.43
C LYS GA 81 -25.31 -19.80 -0.43
N LEU GA 82 -26.11 -18.77 -0.66
CA LEU GA 82 -26.21 -17.65 0.25
C LEU GA 82 -27.68 -17.24 0.36
N LEU GA 83 -28.16 -17.11 1.60
CA LEU GA 83 -29.55 -16.79 1.87
C LEU GA 83 -29.65 -15.41 2.49
N ALA GA 84 -30.88 -14.88 2.50
CA ALA GA 84 -31.15 -13.57 3.07
C ALA GA 84 -32.64 -13.43 3.30
N HIS GA 85 -33.00 -12.48 4.17
CA HIS GA 85 -34.39 -12.19 4.47
C HIS GA 85 -34.64 -10.70 4.26
N ALA GA 86 -35.90 -10.37 4.01
CA ALA GA 86 -36.27 -8.99 3.71
C ALA GA 86 -36.82 -8.29 4.94
N ILE GA 87 -36.65 -6.97 4.97
CA ILE GA 87 -37.18 -6.12 6.02
C ILE GA 87 -38.33 -5.31 5.42
N GLY GA 88 -38.99 -5.90 4.42
CA GLY GA 88 -39.91 -5.14 3.59
C GLY GA 88 -41.36 -5.15 4.04
N VAL GA 89 -42.22 -5.81 3.27
CA VAL GA 89 -43.65 -5.59 3.34
C VAL GA 89 -44.28 -6.10 4.64
N GLY GA 90 -44.21 -7.41 4.89
CA GLY GA 90 -44.90 -7.98 6.03
C GLY GA 90 -44.20 -9.19 6.62
N THR GA 91 -42.99 -9.45 6.17
CA THR GA 91 -42.30 -10.69 6.53
C THR GA 91 -42.14 -10.82 8.03
N PRO GA 92 -42.62 -11.89 8.66
CA PRO GA 92 -42.36 -12.14 10.09
C PRO GA 92 -41.06 -12.93 10.30
N THR GA 93 -39.94 -12.25 10.11
CA THR GA 93 -38.64 -12.88 10.20
C THR GA 93 -38.35 -13.32 11.64
N PRO GA 94 -38.13 -14.60 11.90
CA PRO GA 94 -37.81 -15.04 13.25
C PRO GA 94 -36.31 -15.05 13.50
N GLY GA 95 -35.93 -14.61 14.71
CA GLY GA 95 -34.54 -14.58 15.10
C GLY GA 95 -33.70 -13.64 14.25
N LEU GA 96 -34.16 -12.41 14.09
CA LEU GA 96 -33.49 -11.42 13.27
C LEU GA 96 -32.37 -10.78 14.08
N PHE GA 97 -31.13 -11.03 13.68
CA PHE GA 97 -29.97 -10.46 14.36
C PHE GA 97 -29.10 -9.73 13.35
N ILE GA 98 -28.50 -8.62 13.79
CA ILE GA 98 -27.64 -7.82 12.94
C ILE GA 98 -26.30 -7.62 13.63
N GLN GA 99 -25.29 -7.27 12.85
CA GLN GA 99 -23.95 -7.01 13.35
C GLN GA 99 -23.66 -5.51 13.30
N ASN GA 100 -23.10 -4.99 14.39
CA ASN GA 100 -22.81 -3.57 14.48
C ASN GA 100 -21.65 -3.22 13.54
N THR GA 101 -21.90 -2.28 12.63
CA THR GA 101 -20.88 -1.84 11.69
C THR GA 101 -20.37 -0.44 11.96
N SER GA 102 -21.00 0.29 12.85
CA SER GA 102 -20.57 1.64 13.17
C SER GA 102 -19.64 1.64 14.38
N PRO GA 103 -18.73 2.61 14.47
CA PRO GA 103 -17.82 2.65 15.63
C PRO GA 103 -18.48 3.05 16.93
N VAL GA 104 -19.70 3.57 16.90
CA VAL GA 104 -20.39 3.92 18.13
C VAL GA 104 -21.12 2.70 18.67
N ASP GA 105 -21.31 2.68 19.98
CA ASP GA 105 -21.98 1.56 20.64
C ASP GA 105 -23.48 1.77 20.65
N LEU GA 106 -24.21 0.67 20.84
CA LEU GA 106 -25.67 0.69 20.86
C LEU GA 106 -26.17 0.15 22.20
N CYS GA 107 -27.39 0.55 22.55
CA CYS GA 107 -28.02 0.07 23.77
C CYS GA 107 -29.44 -0.40 23.48
N ASN GA 108 -30.18 -0.78 24.51
CA ASN GA 108 -31.54 -1.23 24.33
C ASN GA 108 -32.47 -0.06 24.03
N GLY GA 109 -33.56 -0.36 23.32
CA GLY GA 109 -34.53 0.67 22.99
C GLY GA 109 -34.01 1.72 22.04
N ASP GA 110 -32.98 1.40 21.26
CA ASP GA 110 -32.42 2.31 20.28
C ASP GA 110 -32.86 1.92 18.89
N TYR GA 111 -33.42 2.87 18.16
CA TYR GA 111 -33.84 2.60 16.79
C TYR GA 111 -32.64 2.69 15.84
N ILE GA 112 -32.71 1.92 14.76
CA ILE GA 112 -31.61 1.79 13.82
C ILE GA 112 -31.93 2.59 12.56
N CYS GA 113 -30.96 3.34 12.08
CA CYS GA 113 -31.03 4.02 10.80
C CYS GA 113 -29.83 3.59 9.96
N LEU GA 114 -29.76 4.09 8.74
CA LEU GA 114 -28.68 3.74 7.83
C LEU GA 114 -27.96 5.01 7.39
N LEU GA 115 -26.71 4.83 6.96
CA LEU GA 115 -25.87 5.96 6.55
C LEU GA 115 -24.75 5.45 5.67
N PRO GA 116 -24.42 6.15 4.58
CA PRO GA 116 -23.22 5.78 3.83
C PRO GA 116 -21.98 6.08 4.64
N PRO GA 117 -20.89 5.34 4.41
CA PRO GA 117 -19.68 5.52 5.22
C PRO GA 117 -19.06 6.90 4.99
N VAL GA 118 -18.95 7.67 6.06
CA VAL GA 118 -18.44 9.03 6.01
C VAL GA 118 -17.20 9.23 6.87
N PHE GA 119 -17.18 8.63 8.05
CA PHE GA 119 -16.08 8.89 8.99
C PHE GA 119 -14.75 8.45 8.42
N GLY GA 120 -14.58 7.14 8.18
CA GLY GA 120 -13.34 6.60 7.67
C GLY GA 120 -13.57 5.79 6.41
N SER GA 121 -12.50 5.12 5.98
CA SER GA 121 -12.59 4.25 4.82
C SER GA 121 -13.52 3.08 5.11
N ALA GA 122 -14.49 2.86 4.22
CA ALA GA 122 -15.44 1.78 4.40
C ALA GA 122 -14.74 0.44 4.24
N ASP GA 123 -14.97 -0.46 5.18
CA ASP GA 123 -14.53 -1.84 5.01
C ASP GA 123 -15.55 -2.61 4.18
N SER GA 124 -15.05 -3.58 3.42
CA SER GA 124 -15.89 -4.31 2.49
C SER GA 124 -15.13 -5.54 2.02
N ILE GA 125 -15.88 -6.52 1.55
CA ILE GA 125 -15.27 -7.69 0.95
C ILE GA 125 -15.01 -7.41 -0.52
N ARG GA 126 -13.84 -7.81 -1.00
CA ARG GA 126 -13.44 -7.59 -2.38
C ARG GA 126 -13.14 -8.92 -3.03
N LEU GA 127 -13.84 -9.22 -4.13
CA LEU GA 127 -13.69 -10.48 -4.84
C LEU GA 127 -12.94 -10.20 -6.14
N ASP GA 128 -11.63 -10.39 -6.11
CA ASP GA 128 -10.80 -10.11 -7.27
C ASP GA 128 -11.00 -11.13 -8.39
N SER GA 129 -11.31 -12.37 -8.04
CA SER GA 129 -11.53 -13.40 -9.05
C SER GA 129 -12.70 -13.04 -9.95
N VAL GA 130 -13.85 -12.74 -9.34
CA VAL GA 130 -15.01 -12.33 -10.12
C VAL GA 130 -14.86 -10.88 -10.58
N GLY GA 131 -14.21 -10.05 -9.79
CA GLY GA 131 -13.97 -8.68 -10.17
C GLY GA 131 -14.93 -7.65 -9.60
N LEU GA 132 -15.63 -7.98 -8.52
CA LEU GA 132 -16.57 -7.07 -7.90
C LEU GA 132 -16.35 -7.02 -6.39
N GLU GA 133 -16.88 -5.98 -5.77
CA GLU GA 133 -16.82 -5.80 -4.33
C GLU GA 133 -18.20 -5.42 -3.82
N ILE GA 134 -18.45 -5.74 -2.54
CA ILE GA 134 -19.75 -5.54 -1.91
C ILE GA 134 -19.54 -4.62 -0.72
N VAL GA 135 -20.16 -3.45 -0.76
CA VAL GA 135 -20.03 -2.44 0.30
C VAL GA 135 -21.25 -2.53 1.21
N PHE GA 136 -21.00 -2.59 2.52
CA PHE GA 136 -22.09 -2.67 3.49
C PHE GA 136 -22.35 -1.31 4.11
N PRO GA 137 -23.62 -0.98 4.36
CA PRO GA 137 -23.96 0.32 4.91
C PRO GA 137 -23.66 0.40 6.40
N LEU GA 138 -23.64 1.64 6.89
CA LEU GA 138 -23.41 1.90 8.30
C LEU GA 138 -24.72 1.93 9.07
N THR GA 139 -24.68 1.44 10.30
CA THR GA 139 -25.87 1.34 11.16
C THR GA 139 -25.64 2.20 12.40
N ILE GA 140 -26.30 3.33 12.46
CA ILE GA 140 -26.13 4.27 13.58
C ILE GA 140 -27.49 4.45 14.24
N PRO GA 141 -27.51 4.86 15.52
CA PRO GA 141 -28.79 5.18 16.17
C PRO GA 141 -29.46 6.39 15.56
N GLN GA 142 -30.68 6.69 15.99
CA GLN GA 142 -31.43 7.79 15.38
C GLN GA 142 -30.97 9.13 15.91
N THR GA 143 -30.85 9.27 17.23
CA THR GA 143 -30.54 10.57 17.82
C THR GA 143 -29.21 11.10 17.33
N LEU GA 144 -28.27 10.22 17.00
CA LEU GA 144 -26.96 10.65 16.55
C LEU GA 144 -26.90 10.93 15.06
N MET GA 145 -27.91 10.50 14.29
CA MET GA 145 -27.83 10.63 12.84
C MET GA 145 -27.90 12.09 12.40
N ARG GA 146 -28.88 12.83 12.92
CA ARG GA 146 -29.04 14.22 12.51
C ARG GA 146 -27.82 15.06 12.89
N GLU GA 147 -27.17 14.74 14.00
CA GLU GA 147 -25.99 15.49 14.40
C GLU GA 147 -24.77 15.12 13.57
N ILE GA 148 -24.66 13.85 13.16
CA ILE GA 148 -23.50 13.40 12.40
C ILE GA 148 -23.40 14.15 11.08
N ILE GA 149 -24.53 14.27 10.36
CA ILE GA 149 -24.52 14.91 9.06
C ILE GA 149 -24.14 16.37 9.18
N ALA GA 150 -24.71 17.07 10.17
CA ALA GA 150 -24.45 18.49 10.30
C ALA GA 150 -22.99 18.78 10.64
N LYS GA 151 -22.32 17.83 11.32
CA LYS GA 151 -20.93 18.05 11.68
C LYS GA 151 -20.00 17.81 10.50
N VAL GA 152 -20.32 16.83 9.66
CA VAL GA 152 -19.45 16.49 8.55
C VAL GA 152 -19.48 17.61 7.51
N VAL GA 153 -20.67 18.10 7.16
CA VAL GA 153 -20.77 19.16 6.16
C VAL GA 153 -20.14 20.44 6.69
N ALA GA 154 -20.38 20.78 7.94
CA ALA GA 154 -19.79 21.98 8.52
C ALA GA 154 -18.27 21.91 8.53
N ARG GA 155 -17.72 20.70 8.62
CA ARG GA 155 -16.28 20.54 8.56
C ARG GA 155 -15.74 20.89 7.18
N ALA GA 156 -16.46 20.52 6.13
CA ALA GA 156 -15.99 20.77 4.78
C ALA GA 156 -16.03 22.25 4.43
N VAL GA 157 -17.07 22.96 4.85
CA VAL GA 157 -17.16 24.38 4.57
C VAL GA 157 -16.01 25.13 5.25
N GLU GA 158 -15.60 24.67 6.43
CA GLU GA 158 -14.46 25.28 7.10
C GLU GA 158 -13.21 25.19 6.25
N ARG GA 159 -13.02 24.07 5.54
CA ARG GA 159 -11.84 23.92 4.70
C ARG GA 159 -11.89 24.89 3.52
N THR GA 160 -13.05 25.03 2.89
CA THR GA 160 -13.18 25.97 1.77
C THR GA 160 -12.94 27.39 2.24
N ALA GA 161 -13.46 27.75 3.42
CA ALA GA 161 -13.25 29.10 3.94
C ALA GA 161 -11.78 29.37 4.17
N ALA GA 162 -11.07 28.39 4.77
CA ALA GA 162 -9.64 28.58 5.02
C ALA GA 162 -8.86 28.73 3.73
N GLY GA 163 -9.35 28.17 2.63
CA GLY GA 163 -8.71 28.32 1.35
C GLY GA 163 -9.17 29.56 0.62
N ALA GA 164 -10.46 29.86 0.69
CA ALA GA 164 -10.99 31.04 0.01
C ALA GA 164 -10.49 32.31 0.66
N GLN GA 165 -10.66 32.44 1.96
CA GLN GA 165 -10.18 33.63 2.67
C GLN GA 165 -8.66 33.73 2.55
N ILE GA 166 -8.18 34.95 2.31
CA ILE GA 166 -6.74 35.16 2.17
C ILE GA 166 -6.02 34.75 3.44
N LEU GA 167 -6.60 35.05 4.60
CA LEU GA 167 -6.08 34.58 5.87
C LEU GA 167 -7.08 33.65 6.53
N PRO GA 168 -6.61 32.59 7.17
CA PRO GA 168 -7.53 31.73 7.93
C PRO GA 168 -7.84 32.31 9.30
N HIS GA 169 -9.04 32.00 9.77
CA HIS GA 169 -9.54 32.46 11.06
C HIS GA 169 -9.34 31.40 12.13
N GLU GA 170 -8.19 30.73 12.08
CA GLU GA 170 -7.88 29.46 12.75
C GLU GA 170 -8.37 29.34 14.20
N VAL GA 171 -8.37 30.44 14.97
CA VAL GA 171 -8.68 30.38 16.39
C VAL GA 171 -9.96 29.59 16.61
N LEU GA 172 -9.88 28.57 17.47
CA LEU GA 172 -10.91 27.55 17.52
C LEU GA 172 -10.91 26.90 18.89
N ARG GA 173 -11.80 25.93 19.06
CA ARG GA 173 -12.00 25.21 20.32
C ARG GA 173 -11.17 23.95 20.44
N GLY GA 174 -10.55 23.51 19.34
CA GLY GA 174 -9.78 22.28 19.38
C GLY GA 174 -10.19 21.29 18.30
N ALA GA 175 -10.70 20.14 18.72
CA ALA GA 175 -11.08 19.10 17.78
C ALA GA 175 -12.53 18.68 18.04
N ASP GA 176 -13.26 18.44 16.97
CA ASP GA 176 -14.63 17.98 17.08
C ASP GA 176 -14.67 16.54 17.61
N VAL GA 177 -15.77 16.19 18.25
CA VAL GA 177 -15.89 14.88 18.88
C VAL GA 177 -17.37 14.60 19.13
N ILE GA 178 -17.76 13.35 18.91
CA ILE GA 178 -19.13 12.88 19.16
C ILE GA 178 -19.08 11.97 20.38
N CYS GA 179 -19.88 12.31 21.40
CA CYS GA 179 -19.91 11.56 22.64
C CYS GA 179 -21.22 10.80 22.74
N TYR GA 180 -21.13 9.54 23.15
CA TYR GA 180 -22.32 8.69 23.30
C TYR GA 180 -21.99 7.60 24.31
N ASN GA 181 -22.84 7.47 25.32
CA ASN GA 181 -22.63 6.49 26.40
C ASN GA 181 -21.28 6.69 27.08
N GLY GA 182 -20.91 7.95 27.29
CA GLY GA 182 -19.63 8.25 27.90
C GLY GA 182 -18.44 7.79 27.09
N ARG GA 183 -18.56 7.78 25.77
CA ARG GA 183 -17.46 7.38 24.89
C ARG GA 183 -17.34 8.42 23.78
N ARG GA 184 -16.13 8.93 23.59
CA ARG GA 184 -15.86 9.97 22.62
C ARG GA 184 -15.27 9.36 21.36
N TYR GA 185 -15.48 10.00 20.20
CA TYR GA 185 -15.04 9.40 18.95
C TYR GA 185 -13.86 10.14 18.31
N GLU GA 186 -13.70 11.44 18.62
CA GLU GA 186 -12.57 12.27 18.20
C GLU GA 186 -12.22 12.03 16.72
N LEU GA 187 -13.17 12.40 15.87
CA LEU GA 187 -13.06 12.14 14.44
C LEU GA 187 -12.15 13.15 13.74
N GLU GA 188 -11.36 12.65 12.78
CA GLU GA 188 -10.56 13.47 11.87
C GLU GA 188 -9.66 14.44 12.64
N THR GA 189 -8.69 13.84 13.35
CA THR GA 189 -7.78 14.63 14.16
C THR GA 189 -6.90 15.53 13.31
N ASN GA 190 -6.30 15.00 12.25
CA ASN GA 190 -5.32 15.73 11.47
C ASN GA 190 -5.98 16.54 10.36
N LEU GA 191 -5.31 17.63 9.95
CA LEU GA 191 -5.79 18.44 8.85
C LEU GA 191 -5.41 17.82 7.51
N GLN GA 192 -4.23 17.20 7.43
CA GLN GA 192 -3.83 16.48 6.23
C GLN GA 192 -4.68 15.22 6.09
N HIS GA 193 -4.38 14.44 5.06
CA HIS GA 193 -5.12 13.22 4.74
C HIS GA 193 -6.58 13.55 4.42
N ARG GA 194 -6.74 14.41 3.41
CA ARG GA 194 -8.06 14.81 2.93
C ARG GA 194 -8.61 13.70 2.03
N ASP GA 195 -8.93 12.57 2.67
CA ASP GA 195 -9.36 11.39 1.93
C ASP GA 195 -10.73 11.59 1.29
N GLY GA 196 -11.72 11.97 2.09
CA GLY GA 196 -13.05 12.16 1.58
C GLY GA 196 -13.55 13.58 1.75
N SER GA 197 -12.61 14.53 1.85
CA SER GA 197 -12.98 15.93 1.98
C SER GA 197 -13.82 16.37 0.78
N ASP GA 198 -13.23 16.34 -0.40
CA ASP GA 198 -14.00 16.44 -1.64
C ASP GA 198 -13.63 15.20 -2.45
N ALA GA 199 -14.24 14.09 -2.10
CA ALA GA 199 -14.24 12.87 -2.88
C ALA GA 199 -15.63 12.28 -3.02
N ALA GA 200 -16.43 12.36 -1.96
CA ALA GA 200 -17.82 11.90 -1.98
C ALA GA 200 -18.81 12.88 -1.40
N ILE GA 201 -18.40 13.80 -0.54
CA ILE GA 201 -19.28 14.81 0.00
C ILE GA 201 -19.08 16.15 -0.70
N ARG GA 202 -18.45 16.15 -1.87
CA ARG GA 202 -18.24 17.40 -2.59
C ARG GA 202 -19.55 17.99 -3.08
N THR GA 203 -20.31 17.22 -3.88
CA THR GA 203 -21.57 17.71 -4.38
C THR GA 203 -22.58 17.93 -3.26
N LEU GA 204 -22.45 17.18 -2.16
CA LEU GA 204 -23.36 17.37 -1.03
C LEU GA 204 -23.24 18.75 -0.44
N VAL GA 205 -22.01 19.25 -0.28
CA VAL GA 205 -21.81 20.59 0.27
C VAL GA 205 -22.32 21.64 -0.71
N LEU GA 206 -22.14 21.41 -2.02
CA LEU GA 206 -22.53 22.40 -3.00
C LEU GA 206 -24.03 22.68 -2.96
N ASN GA 207 -24.85 21.63 -3.08
CA ASN GA 207 -26.29 21.81 -3.04
C ASN GA 207 -26.73 22.41 -1.70
N LEU GA 208 -26.04 22.06 -0.62
CA LEU GA 208 -26.34 22.64 0.69
C LEU GA 208 -25.89 24.08 0.79
N MET GA 209 -24.83 24.46 0.06
CA MET GA 209 -24.32 25.82 0.12
C MET GA 209 -25.12 26.79 -0.74
N PHE GA 210 -26.01 26.30 -1.60
CA PHE GA 210 -26.81 27.14 -2.46
C PHE GA 210 -28.22 27.37 -1.96
N SER GA 211 -28.89 26.31 -1.50
CA SER GA 211 -30.23 26.47 -0.95
C SER GA 211 -30.22 27.33 0.30
N ILE GA 212 -29.24 27.12 1.17
CA ILE GA 212 -29.14 27.92 2.39
C ILE GA 212 -28.83 29.37 2.04
N ASN GA 213 -27.92 29.59 1.09
CA ASN GA 213 -27.62 30.95 0.66
C ASN GA 213 -28.85 31.63 0.08
N GLU GA 214 -29.67 30.87 -0.65
CA GLU GA 214 -30.94 31.40 -1.13
C GLU GA 214 -31.93 31.61 0.01
N GLY GA 215 -31.71 30.99 1.16
CA GLY GA 215 -32.66 31.06 2.26
C GLY GA 215 -32.72 32.43 2.90
N CYS GA 216 -31.67 32.82 3.64
CA CYS GA 216 -31.61 34.12 4.29
C CYS GA 216 -31.18 35.24 3.34
N LEU GA 217 -31.29 35.02 2.03
CA LEU GA 217 -31.16 36.09 1.05
C LEU GA 217 -32.50 36.49 0.44
N LEU GA 218 -33.34 35.52 0.09
CA LEU GA 218 -34.65 35.83 -0.49
C LEU GA 218 -35.49 36.64 0.48
N LEU GA 219 -35.47 36.27 1.76
CA LEU GA 219 -36.20 37.04 2.76
C LEU GA 219 -35.63 38.45 2.90
N LEU GA 220 -34.31 38.58 2.89
CA LEU GA 220 -33.67 39.89 2.97
C LEU GA 220 -33.91 40.73 1.72
N ALA GA 221 -34.32 40.11 0.62
CA ALA GA 221 -34.61 40.84 -0.62
C ALA GA 221 -36.11 40.99 -0.85
N LEU GA 222 -36.95 40.48 0.05
CA LEU GA 222 -38.38 40.58 -0.08
C LEU GA 222 -39.03 41.46 0.98
N ILE GA 223 -38.52 41.44 2.20
CA ILE GA 223 -39.04 42.29 3.28
C ILE GA 223 -37.88 43.08 3.88
N PRO GA 224 -37.54 44.25 3.33
CA PRO GA 224 -36.39 45.00 3.84
C PRO GA 224 -36.60 45.64 5.20
N THR GA 225 -37.75 45.44 5.84
CA THR GA 225 -38.01 46.02 7.15
C THR GA 225 -37.34 45.22 8.27
N LEU GA 226 -36.84 44.02 7.98
CA LEU GA 226 -36.30 43.15 9.02
C LEU GA 226 -35.23 43.87 9.84
N LEU GA 227 -34.29 44.51 9.16
CA LEU GA 227 -33.19 45.22 9.81
C LEU GA 227 -33.45 46.72 9.70
N VAL GA 228 -33.76 47.35 10.83
CA VAL GA 228 -34.02 48.78 10.86
C VAL GA 228 -32.74 49.56 10.68
N ARG GA 267 -37.87 42.22 -16.33
CA ARG GA 267 -36.52 42.55 -15.91
C ARG GA 267 -36.06 41.64 -14.78
N PHE GA 268 -36.93 41.43 -13.80
CA PHE GA 268 -36.66 40.54 -12.67
C PHE GA 268 -37.89 39.69 -12.44
N PRO GA 269 -37.76 38.36 -12.41
CA PRO GA 269 -38.95 37.50 -12.29
C PRO GA 269 -39.66 37.65 -10.96
N ILE GA 270 -38.95 37.48 -9.85
CA ILE GA 270 -39.42 37.64 -8.49
C ILE GA 270 -40.44 36.58 -8.09
N TYR GA 271 -40.84 35.70 -8.99
CA TYR GA 271 -41.74 34.60 -8.66
C TYR GA 271 -41.18 33.25 -9.07
N GLU GA 272 -40.50 33.19 -10.22
CA GLU GA 272 -39.87 31.94 -10.62
C GLU GA 272 -38.74 31.58 -9.66
N THR GA 273 -38.11 32.57 -9.05
CA THR GA 273 -37.13 32.30 -8.00
C THR GA 273 -37.79 31.63 -6.80
N ILE GA 274 -39.02 32.05 -6.47
CA ILE GA 274 -39.72 31.46 -5.34
C ILE GA 274 -40.06 30.01 -5.63
N SER GA 275 -40.65 29.74 -6.80
CA SER GA 275 -41.03 28.38 -7.15
C SER GA 275 -39.81 27.47 -7.23
N SER GA 276 -38.69 27.98 -7.73
CA SER GA 276 -37.49 27.18 -7.80
C SER GA 276 -36.92 26.90 -6.42
N TRP GA 277 -37.01 27.87 -5.52
CA TRP GA 277 -36.50 27.66 -4.17
C TRP GA 277 -37.34 26.64 -3.41
N ILE GA 278 -38.67 26.69 -3.58
CA ILE GA 278 -39.53 25.72 -2.90
C ILE GA 278 -39.28 24.32 -3.44
N SER GA 279 -39.15 24.19 -4.76
CA SER GA 279 -38.96 22.88 -5.35
C SER GA 279 -37.64 22.25 -4.92
N THR GA 280 -36.59 23.07 -4.79
CA THR GA 280 -35.29 22.54 -4.39
C THR GA 280 -35.28 22.17 -2.92
N SER GA 281 -35.59 23.14 -2.05
CA SER GA 281 -35.52 22.90 -0.61
C SER GA 281 -36.41 21.75 -0.18
N SER GA 282 -37.52 21.53 -0.89
CA SER GA 282 -38.38 20.40 -0.55
C SER GA 282 -37.72 19.08 -0.92
N ARG GA 283 -37.12 19.01 -2.12
CA ARG GA 283 -36.45 17.78 -2.53
C ARG GA 283 -35.25 17.48 -1.65
N LEU GA 284 -34.48 18.52 -1.29
CA LEU GA 284 -33.31 18.30 -0.46
C LEU GA 284 -33.71 17.81 0.93
N GLY GA 285 -34.87 18.26 1.43
CA GLY GA 285 -35.34 17.78 2.71
C GLY GA 285 -35.75 16.32 2.68
N ASP GA 286 -36.41 15.90 1.59
CA ASP GA 286 -36.74 14.48 1.44
C ASP GA 286 -35.48 13.64 1.35
N THR GA 287 -34.41 14.19 0.77
CA THR GA 287 -33.15 13.48 0.72
C THR GA 287 -32.62 13.22 2.13
N LEU GA 288 -32.33 14.29 2.87
CA LEU GA 288 -31.77 14.18 4.21
C LEU GA 288 -32.91 13.92 5.21
N GLY GA 289 -33.61 12.80 4.98
CA GLY GA 289 -34.65 12.35 5.87
C GLY GA 289 -34.10 11.42 6.94
N THR GA 290 -34.98 11.10 7.90
CA THR GA 290 -34.60 10.23 9.01
C THR GA 290 -35.79 9.30 9.27
N ARG GA 291 -35.67 8.06 8.82
CA ARG GA 291 -36.71 7.06 8.99
C ARG GA 291 -36.09 5.81 9.60
N ALA GA 292 -36.49 5.47 10.81
CA ALA GA 292 -35.97 4.29 11.47
C ALA GA 292 -36.37 3.03 10.71
N ILE GA 293 -35.49 2.04 10.72
CA ILE GA 293 -35.74 0.79 10.03
C ILE GA 293 -35.85 -0.40 10.99
N LEU GA 294 -35.14 -0.37 12.12
CA LEU GA 294 -35.15 -1.47 13.05
C LEU GA 294 -35.11 -0.93 14.47
N ARG GA 295 -35.43 -1.80 15.43
CA ARG GA 295 -35.37 -1.46 16.84
C ARG GA 295 -34.59 -2.55 17.56
N VAL GA 296 -33.65 -2.14 18.40
CA VAL GA 296 -32.81 -3.08 19.13
C VAL GA 296 -33.56 -3.52 20.37
N CYS GA 297 -34.13 -4.72 20.33
CA CYS GA 297 -34.86 -5.30 21.45
C CYS GA 297 -34.06 -6.49 21.96
N VAL GA 298 -33.32 -6.29 23.06
CA VAL GA 298 -32.45 -7.30 23.62
C VAL GA 298 -33.14 -7.93 24.83
N PHE GA 299 -33.29 -9.24 24.81
CA PHE GA 299 -33.81 -10.01 25.91
C PHE GA 299 -32.74 -10.99 26.40
N ASP GA 300 -32.72 -11.19 27.72
CA ASP GA 300 -31.74 -12.03 28.43
C ASP GA 300 -30.33 -11.89 27.87
N GLY GA 301 -29.92 -10.67 27.54
CA GLY GA 301 -28.60 -10.45 26.98
C GLY GA 301 -27.97 -9.16 27.48
N PRO GA 302 -26.77 -8.87 27.02
CA PRO GA 302 -26.08 -7.64 27.45
C PRO GA 302 -26.75 -6.41 26.84
N SER GA 303 -27.00 -5.41 27.69
CA SER GA 303 -27.66 -4.19 27.23
C SER GA 303 -26.81 -3.45 26.22
N THR GA 304 -25.65 -2.97 26.64
CA THR GA 304 -24.77 -2.23 25.75
C THR GA 304 -23.98 -3.20 24.87
N VAL GA 305 -23.75 -2.80 23.62
CA VAL GA 305 -23.04 -3.62 22.66
C VAL GA 305 -22.06 -2.76 21.88
N HIS GA 306 -20.90 -3.32 21.58
CA HIS GA 306 -19.78 -2.62 20.97
C HIS GA 306 -19.70 -2.95 19.50
N PRO GA 307 -18.91 -2.19 18.73
CA PRO GA 307 -18.74 -2.51 17.30
C PRO GA 307 -18.14 -3.89 17.12
N GLY GA 308 -18.87 -4.73 16.37
CA GLY GA 308 -18.47 -6.10 16.12
C GLY GA 308 -19.38 -7.15 16.72
N ASP GA 309 -20.20 -6.76 17.69
CA ASP GA 309 -21.12 -7.72 18.31
C ASP GA 309 -22.41 -7.82 17.51
N ARG GA 310 -23.19 -8.85 17.81
CA ARG GA 310 -24.44 -9.12 17.12
C ARG GA 310 -25.55 -9.24 18.14
N THR GA 311 -26.70 -8.61 17.84
CA THR GA 311 -27.84 -8.60 18.74
C THR GA 311 -29.11 -8.90 17.97
N ALA GA 312 -30.11 -9.42 18.68
CA ALA GA 312 -31.42 -9.66 18.09
C ALA GA 312 -32.19 -8.34 18.04
N VAL GA 313 -32.73 -8.04 16.86
CA VAL GA 313 -33.49 -6.81 16.64
C VAL GA 313 -34.89 -7.16 16.19
N ILE GA 314 -35.83 -6.28 16.50
CA ILE GA 314 -37.24 -6.47 16.15
C ILE GA 314 -37.58 -5.59 14.96
N GLN GA 315 -38.42 -6.10 14.09
CA GLN GA 315 -38.85 -5.33 12.92
C GLN GA 315 -39.84 -4.26 13.35
N VAL GA 316 -39.49 -3.00 13.10
CA VAL GA 316 -40.34 -1.88 13.46
C VAL GA 316 -41.58 -1.87 12.57
N THR HA 118 -47.87 -12.39 19.93
CA THR HA 118 -48.40 -11.16 19.32
C THR HA 118 -47.74 -9.91 19.88
N THR HA 119 -47.09 -10.03 21.05
CA THR HA 119 -46.40 -8.91 21.68
C THR HA 119 -44.98 -9.33 22.02
N GLN HA 120 -44.13 -8.33 22.29
CA GLN HA 120 -42.74 -8.55 22.58
C GLN HA 120 -42.37 -7.85 23.88
N LEU HA 121 -41.30 -8.32 24.51
CA LEU HA 121 -40.90 -7.85 25.82
C LEU HA 121 -39.46 -7.37 25.81
N ILE HA 122 -39.12 -6.52 26.78
CA ILE HA 122 -37.79 -5.95 26.91
C ILE HA 122 -37.38 -6.06 28.36
N GLN HA 123 -36.18 -6.59 28.61
CA GLN HA 123 -35.61 -6.72 29.94
C GLN HA 123 -34.42 -5.78 30.10
N GLN HA 124 -34.20 -5.35 31.34
CA GLN HA 124 -33.05 -4.53 31.67
C GLN HA 124 -32.89 -4.44 33.17
N VAL HA 125 -31.65 -4.56 33.64
CA VAL HA 125 -31.35 -4.40 35.06
C VAL HA 125 -30.83 -2.98 35.30
N SER HA 126 -31.16 -2.43 36.47
CA SER HA 126 -30.76 -1.07 36.79
C SER HA 126 -30.85 -0.84 38.29
N LEU HA 127 -30.31 0.30 38.71
CA LEU HA 127 -30.37 0.72 40.11
C LEU HA 127 -31.77 1.25 40.41
N THR HA 128 -32.19 1.11 41.67
CA THR HA 128 -33.55 1.43 42.06
C THR HA 128 -33.67 2.77 42.79
N ASP HA 129 -32.88 3.77 42.40
CA ASP HA 129 -32.96 5.06 43.08
C ASP HA 129 -34.00 5.98 42.45
N PHE HA 130 -34.39 5.71 41.20
CA PHE HA 130 -35.42 6.48 40.54
C PHE HA 130 -36.67 5.67 40.28
N PHE HA 131 -36.57 4.36 40.35
CA PHE HA 131 -37.69 3.46 40.07
C PHE HA 131 -37.76 2.38 41.13
N ARG HA 132 -38.96 2.09 41.60
CA ARG HA 132 -39.18 1.03 42.59
C ARG HA 132 -40.27 0.10 42.07
N PRO HA 133 -39.90 -1.04 41.50
CA PRO HA 133 -40.91 -1.93 40.92
C PRO HA 133 -41.76 -2.62 41.97
N ASP HA 134 -41.45 -2.38 43.24
CA ASP HA 134 -42.23 -2.93 44.34
C ASP HA 134 -43.52 -2.15 44.54
N ILE HA 135 -43.44 -0.82 44.63
CA ILE HA 135 -44.62 -0.02 44.92
C ILE HA 135 -45.37 0.36 43.64
N GLU HA 136 -44.65 0.62 42.56
CA GLU HA 136 -45.30 1.02 41.31
C GLU HA 136 -46.28 -0.05 40.85
N HIS HA 137 -47.47 0.38 40.46
CA HIS HA 137 -48.50 -0.55 40.02
C HIS HA 137 -48.11 -1.17 38.69
N ALA HA 138 -48.59 -2.40 38.46
CA ALA HA 138 -48.37 -3.06 37.19
C ALA HA 138 -49.17 -2.37 36.10
N GLY HA 139 -48.47 -1.96 35.04
CA GLY HA 139 -49.09 -1.29 33.93
C GLY HA 139 -48.79 0.18 33.83
N SER HA 140 -47.95 0.72 34.72
CA SER HA 140 -47.55 2.11 34.65
C SER HA 140 -46.46 2.30 33.61
N ILE HA 141 -46.27 3.56 33.20
CA ILE HA 141 -45.28 3.90 32.19
C ILE HA 141 -43.90 4.00 32.83
N VAL HA 142 -42.89 3.47 32.15
CA VAL HA 142 -41.51 3.56 32.60
C VAL HA 142 -40.65 4.12 31.48
N LEU HA 143 -39.82 5.09 31.82
CA LEU HA 143 -38.93 5.73 30.86
C LEU HA 143 -37.49 5.44 31.26
N ILE HA 144 -36.58 5.63 30.31
CA ILE HA 144 -35.16 5.41 30.53
C ILE HA 144 -34.41 6.70 30.21
N LEU HA 145 -33.17 6.76 30.66
CA LEU HA 145 -32.33 7.94 30.50
C LEU HA 145 -31.04 7.58 29.78
N ARG HA 146 -30.53 8.56 29.04
CA ARG HA 146 -29.23 8.41 28.40
C ARG HA 146 -28.12 8.61 29.43
N HIS HA 147 -26.89 8.33 29.02
CA HIS HA 147 -25.75 8.53 29.89
C HIS HA 147 -25.59 10.00 30.22
N PRO HA 148 -25.42 10.37 31.49
CA PRO HA 148 -25.31 11.80 31.82
C PRO HA 148 -24.04 12.42 31.29
N SER HA 149 -23.01 11.63 30.98
CA SER HA 149 -21.77 12.17 30.46
C SER HA 149 -21.94 12.87 29.12
N ASP HA 150 -22.99 12.52 28.36
CA ASP HA 150 -23.24 13.19 27.10
C ASP HA 150 -23.82 14.58 27.27
N MET HA 151 -24.44 14.86 28.41
CA MET HA 151 -25.03 16.17 28.63
C MET HA 151 -23.99 17.27 28.58
N ILE HA 152 -22.84 17.07 29.23
CA ILE HA 152 -21.82 18.10 29.28
C ILE HA 152 -21.17 18.29 27.91
N GLY HA 153 -20.92 17.17 27.21
CA GLY HA 153 -20.36 17.27 25.87
C GLY HA 153 -21.26 18.00 24.89
N GLU HA 154 -22.57 17.94 25.12
CA GLU HA 154 -23.51 18.69 24.29
C GLU HA 154 -23.71 20.11 24.80
N ALA HA 155 -23.66 20.32 26.12
CA ALA HA 155 -23.91 21.65 26.67
C ALA HA 155 -22.77 22.61 26.33
N ASN HA 156 -21.52 22.19 26.53
CA ASN HA 156 -20.40 23.07 26.26
C ASN HA 156 -20.28 23.46 24.79
N THR HA 157 -21.05 22.84 23.89
CA THR HA 157 -21.03 23.20 22.49
C THR HA 157 -22.33 23.83 21.99
N LEU HA 158 -23.44 23.68 22.73
CA LEU HA 158 -24.70 24.27 22.31
C LEU HA 158 -25.17 25.39 23.24
N THR HA 159 -24.42 25.70 24.29
CA THR HA 159 -24.85 26.76 25.21
C THR HA 159 -24.87 28.10 24.49
N GLN HA 160 -25.91 28.88 24.78
CA GLN HA 160 -26.04 30.21 24.19
C GLN HA 160 -24.85 31.08 24.59
N ALA HA 161 -24.49 31.99 23.69
CA ALA HA 161 -23.36 32.86 23.93
C ALA HA 161 -23.63 33.78 25.12
N GLY HA 162 -22.67 33.87 26.04
CA GLY HA 162 -22.77 34.72 27.22
C GLY HA 162 -23.14 33.96 28.48
N ARG HA 163 -23.97 32.94 28.36
CA ARG HA 163 -24.38 32.17 29.53
C ARG HA 163 -23.26 31.26 30.00
N ASP HA 164 -23.27 30.98 31.29
CA ASP HA 164 -22.29 30.08 31.88
C ASP HA 164 -22.63 28.65 31.50
N PRO HA 165 -21.69 27.88 30.94
CA PRO HA 165 -22.00 26.51 30.52
C PRO HA 165 -21.84 25.42 31.59
N ASP HA 166 -21.27 25.71 32.76
CA ASP HA 166 -21.03 24.68 33.75
C ASP HA 166 -22.02 24.71 34.93
N VAL HA 167 -23.07 25.52 34.85
CA VAL HA 167 -24.10 25.47 35.89
C VAL HA 167 -24.83 24.14 35.83
N LEU HA 168 -24.95 23.57 34.63
CA LEU HA 168 -25.48 22.22 34.52
C LEU HA 168 -24.59 21.22 35.22
N LEU HA 169 -23.27 21.38 35.14
CA LEU HA 169 -22.37 20.46 35.81
C LEU HA 169 -22.53 20.56 37.32
N GLU HA 170 -22.65 21.78 37.83
CA GLU HA 170 -22.92 21.95 39.25
C GLU HA 170 -24.24 21.29 39.65
N GLY HA 171 -25.29 21.51 38.87
CA GLY HA 171 -26.56 20.88 39.15
C GLY HA 171 -26.55 19.37 39.01
N LEU HA 172 -25.67 18.85 38.15
CA LEU HA 172 -25.63 17.42 37.92
C LEU HA 172 -24.80 16.67 38.95
N ARG HA 173 -23.67 17.24 39.36
CA ARG HA 173 -22.80 16.55 40.32
C ARG HA 173 -23.50 16.32 41.64
N ASN HA 174 -24.25 17.31 42.12
CA ASN HA 174 -24.98 17.15 43.37
C ASN HA 174 -26.08 16.09 43.29
N LEU HA 175 -26.60 15.81 42.10
CA LEU HA 175 -27.60 14.77 41.96
C LEU HA 175 -27.04 13.41 42.37
N PHE HA 176 -25.90 13.03 41.79
CA PHE HA 176 -25.27 11.77 42.13
C PHE HA 176 -24.57 11.80 43.48
N ASN HA 177 -24.20 12.98 43.97
CA ASN HA 177 -23.66 13.06 45.32
C ASN HA 177 -24.68 12.66 46.37
N ALA HA 178 -25.97 12.81 46.09
CA ALA HA 178 -27.04 12.40 46.98
C ALA HA 178 -27.68 11.09 46.51
N CYS HA 179 -26.91 10.26 45.83
CA CYS HA 179 -27.39 8.99 45.30
C CYS HA 179 -26.38 7.91 45.65
N THR HA 180 -26.89 6.70 45.89
CA THR HA 180 -26.03 5.59 46.27
C THR HA 180 -25.02 5.29 45.18
N ALA HA 181 -23.88 4.73 45.60
CA ALA HA 181 -22.76 4.41 44.74
C ALA HA 181 -22.34 5.62 43.91
N PRO HA 182 -21.89 6.71 44.55
CA PRO HA 182 -21.53 7.90 43.79
C PRO HA 182 -20.19 7.79 43.11
N TRP HA 183 -19.38 6.79 43.46
CA TRP HA 183 -18.08 6.57 42.85
C TRP HA 183 -18.16 5.73 41.58
N THR HA 184 -19.34 5.61 40.99
CA THR HA 184 -19.53 4.80 39.78
C THR HA 184 -20.07 5.63 38.63
N VAL HA 185 -19.47 6.80 38.38
CA VAL HA 185 -19.86 7.66 37.27
C VAL HA 185 -18.63 7.93 36.43
N GLY HA 186 -18.74 7.71 35.12
CA GLY HA 186 -17.64 7.97 34.22
C GLY HA 186 -17.33 6.83 33.27
N GLU HA 187 -17.49 5.59 33.73
CA GLU HA 187 -17.14 4.44 32.91
C GLU HA 187 -18.34 3.82 32.20
N GLY HA 188 -19.53 3.89 32.82
CA GLY HA 188 -20.72 3.34 32.21
C GLY HA 188 -20.60 1.86 31.93
N GLY HA 189 -20.25 1.09 32.96
CA GLY HA 189 -20.11 -0.35 32.82
C GLY HA 189 -21.42 -1.10 32.69
N GLY HA 190 -22.55 -0.43 32.89
CA GLY HA 190 -23.84 -1.07 32.74
C GLY HA 190 -24.60 -1.21 34.04
N LEU HA 191 -24.17 -0.52 35.08
CA LEU HA 191 -24.81 -0.59 36.40
C LEU HA 191 -25.21 0.79 36.90
N ARG HA 192 -25.84 1.59 36.04
CA ARG HA 192 -26.30 2.92 36.41
C ARG HA 192 -27.82 2.93 36.52
N ALA HA 193 -28.36 4.07 36.95
CA ALA HA 193 -29.81 4.24 37.06
C ALA HA 193 -30.43 4.43 35.67
N TYR HA 194 -30.68 3.29 35.02
CA TYR HA 194 -31.16 3.32 33.64
C TYR HA 194 -32.58 3.84 33.56
N VAL HA 195 -33.53 3.15 34.18
CA VAL HA 195 -34.95 3.42 33.99
C VAL HA 195 -35.46 4.35 35.08
N THR HA 196 -36.63 4.93 34.84
CA THR HA 196 -37.35 5.74 35.81
C THR HA 196 -38.84 5.64 35.55
N SER HA 197 -39.63 6.15 36.48
CA SER HA 197 -41.07 6.09 36.40
C SER HA 197 -41.66 7.44 36.01
N LEU HA 198 -42.87 7.41 35.46
CA LEU HA 198 -43.54 8.64 35.07
C LEU HA 198 -43.97 9.43 36.30
N SER HA 199 -44.46 8.74 37.33
CA SER HA 199 -44.88 9.43 38.56
C SER HA 199 -43.72 10.15 39.22
N PHE HA 200 -42.50 9.67 39.01
CA PHE HA 200 -41.33 10.32 39.59
C PHE HA 200 -41.18 11.74 39.05
N ILE HA 201 -41.21 11.91 37.73
CA ILE HA 201 -41.13 13.24 37.15
C ILE HA 201 -42.38 14.04 37.49
N ALA HA 202 -43.54 13.37 37.53
CA ALA HA 202 -44.78 14.06 37.90
C ALA HA 202 -44.68 14.66 39.30
N ALA HA 203 -44.04 13.95 40.23
CA ALA HA 203 -43.84 14.47 41.58
C ALA HA 203 -42.71 15.48 41.66
N CYS HA 204 -41.66 15.31 40.86
CA CYS HA 204 -40.56 16.27 40.86
C CYS HA 204 -41.04 17.64 40.40
N ARG HA 205 -41.94 17.69 39.43
CA ARG HA 205 -42.46 18.95 38.90
C ARG HA 205 -43.92 19.17 39.29
N ALA HA 206 -44.33 18.67 40.47
CA ALA HA 206 -45.73 18.75 40.84
C ALA HA 206 -46.16 20.19 41.12
N GLU HA 207 -45.22 21.08 41.41
CA GLU HA 207 -45.56 22.46 41.71
C GLU HA 207 -45.93 23.25 40.47
N GLU HA 208 -45.94 22.65 39.29
CA GLU HA 208 -46.25 23.35 38.06
C GLU HA 208 -47.54 22.89 37.39
N TYR HA 209 -48.05 21.72 37.73
CA TYR HA 209 -49.31 21.26 37.17
C TYR HA 209 -50.48 22.06 37.71
N THR HA 210 -51.56 22.11 36.93
CA THR HA 210 -52.71 22.91 37.32
C THR HA 210 -53.53 22.27 38.43
N ASP HA 211 -53.54 20.95 38.51
CA ASP HA 211 -54.36 20.26 39.52
C ASP HA 211 -53.59 20.23 40.82
N LYS HA 212 -53.82 21.26 41.63
CA LYS HA 212 -52.98 21.50 42.80
C LYS HA 212 -52.99 20.31 43.74
N GLN HA 213 -54.19 19.85 44.13
CA GLN HA 213 -54.28 18.82 45.16
C GLN HA 213 -53.78 17.47 44.65
N ALA HA 214 -54.09 17.14 43.40
CA ALA HA 214 -53.62 15.86 42.87
C ALA HA 214 -52.11 15.84 42.76
N ALA HA 215 -51.51 16.96 42.35
CA ALA HA 215 -50.06 17.04 42.30
C ALA HA 215 -49.43 16.78 43.66
N ASP HA 216 -49.85 17.53 44.67
CA ASP HA 216 -49.18 17.42 45.96
C ASP HA 216 -49.47 16.09 46.64
N ALA HA 217 -50.65 15.50 46.39
CA ALA HA 217 -50.93 14.19 46.94
C ALA HA 217 -49.97 13.14 46.39
N ASN HA 218 -49.78 13.12 45.06
CA ASN HA 218 -48.82 12.20 44.48
C ASN HA 218 -47.41 12.46 45.00
N ARG HA 219 -47.06 13.73 45.23
CA ARG HA 219 -45.72 14.04 45.73
C ARG HA 219 -45.50 13.41 47.09
N THR HA 220 -46.38 13.69 48.05
CA THR HA 220 -46.21 13.11 49.39
C THR HA 220 -46.28 11.59 49.35
N ALA HA 221 -47.10 11.03 48.45
CA ALA HA 221 -47.20 9.58 48.37
C ALA HA 221 -45.88 8.95 47.93
N ILE HA 222 -45.25 9.52 46.90
CA ILE HA 222 -43.99 8.96 46.43
C ILE HA 222 -42.87 9.24 47.43
N VAL HA 223 -43.02 10.27 48.25
CA VAL HA 223 -42.02 10.52 49.29
C VAL HA 223 -42.14 9.49 50.40
N SER HA 224 -43.37 9.20 50.84
CA SER HA 224 -43.57 8.28 51.95
C SER HA 224 -43.29 6.84 51.55
N ALA HA 225 -43.80 6.41 50.39
CA ALA HA 225 -43.66 5.02 49.99
C ALA HA 225 -42.20 4.65 49.75
N TYR HA 226 -41.38 5.61 49.35
CA TYR HA 226 -39.96 5.37 49.14
C TYR HA 226 -39.24 5.46 50.48
N GLY HA 227 -37.90 5.54 50.43
CA GLY HA 227 -37.12 5.58 51.66
C GLY HA 227 -37.52 6.69 52.60
N CYS HA 228 -37.94 7.84 52.07
CA CYS HA 228 -38.49 8.96 52.84
C CYS HA 228 -37.41 9.61 53.71
N SER HA 229 -36.20 9.06 53.67
CA SER HA 229 -35.06 9.63 54.40
C SER HA 229 -34.17 10.48 53.49
N ARG HA 230 -33.69 9.91 52.40
CA ARG HA 230 -32.90 10.64 51.42
C ARG HA 230 -33.70 10.80 50.12
N MET HA 231 -35.00 11.01 50.25
CA MET HA 231 -35.87 11.16 49.10
C MET HA 231 -36.18 12.61 48.76
N GLU HA 232 -36.42 13.46 49.75
CA GLU HA 232 -36.72 14.86 49.48
C GLU HA 232 -35.53 15.56 48.85
N THR HA 233 -34.33 15.31 49.37
CA THR HA 233 -33.11 15.88 48.79
C THR HA 233 -32.94 15.44 47.36
N ARG HA 234 -33.14 14.14 47.09
CA ARG HA 234 -33.05 13.64 45.73
C ARG HA 234 -33.99 14.38 44.80
N LEU HA 235 -35.22 14.65 45.27
CA LEU HA 235 -36.21 15.30 44.42
C LEU HA 235 -35.79 16.72 44.08
N ILE HA 236 -35.29 17.48 45.06
CA ILE HA 236 -34.93 18.85 44.74
C ILE HA 236 -33.70 18.87 43.83
N ARG HA 237 -32.78 17.92 43.99
CA ARG HA 237 -31.65 17.89 43.08
C ARG HA 237 -32.11 17.64 41.65
N PHE HA 238 -33.01 16.68 41.46
CA PHE HA 238 -33.58 16.42 40.14
C PHE HA 238 -34.32 17.63 39.62
N SER HA 239 -34.95 18.41 40.51
CA SER HA 239 -35.73 19.56 40.06
C SER HA 239 -34.84 20.61 39.40
N GLU HA 240 -33.89 21.16 40.15
CA GLU HA 240 -32.93 22.08 39.52
C GLU HA 240 -32.07 21.38 38.48
N CYS HA 241 -31.96 20.05 38.52
CA CYS HA 241 -31.24 19.39 37.44
C CYS HA 241 -31.93 19.64 36.10
N LEU HA 242 -33.25 19.44 36.06
CA LEU HA 242 -34.02 19.77 34.87
C LEU HA 242 -34.01 21.27 34.60
N ARG HA 243 -34.03 22.08 35.65
CA ARG HA 243 -33.99 23.53 35.48
C ARG HA 243 -32.70 23.97 34.79
N ALA HA 244 -31.57 23.37 35.16
CA ALA HA 244 -30.31 23.67 34.49
C ALA HA 244 -30.21 22.98 33.15
N MET HA 245 -30.92 21.87 32.98
CA MET HA 245 -31.00 21.23 31.67
C MET HA 245 -31.56 22.20 30.65
N VAL HA 246 -32.71 22.80 30.94
CA VAL HA 246 -33.21 23.91 30.12
C VAL HA 246 -32.62 25.16 30.76
N GLN HA 247 -31.33 25.35 30.52
CA GLN HA 247 -30.64 26.62 30.69
C GLN HA 247 -29.62 26.90 29.61
N CYS HA 248 -29.13 25.86 28.93
CA CYS HA 248 -28.12 25.97 27.89
C CYS HA 248 -28.58 25.27 26.61
N HIS HA 249 -29.90 25.13 26.43
CA HIS HA 249 -30.47 24.47 25.25
C HIS HA 249 -29.99 23.02 25.15
N VAL HA 250 -30.25 22.26 26.21
CA VAL HA 250 -29.92 20.84 26.28
C VAL HA 250 -31.22 20.09 26.54
N PHE HA 251 -32.32 20.61 25.96
CA PHE HA 251 -33.70 20.24 26.24
C PHE HA 251 -33.88 18.75 26.49
N PRO HA 252 -34.57 18.39 27.57
CA PRO HA 252 -34.68 16.97 27.99
C PRO HA 252 -35.76 16.21 27.26
N HIS HA 253 -35.83 16.38 25.94
CA HIS HA 253 -36.67 15.54 25.11
C HIS HA 253 -35.86 14.61 24.21
N ARG HA 254 -34.54 14.74 24.21
CA ARG HA 254 -33.66 13.82 23.52
C ARG HA 254 -32.96 12.85 24.46
N PHE HA 255 -33.12 13.03 25.77
CA PHE HA 255 -32.48 12.16 26.74
C PHE HA 255 -33.46 11.27 27.48
N ILE HA 256 -34.75 11.44 27.25
CA ILE HA 256 -35.77 10.64 27.91
C ILE HA 256 -36.49 9.83 26.85
N SER HA 257 -36.23 8.53 26.83
CA SER HA 257 -36.87 7.62 25.89
C SER HA 257 -38.16 7.09 26.53
N PHE HA 258 -38.72 6.04 25.95
CA PHE HA 258 -39.97 5.45 26.40
C PHE HA 258 -39.86 3.93 26.41
N PHE HA 259 -40.33 3.32 27.51
CA PHE HA 259 -40.55 1.88 27.55
C PHE HA 259 -42.04 1.61 27.70
N GLY HA 260 -42.43 0.38 27.44
CA GLY HA 260 -43.81 -0.01 27.61
C GLY HA 260 -44.20 -0.12 29.06
N SER HA 261 -45.45 -0.53 29.29
CA SER HA 261 -45.95 -0.67 30.65
C SER HA 261 -45.28 -1.85 31.32
N LEU HA 262 -45.00 -1.70 32.61
CA LEU HA 262 -44.34 -2.75 33.38
C LEU HA 262 -45.20 -4.01 33.41
N LEU HA 263 -44.54 -5.15 33.24
CA LEU HA 263 -45.24 -6.44 33.24
C LEU HA 263 -44.79 -7.36 34.34
N GLU HA 264 -43.48 -7.55 34.53
CA GLU HA 264 -42.95 -8.42 35.57
C GLU HA 264 -41.68 -7.79 36.12
N TYR HA 265 -41.34 -8.15 37.35
CA TYR HA 265 -40.16 -7.61 38.01
C TYR HA 265 -39.64 -8.60 39.03
N THR HA 266 -38.35 -8.51 39.32
CA THR HA 266 -37.74 -9.32 40.38
C THR HA 266 -36.61 -8.51 40.98
N ILE HA 267 -36.61 -8.37 42.31
CA ILE HA 267 -35.63 -7.54 43.01
C ILE HA 267 -35.17 -8.28 44.25
N GLN HA 268 -33.90 -8.10 44.61
CA GLN HA 268 -33.34 -8.68 45.82
C GLN HA 268 -32.87 -7.62 46.81
N ASP HA 269 -32.07 -6.65 46.36
CA ASP HA 269 -31.81 -5.44 47.16
C ASP HA 269 -31.21 -4.40 46.23
N ASN HA 270 -31.83 -3.21 46.18
CA ASN HA 270 -31.32 -2.01 45.52
C ASN HA 270 -30.93 -2.26 44.05
N LEU HA 271 -31.37 -3.37 43.49
CA LEU HA 271 -31.09 -3.74 42.11
C LEU HA 271 -32.19 -4.65 41.62
N CYS HA 272 -32.81 -4.28 40.49
CA CYS HA 272 -34.00 -4.96 40.04
C CYS HA 272 -33.88 -5.33 38.58
N ASN HA 273 -34.53 -6.43 38.20
CA ASN HA 273 -34.65 -6.88 36.83
C ASN HA 273 -36.12 -6.81 36.45
N ILE HA 274 -36.46 -5.91 35.52
CA ILE HA 274 -37.84 -5.70 35.12
C ILE HA 274 -37.98 -6.03 33.65
N THR HA 275 -39.18 -6.45 33.28
CA THR HA 275 -39.53 -6.68 31.89
C THR HA 275 -40.86 -6.02 31.58
N ALA HA 276 -40.92 -5.36 30.43
CA ALA HA 276 -42.08 -4.60 30.02
C ALA HA 276 -42.39 -4.91 28.55
N VAL HA 277 -43.61 -4.58 28.15
CA VAL HA 277 -44.07 -4.80 26.78
C VAL HA 277 -43.41 -3.78 25.88
N ALA HA 278 -43.22 -4.15 24.61
CA ALA HA 278 -42.61 -3.25 23.64
C ALA HA 278 -43.65 -2.57 22.77
N LYS HA 279 -44.49 -3.36 22.10
CA LYS HA 279 -45.56 -2.84 21.27
C LYS HA 279 -46.60 -3.92 21.04
N GLY HA 280 -47.86 -3.49 20.95
CA GLY HA 280 -48.95 -4.40 20.74
C GLY HA 280 -50.08 -4.20 21.74
N PRO HA 281 -51.05 -5.10 21.74
CA PRO HA 281 -52.17 -4.99 22.67
C PRO HA 281 -51.71 -5.06 24.13
N GLN HA 282 -52.46 -4.35 24.97
CA GLN HA 282 -52.08 -4.24 26.37
C GLN HA 282 -52.43 -5.51 27.13
N GLU HA 283 -53.65 -6.04 26.94
CA GLU HA 283 -54.13 -7.24 27.61
C GLU HA 283 -53.89 -8.49 26.80
N ALA HA 284 -52.79 -8.56 26.05
CA ALA HA 284 -52.38 -9.77 25.38
C ALA HA 284 -51.24 -10.51 26.09
N ALA HA 285 -50.84 -10.05 27.27
CA ALA HA 285 -49.78 -10.68 28.03
C ALA HA 285 -50.36 -11.37 29.26
N ARG HA 286 -49.50 -12.09 29.98
CA ARG HA 286 -49.91 -12.83 31.18
C ARG HA 286 -48.93 -12.51 32.30
N THR HA 287 -49.31 -11.60 33.18
CA THR HA 287 -48.44 -11.27 34.31
C THR HA 287 -48.25 -12.47 35.24
N ASP HA 288 -49.20 -13.39 35.28
CA ASP HA 288 -49.07 -14.75 35.83
C ASP HA 288 -48.64 -14.79 37.28
N LYS HA 289 -48.67 -13.68 38.01
CA LYS HA 289 -48.44 -13.81 39.44
C LYS HA 289 -49.47 -13.01 40.22
N THR HA 290 -50.16 -12.09 39.57
CA THR HA 290 -51.20 -11.32 40.21
C THR HA 290 -52.45 -12.18 40.34
N SER HA 291 -53.55 -11.55 40.80
CA SER HA 291 -54.82 -12.24 40.86
C SER HA 291 -55.28 -12.66 39.47
N THR HA 292 -55.45 -11.69 38.58
CA THR HA 292 -55.72 -11.96 37.18
C THR HA 292 -54.41 -11.95 36.41
N ARG HA 293 -54.48 -12.43 35.18
CA ARG HA 293 -53.30 -12.43 34.31
C ARG HA 293 -53.29 -11.26 33.34
N ARG HA 294 -54.09 -10.22 33.60
CA ARG HA 294 -54.20 -9.08 32.70
C ARG HA 294 -53.99 -7.79 33.47
N VAL HA 295 -53.46 -6.78 32.76
CA VAL HA 295 -53.19 -5.47 33.33
C VAL HA 295 -53.64 -4.41 32.35
N THR HA 296 -53.88 -3.20 32.87
CA THR HA 296 -54.26 -2.06 32.05
C THR HA 296 -53.38 -0.87 32.40
N ALA HA 297 -53.32 0.10 31.50
CA ALA HA 297 -52.45 1.25 31.69
C ALA HA 297 -52.98 2.14 32.82
N ASN HA 298 -52.10 2.54 33.72
CA ASN HA 298 -52.46 3.38 34.85
C ASN HA 298 -51.57 4.62 34.84
N ILE HA 299 -52.18 5.79 35.00
CA ILE HA 299 -51.43 7.04 35.01
C ILE HA 299 -51.93 7.92 36.14
N PRO HA 300 -51.03 8.75 36.69
CA PRO HA 300 -51.48 9.75 37.66
C PRO HA 300 -52.36 10.79 36.98
N ALA HA 301 -53.35 11.27 37.74
CA ALA HA 301 -54.33 12.19 37.18
C ALA HA 301 -53.74 13.57 36.90
N CYS HA 302 -52.52 13.83 37.35
CA CYS HA 302 -51.93 15.14 37.15
C CYS HA 302 -51.46 15.33 35.71
N VAL HA 303 -50.92 14.28 35.09
CA VAL HA 303 -50.35 14.43 33.76
C VAL HA 303 -51.38 14.31 32.66
N PHE HA 304 -52.52 13.70 32.93
CA PHE HA 304 -53.52 13.47 31.89
C PHE HA 304 -54.12 14.79 31.44
N TRP HA 305 -54.15 15.01 30.13
CA TRP HA 305 -54.66 16.25 29.56
C TRP HA 305 -55.11 15.97 28.12
N ASP HA 306 -56.41 15.83 27.93
CA ASP HA 306 -56.99 15.65 26.60
C ASP HA 306 -57.29 17.01 25.99
N VAL HA 307 -56.90 17.18 24.72
CA VAL HA 307 -56.99 18.48 24.08
C VAL HA 307 -58.29 18.66 23.29
N ASP HA 308 -58.95 17.58 22.87
CA ASP HA 308 -60.17 17.72 22.08
C ASP HA 308 -61.27 18.37 22.89
N LYS HA 309 -61.31 18.11 24.20
CA LYS HA 309 -62.32 18.72 25.05
C LYS HA 309 -61.94 20.15 25.39
N ASP HA 310 -60.72 20.57 25.03
CA ASP HA 310 -60.43 22.00 25.02
C ASP HA 310 -60.75 22.62 23.67
N LEU HA 311 -60.51 21.88 22.59
CA LEU HA 311 -60.73 22.34 21.23
C LEU HA 311 -62.18 22.23 20.78
N HIS HA 312 -63.04 21.59 21.59
CA HIS HA 312 -64.47 21.50 21.34
C HIS HA 312 -64.77 20.78 20.02
N LEU HA 313 -64.39 19.51 19.95
CA LEU HA 313 -64.75 18.64 18.84
C LEU HA 313 -65.23 17.30 19.39
N SER HA 314 -65.94 16.55 18.53
CA SER HA 314 -66.51 15.28 18.95
C SER HA 314 -65.40 14.29 19.30
N ALA HA 315 -65.65 13.48 20.31
CA ALA HA 315 -64.69 12.48 20.78
C ALA HA 315 -65.26 11.10 20.46
N ASP HA 316 -65.10 10.68 19.21
CA ASP HA 316 -65.57 9.38 18.75
C ASP HA 316 -64.56 8.75 17.80
N GLY HA 317 -64.31 7.46 17.94
CA GLY HA 317 -63.43 6.78 17.03
C GLY HA 317 -62.06 6.48 17.58
N LEU HA 318 -61.03 6.60 16.73
CA LEU HA 318 -59.67 6.29 17.11
C LEU HA 318 -58.97 7.53 17.62
N LYS HA 319 -58.11 7.36 18.63
CA LYS HA 319 -57.38 8.46 19.22
C LYS HA 319 -55.94 8.07 19.46
N HIS HA 320 -55.02 9.01 19.22
CA HIS HA 320 -53.61 8.80 19.41
C HIS HA 320 -53.18 9.29 20.79
N VAL HA 321 -51.99 8.87 21.21
CA VAL HA 321 -51.41 9.24 22.49
C VAL HA 321 -50.07 9.90 22.24
N PHE HA 322 -49.82 11.02 22.93
CA PHE HA 322 -48.59 11.78 22.78
C PHE HA 322 -48.06 12.19 24.15
N LEU HA 323 -46.77 12.47 24.20
CA LEU HA 323 -46.12 13.07 25.37
C LEU HA 323 -45.56 14.41 24.96
N VAL HA 324 -45.81 15.43 25.76
CA VAL HA 324 -45.38 16.78 25.43
C VAL HA 324 -44.43 17.27 26.52
N PHE HA 325 -43.56 18.21 26.13
CA PHE HA 325 -42.54 18.77 27.03
C PHE HA 325 -42.58 20.29 26.88
N VAL HA 326 -43.44 20.93 27.66
CA VAL HA 326 -43.56 22.38 27.61
C VAL HA 326 -42.34 23.02 28.27
N TYR HA 327 -41.80 24.05 27.62
CA TYR HA 327 -40.58 24.72 28.08
C TYR HA 327 -40.88 26.18 28.33
N THR HA 328 -40.39 26.70 29.46
CA THR HA 328 -40.43 28.13 29.75
C THR HA 328 -39.01 28.63 29.93
N GLN HA 329 -38.66 29.69 29.20
CA GLN HA 329 -37.30 30.20 29.18
C GLN HA 329 -37.31 31.67 29.58
N ARG HA 330 -36.80 31.96 30.78
CA ARG HA 330 -36.69 33.33 31.25
C ARG HA 330 -35.38 33.47 32.01
N ARG HA 331 -35.22 34.58 32.72
CA ARG HA 331 -34.01 34.84 33.50
C ARG HA 331 -34.16 34.23 34.88
N GLN HA 332 -33.42 33.14 35.12
CA GLN HA 332 -33.37 32.44 36.41
C GLN HA 332 -34.72 31.81 36.77
N ARG HA 333 -35.61 31.67 35.80
CA ARG HA 333 -36.93 31.07 36.05
C ARG HA 333 -37.30 30.24 34.82
N GLU HA 334 -37.13 28.93 34.91
CA GLU HA 334 -37.45 28.01 33.84
C GLU HA 334 -38.33 26.91 34.38
N GLY HA 335 -39.18 26.35 33.52
CA GLY HA 335 -40.10 25.31 33.93
C GLY HA 335 -40.31 24.30 32.82
N VAL HA 336 -40.55 23.05 33.24
CA VAL HA 336 -40.70 21.92 32.34
C VAL HA 336 -41.71 20.96 32.95
N ARG HA 337 -42.86 20.80 32.30
CA ARG HA 337 -43.86 19.83 32.72
C ARG HA 337 -43.76 18.57 31.88
N LEU HA 338 -44.72 17.67 32.08
CA LEU HA 338 -44.80 16.43 31.31
C LEU HA 338 -46.25 16.01 31.23
N HIS HA 339 -46.84 16.10 30.04
CA HIS HA 339 -48.25 15.79 29.86
C HIS HA 339 -48.41 14.64 28.90
N LEU HA 340 -49.33 13.73 29.23
CA LEU HA 340 -49.70 12.61 28.39
C LEU HA 340 -51.03 12.97 27.71
N ALA HA 341 -50.94 13.51 26.50
CA ALA HA 341 -52.11 13.96 25.77
C ALA HA 341 -52.75 12.79 25.03
N LEU HA 342 -54.07 12.80 24.98
CA LEU HA 342 -54.86 11.76 24.30
C LEU HA 342 -55.86 12.46 23.39
N SER HA 343 -55.59 12.47 22.09
CA SER HA 343 -56.38 13.24 21.15
C SER HA 343 -56.61 12.45 19.88
N GLN HA 344 -57.70 12.78 19.17
CA GLN HA 344 -57.98 12.16 17.89
C GLN HA 344 -57.33 12.88 16.72
N LEU HA 345 -56.61 13.98 16.98
CA LEU HA 345 -56.05 14.78 15.92
C LEU HA 345 -54.98 13.99 15.16
N ASN HA 346 -54.66 14.49 13.97
CA ASN HA 346 -53.79 13.75 13.06
C ASN HA 346 -52.36 13.67 13.59
N GLU HA 347 -51.50 12.99 12.82
CA GLU HA 347 -50.11 12.81 13.23
C GLU HA 347 -49.38 14.14 13.29
N GLN HA 348 -49.51 14.96 12.26
CA GLN HA 348 -48.79 16.23 12.22
C GLN HA 348 -49.65 17.41 12.62
N CYS HA 349 -50.97 17.29 12.49
CA CYS HA 349 -51.86 18.41 12.83
C CYS HA 349 -51.88 18.68 14.33
N PHE HA 350 -51.37 17.76 15.15
CA PHE HA 350 -51.29 17.99 16.57
C PHE HA 350 -50.44 19.21 16.89
N GLY HA 351 -49.43 19.48 16.06
CA GLY HA 351 -48.61 20.65 16.28
C GLY HA 351 -49.37 21.95 16.15
N ARG HA 352 -50.18 22.08 15.09
CA ARG HA 352 -50.99 23.27 14.93
C ARG HA 352 -52.05 23.38 16.01
N GLY HA 353 -52.53 22.23 16.51
CA GLY HA 353 -53.53 22.26 17.57
C GLY HA 353 -52.97 22.72 18.90
N ILE HA 354 -51.74 22.32 19.22
CA ILE HA 354 -51.17 22.65 20.52
C ILE HA 354 -50.84 24.15 20.60
N GLY HA 355 -50.42 24.75 19.50
CA GLY HA 355 -50.07 26.16 19.52
C GLY HA 355 -51.21 27.06 19.90
N PHE HA 356 -52.44 26.68 19.51
CA PHE HA 356 -53.60 27.51 19.85
C PHE HA 356 -53.83 27.58 21.35
N LEU HA 357 -53.53 26.50 22.07
CA LEU HA 357 -53.69 26.49 23.52
C LEU HA 357 -52.48 27.08 24.23
N LEU HA 358 -51.30 27.02 23.62
CA LEU HA 358 -50.07 27.49 24.25
C LEU HA 358 -49.59 28.81 23.66
N GLY HA 359 -50.50 29.56 23.02
CA GLY HA 359 -50.15 30.83 22.42
C GLY HA 359 -49.51 31.82 23.38
N ARG HA 360 -49.78 31.71 24.68
CA ARG HA 360 -49.16 32.62 25.63
C ARG HA 360 -47.67 32.34 25.74
N ILE HA 361 -47.30 31.13 26.16
CA ILE HA 361 -45.90 30.80 26.38
C ILE HA 361 -45.07 30.98 25.12
N ARG HA 362 -45.65 30.72 23.94
CA ARG HA 362 -44.94 30.95 22.69
C ARG HA 362 -44.48 32.40 22.60
N ALA HA 363 -45.40 33.34 22.82
CA ALA HA 363 -45.05 34.75 22.78
C ALA HA 363 -44.15 35.17 23.93
N GLU HA 364 -44.29 34.56 25.11
CA GLU HA 364 -43.37 34.90 26.19
C GLU HA 364 -41.95 34.50 25.84
N ASN HA 365 -41.79 33.31 25.28
CA ASN HA 365 -40.46 32.84 24.92
C ASN HA 365 -39.87 33.67 23.79
N ALA HA 366 -40.68 34.05 22.82
CA ALA HA 366 -40.18 34.83 21.71
C ALA HA 366 -39.59 36.16 22.14
N ALA HA 367 -39.95 36.64 23.33
CA ALA HA 367 -39.43 37.91 23.84
C ALA HA 367 -38.40 37.75 24.95
N TRP HA 368 -38.41 36.63 25.67
CA TRP HA 368 -37.47 36.43 26.77
C TRP HA 368 -36.59 35.20 26.56
N GLY HA 369 -36.35 34.84 25.31
CA GLY HA 369 -35.51 33.69 25.03
C GLY HA 369 -34.04 34.03 24.90
N THR HA 370 -33.74 35.16 24.27
CA THR HA 370 -32.36 35.58 24.03
C THR HA 370 -32.10 36.85 24.84
N GLU HA 371 -31.19 36.76 25.80
CA GLU HA 371 -30.83 37.90 26.64
C GLU HA 371 -29.33 38.14 26.68
N GLY HA 372 -28.55 37.45 25.85
CA GLY HA 372 -27.11 37.62 25.82
C GLY HA 372 -26.60 38.14 24.50
N THR HA 382 -26.43 47.43 10.00
CA THR HA 382 -27.79 47.12 10.40
C THR HA 382 -28.80 47.82 9.49
N ARG HA 383 -28.39 48.10 8.26
CA ARG HA 383 -29.24 48.76 7.29
C ARG HA 383 -29.58 47.77 6.17
N ALA HA 384 -30.78 47.91 5.62
CA ALA HA 384 -31.24 47.03 4.56
C ALA HA 384 -30.50 47.36 3.26
N LEU HA 385 -30.82 46.63 2.19
CA LEU HA 385 -30.21 46.86 0.89
C LEU HA 385 -31.29 46.66 -0.17
N PRO HA 386 -31.37 47.56 -1.16
CA PRO HA 386 -32.38 47.42 -2.22
C PRO HA 386 -31.87 46.61 -3.41
N LEU HA 387 -31.72 45.29 -3.19
CA LEU HA 387 -31.19 44.41 -4.23
C LEU HA 387 -32.08 44.44 -5.46
N VAL HA 388 -33.38 44.18 -5.28
CA VAL HA 388 -34.29 44.10 -6.41
C VAL HA 388 -34.43 45.46 -7.08
N GLN HA 389 -34.40 46.54 -6.29
CA GLN HA 389 -34.50 47.87 -6.88
C GLN HA 389 -33.34 48.16 -7.81
N LEU HA 390 -32.11 48.02 -7.32
CA LEU HA 390 -30.96 48.34 -8.17
C LEU HA 390 -30.66 47.25 -9.19
N SER HA 391 -31.30 46.09 -9.10
CA SER HA 391 -31.23 45.11 -10.19
C SER HA 391 -32.31 45.32 -11.23
N ASN HA 392 -33.46 45.89 -10.85
CA ASN HA 392 -34.47 46.22 -11.85
C ASN HA 392 -34.04 47.45 -12.64
N ASP HA 393 -33.31 48.37 -11.99
CA ASP HA 393 -32.91 49.51 -12.79
C ASP HA 393 -31.47 49.37 -13.29
N PRO HA 394 -31.19 49.88 -14.48
CA PRO HA 394 -29.81 49.86 -14.99
C PRO HA 394 -28.99 51.01 -14.43
N THR HA 395 -27.79 51.20 -14.97
CA THR HA 395 -26.87 52.27 -14.58
C THR HA 395 -26.51 52.16 -13.09
N SER HA 396 -26.18 50.94 -12.69
CA SER HA 396 -25.65 50.66 -11.38
C SER HA 396 -24.23 50.12 -11.54
N PRO HA 397 -23.37 50.31 -10.53
CA PRO HA 397 -21.99 49.84 -10.67
C PRO HA 397 -21.92 48.34 -10.90
N ARG HA 398 -21.44 47.93 -12.08
CA ARG HA 398 -21.39 46.53 -12.45
C ARG HA 398 -20.05 45.93 -12.08
N CYS HA 399 -20.04 44.61 -11.91
CA CYS HA 399 -18.88 43.86 -11.45
C CYS HA 399 -18.70 42.59 -12.26
N SER HA 400 -18.64 42.73 -13.59
CA SER HA 400 -18.52 41.61 -14.51
C SER HA 400 -17.44 40.60 -14.11
N ILE HA 401 -17.62 39.34 -14.52
CA ILE HA 401 -16.73 38.25 -14.13
C ILE HA 401 -15.26 38.51 -14.46
N GLY HA 402 -14.98 39.48 -15.34
CA GLY HA 402 -13.63 39.69 -15.80
C GLY HA 402 -12.66 40.11 -14.70
N GLU HA 403 -13.19 40.70 -13.63
CA GLU HA 403 -12.35 41.10 -12.50
C GLU HA 403 -12.43 40.13 -11.33
N ILE HA 404 -13.44 39.27 -11.27
CA ILE HA 404 -13.49 38.24 -10.23
C ILE HA 404 -12.65 37.03 -10.61
N THR HA 405 -12.15 36.96 -11.84
CA THR HA 405 -11.21 35.92 -12.22
C THR HA 405 -10.11 35.73 -11.17
N GLY HA 406 -9.72 36.81 -10.50
CA GLY HA 406 -8.88 36.68 -9.32
C GLY HA 406 -7.49 37.29 -9.38
N VAL HA 407 -7.33 38.40 -10.10
CA VAL HA 407 -6.02 39.04 -10.21
C VAL HA 407 -5.89 40.23 -9.27
N ASN HA 408 -6.90 41.11 -9.23
CA ASN HA 408 -6.87 42.29 -8.38
C ASN HA 408 -8.22 42.49 -7.70
N TRP HA 409 -8.73 41.44 -7.07
CA TRP HA 409 -10.10 41.46 -6.57
C TRP HA 409 -10.20 42.24 -5.25
N ASN HA 410 -9.67 43.45 -5.23
CA ASN HA 410 -9.97 44.39 -4.16
C ASN HA 410 -10.34 45.77 -4.68
N LEU HA 411 -9.66 46.26 -5.72
CA LEU HA 411 -10.05 47.53 -6.31
C LEU HA 411 -11.27 47.38 -7.20
N ALA HA 412 -11.55 46.16 -7.67
CA ALA HA 412 -12.79 45.89 -8.38
C ALA HA 412 -13.98 45.92 -7.44
N ARG HA 413 -13.83 45.36 -6.25
CA ARG HA 413 -14.87 45.35 -5.24
C ARG HA 413 -14.70 46.44 -4.18
N GLN HA 414 -13.99 47.52 -4.50
CA GLN HA 414 -13.71 48.57 -3.52
C GLN HA 414 -14.95 48.97 -2.74
N ARG HA 415 -15.94 49.56 -3.39
CA ARG HA 415 -17.21 49.68 -2.67
C ARG HA 415 -18.27 48.73 -3.23
N LEU HA 416 -18.75 48.99 -4.44
CA LEU HA 416 -19.82 48.24 -5.11
C LEU HA 416 -21.11 48.26 -4.27
N TYR HA 417 -20.97 48.54 -2.98
CA TYR HA 417 -22.02 48.81 -1.99
C TYR HA 417 -21.31 48.91 -0.65
N GLN HA 418 -22.02 49.24 0.44
CA GLN HA 418 -21.45 49.04 1.77
C GLN HA 418 -22.30 48.12 2.63
N TRP HA 419 -23.57 48.47 2.84
CA TRP HA 419 -24.59 47.68 3.54
C TRP HA 419 -24.38 47.58 5.04
N THR HA 420 -23.17 47.89 5.53
CA THR HA 420 -22.82 47.93 6.95
C THR HA 420 -23.58 46.89 7.77
N GLY HA 421 -23.77 45.70 7.22
CA GLY HA 421 -24.79 44.77 7.70
C GLY HA 421 -24.22 43.66 8.56
N ASP HA 422 -24.97 43.30 9.60
CA ASP HA 422 -24.67 42.17 10.47
C ASP HA 422 -25.86 41.91 11.37
N PHE HA 423 -26.14 40.63 11.61
CA PHE HA 423 -27.24 40.20 12.47
C PHE HA 423 -26.72 39.12 13.41
N ARG HA 424 -26.40 39.52 14.65
CA ARG HA 424 -25.86 38.60 15.65
C ARG HA 424 -26.93 38.15 16.63
N GLY HA 425 -27.57 39.09 17.31
CA GLY HA 425 -28.57 38.75 18.31
C GLY HA 425 -29.98 38.74 17.76
N LEU HA 426 -30.48 37.54 17.44
CA LEU HA 426 -31.83 37.38 16.94
C LEU HA 426 -32.38 36.05 17.44
N PRO HA 427 -33.70 35.96 17.65
CA PRO HA 427 -34.29 34.70 18.13
C PRO HA 427 -34.13 33.60 17.10
N THR HA 428 -33.35 32.58 17.43
CA THR HA 428 -33.25 31.39 16.61
C THR HA 428 -34.50 30.52 16.78
N GLN HA 429 -34.66 29.54 15.88
CA GLN HA 429 -35.77 28.61 15.97
C GLN HA 429 -35.61 27.65 17.14
N LEU HA 430 -34.43 27.63 17.75
CA LEU HA 430 -34.15 26.78 18.89
C LEU HA 430 -34.34 27.50 20.23
N SER HA 431 -34.25 28.84 20.24
CA SER HA 431 -34.48 29.60 21.45
C SER HA 431 -35.94 29.98 21.65
N CYS HA 432 -36.80 29.70 20.67
CA CYS HA 432 -38.23 29.97 20.79
C CYS HA 432 -39.06 28.70 20.87
N MET HA 433 -38.43 27.56 21.05
CA MET HA 433 -39.17 26.31 21.17
C MET HA 433 -39.90 26.26 22.49
N TYR HA 434 -41.11 25.70 22.47
CA TYR HA 434 -41.92 25.62 23.68
C TYR HA 434 -42.58 24.26 23.89
N ALA HA 435 -42.39 23.31 22.99
CA ALA HA 435 -43.01 21.99 23.16
C ALA HA 435 -42.35 21.00 22.20
N ALA HA 436 -42.45 19.72 22.56
CA ALA HA 436 -41.90 18.65 21.73
C ALA HA 436 -42.71 17.40 22.01
N TYR HA 437 -43.38 16.87 20.99
CA TYR HA 437 -44.27 15.74 21.16
C TYR HA 437 -43.79 14.53 20.35
N THR HA 438 -44.45 13.40 20.61
CA THR HA 438 -44.06 12.13 20.03
C THR HA 438 -45.21 11.14 20.16
N LEU HA 439 -45.51 10.42 19.08
CA LEU HA 439 -46.55 9.41 19.10
C LEU HA 439 -46.09 8.19 19.89
N ILE HA 440 -47.02 7.60 20.66
CA ILE HA 440 -46.74 6.43 21.49
C ILE HA 440 -47.67 5.28 21.15
N GLY HA 441 -48.96 5.56 21.02
CA GLY HA 441 -49.90 4.48 20.75
C GLY HA 441 -51.27 5.02 20.41
N THR HA 442 -52.13 4.11 19.96
CA THR HA 442 -53.48 4.44 19.54
C THR HA 442 -54.47 3.58 20.32
N ILE HA 443 -55.76 3.89 20.14
CA ILE HA 443 -56.84 3.11 20.74
C ILE HA 443 -57.87 2.83 19.66
N PRO HA 444 -57.93 1.61 19.12
CA PRO HA 444 -58.84 1.34 18.01
C PRO HA 444 -60.31 1.36 18.42
N SER HA 445 -60.63 0.97 19.65
CA SER HA 445 -62.02 0.94 20.09
C SER HA 445 -62.58 2.35 20.15
N GLU HA 446 -63.64 2.59 19.39
CA GLU HA 446 -64.29 3.89 19.39
C GLU HA 446 -64.99 4.15 20.72
N SER HA 447 -65.21 5.43 21.02
CA SER HA 447 -65.90 5.85 22.23
C SER HA 447 -65.21 5.29 23.48
N VAL HA 448 -63.96 5.72 23.69
CA VAL HA 448 -63.20 5.28 24.84
C VAL HA 448 -63.90 5.70 26.12
N ARG HA 449 -63.68 4.95 27.20
CA ARG HA 449 -64.37 5.15 28.47
C ARG HA 449 -63.38 5.12 29.62
N TYR HA 450 -62.31 5.92 29.50
CA TYR HA 450 -61.29 5.99 30.56
C TYR HA 450 -61.93 6.31 31.90
N THR HA 451 -61.46 5.63 32.94
CA THR HA 451 -62.04 5.71 34.27
C THR HA 451 -61.03 6.31 35.25
N ARG HA 452 -61.50 7.25 36.07
CA ARG HA 452 -60.66 7.89 37.07
C ARG HA 452 -61.17 7.55 38.45
N ARG HA 453 -60.28 7.11 39.33
CA ARG HA 453 -60.66 6.78 40.70
C ARG HA 453 -59.43 6.85 41.58
N MET HA 454 -59.65 6.85 42.90
CA MET HA 454 -58.60 6.96 43.89
C MET HA 454 -58.42 5.61 44.57
N GLU HA 455 -57.19 5.11 44.58
CA GLU HA 455 -56.86 3.85 45.24
C GLU HA 455 -55.53 4.00 45.97
N ARG HA 456 -55.26 3.05 46.87
CA ARG HA 456 -54.07 3.11 47.70
C ARG HA 456 -52.82 2.85 46.88
N PHE HA 457 -51.80 3.68 47.11
CA PHE HA 457 -50.50 3.56 46.46
C PHE HA 457 -49.47 3.51 47.59
N GLY HA 458 -49.15 2.31 48.06
CA GLY HA 458 -48.31 2.18 49.23
C GLY HA 458 -49.12 2.33 50.50
N GLY HA 459 -49.05 3.51 51.11
CA GLY HA 459 -49.84 3.79 52.29
C GLY HA 459 -50.72 5.02 52.12
N TYR HA 460 -50.84 5.50 50.89
CA TYR HA 460 -51.60 6.70 50.61
C TYR HA 460 -52.46 6.49 49.37
N ASN HA 461 -53.51 7.29 49.24
CA ASN HA 461 -54.42 7.21 48.12
C ASN HA 461 -54.12 8.33 47.12
N VAL HA 462 -54.11 7.96 45.84
CA VAL HA 462 -53.83 8.92 44.78
C VAL HA 462 -54.84 8.73 43.65
N PRO HA 463 -55.26 9.79 42.98
CA PRO HA 463 -56.19 9.64 41.86
C PRO HA 463 -55.49 9.16 40.59
N THR HA 464 -55.83 7.96 40.13
CA THR HA 464 -55.24 7.41 38.93
C THR HA 464 -56.31 7.20 37.86
N ILE HA 465 -55.90 7.36 36.61
CA ILE HA 465 -56.76 7.15 35.45
C ILE HA 465 -56.35 5.84 34.80
N TRP HA 466 -57.34 5.03 34.45
CA TRP HA 466 -57.12 3.69 33.92
C TRP HA 466 -57.52 3.63 32.46
N LEU HA 467 -56.54 3.34 31.60
CA LEU HA 467 -56.76 3.18 30.17
C LEU HA 467 -56.76 1.70 29.83
N GLU HA 468 -57.76 1.30 29.05
CA GLU HA 468 -57.90 -0.09 28.63
C GLU HA 468 -57.75 -0.21 27.12
N GLY HA 469 -57.24 -1.35 26.67
CA GLY HA 469 -57.07 -1.63 25.27
C GLY HA 469 -56.34 -0.56 24.49
N VAL HA 470 -55.05 -0.38 24.76
CA VAL HA 470 -54.21 0.58 24.05
C VAL HA 470 -53.04 -0.17 23.42
N VAL HA 471 -52.92 -0.08 22.11
CA VAL HA 471 -51.86 -0.77 21.38
C VAL HA 471 -50.64 0.14 21.30
N TRP HA 472 -49.52 -0.31 21.84
CA TRP HA 472 -48.28 0.45 21.76
C TRP HA 472 -47.65 0.30 20.39
N GLY HA 473 -46.76 1.23 20.07
CA GLY HA 473 -46.08 1.20 18.79
C GLY HA 473 -45.46 2.56 18.49
N GLY HA 474 -45.10 2.74 17.23
CA GLY HA 474 -44.57 4.01 16.78
C GLY HA 474 -43.12 4.22 17.15
N THR HA 475 -42.34 4.74 16.20
CA THR HA 475 -40.94 5.00 16.44
C THR HA 475 -40.75 6.25 17.29
N ASN HA 476 -39.61 6.32 17.99
CA ASN HA 476 -39.34 7.42 18.91
C ASN HA 476 -38.74 8.58 18.11
N THR HA 477 -39.62 9.39 17.54
CA THR HA 477 -39.25 10.60 16.81
C THR HA 477 -39.96 11.79 17.45
N TRP HA 478 -39.19 12.83 17.77
CA TRP HA 478 -39.74 14.00 18.45
C TRP HA 478 -39.96 15.14 17.45
N ASN HA 479 -41.15 15.72 17.51
CA ASN HA 479 -41.52 16.87 16.68
C ASN HA 479 -41.52 18.10 17.58
N GLU HA 480 -40.71 19.09 17.22
CA GLU HA 480 -40.56 20.28 18.06
C GLU HA 480 -41.44 21.41 17.52
N CYS HA 481 -42.22 22.01 18.41
CA CYS HA 481 -43.15 23.08 18.05
C CYS HA 481 -42.50 24.41 18.42
N TYR HA 482 -41.74 24.96 17.47
CA TYR HA 482 -41.11 26.26 17.61
C TYR HA 482 -41.83 27.23 16.68
N TYR HA 483 -42.68 28.08 17.25
CA TYR HA 483 -43.41 29.05 16.44
C TYR HA 483 -43.50 30.40 17.14
N PRO IA 4 37.57 -52.11 -10.79
CA PRO IA 4 38.34 -52.35 -9.56
C PRO IA 4 39.74 -52.88 -9.86
N PHE IA 5 40.73 -52.00 -9.78
CA PHE IA 5 42.10 -52.36 -10.10
C PHE IA 5 42.87 -52.67 -8.82
N GLU IA 6 43.54 -53.82 -8.79
CA GLU IA 6 44.32 -54.24 -7.64
C GLU IA 6 45.70 -54.68 -8.08
N ILE IA 7 46.68 -54.40 -7.22
CA ILE IA 7 48.06 -54.80 -7.44
C ILE IA 7 48.37 -55.93 -6.46
N GLU IA 8 48.92 -57.03 -6.98
CA GLU IA 8 49.23 -58.20 -6.16
C GLU IA 8 50.72 -58.23 -5.87
N VAL IA 9 51.08 -57.95 -4.62
CA VAL IA 9 52.47 -57.98 -4.19
C VAL IA 9 52.77 -59.39 -3.71
N LEU IA 10 53.79 -60.02 -4.30
CA LEU IA 10 54.17 -61.37 -3.95
C LEU IA 10 55.11 -61.34 -2.75
N LEU IA 11 54.74 -62.03 -1.68
CA LEU IA 11 55.61 -62.12 -0.52
C LEU IA 11 56.81 -63.01 -0.84
N PRO IA 12 58.00 -62.63 -0.38
CA PRO IA 12 59.16 -63.51 -0.55
C PRO IA 12 58.97 -64.82 0.19
N GLY IA 13 59.65 -65.85 -0.29
CA GLY IA 13 59.59 -67.16 0.33
C GLY IA 13 60.28 -67.19 1.68
N GLU IA 14 60.22 -68.37 2.30
CA GLU IA 14 60.89 -68.68 3.56
C GLU IA 14 60.77 -67.57 4.60
N LEU IA 15 59.64 -66.87 4.62
CA LEU IA 15 59.45 -65.80 5.59
C LEU IA 15 59.17 -66.37 6.97
N SER IA 16 59.71 -65.72 7.98
CA SER IA 16 59.54 -66.18 9.35
C SER IA 16 58.11 -65.94 9.82
N PRO IA 17 57.60 -66.78 10.73
CA PRO IA 17 56.22 -66.59 11.19
C PRO IA 17 56.03 -65.32 12.00
N ALA IA 18 57.07 -64.85 12.70
CA ALA IA 18 56.94 -63.63 13.48
C ALA IA 18 56.71 -62.43 12.58
N GLU IA 19 57.47 -62.32 11.48
CA GLU IA 19 57.28 -61.21 10.56
C GLU IA 19 55.97 -61.35 9.79
N THR IA 20 55.59 -62.58 9.46
CA THR IA 20 54.35 -62.80 8.72
C THR IA 20 53.15 -62.30 9.52
N SER IA 21 53.08 -62.65 10.82
CA SER IA 21 52.01 -62.15 11.65
C SER IA 21 52.08 -60.64 11.77
N ALA IA 22 53.29 -60.07 11.79
CA ALA IA 22 53.43 -58.63 11.87
C ALA IA 22 52.93 -57.95 10.61
N LEU IA 23 53.00 -58.63 9.46
CA LEU IA 23 52.50 -58.04 8.22
C LEU IA 23 50.98 -58.05 8.18
N GLN IA 24 50.35 -59.04 8.81
CA GLN IA 24 48.89 -59.09 8.84
C GLN IA 24 48.29 -57.96 9.66
N LYS IA 25 49.06 -57.32 10.52
CA LYS IA 25 48.55 -56.18 11.28
C LYS IA 25 48.36 -54.97 10.37
N CYS IA 26 49.26 -54.80 9.39
CA CYS IA 26 49.18 -53.68 8.45
C CYS IA 26 48.12 -54.01 7.41
N GLU IA 27 46.86 -53.80 7.80
CA GLU IA 27 45.74 -54.22 6.97
C GLU IA 27 45.22 -53.09 6.09
N GLY IA 28 45.17 -51.87 6.60
CA GLY IA 28 44.63 -50.76 5.85
C GLY IA 28 45.58 -49.60 5.69
N LYS IA 29 46.86 -49.90 5.46
CA LYS IA 29 47.86 -48.85 5.30
C LYS IA 29 48.12 -48.59 3.82
N ILE IA 30 48.83 -47.49 3.56
CA ILE IA 30 49.08 -47.00 2.21
C ILE IA 30 50.50 -47.33 1.80
N ILE IA 31 50.66 -47.78 0.56
CA ILE IA 31 51.97 -48.03 -0.02
C ILE IA 31 52.05 -47.32 -1.36
N THR IA 32 53.28 -47.00 -1.76
CA THR IA 32 53.53 -46.27 -2.99
C THR IA 32 54.29 -47.15 -3.97
N PHE IA 33 53.99 -46.98 -5.26
CA PHE IA 33 54.66 -47.70 -6.33
C PHE IA 33 55.27 -46.71 -7.31
N SER IA 34 56.43 -47.07 -7.85
CA SER IA 34 57.07 -46.22 -8.86
C SER IA 34 56.36 -46.35 -10.20
N THR IA 35 56.22 -47.57 -10.70
CA THR IA 35 55.49 -47.84 -11.93
C THR IA 35 54.37 -48.81 -11.63
N LEU IA 36 53.17 -48.51 -12.10
CA LEU IA 36 52.00 -49.31 -11.80
C LEU IA 36 51.96 -50.55 -12.68
N ARG IA 37 51.64 -51.69 -12.06
CA ARG IA 37 51.56 -52.95 -12.78
C ARG IA 37 50.76 -53.93 -11.95
N HIS IA 38 50.28 -54.99 -12.60
CA HIS IA 38 49.47 -55.99 -11.91
C HIS IA 38 50.33 -56.83 -10.96
N ARG IA 39 51.58 -57.11 -11.34
CA ARG IA 39 52.48 -57.91 -10.54
C ARG IA 39 53.73 -57.09 -10.23
N ALA IA 40 54.18 -57.15 -8.98
CA ALA IA 40 55.36 -56.40 -8.56
C ALA IA 40 56.11 -57.21 -7.51
N SER IA 41 57.26 -56.70 -7.11
CA SER IA 41 58.10 -57.32 -6.09
C SER IA 41 58.00 -56.51 -4.79
N LEU IA 42 58.81 -56.90 -3.81
CA LEU IA 42 58.86 -56.21 -2.54
C LEU IA 42 59.92 -55.12 -2.50
N VAL IA 43 60.82 -55.08 -3.48
CA VAL IA 43 61.92 -54.13 -3.44
C VAL IA 43 61.41 -52.70 -3.58
N ASP IA 44 60.42 -52.48 -4.45
CA ASP IA 44 59.96 -51.12 -4.69
C ASP IA 44 59.25 -50.53 -3.49
N ILE IA 45 58.54 -51.36 -2.71
CA ILE IA 45 57.86 -50.85 -1.53
C ILE IA 45 58.85 -50.52 -0.43
N ALA IA 46 60.00 -51.19 -0.42
CA ALA IA 46 60.99 -51.00 0.63
C ALA IA 46 61.56 -49.59 0.59
N LEU IA 47 62.16 -49.18 1.71
CA LEU IA 47 62.78 -47.87 1.77
C LEU IA 47 64.00 -47.77 0.87
N SER IA 48 64.63 -48.91 0.57
CA SER IA 48 65.79 -48.90 -0.32
C SER IA 48 65.45 -48.30 -1.68
N SER IA 49 64.23 -48.48 -2.15
CA SER IA 49 63.81 -47.92 -3.42
C SER IA 49 63.64 -46.41 -3.36
N TYR IA 50 63.63 -45.82 -2.15
CA TYR IA 50 63.57 -44.37 -2.03
C TYR IA 50 64.93 -43.71 -2.16
N TYR IA 51 66.00 -44.50 -2.21
CA TYR IA 51 67.35 -43.95 -2.24
C TYR IA 51 67.55 -43.06 -3.45
N ILE IA 52 68.14 -41.88 -3.23
CA ILE IA 52 68.32 -40.94 -4.33
C ILE IA 52 69.67 -41.17 -5.00
N ASN IA 53 70.77 -41.01 -4.25
CA ASN IA 53 72.08 -41.28 -4.81
C ASN IA 53 72.55 -42.68 -4.46
N GLY IA 54 72.78 -42.93 -3.17
CA GLY IA 54 73.05 -44.26 -2.69
C GLY IA 54 72.58 -44.47 -1.26
N ALA IA 55 71.88 -43.49 -0.70
CA ALA IA 55 71.61 -43.39 0.72
C ALA IA 55 70.13 -43.24 0.97
N PRO IA 56 69.68 -43.47 2.21
CA PRO IA 56 68.30 -43.17 2.57
C PRO IA 56 67.94 -41.74 2.23
N PRO IA 57 66.69 -41.48 1.89
CA PRO IA 57 66.29 -40.17 1.37
C PRO IA 57 66.14 -39.15 2.50
N ASP IA 58 65.72 -37.95 2.11
CA ASP IA 58 65.49 -36.84 3.02
C ASP IA 58 64.01 -36.52 3.08
N THR IA 59 63.63 -35.75 4.10
CA THR IA 59 62.23 -35.35 4.23
C THR IA 59 61.78 -34.55 3.01
N LEU IA 60 62.56 -33.54 2.62
CA LEU IA 60 62.22 -32.77 1.43
C LEU IA 60 62.26 -33.64 0.19
N SER IA 61 63.22 -34.56 0.10
CA SER IA 61 63.25 -35.48 -1.02
C SER IA 61 62.09 -36.47 -0.97
N LEU IA 62 61.56 -36.74 0.22
CA LEU IA 62 60.41 -37.63 0.32
C LEU IA 62 59.15 -36.96 -0.21
N LEU IA 63 59.00 -35.65 0.03
CA LEU IA 63 57.85 -34.93 -0.49
C LEU IA 63 57.80 -35.01 -2.01
N GLU IA 64 58.93 -34.84 -2.68
CA GLU IA 64 58.96 -35.00 -4.13
C GLU IA 64 58.73 -36.45 -4.54
N ALA IA 65 59.20 -37.41 -3.73
CA ALA IA 65 58.99 -38.81 -4.06
C ALA IA 65 57.52 -39.20 -3.98
N TYR IA 66 56.76 -38.55 -3.09
CA TYR IA 66 55.35 -38.90 -2.96
C TYR IA 66 54.52 -38.40 -4.15
N ARG IA 67 54.89 -37.25 -4.72
CA ARG IA 67 54.17 -36.75 -5.88
C ARG IA 67 54.40 -37.63 -7.09
N MET IA 68 55.64 -38.08 -7.30
CA MET IA 68 55.95 -38.85 -8.50
C MET IA 68 55.38 -40.26 -8.42
N ARG IA 69 55.50 -40.90 -7.27
CA ARG IA 69 55.08 -42.28 -7.14
C ARG IA 69 53.56 -42.40 -7.17
N PHE IA 70 53.08 -43.57 -7.59
CA PHE IA 70 51.67 -43.88 -7.52
C PHE IA 70 51.28 -44.25 -6.10
N ALA IA 71 49.98 -44.23 -5.84
CA ALA IA 71 49.45 -44.53 -4.51
C ALA IA 71 48.67 -45.84 -4.55
N ALA IA 72 48.74 -46.58 -3.45
CA ALA IA 72 48.03 -47.85 -3.33
C ALA IA 72 47.70 -48.10 -1.87
N VAL IA 73 46.55 -48.72 -1.63
CA VAL IA 73 46.08 -49.05 -0.30
C VAL IA 73 46.09 -50.57 -0.14
N ILE IA 74 46.54 -51.02 1.02
CA ILE IA 74 46.63 -52.45 1.29
C ILE IA 74 45.25 -52.98 1.67
N THR IA 75 44.94 -54.19 1.22
CA THR IA 75 43.71 -54.87 1.61
C THR IA 75 44.05 -56.25 2.17
N ARG IA 76 43.04 -57.09 2.36
CA ARG IA 76 43.20 -58.37 3.03
C ARG IA 76 44.40 -59.15 2.49
N VAL IA 77 45.34 -59.47 3.37
CA VAL IA 77 46.56 -60.18 3.02
C VAL IA 77 46.38 -61.65 3.38
N ILE IA 78 46.81 -62.54 2.49
CA ILE IA 78 46.75 -63.98 2.72
C ILE IA 78 48.19 -64.44 2.96
N PRO IA 79 48.42 -65.69 3.39
CA PRO IA 79 49.79 -66.09 3.74
C PRO IA 79 50.78 -65.95 2.60
N GLY IA 80 50.36 -66.15 1.36
CA GLY IA 80 51.28 -66.10 0.24
C GLY IA 80 51.30 -64.79 -0.51
N LYS IA 81 50.12 -64.18 -0.70
CA LYS IA 81 49.97 -63.01 -1.54
C LYS IA 81 49.57 -61.81 -0.70
N LEU IA 82 49.87 -60.62 -1.23
CA LEU IA 82 49.53 -59.36 -0.58
C LEU IA 82 48.78 -58.50 -1.60
N LEU IA 83 47.45 -58.50 -1.49
CA LEU IA 83 46.64 -57.72 -2.41
C LEU IA 83 46.60 -56.26 -1.98
N ALA IA 84 46.42 -55.38 -2.96
CA ALA IA 84 46.37 -53.95 -2.71
C ALA IA 84 45.71 -53.27 -3.89
N HIS IA 85 44.91 -52.24 -3.61
CA HIS IA 85 44.16 -51.52 -4.63
C HIS IA 85 44.79 -50.17 -4.90
N ALA IA 86 44.54 -49.65 -6.09
CA ALA IA 86 45.08 -48.36 -6.51
C ALA IA 86 44.13 -47.23 -6.16
N ILE IA 87 44.67 -46.01 -6.12
CA ILE IA 87 43.94 -44.83 -5.69
C ILE IA 87 43.96 -43.74 -6.75
N GLY IA 88 45.16 -43.35 -7.20
CA GLY IA 88 45.32 -42.23 -8.10
C GLY IA 88 44.49 -42.29 -9.37
N VAL IA 89 44.63 -43.38 -10.14
CA VAL IA 89 43.90 -43.51 -11.38
C VAL IA 89 42.41 -43.68 -11.09
N GLY IA 90 41.59 -43.28 -12.05
CA GLY IA 90 40.14 -43.40 -11.90
C GLY IA 90 39.67 -44.84 -11.94
N THR IA 91 39.25 -45.35 -10.78
CA THR IA 91 38.81 -46.74 -10.68
C THR IA 91 37.81 -46.84 -9.54
N PRO IA 92 36.65 -47.45 -9.76
CA PRO IA 92 35.67 -47.58 -8.68
C PRO IA 92 36.09 -48.64 -7.68
N THR IA 93 36.16 -48.26 -6.40
CA THR IA 93 36.51 -49.18 -5.32
C THR IA 93 35.39 -49.16 -4.30
N PRO IA 94 34.64 -50.25 -4.13
CA PRO IA 94 33.57 -50.25 -3.14
C PRO IA 94 34.07 -50.63 -1.75
N GLY IA 95 33.66 -49.87 -0.74
CA GLY IA 95 34.02 -50.16 0.63
C GLY IA 95 35.51 -50.04 0.88
N LEU IA 96 36.05 -48.84 0.75
CA LEU IA 96 37.46 -48.57 0.94
C LEU IA 96 37.69 -48.03 2.35
N PHE IA 97 38.64 -48.61 3.06
CA PHE IA 97 38.94 -48.22 4.43
C PHE IA 97 40.44 -48.10 4.61
N ILE IA 98 40.84 -47.12 5.42
CA ILE IA 98 42.24 -46.87 5.72
C ILE IA 98 42.43 -46.93 7.23
N GLN IA 99 43.67 -47.11 7.65
CA GLN IA 99 44.02 -47.14 9.06
C GLN IA 99 44.73 -45.85 9.46
N ASN IA 100 44.26 -45.25 10.54
CA ASN IA 100 44.83 -43.99 11.01
C ASN IA 100 46.25 -44.23 11.52
N THR IA 101 47.18 -43.40 11.06
CA THR IA 101 48.57 -43.50 11.50
C THR IA 101 49.07 -42.26 12.20
N SER IA 102 48.47 -41.09 11.97
CA SER IA 102 48.90 -39.87 12.61
C SER IA 102 48.47 -39.87 14.08
N PRO IA 103 49.18 -39.14 14.93
CA PRO IA 103 48.77 -39.04 16.33
C PRO IA 103 47.52 -38.21 16.55
N VAL IA 104 47.08 -37.47 15.55
CA VAL IA 104 45.92 -36.59 15.67
C VAL IA 104 44.69 -37.32 15.17
N ASP IA 105 43.53 -36.95 15.71
CA ASP IA 105 42.27 -37.60 15.37
C ASP IA 105 41.63 -36.94 14.17
N LEU IA 106 40.76 -37.71 13.50
CA LEU IA 106 40.01 -37.22 12.35
C LEU IA 106 38.52 -37.26 12.66
N CYS IA 107 37.76 -36.51 11.86
CA CYS IA 107 36.32 -36.48 11.96
C CYS IA 107 35.73 -36.49 10.57
N ASN IA 108 34.40 -36.51 10.48
CA ASN IA 108 33.74 -36.56 9.19
C ASN IA 108 34.05 -35.31 8.37
N GLY IA 109 34.05 -35.47 7.05
CA GLY IA 109 34.32 -34.37 6.16
C GLY IA 109 35.72 -33.80 6.32
N ASP IA 110 36.73 -34.67 6.30
CA ASP IA 110 38.13 -34.26 6.44
C ASP IA 110 38.90 -34.79 5.26
N TYR IA 111 39.59 -33.90 4.55
CA TYR IA 111 40.44 -34.31 3.45
C TYR IA 111 41.75 -34.87 3.99
N ILE IA 112 42.27 -35.89 3.30
CA ILE IA 112 43.45 -36.60 3.73
C ILE IA 112 44.60 -36.23 2.81
N CYS IA 113 45.74 -35.91 3.40
CA CYS IA 113 46.98 -35.62 2.68
C CYS IA 113 48.02 -36.67 3.06
N LEU IA 114 49.24 -36.48 2.60
CA LEU IA 114 50.33 -37.42 2.86
C LEU IA 114 51.60 -36.64 3.13
N LEU IA 115 52.40 -37.13 4.07
CA LEU IA 115 53.67 -36.51 4.40
C LEU IA 115 54.56 -37.55 5.08
N PRO IA 116 55.87 -37.44 4.90
CA PRO IA 116 56.79 -38.40 5.54
C PRO IA 116 56.72 -38.25 7.05
N PRO IA 117 57.22 -39.24 7.79
CA PRO IA 117 57.18 -39.14 9.26
C PRO IA 117 58.03 -37.99 9.77
N VAL IA 118 57.37 -36.96 10.30
CA VAL IA 118 58.05 -35.78 10.80
C VAL IA 118 58.19 -35.91 12.31
N PHE IA 119 57.25 -36.63 12.92
CA PHE IA 119 57.23 -36.84 14.36
C PHE IA 119 58.26 -37.90 14.74
N GLY IA 120 58.15 -38.42 15.97
CA GLY IA 120 59.08 -39.41 16.49
C GLY IA 120 59.31 -40.60 15.60
N SER IA 121 60.34 -41.39 15.93
CA SER IA 121 60.79 -42.50 15.10
C SER IA 121 59.63 -43.34 14.60
N ALA IA 122 59.47 -43.39 13.29
CA ALA IA 122 58.30 -44.00 12.69
C ALA IA 122 58.29 -45.51 12.92
N ASP IA 123 57.13 -46.02 13.34
CA ASP IA 123 56.96 -47.46 13.42
C ASP IA 123 56.92 -48.04 12.02
N SER IA 124 57.59 -49.17 11.84
CA SER IA 124 57.73 -49.76 10.52
C SER IA 124 58.13 -51.22 10.62
N ILE IA 125 57.61 -52.05 9.71
CA ILE IA 125 57.98 -53.45 9.68
C ILE IA 125 59.41 -53.57 9.19
N ARG IA 126 60.24 -54.30 9.94
CA ARG IA 126 61.64 -54.52 9.60
C ARG IA 126 61.85 -56.00 9.37
N LEU IA 127 62.29 -56.36 8.16
CA LEU IA 127 62.53 -57.75 7.79
C LEU IA 127 64.02 -58.00 7.82
N ASP IA 128 64.47 -58.79 8.79
CA ASP IA 128 65.89 -59.11 8.88
C ASP IA 128 66.29 -60.18 7.87
N SER IA 129 65.44 -61.18 7.67
CA SER IA 129 65.75 -62.25 6.72
C SER IA 129 65.86 -61.70 5.30
N VAL IA 130 64.84 -60.97 4.86
CA VAL IA 130 64.88 -60.39 3.53
C VAL IA 130 65.90 -59.26 3.46
N GLY IA 131 66.00 -58.48 4.52
CA GLY IA 131 66.98 -57.41 4.61
C GLY IA 131 66.48 -56.03 4.25
N LEU IA 132 65.17 -55.86 4.08
CA LEU IA 132 64.61 -54.56 3.75
C LEU IA 132 63.58 -54.15 4.80
N GLU IA 133 63.34 -52.84 4.88
CA GLU IA 133 62.42 -52.26 5.85
C GLU IA 133 61.38 -51.42 5.10
N ILE IA 134 60.13 -51.53 5.54
CA ILE IA 134 59.01 -50.84 4.90
C ILE IA 134 58.46 -49.82 5.88
N VAL IA 135 58.61 -48.54 5.55
CA VAL IA 135 58.04 -47.47 6.34
C VAL IA 135 56.73 -47.03 5.70
N PHE IA 136 55.78 -46.61 6.53
CA PHE IA 136 54.48 -46.23 6.01
C PHE IA 136 54.23 -44.73 6.20
N PRO IA 137 53.60 -44.07 5.22
CA PRO IA 137 53.41 -42.62 5.33
C PRO IA 137 52.30 -42.27 6.30
N LEU IA 138 52.41 -41.07 6.85
CA LEU IA 138 51.45 -40.55 7.83
C LEU IA 138 50.32 -39.83 7.10
N THR IA 139 49.10 -40.01 7.61
CA THR IA 139 47.90 -39.41 7.02
C THR IA 139 47.36 -38.37 8.01
N ILE IA 140 47.53 -37.11 7.68
CA ILE IA 140 47.05 -36.02 8.53
C ILE IA 140 46.07 -35.20 7.72
N PRO IA 141 45.14 -34.49 8.39
CA PRO IA 141 44.14 -33.70 7.65
C PRO IA 141 44.75 -32.56 6.86
N GLN IA 142 43.90 -31.88 6.09
CA GLN IA 142 44.37 -30.79 5.23
C GLN IA 142 44.86 -29.61 6.07
N THR IA 143 44.10 -29.25 7.12
CA THR IA 143 44.46 -28.08 7.91
C THR IA 143 45.82 -28.26 8.58
N LEU IA 144 46.03 -29.39 9.24
CA LEU IA 144 47.33 -29.64 9.87
C LEU IA 144 48.44 -29.74 8.83
N MET IA 145 48.10 -30.14 7.60
CA MET IA 145 49.12 -30.29 6.57
C MET IA 145 49.72 -28.94 6.19
N ARG IA 146 48.87 -27.92 6.02
CA ARG IA 146 49.34 -26.63 5.57
C ARG IA 146 50.23 -25.93 6.60
N GLU IA 147 50.11 -26.27 7.87
CA GLU IA 147 50.93 -25.64 8.89
C GLU IA 147 52.28 -26.31 9.07
N ILE IA 148 52.34 -27.63 8.91
CA ILE IA 148 53.62 -28.33 9.04
C ILE IA 148 54.56 -27.90 7.93
N ILE IA 149 54.06 -27.79 6.70
CA ILE IA 149 54.91 -27.40 5.57
C ILE IA 149 55.41 -25.97 5.75
N ALA IA 150 54.53 -25.07 6.22
CA ALA IA 150 54.90 -23.68 6.37
C ALA IA 150 56.04 -23.52 7.37
N LYS IA 151 56.09 -24.40 8.38
CA LYS IA 151 57.17 -24.33 9.35
C LYS IA 151 58.42 -25.03 8.87
N VAL IA 152 58.28 -26.09 8.06
CA VAL IA 152 59.45 -26.78 7.53
C VAL IA 152 60.20 -25.87 6.56
N VAL IA 153 59.47 -25.21 5.65
CA VAL IA 153 60.10 -24.33 4.69
C VAL IA 153 60.79 -23.16 5.40
N ALA IA 154 60.14 -22.62 6.43
CA ALA IA 154 60.75 -21.52 7.18
C ALA IA 154 62.04 -21.97 7.86
N ARG IA 155 62.10 -23.22 8.30
CA ARG IA 155 63.33 -23.74 8.88
C ARG IA 155 64.40 -23.95 7.81
N ALA IA 156 63.98 -24.28 6.58
CA ALA IA 156 64.95 -24.45 5.50
C ALA IA 156 65.64 -23.14 5.17
N VAL IA 157 64.89 -22.04 5.11
CA VAL IA 157 65.48 -20.74 4.87
C VAL IA 157 66.43 -20.35 6.00
N GLU IA 158 66.09 -20.76 7.23
CA GLU IA 158 66.94 -20.42 8.36
C GLU IA 158 68.31 -21.08 8.25
N ARG IA 159 68.34 -22.36 7.88
CA ARG IA 159 69.62 -23.05 7.75
C ARG IA 159 70.45 -22.46 6.62
N THR IA 160 69.90 -22.36 5.43
CA THR IA 160 70.62 -21.79 4.29
C THR IA 160 70.29 -20.31 4.14
N ASP IA 176 59.94 -25.56 17.00
CA ASP IA 176 58.87 -25.79 16.04
C ASP IA 176 57.69 -26.48 16.69
N VAL IA 177 56.89 -25.73 17.42
CA VAL IA 177 55.74 -26.26 18.14
C VAL IA 177 54.48 -25.97 17.32
N ILE IA 178 53.60 -26.95 17.25
CA ILE IA 178 52.33 -26.81 16.54
C ILE IA 178 51.21 -27.17 17.51
N CYS IA 179 50.16 -26.35 17.51
CA CYS IA 179 49.05 -26.51 18.44
C CYS IA 179 47.83 -26.99 17.67
N TYR IA 180 47.27 -28.11 18.12
CA TYR IA 180 46.08 -28.68 17.51
C TYR IA 180 45.17 -29.19 18.62
N ASN IA 181 43.93 -28.72 18.65
CA ASN IA 181 42.96 -29.11 19.67
C ASN IA 181 43.51 -28.84 21.08
N GLY IA 182 44.12 -27.67 21.26
CA GLY IA 182 44.65 -27.30 22.54
C GLY IA 182 45.85 -28.09 23.00
N ARG IA 183 46.47 -28.87 22.11
CA ARG IA 183 47.61 -29.69 22.45
C ARG IA 183 48.79 -29.34 21.54
N ARG IA 184 49.99 -29.37 22.11
CA ARG IA 184 51.20 -28.98 21.38
C ARG IA 184 52.00 -30.21 20.97
N TYR IA 185 52.79 -30.04 19.92
CA TYR IA 185 53.64 -31.11 19.39
C TYR IA 185 55.00 -30.53 19.02
N GLU IA 186 55.92 -31.43 18.71
CA GLU IA 186 57.29 -31.07 18.32
C GLU IA 186 57.63 -31.78 17.01
N LEU IA 187 58.24 -31.04 16.09
CA LEU IA 187 58.59 -31.53 14.77
C LEU IA 187 60.12 -31.59 14.66
N GLU IA 188 60.66 -32.78 14.41
CA GLU IA 188 62.10 -32.92 14.20
C GLU IA 188 62.36 -33.01 12.71
N THR IA 189 62.45 -31.85 12.06
CA THR IA 189 62.75 -31.82 10.64
C THR IA 189 64.18 -32.25 10.39
N ASN IA 190 64.40 -32.87 9.23
CA ASN IA 190 65.70 -33.40 8.85
C ASN IA 190 66.04 -32.88 7.46
N LEU IA 191 67.22 -32.28 7.32
CA LEU IA 191 67.64 -31.72 6.04
C LEU IA 191 69.12 -32.02 5.79
N GLN IA 192 69.55 -33.24 6.12
CA GLN IA 192 70.95 -33.61 5.96
C GLN IA 192 71.43 -33.52 4.52
N HIS IA 193 70.54 -33.38 3.56
CA HIS IA 193 70.90 -33.14 2.17
C HIS IA 193 70.72 -31.67 1.81
N ARG IA 194 71.35 -31.27 0.71
CA ARG IA 194 71.29 -29.89 0.24
C ARG IA 194 70.79 -29.75 -1.19
N ASP IA 195 70.90 -30.79 -2.00
CA ASP IA 195 70.47 -30.72 -3.40
C ASP IA 195 68.97 -30.49 -3.53
N GLY IA 196 68.18 -30.79 -2.50
CA GLY IA 196 66.75 -30.59 -2.57
C GLY IA 196 66.27 -29.40 -1.77
N SER IA 197 67.12 -28.92 -0.86
CA SER IA 197 66.73 -27.79 -0.02
C SER IA 197 66.62 -26.50 -0.83
N ASP IA 198 67.56 -26.28 -1.74
CA ASP IA 198 67.53 -25.05 -2.53
C ASP IA 198 66.38 -25.06 -3.53
N ALA IA 199 65.96 -26.25 -3.97
CA ALA IA 199 64.86 -26.32 -4.93
C ALA IA 199 63.56 -25.80 -4.34
N ALA IA 200 63.34 -26.03 -3.05
CA ALA IA 200 62.14 -25.49 -2.40
C ALA IA 200 62.16 -23.98 -2.39
N ILE IA 201 63.35 -23.37 -2.32
CA ILE IA 201 63.44 -21.92 -2.39
C ILE IA 201 63.11 -21.43 -3.80
N ARG IA 202 63.53 -22.17 -4.81
CA ARG IA 202 63.28 -21.76 -6.19
C ARG IA 202 61.78 -21.73 -6.48
N THR IA 203 61.07 -22.82 -6.15
CA THR IA 203 59.64 -22.85 -6.40
C THR IA 203 58.88 -21.87 -5.52
N LEU IA 204 59.49 -21.36 -4.46
CA LEU IA 204 58.83 -20.39 -3.60
C LEU IA 204 58.88 -19.01 -4.22
N VAL IA 205 60.08 -18.48 -4.47
CA VAL IA 205 60.23 -17.14 -5.01
C VAL IA 205 59.54 -16.98 -6.36
N LEU IA 206 59.48 -18.06 -7.15
CA LEU IA 206 58.80 -17.98 -8.44
C LEU IA 206 57.31 -17.70 -8.30
N ASN IA 207 56.75 -17.87 -7.11
CA ASN IA 207 55.33 -17.61 -6.90
C ASN IA 207 55.05 -16.18 -6.47
N LEU IA 208 55.88 -15.63 -5.59
CA LEU IA 208 55.73 -14.23 -5.23
C LEU IA 208 56.07 -13.31 -6.38
N MET IA 209 57.01 -13.73 -7.24
CA MET IA 209 57.38 -12.91 -8.38
C MET IA 209 56.28 -12.83 -9.43
N PHE IA 210 55.48 -13.89 -9.58
CA PHE IA 210 54.37 -13.90 -10.52
C PHE IA 210 53.09 -13.36 -9.90
N SER IA 211 53.14 -12.88 -8.66
CA SER IA 211 52.00 -12.27 -8.00
C SER IA 211 52.18 -10.77 -7.84
N ILE IA 212 52.91 -10.14 -8.76
CA ILE IA 212 53.19 -8.71 -8.71
C ILE IA 212 52.81 -8.12 -10.06
N ASN IA 213 51.71 -7.38 -10.09
CA ASN IA 213 51.28 -6.70 -11.30
C ASN IA 213 51.15 -5.21 -11.00
N GLU IA 214 50.87 -4.42 -12.04
CA GLU IA 214 50.82 -2.98 -11.89
C GLU IA 214 49.66 -2.51 -11.01
N GLY IA 215 48.90 -3.43 -10.43
CA GLY IA 215 47.80 -3.07 -9.56
C GLY IA 215 48.09 -3.11 -8.07
N CYS IA 216 49.22 -3.68 -7.65
CA CYS IA 216 49.58 -3.65 -6.23
C CYS IA 216 49.63 -2.23 -5.70
N LEU IA 217 49.98 -1.27 -6.55
CA LEU IA 217 50.10 0.11 -6.09
C LEU IA 217 48.79 0.60 -5.46
N LEU IA 218 47.66 0.33 -6.12
CA LEU IA 218 46.39 0.74 -5.54
C LEU IA 218 46.12 0.03 -4.22
N LEU IA 219 46.28 -1.30 -4.21
CA LEU IA 219 46.11 -2.05 -2.98
C LEU IA 219 47.12 -1.66 -1.92
N LEU IA 220 48.29 -1.15 -2.32
CA LEU IA 220 49.27 -0.68 -1.35
C LEU IA 220 48.95 0.72 -0.84
N ALA IA 221 48.14 1.47 -1.56
CA ALA IA 221 47.75 2.82 -1.14
C ALA IA 221 46.58 2.83 -0.17
N LEU IA 222 46.03 1.65 0.16
CA LEU IA 222 44.91 1.54 1.07
C LEU IA 222 45.33 1.16 2.48
N ILE IA 223 46.63 1.07 2.74
CA ILE IA 223 47.11 0.69 4.06
C ILE IA 223 46.64 1.66 5.15
N PRO IA 224 46.71 2.98 4.97
CA PRO IA 224 46.24 3.88 6.05
C PRO IA 224 44.79 3.64 6.42
N THR IA 225 43.87 3.69 5.45
CA THR IA 225 42.47 3.48 5.76
C THR IA 225 42.21 2.11 6.37
N LEU IA 226 43.04 1.12 6.01
CA LEU IA 226 42.96 -0.17 6.69
C LEU IA 226 43.27 -0.02 8.17
N LEU IA 227 44.28 0.78 8.51
CA LEU IA 227 44.59 1.03 9.90
C LEU IA 227 43.48 1.83 10.58
N VAL IA 228 42.91 2.80 9.86
CA VAL IA 228 41.75 3.51 10.39
C VAL IA 228 40.60 2.54 10.62
N GLN IA 229 40.33 1.68 9.63
CA GLN IA 229 39.34 0.64 9.81
C GLN IA 229 39.77 -0.39 10.84
N GLY IA 230 41.07 -0.47 11.15
CA GLY IA 230 41.53 -1.37 12.19
C GLY IA 230 40.96 -1.02 13.55
N ALA IA 231 40.97 0.26 13.88
CA ALA IA 231 40.32 0.73 15.10
C ALA IA 231 38.80 0.74 14.92
N HIS IA 232 38.10 0.87 16.04
CA HIS IA 232 36.63 0.88 16.09
C HIS IA 232 36.00 -0.20 15.23
N ASP IA 233 36.68 -1.33 15.10
CA ASP IA 233 36.13 -2.49 14.42
C ASP IA 233 36.24 -3.76 15.23
N GLY IA 234 37.33 -3.94 15.97
CA GLY IA 234 37.49 -5.09 16.84
C GLY IA 234 37.72 -6.41 16.15
N TYR IA 235 37.77 -6.44 14.82
CA TYR IA 235 38.01 -7.68 14.10
C TYR IA 235 39.24 -7.56 13.22
N VAL IA 236 39.43 -6.39 12.62
CA VAL IA 236 40.59 -6.17 11.76
C VAL IA 236 41.88 -6.20 12.58
N ASN IA 237 41.81 -5.77 13.84
CA ASN IA 237 43.00 -5.77 14.70
C ASN IA 237 43.63 -7.16 14.74
N LEU IA 238 42.81 -8.20 14.91
CA LEU IA 238 43.33 -9.56 14.89
C LEU IA 238 44.05 -9.86 13.57
N LEU IA 239 43.49 -9.39 12.46
CA LEU IA 239 44.17 -9.53 11.19
C LEU IA 239 45.40 -8.64 11.09
N ILE IA 240 45.44 -7.57 11.87
CA ILE IA 240 46.60 -6.67 11.82
C ILE IA 240 47.73 -7.22 12.68
N GLN IA 241 47.41 -7.77 13.85
CA GLN IA 241 48.46 -8.27 14.74
C GLN IA 241 49.21 -9.45 14.12
N THR IA 242 48.52 -10.27 13.33
CA THR IA 242 49.17 -11.46 12.78
C THR IA 242 50.11 -11.10 11.62
N ALA IA 243 49.90 -9.95 10.99
CA ALA IA 243 50.73 -9.54 9.86
C ALA IA 243 51.71 -8.46 10.30
N ASN IA 244 52.98 -8.67 9.99
CA ASN IA 244 54.04 -7.77 10.42
C ASN IA 244 54.39 -6.73 9.37
N CYS IA 245 54.38 -7.09 8.09
CA CYS IA 245 54.80 -6.18 7.04
C CYS IA 245 53.87 -4.97 6.94
N VAL IA 246 52.57 -5.23 6.79
CA VAL IA 246 51.61 -4.13 6.65
C VAL IA 246 51.57 -3.28 7.92
N ARG IA 247 51.73 -3.90 9.09
CA ARG IA 247 51.74 -3.15 10.33
C ARG IA 247 53.00 -2.30 10.49
N GLU IA 248 54.04 -2.55 9.70
CA GLU IA 248 55.26 -1.75 9.74
C GLU IA 248 55.29 -0.72 8.62
N THR IA 249 54.98 -1.12 7.40
CA THR IA 249 54.99 -0.20 6.27
C THR IA 249 53.92 0.89 6.39
N GLY IA 250 52.85 0.63 7.13
CA GLY IA 250 51.77 1.59 7.21
C GLY IA 250 52.15 2.88 7.91
N GLN IA 251 53.21 2.84 8.72
CA GLN IA 251 53.67 4.01 9.45
C GLN IA 251 55.14 4.31 9.17
N LEU IA 252 55.65 3.84 8.03
CA LEU IA 252 57.05 4.07 7.67
C LEU IA 252 57.26 4.48 6.23
N ILE IA 253 56.26 4.38 5.35
CA ILE IA 253 56.41 4.69 3.94
C ILE IA 253 55.35 5.70 3.53
N ASN IA 254 55.65 6.46 2.48
CA ASN IA 254 54.76 7.51 2.01
C ASN IA 254 53.83 7.06 0.88
N ILE IA 255 54.28 6.16 0.02
CA ILE IA 255 53.46 5.64 -1.07
C ILE IA 255 53.00 6.77 -1.98
N PRO IA 256 53.87 7.30 -2.84
CA PRO IA 256 53.50 8.40 -3.76
C PRO IA 256 52.12 8.20 -4.37
N PRO IA 257 51.38 9.28 -4.61
CA PRO IA 257 49.91 9.18 -4.71
C PRO IA 257 49.37 8.22 -5.77
N MET IA 258 49.64 8.49 -7.05
CA MET IA 258 48.99 7.68 -8.08
C MET IA 258 49.53 7.95 -9.48
N PRO IA 259 49.74 6.91 -10.28
CA PRO IA 259 49.96 7.11 -11.72
C PRO IA 259 48.63 7.07 -12.47
N ARG IA 260 48.68 7.16 -13.79
CA ARG IA 260 47.48 7.07 -14.62
C ARG IA 260 47.46 5.72 -15.34
N ILE IA 261 46.45 5.54 -16.18
CA ILE IA 261 46.27 4.31 -16.96
C ILE IA 261 46.60 4.59 -18.42
N GLN IA 262 47.17 3.59 -19.09
CA GLN IA 262 47.50 3.75 -20.50
C GLN IA 262 46.24 3.98 -21.34
N ASP IA 263 45.33 3.02 -21.35
CA ASP IA 263 44.03 3.19 -21.97
C ASP IA 263 42.96 2.75 -20.97
N GLY IA 264 42.63 3.63 -20.03
CA GLY IA 264 41.63 3.32 -19.04
C GLY IA 264 40.20 3.42 -19.52
N HIS IA 265 40.03 3.74 -20.81
CA HIS IA 265 38.70 3.84 -21.39
C HIS IA 265 38.06 2.49 -21.67
N ARG IA 266 38.83 1.40 -21.68
CA ARG IA 266 38.26 0.10 -21.97
C ARG IA 266 38.81 -1.04 -21.13
N ARG IA 267 39.70 -0.78 -20.18
CA ARG IA 267 40.35 -1.84 -19.44
C ARG IA 267 40.16 -1.64 -17.94
N PHE IA 268 40.48 -2.69 -17.19
CA PHE IA 268 40.30 -2.72 -15.74
C PHE IA 268 41.62 -3.08 -15.10
N PRO IA 269 42.35 -2.13 -14.50
CA PRO IA 269 43.73 -2.42 -14.07
C PRO IA 269 43.83 -3.30 -12.84
N ILE IA 270 42.83 -3.31 -11.97
CA ILE IA 270 42.89 -4.07 -10.73
C ILE IA 270 42.32 -5.48 -10.92
N TYR IA 271 41.98 -5.85 -12.15
CA TYR IA 271 41.34 -7.14 -12.40
C TYR IA 271 42.32 -8.30 -12.24
N GLU IA 272 43.38 -8.31 -13.06
CA GLU IA 272 44.29 -9.44 -13.07
C GLU IA 272 45.00 -9.62 -11.73
N THR IA 273 45.25 -8.52 -11.01
CA THR IA 273 45.91 -8.62 -9.72
C THR IA 273 45.12 -9.50 -8.76
N ILE IA 274 43.81 -9.27 -8.68
CA ILE IA 274 42.96 -10.14 -7.87
C ILE IA 274 42.73 -11.47 -8.57
N SER IA 275 42.87 -11.51 -9.91
CA SER IA 275 42.64 -12.74 -10.64
C SER IA 275 43.88 -13.62 -10.70
N SER IA 276 45.00 -13.05 -11.16
CA SER IA 276 46.23 -13.83 -11.26
C SER IA 276 46.66 -14.37 -9.92
N TRP IA 277 46.39 -13.63 -8.85
CA TRP IA 277 46.72 -14.13 -7.52
C TRP IA 277 45.91 -15.37 -7.16
N ILE IA 278 44.66 -15.44 -7.62
CA ILE IA 278 43.81 -16.58 -7.28
C ILE IA 278 44.42 -17.87 -7.80
N SER IA 279 44.97 -17.84 -9.02
CA SER IA 279 45.54 -19.05 -9.58
C SER IA 279 46.83 -19.46 -8.87
N THR IA 280 47.70 -18.48 -8.57
CA THR IA 280 48.96 -18.80 -7.92
C THR IA 280 48.78 -19.19 -6.46
N SER IA 281 47.63 -18.88 -5.86
CA SER IA 281 47.39 -19.28 -4.47
C SER IA 281 47.01 -20.75 -4.38
N SER IA 282 46.13 -21.21 -5.27
CA SER IA 282 45.77 -22.62 -5.29
C SER IA 282 46.95 -23.49 -5.71
N ARG IA 283 47.80 -22.98 -6.60
CA ARG IA 283 48.97 -23.74 -7.04
C ARG IA 283 49.99 -23.88 -5.93
N LEU IA 284 50.04 -22.92 -5.01
CA LEU IA 284 51.07 -22.93 -3.98
C LEU IA 284 50.93 -24.12 -3.04
N GLY IA 285 49.71 -24.40 -2.59
CA GLY IA 285 49.51 -25.44 -1.59
C GLY IA 285 49.91 -26.82 -2.08
N ASP IA 286 49.89 -27.04 -3.41
CA ASP IA 286 50.20 -28.34 -3.96
C ASP IA 286 51.66 -28.49 -4.34
N THR IA 287 52.26 -27.45 -4.92
CA THR IA 287 53.65 -27.53 -5.33
C THR IA 287 54.59 -27.55 -4.13
N LEU IA 288 54.22 -26.85 -3.06
CA LEU IA 288 55.09 -26.84 -1.87
C LEU IA 288 55.10 -28.19 -1.18
N GLY IA 289 53.94 -28.85 -1.12
CA GLY IA 289 53.85 -30.14 -0.45
C GLY IA 289 53.08 -31.18 -1.23
N THR IA 290 52.04 -31.75 -0.62
CA THR IA 290 51.24 -32.79 -1.24
C THR IA 290 49.78 -32.34 -1.30
N ARG IA 291 49.11 -32.76 -2.37
CA ARG IA 291 47.71 -32.42 -2.59
C ARG IA 291 46.79 -33.26 -1.70
N ALA IA 292 45.50 -33.00 -1.79
CA ALA IA 292 44.51 -33.80 -1.09
C ALA IA 292 44.23 -35.07 -1.87
N ILE IA 293 44.14 -36.19 -1.16
CA ILE IA 293 44.08 -37.50 -1.82
C ILE IA 293 42.76 -38.20 -1.55
N LEU IA 294 42.15 -37.95 -0.40
CA LEU IA 294 40.97 -38.70 -0.01
C LEU IA 294 40.04 -37.83 0.83
N ARG IA 295 38.82 -38.33 1.02
CA ARG IA 295 37.85 -37.74 1.91
C ARG IA 295 37.30 -38.83 2.82
N VAL IA 296 37.27 -38.57 4.12
CA VAL IA 296 36.75 -39.54 5.08
C VAL IA 296 35.27 -39.29 5.28
N CYS IA 297 34.49 -40.36 5.14
CA CYS IA 297 33.03 -40.29 5.30
C CYS IA 297 32.56 -41.67 5.71
N VAL IA 298 32.30 -41.86 6.99
CA VAL IA 298 31.90 -43.14 7.54
C VAL IA 298 30.39 -43.16 7.71
N PHE IA 299 29.77 -44.24 7.27
CA PHE IA 299 28.35 -44.48 7.49
C PHE IA 299 28.17 -45.47 8.63
N ASP IA 300 27.25 -45.15 9.54
CA ASP IA 300 26.98 -45.99 10.70
C ASP IA 300 28.23 -46.18 11.55
N GLY IA 301 29.02 -45.13 11.68
CA GLY IA 301 30.21 -45.16 12.48
C GLY IA 301 30.31 -43.96 13.40
N PRO IA 302 31.37 -43.89 14.18
CA PRO IA 302 31.55 -42.76 15.09
C PRO IA 302 31.89 -41.49 14.33
N SER IA 303 31.49 -40.35 14.92
CA SER IA 303 31.77 -39.06 14.29
C SER IA 303 33.27 -38.76 14.31
N THR IA 304 33.98 -39.17 15.36
CA THR IA 304 35.42 -39.01 15.45
C THR IA 304 36.08 -40.37 15.55
N VAL IA 305 37.34 -40.44 15.13
CA VAL IA 305 38.12 -41.66 15.15
C VAL IA 305 39.40 -41.42 15.92
N HIS IA 306 39.76 -42.37 16.75
CA HIS IA 306 40.97 -42.32 17.57
C HIS IA 306 42.13 -42.93 16.81
N PRO IA 307 43.37 -42.70 17.26
CA PRO IA 307 44.52 -43.24 16.51
C PRO IA 307 44.54 -44.75 16.54
N GLY IA 308 44.75 -45.35 15.37
CA GLY IA 308 44.82 -46.78 15.22
C GLY IA 308 43.56 -47.42 14.66
N ASP IA 309 42.41 -46.77 14.81
CA ASP IA 309 41.17 -47.33 14.30
C ASP IA 309 41.07 -47.12 12.79
N ARG IA 310 40.07 -47.74 12.20
CA ARG IA 310 39.88 -47.74 10.75
C ARG IA 310 38.59 -47.03 10.38
N THR IA 311 38.64 -46.22 9.32
CA THR IA 311 37.50 -45.49 8.82
C THR IA 311 37.31 -45.79 7.35
N ALA IA 312 36.06 -45.73 6.91
CA ALA IA 312 35.74 -45.88 5.49
C ALA IA 312 35.83 -44.52 4.80
N VAL IA 313 36.67 -44.43 3.79
CA VAL IA 313 36.91 -43.16 3.10
C VAL IA 313 36.42 -43.25 1.67
N ILE IA 314 36.21 -42.08 1.07
CA ILE IA 314 35.75 -41.97 -0.31
C ILE IA 314 36.88 -41.44 -1.17
N GLN IA 315 37.00 -41.98 -2.37
CA GLN IA 315 37.98 -41.47 -3.33
C GLN IA 315 37.65 -40.03 -3.69
N VAL IA 316 38.68 -39.20 -3.73
CA VAL IA 316 38.49 -37.78 -4.02
C VAL IA 316 38.05 -37.61 -5.47
N PRO JA 4 21.76 -48.24 -5.18
CA PRO JA 4 21.63 -46.78 -5.20
C PRO JA 4 21.31 -46.19 -3.83
N PHE JA 5 22.09 -45.22 -3.38
CA PHE JA 5 21.87 -44.58 -2.10
C PHE JA 5 20.94 -43.38 -2.27
N GLU JA 6 19.95 -43.28 -1.39
CA GLU JA 6 18.98 -42.19 -1.45
C GLU JA 6 18.63 -41.75 -0.05
N ILE JA 7 18.26 -40.49 0.08
CA ILE JA 7 17.85 -39.90 1.35
C ILE JA 7 16.36 -39.62 1.29
N GLU JA 8 15.69 -39.77 2.43
CA GLU JA 8 14.28 -39.47 2.56
C GLU JA 8 14.11 -38.36 3.59
N VAL JA 9 13.64 -37.21 3.14
CA VAL JA 9 13.39 -36.08 4.03
C VAL JA 9 11.93 -36.12 4.48
N LEU JA 10 11.72 -36.18 5.79
CA LEU JA 10 10.38 -36.26 6.34
C LEU JA 10 9.66 -34.93 6.15
N LEU JA 11 8.54 -34.94 5.44
CA LEU JA 11 7.75 -33.75 5.29
C LEU JA 11 7.05 -33.43 6.61
N PRO JA 12 6.98 -32.16 7.00
CA PRO JA 12 6.40 -31.82 8.29
C PRO JA 12 4.88 -31.90 8.25
N GLY JA 13 4.29 -32.07 9.42
CA GLY JA 13 2.85 -32.05 9.53
C GLY JA 13 2.30 -30.65 9.69
N GLU JA 14 1.01 -30.51 9.36
CA GLU JA 14 0.31 -29.24 9.47
C GLU JA 14 0.99 -28.14 8.65
N LEU JA 15 1.30 -28.47 7.40
CA LEU JA 15 1.90 -27.52 6.48
C LEU JA 15 0.83 -26.88 5.62
N SER JA 16 0.92 -25.57 5.45
CA SER JA 16 -0.09 -24.84 4.70
C SER JA 16 -0.07 -25.25 3.22
N PRO JA 17 -1.21 -25.18 2.54
CA PRO JA 17 -1.24 -25.59 1.14
C PRO JA 17 -0.39 -24.70 0.23
N ALA JA 18 -0.21 -23.43 0.58
CA ALA JA 18 0.62 -22.57 -0.25
C ALA JA 18 2.10 -22.94 -0.14
N GLU JA 19 2.52 -23.48 1.01
CA GLU JA 19 3.92 -23.85 1.17
C GLU JA 19 4.22 -25.18 0.49
N THR JA 20 3.35 -26.18 0.65
CA THR JA 20 3.59 -27.46 0.00
C THR JA 20 3.48 -27.36 -1.51
N SER JA 21 2.76 -26.35 -2.01
CA SER JA 21 2.66 -26.16 -3.45
C SER JA 21 3.98 -25.63 -4.01
N ALA JA 22 4.53 -24.58 -3.39
CA ALA JA 22 5.78 -24.02 -3.87
C ALA JA 22 6.94 -25.00 -3.70
N LEU JA 23 6.86 -25.89 -2.71
CA LEU JA 23 7.86 -26.94 -2.59
C LEU JA 23 7.78 -27.92 -3.74
N GLN JA 24 6.59 -28.07 -4.34
CA GLN JA 24 6.45 -28.94 -5.51
C GLN JA 24 7.19 -28.35 -6.71
N LYS JA 25 7.33 -27.03 -6.78
CA LYS JA 25 7.97 -26.41 -7.93
C LYS JA 25 9.46 -26.75 -7.99
N CYS JA 26 10.13 -26.77 -6.84
CA CYS JA 26 11.57 -27.01 -6.78
C CYS JA 26 11.82 -28.52 -6.77
N GLU JA 27 11.72 -29.10 -7.97
CA GLU JA 27 11.93 -30.55 -8.11
C GLU JA 27 13.41 -30.88 -8.21
N GLY JA 28 14.08 -30.39 -9.25
CA GLY JA 28 15.48 -30.72 -9.46
C GLY JA 28 16.45 -29.71 -8.90
N LYS JA 29 16.46 -29.52 -7.60
CA LYS JA 29 17.39 -28.59 -6.95
C LYS JA 29 18.31 -29.34 -6.01
N ILE JA 30 19.38 -28.68 -5.61
CA ILE JA 30 20.46 -29.32 -4.87
C ILE JA 30 20.31 -29.00 -3.38
N ILE JA 31 20.55 -30.01 -2.55
CA ILE JA 31 20.47 -29.88 -1.10
C ILE JA 31 21.77 -30.40 -0.51
N THR JA 32 22.31 -29.65 0.46
CA THR JA 32 23.55 -30.02 1.14
C THR JA 32 23.25 -30.60 2.51
N PHE JA 33 23.91 -31.72 2.83
CA PHE JA 33 23.75 -32.39 4.10
C PHE JA 33 25.07 -32.37 4.86
N SER JA 34 24.98 -32.35 6.19
CA SER JA 34 26.18 -32.37 7.02
C SER JA 34 26.70 -33.79 7.21
N THR JA 35 25.81 -34.72 7.55
CA THR JA 35 26.16 -36.12 7.71
C THR JA 35 25.19 -36.96 6.90
N LEU JA 36 25.72 -37.81 6.03
CA LEU JA 36 24.88 -38.60 5.15
C LEU JA 36 24.18 -39.71 5.93
N ARG JA 37 22.85 -39.72 5.87
CA ARG JA 37 22.07 -40.74 6.54
C ARG JA 37 20.80 -40.99 5.74
N HIS JA 38 20.17 -42.14 6.00
CA HIS JA 38 18.98 -42.50 5.24
C HIS JA 38 17.78 -41.66 5.65
N ARG JA 39 17.66 -41.35 6.94
CA ARG JA 39 16.57 -40.55 7.45
C ARG JA 39 17.13 -39.25 8.02
N ALA JA 40 16.54 -38.12 7.61
CA ALA JA 40 16.99 -36.83 8.08
C ALA JA 40 15.78 -35.96 8.37
N SER JA 41 16.03 -34.83 9.02
CA SER JA 41 14.99 -33.87 9.38
C SER JA 41 15.21 -32.56 8.63
N LEU JA 42 14.20 -31.69 8.71
CA LEU JA 42 14.25 -30.43 7.99
C LEU JA 42 15.29 -29.47 8.54
N VAL JA 43 15.67 -29.62 9.81
CA VAL JA 43 16.60 -28.68 10.41
C VAL JA 43 17.97 -28.75 9.74
N ASP JA 44 18.31 -29.91 9.18
CA ASP JA 44 19.60 -30.03 8.49
C ASP JA 44 19.63 -29.21 7.22
N ILE JA 45 18.56 -29.25 6.43
CA ILE JA 45 18.54 -28.51 5.17
C ILE JA 45 18.33 -27.02 5.41
N ALA JA 46 17.62 -26.66 6.47
CA ALA JA 46 17.29 -25.26 6.70
C ALA JA 46 18.54 -24.44 6.96
N LEU JA 47 18.38 -23.12 6.84
CA LEU JA 47 19.49 -22.20 7.07
C LEU JA 47 19.93 -22.19 8.53
N SER JA 48 19.07 -22.63 9.44
CA SER JA 48 19.40 -22.57 10.86
C SER JA 48 20.64 -23.39 11.17
N SER JA 49 20.67 -24.64 10.73
CA SER JA 49 21.84 -25.48 10.96
C SER JA 49 23.06 -25.03 10.18
N TYR JA 50 22.96 -23.94 9.43
CA TYR JA 50 24.04 -23.51 8.55
C TYR JA 50 24.84 -22.34 9.09
N TYR JA 51 24.29 -21.56 10.02
CA TYR JA 51 25.00 -20.38 10.50
C TYR JA 51 26.02 -20.76 11.57
N ILE JA 52 27.01 -19.90 11.74
CA ILE JA 52 28.10 -20.13 12.69
C ILE JA 52 28.21 -18.92 13.60
N ASN JA 53 28.71 -19.16 14.82
CA ASN JA 53 28.87 -18.13 15.84
C ASN JA 53 27.58 -17.37 16.09
N GLY JA 54 26.45 -18.07 16.02
CA GLY JA 54 25.15 -17.44 16.23
C GLY JA 54 24.64 -16.62 15.05
N ALA JA 55 25.47 -15.74 14.51
CA ALA JA 55 25.06 -14.89 13.41
C ALA JA 55 24.87 -15.72 12.14
N PRO JA 56 24.02 -15.24 11.22
CA PRO JA 56 23.83 -15.95 9.95
C PRO JA 56 25.14 -16.12 9.20
N PRO JA 57 25.22 -17.08 8.28
CA PRO JA 57 26.50 -17.40 7.66
C PRO JA 57 26.96 -16.31 6.71
N ASP JA 58 28.23 -16.38 6.37
CA ASP JA 58 28.91 -15.41 5.51
C ASP JA 58 29.46 -16.11 4.28
N THR JA 59 29.73 -15.31 3.24
CA THR JA 59 30.23 -15.85 1.98
C THR JA 59 31.49 -16.68 2.21
N LEU JA 60 32.43 -16.16 3.00
CA LEU JA 60 33.63 -16.94 3.28
C LEU JA 60 33.30 -18.25 3.98
N SER JA 61 32.30 -18.23 4.86
CA SER JA 61 31.86 -19.47 5.48
C SER JA 61 30.93 -20.27 4.56
N LEU JA 62 30.23 -19.58 3.65
CA LEU JA 62 29.39 -20.29 2.69
C LEU JA 62 30.24 -21.18 1.79
N LEU JA 63 31.39 -20.67 1.34
CA LEU JA 63 32.24 -21.45 0.46
C LEU JA 63 32.86 -22.64 1.19
N GLU JA 64 33.26 -22.45 2.44
CA GLU JA 64 33.94 -23.51 3.17
C GLU JA 64 33.00 -24.67 3.46
N ALA JA 65 31.78 -24.37 3.90
CA ALA JA 65 30.84 -25.44 4.24
C ALA JA 65 30.42 -26.24 3.02
N TYR JA 66 30.50 -25.67 1.82
CA TYR JA 66 30.14 -26.43 0.63
C TYR JA 66 31.13 -27.56 0.36
N ARG JA 67 32.36 -27.43 0.85
CA ARG JA 67 33.34 -28.50 0.68
C ARG JA 67 33.15 -29.59 1.73
N MET JA 68 32.97 -29.20 2.99
CA MET JA 68 32.86 -30.19 4.06
C MET JA 68 31.54 -30.93 3.99
N ARG JA 69 30.44 -30.23 3.75
CA ARG JA 69 29.14 -30.88 3.70
C ARG JA 69 28.99 -31.66 2.41
N PHE JA 70 28.19 -32.73 2.47
CA PHE JA 70 27.85 -33.50 1.30
C PHE JA 70 26.59 -32.94 0.65
N ALA JA 71 26.47 -33.15 -0.66
CA ALA JA 71 25.39 -32.58 -1.45
C ALA JA 71 24.46 -33.69 -1.93
N ALA JA 72 23.20 -33.34 -2.10
CA ALA JA 72 22.19 -34.26 -2.60
C ALA JA 72 21.28 -33.52 -3.57
N VAL JA 73 20.52 -34.29 -4.33
CA VAL JA 73 19.63 -33.74 -5.35
C VAL JA 73 18.22 -34.25 -5.10
N ILE JA 74 17.27 -33.33 -5.00
CA ILE JA 74 15.87 -33.71 -4.86
C ILE JA 74 15.41 -34.43 -6.11
N THR JA 75 14.65 -35.51 -5.93
CA THR JA 75 14.15 -36.29 -7.06
C THR JA 75 12.67 -36.07 -7.31
N ARG JA 76 11.84 -36.28 -6.30
CA ARG JA 76 10.40 -36.06 -6.43
C ARG JA 76 9.81 -35.78 -5.07
N VAL JA 77 8.78 -34.94 -5.03
CA VAL JA 77 8.12 -34.55 -3.80
C VAL JA 77 6.78 -35.27 -3.71
N ILE JA 78 6.35 -35.53 -2.49
CA ILE JA 78 5.13 -36.27 -2.21
C ILE JA 78 4.35 -35.46 -1.18
N PRO JA 79 3.01 -35.42 -1.24
CA PRO JA 79 2.24 -34.61 -0.28
C PRO JA 79 2.57 -34.86 1.18
N GLY JA 80 3.26 -35.97 1.48
CA GLY JA 80 3.65 -36.26 2.84
C GLY JA 80 5.06 -36.77 2.97
N LYS JA 81 5.81 -36.79 1.86
CA LYS JA 81 7.15 -37.34 1.84
C LYS JA 81 8.02 -36.53 0.89
N LEU JA 82 9.33 -36.58 1.14
CA LEU JA 82 10.30 -35.90 0.28
C LEU JA 82 11.52 -36.80 0.14
N LEU JA 83 11.92 -37.06 -1.10
CA LEU JA 83 13.05 -37.94 -1.38
C LEU JA 83 14.17 -37.16 -2.04
N ALA JA 84 15.36 -37.74 -2.01
CA ALA JA 84 16.54 -37.12 -2.61
C ALA JA 84 17.60 -38.20 -2.82
N HIS JA 85 18.53 -37.90 -3.72
CA HIS JA 85 19.60 -38.82 -4.05
C HIS JA 85 20.94 -38.16 -3.79
N ALA JA 86 21.90 -38.96 -3.35
CA ALA JA 86 23.24 -38.47 -3.09
C ALA JA 86 24.05 -38.45 -4.36
N ILE JA 87 25.03 -37.55 -4.42
CA ILE JA 87 25.98 -37.49 -5.52
C ILE JA 87 27.36 -37.77 -4.96
N GLY JA 88 27.41 -38.64 -3.96
CA GLY JA 88 28.62 -38.83 -3.18
C GLY JA 88 29.53 -39.94 -3.66
N VAL JA 89 29.59 -41.03 -2.90
CA VAL JA 89 30.66 -42.00 -3.07
C VAL JA 89 30.57 -42.77 -4.38
N GLY JA 90 29.52 -43.57 -4.56
CA GLY JA 90 29.44 -44.41 -5.73
C GLY JA 90 28.05 -44.73 -6.22
N THR JA 91 27.03 -44.10 -5.64
CA THR JA 91 25.66 -44.50 -5.91
C THR JA 91 25.32 -44.27 -7.37
N PRO JA 92 24.74 -45.25 -8.06
CA PRO JA 92 24.38 -45.10 -9.49
C PRO JA 92 22.99 -44.51 -9.69
N THR JA 93 22.91 -43.19 -9.55
CA THR JA 93 21.65 -42.49 -9.68
C THR JA 93 21.18 -42.53 -11.14
N PRO JA 94 20.04 -43.16 -11.43
CA PRO JA 94 19.55 -43.21 -12.81
C PRO JA 94 18.62 -42.04 -13.14
N GLY JA 95 18.84 -41.47 -14.32
CA GLY JA 95 18.03 -40.35 -14.77
C GLY JA 95 18.14 -39.13 -13.87
N LEU JA 96 19.37 -38.66 -13.65
CA LEU JA 96 19.59 -37.51 -12.79
C LEU JA 96 19.40 -36.23 -13.58
N PHE JA 97 18.42 -35.42 -13.18
CA PHE JA 97 18.14 -34.15 -13.82
C PHE JA 97 18.20 -33.04 -12.79
N ILE JA 98 18.75 -31.89 -13.19
CA ILE JA 98 18.88 -30.74 -12.31
C ILE JA 98 18.20 -29.54 -12.96
N GLN JA 99 17.87 -28.56 -12.14
CA GLN JA 99 17.23 -27.34 -12.61
C GLN JA 99 18.22 -26.18 -12.56
N ASN JA 100 18.28 -25.42 -13.65
CA ASN JA 100 19.20 -24.30 -13.74
C ASN JA 100 18.73 -23.17 -12.83
N THR JA 101 19.60 -22.75 -11.92
CA THR JA 101 19.30 -21.67 -10.99
C THR JA 101 20.09 -20.40 -11.29
N SER JA 102 21.04 -20.45 -12.20
CA SER JA 102 21.83 -19.28 -12.49
C SER JA 102 21.25 -18.51 -13.68
N PRO JA 103 21.50 -17.21 -13.77
CA PRO JA 103 20.98 -16.44 -14.91
C PRO JA 103 21.67 -16.73 -16.23
N VAL JA 104 22.79 -17.44 -16.21
CA VAL JA 104 23.53 -17.72 -17.42
C VAL JA 104 23.09 -19.07 -17.99
N ASP JA 105 23.21 -19.22 -19.30
CA ASP JA 105 22.79 -20.44 -19.95
C ASP JA 105 23.85 -21.52 -19.82
N LEU JA 106 23.44 -22.76 -20.09
CA LEU JA 106 24.33 -23.91 -20.08
C LEU JA 106 24.19 -24.66 -21.40
N CYS JA 107 25.32 -25.15 -21.92
CA CYS JA 107 25.36 -25.93 -23.14
C CYS JA 107 25.88 -27.32 -22.82
N ASN JA 108 25.87 -28.19 -23.82
CA ASN JA 108 26.38 -29.54 -23.63
C ASN JA 108 27.88 -29.50 -23.31
N GLY JA 109 28.34 -30.52 -22.61
CA GLY JA 109 29.76 -30.62 -22.30
C GLY JA 109 30.27 -29.55 -21.36
N ASP JA 110 29.39 -28.90 -20.61
CA ASP JA 110 29.79 -27.94 -19.60
C ASP JA 110 29.73 -28.61 -18.24
N TYR JA 111 30.80 -28.45 -17.46
CA TYR JA 111 30.86 -29.05 -16.14
C TYR JA 111 30.19 -28.15 -15.11
N ILE JA 112 29.44 -28.75 -14.22
CA ILE JA 112 28.64 -28.03 -13.24
C ILE JA 112 29.48 -27.78 -12.00
N CYS JA 113 29.25 -26.65 -11.34
CA CYS JA 113 29.90 -26.33 -10.08
C CYS JA 113 28.88 -25.63 -9.19
N LEU JA 114 29.33 -25.19 -8.02
CA LEU JA 114 28.45 -24.55 -7.05
C LEU JA 114 29.03 -23.21 -6.60
N LEU JA 115 28.14 -22.31 -6.18
CA LEU JA 115 28.55 -20.99 -5.75
C LEU JA 115 27.46 -20.39 -4.88
N PRO JA 116 27.80 -19.72 -3.78
CA PRO JA 116 26.78 -19.02 -3.02
C PRO JA 116 26.26 -17.83 -3.79
N PRO JA 117 25.02 -17.41 -3.54
CA PRO JA 117 24.42 -16.30 -4.31
C PRO JA 117 25.13 -15.00 -4.04
N VAL JA 118 25.67 -14.38 -5.10
CA VAL JA 118 26.40 -13.14 -5.00
C VAL JA 118 25.77 -12.03 -5.84
N PHE JA 119 25.28 -12.36 -7.04
CA PHE JA 119 24.80 -11.33 -7.96
C PHE JA 119 23.64 -10.54 -7.35
N GLY JA 120 22.51 -11.22 -7.12
CA GLY JA 120 21.33 -10.60 -6.58
C GLY JA 120 20.82 -11.33 -5.35
N SER JA 121 19.65 -10.91 -4.90
CA SER JA 121 19.02 -11.55 -3.76
C SER JA 121 18.66 -12.98 -4.11
N ALA JA 122 19.07 -13.92 -3.24
CA ALA JA 122 18.82 -15.33 -3.48
C ALA JA 122 17.35 -15.64 -3.34
N ASP JA 123 16.81 -16.41 -4.28
CA ASP JA 123 15.47 -16.94 -4.11
C ASP JA 123 15.53 -18.20 -3.26
N SER JA 124 14.46 -18.46 -2.53
CA SER JA 124 14.42 -19.58 -1.60
C SER JA 124 13.00 -19.71 -1.09
N ILE JA 125 12.63 -20.94 -0.74
CA ILE JA 125 11.33 -21.16 -0.13
C ILE JA 125 11.41 -20.82 1.35
N ARG JA 126 10.40 -20.13 1.86
CA ARG JA 126 10.36 -19.71 3.25
C ARG JA 126 9.10 -20.26 3.89
N LEU JA 127 9.28 -21.03 4.96
CA LEU JA 127 8.18 -21.67 5.67
C LEU JA 127 7.97 -20.90 6.98
N ASP JA 128 6.96 -20.05 7.01
CA ASP JA 128 6.69 -19.26 8.20
C ASP JA 128 6.00 -20.07 9.28
N SER JA 129 5.22 -21.09 8.90
CA SER JA 129 4.51 -21.90 9.88
C SER JA 129 5.49 -22.61 10.80
N VAL JA 130 6.49 -23.28 10.22
CA VAL JA 130 7.51 -23.92 11.05
C VAL JA 130 8.56 -22.92 11.51
N GLY JA 131 8.83 -21.90 10.70
CA GLY JA 131 9.75 -20.85 11.07
C GLY JA 131 11.12 -20.95 10.45
N LEU JA 132 11.32 -21.80 9.45
CA LEU JA 132 12.60 -21.96 8.80
C LEU JA 132 12.47 -21.72 7.31
N GLU JA 133 13.62 -21.56 6.65
CA GLU JA 133 13.69 -21.39 5.21
C GLU JA 133 14.84 -22.22 4.67
N ILE JA 134 14.75 -22.57 3.39
CA ILE JA 134 15.71 -23.43 2.72
C ILE JA 134 16.29 -22.66 1.53
N VAL JA 135 17.59 -22.43 1.57
CA VAL JA 135 18.29 -21.68 0.52
C VAL JA 135 18.99 -22.68 -0.40
N PHE JA 136 18.79 -22.52 -1.70
CA PHE JA 136 19.39 -23.41 -2.69
C PHE JA 136 20.63 -22.77 -3.29
N PRO JA 137 21.66 -23.58 -3.56
CA PRO JA 137 22.91 -23.02 -4.10
C PRO JA 137 22.78 -22.72 -5.58
N LEU JA 138 23.72 -21.90 -6.05
CA LEU JA 138 23.76 -21.51 -7.46
C LEU JA 138 24.53 -22.54 -8.27
N THR JA 139 24.21 -22.61 -9.55
CA THR JA 139 24.79 -23.61 -10.45
C THR JA 139 25.39 -22.91 -11.66
N ILE JA 140 26.71 -22.90 -11.74
CA ILE JA 140 27.40 -22.20 -12.83
C ILE JA 140 28.43 -23.12 -13.46
N PRO JA 141 28.78 -22.92 -14.74
CA PRO JA 141 29.81 -23.77 -15.36
C PRO JA 141 31.20 -23.50 -14.82
N GLN JA 142 32.18 -24.28 -15.28
CA GLN JA 142 33.54 -24.17 -14.77
C GLN JA 142 34.21 -22.87 -15.21
N THR JA 143 34.33 -22.68 -16.52
CA THR JA 143 35.09 -21.56 -17.06
C THR JA 143 34.49 -20.20 -16.73
N LEU JA 144 33.36 -20.16 -16.04
CA LEU JA 144 32.73 -18.88 -15.74
C LEU JA 144 32.94 -18.44 -14.29
N MET JA 145 33.31 -19.36 -13.39
CA MET JA 145 33.35 -18.99 -11.98
C MET JA 145 34.58 -18.16 -11.64
N ARG JA 146 35.74 -18.51 -12.19
CA ARG JA 146 36.98 -17.86 -11.78
C ARG JA 146 36.90 -16.36 -12.02
N GLU JA 147 36.32 -15.94 -13.14
CA GLU JA 147 36.16 -14.51 -13.40
C GLU JA 147 35.00 -13.91 -12.63
N ILE JA 148 34.02 -14.72 -12.21
CA ILE JA 148 32.92 -14.20 -11.40
C ILE JA 148 33.43 -13.75 -10.04
N ILE JA 149 34.24 -14.57 -9.40
CA ILE JA 149 34.78 -14.22 -8.09
C ILE JA 149 35.67 -13.00 -8.19
N ALA JA 150 36.52 -12.95 -9.22
CA ALA JA 150 37.44 -11.83 -9.35
C ALA JA 150 36.70 -10.52 -9.59
N LYS JA 151 35.64 -10.55 -10.40
CA LYS JA 151 34.93 -9.32 -10.71
C LYS JA 151 34.17 -8.78 -9.51
N VAL JA 152 33.56 -9.68 -8.72
CA VAL JA 152 32.80 -9.24 -7.56
C VAL JA 152 33.72 -8.62 -6.52
N VAL JA 153 34.84 -9.29 -6.24
CA VAL JA 153 35.78 -8.78 -5.24
C VAL JA 153 36.39 -7.46 -5.70
N ALA JA 154 36.78 -7.39 -6.98
CA ALA JA 154 37.35 -6.15 -7.49
C ALA JA 154 36.36 -5.00 -7.41
N ARG JA 155 35.07 -5.30 -7.59
CA ARG JA 155 34.07 -4.25 -7.50
C ARG JA 155 34.01 -3.65 -6.11
N ALA JA 156 34.07 -4.50 -5.07
CA ALA JA 156 33.99 -4.00 -3.71
C ALA JA 156 35.18 -3.15 -3.35
N VAL JA 157 36.38 -3.50 -3.86
CA VAL JA 157 37.56 -2.69 -3.59
C VAL JA 157 37.40 -1.31 -4.20
N GLU JA 158 36.78 -1.21 -5.37
CA GLU JA 158 36.56 0.08 -6.00
C GLU JA 158 35.70 0.98 -5.13
N ARG JA 159 34.74 0.40 -4.41
CA ARG JA 159 33.87 1.20 -3.58
C ARG JA 159 34.62 1.80 -2.39
N THR JA 160 35.47 0.99 -1.74
CA THR JA 160 36.24 1.49 -0.62
C THR JA 160 37.21 2.58 -1.07
N ALA JA 161 37.86 2.38 -2.22
CA ALA JA 161 38.81 3.38 -2.72
C ALA JA 161 38.13 4.71 -2.96
N ALA JA 162 36.92 4.69 -3.52
CA ALA JA 162 36.20 5.95 -3.74
C ALA JA 162 35.88 6.64 -2.43
N GLY JA 163 35.62 5.88 -1.38
CA GLY JA 163 35.36 6.46 -0.07
C GLY JA 163 36.64 6.79 0.67
N ALA JA 164 37.67 5.97 0.47
CA ALA JA 164 38.95 6.19 1.14
C ALA JA 164 39.62 7.45 0.62
N GLN JA 165 39.89 7.50 -0.68
CA GLN JA 165 40.54 8.66 -1.27
C GLN JA 165 39.68 9.90 -1.08
N ILE JA 166 40.35 11.04 -0.90
CA ILE JA 166 39.65 12.31 -0.76
C ILE JA 166 38.86 12.61 -2.03
N LEU JA 167 39.45 12.37 -3.20
CA LEU JA 167 38.76 12.50 -4.46
C LEU JA 167 38.66 11.13 -5.13
N PRO JA 168 37.55 10.85 -5.81
CA PRO JA 168 37.47 9.60 -6.57
C PRO JA 168 38.18 9.73 -7.91
N HIS JA 169 38.72 8.61 -8.38
CA HIS JA 169 39.38 8.53 -9.67
C HIS JA 169 38.43 8.04 -10.75
N GLU JA 170 37.18 8.50 -10.69
CA GLU JA 170 36.03 7.86 -11.33
C GLU JA 170 36.31 7.26 -12.70
N VAL JA 171 36.83 8.06 -13.63
CA VAL JA 171 36.69 7.83 -15.07
C VAL JA 171 36.83 6.35 -15.42
N LEU JA 172 35.83 5.80 -16.10
CA LEU JA 172 35.68 4.37 -16.27
C LEU JA 172 35.58 4.02 -17.74
N ARG JA 173 35.24 2.76 -17.98
CA ARG JA 173 34.96 2.22 -19.30
C ARG JA 173 33.49 1.96 -19.54
N GLY JA 174 32.64 2.25 -18.55
CA GLY JA 174 31.23 1.94 -18.65
C GLY JA 174 30.73 1.13 -17.47
N ALA JA 175 30.31 -0.10 -17.73
CA ALA JA 175 29.82 -0.98 -16.69
C ALA JA 175 30.32 -2.40 -16.94
N ASP JA 176 30.61 -3.11 -15.85
CA ASP JA 176 31.07 -4.49 -15.97
C ASP JA 176 29.94 -5.38 -16.48
N VAL JA 177 30.29 -6.31 -17.36
CA VAL JA 177 29.32 -7.23 -17.94
C VAL JA 177 29.99 -8.59 -18.08
N ILE JA 178 29.18 -9.65 -17.97
CA ILE JA 178 29.63 -11.02 -18.18
C ILE JA 178 28.89 -11.58 -19.38
N CYS JA 179 29.65 -12.00 -20.39
CA CYS JA 179 29.07 -12.50 -21.63
C CYS JA 179 29.35 -13.99 -21.77
N TYR JA 180 28.32 -14.75 -22.12
CA TYR JA 180 28.44 -16.18 -22.32
C TYR JA 180 27.36 -16.62 -23.30
N ASN JA 181 27.75 -17.34 -24.34
CA ASN JA 181 26.84 -17.74 -25.41
C ASN JA 181 26.15 -16.53 -26.04
N GLY JA 182 26.92 -15.46 -26.24
CA GLY JA 182 26.38 -14.26 -26.85
C GLY JA 182 25.31 -13.57 -26.04
N ARG JA 183 25.29 -13.77 -24.72
CA ARG JA 183 24.31 -13.14 -23.85
C ARG JA 183 25.04 -12.40 -22.75
N ARG JA 184 24.79 -11.10 -22.64
CA ARG JA 184 25.44 -10.25 -21.64
C ARG JA 184 24.55 -10.16 -20.41
N TYR JA 185 25.18 -10.19 -19.23
CA TYR JA 185 24.41 -10.17 -17.99
C TYR JA 185 24.21 -8.75 -17.47
N GLU JA 186 25.28 -7.95 -17.44
CA GLU JA 186 25.22 -6.56 -16.96
C GLU JA 186 24.71 -6.51 -15.51
N LEU JA 187 25.56 -7.00 -14.62
CA LEU JA 187 25.27 -7.00 -13.20
C LEU JA 187 25.50 -5.62 -12.59
N GLU JA 188 24.63 -5.26 -11.63
CA GLU JA 188 24.79 -4.08 -10.78
C GLU JA 188 24.94 -2.80 -11.62
N THR JA 189 23.83 -2.42 -12.22
CA THR JA 189 23.80 -1.18 -13.00
C THR JA 189 24.14 0.03 -12.13
N ASN JA 190 23.31 0.31 -11.13
CA ASN JA 190 23.42 1.55 -10.38
C ASN JA 190 24.53 1.49 -9.34
N LEU JA 191 24.83 2.66 -8.76
CA LEU JA 191 25.76 2.71 -7.64
C LEU JA 191 25.04 2.52 -6.31
N GLN JA 192 23.80 2.98 -6.23
CA GLN JA 192 22.96 2.78 -5.05
C GLN JA 192 22.64 1.28 -4.91
N HIS JA 193 21.90 0.94 -3.85
CA HIS JA 193 21.51 -0.43 -3.54
C HIS JA 193 22.73 -1.28 -3.20
N ARG JA 194 23.50 -0.84 -2.20
CA ARG JA 194 24.59 -1.63 -1.66
C ARG JA 194 24.04 -2.75 -0.80
N ASP JA 195 23.33 -3.70 -1.42
CA ASP JA 195 22.67 -4.76 -0.67
C ASP JA 195 23.69 -5.70 -0.03
N GLY JA 196 24.60 -6.24 -0.85
CA GLY JA 196 25.60 -7.15 -0.34
C GLY JA 196 27.01 -6.64 -0.50
N SER JA 197 27.15 -5.33 -0.75
CA SER JA 197 28.48 -4.73 -0.87
C SER JA 197 29.31 -4.99 0.38
N ASP JA 198 28.79 -4.60 1.54
CA ASP JA 198 29.33 -5.08 2.81
C ASP JA 198 28.15 -5.60 3.63
N ALA JA 199 27.70 -6.79 3.29
CA ALA JA 199 26.81 -7.58 4.11
C ALA JA 199 27.25 -9.02 4.24
N ALA JA 200 27.73 -9.61 3.17
CA ALA JA 200 28.19 -10.98 3.11
C ALA JA 200 29.58 -11.12 2.51
N ILE JA 201 29.93 -10.29 1.53
CA ILE JA 201 31.23 -10.35 0.90
C ILE JA 201 32.19 -9.44 1.65
N ARG JA 202 31.74 -8.93 2.80
CA ARG JA 202 32.54 -7.96 3.55
C ARG JA 202 33.83 -8.57 4.06
N THR JA 203 33.74 -9.72 4.75
CA THR JA 203 34.94 -10.30 5.33
C THR JA 203 35.82 -10.94 4.27
N LEU JA 204 35.24 -11.34 3.14
CA LEU JA 204 36.05 -11.97 2.10
C LEU JA 204 37.03 -10.98 1.50
N VAL JA 205 36.60 -9.74 1.24
CA VAL JA 205 37.49 -8.76 0.66
C VAL JA 205 38.60 -8.40 1.64
N LEU JA 206 38.35 -8.55 2.93
CA LEU JA 206 39.37 -8.24 3.92
C LEU JA 206 40.55 -9.20 3.82
N ASN JA 207 40.29 -10.50 3.94
CA ASN JA 207 41.35 -11.49 3.82
C ASN JA 207 42.04 -11.40 2.47
N LEU JA 208 41.30 -11.03 1.42
CA LEU JA 208 41.90 -10.88 0.11
C LEU JA 208 42.69 -9.58 -0.01
N MET JA 209 42.20 -8.49 0.58
CA MET JA 209 42.95 -7.25 0.58
C MET JA 209 44.24 -7.34 1.38
N PHE JA 210 44.35 -8.31 2.28
CA PHE JA 210 45.56 -8.49 3.07
C PHE JA 210 46.55 -9.44 2.41
N SER JA 211 46.09 -10.63 2.03
CA SER JA 211 47.01 -11.68 1.59
C SER JA 211 47.81 -11.23 0.37
N ILE JA 212 47.20 -10.42 -0.50
CA ILE JA 212 47.95 -9.89 -1.64
C ILE JA 212 48.89 -8.78 -1.19
N ASN JA 213 48.51 -8.02 -0.17
CA ASN JA 213 49.33 -6.90 0.27
C ASN JA 213 50.67 -7.37 0.82
N GLU JA 214 50.66 -8.33 1.75
CA GLU JA 214 51.92 -8.87 2.24
C GLU JA 214 52.63 -9.67 1.15
N GLY JA 215 51.90 -10.07 0.13
CA GLY JA 215 52.52 -10.73 -1.02
C GLY JA 215 53.53 -9.87 -1.74
N CYS JA 216 53.07 -8.80 -2.41
CA CYS JA 216 53.98 -7.89 -3.09
C CYS JA 216 54.59 -6.87 -2.15
N LEU JA 217 54.61 -7.14 -0.84
CA LEU JA 217 55.45 -6.44 0.11
C LEU JA 217 56.59 -7.28 0.65
N LEU JA 218 56.38 -8.60 0.78
CA LEU JA 218 57.45 -9.46 1.29
C LEU JA 218 58.59 -9.57 0.29
N LEU JA 219 58.28 -9.87 -0.97
CA LEU JA 219 59.32 -9.95 -1.99
C LEU JA 219 60.06 -8.62 -2.14
N LEU JA 220 59.36 -7.51 -1.98
CA LEU JA 220 60.00 -6.21 -2.01
C LEU JA 220 60.98 -6.04 -0.85
N ALA JA 221 60.65 -6.55 0.33
CA ALA JA 221 61.50 -6.41 1.51
C ALA JA 221 62.47 -7.56 1.68
N LEU JA 222 62.49 -8.52 0.75
CA LEU JA 222 63.41 -9.64 0.82
C LEU JA 222 64.54 -9.52 -0.19
N ILE JA 223 64.25 -9.04 -1.39
CA ILE JA 223 65.26 -8.79 -2.41
C ILE JA 223 65.09 -7.37 -2.92
N PRO JA 224 65.93 -6.43 -2.46
CA PRO JA 224 65.80 -5.04 -2.89
C PRO JA 224 66.45 -4.71 -4.24
N THR JA 225 66.88 -5.70 -5.00
CA THR JA 225 67.44 -5.41 -6.32
C THR JA 225 66.42 -5.50 -7.44
N LEU JA 226 65.15 -5.73 -7.10
CA LEU JA 226 64.11 -5.84 -8.12
C LEU JA 226 63.99 -4.56 -8.93
N LEU JA 227 63.94 -3.42 -8.24
CA LEU JA 227 63.80 -2.12 -8.87
C LEU JA 227 65.14 -1.40 -8.81
N VAL JA 228 65.83 -1.34 -9.94
CA VAL JA 228 67.13 -0.69 -10.02
C VAL JA 228 66.97 0.82 -9.91
N ARG JA 267 64.74 -8.04 16.98
CA ARG JA 267 63.96 -6.83 16.72
C ARG JA 267 62.94 -7.07 15.62
N PHE JA 268 63.31 -7.89 14.64
CA PHE JA 268 62.43 -8.23 13.52
C PHE JA 268 62.51 -9.73 13.29
N PRO JA 269 61.38 -10.44 13.27
CA PRO JA 269 61.42 -11.90 13.12
C PRO JA 269 61.97 -12.35 11.77
N ILE JA 270 61.37 -11.86 10.69
CA ILE JA 270 61.75 -12.15 9.31
C ILE JA 270 61.61 -13.62 8.94
N TYR JA 271 61.15 -14.46 9.85
CA TYR JA 271 60.95 -15.88 9.55
C TYR JA 271 59.55 -16.35 9.90
N GLU JA 272 59.00 -15.89 11.02
CA GLU JA 272 57.61 -16.22 11.34
C GLU JA 272 56.63 -15.48 10.45
N THR JA 273 57.04 -14.34 9.90
CA THR JA 273 56.22 -13.67 8.90
C THR JA 273 56.14 -14.50 7.62
N ILE JA 274 57.21 -15.23 7.31
CA ILE JA 274 57.20 -16.09 6.13
C ILE JA 274 56.25 -17.26 6.34
N SER JA 275 56.40 -17.97 7.46
CA SER JA 275 55.55 -19.12 7.73
C SER JA 275 54.09 -18.70 7.89
N SER JA 276 53.85 -17.49 8.38
CA SER JA 276 52.47 -17.00 8.47
C SER JA 276 51.91 -16.73 7.09
N TRP JA 277 52.74 -16.22 6.17
CA TRP JA 277 52.26 -15.95 4.82
C TRP JA 277 51.93 -17.24 4.09
N ILE JA 278 52.81 -18.24 4.19
CA ILE JA 278 52.59 -19.49 3.47
C ILE JA 278 51.34 -20.18 3.98
N SER JA 279 51.09 -20.11 5.29
CA SER JA 279 49.91 -20.77 5.84
C SER JA 279 48.63 -20.11 5.35
N THR JA 280 48.55 -18.77 5.44
CA THR JA 280 47.34 -18.08 5.03
C THR JA 280 47.11 -18.21 3.53
N SER JA 281 48.12 -17.86 2.73
CA SER JA 281 47.98 -17.91 1.28
C SER JA 281 47.60 -19.30 0.80
N SER JA 282 47.98 -20.34 1.54
CA SER JA 282 47.55 -21.70 1.20
C SER JA 282 46.14 -21.95 1.71
N ARG JA 283 45.83 -21.47 2.91
CA ARG JA 283 44.49 -21.67 3.46
C ARG JA 283 43.45 -20.86 2.72
N LEU JA 284 43.85 -19.72 2.12
CA LEU JA 284 42.92 -18.98 1.30
C LEU JA 284 42.79 -19.58 -0.09
N GLY JA 285 43.67 -20.51 -0.44
CA GLY JA 285 43.64 -21.08 -1.77
C GLY JA 285 42.71 -22.26 -1.92
N ASP JA 286 42.69 -23.16 -0.93
CA ASP JA 286 41.86 -24.36 -1.05
C ASP JA 286 40.38 -24.02 -0.92
N THR JA 287 40.04 -23.05 -0.08
CA THR JA 287 38.64 -22.66 0.03
C THR JA 287 38.17 -21.91 -1.20
N LEU JA 288 39.07 -21.15 -1.83
CA LEU JA 288 38.75 -20.48 -3.10
C LEU JA 288 39.15 -21.38 -4.27
N GLY JA 289 38.69 -22.63 -4.19
CA GLY JA 289 39.05 -23.65 -5.16
C GLY JA 289 38.03 -23.75 -6.29
N THR JA 290 38.21 -24.79 -7.10
CA THR JA 290 37.33 -25.03 -8.24
C THR JA 290 37.34 -26.53 -8.51
N ARG JA 291 36.23 -27.20 -8.21
CA ARG JA 291 36.11 -28.64 -8.41
C ARG JA 291 34.78 -28.91 -9.11
N ALA JA 292 34.85 -29.49 -10.31
CA ALA JA 292 33.65 -29.83 -11.04
C ALA JA 292 32.88 -30.92 -10.29
N ILE JA 293 31.56 -30.73 -10.20
CA ILE JA 293 30.72 -31.64 -9.45
C ILE JA 293 29.78 -32.45 -10.35
N LEU JA 294 29.39 -31.91 -11.50
CA LEU JA 294 28.51 -32.63 -12.42
C LEU JA 294 28.84 -32.20 -13.84
N ARG JA 295 28.39 -33.00 -14.80
CA ARG JA 295 28.56 -32.71 -16.21
C ARG JA 295 27.25 -32.96 -16.93
N VAL JA 296 26.76 -31.95 -17.63
CA VAL JA 296 25.51 -32.07 -18.38
C VAL JA 296 25.77 -32.90 -19.62
N CYS JA 297 24.87 -33.84 -19.90
CA CYS JA 297 25.00 -34.74 -21.04
C CYS JA 297 23.61 -34.94 -21.63
N VAL JA 298 23.32 -34.22 -22.72
CA VAL JA 298 22.00 -34.19 -23.32
C VAL JA 298 21.95 -35.19 -24.46
N PHE JA 299 20.86 -35.97 -24.51
CA PHE JA 299 20.62 -36.93 -25.58
C PHE JA 299 19.15 -36.82 -25.96
N ASP JA 300 18.91 -36.42 -27.22
CA ASP JA 300 17.59 -36.20 -27.81
C ASP JA 300 16.92 -34.92 -27.31
N GLY JA 301 17.57 -34.13 -26.47
CA GLY JA 301 17.00 -32.90 -26.00
C GLY JA 301 17.69 -31.68 -26.61
N PRO JA 302 17.18 -30.50 -26.30
CA PRO JA 302 17.80 -29.28 -26.83
C PRO JA 302 19.17 -29.05 -26.21
N SER JA 303 20.09 -28.54 -27.03
CA SER JA 303 21.46 -28.33 -26.57
C SER JA 303 21.52 -27.31 -25.43
N THR JA 304 21.15 -26.07 -25.72
CA THR JA 304 21.21 -25.03 -24.71
C THR JA 304 20.02 -25.10 -23.78
N VAL JA 305 20.22 -24.61 -22.56
CA VAL JA 305 19.15 -24.52 -21.56
C VAL JA 305 19.19 -23.14 -20.94
N HIS JA 306 18.02 -22.55 -20.75
CA HIS JA 306 17.87 -21.23 -20.18
C HIS JA 306 17.57 -21.34 -18.70
N PRO JA 307 17.74 -20.24 -17.95
CA PRO JA 307 17.40 -20.28 -16.51
C PRO JA 307 15.96 -20.69 -16.30
N GLY JA 308 15.77 -21.77 -15.55
CA GLY JA 308 14.46 -22.32 -15.26
C GLY JA 308 14.23 -23.69 -15.87
N ASP JA 309 14.90 -24.02 -16.96
CA ASP JA 309 14.73 -25.32 -17.56
C ASP JA 309 15.52 -26.38 -16.79
N ARG JA 310 15.15 -27.64 -17.01
CA ARG JA 310 15.82 -28.78 -16.39
C ARG JA 310 16.39 -29.68 -17.48
N THR JA 311 17.53 -30.30 -17.18
CA THR JA 311 18.21 -31.13 -18.15
C THR JA 311 18.87 -32.31 -17.44
N ALA JA 312 19.14 -33.36 -18.20
CA ALA JA 312 19.78 -34.55 -17.64
C ALA JA 312 21.28 -34.32 -17.52
N VAL JA 313 21.84 -34.75 -16.38
CA VAL JA 313 23.25 -34.60 -16.09
C VAL JA 313 23.82 -35.95 -15.71
N ILE JA 314 25.09 -36.17 -16.02
CA ILE JA 314 25.78 -37.39 -15.69
C ILE JA 314 26.70 -37.13 -14.51
N GLN JA 315 26.85 -38.14 -13.64
CA GLN JA 315 27.70 -38.00 -12.47
C GLN JA 315 29.16 -38.14 -12.89
N VAL JA 316 29.94 -37.08 -12.67
CA VAL JA 316 31.34 -37.09 -13.05
C VAL JA 316 32.12 -38.07 -12.20
N THR KA 118 27.70 -49.45 -19.78
CA THR KA 118 28.99 -49.10 -19.17
C THR KA 118 29.56 -47.79 -19.72
N THR KA 119 29.05 -47.34 -20.86
CA THR KA 119 29.49 -46.10 -21.47
C THR KA 119 28.28 -45.23 -21.78
N GLN KA 120 28.53 -43.94 -22.02
CA GLN KA 120 27.48 -42.98 -22.29
C GLN KA 120 27.80 -42.23 -23.58
N LEU KA 121 26.75 -41.66 -24.19
CA LEU KA 121 26.86 -41.03 -25.49
C LEU KA 121 26.34 -39.60 -25.43
N ILE KA 122 26.79 -38.79 -26.38
CA ILE KA 122 26.42 -37.39 -26.48
C ILE KA 122 26.04 -37.10 -27.93
N GLN KA 123 24.88 -36.49 -28.13
CA GLN KA 123 24.42 -36.09 -29.46
C GLN KA 123 24.42 -34.57 -29.59
N GLN KA 124 24.61 -34.11 -30.83
CA GLN KA 124 24.53 -32.68 -31.12
C GLN KA 124 24.48 -32.48 -32.62
N VAL KA 125 23.62 -31.57 -33.05
CA VAL KA 125 23.55 -31.20 -34.46
C VAL KA 125 24.33 -29.91 -34.70
N SER KA 126 24.95 -29.80 -35.86
CA SER KA 126 25.77 -28.63 -36.16
C SER KA 126 25.98 -28.52 -37.66
N LEU KA 127 26.55 -27.39 -38.07
CA LEU KA 127 26.91 -27.14 -39.45
C LEU KA 127 28.18 -27.89 -39.79
N THR KA 128 28.31 -28.28 -41.06
CA THR KA 128 29.41 -29.14 -41.48
C THR KA 128 30.52 -28.38 -42.20
N ASP KA 129 30.83 -27.16 -41.78
CA ASP KA 129 31.88 -26.40 -42.47
C ASP KA 129 33.24 -26.66 -41.85
N PHE KA 130 33.29 -27.15 -40.62
CA PHE KA 130 34.55 -27.50 -39.98
C PHE KA 130 34.69 -28.99 -39.73
N PHE KA 131 33.60 -29.74 -39.82
CA PHE KA 131 33.59 -31.16 -39.57
C PHE KA 131 32.77 -31.87 -40.64
N ARG KA 132 33.29 -32.98 -41.14
CA ARG KA 132 32.59 -33.79 -42.14
C ARG KA 132 32.55 -35.23 -41.66
N PRO KA 133 31.43 -35.67 -41.09
CA PRO KA 133 31.37 -37.02 -40.53
C PRO KA 133 31.35 -38.09 -41.61
N ASP KA 134 31.33 -37.67 -42.87
CA ASP KA 134 31.37 -38.59 -43.99
C ASP KA 134 32.79 -39.13 -44.22
N ILE KA 135 33.77 -38.23 -44.30
CA ILE KA 135 35.13 -38.64 -44.61
C ILE KA 135 35.91 -39.02 -43.35
N GLU KA 136 35.67 -38.34 -42.24
CA GLU KA 136 36.40 -38.62 -41.01
C GLU KA 136 36.18 -40.06 -40.58
N HIS KA 137 37.26 -40.74 -40.21
CA HIS KA 137 37.17 -42.12 -39.80
C HIS KA 137 36.45 -42.24 -38.47
N ALA KA 138 35.80 -43.38 -38.26
CA ALA KA 138 35.15 -43.65 -36.99
C ALA KA 138 36.19 -43.87 -35.90
N GLY KA 139 36.09 -43.09 -34.83
CA GLY KA 139 37.02 -43.18 -33.73
C GLY KA 139 37.99 -42.02 -33.62
N SER KA 140 37.87 -41.02 -34.48
CA SER KA 140 38.72 -39.84 -34.40
C SER KA 140 38.20 -38.89 -33.33
N ILE KA 141 39.07 -37.97 -32.91
CA ILE KA 141 38.73 -37.01 -31.87
C ILE KA 141 37.95 -35.86 -32.49
N VAL KA 142 36.90 -35.41 -31.78
CA VAL KA 142 36.12 -34.26 -32.20
C VAL KA 142 36.03 -33.27 -31.04
N LEU KA 143 36.27 -32.00 -31.37
CA LEU KA 143 36.22 -30.93 -30.39
C LEU KA 143 35.10 -29.98 -30.74
N ILE KA 144 34.69 -29.17 -29.77
CA ILE KA 144 33.64 -28.19 -29.96
C ILE KA 144 34.18 -26.81 -29.62
N LEU KA 145 33.45 -25.79 -30.05
CA LEU KA 145 33.86 -24.40 -29.86
C LEU KA 145 32.79 -23.63 -29.11
N ARG KA 146 33.23 -22.63 -28.35
CA ARG KA 146 32.32 -21.73 -27.68
C ARG KA 146 31.78 -20.71 -28.68
N HIS KA 147 30.79 -19.93 -28.24
CA HIS KA 147 30.23 -18.90 -29.09
C HIS KA 147 31.29 -17.84 -29.40
N PRO KA 148 31.46 -17.47 -30.67
CA PRO KA 148 32.50 -16.47 -30.98
C PRO KA 148 32.21 -15.10 -30.42
N SER KA 149 30.95 -14.80 -30.10
CA SER KA 149 30.61 -13.50 -29.54
C SER KA 149 31.28 -13.24 -28.19
N ASP KA 150 31.67 -14.28 -27.47
CA ASP KA 150 32.36 -14.10 -26.20
C ASP KA 150 33.80 -13.67 -26.38
N MET KA 151 34.40 -13.96 -27.54
CA MET KA 151 35.79 -13.61 -27.76
C MET KA 151 36.00 -12.11 -27.69
N ILE KA 152 35.11 -11.32 -28.30
CA ILE KA 152 35.30 -9.88 -28.32
C ILE KA 152 35.05 -9.28 -26.94
N GLY KA 153 34.04 -9.80 -26.23
CA GLY KA 153 33.77 -9.32 -24.89
C GLY KA 153 34.91 -9.60 -23.93
N GLU KA 154 35.68 -10.66 -24.18
CA GLU KA 154 36.86 -10.95 -23.37
C GLU KA 154 38.10 -10.21 -23.88
N ALA KA 155 38.21 -10.01 -25.19
CA ALA KA 155 39.40 -9.36 -25.74
C ALA KA 155 39.45 -7.90 -25.36
N ASN KA 156 38.34 -7.17 -25.54
CA ASN KA 156 38.34 -5.74 -25.23
C ASN KA 156 38.59 -5.44 -23.76
N THR KA 157 38.57 -6.46 -22.89
CA THR KA 157 38.87 -6.25 -21.49
C THR KA 157 40.16 -6.88 -21.02
N LEU KA 158 40.73 -7.82 -21.77
CA LEU KA 158 41.98 -8.45 -21.39
C LEU KA 158 43.15 -8.12 -22.30
N THR KA 159 42.93 -7.31 -23.34
CA THR KA 159 44.00 -6.96 -24.26
C THR KA 159 45.08 -6.17 -23.55
N GLN KA 160 46.33 -6.49 -23.85
CA GLN KA 160 47.46 -5.78 -23.25
C GLN KA 160 47.40 -4.29 -23.62
N ALA KA 161 47.89 -3.46 -22.71
CA ALA KA 161 47.87 -2.02 -22.92
C ALA KA 161 48.75 -1.65 -24.10
N GLY KA 162 48.21 -0.83 -25.00
CA GLY KA 162 48.92 -0.35 -26.17
C GLY KA 162 48.55 -1.07 -27.45
N ARG KA 163 48.26 -2.36 -27.36
CA ARG KA 163 47.91 -3.14 -28.53
C ARG KA 163 46.49 -2.81 -28.98
N ASP KA 164 46.27 -2.97 -30.28
CA ASP KA 164 44.96 -2.74 -30.85
C ASP KA 164 44.05 -3.92 -30.48
N PRO KA 165 42.86 -3.66 -29.92
CA PRO KA 165 41.99 -4.77 -29.52
C PRO KA 165 41.04 -5.30 -30.58
N ASP KA 166 40.89 -4.64 -31.73
CA ASP KA 166 39.92 -5.08 -32.74
C ASP KA 166 40.55 -5.80 -33.92
N VAL KA 167 41.84 -6.13 -33.87
CA VAL KA 167 42.43 -6.94 -34.93
C VAL KA 167 41.83 -8.34 -34.90
N LEU KA 168 41.48 -8.81 -33.71
CA LEU KA 168 40.76 -10.07 -33.61
C LEU KA 168 39.41 -9.98 -34.31
N LEU KA 169 38.71 -8.85 -34.18
CA LEU KA 169 37.43 -8.69 -34.84
C LEU KA 169 37.58 -8.72 -36.35
N GLU KA 170 38.61 -8.05 -36.87
CA GLU KA 170 38.91 -8.13 -38.29
C GLU KA 170 39.20 -9.56 -38.72
N GLY KA 171 40.04 -10.27 -37.96
CA GLY KA 171 40.34 -11.64 -38.29
C GLY KA 171 39.15 -12.58 -38.14
N LEU KA 172 38.20 -12.23 -37.28
CA LEU KA 172 37.05 -13.09 -37.04
C LEU KA 172 35.94 -12.88 -38.07
N ARG KA 173 35.68 -11.63 -38.45
CA ARG KA 173 34.59 -11.36 -39.39
C ARG KA 173 34.83 -12.04 -40.72
N ASN KA 174 36.08 -12.00 -41.22
CA ASN KA 174 36.39 -12.64 -42.49
C ASN KA 174 36.24 -14.15 -42.44
N LEU KA 175 36.35 -14.75 -41.26
CA LEU KA 175 36.16 -16.20 -41.16
C LEU KA 175 34.75 -16.59 -41.55
N PHE KA 176 33.74 -15.94 -40.97
CA PHE KA 176 32.36 -16.23 -41.30
C PHE KA 176 31.93 -15.63 -42.62
N ASN KA 177 32.62 -14.60 -43.10
CA ASN KA 177 32.35 -14.09 -44.43
C ASN KA 177 32.65 -15.12 -45.51
N ALA KA 178 33.58 -16.04 -45.26
CA ALA KA 178 33.91 -17.12 -46.17
C ALA KA 178 33.28 -18.44 -45.73
N CYS KA 179 32.16 -18.37 -45.03
CA CYS KA 179 31.48 -19.55 -44.52
C CYS KA 179 30.00 -19.42 -44.86
N THR KA 180 29.36 -20.57 -45.11
CA THR KA 180 27.96 -20.58 -45.49
C THR KA 180 27.10 -19.99 -44.38
N ALA KA 181 25.96 -19.44 -44.78
CA ALA KA 181 25.01 -18.78 -43.88
C ALA KA 181 25.70 -17.72 -43.05
N PRO KA 182 26.28 -16.68 -43.67
CA PRO KA 182 27.00 -15.67 -42.89
C PRO KA 182 26.07 -14.70 -42.17
N TRP KA 183 24.79 -14.69 -42.50
CA TRP KA 183 23.81 -13.82 -41.88
C TRP KA 183 23.22 -14.43 -40.61
N THR KA 184 23.87 -15.44 -40.04
CA THR KA 184 23.36 -16.12 -38.86
C THR KA 184 24.36 -16.05 -37.71
N VAL KA 185 24.89 -14.87 -37.44
CA VAL KA 185 25.83 -14.67 -36.34
C VAL KA 185 25.28 -13.55 -35.46
N GLY KA 186 25.18 -13.80 -34.16
CA GLY KA 186 24.72 -12.79 -33.23
C GLY KA 186 23.63 -13.28 -32.28
N GLU KA 187 22.77 -14.17 -32.75
CA GLU KA 187 21.65 -14.63 -31.94
C GLU KA 187 21.93 -15.97 -31.26
N GLY KA 188 22.71 -16.83 -31.90
CA GLY KA 188 23.02 -18.13 -31.31
C GLY KA 188 21.78 -18.96 -31.05
N GLY KA 189 20.95 -19.14 -32.07
CA GLY KA 189 19.75 -19.93 -31.93
C GLY KA 189 19.97 -21.43 -31.84
N GLY KA 190 21.20 -21.88 -32.07
CA GLY KA 190 21.50 -23.30 -31.96
C GLY KA 190 21.85 -23.96 -33.27
N LEU KA 191 22.12 -23.16 -34.29
CA LEU KA 191 22.45 -23.68 -35.62
C LEU KA 191 23.77 -23.13 -36.13
N ARG KA 192 24.80 -23.14 -35.29
CA ARG KA 192 26.12 -22.66 -35.66
C ARG KA 192 27.08 -23.85 -35.79
N ALA KA 193 28.30 -23.55 -36.23
CA ALA KA 193 29.33 -24.57 -36.38
C ALA KA 193 29.87 -24.97 -35.00
N TYR KA 194 29.15 -25.90 -34.36
CA TYR KA 194 29.48 -26.28 -33.00
C TYR KA 194 30.78 -27.07 -32.94
N VAL KA 195 30.83 -28.22 -33.59
CA VAL KA 195 31.92 -29.18 -33.43
C VAL KA 195 32.95 -28.98 -34.52
N THR KA 196 34.14 -29.54 -34.30
CA THR KA 196 35.21 -29.57 -35.29
C THR KA 196 36.06 -30.81 -35.06
N SER KA 197 36.94 -31.09 -36.02
CA SER KA 197 37.79 -32.27 -35.97
C SER KA 197 39.21 -31.89 -35.58
N LEU KA 198 39.94 -32.88 -35.06
CA LEU KA 198 41.33 -32.64 -34.68
C LEU KA 198 42.21 -32.47 -35.91
N SER KA 199 41.97 -33.24 -36.96
CA SER KA 199 42.75 -33.12 -38.18
C SER KA 199 42.59 -31.75 -38.82
N PHE KA 200 41.45 -31.09 -38.58
CA PHE KA 200 41.24 -29.76 -39.13
C PHE KA 200 42.26 -28.78 -38.59
N ILE KA 201 42.42 -28.73 -37.26
CA ILE KA 201 43.42 -27.84 -36.68
C ILE KA 201 44.82 -28.32 -37.02
N ALA KA 202 45.02 -29.65 -37.11
CA ALA KA 202 46.32 -30.16 -37.51
C ALA KA 202 46.71 -29.70 -38.90
N ALA KA 203 45.76 -29.61 -39.81
CA ALA KA 203 46.03 -29.11 -41.16
C ALA KA 203 46.12 -27.59 -41.21
N CYS KA 204 45.33 -26.90 -40.38
CA CYS KA 204 45.41 -25.44 -40.35
C CYS KA 204 46.78 -24.96 -39.90
N ARG KA 205 47.38 -25.67 -38.93
CA ARG KA 205 48.70 -25.30 -38.41
C ARG KA 205 49.78 -26.29 -38.84
N ALA KA 206 49.62 -26.90 -40.02
CA ALA KA 206 50.56 -27.94 -40.44
C ALA KA 206 51.95 -27.39 -40.71
N GLU KA 207 52.05 -26.08 -40.98
CA GLU KA 207 53.35 -25.48 -41.27
C GLU KA 207 54.21 -25.31 -40.04
N GLU KA 208 53.75 -25.73 -38.86
CA GLU KA 208 54.52 -25.55 -37.63
C GLU KA 208 54.96 -26.85 -37.00
N TYR KA 209 54.36 -27.98 -37.37
CA TYR KA 209 54.78 -29.27 -36.83
C TYR KA 209 56.14 -29.66 -37.40
N THR KA 210 56.85 -30.51 -36.64
CA THR KA 210 58.19 -30.89 -37.04
C THR KA 210 58.20 -31.91 -38.18
N ASP KA 211 57.15 -32.74 -38.28
CA ASP KA 211 57.12 -33.79 -39.29
C ASP KA 211 56.61 -33.17 -40.58
N LYS KA 212 57.55 -32.69 -41.40
CA LYS KA 212 57.20 -31.87 -42.55
C LYS KA 212 56.27 -32.59 -43.50
N GLN KA 213 56.64 -33.80 -43.91
CA GLN KA 213 55.89 -34.50 -44.95
C GLN KA 213 54.53 -34.96 -44.43
N ALA KA 214 54.47 -35.43 -43.20
CA ALA KA 214 53.18 -35.88 -42.67
C ALA KA 214 52.22 -34.70 -42.53
N ALA KA 215 52.74 -33.55 -42.09
CA ALA KA 215 51.90 -32.36 -42.00
C ALA KA 215 51.29 -31.99 -43.35
N ASP KA 216 52.13 -31.84 -44.37
CA ASP KA 216 51.61 -31.35 -45.64
C ASP KA 216 50.75 -32.39 -46.33
N ALA KA 217 51.01 -33.68 -46.11
CA ALA KA 217 50.16 -34.71 -46.68
C ALA KA 217 48.76 -34.62 -46.11
N ASN KA 218 48.64 -34.52 -44.79
CA ASN KA 218 47.32 -34.35 -44.18
C ASN KA 218 46.64 -33.08 -44.66
N ARG KA 219 47.41 -32.01 -44.88
CA ARG KA 219 46.83 -30.76 -45.34
C ARG KA 219 46.17 -30.93 -46.71
N THR KA 220 46.93 -31.43 -47.69
CA THR KA 220 46.36 -31.64 -49.02
C THR KA 220 45.21 -32.64 -49.00
N ALA KA 221 45.28 -33.63 -48.12
CA ALA KA 221 44.22 -34.62 -48.06
C ALA KA 221 42.91 -33.99 -47.59
N ILE KA 222 42.98 -33.17 -46.54
CA ILE KA 222 41.76 -32.53 -46.04
C ILE KA 222 41.27 -31.46 -47.01
N VAL KA 223 42.16 -30.92 -47.84
CA VAL KA 223 41.72 -29.96 -48.85
C VAL KA 223 40.98 -30.67 -49.96
N SER KA 224 41.52 -31.80 -50.43
CA SER KA 224 40.91 -32.51 -51.56
C SER KA 224 39.62 -33.21 -51.16
N ALA KA 225 39.61 -33.89 -50.01
CA ALA KA 225 38.43 -34.65 -49.62
C ALA KA 225 37.24 -33.75 -49.34
N TYR KA 226 37.49 -32.51 -48.92
CA TYR KA 226 36.41 -31.56 -48.67
C TYR KA 226 36.02 -30.89 -50.00
N GLY KA 227 35.26 -29.81 -49.93
CA GLY KA 227 34.79 -29.14 -51.13
C GLY KA 227 35.90 -28.75 -52.09
N CYS KA 228 37.06 -28.38 -51.55
CA CYS KA 228 38.27 -28.09 -52.32
C CYS KA 228 38.11 -26.83 -53.17
N SER KA 229 36.92 -26.21 -53.10
CA SER KA 229 36.65 -24.95 -53.80
C SER KA 229 36.78 -23.75 -52.87
N ARG KA 230 36.04 -23.75 -51.76
CA ARG KA 230 36.13 -22.70 -50.76
C ARG KA 230 36.77 -23.25 -49.49
N MET KA 231 37.74 -24.13 -49.64
CA MET KA 231 38.41 -24.75 -48.51
C MET KA 231 39.74 -24.10 -48.17
N GLU KA 232 40.55 -23.74 -49.16
CA GLU KA 232 41.84 -23.11 -48.89
C GLU KA 232 41.65 -21.76 -48.22
N THR KA 233 40.70 -20.96 -48.72
CA THR KA 233 40.40 -19.67 -48.10
C THR KA 233 39.94 -19.84 -46.67
N ARG KA 234 39.07 -20.81 -46.41
CA ARG KA 234 38.62 -21.08 -45.06
C ARG KA 234 39.80 -21.39 -44.14
N LEU KA 235 40.77 -22.16 -44.64
CA LEU KA 235 41.90 -22.55 -43.82
C LEU KA 235 42.76 -21.35 -43.45
N ILE KA 236 43.03 -20.47 -44.42
CA ILE KA 236 43.89 -19.34 -44.08
C ILE KA 236 43.16 -18.38 -43.13
N ARG KA 237 41.83 -18.25 -43.29
CA ARG KA 237 41.10 -17.40 -42.36
C ARG KA 237 41.22 -17.95 -40.93
N PHE KA 238 41.02 -19.26 -40.77
CA PHE KA 238 41.18 -19.89 -39.47
C PHE KA 238 42.61 -19.72 -38.95
N SER KA 239 43.60 -19.72 -39.86
CA SER KA 239 44.98 -19.63 -39.41
C SER KA 239 45.26 -18.30 -38.73
N GLU KA 240 45.09 -17.19 -39.45
CA GLU KA 240 45.23 -15.88 -38.79
C GLU KA 240 44.16 -15.66 -37.73
N CYS KA 241 43.04 -16.40 -37.78
CA CYS KA 241 42.09 -16.27 -36.68
C CYS KA 241 42.72 -16.68 -35.36
N LEU KA 242 43.38 -17.84 -35.35
CA LEU KA 242 44.14 -18.26 -34.18
C LEU KA 242 45.30 -17.33 -33.90
N ARG KA 243 45.94 -16.82 -34.95
CA ARG KA 243 47.05 -15.90 -34.77
C ARG KA 243 46.61 -14.63 -34.04
N ALA KA 244 45.44 -14.10 -34.40
CA ALA KA 244 44.89 -12.95 -33.70
C ALA KA 244 44.30 -13.33 -32.35
N MET KA 245 43.87 -14.58 -32.21
CA MET KA 245 43.44 -15.07 -30.90
C MET KA 245 44.55 -14.93 -29.88
N VAL KA 246 45.73 -15.45 -30.20
CA VAL KA 246 46.92 -15.17 -29.39
C VAL KA 246 47.53 -13.91 -30.00
N GLN KA 247 46.87 -12.78 -29.73
CA GLN KA 247 47.45 -11.46 -29.89
C GLN KA 247 47.04 -10.52 -28.77
N CYS KA 248 45.93 -10.79 -28.09
CA CYS KA 248 45.39 -9.96 -27.03
C CYS KA 248 45.14 -10.77 -25.77
N HIS KA 249 45.85 -11.89 -25.62
CA HIS KA 249 45.70 -12.79 -24.46
C HIS KA 249 44.27 -13.32 -24.35
N VAL KA 250 43.82 -13.96 -25.43
CA VAL KA 250 42.51 -14.58 -25.49
C VAL KA 250 42.74 -16.06 -25.79
N PHE KA 251 43.82 -16.62 -25.23
CA PHE KA 251 44.39 -17.93 -25.54
C PHE KA 251 43.33 -18.98 -25.81
N PRO KA 252 43.46 -19.72 -26.91
CA PRO KA 252 42.42 -20.67 -27.33
C PRO KA 252 42.50 -22.03 -26.64
N HIS KA 253 42.69 -21.99 -25.32
CA HIS KA 253 42.56 -23.19 -24.51
C HIS KA 253 41.35 -23.16 -23.61
N ARG KA 254 40.62 -22.03 -23.57
CA ARG KA 254 39.36 -21.94 -22.87
C ARG KA 254 38.16 -21.97 -23.80
N PHE KA 255 38.39 -21.96 -25.12
CA PHE KA 255 37.29 -21.98 -26.07
C PHE KA 255 37.19 -23.28 -26.84
N ILE KA 256 38.13 -24.19 -26.63
CA ILE KA 256 38.13 -25.48 -27.32
C ILE KA 256 37.95 -26.57 -26.29
N SER KA 257 36.78 -27.17 -26.27
CA SER KA 257 36.48 -28.25 -25.35
C SER KA 257 36.86 -29.58 -26.02
N PHE KA 258 36.38 -30.69 -25.46
CA PHE KA 258 36.70 -32.03 -25.95
C PHE KA 258 35.45 -32.89 -25.97
N PHE KA 259 35.24 -33.60 -27.07
CA PHE KA 259 34.25 -34.67 -27.14
C PHE KA 259 34.97 -36.00 -27.33
N GLY KA 260 34.24 -37.08 -27.08
CA GLY KA 260 34.80 -38.40 -27.28
C GLY KA 260 34.94 -38.74 -28.75
N SER KA 261 35.40 -39.96 -29.01
CA SER KA 261 35.58 -40.42 -30.38
C SER KA 261 34.22 -40.60 -31.04
N LEU KA 262 34.17 -40.27 -32.33
CA LEU KA 262 32.93 -40.38 -33.08
C LEU KA 262 32.47 -41.84 -33.13
N LEU KA 263 31.16 -42.05 -32.96
CA LEU KA 263 30.60 -43.38 -32.98
C LEU KA 263 29.57 -43.58 -34.09
N GLU KA 264 28.62 -42.66 -34.24
CA GLU KA 264 27.61 -42.77 -35.27
C GLU KA 264 27.30 -41.37 -35.79
N TYR KA 265 26.79 -41.30 -37.02
CA TYR KA 265 26.48 -40.03 -37.65
C TYR KA 265 25.37 -40.22 -38.66
N THR KA 266 24.63 -39.14 -38.92
CA THR KA 266 23.62 -39.14 -39.97
C THR KA 266 23.54 -37.73 -40.54
N ILE KA 267 23.64 -37.62 -41.87
CA ILE KA 267 23.67 -36.33 -42.53
C ILE KA 267 22.80 -36.40 -43.78
N GLN KA 268 22.14 -35.28 -44.10
CA GLN KA 268 21.33 -35.18 -45.31
C GLN KA 268 21.85 -34.13 -46.27
N ASP KA 269 22.12 -32.91 -45.80
CA ASP KA 269 22.90 -31.94 -46.57
C ASP KA 269 23.35 -30.85 -45.63
N ASN KA 270 24.66 -30.59 -45.59
CA ASN KA 270 25.29 -29.46 -44.90
C ASN KA 270 24.87 -29.34 -43.44
N LEU KA 271 24.28 -30.39 -42.89
CA LEU KA 271 23.83 -30.42 -41.50
C LEU KA 271 23.80 -31.87 -41.04
N CYS KA 272 24.49 -32.14 -39.93
CA CYS KA 272 24.71 -33.52 -39.51
C CYS KA 272 24.36 -33.69 -38.05
N ASN KA 273 23.90 -34.89 -37.70
CA ASN KA 273 23.64 -35.28 -36.33
C ASN KA 273 24.61 -36.40 -35.98
N ILE KA 274 25.52 -36.13 -35.05
CA ILE KA 274 26.56 -37.08 -34.70
C ILE KA 274 26.40 -37.44 -33.23
N THR KA 275 26.83 -38.65 -32.89
CA THR KA 275 26.87 -39.09 -31.50
C THR KA 275 28.21 -39.73 -31.22
N ALA KA 276 28.78 -39.39 -30.07
CA ALA KA 276 30.10 -39.83 -29.67
C ALA KA 276 30.07 -40.32 -28.22
N VAL KA 277 31.09 -41.06 -27.85
CA VAL KA 277 31.22 -41.60 -26.49
C VAL KA 277 31.61 -40.46 -25.57
N ALA KA 278 31.22 -40.57 -24.29
CA ALA KA 278 31.55 -39.55 -23.32
C ALA KA 278 32.74 -39.97 -22.46
N LYS KA 279 32.64 -41.13 -21.81
CA LYS KA 279 33.73 -41.66 -21.00
C LYS KA 279 33.54 -43.16 -20.81
N GLY KA 280 34.65 -43.87 -20.73
CA GLY KA 280 34.63 -45.30 -20.56
C GLY KA 280 35.46 -46.03 -21.59
N PRO KA 281 35.36 -47.35 -21.62
CA PRO KA 281 36.13 -48.15 -22.58
C PRO KA 281 35.78 -47.79 -24.01
N GLN KA 282 36.79 -47.92 -24.87
CA GLN KA 282 36.64 -47.53 -26.26
C GLN KA 282 35.84 -48.58 -27.04
N GLU KA 283 36.20 -49.86 -26.88
CA GLU KA 283 35.55 -50.96 -27.57
C GLU KA 283 34.43 -51.58 -26.75
N ALA KA 284 33.69 -50.77 -26.00
CA ALA KA 284 32.49 -51.22 -25.31
C ALA KA 284 31.21 -50.77 -26.00
N ALA KA 285 31.31 -50.15 -27.18
CA ALA KA 285 30.15 -49.68 -27.91
C ALA KA 285 29.95 -50.55 -29.15
N ARG KA 286 28.84 -50.31 -29.86
CA ARG KA 286 28.51 -51.05 -31.07
C ARG KA 286 28.14 -50.07 -32.17
N THR KA 287 29.09 -49.78 -33.06
CA THR KA 287 28.79 -48.88 -34.16
C THR KA 287 27.72 -49.43 -35.10
N ASP KA 288 27.59 -50.76 -35.17
CA ASP KA 288 26.44 -51.48 -35.71
C ASP KA 288 26.13 -51.15 -37.16
N LYS KA 289 27.02 -50.47 -37.88
CA LYS KA 289 26.75 -50.33 -39.31
C LYS KA 289 28.01 -50.63 -40.11
N THR KA 290 29.16 -50.61 -39.46
CA THR KA 290 30.42 -50.93 -40.13
C THR KA 290 30.52 -52.44 -40.30
N SER KA 291 31.68 -52.90 -40.77
CA SER KA 291 31.94 -54.32 -40.87
C SER KA 291 31.90 -54.97 -39.49
N THR KA 292 32.78 -54.52 -38.60
CA THR KA 292 32.76 -54.94 -37.21
C THR KA 292 31.96 -53.92 -36.41
N ARG KA 293 31.62 -54.29 -35.17
CA ARG KA 293 30.91 -53.40 -34.28
C ARG KA 293 31.83 -52.68 -33.31
N ARG KA 294 33.13 -52.66 -33.58
CA ARG KA 294 34.10 -52.06 -32.68
C ARG KA 294 34.98 -51.07 -33.43
N VAL KA 295 35.43 -50.05 -32.71
CA VAL KA 295 36.29 -49.00 -33.26
C VAL KA 295 37.41 -48.72 -32.27
N THR KA 296 38.50 -48.13 -32.79
CA THR KA 296 39.65 -47.75 -31.97
C THR KA 296 40.03 -46.31 -32.31
N ALA KA 297 40.76 -45.69 -31.40
CA ALA KA 297 41.12 -44.28 -31.56
C ALA KA 297 42.14 -44.13 -32.69
N ASN KA 298 41.89 -43.16 -33.57
CA ASN KA 298 42.76 -42.89 -34.70
C ASN KA 298 43.18 -41.43 -34.66
N ILE KA 299 44.48 -41.18 -34.83
CA ILE KA 299 44.99 -39.81 -34.82
C ILE KA 299 45.98 -39.63 -35.95
N PRO KA 300 46.07 -38.41 -36.48
CA PRO KA 300 47.12 -38.11 -37.45
C PRO KA 300 48.49 -38.17 -36.79
N ALA KA 301 49.46 -38.63 -37.57
CA ALA KA 301 50.80 -38.83 -37.01
C ALA KA 301 51.53 -37.53 -36.71
N CYS KA 302 50.96 -36.39 -37.13
CA CYS KA 302 51.62 -35.12 -36.91
C CYS KA 302 51.49 -34.66 -35.46
N VAL KA 303 50.34 -34.90 -34.84
CA VAL KA 303 50.10 -34.39 -33.50
C VAL KA 303 50.68 -35.30 -32.41
N PHE KA 304 50.90 -36.58 -32.72
CA PHE KA 304 51.35 -37.52 -31.70
C PHE KA 304 52.76 -37.19 -31.26
N TRP KA 305 52.97 -37.10 -29.94
CA TRP KA 305 54.27 -36.74 -29.38
C TRP KA 305 54.33 -37.29 -27.95
N ASP KA 306 55.04 -38.41 -27.79
CA ASP KA 306 55.26 -39.00 -26.49
C ASP KA 306 56.52 -38.41 -25.87
N VAL KA 307 56.42 -38.03 -24.60
CA VAL KA 307 57.51 -37.30 -23.93
C VAL KA 307 58.46 -38.22 -23.18
N ASP KA 308 58.03 -39.42 -22.80
CA ASP KA 308 58.90 -40.31 -22.02
C ASP KA 308 60.09 -40.74 -22.86
N LYS KA 309 59.89 -40.91 -24.16
CA LYS KA 309 60.99 -41.30 -25.03
C LYS KA 309 61.88 -40.10 -25.36
N ASP KA 310 61.44 -38.90 -24.97
CA ASP KA 310 62.39 -37.79 -24.94
C ASP KA 310 63.09 -37.68 -23.59
N LEU KA 311 62.36 -37.98 -22.51
CA LEU KA 311 62.89 -37.89 -21.15
C LEU KA 311 63.70 -39.11 -20.74
N HIS KA 312 63.73 -40.15 -21.58
CA HIS KA 312 64.54 -41.35 -21.35
C HIS KA 312 64.18 -42.05 -20.04
N LEU KA 313 62.95 -42.55 -19.98
CA LEU KA 313 62.51 -43.39 -18.88
C LEU KA 313 61.75 -44.59 -19.44
N SER KA 314 61.62 -45.63 -18.62
CA SER KA 314 60.96 -46.86 -19.06
C SER KA 314 59.50 -46.60 -19.38
N ALA KA 315 59.01 -47.27 -20.42
CA ALA KA 315 57.62 -47.13 -20.85
C ALA KA 315 56.91 -48.44 -20.56
N ASP KA 316 56.49 -48.61 -19.31
CA ASP KA 316 55.76 -49.79 -18.88
C ASP KA 316 54.66 -49.41 -17.90
N GLY KA 317 53.48 -50.01 -18.05
CA GLY KA 317 52.40 -49.77 -17.11
C GLY KA 317 51.32 -48.87 -17.64
N LEU KA 318 50.78 -48.02 -16.77
CA LEU KA 318 49.68 -47.14 -17.12
C LEU KA 318 50.23 -45.79 -17.60
N LYS KA 319 49.54 -45.21 -18.58
CA LYS KA 319 49.96 -43.93 -19.15
C LYS KA 319 48.74 -43.05 -19.37
N HIS KA 320 48.91 -41.76 -19.10
CA HIS KA 320 47.85 -40.77 -19.26
C HIS KA 320 47.97 -40.10 -20.62
N VAL KA 321 46.90 -39.43 -21.01
CA VAL KA 321 46.81 -38.72 -22.28
C VAL KA 321 46.50 -37.25 -22.00
N PHE KA 322 47.21 -36.34 -22.67
CA PHE KA 322 47.05 -34.92 -22.49
C PHE KA 322 47.03 -34.22 -23.84
N LEU KA 323 46.44 -33.03 -23.86
CA LEU KA 323 46.50 -32.13 -25.00
C LEU KA 323 47.21 -30.85 -24.58
N VAL KA 324 48.16 -30.41 -25.38
CA VAL KA 324 48.95 -29.23 -25.04
C VAL KA 324 48.73 -28.16 -26.08
N PHE KA 325 48.93 -26.91 -25.67
CA PHE KA 325 48.73 -25.75 -26.55
C PHE KA 325 49.94 -24.83 -26.39
N VAL KA 326 50.97 -25.08 -27.19
CA VAL KA 326 52.18 -24.28 -27.13
C VAL KA 326 51.92 -22.91 -27.76
N TYR KA 327 52.39 -21.87 -27.09
CA TYR KA 327 52.16 -20.49 -27.51
C TYR KA 327 53.49 -19.80 -27.76
N THR KA 328 53.57 -19.07 -28.87
CA THR KA 328 54.71 -18.21 -29.16
C THR KA 328 54.23 -16.78 -29.30
N GLN KA 329 54.85 -15.87 -28.56
CA GLN KA 329 54.40 -14.48 -28.50
C GLN KA 329 55.56 -13.57 -28.90
N ARG KA 330 55.45 -12.96 -30.08
CA ARG KA 330 56.46 -12.02 -30.55
C ARG KA 330 55.74 -10.88 -31.27
N ARG KA 331 56.51 -10.05 -31.97
CA ARG KA 331 55.95 -8.92 -32.71
C ARG KA 331 55.56 -9.40 -34.11
N GLN KA 332 54.23 -9.49 -34.34
CA GLN KA 332 53.65 -9.86 -35.62
C GLN KA 332 53.99 -11.29 -36.03
N ARG KA 333 54.44 -12.10 -35.08
CA ARG KA 333 54.78 -13.50 -35.36
C ARG KA 333 54.39 -14.34 -34.15
N GLU KA 334 53.24 -15.00 -34.24
CA GLU KA 334 52.73 -15.85 -33.18
C GLU KA 334 52.41 -17.22 -33.75
N GLY KA 335 52.51 -18.25 -32.91
CA GLY KA 335 52.27 -19.61 -33.35
C GLY KA 335 51.62 -20.43 -32.25
N VAL KA 336 50.78 -21.38 -32.69
CA VAL KA 336 50.00 -22.22 -31.79
C VAL KA 336 49.87 -23.60 -32.43
N ARG KA 337 50.47 -24.61 -31.81
CA ARG KA 337 50.32 -25.98 -32.27
C ARG KA 337 49.28 -26.71 -31.42
N LEU KA 338 49.17 -28.02 -31.65
CA LEU KA 338 48.26 -28.87 -30.90
C LEU KA 338 48.84 -30.27 -30.86
N HIS KA 339 49.28 -30.70 -29.67
CA HIS KA 339 49.91 -32.00 -29.54
C HIS KA 339 49.11 -32.86 -28.58
N LEU KA 340 48.98 -34.13 -28.95
CA LEU KA 340 48.35 -35.15 -28.11
C LEU KA 340 49.45 -35.97 -27.46
N ALA KA 341 49.83 -35.60 -26.25
CA ALA KA 341 50.92 -36.25 -25.55
C ALA KA 341 50.41 -37.49 -24.82
N LEU KA 342 51.23 -38.53 -24.81
CA LEU KA 342 50.91 -39.80 -24.15
C LEU KA 342 52.09 -40.17 -23.27
N SER KA 343 51.95 -39.97 -21.96
CA SER KA 343 53.05 -40.14 -21.04
C SER KA 343 52.59 -40.84 -19.78
N GLN KA 344 53.52 -41.50 -19.09
CA GLN KA 344 53.23 -42.15 -17.82
C GLN KA 344 53.40 -41.21 -16.64
N LEU KA 345 53.81 -39.96 -16.87
CA LEU KA 345 54.10 -39.03 -15.79
C LEU KA 345 52.83 -38.71 -15.00
N ASN KA 346 53.02 -38.17 -13.80
CA ASN KA 346 51.91 -37.98 -12.88
C ASN KA 346 50.96 -36.89 -13.38
N GLU KA 347 49.90 -36.67 -12.59
CA GLU KA 347 48.88 -35.68 -12.97
C GLU KA 347 49.48 -34.28 -13.01
N GLN KA 348 50.21 -33.89 -11.97
CA GLN KA 348 50.76 -32.55 -11.90
C GLN KA 348 52.21 -32.47 -12.32
N CYS KA 349 52.95 -33.58 -12.22
CA CYS KA 349 54.36 -33.58 -12.58
C CYS KA 349 54.58 -33.40 -14.07
N PHE KA 350 53.53 -33.55 -14.88
CA PHE KA 350 53.65 -33.31 -16.31
C PHE KA 350 54.09 -31.88 -16.59
N GLY KA 351 53.67 -30.94 -15.74
CA GLY KA 351 54.07 -29.56 -15.94
C GLY KA 351 55.56 -29.35 -15.81
N ARG KA 352 56.17 -29.93 -14.77
CA ARG KA 352 57.62 -29.82 -14.62
C ARG KA 352 58.34 -30.57 -15.73
N GLY KA 353 57.74 -31.64 -16.24
CA GLY KA 353 58.38 -32.37 -17.33
C GLY KA 353 58.37 -31.63 -18.65
N ILE KA 354 57.30 -30.92 -18.94
CA ILE KA 354 57.19 -30.22 -20.22
C ILE KA 354 58.16 -29.04 -20.29
N GLY KA 355 58.38 -28.36 -19.17
CA GLY KA 355 59.26 -27.21 -19.18
C GLY KA 355 60.68 -27.54 -19.57
N PHE KA 356 61.15 -28.74 -19.22
CA PHE KA 356 62.51 -29.12 -19.57
C PHE KA 356 62.69 -29.23 -21.08
N LEU KA 357 61.65 -29.65 -21.80
CA LEU KA 357 61.73 -29.74 -23.25
C LEU KA 357 61.44 -28.41 -23.93
N LEU KA 358 60.66 -27.54 -23.30
CA LEU KA 358 60.27 -26.28 -23.90
C LEU KA 358 61.01 -25.09 -23.28
N GLY KA 359 62.16 -25.36 -22.66
CA GLY KA 359 62.94 -24.30 -22.04
C GLY KA 359 63.32 -23.16 -22.98
N ARG KA 360 63.39 -23.43 -24.28
CA ARG KA 360 63.70 -22.35 -25.22
C ARG KA 360 62.55 -21.34 -25.30
N ILE KA 361 61.37 -21.80 -25.71
CA ILE KA 361 60.24 -20.90 -25.90
C ILE KA 361 59.88 -20.17 -24.62
N ARG KA 362 60.04 -20.81 -23.46
CA ARG KA 362 59.79 -20.14 -22.19
C ARG KA 362 60.64 -18.88 -22.07
N ALA KA 363 61.95 -19.02 -22.32
CA ALA KA 363 62.84 -17.86 -22.25
C ALA KA 363 62.60 -16.87 -23.39
N GLU KA 364 62.20 -17.33 -24.57
CA GLU KA 364 61.88 -16.39 -25.63
C GLU KA 364 60.69 -15.53 -25.25
N ASN KA 365 59.66 -16.16 -24.68
CA ASN KA 365 58.47 -15.42 -24.31
C ASN KA 365 58.76 -14.46 -23.16
N ALA KA 366 59.59 -14.88 -22.20
CA ALA KA 366 59.89 -14.02 -21.06
C ALA KA 366 60.57 -12.72 -21.49
N ALA KA 367 61.14 -12.68 -22.68
CA ALA KA 367 61.80 -11.47 -23.16
C ALA KA 367 61.04 -10.74 -24.26
N TRP KA 368 60.16 -11.43 -24.98
CA TRP KA 368 59.41 -10.79 -26.07
C TRP KA 368 57.90 -10.86 -25.84
N GLY KA 369 57.47 -10.94 -24.59
CA GLY KA 369 56.06 -11.00 -24.29
C GLY KA 369 55.41 -9.65 -24.12
N THR KA 370 56.11 -8.72 -23.48
CA THR KA 370 55.59 -7.38 -23.20
C THR KA 370 56.41 -6.37 -24.00
N GLU KA 371 55.77 -5.70 -24.95
CA GLU KA 371 56.43 -4.69 -25.77
C GLU KA 371 55.68 -3.36 -25.77
N GLY KA 372 54.67 -3.21 -24.92
CA GLY KA 372 53.91 -1.97 -24.86
C GLY KA 372 54.02 -1.27 -23.52
N THR KA 382 61.32 4.31 -8.96
CA THR KA 382 61.93 3.06 -9.40
C THR KA 382 63.11 2.69 -8.51
N ARG KA 383 63.08 3.15 -7.27
CA ARG KA 383 64.13 2.87 -6.30
C ARG KA 383 63.58 1.97 -5.21
N ALA KA 384 64.44 1.10 -4.68
CA ALA KA 384 64.05 0.18 -3.63
C ALA KA 384 63.87 0.93 -2.32
N LEU KA 385 63.50 0.20 -1.26
CA LEU KA 385 63.32 0.79 0.04
C LEU KA 385 63.84 -0.20 1.09
N PRO KA 386 64.60 0.28 2.08
CA PRO KA 386 65.12 -0.63 3.12
C PRO KA 386 64.18 -0.76 4.31
N LEU KA 387 63.05 -1.45 4.08
CA LEU KA 387 62.05 -1.62 5.13
C LEU KA 387 62.64 -2.33 6.34
N VAL KA 388 63.25 -3.49 6.12
CA VAL KA 388 63.75 -4.28 7.24
C VAL KA 388 64.91 -3.56 7.92
N GLN KA 389 65.72 -2.85 7.14
CA GLN KA 389 66.84 -2.11 7.72
C GLN KA 389 66.36 -1.04 8.68
N LEU KA 390 65.47 -0.15 8.22
CA LEU KA 390 65.01 0.92 9.09
C LEU KA 390 63.99 0.46 10.12
N SER KA 391 63.47 -0.77 10.02
CA SER KA 391 62.68 -1.34 11.09
C SER KA 391 63.53 -2.08 12.11
N ASN KA 392 64.67 -2.61 11.71
CA ASN KA 392 65.57 -3.22 12.68
C ASN KA 392 66.28 -2.15 13.49
N ASP KA 393 66.54 -0.98 12.86
CA ASP KA 393 67.20 0.02 13.68
C ASP KA 393 66.19 1.05 14.20
N PRO KA 394 66.42 1.56 15.41
CA PRO KA 394 65.56 2.62 15.95
C PRO KA 394 65.94 3.98 15.42
N THR KA 395 65.34 5.03 15.99
CA THR KA 395 65.62 6.42 15.62
C THR KA 395 65.30 6.68 14.16
N SER KA 396 64.14 6.18 13.75
CA SER KA 396 63.56 6.46 12.45
C SER KA 396 62.27 7.23 12.64
N PRO KA 397 61.86 8.03 11.66
CA PRO KA 397 60.63 8.82 11.81
C PRO KA 397 59.42 7.94 12.05
N ARG KA 398 58.83 8.03 13.23
CA ARG KA 398 57.70 7.19 13.60
C ARG KA 398 56.39 7.88 13.26
N CYS KA 399 55.35 7.08 13.07
CA CYS KA 399 54.03 7.53 12.64
C CYS KA 399 52.93 6.86 13.44
N SER KA 400 53.02 6.96 14.77
CA SER KA 400 52.08 6.34 15.69
C SER KA 400 50.61 6.56 15.30
N ILE KA 401 49.74 5.63 15.70
CA ILE KA 401 48.33 5.66 15.33
C ILE KA 401 47.62 6.95 15.69
N GLY KA 402 48.21 7.76 16.58
CA GLY KA 402 47.54 8.95 17.07
C GLY KA 402 47.26 9.98 16.00
N GLU KA 403 48.05 9.97 14.92
CA GLU KA 403 47.83 10.89 13.82
C GLU KA 403 47.10 10.27 12.64
N ILE KA 404 47.06 8.94 12.54
CA ILE KA 404 46.27 8.28 11.50
C ILE KA 404 44.81 8.18 11.89
N THR KA 405 44.45 8.50 13.14
CA THR KA 405 43.04 8.58 13.53
C THR KA 405 42.21 9.34 12.51
N GLY KA 406 42.81 10.34 11.85
CA GLY KA 406 42.18 10.94 10.69
C GLY KA 406 41.79 12.41 10.80
N VAL KA 407 42.58 13.20 11.51
CA VAL KA 407 42.25 14.62 11.67
C VAL KA 407 43.10 15.49 10.74
N ASN KA 408 44.41 15.25 10.68
CA ASN KA 408 45.31 16.03 9.83
C ASN KA 408 46.29 15.11 9.12
N TRP KA 409 45.79 14.06 8.47
CA TRP KA 409 46.65 13.02 7.93
C TRP KA 409 47.31 13.45 6.62
N ASN KA 410 47.93 14.62 6.63
CA ASN KA 410 48.85 14.99 5.55
C ASN KA 410 50.16 15.54 6.08
N LEU KA 411 50.12 16.36 7.14
CA LEU KA 411 51.37 16.83 7.73
C LEU KA 411 52.02 15.76 8.58
N ALA KA 412 51.25 14.78 9.05
CA ALA KA 412 51.81 13.62 9.72
C ALA KA 412 52.56 12.73 8.75
N ARG KA 413 52.02 12.53 7.55
CA ARG KA 413 52.65 11.73 6.52
C ARG KA 413 53.38 12.56 5.48
N GLN KA 414 53.79 13.79 5.83
CA GLN KA 414 54.44 14.67 4.86
C GLN KA 414 55.51 13.97 4.05
N ARG KA 415 56.60 13.54 4.68
CA ARG KA 415 57.47 12.64 3.94
C ARG KA 415 57.39 11.21 4.46
N LEU KA 416 57.90 10.96 5.66
CA LEU KA 416 57.99 9.65 6.29
C LEU KA 416 58.79 8.67 5.44
N TYR KA 417 58.92 8.99 4.15
CA TYR KA 417 59.76 8.35 3.13
C TYR KA 417 59.40 9.01 1.80
N GLN KA 418 60.09 8.68 0.72
CA GLN KA 418 59.56 9.03 -0.60
C GLN KA 418 59.36 7.81 -1.49
N TRP KA 419 60.43 7.04 -1.73
CA TRP KA 419 60.44 5.77 -2.45
C TRP KA 419 60.21 5.90 -3.96
N THR KA 420 59.70 7.05 -4.41
CA THR KA 420 59.49 7.38 -5.82
C THR KA 420 59.15 6.15 -6.67
N GLY KA 421 58.33 5.25 -6.13
CA GLY KA 421 58.24 3.89 -6.64
C GLY KA 421 57.00 3.67 -7.50
N ASP KA 422 57.18 2.88 -8.55
CA ASP KA 422 56.10 2.43 -9.43
C ASP KA 422 56.63 1.35 -10.36
N PHE KA 423 55.79 0.34 -10.61
CA PHE KA 423 56.14 -0.76 -11.50
C PHE KA 423 54.95 -1.00 -12.43
N ARG KA 424 55.06 -0.48 -13.66
CA ARG KA 424 54.00 -0.61 -14.66
C ARG KA 424 54.30 -1.70 -15.67
N GLY KA 425 55.44 -1.61 -16.36
CA GLY KA 425 55.77 -2.58 -17.37
C GLY KA 425 56.64 -3.70 -16.86
N LEU KA 426 56.02 -4.84 -16.56
CA LEU KA 426 56.74 -6.02 -16.09
C LEU KA 426 56.03 -7.26 -16.61
N PRO KA 427 56.78 -8.33 -16.86
CA PRO KA 427 56.16 -9.57 -17.36
C PRO KA 427 55.21 -10.15 -16.33
N THR KA 428 53.92 -10.16 -16.65
CA THR KA 428 52.93 -10.86 -15.83
C THR KA 428 53.02 -12.37 -16.04
N GLN KA 429 52.37 -13.12 -15.15
CA GLN KA 429 52.32 -14.57 -15.27
C GLN KA 429 51.46 -15.00 -16.44
N LEU KA 430 50.71 -14.09 -17.03
CA LEU KA 430 49.86 -14.38 -18.17
C LEU KA 430 50.52 -14.04 -19.50
N SER KA 431 51.52 -13.14 -19.50
CA SER KA 431 52.25 -12.82 -20.72
C SER KA 431 53.45 -13.73 -20.94
N CYS KA 432 53.78 -14.59 -19.98
CA CYS KA 432 54.88 -15.54 -20.14
C CYS KA 432 54.40 -16.98 -20.25
N MET KA 433 53.10 -17.19 -20.41
CA MET KA 433 52.59 -18.55 -20.55
C MET KA 433 53.00 -19.12 -21.90
N TYR KA 434 53.31 -20.41 -21.92
CA TYR KA 434 53.74 -21.07 -23.14
C TYR KA 434 53.08 -22.43 -23.38
N ALA KA 435 52.22 -22.89 -22.48
CA ALA KA 435 51.57 -24.19 -22.66
C ALA KA 435 50.40 -24.31 -21.71
N ALA KA 436 49.45 -25.17 -22.07
CA ALA KA 436 48.28 -25.43 -21.24
C ALA KA 436 47.80 -26.84 -21.54
N TYR KA 437 47.81 -27.71 -20.54
CA TYR KA 437 47.48 -29.11 -20.74
C TYR KA 437 46.25 -29.50 -19.94
N THR KA 438 45.77 -30.71 -20.21
CA THR KA 438 44.53 -31.21 -19.62
C THR KA 438 44.48 -32.73 -19.79
N LEU KA 439 44.10 -33.43 -18.73
CA LEU KA 439 43.96 -34.87 -18.78
C LEU KA 439 42.71 -35.26 -19.56
N ILE KA 440 42.82 -36.34 -20.35
CA ILE KA 440 41.73 -36.82 -21.18
C ILE KA 440 41.40 -38.28 -20.88
N GLY KA 441 42.42 -39.11 -20.78
CA GLY KA 441 42.16 -40.52 -20.54
C GLY KA 441 43.44 -41.27 -20.23
N THR KA 442 43.27 -42.51 -19.80
CA THR KA 442 44.37 -43.38 -19.42
C THR KA 442 44.31 -44.67 -20.21
N ILE KA 443 45.35 -45.48 -20.07
CA ILE KA 443 45.41 -46.80 -20.70
C ILE KA 443 45.85 -47.82 -19.64
N PRO KA 444 44.92 -48.63 -19.12
CA PRO KA 444 45.30 -49.54 -18.03
C PRO KA 444 46.21 -50.67 -18.47
N SER KA 445 46.09 -51.13 -19.71
CA SER KA 445 46.93 -52.23 -20.18
C SER KA 445 48.39 -51.79 -20.25
N GLU KA 446 49.25 -52.49 -19.51
CA GLU KA 446 50.66 -52.18 -19.52
C GLU KA 446 51.27 -52.54 -20.87
N SER KA 447 52.41 -51.92 -21.16
CA SER KA 447 53.18 -52.16 -22.39
C SER KA 447 52.30 -51.95 -23.62
N VAL KA 448 51.85 -50.70 -23.78
CA VAL KA 448 51.01 -50.36 -24.93
C VAL KA 448 51.79 -50.61 -26.23
N ARG KA 449 51.03 -50.88 -27.30
CA ARG KA 449 51.60 -51.26 -28.58
C ARG KA 449 50.96 -50.48 -29.72
N TYR KA 450 50.91 -49.15 -29.57
CA TYR KA 450 50.34 -48.29 -30.59
C TYR KA 450 50.97 -48.56 -31.96
N THR KA 451 50.14 -48.59 -32.98
CA THR KA 451 50.55 -48.96 -34.32
C THR KA 451 50.38 -47.78 -35.29
N ARG KA 452 51.40 -47.55 -36.11
CA ARG KA 452 51.36 -46.47 -37.08
C ARG KA 452 51.41 -47.05 -38.48
N ARG KA 453 50.50 -46.61 -39.34
CA ARG KA 453 50.47 -47.08 -40.71
C ARG KA 453 49.75 -46.05 -41.58
N MET KA 454 49.88 -46.20 -42.89
CA MET KA 454 49.29 -45.27 -43.86
C MET KA 454 48.12 -45.96 -44.54
N GLU KA 455 46.96 -45.31 -44.53
CA GLU KA 455 45.77 -45.82 -45.19
C GLU KA 455 45.05 -44.67 -45.88
N ARG KA 456 44.13 -45.03 -46.78
CA ARG KA 456 43.43 -44.04 -47.59
C ARG KA 456 42.46 -43.24 -46.74
N PHE KA 457 42.47 -41.92 -46.93
CA PHE KA 457 41.56 -40.99 -46.26
C PHE KA 457 40.89 -40.18 -47.37
N GLY KA 458 39.75 -40.68 -47.84
CA GLY KA 458 39.10 -40.08 -48.98
C GLY KA 458 39.72 -40.59 -50.27
N GLY KA 459 40.59 -39.79 -50.88
CA GLY KA 459 41.29 -40.21 -52.06
C GLY KA 459 42.80 -40.13 -51.91
N TYR KA 460 43.26 -39.96 -50.68
CA TYR KA 460 44.68 -39.82 -50.41
C TYR KA 460 45.05 -40.65 -49.19
N ASN KA 461 46.34 -40.97 -49.09
CA ASN KA 461 46.86 -41.75 -47.99
C ASN KA 461 47.55 -40.85 -46.97
N VAL KA 462 47.26 -41.09 -45.70
CA VAL KA 462 47.86 -40.31 -44.61
C VAL KA 462 48.34 -41.25 -43.52
N PRO KA 463 49.45 -40.92 -42.85
CA PRO KA 463 49.91 -41.77 -41.75
C PRO KA 463 49.12 -41.55 -40.47
N THR KA 464 48.40 -42.57 -40.02
CA THR KA 464 47.60 -42.48 -38.82
C THR KA 464 48.12 -43.47 -37.78
N ILE KA 465 48.00 -43.07 -36.52
CA ILE KA 465 48.37 -43.90 -35.38
C ILE KA 465 47.10 -44.42 -34.72
N TRP KA 466 47.08 -45.70 -34.40
CA TRP KA 466 45.91 -46.38 -33.89
C TRP KA 466 46.13 -46.75 -32.43
N LEU KA 467 45.30 -46.19 -31.55
CA LEU KA 467 45.32 -46.49 -30.13
C LEU KA 467 44.17 -47.42 -29.79
N GLU KA 468 44.47 -48.47 -29.04
CA GLU KA 468 43.48 -49.45 -28.63
C GLU KA 468 43.31 -49.44 -27.12
N GLY KA 469 42.10 -49.76 -26.67
CA GLY KA 469 41.80 -49.84 -25.25
C GLY KA 469 42.19 -48.61 -24.45
N VAL KA 470 41.51 -47.48 -24.69
CA VAL KA 470 41.76 -46.24 -23.96
C VAL KA 470 40.45 -45.81 -23.31
N VAL KA 471 40.45 -45.70 -21.99
CA VAL KA 471 39.26 -45.31 -21.25
C VAL KA 471 39.23 -43.78 -21.13
N TRP KA 472 38.17 -43.18 -21.64
CA TRP KA 472 37.99 -41.74 -21.54
C TRP KA 472 37.50 -41.37 -20.15
N GLY KA 473 37.66 -40.09 -19.80
CA GLY KA 473 37.24 -39.61 -18.51
C GLY KA 473 37.93 -38.30 -18.18
N GLY KA 474 37.84 -37.93 -16.92
CA GLY KA 474 38.52 -36.73 -16.46
C GLY KA 474 37.78 -35.45 -16.78
N THR KA 475 37.71 -34.54 -15.82
CA THR KA 475 37.04 -33.27 -16.01
C THR KA 475 37.90 -32.33 -16.85
N ASN KA 476 37.23 -31.39 -17.52
CA ASN KA 476 37.92 -30.46 -18.42
C ASN KA 476 38.47 -29.30 -17.61
N THR KA 477 39.65 -29.50 -17.05
CA THR KA 477 40.37 -28.47 -16.31
C THR KA 477 41.74 -28.27 -16.96
N TRP KA 478 42.08 -27.02 -17.26
CA TRP KA 478 43.33 -26.70 -17.93
C TRP KA 478 44.36 -26.19 -16.94
N ASN KA 479 45.56 -26.76 -17.02
CA ASN KA 479 46.69 -26.34 -16.20
C ASN KA 479 47.65 -25.57 -17.09
N GLU KA 480 47.93 -24.33 -16.70
CA GLU KA 480 48.76 -23.46 -17.52
C GLU KA 480 50.20 -23.45 -17.01
N CYS KA 481 51.14 -23.67 -17.90
CA CYS KA 481 52.56 -23.74 -17.56
C CYS KA 481 53.19 -22.40 -17.90
N TYR KA 482 53.16 -21.49 -16.93
CA TYR KA 482 53.79 -20.18 -17.05
C TYR KA 482 55.01 -20.16 -16.13
N TYR KA 483 56.19 -20.28 -16.71
CA TYR KA 483 57.42 -20.27 -15.92
C TYR KA 483 58.52 -19.49 -16.61
N PRO LA 4 36.40 -57.37 -101.77
CA PRO LA 4 35.85 -56.69 -102.96
C PRO LA 4 34.77 -55.68 -102.59
N PHE LA 5 35.06 -54.40 -102.72
CA PHE LA 5 34.13 -53.33 -102.37
C PHE LA 5 33.42 -52.87 -103.63
N GLU LA 6 32.10 -52.97 -103.62
CA GLU LA 6 31.27 -52.51 -104.73
C GLU LA 6 30.26 -51.50 -104.21
N ILE LA 7 29.96 -50.50 -105.02
CA ILE LA 7 28.97 -49.49 -104.71
C ILE LA 7 27.78 -49.68 -105.62
N GLU LA 8 26.59 -49.38 -105.11
CA GLU LA 8 25.35 -49.57 -105.84
C GLU LA 8 24.81 -48.23 -106.31
N VAL LA 9 24.38 -48.18 -107.57
CA VAL LA 9 23.86 -46.96 -108.17
C VAL LA 9 22.37 -47.15 -108.42
N LEU LA 10 21.56 -46.32 -107.76
CA LEU LA 10 20.11 -46.41 -107.86
C LEU LA 10 19.64 -45.89 -109.21
N LEU LA 11 18.95 -46.75 -109.96
CA LEU LA 11 18.34 -46.30 -111.21
C LEU LA 11 16.96 -45.72 -110.94
N PRO LA 12 16.68 -44.50 -111.40
CA PRO LA 12 15.32 -43.96 -111.25
C PRO LA 12 14.33 -44.81 -112.04
N GLY LA 13 13.12 -44.91 -111.50
CA GLY LA 13 12.07 -45.65 -112.16
C GLY LA 13 11.60 -44.96 -113.43
N GLU LA 14 10.48 -45.45 -113.95
CA GLU LA 14 9.79 -44.87 -115.12
C GLU LA 14 10.75 -44.57 -116.27
N LEU LA 15 11.87 -45.29 -116.32
CA LEU LA 15 12.86 -45.05 -117.36
C LEU LA 15 12.39 -45.62 -118.69
N SER LA 16 12.70 -44.90 -119.77
CA SER LA 16 12.33 -45.35 -121.09
C SER LA 16 13.17 -46.57 -121.49
N PRO LA 17 12.57 -47.50 -122.24
CA PRO LA 17 13.37 -48.67 -122.69
C PRO LA 17 14.52 -48.27 -123.59
N ALA LA 18 14.36 -47.22 -124.39
CA ALA LA 18 15.45 -46.76 -125.23
C ALA LA 18 16.61 -46.25 -124.40
N GLU LA 19 16.32 -45.51 -123.33
CA GLU LA 19 17.38 -45.05 -122.44
C GLU LA 19 18.00 -46.21 -121.67
N THR LA 20 17.17 -47.18 -121.26
CA THR LA 20 17.70 -48.34 -120.57
C THR LA 20 18.63 -49.15 -121.46
N SER LA 21 18.28 -49.27 -122.75
CA SER LA 21 19.16 -49.95 -123.69
C SER LA 21 20.46 -49.18 -123.88
N ALA LA 22 20.38 -47.86 -124.04
CA ALA LA 22 21.59 -47.06 -124.18
C ALA LA 22 22.44 -47.12 -122.92
N LEU LA 23 21.80 -47.17 -121.74
CA LEU LA 23 22.55 -47.29 -120.50
C LEU LA 23 23.24 -48.64 -120.38
N GLN LA 24 22.60 -49.71 -120.88
CA GLN LA 24 23.20 -51.03 -120.82
C GLN LA 24 24.46 -51.13 -121.67
N LYS LA 25 24.58 -50.30 -122.71
CA LYS LA 25 25.77 -50.35 -123.54
C LYS LA 25 27.00 -49.86 -122.80
N CYS LA 26 26.81 -49.02 -121.78
CA CYS LA 26 27.92 -48.50 -120.98
C CYS LA 26 28.24 -49.53 -119.91
N GLU LA 27 29.11 -50.47 -120.24
CA GLU LA 27 29.40 -51.61 -119.39
C GLU LA 27 30.74 -51.52 -118.67
N GLY LA 28 31.78 -51.03 -119.33
CA GLY LA 28 33.09 -50.98 -118.71
C GLY LA 28 33.66 -49.58 -118.66
N LYS LA 29 32.81 -48.59 -118.42
CA LYS LA 29 33.24 -47.21 -118.36
C LYS LA 29 33.49 -46.78 -116.92
N ILE LA 30 34.21 -45.67 -116.78
CA ILE LA 30 34.59 -45.16 -115.47
C ILE LA 30 33.63 -44.05 -115.07
N ILE LA 31 33.18 -44.07 -113.82
CA ILE LA 31 32.38 -42.99 -113.26
C ILE LA 31 33.11 -42.45 -112.04
N THR LA 32 32.54 -41.44 -111.39
CA THR LA 32 33.18 -40.83 -110.23
C THR LA 32 32.13 -40.55 -109.17
N PHE LA 33 32.59 -40.43 -107.93
CA PHE LA 33 31.73 -40.18 -106.79
C PHE LA 33 32.34 -39.10 -105.92
N SER LA 34 31.50 -38.22 -105.37
CA SER LA 34 31.98 -37.19 -104.46
C SER LA 34 32.24 -37.78 -103.08
N THR LA 35 31.36 -38.66 -102.61
CA THR LA 35 31.52 -39.32 -101.33
C THR LA 35 31.20 -40.81 -101.51
N LEU LA 36 32.12 -41.66 -101.06
CA LEU LA 36 31.97 -43.09 -101.24
C LEU LA 36 30.95 -43.66 -100.25
N ARG LA 37 30.06 -44.50 -100.75
CA ARG LA 37 29.06 -45.15 -99.93
C ARG LA 37 28.45 -46.30 -100.72
N HIS LA 38 27.86 -47.25 -100.00
CA HIS LA 38 27.30 -48.43 -100.65
C HIS LA 38 26.09 -48.08 -101.50
N ARG LA 39 25.17 -47.27 -100.96
CA ARG LA 39 23.97 -46.86 -101.66
C ARG LA 39 24.10 -45.39 -102.05
N ALA LA 40 23.80 -45.08 -103.31
CA ALA LA 40 23.91 -43.72 -103.81
C ALA LA 40 22.81 -43.49 -104.84
N SER LA 41 22.68 -42.23 -105.26
CA SER LA 41 21.69 -41.80 -106.23
C SER LA 41 22.38 -41.53 -107.56
N LEU LA 42 21.60 -41.00 -108.51
CA LEU LA 42 22.12 -40.69 -109.83
C LEU LA 42 22.47 -39.23 -110.03
N VAL LA 43 22.19 -38.37 -109.04
CA VAL LA 43 22.44 -36.94 -109.22
C VAL LA 43 23.92 -36.64 -109.14
N ASP LA 44 24.69 -37.47 -108.44
CA ASP LA 44 26.13 -37.24 -108.35
C ASP LA 44 26.86 -37.66 -109.62
N ILE LA 45 26.33 -38.66 -110.32
CA ILE LA 45 26.95 -39.08 -111.58
C ILE LA 45 26.63 -38.08 -112.68
N ALA LA 46 25.54 -37.34 -112.53
CA ALA LA 46 25.15 -36.37 -113.54
C ALA LA 46 26.15 -35.22 -113.59
N LEU LA 47 26.18 -34.54 -114.73
CA LEU LA 47 27.07 -33.40 -114.90
C LEU LA 47 26.67 -32.25 -113.98
N SER LA 48 25.41 -32.21 -113.56
CA SER LA 48 24.95 -31.13 -112.69
C SER LA 48 25.72 -31.10 -111.39
N SER LA 49 26.13 -32.27 -110.88
CA SER LA 49 26.92 -32.30 -109.66
C SER LA 49 28.32 -31.74 -109.86
N TYR LA 50 28.76 -31.58 -111.11
CA TYR LA 50 30.06 -30.99 -111.37
C TYR LA 50 30.04 -29.48 -111.27
N TYR LA 51 28.85 -28.87 -111.21
CA TYR LA 51 28.73 -27.41 -111.24
C TYR LA 51 29.52 -26.78 -110.10
N ILE LA 52 30.33 -25.78 -110.44
CA ILE LA 52 31.17 -25.13 -109.43
C ILE LA 52 30.40 -23.97 -108.81
N ASN LA 53 30.07 -22.96 -109.60
CA ASN LA 53 29.32 -21.83 -109.04
C ASN LA 53 27.83 -21.97 -109.28
N GLY LA 54 27.42 -21.93 -110.55
CA GLY LA 54 26.03 -22.17 -110.89
C GLY LA 54 25.87 -22.79 -112.27
N ALA LA 55 26.98 -23.15 -112.90
CA ALA LA 55 26.96 -23.47 -114.32
C ALA LA 55 27.74 -24.75 -114.61
N PRO LA 56 27.63 -25.30 -115.81
CA PRO LA 56 28.51 -26.40 -116.21
C PRO LA 56 29.96 -26.02 -115.98
N PRO LA 57 30.79 -26.98 -115.58
CA PRO LA 57 32.16 -26.67 -115.17
C PRO LA 57 33.07 -26.41 -116.37
N ASP LA 58 34.24 -25.88 -116.06
CA ASP LA 58 35.29 -25.66 -117.04
C ASP LA 58 36.22 -26.88 -117.10
N THR LA 59 37.14 -26.86 -118.07
CA THR LA 59 38.13 -27.93 -118.16
C THR LA 59 39.01 -27.96 -116.92
N LEU LA 60 39.74 -26.88 -116.66
CA LEU LA 60 40.63 -26.83 -115.50
C LEU LA 60 39.88 -27.14 -114.21
N SER LA 61 38.61 -26.75 -114.13
CA SER LA 61 37.79 -27.14 -112.99
C SER LA 61 37.58 -28.64 -112.96
N LEU LA 62 37.37 -29.27 -114.11
CA LEU LA 62 37.23 -30.72 -114.15
C LEU LA 62 38.53 -31.40 -113.74
N LEU LA 63 39.67 -30.80 -114.11
CA LEU LA 63 40.96 -31.36 -113.69
C LEU LA 63 41.07 -31.46 -112.18
N GLU LA 64 40.48 -30.51 -111.45
CA GLU LA 64 40.50 -30.56 -110.00
C GLU LA 64 39.40 -31.43 -109.43
N ALA LA 65 38.25 -31.49 -110.10
CA ALA LA 65 37.19 -32.38 -109.65
C ALA LA 65 37.59 -33.85 -109.76
N TYR LA 66 38.45 -34.17 -110.74
CA TYR LA 66 38.89 -35.55 -110.90
C TYR LA 66 39.81 -35.97 -109.76
N ARG LA 67 40.63 -35.05 -109.26
CA ARG LA 67 41.49 -35.37 -108.14
C ARG LA 67 40.71 -35.49 -106.84
N MET LA 68 39.79 -34.56 -106.59
CA MET LA 68 39.07 -34.55 -105.33
C MET LA 68 38.12 -35.73 -105.21
N ARG LA 69 37.40 -36.04 -106.29
CA ARG LA 69 36.36 -37.07 -106.22
C ARG LA 69 36.97 -38.46 -106.28
N PHE LA 70 36.26 -39.42 -105.70
CA PHE LA 70 36.62 -40.81 -105.82
C PHE LA 70 36.25 -41.34 -107.20
N ALA LA 71 36.87 -42.45 -107.58
CA ALA LA 71 36.64 -43.05 -108.88
C ALA LA 71 36.06 -44.45 -108.71
N ALA LA 72 35.32 -44.88 -109.72
CA ALA LA 72 34.71 -46.21 -109.71
C ALA LA 72 34.57 -46.69 -111.14
N VAL LA 73 34.45 -48.01 -111.29
CA VAL LA 73 34.30 -48.65 -112.59
C VAL LA 73 32.96 -49.36 -112.63
N ILE LA 74 32.28 -49.27 -113.75
CA ILE LA 74 30.97 -49.89 -113.92
C ILE LA 74 31.14 -51.37 -114.25
N THR LA 75 30.25 -52.18 -113.69
CA THR LA 75 30.19 -53.61 -114.02
C THR LA 75 28.78 -53.94 -114.48
N ARG LA 76 28.48 -55.24 -114.59
CA ARG LA 76 27.23 -55.68 -115.20
C ARG LA 76 26.02 -54.96 -114.62
N VAL LA 77 25.13 -54.52 -115.50
CA VAL LA 77 23.94 -53.76 -115.13
C VAL LA 77 22.71 -54.65 -115.31
N ILE LA 78 21.84 -54.66 -114.32
CA ILE LA 78 20.59 -55.39 -114.39
C ILE LA 78 19.50 -54.38 -114.72
N PRO LA 79 18.29 -54.81 -115.12
CA PRO LA 79 17.27 -53.81 -115.49
C PRO LA 79 16.93 -52.83 -114.37
N GLY LA 80 17.21 -53.19 -113.13
CA GLY LA 80 16.88 -52.31 -112.02
C GLY LA 80 18.06 -51.55 -111.44
N LYS LA 81 19.19 -52.23 -111.25
CA LYS LA 81 20.31 -51.65 -110.52
C LYS LA 81 21.54 -51.52 -111.42
N LEU LA 82 22.48 -50.70 -110.98
CA LEU LA 82 23.76 -50.49 -111.65
C LEU LA 82 24.86 -50.72 -110.63
N LEU LA 83 25.49 -51.89 -110.67
CA LEU LA 83 26.58 -52.19 -109.76
C LEU LA 83 27.87 -51.56 -110.29
N ALA LA 84 28.74 -51.17 -109.36
CA ALA LA 84 30.01 -50.55 -109.71
C ALA LA 84 31.02 -50.82 -108.61
N HIS LA 85 32.28 -50.98 -108.99
CA HIS LA 85 33.35 -51.25 -108.04
C HIS LA 85 34.29 -50.06 -107.95
N ALA LA 86 34.89 -49.89 -106.77
CA ALA LA 86 35.82 -48.80 -106.54
C ALA LA 86 37.25 -49.24 -106.82
N ILE LA 87 38.08 -48.28 -107.23
CA ILE LA 87 39.46 -48.54 -107.60
C ILE LA 87 40.44 -47.83 -106.66
N GLY LA 88 40.10 -46.62 -106.22
CA GLY LA 88 41.00 -45.83 -105.40
C GLY LA 88 41.48 -46.49 -104.14
N VAL LA 89 40.56 -46.80 -103.23
CA VAL LA 89 40.93 -47.42 -101.97
C VAL LA 89 41.43 -48.84 -102.22
N GLY LA 90 42.34 -49.29 -101.37
CA GLY LA 90 42.91 -50.62 -101.52
C GLY LA 90 41.91 -51.72 -101.28
N THR LA 91 41.52 -52.43 -102.35
CA THR LA 91 40.57 -53.52 -102.23
C THR LA 91 40.90 -54.58 -103.27
N PRO LA 92 40.76 -55.86 -102.93
CA PRO LA 92 41.03 -56.92 -103.91
C PRO LA 92 39.88 -57.01 -104.91
N THR LA 93 40.22 -56.96 -106.19
CA THR LA 93 39.22 -57.01 -107.25
C THR LA 93 39.70 -57.88 -108.39
N PRO LA 94 39.13 -59.07 -108.57
CA PRO LA 94 39.55 -59.96 -109.65
C PRO LA 94 38.78 -59.73 -110.94
N GLY LA 95 39.47 -59.89 -112.06
CA GLY LA 95 38.86 -59.80 -113.37
C GLY LA 95 38.24 -58.46 -113.67
N LEU LA 96 39.06 -57.42 -113.77
CA LEU LA 96 38.60 -56.07 -114.04
C LEU LA 96 38.91 -55.69 -115.47
N PHE LA 97 37.88 -55.34 -116.23
CA PHE LA 97 38.03 -54.93 -117.61
C PHE LA 97 37.42 -53.54 -117.79
N ILE LA 98 38.08 -52.71 -118.60
CA ILE LA 98 37.59 -51.37 -118.89
C ILE LA 98 37.44 -51.23 -120.39
N GLN LA 99 36.61 -50.26 -120.79
CA GLN LA 99 36.35 -50.00 -122.19
C GLN LA 99 37.15 -48.80 -122.65
N ASN LA 100 37.86 -48.96 -123.77
CA ASN LA 100 38.65 -47.86 -124.31
C ASN LA 100 37.73 -46.76 -124.82
N THR LA 101 37.92 -45.55 -124.29
CA THR LA 101 37.10 -44.41 -124.69
C THR LA 101 37.85 -43.38 -125.52
N SER LA 102 39.17 -43.40 -125.52
CA SER LA 102 39.95 -42.45 -126.28
C SER LA 102 40.04 -42.87 -127.74
N PRO LA 103 40.25 -41.92 -128.65
CA PRO LA 103 40.49 -42.28 -130.05
C PRO LA 103 41.84 -42.91 -130.29
N VAL LA 104 42.70 -42.98 -129.27
CA VAL LA 104 44.05 -43.51 -129.42
C VAL LA 104 44.06 -44.96 -128.97
N ASP LA 105 44.93 -45.76 -129.59
CA ASP LA 105 45.05 -47.17 -129.27
C ASP LA 105 45.95 -47.37 -128.07
N LEU LA 106 45.71 -48.46 -127.34
CA LEU LA 106 46.53 -48.85 -126.21
C LEU LA 106 47.17 -50.19 -126.48
N CYS LA 107 48.28 -50.45 -125.79
CA CYS LA 107 49.00 -51.71 -125.89
C CYS LA 107 49.37 -52.17 -124.49
N ASN LA 108 49.98 -53.35 -124.42
CA ASN LA 108 50.33 -53.93 -123.13
C ASN LA 108 51.36 -53.05 -122.42
N GLY LA 109 51.30 -53.06 -121.10
CA GLY LA 109 52.21 -52.28 -120.29
C GLY LA 109 52.07 -50.79 -120.50
N ASP LA 110 50.87 -50.26 -120.28
CA ASP LA 110 50.59 -48.85 -120.44
C ASP LA 110 49.86 -48.35 -119.21
N TYR LA 111 50.33 -47.25 -118.64
CA TYR LA 111 49.65 -46.63 -117.52
C TYR LA 111 48.50 -45.77 -118.02
N ILE LA 112 47.42 -45.75 -117.26
CA ILE LA 112 46.20 -45.05 -117.62
C ILE LA 112 46.03 -43.84 -116.72
N CYS LA 113 45.67 -42.72 -117.33
CA CYS LA 113 45.38 -41.48 -116.61
C CYS LA 113 43.93 -41.09 -116.86
N LEU LA 114 43.54 -39.91 -116.39
CA LEU LA 114 42.15 -39.47 -116.47
C LEU LA 114 42.13 -37.99 -116.79
N LEU LA 115 41.39 -37.62 -117.84
CA LEU LA 115 41.29 -36.23 -118.24
C LEU LA 115 39.94 -35.98 -118.90
N PRO LA 116 39.43 -34.75 -118.83
CA PRO LA 116 38.15 -34.44 -119.46
C PRO LA 116 38.27 -34.48 -120.98
N PRO LA 117 37.15 -34.62 -121.68
CA PRO LA 117 37.20 -34.68 -123.16
C PRO LA 117 37.63 -33.36 -123.76
N VAL LA 118 38.81 -33.34 -124.34
CA VAL LA 118 39.33 -32.14 -125.02
C VAL LA 118 39.22 -32.25 -126.54
N PHE LA 119 38.80 -33.39 -127.07
CA PHE LA 119 38.57 -33.58 -128.49
C PHE LA 119 37.14 -33.13 -128.80
N GLY LA 120 36.62 -33.51 -129.97
CA GLY LA 120 35.25 -33.21 -130.35
C GLY LA 120 34.22 -33.55 -129.30
N SER LA 121 33.01 -33.00 -129.45
CA SER LA 121 31.95 -33.13 -128.46
C SER LA 121 31.83 -34.56 -127.94
N ALA LA 122 32.01 -34.71 -126.64
CA ALA LA 122 32.03 -36.03 -126.02
C ALA LA 122 30.66 -36.69 -126.13
N ASP LA 123 30.65 -37.95 -126.58
CA ASP LA 123 29.43 -38.72 -126.56
C ASP LA 123 29.07 -39.06 -125.12
N SER LA 124 27.78 -39.12 -124.84
CA SER LA 124 27.31 -39.33 -123.48
C SER LA 124 25.83 -39.68 -123.50
N ILE LA 125 25.41 -40.43 -122.50
CA ILE LA 125 24.01 -40.79 -122.36
C ILE LA 125 23.21 -39.55 -121.99
N ARG LA 126 22.07 -39.37 -122.64
CA ARG LA 126 21.18 -38.25 -122.36
C ARG LA 126 19.86 -38.79 -121.84
N LEU LA 127 19.39 -38.22 -120.73
CA LEU LA 127 18.15 -38.64 -120.08
C LEU LA 127 17.20 -37.46 -120.06
N ASP LA 128 16.20 -37.47 -120.95
CA ASP LA 128 15.25 -36.37 -121.01
C ASP LA 128 14.22 -36.47 -119.89
N SER LA 129 13.66 -37.66 -119.67
CA SER LA 129 12.66 -37.82 -118.62
C SER LA 129 13.24 -37.52 -117.25
N VAL LA 130 14.47 -37.97 -116.98
CA VAL LA 130 15.11 -37.67 -115.71
C VAL LA 130 15.59 -36.22 -115.69
N GLY LA 131 16.03 -35.71 -116.84
CA GLY LA 131 16.46 -34.34 -116.93
C GLY LA 131 17.94 -34.10 -116.72
N LEU LA 132 18.75 -35.16 -116.58
CA LEU LA 132 20.18 -35.01 -116.39
C LEU LA 132 20.93 -35.73 -117.50
N GLU LA 133 22.22 -35.40 -117.61
CA GLU LA 133 23.10 -36.01 -118.60
C GLU LA 133 24.42 -36.36 -117.94
N ILE LA 134 24.79 -37.63 -118.01
CA ILE LA 134 26.05 -38.12 -117.45
C ILE LA 134 27.08 -38.18 -118.56
N VAL LA 135 28.31 -37.77 -118.25
CA VAL LA 135 29.41 -37.74 -119.20
C VAL LA 135 30.53 -38.63 -118.67
N PHE LA 136 31.15 -39.39 -119.57
CA PHE LA 136 32.17 -40.30 -119.08
C PHE LA 136 33.57 -39.76 -119.37
N PRO LA 137 34.48 -39.86 -118.42
CA PRO LA 137 35.83 -39.34 -118.62
C PRO LA 137 36.58 -40.11 -119.68
N LEU LA 138 37.65 -39.48 -120.17
CA LEU LA 138 38.47 -40.04 -121.24
C LEU LA 138 39.77 -40.56 -120.65
N THR LA 139 40.28 -41.66 -121.20
CA THR LA 139 41.46 -42.35 -120.67
C THR LA 139 42.52 -42.45 -121.76
N ILE LA 140 43.68 -41.88 -121.50
CA ILE LA 140 44.81 -41.97 -122.43
C ILE LA 140 46.00 -42.53 -121.68
N PRO LA 141 47.05 -42.96 -122.40
CA PRO LA 141 48.28 -43.36 -121.73
C PRO LA 141 48.97 -42.19 -121.04
N GLN LA 142 50.07 -42.48 -120.36
CA GLN LA 142 50.75 -41.45 -119.56
C GLN LA 142 51.42 -40.41 -120.45
N THR LA 143 52.14 -40.87 -121.48
CA THR LA 143 52.87 -39.94 -122.33
C THR LA 143 51.92 -38.97 -123.04
N LEU LA 144 50.75 -39.46 -123.47
CA LEU LA 144 49.75 -38.57 -124.05
C LEU LA 144 49.27 -37.56 -123.01
N MET LA 145 49.20 -37.97 -121.74
CA MET LA 145 48.71 -37.07 -120.70
C MET LA 145 49.67 -35.91 -120.50
N ARG LA 146 50.97 -36.20 -120.47
CA ARG LA 146 51.95 -35.14 -120.21
C ARG LA 146 52.02 -34.15 -121.36
N GLU LA 147 51.98 -34.65 -122.60
CA GLU LA 147 52.05 -33.76 -123.75
C GLU LA 147 50.83 -32.85 -123.83
N ILE LA 148 49.65 -33.39 -123.52
CA ILE LA 148 48.43 -32.58 -123.57
C ILE LA 148 48.44 -31.52 -122.49
N ILE LA 149 48.80 -31.92 -121.26
CA ILE LA 149 48.80 -30.98 -120.14
C ILE LA 149 49.74 -29.82 -120.41
N ALA LA 150 50.92 -30.11 -120.96
CA ALA LA 150 51.89 -29.06 -121.24
C ALA LA 150 51.33 -28.06 -122.25
N LYS LA 151 50.49 -28.53 -123.18
CA LYS LA 151 49.97 -27.64 -124.20
C LYS LA 151 48.83 -26.78 -123.70
N VAL LA 152 47.98 -27.31 -122.82
CA VAL LA 152 46.83 -26.54 -122.35
C VAL LA 152 47.30 -25.42 -121.42
N VAL LA 153 48.31 -25.69 -120.59
CA VAL LA 153 48.84 -24.65 -119.71
C VAL LA 153 49.58 -23.60 -120.53
N ALA LA 154 50.29 -24.02 -121.57
CA ALA LA 154 50.92 -23.06 -122.46
C ALA LA 154 49.89 -22.14 -123.10
N ARG LA 155 48.77 -22.72 -123.57
CA ARG LA 155 47.68 -21.90 -124.08
C ARG LA 155 47.05 -21.08 -122.95
N ALA LA 156 47.07 -21.59 -121.72
CA ALA LA 156 46.49 -20.87 -120.61
C ALA LA 156 47.23 -19.58 -120.33
N VAL LA 157 48.56 -19.66 -120.17
CA VAL LA 157 49.35 -18.46 -119.92
C VAL LA 157 49.31 -17.54 -121.14
N GLU LA 158 49.04 -18.08 -122.33
CA GLU LA 158 48.92 -17.24 -123.51
C GLU LA 158 47.66 -16.39 -123.45
N ARG LA 159 46.54 -16.99 -123.04
CA ARG LA 159 45.30 -16.23 -122.92
C ARG LA 159 45.42 -15.15 -121.85
N THR LA 160 46.03 -15.48 -120.72
CA THR LA 160 46.21 -14.53 -119.64
C THR LA 160 47.66 -14.06 -119.55
N ASP LA 176 46.42 -26.00 -131.72
CA ASP LA 176 46.97 -27.03 -130.86
C ASP LA 176 46.88 -28.40 -131.51
N VAL LA 177 47.98 -28.84 -132.12
CA VAL LA 177 48.04 -30.11 -132.82
C VAL LA 177 48.95 -31.05 -132.04
N ILE LA 178 48.64 -32.34 -132.09
CA ILE LA 178 49.42 -33.37 -131.40
C ILE LA 178 49.55 -34.57 -132.31
N CYS LA 179 50.79 -34.96 -132.61
CA CYS LA 179 51.08 -36.11 -133.44
C CYS LA 179 51.34 -37.32 -132.56
N TYR LA 180 50.82 -38.48 -132.96
CA TYR LA 180 51.06 -39.72 -132.25
C TYR LA 180 50.77 -40.87 -133.20
N ASN LA 181 51.74 -41.78 -133.33
CA ASN LA 181 51.65 -42.89 -134.29
C ASN LA 181 51.42 -42.38 -135.70
N GLY LA 182 52.04 -41.26 -136.03
CA GLY LA 182 51.89 -40.69 -137.36
C GLY LA 182 50.55 -40.06 -137.65
N ARG LA 183 49.75 -39.78 -136.62
CA ARG LA 183 48.45 -39.16 -136.78
C ARG LA 183 48.38 -37.90 -135.93
N ARG LA 184 47.89 -36.82 -136.52
CA ARG LA 184 47.78 -35.54 -135.83
C ARG LA 184 46.35 -35.34 -135.33
N TYR LA 185 46.22 -34.77 -134.14
CA TYR LA 185 44.94 -34.49 -133.52
C TYR LA 185 44.88 -33.03 -133.09
N GLU LA 186 43.68 -32.47 -133.09
CA GLU LA 186 43.45 -31.09 -132.68
C GLU LA 186 42.69 -31.06 -131.37
N LEU LA 187 43.12 -30.19 -130.46
CA LEU LA 187 42.51 -30.05 -129.14
C LEU LA 187 41.73 -28.75 -129.10
N GLU LA 188 40.48 -28.82 -128.64
CA GLU LA 188 39.67 -27.63 -128.38
C GLU LA 188 39.64 -27.42 -126.87
N THR LA 189 40.41 -26.45 -126.40
CA THR LA 189 40.51 -26.17 -124.98
C THR LA 189 39.42 -25.20 -124.56
N ASN LA 190 38.54 -25.65 -123.67
CA ASN LA 190 37.48 -24.83 -123.11
C ASN LA 190 38.04 -24.09 -121.90
N LEU LA 191 38.10 -22.77 -121.99
CA LEU LA 191 38.72 -21.95 -120.95
C LEU LA 191 37.91 -20.69 -120.71
N GLN LA 192 36.59 -20.84 -120.63
CA GLN LA 192 35.73 -19.68 -120.42
C GLN LA 192 35.77 -19.16 -118.99
N HIS LA 193 36.23 -19.96 -118.03
CA HIS LA 193 36.30 -19.51 -116.65
C HIS LA 193 37.67 -18.91 -116.35
N ARG LA 194 37.77 -18.23 -115.21
CA ARG LA 194 38.99 -17.51 -114.86
C ARG LA 194 39.44 -17.86 -113.44
N ASP LA 195 38.50 -18.24 -112.58
CA ASP LA 195 38.84 -18.57 -111.21
C ASP LA 195 39.66 -19.84 -111.08
N GLY LA 196 39.92 -20.55 -112.18
CA GLY LA 196 40.73 -21.74 -112.12
C GLY LA 196 42.03 -21.60 -112.90
N SER LA 197 42.05 -20.68 -113.86
CA SER LA 197 43.24 -20.50 -114.69
C SER LA 197 44.38 -19.87 -113.90
N ASP LA 198 44.09 -18.98 -112.96
CA ASP LA 198 45.15 -18.34 -112.20
C ASP LA 198 45.78 -19.31 -111.21
N ALA LA 199 45.01 -20.28 -110.72
CA ALA LA 199 45.57 -21.25 -109.77
C ALA LA 199 46.65 -22.11 -110.43
N ALA LA 200 46.47 -22.45 -111.70
CA ALA LA 200 47.48 -23.22 -112.42
C ALA LA 200 48.78 -22.44 -112.55
N ILE LA 201 48.68 -21.11 -112.71
CA ILE LA 201 49.88 -20.29 -112.80
C ILE LA 201 50.58 -20.24 -111.44
N ARG LA 202 49.81 -20.21 -110.35
CA ARG LA 202 50.41 -20.12 -109.02
C ARG LA 202 51.19 -21.38 -108.70
N THR LA 203 50.59 -22.56 -108.94
CA THR LA 203 51.30 -23.80 -108.66
C THR LA 203 52.46 -24.05 -109.61
N LEU LA 204 52.46 -23.39 -110.77
CA LEU LA 204 53.57 -23.58 -111.71
C LEU LA 204 54.81 -22.85 -111.23
N VAL LA 205 54.68 -21.55 -110.94
CA VAL LA 205 55.84 -20.77 -110.51
C VAL LA 205 56.33 -21.24 -109.15
N LEU LA 206 55.43 -21.75 -108.31
CA LEU LA 206 55.85 -22.23 -106.99
C LEU LA 206 56.85 -23.38 -107.10
N ASN LA 207 56.71 -24.22 -108.12
CA ASN LA 207 57.67 -25.30 -108.35
C ASN LA 207 58.95 -24.79 -108.98
N LEU LA 208 58.84 -23.80 -109.87
CA LEU LA 208 60.03 -23.21 -110.47
C LEU LA 208 60.86 -22.46 -109.43
N MET LA 209 60.19 -21.86 -108.44
CA MET LA 209 60.92 -21.09 -107.44
C MET LA 209 61.66 -22.00 -106.47
N PHE LA 210 61.11 -23.17 -106.19
CA PHE LA 210 61.75 -24.11 -105.26
C PHE LA 210 62.80 -24.98 -105.93
N SER LA 211 62.97 -24.86 -107.25
CA SER LA 211 64.03 -25.55 -107.97
C SER LA 211 65.26 -24.69 -108.16
N ILE LA 212 65.43 -23.67 -107.32
CA ILE LA 212 66.56 -22.75 -107.40
C ILE LA 212 67.32 -22.82 -106.09
N ASN LA 213 68.53 -23.38 -106.13
CA ASN LA 213 69.39 -23.45 -104.96
C ASN LA 213 70.70 -22.75 -105.29
N GLU LA 214 71.62 -22.77 -104.32
CA GLU LA 214 72.95 -22.21 -104.54
C GLU LA 214 73.70 -22.94 -105.64
N GLY LA 215 73.21 -24.11 -106.05
CA GLY LA 215 73.90 -24.98 -106.99
C GLY LA 215 73.74 -24.66 -108.46
N CYS LA 216 72.69 -23.94 -108.88
CA CYS LA 216 72.51 -23.66 -110.31
C CYS LA 216 73.76 -23.06 -110.94
N LEU LA 217 74.44 -22.18 -110.21
CA LEU LA 217 75.58 -21.46 -110.76
C LEU LA 217 76.63 -22.42 -111.33
N LEU LA 218 76.80 -23.58 -110.71
CA LEU LA 218 77.71 -24.58 -111.26
C LEU LA 218 77.21 -25.08 -112.61
N LEU LA 219 75.98 -25.60 -112.65
CA LEU LA 219 75.43 -26.08 -113.91
C LEU LA 219 75.30 -24.95 -114.92
N LEU LA 220 75.10 -23.71 -114.46
CA LEU LA 220 75.03 -22.59 -115.36
C LEU LA 220 76.39 -22.21 -115.94
N ALA LA 221 77.48 -22.61 -115.30
CA ALA LA 221 78.82 -22.30 -115.77
C ALA LA 221 79.36 -23.35 -116.73
N LEU LA 222 78.57 -24.37 -117.05
CA LEU LA 222 79.00 -25.43 -117.95
C LEU LA 222 78.49 -25.24 -119.37
N ILE LA 223 77.66 -24.24 -119.62
CA ILE LA 223 77.07 -24.05 -120.94
C ILE LA 223 78.11 -23.95 -122.04
N PRO LA 224 79.24 -23.23 -121.88
CA PRO LA 224 80.25 -23.21 -122.95
C PRO LA 224 80.70 -24.59 -123.36
N THR LA 225 81.20 -25.38 -122.40
CA THR LA 225 81.65 -26.73 -122.70
C THR LA 225 80.51 -27.63 -123.14
N LEU LA 226 79.26 -27.29 -122.78
CA LEU LA 226 78.12 -28.13 -123.18
C LEU LA 226 78.00 -28.20 -124.69
N LEU LA 227 77.94 -27.05 -125.36
CA LEU LA 227 77.74 -27.06 -126.80
C LEU LA 227 78.98 -27.55 -127.53
N VAL LA 228 80.16 -27.42 -126.93
CA VAL LA 228 81.34 -28.07 -127.48
C VAL LA 228 81.14 -29.57 -127.51
N GLN LA 229 80.60 -30.13 -126.43
CA GLN LA 229 80.18 -31.52 -126.46
C GLN LA 229 79.00 -31.72 -127.39
N GLY LA 230 78.25 -30.66 -127.66
CA GLY LA 230 77.19 -30.74 -128.66
C GLY LA 230 77.75 -30.98 -130.04
N ALA LA 231 78.91 -30.41 -130.34
CA ALA LA 231 79.60 -30.65 -131.60
C ALA LA 231 80.54 -31.84 -131.47
N HIS LA 232 80.89 -32.42 -132.61
CA HIS LA 232 81.85 -33.52 -132.74
C HIS LA 232 81.57 -34.68 -131.79
N ASP LA 233 80.33 -34.79 -131.30
CA ASP LA 233 79.93 -35.95 -130.50
C ASP LA 233 78.66 -36.60 -131.01
N GLY LA 234 77.69 -35.82 -131.46
CA GLY LA 234 76.51 -36.37 -132.10
C GLY LA 234 75.44 -36.91 -131.17
N TYR LA 235 75.23 -36.28 -130.04
CA TYR LA 235 74.01 -36.58 -129.32
C TYR LA 235 73.24 -35.34 -128.88
N VAL LA 236 73.96 -34.27 -128.53
CA VAL LA 236 73.35 -33.10 -127.91
C VAL LA 236 72.72 -32.18 -128.94
N ASN LA 237 72.79 -32.53 -130.23
CA ASN LA 237 72.37 -31.61 -131.28
C ASN LA 237 70.90 -31.24 -131.15
N LEU LA 238 70.01 -32.24 -131.31
CA LEU LA 238 68.58 -31.93 -131.24
C LEU LA 238 68.18 -31.49 -129.84
N LEU LA 239 68.85 -32.02 -128.81
CA LEU LA 239 68.59 -31.57 -127.45
C LEU LA 239 68.86 -30.07 -127.33
N ILE LA 240 69.95 -29.60 -127.92
CA ILE LA 240 70.16 -28.16 -128.01
C ILE LA 240 69.11 -27.52 -128.91
N GLN LA 241 68.66 -28.24 -129.93
CA GLN LA 241 67.66 -27.68 -130.84
C GLN LA 241 66.30 -27.55 -130.16
N THR LA 242 65.87 -28.59 -129.45
CA THR LA 242 64.54 -28.54 -128.84
C THR LA 242 64.50 -27.52 -127.71
N ALA LA 243 65.62 -27.30 -127.05
CA ALA LA 243 65.70 -26.26 -126.04
C ALA LA 243 66.02 -24.93 -126.68
N ASN LA 244 65.59 -23.85 -126.04
CA ASN LA 244 65.81 -22.51 -126.57
C ASN LA 244 66.58 -21.61 -125.62
N CYS LA 245 66.28 -21.65 -124.32
CA CYS LA 245 66.91 -20.73 -123.39
C CYS LA 245 68.41 -21.02 -123.26
N VAL LA 246 68.79 -22.29 -123.23
CA VAL LA 246 70.20 -22.63 -123.07
C VAL LA 246 70.97 -22.34 -124.34
N ARG LA 247 70.36 -22.57 -125.51
CA ARG LA 247 71.04 -22.32 -126.77
C ARG LA 247 71.07 -20.85 -127.15
N GLU LA 248 70.38 -20.00 -126.40
CA GLU LA 248 70.50 -18.55 -126.56
C GLU LA 248 71.39 -17.91 -125.51
N THR LA 249 71.38 -18.44 -124.29
CA THR LA 249 72.25 -17.94 -123.23
C THR LA 249 73.70 -18.29 -123.47
N GLY LA 250 73.98 -19.37 -124.20
CA GLY LA 250 75.35 -19.83 -124.36
C GLY LA 250 76.23 -18.86 -125.12
N GLN LA 251 75.63 -17.98 -125.92
CA GLN LA 251 76.38 -17.04 -126.74
C GLN LA 251 75.97 -15.58 -126.46
N LEU LA 252 75.43 -15.32 -125.27
CA LEU LA 252 74.98 -13.97 -124.95
C LEU LA 252 75.35 -13.48 -123.55
N ILE LA 253 75.78 -14.36 -122.64
CA ILE LA 253 76.08 -13.96 -121.27
C ILE LA 253 77.50 -14.41 -120.92
N ASN LA 254 78.07 -13.75 -119.91
CA ASN LA 254 79.45 -13.99 -119.51
C ASN LA 254 79.59 -14.96 -118.34
N ILE LA 255 78.64 -14.97 -117.41
CA ILE LA 255 78.63 -15.91 -116.28
C ILE LA 255 79.92 -15.75 -115.46
N PRO LA 256 80.01 -14.73 -114.62
CA PRO LA 256 81.20 -14.54 -113.77
C PRO LA 256 81.71 -15.85 -113.19
N PRO LA 257 83.05 -15.99 -113.09
CA PRO LA 257 83.64 -17.33 -112.98
C PRO LA 257 83.21 -18.19 -111.79
N MET LA 258 83.52 -17.75 -110.56
CA MET LA 258 83.28 -18.65 -109.43
C MET LA 258 83.46 -17.98 -108.07
N PRO LA 259 82.53 -18.22 -107.14
CA PRO LA 259 82.79 -17.93 -105.72
C PRO LA 259 83.34 -19.16 -105.01
N ARG LA 260 83.51 -19.06 -103.69
CA ARG LA 260 83.92 -20.20 -102.88
C ARG LA 260 82.74 -20.70 -102.05
N ILE LA 261 83.00 -21.69 -101.19
CA ILE LA 261 81.99 -22.31 -100.35
C ILE LA 261 82.21 -21.89 -98.92
N GLN LA 262 81.10 -21.68 -98.19
CA GLN LA 262 81.20 -21.30 -96.79
C GLN LA 262 81.90 -22.37 -95.97
N ASP LA 263 81.30 -23.56 -95.89
CA ASP LA 263 81.91 -24.72 -95.25
C ASP LA 263 82.10 -25.77 -96.33
N GLY LA 264 83.21 -25.67 -97.07
CA GLY LA 264 83.50 -26.61 -98.11
C GLY LA 264 84.33 -27.80 -97.69
N HIS LA 265 84.80 -27.81 -96.45
CA HIS LA 265 85.64 -28.89 -95.96
C HIS LA 265 84.84 -30.14 -95.64
N ARG LA 266 83.53 -30.03 -95.46
CA ARG LA 266 82.71 -31.19 -95.13
C ARG LA 266 81.36 -31.20 -95.81
N ARG LA 267 81.07 -30.22 -96.69
CA ARG LA 267 79.77 -30.11 -97.31
C ARG LA 267 79.88 -30.22 -98.82
N PHE LA 268 78.84 -30.74 -99.44
CA PHE LA 268 78.80 -30.97 -100.88
C PHE LA 268 77.64 -30.18 -101.49
N PRO LA 269 77.90 -29.05 -102.14
CA PRO LA 269 76.82 -28.12 -102.46
C PRO LA 269 76.01 -28.49 -103.70
N ILE LA 270 76.53 -29.32 -104.59
CA ILE LA 270 75.81 -29.65 -105.81
C ILE LA 270 74.96 -30.89 -105.56
N TYR LA 271 74.90 -31.32 -104.31
CA TYR LA 271 74.08 -32.48 -103.95
C TYR LA 271 72.61 -32.08 -103.82
N GLU LA 272 72.33 -31.02 -103.08
CA GLU LA 272 70.95 -30.61 -102.85
C GLU LA 272 70.26 -30.24 -104.14
N THR LA 273 70.95 -29.54 -105.04
CA THR LA 273 70.32 -29.09 -106.28
C THR LA 273 69.97 -30.26 -107.20
N ILE LA 274 70.76 -31.33 -107.16
CA ILE LA 274 70.44 -32.48 -107.99
C ILE LA 274 69.46 -33.40 -107.27
N SER LA 275 69.43 -33.33 -105.93
CA SER LA 275 68.50 -34.17 -105.17
C SER LA 275 67.15 -33.50 -105.00
N SER LA 276 67.13 -32.22 -104.60
CA SER LA 276 65.88 -31.53 -104.40
C SER LA 276 65.07 -31.44 -105.69
N TRP LA 277 65.75 -31.32 -106.83
CA TRP LA 277 65.03 -31.22 -108.09
C TRP LA 277 64.22 -32.48 -108.38
N ILE LA 278 64.70 -33.63 -107.93
CA ILE LA 278 64.01 -34.90 -108.23
C ILE LA 278 62.60 -34.88 -107.66
N SER LA 279 62.44 -34.43 -106.42
CA SER LA 279 61.12 -34.41 -105.81
C SER LA 279 60.19 -33.44 -106.51
N THR LA 280 60.73 -32.34 -107.05
CA THR LA 280 59.89 -31.39 -107.77
C THR LA 280 59.36 -31.99 -109.07
N SER LA 281 60.25 -32.57 -109.88
CA SER LA 281 59.84 -33.14 -111.15
C SER LA 281 58.80 -34.24 -110.97
N SER LA 282 59.00 -35.09 -109.96
CA SER LA 282 58.00 -36.12 -109.68
C SER LA 282 56.68 -35.52 -109.24
N ARG LA 283 56.72 -34.41 -108.50
CA ARG LA 283 55.50 -33.76 -108.05
C ARG LA 283 54.85 -32.95 -109.16
N LEU LA 284 55.65 -32.44 -110.09
CA LEU LA 284 55.12 -31.55 -111.12
C LEU LA 284 54.11 -32.27 -112.01
N GLY LA 285 54.41 -33.49 -112.42
CA GLY LA 285 53.52 -34.20 -113.32
C GLY LA 285 52.18 -34.52 -112.69
N ASP LA 286 52.11 -34.57 -111.37
CA ASP LA 286 50.88 -34.91 -110.69
C ASP LA 286 50.02 -33.69 -110.35
N THR LA 287 50.64 -32.65 -109.80
CA THR LA 287 49.88 -31.47 -109.38
C THR LA 287 49.31 -30.72 -110.58
N LEU LA 288 49.96 -30.81 -111.73
CA LEU LA 288 49.46 -30.11 -112.92
C LEU LA 288 48.20 -30.77 -113.46
N GLY LA 289 48.14 -32.10 -113.39
CA GLY LA 289 47.00 -32.82 -113.91
C GLY LA 289 46.56 -33.98 -113.04
N THR LA 290 46.44 -35.16 -113.64
CA THR LA 290 46.02 -36.36 -112.94
C THR LA 290 47.18 -37.35 -112.83
N ARG LA 291 47.09 -38.22 -111.83
CA ARG LA 291 48.08 -39.25 -111.58
C ARG LA 291 47.71 -40.54 -112.30
N ALA LA 292 48.67 -41.46 -112.35
CA ALA LA 292 48.41 -42.77 -112.93
C ALA LA 292 47.46 -43.55 -112.03
N ILE LA 293 46.50 -44.23 -112.65
CA ILE LA 293 45.44 -44.87 -111.88
C ILE LA 293 45.38 -46.37 -112.14
N LEU LA 294 45.84 -46.81 -113.32
CA LEU LA 294 45.67 -48.20 -113.70
C LEU LA 294 46.82 -48.63 -114.61
N ARG LA 295 46.97 -49.94 -114.74
CA ARG LA 295 47.91 -50.55 -115.67
C ARG LA 295 47.17 -51.61 -116.47
N VAL LA 296 47.30 -51.55 -117.79
CA VAL LA 296 46.64 -52.51 -118.67
C VAL LA 296 47.57 -53.69 -118.90
N CYS LA 297 47.05 -54.90 -118.67
CA CYS LA 297 47.83 -56.12 -118.88
C CYS LA 297 46.83 -57.24 -119.12
N VAL LA 298 46.66 -57.64 -120.38
CA VAL LA 298 45.66 -58.62 -120.77
C VAL LA 298 46.31 -59.98 -120.87
N PHE LA 299 45.58 -61.00 -120.43
CA PHE LA 299 46.00 -62.39 -120.55
C PHE LA 299 45.19 -63.08 -121.64
N ASP LA 300 45.88 -63.85 -122.49
CA ASP LA 300 45.24 -64.53 -123.61
C ASP LA 300 44.50 -63.54 -124.51
N GLY LA 301 45.09 -62.37 -124.70
CA GLY LA 301 44.47 -61.32 -125.48
C GLY LA 301 45.40 -60.75 -126.53
N PRO LA 302 44.89 -59.81 -127.32
CA PRO LA 302 45.72 -59.19 -128.35
C PRO LA 302 46.74 -58.23 -127.74
N SER LA 303 47.79 -57.96 -128.51
CA SER LA 303 48.82 -57.04 -128.04
C SER LA 303 48.32 -55.60 -128.04
N THR LA 304 47.53 -55.22 -129.04
CA THR LA 304 47.02 -53.87 -129.18
C THR LA 304 45.50 -53.91 -129.24
N VAL LA 305 44.87 -52.98 -128.51
CA VAL LA 305 43.42 -52.87 -128.45
C VAL LA 305 42.99 -51.69 -129.30
N HIS LA 306 41.91 -51.86 -130.05
CA HIS LA 306 41.36 -50.81 -130.89
C HIS LA 306 40.26 -50.08 -130.13
N PRO LA 307 39.90 -48.86 -130.56
CA PRO LA 307 38.91 -48.08 -129.82
C PRO LA 307 37.56 -48.78 -129.79
N GLY LA 308 36.98 -48.85 -128.59
CA GLY LA 308 35.70 -49.47 -128.38
C GLY LA 308 35.77 -50.86 -127.76
N ASP LA 309 36.95 -51.47 -127.76
CA ASP LA 309 37.10 -52.81 -127.21
C ASP LA 309 37.46 -52.73 -125.72
N ARG LA 310 37.39 -53.88 -125.06
CA ARG LA 310 37.62 -53.98 -123.62
C ARG LA 310 38.91 -54.74 -123.35
N THR LA 311 39.65 -54.29 -122.33
CA THR LA 311 40.90 -54.90 -121.92
C THR LA 311 40.89 -55.19 -120.43
N ALA LA 312 41.48 -56.30 -120.04
CA ALA LA 312 41.63 -56.62 -118.62
C ALA LA 312 42.81 -55.84 -118.05
N VAL LA 313 42.55 -55.05 -117.01
CA VAL LA 313 43.56 -54.17 -116.45
C VAL LA 313 43.82 -54.54 -114.99
N ILE LA 314 44.91 -54.01 -114.47
CA ILE LA 314 45.34 -54.27 -113.09
C ILE LA 314 45.19 -52.99 -112.30
N GLN LA 315 44.77 -53.11 -111.04
CA GLN LA 315 44.80 -51.97 -110.14
C GLN LA 315 46.24 -51.57 -109.89
N VAL LA 316 46.51 -50.27 -109.96
CA VAL LA 316 47.88 -49.78 -109.81
C VAL LA 316 48.38 -50.02 -108.40
N PRO MA 4 46.52 -69.28 -107.77
CA PRO MA 4 47.80 -68.58 -107.90
C PRO MA 4 48.43 -68.76 -109.28
N PHE MA 5 48.91 -67.65 -109.85
CA PHE MA 5 49.55 -67.66 -111.15
C PHE MA 5 51.04 -67.94 -110.98
N GLU MA 6 51.58 -68.82 -111.83
CA GLU MA 6 53.00 -69.13 -111.82
C GLU MA 6 53.49 -69.25 -113.25
N ILE MA 7 54.74 -68.86 -113.46
CA ILE MA 7 55.38 -68.87 -114.78
C ILE MA 7 56.44 -69.96 -114.76
N GLU MA 8 56.55 -70.68 -115.87
CA GLU MA 8 57.59 -71.67 -116.05
C GLU MA 8 58.55 -71.20 -117.12
N VAL MA 9 59.85 -71.21 -116.81
CA VAL MA 9 60.89 -70.89 -117.78
C VAL MA 9 61.50 -72.20 -118.25
N LEU MA 10 61.27 -72.54 -119.50
CA LEU MA 10 61.74 -73.82 -120.04
C LEU MA 10 63.26 -73.84 -120.06
N LEU MA 11 63.84 -74.77 -119.29
CA LEU MA 11 65.28 -74.92 -119.30
C LEU MA 11 65.73 -75.51 -120.63
N PRO MA 12 66.91 -75.13 -121.12
CA PRO MA 12 67.37 -75.65 -122.40
C PRO MA 12 68.01 -77.02 -122.24
N GLY MA 13 68.15 -77.71 -123.36
CA GLY MA 13 68.82 -79.00 -123.37
C GLY MA 13 70.33 -78.85 -123.37
N GLU MA 14 71.00 -80.00 -123.38
CA GLU MA 14 72.46 -80.13 -123.48
C GLU MA 14 73.20 -79.16 -122.56
N LEU MA 15 72.61 -78.79 -121.42
CA LEU MA 15 73.25 -77.85 -120.52
C LEU MA 15 74.47 -78.48 -119.87
N SER MA 16 75.59 -77.76 -119.90
CA SER MA 16 76.80 -78.23 -119.25
C SER MA 16 76.60 -78.26 -117.73
N PRO MA 17 77.26 -79.18 -117.04
CA PRO MA 17 77.01 -79.33 -115.59
C PRO MA 17 77.38 -78.09 -114.79
N ALA MA 18 78.48 -77.42 -115.14
CA ALA MA 18 78.86 -76.21 -114.41
C ALA MA 18 77.86 -75.09 -114.62
N GLU MA 19 77.18 -75.08 -115.76
CA GLU MA 19 76.20 -74.03 -116.04
C GLU MA 19 74.89 -74.29 -115.30
N THR MA 20 74.37 -75.52 -115.41
CA THR MA 20 73.12 -75.83 -114.74
C THR MA 20 73.28 -75.84 -113.22
N SER MA 21 74.50 -76.08 -112.73
CA SER MA 21 74.74 -76.01 -111.29
C SER MA 21 74.63 -74.58 -110.79
N ALA MA 22 75.34 -73.66 -111.44
CA ALA MA 22 75.32 -72.26 -111.02
C ALA MA 22 73.94 -71.64 -111.15
N LEU MA 23 73.07 -72.21 -111.99
CA LEU MA 23 71.68 -71.75 -112.02
C LEU MA 23 70.95 -72.11 -110.73
N GLN MA 24 71.34 -73.21 -110.09
CA GLN MA 24 70.71 -73.59 -108.83
C GLN MA 24 71.17 -72.69 -107.69
N LYS MA 25 72.33 -72.04 -107.84
CA LYS MA 25 72.81 -71.16 -106.79
C LYS MA 25 71.95 -69.92 -106.63
N CYS MA 26 71.30 -69.49 -107.71
CA CYS MA 26 70.42 -68.33 -107.68
C CYS MA 26 68.97 -68.83 -107.68
N GLU MA 27 68.42 -69.00 -106.48
CA GLU MA 27 67.08 -69.52 -106.31
C GLU MA 27 66.09 -68.43 -105.89
N GLY MA 28 66.48 -67.53 -104.99
CA GLY MA 28 65.61 -66.47 -104.55
C GLY MA 28 65.85 -65.18 -105.28
N LYS MA 29 66.07 -65.25 -106.59
CA LYS MA 29 66.36 -64.09 -107.41
C LYS MA 29 65.16 -63.76 -108.28
N ILE MA 30 64.98 -62.48 -108.55
CA ILE MA 30 63.82 -62.00 -109.29
C ILE MA 30 64.19 -61.80 -110.75
N ILE MA 31 63.28 -62.17 -111.64
CA ILE MA 31 63.43 -61.96 -113.07
C ILE MA 31 62.27 -61.07 -113.54
N THR MA 32 62.28 -60.75 -114.83
CA THR MA 32 61.29 -59.83 -115.37
C THR MA 32 60.82 -60.32 -116.72
N PHE MA 33 59.50 -60.28 -116.93
CA PHE MA 33 58.85 -60.83 -118.12
C PHE MA 33 58.19 -59.72 -118.91
N SER MA 34 58.49 -59.66 -120.22
CA SER MA 34 57.84 -58.69 -121.08
C SER MA 34 56.33 -58.87 -121.08
N THR MA 35 55.86 -60.04 -121.52
CA THR MA 35 54.46 -60.40 -121.46
C THR MA 35 54.30 -61.63 -120.58
N LEU MA 36 53.13 -61.75 -119.96
CA LEU MA 36 52.88 -62.82 -118.99
C LEU MA 36 52.29 -64.03 -119.69
N ARG MA 37 52.85 -65.21 -119.39
CA ARG MA 37 52.36 -66.45 -119.97
C ARG MA 37 52.83 -67.62 -119.12
N HIS MA 38 52.09 -68.72 -119.21
CA HIS MA 38 52.45 -69.90 -118.43
C HIS MA 38 53.70 -70.58 -118.96
N ARG MA 39 53.97 -70.44 -120.25
CA ARG MA 39 55.15 -71.02 -120.88
C ARG MA 39 55.94 -69.92 -121.57
N ALA MA 40 57.26 -69.98 -121.45
CA ALA MA 40 58.11 -68.97 -122.07
C ALA MA 40 59.47 -69.58 -122.36
N SER MA 41 60.22 -68.89 -123.22
CA SER MA 41 61.57 -69.28 -123.59
C SER MA 41 62.57 -68.61 -122.66
N LEU MA 42 63.84 -68.66 -123.06
CA LEU MA 42 64.91 -68.04 -122.27
C LEU MA 42 65.30 -66.66 -122.78
N VAL MA 43 65.04 -66.36 -124.06
CA VAL MA 43 65.53 -65.11 -124.63
C VAL MA 43 64.92 -63.91 -123.91
N ASP MA 44 63.68 -64.04 -123.45
CA ASP MA 44 63.04 -62.93 -122.76
C ASP MA 44 63.71 -62.64 -121.42
N ILE MA 45 64.28 -63.66 -120.78
CA ILE MA 45 64.96 -63.44 -119.51
C ILE MA 45 66.36 -62.92 -119.74
N ALA MA 46 66.97 -63.30 -120.87
CA ALA MA 46 68.33 -62.87 -121.16
C ALA MA 46 68.36 -61.38 -121.54
N LEU MA 47 69.57 -60.82 -121.49
CA LEU MA 47 69.74 -59.43 -121.85
C LEU MA 47 69.50 -59.18 -123.33
N SER MA 48 69.56 -60.22 -124.16
CA SER MA 48 69.36 -60.05 -125.60
C SER MA 48 68.00 -59.43 -125.91
N SER MA 49 66.96 -59.89 -125.22
CA SER MA 49 65.64 -59.28 -125.39
C SER MA 49 65.55 -57.91 -124.74
N TYR MA 50 66.55 -57.50 -123.97
CA TYR MA 50 66.46 -56.27 -123.20
C TYR MA 50 67.04 -55.07 -123.91
N TYR MA 51 67.99 -55.25 -124.83
CA TYR MA 51 68.62 -54.10 -125.47
C TYR MA 51 67.70 -53.49 -126.50
N ILE MA 52 67.91 -52.21 -126.77
CA ILE MA 52 67.06 -51.43 -127.66
C ILE MA 52 67.94 -50.78 -128.72
N ASN MA 53 67.38 -50.66 -129.94
CA ASN MA 53 68.09 -50.07 -131.08
C ASN MA 53 69.36 -50.84 -131.41
N GLY MA 54 69.38 -52.14 -131.10
CA GLY MA 54 70.53 -52.99 -131.33
C GLY MA 54 71.60 -52.89 -130.26
N ALA MA 55 71.93 -51.67 -129.86
CA ALA MA 55 72.95 -51.45 -128.84
C ALA MA 55 72.47 -51.91 -127.47
N PRO MA 56 73.39 -52.30 -126.59
CA PRO MA 56 73.01 -52.69 -125.23
C PRO MA 56 72.28 -51.56 -124.53
N PRO MA 57 71.43 -51.88 -123.57
CA PRO MA 57 70.59 -50.84 -122.96
C PRO MA 57 71.37 -49.95 -122.01
N ASP MA 58 70.88 -48.73 -121.88
CA ASP MA 58 71.43 -47.77 -120.92
C ASP MA 58 70.58 -47.75 -119.66
N THR MA 59 71.02 -46.97 -118.67
CA THR MA 59 70.30 -46.89 -117.41
C THR MA 59 68.89 -46.33 -117.61
N LEU MA 60 68.75 -45.35 -118.51
CA LEU MA 60 67.42 -44.81 -118.79
C LEU MA 60 66.52 -45.89 -119.36
N SER MA 61 66.98 -46.61 -120.37
CA SER MA 61 66.24 -47.75 -120.87
C SER MA 61 66.07 -48.82 -119.79
N LEU MA 62 67.06 -48.95 -118.90
CA LEU MA 62 66.91 -49.89 -117.80
C LEU MA 62 65.81 -49.45 -116.85
N LEU MA 63 65.84 -48.19 -116.43
CA LEU MA 63 64.81 -47.69 -115.51
C LEU MA 63 63.44 -47.70 -116.16
N GLU MA 64 63.36 -47.29 -117.43
CA GLU MA 64 62.08 -47.28 -118.13
C GLU MA 64 61.51 -48.68 -118.26
N ALA MA 65 62.33 -49.62 -118.76
CA ALA MA 65 61.84 -50.98 -118.98
C ALA MA 65 61.42 -51.64 -117.67
N TYR MA 66 62.06 -51.29 -116.56
CA TYR MA 66 61.66 -51.86 -115.27
C TYR MA 66 60.23 -51.48 -114.93
N ARG MA 67 59.75 -50.35 -115.44
CA ARG MA 67 58.37 -49.95 -115.19
C ARG MA 67 57.41 -50.64 -116.14
N MET MA 68 57.67 -50.59 -117.44
CA MET MA 68 56.77 -51.19 -118.41
C MET MA 68 56.77 -52.71 -118.31
N ARG MA 69 57.92 -53.31 -118.07
CA ARG MA 69 58.01 -54.76 -117.98
C ARG MA 69 57.59 -55.23 -116.60
N PHE MA 70 57.05 -56.45 -116.55
CA PHE MA 70 56.55 -57.04 -115.31
C PHE MA 70 57.63 -57.88 -114.65
N ALA MA 71 57.48 -58.09 -113.35
CA ALA MA 71 58.47 -58.77 -112.55
C ALA MA 71 57.96 -60.12 -112.05
N ALA MA 72 58.90 -61.03 -111.80
CA ALA MA 72 58.58 -62.34 -111.23
C ALA MA 72 59.79 -62.84 -110.46
N VAL MA 73 59.55 -63.78 -109.56
CA VAL MA 73 60.58 -64.30 -108.67
C VAL MA 73 60.73 -65.79 -108.90
N ILE MA 74 61.98 -66.25 -108.93
CA ILE MA 74 62.26 -67.68 -109.03
C ILE MA 74 62.03 -68.35 -107.69
N THR MA 75 61.50 -69.57 -107.72
CA THR MA 75 61.19 -70.31 -106.50
C THR MA 75 62.07 -71.54 -106.32
N ARG MA 76 62.11 -72.43 -107.31
CA ARG MA 76 62.93 -73.63 -107.23
C ARG MA 76 63.40 -74.01 -108.62
N VAL MA 77 64.39 -74.90 -108.67
CA VAL MA 77 65.03 -75.31 -109.90
C VAL MA 77 64.99 -76.82 -110.00
N ILE MA 78 64.65 -77.31 -111.19
CA ILE MA 78 64.62 -78.75 -111.48
C ILE MA 78 65.66 -78.98 -112.57
N PRO MA 79 66.40 -80.10 -112.57
CA PRO MA 79 67.45 -80.31 -113.56
C PRO MA 79 67.03 -80.10 -115.01
N GLY MA 80 65.73 -80.19 -115.29
CA GLY MA 80 65.25 -79.92 -116.64
C GLY MA 80 64.06 -78.98 -116.68
N LYS MA 81 63.79 -78.32 -115.56
CA LYS MA 81 62.60 -77.49 -115.43
C LYS MA 81 62.90 -76.30 -114.52
N LEU MA 82 62.36 -75.15 -114.87
CA LEU MA 82 62.54 -73.94 -114.06
C LEU MA 82 61.23 -73.19 -114.02
N LEU MA 83 60.73 -72.95 -112.80
CA LEU MA 83 59.46 -72.26 -112.60
C LEU MA 83 59.71 -70.94 -111.87
N ALA MA 84 58.66 -70.14 -111.78
CA ALA MA 84 58.73 -68.85 -111.11
C ALA MA 84 57.33 -68.46 -110.67
N HIS MA 85 57.26 -67.42 -109.84
CA HIS MA 85 56.00 -66.87 -109.36
C HIS MA 85 55.95 -65.38 -109.66
N ALA MA 86 54.75 -64.88 -109.94
CA ALA MA 86 54.59 -63.50 -110.35
C ALA MA 86 54.24 -62.60 -109.18
N ILE MA 87 54.64 -61.33 -109.29
CA ILE MA 87 54.28 -60.30 -108.33
C ILE MA 87 53.23 -59.36 -108.89
N GLY MA 88 52.40 -59.84 -109.82
CA GLY MA 88 51.51 -59.00 -110.57
C GLY MA 88 50.13 -58.83 -110.01
N VAL MA 89 49.14 -59.47 -110.65
CA VAL MA 89 47.75 -59.09 -110.50
C VAL MA 89 47.25 -59.31 -109.08
N GLY MA 90 47.08 -60.57 -108.70
CA GLY MA 90 46.50 -60.90 -107.41
C GLY MA 90 47.06 -62.18 -106.82
N THR MA 91 48.14 -62.68 -107.40
CA THR MA 91 48.65 -63.99 -107.03
C THR MA 91 48.94 -64.07 -105.53
N PRO MA 92 48.28 -64.96 -104.80
CA PRO MA 92 48.59 -65.18 -103.38
C PRO MA 92 49.74 -66.16 -103.20
N THR MA 93 50.94 -65.69 -103.48
CA THR MA 93 52.14 -66.52 -103.39
C THR MA 93 52.44 -66.86 -101.94
N PRO MA 94 52.39 -68.12 -101.55
CA PRO MA 94 52.67 -68.48 -100.15
C PRO MA 94 54.15 -68.72 -99.89
N GLY MA 95 54.60 -68.28 -98.72
CA GLY MA 95 55.99 -68.46 -98.32
C GLY MA 95 56.97 -67.83 -99.29
N LEU MA 96 56.71 -66.58 -99.67
CA LEU MA 96 57.55 -65.89 -100.64
C LEU MA 96 58.83 -65.43 -99.97
N PHE MA 97 59.97 -65.88 -100.49
CA PHE MA 97 61.28 -65.51 -100.00
C PHE MA 97 62.14 -64.99 -101.14
N ILE MA 98 63.03 -64.04 -100.83
CA ILE MA 98 63.91 -63.45 -101.81
C ILE MA 98 65.32 -63.35 -101.24
N GLN MA 99 66.30 -63.23 -102.13
CA GLN MA 99 67.69 -63.13 -101.75
C GLN MA 99 68.17 -61.70 -101.91
N ASN MA 100 69.05 -61.27 -101.02
CA ASN MA 100 69.61 -59.92 -101.05
C ASN MA 100 70.70 -59.84 -102.11
N THR MA 101 70.53 -58.93 -103.07
CA THR MA 101 71.51 -58.72 -104.13
C THR MA 101 72.28 -57.43 -103.97
N SER MA 102 72.06 -56.69 -102.89
CA SER MA 102 72.75 -55.43 -102.70
C SER MA 102 73.73 -55.51 -101.54
N PRO MA 103 74.80 -54.71 -101.56
CA PRO MA 103 75.77 -54.73 -100.45
C PRO MA 103 75.24 -54.16 -99.15
N VAL MA 104 74.10 -53.49 -99.17
CA VAL MA 104 73.54 -52.86 -97.97
C VAL MA 104 72.59 -53.84 -97.31
N ASP MA 105 72.67 -53.92 -95.98
CA ASP MA 105 71.80 -54.82 -95.23
C ASP MA 105 70.35 -54.33 -95.27
N LEU MA 106 69.45 -55.24 -94.91
CA LEU MA 106 68.04 -54.93 -94.78
C LEU MA 106 67.56 -55.31 -93.38
N CYS MA 107 66.45 -54.70 -92.97
CA CYS MA 107 65.86 -54.96 -91.67
C CYS MA 107 64.37 -55.18 -91.84
N ASN MA 108 63.70 -55.50 -90.75
CA ASN MA 108 62.24 -55.69 -90.79
C ASN MA 108 61.56 -54.36 -91.08
N GLY MA 109 60.35 -54.45 -91.65
CA GLY MA 109 59.60 -53.26 -91.97
C GLY MA 109 60.24 -52.38 -93.02
N ASP MA 110 61.13 -52.93 -93.84
CA ASP MA 110 61.76 -52.19 -94.92
C ASP MA 110 61.06 -52.55 -96.23
N TYR MA 111 60.84 -51.55 -97.07
CA TYR MA 111 60.21 -51.79 -98.36
C TYR MA 111 61.26 -52.04 -99.43
N ILE MA 112 60.87 -52.80 -100.44
CA ILE MA 112 61.79 -53.27 -101.47
C ILE MA 112 61.51 -52.54 -102.77
N CYS MA 113 62.56 -51.99 -103.37
CA CYS MA 113 62.46 -51.37 -104.69
C CYS MA 113 63.69 -51.75 -105.50
N LEU MA 114 63.60 -51.55 -106.81
CA LEU MA 114 64.57 -52.11 -107.74
C LEU MA 114 65.45 -51.02 -108.35
N LEU MA 115 66.65 -51.41 -108.75
CA LEU MA 115 67.61 -50.52 -109.40
C LEU MA 115 68.53 -51.36 -110.28
N PRO MA 116 69.01 -50.80 -111.38
CA PRO MA 116 70.09 -51.43 -112.13
C PRO MA 116 71.40 -51.29 -111.38
N PRO MA 117 72.36 -52.20 -111.59
CA PRO MA 117 73.63 -52.14 -110.87
C PRO MA 117 74.46 -50.94 -111.31
N VAL MA 118 74.72 -50.03 -110.36
CA VAL MA 118 75.47 -48.81 -110.66
C VAL MA 118 76.78 -48.79 -109.90
N PHE MA 119 76.78 -49.33 -108.68
CA PHE MA 119 77.96 -49.27 -107.82
C PHE MA 119 79.15 -49.95 -108.49
N GLY MA 120 79.06 -51.27 -108.68
CA GLY MA 120 80.16 -52.01 -109.26
C GLY MA 120 79.74 -52.80 -110.48
N SER MA 121 80.61 -53.70 -110.93
CA SER MA 121 80.29 -54.54 -112.08
C SER MA 121 79.13 -55.47 -111.75
N ALA MA 122 78.24 -55.67 -112.72
CA ALA MA 122 77.08 -56.50 -112.52
C ALA MA 122 77.48 -57.98 -112.49
N ASP MA 123 77.31 -58.61 -111.33
CA ASP MA 123 77.53 -60.05 -111.22
C ASP MA 123 76.28 -60.77 -111.70
N SER MA 124 76.48 -61.70 -112.64
CA SER MA 124 75.35 -62.40 -113.26
C SER MA 124 75.88 -63.67 -113.90
N ILE MA 125 74.96 -64.58 -114.19
CA ILE MA 125 75.31 -65.84 -114.82
C ILE MA 125 75.47 -65.63 -116.31
N ARG MA 126 76.43 -66.34 -116.90
CA ARG MA 126 76.72 -66.24 -118.33
C ARG MA 126 76.75 -67.64 -118.91
N LEU MA 127 75.89 -67.90 -119.89
CA LEU MA 127 75.81 -69.21 -120.55
C LEU MA 127 76.47 -69.08 -121.91
N ASP MA 128 77.76 -69.42 -121.98
CA ASP MA 128 78.48 -69.35 -123.25
C ASP MA 128 78.07 -70.48 -124.19
N SER MA 129 77.64 -71.62 -123.65
CA SER MA 129 77.23 -72.73 -124.50
C SER MA 129 76.03 -72.34 -125.36
N VAL MA 130 75.04 -71.68 -124.76
CA VAL MA 130 73.89 -71.20 -125.51
C VAL MA 130 74.12 -69.80 -126.09
N GLY MA 131 74.96 -68.99 -125.45
CA GLY MA 131 75.29 -67.68 -125.98
C GLY MA 131 74.55 -66.52 -125.34
N LEU MA 132 73.86 -66.75 -124.22
CA LEU MA 132 73.12 -65.71 -123.54
C LEU MA 132 73.54 -65.62 -122.08
N GLU MA 133 73.18 -64.51 -121.45
CA GLU MA 133 73.46 -64.26 -120.05
C GLU MA 133 72.24 -63.64 -119.40
N ILE MA 134 72.09 -63.84 -118.09
CA ILE MA 134 70.91 -63.42 -117.34
C ILE MA 134 71.36 -62.48 -116.24
N VAL MA 135 70.98 -61.22 -116.34
CA VAL MA 135 71.34 -60.19 -115.37
C VAL MA 135 70.18 -60.00 -114.40
N PHE MA 136 70.49 -59.90 -113.11
CA PHE MA 136 69.49 -59.73 -112.08
C PHE MA 136 69.51 -58.31 -111.55
N PRO MA 137 68.35 -57.69 -111.37
CA PRO MA 137 68.33 -56.31 -110.87
C PRO MA 137 68.67 -56.24 -109.39
N LEU MA 138 69.21 -55.09 -108.98
CA LEU MA 138 69.61 -54.85 -107.61
C LEU MA 138 68.44 -54.29 -106.81
N THR MA 139 68.37 -54.68 -105.55
CA THR MA 139 67.27 -54.31 -104.66
C THR MA 139 67.79 -53.66 -103.40
N ILE MA 140 67.23 -52.52 -103.02
CA ILE MA 140 67.59 -51.81 -101.79
C ILE MA 140 66.33 -51.24 -101.16
N PRO MA 141 66.38 -50.78 -99.91
CA PRO MA 141 65.21 -50.12 -99.31
C PRO MA 141 64.88 -48.83 -100.04
N GLN MA 142 63.67 -48.34 -99.78
CA GLN MA 142 63.20 -47.12 -100.43
C GLN MA 142 63.91 -45.88 -99.90
N THR MA 143 64.10 -45.81 -98.58
CA THR MA 143 64.68 -44.61 -97.96
C THR MA 143 66.10 -44.35 -98.41
N LEU MA 144 66.73 -45.28 -99.10
CA LEU MA 144 68.10 -45.09 -99.60
C LEU MA 144 68.15 -44.80 -101.09
N MET MA 145 67.10 -45.13 -101.83
CA MET MA 145 67.16 -45.06 -103.29
C MET MA 145 67.42 -43.64 -103.77
N ARG MA 146 66.61 -42.68 -103.30
CA ARG MA 146 66.74 -41.31 -103.78
C ARG MA 146 68.14 -40.75 -103.52
N GLU MA 147 68.75 -41.17 -102.42
CA GLU MA 147 70.10 -40.69 -102.10
C GLU MA 147 71.14 -41.34 -103.00
N ILE MA 148 70.91 -42.58 -103.43
CA ILE MA 148 71.85 -43.26 -104.31
C ILE MA 148 71.91 -42.55 -105.65
N ILE MA 149 70.74 -42.33 -106.27
CA ILE MA 149 70.71 -41.72 -107.60
C ILE MA 149 71.28 -40.32 -107.57
N ALA MA 150 70.99 -39.57 -106.51
CA ALA MA 150 71.47 -38.19 -106.42
C ALA MA 150 72.98 -38.15 -106.29
N LYS MA 151 73.57 -39.15 -105.63
CA LYS MA 151 75.01 -39.14 -105.43
C LYS MA 151 75.78 -39.55 -106.67
N VAL MA 152 75.30 -40.57 -107.40
CA VAL MA 152 76.03 -41.05 -108.55
C VAL MA 152 76.01 -40.02 -109.68
N VAL MA 153 74.91 -39.29 -109.81
CA VAL MA 153 74.86 -38.23 -110.81
C VAL MA 153 75.72 -37.06 -110.37
N ALA MA 154 75.73 -36.74 -109.08
CA ALA MA 154 76.60 -35.69 -108.58
C ALA MA 154 78.07 -36.07 -108.74
N ARG MA 155 78.39 -37.36 -108.60
CA ARG MA 155 79.75 -37.80 -108.82
C ARG MA 155 80.13 -37.68 -110.29
N ALA MA 156 79.19 -37.89 -111.20
CA ALA MA 156 79.51 -37.82 -112.61
C ALA MA 156 79.62 -36.38 -113.09
N VAL MA 157 78.80 -35.49 -112.56
CA VAL MA 157 78.87 -34.10 -113.00
C VAL MA 157 80.10 -33.42 -112.44
N GLU MA 158 80.54 -33.80 -111.24
CA GLU MA 158 81.78 -33.25 -110.71
C GLU MA 158 82.99 -33.71 -111.49
N ARG MA 159 82.91 -34.86 -112.18
CA ARG MA 159 84.00 -35.31 -113.01
C ARG MA 159 84.11 -34.49 -114.28
N THR MA 160 82.97 -34.23 -114.94
CA THR MA 160 82.98 -33.38 -116.12
C THR MA 160 83.46 -31.97 -115.76
N ALA MA 161 83.04 -31.47 -114.59
CA ALA MA 161 83.45 -30.13 -114.18
C ALA MA 161 84.96 -30.06 -114.03
N ALA MA 162 85.57 -31.05 -113.38
CA ALA MA 162 87.02 -31.08 -113.25
C ALA MA 162 87.69 -31.16 -114.61
N GLY MA 163 87.12 -31.93 -115.53
CA GLY MA 163 87.68 -32.02 -116.87
C GLY MA 163 87.39 -30.81 -117.72
N ALA MA 164 86.24 -30.16 -117.51
CA ALA MA 164 85.90 -28.98 -118.31
C ALA MA 164 86.67 -27.76 -117.84
N GLN MA 165 86.65 -27.48 -116.54
CA GLN MA 165 87.37 -26.33 -116.00
C GLN MA 165 88.86 -26.47 -116.27
N ILE MA 166 89.50 -25.35 -116.65
CA ILE MA 166 90.94 -25.36 -116.89
C ILE MA 166 91.67 -25.72 -115.61
N LEU MA 167 91.19 -25.23 -114.47
CA LEU MA 167 91.75 -25.55 -113.17
C LEU MA 167 90.73 -26.33 -112.35
N PRO MA 168 91.13 -27.46 -111.77
CA PRO MA 168 90.20 -28.22 -110.93
C PRO MA 168 90.06 -27.59 -109.55
N HIS MA 169 88.83 -27.64 -109.03
CA HIS MA 169 88.51 -27.09 -107.72
C HIS MA 169 88.56 -28.16 -106.65
N GLU MA 170 89.56 -29.05 -106.77
CA GLU MA 170 89.71 -30.31 -106.05
C GLU MA 170 89.35 -30.27 -104.56
N VAL MA 171 89.67 -29.17 -103.87
CA VAL MA 171 89.51 -29.07 -102.42
C VAL MA 171 88.13 -29.59 -102.01
N LEU MA 172 88.12 -30.55 -101.09
CA LEU MA 172 86.93 -31.36 -100.87
C LEU MA 172 86.93 -31.89 -99.43
N ARG MA 173 85.99 -32.79 -99.18
CA ARG MA 173 85.78 -33.38 -97.86
C ARG MA 173 86.30 -34.81 -97.74
N GLY MA 174 86.79 -35.40 -98.83
CA GLY MA 174 87.28 -36.76 -98.78
C GLY MA 174 86.63 -37.67 -99.80
N ALA MA 175 85.87 -38.66 -99.33
CA ALA MA 175 85.23 -39.63 -100.20
C ALA MA 175 83.75 -39.76 -99.83
N ASP MA 176 82.91 -39.88 -100.86
CA ASP MA 176 81.49 -40.06 -100.63
C ASP MA 176 81.21 -41.44 -100.05
N VAL MA 177 80.49 -41.47 -98.93
CA VAL MA 177 80.21 -42.71 -98.22
C VAL MA 177 78.74 -42.72 -97.83
N ILE MA 178 78.04 -43.78 -98.19
CA ILE MA 178 76.66 -44.00 -97.78
C ILE MA 178 76.65 -44.92 -96.57
N CYS MA 179 75.77 -44.64 -95.62
CA CYS MA 179 75.71 -45.37 -94.37
C CYS MA 179 74.30 -45.89 -94.13
N TYR MA 180 74.21 -47.12 -93.64
CA TYR MA 180 72.93 -47.73 -93.30
C TYR MA 180 73.16 -48.83 -92.29
N ASN MA 181 72.42 -48.80 -91.19
CA ASN MA 181 72.56 -49.75 -90.10
C ASN MA 181 73.98 -49.74 -89.54
N GLY MA 182 74.56 -48.54 -89.46
CA GLY MA 182 75.90 -48.41 -88.91
C GLY MA 182 76.98 -49.06 -89.73
N ARG MA 183 76.84 -49.07 -91.05
CA ARG MA 183 77.82 -49.68 -91.94
C ARG MA 183 78.11 -48.71 -93.08
N ARG MA 184 79.38 -48.33 -93.22
CA ARG MA 184 79.82 -47.44 -94.28
C ARG MA 184 80.15 -48.26 -95.52
N TYR MA 185 79.61 -47.87 -96.67
CA TYR MA 185 79.84 -48.65 -97.88
C TYR MA 185 81.10 -48.21 -98.61
N GLU MA 186 81.33 -46.90 -98.69
CA GLU MA 186 82.55 -46.33 -99.29
C GLU MA 186 82.71 -46.77 -100.74
N LEU MA 187 81.82 -46.25 -101.58
CA LEU MA 187 81.83 -46.53 -103.00
C LEU MA 187 82.90 -45.71 -103.73
N GLU MA 188 83.53 -46.33 -104.73
CA GLU MA 188 84.40 -45.64 -105.70
C GLU MA 188 85.55 -44.92 -105.02
N THR MA 189 86.46 -45.72 -104.47
CA THR MA 189 87.67 -45.20 -103.83
C THR MA 189 88.46 -44.32 -104.81
N ASN MA 190 88.89 -44.91 -105.92
CA ASN MA 190 89.88 -44.28 -106.78
C ASN MA 190 89.24 -43.34 -107.80
N LEU MA 191 90.04 -42.40 -108.28
CA LEU MA 191 89.60 -41.50 -109.35
C LEU MA 191 89.65 -42.20 -110.70
N GLN MA 192 90.67 -43.03 -110.93
CA GLN MA 192 90.81 -43.75 -112.18
C GLN MA 192 89.81 -44.90 -112.23
N HIS MA 193 89.95 -45.76 -113.24
CA HIS MA 193 89.03 -46.89 -113.45
C HIS MA 193 87.62 -46.39 -113.69
N ARG MA 194 87.47 -45.61 -114.77
CA ARG MA 194 86.17 -45.09 -115.18
C ARG MA 194 85.37 -46.20 -115.86
N ASP MA 195 84.93 -47.16 -115.04
CA ASP MA 195 84.20 -48.31 -115.55
C ASP MA 195 82.84 -47.90 -116.09
N GLY MA 196 82.06 -47.19 -115.28
CA GLY MA 196 80.73 -46.76 -115.69
C GLY MA 196 80.54 -45.26 -115.58
N SER MA 197 81.64 -44.50 -115.55
CA SER MA 197 81.55 -43.05 -115.49
C SER MA 197 80.74 -42.52 -116.66
N ASP MA 198 81.20 -42.75 -117.89
CA ASP MA 198 80.38 -42.59 -119.08
C ASP MA 198 80.41 -43.93 -119.81
N ALA MA 199 79.60 -44.86 -119.33
CA ALA MA 199 79.32 -46.11 -120.03
C ALA MA 199 77.84 -46.42 -120.09
N ALA MA 200 77.10 -46.15 -119.01
CA ALA MA 200 75.68 -46.42 -118.97
C ALA MA 200 74.93 -45.20 -118.44
N ILE MA 201 75.58 -44.43 -117.58
CA ILE MA 201 75.01 -43.20 -117.05
C ILE MA 201 75.44 -41.98 -117.88
N ARG MA 202 75.98 -42.22 -119.08
CA ARG MA 202 76.39 -41.13 -119.95
C ARG MA 202 75.19 -40.24 -120.30
N THR MA 203 74.17 -40.84 -120.91
CA THR MA 203 72.97 -40.09 -121.26
C THR MA 203 72.13 -39.69 -120.05
N LEU MA 204 72.40 -40.29 -118.89
CA LEU MA 204 71.64 -39.93 -117.69
C LEU MA 204 71.95 -38.51 -117.26
N VAL MA 205 73.22 -38.20 -117.03
CA VAL MA 205 73.60 -36.87 -116.55
C VAL MA 205 73.31 -35.81 -117.59
N LEU MA 206 73.17 -36.21 -118.86
CA LEU MA 206 72.89 -35.26 -119.92
C LEU MA 206 71.49 -34.68 -119.78
N ASN MA 207 70.48 -35.55 -119.72
CA ASN MA 207 69.10 -35.08 -119.63
C ASN MA 207 68.85 -34.37 -118.30
N LEU MA 208 69.52 -34.82 -117.23
CA LEU MA 208 69.25 -34.27 -115.91
C LEU MA 208 69.87 -32.88 -115.75
N MET MA 209 71.05 -32.66 -116.32
CA MET MA 209 71.68 -31.35 -116.20
C MET MA 209 71.01 -30.31 -117.08
N PHE MA 210 70.45 -30.73 -118.22
CA PHE MA 210 69.85 -29.77 -119.14
C PHE MA 210 68.49 -29.30 -118.66
N SER MA 211 67.70 -30.20 -118.08
CA SER MA 211 66.41 -29.80 -117.53
C SER MA 211 66.59 -28.82 -116.38
N ILE MA 212 67.55 -29.10 -115.50
CA ILE MA 212 67.81 -28.20 -114.39
C ILE MA 212 68.37 -26.87 -114.90
N ASN MA 213 69.24 -26.92 -115.92
CA ASN MA 213 69.70 -25.70 -116.55
C ASN MA 213 68.53 -24.91 -117.12
N GLU MA 214 67.72 -25.56 -117.95
CA GLU MA 214 66.51 -24.93 -118.46
C GLU MA 214 65.55 -24.54 -117.34
N GLY MA 215 65.57 -25.26 -116.22
CA GLY MA 215 64.66 -24.97 -115.13
C GLY MA 215 64.88 -23.62 -114.49
N CYS MA 216 66.00 -23.47 -113.75
CA CYS MA 216 66.30 -22.23 -113.06
C CYS MA 216 66.93 -21.18 -113.96
N LEU MA 217 66.74 -21.30 -115.27
CA LEU MA 217 66.99 -20.22 -116.21
C LEU MA 217 65.69 -19.60 -116.72
N LEU MA 218 64.70 -20.45 -117.00
CA LEU MA 218 63.42 -19.96 -117.49
C LEU MA 218 62.79 -18.98 -116.51
N LEU MA 219 62.92 -19.25 -115.21
CA LEU MA 219 62.43 -18.30 -114.21
C LEU MA 219 63.24 -17.01 -114.24
N LEU MA 220 64.56 -17.12 -114.31
CA LEU MA 220 65.40 -15.94 -114.35
C LEU MA 220 65.17 -15.12 -115.62
N ALA MA 221 64.53 -15.70 -116.63
CA ALA MA 221 64.30 -15.02 -117.90
C ALA MA 221 62.83 -14.65 -118.10
N LEU MA 222 61.99 -14.88 -117.10
CA LEU MA 222 60.59 -14.50 -117.20
C LEU MA 222 60.27 -13.34 -116.26
N ILE MA 223 60.64 -13.44 -114.99
CA ILE MA 223 60.48 -12.33 -114.06
C ILE MA 223 61.87 -11.82 -113.68
N PRO MA 224 62.29 -10.66 -114.15
CA PRO MA 224 63.61 -10.13 -113.78
C PRO MA 224 63.66 -9.43 -112.44
N THR MA 225 62.63 -9.54 -111.60
CA THR MA 225 62.58 -8.86 -110.32
C THR MA 225 62.94 -9.78 -109.16
N LEU MA 226 63.31 -11.04 -109.44
CA LEU MA 226 63.67 -11.96 -108.38
C LEU MA 226 64.87 -11.47 -107.59
N LEU MA 227 65.87 -10.94 -108.28
CA LEU MA 227 67.07 -10.42 -107.63
C LEU MA 227 67.18 -8.92 -107.88
N VAL MA 228 67.27 -8.16 -106.80
CA VAL MA 228 67.35 -6.71 -106.89
C VAL MA 228 68.80 -6.27 -107.11
N ARG MA 267 60.01 -13.74 -133.36
CA ARG MA 267 61.43 -13.68 -133.03
C ARG MA 267 61.76 -14.62 -131.87
N PHE MA 268 60.91 -14.60 -130.84
CA PHE MA 268 61.09 -15.46 -129.67
C PHE MA 268 59.74 -16.10 -129.34
N PRO MA 269 59.65 -17.42 -129.27
CA PRO MA 269 58.35 -18.07 -129.01
C PRO MA 269 57.80 -17.74 -127.63
N ILE MA 270 58.60 -17.98 -126.60
CA ILE MA 270 58.29 -17.72 -125.19
C ILE MA 270 57.16 -18.58 -124.66
N TYR MA 271 56.56 -19.45 -125.46
CA TYR MA 271 55.52 -20.34 -124.99
C TYR MA 271 55.84 -21.78 -125.36
N GLU MA 272 56.38 -21.98 -126.55
CA GLU MA 272 56.79 -23.31 -126.97
C GLU MA 272 57.92 -23.84 -126.08
N THR MA 273 58.74 -22.94 -125.56
CA THR MA 273 59.76 -23.36 -124.59
C THR MA 273 59.12 -23.82 -123.31
N ILE MA 274 58.02 -23.18 -122.90
CA ILE MA 274 57.34 -23.58 -121.67
C ILE MA 274 56.71 -24.96 -121.83
N SER MA 275 56.00 -25.18 -122.94
CA SER MA 275 55.37 -26.47 -123.17
C SER MA 275 56.39 -27.59 -123.29
N SER MA 276 57.56 -27.29 -123.85
CA SER MA 276 58.60 -28.31 -123.98
C SER MA 276 59.21 -28.64 -122.62
N TRP MA 277 59.49 -27.62 -121.81
CA TRP MA 277 60.07 -27.86 -120.50
C TRP MA 277 59.11 -28.66 -119.61
N ILE MA 278 57.82 -28.33 -119.66
CA ILE MA 278 56.84 -29.04 -118.83
C ILE MA 278 56.74 -30.49 -119.26
N SER MA 279 56.70 -30.74 -120.58
CA SER MA 279 56.60 -32.11 -121.06
C SER MA 279 57.82 -32.92 -120.66
N THR MA 280 59.01 -32.32 -120.74
CA THR MA 280 60.22 -33.04 -120.38
C THR MA 280 60.31 -33.29 -118.89
N SER MA 281 60.12 -32.24 -118.09
CA SER MA 281 60.24 -32.37 -116.64
C SER MA 281 59.23 -33.38 -116.08
N SER MA 282 58.07 -33.49 -116.72
CA SER MA 282 57.08 -34.46 -116.28
C SER MA 282 57.52 -35.88 -116.63
N ARG MA 283 58.01 -36.07 -117.86
CA ARG MA 283 58.45 -37.40 -118.27
C ARG MA 283 59.67 -37.85 -117.48
N LEU MA 284 60.64 -36.95 -117.29
CA LEU MA 284 61.84 -37.31 -116.54
C LEU MA 284 61.50 -37.66 -115.10
N GLY MA 285 60.58 -36.91 -114.49
CA GLY MA 285 60.16 -37.24 -113.14
C GLY MA 285 59.41 -38.54 -113.05
N ASP MA 286 58.65 -38.88 -114.10
CA ASP MA 286 57.94 -40.15 -114.10
C ASP MA 286 58.91 -41.33 -114.19
N THR MA 287 59.97 -41.18 -114.98
CA THR MA 287 60.96 -42.24 -115.10
C THR MA 287 61.69 -42.46 -113.77
N LEU MA 288 62.26 -41.38 -113.23
CA LEU MA 288 62.97 -41.46 -111.95
C LEU MA 288 61.94 -41.40 -110.82
N GLY MA 289 61.15 -42.47 -110.73
CA GLY MA 289 60.14 -42.60 -109.71
C GLY MA 289 60.55 -43.54 -108.59
N THR MA 290 59.77 -43.51 -107.51
CA THR MA 290 60.01 -44.39 -106.37
C THR MA 290 58.72 -45.13 -106.08
N ARG MA 291 58.72 -46.44 -106.28
CA ARG MA 291 57.54 -47.26 -106.04
C ARG MA 291 57.96 -48.56 -105.37
N ALA MA 292 57.47 -48.78 -104.15
CA ALA MA 292 57.80 -50.01 -103.42
C ALA MA 292 57.10 -51.20 -104.07
N ILE MA 293 57.83 -52.32 -104.14
CA ILE MA 293 57.30 -53.53 -104.75
C ILE MA 293 57.08 -54.64 -103.73
N LEU MA 294 57.85 -54.68 -102.64
CA LEU MA 294 57.69 -55.72 -101.63
C LEU MA 294 57.99 -55.11 -100.27
N ARG MA 295 57.68 -55.87 -99.22
CA ARG MA 295 57.94 -55.47 -97.85
C ARG MA 295 58.52 -56.66 -97.10
N VAL MA 296 59.63 -56.43 -96.40
CA VAL MA 296 60.33 -57.49 -95.70
C VAL MA 296 59.58 -57.76 -94.39
N CYS MA 297 58.87 -58.88 -94.33
CA CYS MA 297 58.11 -59.29 -93.16
C CYS MA 297 58.73 -60.58 -92.62
N VAL MA 298 59.45 -60.47 -91.51
CA VAL MA 298 60.19 -61.59 -90.95
C VAL MA 298 59.49 -62.07 -89.68
N PHE MA 299 59.20 -63.37 -89.63
CA PHE MA 299 58.57 -64.00 -88.49
C PHE MA 299 59.49 -65.09 -87.97
N ASP MA 300 59.68 -65.12 -86.65
CA ASP MA 300 60.60 -66.04 -85.95
C ASP MA 300 61.94 -66.18 -86.67
N GLY MA 301 62.47 -65.10 -87.23
CA GLY MA 301 63.75 -65.12 -87.90
C GLY MA 301 64.64 -63.97 -87.50
N PRO MA 302 65.87 -63.96 -88.00
CA PRO MA 302 66.77 -62.83 -87.71
C PRO MA 302 66.30 -61.57 -88.41
N SER MA 303 66.29 -60.47 -87.64
CA SER MA 303 65.82 -59.19 -88.18
C SER MA 303 66.72 -58.72 -89.33
N THR MA 304 67.99 -58.47 -89.04
CA THR MA 304 68.91 -57.98 -90.05
C THR MA 304 69.38 -59.12 -90.95
N VAL MA 305 69.41 -58.85 -92.25
CA VAL MA 305 69.92 -59.80 -93.23
C VAL MA 305 71.12 -59.17 -93.92
N HIS MA 306 72.13 -59.99 -94.19
CA HIS MA 306 73.34 -59.56 -94.85
C HIS MA 306 73.28 -59.91 -96.32
N PRO MA 307 74.11 -59.26 -97.16
CA PRO MA 307 74.11 -59.60 -98.59
C PRO MA 307 74.42 -61.08 -98.81
N GLY MA 308 73.52 -61.75 -99.50
CA GLY MA 308 73.61 -63.18 -99.73
C GLY MA 308 72.58 -64.01 -99.00
N ASP MA 309 72.08 -63.50 -97.87
CA ASP MA 309 71.07 -64.23 -97.11
C ASP MA 309 69.71 -64.06 -97.76
N ARG MA 310 68.87 -65.08 -97.60
CA ARG MA 310 67.49 -65.03 -98.06
C ARG MA 310 66.55 -64.76 -96.90
N THR MA 311 65.39 -64.19 -97.20
CA THR MA 311 64.42 -63.84 -96.18
C THR MA 311 63.03 -63.82 -96.79
N ALA MA 312 62.03 -64.07 -95.95
CA ALA MA 312 60.65 -64.09 -96.39
C ALA MA 312 60.09 -62.68 -96.48
N VAL MA 313 59.40 -62.38 -97.57
CA VAL MA 313 58.81 -61.06 -97.80
C VAL MA 313 57.33 -61.23 -98.08
N ILE MA 314 56.59 -60.15 -97.86
CA ILE MA 314 55.15 -60.11 -98.07
C ILE MA 314 54.86 -59.25 -99.29
N GLN MA 315 53.82 -59.61 -100.04
CA GLN MA 315 53.43 -58.84 -101.22
C GLN MA 315 52.73 -57.55 -100.77
N VAL MA 316 53.29 -56.41 -101.15
CA VAL MA 316 52.72 -55.13 -100.76
C VAL MA 316 51.42 -54.90 -101.51
N THR NA 118 43.98 -63.93 -93.32
CA THR NA 118 43.61 -62.65 -93.95
C THR NA 118 44.54 -61.51 -93.52
N THR NA 119 45.26 -61.71 -92.42
CA THR NA 119 46.20 -60.71 -91.92
C THR NA 119 47.56 -61.36 -91.68
N GLN NA 120 48.58 -60.51 -91.56
CA GLN NA 120 49.94 -60.98 -91.37
C GLN NA 120 50.55 -60.31 -90.15
N LEU NA 121 51.59 -60.93 -89.60
CA LEU NA 121 52.20 -60.49 -88.36
C LEU NA 121 53.69 -60.28 -88.54
N ILE NA 122 54.27 -59.46 -87.66
CA ILE NA 122 55.67 -59.12 -87.68
C ILE NA 122 56.21 -59.27 -86.26
N GLN NA 123 57.31 -59.99 -86.10
CA GLN NA 123 57.98 -60.15 -84.82
C GLN NA 123 59.32 -59.44 -84.82
N GLN NA 124 59.75 -59.01 -83.63
CA GLN NA 124 61.04 -58.38 -83.46
C GLN NA 124 61.37 -58.28 -81.98
N VAL NA 125 62.61 -58.60 -81.63
CA VAL NA 125 63.07 -58.43 -80.25
C VAL NA 125 63.85 -57.13 -80.13
N SER NA 126 63.74 -56.48 -78.98
CA SER NA 126 64.41 -55.21 -78.78
C SER NA 126 64.51 -54.91 -77.29
N LEU NA 127 65.27 -53.85 -76.98
CA LEU NA 127 65.44 -53.38 -75.61
C LEU NA 127 64.19 -52.60 -75.21
N THR NA 128 63.88 -52.61 -73.91
CA THR NA 128 62.65 -52.04 -73.42
C THR NA 128 62.83 -50.68 -72.76
N ASP NA 129 63.74 -49.84 -73.28
CA ASP NA 129 63.95 -48.54 -72.66
C ASP NA 129 63.04 -47.46 -73.24
N PHE NA 130 62.48 -47.71 -74.43
CA PHE NA 130 61.54 -46.79 -75.05
C PHE NA 130 60.14 -47.37 -75.15
N PHE NA 131 60.01 -48.68 -75.01
CA PHE NA 131 58.73 -49.38 -75.14
C PHE NA 131 58.59 -50.39 -74.01
N ARG NA 132 57.40 -50.45 -73.42
CA ARG NA 132 57.10 -51.40 -72.35
C ARG NA 132 55.82 -52.14 -72.72
N PRO NA 133 55.93 -53.35 -73.26
CA PRO NA 133 54.72 -54.07 -73.69
C PRO NA 133 53.88 -54.55 -72.52
N ASP NA 134 54.36 -54.32 -71.30
CA ASP NA 134 53.60 -54.68 -70.11
C ASP NA 134 52.49 -53.67 -69.83
N ILE NA 135 52.82 -52.38 -69.82
CA ILE NA 135 51.84 -51.36 -69.48
C ILE NA 135 51.04 -50.91 -70.70
N GLU NA 136 51.67 -50.83 -71.87
CA GLU NA 136 50.99 -50.37 -73.06
C GLU NA 136 49.78 -51.25 -73.36
N HIS NA 137 48.66 -50.64 -73.67
CA HIS NA 137 47.44 -51.38 -73.97
C HIS NA 137 47.58 -52.13 -75.29
N ALA NA 138 46.88 -53.25 -75.40
CA ALA NA 138 46.85 -53.99 -76.65
C ALA NA 138 46.08 -53.22 -77.71
N GLY NA 139 46.73 -52.98 -78.84
CA GLY NA 139 46.12 -52.25 -79.92
C GLY NA 139 46.67 -50.85 -80.13
N SER NA 140 47.67 -50.45 -79.36
CA SER NA 140 48.30 -49.15 -79.53
C SER NA 140 49.30 -49.19 -80.68
N ILE NA 141 49.65 -48.01 -81.17
CA ILE NA 141 50.59 -47.90 -82.29
C ILE NA 141 52.02 -48.02 -81.78
N VAL NA 142 52.85 -48.75 -82.52
CA VAL NA 142 54.27 -48.89 -82.20
C VAL NA 142 55.08 -48.54 -83.44
N LEU NA 143 56.11 -47.72 -83.23
CA LEU NA 143 56.99 -47.29 -84.30
C LEU NA 143 58.39 -47.82 -84.02
N ILE NA 144 59.22 -47.84 -85.07
CA ILE NA 144 60.60 -48.30 -84.96
C ILE NA 144 61.52 -47.17 -85.42
N LEU NA 145 62.80 -47.32 -85.09
CA LEU NA 145 63.80 -46.32 -85.39
C LEU NA 145 64.93 -46.92 -86.20
N ARG NA 146 65.54 -46.09 -87.05
CA ARG NA 146 66.72 -46.50 -87.78
C ARG NA 146 67.95 -46.45 -86.88
N HIS NA 147 69.06 -46.97 -87.39
CA HIS NA 147 70.30 -46.95 -86.63
C HIS NA 147 70.74 -45.50 -86.41
N PRO NA 148 71.09 -45.12 -85.18
CA PRO NA 148 71.50 -43.73 -84.94
C PRO NA 148 72.79 -43.36 -85.62
N SER NA 149 73.63 -44.33 -85.97
CA SER NA 149 74.89 -44.04 -86.64
C SER NA 149 74.70 -43.39 -88.00
N ASP NA 150 73.54 -43.57 -88.64
CA ASP NA 150 73.28 -42.92 -89.91
C ASP NA 150 72.99 -41.43 -89.76
N MET NA 151 72.54 -41.00 -88.58
CA MET NA 151 72.21 -39.59 -88.38
C MET NA 151 73.42 -38.71 -88.59
N ILE NA 152 74.58 -39.10 -88.05
CA ILE NA 152 75.76 -38.25 -88.15
C ILE NA 152 76.29 -38.25 -89.57
N GLY NA 153 76.26 -39.40 -90.24
CA GLY NA 153 76.71 -39.46 -91.62
C GLY NA 153 75.85 -38.62 -92.55
N GLU NA 154 74.57 -38.44 -92.20
CA GLU NA 154 73.70 -37.56 -92.98
C GLU NA 154 73.80 -36.11 -92.54
N ALA NA 155 74.02 -35.86 -91.24
CA ALA NA 155 74.07 -34.50 -90.74
C ALA NA 155 75.31 -33.77 -91.25
N ASN NA 156 76.48 -34.39 -91.13
CA ASN NA 156 77.71 -33.74 -91.56
C ASN NA 156 77.74 -33.43 -93.05
N THR NA 157 76.80 -33.95 -93.83
CA THR NA 157 76.74 -33.65 -95.25
C THR NA 157 75.53 -32.83 -95.66
N LEU NA 158 74.48 -32.74 -94.83
CA LEU NA 158 73.32 -31.94 -95.16
C LEU NA 158 73.13 -30.72 -94.26
N THR NA 159 74.03 -30.50 -93.30
CA THR NA 159 73.89 -29.36 -92.41
C THR NA 159 74.02 -28.06 -93.19
N GLN NA 160 73.17 -27.10 -92.85
CA GLN NA 160 73.22 -25.79 -93.50
C GLN NA 160 74.57 -25.14 -93.27
N ALA NA 161 75.01 -24.34 -94.24
CA ALA NA 161 76.29 -23.67 -94.15
C ALA NA 161 76.29 -22.67 -93.00
N GLY NA 162 77.33 -22.72 -92.17
CA GLY NA 162 77.51 -21.83 -91.05
C GLY NA 162 77.14 -22.45 -89.72
N ARG NA 163 76.15 -23.32 -89.70
CA ARG NA 163 75.72 -23.95 -88.46
C ARG NA 163 76.70 -25.04 -88.04
N ASP NA 164 76.78 -25.26 -86.74
CA ASP NA 164 77.64 -26.29 -86.19
C ASP NA 164 77.01 -27.65 -86.46
N PRO NA 165 77.75 -28.60 -87.05
CA PRO NA 165 77.16 -29.91 -87.35
C PRO NA 165 77.23 -30.96 -86.26
N ASP NA 166 77.96 -30.73 -85.17
CA ASP NA 166 78.12 -31.75 -84.14
C ASP NA 166 77.28 -31.50 -82.89
N VAL NA 167 76.38 -30.52 -82.91
CA VAL NA 167 75.47 -30.33 -81.78
C VAL NA 167 74.52 -31.53 -81.69
N LEU NA 168 74.18 -32.10 -82.85
CA LEU NA 168 73.41 -33.34 -82.83
C LEU NA 168 74.18 -34.46 -82.16
N LEU NA 169 75.49 -34.54 -82.37
CA LEU NA 169 76.28 -35.58 -81.74
C LEU NA 169 76.30 -35.40 -80.23
N GLU NA 170 76.45 -34.16 -79.77
CA GLU NA 170 76.34 -33.87 -78.34
C GLU NA 170 74.98 -34.27 -77.79
N GLY NA 171 73.91 -33.90 -78.49
CA GLY NA 171 72.58 -34.28 -78.04
C GLY NA 171 72.31 -35.77 -78.11
N LEU NA 172 72.99 -36.48 -79.01
CA LEU NA 172 72.77 -37.91 -79.17
C LEU NA 172 73.56 -38.75 -78.17
N ARG NA 173 74.81 -38.37 -77.90
CA ARG NA 173 75.63 -39.16 -76.99
C ARG NA 173 75.03 -39.22 -75.60
N ASN NA 174 74.51 -38.09 -75.10
CA ASN NA 174 73.91 -38.07 -73.79
C ASN NA 174 72.65 -38.92 -73.71
N LEU NA 175 71.97 -39.14 -74.84
CA LEU NA 175 70.78 -39.99 -74.82
C LEU NA 175 71.14 -41.41 -74.39
N PHE NA 176 72.13 -42.01 -75.04
CA PHE NA 176 72.56 -43.35 -74.69
C PHE NA 176 73.39 -43.41 -73.42
N ASN NA 177 74.01 -42.28 -73.03
CA ASN NA 177 74.68 -42.25 -71.74
C ASN NA 177 73.71 -42.42 -70.58
N ALA NA 178 72.45 -42.04 -70.75
CA ALA NA 178 71.42 -42.23 -69.74
C ALA NA 178 70.52 -43.42 -70.07
N CYS NA 179 71.07 -44.40 -70.79
CA CYS NA 179 70.30 -45.58 -71.20
C CYS NA 179 71.15 -46.81 -70.87
N THR NA 180 70.47 -47.89 -70.52
CA THR NA 180 71.14 -49.12 -70.16
C THR NA 180 71.98 -49.64 -71.32
N ALA NA 181 73.05 -50.38 -70.97
CA ALA NA 181 73.99 -50.94 -71.92
C ALA NA 181 74.54 -49.85 -72.84
N PRO NA 182 75.22 -48.85 -72.30
CA PRO NA 182 75.72 -47.76 -73.17
C PRO NA 182 76.94 -48.14 -73.96
N TRP NA 183 77.59 -49.26 -73.64
CA TRP NA 183 78.77 -49.72 -74.35
C TRP NA 183 78.41 -50.59 -75.55
N THR NA 184 77.18 -50.51 -76.03
CA THR NA 184 76.73 -51.33 -77.15
C THR NA 184 76.23 -50.45 -78.30
N VAL NA 185 76.99 -49.44 -78.67
CA VAL NA 185 76.65 -48.56 -79.78
C VAL NA 185 77.83 -48.55 -80.75
N GLY NA 186 77.54 -48.79 -82.02
CA GLY NA 186 78.58 -48.76 -83.05
C GLY NA 186 78.59 -49.98 -83.95
N GLU NA 187 78.25 -51.15 -83.41
CA GLU NA 187 78.31 -52.38 -84.18
C GLU NA 187 76.96 -52.79 -84.75
N GLY NA 188 75.88 -52.49 -84.03
CA GLY NA 188 74.56 -52.85 -84.50
C GLY NA 188 74.39 -54.34 -84.70
N GLY NA 189 74.69 -55.12 -83.67
CA GLY NA 189 74.57 -56.56 -83.75
C GLY NA 189 73.14 -57.07 -83.71
N GLY NA 190 72.17 -56.19 -83.43
CA GLY NA 190 70.78 -56.59 -83.43
C GLY NA 190 70.14 -56.57 -82.06
N LEU NA 191 70.79 -55.91 -81.11
CA LEU NA 191 70.27 -55.81 -79.75
C LEU NA 191 70.18 -54.37 -79.28
N ARG NA 192 69.62 -53.50 -80.12
CA ARG NA 192 69.43 -52.09 -79.78
C ARG NA 192 67.96 -51.81 -79.54
N ALA NA 193 67.67 -50.58 -79.12
CA ALA NA 193 66.29 -50.14 -78.89
C ALA NA 193 65.59 -49.91 -80.22
N TYR NA 194 65.07 -50.99 -80.79
CA TYR NA 194 64.47 -50.95 -82.11
C TYR NA 194 63.15 -50.17 -82.10
N VAL NA 195 62.17 -50.66 -81.35
CA VAL NA 195 60.80 -50.15 -81.43
C VAL NA 195 60.57 -49.10 -80.35
N THR NA 196 59.50 -48.33 -80.51
CA THR NA 196 59.04 -47.37 -79.52
C THR NA 196 57.54 -47.21 -79.65
N SER NA 197 56.95 -46.53 -78.67
CA SER NA 197 55.51 -46.34 -78.62
C SER NA 197 55.14 -44.92 -79.03
N LEU NA 198 53.89 -44.75 -79.46
CA LEU NA 198 53.41 -43.44 -79.85
C LEU NA 198 53.24 -42.53 -78.64
N SER NA 199 52.76 -43.08 -77.53
CA SER NA 199 52.58 -42.29 -76.32
C SER NA 199 53.91 -41.76 -75.80
N PHE NA 200 55.01 -42.46 -76.09
CA PHE NA 200 56.32 -42.00 -75.66
C PHE NA 200 56.66 -40.65 -76.29
N ILE NA 201 56.52 -40.54 -77.61
CA ILE NA 201 56.78 -39.27 -78.27
C ILE NA 201 55.73 -38.24 -77.87
N ALA NA 202 54.48 -38.68 -77.67
CA ALA NA 202 53.43 -37.78 -77.23
C ALA NA 202 53.77 -37.15 -75.89
N ALA NA 203 54.37 -37.92 -74.98
CA ALA NA 203 54.78 -37.40 -73.69
C ALA NA 203 56.07 -36.60 -73.76
N CYS NA 204 56.99 -36.99 -74.66
CA CYS NA 204 58.23 -36.24 -74.80
C CYS NA 204 57.96 -34.82 -75.29
N ARG NA 205 56.99 -34.66 -76.18
CA ARG NA 205 56.65 -33.34 -76.73
C ARG NA 205 55.30 -32.85 -76.23
N ALA NA 206 54.93 -33.22 -75.00
CA ALA NA 206 53.60 -32.88 -74.48
C ALA NA 206 53.46 -31.38 -74.26
N GLU NA 207 54.57 -30.67 -74.10
CA GLU NA 207 54.51 -29.23 -73.85
C GLU NA 207 54.16 -28.43 -75.09
N GLU NA 208 53.92 -29.07 -76.23
CA GLU NA 208 53.61 -28.36 -77.47
C GLU NA 208 52.21 -28.62 -77.99
N TYR NA 209 51.53 -29.67 -77.53
CA TYR NA 209 50.17 -29.92 -77.96
C TYR NA 209 49.22 -28.89 -77.35
N THR NA 210 48.09 -28.69 -78.03
CA THR NA 210 47.14 -27.68 -77.59
C THR NA 210 46.34 -28.11 -76.37
N ASP NA 211 46.10 -29.42 -76.21
CA ASP NA 211 45.27 -29.90 -75.11
C ASP NA 211 46.17 -30.02 -73.88
N LYS NA 212 46.20 -28.93 -73.10
CA LYS NA 212 47.18 -28.79 -72.03
C LYS NA 212 47.05 -29.92 -71.03
N GLN NA 213 45.84 -30.16 -70.51
CA GLN NA 213 45.67 -31.11 -69.42
C GLN NA 213 45.88 -32.54 -69.90
N ALA NA 214 45.39 -32.87 -71.10
CA ALA NA 214 45.57 -34.23 -71.57
C ALA NA 214 47.04 -34.52 -71.83
N ALA NA 215 47.78 -33.55 -72.35
CA ALA NA 215 49.21 -33.73 -72.56
C ALA NA 215 49.92 -34.04 -71.24
N ASP NA 216 49.74 -33.18 -70.24
CA ASP NA 216 50.51 -33.36 -69.01
C ASP NA 216 50.06 -34.59 -68.23
N ALA NA 217 48.78 -34.98 -68.35
CA ALA NA 217 48.33 -36.20 -67.70
C ALA NA 217 49.03 -37.41 -68.27
N ASN NA 218 49.08 -37.52 -69.60
CA ASN NA 218 49.80 -38.62 -70.22
C ASN NA 218 51.28 -38.60 -69.85
N ARG NA 219 51.86 -37.41 -69.73
CA ARG NA 219 53.28 -37.31 -69.37
C ARG NA 219 53.54 -37.92 -68.00
N THR NA 220 52.81 -37.46 -66.98
CA THR NA 220 53.00 -38.00 -65.63
C THR NA 220 52.66 -39.49 -65.58
N ALA NA 221 51.69 -39.93 -66.37
CA ALA NA 221 51.32 -41.34 -66.36
C ALA NA 221 52.46 -42.20 -66.88
N ILE NA 222 53.08 -41.79 -67.98
CA ILE NA 222 54.17 -42.59 -68.54
C ILE NA 222 55.41 -42.48 -67.67
N VAL NA 223 55.53 -41.40 -66.89
CA VAL NA 223 56.65 -41.30 -65.96
C VAL NA 223 56.47 -42.25 -64.79
N SER NA 224 55.25 -42.29 -64.23
CA SER NA 224 55.01 -43.12 -63.06
C SER NA 224 54.98 -44.60 -63.40
N ALA NA 225 54.29 -44.98 -64.48
CA ALA NA 225 54.16 -46.39 -64.82
C ALA NA 225 55.50 -47.02 -65.17
N TYR NA 226 56.42 -46.24 -65.69
CA TYR NA 226 57.76 -46.74 -66.02
C TYR NA 226 58.62 -46.72 -64.76
N GLY NA 227 59.93 -46.89 -64.93
CA GLY NA 227 60.83 -46.95 -63.78
C GLY NA 227 60.72 -45.75 -62.86
N CYS NA 228 60.45 -44.56 -63.43
CA CYS NA 228 60.20 -43.33 -62.68
C CYS NA 228 61.45 -42.86 -61.94
N SER NA 229 62.55 -43.60 -62.06
CA SER NA 229 63.82 -43.22 -61.48
C SER NA 229 64.75 -42.57 -62.51
N ARG NA 230 65.01 -43.27 -63.61
CA ARG NA 230 65.82 -42.73 -64.70
C ARG NA 230 64.94 -42.49 -65.92
N MET NA 231 63.71 -42.04 -65.68
CA MET NA 231 62.77 -41.78 -66.76
C MET NA 231 62.68 -40.31 -67.16
N GLU NA 232 62.70 -39.39 -66.19
CA GLU NA 232 62.62 -37.97 -66.51
C GLU NA 232 63.85 -37.52 -67.28
N THR NA 233 65.03 -37.96 -66.86
CA THR NA 233 66.26 -37.64 -67.58
C THR NA 233 66.22 -38.17 -69.01
N ARG NA 234 65.76 -39.42 -69.18
CA ARG NA 234 65.62 -39.99 -70.51
C ARG NA 234 64.73 -39.13 -71.38
N LEU NA 235 63.64 -38.63 -70.82
CA LEU NA 235 62.70 -37.84 -71.62
C LEU NA 235 63.31 -36.52 -72.07
N ILE NA 236 64.03 -35.84 -71.18
CA ILE NA 236 64.60 -34.56 -71.62
C ILE NA 236 65.71 -34.79 -72.63
N ARG NA 237 66.46 -35.88 -72.50
CA ARG NA 237 67.48 -36.17 -73.50
C ARG NA 237 66.83 -36.38 -74.86
N PHE NA 238 65.76 -37.18 -74.92
CA PHE NA 238 65.04 -37.37 -76.17
C PHE NA 238 64.47 -36.07 -76.69
N SER NA 239 64.07 -35.16 -75.79
CA SER NA 239 63.46 -33.91 -76.24
C SER NA 239 64.44 -33.06 -77.02
N GLU NA 240 65.55 -32.65 -76.40
CA GLU NA 240 66.59 -31.96 -77.17
C GLU NA 240 67.22 -32.83 -78.24
N CYS NA 241 67.10 -34.16 -78.14
CA CYS NA 241 67.58 -34.98 -79.25
C CYS NA 241 66.80 -34.66 -80.52
N LEU NA 242 65.48 -34.63 -80.44
CA LEU NA 242 64.65 -34.21 -81.56
C LEU NA 242 64.90 -32.75 -81.92
N ARG NA 243 65.12 -31.90 -80.91
CA ARG NA 243 65.41 -30.49 -81.17
C ARG NA 243 66.67 -30.32 -81.99
N ALA NA 244 67.72 -31.09 -81.70
CA ALA NA 244 68.94 -31.05 -82.49
C ALA NA 244 68.77 -31.80 -83.80
N MET NA 245 67.87 -32.78 -83.84
CA MET NA 245 67.55 -33.44 -85.10
C MET NA 245 67.06 -32.43 -86.13
N VAL NA 246 66.07 -31.62 -85.75
CA VAL NA 246 65.70 -30.47 -86.60
C VAL NA 246 66.55 -29.32 -86.09
N GLN NA 247 67.83 -29.37 -86.46
CA GLN NA 247 68.74 -28.23 -86.41
C GLN NA 247 69.67 -28.20 -87.60
N CYS NA 248 69.91 -29.33 -88.25
CA CYS NA 248 70.80 -29.44 -89.39
C CYS NA 248 70.11 -30.10 -90.58
N HIS NA 249 68.78 -30.01 -90.63
CA HIS NA 249 67.99 -30.60 -91.71
C HIS NA 249 68.19 -32.12 -91.78
N VAL NA 250 67.92 -32.77 -90.66
CA VAL NA 250 67.99 -34.23 -90.54
C VAL NA 250 66.61 -34.71 -90.12
N PHE NA 251 65.58 -34.04 -90.62
CA PHE NA 251 64.18 -34.14 -90.20
C PHE NA 251 63.77 -35.57 -89.84
N PRO NA 252 63.14 -35.77 -88.68
CA PRO NA 252 62.84 -37.11 -88.19
C PRO NA 252 61.56 -37.70 -88.76
N HIS NA 253 61.40 -37.57 -90.08
CA HIS NA 253 60.34 -38.28 -90.78
C HIS NA 253 60.89 -39.37 -91.70
N ARG NA 254 62.20 -39.47 -91.82
CA ARG NA 254 62.83 -40.57 -92.54
C ARG NA 254 63.45 -41.60 -91.61
N PHE NA 255 63.45 -41.36 -90.31
CA PHE NA 255 64.02 -42.29 -89.36
C PHE NA 255 62.98 -42.96 -88.47
N ILE NA 256 61.73 -42.57 -88.60
CA ILE NA 256 60.65 -43.15 -87.80
C ILE NA 256 59.70 -43.87 -88.75
N SER NA 257 59.72 -45.18 -88.72
CA SER NA 257 58.85 -45.99 -89.53
C SER NA 257 57.55 -46.26 -88.76
N PHE NA 258 56.76 -47.23 -89.23
CA PHE NA 258 55.48 -47.55 -88.62
C PHE NA 258 55.32 -49.06 -88.54
N PHE NA 259 54.87 -49.54 -87.37
CA PHE NA 259 54.40 -50.92 -87.24
C PHE NA 259 52.91 -50.90 -86.92
N GLY NA 260 52.28 -52.06 -87.07
CA GLY NA 260 50.89 -52.19 -86.76
C GLY NA 260 50.63 -52.17 -85.27
N SER NA 261 49.36 -52.33 -84.92
CA SER NA 261 48.97 -52.33 -83.51
C SER NA 261 49.50 -53.59 -82.83
N LEU NA 262 49.93 -53.44 -81.57
CA LEU NA 262 50.47 -54.55 -80.82
C LEU NA 262 49.42 -55.64 -80.65
N LEU NA 263 49.84 -56.89 -80.81
CA LEU NA 263 48.93 -58.03 -80.68
C LEU NA 263 49.32 -58.98 -79.56
N GLU NA 264 50.59 -59.37 -79.50
CA GLU NA 264 51.06 -60.29 -78.47
C GLU NA 264 52.47 -59.88 -78.07
N TYR NA 265 52.87 -60.25 -76.84
CA TYR NA 265 54.18 -59.90 -76.33
C TYR NA 265 54.62 -60.93 -75.30
N THR NA 266 55.93 -61.05 -75.14
CA THR NA 266 56.49 -61.92 -74.10
C THR NA 266 57.80 -61.31 -73.65
N ILE NA 267 57.96 -61.10 -72.34
CA ILE NA 267 59.13 -60.45 -71.78
C ILE NA 267 59.58 -61.21 -70.54
N GLN NA 268 60.89 -61.24 -70.32
CA GLN NA 268 61.45 -61.87 -69.12
C GLN NA 268 62.21 -60.86 -68.25
N ASP NA 269 63.11 -60.07 -68.82
CA ASP NA 269 63.64 -58.90 -68.12
C ASP NA 269 64.34 -58.03 -69.16
N ASN NA 270 63.93 -56.75 -69.21
CA ASN NA 270 64.57 -55.69 -70.00
C ASN NA 270 64.76 -56.06 -71.46
N LEU NA 271 64.08 -57.09 -71.93
CA LEU NA 271 64.17 -57.56 -73.31
C LEU NA 271 62.87 -58.28 -73.64
N CYS NA 272 62.22 -57.85 -74.71
CA CYS NA 272 60.87 -58.32 -75.02
C CYS NA 272 60.78 -58.76 -76.47
N ASN NA 273 59.91 -59.74 -76.71
CA ASN NA 273 59.59 -60.22 -78.05
C ASN NA 273 58.13 -59.90 -78.30
N ILE NA 274 57.86 -59.00 -79.24
CA ILE NA 274 56.50 -58.55 -79.52
C ILE NA 274 56.16 -58.91 -80.95
N THR NA 275 54.86 -59.12 -81.19
CA THR NA 275 54.35 -59.34 -82.52
C THR NA 275 53.13 -58.47 -82.75
N ALA NA 276 53.07 -57.85 -83.93
CA ALA NA 276 52.03 -56.91 -84.27
C ALA NA 276 51.51 -57.22 -85.68
N VAL NA 277 50.34 -56.69 -85.99
CA VAL NA 277 49.71 -56.88 -87.29
C VAL NA 277 50.45 -56.03 -88.31
N ALA NA 278 50.44 -56.47 -89.57
CA ALA NA 278 51.11 -55.73 -90.63
C ALA NA 278 50.11 -54.92 -91.45
N LYS NA 279 49.08 -55.58 -91.99
CA LYS NA 279 48.04 -54.90 -92.75
C LYS NA 279 46.81 -55.78 -92.82
N GLY NA 280 45.64 -55.15 -92.82
CA GLY NA 280 44.38 -55.85 -92.88
C GLY NA 280 43.43 -55.41 -91.79
N PRO NA 281 42.32 -56.13 -91.65
CA PRO NA 281 41.34 -55.79 -90.61
C PRO NA 281 41.92 -55.87 -89.22
N GLN NA 282 41.39 -55.01 -88.35
CA GLN NA 282 41.92 -54.92 -87.00
C GLN NA 282 41.43 -56.08 -86.14
N GLU NA 283 40.13 -56.37 -86.19
CA GLU NA 283 39.53 -57.44 -85.40
C GLU NA 283 39.46 -58.75 -86.17
N ALA NA 284 40.45 -59.03 -87.00
CA ALA NA 284 40.57 -60.33 -87.65
C ALA NA 284 41.62 -61.22 -87.00
N ALA NA 285 42.21 -60.80 -85.88
CA ALA NA 285 43.22 -61.59 -85.19
C ALA NA 285 42.66 -62.12 -83.87
N ARG NA 286 43.45 -62.95 -83.20
CA ARG NA 286 43.03 -63.55 -81.93
C ARG NA 286 44.16 -63.37 -80.93
N THR NA 287 44.04 -62.37 -80.06
CA THR NA 287 45.06 -62.17 -79.04
C THR NA 287 45.15 -63.33 -78.06
N ASP NA 288 44.04 -64.08 -77.89
CA ASP NA 288 43.99 -65.41 -77.28
C ASP NA 288 44.55 -65.47 -75.87
N LYS NA 289 44.78 -64.34 -75.21
CA LYS NA 289 45.13 -64.47 -73.79
C LYS NA 289 44.33 -63.46 -72.96
N THR NA 290 43.76 -62.46 -73.62
CA THR NA 290 42.94 -61.48 -72.91
C THR NA 290 41.57 -62.09 -72.62
N SER NA 291 40.66 -61.27 -72.10
CA SER NA 291 39.30 -61.72 -71.88
C SER NA 291 38.64 -62.10 -73.20
N THR NA 292 38.55 -61.15 -74.13
CA THR NA 292 38.09 -61.42 -75.48
C THR NA 292 39.30 -61.67 -76.37
N ARG NA 293 39.04 -62.19 -77.56
CA ARG NA 293 40.09 -62.43 -78.53
C ARG NA 293 40.22 -61.32 -79.55
N ARG NA 294 39.63 -60.15 -79.29
CA ARG NA 294 39.64 -59.04 -80.23
C ARG NA 294 40.15 -57.77 -79.57
N VAL NA 295 40.78 -56.92 -80.37
CA VAL NA 295 41.32 -55.65 -79.90
C VAL NA 295 40.97 -54.57 -80.90
N THR NA 296 41.00 -53.31 -80.44
CA THR NA 296 40.74 -52.15 -81.28
C THR NA 296 41.84 -51.13 -81.07
N ALA NA 297 41.98 -50.21 -82.03
CA ALA NA 297 43.06 -49.24 -81.98
C ALA NA 297 42.80 -48.23 -80.87
N ASN NA 298 43.82 -47.95 -80.07
CA ASN NA 298 43.74 -47.01 -78.96
C ASN NA 298 44.82 -45.95 -79.13
N ILE NA 299 44.44 -44.70 -78.97
CA ILE NA 299 45.40 -43.59 -79.10
C ILE NA 299 45.18 -42.60 -77.99
N PRO NA 300 46.24 -41.93 -77.57
CA PRO NA 300 46.08 -40.82 -76.61
C PRO NA 300 45.33 -39.66 -77.27
N ALA NA 301 44.52 -38.99 -76.45
CA ALA NA 301 43.67 -37.93 -76.97
C ALA NA 301 44.45 -36.70 -77.38
N CYS NA 302 45.75 -36.64 -77.06
CA CYS NA 302 46.54 -35.46 -77.39
C CYS NA 302 46.87 -35.41 -78.88
N VAL NA 303 47.17 -36.56 -79.48
CA VAL NA 303 47.63 -36.58 -80.86
C VAL NA 303 46.47 -36.55 -81.86
N PHE NA 304 45.28 -36.93 -81.45
CA PHE NA 304 44.15 -37.03 -82.38
C PHE NA 304 43.75 -35.64 -82.84
N TRP NA 305 43.62 -35.48 -84.16
CA TRP NA 305 43.29 -34.17 -84.74
C TRP NA 305 42.66 -34.43 -86.12
N ASP NA 306 41.34 -34.34 -86.18
CA ASP NA 306 40.62 -34.47 -87.43
C ASP NA 306 40.48 -33.10 -88.09
N VAL NA 307 40.77 -33.05 -89.39
CA VAL NA 307 40.84 -31.79 -90.11
C VAL NA 307 39.52 -31.41 -90.78
N ASP NA 308 38.65 -32.37 -91.08
CA ASP NA 308 37.40 -32.04 -91.76
C ASP NA 308 36.52 -31.17 -90.89
N LYS NA 309 36.57 -31.38 -89.58
CA LYS NA 309 35.77 -30.56 -88.68
C LYS NA 309 36.42 -29.21 -88.45
N ASP NA 310 37.66 -29.03 -88.94
CA ASP NA 310 38.19 -27.68 -89.05
C ASP NA 310 37.84 -27.06 -90.41
N LEU NA 311 37.84 -27.87 -91.46
CA LEU NA 311 37.57 -27.42 -92.82
C LEU NA 311 36.08 -27.30 -93.12
N HIS NA 312 35.22 -27.74 -92.20
CA HIS NA 312 33.77 -27.59 -92.31
C HIS NA 312 33.22 -28.29 -93.56
N LEU NA 313 33.36 -29.62 -93.59
CA LEU NA 313 32.75 -30.45 -94.62
C LEU NA 313 32.09 -31.65 -93.96
N SER NA 314 31.19 -32.30 -94.69
CA SER NA 314 30.45 -33.43 -94.16
C SER NA 314 31.39 -34.59 -93.85
N ALA NA 315 31.11 -35.30 -92.77
CA ALA NA 315 31.93 -36.44 -92.35
C ALA NA 315 31.10 -37.70 -92.53
N ASP NA 316 31.06 -38.19 -93.77
CA ASP NA 316 30.32 -39.42 -94.10
C ASP NA 316 31.10 -40.24 -95.11
N GLY NA 317 31.15 -41.55 -94.91
CA GLY NA 317 31.79 -42.43 -95.87
C GLY NA 317 33.14 -42.93 -95.43
N LEU NA 318 34.07 -43.03 -96.37
CA LEU NA 318 35.40 -43.57 -96.10
C LEU NA 318 36.35 -42.45 -95.72
N LYS NA 319 37.26 -42.73 -94.80
CA LYS NA 319 38.23 -41.74 -94.34
C LYS NA 319 39.60 -42.40 -94.21
N HIS NA 320 40.63 -41.64 -94.59
CA HIS NA 320 42.00 -42.10 -94.51
C HIS NA 320 42.65 -41.64 -93.21
N VAL NA 321 43.78 -42.25 -92.87
CA VAL NA 321 44.54 -41.94 -91.67
C VAL NA 321 45.95 -41.53 -92.09
N PHE NA 322 46.45 -40.45 -91.49
CA PHE NA 322 47.77 -39.93 -91.79
C PHE NA 322 48.50 -39.57 -90.50
N LEU NA 323 49.82 -39.52 -90.59
CA LEU NA 323 50.68 -39.00 -89.53
C LEU NA 323 51.43 -37.79 -90.05
N VAL NA 324 51.43 -36.71 -89.29
CA VAL NA 324 52.06 -35.48 -89.74
C VAL NA 324 53.18 -35.12 -88.77
N PHE NA 325 54.16 -34.37 -89.29
CA PHE NA 325 55.35 -33.97 -88.52
C PHE NA 325 55.56 -32.47 -88.74
N VAL NA 326 54.92 -31.66 -87.93
CA VAL NA 326 55.04 -30.22 -88.05
C VAL NA 326 56.41 -29.78 -87.55
N TYR NA 327 57.06 -28.89 -88.30
CA TYR NA 327 58.40 -28.43 -87.99
C TYR NA 327 58.40 -26.93 -87.79
N THR NA 328 59.09 -26.47 -86.75
CA THR NA 328 59.32 -25.05 -86.54
C THR NA 328 60.82 -24.80 -86.52
N GLN NA 329 61.27 -23.84 -87.33
CA GLN NA 329 62.69 -23.59 -87.51
C GLN NA 329 62.97 -22.13 -87.18
N ARG NA 330 63.65 -21.88 -86.06
CA ARG NA 330 64.04 -20.54 -85.68
C ARG NA 330 65.43 -20.60 -85.04
N ARG NA 331 65.85 -19.51 -84.42
CA ARG NA 331 67.16 -19.45 -83.78
C ARG NA 331 67.04 -19.97 -82.35
N GLN NA 332 67.60 -21.16 -82.12
CA GLN NA 332 67.65 -21.81 -80.80
C GLN NA 332 66.27 -22.17 -80.28
N ARG NA 333 65.26 -22.19 -81.15
CA ARG NA 333 63.90 -22.54 -80.76
C ARG NA 333 63.26 -23.32 -81.89
N GLU NA 334 63.22 -24.65 -81.75
CA GLU NA 334 62.63 -25.54 -82.74
C GLU NA 334 61.63 -26.44 -82.06
N GLY NA 335 60.62 -26.86 -82.80
CA GLY NA 335 59.57 -27.71 -82.25
C GLY NA 335 59.08 -28.71 -83.28
N VAL NA 336 58.68 -29.87 -82.77
CA VAL NA 336 58.22 -31.00 -83.59
C VAL NA 336 57.13 -31.74 -82.83
N ARG NA 337 55.91 -31.71 -83.37
CA ARG NA 337 54.81 -32.47 -82.79
C ARG NA 337 54.61 -33.76 -83.58
N LEU NA 338 53.53 -34.47 -83.24
CA LEU NA 338 53.15 -35.70 -83.92
C LEU NA 338 51.65 -35.85 -83.84
N HIS NA 339 50.97 -35.71 -84.99
CA HIS NA 339 49.52 -35.77 -85.00
C HIS NA 339 49.06 -36.92 -85.89
N LEU NA 340 48.04 -37.62 -85.43
CA LEU NA 340 47.40 -38.69 -86.18
C LEU NA 340 46.09 -38.12 -86.74
N ALA NA 341 46.14 -37.66 -87.98
CA ALA NA 341 45.00 -37.03 -88.62
C ALA NA 341 44.10 -38.09 -89.23
N LEU NA 342 42.80 -37.86 -89.16
CA LEU NA 342 41.79 -38.76 -89.70
C LEU NA 342 40.83 -37.92 -90.55
N SER NA 343 40.98 -38.02 -91.88
CA SER NA 343 40.24 -37.16 -92.77
C SER NA 343 39.74 -37.94 -93.98
N GLN NA 344 38.67 -37.46 -94.59
CA GLN NA 344 38.16 -38.06 -95.82
C GLN NA 344 38.81 -37.52 -97.07
N LEU NA 345 39.71 -36.56 -96.94
CA LEU NA 345 40.31 -35.91 -98.10
C LEU NA 345 41.14 -36.91 -98.91
N ASN NA 346 41.43 -36.53 -100.15
CA ASN NA 346 42.05 -37.45 -101.09
C ASN NA 346 43.49 -37.75 -100.69
N GLU NA 347 44.14 -38.61 -101.50
CA GLU NA 347 45.51 -39.02 -101.20
C GLU NA 347 46.47 -37.84 -101.29
N GLN NA 348 46.37 -37.05 -102.34
CA GLN NA 348 47.30 -35.94 -102.53
C GLN NA 348 46.70 -34.60 -102.11
N CYS NA 349 45.37 -34.48 -102.11
CA CYS NA 349 44.74 -33.22 -101.75
C CYS NA 349 44.91 -32.89 -100.28
N PHE NA 350 45.32 -33.86 -99.47
CA PHE NA 350 45.60 -33.59 -98.07
C PHE NA 350 46.66 -32.52 -97.90
N GLY NA 351 47.61 -32.47 -98.84
CA GLY NA 351 48.66 -31.46 -98.76
C GLY NA 351 48.12 -30.06 -98.89
N ARG NA 352 47.24 -29.83 -99.88
CA ARG NA 352 46.65 -28.50 -100.03
C ARG NA 352 45.74 -28.18 -98.85
N GLY NA 353 45.11 -29.19 -98.26
CA GLY NA 353 44.25 -28.94 -97.12
C GLY NA 353 45.01 -28.55 -95.86
N ILE NA 354 46.17 -29.15 -95.63
CA ILE NA 354 46.92 -28.87 -94.41
C ILE NA 354 47.51 -27.46 -94.45
N GLY NA 355 47.92 -26.97 -95.62
CA GLY NA 355 48.51 -25.66 -95.71
C GLY NA 355 47.58 -24.55 -95.28
N PHE NA 356 46.27 -24.72 -95.53
CA PHE NA 356 45.32 -23.68 -95.14
C PHE NA 356 45.26 -23.52 -93.63
N LEU NA 357 45.44 -24.60 -92.88
CA LEU NA 357 45.42 -24.52 -91.42
C LEU NA 357 46.78 -24.13 -90.85
N LEU NA 358 47.87 -24.44 -91.56
CA LEU NA 358 49.22 -24.16 -91.08
C LEU NA 358 49.85 -22.97 -91.79
N GLY NA 359 49.03 -22.10 -92.38
CA GLY NA 359 49.54 -20.93 -93.08
C GLY NA 359 50.43 -20.04 -92.25
N ARG NA 360 50.27 -20.05 -90.92
CA ARG NA 360 51.14 -19.23 -90.09
C ARG NA 360 52.57 -19.76 -90.09
N ILE NA 361 52.75 -21.02 -89.65
CA ILE NA 361 54.09 -21.57 -89.53
C ILE NA 361 54.80 -21.59 -90.88
N ARG NA 362 54.07 -21.80 -91.98
CA ARG NA 362 54.69 -21.74 -93.29
C ARG NA 362 55.38 -20.40 -93.52
N ALA NA 363 54.67 -19.30 -93.26
CA ALA NA 363 55.25 -17.98 -93.42
C ALA NA 363 56.32 -17.68 -92.38
N GLU NA 364 56.20 -18.21 -91.16
CA GLU NA 364 57.26 -18.00 -90.19
C GLU NA 364 58.55 -18.66 -90.64
N ASN NA 365 58.44 -19.88 -91.14
CA ASN NA 365 59.63 -20.60 -91.59
C ASN NA 365 60.24 -19.94 -92.82
N ALA NA 366 59.40 -19.45 -93.74
CA ALA NA 366 59.94 -18.81 -94.94
C ALA NA 366 60.78 -17.59 -94.63
N ALA NA 367 60.64 -17.01 -93.44
CA ALA NA 367 61.42 -15.85 -93.05
C ALA NA 367 62.51 -16.14 -92.04
N TRP NA 368 62.38 -17.21 -91.25
CA TRP NA 368 63.37 -17.53 -90.23
C TRP NA 368 64.00 -18.90 -90.46
N GLY NA 369 64.04 -19.36 -91.70
CA GLY NA 369 64.64 -20.64 -91.99
C GLY NA 369 66.12 -20.58 -92.29
N THR NA 370 66.55 -19.55 -93.00
CA THR NA 370 67.96 -19.39 -93.39
C THR NA 370 68.51 -18.16 -92.67
N GLU NA 371 69.48 -18.37 -91.79
CA GLU NA 371 70.12 -17.28 -91.06
C GLU NA 371 71.63 -17.32 -91.18
N GLY NA 372 72.18 -18.17 -92.03
CA GLY NA 372 73.63 -18.25 -92.20
C GLY NA 372 74.08 -17.88 -93.59
N THR NA 382 74.42 -9.36 -108.55
CA THR NA 382 73.07 -9.39 -108.01
C THR NA 382 72.11 -8.56 -108.85
N ARG NA 383 72.44 -8.42 -110.13
CA ARG NA 383 71.62 -7.66 -111.06
C ARG NA 383 71.01 -8.60 -112.08
N ALA NA 384 69.80 -8.28 -112.53
CA ALA NA 384 69.09 -9.10 -113.49
C ALA NA 384 69.74 -8.96 -114.87
N LEU NA 385 69.19 -9.65 -115.86
CA LEU NA 385 69.70 -9.59 -117.22
C LEU NA 385 68.51 -9.63 -118.18
N PRO NA 386 68.48 -8.78 -119.19
CA PRO NA 386 67.36 -8.78 -120.15
C PRO NA 386 67.59 -9.72 -121.33
N LEU NA 387 67.54 -11.02 -121.04
CA LEU NA 387 67.79 -12.02 -122.08
C LEU NA 387 66.81 -11.89 -123.24
N VAL NA 388 65.51 -11.90 -122.91
CA VAL NA 388 64.49 -11.87 -123.95
C VAL NA 388 64.52 -10.53 -124.68
N GLN NA 389 64.82 -9.44 -123.96
CA GLN NA 389 64.89 -8.14 -124.60
C GLN NA 389 66.00 -8.10 -125.66
N LEU NA 390 67.23 -8.44 -125.28
CA LEU NA 390 68.32 -8.37 -126.24
C LEU NA 390 68.32 -9.53 -127.23
N SER NA 391 67.49 -10.56 -127.01
CA SER NA 391 67.29 -11.56 -128.05
C SER NA 391 66.15 -11.21 -128.99
N ASN NA 392 65.17 -10.44 -128.54
CA ASN NA 392 64.14 -9.97 -129.46
C ASN NA 392 64.69 -8.86 -130.36
N ASP NA 393 65.64 -8.07 -129.82
CA ASP NA 393 66.15 -7.04 -130.72
C ASP NA 393 67.48 -7.47 -131.33
N PRO NA 394 67.73 -7.05 -132.58
CA PRO NA 394 69.03 -7.34 -133.21
C PRO NA 394 70.09 -6.34 -132.79
N THR NA 395 71.24 -6.39 -133.46
CA THR NA 395 72.36 -5.48 -133.21
C THR NA 395 72.84 -5.60 -131.77
N SER NA 396 72.99 -6.84 -131.32
CA SER NA 396 73.61 -7.16 -130.05
C SER NA 396 74.88 -7.95 -130.31
N PRO NA 397 75.86 -7.88 -129.41
CA PRO NA 397 77.11 -8.60 -129.64
C PRO NA 397 76.90 -10.10 -129.79
N ARG NA 398 77.17 -10.62 -130.98
CA ARG NA 398 76.93 -12.02 -131.27
C ARG NA 398 78.19 -12.84 -131.01
N CYS NA 399 77.99 -14.13 -130.76
CA CYS NA 399 79.04 -15.06 -130.36
C CYS NA 399 78.90 -16.37 -131.12
N SER NA 400 78.86 -16.29 -132.45
CA SER NA 400 78.69 -17.46 -133.31
C SER NA 400 79.62 -18.63 -132.95
N ILE NA 401 79.18 -19.85 -133.27
CA ILE NA 401 79.90 -21.07 -132.91
C ILE NA 401 81.35 -21.09 -133.38
N GLY NA 402 81.70 -20.22 -134.35
CA GLY NA 402 83.03 -20.27 -134.93
C GLY NA 402 84.15 -19.99 -133.95
N GLU NA 403 83.85 -19.27 -132.87
CA GLU NA 403 84.84 -18.98 -131.85
C GLU NA 403 84.72 -19.87 -130.61
N ILE NA 404 83.58 -20.53 -130.42
CA ILE NA 404 83.47 -21.50 -129.32
C ILE NA 404 84.04 -22.86 -129.71
N THR NA 405 84.39 -23.05 -130.98
CA THR NA 405 85.10 -24.28 -131.38
C THR NA 405 86.24 -24.61 -130.43
N GLY NA 406 86.88 -23.59 -129.85
CA GLY NA 406 87.80 -23.81 -128.76
C GLY NA 406 89.26 -23.47 -128.99
N VAL NA 407 89.53 -22.43 -129.77
CA VAL NA 407 90.91 -22.05 -130.04
C VAL NA 407 91.35 -20.87 -129.18
N ASN NA 408 90.52 -19.82 -129.10
CA ASN NA 408 90.84 -18.64 -128.32
C ASN NA 408 89.63 -18.16 -127.53
N TRP NA 409 89.00 -19.09 -126.79
CA TRP NA 409 87.71 -18.80 -126.17
C TRP NA 409 87.88 -17.97 -124.90
N ASN NA 410 88.61 -16.87 -125.00
CA ASN NA 410 88.59 -15.84 -123.96
C ASN NA 410 88.42 -14.45 -124.52
N LEU NA 411 89.07 -14.13 -125.64
CA LEU NA 411 88.84 -12.83 -126.27
C LEU NA 411 87.53 -12.80 -127.03
N ALA NA 412 87.01 -13.96 -127.41
CA ALA NA 412 85.67 -14.03 -127.98
C ALA NA 412 84.60 -13.75 -126.93
N ARG NA 413 84.78 -14.28 -125.73
CA ARG NA 413 83.85 -14.07 -124.63
C ARG NA 413 84.32 -13.00 -123.66
N GLN NA 414 85.16 -12.06 -124.11
CA GLN NA 414 85.72 -11.04 -123.22
C GLN NA 414 84.65 -10.40 -122.34
N ARG NA 415 83.71 -9.67 -122.94
CA ARG NA 415 82.57 -9.30 -122.12
C ARG NA 415 81.31 -10.06 -122.52
N LEU NA 416 80.76 -9.77 -123.70
CA LEU NA 416 79.52 -10.34 -124.21
C LEU NA 416 78.34 -10.05 -123.27
N TYR NA 417 78.66 -9.75 -122.01
CA TYR NA 417 77.77 -9.26 -120.94
C TYR NA 417 78.62 -9.23 -119.67
N GLN NA 418 78.09 -8.74 -118.56
CA GLN NA 418 78.75 -8.98 -117.28
C GLN NA 418 77.85 -9.71 -116.30
N TRP NA 419 76.69 -9.12 -115.98
CA TRP NA 419 75.62 -9.69 -115.15
C TRP NA 419 75.95 -9.76 -113.67
N THR NA 420 77.24 -9.66 -113.32
CA THR NA 420 77.74 -9.63 -111.93
C THR NA 420 76.89 -10.49 -110.99
N GLY NA 421 76.43 -11.65 -111.46
CA GLY NA 421 75.33 -12.36 -110.83
C GLY NA 421 75.78 -13.52 -109.97
N ASP NA 422 75.09 -13.69 -108.84
CA ASP NA 422 75.28 -14.82 -107.94
C ASP NA 422 74.14 -14.83 -106.92
N PHE NA 423 73.68 -16.03 -106.58
CA PHE NA 423 72.62 -16.22 -105.61
C PHE NA 423 73.03 -17.34 -104.65
N ARG NA 424 73.53 -16.95 -103.48
CA ARG NA 424 74.00 -17.91 -102.48
C ARG NA 424 72.98 -18.13 -101.38
N GLY NA 425 72.58 -17.06 -100.70
CA GLY NA 425 71.64 -17.18 -99.60
C GLY NA 425 70.20 -16.96 -100.02
N LEU NA 426 69.47 -18.05 -100.22
CA LEU NA 426 68.06 -18.00 -100.59
C LEU NA 426 67.35 -19.19 -99.96
N PRO NA 427 66.07 -19.03 -99.62
CA PRO NA 427 65.32 -20.14 -99.02
C PRO NA 427 65.18 -21.29 -100.00
N THR NA 428 65.80 -22.42 -99.69
CA THR NA 428 65.60 -23.64 -100.44
C THR NA 428 64.25 -24.27 -100.11
N GLN NA 429 63.83 -25.23 -100.93
CA GLN NA 429 62.58 -25.95 -100.69
C GLN NA 429 62.70 -26.88 -99.48
N LEU NA 430 63.91 -27.08 -98.99
CA LEU NA 430 64.15 -27.93 -97.82
C LEU NA 430 64.22 -27.13 -96.53
N SER NA 431 64.54 -25.84 -96.60
CA SER NA 431 64.57 -24.98 -95.41
C SER NA 431 63.23 -24.35 -95.11
N CYS NA 432 62.23 -24.50 -95.99
CA CYS NA 432 60.89 -23.98 -95.75
C CYS NA 432 59.87 -25.07 -95.52
N MET NA 433 60.31 -26.31 -95.33
CA MET NA 433 59.37 -27.39 -95.09
C MET NA 433 58.77 -27.26 -93.70
N TYR NA 434 57.50 -27.60 -93.57
CA TYR NA 434 56.81 -27.49 -92.29
C TYR NA 434 55.95 -28.69 -91.94
N ALA NA 435 55.87 -29.70 -92.81
CA ALA NA 435 55.06 -30.87 -92.51
C ALA NA 435 55.44 -32.01 -93.45
N ALA NA 436 55.16 -33.23 -93.03
CA ALA NA 436 55.42 -34.42 -93.84
C ALA NA 436 54.44 -35.49 -93.41
N TYR NA 437 53.59 -35.92 -94.34
CA TYR NA 437 52.53 -36.88 -94.02
C TYR NA 437 52.71 -38.17 -94.79
N THR NA 438 51.90 -39.17 -94.42
CA THR NA 438 52.00 -40.51 -94.97
C THR NA 438 50.71 -41.27 -94.66
N LEU NA 439 50.19 -41.96 -95.67
CA LEU NA 439 48.99 -42.77 -95.50
C LEU NA 439 49.31 -44.03 -94.69
N ILE NA 440 48.37 -44.40 -93.82
CA ILE NA 440 48.53 -45.56 -92.95
C ILE NA 440 47.38 -46.55 -93.12
N GLY NA 441 46.14 -46.05 -93.15
CA GLY NA 441 45.02 -46.95 -93.28
C GLY NA 441 43.73 -46.19 -93.51
N THR NA 442 42.69 -46.95 -93.83
CA THR NA 442 41.38 -46.40 -94.15
C THR NA 442 40.34 -47.03 -93.24
N ILE NA 443 39.11 -46.50 -93.31
CA ILE NA 443 37.98 -47.04 -92.58
C ILE NA 443 36.81 -47.19 -93.54
N PRO NA 444 36.49 -48.40 -94.00
CA PRO NA 444 35.43 -48.54 -95.00
C PRO NA 444 34.04 -48.25 -94.47
N SER NA 445 33.78 -48.52 -93.19
CA SER NA 445 32.46 -48.29 -92.63
C SER NA 445 32.16 -46.79 -92.58
N GLU NA 446 31.09 -46.39 -93.26
CA GLU NA 446 30.68 -45.00 -93.28
C GLU NA 446 30.18 -44.58 -91.90
N SER NA 447 30.21 -43.27 -91.65
CA SER NA 447 29.73 -42.68 -90.41
C SER NA 447 30.44 -43.30 -89.20
N VAL NA 448 31.75 -43.09 -89.14
CA VAL NA 448 32.53 -43.63 -88.04
C VAL NA 448 32.05 -43.03 -86.73
N ARG NA 449 32.24 -43.77 -85.63
CA ARG NA 449 31.74 -43.40 -84.32
C ARG NA 449 32.82 -43.55 -83.26
N TYR NA 450 33.99 -42.98 -83.51
CA TYR NA 450 35.10 -43.04 -82.57
C TYR NA 450 34.67 -42.56 -81.19
N THR NA 451 35.12 -43.27 -80.16
CA THR NA 451 34.70 -43.04 -78.80
C THR NA 451 35.88 -42.59 -77.95
N ARG NA 452 35.67 -41.56 -77.14
CA ARG NA 452 36.70 -41.03 -76.26
C ARG NA 452 36.29 -41.23 -74.82
N ARG NA 453 37.17 -41.78 -74.00
CA ARG NA 453 36.87 -41.98 -72.59
C ARG NA 453 38.19 -42.09 -71.82
N MET NA 454 38.10 -42.00 -70.49
CA MET NA 454 39.25 -42.04 -69.61
C MET NA 454 39.25 -43.38 -68.88
N GLU NA 455 40.38 -44.09 -68.96
CA GLU NA 455 40.54 -45.35 -68.25
C GLU NA 455 41.94 -45.42 -67.66
N ARG NA 456 42.14 -46.37 -66.75
CA ARG NA 456 43.39 -46.49 -66.03
C ARG NA 456 44.50 -47.00 -66.94
N PHE NA 457 45.66 -46.36 -66.87
CA PHE NA 457 46.86 -46.74 -67.61
C PHE NA 457 47.97 -46.93 -66.58
N GLY NA 458 48.11 -48.14 -66.07
CA GLY NA 458 49.03 -48.38 -64.98
C GLY NA 458 48.39 -48.03 -63.65
N GLY NA 459 48.73 -46.86 -63.12
CA GLY NA 459 48.12 -46.40 -61.88
C GLY NA 459 47.46 -45.05 -62.04
N TYR NA 460 47.29 -44.60 -63.29
CA TYR NA 460 46.73 -43.29 -63.57
C TYR NA 460 45.73 -43.40 -64.70
N ASN NA 461 44.83 -42.42 -64.77
CA ASN NA 461 43.82 -42.38 -65.81
C ASN NA 461 44.20 -41.38 -66.89
N VAL NA 462 44.02 -41.79 -68.15
CA VAL NA 462 44.35 -40.94 -69.28
C VAL NA 462 43.21 -40.99 -70.30
N PRO NA 463 42.92 -39.89 -70.98
CA PRO NA 463 41.87 -39.92 -72.02
C PRO NA 463 42.35 -40.57 -73.30
N THR NA 464 41.76 -41.71 -73.66
CA THR NA 464 42.11 -42.41 -74.88
C THR NA 464 40.93 -42.46 -75.83
N ILE NA 465 41.23 -42.42 -77.12
CA ILE NA 465 40.24 -42.52 -78.18
C ILE NA 465 40.35 -43.91 -78.80
N TRP NA 466 39.20 -44.54 -79.01
CA TRP NA 466 39.13 -45.91 -79.47
C TRP NA 466 38.58 -45.96 -80.89
N LEU NA 467 39.40 -46.46 -81.81
CA LEU NA 467 39.02 -46.63 -83.20
C LEU NA 467 38.71 -48.09 -83.46
N GLU NA 468 37.60 -48.35 -84.12
CA GLU NA 468 37.17 -49.70 -84.45
C GLU NA 468 37.15 -49.90 -85.96
N GLY NA 469 37.41 -51.13 -86.38
CA GLY NA 469 37.38 -51.49 -87.79
C GLY NA 469 38.20 -50.60 -88.69
N VAL NA 470 39.52 -50.65 -88.55
CA VAL NA 470 40.45 -49.88 -89.38
C VAL NA 470 41.40 -50.85 -90.07
N VAL NA 471 41.40 -50.84 -91.40
CA VAL NA 471 42.25 -51.74 -92.18
C VAL NA 471 43.58 -51.06 -92.42
N TRP NA 472 44.66 -51.68 -91.96
CA TRP NA 472 46.00 -51.16 -92.19
C TRP NA 472 46.46 -51.47 -93.61
N GLY NA 473 47.46 -50.74 -94.06
CA GLY NA 473 47.99 -50.93 -95.39
C GLY NA 473 48.80 -49.72 -95.82
N GLY NA 474 49.07 -49.66 -97.12
CA GLY NA 474 49.76 -48.51 -97.68
C GLY NA 474 51.26 -48.56 -97.47
N THR NA 475 52.01 -48.23 -98.50
CA THR NA 475 53.47 -48.21 -98.42
C THR NA 475 53.94 -46.98 -97.66
N ASN NA 476 55.14 -47.10 -97.07
CA ASN NA 476 55.69 -46.03 -96.25
C ASN NA 476 56.40 -45.02 -97.16
N THR NA 477 55.61 -44.09 -97.70
CA THR NA 477 56.12 -43.00 -98.51
C THR NA 477 55.70 -41.68 -97.88
N TRP NA 478 56.66 -40.78 -97.69
CA TRP NA 478 56.40 -39.50 -97.04
C TRP NA 478 56.28 -38.39 -98.06
N ASN NA 479 55.23 -37.59 -97.93
CA ASN NA 479 54.99 -36.43 -98.79
C ASN NA 479 55.29 -35.20 -97.97
N GLU NA 480 56.21 -34.36 -98.45
CA GLU NA 480 56.64 -33.20 -97.70
C GLU NA 480 55.93 -31.95 -98.21
N CYS NA 481 55.36 -31.18 -97.30
CA CYS NA 481 54.61 -29.98 -97.63
C CYS NA 481 55.50 -28.78 -97.40
N TYR NA 482 56.25 -28.42 -98.44
CA TYR NA 482 57.11 -27.24 -98.44
C TYR NA 482 56.48 -26.19 -99.35
N TYR NA 483 55.85 -25.19 -98.75
CA TYR NA 483 55.22 -24.14 -99.55
C TYR NA 483 55.45 -22.77 -98.92
N PRO OA 4 85.65 -99.88 40.32
CA PRO OA 4 86.96 -100.51 40.22
C PRO OA 4 87.44 -100.62 38.78
N PHE OA 5 88.51 -99.91 38.45
CA PHE OA 5 89.06 -99.91 37.10
C PHE OA 5 90.20 -100.92 37.00
N GLU OA 6 90.10 -101.83 36.03
CA GLU OA 6 91.12 -102.82 35.79
C GLU OA 6 91.52 -102.80 34.33
N ILE OA 7 92.75 -103.21 34.06
CA ILE OA 7 93.26 -103.34 32.71
C ILE OA 7 93.74 -104.77 32.51
N GLU OA 8 93.54 -105.31 31.31
CA GLU OA 8 93.97 -106.65 30.97
C GLU OA 8 95.09 -106.57 29.95
N VAL OA 9 96.21 -107.21 30.27
CA VAL OA 9 97.36 -107.26 29.37
C VAL OA 9 97.29 -108.56 28.58
N LEU OA 10 97.46 -108.46 27.27
CA LEU OA 10 97.39 -109.63 26.41
C LEU OA 10 98.75 -110.30 26.36
N LEU OA 11 98.83 -111.51 26.89
CA LEU OA 11 100.07 -112.27 26.81
C LEU OA 11 100.33 -112.67 25.36
N PRO OA 12 101.56 -112.55 24.87
CA PRO OA 12 101.86 -113.04 23.52
C PRO OA 12 101.67 -114.55 23.46
N GLY OA 13 101.14 -115.00 22.32
CA GLY OA 13 100.94 -116.42 22.14
C GLY OA 13 102.24 -117.20 22.08
N GLU OA 14 102.11 -118.51 21.83
CA GLU OA 14 103.22 -119.44 21.70
C GLU OA 14 104.33 -119.17 22.72
N LEU OA 15 103.93 -118.97 23.97
CA LEU OA 15 104.88 -118.74 25.04
C LEU OA 15 105.34 -120.07 25.63
N SER OA 16 106.62 -120.15 25.95
CA SER OA 16 107.16 -121.36 26.53
C SER OA 16 106.60 -121.59 27.93
N PRO OA 17 106.47 -122.85 28.35
CA PRO OA 17 105.92 -123.09 29.70
C PRO OA 17 106.83 -122.62 30.81
N ALA OA 18 108.14 -122.50 30.56
CA ALA OA 18 109.04 -122.02 31.60
C ALA OA 18 108.79 -120.55 31.91
N GLU OA 19 108.55 -119.74 30.88
CA GLU OA 19 108.29 -118.32 31.10
C GLU OA 19 106.91 -118.11 31.70
N THR OA 20 105.93 -118.93 31.30
CA THR OA 20 104.60 -118.81 31.87
C THR OA 20 104.62 -119.07 33.37
N SER OA 21 105.40 -120.05 33.82
CA SER OA 21 105.52 -120.33 35.24
C SER OA 21 106.17 -119.17 35.96
N ALA OA 22 107.20 -118.58 35.36
CA ALA OA 22 107.85 -117.42 35.98
C ALA OA 22 106.91 -116.22 35.99
N LEU OA 23 106.05 -116.10 34.98
CA LEU OA 23 105.10 -115.00 34.97
C LEU OA 23 104.03 -115.17 36.04
N GLN OA 24 103.62 -116.40 36.34
CA GLN OA 24 102.68 -116.63 37.43
C GLN OA 24 103.30 -116.32 38.79
N LYS OA 25 104.63 -116.23 38.87
CA LYS OA 25 105.27 -115.89 40.13
C LYS OA 25 105.07 -114.44 40.50
N CYS OA 26 104.98 -113.56 39.50
CA CYS OA 26 104.82 -112.12 39.73
C CYS OA 26 103.34 -111.83 39.91
N GLU OA 27 102.83 -112.14 41.10
CA GLU OA 27 101.40 -112.01 41.37
C GLU OA 27 101.02 -110.62 41.85
N GLY OA 28 101.85 -110.00 42.70
CA GLY OA 28 101.49 -108.73 43.29
C GLY OA 28 102.52 -107.64 43.10
N LYS OA 29 103.16 -107.61 41.94
CA LYS OA 29 104.13 -106.57 41.65
C LYS OA 29 103.47 -105.39 40.93
N ILE OA 30 104.23 -104.32 40.76
CA ILE OA 30 103.73 -103.07 40.19
C ILE OA 30 104.28 -102.91 38.78
N ILE OA 31 103.41 -102.58 37.84
CA ILE OA 31 103.80 -102.21 36.49
C ILE OA 31 103.27 -100.81 36.21
N THR OA 32 103.69 -100.24 35.10
CA THR OA 32 103.35 -98.87 34.75
C THR OA 32 102.98 -98.77 33.28
N PHE OA 33 102.17 -97.77 32.95
CA PHE OA 33 101.64 -97.58 31.61
C PHE OA 33 101.79 -96.12 31.20
N SER OA 34 102.08 -95.88 29.92
CA SER OA 34 102.20 -94.51 29.44
C SER OA 34 100.83 -93.88 29.22
N THR OA 35 99.95 -94.59 28.52
CA THR OA 35 98.57 -94.16 28.30
C THR OA 35 97.63 -95.21 28.86
N LEU OA 36 96.62 -94.78 29.59
CA LEU OA 36 95.72 -95.70 30.27
C LEU OA 36 94.60 -96.14 29.33
N ARG OA 37 94.33 -97.45 29.32
CA ARG OA 37 93.31 -98.01 28.45
C ARG OA 37 93.02 -99.44 28.91
N HIS OA 38 91.81 -99.91 28.61
CA HIS OA 38 91.41 -101.25 29.01
C HIS OA 38 92.24 -102.31 28.30
N ARG OA 39 92.45 -102.14 26.99
CA ARG OA 39 93.22 -103.08 26.19
C ARG OA 39 94.60 -102.50 25.94
N ALA OA 40 95.64 -103.32 26.13
CA ALA OA 40 97.00 -102.88 25.92
C ALA OA 40 97.86 -104.10 25.56
N SER OA 41 99.07 -103.82 25.10
CA SER OA 41 99.99 -104.85 24.65
C SER OA 41 101.21 -104.89 25.56
N LEU OA 42 101.96 -106.00 25.45
CA LEU OA 42 103.10 -106.22 26.33
C LEU OA 42 104.25 -105.25 26.06
N VAL OA 43 104.27 -104.62 24.89
CA VAL OA 43 105.39 -103.75 24.55
C VAL OA 43 105.44 -102.54 25.47
N ASP OA 44 104.30 -102.14 26.03
CA ASP OA 44 104.26 -100.95 26.85
C ASP OA 44 104.97 -101.16 28.18
N ILE OA 45 104.78 -102.34 28.79
CA ILE OA 45 105.37 -102.62 30.09
C ILE OA 45 106.88 -102.86 29.98
N ALA OA 46 107.36 -103.22 28.79
CA ALA OA 46 108.75 -103.61 28.61
C ALA OA 46 109.71 -102.46 28.93
N LEU OA 47 110.98 -102.82 29.11
CA LEU OA 47 112.01 -101.82 29.27
C LEU OA 47 112.28 -101.09 27.96
N SER OA 48 112.01 -101.74 26.83
CA SER OA 48 112.22 -101.10 25.53
C SER OA 48 111.36 -99.86 25.38
N SER OA 49 110.18 -99.84 26.01
CA SER OA 49 109.33 -98.67 25.95
C SER OA 49 109.88 -97.50 26.76
N TYR OA 50 110.85 -97.77 27.64
CA TYR OA 50 111.46 -96.70 28.42
C TYR OA 50 112.52 -95.94 27.63
N TYR OA 51 112.93 -96.46 26.48
CA TYR OA 51 114.04 -95.87 25.72
C TYR OA 51 113.77 -94.40 25.43
N ILE OA 52 114.79 -93.56 25.59
CA ILE OA 52 114.59 -92.14 25.38
C ILE OA 52 115.01 -91.74 23.97
N ASN OA 53 116.28 -91.91 23.62
CA ASN OA 53 116.71 -91.60 22.27
C ASN OA 53 116.77 -92.85 21.41
N GLY OA 54 117.66 -93.77 21.74
CA GLY OA 54 117.72 -95.07 21.09
C GLY OA 54 118.21 -96.16 22.01
N ALA OA 55 118.38 -95.85 23.29
CA ALA OA 55 119.12 -96.73 24.18
C ALA OA 55 118.35 -97.00 25.47
N PRO OA 56 118.77 -97.98 26.26
CA PRO OA 56 118.18 -98.15 27.59
C PRO OA 56 118.28 -96.86 28.40
N PRO OA 57 117.30 -96.59 29.24
CA PRO OA 57 117.22 -95.30 29.92
C PRO OA 57 118.26 -95.21 31.04
N ASP OA 58 118.21 -94.10 31.76
CA ASP OA 58 119.10 -93.81 32.87
C ASP OA 58 118.31 -93.75 34.17
N THR OA 59 119.04 -93.83 35.29
CA THR OA 59 118.39 -93.74 36.59
C THR OA 59 117.67 -92.40 36.76
N LEU OA 60 118.36 -91.30 36.49
CA LEU OA 60 117.72 -89.99 36.55
C LEU OA 60 116.60 -89.88 35.54
N SER OA 61 116.76 -90.50 34.36
CA SER OA 61 115.67 -90.51 33.40
C SER OA 61 114.52 -91.38 33.87
N LEU OA 62 114.82 -92.47 34.59
CA LEU OA 62 113.76 -93.33 35.09
C LEU OA 62 112.90 -92.61 36.11
N LEU OA 63 113.51 -91.78 36.95
CA LEU OA 63 112.74 -91.01 37.91
C LEU OA 63 111.72 -90.11 37.22
N GLU OA 64 112.08 -89.56 36.07
CA GLU OA 64 111.11 -88.76 35.32
C GLU OA 64 110.03 -89.63 34.70
N ALA OA 65 110.41 -90.79 34.17
CA ALA OA 65 109.44 -91.67 33.54
C ALA OA 65 108.42 -92.18 34.56
N TYR OA 66 108.81 -92.29 35.82
CA TYR OA 66 107.88 -92.77 36.83
C TYR OA 66 106.82 -91.73 37.17
N ARG OA 67 107.09 -90.46 36.88
CA ARG OA 67 106.11 -89.42 37.16
C ARG OA 67 105.09 -89.31 36.04
N MET OA 68 105.55 -89.25 34.80
CA MET OA 68 104.62 -89.11 33.67
C MET OA 68 103.73 -90.33 33.54
N ARG OA 69 104.30 -91.53 33.69
CA ARG OA 69 103.55 -92.74 33.43
C ARG OA 69 102.54 -93.02 34.53
N PHE OA 70 101.44 -93.68 34.15
CA PHE OA 70 100.48 -94.16 35.12
C PHE OA 70 101.01 -95.41 35.82
N ALA OA 71 100.39 -95.75 36.94
CA ALA OA 71 100.82 -96.90 37.73
C ALA OA 71 99.72 -97.95 37.75
N ALA OA 72 100.12 -99.21 37.94
CA ALA OA 72 99.18 -100.31 38.00
C ALA OA 72 99.75 -101.42 38.87
N VAL OA 73 98.87 -102.29 39.35
CA VAL OA 73 99.24 -103.39 40.22
C VAL OA 73 98.75 -104.69 39.61
N ILE OA 74 99.66 -105.66 39.50
CA ILE OA 74 99.29 -106.96 38.96
C ILE OA 74 98.41 -107.70 39.95
N THR OA 75 97.53 -108.55 39.43
CA THR OA 75 96.65 -109.38 40.24
C THR OA 75 96.60 -110.74 39.56
N ARG OA 76 95.62 -111.56 39.95
CA ARG OA 76 95.49 -112.93 39.47
C ARG OA 76 95.68 -113.01 37.96
N VAL OA 77 96.69 -113.78 37.55
CA VAL OA 77 97.03 -113.98 36.14
C VAL OA 77 96.51 -115.35 35.70
N ILE OA 78 95.90 -115.39 34.53
CA ILE OA 78 95.42 -116.64 33.93
C ILE OA 78 96.38 -116.99 32.80
N PRO OA 79 96.37 -118.23 32.28
CA PRO OA 79 97.33 -118.57 31.21
C PRO OA 79 97.21 -117.69 29.98
N GLY OA 80 96.04 -117.11 29.73
CA GLY OA 80 95.87 -116.29 28.54
C GLY OA 80 96.06 -114.80 28.79
N LYS OA 81 95.40 -114.27 29.81
CA LYS OA 81 95.37 -112.84 30.07
C LYS OA 81 96.16 -112.50 31.33
N LEU OA 82 96.48 -111.22 31.48
CA LEU OA 82 97.20 -110.70 32.63
C LEU OA 82 96.37 -109.57 33.24
N LEU OA 83 95.61 -109.89 34.27
CA LEU OA 83 94.76 -108.90 34.91
C LEU OA 83 95.59 -107.95 35.77
N ALA OA 84 95.15 -106.69 35.84
CA ALA OA 84 95.83 -105.69 36.64
C ALA OA 84 94.89 -104.52 36.89
N HIS OA 85 95.05 -103.88 38.04
CA HIS OA 85 94.23 -102.75 38.44
C HIS OA 85 95.05 -101.47 38.46
N ALA OA 86 94.36 -100.34 38.30
CA ALA OA 86 95.03 -99.04 38.30
C ALA OA 86 95.11 -98.49 39.72
N ILE OA 87 95.92 -97.44 39.88
CA ILE OA 87 96.16 -96.87 41.20
C ILE OA 87 95.88 -95.37 41.20
N GLY OA 88 96.52 -94.65 40.29
CA GLY OA 88 96.49 -93.20 40.29
C GLY OA 88 95.11 -92.57 40.28
N VAL OA 89 94.33 -92.84 39.23
CA VAL OA 89 92.97 -92.30 39.15
C VAL OA 89 92.13 -92.84 40.30
N GLY OA 90 91.29 -91.98 40.87
CA GLY OA 90 90.46 -92.39 41.99
C GLY OA 90 89.45 -93.45 41.62
N THR OA 91 89.70 -94.68 42.09
CA THR OA 91 88.81 -95.81 41.83
C THR OA 91 88.84 -96.69 43.07
N PRO OA 92 87.68 -97.17 43.52
CA PRO OA 92 87.65 -98.04 44.71
C PRO OA 92 88.17 -99.44 44.37
N THR OA 93 89.12 -99.92 45.16
CA THR OA 93 89.68 -101.25 45.01
C THR OA 93 89.60 -101.97 46.35
N PRO OA 94 88.75 -102.97 46.49
CA PRO OA 94 88.67 -103.69 47.77
C PRO OA 94 89.70 -104.79 47.87
N GLY OA 95 90.43 -104.84 48.98
CA GLY OA 95 91.40 -105.88 49.21
C GLY OA 95 92.58 -105.83 48.26
N LEU OA 96 93.38 -104.77 48.36
CA LEU OA 96 94.55 -104.60 47.52
C LEU OA 96 95.78 -105.12 48.25
N PHE OA 97 96.63 -105.84 47.52
CA PHE OA 97 97.84 -106.40 48.09
C PHE OA 97 98.99 -106.23 47.11
N ILE OA 98 100.19 -105.99 47.64
CA ILE OA 98 101.39 -105.84 46.83
C ILE OA 98 102.49 -106.71 47.42
N GLN OA 99 103.48 -107.02 46.60
CA GLN OA 99 104.60 -107.87 46.98
C GLN OA 99 105.85 -107.03 47.22
N ASN OA 100 106.47 -107.23 48.37
CA ASN OA 100 107.67 -106.48 48.71
C ASN OA 100 108.83 -106.88 47.80
N THR OA 101 109.46 -105.89 47.18
CA THR OA 101 110.61 -106.13 46.32
C THR OA 101 111.90 -105.54 46.86
N SER OA 102 111.84 -104.67 47.85
CA SER OA 102 113.02 -104.05 48.40
C SER OA 102 113.72 -104.98 49.39
N PRO OA 103 115.02 -104.79 49.61
CA PRO OA 103 115.72 -105.62 50.62
C PRO OA 103 115.37 -105.26 52.05
N VAL OA 104 114.87 -104.06 52.31
CA VAL OA 104 114.53 -103.63 53.65
C VAL OA 104 113.12 -104.09 53.98
N ASP OA 105 112.79 -104.05 55.27
CA ASP OA 105 111.50 -104.54 55.75
C ASP OA 105 110.50 -103.39 55.87
N LEU OA 106 109.23 -103.75 55.89
CA LEU OA 106 108.14 -102.80 56.05
C LEU OA 106 107.32 -103.14 57.29
N CYS OA 107 106.78 -102.10 57.93
CA CYS OA 107 105.94 -102.25 59.11
C CYS OA 107 104.64 -101.51 58.88
N ASN OA 108 103.72 -101.62 59.83
CA ASN OA 108 102.42 -100.99 59.70
C ASN OA 108 102.55 -99.47 59.69
N GLY OA 109 101.68 -98.83 58.93
CA GLY OA 109 101.69 -97.38 58.84
C GLY OA 109 102.92 -96.81 58.16
N ASP OA 110 103.29 -97.33 57.00
CA ASP OA 110 104.46 -96.87 56.26
C ASP OA 110 104.03 -96.43 54.86
N TYR OA 111 104.37 -95.21 54.50
CA TYR OA 111 104.10 -94.73 53.14
C TYR OA 111 105.07 -95.36 52.17
N ILE OA 112 104.58 -95.67 50.98
CA ILE OA 112 105.34 -96.37 49.96
C ILE OA 112 105.73 -95.39 48.87
N CYS OA 113 106.97 -95.48 48.41
CA CYS OA 113 107.47 -94.68 47.30
C CYS OA 113 107.85 -95.62 46.15
N LEU OA 114 108.46 -95.06 45.11
CA LEU OA 114 108.78 -95.84 43.92
C LEU OA 114 110.06 -95.26 43.33
N LEU OA 115 111.08 -96.10 43.20
CA LEU OA 115 112.35 -95.68 42.63
C LEU OA 115 112.97 -96.80 41.81
N PRO OA 116 113.76 -96.47 40.81
CA PRO OA 116 114.38 -97.50 39.97
C PRO OA 116 115.38 -98.32 40.76
N PRO OA 117 115.80 -99.48 40.25
CA PRO OA 117 116.77 -100.30 40.98
C PRO OA 117 118.11 -99.62 41.12
N VAL OA 118 118.47 -99.26 42.35
CA VAL OA 118 119.75 -98.65 42.67
C VAL OA 118 120.72 -99.66 43.25
N PHE OA 119 120.22 -100.70 43.91
CA PHE OA 119 121.03 -101.76 44.47
C PHE OA 119 121.47 -102.71 43.37
N GLY OA 120 121.94 -103.89 43.75
CA GLY OA 120 122.40 -104.89 42.81
C GLY OA 120 121.46 -105.19 41.66
N SER OA 121 121.97 -105.82 40.62
CA SER OA 121 121.26 -106.05 39.36
C SER OA 121 119.81 -106.48 39.60
N ALA OA 122 118.89 -105.77 38.95
CA ALA OA 122 117.47 -105.96 39.18
C ALA OA 122 117.02 -107.33 38.71
N ASP OA 123 116.48 -108.11 39.64
CA ASP OA 123 115.88 -109.39 39.28
C ASP OA 123 114.59 -109.14 38.52
N SER OA 124 114.58 -109.53 37.24
CA SER OA 124 113.45 -109.26 36.38
C SER OA 124 113.30 -110.39 35.37
N ILE OA 125 112.06 -110.67 35.00
CA ILE OA 125 111.79 -111.72 34.04
C ILE OA 125 112.43 -111.37 32.71
N ARG OA 126 112.91 -112.38 32.01
CA ARG OA 126 113.51 -112.22 30.70
C ARG OA 126 112.84 -113.17 29.71
N LEU OA 127 112.36 -112.62 28.61
CA LEU OA 127 111.59 -113.37 27.62
C LEU OA 127 112.41 -113.44 26.35
N ASP OA 128 112.89 -114.63 26.01
CA ASP OA 128 113.79 -114.79 24.87
C ASP OA 128 113.04 -114.97 23.56
N SER OA 129 111.98 -115.77 23.58
CA SER OA 129 111.24 -116.06 22.35
C SER OA 129 110.66 -114.78 21.75
N VAL OA 130 110.03 -113.94 22.58
CA VAL OA 130 109.43 -112.72 22.06
C VAL OA 130 110.43 -111.57 22.03
N GLY OA 131 111.46 -111.62 22.87
CA GLY OA 131 112.59 -110.72 22.72
C GLY OA 131 112.55 -109.44 23.56
N LEU OA 132 111.74 -109.39 24.61
CA LEU OA 132 111.66 -108.22 25.46
C LEU OA 132 111.78 -108.63 26.92
N GLU OA 133 112.30 -107.72 27.74
CA GLU OA 133 112.47 -107.94 29.17
C GLU OA 133 111.63 -106.94 29.94
N ILE OA 134 111.18 -107.34 31.12
CA ILE OA 134 110.26 -106.54 31.93
C ILE OA 134 110.89 -106.37 33.30
N VAL OA 135 111.32 -105.16 33.60
CA VAL OA 135 111.92 -104.84 34.90
C VAL OA 135 110.84 -104.29 35.82
N PHE OA 136 110.91 -104.66 37.09
CA PHE OA 136 109.87 -104.14 37.97
C PHE OA 136 110.45 -103.11 38.93
N PRO OA 137 109.69 -102.07 39.24
CA PRO OA 137 110.20 -101.00 40.11
C PRO OA 137 110.37 -101.50 41.54
N LEU OA 138 111.08 -100.69 42.32
CA LEU OA 138 111.42 -101.01 43.69
C LEU OA 138 110.68 -100.07 44.64
N THR OA 139 110.19 -100.63 45.75
CA THR OA 139 109.33 -99.90 46.68
C THR OA 139 109.98 -99.85 48.05
N ILE OA 140 110.27 -98.64 48.53
CA ILE OA 140 110.85 -98.46 49.86
C ILE OA 140 109.98 -97.49 50.66
N PRO OA 141 110.13 -97.42 51.99
CA PRO OA 141 109.38 -96.42 52.76
C PRO OA 141 109.80 -94.99 52.44
N GLN OA 142 109.07 -94.03 53.00
CA GLN OA 142 109.34 -92.63 52.71
C GLN OA 142 110.67 -92.20 53.31
N THR OA 143 110.93 -92.57 54.56
CA THR OA 143 112.14 -92.13 55.25
C THR OA 143 113.39 -92.57 54.49
N LEU OA 144 113.41 -93.82 54.02
CA LEU OA 144 114.55 -94.28 53.25
C LEU OA 144 114.62 -93.59 51.90
N MET OA 145 113.46 -93.27 51.32
CA MET OA 145 113.44 -92.67 49.99
C MET OA 145 114.10 -91.30 49.99
N ARG OA 146 113.83 -90.49 51.01
CA ARG OA 146 114.37 -89.14 51.06
C ARG OA 146 115.88 -89.14 51.23
N GLU OA 147 116.45 -90.24 51.73
CA GLU OA 147 117.90 -90.31 51.90
C GLU OA 147 118.58 -90.80 50.64
N ILE OA 148 117.96 -91.73 49.91
CA ILE OA 148 118.53 -92.21 48.66
C ILE OA 148 118.63 -91.06 47.66
N ILE OA 149 117.57 -90.26 47.56
CA ILE OA 149 117.57 -89.15 46.61
C ILE OA 149 118.59 -88.09 47.02
N ALA OA 150 118.69 -87.83 48.32
CA ALA OA 150 119.61 -86.79 48.79
C ALA OA 150 121.06 -87.15 48.46
N LYS OA 151 121.38 -88.43 48.40
CA LYS OA 151 122.74 -88.83 48.12
C LYS OA 151 123.02 -88.96 46.63
N VAL OA 152 122.00 -89.26 45.82
CA VAL OA 152 122.22 -89.45 44.40
C VAL OA 152 122.38 -88.11 43.70
N VAL OA 153 121.79 -87.05 44.25
CA VAL OA 153 121.95 -85.73 43.65
C VAL OA 153 123.27 -85.11 44.07
N ALA OA 154 123.70 -85.34 45.31
CA ALA OA 154 125.00 -84.87 45.75
C ALA OA 154 126.12 -85.47 44.90
N ARG OA 155 125.99 -86.75 44.56
CA ARG OA 155 126.95 -87.36 43.64
C ARG OA 155 126.85 -86.74 42.26
N ALA OA 156 125.66 -86.30 41.85
CA ALA OA 156 125.50 -85.71 40.53
C ALA OA 156 126.24 -84.39 40.41
N VAL OA 157 126.14 -83.54 41.44
CA VAL OA 157 126.88 -82.28 41.42
C VAL OA 157 128.38 -82.54 41.43
N GLU OA 158 128.81 -83.58 42.14
CA GLU OA 158 130.24 -83.89 42.18
C GLU OA 158 130.76 -84.26 40.80
N ARG OA 159 130.00 -85.07 40.06
CA ARG OA 159 130.47 -85.52 38.75
C ARG OA 159 130.52 -84.37 37.76
N THR OA 160 129.50 -83.52 37.76
CA THR OA 160 129.47 -82.36 36.89
C THR OA 160 129.88 -81.10 37.64
N ASP OA 176 129.05 -94.45 48.67
CA ASP OA 176 127.67 -94.23 49.11
C ASP OA 176 127.17 -95.38 49.97
N VAL OA 177 126.98 -95.12 51.26
CA VAL OA 177 126.46 -96.11 52.19
C VAL OA 177 125.24 -95.52 52.88
N ILE OA 178 124.30 -96.38 53.25
CA ILE OA 178 123.09 -95.99 53.97
C ILE OA 178 122.90 -96.94 55.14
N CYS OA 179 122.43 -96.41 56.25
CA CYS OA 179 122.21 -97.19 57.46
C CYS OA 179 120.72 -97.25 57.73
N TYR OA 180 120.18 -98.46 57.79
CA TYR OA 180 118.76 -98.67 58.08
C TYR OA 180 118.64 -99.89 58.98
N ASN OA 181 118.04 -99.69 60.15
CA ASN OA 181 117.90 -100.75 61.15
C ASN OA 181 119.26 -101.34 61.52
N GLY OA 182 120.28 -100.47 61.63
CA GLY OA 182 121.60 -100.93 61.99
C GLY OA 182 122.30 -101.76 60.95
N ARG OA 183 121.82 -101.74 59.71
CA ARG OA 183 122.44 -102.47 58.61
C ARG OA 183 122.90 -101.48 57.56
N ARG OA 184 124.03 -101.77 56.93
CA ARG OA 184 124.62 -100.90 55.92
C ARG OA 184 124.41 -101.47 54.53
N TYR OA 185 124.06 -100.61 53.60
CA TYR OA 185 123.85 -100.98 52.21
C TYR OA 185 124.72 -100.13 51.31
N GLU OA 186 124.73 -100.47 50.02
CA GLU OA 186 125.51 -99.78 49.02
C GLU OA 186 124.59 -99.31 47.92
N LEU OA 187 124.93 -98.16 47.32
CA LEU OA 187 124.20 -97.62 46.18
C LEU OA 187 125.17 -97.41 45.03
N GLU OA 188 125.05 -98.24 44.00
CA GLU OA 188 125.77 -98.01 42.75
C GLU OA 188 124.82 -97.24 41.83
N THR OA 189 125.16 -95.99 41.55
CA THR OA 189 124.32 -95.13 40.74
C THR OA 189 124.85 -95.06 39.32
N ASN OA 190 123.95 -94.87 38.38
CA ASN OA 190 124.28 -94.82 36.96
C ASN OA 190 123.84 -93.47 36.40
N LEU OA 191 124.78 -92.77 35.77
CA LEU OA 191 124.48 -91.51 35.08
C LEU OA 191 125.22 -91.46 33.75
N GLN OA 192 125.22 -92.56 33.01
CA GLN OA 192 125.94 -92.61 31.74
C GLN OA 192 125.42 -91.57 30.75
N HIS OA 193 124.24 -91.01 30.97
CA HIS OA 193 123.73 -89.91 30.17
C HIS OA 193 124.03 -88.58 30.85
N ARG OA 194 123.86 -87.50 30.10
CA ARG OA 194 124.11 -86.16 30.60
C ARG OA 194 122.96 -85.19 30.43
N ASP OA 195 122.07 -85.42 29.46
CA ASP OA 195 120.97 -84.51 29.21
C ASP OA 195 120.00 -84.39 30.38
N GLY OA 196 119.99 -85.37 31.29
CA GLY OA 196 119.06 -85.34 32.41
C GLY OA 196 119.71 -84.95 33.72
N SER OA 197 121.02 -85.17 33.83
CA SER OA 197 121.72 -84.83 35.06
C SER OA 197 121.71 -83.32 35.30
N ASP OA 198 121.86 -82.53 34.25
CA ASP OA 198 121.87 -81.08 34.42
C ASP OA 198 120.48 -80.55 34.75
N ALA OA 199 119.43 -81.23 34.29
CA ALA OA 199 118.07 -80.77 34.59
C ALA OA 199 117.77 -80.84 36.07
N ALA OA 200 118.33 -81.82 36.78
CA ALA OA 200 118.13 -81.90 38.22
C ALA OA 200 118.80 -80.75 38.96
N ILE OA 201 119.87 -80.21 38.37
CA ILE OA 201 120.54 -79.07 38.99
C ILE OA 201 119.68 -77.82 38.86
N ARG OA 202 119.00 -77.67 37.72
CA ARG OA 202 118.17 -76.49 37.51
C ARG OA 202 117.03 -76.42 38.50
N THR OA 203 116.30 -77.53 38.66
CA THR OA 203 115.17 -77.54 39.59
C THR OA 203 115.64 -77.45 41.04
N LEU OA 204 116.91 -77.73 41.31
CA LEU OA 204 117.43 -77.58 42.67
C LEU OA 204 117.66 -76.11 43.01
N VAL OA 205 118.42 -75.42 42.16
CA VAL OA 205 118.76 -74.02 42.44
C VAL OA 205 117.52 -73.15 42.46
N LEU OA 206 116.52 -73.48 41.63
CA LEU OA 206 115.29 -72.69 41.61
C LEU OA 206 114.55 -72.75 42.95
N ASN OA 207 114.68 -73.84 43.69
CA ASN OA 207 114.07 -73.93 45.01
C ASN OA 207 114.83 -73.13 46.04
N LEU OA 208 116.17 -73.17 46.01
CA LEU OA 208 116.96 -72.38 46.94
C LEU OA 208 116.80 -70.88 46.66
N MET OA 209 116.64 -70.50 45.39
CA MET OA 209 116.55 -69.09 45.06
C MET OA 209 115.24 -68.48 45.54
N PHE OA 210 114.16 -69.24 45.54
CA PHE OA 210 112.86 -68.75 45.96
C PHE OA 210 112.65 -68.84 47.46
N SER OA 211 113.67 -69.24 48.21
CA SER OA 211 113.62 -69.29 49.66
C SER OA 211 114.42 -68.17 50.30
N ILE OA 212 114.60 -67.06 49.58
CA ILE OA 212 115.39 -65.93 50.03
C ILE OA 212 114.50 -64.70 49.94
N ASN OA 213 113.93 -64.29 51.06
CA ASN OA 213 113.10 -63.10 51.14
C ASN OA 213 113.75 -62.08 52.04
N GLU OA 214 113.04 -60.99 52.29
CA GLU OA 214 113.57 -59.90 53.11
C GLU OA 214 113.82 -60.32 54.55
N GLY OA 215 113.09 -61.31 55.07
CA GLY OA 215 113.22 -61.66 56.47
C GLY OA 215 114.37 -62.58 56.82
N CYS OA 216 115.21 -62.96 55.86
CA CYS OA 216 116.37 -63.79 56.19
C CYS OA 216 117.29 -63.10 57.17
N LEU OA 217 117.44 -61.77 57.04
CA LEU OA 217 118.42 -61.03 57.81
C LEU OA 217 118.20 -61.21 59.31
N LEU OA 218 116.94 -61.25 59.74
CA LEU OA 218 116.66 -61.49 61.15
C LEU OA 218 117.07 -62.90 61.55
N LEU OA 219 116.63 -63.90 60.78
CA LEU OA 219 116.98 -65.29 61.08
C LEU OA 219 118.48 -65.54 60.97
N LEU OA 220 119.19 -64.78 60.13
CA LEU OA 220 120.64 -64.88 60.08
C LEU OA 220 121.33 -64.10 61.20
N ALA OA 221 120.63 -63.17 61.83
CA ALA OA 221 121.21 -62.46 62.96
C ALA OA 221 121.04 -63.21 64.27
N LEU OA 222 120.21 -64.26 64.29
CA LEU OA 222 119.98 -65.06 65.47
C LEU OA 222 121.00 -66.19 65.62
N ILE OA 223 122.06 -66.17 64.81
CA ILE OA 223 123.07 -67.22 64.91
C ILE OA 223 123.82 -67.18 66.24
N PRO OA 224 124.37 -66.05 66.69
CA PRO OA 224 125.13 -66.08 67.95
C PRO OA 224 124.33 -66.58 69.14
N THR OA 225 123.10 -66.07 69.33
CA THR OA 225 122.28 -66.54 70.44
C THR OA 225 121.95 -68.01 70.31
N LEU OA 226 121.88 -68.52 69.07
CA LEU OA 226 121.68 -69.95 68.89
C LEU OA 226 122.88 -70.73 69.40
N LEU OA 227 124.09 -70.24 69.14
CA LEU OA 227 125.29 -70.91 69.64
C LEU OA 227 125.34 -70.90 71.16
N VAL OA 228 124.87 -69.82 71.80
CA VAL OA 228 124.78 -69.81 73.25
C VAL OA 228 123.77 -70.84 73.72
N GLN OA 229 122.60 -70.88 73.10
CA GLN OA 229 121.62 -71.89 73.41
C GLN OA 229 122.09 -73.29 73.01
N GLY OA 230 123.10 -73.38 72.15
CA GLY OA 230 123.68 -74.68 71.84
C GLY OA 230 124.33 -75.30 73.06
N ALA OA 231 125.08 -74.51 73.82
CA ALA OA 231 125.62 -74.96 75.09
C ALA OA 231 124.52 -75.01 76.14
N HIS OA 232 124.82 -75.67 77.25
CA HIS OA 232 123.91 -75.85 78.39
C HIS OA 232 122.51 -76.27 77.94
N ASP OA 233 122.43 -77.02 76.84
CA ASP OA 233 121.18 -77.59 76.38
C ASP OA 233 121.25 -79.08 76.13
N GLY OA 234 122.38 -79.57 75.60
CA GLY OA 234 122.56 -80.97 75.34
C GLY OA 234 121.76 -81.51 74.18
N TYR OA 235 120.87 -80.74 73.60
CA TYR OA 235 120.08 -81.18 72.46
C TYR OA 235 120.38 -80.37 71.20
N VAL OA 236 120.62 -79.07 71.35
CA VAL OA 236 120.95 -78.24 70.18
C VAL OA 236 122.29 -78.64 69.59
N ASN OA 237 123.20 -79.18 70.41
CA ASN OA 237 124.51 -79.59 69.91
C ASN OA 237 124.36 -80.56 68.74
N LEU OA 238 123.49 -81.55 68.90
CA LEU OA 238 123.24 -82.48 67.79
C LEU OA 238 122.78 -81.74 66.55
N LEU OA 239 121.92 -80.75 66.70
CA LEU OA 239 121.51 -79.94 65.55
C LEU OA 239 122.66 -79.10 65.03
N ILE OA 240 123.59 -78.70 65.90
CA ILE OA 240 124.71 -77.89 65.46
C ILE OA 240 125.77 -78.76 64.79
N GLN OA 241 126.04 -79.94 65.34
CA GLN OA 241 127.05 -80.81 64.75
C GLN OA 241 126.65 -81.26 63.35
N THR OA 242 125.38 -81.62 63.18
CA THR OA 242 124.93 -82.07 61.86
C THR OA 242 124.94 -80.92 60.86
N ALA OA 243 124.87 -79.68 61.34
CA ALA OA 243 125.01 -78.52 60.48
C ALA OA 243 126.47 -78.16 60.31
N ASN OA 244 126.79 -77.55 59.18
CA ASN OA 244 128.15 -77.15 58.87
C ASN OA 244 128.28 -75.66 58.59
N CYS OA 245 127.28 -75.07 57.93
CA CYS OA 245 127.36 -73.66 57.60
C CYS OA 245 127.20 -72.79 58.84
N VAL OA 246 126.07 -72.92 59.53
CA VAL OA 246 125.79 -72.04 60.68
C VAL OA 246 126.80 -72.25 61.79
N ARG OA 247 127.41 -73.45 61.87
CA ARG OA 247 128.46 -73.65 62.84
C ARG OA 247 129.73 -72.91 62.44
N GLU OA 248 129.93 -72.69 61.15
CA GLU OA 248 131.13 -72.03 60.67
C GLU OA 248 130.95 -70.52 60.56
N THR OA 249 129.82 -70.05 60.00
CA THR OA 249 129.60 -68.62 59.90
C THR OA 249 129.33 -67.98 61.26
N GLY OA 250 128.96 -68.78 62.26
CA GLY OA 250 128.68 -68.21 63.57
C GLY OA 250 129.89 -67.57 64.21
N GLN OA 251 131.08 -67.95 63.78
CA GLN OA 251 132.32 -67.44 64.34
C GLN OA 251 133.23 -66.85 63.27
N LEU OA 252 132.65 -66.41 62.15
CA LEU OA 252 133.46 -65.83 61.07
C LEU OA 252 132.87 -64.58 60.43
N ILE OA 253 131.60 -64.24 60.68
CA ILE OA 253 130.96 -63.11 60.02
C ILE OA 253 130.40 -62.17 61.08
N ASN OA 254 130.20 -60.91 60.69
CA ASN OA 254 129.75 -59.88 61.63
C ASN OA 254 128.24 -59.63 61.58
N ILE OA 255 127.60 -59.76 60.43
CA ILE OA 255 126.16 -59.59 60.29
C ILE OA 255 125.76 -58.19 60.72
N PRO OA 256 125.97 -57.17 59.88
CA PRO OA 256 125.57 -55.79 60.21
C PRO OA 256 124.20 -55.74 60.87
N PRO OA 257 124.00 -54.84 61.83
CA PRO OA 257 122.94 -55.03 62.83
C PRO OA 257 121.53 -55.16 62.29
N MET OA 258 120.99 -54.10 61.67
CA MET OA 258 119.59 -54.14 61.26
C MET OA 258 119.19 -52.94 60.42
N PRO OA 259 118.42 -53.16 59.36
CA PRO OA 259 117.74 -52.03 58.69
C PRO OA 259 116.37 -51.78 59.30
N ARG OA 260 115.60 -50.86 58.72
CA ARG OA 260 114.23 -50.63 59.14
C ARG OA 260 113.28 -51.29 58.15
N ILE OA 261 111.98 -51.19 58.42
CA ILE OA 261 110.94 -51.73 57.56
C ILE OA 261 110.29 -50.58 56.79
N GLN OA 262 109.91 -50.85 55.55
CA GLN OA 262 109.29 -49.82 54.73
C GLN OA 262 108.02 -49.29 55.38
N ASP OA 263 107.03 -50.16 55.58
CA ASP OA 263 105.83 -49.81 56.31
C ASP OA 263 105.68 -50.81 57.45
N GLY OA 264 106.36 -50.54 58.56
CA GLY OA 264 106.27 -51.39 59.72
C GLY OA 264 105.04 -51.18 60.57
N HIS OA 265 104.21 -50.20 60.22
CA HIS OA 265 103.02 -49.91 60.99
C HIS OA 265 101.89 -50.88 60.71
N ARG OA 266 101.94 -51.60 59.59
CA ARG OA 266 100.87 -52.54 59.27
C ARG OA 266 101.37 -53.83 58.61
N ARG OA 267 102.67 -54.02 58.47
CA ARG OA 267 103.21 -55.17 57.76
C ARG OA 267 104.05 -56.03 58.70
N PHE OA 268 104.15 -57.31 58.36
CA PHE OA 268 104.86 -58.30 59.16
C PHE OA 268 105.84 -59.03 58.26
N PRO OA 269 107.14 -58.72 58.33
CA PRO OA 269 108.07 -59.21 57.30
C PRO OA 269 108.55 -60.64 57.50
N ILE OA 270 108.51 -61.17 58.73
CA ILE OA 270 109.05 -62.49 58.98
C ILE OA 270 107.94 -63.53 58.79
N TYR OA 271 106.80 -63.09 58.28
CA TYR OA 271 105.71 -63.99 57.96
C TYR OA 271 105.93 -64.70 56.63
N GLU OA 272 106.25 -63.93 55.59
CA GLU OA 272 106.41 -64.52 54.26
C GLU OA 272 107.52 -65.55 54.25
N THR OA 273 108.68 -65.21 54.83
CA THR OA 273 109.80 -66.15 54.84
C THR OA 273 109.43 -67.46 55.53
N ILE OA 274 108.77 -67.38 56.68
CA ILE OA 274 108.37 -68.61 57.36
C ILE OA 274 107.19 -69.27 56.67
N SER OA 275 106.50 -68.56 55.78
CA SER OA 275 105.38 -69.15 55.07
C SER OA 275 105.78 -69.59 53.66
N SER OA 276 106.57 -68.76 52.97
CA SER OA 276 107.04 -69.15 51.64
C SER OA 276 107.93 -70.37 51.69
N TRP OA 277 108.66 -70.55 52.79
CA TRP OA 277 109.52 -71.72 52.91
C TRP OA 277 108.71 -73.00 53.05
N ILE OA 278 107.53 -72.92 53.67
CA ILE OA 278 106.73 -74.13 53.89
C ILE OA 278 106.31 -74.74 52.57
N SER OA 279 105.72 -73.93 51.69
CA SER OA 279 105.32 -74.45 50.38
C SER OA 279 106.52 -74.85 49.55
N THR OA 280 107.68 -74.21 49.76
CA THR OA 280 108.87 -74.60 49.03
C THR OA 280 109.39 -75.95 49.49
N SER OA 281 109.36 -76.21 50.80
CA SER OA 281 109.87 -77.48 51.31
C SER OA 281 109.00 -78.64 50.88
N SER OA 282 107.67 -78.45 50.89
CA SER OA 282 106.78 -79.54 50.51
C SER OA 282 106.89 -79.85 49.03
N ARG OA 283 107.25 -78.86 48.21
CA ARG OA 283 107.42 -79.10 46.78
C ARG OA 283 108.72 -79.82 46.48
N LEU OA 284 109.71 -79.70 47.36
CA LEU OA 284 111.03 -80.24 47.08
C LEU OA 284 111.01 -81.77 47.08
N GLY OA 285 110.39 -82.37 48.09
CA GLY OA 285 110.43 -83.82 48.21
C GLY OA 285 109.80 -84.54 47.04
N ASP OA 286 108.82 -83.92 46.38
CA ASP OA 286 108.14 -84.54 45.26
C ASP OA 286 108.85 -84.29 43.93
N THR OA 287 109.27 -83.05 43.69
CA THR OA 287 109.88 -82.73 42.39
C THR OA 287 111.23 -83.41 42.21
N LEU OA 288 112.02 -83.51 43.28
CA LEU OA 288 113.34 -84.14 43.17
C LEU OA 288 113.21 -85.63 42.88
N GLY OA 289 112.29 -86.31 43.57
CA GLY OA 289 112.11 -87.73 43.37
C GLY OA 289 110.70 -88.11 42.99
N THR OA 290 110.09 -89.00 43.76
CA THR OA 290 108.73 -89.46 43.54
C THR OA 290 107.89 -89.20 44.79
N ARG OA 291 106.59 -89.11 44.60
CA ARG OA 291 105.63 -88.87 45.67
C ARG OA 291 105.20 -90.18 46.31
N ALA OA 292 104.52 -90.07 47.44
CA ALA OA 292 103.96 -91.24 48.09
C ALA OA 292 102.77 -91.76 47.29
N ILE OA 293 102.67 -93.08 47.16
CA ILE OA 293 101.65 -93.67 46.31
C ILE OA 293 100.69 -94.51 47.14
N LEU OA 294 101.18 -95.11 48.22
CA LEU OA 294 100.37 -96.06 48.97
C LEU OA 294 100.73 -96.00 50.45
N ARG OA 295 99.83 -96.53 51.26
CA ARG OA 295 100.06 -96.76 52.68
C ARG OA 295 99.77 -98.23 52.97
N VAL OA 296 100.59 -98.82 53.84
CA VAL OA 296 100.44 -100.22 54.20
C VAL OA 296 99.69 -100.31 55.52
N CYS OA 297 98.63 -101.10 55.53
CA CYS OA 297 97.80 -101.28 56.73
C CYS OA 297 97.13 -102.64 56.60
N VAL OA 298 97.64 -103.62 57.34
CA VAL OA 298 97.18 -105.01 57.23
C VAL OA 298 96.22 -105.30 58.37
N PHE OA 299 95.13 -105.99 58.05
CA PHE OA 299 94.16 -106.44 59.04
C PHE OA 299 94.38 -107.92 59.31
N ASP OA 300 94.47 -108.27 60.60
CA ASP OA 300 94.68 -109.65 61.02
C ASP OA 300 95.95 -110.24 60.39
N GLY OA 301 96.99 -109.42 60.32
CA GLY OA 301 98.26 -109.86 59.77
C GLY OA 301 99.41 -109.46 60.66
N PRO OA 302 100.63 -109.86 60.26
CA PRO OA 302 101.80 -109.53 61.07
C PRO OA 302 102.09 -108.05 61.06
N SER OA 303 102.73 -107.59 62.14
CA SER OA 303 103.09 -106.18 62.24
C SER OA 303 104.28 -105.83 61.36
N THR OA 304 105.17 -106.78 61.10
CA THR OA 304 106.32 -106.57 60.24
C THR OA 304 106.37 -107.66 59.17
N VAL OA 305 106.53 -107.23 57.93
CA VAL OA 305 106.56 -108.13 56.78
C VAL OA 305 108.00 -108.29 56.32
N HIS OA 306 108.37 -109.51 55.96
CA HIS OA 306 109.71 -109.82 55.48
C HIS OA 306 109.74 -109.72 53.96
N PRO OA 307 110.92 -109.54 53.37
CA PRO OA 307 110.99 -109.36 51.92
C PRO OA 307 110.50 -110.58 51.18
N GLY OA 308 109.72 -110.34 50.13
CA GLY OA 308 109.11 -111.40 49.36
C GLY OA 308 107.68 -111.71 49.73
N ASP OA 309 107.23 -111.33 50.92
CA ASP OA 309 105.87 -111.59 51.35
C ASP OA 309 104.96 -110.46 50.89
N ARG OA 310 103.65 -110.72 50.97
CA ARG OA 310 102.64 -109.79 50.48
C ARG OA 310 101.89 -109.16 51.65
N THR OA 311 101.55 -107.88 51.50
CA THR OA 311 100.83 -107.13 52.52
C THR OA 311 99.61 -106.49 51.89
N ALA OA 312 98.58 -106.28 52.71
CA ALA OA 312 97.39 -105.57 52.27
C ALA OA 312 97.59 -104.08 52.47
N VAL OA 313 97.56 -103.33 51.37
CA VAL OA 313 97.82 -101.89 51.40
C VAL OA 313 96.56 -101.15 50.99
N ILE OA 314 96.49 -99.88 51.37
CA ILE OA 314 95.34 -99.04 51.07
C ILE OA 314 95.79 -97.90 50.17
N GLN OA 315 94.87 -97.44 49.32
CA GLN OA 315 95.18 -96.34 48.42
C GLN OA 315 95.35 -95.05 49.21
N VAL OA 316 96.32 -94.24 48.78
CA VAL OA 316 96.59 -92.97 49.44
C VAL OA 316 95.45 -92.00 49.17
N PRO PA 4 80.46 -102.10 56.07
CA PRO PA 4 80.99 -101.01 56.88
C PRO PA 4 81.86 -101.50 58.02
N PHE PA 5 83.06 -100.93 58.14
CA PHE PA 5 84.02 -101.31 59.18
C PHE PA 5 83.82 -100.41 60.39
N GLU PA 6 83.60 -101.03 61.55
CA GLU PA 6 83.42 -100.30 62.79
C GLU PA 6 84.40 -100.81 63.84
N ILE PA 7 84.77 -99.93 64.76
CA ILE PA 7 85.65 -100.27 65.87
C ILE PA 7 84.90 -100.03 67.16
N GLU PA 8 84.96 -101.00 68.07
CA GLU PA 8 84.28 -100.93 69.35
C GLU PA 8 85.29 -100.72 70.46
N VAL PA 9 85.08 -99.68 71.26
CA VAL PA 9 85.93 -99.39 72.41
C VAL PA 9 85.21 -99.87 73.66
N LEU PA 10 85.85 -100.77 74.39
CA LEU PA 10 85.22 -101.34 75.57
C LEU PA 10 85.25 -100.34 76.72
N LEU PA 11 84.07 -100.00 77.23
CA LEU PA 11 83.99 -99.10 78.37
C LEU PA 11 84.49 -99.80 79.63
N PRO PA 12 85.14 -99.09 80.53
CA PRO PA 12 85.64 -99.73 81.75
C PRO PA 12 84.56 -99.88 82.79
N GLY PA 13 84.71 -100.91 83.62
CA GLY PA 13 83.79 -101.11 84.72
C GLY PA 13 84.11 -100.20 85.89
N GLU PA 14 83.10 -100.04 86.76
CA GLU PA 14 83.22 -99.21 87.96
C GLU PA 14 83.70 -97.81 87.61
N LEU PA 15 82.97 -97.15 86.71
CA LEU PA 15 83.25 -95.78 86.32
C LEU PA 15 82.33 -94.84 87.07
N SER PA 16 82.84 -93.67 87.43
CA SER PA 16 82.05 -92.71 88.19
C SER PA 16 80.93 -92.15 87.32
N PRO PA 17 79.80 -91.81 87.93
CA PRO PA 17 78.69 -91.25 87.13
C PRO PA 17 79.03 -89.91 86.51
N ALA PA 18 79.94 -89.14 87.11
CA ALA PA 18 80.34 -87.87 86.52
C ALA PA 18 81.17 -88.08 85.28
N GLU PA 19 81.97 -89.15 85.24
CA GLU PA 19 82.81 -89.41 84.08
C GLU PA 19 82.02 -90.02 82.94
N THR PA 20 81.20 -91.04 83.21
CA THR PA 20 80.42 -91.65 82.14
C THR PA 20 79.42 -90.68 81.55
N SER PA 21 79.04 -89.65 82.31
CA SER PA 21 78.16 -88.63 81.76
C SER PA 21 78.91 -87.77 80.75
N ALA PA 22 80.04 -87.19 81.15
CA ALA PA 22 80.81 -86.34 80.27
C ALA PA 22 81.26 -87.06 79.00
N LEU PA 23 81.44 -88.37 79.08
CA LEU PA 23 81.76 -89.14 77.89
C LEU PA 23 80.63 -89.13 76.88
N GLN PA 24 79.38 -89.04 77.37
CA GLN PA 24 78.23 -88.94 76.48
C GLN PA 24 78.21 -87.63 75.70
N LYS PA 25 78.84 -86.58 76.24
CA LYS PA 25 78.79 -85.28 75.59
C LYS PA 25 79.57 -85.28 74.29
N CYS PA 26 80.73 -85.93 74.26
CA CYS PA 26 81.60 -85.94 73.08
C CYS PA 26 81.15 -87.03 72.11
N GLU PA 27 79.96 -86.80 71.54
CA GLU PA 27 79.38 -87.79 70.63
C GLU PA 27 80.13 -87.83 69.31
N GLY PA 28 80.11 -86.73 68.57
CA GLY PA 28 80.75 -86.70 67.27
C GLY PA 28 82.15 -86.12 67.27
N LYS PA 29 83.08 -86.77 67.98
CA LYS PA 29 84.45 -86.31 68.04
C LYS PA 29 85.37 -87.37 67.42
N ILE PA 30 86.61 -86.97 67.16
CA ILE PA 30 87.54 -87.81 66.40
C ILE PA 30 88.54 -88.44 67.35
N ILE PA 31 88.66 -89.76 67.28
CA ILE PA 31 89.71 -90.51 67.95
C ILE PA 31 90.65 -91.05 66.88
N THR PA 32 91.80 -91.56 67.32
CA THR PA 32 92.85 -91.96 66.39
C THR PA 32 93.50 -93.24 66.86
N PHE PA 33 93.43 -94.28 66.03
CA PHE PA 33 93.85 -95.63 66.39
C PHE PA 33 95.19 -95.98 65.77
N SER PA 34 96.03 -96.67 66.53
CA SER PA 34 97.34 -97.08 66.03
C SER PA 34 97.21 -98.22 65.03
N THR PA 35 96.58 -99.31 65.43
CA THR PA 35 96.36 -100.47 64.57
C THR PA 35 94.88 -100.80 64.58
N LEU PA 36 94.31 -101.02 63.41
CA LEU PA 36 92.87 -101.23 63.31
C LEU PA 36 92.49 -102.63 63.77
N ARG PA 37 91.48 -102.71 64.63
CA ARG PA 37 90.95 -103.98 65.09
C ARG PA 37 89.54 -103.75 65.59
N HIS PA 38 88.71 -104.78 65.48
CA HIS PA 38 87.30 -104.63 65.84
C HIS PA 38 87.11 -104.44 67.33
N ARG PA 39 88.06 -104.89 68.15
CA ARG PA 39 88.02 -104.71 69.58
C ARG PA 39 89.28 -103.99 70.03
N ALA PA 40 89.13 -103.05 70.95
CA ALA PA 40 90.27 -102.31 71.47
C ALA PA 40 89.98 -101.88 72.90
N SER PA 41 91.03 -101.41 73.58
CA SER PA 41 90.96 -100.93 74.95
C SER PA 41 90.97 -99.42 74.98
N LEU PA 42 91.08 -98.87 76.18
CA LEU PA 42 91.19 -97.42 76.35
C LEU PA 42 92.64 -96.95 76.35
N VAL PA 43 93.61 -97.86 76.49
CA VAL PA 43 95.00 -97.45 76.61
C VAL PA 43 95.48 -96.80 75.33
N ASP PA 44 95.05 -97.29 74.17
CA ASP PA 44 95.53 -96.72 72.91
C ASP PA 44 94.87 -95.38 72.61
N ILE PA 45 93.63 -95.18 73.04
CA ILE PA 45 92.99 -93.89 72.84
C ILE PA 45 93.59 -92.84 73.75
N ALA PA 46 93.97 -93.22 74.98
CA ALA PA 46 94.46 -92.26 75.95
C ALA PA 46 95.78 -91.63 75.49
N LEU PA 47 96.13 -90.53 76.14
CA LEU PA 47 97.39 -89.85 75.84
C LEU PA 47 98.60 -90.71 76.16
N SER PA 48 98.45 -91.69 77.06
CA SER PA 48 99.58 -92.52 77.45
C SER PA 48 100.18 -93.25 76.26
N SER PA 49 99.35 -93.65 75.29
CA SER PA 49 99.87 -94.32 74.11
C SER PA 49 100.55 -93.36 73.15
N TYR PA 50 100.41 -92.06 73.36
CA TYR PA 50 100.94 -91.08 72.43
C TYR PA 50 102.34 -90.59 72.78
N TYR PA 51 102.72 -90.62 74.05
CA TYR PA 51 104.00 -90.04 74.42
C TYR PA 51 105.15 -90.97 74.07
N ILE PA 52 106.27 -90.36 73.67
CA ILE PA 52 107.44 -91.09 73.22
C ILE PA 52 108.62 -90.72 74.12
N ASN PA 53 109.58 -91.63 74.20
CA ASN PA 53 110.77 -91.46 75.05
C ASN PA 53 110.39 -91.15 76.49
N GLY PA 54 109.31 -91.73 76.96
CA GLY PA 54 108.85 -91.48 78.32
C GLY PA 54 108.17 -90.15 78.54
N ALA PA 55 108.78 -89.06 78.06
CA ALA PA 55 108.22 -87.74 78.25
C ALA PA 55 106.93 -87.58 77.45
N PRO PA 56 106.05 -86.69 77.88
CA PRO PA 56 104.82 -86.42 77.12
C PRO PA 56 105.13 -86.02 75.70
N PRO PA 57 104.19 -86.16 74.77
CA PRO PA 57 104.49 -85.95 73.36
C PRO PA 57 104.65 -84.48 73.02
N ASP PA 58 105.40 -84.25 71.95
CA ASP PA 58 105.77 -82.91 71.49
C ASP PA 58 105.01 -82.58 70.21
N THR PA 59 104.67 -81.30 70.06
CA THR PA 59 103.84 -80.86 68.94
C THR PA 59 104.42 -81.32 67.61
N LEU PA 60 105.75 -81.28 67.48
CA LEU PA 60 106.38 -81.86 66.29
C LEU PA 60 106.04 -83.34 66.18
N SER PA 61 106.10 -84.07 67.30
CA SER PA 61 105.77 -85.48 67.27
C SER PA 61 104.26 -85.70 67.09
N LEU PA 62 103.44 -84.83 67.68
CA LEU PA 62 102.00 -84.93 67.46
C LEU PA 62 101.66 -84.87 65.98
N LEU PA 63 102.37 -84.03 65.23
CA LEU PA 63 102.15 -83.98 63.80
C LEU PA 63 102.52 -85.31 63.14
N GLU PA 64 103.64 -85.91 63.57
CA GLU PA 64 103.99 -87.22 63.06
C GLU PA 64 102.97 -88.28 63.47
N ALA PA 65 102.49 -88.19 64.72
CA ALA PA 65 101.52 -89.15 65.20
C ALA PA 65 100.25 -89.14 64.36
N TYR PA 66 99.79 -87.96 63.96
CA TYR PA 66 98.54 -87.87 63.21
C TYR PA 66 98.67 -88.47 61.82
N ARG PA 67 99.89 -88.52 61.29
CA ARG PA 67 100.09 -89.09 59.97
C ARG PA 67 100.23 -90.60 60.04
N MET PA 68 101.08 -91.09 60.94
CA MET PA 68 101.30 -92.53 61.02
C MET PA 68 100.10 -93.27 61.60
N ARG PA 69 99.29 -92.59 62.41
CA ARG PA 69 98.19 -93.22 63.12
C ARG PA 69 96.89 -93.01 62.35
N PHE PA 70 96.02 -94.00 62.43
CA PHE PA 70 94.75 -93.98 61.70
C PHE PA 70 93.65 -93.38 62.56
N ALA PA 71 92.79 -92.59 61.91
CA ALA PA 71 91.76 -91.84 62.61
C ALA PA 71 90.42 -92.57 62.55
N ALA PA 72 89.55 -92.25 63.51
CA ALA PA 72 88.21 -92.83 63.59
C ALA PA 72 87.27 -91.79 64.19
N VAL PA 73 85.98 -92.06 64.11
CA VAL PA 73 84.95 -91.12 64.54
C VAL PA 73 83.97 -91.85 65.45
N ILE PA 74 83.70 -91.26 66.62
CA ILE PA 74 82.72 -91.82 67.54
C ILE PA 74 81.32 -91.60 66.98
N THR PA 75 80.43 -92.55 67.24
CA THR PA 75 79.06 -92.48 66.74
C THR PA 75 78.01 -92.45 67.84
N ARG PA 76 78.12 -93.31 68.85
CA ARG PA 76 77.15 -93.31 69.94
C ARG PA 76 77.74 -94.01 71.14
N VAL PA 77 77.24 -93.65 72.33
CA VAL PA 77 77.75 -94.16 73.59
C VAL PA 77 76.63 -94.92 74.29
N ILE PA 78 76.98 -96.11 74.79
CA ILE PA 78 76.06 -96.97 75.53
C ILE PA 78 76.56 -96.97 76.98
N PRO PA 79 75.68 -97.01 77.99
CA PRO PA 79 76.15 -96.95 79.39
C PRO PA 79 77.24 -97.94 79.75
N GLY PA 80 77.46 -98.95 78.92
CA GLY PA 80 78.54 -99.90 79.18
C GLY PA 80 79.36 -100.23 77.95
N LYS PA 81 79.17 -99.47 76.88
CA LYS PA 81 79.78 -99.78 75.59
C LYS PA 81 80.02 -98.49 74.82
N LEU PA 82 81.08 -98.48 74.02
CA LEU PA 82 81.40 -97.33 73.19
C LEU PA 82 81.74 -97.82 71.79
N LEU PA 83 81.10 -97.22 70.79
CA LEU PA 83 81.30 -97.62 69.40
C LEU PA 83 81.97 -96.50 68.64
N ALA PA 84 82.46 -96.83 67.44
CA ALA PA 84 83.16 -95.88 66.60
C ALA PA 84 83.22 -96.42 65.18
N HIS PA 85 83.37 -95.51 64.23
CA HIS PA 85 83.52 -95.85 62.82
C HIS PA 85 84.84 -95.29 62.30
N ALA PA 86 85.33 -95.88 61.23
CA ALA PA 86 86.64 -95.53 60.70
C ALA PA 86 86.52 -94.64 59.48
N ILE PA 87 87.53 -93.80 59.28
CA ILE PA 87 87.69 -93.03 58.06
C ILE PA 87 88.75 -93.65 57.15
N GLY PA 88 88.96 -94.96 57.27
CA GLY PA 88 90.11 -95.61 56.69
C GLY PA 88 89.91 -96.18 55.30
N VAL PA 89 89.84 -97.50 55.20
CA VAL PA 89 90.09 -98.17 53.93
C VAL PA 89 89.01 -97.90 52.88
N GLY PA 90 87.79 -98.38 53.09
CA GLY PA 90 86.73 -98.19 52.12
C GLY PA 90 85.34 -98.13 52.71
N THR PA 91 85.26 -98.10 54.04
CA THR PA 91 83.99 -98.32 54.71
C THR PA 91 82.96 -97.26 54.30
N PRO PA 92 81.75 -97.66 53.91
CA PRO PA 92 80.69 -96.70 53.54
C PRO PA 92 79.87 -96.27 54.74
N THR PA 93 80.47 -95.42 55.57
CA THR PA 93 79.83 -94.98 56.80
C THR PA 93 78.60 -94.11 56.49
N PRO PA 94 77.40 -94.52 56.86
CA PRO PA 94 76.21 -93.72 56.57
C PRO PA 94 75.87 -92.74 57.69
N GLY PA 95 75.44 -91.55 57.28
CA GLY PA 95 75.07 -90.52 58.22
C GLY PA 95 76.21 -90.10 59.12
N LEU PA 96 77.36 -89.78 58.52
CA LEU PA 96 78.55 -89.41 59.28
C LEU PA 96 78.46 -87.94 59.66
N PHE PA 97 78.45 -87.67 60.96
CA PHE PA 97 78.40 -86.32 61.47
C PHE PA 97 79.56 -86.10 62.44
N ILE PA 98 80.09 -84.88 62.46
CA ILE PA 98 81.20 -84.53 63.33
C ILE PA 98 80.85 -83.26 64.09
N GLN PA 99 81.51 -83.06 65.22
CA GLN PA 99 81.31 -81.89 66.06
C GLN PA 99 82.50 -80.94 65.90
N ASN PA 100 82.20 -79.66 65.71
CA ASN PA 100 83.24 -78.65 65.55
C ASN PA 100 83.96 -78.44 66.87
N THR PA 101 85.28 -78.56 66.85
CA THR PA 101 86.09 -78.35 68.03
C THR PA 101 86.95 -77.09 67.95
N SER PA 102 87.06 -76.48 66.78
CA SER PA 102 87.88 -75.30 66.61
C SER PA 102 87.05 -74.03 66.81
N PRO PA 103 87.68 -72.92 67.18
CA PRO PA 103 86.92 -71.68 67.39
C PRO PA 103 86.50 -70.98 66.11
N VAL PA 104 86.94 -71.46 64.95
CA VAL PA 104 86.60 -70.85 63.68
C VAL PA 104 85.38 -71.54 63.11
N ASP PA 105 84.50 -70.77 62.48
CA ASP PA 105 83.30 -71.33 61.87
C ASP PA 105 83.65 -72.09 60.60
N LEU PA 106 82.71 -72.92 60.17
CA LEU PA 106 82.82 -73.68 58.94
C LEU PA 106 81.57 -73.45 58.10
N CYS PA 107 81.73 -73.59 56.78
CA CYS PA 107 80.62 -73.42 55.85
C CYS PA 107 80.56 -74.66 54.95
N ASN PA 108 79.66 -74.64 53.98
CA ASN PA 108 79.56 -75.74 53.03
C ASN PA 108 80.77 -75.75 52.11
N GLY PA 109 81.08 -76.93 51.58
CA GLY PA 109 82.16 -77.06 50.63
C GLY PA 109 83.53 -76.74 51.18
N ASP PA 110 83.71 -76.87 52.49
CA ASP PA 110 85.01 -76.67 53.13
C ASP PA 110 85.60 -78.01 53.48
N TYR PA 111 86.89 -78.19 53.20
CA TYR PA 111 87.55 -79.44 53.51
C TYR PA 111 88.13 -79.41 54.92
N ILE PA 112 88.32 -80.60 55.47
CA ILE PA 112 88.63 -80.77 56.88
C ILE PA 112 90.06 -81.28 57.02
N CYS PA 113 90.79 -80.69 57.97
CA CYS PA 113 92.15 -81.11 58.29
C CYS PA 113 92.29 -81.19 59.81
N LEU PA 114 93.32 -81.89 60.26
CA LEU PA 114 93.55 -82.15 61.68
C LEU PA 114 94.79 -81.40 62.13
N LEU PA 115 94.73 -80.80 63.31
CA LEU PA 115 95.82 -80.00 63.83
C LEU PA 115 95.89 -80.14 65.34
N PRO PA 116 97.08 -80.27 65.91
CA PRO PA 116 97.21 -80.31 67.36
C PRO PA 116 96.81 -78.98 67.98
N PRO PA 117 96.30 -78.97 69.20
CA PRO PA 117 95.85 -77.73 69.83
C PRO PA 117 97.02 -76.79 70.08
N VAL PA 118 96.97 -75.62 69.46
CA VAL PA 118 98.04 -74.64 69.56
C VAL PA 118 97.57 -73.33 70.18
N PHE PA 119 96.34 -72.90 69.87
CA PHE PA 119 95.85 -71.60 70.33
C PHE PA 119 95.85 -71.52 71.85
N GLY PA 120 95.02 -72.35 72.50
CA GLY PA 120 94.89 -72.34 73.94
C GLY PA 120 95.05 -73.73 74.53
N SER PA 121 94.66 -73.83 75.79
CA SER PA 121 94.70 -75.12 76.48
C SER PA 121 93.68 -76.08 75.88
N ALA PA 122 94.13 -77.30 75.60
CA ALA PA 122 93.26 -78.30 74.99
C ALA PA 122 92.24 -78.79 76.01
N ASP PA 123 90.97 -78.68 75.67
CA ASP PA 123 89.93 -79.29 76.48
C ASP PA 123 89.89 -80.79 76.21
N SER PA 124 89.67 -81.57 77.26
CA SER PA 124 89.77 -83.02 77.14
C SER PA 124 89.10 -83.66 78.33
N ILE PA 125 88.62 -84.88 78.13
CA ILE PA 125 88.03 -85.66 79.21
C ILE PA 125 89.13 -86.25 80.07
N ARG PA 126 89.02 -86.06 81.38
CA ARG PA 126 90.00 -86.57 82.33
C ARG PA 126 89.31 -87.60 83.21
N LEU PA 127 89.89 -88.80 83.28
CA LEU PA 127 89.35 -89.89 84.06
C LEU PA 127 90.29 -90.20 85.20
N ASP PA 128 90.02 -89.63 86.38
CA ASP PA 128 90.89 -89.83 87.52
C ASP PA 128 90.72 -91.21 88.15
N SER PA 129 89.56 -91.84 87.94
CA SER PA 129 89.35 -93.17 88.51
C SER PA 129 90.29 -94.19 87.89
N VAL PA 130 90.38 -94.20 86.56
CA VAL PA 130 91.31 -95.11 85.90
C VAL PA 130 92.69 -94.49 85.69
N GLY PA 131 92.80 -93.18 85.80
CA GLY PA 131 94.08 -92.52 85.70
C GLY PA 131 94.50 -92.08 84.31
N LEU PA 132 93.60 -92.12 83.34
CA LEU PA 132 93.93 -91.74 81.97
C LEU PA 132 93.07 -90.54 81.55
N GLU PA 133 93.44 -89.97 80.40
CA GLU PA 133 92.70 -88.87 79.81
C GLU PA 133 92.72 -89.01 78.29
N ILE PA 134 91.68 -88.52 77.65
CA ILE PA 134 91.51 -88.60 76.21
C ILE PA 134 91.59 -87.19 75.66
N VAL PA 135 92.54 -86.96 74.75
CA VAL PA 135 92.72 -85.66 74.12
C VAL PA 135 92.20 -85.72 72.69
N PHE PA 136 91.30 -84.80 72.35
CA PHE PA 136 90.74 -84.77 71.00
C PHE PA 136 91.44 -83.74 70.14
N PRO PA 137 91.64 -84.02 68.86
CA PRO PA 137 92.34 -83.08 67.99
C PRO PA 137 91.42 -82.00 67.45
N LEU PA 138 92.04 -80.92 66.99
CA LEU PA 138 91.30 -79.80 66.41
C LEU PA 138 90.96 -80.08 64.95
N THR PA 139 89.81 -79.56 64.52
CA THR PA 139 89.36 -79.67 63.14
C THR PA 139 89.24 -78.27 62.55
N ILE PA 140 90.03 -77.99 61.52
CA ILE PA 140 90.09 -76.67 60.93
C ILE PA 140 89.96 -76.79 59.42
N PRO PA 141 89.51 -75.74 58.75
CA PRO PA 141 89.46 -75.77 57.28
C PRO PA 141 90.84 -75.83 56.67
N GLN PA 142 90.93 -76.14 55.38
CA GLN PA 142 92.22 -76.24 54.71
C GLN PA 142 92.81 -74.87 54.41
N THR PA 143 91.98 -73.95 53.91
CA THR PA 143 92.48 -72.64 53.50
C THR PA 143 93.06 -71.85 54.66
N LEU PA 144 92.71 -72.22 55.90
CA LEU PA 144 93.24 -71.50 57.06
C LEU PA 144 94.42 -72.22 57.70
N MET PA 145 94.63 -73.50 57.37
CA MET PA 145 95.64 -74.28 58.08
C MET PA 145 97.05 -73.75 57.82
N ARG PA 146 97.36 -73.46 56.56
CA ARG PA 146 98.73 -73.07 56.21
C ARG PA 146 99.13 -71.76 56.87
N GLU PA 147 98.17 -70.90 57.17
CA GLU PA 147 98.47 -69.60 57.75
C GLU PA 147 98.53 -69.65 59.27
N ILE PA 148 97.82 -70.60 59.88
CA ILE PA 148 97.87 -70.73 61.33
C ILE PA 148 99.26 -71.18 61.77
N ILE PA 149 99.79 -72.22 61.12
CA ILE PA 149 101.08 -72.76 61.50
C ILE PA 149 102.19 -71.74 61.21
N ALA PA 150 101.95 -70.84 60.26
CA ALA PA 150 102.96 -69.83 59.94
C ALA PA 150 102.94 -68.69 60.93
N LYS PA 151 101.78 -68.41 61.55
CA LYS PA 151 101.69 -67.30 62.48
C LYS PA 151 102.17 -67.69 63.88
N VAL PA 152 101.86 -68.92 64.30
CA VAL PA 152 102.19 -69.33 65.67
C VAL PA 152 103.70 -69.50 65.82
N VAL PA 153 104.38 -69.92 64.76
CA VAL PA 153 105.83 -70.12 64.85
C VAL PA 153 106.56 -68.80 64.64
N ALA PA 154 105.99 -67.90 63.82
CA ALA PA 154 106.59 -66.59 63.67
C ALA PA 154 106.48 -65.78 64.95
N ARG PA 155 105.43 -66.01 65.73
CA ARG PA 155 105.30 -65.36 67.02
C ARG PA 155 106.38 -65.80 67.98
N ALA PA 156 106.76 -67.08 67.93
CA ALA PA 156 107.77 -67.60 68.85
C ALA PA 156 109.14 -67.00 68.56
N VAL PA 157 109.48 -66.83 67.28
CA VAL PA 157 110.76 -66.23 66.93
C VAL PA 157 110.82 -64.79 67.42
N GLU PA 158 109.67 -64.10 67.47
CA GLU PA 158 109.64 -62.75 68.00
C GLU PA 158 110.15 -62.70 69.43
N ARG PA 159 109.63 -63.59 70.29
CA ARG PA 159 110.02 -63.59 71.69
C ARG PA 159 111.51 -63.86 71.85
N THR PA 160 112.05 -64.80 71.06
CA THR PA 160 113.48 -65.06 71.11
C THR PA 160 114.28 -63.84 70.67
N ALA PA 161 113.77 -63.11 69.67
CA ALA PA 161 114.45 -61.91 69.21
C ALA PA 161 114.45 -60.84 70.29
N ALA PA 162 113.30 -60.64 70.95
CA ALA PA 162 113.21 -59.62 71.99
C ALA PA 162 114.14 -59.93 73.16
N GLY PA 163 114.41 -61.20 73.42
CA GLY PA 163 115.29 -61.58 74.50
C GLY PA 163 116.75 -61.58 74.10
N ALA PA 164 117.05 -62.13 72.92
CA ALA PA 164 118.43 -62.22 72.47
C ALA PA 164 119.02 -60.84 72.21
N GLN PA 165 118.32 -60.02 71.42
CA GLN PA 165 118.78 -58.66 71.19
C GLN PA 165 118.80 -57.89 72.51
N ILE PA 166 119.80 -57.02 72.66
CA ILE PA 166 119.92 -56.23 73.88
C ILE PA 166 118.71 -55.32 74.03
N LEU PA 167 118.20 -54.80 72.92
CA LEU PA 167 117.00 -53.98 72.93
C LEU PA 167 115.93 -54.60 72.04
N PRO PA 168 114.66 -54.53 72.44
CA PRO PA 168 113.60 -54.99 71.56
C PRO PA 168 113.23 -53.94 70.53
N HIS PA 169 112.73 -54.42 69.39
CA HIS PA 169 112.32 -53.57 68.26
C HIS PA 169 110.83 -53.34 68.26
N GLU PA 170 110.27 -53.11 69.45
CA GLU PA 170 108.85 -53.20 69.78
C GLU PA 170 107.87 -52.54 68.81
N VAL PA 171 108.33 -51.57 68.01
CA VAL PA 171 107.44 -50.87 67.09
C VAL PA 171 106.78 -51.90 66.17
N LEU PA 172 105.46 -52.05 66.30
CA LEU PA 172 104.73 -53.10 65.60
C LEU PA 172 103.46 -52.51 65.01
N ARG PA 173 102.59 -53.40 64.55
CA ARG PA 173 101.31 -53.06 63.94
C ARG PA 173 100.14 -53.28 64.87
N GLY PA 174 100.37 -53.81 66.06
CA GLY PA 174 99.29 -54.07 66.99
C GLY PA 174 99.25 -55.50 67.46
N ALA PA 175 98.15 -56.20 67.18
CA ALA PA 175 97.97 -57.57 67.59
C ALA PA 175 97.57 -58.42 66.39
N ASP PA 176 98.12 -59.63 66.32
CA ASP PA 176 97.79 -60.53 65.22
C ASP PA 176 96.36 -61.04 65.37
N VAL PA 177 95.78 -61.44 64.23
CA VAL PA 177 94.41 -61.89 64.20
C VAL PA 177 94.17 -62.65 62.90
N ILE PA 178 93.35 -63.69 62.97
CA ILE PA 178 92.91 -64.43 61.79
C ILE PA 178 91.42 -64.17 61.61
N CYS PA 179 91.02 -63.86 60.37
CA CYS PA 179 89.65 -63.55 60.06
C CYS PA 179 89.08 -64.58 59.09
N TYR PA 180 87.84 -64.99 59.34
CA TYR PA 180 87.17 -65.97 58.51
C TYR PA 180 85.67 -65.79 58.64
N ASN PA 181 84.98 -65.69 57.50
CA ASN PA 181 83.55 -65.43 57.47
C ASN PA 181 83.21 -64.15 58.23
N GLY PA 182 84.08 -63.15 58.11
CA GLY PA 182 83.84 -61.89 58.79
C GLY PA 182 83.88 -61.98 60.30
N ARG PA 183 84.73 -62.84 60.85
CA ARG PA 183 84.88 -62.95 62.30
C ARG PA 183 86.37 -63.04 62.63
N ARG PA 184 86.81 -62.15 63.51
CA ARG PA 184 88.21 -62.07 63.91
C ARG PA 184 88.42 -62.86 65.19
N TYR PA 185 89.57 -63.52 65.31
CA TYR PA 185 89.81 -64.37 66.47
C TYR PA 185 90.60 -63.68 67.57
N GLU PA 186 91.65 -62.93 67.21
CA GLU PA 186 92.46 -62.18 68.19
C GLU PA 186 93.08 -63.14 69.22
N LEU PA 187 94.04 -63.91 68.71
CA LEU PA 187 94.77 -64.86 69.54
C LEU PA 187 95.88 -64.17 70.34
N GLU PA 188 96.08 -64.63 71.57
CA GLU PA 188 97.23 -64.26 72.40
C GLU PA 188 97.31 -62.75 72.61
N THR PA 189 96.32 -62.24 73.36
CA THR PA 189 96.28 -60.82 73.65
C THR PA 189 97.53 -60.35 74.37
N ASN PA 190 97.86 -60.96 75.51
CA ASN PA 190 98.91 -60.50 76.38
C ASN PA 190 100.27 -61.09 75.99
N LEU PA 191 101.33 -60.40 76.43
CA LEU PA 191 102.68 -60.89 76.22
C LEU PA 191 103.09 -61.93 77.24
N GLN PA 192 102.64 -61.78 78.48
CA GLN PA 192 102.92 -62.75 79.54
C GLN PA 192 102.03 -63.98 79.33
N HIS PA 193 102.00 -64.86 80.32
CA HIS PA 193 101.27 -66.13 80.23
C HIS PA 193 101.79 -66.95 79.05
N ARG PA 194 103.07 -67.30 79.14
CA ARG PA 194 103.75 -68.10 78.11
C ARG PA 194 103.45 -69.58 78.35
N ASP PA 195 102.17 -69.92 78.23
CA ASP PA 195 101.72 -71.28 78.51
C ASP PA 195 102.28 -72.26 77.50
N GLY PA 196 102.35 -71.86 76.23
CA GLY PA 196 102.84 -72.74 75.20
C GLY PA 196 103.92 -72.09 74.35
N SER PA 197 104.52 -71.02 74.84
CA SER PA 197 105.59 -70.36 74.10
C SER PA 197 106.74 -71.32 73.84
N ASP PA 198 107.39 -71.78 74.91
CA ASP PA 198 108.30 -72.92 74.83
C ASP PA 198 107.79 -73.93 75.84
N ALA PA 199 106.75 -74.64 75.47
CA ALA PA 199 106.27 -75.82 76.16
C ALA PA 199 105.97 -76.96 75.20
N ALA PA 200 105.46 -76.65 74.02
CA ALA PA 200 105.06 -77.67 73.06
C ALA PA 200 105.60 -77.34 71.68
N ILE PA 201 105.83 -76.07 71.40
CA ILE PA 201 106.37 -75.66 70.11
C ILE PA 201 107.84 -75.28 70.21
N ARG PA 202 108.55 -75.77 71.23
CA ARG PA 202 109.96 -75.44 71.38
C ARG PA 202 110.80 -76.12 70.31
N THR PA 203 110.65 -77.44 70.17
CA THR PA 203 111.44 -78.16 69.18
C THR PA 203 111.00 -77.84 67.75
N LEU PA 204 109.74 -77.43 67.56
CA LEU PA 204 109.28 -77.09 66.23
C LEU PA 204 110.00 -75.86 65.70
N VAL PA 205 110.04 -74.79 66.51
CA VAL PA 205 110.71 -73.56 66.06
C VAL PA 205 112.20 -73.78 65.95
N LEU PA 206 112.75 -74.77 66.66
CA LEU PA 206 114.19 -75.01 66.59
C LEU PA 206 114.57 -75.59 65.23
N ASN PA 207 113.95 -76.70 64.84
CA ASN PA 207 114.24 -77.29 63.54
C ASN PA 207 113.89 -76.34 62.40
N LEU PA 208 112.81 -75.59 62.54
CA LEU PA 208 112.42 -74.62 61.52
C LEU PA 208 113.39 -73.46 61.43
N MET PA 209 114.10 -73.14 62.50
CA MET PA 209 115.05 -72.04 62.50
C MET PA 209 116.39 -72.42 61.87
N PHE PA 210 116.70 -73.72 61.82
CA PHE PA 210 117.96 -74.18 61.24
C PHE PA 210 117.87 -74.43 59.74
N SER PA 211 116.90 -75.24 59.31
CA SER PA 211 116.82 -75.59 57.89
C SER PA 211 116.61 -74.37 57.02
N ILE PA 212 115.92 -73.35 57.54
CA ILE PA 212 115.78 -72.11 56.80
C ILE PA 212 117.10 -71.35 56.76
N ASN PA 213 117.85 -71.41 57.86
CA ASN PA 213 119.13 -70.71 57.92
C ASN PA 213 120.14 -71.29 56.95
N GLU PA 214 120.11 -72.62 56.76
CA GLU PA 214 121.04 -73.23 55.81
C GLU PA 214 120.67 -72.91 54.37
N GLY PA 215 119.39 -73.02 54.03
CA GLY PA 215 118.92 -72.72 52.69
C GLY PA 215 119.25 -71.31 52.23
N CYS PA 216 118.99 -70.33 53.08
CA CYS PA 216 119.27 -68.94 52.76
C CYS PA 216 120.75 -68.59 52.94
N LEU PA 217 121.60 -69.59 53.20
CA LEU PA 217 123.03 -69.38 53.36
C LEU PA 217 123.87 -70.27 52.46
N LEU PA 218 123.43 -71.50 52.20
CA LEU PA 218 124.16 -72.36 51.29
C LEU PA 218 124.23 -71.77 49.90
N LEU PA 219 123.14 -71.15 49.43
CA LEU PA 219 123.16 -70.47 48.15
C LEU PA 219 124.10 -69.28 48.17
N LEU PA 220 124.13 -68.53 49.27
CA LEU PA 220 125.05 -67.41 49.41
C LEU PA 220 126.50 -67.85 49.48
N ALA PA 221 126.77 -69.11 49.78
CA ALA PA 221 128.13 -69.62 49.86
C ALA PA 221 128.50 -70.52 48.69
N LEU PA 222 127.55 -70.84 47.82
CA LEU PA 222 127.83 -71.65 46.65
C LEU PA 222 128.08 -70.84 45.39
N ILE PA 223 127.29 -69.80 45.15
CA ILE PA 223 127.51 -68.89 44.03
C ILE PA 223 127.46 -67.46 44.56
N PRO PA 224 128.60 -66.78 44.65
CA PRO PA 224 128.63 -65.43 45.25
C PRO PA 224 128.32 -64.31 44.28
N THR PA 225 127.74 -64.59 43.12
CA THR PA 225 127.43 -63.56 42.13
C THR PA 225 126.09 -62.88 42.42
N LEU PA 226 125.26 -63.46 43.29
CA LEU PA 226 123.90 -62.97 43.50
C LEU PA 226 123.87 -61.47 43.81
N LEU PA 227 124.69 -61.03 44.76
CA LEU PA 227 124.73 -59.64 45.17
C LEU PA 227 125.99 -59.00 44.59
N VAL PA 228 125.83 -58.21 43.53
CA VAL PA 228 126.96 -57.58 42.89
C VAL PA 228 127.53 -56.48 43.77
N ARG PA 267 139.22 -80.36 53.61
CA ARG PA 267 139.10 -79.33 54.63
C ARG PA 267 137.66 -78.85 54.76
N PHE PA 268 136.96 -78.77 53.62
CA PHE PA 268 135.54 -78.43 53.65
C PHE PA 268 134.75 -79.44 52.83
N PRO PA 269 133.69 -80.02 53.40
CA PRO PA 269 132.97 -81.09 52.68
C PRO PA 269 132.33 -80.63 51.38
N ILE PA 270 131.45 -79.64 51.46
CA ILE PA 270 130.76 -79.02 50.34
C ILE PA 270 129.83 -79.96 49.59
N TYR PA 271 129.74 -81.23 49.98
CA TYR PA 271 128.79 -82.14 49.35
C TYR PA 271 127.95 -82.84 50.40
N GLU PA 272 128.58 -83.22 51.52
CA GLU PA 272 127.83 -83.77 52.64
C GLU PA 272 126.81 -82.76 53.16
N THR PA 273 127.15 -81.48 53.11
CA THR PA 273 126.20 -80.45 53.53
C THR PA 273 124.98 -80.43 52.61
N ILE PA 274 125.21 -80.62 51.32
CA ILE PA 274 124.10 -80.63 50.36
C ILE PA 274 123.17 -81.81 50.65
N SER PA 275 123.73 -83.00 50.77
CA SER PA 275 122.91 -84.18 51.04
C SER PA 275 122.20 -84.07 52.38
N SER PA 276 122.87 -83.50 53.38
CA SER PA 276 122.24 -83.32 54.69
C SER PA 276 121.11 -82.30 54.60
N TRP PA 277 121.30 -81.24 53.82
CA TRP PA 277 120.25 -80.23 53.70
C TRP PA 277 119.04 -80.76 52.95
N ILE PA 278 119.26 -81.48 51.85
CA ILE PA 278 118.15 -82.03 51.08
C ILE PA 278 117.35 -83.02 51.93
N SER PA 279 118.04 -83.93 52.60
CA SER PA 279 117.36 -84.93 53.41
C SER PA 279 116.56 -84.29 54.53
N THR PA 280 117.11 -83.24 55.14
CA THR PA 280 116.41 -82.59 56.24
C THR PA 280 115.22 -81.77 55.73
N SER PA 281 115.48 -80.88 54.76
CA SER PA 281 114.40 -80.02 54.27
C SER PA 281 113.26 -80.83 53.67
N SER PA 282 113.56 -81.98 53.08
CA SER PA 282 112.50 -82.84 52.56
C SER PA 282 111.66 -83.41 53.70
N ARG PA 283 112.32 -84.01 54.69
CA ARG PA 283 111.60 -84.62 55.81
C ARG PA 283 110.72 -83.60 56.52
N LEU PA 284 111.24 -82.40 56.77
CA LEU PA 284 110.43 -81.37 57.39
C LEU PA 284 109.27 -80.95 56.50
N GLY PA 285 109.36 -81.21 55.20
CA GLY PA 285 108.25 -80.92 54.31
C GLY PA 285 107.15 -81.95 54.39
N ASP PA 286 107.52 -83.22 54.57
CA ASP PA 286 106.50 -84.27 54.63
C ASP PA 286 105.64 -84.12 55.88
N THR PA 287 106.24 -83.73 56.99
CA THR PA 287 105.49 -83.63 58.24
C THR PA 287 104.56 -82.41 58.23
N LEU PA 288 105.03 -81.28 57.73
CA LEU PA 288 104.23 -80.06 57.68
C LEU PA 288 103.37 -80.09 56.42
N GLY PA 289 102.64 -81.20 56.26
CA GLY PA 289 101.80 -81.42 55.11
C GLY PA 289 100.40 -80.92 55.31
N THR PA 290 99.60 -81.06 54.24
CA THR PA 290 98.21 -80.61 54.25
C THR PA 290 97.40 -81.61 53.43
N ARG PA 291 96.69 -82.50 54.12
CA ARG PA 291 95.89 -83.52 53.46
C ARG PA 291 94.48 -83.48 54.04
N ALA PA 292 93.52 -83.10 53.19
CA ALA PA 292 92.13 -83.08 53.63
C ALA PA 292 91.67 -84.50 53.93
N ILE PA 293 90.76 -84.62 54.90
CA ILE PA 293 90.31 -85.93 55.35
C ILE PA 293 88.80 -86.03 55.24
N LEU PA 294 88.11 -84.89 55.22
CA LEU PA 294 86.66 -84.88 55.18
C LEU PA 294 86.20 -83.62 54.48
N ARG PA 295 84.95 -83.65 53.99
CA ARG PA 295 84.33 -82.52 53.33
C ARG PA 295 82.99 -82.25 53.96
N VAL PA 296 82.69 -80.98 54.23
CA VAL PA 296 81.44 -80.59 54.86
C VAL PA 296 80.36 -80.51 53.78
N CYS PA 297 79.47 -81.50 53.78
CA CYS PA 297 78.38 -81.57 52.80
C CYS PA 297 77.07 -81.42 53.57
N VAL PA 298 76.47 -80.23 53.52
CA VAL PA 298 75.27 -79.92 54.29
C VAL PA 298 74.08 -79.87 53.35
N PHE PA 299 73.17 -80.83 53.51
CA PHE PA 299 71.89 -80.83 52.84
C PHE PA 299 70.81 -80.45 53.84
N ASP PA 300 69.76 -79.77 53.33
CA ASP PA 300 68.59 -79.32 54.07
C ASP PA 300 68.89 -78.90 55.50
N GLY PA 301 69.91 -78.06 55.68
CA GLY PA 301 70.30 -77.58 56.99
C GLY PA 301 70.94 -76.21 56.93
N PRO PA 302 71.39 -75.72 58.09
CA PRO PA 302 72.04 -74.41 58.12
C PRO PA 302 73.41 -74.45 57.46
N SER PA 303 73.71 -73.43 56.66
CA SER PA 303 74.97 -73.41 55.94
C SER PA 303 76.16 -73.32 56.90
N THR PA 304 76.26 -72.22 57.64
CA THR PA 304 77.37 -72.02 58.55
C THR PA 304 77.15 -72.77 59.86
N VAL PA 305 78.24 -73.16 60.50
CA VAL PA 305 78.20 -73.86 61.78
C VAL PA 305 79.14 -73.17 62.74
N HIS PA 306 78.76 -73.12 64.00
CA HIS PA 306 79.55 -72.46 65.03
C HIS PA 306 80.28 -73.50 65.86
N PRO PA 307 81.31 -73.09 66.61
CA PRO PA 307 82.01 -74.04 67.48
C PRO PA 307 81.05 -74.66 68.50
N GLY PA 308 80.89 -75.98 68.40
CA GLY PA 308 80.01 -76.73 69.27
C GLY PA 308 78.88 -77.45 68.55
N ASP PA 309 78.55 -77.05 67.33
CA ASP PA 309 77.49 -77.70 66.60
C ASP PA 309 78.02 -78.89 65.81
N ARG PA 310 77.11 -79.81 65.47
CA ARG PA 310 77.44 -80.99 64.71
C ARG PA 310 76.81 -80.89 63.32
N THR PA 311 77.53 -81.37 62.31
CA THR PA 311 77.06 -81.30 60.94
C THR PA 311 77.43 -82.57 60.21
N ALA PA 312 76.68 -82.87 59.15
CA ALA PA 312 76.93 -84.06 58.35
C ALA PA 312 78.06 -83.82 57.37
N VAL PA 313 79.04 -84.72 57.36
CA VAL PA 313 80.19 -84.63 56.46
C VAL PA 313 80.24 -85.88 55.60
N ILE PA 314 80.87 -85.75 54.43
CA ILE PA 314 81.01 -86.84 53.48
C ILE PA 314 82.47 -87.27 53.46
N GLN PA 315 82.69 -88.58 53.37
CA GLN PA 315 84.04 -89.11 53.29
C GLN PA 315 84.68 -88.73 51.97
N VAL PA 316 85.77 -87.99 52.03
CA VAL PA 316 86.46 -87.54 50.83
C VAL PA 316 87.15 -88.71 50.15
N THR QA 118 74.65 -93.25 44.49
CA THR QA 118 76.03 -93.23 43.97
C THR QA 118 76.61 -91.82 43.91
N THR QA 119 75.74 -90.81 43.98
CA THR QA 119 76.17 -89.43 43.96
C THR QA 119 75.54 -88.68 45.12
N GLN QA 120 76.10 -87.51 45.43
CA GLN QA 120 75.64 -86.70 46.54
C GLN QA 120 75.35 -85.28 46.07
N LEU QA 121 74.52 -84.58 46.82
CA LEU QA 121 74.03 -83.26 46.44
C LEU QA 121 74.32 -82.24 47.53
N ILE QA 122 74.36 -80.97 47.13
CA ILE QA 122 74.63 -79.86 48.03
C ILE QA 122 73.60 -78.77 47.76
N GLN QA 123 72.96 -78.29 48.83
CA GLN QA 123 71.99 -77.21 48.72
C GLN QA 123 72.53 -75.95 49.39
N GLN QA 124 72.08 -74.79 48.90
CA GLN QA 124 72.45 -73.52 49.49
C GLN QA 124 71.56 -72.43 48.92
N VAL QA 125 71.09 -71.54 49.80
CA VAL QA 125 70.33 -70.38 49.36
C VAL QA 125 71.23 -69.16 49.29
N SER QA 126 70.95 -68.28 48.32
CA SER QA 126 71.79 -67.11 48.14
C SER QA 126 71.04 -66.07 47.32
N LEU QA 127 71.62 -64.88 47.25
CA LEU QA 127 71.10 -63.78 46.46
C LEU QA 127 71.42 -64.03 44.98
N THR QA 128 70.55 -63.52 44.10
CA THR QA 128 70.65 -63.81 42.68
C THR QA 128 71.24 -62.67 41.87
N ASP QA 129 72.21 -61.94 42.42
CA ASP QA 129 72.80 -60.83 41.68
C ASP QA 129 73.98 -61.26 40.83
N PHE QA 130 74.57 -62.41 41.14
CA PHE QA 130 75.66 -62.96 40.35
C PHE QA 130 75.28 -64.24 39.64
N PHE QA 131 74.20 -64.88 40.05
CA PHE QA 131 73.76 -66.15 39.50
C PHE QA 131 72.26 -66.10 39.28
N ARG QA 132 71.82 -66.61 38.13
CA ARG QA 132 70.40 -66.68 37.79
C ARG QA 132 70.08 -68.11 37.38
N PRO QA 133 69.51 -68.92 38.27
CA PRO QA 133 69.25 -70.32 37.93
C PRO QA 133 68.12 -70.48 36.93
N ASP QA 134 67.49 -69.36 36.56
CA ASP QA 134 66.44 -69.38 35.56
C ASP QA 134 67.00 -69.51 34.15
N ILE QA 135 67.97 -68.66 33.80
CA ILE QA 135 68.51 -68.65 32.45
C ILE QA 135 69.65 -69.65 32.28
N GLU QA 136 70.48 -69.83 33.30
CA GLU QA 136 71.61 -70.74 33.20
C GLU QA 136 71.13 -72.15 32.87
N HIS QA 137 71.79 -72.79 31.93
CA HIS QA 137 71.42 -74.14 31.53
C HIS QA 137 71.73 -75.13 32.64
N ALA QA 138 70.95 -76.21 32.68
CA ALA QA 138 71.21 -77.28 33.63
C ALA QA 138 72.48 -78.02 33.25
N GLY QA 139 73.41 -78.09 34.20
CA GLY QA 139 74.68 -78.76 33.99
C GLY QA 139 75.86 -77.83 33.87
N SER QA 140 75.66 -76.53 34.03
CA SER QA 140 76.76 -75.58 33.99
C SER QA 140 77.49 -75.56 35.33
N ILE QA 141 78.70 -75.03 35.31
CA ILE QA 141 79.53 -74.96 36.51
C ILE QA 141 79.11 -73.76 37.36
N VAL QA 142 79.05 -73.95 38.67
CA VAL QA 142 78.75 -72.88 39.61
C VAL QA 142 79.83 -72.85 40.68
N LEU QA 143 80.32 -71.64 40.96
CA LEU QA 143 81.34 -71.43 41.95
C LEU QA 143 80.77 -70.58 43.08
N ILE QA 144 81.46 -70.60 44.23
CA ILE QA 144 81.05 -69.82 45.39
C ILE QA 144 82.19 -68.91 45.79
N LEU QA 145 81.87 -67.93 46.63
CA LEU QA 145 82.83 -66.92 47.06
C LEU QA 145 82.92 -66.91 48.59
N ARG QA 146 84.10 -66.57 49.08
CA ARG QA 146 84.29 -66.37 50.51
C ARG QA 146 83.73 -65.01 50.92
N HIS QA 147 83.69 -64.78 52.22
CA HIS QA 147 83.20 -63.51 52.74
C HIS QA 147 84.15 -62.39 52.31
N PRO QA 148 83.63 -61.29 51.76
CA PRO QA 148 84.54 -60.22 51.31
C PRO QA 148 85.27 -59.54 52.45
N SER QA 149 84.76 -59.63 53.68
CA SER QA 149 85.43 -59.01 54.81
C SER QA 149 86.81 -59.57 55.07
N ASP QA 150 87.09 -60.79 54.62
CA ASP QA 150 88.42 -61.37 54.79
C ASP QA 150 89.43 -60.77 53.83
N MET QA 151 88.99 -60.22 52.71
CA MET QA 151 89.91 -59.67 51.73
C MET QA 151 90.73 -58.52 52.33
N ILE QA 152 90.08 -57.62 53.07
CA ILE QA 152 90.78 -56.48 53.61
C ILE QA 152 91.73 -56.90 54.73
N GLY QA 153 91.30 -57.84 55.56
CA GLY QA 153 92.16 -58.34 56.62
C GLY QA 153 93.40 -59.03 56.09
N GLU QA 154 93.31 -59.62 54.89
CA GLU QA 154 94.47 -60.23 54.25
C GLU QA 154 95.27 -59.22 53.45
N ALA QA 155 94.61 -58.23 52.85
CA ALA QA 155 95.32 -57.27 52.01
C ALA QA 155 96.20 -56.35 52.84
N ASN QA 156 95.66 -55.80 53.93
CA ASN QA 156 96.45 -54.89 54.75
C ASN QA 156 97.66 -55.54 55.40
N THR QA 157 97.77 -56.87 55.33
CA THR QA 157 98.93 -57.55 55.88
C THR QA 157 99.82 -58.21 54.83
N LEU QA 158 99.33 -58.41 53.61
CA LEU QA 158 100.14 -59.01 52.56
C LEU QA 158 100.46 -58.05 51.42
N THR QA 159 100.00 -56.80 51.48
CA THR QA 159 100.28 -55.86 50.42
C THR QA 159 101.77 -55.57 50.33
N GLN QA 160 102.27 -55.50 49.10
CA GLN QA 160 103.69 -55.21 48.87
C GLN QA 160 104.03 -53.84 49.46
N ALA QA 161 105.28 -53.71 49.91
CA ALA QA 161 105.73 -52.46 50.51
C ALA QA 161 105.73 -51.34 49.47
N GLY QA 162 105.15 -50.20 49.85
CA GLY QA 162 105.09 -49.03 48.99
C GLY QA 162 103.74 -48.84 48.32
N ARG QA 163 103.06 -49.93 47.97
CA ARG QA 163 101.78 -49.83 47.31
C ARG QA 163 100.69 -49.44 48.31
N ASP QA 164 99.67 -48.78 47.80
CA ASP QA 164 98.54 -48.38 48.62
C ASP QA 164 97.68 -49.61 48.91
N PRO QA 165 97.36 -49.88 50.17
CA PRO QA 165 96.57 -51.08 50.49
C PRO QA 165 95.06 -50.93 50.45
N ASP QA 166 94.52 -49.72 50.33
CA ASP QA 166 93.07 -49.53 50.38
C ASP QA 166 92.43 -49.29 49.01
N VAL QA 167 93.19 -49.44 47.92
CA VAL QA 167 92.58 -49.35 46.59
C VAL QA 167 91.62 -50.51 46.39
N LEU QA 168 91.94 -51.67 46.98
CA LEU QA 168 90.99 -52.77 46.97
C LEU QA 168 89.70 -52.41 47.69
N LEU QA 169 89.79 -51.67 48.80
CA LEU QA 169 88.60 -51.28 49.53
C LEU QA 169 87.75 -50.34 48.69
N GLU QA 170 88.38 -49.39 48.01
CA GLU QA 170 87.65 -48.53 47.07
C GLU QA 170 86.99 -49.35 45.98
N GLY QA 171 87.71 -50.28 45.37
CA GLY QA 171 87.13 -51.12 44.34
C GLY QA 171 86.05 -52.05 44.85
N LEU QA 172 86.11 -52.43 46.13
CA LEU QA 172 85.13 -53.35 46.69
C LEU QA 172 83.85 -52.67 47.14
N ARG QA 173 83.97 -51.49 47.75
CA ARG QA 173 82.78 -50.81 48.24
C ARG QA 173 81.82 -50.47 47.12
N ASN QA 174 82.33 -50.00 45.98
CA ASN QA 174 81.49 -49.67 44.85
C ASN QA 174 80.79 -50.89 44.26
N LEU QA 175 81.36 -52.09 44.45
CA LEU QA 175 80.69 -53.30 43.95
C LEU QA 175 79.34 -53.48 44.64
N PHE QA 176 79.32 -53.46 45.96
CA PHE QA 176 78.08 -53.61 46.70
C PHE QA 176 77.22 -52.37 46.68
N ASN QA 177 77.81 -51.20 46.43
CA ASN QA 177 76.99 -50.01 46.26
C ASN QA 177 76.09 -50.10 45.04
N ALA QA 178 76.48 -50.87 44.02
CA ALA QA 178 75.68 -51.11 42.83
C ALA QA 178 75.00 -52.48 42.88
N CYS QA 179 74.72 -52.97 44.08
CA CYS QA 179 74.10 -54.27 44.27
C CYS QA 179 72.97 -54.12 45.27
N THR QA 180 71.92 -54.90 45.08
CA THR QA 180 70.75 -54.82 45.95
C THR QA 180 71.12 -55.15 47.39
N ALA QA 181 70.34 -54.60 48.31
CA ALA QA 181 70.55 -54.74 49.75
C ALA QA 181 71.98 -54.36 50.13
N PRO QA 182 72.39 -53.11 49.91
CA PRO QA 182 73.78 -52.74 50.22
C PRO QA 182 74.03 -52.53 51.70
N TRP QA 183 72.98 -52.44 52.50
CA TRP QA 183 73.09 -52.26 53.94
C TRP QA 183 73.24 -53.58 54.69
N THR QA 184 73.59 -54.65 53.99
CA THR QA 184 73.72 -55.97 54.60
C THR QA 184 75.12 -56.53 54.43
N VAL QA 185 76.14 -55.73 54.72
CA VAL QA 185 77.53 -56.15 54.64
C VAL QA 185 78.18 -55.89 55.99
N GLY QA 186 78.83 -56.90 56.54
CA GLY QA 186 79.53 -56.75 57.80
C GLY QA 186 79.20 -57.83 58.82
N GLU QA 187 77.96 -58.32 58.82
CA GLU QA 187 77.55 -59.30 59.82
C GLU QA 187 77.59 -60.74 59.30
N GLY QA 188 77.35 -60.92 58.01
CA GLY QA 188 77.38 -62.26 57.44
C GLY QA 188 76.39 -63.20 58.08
N GLY QA 189 75.12 -62.79 58.14
CA GLY QA 189 74.08 -63.61 58.73
C GLY QA 189 73.67 -64.80 57.88
N GLY QA 190 74.15 -64.89 56.65
CA GLY QA 190 73.84 -66.03 55.81
C GLY QA 190 72.96 -65.69 54.62
N LEU QA 191 72.82 -64.40 54.31
CA LEU QA 191 72.00 -63.94 53.20
C LEU QA 191 72.79 -63.06 52.25
N ARG QA 192 73.99 -63.49 51.87
CA ARG QA 192 74.82 -62.76 50.94
C ARG QA 192 74.87 -63.49 49.60
N ALA QA 193 75.52 -62.86 48.62
CA ALA QA 193 75.70 -63.46 47.30
C ALA QA 193 76.75 -64.57 47.35
N TYR QA 194 76.28 -65.76 47.75
CA TYR QA 194 77.20 -66.88 47.96
C TYR QA 194 77.76 -67.40 46.64
N VAL QA 195 76.90 -67.88 45.77
CA VAL QA 195 77.33 -68.61 44.57
C VAL QA 195 77.41 -67.67 43.38
N THR QA 196 78.08 -68.12 42.33
CA THR QA 196 78.16 -67.41 41.06
C THR QA 196 78.36 -68.43 39.94
N SER QA 197 78.22 -67.96 38.71
CA SER QA 197 78.33 -68.82 37.54
C SER QA 197 79.66 -68.62 36.84
N LEU QA 198 80.06 -69.64 36.07
CA LEU QA 198 81.31 -69.55 35.32
C LEU QA 198 81.20 -68.55 34.18
N SER QA 199 80.04 -68.53 33.50
CA SER QA 199 79.85 -67.59 32.40
C SER QA 199 79.92 -66.15 32.87
N PHE QA 200 79.59 -65.91 34.14
CA PHE QA 200 79.66 -64.56 34.68
C PHE QA 200 81.09 -64.02 34.64
N ILE QA 201 82.03 -64.80 35.17
CA ILE QA 201 83.43 -64.37 35.11
C ILE QA 201 83.93 -64.38 33.68
N ALA QA 202 83.46 -65.33 32.87
CA ALA QA 202 83.86 -65.37 31.46
C ALA QA 202 83.45 -64.09 30.74
N ALA QA 203 82.28 -63.55 31.07
CA ALA QA 203 81.83 -62.30 30.47
C ALA QA 203 82.48 -61.08 31.11
N CYS QA 204 82.77 -61.14 32.40
CA CYS QA 204 83.44 -60.02 33.05
C CYS QA 204 84.83 -59.79 32.47
N ARG QA 205 85.54 -60.87 32.13
CA ARG QA 205 86.88 -60.78 31.57
C ARG QA 205 86.91 -61.17 30.10
N ALA QA 206 85.82 -60.92 29.37
CA ALA QA 206 85.75 -61.37 27.99
C ALA QA 206 86.72 -60.63 27.09
N GLU QA 207 87.17 -59.44 27.50
CA GLU QA 207 88.08 -58.66 26.68
C GLU QA 207 89.50 -59.21 26.70
N GLU QA 208 89.76 -60.31 27.39
CA GLU QA 208 91.10 -60.86 27.48
C GLU QA 208 91.25 -62.23 26.83
N TYR QA 209 90.15 -62.94 26.57
CA TYR QA 209 90.23 -64.22 25.90
C TYR QA 209 90.61 -64.04 24.43
N THR QA 210 91.20 -65.09 23.86
CA THR QA 210 91.67 -64.99 22.48
C THR QA 210 90.54 -65.08 21.47
N ASP QA 211 89.45 -65.77 21.81
CA ASP QA 211 88.35 -65.95 20.86
C ASP QA 211 87.46 -64.73 20.93
N LYS QA 212 87.78 -63.76 20.07
CA LYS QA 212 87.18 -62.43 20.19
C LYS QA 212 85.66 -62.49 20.09
N GLN QA 213 85.14 -63.14 19.04
CA GLN QA 213 83.70 -63.11 18.79
C GLN QA 213 82.94 -63.92 19.82
N ALA QA 214 83.47 -65.07 20.23
CA ALA QA 214 82.77 -65.87 21.21
C ALA QA 214 82.72 -65.15 22.56
N ALA QA 215 83.80 -64.47 22.93
CA ALA QA 215 83.81 -63.69 24.16
C ALA QA 215 82.72 -62.64 24.15
N ASP QA 216 82.70 -61.79 23.12
CA ASP QA 216 81.76 -60.67 23.14
C ASP QA 216 80.33 -61.13 22.97
N ALA QA 217 80.11 -62.25 22.26
CA ALA QA 217 78.76 -62.79 22.15
C ALA QA 217 78.22 -63.21 23.50
N ASN QA 218 79.01 -63.97 24.26
CA ASN QA 218 78.59 -64.35 25.60
C ASN QA 218 78.37 -63.12 26.49
N ARG QA 219 79.20 -62.09 26.32
CA ARG QA 219 79.04 -60.88 27.13
C ARG QA 219 77.68 -60.24 26.89
N THR QA 220 77.35 -59.94 25.64
CA THR QA 220 76.07 -59.32 25.33
C THR QA 220 74.90 -60.23 25.73
N ALA QA 221 75.09 -61.55 25.62
CA ALA QA 221 74.01 -62.46 25.97
C ALA QA 221 73.70 -62.40 27.46
N ILE QA 222 74.74 -62.40 28.29
CA ILE QA 222 74.52 -62.34 29.73
C ILE QA 222 74.04 -60.96 30.16
N VAL QA 223 74.34 -59.93 29.36
CA VAL QA 223 73.81 -58.60 29.66
C VAL QA 223 72.32 -58.54 29.36
N SER QA 224 71.92 -59.06 28.20
CA SER QA 224 70.52 -58.97 27.79
C SER QA 224 69.63 -59.89 28.62
N ALA QA 225 70.06 -61.14 28.83
CA ALA QA 225 69.21 -62.10 29.54
C ALA QA 225 68.96 -61.69 30.98
N TYR QA 226 69.91 -60.97 31.58
CA TYR QA 226 69.75 -60.50 32.95
C TYR QA 226 68.95 -59.20 32.93
N GLY QA 227 68.94 -58.48 34.06
CA GLY QA 227 68.15 -57.26 34.15
C GLY QA 227 68.45 -56.24 33.06
N CYS QA 228 69.71 -56.17 32.62
CA CYS QA 228 70.14 -55.35 31.50
C CYS QA 228 70.02 -53.85 31.83
N SER QA 229 69.55 -53.54 33.03
CA SER QA 229 69.46 -52.16 33.50
C SER QA 229 70.62 -51.78 34.41
N ARG QA 230 70.83 -52.55 35.48
CA ARG QA 230 71.95 -52.36 36.38
C ARG QA 230 72.94 -53.51 36.25
N MET QA 231 73.11 -54.01 35.03
CA MET QA 231 74.01 -55.12 34.76
C MET QA 231 75.37 -54.69 34.25
N GLU QA 232 75.42 -53.70 33.35
CA GLU QA 232 76.70 -53.26 32.82
C GLU QA 232 77.57 -52.64 33.90
N THR QA 233 76.97 -51.81 34.76
CA THR QA 233 77.69 -51.22 35.89
C THR QA 233 78.22 -52.30 36.82
N ARG QA 234 77.39 -53.29 37.13
CA ARG QA 234 77.84 -54.40 37.97
C ARG QA 234 79.06 -55.08 37.37
N LEU QA 235 79.06 -55.27 36.06
CA LEU QA 235 80.16 -55.97 35.41
C LEU QA 235 81.46 -55.18 35.51
N ILE QA 236 81.40 -53.87 35.28
CA ILE QA 236 82.65 -53.11 35.34
C ILE QA 236 83.15 -53.04 36.77
N ARG QA 237 82.24 -52.97 37.75
CA ARG QA 237 82.70 -52.98 39.13
C ARG QA 237 83.43 -54.27 39.45
N PHE QA 238 82.86 -55.41 39.05
CA PHE QA 238 83.52 -56.69 39.25
C PHE QA 238 84.85 -56.74 38.50
N SER QA 239 84.94 -56.07 37.35
CA SER QA 239 86.17 -56.14 36.57
C SER QA 239 87.34 -55.50 37.31
N GLU QA 240 87.24 -54.21 37.63
CA GLU QA 240 88.28 -53.59 38.46
C GLU QA 240 88.32 -54.19 39.86
N CYS QA 241 87.26 -54.84 40.31
CA CYS QA 241 87.36 -55.53 41.60
C CYS QA 241 88.44 -56.61 41.54
N LEU QA 242 88.40 -57.45 40.51
CA LEU QA 242 89.46 -58.43 40.29
C LEU QA 242 90.80 -57.76 40.00
N ARG QA 243 90.77 -56.65 39.27
CA ARG QA 243 92.00 -55.92 38.97
C ARG QA 243 92.68 -55.44 40.24
N ALA QA 244 91.91 -54.93 41.20
CA ALA QA 244 92.46 -54.52 42.48
C ALA QA 244 92.76 -55.72 43.37
N MET QA 245 92.04 -56.83 43.16
CA MET QA 245 92.37 -58.06 43.88
C MET QA 245 93.80 -58.48 43.59
N VAL QA 246 94.17 -58.56 42.31
CA VAL QA 246 95.58 -58.73 41.94
C VAL QA 246 96.12 -57.31 41.79
N GLN QA 247 96.32 -56.66 42.94
CA GLN QA 247 97.17 -55.49 43.07
C GLN QA 247 97.98 -55.49 44.35
N CYS QA 248 97.55 -56.24 45.37
CA CYS QA 248 98.23 -56.31 46.66
C CYS QA 248 98.50 -57.76 47.05
N HIS QA 249 98.59 -58.65 46.06
CA HIS QA 249 98.86 -60.08 46.29
C HIS QA 249 97.76 -60.70 47.15
N VAL QA 250 96.52 -60.57 46.68
CA VAL QA 250 95.35 -61.15 47.33
C VAL QA 250 94.70 -62.09 46.32
N PHE QA 251 95.53 -62.75 45.51
CA PHE QA 251 95.17 -63.52 44.33
C PHE QA 251 93.86 -64.27 44.48
N PRO QA 252 92.95 -64.15 43.51
CA PRO QA 252 91.61 -64.73 43.64
C PRO QA 252 91.53 -66.21 43.27
N HIS QA 253 92.49 -66.98 43.76
CA HIS QA 253 92.41 -68.43 43.66
C HIS QA 253 92.21 -69.10 45.01
N ARG QA 254 92.21 -68.31 46.09
CA ARG QA 254 91.86 -68.82 47.41
C ARG QA 254 90.47 -68.38 47.86
N PHE QA 255 89.81 -67.53 47.08
CA PHE QA 255 88.47 -67.06 47.44
C PHE QA 255 87.39 -67.60 46.53
N ILE QA 256 87.75 -68.33 45.49
CA ILE QA 256 86.79 -68.90 44.56
C ILE QA 256 86.87 -70.41 44.66
N SER QA 257 85.85 -71.01 45.26
CA SER QA 257 85.77 -72.45 45.40
C SER QA 257 85.05 -73.02 44.18
N PHE QA 258 84.63 -74.29 44.26
CA PHE QA 258 83.98 -74.98 43.16
C PHE QA 258 82.78 -75.76 43.68
N PHE QA 259 81.65 -75.65 42.97
CA PHE QA 259 80.52 -76.54 43.18
C PHE QA 259 80.33 -77.38 41.93
N GLY QA 260 79.55 -78.45 42.06
CA GLY QA 260 79.24 -79.29 40.93
C GLY QA 260 78.27 -78.63 39.97
N SER QA 261 77.91 -79.37 38.94
CA SER QA 261 76.98 -78.85 37.94
C SER QA 261 75.58 -78.71 38.55
N LEU QA 262 74.89 -77.66 38.16
CA LEU QA 262 73.55 -77.41 38.67
C LEU QA 262 72.61 -78.54 38.29
N LEU QA 263 71.78 -78.95 39.24
CA LEU QA 263 70.83 -80.04 39.02
C LEU QA 263 69.38 -79.61 39.17
N GLU QA 264 69.04 -78.90 40.24
CA GLU QA 264 67.67 -78.44 40.47
C GLU QA 264 67.73 -77.06 41.11
N TYR QA 265 66.65 -76.30 40.95
CA TYR QA 265 66.58 -74.95 41.50
C TYR QA 265 65.13 -74.58 41.76
N THR QA 266 64.94 -73.66 42.69
CA THR QA 266 63.61 -73.11 42.96
C THR QA 266 63.79 -71.67 43.41
N ILE QA 267 63.07 -70.74 42.78
CA ILE QA 267 63.22 -69.31 43.06
C ILE QA 267 61.83 -68.69 43.09
N GLN QA 268 61.66 -67.69 43.95
CA GLN QA 268 60.41 -66.94 44.04
C GLN QA 268 60.60 -65.48 43.70
N ASP QA 269 61.57 -64.79 44.29
CA ASP QA 269 61.99 -63.48 43.81
C ASP QA 269 63.34 -63.17 44.44
N ASN QA 270 64.34 -62.86 43.60
CA ASN QA 270 65.65 -62.35 44.00
C ASN QA 270 66.35 -63.22 45.05
N LEU QA 271 65.86 -64.44 45.25
CA LEU QA 271 66.42 -65.36 46.22
C LEU QA 271 66.09 -66.78 45.77
N CYS QA 272 67.12 -67.60 45.65
CA CYS QA 272 66.96 -68.92 45.03
C CYS QA 272 67.58 -69.99 45.90
N ASN QA 273 66.98 -71.19 45.84
CA ASN QA 273 67.51 -72.37 46.49
C ASN QA 273 67.90 -73.36 45.39
N ILE QA 274 69.20 -73.63 45.27
CA ILE QA 274 69.71 -74.50 44.23
C ILE QA 274 70.38 -75.70 44.86
N THR QA 275 70.37 -76.81 44.11
CA THR QA 275 71.08 -78.01 44.53
C THR QA 275 71.87 -78.54 43.35
N ALA QA 276 73.12 -78.93 43.64
CA ALA QA 276 74.05 -79.39 42.63
C ALA QA 276 74.73 -80.67 43.10
N VAL QA 277 75.33 -81.38 42.15
CA VAL QA 277 76.04 -82.62 42.45
C VAL QA 277 77.35 -82.28 43.13
N ALA QA 278 77.84 -83.20 43.97
CA ALA QA 278 79.11 -82.99 44.66
C ALA QA 278 80.25 -83.73 43.98
N LYS QA 279 80.10 -85.04 43.80
CA LYS QA 279 81.10 -85.84 43.12
C LYS QA 279 80.48 -87.14 42.65
N GLY QA 280 80.96 -87.63 41.51
CA GLY QA 280 80.46 -88.85 40.93
C GLY QA 280 80.07 -88.69 39.48
N PRO QA 281 79.42 -89.71 38.92
CA PRO QA 281 79.00 -89.65 37.51
C PRO QA 281 78.02 -88.51 37.27
N GLN QA 282 78.10 -87.98 36.05
CA GLN QA 282 77.28 -86.82 35.71
C GLN QA 282 75.84 -87.23 35.44
N GLU QA 283 75.65 -88.29 34.64
CA GLU QA 283 74.32 -88.77 34.28
C GLU QA 283 73.84 -89.87 35.20
N ALA QA 284 74.17 -89.80 36.49
CA ALA QA 284 73.62 -90.70 37.48
C ALA QA 284 72.53 -90.05 38.33
N ALA QA 285 72.12 -88.83 38.01
CA ALA QA 285 71.08 -88.12 38.74
C ALA QA 285 69.80 -88.04 37.89
N ARG QA 286 68.74 -87.53 38.50
CA ARG QA 286 67.44 -87.39 37.83
C ARG QA 286 66.94 -85.98 38.05
N THR QA 287 67.12 -85.11 37.07
CA THR QA 287 66.60 -83.75 37.21
C THR QA 287 65.08 -83.71 37.30
N ASP QA 288 64.41 -84.70 36.74
CA ASP QA 288 63.01 -85.04 36.99
C ASP QA 288 62.03 -83.90 36.71
N LYS QA 289 62.44 -82.84 36.03
CA LYS QA 289 61.43 -81.88 35.62
C LYS QA 289 61.64 -81.47 34.17
N THR QA 290 62.81 -81.75 33.62
CA THR QA 290 63.08 -81.45 32.22
C THR QA 290 62.42 -82.51 31.34
N SER QA 291 62.70 -82.44 30.04
CA SER QA 291 62.21 -83.47 29.13
C SER QA 291 62.79 -84.82 29.50
N THR QA 292 64.11 -84.95 29.47
CA THR QA 292 64.79 -86.14 29.95
C THR QA 292 65.18 -85.93 31.41
N ARG QA 293 65.58 -87.02 32.05
CA ARG QA 293 66.05 -86.97 33.43
C ARG QA 293 67.57 -86.91 33.54
N ARG QA 294 68.27 -86.60 32.45
CA ARG QA 294 69.71 -86.60 32.43
C ARG QA 294 70.23 -85.27 31.90
N VAL QA 295 71.41 -84.88 32.38
CA VAL QA 295 72.07 -83.64 31.98
C VAL QA 295 73.54 -83.92 31.75
N THR QA 296 74.17 -83.04 30.97
CA THR QA 296 75.61 -83.12 30.68
C THR QA 296 76.24 -81.77 30.93
N ALA QA 297 77.56 -81.77 31.09
CA ALA QA 297 78.27 -80.54 31.42
C ALA QA 297 78.30 -79.62 30.21
N ASN QA 298 77.99 -78.35 30.43
CA ASN QA 298 77.97 -77.34 29.39
C ASN QA 298 78.89 -76.19 29.78
N ILE QA 299 79.73 -75.76 28.86
CA ILE QA 299 80.65 -74.65 29.14
C ILE QA 299 80.67 -73.70 27.96
N PRO QA 300 80.91 -72.42 28.22
CA PRO QA 300 81.11 -71.48 27.12
C PRO QA 300 82.41 -71.79 26.39
N ALA QA 301 82.37 -71.56 25.08
CA ALA QA 301 83.51 -71.93 24.24
C ALA QA 301 84.71 -71.03 24.46
N CYS QA 302 84.56 -69.95 25.23
CA CYS QA 302 85.67 -69.03 25.45
C CYS QA 302 86.68 -69.60 26.43
N VAL QA 303 86.22 -70.29 27.47
CA VAL QA 303 87.11 -70.76 28.52
C VAL QA 303 87.78 -72.08 28.17
N PHE QA 304 87.21 -72.85 27.25
CA PHE QA 304 87.75 -74.18 26.95
C PHE QA 304 89.10 -74.04 26.26
N TRP QA 305 90.08 -74.78 26.77
CA TRP QA 305 91.45 -74.70 26.23
C TRP QA 305 92.16 -76.02 26.60
N ASP QA 306 92.26 -76.91 25.61
CA ASP QA 306 92.98 -78.16 25.78
C ASP QA 306 94.44 -77.97 25.40
N VAL QA 307 95.34 -78.47 26.25
CA VAL QA 307 96.76 -78.21 26.10
C VAL QA 307 97.48 -79.30 25.30
N ASP QA 308 96.94 -80.52 25.24
CA ASP QA 308 97.63 -81.58 24.54
C ASP QA 308 97.71 -81.28 23.05
N LYS QA 309 96.69 -80.61 22.51
CA LYS QA 309 96.71 -80.27 21.10
C LYS QA 309 97.59 -79.06 20.86
N ASP QA 310 98.05 -78.40 21.92
CA ASP QA 310 99.15 -77.45 21.76
C ASP QA 310 100.50 -78.15 21.92
N LEU QA 311 100.57 -79.12 22.83
CA LEU QA 311 101.80 -79.85 23.12
C LEU QA 311 102.09 -80.97 22.13
N HIS QA 312 101.15 -81.25 21.23
CA HIS QA 312 101.33 -82.23 20.15
C HIS QA 312 101.62 -83.63 20.69
N LEU QA 313 100.64 -84.19 21.41
CA LEU QA 313 100.68 -85.57 21.86
C LEU QA 313 99.34 -86.22 21.58
N SER QA 314 99.33 -87.56 21.58
CA SER QA 314 98.12 -88.30 21.29
C SER QA 314 97.05 -88.05 22.34
N ALA QA 315 95.80 -87.98 21.91
CA ALA QA 315 94.67 -87.74 22.80
C ALA QA 315 93.83 -89.01 22.85
N ASP QA 316 94.27 -89.97 23.67
CA ASP QA 316 93.57 -91.23 23.85
C ASP QA 316 93.61 -91.65 25.31
N GLY QA 317 92.50 -92.14 25.83
CA GLY QA 317 92.48 -92.65 27.18
C GLY QA 317 91.80 -91.73 28.17
N LEU QA 318 92.35 -91.67 29.38
CA LEU QA 318 91.78 -90.88 30.46
C LEU QA 318 92.39 -89.48 30.46
N LYS QA 319 91.57 -88.49 30.79
CA LYS QA 319 92.01 -87.11 30.81
C LYS QA 319 91.45 -86.41 32.05
N HIS QA 320 92.27 -85.56 32.66
CA HIS QA 320 91.88 -84.80 33.83
C HIS QA 320 91.38 -83.42 33.43
N VAL QA 321 90.71 -82.76 34.37
CA VAL QA 321 90.16 -81.42 34.17
C VAL QA 321 90.74 -80.50 35.24
N PHE QA 322 91.16 -79.31 34.81
CA PHE QA 322 91.77 -78.32 35.70
C PHE QA 322 91.20 -76.94 35.42
N LEU QA 323 91.29 -76.07 36.41
CA LEU QA 323 90.99 -74.65 36.27
C LEU QA 323 92.25 -73.85 36.54
N VAL QA 324 92.56 -72.91 35.66
CA VAL QA 324 93.78 -72.14 35.79
C VAL QA 324 93.44 -70.67 35.97
N PHE QA 325 94.34 -69.93 36.61
CA PHE QA 325 94.15 -68.51 36.91
C PHE QA 325 95.42 -67.77 36.51
N VAL QA 326 95.50 -67.37 35.26
CA VAL QA 326 96.67 -66.66 34.76
C VAL QA 326 96.67 -65.24 35.31
N TYR QA 327 97.84 -64.79 35.77
CA TYR QA 327 97.99 -63.48 36.39
C TYR QA 327 98.99 -62.66 35.61
N THR QA 328 98.66 -61.40 35.37
CA THR QA 328 99.59 -60.43 34.80
C THR QA 328 99.78 -59.29 35.77
N GLN QA 329 101.03 -58.97 36.09
CA GLN QA 329 101.35 -57.97 37.12
C GLN QA 329 102.24 -56.90 36.50
N ARG QA 330 101.69 -55.71 36.31
CA ARG QA 330 102.45 -54.58 35.79
C ARG QA 330 102.00 -53.33 36.52
N ARG QA 331 102.42 -52.17 36.01
CA ARG QA 331 102.05 -50.89 36.62
C ARG QA 331 100.72 -50.43 36.04
N GLN QA 332 99.68 -50.48 36.87
CA GLN QA 332 98.32 -50.04 36.53
C GLN QA 332 97.70 -50.86 35.40
N ARG QA 333 98.25 -52.04 35.12
CA ARG QA 333 97.71 -52.91 34.08
C ARG QA 333 97.87 -54.35 34.54
N GLU QA 334 96.78 -54.93 35.04
CA GLU QA 334 96.75 -56.30 35.51
C GLU QA 334 95.61 -57.04 34.83
N GLY QA 335 95.79 -58.35 34.66
CA GLY QA 335 94.78 -59.16 33.99
C GLY QA 335 94.69 -60.54 34.60
N VAL QA 336 93.48 -61.09 34.58
CA VAL QA 336 93.16 -62.39 35.17
C VAL QA 336 92.11 -63.07 34.31
N ARG QA 337 92.47 -64.17 33.67
CA ARG QA 337 91.51 -64.97 32.93
C ARG QA 337 91.06 -66.17 33.75
N LEU QA 338 90.30 -67.05 33.11
CA LEU QA 338 89.81 -68.27 33.73
C LEU QA 338 89.64 -69.33 32.67
N HIS QA 339 90.49 -70.35 32.68
CA HIS QA 339 90.45 -71.38 31.65
C HIS QA 339 90.16 -72.73 32.29
N LEU QA 340 89.32 -73.50 31.61
CA LEU QA 340 89.01 -74.88 32.00
C LEU QA 340 89.79 -75.80 31.08
N ALA QA 341 90.96 -76.23 31.55
CA ALA QA 341 91.84 -77.06 30.75
C ALA QA 341 91.44 -78.52 30.88
N LEU QA 342 91.57 -79.26 29.79
CA LEU QA 342 91.24 -80.68 29.73
C LEU QA 342 92.42 -81.40 29.08
N SER QA 343 93.22 -82.08 29.90
CA SER QA 343 94.46 -82.67 29.43
C SER QA 343 94.65 -84.05 30.04
N GLN QA 344 95.42 -84.88 29.35
CA GLN QA 344 95.76 -86.21 29.86
C GLN QA 344 97.00 -86.20 30.74
N LEU QA 345 97.64 -85.05 30.91
CA LEU QA 345 98.90 -84.98 31.64
C LEU QA 345 98.69 -85.34 33.11
N ASN QA 346 99.78 -85.65 33.78
CA ASN QA 346 99.71 -86.19 35.13
C ASN QA 346 99.22 -85.14 36.12
N GLU QA 347 99.11 -85.55 37.39
CA GLU QA 347 98.62 -84.66 38.43
C GLU QA 347 99.57 -83.49 38.65
N GLN QA 348 100.86 -83.76 38.76
CA GLN QA 348 101.83 -82.70 39.03
C GLN QA 348 102.55 -82.24 37.78
N CYS QA 349 102.64 -83.09 36.76
CA CYS QA 349 103.35 -82.71 35.54
C CYS QA 349 102.63 -81.61 34.76
N PHE QA 350 101.37 -81.34 35.09
CA PHE QA 350 100.65 -80.26 34.44
C PHE QA 350 101.36 -78.93 34.68
N GLY QA 351 102.02 -78.77 35.82
CA GLY QA 351 102.73 -77.54 36.09
C GLY QA 351 103.87 -77.30 35.13
N ARG QA 352 104.69 -78.34 34.89
CA ARG QA 352 105.78 -78.20 33.94
C ARG QA 352 105.25 -78.01 32.53
N GLY QA 353 104.09 -78.58 32.22
CA GLY QA 353 103.53 -78.41 30.89
C GLY QA 353 103.00 -77.01 30.62
N ILE QA 354 102.41 -76.39 31.64
CA ILE QA 354 101.83 -75.06 31.44
C ILE QA 354 102.90 -74.01 31.26
N GLY QA 355 104.05 -74.16 31.93
CA GLY QA 355 105.10 -73.16 31.82
C GLY QA 355 105.64 -73.03 30.42
N PHE QA 356 105.68 -74.13 29.66
CA PHE QA 356 106.20 -74.08 28.31
C PHE QA 356 105.33 -73.20 27.41
N LEU QA 357 104.02 -73.19 27.65
CA LEU QA 357 103.12 -72.34 26.87
C LEU QA 357 103.05 -70.91 27.39
N LEU QA 358 103.29 -70.71 28.69
CA LEU QA 358 103.19 -69.40 29.30
C LEU QA 358 104.57 -68.79 29.60
N GLY QA 359 105.60 -69.27 28.91
CA GLY QA 359 106.94 -68.74 29.11
C GLY QA 359 107.08 -67.25 28.93
N ARG QA 360 106.19 -66.63 28.15
CA ARG QA 360 106.27 -65.18 27.99
C ARG QA 360 105.88 -64.47 29.27
N ILE QA 361 104.65 -64.69 29.75
CA ILE QA 361 104.16 -63.99 30.93
C ILE QA 361 105.03 -64.26 32.15
N ARG QA 362 105.59 -65.46 32.26
CA ARG QA 362 106.50 -65.75 33.36
C ARG QA 362 107.66 -64.76 33.38
N ALA QA 363 108.32 -64.58 32.24
CA ALA QA 363 109.42 -63.63 32.15
C ALA QA 363 108.97 -62.18 32.27
N GLU QA 364 107.77 -61.85 31.79
CA GLU QA 364 107.28 -60.49 31.97
C GLU QA 364 107.11 -60.18 33.45
N ASN QA 365 106.51 -61.11 34.18
CA ASN QA 365 106.28 -60.90 35.60
C ASN QA 365 107.58 -60.85 36.37
N ALA QA 366 108.55 -61.70 36.02
CA ALA QA 366 109.82 -61.70 36.73
C ALA QA 366 110.54 -60.36 36.64
N ALA QA 367 110.20 -59.52 35.67
CA ALA QA 367 110.83 -58.21 35.52
C ALA QA 367 109.94 -57.05 35.93
N TRP QA 368 108.62 -57.22 35.93
CA TRP QA 368 107.71 -56.13 36.27
C TRP QA 368 106.83 -56.48 37.46
N GLY QA 369 107.31 -57.36 38.34
CA GLY QA 369 106.52 -57.73 39.50
C GLY QA 369 106.77 -56.85 40.71
N THR QA 370 108.03 -56.46 40.92
CA THR QA 370 108.41 -55.66 42.08
C THR QA 370 108.88 -54.30 41.57
N GLU QA 371 108.13 -53.25 41.93
CA GLU QA 371 108.47 -51.88 41.53
C GLU QA 371 108.53 -50.93 42.71
N GLY QA 372 108.46 -51.44 43.94
CA GLY QA 372 108.52 -50.60 45.12
C GLY QA 372 109.72 -50.88 46.00
N THR QA 382 125.97 -54.88 50.04
CA THR QA 382 125.58 -55.51 48.78
C THR QA 382 126.75 -56.23 48.15
N ARG QA 383 127.71 -56.64 48.97
CA ARG QA 383 128.89 -57.36 48.50
C ARG QA 383 128.83 -58.79 49.00
N ALA QA 384 129.37 -59.71 48.19
CA ALA QA 384 129.38 -61.12 48.54
C ALA QA 384 130.40 -61.37 49.65
N LEU QA 385 130.52 -62.63 50.07
CA LEU QA 385 131.47 -63.02 51.10
C LEU QA 385 132.05 -64.38 50.74
N PRO QA 386 133.37 -64.55 50.85
CA PRO QA 386 133.99 -65.84 50.51
C PRO QA 386 134.05 -66.78 51.72
N LEU QA 387 132.89 -67.29 52.11
CA LEU QA 387 132.81 -68.17 53.28
C LEU QA 387 133.66 -69.42 53.08
N VAL QA 388 133.44 -70.13 51.97
CA VAL QA 388 134.14 -71.39 51.74
C VAL QA 388 135.63 -71.13 51.53
N GLN QA 389 135.97 -70.00 50.90
CA GLN QA 389 137.39 -69.68 50.69
C GLN QA 389 138.11 -69.50 52.02
N LEU QA 390 137.61 -68.61 52.88
CA LEU QA 390 138.30 -68.37 54.13
C LEU QA 390 138.08 -69.48 55.16
N SER QA 391 137.15 -70.41 54.91
CA SER QA 391 137.07 -71.61 55.75
C SER QA 391 137.96 -72.74 55.24
N ASN QA 392 138.24 -72.78 53.94
CA ASN QA 392 139.19 -73.76 53.44
C ASN QA 392 140.61 -73.37 53.80
N ASP QA 393 140.88 -72.04 53.87
CA ASP QA 393 142.23 -71.70 54.23
C ASP QA 393 142.33 -71.35 55.72
N PRO QA 394 143.45 -71.67 56.35
CA PRO QA 394 143.66 -71.28 57.75
C PRO QA 394 144.14 -69.84 57.87
N THR QA 395 144.55 -69.45 59.07
CA THR QA 395 145.08 -68.11 59.36
C THR QA 395 144.05 -67.04 59.03
N SER QA 396 142.83 -67.29 59.47
CA SER QA 396 141.74 -66.32 59.42
C SER QA 396 141.33 -65.97 60.84
N PRO QA 397 140.80 -64.78 61.06
CA PRO QA 397 140.40 -64.39 62.43
C PRO QA 397 139.39 -65.34 63.02
N ARG QA 398 139.78 -66.07 64.06
CA ARG QA 398 138.90 -67.07 64.68
C ARG QA 398 138.12 -66.45 65.82
N CYS QA 399 136.98 -67.08 66.13
CA CYS QA 399 136.03 -66.58 67.11
C CYS QA 399 135.53 -67.71 68.00
N SER QA 400 136.47 -68.45 68.60
CA SER QA 400 136.15 -69.61 69.44
C SER QA 400 135.04 -69.34 70.46
N ILE QA 401 134.33 -70.39 70.86
CA ILE QA 401 133.17 -70.29 71.75
C ILE QA 401 133.49 -69.58 73.06
N GLY QA 402 134.76 -69.45 73.41
CA GLY QA 402 135.12 -68.91 74.72
C GLY QA 402 134.70 -67.46 74.91
N GLU QA 403 134.53 -66.72 73.81
CA GLU QA 403 134.08 -65.34 73.89
C GLU QA 403 132.60 -65.16 73.57
N ILE QA 404 131.97 -66.15 72.94
CA ILE QA 404 130.52 -66.08 72.73
C ILE QA 404 129.75 -66.55 73.95
N THR QA 405 130.43 -67.12 74.95
CA THR QA 405 129.79 -67.44 76.22
C THR QA 405 128.91 -66.29 76.73
N GLY QA 406 129.31 -65.05 76.44
CA GLY QA 406 128.42 -63.94 76.66
C GLY QA 406 128.83 -62.90 77.68
N VAL QA 407 130.13 -62.65 77.83
CA VAL QA 407 130.61 -61.68 78.80
C VAL QA 407 130.93 -60.34 78.15
N ASN QA 408 131.68 -60.35 77.04
CA ASN QA 408 132.06 -59.14 76.33
C ASN QA 408 131.88 -59.30 74.84
N TRP QA 409 130.70 -59.75 74.41
CA TRP QA 409 130.50 -60.15 73.02
C TRP QA 409 130.29 -58.93 72.12
N ASN QA 410 131.20 -57.97 72.21
CA ASN QA 410 131.28 -56.91 71.21
C ASN QA 410 132.70 -56.67 70.73
N LEU QA 411 133.68 -56.69 71.64
CA LEU QA 411 135.07 -56.58 71.22
C LEU QA 411 135.59 -57.88 70.62
N ALA QA 412 134.96 -59.00 70.95
CA ALA QA 412 135.28 -60.26 70.29
C ALA QA 412 134.79 -60.27 68.86
N ARG QA 413 133.60 -59.74 68.61
CA ARG QA 413 133.04 -59.66 67.27
C ARG QA 413 133.21 -58.28 66.64
N GLN QA 414 134.21 -57.51 67.07
CA GLN QA 414 134.40 -56.15 66.56
C GLN QA 414 134.30 -56.09 65.05
N ARG QA 415 135.24 -56.70 64.33
CA ARG QA 415 134.97 -56.84 62.91
C ARG QA 415 134.65 -58.29 62.54
N LEU QA 416 135.64 -59.18 62.59
CA LEU QA 416 135.56 -60.58 62.21
C LEU QA 416 135.14 -60.72 60.74
N TYR QA 417 134.55 -59.66 60.18
CA TYR QA 417 134.20 -59.43 58.78
C TYR QA 417 133.40 -58.14 58.74
N GLN QA 418 133.04 -57.63 57.56
CA GLN QA 418 132.01 -56.60 57.51
C GLN QA 418 130.81 -57.01 56.66
N TRP QA 419 131.04 -57.35 55.39
CA TRP QA 419 130.07 -57.89 54.44
C TRP QA 419 129.04 -56.88 53.96
N THR QA 420 128.89 -55.75 54.67
CA THR QA 420 128.00 -54.64 54.32
C THR QA 420 126.74 -55.10 53.61
N GLY QA 421 126.17 -56.21 54.03
CA GLY QA 421 125.21 -56.96 53.22
C GLY QA 421 123.77 -56.73 53.63
N ASP QA 422 122.90 -56.66 52.63
CA ASP QA 422 121.45 -56.57 52.81
C ASP QA 422 120.77 -56.79 51.47
N PHE QA 423 119.64 -57.48 51.50
CA PHE QA 423 118.85 -57.76 50.30
C PHE QA 423 117.39 -57.48 50.62
N ARG QA 424 116.90 -56.30 50.22
CA ARG QA 424 115.53 -55.89 50.49
C ARG QA 424 114.64 -56.08 49.27
N GLY QA 425 115.00 -55.46 48.14
CA GLY QA 425 114.18 -55.54 46.96
C GLY QA 425 114.60 -56.64 46.02
N LEU QA 426 113.91 -57.78 46.07
CA LEU QA 426 114.18 -58.91 45.21
C LEU QA 426 112.87 -59.62 44.89
N PRO QA 427 112.76 -60.23 43.72
CA PRO QA 427 111.53 -60.94 43.35
C PRO QA 427 111.31 -62.13 44.27
N THR QA 428 110.25 -62.07 45.07
CA THR QA 428 109.83 -63.21 45.87
C THR QA 428 109.13 -64.25 44.98
N GLN QA 429 108.93 -65.45 45.53
CA GLN QA 429 108.23 -66.50 44.81
C GLN QA 429 106.75 -66.21 44.70
N LEU QA 430 106.26 -65.20 45.43
CA LEU QA 430 104.87 -64.80 45.38
C LEU QA 430 104.62 -63.64 44.43
N SER QA 431 105.64 -62.84 44.12
CA SER QA 431 105.50 -61.77 43.14
C SER QA 431 105.78 -62.21 41.72
N CYS QA 432 106.23 -63.43 41.51
CA CYS QA 432 106.46 -63.96 40.17
C CYS QA 432 105.49 -65.06 39.80
N MET QA 433 104.43 -65.26 40.58
CA MET QA 433 103.44 -66.27 40.25
C MET QA 433 102.63 -65.84 39.04
N TYR QA 434 102.29 -66.80 38.19
CA TYR QA 434 101.53 -66.50 36.99
C TYR QA 434 100.38 -67.47 36.72
N ALA QA 435 100.19 -68.48 37.56
CA ALA QA 435 99.10 -69.44 37.35
C ALA QA 435 98.88 -70.24 38.61
N ALA QA 436 97.66 -70.79 38.73
CA ALA QA 436 97.31 -71.62 39.87
C ALA QA 436 96.21 -72.57 39.42
N TYR QA 437 96.49 -73.87 39.47
CA TYR QA 437 95.56 -74.87 38.96
C TYR QA 437 95.09 -75.80 40.07
N THR QA 438 94.09 -76.62 39.72
CA THR QA 438 93.44 -77.50 40.69
C THR QA 438 92.66 -78.57 39.93
N LEU QA 439 92.80 -79.81 40.37
CA LEU QA 439 92.06 -80.92 39.76
C LEU QA 439 90.59 -80.86 40.14
N ILE QA 440 89.72 -81.18 39.19
CA ILE QA 440 88.28 -81.16 39.38
C ILE QA 440 87.65 -82.50 39.06
N GLY QA 441 88.04 -83.12 37.96
CA GLY QA 441 87.43 -84.38 37.60
C GLY QA 441 88.16 -85.02 36.43
N THR QA 442 87.79 -86.28 36.17
CA THR QA 442 88.39 -87.09 35.13
C THR QA 442 87.32 -87.59 34.18
N ILE QA 443 87.76 -88.20 33.09
CA ILE QA 443 86.86 -88.83 32.12
C ILE QA 443 87.38 -90.23 31.81
N PRO QA 444 86.77 -91.27 32.36
CA PRO QA 444 87.31 -92.63 32.17
C PRO QA 444 87.17 -93.13 30.74
N SER QA 445 86.12 -92.73 30.02
CA SER QA 445 85.92 -93.21 28.66
C SER QA 445 87.02 -92.67 27.75
N GLU QA 446 87.76 -93.59 27.13
CA GLU QA 446 88.82 -93.20 26.20
C GLU QA 446 88.23 -92.58 24.95
N SER QA 447 89.06 -91.80 24.26
CA SER QA 447 88.69 -91.14 23.01
C SER QA 447 87.42 -90.30 23.18
N VAL QA 448 87.54 -89.27 24.03
CA VAL QA 448 86.42 -88.38 24.27
C VAL QA 448 86.01 -87.69 22.98
N ARG QA 449 84.74 -87.29 22.90
CA ARG QA 449 84.15 -86.75 21.69
C ARG QA 449 83.34 -85.49 22.02
N TYR QA 450 83.95 -84.57 22.75
CA TYR QA 450 83.29 -83.31 23.11
C TYR QA 450 82.75 -82.61 21.87
N THR QA 451 81.54 -82.08 21.99
CA THR QA 451 80.81 -81.49 20.87
C THR QA 451 80.59 -80.00 21.11
N ARG QA 452 80.84 -79.20 20.08
CA ARG QA 452 80.67 -77.76 20.16
C ARG QA 452 79.58 -77.33 19.20
N ARG QA 453 78.63 -76.54 19.69
CA ARG QA 453 77.54 -76.05 18.84
C ARG QA 453 76.96 -74.79 19.46
N MET QA 454 76.16 -74.07 18.68
CA MET QA 454 75.55 -72.82 19.10
C MET QA 454 74.06 -73.05 19.33
N GLU QA 455 73.59 -72.66 20.50
CA GLU QA 455 72.16 -72.77 20.84
C GLU QA 455 71.74 -71.52 21.60
N ARG QA 456 70.42 -71.33 21.69
CA ARG QA 456 69.87 -70.14 22.31
C ARG QA 456 70.09 -70.14 23.81
N PHE QA 457 70.53 -69.00 24.33
CA PHE QA 457 70.73 -68.79 25.77
C PHE QA 457 69.93 -67.55 26.14
N GLY QA 458 68.67 -67.75 26.53
CA GLY QA 458 67.79 -66.64 26.75
C GLY QA 458 67.18 -66.17 25.46
N GLY QA 459 67.70 -65.08 24.91
CA GLY QA 459 67.25 -64.59 23.62
C GLY QA 459 68.37 -64.47 22.60
N TYR QA 460 69.52 -65.06 22.91
CA TYR QA 460 70.68 -64.97 22.05
C TYR QA 460 71.34 -66.34 21.95
N ASN QA 461 72.12 -66.52 20.89
CA ASN QA 461 72.83 -67.76 20.64
C ASN QA 461 74.30 -67.62 21.04
N VAL QA 462 74.81 -68.64 21.73
CA VAL QA 462 76.20 -68.64 22.17
C VAL QA 462 76.82 -70.00 21.88
N PRO QA 463 78.10 -70.05 21.52
CA PRO QA 463 78.75 -71.35 21.28
C PRO QA 463 79.11 -72.05 22.58
N THR QA 464 78.48 -73.20 22.84
CA THR QA 464 78.76 -73.97 24.05
C THR QA 464 79.34 -75.33 23.68
N ILE QA 465 80.21 -75.81 24.55
CA ILE QA 465 80.83 -77.13 24.41
C ILE QA 465 80.20 -78.06 25.42
N TRP QA 466 79.85 -79.28 24.97
CA TRP QA 466 79.11 -80.23 25.77
C TRP QA 466 80.01 -81.41 26.12
N LEU QA 467 80.24 -81.60 27.41
CA LEU QA 467 81.02 -82.71 27.92
C LEU QA 467 80.09 -83.77 28.49
N GLU QA 468 80.32 -85.02 28.12
CA GLU QA 468 79.51 -86.14 28.58
C GLU QA 468 80.36 -87.09 29.43
N GLY QA 469 79.70 -87.74 30.38
CA GLY QA 469 80.36 -88.71 31.24
C GLY QA 469 81.63 -88.22 31.91
N VAL QA 470 81.50 -87.27 32.83
CA VAL QA 470 82.63 -86.74 33.58
C VAL QA 470 82.36 -86.93 35.06
N VAL QA 471 83.24 -87.67 35.73
CA VAL QA 471 83.09 -87.95 37.16
C VAL QA 471 83.77 -86.85 37.96
N TRP QA 472 83.00 -86.17 38.79
CA TRP QA 472 83.55 -85.13 39.66
C TRP QA 472 84.25 -85.76 40.85
N GLY QA 473 85.11 -84.97 41.50
CA GLY QA 473 85.83 -85.44 42.64
C GLY QA 473 87.03 -84.56 42.91
N GLY QA 474 87.94 -85.07 43.75
CA GLY QA 474 89.17 -84.36 44.02
C GLY QA 474 89.00 -83.24 45.03
N THR QA 475 89.94 -83.14 45.96
CA THR QA 475 89.90 -82.11 46.97
C THR QA 475 90.34 -80.76 46.39
N ASN QA 476 89.87 -79.69 47.02
CA ASN QA 476 90.14 -78.34 46.52
C ASN QA 476 91.49 -77.88 47.05
N THR QA 477 92.55 -78.27 46.33
CA THR QA 477 93.91 -77.85 46.63
C THR QA 477 94.49 -77.16 45.41
N TRP QA 478 95.05 -75.98 45.61
CA TRP QA 478 95.59 -75.17 44.51
C TRP QA 478 97.09 -75.28 44.45
N ASN QA 479 97.60 -75.56 43.25
CA ASN QA 479 99.04 -75.64 42.99
C ASN QA 479 99.43 -74.39 42.23
N GLU QA 480 100.38 -73.63 42.79
CA GLU QA 480 100.77 -72.36 42.19
C GLU QA 480 102.05 -72.53 41.37
N CYS QA 481 102.02 -72.03 40.14
CA CYS QA 481 103.14 -72.16 39.21
C CYS QA 481 103.90 -70.85 39.22
N TYR QA 482 104.86 -70.75 40.13
CA TYR QA 482 105.75 -69.60 40.22
C TYR QA 482 107.13 -70.03 39.76
N TYR QA 483 107.50 -69.64 38.54
CA TYR QA 483 108.81 -70.00 38.02
C TYR QA 483 109.42 -68.85 37.24
N PRO RA 4 56.88 -89.26 140.97
CA PRO RA 4 55.97 -88.13 141.21
C PRO RA 4 55.67 -87.94 142.69
N PHE RA 5 56.03 -86.78 143.22
CA PHE RA 5 55.82 -86.47 144.63
C PHE RA 5 54.63 -85.53 144.78
N GLU RA 6 53.72 -85.88 145.69
CA GLU RA 6 52.51 -85.09 145.91
C GLU RA 6 52.36 -84.82 147.40
N ILE RA 7 51.97 -83.60 147.72
CA ILE RA 7 51.68 -83.19 149.08
C ILE RA 7 50.19 -82.92 149.19
N GLU RA 8 49.55 -83.54 150.18
CA GLU RA 8 48.10 -83.48 150.36
C GLU RA 8 47.79 -82.50 151.49
N VAL RA 9 47.15 -81.39 151.14
CA VAL RA 9 46.75 -80.39 152.12
C VAL RA 9 45.36 -80.73 152.62
N LEU RA 10 45.22 -80.83 153.93
CA LEU RA 10 43.94 -81.19 154.54
C LEU RA 10 43.11 -79.92 154.75
N LEU RA 11 42.03 -79.78 154.01
CA LEU RA 11 41.17 -78.62 154.19
C LEU RA 11 40.43 -78.71 155.52
N PRO RA 12 40.30 -77.61 156.24
CA PRO RA 12 39.52 -77.63 157.49
C PRO RA 12 38.06 -77.96 157.20
N GLY RA 13 37.42 -78.58 158.18
CA GLY RA 13 36.02 -78.92 158.04
C GLY RA 13 35.14 -77.68 158.09
N GLU RA 14 33.84 -77.95 158.25
CA GLU RA 14 32.80 -76.94 158.46
C GLU RA 14 32.90 -75.77 157.47
N LEU RA 15 33.54 -75.99 156.33
CA LEU RA 15 33.75 -74.92 155.38
C LEU RA 15 32.46 -74.56 154.66
N SER RA 16 32.28 -73.28 154.41
CA SER RA 16 31.05 -72.83 153.76
C SER RA 16 31.07 -73.15 152.27
N PRO RA 17 29.90 -73.25 151.64
CA PRO RA 17 29.86 -73.49 150.19
C PRO RA 17 30.52 -72.39 149.39
N ALA RA 18 30.32 -71.13 149.78
CA ALA RA 18 30.97 -70.03 149.08
C ALA RA 18 32.49 -70.19 149.11
N GLU RA 19 33.03 -70.51 150.28
CA GLU RA 19 34.48 -70.63 150.40
C GLU RA 19 35.01 -71.84 149.64
N THR RA 20 34.30 -72.97 149.68
CA THR RA 20 34.80 -74.13 148.94
C THR RA 20 34.73 -73.88 147.43
N SER RA 21 33.71 -73.15 146.95
CA SER RA 21 33.67 -72.78 145.54
C SER RA 21 34.81 -71.84 145.18
N ALA RA 22 35.07 -70.84 146.03
CA ALA RA 22 36.18 -69.93 145.78
C ALA RA 22 37.51 -70.68 145.75
N LEU RA 23 37.66 -71.69 146.60
CA LEU RA 23 38.91 -72.46 146.61
C LEU RA 23 39.02 -73.33 145.35
N GLN RA 24 37.92 -73.99 144.96
CA GLN RA 24 37.94 -74.78 143.73
C GLN RA 24 38.28 -73.92 142.53
N LYS RA 25 37.88 -72.64 142.55
CA LYS RA 25 38.33 -71.74 141.49
C LYS RA 25 39.86 -71.74 141.37
N CYS RA 26 40.56 -71.76 142.49
CA CYS RA 26 42.02 -71.83 142.52
C CYS RA 26 42.44 -73.26 142.20
N GLU RA 27 42.92 -73.47 140.97
CA GLU RA 27 43.22 -74.80 140.48
C GLU RA 27 44.70 -75.00 140.13
N GLY RA 28 45.35 -73.99 139.57
CA GLY RA 28 46.69 -74.18 139.07
C GLY RA 28 47.71 -73.19 139.58
N LYS RA 29 47.60 -72.80 140.84
CA LYS RA 29 48.44 -71.76 141.40
C LYS RA 29 49.57 -72.32 142.26
N ILE RA 30 50.53 -71.46 142.53
CA ILE RA 30 51.74 -71.81 143.25
C ILE RA 30 51.58 -71.46 144.72
N ILE RA 31 52.05 -72.36 145.59
CA ILE RA 31 52.04 -72.16 147.03
C ILE RA 31 53.42 -72.51 147.57
N THR RA 32 53.66 -72.13 148.82
CA THR RA 32 54.97 -72.34 149.45
C THR RA 32 54.81 -73.12 150.74
N PHE RA 33 55.79 -73.98 151.00
CA PHE RA 33 55.85 -74.79 152.21
C PHE RA 33 57.18 -74.54 152.89
N SER RA 34 57.15 -74.22 154.18
CA SER RA 34 58.39 -74.04 154.92
C SER RA 34 59.14 -75.36 155.05
N THR RA 35 58.42 -76.43 155.35
CA THR RA 35 58.99 -77.76 155.46
C THR RA 35 58.14 -78.75 154.67
N LEU RA 36 58.80 -79.58 153.87
CA LEU RA 36 58.12 -80.49 152.97
C LEU RA 36 57.75 -81.78 153.68
N ARG RA 37 56.52 -82.24 153.48
CA ARG RA 37 56.02 -83.46 154.08
C ARG RA 37 54.73 -83.85 153.37
N HIS RA 38 54.42 -85.14 153.40
CA HIS RA 38 53.25 -85.64 152.69
C HIS RA 38 51.95 -85.07 153.24
N ARG RA 39 51.86 -84.93 154.56
CA ARG RA 39 50.67 -84.40 155.21
C ARG RA 39 51.00 -83.07 155.87
N ALA RA 40 50.16 -82.06 155.61
CA ALA RA 40 50.37 -80.74 156.19
C ALA RA 40 49.02 -80.11 156.48
N SER RA 41 49.06 -78.91 157.07
CA SER RA 41 47.88 -78.17 157.45
C SER RA 41 47.76 -76.90 156.63
N LEU RA 42 46.70 -76.15 156.89
CA LEU RA 42 46.45 -74.90 156.19
C LEU RA 42 47.20 -73.71 156.78
N VAL RA 43 47.73 -73.85 157.99
CA VAL RA 43 48.35 -72.72 158.66
C VAL RA 43 49.63 -72.31 157.95
N ASP RA 44 50.40 -73.27 157.44
CA ASP RA 44 51.65 -72.93 156.76
C ASP RA 44 51.38 -72.23 155.43
N ILE RA 45 50.30 -72.63 154.74
CA ILE RA 45 49.91 -71.92 153.52
C ILE RA 45 49.40 -70.53 153.85
N ALA RA 46 48.71 -70.37 154.97
CA ALA RA 46 48.17 -69.08 155.35
C ALA RA 46 49.26 -68.01 155.42
N LEU RA 47 48.85 -66.76 155.22
CA LEU RA 47 49.80 -65.65 155.29
C LEU RA 47 50.37 -65.48 156.69
N SER RA 48 49.64 -65.94 157.71
CA SER RA 48 50.13 -65.83 159.08
C SER RA 48 51.48 -66.51 159.27
N SER RA 49 51.77 -67.56 158.48
CA SER RA 49 53.05 -68.24 158.58
C SER RA 49 54.20 -67.40 158.03
N TYR RA 50 53.89 -66.33 157.30
CA TYR RA 50 54.95 -65.46 156.80
C TYR RA 50 55.39 -64.41 157.81
N TYR RA 51 54.68 -64.31 158.94
CA TYR RA 51 55.00 -63.32 159.95
C TYR RA 51 56.44 -63.46 160.42
N ILE RA 52 57.13 -62.34 160.58
CA ILE RA 52 58.55 -62.39 160.92
C ILE RA 52 58.73 -62.21 162.44
N ASN RA 53 58.28 -61.08 162.98
CA ASN RA 53 58.36 -60.90 164.43
C ASN RA 53 56.98 -61.11 165.07
N GLY RA 54 56.03 -60.26 164.72
CA GLY RA 54 54.65 -60.44 165.16
C GLY RA 54 53.66 -59.91 164.15
N ALA RA 55 54.14 -59.49 162.99
CA ALA RA 55 53.32 -58.71 162.07
C ALA RA 55 53.36 -59.30 160.66
N PRO RA 56 52.42 -58.92 159.80
CA PRO RA 56 52.52 -59.30 158.38
C PRO RA 56 53.84 -58.87 157.80
N PRO RA 57 54.38 -59.61 156.84
CA PRO RA 57 55.74 -59.39 156.37
C PRO RA 57 55.82 -58.18 155.44
N ASP RA 58 57.06 -57.83 155.10
CA ASP RA 58 57.37 -56.78 154.15
C ASP RA 58 57.70 -57.39 152.80
N THR RA 59 57.83 -56.52 151.79
CA THR RA 59 58.19 -56.97 150.45
C THR RA 59 59.56 -57.64 150.45
N LEU RA 60 60.54 -56.99 151.08
CA LEU RA 60 61.88 -57.56 151.11
C LEU RA 60 61.95 -58.84 151.93
N SER RA 61 61.08 -58.99 152.92
CA SER RA 61 61.07 -60.22 153.71
C SER RA 61 60.41 -61.36 152.93
N LEU RA 62 59.37 -61.05 152.15
CA LEU RA 62 58.81 -62.05 151.26
C LEU RA 62 59.79 -62.46 150.18
N LEU RA 63 60.59 -61.51 149.67
CA LEU RA 63 61.61 -61.84 148.69
C LEU RA 63 62.57 -62.89 149.19
N GLU RA 64 62.82 -62.95 150.50
CA GLU RA 64 63.69 -63.96 151.08
C GLU RA 64 62.96 -65.20 151.52
N ALA RA 65 61.72 -65.06 152.00
CA ALA RA 65 60.92 -66.22 152.34
C ALA RA 65 60.68 -67.09 151.12
N TYR RA 66 60.58 -66.48 149.94
CA TYR RA 66 60.36 -67.25 148.72
C TYR RA 66 61.56 -68.12 148.40
N ARG RA 67 62.78 -67.60 148.59
CA ARG RA 67 63.96 -68.43 148.40
C ARG RA 67 64.05 -69.51 149.47
N MET RA 68 63.67 -69.17 150.70
CA MET RA 68 63.83 -70.13 151.79
C MET RA 68 62.84 -71.29 151.68
N ARG RA 69 61.61 -71.03 151.23
CA ARG RA 69 60.57 -72.04 151.25
C ARG RA 69 60.59 -72.90 149.98
N PHE RA 70 60.13 -74.14 150.13
CA PHE RA 70 59.89 -75.01 148.98
C PHE RA 70 58.62 -74.58 148.26
N ALA RA 71 58.58 -74.83 146.96
CA ALA RA 71 57.45 -74.44 146.14
C ALA RA 71 56.59 -75.66 145.79
N ALA RA 72 55.32 -75.39 145.47
CA ALA RA 72 54.42 -76.46 145.04
C ALA RA 72 53.33 -75.87 144.17
N VAL RA 73 52.72 -76.72 143.36
CA VAL RA 73 51.69 -76.34 142.41
C VAL RA 73 50.43 -77.13 142.70
N ILE RA 74 49.29 -76.43 142.79
CA ILE RA 74 48.03 -77.10 143.10
C ILE RA 74 47.52 -77.85 141.86
N THR RA 75 46.71 -78.87 142.10
CA THR RA 75 46.10 -79.67 141.04
C THR RA 75 44.64 -79.91 141.44
N ARG RA 76 44.01 -80.89 140.80
CA ARG RA 76 42.61 -81.22 141.04
C ARG RA 76 42.28 -81.25 142.52
N VAL RA 77 41.36 -80.38 142.94
CA VAL RA 77 40.94 -80.27 144.33
C VAL RA 77 39.63 -81.02 144.50
N ILE RA 78 39.49 -81.72 145.61
CA ILE RA 78 38.26 -82.43 145.93
C ILE RA 78 37.62 -81.70 147.09
N PRO RA 79 36.32 -81.91 147.38
CA PRO RA 79 35.68 -81.15 148.46
C PRO RA 79 36.37 -81.31 149.81
N GLY RA 80 36.97 -82.45 150.07
CA GLY RA 80 37.61 -82.67 151.36
C GLY RA 80 39.07 -82.26 151.41
N LYS RA 81 39.87 -82.75 150.46
CA LYS RA 81 41.31 -82.58 150.50
C LYS RA 81 41.76 -81.58 149.44
N LEU RA 82 43.06 -81.28 149.47
CA LEU RA 82 43.68 -80.33 148.56
C LEU RA 82 44.98 -80.93 148.05
N LEU RA 83 45.09 -81.11 146.73
CA LEU RA 83 46.21 -81.84 146.15
C LEU RA 83 47.23 -80.89 145.54
N ALA RA 84 48.50 -81.14 145.85
CA ALA RA 84 49.57 -80.29 145.34
C ALA RA 84 50.79 -81.14 145.04
N HIS RA 85 51.46 -80.84 143.93
CA HIS RA 85 52.69 -81.50 143.54
C HIS RA 85 53.88 -80.59 143.81
N ALA RA 86 55.06 -81.18 143.91
CA ALA RA 86 56.27 -80.45 144.24
C ALA RA 86 57.04 -80.07 142.97
N ILE RA 87 57.94 -79.09 143.12
CA ILE RA 87 58.70 -78.58 141.99
C ILE RA 87 60.19 -78.68 142.26
N GLY RA 88 60.64 -78.08 143.36
CA GLY RA 88 62.06 -77.91 143.65
C GLY RA 88 62.90 -79.17 143.57
N VAL RA 89 62.61 -80.15 144.43
CA VAL RA 89 63.35 -81.39 144.41
C VAL RA 89 63.10 -82.13 143.10
N GLY RA 90 64.16 -82.71 142.55
CA GLY RA 90 64.07 -83.43 141.29
C GLY RA 90 63.04 -84.55 141.31
N THR RA 91 61.92 -84.34 140.62
CA THR RA 91 60.84 -85.31 140.63
C THR RA 91 60.09 -85.25 139.30
N PRO RA 92 59.83 -86.39 138.66
CA PRO RA 92 59.12 -86.38 137.38
C PRO RA 92 57.63 -86.09 137.58
N THR RA 93 57.14 -85.08 136.86
CA THR RA 93 55.73 -84.72 136.89
C THR RA 93 55.24 -84.64 135.45
N PRO RA 94 54.37 -85.54 135.01
CA PRO RA 94 53.84 -85.45 133.65
C PRO RA 94 52.61 -84.55 133.57
N GLY RA 95 52.57 -83.69 132.55
CA GLY RA 95 51.42 -82.83 132.34
C GLY RA 95 51.21 -81.82 133.45
N LEU RA 96 52.21 -80.96 133.67
CA LEU RA 96 52.13 -79.92 134.67
C LEU RA 96 51.62 -78.62 134.03
N PHE RA 97 50.95 -77.80 134.83
CA PHE RA 97 50.36 -76.57 134.33
C PHE RA 97 50.33 -75.52 135.43
N ILE RA 98 50.32 -74.26 135.02
CA ILE RA 98 50.24 -73.13 135.94
C ILE RA 98 49.25 -72.12 135.38
N GLN RA 99 48.55 -71.44 136.28
CA GLN RA 99 47.61 -70.40 135.90
C GLN RA 99 48.31 -69.04 135.94
N ASN RA 100 48.13 -68.27 134.88
CA ASN RA 100 48.76 -66.95 134.79
C ASN RA 100 48.11 -66.01 135.80
N THR RA 101 48.92 -65.45 136.70
CA THR RA 101 48.43 -64.52 137.70
C THR RA 101 48.93 -63.10 137.50
N SER RA 102 49.87 -62.89 136.59
CA SER RA 102 50.40 -61.56 136.36
C SER RA 102 49.58 -60.84 135.29
N PRO RA 103 49.54 -59.50 135.34
CA PRO RA 103 48.79 -58.76 134.32
C PRO RA 103 49.40 -58.84 132.93
N VAL RA 104 50.69 -59.14 132.82
CA VAL RA 104 51.36 -59.20 131.53
C VAL RA 104 51.14 -60.58 130.91
N ASP RA 105 51.45 -60.70 129.63
CA ASP RA 105 51.23 -61.93 128.88
C ASP RA 105 52.53 -62.70 128.71
N LEU RA 106 52.39 -64.00 128.48
CA LEU RA 106 53.52 -64.91 128.30
C LEU RA 106 53.43 -65.58 126.93
N CYS RA 107 54.59 -65.98 126.42
CA CYS RA 107 54.68 -66.67 125.14
C CYS RA 107 55.60 -67.88 125.30
N ASN RA 108 55.78 -68.63 124.21
CA ASN RA 108 56.56 -69.85 124.27
C ASN RA 108 58.02 -69.54 124.60
N GLY RA 109 58.64 -70.46 125.35
CA GLY RA 109 60.04 -70.31 125.69
C GLY RA 109 60.34 -69.16 126.62
N ASP RA 110 59.55 -68.98 127.67
CA ASP RA 110 59.75 -67.91 128.64
C ASP RA 110 60.06 -68.52 129.99
N TYR RA 111 61.13 -68.07 130.63
CA TYR RA 111 61.44 -68.50 131.97
C TYR RA 111 60.56 -67.75 132.97
N ILE RA 112 60.12 -68.47 133.99
CA ILE RA 112 59.19 -67.93 134.99
C ILE RA 112 59.93 -67.70 136.29
N CYS RA 113 59.64 -66.58 136.94
CA CYS RA 113 60.17 -66.25 138.24
C CYS RA 113 59.01 -66.08 139.22
N LEU RA 114 59.34 -65.66 140.45
CA LEU RA 114 58.33 -65.54 141.50
C LEU RA 114 58.64 -64.29 142.31
N LEU RA 115 57.66 -63.40 142.41
CA LEU RA 115 57.80 -62.18 143.19
C LEU RA 115 56.50 -61.91 143.93
N PRO RA 116 56.57 -61.25 145.09
CA PRO RA 116 55.34 -60.93 145.81
C PRO RA 116 54.51 -59.92 145.04
N PRO RA 117 53.27 -59.69 145.44
CA PRO RA 117 52.44 -58.71 144.72
C PRO RA 117 52.99 -57.30 144.82
N VAL RA 118 53.47 -56.77 143.71
CA VAL RA 118 53.98 -55.40 143.66
C VAL RA 118 52.97 -54.44 143.05
N PHE RA 119 52.08 -54.92 142.19
CA PHE RA 119 51.02 -54.08 141.64
C PHE RA 119 49.88 -53.96 142.63
N GLY RA 120 48.72 -53.47 142.16
CA GLY RA 120 47.58 -53.24 143.01
C GLY RA 120 47.18 -54.41 143.90
N SER RA 121 46.37 -54.11 144.92
CA SER RA 121 46.03 -55.06 145.99
C SER RA 121 45.77 -56.46 145.45
N ALA RA 122 46.54 -57.43 145.96
CA ALA RA 122 46.50 -58.78 145.42
C ALA RA 122 45.16 -59.44 145.70
N ASP RA 123 44.62 -60.11 144.69
CA ASP RA 123 43.47 -60.98 144.93
C ASP RA 123 43.92 -62.20 145.70
N SER RA 124 43.12 -62.61 146.68
CA SER RA 124 43.50 -63.69 147.57
C SER RA 124 42.25 -64.21 148.26
N ILE RA 125 42.20 -65.51 148.46
CA ILE RA 125 41.08 -66.13 149.15
C ILE RA 125 41.16 -65.82 150.64
N ARG RA 126 40.03 -65.42 151.20
CA ARG RA 126 39.93 -65.14 152.62
C ARG RA 126 38.90 -66.05 153.25
N LEU RA 127 39.22 -66.55 154.44
CA LEU RA 127 38.35 -67.47 155.17
C LEU RA 127 37.97 -66.81 156.49
N ASP RA 128 36.76 -66.30 156.58
CA ASP RA 128 36.31 -65.65 157.81
C ASP RA 128 36.10 -66.66 158.93
N SER RA 129 35.56 -67.84 158.58
CA SER RA 129 35.33 -68.87 159.59
C SER RA 129 36.65 -69.39 160.15
N VAL RA 130 37.59 -69.73 159.28
CA VAL RA 130 38.89 -70.21 159.75
C VAL RA 130 39.69 -69.06 160.34
N GLY RA 131 39.62 -67.89 159.73
CA GLY RA 131 40.32 -66.72 160.24
C GLY RA 131 41.65 -66.44 159.61
N LEU RA 132 41.84 -66.79 158.33
CA LEU RA 132 43.11 -66.56 157.66
C LEU RA 132 42.86 -66.32 156.18
N GLU RA 133 43.89 -65.82 155.51
CA GLU RA 133 43.86 -65.56 154.08
C GLU RA 133 45.06 -66.21 153.41
N ILE RA 134 44.94 -66.48 152.12
CA ILE RA 134 45.99 -67.13 151.35
C ILE RA 134 46.30 -66.25 150.14
N VAL RA 135 47.44 -65.58 150.17
CA VAL RA 135 47.89 -64.78 149.04
C VAL RA 135 48.68 -65.67 148.09
N PHE RA 136 48.56 -65.41 146.79
CA PHE RA 136 49.32 -66.26 145.89
C PHE RA 136 50.40 -65.47 145.17
N PRO RA 137 51.59 -66.04 145.03
CA PRO RA 137 52.69 -65.31 144.39
C PRO RA 137 52.44 -65.09 142.92
N LEU RA 138 53.03 -64.01 142.40
CA LEU RA 138 52.89 -63.62 141.01
C LEU RA 138 54.01 -64.23 140.18
N THR RA 139 53.73 -64.45 138.90
CA THR RA 139 54.68 -65.09 137.99
C THR RA 139 54.90 -64.19 136.78
N ILE RA 140 56.10 -63.66 136.65
CA ILE RA 140 56.43 -62.77 135.53
C ILE RA 140 57.70 -63.27 134.85
N PRO RA 141 57.94 -62.91 133.59
CA PRO RA 141 59.14 -63.35 132.89
C PRO RA 141 60.41 -62.71 133.47
N GLN RA 142 61.55 -63.21 132.98
CA GLN RA 142 62.84 -62.88 133.57
C GLN RA 142 63.21 -61.41 133.38
N THR RA 143 62.95 -60.86 132.19
CA THR RA 143 63.30 -59.48 131.93
C THR RA 143 62.55 -58.53 132.84
N LEU RA 144 61.23 -58.71 132.91
CA LEU RA 144 60.42 -57.89 133.80
C LEU RA 144 60.84 -58.09 135.25
N MET RA 145 61.19 -59.33 135.63
CA MET RA 145 61.62 -59.58 137.00
C MET RA 145 62.88 -58.80 137.33
N ARG RA 146 63.87 -58.85 136.44
CA ARG RA 146 65.12 -58.14 136.67
C ARG RA 146 64.87 -56.64 136.77
N GLU RA 147 64.02 -56.10 135.89
CA GLU RA 147 63.77 -54.67 135.91
C GLU RA 147 63.07 -54.24 137.19
N ILE RA 148 62.08 -55.02 137.63
CA ILE RA 148 61.38 -54.70 138.87
C ILE RA 148 62.32 -54.75 140.05
N ILE RA 149 63.21 -55.75 140.08
CA ILE RA 149 64.15 -55.86 141.20
C ILE RA 149 65.10 -54.68 141.22
N ALA RA 150 65.61 -54.28 140.05
CA ALA RA 150 66.51 -53.14 140.00
C ALA RA 150 65.82 -51.88 140.50
N LYS RA 151 64.58 -51.66 140.06
CA LYS RA 151 63.87 -50.45 140.48
C LYS RA 151 63.56 -50.47 141.97
N VAL RA 152 63.22 -51.64 142.52
CA VAL RA 152 62.92 -51.72 143.94
C VAL RA 152 64.18 -51.48 144.77
N VAL RA 153 65.32 -52.01 144.32
CA VAL RA 153 66.57 -51.78 145.05
C VAL RA 153 66.95 -50.31 145.01
N ALA RA 154 66.75 -49.66 143.85
CA ALA RA 154 67.06 -48.24 143.77
C ALA RA 154 66.15 -47.41 144.68
N ARG RA 155 64.86 -47.76 144.73
CA ARG RA 155 63.94 -47.06 145.62
C ARG RA 155 64.33 -47.26 147.08
N ALA RA 156 64.76 -48.48 147.44
CA ALA RA 156 65.20 -48.74 148.81
C ALA RA 156 66.43 -47.91 149.15
N VAL RA 157 67.40 -47.85 148.24
CA VAL RA 157 68.58 -47.02 148.45
C VAL RA 157 68.17 -45.57 148.65
N GLU RA 158 67.29 -45.07 147.80
CA GLU RA 158 66.84 -43.69 147.91
C GLU RA 158 66.18 -43.42 149.26
N ARG RA 159 65.33 -44.34 149.70
CA ARG RA 159 64.64 -44.17 150.98
C ARG RA 159 65.64 -44.17 152.13
N THR RA 160 66.63 -45.04 152.08
CA THR RA 160 67.64 -45.09 153.13
C THR RA 160 68.94 -44.45 152.65
N ASP RA 176 57.54 -45.05 140.23
CA ASP RA 176 58.16 -46.17 139.52
C ASP RA 176 57.25 -46.68 138.41
N VAL RA 177 57.68 -46.49 137.17
CA VAL RA 177 56.92 -46.89 136.00
C VAL RA 177 57.74 -47.88 135.18
N ILE RA 178 57.06 -48.86 134.61
CA ILE RA 178 57.70 -49.88 133.78
C ILE RA 178 56.93 -50.01 132.47
N CYS RA 179 57.67 -50.03 131.36
CA CYS RA 179 57.07 -50.15 130.04
C CYS RA 179 57.31 -51.57 129.53
N TYR RA 180 56.22 -52.31 129.34
CA TYR RA 180 56.29 -53.67 128.81
C TYR RA 180 55.15 -53.86 127.83
N ASN RA 181 55.49 -54.24 126.60
CA ASN RA 181 54.51 -54.41 125.52
C ASN RA 181 53.74 -53.11 125.26
N GLY RA 182 54.43 -51.98 125.37
CA GLY RA 182 53.84 -50.72 125.02
C GLY RA 182 52.80 -50.18 125.98
N ARG RA 183 52.65 -50.79 127.16
CA ARG RA 183 51.76 -50.27 128.19
C ARG RA 183 52.55 -50.03 129.47
N ARG RA 184 52.18 -48.98 130.18
CA ARG RA 184 52.92 -48.53 131.36
C ARG RA 184 52.24 -49.04 132.62
N TYR RA 185 53.00 -49.74 133.45
CA TYR RA 185 52.54 -50.21 134.75
C TYR RA 185 53.25 -49.42 135.84
N GLU RA 186 52.56 -49.26 136.97
CA GLU RA 186 53.07 -48.52 138.11
C GLU RA 186 53.37 -49.47 139.27
N LEU RA 187 54.47 -49.22 139.95
CA LEU RA 187 54.90 -50.03 141.10
C LEU RA 187 54.68 -49.23 142.36
N GLU RA 188 53.98 -49.80 143.32
CA GLU RA 188 53.94 -49.26 144.68
C GLU RA 188 54.63 -50.29 145.57
N THR RA 189 55.81 -49.93 146.04
CA THR RA 189 56.61 -50.83 146.87
C THR RA 189 56.37 -50.53 148.34
N ASN RA 190 56.42 -51.58 149.16
CA ASN RA 190 56.21 -51.48 150.59
C ASN RA 190 57.54 -51.70 151.30
N LEU RA 191 57.93 -50.73 152.12
CA LEU RA 191 59.19 -50.80 152.86
C LEU RA 191 58.99 -50.27 154.28
N GLN RA 192 57.85 -50.59 154.90
CA GLN RA 192 57.61 -50.11 156.25
C GLN RA 192 58.50 -50.78 157.29
N HIS RA 193 59.13 -51.90 156.94
CA HIS RA 193 60.17 -52.50 157.75
C HIS RA 193 61.53 -51.93 157.38
N ARG RA 194 62.48 -52.05 158.31
CA ARG RA 194 63.81 -51.50 158.15
C ARG RA 194 64.92 -52.52 158.38
N ASP RA 195 64.68 -53.56 159.18
CA ASP RA 195 65.74 -54.50 159.52
C ASP RA 195 66.24 -55.26 158.30
N GLY RA 196 65.38 -55.46 157.31
CA GLY RA 196 65.74 -56.18 156.12
C GLY RA 196 66.19 -55.33 154.96
N SER RA 197 66.12 -54.00 155.07
CA SER RA 197 66.49 -53.14 153.96
C SER RA 197 67.99 -53.05 153.77
N ASP RA 198 68.76 -53.07 154.87
CA ASP RA 198 70.21 -52.94 154.77
C ASP RA 198 70.88 -54.22 154.30
N ALA RA 199 70.19 -55.37 154.41
CA ALA RA 199 70.78 -56.61 153.88
C ALA RA 199 70.97 -56.52 152.37
N ALA RA 200 70.01 -55.91 151.67
CA ALA RA 200 70.17 -55.72 150.24
C ALA RA 200 71.35 -54.82 149.93
N ILE RA 201 71.50 -53.73 150.69
CA ILE RA 201 72.65 -52.84 150.50
C ILE RA 201 73.95 -53.60 150.70
N ARG RA 202 74.00 -54.42 151.75
CA ARG RA 202 75.22 -55.15 152.07
C ARG RA 202 75.57 -56.13 150.95
N THR RA 203 74.58 -56.88 150.46
CA THR RA 203 74.85 -57.87 149.44
C THR RA 203 75.13 -57.22 148.09
N LEU RA 204 74.67 -56.00 147.87
CA LEU RA 204 75.06 -55.27 146.66
C LEU RA 204 76.51 -54.81 146.75
N VAL RA 205 76.88 -54.20 147.87
CA VAL RA 205 78.23 -53.65 148.00
C VAL RA 205 79.26 -54.77 148.05
N LEU RA 206 78.91 -55.95 148.57
CA LEU RA 206 79.87 -57.04 148.55
C LEU RA 206 80.27 -57.43 147.12
N ASN RA 207 79.27 -57.59 146.25
CA ASN RA 207 79.57 -57.90 144.85
C ASN RA 207 80.28 -56.74 144.16
N LEU RA 208 79.88 -55.51 144.47
CA LEU RA 208 80.54 -54.36 143.87
C LEU RA 208 82.01 -54.33 144.23
N MET RA 209 82.35 -54.68 145.48
CA MET RA 209 83.74 -54.69 145.90
C MET RA 209 84.51 -55.86 145.29
N PHE RA 210 83.87 -57.04 145.22
CA PHE RA 210 84.56 -58.21 144.69
C PHE RA 210 84.73 -58.16 143.18
N SER RA 211 83.97 -57.33 142.48
CA SER RA 211 84.14 -57.20 141.04
C SER RA 211 85.28 -56.25 140.65
N ILE RA 212 86.23 -56.01 141.55
CA ILE RA 212 87.36 -55.13 141.29
C ILE RA 212 88.65 -55.90 141.47
N ASN RA 213 89.59 -55.71 140.55
CA ASN RA 213 90.92 -56.31 140.66
C ASN RA 213 91.87 -55.53 139.78
N GLU RA 214 93.08 -56.07 139.62
CA GLU RA 214 94.15 -55.35 138.92
C GLU RA 214 93.82 -55.11 137.45
N GLY RA 215 92.79 -55.75 136.93
CA GLY RA 215 92.49 -55.64 135.51
C GLY RA 215 91.72 -54.40 135.10
N CYS RA 216 90.99 -53.76 136.03
CA CYS RA 216 90.18 -52.60 135.65
C CYS RA 216 90.98 -51.43 135.11
N LEU RA 217 92.30 -51.39 135.34
CA LEU RA 217 93.07 -50.23 134.92
C LEU RA 217 93.08 -50.13 133.39
N LEU RA 218 93.29 -51.25 132.70
CA LEU RA 218 93.29 -51.21 131.23
C LEU RA 218 91.91 -50.88 130.70
N LEU RA 219 90.87 -51.44 131.32
CA LEU RA 219 89.51 -51.14 130.87
C LEU RA 219 89.16 -49.68 131.08
N LEU RA 220 89.68 -49.05 132.13
CA LEU RA 220 89.41 -47.65 132.35
C LEU RA 220 90.25 -46.76 131.44
N ALA RA 221 91.49 -47.17 131.13
CA ALA RA 221 92.30 -46.43 130.18
C ALA RA 221 91.81 -46.55 128.74
N LEU RA 222 91.07 -47.62 128.44
CA LEU RA 222 90.51 -47.83 127.11
C LEU RA 222 89.26 -46.98 126.86
N ILE RA 223 89.05 -45.94 127.66
CA ILE RA 223 87.84 -45.11 127.57
C ILE RA 223 87.89 -44.10 126.44
N PRO RA 224 89.01 -43.39 126.19
CA PRO RA 224 88.99 -42.43 125.08
C PRO RA 224 88.78 -43.08 123.73
N THR RA 225 89.41 -44.23 123.47
CA THR RA 225 89.16 -44.91 122.21
C THR RA 225 87.73 -45.41 122.12
N LEU RA 226 87.13 -45.78 123.26
CA LEU RA 226 85.72 -46.16 123.25
C LEU RA 226 84.84 -44.97 122.85
N LEU RA 227 85.10 -43.80 123.44
CA LEU RA 227 84.33 -42.61 123.07
C LEU RA 227 84.54 -42.26 121.61
N VAL RA 228 85.75 -42.45 121.09
CA VAL RA 228 86.02 -42.20 119.68
C VAL RA 228 85.19 -43.14 118.82
N GLN RA 229 85.29 -44.44 119.08
CA GLN RA 229 84.55 -45.44 118.32
C GLN RA 229 83.04 -45.22 118.43
N GLY RA 230 82.60 -44.61 119.53
CA GLY RA 230 81.19 -44.24 119.64
C GLY RA 230 80.70 -43.44 118.45
N ALA RA 231 81.49 -42.44 118.04
CA ALA RA 231 81.17 -41.73 116.81
C ALA RA 231 81.46 -42.61 115.61
N HIS RA 232 80.94 -42.20 114.45
CA HIS RA 232 81.04 -42.94 113.19
C HIS RA 232 80.76 -44.43 113.35
N ASP RA 233 79.92 -44.77 114.33
CA ASP RA 233 79.43 -46.13 114.50
C ASP RA 233 77.91 -46.21 114.44
N GLY RA 234 77.21 -45.34 115.17
CA GLY RA 234 75.78 -45.40 115.24
C GLY RA 234 75.22 -46.45 116.17
N TYR RA 235 76.06 -47.33 116.72
CA TYR RA 235 75.63 -48.36 117.64
C TYR RA 235 76.08 -48.08 119.06
N VAL RA 236 77.36 -47.74 119.24
CA VAL RA 236 77.90 -47.49 120.57
C VAL RA 236 77.27 -46.25 121.21
N ASN RA 237 76.72 -45.34 120.41
CA ASN RA 237 76.06 -44.16 120.96
C ASN RA 237 74.96 -44.56 121.94
N LEU RA 238 74.10 -45.49 121.55
CA LEU RA 238 73.09 -45.99 122.47
C LEU RA 238 73.72 -46.60 123.71
N LEU RA 239 74.80 -47.36 123.53
CA LEU RA 239 75.55 -47.85 124.68
C LEU RA 239 76.08 -46.70 125.52
N ILE RA 240 76.38 -45.56 124.90
CA ILE RA 240 76.93 -44.43 125.63
C ILE RA 240 75.83 -43.63 126.29
N GLN RA 241 74.69 -43.46 125.62
CA GLN RA 241 73.63 -42.61 126.16
C GLN RA 241 73.06 -43.19 127.45
N THR RA 242 72.82 -44.50 127.48
CA THR RA 242 72.31 -45.11 128.72
C THR RA 242 73.35 -45.07 129.82
N ALA RA 243 74.63 -45.11 129.47
CA ALA RA 243 75.68 -45.01 130.46
C ALA RA 243 75.90 -43.57 130.86
N ASN RA 244 76.29 -43.37 132.13
CA ASN RA 244 76.58 -42.04 132.63
C ASN RA 244 77.99 -41.93 133.20
N CYS RA 245 78.43 -42.94 133.93
CA CYS RA 245 79.74 -42.87 134.59
C CYS RA 245 80.85 -42.70 133.57
N VAL RA 246 80.92 -43.58 132.58
CA VAL RA 246 81.99 -43.50 131.60
C VAL RA 246 81.82 -42.26 130.73
N ARG RA 247 80.58 -41.92 130.40
CA ARG RA 247 80.32 -40.75 129.56
C ARG RA 247 80.81 -39.47 130.23
N GLU RA 248 80.71 -39.41 131.56
CA GLU RA 248 81.23 -38.25 132.27
C GLU RA 248 82.72 -38.33 132.51
N THR RA 249 83.27 -39.53 132.76
CA THR RA 249 84.68 -39.61 133.11
C THR RA 249 85.60 -39.45 131.90
N GLY RA 250 85.17 -39.87 130.72
CA GLY RA 250 86.04 -39.79 129.55
C GLY RA 250 86.46 -38.37 129.23
N GLN RA 251 85.66 -37.38 129.64
CA GLN RA 251 86.00 -35.98 129.43
C GLN RA 251 86.29 -35.25 130.73
N LEU RA 252 86.59 -35.98 131.80
CA LEU RA 252 86.90 -35.35 133.08
C LEU RA 252 88.11 -35.93 133.80
N ILE RA 253 88.55 -37.15 133.49
CA ILE RA 253 89.64 -37.77 134.22
C ILE RA 253 90.79 -38.06 133.25
N ASN RA 254 92.00 -38.12 133.81
CA ASN RA 254 93.21 -38.28 133.02
C ASN RA 254 93.74 -39.71 132.97
N ILE RA 255 93.55 -40.50 134.03
CA ILE RA 255 93.92 -41.91 134.05
C ILE RA 255 95.41 -42.09 133.76
N PRO RA 256 96.28 -41.86 134.74
CA PRO RA 256 97.74 -42.03 134.55
C PRO RA 256 98.07 -43.26 133.73
N PRO RA 257 99.12 -43.21 132.91
CA PRO RA 257 99.22 -44.11 131.76
C PRO RA 257 99.21 -45.61 132.09
N MET RA 258 100.22 -46.10 132.81
CA MET RA 258 100.33 -47.54 132.96
C MET RA 258 101.38 -47.96 133.97
N PRO RA 259 101.10 -48.95 134.82
CA PRO RA 259 102.16 -49.62 135.56
C PRO RA 259 102.70 -50.82 134.80
N ARG RA 260 103.61 -51.57 135.40
CA ARG RA 260 104.12 -52.79 134.80
C ARG RA 260 103.49 -54.00 135.48
N ILE RA 261 103.85 -55.20 135.03
CA ILE RA 261 103.38 -56.44 135.61
C ILE RA 261 104.51 -57.06 136.42
N GLN RA 262 104.15 -57.68 137.54
CA GLN RA 262 105.16 -58.30 138.40
C GLN RA 262 105.87 -59.43 137.67
N ASP RA 263 105.13 -60.42 137.21
CA ASP RA 263 105.67 -61.50 136.39
C ASP RA 263 104.89 -61.57 135.09
N GLY RA 264 105.26 -60.73 134.13
CA GLY RA 264 104.59 -60.71 132.86
C GLY RA 264 105.08 -61.75 131.88
N HIS RA 265 106.08 -62.53 132.28
CA HIS RA 265 106.65 -63.55 131.40
C HIS RA 265 105.82 -64.82 131.36
N ARG RA 266 104.94 -65.02 132.35
CA ARG RA 266 104.11 -66.22 132.35
C ARG RA 266 102.69 -65.97 132.83
N ARG RA 267 102.31 -64.73 133.11
CA ARG RA 267 101.00 -64.44 133.68
C ARG RA 267 100.19 -63.58 132.72
N PHE RA 268 98.87 -63.59 132.93
CA PHE RA 268 97.93 -62.86 132.08
C PHE RA 268 96.97 -62.10 132.96
N PRO RA 269 97.15 -60.78 133.12
CA PRO RA 269 96.40 -60.06 134.17
C PRO RA 269 95.01 -59.62 133.76
N ILE RA 270 94.65 -59.70 132.48
CA ILE RA 270 93.35 -59.25 132.04
C ILE RA 270 92.41 -60.44 131.98
N TYR RA 271 92.89 -61.59 132.46
CA TYR RA 271 92.11 -62.82 132.43
C TYR RA 271 91.18 -62.91 133.64
N GLU RA 272 91.70 -62.60 134.83
CA GLU RA 272 90.89 -62.73 136.03
C GLU RA 272 89.79 -61.68 136.06
N THR RA 273 90.06 -60.47 135.58
CA THR RA 273 89.05 -59.43 135.60
C THR RA 273 87.88 -59.76 134.68
N ILE RA 274 88.13 -60.53 133.63
CA ILE RA 274 87.02 -60.94 132.77
C ILE RA 274 86.39 -62.25 133.24
N SER RA 275 87.11 -63.06 134.01
CA SER RA 275 86.53 -64.31 134.48
C SER RA 275 85.68 -64.12 135.72
N SER RA 276 86.28 -63.58 136.77
CA SER RA 276 85.60 -63.39 138.03
C SER RA 276 84.32 -62.58 137.88
N TRP RA 277 84.33 -61.61 136.96
CA TRP RA 277 83.14 -60.80 136.73
C TRP RA 277 81.98 -61.65 136.22
N ILE RA 278 82.26 -62.68 135.43
CA ILE RA 278 81.21 -63.56 134.94
C ILE RA 278 80.49 -64.24 136.10
N SER RA 279 81.26 -64.81 137.03
CA SER RA 279 80.64 -65.47 138.18
C SER RA 279 79.91 -64.45 139.05
N THR RA 280 80.49 -63.25 139.22
CA THR RA 280 79.83 -62.22 140.02
C THR RA 280 78.48 -61.86 139.42
N SER RA 281 78.43 -61.68 138.10
CA SER RA 281 77.19 -61.29 137.45
C SER RA 281 76.18 -62.42 137.48
N SER RA 282 76.64 -63.67 137.37
CA SER RA 282 75.71 -64.79 137.44
C SER RA 282 75.13 -64.94 138.84
N ARG RA 283 75.92 -64.61 139.87
CA ARG RA 283 75.43 -64.73 141.24
C ARG RA 283 74.53 -63.56 141.62
N LEU RA 284 74.77 -62.38 141.06
CA LEU RA 284 74.01 -61.19 141.46
C LEU RA 284 72.53 -61.33 141.11
N GLY RA 285 72.24 -61.77 139.89
CA GLY RA 285 70.85 -61.87 139.47
C GLY RA 285 70.02 -62.83 140.31
N ASP RA 286 70.68 -63.81 140.91
CA ASP RA 286 69.99 -64.75 141.79
C ASP RA 286 69.97 -64.30 143.23
N THR RA 287 70.98 -63.58 143.68
CA THR RA 287 71.00 -63.16 145.09
C THR RA 287 70.10 -61.96 145.33
N LEU RA 288 70.07 -61.00 144.40
CA LEU RA 288 69.24 -59.81 144.61
C LEU RA 288 67.76 -60.17 144.64
N GLY RA 289 67.33 -61.07 143.76
CA GLY RA 289 65.95 -61.48 143.72
C GLY RA 289 65.77 -62.98 143.81
N THR RA 290 64.94 -63.54 142.94
CA THR RA 290 64.67 -64.97 142.89
C THR RA 290 65.25 -65.56 141.61
N ARG RA 291 65.42 -66.87 141.60
CA ARG RA 291 65.96 -67.60 140.46
C ARG RA 291 64.84 -68.07 139.55
N ALA RA 292 65.23 -68.54 138.38
CA ALA RA 292 64.28 -69.13 137.45
C ALA RA 292 63.75 -70.45 138.02
N ILE RA 293 62.48 -70.73 137.78
CA ILE RA 293 61.85 -71.90 138.40
C ILE RA 293 61.21 -72.81 137.37
N LEU RA 294 60.84 -72.27 136.21
CA LEU RA 294 60.11 -73.05 135.23
C LEU RA 294 60.35 -72.50 133.84
N ARG RA 295 59.93 -73.28 132.84
CA ARG RA 295 59.90 -72.86 131.46
C ARG RA 295 58.55 -73.24 130.87
N VAL RA 296 57.92 -72.30 130.16
CA VAL RA 296 56.63 -72.53 129.55
C VAL RA 296 56.84 -73.10 128.15
N CYS RA 297 56.21 -74.24 127.88
CA CYS RA 297 56.31 -74.91 126.58
C CYS RA 297 55.00 -75.65 126.37
N VAL RA 298 54.07 -75.04 125.63
CA VAL RA 298 52.77 -75.63 125.40
C VAL RA 298 52.81 -76.45 124.12
N PHE RA 299 52.25 -77.66 124.18
CA PHE RA 299 52.07 -78.49 123.00
C PHE RA 299 50.66 -78.32 122.47
N ASP RA 300 50.55 -78.10 121.16
CA ASP RA 300 49.25 -78.00 120.49
C ASP RA 300 48.37 -76.93 121.14
N GLY RA 301 48.97 -75.81 121.50
CA GLY RA 301 48.26 -74.72 122.11
C GLY RA 301 48.55 -73.40 121.44
N PRO RA 302 48.00 -72.32 121.98
CA PRO RA 302 48.28 -71.00 121.41
C PRO RA 302 49.71 -70.56 121.68
N SER RA 303 50.21 -69.69 120.80
CA SER RA 303 51.55 -69.18 120.96
C SER RA 303 51.67 -68.24 122.15
N THR RA 304 50.69 -67.37 122.34
CA THR RA 304 50.64 -66.46 123.47
C THR RA 304 49.46 -66.81 124.36
N VAL RA 305 49.58 -66.49 125.64
CA VAL RA 305 48.55 -66.76 126.63
C VAL RA 305 48.14 -65.44 127.27
N HIS RA 306 46.86 -65.24 127.43
CA HIS RA 306 46.29 -64.07 128.06
C HIS RA 306 46.13 -64.30 129.56
N PRO RA 307 45.96 -63.24 130.35
CA PRO RA 307 45.89 -63.44 131.81
C PRO RA 307 44.67 -64.25 132.20
N GLY RA 308 44.88 -65.17 133.14
CA GLY RA 308 43.84 -66.04 133.63
C GLY RA 308 43.79 -67.41 133.00
N ASP RA 309 44.38 -67.56 131.81
CA ASP RA 309 44.37 -68.85 131.14
C ASP RA 309 45.51 -69.73 131.65
N ARG RA 310 45.44 -71.00 131.31
CA ARG RA 310 46.40 -72.00 131.79
C ARG RA 310 47.28 -72.49 130.67
N THR RA 311 48.55 -72.77 131.00
CA THR RA 311 49.53 -73.26 130.04
C THR RA 311 50.23 -74.48 130.62
N ALA RA 312 50.76 -75.31 129.72
CA ALA RA 312 51.54 -76.46 130.14
C ALA RA 312 53.01 -76.09 130.17
N VAL RA 313 53.63 -76.19 131.35
CA VAL RA 313 55.01 -75.77 131.54
C VAL RA 313 55.84 -76.98 131.96
N ILE RA 314 57.14 -76.90 131.67
CA ILE RA 314 58.07 -77.98 131.97
C ILE RA 314 58.95 -77.55 133.13
N GLN RA 315 59.42 -78.53 133.89
CA GLN RA 315 60.33 -78.25 134.99
C GLN RA 315 61.67 -77.76 134.44
N VAL RA 316 62.25 -76.79 135.13
CA VAL RA 316 63.52 -76.21 134.70
C VAL RA 316 64.62 -77.26 134.80
N PRO SA 4 57.66 -91.95 124.44
CA PRO SA 4 58.84 -91.26 123.89
C PRO SA 4 58.48 -90.27 122.79
N PHE SA 5 58.87 -89.02 122.97
CA PHE SA 5 58.58 -87.97 122.00
C PHE SA 5 59.66 -87.93 120.93
N GLU SA 6 59.24 -87.90 119.67
CA GLU SA 6 60.16 -87.85 118.56
C GLU SA 6 59.69 -86.80 117.56
N ILE SA 7 60.64 -86.29 116.77
CA ILE SA 7 60.36 -85.32 115.73
C ILE SA 7 60.75 -85.95 114.39
N GLU SA 8 59.95 -85.70 113.37
CA GLU SA 8 60.24 -86.16 112.02
C GLU SA 8 60.47 -84.94 111.13
N VAL SA 9 61.69 -84.78 110.64
CA VAL SA 9 62.02 -83.71 109.71
C VAL SA 9 61.85 -84.24 108.30
N LEU SA 10 61.03 -83.55 107.51
CA LEU SA 10 60.72 -84.03 106.16
C LEU SA 10 61.91 -83.79 105.23
N LEU SA 11 62.39 -84.86 104.60
CA LEU SA 11 63.46 -84.71 103.63
C LEU SA 11 62.90 -84.11 102.34
N PRO SA 12 63.61 -83.17 101.71
CA PRO SA 12 63.10 -82.55 100.50
C PRO SA 12 63.30 -83.46 99.29
N GLY SA 13 62.45 -83.24 98.29
CA GLY SA 13 62.60 -83.96 97.05
C GLY SA 13 63.65 -83.34 96.15
N GLU SA 14 64.12 -84.15 95.20
CA GLU SA 14 65.12 -83.72 94.22
C GLU SA 14 66.39 -83.23 94.91
N LEU SA 15 66.97 -84.08 95.74
CA LEU SA 15 68.21 -83.76 96.41
C LEU SA 15 69.36 -84.53 95.79
N SER SA 16 70.50 -83.87 95.64
CA SER SA 16 71.63 -84.51 94.99
C SER SA 16 72.22 -85.62 95.87
N PRO SA 17 72.76 -86.67 95.26
CA PRO SA 17 73.23 -87.80 96.07
C PRO SA 17 74.43 -87.47 96.93
N ALA SA 18 75.32 -86.60 96.46
CA ALA SA 18 76.41 -86.14 97.33
C ALA SA 18 75.87 -85.46 98.57
N GLU SA 19 74.83 -84.65 98.42
CA GLU SA 19 74.22 -83.99 99.57
C GLU SA 19 73.53 -85.00 100.48
N THR SA 20 72.84 -85.99 99.91
CA THR SA 20 72.22 -87.02 100.73
C THR SA 20 73.26 -87.77 101.56
N SER SA 21 74.40 -88.09 100.95
CA SER SA 21 75.46 -88.78 101.66
C SER SA 21 76.07 -87.91 102.75
N ALA SA 22 76.29 -86.63 102.45
CA ALA SA 22 76.80 -85.71 103.46
C ALA SA 22 75.84 -85.61 104.64
N LEU SA 23 74.54 -85.60 104.37
CA LEU SA 23 73.57 -85.56 105.46
C LEU SA 23 73.61 -86.85 106.27
N GLN SA 24 73.59 -88.00 105.59
CA GLN SA 24 73.65 -89.29 106.28
C GLN SA 24 74.87 -89.39 107.17
N LYS SA 25 75.98 -88.79 106.74
CA LYS SA 25 77.20 -88.84 107.55
C LYS SA 25 77.01 -88.20 108.92
N CYS SA 26 76.20 -87.14 109.00
CA CYS SA 26 75.97 -86.46 110.28
C CYS SA 26 74.84 -87.17 111.02
N GLU SA 27 75.22 -88.24 111.73
CA GLU SA 27 74.24 -89.09 112.39
C GLU SA 27 73.84 -88.56 113.75
N GLY SA 28 74.78 -88.52 114.70
CA GLY SA 28 74.48 -88.08 116.05
C GLY SA 28 74.75 -86.61 116.32
N LYS SA 29 73.95 -85.73 115.74
CA LYS SA 29 74.18 -84.29 115.86
C LYS SA 29 72.96 -83.59 116.43
N ILE SA 30 73.22 -82.46 117.06
CA ILE SA 30 72.19 -81.70 117.76
C ILE SA 30 71.59 -80.67 116.82
N ILE SA 31 70.27 -80.73 116.67
CA ILE SA 31 69.52 -79.68 115.98
C ILE SA 31 68.69 -78.95 117.03
N THR SA 32 68.15 -77.80 116.63
CA THR SA 32 67.51 -76.91 117.59
C THR SA 32 66.22 -76.38 116.98
N PHE SA 33 65.10 -76.68 117.64
CA PHE SA 33 63.76 -76.38 117.16
C PHE SA 33 63.15 -75.24 117.98
N SER SA 34 62.48 -74.31 117.28
CA SER SA 34 61.85 -73.19 117.96
C SER SA 34 60.62 -73.64 118.75
N THR SA 35 59.66 -74.27 118.07
CA THR SA 35 58.46 -74.79 118.71
C THR SA 35 58.40 -76.29 118.47
N LEU SA 36 58.11 -77.05 119.52
CA LEU SA 36 58.17 -78.49 119.41
C LEU SA 36 56.92 -79.04 118.76
N ARG SA 37 57.08 -79.84 117.71
CA ARG SA 37 55.97 -80.41 116.98
C ARG SA 37 56.44 -81.68 116.28
N HIS SA 38 55.49 -82.59 116.04
CA HIS SA 38 55.84 -83.88 115.44
C HIS SA 38 56.28 -83.74 114.00
N ARG SA 39 55.74 -82.78 113.27
CA ARG SA 39 56.09 -82.55 111.87
C ARG SA 39 56.64 -81.15 111.71
N ALA SA 40 57.78 -81.03 111.03
CA ALA SA 40 58.42 -79.75 110.81
C ALA SA 40 59.09 -79.73 109.45
N SER SA 41 59.59 -78.56 109.08
CA SER SA 41 60.24 -78.34 107.79
C SER SA 41 61.68 -77.93 107.99
N LEU SA 42 62.45 -77.96 106.91
CA LEU SA 42 63.87 -77.65 106.95
C LEU SA 42 64.17 -76.18 107.21
N VAL SA 43 63.18 -75.29 107.07
CA VAL SA 43 63.44 -73.88 107.30
C VAL SA 43 63.71 -73.63 108.77
N ASP SA 44 63.09 -74.42 109.66
CA ASP SA 44 63.34 -74.26 111.09
C ASP SA 44 64.73 -74.74 111.48
N ILE SA 45 65.29 -75.68 110.72
CA ILE SA 45 66.60 -76.21 111.05
C ILE SA 45 67.70 -75.37 110.41
N ALA SA 46 67.43 -74.81 109.23
CA ALA SA 46 68.46 -74.04 108.55
C ALA SA 46 68.83 -72.79 109.34
N LEU SA 47 69.95 -72.19 108.97
CA LEU SA 47 70.38 -70.95 109.60
C LEU SA 47 69.42 -69.82 109.34
N SER SA 48 68.64 -69.88 108.26
CA SER SA 48 67.75 -68.79 107.90
C SER SA 48 66.76 -68.46 109.02
N SER SA 49 66.38 -69.45 109.82
CA SER SA 49 65.47 -69.19 110.93
C SER SA 49 66.16 -68.53 112.10
N TYR SA 50 67.49 -68.51 112.14
CA TYR SA 50 68.20 -68.01 113.31
C TYR SA 50 68.55 -66.54 113.22
N TYR SA 51 68.63 -65.96 112.02
CA TYR SA 51 69.09 -64.60 111.91
C TYR SA 51 67.97 -63.62 112.23
N ILE SA 52 68.36 -62.51 112.86
CA ILE SA 52 67.42 -61.49 113.32
C ILE SA 52 67.79 -60.16 112.68
N ASN SA 53 66.79 -59.27 112.60
CA ASN SA 53 66.96 -57.95 112.00
C ASN SA 53 67.53 -58.04 110.59
N GLY SA 54 67.19 -59.10 109.87
CA GLY SA 54 67.72 -59.30 108.52
C GLY SA 54 69.12 -59.84 108.43
N ALA SA 55 70.03 -59.33 109.26
CA ALA SA 55 71.42 -59.74 109.21
C ALA SA 55 71.62 -61.09 109.86
N PRO SA 56 72.64 -61.84 109.44
CA PRO SA 56 72.94 -63.13 110.07
C PRO SA 56 73.16 -62.98 111.57
N PRO SA 57 73.00 -64.06 112.34
CA PRO SA 57 73.02 -63.91 113.80
C PRO SA 57 74.41 -63.64 114.34
N ASP SA 58 74.44 -62.99 115.50
CA ASP SA 58 75.65 -62.67 116.23
C ASP SA 58 75.94 -63.78 117.25
N THR SA 59 77.10 -63.72 117.90
CA THR SA 59 77.36 -64.69 118.96
C THR SA 59 76.45 -64.46 120.15
N LEU SA 60 76.19 -63.21 120.49
CA LEU SA 60 75.24 -62.92 121.55
C LEU SA 60 73.86 -63.41 121.20
N SER SA 61 73.44 -63.19 119.95
CA SER SA 61 72.15 -63.67 119.51
C SER SA 61 72.08 -65.19 119.56
N LEU SA 62 73.16 -65.87 119.16
CA LEU SA 62 73.17 -67.33 119.18
C LEU SA 62 73.12 -67.86 120.61
N LEU SA 63 73.84 -67.21 121.52
CA LEU SA 63 73.81 -67.61 122.92
C LEU SA 63 72.40 -67.46 123.49
N GLU SA 64 71.73 -66.37 123.14
CA GLU SA 64 70.36 -66.18 123.63
C GLU SA 64 69.39 -67.16 122.98
N ALA SA 65 69.60 -67.47 121.70
CA ALA SA 65 68.72 -68.42 121.03
C ALA SA 65 68.89 -69.83 121.58
N TYR SA 66 70.10 -70.19 121.96
CA TYR SA 66 70.33 -71.52 122.51
C TYR SA 66 69.56 -71.72 123.82
N ARG SA 67 69.30 -70.63 124.55
CA ARG SA 67 68.47 -70.72 125.73
C ARG SA 67 66.99 -70.69 125.37
N MET SA 68 66.61 -69.79 124.48
CA MET SA 68 65.19 -69.60 124.16
C MET SA 68 64.63 -70.72 123.29
N ARG SA 69 65.47 -71.60 122.77
CA ARG SA 69 65.07 -72.61 121.80
C ARG SA 69 65.29 -74.00 122.37
N PHE SA 70 64.51 -74.97 121.86
CA PHE SA 70 64.58 -76.33 122.37
C PHE SA 70 65.51 -77.18 121.51
N ALA SA 71 66.08 -78.22 122.11
CA ALA SA 71 67.09 -79.02 121.42
C ALA SA 71 66.56 -80.41 121.08
N ALA SA 72 67.25 -81.08 120.17
CA ALA SA 72 66.94 -82.46 119.83
C ALA SA 72 68.17 -83.07 119.15
N VAL SA 73 68.19 -84.40 119.08
CA VAL SA 73 69.32 -85.14 118.55
C VAL SA 73 68.84 -85.97 117.38
N ILE SA 74 69.63 -86.00 116.30
CA ILE SA 74 69.29 -86.82 115.14
C ILE SA 74 69.54 -88.29 115.47
N THR SA 75 68.58 -89.15 115.13
CA THR SA 75 68.63 -90.56 115.48
C THR SA 75 68.96 -91.46 114.29
N ARG SA 76 68.30 -91.27 113.15
CA ARG SA 76 68.65 -92.03 111.96
C ARG SA 76 68.15 -91.29 110.73
N VAL SA 77 68.84 -91.53 109.61
CA VAL SA 77 68.55 -90.87 108.34
C VAL SA 77 68.06 -91.91 107.35
N ILE SA 78 66.95 -91.60 106.69
CA ILE SA 78 66.34 -92.48 105.70
C ILE SA 78 66.47 -91.80 104.35
N PRO SA 79 66.66 -92.54 103.24
CA PRO SA 79 66.80 -91.89 101.93
C PRO SA 79 65.64 -90.97 101.55
N GLY SA 80 64.54 -91.00 102.30
CA GLY SA 80 63.43 -90.13 102.00
C GLY SA 80 62.83 -89.47 103.23
N LYS SA 81 63.46 -89.65 104.38
CA LYS SA 81 62.92 -89.17 105.64
C LYS SA 81 64.07 -88.90 106.61
N LEU SA 82 63.80 -88.10 107.63
CA LEU SA 82 64.77 -87.80 108.66
C LEU SA 82 64.06 -87.73 110.00
N LEU SA 83 64.57 -88.46 110.98
CA LEU SA 83 63.97 -88.52 112.31
C LEU SA 83 64.87 -87.82 113.32
N ALA SA 84 64.32 -87.60 114.51
CA ALA SA 84 65.06 -86.98 115.59
C ALA SA 84 64.33 -87.25 116.89
N HIS SA 85 65.05 -87.07 118.00
CA HIS SA 85 64.50 -87.26 119.34
C HIS SA 85 64.84 -86.05 120.18
N ALA SA 86 63.88 -85.62 120.99
CA ALA SA 86 64.05 -84.42 121.80
C ALA SA 86 64.75 -84.75 123.11
N ILE SA 87 65.37 -83.71 123.69
CA ILE SA 87 65.95 -83.80 125.02
C ILE SA 87 65.11 -82.91 125.93
N GLY SA 88 63.82 -82.83 125.63
CA GLY SA 88 62.95 -81.84 126.23
C GLY SA 88 62.24 -82.27 127.49
N VAL SA 89 60.94 -82.50 127.40
CA VAL SA 89 60.08 -82.48 128.58
C VAL SA 89 60.35 -83.68 129.51
N GLY SA 90 60.05 -84.89 129.07
CA GLY SA 90 60.24 -86.06 129.90
C GLY SA 90 60.55 -87.32 129.11
N THR SA 91 60.77 -87.16 127.81
CA THR SA 91 60.79 -88.31 126.91
C THR SA 91 61.87 -89.29 127.32
N PRO SA 92 61.56 -90.58 127.43
CA PRO SA 92 62.56 -91.60 127.76
C PRO SA 92 63.24 -92.16 126.50
N THR SA 93 64.14 -91.37 125.94
CA THR SA 93 64.83 -91.77 124.72
C THR SA 93 65.77 -92.93 124.99
N PRO SA 94 65.58 -94.09 124.38
CA PRO SA 94 66.47 -95.23 124.63
C PRO SA 94 67.65 -95.25 123.66
N GLY SA 95 68.82 -95.57 124.21
CA GLY SA 95 70.02 -95.65 123.39
C GLY SA 95 70.42 -94.33 122.76
N LEU SA 96 70.35 -93.24 123.52
CA LEU SA 96 70.70 -91.93 122.99
C LEU SA 96 72.22 -91.82 122.88
N PHE SA 97 72.71 -91.54 121.67
CA PHE SA 97 74.13 -91.39 121.41
C PHE SA 97 74.39 -90.06 120.74
N ILE SA 98 75.59 -89.52 120.95
CA ILE SA 98 75.97 -88.21 120.46
C ILE SA 98 77.37 -88.30 119.87
N GLN SA 99 77.59 -87.54 118.80
CA GLN SA 99 78.88 -87.44 118.13
C GLN SA 99 79.62 -86.19 118.58
N ASN SA 100 80.90 -86.35 118.91
CA ASN SA 100 81.72 -85.24 119.39
C ASN SA 100 81.99 -84.28 118.24
N THR SA 101 81.78 -82.98 118.50
CA THR SA 101 82.05 -81.95 117.52
C THR SA 101 83.18 -81.01 117.93
N SER SA 102 83.65 -81.09 119.16
CA SER SA 102 84.69 -80.18 119.63
C SER SA 102 86.06 -80.81 119.50
N PRO SA 103 87.11 -80.00 119.35
CA PRO SA 103 88.47 -80.56 119.25
C PRO SA 103 88.99 -81.16 120.54
N VAL SA 104 88.42 -80.80 121.68
CA VAL SA 104 88.87 -81.37 122.95
C VAL SA 104 88.25 -82.76 123.14
N ASP SA 105 88.87 -83.56 123.99
CA ASP SA 105 88.40 -84.90 124.25
C ASP SA 105 87.36 -84.90 125.37
N LEU SA 106 86.69 -86.05 125.51
CA LEU SA 106 85.71 -86.25 126.56
C LEU SA 106 85.98 -87.58 127.27
N CYS SA 107 85.62 -87.64 128.55
CA CYS SA 107 85.78 -88.85 129.33
C CYS SA 107 84.46 -89.22 130.01
N ASN SA 108 84.49 -90.21 130.89
CA ASN SA 108 83.28 -90.58 131.61
C ASN SA 108 82.98 -89.57 132.70
N GLY SA 109 81.70 -89.46 133.05
CA GLY SA 109 81.29 -88.58 134.12
C GLY SA 109 81.47 -87.10 133.83
N ASP SA 110 81.53 -86.72 132.57
CA ASP SA 110 81.61 -85.32 132.19
C ASP SA 110 80.24 -84.86 131.71
N TYR SA 111 79.86 -83.65 132.10
CA TYR SA 111 78.58 -83.09 131.68
C TYR SA 111 78.75 -82.28 130.39
N ILE SA 112 77.71 -82.33 129.57
CA ILE SA 112 77.74 -81.79 128.23
C ILE SA 112 77.06 -80.43 128.21
N CYS SA 113 77.65 -79.48 127.48
CA CYS SA 113 77.08 -78.15 127.33
C CYS SA 113 77.29 -77.67 125.90
N LEU SA 114 76.52 -76.67 125.50
CA LEU SA 114 76.47 -76.21 124.12
C LEU SA 114 77.14 -74.85 123.97
N LEU SA 115 77.71 -74.62 122.79
CA LEU SA 115 78.38 -73.36 122.50
C LEU SA 115 78.20 -73.05 121.03
N PRO SA 116 78.27 -71.78 120.64
CA PRO SA 116 78.41 -71.45 119.23
C PRO SA 116 79.86 -71.54 118.80
N PRO SA 117 80.13 -71.81 117.52
CA PRO SA 117 81.52 -72.00 117.07
C PRO SA 117 82.32 -70.71 117.21
N VAL SA 118 83.40 -70.79 118.00
CA VAL SA 118 84.26 -69.64 118.26
C VAL SA 118 85.69 -69.90 117.82
N PHE SA 119 86.22 -71.11 118.04
CA PHE SA 119 87.62 -71.39 117.74
C PHE SA 119 87.94 -71.14 116.28
N GLY SA 120 87.35 -71.93 115.38
CA GLY SA 120 87.58 -71.81 113.97
C GLY SA 120 86.28 -71.66 113.20
N SER SA 121 86.40 -71.76 111.88
CA SER SA 121 85.22 -71.70 111.03
C SER SA 121 84.34 -72.91 111.27
N ALA SA 122 83.04 -72.67 111.39
CA ALA SA 122 82.09 -73.74 111.65
C ALA SA 122 81.97 -74.66 110.44
N ASP SA 123 82.06 -75.95 110.68
CA ASP SA 123 81.84 -76.95 109.63
C ASP SA 123 80.38 -77.39 109.67
N SER SA 124 79.74 -77.39 108.51
CA SER SA 124 78.31 -77.65 108.45
C SER SA 124 77.94 -78.07 107.03
N ILE SA 125 76.79 -78.69 106.90
CA ILE SA 125 76.25 -79.09 105.61
C ILE SA 125 75.56 -77.89 104.98
N ARG SA 126 75.53 -77.86 103.65
CA ARG SA 126 74.99 -76.71 102.94
C ARG SA 126 74.46 -77.18 101.60
N LEU SA 127 73.15 -77.16 101.41
CA LEU SA 127 72.51 -77.65 100.20
C LEU SA 127 72.36 -76.45 99.28
N ASP SA 128 73.11 -76.44 98.18
CA ASP SA 128 72.97 -75.36 97.21
C ASP SA 128 71.76 -75.53 96.31
N SER SA 129 71.27 -76.76 96.16
CA SER SA 129 70.05 -76.98 95.38
C SER SA 129 68.87 -76.27 96.04
N VAL SA 130 68.57 -76.61 97.28
CA VAL SA 130 67.55 -75.89 98.02
C VAL SA 130 68.08 -74.52 98.44
N GLY SA 131 69.37 -74.43 98.72
CA GLY SA 131 69.97 -73.16 99.07
C GLY SA 131 69.94 -72.80 100.53
N LEU SA 132 70.30 -73.72 101.43
CA LEU SA 132 70.33 -73.42 102.85
C LEU SA 132 71.39 -74.25 103.54
N GLU SA 133 71.94 -73.71 104.61
CA GLU SA 133 72.98 -74.37 105.38
C GLU SA 133 72.47 -74.70 106.78
N ILE SA 134 73.00 -75.78 107.34
CA ILE SA 134 72.57 -76.27 108.66
C ILE SA 134 73.80 -76.30 109.55
N VAL SA 135 73.92 -75.31 110.43
CA VAL SA 135 75.06 -75.21 111.34
C VAL SA 135 74.76 -75.97 112.62
N PHE SA 136 75.76 -76.67 113.15
CA PHE SA 136 75.61 -77.46 114.35
C PHE SA 136 76.38 -76.84 115.51
N PRO SA 137 75.82 -76.84 116.72
CA PRO SA 137 76.49 -76.22 117.85
C PRO SA 137 77.61 -77.11 118.40
N LEU SA 138 78.63 -76.45 118.93
CA LEU SA 138 79.77 -77.16 119.50
C LEU SA 138 79.39 -77.72 120.86
N THR SA 139 79.84 -78.95 121.14
CA THR SA 139 79.59 -79.60 122.42
C THR SA 139 80.87 -79.63 123.24
N ILE SA 140 80.80 -79.16 124.48
CA ILE SA 140 82.01 -79.04 125.30
C ILE SA 140 81.70 -79.44 126.74
N PRO SA 141 82.69 -79.87 127.51
CA PRO SA 141 82.50 -80.13 128.94
C PRO SA 141 82.19 -78.83 129.67
N GLN SA 142 81.75 -78.97 130.92
CA GLN SA 142 81.32 -77.81 131.69
C GLN SA 142 82.52 -77.04 132.26
N THR SA 143 83.54 -77.74 132.74
CA THR SA 143 84.66 -77.10 133.43
C THR SA 143 85.52 -76.26 132.51
N LEU SA 144 85.27 -76.25 131.20
CA LEU SA 144 86.12 -75.52 130.27
C LEU SA 144 85.46 -74.32 129.63
N MET SA 145 84.13 -74.21 129.68
CA MET SA 145 83.44 -73.17 128.92
C MET SA 145 83.70 -71.78 129.51
N ARG SA 146 83.73 -71.67 130.84
CA ARG SA 146 84.04 -70.39 131.45
C ARG SA 146 85.40 -69.88 131.01
N GLU SA 147 86.41 -70.75 131.08
CA GLU SA 147 87.76 -70.41 130.65
C GLU SA 147 87.79 -70.04 129.17
N ILE SA 148 87.07 -70.79 128.33
CA ILE SA 148 87.10 -70.52 126.89
C ILE SA 148 86.51 -69.14 126.60
N ILE SA 149 85.37 -68.83 127.22
CA ILE SA 149 84.73 -67.54 127.02
C ILE SA 149 85.65 -66.42 127.50
N ALA SA 150 86.23 -66.60 128.69
CA ALA SA 150 87.12 -65.57 129.23
C ALA SA 150 88.31 -65.34 128.30
N LYS SA 151 88.90 -66.42 127.79
CA LYS SA 151 90.09 -66.28 126.96
C LYS SA 151 89.77 -65.61 125.63
N VAL SA 152 88.62 -65.94 125.03
CA VAL SA 152 88.31 -65.31 123.75
C VAL SA 152 88.01 -63.82 123.94
N VAL SA 153 87.31 -63.47 125.02
CA VAL SA 153 87.04 -62.06 125.27
C VAL SA 153 88.34 -61.32 125.60
N ALA SA 154 89.27 -61.99 126.31
CA ALA SA 154 90.54 -61.34 126.62
C ALA SA 154 91.38 -61.13 125.37
N ARG SA 155 91.39 -62.11 124.46
CA ARG SA 155 92.12 -61.94 123.21
C ARG SA 155 91.54 -60.77 122.42
N ALA SA 156 90.21 -60.67 122.37
CA ALA SA 156 89.59 -59.56 121.66
C ALA SA 156 89.98 -58.21 122.27
N VAL SA 157 89.92 -58.12 123.60
CA VAL SA 157 90.21 -56.85 124.25
C VAL SA 157 91.69 -56.50 124.11
N GLU SA 158 92.56 -57.51 124.11
CA GLU SA 158 93.98 -57.25 123.91
C GLU SA 158 94.26 -56.73 122.50
N ARG SA 159 93.60 -57.33 121.51
CA ARG SA 159 93.74 -56.83 120.14
C ARG SA 159 93.27 -55.37 120.04
N THR SA 160 92.12 -55.09 120.65
CA THR SA 160 91.59 -53.72 120.64
C THR SA 160 92.55 -52.76 121.31
N ALA SA 161 93.13 -53.15 122.45
CA ALA SA 161 94.04 -52.27 123.16
C ALA SA 161 95.33 -52.04 122.37
N ALA SA 162 95.87 -53.10 121.75
CA ALA SA 162 97.07 -52.94 120.95
C ALA SA 162 96.81 -52.03 119.75
N GLY SA 163 95.61 -52.09 119.18
CA GLY SA 163 95.27 -51.17 118.10
C GLY SA 163 95.10 -49.74 118.58
N ALA SA 164 94.48 -49.57 119.75
CA ALA SA 164 94.16 -48.23 120.22
C ALA SA 164 95.41 -47.50 120.73
N GLN SA 165 96.18 -48.13 121.60
CA GLN SA 165 97.37 -47.50 122.14
C GLN SA 165 98.32 -47.13 121.01
N ILE SA 166 98.97 -45.96 121.14
CA ILE SA 166 99.93 -45.53 120.14
C ILE SA 166 101.07 -46.53 120.03
N LEU SA 167 101.50 -47.10 121.14
CA LEU SA 167 102.54 -48.10 121.17
C LEU SA 167 102.02 -49.38 121.81
N PRO SA 168 102.43 -50.55 121.33
CA PRO SA 168 101.96 -51.80 121.93
C PRO SA 168 102.84 -52.22 123.09
N HIS SA 169 102.22 -52.94 124.03
CA HIS SA 169 102.89 -53.49 125.21
C HIS SA 169 103.22 -54.96 125.02
N GLU SA 170 103.68 -55.31 123.82
CA GLU SA 170 103.78 -56.68 123.31
C GLU SA 170 104.36 -57.70 124.26
N VAL SA 171 105.26 -57.30 125.15
CA VAL SA 171 105.98 -58.23 126.03
C VAL SA 171 104.98 -59.17 126.69
N LEU SA 172 105.16 -60.48 126.47
CA LEU SA 172 104.12 -61.44 126.79
C LEU SA 172 104.76 -62.78 127.11
N ARG SA 173 103.90 -63.78 127.32
CA ARG SA 173 104.29 -65.11 127.74
C ARG SA 173 104.32 -66.12 126.61
N GLY SA 174 104.00 -65.71 125.39
CA GLY SA 174 103.97 -66.63 124.28
C GLY SA 174 102.61 -66.70 123.61
N ALA SA 175 101.94 -67.84 123.73
CA ALA SA 175 100.63 -68.05 123.10
C ALA SA 175 99.69 -68.73 124.09
N ASP SA 176 98.42 -68.36 124.03
CA ASP SA 176 97.42 -68.95 124.90
C ASP SA 176 97.16 -70.40 124.50
N VAL SA 177 96.98 -71.25 125.50
CA VAL SA 177 96.78 -72.68 125.28
C VAL SA 177 95.66 -73.15 126.18
N ILE SA 178 94.96 -74.20 125.76
CA ILE SA 178 93.95 -74.87 126.57
C ILE SA 178 94.33 -76.34 126.65
N CYS SA 179 94.64 -76.81 127.86
CA CYS SA 179 95.08 -78.18 128.08
C CYS SA 179 93.97 -78.96 128.78
N TYR SA 180 93.68 -80.15 128.28
CA TYR SA 180 92.66 -81.00 128.86
C TYR SA 180 93.04 -82.45 128.57
N ASN SA 181 93.06 -83.27 129.63
CA ASN SA 181 93.48 -84.67 129.52
C ASN SA 181 94.89 -84.78 128.92
N GLY SA 182 95.78 -83.89 129.35
CA GLY SA 182 97.14 -83.91 128.84
C GLY SA 182 97.25 -83.61 127.37
N ARG SA 183 96.30 -82.86 126.80
CA ARG SA 183 96.31 -82.51 125.39
C ARG SA 183 96.10 -81.01 125.26
N ARG SA 184 97.06 -80.33 124.65
CA ARG SA 184 96.98 -78.90 124.46
C ARG SA 184 96.35 -78.57 123.12
N TYR SA 185 95.73 -77.39 123.04
CA TYR SA 185 95.05 -76.97 121.83
C TYR SA 185 95.79 -75.89 121.03
N GLU SA 186 96.38 -74.89 121.69
CA GLU SA 186 97.15 -73.86 121.00
C GLU SA 186 96.28 -73.14 119.96
N LEU SA 187 95.30 -72.39 120.43
CA LEU SA 187 94.37 -71.70 119.53
C LEU SA 187 94.96 -70.39 119.03
N GLU SA 188 94.68 -70.08 117.76
CA GLU SA 188 94.98 -68.78 117.15
C GLU SA 188 96.46 -68.42 117.29
N THR SA 189 97.28 -69.22 116.61
CA THR SA 189 98.73 -68.98 116.62
C THR SA 189 99.06 -67.61 116.04
N ASN SA 190 98.67 -67.37 114.78
CA ASN SA 190 99.08 -66.18 114.07
C ASN SA 190 98.31 -64.96 114.54
N LEU SA 191 98.92 -63.79 114.32
CA LEU SA 191 98.27 -62.51 114.60
C LEU SA 191 97.32 -62.14 113.47
N GLN SA 192 97.67 -62.48 112.24
CA GLN SA 192 96.85 -62.20 111.07
C GLN SA 192 95.65 -63.15 111.08
N HIS SA 193 94.87 -63.14 109.99
CA HIS SA 193 93.68 -63.95 109.84
C HIS SA 193 92.65 -63.60 110.92
N ARG SA 194 92.24 -62.34 110.90
CA ARG SA 194 91.24 -61.82 111.84
C ARG SA 194 89.85 -62.26 111.37
N ASP SA 195 89.65 -63.57 111.36
CA ASP SA 195 88.41 -64.14 110.82
C ASP SA 195 87.23 -63.83 111.72
N GLY SA 196 87.36 -64.06 113.02
CA GLY SA 196 86.27 -63.82 113.94
C GLY SA 196 86.63 -62.85 115.04
N SER SA 197 87.68 -62.07 114.82
CA SER SA 197 88.08 -61.06 115.79
C SER SA 197 86.95 -60.08 116.04
N ASP SA 198 86.56 -59.33 115.00
CA ASP SA 198 85.32 -58.58 115.02
C ASP SA 198 84.53 -59.02 113.79
N ALA SA 199 83.91 -60.17 113.90
CA ALA SA 199 82.89 -60.66 112.98
C ALA SA 199 81.68 -61.17 113.72
N ALA SA 200 81.89 -61.82 114.85
CA ALA SA 200 80.79 -62.37 115.65
C ALA SA 200 80.92 -62.14 117.14
N ILE SA 201 82.06 -61.65 117.65
CA ILE SA 201 82.18 -61.34 119.07
C ILE SA 201 82.29 -59.84 119.31
N ARG SA 202 81.96 -59.02 118.32
CA ARG SA 202 82.15 -57.57 118.45
C ARG SA 202 81.20 -56.98 119.50
N THR SA 203 79.90 -57.17 119.31
CA THR SA 203 78.93 -56.64 120.27
C THR SA 203 79.14 -57.28 121.64
N LEU SA 204 79.51 -58.55 121.66
CA LEU SA 204 79.78 -59.24 122.91
C LEU SA 204 80.90 -58.55 123.69
N VAL SA 205 82.04 -58.34 123.04
CA VAL SA 205 83.16 -57.73 123.75
C VAL SA 205 82.83 -56.30 124.12
N LEU SA 206 82.08 -55.59 123.27
CA LEU SA 206 81.67 -54.23 123.63
C LEU SA 206 80.88 -54.21 124.93
N ASN SA 207 79.84 -55.04 125.01
CA ASN SA 207 79.00 -55.05 126.20
C ASN SA 207 79.77 -55.51 127.42
N LEU SA 208 80.66 -56.51 127.25
CA LEU SA 208 81.42 -57.02 128.39
C LEU SA 208 82.43 -56.00 128.90
N MET SA 209 82.95 -55.16 128.00
CA MET SA 209 83.80 -54.06 128.46
C MET SA 209 82.97 -53.02 129.19
N PHE SA 210 81.82 -52.65 128.61
CA PHE SA 210 81.04 -51.54 129.15
C PHE SA 210 80.55 -51.86 130.55
N SER SA 211 80.08 -53.08 130.78
CA SER SA 211 79.51 -53.41 132.08
C SER SA 211 80.58 -53.36 133.18
N ILE SA 212 81.76 -53.91 132.91
CA ILE SA 212 82.82 -53.90 133.90
C ILE SA 212 83.30 -52.49 134.17
N ASN SA 213 83.40 -51.67 133.11
CA ASN SA 213 83.76 -50.27 133.31
C ASN SA 213 82.77 -49.59 134.22
N GLU SA 214 81.47 -49.73 133.91
CA GLU SA 214 80.45 -49.10 134.72
C GLU SA 214 80.56 -49.53 136.18
N GLY SA 215 80.70 -50.83 136.41
CA GLY SA 215 80.73 -51.34 137.77
C GLY SA 215 81.90 -50.87 138.61
N CYS SA 216 83.12 -51.09 138.11
CA CYS SA 216 84.29 -50.69 138.86
C CYS SA 216 84.67 -49.24 138.62
N LEU SA 217 83.80 -48.46 138.00
CA LEU SA 217 83.83 -47.01 138.18
C LEU SA 217 82.78 -46.50 139.15
N LEU SA 218 81.59 -47.11 139.18
CA LEU SA 218 80.53 -46.64 140.07
C LEU SA 218 80.88 -46.93 141.52
N LEU SA 219 81.55 -48.04 141.79
CA LEU SA 219 81.94 -48.30 143.17
C LEU SA 219 82.84 -47.18 143.70
N LEU SA 220 83.82 -46.77 142.89
CA LEU SA 220 84.71 -45.69 143.29
C LEU SA 220 83.96 -44.38 143.41
N ALA SA 221 83.08 -44.09 142.45
CA ALA SA 221 82.31 -42.85 142.48
C ALA SA 221 81.37 -42.78 143.68
N LEU SA 222 80.88 -43.94 144.16
CA LEU SA 222 79.99 -43.96 145.29
C LEU SA 222 80.73 -43.86 146.62
N ILE SA 223 81.83 -44.58 146.80
CA ILE SA 223 82.59 -44.55 148.03
C ILE SA 223 84.04 -44.19 147.71
N PRO SA 224 84.47 -42.98 148.06
CA PRO SA 224 85.86 -42.58 147.81
C PRO SA 224 86.84 -42.97 148.90
N THR SA 225 86.38 -43.66 149.95
CA THR SA 225 87.25 -44.06 151.04
C THR SA 225 88.14 -45.25 150.67
N LEU SA 226 87.81 -45.94 149.57
CA LEU SA 226 88.49 -47.18 149.21
C LEU SA 226 90.01 -47.00 149.15
N LEU SA 227 90.46 -45.94 148.49
CA LEU SA 227 91.88 -45.67 148.33
C LEU SA 227 92.25 -44.48 149.20
N VAL SA 228 92.91 -44.76 150.33
CA VAL SA 228 93.31 -43.71 151.25
C VAL SA 228 94.40 -42.85 150.64
N ARG SA 267 70.92 -32.48 138.95
CA ARG SA 267 72.05 -32.29 138.04
C ARG SA 267 72.72 -33.62 137.75
N PHE SA 268 72.74 -34.50 138.73
CA PHE SA 268 73.29 -35.85 138.56
C PHE SA 268 72.29 -36.86 139.12
N PRO SA 269 71.87 -37.86 138.33
CA PRO SA 269 70.83 -38.79 138.80
C PRO SA 269 71.25 -39.62 140.00
N ILE SA 270 72.34 -40.37 139.86
CA ILE SA 270 72.94 -41.22 140.89
C ILE SA 270 72.07 -42.38 141.31
N TYR SA 271 70.87 -42.53 140.77
CA TYR SA 271 70.03 -43.68 141.11
C TYR SA 271 69.52 -44.41 139.89
N GLU SA 272 69.15 -43.70 138.84
CA GLU SA 272 68.86 -44.38 137.58
C GLU SA 272 70.11 -45.06 137.05
N THR SA 273 71.28 -44.51 137.35
CA THR SA 273 72.53 -45.17 136.99
C THR SA 273 72.64 -46.53 137.65
N ILE SA 274 72.41 -46.59 138.96
CA ILE SA 274 72.45 -47.85 139.69
C ILE SA 274 71.43 -48.83 139.13
N SER SA 275 70.21 -48.32 138.87
CA SER SA 275 69.17 -49.18 138.31
C SER SA 275 69.60 -49.80 136.99
N SER SA 276 70.10 -48.97 136.07
CA SER SA 276 70.49 -49.45 134.76
C SER SA 276 71.65 -50.43 134.87
N TRP SA 277 72.62 -50.15 135.76
CA TRP SA 277 73.74 -51.07 135.90
C TRP SA 277 73.29 -52.41 136.41
N ILE SA 278 72.42 -52.43 137.43
CA ILE SA 278 71.93 -53.69 137.96
C ILE SA 278 71.20 -54.47 136.89
N SER SA 279 70.34 -53.78 136.14
CA SER SA 279 69.57 -54.45 135.10
C SER SA 279 70.49 -55.07 134.05
N THR SA 280 71.46 -54.30 133.58
CA THR SA 280 72.35 -54.78 132.53
C THR SA 280 73.20 -55.94 133.03
N SER SA 281 73.72 -55.86 134.27
CA SER SA 281 74.53 -56.93 134.79
C SER SA 281 73.72 -58.21 134.93
N SER SA 282 72.50 -58.11 135.45
CA SER SA 282 71.66 -59.29 135.60
C SER SA 282 71.36 -59.91 134.25
N ARG SA 283 71.04 -59.09 133.24
CA ARG SA 283 70.71 -59.65 131.94
C ARG SA 283 71.92 -60.30 131.30
N LEU SA 284 73.10 -59.69 131.42
CA LEU SA 284 74.29 -60.27 130.82
C LEU SA 284 74.67 -61.56 131.54
N GLY SA 285 74.48 -61.63 132.86
CA GLY SA 285 74.78 -62.86 133.57
C GLY SA 285 73.81 -63.98 133.22
N ASP SA 286 72.54 -63.64 133.05
CA ASP SA 286 71.57 -64.63 132.62
C ASP SA 286 71.88 -65.14 131.22
N THR SA 287 72.35 -64.24 130.35
CA THR SA 287 72.75 -64.66 129.01
C THR SA 287 73.95 -65.60 129.07
N LEU SA 288 75.05 -65.14 129.69
CA LEU SA 288 76.26 -65.94 129.81
C LEU SA 288 76.14 -66.89 131.01
N GLY SA 289 75.22 -67.84 130.88
CA GLY SA 289 75.01 -68.83 131.89
C GLY SA 289 75.75 -70.13 131.58
N THR SA 290 75.56 -71.11 132.46
CA THR SA 290 76.13 -72.44 132.26
C THR SA 290 75.12 -73.45 132.80
N ARG SA 291 74.55 -74.25 131.91
CA ARG SA 291 73.54 -75.23 132.27
C ARG SA 291 73.86 -76.54 131.55
N ALA SA 292 74.16 -77.58 132.31
CA ALA SA 292 74.44 -78.87 131.73
C ALA SA 292 73.19 -79.47 131.10
N ILE SA 293 73.35 -80.10 129.94
CA ILE SA 293 72.23 -80.68 129.23
C ILE SA 293 72.33 -82.20 129.13
N LEU SA 294 73.54 -82.76 129.10
CA LEU SA 294 73.70 -84.20 128.96
C LEU SA 294 74.91 -84.65 129.78
N ARG SA 295 74.93 -85.93 130.11
CA ARG SA 295 76.03 -86.53 130.86
C ARG SA 295 76.54 -87.74 130.09
N VAL SA 296 77.86 -87.81 129.92
CA VAL SA 296 78.48 -88.91 129.20
C VAL SA 296 78.57 -90.11 130.13
N CYS SA 297 77.76 -91.14 129.85
CA CYS SA 297 77.73 -92.36 130.63
C CYS SA 297 78.09 -93.52 129.70
N VAL SA 298 79.31 -94.02 129.81
CA VAL SA 298 79.82 -95.08 128.95
C VAL SA 298 79.85 -96.38 129.75
N PHE SA 299 79.26 -97.42 129.18
CA PHE SA 299 79.24 -98.74 129.80
C PHE SA 299 79.83 -99.75 128.82
N ASP SA 300 80.87 -100.46 129.27
CA ASP SA 300 81.55 -101.47 128.47
C ASP SA 300 82.11 -100.88 127.18
N GLY SA 301 82.69 -99.69 127.27
CA GLY SA 301 83.28 -99.04 126.13
C GLY SA 301 84.54 -98.27 126.50
N PRO SA 302 85.18 -97.66 125.50
CA PRO SA 302 86.39 -96.87 125.78
C PRO SA 302 86.05 -95.61 126.55
N SER SA 303 86.80 -95.36 127.63
CA SER SA 303 86.54 -94.20 128.48
C SER SA 303 86.75 -92.90 127.72
N THR SA 304 87.98 -92.65 127.29
CA THR SA 304 88.30 -91.40 126.60
C THR SA 304 87.89 -91.50 125.14
N VAL SA 305 87.27 -90.44 124.64
CA VAL SA 305 86.77 -90.38 123.27
C VAL SA 305 87.34 -89.15 122.58
N HIS SA 306 87.52 -89.25 121.28
CA HIS SA 306 88.20 -88.23 120.49
C HIS SA 306 87.22 -87.53 119.56
N PRO SA 307 87.60 -86.39 119.00
CA PRO SA 307 86.70 -85.69 118.06
C PRO SA 307 86.38 -86.57 116.86
N GLY SA 308 85.10 -86.92 116.73
CA GLY SA 308 84.61 -87.75 115.65
C GLY SA 308 83.95 -89.03 116.09
N ASP SA 309 84.23 -89.52 117.30
CA ASP SA 309 83.63 -90.75 117.76
C ASP SA 309 82.24 -90.48 118.35
N ARG SA 310 81.42 -91.52 118.37
CA ARG SA 310 80.07 -91.45 118.90
C ARG SA 310 79.99 -92.20 120.22
N THR SA 311 79.38 -91.57 121.22
CA THR SA 311 79.31 -92.10 122.57
C THR SA 311 77.88 -92.06 123.06
N ALA SA 312 77.49 -93.08 123.83
CA ALA SA 312 76.16 -93.12 124.42
C ALA SA 312 76.11 -92.22 125.66
N VAL SA 313 75.07 -91.40 125.76
CA VAL SA 313 74.93 -90.47 126.86
C VAL SA 313 73.56 -90.64 127.51
N ILE SA 314 73.44 -90.08 128.71
CA ILE SA 314 72.22 -90.19 129.51
C ILE SA 314 71.60 -88.80 129.65
N GLN SA 315 70.28 -88.76 129.66
CA GLN SA 315 69.57 -87.49 129.83
C GLN SA 315 69.60 -87.07 131.29
N VAL SA 316 70.22 -85.92 131.56
CA VAL SA 316 70.31 -85.43 132.92
C VAL SA 316 68.94 -84.95 133.41
N THR TA 118 65.39 -98.56 136.42
CA THR TA 118 65.16 -97.30 137.13
C THR TA 118 66.47 -96.59 137.49
N THR TA 119 67.58 -97.32 137.48
CA THR TA 119 68.88 -96.76 137.77
C THR TA 119 69.87 -97.12 136.66
N GLN TA 120 70.98 -96.40 136.63
CA GLN TA 120 72.00 -96.58 135.59
C GLN TA 120 73.35 -96.80 136.26
N LEU TA 121 74.27 -97.42 135.51
CA LEU TA 121 75.56 -97.81 136.03
C LEU TA 121 76.68 -97.24 135.16
N ILE TA 122 77.87 -97.14 135.76
CA ILE TA 122 79.05 -96.61 135.09
C ILE TA 122 80.20 -97.55 135.39
N GLN TA 123 80.91 -97.95 134.34
CA GLN TA 123 82.09 -98.81 134.46
C GLN TA 123 83.35 -98.03 134.09
N GLN TA 124 84.47 -98.43 134.69
CA GLN TA 124 85.76 -97.85 134.38
C GLN TA 124 86.86 -98.70 134.97
N VAL TA 125 87.92 -98.92 134.19
CA VAL TA 125 89.09 -99.63 134.70
C VAL TA 125 90.17 -98.61 135.09
N SER TA 126 90.92 -98.95 136.13
CA SER TA 126 91.95 -98.04 136.63
C SER TA 126 92.95 -98.79 137.48
N LEU TA 127 94.03 -98.10 137.82
CA LEU TA 127 95.06 -98.63 138.70
C LEU TA 127 94.57 -98.59 140.14
N THR TA 128 95.06 -99.53 140.96
CA THR TA 128 94.55 -99.68 142.31
C THR TA 128 95.49 -99.11 143.36
N ASP TA 129 96.15 -97.98 143.08
CA ASP TA 129 97.07 -97.42 144.07
C ASP TA 129 96.37 -96.44 145.00
N PHE TA 130 95.21 -95.93 144.61
CA PHE TA 130 94.42 -95.05 145.45
C PHE TA 130 93.10 -95.67 145.88
N PHE TA 131 92.68 -96.73 145.21
CA PHE TA 131 91.42 -97.39 145.50
C PHE TA 131 91.61 -98.90 145.51
N ARG TA 132 91.02 -99.56 146.48
CA ARG TA 132 91.08 -101.02 146.60
C ARG TA 132 89.66 -101.55 146.73
N PRO TA 133 89.07 -102.05 145.65
CA PRO TA 133 87.67 -102.50 145.72
C PRO TA 133 87.52 -103.79 146.51
N ASP TA 134 88.64 -104.35 146.96
CA ASP TA 134 88.62 -105.56 147.78
C ASP TA 134 88.23 -105.24 149.22
N ILE TA 135 88.89 -104.25 149.83
CA ILE TA 135 88.64 -103.94 151.24
C ILE TA 135 87.48 -102.96 151.41
N GLU TA 136 87.35 -102.00 150.49
CA GLU TA 136 86.29 -101.00 150.60
C GLU TA 136 84.93 -101.68 150.63
N HIS TA 137 84.07 -101.24 151.55
CA HIS TA 137 82.75 -101.81 151.67
C HIS TA 137 81.88 -101.43 150.48
N ALA TA 138 80.93 -102.30 150.16
CA ALA TA 138 79.99 -102.02 149.09
C ALA TA 138 79.04 -100.90 149.52
N GLY TA 139 78.98 -99.85 148.71
CA GLY TA 139 78.14 -98.71 149.00
C GLY TA 139 78.88 -97.46 149.43
N SER TA 140 80.20 -97.50 149.46
CA SER TA 140 80.99 -96.32 149.80
C SER TA 140 81.11 -95.39 148.60
N ILE TA 141 81.48 -94.15 148.87
CA ILE TA 141 81.60 -93.14 147.83
C ILE TA 141 82.95 -93.28 147.14
N VAL TA 142 82.95 -93.15 145.82
CA VAL TA 142 84.18 -93.19 145.03
C VAL TA 142 84.22 -91.95 144.15
N LEU TA 143 85.39 -91.30 144.13
CA LEU TA 143 85.60 -90.11 143.33
C LEU TA 143 86.67 -90.40 142.29
N ILE TA 144 86.73 -89.55 141.27
CA ILE TA 144 87.70 -89.68 140.19
C ILE TA 144 88.50 -88.39 140.11
N LEU TA 145 89.63 -88.47 139.40
CA LEU TA 145 90.55 -87.36 139.27
C LEU TA 145 90.78 -87.02 137.80
N ARG TA 146 91.03 -85.75 137.54
CA ARG TA 146 91.40 -85.31 136.21
C ARG TA 146 92.86 -85.64 135.94
N HIS TA 147 93.28 -85.46 134.69
CA HIS TA 147 94.66 -85.71 134.33
C HIS TA 147 95.57 -84.73 135.06
N PRO TA 148 96.64 -85.21 135.70
CA PRO TA 148 97.52 -84.29 136.44
C PRO TA 148 98.26 -83.32 135.54
N SER TA 149 98.40 -83.63 134.25
CA SER TA 149 99.09 -82.72 133.33
C SER TA 149 98.39 -81.38 133.19
N ASP TA 150 97.09 -81.31 133.47
CA ASP TA 150 96.38 -80.04 133.41
C ASP TA 150 96.70 -79.13 134.59
N MET TA 151 97.15 -79.70 135.71
CA MET TA 151 97.43 -78.89 136.89
C MET TA 151 98.53 -77.88 136.60
N ILE TA 152 99.59 -78.30 135.93
CA ILE TA 152 100.71 -77.39 135.68
C ILE TA 152 100.32 -76.33 134.66
N GLY TA 153 99.58 -76.72 133.63
CA GLY TA 153 99.12 -75.75 132.65
C GLY TA 153 98.20 -74.70 133.23
N GLU TA 154 97.48 -75.04 134.29
CA GLU TA 154 96.65 -74.06 134.98
C GLU TA 154 97.42 -73.29 136.04
N ALA TA 155 98.39 -73.95 136.69
CA ALA TA 155 99.13 -73.28 137.77
C ALA TA 155 100.02 -72.18 137.22
N ASN TA 156 100.79 -72.48 136.18
CA ASN TA 156 101.70 -71.48 135.63
C ASN TA 156 100.99 -70.26 135.06
N THR TA 157 99.67 -70.29 134.93
CA THR TA 157 98.93 -69.14 134.45
C THR TA 157 98.02 -68.51 135.50
N LEU TA 158 97.71 -69.21 136.59
CA LEU TA 158 96.88 -68.65 137.64
C LEU TA 158 97.61 -68.41 138.95
N THR TA 159 98.91 -68.73 139.02
CA THR TA 159 99.65 -68.53 140.26
C THR TA 159 99.72 -67.04 140.60
N GLN TA 160 99.55 -66.74 141.88
CA GLN TA 160 99.63 -65.37 142.35
C GLN TA 160 101.00 -64.78 142.05
N ALA TA 161 101.03 -63.48 141.80
CA ALA TA 161 102.29 -62.80 141.48
C ALA TA 161 103.24 -62.85 142.67
N GLY TA 162 104.49 -63.24 142.41
CA GLY TA 162 105.52 -63.32 143.43
C GLY TA 162 105.79 -64.72 143.92
N ARG TA 163 104.76 -65.55 143.99
CA ARG TA 163 104.93 -66.92 144.45
C ARG TA 163 105.59 -67.78 143.39
N ASP TA 164 106.30 -68.79 143.86
CA ASP TA 164 106.95 -69.73 142.95
C ASP TA 164 105.90 -70.66 142.36
N PRO TA 165 105.85 -70.80 141.03
CA PRO TA 165 104.81 -71.64 140.42
C PRO TA 165 105.16 -73.13 140.27
N ASP TA 166 106.40 -73.55 140.50
CA ASP TA 166 106.77 -74.94 140.27
C ASP TA 166 106.90 -75.75 141.55
N VAL TA 167 106.51 -75.21 142.70
CA VAL TA 167 106.48 -76.01 143.93
C VAL TA 167 105.44 -77.11 143.80
N LEU TA 168 104.35 -76.82 143.08
CA LEU TA 168 103.39 -77.87 142.79
C LEU TA 168 104.00 -78.98 141.95
N LEU TA 169 104.87 -78.63 141.00
CA LEU TA 169 105.52 -79.65 140.19
C LEU TA 169 106.43 -80.53 141.03
N GLU TA 170 107.17 -79.91 141.94
CA GLU TA 170 107.98 -80.68 142.88
C GLU TA 170 107.11 -81.60 143.73
N GLY TA 171 106.01 -81.07 144.27
CA GLY TA 171 105.12 -81.91 145.07
C GLY TA 171 104.42 -82.98 144.26
N LEU TA 172 104.24 -82.75 142.96
CA LEU TA 172 103.52 -83.71 142.13
C LEU TA 172 104.42 -84.83 141.62
N ARG TA 173 105.65 -84.50 141.23
CA ARG TA 173 106.55 -85.52 140.69
C ARG TA 173 106.85 -86.60 141.70
N ASN TA 174 107.08 -86.23 142.96
CA ASN TA 174 107.34 -87.21 144.00
C ASN TA 174 106.15 -88.11 144.27
N LEU TA 175 104.93 -87.66 143.99
CA LEU TA 175 103.77 -88.52 144.18
C LEU TA 175 103.85 -89.75 143.29
N PHE TA 176 104.06 -89.55 142.00
CA PHE TA 176 104.18 -90.66 141.07
C PHE TA 176 105.50 -91.39 141.16
N ASN TA 177 106.54 -90.73 141.67
CA ASN TA 177 107.79 -91.42 141.93
C ASN TA 177 107.64 -92.52 142.97
N ALA TA 178 106.70 -92.38 143.89
CA ALA TA 178 106.40 -93.39 144.91
C ALA TA 178 105.15 -94.18 144.55
N CYS TA 179 104.87 -94.32 143.25
CA CYS TA 179 103.70 -95.04 142.78
C CYS TA 179 104.14 -95.97 141.66
N THR TA 180 103.47 -97.11 141.57
CA THR TA 180 103.83 -98.12 140.57
C THR TA 180 103.66 -97.55 139.16
N ALA TA 181 104.44 -98.10 138.22
CA ALA TA 181 104.47 -97.69 136.84
C ALA TA 181 104.72 -96.18 136.73
N PRO TA 182 105.85 -95.68 137.21
CA PRO TA 182 106.09 -94.23 137.16
C PRO TA 182 106.46 -93.73 135.78
N TRP TA 183 106.80 -94.62 134.86
CA TRP TA 183 107.16 -94.26 133.50
C TRP TA 183 105.96 -94.14 132.58
N THR TA 184 104.76 -94.01 133.15
CA THR TA 184 103.54 -93.92 132.35
C THR TA 184 102.79 -92.64 132.64
N VAL TA 185 103.48 -91.50 132.63
CA VAL TA 185 102.87 -90.20 132.83
C VAL TA 185 103.24 -89.32 131.65
N GLY TA 186 102.23 -88.70 131.04
CA GLY TA 186 102.48 -87.80 129.93
C GLY TA 186 101.61 -88.07 128.72
N GLU TA 187 101.28 -89.33 128.46
CA GLU TA 187 100.51 -89.68 127.27
C GLU TA 187 99.03 -89.87 127.56
N GLY TA 188 98.69 -90.34 128.75
CA GLY TA 188 97.30 -90.54 129.11
C GLY TA 188 96.59 -91.51 128.19
N GLY TA 189 97.17 -92.70 128.02
CA GLY TA 189 96.58 -93.71 127.17
C GLY TA 189 95.34 -94.38 127.73
N GLY TA 190 95.02 -94.12 128.99
CA GLY TA 190 93.82 -94.68 129.59
C GLY TA 190 94.10 -95.70 130.68
N LEU TA 191 95.34 -95.74 131.16
CA LEU TA 191 95.74 -96.68 132.21
C LEU TA 191 96.37 -95.97 133.40
N ARG TA 192 95.74 -94.90 133.86
CA ARG TA 192 96.21 -94.15 135.02
C ARG TA 192 95.31 -94.40 136.21
N ALA TA 193 95.70 -93.84 137.35
CA ALA TA 193 94.90 -93.96 138.58
C ALA TA 193 93.68 -93.03 138.50
N TYR TA 194 92.63 -93.54 137.86
CA TYR TA 194 91.44 -92.73 137.60
C TYR TA 194 90.68 -92.44 138.89
N VAL TA 195 90.20 -93.49 139.55
CA VAL TA 195 89.25 -93.33 140.65
C VAL TA 195 90.01 -93.35 141.98
N THR TA 196 89.33 -92.90 143.03
CA THR TA 196 89.82 -92.96 144.39
C THR TA 196 88.65 -93.04 145.35
N SER TA 197 88.95 -93.33 146.61
CA SER TA 197 87.93 -93.50 147.63
C SER TA 197 87.85 -92.28 148.53
N LEU TA 198 86.69 -92.13 149.18
CA LEU TA 198 86.51 -91.01 150.11
C LEU TA 198 87.35 -91.21 151.37
N SER TA 199 87.42 -92.43 151.87
CA SER TA 199 88.21 -92.71 153.07
C SER TA 199 89.68 -92.42 152.84
N PHE TA 200 90.14 -92.51 151.59
CA PHE TA 200 91.54 -92.20 151.30
C PHE TA 200 91.87 -90.75 151.62
N ILE TA 201 91.06 -89.82 151.13
CA ILE TA 201 91.29 -88.41 151.44
C ILE TA 201 91.01 -88.16 152.92
N ALA TA 202 90.04 -88.85 153.49
CA ALA TA 202 89.75 -88.68 154.91
C ALA TA 202 90.95 -89.08 155.76
N ALA TA 203 91.68 -90.11 155.35
CA ALA TA 203 92.87 -90.52 156.08
C ALA TA 203 94.07 -89.65 155.74
N CYS TA 204 94.17 -89.16 154.51
CA CYS TA 204 95.27 -88.27 154.15
C CYS TA 204 95.23 -86.98 154.96
N ARG TA 205 94.04 -86.45 155.21
CA ARG TA 205 93.87 -85.22 155.97
C ARG TA 205 93.27 -85.46 157.35
N ALA TA 206 93.56 -86.63 157.94
CA ALA TA 206 92.93 -86.98 159.21
C ALA TA 206 93.41 -86.08 160.35
N GLU TA 207 94.57 -85.45 160.20
CA GLU TA 207 95.11 -84.60 161.25
C GLU TA 207 94.39 -83.27 161.35
N GLU TA 208 93.38 -83.02 160.53
CA GLU TA 208 92.68 -81.74 160.55
C GLU TA 208 91.22 -81.84 160.99
N TYR TA 209 90.63 -83.04 160.97
CA TYR TA 209 89.26 -83.20 161.43
C TYR TA 209 89.19 -83.05 162.94
N THR TA 210 88.00 -82.67 163.43
CA THR TA 210 87.83 -82.43 164.85
C THR TA 210 87.76 -83.71 165.66
N ASP TA 211 87.26 -84.81 165.08
CA ASP TA 211 87.09 -86.04 165.82
C ASP TA 211 88.43 -86.78 165.81
N LYS TA 212 89.22 -86.50 166.85
CA LYS TA 212 90.61 -86.94 166.87
C LYS TA 212 90.72 -88.44 166.74
N GLN TA 213 90.01 -89.19 167.58
CA GLN TA 213 90.20 -90.64 167.63
C GLN TA 213 89.63 -91.31 166.38
N ALA TA 214 88.50 -90.84 165.88
CA ALA TA 214 87.94 -91.46 164.68
C ALA TA 214 88.85 -91.22 163.48
N ALA TA 215 89.42 -90.02 163.38
CA ALA TA 215 90.36 -89.74 162.30
C ALA TA 215 91.54 -90.70 162.33
N ASP TA 216 92.22 -90.79 163.46
CA ASP TA 216 93.45 -91.59 163.48
C ASP TA 216 93.15 -93.08 163.38
N ALA TA 217 91.98 -93.52 163.86
CA ALA TA 217 91.62 -94.92 163.70
C ALA TA 217 91.47 -95.28 162.23
N ASN TA 218 90.73 -94.45 161.47
CA ASN TA 218 90.59 -94.68 160.04
C ASN TA 218 91.95 -94.63 159.34
N ARG TA 219 92.84 -93.75 159.79
CA ARG TA 219 94.15 -93.64 159.16
C ARG TA 219 94.93 -94.95 159.31
N THR TA 220 95.08 -95.44 160.54
CA THR TA 220 95.81 -96.68 160.75
C THR TA 220 95.13 -97.85 160.05
N ALA TA 221 93.80 -97.83 159.98
CA ALA TA 221 93.08 -98.92 159.34
C ALA TA 221 93.41 -98.98 157.84
N ILE TA 222 93.38 -97.82 157.18
CA ILE TA 222 93.67 -97.82 155.74
C ILE TA 222 95.15 -98.07 155.49
N VAL TA 223 96.01 -97.80 156.47
CA VAL TA 223 97.42 -98.12 156.31
C VAL TA 223 97.64 -99.63 156.42
N SER TA 224 97.01 -100.26 157.39
CA SER TA 224 97.22 -101.69 157.60
C SER TA 224 96.54 -102.53 156.53
N ALA TA 225 95.30 -102.21 156.18
CA ALA TA 225 94.56 -103.03 155.22
C ALA TA 225 95.21 -102.99 153.84
N TYR TA 226 95.87 -101.89 153.50
CA TYR TA 226 96.56 -101.78 152.22
C TYR TA 226 97.93 -102.44 152.33
N GLY TA 227 98.80 -102.19 151.34
CA GLY TA 227 100.10 -102.82 151.34
C GLY TA 227 100.91 -102.59 152.60
N CYS TA 228 100.75 -101.42 153.22
CA CYS TA 228 101.36 -101.09 154.51
C CYS TA 228 102.87 -100.99 154.41
N SER TA 229 103.43 -101.24 153.22
CA SER TA 229 104.85 -101.10 152.97
C SER TA 229 105.19 -99.77 152.29
N ARG TA 230 104.57 -99.48 151.17
CA ARG TA 230 104.74 -98.21 150.48
C ARG TA 230 103.46 -97.39 150.56
N MET TA 231 102.78 -97.47 151.71
CA MET TA 231 101.54 -96.74 151.91
C MET TA 231 101.71 -95.45 152.68
N GLU TA 232 102.55 -95.43 153.72
CA GLU TA 232 102.74 -94.21 154.49
C GLU TA 232 103.40 -93.13 153.65
N THR TA 233 104.41 -93.49 152.87
CA THR TA 233 105.04 -92.54 151.96
C THR TA 233 104.06 -91.98 150.95
N ARG TA 234 103.24 -92.84 150.37
CA ARG TA 234 102.21 -92.39 149.45
C ARG TA 234 101.29 -91.36 150.09
N LEU TA 235 100.92 -91.59 151.35
CA LEU TA 235 100.00 -90.68 152.01
C LEU TA 235 100.62 -89.32 152.23
N ILE TA 236 101.88 -89.27 152.66
CA ILE TA 236 102.47 -87.96 152.90
C ILE TA 236 102.69 -87.23 151.58
N ARG TA 237 103.00 -87.95 150.51
CA ARG TA 237 103.14 -87.28 149.22
C ARG TA 237 101.82 -86.65 148.81
N PHE TA 238 100.73 -87.39 148.94
CA PHE TA 238 99.40 -86.85 148.64
C PHE TA 238 99.08 -85.67 149.54
N SER TA 239 99.55 -85.70 150.79
CA SER TA 239 99.23 -84.62 151.73
C SER TA 239 99.81 -83.29 151.27
N GLU TA 240 101.13 -83.21 151.15
CA GLU TA 240 101.72 -81.99 150.58
C GLU TA 240 101.33 -81.77 149.12
N CYS TA 241 100.88 -82.82 148.42
CA CYS TA 241 100.38 -82.58 147.08
C CYS TA 241 99.17 -81.65 147.11
N LEU TA 242 98.21 -81.95 147.98
CA LEU TA 242 97.08 -81.04 148.19
C LEU TA 242 97.52 -79.71 148.78
N ARG TA 243 98.52 -79.73 149.66
CA ARG TA 243 99.03 -78.49 150.24
C ARG TA 243 99.60 -77.57 149.17
N ALA TA 244 100.33 -78.12 148.21
CA ALA TA 244 100.84 -77.32 147.10
C ALA TA 244 99.75 -77.02 146.08
N MET TA 245 98.72 -77.87 146.00
CA MET TA 245 97.57 -77.57 145.16
C MET TA 245 96.94 -76.25 145.59
N VAL TA 246 96.63 -76.11 146.87
CA VAL TA 246 96.24 -74.80 147.41
C VAL TA 246 97.54 -74.14 147.85
N GLN TA 247 98.30 -73.69 146.86
CA GLN TA 247 99.38 -72.72 147.04
C GLN TA 247 99.44 -71.72 145.91
N CYS TA 248 98.90 -72.05 144.74
CA CYS TA 248 98.93 -71.19 143.56
C CYS TA 248 97.53 -71.01 142.99
N HIS TA 249 96.50 -71.17 143.83
CA HIS TA 249 95.11 -71.03 143.41
C HIS TA 249 94.75 -72.03 142.31
N VAL TA 250 94.96 -73.31 142.62
CA VAL TA 250 94.64 -74.41 141.72
C VAL TA 250 93.67 -75.31 142.47
N PHE TA 251 92.79 -74.70 143.27
CA PHE TA 251 91.92 -75.33 144.27
C PHE TA 251 91.37 -76.67 143.79
N PRO TA 252 91.47 -77.70 144.63
CA PRO TA 252 91.09 -79.06 144.22
C PRO TA 252 89.59 -79.35 144.34
N HIS TA 253 88.78 -78.41 143.87
CA HIS TA 253 87.36 -78.66 143.72
C HIS TA 253 86.93 -78.72 142.27
N ARG TA 254 87.84 -78.45 141.34
CA ARG TA 254 87.58 -78.64 139.92
C ARG TA 254 88.25 -79.88 139.36
N PHE TA 255 89.07 -80.57 140.16
CA PHE TA 255 89.75 -81.77 139.69
C PHE TA 255 89.23 -83.04 140.34
N ILE TA 256 88.31 -82.92 141.29
CA ILE TA 256 87.75 -84.08 141.97
C ILE TA 256 86.27 -84.15 141.64
N SER TA 257 85.89 -85.11 140.81
CA SER TA 257 84.51 -85.32 140.44
C SER TA 257 83.87 -86.28 141.45
N PHE TA 258 82.70 -86.81 141.10
CA PHE TA 258 81.94 -87.70 141.97
C PHE TA 258 81.41 -88.88 141.16
N PHE TA 259 81.56 -90.09 141.71
CA PHE TA 259 80.85 -91.25 141.21
C PHE TA 259 79.88 -91.74 142.27
N GLY TA 260 78.96 -92.60 141.85
CA GLY TA 260 78.01 -93.17 142.77
C GLY TA 260 78.65 -94.20 143.68
N SER TA 261 77.82 -94.80 144.53
CA SER TA 261 78.31 -95.82 145.45
C SER TA 261 78.71 -97.07 144.69
N LEU TA 262 79.77 -97.71 145.14
CA LEU TA 262 80.27 -98.92 144.49
C LEU TA 262 79.22 -100.02 144.53
N LEU TA 263 79.06 -100.73 143.42
CA LEU TA 263 78.09 -101.81 143.33
C LEU TA 263 78.72 -103.16 143.05
N GLU TA 264 79.61 -103.25 142.06
CA GLU TA 264 80.26 -104.50 141.71
C GLU TA 264 81.70 -104.19 141.31
N TYR TA 265 82.57 -105.19 141.44
CA TYR TA 265 83.99 -105.04 141.11
C TYR TA 265 84.57 -106.38 140.71
N THR TA 266 85.63 -106.33 139.91
CA THR TA 266 86.37 -107.53 139.55
C THR TA 266 87.83 -107.13 139.37
N ILE TA 267 88.74 -107.83 140.02
CA ILE TA 267 90.16 -107.50 140.01
C ILE TA 267 90.96 -108.79 139.88
N GLN TA 268 92.09 -108.71 139.16
CA GLN TA 268 92.99 -109.85 139.02
C GLN TA 268 94.36 -109.57 139.61
N ASP TA 269 94.99 -108.43 139.28
CA ASP TA 269 96.15 -107.95 140.03
C ASP TA 269 96.38 -106.50 139.65
N ASN TA 270 96.43 -105.63 140.66
CA ASN TA 270 96.82 -104.22 140.55
C ASN TA 270 96.03 -103.46 139.47
N LEU TA 271 94.92 -104.03 139.01
CA LEU TA 271 94.07 -103.43 138.00
C LEU TA 271 92.67 -103.97 138.17
N CYS TA 272 91.70 -103.07 138.31
CA CYS TA 272 90.35 -103.47 138.68
C CYS TA 272 89.33 -102.84 137.74
N ASN TA 273 88.23 -103.55 137.54
CA ASN TA 273 87.09 -103.06 136.79
C ASN TA 273 85.92 -102.96 137.75
N ILE TA 274 85.47 -101.72 138.01
CA ILE TA 274 84.41 -101.49 138.97
C ILE TA 274 83.23 -100.85 138.26
N THR TA 275 82.04 -101.10 138.80
CA THR TA 275 80.83 -100.46 138.30
C THR TA 275 80.03 -99.92 139.48
N ALA TA 276 79.53 -98.71 139.32
CA ALA TA 276 78.81 -98.00 140.37
C ALA TA 276 77.55 -97.39 139.80
N VAL TA 277 76.62 -97.03 140.69
CA VAL TA 277 75.37 -96.42 140.31
C VAL TA 277 75.63 -94.98 139.88
N ALA TA 278 74.78 -94.46 139.00
CA ALA TA 278 74.93 -93.09 138.53
C ALA TA 278 73.96 -92.16 139.24
N LYS TA 279 72.66 -92.46 139.18
CA LYS TA 279 71.65 -91.67 139.87
C LYS TA 279 70.38 -92.50 140.03
N GLY TA 280 69.68 -92.27 141.13
CA GLY TA 280 68.46 -92.97 141.44
C GLY TA 280 68.47 -93.58 142.82
N PRO TA 281 67.47 -94.41 143.12
CA PRO TA 281 67.39 -95.04 144.44
C PRO TA 281 68.60 -95.93 144.72
N GLN TA 282 68.94 -95.99 146.00
CA GLN TA 282 70.13 -96.71 146.40
C GLN TA 282 69.88 -98.22 146.40
N GLU TA 283 68.75 -98.65 146.99
CA GLU TA 283 68.40 -100.06 147.08
C GLU TA 283 67.51 -100.51 145.92
N ALA TA 284 67.72 -99.96 144.73
CA ALA TA 284 67.05 -100.44 143.53
C ALA TA 284 67.94 -101.31 142.66
N ALA TA 285 69.15 -101.64 143.11
CA ALA TA 285 70.07 -102.46 142.36
C ALA TA 285 70.20 -103.83 143.01
N ARG TA 286 70.93 -104.73 142.34
CA ARG TA 286 71.14 -106.09 142.84
C ARG TA 286 72.62 -106.41 142.77
N THR TA 287 73.32 -106.30 143.90
CA THR TA 287 74.73 -106.63 143.91
C THR TA 287 74.98 -108.11 143.60
N ASP TA 288 74.01 -108.97 143.89
CA ASP TA 288 73.90 -110.34 143.39
C ASP TA 288 75.10 -111.22 143.71
N LYS TA 289 75.99 -110.81 144.60
CA LYS TA 289 77.01 -111.77 145.02
C LYS TA 289 77.17 -111.75 146.53
N THR TA 290 76.68 -110.72 147.19
CA THR TA 290 76.74 -110.65 148.64
C THR TA 290 75.66 -111.55 149.23
N SER TA 291 75.51 -111.48 150.55
CA SER TA 291 74.43 -112.21 151.21
C SER TA 291 73.08 -111.73 150.72
N THR TA 292 72.79 -110.45 150.91
CA THR TA 292 71.59 -109.83 150.35
C THR TA 292 71.95 -109.19 149.03
N ARG TA 293 70.92 -108.81 148.27
CA ARG TA 293 71.11 -108.13 147.01
C ARG TA 293 70.98 -106.62 147.12
N ARG TA 294 71.05 -106.07 148.33
CA ARG TA 294 70.86 -104.65 148.56
C ARG TA 294 72.02 -104.08 149.37
N VAL TA 295 72.32 -102.81 149.12
CA VAL TA 295 73.39 -102.11 149.81
C VAL TA 295 72.91 -100.72 150.20
N THR TA 296 73.57 -100.14 151.19
CA THR TA 296 73.27 -98.79 151.66
C THR TA 296 74.56 -97.98 151.73
N ALA TA 297 74.40 -96.66 151.75
CA ALA TA 297 75.56 -95.77 151.74
C ALA TA 297 76.29 -95.84 153.07
N ASN TA 298 77.62 -95.98 153.01
CA ASN TA 298 78.46 -96.06 154.19
C ASN TA 298 79.52 -94.99 154.11
N ILE TA 299 79.71 -94.25 155.21
CA ILE TA 299 80.71 -93.19 155.24
C ILE TA 299 81.48 -93.26 156.54
N PRO TA 300 82.74 -92.85 156.53
CA PRO TA 300 83.49 -92.72 157.78
C PRO TA 300 82.91 -91.61 158.64
N ALA TA 301 82.95 -91.82 159.95
CA ALA TA 301 82.33 -90.88 160.87
C ALA TA 301 83.09 -89.57 160.96
N CYS TA 302 84.27 -89.49 160.37
CA CYS TA 302 85.06 -88.27 160.46
C CYS TA 302 84.52 -87.17 159.55
N VAL TA 303 84.04 -87.54 158.37
CA VAL TA 303 83.62 -86.54 157.40
C VAL TA 303 82.20 -86.08 157.62
N PHE TA 304 81.37 -86.87 158.31
CA PHE TA 304 79.97 -86.53 158.48
C PHE TA 304 79.83 -85.29 159.35
N TRP TA 305 79.05 -84.32 158.89
CA TRP TA 305 78.86 -83.06 159.61
C TRP TA 305 77.54 -82.45 159.15
N ASP TA 306 76.51 -82.60 159.98
CA ASP TA 306 75.22 -82.00 159.73
C ASP TA 306 75.16 -80.61 160.34
N VAL TA 307 74.67 -79.64 159.55
CA VAL TA 307 74.72 -78.25 159.94
C VAL TA 307 73.45 -77.78 160.66
N ASP TA 308 72.32 -78.45 160.45
CA ASP TA 308 71.08 -78.00 161.06
C ASP TA 308 71.15 -78.13 162.57
N LYS TA 309 71.86 -79.14 163.05
CA LYS TA 309 72.00 -79.32 164.50
C LYS TA 309 73.05 -78.37 165.05
N ASP TA 310 73.77 -77.67 164.18
CA ASP TA 310 74.54 -76.52 164.64
C ASP TA 310 73.71 -75.24 164.57
N LEU TA 311 72.87 -75.12 163.54
CA LEU TA 311 72.05 -73.94 163.32
C LEU TA 311 70.77 -73.95 164.15
N HIS TA 312 70.48 -75.04 164.86
CA HIS TA 312 69.34 -75.15 165.77
C HIS TA 312 68.01 -74.91 165.06
N LEU TA 313 67.69 -75.82 164.13
CA LEU TA 313 66.39 -75.85 163.47
C LEU TA 313 65.88 -77.29 163.45
N SER TA 314 64.58 -77.42 163.23
CA SER TA 314 63.96 -78.75 163.24
C SER TA 314 64.49 -79.60 162.09
N ALA TA 315 64.67 -80.88 162.35
CA ALA TA 315 65.17 -81.83 161.35
C ALA TA 315 64.03 -82.77 160.99
N ASP TA 316 63.17 -82.31 160.09
CA ASP TA 316 62.04 -83.10 159.62
C ASP TA 316 61.83 -82.88 158.13
N GLY TA 317 61.56 -83.94 157.38
CA GLY TA 317 61.25 -83.80 155.98
C GLY TA 317 62.39 -84.20 155.06
N LEU TA 318 62.55 -83.46 153.96
CA LEU TA 318 63.55 -83.77 152.96
C LEU TA 318 64.84 -83.02 153.26
N LYS TA 319 65.96 -83.67 152.99
CA LYS TA 319 67.27 -83.08 153.24
C LYS TA 319 68.20 -83.36 152.06
N HIS TA 320 69.01 -82.38 151.73
CA HIS TA 320 69.97 -82.49 150.65
C HIS TA 320 71.34 -82.89 151.19
N VAL TA 321 72.21 -83.33 150.28
CA VAL TA 321 73.56 -83.77 150.60
C VAL TA 321 74.55 -82.92 149.80
N PHE TA 322 75.59 -82.45 150.46
CA PHE TA 322 76.60 -81.61 149.83
C PHE TA 322 78.00 -82.07 150.25
N LEU TA 323 78.98 -81.73 149.44
CA LEU TA 323 80.39 -81.90 149.76
C LEU TA 323 81.05 -80.53 149.80
N VAL TA 324 81.81 -80.26 150.85
CA VAL TA 324 82.44 -78.97 151.02
C VAL TA 324 83.95 -79.12 151.03
N PHE TA 325 84.64 -78.05 150.65
CA PHE TA 325 86.11 -78.05 150.56
C PHE TA 325 86.61 -76.79 151.25
N VAL TA 326 86.82 -76.86 152.55
CA VAL TA 326 87.29 -75.72 153.31
C VAL TA 326 88.77 -75.48 153.01
N TYR TA 327 89.12 -74.21 152.80
CA TYR TA 327 90.47 -73.83 152.41
C TYR TA 327 91.05 -72.88 153.45
N THR TA 328 92.30 -73.11 153.84
CA THR TA 328 93.03 -72.19 154.68
C THR TA 328 94.28 -71.73 153.94
N GLN TA 329 94.46 -70.41 153.86
CA GLN TA 329 95.54 -69.84 153.06
C GLN TA 329 96.39 -68.95 153.97
N ARG TA 330 97.61 -69.38 154.25
CA ARG TA 330 98.55 -68.60 155.06
C ARG TA 330 99.94 -68.81 154.48
N ARG TA 331 100.96 -68.35 155.21
CA ARG TA 331 102.34 -68.48 154.77
C ARG TA 331 102.88 -69.83 155.22
N GLN TA 332 103.08 -70.73 154.25
CA GLN TA 332 103.65 -72.06 154.47
C GLN TA 332 102.76 -72.95 155.35
N ARG TA 333 101.50 -72.57 155.52
CA ARG TA 333 100.56 -73.36 156.31
C ARG TA 333 99.19 -73.28 155.66
N GLU TA 334 98.83 -74.34 154.93
CA GLU TA 334 97.56 -74.43 154.23
C GLU TA 334 96.88 -75.73 154.63
N GLY TA 335 95.55 -75.73 154.60
CA GLY TA 335 94.80 -76.90 154.99
C GLY TA 335 93.54 -77.04 154.16
N VAL TA 336 93.14 -78.30 153.92
CA VAL TA 336 92.00 -78.64 153.10
C VAL TA 336 91.35 -79.89 153.67
N ARG TA 337 90.12 -79.76 154.16
CA ARG TA 337 89.35 -80.90 154.64
C ARG TA 337 88.35 -81.34 153.58
N LEU TA 338 87.50 -82.28 153.96
CA LEU TA 338 86.45 -82.79 153.08
C LEU TA 338 85.29 -83.24 153.93
N HIS TA 339 84.17 -82.51 153.88
CA HIS TA 339 83.02 -82.82 154.71
C HIS TA 339 81.82 -83.14 153.84
N LEU TA 340 81.08 -84.16 154.25
CA LEU TA 340 79.83 -84.55 153.61
C LEU TA 340 78.69 -84.03 154.47
N ALA TA 341 78.18 -82.85 154.11
CA ALA TA 341 77.13 -82.20 154.88
C ALA TA 341 75.78 -82.72 154.47
N LEU TA 342 74.88 -82.86 155.44
CA LEU TA 342 73.52 -83.34 155.22
C LEU TA 342 72.57 -82.36 155.91
N SER TA 343 71.92 -81.52 155.10
CA SER TA 343 71.11 -80.44 155.65
C SER TA 343 69.82 -80.29 154.86
N GLN TA 344 68.80 -79.74 155.52
CA GLN TA 344 67.53 -79.47 154.85
C GLN TA 344 67.50 -78.11 154.18
N LEU TA 345 68.57 -77.33 154.28
CA LEU TA 345 68.59 -75.97 153.77
C LEU TA 345 68.46 -75.99 152.24
N ASN TA 346 68.11 -74.83 151.69
CA ASN TA 346 67.78 -74.74 150.27
C ASN TA 346 69.02 -74.95 149.40
N GLU TA 347 68.81 -74.90 148.09
CA GLU TA 347 69.89 -75.11 147.14
C GLU TA 347 70.95 -74.03 147.25
N GLN TA 348 70.53 -72.77 147.28
CA GLN TA 348 71.49 -71.67 147.32
C GLN TA 348 71.67 -71.10 148.72
N CYS TA 349 70.68 -71.27 149.60
CA CYS TA 349 70.79 -70.73 150.94
C CYS TA 349 71.85 -71.45 151.78
N PHE TA 350 72.32 -72.61 151.32
CA PHE TA 350 73.39 -73.30 152.02
C PHE TA 350 74.64 -72.43 152.12
N GLY TA 351 74.86 -71.59 151.11
CA GLY TA 351 76.03 -70.71 151.13
C GLY TA 351 75.97 -69.72 152.28
N ARG TA 352 74.82 -69.06 152.47
CA ARG TA 352 74.68 -68.13 153.58
C ARG TA 352 74.73 -68.86 154.91
N GLY TA 353 74.27 -70.10 154.96
CA GLY TA 353 74.32 -70.86 156.20
C GLY TA 353 75.73 -71.26 156.61
N ILE TA 354 76.56 -71.62 155.63
CA ILE TA 354 77.92 -72.09 155.95
C ILE TA 354 78.79 -70.93 156.46
N GLY TA 355 78.58 -69.73 155.93
CA GLY TA 355 79.40 -68.61 156.35
C GLY TA 355 79.27 -68.28 157.82
N PHE TA 356 78.08 -68.49 158.38
CA PHE TA 356 77.87 -68.20 159.80
C PHE TA 356 78.73 -69.10 160.69
N LEU TA 357 78.94 -70.35 160.27
CA LEU TA 357 79.77 -71.25 161.04
C LEU TA 357 81.25 -71.09 160.74
N LEU TA 358 81.60 -70.63 159.55
CA LEU TA 358 82.99 -70.48 159.14
C LEU TA 358 83.45 -69.03 159.15
N GLY TA 359 82.76 -68.18 159.89
CA GLY TA 359 83.13 -66.77 159.97
C GLY TA 359 84.55 -66.51 160.39
N ARG TA 360 85.17 -67.43 161.13
CA ARG TA 360 86.56 -67.24 161.54
C ARG TA 360 87.49 -67.34 160.33
N ILE TA 361 87.49 -68.49 159.66
CA ILE TA 361 88.41 -68.71 158.55
C ILE TA 361 88.21 -67.69 157.44
N ARG TA 362 86.97 -67.24 157.22
CA ARG TA 362 86.72 -66.20 156.22
C ARG TA 362 87.54 -64.96 156.53
N ALA TA 363 87.48 -64.48 157.78
CA ALA TA 363 88.26 -63.31 158.17
C ALA TA 363 89.75 -63.58 158.22
N GLU TA 364 90.17 -64.80 158.56
CA GLU TA 364 91.60 -65.10 158.53
C GLU TA 364 92.13 -65.01 157.11
N ASN TA 365 91.38 -65.57 156.17
CA ASN TA 365 91.83 -65.55 154.78
C ASN TA 365 91.82 -64.14 154.22
N ALA TA 366 90.82 -63.34 154.58
CA ALA TA 366 90.74 -61.98 154.06
C ALA TA 366 91.95 -61.14 154.46
N ALA TA 367 92.69 -61.54 155.50
CA ALA TA 367 93.87 -60.81 155.93
C ALA TA 367 95.18 -61.49 155.59
N TRP TA 368 95.19 -62.80 155.39
CA TRP TA 368 96.42 -63.53 155.09
C TRP TA 368 96.36 -64.24 153.74
N GLY TA 369 95.56 -63.73 152.82
CA GLY TA 369 95.45 -64.35 151.51
C GLY TA 369 96.45 -63.82 150.51
N THR TA 370 96.70 -62.51 150.54
CA THR TA 370 97.62 -61.87 149.59
C THR TA 370 98.83 -61.35 150.38
N GLU TA 371 100.00 -61.91 150.09
CA GLU TA 371 101.23 -61.48 150.73
C GLU TA 371 102.33 -61.14 149.74
N GLY TA 372 102.01 -61.07 148.45
CA GLY TA 372 103.00 -60.74 147.44
C GLY TA 372 102.69 -59.45 146.71
N THR TA 382 97.25 -43.27 144.45
CA THR TA 382 96.49 -43.93 145.51
C THR TA 382 95.55 -42.95 146.21
N ARG TA 383 95.13 -41.92 145.46
CA ARG TA 383 94.22 -40.91 145.97
C ARG TA 383 92.88 -41.04 145.25
N ALA TA 384 91.81 -40.73 145.97
CA ALA TA 384 90.47 -40.82 145.41
C ALA TA 384 90.25 -39.67 144.43
N LEU TA 385 89.06 -39.62 143.84
CA LEU TA 385 88.70 -38.57 142.91
C LEU TA 385 87.24 -38.19 143.12
N PRO TA 386 86.92 -36.90 143.17
CA PRO TA 386 85.52 -36.48 143.38
C PRO TA 386 84.75 -36.33 142.07
N LEU TA 387 84.46 -37.45 141.43
CA LEU TA 387 83.77 -37.44 140.15
C LEU TA 387 82.41 -36.77 140.27
N VAL TA 388 81.59 -37.24 141.20
CA VAL TA 388 80.24 -36.72 141.33
C VAL TA 388 80.27 -35.27 141.78
N GLN TA 389 81.23 -34.91 142.63
CA GLN TA 389 81.33 -33.52 143.09
C GLN TA 389 81.61 -32.58 141.91
N LEU TA 390 82.67 -32.84 141.15
CA LEU TA 390 82.99 -31.94 140.06
C LEU TA 390 82.08 -32.11 138.85
N SER TA 391 81.24 -33.15 138.81
CA SER TA 391 80.20 -33.22 137.81
C SER TA 391 78.91 -32.55 138.24
N ASN TA 392 78.64 -32.49 139.54
CA ASN TA 392 77.48 -31.74 140.01
C ASN TA 392 77.75 -30.24 139.92
N ASP TA 393 79.02 -29.84 140.11
CA ASP TA 393 79.22 -28.41 139.99
C ASP TA 393 79.78 -28.04 138.62
N PRO TA 394 79.40 -26.87 138.11
CA PRO TA 394 79.96 -26.40 136.84
C PRO TA 394 81.32 -25.75 137.01
N THR TA 395 81.83 -25.12 135.96
CA THR TA 395 83.11 -24.42 135.97
C THR TA 395 84.25 -25.37 136.31
N SER TA 396 84.22 -26.52 135.66
CA SER TA 396 85.31 -27.49 135.72
C SER TA 396 85.91 -27.62 134.33
N PRO TA 397 87.18 -28.00 134.22
CA PRO TA 397 87.80 -28.12 132.90
C PRO TA 397 87.08 -29.12 132.02
N ARG TA 398 86.46 -28.66 130.94
CA ARG TA 398 85.69 -29.51 130.06
C ARG TA 398 86.55 -30.03 128.93
N CYS TA 399 86.13 -31.17 128.37
CA CYS TA 399 86.88 -31.88 127.35
C CYS TA 399 85.95 -32.36 126.23
N SER TA 400 85.20 -31.42 125.66
CA SER TA 400 84.22 -31.72 124.60
C SER TA 400 84.77 -32.61 123.49
N ILE TA 401 83.88 -33.36 122.84
CA ILE TA 401 84.26 -34.33 121.82
C ILE TA 401 85.09 -33.74 120.70
N GLY TA 402 85.11 -32.42 120.55
CA GLY TA 402 85.78 -31.80 119.42
C GLY TA 402 87.28 -32.03 119.40
N GLU TA 403 87.87 -32.29 120.57
CA GLU TA 403 89.30 -32.59 120.65
C GLU TA 403 89.62 -34.06 120.77
N ILE TA 404 88.65 -34.90 121.14
CA ILE TA 404 88.87 -36.35 121.15
C ILE TA 404 88.68 -36.95 119.78
N THR TA 405 88.17 -36.18 118.80
CA THR TA 405 88.11 -36.65 117.41
C THR TA 405 89.43 -37.30 116.98
N GLY TA 406 90.55 -36.82 117.52
CA GLY TA 406 91.80 -37.54 117.36
C GLY TA 406 92.90 -36.86 116.58
N VAL TA 407 93.00 -35.53 116.67
CA VAL TA 407 94.04 -34.81 115.93
C VAL TA 407 95.21 -34.45 116.83
N ASN TA 408 94.95 -33.90 118.01
CA ASN TA 408 95.99 -33.52 118.96
C ASN TA 408 95.65 -33.95 120.36
N TRP TA 409 95.29 -35.22 120.54
CA TRP TA 409 94.74 -35.68 121.81
C TRP TA 409 95.83 -35.90 122.85
N ASN TA 410 96.67 -34.91 123.04
CA ASN TA 410 97.55 -34.87 124.21
C ASN TA 410 97.54 -33.53 124.91
N LEU TA 411 97.52 -32.42 124.16
CA LEU TA 411 97.39 -31.12 124.79
C LEU TA 411 95.97 -30.84 125.24
N ALA TA 412 95.00 -31.52 124.64
CA ALA TA 412 93.64 -31.45 125.13
C ALA TA 412 93.47 -32.16 126.47
N ARG TA 413 94.12 -33.31 126.63
CA ARG TA 413 94.09 -34.06 127.87
C ARG TA 413 95.31 -33.85 128.72
N GLN TA 414 96.01 -32.72 128.57
CA GLN TA 414 97.25 -32.48 129.31
C GLN TA 414 97.10 -32.81 130.78
N ARG TA 415 96.29 -32.06 131.52
CA ARG TA 415 95.98 -32.57 132.86
C ARG TA 415 94.54 -33.10 132.95
N LEU TA 416 93.55 -32.21 132.88
CA LEU TA 416 92.13 -32.51 133.03
C LEU TA 416 91.84 -33.16 134.38
N TYR TA 417 92.88 -33.72 135.01
CA TYR TA 417 92.95 -34.27 136.36
C TYR TA 417 94.32 -34.93 136.49
N GLN TA 418 94.68 -35.41 137.67
CA GLN TA 418 95.83 -36.33 137.75
C GLN TA 418 95.46 -37.68 138.34
N TRP TA 419 94.92 -37.70 139.56
CA TRP TA 419 94.38 -38.86 140.26
C TRP TA 419 95.44 -39.84 140.74
N THR TA 420 96.67 -39.75 140.20
CA THR TA 420 97.83 -40.56 140.60
C THR TA 420 97.43 -41.97 141.04
N GLY TA 421 96.47 -42.57 140.37
CA GLY TA 421 95.75 -43.72 140.90
C GLY TA 421 96.21 -45.05 140.33
N ASP TA 422 96.26 -46.06 141.20
CA ASP TA 422 96.56 -47.43 140.82
C ASP TA 422 96.24 -48.34 142.00
N PHE TA 423 95.70 -49.51 141.70
CA PHE TA 423 95.37 -50.51 142.72
C PHE TA 423 95.88 -51.88 142.24
N ARG TA 424 97.04 -52.28 142.75
CA ARG TA 424 97.66 -53.55 142.37
C ARG TA 424 97.42 -54.64 143.40
N GLY TA 425 97.82 -54.40 144.64
CA GLY TA 425 97.68 -55.41 145.68
C GLY TA 425 96.40 -55.26 146.47
N LEU TA 426 95.38 -56.05 146.14
CA LEU TA 426 94.12 -56.04 146.84
C LEU TA 426 93.55 -57.44 146.85
N PRO TA 427 92.81 -57.80 147.89
CA PRO TA 427 92.21 -59.15 147.96
C PRO TA 427 91.21 -59.35 146.84
N THR TA 428 91.51 -60.25 145.91
CA THR TA 428 90.55 -60.66 144.89
C THR TA 428 89.50 -61.60 145.49
N GLN TA 429 88.42 -61.82 144.74
CA GLN TA 429 87.38 -62.75 145.17
C GLN TA 429 87.85 -64.19 145.12
N LEU TA 430 89.00 -64.44 144.49
CA LEU TA 430 89.57 -65.78 144.40
C LEU TA 430 90.60 -66.05 145.49
N SER TA 431 91.20 -65.01 146.07
CA SER TA 431 92.15 -65.20 147.16
C SER TA 431 91.47 -65.20 148.52
N CYS TA 432 90.17 -64.91 148.59
CA CYS TA 432 89.44 -64.96 149.86
C CYS TA 432 88.44 -66.10 149.91
N MET TA 433 88.50 -67.02 148.97
CA MET TA 433 87.58 -68.15 148.98
C MET TA 433 87.95 -69.10 150.11
N TYR TA 434 86.92 -69.68 150.74
CA TYR TA 434 87.14 -70.58 151.85
C TYR TA 434 86.29 -71.85 151.80
N ALA TA 435 85.44 -72.01 150.78
CA ALA TA 435 84.62 -73.21 150.70
C ALA TA 435 84.04 -73.32 149.30
N ALA TA 436 83.68 -74.54 148.92
CA ALA TA 436 83.06 -74.80 147.61
C ALA TA 436 82.20 -76.05 147.76
N TYR TA 437 80.90 -75.90 147.54
CA TYR TA 437 79.97 -77.00 147.75
C TYR TA 437 79.27 -77.39 146.44
N THR TA 438 78.55 -78.50 146.50
CA THR TA 438 77.91 -79.08 145.34
C THR TA 438 76.84 -80.08 145.80
N LEU TA 439 75.67 -80.01 145.19
CA LEU TA 439 74.60 -80.94 145.49
C LEU TA 439 74.90 -82.31 144.93
N ILE TA 440 74.56 -83.36 145.68
CA ILE TA 440 74.79 -84.74 145.30
C ILE TA 440 73.51 -85.56 145.29
N GLY TA 441 72.70 -85.41 146.33
CA GLY TA 441 71.48 -86.20 146.40
C GLY TA 441 70.59 -85.74 147.54
N THR TA 442 69.38 -86.28 147.54
CA THR TA 442 68.36 -85.94 148.52
C THR TA 442 67.87 -87.20 149.21
N ILE TA 443 67.06 -87.01 150.24
CA ILE TA 443 66.42 -88.11 150.96
C ILE TA 443 64.94 -87.80 151.11
N PRO TA 444 64.07 -88.42 150.32
CA PRO TA 444 62.64 -88.06 150.38
C PRO TA 444 61.96 -88.48 151.67
N SER TA 445 62.39 -89.58 152.28
CA SER TA 445 61.76 -90.05 153.51
C SER TA 445 62.01 -89.06 154.65
N GLU TA 446 60.93 -88.53 155.21
CA GLU TA 446 61.04 -87.60 156.32
C GLU TA 446 61.55 -88.32 157.56
N SER TA 447 62.12 -87.54 158.48
CA SER TA 447 62.64 -88.02 159.76
C SER TA 447 63.65 -89.15 159.54
N VAL TA 448 64.76 -88.79 158.90
CA VAL TA 448 65.82 -89.76 158.63
C VAL TA 448 66.37 -90.29 159.95
N ARG TA 449 66.89 -91.52 159.90
CA ARG TA 449 67.35 -92.22 161.09
C ARG TA 449 68.72 -92.83 160.85
N TYR TA 450 69.67 -92.02 160.38
CA TYR TA 450 71.03 -92.48 160.13
C TYR TA 450 71.61 -93.14 161.38
N THR TA 451 72.31 -94.25 161.16
CA THR TA 451 72.82 -95.08 162.25
C THR TA 451 74.34 -95.10 162.22
N ARG TA 452 74.95 -94.93 163.39
CA ARG TA 452 76.41 -94.94 163.51
C ARG TA 452 76.82 -96.12 164.37
N ARG TA 453 77.79 -96.90 163.89
CA ARG TA 453 78.28 -98.05 164.64
C ARG TA 453 79.69 -98.38 164.15
N MET TA 454 80.39 -99.21 164.91
CA MET TA 454 81.76 -99.61 164.61
C MET TA 454 81.75 -101.06 164.14
N GLU TA 455 82.35 -101.31 162.98
CA GLU TA 455 82.48 -102.65 162.43
C GLU TA 455 83.88 -102.82 161.83
N ARG TA 456 84.24 -104.08 161.58
CA ARG TA 456 85.57 -104.40 161.10
C ARG TA 456 85.75 -103.93 159.65
N PHE TA 457 86.89 -103.30 159.40
CA PHE TA 457 87.28 -102.85 158.06
C PHE TA 457 88.64 -103.44 157.78
N GLY TA 458 88.67 -104.63 157.18
CA GLY TA 458 89.91 -105.35 157.02
C GLY TA 458 90.26 -106.11 158.28
N GLY TA 459 91.18 -105.57 159.05
CA GLY TA 459 91.54 -106.17 160.32
C GLY TA 459 91.37 -105.22 161.49
N TYR TA 460 90.69 -104.10 161.26
CA TYR TA 460 90.50 -103.08 162.29
C TYR TA 460 89.06 -102.60 162.26
N ASN TA 461 88.64 -102.03 163.38
CA ASN TA 461 87.29 -101.50 163.51
C ASN TA 461 87.29 -99.98 163.37
N VAL TA 462 86.33 -99.48 162.60
CA VAL TA 462 86.20 -98.04 162.37
C VAL TA 462 84.75 -97.63 162.52
N PRO TA 463 84.48 -96.43 163.05
CA PRO TA 463 83.09 -95.97 163.16
C PRO TA 463 82.54 -95.48 161.84
N THR TA 464 81.53 -96.18 161.31
CA THR TA 464 80.91 -95.79 160.06
C THR TA 464 79.45 -95.42 160.28
N ILE TA 465 78.98 -94.48 159.48
CA ILE TA 465 77.59 -94.04 159.50
C ILE TA 465 76.89 -94.60 158.26
N TRP TA 466 75.70 -95.14 158.46
CA TRP TA 466 74.96 -95.83 157.42
C TRP TA 466 73.74 -95.02 157.02
N LEU TA 467 73.70 -94.60 155.76
CA LEU TA 467 72.58 -93.86 155.20
C LEU TA 467 71.75 -94.82 154.35
N GLU TA 468 70.43 -94.77 154.54
CA GLU TA 468 69.51 -95.61 153.79
C GLU TA 468 68.60 -94.74 152.94
N GLY TA 469 68.16 -95.30 151.81
CA GLY TA 469 67.25 -94.62 150.91
C GLY TA 469 67.67 -93.21 150.52
N VAL TA 470 68.75 -93.09 149.75
CA VAL TA 470 69.22 -91.80 149.26
C VAL TA 470 69.27 -91.85 147.75
N VAL TA 471 68.54 -90.96 147.10
CA VAL TA 471 68.48 -90.91 145.64
C VAL TA 471 69.59 -90.00 145.14
N TRP TA 472 70.47 -90.55 144.31
CA TRP TA 472 71.54 -89.76 143.72
C TRP TA 472 71.00 -88.94 142.54
N GLY TA 473 71.76 -87.92 142.16
CA GLY TA 473 71.36 -87.06 141.07
C GLY TA 473 72.12 -85.76 141.12
N GLY TA 474 71.61 -84.79 140.36
CA GLY TA 474 72.19 -83.46 140.37
C GLY TA 474 73.45 -83.34 139.54
N THR TA 475 73.56 -82.26 138.78
CA THR TA 475 74.73 -82.02 137.95
C THR TA 475 75.90 -81.55 138.80
N ASN TA 476 77.11 -81.80 138.30
CA ASN TA 476 78.33 -81.47 139.03
C ASN TA 476 78.68 -80.01 138.78
N THR TA 477 78.07 -79.13 139.57
CA THR TA 477 78.34 -77.70 139.54
C THR TA 477 78.77 -77.26 140.93
N TRP TA 478 79.90 -76.55 141.01
CA TRP TA 478 80.46 -76.12 142.27
C TRP TA 478 80.14 -74.66 142.54
N ASN TA 479 79.63 -74.38 143.73
CA ASN TA 479 79.34 -73.03 144.18
C ASN TA 479 80.41 -72.63 145.18
N GLU TA 480 81.11 -71.53 144.89
CA GLU TA 480 82.22 -71.11 145.73
C GLU TA 480 81.77 -70.01 146.69
N CYS TA 481 82.09 -70.17 147.97
CA CYS TA 481 81.68 -69.24 149.01
C CYS TA 481 82.88 -68.34 149.32
N TYR TA 482 82.98 -67.25 148.59
CA TYR TA 482 84.02 -66.24 148.80
C TYR TA 482 83.35 -65.00 149.39
N TYR TA 483 83.51 -64.80 150.68
CA TYR TA 483 82.91 -63.64 151.32
C TYR TA 483 83.85 -63.03 152.36
#